data_9AY5
#
_entry.id   9AY5
#
_cell.length_a   1.00
_cell.length_b   1.00
_cell.length_c   1.00
_cell.angle_alpha   90.00
_cell.angle_beta   90.00
_cell.angle_gamma   90.00
#
_symmetry.space_group_name_H-M   'P 1'
#
loop_
_entity.id
_entity.type
_entity.pdbx_description
1 polymer Tub
2 polymer PmgG
3 polymer PmgA
4 polymer Gp26
5 polymer BplA
6 polymer Gp16
7 polymer Gp22
8 polymer BplB
#
loop_
_entity_poly.entity_id
_entity_poly.type
_entity_poly.pdbx_seq_one_letter_code
_entity_poly.pdbx_strand_id
1 'polypeptide(L)'
;MGLNVASVKSYVSSALTTTLFGSGVGEREVGKLTSIIMNKMLFAQGWQFSVEVDGLEGADFFAKDITYHDYSIEYETIKI
GGGNILQPTERSPGQITMMVRDTVDGLVLDWFKTAKSRVINPDGTGNIPSQYLLNVRIYRLLSSGLTKLENEMTVFPVTT
GDVTYARDQVTEFKSFPMTFALHSTFNQSSSSLASLLGFSFSL
;
A,B,C,D,E,F
2 'polypeptide(L)'
;MAPIAYGVYSQADGVSPYLKVTLTNSQYQVTGYISQGAAMNMAQNWEAPFTGMSMGSVSGALGGFVQVGTETTSVARWNS
LMVWEGGTPPTFTLPVTFIALNNPFIEVSGAIAALTAMISPELKAANVGGQIPERVTLNIGRRINITDVAIQDLSFDLDA
PRDSNGYFLKNTVNLQLTGSSIYNSSDIVRAFQ
;
G,H,I,J,K,L
3 'polypeptide(L)'
;MANNNEIDPLLTLELSGVKTYESQEEAWGARLYEWLNTYQGEVYGDPSWGNVLPQFKHEPTNLSHVQIAVEAMLLQKLTV
DLPDIPISGLSVAEGDAFDKLKISIRIRDITITQDVVL
;
M,N,O,P,Q,R
4 'polypeptide(L)'
;MATSITTTQSTRQYPLSRYDDRNIADPILRAELRKEVMLMCESNDKNLTIYYVLPDEQYRPDLLAYRMWGIAELRWVVTL
AAGLEDESQGMTVGKKLKLPPATWIREMIRHFQYDGQVIGTLSIA
;
S,T,U,V,W,X
5 'polypeptide(L)'
;MSKTTPTKDSIRAEFEELVEKDSFWSKFVGSQFVSMLTLFITQIVYRCFQYADAALAEGFISTATRRSSILAAAETNSYV
GTKPTPSSGMIEITATSEDAPAVIPKNMPLISDDQYPYMTMDVCRLVDGTGTVEVAQLEIQEVTYTVTAAKEFLEVVLSK
ALTAVCYKLEVFVTTDGKTTQWSSSTMFRLAGSKSQVYVEFYKPSEQLGVRFGDGLIGQIPPEGSTITLKVWCTNGDITL
VAGQNLTPVDSAANLANLISVKTTTPITAGTDAETTEITRNRAQYYLAYDDQVVWGGDYTYFLVRNIPGLSWVKAWGEGQ
QEKLDGAYNVQNINKIFISGWHPNKSQSELEEMILAAFKKVPNELNKKFSYKEVRKLPFKITITGRISASLTIENVTDEL
KSALETKFGRDSTFFDPNRVGKYILIKKKDVWAFIETLGYFRDFYLEFVEWNESNGFYDFVYLDTENSTFNISYEEE
;
Y,Z,0,1,2,3,4,5,6,7,8,9
6 'polypeptide(L)'
;MQRSWFNHRLTSAKQKSLLYKSLADLVQSMMDTFVDPWLERITNRKSIFSMSKEDLETRTNELGQFFTIRTSNSSSVPML
LQQRLDEIHFKGTERPINQTIYREFNGISVLWDPIYAPVDLERHPYGTVLIPESTLETTGGTFGEMFLTSRGMISIPIND
LARTMGITGTIDQSAITEEILRKFNQFVKPLLPLHIVFDGLTLYLSVVVNEHADMITLNEISDTEKAYCWFETSDTTSLT
GVTSISAPITATPGGTIVKATPTFDRTRADDLLLDSDA
;
a,b,c,d,e,f
7 'polypeptide(L)'
;MSQYSIQQSLGNASGVAVSPINADATLSTGVALNSSLWAGIGVFARGKPFTVLAVTESNYEDVLGEPLKPSSGSQFEPIR
HVYEAIQQTSGYVVRAVPDDAKFPIIMFDESGEPAYSALPYGSEIELDSGEAFAIYVDDGDPCISPTRELTIETATADSA
GNERFLLKLTQTTSLGVVTTLETHTVSLAEEAKDDMGRLCYLPTALEARSKYLRAVVNEELISTAKVTNKKSLAFTGGTN
GDQSKISTAAYLRAVKVLNNAPYMYTAVLGLGCYDNAAITALGKICADRLIDGFFDVKPTLTYAEALPAVEDTGLLGTDY
VSCSVYHYPFSCKDKWTQSRVVFGLSGVAYAAKARGVKKNSDVGGWHYSPAGEERAVIARASIQPLYPEDTPDEEAMVKG
RLNKVSVGTSGQMIIDDALTCCTQDNYLHFQHVPSLMNAISRFFVQLARQMKHSPDGITAAGLTKGMTKLLDRFVASGAL
VAPRDPDADGTEPYVLKVTQAEFDKWEVVWACCPTGVARRIQGVPLLIK
;
g,h,i,j,k,l,m,n,o,p,q,r,AA,BA,CA,DA,EA,FA,GA,HA,IA,JA,KA,LA,MA,NA,OA,PA,QA,RA
8 'polypeptide(L)'
;MGHNNTKGNRKFIKGRYTANAAKGERLVSSEFLLTFAGHEDISVLVRTSQIPEMTREDVEDYGPNGVKFNQHGPIRNSGE
IQVQCVETIEGDILQFIKDRIAAKDYVDITMAATPESKSSGVNAVTKAATTIEMLDCKIYSDAIDFSTEDVTAAVRPSLR
IVYNWIEWD
;
AB,BB,CB,DB,EB,FB,GB,HB,IB,JB,KB,LB,MB,NB,OB,PB,QB,RB
#
# COMPACT_ATOMS: atom_id res chain seq x y z
N GLY A 24 -1.81 46.23 8.69
CA GLY A 24 -1.11 47.43 9.13
C GLY A 24 -1.09 47.59 10.63
N VAL A 25 -2.27 47.80 11.22
CA VAL A 25 -2.40 48.00 12.66
C VAL A 25 -3.22 46.90 13.32
N GLY A 26 -3.70 45.91 12.56
CA GLY A 26 -4.44 44.83 13.17
C GLY A 26 -3.53 43.81 13.83
N GLU A 27 -4.09 43.08 14.80
CA GLU A 27 -3.29 42.14 15.57
C GLU A 27 -2.74 41.04 14.69
N ARG A 28 -3.55 40.49 13.80
CA ARG A 28 -3.07 39.41 12.94
C ARG A 28 -2.05 39.92 11.92
N GLU A 29 -2.22 41.15 11.44
CA GLU A 29 -1.21 41.73 10.56
C GLU A 29 0.11 41.90 11.28
N VAL A 30 0.06 42.35 12.54
CA VAL A 30 1.27 42.46 13.34
C VAL A 30 1.92 41.10 13.52
N GLY A 31 1.11 40.08 13.83
CA GLY A 31 1.65 38.76 14.02
C GLY A 31 2.31 38.21 12.78
N LYS A 32 1.65 38.35 11.64
CA LYS A 32 2.24 37.87 10.39
C LYS A 32 3.49 38.65 10.04
N LEU A 33 3.50 39.95 10.28
CA LEU A 33 4.68 40.75 9.98
C LEU A 33 5.86 40.29 10.83
N THR A 34 5.63 40.11 12.14
CA THR A 34 6.68 39.61 13.01
C THR A 34 7.18 38.26 12.51
N SER A 35 6.24 37.37 12.19
CA SER A 35 6.62 36.03 11.76
C SER A 35 7.47 36.08 10.50
N ILE A 36 7.05 36.86 9.51
CA ILE A 36 7.77 36.88 8.24
C ILE A 36 9.13 37.51 8.41
N ILE A 37 9.23 38.57 9.21
CA ILE A 37 10.53 39.21 9.39
C ILE A 37 11.49 38.25 10.08
N MET A 38 11.06 37.65 11.20
CA MET A 38 11.96 36.74 11.89
C MET A 38 12.24 35.50 11.07
N ASN A 39 11.33 35.13 10.17
CA ASN A 39 11.56 33.97 9.31
C ASN A 39 12.63 34.28 8.26
N LYS A 40 12.49 35.42 7.57
CA LYS A 40 13.49 35.79 6.58
C LYS A 40 14.82 36.15 7.22
N MET A 41 14.83 36.41 8.53
CA MET A 41 16.08 36.76 9.20
C MET A 41 16.74 35.58 9.92
N LEU A 42 15.99 34.54 10.28
CA LEU A 42 16.54 33.42 11.04
C LEU A 42 16.45 32.07 10.36
N PHE A 43 15.91 31.98 9.15
CA PHE A 43 15.70 30.69 8.52
C PHE A 43 16.74 30.43 7.44
N ALA A 44 17.21 29.19 7.38
CA ALA A 44 18.08 28.72 6.33
C ALA A 44 17.59 27.37 5.82
N GLN A 45 17.63 27.21 4.50
CA GLN A 45 17.37 25.92 3.88
C GLN A 45 18.51 24.95 4.19
N GLY A 46 18.29 23.67 3.89
CA GLY A 46 19.28 22.64 4.12
C GLY A 46 20.41 22.77 3.13
N TRP A 47 21.00 23.96 3.07
CA TRP A 47 22.00 24.32 2.09
C TRP A 47 23.41 23.98 2.59
N GLN A 48 23.76 24.51 3.77
CA GLN A 48 25.11 24.37 4.31
C GLN A 48 25.23 23.01 4.97
N PHE A 49 25.86 22.07 4.27
CA PHE A 49 26.08 20.74 4.82
C PHE A 49 27.18 20.06 4.04
N SER A 50 27.90 19.17 4.72
CA SER A 50 29.00 18.46 4.09
C SER A 50 29.27 17.17 4.86
N VAL A 51 29.26 16.05 4.16
CA VAL A 51 29.59 14.76 4.74
C VAL A 51 30.95 14.34 4.19
N GLU A 52 31.81 13.84 5.07
CA GLU A 52 33.14 13.43 4.62
C GLU A 52 33.67 12.32 5.53
N VAL A 53 34.61 11.57 4.97
CA VAL A 53 35.21 10.42 5.64
C VAL A 53 36.71 10.46 5.43
N ASP A 54 37.45 10.18 6.49
CA ASP A 54 38.91 10.09 6.38
C ASP A 54 39.28 8.99 5.39
N GLY A 55 40.22 9.30 4.49
CA GLY A 55 40.69 8.35 3.52
C GLY A 55 39.87 8.24 2.26
N LEU A 56 38.78 8.99 2.15
CA LEU A 56 37.92 8.95 0.97
C LEU A 56 38.00 10.30 0.26
N GLU A 57 38.36 10.26 -1.02
CA GLU A 57 38.49 11.45 -1.85
C GLU A 57 37.29 11.56 -2.78
N GLY A 58 36.62 12.71 -2.76
CA GLY A 58 35.44 12.92 -3.57
C GLY A 58 34.19 12.30 -3.00
N ALA A 59 34.28 11.62 -1.86
CA ALA A 59 33.12 10.99 -1.26
C ALA A 59 32.03 12.01 -0.97
N ASP A 60 32.41 13.22 -0.59
CA ASP A 60 31.43 14.29 -0.43
C ASP A 60 30.62 14.48 -1.70
N PHE A 61 31.26 14.29 -2.85
CA PHE A 61 30.55 14.41 -4.11
C PHE A 61 29.70 13.18 -4.39
N PHE A 62 30.32 11.99 -4.33
CA PHE A 62 29.64 10.78 -4.76
C PHE A 62 28.45 10.44 -3.88
N ALA A 63 28.56 10.65 -2.57
CA ALA A 63 27.44 10.40 -1.69
C ALA A 63 26.28 11.33 -2.02
N LYS A 64 25.07 10.80 -1.95
CA LYS A 64 23.88 11.58 -2.28
C LYS A 64 22.92 11.75 -1.12
N ASP A 65 22.90 10.81 -0.17
CA ASP A 65 21.96 10.86 0.94
C ASP A 65 22.63 10.37 2.21
N ILE A 66 22.15 10.87 3.35
CA ILE A 66 22.61 10.41 4.65
C ILE A 66 21.42 10.22 5.58
N THR A 67 21.50 9.19 6.42
CA THR A 67 20.52 8.94 7.46
C THR A 67 21.29 8.57 8.72
N TYR A 68 21.15 9.39 9.76
CA TYR A 68 21.95 9.27 10.97
C TYR A 68 21.07 9.01 12.17
N HIS A 69 21.57 8.16 13.07
CA HIS A 69 20.98 8.00 14.40
C HIS A 69 22.11 7.72 15.36
N ASP A 70 22.35 8.63 16.31
CA ASP A 70 23.40 8.38 17.28
C ASP A 70 23.03 7.20 18.17
N TYR A 71 21.96 7.35 18.93
CA TYR A 71 21.50 6.31 19.83
C TYR A 71 20.14 6.70 20.37
N SER A 72 19.34 5.70 20.70
CA SER A 72 18.10 5.90 21.42
C SER A 72 18.31 5.46 22.86
N ILE A 73 17.46 5.98 23.74
CA ILE A 73 17.53 5.67 25.16
C ILE A 73 16.23 5.00 25.57
N GLU A 74 16.34 3.84 26.23
CA GLU A 74 15.19 3.02 26.57
C GLU A 74 14.70 3.31 27.99
N TYR A 75 13.39 3.27 28.16
CA TYR A 75 12.73 3.43 29.45
C TYR A 75 12.11 2.10 29.88
N GLU A 76 11.82 2.02 31.18
CA GLU A 76 11.04 0.92 31.73
C GLU A 76 9.78 1.50 32.34
N THR A 77 8.71 0.71 32.33
CA THR A 77 7.54 1.09 33.08
C THR A 77 7.57 0.44 34.45
N ILE A 78 7.07 1.16 35.45
CA ILE A 78 6.88 0.60 36.78
C ILE A 78 5.44 0.87 37.19
N LYS A 79 4.76 -0.16 37.65
CA LYS A 79 3.38 -0.02 38.10
C LYS A 79 3.35 0.58 39.50
N ILE A 80 2.64 1.70 39.64
CA ILE A 80 2.48 2.32 40.94
C ILE A 80 1.04 2.84 41.06
N GLY A 81 0.23 2.13 41.83
CA GLY A 81 -1.15 2.57 42.01
C GLY A 81 -1.88 2.64 40.69
N GLY A 82 -2.45 3.80 40.41
CA GLY A 82 -3.09 4.06 39.14
C GLY A 82 -2.19 4.65 38.08
N GLY A 83 -0.88 4.70 38.33
CA GLY A 83 0.05 5.31 37.41
C GLY A 83 1.25 4.42 37.15
N ASN A 84 1.83 4.60 35.97
CA ASN A 84 3.11 4.00 35.63
C ASN A 84 4.16 5.09 35.47
N ILE A 85 5.37 4.82 35.96
CA ILE A 85 6.46 5.77 35.87
C ILE A 85 7.55 5.15 35.00
N LEU A 86 7.94 5.87 33.96
CA LEU A 86 8.97 5.43 33.03
C LEU A 86 10.24 6.22 33.26
N GLN A 87 11.37 5.52 33.32
CA GLN A 87 12.64 6.15 33.63
C GLN A 87 13.66 5.75 32.57
N PRO A 88 14.50 6.68 32.11
CA PRO A 88 15.45 6.34 31.05
C PRO A 88 16.62 5.54 31.62
N THR A 89 16.91 4.41 30.99
CA THR A 89 18.07 3.63 31.40
C THR A 89 19.31 3.96 30.59
N GLU A 90 19.30 3.65 29.30
CA GLU A 90 20.51 3.26 28.61
C GLU A 90 20.42 3.61 27.14
N ARG A 91 21.55 4.04 26.59
CA ARG A 91 21.63 4.54 25.21
C ARG A 91 21.72 3.35 24.27
N SER A 92 20.58 2.95 23.71
CA SER A 92 20.58 1.95 22.66
C SER A 92 21.17 2.57 21.41
N PRO A 93 22.24 2.03 20.85
CA PRO A 93 22.97 2.73 19.82
C PRO A 93 22.26 2.73 18.48
N GLY A 94 22.69 3.66 17.62
CA GLY A 94 22.15 3.75 16.29
C GLY A 94 23.12 3.34 15.21
N GLN A 95 23.14 4.10 14.12
CA GLN A 95 23.91 3.73 12.94
C GLN A 95 23.84 4.88 11.94
N ILE A 96 24.69 4.79 10.91
CA ILE A 96 24.70 5.73 9.80
C ILE A 96 24.50 4.94 8.51
N THR A 97 23.71 5.51 7.61
CA THR A 97 23.50 4.90 6.29
C THR A 97 23.64 5.96 5.22
N MET A 98 24.52 5.71 4.26
CA MET A 98 24.88 6.70 3.26
C MET A 98 24.54 6.14 1.89
N MET A 99 23.73 6.89 1.15
CA MET A 99 23.34 6.52 -0.21
C MET A 99 24.29 7.23 -1.18
N VAL A 100 24.95 6.45 -2.02
CA VAL A 100 26.09 6.93 -2.81
C VAL A 100 26.04 6.35 -4.22
N ARG A 101 26.47 7.15 -5.18
CA ARG A 101 26.79 6.71 -6.53
C ARG A 101 28.29 6.54 -6.66
N ASP A 102 28.71 5.58 -7.48
CA ASP A 102 30.13 5.31 -7.68
C ASP A 102 30.63 5.95 -8.97
N THR A 103 31.89 5.70 -9.26
CA THR A 103 32.62 6.28 -10.38
C THR A 103 32.80 5.24 -11.49
N VAL A 104 33.61 5.61 -12.48
CA VAL A 104 33.89 4.70 -13.59
C VAL A 104 34.54 3.42 -13.08
N ASP A 105 35.48 3.55 -12.16
CA ASP A 105 36.30 2.43 -11.70
C ASP A 105 35.67 1.65 -10.53
N GLY A 106 34.53 2.09 -10.02
CA GLY A 106 33.98 1.44 -8.85
C GLY A 106 34.84 1.65 -7.61
N LEU A 107 35.38 2.86 -7.45
CA LEU A 107 36.26 3.13 -6.32
C LEU A 107 35.53 2.99 -5.00
N VAL A 108 34.22 3.25 -4.97
CA VAL A 108 33.47 3.09 -3.74
C VAL A 108 33.40 1.62 -3.34
N LEU A 109 33.11 0.74 -4.30
CA LEU A 109 33.13 -0.68 -4.02
C LEU A 109 34.52 -1.13 -3.61
N ASP A 110 35.55 -0.57 -4.24
CA ASP A 110 36.92 -0.91 -3.88
C ASP A 110 37.19 -0.56 -2.42
N TRP A 111 36.81 0.66 -2.03
CA TRP A 111 36.99 1.11 -0.66
C TRP A 111 36.21 0.24 0.31
N PHE A 112 34.99 -0.12 -0.04
CA PHE A 112 34.19 -0.99 0.83
C PHE A 112 34.84 -2.36 0.98
N LYS A 113 35.35 -2.91 -0.12
CA LYS A 113 36.04 -4.18 -0.07
C LYS A 113 37.21 -4.10 0.89
N THR A 114 38.03 -3.06 0.74
CA THR A 114 39.17 -2.88 1.64
C THR A 114 38.71 -2.74 3.08
N ALA A 115 37.65 -1.97 3.30
CA ALA A 115 37.17 -1.71 4.65
C ALA A 115 36.73 -3.00 5.32
N LYS A 116 35.87 -3.77 4.66
CA LYS A 116 35.38 -4.99 5.26
C LYS A 116 36.51 -6.00 5.43
N SER A 117 37.48 -5.99 4.51
CA SER A 117 38.65 -6.85 4.68
C SER A 117 39.39 -6.52 5.95
N ARG A 118 39.63 -5.23 6.19
CA ARG A 118 40.29 -4.84 7.43
C ARG A 118 39.44 -5.14 8.65
N VAL A 119 38.12 -5.02 8.52
CA VAL A 119 37.23 -5.29 9.65
C VAL A 119 37.33 -6.75 10.07
N ILE A 120 37.19 -7.66 9.12
CA ILE A 120 37.15 -9.08 9.43
C ILE A 120 38.14 -9.82 8.54
N ASN A 121 38.93 -10.68 9.13
CA ASN A 121 39.84 -11.53 8.37
C ASN A 121 39.04 -12.52 7.56
N PRO A 122 39.27 -12.62 6.25
CA PRO A 122 38.69 -13.73 5.48
C PRO A 122 39.14 -15.08 5.98
N ASP A 123 40.31 -15.16 6.61
CA ASP A 123 40.69 -16.38 7.32
C ASP A 123 39.77 -16.64 8.51
N GLY A 124 39.04 -15.63 8.95
CA GLY A 124 38.04 -15.78 10.00
C GLY A 124 38.43 -15.22 11.34
N THR A 125 39.68 -14.86 11.56
CA THR A 125 40.07 -14.38 12.88
C THR A 125 39.59 -12.95 13.07
N GLY A 126 39.57 -12.53 14.33
CA GLY A 126 39.13 -11.19 14.69
C GLY A 126 40.25 -10.17 14.65
N ASN A 127 40.08 -9.13 13.85
CA ASN A 127 41.06 -8.07 13.71
C ASN A 127 40.98 -7.12 14.91
N ILE A 128 42.06 -6.38 15.13
CA ILE A 128 42.06 -5.41 16.24
C ILE A 128 41.08 -4.29 15.92
N PRO A 129 40.12 -4.00 16.81
CA PRO A 129 39.12 -2.96 16.54
C PRO A 129 39.68 -1.54 16.64
N SER A 130 40.84 -1.34 16.04
CA SER A 130 41.45 -0.02 15.95
C SER A 130 41.96 0.29 14.56
N GLN A 131 42.32 -0.71 13.77
CA GLN A 131 42.88 -0.47 12.45
C GLN A 131 41.79 -0.23 11.41
N TYR A 132 40.60 -0.79 11.61
CA TYR A 132 39.53 -0.70 10.63
C TYR A 132 38.43 0.26 11.03
N LEU A 133 38.73 1.23 11.89
CA LEU A 133 37.73 2.17 12.36
C LEU A 133 37.93 3.50 11.64
N LEU A 134 36.85 4.05 11.11
CA LEU A 134 36.89 5.26 10.31
C LEU A 134 36.14 6.39 10.99
N ASN A 135 36.66 7.60 10.85
CA ASN A 135 36.11 8.79 11.48
C ASN A 135 35.27 9.53 10.46
N VAL A 136 33.96 9.33 10.52
CA VAL A 136 33.02 10.02 9.65
C VAL A 136 32.62 11.34 10.31
N ARG A 137 32.48 12.39 9.51
CA ARG A 137 32.15 13.68 10.07
C ARG A 137 31.29 14.48 9.09
N ILE A 138 30.26 15.13 9.64
CA ILE A 138 29.40 16.03 8.91
C ILE A 138 29.61 17.42 9.50
N TYR A 139 29.90 18.38 8.63
CA TYR A 139 30.11 19.77 8.99
C TYR A 139 29.03 20.62 8.35
N ARG A 140 28.80 21.80 8.92
CA ARG A 140 27.92 22.76 8.30
C ARG A 140 28.76 23.79 7.54
N LEU A 141 28.36 24.06 6.30
CA LEU A 141 29.06 25.04 5.50
C LEU A 141 28.74 26.44 6.02
N LEU A 142 29.39 27.43 5.42
CA LEU A 142 29.15 28.83 5.74
C LEU A 142 28.92 29.60 4.46
N SER A 143 28.59 30.88 4.59
CA SER A 143 28.41 31.72 3.43
C SER A 143 29.69 31.89 2.65
N SER A 144 30.84 31.78 3.31
CA SER A 144 32.14 31.92 2.68
C SER A 144 32.76 30.59 2.29
N GLY A 145 32.01 29.50 2.39
CA GLY A 145 32.50 28.18 2.06
C GLY A 145 33.19 27.45 3.19
N LEU A 146 33.38 28.11 4.34
CA LEU A 146 34.00 27.44 5.47
C LEU A 146 33.05 26.42 6.09
N THR A 147 33.65 25.46 6.79
CA THR A 147 32.90 24.37 7.40
C THR A 147 33.12 24.39 8.90
N LYS A 148 32.10 23.96 9.65
CA LYS A 148 32.19 23.84 11.08
C LYS A 148 31.62 22.50 11.52
N LEU A 149 32.26 21.91 12.52
CA LEU A 149 31.88 20.58 13.00
C LEU A 149 30.40 20.52 13.36
N GLU A 150 29.76 19.47 12.92
CA GLU A 150 28.39 19.23 13.37
C GLU A 150 28.22 17.87 14.00
N ASN A 151 28.86 16.83 13.47
CA ASN A 151 28.77 15.51 14.09
C ASN A 151 29.95 14.66 13.62
N GLU A 152 30.69 14.07 14.56
CA GLU A 152 31.80 13.18 14.26
C GLU A 152 31.61 11.85 14.98
N MET A 153 31.49 10.79 14.19
CA MET A 153 31.33 9.43 14.71
C MET A 153 32.51 8.57 14.29
N THR A 154 32.82 7.59 15.14
CA THR A 154 33.81 6.56 14.84
C THR A 154 33.05 5.28 14.52
N VAL A 155 33.07 4.87 13.25
CA VAL A 155 32.21 3.79 12.78
C VAL A 155 33.05 2.77 12.02
N PHE A 156 32.41 1.65 11.71
CA PHE A 156 32.96 0.59 10.89
C PHE A 156 31.87 0.04 10.00
N PRO A 157 32.22 -0.44 8.81
CA PRO A 157 31.20 -1.00 7.91
C PRO A 157 30.61 -2.28 8.45
N VAL A 158 29.36 -2.52 8.06
CA VAL A 158 28.69 -3.77 8.42
C VAL A 158 28.12 -4.43 7.18
N THR A 159 27.32 -3.71 6.41
CA THR A 159 26.67 -4.28 5.23
C THR A 159 26.14 -3.16 4.35
N THR A 160 26.20 -3.36 3.04
CA THR A 160 25.61 -2.44 2.08
C THR A 160 24.17 -2.76 1.74
N GLY A 161 23.65 -3.89 2.21
CA GLY A 161 22.29 -4.30 1.93
C GLY A 161 22.16 -5.05 0.62
N ASP A 162 20.97 -5.63 0.43
CA ASP A 162 20.65 -6.36 -0.79
C ASP A 162 20.38 -5.36 -1.91
N VAL A 163 21.34 -5.21 -2.82
CA VAL A 163 21.27 -4.22 -3.88
C VAL A 163 20.96 -4.91 -5.20
N THR A 164 20.21 -4.21 -6.05
CA THR A 164 19.76 -4.72 -7.34
C THR A 164 20.53 -4.04 -8.45
N TYR A 165 20.98 -4.82 -9.43
CA TYR A 165 21.66 -4.26 -10.59
C TYR A 165 21.13 -4.91 -11.85
N ALA A 166 20.83 -4.11 -12.86
CA ALA A 166 20.26 -4.60 -14.10
C ALA A 166 20.53 -3.57 -15.20
N ARG A 167 19.94 -3.80 -16.37
CA ARG A 167 20.06 -2.86 -17.48
C ARG A 167 18.85 -1.97 -17.63
N ASP A 168 17.74 -2.27 -16.95
CA ASP A 168 16.55 -1.44 -17.02
C ASP A 168 16.76 -0.05 -16.44
N GLN A 169 17.85 0.16 -15.72
CA GLN A 169 18.17 1.48 -15.17
C GLN A 169 18.60 2.37 -16.35
N VAL A 170 17.60 2.87 -17.06
CA VAL A 170 17.79 3.54 -18.34
C VAL A 170 17.68 5.05 -18.23
N THR A 171 17.47 5.58 -17.03
CA THR A 171 17.42 7.02 -16.84
C THR A 171 18.18 7.46 -15.60
N GLU A 172 18.70 6.52 -14.82
CA GLU A 172 19.43 6.84 -13.60
C GLU A 172 20.58 5.85 -13.45
N PHE A 173 21.57 6.25 -12.66
CA PHE A 173 22.76 5.43 -12.46
C PHE A 173 22.56 4.44 -11.33
N LYS A 174 23.20 3.28 -11.47
CA LYS A 174 23.24 2.32 -10.39
C LYS A 174 23.92 2.93 -9.17
N SER A 175 23.18 3.01 -8.07
CA SER A 175 23.70 3.57 -6.83
C SER A 175 23.25 2.68 -5.68
N PHE A 176 23.98 2.77 -4.57
CA PHE A 176 23.70 1.86 -3.47
C PHE A 176 23.91 2.57 -2.14
N PRO A 177 23.28 2.07 -1.08
CA PRO A 177 23.59 2.54 0.26
C PRO A 177 24.62 1.66 0.94
N MET A 178 25.32 2.25 1.89
CA MET A 178 26.21 1.55 2.80
C MET A 178 25.84 1.89 4.23
N THR A 179 25.77 0.87 5.07
CA THR A 179 25.50 1.04 6.49
C THR A 179 26.78 0.88 7.28
N PHE A 180 27.04 1.84 8.15
CA PHE A 180 28.18 1.81 9.07
C PHE A 180 27.65 1.83 10.48
N ALA A 181 28.20 0.95 11.32
CA ALA A 181 27.87 0.90 12.74
C ALA A 181 28.97 1.59 13.51
N LEU A 182 28.59 2.43 14.46
CA LEU A 182 29.55 3.08 15.32
C LEU A 182 30.32 2.04 16.13
N HIS A 183 31.57 2.35 16.44
CA HIS A 183 32.34 1.45 17.28
C HIS A 183 31.71 1.34 18.67
N SER A 184 31.31 2.47 19.24
CA SER A 184 30.79 2.49 20.60
C SER A 184 30.12 3.82 20.87
N THR A 185 29.06 3.79 21.67
CA THR A 185 28.42 5.00 22.17
C THR A 185 29.13 5.55 23.40
N PHE A 186 30.34 5.08 23.65
CA PHE A 186 31.08 5.42 24.86
C PHE A 186 32.55 5.40 24.49
N ASN A 187 33.27 6.45 24.90
CA ASN A 187 34.69 6.62 24.58
C ASN A 187 34.91 6.72 23.07
N GLN A 188 34.39 7.81 22.48
CA GLN A 188 34.60 8.08 21.06
C GLN A 188 36.03 8.57 20.86
N SER A 189 36.96 7.61 20.84
CA SER A 189 38.38 7.89 20.77
C SER A 189 38.97 7.32 19.49
N SER A 190 40.03 7.98 19.00
CA SER A 190 40.73 7.54 17.81
C SER A 190 42.17 8.03 17.88
N SER A 191 43.03 7.44 17.06
CA SER A 191 44.42 7.85 16.97
C SER A 191 44.93 7.63 15.55
N SER A 192 46.14 8.10 15.31
CA SER A 192 46.75 8.02 13.98
C SER A 192 47.62 6.77 13.90
N LEU A 193 47.42 5.99 12.84
CA LEU A 193 48.29 4.84 12.60
C LEU A 193 49.70 5.28 12.20
N ALA A 194 49.82 6.45 11.57
CA ALA A 194 51.10 6.92 11.03
C ALA A 194 52.00 7.32 12.20
N SER A 195 52.64 6.31 12.79
CA SER A 195 53.52 6.54 13.94
C SER A 195 54.44 5.33 14.10
N LEU A 196 55.50 5.53 14.89
CA LEU A 196 56.41 4.42 15.20
C LEU A 196 55.71 3.36 16.03
N LEU A 197 54.95 3.78 17.04
CA LEU A 197 54.08 2.88 17.78
C LEU A 197 52.73 2.88 17.10
N GLY A 198 52.48 1.88 16.24
CA GLY A 198 51.28 1.83 15.45
C GLY A 198 50.09 1.38 16.27
N PHE A 199 49.03 0.98 15.56
CA PHE A 199 47.83 0.50 16.24
C PHE A 199 48.04 -0.82 16.95
N SER A 200 49.16 -1.50 16.70
CA SER A 200 49.49 -2.69 17.46
C SER A 200 49.80 -2.32 18.91
N PHE A 201 49.79 -3.33 19.78
CA PHE A 201 49.98 -3.13 21.21
C PHE A 201 51.00 -4.14 21.72
N SER A 202 51.24 -4.11 23.02
CA SER A 202 52.06 -5.11 23.69
C SER A 202 51.14 -6.05 24.44
N LEU A 203 51.28 -7.35 24.20
CA LEU A 203 50.47 -8.35 24.90
C LEU A 203 50.85 -8.38 26.38
N GLY B 24 -38.37 26.89 4.73
CA GLY B 24 -39.05 27.91 5.48
C GLY B 24 -39.83 27.38 6.67
N VAL B 25 -40.86 26.58 6.41
CA VAL B 25 -41.70 26.00 7.44
C VAL B 25 -41.62 24.49 7.48
N GLY B 26 -40.82 23.86 6.61
CA GLY B 26 -40.69 22.43 6.65
C GLY B 26 -39.75 21.96 7.75
N GLU B 27 -39.96 20.71 8.18
CA GLU B 27 -39.19 20.18 9.30
C GLU B 27 -37.70 20.13 8.98
N ARG B 28 -37.35 19.68 7.78
CA ARG B 28 -35.93 19.60 7.44
C ARG B 28 -35.32 20.98 7.25
N GLU B 29 -36.09 21.94 6.75
CA GLU B 29 -35.59 23.31 6.67
C GLU B 29 -35.34 23.87 8.05
N VAL B 30 -36.24 23.60 9.00
CA VAL B 30 -36.03 24.02 10.38
C VAL B 30 -34.77 23.39 10.94
N GLY B 31 -34.61 22.08 10.71
CA GLY B 31 -33.44 21.41 11.23
C GLY B 31 -32.15 21.96 10.68
N LYS B 32 -32.09 22.17 9.36
CA LYS B 32 -30.89 22.72 8.76
C LYS B 32 -30.63 24.14 9.24
N LEU B 33 -31.69 24.94 9.41
CA LEU B 33 -31.51 26.30 9.90
C LEU B 33 -30.93 26.29 11.30
N THR B 34 -31.49 25.47 12.18
CA THR B 34 -30.94 25.35 13.53
C THR B 34 -29.49 24.93 13.48
N SER B 35 -29.19 23.91 12.67
CA SER B 35 -27.83 23.40 12.58
C SER B 35 -26.87 24.48 12.12
N ILE B 36 -27.22 25.20 11.08
CA ILE B 36 -26.30 26.20 10.52
C ILE B 36 -26.12 27.35 11.49
N ILE B 37 -27.18 27.78 12.16
CA ILE B 37 -27.04 28.89 13.09
C ILE B 37 -26.14 28.49 14.25
N MET B 38 -26.42 27.33 14.87
CA MET B 38 -25.59 26.92 15.99
C MET B 38 -24.17 26.59 15.55
N ASN B 39 -23.99 26.20 14.29
CA ASN B 39 -22.66 25.93 13.78
C ASN B 39 -21.86 27.21 13.61
N LYS B 40 -22.45 28.22 12.96
CA LYS B 40 -21.76 29.49 12.80
C LYS B 40 -21.61 30.23 14.13
N MET B 41 -22.36 29.84 15.15
CA MET B 41 -22.26 30.50 16.44
C MET B 41 -21.38 29.77 17.45
N LEU B 42 -21.15 28.46 17.28
CA LEU B 42 -20.39 27.68 18.24
C LEU B 42 -19.15 26.98 17.68
N PHE B 43 -18.84 27.12 16.40
CA PHE B 43 -17.74 26.39 15.80
C PHE B 43 -16.52 27.27 15.60
N ALA B 44 -15.34 26.69 15.84
CA ALA B 44 -14.08 27.35 15.58
C ALA B 44 -13.12 26.38 14.90
N GLN B 45 -12.45 26.85 13.86
CA GLN B 45 -11.38 26.10 13.22
C GLN B 45 -10.18 26.01 14.16
N GLY B 46 -9.22 25.17 13.81
CA GLY B 46 -8.05 24.99 14.65
C GLY B 46 -7.12 26.19 14.64
N TRP B 47 -7.65 27.37 14.96
CA TRP B 47 -6.86 28.60 14.98
C TRP B 47 -6.14 28.80 16.31
N GLN B 48 -6.88 28.84 17.40
CA GLN B 48 -6.33 29.30 18.68
C GLN B 48 -5.53 28.16 19.30
N PHE B 49 -4.24 28.15 19.03
CA PHE B 49 -3.37 27.14 19.61
C PHE B 49 -1.95 27.69 19.66
N SER B 50 -1.21 27.21 20.66
CA SER B 50 0.16 27.66 20.85
C SER B 50 0.90 26.60 21.64
N VAL B 51 2.01 26.11 21.09
CA VAL B 51 2.88 25.16 21.78
C VAL B 51 4.14 25.90 22.20
N GLU B 52 4.57 25.68 23.44
CA GLU B 52 5.76 26.37 23.92
C GLU B 52 6.44 25.53 24.98
N VAL B 53 7.74 25.79 25.15
CA VAL B 53 8.59 25.04 26.06
C VAL B 53 9.45 26.04 26.83
N ASP B 54 9.59 25.81 28.12
CA ASP B 54 10.47 26.64 28.94
C ASP B 54 11.90 26.54 28.42
N GLY B 55 12.57 27.69 28.31
CA GLY B 55 13.93 27.73 27.86
C GLY B 55 14.13 27.74 26.36
N LEU B 56 13.07 27.67 25.58
CA LEU B 56 13.16 27.67 24.12
C LEU B 56 12.53 28.96 23.59
N GLU B 57 13.32 29.72 22.83
CA GLU B 57 12.89 30.98 22.23
C GLU B 57 12.57 30.77 20.76
N GLY B 58 11.39 31.20 20.35
CA GLY B 58 10.95 30.99 18.98
C GLY B 58 10.48 29.59 18.68
N ALA B 59 10.53 28.68 19.65
CA ALA B 59 10.09 27.31 19.44
C ALA B 59 8.65 27.26 18.99
N ASP B 60 7.80 28.16 19.51
CA ASP B 60 6.43 28.26 19.05
C ASP B 60 6.38 28.47 17.54
N PHE B 61 7.38 29.17 17.00
CA PHE B 61 7.48 29.36 15.56
C PHE B 61 8.04 28.14 14.86
N PHE B 62 9.20 27.65 15.31
CA PHE B 62 9.89 26.61 14.56
C PHE B 62 9.12 25.30 14.56
N ALA B 63 8.41 24.99 15.64
CA ALA B 63 7.59 23.79 15.66
C ALA B 63 6.50 23.92 14.60
N LYS B 64 6.26 22.83 13.88
CA LYS B 64 5.23 22.82 12.85
C LYS B 64 4.10 21.85 13.14
N ASP B 65 4.36 20.76 13.88
CA ASP B 65 3.33 19.77 14.16
C ASP B 65 3.48 19.25 15.57
N ILE B 66 2.36 18.80 16.14
CA ILE B 66 2.36 18.19 17.47
C ILE B 66 1.46 16.97 17.45
N THR B 67 1.89 15.92 18.18
CA THR B 67 1.09 14.73 18.39
C THR B 67 1.22 14.36 19.86
N TYR B 68 0.10 14.41 20.58
CA TYR B 68 0.08 14.26 22.02
C TYR B 68 -0.73 13.05 22.43
N HIS B 69 -0.24 12.36 23.47
CA HIS B 69 -1.03 11.33 24.14
C HIS B 69 -0.65 11.36 25.60
N ASP B 70 -1.59 11.70 26.48
CA ASP B 70 -1.28 11.71 27.90
C ASP B 70 -1.00 10.29 28.39
N TYR B 71 -2.00 9.43 28.33
CA TYR B 71 -1.88 8.04 28.76
C TYR B 71 -3.12 7.29 28.33
N SER B 72 -2.94 6.00 28.09
CA SER B 72 -4.05 5.09 27.88
C SER B 72 -4.29 4.31 29.16
N ILE B 73 -5.50 3.81 29.32
CA ILE B 73 -5.85 2.99 30.48
C ILE B 73 -6.22 1.60 30.00
N GLU B 74 -5.56 0.60 30.56
CA GLU B 74 -5.73 -0.79 30.14
C GLU B 74 -6.83 -1.45 30.95
N TYR B 75 -7.58 -2.32 30.27
CA TYR B 75 -8.64 -3.13 30.89
C TYR B 75 -8.21 -4.58 30.94
N GLU B 76 -8.79 -5.33 31.86
CA GLU B 76 -8.62 -6.77 31.91
C GLU B 76 -9.98 -7.42 31.71
N THR B 77 -9.99 -8.53 31.00
CA THR B 77 -11.22 -9.27 30.77
C THR B 77 -11.36 -10.38 31.80
N ILE B 78 -12.60 -10.68 32.17
CA ILE B 78 -12.90 -11.77 33.07
C ILE B 78 -14.00 -12.61 32.45
N LYS B 79 -13.83 -13.93 32.46
CA LYS B 79 -14.86 -14.82 31.95
C LYS B 79 -15.93 -15.03 33.01
N ILE B 80 -17.18 -14.73 32.67
CA ILE B 80 -18.30 -14.98 33.57
C ILE B 80 -19.47 -15.52 32.77
N GLY B 81 -19.72 -16.82 32.87
CA GLY B 81 -20.84 -17.41 32.15
C GLY B 81 -20.70 -17.17 30.66
N GLY B 82 -21.74 -16.61 30.07
CA GLY B 82 -21.72 -16.22 28.68
C GLY B 82 -21.19 -14.82 28.42
N GLY B 83 -20.70 -14.15 29.45
CA GLY B 83 -20.26 -12.77 29.31
C GLY B 83 -18.86 -12.58 29.85
N ASN B 84 -18.17 -11.60 29.27
CA ASN B 84 -16.88 -11.14 29.77
C ASN B 84 -17.00 -9.71 30.23
N ILE B 85 -16.41 -9.40 31.37
CA ILE B 85 -16.49 -8.08 31.97
C ILE B 85 -15.09 -7.49 31.97
N LEU B 86 -14.95 -6.30 31.38
CA LEU B 86 -13.68 -5.61 31.30
C LEU B 86 -13.69 -4.43 32.26
N GLN B 87 -12.60 -4.25 32.99
CA GLN B 87 -12.52 -3.25 34.04
C GLN B 87 -11.29 -2.37 33.81
N PRO B 88 -11.40 -1.06 33.95
CA PRO B 88 -10.22 -0.19 33.75
C PRO B 88 -9.22 -0.39 34.87
N THR B 89 -8.00 -0.77 34.50
CA THR B 89 -6.99 -1.15 35.48
C THR B 89 -6.02 -0.02 35.80
N GLU B 90 -5.31 0.49 34.79
CA GLU B 90 -4.12 1.28 35.05
C GLU B 90 -3.80 2.16 33.86
N ARG B 91 -3.32 3.38 34.15
CA ARG B 91 -3.01 4.37 33.12
C ARG B 91 -1.65 4.05 32.49
N SER B 92 -1.68 3.53 31.27
CA SER B 92 -0.44 3.35 30.52
C SER B 92 -0.01 4.67 29.91
N PRO B 93 1.20 5.17 30.21
CA PRO B 93 1.58 6.51 29.78
C PRO B 93 1.60 6.65 28.26
N GLY B 94 1.60 7.90 27.83
CA GLY B 94 1.81 8.23 26.44
C GLY B 94 3.11 8.97 26.20
N GLN B 95 3.06 9.98 25.33
CA GLN B 95 4.26 10.69 24.89
C GLN B 95 3.83 11.89 24.05
N ILE B 96 4.80 12.77 23.78
CA ILE B 96 4.62 13.90 22.89
C ILE B 96 5.64 13.81 21.78
N THR B 97 5.22 14.17 20.57
CA THR B 97 6.12 14.20 19.43
C THR B 97 5.88 15.49 18.65
N MET B 98 6.96 16.25 18.44
CA MET B 98 6.88 17.57 17.86
C MET B 98 7.70 17.59 16.58
N MET B 99 7.06 17.98 15.48
CA MET B 99 7.71 18.10 14.19
C MET B 99 8.13 19.55 14.00
N VAL B 100 9.42 19.77 13.75
CA VAL B 100 10.03 21.09 13.82
C VAL B 100 11.06 21.25 12.70
N ARG B 101 11.15 22.46 12.16
CA ARG B 101 12.28 22.88 11.34
C ARG B 101 13.18 23.79 12.15
N ASP B 102 14.47 23.74 11.86
CA ASP B 102 15.48 24.48 12.60
C ASP B 102 15.83 25.78 11.88
N THR B 103 16.81 26.47 12.43
CA THR B 103 17.25 27.77 11.98
C THR B 103 18.59 27.65 11.26
N VAL B 104 19.18 28.80 10.95
CA VAL B 104 20.47 28.83 10.28
C VAL B 104 21.52 28.10 11.10
N ASP B 105 21.52 28.33 12.41
CA ASP B 105 22.56 27.82 13.30
C ASP B 105 22.29 26.43 13.84
N GLY B 106 21.15 25.84 13.53
CA GLY B 106 20.81 24.56 14.12
C GLY B 106 20.57 24.66 15.61
N LEU B 107 19.90 25.72 16.05
CA LEU B 107 19.69 25.92 17.47
C LEU B 107 18.82 24.82 18.07
N VAL B 108 17.93 24.24 17.28
CA VAL B 108 17.09 23.16 17.79
C VAL B 108 17.95 21.93 18.09
N LEU B 109 18.85 21.57 17.17
CA LEU B 109 19.77 20.47 17.43
C LEU B 109 20.66 20.79 18.61
N ASP B 110 21.07 22.05 18.74
CA ASP B 110 21.89 22.44 19.88
C ASP B 110 21.14 22.20 21.18
N TRP B 111 19.90 22.64 21.23
CA TRP B 111 19.06 22.46 22.40
C TRP B 111 18.85 20.99 22.71
N PHE B 112 18.63 20.18 21.68
CA PHE B 112 18.45 18.75 21.89
C PHE B 112 19.73 18.11 22.43
N LYS B 113 20.88 18.51 21.90
CA LYS B 113 22.14 18.02 22.39
C LYS B 113 22.28 18.33 23.87
N THR B 114 22.03 19.58 24.24
CA THR B 114 22.10 19.96 25.64
C THR B 114 21.13 19.16 26.48
N ALA B 115 19.91 18.99 25.98
CA ALA B 115 18.88 18.29 26.74
C ALA B 115 19.29 16.85 27.02
N LYS B 116 19.68 16.12 25.98
CA LYS B 116 20.06 14.74 26.17
C LYS B 116 21.31 14.62 27.03
N SER B 117 22.22 15.60 26.92
CA SER B 117 23.39 15.61 27.79
C SER B 117 22.98 15.70 29.24
N ARG B 118 22.05 16.62 29.55
CA ARG B 118 21.59 16.74 30.93
C ARG B 118 20.81 15.50 31.36
N VAL B 119 20.10 14.87 30.43
CA VAL B 119 19.32 13.67 30.77
C VAL B 119 20.24 12.54 31.19
N ILE B 120 21.26 12.26 30.39
CA ILE B 120 22.15 11.12 30.63
C ILE B 120 23.58 11.59 30.56
N ASN B 121 24.37 11.19 31.55
CA ASN B 121 25.80 11.47 31.53
C ASN B 121 26.46 10.67 30.41
N PRO B 122 27.22 11.31 29.52
CA PRO B 122 28.05 10.54 28.59
C PRO B 122 29.07 9.68 29.28
N ASP B 123 29.47 10.02 30.51
CA ASP B 123 30.24 9.09 31.33
C ASP B 123 29.42 7.86 31.68
N GLY B 124 28.09 7.94 31.56
CA GLY B 124 27.23 6.79 31.76
C GLY B 124 26.43 6.82 33.04
N THR B 125 26.74 7.69 33.99
CA THR B 125 26.01 7.66 35.24
C THR B 125 24.64 8.28 35.07
N GLY B 126 23.77 8.00 36.05
CA GLY B 126 22.41 8.51 36.03
C GLY B 126 22.28 9.87 36.67
N ASN B 127 21.78 10.84 35.91
CA ASN B 127 21.59 12.19 36.40
C ASN B 127 20.33 12.27 37.26
N ILE B 128 20.27 13.30 38.09
CA ILE B 128 19.08 13.49 38.94
C ILE B 128 17.88 13.83 38.07
N PRO B 129 16.78 13.08 38.16
CA PRO B 129 15.61 13.33 37.30
C PRO B 129 14.83 14.58 37.69
N SER B 130 15.56 15.66 37.95
CA SER B 130 14.96 16.95 38.22
C SER B 130 15.62 18.09 37.46
N GLN B 131 16.88 17.96 37.07
CA GLN B 131 17.58 19.02 36.37
C GLN B 131 17.28 19.01 34.88
N TYR B 132 16.97 17.86 34.31
CA TYR B 132 16.78 17.72 32.87
C TYR B 132 15.32 17.57 32.48
N LEU B 133 14.40 18.03 33.33
CA LEU B 133 12.98 17.90 33.06
C LEU B 133 12.43 19.24 32.59
N LEU B 134 11.68 19.22 31.49
CA LEU B 134 11.19 20.43 30.87
C LEU B 134 9.67 20.47 30.91
N ASN B 135 9.13 21.67 31.10
CA ASN B 135 7.70 21.88 31.23
C ASN B 135 7.15 22.35 29.88
N VAL B 136 6.58 21.43 29.12
CA VAL B 136 5.97 21.75 27.84
C VAL B 136 4.51 22.12 28.08
N ARG B 137 4.03 23.13 27.35
CA ARG B 137 2.66 23.57 27.56
C ARG B 137 2.05 24.06 26.24
N ILE B 138 0.80 23.66 26.02
CA ILE B 138 0.01 24.11 24.90
C ILE B 138 -1.15 24.91 25.46
N TYR B 139 -1.32 26.12 24.94
CA TYR B 139 -2.37 27.04 25.32
C TYR B 139 -3.28 27.29 24.14
N ARG B 140 -4.51 27.72 24.43
CA ARG B 140 -5.40 28.14 23.38
C ARG B 140 -5.37 29.66 23.29
N LEU B 141 -5.23 30.17 22.06
CA LEU B 141 -5.22 31.60 21.85
C LEU B 141 -6.62 32.15 22.05
N LEU B 142 -6.74 33.47 21.94
CA LEU B 142 -8.03 34.15 22.00
C LEU B 142 -8.15 35.11 20.82
N SER B 143 -9.32 35.73 20.71
CA SER B 143 -9.51 36.72 19.66
C SER B 143 -8.62 37.93 19.84
N SER B 144 -8.22 38.23 21.08
CA SER B 144 -7.36 39.34 21.39
C SER B 144 -5.89 38.96 21.48
N GLY B 145 -5.55 37.73 21.13
CA GLY B 145 -4.19 37.26 21.20
C GLY B 145 -3.79 36.67 22.53
N LEU B 146 -4.65 36.71 23.53
CA LEU B 146 -4.34 36.13 24.82
C LEU B 146 -4.38 34.60 24.73
N THR B 147 -3.68 33.97 25.67
CA THR B 147 -3.54 32.53 25.72
C THR B 147 -4.10 32.01 27.03
N LYS B 148 -4.64 30.80 26.99
CA LYS B 148 -5.14 30.13 28.17
C LYS B 148 -4.66 28.69 28.19
N LEU B 149 -4.32 28.22 29.39
CA LEU B 149 -3.78 26.88 29.56
C LEU B 149 -4.69 25.83 28.93
N GLU B 150 -4.08 24.90 28.22
CA GLU B 150 -4.81 23.75 27.71
C GLU B 150 -4.19 22.43 28.11
N ASN B 151 -2.87 22.33 28.13
CA ASN B 151 -2.21 21.11 28.58
C ASN B 151 -0.77 21.41 28.96
N GLU B 152 -0.37 21.01 30.17
CA GLU B 152 1.00 21.19 30.64
C GLU B 152 1.56 19.85 31.11
N MET B 153 2.62 19.39 30.45
CA MET B 153 3.29 18.15 30.78
C MET B 153 4.73 18.42 31.20
N THR B 154 5.23 17.56 32.08
CA THR B 154 6.62 17.54 32.47
C THR B 154 7.29 16.37 31.78
N VAL B 155 8.16 16.65 30.80
CA VAL B 155 8.69 15.62 29.92
C VAL B 155 10.21 15.74 29.87
N PHE B 156 10.82 14.75 29.25
CA PHE B 156 12.24 14.70 28.98
C PHE B 156 12.46 14.07 27.61
N PRO B 157 13.52 14.47 26.90
CA PRO B 157 13.77 13.90 25.59
C PRO B 157 14.16 12.44 25.66
N VAL B 158 13.85 11.72 24.59
CA VAL B 158 14.24 10.32 24.49
C VAL B 158 14.97 10.08 23.17
N THR B 159 14.35 10.46 22.05
CA THR B 159 14.94 10.19 20.74
C THR B 159 14.23 11.03 19.70
N THR B 160 14.99 11.50 18.71
CA THR B 160 14.43 12.23 17.58
C THR B 160 14.05 11.31 16.41
N GLY B 161 14.39 10.04 16.48
CA GLY B 161 14.08 9.10 15.43
C GLY B 161 15.13 9.09 14.32
N ASP B 162 14.99 8.10 13.45
CA ASP B 162 15.89 7.93 12.30
C ASP B 162 15.51 8.96 11.25
N VAL B 163 16.32 10.02 11.13
CA VAL B 163 16.04 11.13 10.24
C VAL B 163 16.95 11.05 9.02
N THR B 164 16.43 11.48 7.88
CA THR B 164 17.12 11.43 6.59
C THR B 164 17.53 12.83 6.17
N TYR B 165 18.77 12.97 5.72
CA TYR B 165 19.24 14.26 5.22
C TYR B 165 20.02 14.05 3.94
N ALA B 166 19.81 14.92 2.96
CA ALA B 166 20.39 14.76 1.63
C ALA B 166 20.42 16.12 0.94
N ARG B 167 20.56 16.09 -0.38
CA ARG B 167 20.41 17.29 -1.19
C ARG B 167 19.13 17.31 -2.01
N ASP B 168 18.47 16.16 -2.16
CA ASP B 168 17.29 16.08 -3.02
C ASP B 168 16.12 16.92 -2.50
N GLN B 169 16.19 17.41 -1.26
CA GLN B 169 15.14 18.27 -0.71
C GLN B 169 15.21 19.64 -1.39
N VAL B 170 14.67 19.68 -2.60
CA VAL B 170 14.84 20.82 -3.50
C VAL B 170 13.64 21.73 -3.49
N THR B 171 12.64 21.46 -2.66
CA THR B 171 11.47 22.32 -2.55
C THR B 171 11.05 22.53 -1.10
N GLU B 172 11.64 21.80 -0.16
CA GLU B 172 11.27 21.92 1.24
C GLU B 172 12.53 21.84 2.08
N PHE B 173 12.43 22.34 3.31
CA PHE B 173 13.57 22.37 4.21
C PHE B 173 13.69 21.08 5.01
N LYS B 174 14.92 20.72 5.32
CA LYS B 174 15.17 19.60 6.21
C LYS B 174 14.55 19.87 7.57
N SER B 175 13.64 19.01 7.97
CA SER B 175 12.93 19.15 9.24
C SER B 175 12.86 17.77 9.90
N PHE B 176 12.71 17.76 11.22
CA PHE B 176 12.72 16.50 11.94
C PHE B 176 11.75 16.54 13.11
N PRO B 177 11.30 15.37 13.56
CA PRO B 177 10.52 15.30 14.80
C PRO B 177 11.41 14.98 15.99
N MET B 178 10.93 15.38 17.15
CA MET B 178 11.52 15.00 18.42
C MET B 178 10.44 14.40 19.31
N THR B 179 10.79 13.28 19.96
CA THR B 179 9.90 12.61 20.88
C THR B 179 10.34 12.90 22.31
N PHE B 180 9.40 13.33 23.14
CA PHE B 180 9.62 13.56 24.56
C PHE B 180 8.71 12.65 25.34
N ALA B 181 9.28 11.99 26.35
CA ALA B 181 8.53 11.15 27.26
C ALA B 181 8.27 11.92 28.54
N LEU B 182 7.03 11.85 29.03
CA LEU B 182 6.70 12.49 30.29
C LEU B 182 7.50 11.86 31.41
N HIS B 183 7.80 12.65 32.43
CA HIS B 183 8.50 12.11 33.59
C HIS B 183 7.63 11.06 34.29
N SER B 184 6.35 11.35 34.45
CA SER B 184 5.47 10.47 35.20
C SER B 184 4.03 10.87 34.97
N THR B 185 3.13 9.89 34.95
CA THR B 185 1.70 10.13 34.93
C THR B 185 1.14 10.38 36.31
N PHE B 186 2.02 10.65 37.27
CA PHE B 186 1.64 10.77 38.65
C PHE B 186 2.58 11.78 39.29
N ASN B 187 2.02 12.73 40.03
CA ASN B 187 2.78 13.81 40.66
C ASN B 187 3.49 14.68 39.61
N GLN B 188 2.69 15.38 38.80
CA GLN B 188 3.21 16.31 37.81
C GLN B 188 3.72 17.57 38.53
N SER B 189 4.91 17.45 39.12
CA SER B 189 5.49 18.50 39.94
C SER B 189 6.77 19.01 39.31
N SER B 190 7.06 20.28 39.57
CA SER B 190 8.28 20.92 39.08
C SER B 190 8.64 22.07 40.02
N SER B 191 9.90 22.52 39.92
CA SER B 191 10.38 23.64 40.71
C SER B 191 11.42 24.40 39.91
N SER B 192 11.83 25.54 40.46
CA SER B 192 12.79 26.41 39.80
C SER B 192 14.20 26.10 40.31
N LEU B 193 15.13 25.92 39.37
CA LEU B 193 16.52 25.74 39.75
C LEU B 193 17.12 27.03 40.29
N ALA B 194 16.61 28.18 39.85
CA ALA B 194 17.19 29.48 40.22
C ALA B 194 16.86 29.76 41.68
N SER B 195 17.67 29.18 42.57
CA SER B 195 17.47 29.34 44.00
C SER B 195 18.75 28.96 44.72
N LEU B 196 18.83 29.37 45.99
CA LEU B 196 19.98 29.01 46.83
C LEU B 196 20.01 27.50 47.07
N LEU B 197 18.87 26.90 47.38
CA LEU B 197 18.74 25.45 47.44
C LEU B 197 18.32 24.97 46.06
N GLY B 198 19.29 24.53 45.26
CA GLY B 198 19.04 24.13 43.89
C GLY B 198 18.39 22.76 43.82
N PHE B 199 18.43 22.18 42.62
CA PHE B 199 17.83 20.87 42.42
C PHE B 199 18.59 19.76 43.15
N SER B 200 19.78 20.05 43.68
CA SER B 200 20.50 19.09 44.50
C SER B 200 19.77 18.87 45.83
N PHE B 201 20.13 17.79 46.52
CA PHE B 201 19.46 17.40 47.75
C PHE B 201 20.51 17.04 48.79
N SER B 202 20.03 16.57 49.95
CA SER B 202 20.89 16.07 51.02
C SER B 202 20.76 14.56 51.08
N LEU B 203 21.89 13.86 51.04
CA LEU B 203 21.89 12.41 51.04
C LEU B 203 21.46 11.88 52.41
N GLY C 24 -41.92 -5.83 -20.64
CA GLY C 24 -43.36 -5.85 -20.51
C GLY C 24 -43.90 -7.18 -20.04
N VAL C 25 -43.75 -8.21 -20.88
CA VAL C 25 -44.23 -9.55 -20.56
C VAL C 25 -43.11 -10.56 -20.46
N GLY C 26 -41.85 -10.15 -20.64
CA GLY C 26 -40.75 -11.07 -20.49
C GLY C 26 -40.40 -11.34 -19.04
N GLU C 27 -39.78 -12.50 -18.80
CA GLU C 27 -39.49 -12.92 -17.44
C GLU C 27 -38.52 -11.94 -16.76
N ARG C 28 -37.48 -11.52 -17.47
CA ARG C 28 -36.52 -10.61 -16.87
C ARG C 28 -37.12 -9.22 -16.65
N GLU C 29 -38.01 -8.78 -17.55
CA GLU C 29 -38.70 -7.52 -17.33
C GLU C 29 -39.57 -7.60 -16.10
N VAL C 30 -40.27 -8.72 -15.91
CA VAL C 30 -41.07 -8.91 -14.72
C VAL C 30 -40.20 -8.88 -13.47
N GLY C 31 -39.06 -9.57 -13.53
CA GLY C 31 -38.17 -9.59 -12.38
C GLY C 31 -37.65 -8.21 -12.02
N LYS C 32 -37.20 -7.47 -13.03
CA LYS C 32 -36.70 -6.12 -12.76
C LYS C 32 -37.81 -5.22 -12.25
N LEU C 33 -39.02 -5.35 -12.80
CA LEU C 33 -40.13 -4.53 -12.33
C LEU C 33 -40.42 -4.81 -10.87
N THR C 34 -40.51 -6.09 -10.50
CA THR C 34 -40.72 -6.45 -9.11
C THR C 34 -39.62 -5.87 -8.24
N SER C 35 -38.37 -6.04 -8.67
CA SER C 35 -37.25 -5.57 -7.88
C SER C 35 -37.31 -4.07 -7.66
N ILE C 36 -37.57 -3.32 -8.72
CA ILE C 36 -37.56 -1.86 -8.60
C ILE C 36 -38.73 -1.39 -7.75
N ILE C 37 -39.90 -1.99 -7.91
CA ILE C 37 -41.04 -1.57 -7.10
C ILE C 37 -40.79 -1.83 -5.63
N MET C 38 -40.37 -3.05 -5.30
CA MET C 38 -40.12 -3.35 -3.89
C MET C 38 -38.93 -2.57 -3.36
N ASN C 39 -38.00 -2.17 -4.22
CA ASN C 39 -36.87 -1.36 -3.78
C ASN C 39 -37.31 0.05 -3.45
N LYS C 40 -38.07 0.68 -4.35
CA LYS C 40 -38.56 2.03 -4.07
C LYS C 40 -39.59 2.04 -2.94
N MET C 41 -40.16 0.89 -2.61
CA MET C 41 -41.15 0.84 -1.54
C MET C 41 -40.58 0.40 -0.19
N LEU C 42 -39.44 -0.29 -0.16
CA LEU C 42 -38.89 -0.81 1.08
C LEU C 42 -37.49 -0.32 1.43
N PHE C 43 -36.88 0.52 0.61
CA PHE C 43 -35.50 0.94 0.84
C PHE C 43 -35.43 2.34 1.43
N ALA C 44 -34.51 2.51 2.38
CA ALA C 44 -34.20 3.81 2.94
C ALA C 44 -32.70 3.98 3.01
N GLN C 45 -32.23 5.18 2.66
CA GLN C 45 -30.84 5.56 2.84
C GLN C 45 -30.53 5.70 4.33
N GLY C 46 -29.23 5.80 4.65
CA GLY C 46 -28.80 5.97 6.02
C GLY C 46 -29.12 7.35 6.53
N TRP C 47 -30.40 7.72 6.41
CA TRP C 47 -30.88 9.05 6.71
C TRP C 47 -31.29 9.19 8.17
N GLN C 48 -32.20 8.32 8.62
CA GLN C 48 -32.77 8.40 9.96
C GLN C 48 -31.79 7.78 10.94
N PHE C 49 -31.06 8.61 11.65
CA PHE C 49 -30.12 8.14 12.67
C PHE C 49 -29.78 9.28 13.59
N SER C 50 -29.47 8.93 14.84
CA SER C 50 -29.15 9.92 15.85
C SER C 50 -28.32 9.28 16.94
N VAL C 51 -27.15 9.85 17.22
CA VAL C 51 -26.29 9.40 18.30
C VAL C 51 -26.38 10.42 19.42
N GLU C 52 -26.50 9.96 20.66
CA GLU C 52 -26.58 10.90 21.77
C GLU C 52 -26.07 10.26 23.04
N VAL C 53 -25.66 11.12 23.97
CA VAL C 53 -25.06 10.71 25.24
C VAL C 53 -25.67 11.55 26.35
N ASP C 54 -26.01 10.91 27.46
CA ASP C 54 -26.49 11.63 28.63
C ASP C 54 -25.43 12.61 29.11
N GLY C 55 -25.87 13.83 29.41
CA GLY C 55 -24.97 14.85 29.92
C GLY C 55 -24.23 15.64 28.87
N LEU C 56 -24.40 15.31 27.59
CA LEU C 56 -23.73 16.02 26.51
C LEU C 56 -24.74 16.77 25.68
N GLU C 57 -24.55 18.08 25.56
CA GLU C 57 -25.43 18.95 24.79
C GLU C 57 -24.79 19.28 23.45
N GLY C 58 -25.55 19.07 22.38
CA GLY C 58 -25.04 19.27 21.04
C GLY C 58 -24.14 18.17 20.53
N ALA C 59 -23.88 17.15 21.36
CA ALA C 59 -23.02 16.04 20.94
C ALA C 59 -23.56 15.36 19.69
N ASP C 60 -24.88 15.26 19.57
CA ASP C 60 -25.48 14.75 18.35
C ASP C 60 -25.00 15.53 17.13
N PHE C 61 -24.74 16.82 17.32
CA PHE C 61 -24.20 17.64 16.25
C PHE C 61 -22.71 17.45 16.06
N PHE C 62 -21.93 17.58 17.14
CA PHE C 62 -20.48 17.60 17.00
C PHE C 62 -19.94 16.24 16.56
N ALA C 63 -20.55 15.15 16.98
CA ALA C 63 -20.13 13.85 16.50
C ALA C 63 -20.33 13.77 15.00
N LYS C 64 -19.36 13.20 14.30
CA LYS C 64 -19.44 13.04 12.86
C LYS C 64 -19.47 11.60 12.40
N ASP C 65 -18.87 10.68 13.16
CA ASP C 65 -18.81 9.28 12.77
C ASP C 65 -18.98 8.39 13.99
N ILE C 66 -19.50 7.18 13.74
CA ILE C 66 -19.63 6.18 14.79
C ILE C 66 -19.21 4.82 14.24
N THR C 67 -18.55 4.04 15.10
CA THR C 67 -18.18 2.66 14.79
C THR C 67 -18.50 1.84 16.03
N TYR C 68 -19.44 0.91 15.89
CA TYR C 68 -19.97 0.16 17.02
C TYR C 68 -19.69 -1.33 16.87
N HIS C 69 -19.38 -1.97 18.00
CA HIS C 69 -19.34 -3.42 18.06
C HIS C 69 -19.81 -3.83 19.45
N ASP C 70 -20.93 -4.53 19.54
CA ASP C 70 -21.40 -4.99 20.85
C ASP C 70 -20.43 -6.02 21.42
N TYR C 71 -20.31 -7.16 20.75
CA TYR C 71 -19.44 -8.23 21.21
C TYR C 71 -19.35 -9.28 20.12
N SER C 72 -18.22 -9.96 20.08
CA SER C 72 -18.04 -11.12 19.24
C SER C 72 -18.14 -12.38 20.08
N ILE C 73 -18.44 -13.49 19.45
CA ILE C 73 -18.61 -14.77 20.12
C ILE C 73 -17.56 -15.74 19.58
N GLU C 74 -16.79 -16.34 20.48
CA GLU C 74 -15.69 -17.19 20.10
C GLU C 74 -16.10 -18.66 20.08
N TYR C 75 -15.57 -19.39 19.10
CA TYR C 75 -15.77 -20.82 18.96
C TYR C 75 -14.48 -21.56 19.25
N GLU C 76 -14.61 -22.86 19.50
CA GLU C 76 -13.46 -23.76 19.60
C GLU C 76 -13.60 -24.81 18.52
N THR C 77 -12.48 -25.31 18.04
CA THR C 77 -12.51 -26.46 17.17
C THR C 77 -12.31 -27.72 17.99
N ILE C 78 -12.99 -28.79 17.59
CA ILE C 78 -12.77 -30.10 18.18
C ILE C 78 -12.52 -31.09 17.04
N LYS C 79 -11.44 -31.85 17.15
CA LYS C 79 -11.11 -32.83 16.14
C LYS C 79 -11.98 -34.07 16.32
N ILE C 80 -12.70 -34.44 15.27
CA ILE C 80 -13.52 -35.65 15.28
C ILE C 80 -13.40 -36.35 13.94
N GLY C 81 -12.63 -37.43 13.88
CA GLY C 81 -12.49 -38.16 12.64
C GLY C 81 -11.93 -37.27 11.55
N GLY C 82 -12.64 -37.20 10.43
CA GLY C 82 -12.28 -36.31 9.35
C GLY C 82 -12.90 -34.93 9.43
N GLY C 83 -13.56 -34.62 10.53
CA GLY C 83 -14.25 -33.35 10.66
C GLY C 83 -13.89 -32.65 11.96
N ASN C 84 -13.97 -31.32 11.92
CA ASN C 84 -13.88 -30.50 13.11
C ASN C 84 -15.22 -29.83 13.37
N ILE C 85 -15.61 -29.77 14.65
CA ILE C 85 -16.87 -29.16 15.04
C ILE C 85 -16.56 -27.94 15.90
N LEU C 86 -17.09 -26.80 15.51
CA LEU C 86 -16.89 -25.55 16.22
C LEU C 86 -18.17 -25.16 16.95
N GLN C 87 -18.03 -24.77 18.21
CA GLN C 87 -19.19 -24.47 19.03
C GLN C 87 -18.99 -23.09 19.67
N PRO C 88 -20.03 -22.26 19.74
CA PRO C 88 -19.85 -20.91 20.31
C PRO C 88 -19.77 -20.97 21.82
N THR C 89 -18.75 -20.35 22.37
CA THR C 89 -18.64 -20.26 23.82
C THR C 89 -19.23 -18.97 24.38
N GLU C 90 -18.60 -17.84 24.06
CA GLU C 90 -18.59 -16.71 24.97
C GLU C 90 -18.50 -15.40 24.20
N ARG C 91 -19.22 -14.40 24.71
CA ARG C 91 -19.33 -13.09 24.05
C ARG C 91 -18.09 -12.28 24.35
N SER C 92 -17.14 -12.30 23.44
CA SER C 92 -15.99 -11.42 23.55
C SER C 92 -16.44 -10.00 23.29
N PRO C 93 -16.26 -9.07 24.22
CA PRO C 93 -16.93 -7.78 24.11
C PRO C 93 -16.29 -6.87 23.06
N GLY C 94 -17.06 -5.87 22.67
CA GLY C 94 -16.58 -4.89 21.71
C GLY C 94 -16.35 -3.53 22.32
N GLN C 95 -16.73 -2.49 21.58
CA GLN C 95 -16.43 -1.12 21.96
C GLN C 95 -17.15 -0.18 21.01
N ILE C 96 -17.16 1.10 21.37
CA ILE C 96 -17.69 2.16 20.53
C ILE C 96 -16.60 3.18 20.29
N THR C 97 -16.54 3.71 19.07
CA THR C 97 -15.59 4.76 18.73
C THR C 97 -16.31 5.85 17.95
N MET C 98 -16.20 7.08 18.44
CA MET C 98 -16.95 8.20 17.90
C MET C 98 -15.98 9.25 17.41
N MET C 99 -16.11 9.62 16.15
CA MET C 99 -15.28 10.65 15.53
C MET C 99 -16.03 11.97 15.62
N VAL C 100 -15.39 12.98 16.22
CA VAL C 100 -16.06 14.21 16.62
C VAL C 100 -15.15 15.41 16.39
N ARG C 101 -15.75 16.53 15.99
CA ARG C 101 -15.09 17.83 16.03
C ARG C 101 -15.64 18.63 17.20
N ASP C 102 -14.78 19.46 17.79
CA ASP C 102 -15.11 20.22 18.98
C ASP C 102 -15.56 21.63 18.61
N THR C 103 -15.79 22.43 19.63
CA THR C 103 -16.30 23.79 19.53
C THR C 103 -15.18 24.79 19.78
N VAL C 104 -15.58 26.05 19.90
CA VAL C 104 -14.62 27.12 20.17
C VAL C 104 -13.89 26.87 21.48
N ASP C 105 -14.62 26.45 22.50
CA ASP C 105 -14.10 26.32 23.86
C ASP C 105 -13.47 24.96 24.13
N GLY C 106 -13.51 24.02 23.19
CA GLY C 106 -13.01 22.70 23.48
C GLY C 106 -13.86 21.97 24.50
N LEU C 107 -15.18 22.13 24.42
CA LEU C 107 -16.07 21.51 25.39
C LEU C 107 -15.98 19.99 25.35
N VAL C 108 -15.69 19.42 24.18
CA VAL C 108 -15.57 17.97 24.09
C VAL C 108 -14.35 17.50 24.87
N LEU C 109 -13.22 18.18 24.71
CA LEU C 109 -12.04 17.84 25.52
C LEU C 109 -12.32 18.05 26.99
N ASP C 110 -13.08 19.09 27.32
CA ASP C 110 -13.43 19.34 28.71
C ASP C 110 -14.22 18.17 29.28
N TRP C 111 -15.22 17.72 28.53
CA TRP C 111 -16.04 16.59 28.93
C TRP C 111 -15.21 15.33 29.08
N PHE C 112 -14.28 15.11 28.15
CA PHE C 112 -13.42 13.93 28.24
C PHE C 112 -12.53 13.98 29.46
N LYS C 113 -11.96 15.16 29.74
CA LYS C 113 -11.17 15.36 30.95
C LYS C 113 -11.98 14.97 32.17
N THR C 114 -13.18 15.52 32.27
CA THR C 114 -14.04 15.21 33.41
C THR C 114 -14.35 13.73 33.48
N ALA C 115 -14.64 13.11 32.33
CA ALA C 115 -15.03 11.72 32.31
C ALA C 115 -13.91 10.83 32.82
N LYS C 116 -12.71 11.00 32.25
CA LYS C 116 -11.59 10.18 32.68
C LYS C 116 -11.22 10.47 34.13
N SER C 117 -11.40 11.71 34.57
CA SER C 117 -11.15 12.03 35.97
C SER C 117 -12.08 11.23 36.88
N ARG C 118 -13.36 11.17 36.53
CA ARG C 118 -14.29 10.38 37.31
C ARG C 118 -13.98 8.90 37.20
N VAL C 119 -13.50 8.45 36.04
CA VAL C 119 -13.20 7.04 35.84
C VAL C 119 -12.07 6.60 36.77
N ILE C 120 -10.97 7.35 36.77
CA ILE C 120 -9.79 6.96 37.53
C ILE C 120 -9.32 8.15 38.35
N ASN C 121 -9.04 7.90 39.62
CA ASN C 121 -8.48 8.93 40.48
C ASN C 121 -7.07 9.27 40.03
N PRO C 122 -6.75 10.54 39.80
CA PRO C 122 -5.35 10.91 39.60
C PRO C 122 -4.47 10.57 40.79
N ASP C 123 -5.04 10.50 41.99
CA ASP C 123 -4.32 9.95 43.13
C ASP C 123 -4.02 8.47 42.93
N GLY C 124 -4.71 7.82 42.02
CA GLY C 124 -4.44 6.44 41.66
C GLY C 124 -5.43 5.43 42.17
N THR C 125 -6.31 5.80 43.08
CA THR C 125 -7.23 4.81 43.62
C THR C 125 -8.34 4.50 42.61
N GLY C 126 -9.02 3.39 42.84
CA GLY C 126 -10.10 2.96 41.98
C GLY C 126 -11.44 3.55 42.37
N ASN C 127 -12.07 4.26 41.45
CA ASN C 127 -13.37 4.86 41.68
C ASN C 127 -14.47 3.80 41.57
N ILE C 128 -15.62 4.11 42.16
CA ILE C 128 -16.75 3.18 42.09
C ILE C 128 -17.25 3.11 40.66
N PRO C 129 -17.34 1.91 40.05
CA PRO C 129 -17.76 1.79 38.66
C PRO C 129 -19.25 2.02 38.46
N SER C 130 -19.76 3.07 39.09
CA SER C 130 -21.14 3.50 38.91
C SER C 130 -21.29 4.99 38.69
N GLN C 131 -20.35 5.79 39.17
CA GLN C 131 -20.45 7.24 39.04
C GLN C 131 -19.94 7.72 37.69
N TYR C 132 -19.02 6.99 37.07
CA TYR C 132 -18.40 7.42 35.82
C TYR C 132 -18.90 6.63 34.61
N LEU C 133 -20.09 6.05 34.69
CA LEU C 133 -20.62 5.26 33.60
C LEU C 133 -21.68 6.06 32.87
N LEU C 134 -21.57 6.12 31.55
CA LEU C 134 -22.45 6.94 30.72
C LEU C 134 -23.30 6.06 29.81
N ASN C 135 -24.53 6.49 29.60
CA ASN C 135 -25.51 5.75 28.81
C ASN C 135 -25.55 6.35 27.42
N VAL C 136 -24.85 5.71 26.48
CA VAL C 136 -24.84 6.14 25.08
C VAL C 136 -25.99 5.45 24.37
N ARG C 137 -26.66 6.18 23.47
CA ARG C 137 -27.79 5.60 22.77
C ARG C 137 -27.89 6.16 21.36
N ILE C 138 -28.18 5.27 20.42
CA ILE C 138 -28.42 5.62 19.03
C ILE C 138 -29.87 5.25 18.73
N TYR C 139 -30.61 6.22 18.22
CA TYR C 139 -31.99 6.07 17.83
C TYR C 139 -32.14 6.23 16.34
N ARG C 140 -33.21 5.69 15.79
CA ARG C 140 -33.53 5.93 14.40
C ARG C 140 -34.58 7.03 14.31
N LEU C 141 -34.34 7.99 13.42
CA LEU C 141 -35.29 9.07 13.22
C LEU C 141 -36.51 8.55 12.49
N LEU C 142 -37.50 9.43 12.31
CA LEU C 142 -38.70 9.12 11.56
C LEU C 142 -38.95 10.24 10.55
N SER C 143 -39.97 10.04 9.72
CA SER C 143 -40.34 11.06 8.75
C SER C 143 -40.82 12.34 9.43
N SER C 144 -41.35 12.21 10.64
CA SER C 144 -41.86 13.35 11.39
C SER C 144 -40.84 13.89 12.40
N GLY C 145 -39.61 13.41 12.35
CA GLY C 145 -38.58 13.84 13.26
C GLY C 145 -38.51 13.07 14.56
N LEU C 146 -39.45 12.16 14.81
CA LEU C 146 -39.42 11.37 16.03
C LEU C 146 -38.29 10.35 15.97
N THR C 147 -37.87 9.90 17.15
CA THR C 147 -36.77 8.98 17.29
C THR C 147 -37.26 7.72 18.00
N LYS C 148 -36.66 6.59 17.63
CA LYS C 148 -36.96 5.32 18.28
C LYS C 148 -35.66 4.60 18.62
N LEU C 149 -35.67 3.93 19.77
CA LEU C 149 -34.47 3.27 20.27
C LEU C 149 -33.90 2.30 19.24
N GLU C 150 -32.60 2.35 19.08
CA GLU C 150 -31.95 1.34 18.25
C GLU C 150 -30.85 0.61 19.00
N ASN C 151 -30.07 1.30 19.82
CA ASN C 151 -29.05 0.63 20.61
C ASN C 151 -28.66 1.51 21.78
N GLU C 152 -28.69 0.95 23.00
CA GLU C 152 -28.28 1.65 24.21
C GLU C 152 -27.22 0.84 24.95
N MET C 153 -26.04 1.44 25.10
CA MET C 153 -24.92 0.83 25.80
C MET C 153 -24.54 1.65 27.01
N THR C 154 -24.04 0.96 28.03
CA THR C 154 -23.47 1.60 29.21
C THR C 154 -21.95 1.48 29.10
N VAL C 155 -21.28 2.61 28.87
CA VAL C 155 -19.86 2.60 28.53
C VAL C 155 -19.12 3.58 29.44
N PHE C 156 -17.80 3.52 29.34
CA PHE C 156 -16.89 4.43 30.02
C PHE C 156 -15.72 4.73 29.09
N PRO C 157 -15.15 5.92 29.20
CA PRO C 157 -14.02 6.27 28.33
C PRO C 157 -12.79 5.44 28.65
N VAL C 158 -11.96 5.24 27.63
CA VAL C 158 -10.69 4.55 27.82
C VAL C 158 -9.55 5.38 27.24
N THR C 159 -9.66 5.78 25.97
CA THR C 159 -8.59 6.52 25.32
C THR C 159 -9.14 7.15 24.04
N THR C 160 -8.64 8.34 23.72
CA THR C 160 -8.96 9.02 22.47
C THR C 160 -7.99 8.68 21.35
N GLY C 161 -6.90 7.97 21.64
CA GLY C 161 -5.92 7.61 20.64
C GLY C 161 -4.87 8.69 20.44
N ASP C 162 -3.84 8.31 19.69
CA ASP C 162 -2.75 9.24 19.35
C ASP C 162 -3.23 10.19 18.26
N VAL C 163 -3.52 11.43 18.66
CA VAL C 163 -4.08 12.42 17.75
C VAL C 163 -3.01 13.43 17.36
N THR C 164 -3.10 13.93 16.13
CA THR C 164 -2.14 14.84 15.56
C THR C 164 -2.75 16.23 15.46
N TYR C 165 -2.00 17.24 15.87
CA TYR C 165 -2.47 18.62 15.74
C TYR C 165 -1.33 19.50 15.22
N ALA C 166 -1.65 20.40 14.31
CA ALA C 166 -0.65 21.21 13.64
C ALA C 166 -1.32 22.47 13.09
N ARG C 167 -0.66 23.12 12.15
CA ARG C 167 -1.26 24.21 11.39
C ARG C 167 -1.58 23.84 9.95
N ASP C 168 -1.03 22.73 9.45
CA ASP C 168 -1.22 22.37 8.04
C ASP C 168 -2.66 22.04 7.70
N GLN C 169 -3.53 21.88 8.70
CA GLN C 169 -4.95 21.60 8.46
C GLN C 169 -5.60 22.89 7.95
N VAL C 170 -5.37 23.14 6.66
CA VAL C 170 -5.73 24.41 6.03
C VAL C 170 -7.02 24.33 5.27
N THR C 171 -7.71 23.20 5.29
CA THR C 171 -9.03 23.09 4.69
C THR C 171 -10.03 22.29 5.51
N GLU C 172 -9.63 21.79 6.69
CA GLU C 172 -10.53 21.01 7.52
C GLU C 172 -10.20 21.29 8.98
N PHE C 173 -11.13 20.95 9.86
CA PHE C 173 -10.96 21.25 11.27
C PHE C 173 -10.27 20.10 12.01
N LYS C 174 -9.47 20.47 13.00
CA LYS C 174 -8.91 19.46 13.90
C LYS C 174 -10.04 18.71 14.58
N SER C 175 -10.09 17.40 14.33
CA SER C 175 -11.12 16.55 14.89
C SER C 175 -10.46 15.28 15.38
N PHE C 176 -11.10 14.60 16.32
CA PHE C 176 -10.48 13.42 16.91
C PHE C 176 -11.54 12.36 17.21
N PRO C 177 -11.13 11.11 17.30
CA PRO C 177 -12.03 10.07 17.81
C PRO C 177 -11.84 9.85 19.29
N MET C 178 -12.90 9.34 19.91
CA MET C 178 -12.88 8.87 21.29
C MET C 178 -13.39 7.44 21.33
N THR C 179 -12.68 6.59 22.06
CA THR C 179 -13.08 5.20 22.26
C THR C 179 -13.67 5.04 23.64
N PHE C 180 -14.85 4.43 23.70
CA PHE C 180 -15.52 4.09 24.95
C PHE C 180 -15.68 2.58 25.01
N ALA C 181 -15.35 2.02 26.17
CA ALA C 181 -15.53 0.59 26.43
C ALA C 181 -16.79 0.41 27.26
N LEU C 182 -17.60 -0.56 26.88
CA LEU C 182 -18.80 -0.87 27.65
C LEU C 182 -18.41 -1.34 29.04
N HIS C 183 -19.27 -1.06 30.01
CA HIS C 183 -19.02 -1.54 31.36
C HIS C 183 -19.02 -3.06 31.39
N SER C 184 -19.98 -3.69 30.72
CA SER C 184 -20.12 -5.13 30.77
C SER C 184 -21.09 -5.59 29.69
N THR C 185 -20.83 -6.77 29.14
CA THR C 185 -21.76 -7.43 28.23
C THR C 185 -22.84 -8.18 28.96
N PHE C 186 -22.99 -7.91 30.25
CA PHE C 186 -23.90 -8.66 31.10
C PHE C 186 -24.41 -7.71 32.16
N ASN C 187 -25.72 -7.70 32.38
CA ASN C 187 -26.37 -6.79 33.32
C ASN C 187 -26.17 -5.32 32.92
N GLN C 188 -26.75 -4.95 31.79
CA GLN C 188 -26.71 -3.57 31.30
C GLN C 188 -27.67 -2.74 32.15
N SER C 189 -27.22 -2.38 33.36
CA SER C 189 -28.03 -1.70 34.34
C SER C 189 -27.45 -0.31 34.63
N SER C 190 -28.34 0.61 34.99
CA SER C 190 -27.94 1.97 35.35
C SER C 190 -28.98 2.55 36.29
N SER C 191 -28.60 3.62 36.98
CA SER C 191 -29.52 4.33 37.87
C SER C 191 -29.17 5.81 37.88
N SER C 192 -30.01 6.59 38.54
CA SER C 192 -29.85 8.03 38.60
C SER C 192 -29.10 8.41 39.87
N LEU C 193 -28.07 9.23 39.72
CA LEU C 193 -27.36 9.76 40.88
C LEU C 193 -28.22 10.75 41.66
N ALA C 194 -29.13 11.44 40.97
CA ALA C 194 -29.93 12.50 41.59
C ALA C 194 -30.96 11.85 42.52
N SER C 195 -30.50 11.54 43.73
CA SER C 195 -31.34 10.90 44.73
C SER C 195 -30.71 11.07 46.10
N LEU C 196 -31.52 10.84 47.14
CA LEU C 196 -31.01 10.89 48.51
C LEU C 196 -30.00 9.77 48.76
N LEU C 197 -30.31 8.55 48.30
CA LEU C 197 -29.36 7.46 48.30
C LEU C 197 -28.62 7.50 46.97
N GLY C 198 -27.44 8.10 46.95
CA GLY C 198 -26.68 8.28 45.73
C GLY C 198 -26.00 7.00 45.30
N PHE C 199 -25.03 7.15 44.39
CA PHE C 199 -24.30 5.99 43.89
C PHE C 199 -23.42 5.35 44.96
N SER C 200 -23.23 6.00 46.11
CA SER C 200 -22.51 5.39 47.21
C SER C 200 -23.33 4.25 47.80
N PHE C 201 -22.65 3.41 48.59
CA PHE C 201 -23.26 2.21 49.16
C PHE C 201 -22.91 2.11 50.63
N SER C 202 -23.31 1.00 51.25
CA SER C 202 -22.96 0.68 52.63
C SER C 202 -21.96 -0.47 52.63
N LEU C 203 -20.84 -0.26 53.32
CA LEU C 203 -19.79 -1.27 53.35
C LEU C 203 -20.22 -2.48 54.17
N GLY D 24 -8.91 -19.18 -42.07
CA GLY D 24 -9.73 -20.09 -42.85
C GLY D 24 -9.24 -21.52 -42.78
N VAL D 25 -8.05 -21.77 -43.33
CA VAL D 25 -7.47 -23.10 -43.36
C VAL D 25 -6.17 -23.20 -42.57
N GLY D 26 -5.75 -22.11 -41.93
CA GLY D 26 -4.56 -22.17 -41.11
C GLY D 26 -4.81 -22.78 -39.75
N GLU D 27 -3.74 -23.33 -39.16
CA GLU D 27 -3.88 -24.05 -37.90
C GLU D 27 -4.38 -23.12 -36.79
N ARG D 28 -3.82 -21.91 -36.71
CA ARG D 28 -4.25 -21.00 -35.66
C ARG D 28 -5.66 -20.49 -35.89
N GLU D 29 -6.05 -20.30 -37.15
CA GLU D 29 -7.43 -19.93 -37.43
C GLU D 29 -8.38 -21.04 -37.01
N VAL D 30 -8.01 -22.29 -37.28
CA VAL D 30 -8.82 -23.41 -36.83
C VAL D 30 -8.93 -23.43 -35.31
N GLY D 31 -7.79 -23.22 -34.63
CA GLY D 31 -7.81 -23.22 -33.18
C GLY D 31 -8.69 -22.14 -32.61
N LYS D 32 -8.56 -20.92 -33.14
CA LYS D 32 -9.39 -19.82 -32.64
C LYS D 32 -10.87 -20.07 -32.95
N LEU D 33 -11.17 -20.63 -34.13
CA LEU D 33 -12.56 -20.90 -34.46
C LEU D 33 -13.15 -21.92 -33.50
N THR D 34 -12.42 -23.00 -33.24
CA THR D 34 -12.88 -23.99 -32.27
C THR D 34 -13.11 -23.34 -30.92
N SER D 35 -12.13 -22.54 -30.48
CA SER D 35 -12.22 -21.91 -29.17
C SER D 35 -13.44 -21.02 -29.07
N ILE D 36 -13.66 -20.18 -30.08
CA ILE D 36 -14.76 -19.23 -30.01
C ILE D 36 -16.10 -19.95 -30.07
N ILE D 37 -16.21 -20.99 -30.90
CA ILE D 37 -17.48 -21.71 -30.99
C ILE D 37 -17.79 -22.38 -29.67
N MET D 38 -16.84 -23.12 -29.12
CA MET D 38 -17.09 -23.80 -27.86
C MET D 38 -17.28 -22.81 -26.72
N ASN D 39 -16.69 -21.62 -26.83
CA ASN D 39 -16.87 -20.61 -25.81
C ASN D 39 -18.28 -20.04 -25.85
N LYS D 40 -18.75 -19.64 -27.03
CA LYS D 40 -20.10 -19.12 -27.15
C LYS D 40 -21.15 -20.19 -26.91
N MET D 41 -20.77 -21.47 -26.95
CA MET D 41 -21.72 -22.54 -26.73
C MET D 41 -21.69 -23.11 -25.32
N LEU D 42 -20.59 -22.95 -24.58
CA LEU D 42 -20.47 -23.54 -23.24
C LEU D 42 -20.23 -22.53 -22.12
N PHE D 43 -20.17 -21.24 -22.40
CA PHE D 43 -19.84 -20.26 -21.38
C PHE D 43 -21.07 -19.52 -20.90
N ALA D 44 -21.14 -19.28 -19.59
CA ALA D 44 -22.16 -18.46 -18.99
C ALA D 44 -21.51 -17.50 -18.00
N GLN D 45 -21.98 -16.26 -18.01
CA GLN D 45 -21.61 -15.28 -17.01
C GLN D 45 -22.20 -15.66 -15.66
N GLY D 46 -21.73 -15.00 -14.60
CA GLY D 46 -22.22 -15.24 -13.26
C GLY D 46 -23.63 -14.69 -13.09
N TRP D 47 -24.51 -15.11 -13.99
CA TRP D 47 -25.87 -14.61 -14.08
C TRP D 47 -26.83 -15.40 -13.20
N GLN D 48 -26.87 -16.71 -13.39
CA GLN D 48 -27.82 -17.58 -12.70
C GLN D 48 -27.27 -17.87 -11.30
N PHE D 49 -27.81 -17.18 -10.30
CA PHE D 49 -27.40 -17.42 -8.93
C PHE D 49 -28.47 -16.84 -8.00
N SER D 50 -28.58 -17.45 -6.83
CA SER D 50 -29.58 -17.03 -5.86
C SER D 50 -29.14 -17.49 -4.48
N VAL D 51 -29.06 -16.55 -3.54
CA VAL D 51 -28.76 -16.86 -2.15
C VAL D 51 -30.04 -16.65 -1.35
N GLU D 52 -30.34 -17.59 -0.44
CA GLU D 52 -31.55 -17.47 0.35
C GLU D 52 -31.37 -18.18 1.69
N VAL D 53 -32.18 -17.75 2.66
CA VAL D 53 -32.11 -18.25 4.02
C VAL D 53 -33.53 -18.52 4.50
N ASP D 54 -33.72 -19.64 5.17
CA ASP D 54 -35.01 -19.94 5.77
C ASP D 54 -35.38 -18.87 6.78
N GLY D 55 -36.63 -18.40 6.72
CA GLY D 55 -37.11 -17.40 7.65
C GLY D 55 -36.82 -15.97 7.27
N LEU D 56 -36.11 -15.73 6.17
CA LEU D 56 -35.78 -14.39 5.72
C LEU D 56 -36.51 -14.09 4.42
N GLU D 57 -37.29 -13.01 4.41
CA GLU D 57 -38.06 -12.59 3.25
C GLU D 57 -37.36 -11.40 2.59
N GLY D 58 -37.11 -11.52 1.28
CA GLY D 58 -36.42 -10.47 0.55
C GLY D 58 -34.92 -10.47 0.74
N ALA D 59 -34.39 -11.38 1.55
CA ALA D 59 -32.95 -11.42 1.80
C ALA D 59 -32.19 -11.62 0.50
N ASP D 60 -32.75 -12.40 -0.43
CA ASP D 60 -32.15 -12.53 -1.74
C ASP D 60 -31.94 -11.16 -2.39
N PHE D 61 -32.87 -10.25 -2.14
CA PHE D 61 -32.74 -8.90 -2.68
C PHE D 61 -31.73 -8.08 -1.89
N PHE D 62 -31.91 -8.03 -0.57
CA PHE D 62 -31.10 -7.12 0.23
C PHE D 62 -29.62 -7.50 0.24
N ALA D 63 -29.32 -8.79 0.26
CA ALA D 63 -27.92 -9.20 0.20
C ALA D 63 -27.30 -8.79 -1.12
N LYS D 64 -26.04 -8.36 -1.07
CA LYS D 64 -25.34 -7.91 -2.27
C LYS D 64 -24.12 -8.74 -2.61
N ASP D 65 -23.48 -9.36 -1.63
CA ASP D 65 -22.27 -10.12 -1.86
C ASP D 65 -22.24 -11.36 -1.00
N ILE D 66 -21.55 -12.39 -1.47
CA ILE D 66 -21.35 -13.62 -0.71
C ILE D 66 -19.91 -14.07 -0.83
N THR D 67 -19.37 -14.60 0.26
CA THR D 67 -18.04 -15.20 0.27
C THR D 67 -18.15 -16.50 1.06
N TYR D 68 -17.90 -17.62 0.40
CA TYR D 68 -18.13 -18.94 0.97
C TYR D 68 -16.83 -19.73 1.04
N HIS D 69 -16.69 -20.49 2.13
CA HIS D 69 -15.65 -21.50 2.24
C HIS D 69 -16.21 -22.65 3.04
N ASP D 70 -16.34 -23.82 2.42
CA ASP D 70 -16.84 -24.97 3.17
C ASP D 70 -15.85 -25.38 4.24
N TYR D 71 -14.65 -25.80 3.82
CA TYR D 71 -13.61 -26.23 4.73
C TYR D 71 -12.33 -26.42 3.95
N SER D 72 -11.21 -26.22 4.63
CA SER D 72 -9.91 -26.58 4.08
C SER D 72 -9.44 -27.86 4.76
N ILE D 73 -8.53 -28.55 4.09
CA ILE D 73 -7.97 -29.80 4.61
C ILE D 73 -6.48 -29.62 4.80
N GLU D 74 -6.00 -29.96 6.00
CA GLU D 74 -4.61 -29.73 6.38
C GLU D 74 -3.76 -30.97 6.12
N TYR D 75 -2.51 -30.73 5.72
CA TYR D 75 -1.51 -31.76 5.50
C TYR D 75 -0.42 -31.65 6.54
N GLU D 76 0.34 -32.73 6.70
CA GLU D 76 1.55 -32.73 7.50
C GLU D 76 2.72 -33.06 6.59
N THR D 77 3.89 -32.53 6.91
CA THR D 77 5.09 -32.97 6.24
C THR D 77 5.75 -34.08 7.04
N ILE D 78 6.34 -35.02 6.33
CA ILE D 78 7.17 -36.06 6.95
C ILE D 78 8.50 -36.09 6.23
N LYS D 79 9.57 -36.04 7.00
CA LYS D 79 10.91 -36.08 6.44
C LYS D 79 11.28 -37.50 6.05
N ILE D 80 11.62 -37.72 4.79
CA ILE D 80 12.06 -39.03 4.34
C ILE D 80 13.22 -38.85 3.37
N GLY D 81 14.44 -39.13 3.83
CA GLY D 81 15.60 -38.99 2.96
C GLY D 81 15.71 -37.57 2.43
N GLY D 82 15.80 -37.45 1.11
CA GLY D 82 15.82 -36.17 0.47
C GLY D 82 14.46 -35.63 0.11
N GLY D 83 13.39 -36.28 0.55
CA GLY D 83 12.04 -35.87 0.19
C GLY D 83 11.16 -35.76 1.42
N ASN D 84 10.15 -34.89 1.31
CA ASN D 84 9.12 -34.78 2.32
C ASN D 84 7.77 -35.13 1.71
N ILE D 85 6.97 -35.89 2.44
CA ILE D 85 5.69 -36.37 1.94
C ILE D 85 4.59 -35.74 2.78
N LEU D 86 3.64 -35.10 2.11
CA LEU D 86 2.52 -34.45 2.77
C LEU D 86 1.25 -35.24 2.54
N GLN D 87 0.49 -35.46 3.60
CA GLN D 87 -0.71 -36.28 3.52
C GLN D 87 -1.87 -35.50 4.11
N PRO D 88 -3.06 -35.55 3.51
CA PRO D 88 -4.19 -34.77 4.03
C PRO D 88 -4.78 -35.44 5.27
N THR D 89 -4.92 -34.66 6.33
CA THR D 89 -5.57 -35.18 7.52
C THR D 89 -7.07 -34.90 7.55
N GLU D 90 -7.42 -33.63 7.67
CA GLU D 90 -8.64 -33.25 8.37
C GLU D 90 -9.20 -31.95 7.82
N ARG D 91 -10.52 -31.90 7.76
CA ARG D 91 -11.24 -30.77 7.15
C ARG D 91 -11.32 -29.62 8.14
N SER D 92 -10.40 -28.69 8.01
CA SER D 92 -10.48 -27.46 8.79
C SER D 92 -11.64 -26.64 8.27
N PRO D 93 -12.63 -26.30 9.08
CA PRO D 93 -13.87 -25.75 8.57
C PRO D 93 -13.72 -24.30 8.12
N GLY D 94 -14.69 -23.87 7.31
CA GLY D 94 -14.73 -22.51 6.85
C GLY D 94 -15.86 -21.69 7.43
N GLN D 95 -16.50 -20.89 6.59
CA GLN D 95 -17.50 -19.93 7.05
C GLN D 95 -18.14 -19.28 5.84
N ILE D 96 -19.25 -18.58 6.08
CA ILE D 96 -19.93 -17.78 5.08
C ILE D 96 -19.99 -16.35 5.54
N THR D 97 -19.80 -15.42 4.62
CA THR D 97 -19.91 -13.99 4.92
C THR D 97 -20.74 -13.33 3.84
N MET D 98 -21.79 -12.63 4.26
CA MET D 98 -22.77 -12.06 3.36
C MET D 98 -22.80 -10.55 3.56
N MET D 99 -22.57 -9.82 2.47
CA MET D 99 -22.62 -8.37 2.48
C MET D 99 -24.01 -7.94 2.04
N VAL D 100 -24.68 -7.15 2.90
CA VAL D 100 -26.11 -6.89 2.76
C VAL D 100 -26.41 -5.43 3.08
N ARG D 101 -27.39 -4.88 2.37
CA ARG D 101 -28.02 -3.62 2.71
C ARG D 101 -29.36 -3.89 3.39
N ASP D 102 -29.73 -3.02 4.33
CA ASP D 102 -30.98 -3.18 5.06
C ASP D 102 -32.08 -2.31 4.48
N THR D 103 -33.23 -2.35 5.13
CA THR D 103 -34.45 -1.68 4.71
C THR D 103 -34.70 -0.45 5.58
N VAL D 104 -35.89 0.13 5.41
CA VAL D 104 -36.28 1.30 6.19
C VAL D 104 -36.28 0.96 7.68
N ASP D 105 -36.81 -0.20 8.02
CA ASP D 105 -37.03 -0.58 9.42
C ASP D 105 -35.84 -1.28 10.06
N GLY D 106 -34.76 -1.52 9.31
CA GLY D 106 -33.66 -2.28 9.87
C GLY D 106 -34.03 -3.72 10.16
N LEU D 107 -34.80 -4.33 9.26
CA LEU D 107 -35.25 -5.70 9.48
C LEU D 107 -34.09 -6.67 9.53
N VAL D 108 -33.00 -6.37 8.82
CA VAL D 108 -31.84 -7.25 8.86
C VAL D 108 -31.19 -7.22 10.24
N LEU D 109 -31.02 -6.03 10.81
CA LEU D 109 -30.51 -5.93 12.17
C LEU D 109 -31.46 -6.60 13.15
N ASP D 110 -32.77 -6.47 12.92
CA ASP D 110 -33.75 -7.12 13.78
C ASP D 110 -33.55 -8.63 13.75
N TRP D 111 -33.44 -9.18 12.55
CA TRP D 111 -33.23 -10.62 12.39
C TRP D 111 -31.93 -11.07 13.04
N PHE D 112 -30.87 -10.29 12.88
CA PHE D 112 -29.60 -10.62 13.50
C PHE D 112 -29.71 -10.62 15.01
N LYS D 113 -30.39 -9.62 15.56
CA LYS D 113 -30.62 -9.55 16.99
C LYS D 113 -31.32 -10.79 17.48
N THR D 114 -32.41 -11.16 16.80
CA THR D 114 -33.13 -12.37 17.17
C THR D 114 -32.24 -13.59 17.07
N ALA D 115 -31.46 -13.67 16.00
CA ALA D 115 -30.62 -14.84 15.78
C ALA D 115 -29.61 -15.01 16.89
N LYS D 116 -28.86 -13.94 17.19
CA LYS D 116 -27.85 -14.04 18.23
C LYS D 116 -28.48 -14.28 19.59
N SER D 117 -29.69 -13.73 19.81
CA SER D 117 -30.39 -14.00 21.05
C SER D 117 -30.69 -15.49 21.19
N ARG D 118 -31.18 -16.11 20.12
CA ARG D 118 -31.44 -17.54 20.17
C ARG D 118 -30.16 -18.33 20.30
N VAL D 119 -29.08 -17.85 19.69
CA VAL D 119 -27.80 -18.56 19.77
C VAL D 119 -27.30 -18.60 21.21
N ILE D 120 -27.27 -17.46 21.87
CA ILE D 120 -26.71 -17.36 23.21
C ILE D 120 -27.69 -16.65 24.13
N ASN D 121 -27.93 -17.24 25.29
CA ASN D 121 -28.73 -16.60 26.30
C ASN D 121 -28.01 -15.36 26.82
N PRO D 122 -28.62 -14.18 26.80
CA PRO D 122 -28.04 -13.03 27.51
C PRO D 122 -27.94 -13.25 29.00
N ASP D 123 -28.72 -14.16 29.57
CA ASP D 123 -28.43 -14.62 30.92
C ASP D 123 -27.11 -15.38 30.99
N GLY D 124 -26.61 -15.84 29.85
CA GLY D 124 -25.31 -16.46 29.77
C GLY D 124 -25.31 -17.95 29.57
N THR D 125 -26.45 -18.62 29.74
CA THR D 125 -26.42 -20.07 29.62
C THR D 125 -26.35 -20.48 28.15
N GLY D 126 -26.00 -21.74 27.93
CA GLY D 126 -25.89 -22.28 26.59
C GLY D 126 -27.18 -22.84 26.05
N ASN D 127 -27.63 -22.30 24.92
CA ASN D 127 -28.86 -22.74 24.28
C ASN D 127 -28.63 -24.05 23.54
N ILE D 128 -29.72 -24.77 23.29
CA ILE D 128 -29.61 -26.03 22.55
C ILE D 128 -29.20 -25.74 21.11
N PRO D 129 -28.11 -26.35 20.61
CA PRO D 129 -27.62 -26.06 19.25
C PRO D 129 -28.51 -26.67 18.17
N SER D 130 -29.82 -26.53 18.32
CA SER D 130 -30.77 -26.95 17.32
C SER D 130 -31.83 -25.91 17.02
N GLN D 131 -32.13 -25.02 17.97
CA GLN D 131 -33.18 -24.03 17.78
C GLN D 131 -32.67 -22.82 17.02
N TYR D 132 -31.38 -22.51 17.11
CA TYR D 132 -30.82 -21.31 16.52
C TYR D 132 -29.98 -21.60 15.28
N LEU D 133 -30.22 -22.72 14.62
CA LEU D 133 -29.46 -23.10 13.45
C LEU D 133 -30.28 -22.84 12.20
N LEU D 134 -29.67 -22.17 11.22
CA LEU D 134 -30.37 -21.75 10.02
C LEU D 134 -29.78 -22.43 8.80
N ASN D 135 -30.66 -22.77 7.86
CA ASN D 135 -30.29 -23.49 6.64
C ASN D 135 -30.14 -22.49 5.51
N VAL D 136 -28.90 -22.10 5.23
CA VAL D 136 -28.59 -21.20 4.13
C VAL D 136 -28.39 -22.01 2.87
N ARG D 137 -28.89 -21.51 1.74
CA ARG D 137 -28.76 -22.24 0.49
C ARG D 137 -28.60 -21.30 -0.68
N ILE D 138 -27.68 -21.66 -1.57
CA ILE D 138 -27.46 -20.97 -2.82
C ILE D 138 -27.84 -21.93 -3.94
N TYR D 139 -28.69 -21.46 -4.84
CA TYR D 139 -29.15 -22.20 -5.99
C TYR D 139 -28.69 -21.50 -7.26
N ARG D 140 -28.63 -22.26 -8.35
CA ARG D 140 -28.37 -21.67 -9.64
C ARG D 140 -29.68 -21.47 -10.38
N LEU D 141 -29.86 -20.29 -10.95
CA LEU D 141 -31.06 -20.00 -11.71
C LEU D 141 -31.01 -20.74 -13.04
N LEU D 142 -32.10 -20.64 -13.81
CA LEU D 142 -32.18 -21.22 -15.13
C LEU D 142 -32.67 -20.16 -16.09
N SER D 143 -32.71 -20.52 -17.38
CA SER D 143 -33.21 -19.60 -18.39
C SER D 143 -34.70 -19.30 -18.17
N SER D 144 -35.43 -20.22 -17.56
CA SER D 144 -36.85 -20.07 -17.31
C SER D 144 -37.14 -19.55 -15.90
N GLY D 145 -36.11 -19.14 -15.16
CA GLY D 145 -36.29 -18.66 -13.82
C GLY D 145 -36.26 -19.72 -12.74
N LEU D 146 -36.20 -20.99 -13.11
CA LEU D 146 -36.16 -22.05 -12.12
C LEU D 146 -34.79 -22.08 -11.44
N THR D 147 -34.76 -22.66 -10.25
CA THR D 147 -33.56 -22.72 -9.44
C THR D 147 -33.21 -24.18 -9.17
N LYS D 148 -31.92 -24.45 -9.04
CA LYS D 148 -31.43 -25.78 -8.71
C LYS D 148 -30.38 -25.67 -7.62
N LEU D 149 -30.40 -26.63 -6.70
CA LEU D 149 -29.50 -26.63 -5.56
C LEU D 149 -28.05 -26.50 -5.99
N GLU D 150 -27.32 -25.63 -5.31
CA GLU D 150 -25.89 -25.58 -5.53
C GLU D 150 -25.09 -25.78 -4.26
N ASN D 151 -25.55 -25.22 -3.14
CA ASN D 151 -24.86 -25.42 -1.87
C ASN D 151 -25.81 -25.12 -0.72
N GLU D 152 -25.94 -26.06 0.22
CA GLU D 152 -26.78 -25.89 1.40
C GLU D 152 -25.95 -26.15 2.66
N MET D 153 -25.83 -25.12 3.49
CA MET D 153 -25.10 -25.21 4.75
C MET D 153 -26.02 -24.95 5.92
N THR D 154 -25.70 -25.58 7.05
CA THR D 154 -26.38 -25.33 8.32
C THR D 154 -25.44 -24.49 9.17
N VAL D 155 -25.80 -23.23 9.38
CA VAL D 155 -24.91 -22.26 10.00
C VAL D 155 -25.61 -21.56 11.14
N PHE D 156 -24.83 -20.78 11.89
CA PHE D 156 -25.30 -19.94 12.96
C PHE D 156 -24.50 -18.65 12.96
N PRO D 157 -25.11 -17.54 13.37
CA PRO D 157 -24.37 -16.26 13.39
C PRO D 157 -23.28 -16.27 14.44
N VAL D 158 -22.25 -15.47 14.17
CA VAL D 158 -21.17 -15.29 15.14
C VAL D 158 -20.93 -13.80 15.38
N THR D 159 -20.72 -13.03 14.32
CA THR D 159 -20.39 -11.62 14.44
C THR D 159 -20.58 -10.95 13.08
N THR D 160 -21.04 -9.69 13.11
CA THR D 160 -21.14 -8.89 11.91
C THR D 160 -19.89 -8.07 11.63
N GLY D 161 -18.92 -8.05 12.55
CA GLY D 161 -17.71 -7.29 12.38
C GLY D 161 -17.84 -5.85 12.83
N ASP D 162 -16.70 -5.18 12.89
CA ASP D 162 -16.64 -3.77 13.28
C ASP D 162 -17.11 -2.92 12.11
N VAL D 163 -18.34 -2.41 12.20
CA VAL D 163 -18.96 -1.65 11.13
C VAL D 163 -18.95 -0.16 11.47
N THR D 164 -18.81 0.66 10.43
CA THR D 164 -18.73 2.11 10.56
C THR D 164 -20.02 2.73 10.06
N TYR D 165 -20.55 3.70 10.82
CA TYR D 165 -21.73 4.42 10.39
C TYR D 165 -21.53 5.91 10.63
N ALA D 166 -21.88 6.71 9.63
CA ALA D 166 -21.68 8.16 9.71
C ALA D 166 -22.62 8.82 8.71
N ARG D 167 -22.46 10.14 8.55
CA ARG D 167 -23.25 10.90 7.58
C ARG D 167 -22.49 11.15 6.29
N ASP D 168 -21.19 10.93 6.26
CA ASP D 168 -20.40 11.15 5.06
C ASP D 168 -20.79 10.20 3.93
N GLN D 169 -21.56 9.15 4.23
CA GLN D 169 -22.04 8.22 3.21
C GLN D 169 -23.09 8.95 2.38
N VAL D 170 -22.61 9.78 1.46
CA VAL D 170 -23.45 10.73 0.75
C VAL D 170 -23.76 10.28 -0.67
N THR D 171 -23.30 9.10 -1.08
CA THR D 171 -23.61 8.58 -2.40
C THR D 171 -23.97 7.10 -2.35
N GLU D 172 -23.84 6.46 -1.20
CA GLU D 172 -24.14 5.04 -1.06
C GLU D 172 -24.81 4.81 0.29
N PHE D 173 -25.52 3.70 0.39
CA PHE D 173 -26.26 3.37 1.61
C PHE D 173 -25.37 2.63 2.60
N LYS D 174 -25.65 2.86 3.88
CA LYS D 174 -24.99 2.11 4.93
C LYS D 174 -25.33 0.63 4.78
N SER D 175 -24.31 -0.19 4.59
CA SER D 175 -24.48 -1.63 4.43
C SER D 175 -23.40 -2.33 5.24
N PHE D 176 -23.66 -3.58 5.58
CA PHE D 176 -22.75 -4.29 6.47
C PHE D 176 -22.65 -5.75 6.07
N PRO D 177 -21.57 -6.42 6.44
CA PRO D 177 -21.49 -7.87 6.30
C PRO D 177 -21.89 -8.57 7.59
N MET D 178 -22.34 -9.80 7.43
CA MET D 178 -22.58 -10.73 8.52
C MET D 178 -21.84 -12.02 8.27
N THR D 179 -21.16 -12.52 9.30
CA THR D 179 -20.46 -13.78 9.23
C THR D 179 -21.25 -14.86 9.95
N PHE D 180 -21.46 -15.98 9.29
CA PHE D 180 -22.11 -17.14 9.85
C PHE D 180 -21.13 -18.30 9.83
N ALA D 181 -21.05 -19.01 10.96
CA ALA D 181 -20.23 -20.20 11.08
C ALA D 181 -21.13 -21.42 10.95
N LEU D 182 -20.68 -22.39 10.17
CA LEU D 182 -21.43 -23.64 10.03
C LEU D 182 -21.49 -24.34 11.38
N HIS D 183 -22.58 -25.08 11.60
CA HIS D 183 -22.68 -25.85 12.82
C HIS D 183 -21.60 -26.92 12.88
N SER D 184 -21.35 -27.60 11.77
CA SER D 184 -20.41 -28.71 11.75
C SER D 184 -20.11 -29.10 10.32
N THR D 185 -18.88 -29.52 10.06
CA THR D 185 -18.49 -30.10 8.79
C THR D 185 -18.83 -31.58 8.71
N PHE D 186 -19.67 -32.05 9.62
CA PHE D 186 -19.97 -33.46 9.74
C PHE D 186 -21.40 -33.56 10.24
N ASN D 187 -22.20 -34.41 9.59
CA ASN D 187 -23.62 -34.58 9.90
C ASN D 187 -24.40 -33.28 9.69
N GLN D 188 -24.48 -32.86 8.42
CA GLN D 188 -25.27 -31.68 8.05
C GLN D 188 -26.75 -32.04 8.10
N SER D 189 -27.28 -32.07 9.31
CA SER D 189 -28.65 -32.49 9.57
C SER D 189 -29.47 -31.34 10.13
N SER D 190 -30.77 -31.37 9.84
CA SER D 190 -31.70 -30.37 10.35
C SER D 190 -33.08 -30.99 10.42
N SER D 191 -33.97 -30.33 11.17
CA SER D 191 -35.35 -30.77 11.29
C SER D 191 -36.25 -29.56 11.48
N SER D 192 -37.55 -29.80 11.46
CA SER D 192 -38.54 -28.74 11.58
C SER D 192 -38.98 -28.61 13.04
N LEU D 193 -38.97 -27.38 13.54
CA LEU D 193 -39.48 -27.13 14.87
C LEU D 193 -41.00 -27.28 14.93
N ALA D 194 -41.68 -27.03 13.81
CA ALA D 194 -43.14 -27.04 13.78
C ALA D 194 -43.63 -28.48 13.89
N SER D 195 -43.69 -28.96 15.14
CA SER D 195 -44.11 -30.33 15.41
C SER D 195 -44.49 -30.45 16.87
N LEU D 196 -45.21 -31.53 17.19
CA LEU D 196 -45.57 -31.82 18.58
C LEU D 196 -44.34 -32.11 19.41
N LEU D 197 -43.42 -32.92 18.89
CA LEU D 197 -42.11 -33.11 19.50
C LEU D 197 -41.17 -32.08 18.91
N GLY D 198 -40.97 -30.98 19.62
CA GLY D 198 -40.17 -29.87 19.12
C GLY D 198 -38.69 -30.15 19.23
N PHE D 199 -37.90 -29.08 19.11
CA PHE D 199 -36.45 -29.24 19.20
C PHE D 199 -36.00 -29.62 20.59
N SER D 200 -36.86 -29.54 21.60
CA SER D 200 -36.53 -30.04 22.92
C SER D 200 -36.38 -31.56 22.89
N PHE D 201 -35.76 -32.10 23.93
CA PHE D 201 -35.47 -33.53 24.01
C PHE D 201 -35.87 -34.04 25.39
N SER D 202 -35.63 -35.32 25.62
CA SER D 202 -35.81 -35.93 26.93
C SER D 202 -34.44 -36.11 27.56
N LEU D 203 -34.28 -35.61 28.78
CA LEU D 203 -33.01 -35.76 29.49
C LEU D 203 -32.80 -37.22 29.87
N GLY E 24 27.63 0.18 -38.12
CA GLY E 24 28.21 -0.57 -39.22
C GLY E 24 29.48 -1.30 -38.84
N VAL E 25 30.53 -0.55 -38.51
CA VAL E 25 31.82 -1.10 -38.15
C VAL E 25 32.22 -0.78 -36.73
N GLY E 26 31.39 -0.06 -35.98
CA GLY E 26 31.70 0.24 -34.59
C GLY E 26 31.42 -0.94 -33.68
N GLU E 27 32.13 -0.96 -32.54
CA GLU E 27 32.02 -2.08 -31.62
C GLU E 27 30.60 -2.22 -31.08
N ARG E 28 29.98 -1.11 -30.70
CA ARG E 28 28.63 -1.18 -30.15
C ARG E 28 27.61 -1.55 -31.23
N GLU E 29 27.82 -1.10 -32.47
CA GLU E 29 26.94 -1.52 -33.55
C GLU E 29 27.06 -3.02 -33.79
N VAL E 30 28.28 -3.54 -33.73
CA VAL E 30 28.47 -4.98 -33.86
C VAL E 30 27.76 -5.71 -32.74
N GLY E 31 27.91 -5.22 -31.51
CA GLY E 31 27.28 -5.87 -30.39
C GLY E 31 25.76 -5.89 -30.50
N LYS E 32 25.18 -4.74 -30.86
CA LYS E 32 23.73 -4.69 -31.01
C LYS E 32 23.26 -5.57 -32.16
N LEU E 33 24.02 -5.61 -33.25
CA LEU E 33 23.63 -6.46 -34.38
C LEU E 33 23.63 -7.92 -33.97
N THR E 34 24.70 -8.36 -33.30
CA THR E 34 24.75 -9.72 -32.79
C THR E 34 23.57 -10.00 -31.88
N SER E 35 23.30 -9.09 -30.95
CA SER E 35 22.22 -9.29 -30.00
C SER E 35 20.89 -9.42 -30.69
N ILE E 36 20.61 -8.53 -31.65
CA ILE E 36 19.30 -8.55 -32.29
C ILE E 36 19.14 -9.79 -33.15
N ILE E 37 20.21 -10.19 -33.85
CA ILE E 37 20.10 -11.38 -34.69
C ILE E 37 19.84 -12.61 -33.83
N MET E 38 20.65 -12.80 -32.79
CA MET E 38 20.45 -13.98 -31.96
C MET E 38 19.14 -13.90 -31.19
N ASN E 39 18.62 -12.70 -30.94
CA ASN E 39 17.34 -12.55 -30.28
C ASN E 39 16.21 -12.97 -31.19
N LYS E 40 16.19 -12.44 -32.42
CA LYS E 40 15.15 -12.83 -33.37
C LYS E 40 15.28 -14.28 -33.80
N MET E 41 16.43 -14.90 -33.59
CA MET E 41 16.62 -16.29 -33.97
C MET E 41 16.43 -17.28 -32.84
N LEU E 42 16.55 -16.86 -31.58
CA LEU E 42 16.45 -17.78 -30.45
C LEU E 42 15.37 -17.46 -29.43
N PHE E 43 14.59 -16.41 -29.63
CA PHE E 43 13.60 -15.99 -28.63
C PHE E 43 12.20 -16.40 -29.03
N ALA E 44 11.42 -16.81 -28.02
CA ALA E 44 10.01 -17.11 -28.21
C ALA E 44 9.21 -16.52 -27.05
N GLN E 45 8.10 -15.88 -27.38
CA GLN E 45 7.14 -15.43 -26.40
C GLN E 45 6.45 -16.61 -25.75
N GLY E 46 5.72 -16.37 -24.66
CA GLY E 46 5.05 -17.45 -23.97
C GLY E 46 3.86 -18.00 -24.73
N TRP E 47 4.11 -18.44 -25.97
CA TRP E 47 3.06 -19.01 -26.80
C TRP E 47 2.84 -20.49 -26.55
N GLN E 48 3.88 -21.30 -26.70
CA GLN E 48 3.72 -22.74 -26.76
C GLN E 48 3.59 -23.27 -25.34
N PHE E 49 2.35 -23.41 -24.88
CA PHE E 49 2.08 -23.94 -23.56
C PHE E 49 0.70 -24.54 -23.53
N SER E 50 0.54 -25.56 -22.69
CA SER E 50 -0.73 -26.27 -22.58
C SER E 50 -0.78 -26.94 -21.22
N VAL E 51 -1.81 -26.63 -20.44
CA VAL E 51 -2.04 -27.29 -19.16
C VAL E 51 -3.22 -28.24 -19.33
N GLU E 52 -3.10 -29.44 -18.79
CA GLU E 52 -4.17 -30.42 -18.93
C GLU E 52 -4.14 -31.38 -17.76
N VAL E 53 -5.30 -31.98 -17.50
CA VAL E 53 -5.50 -32.89 -16.38
C VAL E 53 -6.26 -34.10 -16.88
N ASP E 54 -5.84 -35.28 -16.45
CA ASP E 54 -6.57 -36.50 -16.78
C ASP E 54 -7.99 -36.43 -16.24
N GLY E 55 -8.96 -36.81 -17.07
CA GLY E 55 -10.35 -36.81 -16.66
C GLY E 55 -11.08 -35.49 -16.80
N LEU E 56 -10.40 -34.44 -17.24
CA LEU E 56 -11.00 -33.13 -17.41
C LEU E 56 -11.04 -32.77 -18.89
N GLU E 57 -12.23 -32.49 -19.40
CA GLU E 57 -12.44 -32.15 -20.81
C GLU E 57 -12.64 -30.64 -20.93
N GLY E 58 -11.86 -30.01 -21.81
CA GLY E 58 -11.91 -28.57 -21.96
C GLY E 58 -11.20 -27.79 -20.89
N ALA E 59 -10.62 -28.49 -19.90
CA ALA E 59 -9.90 -27.81 -18.82
C ALA E 59 -8.77 -26.96 -19.37
N ASP E 60 -8.11 -27.41 -20.43
CA ASP E 60 -7.09 -26.60 -21.08
C ASP E 60 -7.66 -25.25 -21.50
N PHE E 61 -8.94 -25.23 -21.86
CA PHE E 61 -9.61 -23.99 -22.20
C PHE E 61 -10.01 -23.19 -20.96
N PHE E 62 -10.72 -23.83 -20.04
CA PHE E 62 -11.29 -23.08 -18.92
C PHE E 62 -10.23 -22.53 -17.99
N ALA E 63 -9.12 -23.24 -17.82
CA ALA E 63 -8.03 -22.69 -17.01
C ALA E 63 -7.50 -21.42 -17.67
N LYS E 64 -7.23 -20.42 -16.85
CA LYS E 64 -6.69 -19.16 -17.36
C LYS E 64 -5.29 -18.86 -16.84
N ASP E 65 -4.93 -19.33 -15.64
CA ASP E 65 -3.63 -19.03 -15.06
C ASP E 65 -3.09 -20.25 -14.34
N ILE E 66 -1.76 -20.33 -14.26
CA ILE E 66 -1.10 -21.39 -13.52
C ILE E 66 0.05 -20.80 -12.72
N THR E 67 0.25 -21.34 -11.51
CA THR E 67 1.38 -21.00 -10.66
C THR E 67 1.92 -22.29 -10.08
N TYR E 68 3.15 -22.63 -10.43
CA TYR E 68 3.73 -23.92 -10.10
C TYR E 68 4.96 -23.75 -9.23
N HIS E 69 5.12 -24.67 -8.28
CA HIS E 69 6.36 -24.80 -7.53
C HIS E 69 6.54 -26.27 -7.22
N ASP E 70 7.60 -26.88 -7.75
CA ASP E 70 7.84 -28.29 -7.45
C ASP E 70 8.19 -28.47 -5.98
N TYR E 71 9.31 -27.89 -5.56
CA TYR E 71 9.77 -27.97 -4.19
C TYR E 71 10.93 -27.01 -4.00
N SER E 72 11.06 -26.52 -2.78
CA SER E 72 12.24 -25.76 -2.37
C SER E 72 13.15 -26.68 -1.58
N ILE E 73 14.42 -26.34 -1.52
CA ILE E 73 15.39 -27.10 -0.75
C ILE E 73 15.95 -26.19 0.34
N GLU E 74 15.86 -26.65 1.58
CA GLU E 74 16.28 -25.86 2.72
C GLU E 74 17.75 -26.11 3.06
N TYR E 75 18.42 -25.05 3.49
CA TYR E 75 19.80 -25.10 3.93
C TYR E 75 19.87 -24.91 5.44
N GLU E 76 20.95 -25.40 6.03
CA GLU E 76 21.25 -25.14 7.43
C GLU E 76 22.56 -24.38 7.50
N THR E 77 22.65 -23.44 8.44
CA THR E 77 23.88 -22.68 8.64
C THR E 77 24.69 -23.31 9.75
N ILE E 78 26.01 -23.20 9.62
CA ILE E 78 26.94 -23.67 10.65
C ILE E 78 27.93 -22.55 10.93
N LYS E 79 28.17 -22.29 12.20
CA LYS E 79 29.16 -21.30 12.58
C LYS E 79 30.54 -21.90 12.53
N ILE E 80 31.44 -21.29 11.75
CA ILE E 80 32.82 -21.72 11.69
C ILE E 80 33.72 -20.49 11.64
N GLY E 81 34.38 -20.19 12.75
CA GLY E 81 35.28 -19.06 12.78
C GLY E 81 34.55 -17.78 12.42
N GLY E 82 35.07 -17.08 11.42
CA GLY E 82 34.42 -15.89 10.90
C GLY E 82 33.44 -16.15 9.77
N GLY E 83 33.15 -17.41 9.48
CA GLY E 83 32.29 -17.74 8.36
C GLY E 83 31.19 -18.71 8.75
N ASN E 84 30.08 -18.61 8.03
CA ASN E 84 29.01 -19.60 8.11
C ASN E 84 28.94 -20.38 6.81
N ILE E 85 28.73 -21.68 6.92
CA ILE E 85 28.62 -22.56 5.75
C ILE E 85 27.21 -23.11 5.72
N LEU E 86 26.51 -22.90 4.61
CA LEU E 86 25.16 -23.38 4.44
C LEU E 86 25.16 -24.55 3.47
N GLN E 87 24.40 -25.59 3.80
CA GLN E 87 24.41 -26.83 3.05
C GLN E 87 22.98 -27.20 2.67
N PRO E 88 22.74 -27.65 1.44
CA PRO E 88 21.38 -28.03 1.06
C PRO E 88 20.95 -29.30 1.75
N THR E 89 19.83 -29.23 2.47
CA THR E 89 19.41 -30.34 3.33
C THR E 89 18.32 -31.20 2.71
N GLU E 90 17.17 -30.60 2.37
CA GLU E 90 15.99 -31.39 2.11
C GLU E 90 15.03 -30.60 1.22
N ARG E 91 14.36 -31.32 0.31
CA ARG E 91 13.43 -30.72 -0.64
C ARG E 91 12.10 -30.46 0.05
N SER E 92 11.82 -29.20 0.38
CA SER E 92 10.52 -28.83 0.91
C SER E 92 9.52 -28.75 -0.24
N PRO E 93 8.43 -29.49 -0.22
CA PRO E 93 7.52 -29.55 -1.36
C PRO E 93 6.92 -28.19 -1.70
N GLY E 94 6.39 -28.11 -2.92
CA GLY E 94 5.60 -26.97 -3.33
C GLY E 94 4.14 -27.32 -3.56
N GLN E 95 3.57 -26.76 -4.63
CA GLN E 95 2.16 -26.89 -4.91
C GLN E 95 1.86 -26.30 -6.28
N ILE E 96 0.66 -26.56 -6.77
CA ILE E 96 0.15 -25.98 -8.01
C ILE E 96 -1.13 -25.23 -7.70
N THR E 97 -1.30 -24.08 -8.34
CA THR E 97 -2.53 -23.30 -8.21
C THR E 97 -2.99 -22.85 -9.58
N MET E 98 -4.23 -23.16 -9.91
CA MET E 98 -4.76 -22.94 -11.25
C MET E 98 -5.96 -22.01 -11.14
N MET E 99 -5.91 -20.90 -11.87
CA MET E 99 -7.00 -19.93 -11.92
C MET E 99 -7.86 -20.25 -13.13
N VAL E 100 -9.16 -20.46 -12.89
CA VAL E 100 -10.06 -21.04 -13.88
C VAL E 100 -11.42 -20.36 -13.81
N ARG E 101 -12.05 -20.18 -14.96
CA ARG E 101 -13.47 -19.87 -15.04
C ARG E 101 -14.25 -21.12 -15.45
N ASP E 102 -15.48 -21.21 -14.96
CA ASP E 102 -16.32 -22.38 -15.18
C ASP E 102 -17.26 -22.16 -16.35
N THR E 103 -18.15 -23.13 -16.55
CA THR E 103 -19.08 -23.18 -17.66
C THR E 103 -20.49 -22.87 -17.15
N VAL E 104 -21.47 -23.06 -18.04
CA VAL E 104 -22.86 -22.83 -17.69
C VAL E 104 -23.27 -23.71 -16.51
N ASP E 105 -22.86 -24.98 -16.54
CA ASP E 105 -23.31 -25.98 -15.58
C ASP E 105 -22.45 -26.04 -14.33
N GLY E 106 -21.38 -25.26 -14.23
CA GLY E 106 -20.50 -25.39 -13.10
C GLY E 106 -19.77 -26.71 -13.08
N LEU E 107 -19.34 -27.19 -14.24
CA LEU E 107 -18.68 -28.49 -14.32
C LEU E 107 -17.38 -28.50 -13.53
N VAL E 108 -16.70 -27.36 -13.44
CA VAL E 108 -15.46 -27.31 -12.67
C VAL E 108 -15.74 -27.52 -11.18
N LEU E 109 -16.77 -26.85 -10.65
CA LEU E 109 -17.16 -27.09 -9.26
C LEU E 109 -17.61 -28.53 -9.08
N ASP E 110 -18.30 -29.08 -10.06
CA ASP E 110 -18.72 -30.47 -9.98
C ASP E 110 -17.52 -31.40 -9.86
N TRP E 111 -16.52 -31.18 -10.71
CA TRP E 111 -15.30 -31.96 -10.68
C TRP E 111 -14.57 -31.81 -9.36
N PHE E 112 -14.51 -30.59 -8.84
CA PHE E 112 -13.85 -30.37 -7.55
C PHE E 112 -14.59 -31.09 -6.43
N LYS E 113 -15.92 -31.04 -6.45
CA LYS E 113 -16.72 -31.75 -5.47
C LYS E 113 -16.39 -33.23 -5.50
N THR E 114 -16.40 -33.81 -6.70
CA THR E 114 -16.07 -35.22 -6.84
C THR E 114 -14.66 -35.50 -6.34
N ALA E 115 -13.72 -34.62 -6.68
CA ALA E 115 -12.33 -34.85 -6.32
C ALA E 115 -12.16 -34.86 -4.82
N LYS E 116 -12.67 -33.84 -4.14
CA LYS E 116 -12.52 -33.77 -2.69
C LYS E 116 -13.29 -34.91 -2.01
N SER E 117 -14.41 -35.32 -2.60
CA SER E 117 -15.14 -36.47 -2.06
C SER E 117 -14.27 -37.72 -2.10
N ARG E 118 -13.61 -37.95 -3.23
CA ARG E 118 -12.74 -39.11 -3.33
C ARG E 118 -11.53 -38.97 -2.41
N VAL E 119 -11.04 -37.74 -2.23
CA VAL E 119 -9.89 -37.52 -1.36
C VAL E 119 -10.22 -37.91 0.08
N ILE E 120 -11.33 -37.38 0.60
CA ILE E 120 -11.70 -37.59 1.99
C ILE E 120 -13.13 -38.07 2.09
N ASN E 121 -13.34 -39.12 2.85
CA ASN E 121 -14.68 -39.59 3.14
C ASN E 121 -15.41 -38.55 3.97
N PRO E 122 -16.59 -38.10 3.55
CA PRO E 122 -17.42 -37.28 4.44
C PRO E 122 -17.87 -38.02 5.68
N ASP E 123 -17.87 -39.36 5.66
CA ASP E 123 -17.97 -40.10 6.91
C ASP E 123 -16.74 -39.88 7.79
N GLY E 124 -15.65 -39.41 7.23
CA GLY E 124 -14.48 -39.04 7.98
C GLY E 124 -13.30 -39.98 7.85
N THR E 125 -13.49 -41.17 7.29
CA THR E 125 -12.37 -42.10 7.24
C THR E 125 -11.40 -41.69 6.15
N GLY E 126 -10.20 -42.26 6.22
CA GLY E 126 -9.16 -41.98 5.25
C GLY E 126 -9.21 -42.88 4.03
N ASN E 127 -9.35 -42.27 2.86
CA ASN E 127 -9.40 -43.00 1.60
C ASN E 127 -7.99 -43.45 1.19
N ILE E 128 -7.94 -44.45 0.33
CA ILE E 128 -6.64 -44.93 -0.15
C ILE E 128 -6.00 -43.86 -1.03
N PRO E 129 -4.77 -43.43 -0.73
CA PRO E 129 -4.12 -42.35 -1.50
C PRO E 129 -3.67 -42.80 -2.89
N SER E 130 -4.54 -43.53 -3.58
CA SER E 130 -4.29 -43.92 -4.95
C SER E 130 -5.48 -43.70 -5.86
N GLN E 131 -6.69 -43.69 -5.33
CA GLN E 131 -7.89 -43.52 -6.15
C GLN E 131 -8.17 -42.06 -6.45
N TYR E 132 -7.75 -41.14 -5.58
CA TYR E 132 -8.07 -39.73 -5.73
C TYR E 132 -6.87 -38.90 -6.17
N LEU E 133 -5.89 -39.52 -6.81
CA LEU E 133 -4.70 -38.82 -7.25
C LEU E 133 -4.78 -38.57 -8.75
N LEU E 134 -4.52 -37.33 -9.15
CA LEU E 134 -4.67 -36.92 -10.53
C LEU E 134 -3.33 -36.51 -11.11
N ASN E 135 -3.13 -36.83 -12.39
CA ASN E 135 -1.88 -36.59 -13.10
C ASN E 135 -2.04 -35.30 -13.91
N VAL E 136 -1.54 -34.20 -13.37
CA VAL E 136 -1.55 -32.92 -14.06
C VAL E 136 -0.29 -32.81 -14.91
N ARG E 137 -0.43 -32.25 -16.11
CA ARG E 137 0.72 -32.14 -16.99
C ARG E 137 0.63 -30.87 -17.83
N ILE E 138 1.77 -30.20 -17.96
CA ILE E 138 1.94 -29.04 -18.81
C ILE E 138 2.92 -29.43 -19.91
N TYR E 139 2.52 -29.20 -21.14
CA TYR E 139 3.33 -29.48 -22.33
C TYR E 139 3.62 -28.18 -23.04
N ARG E 140 4.68 -28.19 -23.84
CA ARG E 140 4.97 -27.07 -24.71
C ARG E 140 4.45 -27.36 -26.11
N LEU E 141 3.74 -26.41 -26.69
CA LEU E 141 3.22 -26.59 -28.03
C LEU E 141 4.38 -26.50 -29.03
N LEU E 142 4.05 -26.69 -30.30
CA LEU E 142 4.99 -26.54 -31.39
C LEU E 142 4.40 -25.66 -32.48
N SER E 143 5.21 -25.37 -33.50
CA SER E 143 4.70 -24.59 -34.61
C SER E 143 3.62 -25.33 -35.38
N SER E 144 3.63 -26.66 -35.34
CA SER E 144 2.65 -27.50 -36.02
C SER E 144 1.51 -27.92 -35.12
N GLY E 145 1.44 -27.37 -33.89
CA GLY E 145 0.40 -27.73 -32.96
C GLY E 145 0.71 -28.91 -32.08
N LEU E 146 1.83 -29.60 -32.31
CA LEU E 146 2.19 -30.72 -31.48
C LEU E 146 2.64 -30.26 -30.11
N THR E 147 2.54 -31.16 -29.14
CA THR E 147 2.88 -30.87 -27.75
C THR E 147 4.00 -31.79 -27.30
N LYS E 148 4.83 -31.28 -26.38
CA LYS E 148 5.89 -32.07 -25.80
C LYS E 148 5.90 -31.86 -24.29
N LEU E 149 6.18 -32.94 -23.56
CA LEU E 149 6.16 -32.92 -22.11
C LEU E 149 7.04 -31.80 -21.56
N GLU E 150 6.52 -31.09 -20.58
CA GLU E 150 7.32 -30.11 -19.86
C GLU E 150 7.32 -30.34 -18.36
N ASN E 151 6.17 -30.72 -17.79
CA ASN E 151 6.13 -31.02 -16.36
C ASN E 151 4.91 -31.87 -16.06
N GLU E 152 5.11 -33.01 -15.39
CA GLU E 152 4.02 -33.88 -14.98
C GLU E 152 4.10 -34.15 -13.48
N MET E 153 3.05 -33.74 -12.76
CA MET E 153 2.96 -33.92 -11.32
C MET E 153 1.76 -34.81 -10.99
N THR E 154 1.89 -35.54 -9.89
CA THR E 154 0.80 -36.32 -9.33
C THR E 154 0.31 -35.57 -8.09
N VAL E 155 -0.89 -35.01 -8.17
CA VAL E 155 -1.39 -34.10 -7.15
C VAL E 155 -2.77 -34.53 -6.71
N PHE E 156 -3.25 -33.87 -5.66
CA PHE E 156 -4.59 -34.04 -5.12
C PHE E 156 -5.09 -32.69 -4.66
N PRO E 157 -6.40 -32.45 -4.74
CA PRO E 157 -6.95 -31.17 -4.29
C PRO E 157 -6.82 -30.98 -2.80
N VAL E 158 -6.72 -29.72 -2.39
CA VAL E 158 -6.70 -29.38 -0.97
C VAL E 158 -7.74 -28.32 -0.67
N THR E 159 -7.72 -27.21 -1.39
CA THR E 159 -8.64 -26.11 -1.11
C THR E 159 -8.64 -25.14 -2.29
N THR E 160 -9.81 -24.58 -2.58
CA THR E 160 -9.94 -23.55 -3.60
C THR E 160 -9.77 -22.14 -3.06
N GLY E 161 -9.66 -21.97 -1.75
CA GLY E 161 -9.50 -20.68 -1.14
C GLY E 161 -10.82 -19.97 -0.89
N ASP E 162 -10.73 -18.87 -0.15
CA ASP E 162 -11.90 -18.05 0.17
C ASP E 162 -12.25 -17.22 -1.06
N VAL E 163 -13.32 -17.62 -1.75
CA VAL E 163 -13.73 -16.99 -3.00
C VAL E 163 -14.95 -16.12 -2.76
N THR E 164 -15.03 -15.02 -3.50
CA THR E 164 -16.09 -14.03 -3.38
C THR E 164 -17.02 -14.13 -4.58
N TYR E 165 -18.33 -14.11 -4.32
CA TYR E 165 -19.31 -14.12 -5.41
C TYR E 165 -20.40 -13.11 -5.10
N ALA E 166 -20.83 -12.37 -6.11
CA ALA E 166 -21.77 -11.27 -5.93
C ALA E 166 -22.46 -10.99 -7.26
N ARG E 167 -23.07 -9.82 -7.37
CA ARG E 167 -23.58 -9.33 -8.64
C ARG E 167 -22.75 -8.19 -9.23
N ASP E 168 -21.89 -7.56 -8.43
CA ASP E 168 -21.13 -6.41 -8.91
C ASP E 168 -20.16 -6.76 -10.03
N GLN E 169 -19.92 -8.04 -10.30
CA GLN E 169 -19.03 -8.45 -11.39
C GLN E 169 -19.75 -8.20 -12.71
N VAL E 170 -19.74 -6.93 -13.12
CA VAL E 170 -20.54 -6.45 -14.22
C VAL E 170 -19.75 -6.32 -15.51
N THR E 171 -18.48 -6.73 -15.51
CA THR E 171 -17.68 -6.70 -16.71
C THR E 171 -16.83 -7.96 -16.87
N GLU E 172 -16.79 -8.82 -15.85
CA GLU E 172 -15.99 -10.03 -15.91
C GLU E 172 -16.77 -11.15 -15.25
N PHE E 173 -16.38 -12.38 -15.58
CA PHE E 173 -17.06 -13.56 -15.09
C PHE E 173 -16.50 -14.00 -13.74
N LYS E 174 -17.38 -14.56 -12.91
CA LYS E 174 -16.94 -15.18 -11.67
C LYS E 174 -15.97 -16.32 -11.96
N SER E 175 -14.76 -16.20 -11.45
CA SER E 175 -13.71 -17.19 -11.65
C SER E 175 -13.01 -17.43 -10.33
N PHE E 176 -12.39 -18.59 -10.19
CA PHE E 176 -11.77 -18.94 -8.92
C PHE E 176 -10.49 -19.74 -9.16
N PRO E 177 -9.58 -19.72 -8.19
CA PRO E 177 -8.43 -20.62 -8.24
C PRO E 177 -8.69 -21.89 -7.45
N MET E 178 -7.95 -22.94 -7.84
CA MET E 178 -7.90 -24.18 -7.11
C MET E 178 -6.45 -24.53 -6.82
N THR E 179 -6.18 -24.93 -5.58
CA THR E 179 -4.85 -25.36 -5.17
C THR E 179 -4.81 -26.88 -5.07
N PHE E 180 -3.81 -27.47 -5.70
CA PHE E 180 -3.56 -28.90 -5.64
C PHE E 180 -2.19 -29.12 -5.02
N ALA E 181 -2.13 -30.06 -4.08
CA ALA E 181 -0.88 -30.46 -3.45
C ALA E 181 -0.41 -31.75 -4.08
N LEU E 182 0.88 -31.82 -4.40
CA LEU E 182 1.44 -33.04 -4.94
C LEU E 182 1.32 -34.16 -3.90
N HIS E 183 1.20 -35.39 -4.40
CA HIS E 183 1.16 -36.51 -3.48
C HIS E 183 2.48 -36.64 -2.74
N SER E 184 3.60 -36.49 -3.45
CA SER E 184 4.91 -36.69 -2.85
C SER E 184 5.99 -36.16 -3.79
N THR E 185 7.05 -35.62 -3.20
CA THR E 185 8.24 -35.23 -3.95
C THR E 185 9.17 -36.41 -4.20
N PHE E 186 8.66 -37.62 -4.00
CA PHE E 186 9.47 -38.82 -4.06
C PHE E 186 8.57 -39.93 -4.56
N ASN E 187 9.05 -40.70 -5.55
CA ASN E 187 8.29 -41.77 -6.17
C ASN E 187 7.02 -41.23 -6.86
N GLN E 188 7.23 -40.44 -7.91
CA GLN E 188 6.12 -39.91 -8.71
C GLN E 188 5.57 -41.04 -9.58
N SER E 189 4.77 -41.90 -8.96
CA SER E 189 4.25 -43.10 -9.60
C SER E 189 2.73 -43.03 -9.70
N SER E 190 2.19 -43.68 -10.72
CA SER E 190 0.76 -43.75 -10.93
C SER E 190 0.43 -45.00 -11.72
N SER E 191 -0.84 -45.40 -11.69
CA SER E 191 -1.30 -46.55 -12.45
C SER E 191 -2.74 -46.33 -12.88
N SER E 192 -3.25 -47.24 -13.69
CA SER E 192 -4.59 -47.14 -14.24
C SER E 192 -5.55 -47.94 -13.38
N LEU E 193 -6.66 -47.30 -12.99
CA LEU E 193 -7.71 -48.02 -12.27
C LEU E 193 -8.42 -49.02 -13.16
N ALA E 194 -8.48 -48.76 -14.47
CA ALA E 194 -9.22 -49.59 -15.40
C ALA E 194 -8.48 -50.91 -15.59
N SER E 195 -8.71 -51.82 -14.64
CA SER E 195 -8.06 -53.13 -14.65
C SER E 195 -8.82 -54.08 -13.75
N LEU E 196 -8.54 -55.38 -13.92
CA LEU E 196 -9.14 -56.39 -13.05
C LEU E 196 -8.64 -56.24 -11.62
N LEU E 197 -7.33 -56.03 -11.44
CA LEU E 197 -6.77 -55.68 -10.14
C LEU E 197 -6.77 -54.17 -10.05
N GLY E 198 -7.78 -53.61 -9.39
CA GLY E 198 -7.95 -52.17 -9.30
C GLY E 198 -6.99 -51.56 -8.29
N PHE E 199 -7.29 -50.33 -7.91
CA PHE E 199 -6.45 -49.63 -6.94
C PHE E 199 -6.52 -50.26 -5.55
N SER E 200 -7.46 -51.16 -5.30
CA SER E 200 -7.51 -51.88 -4.04
C SER E 200 -6.32 -52.84 -3.92
N PHE E 201 -6.07 -53.31 -2.70
CA PHE E 201 -4.92 -54.14 -2.42
C PHE E 201 -5.34 -55.33 -1.57
N SER E 202 -4.37 -56.13 -1.16
CA SER E 202 -4.59 -57.25 -0.24
C SER E 202 -4.00 -56.88 1.12
N LEU E 203 -4.81 -57.00 2.17
CA LEU E 203 -4.37 -56.64 3.50
C LEU E 203 -3.34 -57.64 4.02
N GLY F 24 31.19 32.89 -12.73
CA GLY F 24 32.51 33.20 -13.22
C GLY F 24 33.55 33.26 -12.13
N VAL F 25 33.42 34.25 -11.25
CA VAL F 25 34.36 34.45 -10.14
C VAL F 25 33.71 34.28 -8.78
N GLY F 26 32.41 33.96 -8.73
CA GLY F 26 31.77 33.74 -7.46
C GLY F 26 32.06 32.35 -6.89
N GLU F 27 31.95 32.25 -5.56
CA GLU F 27 32.30 31.01 -4.89
C GLU F 27 31.41 29.86 -5.33
N ARG F 28 30.11 30.10 -5.44
CA ARG F 28 29.21 29.02 -5.86
C ARG F 28 29.41 28.65 -7.31
N GLU F 29 29.74 29.64 -8.17
CA GLU F 29 30.05 29.31 -9.55
C GLU F 29 31.30 28.45 -9.64
N VAL F 30 32.31 28.78 -8.83
CA VAL F 30 33.52 27.96 -8.78
C VAL F 30 33.18 26.55 -8.32
N GLY F 31 32.36 26.44 -7.27
CA GLY F 31 32.00 25.13 -6.78
C GLY F 31 31.27 24.30 -7.81
N LYS F 32 30.28 24.89 -8.47
CA LYS F 32 29.54 24.16 -9.49
C LYS F 32 30.44 23.79 -10.66
N LEU F 33 31.35 24.68 -11.05
CA LEU F 33 32.25 24.37 -12.15
C LEU F 33 33.14 23.19 -11.81
N THR F 34 33.72 23.21 -10.61
CA THR F 34 34.53 22.08 -10.17
C THR F 34 33.70 20.80 -10.17
N SER F 35 32.49 20.87 -9.62
CA SER F 35 31.64 19.69 -9.53
C SER F 35 31.34 19.13 -10.91
N ILE F 36 30.97 19.98 -11.85
CA ILE F 36 30.56 19.51 -13.16
C ILE F 36 31.76 18.94 -13.91
N ILE F 37 32.92 19.59 -13.80
CA ILE F 37 34.10 19.08 -14.50
C ILE F 37 34.48 17.71 -13.96
N MET F 38 34.59 17.59 -12.65
CA MET F 38 34.98 16.30 -12.09
C MET F 38 33.89 15.25 -12.30
N ASN F 39 32.64 15.68 -12.44
CA ASN F 39 31.56 14.74 -12.72
C ASN F 39 31.66 14.20 -14.14
N LYS F 40 31.81 15.09 -15.12
CA LYS F 40 31.95 14.64 -16.49
C LYS F 40 33.26 13.92 -16.73
N MET F 41 34.23 14.05 -15.83
CA MET F 41 35.51 13.38 -15.99
C MET F 41 35.63 12.09 -15.20
N LEU F 42 34.83 11.89 -14.14
CA LEU F 42 34.96 10.71 -13.29
C LEU F 42 33.70 9.86 -13.19
N PHE F 43 32.61 10.21 -13.86
CA PHE F 43 31.36 9.49 -13.70
C PHE F 43 31.09 8.57 -14.89
N ALA F 44 30.58 7.38 -14.59
CA ALA F 44 30.12 6.44 -15.59
C ALA F 44 28.77 5.90 -15.18
N GLN F 45 27.88 5.77 -16.17
CA GLN F 45 26.61 5.10 -15.98
C GLN F 45 26.83 3.60 -15.80
N GLY F 46 25.78 2.90 -15.37
CA GLY F 46 25.85 1.47 -15.18
C GLY F 46 25.91 0.74 -16.51
N TRP F 47 26.88 1.13 -17.33
CA TRP F 47 27.02 0.66 -18.69
C TRP F 47 27.88 -0.60 -18.77
N GLN F 48 29.09 -0.52 -18.24
CA GLN F 48 30.07 -1.60 -18.34
C GLN F 48 29.75 -2.64 -17.27
N PHE F 49 29.11 -3.73 -17.69
CA PHE F 49 28.80 -4.81 -16.77
C PHE F 49 28.49 -6.07 -17.57
N SER F 50 28.77 -7.21 -16.95
CA SER F 50 28.57 -8.49 -17.62
C SER F 50 28.43 -9.58 -16.57
N VAL F 51 27.34 -10.32 -16.63
CA VAL F 51 27.10 -11.46 -15.76
C VAL F 51 27.28 -12.72 -16.59
N GLU F 52 27.98 -13.72 -16.04
CA GLU F 52 28.17 -14.95 -16.78
C GLU F 52 28.38 -16.11 -15.83
N VAL F 53 28.10 -17.31 -16.35
CA VAL F 53 28.16 -18.54 -15.58
C VAL F 53 28.86 -19.60 -16.42
N ASP F 54 29.74 -20.37 -15.80
CA ASP F 54 30.38 -21.47 -16.48
C ASP F 54 29.34 -22.49 -16.94
N GLY F 55 29.47 -22.94 -18.18
CA GLY F 55 28.57 -23.93 -18.72
C GLY F 55 27.29 -23.38 -19.31
N LEU F 56 27.06 -22.08 -19.26
CA LEU F 56 25.86 -21.45 -19.80
C LEU F 56 26.24 -20.58 -20.98
N GLU F 57 25.64 -20.85 -22.13
CA GLU F 57 25.89 -20.11 -23.37
C GLU F 57 24.74 -19.15 -23.62
N GLY F 58 25.07 -17.88 -23.84
CA GLY F 58 24.07 -16.86 -24.03
C GLY F 58 23.42 -16.38 -22.75
N ALA F 59 23.80 -16.95 -21.60
CA ALA F 59 23.22 -16.54 -20.33
C ALA F 59 23.43 -15.06 -20.07
N ASP F 60 24.57 -14.52 -20.48
CA ASP F 60 24.81 -13.09 -20.38
C ASP F 60 23.72 -12.31 -21.09
N PHE F 61 23.17 -12.89 -22.16
CA PHE F 61 22.07 -12.27 -22.88
C PHE F 61 20.73 -12.50 -22.17
N PHE F 62 20.40 -13.76 -21.88
CA PHE F 62 19.07 -14.07 -21.37
C PHE F 62 18.82 -13.48 -19.99
N ALA F 63 19.85 -13.39 -19.15
CA ALA F 63 19.69 -12.74 -17.85
C ALA F 63 19.34 -11.29 -18.06
N LYS F 64 18.39 -10.79 -17.27
CA LYS F 64 17.99 -9.40 -17.36
C LYS F 64 18.28 -8.60 -16.10
N ASP F 65 18.28 -9.25 -14.93
CA ASP F 65 18.51 -8.55 -13.68
C ASP F 65 19.37 -9.39 -12.75
N ILE F 66 20.09 -8.71 -11.86
CA ILE F 66 20.90 -9.38 -10.84
C ILE F 66 20.71 -8.66 -9.51
N THR F 67 20.68 -9.44 -8.43
CA THR F 67 20.66 -8.92 -7.08
C THR F 67 21.63 -9.76 -6.26
N TYR F 68 22.68 -9.12 -5.77
CA TYR F 68 23.78 -9.81 -5.12
C TYR F 68 23.92 -9.38 -3.67
N HIS F 69 24.25 -10.35 -2.81
CA HIS F 69 24.68 -10.05 -1.46
C HIS F 69 25.71 -11.09 -1.05
N ASP F 70 26.94 -10.65 -0.80
CA ASP F 70 27.96 -11.61 -0.39
C ASP F 70 27.63 -12.16 0.99
N TYR F 71 27.63 -11.31 2.00
CA TYR F 71 27.33 -11.71 3.36
C TYR F 71 27.17 -10.46 4.22
N SER F 72 26.36 -10.60 5.25
CA SER F 72 26.25 -9.58 6.29
C SER F 72 27.02 -10.04 7.51
N ILE F 73 27.43 -9.09 8.34
CA ILE F 73 28.17 -9.37 9.56
C ILE F 73 27.34 -8.89 10.74
N GLU F 74 27.14 -9.78 11.71
CA GLU F 74 26.27 -9.51 12.85
C GLU F 74 27.06 -8.99 14.04
N TYR F 75 26.45 -8.07 14.77
CA TYR F 75 26.99 -7.51 16.00
C TYR F 75 26.17 -7.97 17.19
N GLU F 76 26.77 -7.85 18.38
CA GLU F 76 26.06 -8.06 19.63
C GLU F 76 26.10 -6.75 20.41
N THR F 77 25.08 -6.51 21.21
CA THR F 77 25.13 -5.41 22.15
C THR F 77 25.63 -5.91 23.49
N ILE F 78 26.39 -5.08 24.17
CA ILE F 78 26.80 -5.35 25.55
C ILE F 78 26.45 -4.12 26.39
N LYS F 79 25.77 -4.35 27.50
CA LYS F 79 25.41 -3.26 28.38
C LYS F 79 26.60 -2.86 29.23
N ILE F 80 26.97 -1.58 29.17
CA ILE F 80 28.04 -1.05 29.98
C ILE F 80 27.66 0.34 30.47
N GLY F 81 27.29 0.43 31.75
CA GLY F 81 26.92 1.72 32.31
C GLY F 81 25.76 2.33 31.55
N GLY F 82 25.96 3.55 31.07
CA GLY F 82 24.99 4.22 30.24
C GLY F 82 25.16 3.98 28.75
N GLY F 83 26.05 3.08 28.36
CA GLY F 83 26.32 2.84 26.96
C GLY F 83 26.27 1.36 26.62
N ASN F 84 25.94 1.09 25.36
CA ASN F 84 26.05 -0.25 24.81
C ASN F 84 27.13 -0.26 23.73
N ILE F 85 27.92 -1.33 23.72
CA ILE F 85 29.00 -1.49 22.75
C ILE F 85 28.68 -2.67 21.86
N LEU F 86 28.67 -2.43 20.55
CA LEU F 86 28.37 -3.48 19.58
C LEU F 86 29.66 -3.86 18.86
N GLN F 87 29.89 -5.16 18.72
CA GLN F 87 31.12 -5.65 18.13
C GLN F 87 30.77 -6.64 17.03
N PRO F 88 31.46 -6.60 15.88
CA PRO F 88 31.11 -7.52 14.78
C PRO F 88 31.62 -8.91 15.07
N THR F 89 30.72 -9.89 14.96
CA THR F 89 31.14 -11.28 15.12
C THR F 89 31.51 -11.92 13.79
N GLU F 90 30.52 -12.10 12.92
CA GLU F 90 30.50 -13.24 12.03
C GLU F 90 29.75 -12.91 10.76
N ARG F 91 30.24 -13.43 9.64
CA ARG F 91 29.71 -13.14 8.31
C ARG F 91 28.48 -14.01 8.07
N SER F 92 27.31 -13.43 8.28
CA SER F 92 26.08 -14.10 7.89
C SER F 92 25.97 -14.07 6.38
N PRO F 93 25.87 -15.21 5.72
CA PRO F 93 26.04 -15.24 4.26
C PRO F 93 24.82 -14.69 3.53
N GLY F 94 25.06 -14.35 2.27
CA GLY F 94 24.00 -13.86 1.42
C GLY F 94 23.60 -14.83 0.32
N GLN F 95 23.38 -14.30 -0.86
CA GLN F 95 22.84 -15.08 -1.97
C GLN F 95 22.85 -14.23 -3.23
N ILE F 96 22.62 -14.88 -4.37
CA ILE F 96 22.47 -14.23 -5.66
C ILE F 96 21.10 -14.58 -6.23
N THR F 97 20.46 -13.61 -6.86
CA THR F 97 19.19 -13.85 -7.52
C THR F 97 19.21 -13.19 -8.89
N MET F 98 18.93 -13.98 -9.92
CA MET F 98 19.07 -13.55 -11.31
C MET F 98 17.71 -13.65 -11.99
N MET F 99 17.26 -12.54 -12.54
CA MET F 99 16.00 -12.49 -13.28
C MET F 99 16.31 -12.68 -14.75
N VAL F 100 15.66 -13.68 -15.37
CA VAL F 100 16.03 -14.16 -16.69
C VAL F 100 14.79 -14.51 -17.49
N ARG F 101 14.84 -14.25 -18.79
CA ARG F 101 13.89 -14.82 -19.74
C ARG F 101 14.56 -15.94 -20.52
N ASP F 102 13.77 -16.94 -20.89
CA ASP F 102 14.27 -18.13 -21.55
C ASP F 102 14.12 -18.01 -23.07
N THR F 103 14.45 -19.10 -23.75
CA THR F 103 14.47 -19.19 -25.20
C THR F 103 13.28 -20.01 -25.68
N VAL F 104 13.29 -20.33 -26.98
CA VAL F 104 12.23 -21.12 -27.57
C VAL F 104 12.14 -22.48 -26.89
N ASP F 105 13.29 -23.10 -26.64
CA ASP F 105 13.36 -24.47 -26.14
C ASP F 105 13.30 -24.57 -24.62
N GLY F 106 13.27 -23.45 -23.90
CA GLY F 106 13.33 -23.53 -22.46
C GLY F 106 14.67 -24.03 -21.96
N LEU F 107 15.76 -23.60 -22.61
CA LEU F 107 17.07 -24.08 -22.22
C LEU F 107 17.44 -23.68 -20.80
N VAL F 108 16.92 -22.54 -20.32
CA VAL F 108 17.21 -22.14 -18.96
C VAL F 108 16.56 -23.09 -17.97
N LEU F 109 15.30 -23.46 -18.21
CA LEU F 109 14.66 -24.45 -17.36
C LEU F 109 15.38 -25.79 -17.45
N ASP F 110 15.85 -26.13 -18.64
CA ASP F 110 16.60 -27.37 -18.81
C ASP F 110 17.85 -27.36 -17.94
N TRP F 111 18.59 -26.26 -17.99
CA TRP F 111 19.80 -26.11 -17.20
C TRP F 111 19.50 -26.16 -15.71
N PHE F 112 18.41 -25.53 -15.29
CA PHE F 112 18.02 -25.56 -13.89
C PHE F 112 17.67 -26.98 -13.45
N LYS F 113 16.93 -27.70 -14.28
CA LYS F 113 16.60 -29.09 -14.01
C LYS F 113 17.87 -29.89 -13.79
N THR F 114 18.82 -29.75 -14.71
CA THR F 114 20.08 -30.47 -14.58
C THR F 114 20.81 -30.07 -13.33
N ALA F 115 20.83 -28.78 -13.03
CA ALA F 115 21.59 -28.28 -11.89
C ALA F 115 21.04 -28.86 -10.59
N LYS F 116 19.73 -28.72 -10.38
CA LYS F 116 19.14 -29.25 -9.15
C LYS F 116 19.26 -30.76 -9.09
N SER F 117 19.21 -31.43 -10.24
CA SER F 117 19.41 -32.88 -10.26
C SER F 117 20.79 -33.24 -9.73
N ARG F 118 21.81 -32.52 -10.20
CA ARG F 118 23.16 -32.77 -9.70
C ARG F 118 23.28 -32.38 -8.23
N VAL F 119 22.55 -31.34 -7.80
CA VAL F 119 22.64 -30.89 -6.42
C VAL F 119 22.11 -31.96 -5.48
N ILE F 120 20.92 -32.48 -5.76
CA ILE F 120 20.26 -33.44 -4.88
C ILE F 120 19.81 -34.64 -5.69
N ASN F 121 20.10 -35.82 -5.18
CA ASN F 121 19.61 -37.03 -5.81
C ASN F 121 18.09 -37.13 -5.66
N PRO F 122 17.35 -37.33 -6.75
CA PRO F 122 15.93 -37.66 -6.61
C PRO F 122 15.70 -38.92 -5.82
N ASP F 123 16.67 -39.85 -5.81
CA ASP F 123 16.59 -40.97 -4.87
C ASP F 123 16.70 -40.51 -3.43
N GLY F 124 17.18 -39.29 -3.21
CA GLY F 124 17.20 -38.69 -1.88
C GLY F 124 18.57 -38.60 -1.24
N THR F 125 19.58 -39.29 -1.79
CA THR F 125 20.86 -39.26 -1.13
C THR F 125 21.57 -37.93 -1.39
N GLY F 126 22.59 -37.66 -0.58
CA GLY F 126 23.35 -36.44 -0.70
C GLY F 126 24.51 -36.54 -1.67
N ASN F 127 24.51 -35.69 -2.68
CA ASN F 127 25.57 -35.67 -3.69
C ASN F 127 26.81 -34.98 -3.13
N ILE F 128 27.95 -35.26 -3.75
CA ILE F 128 29.20 -34.62 -3.31
C ILE F 128 29.14 -33.13 -3.62
N PRO F 129 29.35 -32.25 -2.65
CA PRO F 129 29.25 -30.80 -2.86
C PRO F 129 30.42 -30.24 -3.65
N SER F 130 30.80 -30.94 -4.72
CA SER F 130 31.82 -30.47 -5.64
C SER F 130 31.42 -30.60 -7.09
N GLN F 131 30.53 -31.53 -7.43
CA GLN F 131 30.14 -31.74 -8.81
C GLN F 131 29.07 -30.77 -9.26
N TYR F 132 28.24 -30.28 -8.34
CA TYR F 132 27.11 -29.43 -8.67
C TYR F 132 27.34 -27.98 -8.30
N LEU F 133 28.59 -27.55 -8.18
CA LEU F 133 28.90 -26.18 -7.80
C LEU F 133 29.34 -25.40 -9.03
N LEU F 134 28.74 -24.23 -9.21
CA LEU F 134 28.97 -23.41 -10.40
C LEU F 134 29.65 -22.10 -10.02
N ASN F 135 30.53 -21.65 -10.90
CA ASN F 135 31.32 -20.44 -10.68
C ASN F 135 30.67 -19.30 -11.44
N VAL F 136 29.90 -18.48 -10.73
CA VAL F 136 29.26 -17.31 -11.31
C VAL F 136 30.22 -16.14 -11.19
N ARG F 137 30.26 -15.29 -12.22
CA ARG F 137 31.18 -14.17 -12.21
C ARG F 137 30.59 -12.98 -12.95
N ILE F 138 30.75 -11.81 -12.35
CA ILE F 138 30.37 -10.54 -12.96
C ILE F 138 31.63 -9.75 -13.18
N TYR F 139 31.81 -9.30 -14.42
CA TYR F 139 32.95 -8.50 -14.83
C TYR F 139 32.47 -7.12 -15.24
N ARG F 140 33.39 -6.15 -15.21
CA ARG F 140 33.10 -4.84 -15.74
C ARG F 140 33.66 -4.73 -17.15
N LEU F 141 32.84 -4.23 -18.06
CA LEU F 141 33.28 -4.04 -19.43
C LEU F 141 34.26 -2.86 -19.50
N LEU F 142 34.79 -2.64 -20.69
CA LEU F 142 35.67 -1.51 -20.95
C LEU F 142 35.19 -0.79 -22.20
N SER F 143 35.85 0.33 -22.50
CA SER F 143 35.51 1.07 -23.72
C SER F 143 35.81 0.26 -24.97
N SER F 144 36.77 -0.67 -24.89
CA SER F 144 37.15 -1.50 -26.02
C SER F 144 36.46 -2.85 -26.01
N GLY F 145 35.50 -3.05 -25.12
CA GLY F 145 34.78 -4.31 -25.02
C GLY F 145 35.44 -5.33 -24.11
N LEU F 146 36.62 -5.05 -23.58
CA LEU F 146 37.27 -5.99 -22.68
C LEU F 146 36.57 -6.00 -21.33
N THR F 147 36.76 -7.10 -20.61
CA THR F 147 36.11 -7.32 -19.33
C THR F 147 37.17 -7.50 -18.25
N LYS F 148 36.84 -7.06 -17.04
CA LYS F 148 37.71 -7.25 -15.90
C LYS F 148 36.91 -7.77 -14.72
N LEU F 149 37.52 -8.66 -13.95
CA LEU F 149 36.85 -9.30 -12.83
C LEU F 149 36.26 -8.28 -11.88
N GLU F 150 35.03 -8.52 -11.46
CA GLU F 150 34.45 -7.71 -10.42
C GLU F 150 33.98 -8.52 -9.23
N ASN F 151 33.39 -9.69 -9.48
CA ASN F 151 32.97 -10.56 -8.38
C ASN F 151 32.79 -11.98 -8.89
N GLU F 152 33.42 -12.93 -8.21
CA GLU F 152 33.31 -14.35 -8.55
C GLU F 152 32.88 -15.14 -7.32
N MET F 153 31.72 -15.78 -7.41
CA MET F 153 31.17 -16.60 -6.34
C MET F 153 31.03 -18.04 -6.81
N THR F 154 31.16 -18.96 -5.85
CA THR F 154 30.90 -20.37 -6.07
C THR F 154 29.56 -20.68 -5.41
N VAL F 155 28.54 -20.96 -6.23
CA VAL F 155 27.17 -21.07 -5.76
C VAL F 155 26.56 -22.36 -6.27
N PHE F 156 25.37 -22.66 -5.74
CA PHE F 156 24.55 -23.77 -6.16
C PHE F 156 23.09 -23.34 -6.14
N PRO F 157 22.27 -23.91 -7.01
CA PRO F 157 20.85 -23.53 -7.03
C PRO F 157 20.12 -23.98 -5.78
N VAL F 158 19.08 -23.24 -5.43
CA VAL F 158 18.23 -23.62 -4.31
C VAL F 158 16.77 -23.63 -4.74
N THR F 159 16.29 -22.54 -5.31
CA THR F 159 14.88 -22.43 -5.70
C THR F 159 14.71 -21.25 -6.65
N THR F 160 13.80 -21.41 -7.61
CA THR F 160 13.43 -20.33 -8.51
C THR F 160 12.26 -19.51 -8.00
N GLY F 161 11.63 -19.91 -6.92
CA GLY F 161 10.50 -19.20 -6.36
C GLY F 161 9.18 -19.59 -7.00
N ASP F 162 8.10 -19.11 -6.38
CA ASP F 162 6.75 -19.35 -6.87
C ASP F 162 6.50 -18.45 -8.08
N VAL F 163 6.53 -19.04 -9.27
CA VAL F 163 6.39 -18.29 -10.52
C VAL F 163 5.01 -18.50 -11.10
N THR F 164 4.49 -17.47 -11.76
CA THR F 164 3.16 -17.46 -12.34
C THR F 164 3.26 -17.54 -13.85
N TYR F 165 2.44 -18.39 -14.47
CA TYR F 165 2.40 -18.49 -15.91
C TYR F 165 0.96 -18.57 -16.38
N ALA F 166 0.64 -17.86 -17.45
CA ALA F 166 -0.74 -17.74 -17.92
C ALA F 166 -0.71 -17.36 -19.40
N ARG F 167 -1.84 -16.85 -19.88
CA ARG F 167 -1.90 -16.26 -21.21
C ARG F 167 -2.04 -14.73 -21.18
N ASP F 168 -2.38 -14.15 -20.03
CA ASP F 168 -2.62 -12.71 -19.95
C ASP F 168 -1.37 -11.89 -20.22
N GLN F 169 -0.19 -12.51 -20.25
CA GLN F 169 1.05 -11.81 -20.56
C GLN F 169 1.06 -11.46 -22.04
N VAL F 170 0.31 -10.41 -22.37
CA VAL F 170 0.02 -10.05 -23.74
C VAL F 170 0.92 -8.93 -24.25
N THR F 171 1.87 -8.47 -23.45
CA THR F 171 2.84 -7.51 -23.93
C THR F 171 4.26 -7.77 -23.43
N GLU F 172 4.49 -8.83 -22.67
CA GLU F 172 5.81 -9.13 -22.17
C GLU F 172 5.97 -10.65 -22.11
N PHE F 173 7.21 -11.10 -22.02
CA PHE F 173 7.49 -12.52 -22.03
C PHE F 173 7.50 -13.11 -20.63
N LYS F 174 7.04 -14.35 -20.53
CA LYS F 174 7.16 -15.10 -19.28
C LYS F 174 8.63 -15.20 -18.91
N SER F 175 8.97 -14.63 -17.76
CA SER F 175 10.34 -14.61 -17.27
C SER F 175 10.31 -14.95 -15.79
N PHE F 176 11.43 -15.44 -15.28
CA PHE F 176 11.45 -15.87 -13.88
C PHE F 176 12.80 -15.58 -13.26
N PRO F 177 12.84 -15.46 -11.94
CA PRO F 177 14.12 -15.39 -11.23
C PRO F 177 14.58 -16.77 -10.77
N MET F 178 15.88 -16.89 -10.60
CA MET F 178 16.50 -18.04 -9.97
C MET F 178 17.39 -17.57 -8.83
N THR F 179 17.29 -18.23 -7.70
CA THR F 179 18.12 -17.95 -6.53
C THR F 179 19.20 -19.00 -6.41
N PHE F 180 20.44 -18.55 -6.27
CA PHE F 180 21.58 -19.42 -6.03
C PHE F 180 22.20 -19.05 -4.69
N ALA F 181 22.50 -20.07 -3.89
CA ALA F 181 23.17 -19.90 -2.62
C ALA F 181 24.63 -20.25 -2.80
N LEU F 182 25.51 -19.41 -2.25
CA LEU F 182 26.93 -19.68 -2.29
C LEU F 182 27.23 -20.97 -1.53
N HIS F 183 28.27 -21.67 -1.98
CA HIS F 183 28.68 -22.86 -1.25
C HIS F 183 29.14 -22.51 0.16
N SER F 184 29.93 -21.45 0.29
CA SER F 184 30.51 -21.10 1.57
C SER F 184 31.10 -19.70 1.49
N THR F 185 31.02 -18.96 2.59
CA THR F 185 31.70 -17.68 2.73
C THR F 185 33.15 -17.85 3.14
N PHE F 186 33.67 -19.06 3.01
CA PHE F 186 35.00 -19.38 3.49
C PHE F 186 35.55 -20.45 2.56
N ASN F 187 36.79 -20.27 2.11
CA ASN F 187 37.44 -21.17 1.17
C ASN F 187 36.67 -21.23 -0.17
N GLN F 188 36.67 -20.11 -0.87
CA GLN F 188 36.06 -20.03 -2.20
C GLN F 188 36.96 -20.74 -3.20
N SER F 189 36.90 -22.07 -3.19
CA SER F 189 37.77 -22.91 -4.00
C SER F 189 36.96 -23.70 -5.01
N SER F 190 37.59 -24.00 -6.14
CA SER F 190 36.97 -24.79 -7.19
C SER F 190 38.07 -25.50 -7.99
N SER F 191 37.66 -26.52 -8.75
CA SER F 191 38.58 -27.24 -9.61
C SER F 191 37.85 -27.73 -10.84
N SER F 192 38.61 -28.29 -11.78
CA SER F 192 38.05 -28.76 -13.04
C SER F 192 37.75 -30.25 -12.94
N LEU F 193 36.53 -30.62 -13.34
CA LEU F 193 36.18 -32.04 -13.41
C LEU F 193 36.93 -32.74 -14.53
N ALA F 194 37.28 -32.01 -15.59
CA ALA F 194 37.89 -32.61 -16.77
C ALA F 194 39.32 -33.01 -16.43
N SER F 195 39.45 -34.18 -15.80
CA SER F 195 40.76 -34.69 -15.39
C SER F 195 40.65 -36.19 -15.13
N LEU F 196 41.81 -36.85 -15.07
CA LEU F 196 41.84 -38.26 -14.74
C LEU F 196 41.39 -38.50 -13.31
N LEU F 197 41.85 -37.69 -12.37
CA LEU F 197 41.32 -37.69 -11.01
C LEU F 197 40.18 -36.69 -10.95
N GLY F 198 38.95 -37.19 -11.08
CA GLY F 198 37.78 -36.33 -11.14
C GLY F 198 37.40 -35.80 -9.77
N PHE F 199 36.17 -35.29 -9.68
CA PHE F 199 35.69 -34.76 -8.41
C PHE F 199 35.49 -35.84 -7.35
N SER F 200 35.55 -37.11 -7.73
CA SER F 200 35.50 -38.19 -6.76
C SER F 200 36.77 -38.21 -5.91
N PHE F 201 36.71 -38.93 -4.79
CA PHE F 201 37.81 -38.95 -3.83
C PHE F 201 38.06 -40.39 -3.41
N SER F 202 38.97 -40.56 -2.45
CA SER F 202 39.27 -41.85 -1.84
C SER F 202 38.72 -41.87 -0.42
N LEU F 203 37.93 -42.87 -0.11
CA LEU F 203 37.30 -42.96 1.21
C LEU F 203 38.34 -43.29 2.28
N MET G 1 53.77 -1.25 45.33
CA MET G 1 52.43 -0.99 45.80
C MET G 1 51.59 -2.27 45.72
N ALA G 2 50.53 -2.23 44.94
CA ALA G 2 49.68 -3.41 44.81
C ALA G 2 50.32 -4.43 43.86
N PRO G 3 49.95 -5.70 44.00
CA PRO G 3 50.45 -6.72 43.06
C PRO G 3 49.79 -6.61 41.68
N ILE G 4 50.06 -7.58 40.82
CA ILE G 4 49.56 -7.54 39.45
C ILE G 4 48.04 -7.57 39.43
N ALA G 5 47.48 -6.84 38.47
CA ALA G 5 46.04 -6.75 38.27
C ALA G 5 45.72 -7.04 36.82
N TYR G 6 44.49 -7.51 36.59
CA TYR G 6 44.02 -7.91 35.27
C TYR G 6 42.62 -7.37 35.05
N GLY G 7 42.20 -7.36 33.80
CA GLY G 7 40.93 -6.80 33.42
C GLY G 7 41.04 -5.33 33.07
N VAL G 8 39.97 -4.57 33.25
CA VAL G 8 40.01 -3.12 33.00
C VAL G 8 40.47 -2.50 34.30
N TYR G 9 41.78 -2.56 34.52
CA TYR G 9 42.38 -2.11 35.77
C TYR G 9 42.76 -0.64 35.72
N SER G 10 43.25 -0.20 34.57
CA SER G 10 43.68 1.18 34.41
C SER G 10 42.49 2.04 34.00
N GLN G 11 42.65 3.35 34.22
CA GLN G 11 41.62 4.31 33.83
C GLN G 11 41.58 4.53 32.32
N ALA G 12 42.55 4.00 31.58
CA ALA G 12 42.61 4.23 30.14
C ALA G 12 41.37 3.74 29.43
N ASP G 13 40.61 2.82 30.04
CA ASP G 13 39.34 2.40 29.47
C ASP G 13 38.35 3.55 29.39
N GLY G 14 38.54 4.60 30.19
CA GLY G 14 37.65 5.74 30.16
C GLY G 14 36.24 5.42 30.59
N VAL G 15 36.08 4.52 31.56
CA VAL G 15 34.77 4.09 32.02
C VAL G 15 34.61 4.53 33.47
N SER G 16 33.35 4.66 33.89
CA SER G 16 33.07 5.11 35.25
C SER G 16 33.68 4.14 36.26
N PRO G 17 34.49 4.63 37.20
CA PRO G 17 35.08 3.72 38.18
C PRO G 17 34.05 3.05 39.07
N TYR G 18 32.90 3.68 39.29
CA TYR G 18 31.93 3.12 40.22
C TYR G 18 31.42 1.77 39.73
N LEU G 19 31.15 1.65 38.43
CA LEU G 19 30.55 0.46 37.86
C LEU G 19 31.51 -0.71 37.73
N LYS G 20 32.69 -0.61 38.34
CA LYS G 20 33.73 -1.63 38.21
C LYS G 20 33.66 -2.58 39.41
N VAL G 21 33.72 -3.87 39.14
CA VAL G 21 33.85 -4.89 40.18
C VAL G 21 35.33 -5.17 40.39
N THR G 22 35.74 -5.30 41.65
CA THR G 22 37.14 -5.50 41.97
C THR G 22 37.29 -6.60 43.01
N LEU G 23 38.23 -7.51 42.77
CA LEU G 23 38.64 -8.50 43.76
C LEU G 23 40.13 -8.36 43.98
N THR G 24 40.57 -8.48 45.22
CA THR G 24 41.95 -8.22 45.58
C THR G 24 42.40 -9.18 46.67
N ASN G 25 43.61 -9.71 46.52
CA ASN G 25 44.23 -10.49 47.57
C ASN G 25 45.68 -10.03 47.69
N SER G 26 46.47 -10.80 48.44
CA SER G 26 47.84 -10.40 48.72
C SER G 26 48.71 -10.35 47.48
N GLN G 27 48.30 -11.01 46.39
CA GLN G 27 49.19 -11.13 45.24
C GLN G 27 48.48 -11.03 43.91
N TYR G 28 47.17 -10.76 43.88
CA TYR G 28 46.45 -10.76 42.62
C TYR G 28 45.25 -9.84 42.71
N GLN G 29 44.96 -9.14 41.62
CA GLN G 29 43.79 -8.27 41.54
C GLN G 29 43.12 -8.46 40.20
N VAL G 30 41.79 -8.52 40.21
CA VAL G 30 41.01 -8.65 38.99
C VAL G 30 39.90 -7.60 39.03
N THR G 31 39.77 -6.85 37.94
CA THR G 31 38.80 -5.77 37.82
C THR G 31 37.91 -6.00 36.61
N GLY G 32 36.60 -5.84 36.81
CA GLY G 32 35.65 -6.06 35.74
C GLY G 32 34.43 -5.18 35.80
N TYR G 33 33.40 -5.52 35.02
CA TYR G 33 32.19 -4.72 34.91
C TYR G 33 31.01 -5.42 35.58
N ILE G 34 30.15 -4.62 36.21
CA ILE G 34 28.97 -5.13 36.91
C ILE G 34 27.91 -5.47 35.86
N SER G 35 27.83 -6.75 35.50
CA SER G 35 26.94 -7.20 34.44
C SER G 35 25.58 -7.61 35.01
N GLN G 36 24.58 -7.63 34.13
CA GLN G 36 23.24 -8.01 34.54
C GLN G 36 23.20 -9.47 35.01
N GLY G 37 22.18 -9.79 35.80
CA GLY G 37 22.01 -11.11 36.33
C GLY G 37 22.61 -11.33 37.69
N ALA G 38 23.18 -10.31 38.30
CA ALA G 38 23.74 -10.45 39.64
C ALA G 38 22.62 -10.65 40.66
N ALA G 39 22.94 -11.43 41.69
CA ALA G 39 21.97 -11.68 42.74
C ALA G 39 22.70 -12.11 44.00
N MET G 40 22.00 -12.02 45.12
CA MET G 40 22.54 -12.40 46.42
C MET G 40 21.39 -12.91 47.27
N ASN G 41 21.74 -13.72 48.27
CA ASN G 41 20.72 -14.30 49.12
C ASN G 41 21.31 -14.61 50.49
N MET G 42 20.52 -14.35 51.52
CA MET G 42 20.84 -14.71 52.89
C MET G 42 19.60 -15.34 53.50
N ALA G 43 19.79 -16.35 54.34
CA ALA G 43 18.66 -17.08 54.89
C ALA G 43 19.08 -17.76 56.19
N GLN G 44 18.20 -18.60 56.71
CA GLN G 44 18.43 -19.23 58.00
C GLN G 44 17.70 -20.56 58.02
N ASN G 45 17.94 -21.31 59.10
CA ASN G 45 17.35 -22.63 59.28
C ASN G 45 16.55 -22.69 60.57
N TRP G 46 15.47 -23.46 60.53
CA TRP G 46 14.44 -23.48 61.57
C TRP G 46 13.67 -24.77 61.42
N GLU G 47 12.81 -25.05 62.40
CA GLU G 47 11.95 -26.24 62.34
C GLU G 47 10.74 -26.10 63.24
N VAL G 83 10.18 -22.55 66.42
CA VAL G 83 11.53 -22.97 66.75
C VAL G 83 12.49 -22.56 65.65
N TRP G 84 13.23 -21.48 65.91
CA TRP G 84 14.23 -20.98 64.98
C TRP G 84 15.61 -21.46 65.43
N GLU G 85 16.28 -22.23 64.57
CA GLU G 85 17.54 -22.86 64.98
C GLU G 85 18.72 -21.92 64.82
N GLY G 86 18.97 -21.46 63.60
CA GLY G 86 20.15 -20.65 63.36
C GLY G 86 20.07 -20.01 61.99
N GLY G 87 21.21 -19.47 61.55
CA GLY G 87 21.31 -18.76 60.28
C GLY G 87 22.26 -19.42 59.29
N THR G 88 22.43 -18.74 58.16
CA THR G 88 23.35 -19.19 57.13
C THR G 88 24.23 -18.05 56.64
N PRO G 89 25.43 -18.36 56.16
CA PRO G 89 26.31 -17.29 55.68
C PRO G 89 25.76 -16.66 54.42
N PRO G 90 26.23 -15.46 54.06
CA PRO G 90 25.76 -14.80 52.84
C PRO G 90 26.18 -15.55 51.59
N THR G 91 25.37 -15.40 50.54
CA THR G 91 25.63 -16.03 49.25
C THR G 91 25.56 -14.98 48.15
N PHE G 92 26.33 -15.20 47.09
CA PHE G 92 26.43 -14.23 46.01
C PHE G 92 26.57 -14.94 44.67
N THR G 93 25.85 -14.43 43.67
CA THR G 93 25.88 -14.97 42.31
C THR G 93 26.17 -13.80 41.37
N LEU G 94 27.42 -13.70 40.94
CA LEU G 94 27.87 -12.52 40.19
C LEU G 94 28.31 -12.91 38.79
N PRO G 95 27.54 -12.59 37.77
CA PRO G 95 28.06 -12.70 36.40
C PRO G 95 28.78 -11.43 35.98
N VAL G 96 29.97 -11.58 35.42
CA VAL G 96 30.79 -10.46 34.99
C VAL G 96 31.16 -10.66 33.53
N THR G 97 31.11 -9.58 32.76
CA THR G 97 31.50 -9.62 31.36
C THR G 97 32.86 -8.93 31.20
N PHE G 98 33.74 -9.57 30.45
CA PHE G 98 35.08 -9.05 30.22
C PHE G 98 35.28 -8.85 28.72
N ILE G 99 35.89 -7.71 28.38
CA ILE G 99 36.11 -7.29 27.00
C ILE G 99 37.60 -7.06 26.80
N ALA G 100 38.15 -7.65 25.75
CA ALA G 100 39.55 -7.45 25.37
C ALA G 100 39.61 -6.26 24.42
N LEU G 101 39.44 -5.07 24.99
CA LEU G 101 39.39 -3.86 24.17
C LEU G 101 40.71 -3.62 23.46
N ASN G 102 41.81 -3.60 24.21
CA ASN G 102 43.12 -3.33 23.61
C ASN G 102 44.10 -4.45 23.83
N ASN G 103 44.30 -4.91 25.07
CA ASN G 103 45.29 -5.94 25.39
C ASN G 103 44.61 -7.19 25.92
N PRO G 104 44.32 -8.15 25.05
CA PRO G 104 43.68 -9.38 25.52
C PRO G 104 44.51 -10.15 26.52
N PHE G 105 45.83 -10.15 26.37
CA PHE G 105 46.65 -10.98 27.25
C PHE G 105 46.46 -10.60 28.71
N ILE G 106 46.36 -9.30 28.98
CA ILE G 106 46.16 -8.84 30.35
C ILE G 106 44.70 -8.76 30.72
N GLU G 107 43.80 -8.60 29.76
CA GLU G 107 42.40 -8.36 30.08
C GLU G 107 41.54 -9.61 30.12
N VAL G 108 41.91 -10.68 29.41
CA VAL G 108 41.07 -11.87 29.34
C VAL G 108 41.85 -13.08 29.82
N SER G 109 42.97 -13.37 29.14
CA SER G 109 43.74 -14.56 29.47
C SER G 109 44.31 -14.47 30.89
N GLY G 110 44.99 -13.38 31.20
CA GLY G 110 45.51 -13.21 32.54
C GLY G 110 44.40 -13.16 33.58
N ALA G 111 43.28 -12.54 33.22
CA ALA G 111 42.16 -12.44 34.15
C ALA G 111 41.63 -13.83 34.50
N ILE G 112 41.34 -14.64 33.48
CA ILE G 112 40.80 -15.97 33.74
C ILE G 112 41.83 -16.83 34.46
N ALA G 113 43.12 -16.64 34.15
CA ALA G 113 44.16 -17.39 34.85
C ALA G 113 44.17 -17.04 36.33
N ALA G 114 44.10 -15.75 36.66
CA ALA G 114 44.06 -15.35 38.07
C ALA G 114 42.80 -15.89 38.74
N LEU G 115 41.67 -15.86 38.03
CA LEU G 115 40.43 -16.34 38.61
C LEU G 115 40.51 -17.82 38.94
N THR G 116 41.02 -18.62 38.01
CA THR G 116 41.12 -20.05 38.26
C THR G 116 42.17 -20.34 39.33
N ALA G 117 43.22 -19.52 39.40
CA ALA G 117 44.19 -19.68 40.49
C ALA G 117 43.52 -19.44 41.83
N MET G 118 42.68 -18.41 41.91
CA MET G 118 42.05 -18.08 43.18
C MET G 118 41.05 -19.15 43.59
N ILE G 119 40.21 -19.58 42.66
CA ILE G 119 39.21 -20.58 43.02
C ILE G 119 39.87 -21.92 43.30
N SER G 120 40.94 -22.25 42.59
CA SER G 120 41.58 -23.55 42.77
C SER G 120 42.29 -23.60 44.11
N PRO G 121 41.96 -24.55 44.97
CA PRO G 121 42.61 -24.62 46.27
C PRO G 121 44.08 -25.02 46.14
N GLU G 122 44.98 -24.14 46.53
CA GLU G 122 46.41 -24.44 46.52
C GLU G 122 46.78 -25.04 47.86
N LEU G 123 46.67 -26.36 47.96
CA LEU G 123 46.95 -27.09 49.20
C LEU G 123 48.16 -28.00 49.09
N LYS G 124 49.02 -27.79 48.09
CA LYS G 124 50.23 -28.57 47.94
C LYS G 124 51.39 -27.67 47.51
N ALA G 125 51.44 -26.45 48.05
CA ALA G 125 52.51 -25.52 47.70
C ALA G 125 53.69 -25.62 48.66
N ALA G 126 54.16 -26.85 48.88
CA ALA G 126 55.38 -27.13 49.64
C ALA G 126 55.43 -26.38 50.97
N ASN G 127 54.28 -26.04 51.52
CA ASN G 127 54.17 -25.27 52.76
C ASN G 127 53.06 -25.84 53.64
N VAL G 128 53.10 -27.15 53.86
CA VAL G 128 52.08 -27.91 54.57
C VAL G 128 51.72 -27.26 55.90
N GLY G 129 52.61 -26.44 56.42
CA GLY G 129 52.32 -25.67 57.61
C GLY G 129 51.54 -24.40 57.30
N GLY G 130 50.35 -24.54 56.73
CA GLY G 130 49.52 -23.37 56.49
C GLY G 130 48.81 -23.30 55.16
N GLN G 131 48.90 -24.36 54.35
CA GLN G 131 48.25 -24.36 53.05
C GLN G 131 46.75 -24.11 53.19
N ILE G 132 46.22 -23.25 52.33
CA ILE G 132 44.79 -22.92 52.34
C ILE G 132 44.30 -22.82 50.91
N PRO G 133 42.99 -23.03 50.71
CA PRO G 133 42.39 -22.75 49.39
C PRO G 133 42.36 -21.27 49.05
N GLU G 134 42.63 -20.38 50.01
CA GLU G 134 42.80 -18.95 49.81
C GLU G 134 41.45 -18.28 49.62
N ARG G 135 41.29 -17.10 50.23
CA ARG G 135 40.10 -16.28 50.05
C ARG G 135 40.51 -14.88 49.59
N VAL G 136 39.61 -14.24 48.85
CA VAL G 136 39.89 -12.94 48.26
C VAL G 136 38.84 -11.95 48.79
N THR G 137 39.19 -10.66 48.73
CA THR G 137 38.36 -9.58 49.21
C THR G 137 37.68 -8.91 48.02
N LEU G 138 36.40 -8.57 48.19
CA LEU G 138 35.59 -8.05 47.10
C LEU G 138 35.21 -6.59 47.35
N ASN G 139 35.39 -5.75 46.34
CA ASN G 139 34.94 -4.37 46.39
C ASN G 139 33.87 -4.16 45.31
N ILE G 140 32.77 -3.53 45.69
CA ILE G 140 31.64 -3.29 44.82
C ILE G 140 31.27 -1.80 44.88
N GLY G 141 31.14 -1.18 43.71
CA GLY G 141 30.73 0.20 43.65
C GLY G 141 31.73 1.09 44.37
N ARG G 142 32.93 0.57 44.58
CA ARG G 142 34.02 1.29 45.25
C ARG G 142 33.69 1.66 46.68
N ARG G 143 32.54 1.21 47.21
CA ARG G 143 32.12 1.59 48.55
C ARG G 143 31.56 0.46 49.39
N ILE G 144 31.16 -0.67 48.80
CA ILE G 144 30.66 -1.81 49.54
C ILE G 144 31.73 -2.89 49.49
N ASN G 145 32.32 -3.20 50.64
CA ASN G 145 33.46 -4.10 50.71
C ASN G 145 33.11 -5.33 51.53
N ILE G 146 33.46 -6.49 50.99
CA ILE G 146 33.38 -7.77 51.68
C ILE G 146 34.80 -8.23 51.92
N THR G 147 35.24 -8.17 53.18
CA THR G 147 36.63 -8.44 53.50
C THR G 147 37.00 -9.88 53.19
N ASP G 148 36.15 -10.83 53.55
CA ASP G 148 36.45 -12.24 53.40
C ASP G 148 35.27 -12.92 52.70
N VAL G 149 35.51 -13.39 51.48
CA VAL G 149 34.51 -14.13 50.71
C VAL G 149 35.25 -15.22 49.95
N ALA G 150 34.58 -16.36 49.78
CA ALA G 150 35.16 -17.52 49.14
C ALA G 150 34.52 -17.72 47.78
N ILE G 151 35.36 -17.84 46.75
CA ILE G 151 34.91 -18.14 45.39
C ILE G 151 34.65 -19.64 45.35
N GLN G 152 33.41 -20.03 45.59
CA GLN G 152 33.11 -21.45 45.61
C GLN G 152 32.86 -22.02 44.22
N ASP G 153 32.35 -21.22 43.28
CA ASP G 153 32.11 -21.77 41.96
C ASP G 153 32.41 -20.75 40.87
N LEU G 154 32.82 -21.26 39.71
CA LEU G 154 33.13 -20.47 38.53
C LEU G 154 32.66 -21.22 37.29
N SER G 155 32.16 -20.47 36.31
CA SER G 155 31.91 -21.06 35.00
C SER G 155 31.86 -19.95 33.96
N PHE G 156 32.00 -20.35 32.70
CA PHE G 156 31.91 -19.43 31.56
C PHE G 156 31.89 -20.26 30.29
N ASP G 157 31.94 -19.56 29.15
CA ASP G 157 32.01 -20.17 27.84
C ASP G 157 33.24 -19.66 27.11
N LEU G 158 33.86 -20.54 26.33
CA LEU G 158 35.05 -20.24 25.55
C LEU G 158 34.77 -20.11 24.05
N ASP G 159 33.50 -20.11 23.66
CA ASP G 159 33.13 -20.12 22.25
C ASP G 159 33.09 -18.72 21.64
N ALA G 160 33.41 -17.69 22.41
CA ALA G 160 33.40 -16.33 21.90
C ALA G 160 34.54 -16.15 20.88
N PRO G 161 34.39 -15.20 19.96
CA PRO G 161 35.42 -15.00 18.93
C PRO G 161 36.71 -14.48 19.52
N ARG G 162 37.78 -14.67 18.77
CA ARG G 162 39.15 -14.46 19.23
C ARG G 162 39.83 -13.39 18.37
N ASP G 163 41.11 -13.19 18.62
CA ASP G 163 41.98 -12.31 17.85
C ASP G 163 42.88 -13.08 16.89
N SER G 164 43.72 -12.32 16.18
CA SER G 164 44.69 -12.92 15.26
C SER G 164 45.63 -13.89 15.98
N ASN G 165 46.14 -13.49 17.15
CA ASN G 165 46.91 -14.42 17.96
C ASN G 165 46.02 -15.55 18.46
N GLY G 166 44.78 -15.23 18.81
CA GLY G 166 43.83 -16.22 19.29
C GLY G 166 43.24 -15.93 20.65
N TYR G 167 43.65 -14.87 21.34
CA TYR G 167 43.08 -14.57 22.64
C TYR G 167 41.63 -14.13 22.50
N PHE G 168 40.84 -14.43 23.53
CA PHE G 168 39.40 -14.15 23.49
C PHE G 168 39.12 -12.66 23.48
N LEU G 169 38.07 -12.29 22.76
CA LEU G 169 37.58 -10.92 22.76
C LEU G 169 36.55 -10.65 23.84
N LYS G 170 35.73 -11.64 24.17
CA LYS G 170 34.62 -11.39 25.08
C LYS G 170 34.39 -12.63 25.91
N ASN G 171 33.97 -12.44 27.15
CA ASN G 171 33.46 -13.58 27.90
C ASN G 171 32.50 -13.09 28.98
N THR G 172 31.67 -14.02 29.44
CA THR G 172 30.75 -13.78 30.55
C THR G 172 30.99 -14.90 31.55
N VAL G 173 31.70 -14.58 32.62
CA VAL G 173 32.06 -15.55 33.64
C VAL G 173 31.11 -15.35 34.81
N ASN G 174 30.39 -16.40 35.16
CA ASN G 174 29.51 -16.35 36.32
C ASN G 174 30.20 -16.99 37.52
N LEU G 175 30.03 -16.35 38.67
CA LEU G 175 30.73 -16.71 39.90
C LEU G 175 29.75 -16.93 41.03
N GLN G 176 30.06 -17.89 41.87
CA GLN G 176 29.30 -18.18 43.08
C GLN G 176 30.21 -18.01 44.29
N LEU G 177 29.77 -17.20 45.23
CA LEU G 177 30.57 -16.67 46.33
C LEU G 177 29.85 -16.93 47.66
N THR G 178 30.62 -17.20 48.70
CA THR G 178 30.07 -17.44 50.03
C THR G 178 30.78 -16.61 51.08
N GLY G 179 30.03 -16.15 52.07
CA GLY G 179 30.64 -15.47 53.19
C GLY G 179 31.42 -16.43 54.07
N SER G 180 32.39 -15.87 54.81
CA SER G 180 33.25 -16.72 55.62
C SER G 180 32.55 -17.19 56.90
N SER G 181 31.37 -16.67 57.20
CA SER G 181 30.66 -17.02 58.41
C SER G 181 29.26 -16.46 58.31
N ILE G 182 28.42 -16.82 59.28
CA ILE G 182 27.06 -16.29 59.38
C ILE G 182 27.14 -14.95 60.08
N TYR G 183 27.21 -13.88 59.30
CA TYR G 183 27.50 -12.57 59.85
C TYR G 183 26.28 -11.99 60.57
N ASN G 184 26.55 -11.30 61.69
CA ASN G 184 25.46 -10.72 62.47
C ASN G 184 24.99 -9.42 61.84
N SER G 185 23.85 -8.93 62.35
CA SER G 185 23.32 -7.65 61.88
C SER G 185 24.31 -6.52 62.14
N SER G 186 24.89 -6.50 63.36
CA SER G 186 25.90 -5.51 63.66
C SER G 186 27.10 -5.65 62.74
N ASP G 187 27.35 -6.87 62.25
CA ASP G 187 28.45 -7.07 61.33
C ASP G 187 28.13 -6.54 59.95
N ILE G 188 26.87 -6.67 59.52
CA ILE G 188 26.51 -6.43 58.14
C ILE G 188 26.09 -5.00 57.90
N VAL G 189 25.11 -4.51 58.68
CA VAL G 189 24.47 -3.23 58.35
C VAL G 189 25.47 -2.10 58.40
N ARG G 190 26.48 -2.21 59.25
CA ARG G 190 27.44 -1.14 59.48
C ARG G 190 28.66 -1.27 58.57
N ALA G 191 28.55 -2.09 57.54
CA ALA G 191 29.65 -2.31 56.60
C ALA G 191 29.43 -1.61 55.26
N PHE G 192 28.32 -0.93 55.07
CA PHE G 192 28.03 -0.27 53.80
C PHE G 192 28.30 1.23 53.89
N GLN G 193 28.41 1.85 52.71
CA GLN G 193 28.63 3.29 52.61
C GLN G 193 27.50 3.99 51.87
N MET H 1 9.48 10.34 68.97
CA MET H 1 8.39 9.52 68.47
C MET H 1 8.92 8.20 67.92
N ALA H 2 8.68 7.96 66.64
CA ALA H 2 9.14 6.72 66.02
C ALA H 2 10.63 6.79 65.70
N PRO H 3 11.31 5.65 65.60
CA PRO H 3 12.72 5.65 65.19
C PRO H 3 12.89 5.95 63.72
N ILE H 4 14.12 5.82 63.23
CA ILE H 4 14.43 6.16 61.84
C ILE H 4 13.65 5.26 60.87
N ALA H 5 13.24 5.86 59.76
CA ALA H 5 12.51 5.17 58.71
C ALA H 5 13.18 5.43 57.38
N TYR H 6 12.99 4.50 56.46
CA TYR H 6 13.59 4.54 55.14
C TYR H 6 12.55 4.19 54.08
N GLY H 7 12.89 4.51 52.84
CA GLY H 7 11.96 4.32 51.74
C GLY H 7 11.11 5.55 51.51
N VAL H 8 9.92 5.37 50.95
CA VAL H 8 8.99 6.50 50.75
C VAL H 8 8.21 6.62 52.06
N TYR H 9 8.86 7.25 53.03
CA TYR H 9 8.29 7.33 54.38
C TYR H 9 7.46 8.60 54.54
N SER H 10 7.90 9.69 53.95
CA SER H 10 7.20 10.96 54.04
C SER H 10 6.11 11.04 52.98
N GLN H 11 5.15 11.93 53.22
CA GLN H 11 4.08 12.16 52.26
C GLN H 11 4.55 12.96 51.05
N ALA H 12 5.78 13.48 51.08
CA ALA H 12 6.27 14.31 49.98
C ALA H 12 6.28 13.56 48.66
N ASP H 13 6.29 12.23 48.70
CA ASP H 13 6.17 11.46 47.47
C ASP H 13 4.84 11.70 46.76
N GLY H 14 3.84 12.19 47.50
CA GLY H 14 2.55 12.46 46.88
C GLY H 14 1.85 11.24 46.35
N VAL H 15 1.98 10.11 47.04
CA VAL H 15 1.40 8.85 46.60
C VAL H 15 0.37 8.40 47.62
N SER H 16 -0.58 7.59 47.17
CA SER H 16 -1.65 7.14 48.04
C SER H 16 -1.08 6.37 49.24
N PRO H 17 -1.43 6.75 50.47
CA PRO H 17 -0.89 6.04 51.63
C PRO H 17 -1.33 4.59 51.70
N TYR H 18 -2.50 4.26 51.16
CA TYR H 18 -3.02 2.91 51.30
C TYR H 18 -2.09 1.90 50.64
N LEU H 19 -1.57 2.24 49.46
CA LEU H 19 -0.76 1.33 48.66
C LEU H 19 0.65 1.15 49.18
N LYS H 20 0.94 1.64 50.38
CA LYS H 20 2.29 1.58 50.93
C LYS H 20 2.42 0.38 51.85
N VAL H 21 3.52 -0.36 51.69
CA VAL H 21 3.87 -1.44 52.61
C VAL H 21 4.76 -0.86 53.70
N THR H 22 4.52 -1.27 54.94
CA THR H 22 5.28 -0.74 56.07
C THR H 22 5.69 -1.87 57.00
N LEU H 23 6.95 -1.84 57.41
CA LEU H 23 7.46 -2.71 58.45
C LEU H 23 8.06 -1.85 59.56
N THR H 24 7.83 -2.25 60.81
CA THR H 24 8.22 -1.43 61.93
C THR H 24 8.68 -2.30 63.08
N ASN H 25 9.77 -1.90 63.73
CA ASN H 25 10.21 -2.54 64.96
C ASN H 25 10.58 -1.44 65.94
N SER H 26 11.23 -1.83 67.03
CA SER H 26 11.54 -0.89 68.09
C SER H 26 12.51 0.20 67.66
N GLN H 27 13.25 -0.01 66.57
CA GLN H 27 14.32 0.92 66.22
C GLN H 27 14.45 1.17 64.73
N TYR H 28 13.57 0.61 63.90
CA TYR H 28 13.74 0.75 62.45
C TYR H 28 12.39 0.65 61.77
N GLN H 29 12.21 1.44 60.72
CA GLN H 29 10.99 1.39 59.92
C GLN H 29 11.36 1.47 58.45
N VAL H 30 10.70 0.65 57.63
CA VAL H 30 10.91 0.65 56.20
C VAL H 30 9.56 0.71 55.51
N THR H 31 9.42 1.62 54.56
CA THR H 31 8.17 1.85 53.84
C THR H 31 8.39 1.72 52.35
N GLY H 32 7.50 0.99 51.69
CA GLY H 32 7.63 0.76 50.26
C GLY H 32 6.30 0.63 49.54
N TYR H 33 6.35 0.13 48.30
CA TYR H 33 5.17 0.04 47.45
C TYR H 33 4.76 -1.42 47.25
N ILE H 34 3.46 -1.65 47.19
CA ILE H 34 2.90 -2.99 47.02
C ILE H 34 3.04 -3.38 45.55
N SER H 35 4.09 -4.14 45.24
CA SER H 35 4.40 -4.50 43.87
C SER H 35 3.74 -5.82 43.48
N GLN H 36 3.62 -6.03 42.17
CA GLN H 36 3.00 -7.25 41.67
C GLN H 36 3.83 -8.47 42.04
N GLY H 37 3.18 -9.63 42.02
CA GLY H 37 3.82 -10.87 42.36
C GLY H 37 3.69 -11.29 43.81
N ALA H 38 2.99 -10.51 44.63
CA ALA H 38 2.80 -10.86 46.02
C ALA H 38 1.91 -12.10 46.14
N ALA H 39 2.19 -12.91 47.15
CA ALA H 39 1.39 -14.10 47.39
C ALA H 39 1.56 -14.53 48.83
N MET H 40 0.63 -15.35 49.28
CA MET H 40 0.63 -15.86 50.65
C MET H 40 0.02 -17.25 50.64
N ASN H 41 0.36 -18.04 51.65
CA ASN H 41 -0.11 -19.41 51.70
C ASN H 41 -0.19 -19.89 53.14
N MET H 42 -1.25 -20.62 53.43
CA MET H 42 -1.43 -21.30 54.70
C MET H 42 -1.90 -22.72 54.42
N ALA H 43 -1.45 -23.67 55.23
CA ALA H 43 -1.75 -25.07 54.97
C ALA H 43 -1.60 -25.87 56.26
N GLN H 44 -1.69 -27.18 56.14
CA GLN H 44 -1.66 -28.04 57.30
C GLN H 44 -1.10 -29.40 56.89
N ASN H 45 -0.90 -30.25 57.89
CA ASN H 45 -0.33 -31.57 57.70
C ASN H 45 -1.28 -32.65 58.23
N TRP H 46 -1.27 -33.78 57.54
CA TRP H 46 -2.26 -34.84 57.72
C TRP H 46 -1.67 -36.13 57.14
N GLU H 47 -2.34 -37.24 57.39
CA GLU H 47 -1.90 -38.52 56.83
C GLU H 47 -3.04 -39.53 56.78
N VAL H 83 -7.32 -38.80 58.85
CA VAL H 83 -6.43 -38.47 59.96
C VAL H 83 -5.75 -37.13 59.69
N TRP H 84 -6.26 -36.08 60.32
CA TRP H 84 -5.69 -34.75 60.20
C TRP H 84 -4.82 -34.48 61.42
N GLU H 85 -3.53 -34.25 61.19
CA GLU H 85 -2.58 -34.14 62.30
C GLU H 85 -2.57 -32.73 62.89
N GLY H 86 -2.23 -31.73 62.08
CA GLY H 86 -2.08 -30.39 62.60
C GLY H 86 -1.99 -29.39 61.47
N GLY H 87 -1.58 -28.17 61.81
CA GLY H 87 -1.49 -27.08 60.86
C GLY H 87 -0.07 -26.53 60.69
N THR H 88 0.02 -25.46 59.91
CA THR H 88 1.28 -24.79 59.68
C THR H 88 1.13 -23.29 59.82
N PRO H 89 2.20 -22.58 60.19
CA PRO H 89 2.11 -21.13 60.34
C PRO H 89 1.91 -20.46 58.99
N PRO H 90 1.44 -19.22 58.97
CA PRO H 90 1.26 -18.51 57.71
C PRO H 90 2.57 -18.23 57.01
N THR H 91 2.51 -18.15 55.68
CA THR H 91 3.67 -17.87 54.84
C THR H 91 3.34 -16.73 53.89
N PHE H 92 4.35 -15.90 53.62
CA PHE H 92 4.14 -14.72 52.79
C PHE H 92 5.32 -14.53 51.84
N THR H 93 5.02 -14.15 50.60
CA THR H 93 6.03 -13.90 49.58
C THR H 93 5.75 -12.52 48.98
N LEU H 94 6.52 -11.54 49.40
CA LEU H 94 6.26 -10.13 49.05
C LEU H 94 7.39 -9.55 48.24
N PRO H 95 7.21 -9.33 46.95
CA PRO H 95 8.17 -8.52 46.20
C PRO H 95 7.80 -7.03 46.27
N VAL H 96 8.78 -6.20 46.58
CA VAL H 96 8.57 -4.77 46.74
C VAL H 96 9.56 -4.04 45.84
N THR H 97 9.08 -2.99 45.18
CA THR H 97 9.93 -2.16 44.33
C THR H 97 10.22 -0.85 45.04
N PHE H 98 11.48 -0.44 45.01
CA PHE H 98 11.91 0.80 45.65
C PHE H 98 12.52 1.71 44.59
N ILE H 99 12.16 2.99 44.67
CA ILE H 99 12.57 4.02 43.73
C ILE H 99 13.29 5.12 44.49
N ALA H 100 14.47 5.50 44.02
CA ALA H 100 15.23 6.61 44.58
C ALA H 100 14.82 7.88 43.85
N LEU H 101 13.61 8.35 44.18
CA LEU H 101 13.07 9.51 43.47
C LEU H 101 13.90 10.76 43.73
N ASN H 102 14.14 11.08 45.00
CA ASN H 102 14.89 12.29 45.33
C ASN H 102 16.14 11.98 46.14
N ASN H 103 16.03 11.25 47.25
CA ASN H 103 17.16 10.97 48.12
C ASN H 103 17.47 9.48 48.14
N PRO H 104 18.37 9.02 47.29
CA PRO H 104 18.74 7.60 47.31
C PRO H 104 19.31 7.14 48.62
N PHE H 105 20.08 7.99 49.31
CA PHE H 105 20.73 7.58 50.55
C PHE H 105 19.70 7.08 51.56
N ILE H 106 18.57 7.76 51.66
CA ILE H 106 17.54 7.35 52.61
C ILE H 106 16.56 6.37 52.00
N GLU H 107 16.40 6.37 50.67
CA GLU H 107 15.34 5.58 50.06
C GLU H 107 15.77 4.20 49.59
N VAL H 108 17.05 4.00 49.29
CA VAL H 108 17.51 2.72 48.74
C VAL H 108 18.60 2.14 49.61
N SER H 109 19.69 2.87 49.78
CA SER H 109 20.83 2.36 50.55
C SER H 109 20.44 2.12 52.00
N GLY H 110 19.87 3.13 52.65
CA GLY H 110 19.44 2.96 54.03
C GLY H 110 18.36 1.89 54.15
N ALA H 111 17.47 1.82 53.16
CA ALA H 111 16.40 0.84 53.19
C ALA H 111 16.97 -0.57 53.15
N ILE H 112 17.86 -0.86 52.20
CA ILE H 112 18.42 -2.19 52.10
C ILE H 112 19.27 -2.50 53.32
N ALA H 113 19.96 -1.50 53.87
CA ALA H 113 20.74 -1.71 55.08
C ALA H 113 19.84 -2.12 56.24
N ALA H 114 18.73 -1.42 56.43
CA ALA H 114 17.80 -1.79 57.50
C ALA H 114 17.24 -3.17 57.26
N LEU H 115 16.92 -3.49 56.00
CA LEU H 115 16.35 -4.80 55.69
C LEU H 115 17.33 -5.92 56.04
N THR H 116 18.60 -5.77 55.64
CA THR H 116 19.57 -6.80 55.93
C THR H 116 19.88 -6.86 57.42
N ALA H 117 19.81 -5.72 58.11
CA ALA H 117 19.95 -5.75 59.57
C ALA H 117 18.83 -6.56 60.20
N MET H 118 17.61 -6.37 59.72
CA MET H 118 16.48 -7.07 60.32
C MET H 118 16.55 -8.56 60.04
N ILE H 119 16.83 -8.94 58.79
CA ILE H 119 16.87 -10.36 58.48
C ILE H 119 18.07 -11.03 59.13
N SER H 120 19.19 -10.32 59.25
CA SER H 120 20.39 -10.92 59.81
C SER H 120 20.21 -11.14 61.30
N PRO H 121 20.35 -12.36 61.79
CA PRO H 121 20.19 -12.61 63.23
C PRO H 121 21.30 -11.98 64.04
N GLU H 122 20.97 -11.01 64.89
CA GLU H 122 21.96 -10.38 65.77
C GLU H 122 21.99 -11.18 67.06
N LEU H 123 22.85 -12.18 67.11
CA LEU H 123 22.98 -13.07 68.26
C LEU H 123 24.34 -12.95 68.94
N LYS H 124 25.08 -11.87 68.68
CA LYS H 124 26.35 -11.63 69.34
C LYS H 124 26.49 -10.17 69.70
N ALA H 125 25.40 -9.53 70.13
CA ALA H 125 25.45 -8.12 70.50
C ALA H 125 25.72 -7.93 71.99
N ALA H 126 26.77 -8.60 72.48
CA ALA H 126 27.29 -8.42 73.83
C ALA H 126 26.19 -8.46 74.90
N ASN H 127 25.09 -9.13 74.60
CA ASN H 127 23.94 -9.21 75.49
C ASN H 127 23.37 -10.62 75.51
N VAL H 128 24.25 -11.60 75.73
CA VAL H 128 23.95 -13.03 75.66
C VAL H 128 22.70 -13.38 76.48
N GLY H 129 22.35 -12.52 77.43
CA GLY H 129 21.11 -12.68 78.15
C GLY H 129 19.92 -12.12 77.40
N GLY H 130 19.64 -12.66 76.22
CA GLY H 130 18.45 -12.24 75.50
C GLY H 130 18.62 -12.01 74.00
N GLN H 131 19.79 -12.34 73.45
CA GLN H 131 20.01 -12.13 72.02
C GLN H 131 18.98 -12.90 71.20
N ILE H 132 18.44 -12.24 70.17
CA ILE H 132 17.44 -12.84 69.29
C ILE H 132 17.73 -12.43 67.86
N PRO H 133 17.27 -13.24 66.90
CA PRO H 133 17.33 -12.81 65.49
C PRO H 133 16.39 -11.67 65.17
N GLU H 134 15.46 -11.34 66.08
CA GLU H 134 14.61 -10.15 66.02
C GLU H 134 13.50 -10.36 65.01
N ARG H 135 12.29 -9.91 65.35
CA ARG H 135 11.14 -9.96 64.46
C ARG H 135 10.53 -8.57 64.31
N VAL H 136 9.94 -8.33 63.15
CA VAL H 136 9.38 -7.03 62.81
C VAL H 136 7.87 -7.19 62.62
N THR H 137 7.16 -6.07 62.74
CA THR H 137 5.71 -6.02 62.58
C THR H 137 5.39 -5.43 61.21
N LEU H 138 4.39 -6.01 60.55
CA LEU H 138 4.06 -5.64 59.18
C LEU H 138 2.69 -4.97 59.12
N ASN H 139 2.62 -3.85 58.41
CA ASN H 139 1.36 -3.18 58.12
C ASN H 139 1.11 -3.17 56.63
N ILE H 140 -0.10 -3.54 56.23
CA ILE H 140 -0.50 -3.65 54.84
C ILE H 140 -1.79 -2.87 54.63
N GLY H 141 -1.81 -2.01 53.63
CA GLY H 141 -3.01 -1.27 53.30
C GLY H 141 -3.45 -0.40 54.45
N ARG H 142 -2.56 -0.15 55.40
CA ARG H 142 -2.82 0.68 56.57
C ARG H 142 -3.93 0.11 57.46
N ARG H 143 -4.43 -1.09 57.14
CA ARG H 143 -5.52 -1.69 57.89
C ARG H 143 -5.29 -3.14 58.28
N ILE H 144 -4.41 -3.87 57.60
CA ILE H 144 -4.16 -5.27 57.90
C ILE H 144 -2.79 -5.35 58.56
N ASN H 145 -2.76 -5.76 59.82
CA ASN H 145 -1.54 -5.75 60.61
C ASN H 145 -1.18 -7.17 61.04
N ILE H 146 0.09 -7.52 60.87
CA ILE H 146 0.67 -8.75 61.38
C ILE H 146 1.65 -8.34 62.47
N THR H 147 1.29 -8.62 63.72
CA THR H 147 2.08 -8.14 64.84
C THR H 147 3.47 -8.77 64.86
N ASP H 148 3.54 -10.08 64.63
CA ASP H 148 4.81 -10.81 64.72
C ASP H 148 4.97 -11.64 63.46
N VAL H 149 5.98 -11.29 62.67
CA VAL H 149 6.32 -12.03 61.47
C VAL H 149 7.85 -12.03 61.34
N ALA H 150 8.39 -13.12 60.82
CA ALA H 150 9.83 -13.30 60.70
C ALA H 150 10.24 -13.21 59.24
N ILE H 151 11.21 -12.34 58.95
CA ILE H 151 11.78 -12.21 57.61
C ILE H 151 12.75 -13.37 57.44
N GLN H 152 12.28 -14.46 56.85
CA GLN H 152 13.15 -15.62 56.72
C GLN H 152 14.05 -15.55 55.50
N ASP H 153 13.64 -14.90 54.42
CA ASP H 153 14.53 -14.86 53.26
C ASP H 153 14.38 -13.52 52.55
N LEU H 154 15.49 -13.07 51.96
CA LEU H 154 15.58 -11.83 51.22
C LEU H 154 16.40 -12.04 49.96
N SER H 155 16.01 -11.40 48.88
CA SER H 155 16.88 -11.38 47.70
C SER H 155 16.50 -10.19 46.82
N PHE H 156 17.40 -9.84 45.91
CA PHE H 156 17.19 -8.77 44.95
C PHE H 156 18.34 -8.78 43.96
N ASP H 157 18.35 -7.77 43.09
CA ASP H 157 19.41 -7.57 42.10
C ASP H 157 20.01 -6.18 42.28
N LEU H 158 21.31 -6.09 42.07
CA LEU H 158 22.07 -4.86 42.19
C LEU H 158 22.48 -4.27 40.85
N ASP H 159 21.99 -4.83 39.74
CA ASP H 159 22.41 -4.43 38.40
C ASP H 159 21.65 -3.23 37.88
N ALA H 160 20.72 -2.67 38.66
CA ALA H 160 19.96 -1.52 38.24
C ALA H 160 20.87 -0.29 38.13
N PRO H 161 20.50 0.68 37.29
CA PRO H 161 21.35 1.86 37.12
C PRO H 161 21.40 2.72 38.39
N ARG H 162 22.44 3.54 38.46
CA ARG H 162 22.80 4.27 39.67
C ARG H 162 22.76 5.77 39.39
N ASP H 163 23.17 6.56 40.38
CA ASP H 163 23.33 8.00 40.28
C ASP H 163 24.78 8.40 40.09
N SER H 164 25.00 9.73 40.04
CA SER H 164 26.35 10.27 39.93
C SER H 164 27.22 9.82 41.09
N ASN H 165 26.69 9.87 42.32
CA ASN H 165 27.43 9.30 43.44
C ASN H 165 27.54 7.78 43.29
N GLY H 166 26.48 7.14 42.83
CA GLY H 166 26.46 5.70 42.66
C GLY H 166 25.36 4.97 43.42
N TYR H 167 24.52 5.64 44.18
CA TYR H 167 23.38 4.95 44.80
C TYR H 167 22.39 4.50 43.75
N PHE H 168 21.73 3.37 44.05
CA PHE H 168 20.82 2.75 43.10
C PHE H 168 19.60 3.62 42.89
N LEU H 169 19.08 3.59 41.67
CA LEU H 169 17.84 4.25 41.35
C LEU H 169 16.63 3.35 41.57
N LYS H 170 16.77 2.05 41.35
CA LYS H 170 15.62 1.18 41.38
C LYS H 170 16.03 -0.17 41.92
N ASN H 171 15.12 -0.82 42.63
CA ASN H 171 15.35 -2.22 42.91
C ASN H 171 14.02 -2.92 43.16
N THR H 172 14.05 -4.25 43.02
CA THR H 172 12.91 -5.11 43.31
C THR H 172 13.40 -6.18 44.25
N VAL H 173 13.08 -6.03 45.53
CA VAL H 173 13.52 -6.94 46.58
C VAL H 173 12.37 -7.88 46.89
N ASN H 174 12.61 -9.17 46.73
CA ASN H 174 11.61 -10.15 47.13
C ASN H 174 11.92 -10.64 48.53
N LEU H 175 10.86 -10.81 49.31
CA LEU H 175 10.94 -11.17 50.72
C LEU H 175 10.06 -12.38 50.97
N GLN H 176 10.51 -13.24 51.88
CA GLN H 176 9.79 -14.42 52.30
C GLN H 176 9.68 -14.39 53.82
N LEU H 177 8.45 -14.52 54.30
CA LEU H 177 8.02 -14.18 55.64
C LEU H 177 7.25 -15.33 56.24
N THR H 178 7.38 -15.52 57.55
CA THR H 178 6.69 -16.59 58.25
C THR H 178 6.00 -16.06 59.50
N GLY H 179 4.83 -16.62 59.80
CA GLY H 179 4.16 -16.29 61.04
C GLY H 179 4.89 -16.88 62.23
N SER H 180 4.68 -16.26 63.39
CA SER H 180 5.38 -16.70 64.59
C SER H 180 4.81 -17.99 65.16
N SER H 181 3.67 -18.44 64.66
CA SER H 181 3.01 -19.64 65.17
C SER H 181 1.91 -20.02 64.21
N ILE H 182 1.30 -21.18 64.46
CA ILE H 182 0.16 -21.64 63.68
C ILE H 182 -1.09 -20.98 64.26
N TYR H 183 -1.49 -19.86 63.67
CA TYR H 183 -2.53 -19.03 64.26
C TYR H 183 -3.91 -19.66 64.05
N ASN H 184 -4.75 -19.53 65.07
CA ASN H 184 -6.10 -20.10 65.00
C ASN H 184 -7.01 -19.21 64.18
N SER H 185 -8.20 -19.75 63.86
CA SER H 185 -9.20 -18.98 63.14
C SER H 185 -9.61 -17.75 63.94
N SER H 186 -9.85 -17.94 65.24
CA SER H 186 -10.16 -16.80 66.09
C SER H 186 -9.02 -15.80 66.11
N ASP H 187 -7.79 -16.27 65.92
CA ASP H 187 -6.66 -15.37 65.89
C ASP H 187 -6.61 -14.58 64.59
N ILE H 188 -7.00 -15.21 63.49
CA ILE H 188 -6.74 -14.65 62.16
C ILE H 188 -7.91 -13.80 61.68
N VAL H 189 -9.12 -14.38 61.67
CA VAL H 189 -10.25 -13.72 61.00
C VAL H 189 -10.57 -12.38 61.64
N ARG H 190 -10.32 -12.25 62.95
CA ARG H 190 -10.69 -11.07 63.70
C ARG H 190 -9.57 -10.04 63.74
N ALA H 191 -8.58 -10.19 62.86
CA ALA H 191 -7.44 -9.29 62.80
C ALA H 191 -7.47 -8.37 61.60
N PHE H 192 -8.47 -8.47 60.73
CA PHE H 192 -8.55 -7.64 59.55
C PHE H 192 -9.52 -6.48 59.75
N GLN H 193 -9.45 -5.52 58.84
CA GLN H 193 -10.30 -4.34 58.89
C GLN H 193 -11.14 -4.22 57.62
N MET I 1 -32.99 -18.00 59.70
CA MET I 1 -32.52 -18.77 58.57
C MET I 1 -31.01 -18.97 58.59
N ALA I 2 -30.38 -18.78 57.44
CA ALA I 2 -28.98 -19.08 57.27
C ALA I 2 -28.09 -18.03 57.96
N PRO I 3 -26.88 -18.41 58.32
CA PRO I 3 -25.93 -17.42 58.88
C PRO I 3 -25.40 -16.47 57.83
N ILE I 4 -24.44 -15.64 58.21
CA ILE I 4 -23.91 -14.62 57.31
C ILE I 4 -23.25 -15.25 56.09
N ALA I 5 -23.41 -14.60 54.95
CA ALA I 5 -22.85 -15.04 53.68
C ALA I 5 -22.09 -13.88 53.05
N TYR I 6 -21.12 -14.23 52.22
CA TYR I 6 -20.24 -13.27 51.57
C TYR I 6 -20.08 -13.65 50.10
N GLY I 7 -19.59 -12.69 49.32
CA GLY I 7 -19.46 -12.87 47.89
C GLY I 7 -20.71 -12.43 47.17
N VAL I 8 -20.96 -12.99 45.99
CA VAL I 8 -22.19 -12.66 45.25
C VAL I 8 -23.27 -13.60 45.77
N TYR I 9 -23.80 -13.24 46.93
CA TYR I 9 -24.76 -14.08 47.63
C TYR I 9 -26.18 -13.78 47.21
N SER I 10 -26.50 -12.51 47.00
CA SER I 10 -27.83 -12.10 46.62
C SER I 10 -28.00 -12.18 45.10
N GLN I 11 -29.26 -12.25 44.67
CA GLN I 11 -29.57 -12.27 43.25
C GLN I 11 -29.36 -10.92 42.58
N ALA I 12 -29.11 -9.87 43.36
CA ALA I 12 -28.97 -8.53 42.79
C ALA I 12 -27.84 -8.46 41.77
N ASP I 13 -26.89 -9.38 41.83
CA ASP I 13 -25.85 -9.45 40.81
C ASP I 13 -26.42 -9.73 39.43
N GLY I 14 -27.62 -10.30 39.36
CA GLY I 14 -28.24 -10.59 38.09
C GLY I 14 -27.49 -11.61 37.26
N VAL I 15 -26.90 -12.61 37.91
CA VAL I 15 -26.09 -13.61 37.22
C VAL I 15 -26.77 -14.96 37.40
N SER I 16 -26.48 -15.88 36.47
CA SER I 16 -27.10 -17.18 36.50
C SER I 16 -26.77 -17.91 37.81
N PRO I 17 -27.77 -18.39 38.55
CA PRO I 17 -27.47 -19.08 39.81
C PRO I 17 -26.69 -20.36 39.62
N TYR I 18 -26.83 -21.02 38.47
CA TYR I 18 -26.18 -22.32 38.29
C TYR I 18 -24.67 -22.18 38.37
N LEU I 19 -24.12 -21.13 37.76
CA LEU I 19 -22.69 -20.93 37.65
C LEU I 19 -22.03 -20.46 38.94
N LYS I 20 -22.75 -20.49 40.05
CA LYS I 20 -22.25 -19.99 41.32
C LYS I 20 -21.71 -21.14 42.15
N VAL I 21 -20.52 -20.95 42.71
CA VAL I 21 -19.95 -21.89 43.68
C VAL I 21 -20.36 -21.45 45.07
N THR I 22 -20.74 -22.42 45.91
CA THR I 22 -21.22 -22.12 47.25
C THR I 22 -20.59 -23.06 48.26
N LEU I 23 -20.13 -22.50 49.37
CA LEU I 23 -19.67 -23.26 50.52
C LEU I 23 -20.47 -22.80 51.73
N THR I 24 -20.86 -23.75 52.57
CA THR I 24 -21.74 -23.46 53.69
C THR I 24 -21.36 -24.31 54.89
N ASN I 25 -21.36 -23.68 56.07
CA ASN I 25 -21.21 -24.41 57.31
C ASN I 25 -22.24 -23.86 58.29
N SER I 26 -22.09 -24.24 59.56
CA SER I 26 -23.08 -23.88 60.57
C SER I 26 -23.17 -22.38 60.80
N GLN I 27 -22.14 -21.63 60.41
CA GLN I 27 -22.10 -20.21 60.78
C GLN I 27 -21.55 -19.30 59.68
N TYR I 28 -21.25 -19.83 58.51
CA TYR I 28 -20.62 -19.01 57.47
C TYR I 28 -20.96 -19.55 56.10
N GLN I 29 -21.17 -18.65 55.15
CA GLN I 29 -21.43 -19.04 53.78
C GLN I 29 -20.65 -18.13 52.85
N VAL I 30 -20.05 -18.71 51.81
CA VAL I 30 -19.31 -17.96 50.81
C VAL I 30 -19.77 -18.40 49.44
N THR I 31 -20.09 -17.44 48.58
CA THR I 31 -20.60 -17.69 47.25
C THR I 31 -19.72 -17.00 46.22
N GLY I 32 -19.39 -17.73 45.15
CA GLY I 32 -18.53 -17.19 44.12
C GLY I 32 -18.82 -17.71 42.74
N TYR I 33 -17.88 -17.49 41.81
CA TYR I 33 -18.06 -17.87 40.41
C TYR I 33 -17.15 -19.03 40.05
N ILE I 34 -17.65 -19.90 39.18
CA ILE I 34 -16.91 -21.08 38.73
C ILE I 34 -15.91 -20.63 37.67
N SER I 35 -14.65 -20.46 38.08
CA SER I 35 -13.62 -19.91 37.23
C SER I 35 -12.85 -21.02 36.51
N GLN I 36 -12.18 -20.64 35.42
CA GLN I 36 -11.38 -21.59 34.66
C GLN I 36 -10.21 -22.11 35.50
N GLY I 37 -9.71 -23.28 35.10
CA GLY I 37 -8.62 -23.91 35.81
C GLY I 37 -9.03 -24.90 36.87
N ALA I 38 -10.32 -25.11 37.06
CA ALA I 38 -10.78 -26.09 38.04
C ALA I 38 -10.40 -27.50 37.61
N ALA I 39 -10.11 -28.35 38.59
CA ALA I 39 -9.77 -29.73 38.30
C ALA I 39 -10.01 -30.56 39.55
N MET I 40 -10.09 -31.88 39.33
CA MET I 40 -10.30 -32.83 40.40
C MET I 40 -9.61 -34.12 40.05
N ASN I 41 -9.30 -34.91 41.06
CA ASN I 41 -8.58 -36.15 40.83
C ASN I 41 -8.91 -37.15 41.92
N MET I 42 -9.07 -38.41 41.52
CA MET I 42 -9.24 -39.53 42.44
C MET I 42 -8.33 -40.65 41.95
N ALA I 43 -7.75 -41.38 42.89
CA ALA I 43 -6.78 -42.41 42.52
C ALA I 43 -6.70 -43.43 43.65
N GLN I 44 -5.74 -44.34 43.53
CA GLN I 44 -5.60 -45.43 44.48
C GLN I 44 -4.14 -45.85 44.53
N ASN I 45 -3.85 -46.76 45.45
CA ASN I 45 -2.50 -47.26 45.69
C ASN I 45 -2.46 -48.77 45.54
N TRP I 46 -1.33 -49.24 45.02
CA TRP I 46 -1.16 -50.62 44.58
C TRP I 46 0.33 -50.90 44.52
N GLU I 47 0.68 -52.17 44.31
CA GLU I 47 2.09 -52.55 44.17
C GLU I 47 2.24 -53.89 43.44
N VAL I 83 -1.45 -56.76 42.40
CA VAL I 83 -1.71 -56.52 43.81
C VAL I 83 -2.21 -55.08 43.99
N TRP I 84 -3.52 -54.94 44.15
CA TRP I 84 -4.14 -53.64 44.39
C TRP I 84 -4.40 -53.49 45.88
N GLU I 85 -3.78 -52.48 46.49
CA GLU I 85 -3.85 -52.34 47.95
C GLU I 85 -5.12 -51.63 48.39
N GLY I 86 -5.31 -50.39 47.95
CA GLY I 86 -6.44 -49.61 48.42
C GLY I 86 -6.63 -48.38 47.57
N GLY I 87 -7.44 -47.45 48.07
CA GLY I 87 -7.76 -46.23 47.35
C GLY I 87 -7.34 -44.96 48.09
N THR I 88 -7.72 -43.83 47.51
CA THR I 88 -7.44 -42.53 48.10
C THR I 88 -8.68 -41.66 48.08
N PRO I 89 -8.78 -40.71 49.02
CA PRO I 89 -9.95 -39.83 49.05
C PRO I 89 -9.96 -38.90 47.86
N PRO I 90 -11.11 -38.31 47.54
CA PRO I 90 -11.17 -37.37 46.41
C PRO I 90 -10.38 -36.10 46.66
N THR I 91 -9.89 -35.51 45.58
CA THR I 91 -9.14 -34.27 45.63
C THR I 91 -9.74 -33.25 44.67
N PHE I 92 -9.60 -31.97 45.02
CA PHE I 92 -10.20 -30.89 44.26
C PHE I 92 -9.30 -29.68 44.24
N THR I 93 -9.19 -29.05 43.07
CA THR I 93 -8.38 -27.84 42.88
C THR I 93 -9.28 -26.81 42.22
N LEU I 94 -9.78 -25.88 43.02
CA LEU I 94 -10.81 -24.93 42.56
C LEU I 94 -10.29 -23.51 42.62
N PRO I 95 -9.97 -22.89 41.50
CA PRO I 95 -9.72 -21.44 41.49
C PRO I 95 -11.02 -20.68 41.29
N VAL I 96 -11.24 -19.66 42.10
CA VAL I 96 -12.49 -18.90 42.13
C VAL I 96 -12.17 -17.43 41.93
N THR I 97 -12.98 -16.77 41.13
CA THR I 97 -12.81 -15.35 40.87
C THR I 97 -13.84 -14.56 41.65
N PHE I 98 -13.39 -13.47 42.28
CA PHE I 98 -14.28 -12.62 43.05
C PHE I 98 -14.17 -11.17 42.58
N ILE I 99 -15.33 -10.54 42.51
CA ILE I 99 -15.53 -9.17 42.06
C ILE I 99 -16.15 -8.36 43.19
N ALA I 100 -15.61 -7.18 43.43
CA ALA I 100 -16.23 -6.21 44.31
C ALA I 100 -17.09 -5.26 43.46
N LEU I 101 -18.20 -5.82 42.96
CA LEU I 101 -19.04 -5.07 42.04
C LEU I 101 -19.63 -3.84 42.71
N ASN I 102 -20.29 -4.01 43.85
CA ASN I 102 -20.92 -2.89 44.54
C ASN I 102 -20.38 -2.72 45.95
N ASN I 103 -20.38 -3.78 46.76
CA ASN I 103 -19.95 -3.69 48.17
C ASN I 103 -18.72 -4.56 48.38
N PRO I 104 -17.53 -3.96 48.30
CA PRO I 104 -16.30 -4.74 48.56
C PRO I 104 -16.25 -5.31 49.95
N PHE I 105 -16.77 -4.58 50.95
CA PHE I 105 -16.65 -5.04 52.33
C PHE I 105 -17.29 -6.40 52.52
N ILE I 106 -18.42 -6.64 51.87
CA ILE I 106 -19.09 -7.92 51.98
C ILE I 106 -18.64 -8.91 50.92
N GLU I 107 -18.14 -8.42 49.77
CA GLU I 107 -17.86 -9.30 48.65
C GLU I 107 -16.42 -9.80 48.59
N VAL I 108 -15.47 -9.07 49.14
CA VAL I 108 -14.06 -9.43 49.02
C VAL I 108 -13.44 -9.60 50.40
N SER I 109 -13.47 -8.53 51.19
CA SER I 109 -12.83 -8.56 52.51
C SER I 109 -13.50 -9.59 53.41
N GLY I 110 -14.83 -9.51 53.55
CA GLY I 110 -15.52 -10.49 54.36
C GLY I 110 -15.38 -11.90 53.81
N ALA I 111 -15.36 -12.02 52.48
CA ALA I 111 -15.22 -13.33 51.86
C ALA I 111 -13.88 -13.96 52.22
N ILE I 112 -12.79 -13.22 52.02
CA ILE I 112 -11.48 -13.76 52.33
C ILE I 112 -11.33 -14.01 53.81
N ALA I 113 -11.95 -13.17 54.65
CA ALA I 113 -11.90 -13.41 56.09
C ALA I 113 -12.59 -14.71 56.45
N ALA I 114 -13.78 -14.95 55.89
CA ALA I 114 -14.46 -16.21 56.17
C ALA I 114 -13.64 -17.39 55.65
N LEU I 115 -13.03 -17.24 54.48
CA LEU I 115 -12.24 -18.33 53.91
C LEU I 115 -11.07 -18.69 54.81
N THR I 116 -10.34 -17.68 55.28
CA THR I 116 -9.19 -17.94 56.14
C THR I 116 -9.64 -18.46 57.50
N ALA I 117 -10.82 -18.03 57.97
CA ALA I 117 -11.35 -18.60 59.20
C ALA I 117 -11.63 -20.08 59.02
N MET I 118 -12.20 -20.45 57.88
CA MET I 118 -12.56 -21.85 57.66
C MET I 118 -11.31 -22.71 57.51
N ILE I 119 -10.35 -22.27 56.72
CA ILE I 119 -9.15 -23.07 56.53
C ILE I 119 -8.33 -23.12 57.80
N SER I 120 -8.29 -22.05 58.57
CA SER I 120 -7.47 -22.01 59.77
C SER I 120 -8.06 -22.92 60.83
N PRO I 121 -7.31 -23.89 61.33
CA PRO I 121 -7.85 -24.78 62.37
C PRO I 121 -8.06 -24.07 63.68
N GLU I 122 -9.32 -23.96 64.11
CA GLU I 122 -9.64 -23.36 65.41
C GLU I 122 -9.61 -24.45 66.46
N LEU I 123 -8.44 -24.66 67.05
CA LEU I 123 -8.23 -25.70 68.05
C LEU I 123 -7.91 -25.14 69.42
N LYS I 124 -8.18 -23.86 69.65
CA LYS I 124 -7.97 -23.24 70.95
C LYS I 124 -9.12 -22.31 71.30
N ALA I 125 -10.34 -22.70 70.94
CA ALA I 125 -11.51 -21.87 71.23
C ALA I 125 -12.16 -22.23 72.56
N ALA I 126 -11.33 -22.30 73.61
CA ALA I 126 -11.79 -22.47 75.00
C ALA I 126 -12.79 -23.60 75.15
N ASN I 127 -12.75 -24.57 74.24
CA ASN I 127 -13.70 -25.67 74.23
C ASN I 127 -12.99 -26.99 73.92
N VAL I 128 -11.90 -27.25 74.66
CA VAL I 128 -11.00 -28.38 74.45
C VAL I 128 -11.76 -29.69 74.32
N GLY I 129 -12.98 -29.73 74.82
CA GLY I 129 -13.85 -30.87 74.63
C GLY I 129 -14.55 -30.85 73.29
N GLY I 130 -13.78 -30.87 72.20
CA GLY I 130 -14.40 -30.94 70.89
C GLY I 130 -13.83 -30.02 69.82
N GLN I 131 -12.73 -29.34 70.12
CA GLN I 131 -12.13 -28.44 69.13
C GLN I 131 -11.76 -29.20 67.86
N ILE I 132 -12.09 -28.60 66.71
CA ILE I 132 -11.79 -29.20 65.41
C ILE I 132 -11.30 -28.12 64.46
N PRO I 133 -10.53 -28.53 63.44
CA PRO I 133 -10.20 -27.58 62.37
C PRO I 133 -11.39 -27.20 61.51
N GLU I 134 -12.51 -27.91 61.63
CA GLU I 134 -13.80 -27.56 61.03
C GLU I 134 -13.81 -27.90 59.55
N ARG I 135 -14.92 -28.44 59.07
CA ARG I 135 -15.10 -28.75 57.66
C ARG I 135 -16.37 -28.08 57.14
N VAL I 136 -16.35 -27.75 55.85
CA VAL I 136 -17.44 -27.03 55.22
C VAL I 136 -18.04 -27.92 54.13
N THR I 137 -19.29 -27.63 53.76
CA THR I 137 -20.01 -28.36 52.73
C THR I 137 -20.02 -27.54 51.45
N LEU I 138 -19.83 -28.22 50.32
CA LEU I 138 -19.68 -27.55 49.03
C LEU I 138 -20.86 -27.86 48.13
N ASN I 139 -21.41 -26.82 47.50
CA ASN I 139 -22.43 -26.97 46.48
C ASN I 139 -21.91 -26.45 45.15
N ILE I 140 -22.12 -27.23 44.10
CA ILE I 140 -21.63 -26.92 42.76
C ILE I 140 -22.79 -27.06 41.79
N GLY I 141 -23.00 -26.02 40.97
CA GLY I 141 -24.02 -26.06 39.95
C GLY I 141 -25.40 -26.23 40.56
N ARG I 142 -25.51 -25.96 41.86
CA ARG I 142 -26.77 -26.06 42.59
C ARG I 142 -27.32 -27.48 42.61
N ARG I 143 -26.59 -28.45 42.06
CA ARG I 143 -27.06 -29.83 42.00
C ARG I 143 -26.06 -30.87 42.47
N ILE I 144 -24.77 -30.55 42.51
CA ILE I 144 -23.75 -31.50 42.92
C ILE I 144 -23.24 -31.06 44.29
N ASN I 145 -23.48 -31.87 45.31
CA ASN I 145 -23.18 -31.50 46.68
C ASN I 145 -22.16 -32.45 47.28
N ILE I 146 -21.15 -31.89 47.93
CA ILE I 146 -20.18 -32.62 48.72
C ILE I 146 -20.43 -32.25 50.17
N THR I 147 -20.97 -33.20 50.93
CA THR I 147 -21.38 -32.90 52.31
C THR I 147 -20.20 -32.54 53.18
N ASP I 148 -19.11 -33.30 53.08
CA ASP I 148 -17.95 -33.11 53.95
C ASP I 148 -16.71 -33.03 53.08
N VAL I 149 -16.08 -31.86 53.08
CA VAL I 149 -14.83 -31.64 52.36
C VAL I 149 -13.98 -30.70 53.21
N ALA I 150 -12.67 -30.91 53.16
CA ALA I 150 -11.72 -30.15 53.97
C ALA I 150 -10.93 -29.22 53.06
N ILE I 151 -10.92 -27.93 53.43
CA ILE I 151 -10.13 -26.92 52.74
C ILE I 151 -8.70 -27.09 53.24
N GLN I 152 -7.91 -27.87 52.52
CA GLN I 152 -6.55 -28.10 52.97
C GLN I 152 -5.59 -26.99 52.57
N ASP I 153 -5.84 -26.31 51.45
CA ASP I 153 -4.91 -25.27 51.03
C ASP I 153 -5.65 -24.10 50.39
N LEU I 154 -5.06 -22.91 50.56
CA LEU I 154 -5.58 -21.66 50.02
C LEU I 154 -4.41 -20.80 49.57
N SER I 155 -4.62 -20.07 48.47
CA SER I 155 -3.67 -19.03 48.10
C SER I 155 -4.35 -18.04 47.15
N PHE I 156 -3.73 -16.88 47.01
CA PHE I 156 -4.22 -15.84 46.09
C PHE I 156 -3.16 -14.75 46.03
N ASP I 157 -3.51 -13.67 45.33
CA ASP I 157 -2.67 -12.48 45.21
C ASP I 157 -3.43 -11.26 45.69
N LEU I 158 -2.71 -10.34 46.34
CA LEU I 158 -3.27 -9.12 46.88
C LEU I 158 -2.88 -7.88 46.07
N ASP I 159 -2.27 -8.07 44.91
CA ASP I 159 -1.75 -6.97 44.11
C ASP I 159 -2.81 -6.36 43.19
N ALA I 160 -4.03 -6.85 43.24
CA ALA I 160 -5.10 -6.31 42.40
C ALA I 160 -5.45 -4.90 42.85
N PRO I 161 -5.98 -4.07 41.94
CA PRO I 161 -6.32 -2.69 42.32
C PRO I 161 -7.47 -2.64 43.31
N ARG I 162 -7.54 -1.50 44.01
CA ARG I 162 -8.40 -1.32 45.16
C ARG I 162 -9.39 -0.19 44.89
N ASP I 163 -10.17 0.15 45.92
CA ASP I 163 -11.10 1.27 45.91
C ASP I 163 -10.55 2.48 46.66
N SER I 164 -11.38 3.53 46.73
CA SER I 164 -11.02 4.73 47.47
C SER I 164 -10.75 4.43 48.94
N ASN I 165 -11.61 3.63 49.58
CA ASN I 165 -11.31 3.17 50.93
C ASN I 165 -10.08 2.27 50.93
N GLY I 166 -9.94 1.44 49.91
CA GLY I 166 -8.81 0.54 49.78
C GLY I 166 -9.17 -0.92 49.66
N TYR I 167 -10.45 -1.30 49.72
CA TYR I 167 -10.81 -2.70 49.58
C TYR I 167 -10.56 -3.17 48.15
N PHE I 168 -10.26 -4.46 48.02
CA PHE I 168 -9.91 -5.03 46.73
C PHE I 168 -11.10 -5.06 45.79
N LEU I 169 -10.82 -4.80 44.52
CA LEU I 169 -11.81 -4.98 43.47
C LEU I 169 -11.83 -6.39 42.91
N LYS I 170 -10.67 -7.05 42.89
CA LYS I 170 -10.49 -8.29 42.15
C LYS I 170 -9.71 -9.27 42.98
N ASN I 171 -10.08 -10.54 42.90
CA ASN I 171 -9.10 -11.55 43.26
C ASN I 171 -9.43 -12.89 42.61
N THR I 172 -8.40 -13.73 42.53
CA THR I 172 -8.51 -15.09 42.05
C THR I 172 -7.89 -15.97 43.12
N VAL I 173 -8.72 -16.63 43.91
CA VAL I 173 -8.24 -17.44 45.03
C VAL I 173 -8.28 -18.89 44.61
N ASN I 174 -7.14 -19.57 44.65
CA ASN I 174 -7.11 -20.98 44.38
C ASN I 174 -7.20 -21.77 45.68
N LEU I 175 -7.98 -22.84 45.65
CA LEU I 175 -8.29 -23.66 46.79
C LEU I 175 -7.97 -25.11 46.48
N GLN I 176 -7.52 -25.82 47.50
CA GLN I 176 -7.22 -27.25 47.41
C GLN I 176 -7.99 -27.96 48.50
N LEU I 177 -8.77 -28.97 48.10
CA LEU I 177 -9.84 -29.57 48.88
C LEU I 177 -9.65 -31.08 48.89
N THR I 178 -10.02 -31.70 50.01
CA THR I 178 -9.91 -33.14 50.15
C THR I 178 -11.21 -33.73 50.70
N GLY I 179 -11.57 -34.91 50.21
CA GLY I 179 -12.70 -35.62 50.77
C GLY I 179 -12.40 -36.14 52.17
N SER I 180 -13.47 -36.34 52.94
CA SER I 180 -13.29 -36.77 54.32
C SER I 180 -12.92 -38.23 54.45
N SER I 181 -12.97 -38.99 53.35
CA SER I 181 -12.69 -40.41 53.37
C SER I 181 -12.57 -40.89 51.94
N ILE I 182 -12.16 -42.14 51.78
CA ILE I 182 -12.07 -42.78 50.47
C ILE I 182 -13.47 -43.29 50.13
N TYR I 183 -14.23 -42.50 49.40
CA TYR I 183 -15.64 -42.80 49.20
C TYR I 183 -15.83 -43.94 48.20
N ASN I 184 -16.81 -44.79 48.47
CA ASN I 184 -17.09 -45.92 47.60
C ASN I 184 -17.86 -45.48 46.36
N SER I 185 -17.95 -46.40 45.40
CA SER I 185 -18.73 -46.13 44.19
C SER I 185 -20.20 -45.88 44.53
N SER I 186 -20.75 -46.72 45.41
CA SER I 186 -22.12 -46.49 45.86
C SER I 186 -22.25 -45.16 46.57
N ASP I 187 -21.17 -44.68 47.18
CA ASP I 187 -21.20 -43.39 47.84
C ASP I 187 -21.19 -42.25 46.84
N ILE I 188 -20.45 -42.42 45.75
CA ILE I 188 -20.15 -41.31 44.85
C ILE I 188 -21.18 -41.20 43.74
N VAL I 189 -21.39 -42.28 42.99
CA VAL I 189 -22.18 -42.19 41.75
C VAL I 189 -23.60 -41.74 42.04
N ARG I 190 -24.13 -42.08 43.21
CA ARG I 190 -25.52 -41.82 43.55
C ARG I 190 -25.68 -40.47 44.26
N ALA I 191 -24.66 -39.63 44.20
CA ALA I 191 -24.69 -38.32 44.84
C ALA I 191 -24.85 -37.17 43.87
N PHE I 192 -24.93 -37.44 42.57
CA PHE I 192 -25.07 -36.39 41.57
C PHE I 192 -26.52 -36.26 41.11
N GLN I 193 -26.81 -35.12 40.49
CA GLN I 193 -28.14 -34.85 39.95
C GLN I 193 -28.09 -34.63 38.44
N MET J 1 -30.57 -57.39 26.93
CA MET J 1 -29.28 -57.46 26.27
C MET J 1 -28.21 -56.81 27.14
N ALA J 2 -27.56 -55.77 26.61
CA ALA J 2 -26.53 -55.09 27.36
C ALA J 2 -27.12 -54.15 28.41
N PRO J 3 -26.38 -53.85 29.47
CA PRO J 3 -26.86 -52.89 30.48
C PRO J 3 -26.84 -51.46 29.99
N ILE J 4 -27.11 -50.53 30.91
CA ILE J 4 -27.19 -49.12 30.55
C ILE J 4 -25.83 -48.57 30.12
N ALA J 5 -25.86 -47.63 29.18
CA ALA J 5 -24.67 -47.07 28.59
C ALA J 5 -24.83 -45.58 28.40
N TYR J 6 -23.69 -44.90 28.28
CA TYR J 6 -23.64 -43.44 28.23
C TYR J 6 -22.66 -43.00 27.16
N GLY J 7 -22.78 -41.73 26.75
CA GLY J 7 -21.96 -41.18 25.70
C GLY J 7 -22.61 -41.29 24.33
N VAL J 8 -21.80 -41.30 23.27
CA VAL J 8 -22.33 -41.44 21.91
C VAL J 8 -22.46 -42.94 21.66
N TYR J 9 -23.55 -43.49 22.19
CA TYR J 9 -23.78 -44.93 22.24
C TYR J 9 -24.71 -45.40 21.13
N SER J 10 -25.67 -44.58 20.76
CA SER J 10 -26.50 -44.90 19.61
C SER J 10 -25.81 -44.42 18.33
N GLN J 11 -26.24 -44.98 17.20
CA GLN J 11 -25.71 -44.57 15.92
C GLN J 11 -26.27 -43.23 15.46
N ALA J 12 -27.25 -42.68 16.18
CA ALA J 12 -27.88 -41.43 15.76
C ALA J 12 -26.89 -40.29 15.65
N ASP J 13 -25.74 -40.40 16.31
CA ASP J 13 -24.69 -39.40 16.15
C ASP J 13 -24.18 -39.33 14.72
N GLY J 14 -24.38 -40.38 13.94
CA GLY J 14 -23.94 -40.37 12.56
C GLY J 14 -22.44 -40.27 12.40
N VAL J 15 -21.68 -40.90 13.29
CA VAL J 15 -20.23 -40.82 13.28
C VAL J 15 -19.68 -42.21 13.02
N SER J 16 -18.46 -42.27 12.49
CA SER J 16 -17.85 -43.54 12.16
C SER J 16 -17.73 -44.41 13.40
N PRO J 17 -18.25 -45.64 13.39
CA PRO J 17 -18.15 -46.50 14.57
C PRO J 17 -16.72 -46.83 14.94
N TYR J 18 -15.81 -46.86 13.96
CA TYR J 18 -14.44 -47.28 14.26
C TYR J 18 -13.77 -46.34 15.24
N LEU J 19 -13.98 -45.04 15.07
CA LEU J 19 -13.30 -44.03 15.88
C LEU J 19 -13.86 -43.90 17.29
N LYS J 20 -14.69 -44.83 17.71
CA LYS J 20 -15.35 -44.76 19.00
C LYS J 20 -14.59 -45.61 20.02
N VAL J 21 -14.35 -45.04 21.20
CA VAL J 21 -13.79 -45.79 22.33
C VAL J 21 -14.94 -46.34 23.15
N THR J 22 -14.79 -47.59 23.59
CA THR J 22 -15.85 -48.25 24.34
C THR J 22 -15.28 -48.98 25.54
N LEU J 23 -15.93 -48.81 26.68
CA LEU J 23 -15.64 -49.58 27.89
C LEU J 23 -16.92 -50.26 28.33
N THR J 24 -16.80 -51.52 28.77
CA THR J 24 -17.97 -52.31 29.07
C THR J 24 -17.69 -53.21 30.28
N ASN J 25 -18.66 -53.29 31.18
CA ASN J 25 -18.60 -54.24 32.28
C ASN J 25 -19.97 -54.90 32.40
N SER J 26 -20.16 -55.62 33.49
CA SER J 26 -21.39 -56.40 33.67
C SER J 26 -22.63 -55.51 33.76
N GLN J 27 -22.47 -54.23 34.08
CA GLN J 27 -23.64 -53.41 34.37
C GLN J 27 -23.53 -51.98 33.84
N TYR J 28 -22.48 -51.65 33.11
CA TYR J 28 -22.30 -50.27 32.67
C TYR J 28 -21.47 -50.23 31.39
N GLN J 29 -21.83 -49.33 30.49
CA GLN J 29 -21.04 -49.14 29.27
C GLN J 29 -20.90 -47.66 29.01
N VAL J 30 -19.71 -47.25 28.58
CA VAL J 30 -19.44 -45.87 28.23
C VAL J 30 -18.75 -45.82 26.87
N THR J 31 -19.25 -44.96 25.99
CA THR J 31 -18.75 -44.85 24.63
C THR J 31 -18.35 -43.41 24.34
N GLY J 32 -17.17 -43.23 23.75
CA GLY J 32 -16.65 -41.91 23.46
C GLY J 32 -15.81 -41.84 22.21
N TYR J 33 -15.08 -40.74 22.04
CA TYR J 33 -14.29 -40.49 20.84
C TYR J 33 -12.80 -40.58 21.15
N ILE J 34 -12.04 -41.10 20.18
CA ILE J 34 -10.60 -41.27 20.32
C ILE J 34 -9.95 -39.90 20.11
N SER J 35 -9.63 -39.23 21.20
CA SER J 35 -9.09 -37.88 21.14
C SER J 35 -7.57 -37.89 21.11
N GLN J 36 -7.00 -36.78 20.65
CA GLN J 36 -5.54 -36.66 20.56
C GLN J 36 -4.91 -36.72 21.95
N GLY J 37 -3.63 -37.05 21.98
CA GLY J 37 -2.89 -37.15 23.21
C GLY J 37 -2.86 -38.53 23.82
N ALA J 38 -3.45 -39.53 23.16
CA ALA J 38 -3.40 -40.89 23.68
C ALA J 38 -2.00 -41.44 23.60
N ALA J 39 -1.66 -42.29 24.57
CA ALA J 39 -0.35 -42.91 24.59
C ALA J 39 -0.41 -44.18 25.43
N MET J 40 0.60 -45.02 25.24
CA MET J 40 0.71 -46.28 25.97
C MET J 40 2.18 -46.60 26.13
N ASN J 41 2.47 -47.42 27.14
CA ASN J 41 3.86 -47.75 27.42
C ASN J 41 3.93 -49.11 28.10
N MET J 42 4.93 -49.90 27.71
CA MET J 42 5.25 -51.16 28.35
C MET J 42 6.76 -51.19 28.56
N ALA J 43 7.19 -51.77 29.67
CA ALA J 43 8.61 -51.76 30.01
C ALA J 43 8.90 -52.90 30.97
N GLN J 44 10.12 -52.91 31.48
CA GLN J 44 10.58 -54.00 32.34
C GLN J 44 11.63 -53.47 33.29
N ASN J 45 12.03 -54.34 34.22
CA ASN J 45 13.00 -54.00 35.25
C ASN J 45 14.19 -54.94 35.19
N TRP J 46 15.37 -54.38 35.49
CA TRP J 46 16.65 -55.04 35.28
C TRP J 46 17.67 -54.34 36.16
N GLU J 47 18.87 -54.92 36.24
CA GLU J 47 19.94 -54.31 37.01
C GLU J 47 21.31 -54.81 36.57
N VAL J 83 21.91 -58.48 33.52
CA VAL J 83 20.97 -59.07 34.45
C VAL J 83 19.59 -58.46 34.27
N TRP J 84 18.72 -59.18 33.57
CA TRP J 84 17.34 -58.75 33.36
C TRP J 84 16.44 -59.45 34.36
N GLU J 85 15.76 -58.66 35.20
CA GLU J 85 14.99 -59.24 36.30
C GLU J 85 13.60 -59.69 35.84
N GLY J 86 12.80 -58.76 35.34
CA GLY J 86 11.43 -59.09 35.00
C GLY J 86 10.81 -57.98 34.18
N GLY J 87 9.49 -58.03 34.05
CA GLY J 87 8.74 -57.08 33.26
C GLY J 87 7.73 -56.27 34.08
N THR J 88 6.95 -55.46 33.36
CA THR J 88 5.90 -54.66 33.98
C THR J 88 4.62 -54.77 33.17
N PRO J 89 3.46 -54.60 33.83
CA PRO J 89 2.20 -54.68 33.11
C PRO J 89 2.03 -53.53 32.15
N PRO J 90 1.14 -53.65 31.17
CA PRO J 90 0.92 -52.54 30.23
C PRO J 90 0.30 -51.33 30.89
N THR J 91 0.60 -50.16 30.33
CA THR J 91 0.08 -48.89 30.81
C THR J 91 -0.57 -48.12 29.67
N PHE J 92 -1.57 -47.31 30.01
CA PHE J 92 -2.34 -46.59 29.01
C PHE J 92 -2.74 -45.22 29.53
N THR J 93 -2.63 -44.21 28.67
CA THR J 93 -2.99 -42.83 28.99
C THR J 93 -3.93 -42.35 27.89
N LEU J 94 -5.22 -42.35 28.18
CA LEU J 94 -6.24 -42.09 27.18
C LEU J 94 -7.02 -40.83 27.50
N PRO J 95 -6.82 -39.75 26.79
CA PRO J 95 -7.73 -38.62 26.89
C PRO J 95 -8.90 -38.76 25.93
N VAL J 96 -10.11 -38.56 26.42
CA VAL J 96 -11.32 -38.69 25.63
C VAL J 96 -12.13 -37.40 25.76
N THR J 97 -12.69 -36.95 24.64
CA THR J 97 -13.53 -35.77 24.62
C THR J 97 -14.98 -36.19 24.47
N PHE J 98 -15.86 -35.61 25.29
CA PHE J 98 -17.28 -35.92 25.25
C PHE J 98 -18.05 -34.66 24.93
N ILE J 99 -19.05 -34.80 24.06
CA ILE J 99 -19.87 -33.71 23.56
C ILE J 99 -21.34 -34.03 23.87
N ALA J 100 -22.03 -33.07 24.47
CA ALA J 100 -23.46 -33.18 24.75
C ALA J 100 -24.21 -32.62 23.55
N LEU J 101 -24.21 -33.41 22.46
CA LEU J 101 -24.81 -32.94 21.23
C LEU J 101 -26.31 -32.73 21.39
N ASN J 102 -27.02 -33.75 21.87
CA ASN J 102 -28.46 -33.67 22.01
C ASN J 102 -28.92 -33.86 23.44
N ASN J 103 -28.51 -34.95 24.10
CA ASN J 103 -28.97 -35.28 25.46
C ASN J 103 -27.80 -35.25 26.43
N PRO J 104 -27.58 -34.12 27.09
CA PRO J 104 -26.48 -34.05 28.06
C PRO J 104 -26.62 -35.02 29.21
N PHE J 105 -27.84 -35.28 29.67
CA PHE J 105 -28.00 -36.13 30.85
C PHE J 105 -27.41 -37.50 30.62
N ILE J 106 -27.60 -38.06 29.42
CA ILE J 106 -27.08 -39.37 29.12
C ILE J 106 -25.66 -39.31 28.55
N GLU J 107 -25.27 -38.18 27.96
CA GLU J 107 -24.00 -38.12 27.26
C GLU J 107 -22.84 -37.60 28.10
N VAL J 108 -23.10 -36.79 29.13
CA VAL J 108 -22.04 -36.17 29.91
C VAL J 108 -22.20 -36.53 31.38
N SER J 109 -23.36 -36.16 31.96
CA SER J 109 -23.56 -36.40 33.39
C SER J 109 -23.57 -37.89 33.70
N GLY J 110 -24.38 -38.65 32.99
CA GLY J 110 -24.39 -40.08 33.21
C GLY J 110 -23.06 -40.73 32.90
N ALA J 111 -22.38 -40.22 31.87
CA ALA J 111 -21.08 -40.76 31.50
C ALA J 111 -20.06 -40.58 32.62
N ILE J 112 -19.94 -39.35 33.13
CA ILE J 112 -18.98 -39.10 34.19
C ILE J 112 -19.38 -39.85 35.45
N ALA J 113 -20.69 -40.00 35.71
CA ALA J 113 -21.12 -40.77 36.87
C ALA J 113 -20.70 -42.22 36.75
N ALA J 114 -20.90 -42.83 35.58
CA ALA J 114 -20.47 -44.20 35.40
C ALA J 114 -18.96 -44.32 35.53
N LEU J 115 -18.23 -43.35 34.98
CA LEU J 115 -16.78 -43.39 35.05
C LEU J 115 -16.28 -43.34 36.50
N THR J 116 -16.84 -42.43 37.29
CA THR J 116 -16.41 -42.33 38.68
C THR J 116 -16.87 -43.54 39.48
N ALA J 117 -18.01 -44.14 39.11
CA ALA J 117 -18.42 -45.38 39.76
C ALA J 117 -17.41 -46.48 39.47
N MET J 118 -16.94 -46.57 38.23
CA MET J 118 -16.03 -47.64 37.87
C MET J 118 -14.68 -47.45 38.54
N ILE J 119 -14.14 -46.22 38.51
CA ILE J 119 -12.83 -46.01 39.12
C ILE J 119 -12.91 -46.12 40.63
N SER J 120 -14.02 -45.70 41.23
CA SER J 120 -14.14 -45.73 42.68
C SER J 120 -14.26 -47.16 43.16
N PRO J 121 -13.37 -47.61 44.04
CA PRO J 121 -13.45 -48.99 44.53
C PRO J 121 -14.67 -49.20 45.41
N GLU J 122 -15.60 -50.05 44.98
CA GLU J 122 -16.77 -50.38 45.78
C GLU J 122 -16.42 -51.59 46.64
N LEU J 123 -15.91 -51.31 47.84
CA LEU J 123 -15.48 -52.35 48.77
C LEU J 123 -16.33 -52.37 50.05
N LYS J 124 -17.50 -51.76 50.02
CA LYS J 124 -18.41 -51.78 51.17
C LYS J 124 -19.84 -51.96 50.70
N ALA J 125 -20.05 -52.77 49.67
CA ALA J 125 -21.41 -53.01 49.16
C ALA J 125 -22.07 -54.22 49.81
N ALA J 126 -22.04 -54.25 51.15
CA ALA J 126 -22.76 -55.23 51.96
C ALA J 126 -22.54 -56.67 51.47
N ASN J 127 -21.42 -56.91 50.80
CA ASN J 127 -21.11 -58.22 50.23
C ASN J 127 -19.64 -58.56 50.46
N VAL J 128 -19.20 -58.44 51.72
CA VAL J 128 -17.81 -58.60 52.14
C VAL J 128 -17.19 -59.88 51.59
N GLY J 129 -18.04 -60.85 51.22
CA GLY J 129 -17.57 -62.04 50.57
C GLY J 129 -17.38 -61.84 49.08
N GLY J 130 -16.49 -60.94 48.69
CA GLY J 130 -16.19 -60.76 47.29
C GLY J 130 -16.08 -59.34 46.79
N GLN J 131 -16.13 -58.36 47.68
CA GLN J 131 -16.03 -56.96 47.26
C GLN J 131 -14.74 -56.71 46.51
N ILE J 132 -14.84 -55.99 45.40
CA ILE J 132 -13.67 -55.66 44.58
C ILE J 132 -13.78 -54.22 44.11
N PRO J 133 -12.64 -53.60 43.79
CA PRO J 133 -12.68 -52.28 43.14
C PRO J 133 -13.22 -52.32 41.72
N GLU J 134 -13.36 -53.51 41.14
CA GLU J 134 -14.01 -53.74 39.85
C GLU J 134 -13.09 -53.34 38.71
N ARG J 135 -13.07 -54.15 37.65
CA ARG J 135 -12.33 -53.85 36.43
C ARG J 135 -13.26 -53.90 35.23
N VAL J 136 -12.95 -53.11 34.22
CA VAL J 136 -13.77 -52.98 33.04
C VAL J 136 -12.96 -53.42 31.81
N THR J 137 -13.67 -53.78 30.75
CA THR J 137 -13.07 -54.25 29.52
C THR J 137 -13.11 -53.12 28.49
N LEU J 138 -12.03 -52.99 27.73
CA LEU J 138 -11.86 -51.88 26.80
C LEU J 138 -11.87 -52.37 25.37
N ASN J 139 -12.65 -51.70 24.52
CA ASN J 139 -12.63 -51.95 23.09
C ASN J 139 -12.14 -50.70 22.37
N ILE J 140 -11.22 -50.89 21.42
CA ILE J 140 -10.60 -49.81 20.67
C ILE J 140 -10.70 -50.13 19.19
N GLY J 141 -11.20 -49.18 18.40
CA GLY J 141 -11.26 -49.36 16.97
C GLY J 141 -12.14 -50.53 16.61
N ARG J 142 -12.99 -50.95 17.55
CA ARG J 142 -13.91 -52.07 17.38
C ARG J 142 -13.20 -53.38 17.12
N ARG J 143 -11.87 -53.42 17.18
CA ARG J 143 -11.12 -54.63 16.86
C ARG J 143 -9.99 -54.95 17.82
N ILE J 144 -9.51 -54.00 18.62
CA ILE J 144 -8.47 -54.25 19.59
C ILE J 144 -9.11 -54.25 20.97
N ASN J 145 -9.11 -55.40 21.63
CA ASN J 145 -9.83 -55.58 22.88
C ASN J 145 -8.85 -55.90 24.01
N ILE J 146 -9.02 -55.22 25.13
CA ILE J 146 -8.31 -55.51 26.37
C ILE J 146 -9.35 -56.04 27.35
N THR J 147 -9.29 -57.34 27.62
CA THR J 147 -10.32 -57.98 28.42
C THR J 147 -10.34 -57.45 29.84
N ASP J 148 -9.17 -57.27 30.45
CA ASP J 148 -9.07 -56.86 31.85
C ASP J 148 -8.09 -55.70 31.94
N VAL J 149 -8.60 -54.53 32.29
CA VAL J 149 -7.79 -53.35 32.51
C VAL J 149 -8.39 -52.58 33.68
N ALA J 150 -7.53 -51.94 34.46
CA ALA J 150 -7.93 -51.22 35.66
C ALA J 150 -7.80 -49.73 35.43
N ILE J 151 -8.88 -49.01 35.70
CA ILE J 151 -8.90 -47.55 35.62
C ILE J 151 -8.24 -47.05 36.91
N GLN J 152 -6.94 -46.80 36.85
CA GLN J 152 -6.25 -46.37 38.05
C GLN J 152 -6.37 -44.88 38.29
N ASP J 153 -6.51 -44.06 37.24
CA ASP J 153 -6.60 -42.63 37.48
C ASP J 153 -7.57 -41.98 36.50
N LEU J 154 -8.20 -40.90 36.97
CA LEU J 154 -9.14 -40.10 36.19
C LEU J 154 -8.95 -38.64 36.53
N SER J 155 -9.09 -37.77 35.53
CA SER J 155 -9.17 -36.34 35.80
C SER J 155 -9.84 -35.65 34.62
N PHE J 156 -10.30 -34.43 34.87
CA PHE J 156 -10.90 -33.59 33.84
C PHE J 156 -11.12 -32.20 34.42
N ASP J 157 -11.79 -31.35 33.64
CA ASP J 157 -12.14 -30.01 34.05
C ASP J 157 -13.64 -29.82 33.93
N LEU J 158 -14.21 -29.06 34.86
CA LEU J 158 -15.63 -28.77 34.91
C LEU J 158 -15.97 -27.35 34.49
N ASP J 159 -15.00 -26.61 33.96
CA ASP J 159 -15.19 -25.20 33.64
C ASP J 159 -15.79 -24.98 32.26
N ALA J 160 -16.09 -26.05 31.53
CA ALA J 160 -16.68 -25.92 30.21
C ALA J 160 -18.10 -25.36 30.32
N PRO J 161 -18.58 -24.70 29.27
CA PRO J 161 -19.92 -24.12 29.31
C PRO J 161 -21.01 -25.18 29.38
N ARG J 162 -22.17 -24.75 29.86
CA ARG J 162 -23.27 -25.64 30.22
C ARG J 162 -24.50 -25.31 29.37
N ASP J 163 -25.61 -25.98 29.68
CA ASP J 163 -26.91 -25.75 29.08
C ASP J 163 -27.83 -24.93 29.99
N SER J 164 -29.06 -24.72 29.51
CA SER J 164 -30.06 -24.01 30.29
C SER J 164 -30.34 -24.71 31.61
N ASN J 165 -30.50 -26.04 31.60
CA ASN J 165 -30.60 -26.77 32.85
C ASN J 165 -29.30 -26.68 33.63
N GLY J 166 -28.17 -26.73 32.94
CA GLY J 166 -26.86 -26.62 33.56
C GLY J 166 -25.93 -27.78 33.26
N TYR J 167 -26.35 -28.80 32.53
CA TYR J 167 -25.46 -29.91 32.22
C TYR J 167 -24.37 -29.47 31.26
N PHE J 168 -23.20 -30.10 31.39
CA PHE J 168 -22.04 -29.70 30.61
C PHE J 168 -22.23 -30.00 29.14
N LEU J 169 -21.67 -29.11 28.31
CA LEU J 169 -21.64 -29.32 26.87
C LEU J 169 -20.42 -30.07 26.40
N LYS J 170 -19.28 -29.88 27.05
CA LYS J 170 -18.05 -30.46 26.54
C LYS J 170 -17.17 -30.84 27.72
N ASN J 171 -16.40 -31.91 27.54
CA ASN J 171 -15.34 -32.16 28.51
C ASN J 171 -14.25 -32.99 27.86
N THR J 172 -13.08 -32.94 28.48
CA THR J 172 -11.93 -33.74 28.07
C THR J 172 -11.44 -34.45 29.33
N VAL J 173 -11.77 -35.72 29.44
CA VAL J 173 -11.44 -36.53 30.60
C VAL J 173 -10.23 -37.38 30.23
N ASN J 174 -9.15 -37.22 30.98
CA ASN J 174 -7.97 -38.05 30.77
C ASN J 174 -7.96 -39.20 31.77
N LEU J 175 -7.57 -40.37 31.28
CA LEU J 175 -7.64 -41.61 32.03
C LEU J 175 -6.29 -42.30 32.03
N GLN J 176 -5.97 -42.93 33.15
CA GLN J 176 -4.78 -43.74 33.30
C GLN J 176 -5.20 -45.17 33.65
N LEU J 177 -4.69 -46.12 32.86
CA LEU J 177 -5.15 -47.49 32.82
C LEU J 177 -3.97 -48.44 32.97
N THR J 178 -4.19 -49.56 33.65
CA THR J 178 -3.13 -50.55 33.84
C THR J 178 -3.63 -51.95 33.48
N GLY J 179 -2.75 -52.75 32.92
CA GLY J 179 -3.07 -54.14 32.67
C GLY J 179 -3.16 -54.94 33.96
N SER J 180 -3.91 -56.04 33.90
CA SER J 180 -4.11 -56.84 35.10
C SER J 180 -2.90 -57.68 35.46
N SER J 181 -1.90 -57.74 34.58
CA SER J 181 -0.73 -58.56 34.82
C SER J 181 0.32 -58.19 33.77
N ILE J 182 1.51 -58.75 33.93
CA ILE J 182 2.58 -58.57 32.96
C ILE J 182 2.38 -59.58 31.85
N TYR J 183 1.71 -59.15 30.78
CA TYR J 183 1.27 -60.09 29.75
C TYR J 183 2.43 -60.53 28.88
N ASN J 184 2.42 -61.81 28.50
CA ASN J 184 3.47 -62.36 27.67
C ASN J 184 3.29 -61.97 26.20
N SER J 185 4.33 -62.22 25.41
CA SER J 185 4.24 -61.96 23.98
C SER J 185 3.15 -62.78 23.33
N SER J 186 3.07 -64.07 23.69
CA SER J 186 1.99 -64.90 23.19
C SER J 186 0.64 -64.37 23.64
N ASP J 187 0.59 -63.69 24.78
CA ASP J 187 -0.65 -63.12 25.25
C ASP J 187 -1.03 -61.88 24.45
N ILE J 188 -0.05 -61.09 24.06
CA ILE J 188 -0.30 -59.76 23.51
C ILE J 188 -0.43 -59.78 22.01
N VAL J 189 0.57 -60.33 21.31
CA VAL J 189 0.64 -60.17 19.85
C VAL J 189 -0.57 -60.81 19.18
N ARG J 190 -1.12 -61.87 19.78
CA ARG J 190 -2.19 -62.64 19.18
C ARG J 190 -3.57 -62.13 19.59
N ALA J 191 -3.61 -60.93 20.17
CA ALA J 191 -4.85 -60.33 20.63
C ALA J 191 -5.36 -59.20 19.75
N PHE J 192 -4.63 -58.86 18.69
CA PHE J 192 -5.04 -57.78 17.79
C PHE J 192 -5.69 -58.33 16.53
N GLN J 193 -6.41 -57.44 15.84
CA GLN J 193 -7.07 -57.79 14.58
C GLN J 193 -6.54 -56.94 13.43
N MET K 1 13.85 -68.60 3.04
CA MET K 1 14.91 -67.84 3.67
C MET K 1 14.42 -67.22 4.96
N ALA K 2 14.29 -65.91 4.94
CA ALA K 2 14.01 -65.17 6.16
C ALA K 2 12.55 -65.37 6.58
N PRO K 3 12.25 -65.20 7.87
CA PRO K 3 10.85 -65.25 8.32
C PRO K 3 10.08 -64.01 7.90
N ILE K 4 8.85 -63.88 8.42
CA ILE K 4 7.98 -62.79 8.02
C ILE K 4 8.58 -61.44 8.42
N ALA K 5 8.37 -60.45 7.57
CA ALA K 5 8.85 -59.09 7.79
C ALA K 5 7.68 -58.12 7.62
N TYR K 6 7.80 -56.97 8.27
CA TYR K 6 6.77 -55.96 8.29
C TYR K 6 7.41 -54.58 8.09
N GLY K 7 6.56 -53.62 7.74
CA GLY K 7 7.03 -52.28 7.43
C GLY K 7 7.34 -52.13 5.95
N VAL K 8 8.24 -51.22 5.60
CA VAL K 8 8.66 -51.05 4.20
C VAL K 8 9.79 -52.05 3.98
N TYR K 9 9.39 -53.31 3.77
CA TYR K 9 10.34 -54.40 3.67
C TYR K 9 10.77 -54.62 2.23
N SER K 10 9.84 -54.48 1.30
CA SER K 10 10.12 -54.69 -0.12
C SER K 10 10.65 -53.40 -0.73
N GLN K 11 11.33 -53.56 -1.86
CA GLN K 11 11.86 -52.42 -2.61
C GLN K 11 10.77 -51.65 -3.33
N ALA K 12 9.54 -52.17 -3.36
CA ALA K 12 8.46 -51.52 -4.09
C ALA K 12 8.18 -50.11 -3.58
N ASP K 13 8.59 -49.81 -2.34
CA ASP K 13 8.48 -48.45 -1.84
C ASP K 13 9.32 -47.48 -2.65
N GLY K 14 10.33 -47.97 -3.36
CA GLY K 14 11.17 -47.09 -4.16
C GLY K 14 11.96 -46.09 -3.37
N VAL K 15 12.42 -46.47 -2.18
CA VAL K 15 13.14 -45.57 -1.30
C VAL K 15 14.56 -46.10 -1.12
N SER K 16 15.47 -45.20 -0.78
CA SER K 16 16.88 -45.58 -0.63
C SER K 16 17.04 -46.65 0.44
N PRO K 17 17.68 -47.78 0.13
CA PRO K 17 17.83 -48.82 1.14
C PRO K 17 18.68 -48.39 2.32
N TYR K 18 19.61 -47.46 2.12
CA TYR K 18 20.51 -47.09 3.20
C TYR K 18 19.76 -46.50 4.38
N LEU K 19 18.77 -45.66 4.10
CA LEU K 19 18.03 -44.93 5.12
C LEU K 19 17.03 -45.78 5.87
N LYS K 20 17.06 -47.10 5.69
CA LYS K 20 16.09 -47.99 6.30
C LYS K 20 16.66 -48.57 7.58
N VAL K 21 15.86 -48.56 8.65
CA VAL K 21 16.20 -49.24 9.90
C VAL K 21 15.64 -50.65 9.84
N THR K 22 16.43 -51.62 10.30
CA THR K 22 16.02 -53.02 10.24
C THR K 22 16.32 -53.71 11.56
N LEU K 23 15.34 -54.48 12.04
CA LEU K 23 15.53 -55.36 13.18
C LEU K 23 15.16 -56.77 12.75
N THR K 24 15.94 -57.75 13.20
CA THR K 24 15.76 -59.12 12.74
C THR K 24 16.03 -60.08 13.87
N ASN K 25 15.19 -61.10 13.99
CA ASN K 25 15.43 -62.20 14.90
C ASN K 25 15.13 -63.51 14.16
N SER K 26 15.08 -64.60 14.91
CA SER K 26 14.91 -65.91 14.29
C SER K 26 13.58 -66.07 13.59
N GLN K 27 12.60 -65.23 13.90
CA GLN K 27 11.25 -65.46 13.39
C GLN K 27 10.51 -64.19 13.01
N TYR K 28 11.14 -63.02 13.08
CA TYR K 28 10.43 -61.78 12.82
C TYR K 28 11.40 -60.72 12.33
N GLN K 29 10.94 -59.90 11.40
CA GLN K 29 11.73 -58.79 10.88
C GLN K 29 10.86 -57.57 10.75
N VAL K 30 11.39 -56.42 11.14
CA VAL K 30 10.67 -55.15 11.03
C VAL K 30 11.60 -54.13 10.40
N THR K 31 11.10 -53.44 9.36
CA THR K 31 11.89 -52.48 8.60
C THR K 31 11.18 -51.14 8.61
N GLY K 32 11.95 -50.08 8.86
CA GLY K 32 11.38 -48.74 8.93
C GLY K 32 12.32 -47.65 8.47
N TYR K 33 11.98 -46.40 8.77
CA TYR K 33 12.73 -45.24 8.31
C TYR K 33 13.44 -44.57 9.47
N ILE K 34 14.65 -44.07 9.20
CA ILE K 34 15.48 -43.42 10.20
C ILE K 34 14.92 -42.00 10.41
N SER K 35 14.11 -41.83 11.46
CA SER K 35 13.44 -40.57 11.72
C SER K 35 14.28 -39.68 12.64
N GLN K 36 13.98 -38.38 12.62
CA GLN K 36 14.70 -37.43 13.44
C GLN K 36 14.46 -37.71 14.92
N GLY K 37 15.37 -37.20 15.74
CA GLY K 37 15.30 -37.40 17.17
C GLY K 37 16.07 -38.59 17.70
N ALA K 38 16.75 -39.33 16.84
CA ALA K 38 17.54 -40.45 17.29
C ALA K 38 18.72 -39.99 18.12
N ALA K 39 19.08 -40.80 19.11
CA ALA K 39 20.23 -40.49 19.94
C ALA K 39 20.73 -41.77 20.59
N MET K 40 21.97 -41.69 21.07
CA MET K 40 22.61 -42.82 21.73
C MET K 40 23.56 -42.28 22.79
N ASN K 41 23.86 -43.11 23.78
CA ASN K 41 24.69 -42.67 24.87
C ASN K 41 25.44 -43.85 25.48
N MET K 42 26.70 -43.62 25.81
CA MET K 42 27.52 -44.57 26.54
C MET K 42 28.25 -43.81 27.64
N ALA K 43 28.42 -44.45 28.79
CA ALA K 43 29.02 -43.76 29.93
C ALA K 43 29.59 -44.79 30.89
N GLN K 44 30.01 -44.32 32.06
CA GLN K 44 30.67 -45.18 33.02
C GLN K 44 30.42 -44.64 34.42
N ASN K 45 30.85 -45.40 35.41
CA ASN K 45 30.69 -45.05 36.81
C ASN K 45 32.03 -44.99 37.53
N TRP K 46 32.11 -44.06 38.48
CA TRP K 46 33.36 -43.67 39.12
C TRP K 46 33.00 -43.00 40.44
N GLU K 47 34.02 -42.74 41.25
CA GLU K 47 33.81 -42.03 42.51
C GLU K 47 35.10 -41.39 43.02
N VAL K 83 39.41 -42.21 41.08
CA VAL K 83 38.94 -43.58 41.24
C VAL K 83 37.84 -43.87 40.22
N TRP K 84 38.21 -44.57 39.15
CA TRP K 84 37.27 -44.96 38.12
C TRP K 84 36.86 -46.41 38.36
N GLU K 85 35.57 -46.64 38.58
CA GLU K 85 35.11 -47.97 38.98
C GLU K 85 34.89 -48.88 37.77
N GLY K 86 33.99 -48.48 36.86
CA GLY K 86 33.66 -49.35 35.75
C GLY K 86 32.88 -48.59 34.71
N GLY K 87 32.28 -49.33 33.78
CA GLY K 87 31.53 -48.76 32.68
C GLY K 87 30.06 -49.16 32.67
N THR K 88 29.37 -48.74 31.62
CA THR K 88 27.97 -49.07 31.43
C THR K 88 27.72 -49.54 30.00
N PRO K 89 26.70 -50.37 29.80
CA PRO K 89 26.40 -50.84 28.45
C PRO K 89 25.89 -49.71 27.58
N PRO K 90 25.92 -49.88 26.25
CA PRO K 90 25.42 -48.83 25.36
C PRO K 90 23.91 -48.66 25.48
N THR K 91 23.47 -47.43 25.22
CA THR K 91 22.06 -47.07 25.25
C THR K 91 21.66 -46.39 23.96
N PHE K 92 20.43 -46.64 23.53
CA PHE K 92 19.95 -46.13 22.25
C PHE K 92 18.51 -45.65 22.37
N THR K 93 18.22 -44.51 21.75
CA THR K 93 16.88 -43.93 21.75
C THR K 93 16.50 -43.65 20.29
N LEU K 94 15.67 -44.51 19.72
CA LEU K 94 15.37 -44.46 18.29
C LEU K 94 13.89 -44.20 18.06
N PRO K 95 13.52 -43.01 17.61
CA PRO K 95 12.16 -42.81 17.11
C PRO K 95 12.07 -43.14 15.62
N VAL K 96 11.08 -43.93 15.25
CA VAL K 96 10.89 -44.38 13.89
C VAL K 96 9.48 -44.03 13.44
N THR K 97 9.35 -43.55 12.21
CA THR K 97 8.04 -43.22 11.65
C THR K 97 7.66 -44.29 10.64
N PHE K 98 6.41 -44.75 10.71
CA PHE K 98 5.90 -45.77 9.82
C PHE K 98 4.71 -45.21 9.06
N ILE K 99 4.67 -45.51 7.76
CA ILE K 99 3.65 -45.02 6.84
C ILE K 99 2.98 -46.21 6.18
N ALA K 100 1.65 -46.22 6.21
CA ALA K 100 0.86 -47.25 5.53
C ALA K 100 0.58 -46.77 4.11
N LEU K 101 1.62 -46.83 3.29
CA LEU K 101 1.51 -46.32 1.92
C LEU K 101 0.50 -47.12 1.11
N ASN K 102 0.64 -48.44 1.08
CA ASN K 102 -0.24 -49.27 0.28
C ASN K 102 -0.97 -50.31 1.13
N ASN K 103 -0.24 -51.11 1.92
CA ASN K 103 -0.85 -52.19 2.70
C ASN K 103 -0.66 -51.91 4.19
N PRO K 104 -1.65 -51.28 4.83
CA PRO K 104 -1.53 -51.04 6.28
C PRO K 104 -1.42 -52.31 7.09
N PHE K 105 -2.10 -53.38 6.68
CA PHE K 105 -2.10 -54.61 7.47
C PHE K 105 -0.68 -55.12 7.69
N ILE K 106 0.16 -55.04 6.66
CA ILE K 106 1.53 -55.51 6.79
C ILE K 106 2.47 -54.41 7.25
N GLU K 107 2.13 -53.13 7.02
CA GLU K 107 3.06 -52.06 7.27
C GLU K 107 2.92 -51.41 8.64
N VAL K 108 1.74 -51.46 9.25
CA VAL K 108 1.51 -50.76 10.52
C VAL K 108 1.04 -51.74 11.57
N SER K 109 -0.08 -52.41 11.31
CA SER K 109 -0.65 -53.32 12.31
C SER K 109 0.30 -54.48 12.59
N GLY K 110 0.74 -55.16 11.53
CA GLY K 110 1.68 -56.26 11.72
C GLY K 110 2.99 -55.79 12.32
N ALA K 111 3.44 -54.59 11.92
CA ALA K 111 4.68 -54.05 12.46
C ALA K 111 4.59 -53.83 13.95
N ILE K 112 3.54 -53.15 14.41
CA ILE K 112 3.39 -52.89 15.83
C ILE K 112 3.17 -54.18 16.59
N ALA K 113 2.47 -55.15 15.99
CA ALA K 113 2.29 -56.43 16.64
C ALA K 113 3.63 -57.14 16.85
N ALA K 114 4.47 -57.16 15.81
CA ALA K 114 5.78 -57.77 15.97
C ALA K 114 6.61 -57.03 17.01
N LEU K 115 6.53 -55.70 17.01
CA LEU K 115 7.30 -54.92 17.97
C LEU K 115 6.89 -55.24 19.40
N THR K 116 5.59 -55.29 19.66
CA THR K 116 5.13 -55.59 21.02
C THR K 116 5.42 -57.03 21.39
N ALA K 117 5.41 -57.93 20.41
CA ALA K 117 5.81 -59.31 20.68
C ALA K 117 7.27 -59.36 21.11
N MET K 118 8.13 -58.60 20.42
CA MET K 118 9.55 -58.64 20.73
C MET K 118 9.82 -58.03 22.10
N ILE K 119 9.24 -56.87 22.37
CA ILE K 119 9.50 -56.23 23.66
C ILE K 119 8.88 -57.02 24.80
N SER K 120 7.73 -57.63 24.58
CA SER K 120 7.05 -58.36 25.64
C SER K 120 7.82 -59.62 25.97
N PRO K 121 8.23 -59.81 27.21
CA PRO K 121 8.98 -61.02 27.59
C PRO K 121 8.10 -62.26 27.52
N GLU K 122 8.42 -63.18 26.62
CA GLU K 122 7.68 -64.44 26.52
C GLU K 122 8.36 -65.45 27.44
N LEU K 123 7.91 -65.49 28.70
CA LEU K 123 8.48 -66.36 29.71
C LEU K 123 7.49 -67.42 30.19
N LYS K 124 6.43 -67.67 29.43
CA LYS K 124 5.48 -68.71 29.77
C LYS K 124 5.04 -69.46 28.52
N ALA K 125 5.97 -69.70 27.59
CA ALA K 125 5.66 -70.41 26.36
C ALA K 125 5.90 -71.91 26.49
N ALA K 126 5.35 -72.50 27.55
CA ALA K 126 5.34 -73.95 27.76
C ALA K 126 6.70 -74.59 27.54
N ASN K 127 7.77 -73.82 27.72
CA ASN K 127 9.13 -74.29 27.49
C ASN K 127 10.06 -73.78 28.58
N VAL K 128 9.65 -73.99 29.84
CA VAL K 128 10.32 -73.48 31.04
C VAL K 128 11.81 -73.77 31.01
N GLY K 129 12.23 -74.75 30.23
CA GLY K 129 13.63 -75.01 30.02
C GLY K 129 14.24 -74.11 28.97
N GLY K 130 14.22 -72.80 29.21
CA GLY K 130 14.87 -71.90 28.28
C GLY K 130 14.12 -70.63 27.92
N GLN K 131 12.98 -70.38 28.58
CA GLN K 131 12.20 -69.18 28.28
C GLN K 131 13.04 -67.92 28.50
N ILE K 132 12.95 -66.99 27.54
CA ILE K 132 13.67 -65.73 27.62
C ILE K 132 12.79 -64.60 27.15
N PRO K 133 13.07 -63.38 27.61
CA PRO K 133 12.39 -62.21 27.04
C PRO K 133 12.77 -61.92 25.59
N GLU K 134 13.82 -62.57 25.08
CA GLU K 134 14.19 -62.56 23.66
C GLU K 134 14.87 -61.25 23.31
N ARG K 135 15.93 -61.32 22.50
CA ARG K 135 16.62 -60.15 22.02
C ARG K 135 16.70 -60.18 20.49
N VAL K 136 16.72 -59.00 19.89
CA VAL K 136 16.71 -58.85 18.44
C VAL K 136 18.02 -58.18 18.01
N THR K 137 18.37 -58.36 16.74
CA THR K 137 19.57 -57.80 16.15
C THR K 137 19.18 -56.60 15.30
N LEU K 138 19.99 -55.54 15.38
CA LEU K 138 19.68 -54.27 14.73
C LEU K 138 20.66 -53.99 13.61
N ASN K 139 20.13 -53.60 12.45
CA ASN K 139 20.95 -53.13 11.33
C ASN K 139 20.61 -51.68 11.04
N ILE K 140 21.65 -50.87 10.87
CA ILE K 140 21.52 -49.44 10.64
C ILE K 140 22.36 -49.06 9.43
N GLY K 141 21.76 -48.36 8.48
CA GLY K 141 22.47 -47.88 7.32
C GLY K 141 23.03 -49.04 6.51
N ARG K 142 22.51 -50.24 6.74
CA ARG K 142 22.93 -51.44 6.05
C ARG K 142 24.40 -51.78 6.29
N ARG K 143 25.08 -51.04 7.16
CA ARG K 143 26.50 -51.26 7.42
C ARG K 143 26.86 -51.31 8.89
N ILE K 144 26.05 -50.77 9.79
CA ILE K 144 26.35 -50.76 11.21
C ILE K 144 25.40 -51.75 11.88
N ASN K 145 25.96 -52.83 12.44
CA ASN K 145 25.17 -53.91 12.98
C ASN K 145 25.42 -54.06 14.47
N ILE K 146 24.35 -54.18 15.24
CA ILE K 146 24.39 -54.52 16.65
C ILE K 146 23.80 -55.91 16.79
N THR K 147 24.66 -56.89 17.07
CA THR K 147 24.23 -58.29 17.07
C THR K 147 23.20 -58.55 18.17
N ASP K 148 23.43 -58.02 19.37
CA ASP K 148 22.57 -58.30 20.51
C ASP K 148 22.20 -56.98 21.17
N VAL K 149 20.93 -56.63 21.11
CA VAL K 149 20.39 -55.44 21.75
C VAL K 149 19.01 -55.78 22.28
N ALA K 150 18.66 -55.18 23.42
CA ALA K 150 17.40 -55.45 24.10
C ALA K 150 16.48 -54.24 23.97
N ILE K 151 15.26 -54.49 23.48
CA ILE K 151 14.24 -53.46 23.38
C ILE K 151 13.65 -53.29 24.79
N GLN K 152 14.17 -52.33 25.54
CA GLN K 152 13.70 -52.18 26.91
C GLN K 152 12.44 -51.34 27.01
N ASP K 153 12.21 -50.39 26.10
CA ASP K 153 11.00 -49.58 26.24
C ASP K 153 10.47 -49.23 24.85
N LEU K 154 9.14 -49.14 24.76
CA LEU K 154 8.44 -48.79 23.54
C LEU K 154 7.31 -47.82 23.88
N SER K 155 7.07 -46.87 22.99
CA SER K 155 5.87 -46.05 23.13
C SER K 155 5.53 -45.42 21.78
N PHE K 156 4.29 -44.95 21.66
CA PHE K 156 3.82 -44.27 20.47
C PHE K 156 2.44 -43.69 20.76
N ASP K 157 1.82 -43.14 19.72
CA ASP K 157 0.46 -42.61 19.78
C ASP K 157 -0.41 -43.29 18.75
N LEU K 158 -1.67 -43.51 19.12
CA LEU K 158 -2.66 -44.16 18.27
C LEU K 158 -3.69 -43.19 17.70
N ASP K 159 -3.49 -41.89 17.88
CA ASP K 159 -4.46 -40.88 17.48
C ASP K 159 -4.34 -40.48 16.02
N ALA K 160 -3.40 -41.06 15.28
CA ALA K 160 -3.23 -40.74 13.89
C ALA K 160 -4.43 -41.22 13.07
N PRO K 161 -4.69 -40.59 11.93
CA PRO K 161 -5.86 -40.98 11.13
C PRO K 161 -5.69 -42.38 10.54
N ARG K 162 -6.83 -42.96 10.17
CA ARG K 162 -6.93 -44.36 9.79
C ARG K 162 -7.43 -44.47 8.35
N ASP K 163 -7.67 -45.71 7.92
CA ASP K 163 -8.26 -46.03 6.63
C ASP K 163 -9.75 -46.39 6.75
N SER K 164 -10.34 -46.74 5.62
CA SER K 164 -11.73 -47.18 5.58
C SER K 164 -11.95 -48.39 6.48
N ASN K 165 -11.05 -49.38 6.41
CA ASN K 165 -11.13 -50.48 7.36
C ASN K 165 -10.83 -50.00 8.77
N GLY K 166 -9.86 -49.10 8.91
CA GLY K 166 -9.48 -48.57 10.21
C GLY K 166 -8.03 -48.75 10.59
N TYR K 167 -7.20 -49.38 9.77
CA TYR K 167 -5.77 -49.44 10.07
C TYR K 167 -5.13 -48.06 9.99
N PHE K 168 -4.12 -47.85 10.82
CA PHE K 168 -3.47 -46.55 10.93
C PHE K 168 -2.73 -46.22 9.66
N LEU K 169 -2.71 -44.94 9.33
CA LEU K 169 -1.92 -44.44 8.22
C LEU K 169 -0.51 -44.06 8.64
N LYS K 170 -0.33 -43.57 9.85
CA LYS K 170 0.96 -43.03 10.24
C LYS K 170 1.18 -43.31 11.72
N ASN K 171 2.44 -43.53 12.08
CA ASN K 171 2.76 -43.51 13.49
C ASN K 171 4.23 -43.16 13.69
N THR K 172 4.54 -42.71 14.89
CA THR K 172 5.91 -42.41 15.31
C THR K 172 6.14 -43.16 16.61
N VAL K 173 6.84 -44.28 16.52
CA VAL K 173 7.10 -45.14 17.67
C VAL K 173 8.51 -44.86 18.15
N ASN K 174 8.63 -44.45 19.40
CA ASN K 174 9.94 -44.27 20.01
C ASN K 174 10.33 -45.53 20.76
N LEU K 175 11.60 -45.90 20.62
CA LEU K 175 12.15 -47.12 21.18
C LEU K 175 13.37 -46.79 22.02
N GLN K 176 13.56 -47.55 23.09
CA GLN K 176 14.71 -47.42 23.97
C GLN K 176 15.35 -48.78 24.12
N LEU K 177 16.65 -48.83 23.84
CA LEU K 177 17.42 -50.03 23.55
C LEU K 177 18.66 -50.06 24.42
N THR K 178 19.06 -51.26 24.83
CA THR K 178 20.26 -51.43 25.65
C THR K 178 21.16 -52.51 25.08
N GLY K 179 22.46 -52.30 25.20
CA GLY K 179 23.41 -53.33 24.83
C GLY K 179 23.38 -54.49 25.80
N SER K 180 23.81 -55.65 25.32
CA SER K 180 23.75 -56.85 26.14
C SER K 180 24.85 -56.88 27.19
N SER K 181 25.81 -55.97 27.12
CA SER K 181 26.93 -55.94 28.06
C SER K 181 27.66 -54.63 27.88
N ILE K 182 28.63 -54.39 28.76
CA ILE K 182 29.49 -53.22 28.66
C ILE K 182 30.61 -53.54 27.68
N TYR K 183 30.41 -53.17 26.41
CA TYR K 183 31.30 -53.61 25.36
C TYR K 183 32.63 -52.85 25.40
N ASN K 184 33.71 -53.58 25.12
CA ASN K 184 35.04 -52.98 25.13
C ASN K 184 35.29 -52.17 23.87
N SER K 185 36.37 -51.39 23.90
CA SER K 185 36.77 -50.63 22.71
C SER K 185 37.06 -51.55 21.54
N SER K 186 37.80 -52.64 21.80
CA SER K 186 38.06 -53.61 20.76
C SER K 186 36.76 -54.23 20.25
N ASP K 187 35.75 -54.29 21.11
CA ASP K 187 34.45 -54.82 20.70
C ASP K 187 33.72 -53.84 19.81
N ILE K 188 33.83 -52.55 20.10
CA ILE K 188 32.97 -51.55 19.49
C ILE K 188 33.57 -50.98 18.21
N VAL K 189 34.81 -50.46 18.31
CA VAL K 189 35.36 -49.68 17.20
C VAL K 189 35.48 -50.52 15.93
N ARG K 190 35.70 -51.82 16.08
CA ARG K 190 35.95 -52.71 14.96
C ARG K 190 34.68 -53.34 14.43
N ALA K 191 33.52 -52.79 14.81
CA ALA K 191 32.23 -53.29 14.39
C ALA K 191 31.54 -52.40 13.36
N PHE K 192 32.14 -51.28 12.98
CA PHE K 192 31.53 -50.38 12.01
C PHE K 192 32.12 -50.58 10.62
N GLN K 193 31.43 -50.00 9.64
CA GLN K 193 31.86 -50.09 8.25
C GLN K 193 32.11 -48.71 7.66
N MET L 1 55.92 -40.86 12.55
CA MET L 1 55.61 -39.71 13.39
C MET L 1 54.38 -40.00 14.24
N ALA L 2 53.34 -39.18 14.07
CA ALA L 2 52.13 -39.36 14.85
C ALA L 2 51.28 -40.51 14.29
N PRO L 3 50.44 -41.12 15.12
CA PRO L 3 49.53 -42.15 14.61
C PRO L 3 48.40 -41.57 13.78
N ILE L 4 47.44 -42.42 13.42
CA ILE L 4 46.35 -42.00 12.54
C ILE L 4 45.50 -40.92 13.20
N ALA L 5 45.03 -39.99 12.38
CA ALA L 5 44.20 -38.88 12.81
C ALA L 5 42.96 -38.81 11.95
N TYR L 6 41.89 -38.25 12.51
CA TYR L 6 40.61 -38.15 11.86
C TYR L 6 40.04 -36.75 12.06
N GLY L 7 39.04 -36.42 11.26
CA GLY L 7 38.46 -35.09 11.27
C GLY L 7 39.16 -34.18 10.30
N VAL L 8 39.13 -32.87 10.57
CA VAL L 8 39.84 -31.90 9.73
C VAL L 8 41.26 -31.83 10.26
N TYR L 9 42.05 -32.83 9.89
CA TYR L 9 43.40 -32.98 10.41
C TYR L 9 44.41 -32.25 9.55
N SER L 10 44.23 -32.28 8.25
CA SER L 10 45.14 -31.64 7.33
C SER L 10 44.76 -30.17 7.14
N GLN L 11 45.74 -29.40 6.68
CA GLN L 11 45.51 -27.98 6.40
C GLN L 11 44.69 -27.76 5.14
N ALA L 12 44.43 -28.83 4.36
CA ALA L 12 43.70 -28.68 3.11
C ALA L 12 42.31 -28.10 3.31
N ASP L 13 41.77 -28.20 4.52
CA ASP L 13 40.50 -27.55 4.82
C ASP L 13 40.59 -26.04 4.68
N GLY L 14 41.79 -25.47 4.76
CA GLY L 14 41.95 -24.04 4.63
C GLY L 14 41.29 -23.25 5.73
N VAL L 15 41.30 -23.76 6.95
CA VAL L 15 40.64 -23.11 8.08
C VAL L 15 41.70 -22.73 9.10
N SER L 16 41.38 -21.74 9.92
CA SER L 16 42.32 -21.24 10.91
C SER L 16 42.72 -22.37 11.87
N PRO L 17 44.01 -22.63 12.05
CA PRO L 17 44.41 -23.70 12.97
C PRO L 17 44.03 -23.44 14.41
N TYR L 18 43.93 -22.18 14.81
CA TYR L 18 43.67 -21.87 16.21
C TYR L 18 42.33 -22.42 16.65
N LEU L 19 41.32 -22.29 15.80
CA LEU L 19 39.95 -22.67 16.13
C LEU L 19 39.71 -24.16 16.11
N LYS L 20 40.76 -24.97 16.02
CA LYS L 20 40.62 -26.41 15.91
C LYS L 20 40.79 -27.05 17.28
N VAL L 21 39.89 -27.97 17.62
CA VAL L 21 40.02 -28.79 18.82
C VAL L 21 40.77 -30.06 18.46
N THR L 22 41.69 -30.47 19.33
CA THR L 22 42.51 -31.64 19.06
C THR L 22 42.60 -32.52 20.29
N LEU L 23 42.43 -33.82 20.09
CA LEU L 23 42.68 -34.83 21.12
C LEU L 23 43.69 -35.82 20.57
N THR L 24 44.62 -36.23 21.42
CA THR L 24 45.72 -37.07 20.99
C THR L 24 46.07 -38.08 22.06
N ASN L 25 46.31 -39.32 21.65
CA ASN L 25 46.85 -40.34 22.54
C ASN L 25 47.96 -41.07 21.79
N SER L 26 48.40 -42.18 22.38
CA SER L 26 49.53 -42.91 21.82
C SER L 26 49.24 -43.48 20.43
N GLN L 27 47.98 -43.62 20.06
CA GLN L 27 47.66 -44.32 18.82
C GLN L 27 46.51 -43.71 18.04
N TYR L 28 45.97 -42.58 18.47
CA TYR L 28 44.80 -42.02 17.80
C TYR L 28 44.76 -40.52 18.00
N GLN L 29 44.33 -39.81 16.96
CA GLN L 29 44.17 -38.36 17.03
C GLN L 29 42.87 -37.97 16.36
N VAL L 30 42.13 -37.05 16.97
CA VAL L 30 40.89 -36.54 16.41
C VAL L 30 40.93 -35.02 16.46
N THR L 31 40.61 -34.40 15.34
CA THR L 31 40.66 -32.95 15.20
C THR L 31 39.30 -32.43 14.75
N GLY L 32 38.83 -31.37 15.39
CA GLY L 32 37.52 -30.80 15.07
C GLY L 32 37.43 -29.31 15.27
N TYR L 33 36.21 -28.78 15.28
CA TYR L 33 35.97 -27.35 15.36
C TYR L 33 35.37 -26.99 16.72
N ILE L 34 35.76 -25.83 17.23
CA ILE L 34 35.29 -25.33 18.52
C ILE L 34 33.88 -24.77 18.32
N SER L 35 32.88 -25.55 18.69
CA SER L 35 31.49 -25.21 18.44
C SER L 35 30.87 -24.50 19.64
N GLN L 36 29.77 -23.80 19.38
CA GLN L 36 29.07 -23.09 20.45
C GLN L 36 28.50 -24.07 21.47
N GLY L 37 28.26 -23.57 22.67
CA GLY L 37 27.74 -24.38 23.74
C GLY L 37 28.78 -24.98 24.66
N ALA L 38 30.06 -24.72 24.40
CA ALA L 38 31.11 -25.24 25.27
C ALA L 38 31.03 -24.59 26.65
N ALA L 39 31.39 -25.38 27.67
CA ALA L 39 31.39 -24.87 29.02
C ALA L 39 32.30 -25.72 29.88
N MET L 40 32.67 -25.17 31.03
CA MET L 40 33.54 -25.86 31.97
C MET L 40 33.18 -25.40 33.38
N ASN L 41 33.51 -26.23 34.35
CA ASN L 41 33.16 -25.91 35.73
C ASN L 41 34.15 -26.57 36.67
N MET L 42 34.51 -25.84 37.71
CA MET L 42 35.33 -26.34 38.81
C MET L 42 34.68 -25.88 40.11
N ALA L 43 34.74 -26.73 41.13
CA ALA L 43 34.04 -26.42 42.37
C ALA L 43 34.68 -27.22 43.50
N GLN L 44 34.05 -27.17 44.67
CA GLN L 44 34.61 -27.80 45.86
C GLN L 44 33.47 -28.18 46.78
N ASN L 45 33.81 -28.89 47.84
CA ASN L 45 32.86 -29.37 48.84
C ASN L 45 33.21 -28.86 50.22
N TRP L 46 32.16 -28.60 51.00
CA TRP L 46 32.26 -27.89 52.27
C TRP L 46 31.00 -28.21 53.07
N GLU L 47 30.99 -27.80 54.33
CA GLU L 47 29.82 -27.99 55.18
C GLU L 47 29.81 -27.03 56.35
N VAL L 83 33.54 -24.25 57.52
CA VAL L 83 34.22 -25.53 57.39
C VAL L 83 34.28 -25.92 55.91
N TRP L 84 35.46 -25.71 55.32
CA TRP L 84 35.71 -26.08 53.93
C TRP L 84 36.44 -27.41 53.91
N GLU L 85 35.83 -28.41 53.28
CA GLU L 85 36.37 -29.76 53.33
C GLU L 85 37.45 -29.98 52.26
N GLY L 86 37.08 -29.83 51.00
CA GLY L 86 38.01 -30.13 49.93
C GLY L 86 37.51 -29.60 48.62
N GLY L 87 38.13 -30.05 47.53
CA GLY L 87 37.81 -29.61 46.19
C GLY L 87 37.31 -30.73 45.28
N THR L 88 37.12 -30.37 44.02
CA THR L 88 36.70 -31.33 43.00
C THR L 88 37.52 -31.17 41.74
N PRO L 89 37.67 -32.24 40.97
CA PRO L 89 38.46 -32.14 39.73
C PRO L 89 37.76 -31.28 38.71
N PRO L 90 38.48 -30.80 37.70
CA PRO L 90 37.84 -29.97 36.66
C PRO L 90 36.86 -30.77 35.82
N THR L 91 35.86 -30.07 35.30
CA THR L 91 34.84 -30.65 34.44
C THR L 91 34.73 -29.85 33.15
N PHE L 92 34.35 -30.54 32.07
CA PHE L 92 34.30 -29.93 30.75
C PHE L 92 33.12 -30.49 29.96
N THR L 93 32.42 -29.60 29.26
CA THR L 93 31.28 -29.96 28.42
C THR L 93 31.53 -29.36 27.05
N LEU L 94 31.99 -30.18 26.12
CA LEU L 94 32.43 -29.69 24.82
C LEU L 94 31.58 -30.26 23.70
N PRO L 95 30.71 -29.47 23.09
CA PRO L 95 30.06 -29.91 21.85
C PRO L 95 30.91 -29.53 20.65
N VAL L 96 31.10 -30.48 19.73
CA VAL L 96 31.99 -30.32 18.59
C VAL L 96 31.20 -30.61 17.31
N THR L 97 31.42 -29.79 16.30
CA THR L 97 30.76 -29.96 15.02
C THR L 97 31.71 -30.59 14.03
N PHE L 98 31.23 -31.57 13.28
CA PHE L 98 32.03 -32.24 12.27
C PHE L 98 31.34 -32.19 10.92
N ILE L 99 32.15 -31.95 9.90
CA ILE L 99 31.77 -31.82 8.50
C ILE L 99 32.49 -32.89 7.68
N ALA L 100 31.74 -33.56 6.83
CA ALA L 100 32.33 -34.44 5.82
C ALA L 100 32.50 -33.65 4.52
N LEU L 101 33.46 -32.72 4.56
CA LEU L 101 33.65 -31.81 3.44
C LEU L 101 34.04 -32.56 2.18
N ASN L 102 35.09 -33.37 2.26
CA ASN L 102 35.56 -34.10 1.09
C ASN L 102 35.56 -35.61 1.32
N ASN L 103 36.16 -36.09 2.40
CA ASN L 103 36.27 -37.53 2.67
C ASN L 103 35.52 -37.88 3.94
N PRO L 104 34.26 -38.30 3.82
CA PRO L 104 33.51 -38.70 5.03
C PRO L 104 34.13 -39.87 5.75
N PHE L 105 34.74 -40.81 5.03
CA PHE L 105 35.28 -42.00 5.68
C PHE L 105 36.31 -41.64 6.74
N ILE L 106 37.15 -40.64 6.45
CA ILE L 106 38.16 -40.22 7.41
C ILE L 106 37.66 -39.12 8.34
N GLU L 107 36.66 -38.35 7.91
CA GLU L 107 36.27 -37.17 8.67
C GLU L 107 35.12 -37.41 9.64
N VAL L 108 34.26 -38.39 9.40
CA VAL L 108 33.08 -38.60 10.23
C VAL L 108 33.09 -40.02 10.80
N SER L 109 33.08 -41.01 9.90
CA SER L 109 33.01 -42.39 10.35
C SER L 109 34.23 -42.77 11.18
N GLY L 110 35.43 -42.52 10.64
CA GLY L 110 36.63 -42.82 11.40
C GLY L 110 36.72 -42.00 12.66
N ALA L 111 36.26 -40.75 12.61
CA ALA L 111 36.29 -39.89 13.78
C ALA L 111 35.44 -40.45 14.90
N ILE L 112 34.18 -40.78 14.59
CA ILE L 112 33.29 -41.32 15.61
C ILE L 112 33.79 -42.67 16.09
N ALA L 113 34.38 -43.47 15.21
CA ALA L 113 34.92 -44.75 15.64
C ALA L 113 36.06 -44.54 16.64
N ALA L 114 36.97 -43.62 16.35
CA ALA L 114 38.05 -43.34 17.30
C ALA L 114 37.49 -42.82 18.61
N LEU L 115 36.48 -41.95 18.54
CA LEU L 115 35.90 -41.39 19.75
C LEU L 115 35.30 -42.47 20.63
N THR L 116 34.52 -43.38 20.02
CA THR L 116 33.90 -44.44 20.81
C THR L 116 34.95 -45.43 21.31
N ALA L 117 36.03 -45.63 20.55
CA ALA L 117 37.12 -46.46 21.05
C ALA L 117 37.74 -45.84 22.28
N MET L 118 37.94 -44.52 22.27
CA MET L 118 38.58 -43.86 23.39
C MET L 118 37.69 -43.88 24.62
N ILE L 119 36.41 -43.55 24.45
CA ILE L 119 35.53 -43.51 25.61
C ILE L 119 35.28 -44.92 26.13
N SER L 120 35.21 -45.91 25.25
CA SER L 120 34.91 -47.27 25.68
C SER L 120 36.08 -47.84 26.44
N PRO L 121 35.90 -48.28 27.68
CA PRO L 121 37.01 -48.84 28.45
C PRO L 121 37.47 -50.17 27.89
N GLU L 122 38.71 -50.22 27.40
CA GLU L 122 39.27 -51.48 26.90
C GLU L 122 39.97 -52.18 28.06
N LEU L 123 39.20 -53.01 28.76
CA LEU L 123 39.70 -53.73 29.93
C LEU L 123 39.73 -55.24 29.72
N LYS L 124 39.69 -55.69 28.46
CA LYS L 124 39.80 -57.10 28.16
C LYS L 124 40.66 -57.32 26.92
N ALA L 125 41.73 -56.53 26.78
CA ALA L 125 42.61 -56.66 25.63
C ALA L 125 43.77 -57.61 25.91
N ALA L 126 43.46 -58.80 26.41
CA ALA L 126 44.40 -59.90 26.60
C ALA L 126 45.69 -59.45 27.29
N ASN L 127 45.61 -58.38 28.08
CA ASN L 127 46.78 -57.81 28.75
C ASN L 127 46.42 -57.40 30.18
N VAL L 128 45.80 -58.35 30.91
CA VAL L 128 45.26 -58.14 32.25
C VAL L 128 46.28 -57.45 33.17
N GLY L 129 47.55 -57.55 32.83
CA GLY L 129 48.58 -56.82 33.54
C GLY L 129 48.70 -55.39 33.08
N GLY L 130 47.64 -54.61 33.22
CA GLY L 130 47.73 -53.20 32.89
C GLY L 130 46.56 -52.61 32.11
N GLN L 131 45.50 -53.39 31.91
CA GLN L 131 44.34 -52.88 31.17
C GLN L 131 43.78 -51.63 31.83
N ILE L 132 43.46 -50.63 31.01
CA ILE L 132 42.90 -49.36 31.50
C ILE L 132 41.82 -48.90 30.55
N PRO L 133 40.89 -48.09 31.06
CA PRO L 133 39.91 -47.44 30.17
C PRO L 133 40.54 -46.39 29.26
N GLU L 134 41.79 -45.99 29.53
CA GLU L 134 42.61 -45.15 28.65
C GLU L 134 42.17 -43.70 28.76
N ARG L 135 43.13 -42.79 28.79
CA ARG L 135 42.86 -41.36 28.82
C ARG L 135 43.60 -40.67 27.67
N VAL L 136 43.01 -39.58 27.19
CA VAL L 136 43.54 -38.85 26.04
C VAL L 136 43.93 -37.44 26.50
N THR L 137 44.81 -36.81 25.73
CA THR L 137 45.29 -35.46 26.00
C THR L 137 44.58 -34.49 25.07
N LEU L 138 44.21 -33.33 25.60
CA LEU L 138 43.41 -32.36 24.87
C LEU L 138 44.21 -31.10 24.60
N ASN L 139 44.16 -30.63 23.35
CA ASN L 139 44.73 -29.35 22.97
C ASN L 139 43.63 -28.42 22.51
N ILE L 140 43.66 -27.18 23.01
CA ILE L 140 42.65 -26.17 22.72
C ILE L 140 43.37 -24.90 22.29
N GLY L 141 42.94 -24.34 21.15
CA GLY L 141 43.49 -23.09 20.67
C GLY L 141 44.97 -23.20 20.41
N ARG L 142 45.47 -24.43 20.30
CA ARG L 142 46.87 -24.71 20.04
C ARG L 142 47.78 -24.20 21.14
N ARG L 143 47.23 -23.67 22.23
CA ARG L 143 48.03 -23.12 23.32
C ARG L 143 47.62 -23.59 24.70
N ILE L 144 46.41 -24.08 24.89
CA ILE L 144 45.94 -24.54 26.18
C ILE L 144 45.86 -26.05 26.15
N ASN L 145 46.69 -26.72 26.95
CA ASN L 145 46.81 -28.16 26.90
C ASN L 145 46.41 -28.77 28.24
N ILE L 146 45.59 -29.82 28.17
CA ILE L 146 45.23 -30.64 29.31
C ILE L 146 45.87 -32.01 29.08
N THR L 147 46.91 -32.30 29.86
CA THR L 147 47.69 -33.51 29.62
C THR L 147 46.85 -34.77 29.84
N ASP L 148 46.09 -34.80 30.92
CA ASP L 148 45.33 -35.99 31.29
C ASP L 148 43.88 -35.58 31.55
N VAL L 149 42.98 -36.05 30.70
CA VAL L 149 41.55 -35.83 30.85
C VAL L 149 40.83 -37.09 30.42
N ALA L 150 39.72 -37.39 31.08
CA ALA L 150 38.95 -38.60 30.84
C ALA L 150 37.65 -38.25 30.14
N ILE L 151 37.40 -38.90 29.01
CA ILE L 151 36.14 -38.76 28.28
C ILE L 151 35.11 -39.61 29.01
N GLN L 152 34.38 -38.98 29.93
CA GLN L 152 33.42 -39.74 30.69
C GLN L 152 32.09 -39.93 29.98
N ASP L 153 31.70 -38.99 29.11
CA ASP L 153 30.43 -39.14 28.43
C ASP L 153 30.49 -38.65 26.99
N LEU L 154 29.69 -39.27 26.13
CA LEU L 154 29.58 -38.94 24.73
C LEU L 154 28.13 -39.09 24.28
N SER L 155 27.70 -38.20 23.39
CA SER L 155 26.41 -38.39 22.73
C SER L 155 26.37 -37.57 21.45
N PHE L 156 25.43 -37.92 20.58
CA PHE L 156 25.21 -37.19 19.33
C PHE L 156 23.94 -37.73 18.69
N ASP L 157 23.67 -37.25 17.48
CA ASP L 157 22.54 -37.69 16.68
C ASP L 157 23.03 -38.22 15.34
N LEU L 158 22.36 -39.25 14.85
CA LEU L 158 22.68 -39.90 13.58
C LEU L 158 21.68 -39.58 12.48
N ASP L 159 20.77 -38.65 12.72
CA ASP L 159 19.69 -38.35 11.78
C ASP L 159 20.11 -37.35 10.71
N ALA L 160 21.36 -36.88 10.73
CA ALA L 160 21.83 -35.94 9.73
C ALA L 160 21.88 -36.61 8.36
N PRO L 161 21.78 -35.84 7.28
CA PRO L 161 21.81 -36.43 5.94
C PRO L 161 23.17 -37.03 5.60
N ARG L 162 23.15 -37.92 4.62
CA ARG L 162 24.28 -38.77 4.30
C ARG L 162 24.73 -38.52 2.86
N ASP L 163 25.69 -39.33 2.40
CA ASP L 163 26.17 -39.33 1.02
C ASP L 163 25.60 -40.48 0.22
N SER L 164 26.05 -40.57 -1.05
CA SER L 164 25.64 -41.67 -1.93
C SER L 164 26.03 -43.02 -1.34
N ASN L 165 27.26 -43.15 -0.84
CA ASN L 165 27.63 -44.37 -0.12
C ASN L 165 26.81 -44.51 1.16
N GLY L 166 26.56 -43.39 1.84
CA GLY L 166 25.77 -43.38 3.06
C GLY L 166 26.48 -42.79 4.26
N TYR L 167 27.73 -42.38 4.15
CA TYR L 167 28.43 -41.79 5.29
C TYR L 167 27.83 -40.42 5.61
N PHE L 168 27.88 -40.07 6.90
CA PHE L 168 27.27 -38.83 7.37
C PHE L 168 28.00 -37.61 6.84
N LEU L 169 27.22 -36.59 6.53
CA LEU L 169 27.76 -35.28 6.20
C LEU L 169 27.97 -34.40 7.41
N LYS L 170 27.15 -34.56 8.43
CA LYS L 170 27.09 -33.62 9.54
C LYS L 170 26.98 -34.38 10.84
N ASN L 171 27.66 -33.86 11.87
CA ASN L 171 27.22 -34.23 13.20
C ASN L 171 27.68 -33.20 14.22
N THR L 172 27.00 -33.22 15.36
CA THR L 172 27.31 -32.38 16.52
C THR L 172 27.41 -33.34 17.70
N VAL L 173 28.63 -33.65 18.12
CA VAL L 173 28.85 -34.62 19.19
C VAL L 173 29.17 -33.85 20.45
N ASN L 174 28.38 -34.06 21.49
CA ASN L 174 28.68 -33.45 22.77
C ASN L 174 29.45 -34.43 23.65
N LEU L 175 30.46 -33.89 24.34
CA LEU L 175 31.38 -34.65 25.14
C LEU L 175 31.42 -34.10 26.54
N GLN L 176 31.60 -34.98 27.51
CA GLN L 176 31.73 -34.63 28.91
C GLN L 176 33.02 -35.24 29.44
N LEU L 177 33.85 -34.38 30.02
CA LEU L 177 35.26 -34.63 30.30
C LEU L 177 35.55 -34.30 31.75
N THR L 178 36.46 -35.08 32.35
CA THR L 178 36.85 -34.87 33.73
C THR L 178 38.36 -34.84 33.88
N GLY L 179 38.85 -33.98 34.77
CA GLY L 179 40.26 -33.99 35.09
C GLY L 179 40.67 -35.24 35.85
N SER L 180 41.95 -35.57 35.77
CA SER L 180 42.43 -36.78 36.41
C SER L 180 42.57 -36.64 37.91
N SER L 181 42.45 -35.42 38.44
CA SER L 181 42.63 -35.17 39.86
C SER L 181 42.13 -33.76 40.15
N ILE L 182 42.08 -33.43 41.43
CA ILE L 182 41.73 -32.08 41.87
C ILE L 182 42.98 -31.22 41.79
N TYR L 183 43.16 -30.53 40.67
CA TYR L 183 44.43 -29.85 40.40
C TYR L 183 44.55 -28.59 41.24
N ASN L 184 45.78 -28.33 41.71
CA ASN L 184 46.04 -27.16 42.54
C ASN L 184 46.14 -25.90 41.68
N SER L 185 46.13 -24.75 42.36
CA SER L 185 46.31 -23.48 41.66
C SER L 185 47.64 -23.43 40.95
N SER L 186 48.71 -23.86 41.63
CA SER L 186 50.01 -23.92 40.99
C SER L 186 49.99 -24.88 39.81
N ASP L 187 49.12 -25.88 39.85
CA ASP L 187 49.01 -26.81 38.73
C ASP L 187 48.29 -26.17 37.56
N ILE L 188 47.29 -25.34 37.83
CA ILE L 188 46.36 -24.89 36.80
C ILE L 188 46.83 -23.58 36.17
N VAL L 189 47.08 -22.56 36.99
CA VAL L 189 47.28 -21.21 36.45
C VAL L 189 48.51 -21.17 35.55
N ARG L 190 49.51 -22.01 35.83
CA ARG L 190 50.78 -21.98 35.13
C ARG L 190 50.79 -22.91 33.93
N ALA L 191 49.62 -23.38 33.51
CA ALA L 191 49.49 -24.29 32.39
C ALA L 191 48.94 -23.64 31.14
N PHE L 192 48.61 -22.35 31.18
CA PHE L 192 48.06 -21.66 30.02
C PHE L 192 49.13 -20.83 29.31
N GLN L 193 48.82 -20.47 28.08
CA GLN L 193 49.72 -19.64 27.27
C GLN L 193 49.06 -18.33 26.87
N ILE M 7 49.37 22.03 88.28
CA ILE M 7 48.61 21.05 87.51
C ILE M 7 48.96 21.15 86.03
N ASP M 8 48.97 19.99 85.38
CA ASP M 8 49.15 19.84 83.93
C ASP M 8 48.30 18.66 83.48
N PRO M 9 47.39 18.86 82.53
CA PRO M 9 46.59 17.73 82.03
C PRO M 9 47.40 16.80 81.16
N LEU M 10 46.72 15.83 80.53
CA LEU M 10 47.38 14.81 79.73
C LEU M 10 46.73 14.75 78.36
N LEU M 11 47.30 13.93 77.50
CA LEU M 11 46.72 13.68 76.18
C LEU M 11 46.51 12.18 75.97
N THR M 12 46.03 11.86 74.77
CA THR M 12 45.56 10.54 74.40
C THR M 12 46.54 9.80 73.51
N LEU M 13 47.26 10.51 72.65
CA LEU M 13 48.27 9.94 71.79
C LEU M 13 49.23 9.14 72.65
N GLU M 14 49.08 7.82 72.61
CA GLU M 14 49.90 6.84 73.34
C GLU M 14 50.06 7.20 74.82
N LEU M 15 49.20 8.05 75.39
CA LEU M 15 49.24 8.28 76.83
C LEU M 15 47.95 7.85 77.51
N SER M 16 46.83 8.54 77.26
CA SER M 16 45.51 8.10 77.73
C SER M 16 44.40 9.01 77.21
N GLY M 17 43.37 8.43 76.60
CA GLY M 17 42.16 9.21 76.41
C GLY M 17 41.30 9.17 77.65
N VAL M 18 40.82 7.97 77.95
CA VAL M 18 40.09 7.67 79.18
C VAL M 18 40.58 6.32 79.68
N LYS M 19 40.19 5.98 80.91
CA LYS M 19 40.72 4.78 81.54
C LYS M 19 40.29 3.52 80.80
N THR M 20 38.99 3.35 80.59
CA THR M 20 38.46 2.26 79.78
C THR M 20 37.34 2.82 78.91
N TYR M 21 36.61 1.94 78.21
CA TYR M 21 35.60 2.37 77.25
C TYR M 21 34.33 2.78 77.98
N GLU M 22 34.33 4.04 78.43
CA GLU M 22 33.12 4.69 78.93
C GLU M 22 32.48 5.52 77.83
N SER M 23 33.22 6.49 77.30
CA SER M 23 32.81 7.23 76.11
C SER M 23 33.17 6.36 74.92
N GLN M 24 32.22 5.52 74.53
CA GLN M 24 32.46 4.42 73.59
C GLN M 24 33.17 4.86 72.31
N GLU M 25 32.53 5.75 71.54
CA GLU M 25 33.00 5.97 70.17
C GLU M 25 34.31 6.74 70.15
N GLU M 26 34.44 7.77 70.98
CA GLU M 26 35.73 8.45 71.08
C GLU M 26 36.80 7.52 71.63
N ALA M 27 36.42 6.57 72.48
CA ALA M 27 37.39 5.60 72.97
C ALA M 27 37.90 4.73 71.84
N TRP M 28 36.98 4.20 71.02
CA TRP M 28 37.42 3.40 69.87
C TRP M 28 38.25 4.24 68.91
N GLY M 29 37.87 5.49 68.70
CA GLY M 29 38.67 6.36 67.86
C GLY M 29 40.07 6.54 68.41
N ALA M 30 40.18 6.67 69.73
CA ALA M 30 41.50 6.75 70.34
C ALA M 30 42.30 5.48 70.09
N ARG M 31 41.67 4.32 70.29
CA ARG M 31 42.39 3.06 70.11
C ARG M 31 42.91 2.95 68.69
N LEU M 32 42.04 3.25 67.73
CA LEU M 32 42.45 3.28 66.32
C LEU M 32 43.53 4.32 66.10
N TYR M 33 43.54 5.38 66.90
CA TYR M 33 44.55 6.41 66.71
C TYR M 33 45.93 5.89 67.07
N GLU M 34 46.05 5.21 68.21
CA GLU M 34 47.37 4.64 68.48
C GLU M 34 47.65 3.43 67.59
N TRP M 35 46.63 2.86 66.97
CA TRP M 35 46.92 1.88 65.92
C TRP M 35 47.57 2.55 64.72
N LEU M 36 46.98 3.64 64.25
CA LEU M 36 47.39 4.25 63.00
C LEU M 36 48.64 5.11 63.15
N ASN M 37 49.01 5.50 64.36
CA ASN M 37 50.17 6.36 64.51
C ASN M 37 51.48 5.57 64.54
N THR M 38 51.43 4.26 64.35
CA THR M 38 52.60 3.39 64.40
C THR M 38 52.79 2.68 63.06
N TYR M 39 54.04 2.51 62.66
CA TYR M 39 54.39 1.89 61.40
C TYR M 39 54.97 0.50 61.62
N GLN M 40 55.19 -0.22 60.53
CA GLN M 40 55.84 -1.52 60.61
C GLN M 40 57.28 -1.39 61.08
N GLY M 41 57.71 -2.39 61.84
CA GLY M 41 59.06 -2.40 62.35
C GLY M 41 59.31 -1.47 63.50
N GLU M 42 58.28 -0.80 64.02
CA GLU M 42 58.43 0.12 65.13
C GLU M 42 57.69 -0.36 66.37
N VAL M 43 57.36 -1.64 66.42
CA VAL M 43 56.66 -2.21 67.56
C VAL M 43 57.04 -3.67 67.70
N TYR M 44 57.29 -4.09 68.94
CA TYR M 44 57.70 -5.45 69.23
C TYR M 44 56.56 -6.42 69.00
N GLY M 45 56.90 -7.70 68.86
CA GLY M 45 55.90 -8.76 68.81
C GLY M 45 55.12 -8.86 67.52
N ASP M 46 54.47 -7.78 67.12
CA ASP M 46 53.68 -7.73 65.89
C ASP M 46 54.14 -6.53 65.08
N PRO M 47 55.25 -6.68 64.34
CA PRO M 47 55.70 -5.56 63.50
C PRO M 47 54.66 -5.13 62.49
N SER M 48 53.84 -6.07 61.98
CA SER M 48 52.77 -5.73 61.07
C SER M 48 51.68 -4.89 61.73
N TRP M 49 51.60 -4.91 63.06
CA TRP M 49 50.61 -4.12 63.76
C TRP M 49 50.82 -2.64 63.48
N GLY M 50 49.72 -1.90 63.37
CA GLY M 50 49.79 -0.47 63.14
C GLY M 50 49.55 -0.12 61.68
N ASN M 51 49.64 1.18 61.41
CA ASN M 51 49.39 1.66 60.06
C ASN M 51 50.43 1.11 59.09
N VAL M 52 50.02 0.98 57.83
CA VAL M 52 50.80 0.27 56.84
C VAL M 52 51.11 1.28 55.75
N LEU M 53 51.31 2.53 56.17
CA LEU M 53 51.95 3.52 55.32
C LEU M 53 53.15 2.98 54.56
N PRO M 54 54.04 2.17 55.16
CA PRO M 54 55.16 1.66 54.36
C PRO M 54 54.71 0.92 53.11
N GLN M 55 53.49 0.39 53.09
CA GLN M 55 52.92 -0.06 51.83
C GLN M 55 52.31 1.11 51.07
N PHE M 56 51.35 1.79 51.69
CA PHE M 56 50.61 2.82 50.96
C PHE M 56 51.20 4.20 51.24
N LYS M 57 52.48 4.36 50.83
CA LYS M 57 53.11 5.67 50.97
C LYS M 57 52.75 6.61 49.83
N HIS M 58 53.38 6.40 48.67
CA HIS M 58 53.61 7.43 47.66
C HIS M 58 53.21 6.95 46.27
N GLU M 59 52.04 6.33 46.19
CA GLU M 59 51.51 5.85 44.92
C GLU M 59 50.97 7.02 44.10
N PRO M 60 50.88 6.88 42.78
CA PRO M 60 50.22 7.94 41.99
C PRO M 60 48.79 8.15 42.45
N THR M 61 48.43 9.41 42.66
CA THR M 61 47.12 9.72 43.21
C THR M 61 45.97 9.32 42.31
N ASN M 62 46.24 9.09 41.02
CA ASN M 62 45.19 8.84 40.04
C ASN M 62 45.04 7.38 39.66
N LEU M 63 45.78 6.47 40.30
CA LEU M 63 45.65 5.03 40.03
C LEU M 63 44.59 4.44 40.98
N SER M 64 43.34 4.77 40.65
CA SER M 64 42.24 4.46 41.56
C SER M 64 42.19 2.98 41.91
N HIS M 65 42.59 2.11 40.98
CA HIS M 65 42.60 0.69 41.27
C HIS M 65 43.56 0.36 42.41
N VAL M 66 44.78 0.89 42.36
CA VAL M 66 45.71 0.57 43.44
C VAL M 66 45.27 1.22 44.73
N GLN M 67 44.71 2.43 44.66
CA GLN M 67 44.24 3.04 45.90
C GLN M 67 43.12 2.23 46.53
N ILE M 68 42.16 1.76 45.74
CA ILE M 68 41.07 0.99 46.32
C ILE M 68 41.59 -0.35 46.85
N ALA M 69 42.54 -0.96 46.13
CA ALA M 69 43.11 -2.22 46.60
C ALA M 69 43.79 -2.03 47.95
N VAL M 70 44.60 -0.98 48.08
CA VAL M 70 45.36 -0.79 49.31
C VAL M 70 44.43 -0.42 50.46
N GLU M 71 43.42 0.41 50.19
CA GLU M 71 42.50 0.75 51.28
C GLU M 71 41.72 -0.46 51.73
N ALA M 72 41.29 -1.31 50.78
CA ALA M 72 40.56 -2.51 51.16
C ALA M 72 41.42 -3.43 52.00
N MET M 73 42.66 -3.67 51.56
CA MET M 73 43.51 -4.58 52.31
C MET M 73 43.83 -4.02 53.69
N LEU M 74 44.11 -2.71 53.78
CA LEU M 74 44.43 -2.15 55.08
C LEU M 74 43.23 -2.24 56.02
N LEU M 75 42.03 -1.95 55.52
CA LEU M 75 40.88 -1.99 56.40
C LEU M 75 40.61 -3.41 56.85
N GLN M 76 40.70 -4.37 55.94
CA GLN M 76 40.44 -5.74 56.35
C GLN M 76 41.47 -6.22 57.37
N LYS M 77 42.74 -5.86 57.22
CA LYS M 77 43.72 -6.36 58.16
C LYS M 77 43.59 -5.67 59.51
N LEU M 78 43.27 -4.36 59.52
CA LEU M 78 43.08 -3.71 60.80
C LEU M 78 41.83 -4.25 61.49
N THR M 79 40.79 -4.59 60.73
CA THR M 79 39.62 -5.19 61.33
C THR M 79 39.93 -6.56 61.93
N VAL M 80 40.59 -7.43 61.17
CA VAL M 80 40.91 -8.74 61.73
C VAL M 80 41.90 -8.58 62.88
N ASP M 81 42.65 -7.48 62.89
CA ASP M 81 43.57 -7.21 63.99
C ASP M 81 42.82 -6.80 65.25
N LEU M 82 41.82 -5.93 65.11
CA LEU M 82 41.01 -5.45 66.22
C LEU M 82 39.54 -5.69 65.88
N PRO M 83 39.05 -6.91 66.11
CA PRO M 83 37.63 -7.18 65.81
C PRO M 83 36.66 -6.39 66.65
N ASP M 84 37.11 -5.83 67.77
CA ASP M 84 36.23 -5.05 68.64
C ASP M 84 35.67 -3.83 67.92
N ILE M 85 36.43 -3.22 67.03
CA ILE M 85 36.01 -2.00 66.35
C ILE M 85 35.87 -2.29 64.87
N PRO M 86 34.65 -2.52 64.39
CA PRO M 86 34.43 -2.55 62.95
C PRO M 86 34.37 -1.14 62.36
N ILE M 87 34.44 -1.10 61.03
CA ILE M 87 34.56 0.16 60.29
C ILE M 87 33.21 0.50 59.67
N SER M 88 32.81 1.77 59.79
CA SER M 88 31.57 2.25 59.21
C SER M 88 31.82 3.06 57.94
N GLY M 89 32.63 4.12 58.04
CA GLY M 89 32.84 4.96 56.90
C GLY M 89 34.27 5.39 56.66
N LEU M 90 34.80 5.09 55.48
CA LEU M 90 36.12 5.54 55.05
C LEU M 90 35.96 6.41 53.81
N SER M 91 36.57 7.59 53.83
CA SER M 91 36.46 8.55 52.75
C SER M 91 37.85 9.04 52.36
N VAL M 92 38.07 9.19 51.05
CA VAL M 92 39.33 9.65 50.48
C VAL M 92 39.03 10.90 49.66
N ALA M 93 39.54 12.05 50.09
CA ALA M 93 39.18 13.33 49.47
C ALA M 93 40.43 14.13 49.15
N GLU M 94 40.61 14.46 47.87
CA GLU M 94 41.77 15.23 47.46
C GLU M 94 41.64 16.67 47.96
N GLY M 95 42.75 17.40 47.91
CA GLY M 95 42.81 18.76 48.40
C GLY M 95 42.86 19.80 47.30
N ASP M 96 43.20 21.03 47.70
CA ASP M 96 43.33 22.12 46.75
C ASP M 96 44.44 21.86 45.74
N ALA M 97 45.58 21.35 46.21
CA ALA M 97 46.70 21.01 45.36
C ALA M 97 46.82 19.50 45.23
N PHE M 98 47.71 19.07 44.34
CA PHE M 98 47.95 17.65 44.19
C PHE M 98 48.74 17.06 45.34
N ASP M 99 49.16 17.90 46.28
CA ASP M 99 50.04 17.49 47.36
C ASP M 99 49.30 17.05 48.62
N LYS M 100 47.97 17.17 48.64
CA LYS M 100 47.18 16.95 49.84
C LYS M 100 46.07 15.96 49.55
N LEU M 101 45.98 14.92 50.38
CA LEU M 101 44.85 14.02 50.40
C LEU M 101 44.37 13.95 51.84
N LYS M 102 43.10 13.62 52.03
CA LYS M 102 42.58 13.41 53.38
C LYS M 102 41.89 12.05 53.45
N ILE M 103 42.22 11.29 54.47
CA ILE M 103 41.50 10.08 54.82
C ILE M 103 40.64 10.36 56.04
N SER M 104 39.33 10.21 55.89
CA SER M 104 38.38 10.48 56.94
C SER M 104 37.74 9.16 57.34
N ILE M 105 37.97 8.74 58.57
CA ILE M 105 37.38 7.53 59.11
C ILE M 105 36.36 7.92 60.18
N ARG M 106 35.14 7.42 60.05
CA ARG M 106 34.10 7.63 61.04
C ARG M 106 33.52 6.28 61.43
N ILE M 107 33.45 6.04 62.74
CA ILE M 107 32.62 4.94 63.22
C ILE M 107 31.27 5.57 63.50
N ARG M 108 30.54 5.85 62.42
CA ARG M 108 29.17 6.36 62.43
C ARG M 108 29.02 7.75 63.06
N ASP M 109 30.03 8.22 63.80
CA ASP M 109 29.93 9.58 64.33
C ASP M 109 31.25 10.32 64.44
N ILE M 110 32.39 9.62 64.38
CA ILE M 110 33.60 10.24 64.89
C ILE M 110 34.22 11.18 63.87
N THR M 111 34.15 10.83 62.59
CA THR M 111 34.61 11.67 61.48
C THR M 111 36.00 12.25 61.76
N ILE M 112 36.91 11.40 62.22
CA ILE M 112 38.27 11.83 62.45
C ILE M 112 39.07 11.68 61.16
N THR M 113 39.80 12.72 60.80
CA THR M 113 40.43 12.81 59.49
C THR M 113 41.92 13.09 59.67
N GLN M 114 42.71 12.55 58.74
CA GLN M 114 44.15 12.78 58.73
C GLN M 114 44.58 13.14 57.33
N ASP M 115 45.49 14.11 57.24
CA ASP M 115 46.03 14.56 55.96
C ASP M 115 47.14 13.61 55.55
N VAL M 116 46.92 12.88 54.47
CA VAL M 116 47.92 12.01 53.90
C VAL M 116 48.49 12.65 52.65
N VAL M 117 49.61 12.10 52.19
CA VAL M 117 50.25 12.50 50.94
C VAL M 117 50.63 11.24 50.18
N LEU M 118 50.50 11.29 48.87
CA LEU M 118 50.85 10.15 48.04
C LEU M 118 52.11 10.46 47.25
N ILE N 7 -28.46 4.76 99.52
CA ILE N 7 -27.83 4.02 98.43
C ILE N 7 -27.09 4.97 97.50
N ASP N 8 -25.97 4.49 97.00
CA ASP N 8 -25.15 5.11 95.96
C ASP N 8 -24.54 4.01 95.10
N PRO N 9 -24.75 4.05 93.79
CA PRO N 9 -24.14 3.04 92.91
C PRO N 9 -22.64 3.24 92.76
N LEU N 10 -22.03 2.47 91.87
CA LEU N 10 -20.59 2.47 91.66
C LEU N 10 -20.30 2.66 90.18
N LEU N 11 -19.02 2.81 89.87
CA LEU N 11 -18.58 2.88 88.49
C LEU N 11 -17.52 1.82 88.21
N THR N 12 -17.02 1.85 86.98
CA THR N 12 -16.14 0.81 86.45
C THR N 12 -14.70 1.26 86.36
N LEU N 13 -14.46 2.54 86.09
CA LEU N 13 -13.12 3.11 86.03
C LEU N 13 -12.41 2.76 87.33
N GLU N 14 -11.50 1.79 87.26
CA GLU N 14 -10.69 1.29 88.36
C GLU N 14 -11.50 0.99 89.61
N LEU N 15 -12.81 0.82 89.51
CA LEU N 15 -13.58 0.37 90.67
C LEU N 15 -14.25 -0.98 90.43
N SER N 16 -15.24 -1.06 89.52
CA SER N 16 -15.81 -2.32 89.09
C SER N 16 -16.84 -2.14 87.99
N GLY N 17 -16.72 -2.86 86.89
CA GLY N 17 -17.84 -2.95 85.97
C GLY N 17 -18.81 -4.02 86.41
N VAL N 18 -18.32 -5.26 86.40
CA VAL N 18 -19.02 -6.41 86.92
C VAL N 18 -18.00 -7.27 87.64
N LYS N 19 -18.48 -8.28 88.36
CA LYS N 19 -17.60 -9.08 89.19
C LYS N 19 -16.58 -9.85 88.36
N THR N 20 -17.06 -10.62 87.38
CA THR N 20 -16.19 -11.32 86.44
C THR N 20 -16.82 -11.22 85.06
N TYR N 21 -16.26 -11.93 84.10
CA TYR N 21 -16.68 -11.81 82.70
C TYR N 21 -17.98 -12.60 82.49
N GLU N 22 -19.08 -11.95 82.85
CA GLU N 22 -20.42 -12.43 82.50
C GLU N 22 -20.89 -11.76 81.22
N SER N 23 -20.99 -10.43 81.24
CA SER N 23 -21.23 -9.63 80.04
C SER N 23 -19.89 -9.50 79.34
N GLN N 24 -19.61 -10.45 78.46
CA GLN N 24 -18.28 -10.65 77.89
C GLN N 24 -17.67 -9.38 77.32
N GLU N 25 -18.31 -8.81 76.29
CA GLU N 25 -17.63 -7.79 75.49
C GLU N 25 -17.49 -6.49 76.27
N GLU N 26 -18.53 -6.07 76.98
CA GLU N 26 -18.38 -4.90 77.84
C GLU N 26 -17.37 -5.15 78.94
N ALA N 27 -17.25 -6.39 79.41
CA ALA N 27 -16.25 -6.71 80.41
C ALA N 27 -14.85 -6.50 79.85
N TRP N 28 -14.60 -7.04 78.65
CA TRP N 28 -13.29 -6.84 78.03
C TRP N 28 -13.04 -5.36 77.77
N GLY N 29 -14.06 -4.63 77.33
CA GLY N 29 -13.91 -3.20 77.15
C GLY N 29 -13.54 -2.50 78.44
N ALA N 30 -14.14 -2.92 79.55
CA ALA N 30 -13.78 -2.38 80.85
C ALA N 30 -12.33 -2.66 81.17
N ARG N 31 -11.89 -3.91 80.96
CA ARG N 31 -10.52 -4.27 81.29
C ARG N 31 -9.55 -3.40 80.48
N LEU N 32 -9.82 -3.28 79.19
CA LEU N 32 -9.02 -2.41 78.33
C LEU N 32 -9.09 -0.97 78.81
N TYR N 33 -10.20 -0.58 79.42
CA TYR N 33 -10.34 0.79 79.89
C TYR N 33 -9.36 1.05 81.04
N GLU N 34 -9.30 0.14 82.02
CA GLU N 34 -8.31 0.39 83.06
C GLU N 34 -6.89 0.13 82.55
N TRP N 35 -6.74 -0.58 81.44
CA TRP N 35 -5.43 -0.61 80.80
C TRP N 35 -5.05 0.75 80.25
N LEU N 36 -5.95 1.36 79.49
CA LEU N 36 -5.64 2.57 78.75
C LEU N 36 -5.65 3.82 79.62
N ASN N 37 -6.28 3.77 80.78
CA ASN N 37 -6.35 4.97 81.60
C ASN N 37 -5.10 5.18 82.45
N THR N 38 -4.09 4.33 82.29
CA THR N 38 -2.86 4.39 83.07
C THR N 38 -1.66 4.60 82.15
N TYR N 39 -0.69 5.38 82.61
CA TYR N 39 0.49 5.72 81.84
C TYR N 39 1.72 5.01 82.41
N GLN N 40 2.83 5.14 81.71
CA GLN N 40 4.08 4.58 82.18
C GLN N 40 4.55 5.29 83.45
N GLY N 41 5.18 4.53 84.33
CA GLY N 41 5.69 5.08 85.56
C GLY N 41 4.65 5.36 86.61
N GLU N 42 3.39 4.99 86.37
CA GLU N 42 2.31 5.22 87.31
C GLU N 42 1.74 3.91 87.86
N VAL N 43 2.50 2.82 87.74
CA VAL N 43 2.04 1.52 88.23
C VAL N 43 3.26 0.70 88.63
N TYR N 44 3.19 0.11 89.82
CA TYR N 44 4.24 -0.74 90.33
C TYR N 44 4.36 -2.01 89.49
N GLY N 45 5.54 -2.61 89.52
CA GLY N 45 5.78 -3.90 88.88
C GLY N 45 5.99 -3.87 87.39
N ASP N 46 5.04 -3.32 86.64
CA ASP N 46 5.13 -3.22 85.18
C ASP N 46 4.87 -1.77 84.79
N PRO N 47 5.89 -0.91 84.89
CA PRO N 47 5.69 0.48 84.46
C PRO N 47 5.27 0.60 83.01
N SER N 48 5.73 -0.30 82.14
CA SER N 48 5.32 -0.29 80.74
C SER N 48 3.85 -0.65 80.58
N TRP N 49 3.25 -1.30 81.57
CA TRP N 49 1.84 -1.63 81.50
C TRP N 49 0.99 -0.37 81.37
N GLY N 50 -0.07 -0.46 80.59
CA GLY N 50 -0.99 0.66 80.42
C GLY N 50 -0.73 1.40 79.12
N ASN N 51 -1.52 2.46 78.93
CA ASN N 51 -1.41 3.24 77.71
C ASN N 51 -0.02 3.88 77.61
N VAL N 52 0.41 4.10 76.36
CA VAL N 52 1.78 4.50 76.08
C VAL N 52 1.68 5.87 75.40
N LEU N 53 0.69 6.65 75.83
CA LEU N 53 0.66 8.07 75.51
C LEU N 53 2.01 8.74 75.65
N PRO N 54 2.80 8.51 76.71
CA PRO N 54 4.12 9.14 76.79
C PRO N 54 4.96 8.92 75.55
N GLN N 55 4.70 7.88 74.79
CA GLN N 55 5.30 7.79 73.46
C GLN N 55 4.46 8.55 72.45
N PHE N 56 3.19 8.20 72.33
CA PHE N 56 2.39 8.74 71.24
C PHE N 56 1.51 9.90 71.72
N LYS N 57 2.16 10.96 72.20
CA LYS N 57 1.38 12.15 72.55
C LYS N 57 1.15 13.09 71.37
N HIS N 58 2.17 13.84 71.00
CA HIS N 58 2.02 15.14 70.35
C HIS N 58 2.78 15.16 69.03
N GLU N 59 2.69 14.06 68.31
CA GLU N 59 3.28 13.95 66.98
C GLU N 59 2.47 14.80 66.00
N PRO N 60 3.09 15.25 64.91
CA PRO N 60 2.30 15.96 63.87
C PRO N 60 1.19 15.06 63.36
N THR N 61 -0.01 15.63 63.25
CA THR N 61 -1.19 14.85 62.89
C THR N 61 -1.10 14.28 61.48
N ASN N 62 -0.23 14.81 60.64
CA ASN N 62 -0.20 14.46 59.23
C ASN N 62 0.96 13.53 58.87
N LEU N 63 1.74 13.07 59.86
CA LEU N 63 2.83 12.13 59.59
C LEU N 63 2.29 10.70 59.69
N SER N 64 1.53 10.34 58.66
CA SER N 64 0.77 9.08 58.68
C SER N 64 1.67 7.89 58.96
N HIS N 65 2.92 7.93 58.49
CA HIS N 65 3.84 6.84 58.76
C HIS N 65 4.10 6.69 60.26
N VAL N 66 4.37 7.80 60.95
CA VAL N 66 4.63 7.67 62.37
C VAL N 66 3.36 7.27 63.11
N GLN N 67 2.20 7.78 62.69
CA GLN N 67 0.97 7.37 63.37
C GLN N 67 0.70 5.89 63.19
N ILE N 68 0.89 5.36 61.99
CA ILE N 68 0.63 3.94 61.79
C ILE N 68 1.65 3.11 62.54
N ALA N 69 2.90 3.55 62.58
CA ALA N 69 3.92 2.83 63.34
C ALA N 69 3.55 2.76 64.80
N VAL N 70 3.17 3.90 65.39
CA VAL N 70 2.90 3.92 66.82
C VAL N 70 1.64 3.13 67.14
N GLU N 71 0.61 3.22 66.30
CA GLU N 71 -0.60 2.45 66.58
C GLU N 71 -0.32 0.96 66.47
N ALA N 72 0.47 0.54 65.49
CA ALA N 72 0.80 -0.87 65.35
C ALA N 72 1.56 -1.36 66.57
N MET N 73 2.59 -0.61 66.99
CA MET N 73 3.37 -1.06 68.12
C MET N 73 2.53 -1.10 69.39
N LEU N 74 1.69 -0.08 69.62
CA LEU N 74 0.89 -0.09 70.82
C LEU N 74 -0.08 -1.25 70.83
N LEU N 75 -0.72 -1.53 69.68
CA LEU N 75 -1.68 -2.62 69.66
C LEU N 75 -0.99 -3.95 69.89
N GLN N 76 0.16 -4.15 69.25
CA GLN N 76 0.85 -5.43 69.44
C GLN N 76 1.30 -5.61 70.89
N LYS N 77 1.77 -4.54 71.54
CA LYS N 77 2.25 -4.73 72.90
C LYS N 77 1.09 -4.92 73.86
N LEU N 78 -0.03 -4.23 73.64
CA LEU N 78 -1.18 -4.45 74.52
C LEU N 78 -1.76 -5.84 74.31
N THR N 79 -1.71 -6.35 73.09
CA THR N 79 -2.16 -7.71 72.85
C THR N 79 -1.26 -8.72 73.54
N VAL N 80 0.06 -8.60 73.37
CA VAL N 80 0.94 -9.56 74.04
C VAL N 80 0.86 -9.37 75.54
N ASP N 81 0.45 -8.19 75.99
CA ASP N 81 0.26 -7.94 77.41
C ASP N 81 -0.98 -8.66 77.93
N LEU N 82 -2.08 -8.58 77.19
CA LEU N 82 -3.35 -9.20 77.55
C LEU N 82 -3.81 -10.08 76.39
N PRO N 83 -3.28 -11.30 76.29
CA PRO N 83 -3.69 -12.19 75.18
C PRO N 83 -5.15 -12.57 75.22
N ASP N 84 -5.81 -12.42 76.38
CA ASP N 84 -7.22 -12.77 76.50
C ASP N 84 -8.09 -11.97 75.57
N ILE N 85 -7.76 -10.71 75.33
CA ILE N 85 -8.57 -9.83 74.50
C ILE N 85 -7.78 -9.45 73.25
N PRO N 86 -8.07 -10.11 72.13
CA PRO N 86 -7.54 -9.63 70.85
C PRO N 86 -8.33 -8.44 70.33
N ILE N 87 -7.77 -7.79 69.32
CA ILE N 87 -8.28 -6.53 68.78
C ILE N 87 -8.96 -6.79 67.45
N SER N 88 -10.16 -6.23 67.28
CA SER N 88 -10.91 -6.35 66.04
C SER N 88 -10.84 -5.08 65.20
N GLY N 89 -11.26 -3.95 65.77
CA GLY N 89 -11.31 -2.73 65.00
C GLY N 89 -10.74 -1.51 65.68
N LEU N 90 -9.72 -0.90 65.07
CA LEU N 90 -9.14 0.36 65.52
C LEU N 90 -9.32 1.40 64.43
N SER N 91 -9.87 2.56 64.80
CA SER N 91 -10.14 3.64 63.87
C SER N 91 -9.59 4.95 64.39
N VAL N 92 -9.00 5.74 63.50
CA VAL N 92 -8.42 7.04 63.82
C VAL N 92 -9.13 8.07 62.95
N ALA N 93 -9.88 8.97 63.58
CA ALA N 93 -10.75 9.90 62.85
C ALA N 93 -10.53 11.32 63.35
N GLU N 94 -10.12 12.21 62.45
CA GLU N 94 -9.88 13.60 62.82
C GLU N 94 -11.22 14.29 63.10
N GLY N 95 -11.14 15.46 63.74
CA GLY N 95 -12.31 16.22 64.13
C GLY N 95 -12.56 17.42 63.27
N ASP N 96 -13.43 18.31 63.77
CA ASP N 96 -13.75 19.54 63.08
C ASP N 96 -12.53 20.45 62.96
N ALA N 97 -11.75 20.56 64.03
CA ALA N 97 -10.53 21.36 64.04
C ALA N 97 -9.31 20.45 64.06
N PHE N 98 -8.14 21.07 63.93
CA PHE N 98 -6.89 20.33 64.00
C PHE N 98 -6.58 19.86 65.41
N ASP N 99 -7.38 20.26 66.40
CA ASP N 99 -7.07 20.02 67.79
C ASP N 99 -7.70 18.74 68.32
N LYS N 100 -8.50 18.03 67.52
CA LYS N 100 -9.28 16.90 67.98
C LYS N 100 -9.04 15.69 67.10
N LEU N 101 -8.68 14.56 67.72
CA LEU N 101 -8.64 13.28 67.06
C LEU N 101 -9.47 12.32 67.90
N LYS N 102 -9.98 11.27 67.28
CA LYS N 102 -10.68 10.23 68.02
C LYS N 102 -10.10 8.87 67.67
N ILE N 103 -9.81 8.09 68.71
CA ILE N 103 -9.45 6.68 68.56
C ILE N 103 -10.66 5.85 68.98
N SER N 104 -11.16 5.05 68.07
CA SER N 104 -12.34 4.22 68.30
C SER N 104 -11.90 2.77 68.26
N ILE N 105 -12.00 2.07 69.39
CA ILE N 105 -11.68 0.66 69.48
C ILE N 105 -12.97 -0.11 69.69
N ARG N 106 -13.20 -1.10 68.85
CA ARG N 106 -14.32 -2.01 68.98
C ARG N 106 -13.83 -3.44 68.96
N ILE N 107 -14.24 -4.21 69.95
CA ILE N 107 -14.08 -5.66 69.85
C ILE N 107 -15.38 -6.15 69.21
N ARG N 108 -15.50 -5.91 67.92
CA ARG N 108 -16.59 -6.34 67.06
C ARG N 108 -17.95 -5.75 67.43
N ASP N 109 -18.09 -5.15 68.61
CA ASP N 109 -19.37 -4.52 68.93
C ASP N 109 -19.24 -3.28 69.83
N ILE N 110 -18.10 -3.11 70.48
CA ILE N 110 -18.11 -2.22 71.65
C ILE N 110 -17.99 -0.76 71.25
N THR N 111 -17.31 -0.48 70.13
CA THR N 111 -17.17 0.85 69.53
C THR N 111 -17.00 1.94 70.58
N ILE N 112 -16.11 1.69 71.54
CA ILE N 112 -15.80 2.68 72.56
C ILE N 112 -14.70 3.59 72.02
N THR N 113 -14.91 4.90 72.18
CA THR N 113 -14.06 5.88 71.54
C THR N 113 -13.53 6.86 72.58
N GLN N 114 -12.33 7.37 72.34
CA GLN N 114 -11.73 8.37 73.21
C GLN N 114 -11.15 9.48 72.36
N ASP N 115 -11.31 10.72 72.83
CA ASP N 115 -10.80 11.89 72.14
C ASP N 115 -9.34 12.08 72.53
N VAL N 116 -8.46 11.94 71.57
CA VAL N 116 -7.05 12.19 71.77
C VAL N 116 -6.68 13.52 71.11
N VAL N 117 -5.49 14.00 71.45
CA VAL N 117 -4.90 15.18 70.84
C VAL N 117 -3.46 14.87 70.49
N LEU N 118 -3.00 15.40 69.37
CA LEU N 118 -1.62 15.18 68.97
C LEU N 118 -0.83 16.47 69.10
N ILE O 7 -62.11 -56.99 60.28
CA ILE O 7 -60.77 -56.65 59.83
C ILE O 7 -60.65 -55.17 59.54
N ASP O 8 -59.48 -54.61 59.87
CA ASP O 8 -59.05 -53.26 59.55
C ASP O 8 -57.56 -53.27 59.27
N PRO O 9 -57.13 -52.79 58.12
CA PRO O 9 -55.69 -52.75 57.84
C PRO O 9 -54.97 -51.67 58.64
N LEU O 10 -53.68 -51.48 58.34
CA LEU O 10 -52.84 -50.52 59.05
C LEU O 10 -52.16 -49.60 58.05
N LEU O 11 -51.46 -48.60 58.58
CA LEU O 11 -50.67 -47.69 57.76
C LEU O 11 -49.22 -47.68 58.24
N THR O 12 -48.43 -46.84 57.59
CA THR O 12 -46.99 -46.79 57.75
C THR O 12 -46.52 -45.61 58.56
N LEU O 13 -47.22 -44.48 58.50
CA LEU O 13 -46.91 -43.31 59.29
C LEU O 13 -46.84 -43.72 60.75
N GLU O 14 -45.61 -43.83 61.26
CA GLU O 14 -45.29 -44.19 62.64
C GLU O 14 -46.04 -45.42 63.12
N LEU O 15 -46.57 -46.25 62.23
CA LEU O 15 -47.17 -47.51 62.67
C LEU O 15 -46.43 -48.71 62.09
N SER O 16 -46.50 -48.94 60.77
CA SER O 16 -45.70 -49.96 60.10
C SER O 16 -45.90 -49.92 58.59
N GLY O 17 -44.82 -49.85 57.82
CA GLY O 17 -44.95 -50.17 56.41
C GLY O 17 -44.88 -51.66 56.17
N VAL O 18 -43.72 -52.22 56.49
CA VAL O 18 -43.47 -53.65 56.49
C VAL O 18 -42.62 -53.96 57.70
N LYS O 19 -42.46 -55.25 57.98
CA LYS O 19 -41.79 -55.65 59.20
C LYS O 19 -40.33 -55.23 59.19
N THR O 20 -39.58 -55.60 58.15
CA THR O 20 -38.20 -55.18 57.97
C THR O 20 -38.01 -54.85 56.49
N TYR O 21 -36.76 -54.59 56.10
CA TYR O 21 -36.46 -54.15 54.73
C TYR O 21 -36.49 -55.34 53.78
N GLU O 22 -37.71 -55.70 53.36
CA GLU O 22 -37.91 -56.63 52.26
C GLU O 22 -38.09 -55.89 50.95
N SER O 23 -39.11 -55.04 50.89
CA SER O 23 -39.29 -54.11 49.78
C SER O 23 -38.38 -52.92 50.06
N GLN O 24 -37.15 -53.04 49.57
CA GLN O 24 -36.04 -52.16 49.96
C GLN O 24 -36.40 -50.68 49.86
N GLU O 25 -36.70 -50.21 48.65
CA GLU O 25 -36.74 -48.77 48.42
C GLU O 25 -37.94 -48.13 49.09
N GLU O 26 -39.12 -48.76 48.99
CA GLU O 26 -40.26 -48.24 49.73
C GLU O 26 -40.03 -48.32 51.23
N ALA O 27 -39.27 -49.30 51.69
CA ALA O 27 -38.95 -49.37 53.11
C ALA O 27 -38.10 -48.18 53.53
N TRP O 28 -37.05 -47.88 52.76
CA TRP O 28 -36.24 -46.71 53.07
C TRP O 28 -37.07 -45.44 53.00
N GLY O 29 -37.95 -45.34 52.01
CA GLY O 29 -38.83 -44.19 51.93
C GLY O 29 -39.70 -44.06 53.16
N ALA O 30 -40.19 -45.18 53.67
CA ALA O 30 -40.96 -45.16 54.90
C ALA O 30 -40.12 -44.66 56.06
N ARG O 31 -38.90 -45.18 56.19
CA ARG O 31 -38.05 -44.78 57.32
C ARG O 31 -37.80 -43.28 57.26
N LEU O 32 -37.47 -42.77 56.08
CA LEU O 32 -37.30 -41.35 55.89
C LEU O 32 -38.59 -40.59 56.17
N TYR O 33 -39.73 -41.24 55.95
CA TYR O 33 -41.01 -40.57 56.20
C TYR O 33 -41.20 -40.32 57.68
N GLU O 34 -40.93 -41.34 58.51
CA GLU O 34 -41.03 -41.04 59.94
C GLU O 34 -39.88 -40.18 60.42
N TRP O 35 -38.79 -40.09 59.67
CA TRP O 35 -37.79 -39.08 60.00
C TRP O 35 -38.35 -37.68 59.77
N LEU O 36 -38.93 -37.46 58.60
CA LEU O 36 -39.33 -36.13 58.19
C LEU O 36 -40.64 -35.67 58.83
N ASN O 37 -41.44 -36.58 59.36
CA ASN O 37 -42.71 -36.16 59.93
C ASN O 37 -42.57 -35.67 61.37
N THR O 38 -41.35 -35.60 61.89
CA THR O 38 -41.08 -35.18 63.26
C THR O 38 -40.20 -33.94 63.28
N TYR O 39 -40.46 -33.04 64.22
CA TYR O 39 -39.74 -31.79 64.35
C TYR O 39 -38.83 -31.82 65.57
N GLN O 40 -38.02 -30.77 65.70
CA GLN O 40 -37.16 -30.64 66.87
C GLN O 40 -37.98 -30.43 68.13
N GLY O 41 -37.48 -30.98 69.24
CA GLY O 41 -38.16 -30.84 70.51
C GLY O 41 -39.37 -31.72 70.67
N GLU O 42 -39.66 -32.60 69.71
CA GLU O 42 -40.81 -33.48 69.78
C GLU O 42 -40.40 -34.94 69.88
N VAL O 43 -39.16 -35.21 70.27
CA VAL O 43 -38.68 -36.57 70.42
C VAL O 43 -37.61 -36.60 71.50
N TYR O 44 -37.71 -37.59 72.38
CA TYR O 44 -36.75 -37.78 73.45
C TYR O 44 -35.40 -38.21 72.91
N GLY O 45 -34.35 -37.95 73.68
CA GLY O 45 -33.01 -38.40 73.35
C GLY O 45 -32.26 -37.61 72.33
N ASP O 46 -32.83 -37.45 71.13
CA ASP O 46 -32.22 -36.69 70.04
C ASP O 46 -33.24 -35.69 69.54
N PRO O 47 -33.38 -34.55 70.23
CA PRO O 47 -34.32 -33.53 69.74
C PRO O 47 -34.00 -33.05 68.34
N SER O 48 -32.71 -33.02 67.96
CA SER O 48 -32.33 -32.64 66.61
C SER O 48 -32.78 -33.67 65.58
N TRP O 49 -33.06 -34.89 66.00
CA TRP O 49 -33.54 -35.91 65.07
C TRP O 49 -34.84 -35.48 64.43
N GLY O 50 -35.00 -35.80 63.15
CA GLY O 50 -36.21 -35.48 62.42
C GLY O 50 -36.04 -34.25 61.56
N ASN O 51 -37.15 -33.89 60.89
CA ASN O 51 -37.12 -32.76 59.98
C ASN O 51 -36.81 -31.48 60.74
N VAL O 52 -36.21 -30.54 60.02
CA VAL O 52 -35.63 -29.34 60.63
C VAL O 52 -36.38 -28.17 60.00
N LEU O 53 -37.65 -28.40 59.72
CA LEU O 53 -38.58 -27.29 59.46
C LEU O 53 -38.42 -26.13 60.40
N PRO O 54 -38.24 -26.31 61.72
CA PRO O 54 -38.06 -25.13 62.58
C PRO O 54 -36.93 -24.25 62.12
N GLN O 55 -35.94 -24.77 61.41
CA GLN O 55 -35.00 -23.92 60.70
C GLN O 55 -35.61 -23.45 59.39
N PHE O 56 -35.93 -24.38 58.51
CA PHE O 56 -36.33 -23.99 57.15
C PHE O 56 -37.86 -23.90 57.07
N LYS O 57 -38.42 -22.98 57.86
CA LYS O 57 -39.86 -22.76 57.78
C LYS O 57 -40.26 -21.83 56.63
N HIS O 58 -40.04 -20.54 56.83
CA HIS O 58 -40.76 -19.46 56.16
C HIS O 58 -39.80 -18.44 55.58
N GLU O 59 -38.73 -18.92 54.98
CA GLU O 59 -37.77 -18.05 54.31
C GLU O 59 -38.35 -17.50 53.02
N PRO O 60 -37.85 -16.35 52.55
CA PRO O 60 -38.30 -15.84 51.24
C PRO O 60 -38.03 -16.87 50.15
N THR O 61 -39.04 -17.11 49.31
CA THR O 61 -38.95 -18.15 48.30
C THR O 61 -37.88 -17.87 47.26
N ASN O 62 -37.46 -16.62 47.12
CA ASN O 62 -36.56 -16.23 46.04
C ASN O 62 -35.11 -16.05 46.50
N LEU O 63 -34.79 -16.35 47.75
CA LEU O 63 -33.41 -16.24 48.23
C LEU O 63 -32.70 -17.58 48.00
N SER O 64 -32.39 -17.82 46.73
CA SER O 64 -31.89 -19.12 46.31
C SER O 64 -30.67 -19.55 47.10
N HIS O 65 -29.83 -18.60 47.51
CA HIS O 65 -28.67 -18.94 48.32
C HIS O 65 -29.08 -19.55 49.65
N VAL O 66 -30.05 -18.94 50.34
CA VAL O 66 -30.44 -19.50 51.62
C VAL O 66 -31.13 -20.84 51.42
N GLN O 67 -31.94 -20.96 50.36
CA GLN O 67 -32.59 -22.25 50.13
C GLN O 67 -31.58 -23.35 49.86
N ILE O 68 -30.57 -23.08 49.03
CA ILE O 68 -29.59 -24.12 48.74
C ILE O 68 -28.77 -24.44 49.99
N ALA O 69 -28.44 -23.42 50.79
CA ALA O 69 -27.72 -23.68 52.03
C ALA O 69 -28.51 -24.58 52.96
N VAL O 70 -29.80 -24.26 53.15
CA VAL O 70 -30.58 -25.02 54.10
C VAL O 70 -30.82 -26.43 53.59
N GLU O 71 -31.04 -26.59 52.28
CA GLU O 71 -31.26 -27.96 51.77
C GLU O 71 -29.98 -28.78 51.90
N ALA O 72 -28.82 -28.18 51.63
CA ALA O 72 -27.57 -28.92 51.77
C ALA O 72 -27.35 -29.34 53.21
N MET O 73 -27.55 -28.42 54.15
CA MET O 73 -27.30 -28.75 55.54
C MET O 73 -28.30 -29.78 56.06
N LEU O 74 -29.57 -29.67 55.65
CA LEU O 74 -30.53 -30.69 56.08
C LEU O 74 -30.17 -32.06 55.51
N LEU O 75 -29.79 -32.12 54.23
CA LEU O 75 -29.51 -33.42 53.65
C LEU O 75 -28.27 -34.03 54.28
N GLN O 76 -27.24 -33.22 54.51
CA GLN O 76 -26.04 -33.77 55.11
C GLN O 76 -26.31 -34.26 56.53
N LYS O 77 -27.12 -33.54 57.31
CA LYS O 77 -27.35 -34.02 58.66
C LYS O 77 -28.22 -35.27 58.66
N LEU O 78 -29.21 -35.35 57.76
CA LEU O 78 -30.04 -36.55 57.74
C LEU O 78 -29.24 -37.75 57.25
N THR O 79 -28.30 -37.52 56.34
CA THR O 79 -27.42 -38.61 55.91
C THR O 79 -26.52 -39.08 57.04
N VAL O 80 -25.85 -38.16 57.73
CA VAL O 80 -24.99 -38.59 58.81
C VAL O 80 -25.81 -39.18 59.94
N ASP O 81 -27.09 -38.80 60.02
CA ASP O 81 -27.99 -39.37 61.02
C ASP O 81 -28.35 -40.81 60.67
N LEU O 82 -28.68 -41.06 59.41
CA LEU O 82 -29.05 -42.39 58.91
C LEU O 82 -28.15 -42.74 57.74
N PRO O 83 -26.93 -43.22 58.01
CA PRO O 83 -26.03 -43.58 56.91
C PRO O 83 -26.54 -44.71 56.05
N ASP O 84 -27.50 -45.50 56.54
CA ASP O 84 -28.04 -46.60 55.77
C ASP O 84 -28.68 -46.15 54.47
N ILE O 85 -29.31 -44.98 54.47
CA ILE O 85 -30.03 -44.48 53.30
C ILE O 85 -29.34 -43.22 52.80
N PRO O 86 -28.52 -43.33 51.76
CA PRO O 86 -28.02 -42.14 51.07
C PRO O 86 -29.08 -41.55 50.15
N ILE O 87 -28.81 -40.34 49.70
CA ILE O 87 -29.77 -39.54 48.93
C ILE O 87 -29.35 -39.54 47.46
N SER O 88 -30.31 -39.76 46.58
CA SER O 88 -30.08 -39.74 45.13
C SER O 88 -30.57 -38.45 44.49
N GLY O 89 -31.86 -38.14 44.65
CA GLY O 89 -32.40 -36.97 44.00
C GLY O 89 -33.31 -36.12 44.86
N LEU O 90 -32.95 -34.84 45.03
CA LEU O 90 -33.77 -33.86 45.70
C LEU O 90 -34.15 -32.76 44.73
N SER O 91 -35.44 -32.46 44.64
CA SER O 91 -35.97 -31.46 43.71
C SER O 91 -36.87 -30.48 44.44
N VAL O 92 -36.73 -29.20 44.07
CA VAL O 92 -37.51 -28.11 44.66
C VAL O 92 -38.26 -27.44 43.53
N ALA O 93 -39.60 -27.54 43.53
CA ALA O 93 -40.41 -27.06 42.41
C ALA O 93 -41.54 -26.19 42.90
N GLU O 94 -41.58 -24.94 42.42
CA GLU O 94 -42.63 -24.03 42.84
C GLU O 94 -43.97 -24.43 42.23
N GLY O 95 -45.05 -23.87 42.75
CA GLY O 95 -46.39 -24.20 42.32
C GLY O 95 -47.03 -23.13 41.46
N ASP O 96 -48.35 -23.26 41.29
CA ASP O 96 -49.11 -22.28 40.52
C ASP O 96 -49.07 -20.90 41.17
N ALA O 97 -49.20 -20.84 42.49
CA ALA O 97 -49.15 -19.60 43.23
C ALA O 97 -47.84 -19.52 44.03
N PHE O 98 -47.62 -18.36 44.65
CA PHE O 98 -46.45 -18.19 45.48
C PHE O 98 -46.57 -18.94 46.79
N ASP O 99 -47.71 -19.56 47.06
CA ASP O 99 -47.98 -20.17 48.35
C ASP O 99 -47.61 -21.64 48.40
N LYS O 100 -47.17 -22.23 47.29
CA LYS O 100 -46.96 -23.67 47.20
C LYS O 100 -45.57 -23.97 46.68
N LEU O 101 -44.84 -24.81 47.41
CA LEU O 101 -43.59 -25.38 46.95
C LEU O 101 -43.70 -26.88 47.10
N LYS O 102 -42.94 -27.63 46.32
CA LYS O 102 -42.88 -29.08 46.49
C LYS O 102 -41.43 -29.52 46.62
N ILE O 103 -41.17 -30.35 47.62
CA ILE O 103 -39.89 -31.04 47.75
C ILE O 103 -40.11 -32.50 47.36
N SER O 104 -39.39 -32.93 46.33
CA SER O 104 -39.51 -34.28 45.81
C SER O 104 -38.19 -35.00 46.08
N ILE O 105 -38.24 -36.02 46.91
CA ILE O 105 -37.08 -36.85 47.20
C ILE O 105 -37.29 -38.21 46.58
N ARG O 106 -36.30 -38.65 45.80
CA ARG O 106 -36.31 -39.99 45.23
C ARG O 106 -34.99 -40.67 45.55
N ILE O 107 -35.08 -41.88 46.10
CA ILE O 107 -33.92 -42.75 46.15
C ILE O 107 -33.98 -43.55 44.85
N ARG O 108 -33.64 -42.89 43.75
CA ARG O 108 -33.54 -43.46 42.41
C ARG O 108 -34.85 -43.99 41.85
N ASP O 109 -35.88 -44.18 42.68
CA ASP O 109 -37.15 -44.64 42.12
C ASP O 109 -38.37 -44.12 42.89
N ILE O 110 -38.19 -43.61 44.11
CA ILE O 110 -39.34 -43.53 44.99
C ILE O 110 -40.16 -42.27 44.72
N THR O 111 -39.52 -41.20 44.25
CA THR O 111 -40.15 -39.94 43.84
C THR O 111 -41.31 -39.55 44.76
N ILE O 112 -41.06 -39.63 46.06
CA ILE O 112 -42.07 -39.22 47.02
C ILE O 112 -41.92 -37.72 47.27
N THR O 113 -43.05 -37.01 47.24
CA THR O 113 -43.05 -35.56 47.25
C THR O 113 -43.93 -35.05 48.37
N GLN O 114 -43.56 -33.90 48.92
CA GLN O 114 -44.35 -33.24 49.95
C GLN O 114 -44.49 -31.77 49.62
N ASP O 115 -45.69 -31.23 49.87
CA ASP O 115 -45.96 -29.82 49.62
C ASP O 115 -45.49 -29.01 50.83
N VAL O 116 -44.49 -28.18 50.62
CA VAL O 116 -44.02 -27.28 51.65
C VAL O 116 -44.50 -25.87 51.33
N VAL O 117 -44.37 -25.00 52.32
CA VAL O 117 -44.64 -23.57 52.19
C VAL O 117 -43.50 -22.80 52.83
N LEU O 118 -43.15 -21.67 52.22
CA LEU O 118 -42.08 -20.85 52.77
C LEU O 118 -42.66 -19.55 53.32
N ILE P 7 -17.87 -101.59 9.91
CA ILE P 7 -17.20 -100.38 10.37
C ILE P 7 -18.09 -99.16 10.19
N ASP P 8 -18.01 -98.25 11.15
CA ASP P 8 -18.62 -96.93 11.14
C ASP P 8 -17.70 -95.96 11.85
N PRO P 9 -17.31 -94.87 11.20
CA PRO P 9 -16.45 -93.88 11.87
C PRO P 9 -17.20 -93.08 12.92
N LEU P 10 -16.55 -92.06 13.47
CA LEU P 10 -17.10 -91.26 14.55
C LEU P 10 -17.01 -89.79 14.17
N LEU P 11 -17.59 -88.95 15.01
CA LEU P 11 -17.48 -87.51 14.86
C LEU P 11 -16.92 -86.87 16.11
N THR P 12 -16.84 -85.55 16.08
CA THR P 12 -16.15 -84.75 17.08
C THR P 12 -17.13 -84.02 18.00
N LEU P 13 -18.28 -83.60 17.47
CA LEU P 13 -19.32 -82.96 18.27
C LEU P 13 -19.62 -83.84 19.46
N GLU P 14 -19.10 -83.43 20.62
CA GLU P 14 -19.28 -84.10 21.92
C GLU P 14 -19.03 -85.60 21.85
N LEU P 15 -18.31 -86.09 20.84
CA LEU P 15 -17.89 -87.50 20.85
C LEU P 15 -16.38 -87.64 20.88
N SER P 16 -15.68 -87.26 19.81
CA SER P 16 -14.22 -87.18 19.79
C SER P 16 -13.69 -86.61 18.49
N GLY P 17 -12.83 -85.61 18.55
CA GLY P 17 -12.06 -85.27 17.37
C GLY P 17 -10.82 -86.15 17.26
N VAL P 18 -9.93 -86.00 18.23
CA VAL P 18 -8.76 -86.84 18.42
C VAL P 18 -8.62 -87.10 19.90
N LYS P 19 -7.72 -88.02 20.25
CA LYS P 19 -7.60 -88.44 21.64
C LYS P 19 -7.13 -87.29 22.52
N THR P 20 -6.01 -86.67 22.16
CA THR P 20 -5.51 -85.50 22.88
C THR P 20 -5.00 -84.50 21.83
N TYR P 21 -4.36 -83.44 22.30
CA TYR P 21 -3.92 -82.36 21.40
C TYR P 21 -2.66 -82.78 20.67
N GLU P 22 -2.86 -83.54 19.59
CA GLU P 22 -1.80 -83.83 18.63
C GLU P 22 -1.87 -82.83 17.47
N SER P 23 -3.00 -82.81 16.77
CA SER P 23 -3.29 -81.80 15.77
C SER P 23 -3.78 -80.58 16.53
N GLN P 24 -2.83 -79.72 16.92
CA GLN P 24 -3.06 -78.65 17.88
C GLN P 24 -4.27 -77.79 17.55
N GLU P 25 -4.25 -77.12 16.40
CA GLU P 25 -5.21 -76.05 16.18
C GLU P 25 -6.61 -76.61 15.94
N GLU P 26 -6.73 -77.67 15.15
CA GLU P 26 -8.04 -78.30 15.01
C GLU P 26 -8.52 -78.88 16.32
N ALA P 27 -7.60 -79.32 17.18
CA ALA P 27 -7.99 -79.81 18.49
C ALA P 27 -8.60 -78.68 19.33
N TRP P 28 -7.92 -77.53 19.36
CA TRP P 28 -8.49 -76.40 20.09
C TRP P 28 -9.81 -75.95 19.50
N GLY P 29 -9.91 -75.97 18.17
CA GLY P 29 -11.18 -75.66 17.54
C GLY P 29 -12.27 -76.62 17.96
N ALA P 30 -11.94 -77.90 18.07
CA ALA P 30 -12.91 -78.87 18.56
C ALA P 30 -13.34 -78.56 19.98
N ARG P 31 -12.37 -78.25 20.85
CA ARG P 31 -12.70 -77.99 22.25
C ARG P 31 -13.64 -76.79 22.33
N LEU P 32 -13.31 -75.72 21.60
CA LEU P 32 -14.17 -74.57 21.53
C LEU P 32 -15.53 -74.93 20.94
N TYR P 33 -15.57 -75.94 20.07
CA TYR P 33 -16.83 -76.32 19.46
C TYR P 33 -17.77 -76.92 20.50
N GLU P 34 -17.26 -77.84 21.33
CA GLU P 34 -18.16 -78.32 22.38
C GLU P 34 -18.37 -77.28 23.45
N TRP P 35 -17.53 -76.26 23.54
CA TRP P 35 -17.87 -75.13 24.39
C TRP P 35 -19.08 -74.39 23.85
N LEU P 36 -19.04 -74.05 22.55
CA LEU P 36 -20.04 -73.19 21.97
C LEU P 36 -21.35 -73.90 21.66
N ASN P 37 -21.36 -75.22 21.58
CA ASN P 37 -22.58 -75.92 21.24
C ASN P 37 -23.50 -76.12 22.44
N THR P 38 -23.12 -75.60 23.61
CA THR P 38 -23.89 -75.76 24.84
C THR P 38 -24.33 -74.41 25.37
N TYR P 39 -25.53 -74.36 25.93
CA TYR P 39 -26.13 -73.14 26.46
C TYR P 39 -26.15 -73.16 27.99
N GLN P 40 -26.53 -72.03 28.57
CA GLN P 40 -26.69 -71.96 30.01
C GLN P 40 -27.84 -72.85 30.49
N GLY P 41 -27.65 -73.43 31.67
CA GLY P 41 -28.66 -74.28 32.24
C GLY P 41 -28.74 -75.65 31.63
N GLU P 42 -27.84 -76.00 30.72
CA GLU P 42 -27.83 -77.30 30.07
C GLU P 42 -26.59 -78.11 30.42
N VAL P 43 -25.90 -77.74 31.49
CA VAL P 43 -24.69 -78.44 31.92
C VAL P 43 -24.56 -78.31 33.43
N TYR P 44 -24.21 -79.42 34.06
CA TYR P 44 -24.07 -79.47 35.50
C TYR P 44 -22.86 -78.67 35.96
N GLY P 45 -22.85 -78.31 37.23
CA GLY P 45 -21.67 -77.70 37.85
C GLY P 45 -21.42 -76.26 37.49
N ASP P 46 -21.30 -75.97 36.19
CA ASP P 46 -21.05 -74.62 35.69
C ASP P 46 -22.11 -74.31 34.65
N PRO P 47 -23.32 -73.93 35.07
CA PRO P 47 -24.34 -73.56 34.09
C PRO P 47 -23.93 -72.42 33.19
N SER P 48 -23.14 -71.47 33.70
CA SER P 48 -22.63 -70.38 32.87
C SER P 48 -21.69 -70.87 31.78
N TRP P 49 -21.11 -72.07 31.96
CA TRP P 49 -20.22 -72.63 30.96
C TRP P 49 -20.95 -72.83 29.64
N GLY P 50 -20.23 -72.61 28.54
CA GLY P 50 -20.77 -72.80 27.21
C GLY P 50 -21.17 -71.47 26.58
N ASN P 51 -21.71 -71.58 25.38
CA ASN P 51 -22.13 -70.39 24.66
C ASN P 51 -23.23 -69.66 25.43
N VAL P 52 -23.28 -68.34 25.23
CA VAL P 52 -24.11 -67.47 26.04
C VAL P 52 -25.09 -66.81 25.07
N LEU P 53 -25.48 -67.58 24.06
CA LEU P 53 -26.63 -67.22 23.24
C LEU P 53 -27.81 -66.73 24.05
N PRO P 54 -28.20 -67.36 25.16
CA PRO P 54 -29.33 -66.82 25.95
C PRO P 54 -29.16 -65.35 26.29
N GLN P 55 -27.95 -64.84 26.31
CA GLN P 55 -27.78 -63.39 26.37
C GLN P 55 -27.83 -62.80 24.98
N PHE P 56 -26.97 -63.27 24.08
CA PHE P 56 -26.83 -62.59 22.79
C PHE P 56 -27.61 -63.33 21.70
N LYS P 57 -28.93 -63.42 21.88
CA LYS P 57 -29.73 -64.00 20.80
C LYS P 57 -30.16 -62.99 19.75
N HIS P 58 -31.15 -62.16 20.08
CA HIS P 58 -32.04 -61.56 19.10
C HIS P 58 -32.05 -60.05 19.26
N GLU P 59 -30.86 -59.50 19.45
CA GLU P 59 -30.67 -58.06 19.50
C GLU P 59 -30.84 -57.47 18.10
N PRO P 60 -31.20 -56.20 18.00
CA PRO P 60 -31.23 -55.57 16.67
C PRO P 60 -29.85 -55.63 16.02
N THR P 61 -29.84 -56.03 14.74
CA THR P 61 -28.58 -56.25 14.04
C THR P 61 -27.75 -54.99 13.88
N ASN P 62 -28.36 -53.82 14.01
CA ASN P 62 -27.70 -52.56 13.71
C ASN P 62 -27.26 -51.80 14.96
N LEU P 63 -27.40 -52.39 16.15
CA LEU P 63 -26.96 -51.73 17.37
C LEU P 63 -25.51 -52.16 17.64
N SER P 64 -24.63 -51.65 16.77
CA SER P 64 -23.23 -52.08 16.76
C SER P 64 -22.62 -51.99 18.15
N HIS P 65 -23.03 -50.99 18.93
CA HIS P 65 -22.59 -50.87 20.32
C HIS P 65 -22.98 -52.10 21.16
N VAL P 66 -24.23 -52.55 21.07
CA VAL P 66 -24.59 -53.71 21.88
C VAL P 66 -23.88 -54.94 21.36
N GLN P 67 -23.72 -55.06 20.03
CA GLN P 67 -23.02 -56.23 19.51
C GLN P 67 -21.57 -56.27 19.95
N ILE P 68 -20.87 -55.13 19.92
CA ILE P 68 -19.49 -55.14 20.35
C ILE P 68 -19.39 -55.42 21.84
N ALA P 69 -20.31 -54.87 22.63
CA ALA P 69 -20.29 -55.16 24.06
C ALA P 69 -20.46 -56.65 24.33
N VAL P 70 -21.44 -57.27 23.66
CA VAL P 70 -21.71 -58.68 23.95
C VAL P 70 -20.58 -59.55 23.45
N GLU P 71 -20.01 -59.24 22.27
CA GLU P 71 -18.91 -60.06 21.79
C GLU P 71 -17.70 -59.93 22.69
N ALA P 72 -17.41 -58.72 23.17
CA ALA P 72 -16.28 -58.55 24.07
C ALA P 72 -16.47 -59.33 25.36
N MET P 73 -17.66 -59.22 25.96
CA MET P 73 -17.87 -59.94 27.21
C MET P 73 -17.82 -61.44 27.00
N LEU P 74 -18.42 -61.95 25.91
CA LEU P 74 -18.39 -63.38 25.69
C LEU P 74 -16.97 -63.88 25.47
N LEU P 75 -16.18 -63.13 24.69
CA LEU P 75 -14.82 -63.60 24.43
C LEU P 75 -14.01 -63.59 25.70
N GLN P 76 -14.14 -62.54 26.52
CA GLN P 76 -13.36 -62.49 27.74
C GLN P 76 -13.75 -63.62 28.69
N LYS P 77 -15.04 -63.94 28.80
CA LYS P 77 -15.41 -64.98 29.74
C LYS P 77 -15.01 -66.36 29.22
N LEU P 78 -15.13 -66.60 27.93
CA LEU P 78 -14.69 -67.90 27.42
C LEU P 78 -13.18 -68.04 27.56
N THR P 79 -12.44 -66.95 27.39
CA THR P 79 -10.99 -67.01 27.61
C THR P 79 -10.67 -67.30 29.06
N VAL P 80 -11.31 -66.62 30.00
CA VAL P 80 -10.99 -66.89 31.39
C VAL P 80 -11.47 -68.28 31.78
N ASP P 81 -12.43 -68.83 31.04
CA ASP P 81 -12.90 -70.18 31.31
C ASP P 81 -11.92 -71.22 30.78
N LEU P 82 -11.41 -71.02 29.57
CA LEU P 82 -10.34 -71.85 28.99
C LEU P 82 -9.15 -70.95 28.70
N PRO P 83 -8.27 -70.75 29.68
CA PRO P 83 -7.03 -69.99 29.42
C PRO P 83 -6.12 -70.68 28.42
N ASP P 84 -6.29 -71.99 28.21
CA ASP P 84 -5.41 -72.73 27.31
C ASP P 84 -5.51 -72.22 25.88
N ILE P 85 -6.69 -71.80 25.46
CA ILE P 85 -6.92 -71.37 24.09
C ILE P 85 -7.25 -69.88 24.09
N PRO P 86 -6.27 -69.03 23.78
CA PRO P 86 -6.57 -67.62 23.52
C PRO P 86 -7.16 -67.42 22.14
N ILE P 87 -7.70 -66.24 21.92
CA ILE P 87 -8.45 -65.90 20.71
C ILE P 87 -7.59 -65.01 19.82
N SER P 88 -7.56 -65.33 18.53
CA SER P 88 -6.81 -64.55 17.54
C SER P 88 -7.73 -63.67 16.71
N GLY P 89 -8.71 -64.27 16.03
CA GLY P 89 -9.55 -63.49 15.16
C GLY P 89 -11.03 -63.81 15.26
N LEU P 90 -11.84 -62.79 15.57
CA LEU P 90 -13.29 -62.89 15.59
C LEU P 90 -13.86 -61.93 14.55
N SER P 91 -14.73 -62.43 13.69
CA SER P 91 -15.31 -61.64 12.60
C SER P 91 -16.83 -61.81 12.60
N VAL P 92 -17.53 -60.70 12.37
CA VAL P 92 -18.99 -60.67 12.32
C VAL P 92 -19.38 -60.13 10.95
N ALA P 93 -20.02 -60.97 10.13
CA ALA P 93 -20.30 -60.63 8.74
C ALA P 93 -21.75 -60.90 8.40
N GLU P 94 -22.47 -59.86 7.98
CA GLU P 94 -23.87 -60.01 7.64
C GLU P 94 -24.01 -60.79 6.33
N GLY P 95 -25.22 -61.26 6.06
CA GLY P 95 -25.51 -62.07 4.90
C GLY P 95 -26.25 -61.34 3.81
N ASP P 96 -26.78 -62.11 2.87
CA ASP P 96 -27.56 -61.55 1.76
C ASP P 96 -28.82 -60.86 2.26
N ALA P 97 -29.51 -61.48 3.22
CA ALA P 97 -30.71 -60.92 3.81
C ALA P 97 -30.42 -60.47 5.24
N PHE P 98 -31.42 -59.80 5.83
CA PHE P 98 -31.30 -59.38 7.22
C PHE P 98 -31.39 -60.54 8.19
N ASP P 99 -31.65 -61.74 7.70
CA ASP P 99 -31.92 -62.89 8.56
C ASP P 99 -30.67 -63.71 8.86
N LYS P 100 -29.53 -63.37 8.27
CA LYS P 100 -28.34 -64.20 8.36
C LYS P 100 -27.15 -63.37 8.83
N LEU P 101 -26.47 -63.85 9.87
CA LEU P 101 -25.19 -63.30 10.29
C LEU P 101 -24.23 -64.47 10.37
N LYS P 102 -22.94 -64.20 10.25
CA LYS P 102 -21.92 -65.24 10.45
C LYS P 102 -20.90 -64.75 11.45
N ILE P 103 -20.59 -65.61 12.42
CA ILE P 103 -19.47 -65.40 13.33
C ILE P 103 -18.36 -66.36 12.92
N SER P 104 -17.21 -65.79 12.56
CA SER P 104 -16.07 -66.56 12.11
C SER P 104 -14.97 -66.41 13.15
N ILE P 105 -14.61 -67.50 13.80
CA ILE P 105 -13.52 -67.53 14.77
C ILE P 105 -12.36 -68.31 14.18
N ARG P 106 -11.19 -67.69 14.19
CA ARG P 106 -9.97 -68.36 13.76
C ARG P 106 -8.92 -68.22 14.84
N ILE P 107 -8.33 -69.34 15.24
CA ILE P 107 -7.10 -69.28 16.02
C ILE P 107 -5.99 -69.30 14.99
N ARG P 108 -5.81 -68.17 14.32
CA ARG P 108 -4.76 -67.91 13.34
C ARG P 108 -4.82 -68.79 12.09
N ASP P 109 -5.59 -69.88 12.10
CA ASP P 109 -5.68 -70.68 10.88
C ASP P 109 -7.04 -71.34 10.71
N ILE P 110 -7.83 -71.44 11.79
CA ILE P 110 -8.89 -72.43 11.77
C ILE P 110 -10.12 -71.93 11.02
N THR P 111 -10.36 -70.62 11.03
CA THR P 111 -11.43 -69.95 10.29
C THR P 111 -12.73 -70.75 10.28
N ILE P 112 -13.11 -71.24 11.46
CA ILE P 112 -14.37 -71.96 11.58
C ILE P 112 -15.49 -70.96 11.84
N THR P 113 -16.58 -71.10 11.10
CA THR P 113 -17.64 -70.11 11.07
C THR P 113 -18.97 -70.77 11.39
N GLN P 114 -19.86 -70.00 12.02
CA GLN P 114 -21.20 -70.46 12.33
C GLN P 114 -22.19 -69.39 11.96
N ASP P 115 -23.33 -69.81 11.40
CA ASP P 115 -24.39 -68.90 11.00
C ASP P 115 -25.26 -68.61 12.22
N VAL P 116 -25.25 -67.37 12.67
CA VAL P 116 -26.11 -66.92 13.74
C VAL P 116 -27.24 -66.10 13.17
N VAL P 117 -28.24 -65.86 14.01
CA VAL P 117 -29.36 -64.98 13.71
C VAL P 117 -29.59 -64.07 14.89
N LEU P 118 -29.97 -62.83 14.61
CA LEU P 118 -30.23 -61.89 15.68
C LEU P 118 -31.72 -61.59 15.75
N ILE Q 7 60.03 -84.45 -1.23
CA ILE Q 7 59.30 -83.45 -0.48
C ILE Q 7 58.01 -83.05 -1.20
N ASP Q 8 56.98 -82.81 -0.40
CA ASP Q 8 55.70 -82.25 -0.82
C ASP Q 8 55.17 -81.37 0.28
N PRO Q 9 54.86 -80.11 0.00
CA PRO Q 9 54.29 -79.23 1.03
C PRO Q 9 52.85 -79.58 1.38
N LEU Q 10 52.23 -78.75 2.21
CA LEU Q 10 50.86 -78.97 2.67
C LEU Q 10 50.03 -77.72 2.42
N LEU Q 11 48.75 -77.83 2.69
CA LEU Q 11 47.84 -76.70 2.61
C LEU Q 11 47.10 -76.49 3.93
N THR Q 12 46.21 -75.51 3.93
CA THR Q 12 45.54 -75.02 5.12
C THR Q 12 44.10 -75.50 5.23
N LEU Q 13 43.41 -75.65 4.10
CA LEU Q 13 42.05 -76.15 4.06
C LEU Q 13 42.00 -77.46 4.82
N GLU Q 14 41.46 -77.42 6.03
CA GLU Q 14 41.29 -78.55 6.94
C GLU Q 14 42.55 -79.39 7.08
N LEU Q 15 43.73 -78.86 6.74
CA LEU Q 15 44.96 -79.59 7.04
C LEU Q 15 45.87 -78.83 8.00
N SER Q 16 46.43 -77.68 7.59
CA SER Q 16 47.16 -76.79 8.49
C SER Q 16 47.61 -75.52 7.80
N GLY Q 17 47.30 -74.36 8.36
CA GLY Q 17 47.98 -73.16 7.91
C GLY Q 17 49.31 -73.01 8.59
N VAL Q 18 49.25 -72.83 9.91
CA VAL Q 18 50.40 -72.80 10.79
C VAL Q 18 50.01 -73.55 12.06
N LYS Q 19 51.01 -73.81 12.91
CA LYS Q 19 50.77 -74.64 14.08
C LYS Q 19 49.80 -73.98 15.04
N THR Q 20 50.08 -72.75 15.44
CA THR Q 20 49.18 -71.96 16.29
C THR Q 20 49.20 -70.53 15.76
N TYR Q 21 48.56 -69.62 16.51
CA TYR Q 21 48.40 -68.24 16.05
C TYR Q 21 49.69 -67.47 16.26
N GLU Q 22 50.61 -67.64 15.31
CA GLU Q 22 51.79 -66.80 15.22
C GLU Q 22 51.56 -65.65 14.24
N SER Q 23 51.25 -65.98 13.00
CA SER Q 23 50.78 -65.00 12.01
C SER Q 23 49.31 -64.80 12.28
N GLN Q 24 49.02 -63.81 13.15
CA GLN Q 24 47.70 -63.64 13.74
C GLN Q 24 46.58 -63.61 12.72
N GLU Q 25 46.60 -62.61 11.82
CA GLU Q 25 45.42 -62.34 11.01
C GLU Q 25 45.18 -63.43 9.98
N GLU Q 26 46.24 -63.89 9.31
CA GLU Q 26 46.07 -65.01 8.40
C GLU Q 26 45.66 -66.27 9.14
N ALA Q 27 46.09 -66.42 10.40
CA ALA Q 27 45.66 -67.56 11.19
C ALA Q 27 44.16 -67.50 11.44
N TRP Q 28 43.65 -66.34 11.86
CA TRP Q 28 42.22 -66.21 12.07
C TRP Q 28 41.46 -66.41 10.76
N GLY Q 29 42.00 -65.89 9.66
CA GLY Q 29 41.38 -66.13 8.37
C GLY Q 29 41.31 -67.60 8.04
N ALA Q 30 42.37 -68.34 8.36
CA ALA Q 30 42.37 -69.78 8.16
C ALA Q 30 41.28 -70.44 9.00
N ARG Q 31 41.19 -70.07 10.27
CA ARG Q 31 40.20 -70.68 11.16
C ARG Q 31 38.80 -70.44 10.61
N LEU Q 32 38.53 -69.20 10.21
CA LEU Q 32 37.25 -68.87 9.59
C LEU Q 32 37.06 -69.65 8.30
N TYR Q 33 38.15 -69.98 7.62
CA TYR Q 33 38.04 -70.73 6.37
C TYR Q 33 37.52 -72.13 6.64
N GLU Q 34 38.10 -72.83 7.63
CA GLU Q 34 37.51 -74.14 7.91
C GLU Q 34 36.17 -74.03 8.60
N TRP Q 35 35.83 -72.87 9.15
CA TRP Q 35 34.45 -72.67 9.59
C TRP Q 35 33.51 -72.61 8.39
N LEU Q 36 33.86 -71.80 7.39
CA LEU Q 36 32.95 -71.52 6.29
C LEU Q 36 32.91 -72.63 5.26
N ASN Q 37 33.90 -73.50 5.23
CA ASN Q 37 33.91 -74.54 4.21
C ASN Q 37 33.05 -75.74 4.59
N THR Q 38 32.35 -75.68 5.72
CA THR Q 38 31.53 -76.77 6.22
C THR Q 38 30.08 -76.34 6.33
N TYR Q 39 29.16 -77.25 6.02
CA TYR Q 39 27.73 -76.98 6.05
C TYR Q 39 27.07 -77.68 7.23
N GLN Q 40 25.79 -77.39 7.42
CA GLN Q 40 25.02 -78.06 8.45
C GLN Q 40 24.85 -79.54 8.13
N GLY Q 41 24.86 -80.35 9.18
CA GLY Q 41 24.69 -81.77 9.03
C GLY Q 41 25.91 -82.50 8.54
N GLU Q 42 27.04 -81.81 8.39
CA GLU Q 42 28.28 -82.43 7.92
C GLU Q 42 29.35 -82.43 8.99
N VAL Q 43 28.97 -82.26 10.25
CA VAL Q 43 29.93 -82.25 11.35
C VAL Q 43 29.24 -82.78 12.60
N TYR Q 44 29.91 -83.69 13.28
CA TYR Q 44 29.42 -84.25 14.52
C TYR Q 44 29.38 -83.20 15.63
N GLY Q 45 28.52 -83.44 16.61
CA GLY Q 45 28.45 -82.58 17.79
C GLY Q 45 27.71 -81.28 17.64
N ASP Q 46 28.13 -80.45 16.69
CA ASP Q 46 27.49 -79.15 16.44
C ASP Q 46 27.16 -79.09 14.95
N PRO Q 47 26.03 -79.70 14.54
CA PRO Q 47 25.64 -79.60 13.13
C PRO Q 47 25.45 -78.17 12.66
N SER Q 48 24.99 -77.28 13.54
CA SER Q 48 24.85 -75.86 13.20
C SER Q 48 26.18 -75.19 12.97
N TRP Q 49 27.27 -75.77 13.48
CA TRP Q 49 28.60 -75.20 13.26
C TRP Q 49 28.91 -75.14 11.77
N GLY Q 50 29.59 -74.08 11.36
CA GLY Q 50 30.00 -73.93 9.98
C GLY Q 50 29.07 -73.01 9.21
N ASN Q 51 29.38 -72.87 7.92
CA ASN Q 51 28.60 -71.97 7.08
C ASN Q 51 27.16 -72.45 6.98
N VAL Q 52 26.26 -71.50 6.76
CA VAL Q 52 24.83 -71.74 6.85
C VAL Q 52 24.26 -71.43 5.45
N LEU Q 53 25.07 -71.73 4.44
CA LEU Q 53 24.56 -71.79 3.07
C LEU Q 53 23.22 -72.49 2.96
N PRO Q 54 22.98 -73.65 3.61
CA PRO Q 54 21.65 -74.27 3.51
C PRO Q 54 20.53 -73.32 3.85
N GLN Q 55 20.80 -72.27 4.62
CA GLN Q 55 19.81 -71.21 4.74
C GLN Q 55 19.96 -70.22 3.58
N PHE Q 56 21.15 -69.65 3.44
CA PHE Q 56 21.28 -68.54 2.49
C PHE Q 56 21.89 -69.01 1.17
N LYS Q 57 21.18 -69.92 0.49
CA LYS Q 57 21.65 -70.32 -0.83
C LYS Q 57 21.16 -69.41 -1.94
N HIS Q 58 19.90 -69.55 -2.32
CA HIS Q 58 19.41 -69.23 -3.66
C HIS Q 58 18.27 -68.25 -3.56
N GLU Q 59 18.42 -67.28 -2.68
CA GLU Q 59 17.48 -66.19 -2.56
C GLU Q 59 17.58 -65.27 -3.76
N PRO Q 60 16.49 -64.57 -4.10
CA PRO Q 60 16.58 -63.56 -5.17
C PRO Q 60 17.63 -62.51 -4.83
N THR Q 61 18.48 -62.21 -5.81
CA THR Q 61 19.61 -61.33 -5.56
C THR Q 61 19.19 -59.91 -5.18
N ASN Q 62 17.95 -59.53 -5.49
CA ASN Q 62 17.50 -58.17 -5.33
C ASN Q 62 16.63 -57.94 -4.10
N LEU Q 63 16.43 -58.96 -3.26
CA LEU Q 63 15.65 -58.80 -2.03
C LEU Q 63 16.58 -58.37 -0.90
N SER Q 64 16.99 -57.10 -0.98
CA SER Q 64 18.03 -56.59 -0.10
C SER Q 64 17.69 -56.80 1.36
N HIS Q 65 16.41 -56.76 1.72
CA HIS Q 65 16.02 -56.99 3.10
C HIS Q 65 16.38 -58.41 3.53
N VAL Q 66 16.07 -59.40 2.71
CA VAL Q 66 16.40 -60.77 3.11
C VAL Q 66 17.90 -60.96 3.12
N GLN Q 67 18.62 -60.36 2.17
CA GLN Q 67 20.07 -60.53 2.18
C GLN Q 67 20.68 -59.90 3.44
N ILE Q 68 20.24 -58.71 3.83
CA ILE Q 68 20.83 -58.09 5.01
C ILE Q 68 20.44 -58.88 6.26
N ALA Q 69 19.22 -59.40 6.31
CA ALA Q 69 18.81 -60.21 7.45
C ALA Q 69 19.69 -61.44 7.57
N VAL Q 70 19.91 -62.15 6.47
CA VAL Q 70 20.66 -63.39 6.54
C VAL Q 70 22.12 -63.12 6.85
N GLU Q 71 22.70 -62.06 6.28
CA GLU Q 71 24.09 -61.77 6.58
C GLU Q 71 24.26 -61.38 8.04
N ALA Q 72 23.31 -60.60 8.58
CA ALA Q 72 23.40 -60.21 9.98
C ALA Q 72 23.30 -61.43 10.88
N MET Q 73 22.33 -62.31 10.62
CA MET Q 73 22.19 -63.47 11.48
C MET Q 73 23.40 -64.38 11.38
N LEU Q 74 23.93 -64.60 10.17
CA LEU Q 74 25.08 -65.48 10.04
C LEU Q 74 26.28 -64.89 10.76
N LEU Q 75 26.51 -63.58 10.63
CA LEU Q 75 27.68 -63.01 11.27
C LEU Q 75 27.54 -63.08 12.79
N GLN Q 76 26.35 -62.78 13.31
CA GLN Q 76 26.19 -62.84 14.76
C GLN Q 76 26.37 -64.25 15.29
N LYS Q 77 25.87 -65.26 14.56
CA LYS Q 77 26.01 -66.61 15.10
C LYS Q 77 27.45 -67.10 14.98
N LEU Q 78 28.14 -66.75 13.90
CA LEU Q 78 29.54 -67.16 13.81
C LEU Q 78 30.38 -66.45 14.85
N THR Q 79 30.05 -65.20 15.17
CA THR Q 79 30.77 -64.50 16.23
C THR Q 79 30.52 -65.15 17.58
N VAL Q 80 29.26 -65.42 17.93
CA VAL Q 80 29.02 -66.05 19.22
C VAL Q 80 29.58 -67.46 19.22
N ASP Q 81 29.75 -68.05 18.05
CA ASP Q 81 30.37 -69.37 17.94
C ASP Q 81 31.85 -69.30 18.22
N LEU Q 82 32.54 -68.31 17.65
CA LEU Q 82 33.97 -68.10 17.81
C LEU Q 82 34.21 -66.68 18.29
N PRO Q 83 34.07 -66.43 19.60
CA PRO Q 83 34.29 -65.07 20.11
C PRO Q 83 35.72 -64.58 19.93
N ASP Q 84 36.67 -65.48 19.71
CA ASP Q 84 38.06 -65.09 19.54
C ASP Q 84 38.25 -64.17 18.36
N ILE Q 85 37.49 -64.37 17.29
CA ILE Q 85 37.65 -63.60 16.06
C ILE Q 85 36.39 -62.77 15.83
N PRO Q 86 36.42 -61.50 16.18
CA PRO Q 86 35.36 -60.59 15.76
C PRO Q 86 35.51 -60.18 14.30
N ILE Q 87 34.45 -59.59 13.77
CA ILE Q 87 34.33 -59.25 12.35
C ILE Q 87 34.53 -57.75 12.17
N SER Q 88 35.35 -57.39 11.19
CA SER Q 88 35.60 -55.98 10.85
C SER Q 88 34.86 -55.55 9.60
N GLY Q 89 35.10 -56.24 8.48
CA GLY Q 89 34.49 -55.83 7.24
C GLY Q 89 33.88 -56.94 6.41
N LEU Q 90 32.59 -56.83 6.14
CA LEU Q 90 31.87 -57.73 5.25
C LEU Q 90 31.32 -56.95 4.07
N SER Q 91 31.59 -57.42 2.86
CA SER Q 91 31.18 -56.74 1.64
C SER Q 91 30.48 -57.73 0.71
N VAL Q 92 29.41 -57.27 0.07
CA VAL Q 92 28.63 -58.07 -0.87
C VAL Q 92 28.63 -57.34 -2.20
N ALA Q 93 29.27 -57.91 -3.21
CA ALA Q 93 29.49 -57.22 -4.49
C ALA Q 93 29.05 -58.10 -5.65
N GLU Q 94 28.10 -57.62 -6.45
CA GLU Q 94 27.63 -58.39 -7.58
C GLU Q 94 28.70 -58.42 -8.68
N GLY Q 95 28.51 -59.33 -9.63
CA GLY Q 95 29.46 -59.54 -10.70
C GLY Q 95 29.01 -58.98 -12.03
N ASP Q 96 29.70 -59.41 -13.09
CA ASP Q 96 29.36 -58.99 -14.44
C ASP Q 96 27.98 -59.46 -14.85
N ALA Q 97 27.64 -60.70 -14.51
CA ALA Q 97 26.34 -61.28 -14.80
C ALA Q 97 25.53 -61.43 -13.52
N PHE Q 98 24.26 -61.81 -13.69
CA PHE Q 98 23.42 -62.05 -12.53
C PHE Q 98 23.79 -63.33 -11.79
N ASP Q 99 24.73 -64.10 -12.32
CA ASP Q 99 25.05 -65.41 -11.79
C ASP Q 99 26.18 -65.39 -10.77
N LYS Q 100 26.80 -64.24 -10.52
CA LYS Q 100 27.99 -64.15 -9.70
C LYS Q 100 27.81 -63.11 -8.62
N LEU Q 101 28.06 -63.50 -7.37
CA LEU Q 101 28.15 -62.58 -6.26
C LEU Q 101 29.48 -62.86 -5.56
N LYS Q 102 30.02 -61.87 -4.87
CA LYS Q 102 31.22 -62.08 -4.06
C LYS Q 102 30.98 -61.59 -2.65
N ILE Q 103 31.34 -62.43 -1.68
CA ILE Q 103 31.38 -62.04 -0.28
C ILE Q 103 32.84 -61.87 0.11
N SER Q 104 33.20 -60.67 0.54
CA SER Q 104 34.56 -60.33 0.91
C SER Q 104 34.58 -60.06 2.40
N ILE Q 105 35.30 -60.89 3.15
CA ILE Q 105 35.46 -60.71 4.59
C ILE Q 105 36.90 -60.33 4.85
N ARG Q 106 37.08 -59.23 5.57
CA ARG Q 106 38.41 -58.79 6.01
C ARG Q 106 38.37 -58.55 7.51
N ILE Q 107 39.34 -59.15 8.21
CA ILE Q 107 39.59 -58.74 9.58
C ILE Q 107 40.65 -57.64 9.47
N ARG Q 108 40.21 -56.47 9.03
CA ARG Q 108 40.99 -55.25 8.91
C ARG Q 108 42.14 -55.35 7.91
N ASP Q 109 42.52 -56.55 7.47
CA ASP Q 109 43.58 -56.62 6.47
C ASP Q 109 43.43 -57.79 5.51
N ILE Q 110 42.60 -58.78 5.84
CA ILE Q 110 42.79 -60.07 5.19
C ILE Q 110 42.10 -60.11 3.83
N THR Q 111 41.01 -59.34 3.67
CA THR Q 111 40.28 -59.18 2.41
C THR Q 111 40.19 -60.48 1.61
N ILE Q 112 39.82 -61.55 2.30
CA ILE Q 112 39.62 -62.84 1.64
C ILE Q 112 38.19 -62.90 1.12
N THR Q 113 38.04 -63.31 -0.13
CA THR Q 113 36.77 -63.23 -0.82
C THR Q 113 36.40 -64.59 -1.38
N GLN Q 114 35.10 -64.85 -1.44
CA GLN Q 114 34.59 -66.08 -2.03
C GLN Q 114 33.43 -65.75 -2.96
N ASP Q 115 33.39 -66.45 -4.10
CA ASP Q 115 32.34 -66.27 -5.08
C ASP Q 115 31.13 -67.11 -4.67
N VAL Q 116 30.04 -66.44 -4.34
CA VAL Q 116 28.79 -67.11 -4.03
C VAL Q 116 27.84 -66.94 -5.21
N VAL Q 117 26.77 -67.73 -5.18
CA VAL Q 117 25.68 -67.64 -6.13
C VAL Q 117 24.37 -67.68 -5.37
N LEU Q 118 23.39 -66.92 -5.85
CA LEU Q 118 22.10 -66.89 -5.19
C LEU Q 118 21.06 -67.57 -6.07
N ILE R 7 93.68 -22.71 38.03
CA ILE R 7 92.23 -22.77 38.14
C ILE R 7 91.58 -22.92 36.77
N ASP R 8 90.51 -23.71 36.74
CA ASP R 8 89.61 -23.88 35.61
C ASP R 8 88.20 -24.07 36.13
N PRO R 9 87.25 -23.26 35.68
CA PRO R 9 85.86 -23.44 36.13
C PRO R 9 85.20 -24.66 35.51
N LEU R 10 83.90 -24.82 35.77
CA LEU R 10 83.13 -25.96 35.28
C LEU R 10 81.90 -25.47 34.54
N LEU R 11 81.18 -26.42 33.95
CA LEU R 11 79.92 -26.14 33.30
C LEU R 11 78.81 -27.00 33.88
N THR R 12 77.62 -26.86 33.30
CA THR R 12 76.39 -27.44 33.81
C THR R 12 75.93 -28.63 33.00
N LEU R 13 76.19 -28.64 31.69
CA LEU R 13 75.86 -29.76 30.83
C LEU R 13 76.45 -31.02 31.44
N GLU R 14 75.59 -31.82 32.05
CA GLU R 14 75.92 -33.11 32.69
C GLU R 14 77.13 -33.02 33.61
N LEU R 15 77.51 -31.83 34.07
CA LEU R 15 78.56 -31.74 35.07
C LEU R 15 78.06 -31.11 36.37
N SER R 16 77.70 -29.81 36.37
CA SER R 16 77.05 -29.18 37.50
C SER R 16 76.67 -27.74 37.20
N GLY R 17 75.41 -27.36 37.43
CA GLY R 17 75.10 -25.96 37.48
C GLY R 17 75.39 -25.38 38.84
N VAL R 18 74.66 -25.87 39.82
CA VAL R 18 74.85 -25.57 41.23
C VAL R 18 74.64 -26.87 42.00
N LYS R 19 74.98 -26.84 43.29
CA LYS R 19 74.95 -28.07 44.07
C LYS R 19 73.53 -28.60 44.21
N THR R 20 72.61 -27.76 44.68
CA THR R 20 71.20 -28.11 44.76
C THR R 20 70.39 -26.89 44.34
N TYR R 21 69.07 -26.96 44.50
CA TYR R 21 68.18 -25.90 44.02
C TYR R 21 68.21 -24.72 44.98
N GLU R 22 69.23 -23.89 44.79
CA GLU R 22 69.29 -22.58 45.44
C GLU R 22 68.74 -21.51 44.51
N SER R 23 69.37 -21.36 43.35
CA SER R 23 68.86 -20.52 42.27
C SER R 23 67.80 -21.35 41.55
N GLN R 24 66.57 -21.23 42.04
CA GLN R 24 65.48 -22.14 41.69
C GLN R 24 65.31 -22.31 40.18
N GLU R 25 64.99 -21.23 39.47
CA GLU R 25 64.52 -21.37 38.10
C GLU R 25 65.64 -21.80 37.16
N GLU R 26 66.82 -21.21 37.30
CA GLU R 26 67.95 -21.68 36.50
C GLU R 26 68.33 -23.10 36.86
N ALA R 27 68.11 -23.51 38.12
CA ALA R 27 68.36 -24.89 38.49
C ALA R 27 67.42 -25.83 37.76
N TRP R 28 66.12 -25.50 37.76
CA TRP R 28 65.17 -26.33 37.02
C TRP R 28 65.49 -26.35 35.54
N GLY R 29 65.88 -25.19 34.99
CA GLY R 29 66.29 -25.14 33.60
C GLY R 29 67.47 -26.06 33.33
N ALA R 30 68.43 -26.09 34.26
CA ALA R 30 69.55 -27.01 34.12
C ALA R 30 69.09 -28.46 34.12
N ARG R 31 68.20 -28.81 35.06
CA ARG R 31 67.75 -30.19 35.16
C ARG R 31 67.07 -30.59 33.86
N LEU R 32 66.18 -29.73 33.36
CA LEU R 32 65.55 -29.97 32.07
C LEU R 32 66.57 -30.04 30.95
N TYR R 33 67.69 -29.34 31.09
CA TYR R 33 68.70 -29.35 30.05
C TYR R 33 69.34 -30.73 29.95
N GLU R 34 69.71 -31.32 31.10
CA GLU R 34 70.23 -32.67 30.98
C GLU R 34 69.13 -33.68 30.68
N TRP R 35 67.87 -33.33 30.89
CA TRP R 35 66.81 -34.18 30.37
C TRP R 35 66.80 -34.16 28.85
N LEU R 36 66.83 -32.96 28.27
CA LEU R 36 66.64 -32.81 26.84
C LEU R 36 67.89 -33.12 26.04
N ASN R 37 69.06 -33.15 26.65
CA ASN R 37 70.27 -33.41 25.87
C ASN R 37 70.51 -34.89 25.67
N THR R 38 69.61 -35.76 26.12
CA THR R 38 69.75 -37.20 26.02
C THR R 38 68.62 -37.79 25.20
N TYR R 39 68.93 -38.82 24.40
CA TYR R 39 67.96 -39.46 23.53
C TYR R 39 67.61 -40.84 24.06
N GLN R 40 66.63 -41.47 23.41
CA GLN R 40 66.27 -42.84 23.76
C GLN R 40 67.38 -43.81 23.44
N GLY R 41 67.52 -44.83 24.28
CA GLY R 41 68.53 -45.84 24.08
C GLY R 41 69.93 -45.41 24.46
N GLU R 42 70.08 -44.21 25.03
CA GLU R 42 71.39 -43.72 25.43
C GLU R 42 71.50 -43.56 26.95
N VAL R 43 70.62 -44.23 27.70
CA VAL R 43 70.66 -44.16 29.15
C VAL R 43 70.12 -45.46 29.72
N TYR R 44 70.82 -45.99 30.71
CA TYR R 44 70.41 -47.22 31.38
C TYR R 44 69.15 -47.00 32.20
N GLY R 45 68.44 -48.09 32.44
CA GLY R 45 67.26 -48.07 33.30
C GLY R 45 65.99 -47.55 32.71
N ASP R 46 66.01 -46.32 32.20
CA ASP R 46 64.85 -45.68 31.57
C ASP R 46 65.27 -45.18 30.20
N PRO R 47 65.31 -46.05 29.20
CA PRO R 47 65.65 -45.59 27.84
C PRO R 47 64.72 -44.51 27.33
N SER R 48 63.45 -44.56 27.72
CA SER R 48 62.49 -43.52 27.33
C SER R 48 62.81 -42.17 27.97
N TRP R 49 63.59 -42.17 29.05
CA TRP R 49 63.98 -40.91 29.69
C TRP R 49 64.76 -40.05 28.72
N GLY R 50 64.53 -38.74 28.81
CA GLY R 50 65.25 -37.79 27.98
C GLY R 50 64.42 -37.35 26.79
N ASN R 51 65.04 -36.50 25.96
CA ASN R 51 64.36 -35.96 24.81
C ASN R 51 63.98 -37.07 23.84
N VAL R 52 62.90 -36.83 23.10
CA VAL R 52 62.26 -37.87 22.30
C VAL R 52 62.34 -37.37 20.86
N LEU R 53 63.43 -36.67 20.56
CA LEU R 53 63.82 -36.43 19.17
C LEU R 53 63.67 -37.65 18.28
N PRO R 54 64.05 -38.87 18.70
CA PRO R 54 63.86 -40.01 17.79
C PRO R 54 62.42 -40.16 17.34
N GLN R 55 61.46 -39.65 18.09
CA GLN R 55 60.11 -39.50 17.54
C GLN R 55 60.02 -38.23 16.71
N PHE R 56 60.25 -37.08 17.33
CA PHE R 56 60.02 -35.82 16.64
C PHE R 56 61.30 -35.31 15.99
N LYS R 57 61.81 -36.10 15.04
CA LYS R 57 62.99 -35.67 14.28
C LYS R 57 62.63 -34.73 13.14
N HIS R 58 62.13 -35.30 12.04
CA HIS R 58 62.22 -34.74 10.71
C HIS R 58 60.86 -34.74 10.01
N GLU R 59 59.83 -34.33 10.74
CA GLU R 59 58.49 -34.24 10.19
C GLU R 59 58.37 -33.02 9.29
N PRO R 60 57.42 -33.02 8.35
CA PRO R 60 57.20 -31.80 7.55
C PRO R 60 56.86 -30.62 8.44
N THR R 61 57.52 -29.49 8.19
CA THR R 61 57.38 -28.33 9.07
C THR R 61 55.97 -27.77 9.06
N ASN R 62 55.16 -28.09 8.05
CA ASN R 62 53.86 -27.47 7.88
C ASN R 62 52.70 -28.36 8.30
N LEU R 63 52.96 -29.54 8.85
CA LEU R 63 51.89 -30.42 9.34
C LEU R 63 51.59 -30.09 10.79
N SER R 64 50.91 -28.95 10.95
CA SER R 64 50.71 -28.37 12.28
C SER R 64 50.04 -29.36 13.22
N HIS R 65 49.17 -30.23 12.70
CA HIS R 65 48.53 -31.22 13.56
C HIS R 65 49.56 -32.18 14.15
N VAL R 66 50.49 -32.69 13.33
CA VAL R 66 51.47 -33.60 13.87
C VAL R 66 52.41 -32.87 14.82
N GLN R 67 52.76 -31.62 14.51
CA GLN R 67 53.64 -30.90 15.42
C GLN R 67 52.97 -30.67 16.76
N ILE R 68 51.70 -30.28 16.77
CA ILE R 68 51.03 -30.03 18.05
C ILE R 68 50.87 -31.35 18.81
N ALA R 69 50.57 -32.44 18.10
CA ALA R 69 50.45 -33.73 18.77
C ALA R 69 51.76 -34.12 19.44
N VAL R 70 52.86 -34.00 18.71
CA VAL R 70 54.14 -34.44 19.25
C VAL R 70 54.58 -33.54 20.39
N GLU R 71 54.34 -32.23 20.28
CA GLU R 71 54.75 -31.37 21.39
C GLU R 71 53.91 -31.64 22.63
N ALA R 72 52.61 -31.90 22.46
CA ALA R 72 51.78 -32.20 23.61
C ALA R 72 52.23 -33.49 24.28
N MET R 73 52.48 -34.52 23.49
CA MET R 73 52.87 -35.80 24.07
C MET R 73 54.24 -35.73 24.72
N LEU R 74 55.18 -34.99 24.12
CA LEU R 74 56.49 -34.85 24.76
C LEU R 74 56.36 -34.09 26.07
N LEU R 75 55.58 -33.01 26.09
CA LEU R 75 55.50 -32.22 27.31
C LEU R 75 54.82 -33.01 28.41
N GLN R 76 53.76 -33.73 28.08
CA GLN R 76 53.07 -34.51 29.10
C GLN R 76 53.98 -35.60 29.65
N LYS R 77 54.78 -36.27 28.79
CA LYS R 77 55.61 -37.32 29.34
C LYS R 77 56.75 -36.74 30.17
N LEU R 78 57.31 -35.60 29.76
CA LEU R 78 58.39 -35.04 30.56
C LEU R 78 57.86 -34.53 31.89
N THR R 79 56.62 -34.02 31.90
CA THR R 79 56.03 -33.60 33.16
C THR R 79 55.79 -34.79 34.08
N VAL R 80 55.16 -35.86 33.57
CA VAL R 80 54.92 -37.00 34.43
C VAL R 80 56.24 -37.65 34.83
N ASP R 81 57.29 -37.44 34.02
CA ASP R 81 58.61 -37.95 34.35
C ASP R 81 59.24 -37.16 35.49
N LEU R 82 59.14 -35.83 35.44
CA LEU R 82 59.68 -34.93 36.45
C LEU R 82 58.56 -34.03 36.95
N PRO R 83 57.73 -34.52 37.87
CA PRO R 83 56.62 -33.68 38.39
C PRO R 83 57.10 -32.44 39.13
N ASP R 84 58.36 -32.42 39.56
CA ASP R 84 58.88 -31.26 40.28
C ASP R 84 58.84 -30.00 39.45
N ILE R 85 59.05 -30.10 38.14
CA ILE R 85 59.11 -28.95 37.26
C ILE R 85 57.94 -29.01 36.29
N PRO R 86 56.88 -28.26 36.55
CA PRO R 86 55.83 -28.07 35.54
C PRO R 86 56.26 -27.06 34.49
N ILE R 87 55.50 -27.04 33.40
CA ILE R 87 55.82 -26.24 32.22
C ILE R 87 54.92 -25.03 32.16
N SER R 88 55.52 -23.86 31.89
CA SER R 88 54.78 -22.61 31.77
C SER R 88 54.59 -22.20 30.31
N GLY R 89 55.69 -22.05 29.58
CA GLY R 89 55.58 -21.58 28.21
C GLY R 89 56.45 -22.33 27.21
N LEU R 90 55.82 -22.90 26.20
CA LEU R 90 56.50 -23.53 25.07
C LEU R 90 56.15 -22.79 23.80
N SER R 91 57.18 -22.42 23.03
CA SER R 91 57.00 -21.64 21.80
C SER R 91 57.77 -22.30 20.66
N VAL R 92 57.15 -22.33 19.49
CA VAL R 92 57.73 -22.92 18.28
C VAL R 92 57.78 -21.82 17.23
N ALA R 93 58.98 -21.41 16.84
CA ALA R 93 59.15 -20.25 15.95
C ALA R 93 60.07 -20.60 14.79
N GLU R 94 59.57 -20.46 13.57
CA GLU R 94 60.36 -20.76 12.39
C GLU R 94 61.44 -19.69 12.21
N GLY R 95 62.42 -20.00 11.36
CA GLY R 95 63.54 -19.12 11.12
C GLY R 95 63.48 -18.42 9.79
N ASP R 96 64.63 -17.84 9.39
CA ASP R 96 64.72 -17.16 8.11
C ASP R 96 64.52 -18.10 6.95
N ALA R 97 65.09 -19.30 7.03
CA ALA R 97 64.95 -20.32 5.99
C ALA R 97 64.07 -21.45 6.51
N PHE R 98 63.76 -22.38 5.61
CA PHE R 98 62.97 -23.54 5.99
C PHE R 98 63.78 -24.53 6.82
N ASP R 99 65.07 -24.27 7.01
CA ASP R 99 65.95 -25.23 7.65
C ASP R 99 66.09 -25.01 9.15
N LYS R 100 65.47 -23.97 9.70
CA LYS R 100 65.68 -23.58 11.09
C LYS R 100 64.35 -23.44 11.80
N LEU R 101 64.21 -24.12 12.94
CA LEU R 101 63.11 -23.92 13.85
C LEU R 101 63.72 -23.65 15.22
N LYS R 102 62.98 -22.96 16.08
CA LYS R 102 63.42 -22.77 17.46
C LYS R 102 62.31 -23.20 18.41
N ILE R 103 62.69 -23.99 19.41
CA ILE R 103 61.82 -24.32 20.53
C ILE R 103 62.29 -23.53 21.73
N SER R 104 61.42 -22.68 22.25
CA SER R 104 61.73 -21.82 23.39
C SER R 104 60.88 -22.28 24.57
N ILE R 105 61.53 -22.77 25.61
CA ILE R 105 60.85 -23.18 26.83
C ILE R 105 61.21 -22.19 27.93
N ARG R 106 60.19 -21.66 28.58
CA ARG R 106 60.37 -20.79 29.74
C ARG R 106 59.54 -21.30 30.88
N ILE R 107 60.18 -21.47 32.04
CA ILE R 107 59.41 -21.64 33.28
C ILE R 107 59.23 -20.23 33.82
N ARG R 108 58.34 -19.49 33.18
CA ARG R 108 57.93 -18.14 33.56
C ARG R 108 59.04 -17.09 33.50
N ASP R 109 60.31 -17.50 33.41
CA ASP R 109 61.37 -16.51 33.29
C ASP R 109 62.56 -16.97 32.47
N ILE R 110 62.70 -18.28 32.24
CA ILE R 110 64.02 -18.78 31.85
C ILE R 110 64.27 -18.60 30.37
N THR R 111 63.21 -18.63 29.55
CA THR R 111 63.25 -18.38 28.10
C THR R 111 64.49 -18.99 27.44
N ILE R 112 64.78 -20.24 27.78
CA ILE R 112 65.89 -20.94 27.16
C ILE R 112 65.41 -21.59 25.87
N THR R 113 66.18 -21.41 24.80
CA THR R 113 65.76 -21.77 23.48
C THR R 113 66.80 -22.68 22.83
N GLN R 114 66.33 -23.58 21.98
CA GLN R 114 67.20 -24.47 21.23
C GLN R 114 66.78 -24.50 19.77
N ASP R 115 67.75 -24.51 18.88
CA ASP R 115 67.49 -24.55 17.44
C ASP R 115 67.28 -26.00 17.04
N VAL R 116 66.09 -26.33 16.60
CA VAL R 116 65.77 -27.64 16.08
C VAL R 116 65.65 -27.57 14.57
N VAL R 117 65.65 -28.74 13.95
CA VAL R 117 65.42 -28.89 12.52
C VAL R 117 64.41 -30.00 12.31
N LEU R 118 63.57 -29.85 11.32
CA LEU R 118 62.58 -30.86 11.03
C LEU R 118 62.91 -31.54 9.71
N THR S 11 37.39 -18.93 87.66
CA THR S 11 37.35 -19.98 86.65
C THR S 11 38.65 -20.75 86.60
N ARG S 12 38.66 -21.85 85.84
CA ARG S 12 39.88 -22.63 85.64
C ARG S 12 40.69 -21.96 84.53
N GLN S 13 41.83 -21.39 84.90
CA GLN S 13 42.70 -20.74 83.92
C GLN S 13 44.13 -20.83 84.42
N TYR S 14 45.03 -21.16 83.50
CA TYR S 14 46.46 -21.16 83.77
C TYR S 14 47.16 -20.62 82.54
N PRO S 15 48.07 -19.67 82.71
CA PRO S 15 48.81 -19.15 81.55
C PRO S 15 50.02 -20.02 81.25
N LEU S 16 50.15 -20.43 79.99
CA LEU S 16 51.29 -21.20 79.51
C LEU S 16 51.25 -21.18 77.99
N SER S 17 52.33 -21.66 77.39
CA SER S 17 52.43 -21.73 75.94
C SER S 17 53.40 -22.84 75.57
N ARG S 18 52.99 -23.71 74.66
CA ARG S 18 53.75 -24.92 74.33
C ARG S 18 54.72 -24.70 73.17
N TYR S 19 55.51 -23.63 73.24
CA TYR S 19 56.48 -23.33 72.19
C TYR S 19 57.89 -23.18 72.72
N ASP S 20 58.01 -22.73 73.97
CA ASP S 20 59.31 -22.34 74.50
C ASP S 20 60.26 -23.52 74.50
N ASP S 21 61.36 -23.38 73.78
CA ASP S 21 62.46 -24.33 73.90
C ASP S 21 62.91 -24.44 75.34
N ARG S 22 62.83 -23.34 76.09
CA ARG S 22 63.18 -23.32 77.50
C ARG S 22 62.10 -23.91 78.37
N ASN S 23 61.15 -24.63 77.79
CA ASN S 23 60.24 -25.43 78.59
C ASN S 23 61.01 -26.44 79.43
N ILE S 24 62.18 -26.86 78.95
CA ILE S 24 63.06 -27.70 79.74
C ILE S 24 63.84 -26.82 80.71
N ALA S 25 63.65 -27.06 82.01
CA ALA S 25 64.22 -26.19 83.03
C ALA S 25 65.72 -26.39 83.21
N ASP S 26 66.31 -27.42 82.61
CA ASP S 26 67.74 -27.68 82.79
C ASP S 26 68.54 -26.83 81.83
N PRO S 27 69.39 -25.92 82.32
CA PRO S 27 70.25 -25.16 81.40
C PRO S 27 71.14 -26.05 80.58
N ILE S 28 71.63 -27.13 81.16
CA ILE S 28 72.52 -28.02 80.42
C ILE S 28 71.75 -28.73 79.30
N LEU S 29 70.55 -29.23 79.60
CA LEU S 29 69.75 -29.85 78.54
C LEU S 29 69.43 -28.84 77.44
N ARG S 30 69.01 -27.64 77.82
CA ARG S 30 68.79 -26.58 76.84
C ARG S 30 70.06 -26.36 76.02
N ALA S 31 71.21 -26.52 76.68
CA ALA S 31 72.48 -26.32 76.01
C ALA S 31 72.71 -27.35 74.92
N GLU S 32 72.50 -28.64 75.20
CA GLU S 32 72.79 -29.53 74.08
C GLU S 32 71.71 -29.43 73.02
N LEU S 33 70.50 -29.04 73.41
CA LEU S 33 69.47 -28.76 72.41
C LEU S 33 69.95 -27.72 71.42
N ARG S 34 70.41 -26.57 71.92
CA ARG S 34 70.96 -25.57 71.03
C ARG S 34 72.21 -26.08 70.33
N LYS S 35 72.92 -27.02 70.94
CA LYS S 35 74.06 -27.64 70.27
C LYS S 35 73.64 -28.33 68.97
N GLU S 36 72.67 -29.24 69.03
CA GLU S 36 72.41 -29.96 67.79
C GLU S 36 71.64 -29.08 66.81
N VAL S 37 70.86 -28.11 67.31
CA VAL S 37 70.19 -27.26 66.34
C VAL S 37 71.22 -26.41 65.60
N MET S 38 72.28 -25.98 66.28
CA MET S 38 73.38 -25.31 65.59
C MET S 38 74.05 -26.24 64.60
N LEU S 39 74.30 -27.48 65.01
CA LEU S 39 74.89 -28.46 64.10
C LEU S 39 74.08 -28.53 62.81
N MET S 40 72.76 -28.64 62.94
CA MET S 40 71.93 -28.74 61.74
C MET S 40 71.89 -27.43 60.97
N CYS S 41 71.81 -26.29 61.67
CA CYS S 41 71.67 -25.00 60.99
C CYS S 41 72.88 -24.69 60.14
N GLU S 42 74.06 -24.76 60.74
CA GLU S 42 75.28 -24.57 59.94
C GLU S 42 75.70 -25.83 59.19
N SER S 43 74.92 -26.91 59.26
CA SER S 43 75.00 -27.92 58.22
C SER S 43 74.33 -27.39 56.95
N ASN S 44 74.73 -27.94 55.81
CA ASN S 44 74.27 -27.46 54.51
C ASN S 44 73.11 -28.28 53.98
N ASP S 45 72.25 -28.74 54.88
CA ASP S 45 71.15 -29.62 54.50
C ASP S 45 70.16 -28.87 53.62
N LYS S 46 69.61 -29.56 52.62
CA LYS S 46 68.75 -28.89 51.66
C LYS S 46 67.38 -28.57 52.25
N ASN S 47 66.94 -29.30 53.27
CA ASN S 47 65.67 -28.99 53.90
C ASN S 47 65.76 -27.77 54.80
N LEU S 48 66.82 -26.99 54.64
CA LEU S 48 66.99 -25.71 55.31
C LEU S 48 66.67 -24.58 54.34
N THR S 49 66.31 -23.43 54.91
CA THR S 49 66.05 -22.27 54.08
C THR S 49 67.36 -21.68 53.58
N ILE S 50 67.26 -20.92 52.49
CA ILE S 50 68.40 -20.28 51.85
C ILE S 50 68.08 -18.80 51.77
N TYR S 51 68.63 -18.00 52.68
CA TYR S 51 68.34 -16.59 52.67
C TYR S 51 69.42 -15.83 53.43
N TYR S 52 69.67 -14.59 53.00
CA TYR S 52 70.70 -13.75 53.57
C TYR S 52 70.16 -12.86 54.69
N VAL S 53 70.98 -11.88 55.08
CA VAL S 53 70.65 -10.98 56.18
C VAL S 53 69.99 -9.72 55.63
N LEU S 54 69.16 -9.09 56.48
CA LEU S 54 68.49 -7.83 56.22
C LEU S 54 69.08 -6.75 57.12
N PRO S 55 69.22 -5.52 56.62
CA PRO S 55 69.94 -4.49 57.40
C PRO S 55 69.35 -4.22 58.76
N ASP S 56 68.03 -4.28 58.91
CA ASP S 56 67.38 -3.94 60.16
C ASP S 56 67.36 -5.10 61.13
N GLU S 57 67.89 -6.25 60.75
CA GLU S 57 67.91 -7.42 61.62
C GLU S 57 68.85 -7.25 62.81
N GLN S 58 69.69 -6.20 62.81
CA GLN S 58 70.60 -5.97 63.92
C GLN S 58 69.86 -5.91 65.25
N TYR S 59 68.82 -5.09 65.32
CA TYR S 59 68.00 -5.03 66.52
C TYR S 59 67.03 -6.20 66.58
N ARG S 60 66.49 -6.62 65.45
CA ARG S 60 65.36 -7.55 65.39
C ARG S 60 65.66 -8.73 64.48
N PRO S 61 66.49 -9.68 64.94
CA PRO S 61 66.72 -10.89 64.14
C PRO S 61 65.48 -11.72 63.93
N ASP S 62 64.57 -11.73 64.91
CA ASP S 62 63.34 -12.49 64.82
C ASP S 62 62.33 -11.85 63.89
N LEU S 63 62.65 -10.69 63.34
CA LEU S 63 61.74 -10.03 62.42
C LEU S 63 61.55 -10.87 61.16
N LEU S 64 62.64 -11.47 60.67
CA LEU S 64 62.55 -12.39 59.55
C LEU S 64 61.74 -13.63 59.92
N ALA S 65 61.91 -14.11 61.15
CA ALA S 65 61.10 -15.22 61.63
C ALA S 65 59.63 -14.87 61.59
N TYR S 66 59.29 -13.63 61.98
CA TYR S 66 57.90 -13.21 61.92
C TYR S 66 57.40 -13.15 60.49
N ARG S 67 58.19 -12.59 59.57
CA ARG S 67 57.70 -12.45 58.21
C ARG S 67 57.52 -13.82 57.53
N MET S 68 58.51 -14.73 57.63
CA MET S 68 58.36 -16.03 56.98
C MET S 68 57.62 -17.08 57.80
N TRP S 69 57.31 -16.83 59.07
CA TRP S 69 56.57 -17.83 59.84
C TRP S 69 55.47 -17.28 60.72
N GLY S 70 55.49 -16.01 61.09
CA GLY S 70 54.46 -15.48 61.97
C GLY S 70 54.64 -15.80 63.43
N ILE S 71 55.73 -16.47 63.81
CA ILE S 71 56.02 -16.81 65.19
C ILE S 71 57.43 -16.33 65.53
N ALA S 72 57.60 -15.86 66.77
CA ALA S 72 58.89 -15.39 67.25
C ALA S 72 59.70 -16.48 67.94
N GLU S 73 59.23 -17.73 67.92
CA GLU S 73 59.93 -18.83 68.56
C GLU S 73 61.29 -19.10 67.93
N LEU S 74 61.52 -18.63 66.71
CA LEU S 74 62.78 -18.86 66.00
C LEU S 74 63.84 -17.85 66.36
N ARG S 75 63.54 -16.93 67.29
CA ARG S 75 64.48 -15.87 67.64
C ARG S 75 65.76 -16.42 68.24
N TRP S 76 65.65 -17.36 69.17
CA TRP S 76 66.84 -17.98 69.72
C TRP S 76 67.57 -18.79 68.66
N VAL S 77 66.83 -19.37 67.72
CA VAL S 77 67.44 -20.10 66.62
C VAL S 77 68.35 -19.18 65.81
N VAL S 78 67.82 -18.03 65.40
CA VAL S 78 68.63 -17.12 64.61
C VAL S 78 69.73 -16.49 65.45
N THR S 79 69.48 -16.29 66.75
CA THR S 79 70.49 -15.72 67.61
C THR S 79 71.70 -16.65 67.70
N LEU S 80 71.46 -17.94 67.89
CA LEU S 80 72.56 -18.89 67.92
C LEU S 80 73.17 -19.08 66.54
N ALA S 81 72.37 -18.94 65.48
CA ALA S 81 72.91 -19.05 64.13
C ALA S 81 73.89 -17.93 63.84
N ALA S 82 73.58 -16.72 64.27
CA ALA S 82 74.43 -15.57 64.01
C ALA S 82 75.51 -15.38 65.07
N GLY S 83 75.36 -15.99 66.24
CA GLY S 83 76.32 -15.82 67.31
C GLY S 83 76.42 -14.40 67.82
N LEU S 84 75.29 -13.71 67.99
CA LEU S 84 75.32 -12.30 68.34
C LEU S 84 75.57 -12.12 69.83
N GLU S 85 76.42 -11.14 70.15
CA GLU S 85 76.62 -10.74 71.53
C GLU S 85 75.49 -9.84 72.02
N ASP S 86 75.03 -8.92 71.17
CA ASP S 86 73.89 -8.09 71.52
C ASP S 86 73.28 -7.51 70.26
N GLU S 87 71.98 -7.23 70.35
CA GLU S 87 71.25 -6.62 69.25
C GLU S 87 71.68 -5.18 69.03
N SER S 88 72.37 -4.58 70.00
CA SER S 88 72.98 -3.28 69.79
C SER S 88 74.00 -3.35 68.67
N GLN S 89 74.81 -4.40 68.66
CA GLN S 89 75.69 -4.65 67.53
C GLN S 89 74.93 -5.30 66.39
N GLY S 90 75.45 -5.13 65.19
CA GLY S 90 74.84 -5.68 64.01
C GLY S 90 75.57 -6.86 63.45
N MET S 91 74.88 -7.64 62.62
CA MET S 91 75.46 -8.76 61.90
C MET S 91 75.55 -8.42 60.43
N THR S 92 76.58 -8.93 59.76
CA THR S 92 76.82 -8.57 58.37
C THR S 92 75.65 -8.96 57.50
N VAL S 93 75.23 -8.04 56.64
CA VAL S 93 74.15 -8.30 55.71
C VAL S 93 74.68 -9.18 54.58
N GLY S 94 73.95 -10.24 54.26
CA GLY S 94 74.35 -11.20 53.26
C GLY S 94 74.83 -12.53 53.81
N LYS S 95 74.92 -12.67 55.13
CA LYS S 95 75.36 -13.93 55.71
C LYS S 95 74.36 -15.04 55.37
N LYS S 96 74.89 -16.24 55.14
CA LYS S 96 74.05 -17.36 54.77
C LYS S 96 73.27 -17.86 55.98
N LEU S 97 71.95 -17.79 55.90
CA LEU S 97 71.08 -18.20 56.99
C LEU S 97 70.16 -19.33 56.54
N LYS S 98 69.98 -20.31 57.43
CA LYS S 98 69.28 -21.55 57.13
C LYS S 98 68.26 -21.82 58.22
N LEU S 99 67.03 -22.12 57.83
CA LEU S 99 65.98 -22.44 58.80
C LEU S 99 65.32 -23.76 58.44
N PRO S 100 65.20 -24.67 59.39
CA PRO S 100 64.51 -25.94 59.12
C PRO S 100 63.01 -25.81 59.33
N PRO S 101 62.22 -26.76 58.85
CA PRO S 101 60.78 -26.73 59.10
C PRO S 101 60.49 -26.77 60.60
N ALA S 102 59.57 -25.90 61.02
CA ALA S 102 59.31 -25.73 62.45
C ALA S 102 58.79 -27.00 63.07
N THR S 103 57.90 -27.71 62.37
CA THR S 103 57.34 -28.95 62.90
C THR S 103 58.43 -29.94 63.26
N TRP S 104 59.54 -29.92 62.54
CA TRP S 104 60.65 -30.81 62.85
C TRP S 104 61.24 -30.50 64.23
N ILE S 105 61.42 -29.21 64.54
CA ILE S 105 61.87 -28.83 65.87
C ILE S 105 60.83 -29.19 66.90
N ARG S 106 59.56 -28.95 66.59
CA ARG S 106 58.50 -29.30 67.53
C ARG S 106 58.54 -30.78 67.86
N GLU S 107 58.73 -31.62 66.84
CA GLU S 107 58.79 -33.06 67.07
C GLU S 107 60.01 -33.44 67.89
N MET S 108 61.17 -32.88 67.57
CA MET S 108 62.37 -33.28 68.31
C MET S 108 62.24 -32.88 69.78
N ILE S 109 61.73 -31.67 70.04
CA ILE S 109 61.59 -31.26 71.43
C ILE S 109 60.51 -32.06 72.14
N ARG S 110 59.44 -32.42 71.42
CA ARG S 110 58.41 -33.29 72.00
C ARG S 110 59.02 -34.60 72.44
N HIS S 111 59.82 -35.22 71.57
CA HIS S 111 60.50 -36.45 71.93
C HIS S 111 61.44 -36.23 73.09
N PHE S 112 62.13 -35.09 73.12
CA PHE S 112 63.14 -34.90 74.14
C PHE S 112 62.55 -34.62 75.50
N GLN S 113 61.33 -34.09 75.56
CA GLN S 113 60.72 -33.82 76.85
C GLN S 113 59.68 -34.86 77.27
N TYR S 114 59.30 -35.78 76.38
CA TYR S 114 58.65 -37.00 76.89
C TYR S 114 59.68 -38.10 77.16
N ASP S 115 60.38 -38.53 76.12
CA ASP S 115 61.30 -39.66 76.18
C ASP S 115 62.62 -39.32 75.50
N GLY S 116 63.17 -38.15 75.81
CA GLY S 116 64.48 -37.79 75.31
C GLY S 116 65.58 -38.43 76.12
N GLN S 117 65.59 -39.77 76.15
CA GLN S 117 66.50 -40.52 77.01
C GLN S 117 67.71 -41.00 76.22
N VAL S 118 67.48 -41.82 75.18
CA VAL S 118 68.59 -42.35 74.41
C VAL S 118 69.22 -41.26 73.54
N ILE S 119 68.40 -40.39 72.96
CA ILE S 119 68.85 -39.24 72.20
C ILE S 119 69.70 -39.65 71.01
N GLY S 120 70.88 -40.20 71.28
CA GLY S 120 71.84 -40.48 70.23
C GLY S 120 71.43 -41.56 69.26
N THR S 121 71.36 -42.81 69.73
CA THR S 121 71.00 -43.93 68.87
C THR S 121 70.43 -45.07 69.71
N LEU S 122 69.26 -45.55 69.31
CA LEU S 122 68.64 -46.73 69.89
C LEU S 122 68.97 -47.93 69.02
N SER S 123 69.51 -48.98 69.62
CA SER S 123 69.88 -50.17 68.86
C SER S 123 68.77 -51.22 68.90
N ILE S 124 68.44 -51.69 70.10
CA ILE S 124 67.45 -52.74 70.27
C ILE S 124 66.94 -52.67 71.70
N ALA S 125 65.68 -53.04 71.90
CA ALA S 125 65.08 -53.03 73.22
C ALA S 125 65.70 -54.12 74.09
N THR T 11 -4.87 -29.93 92.45
CA THR T 11 -3.68 -30.21 91.65
C THR T 11 -2.40 -29.94 92.45
N ARG T 12 -1.27 -30.31 91.86
CA ARG T 12 0.03 -30.06 92.47
C ARG T 12 0.47 -28.65 92.09
N GLN T 13 0.55 -27.76 93.08
CA GLN T 13 0.95 -26.38 92.84
C GLN T 13 1.56 -25.82 94.11
N TYR T 14 2.61 -25.02 93.95
CA TYR T 14 3.25 -24.34 95.06
C TYR T 14 3.72 -22.98 94.57
N PRO T 15 3.44 -21.90 95.31
CA PRO T 15 3.91 -20.58 94.89
C PRO T 15 5.32 -20.27 95.37
N LEU T 16 6.21 -19.89 94.44
CA LEU T 16 7.59 -19.55 94.76
C LEU T 16 8.23 -18.96 93.52
N SER T 17 9.45 -18.44 93.69
CA SER T 17 10.22 -17.89 92.59
C SER T 17 11.70 -17.97 92.94
N ARG T 18 12.52 -18.42 91.99
CA ARG T 18 13.94 -18.66 92.23
C ARG T 18 14.79 -17.43 91.91
N TYR T 19 14.40 -16.28 92.44
CA TYR T 19 15.15 -15.05 92.20
C TYR T 19 15.55 -14.36 93.49
N ASP T 20 14.76 -14.56 94.55
CA ASP T 20 14.95 -13.77 95.76
C ASP T 20 16.32 -14.02 96.36
N ASP T 21 17.12 -12.96 96.48
CA ASP T 21 18.33 -13.05 97.27
C ASP T 21 18.02 -13.49 98.69
N ARG T 22 16.86 -13.10 99.20
CA ARG T 22 16.41 -13.51 100.52
C ARG T 22 15.89 -14.92 100.55
N ASN T 23 16.17 -15.71 99.52
CA ASN T 23 15.92 -17.15 99.60
C ASN T 23 16.69 -17.75 100.76
N ILE T 24 17.82 -17.16 101.12
CA ILE T 24 18.57 -17.57 102.31
C ILE T 24 17.90 -16.94 103.53
N ALA T 25 17.41 -17.78 104.43
CA ALA T 25 16.64 -17.30 105.57
C ALA T 25 17.51 -16.66 106.65
N ASP T 26 18.83 -16.76 106.56
CA ASP T 26 19.69 -16.19 107.58
C ASP T 26 19.92 -14.71 107.31
N PRO T 27 19.50 -13.82 108.21
CA PRO T 27 19.79 -12.40 108.02
C PRO T 27 21.27 -12.14 107.94
N ILE T 28 22.07 -12.85 108.72
CA ILE T 28 23.50 -12.64 108.70
C ILE T 28 24.11 -13.06 107.37
N LEU T 29 23.70 -14.23 106.85
CA LEU T 29 24.19 -14.65 105.55
C LEU T 29 23.77 -13.66 104.47
N ARG T 30 22.51 -13.23 104.48
CA ARG T 30 22.07 -12.20 103.54
C ARG T 30 22.92 -10.96 103.71
N ALA T 31 23.36 -10.70 104.93
CA ALA T 31 24.18 -9.54 105.20
C ALA T 31 25.53 -9.63 104.50
N GLU T 32 26.24 -10.76 104.62
CA GLU T 32 27.53 -10.73 103.92
C GLU T 32 27.32 -10.80 102.42
N LEU T 33 26.22 -11.39 101.98
CA LEU T 33 25.91 -11.36 100.55
C LEU T 33 25.84 -9.93 100.04
N ARG T 34 25.04 -9.10 100.69
CA ARG T 34 25.00 -7.69 100.30
C ARG T 34 26.33 -7.02 100.54
N LYS T 35 27.13 -7.53 101.48
CA LYS T 35 28.48 -7.01 101.68
C LYS T 35 29.31 -7.15 100.41
N GLU T 36 29.43 -8.37 99.87
CA GLU T 36 30.36 -8.46 98.75
C GLU T 36 29.74 -7.88 97.50
N VAL T 37 28.41 -7.87 97.39
CA VAL T 37 27.85 -7.25 96.18
C VAL T 37 28.11 -5.75 96.23
N MET T 38 28.07 -5.13 97.41
CA MET T 38 28.46 -3.73 97.52
C MET T 38 29.93 -3.55 97.18
N LEU T 39 30.79 -4.45 97.69
CA LEU T 39 32.20 -4.38 97.35
C LEU T 39 32.40 -4.33 95.85
N MET T 40 31.71 -5.22 95.14
CA MET T 40 31.86 -5.25 93.69
C MET T 40 31.23 -4.03 93.03
N CYS T 41 30.06 -3.61 93.51
CA CYS T 41 29.35 -2.51 92.86
C CYS T 41 30.13 -1.21 92.94
N GLU T 42 30.54 -0.82 94.14
CA GLU T 42 31.39 0.35 94.27
C GLU T 42 32.86 0.06 93.97
N SER T 43 33.20 -1.16 93.58
CA SER T 43 34.44 -1.36 92.85
C SER T 43 34.26 -0.85 91.42
N ASN T 44 35.37 -0.53 90.76
CA ASN T 44 35.34 0.06 89.43
C ASN T 44 35.47 -0.99 88.34
N ASP T 45 34.83 -2.13 88.52
CA ASP T 45 34.95 -3.22 87.57
C ASP T 45 34.28 -2.85 86.25
N LYS T 46 34.91 -3.25 85.14
CA LYS T 46 34.44 -2.85 83.83
C LYS T 46 33.27 -3.70 83.37
N ASN T 47 33.13 -4.89 83.91
CA ASN T 47 31.96 -5.72 83.69
C ASN T 47 30.74 -5.20 84.44
N LEU T 48 30.83 -3.97 84.94
CA LEU T 48 29.74 -3.25 85.56
C LEU T 48 29.20 -2.23 84.57
N THR T 49 27.94 -1.85 84.76
CA THR T 49 27.35 -0.84 83.91
C THR T 49 27.85 0.55 84.31
N ILE T 50 27.73 1.48 83.38
CA ILE T 50 28.15 2.86 83.56
C ILE T 50 26.95 3.74 83.27
N TYR T 51 26.27 4.20 84.32
CA TYR T 51 25.06 4.99 84.11
C TYR T 51 24.76 5.80 85.35
N TYR T 52 24.17 6.99 85.15
CA TYR T 52 23.87 7.92 86.22
C TYR T 52 22.46 7.73 86.76
N VAL T 53 22.01 8.71 87.55
CA VAL T 53 20.72 8.67 88.19
C VAL T 53 19.69 9.39 87.33
N LEU T 54 18.43 8.97 87.46
CA LEU T 54 17.27 9.57 86.81
C LEU T 54 16.39 10.25 87.85
N PRO T 55 15.78 11.39 87.53
CA PRO T 55 15.07 12.16 88.56
C PRO T 55 13.97 11.39 89.26
N ASP T 56 13.26 10.53 88.54
CA ASP T 56 12.11 9.84 89.10
C ASP T 56 12.51 8.60 89.90
N GLU T 57 13.81 8.28 89.98
CA GLU T 57 14.26 7.11 90.70
C GLU T 57 14.11 7.25 92.20
N GLN T 58 13.79 8.45 92.70
CA GLN T 58 13.66 8.68 94.13
C GLN T 58 12.66 7.72 94.76
N TYR T 59 11.46 7.64 94.20
CA TYR T 59 10.47 6.67 94.65
C TYR T 59 10.81 5.26 94.16
N ARG T 60 11.29 5.16 92.92
CA ARG T 60 11.36 3.89 92.21
C ARG T 60 12.76 3.66 91.65
N PRO T 61 13.72 3.29 92.51
CA PRO T 61 15.06 2.97 92.01
C PRO T 61 15.07 1.79 91.06
N ASP T 62 14.08 0.90 91.16
CA ASP T 62 14.02 -0.29 90.35
C ASP T 62 13.47 -0.05 88.94
N LEU T 63 13.07 1.18 88.61
CA LEU T 63 12.69 1.46 87.23
C LEU T 63 13.84 1.22 86.28
N LEU T 64 15.04 1.65 86.67
CA LEU T 64 16.20 1.41 85.83
C LEU T 64 16.43 -0.08 85.64
N ALA T 65 16.27 -0.85 86.71
CA ALA T 65 16.38 -2.30 86.59
C ALA T 65 15.35 -2.85 85.63
N TYR T 66 14.12 -2.34 85.70
CA TYR T 66 13.08 -2.82 84.81
C TYR T 66 13.41 -2.49 83.36
N ARG T 67 13.82 -1.27 83.08
CA ARG T 67 14.04 -0.88 81.69
C ARG T 67 15.25 -1.60 81.10
N MET T 68 16.37 -1.65 81.82
CA MET T 68 17.54 -2.29 81.26
C MET T 68 17.60 -3.80 81.49
N TRP T 69 16.67 -4.39 82.25
CA TRP T 69 16.68 -5.84 82.41
C TRP T 69 15.30 -6.48 82.41
N GLY T 70 14.22 -5.76 82.70
CA GLY T 70 12.91 -6.38 82.75
C GLY T 70 12.59 -7.13 84.02
N ILE T 71 13.49 -7.11 85.01
CA ILE T 71 13.28 -7.79 86.28
C ILE T 71 13.53 -6.79 87.40
N ALA T 72 12.74 -6.91 88.47
CA ALA T 72 12.86 -6.05 89.64
C ALA T 72 13.75 -6.63 90.72
N GLU T 73 14.41 -7.76 90.46
CA GLU T 73 15.30 -8.37 91.45
C GLU T 73 16.50 -7.49 91.77
N LEU T 74 16.80 -6.49 90.94
CA LEU T 74 17.95 -5.63 91.17
C LEU T 74 17.64 -4.46 92.08
N ARG T 75 16.39 -4.39 92.58
CA ARG T 75 15.99 -3.26 93.42
C ARG T 75 16.78 -3.18 94.71
N TRP T 76 17.00 -4.32 95.37
CA TRP T 76 17.85 -4.31 96.55
C TRP T 76 19.28 -3.97 96.20
N VAL T 77 19.74 -4.40 95.03
CA VAL T 77 21.09 -4.07 94.58
C VAL T 77 21.25 -2.56 94.49
N VAL T 78 20.32 -1.89 93.80
CA VAL T 78 20.44 -0.45 93.65
C VAL T 78 20.20 0.25 94.98
N THR T 79 19.35 -0.33 95.84
CA THR T 79 19.09 0.27 97.14
C THR T 79 20.35 0.30 97.98
N LEU T 80 21.10 -0.80 98.00
CA LEU T 80 22.36 -0.79 98.73
C LEU T 80 23.41 0.05 98.03
N ALA T 81 23.34 0.13 96.69
CA ALA T 81 24.29 0.96 95.96
C ALA T 81 24.13 2.42 96.31
N ALA T 82 22.88 2.87 96.45
CA ALA T 82 22.62 4.28 96.75
C ALA T 82 22.59 4.57 98.24
N GLY T 83 22.41 3.56 99.08
CA GLY T 83 22.32 3.78 100.51
C GLY T 83 21.14 4.64 100.93
N LEU T 84 19.98 4.43 100.30
CA LEU T 84 18.82 5.27 100.55
C LEU T 84 18.19 4.92 101.89
N GLU T 85 17.77 5.95 102.62
CA GLU T 85 17.03 5.73 103.86
C GLU T 85 15.57 5.39 103.55
N ASP T 86 14.97 6.12 102.60
CA ASP T 86 13.63 5.83 102.15
C ASP T 86 13.42 6.41 100.76
N GLU T 87 12.50 5.80 100.02
CA GLU T 87 12.14 6.27 98.70
C GLU T 87 11.42 7.60 98.76
N SER T 88 10.91 7.98 99.94
CA SER T 88 10.39 9.32 100.13
C SER T 88 11.48 10.36 99.88
N GLN T 89 12.67 10.11 100.40
CA GLN T 89 13.81 10.94 100.06
C GLN T 89 14.38 10.55 98.70
N GLY T 90 15.08 11.49 98.10
CA GLY T 90 15.66 11.28 96.80
C GLY T 90 17.17 11.12 96.84
N MET T 91 17.72 10.57 95.77
CA MET T 91 19.15 10.44 95.58
C MET T 91 19.60 11.37 94.47
N THR T 92 20.80 11.91 94.60
CA THR T 92 21.28 12.91 93.65
C THR T 92 21.32 12.35 92.25
N VAL T 93 20.81 13.13 91.30
CA VAL T 93 20.83 12.72 89.89
C VAL T 93 22.23 12.94 89.35
N GLY T 94 22.76 11.91 88.68
CA GLY T 94 24.11 11.93 88.17
C GLY T 94 25.09 11.04 88.91
N LYS T 95 24.67 10.42 90.02
CA LYS T 95 25.56 9.56 90.77
C LYS T 95 25.99 8.37 89.91
N LYS T 96 27.24 7.96 90.07
CA LYS T 96 27.78 6.87 89.29
C LYS T 96 27.18 5.54 89.77
N LEU T 97 26.48 4.85 88.89
CA LEU T 97 25.83 3.57 89.21
C LEU T 97 26.38 2.48 88.32
N LYS T 98 26.60 1.31 88.92
CA LYS T 98 27.27 0.19 88.27
C LYS T 98 26.44 -1.08 88.50
N LEU T 99 26.19 -1.82 87.43
CA LEU T 99 25.43 -3.07 87.55
C LEU T 99 26.20 -4.21 86.88
N PRO T 100 26.37 -5.33 87.57
CA PRO T 100 27.05 -6.48 86.96
C PRO T 100 26.07 -7.35 86.20
N PRO T 101 26.56 -8.26 85.36
CA PRO T 101 25.64 -9.18 84.67
C PRO T 101 24.87 -10.02 85.66
N ALA T 102 23.56 -10.14 85.40
CA ALA T 102 22.68 -10.80 86.36
C ALA T 102 23.06 -12.26 86.55
N THR T 103 23.42 -12.95 85.47
CA THR T 103 23.79 -14.36 85.56
C THR T 103 24.93 -14.57 86.53
N TRP T 104 25.82 -13.59 86.66
CA TRP T 104 26.92 -13.69 87.61
C TRP T 104 26.40 -13.74 89.04
N ILE T 105 25.43 -12.90 89.37
CA ILE T 105 24.81 -12.96 90.69
C ILE T 105 24.06 -14.26 90.87
N ARG T 106 23.36 -14.70 89.83
CA ARG T 106 22.64 -15.96 89.93
C ARG T 106 23.59 -17.10 90.23
N GLU T 107 24.74 -17.11 89.58
CA GLU T 107 25.73 -18.17 89.81
C GLU T 107 26.28 -18.09 91.22
N MET T 108 26.64 -16.89 91.68
CA MET T 108 27.23 -16.80 93.01
C MET T 108 26.24 -17.24 94.08
N ILE T 109 24.98 -16.83 93.95
CA ILE T 109 24.00 -17.22 94.94
C ILE T 109 23.71 -18.72 94.84
N ARG T 110 23.71 -19.27 93.63
CA ARG T 110 23.53 -20.70 93.46
C ARG T 110 24.62 -21.46 94.21
N HIS T 111 25.87 -21.02 94.03
CA HIS T 111 26.97 -21.64 94.76
C HIS T 111 26.81 -21.46 96.26
N PHE T 112 26.34 -20.28 96.68
CA PHE T 112 26.28 -20.01 98.10
C PHE T 112 25.17 -20.76 98.80
N GLN T 113 24.11 -21.13 98.09
CA GLN T 113 23.03 -21.88 98.71
C GLN T 113 23.06 -23.36 98.41
N TYR T 114 23.92 -23.83 97.50
CA TYR T 114 24.23 -25.27 97.53
C TYR T 114 25.45 -25.56 98.38
N ASP T 115 26.60 -24.98 98.01
CA ASP T 115 27.88 -25.27 98.66
C ASP T 115 28.63 -23.97 98.94
N GLY T 116 27.93 -22.99 99.49
CA GLY T 116 28.58 -21.77 99.89
C GLY T 116 29.28 -21.91 101.23
N GLN T 117 30.22 -22.84 101.31
CA GLN T 117 30.89 -23.16 102.56
C GLN T 117 32.24 -22.44 102.68
N VAL T 118 33.15 -22.70 101.74
CA VAL T 118 34.47 -22.09 101.82
C VAL T 118 34.40 -20.60 101.51
N ILE T 119 33.57 -20.22 100.53
CA ILE T 119 33.30 -18.83 100.19
C ILE T 119 34.57 -18.09 99.80
N GLY T 120 35.48 -17.90 100.76
CA GLY T 120 36.65 -17.08 100.53
C GLY T 120 37.64 -17.64 99.54
N THR T 121 38.30 -18.74 99.89
CA THR T 121 39.29 -19.34 99.02
C THR T 121 39.44 -20.82 99.34
N LEU T 122 39.37 -21.65 98.31
CA LEU T 122 39.64 -23.07 98.42
C LEU T 122 41.07 -23.31 97.93
N SER T 123 41.86 -24.01 98.76
CA SER T 123 43.25 -24.28 98.42
C SER T 123 43.41 -25.66 97.79
N ILE T 124 43.05 -26.70 98.53
CA ILE T 124 43.21 -28.07 98.08
C ILE T 124 42.27 -28.94 98.89
N ALA T 125 41.79 -30.02 98.28
CA ALA T 125 40.88 -30.94 98.95
C ALA T 125 41.63 -31.70 100.04
N THR U 11 -21.24 -63.96 70.00
CA THR U 11 -20.05 -63.12 70.12
C THR U 11 -19.92 -62.55 71.53
N ARG U 12 -18.79 -61.90 71.79
CA ARG U 12 -18.54 -61.24 73.06
C ARG U 12 -19.18 -59.85 73.02
N GLN U 13 -20.23 -59.64 73.79
CA GLN U 13 -20.92 -58.36 73.84
C GLN U 13 -21.58 -58.22 75.20
N TYR U 14 -21.54 -56.99 75.75
CA TYR U 14 -22.24 -56.69 76.98
C TYR U 14 -22.65 -55.22 76.97
N PRO U 15 -23.89 -54.90 77.32
CA PRO U 15 -24.36 -53.51 77.23
C PRO U 15 -24.03 -52.66 78.45
N LEU U 16 -23.52 -51.45 78.22
CA LEU U 16 -23.19 -50.52 79.29
C LEU U 16 -22.86 -49.16 78.69
N SER U 17 -22.62 -48.19 79.57
CA SER U 17 -22.11 -46.88 79.19
C SER U 17 -21.38 -46.30 80.40
N ARG U 18 -20.19 -45.77 80.17
CA ARG U 18 -19.34 -45.27 81.27
C ARG U 18 -19.63 -43.80 81.57
N TYR U 19 -20.90 -43.46 81.72
CA TYR U 19 -21.29 -42.07 81.99
C TYR U 19 -22.13 -41.94 83.24
N ASP U 20 -22.90 -42.99 83.57
CA ASP U 20 -23.92 -42.87 84.59
C ASP U 20 -23.29 -42.53 85.93
N ASP U 21 -23.70 -41.39 86.50
CA ASP U 21 -23.36 -41.10 87.88
C ASP U 21 -23.82 -42.21 88.80
N ARG U 22 -24.94 -42.85 88.46
CA ARG U 22 -25.45 -43.95 89.23
C ARG U 22 -24.72 -45.26 88.96
N ASN U 23 -23.54 -45.17 88.34
CA ASN U 23 -22.67 -46.33 88.28
C ASN U 23 -22.33 -46.81 89.68
N ILE U 24 -22.30 -45.90 90.65
CA ILE U 24 -22.12 -46.28 92.05
C ILE U 24 -23.46 -46.76 92.58
N ALA U 25 -23.50 -48.02 93.04
CA ALA U 25 -24.76 -48.62 93.46
C ALA U 25 -25.21 -48.14 94.83
N ASP U 26 -24.38 -47.42 95.58
CA ASP U 26 -24.75 -46.97 96.91
C ASP U 26 -25.60 -45.71 96.80
N PRO U 27 -26.87 -45.75 97.25
CA PRO U 27 -27.67 -44.52 97.23
C PRO U 27 -27.06 -43.43 98.08
N ILE U 28 -26.44 -43.78 99.21
CA ILE U 28 -25.86 -42.77 100.08
C ILE U 28 -24.64 -42.13 99.41
N LEU U 29 -23.82 -42.94 98.74
CA LEU U 29 -22.69 -42.37 98.01
C LEU U 29 -23.16 -41.50 96.86
N ARG U 30 -24.19 -41.95 96.13
CA ARG U 30 -24.75 -41.11 95.07
C ARG U 30 -25.28 -39.81 95.63
N ALA U 31 -25.92 -39.88 96.80
CA ALA U 31 -26.44 -38.68 97.45
C ALA U 31 -25.32 -37.73 97.81
N GLU U 32 -24.21 -38.24 98.32
CA GLU U 32 -23.15 -37.31 98.69
C GLU U 32 -22.45 -36.75 97.46
N LEU U 33 -22.35 -37.53 96.38
CA LEU U 33 -21.95 -36.98 95.09
C LEU U 33 -22.81 -35.79 94.69
N ARG U 34 -24.12 -36.00 94.69
CA ARG U 34 -25.00 -34.89 94.31
C ARG U 34 -24.90 -33.75 95.32
N LYS U 35 -24.52 -34.07 96.56
CA LYS U 35 -24.28 -33.02 97.55
C LYS U 35 -23.16 -32.09 97.10
N GLU U 36 -21.98 -32.63 96.78
CA GLU U 36 -20.93 -31.66 96.46
C GLU U 36 -21.16 -31.05 95.09
N VAL U 37 -21.83 -31.76 94.18
CA VAL U 37 -22.04 -31.13 92.88
C VAL U 37 -23.01 -29.98 93.02
N MET U 38 -24.02 -30.10 93.90
CA MET U 38 -24.88 -28.97 94.19
C MET U 38 -24.08 -27.85 94.83
N LEU U 39 -23.21 -28.19 95.78
CA LEU U 39 -22.35 -27.18 96.40
C LEU U 39 -21.64 -26.37 95.33
N MET U 40 -21.04 -27.06 94.36
CA MET U 40 -20.30 -26.36 93.32
C MET U 40 -21.23 -25.60 92.38
N CYS U 41 -22.37 -26.19 92.03
CA CYS U 41 -23.26 -25.57 91.05
C CYS U 41 -23.84 -24.26 91.58
N GLU U 42 -24.42 -24.29 92.77
CA GLU U 42 -24.87 -23.05 93.38
C GLU U 42 -23.76 -22.27 94.05
N SER U 43 -22.52 -22.74 93.98
CA SER U 43 -21.40 -21.84 94.16
C SER U 43 -21.26 -20.97 92.90
N ASN U 44 -20.67 -19.80 93.08
CA ASN U 44 -20.54 -18.82 92.00
C ASN U 44 -19.17 -18.87 91.35
N ASP U 45 -18.63 -20.08 91.18
CA ASP U 45 -17.35 -20.26 90.53
C ASP U 45 -17.41 -19.75 89.09
N LYS U 46 -16.31 -19.14 88.65
CA LYS U 46 -16.28 -18.61 87.29
C LYS U 46 -16.15 -19.72 86.26
N ASN U 47 -15.60 -20.87 86.62
CA ASN U 47 -15.50 -21.99 85.71
C ASN U 47 -16.83 -22.67 85.47
N LEU U 48 -17.92 -22.02 85.87
CA LEU U 48 -19.27 -22.48 85.63
C LEU U 48 -19.88 -21.70 84.48
N THR U 49 -20.87 -22.29 83.84
CA THR U 49 -21.58 -21.59 82.78
C THR U 49 -22.50 -20.53 83.37
N ILE U 50 -22.84 -19.56 82.54
CA ILE U 50 -23.71 -18.45 82.92
C ILE U 50 -24.85 -18.44 81.92
N TYR U 51 -26.00 -18.98 82.31
CA TYR U 51 -27.13 -19.01 81.39
C TYR U 51 -28.42 -19.11 82.19
N TYR U 52 -29.49 -18.53 81.63
CA TYR U 52 -30.80 -18.56 82.24
C TYR U 52 -31.63 -19.74 81.75
N VAL U 53 -32.92 -19.73 82.08
CA VAL U 53 -33.83 -20.81 81.77
C VAL U 53 -34.53 -20.53 80.45
N LEU U 54 -34.96 -21.61 79.78
CA LEU U 54 -35.73 -21.58 78.55
C LEU U 54 -37.15 -22.07 78.82
N PRO U 55 -38.16 -21.49 78.17
CA PRO U 55 -39.55 -21.82 78.52
C PRO U 55 -39.89 -23.29 78.41
N ASP U 56 -39.35 -23.98 77.41
CA ASP U 56 -39.69 -25.37 77.16
C ASP U 56 -38.91 -26.33 78.04
N GLU U 57 -38.01 -25.82 78.88
CA GLU U 57 -37.23 -26.67 79.78
C GLU U 57 -38.08 -27.32 80.85
N GLN U 58 -39.34 -26.90 81.00
CA GLN U 58 -40.21 -27.48 82.01
C GLN U 58 -40.32 -28.99 81.83
N TYR U 59 -40.62 -29.44 80.62
CA TYR U 59 -40.62 -30.87 80.35
C TYR U 59 -39.21 -31.43 80.24
N ARG U 60 -38.30 -30.69 79.59
CA ARG U 60 -37.02 -31.22 79.15
C ARG U 60 -35.89 -30.34 79.66
N PRO U 61 -35.53 -30.44 80.93
CA PRO U 61 -34.36 -29.70 81.42
C PRO U 61 -33.08 -30.12 80.74
N ASP U 62 -32.97 -31.39 80.34
CA ASP U 62 -31.79 -31.90 79.66
C ASP U 62 -31.67 -31.42 78.24
N LEU U 63 -32.67 -30.70 77.74
CA LEU U 63 -32.63 -30.20 76.38
C LEU U 63 -31.49 -29.21 76.19
N LEU U 64 -31.29 -28.34 77.18
CA LEU U 64 -30.16 -27.42 77.15
C LEU U 64 -28.85 -28.17 77.22
N ALA U 65 -28.81 -29.23 78.03
CA ALA U 65 -27.63 -30.07 78.09
C ALA U 65 -27.31 -30.66 76.71
N TYR U 66 -28.35 -31.08 75.99
CA TYR U 66 -28.14 -31.61 74.64
C TYR U 66 -27.62 -30.53 73.71
N ARG U 67 -28.20 -29.33 73.76
CA ARG U 67 -27.76 -28.31 72.82
C ARG U 67 -26.33 -27.85 73.09
N MET U 68 -25.96 -27.57 74.35
CA MET U 68 -24.59 -27.13 74.63
C MET U 68 -23.58 -28.25 74.83
N TRP U 69 -23.99 -29.50 74.91
CA TRP U 69 -23.01 -30.58 75.07
C TRP U 69 -23.26 -31.81 74.22
N GLY U 70 -24.47 -32.07 73.76
CA GLY U 70 -24.73 -33.26 72.99
C GLY U 70 -24.91 -34.52 73.80
N ILE U 71 -24.87 -34.42 75.13
CA ILE U 71 -25.05 -35.57 76.01
C ILE U 71 -26.14 -35.25 77.03
N ALA U 72 -26.94 -36.25 77.38
CA ALA U 72 -28.00 -36.09 78.36
C ALA U 72 -27.56 -36.43 79.77
N GLU U 73 -26.27 -36.69 79.99
CA GLU U 73 -25.79 -37.04 81.32
C GLU U 73 -25.91 -35.89 82.31
N LEU U 74 -26.14 -34.67 81.84
CA LEU U 74 -26.26 -33.51 82.70
C LEU U 74 -27.69 -33.31 83.20
N ARG U 75 -28.60 -34.20 82.84
CA ARG U 75 -30.01 -34.04 83.21
C ARG U 75 -30.21 -34.10 84.73
N TRP U 76 -29.56 -35.05 85.39
CA TRP U 76 -29.64 -35.08 86.85
C TRP U 76 -28.97 -33.86 87.46
N VAL U 77 -27.90 -33.36 86.82
CA VAL U 77 -27.25 -32.15 87.30
C VAL U 77 -28.21 -30.98 87.30
N VAL U 78 -28.88 -30.75 86.18
CA VAL U 78 -29.81 -29.63 86.10
C VAL U 78 -31.03 -29.89 86.97
N THR U 79 -31.43 -31.14 87.13
CA THR U 79 -32.57 -31.45 87.97
C THR U 79 -32.30 -31.07 89.41
N LEU U 80 -31.11 -31.41 89.92
CA LEU U 80 -30.78 -31.00 91.27
C LEU U 80 -30.52 -29.50 91.35
N ALA U 81 -30.01 -28.90 90.27
CA ALA U 81 -29.79 -27.46 90.27
C ALA U 81 -31.10 -26.71 90.41
N ALA U 82 -32.14 -27.16 89.73
CA ALA U 82 -33.44 -26.49 89.78
C ALA U 82 -34.31 -26.98 90.92
N GLY U 83 -33.99 -28.14 91.51
CA GLY U 83 -34.80 -28.66 92.60
C GLY U 83 -36.22 -29.01 92.21
N LEU U 84 -36.40 -29.64 91.04
CA LEU U 84 -37.74 -29.87 90.52
C LEU U 84 -38.38 -31.09 91.17
N GLU U 85 -39.64 -30.93 91.57
CA GLU U 85 -40.42 -32.07 92.02
C GLU U 85 -40.87 -32.93 90.84
N ASP U 86 -41.29 -32.30 89.74
CA ASP U 86 -41.62 -33.02 88.54
C ASP U 86 -41.54 -32.07 87.37
N GLU U 87 -41.26 -32.62 86.20
CA GLU U 87 -41.23 -31.81 84.99
C GLU U 87 -42.62 -31.30 84.65
N SER U 88 -43.67 -31.86 85.27
CA SER U 88 -44.99 -31.30 85.07
C SER U 88 -45.04 -29.86 85.54
N GLN U 89 -44.45 -29.57 86.69
CA GLN U 89 -44.35 -28.18 87.09
C GLN U 89 -43.18 -27.52 86.36
N GLY U 90 -43.30 -26.20 86.16
CA GLY U 90 -42.28 -25.47 85.46
C GLY U 90 -41.33 -24.78 86.42
N MET U 91 -40.12 -24.52 85.94
CA MET U 91 -39.14 -23.71 86.63
C MET U 91 -39.11 -22.32 86.00
N THR U 92 -38.96 -21.31 86.84
CA THR U 92 -39.04 -19.93 86.37
C THR U 92 -37.99 -19.67 85.29
N VAL U 93 -38.42 -19.05 84.20
CA VAL U 93 -37.51 -18.70 83.11
C VAL U 93 -36.67 -17.52 83.55
N GLY U 94 -35.36 -17.61 83.38
CA GLY U 94 -34.44 -16.59 83.82
C GLY U 94 -33.62 -16.97 85.05
N LYS U 95 -33.87 -18.12 85.66
CA LYS U 95 -33.10 -18.54 86.82
C LYS U 95 -31.65 -18.72 86.43
N LYS U 96 -30.76 -18.36 87.35
CA LYS U 96 -29.32 -18.46 87.09
C LYS U 96 -28.88 -19.91 87.13
N LEU U 97 -28.38 -20.41 86.00
CA LEU U 97 -27.94 -21.79 85.88
C LEU U 97 -26.46 -21.84 85.54
N LYS U 98 -25.76 -22.77 86.18
CA LYS U 98 -24.30 -22.89 86.11
C LYS U 98 -23.93 -24.32 85.81
N LEU U 99 -23.05 -24.52 84.82
CA LEU U 99 -22.60 -25.87 84.47
C LEU U 99 -21.07 -25.90 84.45
N PRO U 100 -20.47 -26.87 85.12
CA PRO U 100 -19.01 -27.00 85.09
C PRO U 100 -18.56 -27.82 83.90
N PRO U 101 -17.27 -27.78 83.56
CA PRO U 101 -16.78 -28.64 82.46
C PRO U 101 -17.00 -30.11 82.78
N ALA U 102 -17.50 -30.83 81.78
CA ALA U 102 -17.91 -32.22 81.99
C ALA U 102 -16.73 -33.09 82.40
N THR U 103 -15.56 -32.87 81.79
CA THR U 103 -14.39 -33.67 82.11
C THR U 103 -14.05 -33.59 83.59
N TRP U 104 -14.34 -32.45 84.21
CA TRP U 104 -14.12 -32.31 85.65
C TRP U 104 -14.98 -33.29 86.45
N ILE U 105 -16.25 -33.40 86.09
CA ILE U 105 -17.11 -34.38 86.74
C ILE U 105 -16.64 -35.79 86.44
N ARG U 106 -16.23 -36.04 85.19
CA ARG U 106 -15.74 -37.36 84.84
C ARG U 106 -14.55 -37.73 85.71
N GLU U 107 -13.64 -36.78 85.90
CA GLU U 107 -12.46 -37.04 86.72
C GLU U 107 -12.84 -37.29 88.17
N MET U 108 -13.73 -36.45 88.73
CA MET U 108 -14.06 -36.64 90.14
C MET U 108 -14.73 -37.98 90.36
N ILE U 109 -15.63 -38.37 89.46
CA ILE U 109 -16.30 -39.66 89.64
C ILE U 109 -15.32 -40.80 89.41
N ARG U 110 -14.39 -40.65 88.47
CA ARG U 110 -13.36 -41.66 88.27
C ARG U 110 -12.57 -41.87 89.54
N HIS U 111 -12.14 -40.78 90.17
CA HIS U 111 -11.44 -40.88 91.44
C HIS U 111 -12.32 -41.51 92.50
N PHE U 112 -13.60 -41.17 92.51
CA PHE U 112 -14.45 -41.64 93.59
C PHE U 112 -14.79 -43.11 93.45
N GLN U 113 -14.76 -43.66 92.24
CA GLN U 113 -15.08 -45.08 92.08
C GLN U 113 -13.85 -45.96 91.90
N TYR U 114 -12.65 -45.38 91.71
CA TYR U 114 -11.46 -46.19 91.96
C TYR U 114 -10.98 -46.06 93.40
N ASP U 115 -10.63 -44.84 93.81
CA ASP U 115 -10.05 -44.56 95.11
C ASP U 115 -10.74 -43.36 95.76
N GLY U 116 -12.06 -43.36 95.73
CA GLY U 116 -12.80 -42.34 96.44
C GLY U 116 -12.87 -42.64 97.93
N GLN U 117 -11.70 -42.76 98.55
CA GLN U 117 -11.60 -43.15 99.95
C GLN U 117 -11.51 -41.93 100.86
N VAL U 118 -10.42 -41.16 100.76
CA VAL U 118 -10.23 -40.04 101.66
C VAL U 118 -11.21 -38.92 101.33
N ILE U 119 -11.49 -38.70 100.05
CA ILE U 119 -12.49 -37.74 99.59
C ILE U 119 -12.16 -36.33 100.05
N GLY U 120 -12.25 -36.09 101.37
CA GLY U 120 -12.14 -34.75 101.89
C GLY U 120 -10.78 -34.12 101.73
N THR U 121 -9.78 -34.64 102.44
CA THR U 121 -8.44 -34.07 102.39
C THR U 121 -7.42 -35.13 102.78
N LEU U 122 -6.42 -35.31 101.92
CA LEU U 122 -5.29 -36.17 102.20
C LEU U 122 -4.15 -35.31 102.72
N SER U 123 -3.59 -35.68 103.87
CA SER U 123 -2.52 -34.91 104.47
C SER U 123 -1.16 -35.49 104.11
N ILE U 124 -0.91 -36.74 104.50
CA ILE U 124 0.37 -37.38 104.26
C ILE U 124 0.15 -38.88 104.32
N ALA U 125 0.95 -39.62 103.57
CA ALA U 125 0.85 -41.08 103.55
C ALA U 125 1.32 -41.66 104.88
N THR V 11 4.58 -87.01 43.01
CA THR V 11 4.56 -85.79 43.83
C THR V 11 3.61 -85.94 45.01
N ARG V 12 3.65 -84.97 45.91
CA ARG V 12 2.74 -84.95 47.05
C ARG V 12 1.42 -84.33 46.58
N GLN V 13 0.38 -85.16 46.51
CA GLN V 13 -0.93 -84.68 46.11
C GLN V 13 -1.99 -85.53 46.79
N TYR V 14 -3.03 -84.87 47.29
CA TYR V 14 -4.18 -85.54 47.85
C TYR V 14 -5.42 -84.76 47.45
N PRO V 15 -6.43 -85.42 46.92
CA PRO V 15 -7.66 -84.72 46.56
C PRO V 15 -8.59 -84.57 47.74
N LEU V 16 -9.04 -83.35 48.00
CA LEU V 16 -9.99 -83.04 49.06
C LEU V 16 -10.51 -81.64 48.82
N SER V 17 -11.55 -81.28 49.58
CA SER V 17 -12.14 -79.95 49.49
C SER V 17 -12.82 -79.62 50.80
N ARG V 18 -12.52 -78.44 51.34
CA ARG V 18 -12.95 -78.05 52.68
C ARG V 18 -14.31 -77.34 52.67
N TYR V 19 -15.30 -77.91 51.98
CA TYR V 19 -16.62 -77.29 51.93
C TYR V 19 -17.71 -78.24 52.37
N ASP V 20 -17.50 -79.54 52.18
CA ASP V 20 -18.56 -80.51 52.35
C ASP V 20 -19.06 -80.49 53.79
N ASP V 21 -20.35 -80.19 53.97
CA ASP V 21 -20.97 -80.39 55.26
C ASP V 21 -20.82 -81.83 55.72
N ARG V 22 -20.80 -82.76 54.77
CA ARG V 22 -20.61 -84.16 55.08
C ARG V 22 -19.15 -84.51 55.35
N ASN V 23 -18.31 -83.50 55.58
CA ASN V 23 -16.98 -83.77 56.11
C ASN V 23 -17.07 -84.51 57.42
N ILE V 24 -18.14 -84.31 58.17
CA ILE V 24 -18.39 -85.08 59.38
C ILE V 24 -18.98 -86.43 58.98
N ALA V 25 -18.27 -87.51 59.31
CA ALA V 25 -18.65 -88.83 58.86
C ALA V 25 -19.85 -89.40 59.61
N ASP V 26 -20.29 -88.76 60.70
CA ASP V 26 -21.40 -89.28 61.48
C ASP V 26 -22.72 -88.85 60.86
N PRO V 27 -23.55 -89.79 60.41
CA PRO V 27 -24.87 -89.40 59.89
C PRO V 27 -25.69 -88.67 60.91
N ILE V 28 -25.59 -89.08 62.18
CA ILE V 28 -26.38 -88.43 63.21
C ILE V 28 -25.91 -86.99 63.43
N LEU V 29 -24.60 -86.78 63.50
CA LEU V 29 -24.10 -85.42 63.63
C LEU V 29 -24.51 -84.56 62.44
N ARG V 30 -24.36 -85.11 61.22
CA ARG V 30 -24.83 -84.39 60.05
C ARG V 30 -26.32 -84.08 60.19
N ALA V 31 -27.04 -84.98 60.85
CA ALA V 31 -28.47 -84.79 61.03
C ALA V 31 -28.76 -83.59 61.92
N GLU V 32 -28.09 -83.46 63.07
CA GLU V 32 -28.50 -82.28 63.85
C GLU V 32 -27.95 -81.02 63.21
N LEU V 33 -26.85 -81.12 62.46
CA LEU V 33 -26.39 -79.97 61.69
C LEU V 33 -27.49 -79.46 60.77
N ARG V 34 -28.05 -80.35 59.95
CA ARG V 34 -29.16 -79.94 59.11
C ARG V 34 -30.37 -79.53 59.94
N LYS V 35 -30.49 -80.06 61.16
CA LYS V 35 -31.56 -79.63 62.06
C LYS V 35 -31.45 -78.15 62.35
N GLU V 36 -30.30 -77.68 62.85
CA GLU V 36 -30.32 -76.27 63.24
C GLU V 36 -30.26 -75.37 62.02
N VAL V 37 -29.68 -75.84 60.92
CA VAL V 37 -29.69 -74.96 59.75
C VAL V 37 -31.13 -74.81 59.24
N MET V 38 -31.94 -75.86 59.33
CA MET V 38 -33.37 -75.72 59.02
C MET V 38 -34.04 -74.77 59.99
N LEU V 39 -33.74 -74.92 61.28
CA LEU V 39 -34.30 -74.00 62.29
C LEU V 39 -34.05 -72.56 61.87
N MET V 40 -32.81 -72.26 61.48
CA MET V 40 -32.48 -70.89 61.11
C MET V 40 -33.12 -70.50 59.78
N CYS V 41 -33.14 -71.42 58.81
CA CYS V 41 -33.63 -71.08 57.48
C CYS V 41 -35.12 -70.75 57.50
N GLU V 42 -35.92 -71.62 58.09
CA GLU V 42 -37.33 -71.30 58.27
C GLU V 42 -37.59 -70.40 59.48
N SER V 43 -36.55 -69.98 60.18
CA SER V 43 -36.68 -68.79 61.02
C SER V 43 -36.62 -67.55 60.13
N ASN V 44 -37.25 -66.48 60.60
CA ASN V 44 -37.44 -65.28 59.79
C ASN V 44 -36.38 -64.22 60.07
N ASP V 45 -35.17 -64.64 60.43
CA ASP V 45 -34.15 -63.65 60.77
C ASP V 45 -33.68 -62.89 59.53
N LYS V 46 -33.43 -61.59 59.73
CA LYS V 46 -33.24 -60.67 58.63
C LYS V 46 -31.94 -60.93 57.88
N ASN V 47 -30.99 -61.60 58.50
CA ASN V 47 -29.71 -61.88 57.87
C ASN V 47 -29.77 -63.09 56.94
N LEU V 48 -30.99 -63.54 56.60
CA LEU V 48 -31.22 -64.47 55.51
C LEU V 48 -31.69 -63.70 54.29
N THR V 49 -31.52 -64.33 53.13
CA THR V 49 -31.97 -63.71 51.89
C THR V 49 -33.49 -63.76 51.79
N ILE V 50 -34.03 -62.92 50.92
CA ILE V 50 -35.47 -62.84 50.68
C ILE V 50 -35.68 -63.04 49.19
N TYR V 51 -36.05 -64.25 48.78
CA TYR V 51 -36.22 -64.52 47.37
C TYR V 51 -37.12 -65.74 47.18
N TYR V 52 -37.85 -65.73 46.08
CA TYR V 52 -38.81 -66.78 45.75
C TYR V 52 -38.19 -67.87 44.89
N VAL V 53 -39.05 -68.73 44.34
CA VAL V 53 -38.63 -69.87 43.54
C VAL V 53 -38.62 -69.50 42.07
N LEU V 54 -37.76 -70.18 41.30
CA LEU V 54 -37.63 -70.07 39.86
C LEU V 54 -38.15 -71.33 39.20
N PRO V 55 -38.81 -71.24 38.05
CA PRO V 55 -39.47 -72.42 37.47
C PRO V 55 -38.53 -73.58 37.19
N ASP V 56 -37.31 -73.30 36.78
CA ASP V 56 -36.37 -74.34 36.40
C ASP V 56 -35.65 -74.95 37.59
N GLU V 57 -35.93 -74.46 38.81
CA GLU V 57 -35.28 -74.97 40.00
C GLU V 57 -35.72 -76.39 40.35
N GLN V 58 -36.77 -76.89 39.69
CA GLN V 58 -37.24 -78.25 39.97
C GLN V 58 -36.12 -79.26 39.82
N TYR V 59 -35.42 -79.24 38.68
CA TYR V 59 -34.28 -80.12 38.50
C TYR V 59 -33.04 -79.59 39.23
N ARG V 60 -32.86 -78.27 39.27
CA ARG V 60 -31.62 -77.65 39.71
C ARG V 60 -31.86 -76.60 40.78
N PRO V 61 -32.14 -77.04 42.02
CA PRO V 61 -32.29 -76.06 43.11
C PRO V 61 -31.02 -75.29 43.39
N ASP V 62 -29.86 -75.92 43.20
CA ASP V 62 -28.57 -75.28 43.44
C ASP V 62 -28.21 -74.28 42.36
N LEU V 63 -29.03 -74.18 41.32
CA LEU V 63 -28.76 -73.21 40.26
C LEU V 63 -28.81 -71.79 40.79
N LEU V 64 -29.77 -71.51 41.67
CA LEU V 64 -29.83 -70.22 42.35
C LEU V 64 -28.61 -70.01 43.24
N ALA V 65 -28.16 -71.07 43.90
CA ALA V 65 -26.96 -70.98 44.70
C ALA V 65 -25.77 -70.60 43.84
N TYR V 66 -25.69 -71.17 42.63
CA TYR V 66 -24.62 -70.82 41.72
C TYR V 66 -24.71 -69.36 41.29
N ARG V 67 -25.91 -68.90 40.93
CA ARG V 67 -26.02 -67.53 40.45
C ARG V 67 -25.71 -66.51 41.55
N MET V 68 -26.27 -66.66 42.76
CA MET V 68 -25.99 -65.69 43.81
C MET V 68 -24.73 -65.96 44.62
N TRP V 69 -24.07 -67.10 44.45
CA TRP V 69 -22.83 -67.33 45.21
C TRP V 69 -21.70 -67.96 44.42
N GLY V 70 -21.96 -68.63 43.30
CA GLY V 70 -20.89 -69.26 42.57
C GLY V 70 -20.42 -70.59 43.12
N ILE V 71 -21.05 -71.09 44.19
CA ILE V 71 -20.70 -72.37 44.79
C ILE V 71 -21.95 -73.22 44.91
N ALA V 72 -21.80 -74.52 44.71
CA ALA V 72 -22.91 -75.47 44.82
C ALA V 72 -23.04 -76.06 46.21
N GLU V 73 -22.26 -75.58 47.19
CA GLU V 73 -22.32 -76.12 48.54
C GLU V 73 -23.67 -75.87 49.20
N LEU V 74 -24.46 -74.93 48.69
CA LEU V 74 -25.76 -74.58 49.27
C LEU V 74 -26.86 -75.50 48.76
N ARG V 75 -26.53 -76.49 47.94
CA ARG V 75 -27.55 -77.36 47.35
C ARG V 75 -28.30 -78.15 48.41
N TRP V 76 -27.58 -78.73 49.36
CA TRP V 76 -28.26 -79.44 50.44
C TRP V 76 -29.05 -78.47 51.31
N VAL V 77 -28.56 -77.24 51.44
CA VAL V 77 -29.29 -76.22 52.19
C VAL V 77 -30.66 -75.98 51.56
N VAL V 78 -30.68 -75.73 50.26
CA VAL V 78 -31.96 -75.48 49.61
C VAL V 78 -32.80 -76.74 49.55
N THR V 79 -32.16 -77.90 49.44
CA THR V 79 -32.92 -79.16 49.41
C THR V 79 -33.67 -79.37 50.72
N LEU V 80 -33.00 -79.12 51.84
CA LEU V 80 -33.69 -79.24 53.12
C LEU V 80 -34.68 -78.11 53.34
N ALA V 81 -34.40 -76.93 52.76
CA ALA V 81 -35.34 -75.82 52.88
C ALA V 81 -36.64 -76.14 52.17
N ALA V 82 -36.57 -76.76 51.00
CA ALA V 82 -37.76 -77.06 50.21
C ALA V 82 -38.39 -78.40 50.56
N GLY V 83 -37.65 -79.29 51.21
CA GLY V 83 -38.18 -80.61 51.52
C GLY V 83 -38.54 -81.43 50.30
N LEU V 84 -37.71 -81.38 49.26
CA LEU V 84 -38.04 -82.05 48.01
C LEU V 84 -37.81 -83.55 48.13
N GLU V 85 -38.73 -84.32 47.56
CA GLU V 85 -38.54 -85.77 47.50
C GLU V 85 -37.58 -86.14 46.37
N ASP V 86 -37.71 -85.48 45.23
CA ASP V 86 -36.78 -85.67 44.12
C ASP V 86 -36.85 -84.49 43.18
N GLU V 87 -35.75 -84.24 42.48
CA GLU V 87 -35.68 -83.18 41.50
C GLU V 87 -36.56 -83.47 40.29
N SER V 88 -36.99 -84.73 40.13
CA SER V 88 -38.00 -85.04 39.13
C SER V 88 -39.29 -84.30 39.42
N GLN V 89 -39.69 -84.26 40.69
CA GLN V 89 -40.80 -83.42 41.09
C GLN V 89 -40.34 -81.97 41.25
N GLY V 90 -41.31 -81.07 41.12
CA GLY V 90 -41.03 -79.65 41.24
C GLY V 90 -41.54 -79.06 42.54
N MET V 91 -41.00 -77.90 42.88
CA MET V 91 -41.44 -77.12 44.03
C MET V 91 -42.15 -75.87 43.55
N THR V 92 -43.16 -75.44 44.30
CA THR V 92 -43.99 -74.33 43.87
C THR V 92 -43.15 -73.07 43.68
N VAL V 93 -43.38 -72.39 42.56
CA VAL V 93 -42.68 -71.14 42.29
C VAL V 93 -43.30 -70.03 43.12
N GLY V 94 -42.45 -69.26 43.79
CA GLY V 94 -42.89 -68.22 44.69
C GLY V 94 -42.73 -68.53 46.16
N LYS V 95 -42.31 -69.75 46.51
CA LYS V 95 -42.10 -70.10 47.90
C LYS V 95 -41.03 -69.21 48.50
N LYS V 96 -41.22 -68.84 49.76
CA LYS V 96 -40.28 -67.95 50.44
C LYS V 96 -39.00 -68.71 50.78
N LEU V 97 -37.89 -68.28 50.17
CA LEU V 97 -36.60 -68.93 50.36
C LEU V 97 -35.61 -67.95 50.95
N LYS V 98 -34.80 -68.46 51.88
CA LYS V 98 -33.93 -67.64 52.73
C LYS V 98 -32.56 -68.28 52.80
N LEU V 99 -31.51 -67.48 52.60
CA LEU V 99 -30.14 -68.00 52.64
C LEU V 99 -29.26 -67.15 53.55
N PRO V 100 -28.44 -67.78 54.40
CA PRO V 100 -27.57 -67.03 55.33
C PRO V 100 -26.23 -66.73 54.71
N PRO V 101 -25.47 -65.80 55.28
CA PRO V 101 -24.08 -65.60 54.83
C PRO V 101 -23.29 -66.88 54.97
N ALA V 102 -22.60 -67.25 53.88
CA ALA V 102 -21.94 -68.55 53.84
C ALA V 102 -20.87 -68.66 54.90
N THR V 103 -20.14 -67.57 55.14
CA THR V 103 -19.09 -67.57 56.16
C THR V 103 -19.63 -67.97 57.52
N TRP V 104 -20.89 -67.64 57.79
CA TRP V 104 -21.49 -68.03 59.06
C TRP V 104 -21.60 -69.55 59.17
N ILE V 105 -22.02 -70.22 58.10
CA ILE V 105 -22.05 -71.68 58.10
C ILE V 105 -20.64 -72.24 58.20
N ARG V 106 -19.70 -71.63 57.47
CA ARG V 106 -18.33 -72.09 57.53
C ARG V 106 -17.81 -72.02 58.95
N GLU V 107 -18.10 -70.94 59.66
CA GLU V 107 -17.65 -70.79 61.03
C GLU V 107 -18.31 -71.81 61.94
N MET V 108 -19.63 -72.00 61.81
CA MET V 108 -20.28 -72.95 62.71
C MET V 108 -19.76 -74.35 62.49
N ILE V 109 -19.56 -74.76 61.24
CA ILE V 109 -19.06 -76.10 60.99
C ILE V 109 -17.62 -76.23 61.44
N ARG V 110 -16.82 -75.16 61.27
CA ARG V 110 -15.45 -75.17 61.77
C ARG V 110 -15.43 -75.42 63.27
N HIS V 111 -16.29 -74.70 64.00
CA HIS V 111 -16.39 -74.92 65.44
C HIS V 111 -16.86 -76.33 65.74
N PHE V 112 -17.80 -76.84 64.96
CA PHE V 112 -18.37 -78.13 65.29
C PHE V 112 -17.42 -79.28 65.01
N GLN V 113 -16.49 -79.11 64.07
CA GLN V 113 -15.56 -80.18 63.77
C GLN V 113 -14.18 -79.99 64.41
N TYR V 114 -13.89 -78.84 65.00
CA TYR V 114 -12.78 -78.80 65.94
C TYR V 114 -13.24 -79.08 67.37
N ASP V 115 -14.12 -78.22 67.89
CA ASP V 115 -14.58 -78.27 69.27
C ASP V 115 -16.10 -78.16 69.33
N GLY V 116 -16.78 -78.96 68.53
CA GLY V 116 -18.22 -79.00 68.60
C GLY V 116 -18.70 -79.86 69.75
N GLN V 117 -18.27 -79.51 70.97
CA GLN V 117 -18.58 -80.30 72.15
C GLN V 117 -19.82 -79.79 72.86
N VAL V 118 -19.75 -78.58 73.40
CA VAL V 118 -20.86 -78.07 74.20
C VAL V 118 -22.04 -77.73 73.32
N ILE V 119 -21.79 -77.18 72.13
CA ILE V 119 -22.81 -76.92 71.12
C ILE V 119 -23.88 -75.98 71.64
N GLY V 120 -24.67 -76.45 72.61
CA GLY V 120 -25.82 -75.70 73.07
C GLY V 120 -25.48 -74.40 73.78
N THR V 121 -24.89 -74.50 74.97
CA THR V 121 -24.55 -73.31 75.74
C THR V 121 -23.41 -73.62 76.70
N LEU V 122 -22.38 -72.79 76.66
CA LEU V 122 -21.28 -72.85 77.60
C LEU V 122 -21.52 -71.83 78.70
N SER V 123 -21.46 -72.28 79.95
CA SER V 123 -21.72 -71.38 81.08
C SER V 123 -20.41 -70.83 81.65
N ILE V 124 -19.54 -71.72 82.13
CA ILE V 124 -18.30 -71.32 82.76
C ILE V 124 -17.35 -72.50 82.70
N ALA V 125 -16.05 -72.22 82.61
CA ALA V 125 -15.04 -73.27 82.56
C ALA V 125 -14.96 -73.98 83.90
N THR W 11 46.80 -76.03 38.36
CA THR W 11 45.54 -75.58 38.96
C THR W 11 44.63 -76.75 39.28
N ARG W 12 43.53 -76.45 39.96
CA ARG W 12 42.53 -77.47 40.29
C ARG W 12 41.57 -77.60 39.10
N GLN W 13 41.61 -78.76 38.45
CA GLN W 13 40.76 -79.01 37.29
C GLN W 13 40.52 -80.50 37.18
N TYR W 14 39.30 -80.87 36.79
CA TYR W 14 38.94 -82.25 36.54
C TYR W 14 37.95 -82.30 35.40
N PRO W 15 38.15 -83.18 34.42
CA PRO W 15 37.19 -83.28 33.32
C PRO W 15 36.03 -84.21 33.61
N LEU W 16 34.80 -83.71 33.45
CA LEU W 16 33.60 -84.50 33.69
C LEU W 16 32.39 -83.69 33.19
N SER W 17 31.24 -84.35 33.19
CA SER W 17 29.98 -83.71 32.81
C SER W 17 28.83 -84.44 33.48
N ARG W 18 27.90 -83.69 34.05
CA ARG W 18 26.80 -84.27 34.84
C ARG W 18 25.57 -84.55 33.97
N TYR W 19 25.77 -85.20 32.83
CA TYR W 19 24.65 -85.51 31.95
C TYR W 19 24.57 -87.00 31.62
N ASP W 20 25.71 -87.69 31.68
CA ASP W 20 25.76 -89.06 31.19
C ASP W 20 24.84 -89.95 32.00
N ASP W 21 23.87 -90.57 31.33
CA ASP W 21 23.11 -91.64 31.96
C ASP W 21 24.03 -92.74 32.44
N ARG W 22 25.13 -92.96 31.74
CA ARG W 22 26.14 -93.95 32.13
C ARG W 22 27.03 -93.46 33.24
N ASN W 23 26.63 -92.39 33.92
CA ASN W 23 27.30 -92.03 35.17
C ASN W 23 27.23 -93.17 36.17
N ILE W 24 26.18 -93.99 36.09
CA ILE W 24 26.09 -95.18 36.90
C ILE W 24 26.93 -96.28 36.25
N ALA W 25 27.95 -96.75 36.97
CA ALA W 25 28.90 -97.69 36.41
C ALA W 25 28.34 -99.10 36.27
N ASP W 26 27.17 -99.39 36.83
CA ASP W 26 26.62 -100.74 36.76
C ASP W 26 25.88 -100.93 35.45
N PRO W 27 26.32 -101.85 34.59
CA PRO W 27 25.56 -102.13 33.36
C PRO W 27 24.15 -102.56 33.65
N ILE W 28 23.95 -103.33 34.71
CA ILE W 28 22.61 -103.80 35.02
C ILE W 28 21.72 -102.64 35.46
N LEU W 29 22.24 -101.75 36.31
CA LEU W 29 21.45 -100.59 36.70
C LEU W 29 21.13 -99.73 35.50
N ARG W 30 22.13 -99.47 34.64
CA ARG W 30 21.87 -98.75 33.40
C ARG W 30 20.80 -99.46 32.60
N ALA W 31 20.78 -100.78 32.69
CA ALA W 31 19.81 -101.57 31.95
C ALA W 31 18.39 -101.30 32.44
N GLU W 32 18.15 -101.33 33.75
CA GLU W 32 16.75 -101.09 34.09
C GLU W 32 16.39 -99.62 33.88
N LEU W 33 17.38 -98.73 33.97
CA LEU W 33 17.13 -97.34 33.63
C LEU W 33 16.57 -97.22 32.22
N ARG W 34 17.27 -97.79 31.25
CA ARG W 34 16.76 -97.77 29.88
C ARG W 34 15.46 -98.56 29.78
N LYS W 35 15.26 -99.54 30.67
CA LYS W 35 13.98 -100.25 30.71
C LYS W 35 12.83 -99.29 30.97
N GLU W 36 12.88 -98.53 32.06
CA GLU W 36 11.68 -97.75 32.34
C GLU W 36 11.58 -96.56 31.40
N VAL W 37 12.72 -96.06 30.91
CA VAL W 37 12.59 -94.95 29.96
C VAL W 37 11.94 -95.44 28.67
N MET W 38 12.23 -96.68 28.25
CA MET W 38 11.52 -97.26 27.12
C MET W 38 10.05 -97.43 27.44
N LEU W 39 9.73 -97.92 28.65
CA LEU W 39 8.34 -98.05 29.06
C LEU W 39 7.60 -96.73 28.87
N MET W 40 8.20 -95.65 29.35
CA MET W 40 7.56 -94.35 29.24
C MET W 40 7.51 -93.86 27.79
N CYS W 41 8.60 -94.07 27.04
CA CYS W 41 8.67 -93.54 25.68
C CYS W 41 7.61 -94.17 24.78
N GLU W 42 7.58 -95.49 24.75
CA GLU W 42 6.53 -96.17 23.99
C GLU W 42 5.21 -96.24 24.75
N SER W 43 5.12 -95.68 25.95
CA SER W 43 3.82 -95.29 26.47
C SER W 43 3.34 -94.06 25.73
N ASN W 44 2.01 -93.89 25.68
CA ASN W 44 1.38 -92.81 24.91
C ASN W 44 1.06 -91.61 25.78
N ASP W 45 1.93 -91.29 26.73
CA ASP W 45 1.67 -90.19 27.66
C ASP W 45 1.67 -88.87 26.91
N LYS W 46 0.77 -87.96 27.32
CA LYS W 46 0.66 -86.70 26.62
C LYS W 46 1.84 -85.79 26.90
N ASN W 47 2.52 -85.97 28.02
CA ASN W 47 3.70 -85.17 28.32
C ASN W 47 4.92 -85.58 27.50
N LEU W 48 4.68 -86.36 26.45
CA LEU W 48 5.70 -86.75 25.50
C LEU W 48 5.55 -85.94 24.22
N THR W 49 6.66 -85.82 23.48
CA THR W 49 6.60 -85.14 22.21
C THR W 49 5.92 -86.00 21.16
N ILE W 50 5.42 -85.34 20.12
CA ILE W 50 4.71 -85.99 19.03
C ILE W 50 5.41 -85.59 17.74
N TYR W 51 6.26 -86.46 17.21
CA TYR W 51 7.01 -86.11 16.02
C TYR W 51 7.50 -87.38 15.33
N TYR W 52 7.59 -87.32 14.01
CA TYR W 52 7.97 -88.45 13.18
C TYR W 52 9.47 -88.47 12.90
N VAL W 53 9.86 -89.32 11.95
CA VAL W 53 11.27 -89.51 11.60
C VAL W 53 11.64 -88.58 10.45
N LEU W 54 12.92 -88.22 10.39
CA LEU W 54 13.54 -87.43 9.35
C LEU W 54 14.48 -88.31 8.54
N PRO W 55 14.56 -88.12 7.22
CA PRO W 55 15.32 -89.06 6.38
C PRO W 55 16.78 -89.18 6.77
N ASP W 56 17.41 -88.10 7.21
CA ASP W 56 18.84 -88.11 7.51
C ASP W 56 19.13 -88.62 8.91
N GLU W 57 18.10 -88.98 9.68
CA GLU W 57 18.29 -89.48 11.03
C GLU W 57 18.94 -90.86 11.05
N GLN W 58 19.04 -91.52 9.90
CA GLN W 58 19.66 -92.85 9.85
C GLN W 58 21.05 -92.84 10.45
N TYR W 59 21.90 -91.91 10.00
CA TYR W 59 23.23 -91.78 10.58
C TYR W 59 23.18 -91.03 11.91
N ARG W 60 22.30 -90.03 12.03
CA ARG W 60 22.33 -89.08 13.15
C ARG W 60 20.96 -89.00 13.80
N PRO W 61 20.59 -90.00 14.59
CA PRO W 61 19.33 -89.90 15.36
C PRO W 61 19.34 -88.75 16.35
N ASP W 62 20.51 -88.43 16.90
CA ASP W 62 20.63 -87.35 17.87
C ASP W 62 20.52 -85.98 17.23
N LEU W 63 20.41 -85.92 15.90
CA LEU W 63 20.33 -84.64 15.22
C LEU W 63 19.03 -83.92 15.58
N LEU W 64 17.92 -84.66 15.66
CA LEU W 64 16.67 -84.09 16.12
C LEU W 64 16.78 -83.64 17.58
N ALA W 65 17.49 -84.42 18.39
CA ALA W 65 17.73 -84.02 19.77
C ALA W 65 18.46 -82.69 19.82
N TYR W 66 19.44 -82.51 18.94
CA TYR W 66 20.16 -81.24 18.90
C TYR W 66 19.25 -80.11 18.47
N ARG W 67 18.43 -80.33 17.44
CA ARG W 67 17.59 -79.22 16.98
C ARG W 67 16.53 -78.82 18.00
N MET W 68 15.80 -79.78 18.60
CA MET W 68 14.78 -79.42 19.59
C MET W 68 15.29 -79.23 21.01
N TRP W 69 16.55 -79.56 21.31
CA TRP W 69 17.04 -79.34 22.67
C TRP W 69 18.44 -78.76 22.77
N GLY W 70 19.28 -78.88 21.74
CA GLY W 70 20.62 -78.36 21.84
C GLY W 70 21.59 -79.25 22.61
N ILE W 71 21.16 -80.42 23.06
CA ILE W 71 22.01 -81.36 23.77
C ILE W 71 21.90 -82.73 23.10
N ALA W 72 23.01 -83.45 23.06
CA ALA W 72 23.08 -84.78 22.47
C ALA W 72 22.86 -85.90 23.48
N GLU W 73 22.51 -85.56 24.73
CA GLU W 73 22.28 -86.57 25.75
C GLU W 73 21.08 -87.46 25.43
N LEU W 74 20.20 -87.04 24.51
CA LEU W 74 19.01 -87.79 24.16
C LEU W 74 19.29 -88.85 23.10
N ARG W 75 20.56 -88.97 22.66
CA ARG W 75 20.88 -89.89 21.58
C ARG W 75 20.63 -91.35 21.98
N TRP W 76 21.01 -91.74 23.19
CA TRP W 76 20.70 -93.08 23.65
C TRP W 76 19.19 -93.26 23.81
N VAL W 77 18.49 -92.20 24.21
CA VAL W 77 17.04 -92.28 24.33
C VAL W 77 16.41 -92.62 22.99
N VAL W 78 16.78 -91.87 21.94
CA VAL W 78 16.20 -92.14 20.64
C VAL W 78 16.70 -93.47 20.09
N THR W 79 17.93 -93.86 20.43
CA THR W 79 18.45 -95.13 19.96
C THR W 79 17.64 -96.29 20.50
N LEU W 80 17.31 -96.25 21.80
CA LEU W 80 16.46 -97.30 22.34
C LEU W 80 15.03 -97.17 21.86
N ALA W 81 14.57 -95.95 21.59
CA ALA W 81 13.22 -95.76 21.07
C ALA W 81 13.07 -96.40 19.70
N ALA W 82 14.07 -96.27 18.85
CA ALA W 82 14.00 -96.84 17.51
C ALA W 82 14.49 -98.27 17.45
N GLY W 83 15.23 -98.73 18.46
CA GLY W 83 15.77 -100.08 18.44
C GLY W 83 16.75 -100.34 17.32
N LEU W 84 17.64 -99.39 17.05
CA LEU W 84 18.52 -99.49 15.90
C LEU W 84 19.69 -100.42 16.19
N GLU W 85 20.02 -101.27 15.21
CA GLU W 85 21.22 -102.08 15.28
C GLU W 85 22.46 -101.27 14.92
N ASP W 86 22.36 -100.40 13.92
CA ASP W 86 23.48 -99.53 13.59
C ASP W 86 22.97 -98.35 12.77
N GLU W 87 23.69 -97.24 12.89
CA GLU W 87 23.37 -96.03 12.14
C GLU W 87 23.64 -96.22 10.66
N SER W 88 24.40 -97.24 10.29
CA SER W 88 24.55 -97.60 8.87
C SER W 88 23.19 -97.96 8.29
N GLN W 89 22.40 -98.73 9.02
CA GLN W 89 21.03 -98.98 8.62
C GLN W 89 20.15 -97.79 9.01
N GLY W 90 19.04 -97.67 8.29
CA GLY W 90 18.11 -96.59 8.53
C GLY W 90 16.83 -97.04 9.22
N MET W 91 16.12 -96.08 9.79
CA MET W 91 14.83 -96.31 10.40
C MET W 91 13.75 -95.65 9.56
N THR W 92 12.57 -96.27 9.52
CA THR W 92 11.51 -95.79 8.64
C THR W 92 11.13 -94.36 8.97
N VAL W 93 11.00 -93.53 7.95
CA VAL W 93 10.58 -92.15 8.14
C VAL W 93 9.09 -92.12 8.38
N GLY W 94 8.69 -91.40 9.43
CA GLY W 94 7.30 -91.33 9.84
C GLY W 94 6.96 -92.08 11.10
N LYS W 95 7.93 -92.81 11.67
CA LYS W 95 7.66 -93.55 12.91
C LYS W 95 7.32 -92.58 14.03
N LYS W 96 6.41 -93.01 14.89
CA LYS W 96 5.97 -92.17 16.00
C LYS W 96 7.05 -92.09 17.06
N LEU W 97 7.56 -90.89 17.32
CA LEU W 97 8.62 -90.68 18.29
C LEU W 97 8.15 -89.74 19.39
N LYS W 98 8.51 -90.07 20.62
CA LYS W 98 8.02 -89.38 21.81
C LYS W 98 9.21 -89.03 22.70
N LEU W 99 9.26 -87.77 23.16
CA LEU W 99 10.34 -87.35 24.04
C LEU W 99 9.75 -86.68 25.28
N PRO W 100 10.17 -87.07 26.47
CA PRO W 100 9.70 -86.43 27.69
C PRO W 100 10.55 -85.21 28.02
N PRO W 101 10.07 -84.34 28.92
CA PRO W 101 10.88 -83.20 29.34
C PRO W 101 12.19 -83.67 29.98
N ALA W 102 13.29 -83.02 29.58
CA ALA W 102 14.60 -83.48 30.00
C ALA W 102 14.78 -83.40 31.50
N THR W 103 14.26 -82.32 32.12
CA THR W 103 14.39 -82.16 33.56
C THR W 103 13.80 -83.34 34.31
N TRP W 104 12.77 -83.96 33.75
CA TRP W 104 12.19 -85.14 34.37
C TRP W 104 13.19 -86.30 34.43
N ILE W 105 13.91 -86.52 33.33
CA ILE W 105 14.95 -87.54 33.34
C ILE W 105 16.06 -87.15 34.30
N ARG W 106 16.44 -85.87 34.30
CA ARG W 106 17.48 -85.41 35.21
C ARG W 106 17.09 -85.70 36.66
N GLU W 107 15.83 -85.42 37.00
CA GLU W 107 15.37 -85.66 38.36
C GLU W 107 15.37 -87.15 38.68
N MET W 108 14.87 -87.99 37.77
CA MET W 108 14.81 -89.41 38.08
C MET W 108 16.20 -89.99 38.26
N ILE W 109 17.15 -89.59 37.41
CA ILE W 109 18.49 -90.12 37.56
C ILE W 109 19.15 -89.56 38.81
N ARG W 110 18.87 -88.30 39.15
CA ARG W 110 19.39 -87.74 40.39
C ARG W 110 18.92 -88.55 41.58
N HIS W 111 17.63 -88.87 41.62
CA HIS W 111 17.11 -89.71 42.68
C HIS W 111 17.74 -91.08 42.65
N PHE W 112 17.97 -91.63 41.46
CA PHE W 112 18.46 -93.00 41.39
C PHE W 112 19.91 -93.11 41.77
N GLN W 113 20.70 -92.04 41.63
CA GLN W 113 22.10 -92.12 42.00
C GLN W 113 22.41 -91.47 43.35
N TYR W 114 21.47 -90.76 43.96
CA TYR W 114 21.62 -90.51 45.40
C TYR W 114 20.94 -91.60 46.23
N ASP W 115 19.63 -91.74 46.07
CA ASP W 115 18.82 -92.67 46.85
C ASP W 115 17.90 -93.47 45.94
N GLY W 116 18.48 -94.04 44.88
CA GLY W 116 17.71 -94.94 44.04
C GLY W 116 17.55 -96.29 44.68
N GLN W 117 16.94 -96.33 45.87
CA GLN W 117 16.90 -97.53 46.68
C GLN W 117 15.56 -98.26 46.50
N VAL W 118 14.47 -97.62 46.90
CA VAL W 118 13.16 -98.26 46.81
C VAL W 118 12.70 -98.35 45.36
N ILE W 119 12.95 -97.30 44.57
CA ILE W 119 12.67 -97.28 43.13
C ILE W 119 11.18 -97.50 42.86
N GLY W 120 10.68 -98.69 43.17
CA GLY W 120 9.32 -99.06 42.82
C GLY W 120 8.25 -98.30 43.56
N THR W 121 8.12 -98.53 44.87
CA THR W 121 7.09 -97.86 45.66
C THR W 121 7.51 -97.84 47.13
N LEU W 122 7.47 -96.65 47.71
CA LEU W 122 7.69 -96.48 49.14
C LEU W 122 6.33 -96.40 49.83
N SER W 123 6.14 -97.21 50.86
CA SER W 123 4.87 -97.24 51.57
C SER W 123 4.90 -96.36 52.81
N ILE W 124 5.80 -96.68 53.74
CA ILE W 124 5.90 -95.95 55.00
C ILE W 124 7.28 -96.20 55.57
N ALA W 125 7.80 -95.22 56.30
CA ALA W 125 9.12 -95.34 56.90
C ALA W 125 9.09 -96.37 58.03
N THR X 11 63.20 -41.97 60.69
CA THR X 11 61.94 -42.63 60.37
C THR X 11 62.16 -44.11 60.11
N ARG X 12 61.07 -44.86 60.00
CA ARG X 12 61.12 -46.28 59.66
C ARG X 12 61.26 -46.38 58.14
N GLN X 13 62.44 -46.79 57.67
CA GLN X 13 62.67 -46.97 56.25
C GLN X 13 63.69 -48.08 56.07
N TYR X 14 63.42 -48.98 55.13
CA TYR X 14 64.39 -50.00 54.77
C TYR X 14 64.22 -50.21 53.27
N PRO X 15 65.30 -50.19 52.51
CA PRO X 15 65.18 -50.29 51.05
C PRO X 15 65.14 -51.75 50.59
N LEU X 16 64.25 -52.04 49.64
CA LEU X 16 64.14 -53.37 49.05
C LEU X 16 63.28 -53.27 47.79
N SER X 17 63.16 -54.39 47.10
CA SER X 17 62.25 -54.53 45.97
C SER X 17 61.88 -56.00 45.83
N ARG X 18 60.60 -56.29 45.71
CA ARG X 18 60.11 -57.66 45.70
C ARG X 18 60.05 -58.24 44.28
N TYR X 19 61.13 -58.09 43.52
CA TYR X 19 61.15 -58.56 42.15
C TYR X 19 62.32 -59.49 41.89
N ASP X 20 63.41 -59.31 42.61
CA ASP X 20 64.67 -59.97 42.27
C ASP X 20 64.50 -61.48 42.36
N ASP X 21 64.73 -62.17 41.25
CA ASP X 21 64.83 -63.62 41.29
C ASP X 21 65.91 -64.06 42.26
N ARG X 22 66.96 -63.26 42.40
CA ARG X 22 68.03 -63.53 43.35
C ARG X 22 67.66 -63.17 44.76
N ASN X 23 66.38 -62.95 45.03
CA ASN X 23 65.92 -62.87 46.42
C ASN X 23 66.27 -64.14 47.18
N ILE X 24 66.34 -65.26 46.48
CA ILE X 24 66.81 -66.51 47.08
C ILE X 24 68.32 -66.49 47.10
N ALA X 25 68.89 -66.58 48.30
CA ALA X 25 70.34 -66.45 48.46
C ALA X 25 71.10 -67.70 48.04
N ASP X 26 70.41 -68.81 47.78
CA ASP X 26 71.10 -70.03 47.41
C ASP X 26 71.45 -70.01 45.93
N PRO X 27 72.72 -70.03 45.56
CA PRO X 27 73.06 -70.09 44.13
C PRO X 27 72.52 -71.34 43.46
N ILE X 28 72.49 -72.46 44.16
CA ILE X 28 71.98 -73.69 43.56
C ILE X 28 70.49 -73.60 43.32
N LEU X 29 69.76 -73.02 44.28
CA LEU X 29 68.32 -72.82 44.08
C LEU X 29 68.07 -71.84 42.95
N ARG X 30 68.83 -70.76 42.88
CA ARG X 30 68.69 -69.82 41.78
C ARG X 30 68.97 -70.51 40.45
N ALA X 31 69.98 -71.36 40.43
CA ALA X 31 70.33 -72.09 39.21
C ALA X 31 69.19 -73.02 38.80
N GLU X 32 68.55 -73.70 39.75
CA GLU X 32 67.48 -74.60 39.34
C GLU X 32 66.25 -73.81 38.90
N LEU X 33 65.99 -72.66 39.52
CA LEU X 33 64.98 -71.74 39.00
C LEU X 33 65.25 -71.41 37.53
N ARG X 34 66.48 -70.97 37.24
CA ARG X 34 66.79 -70.65 35.86
C ARG X 34 66.74 -71.89 34.98
N LYS X 35 66.94 -73.07 35.56
CA LYS X 35 66.78 -74.31 34.82
C LYS X 35 65.35 -74.46 34.31
N GLU X 36 64.36 -74.38 35.20
CA GLU X 36 63.03 -74.64 34.65
C GLU X 36 62.54 -73.46 33.82
N VAL X 37 63.02 -72.24 34.11
CA VAL X 37 62.55 -71.14 33.27
C VAL X 37 63.11 -71.28 31.88
N MET X 38 64.36 -71.76 31.74
CA MET X 38 64.90 -72.06 30.42
C MET X 38 64.09 -73.17 29.77
N LEU X 39 63.76 -74.21 30.52
CA LEU X 39 62.93 -75.28 29.99
C LEU X 39 61.68 -74.73 29.36
N MET X 40 61.00 -73.84 30.08
CA MET X 40 59.76 -73.27 29.56
C MET X 40 60.01 -72.34 28.39
N CYS X 41 61.06 -71.51 28.47
CA CYS X 41 61.31 -70.51 27.44
C CYS X 41 61.60 -71.16 26.10
N GLU X 42 62.56 -72.09 26.08
CA GLU X 42 62.81 -72.82 24.85
C GLU X 42 61.83 -73.97 24.62
N SER X 43 60.84 -74.13 25.49
CA SER X 43 59.65 -74.87 25.10
C SER X 43 58.80 -74.00 24.18
N ASN X 44 57.97 -74.65 23.36
CA ASN X 44 57.19 -73.96 22.34
C ASN X 44 55.78 -73.65 22.81
N ASP X 45 55.62 -73.33 24.09
CA ASP X 45 54.31 -73.10 24.65
C ASP X 45 53.67 -71.87 24.00
N LYS X 46 52.37 -71.95 23.76
CA LYS X 46 51.70 -70.85 23.09
C LYS X 46 51.52 -69.65 24.01
N ASN X 47 51.53 -69.86 25.32
CA ASN X 47 51.44 -68.77 26.28
C ASN X 47 52.75 -67.99 26.38
N LEU X 48 53.65 -68.21 25.44
CA LEU X 48 54.89 -67.47 25.33
C LEU X 48 54.79 -66.44 24.22
N THR X 49 55.61 -65.40 24.32
CA THR X 49 55.63 -64.39 23.28
C THR X 49 56.34 -64.93 22.04
N ILE X 50 56.05 -64.31 20.91
CA ILE X 50 56.63 -64.69 19.63
C ILE X 50 57.29 -63.44 19.06
N TYR X 51 58.60 -63.32 19.19
CA TYR X 51 59.26 -62.12 18.68
C TYR X 51 60.73 -62.46 18.41
N TYR X 52 61.29 -61.77 17.43
CA TYR X 52 62.69 -61.93 17.05
C TYR X 52 63.58 -60.93 17.77
N VAL X 53 64.83 -60.87 17.33
CA VAL X 53 65.86 -60.04 17.95
C VAL X 53 65.91 -58.68 17.25
N LEU X 54 66.36 -57.66 18.00
CA LEU X 54 66.59 -56.31 17.53
C LEU X 54 68.09 -56.02 17.49
N PRO X 55 68.56 -55.27 16.51
CA PRO X 55 70.02 -55.10 16.34
C PRO X 55 70.72 -54.52 17.56
N ASP X 56 70.07 -53.59 18.27
CA ASP X 56 70.70 -52.91 19.39
C ASP X 56 70.63 -53.71 20.68
N GLU X 57 70.00 -54.89 20.65
CA GLU X 57 69.88 -55.72 21.84
C GLU X 57 71.22 -56.30 22.28
N GLN X 58 72.26 -56.18 21.46
CA GLN X 58 73.57 -56.71 21.83
C GLN X 58 74.04 -56.17 23.17
N TYR X 59 74.00 -54.84 23.32
CA TYR X 59 74.35 -54.23 24.60
C TYR X 59 73.20 -54.33 25.59
N ARG X 60 71.96 -54.21 25.12
CA ARG X 60 70.80 -54.03 26.00
C ARG X 60 69.72 -55.06 25.67
N PRO X 61 69.91 -56.31 26.07
CA PRO X 61 68.83 -57.29 25.89
C PRO X 61 67.57 -56.94 26.65
N ASP X 62 67.70 -56.29 27.80
CA ASP X 62 66.57 -55.89 28.62
C ASP X 62 65.79 -54.74 28.03
N LEU X 63 66.29 -54.16 26.93
CA LEU X 63 65.61 -53.04 26.31
C LEU X 63 64.23 -53.46 25.78
N LEU X 64 64.16 -54.65 25.18
CA LEU X 64 62.89 -55.20 24.74
C LEU X 64 61.97 -55.45 25.93
N ALA X 65 62.54 -55.94 27.03
CA ALA X 65 61.76 -56.13 28.24
C ALA X 65 61.17 -54.81 28.71
N TYR X 66 61.95 -53.73 28.62
CA TYR X 66 61.43 -52.42 29.01
C TYR X 66 60.31 -51.98 28.07
N ARG X 67 60.49 -52.16 26.76
CA ARG X 67 59.44 -51.68 25.86
C ARG X 67 58.14 -52.47 25.99
N MET X 68 58.20 -53.81 26.04
CA MET X 68 56.96 -54.59 26.17
C MET X 68 56.47 -54.80 27.59
N TRP X 69 57.24 -54.42 28.62
CA TRP X 69 56.74 -54.59 29.98
C TRP X 69 57.02 -53.42 30.91
N GLY X 70 58.01 -52.58 30.64
CA GLY X 70 58.30 -51.48 31.54
C GLY X 70 59.13 -51.86 32.75
N ILE X 71 59.55 -53.12 32.86
CA ILE X 71 60.37 -53.59 33.97
C ILE X 71 61.61 -54.29 33.41
N ALA X 72 62.74 -54.12 34.09
CA ALA X 72 63.98 -54.74 33.69
C ALA X 72 64.21 -56.10 34.34
N GLU X 73 63.23 -56.61 35.09
CA GLU X 73 63.39 -57.89 35.77
C GLU X 73 63.52 -59.05 34.80
N LEU X 74 63.19 -58.87 33.53
CA LEU X 74 63.27 -59.91 32.53
C LEU X 74 64.65 -60.01 31.89
N ARG X 75 65.59 -59.17 32.34
CA ARG X 75 66.92 -59.14 31.72
C ARG X 75 67.67 -60.46 31.91
N TRP X 76 67.63 -61.03 33.11
CA TRP X 76 68.23 -62.34 33.31
C TRP X 76 67.49 -63.41 32.51
N VAL X 77 66.18 -63.26 32.35
CA VAL X 77 65.41 -64.21 31.55
C VAL X 77 65.93 -64.22 30.12
N VAL X 78 66.03 -63.04 29.51
CA VAL X 78 66.49 -62.97 28.13
C VAL X 78 67.97 -63.36 28.04
N THR X 79 68.75 -63.06 29.07
CA THR X 79 70.16 -63.42 29.06
C THR X 79 70.33 -64.93 29.00
N LEU X 80 69.55 -65.66 29.81
CA LEU X 80 69.64 -67.11 29.74
C LEU X 80 69.00 -67.64 28.46
N ALA X 81 67.98 -66.95 27.95
CA ALA X 81 67.35 -67.38 26.70
C ALA X 81 68.34 -67.31 25.55
N ALA X 82 69.14 -66.25 25.50
CA ALA X 82 70.11 -66.09 24.42
C ALA X 82 71.44 -66.76 24.71
N GLY X 83 71.72 -67.10 25.96
CA GLY X 83 72.98 -67.71 26.31
C GLY X 83 74.19 -66.82 26.04
N LEU X 84 74.09 -65.54 26.37
CA LEU X 84 75.14 -64.59 26.02
C LEU X 84 76.30 -64.67 27.00
N GLU X 85 77.52 -64.63 26.44
CA GLU X 85 78.71 -64.53 27.27
C GLU X 85 78.94 -63.11 27.75
N ASP X 86 78.68 -62.12 26.90
CA ASP X 86 78.78 -60.73 27.31
C ASP X 86 78.01 -59.86 26.34
N GLU X 87 77.55 -58.72 26.85
CA GLU X 87 76.84 -57.75 26.02
C GLU X 87 77.75 -57.08 25.02
N SER X 88 79.08 -57.18 25.23
CA SER X 88 80.02 -56.73 24.22
C SER X 88 79.83 -57.49 22.91
N GLN X 89 79.64 -58.80 23.02
CA GLN X 89 79.27 -59.60 21.86
C GLN X 89 77.77 -59.45 21.58
N GLY X 90 77.42 -59.70 20.32
CA GLY X 90 76.04 -59.60 19.90
C GLY X 90 75.39 -60.94 19.66
N MET X 91 74.06 -60.95 19.65
CA MET X 91 73.27 -62.13 19.34
C MET X 91 72.60 -61.92 18.00
N THR X 92 72.43 -63.01 17.25
CA THR X 92 71.91 -62.91 15.89
C THR X 92 70.52 -62.31 15.90
N VAL X 93 70.30 -61.36 15.00
CA VAL X 93 68.98 -60.73 14.87
C VAL X 93 68.06 -61.68 14.13
N GLY X 94 66.86 -61.88 14.68
CA GLY X 94 65.90 -62.81 14.13
C GLY X 94 65.73 -64.09 14.93
N LYS X 95 66.52 -64.28 15.98
CA LYS X 95 66.39 -65.48 16.81
C LYS X 95 65.01 -65.51 17.46
N LYS X 96 64.45 -66.71 17.57
CA LYS X 96 63.13 -66.87 18.15
C LYS X 96 63.18 -66.66 19.66
N LEU X 97 62.46 -65.66 20.14
CA LEU X 97 62.44 -65.32 21.56
C LEU X 97 61.02 -65.42 22.10
N LYS X 98 60.91 -65.98 23.30
CA LYS X 98 59.65 -66.33 23.92
C LYS X 98 59.62 -65.79 25.35
N LEU X 99 58.55 -65.09 25.72
CA LEU X 99 58.42 -64.57 27.07
C LEU X 99 57.08 -64.99 27.66
N PRO X 100 57.07 -65.54 28.86
CA PRO X 100 55.81 -65.91 29.51
C PRO X 100 55.23 -64.73 30.27
N PRO X 101 53.95 -64.81 30.66
CA PRO X 101 53.37 -63.74 31.47
C PRO X 101 54.12 -63.58 32.79
N ALA X 102 54.41 -62.33 33.14
CA ALA X 102 55.25 -62.06 34.30
C ALA X 102 54.63 -62.57 35.59
N THR X 103 53.30 -62.39 35.73
CA THR X 103 52.62 -62.84 36.94
C THR X 103 52.83 -64.32 37.18
N TRP X 104 52.99 -65.11 36.11
CA TRP X 104 53.27 -66.53 36.26
C TRP X 104 54.61 -66.77 36.95
N ILE X 105 55.64 -66.02 36.55
CA ILE X 105 56.93 -66.12 37.22
C ILE X 105 56.81 -65.63 38.65
N ARG X 106 56.08 -64.54 38.86
CA ARG X 106 55.90 -64.02 40.21
C ARG X 106 55.27 -65.08 41.10
N GLU X 107 54.25 -65.77 40.59
CA GLU X 107 53.60 -66.81 41.37
C GLU X 107 54.53 -67.97 41.66
N MET X 108 55.27 -68.43 40.64
CA MET X 108 56.14 -69.58 40.88
C MET X 108 57.21 -69.25 41.91
N ILE X 109 57.80 -68.06 41.81
CA ILE X 109 58.82 -67.70 42.78
C ILE X 109 58.22 -67.48 44.15
N ARG X 110 57.00 -66.93 44.23
CA ARG X 110 56.33 -66.79 45.51
C ARG X 110 56.15 -68.14 46.17
N HIS X 111 55.68 -69.13 45.40
CA HIS X 111 55.55 -70.48 45.93
C HIS X 111 56.91 -71.04 46.32
N PHE X 112 57.94 -70.76 45.55
CA PHE X 112 59.22 -71.38 45.82
C PHE X 112 59.91 -70.78 47.03
N GLN X 113 59.61 -69.54 47.38
CA GLN X 113 60.24 -68.94 48.54
C GLN X 113 59.35 -68.90 49.78
N TYR X 114 58.06 -69.23 49.66
CA TYR X 114 57.33 -69.60 50.88
C TYR X 114 57.40 -71.11 51.13
N ASP X 115 56.88 -71.89 50.19
CA ASP X 115 56.78 -73.35 50.32
C ASP X 115 57.28 -74.03 49.05
N GLY X 116 58.46 -73.63 48.58
CA GLY X 116 59.07 -74.31 47.47
C GLY X 116 59.70 -75.62 47.91
N GLN X 117 58.87 -76.52 48.45
CA GLN X 117 59.37 -77.74 49.09
C GLN X 117 59.27 -78.92 48.13
N VAL X 118 58.05 -79.30 47.76
CA VAL X 118 57.87 -80.46 46.89
C VAL X 118 58.33 -80.14 45.47
N ILE X 119 58.04 -78.92 44.98
CA ILE X 119 58.50 -78.44 43.68
C ILE X 119 57.98 -79.33 42.56
N GLY X 120 58.45 -80.57 42.50
CA GLY X 120 58.16 -81.45 41.39
C GLY X 120 56.70 -81.87 41.30
N THR X 121 56.24 -82.68 42.25
CA THR X 121 54.87 -83.19 42.23
C THR X 121 54.43 -83.57 43.62
N LEU X 122 53.30 -83.03 44.05
CA LEU X 122 52.66 -83.40 45.29
C LEU X 122 51.59 -84.44 44.98
N SER X 123 51.63 -85.57 45.69
CA SER X 123 50.67 -86.64 45.45
C SER X 123 49.50 -86.56 46.43
N ILE X 124 49.79 -86.67 47.73
CA ILE X 124 48.77 -86.67 48.75
C ILE X 124 49.43 -86.28 50.06
N ALA X 125 48.67 -85.64 50.94
CA ALA X 125 49.18 -85.22 52.24
C ALA X 125 49.42 -86.44 53.12
N MET Y 1 76.78 -1.20 89.51
CA MET Y 1 77.96 -0.90 90.32
C MET Y 1 78.59 -2.17 90.86
N SER Y 2 77.89 -2.87 91.76
CA SER Y 2 78.44 -4.01 92.48
C SER Y 2 77.48 -5.20 92.43
N LYS Y 3 78.05 -6.38 92.67
CA LYS Y 3 77.32 -7.64 92.77
C LYS Y 3 76.86 -7.92 94.21
N THR Y 4 77.17 -7.04 95.15
CA THR Y 4 76.64 -7.17 96.50
C THR Y 4 75.12 -7.08 96.45
N THR Y 5 74.47 -7.86 97.29
CA THR Y 5 73.01 -7.89 97.28
C THR Y 5 72.47 -6.52 97.67
N PRO Y 6 71.55 -5.96 96.89
CA PRO Y 6 70.94 -4.69 97.28
C PRO Y 6 69.70 -4.91 98.11
N THR Y 7 69.03 -3.82 98.47
CA THR Y 7 67.77 -3.89 99.19
C THR Y 7 66.72 -3.11 98.40
N LYS Y 8 65.47 -3.58 98.51
CA LYS Y 8 64.40 -2.98 97.73
C LYS Y 8 64.24 -1.50 98.05
N ASP Y 9 64.42 -1.12 99.31
CA ASP Y 9 64.38 0.30 99.66
C ASP Y 9 65.51 1.07 98.99
N SER Y 10 66.69 0.47 98.93
CA SER Y 10 67.82 1.11 98.25
C SER Y 10 67.52 1.31 96.77
N ILE Y 11 66.91 0.31 96.14
CA ILE Y 11 66.57 0.43 94.73
C ILE Y 11 65.51 1.50 94.53
N ARG Y 12 64.50 1.52 95.40
CA ARG Y 12 63.48 2.56 95.34
C ARG Y 12 64.09 3.93 95.47
N ALA Y 13 65.03 4.08 96.40
CA ALA Y 13 65.76 5.32 96.57
C ALA Y 13 66.43 5.69 95.26
N GLU Y 14 67.40 4.88 94.83
CA GLU Y 14 68.18 5.23 93.66
C GLU Y 14 67.26 5.64 92.50
N PHE Y 15 66.14 4.94 92.36
CA PHE Y 15 65.16 5.31 91.36
C PHE Y 15 64.58 6.70 91.63
N GLU Y 16 64.26 7.01 92.89
CA GLU Y 16 63.57 8.28 93.12
C GLU Y 16 64.51 9.46 92.97
N GLU Y 17 65.75 9.38 93.45
CA GLU Y 17 66.62 10.52 93.17
C GLU Y 17 66.99 10.59 91.70
N LEU Y 18 67.06 9.46 91.00
CA LEU Y 18 67.25 9.54 89.56
C LEU Y 18 66.09 10.29 88.91
N VAL Y 19 64.87 9.98 89.34
CA VAL Y 19 63.69 10.61 88.77
C VAL Y 19 63.71 12.10 89.04
N GLU Y 20 63.98 12.48 90.30
CA GLU Y 20 63.92 13.89 90.66
C GLU Y 20 65.05 14.68 90.01
N LYS Y 21 66.23 14.07 89.86
CA LYS Y 21 67.30 14.75 89.14
C LYS Y 21 67.00 14.84 87.66
N ASP Y 22 66.20 13.93 87.13
CA ASP Y 22 65.78 14.04 85.75
C ASP Y 22 64.77 15.16 85.60
N SER Y 23 64.91 15.94 84.53
CA SER Y 23 64.09 17.13 84.34
C SER Y 23 62.72 16.85 83.76
N PHE Y 24 62.51 15.66 83.19
CA PHE Y 24 61.25 15.42 82.50
C PHE Y 24 60.09 15.34 83.49
N TRP Y 25 60.30 14.75 84.67
CA TRP Y 25 59.25 14.80 85.67
C TRP Y 25 59.12 16.19 86.27
N SER Y 26 60.20 16.96 86.25
CA SER Y 26 60.09 18.35 86.69
C SER Y 26 59.11 19.11 85.80
N LYS Y 27 59.20 18.92 84.48
CA LYS Y 27 58.21 19.49 83.59
C LYS Y 27 56.87 18.77 83.70
N PHE Y 28 56.87 17.53 84.16
CA PHE Y 28 55.65 16.74 84.34
C PHE Y 28 55.66 16.18 85.77
N VAL Y 29 55.17 16.97 86.70
CA VAL Y 29 54.99 16.52 88.06
C VAL Y 29 53.60 15.90 88.19
N GLY Y 30 53.41 15.08 89.22
CA GLY Y 30 52.15 14.42 89.46
C GLY Y 30 52.05 13.00 88.97
N SER Y 31 53.17 12.30 88.84
CA SER Y 31 53.18 10.90 88.41
C SER Y 31 53.32 10.02 89.66
N GLN Y 32 52.20 9.83 90.35
CA GLN Y 32 52.19 8.91 91.48
C GLN Y 32 52.02 7.46 91.05
N PHE Y 33 51.78 7.21 89.77
CA PHE Y 33 51.78 5.85 89.25
C PHE Y 33 53.19 5.28 89.13
N VAL Y 34 54.18 6.13 88.86
CA VAL Y 34 55.54 5.65 88.81
C VAL Y 34 55.96 5.09 90.16
N SER Y 35 55.25 5.45 91.22
CA SER Y 35 55.57 4.93 92.55
C SER Y 35 55.43 3.41 92.59
N MET Y 36 54.21 2.91 92.38
CA MET Y 36 54.08 1.46 92.40
C MET Y 36 54.67 0.82 91.16
N LEU Y 37 54.87 1.57 90.07
CA LEU Y 37 55.65 1.00 88.97
C LEU Y 37 57.07 0.72 89.41
N THR Y 38 57.67 1.65 90.16
CA THR Y 38 58.99 1.44 90.73
C THR Y 38 58.98 0.27 91.69
N LEU Y 39 57.92 0.16 92.49
CA LEU Y 39 57.80 -1.00 93.38
C LEU Y 39 57.86 -2.30 92.58
N PHE Y 40 57.03 -2.40 91.55
CA PHE Y 40 56.92 -3.64 90.78
C PHE Y 40 58.23 -3.98 90.10
N ILE Y 41 58.85 -2.99 89.44
CA ILE Y 41 60.14 -3.24 88.83
C ILE Y 41 61.18 -3.56 89.88
N THR Y 42 60.98 -3.09 91.11
CA THR Y 42 61.92 -3.43 92.18
C THR Y 42 61.84 -4.91 92.51
N GLN Y 43 60.63 -5.45 92.64
CA GLN Y 43 60.56 -6.90 92.84
C GLN Y 43 61.07 -7.66 91.61
N ILE Y 44 60.83 -7.11 90.42
CA ILE Y 44 61.33 -7.75 89.21
C ILE Y 44 62.85 -7.85 89.25
N VAL Y 45 63.51 -6.74 89.58
CA VAL Y 45 64.95 -6.72 89.66
C VAL Y 45 65.45 -7.61 90.80
N TYR Y 46 64.70 -7.68 91.90
CA TYR Y 46 65.07 -8.56 93.00
C TYR Y 46 65.07 -10.02 92.54
N ARG Y 47 64.04 -10.41 91.80
CA ARG Y 47 64.00 -11.75 91.25
C ARG Y 47 65.14 -11.96 90.26
N CYS Y 48 65.45 -10.93 89.47
CA CYS Y 48 66.56 -11.02 88.54
C CYS Y 48 67.88 -11.22 89.27
N PHE Y 49 68.05 -10.55 90.41
CA PHE Y 49 69.26 -10.70 91.18
C PHE Y 49 69.34 -12.08 91.80
N GLN Y 50 68.19 -12.62 92.22
CA GLN Y 50 68.16 -14.00 92.68
C GLN Y 50 68.60 -14.95 91.56
N TYR Y 51 68.13 -14.68 90.35
CA TYR Y 51 68.54 -15.48 89.20
C TYR Y 51 70.04 -15.35 88.94
N ALA Y 52 70.57 -14.14 89.09
CA ALA Y 52 72.00 -13.93 88.93
C ALA Y 52 72.78 -14.71 89.98
N ASP Y 53 72.27 -14.74 91.21
CA ASP Y 53 72.91 -15.51 92.26
C ASP Y 53 72.90 -17.00 91.92
N ALA Y 54 71.78 -17.48 91.38
CA ALA Y 54 71.73 -18.85 90.91
C ALA Y 54 72.75 -19.09 89.80
N ALA Y 55 72.94 -18.09 88.93
CA ALA Y 55 73.93 -18.20 87.87
C ALA Y 55 75.34 -18.34 88.45
N LEU Y 56 75.65 -17.54 89.48
CA LEU Y 56 76.94 -17.68 90.15
C LEU Y 56 77.09 -19.06 90.76
N ALA Y 57 76.02 -19.55 91.42
CA ALA Y 57 76.10 -20.87 92.04
C ALA Y 57 76.37 -21.95 91.00
N GLU Y 58 75.73 -21.86 89.85
CA GLU Y 58 75.93 -22.87 88.82
C GLU Y 58 77.20 -22.65 88.02
N GLY Y 59 77.81 -21.48 88.11
CA GLY Y 59 79.04 -21.23 87.37
C GLY Y 59 80.28 -21.83 87.98
N PHE Y 60 80.18 -22.45 89.15
CA PHE Y 60 81.31 -23.07 89.81
C PHE Y 60 80.91 -24.44 90.32
N ILE Y 61 81.76 -25.44 90.08
CA ILE Y 61 81.45 -26.80 90.51
C ILE Y 61 81.29 -26.86 92.02
N SER Y 62 82.13 -26.11 92.75
CA SER Y 62 81.99 -26.05 94.19
C SER Y 62 80.63 -25.49 94.60
N THR Y 63 80.20 -24.42 93.93
CA THR Y 63 78.93 -23.79 94.28
C THR Y 63 77.74 -24.53 93.67
N ALA Y 64 77.93 -25.18 92.53
CA ALA Y 64 76.83 -25.90 91.89
C ALA Y 64 76.67 -27.25 92.55
N THR Y 65 75.43 -27.57 92.93
CA THR Y 65 75.10 -28.84 93.56
C THR Y 65 74.29 -29.75 92.64
N ARG Y 66 74.20 -29.44 91.35
CA ARG Y 66 73.43 -30.24 90.42
C ARG Y 66 74.26 -31.37 89.85
N ARG Y 67 73.62 -32.54 89.73
CA ARG Y 67 74.28 -33.69 89.13
C ARG Y 67 74.75 -33.36 87.72
N SER Y 68 73.95 -32.63 86.95
CA SER Y 68 74.31 -32.34 85.57
C SER Y 68 75.56 -31.47 85.50
N SER Y 69 75.57 -30.37 86.25
CA SER Y 69 76.73 -29.48 86.23
C SER Y 69 77.97 -30.17 86.77
N ILE Y 70 77.81 -30.97 87.83
CA ILE Y 70 78.95 -31.69 88.39
C ILE Y 70 79.51 -32.66 87.37
N LEU Y 71 78.64 -33.37 86.64
CA LEU Y 71 79.11 -34.29 85.63
C LEU Y 71 79.81 -33.55 84.49
N ALA Y 72 79.28 -32.39 84.10
CA ALA Y 72 79.93 -31.60 83.06
C ALA Y 72 81.34 -31.20 83.48
N ALA Y 73 81.47 -30.71 84.72
CA ALA Y 73 82.80 -30.32 85.21
C ALA Y 73 83.71 -31.53 85.32
N ALA Y 74 83.18 -32.68 85.74
CA ALA Y 74 83.99 -33.88 85.86
C ALA Y 74 84.49 -34.35 84.50
N GLU Y 75 83.65 -34.23 83.47
CA GLU Y 75 84.08 -34.61 82.14
C GLU Y 75 85.12 -33.63 81.60
N THR Y 76 84.99 -32.34 81.94
CA THR Y 76 86.07 -31.41 81.65
C THR Y 76 87.36 -31.86 82.32
N ASN Y 77 87.27 -32.27 83.58
CA ASN Y 77 88.41 -32.85 84.29
C ASN Y 77 88.82 -34.19 83.71
N SER Y 78 88.01 -34.76 82.82
CA SER Y 78 88.25 -36.09 82.27
C SER Y 78 88.28 -37.13 83.37
N TYR Y 79 87.26 -37.09 84.24
CA TYR Y 79 87.11 -38.03 85.33
C TYR Y 79 85.75 -38.69 85.27
N VAL Y 80 85.72 -39.98 85.59
CA VAL Y 80 84.47 -40.73 85.65
C VAL Y 80 84.44 -41.53 86.95
N GLY Y 81 83.24 -41.86 87.40
CA GLY Y 81 83.05 -42.56 88.64
C GLY Y 81 83.20 -44.07 88.49
N THR Y 82 82.73 -44.77 89.51
CA THR Y 82 82.83 -46.23 89.59
C THR Y 82 81.45 -46.86 89.49
N LYS Y 83 81.38 -48.00 88.83
CA LYS Y 83 80.12 -48.69 88.64
C LYS Y 83 79.77 -49.52 89.89
N PRO Y 84 78.49 -49.75 90.14
CA PRO Y 84 78.10 -50.64 91.24
C PRO Y 84 78.55 -52.07 90.99
N THR Y 85 78.80 -52.79 92.07
CA THR Y 85 79.30 -54.15 91.98
C THR Y 85 78.22 -55.15 92.38
N PRO Y 86 78.26 -56.36 91.81
CA PRO Y 86 77.26 -57.37 92.17
C PRO Y 86 77.40 -57.81 93.62
N SER Y 87 76.27 -58.22 94.19
CA SER Y 87 76.23 -58.83 95.51
C SER Y 87 76.25 -60.34 95.34
N SER Y 88 77.14 -61.02 96.08
CA SER Y 88 77.33 -62.45 95.94
C SER Y 88 76.91 -63.17 97.21
N GLY Y 89 76.22 -64.30 97.03
CA GLY Y 89 75.85 -65.16 98.12
C GLY Y 89 76.46 -66.54 97.94
N MET Y 90 76.34 -67.35 98.99
CA MET Y 90 76.90 -68.70 99.02
C MET Y 90 75.75 -69.70 99.06
N ILE Y 91 75.73 -70.62 98.11
CA ILE Y 91 74.59 -71.50 97.90
C ILE Y 91 75.05 -72.95 97.86
N GLU Y 92 74.12 -73.84 98.17
CA GLU Y 92 74.30 -75.27 98.07
C GLU Y 92 73.43 -75.83 96.96
N ILE Y 93 73.93 -76.86 96.30
CA ILE Y 93 73.26 -77.46 95.15
C ILE Y 93 73.19 -78.96 95.37
N THR Y 94 71.99 -79.53 95.27
CA THR Y 94 71.76 -80.97 95.40
C THR Y 94 70.90 -81.40 94.23
N ALA Y 95 71.49 -82.09 93.26
CA ALA Y 95 70.75 -82.53 92.10
C ALA Y 95 69.72 -83.58 92.50
N THR Y 96 68.53 -83.48 91.92
CA THR Y 96 67.45 -84.41 92.20
C THR Y 96 67.42 -85.59 91.24
N SER Y 97 68.26 -85.60 90.22
CA SER Y 97 68.25 -86.66 89.23
C SER Y 97 69.68 -87.12 88.94
N GLU Y 98 69.81 -88.40 88.58
CA GLU Y 98 71.12 -88.98 88.36
C GLU Y 98 71.77 -88.47 87.09
N ASP Y 99 70.98 -88.17 86.06
CA ASP Y 99 71.52 -87.71 84.79
C ASP Y 99 72.18 -86.34 84.90
N ALA Y 100 71.90 -85.60 85.96
CA ALA Y 100 72.50 -84.29 86.12
C ALA Y 100 74.01 -84.43 86.36
N PRO Y 101 74.85 -83.76 85.59
CA PRO Y 101 76.30 -83.87 85.81
C PRO Y 101 76.71 -83.26 87.13
N ALA Y 102 77.71 -83.88 87.76
CA ALA Y 102 78.25 -83.36 89.00
C ALA Y 102 79.13 -82.13 88.77
N VAL Y 103 79.46 -81.83 87.53
CA VAL Y 103 80.24 -80.64 87.20
C VAL Y 103 79.33 -79.73 86.38
N ILE Y 104 79.00 -78.58 86.95
CA ILE Y 104 78.15 -77.59 86.28
C ILE Y 104 79.06 -76.69 85.45
N PRO Y 105 78.82 -76.56 84.14
CA PRO Y 105 79.73 -75.77 83.30
C PRO Y 105 79.78 -74.31 83.72
N LYS Y 106 80.74 -73.60 83.14
CA LYS Y 106 81.02 -72.23 83.52
C LYS Y 106 79.91 -71.28 83.10
N ASN Y 107 79.54 -70.37 84.00
CA ASN Y 107 78.57 -69.31 83.75
C ASN Y 107 77.21 -69.88 83.32
N MET Y 108 76.60 -70.62 84.23
CA MET Y 108 75.24 -71.06 83.99
C MET Y 108 74.25 -70.05 84.58
N PRO Y 109 73.23 -69.65 83.84
CA PRO Y 109 72.31 -68.62 84.33
C PRO Y 109 71.44 -69.16 85.45
N LEU Y 110 70.90 -68.22 86.22
CA LEU Y 110 70.06 -68.52 87.37
C LEU Y 110 69.14 -67.34 87.64
N ILE Y 111 67.96 -67.64 88.17
CA ILE Y 111 67.04 -66.61 88.60
C ILE Y 111 66.75 -66.81 90.08
N SER Y 112 66.57 -65.71 90.79
CA SER Y 112 66.29 -65.74 92.21
C SER Y 112 64.79 -65.67 92.45
N ASP Y 113 64.39 -65.99 93.68
CA ASP Y 113 62.98 -65.96 94.03
C ASP Y 113 62.40 -64.55 93.92
N ASP Y 114 63.22 -63.54 94.19
CA ASP Y 114 62.82 -62.15 94.02
C ASP Y 114 62.97 -61.67 92.59
N GLN Y 115 63.08 -62.59 91.64
CA GLN Y 115 63.14 -62.28 90.22
C GLN Y 115 64.33 -61.39 89.90
N TYR Y 116 65.53 -61.92 90.14
CA TYR Y 116 66.77 -61.24 89.83
C TYR Y 116 67.73 -62.21 89.16
N PRO Y 117 68.41 -61.78 88.10
CA PRO Y 117 69.35 -62.66 87.42
C PRO Y 117 70.64 -62.82 88.20
N TYR Y 118 71.11 -64.06 88.27
CA TYR Y 118 72.34 -64.39 88.98
C TYR Y 118 73.19 -65.30 88.11
N MET Y 119 74.50 -65.21 88.29
CA MET Y 119 75.43 -65.95 87.45
C MET Y 119 76.57 -66.48 88.30
N THR Y 120 76.96 -67.72 88.02
CA THR Y 120 78.10 -68.31 88.70
C THR Y 120 79.39 -67.65 88.23
N MET Y 121 80.31 -67.44 89.17
CA MET Y 121 81.61 -66.88 88.84
C MET Y 121 82.63 -67.95 88.48
N ASP Y 122 82.26 -69.23 88.58
CA ASP Y 122 83.20 -70.31 88.34
C ASP Y 122 82.42 -71.59 88.07
N VAL Y 123 83.16 -72.67 87.83
CA VAL Y 123 82.56 -73.98 87.55
C VAL Y 123 82.16 -74.63 88.86
N CYS Y 124 80.90 -75.05 88.96
CA CYS Y 124 80.41 -75.72 90.14
C CYS Y 124 80.66 -77.21 90.05
N ARG Y 125 81.11 -77.79 91.15
CA ARG Y 125 81.40 -79.21 91.24
C ARG Y 125 80.52 -79.84 92.31
N LEU Y 126 79.90 -80.97 91.99
CA LEU Y 126 79.04 -81.69 92.93
C LEU Y 126 79.80 -82.90 93.44
N VAL Y 127 79.92 -83.00 94.76
CA VAL Y 127 80.50 -84.16 95.40
C VAL Y 127 79.37 -85.18 95.57
N ASP Y 128 79.30 -86.13 94.64
CA ASP Y 128 78.21 -87.11 94.59
C ASP Y 128 76.85 -86.39 94.55
N GLY Y 129 76.73 -85.44 93.62
CA GLY Y 129 75.52 -84.68 93.45
C GLY Y 129 75.32 -83.54 94.42
N THR Y 130 76.27 -83.32 95.32
CA THR Y 130 76.18 -82.26 96.32
C THR Y 130 77.37 -81.32 96.15
N GLY Y 131 77.09 -80.02 96.06
CA GLY Y 131 78.14 -79.04 95.90
C GLY Y 131 77.74 -77.71 96.51
N THR Y 132 78.71 -76.81 96.59
CA THR Y 132 78.49 -75.46 97.07
C THR Y 132 79.24 -74.48 96.19
N VAL Y 133 78.64 -73.31 95.95
CA VAL Y 133 79.27 -72.31 95.07
C VAL Y 133 78.80 -70.93 95.51
N GLU Y 134 79.64 -69.93 95.24
CA GLU Y 134 79.27 -68.54 95.38
C GLU Y 134 78.74 -68.02 94.05
N VAL Y 135 77.59 -67.37 94.09
CA VAL Y 135 76.95 -66.82 92.89
C VAL Y 135 76.55 -65.39 93.17
N ALA Y 136 76.82 -64.50 92.23
CA ALA Y 136 76.52 -63.08 92.37
C ALA Y 136 75.42 -62.67 91.40
N GLN Y 137 74.77 -61.55 91.72
CA GLN Y 137 73.73 -61.00 90.87
C GLN Y 137 74.36 -60.41 89.62
N LEU Y 138 74.48 -61.22 88.58
CA LEU Y 138 75.16 -60.81 87.35
C LEU Y 138 74.28 -61.15 86.15
N GLU Y 139 74.30 -60.26 85.16
CA GLU Y 139 73.50 -60.43 83.96
C GLU Y 139 74.30 -59.92 82.76
N ILE Y 140 73.80 -60.23 81.57
CA ILE Y 140 74.54 -60.07 80.32
C ILE Y 140 73.73 -59.20 79.36
N GLN Y 141 74.41 -58.24 78.75
CA GLN Y 141 73.87 -57.48 77.64
C GLN Y 141 74.94 -57.36 76.56
N GLU Y 142 74.50 -57.16 75.33
CA GLU Y 142 75.44 -57.00 74.22
C GLU Y 142 74.79 -56.14 73.14
N VAL Y 143 75.59 -55.29 72.53
CA VAL Y 143 75.15 -54.47 71.41
C VAL Y 143 76.19 -54.58 70.30
N THR Y 144 75.73 -54.82 69.07
CA THR Y 144 76.59 -54.93 67.92
C THR Y 144 76.25 -53.84 66.92
N TYR Y 145 77.26 -53.15 66.41
CA TYR Y 145 77.09 -52.11 65.42
C TYR Y 145 78.07 -52.34 64.28
N THR Y 146 77.75 -51.81 63.11
CA THR Y 146 78.60 -51.94 61.93
C THR Y 146 78.98 -50.56 61.41
N VAL Y 147 80.28 -50.35 61.19
CA VAL Y 147 80.73 -49.05 60.69
C VAL Y 147 80.30 -48.88 59.24
N THR Y 148 79.75 -47.70 58.94
CA THR Y 148 79.25 -47.38 57.61
C THR Y 148 79.93 -46.19 56.96
N ALA Y 149 80.47 -45.25 57.75
CA ALA Y 149 81.17 -44.09 57.22
C ALA Y 149 82.49 -43.92 57.97
N ALA Y 150 83.34 -43.04 57.44
CA ALA Y 150 84.67 -42.82 57.99
C ALA Y 150 84.74 -41.46 58.66
N LYS Y 151 84.66 -41.45 59.98
CA LYS Y 151 84.85 -40.25 60.79
C LYS Y 151 86.04 -40.43 61.70
N GLU Y 152 86.88 -39.41 61.78
CA GLU Y 152 87.93 -39.41 62.79
C GLU Y 152 87.29 -39.44 64.17
N PHE Y 153 87.93 -40.14 65.10
CA PHE Y 153 87.43 -40.28 66.46
C PHE Y 153 86.06 -40.97 66.46
N LEU Y 154 86.09 -42.23 66.05
CA LEU Y 154 84.86 -43.03 66.01
C LEU Y 154 84.20 -43.02 67.37
N GLU Y 155 82.88 -42.80 67.38
CA GLU Y 155 82.16 -42.56 68.61
C GLU Y 155 81.01 -43.56 68.74
N VAL Y 156 80.79 -44.03 69.97
CA VAL Y 156 79.69 -44.93 70.27
C VAL Y 156 79.01 -44.46 71.56
N VAL Y 157 77.68 -44.50 71.56
CA VAL Y 157 76.87 -43.94 72.63
C VAL Y 157 76.05 -45.07 73.25
N LEU Y 158 75.73 -44.90 74.54
CA LEU Y 158 75.02 -45.90 75.31
C LEU Y 158 73.78 -45.27 75.91
N SER Y 159 72.88 -46.12 76.43
CA SER Y 159 71.62 -45.68 77.00
C SER Y 159 71.62 -45.87 78.51
N LYS Y 160 71.02 -44.92 79.22
CA LYS Y 160 70.97 -45.02 80.68
C LYS Y 160 70.23 -46.27 81.11
N ALA Y 161 69.29 -46.74 80.29
CA ALA Y 161 68.54 -47.94 80.63
C ALA Y 161 69.47 -49.09 80.99
N LEU Y 162 70.59 -49.19 80.30
CA LEU Y 162 71.58 -50.23 80.59
C LEU Y 162 72.74 -49.72 81.44
N THR Y 163 73.07 -48.43 81.34
CA THR Y 163 74.17 -47.94 82.17
C THR Y 163 73.79 -47.83 83.64
N ALA Y 164 72.50 -47.84 83.95
CA ALA Y 164 72.08 -47.82 85.34
C ALA Y 164 72.42 -49.11 86.05
N VAL Y 165 72.66 -50.18 85.31
CA VAL Y 165 73.04 -51.46 85.90
C VAL Y 165 74.39 -51.96 85.40
N CYS Y 166 75.03 -51.27 84.45
CA CYS Y 166 76.30 -51.73 83.92
C CYS Y 166 77.35 -51.82 85.01
N TYR Y 167 78.17 -52.85 84.93
CA TYR Y 167 79.27 -53.04 85.87
C TYR Y 167 80.60 -53.28 85.15
N LYS Y 168 80.59 -54.01 84.03
CA LYS Y 168 81.82 -54.32 83.33
C LYS Y 168 81.60 -54.19 81.83
N LEU Y 169 82.61 -53.66 81.13
CA LEU Y 169 82.52 -53.39 79.71
C LEU Y 169 83.60 -54.16 78.96
N GLU Y 170 83.23 -54.63 77.76
CA GLU Y 170 84.15 -55.35 76.88
C GLU Y 170 83.95 -54.85 75.46
N VAL Y 171 85.05 -54.53 74.79
CA VAL Y 171 85.04 -53.93 73.47
C VAL Y 171 85.72 -54.86 72.49
N PHE Y 172 84.97 -55.33 71.50
CA PHE Y 172 85.50 -56.21 70.47
C PHE Y 172 85.37 -55.53 69.12
N VAL Y 173 86.46 -55.53 68.36
CA VAL Y 173 86.46 -55.01 67.00
C VAL Y 173 86.63 -56.20 66.06
N THR Y 174 85.59 -56.48 65.28
CA THR Y 174 85.62 -57.58 64.32
C THR Y 174 85.80 -56.97 62.94
N THR Y 175 87.01 -57.08 62.42
CA THR Y 175 87.37 -56.55 61.12
C THR Y 175 87.54 -57.73 60.17
N ASP Y 176 86.68 -57.81 59.16
CA ASP Y 176 86.75 -58.85 58.15
C ASP Y 176 86.80 -60.25 58.77
N GLY Y 177 86.02 -60.43 59.84
CA GLY Y 177 85.94 -61.70 60.52
C GLY Y 177 86.97 -61.95 61.60
N LYS Y 178 87.90 -61.01 61.81
CA LYS Y 178 88.90 -61.16 62.86
C LYS Y 178 88.50 -60.28 64.03
N THR Y 179 88.18 -60.90 65.16
CA THR Y 179 87.69 -60.18 66.33
C THR Y 179 88.83 -60.00 67.32
N THR Y 180 89.07 -58.76 67.72
CA THR Y 180 90.12 -58.41 68.67
C THR Y 180 89.51 -57.65 69.84
N GLN Y 181 89.85 -58.06 71.05
CA GLN Y 181 89.41 -57.32 72.23
C GLN Y 181 90.33 -56.13 72.42
N TRP Y 182 89.79 -54.93 72.24
CA TRP Y 182 90.60 -53.72 72.32
C TRP Y 182 90.82 -53.30 73.76
N SER Y 183 91.99 -52.71 74.01
CA SER Y 183 92.34 -52.16 75.30
C SER Y 183 91.99 -50.67 75.33
N SER Y 184 91.85 -50.15 76.54
CA SER Y 184 91.48 -48.75 76.75
C SER Y 184 92.54 -48.07 77.60
N SER Y 185 93.07 -46.95 77.12
CA SER Y 185 93.92 -46.08 77.90
C SER Y 185 93.31 -44.69 77.88
N THR Y 186 93.11 -44.11 79.06
CA THR Y 186 92.42 -42.83 79.13
C THR Y 186 93.20 -41.76 78.39
N MET Y 187 92.46 -40.83 77.79
CA MET Y 187 93.03 -39.61 77.21
C MET Y 187 94.12 -39.95 76.20
N PHE Y 188 94.01 -41.15 75.62
CA PHE Y 188 94.89 -41.61 74.55
C PHE Y 188 96.34 -41.65 74.98
N ARG Y 189 96.57 -42.03 76.23
CA ARG Y 189 97.92 -42.17 76.74
C ARG Y 189 98.56 -43.46 76.27
N LEU Y 190 99.83 -43.35 75.87
CA LEU Y 190 100.60 -44.47 75.31
C LEU Y 190 99.95 -45.02 74.04
N ALA Y 191 99.24 -44.16 73.32
CA ALA Y 191 98.52 -44.55 72.12
C ALA Y 191 99.40 -44.24 70.91
N GLY Y 192 99.80 -45.28 70.19
CA GLY Y 192 100.55 -45.12 68.96
C GLY Y 192 99.63 -44.81 67.80
N SER Y 193 100.21 -44.90 66.60
CA SER Y 193 99.44 -44.63 65.39
C SER Y 193 98.29 -45.63 65.24
N LYS Y 194 98.60 -46.93 65.38
CA LYS Y 194 97.62 -47.98 65.17
C LYS Y 194 97.31 -48.76 66.44
N SER Y 195 97.32 -48.09 67.58
CA SER Y 195 97.07 -48.74 68.86
C SER Y 195 95.59 -49.06 68.99
N GLN Y 196 95.30 -50.30 69.42
CA GLN Y 196 93.92 -50.73 69.65
C GLN Y 196 93.42 -50.13 70.96
N VAL Y 197 93.16 -48.83 70.90
CA VAL Y 197 92.89 -48.03 72.09
C VAL Y 197 91.59 -47.27 71.90
N TYR Y 198 90.88 -47.06 73.00
CA TYR Y 198 89.66 -46.27 73.01
C TYR Y 198 89.52 -45.61 74.38
N VAL Y 199 88.77 -44.53 74.42
CA VAL Y 199 88.53 -43.78 75.66
C VAL Y 199 87.03 -43.72 75.93
N GLU Y 200 86.65 -44.04 77.15
CA GLU Y 200 85.26 -44.01 77.57
C GLU Y 200 85.04 -42.87 78.55
N PHE Y 201 83.82 -42.33 78.53
CA PHE Y 201 83.53 -41.10 79.24
C PHE Y 201 82.05 -41.01 79.57
N TYR Y 202 81.74 -40.19 80.57
CA TYR Y 202 80.38 -39.84 80.91
C TYR Y 202 79.92 -38.67 80.06
N LYS Y 203 78.65 -38.33 80.20
CA LYS Y 203 78.11 -37.20 79.50
C LYS Y 203 77.03 -36.63 80.40
N PRO Y 204 77.02 -35.29 80.62
CA PRO Y 204 76.20 -34.69 81.68
C PRO Y 204 74.75 -35.13 81.72
N SER Y 205 74.20 -35.59 80.60
CA SER Y 205 72.89 -36.20 80.62
C SER Y 205 72.96 -37.66 81.01
N GLU Y 206 74.00 -38.03 81.74
CA GLU Y 206 74.26 -39.39 82.19
C GLU Y 206 74.48 -40.33 81.03
N GLN Y 207 74.75 -39.79 79.84
CA GLN Y 207 75.11 -40.64 78.72
C GLN Y 207 76.49 -41.25 78.92
N LEU Y 208 76.72 -42.34 78.21
CA LEU Y 208 78.02 -42.99 78.20
C LEU Y 208 78.53 -43.04 76.77
N GLY Y 209 79.80 -42.70 76.58
CA GLY Y 209 80.34 -42.63 75.25
C GLY Y 209 81.76 -43.16 75.20
N VAL Y 210 82.17 -43.57 73.99
CA VAL Y 210 83.52 -44.04 73.76
C VAL Y 210 84.00 -43.50 72.42
N ARG Y 211 85.27 -43.10 72.39
CA ARG Y 211 85.89 -42.51 71.21
C ARG Y 211 87.16 -43.28 70.87
N PHE Y 212 87.45 -43.31 69.58
CA PHE Y 212 88.58 -44.03 69.00
C PHE Y 212 89.58 -43.06 68.40
N GLY Y 213 90.63 -43.61 67.80
CA GLY Y 213 91.78 -42.82 67.41
C GLY Y 213 91.57 -42.00 66.15
N ASP Y 214 92.59 -41.19 65.85
CA ASP Y 214 92.64 -40.37 64.64
C ASP Y 214 93.56 -40.96 63.58
N GLY Y 215 94.08 -42.16 63.81
CA GLY Y 215 95.11 -42.72 62.95
C GLY Y 215 96.49 -42.23 63.34
N LEU Y 216 96.59 -40.92 63.61
CA LEU Y 216 97.85 -40.38 64.12
C LEU Y 216 98.12 -40.90 65.53
N ILE Y 217 97.10 -40.87 66.38
CA ILE Y 217 97.19 -41.33 67.76
C ILE Y 217 95.98 -42.22 67.99
N GLY Y 218 96.17 -43.52 67.83
CA GLY Y 218 95.08 -44.47 68.03
C GLY Y 218 94.65 -45.07 66.70
N GLN Y 219 94.39 -46.38 66.72
CA GLN Y 219 93.97 -47.07 65.51
C GLN Y 219 92.55 -46.68 65.12
N ILE Y 220 92.36 -46.41 63.83
CA ILE Y 220 91.04 -46.17 63.27
C ILE Y 220 90.49 -47.50 62.78
N PRO Y 221 89.36 -47.96 63.31
CA PRO Y 221 88.74 -49.17 62.78
C PRO Y 221 88.36 -49.00 61.32
N PRO Y 222 88.57 -50.01 60.50
CA PRO Y 222 88.30 -49.89 59.07
C PRO Y 222 86.81 -49.93 58.75
N GLU Y 223 86.47 -49.42 57.58
CA GLU Y 223 85.10 -49.42 57.10
C GLU Y 223 84.60 -50.84 56.85
N GLY Y 224 83.33 -51.07 57.15
CA GLY Y 224 82.71 -52.36 56.97
C GLY Y 224 82.91 -53.32 58.12
N SER Y 225 83.70 -52.96 59.12
CA SER Y 225 83.91 -53.80 60.28
C SER Y 225 82.76 -53.62 61.26
N THR Y 226 82.82 -54.37 62.35
CA THR Y 226 81.78 -54.34 63.37
C THR Y 226 82.41 -54.13 64.74
N ILE Y 227 81.62 -53.53 65.63
CA ILE Y 227 82.01 -53.26 67.00
C ILE Y 227 81.01 -53.95 67.91
N THR Y 228 81.52 -54.63 68.93
CA THR Y 228 80.72 -55.41 69.87
C THR Y 228 80.97 -54.87 71.27
N LEU Y 229 79.91 -54.47 71.94
CA LEU Y 229 79.98 -54.03 73.33
C LEU Y 229 79.29 -55.09 74.18
N LYS Y 230 80.09 -55.80 74.97
CA LYS Y 230 79.59 -56.70 75.99
C LYS Y 230 79.49 -55.95 77.31
N VAL Y 231 78.35 -56.07 77.97
CA VAL Y 231 78.08 -55.33 79.20
C VAL Y 231 77.63 -56.33 80.25
N TRP Y 232 78.47 -56.55 81.25
CA TRP Y 232 78.09 -57.33 82.42
C TRP Y 232 77.41 -56.38 83.40
N CYS Y 233 76.13 -56.61 83.65
CA CYS Y 233 75.31 -55.71 84.46
C CYS Y 233 74.98 -56.34 85.81
N THR Y 234 74.70 -55.46 86.77
CA THR Y 234 74.23 -55.87 88.07
C THR Y 234 73.35 -54.76 88.64
N ASN Y 235 72.49 -55.15 89.57
CA ASN Y 235 71.58 -54.21 90.20
C ASN Y 235 72.15 -53.65 91.50
N GLY Y 236 73.41 -53.94 91.81
CA GLY Y 236 74.03 -53.41 93.01
C GLY Y 236 74.05 -54.39 94.16
N ASP Y 237 73.83 -53.90 95.37
CA ASP Y 237 73.83 -54.75 96.56
C ASP Y 237 72.45 -55.36 96.76
N ILE Y 238 72.14 -56.33 95.91
CA ILE Y 238 70.89 -57.08 96.02
C ILE Y 238 71.08 -58.17 97.07
N THR Y 239 70.49 -57.96 98.25
CA THR Y 239 70.64 -58.88 99.37
C THR Y 239 69.37 -59.70 99.52
N LEU Y 240 69.53 -61.01 99.62
CA LEU Y 240 68.40 -61.92 99.79
C LEU Y 240 68.66 -62.85 100.97
N VAL Y 241 67.59 -63.17 101.70
CA VAL Y 241 67.70 -64.01 102.88
C VAL Y 241 68.13 -65.42 102.47
N ALA Y 242 68.99 -66.03 103.29
CA ALA Y 242 69.40 -67.40 103.04
C ALA Y 242 68.26 -68.37 103.34
N GLY Y 243 68.42 -69.60 102.86
CA GLY Y 243 67.42 -70.62 103.07
C GLY Y 243 66.32 -70.69 102.04
N GLN Y 244 66.51 -70.09 100.88
CA GLN Y 244 65.52 -70.11 99.80
C GLN Y 244 66.09 -70.81 98.57
N ASN Y 245 65.19 -71.39 97.79
CA ASN Y 245 65.60 -72.16 96.64
C ASN Y 245 65.81 -71.27 95.42
N LEU Y 246 66.52 -71.80 94.45
CA LEU Y 246 66.92 -71.05 93.26
C LEU Y 246 66.42 -71.77 92.02
N THR Y 247 65.99 -70.99 91.04
CA THR Y 247 65.44 -71.57 89.82
C THR Y 247 66.35 -71.28 88.63
N PRO Y 248 67.03 -72.28 88.08
CA PRO Y 248 67.77 -72.06 86.84
C PRO Y 248 66.82 -71.74 85.69
N VAL Y 249 67.31 -70.94 84.75
CA VAL Y 249 66.51 -70.45 83.65
C VAL Y 249 67.33 -70.50 82.36
N ASP Y 250 66.68 -70.16 81.26
CA ASP Y 250 67.32 -70.06 79.93
C ASP Y 250 67.83 -71.45 79.55
N SER Y 251 69.08 -71.59 79.09
CA SER Y 251 69.59 -72.91 78.75
C SER Y 251 69.67 -73.82 79.96
N ALA Y 252 69.77 -73.26 81.15
CA ALA Y 252 69.82 -74.06 82.37
C ALA Y 252 68.45 -74.52 82.84
N ALA Y 253 67.38 -74.03 82.21
CA ALA Y 253 66.04 -74.47 82.59
C ALA Y 253 65.84 -75.96 82.36
N ASN Y 254 66.60 -76.54 81.43
CA ASN Y 254 66.52 -77.98 81.21
C ASN Y 254 66.90 -78.76 82.46
N LEU Y 255 67.97 -78.32 83.14
CA LEU Y 255 68.40 -78.94 84.38
C LEU Y 255 67.75 -78.31 85.60
N ALA Y 256 66.96 -77.26 85.40
CA ALA Y 256 66.28 -76.63 86.53
C ALA Y 256 65.37 -77.60 87.26
N ASN Y 257 64.61 -78.39 86.51
CA ASN Y 257 63.73 -79.38 87.10
C ASN Y 257 64.44 -80.64 87.55
N LEU Y 258 65.72 -80.80 87.19
CA LEU Y 258 66.46 -82.00 87.55
C LEU Y 258 67.43 -81.76 88.71
N ILE Y 259 67.73 -80.50 89.03
CA ILE Y 259 68.71 -80.16 90.06
C ILE Y 259 68.06 -79.21 91.05
N SER Y 260 68.29 -79.44 92.34
CA SER Y 260 67.78 -78.59 93.39
C SER Y 260 68.91 -77.73 93.94
N VAL Y 261 68.66 -76.43 94.04
CA VAL Y 261 69.63 -75.47 94.54
C VAL Y 261 68.99 -74.67 95.67
N LYS Y 262 69.67 -74.65 96.82
CA LYS Y 262 69.20 -73.93 98.00
C LYS Y 262 70.32 -73.07 98.53
N THR Y 263 70.03 -71.80 98.80
CA THR Y 263 71.05 -70.91 99.34
C THR Y 263 71.26 -71.17 100.83
N THR Y 264 72.49 -70.91 101.28
CA THR Y 264 72.84 -71.07 102.68
C THR Y 264 73.34 -69.79 103.32
N THR Y 265 73.70 -68.77 102.54
CA THR Y 265 74.23 -67.53 103.06
C THR Y 265 73.50 -66.36 102.45
N PRO Y 266 73.16 -65.35 103.25
CA PRO Y 266 72.54 -64.14 102.69
C PRO Y 266 73.45 -63.51 101.65
N ILE Y 267 72.84 -63.00 100.58
CA ILE Y 267 73.61 -62.45 99.47
C ILE Y 267 74.18 -61.10 99.90
N THR Y 268 75.49 -61.03 100.04
CA THR Y 268 76.13 -59.82 100.53
C THR Y 268 77.26 -59.38 99.60
N ALA Y 269 78.08 -58.43 100.06
CA ALA Y 269 79.25 -57.97 99.31
C ALA Y 269 78.85 -57.34 97.98
N GLY Y 270 77.80 -56.53 98.00
CA GLY Y 270 77.40 -55.76 96.84
C GLY Y 270 77.54 -54.29 97.12
N THR Y 271 77.82 -53.53 96.06
CA THR Y 271 77.92 -52.08 96.15
C THR Y 271 77.01 -51.45 95.12
N ASP Y 272 76.60 -50.23 95.40
CA ASP Y 272 75.72 -49.46 94.54
C ASP Y 272 76.47 -48.26 93.97
N ALA Y 273 75.74 -47.44 93.22
CA ALA Y 273 76.34 -46.24 92.65
C ALA Y 273 76.58 -45.19 93.74
N GLU Y 274 77.67 -44.47 93.61
CA GLU Y 274 78.07 -43.44 94.56
C GLU Y 274 77.29 -42.14 94.33
N THR Y 275 77.25 -41.32 95.37
CA THR Y 275 76.37 -40.15 95.40
C THR Y 275 76.97 -38.98 94.64
N THR Y 276 76.10 -38.01 94.35
CA THR Y 276 76.50 -36.85 93.55
C THR Y 276 77.57 -36.03 94.25
N GLU Y 277 77.42 -35.79 95.54
CA GLU Y 277 78.41 -34.98 96.25
C GLU Y 277 79.76 -35.68 96.28
N ILE Y 278 79.76 -37.00 96.53
CA ILE Y 278 81.02 -37.70 96.57
C ILE Y 278 81.65 -37.75 95.19
N THR Y 279 80.83 -37.82 94.14
CA THR Y 279 81.37 -37.73 92.79
C THR Y 279 82.02 -36.38 92.55
N ARG Y 280 81.37 -35.31 93.00
CA ARG Y 280 81.94 -33.97 92.88
C ARG Y 280 83.28 -33.89 93.62
N ASN Y 281 83.32 -34.42 94.84
CA ASN Y 281 84.54 -34.37 95.63
C ASN Y 281 85.66 -35.16 94.98
N ARG Y 282 85.35 -36.36 94.49
CA ARG Y 282 86.35 -37.14 93.78
C ARG Y 282 86.75 -36.47 92.48
N ALA Y 283 85.86 -35.69 91.88
CA ALA Y 283 86.22 -34.93 90.69
C ALA Y 283 87.25 -33.86 91.01
N GLN Y 284 87.03 -33.11 92.08
CA GLN Y 284 88.03 -32.12 92.49
C GLN Y 284 89.34 -32.80 92.85
N TYR Y 285 89.28 -33.91 93.58
CA TYR Y 285 90.51 -34.55 94.00
C TYR Y 285 91.21 -35.22 92.83
N TYR Y 286 90.48 -35.61 91.78
CA TYR Y 286 91.11 -36.10 90.57
C TYR Y 286 91.75 -34.96 89.78
N LEU Y 287 91.11 -33.78 89.78
CA LEU Y 287 91.75 -32.62 89.21
C LEU Y 287 93.08 -32.36 89.90
N ALA Y 288 93.12 -32.55 91.21
CA ALA Y 288 94.39 -32.54 91.94
C ALA Y 288 95.27 -33.72 91.50
N TYR Y 289 94.65 -34.88 91.24
CA TYR Y 289 95.39 -36.09 90.91
C TYR Y 289 96.13 -35.95 89.58
N ASP Y 290 95.64 -35.10 88.68
CA ASP Y 290 96.35 -34.74 87.44
C ASP Y 290 96.59 -35.94 86.53
N ASP Y 291 95.71 -36.94 86.60
CA ASP Y 291 95.74 -38.09 85.68
C ASP Y 291 97.09 -38.77 85.67
N GLN Y 292 97.68 -38.96 86.86
CA GLN Y 292 98.98 -39.62 86.93
C GLN Y 292 99.17 -40.20 88.32
N VAL Y 293 99.80 -41.37 88.37
CA VAL Y 293 100.07 -42.06 89.62
C VAL Y 293 101.51 -41.71 90.02
N VAL Y 294 101.66 -40.70 90.87
CA VAL Y 294 103.00 -40.26 91.25
C VAL Y 294 103.18 -40.24 92.77
N TRP Y 295 102.27 -39.58 93.49
CA TRP Y 295 102.47 -39.32 94.90
C TRP Y 295 101.51 -40.12 95.77
N GLY Y 296 101.72 -40.01 97.08
CA GLY Y 296 100.98 -40.83 98.03
C GLY Y 296 99.49 -40.51 98.06
N GLY Y 297 99.14 -39.23 97.91
CA GLY Y 297 97.74 -38.90 97.82
C GLY Y 297 97.06 -39.55 96.63
N ASP Y 298 97.75 -39.54 95.48
CA ASP Y 298 97.25 -40.25 94.31
C ASP Y 298 97.13 -41.73 94.58
N TYR Y 299 98.13 -42.31 95.27
CA TYR Y 299 98.09 -43.72 95.59
C TYR Y 299 96.86 -44.05 96.41
N THR Y 300 96.63 -43.27 97.47
CA THR Y 300 95.47 -43.50 98.33
C THR Y 300 94.17 -43.34 97.56
N TYR Y 301 94.11 -42.33 96.70
CA TYR Y 301 92.89 -42.08 95.94
C TYR Y 301 92.59 -43.25 95.02
N PHE Y 302 93.60 -43.72 94.30
CA PHE Y 302 93.42 -44.88 93.43
C PHE Y 302 93.00 -46.10 94.22
N LEU Y 303 93.66 -46.34 95.36
CA LEU Y 303 93.37 -47.54 96.13
C LEU Y 303 91.96 -47.51 96.69
N VAL Y 304 91.51 -46.35 97.18
CA VAL Y 304 90.15 -46.26 97.70
C VAL Y 304 89.14 -46.36 96.57
N ARG Y 305 89.47 -45.85 95.39
CA ARG Y 305 88.59 -46.01 94.24
C ARG Y 305 88.45 -47.48 93.86
N ASN Y 306 89.56 -48.22 93.91
CA ASN Y 306 89.57 -49.61 93.46
C ASN Y 306 89.11 -50.59 94.53
N ILE Y 307 89.08 -50.18 95.79
CA ILE Y 307 88.68 -51.10 96.86
C ILE Y 307 87.51 -50.51 97.63
N PRO Y 308 86.27 -50.82 97.24
CA PRO Y 308 85.12 -50.36 98.03
C PRO Y 308 85.05 -51.07 99.38
N GLY Y 309 84.42 -50.41 100.35
CA GLY Y 309 84.12 -50.99 101.63
C GLY Y 309 85.08 -50.61 102.75
N LEU Y 310 86.29 -50.17 102.41
CA LEU Y 310 87.22 -49.77 103.46
C LEU Y 310 86.74 -48.50 104.13
N SER Y 311 86.93 -48.43 105.45
CA SER Y 311 86.57 -47.22 106.17
C SER Y 311 87.45 -46.06 105.74
N TRP Y 312 88.77 -46.26 105.77
CA TRP Y 312 89.70 -45.22 105.35
C TRP Y 312 91.07 -45.85 105.15
N VAL Y 313 91.96 -45.08 104.51
CA VAL Y 313 93.31 -45.52 104.24
C VAL Y 313 94.27 -44.40 104.62
N LYS Y 314 95.51 -44.78 104.91
CA LYS Y 314 96.57 -43.84 105.21
C LYS Y 314 97.88 -44.37 104.65
N ALA Y 315 98.71 -43.47 104.16
CA ALA Y 315 100.00 -43.85 103.60
C ALA Y 315 100.99 -42.73 103.84
N TRP Y 316 102.25 -43.11 104.03
CA TRP Y 316 103.33 -42.16 104.27
C TRP Y 316 104.50 -42.49 103.34
N GLY Y 317 105.17 -41.44 102.86
CA GLY Y 317 106.25 -41.61 101.93
C GLY Y 317 107.54 -42.04 102.58
N GLU Y 318 108.54 -42.29 101.74
CA GLU Y 318 109.85 -42.70 102.23
C GLU Y 318 110.46 -41.64 103.13
N GLY Y 319 110.43 -40.38 102.67
CA GLY Y 319 110.97 -39.30 103.48
C GLY Y 319 110.22 -39.11 104.78
N GLN Y 320 108.89 -39.22 104.73
CA GLN Y 320 108.08 -39.07 105.93
C GLN Y 320 108.39 -40.16 106.95
N GLN Y 321 108.48 -41.42 106.49
CA GLN Y 321 108.79 -42.51 107.40
C GLN Y 321 110.20 -42.37 107.96
N GLU Y 322 111.15 -41.94 107.13
CA GLU Y 322 112.51 -41.75 107.60
C GLU Y 322 112.60 -40.62 108.61
N LYS Y 323 111.82 -39.56 108.41
CA LYS Y 323 111.78 -38.47 109.39
C LYS Y 323 111.16 -38.94 110.70
N LEU Y 324 110.11 -39.75 110.62
CA LEU Y 324 109.53 -40.34 111.83
C LEU Y 324 110.55 -41.18 112.57
N ASP Y 325 111.29 -42.01 111.83
CA ASP Y 325 112.20 -42.96 112.44
C ASP Y 325 113.52 -42.34 112.88
N GLY Y 326 113.87 -41.17 112.35
CA GLY Y 326 115.11 -40.52 112.70
C GLY Y 326 116.36 -41.12 112.11
N ALA Y 327 116.24 -41.88 111.02
CA ALA Y 327 117.40 -42.54 110.42
C ALA Y 327 117.25 -42.59 108.91
N TYR Y 328 118.38 -42.72 108.23
CA TYR Y 328 118.41 -42.80 106.77
C TYR Y 328 118.43 -44.27 106.31
N ASN Y 329 117.44 -45.02 106.78
CA ASN Y 329 117.43 -46.46 106.55
C ASN Y 329 117.37 -46.79 105.06
N VAL Y 330 118.41 -47.49 104.60
CA VAL Y 330 118.43 -47.94 103.21
C VAL Y 330 117.31 -48.92 102.94
N GLN Y 331 116.98 -49.76 103.92
CA GLN Y 331 115.85 -50.67 103.77
C GLN Y 331 114.55 -49.90 103.60
N ASN Y 332 114.41 -48.80 104.33
CA ASN Y 332 113.23 -47.95 104.22
C ASN Y 332 113.26 -47.09 102.97
N ILE Y 333 114.41 -46.97 102.32
CA ILE Y 333 114.48 -46.26 101.05
C ILE Y 333 113.64 -47.00 100.02
N ASN Y 334 112.83 -46.25 99.27
CA ASN Y 334 111.88 -46.82 98.31
C ASN Y 334 110.87 -47.73 99.00
N LYS Y 335 110.58 -47.45 100.26
CA LYS Y 335 109.57 -48.17 101.03
C LYS Y 335 108.51 -47.20 101.49
N ILE Y 336 107.26 -47.52 101.21
CA ILE Y 336 106.13 -46.62 101.48
C ILE Y 336 105.30 -47.23 102.60
N PHE Y 337 105.15 -46.47 103.69
CA PHE Y 337 104.26 -46.88 104.77
C PHE Y 337 102.81 -46.87 104.31
N ILE Y 338 102.07 -47.92 104.68
CA ILE Y 338 100.64 -47.99 104.39
C ILE Y 338 99.92 -48.58 105.59
N SER Y 339 98.64 -48.22 105.72
CA SER Y 339 97.76 -48.70 106.76
C SER Y 339 96.33 -48.37 106.35
N GLY Y 340 95.36 -49.00 106.99
CA GLY Y 340 93.97 -48.74 106.67
C GLY Y 340 93.03 -49.37 107.67
N TRP Y 341 91.81 -48.86 107.68
CA TRP Y 341 90.75 -49.36 108.53
C TRP Y 341 89.54 -49.68 107.67
N HIS Y 342 88.88 -50.80 107.99
CA HIS Y 342 87.68 -51.26 107.31
C HIS Y 342 86.64 -51.57 108.36
N PRO Y 343 85.38 -51.17 108.16
CA PRO Y 343 84.34 -51.45 109.17
C PRO Y 343 84.08 -52.94 109.36
N ASN Y 344 84.47 -53.78 108.42
CA ASN Y 344 84.16 -55.20 108.47
C ASN Y 344 85.35 -56.13 108.28
N LYS Y 345 86.53 -55.61 107.96
CA LYS Y 345 87.68 -56.45 107.70
C LYS Y 345 88.80 -56.14 108.69
N SER Y 346 89.53 -57.19 109.06
CA SER Y 346 90.62 -57.05 110.01
C SER Y 346 91.82 -56.38 109.34
N GLN Y 347 92.81 -56.03 110.16
CA GLN Y 347 94.02 -55.41 109.63
C GLN Y 347 94.79 -56.38 108.74
N SER Y 348 94.88 -57.65 109.13
CA SER Y 348 95.55 -58.64 108.29
C SER Y 348 94.81 -58.82 106.97
N GLU Y 349 93.48 -58.86 107.02
CA GLU Y 349 92.69 -58.95 105.81
C GLU Y 349 92.95 -57.76 104.90
N LEU Y 350 92.95 -56.56 105.49
CA LEU Y 350 93.19 -55.35 104.71
C LEU Y 350 94.57 -55.37 104.08
N GLU Y 351 95.56 -55.82 104.85
CA GLU Y 351 96.92 -55.94 104.32
C GLU Y 351 96.96 -56.91 103.15
N GLU Y 352 96.23 -58.02 103.24
CA GLU Y 352 96.31 -58.96 102.12
C GLU Y 352 95.51 -58.47 100.91
N MET Y 353 94.38 -57.78 101.11
CA MET Y 353 93.75 -57.14 99.95
C MET Y 353 94.69 -56.14 99.30
N ILE Y 354 95.36 -55.30 100.09
CA ILE Y 354 96.20 -54.26 99.50
C ILE Y 354 97.42 -54.88 98.82
N LEU Y 355 97.97 -55.95 99.40
CA LEU Y 355 99.09 -56.62 98.74
C LEU Y 355 98.65 -57.23 97.42
N ALA Y 356 97.48 -57.88 97.40
CA ALA Y 356 96.97 -58.42 96.15
C ALA Y 356 96.73 -57.31 95.14
N ALA Y 357 96.20 -56.17 95.60
CA ALA Y 357 95.93 -55.05 94.71
C ALA Y 357 97.21 -54.54 94.08
N PHE Y 358 98.25 -54.35 94.89
CA PHE Y 358 99.52 -53.89 94.35
C PHE Y 358 100.13 -54.93 93.43
N LYS Y 359 99.92 -56.21 93.72
CA LYS Y 359 100.44 -57.26 92.84
C LYS Y 359 99.79 -57.19 91.47
N LYS Y 360 98.46 -57.17 91.43
CA LYS Y 360 97.82 -57.18 90.12
C LYS Y 360 97.81 -55.82 89.44
N VAL Y 361 98.13 -54.74 90.15
CA VAL Y 361 98.34 -53.44 89.51
C VAL Y 361 99.79 -53.37 89.07
N PRO Y 362 100.06 -53.28 87.76
CA PRO Y 362 101.44 -53.11 87.28
C PRO Y 362 101.88 -51.65 87.16
N ASN Y 363 101.08 -50.70 87.62
CA ASN Y 363 101.42 -49.29 87.44
C ASN Y 363 102.40 -48.80 88.50
N GLU Y 364 103.53 -49.50 88.64
CA GLU Y 364 104.53 -49.16 89.63
C GLU Y 364 105.90 -49.50 89.07
N LEU Y 365 106.94 -48.89 89.63
CA LEU Y 365 108.32 -49.15 89.23
C LEU Y 365 109.18 -49.29 90.47
N ASN Y 366 109.48 -50.54 90.85
CA ASN Y 366 110.32 -50.86 92.01
C ASN Y 366 109.77 -50.23 93.29
N LYS Y 367 108.44 -50.12 93.37
CA LYS Y 367 107.79 -49.46 94.49
C LYS Y 367 107.49 -50.51 95.56
N LYS Y 368 108.19 -50.42 96.68
CA LYS Y 368 108.00 -51.33 97.79
C LYS Y 368 107.09 -50.71 98.84
N PHE Y 369 106.19 -51.52 99.39
CA PHE Y 369 105.19 -51.05 100.32
C PHE Y 369 105.26 -51.86 101.60
N SER Y 370 105.29 -51.17 102.74
CA SER Y 370 105.28 -51.79 104.05
C SER Y 370 103.97 -51.45 104.75
N TYR Y 371 103.22 -52.47 105.12
CA TYR Y 371 101.94 -52.27 105.79
C TYR Y 371 102.09 -52.45 107.29
N LYS Y 372 101.43 -51.59 108.04
CA LYS Y 372 101.30 -51.79 109.48
C LYS Y 372 99.83 -51.74 109.87
N GLU Y 373 99.48 -52.53 110.86
CA GLU Y 373 98.10 -52.58 111.34
C GLU Y 373 97.71 -51.24 111.95
N VAL Y 374 96.46 -50.87 111.76
CA VAL Y 374 95.91 -49.65 112.34
C VAL Y 374 95.56 -49.92 113.80
N ARG Y 375 96.09 -49.11 114.70
CA ARG Y 375 95.89 -49.29 116.13
C ARG Y 375 94.76 -48.37 116.60
N LYS Y 376 93.73 -48.96 117.18
CA LYS Y 376 92.61 -48.20 117.70
C LYS Y 376 93.00 -47.52 119.00
N LEU Y 377 92.53 -46.28 119.18
CA LEU Y 377 92.78 -45.50 120.39
C LEU Y 377 91.44 -45.00 120.93
N PRO Y 378 90.66 -45.89 121.54
CA PRO Y 378 89.40 -45.44 122.15
C PRO Y 378 89.65 -44.53 123.35
N PHE Y 379 88.72 -43.62 123.56
CA PHE Y 379 88.74 -42.74 124.73
C PHE Y 379 87.31 -42.43 125.10
N LYS Y 380 87.10 -42.13 126.38
CA LYS Y 380 85.76 -41.90 126.89
C LYS Y 380 85.48 -40.41 126.98
N ILE Y 381 84.20 -40.06 126.93
CA ILE Y 381 83.75 -38.68 127.09
C ILE Y 381 82.71 -38.63 128.18
N THR Y 382 82.92 -37.74 129.15
CA THR Y 382 81.96 -37.48 130.21
C THR Y 382 81.33 -36.12 129.92
N ILE Y 383 80.07 -36.13 129.50
CA ILE Y 383 79.30 -34.92 129.27
C ILE Y 383 78.47 -34.66 130.51
N THR Y 384 78.76 -33.55 131.20
CA THR Y 384 78.08 -33.20 132.44
C THR Y 384 77.41 -31.86 132.28
N GLY Y 385 76.10 -31.80 132.51
CA GLY Y 385 75.41 -30.53 132.44
C GLY Y 385 73.92 -30.72 132.65
N ARG Y 386 73.21 -29.60 132.57
CA ARG Y 386 71.77 -29.57 132.73
C ARG Y 386 71.12 -29.23 131.40
N ILE Y 387 69.93 -29.77 131.18
CA ILE Y 387 69.24 -29.66 129.91
C ILE Y 387 67.80 -29.24 130.19
N SER Y 388 67.08 -28.92 129.10
CA SER Y 388 65.66 -28.62 129.22
C SER Y 388 64.94 -29.81 129.85
N ALA Y 389 64.04 -29.51 130.79
CA ALA Y 389 63.28 -30.54 131.46
C ALA Y 389 62.08 -31.02 130.65
N SER Y 390 61.78 -30.38 129.52
CA SER Y 390 60.59 -30.71 128.75
C SER Y 390 60.68 -32.08 128.07
N LEU Y 391 61.89 -32.59 127.84
CA LEU Y 391 62.08 -33.87 127.18
C LEU Y 391 62.41 -34.95 128.20
N THR Y 392 62.04 -36.19 127.86
CA THR Y 392 62.38 -37.32 128.71
C THR Y 392 63.89 -37.47 128.75
N ILE Y 393 64.44 -37.65 129.95
CA ILE Y 393 65.88 -37.79 130.11
C ILE Y 393 66.36 -39.05 129.42
N GLU Y 394 65.56 -40.12 129.47
CA GLU Y 394 65.93 -41.34 128.77
C GLU Y 394 65.99 -41.12 127.28
N ASN Y 395 64.99 -40.42 126.73
CA ASN Y 395 64.97 -40.13 125.31
C ASN Y 395 66.16 -39.27 124.91
N VAL Y 396 66.48 -38.28 125.73
CA VAL Y 396 67.62 -37.42 125.45
C VAL Y 396 68.92 -38.22 125.48
N THR Y 397 69.07 -39.12 126.45
CA THR Y 397 70.27 -39.94 126.53
C THR Y 397 70.39 -40.84 125.31
N ASP Y 398 69.28 -41.46 124.90
CA ASP Y 398 69.32 -42.32 123.72
C ASP Y 398 69.69 -41.53 122.48
N GLU Y 399 69.09 -40.35 122.32
CA GLU Y 399 69.39 -39.51 121.17
C GLU Y 399 70.84 -39.09 121.16
N LEU Y 400 71.37 -38.72 122.33
CA LEU Y 400 72.77 -38.31 122.43
C LEU Y 400 73.69 -39.47 122.08
N LYS Y 401 73.39 -40.67 122.57
CA LYS Y 401 74.21 -41.83 122.27
C LYS Y 401 74.19 -42.14 120.78
N SER Y 402 73.01 -42.08 120.16
CA SER Y 402 72.90 -42.33 118.73
C SER Y 402 73.69 -41.29 117.94
N ALA Y 403 73.57 -40.02 118.32
CA ALA Y 403 74.27 -38.96 117.59
C ALA Y 403 75.78 -39.11 117.74
N LEU Y 404 76.25 -39.44 118.95
CA LEU Y 404 77.69 -39.63 119.15
C LEU Y 404 78.20 -40.81 118.34
N GLU Y 405 77.44 -41.91 118.32
CA GLU Y 405 77.86 -43.06 117.53
C GLU Y 405 77.89 -42.70 116.04
N THR Y 406 76.90 -41.94 115.59
CA THR Y 406 76.87 -41.52 114.20
C THR Y 406 78.05 -40.62 113.86
N LYS Y 407 78.39 -39.70 114.75
CA LYS Y 407 79.36 -38.68 114.43
C LYS Y 407 80.79 -39.17 114.61
N PHE Y 408 81.13 -39.62 115.82
CA PHE Y 408 82.49 -40.00 116.15
C PHE Y 408 82.55 -41.44 116.66
N GLY Y 409 81.78 -42.32 116.02
CA GLY Y 409 81.83 -43.72 116.35
C GLY Y 409 83.08 -44.38 115.83
N ARG Y 410 83.21 -45.67 116.14
CA ARG Y 410 84.37 -46.42 115.68
C ARG Y 410 84.41 -46.50 114.16
N ASP Y 411 83.25 -46.67 113.53
CA ASP Y 411 83.13 -46.78 112.09
C ASP Y 411 82.40 -45.60 111.49
N SER Y 412 82.63 -44.41 112.05
CA SER Y 412 81.94 -43.21 111.60
C SER Y 412 82.53 -42.69 110.29
N THR Y 413 81.66 -42.10 109.47
CA THR Y 413 82.09 -41.48 108.21
C THR Y 413 82.93 -40.24 108.45
N PHE Y 414 82.93 -39.70 109.67
CA PHE Y 414 83.69 -38.50 109.95
C PHE Y 414 85.17 -38.66 109.61
N PHE Y 415 85.70 -39.87 109.78
CA PHE Y 415 87.11 -40.09 109.49
C PHE Y 415 87.41 -39.92 108.01
N ASP Y 416 86.51 -40.35 107.14
CA ASP Y 416 86.66 -40.21 105.69
C ASP Y 416 85.38 -39.64 105.12
N PRO Y 417 85.09 -38.36 105.36
CA PRO Y 417 83.87 -37.76 104.83
C PRO Y 417 83.94 -37.41 103.36
N ASN Y 418 85.14 -37.46 102.75
CA ASN Y 418 85.31 -37.08 101.35
C ASN Y 418 85.64 -38.23 100.43
N ARG Y 419 86.09 -39.36 100.98
CA ARG Y 419 86.35 -40.57 100.19
C ARG Y 419 87.34 -40.31 99.06
N VAL Y 420 88.40 -39.56 99.36
CA VAL Y 420 89.46 -39.29 98.38
C VAL Y 420 90.82 -39.58 98.99
N GLY Y 421 90.85 -40.42 100.03
CA GLY Y 421 92.08 -40.80 100.68
C GLY Y 421 92.55 -39.87 101.78
N LYS Y 422 91.77 -38.84 102.12
CA LYS Y 422 92.17 -37.87 103.15
C LYS Y 422 91.61 -38.34 104.49
N TYR Y 423 92.39 -39.16 105.19
CA TYR Y 423 91.99 -39.63 106.51
C TYR Y 423 92.22 -38.52 107.53
N ILE Y 424 91.21 -38.27 108.35
CA ILE Y 424 91.25 -37.20 109.35
C ILE Y 424 90.85 -37.77 110.70
N LEU Y 425 91.28 -37.09 111.76
CA LEU Y 425 91.05 -37.53 113.11
C LEU Y 425 90.03 -36.63 113.80
N ILE Y 426 89.66 -37.02 115.01
CA ILE Y 426 88.68 -36.30 115.83
C ILE Y 426 89.41 -35.25 116.65
N LYS Y 427 88.78 -34.10 116.84
CA LYS Y 427 89.35 -33.02 117.64
C LYS Y 427 88.39 -32.63 118.75
N LYS Y 428 88.95 -32.14 119.86
CA LYS Y 428 88.13 -31.64 120.95
C LYS Y 428 87.26 -30.49 120.48
N LYS Y 429 87.83 -29.60 119.66
CA LYS Y 429 87.03 -28.53 119.06
C LYS Y 429 85.91 -29.10 118.21
N ASP Y 430 86.20 -30.16 117.46
CA ASP Y 430 85.17 -30.77 116.63
C ASP Y 430 84.03 -31.32 117.50
N VAL Y 431 84.37 -32.00 118.59
CA VAL Y 431 83.35 -32.58 119.46
C VAL Y 431 82.50 -31.49 120.09
N TRP Y 432 83.15 -30.44 120.60
CA TRP Y 432 82.39 -29.38 121.25
C TRP Y 432 81.53 -28.63 120.24
N ALA Y 433 82.03 -28.47 119.01
CA ALA Y 433 81.22 -27.84 117.97
C ALA Y 433 80.02 -28.70 117.61
N PHE Y 434 80.21 -30.01 117.53
CA PHE Y 434 79.09 -30.90 117.22
C PHE Y 434 78.03 -30.84 118.31
N ILE Y 435 78.46 -30.89 119.57
CA ILE Y 435 77.49 -30.88 120.66
C ILE Y 435 76.81 -29.52 120.76
N GLU Y 436 77.52 -28.43 120.44
CA GLU Y 436 76.88 -27.12 120.43
C GLU Y 436 75.88 -27.00 119.28
N THR Y 437 76.21 -27.60 118.13
CA THR Y 437 75.27 -27.66 117.02
C THR Y 437 74.02 -28.42 117.43
N LEU Y 438 74.19 -29.48 118.21
CA LEU Y 438 73.04 -30.14 118.82
C LEU Y 438 72.27 -29.16 119.70
N GLY Y 439 72.98 -28.45 120.57
CA GLY Y 439 72.41 -27.33 121.29
C GLY Y 439 71.32 -27.69 122.29
N TYR Y 440 71.16 -28.97 122.62
CA TYR Y 440 70.11 -29.36 123.55
C TYR Y 440 70.41 -28.88 124.95
N PHE Y 441 71.63 -29.12 125.43
CA PHE Y 441 72.01 -28.64 126.75
C PHE Y 441 72.11 -27.12 126.76
N ARG Y 442 71.81 -26.55 127.93
CA ARG Y 442 71.98 -25.13 128.15
C ARG Y 442 73.38 -24.82 128.67
N ASP Y 443 73.91 -25.68 129.53
CA ASP Y 443 75.29 -25.61 129.97
C ASP Y 443 75.82 -27.02 130.10
N PHE Y 444 77.10 -27.19 129.80
CA PHE Y 444 77.68 -28.52 129.72
C PHE Y 444 79.19 -28.43 129.81
N TYR Y 445 79.80 -29.57 130.09
CA TYR Y 445 81.24 -29.72 130.20
C TYR Y 445 81.64 -31.09 129.69
N LEU Y 446 82.76 -31.15 128.98
CA LEU Y 446 83.29 -32.38 128.42
C LEU Y 446 84.59 -32.76 129.12
N GLU Y 447 84.63 -33.98 129.65
CA GLU Y 447 85.84 -34.57 130.19
C GLU Y 447 86.31 -35.66 129.24
N PHE Y 448 87.53 -35.52 128.73
CA PHE Y 448 88.08 -36.44 127.73
C PHE Y 448 88.94 -37.48 128.45
N VAL Y 449 88.28 -38.51 128.94
CA VAL Y 449 88.97 -39.56 129.71
C VAL Y 449 89.83 -40.38 128.76
N GLU Y 450 91.10 -40.55 129.13
CA GLU Y 450 92.07 -41.31 128.34
C GLU Y 450 92.19 -40.75 126.94
N TRP Y 451 92.08 -39.43 126.82
CA TRP Y 451 92.28 -38.79 125.52
C TRP Y 451 93.72 -38.96 125.07
N ASN Y 452 93.89 -39.29 123.80
CA ASN Y 452 95.21 -39.44 123.21
C ASN Y 452 95.22 -38.76 121.84
N GLU Y 453 96.43 -38.39 121.40
CA GLU Y 453 96.60 -37.73 120.12
C GLU Y 453 97.24 -38.71 119.13
N SER Y 454 96.56 -38.93 118.01
CA SER Y 454 97.03 -39.93 117.04
C SER Y 454 98.33 -39.50 116.40
N ASN Y 455 99.19 -40.48 116.13
CA ASN Y 455 100.43 -40.20 115.41
C ASN Y 455 100.16 -39.83 113.95
N GLY Y 456 99.00 -40.20 113.41
CA GLY Y 456 98.68 -39.97 112.03
C GLY Y 456 99.09 -41.07 111.08
N PHE Y 457 99.98 -41.96 111.52
CA PHE Y 457 100.35 -43.11 110.69
C PHE Y 457 99.30 -44.21 110.78
N TYR Y 458 99.08 -44.74 111.98
CA TYR Y 458 98.16 -45.85 112.17
C TYR Y 458 97.24 -45.70 113.37
N ASP Y 459 97.48 -44.75 114.26
CA ASP Y 459 96.65 -44.62 115.44
C ASP Y 459 95.24 -44.24 115.05
N PHE Y 460 94.27 -44.91 115.66
CA PHE Y 460 92.86 -44.75 115.33
C PHE Y 460 92.13 -44.33 116.60
N VAL Y 461 92.02 -43.02 116.82
CA VAL Y 461 91.33 -42.48 117.97
C VAL Y 461 89.84 -42.41 117.68
N TYR Y 462 89.04 -42.95 118.58
CA TYR Y 462 87.59 -42.90 118.42
C TYR Y 462 86.94 -42.85 119.79
N LEU Y 463 85.69 -42.41 119.81
CA LEU Y 463 84.96 -42.25 121.07
C LEU Y 463 84.41 -43.59 121.53
N ASP Y 464 84.57 -43.88 122.83
CA ASP Y 464 83.93 -45.02 123.46
C ASP Y 464 82.52 -44.59 123.88
N THR Y 465 81.58 -44.74 122.96
CA THR Y 465 80.22 -44.27 123.21
C THR Y 465 79.55 -45.05 124.34
N GLU Y 466 79.73 -46.37 124.37
CA GLU Y 466 79.04 -47.18 125.38
C GLU Y 466 79.59 -46.92 126.78
N ASN Y 467 80.88 -46.67 126.91
CA ASN Y 467 81.45 -46.33 128.21
C ASN Y 467 81.40 -44.84 128.51
N SER Y 468 80.82 -44.04 127.62
CA SER Y 468 80.73 -42.61 127.85
C SER Y 468 79.80 -42.31 129.02
N THR Y 469 80.09 -41.22 129.72
CA THR Y 469 79.35 -40.81 130.91
C THR Y 469 78.41 -39.66 130.56
N PHE Y 470 77.17 -39.76 131.02
CA PHE Y 470 76.13 -38.77 130.74
C PHE Y 470 75.57 -38.26 132.07
N ASN Y 471 76.22 -37.24 132.63
CA ASN Y 471 75.71 -36.57 133.83
C ASN Y 471 74.70 -35.51 133.38
N ILE Y 472 73.56 -36.00 132.94
CA ILE Y 472 72.51 -35.16 132.38
C ILE Y 472 71.56 -34.74 133.48
N SER Y 473 71.28 -33.45 133.57
CA SER Y 473 70.33 -32.92 134.52
C SER Y 473 69.32 -32.06 133.79
N TYR Y 474 68.28 -31.66 134.51
CA TYR Y 474 67.25 -30.79 133.98
C TYR Y 474 67.54 -29.36 134.39
N GLU Y 475 67.70 -28.49 133.42
CA GLU Y 475 67.92 -27.07 133.69
C GLU Y 475 66.58 -26.39 133.92
N GLU Y 476 66.48 -25.64 135.03
CA GLU Y 476 65.22 -24.97 135.36
C GLU Y 476 64.85 -23.96 134.28
N GLU Y 477 63.60 -24.00 133.86
CA GLU Y 477 63.11 -23.12 132.81
C GLU Y 477 62.35 -21.94 133.41
N MET Z 1 1.98 3.56 117.88
CA MET Z 1 2.24 4.47 118.99
C MET Z 1 3.27 3.89 119.95
N SER Z 2 3.08 2.62 120.30
CA SER Z 2 3.95 1.93 121.24
C SER Z 2 4.35 0.57 120.67
N LYS Z 3 5.40 0.00 121.25
CA LYS Z 3 5.87 -1.32 120.89
C LYS Z 3 5.21 -2.41 121.71
N THR Z 4 4.30 -2.04 122.63
CA THR Z 4 3.52 -3.04 123.36
C THR Z 4 2.67 -3.83 122.38
N THR Z 5 2.54 -5.12 122.63
CA THR Z 5 1.78 -5.97 121.73
C THR Z 5 0.33 -5.52 121.66
N PRO Z 6 -0.22 -5.32 120.48
CA PRO Z 6 -1.63 -4.98 120.37
C PRO Z 6 -2.50 -6.21 120.27
N THR Z 7 -3.81 -6.01 120.10
CA THR Z 7 -4.73 -7.10 119.89
C THR Z 7 -5.51 -6.83 118.61
N LYS Z 8 -5.87 -7.92 117.93
CA LYS Z 8 -6.54 -7.79 116.64
C LYS Z 8 -7.84 -7.00 116.76
N ASP Z 9 -8.57 -7.19 117.86
CA ASP Z 9 -9.78 -6.40 118.07
C ASP Z 9 -9.45 -4.93 118.23
N SER Z 10 -8.36 -4.62 118.93
CA SER Z 10 -7.94 -3.23 119.09
C SER Z 10 -7.59 -2.61 117.74
N ILE Z 11 -6.91 -3.38 116.88
CA ILE Z 11 -6.55 -2.87 115.56
C ILE Z 11 -7.81 -2.66 114.72
N ARG Z 12 -8.74 -3.62 114.77
CA ARG Z 12 -10.00 -3.47 114.07
C ARG Z 12 -10.73 -2.22 114.53
N ALA Z 13 -10.74 -1.99 115.84
CA ALA Z 13 -11.33 -0.79 116.40
C ALA Z 13 -10.66 0.43 115.78
N GLU Z 14 -9.38 0.61 116.06
CA GLU Z 14 -8.69 1.82 115.61
C GLU Z 14 -8.96 2.08 114.14
N PHE Z 15 -9.00 1.01 113.34
CA PHE Z 15 -9.35 1.15 111.93
C PHE Z 15 -10.77 1.66 111.77
N GLU Z 16 -11.73 1.14 112.54
CA GLU Z 16 -13.12 1.50 112.28
C GLU Z 16 -13.44 2.92 112.73
N GLU Z 17 -12.90 3.36 113.88
CA GLU Z 17 -13.15 4.78 114.17
C GLU Z 17 -12.36 5.68 113.23
N LEU Z 18 -11.18 5.27 112.77
CA LEU Z 18 -10.52 6.06 111.74
C LEU Z 18 -11.42 6.18 110.51
N VAL Z 19 -12.04 5.07 110.13
CA VAL Z 19 -12.88 5.07 108.94
C VAL Z 19 -14.08 5.99 109.13
N GLU Z 20 -14.78 5.85 110.25
CA GLU Z 20 -15.99 6.66 110.42
C GLU Z 20 -15.64 8.14 110.58
N LYS Z 21 -14.53 8.46 111.25
CA LYS Z 21 -14.13 9.85 111.34
C LYS Z 21 -13.69 10.39 110.00
N ASP Z 22 -13.22 9.52 109.10
CA ASP Z 22 -12.93 9.97 107.75
C ASP Z 22 -14.22 10.22 106.99
N SER Z 23 -14.23 11.31 106.22
CA SER Z 23 -15.45 11.73 105.55
C SER Z 23 -15.71 11.01 104.25
N PHE Z 24 -14.72 10.32 103.69
CA PHE Z 24 -14.91 9.73 102.37
C PHE Z 24 -15.90 8.57 102.42
N TRP Z 25 -15.87 7.78 103.49
CA TRP Z 25 -16.90 6.76 103.62
C TRP Z 25 -18.25 7.37 103.98
N SER Z 26 -18.23 8.54 104.63
CA SER Z 26 -19.48 9.24 104.86
C SER Z 26 -20.17 9.58 103.55
N LYS Z 27 -19.41 10.08 102.58
CA LYS Z 27 -19.95 10.29 101.24
C LYS Z 27 -20.19 8.98 100.52
N PHE Z 28 -19.49 7.92 100.91
CA PHE Z 28 -19.64 6.59 100.32
C PHE Z 28 -19.85 5.59 101.45
N VAL Z 29 -21.09 5.43 101.86
CA VAL Z 29 -21.45 4.41 102.83
C VAL Z 29 -21.80 3.13 102.07
N GLY Z 30 -21.75 2.01 102.77
CA GLY Z 30 -22.05 0.72 102.19
C GLY Z 30 -20.85 -0.10 101.78
N SER Z 31 -19.69 0.13 102.39
CA SER Z 31 -18.48 -0.65 102.09
C SER Z 31 -18.32 -1.72 103.16
N GLN Z 32 -19.07 -2.80 103.02
CA GLN Z 32 -18.91 -3.93 103.92
C GLN Z 32 -17.76 -4.84 103.50
N PHE Z 33 -17.14 -4.59 102.35
CA PHE Z 33 -15.92 -5.29 101.98
C PHE Z 33 -14.71 -4.81 102.76
N VAL Z 34 -14.70 -3.54 103.15
CA VAL Z 34 -13.60 -3.06 103.97
C VAL Z 34 -13.56 -3.79 105.29
N SER Z 35 -14.67 -4.43 105.69
CA SER Z 35 -14.69 -5.18 106.94
C SER Z 35 -13.69 -6.33 106.91
N MET Z 36 -13.87 -7.28 106.00
CA MET Z 36 -12.90 -8.36 105.95
C MET Z 36 -11.58 -7.91 105.37
N LEU Z 37 -11.53 -6.81 104.62
CA LEU Z 37 -10.23 -6.27 104.25
C LEU Z 37 -9.46 -5.83 105.49
N THR Z 38 -10.14 -5.17 106.43
CA THR Z 38 -9.55 -4.81 107.70
C THR Z 38 -9.12 -6.05 108.47
N LEU Z 39 -9.96 -7.08 108.44
CA LEU Z 39 -9.58 -8.34 109.08
C LEU Z 39 -8.25 -8.86 108.53
N PHE Z 40 -8.17 -8.94 107.20
CA PHE Z 40 -6.99 -9.52 106.56
C PHE Z 40 -5.75 -8.69 106.86
N ILE Z 41 -5.84 -7.37 106.70
CA ILE Z 41 -4.70 -6.53 107.03
C ILE Z 41 -4.39 -6.62 108.52
N THR Z 42 -5.37 -6.95 109.35
CA THR Z 42 -5.10 -7.12 110.77
C THR Z 42 -4.22 -8.34 111.01
N GLN Z 43 -4.52 -9.46 110.37
CA GLN Z 43 -3.60 -10.58 110.50
C GLN Z 43 -2.24 -10.25 109.87
N ILE Z 44 -2.24 -9.46 108.80
CA ILE Z 44 -0.98 -9.07 108.16
C ILE Z 44 -0.11 -8.31 109.14
N VAL Z 45 -0.68 -7.29 109.78
CA VAL Z 45 0.10 -6.47 110.71
C VAL Z 45 0.43 -7.27 111.96
N TYR Z 46 -0.40 -8.24 112.33
CA TYR Z 46 -0.06 -9.12 113.44
C TYR Z 46 1.19 -9.93 113.11
N ARG Z 47 1.26 -10.48 111.91
CA ARG Z 47 2.45 -11.19 111.48
C ARG Z 47 3.64 -10.24 111.43
N CYS Z 48 3.40 -9.00 110.98
CA CYS Z 48 4.46 -8.01 110.94
C CYS Z 48 4.99 -7.70 112.33
N PHE Z 49 4.09 -7.63 113.32
CA PHE Z 49 4.50 -7.38 114.69
C PHE Z 49 5.28 -8.56 115.24
N GLN Z 50 4.88 -9.77 114.87
CA GLN Z 50 5.67 -10.94 115.23
C GLN Z 50 7.07 -10.85 114.65
N TYR Z 51 7.17 -10.41 113.39
CA TYR Z 51 8.47 -10.21 112.76
C TYR Z 51 9.27 -9.15 113.49
N ALA Z 52 8.61 -8.08 113.92
CA ALA Z 52 9.30 -7.04 114.67
C ALA Z 52 9.81 -7.58 116.00
N ASP Z 53 9.03 -8.43 116.64
CA ASP Z 53 9.47 -9.06 117.89
C ASP Z 53 10.68 -9.93 117.64
N ALA Z 54 10.68 -10.67 116.52
CA ALA Z 54 11.86 -11.44 116.15
C ALA Z 54 13.05 -10.52 115.92
N ALA Z 55 12.81 -9.35 115.34
CA ALA Z 55 13.88 -8.38 115.13
C ALA Z 55 14.46 -7.92 116.46
N LEU Z 56 13.60 -7.63 117.44
CA LEU Z 56 14.09 -7.29 118.77
C LEU Z 56 14.91 -8.42 119.36
N ALA Z 57 14.42 -9.66 119.23
CA ALA Z 57 15.14 -10.80 119.79
C ALA Z 57 16.53 -10.91 119.17
N GLU Z 58 16.62 -10.72 117.86
CA GLU Z 58 17.92 -10.85 117.21
C GLU Z 58 18.79 -9.62 117.36
N GLY Z 59 18.22 -8.48 117.79
CA GLY Z 59 19.01 -7.28 117.98
C GLY Z 59 19.83 -7.24 119.23
N PHE Z 60 19.72 -8.25 120.10
CA PHE Z 60 20.48 -8.30 121.33
C PHE Z 60 21.03 -9.70 121.51
N ILE Z 61 22.32 -9.79 121.87
CA ILE Z 61 22.96 -11.09 122.04
C ILE Z 61 22.26 -11.89 123.14
N SER Z 62 21.82 -11.22 124.20
CA SER Z 62 21.08 -11.90 125.25
C SER Z 62 19.78 -12.47 124.71
N THR Z 63 19.06 -11.69 123.90
CA THR Z 63 17.79 -12.15 123.37
C THR Z 63 17.95 -13.08 122.18
N ALA Z 64 19.02 -12.91 121.40
CA ALA Z 64 19.26 -13.76 120.24
C ALA Z 64 19.86 -15.08 120.68
N THR Z 65 19.27 -16.18 120.22
CA THR Z 65 19.75 -17.51 120.52
C THR Z 65 20.39 -18.21 119.33
N ARG Z 66 20.67 -17.47 118.26
CA ARG Z 66 21.24 -18.05 117.06
C ARG Z 66 22.76 -18.11 117.16
N ARG Z 67 23.32 -19.23 116.69
CA ARG Z 67 24.76 -19.37 116.65
C ARG Z 67 25.41 -18.25 115.84
N SER Z 68 24.78 -17.88 114.72
CA SER Z 68 25.36 -16.86 113.85
C SER Z 68 25.42 -15.51 114.55
N SER Z 69 24.31 -15.07 115.13
CA SER Z 69 24.28 -13.77 115.81
C SER Z 69 25.20 -13.78 117.02
N ILE Z 70 25.23 -14.89 117.76
CA ILE Z 70 26.11 -14.97 118.92
C ILE Z 70 27.56 -14.86 118.49
N LEU Z 71 27.93 -15.53 117.41
CA LEU Z 71 29.30 -15.44 116.92
C LEU Z 71 29.63 -14.03 116.43
N ALA Z 72 28.67 -13.37 115.78
CA ALA Z 72 28.91 -11.99 115.36
C ALA Z 72 29.17 -11.09 116.56
N ALA Z 73 28.35 -11.21 117.59
CA ALA Z 73 28.54 -10.41 118.79
C ALA Z 73 29.86 -10.75 119.48
N ALA Z 74 30.22 -12.03 119.49
CA ALA Z 74 31.48 -12.45 120.12
C ALA Z 74 32.68 -11.88 119.37
N GLU Z 75 32.60 -11.84 118.04
CA GLU Z 75 33.69 -11.26 117.27
C GLU Z 75 33.77 -9.75 117.47
N THR Z 76 32.62 -9.09 117.63
CA THR Z 76 32.63 -7.70 118.05
C THR Z 76 33.35 -7.54 119.38
N ASN Z 77 33.05 -8.43 120.33
CA ASN Z 77 33.76 -8.49 121.60
C ASN Z 77 35.20 -8.92 121.44
N SER Z 78 35.58 -9.39 120.24
CA SER Z 78 36.91 -9.92 119.99
C SER Z 78 37.20 -11.11 120.89
N TYR Z 79 36.26 -12.04 120.93
CA TYR Z 79 36.39 -13.25 121.72
C TYR Z 79 36.16 -14.47 120.85
N VAL Z 80 36.94 -15.51 121.09
CA VAL Z 80 36.80 -16.78 120.39
C VAL Z 80 36.80 -17.92 121.40
N GLY Z 81 36.21 -19.03 121.01
CA GLY Z 81 36.08 -20.18 121.89
C GLY Z 81 37.31 -21.05 121.90
N THR Z 82 37.13 -22.26 122.41
CA THR Z 82 38.20 -23.23 122.56
C THR Z 82 37.98 -24.43 121.65
N LYS Z 83 39.06 -24.96 121.11
CA LYS Z 83 38.98 -26.08 120.20
C LYS Z 83 38.85 -27.40 120.98
N PRO Z 84 38.23 -28.41 120.38
CA PRO Z 84 38.18 -29.72 121.03
C PRO Z 84 39.57 -30.33 121.13
N THR Z 85 39.75 -31.17 122.16
CA THR Z 85 41.05 -31.77 122.42
C THR Z 85 41.03 -33.26 122.08
N PRO Z 86 42.17 -33.81 121.68
CA PRO Z 86 42.23 -35.25 121.37
C PRO Z 86 41.99 -36.11 122.60
N SER Z 87 41.44 -37.29 122.36
CA SER Z 87 41.28 -38.32 123.38
C SER Z 87 42.46 -39.27 123.29
N SER Z 88 43.10 -39.54 124.42
CA SER Z 88 44.31 -40.35 124.47
C SER Z 88 44.05 -41.65 125.22
N GLY Z 89 44.58 -42.74 124.68
CA GLY Z 89 44.54 -44.03 125.32
C GLY Z 89 45.94 -44.55 125.59
N MET Z 90 46.01 -45.63 126.35
CA MET Z 90 47.27 -46.24 126.75
C MET Z 90 47.37 -47.61 126.09
N ILE Z 91 48.45 -47.85 125.35
CA ILE Z 91 48.58 -49.02 124.49
C ILE Z 91 49.89 -49.72 124.77
N GLU Z 92 49.90 -51.01 124.45
CA GLU Z 92 51.08 -51.85 124.54
C GLU Z 92 51.51 -52.24 123.12
N ILE Z 93 52.82 -52.37 122.93
CA ILE Z 93 53.40 -52.67 121.64
C ILE Z 93 54.36 -53.85 121.80
N THR Z 94 54.18 -54.87 120.98
CA THR Z 94 55.04 -56.05 120.98
C THR Z 94 55.42 -56.34 119.53
N ALA Z 95 56.65 -56.03 119.16
CA ALA Z 95 57.09 -56.25 117.79
C ALA Z 95 57.13 -57.75 117.49
N THR Z 96 56.68 -58.11 116.29
CA THR Z 96 56.67 -59.51 115.87
C THR Z 96 57.93 -59.92 115.12
N SER Z 97 58.83 -58.98 114.84
CA SER Z 97 60.04 -59.27 114.08
C SER Z 97 61.25 -58.64 114.74
N GLU Z 98 62.40 -59.29 114.57
CA GLU Z 98 63.62 -58.84 115.23
C GLU Z 98 64.14 -57.54 114.61
N ASP Z 99 63.94 -57.34 113.31
CA ASP Z 99 64.46 -56.15 112.65
C ASP Z 99 63.77 -54.88 113.11
N ALA Z 100 62.61 -55.00 113.76
CA ALA Z 100 61.92 -53.82 114.23
C ALA Z 100 62.71 -53.15 115.35
N PRO Z 101 63.01 -51.86 115.25
CA PRO Z 101 63.76 -51.20 116.32
C PRO Z 101 62.95 -51.13 117.60
N ALA Z 102 63.66 -51.26 118.73
CA ALA Z 102 63.03 -51.12 120.04
C ALA Z 102 62.69 -49.68 120.38
N VAL Z 103 63.20 -48.72 119.61
CA VAL Z 103 62.89 -47.31 119.80
C VAL Z 103 62.12 -46.86 118.58
N ILE Z 104 60.85 -46.51 118.78
CA ILE Z 104 59.98 -46.04 117.71
C ILE Z 104 60.18 -44.52 117.62
N PRO Z 105 60.53 -44.00 116.44
CA PRO Z 105 60.83 -42.56 116.34
C PRO Z 105 59.61 -41.71 116.66
N LYS Z 106 59.87 -40.41 116.80
CA LYS Z 106 58.85 -39.47 117.24
C LYS Z 106 57.77 -39.28 116.18
N ASN Z 107 56.51 -39.27 116.63
CA ASN Z 107 55.35 -38.99 115.79
C ASN Z 107 55.23 -39.98 114.63
N MET Z 108 55.02 -41.23 114.99
CA MET Z 108 54.71 -42.22 113.97
C MET Z 108 53.21 -42.35 113.80
N PRO Z 109 52.70 -42.38 112.57
CA PRO Z 109 51.26 -42.43 112.37
C PRO Z 109 50.67 -43.79 112.72
N LEU Z 110 49.36 -43.79 112.96
CA LEU Z 110 48.64 -44.99 113.34
C LEU Z 110 47.17 -44.82 112.97
N ILE Z 111 46.51 -45.93 112.65
CA ILE Z 111 45.09 -45.94 112.41
C ILE Z 111 44.44 -46.89 113.40
N SER Z 112 43.24 -46.54 113.83
CA SER Z 112 42.48 -47.36 114.76
C SER Z 112 41.53 -48.28 114.02
N ASP Z 113 41.01 -49.28 114.74
CA ASP Z 113 40.09 -50.23 114.13
C ASP Z 113 38.81 -49.55 113.68
N ASP Z 114 38.40 -48.49 114.37
CA ASP Z 114 37.24 -47.70 113.97
C ASP Z 114 37.60 -46.65 112.93
N GLN Z 115 38.74 -46.81 112.26
CA GLN Z 115 39.18 -45.93 111.17
C GLN Z 115 39.29 -44.48 111.65
N TYR Z 116 40.21 -44.27 112.58
CA TYR Z 116 40.51 -42.95 113.10
C TYR Z 116 42.02 -42.76 113.19
N PRO Z 117 42.52 -41.61 112.78
CA PRO Z 117 43.96 -41.37 112.84
C PRO Z 117 44.41 -41.07 114.27
N TYR Z 118 45.51 -41.70 114.65
CA TYR Z 118 46.09 -41.52 115.98
C TYR Z 118 47.57 -41.25 115.86
N MET Z 119 48.10 -40.52 116.83
CA MET Z 119 49.47 -40.04 116.76
C MET Z 119 50.12 -40.18 118.12
N THR Z 120 51.35 -40.67 118.12
CA THR Z 120 52.12 -40.74 119.36
C THR Z 120 52.55 -39.34 119.79
N MET Z 121 52.47 -39.09 121.10
CA MET Z 121 52.89 -37.82 121.64
C MET Z 121 54.37 -37.80 122.00
N ASP Z 122 55.06 -38.92 121.89
CA ASP Z 122 56.45 -39.02 122.30
C ASP Z 122 57.08 -40.24 121.63
N VAL Z 123 58.37 -40.43 121.92
CA VAL Z 123 59.13 -41.55 121.37
C VAL Z 123 58.81 -42.81 122.16
N CYS Z 124 58.41 -43.86 121.47
CA CYS Z 124 58.11 -45.13 122.11
C CYS Z 124 59.38 -45.97 122.22
N ARG Z 125 59.55 -46.60 123.38
CA ARG Z 125 60.70 -47.44 123.67
C ARG Z 125 60.22 -48.84 123.96
N LEU Z 126 60.85 -49.84 123.35
CA LEU Z 126 60.51 -51.24 123.57
C LEU Z 126 61.57 -51.86 124.46
N VAL Z 127 61.12 -52.45 125.58
CA VAL Z 127 62.00 -53.19 126.47
C VAL Z 127 62.06 -54.61 125.91
N ASP Z 128 63.11 -54.90 125.15
CA ASP Z 128 63.27 -56.18 124.46
C ASP Z 128 62.05 -56.46 123.57
N GLY Z 129 61.71 -55.47 122.75
CA GLY Z 129 60.59 -55.58 121.84
C GLY Z 129 59.22 -55.34 122.46
N THR Z 130 59.16 -55.03 123.76
CA THR Z 130 57.92 -54.78 124.46
C THR Z 130 57.94 -53.39 125.05
N GLY Z 131 56.88 -52.61 124.77
CA GLY Z 131 56.81 -51.25 125.28
C GLY Z 131 55.36 -50.85 125.50
N THR Z 132 55.19 -49.70 126.14
CA THR Z 132 53.87 -49.11 126.35
C THR Z 132 53.95 -47.61 126.10
N VAL Z 133 52.89 -47.05 125.51
CA VAL Z 133 52.87 -45.63 125.20
C VAL Z 133 51.43 -45.13 125.21
N GLU Z 134 51.27 -43.84 125.50
CA GLU Z 134 49.99 -43.16 125.36
C GLU Z 134 49.93 -42.53 123.98
N VAL Z 135 48.82 -42.76 123.28
CA VAL Z 135 48.62 -42.24 121.93
C VAL Z 135 47.23 -41.61 121.88
N ALA Z 136 47.14 -40.43 121.29
CA ALA Z 136 45.89 -39.69 121.18
C ALA Z 136 45.43 -39.62 119.74
N GLN Z 137 44.14 -39.36 119.56
CA GLN Z 137 43.56 -39.21 118.24
C GLN Z 137 44.01 -37.89 117.63
N LEU Z 138 45.12 -37.90 116.91
CA LEU Z 138 45.71 -36.70 116.36
C LEU Z 138 46.02 -36.91 114.89
N GLU Z 139 45.81 -35.86 114.10
CA GLU Z 139 46.05 -35.91 112.67
C GLU Z 139 46.63 -34.58 112.21
N ILE Z 140 47.12 -34.56 110.98
CA ILE Z 140 47.94 -33.48 110.45
C ILE Z 140 47.31 -32.93 109.19
N GLN Z 141 47.24 -31.59 109.10
CA GLN Z 141 46.90 -30.90 107.88
C GLN Z 141 47.85 -29.72 107.70
N GLU Z 142 48.01 -29.30 106.45
CA GLU Z 142 48.86 -28.16 106.16
C GLU Z 142 48.37 -27.47 104.90
N VAL Z 143 48.42 -26.15 104.91
CA VAL Z 143 48.10 -25.34 103.75
C VAL Z 143 49.22 -24.34 103.52
N THR Z 144 49.65 -24.22 102.27
CA THR Z 144 50.70 -23.28 101.90
C THR Z 144 50.16 -22.30 100.88
N TYR Z 145 50.44 -21.02 101.09
CA TYR Z 145 50.03 -19.96 100.19
C TYR Z 145 51.21 -19.05 99.91
N THR Z 146 51.17 -18.35 98.78
CA THR Z 146 52.23 -17.43 98.39
C THR Z 146 51.65 -16.05 98.18
N VAL Z 147 52.28 -15.05 98.81
CA VAL Z 147 51.81 -13.68 98.68
C VAL Z 147 52.08 -13.18 97.27
N THR Z 148 51.08 -12.56 96.67
CA THR Z 148 51.17 -12.06 95.31
C THR Z 148 50.96 -10.55 95.18
N ALA Z 149 50.24 -9.93 96.10
CA ALA Z 149 49.97 -8.51 96.05
C ALA Z 149 50.21 -7.90 97.44
N ALA Z 150 50.17 -6.57 97.49
CA ALA Z 150 50.43 -5.82 98.71
C ALA Z 150 49.13 -5.24 99.25
N LYS Z 151 48.64 -5.81 100.35
CA LYS Z 151 47.51 -5.26 101.10
C LYS Z 151 47.91 -5.09 102.55
N GLU Z 152 47.54 -3.95 103.13
CA GLU Z 152 47.68 -3.80 104.57
C GLU Z 152 46.76 -4.80 105.25
N PHE Z 153 47.21 -5.31 106.40
CA PHE Z 153 46.45 -6.31 107.17
C PHE Z 153 46.22 -7.57 106.32
N LEU Z 154 47.34 -8.25 106.05
CA LEU Z 154 47.28 -9.48 105.28
C LEU Z 154 46.33 -10.46 105.95
N GLU Z 155 45.47 -11.07 105.14
CA GLU Z 155 44.38 -11.88 105.65
C GLU Z 155 44.44 -13.28 105.05
N VAL Z 156 44.13 -14.28 105.88
CA VAL Z 156 44.06 -15.67 105.45
C VAL Z 156 42.80 -16.29 106.03
N VAL Z 157 42.11 -17.09 105.20
CA VAL Z 157 40.81 -17.66 105.53
C VAL Z 157 40.92 -19.17 105.53
N LEU Z 158 40.08 -19.81 106.35
CA LEU Z 158 40.09 -21.25 106.54
C LEU Z 158 38.71 -21.80 106.23
N SER Z 159 38.63 -23.12 106.10
CA SER Z 159 37.39 -23.80 105.75
C SER Z 159 36.86 -24.61 106.94
N LYS Z 160 35.54 -24.59 107.13
CA LYS Z 160 34.94 -25.36 108.21
C LYS Z 160 35.29 -26.84 108.09
N ALA Z 161 35.51 -27.32 106.87
CA ALA Z 161 35.83 -28.73 106.69
C ALA Z 161 36.98 -29.15 107.57
N LEU Z 162 37.96 -28.27 107.74
CA LEU Z 162 39.10 -28.53 108.61
C LEU Z 162 38.97 -27.89 109.98
N THR Z 163 38.25 -26.77 110.10
CA THR Z 163 38.10 -26.16 111.40
C THR Z 163 37.19 -26.95 112.31
N ALA Z 164 36.37 -27.85 111.75
CA ALA Z 164 35.52 -28.69 112.58
C ALA Z 164 36.33 -29.69 113.39
N VAL Z 165 37.57 -29.95 112.98
CA VAL Z 165 38.44 -30.86 113.71
C VAL Z 165 39.73 -30.20 114.17
N CYS Z 166 39.98 -28.96 113.80
CA CYS Z 166 41.23 -28.30 114.18
C CYS Z 166 41.37 -28.23 115.69
N TYR Z 167 42.58 -28.43 116.16
CA TYR Z 167 42.91 -28.33 117.58
C TYR Z 167 44.09 -27.42 117.85
N LYS Z 168 45.10 -27.43 116.98
CA LYS Z 168 46.30 -26.62 117.20
C LYS Z 168 46.74 -26.00 115.89
N LEU Z 169 47.19 -24.75 115.96
CA LEU Z 169 47.58 -23.97 114.79
C LEU Z 169 49.03 -23.57 114.87
N GLU Z 170 49.71 -23.57 113.73
CA GLU Z 170 51.10 -23.15 113.62
C GLU Z 170 51.25 -22.29 112.37
N VAL Z 171 51.90 -21.14 112.52
CA VAL Z 171 52.02 -20.15 111.46
C VAL Z 171 53.50 -19.97 111.14
N PHE Z 172 53.88 -20.28 109.90
CA PHE Z 172 55.24 -20.13 109.44
C PHE Z 172 55.27 -19.14 108.29
N VAL Z 173 56.18 -18.18 108.38
CA VAL Z 173 56.40 -17.22 107.29
C VAL Z 173 57.76 -17.53 106.68
N THR Z 174 57.76 -17.98 105.44
CA THR Z 174 58.99 -18.31 104.73
C THR Z 174 59.25 -17.18 103.74
N THR Z 175 60.20 -16.32 104.09
CA THR Z 175 60.59 -15.17 103.28
C THR Z 175 61.95 -15.46 102.68
N ASP Z 176 61.99 -15.58 101.35
CA ASP Z 176 63.23 -15.79 100.61
C ASP Z 176 64.00 -17.00 101.17
N GLY Z 177 63.25 -18.04 101.52
CA GLY Z 177 63.84 -19.26 102.02
C GLY Z 177 64.08 -19.31 103.51
N LYS Z 178 63.80 -18.24 104.24
CA LYS Z 178 63.98 -18.22 105.69
C LYS Z 178 62.61 -18.36 106.34
N THR Z 179 62.40 -19.47 107.05
CA THR Z 179 61.11 -19.77 107.65
C THR Z 179 61.14 -19.42 109.13
N THR Z 180 60.19 -18.60 109.55
CA THR Z 180 60.08 -18.17 110.94
C THR Z 180 58.70 -18.52 111.46
N GLN Z 181 58.64 -19.14 112.63
CA GLN Z 181 57.36 -19.41 113.27
C GLN Z 181 56.90 -18.15 113.97
N TRP Z 182 55.82 -17.55 113.46
CA TRP Z 182 55.34 -16.29 114.00
C TRP Z 182 54.51 -16.51 115.26
N SER Z 183 54.61 -15.54 116.17
CA SER Z 183 53.82 -15.52 117.39
C SER Z 183 52.54 -14.73 117.17
N SER Z 184 51.55 -14.99 118.02
CA SER Z 184 50.26 -14.33 117.93
C SER Z 184 49.95 -13.62 119.25
N SER Z 185 49.62 -12.34 119.15
CA SER Z 185 49.09 -11.58 120.28
C SER Z 185 47.78 -10.95 119.85
N THR Z 186 46.76 -11.10 120.68
CA THR Z 186 45.42 -10.68 120.30
C THR Z 186 45.37 -9.17 120.12
N MET Z 187 44.50 -8.73 119.20
CA MET Z 187 44.23 -7.31 118.94
C MET Z 187 45.51 -6.49 118.81
N PHE Z 188 46.58 -7.14 118.35
CA PHE Z 188 47.88 -6.50 118.12
C PHE Z 188 48.42 -5.87 119.40
N ARG Z 189 48.28 -6.58 120.51
CA ARG Z 189 48.87 -6.11 121.76
C ARG Z 189 50.36 -6.38 121.80
N LEU Z 190 51.11 -5.40 122.29
CA LEU Z 190 52.58 -5.44 122.35
C LEU Z 190 53.19 -5.63 120.97
N ALA Z 191 52.50 -5.15 119.93
CA ALA Z 191 52.94 -5.31 118.56
C ALA Z 191 53.71 -4.05 118.15
N GLY Z 192 55.00 -4.23 117.86
CA GLY Z 192 55.82 -3.15 117.37
C GLY Z 192 55.62 -2.94 115.88
N SER Z 193 56.52 -2.15 115.30
CA SER Z 193 56.45 -1.89 113.87
C SER Z 193 56.63 -3.17 113.06
N LYS Z 194 57.66 -3.94 113.39
CA LYS Z 194 58.01 -5.13 112.63
C LYS Z 194 57.85 -6.41 113.46
N SER Z 195 56.86 -6.43 114.35
CA SER Z 195 56.65 -7.59 115.20
C SER Z 195 56.03 -8.74 114.41
N GLN Z 196 56.58 -9.94 114.58
CA GLN Z 196 56.09 -11.14 113.91
C GLN Z 196 54.80 -11.59 114.61
N VAL Z 197 53.74 -10.82 114.38
CA VAL Z 197 52.51 -10.95 115.14
C VAL Z 197 51.34 -11.10 114.17
N TYR Z 198 50.33 -11.85 114.59
CA TYR Z 198 49.10 -12.02 113.84
C TYR Z 198 47.96 -12.25 114.81
N VAL Z 199 46.74 -11.96 114.36
CA VAL Z 199 45.54 -12.13 115.17
C VAL Z 199 44.59 -13.07 114.45
N GLU Z 200 44.09 -14.06 115.17
CA GLU Z 200 43.15 -15.03 114.63
C GLU Z 200 41.76 -14.79 115.23
N PHE Z 201 40.74 -15.12 114.45
CA PHE Z 201 39.38 -14.75 114.80
C PHE Z 201 38.39 -15.70 114.14
N TYR Z 202 37.19 -15.75 114.71
CA TYR Z 202 36.07 -16.44 114.12
C TYR Z 202 35.34 -15.53 113.14
N LYS Z 203 34.36 -16.10 112.45
CA LYS Z 203 33.56 -15.32 111.55
C LYS Z 203 32.18 -15.95 111.57
N PRO Z 204 31.12 -15.14 111.71
CA PRO Z 204 29.78 -15.66 112.02
C PRO Z 204 29.30 -16.82 111.16
N SER Z 205 29.84 -16.96 109.95
CA SER Z 205 29.58 -18.16 109.17
C SER Z 205 30.52 -19.29 109.55
N GLU Z 206 31.01 -19.25 110.78
CA GLU Z 206 31.94 -20.24 111.32
C GLU Z 206 33.26 -20.25 110.57
N GLN Z 207 33.52 -19.21 109.79
CA GLN Z 207 34.81 -19.09 109.14
C GLN Z 207 35.89 -18.80 110.17
N LEU Z 208 37.12 -19.11 109.79
CA LEU Z 208 38.29 -18.80 110.59
C LEU Z 208 39.22 -17.90 109.79
N GLY Z 209 39.73 -16.85 110.41
CA GLY Z 209 40.54 -15.89 109.70
C GLY Z 209 41.70 -15.43 110.56
N VAL Z 210 42.74 -14.97 109.88
CA VAL Z 210 43.90 -14.39 110.55
C VAL Z 210 44.33 -13.14 109.79
N ARG Z 211 44.71 -12.12 110.55
CA ARG Z 211 45.13 -10.83 110.01
C ARG Z 211 46.50 -10.48 110.55
N PHE Z 212 47.25 -9.74 109.75
CA PHE Z 212 48.60 -9.32 110.07
C PHE Z 212 48.64 -7.81 110.26
N GLY Z 213 49.83 -7.30 110.58
CA GLY Z 213 49.98 -5.91 110.96
C GLY Z 213 49.96 -4.96 109.77
N ASP Z 214 50.04 -3.67 110.09
CA ASP Z 214 50.03 -2.61 109.10
C ASP Z 214 51.41 -2.06 108.80
N GLY Z 215 52.46 -2.65 109.36
CA GLY Z 215 53.79 -2.08 109.30
C GLY Z 215 54.01 -1.07 110.40
N LEU Z 216 53.02 -0.21 110.65
CA LEU Z 216 53.05 0.66 111.81
C LEU Z 216 52.95 -0.15 113.09
N ILE Z 217 52.02 -1.09 113.12
CA ILE Z 217 51.79 -1.95 114.28
C ILE Z 217 51.69 -3.38 113.72
N GLY Z 218 52.79 -4.10 113.74
CA GLY Z 218 52.83 -5.46 113.23
C GLY Z 218 53.62 -5.55 111.94
N GLN Z 219 54.44 -6.60 111.82
CA GLN Z 219 55.26 -6.77 110.63
C GLN Z 219 54.40 -7.15 109.43
N ILE Z 220 54.68 -6.52 108.29
CA ILE Z 220 54.03 -6.86 107.03
C ILE Z 220 54.92 -7.89 106.32
N PRO Z 221 54.43 -9.09 106.06
CA PRO Z 221 55.21 -10.05 105.27
C PRO Z 221 55.52 -9.49 103.90
N PRO Z 222 56.74 -9.72 103.40
CA PRO Z 222 57.12 -9.16 102.10
C PRO Z 222 56.51 -9.91 100.94
N GLU Z 223 56.48 -9.23 99.80
CA GLU Z 223 55.95 -9.82 98.57
C GLU Z 223 56.83 -10.97 98.10
N GLY Z 224 56.19 -12.00 97.55
CA GLY Z 224 56.89 -13.16 97.06
C GLY Z 224 57.20 -14.21 98.10
N SER Z 225 56.90 -13.94 99.37
CA SER Z 225 57.11 -14.91 100.43
C SER Z 225 55.95 -15.89 100.47
N THR Z 226 56.04 -16.85 101.39
CA THR Z 226 55.03 -17.89 101.54
C THR Z 226 54.60 -17.97 102.99
N ILE Z 227 53.37 -18.40 103.18
CA ILE Z 227 52.78 -18.60 104.51
C ILE Z 227 52.34 -20.05 104.61
N THR Z 228 52.66 -20.68 105.74
CA THR Z 228 52.39 -22.08 106.01
C THR Z 228 51.53 -22.18 107.25
N LEU Z 229 50.37 -22.82 107.10
CA LEU Z 229 49.49 -23.10 108.22
C LEU Z 229 49.51 -24.59 108.49
N LYS Z 230 50.11 -24.96 109.61
CA LYS Z 230 50.05 -26.32 110.12
C LYS Z 230 48.88 -26.44 111.08
N VAL Z 231 48.08 -27.48 110.89
CA VAL Z 231 46.86 -27.67 111.66
C VAL Z 231 46.90 -29.07 112.23
N TRP Z 232 47.06 -29.17 113.55
CA TRP Z 232 46.90 -30.44 114.23
C TRP Z 232 45.43 -30.62 114.56
N CYS Z 233 44.80 -31.63 113.98
CA CYS Z 233 43.37 -31.84 114.07
C CYS Z 233 43.05 -33.05 114.94
N THR Z 234 41.85 -33.03 115.50
CA THR Z 234 41.33 -34.17 116.25
C THR Z 234 39.82 -34.16 116.13
N ASN Z 235 39.23 -35.34 116.32
CA ASN Z 235 37.79 -35.50 116.24
C ASN Z 235 37.11 -35.35 117.59
N GLY Z 236 37.84 -34.96 118.63
CA GLY Z 236 37.27 -34.77 119.94
C GLY Z 236 37.49 -35.93 120.88
N ASP Z 237 36.49 -36.26 121.68
CA ASP Z 237 36.59 -37.36 122.64
C ASP Z 237 36.21 -38.68 121.95
N ILE Z 238 37.12 -39.15 121.10
CA ILE Z 238 36.95 -40.43 120.42
C ILE Z 238 37.38 -41.52 121.40
N THR Z 239 36.41 -42.24 121.95
CA THR Z 239 36.67 -43.28 122.94
C THR Z 239 36.51 -44.65 122.29
N LEU Z 240 37.51 -45.51 122.49
CA LEU Z 240 37.50 -46.85 121.94
C LEU Z 240 37.79 -47.86 123.04
N VAL Z 241 37.14 -49.02 122.96
CA VAL Z 241 37.30 -50.05 123.97
C VAL Z 241 38.72 -50.58 123.94
N ALA Z 242 39.26 -50.87 125.13
CA ALA Z 242 40.59 -51.46 125.22
C ALA Z 242 40.56 -52.92 124.76
N GLY Z 243 41.75 -53.46 124.51
CA GLY Z 243 41.87 -54.84 124.09
C GLY Z 243 41.79 -55.06 122.59
N GLN Z 244 41.97 -54.03 121.78
CA GLN Z 244 41.93 -54.14 120.34
C GLN Z 244 43.27 -53.76 119.74
N ASN Z 245 43.56 -54.34 118.58
CA ASN Z 245 44.84 -54.13 117.94
C ASN Z 245 44.83 -52.86 117.10
N LEU Z 246 46.03 -52.36 116.80
CA LEU Z 246 46.21 -51.11 116.10
C LEU Z 246 47.01 -51.34 114.83
N THR Z 247 46.65 -50.61 113.77
CA THR Z 247 47.32 -50.79 112.48
C THR Z 247 48.11 -49.55 112.12
N PRO Z 248 49.43 -49.59 112.13
CA PRO Z 248 50.22 -48.47 111.61
C PRO Z 248 49.98 -48.29 110.11
N VAL Z 249 50.07 -47.05 109.66
CA VAL Z 249 49.77 -46.69 108.28
C VAL Z 249 50.81 -45.70 107.79
N ASP Z 250 50.71 -45.34 106.51
CA ASP Z 250 51.55 -44.33 105.87
C ASP Z 250 52.99 -44.82 105.92
N SER Z 251 53.95 -44.00 106.34
CA SER Z 251 55.34 -44.44 106.40
C SER Z 251 55.51 -45.56 107.42
N ALA Z 252 54.63 -45.65 108.42
CA ALA Z 252 54.70 -46.70 109.42
C ALA Z 252 54.10 -48.01 108.94
N ALA Z 253 53.46 -48.02 107.77
CA ALA Z 253 52.91 -49.26 107.25
C ALA Z 253 53.98 -50.30 106.98
N ASN Z 254 55.22 -49.86 106.73
CA ASN Z 254 56.32 -50.79 106.54
C ASN Z 254 56.53 -51.64 107.77
N LEU Z 255 56.49 -51.03 108.94
CA LEU Z 255 56.62 -51.75 110.20
C LEU Z 255 55.29 -52.23 110.75
N ALA Z 256 54.19 -51.89 110.08
CA ALA Z 256 52.87 -52.33 110.54
C ALA Z 256 52.79 -53.85 110.56
N ASN Z 257 53.28 -54.50 109.51
CA ASN Z 257 53.27 -55.96 109.45
C ASN Z 257 54.37 -56.60 110.27
N LEU Z 258 55.32 -55.83 110.78
CA LEU Z 258 56.42 -56.37 111.55
C LEU Z 258 56.26 -56.16 113.06
N ILE Z 259 55.37 -55.26 113.47
CA ILE Z 259 55.18 -54.92 114.87
C ILE Z 259 53.71 -55.07 115.23
N SER Z 260 53.45 -55.66 116.39
CA SER Z 260 52.09 -55.83 116.89
C SER Z 260 51.82 -54.83 118.00
N VAL Z 261 50.70 -54.13 117.89
CA VAL Z 261 50.30 -53.12 118.86
C VAL Z 261 48.89 -53.45 119.35
N LYS Z 262 48.73 -53.53 120.66
CA LYS Z 262 47.45 -53.84 121.27
C LYS Z 262 47.17 -52.82 122.37
N THR Z 263 45.97 -52.25 122.37
CA THR Z 263 45.64 -51.28 123.41
C THR Z 263 45.28 -52.00 124.72
N THR Z 264 45.55 -51.32 125.83
CA THR Z 264 45.24 -51.83 127.14
C THR Z 264 44.29 -50.95 127.93
N THR Z 265 44.09 -49.70 127.52
CA THR Z 265 43.24 -48.76 128.24
C THR Z 265 42.26 -48.12 127.27
N PRO Z 266 41.00 -47.98 127.67
CA PRO Z 266 40.05 -47.26 126.83
C PRO Z 266 40.52 -45.83 126.57
N ILE Z 267 40.29 -45.37 125.34
CA ILE Z 267 40.79 -44.07 124.93
C ILE Z 267 39.92 -43.00 125.60
N THR Z 268 40.50 -42.25 126.52
CA THR Z 268 39.75 -41.26 127.28
C THR Z 268 40.43 -39.90 127.23
N ALA Z 269 39.99 -38.98 128.08
CA ALA Z 269 40.59 -37.65 128.22
C ALA Z 269 40.51 -36.86 126.90
N GLY Z 270 39.35 -36.91 126.27
CA GLY Z 270 39.10 -36.12 125.08
C GLY Z 270 37.97 -35.14 125.37
N THR Z 271 38.03 -34.00 124.69
CA THR Z 271 36.99 -32.98 124.80
C THR Z 271 36.51 -32.62 123.41
N ASP Z 272 35.27 -32.15 123.35
CA ASP Z 272 34.61 -31.76 122.11
C ASP Z 272 34.40 -30.25 122.10
N ALA Z 273 33.74 -29.76 121.05
CA ALA Z 273 33.44 -28.35 120.95
C ALA Z 273 32.33 -27.97 121.93
N GLU Z 274 32.44 -26.77 122.49
CA GLU Z 274 31.48 -26.25 123.47
C GLU Z 274 30.23 -25.72 122.78
N THR Z 275 29.15 -25.64 123.55
CA THR Z 275 27.83 -25.36 123.00
C THR Z 275 27.62 -23.88 122.75
N THR Z 276 26.58 -23.58 121.97
CA THR Z 276 26.31 -22.21 121.56
C THR Z 276 25.98 -21.32 122.75
N GLU Z 277 25.15 -21.81 123.67
CA GLU Z 277 24.78 -20.99 124.82
C GLU Z 277 25.98 -20.72 125.70
N ILE Z 278 26.84 -21.73 125.92
CA ILE Z 278 28.00 -21.50 126.76
C ILE Z 278 28.98 -20.56 126.06
N THR Z 279 29.05 -20.62 124.73
CA THR Z 279 29.86 -19.65 124.00
C THR Z 279 29.33 -18.24 124.18
N ARG Z 280 28.01 -18.09 124.12
CA ARG Z 280 27.40 -16.78 124.35
C ARG Z 280 27.72 -16.28 125.76
N ASN Z 281 27.59 -17.15 126.75
CA ASN Z 281 27.85 -16.77 128.13
C ASN Z 281 29.31 -16.37 128.33
N ARG Z 282 30.23 -17.15 127.78
CA ARG Z 282 31.63 -16.80 127.86
C ARG Z 282 31.92 -15.53 127.07
N ALA Z 283 31.15 -15.26 126.03
CA ALA Z 283 31.31 -14.00 125.30
C ALA Z 283 30.94 -12.81 126.17
N GLN Z 284 29.80 -12.89 126.86
CA GLN Z 284 29.44 -11.82 127.79
C GLN Z 284 30.47 -11.68 128.89
N TYR Z 285 30.92 -12.81 129.45
CA TYR Z 285 31.86 -12.71 130.56
C TYR Z 285 33.22 -12.26 130.09
N TYR Z 286 33.56 -12.48 128.82
CA TYR Z 286 34.79 -11.91 128.27
C TYR Z 286 34.65 -10.42 128.02
N LEU Z 287 33.46 -9.98 127.60
CA LEU Z 287 33.20 -8.55 127.53
C LEU Z 287 33.42 -7.92 128.90
N ALA Z 288 33.00 -8.61 129.95
CA ALA Z 288 33.35 -8.19 131.31
C ALA Z 288 34.86 -8.29 131.54
N TYR Z 289 35.49 -9.32 130.97
CA TYR Z 289 36.91 -9.58 131.19
C TYR Z 289 37.78 -8.48 130.61
N ASP Z 290 37.29 -7.78 129.58
CA ASP Z 290 37.94 -6.58 129.04
C ASP Z 290 39.34 -6.87 128.50
N ASP Z 291 39.58 -8.09 128.04
CA ASP Z 291 40.83 -8.46 127.36
C ASP Z 291 42.05 -8.14 128.20
N GLN Z 292 41.98 -8.45 129.50
CA GLN Z 292 43.11 -8.17 130.37
C GLN Z 292 43.03 -9.08 131.60
N VAL Z 293 44.20 -9.54 132.04
CA VAL Z 293 44.30 -10.41 133.22
C VAL Z 293 44.63 -9.52 134.40
N VAL Z 294 43.61 -9.11 135.15
CA VAL Z 294 43.81 -8.19 136.27
C VAL Z 294 43.23 -8.75 137.57
N TRP Z 295 41.97 -9.14 137.55
CA TRP Z 295 41.25 -9.47 138.78
C TRP Z 295 40.95 -10.95 138.88
N GLY Z 296 40.41 -11.33 140.04
CA GLY Z 296 40.19 -12.74 140.33
C GLY Z 296 39.17 -13.40 139.44
N GLY Z 297 38.11 -12.66 139.07
CA GLY Z 297 37.16 -13.20 138.12
C GLY Z 297 37.80 -13.52 136.79
N ASP Z 298 38.67 -12.60 136.31
CA ASP Z 298 39.42 -12.86 135.10
C ASP Z 298 40.33 -14.07 135.27
N TYR Z 299 40.97 -14.19 136.44
CA TYR Z 299 41.84 -15.32 136.70
C TYR Z 299 41.07 -16.63 136.58
N THR Z 300 39.91 -16.69 137.25
CA THR Z 300 39.09 -17.89 137.21
C THR Z 300 38.62 -18.20 135.80
N TYR Z 301 38.23 -17.17 135.06
CA TYR Z 301 37.74 -17.36 133.71
C TYR Z 301 38.83 -17.94 132.82
N PHE Z 302 40.03 -17.36 132.90
CA PHE Z 302 41.15 -17.87 132.13
C PHE Z 302 41.48 -19.30 132.51
N LEU Z 303 41.49 -19.58 133.82
CA LEU Z 303 41.88 -20.91 134.28
C LEU Z 303 40.86 -21.96 133.83
N VAL Z 304 39.57 -21.64 133.91
CA VAL Z 304 38.56 -22.60 133.47
C VAL Z 304 38.59 -22.75 131.96
N ARG Z 305 38.91 -21.67 131.23
CA ARG Z 305 39.07 -21.80 129.79
C ARG Z 305 40.23 -22.72 129.44
N ASN Z 306 41.33 -22.62 130.18
CA ASN Z 306 42.53 -23.36 129.87
C ASN Z 306 42.54 -24.77 130.43
N ILE Z 307 41.67 -25.07 131.40
CA ILE Z 307 41.65 -26.40 132.01
C ILE Z 307 40.26 -27.01 131.86
N PRO Z 308 40.01 -27.76 130.81
CA PRO Z 308 38.73 -28.47 130.70
C PRO Z 308 38.62 -29.59 131.73
N GLY Z 309 37.38 -29.91 132.08
CA GLY Z 309 37.07 -31.05 132.91
C GLY Z 309 36.82 -30.73 134.36
N LEU Z 310 37.28 -29.59 134.85
CA LEU Z 310 37.03 -29.23 136.24
C LEU Z 310 35.56 -28.93 136.45
N SER Z 311 35.03 -29.37 137.59
CA SER Z 311 33.65 -29.04 137.92
C SER Z 311 33.47 -27.55 138.10
N TRP Z 312 34.29 -26.93 138.94
CA TRP Z 312 34.21 -25.50 139.18
C TRP Z 312 35.48 -25.05 139.88
N VAL Z 313 35.67 -23.74 139.91
CA VAL Z 313 36.83 -23.13 140.55
C VAL Z 313 36.36 -21.98 141.42
N LYS Z 314 37.15 -21.65 142.43
CA LYS Z 314 36.90 -20.51 143.30
C LYS Z 314 38.23 -19.88 143.67
N ALA Z 315 38.23 -18.55 143.79
CA ALA Z 315 39.44 -17.83 144.16
C ALA Z 315 39.04 -16.59 144.94
N TRP Z 316 39.89 -16.20 145.88
CA TRP Z 316 39.67 -15.04 146.71
C TRP Z 316 40.94 -14.18 146.72
N GLY Z 317 40.74 -12.86 146.74
CA GLY Z 317 41.84 -11.94 146.68
C GLY Z 317 42.56 -11.78 148.00
N GLU Z 318 43.63 -11.00 147.97
CA GLU Z 318 44.42 -10.74 149.18
C GLU Z 318 43.57 -10.05 150.23
N GLY Z 319 42.84 -9.00 149.83
CA GLY Z 319 41.99 -8.30 150.78
C GLY Z 319 40.88 -9.18 151.33
N GLN Z 320 40.28 -10.00 150.47
CA GLN Z 320 39.22 -10.90 150.92
C GLN Z 320 39.73 -11.92 151.92
N GLN Z 321 40.88 -12.53 151.64
CA GLN Z 321 41.45 -13.50 152.57
C GLN Z 321 41.84 -12.83 153.87
N GLU Z 322 42.40 -11.62 153.81
CA GLU Z 322 42.78 -10.91 155.02
C GLU Z 322 41.56 -10.53 155.85
N LYS Z 323 40.46 -10.16 155.18
CA LYS Z 323 39.22 -9.87 155.90
C LYS Z 323 38.65 -11.13 156.55
N LEU Z 324 38.73 -12.26 155.85
CA LEU Z 324 38.32 -13.52 156.46
C LEU Z 324 39.15 -13.84 157.68
N ASP Z 325 40.47 -13.65 157.59
CA ASP Z 325 41.37 -14.06 158.65
C ASP Z 325 41.43 -13.05 159.79
N GLY Z 326 40.99 -11.82 159.57
CA GLY Z 326 41.02 -10.80 160.61
C GLY Z 326 42.39 -10.24 160.93
N ALA Z 327 43.35 -10.34 160.02
CA ALA Z 327 44.70 -9.86 160.28
C ALA Z 327 45.31 -9.32 159.00
N TYR Z 328 46.31 -8.45 159.17
CA TYR Z 328 47.03 -7.84 158.05
C TYR Z 328 48.31 -8.65 157.73
N ASN Z 329 48.12 -9.94 157.50
CA ASN Z 329 49.26 -10.84 157.34
C ASN Z 329 50.13 -10.45 156.15
N VAL Z 330 51.39 -10.12 156.44
CA VAL Z 330 52.33 -9.81 155.37
C VAL Z 330 52.56 -11.01 154.49
N GLN Z 331 52.57 -12.22 155.06
CA GLN Z 331 52.70 -13.42 154.26
C GLN Z 331 51.52 -13.58 153.31
N ASN Z 332 50.33 -13.21 153.78
CA ASN Z 332 49.14 -13.26 152.94
C ASN Z 332 49.08 -12.10 151.96
N ILE Z 333 49.89 -11.07 152.17
CA ILE Z 333 49.96 -9.99 151.19
C ILE Z 333 50.52 -10.53 149.88
N ASN Z 334 49.86 -10.15 148.78
CA ASN Z 334 50.20 -10.67 147.45
C ASN Z 334 50.02 -12.18 147.38
N LYS Z 335 49.11 -12.71 148.18
CA LYS Z 335 48.77 -14.12 148.18
C LYS Z 335 47.29 -14.27 147.86
N ILE Z 336 46.98 -15.10 146.86
CA ILE Z 336 45.63 -15.26 146.36
C ILE Z 336 45.12 -16.64 146.74
N PHE Z 337 44.03 -16.70 147.47
CA PHE Z 337 43.38 -17.96 147.78
C PHE Z 337 42.81 -18.59 146.53
N ILE Z 338 43.01 -19.91 146.38
CA ILE Z 338 42.43 -20.65 145.27
C ILE Z 338 41.94 -22.01 145.77
N SER Z 339 40.95 -22.55 145.07
CA SER Z 339 40.38 -23.86 145.35
C SER Z 339 39.56 -24.27 144.12
N GLY Z 340 39.23 -25.55 144.05
CA GLY Z 340 38.45 -26.02 142.92
C GLY Z 340 37.98 -27.44 143.13
N TRP Z 341 36.94 -27.80 142.37
CA TRP Z 341 36.38 -29.14 142.40
C TRP Z 341 36.35 -29.69 140.97
N HIS Z 342 36.68 -30.97 140.85
CA HIS Z 342 36.68 -31.68 139.58
C HIS Z 342 35.88 -32.97 139.76
N PRO Z 343 35.01 -33.32 138.82
CA PRO Z 343 34.24 -34.57 138.97
C PRO Z 343 35.08 -35.82 138.99
N ASN Z 344 36.32 -35.76 138.52
CA ASN Z 344 37.16 -36.93 138.39
C ASN Z 344 38.54 -36.80 139.00
N LYS Z 345 38.94 -35.62 139.47
CA LYS Z 345 40.28 -35.41 140.00
C LYS Z 345 40.21 -34.99 141.45
N SER Z 346 41.18 -35.46 142.22
CA SER Z 346 41.26 -35.14 143.63
C SER Z 346 41.70 -33.70 143.84
N GLN Z 347 41.61 -33.24 145.09
CA GLN Z 347 42.03 -31.88 145.41
C GLN Z 347 43.53 -31.71 145.21
N SER Z 348 44.32 -32.70 145.60
CA SER Z 348 45.76 -32.62 145.38
C SER Z 348 46.08 -32.60 143.89
N GLU Z 349 45.39 -33.42 143.11
CA GLU Z 349 45.57 -33.40 141.66
C GLU Z 349 45.23 -32.03 141.10
N LEU Z 350 44.11 -31.46 141.54
CA LEU Z 350 43.69 -30.16 141.04
C LEU Z 350 44.72 -29.10 141.41
N GLU Z 351 45.24 -29.17 142.64
CA GLU Z 351 46.27 -28.23 143.06
C GLU Z 351 47.51 -28.36 142.19
N GLU Z 352 47.89 -29.58 141.83
CA GLU Z 352 49.10 -29.69 141.02
C GLU Z 352 48.86 -29.29 139.57
N MET Z 353 47.67 -29.55 139.00
CA MET Z 353 47.38 -28.97 137.69
C MET Z 353 47.43 -27.45 137.74
N ILE Z 354 46.84 -26.84 138.77
CA ILE Z 354 46.79 -25.38 138.80
C ILE Z 354 48.17 -24.79 139.04
N LEU Z 355 48.99 -25.46 139.86
CA LEU Z 355 50.35 -25.00 140.05
C LEU Z 355 51.15 -25.08 138.76
N ALA Z 356 51.00 -26.20 138.03
CA ALA Z 356 51.68 -26.31 136.74
C ALA Z 356 51.18 -25.25 135.78
N ALA Z 357 49.88 -24.98 135.79
CA ALA Z 357 49.31 -23.97 134.90
C ALA Z 357 49.89 -22.60 135.19
N PHE Z 358 49.94 -22.22 136.46
CA PHE Z 358 50.52 -20.93 136.82
C PHE Z 358 52.00 -20.89 136.50
N LYS Z 359 52.70 -22.01 136.62
CA LYS Z 359 54.12 -22.05 136.28
C LYS Z 359 54.33 -21.78 134.80
N LYS Z 360 53.61 -22.51 133.93
CA LYS Z 360 53.88 -22.32 132.52
C LYS Z 360 53.18 -21.09 131.95
N VAL Z 361 52.25 -20.48 132.68
CA VAL Z 361 51.69 -19.18 132.29
C VAL Z 361 52.60 -18.09 132.83
N PRO Z 362 53.25 -17.31 131.97
CA PRO Z 362 54.07 -16.18 132.45
C PRO Z 362 53.30 -14.87 132.60
N ASN Z 363 51.98 -14.88 132.45
CA ASN Z 363 51.21 -13.63 132.48
C ASN Z 363 50.92 -13.19 133.91
N GLU Z 364 51.95 -13.09 134.74
CA GLU Z 364 51.80 -12.71 136.13
C GLU Z 364 53.02 -11.91 136.55
N LEU Z 365 52.88 -11.14 137.62
CA LEU Z 365 53.98 -10.35 138.16
C LEU Z 365 54.00 -10.48 139.68
N ASN Z 366 54.89 -11.33 140.19
CA ASN Z 366 55.06 -11.57 141.61
C ASN Z 366 53.76 -12.02 142.26
N LYS Z 367 52.94 -12.75 141.51
CA LYS Z 367 51.62 -13.17 141.96
C LYS Z 367 51.75 -14.54 142.64
N LYS Z 368 51.57 -14.56 143.96
CA LYS Z 368 51.65 -15.78 144.73
C LYS Z 368 50.25 -16.34 144.96
N PHE Z 369 50.13 -17.66 144.85
CA PHE Z 369 48.84 -18.33 144.96
C PHE Z 369 48.91 -19.41 146.02
N SER Z 370 47.93 -19.42 146.92
CA SER Z 370 47.80 -20.43 147.96
C SER Z 370 46.55 -21.26 147.69
N TYR Z 371 46.73 -22.56 147.53
CA TYR Z 371 45.62 -23.46 147.25
C TYR Z 371 45.17 -24.15 148.53
N LYS Z 372 43.86 -24.28 148.69
CA LYS Z 372 43.31 -25.12 149.74
C LYS Z 372 42.33 -26.10 149.12
N GLU Z 373 42.29 -27.29 149.71
CA GLU Z 373 41.38 -28.34 149.24
C GLU Z 373 39.94 -27.91 149.44
N VAL Z 374 39.09 -28.30 148.50
CA VAL Z 374 37.65 -28.03 148.60
C VAL Z 374 37.02 -29.06 149.53
N ARG Z 375 36.33 -28.58 150.55
CA ARG Z 375 35.72 -29.46 151.55
C ARG Z 375 34.26 -29.69 151.20
N LYS Z 376 33.88 -30.95 151.01
CA LYS Z 376 32.50 -31.29 150.71
C LYS Z 376 31.64 -31.17 151.96
N LEU Z 377 30.42 -30.68 151.79
CA LEU Z 377 29.46 -30.54 152.87
C LEU Z 377 28.15 -31.20 152.46
N PRO Z 378 28.10 -32.52 152.47
CA PRO Z 378 26.85 -33.21 152.16
C PRO Z 378 25.80 -32.97 153.24
N PHE Z 379 24.55 -32.98 152.81
CA PHE Z 379 23.42 -32.88 153.72
C PHE Z 379 22.27 -33.65 153.12
N LYS Z 380 21.38 -34.14 153.98
CA LYS Z 380 20.27 -34.98 153.55
C LYS Z 380 19.01 -34.15 153.41
N ILE Z 381 18.10 -34.64 152.57
CA ILE Z 381 16.79 -34.03 152.39
C ILE Z 381 15.72 -35.07 152.60
N THR Z 382 14.76 -34.76 153.46
CA THR Z 382 13.60 -35.60 153.70
C THR Z 382 12.41 -34.91 153.05
N ILE Z 383 11.94 -35.47 151.95
CA ILE Z 383 10.74 -34.98 151.26
C ILE Z 383 9.57 -35.83 151.71
N THR Z 384 8.62 -35.20 152.40
CA THR Z 384 7.46 -35.90 152.95
C THR Z 384 6.19 -35.28 152.39
N GLY Z 385 5.37 -36.11 151.76
CA GLY Z 385 4.11 -35.61 151.24
C GLY Z 385 3.37 -36.69 150.49
N ARG Z 386 2.21 -36.30 149.96
CA ARG Z 386 1.35 -37.18 149.20
C ARG Z 386 1.35 -36.73 147.74
N ILE Z 387 1.20 -37.70 146.84
CA ILE Z 387 1.32 -37.46 145.42
C ILE Z 387 0.12 -38.12 144.73
N SER Z 388 -0.01 -37.85 143.43
CA SER Z 388 -1.03 -38.52 142.63
C SER Z 388 -0.83 -40.02 142.69
N ALA Z 389 -1.93 -40.75 142.87
CA ALA Z 389 -1.88 -42.20 142.95
C ALA Z 389 -1.81 -42.87 141.57
N SER Z 390 -1.94 -42.10 140.49
CA SER Z 390 -1.99 -42.69 139.15
C SER Z 390 -0.64 -43.27 138.71
N LEU Z 391 0.46 -42.81 139.30
CA LEU Z 391 1.78 -43.29 138.92
C LEU Z 391 2.30 -44.29 139.94
N THR Z 392 3.13 -45.21 139.47
CA THR Z 392 3.78 -46.15 140.37
C THR Z 392 4.67 -45.41 141.35
N ILE Z 393 4.55 -45.75 142.63
CA ILE Z 393 5.35 -45.07 143.64
C ILE Z 393 6.84 -45.36 143.44
N GLU Z 394 7.16 -46.58 143.01
CA GLU Z 394 8.55 -46.90 142.71
C GLU Z 394 9.08 -46.05 141.56
N ASN Z 395 8.28 -45.91 140.51
CA ASN Z 395 8.69 -45.10 139.37
C ASN Z 395 8.86 -43.65 139.78
N VAL Z 396 7.95 -43.14 140.61
CA VAL Z 396 8.05 -41.76 141.08
C VAL Z 396 9.31 -41.58 141.91
N THR Z 397 9.61 -42.54 142.79
CA THR Z 397 10.81 -42.44 143.61
C THR Z 397 12.06 -42.45 142.76
N ASP Z 398 12.11 -43.33 141.76
CA ASP Z 398 13.27 -43.39 140.88
C ASP Z 398 13.42 -42.08 140.11
N GLU Z 399 12.32 -41.54 139.58
CA GLU Z 399 12.37 -40.30 138.85
C GLU Z 399 12.85 -39.16 139.74
N LEU Z 400 12.35 -39.12 140.98
CA LEU Z 400 12.76 -38.08 141.91
C LEU Z 400 14.23 -38.18 142.23
N LYS Z 401 14.73 -39.40 142.46
CA LYS Z 401 16.14 -39.58 142.76
C LYS Z 401 17.01 -39.14 141.58
N SER Z 402 16.60 -39.52 140.37
CA SER Z 402 17.36 -39.12 139.19
C SER Z 402 17.36 -37.60 139.02
N ALA Z 403 16.21 -36.97 139.22
CA ALA Z 403 16.14 -35.52 139.07
C ALA Z 403 16.98 -34.82 140.13
N LEU Z 404 16.93 -35.30 141.37
CA LEU Z 404 17.74 -34.69 142.42
C LEU Z 404 19.23 -34.84 142.13
N GLU Z 405 19.64 -36.03 141.68
CA GLU Z 405 21.04 -36.23 141.33
C GLU Z 405 21.45 -35.31 140.18
N THR Z 406 20.56 -35.16 139.19
CA THR Z 406 20.86 -34.27 138.07
C THR Z 406 20.97 -32.83 138.51
N LYS Z 407 20.09 -32.39 139.41
CA LYS Z 407 20.00 -30.98 139.75
C LYS Z 407 21.04 -30.58 140.78
N PHE Z 408 21.01 -31.22 141.95
CA PHE Z 408 21.86 -30.85 143.05
C PHE Z 408 22.71 -32.02 143.51
N GLY Z 409 23.24 -32.79 142.56
CA GLY Z 409 24.13 -33.87 142.88
C GLY Z 409 25.51 -33.37 143.26
N ARG Z 410 26.37 -34.32 143.62
CA ARG Z 410 27.74 -33.96 143.99
C ARG Z 410 28.48 -33.32 142.82
N ASP Z 411 28.26 -33.84 141.61
CA ASP Z 411 28.92 -33.35 140.41
C ASP Z 411 27.92 -32.68 139.46
N SER Z 412 26.94 -31.99 140.02
CA SER Z 412 25.90 -31.37 139.21
C SER Z 412 26.42 -30.09 138.54
N THR Z 413 25.88 -29.83 137.35
CA THR Z 413 26.20 -28.61 136.61
C THR Z 413 25.64 -27.36 137.29
N PHE Z 414 24.72 -27.53 138.24
CA PHE Z 414 24.13 -26.37 138.91
C PHE Z 414 25.18 -25.50 139.56
N PHE Z 415 26.26 -26.09 140.06
CA PHE Z 415 27.30 -25.30 140.71
C PHE Z 415 27.98 -24.36 139.73
N ASP Z 416 28.19 -24.80 138.49
CA ASP Z 416 28.81 -23.97 137.45
C ASP Z 416 27.97 -24.07 136.18
N PRO Z 417 26.78 -23.46 136.18
CA PRO Z 417 25.93 -23.53 134.98
C PRO Z 417 26.36 -22.59 133.88
N ASN Z 418 27.29 -21.68 134.13
CA ASN Z 418 27.71 -20.69 133.15
C ASN Z 418 29.14 -20.89 132.65
N ARG Z 419 29.96 -21.64 133.39
CA ARG Z 419 31.32 -21.98 132.96
C ARG Z 419 32.15 -20.73 132.68
N VAL Z 420 32.03 -19.73 133.56
CA VAL Z 420 32.82 -18.51 133.43
C VAL Z 420 33.49 -18.18 134.75
N GLY Z 421 33.65 -19.20 135.60
CA GLY Z 421 34.30 -19.03 136.90
C GLY Z 421 33.40 -18.61 138.03
N LYS Z 422 32.08 -18.50 137.80
CA LYS Z 422 31.14 -18.07 138.83
C LYS Z 422 30.60 -19.29 139.54
N TYR Z 423 31.30 -19.72 140.59
CA TYR Z 423 30.85 -20.84 141.39
C TYR Z 423 29.72 -20.40 142.31
N ILE Z 424 28.63 -21.18 142.32
CA ILE Z 424 27.46 -20.85 143.11
C ILE Z 424 27.07 -22.08 143.93
N LEU Z 425 26.34 -21.82 145.00
CA LEU Z 425 25.93 -22.86 145.94
C LEU Z 425 24.44 -23.13 145.83
N ILE Z 426 24.00 -24.15 146.55
CA ILE Z 426 22.60 -24.58 146.57
C ILE Z 426 21.86 -23.80 147.65
N LYS Z 427 20.61 -23.45 147.38
CA LYS Z 427 19.78 -22.74 148.33
C LYS Z 427 18.50 -23.52 148.60
N LYS Z 428 17.96 -23.34 149.81
CA LYS Z 428 16.68 -23.96 150.15
C LYS Z 428 15.59 -23.46 149.21
N LYS Z 429 15.60 -22.15 148.90
CA LYS Z 429 14.67 -21.62 147.92
C LYS Z 429 14.86 -22.29 146.58
N ASP Z 430 16.11 -22.51 146.18
CA ASP Z 430 16.38 -23.17 144.91
C ASP Z 430 15.80 -24.57 144.89
N VAL Z 431 15.98 -25.33 145.98
CA VAL Z 431 15.48 -26.70 146.03
C VAL Z 431 13.97 -26.72 145.98
N TRP Z 432 13.32 -25.86 146.76
CA TRP Z 432 11.87 -25.85 146.78
C TRP Z 432 11.32 -25.40 145.43
N ALA Z 433 12.00 -24.45 144.78
CA ALA Z 433 11.57 -24.03 143.45
C ALA Z 433 11.71 -25.15 142.44
N PHE Z 434 12.80 -25.91 142.51
CA PHE Z 434 12.98 -27.04 141.61
C PHE Z 434 11.91 -28.08 141.80
N ILE Z 435 11.61 -28.42 143.06
CA ILE Z 435 10.61 -29.45 143.30
C ILE Z 435 9.22 -28.96 142.94
N GLU Z 436 8.95 -27.67 143.09
CA GLU Z 436 7.67 -27.13 142.67
C GLU Z 436 7.56 -27.11 141.15
N THR Z 437 8.67 -26.83 140.47
CA THR Z 437 8.70 -26.92 139.01
C THR Z 437 8.41 -28.35 138.56
N LEU Z 438 8.93 -29.33 139.31
CA LEU Z 438 8.54 -30.71 139.08
C LEU Z 438 7.04 -30.87 139.28
N GLY Z 439 6.50 -30.35 140.38
CA GLY Z 439 5.07 -30.24 140.58
C GLY Z 439 4.33 -31.55 140.69
N TYR Z 440 5.03 -32.66 140.87
CA TYR Z 440 4.34 -33.95 140.95
C TYR Z 440 3.54 -34.08 142.23
N PHE Z 441 4.15 -33.74 143.37
CA PHE Z 441 3.42 -33.76 144.64
C PHE Z 441 2.37 -32.68 144.67
N ARG Z 442 1.28 -32.98 145.39
CA ARG Z 442 0.24 -32.00 145.64
C ARG Z 442 0.53 -31.19 146.90
N ASP Z 443 1.06 -31.86 147.93
CA ASP Z 443 1.55 -31.20 149.13
C ASP Z 443 2.81 -31.92 149.59
N PHE Z 444 3.73 -31.17 150.16
CA PHE Z 444 5.04 -31.72 150.47
C PHE Z 444 5.73 -30.82 151.48
N TYR Z 445 6.76 -31.38 152.10
CA TYR Z 445 7.58 -30.69 153.09
C TYR Z 445 9.02 -31.17 152.97
N LEU Z 446 9.96 -30.25 153.11
CA LEU Z 446 11.39 -30.55 153.01
C LEU Z 446 12.04 -30.36 154.38
N GLU Z 447 12.71 -31.41 154.85
CA GLU Z 447 13.55 -31.36 156.03
C GLU Z 447 15.01 -31.41 155.59
N PHE Z 448 15.78 -30.39 155.96
CA PHE Z 448 17.17 -30.26 155.53
C PHE Z 448 18.06 -30.79 156.65
N VAL Z 449 18.26 -32.10 156.65
CA VAL Z 449 19.04 -32.74 157.69
C VAL Z 449 20.51 -32.40 157.51
N GLU Z 450 21.14 -31.94 158.60
CA GLU Z 450 22.55 -31.56 158.60
C GLU Z 450 22.83 -30.50 157.54
N TRP Z 451 21.87 -29.60 157.36
CA TRP Z 451 22.07 -28.47 156.45
C TRP Z 451 23.16 -27.56 156.99
N ASN Z 452 24.03 -27.11 156.11
CA ASN Z 452 25.11 -26.19 156.47
C ASN Z 452 25.21 -25.12 155.40
N GLU Z 453 25.78 -23.99 155.78
CA GLU Z 453 25.95 -22.86 154.87
C GLU Z 453 27.43 -22.73 154.52
N SER Z 454 27.73 -22.79 153.23
CA SER Z 454 29.12 -22.78 152.78
C SER Z 454 29.78 -21.44 153.07
N ASN Z 455 31.06 -21.49 153.42
CA ASN Z 455 31.84 -20.28 153.61
C ASN Z 455 32.06 -19.53 152.30
N GLY Z 456 31.95 -20.22 151.16
CA GLY Z 456 32.22 -19.63 149.87
C GLY Z 456 33.65 -19.74 149.41
N PHE Z 457 34.59 -20.03 150.32
CA PHE Z 457 35.97 -20.24 149.92
C PHE Z 457 36.17 -21.65 149.36
N TYR Z 458 35.92 -22.67 150.18
CA TYR Z 458 36.16 -24.04 149.78
C TYR Z 458 35.03 -24.99 150.14
N ASP Z 459 34.08 -24.59 150.97
CA ASP Z 459 33.03 -25.50 151.39
C ASP Z 459 32.17 -25.90 150.19
N PHE Z 460 31.89 -27.19 150.08
CA PHE Z 460 31.17 -27.75 148.95
C PHE Z 460 29.91 -28.44 149.48
N VAL Z 461 28.82 -27.70 149.55
CA VAL Z 461 27.55 -28.23 150.02
C VAL Z 461 26.85 -28.91 148.87
N TYR Z 462 26.40 -30.15 149.09
CA TYR Z 462 25.68 -30.88 148.07
C TYR Z 462 24.70 -31.83 148.74
N LEU Z 463 23.70 -32.26 147.97
CA LEU Z 463 22.66 -33.12 148.49
C LEU Z 463 23.14 -34.57 148.54
N ASP Z 464 22.86 -35.24 149.66
CA ASP Z 464 23.08 -36.68 149.78
C ASP Z 464 21.84 -37.37 149.23
N THR Z 465 21.84 -37.62 147.92
CA THR Z 465 20.68 -38.20 147.27
C THR Z 465 20.40 -39.61 147.76
N GLU Z 466 21.43 -40.43 147.92
CA GLU Z 466 21.22 -41.83 148.30
C GLU Z 466 20.71 -41.95 149.72
N ASN Z 467 21.15 -41.09 150.64
CA ASN Z 467 20.64 -41.09 151.99
C ASN Z 467 19.40 -40.24 152.17
N SER Z 468 18.89 -39.62 151.09
CA SER Z 468 17.71 -38.79 151.19
C SER Z 468 16.49 -39.65 151.52
N THR Z 469 15.54 -39.04 152.22
CA THR Z 469 14.35 -39.71 152.69
C THR Z 469 13.15 -39.32 151.81
N PHE Z 470 12.37 -40.30 151.40
CA PHE Z 470 11.22 -40.10 150.52
C PHE Z 470 9.98 -40.65 151.20
N ASN Z 471 9.33 -39.83 152.03
CA ASN Z 471 8.05 -40.17 152.64
C ASN Z 471 6.94 -39.85 151.64
N ILE Z 472 6.89 -40.65 150.60
CA ILE Z 472 5.97 -40.44 149.49
C ILE Z 472 4.67 -41.19 149.76
N SER Z 473 3.55 -40.48 149.63
CA SER Z 473 2.25 -41.10 149.78
C SER Z 473 1.40 -40.76 148.55
N TYR Z 474 0.25 -41.41 148.46
CA TYR Z 474 -0.69 -41.18 147.38
C TYR Z 474 -1.76 -40.21 147.87
N GLU Z 475 -1.89 -39.09 147.18
CA GLU Z 475 -2.92 -38.11 147.50
C GLU Z 475 -4.23 -38.52 146.84
N GLU Z 476 -5.31 -38.55 147.62
CA GLU Z 476 -6.60 -38.96 147.09
C GLU Z 476 -7.05 -38.01 146.00
N GLU Z 477 -7.51 -38.58 144.89
CA GLU Z 477 -7.95 -37.79 143.75
C GLU Z 477 -9.48 -37.69 143.72
N MET AA 1 -53.34 -48.26 93.56
CA MET AA 1 -54.29 -48.02 94.63
C MET AA 1 -53.65 -48.23 96.00
N SER AA 2 -52.99 -49.37 96.18
CA SER AA 2 -52.41 -49.75 97.46
C SER AA 2 -50.96 -50.19 97.28
N LYS AA 3 -50.24 -50.22 98.39
CA LYS AA 3 -48.87 -50.70 98.44
C LYS AA 3 -48.79 -52.19 98.70
N THR AA 4 -49.93 -52.87 98.85
CA THR AA 4 -49.95 -54.32 98.96
C THR AA 4 -49.39 -54.93 97.67
N THR AA 5 -48.64 -56.01 97.82
CA THR AA 5 -48.03 -56.63 96.66
C THR AA 5 -49.09 -57.13 95.70
N PRO AA 6 -49.01 -56.79 94.42
CA PRO AA 6 -49.96 -57.33 93.45
C PRO AA 6 -49.47 -58.64 92.86
N THR AA 7 -50.24 -59.18 91.93
CA THR AA 7 -49.84 -60.36 91.19
C THR AA 7 -49.89 -60.07 89.71
N LYS AA 8 -49.00 -60.73 88.97
CA LYS AA 8 -48.88 -60.46 87.54
C LYS AA 8 -50.19 -60.72 86.82
N ASP AA 9 -50.92 -61.76 87.23
CA ASP AA 9 -52.24 -62.01 86.62
C ASP AA 9 -53.20 -60.87 86.92
N SER AA 10 -53.14 -60.34 88.15
CA SER AA 10 -54.00 -59.21 88.50
C SER AA 10 -53.67 -57.99 87.65
N ILE AA 11 -52.38 -57.75 87.42
CA ILE AA 11 -51.99 -56.62 86.59
C ILE AA 11 -52.44 -56.83 85.15
N ARG AA 12 -52.26 -58.04 84.63
CA ARG AA 12 -52.72 -58.36 83.29
C ARG AA 12 -54.22 -58.14 83.18
N ALA AA 13 -54.96 -58.56 84.19
CA ALA AA 13 -56.40 -58.31 84.24
C ALA AA 13 -56.65 -56.83 84.14
N GLU AA 14 -56.23 -56.08 85.15
CA GLU AA 14 -56.55 -54.65 85.20
C GLU AA 14 -56.24 -53.98 83.88
N PHE AA 15 -55.13 -54.39 83.25
CA PHE AA 15 -54.80 -53.88 81.93
C PHE AA 15 -55.84 -54.28 80.90
N GLU AA 16 -56.32 -55.53 80.93
CA GLU AA 16 -57.19 -55.96 79.84
C GLU AA 16 -58.59 -55.38 79.98
N GLU AA 17 -59.13 -55.26 81.20
CA GLU AA 17 -60.42 -54.56 81.25
C GLU AA 17 -60.26 -53.07 80.99
N LEU AA 18 -59.13 -52.48 81.36
CA LEU AA 18 -58.90 -51.10 80.95
C LEU AA 18 -58.93 -51.00 79.43
N VAL AA 19 -58.29 -51.95 78.76
CA VAL AA 19 -58.21 -51.91 77.30
C VAL AA 19 -59.59 -52.05 76.69
N GLU AA 20 -60.36 -53.05 77.14
CA GLU AA 20 -61.66 -53.26 76.51
C GLU AA 20 -62.62 -52.12 76.81
N LYS AA 21 -62.55 -51.55 78.02
CA LYS AA 21 -63.40 -50.41 78.32
C LYS AA 21 -62.96 -49.19 77.52
N ASP AA 22 -61.70 -49.12 77.13
CA ASP AA 22 -61.27 -48.04 76.25
C ASP AA 22 -61.80 -48.28 74.84
N SER AA 23 -62.27 -47.21 74.20
CA SER AA 23 -62.93 -47.33 72.91
C SER AA 23 -61.96 -47.40 71.75
N PHE AA 24 -60.69 -47.05 71.94
CA PHE AA 24 -59.79 -47.00 70.81
C PHE AA 24 -59.50 -48.39 70.25
N TRP AA 25 -59.36 -49.38 71.13
CA TRP AA 25 -59.23 -50.74 70.62
C TRP AA 25 -60.54 -51.25 70.04
N SER AA 26 -61.67 -50.72 70.54
CA SER AA 26 -62.95 -51.06 69.93
C SER AA 26 -62.98 -50.65 68.47
N LYS AA 27 -62.51 -49.44 68.17
CA LYS AA 27 -62.37 -49.02 66.78
C LYS AA 27 -61.23 -49.75 66.09
N PHE AA 28 -60.25 -50.23 66.85
CA PHE AA 28 -59.12 -50.99 66.32
C PHE AA 28 -59.00 -52.29 67.11
N VAL AA 29 -59.72 -53.30 66.67
CA VAL AA 29 -59.59 -54.64 67.22
C VAL AA 29 -58.51 -55.38 66.44
N GLY AA 30 -57.97 -56.43 67.05
CA GLY AA 30 -56.94 -57.22 66.42
C GLY AA 30 -55.53 -56.91 66.86
N SER AA 31 -55.34 -56.36 68.05
CA SER AA 31 -54.02 -56.06 68.58
C SER AA 31 -53.63 -57.17 69.55
N GLN AA 32 -53.17 -58.29 68.98
CA GLN AA 32 -52.66 -59.36 69.83
C GLN AA 32 -51.21 -59.15 70.22
N PHE AA 33 -50.56 -58.11 69.70
CA PHE AA 33 -49.24 -57.72 70.18
C PHE AA 33 -49.29 -57.04 71.54
N VAL AA 34 -50.38 -56.32 71.82
CA VAL AA 34 -50.51 -55.71 73.14
C VAL AA 34 -50.54 -56.78 74.21
N SER AA 35 -50.83 -58.04 73.84
CA SER AA 35 -50.84 -59.12 74.82
C SER AA 35 -49.47 -59.31 75.45
N MET AA 36 -48.47 -59.67 74.64
CA MET AA 36 -47.15 -59.83 75.22
C MET AA 36 -46.52 -58.49 75.59
N LEU AA 37 -46.97 -57.38 75.00
CA LEU AA 37 -46.52 -56.10 75.51
C LEU AA 37 -46.97 -55.89 76.95
N THR AA 38 -48.22 -56.25 77.25
CA THR AA 38 -48.73 -56.22 78.61
C THR AA 38 -47.93 -57.17 79.49
N LEU AA 39 -47.62 -58.35 78.98
CA LEU AA 39 -46.78 -59.27 79.74
C LEU AA 39 -45.47 -58.61 80.13
N PHE AA 40 -44.77 -58.03 79.16
CA PHE AA 40 -43.44 -57.47 79.40
C PHE AA 40 -43.51 -56.31 80.38
N ILE AA 41 -44.47 -55.40 80.17
CA ILE AA 41 -44.62 -54.30 81.12
C ILE AA 41 -45.04 -54.83 82.48
N THR AA 42 -45.68 -56.01 82.53
CA THR AA 42 -46.03 -56.59 83.82
C THR AA 42 -44.79 -57.02 84.57
N GLN AA 43 -43.85 -57.68 83.91
CA GLN AA 43 -42.60 -57.98 84.62
C GLN AA 43 -41.85 -56.70 84.95
N ILE AA 44 -41.97 -55.67 84.09
CA ILE AA 44 -41.30 -54.41 84.36
C ILE AA 44 -41.81 -53.80 85.66
N VAL AA 45 -43.13 -53.71 85.78
CA VAL AA 45 -43.72 -53.11 86.98
C VAL AA 45 -43.52 -54.01 88.18
N TYR AA 46 -43.41 -55.32 87.97
CA TYR AA 46 -43.08 -56.22 89.08
C TYR AA 46 -41.69 -55.90 89.62
N ARG AA 47 -40.72 -55.70 88.72
CA ARG AA 47 -39.40 -55.29 89.15
C ARG AA 47 -39.44 -53.92 89.80
N CYS AA 48 -40.30 -53.04 89.29
CA CYS AA 48 -40.50 -51.72 89.89
C CYS AA 48 -41.01 -51.85 91.32
N PHE AA 49 -41.94 -52.76 91.54
CA PHE AA 49 -42.50 -52.94 92.87
C PHE AA 49 -41.46 -53.55 93.80
N GLN AA 50 -40.61 -54.44 93.28
CA GLN AA 50 -39.49 -54.94 94.07
C GLN AA 50 -38.57 -53.79 94.46
N TYR AA 51 -38.29 -52.89 93.53
CA TYR AA 51 -37.47 -51.73 93.82
C TYR AA 51 -38.13 -50.85 94.88
N ALA AA 52 -39.45 -50.69 94.79
CA ALA AA 52 -40.18 -49.91 95.79
C ALA AA 52 -40.08 -50.57 97.17
N ASP AA 53 -40.16 -51.90 97.20
CA ASP AA 53 -40.02 -52.61 98.47
C ASP AA 53 -38.63 -52.41 99.05
N ALA AA 54 -37.61 -52.42 98.19
CA ALA AA 54 -36.27 -52.10 98.64
C ALA AA 54 -36.20 -50.68 99.19
N ALA AA 55 -36.93 -49.76 98.55
CA ALA AA 55 -36.98 -48.38 99.03
C ALA AA 55 -37.58 -48.31 100.44
N LEU AA 56 -38.68 -49.05 100.65
CA LEU AA 56 -39.25 -49.10 102.00
C LEU AA 56 -38.26 -49.67 103.00
N ALA AA 57 -37.56 -50.75 102.61
CA ALA AA 57 -36.59 -51.37 103.52
C ALA AA 57 -35.51 -50.38 103.91
N GLU AA 58 -35.01 -49.61 102.93
CA GLU AA 58 -33.95 -48.66 103.22
C GLU AA 58 -34.47 -47.38 103.86
N GLY AA 59 -35.77 -47.12 103.82
CA GLY AA 59 -36.31 -45.92 104.42
C GLY AA 59 -36.45 -45.96 105.92
N PHE AA 60 -36.16 -47.10 106.55
CA PHE AA 60 -36.26 -47.24 107.99
C PHE AA 60 -35.02 -47.96 108.51
N ILE AA 61 -34.44 -47.44 109.58
CA ILE AA 61 -33.23 -48.03 110.14
C ILE AA 61 -33.50 -49.47 110.58
N SER AA 62 -34.68 -49.72 111.14
CA SER AA 62 -35.04 -51.09 111.51
C SER AA 62 -35.07 -52.00 110.29
N THR AA 63 -35.66 -51.52 109.20
CA THR AA 63 -35.78 -52.33 107.99
C THR AA 63 -34.49 -52.36 107.19
N ALA AA 64 -33.71 -51.28 107.24
CA ALA AA 64 -32.47 -51.22 106.49
C ALA AA 64 -31.37 -51.97 107.23
N THR AA 65 -30.69 -52.86 106.53
CA THR AA 65 -29.60 -53.63 107.10
C THR AA 65 -28.24 -53.22 106.55
N ARG AA 66 -28.15 -52.07 105.87
CA ARG AA 66 -26.90 -51.61 105.30
C ARG AA 66 -26.10 -50.82 106.32
N ARG AA 67 -24.78 -51.05 106.32
CA ARG AA 67 -23.90 -50.29 107.20
C ARG AA 67 -24.02 -48.79 106.94
N SER AA 68 -24.13 -48.40 105.67
CA SER AA 68 -24.19 -47.00 105.33
C SER AA 68 -25.45 -46.35 105.89
N SER AA 69 -26.61 -46.95 105.65
CA SER AA 69 -27.85 -46.37 106.14
C SER AA 69 -27.89 -46.38 107.66
N ILE AA 70 -27.40 -47.45 108.28
CA ILE AA 70 -27.37 -47.51 109.73
C ILE AA 70 -26.51 -46.40 110.30
N LEU AA 71 -25.34 -46.16 109.68
CA LEU AA 71 -24.47 -45.09 110.15
C LEU AA 71 -25.11 -43.73 109.95
N ALA AA 72 -25.82 -43.54 108.83
CA ALA AA 72 -26.51 -42.28 108.62
C ALA AA 72 -27.54 -42.02 109.70
N ALA AA 73 -28.35 -43.05 110.00
CA ALA AA 73 -29.35 -42.91 111.05
C ALA AA 73 -28.70 -42.67 112.41
N ALA AA 74 -27.58 -43.35 112.68
CA ALA AA 74 -26.89 -43.18 113.95
C ALA AA 74 -26.34 -41.78 114.09
N GLU AA 75 -25.83 -41.20 113.00
CA GLU AA 75 -25.34 -39.83 113.06
C GLU AA 75 -26.48 -38.84 113.24
N THR AA 76 -27.65 -39.13 112.65
CA THR AA 76 -28.83 -38.35 112.95
C THR AA 76 -29.15 -38.42 114.44
N ASN AA 77 -29.08 -39.62 115.01
CA ASN AA 77 -29.22 -39.80 116.44
C ASN AA 77 -28.07 -39.19 117.22
N SER AA 78 -27.01 -38.78 116.54
CA SER AA 78 -25.81 -38.25 117.17
C SER AA 78 -25.17 -39.29 118.09
N TYR AA 79 -25.02 -40.50 117.55
CA TYR AA 79 -24.42 -41.62 118.27
C TYR AA 79 -23.26 -42.18 117.47
N VAL AA 80 -22.20 -42.57 118.17
CA VAL AA 80 -21.04 -43.21 117.56
C VAL AA 80 -20.66 -44.42 118.37
N GLY AA 81 -20.00 -45.37 117.73
CA GLY AA 81 -19.62 -46.61 118.35
C GLY AA 81 -18.33 -46.50 119.14
N THR AA 82 -17.77 -47.67 119.46
CA THR AA 82 -16.57 -47.78 120.27
C THR AA 82 -15.42 -48.33 119.43
N LYS AA 83 -14.22 -47.83 119.69
CA LYS AA 83 -13.05 -48.25 118.96
C LYS AA 83 -12.51 -49.56 119.51
N PRO AA 84 -11.84 -50.36 118.68
CA PRO AA 84 -11.18 -51.57 119.18
C PRO AA 84 -10.06 -51.24 120.14
N THR AA 85 -9.81 -52.16 121.07
CA THR AA 85 -8.79 -51.93 122.09
C THR AA 85 -7.58 -52.81 121.85
N PRO AA 86 -6.39 -52.36 122.25
CA PRO AA 86 -5.18 -53.18 122.07
C PRO AA 86 -5.23 -54.45 122.90
N SER AA 87 -4.55 -55.48 122.39
CA SER AA 87 -4.33 -56.71 123.12
C SER AA 87 -2.97 -56.65 123.81
N SER AA 88 -2.94 -56.96 125.10
CA SER AA 88 -1.74 -56.84 125.90
C SER AA 88 -1.26 -58.21 126.35
N GLY AA 89 0.06 -58.41 126.28
CA GLY AA 89 0.69 -59.61 126.79
C GLY AA 89 1.69 -59.27 127.87
N MET AA 90 2.19 -60.31 128.54
CA MET AA 90 3.12 -60.18 129.64
C MET AA 90 4.46 -60.77 129.21
N ILE AA 91 5.52 -59.98 129.30
CA ILE AA 91 6.81 -60.33 128.74
C ILE AA 91 7.89 -60.19 129.79
N GLU AA 92 8.98 -60.93 129.57
CA GLU AA 92 10.19 -60.84 130.38
C GLU AA 92 11.31 -60.24 129.56
N ILE AA 93 12.19 -59.49 130.21
CA ILE AA 93 13.27 -58.78 129.57
C ILE AA 93 14.57 -59.11 130.31
N THR AA 94 15.58 -59.58 129.58
CA THR AA 94 16.89 -59.87 130.13
C THR AA 94 17.93 -59.22 129.24
N ALA AA 95 18.52 -58.13 129.71
CA ALA AA 95 19.52 -57.43 128.92
C ALA AA 95 20.75 -58.29 128.74
N THR AA 96 21.31 -58.28 127.53
CA THR AA 96 22.50 -59.05 127.21
C THR AA 96 23.79 -58.27 127.42
N SER AA 97 23.71 -56.99 127.74
CA SER AA 97 24.90 -56.17 127.89
C SER AA 97 24.78 -55.31 129.15
N GLU AA 98 25.94 -55.02 129.75
CA GLU AA 98 25.97 -54.29 131.01
C GLU AA 98 25.57 -52.84 130.83
N ASP AA 99 25.90 -52.23 129.69
CA ASP AA 99 25.60 -50.83 129.46
C ASP AA 99 24.10 -50.56 129.36
N ALA AA 100 23.30 -51.59 129.16
CA ALA AA 100 21.86 -51.39 129.07
C ALA AA 100 21.31 -50.98 130.43
N PRO AA 101 20.57 -49.87 130.50
CA PRO AA 101 20.02 -49.45 131.80
C PRO AA 101 18.98 -50.43 132.31
N ALA AA 102 18.95 -50.60 133.63
CA ALA AA 102 17.95 -51.45 134.25
C ALA AA 102 16.57 -50.80 134.28
N VAL AA 103 16.48 -49.52 133.97
CA VAL AA 103 15.21 -48.80 133.91
C VAL AA 103 14.99 -48.41 132.46
N ILE AA 104 13.99 -48.99 131.83
CA ILE AA 104 13.64 -48.70 130.44
C ILE AA 104 12.69 -47.50 130.44
N PRO AA 105 13.01 -46.42 129.73
CA PRO AA 105 12.16 -45.23 129.78
C PRO AA 105 10.76 -45.49 129.27
N LYS AA 106 9.89 -44.51 129.49
CA LYS AA 106 8.47 -44.66 129.19
C LYS AA 106 8.21 -44.70 127.69
N ASN AA 107 7.34 -45.62 127.28
CA ASN AA 107 6.88 -45.75 125.90
C ASN AA 107 8.05 -45.97 124.93
N MET AA 108 8.70 -47.10 125.12
CA MET AA 108 9.71 -47.50 124.14
C MET AA 108 9.09 -48.40 123.08
N PRO AA 109 9.34 -48.15 121.81
CA PRO AA 109 8.70 -48.93 120.75
C PRO AA 109 9.24 -50.35 120.70
N LEU AA 110 8.44 -51.22 120.08
CA LEU AA 110 8.77 -52.62 119.96
C LEU AA 110 8.04 -53.19 118.75
N ILE AA 111 8.65 -54.19 118.13
CA ILE AA 111 8.02 -54.92 117.04
C ILE AA 111 7.94 -56.39 117.44
N SER AA 112 6.87 -57.04 117.01
CA SER AA 112 6.65 -58.44 117.30
C SER AA 112 7.15 -59.30 116.14
N ASP AA 113 7.28 -60.59 116.42
CA ASP AA 113 7.74 -61.52 115.38
C ASP AA 113 6.77 -61.59 114.21
N ASP AA 114 5.48 -61.41 114.47
CA ASP AA 114 4.47 -61.35 113.43
C ASP AA 114 4.35 -59.97 112.81
N GLN AA 115 5.36 -59.12 113.01
CA GLN AA 115 5.43 -57.80 112.41
C GLN AA 115 4.23 -56.94 112.83
N TYR AA 116 4.16 -56.68 114.12
CA TYR AA 116 3.13 -55.82 114.68
C TYR AA 116 3.75 -54.85 115.69
N PRO AA 117 3.35 -53.58 115.65
CA PRO AA 117 3.92 -52.61 116.59
C PRO AA 117 3.32 -52.78 117.98
N TYR AA 118 4.19 -52.71 118.98
CA TYR AA 118 3.79 -52.84 120.37
C TYR AA 118 4.46 -51.74 121.18
N MET AA 119 3.79 -51.34 122.26
CA MET AA 119 4.27 -50.23 123.07
C MET AA 119 4.05 -50.53 124.54
N THR AA 120 5.05 -50.19 125.34
CA THR AA 120 4.92 -50.34 126.79
C THR AA 120 3.94 -49.33 127.34
N MET AA 121 3.14 -49.76 128.31
CA MET AA 121 2.19 -48.87 128.96
C MET AA 121 2.80 -48.17 130.17
N ASP AA 122 4.04 -48.50 130.53
CA ASP AA 122 4.67 -47.95 131.71
C ASP AA 122 6.18 -48.12 131.61
N VAL AA 123 6.87 -47.65 132.63
CA VAL AA 123 8.33 -47.73 132.69
C VAL AA 123 8.74 -49.13 133.14
N CYS AA 124 9.59 -49.77 132.37
CA CYS AA 124 10.09 -51.10 132.71
C CYS AA 124 11.32 -50.99 133.60
N ARG AA 125 11.35 -51.83 134.62
CA ARG AA 125 12.45 -51.86 135.58
C ARG AA 125 13.09 -53.25 135.54
N LEU AA 126 14.41 -53.29 135.48
CA LEU AA 126 15.15 -54.54 135.46
C LEU AA 126 15.77 -54.76 136.84
N VAL AA 127 15.47 -55.90 137.44
CA VAL AA 127 16.09 -56.30 138.70
C VAL AA 127 17.39 -57.00 138.34
N ASP AA 128 18.50 -56.25 138.40
CA ASP AA 128 19.81 -56.74 137.98
C ASP AA 128 19.75 -57.23 136.54
N GLY AA 129 19.21 -56.39 135.65
CA GLY AA 129 19.10 -56.72 134.26
C GLY AA 129 17.93 -57.61 133.90
N THR AA 130 17.11 -58.01 134.86
CA THR AA 130 15.96 -58.88 134.63
C THR AA 130 14.69 -58.16 135.07
N GLY AA 131 13.70 -58.11 134.19
CA GLY AA 131 12.45 -57.46 134.51
C GLY AA 131 11.30 -58.10 133.77
N THR AA 132 10.09 -57.69 134.14
CA THR AA 132 8.88 -58.15 133.48
C THR AA 132 7.94 -56.97 133.30
N VAL AA 133 7.22 -56.94 132.18
CA VAL AA 133 6.32 -55.83 131.89
C VAL AA 133 5.18 -56.33 131.00
N GLU AA 134 4.03 -55.67 131.10
CA GLU AA 134 2.93 -55.88 130.18
C GLU AA 134 3.04 -54.87 129.05
N VAL AA 135 2.94 -55.36 127.81
CA VAL AA 135 3.03 -54.52 126.62
C VAL AA 135 1.86 -54.87 125.71
N ALA AA 136 1.22 -53.84 125.16
CA ALA AA 136 0.06 -54.02 124.29
C ALA AA 136 0.40 -53.59 122.87
N GLN AA 137 -0.39 -54.09 121.93
CA GLN AA 137 -0.22 -53.74 120.52
C GLN AA 137 -0.68 -52.31 120.30
N LEU AA 138 0.25 -51.37 120.42
CA LEU AA 138 -0.07 -49.95 120.33
C LEU AA 138 0.88 -49.27 119.37
N GLU AA 139 0.35 -48.31 118.61
CA GLU AA 139 1.14 -47.58 117.63
C GLU AA 139 0.67 -46.14 117.60
N ILE AA 140 1.46 -45.29 116.93
CA ILE AA 140 1.33 -43.84 117.01
C ILE AA 140 1.13 -43.27 115.61
N GLN AA 141 0.17 -42.37 115.47
CA GLN AA 141 0.01 -41.55 114.29
C GLN AA 141 -0.25 -40.11 114.71
N GLU AA 142 0.07 -39.18 113.83
CA GLU AA 142 -0.17 -37.77 114.10
C GLU AA 142 -0.38 -37.03 112.80
N VAL AA 143 -1.32 -36.09 112.82
CA VAL AA 143 -1.57 -35.21 111.68
C VAL AA 143 -1.60 -33.77 112.17
N THR AA 144 -0.90 -32.89 111.48
CA THR AA 144 -0.87 -31.49 111.82
C THR AA 144 -1.42 -30.66 110.67
N TYR AA 145 -2.30 -29.72 110.98
CA TYR AA 145 -2.88 -28.83 109.99
C TYR AA 145 -2.80 -27.40 110.49
N THR AA 146 -2.83 -26.45 109.56
CA THR AA 146 -2.77 -25.03 109.87
C THR AA 146 -4.00 -24.33 109.34
N VAL AA 147 -4.67 -23.57 110.22
CA VAL AA 147 -5.85 -22.84 109.79
C VAL AA 147 -5.45 -21.72 108.85
N THR AA 148 -6.17 -21.61 107.73
CA THR AA 148 -5.89 -20.61 106.72
C THR AA 148 -7.03 -19.64 106.45
N ALA AA 149 -8.27 -20.04 106.72
CA ALA AA 149 -9.43 -19.20 106.48
C ALA AA 149 -10.36 -19.24 107.70
N ALA AA 150 -11.36 -18.37 107.69
CA ALA AA 150 -12.30 -18.24 108.79
C ALA AA 150 -13.65 -18.83 108.40
N LYS AA 151 -13.98 -19.99 108.96
CA LYS AA 151 -15.30 -20.60 108.84
C LYS AA 151 -15.85 -20.89 110.23
N GLU AA 152 -17.12 -20.58 110.43
CA GLU AA 152 -17.79 -21.03 111.63
C GLU AA 152 -17.85 -22.55 111.62
N PHE AA 153 -17.73 -23.15 112.81
CA PHE AA 153 -17.75 -24.61 112.95
C PHE AA 153 -16.59 -25.24 112.19
N LEU AA 154 -15.39 -24.94 112.67
CA LEU AA 154 -14.18 -25.47 112.06
C LEU AA 154 -14.26 -26.99 112.01
N GLU AA 155 -13.92 -27.56 110.86
CA GLU AA 155 -14.14 -28.97 110.59
C GLU AA 155 -12.83 -29.64 110.20
N VAL AA 156 -12.64 -30.85 110.68
CA VAL AA 156 -11.48 -31.67 110.33
C VAL AA 156 -11.94 -33.08 110.02
N VAL AA 157 -11.36 -33.66 108.96
CA VAL AA 157 -11.78 -34.94 108.41
C VAL AA 157 -10.62 -35.93 108.52
N LEU AA 158 -10.96 -37.20 108.64
CA LEU AA 158 -9.99 -38.28 108.82
C LEU AA 158 -10.19 -39.32 107.73
N SER AA 159 -9.21 -40.21 107.60
CA SER AA 159 -9.22 -41.25 106.58
C SER AA 159 -9.44 -42.61 107.22
N LYS AA 160 -10.23 -43.46 106.55
CA LYS AA 160 -10.47 -44.81 107.05
C LYS AA 160 -9.17 -45.58 107.20
N ALA AA 161 -8.17 -45.27 106.38
CA ALA AA 161 -6.89 -45.97 106.46
C ALA AA 161 -6.35 -45.97 107.88
N LEU AA 162 -6.56 -44.86 108.59
CA LEU AA 162 -6.14 -44.76 109.99
C LEU AA 162 -7.27 -45.00 110.97
N THR AA 163 -8.52 -44.69 110.59
CA THR AA 163 -9.60 -44.94 111.53
C THR AA 163 -9.92 -46.42 111.69
N ALA AA 164 -9.45 -47.26 110.76
CA ALA AA 164 -9.66 -48.68 110.91
C ALA AA 164 -8.86 -49.26 112.06
N VAL AA 165 -7.83 -48.54 112.50
CA VAL AA 165 -7.01 -48.98 113.64
C VAL AA 165 -7.01 -47.98 114.78
N CYS AA 166 -7.63 -46.82 114.62
CA CYS AA 166 -7.61 -45.82 115.67
C CYS AA 166 -8.24 -46.35 116.95
N TYR AA 167 -7.66 -46.00 118.07
CA TYR AA 167 -8.18 -46.37 119.38
C TYR AA 167 -8.34 -45.17 120.31
N LYS AA 168 -7.43 -44.21 120.26
CA LYS AA 168 -7.48 -43.07 121.15
C LYS AA 168 -7.12 -41.81 120.39
N LEU AA 169 -7.82 -40.72 120.69
CA LEU AA 169 -7.65 -39.45 119.99
C LEU AA 169 -7.22 -38.37 120.96
N GLU AA 170 -6.37 -37.46 120.47
CA GLU AA 170 -5.89 -36.32 121.24
C GLU AA 170 -5.88 -35.09 120.34
N VAL AA 171 -6.45 -33.99 120.84
CA VAL AA 171 -6.63 -32.78 120.07
C VAL AA 171 -5.84 -31.66 120.73
N PHE AA 172 -4.86 -31.12 120.00
CA PHE AA 172 -4.05 -30.01 120.49
C PHE AA 172 -4.25 -28.81 119.59
N VAL AA 173 -4.51 -27.66 120.18
CA VAL AA 173 -4.62 -26.40 119.46
C VAL AA 173 -3.41 -25.56 119.83
N THR AA 174 -2.53 -25.32 118.87
CA THR AA 174 -1.33 -24.52 119.08
C THR AA 174 -1.59 -23.15 118.45
N THR AA 175 -1.86 -22.17 119.28
CA THR AA 175 -2.14 -20.81 118.87
C THR AA 175 -0.94 -19.95 119.25
N ASP AA 176 -0.25 -19.42 118.24
CA ASP AA 176 0.89 -18.53 118.43
C ASP AA 176 1.93 -19.16 119.35
N GLY AA 177 2.13 -20.46 119.20
CA GLY AA 177 3.11 -21.19 119.98
C GLY AA 177 2.62 -21.74 121.30
N LYS AA 178 1.37 -21.48 121.67
CA LYS AA 178 0.82 -21.99 122.92
C LYS AA 178 -0.08 -23.17 122.58
N THR AA 179 0.30 -24.36 123.03
CA THR AA 179 -0.42 -25.58 122.71
C THR AA 179 -1.31 -25.98 123.89
N THR AA 180 -2.59 -26.16 123.61
CA THR AA 180 -3.57 -26.53 124.62
C THR AA 180 -4.28 -27.80 124.17
N GLN AA 181 -4.37 -28.78 125.07
CA GLN AA 181 -5.13 -29.98 124.78
C GLN AA 181 -6.61 -29.68 125.02
N TRP AA 182 -7.39 -29.67 123.94
CA TRP AA 182 -8.79 -29.32 124.04
C TRP AA 182 -9.63 -30.51 124.52
N SER AA 183 -10.67 -30.19 125.27
CA SER AA 183 -11.64 -31.16 125.73
C SER AA 183 -12.80 -31.27 124.75
N SER AA 184 -13.50 -32.39 124.81
CA SER AA 184 -14.64 -32.64 123.94
C SER AA 184 -15.88 -32.92 124.77
N SER AA 185 -16.95 -32.18 124.51
CA SER AA 185 -18.25 -32.45 125.09
C SER AA 185 -19.23 -32.62 123.94
N THR AA 186 -19.99 -33.71 123.97
CA THR AA 186 -20.82 -34.04 122.82
C THR AA 186 -21.90 -33.00 122.58
N MET AA 187 -22.20 -32.76 121.31
CA MET AA 187 -23.34 -31.95 120.87
C MET AA 187 -23.26 -30.55 121.51
N PHE AA 188 -22.04 -30.14 121.84
CA PHE AA 188 -21.76 -28.82 122.40
C PHE AA 188 -22.47 -28.61 123.73
N ARG AA 189 -22.46 -29.63 124.58
CA ARG AA 189 -23.05 -29.51 125.90
C ARG AA 189 -22.09 -28.86 126.87
N LEU AA 190 -22.61 -27.95 127.70
CA LEU AA 190 -21.82 -27.18 128.65
C LEU AA 190 -20.74 -26.34 127.96
N ALA AA 191 -21.01 -25.94 126.72
CA ALA AA 191 -20.05 -25.19 125.92
C ALA AA 191 -20.37 -23.70 126.04
N GLY AA 192 -19.43 -22.96 126.61
CA GLY AA 192 -19.56 -21.52 126.71
C GLY AA 192 -19.16 -20.84 125.41
N SER AA 193 -19.01 -19.51 125.50
CA SER AA 193 -18.62 -18.75 124.32
C SER AA 193 -17.24 -19.16 123.83
N LYS AA 194 -16.27 -19.24 124.75
CA LYS AA 194 -14.89 -19.52 124.39
C LYS AA 194 -14.41 -20.85 124.97
N SER AA 195 -15.29 -21.83 125.05
CA SER AA 195 -14.95 -23.13 125.61
C SER AA 195 -14.09 -23.92 124.64
N GLN AA 196 -13.00 -24.50 125.14
CA GLN AA 196 -12.10 -25.32 124.33
C GLN AA 196 -12.75 -26.68 124.09
N VAL AA 197 -13.77 -26.66 123.24
CA VAL AA 197 -14.67 -27.80 123.05
C VAL AA 197 -14.75 -28.14 121.58
N TYR AA 198 -14.93 -29.44 121.29
CA TYR AA 198 -15.12 -29.92 119.94
C TYR AA 198 -15.97 -31.17 120.00
N VAL AA 199 -16.64 -31.47 118.88
CA VAL AA 199 -17.50 -32.64 118.78
C VAL AA 199 -17.02 -33.52 117.64
N GLU AA 200 -16.87 -34.81 117.92
CA GLU AA 200 -16.44 -35.78 116.93
C GLU AA 200 -17.59 -36.69 116.55
N PHE AA 201 -17.57 -37.17 115.30
CA PHE AA 201 -18.71 -37.85 114.73
C PHE AA 201 -18.25 -38.79 113.61
N TYR AA 202 -19.11 -39.76 113.32
CA TYR AA 202 -18.93 -40.64 112.18
C TYR AA 202 -19.55 -40.00 110.95
N LYS AA 203 -19.35 -40.65 109.81
CA LYS AA 203 -19.95 -40.18 108.59
C LYS AA 203 -20.22 -41.43 107.76
N PRO AA 204 -21.44 -41.55 107.18
CA PRO AA 204 -21.91 -42.82 106.61
C PRO AA 204 -20.95 -43.51 105.66
N SER AA 205 -20.02 -42.75 105.06
CA SER AA 205 -18.96 -43.39 104.31
C SER AA 205 -17.80 -43.79 105.21
N GLU AA 206 -18.10 -44.02 106.49
CA GLU AA 206 -17.14 -44.40 107.51
C GLU AA 206 -16.11 -43.31 107.74
N GLN AA 207 -16.38 -42.09 107.27
CA GLN AA 207 -15.50 -40.99 107.56
C GLN AA 207 -15.59 -40.61 109.02
N LEU AA 208 -14.55 -39.93 109.49
CA LEU AA 208 -14.50 -39.41 110.84
C LEU AA 208 -14.32 -37.90 110.77
N GLY AA 209 -15.08 -37.16 111.57
CA GLY AA 209 -15.03 -35.72 111.49
C GLY AA 209 -15.14 -35.09 112.87
N VAL AA 210 -14.63 -33.87 112.97
CA VAL AA 210 -14.73 -33.10 114.20
C VAL AA 210 -15.06 -31.65 113.86
N ARG AA 211 -15.91 -31.06 114.67
CA ARG AA 211 -16.39 -29.70 114.47
C ARG AA 211 -16.16 -28.89 115.74
N PHE AA 212 -15.91 -27.61 115.54
CA PHE AA 212 -15.60 -26.65 116.59
C PHE AA 212 -16.72 -25.63 116.72
N GLY AA 213 -16.53 -24.67 117.62
CA GLY AA 213 -17.60 -23.77 118.01
C GLY AA 213 -17.90 -22.67 117.02
N ASP AA 214 -18.93 -21.90 117.34
CA ASP AA 214 -19.36 -20.74 116.56
C ASP AA 214 -18.95 -19.43 117.20
N GLY AA 215 -18.18 -19.47 118.29
CA GLY AA 215 -17.89 -18.30 119.08
C GLY AA 215 -18.99 -18.02 120.08
N LEU AA 216 -20.24 -18.14 119.64
CA LEU AA 216 -21.37 -18.03 120.56
C LEU AA 216 -21.39 -19.21 121.52
N ILE AA 217 -21.22 -20.41 120.98
CA ILE AA 217 -21.20 -21.64 121.77
C ILE AA 217 -19.99 -22.43 121.30
N GLY AA 218 -18.87 -22.30 122.02
CA GLY AA 218 -17.65 -22.98 121.67
C GLY AA 218 -16.60 -22.02 121.14
N GLN AA 219 -15.36 -22.22 121.58
CA GLN AA 219 -14.27 -21.35 121.15
C GLN AA 219 -13.92 -21.58 119.69
N ILE AA 220 -13.74 -20.49 118.96
CA ILE AA 220 -13.28 -20.54 117.57
C ILE AA 220 -11.76 -20.42 117.59
N PRO AA 221 -11.02 -21.41 117.11
CA PRO AA 221 -9.57 -21.27 116.99
C PRO AA 221 -9.21 -20.11 116.10
N PRO AA 222 -8.18 -19.34 116.47
CA PRO AA 222 -7.82 -18.16 115.68
C PRO AA 222 -7.08 -18.52 114.39
N GLU AA 223 -7.10 -17.57 113.47
CA GLU AA 223 -6.41 -17.74 112.20
C GLU AA 223 -4.91 -17.81 112.39
N GLY AA 224 -4.25 -18.65 111.59
CA GLY AA 224 -2.82 -18.83 111.65
C GLY AA 224 -2.36 -19.84 112.67
N SER AA 225 -3.26 -20.37 113.48
CA SER AA 225 -2.91 -21.38 114.47
C SER AA 225 -2.84 -22.75 113.81
N THR AA 226 -2.48 -23.76 114.60
CA THR AA 226 -2.33 -25.12 114.11
C THR AA 226 -3.13 -26.06 114.99
N ILE AA 227 -3.57 -27.16 114.38
CA ILE AA 227 -4.31 -28.22 115.05
C ILE AA 227 -3.53 -29.51 114.89
N THR AA 228 -3.40 -30.25 115.99
CA THR AA 228 -2.64 -31.48 116.06
C THR AA 228 -3.57 -32.60 116.49
N LEU AA 229 -3.65 -33.65 115.69
CA LEU AA 229 -4.41 -34.84 116.01
C LEU AA 229 -3.43 -35.97 116.27
N LYS AA 230 -3.34 -36.38 117.53
CA LYS AA 230 -2.60 -37.57 117.92
C LYS AA 230 -3.55 -38.75 117.94
N VAL AA 231 -3.15 -39.85 117.32
CA VAL AA 231 -3.99 -41.01 117.18
C VAL AA 231 -3.20 -42.22 117.67
N TRP AA 232 -3.61 -42.77 118.82
CA TRP AA 232 -3.07 -44.04 119.27
C TRP AA 232 -3.87 -45.15 118.62
N CYS AA 233 -3.21 -45.94 117.80
CA CYS AA 233 -3.86 -46.97 116.99
C CYS AA 233 -3.52 -48.36 117.51
N THR AA 234 -4.42 -49.29 117.20
CA THR AA 234 -4.20 -50.70 117.47
C THR AA 234 -4.95 -51.53 116.45
N ASN AA 235 -4.49 -52.75 116.26
CA ASN AA 235 -5.11 -53.66 115.30
C ASN AA 235 -6.16 -54.55 115.93
N GLY AA 236 -6.51 -54.31 117.20
CA GLY AA 236 -7.53 -55.09 117.86
C GLY AA 236 -6.97 -56.16 118.76
N ASP AA 237 -7.62 -57.33 118.77
CA ASP AA 237 -7.19 -58.45 119.60
C ASP AA 237 -6.13 -59.26 118.86
N ILE AA 238 -4.94 -58.69 118.77
CA ILE AA 238 -3.80 -59.36 118.16
C ILE AA 238 -3.20 -60.30 119.21
N THR AA 239 -3.43 -61.59 119.06
CA THR AA 239 -2.98 -62.60 120.01
C THR AA 239 -1.77 -63.34 119.44
N LEU AA 240 -0.72 -63.44 120.23
CA LEU AA 240 0.50 -64.14 119.82
C LEU AA 240 0.90 -65.13 120.89
N VAL AA 241 1.43 -66.27 120.44
CA VAL AA 241 1.82 -67.33 121.36
C VAL AA 241 2.98 -66.87 122.23
N ALA AA 242 2.96 -67.27 123.50
CA ALA AA 242 4.05 -66.95 124.40
C ALA AA 242 5.29 -67.77 124.07
N GLY AA 243 6.42 -67.35 124.61
CA GLY AA 243 7.68 -68.03 124.38
C GLY AA 243 8.45 -67.57 123.16
N GLN AA 244 8.14 -66.40 122.62
CA GLN AA 244 8.84 -65.87 121.46
C GLN AA 244 9.54 -64.56 121.82
N ASN AA 245 10.61 -64.28 121.10
CA ASN AA 245 11.42 -63.11 121.39
C ASN AA 245 10.86 -61.87 120.71
N LEU AA 246 11.27 -60.72 121.19
CA LEU AA 246 10.76 -59.44 120.74
C LEU AA 246 11.91 -58.58 120.24
N THR AA 247 11.67 -57.83 119.17
CA THR AA 247 12.71 -57.00 118.58
C THR AA 247 12.38 -55.52 118.75
N PRO AA 248 13.12 -54.79 119.59
CA PRO AA 248 12.94 -53.34 119.65
C PRO AA 248 13.34 -52.70 118.32
N VAL AA 249 12.68 -51.60 118.00
CA VAL AA 249 12.86 -50.91 116.73
C VAL AA 249 12.90 -49.41 116.96
N ASP AA 250 13.14 -48.66 115.89
CA ASP AA 250 13.14 -47.19 115.89
C ASP AA 250 14.23 -46.72 116.84
N SER AA 251 13.96 -45.78 117.74
CA SER AA 251 14.99 -45.33 118.66
C SER AA 251 15.45 -46.43 119.59
N ALA AA 252 14.61 -47.44 119.82
CA ALA AA 252 14.98 -48.56 120.67
C ALA AA 252 15.83 -49.59 119.95
N ALA AA 253 16.01 -49.47 118.64
CA ALA AA 253 16.84 -50.41 117.91
C ALA AA 253 18.28 -50.38 118.39
N ASN AA 254 18.72 -49.25 118.95
CA ASN AA 254 20.07 -49.17 119.50
C ASN AA 254 20.26 -50.18 120.63
N LEU AA 255 19.28 -50.29 121.51
CA LEU AA 255 19.32 -51.27 122.59
C LEU AA 255 18.72 -52.61 122.20
N ALA AA 256 18.18 -52.72 120.98
CA ALA AA 256 17.61 -53.98 120.53
C ALA AA 256 18.66 -55.09 120.53
N ASN AA 257 19.86 -54.79 120.03
CA ASN AA 257 20.93 -55.76 120.00
C ASN AA 257 21.63 -55.93 121.35
N LEU AA 258 21.33 -55.07 122.31
CA LEU AA 258 21.97 -55.15 123.62
C LEU AA 258 21.09 -55.76 124.69
N ILE AA 259 19.78 -55.84 124.45
CA ILE AA 259 18.81 -56.32 125.42
C ILE AA 259 17.99 -57.43 124.79
N SER AA 260 17.77 -58.51 125.55
CA SER AA 260 16.96 -59.63 125.10
C SER AA 260 15.60 -59.59 125.78
N VAL AA 261 14.55 -59.71 124.99
CA VAL AA 261 13.17 -59.67 125.47
C VAL AA 261 12.45 -60.93 124.99
N LYS AA 262 11.86 -61.66 125.92
CA LYS AA 262 11.13 -62.88 125.61
C LYS AA 262 9.77 -62.82 126.28
N THR AA 263 8.72 -63.13 125.53
CA THR AA 263 7.39 -63.12 126.12
C THR AA 263 7.14 -64.38 126.92
N THR AA 264 6.31 -64.25 127.95
CA THR AA 264 5.93 -65.36 128.81
C THR AA 264 4.44 -65.65 128.82
N THR AA 265 3.61 -64.73 128.34
CA THR AA 265 2.17 -64.89 128.36
C THR AA 265 1.60 -64.59 126.98
N PRO AA 266 0.66 -65.40 126.51
CA PRO AA 266 -0.01 -65.08 125.24
C PRO AA 266 -0.66 -63.72 125.30
N ILE AA 267 -0.59 -62.99 124.19
CA ILE AA 267 -1.10 -61.62 124.15
C ILE AA 267 -2.63 -61.69 124.11
N THR AA 268 -3.27 -61.24 125.18
CA THR AA 268 -4.72 -61.34 125.28
C THR AA 268 -5.32 -59.98 125.64
N ALA AA 269 -6.61 -59.99 126.01
CA ALA AA 269 -7.30 -58.79 126.47
C ALA AA 269 -7.34 -57.71 125.39
N GLY AA 270 -7.63 -58.14 124.15
CA GLY AA 270 -7.84 -57.22 123.05
C GLY AA 270 -9.26 -57.32 122.55
N THR AA 271 -9.77 -56.21 122.04
CA THR AA 271 -11.10 -56.16 121.46
C THR AA 271 -11.02 -55.58 120.06
N ASP AA 272 -11.98 -55.94 119.24
CA ASP AA 272 -12.07 -55.51 117.85
C ASP AA 272 -13.28 -54.59 117.68
N ALA AA 273 -13.51 -54.18 116.45
CA ALA AA 273 -14.66 -53.34 116.16
C ALA AA 273 -15.96 -54.15 116.22
N GLU AA 274 -17.01 -53.51 116.71
CA GLU AA 274 -18.32 -54.13 116.86
C GLU AA 274 -19.07 -54.19 115.53
N THR AA 275 -20.04 -55.10 115.47
CA THR AA 275 -20.70 -55.43 114.21
C THR AA 275 -21.78 -54.41 113.86
N THR AA 276 -22.20 -54.47 112.59
CA THR AA 276 -23.17 -53.51 112.07
C THR AA 276 -24.51 -53.63 112.79
N GLU AA 277 -24.99 -54.84 113.00
CA GLU AA 277 -26.28 -55.00 113.65
C GLU AA 277 -26.23 -54.50 115.08
N ILE AA 278 -25.15 -54.80 115.81
CA ILE AA 278 -25.07 -54.34 117.19
C ILE AA 278 -24.93 -52.82 117.22
N THR AA 279 -24.26 -52.23 116.23
CA THR AA 279 -24.21 -50.77 116.15
C THR AA 279 -25.60 -50.21 115.92
N ARG AA 280 -26.39 -50.84 115.05
CA ARG AA 280 -27.76 -50.39 114.83
C ARG AA 280 -28.57 -50.47 116.12
N ASN AA 281 -28.43 -51.59 116.84
CA ASN AA 281 -29.18 -51.79 118.07
C ASN AA 281 -28.79 -50.76 119.12
N ARG AA 282 -27.49 -50.52 119.28
CA ARG AA 282 -27.04 -49.49 120.20
C ARG AA 282 -27.46 -48.11 119.74
N ALA AA 283 -27.62 -47.91 118.44
CA ALA AA 283 -28.13 -46.63 117.95
C ALA AA 283 -29.56 -46.42 118.37
N GLN AA 284 -30.41 -47.43 118.20
CA GLN AA 284 -31.79 -47.30 118.69
C GLN AA 284 -31.82 -47.10 120.20
N TYR AA 285 -31.01 -47.86 120.93
CA TYR AA 285 -31.07 -47.75 122.38
C TYR AA 285 -30.47 -46.43 122.86
N TYR AA 286 -29.57 -45.83 122.07
CA TYR AA 286 -29.09 -44.49 122.39
C TYR AA 286 -30.14 -43.44 122.07
N LEU AA 287 -30.91 -43.64 121.00
CA LEU AA 287 -32.06 -42.78 120.77
C LEU AA 287 -32.99 -42.81 121.95
N ALA AA 288 -33.19 -43.99 122.53
CA ALA AA 288 -33.90 -44.09 123.80
C ALA AA 288 -33.12 -43.39 124.92
N TYR AA 289 -31.79 -43.50 124.89
CA TYR AA 289 -30.95 -42.94 125.94
C TYR AA 289 -31.02 -41.43 126.01
N ASP AA 290 -31.35 -40.79 124.89
CA ASP AA 290 -31.63 -39.34 124.84
C ASP AA 290 -30.45 -38.49 125.29
N ASP AA 291 -29.23 -38.99 125.09
CA ASP AA 291 -28.01 -38.22 125.34
C ASP AA 291 -27.96 -37.67 126.77
N GLN AA 292 -28.34 -38.49 127.74
CA GLN AA 292 -28.33 -38.03 129.12
C GLN AA 292 -28.25 -39.23 130.05
N VAL AA 293 -27.50 -39.08 131.13
CA VAL AA 293 -27.33 -40.13 132.13
C VAL AA 293 -28.32 -39.85 133.25
N VAL AA 294 -29.48 -40.49 133.19
CA VAL AA 294 -30.53 -40.24 134.18
C VAL AA 294 -31.00 -41.52 134.85
N TRP AA 295 -31.38 -42.52 134.05
CA TRP AA 295 -32.07 -43.69 134.58
C TRP AA 295 -31.18 -44.94 134.51
N GLY AA 296 -31.71 -46.02 135.09
CA GLY AA 296 -30.92 -47.23 135.22
C GLY AA 296 -30.59 -47.90 133.89
N GLY AA 297 -31.53 -47.84 132.94
CA GLY AA 297 -31.22 -48.34 131.60
C GLY AA 297 -30.07 -47.60 130.96
N ASP AA 298 -30.06 -46.26 131.11
CA ASP AA 298 -28.94 -45.47 130.64
C ASP AA 298 -27.67 -45.85 131.36
N TYR AA 299 -27.75 -46.07 132.67
CA TYR AA 299 -26.58 -46.47 133.44
C TYR AA 299 -25.99 -47.75 132.88
N THR AA 300 -26.84 -48.76 132.70
CA THR AA 300 -26.39 -50.05 132.19
C THR AA 300 -25.80 -49.90 130.79
N TYR AA 301 -26.44 -49.09 129.95
CA TYR AA 301 -25.96 -48.93 128.59
C TYR AA 301 -24.58 -48.29 128.59
N PHE AA 302 -24.40 -47.23 129.38
CA PHE AA 302 -23.09 -46.59 129.48
C PHE AA 302 -22.04 -47.56 130.02
N LEU AA 303 -22.40 -48.31 131.05
CA LEU AA 303 -21.44 -49.21 131.67
C LEU AA 303 -21.02 -50.32 130.72
N VAL AA 304 -21.97 -50.89 129.98
CA VAL AA 304 -21.61 -51.93 129.03
C VAL AA 304 -20.83 -51.36 127.86
N ARG AA 305 -21.12 -50.12 127.46
CA ARG AA 305 -20.31 -49.47 126.43
C ARG AA 305 -18.88 -49.29 126.90
N ASN AA 306 -18.69 -48.90 128.15
CA ASN AA 306 -17.38 -48.57 128.67
C ASN AA 306 -16.60 -49.79 129.16
N ILE AA 307 -17.26 -50.92 129.38
CA ILE AA 307 -16.58 -52.11 129.87
C ILE AA 307 -16.81 -53.27 128.91
N PRO AA 308 -15.93 -53.48 127.94
CA PRO AA 308 -16.05 -54.65 127.07
C PRO AA 308 -15.75 -55.93 127.83
N GLY AA 309 -16.32 -57.04 127.34
CA GLY AA 309 -16.01 -58.36 127.83
C GLY AA 309 -17.01 -58.92 128.81
N LEU AA 310 -17.82 -58.09 129.46
CA LEU AA 310 -18.82 -58.58 130.38
C LEU AA 310 -19.90 -59.33 129.62
N SER AA 311 -20.38 -60.43 130.21
CA SER AA 311 -21.47 -61.16 129.60
C SER AA 311 -22.74 -60.32 129.59
N TRP AA 312 -23.12 -59.79 130.74
CA TRP AA 312 -24.31 -58.96 130.85
C TRP AA 312 -24.27 -58.22 132.18
N VAL AA 313 -25.14 -57.22 132.30
CA VAL AA 313 -25.25 -56.42 133.50
C VAL AA 313 -26.72 -56.28 133.87
N LYS AA 314 -26.97 -56.03 135.15
CA LYS AA 314 -28.31 -55.78 135.65
C LYS AA 314 -28.23 -54.75 136.75
N ALA AA 315 -29.25 -53.89 136.82
CA ALA AA 315 -29.30 -52.87 137.85
C ALA AA 315 -30.75 -52.59 138.19
N TRP AA 316 -30.98 -52.24 139.45
CA TRP AA 316 -32.32 -51.92 139.93
C TRP AA 316 -32.29 -50.61 140.71
N GLY AA 317 -33.35 -49.83 140.58
CA GLY AA 317 -33.41 -48.53 141.19
C GLY AA 317 -33.72 -48.59 142.68
N GLU AA 318 -33.71 -47.41 143.30
CA GLU AA 318 -34.01 -47.32 144.73
C GLU AA 318 -35.43 -47.80 145.02
N GLY AA 319 -36.39 -47.33 144.23
CA GLY AA 319 -37.77 -47.76 144.43
C GLY AA 319 -37.96 -49.23 144.19
N GLN AA 320 -37.30 -49.77 143.16
CA GLN AA 320 -37.41 -51.20 142.86
C GLN AA 320 -36.84 -52.04 144.00
N GLN AA 321 -35.66 -51.67 144.49
CA GLN AA 321 -35.06 -52.41 145.59
C GLN AA 321 -35.91 -52.31 146.85
N GLU AA 322 -36.46 -51.13 147.12
CA GLU AA 322 -37.31 -50.95 148.30
C GLU AA 322 -38.59 -51.76 148.17
N LYS AA 323 -39.15 -51.85 146.97
CA LYS AA 323 -40.33 -52.68 146.75
C LYS AA 323 -40.01 -54.16 146.95
N LEU AA 324 -38.84 -54.59 146.46
CA LEU AA 324 -38.41 -55.96 146.70
C LEU AA 324 -38.27 -56.23 148.20
N ASP AA 325 -37.66 -55.30 148.93
CA ASP AA 325 -37.36 -55.51 150.33
C ASP AA 325 -38.56 -55.30 151.24
N GLY AA 326 -39.59 -54.61 150.77
CA GLY AA 326 -40.76 -54.35 151.58
C GLY AA 326 -40.60 -53.31 152.67
N ALA AA 327 -39.61 -52.43 152.55
CA ALA AA 327 -39.36 -51.43 153.58
C ALA AA 327 -38.86 -50.14 152.96
N TYR AA 328 -39.05 -49.05 153.69
CA TYR AA 328 -38.61 -47.72 153.24
C TYR AA 328 -37.22 -47.40 153.80
N ASN AA 329 -36.27 -48.28 153.54
CA ASN AA 329 -34.94 -48.18 154.14
C ASN AA 329 -34.25 -46.88 153.73
N VAL AA 330 -33.95 -46.06 154.73
CA VAL AA 330 -33.21 -44.82 154.47
C VAL AA 330 -31.82 -45.13 153.95
N GLN AA 331 -31.20 -46.19 154.44
CA GLN AA 331 -29.90 -46.60 153.91
C GLN AA 331 -30.00 -46.97 152.44
N ASN AA 332 -31.10 -47.62 152.06
CA ASN AA 332 -31.32 -47.97 150.66
C ASN AA 332 -31.77 -46.79 149.83
N ILE AA 333 -32.19 -45.69 150.47
CA ILE AA 333 -32.51 -44.48 149.73
C ILE AA 333 -31.25 -43.96 149.06
N ASN AA 334 -31.37 -43.59 147.78
CA ASN AA 334 -30.25 -43.15 146.95
C ASN AA 334 -29.21 -44.27 146.83
N LYS AA 335 -29.66 -45.51 146.89
CA LYS AA 335 -28.81 -46.69 146.71
C LYS AA 335 -29.34 -47.50 145.55
N ILE AA 336 -28.47 -47.80 144.60
CA ILE AA 336 -28.85 -48.48 143.36
C ILE AA 336 -28.27 -49.88 143.38
N PHE AA 337 -29.15 -50.88 143.27
CA PHE AA 337 -28.70 -52.26 143.14
C PHE AA 337 -27.99 -52.47 141.81
N ILE AA 338 -26.88 -53.19 141.85
CA ILE AA 338 -26.15 -53.55 140.64
C ILE AA 338 -25.64 -54.99 140.76
N SER AA 339 -25.46 -55.62 139.59
CA SER AA 339 -24.94 -56.97 139.49
C SER AA 339 -24.54 -57.19 138.04
N GLY AA 340 -23.76 -58.23 137.79
CA GLY AA 340 -23.33 -58.52 136.44
C GLY AA 340 -22.63 -59.85 136.34
N TRP AA 341 -22.58 -60.36 135.11
CA TRP AA 341 -21.93 -61.62 134.80
C TRP AA 341 -20.93 -61.39 133.68
N HIS AA 342 -19.76 -62.02 133.81
CA HIS AA 342 -18.69 -61.95 132.83
C HIS AA 342 -18.25 -63.37 132.50
N PRO AA 343 -18.04 -63.71 131.23
CA PRO AA 343 -17.61 -65.07 130.89
C PRO AA 343 -16.27 -65.45 131.46
N ASN AA 344 -15.44 -64.48 131.85
CA ASN AA 344 -14.09 -64.76 132.30
C ASN AA 344 -13.72 -64.13 133.63
N LYS AA 345 -14.57 -63.30 134.22
CA LYS AA 345 -14.25 -62.61 135.46
C LYS AA 345 -15.22 -63.01 136.55
N SER AA 346 -14.72 -63.09 137.78
CA SER AA 346 -15.53 -63.46 138.92
C SER AA 346 -16.43 -62.31 139.32
N GLN AA 347 -17.36 -62.59 140.24
CA GLN AA 347 -18.26 -61.56 140.73
C GLN AA 347 -17.51 -60.48 141.50
N SER AA 348 -16.53 -60.88 142.32
CA SER AA 348 -15.73 -59.89 143.03
C SER AA 348 -14.93 -59.04 142.06
N GLU AA 349 -14.35 -59.65 141.03
CA GLU AA 349 -13.64 -58.90 140.02
C GLU AA 349 -14.57 -57.91 139.33
N LEU AA 350 -15.77 -58.36 138.96
CA LEU AA 350 -16.72 -57.48 138.29
C LEU AA 350 -17.11 -56.33 139.20
N GLU AA 351 -17.32 -56.61 140.48
CA GLU AA 351 -17.63 -55.56 141.44
C GLU AA 351 -16.51 -54.56 141.53
N GLU AA 352 -15.26 -55.01 141.51
CA GLU AA 352 -14.19 -54.03 141.62
C GLU AA 352 -13.97 -53.25 140.32
N MET AA 353 -14.17 -53.87 139.16
CA MET AA 353 -14.16 -53.07 137.94
C MET AA 353 -15.26 -52.01 137.98
N ILE AA 354 -16.47 -52.40 138.40
CA ILE AA 354 -17.57 -51.43 138.36
C ILE AA 354 -17.37 -50.33 139.39
N LEU AA 355 -16.82 -50.68 140.55
CA LEU AA 355 -16.51 -49.66 141.55
C LEU AA 355 -15.46 -48.69 141.03
N ALA AA 356 -14.42 -49.21 140.39
CA ALA AA 356 -13.41 -48.33 139.81
C ALA AA 356 -14.02 -47.46 138.71
N ALA AA 357 -14.92 -48.04 137.92
CA ALA AA 357 -15.56 -47.29 136.84
C ALA AA 357 -16.37 -46.13 137.41
N PHE AA 358 -17.17 -46.41 138.42
CA PHE AA 358 -17.95 -45.34 139.03
C PHE AA 358 -17.06 -44.31 139.71
N LYS AA 359 -15.93 -44.74 140.26
CA LYS AA 359 -15.01 -43.80 140.87
C LYS AA 359 -14.44 -42.83 139.83
N LYS AA 360 -13.91 -43.37 138.73
CA LYS AA 360 -13.30 -42.46 137.77
C LYS AA 360 -14.31 -41.77 136.87
N VAL AA 361 -15.56 -42.20 136.85
CA VAL AA 361 -16.63 -41.48 136.17
C VAL AA 361 -17.17 -40.43 137.14
N PRO AA 362 -17.02 -39.14 136.86
CA PRO AA 362 -17.63 -38.10 137.71
C PRO AA 362 -19.04 -37.72 137.33
N ASN AA 363 -19.68 -38.41 136.38
CA ASN AA 363 -20.99 -38.03 135.91
C ASN AA 363 -22.11 -38.52 136.84
N GLU AA 364 -21.99 -38.21 138.13
CA GLU AA 364 -22.96 -38.65 139.11
C GLU AA 364 -23.07 -37.58 140.19
N LEU AA 365 -24.18 -37.61 140.93
CA LEU AA 365 -24.41 -36.66 142.02
C LEU AA 365 -24.97 -37.42 143.22
N ASN AA 366 -24.09 -37.70 144.18
CA ASN AA 366 -24.47 -38.40 145.42
C ASN AA 366 -25.11 -39.75 145.13
N LYS AA 367 -24.68 -40.39 144.05
CA LYS AA 367 -25.27 -41.64 143.59
C LYS AA 367 -24.51 -42.80 144.24
N LYS AA 368 -25.17 -43.51 145.15
CA LYS AA 368 -24.57 -44.64 145.83
C LYS AA 368 -25.01 -45.93 145.17
N PHE AA 369 -24.06 -46.86 145.02
CA PHE AA 369 -24.31 -48.10 144.32
C PHE AA 369 -23.95 -49.27 145.22
N SER AA 370 -24.86 -50.26 145.31
CA SER AA 370 -24.64 -51.47 146.07
C SER AA 370 -24.58 -52.64 145.10
N TYR AA 371 -23.47 -53.37 145.11
CA TYR AA 371 -23.29 -54.51 144.23
C TYR AA 371 -23.58 -55.80 144.96
N LYS AA 372 -24.25 -56.72 144.27
CA LYS AA 372 -24.39 -58.07 144.77
C LYS AA 372 -23.93 -59.05 143.70
N GLU AA 373 -23.35 -60.15 144.17
CA GLU AA 373 -22.87 -61.18 143.25
C GLU AA 373 -24.02 -61.81 142.50
N VAL AA 374 -23.78 -62.17 141.25
CA VAL AA 374 -24.78 -62.85 140.44
C VAL AA 374 -24.76 -64.32 140.79
N ARG AA 375 -25.93 -64.86 141.16
CA ARG AA 375 -26.05 -66.24 141.57
C ARG AA 375 -26.51 -67.09 140.39
N LYS AA 376 -25.71 -68.10 140.05
CA LYS AA 376 -26.05 -69.00 138.97
C LYS AA 376 -27.14 -69.96 139.41
N LEU AA 377 -28.07 -70.25 138.49
CA LEU AA 377 -29.16 -71.19 138.75
C LEU AA 377 -29.20 -72.22 137.63
N PRO AA 378 -28.26 -73.17 137.63
CA PRO AA 378 -28.29 -74.23 136.62
C PRO AA 378 -29.47 -75.15 136.82
N PHE AA 379 -29.95 -75.68 135.70
CA PHE AA 379 -31.02 -76.66 135.71
C PHE AA 379 -30.81 -77.61 134.55
N LYS AA 380 -31.31 -78.82 134.68
CA LYS AA 380 -31.09 -79.85 133.67
C LYS AA 380 -32.30 -79.96 132.76
N ILE AA 381 -32.06 -80.46 131.55
CA ILE AA 381 -33.12 -80.70 130.58
C ILE AA 381 -33.02 -82.14 130.11
N THR AA 382 -34.13 -82.86 130.19
CA THR AA 382 -34.24 -84.21 129.66
C THR AA 382 -35.10 -84.14 128.40
N ILE AA 383 -34.45 -84.30 127.25
CA ILE AA 383 -35.14 -84.36 125.97
C ILE AA 383 -35.34 -85.83 125.61
N THR AA 384 -36.59 -86.24 125.55
CA THR AA 384 -36.94 -87.64 125.27
C THR AA 384 -37.81 -87.70 124.02
N GLY AA 385 -37.37 -88.46 123.04
CA GLY AA 385 -38.18 -88.62 121.84
C GLY AA 385 -37.46 -89.47 120.82
N ARG AA 386 -38.12 -89.63 119.68
CA ARG AA 386 -37.60 -90.39 118.56
C ARG AA 386 -37.29 -89.45 117.41
N ILE AA 387 -36.28 -89.81 116.64
CA ILE AA 387 -35.76 -88.96 115.58
C ILE AA 387 -35.61 -89.79 114.31
N SER AA 388 -35.31 -89.11 113.22
CA SER AA 388 -35.01 -89.81 111.97
C SER AA 388 -33.83 -90.75 112.17
N ALA AA 389 -33.97 -91.97 111.63
CA ALA AA 389 -32.91 -92.96 111.76
C ALA AA 389 -31.81 -92.79 110.74
N SER AA 390 -31.95 -91.85 109.80
CA SER AA 390 -30.97 -91.68 108.73
C SER AA 390 -29.65 -91.12 109.22
N LEU AA 391 -29.64 -90.44 110.36
CA LEU AA 391 -28.42 -89.83 110.90
C LEU AA 391 -27.88 -90.67 112.05
N THR AA 392 -26.56 -90.60 112.22
CA THR AA 392 -25.93 -91.28 113.34
C THR AA 392 -26.42 -90.68 114.65
N ILE AA 393 -26.80 -91.54 115.58
CA ILE AA 393 -27.32 -91.06 116.85
C ILE AA 393 -26.23 -90.31 117.61
N GLU AA 394 -24.98 -90.77 117.51
CA GLU AA 394 -23.88 -90.05 118.15
C GLU AA 394 -23.72 -88.66 117.55
N ASN AA 395 -23.79 -88.57 116.23
CA ASN AA 395 -23.67 -87.27 115.57
C ASN AA 395 -24.80 -86.35 115.97
N VAL AA 396 -26.02 -86.89 116.05
CA VAL AA 396 -27.17 -86.10 116.45
C VAL AA 396 -27.01 -85.61 117.88
N THR AA 397 -26.54 -86.49 118.77
CA THR AA 397 -26.33 -86.09 120.16
C THR AA 397 -25.28 -84.99 120.26
N ASP AA 398 -24.18 -85.13 119.53
CA ASP AA 398 -23.14 -84.11 119.56
C ASP AA 398 -23.67 -82.78 119.03
N GLU AA 399 -24.41 -82.82 117.93
CA GLU AA 399 -24.97 -81.61 117.35
C GLU AA 399 -25.94 -80.94 118.33
N LEU AA 400 -26.77 -81.75 118.98
CA LEU AA 400 -27.73 -81.21 119.94
C LEU AA 400 -27.01 -80.57 121.12
N LYS AA 401 -25.96 -81.22 121.62
CA LYS AA 401 -25.21 -80.65 122.74
C LYS AA 401 -24.55 -79.34 122.34
N SER AA 402 -23.95 -79.29 121.15
CA SER AA 402 -23.33 -78.06 120.69
C SER AA 402 -24.36 -76.95 120.53
N ALA AA 403 -25.52 -77.26 119.95
CA ALA AA 403 -26.55 -76.26 119.76
C ALA AA 403 -27.07 -75.75 121.10
N LEU AA 404 -27.29 -76.65 122.06
CA LEU AA 404 -27.77 -76.23 123.37
C LEU AA 404 -26.74 -75.34 124.06
N GLU AA 405 -25.46 -75.72 123.99
CA GLU AA 405 -24.42 -74.89 124.59
C GLU AA 405 -24.37 -73.52 123.93
N THR AA 406 -24.52 -73.49 122.60
CA THR AA 406 -24.52 -72.22 121.89
C THR AA 406 -25.70 -71.36 122.28
N LYS AA 407 -26.88 -71.96 122.42
CA LYS AA 407 -28.10 -71.19 122.60
C LYS AA 407 -28.30 -70.77 124.05
N PHE AA 408 -28.35 -71.74 124.95
CA PHE AA 408 -28.66 -71.47 126.36
C PHE AA 408 -27.55 -72.00 127.26
N GLY AA 409 -26.30 -71.80 126.85
CA GLY AA 409 -25.18 -72.17 127.68
C GLY AA 409 -24.98 -71.19 128.82
N ARG AA 410 -23.99 -71.49 129.66
CA ARG AA 410 -23.69 -70.63 130.78
C ARG AA 410 -23.25 -69.24 130.32
N ASP AA 411 -22.45 -69.20 129.25
CA ASP AA 411 -21.94 -67.95 128.70
C ASP AA 411 -22.54 -67.65 127.33
N SER AA 412 -23.81 -67.98 127.14
CA SER AA 412 -24.46 -67.80 125.85
C SER AA 412 -24.82 -66.34 125.62
N THR AA 413 -24.78 -65.94 124.34
CA THR AA 413 -25.17 -64.60 123.95
C THR AA 413 -26.66 -64.36 124.10
N PHE AA 414 -27.45 -65.43 124.28
CA PHE AA 414 -28.89 -65.28 124.41
C PHE AA 414 -29.26 -64.34 125.55
N PHE AA 415 -28.47 -64.35 126.62
CA PHE AA 415 -28.78 -63.50 127.76
C PHE AA 415 -28.68 -62.02 127.41
N ASP AA 416 -27.70 -61.65 126.57
CA ASP AA 416 -27.52 -60.27 126.12
C ASP AA 416 -27.34 -60.27 124.61
N PRO AA 417 -28.41 -60.54 123.86
CA PRO AA 417 -28.30 -60.56 122.40
C PRO AA 417 -28.27 -59.17 121.77
N ASN AA 418 -28.53 -58.12 122.54
CA ASN AA 418 -28.60 -56.76 122.00
C ASN AA 418 -27.49 -55.85 122.50
N ARG AA 419 -26.83 -56.21 123.60
CA ARG AA 419 -25.68 -55.48 124.12
C ARG AA 419 -26.02 -54.01 124.38
N VAL AA 420 -27.20 -53.78 124.98
CA VAL AA 420 -27.61 -52.43 125.34
C VAL AA 420 -28.07 -52.40 126.80
N GLY AA 421 -27.63 -53.38 127.59
CA GLY AA 421 -27.97 -53.46 128.99
C GLY AA 421 -29.25 -54.19 129.31
N LYS AA 422 -29.91 -54.77 128.32
CA LYS AA 422 -31.18 -55.47 128.53
C LYS AA 422 -30.89 -56.94 128.77
N TYR AA 423 -30.67 -57.29 130.04
CA TYR AA 423 -30.43 -58.68 130.41
C TYR AA 423 -31.76 -59.44 130.43
N ILE AA 424 -31.78 -60.60 129.77
CA ILE AA 424 -32.99 -61.40 129.65
C ILE AA 424 -32.66 -62.82 130.08
N LEU AA 425 -33.70 -63.55 130.46
CA LEU AA 425 -33.57 -64.91 130.97
C LEU AA 425 -34.11 -65.91 129.95
N ILE AA 426 -33.92 -67.19 130.27
CA ILE AA 426 -34.36 -68.29 129.43
C ILE AA 426 -35.79 -68.66 129.80
N LYS AA 427 -36.59 -69.04 128.81
CA LYS AA 427 -37.97 -69.44 129.02
C LYS AA 427 -38.20 -70.84 128.45
N LYS AA 428 -39.13 -71.56 129.06
CA LYS AA 428 -39.51 -72.87 128.54
C LYS AA 428 -40.05 -72.75 127.13
N LYS AA 429 -40.85 -71.71 126.87
CA LYS AA 429 -41.30 -71.45 125.50
C LYS AA 429 -40.12 -71.20 124.59
N ASP AA 430 -39.12 -70.46 125.06
CA ASP AA 430 -37.95 -70.20 124.23
C ASP AA 430 -37.23 -71.50 123.89
N VAL AA 431 -37.06 -72.38 124.87
CA VAL AA 431 -36.35 -73.64 124.63
C VAL AA 431 -37.11 -74.50 123.65
N TRP AA 432 -38.43 -74.63 123.85
CA TRP AA 432 -39.21 -75.47 122.95
C TRP AA 432 -39.24 -74.89 121.55
N ALA AA 433 -39.28 -73.55 121.44
CA ALA AA 433 -39.23 -72.92 120.13
C ALA AA 433 -37.90 -73.17 119.44
N PHE AA 434 -36.80 -73.10 120.20
CA PHE AA 434 -35.49 -73.36 119.62
C PHE AA 434 -35.38 -74.79 119.13
N ILE AA 435 -35.84 -75.75 119.93
CA ILE AA 435 -35.73 -77.15 119.53
C ILE AA 435 -36.67 -77.44 118.37
N GLU AA 436 -37.82 -76.78 118.30
CA GLU AA 436 -38.70 -76.96 117.16
C GLU AA 436 -38.10 -76.35 115.89
N THR AA 437 -37.42 -75.21 116.05
CA THR AA 437 -36.70 -74.62 114.92
C THR AA 437 -35.62 -75.58 114.43
N LEU AA 438 -34.96 -76.27 115.36
CA LEU AA 438 -34.07 -77.35 114.96
C LEU AA 438 -34.83 -78.42 114.18
N GLY AA 439 -35.98 -78.85 114.70
CA GLY AA 439 -36.90 -79.69 113.97
C GLY AA 439 -36.40 -81.07 113.62
N TYR AA 440 -35.30 -81.51 114.23
CA TYR AA 440 -34.75 -82.82 113.89
C TYR AA 440 -35.65 -83.94 114.40
N PHE AA 441 -36.07 -83.86 115.66
CA PHE AA 441 -36.99 -84.85 116.20
C PHE AA 441 -38.36 -84.73 115.56
N ARG AA 442 -39.03 -85.88 115.45
CA ARG AA 442 -40.40 -85.92 114.98
C ARG AA 442 -41.38 -85.75 116.14
N ASP AA 443 -41.06 -86.35 117.29
CA ASP AA 443 -41.81 -86.15 118.51
C ASP AA 443 -40.83 -86.12 119.67
N PHE AA 444 -41.13 -85.31 120.68
CA PHE AA 444 -40.18 -85.08 121.74
C PHE AA 444 -40.90 -84.49 122.95
N TYR AA 445 -40.23 -84.56 124.08
CA TYR AA 445 -40.73 -84.05 125.35
C TYR AA 445 -39.56 -83.49 126.15
N LEU AA 446 -39.79 -82.37 126.83
CA LEU AA 446 -38.78 -81.71 127.65
C LEU AA 446 -39.16 -81.81 129.11
N GLU AA 447 -38.25 -82.35 129.92
CA GLU AA 447 -38.37 -82.35 131.37
C GLU AA 447 -37.37 -81.35 131.94
N PHE AA 448 -37.86 -80.36 132.68
CA PHE AA 448 -37.03 -79.28 133.20
C PHE AA 448 -36.67 -79.62 134.64
N VAL AA 449 -35.60 -80.41 134.80
CA VAL AA 449 -35.17 -80.86 136.11
C VAL AA 449 -34.56 -79.69 136.88
N GLU AA 450 -35.05 -79.48 138.10
CA GLU AA 450 -34.58 -78.41 138.97
C GLU AA 450 -34.75 -77.05 138.29
N TRP AA 451 -35.83 -76.91 137.54
CA TRP AA 451 -36.14 -75.62 136.93
C TRP AA 451 -36.47 -74.61 138.01
N ASN AA 452 -35.93 -73.40 137.86
CA ASN AA 452 -36.20 -72.31 138.78
C ASN AA 452 -36.45 -71.05 137.99
N GLU AA 453 -37.15 -70.10 138.61
CA GLU AA 453 -37.48 -68.83 137.98
C GLU AA 453 -36.64 -67.73 138.62
N SER AA 454 -35.87 -67.03 137.80
CA SER AA 454 -34.94 -66.02 138.30
C SER AA 454 -35.68 -64.84 138.91
N ASN AA 455 -35.12 -64.29 139.99
CA ASN AA 455 -35.67 -63.09 140.59
C ASN AA 455 -35.53 -61.87 139.69
N GLY AA 456 -34.59 -61.91 138.75
CA GLY AA 456 -34.30 -60.79 137.88
C GLY AA 456 -33.27 -59.83 138.42
N PHE AA 457 -32.96 -59.89 139.72
CA PHE AA 457 -31.90 -59.05 140.27
C PHE AA 457 -30.52 -59.65 139.98
N TYR AA 458 -30.28 -60.86 140.49
CA TYR AA 458 -28.98 -61.49 140.34
C TYR AA 458 -29.04 -62.96 139.95
N ASP AA 459 -30.21 -63.60 140.01
CA ASP AA 459 -30.28 -65.01 139.69
C ASP AA 459 -29.92 -65.25 138.23
N PHE AA 460 -29.09 -66.26 138.00
CA PHE AA 460 -28.57 -66.55 136.67
C PHE AA 460 -28.96 -67.99 136.32
N VAL AA 461 -30.10 -68.15 135.69
CA VAL AA 461 -30.60 -69.46 135.29
C VAL AA 461 -29.97 -69.82 133.95
N TYR AA 462 -29.40 -71.02 133.87
CA TYR AA 462 -28.80 -71.50 132.63
C TYR AA 462 -28.93 -73.01 132.58
N LEU AA 463 -28.81 -73.55 131.37
CA LEU AA 463 -28.96 -74.97 131.16
C LEU AA 463 -27.68 -75.70 131.52
N ASP AA 464 -27.82 -76.82 132.23
CA ASP AA 464 -26.73 -77.75 132.50
C ASP AA 464 -26.64 -78.69 131.31
N THR AA 465 -25.87 -78.28 130.29
CA THR AA 465 -25.78 -79.06 129.06
C THR AA 465 -25.12 -80.41 129.31
N GLU AA 466 -24.05 -80.45 130.09
CA GLU AA 466 -23.32 -81.69 130.29
C GLU AA 466 -24.12 -82.71 131.09
N ASN AA 467 -24.91 -82.26 132.05
CA ASN AA 467 -25.77 -83.16 132.81
C ASN AA 467 -27.13 -83.36 132.15
N SER AA 468 -27.37 -82.76 130.99
CA SER AA 468 -28.64 -82.92 130.31
C SER AA 468 -28.81 -84.35 129.83
N THR AA 469 -30.07 -84.79 129.78
CA THR AA 469 -30.42 -86.16 129.41
C THR AA 469 -30.95 -86.19 127.98
N PHE AA 470 -30.47 -87.14 127.20
CA PHE AA 470 -30.84 -87.28 125.79
C PHE AA 470 -31.39 -88.68 125.56
N ASN AA 471 -32.70 -88.85 125.79
CA ASN AA 471 -33.38 -90.10 125.48
C ASN AA 471 -33.78 -90.07 124.00
N ILE AA 472 -32.76 -90.19 123.17
CA ILE AA 472 -32.92 -90.09 121.72
C ILE AA 472 -33.17 -91.47 121.15
N SER AA 473 -34.22 -91.59 120.33
CA SER AA 473 -34.53 -92.83 119.65
C SER AA 473 -34.69 -92.55 118.17
N TYR AA 474 -34.79 -93.62 117.39
CA TYR AA 474 -34.99 -93.53 115.96
C TYR AA 474 -36.46 -93.70 115.65
N GLU AA 475 -37.05 -92.69 115.01
CA GLU AA 475 -38.44 -92.77 114.61
C GLU AA 475 -38.55 -93.52 113.28
N GLU AA 476 -39.44 -94.50 113.23
CA GLU AA 476 -39.60 -95.29 112.02
C GLU AA 476 -40.04 -94.43 110.86
N GLU AA 477 -39.38 -94.60 109.72
CA GLU AA 477 -39.70 -93.80 108.54
C GLU AA 477 -40.56 -94.61 107.57
N MET BA 1 -34.72 -104.86 41.29
CA MET BA 1 -35.57 -106.02 41.56
C MET BA 1 -35.55 -106.40 43.05
N SER BA 2 -34.40 -106.85 43.55
CA SER BA 2 -34.28 -107.37 44.90
C SER BA 2 -33.10 -106.75 45.64
N LYS BA 3 -33.16 -106.83 46.96
CA LYS BA 3 -32.11 -106.40 47.87
C LYS BA 3 -31.10 -107.51 48.16
N THR BA 4 -31.29 -108.69 47.59
CA THR BA 4 -30.29 -109.75 47.70
C THR BA 4 -29.00 -109.28 47.06
N THR BA 5 -27.88 -109.66 47.67
CA THR BA 5 -26.60 -109.21 47.16
C THR BA 5 -26.38 -109.76 45.75
N PRO BA 6 -26.02 -108.92 44.80
CA PRO BA 6 -25.70 -109.42 43.47
C PRO BA 6 -24.23 -109.76 43.34
N THR BA 7 -23.82 -110.19 42.15
CA THR BA 7 -22.43 -110.45 41.86
C THR BA 7 -22.01 -109.60 40.67
N LYS BA 8 -20.74 -109.21 40.67
CA LYS BA 8 -20.25 -108.32 39.62
C LYS BA 8 -20.46 -108.93 38.24
N ASP BA 9 -20.29 -110.24 38.12
CA ASP BA 9 -20.53 -110.88 36.84
C ASP BA 9 -22.00 -110.79 36.45
N SER BA 10 -22.90 -110.93 37.42
CA SER BA 10 -24.33 -110.79 37.14
C SER BA 10 -24.67 -109.39 36.68
N ILE BA 11 -24.09 -108.39 37.35
CA ILE BA 11 -24.34 -107.01 36.96
C ILE BA 11 -23.81 -106.76 35.55
N ARG BA 12 -22.59 -107.24 35.28
CA ARG BA 12 -22.04 -107.14 33.94
C ARG BA 12 -22.97 -107.79 32.93
N ALA BA 13 -23.44 -108.99 33.23
CA ALA BA 13 -24.34 -109.74 32.36
C ALA BA 13 -25.53 -108.86 32.00
N GLU BA 14 -26.35 -108.57 33.02
CA GLU BA 14 -27.56 -107.77 32.81
C GLU BA 14 -27.24 -106.57 31.94
N PHE BA 15 -26.04 -106.01 32.12
CA PHE BA 15 -25.63 -104.91 31.27
C PHE BA 15 -25.47 -105.34 29.81
N GLU BA 16 -24.79 -106.46 29.52
CA GLU BA 16 -24.63 -106.63 28.07
C GLU BA 16 -25.92 -107.09 27.42
N GLU BA 17 -26.76 -107.87 28.11
CA GLU BA 17 -27.99 -108.18 27.38
C GLU BA 17 -28.86 -106.95 27.22
N LEU BA 18 -28.86 -106.03 28.20
CA LEU BA 18 -29.54 -104.77 27.97
C LEU BA 18 -28.96 -104.06 26.76
N VAL BA 19 -27.63 -104.03 26.66
CA VAL BA 19 -26.97 -103.31 25.57
C VAL BA 19 -27.35 -103.92 24.23
N GLU BA 20 -27.24 -105.25 24.11
CA GLU BA 20 -27.48 -105.89 22.83
C GLU BA 20 -28.96 -105.85 22.45
N LYS BA 21 -29.86 -105.93 23.43
CA LYS BA 21 -31.26 -105.76 23.12
C LYS BA 21 -31.57 -104.32 22.73
N ASP BA 22 -30.76 -103.37 23.19
CA ASP BA 22 -30.92 -102.00 22.74
C ASP BA 22 -30.40 -101.86 21.32
N SER BA 23 -31.14 -101.11 20.51
CA SER BA 23 -30.85 -101.00 19.09
C SER BA 23 -29.76 -99.98 18.77
N PHE BA 24 -29.43 -99.09 19.70
CA PHE BA 24 -28.50 -98.02 19.37
C PHE BA 24 -27.09 -98.56 19.15
N TRP BA 25 -26.68 -99.56 19.93
CA TRP BA 25 -25.40 -100.19 19.65
C TRP BA 25 -25.48 -101.05 18.39
N SER BA 26 -26.67 -101.55 18.07
CA SER BA 26 -26.83 -102.28 16.81
C SER BA 26 -26.51 -101.36 15.63
N LYS BA 27 -27.01 -100.12 15.67
CA LYS BA 27 -26.64 -99.16 14.66
C LYS BA 27 -25.20 -98.68 14.84
N PHE BA 28 -24.66 -98.79 16.06
CA PHE BA 28 -23.29 -98.40 16.36
C PHE BA 28 -22.61 -99.57 17.08
N VAL BA 29 -22.07 -100.49 16.29
CA VAL BA 29 -21.28 -101.58 16.84
C VAL BA 29 -19.82 -101.12 16.91
N GLY BA 30 -19.03 -101.81 17.74
CA GLY BA 30 -17.64 -101.48 17.91
C GLY BA 30 -17.31 -100.64 19.13
N SER BA 31 -18.14 -100.68 20.17
CA SER BA 31 -17.88 -99.94 21.39
C SER BA 31 -17.29 -100.90 22.42
N GLN BA 32 -16.00 -101.16 22.29
CA GLN BA 32 -15.31 -101.97 23.28
C GLN BA 32 -14.87 -101.15 24.50
N PHE BA 33 -15.05 -99.83 24.47
CA PHE BA 33 -14.84 -99.01 25.65
C PHE BA 33 -15.96 -99.16 26.67
N VAL BA 34 -17.18 -99.43 26.21
CA VAL BA 34 -18.26 -99.66 27.15
C VAL BA 34 -17.98 -100.89 27.99
N SER BA 35 -17.07 -101.76 27.55
CA SER BA 35 -16.72 -102.94 28.32
C SER BA 35 -16.13 -102.55 29.68
N MET BA 36 -14.98 -101.88 29.67
CA MET BA 36 -14.43 -101.49 30.95
C MET BA 36 -15.21 -100.36 31.60
N LEU BA 37 -16.00 -99.59 30.83
CA LEU BA 37 -16.92 -98.67 31.49
C LEU BA 37 -17.95 -99.42 32.32
N THR BA 38 -18.49 -100.51 31.79
CA THR BA 38 -19.37 -101.39 32.54
C THR BA 38 -18.66 -101.97 33.74
N LEU BA 39 -17.40 -102.36 33.56
CA LEU BA 39 -16.61 -102.85 34.69
C LEU BA 39 -16.58 -101.81 35.82
N PHE BA 40 -16.20 -100.57 35.47
CA PHE BA 40 -16.01 -99.54 36.48
C PHE BA 40 -17.33 -99.20 37.17
N ILE BA 41 -18.39 -99.03 36.39
CA ILE BA 41 -19.69 -98.79 37.02
C ILE BA 41 -20.13 -100.00 37.83
N THR BA 42 -19.65 -101.19 37.49
CA THR BA 42 -19.99 -102.36 38.30
C THR BA 42 -19.35 -102.26 39.67
N GLN BA 43 -18.08 -101.88 39.74
CA GLN BA 43 -17.52 -101.68 41.08
C GLN BA 43 -18.18 -100.51 41.79
N ILE BA 44 -18.58 -99.48 41.04
CA ILE BA 44 -19.27 -98.35 41.65
C ILE BA 44 -20.57 -98.81 42.30
N VAL BA 45 -21.35 -99.59 41.57
CA VAL BA 45 -22.60 -100.10 42.09
C VAL BA 45 -22.36 -101.07 43.23
N TYR BA 46 -21.27 -101.84 43.17
CA TYR BA 46 -20.95 -102.74 44.28
C TYR BA 46 -20.68 -101.96 45.56
N ARG BA 47 -19.93 -100.87 45.43
CA ARG BA 47 -19.69 -100.00 46.59
C ARG BA 47 -21.00 -99.38 47.06
N CYS BA 48 -21.86 -99.01 46.11
CA CYS BA 48 -23.17 -98.45 46.48
C CYS BA 48 -23.99 -99.47 47.25
N PHE BA 49 -23.93 -100.74 46.84
CA PHE BA 49 -24.68 -101.78 47.52
C PHE BA 49 -24.11 -102.01 48.91
N GLN BA 50 -22.79 -101.92 49.05
CA GLN BA 50 -22.19 -101.98 50.37
C GLN BA 50 -22.69 -100.85 51.24
N TYR BA 51 -22.80 -99.65 50.67
CA TYR BA 51 -23.35 -98.51 51.40
C TYR BA 51 -24.80 -98.76 51.78
N ALA BA 52 -25.57 -99.36 50.89
CA ALA BA 52 -26.96 -99.69 51.21
C ALA BA 52 -27.03 -100.69 52.34
N ASP BA 53 -26.12 -101.66 52.35
CA ASP BA 53 -26.08 -102.62 53.44
C ASP BA 53 -25.75 -101.94 54.75
N ALA BA 54 -24.82 -100.97 54.72
CA ALA BA 54 -24.54 -100.17 55.90
C ALA BA 54 -25.77 -99.40 56.34
N ALA BA 55 -26.55 -98.90 55.38
CA ALA BA 55 -27.78 -98.20 55.70
C ALA BA 55 -28.77 -99.12 56.41
N LEU BA 56 -28.91 -100.36 55.92
CA LEU BA 56 -29.77 -101.32 56.62
C LEU BA 56 -29.26 -101.58 58.03
N ALA BA 57 -27.94 -101.74 58.18
CA ALA BA 57 -27.38 -101.99 59.50
C ALA BA 57 -27.69 -100.86 60.45
N GLU BA 58 -27.56 -99.62 59.98
CA GLU BA 58 -27.82 -98.49 60.85
C GLU BA 58 -29.30 -98.18 61.01
N GLY BA 59 -30.15 -98.73 60.16
CA GLY BA 59 -31.58 -98.49 60.28
C GLY BA 59 -32.28 -99.27 61.36
N PHE BA 60 -31.57 -100.15 62.05
CA PHE BA 60 -32.15 -100.94 63.14
C PHE BA 60 -31.20 -100.94 64.31
N ILE BA 61 -31.75 -100.72 65.52
CA ILE BA 61 -30.92 -100.68 66.72
C ILE BA 61 -30.21 -102.01 66.92
N SER BA 62 -30.90 -103.12 66.62
CA SER BA 62 -30.26 -104.42 66.72
C SER BA 62 -29.09 -104.53 65.77
N THR BA 63 -29.27 -104.06 64.53
CA THR BA 63 -28.20 -104.17 63.54
C THR BA 63 -27.15 -103.07 63.70
N ALA BA 64 -27.54 -101.90 64.20
CA ALA BA 64 -26.60 -100.81 64.39
C ALA BA 64 -25.80 -101.03 65.67
N THR BA 65 -24.48 -100.93 65.56
CA THR BA 65 -23.60 -101.08 66.69
C THR BA 65 -22.94 -99.77 67.11
N ARG BA 66 -23.42 -98.65 66.61
CA ARG BA 66 -22.85 -97.35 66.93
C ARG BA 66 -23.44 -96.79 68.21
N ARG BA 67 -22.58 -96.19 69.03
CA ARG BA 67 -23.05 -95.54 70.25
C ARG BA 67 -24.08 -94.47 69.94
N SER BA 68 -23.86 -93.71 68.87
CA SER BA 68 -24.77 -92.62 68.53
C SER BA 68 -26.16 -93.14 68.19
N SER BA 69 -26.22 -94.12 67.28
CA SER BA 69 -27.53 -94.66 66.88
C SER BA 69 -28.21 -95.35 68.04
N ILE BA 70 -27.44 -96.07 68.86
CA ILE BA 70 -28.02 -96.75 70.01
C ILE BA 70 -28.61 -95.74 70.98
N LEU BA 71 -27.90 -94.63 71.21
CA LEU BA 71 -28.42 -93.59 72.10
C LEU BA 71 -29.66 -92.94 71.52
N ALA BA 72 -29.69 -92.72 70.20
CA ALA BA 72 -30.87 -92.16 69.57
C ALA BA 72 -32.07 -93.07 69.77
N ALA BA 73 -31.89 -94.36 69.54
CA ALA BA 73 -32.99 -95.31 69.73
C ALA BA 73 -33.41 -95.37 71.20
N ALA BA 74 -32.43 -95.31 72.11
CA ALA BA 74 -32.75 -95.36 73.53
C ALA BA 74 -33.55 -94.14 73.96
N GLU BA 75 -33.22 -92.97 73.40
CA GLU BA 75 -33.98 -91.77 73.73
C GLU BA 75 -35.38 -91.83 73.14
N THR BA 76 -35.52 -92.43 71.95
CA THR BA 76 -36.86 -92.72 71.45
C THR BA 76 -37.63 -93.60 72.41
N ASN BA 77 -36.97 -94.63 72.93
CA ASN BA 77 -37.54 -95.48 73.98
C ASN BA 77 -37.71 -94.73 75.29
N SER BA 78 -37.15 -93.53 75.39
CA SER BA 78 -37.18 -92.75 76.64
C SER BA 78 -36.49 -93.51 77.76
N TYR BA 79 -35.29 -94.02 77.47
CA TYR BA 79 -34.48 -94.75 78.43
C TYR BA 79 -33.10 -94.12 78.53
N VAL BA 80 -32.57 -94.08 79.74
CA VAL BA 80 -31.23 -93.57 79.99
C VAL BA 80 -30.50 -94.55 80.89
N GLY BA 81 -29.17 -94.53 80.82
CA GLY BA 81 -28.35 -95.44 81.57
C GLY BA 81 -28.09 -94.97 82.98
N THR BA 82 -27.08 -95.58 83.60
CA THR BA 82 -26.72 -95.32 84.98
C THR BA 82 -25.34 -94.67 85.05
N LYS BA 83 -25.19 -93.75 85.99
CA LYS BA 83 -23.94 -93.03 86.14
C LYS BA 83 -22.94 -93.86 86.94
N PRO BA 84 -21.64 -93.66 86.72
CA PRO BA 84 -20.64 -94.33 87.55
C PRO BA 84 -20.70 -93.87 88.99
N THR BA 85 -20.31 -94.76 89.90
CA THR BA 85 -20.39 -94.48 91.32
C THR BA 85 -18.99 -94.27 91.90
N PRO BA 86 -18.87 -93.45 92.95
CA PRO BA 86 -17.56 -93.23 93.57
C PRO BA 86 -17.02 -94.49 94.22
N SER BA 87 -15.70 -94.58 94.26
CA SER BA 87 -15.01 -95.63 95.00
C SER BA 87 -14.62 -95.10 96.37
N SER BA 88 -14.94 -95.87 97.41
CA SER BA 88 -14.75 -95.43 98.79
C SER BA 88 -13.69 -96.29 99.46
N GLY BA 89 -12.82 -95.64 100.23
CA GLY BA 89 -11.84 -96.32 101.04
C GLY BA 89 -12.03 -95.99 102.51
N MET BA 90 -11.30 -96.71 103.36
CA MET BA 90 -11.39 -96.57 104.81
C MET BA 90 -10.07 -96.00 105.30
N ILE BA 91 -10.11 -94.89 106.02
CA ILE BA 91 -8.92 -94.13 106.38
C ILE BA 91 -8.92 -93.88 107.88
N GLU BA 92 -7.72 -93.64 108.40
CA GLU BA 92 -7.49 -93.26 109.78
C GLU BA 92 -6.97 -91.83 109.82
N ILE BA 93 -7.34 -91.10 110.87
CA ILE BA 93 -6.99 -89.70 111.02
C ILE BA 93 -6.41 -89.50 112.42
N THR BA 94 -5.21 -88.92 112.47
CA THR BA 94 -4.55 -88.60 113.73
C THR BA 94 -4.08 -87.15 113.66
N ALA BA 95 -4.75 -86.26 114.37
CA ALA BA 95 -4.39 -84.85 114.35
C ALA BA 95 -3.02 -84.66 115.00
N THR BA 96 -2.21 -83.79 114.39
CA THR BA 96 -0.89 -83.49 114.90
C THR BA 96 -0.87 -82.28 115.82
N SER BA 97 -1.99 -81.59 115.99
CA SER BA 97 -2.05 -80.39 116.82
C SER BA 97 -3.26 -80.46 117.74
N GLU BA 98 -3.10 -79.86 118.92
CA GLU BA 98 -4.17 -79.90 119.91
C GLU BA 98 -5.36 -79.05 119.51
N ASP BA 99 -5.12 -77.95 118.80
CA ASP BA 99 -6.20 -77.05 118.42
C ASP BA 99 -7.15 -77.69 117.41
N ALA BA 100 -6.73 -78.77 116.76
CA ALA BA 100 -7.61 -79.43 115.80
C ALA BA 100 -8.80 -80.05 116.52
N PRO BA 101 -10.03 -79.76 116.10
CA PRO BA 101 -11.19 -80.37 116.76
C PRO BA 101 -11.24 -81.87 116.53
N ALA BA 102 -11.71 -82.58 117.55
CA ALA BA 102 -11.91 -84.02 117.44
C ALA BA 102 -13.12 -84.38 116.59
N VAL BA 103 -13.96 -83.42 116.27
CA VAL BA 103 -15.12 -83.64 115.41
C VAL BA 103 -14.89 -82.85 114.13
N ILE BA 104 -14.73 -83.56 113.03
CA ILE BA 104 -14.52 -82.95 111.72
C ILE BA 104 -15.88 -82.67 111.11
N PRO BA 105 -16.19 -81.44 110.72
CA PRO BA 105 -17.54 -81.13 110.22
C PRO BA 105 -17.85 -81.90 108.94
N LYS BA 106 -19.12 -81.82 108.56
CA LYS BA 106 -19.64 -82.62 107.45
C LYS BA 106 -19.09 -82.13 106.11
N ASN BA 107 -18.71 -83.09 105.27
CA ASN BA 107 -18.25 -82.83 103.91
C ASN BA 107 -17.04 -81.89 103.87
N MET BA 108 -15.96 -82.36 104.45
CA MET BA 108 -14.71 -81.62 104.32
C MET BA 108 -13.92 -82.14 103.12
N PRO BA 109 -13.41 -81.25 102.28
CA PRO BA 109 -12.72 -81.69 101.07
C PRO BA 109 -11.38 -82.33 101.39
N LEU BA 110 -10.90 -83.12 100.43
CA LEU BA 110 -9.65 -83.85 100.56
C LEU BA 110 -9.09 -84.12 99.18
N ILE BA 111 -7.77 -84.18 99.09
CA ILE BA 111 -7.10 -84.57 97.85
C ILE BA 111 -6.25 -85.80 98.15
N SER BA 112 -6.17 -86.68 97.16
CA SER BA 112 -5.38 -87.90 97.27
C SER BA 112 -4.00 -87.69 96.69
N ASP BA 113 -3.09 -88.63 97.02
CA ASP BA 113 -1.72 -88.53 96.52
C ASP BA 113 -1.67 -88.63 95.00
N ASP BA 114 -2.61 -89.37 94.40
CA ASP BA 114 -2.73 -89.46 92.95
C ASP BA 114 -3.53 -88.30 92.37
N GLN BA 115 -3.69 -87.22 93.13
CA GLN BA 115 -4.35 -85.99 92.67
C GLN BA 115 -5.79 -86.29 92.23
N TYR BA 116 -6.59 -86.73 93.21
CA TYR BA 116 -8.01 -86.98 92.98
C TYR BA 116 -8.82 -86.40 94.13
N PRO BA 117 -9.93 -85.75 93.84
CA PRO BA 117 -10.75 -85.16 94.91
C PRO BA 117 -11.55 -86.23 95.63
N TYR BA 118 -11.57 -86.13 96.96
CA TYR BA 118 -12.30 -87.05 97.80
C TYR BA 118 -13.10 -86.27 98.83
N MET BA 119 -14.22 -86.85 99.25
CA MET BA 119 -15.12 -86.17 100.16
C MET BA 119 -15.67 -87.15 101.18
N THR BA 120 -15.75 -86.70 102.42
CA THR BA 120 -16.33 -87.51 103.48
C THR BA 120 -17.83 -87.62 103.29
N MET BA 121 -18.36 -88.81 103.55
CA MET BA 121 -19.80 -89.04 103.46
C MET BA 121 -20.52 -88.74 104.77
N ASP BA 122 -19.78 -88.40 105.83
CA ASP BA 122 -20.37 -88.18 107.14
C ASP BA 122 -19.40 -87.38 108.00
N VAL BA 123 -19.82 -87.09 109.22
CA VAL BA 123 -19.01 -86.34 110.17
C VAL BA 123 -17.98 -87.26 110.81
N CYS BA 124 -16.72 -86.87 110.74
CA CYS BA 124 -15.65 -87.65 111.35
C CYS BA 124 -15.46 -87.25 112.81
N ARG BA 125 -15.28 -88.26 113.66
CA ARG BA 125 -15.09 -88.07 115.07
C ARG BA 125 -13.73 -88.63 115.47
N LEU BA 126 -12.97 -87.87 116.24
CA LEU BA 126 -11.67 -88.30 116.72
C LEU BA 126 -11.78 -88.68 118.18
N VAL BA 127 -11.37 -89.91 118.49
CA VAL BA 127 -11.31 -90.38 119.87
C VAL BA 127 -9.95 -89.94 120.41
N ASP BA 128 -9.94 -88.82 121.13
CA ASP BA 128 -8.71 -88.20 121.63
C ASP BA 128 -7.74 -87.95 120.47
N GLY BA 129 -8.26 -87.30 119.42
CA GLY BA 129 -7.47 -86.97 118.26
C GLY BA 129 -7.28 -88.10 117.27
N THR BA 130 -7.85 -89.28 117.53
CA THR BA 130 -7.73 -90.43 116.66
C THR BA 130 -9.10 -90.87 116.20
N GLY BA 131 -9.29 -91.02 114.89
CA GLY BA 131 -10.56 -91.43 114.35
C GLY BA 131 -10.37 -92.22 113.07
N THR BA 132 -11.48 -92.81 112.61
CA THR BA 132 -11.49 -93.52 111.34
C THR BA 132 -12.78 -93.17 110.59
N VAL BA 133 -12.68 -93.08 109.27
CA VAL BA 133 -13.84 -92.71 108.45
C VAL BA 133 -13.69 -93.33 107.07
N GLU BA 134 -14.82 -93.57 106.42
CA GLU BA 134 -14.85 -93.96 105.02
C GLU BA 134 -15.03 -92.70 104.17
N VAL BA 135 -14.20 -92.56 103.16
CA VAL BA 135 -14.23 -91.40 102.26
C VAL BA 135 -14.19 -91.91 100.83
N ALA BA 136 -15.04 -91.35 99.98
CA ALA BA 136 -15.13 -91.75 98.58
C ALA BA 136 -14.64 -90.64 97.67
N GLN BA 137 -14.30 -91.03 96.45
CA GLN BA 137 -13.84 -90.07 95.45
C GLN BA 137 -15.03 -89.25 94.96
N LEU BA 138 -15.28 -88.13 95.61
CA LEU BA 138 -16.44 -87.30 95.32
C LEU BA 138 -16.01 -85.85 95.14
N GLU BA 139 -16.65 -85.16 94.19
CA GLU BA 139 -16.34 -83.78 93.90
C GLU BA 139 -17.63 -83.04 93.56
N ILE BA 140 -17.53 -81.71 93.50
CA ILE BA 140 -18.67 -80.83 93.45
C ILE BA 140 -18.58 -79.93 92.22
N GLN BA 141 -19.69 -79.81 91.50
CA GLN BA 141 -19.84 -78.81 90.46
C GLN BA 141 -21.21 -78.16 90.60
N GLU BA 142 -21.33 -76.94 90.09
CA GLU BA 142 -22.60 -76.24 90.12
C GLU BA 142 -22.68 -75.28 88.96
N VAL BA 143 -23.87 -75.18 88.36
CA VAL BA 143 -24.14 -74.22 87.30
C VAL BA 143 -25.42 -73.48 87.64
N THR BA 144 -25.39 -72.16 87.51
CA THR BA 144 -26.54 -71.32 87.77
C THR BA 144 -26.92 -70.58 86.51
N TYR BA 145 -28.21 -70.58 86.18
CA TYR BA 145 -28.74 -69.87 85.02
C TYR BA 145 -29.95 -69.06 85.45
N THR BA 146 -30.25 -68.01 84.68
CA THR BA 146 -31.39 -67.15 84.95
C THR BA 146 -32.32 -67.14 83.75
N VAL BA 147 -33.60 -67.38 83.99
CA VAL BA 147 -34.57 -67.38 82.91
C VAL BA 147 -34.76 -65.96 82.40
N THR BA 148 -34.72 -65.80 81.08
CA THR BA 148 -34.85 -64.50 80.44
C THR BA 148 -36.05 -64.39 79.50
N ALA BA 149 -36.55 -65.50 78.96
CA ALA BA 149 -37.68 -65.49 78.05
C ALA BA 149 -38.66 -66.59 78.45
N ALA BA 150 -39.84 -66.54 77.85
CA ALA BA 150 -40.91 -67.49 78.14
C ALA BA 150 -41.06 -68.47 76.98
N LYS BA 151 -40.67 -69.72 77.21
CA LYS BA 151 -40.89 -70.80 76.26
C LYS BA 151 -41.46 -72.01 76.98
N GLU BA 152 -42.48 -72.63 76.38
CA GLU BA 152 -43.02 -73.87 76.91
C GLU BA 152 -41.93 -74.94 76.89
N PHE BA 153 -41.95 -75.81 77.90
CA PHE BA 153 -40.97 -76.88 78.03
C PHE BA 153 -39.56 -76.31 78.16
N LEU BA 154 -39.36 -75.61 79.28
CA LEU BA 154 -38.07 -75.01 79.57
C LEU BA 154 -36.98 -76.07 79.51
N GLU BA 155 -35.88 -75.76 78.83
CA GLU BA 155 -34.85 -76.74 78.52
C GLU BA 155 -33.50 -76.27 79.04
N VAL BA 156 -32.73 -77.21 79.56
CA VAL BA 156 -31.37 -76.93 80.02
C VAL BA 156 -30.45 -78.03 79.52
N VAL BA 157 -29.26 -77.63 79.06
CA VAL BA 157 -28.32 -78.52 78.40
C VAL BA 157 -27.03 -78.57 79.21
N LEU BA 158 -26.33 -79.70 79.12
CA LEU BA 158 -25.12 -79.95 79.87
C LEU BA 158 -24.00 -80.31 78.91
N SER BA 159 -22.77 -80.32 79.43
CA SER BA 159 -21.58 -80.58 78.63
C SER BA 159 -20.96 -81.92 79.01
N LYS BA 160 -20.50 -82.66 78.01
CA LYS BA 160 -19.84 -83.93 78.30
C LYS BA 160 -18.66 -83.77 79.24
N ALA BA 161 -18.01 -82.59 79.21
CA ALA BA 161 -16.87 -82.37 80.09
C ALA BA 161 -17.21 -82.70 81.53
N LEU BA 162 -18.43 -82.36 81.96
CA LEU BA 162 -18.88 -82.67 83.31
C LEU BA 162 -19.74 -83.93 83.38
N THR BA 163 -20.46 -84.27 82.30
CA THR BA 163 -21.27 -85.47 82.36
C THR BA 163 -20.43 -86.73 82.33
N ALA BA 164 -19.17 -86.64 81.92
CA ALA BA 164 -18.29 -87.79 81.93
C ALA BA 164 -17.96 -88.23 83.34
N VAL BA 165 -18.13 -87.35 84.33
CA VAL BA 165 -17.88 -87.69 85.72
C VAL BA 165 -19.11 -87.51 86.61
N CYS BA 166 -20.21 -86.99 86.07
CA CYS BA 166 -21.39 -86.76 86.89
C CYS BA 166 -21.89 -88.06 87.51
N TYR BA 167 -22.33 -87.97 88.74
CA TYR BA 167 -22.92 -89.11 89.45
C TYR BA 167 -24.28 -88.78 90.06
N LYS BA 168 -24.47 -87.57 90.57
CA LYS BA 168 -25.71 -87.22 91.22
C LYS BA 168 -26.11 -85.80 90.82
N LEU BA 169 -27.40 -85.59 90.60
CA LEU BA 169 -27.93 -84.32 90.13
C LEU BA 169 -28.92 -83.74 91.13
N GLU BA 170 -28.91 -82.42 91.27
CA GLU BA 170 -29.82 -81.70 92.14
C GLU BA 170 -30.31 -80.46 91.42
N VAL BA 171 -31.62 -80.25 91.44
CA VAL BA 171 -32.27 -79.18 90.69
C VAL BA 171 -32.95 -78.25 91.68
N PHE BA 172 -32.51 -76.99 91.70
CA PHE BA 172 -33.09 -75.97 92.56
C PHE BA 172 -33.68 -74.86 91.71
N VAL BA 173 -34.92 -74.49 91.99
CA VAL BA 173 -35.57 -73.36 91.33
C VAL BA 173 -35.71 -72.25 92.35
N THR BA 174 -34.99 -71.16 92.13
CA THR BA 174 -35.03 -70.00 93.02
C THR BA 174 -35.88 -68.93 92.34
N THR BA 175 -37.11 -68.79 92.81
CA THR BA 175 -38.07 -67.83 92.29
C THR BA 175 -38.22 -66.71 93.31
N ASP BA 176 -37.79 -65.51 92.93
CA ASP BA 176 -37.92 -64.32 93.78
C ASP BA 176 -37.32 -64.57 95.16
N GLY BA 177 -36.20 -65.26 95.19
CA GLY BA 177 -35.50 -65.54 96.43
C GLY BA 177 -35.93 -66.78 97.16
N LYS BA 178 -36.95 -67.50 96.69
CA LYS BA 178 -37.41 -68.72 97.32
C LYS BA 178 -36.89 -69.90 96.52
N THR BA 179 -36.01 -70.69 97.14
CA THR BA 179 -35.37 -71.80 96.46
C THR BA 179 -36.06 -73.10 96.85
N THR BA 180 -36.49 -73.86 95.83
CA THR BA 180 -37.18 -75.13 96.02
C THR BA 180 -36.45 -76.21 95.26
N GLN BA 181 -36.18 -77.33 95.92
CA GLN BA 181 -35.58 -78.47 95.25
C GLN BA 181 -36.67 -79.22 94.51
N TRP BA 182 -36.63 -79.19 93.19
CA TRP BA 182 -37.66 -79.81 92.38
C TRP BA 182 -37.46 -81.32 92.26
N SER BA 183 -38.57 -82.04 92.20
CA SER BA 183 -38.57 -83.47 91.98
C SER BA 183 -38.69 -83.78 90.48
N SER BA 184 -38.28 -84.98 90.12
CA SER BA 184 -38.29 -85.42 88.73
C SER BA 184 -39.12 -86.69 88.60
N SER BA 185 -40.10 -86.68 87.69
CA SER BA 185 -40.82 -87.88 87.31
C SER BA 185 -40.69 -88.02 85.81
N THR BA 186 -40.26 -89.20 85.36
CA THR BA 186 -40.01 -89.39 83.94
C THR BA 186 -41.28 -89.21 83.13
N MET BA 187 -41.12 -88.67 81.92
CA MET BA 187 -42.20 -88.61 80.93
C MET BA 187 -43.43 -87.92 81.52
N PHE BA 188 -43.18 -87.06 82.50
CA PHE BA 188 -44.21 -86.20 83.10
C PHE BA 188 -45.33 -87.04 83.72
N ARG BA 189 -44.96 -88.15 84.32
CA ARG BA 189 -45.93 -88.98 85.01
C ARG BA 189 -46.28 -88.41 86.38
N LEU BA 190 -47.58 -88.44 86.69
CA LEU BA 190 -48.14 -87.87 87.91
C LEU BA 190 -47.86 -86.38 88.01
N ALA BA 191 -47.75 -85.73 86.86
CA ALA BA 191 -47.45 -84.30 86.80
C ALA BA 191 -48.74 -83.53 86.67
N GLY BA 192 -49.06 -82.72 87.68
CA GLY BA 192 -50.21 -81.86 87.63
C GLY BA 192 -49.92 -80.58 86.86
N SER BA 193 -50.84 -79.62 86.99
CA SER BA 193 -50.68 -78.35 86.30
C SER BA 193 -49.43 -77.62 86.78
N LYS BA 194 -49.26 -77.52 88.10
CA LYS BA 194 -48.17 -76.75 88.69
C LYS BA 194 -47.20 -77.64 89.46
N SER BA 195 -46.99 -78.87 88.99
CA SER BA 195 -46.11 -79.80 89.68
C SER BA 195 -44.66 -79.42 89.46
N GLN BA 196 -43.88 -79.41 90.54
CA GLN BA 196 -42.45 -79.10 90.48
C GLN BA 196 -41.71 -80.31 89.91
N VAL BA 197 -41.88 -80.51 88.61
CA VAL BA 197 -41.45 -81.73 87.94
C VAL BA 197 -40.60 -81.36 86.74
N TYR BA 198 -39.63 -82.22 86.43
CA TYR BA 198 -38.78 -82.07 85.26
C TYR BA 198 -38.35 -83.45 84.80
N VAL BA 199 -38.00 -83.54 83.52
CA VAL BA 199 -37.56 -84.80 82.92
C VAL BA 199 -36.16 -84.62 82.35
N GLU BA 200 -35.27 -85.55 82.68
CA GLU BA 200 -33.90 -85.53 82.20
C GLU BA 200 -33.69 -86.66 81.21
N PHE BA 201 -32.78 -86.42 80.26
CA PHE BA 201 -32.63 -87.30 79.11
C PHE BA 201 -31.23 -87.19 78.54
N TYR BA 202 -30.84 -88.22 77.80
CA TYR BA 202 -29.61 -88.23 77.03
C TYR BA 202 -29.87 -87.60 75.66
N LYS BA 203 -28.79 -87.43 74.90
CA LYS BA 203 -28.91 -86.91 73.57
C LYS BA 203 -27.79 -87.58 72.78
N PRO BA 204 -28.10 -88.10 71.58
CA PRO BA 204 -27.17 -88.99 70.86
C PRO BA 204 -25.75 -88.49 70.73
N SER BA 205 -25.53 -87.18 70.81
CA SER BA 205 -24.18 -86.67 70.91
C SER BA 205 -23.68 -86.68 72.34
N GLU BA 206 -24.25 -87.57 73.15
CA GLU BA 206 -23.91 -87.73 74.56
C GLU BA 206 -24.26 -86.50 75.36
N GLN BA 207 -25.05 -85.60 74.79
CA GLN BA 207 -25.51 -84.45 75.55
C GLN BA 207 -26.48 -84.88 76.63
N LEU BA 208 -26.63 -84.02 77.63
CA LEU BA 208 -27.59 -84.23 78.71
C LEU BA 208 -28.54 -83.05 78.74
N GLY BA 209 -29.84 -83.34 78.87
CA GLY BA 209 -30.82 -82.28 78.82
C GLY BA 209 -31.94 -82.52 79.82
N VAL BA 210 -32.60 -81.43 80.17
CA VAL BA 210 -33.75 -81.50 81.07
C VAL BA 210 -34.82 -80.55 80.56
N ARG BA 211 -36.07 -80.99 80.66
CA ARG BA 211 -37.23 -80.25 80.18
C ARG BA 211 -38.25 -80.11 81.30
N PHE BA 212 -38.96 -79.00 81.27
CA PHE BA 212 -39.95 -78.62 82.26
C PHE BA 212 -41.34 -78.61 81.65
N GLY BA 213 -42.33 -78.23 82.45
CA GLY BA 213 -43.72 -78.41 82.09
C GLY BA 213 -44.24 -77.39 81.10
N ASP BA 214 -45.49 -77.62 80.69
CA ASP BA 214 -46.22 -76.74 79.79
C ASP BA 214 -47.24 -75.88 80.52
N GLY BA 215 -47.27 -75.94 81.84
CA GLY BA 215 -48.32 -75.31 82.63
C GLY BA 215 -49.54 -76.20 82.72
N LEU BA 216 -49.93 -76.81 81.60
CA LEU BA 216 -51.00 -77.79 81.62
C LEU BA 216 -50.57 -79.03 82.38
N ILE BA 217 -49.37 -79.53 82.10
CA ILE BA 217 -48.81 -80.71 82.75
C ILE BA 217 -47.40 -80.34 83.16
N GLY BA 218 -47.23 -79.92 84.41
CA GLY BA 218 -45.92 -79.53 84.91
C GLY BA 218 -45.84 -78.03 85.12
N GLN BA 219 -45.22 -77.64 86.24
CA GLN BA 219 -45.09 -76.23 86.56
C GLN BA 219 -44.11 -75.55 85.64
N ILE BA 220 -44.48 -74.37 85.15
CA ILE BA 220 -43.59 -73.52 84.35
C ILE BA 220 -42.88 -72.57 85.31
N PRO BA 221 -41.55 -72.61 85.41
CA PRO BA 221 -40.84 -71.63 86.22
C PRO BA 221 -41.10 -70.22 85.72
N PRO BA 222 -41.28 -69.27 86.62
CA PRO BA 222 -41.60 -67.90 86.21
C PRO BA 222 -40.39 -67.16 85.67
N GLU BA 223 -40.68 -66.10 84.91
CA GLU BA 223 -39.63 -65.27 84.34
C GLU BA 223 -38.87 -64.52 85.43
N GLY BA 224 -37.56 -64.37 85.22
CA GLY BA 224 -36.70 -63.69 86.16
C GLY BA 224 -36.17 -64.56 87.27
N SER BA 225 -36.62 -65.81 87.36
CA SER BA 225 -36.13 -66.72 88.37
C SER BA 225 -34.81 -67.34 87.93
N THR BA 226 -34.24 -68.17 88.78
CA THR BA 226 -32.95 -68.80 88.52
C THR BA 226 -33.08 -70.31 88.73
N ILE BA 227 -32.24 -71.04 88.01
CA ILE BA 227 -32.16 -72.49 88.10
C ILE BA 227 -30.73 -72.87 88.49
N THR BA 228 -30.62 -73.78 89.44
CA THR BA 228 -29.33 -74.21 89.99
C THR BA 228 -29.21 -75.71 89.78
N LEU BA 229 -28.14 -76.13 89.12
CA LEU BA 229 -27.81 -77.53 88.92
C LEU BA 229 -26.59 -77.84 89.76
N LYS BA 230 -26.80 -78.63 90.81
CA LYS BA 230 -25.71 -79.19 91.60
C LYS BA 230 -25.37 -80.56 91.05
N VAL BA 231 -24.08 -80.81 90.85
CA VAL BA 231 -23.62 -82.04 90.23
C VAL BA 231 -22.55 -82.63 91.13
N TRP BA 232 -22.86 -83.74 91.79
CA TRP BA 232 -21.86 -84.50 92.50
C TRP BA 232 -21.18 -85.44 91.52
N CYS BA 233 -19.89 -85.24 91.29
CA CYS BA 233 -19.15 -85.96 90.29
C CYS BA 233 -18.18 -86.95 90.91
N THR BA 234 -17.84 -87.98 90.14
CA THR BA 234 -16.83 -88.94 90.53
C THR BA 234 -16.18 -89.48 89.27
N ASN BA 235 -14.95 -89.97 89.43
CA ASN BA 235 -14.20 -90.54 88.32
C ASN BA 235 -14.39 -92.04 88.18
N GLY BA 236 -15.30 -92.63 88.96
CA GLY BA 236 -15.57 -94.04 88.85
C GLY BA 236 -14.88 -94.87 89.93
N ASP BA 237 -14.39 -96.04 89.56
CA ASP BA 237 -13.71 -96.93 90.51
C ASP BA 237 -12.23 -96.55 90.59
N ILE BA 238 -11.97 -95.42 91.25
CA ILE BA 238 -10.61 -94.96 91.49
C ILE BA 238 -10.08 -95.71 92.71
N THR BA 239 -9.19 -96.68 92.47
CA THR BA 239 -8.64 -97.52 93.52
C THR BA 239 -7.21 -97.08 93.83
N LEU BA 240 -6.93 -96.88 95.12
CA LEU BA 240 -5.61 -96.47 95.56
C LEU BA 240 -5.13 -97.40 96.67
N VAL BA 241 -3.82 -97.68 96.67
CA VAL BA 241 -3.24 -98.58 97.65
C VAL BA 241 -3.36 -97.98 99.05
N ALA BA 242 -3.63 -98.82 100.03
CA ALA BA 242 -3.69 -98.37 101.41
C ALA BA 242 -2.28 -98.07 101.93
N GLY BA 243 -2.23 -97.36 103.06
CA GLY BA 243 -0.97 -97.00 103.67
C GLY BA 243 -0.36 -95.70 103.18
N GLN BA 244 -1.13 -94.84 102.54
CA GLN BA 244 -0.65 -93.57 102.05
C GLN BA 244 -1.38 -92.42 102.74
N ASN BA 245 -0.70 -91.28 102.83
CA ASN BA 245 -1.25 -90.14 103.55
C ASN BA 245 -2.15 -89.32 102.63
N LEU BA 246 -2.99 -88.50 103.25
CA LEU BA 246 -3.98 -87.71 102.55
C LEU BA 246 -3.78 -86.24 102.86
N THR BA 247 -3.99 -85.40 101.85
CA THR BA 247 -3.78 -83.96 102.02
C THR BA 247 -5.09 -83.21 101.92
N PRO BA 248 -5.61 -82.66 103.01
CA PRO BA 248 -6.78 -81.79 102.91
C PRO BA 248 -6.45 -80.54 102.11
N VAL BA 249 -7.46 -80.01 101.43
CA VAL BA 249 -7.30 -78.88 100.53
C VAL BA 249 -8.48 -77.93 100.72
N ASP BA 250 -8.43 -76.80 100.01
CA ASP BA 250 -9.50 -75.80 99.97
C ASP BA 250 -9.67 -75.26 101.39
N SER BA 251 -10.91 -75.17 101.90
CA SER BA 251 -11.10 -74.66 103.26
C SER BA 251 -10.45 -75.57 104.29
N ALA BA 252 -10.26 -76.85 103.98
CA ALA BA 252 -9.62 -77.78 104.89
C ALA BA 252 -8.11 -77.68 104.88
N ALA BA 253 -7.54 -76.92 103.95
CA ALA BA 253 -6.09 -76.76 103.92
C ALA BA 253 -5.56 -76.11 105.19
N ASN BA 254 -6.39 -75.33 105.87
CA ASN BA 254 -5.98 -74.74 107.14
C ASN BA 254 -5.63 -75.81 108.16
N LEU BA 255 -6.45 -76.85 108.25
CA LEU BA 255 -6.20 -77.97 109.14
C LEU BA 255 -5.37 -79.06 108.49
N ALA BA 256 -5.04 -78.91 107.21
CA ALA BA 256 -4.23 -79.92 106.53
C ALA BA 256 -2.87 -80.07 107.21
N ASN BA 257 -2.25 -78.95 107.57
CA ASN BA 257 -0.96 -78.98 108.23
C ASN BA 257 -1.06 -79.27 109.72
N LEU BA 258 -2.25 -79.29 110.29
CA LEU BA 258 -2.42 -79.57 111.71
C LEU BA 258 -2.92 -80.98 111.99
N ILE BA 259 -3.46 -81.67 110.98
CA ILE BA 259 -4.05 -82.99 111.14
C ILE BA 259 -3.39 -83.95 110.16
N SER BA 260 -3.05 -85.14 110.65
CA SER BA 260 -2.47 -86.19 109.81
C SER BA 260 -3.52 -87.24 109.51
N VAL BA 261 -3.64 -87.58 108.22
CA VAL BA 261 -4.61 -88.57 107.76
C VAL BA 261 -3.87 -89.63 106.97
N LYS BA 262 -4.05 -90.89 107.34
CA LYS BA 262 -3.42 -92.02 106.67
C LYS BA 262 -4.48 -93.05 106.35
N THR BA 263 -4.49 -93.55 105.11
CA THR BA 263 -5.46 -94.57 104.75
C THR BA 263 -5.02 -95.93 105.25
N THR BA 264 -6.01 -96.77 105.54
CA THR BA 264 -5.77 -98.13 106.01
C THR BA 264 -6.35 -99.20 105.09
N THR BA 265 -7.25 -98.83 104.19
CA THR BA 265 -7.91 -99.78 103.31
C THR BA 265 -7.82 -99.30 101.86
N PRO BA 266 -7.53 -100.20 100.93
CA PRO BA 266 -7.56 -99.81 99.52
C PRO BA 266 -8.93 -99.28 99.12
N ILE BA 267 -8.93 -98.24 98.29
CA ILE BA 267 -10.17 -97.58 97.91
C ILE BA 267 -10.91 -98.49 96.94
N THR BA 268 -12.04 -99.03 97.37
CA THR BA 268 -12.79 -99.98 96.55
C THR BA 268 -14.25 -99.55 96.43
N ALA BA 269 -15.08 -100.47 95.92
CA ALA BA 269 -16.52 -100.24 95.82
C ALA BA 269 -16.85 -99.06 94.92
N GLY BA 270 -16.16 -98.98 93.79
CA GLY BA 270 -16.45 -97.97 92.78
C GLY BA 270 -16.91 -98.65 91.50
N THR BA 271 -17.77 -97.95 90.77
CA THR BA 271 -18.26 -98.43 89.49
C THR BA 271 -18.02 -97.37 88.43
N ASP BA 272 -17.91 -97.82 87.19
CA ASP BA 272 -17.66 -96.96 86.04
C ASP BA 272 -18.89 -96.95 85.14
N ALA BA 273 -18.78 -96.27 84.01
CA ALA BA 273 -19.87 -96.22 83.05
C ALA BA 273 -19.99 -97.56 82.31
N GLU BA 274 -21.22 -97.94 82.03
CA GLU BA 274 -21.54 -99.19 81.36
C GLU BA 274 -21.31 -99.09 79.85
N THR BA 275 -21.13 -100.24 79.21
CA THR BA 275 -20.69 -100.30 77.83
C THR BA 275 -21.85 -100.07 76.86
N THR BA 276 -21.47 -99.80 75.61
CA THR BA 276 -22.46 -99.47 74.59
C THR BA 276 -23.40 -100.63 74.31
N GLU BA 277 -22.86 -101.84 74.20
CA GLU BA 277 -23.72 -102.99 73.92
C GLU BA 277 -24.67 -103.25 75.06
N ILE BA 278 -24.20 -103.14 76.31
CA ILE BA 278 -25.10 -103.38 77.43
C ILE BA 278 -26.14 -102.28 77.52
N THR BA 279 -25.78 -101.05 77.14
CA THR BA 279 -26.78 -99.98 77.07
C THR BA 279 -27.84 -100.30 76.02
N ARG BA 280 -27.41 -100.80 74.87
CA ARG BA 280 -28.36 -101.19 73.83
C ARG BA 280 -29.29 -102.29 74.34
N ASN BA 281 -28.73 -103.29 75.00
CA ASN BA 281 -29.52 -104.40 75.52
C ASN BA 281 -30.53 -103.93 76.57
N ARG BA 282 -30.08 -103.09 77.49
CA ARG BA 282 -30.99 -102.52 78.48
C ARG BA 282 -32.01 -101.62 77.83
N ALA BA 283 -31.67 -101.00 76.69
CA ALA BA 283 -32.64 -100.19 75.96
C ALA BA 283 -33.76 -101.07 75.41
N GLN BA 284 -33.39 -102.18 74.77
CA GLN BA 284 -34.42 -103.10 74.30
C GLN BA 284 -35.25 -103.65 75.45
N TYR BA 285 -34.59 -104.03 76.54
CA TYR BA 285 -35.34 -104.62 77.63
C TYR BA 285 -36.18 -103.57 78.35
N TYR BA 286 -35.81 -102.30 78.30
CA TYR BA 286 -36.67 -101.25 78.81
C TYR BA 286 -37.84 -100.99 77.89
N LEU BA 287 -37.64 -101.10 76.58
CA LEU BA 287 -38.76 -101.06 75.66
C LEU BA 287 -39.76 -102.15 76.01
N ALA BA 288 -39.25 -103.33 76.37
CA ALA BA 288 -40.11 -104.36 76.93
C ALA BA 288 -40.70 -103.93 78.27
N TYR BA 289 -39.91 -103.21 79.07
CA TYR BA 289 -40.33 -102.82 80.41
C TYR BA 289 -41.50 -101.85 80.38
N ASP BA 290 -41.65 -101.10 79.30
CA ASP BA 290 -42.82 -100.25 79.05
C ASP BA 290 -43.02 -99.19 80.12
N ASP BA 291 -41.92 -98.73 80.74
CA ASP BA 291 -41.94 -97.60 81.67
C ASP BA 291 -42.94 -97.82 82.80
N GLN BA 292 -42.98 -99.04 83.34
CA GLN BA 292 -43.90 -99.33 84.43
C GLN BA 292 -43.40 -100.52 85.23
N VAL BA 293 -43.58 -100.46 86.54
CA VAL BA 293 -43.16 -101.51 87.45
C VAL BA 293 -44.38 -102.38 87.71
N VAL BA 294 -44.51 -103.47 86.95
CA VAL BA 294 -45.68 -104.33 87.09
C VAL BA 294 -45.29 -105.79 87.33
N TRP BA 295 -44.42 -106.34 86.50
CA TRP BA 295 -44.16 -107.78 86.51
C TRP BA 295 -42.76 -108.08 87.02
N GLY BA 296 -42.49 -109.38 87.17
CA GLY BA 296 -41.25 -109.83 87.79
C GLY BA 296 -40.03 -109.50 86.96
N GLY BA 297 -40.14 -109.59 85.64
CA GLY BA 297 -39.03 -109.17 84.80
C GLY BA 297 -38.68 -107.71 84.99
N ASP BA 298 -39.71 -106.86 85.08
CA ASP BA 298 -39.49 -105.46 85.39
C ASP BA 298 -38.85 -105.29 86.75
N TYR BA 299 -39.31 -106.07 87.73
CA TYR BA 299 -38.73 -106.00 89.07
C TYR BA 299 -37.25 -106.30 89.03
N THR BA 300 -36.89 -107.41 88.38
CA THR BA 300 -35.49 -107.80 88.27
C THR BA 300 -34.67 -106.75 87.55
N TYR BA 301 -35.23 -106.20 86.48
CA TYR BA 301 -34.50 -105.19 85.70
C TYR BA 301 -34.22 -103.96 86.55
N PHE BA 302 -35.25 -103.48 87.26
CA PHE BA 302 -35.07 -102.34 88.13
C PHE BA 302 -34.05 -102.62 89.22
N LEU BA 303 -34.13 -103.80 89.83
CA LEU BA 303 -33.25 -104.14 90.94
C LEU BA 303 -31.80 -104.23 90.47
N VAL BA 304 -31.57 -104.84 89.31
CA VAL BA 304 -30.20 -104.95 88.81
C VAL BA 304 -29.69 -103.58 88.36
N ARG BA 305 -30.58 -102.73 87.85
CA ARG BA 305 -30.16 -101.36 87.52
C ARG BA 305 -29.75 -100.61 88.77
N ASN BA 306 -30.49 -100.79 89.87
CA ASN BA 306 -30.25 -100.03 91.09
C ASN BA 306 -29.17 -100.63 91.97
N ILE BA 307 -28.80 -101.89 91.76
CA ILE BA 307 -27.78 -102.52 92.60
C ILE BA 307 -26.64 -103.03 91.73
N PRO BA 308 -25.60 -102.23 91.51
CA PRO BA 308 -24.43 -102.73 90.78
C PRO BA 308 -23.66 -103.77 91.59
N GLY BA 309 -22.96 -104.64 90.89
CA GLY BA 309 -22.05 -105.59 91.48
C GLY BA 309 -22.60 -106.99 91.64
N LEU BA 310 -23.91 -107.16 91.63
CA LEU BA 310 -24.49 -108.49 91.74
C LEU BA 310 -24.19 -109.30 90.49
N SER BA 311 -23.88 -110.58 90.68
CA SER BA 311 -23.67 -111.45 89.52
C SER BA 311 -24.95 -111.61 88.71
N TRP BA 312 -26.05 -111.97 89.38
CA TRP BA 312 -27.32 -112.12 88.71
C TRP BA 312 -28.43 -112.19 89.76
N VAL BA 313 -29.66 -112.06 89.29
CA VAL BA 313 -30.83 -112.09 90.16
C VAL BA 313 -31.86 -113.02 89.53
N LYS BA 314 -32.74 -113.56 90.37
CA LYS BA 314 -33.85 -114.38 89.92
C LYS BA 314 -35.05 -114.11 90.82
N ALA BA 315 -36.24 -114.14 90.22
CA ALA BA 315 -37.46 -113.91 90.97
C ALA BA 315 -38.58 -114.71 90.34
N TRP BA 316 -39.52 -115.16 91.16
CA TRP BA 316 -40.65 -115.93 90.72
C TRP BA 316 -41.92 -115.35 91.32
N GLY BA 317 -43.00 -115.37 90.54
CA GLY BA 317 -44.26 -114.79 90.96
C GLY BA 317 -45.02 -115.67 91.92
N GLU BA 318 -46.14 -115.12 92.40
CA GLU BA 318 -46.99 -115.86 93.33
C GLU BA 318 -47.52 -117.13 92.68
N GLY BA 319 -48.03 -117.03 91.46
CA GLY BA 319 -48.54 -118.20 90.77
C GLY BA 319 -47.45 -119.22 90.50
N GLN BA 320 -46.27 -118.76 90.11
CA GLN BA 320 -45.16 -119.67 89.84
C GLN BA 320 -44.74 -120.42 91.10
N GLN BA 321 -44.62 -119.70 92.21
CA GLN BA 321 -44.23 -120.35 93.46
C GLN BA 321 -45.31 -121.32 93.92
N GLU BA 322 -46.58 -120.94 93.76
CA GLU BA 322 -47.66 -121.83 94.16
C GLU BA 322 -47.70 -123.08 93.28
N LYS BA 323 -47.41 -122.93 91.99
CA LYS BA 323 -47.33 -124.09 91.10
C LYS BA 323 -46.18 -125.00 91.49
N LEU BA 324 -45.04 -124.41 91.85
CA LEU BA 324 -43.91 -125.20 92.33
C LEU BA 324 -44.28 -125.97 93.59
N ASP BA 325 -44.97 -125.30 94.51
CA ASP BA 325 -45.26 -125.89 95.81
C ASP BA 325 -46.45 -126.84 95.78
N GLY BA 326 -47.30 -126.75 94.76
CA GLY BA 326 -48.46 -127.62 94.66
C GLY BA 326 -49.60 -127.28 95.59
N ALA BA 327 -49.68 -126.05 96.09
CA ALA BA 327 -50.72 -125.67 97.04
C ALA BA 327 -51.12 -124.22 96.83
N TYR BA 328 -52.33 -123.90 97.27
CA TYR BA 328 -52.86 -122.54 97.16
C TYR BA 328 -52.62 -121.75 98.45
N ASN BA 329 -51.35 -121.70 98.85
CA ASN BA 329 -50.99 -121.12 100.14
C ASN BA 329 -51.38 -119.66 100.22
N VAL BA 330 -52.26 -119.35 101.18
CA VAL BA 330 -52.66 -117.97 101.40
C VAL BA 330 -51.47 -117.14 101.88
N GLN BA 331 -50.57 -117.73 102.66
CA GLN BA 331 -49.37 -117.02 103.06
C GLN BA 331 -48.51 -116.68 101.85
N ASN BA 332 -48.45 -117.59 100.88
CA ASN BA 332 -47.70 -117.36 99.66
C ASN BA 332 -48.44 -116.43 98.70
N ILE BA 333 -49.73 -116.21 98.93
CA ILE BA 333 -50.45 -115.24 98.13
C ILE BA 333 -49.87 -113.86 98.37
N ASN BA 334 -49.64 -113.12 97.28
CA ASN BA 334 -49.00 -111.80 97.32
C ASN BA 334 -47.59 -111.90 97.88
N LYS BA 335 -46.95 -113.05 97.69
CA LYS BA 335 -45.57 -113.29 98.10
C LYS BA 335 -44.75 -113.65 96.87
N ILE BA 336 -43.65 -112.92 96.67
CA ILE BA 336 -42.82 -113.08 95.48
C ILE BA 336 -41.51 -113.71 95.89
N PHE BA 337 -41.19 -114.85 95.27
CA PHE BA 337 -39.89 -115.48 95.47
C PHE BA 337 -38.79 -114.63 94.88
N ILE BA 338 -37.69 -114.49 95.62
CA ILE BA 338 -36.51 -113.79 95.13
C ILE BA 338 -35.25 -114.53 95.56
N SER BA 339 -34.19 -114.36 94.78
CA SER BA 339 -32.88 -114.93 95.04
C SER BA 339 -31.88 -114.21 94.16
N GLY BA 340 -30.60 -114.36 94.48
CA GLY BA 340 -29.58 -113.72 93.69
C GLY BA 340 -28.19 -114.19 94.07
N TRP BA 341 -27.26 -113.97 93.14
CA TRP BA 341 -25.86 -114.31 93.34
C TRP BA 341 -25.01 -113.09 93.08
N HIS BA 342 -23.99 -112.90 93.91
CA HIS BA 342 -23.04 -111.80 93.81
C HIS BA 342 -21.64 -112.39 93.85
N PRO BA 343 -20.73 -111.94 93.00
CA PRO BA 343 -19.36 -112.48 93.02
C PRO BA 343 -18.62 -112.21 94.32
N ASN BA 344 -19.06 -111.23 95.11
CA ASN BA 344 -18.33 -110.84 96.30
C ASN BA 344 -19.18 -110.78 97.57
N LYS BA 345 -20.49 -110.96 97.48
CA LYS BA 345 -21.37 -110.85 98.64
C LYS BA 345 -22.07 -112.16 98.90
N SER BA 346 -22.27 -112.46 100.18
CA SER BA 346 -22.94 -113.69 100.58
C SER BA 346 -24.44 -113.60 100.31
N GLN BA 347 -25.11 -114.73 100.46
CA GLN BA 347 -26.56 -114.77 100.26
C GLN BA 347 -27.28 -113.93 101.30
N SER BA 348 -26.84 -114.00 102.56
CA SER BA 348 -27.44 -113.17 103.60
C SER BA 348 -27.22 -111.69 103.32
N GLU BA 349 -26.01 -111.33 102.88
CA GLU BA 349 -25.73 -109.95 102.51
C GLU BA 349 -26.65 -109.51 101.38
N LEU BA 350 -26.80 -110.35 100.36
CA LEU BA 350 -27.63 -110.00 99.23
C LEU BA 350 -29.08 -109.83 99.67
N GLU BA 351 -29.54 -110.71 100.55
CA GLU BA 351 -30.89 -110.60 101.08
C GLU BA 351 -31.07 -109.29 101.84
N GLU BA 352 -30.07 -108.87 102.60
CA GLU BA 352 -30.26 -107.63 103.34
C GLU BA 352 -30.15 -106.40 102.43
N MET BA 353 -29.29 -106.43 101.41
CA MET BA 353 -29.34 -105.33 100.44
C MET BA 353 -30.70 -105.27 99.76
N ILE BA 354 -31.26 -106.41 99.35
CA ILE BA 354 -32.51 -106.37 98.62
C ILE BA 354 -33.66 -105.95 99.54
N LEU BA 355 -33.63 -106.38 100.79
CA LEU BA 355 -34.64 -105.94 101.75
C LEU BA 355 -34.56 -104.44 101.97
N ALA BA 356 -33.35 -103.90 102.13
CA ALA BA 356 -33.20 -102.46 102.27
C ALA BA 356 -33.68 -101.74 101.02
N ALA BA 357 -33.38 -102.30 99.85
CA ALA BA 357 -33.79 -101.68 98.59
C ALA BA 357 -35.31 -101.61 98.51
N PHE BA 358 -35.99 -102.72 98.82
CA PHE BA 358 -37.44 -102.70 98.78
C PHE BA 358 -38.00 -101.78 99.84
N LYS BA 359 -37.34 -101.65 100.99
CA LYS BA 359 -37.82 -100.74 102.02
C LYS BA 359 -37.75 -99.30 101.54
N LYS BA 360 -36.60 -98.87 101.02
CA LYS BA 360 -36.52 -97.47 100.63
C LYS BA 360 -37.16 -97.19 99.28
N VAL BA 361 -37.50 -98.20 98.50
CA VAL BA 361 -38.30 -98.02 97.29
C VAL BA 361 -39.77 -98.05 97.69
N PRO BA 362 -40.50 -96.95 97.53
CA PRO BA 362 -41.94 -96.95 97.80
C PRO BA 362 -42.82 -97.35 96.62
N ASN BA 363 -42.23 -97.78 95.50
CA ASN BA 363 -43.01 -98.07 94.30
C ASN BA 363 -43.63 -99.45 94.36
N GLU BA 364 -44.36 -99.74 95.43
CA GLU BA 364 -44.99 -101.04 95.61
C GLU BA 364 -46.29 -100.84 96.36
N LEU BA 365 -47.18 -101.83 96.25
CA LEU BA 365 -48.47 -101.79 96.94
C LEU BA 365 -48.74 -103.16 97.55
N ASN BA 366 -48.50 -103.27 98.86
CA ASN BA 366 -48.72 -104.51 99.61
C ASN BA 366 -47.96 -105.69 99.01
N LYS BA 367 -46.79 -105.40 98.44
CA LYS BA 367 -45.99 -106.40 97.74
C LYS BA 367 -45.04 -107.04 98.74
N LYS BA 368 -45.28 -108.31 99.07
CA LYS BA 368 -44.43 -109.03 100.01
C LYS BA 368 -43.43 -109.88 99.24
N PHE BA 369 -42.19 -109.91 99.73
CA PHE BA 369 -41.11 -110.60 99.05
C PHE BA 369 -40.46 -111.60 100.00
N SER BA 370 -40.28 -112.83 99.52
CA SER BA 370 -39.61 -113.88 100.27
C SER BA 370 -38.31 -114.22 99.58
N TYR BA 371 -37.20 -114.09 100.30
CA TYR BA 371 -35.88 -114.37 99.74
C TYR BA 371 -35.41 -115.75 100.15
N LYS BA 372 -34.80 -116.46 99.22
CA LYS BA 372 -34.11 -117.70 99.55
C LYS BA 372 -32.68 -117.63 99.03
N GLU BA 373 -31.77 -118.25 99.77
CA GLU BA 373 -30.38 -118.28 99.37
C GLU BA 373 -30.20 -119.05 98.08
N VAL BA 374 -29.27 -118.60 97.25
CA VAL BA 374 -28.95 -119.29 96.01
C VAL BA 374 -28.02 -120.45 96.33
N ARG BA 375 -28.41 -121.65 95.90
CA ARG BA 375 -27.65 -122.86 96.18
C ARG BA 375 -26.76 -123.19 94.99
N LYS BA 376 -25.46 -123.25 95.24
CA LYS BA 376 -24.51 -123.59 94.19
C LYS BA 376 -24.57 -125.09 93.88
N LEU BA 377 -24.46 -125.42 92.59
CA LEU BA 377 -24.47 -126.81 92.13
C LEU BA 377 -23.24 -127.05 91.26
N PRO BA 378 -22.07 -127.16 91.86
CA PRO BA 378 -20.87 -127.46 91.08
C PRO BA 378 -20.91 -128.86 90.51
N PHE BA 379 -20.29 -129.02 89.34
CA PHE BA 379 -20.14 -130.32 88.72
C PHE BA 379 -18.82 -130.32 87.95
N LYS BA 380 -18.27 -131.51 87.78
CA LYS BA 380 -16.97 -131.64 87.13
C LYS BA 380 -17.13 -132.02 85.67
N ILE BA 381 -16.11 -131.69 84.88
CA ILE BA 381 -16.07 -132.04 83.47
C ILE BA 381 -14.76 -132.76 83.19
N THR BA 382 -14.86 -133.93 82.58
CA THR BA 382 -13.72 -134.69 82.13
C THR BA 382 -13.65 -134.58 80.62
N ILE BA 383 -12.69 -133.82 80.11
CA ILE BA 383 -12.46 -133.69 78.68
C ILE BA 383 -11.35 -134.65 78.31
N THR BA 384 -11.68 -135.65 77.49
CA THR BA 384 -10.73 -136.68 77.09
C THR BA 384 -10.60 -136.68 75.57
N GLY BA 385 -9.37 -136.52 75.09
CA GLY BA 385 -9.16 -136.56 73.65
C GLY BA 385 -7.73 -136.28 73.31
N ARG BA 386 -7.45 -136.27 72.00
CA ARG BA 386 -6.14 -136.00 71.47
C ARG BA 386 -6.15 -134.67 70.74
N ILE BA 387 -5.02 -133.98 70.78
CA ILE BA 387 -4.90 -132.63 70.25
C ILE BA 387 -3.66 -132.57 69.37
N SER BA 388 -3.52 -131.44 68.67
CA SER BA 388 -2.30 -131.20 67.90
C SER BA 388 -1.08 -131.26 68.80
N ALA BA 389 -0.04 -131.94 68.33
CA ALA BA 389 1.19 -132.06 69.10
C ALA BA 389 2.09 -130.84 68.98
N SER BA 390 1.75 -129.88 68.14
CA SER BA 390 2.62 -128.73 67.90
C SER BA 390 2.69 -127.79 69.10
N LEU BA 391 1.69 -127.81 69.98
CA LEU BA 391 1.66 -126.93 71.14
C LEU BA 391 2.07 -127.69 72.40
N THR BA 392 2.64 -126.96 73.35
CA THR BA 392 2.97 -127.55 74.63
C THR BA 392 1.70 -128.01 75.34
N ILE BA 393 1.72 -129.22 75.86
CA ILE BA 393 0.55 -129.75 76.53
C ILE BA 393 0.24 -128.95 77.78
N GLU BA 394 1.27 -128.49 78.48
CA GLU BA 394 1.05 -127.65 79.65
C GLU BA 394 0.40 -126.34 79.26
N ASN BA 395 0.87 -125.72 78.17
CA ASN BA 395 0.27 -124.48 77.72
C ASN BA 395 -1.17 -124.68 77.30
N VAL BA 396 -1.45 -125.80 76.61
CA VAL BA 396 -2.81 -126.08 76.20
C VAL BA 396 -3.70 -126.28 77.41
N THR BA 397 -3.21 -127.00 78.42
CA THR BA 397 -4.00 -127.22 79.63
C THR BA 397 -4.29 -125.91 80.34
N ASP BA 398 -3.28 -125.05 80.45
CA ASP BA 398 -3.48 -123.75 81.09
C ASP BA 398 -4.50 -122.91 80.33
N GLU BA 399 -4.38 -122.88 79.00
CA GLU BA 399 -5.31 -122.12 78.18
C GLU BA 399 -6.72 -122.67 78.33
N LEU BA 400 -6.87 -123.99 78.34
CA LEU BA 400 -8.18 -124.59 78.50
C LEU BA 400 -8.79 -124.25 79.84
N LYS BA 401 -7.98 -124.32 80.91
CA LYS BA 401 -8.49 -123.98 82.23
C LYS BA 401 -8.92 -122.53 82.30
N SER BA 402 -8.12 -121.63 81.74
CA SER BA 402 -8.47 -120.22 81.74
C SER BA 402 -9.76 -119.97 80.96
N ALA BA 403 -9.89 -120.61 79.79
CA ALA BA 403 -11.09 -120.43 78.98
C ALA BA 403 -12.32 -120.96 79.69
N LEU BA 404 -12.19 -122.13 80.33
CA LEU BA 404 -13.34 -122.69 81.05
C LEU BA 404 -13.73 -121.80 82.22
N GLU BA 405 -12.75 -121.28 82.95
CA GLU BA 405 -13.07 -120.38 84.05
C GLU BA 405 -13.74 -119.12 83.54
N THR BA 406 -13.26 -118.60 82.41
CA THR BA 406 -13.87 -117.41 81.82
C THR BA 406 -15.30 -117.67 81.37
N LYS BA 407 -15.54 -118.83 80.78
CA LYS BA 407 -16.82 -119.09 80.13
C LYS BA 407 -17.87 -119.55 81.14
N PHE BA 408 -17.60 -120.64 81.84
CA PHE BA 408 -18.56 -121.26 82.74
C PHE BA 408 -18.00 -121.38 84.15
N GLY BA 409 -17.30 -120.34 84.60
CA GLY BA 409 -16.80 -120.31 85.95
C GLY BA 409 -17.91 -120.03 86.95
N ARG BA 410 -17.53 -120.04 88.23
CA ARG BA 410 -18.49 -119.76 89.28
C ARG BA 410 -19.05 -118.35 89.16
N ASP BA 411 -18.21 -117.38 88.80
CA ASP BA 411 -18.61 -115.99 88.67
C ASP BA 411 -18.54 -115.52 87.22
N SER BA 412 -18.88 -116.41 86.29
CA SER BA 412 -18.78 -116.09 84.88
C SER BA 412 -19.93 -115.19 84.44
N THR BA 413 -19.65 -114.33 83.46
CA THR BA 413 -20.66 -113.46 82.88
C THR BA 413 -21.69 -114.24 82.07
N PHE BA 414 -21.40 -115.50 81.74
CA PHE BA 414 -22.34 -116.29 80.95
C PHE BA 414 -23.70 -116.36 81.59
N PHE BA 415 -23.76 -116.38 82.92
CA PHE BA 415 -25.04 -116.47 83.61
C PHE BA 415 -25.90 -115.24 83.36
N ASP BA 416 -25.29 -114.06 83.30
CA ASP BA 416 -26.00 -112.82 83.03
C ASP BA 416 -25.24 -112.04 81.97
N PRO BA 417 -25.29 -112.51 80.71
CA PRO BA 417 -24.57 -111.82 79.64
C PRO BA 417 -25.28 -110.57 79.14
N ASN BA 418 -26.54 -110.34 79.55
CA ASN BA 418 -27.32 -109.21 79.07
C ASN BA 418 -27.61 -108.16 80.13
N ARG BA 419 -27.48 -108.51 81.41
CA ARG BA 419 -27.63 -107.56 82.51
C ARG BA 419 -29.00 -106.88 82.48
N VAL BA 420 -30.04 -107.65 82.21
CA VAL BA 420 -31.40 -107.14 82.21
C VAL BA 420 -32.30 -108.03 83.06
N GLY BA 421 -31.69 -108.78 83.98
CA GLY BA 421 -32.44 -109.65 84.87
C GLY BA 421 -32.72 -111.04 84.34
N LYS BA 422 -32.23 -111.38 83.16
CA LYS BA 422 -32.47 -112.69 82.55
C LYS BA 422 -31.37 -113.64 82.96
N TYR BA 423 -31.55 -114.32 84.09
CA TYR BA 423 -30.58 -115.29 84.55
C TYR BA 423 -30.73 -116.57 83.76
N ILE BA 424 -29.62 -117.10 83.26
CA ILE BA 424 -29.62 -118.30 82.44
C ILE BA 424 -28.60 -119.28 83.01
N LEU BA 425 -28.78 -120.55 82.66
CA LEU BA 425 -27.95 -121.63 83.17
C LEU BA 425 -27.07 -122.19 82.06
N ILE BA 426 -26.18 -123.08 82.46
CA ILE BA 426 -25.23 -123.73 81.55
C ILE BA 426 -25.89 -124.98 80.96
N LYS BA 427 -25.60 -125.25 79.70
CA LYS BA 427 -26.13 -126.43 79.02
C LYS BA 427 -24.99 -127.27 78.46
N LYS BA 428 -25.23 -128.58 78.37
CA LYS BA 428 -24.25 -129.47 77.75
C LYS BA 428 -24.00 -129.07 76.30
N LYS BA 429 -25.06 -128.71 75.57
CA LYS BA 429 -24.90 -128.19 74.23
C LYS BA 429 -24.06 -126.93 74.23
N ASP BA 430 -24.27 -126.05 75.21
CA ASP BA 430 -23.48 -124.83 75.29
C ASP BA 430 -22.00 -125.14 75.49
N VAL BA 431 -21.70 -126.10 76.39
CA VAL BA 431 -20.31 -126.44 76.67
C VAL BA 431 -19.66 -127.04 75.43
N TRP BA 432 -20.35 -127.97 74.78
CA TRP BA 432 -19.76 -128.62 73.61
C TRP BA 432 -19.59 -127.62 72.47
N ALA BA 433 -20.52 -126.68 72.34
CA ALA BA 433 -20.39 -125.63 71.33
C ALA BA 433 -19.19 -124.73 71.62
N PHE BA 434 -19.00 -124.38 72.89
CA PHE BA 434 -17.87 -123.55 73.26
C PHE BA 434 -16.55 -124.25 72.97
N ILE BA 435 -16.46 -125.53 73.34
CA ILE BA 435 -15.20 -126.24 73.12
C ILE BA 435 -14.96 -126.49 71.63
N GLU BA 436 -16.03 -126.66 70.85
CA GLU BA 436 -15.86 -126.80 69.41
C GLU BA 436 -15.44 -125.48 68.79
N THR BA 437 -15.97 -124.36 69.29
CA THR BA 437 -15.53 -123.05 68.85
C THR BA 437 -14.05 -122.86 69.15
N LEU BA 438 -13.60 -123.35 70.30
CA LEU BA 438 -12.16 -123.41 70.57
C LEU BA 438 -11.45 -124.24 69.50
N GLY BA 439 -11.97 -125.44 69.22
CA GLY BA 439 -11.53 -126.23 68.09
C GLY BA 439 -10.11 -126.72 68.15
N TYR BA 440 -9.47 -126.66 69.32
CA TYR BA 440 -8.08 -127.10 69.42
C TYR BA 440 -7.97 -128.61 69.29
N PHE BA 441 -8.80 -129.35 70.02
CA PHE BA 441 -8.81 -130.80 69.89
C PHE BA 441 -9.33 -131.23 68.53
N ARG BA 442 -8.81 -132.35 68.05
CA ARG BA 442 -9.31 -132.97 66.83
C ARG BA 442 -10.45 -133.93 67.14
N ASP BA 443 -10.35 -134.67 68.23
CA ASP BA 443 -11.43 -135.50 68.73
C ASP BA 443 -11.42 -135.41 70.24
N PHE BA 444 -12.62 -135.49 70.83
CA PHE BA 444 -12.76 -135.23 72.25
C PHE BA 444 -14.08 -135.80 72.74
N TYR BA 445 -14.18 -135.95 74.05
CA TYR BA 445 -15.37 -136.43 74.72
C TYR BA 445 -15.51 -135.74 76.07
N LEU BA 446 -16.75 -135.40 76.42
CA LEU BA 446 -17.04 -134.72 77.68
C LEU BA 446 -17.82 -135.66 78.60
N GLU BA 447 -17.30 -135.85 79.80
CA GLU BA 447 -18.00 -136.55 80.87
C GLU BA 447 -18.44 -135.54 81.91
N PHE BA 448 -19.74 -135.48 82.17
CA PHE BA 448 -20.32 -134.49 83.08
C PHE BA 448 -20.51 -135.14 84.44
N VAL BA 449 -19.44 -135.13 85.23
CA VAL BA 449 -19.47 -135.77 86.54
C VAL BA 449 -20.33 -134.95 87.49
N GLU BA 450 -21.26 -135.63 88.16
CA GLU BA 450 -22.18 -134.99 89.10
C GLU BA 450 -22.96 -133.87 88.43
N TRP BA 451 -23.30 -134.06 87.16
CA TRP BA 451 -24.13 -133.10 86.48
C TRP BA 451 -25.53 -133.06 87.10
N ASN BA 452 -26.04 -131.85 87.28
CA ASN BA 452 -27.38 -131.66 87.82
C ASN BA 452 -28.09 -130.59 87.02
N GLU BA 453 -29.42 -130.62 87.05
CA GLU BA 453 -30.24 -129.66 86.33
C GLU BA 453 -30.88 -128.71 87.33
N SER BA 454 -30.62 -127.41 87.15
CA SER BA 454 -31.09 -126.40 88.10
C SER BA 454 -32.60 -126.30 88.09
N ASN BA 455 -33.17 -126.06 89.27
CA ASN BA 455 -34.61 -125.83 89.38
C ASN BA 455 -35.01 -124.51 88.73
N GLY BA 456 -34.08 -123.58 88.58
CA GLY BA 456 -34.37 -122.27 88.06
C GLY BA 456 -34.74 -121.24 89.11
N PHE BA 457 -35.10 -121.68 90.31
CA PHE BA 457 -35.40 -120.73 91.39
C PHE BA 457 -34.11 -120.23 92.02
N TYR BA 458 -33.32 -121.13 92.60
CA TYR BA 458 -32.11 -120.75 93.31
C TYR BA 458 -30.91 -121.62 93.00
N ASP BA 459 -31.09 -122.76 92.33
CA ASP BA 459 -29.96 -123.63 92.07
C ASP BA 459 -28.96 -122.95 91.14
N PHE BA 460 -27.68 -123.05 91.50
CA PHE BA 460 -26.61 -122.38 90.79
C PHE BA 460 -25.62 -123.43 90.31
N VAL BA 461 -25.83 -123.93 89.09
CA VAL BA 461 -24.97 -124.93 88.50
C VAL BA 461 -23.78 -124.23 87.85
N TYR BA 462 -22.57 -124.70 88.17
CA TYR BA 462 -21.37 -124.13 87.57
C TYR BA 462 -20.32 -125.21 87.49
N LEU BA 463 -19.33 -124.97 86.62
CA LEU BA 463 -18.28 -125.95 86.38
C LEU BA 463 -17.23 -125.88 87.48
N ASP BA 464 -16.81 -127.04 87.98
CA ASP BA 464 -15.68 -127.15 88.88
C ASP BA 464 -14.41 -127.23 88.03
N THR BA 465 -13.87 -126.06 87.69
CA THR BA 465 -12.71 -126.01 86.80
C THR BA 465 -11.49 -126.66 87.43
N GLU BA 466 -11.23 -126.40 88.72
CA GLU BA 466 -10.04 -126.92 89.34
C GLU BA 466 -10.07 -128.44 89.49
N ASN BA 467 -11.24 -129.01 89.75
CA ASN BA 467 -11.37 -130.46 89.82
C ASN BA 467 -11.65 -131.10 88.47
N SER BA 468 -11.70 -130.30 87.40
CA SER BA 468 -11.96 -130.85 86.08
C SER BA 468 -10.80 -131.73 85.63
N THR BA 469 -11.13 -132.73 84.82
CA THR BA 469 -10.16 -133.71 84.34
C THR BA 469 -9.80 -133.42 82.90
N PHE BA 470 -8.51 -133.44 82.60
CA PHE BA 470 -7.98 -133.12 81.27
C PHE BA 470 -7.15 -134.31 80.77
N ASN BA 471 -7.83 -135.28 80.15
CA ASN BA 471 -7.15 -136.41 79.51
C ASN BA 471 -6.72 -135.96 78.11
N ILE BA 472 -5.73 -135.08 78.08
CA ILE BA 472 -5.26 -134.47 76.84
C ILE BA 472 -4.14 -135.32 76.26
N SER BA 473 -4.26 -135.65 74.98
CA SER BA 473 -3.22 -136.38 74.27
C SER BA 473 -2.85 -135.62 73.01
N TYR BA 474 -1.79 -136.08 72.37
CA TYR BA 474 -1.33 -135.49 71.12
C TYR BA 474 -1.85 -136.33 69.96
N GLU BA 475 -2.62 -135.70 69.08
CA GLU BA 475 -3.13 -136.38 67.90
C GLU BA 475 -2.06 -136.37 66.81
N GLU BA 476 -1.79 -137.54 66.23
CA GLU BA 476 -0.76 -137.65 65.21
C GLU BA 476 -1.12 -136.80 63.99
N GLU BA 477 -0.15 -136.03 63.51
CA GLU BA 477 -0.37 -135.14 62.38
C GLU BA 477 0.17 -135.76 61.10
N MET CA 1 40.27 -110.10 13.33
CA MET CA 1 40.19 -111.46 12.81
C MET CA 1 39.78 -112.45 13.90
N SER CA 2 40.45 -112.39 15.05
CA SER CA 2 40.22 -113.32 16.14
C SER CA 2 40.06 -112.56 17.45
N LYS CA 3 39.50 -113.26 18.44
CA LYS CA 3 39.35 -112.74 19.79
C LYS CA 3 40.56 -113.03 20.66
N THR CA 4 41.58 -113.69 20.12
CA THR CA 4 42.83 -113.89 20.84
C THR CA 4 43.46 -112.53 21.13
N THR CA 5 44.05 -112.40 22.31
CA THR CA 5 44.64 -111.13 22.70
C THR CA 5 45.77 -110.75 21.74
N PRO CA 6 45.75 -109.55 21.20
CA PRO CA 6 46.87 -109.12 20.34
C PRO CA 6 47.96 -108.45 21.15
N THR CA 7 48.99 -107.97 20.47
CA THR CA 7 50.05 -107.21 21.11
C THR CA 7 50.19 -105.87 20.40
N LYS CA 8 50.59 -104.86 21.17
CA LYS CA 8 50.67 -103.51 20.65
C LYS CA 8 51.62 -103.44 19.46
N ASP CA 9 52.73 -104.18 19.51
CA ASP CA 9 53.64 -104.22 18.37
C ASP CA 9 52.96 -104.84 17.15
N SER CA 10 52.16 -105.89 17.37
CA SER CA 10 51.43 -106.51 16.26
C SER CA 10 50.45 -105.53 15.64
N ILE CA 11 49.76 -104.75 16.47
CA ILE CA 11 48.82 -103.76 15.96
C ILE CA 11 49.55 -102.68 15.19
N ARG CA 12 50.67 -102.20 15.74
CA ARG CA 12 51.49 -101.21 15.04
C ARG CA 12 51.93 -101.76 13.69
N ALA CA 13 52.35 -103.02 13.65
CA ALA CA 13 52.72 -103.67 12.41
C ALA CA 13 51.55 -103.60 11.44
N GLU CA 14 50.45 -104.29 11.77
CA GLU CA 14 49.33 -104.38 10.85
C GLU CA 14 48.97 -103.00 10.31
N PHE CA 15 49.02 -101.99 11.18
CA PHE CA 15 48.78 -100.62 10.73
C PHE CA 15 49.82 -100.16 9.72
N GLU CA 16 51.10 -100.46 9.96
CA GLU CA 16 52.13 -99.89 9.11
C GLU CA 16 52.20 -100.58 7.74
N GLU CA 17 52.02 -101.91 7.68
CA GLU CA 17 51.93 -102.46 6.33
C GLU CA 17 50.63 -102.05 5.64
N LEU CA 18 49.54 -101.87 6.39
CA LEU CA 18 48.35 -101.34 5.76
C LEU CA 18 48.64 -99.97 5.16
N VAL CA 19 49.37 -99.14 5.90
CA VAL CA 19 49.67 -97.79 5.44
C VAL CA 19 50.51 -97.83 4.17
N GLU CA 20 51.57 -98.64 4.17
CA GLU CA 20 52.42 -98.64 2.99
C GLU CA 20 51.70 -99.22 1.80
N LYS CA 21 50.91 -100.29 2.00
CA LYS CA 21 50.17 -100.86 0.88
C LYS CA 21 49.12 -99.89 0.37
N ASP CA 22 48.64 -98.99 1.22
CA ASP CA 22 47.76 -97.94 0.73
C ASP CA 22 48.57 -96.92 -0.07
N SER CA 23 47.99 -96.48 -1.18
CA SER CA 23 48.70 -95.60 -2.11
C SER CA 23 48.67 -94.14 -1.71
N PHE CA 24 47.79 -93.75 -0.79
CA PHE CA 24 47.66 -92.33 -0.48
C PHE CA 24 48.90 -91.80 0.23
N TRP CA 25 49.50 -92.58 1.11
CA TRP CA 25 50.76 -92.14 1.69
C TRP CA 25 51.89 -92.24 0.68
N SER CA 26 51.77 -93.13 -0.30
CA SER CA 26 52.74 -93.15 -1.38
C SER CA 26 52.77 -91.82 -2.11
N LYS CA 27 51.59 -91.28 -2.42
CA LYS CA 27 51.53 -89.95 -3.00
C LYS CA 27 51.87 -88.88 -1.98
N PHE CA 28 51.69 -89.17 -0.69
CA PHE CA 28 52.03 -88.24 0.39
C PHE CA 28 52.92 -88.98 1.39
N VAL CA 29 54.21 -88.96 1.14
CA VAL CA 29 55.18 -89.47 2.08
C VAL CA 29 55.58 -88.36 3.03
N GLY CA 30 56.13 -88.73 4.18
CA GLY CA 30 56.56 -87.78 5.18
C GLY CA 30 55.60 -87.54 6.30
N SER CA 31 54.73 -88.50 6.62
CA SER CA 31 53.79 -88.38 7.72
C SER CA 31 54.34 -89.15 8.91
N GLN CA 32 55.28 -88.52 9.62
CA GLN CA 32 55.79 -89.12 10.84
C GLN CA 32 54.91 -88.84 12.05
N PHE CA 33 53.87 -88.03 11.87
CA PHE CA 33 52.86 -87.86 12.92
C PHE CA 33 51.94 -89.07 13.03
N VAL CA 34 51.68 -89.75 11.91
CA VAL CA 34 50.86 -90.95 11.98
C VAL CA 34 51.54 -92.00 12.85
N SER CA 35 52.85 -91.87 13.08
CA SER CA 35 53.55 -92.82 13.94
C SER CA 35 52.99 -92.80 15.36
N MET CA 36 53.11 -91.68 16.05
CA MET CA 36 52.55 -91.64 17.39
C MET CA 36 51.04 -91.61 17.38
N LEU CA 37 50.39 -91.21 16.27
CA LEU CA 37 48.95 -91.40 16.20
C LEU CA 37 48.60 -92.88 16.26
N THR CA 38 49.35 -93.71 15.51
CA THR CA 38 49.18 -95.15 15.58
C THR CA 38 49.45 -95.67 16.97
N LEU CA 39 50.49 -95.13 17.63
CA LEU CA 39 50.76 -95.52 19.01
C LEU CA 39 49.53 -95.26 19.89
N PHE CA 40 48.99 -94.05 19.83
CA PHE CA 40 47.90 -93.66 20.70
C PHE CA 40 46.66 -94.51 20.43
N ILE CA 41 46.30 -94.66 19.15
CA ILE CA 41 45.17 -95.53 18.84
C ILE CA 41 45.46 -96.96 19.23
N THR CA 42 46.73 -97.36 19.30
CA THR CA 42 47.05 -98.70 19.75
C THR CA 42 46.73 -98.87 21.22
N GLN CA 43 47.09 -97.90 22.06
CA GLN CA 43 46.65 -98.03 23.45
C GLN CA 43 45.13 -97.93 23.56
N ILE CA 44 44.50 -97.15 22.67
CA ILE CA 44 43.05 -97.03 22.70
C ILE CA 44 42.40 -98.38 22.45
N VAL CA 45 42.83 -99.06 21.38
CA VAL CA 45 42.25 -100.35 21.05
C VAL CA 45 42.65 -101.40 22.07
N TYR CA 46 43.82 -101.24 22.71
CA TYR CA 46 44.18 -102.15 23.80
C TYR CA 46 43.20 -102.02 24.96
N ARG CA 47 42.86 -100.79 25.31
CA ARG CA 47 41.85 -100.56 26.35
C ARG CA 47 40.50 -101.11 25.90
N CYS CA 48 40.19 -100.93 24.62
CA CYS CA 48 38.94 -101.47 24.07
C CYS CA 48 38.89 -102.98 24.18
N PHE CA 49 40.02 -103.63 23.92
CA PHE CA 49 40.09 -105.09 24.02
C PHE CA 49 39.94 -105.53 25.47
N GLN CA 50 40.52 -104.76 26.40
CA GLN CA 50 40.31 -105.03 27.81
C GLN CA 50 38.83 -104.93 28.16
N TYR CA 51 38.16 -103.92 27.61
CA TYR CA 51 36.72 -103.77 27.82
C TYR CA 51 35.96 -104.95 27.23
N ALA CA 52 36.38 -105.42 26.06
CA ALA CA 52 35.75 -106.59 25.46
C ALA CA 52 35.94 -107.81 26.32
N ASP CA 53 37.12 -107.96 26.91
CA ASP CA 53 37.36 -109.07 27.82
C ASP CA 53 36.47 -108.99 29.04
N ALA CA 54 36.28 -107.78 29.56
CA ALA CA 54 35.33 -107.58 30.65
C ALA CA 54 33.92 -107.96 30.21
N ALA CA 55 33.57 -107.65 28.97
CA ALA CA 55 32.26 -108.02 28.44
C ALA CA 55 32.10 -109.54 28.40
N LEU CA 56 33.13 -110.25 27.95
CA LEU CA 56 33.08 -111.71 27.99
C LEU CA 56 32.92 -112.22 29.42
N ALA CA 57 33.67 -111.64 30.36
CA ALA CA 57 33.57 -112.07 31.75
C ALA CA 57 32.15 -111.88 32.28
N GLU CA 58 31.53 -110.75 31.96
CA GLU CA 58 30.19 -110.51 32.46
C GLU CA 58 29.12 -111.21 31.66
N GLY CA 59 29.45 -111.72 30.48
CA GLY CA 59 28.46 -112.43 29.68
C GLY CA 59 28.17 -113.85 30.11
N PHE CA 60 28.88 -114.35 31.12
CA PHE CA 60 28.69 -115.70 31.61
C PHE CA 60 28.67 -115.68 33.13
N ILE CA 61 27.70 -116.37 33.72
CA ILE CA 61 27.59 -116.39 35.18
C ILE CA 61 28.84 -116.98 35.81
N SER CA 62 29.41 -118.01 35.18
CA SER CA 62 30.64 -118.59 35.68
C SER CA 62 31.77 -117.56 35.66
N THR CA 63 31.87 -116.79 34.57
CA THR CA 63 32.93 -115.81 34.45
C THR CA 63 32.63 -114.52 35.20
N ALA CA 64 31.36 -114.17 35.34
CA ALA CA 64 30.98 -112.95 36.04
C ALA CA 64 31.00 -113.21 37.54
N THR CA 65 31.67 -112.32 38.28
CA THR CA 65 31.77 -112.41 39.73
C THR CA 65 30.97 -111.32 40.43
N ARG CA 66 30.12 -110.60 39.71
CA ARG CA 66 29.34 -109.52 40.29
C ARG CA 66 28.05 -110.05 40.91
N ARG CA 67 27.71 -109.50 42.09
CA ARG CA 67 26.47 -109.86 42.74
C ARG CA 67 25.27 -109.58 41.83
N SER CA 68 25.31 -108.46 41.10
CA SER CA 68 24.17 -108.09 40.27
C SER CA 68 23.97 -109.10 39.13
N SER CA 69 25.04 -109.41 38.40
CA SER CA 69 24.94 -110.36 37.30
C SER CA 69 24.56 -111.74 37.80
N ILE CA 70 25.15 -112.16 38.93
CA ILE CA 70 24.81 -113.47 39.48
C ILE CA 70 23.35 -113.53 39.85
N LEU CA 71 22.81 -112.46 40.46
CA LEU CA 71 21.40 -112.44 40.81
C LEU CA 71 20.52 -112.45 39.56
N ALA CA 72 20.92 -111.74 38.51
CA ALA CA 72 20.16 -111.76 37.27
C ALA CA 72 20.09 -113.17 36.70
N ALA CA 73 21.24 -113.86 36.66
CA ALA CA 73 21.26 -115.22 36.15
C ALA CA 73 20.45 -116.15 37.04
N ALA CA 74 20.51 -115.95 38.36
CA ALA CA 74 19.76 -116.79 39.28
C ALA CA 74 18.25 -116.60 39.09
N GLU CA 75 17.83 -115.37 38.84
CA GLU CA 75 16.41 -115.12 38.60
C GLU CA 75 15.97 -115.71 37.27
N THR CA 76 16.85 -115.69 36.26
CA THR CA 76 16.58 -116.43 35.04
C THR CA 76 16.39 -117.92 35.35
N ASN CA 77 17.26 -118.48 36.18
CA ASN CA 77 17.11 -119.84 36.66
C ASN CA 77 15.91 -120.00 37.57
N SER CA 78 15.28 -118.90 37.98
CA SER CA 78 14.16 -118.92 38.91
C SER CA 78 14.59 -119.54 40.25
N TYR CA 79 15.71 -119.07 40.76
CA TYR CA 79 16.25 -119.53 42.03
C TYR CA 79 16.48 -118.33 42.95
N VAL CA 80 16.20 -118.53 44.24
CA VAL CA 80 16.44 -117.52 45.26
C VAL CA 80 17.14 -118.17 46.43
N GLY CA 81 17.86 -117.35 47.20
CA GLY CA 81 18.63 -117.83 48.32
C GLY CA 81 17.80 -117.98 49.58
N THR CA 82 18.51 -118.10 50.69
CA THR CA 82 17.91 -118.31 52.00
C THR CA 82 18.13 -117.09 52.89
N LYS CA 83 17.14 -116.79 53.71
CA LYS CA 83 17.21 -115.64 54.59
C LYS CA 83 17.99 -115.98 55.85
N PRO CA 84 18.63 -114.99 56.48
CA PRO CA 84 19.28 -115.24 57.76
C PRO CA 84 18.28 -115.59 58.85
N THR CA 85 18.74 -116.39 59.82
CA THR CA 85 17.88 -116.86 60.88
C THR CA 85 18.20 -116.16 62.20
N PRO CA 86 17.21 -115.99 63.07
CA PRO CA 86 17.48 -115.35 64.37
C PRO CA 86 18.40 -116.20 65.24
N SER CA 87 19.15 -115.51 66.10
CA SER CA 87 19.95 -116.16 67.13
C SER CA 87 19.17 -116.17 68.43
N SER CA 88 19.10 -117.33 69.06
CA SER CA 88 18.29 -117.53 70.25
C SER CA 88 19.17 -117.81 71.45
N GLY CA 89 18.83 -117.20 72.59
CA GLY CA 89 19.48 -117.45 73.84
C GLY CA 89 18.49 -117.98 74.87
N MET CA 90 19.03 -118.43 75.99
CA MET CA 90 18.24 -119.01 77.08
C MET CA 90 18.32 -118.09 78.28
N ILE CA 91 17.17 -117.67 78.79
CA ILE CA 91 17.09 -116.63 79.79
C ILE CA 91 16.25 -117.09 80.96
N GLU CA 92 16.49 -116.47 82.11
CA GLU CA 92 15.72 -116.69 83.33
C GLU CA 92 14.95 -115.42 83.65
N ILE CA 93 13.76 -115.59 84.22
CA ILE CA 93 12.86 -114.50 84.54
C ILE CA 93 12.42 -114.64 85.98
N THR CA 94 12.60 -113.56 86.76
CA THR CA 94 12.18 -113.51 88.15
C THR CA 94 11.40 -112.22 88.36
N ALA CA 95 10.08 -112.32 88.48
CA ALA CA 95 9.27 -111.13 88.66
C ALA CA 95 9.55 -110.50 90.01
N THR CA 96 9.63 -109.16 90.02
CA THR CA 96 9.90 -108.42 91.23
C THR CA 96 8.64 -108.00 91.97
N SER CA 97 7.46 -108.24 91.41
CA SER CA 97 6.21 -107.82 92.01
C SER CA 97 5.19 -108.95 91.96
N GLU CA 98 4.30 -108.98 92.96
CA GLU CA 98 3.34 -110.05 93.07
C GLU CA 98 2.27 -109.98 91.99
N ASP CA 99 1.90 -108.77 91.56
CA ASP CA 99 0.86 -108.61 90.55
C ASP CA 99 1.25 -109.15 89.20
N ALA CA 100 2.54 -109.37 88.97
CA ALA CA 100 2.99 -109.90 87.69
C ALA CA 100 2.49 -111.34 87.52
N PRO CA 101 1.81 -111.67 86.43
CA PRO CA 101 1.35 -113.04 86.24
C PRO CA 101 2.51 -114.01 86.05
N ALA CA 102 2.33 -115.21 86.58
CA ALA CA 102 3.33 -116.26 86.41
C ALA CA 102 3.31 -116.84 85.00
N VAL CA 103 2.31 -116.53 84.20
CA VAL CA 103 2.23 -116.97 82.81
C VAL CA 103 2.34 -115.72 81.95
N ILE CA 104 3.43 -115.63 81.20
CA ILE CA 104 3.66 -114.52 80.28
C ILE CA 104 3.01 -114.86 78.96
N PRO CA 105 2.11 -114.02 78.44
CA PRO CA 105 1.38 -114.38 77.22
C PRO CA 105 2.32 -114.53 76.03
N LYS CA 106 1.76 -115.05 74.95
CA LYS CA 106 2.55 -115.40 73.77
C LYS CA 106 3.05 -114.16 73.05
N ASN CA 107 4.32 -114.20 72.65
CA ASN CA 107 4.96 -113.16 71.85
C ASN CA 107 4.94 -111.80 72.56
N MET CA 108 5.62 -111.75 73.69
CA MET CA 108 5.81 -110.47 74.34
C MET CA 108 7.13 -109.83 73.90
N PRO CA 109 7.14 -108.54 73.58
CA PRO CA 109 8.35 -107.92 73.06
C PRO CA 109 9.40 -107.73 74.16
N LEU CA 110 10.64 -107.56 73.71
CA LEU CA 110 11.78 -107.39 74.59
C LEU CA 110 12.88 -106.66 73.85
N ILE CA 111 13.67 -105.89 74.59
CA ILE CA 111 14.85 -105.24 74.05
C ILE CA 111 16.06 -105.72 74.82
N SER CA 112 17.18 -105.85 74.12
CA SER CA 112 18.43 -106.28 74.72
C SER CA 112 19.27 -105.08 75.12
N ASP CA 113 20.28 -105.34 75.95
CA ASP CA 113 21.15 -104.27 76.41
C ASP CA 113 21.91 -103.63 75.24
N ASP CA 114 22.23 -104.42 74.22
CA ASP CA 114 22.86 -103.90 73.01
C ASP CA 114 21.85 -103.31 72.03
N GLN CA 115 20.64 -103.01 72.51
CA GLN CA 115 19.61 -102.35 71.71
C GLN CA 115 19.25 -103.19 70.48
N TYR CA 116 18.72 -104.38 70.75
CA TYR CA 116 18.26 -105.28 69.71
C TYR CA 116 16.90 -105.85 70.11
N PRO CA 117 15.95 -105.91 69.17
CA PRO CA 117 14.64 -106.47 69.49
C PRO CA 117 14.69 -107.97 69.57
N TYR CA 118 14.03 -108.51 70.60
CA TYR CA 118 13.95 -109.94 70.82
C TYR CA 118 12.51 -110.33 71.10
N MET CA 119 12.20 -111.58 70.77
CA MET CA 119 10.83 -112.04 70.81
C MET CA 119 10.79 -113.45 71.36
N THR CA 120 9.84 -113.69 72.25
CA THR CA 120 9.63 -115.04 72.77
C THR CA 120 9.01 -115.92 71.70
N MET CA 121 9.47 -117.16 71.62
CA MET CA 121 8.92 -118.11 70.67
C MET CA 121 7.74 -118.89 71.24
N ASP CA 122 7.43 -118.70 72.51
CA ASP CA 122 6.38 -119.47 73.16
C ASP CA 122 5.94 -118.74 74.43
N VAL CA 123 4.97 -119.33 75.12
CA VAL CA 123 4.43 -118.76 76.34
C VAL CA 123 5.36 -119.09 77.51
N CYS CA 124 5.78 -118.06 78.23
CA CYS CA 124 6.64 -118.23 79.38
C CYS CA 124 5.82 -118.50 80.62
N ARG CA 125 6.27 -119.46 81.42
CA ARG CA 125 5.61 -119.85 82.66
C ARG CA 125 6.57 -119.62 83.82
N LEU CA 126 6.07 -118.99 84.88
CA LEU CA 126 6.88 -118.74 86.07
C LEU CA 126 6.45 -119.72 87.16
N VAL CA 127 7.42 -120.46 87.68
CA VAL CA 127 7.20 -121.36 88.81
C VAL CA 127 7.36 -120.50 90.07
N ASP CA 128 6.24 -120.04 90.61
CA ASP CA 128 6.23 -119.12 91.75
C ASP CA 128 7.06 -117.89 91.44
N GLY CA 129 6.77 -117.28 90.29
CA GLY CA 129 7.47 -116.09 89.86
C GLY CA 129 8.81 -116.31 89.23
N THR CA 130 9.26 -117.56 89.10
CA THR CA 130 10.54 -117.89 88.51
C THR CA 130 10.33 -118.81 87.31
N GLY CA 131 10.91 -118.43 86.18
CA GLY CA 131 10.77 -119.21 84.96
C GLY CA 131 12.00 -119.09 84.10
N THR CA 132 12.06 -119.92 83.05
CA THR CA 132 13.12 -119.87 82.07
C THR CA 132 12.52 -120.04 80.68
N VAL CA 133 13.08 -119.33 79.70
CA VAL CA 133 12.56 -119.40 78.34
C VAL CA 133 13.68 -119.12 77.35
N GLU CA 134 13.55 -119.66 76.15
CA GLU CA 134 14.42 -119.32 75.04
C GLU CA 134 13.79 -118.20 74.25
N VAL CA 135 14.58 -117.16 73.95
CA VAL CA 135 14.12 -115.99 73.22
C VAL CA 135 15.13 -115.69 72.13
N ALA CA 136 14.64 -115.42 70.93
CA ALA CA 136 15.49 -115.14 69.78
C ALA CA 136 15.35 -113.69 69.34
N GLN CA 137 16.35 -113.22 68.61
CA GLN CA 137 16.33 -111.86 68.08
C GLN CA 137 15.32 -111.77 66.94
N LEU CA 138 14.09 -111.43 67.27
CA LEU CA 138 13.01 -111.41 66.30
C LEU CA 138 12.25 -110.09 66.41
N GLU CA 139 11.83 -109.56 65.27
CA GLU CA 139 11.11 -108.30 65.20
C GLU CA 139 10.05 -108.39 64.12
N ILE CA 140 9.16 -107.40 64.12
CA ILE CA 140 7.92 -107.43 63.35
C ILE CA 140 7.85 -106.23 62.43
N GLN CA 141 7.49 -106.47 61.18
CA GLN CA 141 7.14 -105.42 60.23
C GLN CA 141 5.89 -105.83 59.48
N GLU CA 142 5.17 -104.83 58.98
CA GLU CA 142 3.97 -105.10 58.20
C GLU CA 142 3.73 -103.97 57.22
N VAL CA 143 3.30 -104.33 56.02
CA VAL CA 143 2.93 -103.37 54.99
C VAL CA 143 1.56 -103.74 54.46
N THR CA 144 0.69 -102.75 54.33
CA THR CA 144 -0.66 -102.96 53.80
C THR CA 144 -0.84 -102.10 52.56
N TYR CA 145 -1.39 -102.71 51.52
CA TYR CA 145 -1.67 -102.02 50.27
C TYR CA 145 -3.09 -102.34 49.82
N THR CA 146 -3.67 -101.47 49.01
CA THR CA 146 -5.02 -101.66 48.49
C THR CA 146 -4.99 -101.66 46.97
N VAL CA 147 -5.62 -102.66 46.37
CA VAL CA 147 -5.65 -102.75 44.91
C VAL CA 147 -6.55 -101.66 44.36
N THR CA 148 -6.07 -100.97 43.34
CA THR CA 148 -6.79 -99.87 42.71
C THR CA 148 -7.09 -100.08 41.24
N ALA CA 149 -6.27 -100.87 40.53
CA ALA CA 149 -6.48 -101.15 39.11
C ALA CA 149 -6.35 -102.65 38.89
N ALA CA 150 -6.73 -103.10 37.70
CA ALA CA 150 -6.74 -104.51 37.35
C ALA CA 150 -5.63 -104.81 36.35
N LYS CA 151 -4.52 -105.36 36.84
CA LYS CA 151 -3.43 -105.84 36.01
C LYS CA 151 -3.24 -107.33 36.19
N GLU CA 152 -3.11 -108.03 35.07
CA GLU CA 152 -2.78 -109.44 35.13
C GLU CA 152 -1.39 -109.61 35.73
N PHE CA 153 -1.22 -110.66 36.55
CA PHE CA 153 -0.01 -110.87 37.33
C PHE CA 153 0.23 -109.69 38.28
N LEU CA 154 -0.64 -109.59 39.28
CA LEU CA 154 -0.52 -108.56 40.29
C LEU CA 154 0.86 -108.64 40.93
N GLU CA 155 1.50 -107.49 41.08
CA GLU CA 155 2.90 -107.42 41.50
C GLU CA 155 3.05 -106.55 42.73
N VAL CA 156 3.93 -106.96 43.64
CA VAL CA 156 4.25 -106.20 44.83
C VAL CA 156 5.76 -106.20 45.02
N VAL CA 157 6.29 -105.04 45.41
CA VAL CA 157 7.72 -104.80 45.50
C VAL CA 157 8.09 -104.45 46.94
N LEU CA 158 9.32 -104.78 47.32
CA LEU CA 158 9.82 -104.59 48.67
C LEU CA 158 11.10 -103.75 48.62
N SER CA 159 11.52 -103.28 49.78
CA SER CA 159 12.71 -102.44 49.91
C SER CA 159 13.82 -103.19 50.62
N LYS CA 160 15.06 -103.00 50.15
CA LYS CA 160 16.19 -103.64 50.82
C LYS CA 160 16.29 -103.23 52.27
N ALA CA 161 15.82 -102.03 52.61
CA ALA CA 161 15.87 -101.58 54.00
C ALA CA 161 15.28 -102.64 54.94
N LEU CA 162 14.22 -103.29 54.51
CA LEU CA 162 13.61 -104.36 55.30
C LEU CA 162 14.03 -105.76 54.85
N THR CA 163 14.37 -105.94 53.58
CA THR CA 163 14.78 -107.27 53.14
C THR CA 163 16.16 -107.64 53.67
N ALA CA 164 16.94 -106.66 54.11
CA ALA CA 164 18.24 -106.95 54.69
C ALA CA 164 18.12 -107.68 56.02
N VAL CA 165 16.96 -107.60 56.66
CA VAL CA 165 16.71 -108.29 57.92
C VAL CA 165 15.55 -109.26 57.84
N CYS CA 166 14.82 -109.31 56.72
CA CYS CA 166 13.67 -110.19 56.63
C CYS CA 166 14.08 -111.65 56.83
N TYR CA 167 13.24 -112.39 57.52
CA TYR CA 167 13.44 -113.82 57.74
C TYR CA 167 12.23 -114.64 57.37
N LYS CA 168 11.02 -114.15 57.63
CA LYS CA 168 9.81 -114.91 57.35
C LYS CA 168 8.75 -113.99 56.76
N LEU CA 169 8.01 -114.51 55.78
CA LEU CA 169 7.02 -113.73 55.06
C LEU CA 169 5.64 -114.35 55.21
N GLU CA 170 4.63 -113.48 55.31
CA GLU CA 170 3.24 -113.90 55.41
C GLU CA 170 2.39 -113.02 54.51
N VAL CA 171 1.53 -113.65 53.70
CA VAL CA 171 0.74 -112.95 52.70
C VAL CA 171 -0.74 -113.14 53.03
N PHE CA 172 -1.41 -112.03 53.29
CA PHE CA 172 -2.84 -112.05 53.59
C PHE CA 172 -3.58 -111.25 52.53
N VAL CA 173 -4.64 -111.84 51.98
CA VAL CA 173 -5.51 -111.15 51.04
C VAL CA 173 -6.84 -110.92 51.73
N THR CA 174 -7.16 -109.66 51.97
CA THR CA 174 -8.41 -109.28 52.62
C THR CA 174 -9.33 -108.74 51.54
N THR CA 175 -10.30 -109.56 51.15
CA THR CA 175 -11.27 -109.21 50.12
C THR CA 175 -12.61 -108.98 50.81
N ASP CA 176 -13.10 -107.74 50.74
CA ASP CA 176 -14.40 -107.37 51.30
C ASP CA 176 -14.51 -107.81 52.76
N GLY CA 177 -13.42 -107.65 53.51
CA GLY CA 177 -13.39 -107.98 54.92
C GLY CA 177 -13.04 -109.41 55.25
N LYS CA 178 -12.85 -110.28 54.25
CA LYS CA 178 -12.49 -111.67 54.49
C LYS CA 178 -11.00 -111.81 54.21
N THR CA 179 -10.23 -112.12 55.26
CA THR CA 179 -8.78 -112.22 55.15
C THR CA 179 -8.38 -113.68 55.04
N THR CA 180 -7.62 -114.00 53.99
CA THR CA 180 -7.14 -115.36 53.75
C THR CA 180 -5.63 -115.34 53.64
N GLN CA 181 -4.97 -116.24 54.35
CA GLN CA 181 -3.52 -116.38 54.21
C GLN CA 181 -3.24 -117.21 52.97
N TRP CA 182 -2.65 -116.58 51.96
CA TRP CA 182 -2.40 -117.25 50.69
C TRP CA 182 -1.14 -118.11 50.76
N SER CA 183 -1.19 -119.22 50.04
CA SER CA 183 -0.05 -120.11 49.91
C SER CA 183 0.76 -119.74 48.67
N SER CA 184 2.02 -120.17 48.66
CA SER CA 184 2.93 -119.88 47.57
C SER CA 184 3.49 -121.16 46.98
N SER CA 185 3.38 -121.31 45.67
CA SER CA 185 4.01 -122.39 44.93
C SER CA 185 4.83 -121.76 43.82
N THR CA 186 6.09 -122.20 43.70
CA THR CA 186 7.01 -121.56 42.77
C THR CA 186 6.56 -121.77 41.34
N MET CA 187 6.88 -120.79 40.49
CA MET CA 187 6.61 -120.83 39.04
C MET CA 187 5.19 -121.30 38.73
N PHE CA 188 4.28 -121.06 39.67
CA PHE CA 188 2.86 -121.36 39.49
C PHE CA 188 2.61 -122.85 39.30
N ARG CA 189 3.34 -123.66 40.05
CA ARG CA 189 3.12 -125.10 40.00
C ARG CA 189 1.90 -125.50 40.81
N LEU CA 190 1.12 -126.42 40.26
CA LEU CA 190 -0.13 -126.89 40.85
C LEU CA 190 -1.12 -125.74 41.06
N ALA CA 191 -1.03 -124.71 40.22
CA ALA CA 191 -1.87 -123.53 40.33
C ALA CA 191 -3.06 -123.70 39.40
N GLY CA 192 -4.25 -123.76 40.00
CA GLY CA 192 -5.48 -123.82 39.23
C GLY CA 192 -5.91 -122.44 38.76
N SER CA 193 -7.15 -122.37 38.29
CA SER CA 193 -7.69 -121.10 37.82
C SER CA 193 -7.76 -120.10 38.95
N LYS CA 194 -8.33 -120.50 40.09
CA LYS CA 194 -8.56 -119.61 41.22
C LYS CA 194 -7.74 -120.00 42.44
N SER CA 195 -6.53 -120.51 42.23
CA SER CA 195 -5.69 -120.95 43.33
C SER CA 195 -5.11 -119.74 44.05
N GLN CA 196 -5.17 -119.76 45.38
CA GLN CA 196 -4.62 -118.70 46.21
C GLN CA 196 -3.10 -118.84 46.25
N VAL CA 197 -2.47 -118.51 45.13
CA VAL CA 197 -1.06 -118.81 44.90
C VAL CA 197 -0.34 -117.53 44.48
N TYR CA 198 0.93 -117.43 44.85
CA TYR CA 198 1.77 -116.32 44.46
C TYR CA 198 3.21 -116.82 44.39
N VAL CA 199 4.03 -116.12 43.61
CA VAL CA 199 5.44 -116.46 43.44
C VAL CA 199 6.30 -115.28 43.86
N GLU CA 200 7.29 -115.54 44.69
CA GLU CA 200 8.21 -114.53 45.16
C GLU CA 200 9.58 -114.74 44.53
N PHE CA 201 10.30 -113.64 44.35
CA PHE CA 201 11.53 -113.64 43.56
C PHE CA 201 12.44 -112.50 43.98
N TYR CA 202 13.71 -112.66 43.67
CA TYR CA 202 14.70 -111.61 43.82
C TYR CA 202 14.71 -110.74 42.58
N LYS CA 203 15.50 -109.67 42.65
CA LYS CA 203 15.64 -108.79 41.53
C LYS CA 203 17.05 -108.25 41.60
N PRO CA 204 17.81 -108.25 40.48
CA PRO CA 204 19.25 -108.02 40.51
C PRO CA 204 19.70 -106.79 41.29
N SER CA 205 18.83 -105.81 41.45
CA SER CA 205 19.13 -104.71 42.36
C SER CA 205 18.77 -105.06 43.79
N GLU CA 206 18.78 -106.37 44.09
CA GLU CA 206 18.45 -106.91 45.40
C GLU CA 206 17.01 -106.63 45.79
N GLN CA 207 16.19 -106.20 44.84
CA GLN CA 207 14.79 -106.00 45.12
C GLN CA 207 14.10 -107.33 45.38
N LEU CA 208 12.97 -107.27 46.05
CA LEU CA 208 12.14 -108.43 46.31
C LEU CA 208 10.76 -108.19 45.72
N GLY CA 209 10.23 -109.19 45.02
CA GLY CA 209 8.97 -109.02 44.35
C GLY CA 209 8.11 -110.27 44.45
N VAL CA 210 6.80 -110.07 44.30
CA VAL CA 210 5.85 -111.17 44.28
C VAL CA 210 4.82 -110.92 43.20
N ARG CA 211 4.43 -111.98 42.51
CA ARG CA 211 3.50 -111.93 41.40
C ARG CA 211 2.37 -112.93 41.65
N PHE CA 212 1.20 -112.57 41.17
CA PHE CA 212 -0.03 -113.32 41.33
C PHE CA 212 -0.51 -113.87 39.98
N GLY CA 213 -1.65 -114.54 40.00
CA GLY CA 213 -2.10 -115.31 38.87
C GLY CA 213 -2.67 -114.47 37.75
N ASP CA 214 -2.98 -115.15 36.64
CA ASP CA 214 -3.58 -114.55 35.47
C ASP CA 214 -5.07 -114.87 35.36
N GLY CA 215 -5.64 -115.50 36.37
CA GLY CA 215 -7.00 -116.00 36.30
C GLY CA 215 -7.05 -117.36 35.66
N LEU CA 216 -6.33 -117.53 34.55
CA LEU CA 216 -6.20 -118.84 33.93
C LEU CA 216 -5.41 -119.78 34.83
N ILE CA 217 -4.29 -119.30 35.36
CA ILE CA 217 -3.42 -120.08 36.24
C ILE CA 217 -3.12 -119.19 37.44
N GLY CA 218 -3.88 -119.35 38.51
CA GLY CA 218 -3.69 -118.55 39.71
C GLY CA 218 -4.83 -117.56 39.89
N GLN CA 219 -5.28 -117.43 41.13
CA GLN CA 219 -6.38 -116.53 41.45
C GLN CA 219 -5.95 -115.08 41.32
N ILE CA 220 -6.79 -114.27 40.68
CA ILE CA 220 -6.59 -112.83 40.59
C ILE CA 220 -7.32 -112.18 41.76
N PRO CA 221 -6.63 -111.49 42.66
CA PRO CA 221 -7.33 -110.76 43.71
C PRO CA 221 -8.26 -109.72 43.14
N PRO CA 222 -9.45 -109.57 43.72
CA PRO CA 222 -10.43 -108.63 43.16
C PRO CA 222 -10.09 -107.18 43.48
N GLU CA 223 -10.68 -106.29 42.68
CA GLU CA 223 -10.48 -104.87 42.87
C GLU CA 223 -11.10 -104.39 44.18
N GLY CA 224 -10.43 -103.43 44.82
CA GLY CA 224 -10.88 -102.89 46.08
C GLY CA 224 -10.46 -103.68 47.30
N SER CA 225 -9.82 -104.82 47.12
CA SER CA 225 -9.33 -105.62 48.23
C SER CA 225 -7.99 -105.07 48.71
N THR CA 226 -7.46 -105.69 49.76
CA THR CA 226 -6.21 -105.27 50.36
C THR CA 226 -5.27 -106.46 50.48
N ILE CA 227 -3.97 -106.16 50.45
CA ILE CA 227 -2.92 -107.16 50.60
C ILE CA 227 -2.07 -106.76 51.79
N THR CA 228 -1.75 -107.74 52.64
CA THR CA 228 -1.00 -107.54 53.87
C THR CA 228 0.24 -108.41 53.81
N LEU CA 229 1.40 -107.77 53.96
CA LEU CA 229 2.68 -108.47 54.04
C LEU CA 229 3.19 -108.35 55.46
N LYS CA 230 3.18 -109.46 56.18
CA LYS CA 230 3.82 -109.57 57.48
C LYS CA 230 5.24 -110.07 57.30
N VAL CA 231 6.18 -109.40 57.94
CA VAL CA 231 7.60 -109.71 57.76
C VAL CA 231 8.19 -109.89 59.15
N TRP CA 232 8.56 -111.11 59.49
CA TRP CA 232 9.32 -111.37 60.69
C TRP CA 232 10.80 -111.20 60.35
N CYS CA 233 11.43 -110.22 60.98
CA CYS CA 233 12.80 -109.84 60.66
C CYS CA 233 13.75 -110.24 61.78
N THR CA 234 15.02 -110.40 61.40
CA THR CA 234 16.08 -110.64 62.36
C THR CA 234 17.38 -110.09 61.78
N ASN CA 235 18.31 -109.80 62.67
CA ASN CA 235 19.60 -109.26 62.29
C ASN CA 235 20.64 -110.34 62.08
N GLY CA 236 20.25 -111.60 62.14
CA GLY CA 236 21.18 -112.69 61.92
C GLY CA 236 21.67 -113.32 63.21
N ASP CA 237 22.96 -113.69 63.25
CA ASP CA 237 23.54 -114.31 64.43
C ASP CA 237 24.01 -113.23 65.41
N ILE CA 238 23.04 -112.61 66.06
CA ILE CA 238 23.32 -111.61 67.09
C ILE CA 238 23.62 -112.34 68.39
N THR CA 239 24.89 -112.39 68.77
CA THR CA 239 25.33 -113.11 69.95
C THR CA 239 25.63 -112.13 71.08
N LEU CA 240 25.08 -112.40 72.25
CA LEU CA 240 25.29 -111.55 73.41
C LEU CA 240 25.73 -112.39 74.59
N VAL CA 241 26.62 -111.82 75.41
CA VAL CA 241 27.15 -112.54 76.56
C VAL CA 241 26.05 -112.80 77.58
N ALA CA 242 26.09 -113.98 78.20
CA ALA CA 242 25.13 -114.31 79.23
C ALA CA 242 25.42 -113.51 80.51
N GLY CA 243 24.44 -113.49 81.40
CA GLY CA 243 24.58 -112.79 82.66
C GLY CA 243 24.17 -111.33 82.63
N GLN CA 244 23.42 -110.91 81.63
CA GLN CA 244 22.96 -109.53 81.52
C GLN CA 244 21.44 -109.47 81.58
N ASN CA 245 20.93 -108.34 82.07
CA ASN CA 245 19.50 -108.18 82.25
C ASN CA 245 18.83 -107.74 80.96
N LEU CA 246 17.52 -107.93 80.91
CA LEU CA 246 16.74 -107.66 79.72
C LEU CA 246 15.63 -106.67 80.05
N THR CA 247 15.34 -105.78 79.12
CA THR CA 247 14.33 -104.74 79.34
C THR CA 247 13.15 -104.96 78.43
N PRO CA 248 11.98 -105.35 78.96
CA PRO CA 248 10.78 -105.38 78.14
C PRO CA 248 10.39 -103.98 77.69
N VAL CA 249 9.77 -103.90 76.51
CA VAL CA 249 9.43 -102.63 75.89
C VAL CA 249 8.03 -102.74 75.29
N ASP CA 250 7.55 -101.62 74.75
CA ASP CA 250 6.28 -101.53 74.04
C ASP CA 250 5.17 -101.89 75.02
N SER CA 251 4.22 -102.77 74.66
CA SER CA 251 3.17 -103.13 75.60
C SER CA 251 3.71 -103.83 76.83
N ALA CA 252 4.88 -104.46 76.72
CA ALA CA 252 5.50 -105.14 77.85
C ALA CA 252 6.23 -104.18 78.78
N ALA CA 253 6.37 -102.91 78.39
CA ALA CA 253 7.05 -101.96 79.27
C ALA CA 253 6.30 -101.77 80.57
N ASN CA 254 4.99 -102.02 80.58
CA ASN CA 254 4.22 -101.92 81.82
C ASN CA 254 4.73 -102.91 82.86
N LEU CA 255 5.02 -104.14 82.43
CA LEU CA 255 5.58 -105.16 83.32
C LEU CA 255 7.09 -105.14 83.34
N ALA CA 256 7.73 -104.28 82.53
CA ALA CA 256 9.18 -104.20 82.52
C ALA CA 256 9.71 -103.82 83.90
N ASN CA 257 9.09 -102.82 84.53
CA ASN CA 257 9.51 -102.40 85.85
C ASN CA 257 9.02 -103.32 86.96
N LEU CA 258 8.14 -104.27 86.66
CA LEU CA 258 7.61 -105.18 87.68
C LEU CA 258 8.25 -106.56 87.63
N ILE CA 259 8.92 -106.90 86.54
CA ILE CA 259 9.49 -108.22 86.33
C ILE CA 259 10.96 -108.07 85.99
N SER CA 260 11.80 -108.92 86.60
CA SER CA 260 13.23 -108.93 86.32
C SER CA 260 13.56 -110.13 85.45
N VAL CA 261 14.31 -109.87 84.38
CA VAL CA 261 14.73 -110.91 83.44
C VAL CA 261 16.24 -110.86 83.30
N LYS CA 262 16.90 -111.99 83.49
CA LYS CA 262 18.34 -112.11 83.39
C LYS CA 262 18.68 -113.29 82.50
N THR CA 263 19.57 -113.08 81.54
CA THR CA 263 19.96 -114.18 80.67
C THR CA 263 20.96 -115.09 81.36
N THR CA 264 20.93 -116.37 80.99
CA THR CA 264 21.83 -117.37 81.53
C THR CA 264 22.69 -118.03 80.48
N THR CA 265 22.36 -117.91 79.20
CA THR CA 265 23.08 -118.56 78.13
C THR CA 265 23.41 -117.54 77.05
N PRO CA 266 24.63 -117.57 76.51
CA PRO CA 266 24.95 -116.70 75.38
C PRO CA 266 24.02 -116.96 74.21
N ILE CA 267 23.62 -115.88 73.53
CA ILE CA 267 22.65 -115.97 72.45
C ILE CA 267 23.35 -116.60 71.24
N THR CA 268 22.94 -117.82 70.89
CA THR CA 268 23.60 -118.53 69.80
C THR CA 268 22.58 -119.05 68.80
N ALA CA 269 23.01 -119.92 67.89
CA ALA CA 269 22.13 -120.57 66.91
C ALA CA 269 21.49 -119.54 65.99
N GLY CA 270 22.30 -118.59 65.52
CA GLY CA 270 21.85 -117.62 64.53
C GLY CA 270 22.66 -117.79 63.26
N THR CA 271 22.02 -117.49 62.14
CA THR CA 271 22.68 -117.53 60.84
C THR CA 271 22.50 -116.20 60.13
N ASP CA 272 23.43 -115.89 59.24
CA ASP CA 272 23.43 -114.66 58.48
C ASP CA 272 23.17 -114.98 57.01
N ALA CA 273 23.22 -113.94 56.19
CA ALA CA 273 23.04 -114.12 54.76
C ALA CA 273 24.27 -114.78 54.13
N GLU CA 274 24.02 -115.63 53.15
CA GLU CA 274 25.06 -116.37 52.45
C GLU CA 274 25.76 -115.50 51.41
N THR CA 275 26.97 -115.93 51.05
CA THR CA 275 27.85 -115.10 50.23
C THR CA 275 27.50 -115.18 48.75
N THR CA 276 28.05 -114.23 47.99
CA THR CA 276 27.73 -114.11 46.58
C THR CA 276 28.20 -115.35 45.80
N GLU CA 277 29.42 -115.81 46.08
CA GLU CA 277 29.91 -116.97 45.35
C GLU CA 277 29.09 -118.21 45.65
N ILE CA 278 28.72 -118.41 46.92
CA ILE CA 278 27.93 -119.59 47.25
C ILE CA 278 26.53 -119.47 46.65
N THR CA 279 26.00 -118.25 46.55
CA THR CA 279 24.73 -118.07 45.85
C THR CA 279 24.85 -118.44 44.39
N ARG CA 280 25.95 -118.02 43.75
CA ARG CA 280 26.19 -118.39 42.36
C ARG CA 280 26.27 -119.91 42.20
N ASN CA 281 27.01 -120.56 43.10
CA ASN CA 281 27.17 -122.01 43.03
C ASN CA 281 25.84 -122.71 43.22
N ARG CA 282 25.06 -122.29 44.21
CA ARG CA 282 23.74 -122.87 44.39
C ARG CA 282 22.82 -122.55 43.23
N ALA CA 283 23.04 -121.43 42.54
CA ALA CA 283 22.26 -121.13 41.35
C ALA CA 283 22.55 -122.12 40.24
N GLN CA 284 23.83 -122.40 39.99
CA GLN CA 284 24.17 -123.41 39.00
C GLN CA 284 23.62 -124.78 39.40
N TYR CA 285 23.76 -125.13 40.68
CA TYR CA 285 23.31 -126.45 41.08
C TYR CA 285 21.80 -126.54 41.11
N TYR CA 286 21.10 -125.42 41.26
CA TYR CA 286 19.66 -125.42 41.11
C TYR CA 286 19.24 -125.53 39.64
N LEU CA 287 20.01 -124.90 38.75
CA LEU CA 287 19.79 -125.12 37.33
C LEU CA 287 19.90 -126.60 37.01
N ALA CA 288 20.87 -127.28 37.64
CA ALA CA 288 20.92 -128.73 37.56
C ALA CA 288 19.70 -129.36 38.23
N TYR CA 289 19.26 -128.77 39.34
CA TYR CA 289 18.16 -129.32 40.12
C TYR CA 289 16.85 -129.32 39.35
N ASP CA 290 16.70 -128.42 38.39
CA ASP CA 290 15.57 -128.41 37.45
C ASP CA 290 14.22 -128.26 38.15
N ASP CA 291 14.22 -127.59 39.31
CA ASP CA 291 12.98 -127.24 40.00
C ASP CA 291 12.10 -128.46 40.27
N GLN CA 292 12.73 -129.55 40.70
CA GLN CA 292 11.97 -130.77 40.98
C GLN CA 292 12.75 -131.64 41.95
N VAL CA 293 12.03 -132.28 42.87
CA VAL CA 293 12.62 -133.16 43.86
C VAL CA 293 12.50 -134.59 43.32
N VAL CA 294 13.54 -135.07 42.67
CA VAL CA 294 13.50 -136.40 42.07
C VAL CA 294 14.65 -137.28 42.53
N TRP CA 295 15.88 -136.79 42.43
CA TRP CA 295 17.07 -137.63 42.63
C TRP CA 295 17.81 -137.25 43.91
N GLY CA 296 18.82 -138.07 44.22
CA GLY CA 296 19.53 -137.92 45.48
C GLY CA 296 20.31 -136.62 45.58
N GLY CA 297 20.88 -136.16 44.48
CA GLY CA 297 21.54 -134.87 44.50
C GLY CA 297 20.57 -133.75 44.83
N ASP CA 298 19.38 -133.80 44.25
CA ASP CA 298 18.34 -132.84 44.59
C ASP CA 298 17.96 -132.95 46.07
N TYR CA 299 17.85 -134.19 46.56
CA TYR CA 299 17.51 -134.39 47.97
C TYR CA 299 18.54 -133.73 48.86
N THR CA 300 19.82 -133.99 48.59
CA THR CA 300 20.90 -133.41 49.40
C THR CA 300 20.88 -131.89 49.31
N TYR CA 301 20.66 -131.36 48.12
CA TYR CA 301 20.65 -129.92 47.95
C TYR CA 301 19.53 -129.28 48.74
N PHE CA 302 18.33 -129.86 48.66
CA PHE CA 302 17.20 -129.35 49.44
C PHE CA 302 17.48 -129.44 50.93
N LEU CA 303 18.02 -130.57 51.38
CA LEU CA 303 18.25 -130.76 52.80
C LEU CA 303 19.29 -129.79 53.33
N VAL CA 304 20.37 -129.56 52.57
CA VAL CA 304 21.39 -128.63 53.03
C VAL CA 304 20.86 -127.19 52.97
N ARG CA 305 19.99 -126.89 52.01
CA ARG CA 305 19.36 -125.57 51.98
C ARG CA 305 18.49 -125.37 53.20
N ASN CA 306 17.75 -126.39 53.60
CA ASN CA 306 16.79 -126.27 54.69
C ASN CA 306 17.41 -126.45 56.07
N ILE CA 307 18.62 -127.00 56.16
CA ILE CA 307 19.25 -127.22 57.45
C ILE CA 307 20.60 -126.53 57.49
N PRO CA 308 20.67 -125.29 57.96
CA PRO CA 308 21.97 -124.63 58.12
C PRO CA 308 22.77 -125.26 59.24
N GLY CA 309 24.09 -125.13 59.14
CA GLY CA 309 25.00 -125.52 60.20
C GLY CA 309 25.66 -126.86 60.01
N LEU CA 310 25.09 -127.74 59.19
CA LEU CA 310 25.70 -129.04 58.95
C LEU CA 310 27.00 -128.86 58.17
N SER CA 311 28.01 -129.66 58.53
CA SER CA 311 29.26 -129.63 57.78
C SER CA 311 29.04 -130.12 56.35
N TRP CA 312 28.43 -131.29 56.21
CA TRP CA 312 28.16 -131.85 54.88
C TRP CA 312 27.17 -132.98 55.03
N VAL CA 313 26.63 -133.40 53.90
CA VAL CA 313 25.66 -134.48 53.85
C VAL CA 313 26.05 -135.44 52.73
N LYS CA 314 25.61 -136.69 52.85
CA LYS CA 314 25.82 -137.70 51.83
C LYS CA 314 24.60 -138.60 51.79
N ALA CA 315 24.25 -139.05 50.58
CA ALA CA 315 23.11 -139.93 50.41
C ALA CA 315 23.38 -140.84 49.22
N TRP CA 316 22.84 -142.06 49.31
CA TRP CA 316 22.99 -143.05 48.27
C TRP CA 316 21.64 -143.66 47.94
N GLY CA 317 21.43 -143.95 46.67
CA GLY CA 317 20.16 -144.46 46.20
C GLY CA 317 19.97 -145.93 46.50
N GLU CA 318 18.77 -146.41 46.16
CA GLU CA 318 18.44 -147.82 46.38
C GLU CA 318 19.38 -148.71 45.58
N GLY CA 319 19.56 -148.40 44.30
CA GLY CA 319 20.45 -149.19 43.46
C GLY CA 319 21.89 -149.15 43.95
N GLN CA 320 22.35 -147.97 44.36
CA GLN CA 320 23.72 -147.84 44.86
C GLN CA 320 23.93 -148.67 46.13
N GLN CA 321 22.98 -148.59 47.07
CA GLN CA 321 23.11 -149.36 48.30
C GLN CA 321 23.04 -150.86 48.01
N GLU CA 322 22.17 -151.26 47.08
CA GLU CA 322 22.07 -152.66 46.73
C GLU CA 322 23.34 -153.17 46.05
N LYS CA 323 23.96 -152.32 45.22
CA LYS CA 323 25.23 -152.69 44.60
C LYS CA 323 26.33 -152.81 45.63
N LEU CA 324 26.34 -151.91 46.61
CA LEU CA 324 27.31 -152.01 47.70
C LEU CA 324 27.11 -153.31 48.48
N ASP CA 325 25.86 -153.65 48.77
CA ASP CA 325 25.57 -154.80 49.61
C ASP CA 325 25.64 -156.13 48.87
N GLY CA 326 25.58 -156.10 47.54
CA GLY CA 326 25.63 -157.33 46.76
C GLY CA 326 24.38 -158.17 46.77
N ALA CA 327 23.22 -157.59 47.09
CA ALA CA 327 21.98 -158.35 47.18
C ALA CA 327 20.81 -157.49 46.74
N TYR CA 328 19.74 -158.17 46.32
CA TYR CA 328 18.52 -157.50 45.88
C TYR CA 328 17.51 -157.37 47.03
N ASN CA 329 17.97 -156.79 48.13
CA ASN CA 329 17.18 -156.74 49.35
C ASN CA 329 15.86 -156.01 49.14
N VAL CA 330 14.76 -156.72 49.35
CA VAL CA 330 13.44 -156.10 49.25
C VAL CA 330 13.27 -155.05 50.33
N GLN CA 331 13.83 -155.28 51.52
CA GLN CA 331 13.76 -154.27 52.57
C GLN CA 331 14.51 -153.02 52.15
N ASN CA 332 15.64 -153.18 51.44
CA ASN CA 332 16.39 -152.05 50.94
C ASN CA 332 15.75 -151.42 49.72
N ILE CA 333 14.79 -152.11 49.08
CA ILE CA 333 14.06 -151.51 47.99
C ILE CA 333 13.26 -150.33 48.51
N ASN CA 334 13.31 -149.22 47.78
CA ASN CA 334 12.69 -147.95 48.18
C ASN CA 334 13.26 -147.46 49.51
N LYS CA 335 14.51 -147.79 49.77
CA LYS CA 335 15.23 -147.33 50.96
C LYS CA 335 16.47 -146.56 50.51
N ILE CA 336 16.62 -145.35 51.01
CA ILE CA 336 17.69 -144.45 50.60
C ILE CA 336 18.67 -144.29 51.75
N PHE CA 337 19.93 -144.62 51.49
CA PHE CA 337 20.98 -144.40 52.46
C PHE CA 337 21.22 -142.92 52.67
N ILE CA 338 21.37 -142.50 53.92
CA ILE CA 338 21.70 -141.13 54.26
C ILE CA 338 22.71 -141.09 55.39
N SER CA 339 23.49 -140.02 55.43
CA SER CA 339 24.48 -139.77 56.46
C SER CA 339 24.88 -138.30 56.38
N GLY CA 340 25.53 -137.81 57.43
CA GLY CA 340 25.95 -136.42 57.43
C GLY CA 340 26.87 -136.12 58.60
N TRP CA 341 27.61 -135.02 58.45
CA TRP CA 341 28.50 -134.54 59.47
C TRP CA 341 28.17 -133.08 59.77
N HIS CA 342 28.21 -132.73 61.05
CA HIS CA 342 27.97 -131.38 61.54
C HIS CA 342 29.11 -130.99 62.45
N PRO CA 343 29.64 -129.78 62.34
CA PRO CA 343 30.75 -129.37 63.22
C PRO CA 343 30.38 -129.33 64.68
N ASN CA 344 29.09 -129.26 65.02
CA ASN CA 344 28.67 -129.10 66.40
C ASN CA 344 27.62 -130.10 66.85
N LYS CA 345 27.10 -130.95 65.98
CA LYS CA 345 26.04 -131.88 66.34
C LYS CA 345 26.51 -133.31 66.13
N SER CA 346 26.06 -134.20 67.02
CA SER CA 346 26.43 -135.60 66.94
C SER CA 346 25.69 -136.28 65.81
N GLN CA 347 26.09 -137.52 65.52
CA GLN CA 347 25.44 -138.29 64.47
C GLN CA 347 23.98 -138.59 64.83
N SER CA 348 23.72 -138.94 66.09
CA SER CA 348 22.34 -139.18 66.51
C SER CA 348 21.50 -137.91 66.40
N GLU CA 349 22.08 -136.77 66.80
CA GLU CA 349 21.39 -135.50 66.65
C GLU CA 349 21.07 -135.23 65.19
N LEU CA 350 22.06 -135.44 64.31
CA LEU CA 350 21.85 -135.19 62.89
C LEU CA 350 20.76 -136.10 62.35
N GLU CA 351 20.77 -137.37 62.78
CA GLU CA 351 19.75 -138.30 62.34
C GLU CA 351 18.37 -137.84 62.79
N GLU CA 352 18.26 -137.31 64.00
CA GLU CA 352 16.94 -136.89 64.43
C GLU CA 352 16.50 -135.59 63.77
N MET CA 353 17.42 -134.65 63.51
CA MET CA 353 17.03 -133.50 62.69
C MET CA 353 16.55 -133.95 61.32
N ILE CA 354 17.28 -134.88 60.68
CA ILE CA 354 16.90 -135.25 59.32
C ILE CA 354 15.59 -136.03 59.31
N LEU CA 355 15.36 -136.86 60.33
CA LEU CA 355 14.09 -137.56 60.44
C LEU CA 355 12.95 -136.58 60.63
N ALA CA 356 13.12 -135.59 61.50
CA ALA CA 356 12.10 -134.58 61.68
C ALA CA 356 11.87 -133.81 60.39
N ALA CA 357 12.94 -133.50 59.67
CA ALA CA 357 12.82 -132.76 58.41
C ALA CA 357 12.01 -133.56 57.40
N PHE CA 358 12.32 -134.84 57.25
CA PHE CA 358 11.56 -135.65 56.31
C PHE CA 358 10.11 -135.82 56.77
N LYS CA 359 9.88 -135.85 58.08
CA LYS CA 359 8.52 -135.95 58.59
C LYS CA 359 7.71 -134.71 58.22
N LYS CA 360 8.24 -133.53 58.51
CA LYS CA 360 7.44 -132.34 58.23
C LYS CA 360 7.48 -131.92 56.77
N VAL CA 361 8.38 -132.48 55.96
CA VAL CA 361 8.36 -132.28 54.52
C VAL CA 361 7.42 -133.32 53.92
N PRO CA 362 6.30 -132.92 53.31
CA PRO CA 362 5.43 -133.88 52.63
C PRO CA 362 5.77 -134.14 51.17
N ASN CA 363 6.88 -133.60 50.67
CA ASN CA 363 7.20 -133.73 49.26
C ASN CA 363 7.85 -135.06 48.93
N GLU CA 364 7.21 -136.15 49.33
CA GLU CA 364 7.75 -137.48 49.11
C GLU CA 364 6.57 -138.44 48.89
N LEU CA 365 6.87 -139.58 48.26
CA LEU CA 365 5.85 -140.60 48.00
C LEU CA 365 6.44 -141.96 48.35
N ASN CA 366 6.08 -142.49 49.53
CA ASN CA 366 6.53 -143.79 50.00
C ASN CA 366 8.05 -143.89 50.03
N LYS CA 367 8.72 -142.77 50.30
CA LYS CA 367 10.17 -142.69 50.27
C LYS CA 367 10.70 -143.01 51.66
N LYS CA 368 11.35 -144.16 51.81
CA LYS CA 368 11.93 -144.58 53.07
C LYS CA 368 13.40 -144.25 53.11
N PHE CA 369 13.86 -143.77 54.26
CA PHE CA 369 15.24 -143.31 54.41
C PHE CA 369 15.88 -144.05 55.58
N SER CA 370 17.09 -144.57 55.35
CA SER CA 370 17.87 -145.24 56.37
C SER CA 370 19.12 -144.41 56.64
N TYR CA 371 19.30 -143.98 57.89
CA TYR CA 371 20.44 -143.18 58.28
C TYR CA 371 21.51 -144.04 58.92
N LYS CA 372 22.76 -143.77 58.58
CA LYS CA 372 23.88 -144.36 59.29
C LYS CA 372 24.82 -143.26 59.76
N GLU CA 373 25.42 -143.49 60.93
CA GLU CA 373 26.34 -142.52 61.48
C GLU CA 373 27.58 -142.39 60.59
N VAL CA 374 28.10 -141.18 60.52
CA VAL CA 374 29.32 -140.92 59.75
C VAL CA 374 30.52 -141.31 60.60
N ARG CA 375 31.37 -142.17 60.05
CA ARG CA 375 32.53 -142.69 60.76
C ARG CA 375 33.75 -141.87 60.39
N LYS CA 376 34.39 -141.28 61.40
CA LYS CA 376 35.60 -140.50 61.17
C LYS CA 376 36.78 -141.43 60.92
N LEU CA 377 37.65 -141.03 59.99
CA LEU CA 377 38.86 -141.78 59.65
C LEU CA 377 40.05 -140.85 59.73
N PRO CA 378 40.49 -140.51 60.94
CA PRO CA 378 41.69 -139.68 61.07
C PRO CA 378 42.93 -140.42 60.62
N PHE CA 379 43.89 -139.65 60.11
CA PHE CA 379 45.19 -140.18 59.73
C PHE CA 379 46.22 -139.09 59.93
N LYS CA 380 47.45 -139.50 60.17
CA LYS CA 380 48.52 -138.56 60.48
C LYS CA 380 49.34 -138.26 59.24
N ILE CA 381 49.99 -137.10 59.25
CA ILE CA 381 50.89 -136.69 58.17
C ILE CA 381 52.22 -136.32 58.78
N THR CA 382 53.29 -136.91 58.26
CA THR CA 382 54.65 -136.56 58.64
C THR CA 382 55.27 -135.79 57.48
N ILE CA 383 55.44 -134.49 57.67
CA ILE CA 383 56.09 -133.63 56.69
C ILE CA 383 57.55 -133.49 57.10
N THR CA 384 58.46 -134.00 56.28
CA THR CA 384 59.89 -133.99 56.58
C THR CA 384 60.61 -133.25 55.47
N GLY CA 385 61.36 -132.21 55.84
CA GLY CA 385 62.12 -131.48 54.85
C GLY CA 385 62.84 -130.30 55.47
N ARG CA 386 63.54 -129.57 54.61
CA ARG CA 386 64.28 -128.39 55.00
C ARG CA 386 63.63 -127.17 54.40
N ILE CA 387 63.72 -126.05 55.12
CA ILE CA 387 63.02 -124.83 54.74
C ILE CA 387 64.02 -123.67 54.83
N SER CA 388 63.58 -122.51 54.36
CA SER CA 388 64.38 -121.31 54.49
C SER CA 388 64.68 -121.03 55.96
N ALA CA 389 65.93 -120.69 56.24
CA ALA CA 389 66.33 -120.41 57.62
C ALA CA 389 65.97 -118.99 58.06
N SER CA 390 65.46 -118.16 57.16
CA SER CA 390 65.19 -116.77 57.49
C SER CA 390 64.03 -116.60 58.45
N LEU CA 391 63.13 -117.59 58.53
CA LEU CA 391 61.97 -117.51 59.41
C LEU CA 391 62.18 -118.35 60.66
N THR CA 392 61.53 -117.93 61.74
CA THR CA 392 61.58 -118.71 62.97
C THR CA 392 60.93 -120.06 62.74
N ILE CA 393 61.60 -121.13 63.19
CA ILE CA 393 61.07 -122.47 62.99
C ILE CA 393 59.77 -122.64 63.77
N GLU CA 394 59.68 -122.03 64.95
CA GLU CA 394 58.44 -122.09 65.71
C GLU CA 394 57.31 -121.40 64.97
N ASN CA 395 57.59 -120.23 64.40
CA ASN CA 395 56.57 -119.51 63.65
C ASN CA 395 56.13 -120.31 62.43
N VAL CA 396 57.10 -120.93 61.74
CA VAL CA 396 56.77 -121.74 60.58
C VAL CA 396 55.90 -122.92 60.98
N THR CA 397 56.25 -123.58 62.09
CA THR CA 397 55.46 -124.72 62.55
C THR CA 397 54.04 -124.29 62.90
N ASP CA 398 53.90 -123.17 63.60
CA ASP CA 398 52.57 -122.68 63.94
C ASP CA 398 51.76 -122.36 62.70
N GLU CA 399 52.39 -121.68 61.73
CA GLU CA 399 51.70 -121.34 60.50
C GLU CA 399 51.28 -122.59 59.74
N LEU CA 400 52.15 -123.58 59.69
CA LEU CA 400 51.83 -124.83 59.01
C LEU CA 400 50.67 -125.55 59.69
N LYS CA 401 50.68 -125.59 61.02
CA LYS CA 401 49.60 -126.23 61.75
C LYS CA 401 48.27 -125.52 61.50
N SER CA 402 48.29 -124.17 61.54
CA SER CA 402 47.07 -123.42 61.28
C SER CA 402 46.56 -123.66 59.88
N ALA CA 403 47.46 -123.65 58.89
CA ALA CA 403 47.05 -123.87 57.50
C ALA CA 403 46.49 -125.27 57.31
N LEU CA 404 47.11 -126.27 57.91
CA LEU CA 404 46.60 -127.63 57.78
C LEU CA 404 45.24 -127.77 58.43
N GLU CA 405 45.05 -127.17 59.61
CA GLU CA 405 43.76 -127.21 60.26
C GLU CA 405 42.70 -126.51 59.40
N THR CA 406 43.07 -125.38 58.81
CA THR CA 406 42.15 -124.65 57.94
C THR CA 406 41.78 -125.47 56.72
N LYS CA 407 42.76 -126.14 56.12
CA LYS CA 407 42.55 -126.78 54.83
C LYS CA 407 41.89 -128.14 54.97
N PHE CA 408 42.52 -129.05 55.72
CA PHE CA 408 42.06 -130.42 55.84
C PHE CA 408 41.82 -130.79 57.28
N GLY CA 409 41.25 -129.87 58.06
CA GLY CA 409 40.90 -130.16 59.42
C GLY CA 409 39.67 -131.04 59.51
N ARG CA 410 39.31 -131.39 60.75
CA ARG CA 410 38.14 -132.23 60.97
C ARG CA 410 36.87 -131.53 60.50
N ASP CA 411 36.77 -130.23 60.73
CA ASP CA 411 35.61 -129.43 60.35
C ASP CA 411 35.95 -128.44 59.25
N SER CA 412 36.82 -128.83 58.32
CA SER CA 412 37.25 -127.94 57.26
C SER CA 412 36.18 -127.79 56.19
N THR CA 413 36.13 -126.61 55.58
CA THR CA 413 35.22 -126.34 54.49
C THR CA 413 35.59 -127.11 53.23
N PHE CA 414 36.81 -127.66 53.17
CA PHE CA 414 37.24 -128.40 51.98
C PHE CA 414 36.28 -129.53 51.64
N PHE CA 415 35.68 -130.15 52.65
CA PHE CA 415 34.77 -131.26 52.39
C PHE CA 415 33.53 -130.80 51.64
N ASP CA 416 33.02 -129.61 51.95
CA ASP CA 416 31.86 -129.05 51.27
C ASP CA 416 32.17 -127.61 50.89
N PRO CA 417 33.03 -127.40 49.89
CA PRO CA 417 33.37 -126.04 49.48
C PRO CA 417 32.30 -125.38 48.62
N ASN CA 418 31.30 -126.13 48.16
CA ASN CA 418 30.28 -125.59 47.27
C ASN CA 418 28.89 -125.51 47.90
N ARG CA 419 28.66 -126.23 49.00
CA ARG CA 419 27.40 -126.17 49.75
C ARG CA 419 26.20 -126.47 48.86
N VAL CA 420 26.33 -127.48 48.02
CA VAL CA 420 25.24 -127.92 47.15
C VAL CA 420 25.03 -129.42 47.29
N GLY CA 421 25.50 -129.99 48.40
CA GLY CA 421 25.34 -131.41 48.65
C GLY CA 421 26.43 -132.30 48.08
N LYS CA 422 27.47 -131.73 47.48
CA LYS CA 422 28.55 -132.50 46.87
C LYS CA 422 29.66 -132.69 47.90
N TYR CA 423 29.54 -133.76 48.69
CA TYR CA 423 30.56 -134.07 49.67
C TYR CA 423 31.77 -134.69 48.98
N ILE CA 424 32.96 -134.19 49.30
CA ILE CA 424 34.19 -134.65 48.68
C ILE CA 424 35.19 -134.98 49.77
N LEU CA 425 36.17 -135.81 49.42
CA LEU CA 425 37.17 -136.29 50.35
C LEU CA 425 38.52 -135.68 50.04
N ILE CA 426 39.48 -135.95 50.92
CA ILE CA 426 40.84 -135.45 50.81
C ILE CA 426 41.66 -136.43 49.97
N LYS CA 427 42.56 -135.90 49.16
CA LYS CA 427 43.43 -136.71 48.32
C LYS CA 427 44.89 -136.39 48.61
N LYS CA 428 45.76 -137.38 48.41
CA LYS CA 428 47.20 -137.15 48.56
C LYS CA 428 47.67 -136.10 47.58
N LYS CA 429 47.16 -136.15 46.33
CA LYS CA 429 47.47 -135.11 45.37
C LYS CA 429 46.99 -133.75 45.86
N ASP CA 430 45.82 -133.70 46.48
CA ASP CA 430 45.32 -132.44 47.01
C ASP CA 430 46.24 -131.89 48.09
N VAL CA 431 46.69 -132.75 49.01
CA VAL CA 431 47.55 -132.32 50.09
C VAL CA 431 48.88 -131.81 49.55
N TRP CA 432 49.48 -132.56 48.62
CA TRP CA 432 50.77 -132.15 48.09
C TRP CA 432 50.63 -130.86 47.28
N ALA CA 433 49.51 -130.69 46.58
CA ALA CA 433 49.27 -129.46 45.84
C ALA CA 433 49.12 -128.28 46.79
N PHE CA 434 48.41 -128.48 47.91
CA PHE CA 434 48.24 -127.41 48.88
C PHE CA 434 49.58 -127.01 49.49
N ILE CA 435 50.39 -128.00 49.86
CA ILE CA 435 51.68 -127.66 50.48
C ILE CA 435 52.63 -127.04 49.46
N GLU CA 436 52.53 -127.44 48.20
CA GLU CA 436 53.35 -126.80 47.18
C GLU CA 436 52.89 -125.36 46.92
N THR CA 437 51.57 -125.14 46.97
CA THR CA 437 51.04 -123.78 46.87
C THR CA 437 51.56 -122.92 48.01
N LEU CA 438 51.66 -123.52 49.21
CA LEU CA 438 52.34 -122.85 50.30
C LEU CA 438 53.78 -122.53 49.94
N GLY CA 439 54.50 -123.53 49.40
CA GLY CA 439 55.80 -123.32 48.81
C GLY CA 439 56.89 -122.86 49.75
N TYR CA 440 56.67 -122.96 51.06
CA TYR CA 440 57.68 -122.50 52.01
C TYR CA 440 58.90 -123.41 52.01
N PHE CA 441 58.68 -124.73 52.08
CA PHE CA 441 59.79 -125.67 52.00
C PHE CA 441 60.41 -125.67 50.63
N ARG CA 442 61.71 -125.94 50.60
CA ARG CA 442 62.43 -126.11 49.35
C ARG CA 442 62.40 -127.56 48.89
N ASP CA 443 62.50 -128.49 49.83
CA ASP CA 443 62.31 -129.90 49.57
C ASP CA 443 61.59 -130.51 50.75
N PHE CA 444 60.75 -131.51 50.48
CA PHE CA 444 59.88 -132.05 51.50
C PHE CA 444 59.36 -133.40 51.07
N TYR CA 445 58.85 -134.15 52.04
CA TYR CA 445 58.29 -135.46 51.84
C TYR CA 445 57.12 -135.66 52.79
N LEU CA 446 56.06 -136.30 52.30
CA LEU CA 446 54.86 -136.56 53.09
C LEU CA 446 54.73 -138.05 53.34
N GLU CA 447 54.62 -138.42 54.61
CA GLU CA 447 54.29 -139.77 55.04
C GLU CA 447 52.86 -139.78 55.55
N PHE CA 448 52.01 -140.61 54.94
CA PHE CA 448 50.59 -140.66 55.28
C PHE CA 448 50.36 -141.82 56.24
N VAL CA 449 50.58 -141.55 57.52
CA VAL CA 449 50.46 -142.58 58.54
C VAL CA 449 49.00 -142.93 58.74
N GLU CA 450 48.70 -144.23 58.69
CA GLU CA 450 47.33 -144.75 58.85
C GLU CA 450 46.40 -144.12 57.83
N TRP CA 451 46.91 -143.90 56.62
CA TRP CA 451 46.07 -143.42 55.55
C TRP CA 451 45.04 -144.46 55.17
N ASN CA 452 43.80 -144.02 54.96
CA ASN CA 452 42.72 -144.90 54.55
C ASN CA 452 41.91 -144.22 53.47
N GLU CA 453 41.22 -145.02 52.67
CA GLU CA 453 40.41 -144.53 51.58
C GLU CA 453 38.94 -144.68 51.94
N SER CA 454 38.21 -143.56 51.94
CA SER CA 454 36.82 -143.56 52.37
C SER CA 454 35.94 -144.37 51.42
N ASN CA 455 34.96 -145.05 51.98
CA ASN CA 455 33.98 -145.77 51.17
C ASN CA 455 33.09 -144.81 50.38
N GLY CA 456 32.98 -143.56 50.82
CA GLY CA 456 32.10 -142.60 50.22
C GLY CA 456 30.69 -142.57 50.78
N PHE CA 457 30.29 -143.61 51.51
CA PHE CA 457 28.98 -143.60 52.15
C PHE CA 457 29.01 -142.79 53.44
N TYR CA 458 29.83 -143.21 54.40
CA TYR CA 458 29.89 -142.56 55.69
C TYR CA 458 31.29 -142.33 56.21
N ASP CA 459 32.32 -142.91 55.61
CA ASP CA 459 33.67 -142.74 56.12
C ASP CA 459 34.10 -141.29 56.01
N PHE CA 460 34.70 -140.78 57.07
CA PHE CA 460 35.09 -139.38 57.17
C PHE CA 460 36.59 -139.32 57.43
N VAL CA 461 37.37 -139.25 56.36
CA VAL CA 461 38.82 -139.18 56.45
C VAL CA 461 39.22 -137.73 56.66
N TYR CA 462 40.05 -137.48 57.67
CA TYR CA 462 40.54 -136.15 57.93
C TYR CA 462 41.92 -136.24 58.54
N LEU CA 463 42.65 -135.12 58.47
CA LEU CA 463 44.02 -135.09 58.96
C LEU CA 463 44.05 -134.90 60.47
N ASP CA 464 44.89 -135.68 61.14
CA ASP CA 464 45.18 -135.49 62.56
C ASP CA 464 46.27 -134.44 62.68
N THR CA 465 45.85 -133.18 62.74
CA THR CA 465 46.82 -132.08 62.74
C THR CA 465 47.67 -132.09 64.01
N GLU CA 466 47.05 -132.34 65.17
CA GLU CA 466 47.79 -132.28 66.42
C GLU CA 466 48.81 -133.40 66.55
N ASN CA 467 48.49 -134.59 66.04
CA ASN CA 467 49.45 -135.69 66.04
C ASN CA 467 50.35 -135.70 64.81
N SER CA 468 50.21 -134.72 63.93
CA SER CA 468 51.06 -134.67 62.75
C SER CA 468 52.51 -134.39 63.13
N THR CA 469 53.41 -134.92 62.31
CA THR CA 469 54.85 -134.81 62.57
C THR CA 469 55.45 -133.76 61.65
N PHE CA 470 56.29 -132.90 62.21
CA PHE CA 470 56.92 -131.80 61.48
C PHE CA 470 58.43 -131.91 61.63
N ASN CA 471 59.06 -132.69 60.75
CA ASN CA 471 60.52 -132.79 60.69
C ASN CA 471 61.04 -131.63 59.84
N ILE CA 472 60.94 -130.44 60.41
CA ILE CA 472 61.28 -129.20 59.73
C ILE CA 472 62.74 -128.88 59.99
N SER CA 473 63.48 -128.61 58.92
CA SER CA 473 64.87 -128.20 59.03
C SER CA 473 65.07 -126.91 58.25
N TYR CA 474 66.25 -126.32 58.41
CA TYR CA 474 66.61 -125.10 57.70
C TYR CA 474 67.45 -125.47 56.48
N GLU CA 475 66.98 -125.09 55.31
CA GLU CA 475 67.72 -125.34 54.08
C GLU CA 475 68.74 -124.24 53.90
N GLU CA 476 70.00 -124.63 53.63
CA GLU CA 476 71.06 -123.66 53.47
C GLU CA 476 70.78 -122.75 52.28
N GLU CA 477 70.96 -121.45 52.48
CA GLU CA 477 70.70 -120.47 51.44
C GLU CA 477 71.99 -120.02 50.78
N MET DA 1 95.52 -58.16 37.69
CA MET DA 1 96.69 -58.92 37.27
C MET DA 1 96.69 -60.33 37.88
N SER DA 2 96.50 -60.39 39.20
CA SER DA 2 96.58 -61.65 39.93
C SER DA 2 95.37 -61.80 40.84
N LYS DA 3 95.14 -63.03 41.28
CA LYS DA 3 94.09 -63.35 42.23
C LYS DA 3 94.56 -63.24 43.68
N THR DA 4 95.82 -62.87 43.90
CA THR DA 4 96.30 -62.60 45.24
C THR DA 4 95.52 -61.42 45.83
N THR DA 5 95.24 -61.51 47.13
CA THR DA 5 94.44 -60.47 47.77
C THR DA 5 95.19 -59.13 47.70
N PRO DA 6 94.55 -58.07 47.24
CA PRO DA 6 95.19 -56.76 47.26
C PRO DA 6 94.94 -56.03 48.56
N THR DA 7 95.43 -54.80 48.65
CA THR DA 7 95.16 -53.95 49.80
C THR DA 7 94.57 -52.64 49.30
N LYS DA 8 93.71 -52.05 50.14
CA LYS DA 8 93.00 -50.84 49.74
C LYS DA 8 93.98 -49.72 49.40
N ASP DA 9 95.08 -49.62 50.14
CA ASP DA 9 96.08 -48.62 49.82
C ASP DA 9 96.71 -48.89 48.46
N SER DA 10 96.96 -50.17 48.15
CA SER DA 10 97.50 -50.53 46.85
C SER DA 10 96.54 -50.15 45.73
N ILE DA 11 95.25 -50.38 45.94
CA ILE DA 11 94.27 -50.02 44.93
C ILE DA 11 94.20 -48.51 44.77
N ARG DA 12 94.20 -47.78 45.89
CA ARG DA 12 94.23 -46.33 45.83
C ARG DA 12 95.43 -45.84 45.05
N ALA DA 13 96.59 -46.44 45.31
CA ALA DA 13 97.80 -46.12 44.57
C ALA DA 13 97.56 -46.33 43.08
N GLU DA 14 97.33 -47.58 42.68
CA GLU DA 14 97.20 -47.89 41.27
C GLU DA 14 96.25 -46.93 40.59
N PHE DA 15 95.16 -46.58 41.28
CA PHE DA 15 94.24 -45.59 40.75
C PHE DA 15 94.90 -44.23 40.59
N GLU DA 16 95.69 -43.80 41.58
CA GLU DA 16 96.20 -42.43 41.52
C GLU DA 16 97.32 -42.30 40.47
N GLU DA 17 98.21 -43.29 40.34
CA GLU DA 17 99.15 -43.13 39.24
C GLU DA 17 98.47 -43.31 37.89
N LEU DA 18 97.42 -44.14 37.80
CA LEU DA 18 96.68 -44.17 36.56
C LEU DA 18 96.11 -42.79 36.25
N VAL DA 19 95.58 -42.13 37.26
CA VAL DA 19 94.98 -40.82 37.06
C VAL DA 19 96.02 -39.81 36.60
N GLU DA 20 97.15 -39.74 37.30
CA GLU DA 20 98.13 -38.72 36.94
C GLU DA 20 98.74 -39.01 35.58
N LYS DA 21 98.96 -40.28 35.25
CA LYS DA 21 99.47 -40.60 33.92
C LYS DA 21 98.44 -40.31 32.85
N ASP DA 22 97.16 -40.34 33.19
CA ASP DA 22 96.15 -39.93 32.25
C ASP DA 22 96.17 -38.41 32.09
N SER DA 23 96.03 -37.96 30.84
CA SER DA 23 96.18 -36.54 30.53
C SER DA 23 94.92 -35.73 30.79
N PHE DA 24 93.77 -36.38 30.95
CA PHE DA 24 92.53 -35.61 31.08
C PHE DA 24 92.49 -34.84 32.40
N TRP DA 25 92.99 -35.43 33.47
CA TRP DA 25 93.08 -34.65 34.71
C TRP DA 25 94.19 -33.61 34.62
N SER DA 26 95.21 -33.86 33.79
CA SER DA 26 96.21 -32.84 33.56
C SER DA 26 95.58 -31.59 32.96
N LYS DA 27 94.70 -31.76 31.98
CA LYS DA 27 93.95 -30.63 31.45
C LYS DA 27 92.91 -30.15 32.45
N PHE DA 28 92.46 -31.01 33.35
CA PHE DA 28 91.49 -30.66 34.39
C PHE DA 28 92.06 -31.10 35.74
N VAL DA 29 92.84 -30.22 36.35
CA VAL DA 29 93.31 -30.43 37.70
C VAL DA 29 92.30 -29.84 38.67
N GLY DA 30 92.35 -30.30 39.92
CA GLY DA 30 91.46 -29.83 40.95
C GLY DA 30 90.28 -30.72 41.23
N SER DA 31 90.39 -32.01 40.95
CA SER DA 31 89.31 -32.98 41.23
C SER DA 31 89.65 -33.69 42.53
N GLN DA 32 89.38 -33.03 43.65
CA GLN DA 32 89.55 -33.69 44.93
C GLN DA 32 88.36 -34.54 45.33
N PHE DA 33 87.28 -34.51 44.53
CA PHE DA 33 86.17 -35.44 44.72
C PHE DA 33 86.51 -36.84 44.26
N VAL DA 34 87.36 -36.97 43.24
CA VAL DA 34 87.77 -38.30 42.81
C VAL DA 34 88.51 -39.01 43.93
N SER DA 35 89.00 -38.26 44.93
CA SER DA 35 89.70 -38.88 46.06
C SER DA 35 88.76 -39.83 46.81
N MET DA 36 87.70 -39.28 47.41
CA MET DA 36 86.80 -40.17 48.12
C MET DA 36 85.98 -41.03 47.16
N LEU DA 37 85.82 -40.63 45.90
CA LEU DA 37 85.23 -41.57 44.94
C LEU DA 37 86.10 -42.82 44.79
N THR DA 38 87.42 -42.62 44.70
CA THR DA 38 88.35 -43.74 44.67
C THR DA 38 88.26 -44.54 45.95
N LEU DA 39 88.14 -43.87 47.09
CA LEU DA 39 87.95 -44.58 48.36
C LEU DA 39 86.74 -45.51 48.27
N PHE DA 40 85.60 -44.96 47.86
CA PHE DA 40 84.35 -45.71 47.86
C PHE DA 40 84.43 -46.89 46.90
N ILE DA 41 84.92 -46.65 45.68
CA ILE DA 41 85.08 -47.75 44.75
C ILE DA 41 86.10 -48.74 45.27
N THR DA 42 87.04 -48.31 46.12
CA THR DA 42 87.99 -49.24 46.70
C THR DA 42 87.29 -50.19 47.65
N GLN DA 43 86.41 -49.69 48.52
CA GLN DA 43 85.66 -50.63 49.35
C GLN DA 43 84.74 -51.50 48.48
N ILE DA 44 84.22 -50.93 47.38
CA ILE DA 44 83.36 -51.70 46.49
C ILE DA 44 84.10 -52.89 45.92
N VAL DA 45 85.29 -52.64 45.37
CA VAL DA 45 86.06 -53.72 44.78
C VAL DA 45 86.60 -54.65 45.85
N TYR DA 46 86.82 -54.16 47.07
CA TYR DA 46 87.18 -55.05 48.17
C TYR DA 46 86.07 -56.04 48.45
N ARG DA 47 84.83 -55.55 48.49
CA ARG DA 47 83.69 -56.44 48.67
C ARG DA 47 83.57 -57.38 47.47
N CYS DA 48 83.88 -56.87 46.28
CA CYS DA 48 83.87 -57.70 45.08
C CYS DA 48 84.88 -58.83 45.19
N PHE DA 49 86.06 -58.54 45.73
CA PHE DA 49 87.10 -59.55 45.88
C PHE DA 49 86.69 -60.56 46.94
N GLN DA 50 86.02 -60.10 47.99
CA GLN DA 50 85.47 -61.03 48.96
C GLN DA 50 84.45 -61.97 48.31
N TYR DA 51 83.60 -61.41 47.44
CA TYR DA 51 82.64 -62.22 46.72
C TYR DA 51 83.35 -63.22 45.82
N ALA DA 52 84.43 -62.79 45.17
CA ALA DA 52 85.21 -63.70 44.33
C ALA DA 52 85.82 -64.81 45.15
N ASP DA 53 86.30 -64.49 46.35
CA ASP DA 53 86.85 -65.51 47.22
C ASP DA 53 85.78 -66.52 47.62
N ALA DA 54 84.57 -66.03 47.90
CA ALA DA 54 83.45 -66.93 48.15
C ALA DA 54 83.17 -67.80 46.93
N ALA DA 55 83.31 -67.23 45.73
CA ALA DA 55 83.12 -68.01 44.53
C ALA DA 55 84.15 -69.14 44.42
N LEU DA 56 85.41 -68.83 44.74
CA LEU DA 56 86.42 -69.89 44.76
C LEU DA 56 86.08 -70.96 45.79
N ALA DA 57 85.65 -70.54 46.97
CA ALA DA 57 85.30 -71.50 48.01
C ALA DA 57 84.19 -72.42 47.56
N GLU DA 58 83.18 -71.87 46.90
CA GLU DA 58 82.06 -72.70 46.44
C GLU DA 58 82.37 -73.45 45.17
N GLY DA 59 83.43 -73.09 44.45
CA GLY DA 59 83.77 -73.79 43.23
C GLY DA 59 84.46 -75.12 43.42
N PHE DA 60 84.76 -75.50 44.66
CA PHE DA 60 85.41 -76.76 44.95
C PHE DA 60 84.73 -77.42 46.13
N ILE DA 61 84.45 -78.72 46.00
CA ILE DA 61 83.76 -79.44 47.08
C ILE DA 61 84.59 -79.40 48.36
N SER DA 62 85.91 -79.49 48.24
CA SER DA 62 86.77 -79.39 49.41
C SER DA 62 86.62 -78.03 50.07
N THR DA 63 86.60 -76.97 49.27
CA THR DA 63 86.51 -75.63 49.82
C THR DA 63 85.08 -75.25 50.19
N ALA DA 64 84.09 -75.80 49.50
CA ALA DA 64 82.70 -75.49 49.79
C ALA DA 64 82.23 -76.32 50.98
N THR DA 65 81.63 -75.64 51.96
CA THR DA 65 81.10 -76.29 53.15
C THR DA 65 79.58 -76.31 53.19
N ARG DA 66 78.93 -75.98 52.08
CA ARG DA 66 77.47 -75.96 52.02
C ARG DA 66 76.91 -77.33 51.73
N ARG DA 67 75.81 -77.67 52.42
CA ARG DA 67 75.13 -78.93 52.16
C ARG DA 67 74.69 -79.02 50.71
N SER DA 68 74.21 -77.92 50.14
CA SER DA 68 73.72 -77.96 48.77
C SER DA 68 74.84 -78.26 47.78
N SER DA 69 75.96 -77.53 47.89
CA SER DA 69 77.06 -77.76 46.97
C SER DA 69 77.66 -79.15 47.16
N ILE DA 70 77.77 -79.60 48.42
CA ILE DA 70 78.30 -80.93 48.68
C ILE DA 70 77.41 -81.99 48.06
N LEU DA 71 76.08 -81.83 48.17
CA LEU DA 71 75.17 -82.79 47.57
C LEU DA 71 75.26 -82.76 46.05
N ALA DA 72 75.41 -81.57 45.47
CA ALA DA 72 75.57 -81.48 44.02
C ALA DA 72 76.80 -82.25 43.56
N ALA DA 73 77.93 -82.02 44.24
CA ALA DA 73 79.15 -82.73 43.89
C ALA DA 73 79.01 -84.23 44.11
N ALA DA 74 78.32 -84.63 45.17
CA ALA DA 74 78.12 -86.06 45.44
C ALA DA 74 77.27 -86.71 44.37
N GLU DA 75 76.25 -85.99 43.87
CA GLU DA 75 75.44 -86.54 42.81
C GLU DA 75 76.22 -86.61 41.51
N THR DA 76 77.11 -85.65 41.26
CA THR DA 76 78.05 -85.79 40.14
C THR DA 76 78.88 -87.05 40.29
N ASN DA 77 79.38 -87.29 41.50
CA ASN DA 77 80.09 -88.52 41.82
C ASN DA 77 79.18 -89.73 41.79
N SER DA 78 77.86 -89.52 41.69
CA SER DA 78 76.88 -90.59 41.73
C SER DA 78 76.96 -91.35 43.05
N TYR DA 79 76.99 -90.60 44.14
CA TYR DA 79 77.05 -91.16 45.48
C TYR DA 79 75.91 -90.63 46.32
N VAL DA 80 75.34 -91.49 47.16
CA VAL DA 80 74.28 -91.10 48.08
C VAL DA 80 74.61 -91.66 49.46
N GLY DA 81 74.06 -91.01 50.48
CA GLY DA 81 74.32 -91.39 51.86
C GLY DA 81 73.45 -92.53 52.33
N THR DA 82 73.42 -92.69 53.64
CA THR DA 82 72.69 -93.77 54.30
C THR DA 82 71.52 -93.19 55.11
N LYS DA 83 70.42 -93.92 55.12
CA LYS DA 83 69.24 -93.47 55.83
C LYS DA 83 69.34 -93.82 57.32
N PRO DA 84 68.69 -93.05 58.19
CA PRO DA 84 68.66 -93.39 59.61
C PRO DA 84 67.91 -94.69 59.84
N THR DA 85 68.30 -95.39 60.91
CA THR DA 85 67.72 -96.69 61.21
C THR DA 85 66.81 -96.61 62.43
N PRO DA 86 65.78 -97.44 62.51
CA PRO DA 86 64.89 -97.42 63.68
C PRO DA 86 65.61 -97.85 64.94
N SER DA 87 65.12 -97.33 66.06
CA SER DA 87 65.57 -97.75 67.38
C SER DA 87 64.60 -98.79 67.91
N SER DA 88 65.14 -99.92 68.39
CA SER DA 88 64.32 -101.04 68.83
C SER DA 88 64.47 -101.25 70.32
N GLY DA 89 63.34 -101.53 70.98
CA GLY DA 89 63.32 -101.87 72.38
C GLY DA 89 62.73 -103.26 72.58
N MET DA 90 62.86 -103.75 73.82
CA MET DA 90 62.39 -105.08 74.18
C MET DA 90 61.23 -104.93 75.16
N ILE DA 91 60.09 -105.54 74.82
CA ILE DA 91 58.86 -105.30 75.55
C ILE DA 91 58.24 -106.63 75.95
N GLU DA 92 57.41 -106.57 76.99
CA GLU DA 92 56.63 -107.69 77.47
C GLU DA 92 55.15 -107.41 77.21
N ILE DA 93 54.40 -108.47 76.94
CA ILE DA 93 52.99 -108.38 76.59
C ILE DA 93 52.22 -109.36 77.46
N THR DA 94 51.20 -108.87 78.17
CA THR DA 94 50.33 -109.70 78.99
C THR DA 94 48.88 -109.34 78.65
N ALA DA 95 48.21 -110.24 77.92
CA ALA DA 95 46.84 -109.97 77.53
C ALA DA 95 45.93 -109.95 78.76
N THR DA 96 45.00 -109.00 78.79
CA THR DA 96 44.07 -108.87 79.89
C THR DA 96 42.77 -109.62 79.68
N SER DA 97 42.57 -110.23 78.51
CA SER DA 97 41.34 -110.93 78.20
C SER DA 97 41.65 -112.27 77.55
N GLU DA 98 40.77 -113.24 77.77
CA GLU DA 98 40.98 -114.60 77.28
C GLU DA 98 40.83 -114.68 75.77
N ASP DA 99 39.95 -113.88 75.18
CA ASP DA 99 39.72 -113.94 73.75
C ASP DA 99 40.93 -113.47 72.94
N ALA DA 100 41.86 -112.78 73.56
CA ALA DA 100 43.05 -112.32 72.85
C ALA DA 100 43.89 -113.52 72.45
N PRO DA 101 44.26 -113.65 71.18
CA PRO DA 101 45.09 -114.78 70.76
C PRO DA 101 46.49 -114.69 71.36
N ALA DA 102 47.05 -115.86 71.68
CA ALA DA 102 48.41 -115.92 72.19
C ALA DA 102 49.44 -115.72 71.09
N VAL DA 103 49.02 -115.73 69.82
CA VAL DA 103 49.91 -115.47 68.70
C VAL DA 103 49.46 -114.17 68.06
N ILE DA 104 50.29 -113.15 68.14
CA ILE DA 104 50.00 -111.85 67.56
C ILE DA 104 50.48 -111.87 66.11
N PRO DA 105 49.63 -111.57 65.13
CA PRO DA 105 50.04 -111.68 63.73
C PRO DA 105 51.17 -110.71 63.39
N LYS DA 106 51.73 -110.91 62.21
CA LYS DA 106 52.91 -110.19 61.79
C LYS DA 106 52.61 -108.71 61.52
N ASN DA 107 53.51 -107.85 61.99
CA ASN DA 107 53.44 -106.40 61.76
C ASN DA 107 52.12 -105.80 62.26
N MET DA 108 51.94 -105.88 63.56
CA MET DA 108 50.82 -105.19 64.17
C MET DA 108 51.24 -103.79 64.62
N PRO DA 109 50.48 -102.76 64.31
CA PRO DA 109 50.89 -101.40 64.65
C PRO DA 109 50.82 -101.15 66.15
N LEU DA 110 51.55 -100.12 66.57
CA LEU DA 110 51.64 -99.75 67.96
C LEU DA 110 52.00 -98.28 68.06
N ILE DA 111 51.54 -97.63 69.12
CA ILE DA 111 51.92 -96.26 69.41
C ILE DA 111 52.56 -96.23 70.79
N SER DA 112 53.54 -95.35 70.93
CA SER DA 112 54.26 -95.21 72.19
C SER DA 112 53.66 -94.06 73.01
N ASP DA 113 54.02 -94.02 74.29
CA ASP DA 113 53.50 -92.98 75.17
C ASP DA 113 53.95 -91.59 74.71
N ASP DA 114 55.14 -91.50 74.12
CA ASP DA 114 55.63 -90.25 73.55
C ASP DA 114 55.10 -90.00 72.15
N GLN DA 115 54.03 -90.70 71.76
CA GLN DA 115 53.36 -90.50 70.48
C GLN DA 115 54.31 -90.74 69.32
N TYR DA 116 54.78 -91.98 69.22
CA TYR DA 116 55.63 -92.41 68.14
C TYR DA 116 55.17 -93.77 67.61
N PRO DA 117 55.12 -93.94 66.29
CA PRO DA 117 54.69 -95.21 65.73
C PRO DA 117 55.76 -96.28 65.85
N TYR DA 118 55.34 -97.48 66.25
CA TYR DA 118 56.24 -98.61 66.41
C TYR DA 118 55.63 -99.83 65.76
N MET DA 119 56.49 -100.73 65.29
CA MET DA 119 56.03 -101.90 64.55
C MET DA 119 56.86 -103.10 64.94
N THR DA 120 56.17 -104.23 65.11
CA THR DA 120 56.85 -105.49 65.40
C THR DA 120 57.62 -105.95 64.18
N MET DA 121 58.81 -106.49 64.42
CA MET DA 121 59.61 -107.04 63.34
C MET DA 121 59.31 -108.51 63.08
N ASP DA 122 58.45 -109.13 63.88
CA ASP DA 122 58.16 -110.55 63.76
C ASP DA 122 56.84 -110.85 64.46
N VAL DA 123 56.46 -112.12 64.42
CA VAL DA 123 55.22 -112.58 65.04
C VAL DA 123 55.44 -112.77 66.53
N CYS DA 124 54.59 -112.15 67.33
CA CYS DA 124 54.68 -112.27 68.78
C CYS DA 124 53.89 -113.48 69.25
N ARG DA 125 54.48 -114.23 70.18
CA ARG DA 125 53.87 -115.42 70.74
C ARG DA 125 53.71 -115.22 72.23
N LEU DA 126 52.52 -115.54 72.75
CA LEU DA 126 52.23 -115.44 74.18
C LEU DA 126 52.26 -116.83 74.78
N VAL DA 127 53.07 -117.01 75.82
CA VAL DA 127 53.10 -118.25 76.58
C VAL DA 127 52.02 -118.12 77.65
N ASP DA 128 50.85 -118.69 77.37
CA ASP DA 128 49.69 -118.57 78.24
C ASP DA 128 49.35 -117.10 78.48
N GLY DA 129 49.26 -116.35 77.39
CA GLY DA 129 48.96 -114.93 77.46
C GLY DA 129 50.12 -114.03 77.80
N THR DA 130 51.30 -114.58 78.00
CA THR DA 130 52.49 -113.81 78.34
C THR DA 130 53.57 -114.02 77.28
N GLY DA 131 54.10 -112.93 76.76
CA GLY DA 131 55.13 -113.02 75.74
C GLY DA 131 56.07 -111.84 75.81
N THR DA 132 57.15 -111.92 75.05
CA THR DA 132 58.11 -110.83 74.94
C THR DA 132 58.53 -110.69 73.48
N VAL DA 133 58.73 -109.45 73.04
CA VAL DA 133 59.11 -109.19 71.65
C VAL DA 133 59.93 -107.92 71.58
N GLU DA 134 60.78 -107.84 70.56
CA GLU DA 134 61.49 -106.61 70.23
C GLU DA 134 60.68 -105.85 69.18
N VAL DA 135 60.47 -104.57 69.43
CA VAL DA 135 59.70 -103.71 68.53
C VAL DA 135 60.49 -102.43 68.30
N ALA DA 136 60.57 -102.00 67.04
CA ALA DA 136 61.32 -100.80 66.67
C ALA DA 136 60.37 -99.70 66.21
N GLN DA 137 60.88 -98.47 66.25
CA GLN DA 137 60.11 -97.32 65.79
C GLN DA 137 60.01 -97.35 64.28
N LEU DA 138 58.96 -97.98 63.76
CA LEU DA 138 58.80 -98.15 62.33
C LEU DA 138 57.39 -97.73 61.92
N GLU DA 139 57.30 -97.10 60.75
CA GLU DA 139 56.03 -96.63 60.22
C GLU DA 139 56.01 -96.83 58.72
N ILE DA 140 54.82 -96.66 58.14
CA ILE DA 140 54.52 -97.06 56.77
C ILE DA 140 54.02 -95.85 55.98
N GLN DA 141 54.55 -95.67 54.77
CA GLN DA 141 54.01 -94.74 53.80
C GLN DA 141 53.97 -95.42 52.45
N GLU DA 142 53.09 -94.93 51.58
CA GLU DA 142 52.99 -95.48 50.23
C GLU DA 142 52.48 -94.40 49.30
N VAL DA 143 53.03 -94.37 48.09
CA VAL DA 143 52.58 -93.47 47.04
C VAL DA 143 52.37 -94.28 45.76
N THR DA 144 51.24 -94.07 45.12
CA THR DA 144 50.91 -94.77 43.88
C THR DA 144 50.73 -93.74 42.76
N TYR DA 145 51.34 -94.01 41.62
CA TYR DA 145 51.24 -93.14 40.45
C TYR DA 145 50.92 -93.98 39.23
N THR DA 146 50.33 -93.36 38.21
CA THR DA 146 49.96 -94.04 36.98
C THR DA 146 50.66 -93.36 35.81
N VAL DA 147 51.33 -94.15 34.97
CA VAL DA 147 52.01 -93.59 33.82
C VAL DA 147 50.99 -93.13 32.80
N THR DA 148 51.19 -91.91 32.27
CA THR DA 148 50.28 -91.31 31.32
C THR DA 148 50.93 -90.97 29.98
N ALA DA 149 52.24 -90.73 29.95
CA ALA DA 149 52.95 -90.43 28.72
C ALA DA 149 54.21 -91.29 28.65
N ALA DA 150 54.85 -91.29 27.48
CA ALA DA 150 56.02 -92.12 27.22
C ALA DA 150 57.26 -91.24 27.13
N LYS DA 151 58.05 -91.20 28.19
CA LYS DA 151 59.34 -90.54 28.21
C LYS DA 151 60.44 -91.55 28.48
N GLU DA 152 61.52 -91.46 27.73
CA GLU DA 152 62.70 -92.25 28.07
C GLU DA 152 63.20 -91.82 29.43
N PHE DA 153 63.71 -92.79 30.19
CA PHE DA 153 64.20 -92.55 31.54
C PHE DA 153 63.08 -92.03 32.44
N LEU DA 154 62.11 -92.90 32.67
CA LEU DA 154 60.97 -92.57 33.52
C LEU DA 154 61.47 -92.10 34.88
N GLU DA 155 60.92 -91.00 35.37
CA GLU DA 155 61.42 -90.33 36.54
C GLU DA 155 60.33 -90.18 37.59
N VAL DA 156 60.69 -90.38 38.85
CA VAL DA 156 59.78 -90.20 39.98
C VAL DA 156 60.50 -89.41 41.06
N VAL DA 157 59.77 -88.47 41.66
CA VAL DA 157 60.32 -87.51 42.62
C VAL DA 157 59.63 -87.70 43.96
N LEU DA 158 60.36 -87.38 45.03
CA LEU DA 158 59.88 -87.56 46.40
C LEU DA 158 59.99 -86.22 47.13
N SER DA 159 59.35 -86.16 48.30
CA SER DA 159 59.32 -84.95 49.10
C SER DA 159 60.13 -85.14 50.38
N LYS DA 160 60.86 -84.08 50.78
CA LYS DA 160 61.63 -84.16 52.00
C LYS DA 160 60.74 -84.46 53.21
N ALA DA 161 59.47 -84.07 53.16
CA ALA DA 161 58.57 -84.34 54.26
C ALA DA 161 58.62 -85.81 54.64
N LEU DA 162 58.72 -86.70 53.67
CA LEU DA 162 58.82 -88.12 53.93
C LEU DA 162 60.26 -88.63 53.87
N THR DA 163 61.13 -88.01 53.09
CA THR DA 163 62.51 -88.49 53.03
C THR DA 163 63.27 -88.18 54.31
N ALA DA 164 62.78 -87.25 55.12
CA ALA DA 164 63.43 -86.96 56.39
C ALA DA 164 63.31 -88.11 57.37
N VAL DA 165 62.35 -89.00 57.15
CA VAL DA 165 62.18 -90.17 57.99
C VAL DA 165 62.29 -91.48 57.24
N CYS DA 166 62.43 -91.44 55.91
CA CYS DA 166 62.51 -92.68 55.14
C CYS DA 166 63.70 -93.52 55.58
N TYR DA 167 63.49 -94.83 55.61
CA TYR DA 167 64.54 -95.78 55.94
C TYR DA 167 64.66 -96.89 54.92
N LYS DA 168 63.55 -97.36 54.35
CA LYS DA 168 63.58 -98.46 53.40
C LYS DA 168 62.61 -98.18 52.26
N LEU DA 169 63.02 -98.54 51.05
CA LEU DA 169 62.25 -98.26 49.84
C LEU DA 169 61.90 -99.55 49.12
N GLU DA 170 60.70 -99.59 48.55
CA GLU DA 170 60.22 -100.73 47.78
C GLU DA 170 59.52 -100.22 46.53
N VAL DA 171 59.87 -100.78 45.38
CA VAL DA 171 59.40 -100.32 44.09
C VAL DA 171 58.61 -101.45 43.44
N PHE DA 172 57.32 -101.21 43.19
CA PHE DA 172 56.45 -102.16 42.54
C PHE DA 172 55.94 -101.58 41.23
N VAL DA 173 56.05 -102.36 40.16
CA VAL DA 173 55.50 -101.97 38.87
C VAL DA 173 54.33 -102.89 38.58
N THR DA 174 53.14 -102.32 38.55
CA THR DA 174 51.91 -103.07 38.28
C THR DA 174 51.50 -102.76 36.85
N THR DA 175 51.76 -103.70 35.95
CA THR DA 175 51.44 -103.58 34.54
C THR DA 175 50.27 -104.50 34.24
N ASP DA 176 49.14 -103.90 33.87
CA ASP DA 176 47.93 -104.65 33.49
C ASP DA 176 47.55 -105.65 34.57
N GLY DA 177 47.69 -105.23 35.83
CA GLY DA 177 47.33 -106.06 36.96
C GLY DA 177 48.40 -106.99 37.47
N LYS DA 178 49.57 -107.03 36.82
CA LYS DA 178 50.67 -107.89 37.25
C LYS DA 178 51.69 -107.01 37.97
N THR DA 179 51.87 -107.22 39.27
CA THR DA 179 52.74 -106.41 40.08
C THR DA 179 54.07 -107.13 40.28
N THR DA 180 55.17 -106.46 39.94
CA THR DA 180 56.51 -107.00 40.07
C THR DA 180 57.35 -106.06 40.92
N GLN DA 181 58.04 -106.61 41.90
CA GLN DA 181 58.97 -105.82 42.70
C GLN DA 181 60.26 -105.67 41.92
N TRP DA 182 60.55 -104.45 41.47
CA TRP DA 182 61.74 -104.21 40.66
C TRP DA 182 63.00 -104.10 41.50
N SER DA 183 64.10 -104.58 40.93
CA SER DA 183 65.40 -104.46 41.55
C SER DA 183 66.10 -103.20 41.08
N SER DA 184 67.09 -102.76 41.86
CA SER DA 184 67.84 -101.55 41.56
C SER DA 184 69.33 -101.88 41.48
N SER DA 185 69.95 -101.51 40.36
CA SER DA 185 71.39 -101.58 40.22
C SER DA 185 71.89 -100.19 39.87
N THR DA 186 72.89 -99.72 40.59
CA THR DA 186 73.30 -98.33 40.44
C THR DA 186 73.86 -98.06 39.05
N MET DA 187 73.58 -96.85 38.55
CA MET DA 187 74.19 -96.33 37.33
C MET DA 187 73.95 -97.29 36.17
N PHE DA 188 72.87 -98.06 36.27
CA PHE DA 188 72.44 -98.99 35.24
C PHE DA 188 73.49 -100.06 34.96
N ARG DA 189 74.09 -100.58 36.03
CA ARG DA 189 75.06 -101.65 35.87
C ARG DA 189 74.36 -103.00 35.76
N LEU DA 190 74.86 -103.85 34.85
CA LEU DA 190 74.28 -105.15 34.54
C LEU DA 190 72.83 -105.03 34.08
N ALA DA 191 72.49 -103.92 33.45
CA ALA DA 191 71.12 -103.65 32.99
C ALA DA 191 71.01 -104.05 31.53
N GLY DA 192 70.17 -105.04 31.25
CA GLY DA 192 69.90 -105.46 29.90
C GLY DA 192 68.88 -104.56 29.24
N SER DA 193 68.37 -105.01 28.09
CA SER DA 193 67.38 -104.24 27.36
C SER DA 193 66.10 -104.10 28.18
N LYS DA 194 65.61 -105.20 28.73
CA LYS DA 194 64.34 -105.22 29.45
C LYS DA 194 64.52 -105.56 30.93
N SER DA 195 65.62 -105.13 31.52
CA SER DA 195 65.91 -105.42 32.92
C SER DA 195 65.02 -104.56 33.82
N GLN DA 196 64.42 -105.20 34.83
CA GLN DA 196 63.57 -104.51 35.79
C GLN DA 196 64.46 -103.76 36.77
N VAL DA 197 65.04 -102.67 36.27
CA VAL DA 197 66.11 -101.95 36.96
C VAL DA 197 65.74 -100.48 37.07
N TYR DA 198 66.17 -99.84 38.14
CA TYR DA 198 65.99 -98.41 38.34
C TYR DA 198 67.14 -97.90 39.18
N VAL DA 199 67.41 -96.60 39.07
CA VAL DA 199 68.48 -95.95 39.82
C VAL DA 199 67.89 -94.82 40.65
N GLU DA 200 68.25 -94.78 41.93
CA GLU DA 200 67.79 -93.76 42.85
C GLU DA 200 68.94 -92.84 43.20
N PHE DA 201 68.61 -91.59 43.49
CA PHE DA 201 69.61 -90.54 43.63
C PHE DA 201 69.07 -89.42 44.50
N TYR DA 202 70.01 -88.64 45.05
CA TYR DA 202 69.70 -87.42 45.76
C TYR DA 202 69.61 -86.26 44.78
N LYS DA 203 69.22 -85.10 45.30
CA LYS DA 203 69.15 -83.93 44.48
C LYS DA 203 69.47 -82.78 45.42
N PRO DA 204 70.36 -81.85 45.00
CA PRO DA 204 70.94 -80.86 45.92
C PRO DA 204 69.95 -80.10 46.77
N SER DA 205 68.70 -80.00 46.34
CA SER DA 205 67.67 -79.48 47.22
C SER DA 205 67.10 -80.56 48.12
N GLU DA 206 67.92 -81.58 48.39
CA GLU DA 206 67.58 -82.72 49.23
C GLU DA 206 66.43 -83.53 48.64
N GLN DA 207 66.11 -83.29 47.37
CA GLN DA 207 65.09 -84.09 46.72
C GLN DA 207 65.59 -85.52 46.53
N LEU DA 208 64.65 -86.43 46.34
CA LEU DA 208 64.94 -87.82 46.06
C LEU DA 208 64.30 -88.19 44.74
N GLY DA 209 65.05 -88.88 43.88
CA GLY DA 209 64.56 -89.19 42.56
C GLY DA 209 64.96 -90.59 42.14
N VAL DA 210 64.19 -91.13 41.20
CA VAL DA 210 64.49 -92.44 40.63
C VAL DA 210 64.23 -92.39 39.13
N ARG DA 211 65.11 -93.03 38.37
CA ARG DA 211 65.06 -93.05 36.92
C ARG DA 211 65.08 -94.50 36.44
N PHE DA 212 64.41 -94.71 35.31
CA PHE DA 212 64.23 -96.01 34.70
C PHE DA 212 64.96 -96.06 33.35
N GLY DA 213 64.84 -97.19 32.66
CA GLY DA 213 65.66 -97.47 31.51
C GLY DA 213 65.23 -96.74 30.25
N ASP DA 214 66.04 -96.92 29.20
CA ASP DA 214 65.79 -96.37 27.88
C ASP DA 214 65.27 -97.41 26.91
N GLY DA 215 65.00 -98.62 27.37
CA GLY DA 215 64.69 -99.74 26.50
C GLY DA 215 65.94 -100.41 25.98
N LEU DA 216 66.92 -99.60 25.57
CA LEU DA 216 68.22 -100.14 25.19
C LEU DA 216 68.93 -100.72 26.40
N ILE DA 217 68.94 -99.98 27.50
CA ILE DA 217 69.58 -100.39 28.74
C ILE DA 217 68.57 -100.12 29.85
N GLY DA 218 67.81 -101.14 30.22
CA GLY DA 218 66.81 -101.01 31.26
C GLY DA 218 65.41 -101.08 30.69
N GLN DA 219 64.52 -101.80 31.37
CA GLN DA 219 63.15 -101.96 30.91
C GLN DA 219 62.38 -100.64 31.06
N ILE DA 220 61.63 -100.30 30.03
CA ILE DA 220 60.73 -99.15 30.05
C ILE DA 220 59.36 -99.65 30.49
N PRO DA 221 58.83 -99.17 31.61
CA PRO DA 221 57.46 -99.53 32.01
C PRO DA 221 56.47 -99.11 30.94
N PRO DA 222 55.47 -99.94 30.65
CA PRO DA 222 54.52 -99.63 29.59
C PRO DA 222 53.51 -98.57 30.02
N GLU DA 223 52.90 -97.95 29.02
CA GLU DA 223 51.88 -96.94 29.25
C GLU DA 223 50.63 -97.55 29.89
N GLY DA 224 50.01 -96.79 30.79
CA GLY DA 224 48.83 -97.22 31.49
C GLY DA 224 49.09 -98.05 32.72
N SER DA 225 50.35 -98.39 33.00
CA SER DA 225 50.69 -99.15 34.18
C SER DA 225 50.79 -98.21 35.39
N THR DA 226 51.06 -98.79 36.55
CA THR DA 226 51.16 -98.05 37.79
C THR DA 226 52.46 -98.37 38.49
N ILE DA 227 52.95 -97.41 39.26
CA ILE DA 227 54.16 -97.54 40.05
C ILE DA 227 53.80 -97.30 41.51
N THR DA 228 54.31 -98.16 42.38
CA THR DA 228 54.03 -98.13 43.81
C THR DA 228 55.34 -97.98 44.56
N LEU DA 229 55.42 -96.94 45.38
CA LEU DA 229 56.57 -96.72 46.25
C LEU DA 229 56.13 -96.96 47.68
N LYS DA 230 56.63 -98.05 48.26
CA LYS DA 230 56.47 -98.32 49.67
C LYS DA 230 57.67 -97.75 50.41
N VAL DA 231 57.41 -97.03 51.50
CA VAL DA 231 58.45 -96.36 52.24
C VAL DA 231 58.29 -96.74 53.70
N TRP DA 232 59.22 -97.53 54.21
CA TRP DA 232 59.30 -97.79 55.65
C TRP DA 232 60.09 -96.68 56.29
N CYS DA 233 59.44 -95.90 57.16
CA CYS DA 233 60.03 -94.71 57.75
C CYS DA 233 60.34 -94.93 59.22
N THR DA 234 61.29 -94.14 59.72
CA THR DA 234 61.61 -94.11 61.13
C THR DA 234 62.13 -92.73 61.46
N ASN DA 235 62.03 -92.38 62.74
CA ASN DA 235 62.49 -91.09 63.23
C ASN DA 235 63.92 -91.14 63.75
N GLY DA 236 64.61 -92.26 63.57
CA GLY DA 236 65.98 -92.38 64.00
C GLY DA 236 66.15 -93.09 65.32
N ASP DA 237 67.06 -92.62 66.16
CA ASP DA 237 67.31 -93.23 67.46
C ASP DA 237 66.36 -92.65 68.50
N ILE DA 238 65.09 -93.06 68.39
CA ILE DA 238 64.07 -92.67 69.35
C ILE DA 238 64.19 -93.58 70.57
N THR DA 239 64.73 -93.03 71.66
CA THR DA 239 64.97 -93.80 72.88
C THR DA 239 63.93 -93.44 73.92
N LEU DA 240 63.31 -94.46 74.51
CA LEU DA 240 62.30 -94.26 75.52
C LEU DA 240 62.63 -95.11 76.75
N VAL DA 241 62.33 -94.57 77.93
CA VAL DA 241 62.64 -95.26 79.17
C VAL DA 241 61.80 -96.52 79.29
N ALA DA 242 62.40 -97.58 79.82
CA ALA DA 242 61.67 -98.82 80.04
C ALA DA 242 60.69 -98.67 81.21
N GLY DA 243 59.77 -99.61 81.31
CA GLY DA 243 58.77 -99.60 82.36
C GLY DA 243 57.51 -98.83 82.06
N GLN DA 244 57.24 -98.53 80.80
CA GLN DA 244 56.05 -97.80 80.39
C GLN DA 244 55.17 -98.66 79.50
N ASN DA 245 53.87 -98.39 79.54
CA ASN DA 245 52.92 -99.20 78.79
C ASN DA 245 52.80 -98.71 77.36
N LEU DA 246 52.27 -99.58 76.50
CA LEU DA 246 52.17 -99.32 75.08
C LEU DA 246 50.73 -99.43 74.64
N THR DA 247 50.33 -98.57 73.71
CA THR DA 247 48.95 -98.54 73.25
C THR DA 247 48.86 -98.98 71.79
N PRO DA 248 48.31 -100.15 71.50
CA PRO DA 248 48.05 -100.51 70.11
C PRO DA 248 47.03 -99.58 69.49
N VAL DA 249 47.17 -99.36 68.18
CA VAL DA 249 46.33 -98.41 67.45
C VAL DA 249 45.94 -99.04 66.12
N ASP DA 250 45.11 -98.30 65.37
CA ASP DA 250 44.68 -98.66 64.01
C ASP DA 250 43.92 -99.98 64.10
N SER DA 251 44.21 -100.97 63.26
CA SER DA 251 43.50 -102.25 63.34
C SER DA 251 43.77 -102.95 64.66
N ALA DA 252 44.89 -102.66 65.31
CA ALA DA 252 45.22 -103.27 66.59
C ALA DA 252 44.50 -102.61 67.76
N ALA DA 253 43.83 -101.48 67.52
CA ALA DA 253 43.11 -100.81 68.60
C ALA DA 253 42.00 -101.69 69.16
N ASN DA 254 41.49 -102.62 68.36
CA ASN DA 254 40.47 -103.55 68.85
C ASN DA 254 41.00 -104.39 70.00
N LEU DA 255 42.23 -104.87 69.87
CA LEU DA 255 42.88 -105.64 70.93
C LEU DA 255 43.66 -104.76 71.89
N ALA DA 256 43.72 -103.45 71.63
CA ALA DA 256 44.44 -102.55 72.53
C ALA DA 256 43.84 -102.58 73.93
N ASN DA 257 42.51 -102.54 74.02
CA ASN DA 257 41.84 -102.60 75.31
C ASN DA 257 41.77 -104.00 75.90
N LEU DA 258 42.13 -105.03 75.13
CA LEU DA 258 42.07 -106.39 75.61
C LEU DA 258 43.42 -106.96 76.00
N ILE DA 259 44.51 -106.32 75.56
CA ILE DA 259 45.86 -106.81 75.79
C ILE DA 259 46.69 -105.71 76.43
N SER DA 260 47.46 -106.07 77.44
CA SER DA 260 48.36 -105.13 78.11
C SER DA 260 49.79 -105.38 77.67
N VAL DA 261 50.47 -104.29 77.29
CA VAL DA 261 51.85 -104.35 76.83
C VAL DA 261 52.67 -103.38 77.65
N LYS DA 262 53.76 -103.87 78.24
CA LYS DA 262 54.65 -103.06 79.06
C LYS DA 262 56.08 -103.29 78.60
N THR DA 263 56.83 -102.21 78.39
CA THR DA 263 58.21 -102.36 77.97
C THR DA 263 59.09 -102.71 79.15
N THR DA 264 60.17 -103.44 78.86
CA THR DA 264 61.14 -103.83 79.88
C THR DA 264 62.54 -103.33 79.59
N THR DA 265 62.83 -102.88 78.38
CA THR DA 265 64.16 -102.43 78.00
C THR DA 265 64.07 -101.07 77.34
N PRO DA 266 64.97 -100.15 77.66
CA PRO DA 266 65.00 -98.87 76.96
C PRO DA 266 65.20 -99.07 75.47
N ILE DA 267 64.50 -98.26 74.68
CA ILE DA 267 64.54 -98.42 73.23
C ILE DA 267 65.89 -97.90 72.73
N THR DA 268 66.72 -98.81 72.23
CA THR DA 268 68.06 -98.45 71.80
C THR DA 268 68.33 -98.96 70.38
N ALA DA 269 69.59 -98.91 69.96
CA ALA DA 269 70.03 -99.43 68.67
C ALA DA 269 69.34 -98.68 67.51
N GLY DA 270 69.27 -97.37 67.63
CA GLY DA 270 68.78 -96.52 66.56
C GLY DA 270 69.88 -95.62 66.07
N THR DA 271 69.82 -95.28 64.79
CA THR DA 271 70.77 -94.36 64.18
C THR DA 271 70.01 -93.24 63.48
N ASP DA 272 70.68 -92.10 63.36
CA ASP DA 272 70.12 -90.91 62.73
C ASP DA 272 70.85 -90.64 61.42
N ALA DA 273 70.48 -89.52 60.79
CA ALA DA 273 71.15 -89.13 59.55
C ALA DA 273 72.54 -88.59 59.84
N GLU DA 274 73.47 -88.89 58.93
CA GLU DA 274 74.87 -88.50 59.06
C GLU DA 274 75.05 -87.04 58.65
N THR DA 275 76.16 -86.45 59.13
CA THR DA 275 76.38 -85.03 59.02
C THR DA 275 76.90 -84.64 57.64
N THR DA 276 76.84 -83.33 57.37
CA THR DA 276 77.21 -82.81 56.05
C THR DA 276 78.69 -83.04 55.76
N GLU DA 277 79.55 -82.78 56.74
CA GLU DA 277 80.97 -82.97 56.51
C GLU DA 277 81.31 -84.43 56.26
N ILE DA 278 80.71 -85.33 57.02
CA ILE DA 278 80.99 -86.74 56.82
C ILE DA 278 80.44 -87.21 55.49
N THR DA 279 79.31 -86.64 55.04
CA THR DA 279 78.82 -86.95 53.71
C THR DA 279 79.79 -86.47 52.64
N ARG DA 280 80.34 -85.28 52.82
CA ARG DA 280 81.34 -84.78 51.88
C ARG DA 280 82.56 -85.70 51.84
N ASN DA 281 83.03 -86.12 53.01
CA ASN DA 281 84.20 -86.99 53.09
C ASN DA 281 83.93 -88.34 52.43
N ARG DA 282 82.77 -88.93 52.70
CA ARG DA 282 82.41 -90.17 52.05
C ARG DA 282 82.20 -89.97 50.55
N ALA DA 283 81.81 -88.78 50.14
CA ALA DA 283 81.69 -88.49 48.71
C ALA DA 283 83.05 -88.52 48.04
N GLN DA 284 84.05 -87.86 48.65
CA GLN DA 284 85.40 -87.92 48.10
C GLN DA 284 85.91 -89.35 48.10
N TYR DA 285 85.70 -90.08 49.20
CA TYR DA 285 86.24 -91.42 49.26
C TYR DA 285 85.50 -92.37 48.34
N TYR DA 286 84.24 -92.07 48.01
CA TYR DA 286 83.54 -92.84 46.99
C TYR DA 286 84.04 -92.51 45.60
N LEU DA 287 84.38 -91.25 45.36
CA LEU DA 287 85.05 -90.90 44.11
C LEU DA 287 86.32 -91.71 43.96
N ALA DA 288 87.05 -91.88 45.06
CA ALA DA 288 88.17 -92.82 45.07
C ALA DA 288 87.69 -94.26 44.86
N TYR DA 289 86.53 -94.60 45.42
CA TYR DA 289 86.01 -95.96 45.38
C TYR DA 289 85.65 -96.38 43.96
N ASP DA 290 85.34 -95.42 43.09
CA ASP DA 290 85.15 -95.66 41.65
C ASP DA 290 84.02 -96.64 41.36
N ASP DA 291 83.01 -96.69 42.24
CA ASP DA 291 81.80 -97.47 42.00
C ASP DA 291 82.11 -98.94 41.71
N GLN DA 292 83.05 -99.51 42.46
CA GLN DA 292 83.40 -100.90 42.24
C GLN DA 292 84.04 -101.47 43.49
N VAL DA 293 83.71 -102.73 43.78
CA VAL DA 293 84.24 -103.44 44.94
C VAL DA 293 85.45 -104.25 44.48
N VAL DA 294 86.65 -103.69 44.63
CA VAL DA 294 87.85 -104.36 44.15
C VAL DA 294 88.89 -104.51 45.25
N TRP DA 295 89.24 -103.41 45.93
CA TRP DA 295 90.37 -103.39 46.83
C TRP DA 295 89.94 -103.27 48.28
N GLY DA 296 90.93 -103.38 49.17
CA GLY DA 296 90.65 -103.42 50.59
C GLY DA 296 90.06 -102.13 51.14
N GLY DA 297 90.52 -100.99 50.61
CA GLY DA 297 89.92 -99.73 51.02
C GLY DA 297 88.45 -99.68 50.66
N ASP DA 298 88.11 -100.14 49.45
CA ASP DA 298 86.70 -100.24 49.06
C ASP DA 298 85.95 -101.18 49.98
N TYR DA 299 86.57 -102.31 50.33
CA TYR DA 299 85.93 -103.26 51.23
C TYR DA 299 85.60 -102.60 52.56
N THR DA 300 86.57 -101.93 53.14
CA THR DA 300 86.37 -101.26 54.42
C THR DA 300 85.30 -100.19 54.31
N TYR DA 301 85.32 -99.42 53.23
CA TYR DA 301 84.34 -98.35 53.06
C TYR DA 301 82.93 -98.92 52.98
N PHE DA 302 82.75 -99.97 52.18
CA PHE DA 302 81.46 -100.62 52.08
C PHE DA 302 81.01 -101.17 53.42
N LEU DA 303 81.92 -101.83 54.14
CA LEU DA 303 81.56 -102.47 55.39
C LEU DA 303 81.17 -101.43 56.43
N VAL DA 304 81.91 -100.32 56.51
CA VAL DA 304 81.57 -99.28 57.47
C VAL DA 304 80.28 -98.59 57.07
N ARG DA 305 80.01 -98.45 55.77
CA ARG DA 305 78.74 -97.90 55.33
C ARG DA 305 77.58 -98.80 55.75
N ASN DA 306 77.77 -100.12 55.63
CA ASN DA 306 76.70 -101.07 55.88
C ASN DA 306 76.55 -101.43 57.34
N ILE DA 307 77.55 -101.15 58.18
CA ILE DA 307 77.48 -101.51 59.59
C ILE DA 307 77.66 -100.26 60.44
N PRO DA 308 76.60 -99.58 60.82
CA PRO DA 308 76.75 -98.44 61.75
C PRO DA 308 77.13 -98.91 63.14
N GLY DA 309 77.77 -98.01 63.88
CA GLY DA 309 78.08 -98.21 65.27
C GLY DA 309 79.50 -98.68 65.57
N LEU DA 310 80.18 -99.25 64.58
CA LEU DA 310 81.56 -99.67 64.82
C LEU DA 310 82.46 -98.47 65.00
N SER DA 311 83.41 -98.59 65.92
CA SER DA 311 84.38 -97.51 66.10
C SER DA 311 85.25 -97.34 64.87
N TRP DA 312 85.84 -98.44 64.39
CA TRP DA 312 86.68 -98.39 63.21
C TRP DA 312 86.92 -99.81 62.73
N VAL DA 313 87.43 -99.92 61.51
CA VAL DA 313 87.73 -101.20 60.89
C VAL DA 313 89.12 -101.14 60.28
N LYS DA 314 89.74 -102.30 60.13
CA LYS DA 314 91.04 -102.43 59.48
C LYS DA 314 91.06 -103.73 58.71
N ALA DA 315 91.72 -103.71 57.56
CA ALA DA 315 91.84 -104.90 56.73
C ALA DA 315 93.16 -104.86 55.98
N TRP DA 316 93.73 -106.03 55.75
CA TRP DA 316 94.99 -106.17 55.05
C TRP DA 316 94.85 -107.23 53.95
N GLY DA 317 95.52 -106.98 52.83
CA GLY DA 317 95.41 -107.86 51.68
C GLY DA 317 96.25 -109.12 51.83
N GLU DA 318 96.11 -109.99 50.83
CA GLU DA 318 96.87 -111.25 50.83
C GLU DA 318 98.36 -110.97 50.80
N GLY DA 319 98.80 -110.07 49.90
CA GLY DA 319 100.20 -109.75 49.82
C GLY DA 319 100.73 -109.10 51.09
N GLN DA 320 99.92 -108.21 51.68
CA GLN DA 320 100.34 -107.54 52.91
C GLN DA 320 100.50 -108.54 54.05
N GLN DA 321 99.52 -109.44 54.20
CA GLN DA 321 99.62 -110.45 55.25
C GLN DA 321 100.79 -111.38 55.02
N GLU DA 322 101.03 -111.77 53.77
CA GLU DA 322 102.16 -112.64 53.46
C GLU DA 322 103.49 -111.93 53.72
N LYS DA 323 103.57 -110.64 53.43
CA LYS DA 323 104.78 -109.88 53.74
C LYS DA 323 105.00 -109.78 55.24
N LEU DA 324 103.92 -109.57 56.00
CA LEU DA 324 104.02 -109.57 57.45
C LEU DA 324 104.52 -110.92 57.96
N ASP DA 325 103.99 -112.01 57.43
CA ASP DA 325 104.30 -113.34 57.92
C ASP DA 325 105.63 -113.88 57.42
N GLY DA 326 106.16 -113.32 56.34
CA GLY DA 326 107.42 -113.78 55.78
C GLY DA 326 107.36 -115.09 55.03
N ALA DA 327 106.18 -115.50 54.56
CA ALA DA 327 106.04 -116.77 53.88
C ALA DA 327 104.99 -116.67 52.78
N TYR DA 328 105.09 -117.57 51.81
CA TYR DA 328 104.15 -117.63 50.68
C TYR DA 328 103.03 -118.63 50.96
N ASN DA 329 102.36 -118.44 52.09
CA ASN DA 329 101.38 -119.41 52.56
C ASN DA 329 100.24 -119.57 51.56
N VAL DA 330 100.08 -120.80 51.05
CA VAL DA 330 98.98 -121.09 50.15
C VAL DA 330 97.65 -120.94 50.87
N GLN DA 331 97.60 -121.30 52.14
CA GLN DA 331 96.37 -121.10 52.92
C GLN DA 331 96.04 -119.62 53.03
N ASN DA 332 97.06 -118.78 53.17
CA ASN DA 332 96.85 -117.34 53.22
C ASN DA 332 96.59 -116.74 51.85
N ILE DA 333 96.87 -117.49 50.79
CA ILE DA 333 96.53 -117.02 49.45
C ILE DA 333 95.01 -116.91 49.33
N ASN DA 334 94.56 -115.78 48.78
CA ASN DA 334 93.13 -115.46 48.67
C ASN DA 334 92.49 -115.37 50.06
N LYS DA 335 93.28 -114.99 51.05
CA LYS DA 335 92.81 -114.78 52.41
C LYS DA 335 93.11 -113.34 52.81
N ILE DA 336 92.07 -112.64 53.28
CA ILE DA 336 92.17 -111.21 53.60
C ILE DA 336 92.08 -111.05 55.11
N PHE DA 337 93.10 -110.44 55.69
CA PHE DA 337 93.07 -110.10 57.11
C PHE DA 337 92.02 -109.03 57.38
N ILE DA 338 91.26 -109.21 58.45
CA ILE DA 338 90.28 -108.22 58.89
C ILE DA 338 90.29 -108.12 60.41
N SER DA 339 89.90 -106.95 60.91
CA SER DA 339 89.80 -106.66 62.32
C SER DA 339 88.99 -105.38 62.47
N GLY DA 340 88.51 -105.13 63.68
CA GLY DA 340 87.72 -103.93 63.92
C GLY DA 340 87.48 -103.71 65.39
N TRP DA 341 87.14 -102.46 65.71
CA TRP DA 341 86.81 -102.06 67.07
C TRP DA 341 85.45 -101.38 67.06
N HIS DA 342 84.65 -101.68 68.09
CA HIS DA 342 83.33 -101.12 68.29
C HIS DA 342 83.25 -100.58 69.72
N PRO DA 343 82.70 -99.39 69.92
CA PRO DA 343 82.60 -98.86 71.29
C PRO DA 343 81.73 -99.69 72.21
N ASN DA 344 80.86 -100.54 71.68
CA ASN DA 344 79.91 -101.28 72.48
C ASN DA 344 79.89 -102.77 72.22
N LYS DA 345 80.61 -103.27 71.23
CA LYS DA 345 80.57 -104.68 70.87
C LYS DA 345 81.95 -105.30 71.03
N SER DA 346 81.97 -106.57 71.46
CA SER DA 346 83.21 -107.28 71.66
C SER DA 346 83.81 -107.69 70.32
N GLN DA 347 85.06 -108.18 70.37
CA GLN DA 347 85.72 -108.62 69.16
C GLN DA 347 85.02 -109.82 68.54
N SER DA 348 84.58 -110.77 69.38
CA SER DA 348 83.84 -111.92 68.86
C SER DA 348 82.52 -111.48 68.22
N GLU DA 349 81.82 -110.54 68.87
CA GLU DA 349 80.60 -110.00 68.29
C GLU DA 349 80.88 -109.35 66.95
N LEU DA 350 81.93 -108.54 66.89
CA LEU DA 350 82.27 -107.87 65.64
C LEU DA 350 82.60 -108.88 64.55
N GLU DA 351 83.33 -109.93 64.91
CA GLU DA 351 83.66 -110.98 63.96
C GLU DA 351 82.39 -111.65 63.45
N GLU DA 352 81.42 -111.88 64.32
CA GLU DA 352 80.22 -112.56 63.83
C GLU DA 352 79.33 -111.62 63.02
N MET DA 353 79.25 -110.33 63.35
CA MET DA 353 78.57 -109.41 62.45
C MET DA 353 79.25 -109.38 61.08
N ILE DA 354 80.57 -109.32 61.05
CA ILE DA 354 81.25 -109.21 59.76
C ILE DA 354 81.13 -110.49 58.96
N LEU DA 355 81.17 -111.64 59.64
CA LEU DA 355 80.96 -112.90 58.94
C LEU DA 355 79.55 -112.98 58.36
N ALA DA 356 78.55 -112.58 59.14
CA ALA DA 356 77.19 -112.55 58.62
C ALA DA 356 77.07 -111.59 57.45
N ALA DA 357 77.74 -110.44 57.54
CA ALA DA 357 77.69 -109.45 56.47
C ALA DA 357 78.26 -110.02 55.19
N PHE DA 358 79.44 -110.65 55.28
CA PHE DA 358 80.03 -111.25 54.10
C PHE DA 358 79.19 -112.39 53.57
N LYS DA 359 78.51 -113.13 54.46
CA LYS DA 359 77.64 -114.21 54.00
C LYS DA 359 76.48 -113.66 53.18
N LYS DA 360 75.76 -112.67 53.71
CA LYS DA 360 74.60 -112.20 52.98
C LYS DA 360 74.96 -111.24 51.85
N VAL DA 361 76.19 -110.75 51.78
CA VAL DA 361 76.67 -109.99 50.63
C VAL DA 361 77.20 -110.98 49.61
N PRO DA 362 76.58 -111.09 48.43
CA PRO DA 362 77.11 -111.96 47.37
C PRO DA 362 78.12 -111.29 46.44
N ASN DA 363 78.54 -110.06 46.73
CA ASN DA 363 79.42 -109.33 45.83
C ASN DA 363 80.87 -109.73 46.00
N GLU DA 364 81.15 -111.03 45.93
CA GLU DA 364 82.50 -111.54 46.12
C GLU DA 364 82.67 -112.77 45.24
N LEU DA 365 83.93 -113.11 44.96
CA LEU DA 365 84.24 -114.29 44.15
C LEU DA 365 85.40 -115.04 44.81
N ASN DA 366 85.07 -116.12 45.52
CA ASN DA 366 86.05 -116.97 46.19
C ASN DA 366 86.91 -116.16 47.17
N LYS DA 367 86.33 -115.13 47.76
CA LYS DA 367 87.06 -114.22 48.64
C LYS DA 367 86.96 -114.75 50.07
N LYS DA 368 88.08 -115.22 50.61
CA LYS DA 368 88.14 -115.73 51.96
C LYS DA 368 88.66 -114.66 52.90
N PHE DA 369 88.06 -114.58 54.08
CA PHE DA 369 88.39 -113.54 55.06
C PHE DA 369 88.75 -114.18 56.39
N SER DA 370 89.86 -113.75 56.96
CA SER DA 370 90.32 -114.20 58.26
C SER DA 370 90.26 -113.03 59.23
N TYR DA 371 89.50 -113.18 60.31
CA TYR DA 371 89.35 -112.13 61.30
C TYR DA 371 90.26 -112.40 62.49
N LYS DA 372 90.88 -111.34 62.99
CA LYS DA 372 91.58 -111.41 64.26
C LYS DA 372 91.07 -110.31 65.18
N GLU DA 373 91.04 -110.63 66.47
CA GLU DA 373 90.59 -109.67 67.47
C GLU DA 373 91.53 -108.48 67.53
N VAL DA 374 90.96 -107.31 67.77
CA VAL DA 374 91.75 -106.09 67.92
C VAL DA 374 92.31 -106.05 69.34
N ARG DA 375 93.62 -105.90 69.45
CA ARG DA 375 94.29 -105.90 70.75
C ARG DA 375 94.52 -104.46 71.19
N LYS DA 376 93.97 -104.13 72.37
CA LYS DA 376 94.16 -102.80 72.92
C LYS DA 376 95.56 -102.63 73.48
N LEU DA 377 96.14 -101.45 73.28
CA LEU DA 377 97.47 -101.13 73.78
C LEU DA 377 97.40 -99.83 74.57
N PRO DA 378 96.84 -99.87 75.77
CA PRO DA 378 96.82 -98.67 76.61
C PRO DA 378 98.21 -98.25 77.04
N PHE DA 379 98.39 -96.95 77.21
CA PHE DA 379 99.63 -96.39 77.73
C PHE DA 379 99.28 -95.15 78.51
N LYS DA 380 100.14 -94.82 79.48
CA LYS DA 380 99.88 -93.68 80.36
C LYS DA 380 100.65 -92.46 79.90
N ILE DA 381 100.14 -91.29 80.28
CA ILE DA 381 100.80 -90.03 79.97
C ILE DA 381 100.96 -89.25 81.28
N THR DA 382 102.18 -88.82 81.55
CA THR DA 382 102.49 -87.95 82.68
C THR DA 382 102.76 -86.57 82.14
N ILE DA 383 101.83 -85.65 82.37
CA ILE DA 383 101.98 -84.25 81.98
C ILE DA 383 102.46 -83.49 83.21
N THR DA 384 103.67 -82.96 83.14
CA THR DA 384 104.29 -82.25 84.26
C THR DA 384 104.62 -80.84 83.82
N GLY DA 385 104.10 -79.85 84.55
CA GLY DA 385 104.41 -78.48 84.24
C GLY DA 385 103.66 -77.53 85.14
N ARG DA 386 103.87 -76.24 84.90
CA ARG DA 386 103.24 -75.17 85.64
C ARG DA 386 102.26 -74.44 84.73
N ILE DA 387 101.18 -73.95 85.33
CA ILE DA 387 100.09 -73.34 84.58
C ILE DA 387 99.74 -72.01 85.23
N SER DA 388 98.88 -71.25 84.56
CA SER DA 388 98.37 -70.02 85.15
C SER DA 388 97.69 -70.31 86.48
N ALA DA 389 97.97 -69.47 87.48
CA ALA DA 389 97.38 -69.65 88.80
C ALA DA 389 95.97 -69.09 88.89
N SER DA 390 95.49 -68.40 87.85
CA SER DA 390 94.18 -67.76 87.92
C SER DA 390 93.02 -68.75 87.94
N LEU DA 391 93.22 -69.97 87.47
CA LEU DA 391 92.17 -70.97 87.42
C LEU DA 391 92.35 -71.98 88.55
N THR DA 392 91.24 -72.54 89.00
CA THR DA 392 91.28 -73.59 90.00
C THR DA 392 92.02 -74.80 89.45
N ILE DA 393 92.96 -75.33 90.24
CA ILE DA 393 93.73 -76.48 89.78
C ILE DA 393 92.83 -77.69 89.59
N GLU DA 394 91.83 -77.85 90.45
CA GLU DA 394 90.88 -78.94 90.28
C GLU DA 394 90.10 -78.79 88.98
N ASN DA 395 89.65 -77.57 88.68
CA ASN DA 395 88.92 -77.34 87.44
C ASN DA 395 89.80 -77.60 86.24
N VAL DA 396 91.07 -77.17 86.30
CA VAL DA 396 91.99 -77.41 85.21
C VAL DA 396 92.21 -78.89 85.01
N THR DA 397 92.39 -79.63 86.11
CA THR DA 397 92.59 -81.07 86.01
C THR DA 397 91.38 -81.76 85.39
N ASP DA 398 90.18 -81.38 85.82
CA ASP DA 398 88.97 -81.96 85.26
C ASP DA 398 88.86 -81.66 83.78
N GLU DA 399 89.11 -80.41 83.39
CA GLU DA 399 89.04 -80.02 81.99
C GLU DA 399 90.06 -80.80 81.17
N LEU DA 400 91.27 -80.96 81.69
CA LEU DA 400 92.31 -81.70 80.98
C LEU DA 400 91.91 -83.16 80.80
N LYS DA 401 91.36 -83.76 81.86
CA LYS DA 401 90.94 -85.15 81.76
C LYS DA 401 89.82 -85.32 80.74
N SER DA 402 88.85 -84.41 80.75
CA SER DA 402 87.77 -84.48 79.78
C SER DA 402 88.28 -84.31 78.36
N ALA DA 403 89.19 -83.36 78.15
CA ALA DA 403 89.74 -83.13 76.82
C ALA DA 403 90.53 -84.33 76.33
N LEU DA 404 91.33 -84.93 77.22
CA LEU DA 404 92.11 -86.10 76.83
C LEU DA 404 91.20 -87.27 76.49
N GLU DA 405 90.15 -87.48 77.29
CA GLU DA 405 89.22 -88.56 76.99
C GLU DA 405 88.52 -88.30 75.66
N THR DA 406 88.16 -87.05 75.40
CA THR DA 406 87.52 -86.71 74.13
C THR DA 406 88.45 -86.94 72.96
N LYS DA 407 89.72 -86.57 73.11
CA LYS DA 407 90.64 -86.56 71.97
C LYS DA 407 91.21 -87.95 71.71
N PHE DA 408 91.88 -88.52 72.70
CA PHE DA 408 92.59 -89.79 72.54
C PHE DA 408 92.09 -90.82 73.54
N GLY DA 409 90.79 -90.86 73.77
CA GLY DA 409 90.20 -91.87 74.63
C GLY DA 409 90.16 -93.22 73.95
N ARG DA 410 89.69 -94.21 74.71
CA ARG DA 410 89.57 -95.56 74.18
C ARG DA 410 88.60 -95.61 73.00
N ASP DA 411 87.50 -94.86 73.10
CA ASP DA 411 86.48 -94.83 72.06
C ASP DA 411 86.41 -93.47 71.38
N SER DA 412 87.57 -92.83 71.21
CA SER DA 412 87.61 -91.49 70.62
C SER DA 412 87.41 -91.55 69.11
N THR DA 413 86.79 -90.49 68.59
CA THR DA 413 86.59 -90.35 67.15
C THR DA 413 87.90 -90.11 66.41
N PHE DA 414 88.97 -89.76 67.12
CA PHE DA 414 90.25 -89.49 66.48
C PHE DA 414 90.72 -90.67 65.65
N PHE DA 415 90.40 -91.90 66.08
CA PHE DA 415 90.84 -93.07 65.33
C PHE DA 415 90.18 -93.14 63.97
N ASP DA 416 88.92 -92.75 63.87
CA ASP DA 416 88.18 -92.74 62.60
C ASP DA 416 87.47 -91.41 62.46
N PRO DA 417 88.21 -90.33 62.22
CA PRO DA 417 87.59 -89.02 62.07
C PRO DA 417 86.92 -88.80 60.72
N ASN DA 418 87.14 -89.69 59.76
CA ASN DA 418 86.59 -89.53 58.42
C ASN DA 418 85.53 -90.55 58.06
N ARG DA 419 85.44 -91.66 58.78
CA ARG DA 419 84.40 -92.66 58.59
C ARG DA 419 84.37 -93.18 57.14
N VAL DA 420 85.55 -93.44 56.59
CA VAL DA 420 85.66 -93.99 55.25
C VAL DA 420 86.59 -95.20 55.25
N GLY DA 421 86.76 -95.81 56.42
CA GLY DA 421 87.61 -96.99 56.56
C GLY DA 421 89.07 -96.71 56.81
N LYS DA 422 89.46 -95.46 56.96
CA LYS DA 422 90.87 -95.09 57.18
C LYS DA 422 91.14 -95.04 58.67
N TYR DA 423 91.52 -96.18 59.23
CA TYR DA 423 91.85 -96.24 60.66
C TYR DA 423 93.25 -95.67 60.87
N ILE DA 424 93.37 -94.76 61.84
CA ILE DA 424 94.63 -94.10 62.13
C ILE DA 424 94.92 -94.23 63.62
N LEU DA 425 96.19 -94.09 63.96
CA LEU DA 425 96.67 -94.25 65.33
C LEU DA 425 97.07 -92.90 65.92
N ILE DA 426 97.39 -92.92 67.20
CA ILE DA 426 97.80 -91.74 67.94
C ILE DA 426 99.31 -91.57 67.82
N LYS DA 427 99.76 -90.33 67.73
CA LYS DA 427 101.18 -90.01 67.63
C LYS DA 427 101.58 -89.06 68.75
N LYS DA 428 102.85 -89.16 69.16
CA LYS DA 428 103.38 -88.24 70.15
C LYS DA 428 103.30 -86.80 69.66
N LYS DA 429 103.61 -86.59 68.38
CA LYS DA 429 103.43 -85.27 67.78
C LYS DA 429 101.98 -84.83 67.86
N ASP DA 430 101.05 -85.76 67.61
CA ASP DA 430 99.63 -85.42 67.69
C ASP DA 430 99.25 -84.98 69.09
N VAL DA 431 99.72 -85.71 70.10
CA VAL DA 431 99.38 -85.39 71.49
C VAL DA 431 99.96 -84.03 71.88
N TRP DA 432 101.22 -83.79 71.53
CA TRP DA 432 101.85 -82.53 71.90
C TRP DA 432 101.19 -81.37 71.16
N ALA DA 433 100.79 -81.59 69.90
CA ALA DA 433 100.08 -80.56 69.16
C ALA DA 433 98.72 -80.26 69.79
N PHE DA 434 98.01 -81.29 70.22
CA PHE DA 434 96.72 -81.09 70.86
C PHE DA 434 96.87 -80.31 72.16
N ILE DA 435 97.85 -80.67 72.98
CA ILE DA 435 98.02 -79.97 74.25
C ILE DA 435 98.51 -78.56 74.03
N GLU DA 436 99.30 -78.32 72.98
CA GLU DA 436 99.72 -76.95 72.68
C GLU DA 436 98.54 -76.13 72.17
N THR DA 437 97.66 -76.76 71.38
CA THR DA 437 96.44 -76.08 70.94
C THR DA 437 95.59 -75.70 72.15
N LEU DA 438 95.55 -76.58 73.15
CA LEU DA 438 94.94 -76.21 74.43
C LEU DA 438 95.64 -74.99 75.02
N GLY DA 439 96.97 -75.03 75.08
CA GLY DA 439 97.77 -73.87 75.42
C GLY DA 439 97.60 -73.34 76.81
N TYR DA 440 96.99 -74.12 77.71
CA TYR DA 440 96.77 -73.64 79.07
C TYR DA 440 98.09 -73.56 79.84
N PHE DA 441 98.89 -74.60 79.78
CA PHE DA 441 100.19 -74.59 80.44
C PHE DA 441 101.14 -73.62 79.74
N ARG DA 442 102.02 -73.04 80.53
CA ARG DA 442 103.08 -72.18 80.00
C ARG DA 442 104.32 -73.00 79.66
N ASP DA 443 104.63 -73.99 80.48
CA ASP DA 443 105.68 -74.96 80.18
C ASP DA 443 105.22 -76.32 80.67
N PHE DA 444 105.62 -77.37 79.96
CA PHE DA 444 105.09 -78.68 80.23
C PHE DA 444 106.01 -79.73 79.60
N TYR DA 445 105.84 -80.97 80.06
CA TYR DA 445 106.58 -82.10 79.58
C TYR DA 445 105.70 -83.33 79.60
N LEU DA 446 105.82 -84.17 78.57
CA LEU DA 446 105.02 -85.38 78.45
C LEU DA 446 105.93 -86.61 78.61
N GLU DA 447 105.58 -87.48 79.54
CA GLU DA 447 106.21 -88.78 79.69
C GLU DA 447 105.24 -89.85 79.21
N PHE DA 448 105.65 -90.64 78.23
CA PHE DA 448 104.78 -91.64 77.60
C PHE DA 448 105.09 -92.99 78.25
N VAL DA 449 104.44 -93.25 79.38
CA VAL DA 449 104.68 -94.47 80.13
C VAL DA 449 104.07 -95.65 79.38
N GLU DA 450 104.88 -96.70 79.19
CA GLU DA 450 104.46 -97.90 78.48
C GLU DA 450 103.97 -97.57 77.07
N TRP DA 451 104.61 -96.59 76.44
CA TRP DA 451 104.28 -96.27 75.07
C TRP DA 451 104.66 -97.42 74.16
N ASN DA 452 103.78 -97.74 73.22
CA ASN DA 452 104.02 -98.79 72.25
C ASN DA 452 103.58 -98.31 70.88
N GLU DA 453 104.15 -98.91 69.84
CA GLU DA 453 103.83 -98.56 68.46
C GLU DA 453 103.00 -99.67 67.84
N SER DA 454 101.81 -99.33 67.36
CA SER DA 454 100.88 -100.32 66.84
C SER DA 454 101.41 -100.95 65.57
N ASN DA 455 101.14 -102.25 65.41
CA ASN DA 455 101.49 -102.94 64.19
C ASN DA 455 100.67 -102.47 63.00
N GLY DA 456 99.51 -101.87 63.25
CA GLY DA 456 98.62 -101.44 62.20
C GLY DA 456 97.61 -102.49 61.77
N PHE DA 457 97.83 -103.76 62.11
CA PHE DA 457 96.86 -104.79 61.81
C PHE DA 457 95.71 -104.78 62.82
N TYR DA 458 96.04 -105.01 64.09
CA TYR DA 458 95.02 -105.10 65.12
C TYR DA 458 95.37 -104.35 66.40
N ASP DA 459 96.61 -103.90 66.57
CA ASP DA 459 96.97 -103.23 67.81
C ASP DA 459 96.20 -101.94 67.96
N PHE DA 460 95.67 -101.71 69.16
CA PHE DA 460 94.82 -100.56 69.44
C PHE DA 460 95.46 -99.77 70.58
N VAL DA 461 96.28 -98.80 70.22
CA VAL DA 461 96.97 -97.95 71.18
C VAL DA 461 96.03 -96.81 71.57
N TYR DA 462 95.85 -96.62 72.88
CA TYR DA 462 95.02 -95.53 73.35
C TYR DA 462 95.55 -95.06 74.70
N LEU DA 463 95.16 -93.84 75.07
CA LEU DA 463 95.65 -93.23 76.30
C LEU DA 463 94.86 -93.76 77.50
N ASP DA 464 95.58 -94.09 78.57
CA ASP DA 464 94.98 -94.43 79.85
C ASP DA 464 94.74 -93.13 80.60
N THR DA 465 93.58 -92.52 80.35
CA THR DA 465 93.28 -91.21 80.95
C THR DA 465 93.19 -91.30 82.47
N GLU DA 466 92.53 -92.33 82.99
CA GLU DA 466 92.33 -92.41 84.43
C GLU DA 466 93.64 -92.64 85.18
N ASN DA 467 94.56 -93.42 84.60
CA ASN DA 467 95.86 -93.62 85.23
C ASN DA 467 96.87 -92.57 84.83
N SER DA 468 96.48 -91.58 84.03
CA SER DA 468 97.40 -90.53 83.63
C SER DA 468 97.81 -89.68 84.81
N THR DA 469 99.02 -89.15 84.76
CA THR DA 469 99.60 -88.36 85.84
C THR DA 469 99.56 -86.89 85.48
N PHE DA 470 99.13 -86.06 86.42
CA PHE DA 470 98.98 -84.62 86.22
C PHE DA 470 99.80 -83.89 87.28
N ASN DA 471 101.08 -83.68 86.98
CA ASN DA 471 101.95 -82.87 87.85
C ASN DA 471 101.75 -81.40 87.49
N ILE DA 472 100.59 -80.89 87.85
CA ILE DA 472 100.17 -79.54 87.50
C ILE DA 472 100.59 -78.59 88.60
N SER DA 473 101.25 -77.50 88.22
CA SER DA 473 101.65 -76.47 89.15
C SER DA 473 101.15 -75.12 88.64
N TYR DA 474 101.29 -74.11 89.48
CA TYR DA 474 100.90 -72.76 89.13
C TYR DA 474 102.15 -71.98 88.70
N GLU DA 475 102.13 -71.48 87.48
CA GLU DA 475 103.24 -70.68 86.98
C GLU DA 475 103.06 -69.24 87.45
N GLU DA 476 104.13 -68.68 88.03
CA GLU DA 476 104.06 -67.32 88.54
C GLU DA 476 103.78 -66.33 87.42
N GLU DA 477 102.83 -65.43 87.65
CA GLU DA 477 102.43 -64.45 86.65
C GLU DA 477 103.08 -63.10 86.94
N MET EA 1 72.59 -25.60 92.55
CA MET EA 1 71.51 -26.51 92.20
C MET EA 1 70.96 -26.21 90.81
N SER EA 2 69.87 -25.46 90.73
CA SER EA 2 69.24 -25.16 89.46
C SER EA 2 68.50 -23.82 89.57
N LYS EA 3 68.20 -23.24 88.41
CA LYS EA 3 67.51 -21.96 88.32
C LYS EA 3 66.28 -22.10 87.45
N THR EA 4 65.20 -21.40 87.81
CA THR EA 4 63.96 -21.42 87.06
C THR EA 4 63.36 -20.03 87.03
N THR EA 5 62.52 -19.78 86.02
CA THR EA 5 61.79 -18.53 85.90
C THR EA 5 60.52 -18.77 85.12
N PRO EA 6 59.41 -18.12 85.48
CA PRO EA 6 58.14 -18.37 84.79
C PRO EA 6 58.14 -17.80 83.38
N THR EA 7 57.23 -18.33 82.57
CA THR EA 7 57.20 -18.04 81.14
C THR EA 7 56.70 -16.63 80.89
N LYS EA 8 56.71 -16.24 79.61
CA LYS EA 8 56.39 -14.86 79.22
C LYS EA 8 54.94 -14.53 79.52
N ASP EA 9 54.02 -15.39 79.05
CA ASP EA 9 52.60 -15.15 79.29
C ASP EA 9 52.27 -15.19 80.77
N SER EA 10 52.90 -16.10 81.50
CA SER EA 10 52.79 -16.09 82.95
C SER EA 10 53.19 -14.73 83.52
N ILE EA 11 54.46 -14.34 83.33
CA ILE EA 11 54.94 -13.11 83.95
C ILE EA 11 54.07 -11.95 83.56
N ARG EA 12 53.54 -11.95 82.34
CA ARG EA 12 52.56 -10.94 81.98
C ARG EA 12 51.35 -11.02 82.88
N ALA EA 13 50.85 -12.24 83.15
CA ALA EA 13 49.63 -12.38 83.93
C ALA EA 13 49.82 -11.93 85.38
N GLU EA 14 50.87 -12.42 86.04
CA GLU EA 14 51.07 -11.93 87.41
C GLU EA 14 51.43 -10.45 87.44
N PHE EA 15 52.09 -9.94 86.40
CA PHE EA 15 52.40 -8.52 86.38
C PHE EA 15 51.13 -7.69 86.29
N GLU EA 16 50.19 -8.08 85.43
CA GLU EA 16 48.96 -7.32 85.32
C GLU EA 16 48.13 -7.46 86.58
N GLU EA 17 48.11 -8.65 87.20
CA GLU EA 17 47.30 -8.75 88.41
C GLU EA 17 47.90 -7.94 89.55
N LEU EA 18 49.23 -7.82 89.61
CA LEU EA 18 49.80 -7.01 90.68
C LEU EA 18 49.66 -5.52 90.40
N VAL EA 19 49.70 -5.11 89.12
CA VAL EA 19 49.42 -3.71 88.84
C VAL EA 19 47.95 -3.41 88.99
N GLU EA 20 47.09 -4.43 89.02
CA GLU EA 20 45.67 -4.20 89.26
C GLU EA 20 45.38 -3.83 90.71
N LYS EA 21 46.41 -3.57 91.50
CA LYS EA 21 46.20 -3.25 92.91
C LYS EA 21 45.50 -1.91 93.07
N ASP EA 22 46.02 -0.87 92.43
CA ASP EA 22 45.41 0.44 92.59
C ASP EA 22 44.20 0.56 91.68
N SER EA 23 43.05 0.88 92.28
CA SER EA 23 41.81 0.94 91.53
C SER EA 23 41.84 1.99 90.43
N PHE EA 24 42.64 3.05 90.59
CA PHE EA 24 42.66 4.13 89.60
C PHE EA 24 43.44 3.77 88.35
N TRP EA 25 44.25 2.72 88.40
CA TRP EA 25 44.99 2.23 87.24
C TRP EA 25 44.82 0.74 87.04
N SER EA 26 44.01 0.08 87.88
CA SER EA 26 43.86 -1.37 87.76
C SER EA 26 43.26 -1.77 86.43
N LYS EA 27 42.45 -0.91 85.82
CA LYS EA 27 41.57 -1.32 84.74
C LYS EA 27 42.10 -0.98 83.36
N PHE EA 28 43.32 -0.47 83.26
CA PHE EA 28 43.92 -0.30 81.96
C PHE EA 28 44.26 -1.64 81.33
N VAL EA 29 44.19 -2.72 82.13
CA VAL EA 29 44.36 -4.06 81.61
C VAL EA 29 43.37 -4.34 80.49
N GLY EA 30 43.75 -5.23 79.58
CA GLY EA 30 42.97 -5.52 78.41
C GLY EA 30 43.22 -4.58 77.24
N SER EA 31 43.89 -3.46 77.48
CA SER EA 31 44.14 -2.45 76.47
C SER EA 31 45.51 -2.65 75.82
N GLN EA 32 45.64 -2.10 74.61
CA GLN EA 32 46.93 -2.18 73.95
C GLN EA 32 47.99 -1.37 74.67
N PHE EA 33 47.58 -0.42 75.51
CA PHE EA 33 48.50 0.29 76.38
C PHE EA 33 49.26 -0.68 77.27
N VAL EA 34 48.53 -1.39 78.12
CA VAL EA 34 49.17 -2.31 79.04
C VAL EA 34 49.86 -3.41 78.29
N SER EA 35 49.29 -3.88 77.18
CA SER EA 35 49.94 -4.98 76.48
C SER EA 35 51.26 -4.55 75.87
N MET EA 36 51.34 -3.32 75.35
CA MET EA 36 52.60 -2.87 74.78
C MET EA 36 53.65 -2.66 75.86
N LEU EA 37 53.28 -2.01 76.97
CA LEU EA 37 54.27 -1.84 78.03
C LEU EA 37 54.69 -3.20 78.59
N THR EA 38 53.75 -4.14 78.65
CA THR EA 38 54.03 -5.46 79.18
C THR EA 38 54.96 -6.24 78.26
N LEU EA 39 54.70 -6.21 76.96
CA LEU EA 39 55.60 -6.86 76.02
C LEU EA 39 56.97 -6.21 76.03
N PHE EA 40 57.05 -4.91 76.32
CA PHE EA 40 58.35 -4.25 76.36
C PHE EA 40 59.16 -4.76 77.56
N ILE EA 41 58.55 -4.78 78.75
CA ILE EA 41 59.29 -5.27 79.90
C ILE EA 41 59.62 -6.75 79.74
N THR EA 42 58.69 -7.52 79.16
CA THR EA 42 58.97 -8.94 78.97
C THR EA 42 60.09 -9.15 77.96
N GLN EA 43 60.15 -8.36 76.88
CA GLN EA 43 61.26 -8.52 75.95
C GLN EA 43 62.59 -8.19 76.61
N ILE EA 44 62.63 -7.14 77.44
CA ILE EA 44 63.93 -6.77 78.01
C ILE EA 44 64.37 -7.82 79.03
N VAL EA 45 63.45 -8.31 79.85
CA VAL EA 45 63.82 -9.34 80.82
C VAL EA 45 64.17 -10.64 80.10
N TYR EA 46 63.49 -10.94 79.00
CA TYR EA 46 63.86 -12.11 78.21
C TYR EA 46 65.27 -11.98 77.69
N ARG EA 47 65.62 -10.81 77.18
CA ARG EA 47 66.99 -10.63 76.69
C ARG EA 47 67.98 -10.89 77.81
N CYS EA 48 67.82 -10.20 78.95
CA CYS EA 48 68.83 -10.35 80.00
C CYS EA 48 68.91 -11.79 80.48
N PHE EA 49 67.76 -12.39 80.75
CA PHE EA 49 67.70 -13.75 81.26
C PHE EA 49 68.35 -14.73 80.30
N GLN EA 50 67.78 -14.85 79.10
CA GLN EA 50 68.23 -15.87 78.17
C GLN EA 50 69.64 -15.60 77.68
N TYR EA 51 70.08 -14.33 77.64
CA TYR EA 51 71.44 -14.11 77.20
C TYR EA 51 72.44 -14.46 78.30
N ALA EA 52 72.06 -14.25 79.56
CA ALA EA 52 72.87 -14.79 80.65
C ALA EA 52 72.91 -16.32 80.60
N ASP EA 53 71.77 -16.92 80.28
CA ASP EA 53 71.73 -18.38 80.13
C ASP EA 53 72.67 -18.85 79.03
N ALA EA 54 72.68 -18.15 77.91
CA ALA EA 54 73.59 -18.49 76.82
C ALA EA 54 75.04 -18.29 77.23
N ALA EA 55 75.32 -17.24 78.00
CA ALA EA 55 76.69 -17.02 78.46
C ALA EA 55 77.17 -18.17 79.35
N LEU EA 56 76.33 -18.57 80.31
CA LEU EA 56 76.73 -19.67 81.18
C LEU EA 56 76.83 -20.97 80.41
N ALA EA 57 76.03 -21.13 79.36
CA ALA EA 57 76.14 -22.32 78.52
C ALA EA 57 77.46 -22.34 77.76
N GLU EA 58 77.79 -21.23 77.09
CA GLU EA 58 79.06 -21.13 76.37
C GLU EA 58 80.25 -21.20 77.31
N GLY EA 59 80.05 -20.96 78.60
CA GLY EA 59 81.14 -21.09 79.54
C GLY EA 59 81.72 -22.48 79.65
N PHE EA 60 81.07 -23.48 79.06
CA PHE EA 60 81.54 -24.85 79.11
C PHE EA 60 82.36 -25.19 77.87
N ILE EA 61 83.25 -26.17 78.02
CA ILE EA 61 84.21 -26.49 76.96
C ILE EA 61 83.51 -27.15 75.77
N SER EA 62 82.67 -28.14 76.02
CA SER EA 62 82.07 -28.90 74.93
C SER EA 62 80.86 -28.20 74.35
N THR EA 63 80.36 -27.17 75.01
CA THR EA 63 79.21 -26.42 74.52
C THR EA 63 79.58 -25.32 73.55
N ALA EA 64 80.87 -25.06 73.35
CA ALA EA 64 81.30 -23.99 72.45
C ALA EA 64 81.02 -24.40 71.01
N THR EA 65 80.20 -23.61 70.33
CA THR EA 65 79.95 -23.81 68.91
C THR EA 65 80.46 -22.69 68.03
N ARG EA 66 80.46 -21.46 68.54
CA ARG EA 66 80.98 -20.35 67.76
C ARG EA 66 82.45 -20.56 67.47
N ARG EA 67 82.89 -20.10 66.30
CA ARG EA 67 84.31 -20.16 65.96
C ARG EA 67 85.14 -19.45 67.02
N SER EA 68 84.68 -18.27 67.46
CA SER EA 68 85.38 -17.57 68.52
C SER EA 68 85.39 -18.37 69.81
N SER EA 69 84.26 -19.01 70.14
CA SER EA 69 84.18 -19.77 71.38
C SER EA 69 85.17 -20.94 71.36
N ILE EA 70 85.19 -21.68 70.25
CA ILE EA 70 86.05 -22.85 70.18
C ILE EA 70 87.52 -22.44 70.11
N LEU EA 71 87.83 -21.33 69.43
CA LEU EA 71 89.20 -20.85 69.42
C LEU EA 71 89.64 -20.33 70.78
N ALA EA 72 88.73 -19.71 71.53
CA ALA EA 72 89.06 -19.33 72.91
C ALA EA 72 89.31 -20.56 73.76
N ALA EA 73 88.50 -21.60 73.58
CA ALA EA 73 88.76 -22.85 74.29
C ALA EA 73 90.12 -23.42 73.93
N ALA EA 74 90.47 -23.38 72.64
CA ALA EA 74 91.77 -23.89 72.21
C ALA EA 74 92.92 -23.07 72.80
N GLU EA 75 92.77 -21.74 72.82
CA GLU EA 75 93.78 -20.89 73.44
C GLU EA 75 93.94 -21.23 74.92
N THR EA 76 92.82 -21.46 75.61
CA THR EA 76 92.89 -21.86 77.01
C THR EA 76 93.56 -23.21 77.18
N ASN EA 77 93.35 -24.12 76.24
CA ASN EA 77 94.02 -25.42 76.26
C ASN EA 77 95.43 -25.36 75.69
N SER EA 78 95.89 -24.19 75.28
CA SER EA 78 97.23 -24.02 74.72
C SER EA 78 97.42 -24.86 73.47
N TYR EA 79 96.41 -24.86 72.60
CA TYR EA 79 96.48 -25.53 71.32
C TYR EA 79 95.90 -24.62 70.25
N VAL EA 80 96.36 -24.79 69.02
CA VAL EA 80 95.88 -24.03 67.89
C VAL EA 80 95.33 -25.00 66.85
N GLY EA 81 94.11 -24.76 66.40
CA GLY EA 81 93.50 -25.61 65.40
C GLY EA 81 94.20 -25.52 64.07
N THR EA 82 94.01 -26.57 63.27
CA THR EA 82 94.67 -26.68 61.96
C THR EA 82 94.07 -25.66 61.00
N LYS EA 83 94.81 -24.59 60.73
CA LYS EA 83 94.36 -23.56 59.81
C LYS EA 83 94.51 -24.03 58.37
N PRO EA 84 93.73 -23.47 57.45
CA PRO EA 84 93.91 -23.81 56.03
C PRO EA 84 95.31 -23.46 55.54
N THR EA 85 95.85 -24.31 54.68
CA THR EA 85 97.15 -24.09 54.08
C THR EA 85 97.02 -24.09 52.56
N PRO EA 86 97.50 -23.06 51.88
CA PRO EA 86 97.36 -23.01 50.43
C PRO EA 86 98.19 -24.08 49.74
N SER EA 87 97.72 -24.53 48.59
CA SER EA 87 98.47 -25.45 47.78
C SER EA 87 99.70 -24.77 47.21
N SER EA 88 100.81 -25.49 47.15
CA SER EA 88 102.07 -24.97 46.63
C SER EA 88 102.57 -25.88 45.53
N GLY EA 89 103.28 -25.29 44.57
CA GLY EA 89 103.81 -26.07 43.47
C GLY EA 89 104.59 -25.24 42.49
N MET EA 90 104.82 -25.83 41.33
CA MET EA 90 105.76 -25.30 40.34
C MET EA 90 105.01 -24.60 39.22
N ILE EA 91 105.60 -23.54 38.69
CA ILE EA 91 105.04 -22.77 37.58
C ILE EA 91 106.17 -22.44 36.62
N GLU EA 92 105.88 -22.49 35.31
CA GLU EA 92 106.86 -22.16 34.30
C GLU EA 92 106.86 -20.66 34.05
N ILE EA 93 108.06 -20.10 33.82
CA ILE EA 93 108.21 -18.68 33.54
C ILE EA 93 109.01 -18.51 32.25
N THR EA 94 108.41 -17.87 31.26
CA THR EA 94 109.04 -17.63 29.97
C THR EA 94 109.25 -16.14 29.76
N ALA EA 95 110.31 -15.80 29.03
CA ALA EA 95 110.60 -14.41 28.70
C ALA EA 95 110.05 -14.07 27.32
N THR EA 96 109.29 -12.98 27.23
CA THR EA 96 108.71 -12.55 25.97
C THR EA 96 109.57 -11.51 25.25
N SER EA 97 110.64 -11.03 25.87
CA SER EA 97 111.50 -10.01 25.27
C SER EA 97 112.87 -10.05 25.93
N GLU EA 98 113.84 -9.45 25.24
CA GLU EA 98 115.20 -9.38 25.79
C GLU EA 98 115.24 -8.52 27.05
N ASP EA 99 114.30 -7.58 27.18
CA ASP EA 99 114.23 -6.73 28.35
C ASP EA 99 113.83 -7.49 29.61
N ALA EA 100 113.34 -8.71 29.46
CA ALA EA 100 112.95 -9.50 30.62
C ALA EA 100 114.18 -9.90 31.41
N PRO EA 101 114.28 -9.55 32.70
CA PRO EA 101 115.46 -9.96 33.48
C PRO EA 101 115.48 -11.46 33.70
N ALA EA 102 116.66 -12.05 33.53
CA ALA EA 102 116.81 -13.48 33.71
C ALA EA 102 116.64 -13.92 35.15
N VAL EA 103 116.65 -12.99 36.10
CA VAL EA 103 116.51 -13.30 37.53
C VAL EA 103 115.22 -12.69 38.03
N ILE EA 104 114.34 -13.52 38.57
CA ILE EA 104 113.10 -13.06 39.19
C ILE EA 104 113.16 -13.44 40.67
N PRO EA 105 113.19 -12.49 41.57
CA PRO EA 105 113.39 -12.82 42.99
C PRO EA 105 112.12 -13.31 43.67
N LYS EA 106 112.34 -14.00 44.79
CA LYS EA 106 111.31 -14.26 45.78
C LYS EA 106 110.64 -12.97 46.23
N ASN EA 107 109.49 -13.09 46.90
CA ASN EA 107 108.78 -11.95 47.47
C ASN EA 107 108.20 -11.05 46.39
N MET EA 108 107.63 -11.65 45.35
CA MET EA 108 106.89 -10.89 44.36
C MET EA 108 105.52 -11.54 44.16
N PRO EA 109 104.49 -10.73 43.95
CA PRO EA 109 103.13 -11.26 43.80
C PRO EA 109 102.81 -11.58 42.34
N LEU EA 110 101.84 -12.46 42.18
CA LEU EA 110 101.33 -12.82 40.86
C LEU EA 110 99.81 -12.74 40.89
N ILE EA 111 99.24 -12.06 39.91
CA ILE EA 111 97.81 -11.79 39.88
C ILE EA 111 97.14 -12.76 38.92
N SER EA 112 96.21 -13.54 39.45
CA SER EA 112 95.43 -14.48 38.66
C SER EA 112 94.31 -13.74 37.93
N ASP EA 113 93.50 -14.51 37.19
CA ASP EA 113 92.30 -13.95 36.61
C ASP EA 113 91.31 -13.48 37.67
N ASP EA 114 91.39 -14.05 38.87
CA ASP EA 114 90.64 -13.59 40.03
C ASP EA 114 91.49 -12.77 40.98
N GLN EA 115 92.66 -12.32 40.52
CA GLN EA 115 93.61 -11.57 41.33
C GLN EA 115 93.89 -12.28 42.65
N TYR EA 116 94.14 -13.58 42.55
CA TYR EA 116 94.59 -14.34 43.70
C TYR EA 116 96.10 -14.19 43.80
N PRO EA 117 96.62 -13.60 44.87
CA PRO EA 117 98.05 -13.29 44.93
C PRO EA 117 98.86 -14.57 45.07
N TYR EA 118 99.79 -14.77 44.15
CA TYR EA 118 100.63 -15.96 44.12
C TYR EA 118 102.04 -15.54 44.49
N MET EA 119 102.39 -15.78 45.75
CA MET EA 119 103.72 -15.46 46.25
C MET EA 119 104.74 -16.44 45.67
N THR EA 120 105.92 -15.90 45.36
CA THR EA 120 107.05 -16.70 44.91
C THR EA 120 108.02 -16.88 46.07
N MET EA 121 108.60 -18.07 46.17
CA MET EA 121 109.45 -18.42 47.28
C MET EA 121 110.89 -18.72 46.90
N ASP EA 122 111.26 -18.58 45.63
CA ASP EA 122 112.59 -18.94 45.16
C ASP EA 122 113.09 -17.86 44.21
N VAL EA 123 114.20 -18.15 43.53
CA VAL EA 123 114.76 -17.25 42.53
C VAL EA 123 114.62 -17.93 41.18
N CYS EA 124 113.84 -17.33 40.30
CA CYS EA 124 113.62 -17.85 38.96
C CYS EA 124 114.77 -17.46 38.06
N ARG EA 125 115.50 -18.45 37.54
CA ARG EA 125 116.59 -18.24 36.59
C ARG EA 125 116.08 -18.62 35.21
N LEU EA 126 115.93 -17.63 34.34
CA LEU EA 126 115.51 -17.90 32.97
C LEU EA 126 116.68 -18.50 32.20
N VAL EA 127 116.53 -19.75 31.79
CA VAL EA 127 117.51 -20.42 30.93
C VAL EA 127 116.98 -20.35 29.51
N ASP EA 128 117.63 -19.54 28.67
CA ASP EA 128 117.18 -19.29 27.31
C ASP EA 128 115.74 -18.77 27.30
N GLY EA 129 115.44 -17.88 28.23
CA GLY EA 129 114.10 -17.33 28.38
C GLY EA 129 113.13 -18.20 29.14
N THR EA 130 113.57 -19.35 29.64
CA THR EA 130 112.72 -20.28 30.36
C THR EA 130 113.19 -20.37 31.80
N GLY EA 131 112.27 -20.13 32.74
CA GLY EA 131 112.62 -20.16 34.14
C GLY EA 131 111.50 -20.76 34.98
N THR EA 132 111.84 -21.09 36.22
CA THR EA 132 110.92 -21.71 37.15
C THR EA 132 111.13 -21.13 38.54
N VAL EA 133 110.06 -21.10 39.33
CA VAL EA 133 110.12 -20.64 40.71
C VAL EA 133 108.93 -21.24 41.45
N GLU EA 134 109.12 -21.52 42.74
CA GLU EA 134 108.04 -22.06 43.55
C GLU EA 134 106.99 -20.99 43.83
N VAL EA 135 105.73 -21.34 43.58
CA VAL EA 135 104.63 -20.40 43.62
C VAL EA 135 103.51 -20.99 44.46
N ALA EA 136 102.95 -20.18 45.36
CA ALA EA 136 101.78 -20.61 46.13
C ALA EA 136 100.90 -19.41 46.42
N GLN EA 137 99.59 -19.65 46.50
CA GLN EA 137 98.64 -18.57 46.73
C GLN EA 137 98.81 -18.04 48.15
N LEU EA 138 99.47 -16.90 48.28
CA LEU EA 138 99.66 -16.27 49.58
C LEU EA 138 99.75 -14.77 49.40
N GLU EA 139 99.44 -14.04 50.48
CA GLU EA 139 99.60 -12.61 50.53
C GLU EA 139 100.12 -12.21 51.90
N ILE EA 140 100.76 -11.05 51.97
CA ILE EA 140 101.30 -10.53 53.21
C ILE EA 140 100.57 -9.23 53.53
N GLN EA 141 99.78 -9.25 54.60
CA GLN EA 141 99.04 -8.07 55.05
C GLN EA 141 99.76 -7.50 56.25
N GLU EA 142 100.13 -6.22 56.17
CA GLU EA 142 100.99 -5.60 57.16
C GLU EA 142 100.22 -4.56 57.94
N VAL EA 143 100.24 -4.67 59.27
CA VAL EA 143 99.68 -3.67 60.16
C VAL EA 143 100.74 -3.32 61.19
N THR EA 144 100.44 -2.32 62.02
CA THR EA 144 101.38 -1.91 63.06
C THR EA 144 100.62 -1.50 64.30
N TYR EA 145 101.32 -1.55 65.42
CA TYR EA 145 100.80 -1.13 66.71
C TYR EA 145 101.84 -0.27 67.43
N THR EA 146 101.36 0.71 68.18
CA THR EA 146 102.21 1.59 68.98
C THR EA 146 101.94 1.33 70.44
N VAL EA 147 103.01 1.24 71.23
CA VAL EA 147 102.91 0.85 72.63
C VAL EA 147 102.14 1.94 73.38
N THR EA 148 100.88 1.66 73.71
CA THR EA 148 100.07 2.63 74.44
C THR EA 148 100.47 2.71 75.91
N ALA EA 149 100.70 1.55 76.54
CA ALA EA 149 101.02 1.51 77.95
C ALA EA 149 101.86 0.28 78.24
N ALA EA 150 102.53 0.30 79.38
CA ALA EA 150 103.37 -0.82 79.83
C ALA EA 150 102.57 -1.72 80.77
N LYS EA 151 101.46 -2.24 80.25
CA LYS EA 151 100.60 -3.16 80.99
C LYS EA 151 101.05 -4.60 80.73
N GLU EA 152 101.15 -5.38 81.80
CA GLU EA 152 101.59 -6.77 81.65
C GLU EA 152 100.55 -7.58 80.88
N PHE EA 153 101.02 -8.31 79.88
CA PHE EA 153 100.13 -8.98 78.92
C PHE EA 153 99.16 -7.98 78.30
N LEU EA 154 99.73 -6.86 77.86
CA LEU EA 154 98.97 -5.88 77.10
C LEU EA 154 98.41 -6.52 75.84
N GLU EA 155 97.14 -6.24 75.57
CA GLU EA 155 96.39 -6.91 74.51
C GLU EA 155 96.52 -6.13 73.21
N VAL EA 156 96.84 -6.83 72.13
CA VAL EA 156 96.85 -6.26 70.78
C VAL EA 156 96.12 -7.23 69.88
N VAL EA 157 94.91 -6.87 69.46
CA VAL EA 157 94.04 -7.78 68.70
C VAL EA 157 93.98 -7.31 67.25
N LEU EA 158 93.49 -8.19 66.39
CA LEU EA 158 93.37 -7.92 64.97
C LEU EA 158 91.91 -7.88 64.55
N SER EA 159 91.68 -7.63 63.26
CA SER EA 159 90.34 -7.54 62.72
C SER EA 159 89.77 -8.93 62.45
N LYS EA 160 88.47 -8.95 62.12
CA LYS EA 160 87.81 -10.22 61.86
C LYS EA 160 88.39 -10.93 60.65
N ALA EA 161 88.64 -10.20 59.57
CA ALA EA 161 89.21 -10.81 58.38
C ALA EA 161 90.59 -11.37 58.65
N LEU EA 162 91.41 -10.61 59.38
CA LEU EA 162 92.75 -11.08 59.73
C LEU EA 162 92.67 -12.33 60.60
N THR EA 163 91.77 -12.33 61.57
CA THR EA 163 91.58 -13.51 62.40
C THR EA 163 91.10 -14.69 61.57
N ALA EA 164 90.32 -14.44 60.53
CA ALA EA 164 89.79 -15.52 59.70
C ALA EA 164 90.88 -16.14 58.83
N VAL EA 165 91.69 -15.31 58.19
CA VAL EA 165 92.63 -15.81 57.18
C VAL EA 165 94.08 -15.68 57.63
N CYS EA 166 94.33 -15.64 58.94
CA CYS EA 166 95.69 -15.55 59.47
C CYS EA 166 96.36 -16.93 59.40
N TYR EA 167 96.81 -17.27 58.19
CA TYR EA 167 97.52 -18.54 58.01
C TYR EA 167 98.84 -18.55 58.77
N LYS EA 168 99.61 -17.47 58.66
CA LYS EA 168 100.87 -17.34 59.37
C LYS EA 168 101.01 -15.92 59.90
N LEU EA 169 101.83 -15.78 60.93
CA LEU EA 169 102.03 -14.49 61.57
C LEU EA 169 103.51 -14.23 61.78
N GLU EA 170 103.91 -12.97 61.60
CA GLU EA 170 105.27 -12.53 61.87
C GLU EA 170 105.20 -11.23 62.66
N VAL EA 171 105.91 -11.18 63.79
CA VAL EA 171 105.91 -10.04 64.69
C VAL EA 171 107.29 -9.45 64.72
N PHE EA 172 107.42 -8.21 64.27
CA PHE EA 172 108.69 -7.49 64.23
C PHE EA 172 108.58 -6.29 65.17
N VAL EA 173 109.27 -6.37 66.29
CA VAL EA 173 109.31 -5.28 67.24
C VAL EA 173 110.43 -4.34 66.78
N THR EA 174 110.05 -3.21 66.20
CA THR EA 174 110.99 -2.23 65.70
C THR EA 174 111.05 -1.04 66.65
N THR EA 175 112.24 -0.76 67.17
CA THR EA 175 112.49 0.40 68.01
C THR EA 175 113.47 1.30 67.30
N ASP EA 176 113.07 2.56 67.07
CA ASP EA 176 113.87 3.63 66.50
C ASP EA 176 114.82 3.18 65.39
N GLY EA 177 114.35 2.27 64.54
CA GLY EA 177 115.17 1.72 63.48
C GLY EA 177 115.83 0.39 63.79
N LYS EA 178 115.64 -0.15 64.99
CA LYS EA 178 116.17 -1.46 65.35
C LYS EA 178 115.01 -2.43 65.45
N THR EA 179 115.02 -3.46 64.60
CA THR EA 179 113.95 -4.43 64.51
C THR EA 179 114.43 -5.78 65.03
N THR EA 180 113.67 -6.37 65.93
CA THR EA 180 113.85 -7.75 66.37
C THR EA 180 112.60 -8.53 66.00
N GLN EA 181 112.72 -9.85 66.03
CA GLN EA 181 111.60 -10.74 65.73
C GLN EA 181 111.14 -11.43 67.00
N TRP EA 182 109.85 -11.34 67.29
CA TRP EA 182 109.24 -12.06 68.40
C TRP EA 182 108.19 -13.02 67.87
N SER EA 183 108.15 -14.21 68.45
CA SER EA 183 107.23 -15.25 68.04
C SER EA 183 106.32 -15.61 69.21
N SER EA 184 105.33 -16.45 68.91
CA SER EA 184 104.38 -16.92 69.90
C SER EA 184 104.90 -18.24 70.47
N SER EA 185 105.10 -18.27 71.78
CA SER EA 185 105.62 -19.46 72.44
C SER EA 185 104.75 -19.81 73.63
N THR EA 186 104.32 -21.07 73.67
CA THR EA 186 103.62 -21.66 74.80
C THR EA 186 104.58 -22.65 75.47
N MET EA 187 104.07 -23.42 76.43
CA MET EA 187 104.86 -24.45 77.10
C MET EA 187 106.11 -23.82 77.74
N PHE EA 188 105.82 -22.95 78.70
CA PHE EA 188 106.88 -22.24 79.40
C PHE EA 188 107.56 -23.17 80.41
N ARG EA 189 108.89 -23.10 80.47
CA ARG EA 189 109.65 -23.92 81.40
C ARG EA 189 110.95 -23.20 81.72
N LEU EA 190 111.60 -23.65 82.81
CA LEU EA 190 112.89 -23.17 83.27
C LEU EA 190 112.79 -21.78 83.90
N ALA EA 191 113.48 -21.59 85.03
CA ALA EA 191 113.37 -20.35 85.79
C ALA EA 191 114.01 -19.18 85.04
N GLY EA 192 113.75 -17.98 85.55
CA GLY EA 192 114.29 -16.77 84.94
C GLY EA 192 113.51 -16.33 83.72
N SER EA 193 114.08 -15.34 83.03
CA SER EA 193 113.47 -14.81 81.81
C SER EA 193 113.63 -15.83 80.70
N LYS EA 194 112.59 -16.65 80.52
CA LYS EA 194 112.66 -17.74 79.55
C LYS EA 194 112.91 -17.19 78.15
N SER EA 195 112.21 -16.13 77.78
CA SER EA 195 112.38 -15.50 76.48
C SER EA 195 111.84 -14.09 76.56
N GLN EA 196 112.16 -13.31 75.54
CA GLN EA 196 111.61 -11.97 75.38
C GLN EA 196 110.76 -11.97 74.13
N VAL EA 197 109.53 -12.45 74.27
CA VAL EA 197 108.55 -12.53 73.19
C VAL EA 197 107.17 -12.30 73.79
N TYR EA 198 106.16 -12.35 72.94
CA TYR EA 198 104.76 -12.18 73.34
C TYR EA 198 104.14 -13.55 73.61
N VAL EA 199 102.84 -13.56 73.89
CA VAL EA 199 102.07 -14.80 73.99
C VAL EA 199 100.78 -14.65 73.20
N GLU EA 200 100.17 -15.79 72.90
CA GLU EA 200 98.96 -15.81 72.10
C GLU EA 200 97.76 -15.33 72.90
N PHE EA 201 96.68 -15.01 72.20
CA PHE EA 201 95.45 -14.62 72.88
C PHE EA 201 94.31 -14.63 71.87
N TYR EA 202 93.11 -14.92 72.35
CA TYR EA 202 91.92 -14.84 71.51
C TYR EA 202 90.81 -14.17 72.29
N LYS EA 203 89.91 -13.50 71.56
CA LYS EA 203 88.77 -12.81 72.14
C LYS EA 203 87.49 -13.30 71.47
N PRO EA 204 86.43 -13.58 72.26
CA PRO EA 204 85.21 -14.16 71.71
C PRO EA 204 84.48 -13.27 70.71
N SER EA 205 85.05 -12.12 70.39
CA SER EA 205 84.56 -11.31 69.28
C SER EA 205 85.11 -11.79 67.96
N GLU EA 206 85.52 -13.07 67.92
CA GLU EA 206 86.13 -13.67 66.74
C GLU EA 206 87.43 -12.95 66.39
N GLN EA 207 88.24 -12.64 67.41
CA GLN EA 207 89.46 -11.90 67.17
C GLN EA 207 90.65 -12.67 67.75
N LEU EA 208 91.77 -12.61 67.05
CA LEU EA 208 93.02 -13.17 67.54
C LEU EA 208 94.00 -12.03 67.80
N GLY EA 209 94.88 -12.24 68.77
CA GLY EA 209 95.82 -11.20 69.12
C GLY EA 209 96.93 -11.73 69.99
N VAL EA 210 97.72 -10.80 70.51
CA VAL EA 210 98.91 -11.10 71.29
C VAL EA 210 98.85 -10.37 72.61
N ARG EA 211 99.60 -10.89 73.57
CA ARG EA 211 99.76 -10.28 74.88
C ARG EA 211 101.23 -10.02 75.12
N PHE EA 212 101.55 -8.78 75.47
CA PHE EA 212 102.91 -8.36 75.80
C PHE EA 212 103.09 -8.55 77.29
N GLY EA 213 103.93 -9.52 77.67
CA GLY EA 213 104.16 -9.82 79.07
C GLY EA 213 105.29 -9.01 79.68
N ASP EA 214 105.47 -9.18 80.98
CA ASP EA 214 106.48 -8.45 81.73
C ASP EA 214 107.28 -9.41 82.60
N GLY EA 215 108.25 -8.87 83.32
CA GLY EA 215 109.07 -9.68 84.20
C GLY EA 215 109.88 -10.70 83.42
N LEU EA 216 109.96 -11.91 83.96
CA LEU EA 216 110.67 -12.98 83.29
C LEU EA 216 109.84 -13.63 82.18
N ILE EA 217 108.57 -13.27 82.07
CA ILE EA 217 107.73 -13.74 80.97
C ILE EA 217 107.72 -12.61 79.94
N GLY EA 218 108.67 -12.65 79.02
CA GLY EA 218 108.76 -11.65 77.99
C GLY EA 218 109.17 -10.29 78.53
N GLN EA 219 109.12 -9.31 77.65
CA GLN EA 219 109.45 -7.93 77.98
C GLN EA 219 108.51 -7.00 77.22
N ILE EA 220 108.22 -5.86 77.82
CA ILE EA 220 107.36 -4.87 77.17
C ILE EA 220 108.21 -4.01 76.24
N PRO EA 221 107.81 -3.83 74.99
CA PRO EA 221 108.49 -2.86 74.15
C PRO EA 221 108.30 -1.46 74.70
N PRO EA 222 109.27 -0.58 74.50
CA PRO EA 222 109.14 0.78 75.03
C PRO EA 222 108.00 1.53 74.39
N GLU EA 223 107.43 2.47 75.15
CA GLU EA 223 106.36 3.29 74.62
C GLU EA 223 106.83 4.06 73.41
N GLY EA 224 106.01 4.09 72.36
CA GLY EA 224 106.38 4.68 71.11
C GLY EA 224 107.05 3.75 70.14
N SER EA 225 107.58 2.63 70.61
CA SER EA 225 108.13 1.62 69.72
C SER EA 225 107.02 0.98 68.92
N THR EA 226 107.36 0.54 67.71
CA THR EA 226 106.37 -0.02 66.81
C THR EA 226 106.44 -1.54 66.81
N ILE EA 227 105.30 -2.16 66.59
CA ILE EA 227 105.18 -3.60 66.46
C ILE EA 227 104.52 -3.87 65.12
N THR EA 228 105.29 -4.32 64.15
CA THR EA 228 104.76 -4.64 62.83
C THR EA 228 104.27 -6.08 62.81
N LEU EA 229 103.06 -6.27 62.32
CA LEU EA 229 102.43 -7.57 62.21
C LEU EA 229 102.25 -7.87 60.73
N LYS EA 230 103.03 -8.82 60.22
CA LYS EA 230 102.94 -9.26 58.84
C LYS EA 230 102.24 -10.62 58.83
N VAL EA 231 101.04 -10.65 58.27
CA VAL EA 231 100.20 -11.84 58.30
C VAL EA 231 100.21 -12.46 56.91
N TRP EA 232 100.66 -13.70 56.84
CA TRP EA 232 100.55 -14.50 55.63
C TRP EA 232 99.13 -15.05 55.56
N CYS EA 233 98.36 -14.56 54.60
CA CYS EA 233 96.98 -14.93 54.42
C CYS EA 233 96.81 -15.67 53.11
N THR EA 234 95.71 -16.41 53.01
CA THR EA 234 95.36 -17.14 51.80
C THR EA 234 93.86 -17.38 51.81
N ASN EA 235 93.37 -18.03 50.76
CA ASN EA 235 91.95 -18.32 50.61
C ASN EA 235 91.59 -19.74 51.02
N GLY EA 236 92.53 -20.49 51.57
CA GLY EA 236 92.29 -21.87 51.94
C GLY EA 236 92.84 -22.84 50.91
N ASP EA 237 92.06 -23.87 50.56
CA ASP EA 237 92.46 -24.78 49.50
C ASP EA 237 92.52 -24.03 48.17
N ILE EA 238 93.60 -24.27 47.41
CA ILE EA 238 93.87 -23.56 46.18
C ILE EA 238 94.03 -24.59 45.06
N THR EA 239 93.31 -24.38 43.96
CA THR EA 239 93.40 -25.21 42.77
C THR EA 239 94.09 -24.41 41.68
N LEU EA 240 95.19 -24.95 41.16
CA LEU EA 240 95.94 -24.30 40.10
C LEU EA 240 96.18 -25.32 38.99
N VAL EA 241 95.48 -25.17 37.89
CA VAL EA 241 95.57 -26.08 36.77
C VAL EA 241 96.57 -25.52 35.76
N ALA EA 242 97.31 -26.40 35.12
CA ALA EA 242 98.22 -25.98 34.06
C ALA EA 242 97.44 -25.43 32.88
N GLY EA 243 97.96 -24.37 32.27
CA GLY EA 243 97.35 -23.84 31.07
C GLY EA 243 96.80 -22.42 31.21
N GLN EA 244 97.34 -21.65 32.14
CA GLN EA 244 96.89 -20.29 32.35
C GLN EA 244 98.09 -19.35 32.37
N ASN EA 245 97.80 -18.06 32.23
CA ASN EA 245 98.81 -17.02 32.20
C ASN EA 245 98.51 -15.98 33.28
N LEU EA 246 99.56 -15.51 33.94
CA LEU EA 246 99.44 -14.60 35.07
C LEU EA 246 99.64 -13.16 34.64
N THR EA 247 99.38 -12.25 35.57
CA THR EA 247 99.50 -10.81 35.34
C THR EA 247 100.29 -10.20 36.48
N PRO EA 248 101.61 -10.25 36.44
CA PRO EA 248 102.41 -9.60 37.48
C PRO EA 248 102.15 -8.11 37.50
N VAL EA 249 102.13 -7.54 38.71
CA VAL EA 249 101.78 -6.14 38.90
C VAL EA 249 102.80 -5.47 39.81
N ASP EA 250 102.53 -4.22 40.17
CA ASP EA 250 103.35 -3.43 41.10
C ASP EA 250 104.72 -3.24 40.45
N SER EA 251 105.82 -3.66 41.07
CA SER EA 251 107.12 -3.51 40.45
C SER EA 251 107.24 -4.32 39.16
N ALA EA 252 106.45 -5.38 39.02
CA ALA EA 252 106.46 -6.19 37.83
C ALA EA 252 105.31 -5.86 36.89
N ALA EA 253 104.57 -4.78 37.15
CA ALA EA 253 103.52 -4.36 36.23
C ALA EA 253 104.11 -4.01 34.87
N ASN EA 254 105.23 -3.30 34.86
CA ASN EA 254 105.94 -3.05 33.61
C ASN EA 254 106.64 -4.29 33.08
N LEU EA 255 106.82 -5.31 33.92
CA LEU EA 255 107.43 -6.57 33.50
C LEU EA 255 106.41 -7.56 32.96
N ALA EA 256 105.12 -7.28 33.12
CA ALA EA 256 104.09 -8.23 32.72
C ALA EA 256 104.15 -8.53 31.23
N ASN EA 257 104.32 -7.50 30.41
CA ASN EA 257 104.47 -7.72 28.97
C ASN EA 257 105.82 -8.31 28.61
N LEU EA 258 106.83 -8.11 29.45
CA LEU EA 258 108.17 -8.63 29.17
C LEU EA 258 108.33 -10.07 29.64
N ILE EA 259 107.61 -10.47 30.69
CA ILE EA 259 107.71 -11.80 31.27
C ILE EA 259 106.32 -12.43 31.27
N SER EA 260 106.21 -13.62 30.67
CA SER EA 260 104.97 -14.38 30.70
C SER EA 260 105.10 -15.50 31.73
N VAL EA 261 104.06 -15.68 32.53
CA VAL EA 261 104.02 -16.73 33.54
C VAL EA 261 102.99 -17.75 33.07
N LYS EA 262 103.44 -18.99 32.88
CA LYS EA 262 102.61 -20.05 32.33
C LYS EA 262 102.46 -21.16 33.36
N THR EA 263 101.21 -21.57 33.57
CA THR EA 263 100.93 -22.69 34.45
C THR EA 263 101.21 -24.00 33.71
N THR EA 264 102.22 -24.73 34.17
CA THR EA 264 102.56 -26.01 33.57
C THR EA 264 102.49 -27.15 34.57
N THR EA 265 102.91 -26.92 35.80
CA THR EA 265 102.82 -27.94 36.83
C THR EA 265 101.57 -27.69 37.65
N PRO EA 266 100.62 -28.64 37.67
CA PRO EA 266 99.41 -28.45 38.46
C PRO EA 266 99.73 -28.24 39.93
N ILE EA 267 98.96 -27.36 40.57
CA ILE EA 267 99.13 -27.06 41.99
C ILE EA 267 97.77 -27.22 42.65
N THR EA 268 97.66 -28.19 43.55
CA THR EA 268 96.43 -28.46 44.28
C THR EA 268 96.83 -29.06 45.63
N ALA EA 269 95.87 -29.69 46.31
CA ALA EA 269 96.08 -30.32 47.61
C ALA EA 269 96.36 -29.28 48.69
N GLY EA 270 95.54 -28.22 48.71
CA GLY EA 270 95.51 -27.31 49.83
C GLY EA 270 94.55 -27.77 50.91
N THR EA 271 94.54 -27.05 52.03
CA THR EA 271 93.70 -27.39 53.16
C THR EA 271 92.73 -26.26 53.45
N ASP EA 272 91.65 -26.60 54.17
CA ASP EA 272 90.65 -25.63 54.56
C ASP EA 272 90.34 -25.76 56.05
N ALA EA 273 89.31 -25.06 56.52
CA ALA EA 273 88.91 -25.11 57.92
C ALA EA 273 87.91 -26.24 58.12
N GLU EA 274 88.20 -27.13 59.05
CA GLU EA 274 87.35 -28.28 59.32
C GLU EA 274 86.26 -27.90 60.33
N THR EA 275 85.44 -28.88 60.68
CA THR EA 275 84.22 -28.61 61.44
C THR EA 275 84.54 -28.21 62.89
N THR EA 276 83.62 -27.45 63.47
CA THR EA 276 83.83 -26.91 64.82
C THR EA 276 83.95 -28.01 65.86
N GLU EA 277 83.07 -29.01 65.78
CA GLU EA 277 83.09 -30.08 66.78
C GLU EA 277 84.39 -30.87 66.71
N ILE EA 278 84.86 -31.15 65.49
CA ILE EA 278 86.10 -31.91 65.37
C ILE EA 278 87.29 -31.07 65.79
N THR EA 279 87.26 -29.77 65.52
CA THR EA 279 88.34 -28.90 66.02
C THR EA 279 88.35 -28.91 67.55
N ARG EA 280 87.18 -28.83 68.17
CA ARG EA 280 87.09 -28.88 69.62
C ARG EA 280 87.63 -30.20 70.15
N ASN EA 281 87.25 -31.31 69.51
CA ASN EA 281 87.72 -32.61 69.95
C ASN EA 281 89.23 -32.73 69.80
N ARG EA 282 89.77 -32.25 68.68
CA ARG EA 282 91.21 -32.29 68.48
C ARG EA 282 91.93 -31.46 69.53
N ALA EA 283 91.39 -30.28 69.84
CA ALA EA 283 92.02 -29.44 70.86
C ALA EA 283 91.98 -30.11 72.22
N GLN EA 284 90.85 -30.69 72.58
CA GLN EA 284 90.68 -31.27 73.90
C GLN EA 284 91.38 -32.61 74.06
N TYR EA 285 91.76 -33.26 72.97
CA TYR EA 285 92.46 -34.53 73.08
C TYR EA 285 93.88 -34.49 72.54
N TYR EA 286 94.37 -33.34 72.09
CA TYR EA 286 95.75 -33.27 71.61
C TYR EA 286 96.75 -33.39 72.74
N LEU EA 287 96.30 -33.25 73.98
CA LEU EA 287 97.22 -33.31 75.11
C LEU EA 287 97.81 -34.70 75.31
N ALA EA 288 97.32 -35.71 74.59
CA ALA EA 288 97.96 -37.01 74.63
C ALA EA 288 99.39 -36.94 74.12
N TYR EA 289 99.63 -36.13 73.09
CA TYR EA 289 100.98 -35.94 72.56
C TYR EA 289 101.68 -34.87 73.39
N ASP EA 290 102.20 -35.30 74.55
CA ASP EA 290 102.81 -34.37 75.49
C ASP EA 290 104.12 -34.90 76.09
N ASP EA 291 104.60 -36.07 75.65
CA ASP EA 291 105.80 -36.70 76.21
C ASP EA 291 105.66 -36.98 77.70
N GLN EA 292 104.44 -37.21 78.17
CA GLN EA 292 104.19 -37.54 79.58
C GLN EA 292 104.60 -38.99 79.79
N VAL EA 293 105.85 -39.18 80.21
CA VAL EA 293 106.41 -40.49 80.51
C VAL EA 293 106.59 -40.61 82.01
N VAL EA 294 106.00 -41.64 82.61
CA VAL EA 294 105.95 -41.77 84.06
C VAL EA 294 106.41 -43.13 84.56
N TRP EA 295 106.73 -44.08 83.68
CA TRP EA 295 107.32 -45.34 84.12
C TRP EA 295 108.32 -45.84 83.08
N GLY EA 296 109.14 -46.81 83.50
CA GLY EA 296 110.10 -47.41 82.60
C GLY EA 296 109.44 -48.09 81.42
N GLY EA 297 108.26 -48.68 81.63
CA GLY EA 297 107.50 -49.19 80.51
C GLY EA 297 107.11 -48.09 79.54
N ASP EA 298 106.77 -46.91 80.07
CA ASP EA 298 106.48 -45.77 79.20
C ASP EA 298 107.71 -45.40 78.40
N TYR EA 299 108.88 -45.40 79.05
CA TYR EA 299 110.13 -45.14 78.33
C TYR EA 299 110.33 -46.13 77.20
N THR EA 300 110.17 -47.42 77.50
CA THR EA 300 110.39 -48.45 76.49
C THR EA 300 109.40 -48.31 75.34
N TYR EA 301 108.14 -48.05 75.66
CA TYR EA 301 107.13 -47.87 74.62
C TYR EA 301 107.47 -46.69 73.73
N PHE EA 302 107.90 -45.57 74.33
CA PHE EA 302 108.20 -44.39 73.54
C PHE EA 302 109.44 -44.59 72.69
N LEU EA 303 110.45 -45.25 73.24
CA LEU EA 303 111.63 -45.58 72.43
C LEU EA 303 111.26 -46.47 71.26
N VAL EA 304 110.40 -47.46 71.49
CA VAL EA 304 109.95 -48.33 70.41
C VAL EA 304 109.21 -47.53 69.34
N ARG EA 305 108.31 -46.67 69.77
CA ARG EA 305 107.50 -45.90 68.82
C ARG EA 305 108.32 -44.82 68.11
N ASN EA 306 109.45 -44.43 68.68
CA ASN EA 306 110.27 -43.39 68.08
C ASN EA 306 111.38 -43.94 67.19
N ILE EA 307 111.87 -45.15 67.48
CA ILE EA 307 112.92 -45.76 66.67
C ILE EA 307 112.33 -46.94 65.92
N PRO EA 308 112.07 -46.79 64.62
CA PRO EA 308 111.58 -47.93 63.84
C PRO EA 308 112.65 -49.01 63.69
N GLY EA 309 112.18 -50.23 63.47
CA GLY EA 309 113.06 -51.34 63.20
C GLY EA 309 113.63 -52.03 64.43
N LEU EA 310 113.23 -51.64 65.62
CA LEU EA 310 113.74 -52.28 66.83
C LEU EA 310 113.16 -53.68 66.96
N SER EA 311 114.03 -54.67 67.16
CA SER EA 311 113.54 -56.01 67.46
C SER EA 311 112.75 -56.01 68.77
N TRP EA 312 113.30 -55.34 69.78
CA TRP EA 312 112.62 -55.22 71.06
C TRP EA 312 113.43 -54.26 71.93
N VAL EA 313 112.75 -53.69 72.93
CA VAL EA 313 113.38 -52.86 73.94
C VAL EA 313 112.73 -53.16 75.27
N LYS EA 314 113.54 -53.29 76.33
CA LYS EA 314 113.00 -53.58 77.65
C LYS EA 314 113.96 -53.09 78.71
N ALA EA 315 113.42 -52.43 79.73
CA ALA EA 315 114.19 -51.93 80.85
C ALA EA 315 114.00 -52.82 82.07
N TRP EA 316 114.91 -52.68 83.02
CA TRP EA 316 114.88 -53.45 84.25
C TRP EA 316 115.44 -52.59 85.36
N GLY EA 317 114.60 -52.24 86.32
CA GLY EA 317 114.99 -51.34 87.37
C GLY EA 317 115.80 -52.03 88.45
N GLU EA 318 115.94 -51.32 89.58
CA GLU EA 318 116.72 -51.85 90.69
C GLU EA 318 116.11 -53.12 91.25
N GLY EA 319 114.79 -53.17 91.38
CA GLY EA 319 114.15 -54.39 91.85
C GLY EA 319 114.31 -55.54 90.88
N GLN EA 320 114.22 -55.25 89.58
CA GLN EA 320 114.40 -56.29 88.58
C GLN EA 320 115.81 -56.85 88.60
N GLN EA 321 116.80 -55.97 88.72
CA GLN EA 321 118.19 -56.43 88.85
C GLN EA 321 118.38 -57.21 90.15
N GLU EA 322 117.72 -56.77 91.22
CA GLU EA 322 117.81 -57.48 92.50
C GLU EA 322 117.28 -58.89 92.39
N LYS EA 323 116.12 -59.06 91.76
CA LYS EA 323 115.56 -60.40 91.63
C LYS EA 323 116.32 -61.22 90.59
N LEU EA 324 116.95 -60.56 89.61
CA LEU EA 324 117.85 -61.26 88.72
C LEU EA 324 119.03 -61.85 89.48
N ASP EA 325 119.61 -61.05 90.37
CA ASP EA 325 120.83 -61.45 91.06
C ASP EA 325 120.57 -62.35 92.25
N GLY EA 326 119.37 -62.31 92.82
CA GLY EA 326 119.06 -63.10 93.99
C GLY EA 326 119.65 -62.60 95.28
N ALA EA 327 120.27 -61.42 95.28
CA ALA EA 327 120.92 -60.90 96.48
C ALA EA 327 121.00 -59.39 96.37
N TYR EA 328 121.26 -58.75 97.51
CA TYR EA 328 121.37 -57.30 97.54
C TYR EA 328 122.61 -56.82 96.80
N ASN EA 329 122.45 -55.73 96.05
CA ASN EA 329 123.56 -55.07 95.36
C ASN EA 329 123.75 -53.69 95.92
N VAL EA 330 124.99 -53.39 96.34
CA VAL EA 330 125.33 -52.04 96.77
C VAL EA 330 125.28 -51.06 95.62
N GLN EA 331 125.41 -51.55 94.39
CA GLN EA 331 125.42 -50.66 93.23
C GLN EA 331 124.03 -50.46 92.65
N ASN EA 332 123.19 -51.48 92.68
CA ASN EA 332 121.86 -51.39 92.08
C ASN EA 332 120.94 -50.56 92.99
N ILE EA 333 121.24 -49.27 93.05
CA ILE EA 333 120.49 -48.31 93.84
C ILE EA 333 120.00 -47.22 92.89
N ASN EA 334 118.70 -47.21 92.61
CA ASN EA 334 118.08 -46.26 91.69
C ASN EA 334 118.62 -46.39 90.27
N LYS EA 335 119.24 -47.51 89.94
CA LYS EA 335 119.86 -47.73 88.65
C LYS EA 335 118.98 -48.66 87.81
N ILE EA 336 118.74 -48.26 86.57
CA ILE EA 336 117.87 -49.01 85.67
C ILE EA 336 118.67 -49.39 84.44
N PHE EA 337 118.75 -50.68 84.15
CA PHE EA 337 119.48 -51.19 83.00
C PHE EA 337 118.51 -51.46 81.86
N ILE EA 338 118.75 -50.84 80.71
CA ILE EA 338 117.88 -50.94 79.56
C ILE EA 338 118.60 -51.76 78.50
N SER EA 339 117.93 -52.80 78.00
CA SER EA 339 118.46 -53.66 76.97
C SER EA 339 117.51 -53.66 75.78
N GLY EA 340 118.00 -54.17 74.66
CA GLY EA 340 117.16 -54.24 73.48
C GLY EA 340 117.96 -54.79 72.31
N TRP EA 341 117.22 -55.13 71.27
CA TRP EA 341 117.83 -55.57 70.02
C TRP EA 341 117.20 -54.85 68.85
N HIS EA 342 118.05 -54.55 67.86
CA HIS EA 342 117.69 -53.99 66.57
C HIS EA 342 118.53 -54.75 65.56
N PRO EA 343 117.91 -55.33 64.53
CA PRO EA 343 118.69 -56.08 63.54
C PRO EA 343 119.72 -55.23 62.81
N ASN EA 344 119.40 -53.97 62.55
CA ASN EA 344 120.27 -53.08 61.80
C ASN EA 344 121.19 -52.26 62.69
N LYS EA 345 121.14 -52.46 64.00
CA LYS EA 345 121.92 -51.66 64.93
C LYS EA 345 122.66 -52.56 65.90
N SER EA 346 123.85 -52.11 66.31
CA SER EA 346 124.64 -52.83 67.28
C SER EA 346 124.23 -52.41 68.69
N GLN EA 347 124.84 -53.04 69.69
CA GLN EA 347 124.57 -52.66 71.07
C GLN EA 347 124.99 -51.21 71.34
N SER EA 348 126.15 -50.82 70.79
CA SER EA 348 126.60 -49.44 70.96
C SER EA 348 125.64 -48.47 70.30
N GLU EA 349 125.15 -48.80 69.10
CA GLU EA 349 124.17 -47.95 68.45
C GLU EA 349 122.90 -47.85 69.28
N LEU EA 350 122.44 -48.98 69.82
CA LEU EA 350 121.23 -48.98 70.63
C LEU EA 350 121.40 -48.09 71.85
N GLU EA 351 122.54 -48.22 72.53
CA GLU EA 351 122.81 -47.37 73.69
C GLU EA 351 122.87 -45.90 73.29
N GLU EA 352 123.48 -45.61 72.13
CA GLU EA 352 123.59 -44.23 71.68
C GLU EA 352 122.21 -43.63 71.42
N MET EA 353 121.35 -44.36 70.72
CA MET EA 353 120.01 -43.86 70.45
C MET EA 353 119.20 -43.72 71.74
N ILE EA 354 119.37 -44.67 72.66
CA ILE EA 354 118.68 -44.60 73.95
C ILE EA 354 119.08 -43.32 74.67
N LEU EA 355 120.38 -43.04 74.73
CA LEU EA 355 120.87 -41.86 75.42
C LEU EA 355 120.37 -40.59 74.73
N ALA EA 356 120.38 -40.58 73.40
CA ALA EA 356 119.90 -39.43 72.66
C ALA EA 356 118.44 -39.15 72.98
N ALA EA 357 117.62 -40.20 73.02
CA ALA EA 357 116.22 -40.02 73.41
C ALA EA 357 116.10 -39.56 74.85
N PHE EA 358 117.00 -40.03 75.73
CA PHE EA 358 116.98 -39.57 77.11
C PHE EA 358 117.21 -38.07 77.19
N LYS EA 359 118.18 -37.55 76.43
CA LYS EA 359 118.35 -36.10 76.39
C LYS EA 359 117.13 -35.41 75.78
N LYS EA 360 116.59 -35.98 74.70
CA LYS EA 360 115.48 -35.33 74.02
C LYS EA 360 114.23 -35.27 74.89
N VAL EA 361 114.10 -36.19 75.83
CA VAL EA 361 112.95 -36.24 76.73
C VAL EA 361 113.43 -35.96 78.15
N PRO EA 362 113.31 -34.73 78.61
CA PRO EA 362 113.82 -34.35 79.95
C PRO EA 362 112.81 -34.62 81.05
N ASN EA 363 112.59 -35.90 81.34
CA ASN EA 363 111.59 -36.32 82.31
C ASN EA 363 112.18 -37.41 83.19
N GLU EA 364 112.85 -37.01 84.26
CA GLU EA 364 113.47 -37.95 85.18
C GLU EA 364 113.83 -37.23 86.46
N LEU EA 365 113.94 -37.98 87.55
CA LEU EA 365 114.32 -37.41 88.84
C LEU EA 365 114.85 -38.52 89.73
N ASN EA 366 116.10 -38.38 90.18
CA ASN EA 366 116.72 -39.26 91.18
C ASN EA 366 116.79 -40.72 90.73
N LYS EA 367 116.91 -40.94 89.42
CA LYS EA 367 117.10 -42.29 88.90
C LYS EA 367 118.11 -42.25 87.75
N LYS EA 368 119.07 -43.17 87.79
CA LYS EA 368 120.07 -43.27 86.73
C LYS EA 368 119.71 -44.41 85.79
N PHE EA 369 120.04 -44.23 84.52
CA PHE EA 369 119.75 -45.20 83.48
C PHE EA 369 121.02 -45.55 82.74
N SER EA 370 121.28 -46.85 82.62
CA SER EA 370 122.43 -47.36 81.89
C SER EA 370 121.95 -48.37 80.86
N TYR EA 371 122.84 -48.72 79.95
CA TYR EA 371 122.54 -49.69 78.90
C TYR EA 371 123.15 -51.03 79.27
N LYS EA 372 122.36 -52.09 79.17
CA LYS EA 372 122.78 -53.44 79.50
C LYS EA 372 123.09 -54.22 78.24
N GLU EA 373 124.19 -54.97 78.27
CA GLU EA 373 124.56 -55.80 77.14
C GLU EA 373 123.49 -56.86 76.88
N VAL EA 374 123.33 -57.20 75.60
CA VAL EA 374 122.38 -58.22 75.18
C VAL EA 374 123.20 -59.43 74.74
N ARG EA 375 123.00 -60.57 75.39
CA ARG EA 375 123.77 -61.77 75.14
C ARG EA 375 122.97 -62.71 74.23
N LYS EA 376 123.51 -62.99 73.05
CA LYS EA 376 122.87 -63.93 72.14
C LYS EA 376 122.97 -65.34 72.70
N LEU EA 377 121.85 -66.07 72.65
CA LEU EA 377 121.79 -67.45 73.12
C LEU EA 377 121.13 -68.30 72.04
N PRO EA 378 121.86 -68.63 70.98
CA PRO EA 378 121.31 -69.51 69.95
C PRO EA 378 121.17 -70.94 70.45
N PHE EA 379 120.25 -71.66 69.83
CA PHE EA 379 120.04 -73.08 70.10
C PHE EA 379 119.59 -73.75 68.81
N LYS EA 380 119.99 -75.00 68.64
CA LYS EA 380 119.68 -75.73 67.41
C LYS EA 380 118.50 -76.67 67.63
N ILE EA 381 117.85 -77.02 66.54
CA ILE EA 381 116.78 -78.00 66.53
C ILE EA 381 117.14 -79.09 65.53
N THR EA 382 117.03 -80.34 65.97
CA THR EA 382 117.23 -81.49 65.11
C THR EA 382 115.89 -82.18 64.91
N ILE EA 383 115.34 -82.03 63.72
CA ILE EA 383 114.12 -82.72 63.34
C ILE EA 383 114.51 -83.93 62.50
N THR EA 384 113.86 -85.05 62.75
CA THR EA 384 114.17 -86.32 62.09
C THR EA 384 112.88 -87.01 61.69
N GLY EA 385 112.80 -87.45 60.43
CA GLY EA 385 111.62 -88.15 59.99
C GLY EA 385 111.56 -88.17 58.47
N ARG EA 386 110.37 -88.50 57.95
CA ARG EA 386 110.14 -88.62 56.52
C ARG EA 386 108.88 -87.88 56.12
N ILE EA 387 108.88 -87.39 54.88
CA ILE EA 387 107.75 -86.65 54.34
C ILE EA 387 107.12 -87.45 53.21
N SER EA 388 106.05 -86.91 52.62
CA SER EA 388 105.47 -87.48 51.43
C SER EA 388 106.38 -87.24 50.22
N ALA EA 389 106.36 -88.18 49.27
CA ALA EA 389 107.16 -88.04 48.07
C ALA EA 389 106.68 -86.89 47.19
N SER EA 390 105.44 -86.43 47.40
CA SER EA 390 104.94 -85.29 46.62
C SER EA 390 105.70 -84.01 46.92
N LEU EA 391 106.40 -83.95 48.05
CA LEU EA 391 107.14 -82.77 48.45
C LEU EA 391 108.60 -82.89 48.03
N THR EA 392 109.27 -81.74 47.96
CA THR EA 392 110.70 -81.67 47.68
C THR EA 392 111.44 -81.33 48.97
N ILE EA 393 112.44 -82.14 49.30
CA ILE EA 393 113.14 -81.97 50.57
C ILE EA 393 113.85 -80.63 50.62
N GLU EA 394 114.51 -80.25 49.53
CA GLU EA 394 115.26 -79.00 49.51
C GLU EA 394 114.33 -77.81 49.66
N ASN EA 395 113.22 -77.81 48.91
CA ASN EA 395 112.28 -76.70 49.00
C ASN EA 395 111.65 -76.61 50.37
N VAL EA 396 111.30 -77.77 50.95
CA VAL EA 396 110.73 -77.77 52.30
C VAL EA 396 111.73 -77.22 53.30
N THR EA 397 113.00 -77.63 53.19
CA THR EA 397 114.03 -77.10 54.07
C THR EA 397 114.13 -75.59 53.93
N ASP EA 398 114.13 -75.10 52.70
CA ASP EA 398 114.24 -73.65 52.47
C ASP EA 398 113.07 -72.91 53.09
N GLU EA 399 111.86 -73.40 52.86
CA GLU EA 399 110.66 -72.74 53.36
C GLU EA 399 110.63 -72.74 54.89
N LEU EA 400 110.96 -73.89 55.50
CA LEU EA 400 110.97 -73.97 56.95
C LEU EA 400 112.03 -73.05 57.54
N LYS EA 401 113.22 -73.01 56.95
CA LYS EA 401 114.25 -72.11 57.45
C LYS EA 401 113.81 -70.65 57.34
N SER EA 402 113.21 -70.29 56.21
CA SER EA 402 112.75 -68.91 56.03
C SER EA 402 111.69 -68.55 57.07
N ALA EA 403 110.70 -69.43 57.25
CA ALA EA 403 109.63 -69.15 58.20
C ALA EA 403 110.16 -69.09 59.62
N LEU EA 404 111.10 -69.97 59.97
CA LEU EA 404 111.65 -69.99 61.32
C LEU EA 404 112.51 -68.77 61.59
N GLU EA 405 113.28 -68.32 60.61
CA GLU EA 405 114.03 -67.08 60.80
C GLU EA 405 113.08 -65.88 60.90
N THR EA 406 111.99 -65.91 60.13
CA THR EA 406 111.02 -64.83 60.17
C THR EA 406 110.32 -64.76 61.53
N LYS EA 407 109.95 -65.90 62.08
CA LYS EA 407 109.10 -65.92 63.26
C LYS EA 407 109.88 -66.00 64.56
N PHE EA 408 110.89 -66.87 64.62
CA PHE EA 408 111.66 -67.12 65.82
C PHE EA 408 113.16 -67.07 65.56
N GLY EA 409 113.59 -66.36 64.52
CA GLY EA 409 114.99 -66.26 64.18
C GLY EA 409 115.69 -65.16 64.96
N ARG EA 410 116.93 -64.89 64.55
CA ARG EA 410 117.71 -63.84 65.19
C ARG EA 410 117.22 -62.45 64.82
N ASP EA 411 116.42 -62.32 63.77
CA ASP EA 411 115.90 -61.03 63.32
C ASP EA 411 114.39 -61.06 63.21
N SER EA 412 113.74 -61.79 64.11
CA SER EA 412 112.30 -61.92 64.08
C SER EA 412 111.63 -60.71 64.71
N THR EA 413 110.30 -60.63 64.53
CA THR EA 413 109.48 -59.61 65.15
C THR EA 413 108.68 -60.13 66.34
N PHE EA 414 108.89 -61.39 66.72
CA PHE EA 414 108.14 -61.98 67.82
C PHE EA 414 108.48 -61.36 69.17
N PHE EA 415 109.65 -60.75 69.31
CA PHE EA 415 110.05 -60.19 70.60
C PHE EA 415 109.10 -59.07 71.02
N ASP EA 416 108.75 -58.19 70.07
CA ASP EA 416 107.81 -57.09 70.32
C ASP EA 416 106.79 -57.06 69.19
N PRO EA 417 105.88 -58.04 69.14
CA PRO EA 417 104.91 -58.08 68.04
C PRO EA 417 104.01 -56.87 67.98
N ASN EA 418 103.64 -56.30 69.13
CA ASN EA 418 102.71 -55.20 69.18
C ASN EA 418 103.38 -53.83 69.22
N ARG EA 419 104.72 -53.80 69.25
CA ARG EA 419 105.48 -52.54 69.30
C ARG EA 419 105.05 -51.68 70.48
N VAL EA 420 105.01 -52.29 71.66
CA VAL EA 420 104.63 -51.60 72.89
C VAL EA 420 105.78 -51.49 73.87
N GLY EA 421 106.96 -52.00 73.53
CA GLY EA 421 108.09 -51.97 74.44
C GLY EA 421 108.15 -53.22 75.30
N LYS EA 422 108.08 -54.39 74.67
CA LYS EA 422 108.09 -55.65 75.39
C LYS EA 422 109.05 -56.62 74.71
N TYR EA 423 109.56 -57.56 75.50
CA TYR EA 423 110.40 -58.64 75.02
C TYR EA 423 109.80 -59.96 75.48
N ILE EA 424 109.56 -60.86 74.53
CA ILE EA 424 108.91 -62.13 74.81
C ILE EA 424 109.87 -63.26 74.50
N LEU EA 425 110.08 -64.15 75.48
CA LEU EA 425 111.02 -65.24 75.31
C LEU EA 425 110.51 -66.26 74.30
N ILE EA 426 111.43 -66.79 73.51
CA ILE EA 426 111.11 -67.83 72.54
C ILE EA 426 111.11 -69.17 73.26
N LYS EA 427 110.03 -69.93 73.12
CA LYS EA 427 109.86 -71.18 73.83
C LYS EA 427 109.89 -72.36 72.87
N LYS EA 428 110.32 -73.51 73.39
CA LYS EA 428 110.34 -74.75 72.61
C LYS EA 428 108.94 -75.10 72.13
N LYS EA 429 107.96 -74.98 73.03
CA LYS EA 429 106.58 -75.24 72.64
C LYS EA 429 106.16 -74.28 71.53
N ASP EA 430 106.58 -73.01 71.61
CA ASP EA 430 106.20 -72.03 70.60
C ASP EA 430 106.78 -72.38 69.25
N VAL EA 431 108.07 -72.72 69.21
CA VAL EA 431 108.69 -73.01 67.92
C VAL EA 431 108.12 -74.29 67.32
N TRP EA 432 107.86 -75.30 68.15
CA TRP EA 432 107.32 -76.53 67.62
C TRP EA 432 105.89 -76.31 67.14
N ALA EA 433 105.13 -75.46 67.85
CA ALA EA 433 103.80 -75.11 67.38
C ALA EA 433 103.87 -74.36 66.06
N PHE EA 434 104.85 -73.47 65.90
CA PHE EA 434 105.01 -72.75 64.65
C PHE EA 434 105.25 -73.73 63.50
N ILE EA 435 106.14 -74.70 63.70
CA ILE EA 435 106.40 -75.64 62.62
C ILE EA 435 105.19 -76.52 62.35
N GLU EA 436 104.44 -76.87 63.40
CA GLU EA 436 103.22 -77.65 63.18
C GLU EA 436 102.19 -76.87 62.39
N THR EA 437 102.04 -75.57 62.70
CA THR EA 437 101.15 -74.73 61.91
C THR EA 437 101.62 -74.63 60.47
N LEU EA 438 102.94 -74.57 60.28
CA LEU EA 438 103.49 -74.63 58.93
C LEU EA 438 103.07 -75.92 58.23
N GLY EA 439 103.05 -77.02 58.97
CA GLY EA 439 102.45 -78.25 58.48
C GLY EA 439 103.14 -78.91 57.30
N TYR EA 440 104.46 -78.92 57.30
CA TYR EA 440 105.24 -79.70 56.33
C TYR EA 440 105.77 -80.99 56.93
N PHE EA 441 105.12 -81.48 57.97
CA PHE EA 441 105.53 -82.68 58.68
C PHE EA 441 104.54 -83.81 58.42
N ARG EA 442 105.07 -85.02 58.25
CA ARG EA 442 104.24 -86.21 58.12
C ARG EA 442 104.45 -87.16 59.29
N ASP EA 443 105.70 -87.48 59.60
CA ASP EA 443 106.03 -88.26 60.78
C ASP EA 443 107.45 -87.86 61.20
N PHE EA 444 107.56 -86.95 62.16
CA PHE EA 444 108.84 -86.39 62.54
C PHE EA 444 108.96 -86.35 64.06
N TYR EA 445 110.18 -86.13 64.51
CA TYR EA 445 110.50 -86.02 65.93
C TYR EA 445 111.58 -84.97 66.10
N LEU EA 446 111.43 -84.15 67.14
CA LEU EA 446 112.26 -82.99 67.34
C LEU EA 446 113.09 -83.12 68.61
N GLU EA 447 114.33 -82.67 68.53
CA GLU EA 447 115.20 -82.56 69.70
C GLU EA 447 115.82 -81.18 69.69
N PHE EA 448 116.11 -80.66 70.88
CA PHE EA 448 116.73 -79.35 71.03
C PHE EA 448 118.17 -79.51 71.48
N VAL EA 449 119.08 -78.89 70.75
CA VAL EA 449 120.52 -79.01 70.99
C VAL EA 449 121.02 -77.68 71.52
N GLU EA 450 121.76 -77.73 72.62
CA GLU EA 450 122.38 -76.56 73.22
C GLU EA 450 121.33 -75.50 73.54
N TRP EA 451 120.34 -75.92 74.33
CA TRP EA 451 119.28 -75.02 74.76
C TRP EA 451 119.81 -74.02 75.77
N ASN EA 452 120.25 -72.86 75.30
CA ASN EA 452 120.75 -71.81 76.18
C ASN EA 452 119.56 -71.04 76.72
N GLU EA 453 119.13 -71.38 77.94
CA GLU EA 453 117.99 -70.72 78.55
C GLU EA 453 118.31 -69.26 78.85
N SER EA 454 117.36 -68.39 78.58
CA SER EA 454 117.51 -66.95 78.76
C SER EA 454 116.68 -66.48 79.95
N ASN EA 455 117.27 -65.59 80.76
CA ASN EA 455 116.56 -65.04 81.90
C ASN EA 455 115.38 -64.17 81.49
N GLY EA 456 115.34 -63.73 80.24
CA GLY EA 456 114.31 -62.82 79.78
C GLY EA 456 114.57 -61.36 80.05
N PHE EA 457 115.71 -61.02 80.65
CA PHE EA 457 116.03 -59.64 80.96
C PHE EA 457 116.83 -58.99 79.82
N TYR EA 458 117.98 -59.56 79.49
CA TYR EA 458 118.81 -59.05 78.40
C TYR EA 458 119.36 -60.13 77.50
N ASP EA 459 119.31 -61.41 77.89
CA ASP EA 459 119.83 -62.46 77.03
C ASP EA 459 118.97 -62.64 75.80
N PHE EA 460 119.62 -62.78 74.64
CA PHE EA 460 118.95 -62.87 73.35
C PHE EA 460 118.88 -64.33 72.94
N VAL EA 461 117.81 -65.00 73.32
CA VAL EA 461 117.58 -66.37 72.88
C VAL EA 461 116.94 -66.34 71.50
N TYR EA 462 117.38 -67.25 70.64
CA TYR EA 462 116.85 -67.33 69.28
C TYR EA 462 117.25 -68.67 68.69
N LEU EA 463 116.44 -69.15 67.76
CA LEU EA 463 116.71 -70.42 67.11
C LEU EA 463 117.85 -70.29 66.12
N ASP EA 464 118.79 -71.23 66.18
CA ASP EA 464 119.88 -71.29 65.20
C ASP EA 464 119.35 -72.00 63.96
N THR EA 465 118.68 -71.23 63.11
CA THR EA 465 118.08 -71.77 61.90
C THR EA 465 119.14 -72.31 60.95
N GLU EA 466 120.26 -71.59 60.82
CA GLU EA 466 121.29 -72.00 59.87
C GLU EA 466 121.89 -73.34 60.23
N ASN EA 467 122.12 -73.59 61.52
CA ASN EA 467 122.76 -74.81 61.97
C ASN EA 467 121.77 -75.90 62.36
N SER EA 468 120.49 -75.70 62.10
CA SER EA 468 119.49 -76.70 62.48
C SER EA 468 119.64 -77.96 61.65
N THR EA 469 119.49 -79.11 62.31
CA THR EA 469 119.66 -80.40 61.67
C THR EA 469 118.31 -80.87 61.14
N PHE EA 470 118.26 -81.19 59.85
CA PHE EA 470 117.03 -81.54 59.15
C PHE EA 470 117.20 -82.92 58.51
N ASN EA 471 117.00 -83.97 59.29
CA ASN EA 471 117.04 -85.33 58.77
C ASN EA 471 115.68 -85.66 58.17
N ILE EA 472 115.41 -85.02 57.04
CA ILE EA 472 114.14 -85.15 56.33
C ILE EA 472 114.30 -86.24 55.28
N SER EA 473 113.35 -87.18 55.27
CA SER EA 473 113.35 -88.25 54.29
C SER EA 473 111.99 -88.35 53.61
N TYR EA 474 111.78 -89.40 52.82
CA TYR EA 474 110.51 -89.59 52.13
C TYR EA 474 109.83 -90.82 52.70
N GLU EA 475 108.50 -90.74 52.84
CA GLU EA 475 107.69 -91.84 53.32
C GLU EA 475 107.35 -92.78 52.16
N GLU EA 476 108.36 -93.52 51.71
CA GLU EA 476 108.12 -94.57 50.74
C GLU EA 476 107.57 -95.82 51.44
N GLU EA 477 107.56 -96.92 50.68
CA GLU EA 477 107.19 -98.24 51.17
C GLU EA 477 108.12 -98.67 52.29
N MET FA 1 16.49 -16.30 118.12
CA MET FA 1 16.74 -17.40 117.19
C MET FA 1 16.85 -16.89 115.75
N SER FA 2 15.75 -16.98 115.00
CA SER FA 2 15.76 -16.57 113.61
C SER FA 2 14.35 -16.13 113.21
N LYS FA 3 14.27 -15.40 112.11
CA LYS FA 3 13.02 -14.88 111.58
C LYS FA 3 12.85 -15.31 110.13
N THR FA 4 11.61 -15.61 109.74
CA THR FA 4 11.29 -16.02 108.39
C THR FA 4 9.97 -15.39 107.97
N THR FA 5 9.79 -15.26 106.65
CA THR FA 5 8.54 -14.77 106.07
C THR FA 5 8.38 -15.32 104.67
N PRO FA 6 7.17 -15.70 104.26
CA PRO FA 6 7.01 -16.32 102.94
C PRO FA 6 7.22 -15.33 101.81
N THR FA 7 7.49 -15.88 100.63
CA THR FA 7 7.90 -15.09 99.48
C THR FA 7 6.71 -14.30 98.92
N LYS FA 8 6.98 -13.52 97.86
CA LYS FA 8 5.97 -12.63 97.30
C LYS FA 8 4.86 -13.42 96.63
N ASP FA 9 5.21 -14.36 95.75
CA ASP FA 9 4.17 -15.12 95.04
C ASP FA 9 3.34 -15.89 96.05
N SER FA 10 3.99 -16.49 97.04
CA SER FA 10 3.27 -17.12 98.14
C SER FA 10 2.28 -16.16 98.77
N ILE FA 11 2.78 -15.07 99.37
CA ILE FA 11 1.91 -14.18 100.14
C ILE FA 11 0.75 -13.72 99.27
N ARG FA 12 1.00 -13.50 97.98
CA ARG FA 12 -0.09 -13.21 97.07
C ARG FA 12 -1.11 -14.35 97.03
N ALA FA 13 -0.60 -15.59 96.96
CA ALA FA 13 -1.48 -16.75 96.82
C ALA FA 13 -2.35 -16.94 98.06
N GLU FA 14 -1.73 -16.95 99.25
CA GLU FA 14 -2.57 -17.11 100.43
C GLU FA 14 -3.46 -15.90 100.66
N PHE FA 15 -3.01 -14.70 100.25
CA PHE FA 15 -3.87 -13.53 100.40
C PHE FA 15 -5.12 -13.67 99.53
N GLU FA 16 -4.94 -14.09 98.28
CA GLU FA 16 -6.11 -14.23 97.42
C GLU FA 16 -7.00 -15.36 97.89
N GLU FA 17 -6.42 -16.46 98.39
CA GLU FA 17 -7.31 -17.54 98.84
C GLU FA 17 -8.09 -17.13 100.08
N LEU FA 18 -7.49 -16.31 100.96
CA LEU FA 18 -8.25 -15.90 102.13
C LEU FA 18 -9.28 -14.84 101.79
N VAL FA 19 -9.00 -13.97 100.81
CA VAL FA 19 -10.03 -13.04 100.39
C VAL FA 19 -11.11 -13.75 99.59
N GLU FA 20 -10.83 -14.95 99.10
CA GLU FA 20 -11.85 -15.73 98.40
C GLU FA 20 -12.92 -16.27 99.34
N LYS FA 21 -12.91 -15.86 100.60
CA LYS FA 21 -13.87 -16.37 101.57
C LYS FA 21 -15.28 -15.93 101.24
N ASP FA 22 -15.49 -14.63 101.03
CA ASP FA 22 -16.83 -14.15 100.77
C ASP FA 22 -17.16 -14.36 99.29
N SER FA 23 -18.27 -15.07 99.05
CA SER FA 23 -18.64 -15.43 97.69
C SER FA 23 -18.91 -14.21 96.82
N PHE FA 24 -19.30 -13.08 97.42
CA PHE FA 24 -19.64 -11.91 96.63
C PHE FA 24 -18.42 -11.16 96.12
N TRP FA 25 -17.23 -11.44 96.66
CA TRP FA 25 -16.01 -10.82 96.19
C TRP FA 25 -14.91 -11.83 95.93
N SER FA 26 -15.22 -13.13 96.05
CA SER FA 26 -14.20 -14.15 95.95
C SER FA 26 -13.66 -14.29 94.53
N LYS FA 27 -14.50 -14.07 93.52
CA LYS FA 27 -14.12 -14.40 92.16
C LYS FA 27 -13.54 -13.24 91.39
N PHE FA 28 -13.32 -12.10 92.04
CA PHE FA 28 -12.53 -11.03 91.46
C PHE FA 28 -11.08 -11.44 91.23
N VAL FA 29 -10.66 -12.56 91.84
CA VAL FA 29 -9.34 -13.09 91.59
C VAL FA 29 -9.14 -13.36 90.10
N GLY FA 30 -7.90 -13.30 89.66
CA GLY FA 30 -7.57 -13.43 88.26
C GLY FA 30 -7.62 -12.13 87.48
N SER FA 31 -8.18 -11.08 88.07
CA SER FA 31 -8.33 -9.79 87.40
C SER FA 31 -7.19 -8.85 87.74
N GLN FA 32 -6.99 -7.87 86.86
CA GLN FA 32 -5.96 -6.89 87.13
C GLN FA 32 -6.30 -6.03 88.34
N PHE FA 33 -7.58 -5.98 88.72
CA PHE FA 33 -7.99 -5.34 89.97
C PHE FA 33 -7.27 -5.95 91.15
N VAL FA 34 -7.51 -7.25 91.37
CA VAL FA 34 -6.93 -7.92 92.51
C VAL FA 34 -5.42 -7.95 92.40
N SER FA 35 -4.89 -8.12 91.18
CA SER FA 35 -3.44 -8.18 91.05
C SER FA 35 -2.79 -6.84 91.38
N MET FA 36 -3.42 -5.73 91.00
CA MET FA 36 -2.82 -4.44 91.32
C MET FA 36 -2.88 -4.16 92.81
N LEU FA 37 -4.04 -4.40 93.44
CA LEU FA 37 -4.10 -4.19 94.88
C LEU FA 37 -3.13 -5.13 95.60
N THR FA 38 -2.97 -6.35 95.09
CA THR FA 38 -2.08 -7.32 95.71
C THR FA 38 -0.64 -6.90 95.57
N LEU FA 39 -0.23 -6.45 94.38
CA LEU FA 39 1.13 -5.99 94.22
C LEU FA 39 1.40 -4.75 95.05
N PHE FA 40 0.39 -3.91 95.26
CA PHE FA 40 0.58 -2.73 96.10
C PHE FA 40 0.85 -3.13 97.54
N ILE FA 41 0.01 -4.02 98.09
CA ILE FA 41 0.22 -4.42 99.48
C ILE FA 41 1.53 -5.19 99.62
N THR FA 42 1.87 -6.02 98.62
CA THR FA 42 3.11 -6.76 98.71
C THR FA 42 4.32 -5.83 98.62
N GLN FA 43 4.26 -4.78 97.80
CA GLN FA 43 5.40 -3.88 97.72
C GLN FA 43 5.57 -3.10 99.02
N ILE FA 44 4.46 -2.70 99.65
CA ILE FA 44 4.61 -1.93 100.89
C ILE FA 44 5.14 -2.82 102.01
N VAL FA 45 4.64 -4.06 102.10
CA VAL FA 45 5.18 -4.96 103.11
C VAL FA 45 6.62 -5.34 102.79
N TYR FA 46 6.94 -5.44 101.51
CA TYR FA 46 8.32 -5.71 101.12
C TYR FA 46 9.24 -4.60 101.64
N ARG FA 47 8.81 -3.35 101.45
CA ARG FA 47 9.61 -2.23 101.93
C ARG FA 47 9.82 -2.35 103.43
N CYS FA 48 8.73 -2.48 104.19
CA CYS FA 48 8.88 -2.48 105.65
C CYS FA 48 9.75 -3.64 106.09
N PHE FA 49 9.50 -4.83 105.55
CA PHE FA 49 10.22 -6.04 105.97
C PHE FA 49 11.71 -5.92 105.68
N GLN FA 50 12.08 -5.93 104.40
CA GLN FA 50 13.51 -5.95 104.12
C GLN FA 50 14.21 -4.65 104.47
N TYR FA 51 13.50 -3.55 104.70
CA TYR FA 51 14.24 -2.41 105.21
C TYR FA 51 14.50 -2.53 106.70
N ALA FA 52 13.59 -3.15 107.46
CA ALA FA 52 13.95 -3.54 108.83
C ALA FA 52 15.11 -4.52 108.82
N ASP FA 53 15.12 -5.43 107.84
CA ASP FA 53 16.21 -6.38 107.72
C ASP FA 53 17.53 -5.66 107.44
N ALA FA 54 17.52 -4.68 106.54
CA ALA FA 54 18.72 -3.92 106.24
C ALA FA 54 19.17 -3.12 107.46
N ALA FA 55 18.22 -2.57 108.22
CA ALA FA 55 18.57 -1.83 109.43
C ALA FA 55 19.27 -2.73 110.44
N LEU FA 56 18.70 -3.91 110.70
CA LEU FA 56 19.33 -4.82 111.66
C LEU FA 56 20.67 -5.32 111.14
N ALA FA 57 20.82 -5.44 109.82
CA ALA FA 57 22.10 -5.84 109.27
C ALA FA 57 23.16 -4.76 109.48
N GLU FA 58 22.83 -3.52 109.12
CA GLU FA 58 23.75 -2.41 109.34
C GLU FA 58 24.02 -2.17 110.81
N GLY FA 59 23.16 -2.68 111.70
CA GLY FA 59 23.42 -2.55 113.11
C GLY FA 59 24.70 -3.20 113.59
N PHE FA 60 25.34 -4.01 112.74
CA PHE FA 60 26.58 -4.69 113.12
C PHE FA 60 27.80 -3.90 112.67
N ILE FA 61 28.91 -4.14 113.35
CA ILE FA 61 30.11 -3.33 113.13
C ILE FA 61 30.74 -3.66 111.78
N SER FA 62 30.92 -4.93 111.48
CA SER FA 62 31.62 -5.31 110.26
C SER FA 62 30.72 -5.30 109.03
N THR FA 63 29.41 -5.18 109.23
CA THR FA 63 28.47 -5.14 108.12
C THR FA 63 28.28 -3.73 107.57
N ALA FA 64 28.85 -2.72 108.22
CA ALA FA 64 28.69 -1.35 107.75
C ALA FA 64 29.48 -1.15 106.46
N THR FA 65 28.78 -0.77 105.39
CA THR FA 65 29.41 -0.44 104.13
C THR FA 65 29.28 1.03 103.75
N ARG FA 66 28.17 1.66 104.12
CA ARG FA 66 27.99 3.06 103.81
C ARG FA 66 29.05 3.89 104.52
N ARG FA 67 29.49 4.94 103.83
CA ARG FA 67 30.42 5.89 104.44
C ARG FA 67 29.87 6.40 105.77
N SER FA 68 28.59 6.74 105.80
CA SER FA 68 27.96 7.20 107.03
C SER FA 68 27.96 6.09 108.08
N SER FA 69 27.66 4.86 107.67
CA SER FA 69 27.62 3.75 108.62
C SER FA 69 28.98 3.51 109.25
N ILE FA 70 30.02 3.50 108.42
CA ILE FA 70 31.35 3.21 108.93
C ILE FA 70 31.89 4.38 109.74
N LEU FA 71 31.56 5.62 109.37
CA LEU FA 71 31.97 6.74 110.20
C LEU FA 71 31.22 6.76 111.53
N ALA FA 72 29.95 6.33 111.55
CA ALA FA 72 29.25 6.16 112.81
C ALA FA 72 29.91 5.10 113.67
N ALA FA 73 30.33 4.00 113.04
CA ALA FA 73 31.05 2.97 113.78
C ALA FA 73 32.35 3.53 114.36
N ALA FA 74 33.06 4.33 113.58
CA ALA FA 74 34.32 4.93 114.04
C ALA FA 74 34.08 5.89 115.19
N GLU FA 75 33.02 6.70 115.10
CA GLU FA 75 32.67 7.61 116.18
C GLU FA 75 32.34 6.81 117.45
N THR FA 76 31.62 5.70 117.30
CA THR FA 76 31.32 4.86 118.45
C THR FA 76 32.59 4.24 119.03
N ASN FA 77 33.55 3.91 118.18
CA ASN FA 77 34.83 3.39 118.63
C ASN FA 77 35.80 4.49 119.06
N SER FA 78 35.37 5.75 119.00
CA SER FA 78 36.20 6.89 119.39
C SER FA 78 37.46 6.97 118.55
N TYR FA 79 37.30 6.77 117.24
CA TYR FA 79 38.40 6.92 116.29
C TYR FA 79 37.89 7.67 115.08
N VAL FA 80 38.80 8.37 114.41
CA VAL FA 80 38.49 9.11 113.19
C VAL FA 80 39.35 8.58 112.07
N GLY FA 81 38.72 8.23 110.95
CA GLY FA 81 39.46 7.74 109.81
C GLY FA 81 40.35 8.79 109.20
N THR FA 82 41.37 8.31 108.48
CA THR FA 82 42.37 9.20 107.87
C THR FA 82 41.73 9.97 106.72
N LYS FA 83 41.47 11.25 106.95
CA LYS FA 83 40.89 12.09 105.92
C LYS FA 83 41.94 12.51 104.89
N PRO FA 84 41.52 12.83 103.68
CA PRO FA 84 42.48 13.33 102.67
C PRO FA 84 43.17 14.60 103.16
N THR FA 85 44.46 14.72 102.83
CA THR FA 85 45.25 15.88 103.17
C THR FA 85 45.85 16.47 101.90
N PRO FA 86 45.65 17.76 101.63
CA PRO FA 86 46.17 18.35 100.40
C PRO FA 86 47.69 18.39 100.41
N SER FA 87 48.27 18.32 99.21
CA SER FA 87 49.70 18.48 99.07
C SER FA 87 50.10 19.92 99.38
N SER FA 88 51.25 20.08 100.03
CA SER FA 88 51.76 21.39 100.39
C SER FA 88 53.17 21.55 99.86
N GLY FA 89 53.54 22.78 99.53
CA GLY FA 89 54.87 23.03 99.02
C GLY FA 89 55.10 24.49 98.72
N MET FA 90 56.16 24.74 97.96
CA MET FA 90 56.70 26.07 97.76
C MET FA 90 56.28 26.60 96.39
N ILE FA 91 56.06 27.91 96.33
CA ILE FA 91 55.69 28.61 95.10
C ILE FA 91 56.47 29.92 95.04
N GLU FA 92 56.92 30.28 93.83
CA GLU FA 92 57.65 31.52 93.65
C GLU FA 92 56.67 32.67 93.42
N ILE FA 93 57.00 33.84 93.96
CA ILE FA 93 56.16 35.03 93.81
C ILE FA 93 57.04 36.18 93.29
N THR FA 94 56.68 36.71 92.13
CA THR FA 94 57.41 37.81 91.51
C THR FA 94 56.53 39.04 91.46
N ALA FA 95 57.15 40.21 91.51
CA ALA FA 95 56.45 41.47 91.41
C ALA FA 95 56.51 42.00 89.97
N THR FA 96 55.36 42.35 89.42
CA THR FA 96 55.29 42.87 88.06
C THR FA 96 55.31 44.39 88.01
N SER FA 97 55.26 45.07 89.16
CA SER FA 97 55.23 46.52 89.19
C SER FA 97 55.70 46.99 90.55
N GLU FA 98 56.08 48.28 90.61
CA GLU FA 98 56.50 48.86 91.88
C GLU FA 98 55.35 48.93 92.87
N ASP FA 99 54.11 48.97 92.38
CA ASP FA 99 52.95 49.00 93.24
C ASP FA 99 52.73 47.70 93.99
N ALA FA 100 53.42 46.63 93.61
CA ALA FA 100 53.29 45.35 94.28
C ALA FA 100 53.88 45.46 95.68
N PRO FA 101 53.12 45.18 96.73
CA PRO FA 101 53.69 45.24 98.08
C PRO FA 101 54.69 44.12 98.30
N ALA FA 102 55.83 44.48 98.91
CA ALA FA 102 56.87 43.50 99.18
C ALA FA 102 56.46 42.46 100.21
N VAL FA 103 55.37 42.69 100.94
CA VAL FA 103 54.91 41.77 101.98
C VAL FA 103 53.55 41.23 101.56
N ILE FA 104 53.46 39.91 101.45
CA ILE FA 104 52.20 39.24 101.17
C ILE FA 104 51.86 38.36 102.37
N PRO FA 105 50.78 38.64 103.08
CA PRO FA 105 50.51 37.90 104.32
C PRO FA 105 49.90 36.53 104.07
N LYS FA 106 50.02 35.69 105.09
CA LYS FA 106 49.23 34.47 105.24
C LYS FA 106 47.75 34.78 105.15
N ASN FA 107 46.93 33.74 104.96
CA ASN FA 107 45.48 33.85 104.95
C ASN FA 107 44.99 34.61 103.72
N MET FA 108 45.58 34.31 102.56
CA MET FA 108 45.07 34.85 101.32
C MET FA 108 44.90 33.71 100.33
N PRO FA 109 43.86 33.76 99.51
CA PRO FA 109 43.60 32.67 98.55
C PRO FA 109 44.30 32.91 97.22
N LEU FA 110 44.49 31.82 96.50
CA LEU FA 110 45.05 31.85 95.17
C LEU FA 110 44.19 31.01 94.24
N ILE FA 111 43.82 31.59 93.10
CA ILE FA 111 42.88 30.96 92.18
C ILE FA 111 43.65 30.33 91.05
N SER FA 112 43.49 29.01 90.90
CA SER FA 112 44.11 28.26 89.81
C SER FA 112 43.30 28.44 88.53
N ASP FA 113 43.75 27.78 87.47
CA ASP FA 113 42.96 27.73 86.24
C ASP FA 113 41.63 27.00 86.46
N ASP FA 114 41.56 26.13 87.47
CA ASP FA 114 40.33 25.50 87.89
C ASP FA 114 39.77 26.14 89.15
N GLN FA 115 40.26 27.32 89.50
CA GLN FA 115 39.87 28.03 90.72
C GLN FA 115 39.96 27.14 91.94
N TYR FA 116 41.07 26.42 92.04
CA TYR FA 116 41.36 25.67 93.23
C TYR FA 116 42.01 26.59 94.25
N PRO FA 117 41.38 26.82 95.40
CA PRO FA 117 41.88 27.84 96.34
C PRO FA 117 43.18 27.37 96.97
N TYR FA 118 44.22 28.17 96.83
CA TYR FA 118 45.54 27.85 97.35
C TYR FA 118 45.82 28.79 98.51
N MET FA 119 45.63 28.28 99.72
CA MET FA 119 45.89 29.06 100.92
C MET FA 119 47.38 29.22 101.13
N THR FA 120 47.76 30.40 101.60
CA THR FA 120 49.14 30.72 101.97
C THR FA 120 49.28 30.64 103.48
N MET FA 121 50.40 30.12 103.94
CA MET FA 121 50.62 29.88 105.35
C MET FA 121 51.77 30.68 105.95
N ASP FA 122 52.42 31.54 105.18
CA ASP FA 122 53.59 32.27 105.65
C ASP FA 122 53.48 33.72 105.20
N VAL FA 123 54.57 34.46 105.35
CA VAL FA 123 54.66 35.85 104.90
C VAL FA 123 55.67 35.90 103.77
N CYS FA 124 55.21 36.25 102.58
CA CYS FA 124 56.06 36.34 101.40
C CYS FA 124 56.78 37.68 101.40
N ARG FA 125 58.10 37.64 101.47
CA ARG FA 125 58.94 38.83 101.39
C ARG FA 125 59.56 38.89 100.01
N LEU FA 126 59.14 39.86 99.20
CA LEU FA 126 59.72 40.04 97.88
C LEU FA 126 61.10 40.65 98.02
N VAL FA 127 62.11 39.88 97.63
CA VAL FA 127 63.49 40.37 97.58
C VAL FA 127 63.78 40.73 96.13
N ASP FA 128 63.91 42.03 95.87
CA ASP FA 128 64.08 42.55 94.51
C ASP FA 128 62.95 42.07 93.60
N GLY FA 129 61.73 42.10 94.12
CA GLY FA 129 60.56 41.64 93.40
C GLY FA 129 60.34 40.15 93.41
N THR FA 130 61.19 39.39 94.10
CA THR FA 130 61.11 37.94 94.15
C THR FA 130 60.80 37.51 95.57
N GLY FA 131 59.72 36.74 95.74
CA GLY FA 131 59.32 36.30 97.06
C GLY FA 131 58.80 34.88 97.03
N THR FA 132 58.67 34.31 98.22
CA THR FA 132 58.23 32.93 98.40
C THR FA 132 57.32 32.83 99.61
N VAL FA 133 56.37 31.89 99.55
CA VAL FA 133 55.46 31.63 100.66
C VAL FA 133 54.95 30.21 100.51
N GLU FA 134 54.68 29.56 101.65
CA GLU FA 134 54.15 28.20 101.62
C GLU FA 134 52.70 28.21 101.17
N VAL FA 135 52.39 27.35 100.20
CA VAL FA 135 51.10 27.34 99.53
C VAL FA 135 50.57 25.92 99.50
N ALA FA 136 49.29 25.76 99.84
CA ALA FA 136 48.65 24.45 99.73
C ALA FA 136 47.19 24.63 99.39
N GLN FA 137 46.63 23.67 98.66
CA GLN FA 137 45.24 23.76 98.22
C GLN FA 137 44.32 23.59 99.42
N LEU FA 138 43.79 24.71 99.92
CA LEU FA 138 42.86 24.67 101.03
C LEU FA 138 41.89 25.85 100.92
N GLU FA 139 40.74 25.68 101.55
CA GLU FA 139 39.76 26.75 101.67
C GLU FA 139 39.14 26.71 103.05
N ILE FA 140 38.62 27.85 103.49
CA ILE FA 140 37.97 27.97 104.79
C ILE FA 140 36.51 28.30 104.55
N GLN FA 141 35.63 27.36 104.90
CA GLN FA 141 34.19 27.54 104.76
C GLN FA 141 33.62 27.82 106.15
N GLU FA 142 32.93 28.95 106.28
CA GLU FA 142 32.50 29.44 107.59
C GLU FA 142 30.99 29.36 107.70
N VAL FA 143 30.51 28.71 108.75
CA VAL FA 143 29.09 28.69 109.09
C VAL FA 143 28.95 29.09 110.54
N THR FA 144 27.70 29.23 110.99
CA THR FA 144 27.44 29.60 112.37
C THR FA 144 26.20 28.91 112.87
N TYR FA 145 26.12 28.77 114.19
CA TYR FA 145 24.96 28.20 114.86
C TYR FA 145 24.57 29.07 116.05
N THR FA 146 23.28 29.14 116.32
CA THR FA 146 22.73 29.88 117.46
C THR FA 146 22.14 28.90 118.44
N VAL FA 147 22.44 29.12 119.73
CA VAL FA 147 22.04 28.16 120.77
C VAL FA 147 20.52 28.15 120.86
N THR FA 148 19.92 27.09 120.34
CA THR FA 148 18.47 26.96 120.40
C THR FA 148 17.98 26.60 121.80
N ALA FA 149 18.66 25.66 122.45
CA ALA FA 149 18.24 25.19 123.76
C ALA FA 149 19.45 24.70 124.52
N ALA FA 150 19.29 24.61 125.84
CA ALA FA 150 20.35 24.12 126.72
C ALA FA 150 20.18 22.62 127.00
N LYS FA 151 20.19 21.85 125.92
CA LYS FA 151 20.09 20.41 125.99
C LYS FA 151 21.47 19.79 126.09
N GLU FA 152 21.63 18.83 127.00
CA GLU FA 152 22.93 18.20 127.20
C GLU FA 152 23.32 17.38 125.97
N PHE FA 153 24.54 17.59 125.51
CA PHE FA 153 25.01 17.01 124.24
C PHE FA 153 24.08 17.40 123.10
N LEU FA 154 23.74 18.69 123.08
CA LEU FA 154 22.95 19.25 121.99
C LEU FA 154 23.66 19.04 120.66
N GLU FA 155 22.89 18.65 119.65
CA GLU FA 155 23.43 18.23 118.36
C GLU FA 155 23.49 19.42 117.42
N VAL FA 156 24.65 19.60 116.77
CA VAL FA 156 24.82 20.59 115.71
C VAL FA 156 25.53 19.89 114.57
N VAL FA 157 24.82 19.62 113.48
CA VAL FA 157 25.35 18.85 112.37
C VAL FA 157 25.61 19.77 111.18
N LEU FA 158 26.37 19.26 110.22
CA LEU FA 158 26.74 20.00 109.03
C LEU FA 158 26.12 19.36 107.78
N SER FA 159 26.38 19.97 106.64
CA SER FA 159 25.83 19.50 105.37
C SER FA 159 26.66 18.33 104.84
N LYS FA 160 26.14 17.70 103.78
CA LYS FA 160 26.82 16.56 103.18
C LYS FA 160 28.17 16.96 102.61
N ALA FA 161 28.24 18.07 101.91
CA ALA FA 161 29.51 18.51 101.33
C ALA FA 161 30.54 18.81 102.42
N LEU FA 162 30.10 19.48 103.49
CA LEU FA 162 31.00 19.78 104.59
C LEU FA 162 31.49 18.50 105.25
N THR FA 163 30.57 17.54 105.46
CA THR FA 163 30.97 16.26 106.02
C THR FA 163 31.95 15.54 105.09
N ALA FA 164 31.80 15.71 103.79
CA ALA FA 164 32.67 15.04 102.84
C ALA FA 164 34.07 15.62 102.82
N VAL FA 165 34.19 16.94 102.82
CA VAL FA 165 35.48 17.59 102.63
C VAL FA 165 35.96 18.32 103.88
N CYS FA 166 35.48 17.91 105.06
CA CYS FA 166 35.92 18.53 106.31
C CYS FA 166 37.29 18.00 106.69
N TYR FA 167 38.31 18.55 106.04
CA TYR FA 167 39.68 18.16 106.36
C TYR FA 167 40.06 18.59 107.78
N LYS FA 168 39.73 19.83 108.14
CA LYS FA 168 40.01 20.34 109.48
C LYS FA 168 38.81 21.16 109.95
N LEU FA 169 38.68 21.27 111.27
CA LEU FA 169 37.58 22.00 111.87
C LEU FA 169 38.08 22.94 112.95
N GLU FA 170 37.45 24.11 113.02
CA GLU FA 170 37.73 25.09 114.07
C GLU FA 170 36.41 25.59 114.62
N VAL FA 171 36.26 25.53 115.95
CA VAL FA 171 35.02 25.92 116.62
C VAL FA 171 35.32 27.12 117.50
N PHE FA 172 34.68 28.24 117.20
CA PHE FA 172 34.86 29.48 117.93
C PHE FA 172 33.51 29.83 118.58
N VAL FA 173 33.44 29.67 119.89
CA VAL FA 173 32.25 30.04 120.64
C VAL FA 173 32.35 31.53 120.95
N THR FA 174 31.59 32.33 120.23
CA THR FA 174 31.60 33.78 120.40
C THR FA 174 30.35 34.20 121.16
N THR FA 175 30.55 34.86 122.31
CA THR FA 175 29.48 35.43 123.10
C THR FA 175 29.67 36.93 123.12
N ASP FA 176 28.63 37.67 122.69
CA ASP FA 176 28.51 39.12 122.73
C ASP FA 176 29.84 39.84 122.49
N GLY FA 177 30.62 39.35 121.53
CA GLY FA 177 31.91 39.92 121.22
C GLY FA 177 33.09 39.24 121.87
N LYS FA 178 32.87 38.23 122.70
CA LYS FA 178 33.94 37.47 123.33
C LYS FA 178 33.99 36.09 122.71
N THR FA 179 35.11 35.76 122.08
CA THR FA 179 35.28 34.50 121.36
C THR FA 179 36.30 33.63 122.09
N THR FA 180 35.92 32.38 122.34
CA THR FA 180 36.83 31.36 122.82
C THR FA 180 36.90 30.25 121.78
N GLN FA 181 37.91 29.40 121.90
CA GLN FA 181 38.10 28.29 120.99
C GLN FA 181 37.79 26.98 121.72
N TRP FA 182 36.92 26.16 121.13
CA TRP FA 182 36.64 24.83 121.65
C TRP FA 182 37.00 23.80 120.60
N SER FA 183 37.59 22.70 121.05
CA SER FA 183 38.04 21.62 120.18
C SER FA 183 37.31 20.34 120.53
N SER FA 184 37.53 19.32 119.72
CA SER FA 184 36.96 18.01 119.92
C SER FA 184 37.94 17.16 120.71
N SER FA 185 37.52 16.68 121.87
CA SER FA 185 38.38 15.91 122.75
C SER FA 185 37.68 14.63 123.16
N THR FA 186 38.38 13.51 123.03
CA THR FA 186 37.92 12.21 123.47
C THR FA 186 38.82 11.71 124.60
N MET FA 187 38.61 10.46 125.01
CA MET FA 187 39.42 9.81 126.03
C MET FA 187 39.38 10.64 127.33
N PHE FA 188 38.18 10.74 127.86
CA PHE FA 188 37.93 11.56 129.04
C PHE FA 188 38.52 10.89 130.28
N ARG FA 189 39.18 11.70 131.12
CA ARG FA 189 39.77 11.18 132.34
C ARG FA 189 39.80 12.30 133.38
N LEU FA 190 40.00 11.88 134.64
CA LEU FA 190 40.12 12.78 135.79
C LEU FA 190 38.78 13.39 136.20
N ALA FA 191 38.51 13.43 137.50
CA ALA FA 191 37.23 13.87 138.02
C ALA FA 191 37.05 15.38 137.81
N GLY FA 192 35.81 15.84 138.00
CA GLY FA 192 35.49 17.24 137.84
C GLY FA 192 35.28 17.64 136.39
N SER FA 193 35.17 18.95 136.19
CA SER FA 193 34.99 19.50 134.85
C SER FA 193 36.31 19.37 134.09
N LYS FA 194 36.44 18.28 133.32
CA LYS FA 194 37.69 18.01 132.62
C LYS FA 194 38.04 19.14 131.67
N SER FA 195 37.06 19.63 130.93
CA SER FA 195 37.26 20.73 130.00
C SER FA 195 35.91 21.35 129.70
N GLN FA 196 35.96 22.53 129.08
CA GLN FA 196 34.77 23.20 128.59
C GLN FA 196 34.86 23.25 127.08
N VAL FA 197 34.51 22.16 126.43
CA VAL FA 197 34.51 22.00 124.98
C VAL FA 197 33.36 21.09 124.59
N TYR FA 198 33.23 20.85 123.29
CA TYR FA 198 32.20 19.99 122.75
C TYR FA 198 32.74 18.57 122.59
N VAL FA 199 31.93 17.68 122.00
CA VAL FA 199 32.38 16.35 121.64
C VAL FA 199 31.94 16.05 120.22
N GLU FA 200 32.58 15.04 119.62
CA GLU FA 200 32.31 14.68 118.24
C GLU FA 200 30.96 13.97 118.12
N PHE FA 201 30.47 13.87 116.89
CA PHE FA 201 29.24 13.12 116.65
C PHE FA 201 29.09 12.90 115.15
N TYR FA 202 28.45 11.79 114.79
CA TYR FA 202 28.13 11.53 113.41
C TYR FA 202 26.70 11.00 113.30
N LYS FA 203 26.06 11.27 112.16
CA LYS FA 203 24.71 10.83 111.89
C LYS FA 203 24.68 10.05 110.58
N PRO FA 204 23.98 8.90 110.55
CA PRO FA 204 23.99 8.03 109.37
C PRO FA 204 23.40 8.66 108.11
N SER FA 205 23.00 9.92 108.20
CA SER FA 205 22.65 10.69 107.02
C SER FA 205 23.86 11.25 106.32
N GLU FA 206 25.02 10.63 106.57
CA GLU FA 206 26.30 11.09 106.04
C GLU FA 206 26.62 12.49 106.56
N GLN FA 207 26.38 12.72 107.85
CA GLN FA 207 26.59 14.04 108.41
C GLN FA 207 27.52 13.95 109.62
N LEU FA 208 28.38 14.94 109.76
CA LEU FA 208 29.24 15.07 110.93
C LEU FA 208 28.82 16.29 111.71
N GLY FA 209 29.02 16.24 113.02
CA GLY FA 209 28.59 17.34 113.87
C GLY FA 209 29.19 17.23 115.26
N VAL FA 210 28.70 18.09 116.13
CA VAL FA 210 29.21 18.24 117.48
C VAL FA 210 28.06 18.12 118.47
N ARG FA 211 28.43 17.79 119.70
CA ARG FA 211 27.49 17.72 120.81
C ARG FA 211 27.98 18.65 121.92
N PHE FA 212 27.08 19.52 122.36
CA PHE FA 212 27.37 20.46 123.45
C PHE FA 212 26.96 19.77 124.75
N GLY FA 213 27.94 19.42 125.58
CA GLY FA 213 27.68 18.73 126.82
C GLY FA 213 27.40 19.68 127.98
N ASP FA 214 27.03 19.10 129.11
CA ASP FA 214 26.71 19.84 130.31
C ASP FA 214 27.46 19.26 131.50
N GLY FA 215 27.26 19.88 132.67
CA GLY FA 215 27.90 19.42 133.88
C GLY FA 215 29.41 19.53 133.79
N LEU FA 216 30.09 18.51 134.29
CA LEU FA 216 31.54 18.47 134.22
C LEU FA 216 32.05 18.05 132.85
N ILE FA 217 31.18 17.59 131.97
CA ILE FA 217 31.55 17.27 130.59
C ILE FA 217 31.17 18.50 129.77
N GLY FA 218 32.12 19.42 129.64
CA GLY FA 218 31.89 20.62 128.86
C GLY FA 218 30.88 21.55 129.51
N GLN FA 219 30.53 22.58 128.76
CA GLN FA 219 29.55 23.57 129.20
C GLN FA 219 28.72 24.01 128.01
N ILE FA 220 27.47 24.36 128.26
CA ILE FA 220 26.58 24.82 127.20
C ILE FA 220 26.80 26.32 126.99
N PRO FA 221 27.02 26.76 125.75
CA PRO FA 221 27.04 28.19 125.50
C PRO FA 221 25.68 28.79 125.79
N PRO FA 222 25.64 30.05 126.21
CA PRO FA 222 24.35 30.67 126.53
C PRO FA 222 23.49 30.80 125.29
N GLU FA 223 22.17 30.79 125.52
CA GLU FA 223 21.23 30.96 124.43
C GLU FA 223 21.45 32.32 123.76
N GLY FA 224 21.46 32.31 122.43
CA GLY FA 224 21.76 33.48 121.65
C GLY FA 224 23.23 33.66 121.32
N SER FA 225 24.11 32.98 122.06
CA SER FA 225 25.53 33.01 121.72
C SER FA 225 25.76 32.27 120.41
N THR FA 226 26.79 32.70 119.68
CA THR FA 226 27.07 32.15 118.37
C THR FA 226 28.20 31.13 118.45
N ILE FA 227 28.15 30.14 117.57
CA ILE FA 227 29.20 29.15 117.43
C ILE FA 227 29.61 29.17 115.98
N THR FA 228 30.78 29.73 115.70
CA THR FA 228 31.32 29.79 114.35
C THR FA 228 32.11 28.53 114.06
N LEU FA 229 31.82 27.91 112.93
CA LEU FA 229 32.49 26.69 112.48
C LEU FA 229 33.26 27.04 111.21
N LYS FA 230 34.58 27.07 111.32
CA LYS FA 230 35.47 27.31 110.18
C LYS FA 230 36.07 25.98 109.77
N VAL FA 231 35.71 25.51 108.59
CA VAL FA 231 36.11 24.19 108.11
C VAL FA 231 37.18 24.38 107.04
N TRP FA 232 38.35 23.82 107.29
CA TRP FA 232 39.40 23.74 106.29
C TRP FA 232 39.08 22.58 105.37
N CYS FA 233 38.74 22.90 104.13
CA CYS FA 233 38.35 21.91 103.13
C CYS FA 233 39.37 21.89 102.01
N THR FA 234 39.38 20.78 101.28
CA THR FA 234 40.25 20.62 100.12
C THR FA 234 39.62 19.58 99.20
N ASN FA 235 40.29 19.31 98.09
CA ASN FA 235 39.81 18.36 97.11
C ASN FA 235 40.49 17.00 97.22
N GLY FA 236 41.29 16.78 98.26
CA GLY FA 236 42.01 15.54 98.41
C GLY FA 236 43.46 15.64 97.98
N ASP FA 237 43.93 14.64 97.24
CA ASP FA 237 45.28 14.72 96.67
C ASP FA 237 45.35 15.85 95.65
N ILE FA 238 46.43 16.62 95.74
CA ILE FA 238 46.59 17.82 94.91
C ILE FA 238 47.90 17.71 94.15
N THR FA 239 47.84 17.91 92.84
CA THR FA 239 49.02 17.92 91.98
C THR FA 239 49.29 19.35 91.53
N LEU FA 240 50.48 19.83 91.82
CA LEU FA 240 50.88 21.19 91.45
C LEU FA 240 52.23 21.10 90.75
N VAL FA 241 52.23 21.31 89.45
CA VAL FA 241 53.43 21.22 88.64
C VAL FA 241 53.99 22.62 88.46
N ALA FA 242 55.32 22.72 88.44
CA ALA FA 242 55.95 24.00 88.18
C ALA FA 242 55.65 24.45 86.75
N GLY FA 243 55.43 25.74 86.57
CA GLY FA 243 55.24 26.29 85.25
C GLY FA 243 53.88 26.88 84.98
N GLN FA 244 53.18 27.32 86.04
CA GLN FA 244 51.86 27.90 85.90
C GLN FA 244 51.80 29.23 86.64
N ASN FA 245 50.78 30.02 86.30
CA ASN FA 245 50.56 31.32 86.90
C ASN FA 245 49.19 31.39 87.53
N LEU FA 246 49.11 32.03 88.70
CA LEU FA 246 47.89 32.08 89.49
C LEU FA 246 47.15 33.38 89.24
N THR FA 247 45.93 33.45 89.79
CA THR FA 247 45.05 34.60 89.66
C THR FA 247 44.51 34.97 91.03
N PRO FA 248 45.28 35.72 91.82
CA PRO FA 248 44.77 36.18 93.12
C PRO FA 248 43.54 37.04 92.94
N VAL FA 249 42.59 36.89 93.87
CA VAL FA 249 41.30 37.57 93.77
C VAL FA 249 40.96 38.22 95.10
N ASP FA 250 39.75 38.76 95.20
CA ASP FA 250 39.21 39.37 96.41
C ASP FA 250 40.08 40.57 96.75
N SER FA 251 40.69 40.64 97.92
CA SER FA 251 41.55 41.78 98.25
C SER FA 251 42.75 41.86 97.33
N ALA FA 252 43.16 40.73 96.75
CA ALA FA 252 44.28 40.70 95.83
C ALA FA 252 43.85 40.68 94.37
N ALA FA 253 42.56 40.88 94.10
CA ALA FA 253 42.11 40.97 92.72
C ALA FA 253 42.77 42.14 92.01
N ASN FA 254 42.84 43.29 92.69
CA ASN FA 254 43.58 44.42 92.15
C ASN FA 254 45.08 44.21 92.20
N LEU FA 255 45.55 43.24 92.99
CA LEU FA 255 46.96 42.91 93.05
C LEU FA 255 47.39 41.88 92.02
N ALA FA 256 46.43 41.26 91.32
CA ALA FA 256 46.76 40.18 90.40
C ALA FA 256 47.66 40.67 89.28
N ASN FA 257 47.36 41.84 88.71
CA ASN FA 257 48.23 42.40 87.69
C ASN FA 257 49.53 42.95 88.26
N LEU FA 258 49.55 43.29 89.54
CA LEU FA 258 50.75 43.83 90.16
C LEU FA 258 51.68 42.72 90.66
N ILE FA 259 51.13 41.58 91.04
CA ILE FA 259 51.89 40.46 91.59
C ILE FA 259 51.62 39.23 90.73
N SER FA 260 52.69 38.61 90.23
CA SER FA 260 52.58 37.35 89.49
C SER FA 260 53.01 36.21 90.40
N VAL FA 261 52.23 35.13 90.38
CA VAL FA 261 52.53 33.95 91.17
C VAL FA 261 52.95 32.85 90.19
N LYS FA 262 54.16 32.35 90.34
CA LYS FA 262 54.72 31.38 89.43
C LYS FA 262 55.01 30.07 90.15
N THR FA 263 54.56 28.98 89.56
CA THR FA 263 54.83 27.66 90.09
C THR FA 263 56.25 27.25 89.72
N THR FA 264 57.12 27.14 90.71
CA THR FA 264 58.49 26.71 90.49
C THR FA 264 58.84 25.45 91.25
N THR FA 265 58.36 25.30 92.47
CA THR FA 265 58.60 24.10 93.25
C THR FA 265 57.40 23.18 93.10
N PRO FA 266 57.57 21.99 92.54
CA PRO FA 266 56.45 21.07 92.40
C PRO FA 266 55.82 20.74 93.75
N ILE FA 267 54.50 20.62 93.76
CA ILE FA 267 53.75 20.30 94.97
C ILE FA 267 52.85 19.11 94.66
N THR FA 268 53.11 17.99 95.31
CA THR FA 268 52.33 16.76 95.12
C THR FA 268 52.40 16.00 96.43
N ALA FA 269 52.04 14.71 96.39
CA ALA FA 269 52.04 13.82 97.55
C ALA FA 269 50.96 14.22 98.55
N GLY FA 270 49.75 14.46 98.04
CA GLY FA 270 48.58 14.59 98.89
C GLY FA 270 47.94 13.24 99.14
N THR FA 271 46.92 13.25 99.99
CA THR FA 271 46.22 12.02 100.36
C THR FA 271 44.76 12.11 99.97
N ASP FA 272 44.14 10.93 99.88
CA ASP FA 272 42.72 10.84 99.54
C ASP FA 272 41.99 9.93 100.52
N ALA FA 273 40.73 9.60 100.23
CA ALA FA 273 39.95 8.72 101.08
C ALA FA 273 40.16 7.27 100.64
N GLU FA 274 40.55 6.42 101.58
CA GLU FA 274 40.81 5.03 101.29
C GLU FA 274 39.53 4.21 101.39
N THR FA 275 39.65 2.90 101.18
CA THR FA 275 38.48 2.05 101.01
C THR FA 275 37.72 1.88 102.32
N THR FA 276 36.43 1.58 102.17
CA THR FA 276 35.54 1.48 103.33
C THR FA 276 35.96 0.36 104.26
N GLU FA 277 36.25 -0.82 103.70
CA GLU FA 277 36.60 -1.96 104.53
C GLU FA 277 37.89 -1.72 105.29
N ILE FA 278 38.88 -1.11 104.63
CA ILE FA 278 40.14 -0.86 105.31
C ILE FA 278 39.97 0.23 106.37
N THR FA 279 39.12 1.22 106.11
CA THR FA 279 38.84 2.21 107.15
C THR FA 279 38.20 1.55 108.36
N ARG FA 280 37.24 0.66 108.11
CA ARG FA 280 36.60 -0.07 109.20
C ARG FA 280 37.62 -0.89 109.97
N ASN FA 281 38.50 -1.59 109.27
CA ASN FA 281 39.50 -2.41 109.93
C ASN FA 281 40.44 -1.55 110.75
N ARG FA 282 40.87 -0.41 110.19
CA ARG FA 282 41.75 0.48 110.93
C ARG FA 282 41.08 1.00 112.18
N ALA FA 283 39.80 1.36 112.07
CA ALA FA 283 39.08 1.85 113.24
C ALA FA 283 38.94 0.77 114.30
N GLN FA 284 38.62 -0.45 113.89
CA GLN FA 284 38.35 -1.52 114.83
C GLN FA 284 39.62 -2.10 115.42
N TYR FA 285 40.78 -1.84 114.82
CA TYR FA 285 42.03 -2.36 115.35
C TYR FA 285 42.98 -1.28 115.83
N TYR FA 286 42.61 0.00 115.75
CA TYR FA 286 43.50 1.05 116.23
C TYR FA 286 43.62 1.04 117.74
N LEU FA 287 42.74 0.33 118.44
CA LEU FA 287 42.77 0.34 119.89
C LEU FA 287 44.00 -0.36 120.45
N ALA FA 288 44.78 -1.03 119.61
CA ALA FA 288 46.05 -1.58 120.05
C ALA FA 288 46.98 -0.48 120.54
N TYR FA 289 46.99 0.66 119.85
CA TYR FA 289 47.78 1.82 120.26
C TYR FA 289 47.00 2.58 121.33
N ASP FA 290 47.09 2.08 122.57
CA ASP FA 290 46.34 2.65 123.67
C ASP FA 290 47.16 2.79 124.96
N ASP FA 291 48.44 2.46 124.93
CA ASP FA 291 49.29 2.48 126.12
C ASP FA 291 48.77 1.53 127.21
N GLN FA 292 48.08 0.47 126.81
CA GLN FA 292 47.57 -0.51 127.77
C GLN FA 292 48.75 -1.36 128.23
N VAL FA 293 49.35 -0.95 129.34
CA VAL FA 293 50.48 -1.65 129.95
C VAL FA 293 50.00 -2.28 131.25
N VAL FA 294 50.19 -3.60 131.38
CA VAL FA 294 49.63 -4.36 132.49
C VAL FA 294 50.65 -5.24 133.20
N TRP FA 295 51.89 -5.32 132.73
CA TRP FA 295 52.92 -6.04 133.47
C TRP FA 295 54.27 -5.36 133.27
N GLY FA 296 55.22 -5.73 134.14
CA GLY FA 296 56.56 -5.20 134.03
C GLY FA 296 57.23 -5.52 132.71
N GLY FA 297 56.94 -6.70 132.16
CA GLY FA 297 57.39 -7.00 130.82
C GLY FA 297 56.81 -6.05 129.79
N ASP FA 298 55.55 -5.66 129.97
CA ASP FA 298 54.95 -4.66 129.10
C ASP FA 298 55.68 -3.34 129.23
N TYR FA 299 56.01 -2.95 130.46
CA TYR FA 299 56.80 -1.74 130.67
C TYR FA 299 58.13 -1.81 129.92
N THR FA 300 58.85 -2.92 130.07
CA THR FA 300 60.16 -3.06 129.44
C THR FA 300 60.03 -3.02 127.93
N TYR FA 301 59.03 -3.72 127.38
CA TYR FA 301 58.82 -3.71 125.95
C TYR FA 301 58.52 -2.31 125.45
N PHE FA 302 57.68 -1.57 126.15
CA PHE FA 302 57.31 -0.23 125.69
C PHE FA 302 58.49 0.72 125.81
N LEU FA 303 59.28 0.62 126.87
CA LEU FA 303 60.49 1.42 126.98
C LEU FA 303 61.46 1.11 125.85
N VAL FA 304 61.62 -0.17 125.51
CA VAL FA 304 62.50 -0.55 124.41
C VAL FA 304 61.99 0.04 123.09
N ARG FA 305 60.68 -0.08 122.85
CA ARG FA 305 60.13 0.41 121.59
C ARG FA 305 60.09 1.93 121.52
N ASN FA 306 60.14 2.61 122.67
CA ASN FA 306 60.09 4.06 122.68
C ASN FA 306 61.47 4.71 122.68
N ILE FA 307 62.47 4.04 123.23
CA ILE FA 307 63.83 4.58 123.27
C ILE FA 307 64.71 3.76 122.33
N PRO FA 308 65.03 4.28 121.15
CA PRO FA 308 65.94 3.56 120.26
C PRO FA 308 67.34 3.51 120.83
N GLY FA 309 68.09 2.49 120.39
CA GLY FA 309 69.48 2.34 120.75
C GLY FA 309 69.74 1.68 122.08
N LEU FA 310 68.72 1.17 122.75
CA LEU FA 310 68.93 0.50 124.03
C LEU FA 310 69.58 -0.85 123.80
N SER FA 311 70.68 -1.11 124.52
CA SER FA 311 71.26 -2.45 124.48
C SER FA 311 70.28 -3.47 125.02
N TRP FA 312 69.63 -3.15 126.13
CA TRP FA 312 68.62 -4.02 126.71
C TRP FA 312 67.97 -3.29 127.87
N VAL FA 313 66.76 -3.71 128.22
CA VAL FA 313 66.05 -3.22 129.40
C VAL FA 313 65.34 -4.40 130.04
N LYS FA 314 65.41 -4.49 131.37
CA LYS FA 314 64.76 -5.58 132.08
C LYS FA 314 64.43 -5.15 133.50
N ALA FA 315 63.23 -5.46 133.95
CA ALA FA 315 62.78 -5.15 135.30
C ALA FA 315 62.79 -6.41 136.15
N TRP FA 316 62.76 -6.21 137.46
CA TRP FA 316 62.76 -7.30 138.42
C TRP FA 316 61.94 -6.87 139.62
N GLY FA 317 60.82 -7.55 139.85
CA GLY FA 317 59.91 -7.17 140.89
C GLY FA 317 60.37 -7.64 142.26
N GLU FA 318 59.44 -7.57 143.20
CA GLU FA 318 59.75 -7.96 144.58
C GLU FA 318 60.10 -9.44 144.66
N GLY FA 319 59.38 -10.29 143.95
CA GLY FA 319 59.72 -11.71 143.95
C GLY FA 319 61.08 -11.98 143.31
N GLN FA 320 61.38 -11.26 142.23
CA GLN FA 320 62.67 -11.43 141.57
C GLN FA 320 63.81 -11.00 142.48
N GLN FA 321 63.65 -9.88 143.18
CA GLN FA 321 64.66 -9.45 144.13
C GLN FA 321 64.76 -10.43 145.29
N GLU FA 322 63.63 -11.00 145.71
CA GLU FA 322 63.63 -11.99 146.79
C GLU FA 322 64.42 -13.22 146.40
N LYS FA 323 64.20 -13.74 145.19
CA LYS FA 323 64.94 -14.92 144.76
C LYS FA 323 66.39 -14.59 144.45
N LEU FA 324 66.67 -13.35 144.06
CA LEU FA 324 68.05 -12.91 143.93
C LEU FA 324 68.76 -12.96 145.28
N ASP FA 325 68.10 -12.47 146.31
CA ASP FA 325 68.73 -12.34 147.62
C ASP FA 325 68.74 -13.64 148.41
N GLY FA 326 67.82 -14.55 148.11
CA GLY FA 326 67.72 -15.79 148.85
C GLY FA 326 67.10 -15.67 150.22
N ALA FA 327 66.58 -14.50 150.58
CA ALA FA 327 66.01 -14.30 151.91
C ALA FA 327 65.01 -13.17 151.85
N TYR FA 328 64.18 -13.08 152.88
CA TYR FA 328 63.17 -12.04 152.94
C TYR FA 328 63.80 -10.66 153.13
N ASN FA 329 63.26 -9.68 152.42
CA ASN FA 329 63.67 -8.29 152.56
C ASN FA 329 62.51 -7.46 153.08
N VAL FA 330 62.78 -6.73 154.17
CA VAL FA 330 61.79 -5.81 154.70
C VAL FA 330 61.55 -4.65 153.74
N GLN FA 331 62.51 -4.36 152.86
CA GLN FA 331 62.38 -3.24 151.95
C GLN FA 331 61.75 -3.64 150.62
N ASN FA 332 62.03 -4.85 150.14
CA ASN FA 332 61.52 -5.29 148.84
C ASN FA 332 60.04 -5.65 148.98
N ILE FA 333 59.24 -4.61 149.19
CA ILE FA 333 57.79 -4.74 149.32
C ILE FA 333 57.16 -3.86 148.26
N ASN FA 334 56.59 -4.48 147.22
CA ASN FA 334 55.97 -3.79 146.09
C ASN FA 334 56.97 -2.93 145.32
N LYS FA 335 58.26 -3.21 145.47
CA LYS FA 335 59.31 -2.43 144.84
C LYS FA 335 59.89 -3.21 143.66
N ILE FA 336 60.02 -2.52 142.52
CA ILE FA 336 60.49 -3.14 141.29
C ILE FA 336 61.73 -2.40 140.84
N PHE FA 337 62.84 -3.12 140.68
CA PHE FA 337 64.09 -2.53 140.25
C PHE FA 337 64.28 -2.78 138.75
N ILE FA 338 64.46 -1.71 138.00
CA ILE FA 338 64.58 -1.78 136.55
C ILE FA 338 66.01 -1.46 136.18
N SER FA 339 66.63 -2.33 135.40
CA SER FA 339 68.00 -2.17 134.94
C SER FA 339 68.01 -2.19 133.42
N GLY FA 340 69.13 -1.78 132.85
CA GLY FA 340 69.26 -1.78 131.41
C GLY FA 340 70.58 -1.19 131.00
N TRP FA 341 70.90 -1.38 129.72
CA TRP FA 341 72.09 -0.78 129.15
C TRP FA 341 71.75 -0.14 127.81
N HIS FA 342 72.41 0.99 127.56
CA HIS FA 342 72.38 1.74 126.32
C HIS FA 342 73.82 2.14 126.06
N PRO FA 343 74.36 1.84 124.88
CA PRO FA 343 75.77 2.22 124.60
C PRO FA 343 76.00 3.71 124.65
N ASN FA 344 75.03 4.51 124.23
CA ASN FA 344 75.17 5.95 124.16
C ASN FA 344 74.67 6.65 125.41
N LYS FA 345 74.22 5.91 126.41
CA LYS FA 345 73.65 6.50 127.60
C LYS FA 345 74.26 5.89 128.84
N SER FA 346 74.39 6.70 129.88
CA SER FA 346 74.90 6.25 131.16
C SER FA 346 73.76 5.68 132.01
N GLN FA 347 74.11 5.15 133.18
CA GLN FA 347 73.08 4.65 134.09
C GLN FA 347 72.15 5.77 134.53
N SER FA 348 72.70 6.94 134.81
CA SER FA 348 71.88 8.09 135.19
C SER FA 348 70.94 8.48 134.06
N GLU FA 349 71.44 8.50 132.82
CA GLU FA 349 70.59 8.81 131.69
C GLU FA 349 69.48 7.77 131.55
N LEU FA 350 69.82 6.50 131.70
CA LEU FA 350 68.83 5.44 131.59
C LEU FA 350 67.74 5.61 132.64
N GLU FA 351 68.14 5.88 133.88
CA GLU FA 351 67.16 6.11 134.94
C GLU FA 351 66.30 7.32 134.62
N GLU FA 352 66.92 8.39 134.11
CA GLU FA 352 66.17 9.60 133.77
C GLU FA 352 65.12 9.33 132.71
N MET FA 353 65.50 8.64 131.65
CA MET FA 353 64.54 8.33 130.59
C MET FA 353 63.46 7.38 131.10
N ILE FA 354 63.82 6.42 131.94
CA ILE FA 354 62.85 5.52 132.53
C ILE FA 354 61.81 6.30 133.31
N LEU FA 355 62.28 7.21 134.15
CA LEU FA 355 61.37 8.01 134.97
C LEU FA 355 60.49 8.90 134.11
N ALA FA 356 61.07 9.49 133.06
CA ALA FA 356 60.29 10.34 132.16
C ALA FA 356 59.18 9.54 131.50
N ALA FA 357 59.49 8.32 131.04
CA ALA FA 357 58.46 7.47 130.48
C ALA FA 357 57.43 7.08 131.53
N PHE FA 358 57.86 6.89 132.78
CA PHE FA 358 56.91 6.59 133.85
C PHE FA 358 55.91 7.72 134.03
N LYS FA 359 56.37 8.97 134.02
CA LYS FA 359 55.43 10.08 134.06
C LYS FA 359 54.56 10.12 132.81
N LYS FA 360 55.15 9.89 131.63
CA LYS FA 360 54.39 9.99 130.40
C LYS FA 360 53.30 8.93 130.31
N VAL FA 361 53.48 7.80 130.99
CA VAL FA 361 52.52 6.71 130.97
C VAL FA 361 51.96 6.56 132.38
N PRO FA 362 50.79 7.14 132.65
CA PRO FA 362 50.20 7.11 134.01
C PRO FA 362 49.38 5.84 134.25
N ASN FA 363 50.07 4.71 134.35
CA ASN FA 363 49.41 3.41 134.50
C ASN FA 363 50.14 2.62 135.59
N GLU FA 364 49.73 2.82 136.83
CA GLU FA 364 50.33 2.12 137.96
C GLU FA 364 49.43 2.27 139.17
N LEU FA 365 49.58 1.33 140.11
CA LEU FA 365 48.79 1.38 141.34
C LEU FA 365 49.48 0.53 142.40
N ASN FA 366 49.85 1.15 143.52
CA ASN FA 366 50.38 0.45 144.70
C ASN FA 366 51.67 -0.30 144.43
N LYS FA 367 52.48 0.18 143.49
CA LYS FA 367 53.79 -0.40 143.21
C LYS FA 367 54.79 0.71 142.94
N LYS FA 368 55.95 0.62 143.58
CA LYS FA 368 57.02 1.60 143.38
C LYS FA 368 58.08 1.02 142.44
N PHE FA 369 58.68 1.91 141.65
CA PHE FA 369 59.67 1.52 140.67
C PHE FA 369 60.93 2.35 140.88
N SER FA 370 62.06 1.65 140.98
CA SER FA 370 63.36 2.29 141.13
C SER FA 370 64.28 1.77 140.04
N TYR FA 371 65.42 2.44 139.89
CA TYR FA 371 66.42 2.06 138.90
C TYR FA 371 67.56 1.34 139.60
N LYS FA 372 67.95 0.20 139.05
CA LYS FA 372 69.01 -0.63 139.60
C LYS FA 372 70.30 -0.43 138.82
N GLU FA 373 71.41 -0.33 139.54
CA GLU FA 373 72.70 -0.19 138.90
C GLU FA 373 73.02 -1.41 138.06
N VAL FA 374 73.75 -1.18 136.97
CA VAL FA 374 74.17 -2.24 136.07
C VAL FA 374 75.68 -2.40 136.24
N ARG FA 375 76.10 -3.60 136.66
CA ARG FA 375 77.50 -3.86 136.96
C ARG FA 375 78.16 -4.57 135.78
N LYS FA 376 79.16 -3.93 135.19
CA LYS FA 376 79.91 -4.54 134.10
C LYS FA 376 80.74 -5.71 134.62
N LEU FA 377 80.70 -6.82 133.91
CA LEU FA 377 81.47 -8.02 134.26
C LEU FA 377 82.21 -8.51 133.03
N PRO FA 378 83.30 -7.84 132.65
CA PRO FA 378 84.09 -8.32 131.52
C PRO FA 378 84.84 -9.59 131.86
N PHE FA 379 85.15 -10.36 130.82
CA PHE FA 379 85.95 -11.56 130.94
C PHE FA 379 86.76 -11.72 129.66
N LYS FA 380 87.96 -12.27 129.79
CA LYS FA 380 88.86 -12.42 128.66
C LYS FA 380 88.82 -13.84 128.12
N ILE FA 381 89.22 -13.97 126.86
CA ILE FA 381 89.36 -15.27 126.22
C ILE FA 381 90.78 -15.37 125.68
N THR FA 382 91.44 -16.48 125.97
CA THR FA 382 92.77 -16.78 125.45
C THR FA 382 92.63 -17.94 124.47
N ILE FA 383 92.76 -17.63 123.19
CA ILE FA 383 92.79 -18.64 122.14
C ILE FA 383 94.24 -18.88 121.76
N THR FA 384 94.60 -20.14 121.56
CA THR FA 384 95.98 -20.53 121.27
C THR FA 384 95.97 -21.58 120.16
N GLY FA 385 96.80 -21.38 119.15
CA GLY FA 385 96.90 -22.34 118.06
C GLY FA 385 97.54 -21.71 116.84
N ARG FA 386 97.38 -22.40 115.71
CA ARG FA 386 97.99 -21.98 114.46
C ARG FA 386 96.95 -22.02 113.34
N ILE FA 387 97.14 -21.13 112.35
CA ILE FA 387 96.23 -21.05 111.21
C ILE FA 387 96.98 -21.46 109.95
N SER FA 388 96.26 -21.46 108.82
CA SER FA 388 96.91 -21.67 107.54
C SER FA 388 97.73 -20.45 107.16
N ALA FA 389 98.81 -20.69 106.42
CA ALA FA 389 99.66 -19.59 105.96
C ALA FA 389 98.95 -18.70 104.95
N SER FA 390 97.87 -19.19 104.34
CA SER FA 390 97.10 -18.37 103.41
C SER FA 390 96.45 -17.18 104.09
N LEU FA 391 96.29 -17.22 105.41
CA LEU FA 391 95.65 -16.16 106.17
C LEU FA 391 96.69 -15.22 106.76
N THR FA 392 96.24 -14.01 107.07
CA THR FA 392 97.07 -13.01 107.74
C THR FA 392 96.64 -12.90 109.19
N ILE FA 393 97.62 -13.03 110.10
CA ILE FA 393 97.30 -13.07 111.52
C ILE FA 393 96.68 -11.76 111.97
N GLU FA 394 97.25 -10.64 111.51
CA GLU FA 394 96.74 -9.33 111.94
C GLU FA 394 95.31 -9.13 111.46
N ASN FA 395 95.05 -9.44 110.19
CA ASN FA 395 93.71 -9.27 109.64
C ASN FA 395 92.71 -10.18 110.33
N VAL FA 396 93.11 -11.42 110.60
CA VAL FA 396 92.23 -12.34 111.29
C VAL FA 396 91.92 -11.83 112.69
N THR FA 397 92.93 -11.32 113.39
CA THR FA 397 92.71 -10.76 114.72
C THR FA 397 91.73 -9.59 114.65
N ASP FA 398 91.91 -8.71 113.66
CA ASP FA 398 91.03 -7.56 113.52
C ASP FA 398 89.59 -8.00 113.27
N GLU FA 399 89.41 -8.94 112.34
CA GLU FA 399 88.07 -9.39 111.99
C GLU FA 399 87.39 -10.08 113.16
N LEU FA 400 88.12 -10.96 113.87
CA LEU FA 400 87.56 -11.64 115.02
C LEU FA 400 87.18 -10.66 116.12
N LYS FA 401 88.05 -9.68 116.39
CA LYS FA 401 87.72 -8.68 117.40
C LYS FA 401 86.48 -7.89 117.02
N SER FA 402 86.39 -7.49 115.75
CA SER FA 402 85.22 -6.74 115.29
C SER FA 402 83.95 -7.56 115.44
N ALA FA 403 83.98 -8.81 114.99
CA ALA FA 403 82.79 -9.66 115.06
C ALA FA 403 82.41 -9.93 116.52
N LEU FA 404 83.40 -10.15 117.39
CA LEU FA 404 83.10 -10.44 118.78
C LEU FA 404 82.55 -9.23 119.50
N GLU FA 405 83.06 -8.03 119.19
CA GLU FA 405 82.48 -6.84 119.79
C GLU FA 405 81.06 -6.60 119.25
N THR FA 406 80.84 -6.92 117.97
CA THR FA 406 79.52 -6.76 117.38
C THR FA 406 78.51 -7.69 118.01
N LYS FA 407 78.90 -8.95 118.24
CA LYS FA 407 77.94 -9.97 118.64
C LYS FA 407 77.85 -10.15 120.15
N PHE FA 408 79.00 -10.18 120.82
CA PHE FA 408 79.06 -10.43 122.26
C PHE FA 408 79.93 -9.43 122.98
N GLY FA 409 80.09 -8.23 122.41
CA GLY FA 409 80.91 -7.20 123.03
C GLY FA 409 80.13 -6.38 124.03
N ARG FA 410 80.78 -5.30 124.49
CA ARG FA 410 80.15 -4.41 125.45
C ARG FA 410 79.03 -3.58 124.82
N ASP FA 411 78.99 -3.49 123.50
CA ASP FA 411 77.97 -2.70 122.81
C ASP FA 411 77.24 -3.55 121.77
N SER FA 412 77.03 -4.83 122.09
CA SER FA 412 76.38 -5.74 121.18
C SER FA 412 74.86 -5.56 121.23
N THR FA 413 74.19 -6.20 120.27
CA THR FA 413 72.73 -6.24 120.22
C THR FA 413 72.17 -7.58 120.68
N PHE FA 414 73.03 -8.50 121.12
CA PHE FA 414 72.58 -9.83 121.53
C PHE FA 414 71.72 -9.79 122.79
N PHE FA 415 71.83 -8.76 123.62
CA PHE FA 415 71.07 -8.71 124.85
C PHE FA 415 69.57 -8.68 124.57
N ASP FA 416 69.15 -7.87 123.60
CA ASP FA 416 67.77 -7.76 123.18
C ASP FA 416 67.69 -7.83 121.67
N PRO FA 417 67.95 -9.01 121.09
CA PRO FA 417 67.95 -9.11 119.61
C PRO FA 417 66.61 -8.77 118.99
N ASN FA 418 65.51 -9.11 119.65
CA ASN FA 418 64.19 -8.91 119.09
C ASN FA 418 63.54 -7.60 119.51
N ARG FA 419 64.20 -6.81 120.36
CA ARG FA 419 63.67 -5.54 120.84
C ARG FA 419 62.30 -5.71 121.49
N VAL FA 420 62.21 -6.67 122.40
CA VAL FA 420 60.97 -6.97 123.12
C VAL FA 420 61.06 -6.66 124.60
N GLY FA 421 62.21 -6.17 125.06
CA GLY FA 421 62.38 -5.90 126.48
C GLY FA 421 62.95 -7.10 127.23
N LYS FA 422 64.03 -7.67 126.71
CA LYS FA 422 64.65 -8.85 127.31
C LYS FA 422 66.15 -8.66 127.39
N TYR FA 423 66.75 -9.36 128.35
CA TYR FA 423 68.20 -9.39 128.51
C TYR FA 423 68.64 -10.86 128.53
N ILE FA 424 69.57 -11.20 127.66
CA ILE FA 424 70.03 -12.57 127.50
C ILE FA 424 71.49 -12.65 127.88
N LEU FA 425 71.82 -13.56 128.80
CA LEU FA 425 73.19 -13.68 129.27
C LEU FA 425 74.09 -14.24 128.18
N ILE FA 426 75.32 -13.72 128.13
CA ILE FA 426 76.33 -14.19 127.20
C ILE FA 426 76.99 -15.43 127.79
N LYS FA 427 77.02 -16.50 127.03
CA LYS FA 427 77.54 -17.78 127.51
C LYS FA 427 78.84 -18.14 126.80
N LYS FA 428 79.68 -18.90 127.51
CA LYS FA 428 80.93 -19.37 126.92
C LYS FA 428 80.67 -20.21 125.69
N LYS FA 429 79.67 -21.10 125.77
CA LYS FA 429 79.31 -21.90 124.61
C LYS FA 429 78.85 -21.01 123.46
N ASP FA 430 78.11 -19.95 123.76
CA ASP FA 430 77.64 -19.05 122.71
C ASP FA 430 78.80 -18.35 122.03
N VAL FA 431 79.75 -17.85 122.81
CA VAL FA 431 80.89 -17.14 122.24
C VAL FA 431 81.72 -18.10 121.37
N TRP FA 432 81.97 -19.30 121.88
CA TRP FA 432 82.81 -20.22 121.15
C TRP FA 432 82.10 -20.68 119.87
N ALA FA 433 80.78 -20.84 119.94
CA ALA FA 433 80.01 -21.16 118.75
C ALA FA 433 80.07 -20.02 117.74
N PHE FA 434 80.01 -18.79 118.22
CA PHE FA 434 80.14 -17.64 117.31
C PHE FA 434 81.46 -17.67 116.59
N ILE FA 435 82.55 -17.91 117.32
CA ILE FA 435 83.86 -17.92 116.65
C ILE FA 435 83.97 -19.12 115.71
N GLU FA 436 83.38 -20.26 116.06
CA GLU FA 436 83.41 -21.40 115.15
C GLU FA 436 82.64 -21.09 113.87
N THR FA 437 81.47 -20.46 113.99
CA THR FA 437 80.74 -20.03 112.81
C THR FA 437 81.55 -19.06 111.97
N LEU FA 438 82.29 -18.16 112.64
CA LEU FA 438 83.21 -17.30 111.92
C LEU FA 438 84.23 -18.12 111.14
N GLY FA 439 84.70 -19.21 111.74
CA GLY FA 439 85.48 -20.19 111.00
C GLY FA 439 86.84 -19.72 110.52
N TYR FA 440 87.56 -18.95 111.34
CA TYR FA 440 88.95 -18.61 111.08
C TYR FA 440 89.90 -19.46 111.91
N PHE FA 441 89.46 -20.62 112.35
CA PHE FA 441 90.23 -21.52 113.18
C PHE FA 441 90.65 -22.75 112.38
N ARG FA 442 91.86 -23.21 112.60
CA ARG FA 442 92.35 -24.45 112.01
C ARG FA 442 92.65 -25.49 113.06
N ASP FA 443 93.42 -25.13 114.09
CA ASP FA 443 93.64 -25.99 115.24
C ASP FA 443 93.92 -25.08 116.43
N PHE FA 444 92.90 -24.82 117.24
CA PHE FA 444 93.00 -23.87 118.33
C PHE FA 444 92.36 -24.43 119.59
N TYR FA 445 92.66 -23.77 120.70
CA TYR FA 445 92.13 -24.13 122.00
C TYR FA 445 91.86 -22.87 122.79
N LEU FA 446 90.74 -22.85 123.50
CA LEU FA 446 90.23 -21.66 124.14
C LEU FA 446 90.21 -21.83 125.65
N GLU FA 447 90.57 -20.77 126.36
CA GLU FA 447 90.45 -20.70 127.80
C GLU FA 447 89.77 -19.39 128.16
N PHE FA 448 89.03 -19.39 129.27
CA PHE FA 448 88.34 -18.20 129.74
C PHE FA 448 89.02 -17.68 130.99
N VAL FA 449 89.38 -16.40 130.97
CA VAL FA 449 90.12 -15.76 132.05
C VAL FA 449 89.18 -14.78 132.74
N GLU FA 450 89.13 -14.88 134.08
CA GLU FA 450 88.35 -13.97 134.90
C GLU FA 450 86.88 -13.99 134.48
N TRP FA 451 86.32 -15.20 134.50
CA TRP FA 451 84.92 -15.37 134.15
C TRP FA 451 84.02 -14.84 135.25
N ASN FA 452 83.62 -13.58 135.13
CA ASN FA 452 82.74 -12.96 136.11
C ASN FA 452 81.31 -13.37 135.78
N GLU FA 453 80.80 -14.38 136.48
CA GLU FA 453 79.45 -14.85 136.24
C GLU FA 453 78.43 -13.79 136.64
N SER FA 454 77.40 -13.62 135.81
CA SER FA 454 76.36 -12.63 136.03
C SER FA 454 75.06 -13.32 136.44
N ASN FA 455 74.37 -12.71 137.41
CA ASN FA 455 73.10 -13.26 137.86
C ASN FA 455 72.02 -13.16 136.78
N GLY FA 456 72.22 -12.33 135.77
CA GLY FA 456 71.23 -12.10 134.75
C GLY FA 456 70.17 -11.07 135.10
N PHE FA 457 70.27 -10.44 136.27
CA PHE FA 457 69.31 -9.43 136.68
C PHE FA 457 69.75 -8.03 136.28
N TYR FA 458 70.92 -7.61 136.74
CA TYR FA 458 71.46 -6.31 136.39
C TYR FA 458 72.95 -6.32 136.04
N ASP FA 459 73.67 -7.40 136.34
CA ASP FA 459 75.09 -7.44 136.03
C ASP FA 459 75.30 -7.52 134.52
N PHE FA 460 76.25 -6.73 134.03
CA PHE FA 460 76.53 -6.62 132.60
C PHE FA 460 77.74 -7.48 132.27
N VAL FA 461 77.49 -8.72 131.90
CA VAL FA 461 78.56 -9.61 131.45
C VAL FA 461 78.80 -9.36 129.97
N TYR FA 462 80.08 -9.34 129.58
CA TYR FA 462 80.44 -9.11 128.19
C TYR FA 462 81.88 -9.54 128.01
N LEU FA 463 82.21 -9.92 126.78
CA LEU FA 463 83.55 -10.36 126.46
C LEU FA 463 84.50 -9.17 126.40
N ASP FA 464 85.66 -9.29 127.04
CA ASP FA 464 86.71 -8.29 126.95
C ASP FA 464 87.49 -8.54 125.67
N THR FA 465 86.94 -8.01 124.57
CA THR FA 465 87.55 -8.20 123.26
C THR FA 465 88.92 -7.53 123.18
N GLU FA 466 89.04 -6.34 123.76
CA GLU FA 466 90.30 -5.61 123.66
C GLU FA 466 91.44 -6.34 124.35
N ASN FA 467 91.17 -6.94 125.49
CA ASN FA 467 92.21 -7.61 126.28
C ASN FA 467 92.32 -9.10 125.99
N SER FA 468 91.61 -9.59 124.98
CA SER FA 468 91.63 -11.01 124.68
C SER FA 468 92.99 -11.43 124.15
N THR FA 469 93.46 -12.61 124.58
CA THR FA 469 94.76 -13.11 124.21
C THR FA 469 94.63 -13.99 122.97
N PHE FA 470 95.40 -13.66 121.94
CA PHE FA 470 95.30 -14.31 120.63
C PHE FA 470 96.68 -14.86 120.25
N ASN FA 471 96.98 -16.07 120.74
CA ASN FA 471 98.24 -16.73 120.39
C ASN FA 471 98.04 -17.49 119.08
N ILE FA 472 97.92 -16.72 118.02
CA ILE FA 472 97.67 -17.23 116.68
C ILE FA 472 98.99 -17.42 115.97
N SER FA 473 99.19 -18.62 115.43
CA SER FA 473 100.40 -18.90 114.68
C SER FA 473 100.02 -19.46 113.31
N TYR FA 474 101.00 -19.99 112.58
CA TYR FA 474 100.74 -20.57 111.28
C TYR FA 474 100.97 -22.08 111.34
N GLU FA 475 100.05 -22.83 110.76
CA GLU FA 475 100.18 -24.29 110.69
C GLU FA 475 101.29 -24.62 109.69
N GLU FA 476 102.52 -24.50 110.18
CA GLU FA 476 103.72 -24.60 109.35
C GLU FA 476 104.15 -26.08 109.26
N GLU FA 477 105.33 -26.33 108.71
CA GLU FA 477 105.86 -27.68 108.67
C GLU FA 477 106.25 -28.11 110.08
N MET GA 1 -31.15 -53.62 103.17
CA MET GA 1 -29.81 -53.82 102.61
C MET GA 1 -29.50 -52.79 101.55
N SER GA 2 -29.67 -53.15 100.27
CA SER GA 2 -29.37 -52.25 99.18
C SER GA 2 -30.25 -52.59 97.98
N LYS GA 3 -30.35 -51.64 97.06
CA LYS GA 3 -31.15 -51.78 95.85
C LYS GA 3 -30.29 -51.53 94.63
N THR GA 4 -30.57 -52.29 93.55
CA THR GA 4 -29.84 -52.15 92.29
C THR GA 4 -30.81 -52.29 91.14
N THR GA 5 -30.42 -51.73 89.98
CA THR GA 5 -31.19 -51.87 88.76
C THR GA 5 -30.24 -51.73 87.57
N PRO GA 6 -30.43 -52.51 86.51
CA PRO GA 6 -29.51 -52.46 85.38
C PRO GA 6 -29.62 -51.16 84.60
N THR GA 7 -28.56 -50.85 83.86
CA THR GA 7 -28.42 -49.56 83.19
C THR GA 7 -29.38 -49.46 82.01
N LYS GA 8 -29.33 -48.31 81.34
CA LYS GA 8 -30.28 -48.04 80.25
C LYS GA 8 -30.01 -48.91 79.05
N ASP GA 9 -28.75 -48.97 78.59
CA ASP GA 9 -28.45 -49.77 77.40
C ASP GA 9 -28.74 -51.23 77.68
N SER GA 10 -28.40 -51.70 78.87
CA SER GA 10 -28.79 -53.04 79.30
C SER GA 10 -30.30 -53.23 79.17
N ILE GA 11 -31.09 -52.46 79.93
CA ILE GA 11 -32.53 -52.70 79.97
C ILE GA 11 -33.10 -52.67 78.56
N ARG GA 12 -32.57 -51.81 77.71
CA ARG GA 12 -32.96 -51.84 76.31
C ARG GA 12 -32.65 -53.18 75.68
N ALA GA 13 -31.45 -53.72 75.96
CA ALA GA 13 -31.02 -54.96 75.32
C ALA GA 13 -31.87 -56.15 75.76
N GLU GA 14 -32.06 -56.31 77.08
CA GLU GA 14 -32.91 -57.42 77.48
C GLU GA 14 -34.36 -57.21 77.09
N PHE GA 15 -34.82 -55.95 77.02
CA PHE GA 15 -36.18 -55.71 76.58
C PHE GA 15 -36.37 -56.14 75.14
N GLU GA 16 -35.43 -55.79 74.27
CA GLU GA 16 -35.57 -56.18 72.87
C GLU GA 16 -35.43 -57.69 72.72
N GLU GA 17 -34.53 -58.32 73.48
CA GLU GA 17 -34.41 -59.76 73.31
C GLU GA 17 -35.66 -60.48 73.79
N LEU GA 18 -36.32 -59.97 74.83
CA LEU GA 18 -37.54 -60.63 75.28
C LEU GA 18 -38.70 -60.36 74.35
N VAL GA 19 -38.76 -59.17 73.74
CA VAL GA 19 -39.81 -58.94 72.76
C VAL GA 19 -39.53 -59.71 71.47
N GLU GA 20 -38.29 -60.17 71.28
CA GLU GA 20 -37.98 -60.97 70.11
C GLU GA 20 -38.56 -62.38 70.17
N LYS GA 21 -39.38 -62.71 71.16
CA LYS GA 21 -39.85 -64.10 71.29
C LYS GA 21 -40.81 -64.46 70.17
N ASP GA 22 -41.80 -63.59 69.91
CA ASP GA 22 -42.75 -63.88 68.84
C ASP GA 22 -42.11 -63.56 67.50
N SER GA 23 -42.11 -64.55 66.62
CA SER GA 23 -41.43 -64.39 65.33
C SER GA 23 -42.09 -63.32 64.47
N PHE GA 24 -43.38 -63.03 64.68
CA PHE GA 24 -44.07 -62.08 63.81
C PHE GA 24 -43.75 -60.63 64.16
N TRP GA 25 -43.18 -60.37 65.32
CA TRP GA 25 -42.78 -59.02 65.72
C TRP GA 25 -41.36 -58.99 66.24
N SER GA 26 -40.65 -60.11 66.21
CA SER GA 26 -39.31 -60.15 66.77
C SER GA 26 -38.35 -59.21 66.04
N LYS GA 27 -38.62 -58.91 64.78
CA LYS GA 27 -37.54 -58.39 63.94
C LYS GA 27 -37.71 -56.93 63.58
N PHE GA 28 -38.67 -56.25 64.21
CA PHE GA 28 -38.75 -54.81 64.21
C PHE GA 28 -37.56 -54.20 64.94
N VAL GA 29 -36.82 -55.03 65.68
CA VAL GA 29 -35.58 -54.59 66.29
C VAL GA 29 -34.63 -54.05 65.23
N GLY GA 30 -33.76 -53.12 65.65
CA GLY GA 30 -32.89 -52.42 64.75
C GLY GA 30 -33.51 -51.22 64.08
N SER GA 31 -34.83 -51.08 64.17
CA SER GA 31 -35.56 -50.00 63.53
C SER GA 31 -35.80 -48.84 64.49
N GLN GA 32 -36.02 -47.66 63.91
CA GLN GA 32 -36.30 -46.51 64.74
C GLN GA 32 -37.64 -46.65 65.45
N PHE GA 33 -38.50 -47.54 64.96
CA PHE GA 33 -39.74 -47.89 65.67
C PHE GA 33 -39.43 -48.41 67.07
N VAL GA 34 -38.72 -49.54 67.13
CA VAL GA 34 -38.43 -50.14 68.41
C VAL GA 34 -37.55 -49.23 69.23
N SER GA 35 -36.61 -48.50 68.60
CA SER GA 35 -35.73 -47.66 69.39
C SER GA 35 -36.51 -46.51 70.03
N MET GA 36 -37.49 -45.94 69.32
CA MET GA 36 -38.26 -44.85 69.92
C MET GA 36 -39.15 -45.36 71.04
N LEU GA 37 -39.85 -46.48 70.82
CA LEU GA 37 -40.66 -47.00 71.91
C LEU GA 37 -39.80 -47.39 73.09
N THR GA 38 -38.61 -47.91 72.82
CA THR GA 38 -37.70 -48.34 73.87
C THR GA 38 -37.17 -47.15 74.66
N LEU GA 39 -36.76 -46.09 73.96
CA LEU GA 39 -36.31 -44.91 74.67
C LEU GA 39 -37.44 -44.27 75.46
N PHE GA 40 -38.67 -44.39 74.97
CA PHE GA 40 -39.80 -43.83 75.72
C PHE GA 40 -39.99 -44.58 77.04
N ILE GA 41 -40.05 -45.91 76.98
CA ILE GA 41 -40.25 -46.66 78.22
C ILE GA 41 -39.06 -46.47 79.16
N THR GA 42 -37.85 -46.41 78.60
CA THR GA 42 -36.68 -46.22 79.46
C THR GA 42 -36.68 -44.84 80.10
N GLN GA 43 -37.12 -43.81 79.38
CA GLN GA 43 -37.14 -42.49 79.99
C GLN GA 43 -38.19 -42.42 81.10
N ILE GA 44 -39.35 -43.05 80.90
CA ILE GA 44 -40.37 -42.98 81.93
C ILE GA 44 -39.94 -43.76 83.17
N VAL GA 45 -39.31 -44.93 82.98
CA VAL GA 45 -38.82 -45.62 84.16
C VAL GA 45 -37.67 -44.84 84.79
N TYR GA 46 -36.75 -44.33 83.97
CA TYR GA 46 -35.66 -43.53 84.53
C TYR GA 46 -36.22 -42.46 85.46
N ARG GA 47 -37.27 -41.77 85.02
CA ARG GA 47 -37.90 -40.78 85.88
C ARG GA 47 -38.35 -41.41 87.18
N CYS GA 48 -39.14 -42.49 87.11
CA CYS GA 48 -39.73 -43.01 88.35
C CYS GA 48 -38.65 -43.52 89.32
N PHE GA 49 -37.74 -44.36 88.83
CA PHE GA 49 -36.65 -44.86 89.68
C PHE GA 49 -35.83 -43.72 90.29
N GLN GA 50 -35.06 -43.00 89.47
CA GLN GA 50 -34.15 -42.05 90.10
C GLN GA 50 -34.86 -40.87 90.76
N TYR GA 51 -36.13 -40.63 90.46
CA TYR GA 51 -36.81 -39.63 91.27
C TYR GA 51 -37.18 -40.20 92.63
N ALA GA 52 -37.54 -41.48 92.70
CA ALA GA 52 -37.69 -42.12 94.00
C ALA GA 52 -36.37 -42.15 94.75
N ASP GA 53 -35.28 -42.37 94.01
CA ASP GA 53 -33.95 -42.36 94.62
C ASP GA 53 -33.64 -41.00 95.22
N ALA GA 54 -33.96 -39.93 94.47
CA ALA GA 54 -33.76 -38.58 95.00
C ALA GA 54 -34.64 -38.32 96.21
N ALA GA 55 -35.87 -38.83 96.20
CA ALA GA 55 -36.75 -38.65 97.34
C ALA GA 55 -36.17 -39.31 98.59
N LEU GA 56 -35.74 -40.56 98.47
CA LEU GA 56 -35.16 -41.25 99.63
C LEU GA 56 -33.86 -40.59 100.06
N ALA GA 57 -33.11 -40.01 99.13
CA ALA GA 57 -31.90 -39.29 99.50
C ALA GA 57 -32.22 -38.04 100.30
N GLU GA 58 -33.15 -37.22 99.79
CA GLU GA 58 -33.57 -36.02 100.50
C GLU GA 58 -34.24 -36.34 101.82
N GLY GA 59 -34.70 -37.58 102.00
CA GLY GA 59 -35.29 -37.97 103.27
C GLY GA 59 -34.34 -37.89 104.45
N PHE GA 60 -33.04 -37.70 104.20
CA PHE GA 60 -32.06 -37.61 105.26
C PHE GA 60 -31.79 -36.17 105.64
N ILE GA 61 -31.33 -35.98 106.88
CA ILE GA 61 -31.18 -34.64 107.43
C ILE GA 61 -30.01 -33.90 106.78
N SER GA 62 -28.86 -34.55 106.67
CA SER GA 62 -27.68 -33.86 106.15
C SER GA 62 -27.64 -33.81 104.64
N THR GA 63 -28.50 -34.57 103.97
CA THR GA 63 -28.56 -34.60 102.53
C THR GA 63 -29.43 -33.49 101.95
N ALA GA 64 -30.12 -32.74 102.79
CA ALA GA 64 -31.01 -31.69 102.30
C ALA GA 64 -30.18 -30.53 101.77
N THR GA 65 -30.35 -30.21 100.49
CA THR GA 65 -29.70 -29.08 99.87
C THR GA 65 -30.67 -27.99 99.46
N ARG GA 66 -31.87 -28.36 99.04
CA ARG GA 66 -32.87 -27.37 98.65
C ARG GA 66 -33.22 -26.49 99.85
N ARG GA 67 -33.50 -25.22 99.55
CA ARG GA 67 -33.94 -24.31 100.60
C ARG GA 67 -35.17 -24.86 101.30
N SER GA 68 -36.12 -25.38 100.53
CA SER GA 68 -37.30 -25.98 101.12
C SER GA 68 -36.94 -27.20 101.97
N SER GA 69 -36.00 -28.02 101.48
CA SER GA 69 -35.62 -29.22 102.23
C SER GA 69 -35.00 -28.84 103.57
N ILE GA 70 -34.07 -27.89 103.56
CA ILE GA 70 -33.39 -27.51 104.78
C ILE GA 70 -34.33 -26.79 105.74
N LEU GA 71 -35.26 -25.98 105.22
CA LEU GA 71 -36.24 -25.35 106.08
C LEU GA 71 -37.22 -26.36 106.67
N ALA GA 72 -37.58 -27.40 105.90
CA ALA GA 72 -38.40 -28.46 106.46
C ALA GA 72 -37.65 -29.19 107.56
N ALA GA 73 -36.36 -29.44 107.36
CA ALA GA 73 -35.55 -30.05 108.39
C ALA GA 73 -35.52 -29.17 109.64
N ALA GA 74 -35.37 -27.86 109.46
CA ALA GA 74 -35.36 -26.93 110.59
C ALA GA 74 -36.69 -26.92 111.33
N GLU GA 75 -37.79 -26.94 110.58
CA GLU GA 75 -39.11 -27.00 111.20
C GLU GA 75 -39.27 -28.29 112.00
N THR GA 76 -38.78 -29.41 111.46
CA THR GA 76 -38.82 -30.67 112.19
C THR GA 76 -37.96 -30.61 113.45
N ASN GA 77 -36.83 -29.90 113.38
CA ASN GA 77 -35.98 -29.72 114.54
C ASN GA 77 -36.45 -28.60 115.46
N SER GA 78 -37.56 -27.94 115.11
CA SER GA 78 -38.13 -26.85 115.91
C SER GA 78 -37.15 -25.70 116.03
N TYR GA 79 -36.52 -25.35 114.92
CA TYR GA 79 -35.63 -24.21 114.85
C TYR GA 79 -35.92 -23.45 113.57
N VAL GA 80 -35.64 -22.15 113.59
CA VAL GA 80 -35.82 -21.28 112.43
C VAL GA 80 -34.48 -20.65 112.10
N GLY GA 81 -34.07 -20.75 110.84
CA GLY GA 81 -32.82 -20.17 110.42
C GLY GA 81 -32.84 -18.66 110.47
N THR GA 82 -31.64 -18.08 110.53
CA THR GA 82 -31.50 -16.63 110.66
C THR GA 82 -31.88 -15.95 109.35
N LYS GA 83 -33.06 -15.34 109.33
CA LYS GA 83 -33.54 -14.64 108.15
C LYS GA 83 -32.83 -13.30 107.99
N PRO GA 84 -32.74 -12.78 106.77
CA PRO GA 84 -32.17 -11.44 106.58
C PRO GA 84 -32.93 -10.38 107.36
N THR GA 85 -32.19 -9.42 107.89
CA THR GA 85 -32.76 -8.30 108.63
C THR GA 85 -32.32 -6.99 108.01
N PRO GA 86 -33.25 -6.10 107.64
CA PRO GA 86 -32.85 -4.86 107.00
C PRO GA 86 -32.09 -3.95 107.94
N SER GA 87 -31.22 -3.13 107.37
CA SER GA 87 -30.51 -2.13 108.14
C SER GA 87 -31.48 -1.03 108.59
N SER GA 88 -31.27 -0.53 109.80
CA SER GA 88 -32.11 0.51 110.37
C SER GA 88 -31.25 1.67 110.84
N GLY GA 89 -31.81 2.87 110.79
CA GLY GA 89 -31.08 4.03 111.23
C GLY GA 89 -31.89 5.30 111.11
N MET GA 90 -31.19 6.42 111.19
CA MET GA 90 -31.79 7.74 111.31
C MET GA 90 -31.79 8.44 109.97
N ILE GA 91 -32.83 9.23 109.73
CA ILE GA 91 -32.96 10.03 108.51
C ILE GA 91 -33.47 11.41 108.91
N GLU GA 92 -32.96 12.45 108.25
CA GLU GA 92 -33.39 13.81 108.53
C GLU GA 92 -34.65 14.13 107.73
N ILE GA 93 -35.56 14.89 108.33
CA ILE GA 93 -36.81 15.29 107.67
C ILE GA 93 -36.95 16.79 107.78
N THR GA 94 -37.02 17.46 106.64
CA THR GA 94 -37.16 18.91 106.58
C THR GA 94 -38.50 19.28 105.96
N ALA GA 95 -39.05 20.42 106.39
CA ALA GA 95 -40.30 20.93 105.84
C ALA GA 95 -40.01 21.95 104.74
N THR GA 96 -40.62 21.76 103.58
CA THR GA 96 -40.45 22.69 102.46
C THR GA 96 -41.52 23.76 102.40
N SER GA 97 -42.54 23.69 103.25
CA SER GA 97 -43.62 24.66 103.23
C SER GA 97 -44.32 24.66 104.59
N GLU GA 98 -45.08 25.73 104.84
CA GLU GA 98 -45.83 25.82 106.08
C GLU GA 98 -46.93 24.76 106.14
N ASP GA 99 -47.39 24.29 104.98
CA ASP GA 99 -48.41 23.26 104.94
C ASP GA 99 -47.90 21.91 105.42
N ALA GA 100 -46.60 21.75 105.57
CA ALA GA 100 -46.04 20.49 106.04
C ALA GA 100 -46.41 20.29 107.51
N PRO GA 101 -47.07 19.19 107.87
CA PRO GA 101 -47.41 18.97 109.27
C PRO GA 101 -46.16 18.69 110.09
N ALA GA 102 -46.09 19.32 111.27
CA ALA GA 102 -44.93 19.14 112.14
C ALA GA 102 -44.86 17.73 112.72
N VAL GA 103 -45.92 16.94 112.61
CA VAL GA 103 -45.95 15.59 113.16
C VAL GA 103 -46.08 14.62 112.00
N ILE GA 104 -45.13 13.70 111.89
CA ILE GA 104 -45.19 12.63 110.89
C ILE GA 104 -45.25 11.31 111.64
N PRO GA 105 -46.34 10.55 111.53
CA PRO GA 105 -46.48 9.35 112.35
C PRO GA 105 -45.70 8.16 111.80
N LYS GA 106 -45.48 7.21 112.69
CA LYS GA 106 -45.07 5.85 112.35
C LYS GA 106 -46.05 5.24 111.35
N ASN GA 107 -45.64 4.14 110.72
CA ASN GA 107 -46.48 3.37 109.80
C ASN GA 107 -46.75 4.16 108.52
N MET GA 108 -45.72 4.81 107.98
CA MET GA 108 -45.83 5.43 106.68
C MET GA 108 -44.66 4.99 105.82
N PRO GA 109 -44.89 4.77 104.53
CA PRO GA 109 -43.82 4.30 103.65
C PRO GA 109 -43.05 5.45 103.03
N LEU GA 110 -41.83 5.13 102.60
CA LEU GA 110 -40.97 6.07 101.91
C LEU GA 110 -40.42 5.40 100.67
N ILE GA 111 -40.53 6.08 99.53
CA ILE GA 111 -40.17 5.51 98.24
C ILE GA 111 -38.80 6.02 97.84
N SER GA 112 -37.86 5.10 97.64
CA SER GA 112 -36.53 5.42 97.20
C SER GA 112 -36.51 5.63 95.68
N ASP GA 113 -35.33 5.90 95.14
CA ASP GA 113 -35.17 5.94 93.69
C ASP GA 113 -35.44 4.59 93.05
N ASP GA 114 -35.29 3.51 93.83
CA ASP GA 114 -35.67 2.17 93.40
C ASP GA 114 -36.98 1.74 94.03
N GLN GA 115 -37.74 2.68 94.59
CA GLN GA 115 -39.00 2.41 95.28
C GLN GA 115 -38.83 1.30 96.32
N TYR GA 116 -37.77 1.40 97.10
CA TYR GA 116 -37.58 0.53 98.22
C TYR GA 116 -38.35 1.09 99.40
N PRO GA 117 -39.37 0.38 99.91
CA PRO GA 117 -40.24 0.95 100.94
C PRO GA 117 -39.50 1.11 102.26
N TYR GA 118 -39.47 2.33 102.77
CA TYR GA 118 -38.77 2.65 104.00
C TYR GA 118 -39.81 2.94 105.06
N MET GA 119 -40.07 1.95 105.90
CA MET GA 119 -41.01 2.09 106.99
C MET GA 119 -40.44 2.99 108.08
N THR GA 120 -41.30 3.81 108.66
CA THR GA 120 -40.96 4.65 109.79
C THR GA 120 -41.50 4.02 111.06
N MET GA 121 -40.71 4.11 112.14
CA MET GA 121 -41.06 3.45 113.38
C MET GA 121 -41.28 4.40 114.55
N ASP GA 122 -41.23 5.71 114.33
CA ASP GA 122 -41.35 6.68 115.41
C ASP GA 122 -42.26 7.81 114.96
N VAL GA 123 -42.29 8.88 115.74
CA VAL GA 123 -43.05 10.09 115.41
C VAL GA 123 -42.05 11.20 115.16
N CYS GA 124 -42.04 11.70 113.93
CA CYS GA 124 -41.14 12.77 113.54
C CYS GA 124 -41.73 14.12 113.95
N ARG GA 125 -41.03 14.83 114.82
CA ARG GA 125 -41.43 16.15 115.26
C ARG GA 125 -40.53 17.17 114.56
N LEU GA 126 -41.11 17.95 113.65
CA LEU GA 126 -40.36 18.98 112.96
C LEU GA 126 -40.11 20.14 113.92
N VAL GA 127 -38.86 20.37 114.26
CA VAL GA 127 -38.46 21.52 115.06
C VAL GA 127 -37.93 22.58 114.10
N ASP GA 128 -38.69 23.66 113.95
CA ASP GA 128 -38.38 24.71 112.98
C ASP GA 128 -38.23 24.12 111.58
N GLY GA 129 -39.13 23.21 111.23
CA GLY GA 129 -39.10 22.54 109.95
C GLY GA 129 -38.13 21.39 109.85
N THR GA 130 -37.44 21.04 110.94
CA THR GA 130 -36.46 19.98 110.95
C THR GA 130 -36.93 18.87 111.89
N GLY GA 131 -36.99 17.65 111.37
CA GLY GA 131 -37.45 16.53 112.17
C GLY GA 131 -36.68 15.27 111.83
N THR GA 132 -36.83 14.27 112.71
CA THR GA 132 -36.15 12.99 112.57
C THR GA 132 -37.11 11.88 112.95
N VAL GA 133 -36.90 10.70 112.35
CA VAL GA 133 -37.69 9.52 112.68
C VAL GA 133 -36.86 8.31 112.28
N GLU GA 134 -37.04 7.20 113.01
CA GLU GA 134 -36.33 5.98 112.70
C GLU GA 134 -36.90 5.35 111.44
N VAL GA 135 -36.02 5.00 110.50
CA VAL GA 135 -36.39 4.55 109.17
C VAL GA 135 -35.64 3.27 108.86
N ALA GA 136 -36.34 2.28 108.33
CA ALA GA 136 -35.69 1.05 107.87
C ALA GA 136 -36.44 0.48 106.69
N GLN GA 137 -35.71 -0.17 105.79
CA GLN GA 137 -36.34 -0.71 104.58
C GLN GA 137 -37.22 -1.89 104.96
N LEU GA 138 -38.52 -1.65 105.00
CA LEU GA 138 -39.48 -2.71 105.29
C LEU GA 138 -40.79 -2.41 104.58
N GLU GA 139 -41.57 -3.48 104.36
CA GLU GA 139 -42.91 -3.37 103.82
C GLU GA 139 -43.82 -4.36 104.53
N ILE GA 140 -45.12 -4.07 104.50
CA ILE GA 140 -46.11 -4.93 105.14
C ILE GA 140 -47.01 -5.45 104.03
N GLN GA 141 -46.96 -6.74 103.78
CA GLN GA 141 -47.79 -7.40 102.79
C GLN GA 141 -48.91 -8.15 103.51
N GLU GA 142 -50.15 -7.84 103.16
CA GLU GA 142 -51.31 -8.31 103.90
C GLU GA 142 -52.10 -9.29 103.05
N VAL GA 143 -52.35 -10.48 103.59
CA VAL GA 143 -53.21 -11.46 102.97
C VAL GA 143 -54.23 -11.92 104.03
N THR GA 144 -55.18 -12.73 103.60
CA THR GA 144 -56.19 -13.23 104.51
C THR GA 144 -56.56 -14.66 104.15
N TYR GA 145 -57.09 -15.37 105.14
CA TYR GA 145 -57.58 -16.73 104.96
C TYR GA 145 -58.93 -16.88 105.63
N THR GA 146 -59.79 -17.70 105.03
CA THR GA 146 -61.11 -18.00 105.57
C THR GA 146 -61.15 -19.46 106.00
N VAL GA 147 -61.71 -19.71 107.19
CA VAL GA 147 -61.68 -21.04 107.78
C VAL GA 147 -62.52 -21.98 106.91
N THR GA 148 -61.84 -22.83 106.15
CA THR GA 148 -62.53 -23.78 105.28
C THR GA 148 -63.14 -24.92 106.09
N ALA GA 149 -62.38 -25.46 107.04
CA ALA GA 149 -62.84 -26.60 107.82
C ALA GA 149 -62.18 -26.58 109.18
N ALA GA 150 -62.78 -27.32 110.12
CA ALA GA 150 -62.25 -27.43 111.48
C ALA GA 150 -61.38 -28.67 111.61
N LYS GA 151 -60.34 -28.71 110.79
CA LYS GA 151 -59.36 -29.80 110.82
C LYS GA 151 -58.23 -29.47 111.77
N GLU GA 152 -57.85 -30.44 112.60
CA GLU GA 152 -56.79 -30.20 113.58
C GLU GA 152 -55.46 -30.00 112.86
N PHE GA 153 -54.75 -28.94 113.25
CA PHE GA 153 -53.53 -28.51 112.58
C PHE GA 153 -53.81 -28.28 111.10
N LEU GA 154 -54.91 -27.58 110.84
CA LEU GA 154 -55.26 -27.18 109.48
C LEU GA 154 -54.15 -26.33 108.88
N GLU GA 155 -53.82 -26.61 107.62
CA GLU GA 155 -52.68 -26.01 106.95
C GLU GA 155 -53.10 -24.73 106.22
N VAL GA 156 -52.34 -23.66 106.44
CA VAL GA 156 -52.50 -22.42 105.69
C VAL GA 156 -51.11 -21.98 105.26
N VAL GA 157 -50.82 -22.10 103.97
CA VAL GA 157 -49.49 -21.84 103.43
C VAL GA 157 -49.50 -20.54 102.65
N LEU GA 158 -48.30 -20.02 102.38
CA LEU GA 158 -48.12 -18.77 101.65
C LEU GA 158 -47.45 -19.03 100.31
N SER GA 159 -47.25 -17.94 99.56
CA SER GA 159 -46.64 -18.03 98.24
C SER GA 159 -45.12 -18.12 98.36
N LYS GA 160 -44.48 -18.37 97.22
CA LYS GA 160 -43.03 -18.51 97.19
C LYS GA 160 -42.34 -17.21 97.58
N ALA GA 161 -42.81 -16.08 97.04
CA ALA GA 161 -42.19 -14.80 97.37
C ALA GA 161 -42.35 -14.48 98.85
N LEU GA 162 -43.54 -14.74 99.40
CA LEU GA 162 -43.77 -14.51 100.82
C LEU GA 162 -42.88 -15.39 101.67
N THR GA 163 -42.75 -16.67 101.29
CA THR GA 163 -41.85 -17.57 102.00
C THR GA 163 -40.40 -17.09 101.90
N ALA GA 164 -40.04 -16.48 100.76
CA ALA GA 164 -38.66 -16.03 100.58
C ALA GA 164 -38.34 -14.81 101.43
N VAL GA 165 -39.24 -13.83 101.46
CA VAL GA 165 -38.94 -12.55 102.11
C VAL GA 165 -39.77 -12.33 103.38
N CYS GA 166 -40.23 -13.40 104.01
CA CYS GA 166 -41.01 -13.27 105.25
C CYS GA 166 -40.05 -13.01 106.41
N TYR GA 167 -39.63 -11.75 106.52
CA TYR GA 167 -38.77 -11.36 107.63
C TYR GA 167 -39.50 -11.47 108.96
N LYS GA 168 -40.73 -10.97 109.02
CA LYS GA 168 -41.55 -11.06 110.23
C LYS GA 168 -42.98 -11.40 109.84
N LEU GA 169 -43.71 -11.97 110.79
CA LEU GA 169 -45.08 -12.38 110.56
C LEU GA 169 -45.97 -11.91 111.70
N GLU GA 170 -47.19 -11.51 111.35
CA GLU GA 170 -48.21 -11.12 112.32
C GLU GA 170 -49.51 -11.80 111.93
N VAL GA 171 -50.13 -12.50 112.88
CA VAL GA 171 -51.35 -13.25 112.63
C VAL GA 171 -52.46 -12.64 113.47
N PHE GA 172 -53.48 -12.10 112.82
CA PHE GA 172 -54.61 -11.48 113.47
C PHE GA 172 -55.85 -12.30 113.14
N VAL GA 173 -56.35 -13.03 114.13
CA VAL GA 173 -57.59 -13.79 113.97
C VAL GA 173 -58.74 -12.85 114.25
N THR GA 174 -59.42 -12.43 113.19
CA THR GA 174 -60.53 -11.50 113.31
C THR GA 174 -61.83 -12.26 113.11
N THR GA 175 -62.70 -12.21 114.12
CA THR GA 175 -64.03 -12.78 114.07
C THR GA 175 -65.03 -11.65 114.18
N ASP GA 176 -65.94 -11.57 113.20
CA ASP GA 176 -67.09 -10.65 113.11
C ASP GA 176 -66.78 -9.30 113.76
N GLY GA 177 -65.61 -8.74 113.46
CA GLY GA 177 -65.21 -7.46 114.01
C GLY GA 177 -64.37 -7.54 115.27
N LYS GA 178 -64.11 -8.73 115.80
CA LYS GA 178 -63.28 -8.90 116.97
C LYS GA 178 -61.96 -9.55 116.54
N THR GA 179 -60.87 -8.84 116.75
CA THR GA 179 -59.54 -9.29 116.33
C THR GA 179 -58.69 -9.62 117.54
N THR GA 180 -58.09 -10.80 117.53
CA THR GA 180 -57.08 -11.20 118.49
C THR GA 180 -55.78 -11.46 117.74
N GLN GA 181 -54.69 -11.52 118.48
CA GLN GA 181 -53.37 -11.78 117.90
C GLN GA 181 -52.90 -13.17 118.31
N TRP GA 182 -52.52 -13.98 117.33
CA TRP GA 182 -51.92 -15.28 117.60
C TRP GA 182 -50.52 -15.31 117.02
N SER GA 183 -49.61 -15.93 117.76
CA SER GA 183 -48.21 -16.03 117.38
C SER GA 183 -47.82 -17.48 117.23
N SER GA 184 -46.60 -17.69 116.75
CA SER GA 184 -46.04 -19.02 116.58
C SER GA 184 -45.25 -19.37 117.82
N SER GA 185 -45.62 -20.46 118.48
CA SER GA 185 -45.00 -20.88 119.71
C SER GA 185 -44.62 -22.35 119.63
N THR GA 186 -43.37 -22.65 119.98
CA THR GA 186 -42.87 -24.01 120.07
C THR GA 186 -42.52 -24.31 121.53
N MET GA 187 -41.91 -25.48 121.75
CA MET GA 187 -41.45 -25.91 123.06
C MET GA 187 -42.64 -25.93 124.04
N PHE GA 188 -43.59 -26.80 123.71
CA PHE GA 188 -44.83 -26.90 124.47
C PHE GA 188 -44.57 -27.55 125.82
N ARG GA 189 -45.19 -26.99 126.86
CA ARG GA 189 -45.02 -27.54 128.20
C ARG GA 189 -46.27 -27.22 129.00
N LEU GA 190 -46.42 -27.94 130.13
CA LEU GA 190 -47.51 -27.76 131.09
C LEU GA 190 -48.84 -28.30 130.56
N ALA GA 191 -49.59 -29.00 131.42
CA ALA GA 191 -50.82 -29.65 131.01
C ALA GA 191 -51.91 -28.63 130.70
N GLY GA 192 -52.99 -29.13 130.09
CA GLY GA 192 -54.11 -28.28 129.74
C GLY GA 192 -53.87 -27.49 128.47
N SER GA 193 -54.78 -26.56 128.20
CA SER GA 193 -54.70 -25.70 127.02
C SER GA 193 -53.57 -24.69 127.26
N LYS GA 194 -52.38 -25.02 126.75
CA LYS GA 194 -51.21 -24.18 126.99
C LYS GA 194 -51.43 -22.78 126.43
N SER GA 195 -51.98 -22.69 125.22
CA SER GA 195 -52.27 -21.40 124.61
C SER GA 195 -53.29 -21.62 123.53
N GLN GA 196 -53.86 -20.52 123.05
CA GLN GA 196 -54.76 -20.54 121.91
C GLN GA 196 -54.09 -19.77 120.77
N VAL GA 197 -53.20 -20.46 120.07
CA VAL GA 197 -52.45 -19.91 118.95
C VAL GA 197 -52.23 -21.04 117.94
N TYR GA 198 -51.56 -20.71 116.84
CA TYR GA 198 -51.23 -21.65 115.79
C TYR GA 198 -49.85 -22.25 116.04
N VAL GA 199 -49.37 -23.06 115.09
CA VAL GA 199 -48.00 -23.57 115.12
C VAL GA 199 -47.40 -23.39 113.73
N GLU GA 200 -46.07 -23.46 113.68
CA GLU GA 200 -45.35 -23.26 112.44
C GLU GA 200 -45.48 -24.47 111.53
N PHE GA 201 -45.14 -24.28 110.26
CA PHE GA 201 -45.14 -25.40 109.32
C PHE GA 201 -44.41 -24.97 108.06
N TYR GA 202 -43.77 -25.95 107.40
CA TYR GA 202 -43.15 -25.70 106.12
C TYR GA 202 -43.47 -26.85 105.16
N LYS GA 203 -43.50 -26.53 103.87
CA LYS GA 203 -43.79 -27.50 102.83
C LYS GA 203 -42.66 -27.48 101.80
N PRO GA 204 -42.18 -28.65 101.36
CA PRO GA 204 -41.03 -28.73 100.47
C PRO GA 204 -41.25 -28.09 99.10
N SER GA 205 -42.42 -27.49 98.89
CA SER GA 205 -42.64 -26.65 97.73
C SER GA 205 -42.10 -25.26 97.93
N GLU GA 206 -41.14 -25.12 98.85
CA GLU GA 206 -40.58 -23.83 99.22
C GLU GA 206 -41.64 -22.91 99.79
N GLN GA 207 -42.51 -23.46 100.66
CA GLN GA 207 -43.60 -22.68 101.21
C GLN GA 207 -43.57 -22.73 102.72
N LEU GA 208 -43.90 -21.61 103.35
CA LEU GA 208 -44.05 -21.55 104.79
C LEU GA 208 -45.51 -21.30 105.13
N GLY GA 209 -45.93 -21.80 106.28
CA GLY GA 209 -47.32 -21.65 106.65
C GLY GA 209 -47.54 -21.99 108.11
N VAL GA 210 -48.82 -22.07 108.47
CA VAL GA 210 -49.23 -22.26 109.85
C VAL GA 210 -50.20 -23.44 109.91
N ARG GA 211 -50.30 -24.00 111.11
CA ARG GA 211 -51.23 -25.08 111.41
C ARG GA 211 -52.12 -24.65 112.56
N PHE GA 212 -53.43 -24.76 112.33
CA PHE GA 212 -54.44 -24.44 113.34
C PHE GA 212 -54.73 -25.71 114.12
N GLY GA 213 -54.31 -25.76 115.39
CA GLY GA 213 -54.50 -26.93 116.22
C GLY GA 213 -55.84 -26.94 116.93
N ASP GA 214 -56.10 -28.06 117.60
CA ASP GA 214 -57.35 -28.25 118.32
C ASP GA 214 -57.05 -28.75 119.73
N GLY GA 215 -58.12 -28.95 120.51
CA GLY GA 215 -57.96 -29.43 121.86
C GLY GA 215 -57.22 -28.44 122.73
N LEU GA 216 -56.33 -28.97 123.57
CA LEU GA 216 -55.51 -28.12 124.42
C LEU GA 216 -54.32 -27.52 123.68
N ILE GA 217 -54.07 -27.93 122.44
CA ILE GA 217 -53.04 -27.34 121.59
C ILE GA 217 -53.77 -26.35 120.69
N GLY GA 218 -53.88 -25.12 121.16
CA GLY GA 218 -54.53 -24.09 120.38
C GLY GA 218 -56.02 -24.32 120.25
N GLN GA 219 -56.64 -23.48 119.42
CA GLN GA 219 -58.06 -23.57 119.14
C GLN GA 219 -58.30 -23.22 117.68
N ILE GA 220 -59.33 -23.83 117.10
CA ILE GA 220 -59.67 -23.55 115.70
C ILE GA 220 -60.55 -22.30 115.65
N PRO GA 221 -60.21 -21.32 114.81
CA PRO GA 221 -61.12 -20.22 114.59
C PRO GA 221 -62.41 -20.71 113.95
N PRO GA 222 -63.53 -20.06 114.23
CA PRO GA 222 -64.81 -20.52 113.67
C PRO GA 222 -64.82 -20.39 112.16
N GLU GA 223 -65.60 -21.26 111.52
CA GLU GA 223 -65.75 -21.20 110.08
C GLU GA 223 -66.32 -19.85 109.67
N GLY GA 224 -65.73 -19.26 108.63
CA GLY GA 224 -66.09 -17.94 108.19
C GLY GA 224 -65.29 -16.84 108.84
N SER GA 225 -64.65 -17.10 109.97
CA SER GA 225 -63.77 -16.12 110.58
C SER GA 225 -62.54 -15.92 109.71
N THR GA 226 -61.99 -14.71 109.78
CA THR GA 226 -60.86 -14.35 108.94
C THR GA 226 -59.56 -14.42 109.72
N ILE GA 227 -58.49 -14.74 109.02
CA ILE GA 227 -57.15 -14.76 109.59
C ILE GA 227 -56.31 -13.86 108.69
N THR GA 228 -55.97 -12.68 109.20
CA THR GA 228 -55.15 -11.73 108.47
C THR GA 228 -53.69 -12.01 108.75
N LEU GA 229 -52.89 -12.11 107.70
CA LEU GA 229 -51.46 -12.36 107.79
C LEU GA 229 -50.74 -11.13 107.26
N LYS GA 230 -50.11 -10.39 108.16
CA LYS GA 230 -49.32 -9.21 107.82
C LYS GA 230 -47.85 -9.59 107.90
N VAL GA 231 -47.18 -9.60 106.76
CA VAL GA 231 -45.81 -10.06 106.66
C VAL GA 231 -44.91 -8.85 106.48
N TRP GA 232 -43.99 -8.66 107.41
CA TRP GA 232 -42.95 -7.67 107.29
C TRP GA 232 -41.86 -8.25 106.39
N CYS GA 233 -41.72 -7.69 105.19
CA CYS GA 233 -40.79 -8.15 104.20
C CYS GA 233 -39.73 -7.07 103.95
N THR GA 234 -38.61 -7.50 103.40
CA THR GA 234 -37.52 -6.61 103.04
C THR GA 234 -36.70 -7.28 101.96
N ASN GA 235 -35.65 -6.59 101.51
CA ASN GA 235 -34.78 -7.08 100.45
C ASN GA 235 -33.49 -7.68 100.99
N GLY GA 236 -33.37 -7.82 102.31
CA GLY GA 236 -32.14 -8.33 102.90
C GLY GA 236 -31.26 -7.23 103.45
N ASP GA 237 -29.96 -7.32 103.19
CA ASP GA 237 -29.05 -6.24 103.58
C ASP GA 237 -29.40 -4.97 102.81
N ILE GA 238 -29.43 -3.85 103.52
CA ILE GA 238 -29.86 -2.57 102.96
C ILE GA 238 -28.74 -1.56 103.18
N THR GA 239 -28.35 -0.87 102.11
CA THR GA 239 -27.36 0.20 102.18
C THR GA 239 -28.06 1.53 101.96
N LEU GA 240 -27.91 2.43 102.92
CA LEU GA 240 -28.51 3.76 102.84
C LEU GA 240 -27.43 4.79 103.14
N VAL GA 241 -27.00 5.49 102.10
CA VAL GA 241 -25.95 6.49 102.22
C VAL GA 241 -26.60 7.85 102.40
N ALA GA 242 -25.96 8.70 103.20
CA ALA GA 242 -26.44 10.05 103.35
C ALA GA 242 -26.29 10.82 102.04
N GLY GA 243 -27.28 11.66 101.73
CA GLY GA 243 -27.19 12.51 100.57
C GLY GA 243 -28.23 12.24 99.50
N GLN GA 244 -29.37 11.68 99.89
CA GLN GA 244 -30.43 11.38 98.95
C GLN GA 244 -31.75 11.93 99.46
N ASN GA 245 -32.72 12.02 98.55
CA ASN GA 245 -34.05 12.53 98.86
C ASN GA 245 -35.10 11.50 98.49
N LEU GA 246 -36.12 11.38 99.35
CA LEU GA 246 -37.15 10.37 99.21
C LEU GA 246 -38.38 10.93 98.53
N THR GA 247 -39.31 10.04 98.21
CA THR GA 247 -40.56 10.37 97.53
C THR GA 247 -41.71 9.72 98.27
N PRO GA 248 -42.19 10.33 99.35
CA PRO GA 248 -43.36 9.77 100.04
C PRO GA 248 -44.57 9.73 99.12
N VAL GA 249 -45.36 8.67 99.26
CA VAL GA 249 -46.50 8.44 98.37
C VAL GA 249 -47.74 8.10 99.18
N ASP GA 250 -48.81 7.72 98.50
CA ASP GA 250 -50.07 7.30 99.10
C ASP GA 250 -50.63 8.48 99.88
N SER GA 251 -50.88 8.36 101.18
CA SER GA 251 -51.39 9.50 101.94
C SER GA 251 -50.41 10.65 101.97
N ALA GA 252 -49.12 10.37 101.79
CA ALA GA 252 -48.09 11.41 101.77
C ALA GA 252 -47.67 11.78 100.36
N ALA GA 253 -48.39 11.29 99.34
CA ALA GA 253 -48.08 11.70 97.97
C ALA GA 253 -48.28 13.20 97.80
N ASN GA 254 -49.37 13.73 98.35
CA ASN GA 254 -49.57 15.18 98.36
C ASN GA 254 -48.62 15.88 99.33
N LEU GA 255 -48.03 15.14 100.26
CA LEU GA 255 -47.06 15.70 101.20
C LEU GA 255 -45.64 15.69 100.68
N ALA GA 256 -45.39 15.01 99.55
CA ALA GA 256 -44.03 14.87 99.05
C ALA GA 256 -43.41 16.22 98.73
N ASN GA 257 -44.18 17.10 98.07
CA ASN GA 257 -43.68 18.43 97.79
C ASN GA 257 -43.64 19.32 99.03
N LEU GA 258 -44.44 19.00 100.05
CA LEU GA 258 -44.46 19.79 101.27
C LEU GA 258 -43.38 19.35 102.26
N ILE GA 259 -43.01 18.08 102.24
CA ILE GA 259 -42.04 17.51 103.17
C ILE GA 259 -40.91 16.89 102.35
N SER GA 260 -39.68 17.30 102.62
CA SER GA 260 -38.50 16.71 102.01
C SER GA 260 -37.84 15.76 103.01
N VAL GA 261 -37.46 14.58 102.54
CA VAL GA 261 -36.78 13.59 103.37
C VAL GA 261 -35.35 13.51 102.88
N LYS GA 262 -34.40 13.80 103.77
CA LYS GA 262 -32.99 13.86 103.42
C LYS GA 262 -32.22 12.81 104.19
N THR GA 263 -31.40 12.06 103.46
CA THR GA 263 -30.52 11.07 104.08
C THR GA 263 -29.32 11.78 104.68
N THR GA 264 -29.21 11.78 106.00
CA THR GA 264 -28.07 12.37 106.68
C THR GA 264 -27.30 11.38 107.53
N THR GA 265 -28.00 10.46 108.18
CA THR GA 265 -27.34 9.43 108.97
C THR GA 265 -27.24 8.17 108.12
N PRO GA 266 -26.03 7.70 107.82
CA PRO GA 266 -25.90 6.47 107.03
C PRO GA 266 -26.57 5.30 107.71
N ILE GA 267 -27.20 4.44 106.90
CA ILE GA 267 -27.88 3.25 107.39
C ILE GA 267 -27.36 2.05 106.61
N THR GA 268 -26.69 1.15 107.30
CA THR GA 268 -26.14 -0.05 106.69
C THR GA 268 -26.12 -1.13 107.78
N ALA GA 269 -25.35 -2.19 107.56
CA ALA GA 269 -25.21 -3.32 108.49
C ALA GA 269 -26.52 -4.11 108.60
N GLY GA 270 -27.11 -4.42 107.44
CA GLY GA 270 -28.18 -5.38 107.37
C GLY GA 270 -27.65 -6.80 107.19
N THR GA 271 -28.58 -7.76 107.23
CA THR GA 271 -28.22 -9.16 107.12
C THR GA 271 -28.88 -9.77 105.89
N ASP GA 272 -28.32 -10.91 105.45
CA ASP GA 272 -28.85 -11.64 104.32
C ASP GA 272 -29.01 -13.11 104.66
N ALA GA 273 -29.30 -13.93 103.65
CA ALA GA 273 -29.46 -15.37 103.85
C ALA GA 273 -28.10 -16.06 103.65
N GLU GA 274 -27.68 -16.83 104.66
CA GLU GA 274 -26.40 -17.50 104.63
C GLU GA 274 -26.53 -18.86 103.92
N THR GA 275 -25.43 -19.59 103.86
CA THR GA 275 -25.37 -20.78 103.01
C THR GA 275 -26.21 -21.91 103.59
N THR GA 276 -26.64 -22.80 102.68
CA THR GA 276 -27.55 -23.88 103.06
C THR GA 276 -26.89 -24.83 104.06
N GLU GA 277 -25.64 -25.21 103.81
CA GLU GA 277 -24.98 -26.16 104.69
C GLU GA 277 -24.80 -25.58 106.09
N ILE GA 278 -24.44 -24.30 106.18
CA ILE GA 278 -24.24 -23.71 107.49
C ILE GA 278 -25.58 -23.52 108.19
N THR GA 279 -26.65 -23.22 107.44
CA THR GA 279 -27.96 -23.15 108.07
C THR GA 279 -28.36 -24.51 108.62
N ARG GA 280 -28.11 -25.57 107.86
CA ARG GA 280 -28.39 -26.91 108.33
C ARG GA 280 -27.60 -27.24 109.58
N ASN GA 281 -26.31 -26.90 109.59
CA ASN GA 281 -25.48 -27.17 110.74
C ASN GA 281 -25.96 -26.39 111.95
N ARG GA 282 -26.31 -25.12 111.77
CA ARG GA 282 -26.82 -24.32 112.87
C ARG GA 282 -28.11 -24.92 113.42
N ALA GA 283 -29.00 -25.35 112.53
CA ALA GA 283 -30.25 -25.94 112.98
C ALA GA 283 -30.01 -27.23 113.75
N GLN GA 284 -29.12 -28.08 113.25
CA GLN GA 284 -28.88 -29.38 113.85
C GLN GA 284 -28.05 -29.30 115.12
N TYR GA 285 -27.35 -28.19 115.36
CA TYR GA 285 -26.55 -28.06 116.56
C TYR GA 285 -27.04 -26.97 117.51
N TYR GA 286 -28.13 -26.28 117.19
CA TYR GA 286 -28.64 -25.25 118.08
C TYR GA 286 -29.22 -25.82 119.36
N LEU GA 287 -29.51 -27.11 119.38
CA LEU GA 287 -30.16 -27.70 120.55
C LEU GA 287 -29.27 -27.66 121.78
N ALA GA 288 -28.00 -27.25 121.65
CA ALA GA 288 -27.13 -27.16 122.80
C ALA GA 288 -27.62 -26.07 123.75
N TYR GA 289 -28.13 -24.97 123.20
CA TYR GA 289 -28.73 -23.90 123.97
C TYR GA 289 -30.16 -24.32 124.31
N ASP GA 290 -30.28 -25.20 125.30
CA ASP GA 290 -31.58 -25.74 125.68
C ASP GA 290 -31.80 -25.77 127.19
N ASP GA 291 -30.86 -25.23 127.98
CA ASP GA 291 -30.93 -25.26 129.43
C ASP GA 291 -31.00 -26.69 129.97
N GLN GA 292 -30.38 -27.64 129.26
CA GLN GA 292 -30.36 -29.04 129.69
C GLN GA 292 -29.33 -29.16 130.80
N VAL GA 293 -29.80 -29.01 132.04
CA VAL GA 293 -28.97 -29.11 133.23
C VAL GA 293 -29.34 -30.40 133.96
N VAL GA 294 -28.33 -31.25 134.20
CA VAL GA 294 -28.57 -32.58 134.74
C VAL GA 294 -27.70 -32.92 135.95
N TRP GA 295 -26.79 -32.04 136.36
CA TRP GA 295 -26.05 -32.26 137.58
C TRP GA 295 -25.75 -30.92 138.27
N GLY GA 296 -25.35 -31.01 139.54
CA GLY GA 296 -24.99 -29.81 140.27
C GLY GA 296 -23.82 -29.08 139.66
N GLY GA 297 -22.87 -29.81 139.08
CA GLY GA 297 -21.82 -29.16 138.31
C GLY GA 297 -22.37 -28.39 137.12
N ASP GA 298 -23.40 -28.94 136.47
CA ASP GA 298 -24.05 -28.22 135.39
C ASP GA 298 -24.69 -26.93 135.92
N TYR GA 299 -25.34 -27.02 137.08
CA TYR GA 299 -25.89 -25.83 137.71
C TYR GA 299 -24.82 -24.78 137.95
N THR GA 300 -23.69 -25.20 138.54
CA THR GA 300 -22.63 -24.25 138.87
C THR GA 300 -22.06 -23.63 137.59
N TYR GA 301 -21.85 -24.45 136.57
CA TYR GA 301 -21.32 -23.93 135.31
C TYR GA 301 -22.28 -22.92 134.69
N PHE GA 302 -23.57 -23.21 134.72
CA PHE GA 302 -24.53 -22.30 134.11
C PHE GA 302 -24.66 -21.00 134.90
N LEU GA 303 -24.63 -21.11 136.23
CA LEU GA 303 -24.62 -19.90 137.05
C LEU GA 303 -23.38 -19.05 136.77
N VAL GA 304 -22.22 -19.69 136.63
CA VAL GA 304 -21.01 -18.95 136.32
C VAL GA 304 -21.13 -18.27 134.97
N ARG GA 305 -21.62 -19.00 133.96
CA ARG GA 305 -21.71 -18.43 132.62
C ARG GA 305 -22.81 -17.38 132.51
N ASN GA 306 -23.78 -17.38 133.43
CA ASN GA 306 -24.87 -16.42 133.37
C ASN GA 306 -24.61 -15.18 134.22
N ILE GA 307 -23.83 -15.31 135.29
CA ILE GA 307 -23.53 -14.15 136.14
C ILE GA 307 -22.06 -13.80 135.98
N PRO GA 308 -21.75 -12.74 135.24
CA PRO GA 308 -20.35 -12.32 135.12
C PRO GA 308 -19.81 -11.79 136.44
N GLY GA 309 -18.49 -11.86 136.58
CA GLY GA 309 -17.80 -11.31 137.72
C GLY GA 309 -17.76 -12.20 138.95
N LEU GA 310 -18.24 -13.44 138.85
CA LEU GA 310 -18.20 -14.34 139.99
C LEU GA 310 -16.76 -14.78 140.25
N SER GA 311 -16.31 -14.65 141.50
CA SER GA 311 -15.01 -15.22 141.86
C SER GA 311 -15.02 -16.73 141.68
N TRP GA 312 -16.09 -17.36 142.15
CA TRP GA 312 -16.25 -18.81 142.00
C TRP GA 312 -17.64 -19.19 142.49
N VAL GA 313 -18.12 -20.34 142.02
CA VAL GA 313 -19.36 -20.92 142.49
C VAL GA 313 -19.16 -22.43 142.58
N LYS GA 314 -19.65 -23.03 143.66
CA LYS GA 314 -19.51 -24.47 143.83
C LYS GA 314 -20.61 -24.99 144.74
N ALA GA 315 -21.22 -26.11 144.35
CA ALA GA 315 -22.27 -26.74 145.13
C ALA GA 315 -21.72 -27.97 145.82
N TRP GA 316 -22.47 -28.43 146.83
CA TRP GA 316 -22.08 -29.61 147.60
C TRP GA 316 -23.35 -30.32 148.03
N GLY GA 317 -23.56 -31.53 147.53
CA GLY GA 317 -24.78 -32.25 147.77
C GLY GA 317 -24.78 -32.91 149.13
N GLU GA 318 -25.75 -33.82 149.30
CA GLU GA 318 -25.90 -34.51 150.58
C GLU GA 318 -24.67 -35.35 150.90
N GLY GA 319 -24.12 -36.05 149.90
CA GLY GA 319 -22.91 -36.83 150.15
C GLY GA 319 -21.71 -35.95 150.49
N GLN GA 320 -21.60 -34.80 149.82
CA GLN GA 320 -20.52 -33.88 150.11
C GLN GA 320 -20.62 -33.33 151.52
N GLN GA 321 -21.82 -32.96 151.94
CA GLN GA 321 -22.02 -32.49 153.31
C GLN GA 321 -21.76 -33.62 154.30
N GLU GA 322 -22.13 -34.85 153.94
CA GLU GA 322 -21.89 -36.00 154.80
C GLU GA 322 -20.39 -36.23 155.01
N LYS GA 323 -19.62 -36.17 153.94
CA LYS GA 323 -18.17 -36.37 154.08
C LYS GA 323 -17.51 -35.16 154.73
N LEU GA 324 -18.09 -33.98 154.57
CA LEU GA 324 -17.62 -32.82 155.32
C LEU GA 324 -17.80 -33.03 156.81
N ASP GA 325 -18.97 -33.54 157.21
CA ASP GA 325 -19.29 -33.65 158.63
C ASP GA 325 -18.69 -34.89 159.28
N GLY GA 326 -18.39 -35.92 158.50
CA GLY GA 326 -17.86 -37.15 159.03
C GLY GA 326 -18.88 -38.03 159.72
N ALA GA 327 -20.16 -37.69 159.65
CA ALA GA 327 -21.18 -38.46 160.34
C ALA GA 327 -22.51 -38.24 159.65
N TYR GA 328 -23.47 -39.12 159.94
CA TYR GA 328 -24.80 -39.01 159.35
C TYR GA 328 -25.53 -37.78 159.85
N ASN GA 329 -26.24 -37.11 158.95
CA ASN GA 329 -27.08 -35.97 159.27
C ASN GA 329 -28.53 -36.31 158.95
N VAL GA 330 -29.40 -36.14 159.95
CA VAL GA 330 -30.82 -36.30 159.73
C VAL GA 330 -31.36 -35.22 158.81
N GLN GA 331 -30.68 -34.08 158.71
CA GLN GA 331 -31.16 -32.99 157.89
C GLN GA 331 -30.62 -33.04 156.47
N ASN GA 332 -29.38 -33.50 156.29
CA ASN GA 332 -28.77 -33.53 154.97
C ASN GA 332 -29.34 -34.69 154.16
N ILE GA 333 -30.62 -34.54 153.80
CA ILE GA 333 -31.35 -35.52 153.01
C ILE GA 333 -31.85 -34.80 151.77
N ASN GA 334 -31.25 -35.11 150.62
CA ASN GA 334 -31.59 -34.49 149.34
C ASN GA 334 -31.35 -32.99 149.33
N LYS GA 335 -30.54 -32.50 150.26
CA LYS GA 335 -30.26 -31.08 150.40
C LYS GA 335 -28.89 -30.76 149.85
N ILE GA 336 -28.80 -29.72 149.02
CA ILE GA 336 -27.56 -29.32 148.37
C ILE GA 336 -27.25 -27.90 148.76
N PHE GA 337 -26.08 -27.68 149.34
CA PHE GA 337 -25.64 -26.36 149.77
C PHE GA 337 -24.72 -25.78 148.71
N ILE GA 338 -25.06 -24.60 148.21
CA ILE GA 338 -24.33 -23.94 147.16
C ILE GA 338 -23.63 -22.73 147.75
N SER GA 339 -22.32 -22.63 147.54
CA SER GA 339 -21.52 -21.52 148.02
C SER GA 339 -20.83 -20.86 146.83
N GLY GA 340 -20.29 -19.68 147.08
CA GLY GA 340 -19.60 -18.96 146.02
C GLY GA 340 -19.14 -17.62 146.51
N TRP GA 341 -18.28 -17.00 145.72
CA TRP GA 341 -17.82 -15.65 145.99
C TRP GA 341 -17.89 -14.82 144.72
N HIS GA 342 -18.25 -13.55 144.91
CA HIS GA 342 -18.27 -12.51 143.90
C HIS GA 342 -17.68 -11.28 144.58
N PRO GA 343 -16.66 -10.65 144.00
CA PRO GA 343 -16.07 -9.46 144.65
C PRO GA 343 -17.06 -8.33 144.80
N ASN GA 344 -17.96 -8.15 143.85
CA ASN GA 344 -18.90 -7.04 143.85
C ASN GA 344 -20.23 -7.40 144.51
N LYS GA 345 -20.36 -8.61 145.03
CA LYS GA 345 -21.62 -9.07 145.60
C LYS GA 345 -21.38 -9.67 146.97
N SER GA 346 -22.37 -9.51 147.84
CA SER GA 346 -22.32 -10.09 149.17
C SER GA 346 -22.88 -11.50 149.13
N GLN GA 347 -22.84 -12.18 150.28
CA GLN GA 347 -23.42 -13.52 150.36
C GLN GA 347 -24.92 -13.48 150.11
N SER GA 348 -25.60 -12.48 150.65
CA SER GA 348 -27.03 -12.34 150.41
C SER GA 348 -27.32 -12.11 148.94
N GLU GA 349 -26.52 -11.26 148.28
CA GLU GA 349 -26.69 -11.05 146.85
C GLU GA 349 -26.47 -12.33 146.08
N LEU GA 350 -25.43 -13.08 146.44
CA LEU GA 350 -25.15 -14.34 145.76
C LEU GA 350 -26.29 -15.32 145.90
N GLU GA 351 -26.83 -15.45 147.11
CA GLU GA 351 -27.98 -16.31 147.33
C GLU GA 351 -29.18 -15.84 146.52
N GLU GA 352 -29.40 -14.53 146.48
CA GLU GA 352 -30.53 -13.98 145.73
C GLU GA 352 -30.43 -14.31 144.25
N MET GA 353 -29.25 -14.09 143.67
CA MET GA 353 -29.07 -14.40 142.25
C MET GA 353 -29.18 -15.90 142.00
N ILE GA 354 -28.66 -16.71 142.90
CA ILE GA 354 -28.77 -18.16 142.78
C ILE GA 354 -30.23 -18.57 142.73
N LEU GA 355 -31.02 -18.03 143.67
CA LEU GA 355 -32.44 -18.38 143.73
C LEU GA 355 -33.17 -17.89 142.48
N ALA GA 356 -32.84 -16.68 142.01
CA ALA GA 356 -33.47 -16.16 140.81
C ALA GA 356 -33.19 -17.07 139.61
N ALA GA 357 -31.94 -17.52 139.47
CA ALA GA 357 -31.62 -18.46 138.41
C ALA GA 357 -32.34 -19.79 138.60
N PHE GA 358 -32.52 -20.21 139.85
CA PHE GA 358 -33.27 -21.44 140.10
C PHE GA 358 -34.71 -21.32 139.60
N LYS GA 359 -35.36 -20.19 139.85
CA LYS GA 359 -36.69 -19.99 139.28
C LYS GA 359 -36.63 -19.92 137.76
N LYS GA 360 -35.64 -19.22 137.21
CA LYS GA 360 -35.58 -19.05 135.76
C LYS GA 360 -35.34 -20.37 135.04
N VAL GA 361 -34.72 -21.33 135.71
CA VAL GA 361 -34.43 -22.63 135.13
C VAL GA 361 -35.23 -23.68 135.88
N PRO GA 362 -36.38 -24.08 135.35
CA PRO GA 362 -37.26 -25.04 136.05
C PRO GA 362 -36.89 -26.48 135.76
N ASN GA 363 -35.75 -26.92 136.29
CA ASN GA 363 -35.22 -28.25 136.03
C ASN GA 363 -34.74 -28.85 137.35
N GLU GA 364 -35.64 -29.50 138.07
CA GLU GA 364 -35.31 -30.12 139.34
C GLU GA 364 -36.42 -31.08 139.74
N LEU GA 365 -36.08 -32.05 140.58
CA LEU GA 365 -37.06 -33.01 141.06
C LEU GA 365 -36.54 -33.66 142.33
N ASN GA 366 -37.29 -33.51 143.43
CA ASN GA 366 -37.03 -34.21 144.69
C ASN GA 366 -35.68 -33.85 145.30
N LYS GA 367 -35.19 -32.64 145.05
CA LYS GA 367 -33.95 -32.16 145.65
C LYS GA 367 -34.11 -30.70 146.04
N LYS GA 368 -33.71 -30.37 147.27
CA LYS GA 368 -33.76 -29.00 147.74
C LYS GA 368 -32.37 -28.37 147.68
N PHE GA 369 -32.35 -27.07 147.41
CA PHE GA 369 -31.11 -26.32 147.27
C PHE GA 369 -31.14 -25.13 148.20
N SER GA 370 -30.08 -24.98 149.00
CA SER GA 370 -29.92 -23.87 149.90
C SER GA 370 -28.59 -23.21 149.64
N TYR GA 371 -28.41 -22.02 150.21
CA TYR GA 371 -27.17 -21.27 150.06
C TYR GA 371 -26.34 -21.41 151.33
N LYS GA 372 -25.07 -21.73 151.17
CA LYS GA 372 -24.15 -21.93 152.27
C LYS GA 372 -23.27 -20.70 152.45
N GLU GA 373 -23.07 -20.31 153.70
CA GLU GA 373 -22.21 -19.17 154.01
C GLU GA 373 -20.78 -19.46 153.56
N VAL GA 374 -20.08 -18.41 153.14
CA VAL GA 374 -18.69 -18.49 152.74
C VAL GA 374 -17.86 -17.80 153.81
N ARG GA 375 -16.95 -18.56 154.43
CA ARG GA 375 -16.15 -18.07 155.54
C ARG GA 375 -14.77 -17.65 155.04
N LYS GA 376 -14.45 -16.38 155.18
CA LYS GA 376 -13.12 -15.88 154.80
C LYS GA 376 -12.07 -16.44 155.75
N LEU GA 377 -10.96 -16.90 155.19
CA LEU GA 377 -9.85 -17.45 155.97
C LEU GA 377 -8.55 -16.81 155.47
N PRO GA 378 -8.30 -15.56 155.84
CA PRO GA 378 -7.04 -14.92 155.46
C PRO GA 378 -5.86 -15.51 156.21
N PHE GA 379 -4.68 -15.40 155.60
CA PHE GA 379 -3.43 -15.82 156.21
C PHE GA 379 -2.34 -14.89 155.72
N LYS GA 380 -1.35 -14.64 156.58
CA LYS GA 380 -0.29 -13.72 156.25
C LYS GA 380 0.97 -14.47 155.83
N ILE GA 381 1.83 -13.79 155.09
CA ILE GA 381 3.13 -14.30 154.71
C ILE GA 381 4.19 -13.32 155.16
N THR GA 382 5.23 -13.84 155.82
CA THR GA 382 6.36 -13.04 156.25
C THR GA 382 7.56 -13.48 155.42
N ILE GA 383 7.97 -12.64 154.49
CA ILE GA 383 9.18 -12.86 153.71
C ILE GA 383 10.29 -12.01 154.31
N THR GA 384 11.48 -12.58 154.41
CA THR GA 384 12.63 -11.92 155.03
C THR GA 384 13.86 -12.16 154.19
N GLY GA 385 14.60 -11.09 153.91
CA GLY GA 385 15.82 -11.23 153.14
C GLY GA 385 16.25 -9.88 152.57
N ARG GA 386 17.15 -9.94 151.59
CA ARG GA 386 17.72 -8.76 150.97
C ARG GA 386 17.68 -8.89 149.46
N ILE GA 387 17.57 -7.74 148.78
CA ILE GA 387 17.53 -7.71 147.32
C ILE GA 387 18.78 -7.00 146.81
N SER GA 388 18.90 -6.93 145.48
CA SER GA 388 19.95 -6.12 144.88
C SER GA 388 19.67 -4.64 145.06
N ALA GA 389 20.73 -3.86 145.16
CA ALA GA 389 20.58 -2.40 145.31
C ALA GA 389 20.01 -1.77 144.06
N SER GA 390 20.05 -2.46 142.92
CA SER GA 390 19.46 -1.92 141.69
C SER GA 390 17.96 -1.79 141.79
N LEU GA 391 17.33 -2.49 142.73
CA LEU GA 391 15.88 -2.46 142.91
C LEU GA 391 15.49 -1.47 144.00
N THR GA 392 14.23 -1.04 143.94
CA THR GA 392 13.66 -0.17 144.96
C THR GA 392 12.72 -0.98 145.83
N ILE GA 393 12.94 -0.91 147.14
CA ILE GA 393 12.17 -1.74 148.07
C ILE GA 393 10.70 -1.40 148.01
N GLU GA 394 10.37 -0.11 147.98
CA GLU GA 394 8.97 0.31 147.97
C GLU GA 394 8.27 -0.16 146.70
N ASN GA 395 8.92 0.04 145.55
CA ASN GA 395 8.32 -0.38 144.29
C ASN GA 395 8.16 -1.89 144.23
N VAL GA 396 9.16 -2.63 144.71
CA VAL GA 396 9.06 -4.08 144.72
C VAL GA 396 7.90 -4.52 145.62
N THR GA 397 7.76 -3.89 146.79
CA THR GA 397 6.66 -4.21 147.68
C THR GA 397 5.32 -3.96 146.99
N ASP GA 398 5.21 -2.81 146.31
CA ASP GA 398 3.96 -2.48 145.63
C ASP GA 398 3.63 -3.49 144.55
N GLU GA 399 4.62 -3.84 143.72
CA GLU GA 399 4.40 -4.77 142.63
C GLU GA 399 4.03 -6.15 143.14
N LEU GA 400 4.74 -6.62 144.16
CA LEU GA 400 4.44 -7.94 144.73
C LEU GA 400 3.05 -7.97 145.34
N LYS GA 401 2.67 -6.91 146.07
CA LYS GA 401 1.33 -6.86 146.64
C LYS GA 401 0.26 -6.86 145.55
N SER GA 402 0.49 -6.09 144.49
CA SER GA 402 -0.48 -6.05 143.40
C SER GA 402 -0.63 -7.41 142.74
N ALA GA 403 0.51 -8.05 142.43
CA ALA GA 403 0.45 -9.35 141.78
C ALA GA 403 -0.19 -10.39 142.68
N LEU GA 404 0.12 -10.36 143.97
CA LEU GA 404 -0.44 -11.35 144.89
C LEU GA 404 -1.94 -11.14 145.09
N GLU GA 405 -2.40 -9.89 145.15
CA GLU GA 405 -3.84 -9.67 145.22
C GLU GA 405 -4.51 -10.10 143.92
N THR GA 406 -3.85 -9.88 142.78
CA THR GA 406 -4.40 -10.28 141.50
C THR GA 406 -4.53 -11.78 141.38
N LYS GA 407 -3.52 -12.52 141.84
CA LYS GA 407 -3.44 -13.94 141.56
C LYS GA 407 -4.03 -14.78 142.70
N PHE GA 408 -3.70 -14.45 143.94
CA PHE GA 408 -4.11 -15.22 145.11
C PHE GA 408 -4.69 -14.33 146.20
N GLY GA 409 -5.23 -13.17 145.83
CA GLY GA 409 -5.81 -12.26 146.79
C GLY GA 409 -7.26 -12.58 147.09
N ARG GA 410 -7.90 -11.67 147.82
CA ARG GA 410 -9.30 -11.85 148.17
C ARG GA 410 -10.23 -11.64 146.97
N ASP GA 411 -9.74 -11.04 145.90
CA ASP GA 411 -10.53 -10.76 144.71
C ASP GA 411 -9.87 -11.32 143.47
N SER GA 412 -9.18 -12.46 143.61
CA SER GA 412 -8.46 -13.07 142.50
C SER GA 412 -9.42 -13.85 141.59
N THR GA 413 -8.89 -14.25 140.44
CA THR GA 413 -9.61 -15.10 139.50
C THR GA 413 -9.14 -16.55 139.54
N PHE GA 414 -8.20 -16.88 140.43
CA PHE GA 414 -7.66 -18.22 140.52
C PHE GA 414 -8.68 -19.26 140.96
N PHE GA 415 -9.74 -18.84 141.66
CA PHE GA 415 -10.73 -19.80 142.15
C PHE GA 415 -11.42 -20.52 141.01
N ASP GA 416 -11.79 -19.77 139.97
CA ASP GA 416 -12.43 -20.32 138.78
C ASP GA 416 -11.76 -19.74 137.55
N PRO GA 417 -10.52 -20.14 137.27
CA PRO GA 417 -9.80 -19.57 136.12
C PRO GA 417 -10.47 -19.84 134.79
N ASN GA 418 -11.10 -20.99 134.63
CA ASN GA 418 -11.70 -21.38 133.37
C ASN GA 418 -13.18 -21.04 133.26
N ARG GA 419 -13.77 -20.49 134.33
CA ARG GA 419 -15.19 -20.14 134.36
C ARG GA 419 -16.07 -21.33 134.02
N VAL GA 420 -15.83 -22.44 134.69
CA VAL GA 420 -16.58 -23.67 134.49
C VAL GA 420 -17.40 -24.06 135.71
N GLY GA 421 -17.36 -23.27 136.77
CA GLY GA 421 -18.08 -23.61 137.99
C GLY GA 421 -17.23 -24.43 138.95
N LYS GA 422 -16.02 -23.97 139.22
CA LYS GA 422 -15.10 -24.69 140.10
C LYS GA 422 -14.48 -23.72 141.09
N TYR GA 423 -14.06 -24.27 142.23
CA TYR GA 423 -13.34 -23.54 143.25
C TYR GA 423 -12.06 -24.29 143.57
N ILE GA 424 -10.93 -23.59 143.48
CA ILE GA 424 -9.62 -24.21 143.66
C ILE GA 424 -8.96 -23.58 144.88
N LEU GA 425 -8.52 -24.41 145.81
CA LEU GA 425 -7.90 -23.92 147.03
C LEU GA 425 -6.55 -23.30 146.76
N ILE GA 426 -6.25 -22.22 147.47
CA ILE GA 426 -4.96 -21.55 147.37
C ILE GA 426 -3.97 -22.27 148.27
N LYS GA 427 -2.83 -22.66 147.71
CA LYS GA 427 -1.85 -23.45 148.44
C LYS GA 427 -0.58 -22.65 148.69
N LYS GA 428 0.12 -23.00 149.78
CA LYS GA 428 1.38 -22.36 150.10
C LYS GA 428 2.39 -22.57 148.99
N LYS GA 429 2.47 -23.78 148.45
CA LYS GA 429 3.35 -24.03 147.32
C LYS GA 429 2.97 -23.16 146.14
N ASP GA 430 1.67 -22.98 145.90
CA ASP GA 430 1.22 -22.17 144.78
C ASP GA 430 1.64 -20.72 144.93
N VAL GA 431 1.41 -20.14 146.11
CA VAL GA 431 1.73 -18.73 146.29
C VAL GA 431 3.24 -18.52 146.24
N TRP GA 432 4.02 -19.44 146.82
CA TRP GA 432 5.45 -19.26 146.79
C TRP GA 432 5.97 -19.43 145.36
N ALA GA 433 5.37 -20.35 144.60
CA ALA GA 433 5.73 -20.49 143.19
C ALA GA 433 5.38 -19.22 142.42
N PHE GA 434 4.24 -18.61 142.73
CA PHE GA 434 3.87 -17.36 142.07
C PHE GA 434 4.91 -16.29 142.32
N ILE GA 435 5.35 -16.14 143.58
CA ILE GA 435 6.33 -15.10 143.85
C ILE GA 435 7.67 -15.45 143.22
N GLU GA 436 8.02 -16.74 143.15
CA GLU GA 436 9.26 -17.11 142.47
C GLU GA 436 9.19 -16.78 140.98
N THR GA 437 8.05 -17.06 140.34
CA THR GA 437 7.88 -16.68 138.95
C THR GA 437 7.97 -15.17 138.78
N LEU GA 438 7.43 -14.43 139.75
CA LEU GA 438 7.60 -12.97 139.73
C LEU GA 438 9.07 -12.61 139.78
N GLY GA 439 9.86 -13.35 140.55
CA GLY GA 439 11.31 -13.24 140.47
C GLY GA 439 11.89 -11.92 140.93
N TYR GA 440 11.36 -11.34 142.00
CA TYR GA 440 11.97 -10.19 142.66
C TYR GA 440 12.72 -10.58 143.91
N PHE GA 441 13.15 -11.83 143.99
CA PHE GA 441 13.84 -12.37 145.16
C PHE GA 441 15.30 -12.62 144.81
N ARG GA 442 16.18 -12.33 145.75
CA ARG GA 442 17.60 -12.63 145.60
C ARG GA 442 18.06 -13.64 146.64
N ASP GA 443 17.74 -13.40 147.92
CA ASP GA 443 17.99 -14.37 148.98
C ASP GA 443 16.95 -14.11 150.07
N PHE GA 444 15.87 -14.88 150.05
CA PHE GA 444 14.76 -14.64 150.95
C PHE GA 444 14.28 -15.95 151.56
N TYR GA 445 13.47 -15.82 152.60
CA TYR GA 445 12.89 -16.94 153.30
C TYR GA 445 11.48 -16.58 153.72
N LEU GA 446 10.56 -17.53 153.58
CA LEU GA 446 9.14 -17.28 153.75
C LEU GA 446 8.60 -18.08 154.93
N GLU GA 447 7.71 -17.45 155.69
CA GLU GA 447 6.95 -18.11 156.74
C GLU GA 447 5.49 -17.75 156.57
N PHE GA 448 4.62 -18.67 156.98
CA PHE GA 448 3.18 -18.47 156.89
C PHE GA 448 2.62 -18.26 158.29
N VAL GA 449 1.88 -17.17 158.46
CA VAL GA 449 1.33 -16.78 159.75
C VAL GA 449 -0.17 -16.96 159.71
N GLU GA 450 -0.72 -17.63 160.71
CA GLU GA 450 -2.16 -17.83 160.86
C GLU GA 450 -2.73 -18.51 159.62
N TRP GA 451 -2.15 -19.67 159.30
CA TRP GA 451 -2.61 -20.45 158.16
C TRP GA 451 -3.96 -21.08 158.47
N ASN GA 452 -5.04 -20.40 158.10
CA ASN GA 452 -6.39 -20.92 158.31
C ASN GA 452 -6.71 -21.87 157.16
N GLU GA 453 -6.55 -23.17 157.42
CA GLU GA 453 -6.81 -24.17 156.40
C GLU GA 453 -8.30 -24.21 156.07
N SER GA 454 -8.60 -24.32 154.77
CA SER GA 454 -9.97 -24.34 154.28
C SER GA 454 -10.34 -25.74 153.81
N ASN GA 455 -11.56 -26.16 154.14
CA ASN GA 455 -12.04 -27.47 153.70
C ASN GA 455 -12.22 -27.54 152.19
N GLY GA 456 -12.27 -26.42 151.51
CA GLY GA 456 -12.51 -26.39 150.08
C GLY GA 456 -13.97 -26.44 149.68
N PHE GA 457 -14.89 -26.46 150.65
CA PHE GA 457 -16.32 -26.52 150.35
C PHE GA 457 -16.92 -25.12 150.27
N TYR GA 458 -16.80 -24.35 151.36
CA TYR GA 458 -17.32 -22.99 151.39
C TYR GA 458 -16.37 -22.00 152.04
N ASP GA 459 -15.33 -22.45 152.75
CA ASP GA 459 -14.41 -21.52 153.38
C ASP GA 459 -13.59 -20.78 152.33
N PHE GA 460 -13.44 -19.48 152.52
CA PHE GA 460 -12.75 -18.61 151.57
C PHE GA 460 -11.34 -18.35 152.08
N VAL GA 461 -10.41 -19.20 151.67
CA VAL GA 461 -9.01 -18.98 151.99
C VAL GA 461 -8.40 -18.01 150.98
N TYR GA 462 -7.58 -17.10 151.47
CA TYR GA 462 -6.94 -16.11 150.60
C TYR GA 462 -5.78 -15.49 151.35
N LEU GA 463 -4.79 -15.02 150.61
CA LEU GA 463 -3.63 -14.40 151.20
C LEU GA 463 -3.96 -13.02 151.71
N ASP GA 464 -3.54 -12.72 152.94
CA ASP GA 464 -3.68 -11.38 153.50
C ASP GA 464 -2.53 -10.53 152.98
N THR GA 465 -2.72 -10.00 151.77
CA THR GA 465 -1.68 -9.21 151.12
C THR GA 465 -1.41 -7.92 151.89
N GLU GA 466 -2.46 -7.28 152.41
CA GLU GA 466 -2.29 -6.00 153.09
C GLU GA 466 -1.45 -6.15 154.35
N ASN GA 467 -1.65 -7.22 155.10
CA ASN GA 467 -0.96 -7.43 156.37
C ASN GA 467 0.31 -8.27 156.24
N SER GA 468 0.74 -8.57 155.01
CA SER GA 468 1.91 -9.39 154.82
C SER GA 468 3.18 -8.67 155.26
N THR GA 469 4.07 -9.40 155.90
CA THR GA 469 5.30 -8.83 156.44
C THR GA 469 6.41 -8.96 155.40
N PHE GA 470 7.04 -7.84 155.07
CA PHE GA 470 8.03 -7.76 154.00
C PHE GA 470 9.32 -7.18 154.56
N ASN GA 471 10.14 -8.04 155.16
CA ASN GA 471 11.45 -7.62 155.67
C ASN GA 471 12.46 -7.67 154.54
N ILE GA 472 12.30 -6.74 153.61
CA ILE GA 472 13.12 -6.66 152.41
C ILE GA 472 14.28 -5.71 152.69
N SER GA 473 15.49 -6.18 152.42
CA SER GA 473 16.66 -5.34 152.59
C SER GA 473 17.47 -5.35 151.30
N TYR GA 474 18.69 -4.83 151.34
CA TYR GA 474 19.55 -4.80 150.17
C TYR GA 474 20.73 -5.72 150.39
N GLU GA 475 21.06 -6.52 149.38
CA GLU GA 475 22.21 -7.41 149.43
C GLU GA 475 23.47 -6.56 149.34
N GLU GA 476 23.83 -5.98 150.48
CA GLU GA 476 24.90 -5.00 150.59
C GLU GA 476 26.23 -5.72 150.81
N GLU GA 477 27.28 -4.96 151.12
CA GLU GA 477 28.57 -5.57 151.44
C GLU GA 477 28.47 -6.26 152.79
N MET HA 1 -22.70 -100.24 62.65
CA MET HA 1 -21.61 -99.37 63.05
C MET HA 1 -21.72 -97.99 62.39
N SER HA 2 -20.99 -97.79 61.29
CA SER HA 2 -21.00 -96.52 60.59
C SER HA 2 -20.70 -96.74 59.13
N LYS HA 3 -21.04 -95.73 58.31
CA LYS HA 3 -20.84 -95.77 56.88
C LYS HA 3 -20.03 -94.55 56.44
N THR HA 4 -19.15 -94.76 55.44
CA THR HA 4 -18.32 -93.69 54.91
C THR HA 4 -18.23 -93.84 53.39
N THR HA 5 -17.92 -92.72 52.73
CA THR HA 5 -17.69 -92.71 51.30
C THR HA 5 -16.78 -91.55 50.93
N PRO HA 6 -15.86 -91.72 49.99
CA PRO HA 6 -14.92 -90.64 49.67
C PRO HA 6 -15.61 -89.49 48.95
N THR HA 7 -14.94 -88.34 48.99
CA THR HA 7 -15.53 -87.09 48.52
C THR HA 7 -15.59 -87.07 46.99
N LYS HA 8 -16.18 -85.99 46.47
CA LYS HA 8 -16.46 -85.89 45.04
C LYS HA 8 -15.16 -85.82 44.24
N ASP HA 9 -14.27 -84.90 44.62
CA ASP HA 9 -13.00 -84.75 43.92
C ASP HA 9 -12.15 -86.01 44.04
N SER HA 10 -12.18 -86.64 45.22
CA SER HA 10 -11.55 -87.94 45.37
C SER HA 10 -12.09 -88.93 44.34
N ILE HA 11 -13.39 -89.22 44.41
CA ILE HA 11 -13.97 -90.27 43.55
C ILE HA 11 -13.68 -89.95 42.09
N ARG HA 12 -13.66 -88.66 41.74
CA ARG HA 12 -13.22 -88.28 40.41
C ARG HA 12 -11.79 -88.74 40.16
N ALA HA 13 -10.90 -88.53 41.13
CA ALA HA 13 -9.49 -88.85 40.93
C ALA HA 13 -9.27 -90.36 40.77
N GLU HA 14 -9.82 -91.15 41.70
CA GLU HA 14 -9.62 -92.60 41.51
C GLU HA 14 -10.37 -93.11 40.29
N PHE HA 15 -11.49 -92.48 39.92
CA PHE HA 15 -12.19 -92.91 38.72
C PHE HA 15 -11.34 -92.66 37.49
N GLU HA 16 -10.73 -91.49 37.39
CA GLU HA 16 -9.91 -91.22 36.22
C GLU HA 16 -8.66 -92.09 36.22
N GLU HA 17 -8.07 -92.36 37.38
CA GLU HA 17 -6.88 -93.20 37.35
C GLU HA 17 -7.23 -94.64 36.97
N LEU HA 18 -8.42 -95.13 37.35
CA LEU HA 18 -8.77 -96.48 36.96
C LEU HA 18 -9.19 -96.55 35.50
N VAL HA 19 -9.81 -95.50 34.96
CA VAL HA 19 -10.10 -95.49 33.54
C VAL HA 19 -8.83 -95.26 32.73
N GLU HA 20 -7.77 -94.76 33.38
CA GLU HA 20 -6.49 -94.64 32.70
C GLU HA 20 -5.83 -95.98 32.43
N LYS HA 21 -6.54 -97.08 32.64
CA LYS HA 21 -5.92 -98.39 32.46
C LYS HA 21 -5.64 -98.66 30.99
N ASP HA 22 -6.64 -98.49 30.13
CA ASP HA 22 -6.45 -98.82 28.74
C ASP HA 22 -5.75 -97.67 28.04
N SER HA 23 -4.60 -97.96 27.43
CA SER HA 23 -3.78 -96.93 26.83
C SER HA 23 -4.50 -96.19 25.72
N PHE HA 24 -5.50 -96.82 25.09
CA PHE HA 24 -6.18 -96.19 23.98
C PHE HA 24 -7.22 -95.16 24.42
N TRP HA 25 -7.60 -95.15 25.69
CA TRP HA 25 -8.54 -94.16 26.19
C TRP HA 25 -8.03 -93.50 27.47
N SER HA 26 -6.81 -93.82 27.89
CA SER HA 26 -6.28 -93.36 29.17
C SER HA 26 -5.93 -91.87 29.16
N LYS HA 27 -5.45 -91.34 28.04
CA LYS HA 27 -5.00 -89.95 27.98
C LYS HA 27 -6.10 -88.97 27.60
N PHE HA 28 -7.35 -89.43 27.49
CA PHE HA 28 -8.46 -88.49 27.42
C PHE HA 28 -8.62 -87.68 28.68
N VAL HA 29 -7.96 -88.07 29.77
CA VAL HA 29 -8.04 -87.31 31.01
C VAL HA 29 -7.51 -85.90 30.78
N GLY HA 30 -7.99 -84.97 31.60
CA GLY HA 30 -7.68 -83.57 31.44
C GLY HA 30 -8.59 -82.80 30.51
N SER HA 31 -9.43 -83.51 29.76
CA SER HA 31 -10.31 -82.89 28.78
C SER HA 31 -11.70 -82.64 29.36
N GLN HA 32 -12.41 -81.70 28.73
CA GLN HA 32 -13.77 -81.44 29.20
C GLN HA 32 -14.68 -82.62 28.92
N PHE HA 33 -14.29 -83.51 28.01
CA PHE HA 33 -15.01 -84.77 27.81
C PHE HA 33 -15.06 -85.57 29.11
N VAL HA 34 -13.89 -85.95 29.61
CA VAL HA 34 -13.83 -86.77 30.80
C VAL HA 34 -14.39 -86.02 31.98
N SER HA 35 -14.17 -84.70 32.06
CA SER HA 35 -14.67 -83.97 33.21
C SER HA 35 -16.20 -83.91 33.21
N MET HA 36 -16.82 -83.76 32.03
CA MET HA 36 -18.27 -83.71 32.02
C MET HA 36 -18.86 -85.07 32.34
N LEU HA 37 -18.34 -86.15 31.76
CA LEU HA 37 -18.86 -87.46 32.11
C LEU HA 37 -18.63 -87.75 33.59
N THR HA 38 -17.50 -87.29 34.12
CA THR HA 38 -17.16 -87.53 35.51
C THR HA 38 -18.10 -86.76 36.44
N LEU HA 39 -18.35 -85.49 36.13
CA LEU HA 39 -19.29 -84.73 36.95
C LEU HA 39 -20.70 -85.31 36.85
N PHE HA 40 -21.03 -85.92 35.71
CA PHE HA 40 -22.36 -86.53 35.60
C PHE HA 40 -22.49 -87.73 36.52
N ILE HA 41 -21.51 -88.63 36.49
CA ILE HA 41 -21.60 -89.80 37.36
C ILE HA 41 -21.50 -89.37 38.81
N THR HA 42 -20.67 -88.38 39.12
CA THR HA 42 -20.57 -87.92 40.50
C THR HA 42 -21.86 -87.27 40.97
N GLN HA 43 -22.54 -86.50 40.11
CA GLN HA 43 -23.82 -85.92 40.53
C GLN HA 43 -24.85 -87.00 40.80
N ILE HA 44 -24.89 -88.05 39.97
CA ILE HA 44 -25.93 -89.04 40.17
C ILE HA 44 -25.64 -89.86 41.44
N VAL HA 45 -24.38 -90.21 41.66
CA VAL HA 45 -24.05 -90.96 42.87
C VAL HA 45 -24.24 -90.07 44.10
N TYR HA 46 -23.95 -88.78 43.98
CA TYR HA 46 -24.22 -87.87 45.10
C TYR HA 46 -25.70 -87.84 45.43
N ARG HA 47 -26.54 -87.76 44.39
CA ARG HA 47 -27.97 -87.77 44.66
C ARG HA 47 -28.37 -89.02 45.42
N CYS HA 48 -28.02 -90.20 44.88
CA CYS HA 48 -28.48 -91.43 45.52
C CYS HA 48 -27.94 -91.54 46.94
N PHE HA 49 -26.64 -91.30 47.11
CA PHE HA 49 -26.00 -91.41 48.41
C PHE HA 49 -26.63 -90.47 49.42
N GLN HA 50 -26.51 -89.16 49.18
CA GLN HA 50 -26.95 -88.19 50.15
C GLN HA 50 -28.45 -88.25 50.37
N TYR HA 51 -29.23 -88.70 49.38
CA TYR HA 51 -30.66 -88.76 49.65
C TYR HA 51 -31.03 -90.00 50.44
N ALA HA 52 -30.30 -91.11 50.28
CA ALA HA 52 -30.44 -92.20 51.21
C ALA HA 52 -30.06 -91.77 52.62
N ASP HA 53 -29.01 -90.94 52.72
CA ASP HA 53 -28.60 -90.41 54.01
C ASP HA 53 -29.71 -89.55 54.62
N ALA HA 54 -30.33 -88.69 53.81
CA ALA HA 54 -31.41 -87.85 54.29
C ALA HA 54 -32.60 -88.70 54.71
N ALA HA 55 -32.89 -89.77 53.97
CA ALA HA 55 -34.00 -90.65 54.33
C ALA HA 55 -33.75 -91.31 55.68
N LEU HA 56 -32.55 -91.86 55.87
CA LEU HA 56 -32.26 -92.49 57.16
C LEU HA 56 -32.25 -91.47 58.29
N ALA HA 57 -31.88 -90.22 57.99
CA ALA HA 57 -31.93 -89.18 59.01
C ALA HA 57 -33.38 -88.88 59.40
N GLU HA 58 -34.24 -88.64 58.41
CA GLU HA 58 -35.65 -88.40 58.68
C GLU HA 58 -36.32 -89.59 59.32
N GLY HA 59 -35.73 -90.78 59.20
CA GLY HA 59 -36.32 -91.95 59.85
C GLY HA 59 -36.39 -91.85 61.36
N PHE HA 60 -35.74 -90.86 61.95
CA PHE HA 60 -35.73 -90.71 63.40
C PHE HA 60 -36.80 -89.72 63.85
N ILE HA 61 -37.24 -89.87 65.09
CA ILE HA 61 -38.38 -89.10 65.59
C ILE HA 61 -38.02 -87.64 65.79
N SER HA 62 -36.88 -87.36 66.43
CA SER HA 62 -36.53 -85.99 66.75
C SER HA 62 -35.88 -85.26 65.59
N THR HA 63 -35.50 -85.98 64.54
CA THR HA 63 -34.87 -85.39 63.38
C THR HA 63 -35.89 -84.89 62.36
N ALA HA 64 -37.18 -85.15 62.57
CA ALA HA 64 -38.19 -84.72 61.62
C ALA HA 64 -38.36 -83.20 61.69
N THR HA 65 -38.11 -82.52 60.57
CA THR HA 65 -38.33 -81.09 60.46
C THR HA 65 -39.46 -80.73 59.51
N ARG HA 66 -39.64 -81.50 58.44
CA ARG HA 66 -40.71 -81.22 57.51
C ARG HA 66 -42.06 -81.34 58.21
N ARG HA 67 -43.00 -80.50 57.78
CA ARG HA 67 -44.36 -80.59 58.30
C ARG HA 67 -44.91 -82.00 58.11
N SER HA 68 -44.70 -82.56 56.91
CA SER HA 68 -45.14 -83.93 56.66
C SER HA 68 -44.45 -84.91 57.58
N SER HA 69 -43.14 -84.73 57.80
CA SER HA 69 -42.40 -85.65 58.64
C SER HA 69 -42.92 -85.62 60.08
N ILE HA 70 -43.12 -84.43 60.62
CA ILE HA 70 -43.57 -84.32 62.00
C ILE HA 70 -45.00 -84.78 62.14
N LEU HA 71 -45.86 -84.53 61.14
CA LEU HA 71 -47.22 -85.06 61.20
C LEU HA 71 -47.25 -86.58 61.07
N ALA HA 72 -46.37 -87.15 60.26
CA ALA HA 72 -46.26 -88.61 60.22
C ALA HA 72 -45.81 -89.16 61.56
N ALA HA 73 -44.86 -88.49 62.20
CA ALA HA 73 -44.45 -88.90 63.54
C ALA HA 73 -45.62 -88.83 64.52
N ALA HA 74 -46.41 -87.76 64.44
CA ALA HA 74 -47.57 -87.61 65.32
C ALA HA 74 -48.60 -88.70 65.06
N GLU HA 75 -48.85 -89.03 63.79
CA GLU HA 75 -49.77 -90.10 63.45
C GLU HA 75 -49.27 -91.43 64.02
N THR HA 76 -47.97 -91.68 63.92
CA THR HA 76 -47.40 -92.89 64.50
C THR HA 76 -47.53 -92.90 66.01
N ASN HA 77 -47.43 -91.74 66.65
CA ASN HA 77 -47.61 -91.63 68.09
C ASN HA 77 -49.08 -91.54 68.48
N SER HA 78 -49.99 -91.58 67.51
CA SER HA 78 -51.43 -91.51 67.77
C SER HA 78 -51.81 -90.20 68.44
N TYR HA 79 -51.23 -89.11 67.96
CA TYR HA 79 -51.57 -87.78 68.43
C TYR HA 79 -51.71 -86.86 67.22
N VAL HA 80 -52.51 -85.81 67.39
CA VAL HA 80 -52.73 -84.82 66.35
C VAL HA 80 -52.33 -83.46 66.91
N GLY HA 81 -51.49 -82.75 66.17
CA GLY HA 81 -51.06 -81.43 66.60
C GLY HA 81 -52.21 -80.42 66.60
N THR HA 82 -52.02 -79.37 67.38
CA THR HA 82 -53.05 -78.34 67.55
C THR HA 82 -53.16 -77.53 66.27
N LYS HA 83 -54.23 -77.77 65.51
CA LYS HA 83 -54.47 -77.05 64.28
C LYS HA 83 -54.99 -75.65 64.58
N PRO HA 84 -54.80 -74.71 63.64
CA PRO HA 84 -55.38 -73.37 63.83
C PRO HA 84 -56.89 -73.42 63.95
N THR HA 85 -57.44 -72.57 64.81
CA THR HA 85 -58.87 -72.46 65.00
C THR HA 85 -59.32 -71.03 64.75
N PRO HA 86 -60.29 -70.80 63.88
CA PRO HA 86 -60.71 -69.43 63.59
C PRO HA 86 -61.38 -68.78 64.79
N SER HA 87 -61.24 -67.46 64.86
CA SER HA 87 -61.93 -66.70 65.88
C SER HA 87 -63.44 -66.72 65.62
N SER HA 88 -64.22 -66.81 66.69
CA SER HA 88 -65.67 -66.83 66.60
C SER HA 88 -66.26 -65.73 67.48
N GLY HA 89 -67.40 -65.20 67.05
CA GLY HA 89 -68.03 -64.16 67.82
C GLY HA 89 -69.32 -63.70 67.20
N MET HA 90 -69.78 -62.54 67.67
CA MET HA 90 -71.12 -62.05 67.39
C MET HA 90 -71.07 -60.97 66.33
N ILE HA 91 -72.11 -60.93 65.48
CA ILE HA 91 -72.25 -59.94 64.42
C ILE HA 91 -73.69 -59.47 64.40
N GLU HA 92 -73.90 -58.17 64.16
CA GLU HA 92 -75.24 -57.61 64.08
C GLU HA 92 -75.78 -57.76 62.67
N ILE HA 93 -77.07 -58.04 62.55
CA ILE HA 93 -77.73 -58.18 61.27
C ILE HA 93 -78.95 -57.28 61.23
N THR HA 94 -78.98 -56.35 60.27
CA THR HA 94 -80.07 -55.41 60.11
C THR HA 94 -80.78 -55.67 58.79
N ALA HA 95 -82.08 -55.38 58.75
CA ALA HA 95 -82.87 -55.52 57.54
C ALA HA 95 -83.00 -54.17 56.84
N THR HA 96 -82.67 -54.14 55.55
CA THR HA 96 -82.76 -52.91 54.77
C THR HA 96 -84.09 -52.77 54.03
N SER HA 97 -84.95 -53.78 54.07
CA SER HA 97 -86.21 -53.74 53.36
C SER HA 97 -87.17 -54.73 53.99
N GLU HA 98 -88.47 -54.54 53.70
CA GLU HA 98 -89.48 -55.47 54.20
C GLU HA 98 -89.32 -56.86 53.59
N ASP HA 99 -88.70 -56.94 52.40
CA ASP HA 99 -88.48 -58.22 51.76
C ASP HA 99 -87.44 -59.07 52.47
N ALA HA 100 -86.69 -58.48 53.41
CA ALA HA 100 -85.70 -59.24 54.15
C ALA HA 100 -86.38 -60.22 55.07
N PRO HA 101 -86.09 -61.52 54.96
CA PRO HA 101 -86.73 -62.49 55.86
C PRO HA 101 -86.22 -62.32 57.29
N ALA HA 102 -87.15 -62.36 58.24
CA ALA HA 102 -86.80 -62.20 59.65
C ALA HA 102 -85.99 -63.37 60.17
N VAL HA 103 -85.92 -64.49 59.45
CA VAL HA 103 -85.20 -65.68 59.88
C VAL HA 103 -84.06 -65.92 58.91
N ILE HA 104 -82.83 -65.94 59.43
CA ILE HA 104 -81.66 -66.27 58.64
C ILE HA 104 -81.05 -67.54 59.22
N PRO HA 105 -81.03 -68.63 58.47
CA PRO HA 105 -80.60 -69.91 59.04
C PRO HA 105 -79.08 -70.03 59.12
N LYS HA 106 -78.66 -70.96 59.98
CA LYS HA 106 -77.30 -71.50 59.99
C LYS HA 106 -76.94 -72.04 58.61
N ASN HA 107 -75.65 -72.28 58.39
CA ASN HA 107 -75.14 -72.89 57.16
C ASN HA 107 -75.29 -71.95 55.97
N MET HA 108 -74.98 -70.67 56.19
CA MET HA 108 -74.92 -69.73 55.09
C MET HA 108 -73.60 -68.98 55.14
N PRO HA 109 -73.00 -68.68 53.99
CA PRO HA 109 -71.71 -68.01 53.98
C PRO HA 109 -71.86 -66.49 53.96
N LEU HA 110 -70.80 -65.83 54.38
CA LEU HA 110 -70.73 -64.38 54.35
C LEU HA 110 -69.40 -63.98 53.73
N ILE HA 111 -69.45 -63.07 52.76
CA ILE HA 111 -68.28 -62.68 51.98
C ILE HA 111 -67.75 -61.37 52.51
N SER HA 112 -66.50 -61.38 52.96
CA SER HA 112 -65.83 -60.18 53.43
C SER HA 112 -65.32 -59.37 52.26
N ASP HA 113 -64.66 -58.25 52.55
CA ASP HA 113 -63.97 -57.50 51.51
C ASP HA 113 -62.85 -58.31 50.86
N ASP HA 114 -62.32 -59.30 51.59
CA ASP HA 114 -61.36 -60.25 51.04
C ASP HA 114 -62.02 -61.58 50.73
N GLN HA 115 -63.34 -61.62 50.69
CA GLN HA 115 -64.11 -62.84 50.45
C GLN HA 115 -63.67 -63.96 51.39
N TYR HA 116 -63.53 -63.60 52.66
CA TYR HA 116 -63.29 -64.60 53.68
C TYR HA 116 -64.62 -65.18 54.12
N PRO HA 117 -64.86 -66.48 53.90
CA PRO HA 117 -66.20 -67.04 54.15
C PRO HA 117 -66.49 -67.09 55.64
N TYR HA 118 -67.59 -66.46 56.03
CA TYR HA 118 -67.98 -66.37 57.42
C TYR HA 118 -69.22 -67.25 57.61
N MET HA 119 -69.00 -68.45 58.13
CA MET HA 119 -70.08 -69.37 58.39
C MET HA 119 -70.91 -68.90 59.58
N THR HA 120 -72.22 -69.09 59.48
CA THR HA 120 -73.15 -68.82 60.57
C THR HA 120 -73.52 -70.12 61.24
N MET HA 121 -73.64 -70.08 62.56
CA MET HA 121 -73.89 -71.28 63.34
C MET HA 121 -75.22 -71.27 64.10
N ASP HA 122 -76.04 -70.24 63.92
CA ASP HA 122 -77.28 -70.12 64.68
C ASP HA 122 -78.38 -69.67 63.73
N VAL HA 123 -79.53 -69.30 64.31
CA VAL HA 123 -80.65 -68.77 63.56
C VAL HA 123 -80.83 -67.31 63.95
N CYS HA 124 -80.64 -66.42 62.99
CA CYS HA 124 -80.77 -64.99 63.21
C CYS HA 124 -82.24 -64.60 63.15
N ARG HA 125 -82.77 -64.09 64.26
CA ARG HA 125 -84.14 -63.59 64.34
C ARG HA 125 -84.09 -62.07 64.31
N LEU HA 126 -84.56 -61.47 63.22
CA LEU HA 126 -84.62 -60.02 63.13
C LEU HA 126 -85.75 -59.51 64.00
N VAL HA 127 -85.41 -58.77 65.04
CA VAL HA 127 -86.38 -58.10 65.90
C VAL HA 127 -86.45 -56.65 65.45
N ASP HA 128 -87.57 -56.29 64.84
CA ASP HA 128 -87.75 -54.95 64.25
C ASP HA 128 -86.62 -54.65 63.25
N GLY HA 129 -86.29 -55.64 62.44
CA GLY HA 129 -85.22 -55.52 61.46
C GLY HA 129 -83.83 -55.72 62.01
N THR HA 130 -83.69 -56.02 63.31
CA THR HA 130 -82.41 -56.19 63.95
C THR HA 130 -82.26 -57.63 64.40
N GLY HA 131 -81.18 -58.29 63.97
CA GLY HA 131 -80.97 -59.68 64.32
C GLY HA 131 -79.50 -59.96 64.57
N THR HA 132 -79.26 -61.12 65.17
CA THR HA 132 -77.92 -61.55 65.54
C THR HA 132 -77.76 -63.04 65.27
N VAL HA 133 -76.54 -63.45 64.96
CA VAL HA 133 -76.22 -64.86 64.74
C VAL HA 133 -74.72 -65.04 64.96
N GLU HA 134 -74.34 -66.21 65.46
CA GLU HA 134 -72.93 -66.50 65.68
C GLU HA 134 -72.21 -66.72 64.34
N VAL HA 135 -71.09 -66.02 64.17
CA VAL HA 135 -70.38 -65.97 62.90
C VAL HA 135 -68.91 -66.27 63.16
N ALA HA 136 -68.33 -67.13 62.33
CA ALA HA 136 -66.89 -67.39 62.40
C ALA HA 136 -66.35 -67.71 61.02
N GLN HA 137 -65.10 -67.33 60.78
CA GLN HA 137 -64.51 -67.53 59.46
C GLN HA 137 -64.29 -69.02 59.23
N LEU HA 138 -65.17 -69.63 58.44
CA LEU HA 138 -65.04 -71.05 58.11
C LEU HA 138 -65.64 -71.28 56.73
N GLU HA 139 -65.18 -72.37 56.10
CA GLU HA 139 -65.74 -72.82 54.83
C GLU HA 139 -65.80 -74.35 54.85
N ILE HA 140 -66.69 -74.89 54.02
CA ILE HA 140 -66.87 -76.33 53.92
C ILE HA 140 -66.48 -76.73 52.49
N GLN HA 141 -65.39 -77.47 52.36
CA GLN HA 141 -64.94 -77.97 51.07
C GLN HA 141 -65.29 -79.44 50.97
N GLU HA 142 -66.03 -79.79 49.92
CA GLU HA 142 -66.62 -81.12 49.79
C GLU HA 142 -65.95 -81.87 48.66
N VAL HA 143 -65.45 -83.08 48.95
CA VAL HA 143 -64.94 -83.98 47.95
C VAL HA 143 -65.59 -85.34 48.15
N THR HA 144 -65.32 -86.26 47.24
CA THR HA 144 -65.89 -87.59 47.34
C THR HA 144 -64.90 -88.62 46.85
N TYR HA 145 -65.09 -89.86 47.31
CA TYR HA 145 -64.28 -90.99 46.90
C TYR HA 145 -65.18 -92.17 46.59
N THR HA 146 -64.78 -92.97 45.61
CA THR HA 146 -65.50 -94.18 45.22
C THR HA 146 -64.65 -95.39 45.57
N VAL HA 147 -65.28 -96.41 46.15
CA VAL HA 147 -64.55 -97.57 46.65
C VAL HA 147 -63.93 -98.30 45.47
N THR HA 148 -62.62 -98.17 45.30
CA THR HA 148 -61.93 -98.85 44.23
C THR HA 148 -61.77 -100.34 44.51
N ALA HA 149 -61.41 -100.69 45.73
CA ALA HA 149 -61.14 -102.08 46.08
C ALA HA 149 -61.42 -102.28 47.55
N ALA HA 150 -61.61 -103.54 47.94
CA ALA HA 150 -61.85 -103.90 49.33
C ALA HA 150 -60.53 -104.32 50.01
N LYS HA 151 -59.59 -103.37 50.01
CA LYS HA 151 -58.29 -103.57 50.65
C LYS HA 151 -58.36 -103.10 52.09
N GLU HA 152 -57.82 -103.91 53.00
CA GLU HA 152 -57.85 -103.55 54.41
C GLU HA 152 -56.97 -102.34 54.68
N PHE HA 153 -57.54 -101.36 55.39
CA PHE HA 153 -56.91 -100.05 55.54
C PHE HA 153 -56.57 -99.44 54.19
N LEU HA 154 -57.57 -99.49 53.30
CA LEU HA 154 -57.46 -98.81 52.03
C LEU HA 154 -57.24 -97.32 52.24
N GLU HA 155 -56.30 -96.77 51.48
CA GLU HA 155 -55.84 -95.40 51.68
C GLU HA 155 -56.65 -94.43 50.83
N VAL HA 156 -57.12 -93.37 51.45
CA VAL HA 156 -57.78 -92.27 50.74
C VAL HA 156 -57.18 -90.97 51.25
N VAL HA 157 -56.37 -90.33 50.42
CA VAL HA 157 -55.63 -89.15 50.84
C VAL HA 157 -56.23 -87.90 50.18
N LEU HA 158 -55.85 -86.74 50.70
CA LEU HA 158 -56.34 -85.47 50.21
C LEU HA 158 -55.21 -84.66 49.59
N SER HA 159 -55.56 -83.47 49.10
CA SER HA 159 -54.60 -82.59 48.44
C SER HA 159 -53.79 -81.83 49.48
N LYS HA 160 -52.76 -81.14 48.99
CA LYS HA 160 -51.88 -80.38 49.88
C LYS HA 160 -52.64 -79.26 50.58
N ALA HA 161 -53.47 -78.52 49.85
CA ALA HA 161 -54.22 -77.43 50.46
C ALA HA 161 -55.19 -77.95 51.51
N LEU HA 162 -55.87 -79.06 51.21
CA LEU HA 162 -56.77 -79.65 52.18
C LEU HA 162 -56.03 -80.12 53.42
N THR HA 163 -54.86 -80.76 53.23
CA THR HA 163 -54.05 -81.16 54.36
C THR HA 163 -53.59 -79.96 55.16
N ALA HA 164 -53.35 -78.83 54.49
CA ALA HA 164 -52.86 -77.64 55.19
C ALA HA 164 -53.95 -76.99 56.03
N VAL HA 165 -55.16 -76.85 55.48
CA VAL HA 165 -56.20 -76.07 56.14
C VAL HA 165 -57.36 -76.96 56.62
N CYS HA 166 -57.11 -78.25 56.86
CA CYS HA 166 -58.15 -79.15 57.33
C CYS HA 166 -58.35 -78.93 58.84
N TYR HA 167 -59.08 -77.88 59.16
CA TYR HA 167 -59.40 -77.60 60.56
C TYR HA 167 -60.29 -78.68 61.15
N LYS HA 168 -61.33 -79.07 60.42
CA LYS HA 168 -62.22 -80.14 60.86
C LYS HA 168 -62.57 -81.02 59.68
N LEU HA 169 -62.96 -82.26 59.98
CA LEU HA 169 -63.28 -83.24 58.96
C LEU HA 169 -64.59 -83.93 59.28
N GLU HA 170 -65.38 -84.21 58.25
CA GLU HA 170 -66.62 -84.96 58.37
C GLU HA 170 -66.65 -86.01 57.27
N VAL HA 171 -66.88 -87.26 57.63
CA VAL HA 171 -66.88 -88.38 56.69
C VAL HA 171 -68.28 -88.97 56.66
N PHE HA 172 -68.92 -88.90 55.50
CA PHE HA 172 -70.26 -89.42 55.30
C PHE HA 172 -70.18 -90.56 54.29
N VAL HA 173 -70.35 -91.78 54.77
CA VAL HA 173 -70.38 -92.95 53.90
C VAL HA 173 -71.80 -93.09 53.38
N THR HA 174 -72.01 -92.73 52.12
CA THR HA 174 -73.32 -92.79 51.49
C THR HA 174 -73.37 -93.99 50.55
N THR HA 175 -74.32 -94.88 50.79
CA THR HA 175 -74.57 -96.04 49.94
C THR HA 175 -75.97 -95.89 49.37
N ASP HA 176 -76.06 -95.89 48.04
CA ASP HA 176 -77.31 -95.88 47.26
C ASP HA 176 -78.41 -95.02 47.88
N GLY HA 177 -78.04 -93.87 48.42
CA GLY HA 177 -78.98 -92.99 49.08
C GLY HA 177 -79.06 -93.12 50.59
N LYS HA 178 -78.29 -94.05 51.19
CA LYS HA 178 -78.25 -94.20 52.64
C LYS HA 178 -76.90 -93.70 53.12
N THR HA 179 -76.92 -92.67 53.96
CA THR HA 179 -75.71 -92.02 54.45
C THR HA 179 -75.55 -92.29 55.93
N THR HA 180 -74.37 -92.75 56.32
CA THR HA 180 -73.97 -92.86 57.71
C THR HA 180 -72.76 -91.96 57.94
N GLN HA 181 -72.46 -91.68 59.20
CA GLN HA 181 -71.33 -90.85 59.57
C GLN HA 181 -70.25 -91.71 60.21
N TRP HA 182 -69.03 -91.62 59.69
CA TRP HA 182 -67.88 -92.28 60.29
C TRP HA 182 -66.86 -91.24 60.71
N SER HA 183 -66.26 -91.45 61.87
CA SER HA 183 -65.28 -90.55 62.43
C SER HA 183 -63.95 -91.25 62.59
N SER HA 184 -62.94 -90.48 62.96
CA SER HA 184 -61.60 -90.98 63.19
C SER HA 184 -61.45 -91.34 64.66
N SER HA 185 -61.15 -92.60 64.95
CA SER HA 185 -61.02 -93.05 66.32
C SER HA 185 -59.71 -93.79 66.49
N THR HA 186 -58.94 -93.39 67.50
CA THR HA 186 -57.74 -94.08 67.95
C THR HA 186 -58.05 -94.72 69.29
N MET HA 187 -57.01 -95.26 69.94
CA MET HA 187 -57.16 -95.86 71.27
C MET HA 187 -58.22 -96.98 71.23
N PHE HA 188 -57.88 -97.99 70.46
CA PHE HA 188 -58.77 -99.13 70.30
C PHE HA 188 -58.72 -100.02 71.53
N ARG HA 189 -59.89 -100.49 71.96
CA ARG HA 189 -59.99 -101.37 73.13
C ARG HA 189 -61.22 -102.23 72.98
N LEU HA 190 -61.26 -103.31 73.78
CA LEU HA 190 -62.38 -104.24 73.86
C LEU HA 190 -62.47 -105.14 72.64
N ALA HA 191 -62.73 -106.43 72.86
CA ALA HA 191 -62.72 -107.42 71.79
C ALA HA 191 -63.90 -107.21 70.85
N GLY HA 192 -63.85 -107.90 69.71
CA GLY HA 192 -64.90 -107.81 68.72
C GLY HA 192 -64.79 -106.57 67.84
N SER HA 193 -65.83 -106.36 67.06
CA SER HA 193 -65.90 -105.19 66.18
C SER HA 193 -66.14 -103.96 67.03
N LYS HA 194 -65.05 -103.27 67.37
CA LYS HA 194 -65.15 -102.11 68.27
C LYS HA 194 -66.04 -101.04 67.68
N SER HA 195 -65.87 -100.76 66.39
CA SER HA 195 -66.68 -99.77 65.70
C SER HA 195 -66.59 -100.04 64.21
N GLN HA 196 -67.48 -99.39 63.46
CA GLN HA 196 -67.45 -99.44 62.01
C GLN HA 196 -67.16 -98.02 61.53
N VAL HA 197 -65.87 -97.67 61.55
CA VAL HA 197 -65.37 -96.37 61.11
C VAL HA 197 -64.01 -96.56 60.48
N TYR HA 198 -63.41 -95.47 60.03
CA TYR HA 198 -62.09 -95.47 59.43
C TYR HA 198 -61.03 -95.18 60.49
N VAL HA 199 -59.78 -95.06 60.06
CA VAL HA 199 -58.70 -94.62 60.94
C VAL HA 199 -57.89 -93.54 60.23
N GLU HA 200 -57.12 -92.78 61.01
CA GLU HA 200 -56.34 -91.68 60.48
C GLU HA 200 -55.14 -92.20 59.71
N PHE HA 201 -54.53 -91.31 58.92
CA PHE HA 201 -53.31 -91.66 58.21
C PHE HA 201 -52.67 -90.40 57.67
N TYR HA 202 -51.35 -90.41 57.57
CA TYR HA 202 -50.63 -89.31 56.95
C TYR HA 202 -49.56 -89.86 56.03
N LYS HA 203 -49.23 -89.09 54.98
CA LYS HA 203 -48.22 -89.47 54.02
C LYS HA 203 -47.20 -88.35 53.90
N PRO HA 204 -45.90 -88.69 53.88
CA PRO HA 204 -44.83 -87.68 53.89
C PRO HA 204 -44.82 -86.76 52.68
N SER HA 205 -45.78 -86.93 51.78
CA SER HA 205 -45.99 -85.98 50.71
C SER HA 205 -46.81 -84.80 51.17
N GLU HA 206 -46.81 -84.55 52.48
CA GLU HA 206 -47.61 -83.50 53.10
C GLU HA 206 -49.09 -83.74 52.87
N GLN HA 207 -49.52 -85.00 53.02
CA GLN HA 207 -50.92 -85.34 52.75
C GLN HA 207 -51.52 -86.03 53.96
N LEU HA 208 -52.78 -85.72 54.22
CA LEU HA 208 -53.55 -86.40 55.26
C LEU HA 208 -54.65 -87.21 54.61
N GLY HA 209 -55.01 -88.31 55.25
CA GLY HA 209 -56.03 -89.18 54.70
C GLY HA 209 -56.52 -90.18 55.71
N VAL HA 210 -57.31 -91.12 55.20
CA VAL HA 210 -57.99 -92.12 56.02
C VAL HA 210 -57.67 -93.50 55.50
N ARG HA 211 -57.83 -94.48 56.39
CA ARG HA 211 -57.67 -95.89 56.06
C ARG HA 211 -58.96 -96.61 56.39
N PHE HA 212 -59.48 -97.34 55.40
CA PHE HA 212 -60.68 -98.15 55.56
C PHE HA 212 -60.24 -99.54 56.02
N GLY HA 213 -60.56 -99.89 57.27
CA GLY HA 213 -60.16 -101.17 57.82
C GLY HA 213 -61.17 -102.26 57.56
N ASP HA 214 -60.80 -103.48 57.96
CA ASP HA 214 -61.64 -104.65 57.77
C ASP HA 214 -61.74 -105.44 59.06
N GLY HA 215 -62.50 -106.53 59.01
CA GLY HA 215 -62.66 -107.38 60.17
C GLY HA 215 -63.36 -106.64 61.30
N LEU HA 216 -62.87 -106.86 62.51
CA LEU HA 216 -63.43 -106.18 63.67
C LEU HA 216 -62.91 -104.75 63.81
N ILE HA 217 -61.94 -104.36 63.01
CA ILE HA 217 -61.45 -102.98 62.98
C ILE HA 217 -62.15 -102.32 61.80
N GLY HA 218 -63.33 -101.74 62.06
CA GLY HA 218 -64.06 -101.07 61.03
C GLY HA 218 -64.64 -102.04 60.00
N GLN HA 219 -65.21 -101.45 58.96
CA GLN HA 219 -65.78 -102.21 57.85
C GLN HA 219 -65.51 -101.46 56.55
N ILE HA 220 -65.37 -102.22 55.48
CA ILE HA 220 -65.14 -101.61 54.16
C ILE HA 220 -66.48 -101.23 53.55
N PRO HA 221 -66.65 -100.00 53.07
CA PRO HA 221 -67.85 -99.68 52.31
C PRO HA 221 -67.89 -100.48 51.04
N PRO HA 222 -69.08 -100.81 50.55
CA PRO HA 222 -69.17 -101.61 49.33
C PRO HA 222 -68.61 -100.86 48.13
N GLU HA 223 -68.11 -101.63 47.16
CA GLU HA 223 -67.60 -101.04 45.94
C GLU HA 223 -68.70 -100.26 45.23
N GLY HA 224 -68.36 -99.06 44.78
CA GLY HA 224 -69.32 -98.16 44.18
C GLY HA 224 -69.99 -97.23 45.16
N SER HA 225 -69.95 -97.55 46.45
CA SER HA 225 -70.47 -96.63 47.45
C SER HA 225 -69.58 -95.40 47.54
N THR HA 226 -70.19 -94.28 47.90
CA THR HA 226 -69.50 -93.01 47.93
C THR HA 226 -69.10 -92.64 49.35
N ILE HA 227 -67.99 -91.94 49.47
CA ILE HA 227 -67.51 -91.43 50.75
C ILE HA 227 -67.32 -89.94 50.56
N THR HA 228 -68.23 -89.15 51.13
CA THR HA 228 -68.16 -87.70 51.05
C THR HA 228 -67.31 -87.17 52.20
N LEU HA 229 -66.36 -86.31 51.86
CA LEU HA 229 -65.46 -85.70 52.82
C LEU HA 229 -65.75 -84.20 52.83
N LYS HA 230 -66.35 -83.73 53.92
CA LYS HA 230 -66.63 -82.30 54.11
C LYS HA 230 -65.62 -81.75 55.10
N VAL HA 231 -64.76 -80.87 54.61
CA VAL HA 231 -63.64 -80.34 55.40
C VAL HA 231 -63.98 -78.92 55.79
N TRP HA 232 -64.03 -78.67 57.09
CA TRP HA 232 -64.14 -77.32 57.62
C TRP HA 232 -62.76 -76.71 57.60
N CYS HA 233 -62.57 -75.71 56.74
CA CYS HA 233 -61.30 -75.05 56.55
C CYS HA 233 -61.41 -73.59 56.99
N THR HA 234 -60.26 -72.99 57.26
CA THR HA 234 -60.18 -71.59 57.64
C THR HA 234 -58.78 -71.09 57.31
N ASN HA 235 -58.54 -69.82 57.59
CA ASN HA 235 -57.26 -69.19 57.31
C ASN HA 235 -56.37 -69.10 58.54
N GLY HA 236 -56.78 -69.70 59.66
CA GLY HA 236 -56.02 -69.61 60.89
C GLY HA 236 -56.60 -68.59 61.85
N ASP HA 237 -55.74 -67.77 62.46
CA ASP HA 237 -56.21 -66.68 63.30
C ASP HA 237 -56.97 -65.67 62.46
N ILE HA 238 -58.11 -65.23 62.97
CA ILE HA 238 -59.02 -64.34 62.24
C ILE HA 238 -59.27 -63.10 63.09
N THR HA 239 -59.08 -61.93 62.48
CA THR HA 239 -59.37 -60.66 63.13
C THR HA 239 -60.60 -60.05 62.49
N LEU HA 240 -61.61 -59.77 63.32
CA LEU HA 240 -62.85 -59.17 62.85
C LEU HA 240 -63.16 -57.97 63.74
N VAL HA 241 -63.00 -56.78 63.18
CA VAL HA 241 -63.22 -55.54 63.91
C VAL HA 241 -64.63 -55.06 63.61
N ALA HA 242 -65.25 -54.46 64.61
CA ALA HA 242 -66.57 -53.87 64.41
C ALA HA 242 -66.46 -52.68 63.46
N GLY HA 243 -67.47 -52.55 62.59
CA GLY HA 243 -67.51 -51.39 61.71
C GLY HA 243 -67.41 -51.71 60.24
N GLN HA 244 -67.77 -52.93 59.84
CA GLN HA 244 -67.70 -53.34 58.45
C GLN HA 244 -69.03 -53.95 58.03
N ASN HA 245 -69.21 -54.05 56.71
CA ASN HA 245 -70.42 -54.60 56.12
C ASN HA 245 -70.07 -55.76 55.20
N LEU HA 246 -70.89 -56.80 55.24
CA LEU HA 246 -70.64 -58.03 54.52
C LEU HA 246 -71.40 -58.06 53.20
N THR HA 247 -71.11 -59.07 52.39
CA THR HA 247 -71.72 -59.26 51.09
C THR HA 247 -72.17 -60.70 50.96
N PRO HA 248 -73.35 -61.04 51.49
CA PRO HA 248 -73.87 -62.41 51.32
C PRO HA 248 -74.07 -62.73 49.85
N VAL HA 249 -73.78 -63.97 49.49
CA VAL HA 249 -73.82 -64.40 48.10
C VAL HA 249 -74.58 -65.70 47.98
N ASP HA 250 -74.57 -66.27 46.77
CA ASP HA 250 -75.21 -67.57 46.48
C ASP HA 250 -76.70 -67.43 46.71
N SER HA 251 -77.32 -68.22 47.58
CA SER HA 251 -78.74 -68.07 47.84
C SER HA 251 -79.08 -66.72 48.45
N ALA HA 252 -78.12 -66.09 49.11
CA ALA HA 252 -78.31 -64.78 49.71
C ALA HA 252 -77.74 -63.66 48.86
N ALA HA 253 -77.32 -63.96 47.62
CA ALA HA 253 -76.86 -62.90 46.73
C ALA HA 253 -77.97 -61.91 46.45
N ASN HA 254 -79.18 -62.41 46.19
CA ASN HA 254 -80.33 -61.54 46.04
C ASN HA 254 -80.77 -60.94 47.37
N LEU HA 255 -80.32 -61.52 48.49
CA LEU HA 255 -80.64 -60.99 49.81
C LEU HA 255 -79.65 -59.94 50.29
N ALA HA 256 -78.54 -59.77 49.57
CA ALA HA 256 -77.48 -58.86 50.03
C ALA HA 256 -78.00 -57.43 50.13
N ASN HA 257 -78.76 -56.98 49.12
CA ASN HA 257 -79.34 -55.65 49.19
C ASN HA 257 -80.50 -55.56 50.17
N LEU HA 258 -81.14 -56.69 50.48
CA LEU HA 258 -82.26 -56.69 51.40
C LEU HA 258 -81.81 -56.81 52.84
N ILE HA 259 -80.67 -57.47 53.09
CA ILE HA 259 -80.16 -57.69 54.43
C ILE HA 259 -78.75 -57.11 54.51
N SER HA 260 -78.52 -56.24 55.48
CA SER HA 260 -77.19 -55.70 55.74
C SER HA 260 -76.59 -56.41 56.95
N VAL HA 261 -75.32 -56.79 56.85
CA VAL HA 261 -74.61 -57.43 57.94
C VAL HA 261 -73.58 -56.44 58.45
N LYS HA 262 -73.68 -56.09 59.72
CA LYS HA 262 -72.83 -55.07 60.32
C LYS HA 262 -71.98 -55.69 61.43
N THR HA 263 -70.69 -55.42 61.38
CA THR HA 263 -69.78 -55.85 62.43
C THR HA 263 -69.92 -54.93 63.63
N THR HA 264 -70.43 -55.46 64.73
CA THR HA 264 -70.57 -54.69 65.96
C THR HA 264 -69.81 -55.30 67.13
N THR HA 265 -69.80 -56.62 67.23
CA THR HA 265 -69.04 -57.28 68.28
C THR HA 265 -67.70 -57.73 67.70
N PRO HA 266 -66.59 -57.23 68.23
CA PRO HA 266 -65.28 -57.63 67.71
C PRO HA 266 -65.08 -59.14 67.84
N ILE HA 267 -64.44 -59.72 66.84
CA ILE HA 267 -64.15 -61.15 66.81
C ILE HA 267 -62.66 -61.33 66.55
N THR HA 268 -61.95 -61.87 67.53
CA THR HA 268 -60.52 -62.11 67.43
C THR HA 268 -60.20 -63.31 68.32
N ALA HA 269 -58.91 -63.50 68.63
CA ALA HA 269 -58.44 -64.61 69.47
C ALA HA 269 -58.60 -65.96 68.76
N GLY HA 270 -58.18 -66.00 67.49
CA GLY HA 270 -58.03 -67.26 66.79
C GLY HA 270 -56.64 -67.84 67.01
N THR HA 271 -56.44 -69.04 66.49
CA THR HA 271 -55.18 -69.76 66.65
C THR HA 271 -54.55 -70.02 65.29
N ASP HA 272 -53.24 -70.28 65.33
CA ASP HA 272 -52.50 -70.59 64.12
C ASP HA 272 -51.66 -71.84 64.32
N ALA HA 273 -50.77 -72.14 63.37
CA ALA HA 273 -49.90 -73.30 63.45
C ALA HA 273 -48.60 -72.90 64.15
N GLU HA 274 -48.26 -73.63 65.22
CA GLU HA 274 -47.06 -73.33 66.00
C GLU HA 274 -45.86 -74.03 65.38
N THR HA 275 -44.70 -73.87 66.04
CA THR HA 275 -43.44 -74.27 65.44
C THR HA 275 -43.30 -75.80 65.39
N THR HA 276 -42.50 -76.26 64.43
CA THR HA 276 -42.36 -77.69 64.20
C THR HA 276 -41.76 -78.41 65.40
N GLU HA 277 -40.71 -77.83 66.00
CA GLU HA 277 -40.05 -78.48 67.11
C GLU HA 277 -40.99 -78.59 68.30
N ILE HA 278 -41.77 -77.55 68.58
CA ILE HA 278 -42.68 -77.61 69.71
C ILE HA 278 -43.83 -78.56 69.43
N THR HA 279 -44.28 -78.64 68.17
CA THR HA 279 -45.30 -79.64 67.85
C THR HA 279 -44.76 -81.04 68.06
N ARG HA 280 -43.53 -81.29 67.64
CA ARG HA 280 -42.91 -82.59 67.86
C ARG HA 280 -42.80 -82.89 69.34
N ASN HA 281 -42.37 -81.92 70.13
CA ASN HA 281 -42.23 -82.13 71.57
C ASN HA 281 -43.59 -82.41 72.20
N ARG HA 282 -44.61 -81.65 71.80
CA ARG HA 282 -45.94 -81.88 72.34
C ARG HA 282 -46.45 -83.27 71.98
N ALA HA 283 -46.20 -83.71 70.74
CA ALA HA 283 -46.64 -85.04 70.33
C ALA HA 283 -45.91 -86.11 71.12
N GLN HA 284 -44.60 -85.96 71.30
CA GLN HA 284 -43.80 -86.99 71.95
C GLN HA 284 -43.96 -87.00 73.45
N TYR HA 285 -44.50 -85.94 74.05
CA TYR HA 285 -44.71 -85.92 75.49
C TYR HA 285 -46.17 -85.87 75.90
N TYR HA 286 -47.11 -85.88 74.95
CA TYR HA 286 -48.52 -85.86 75.32
C TYR HA 286 -48.95 -87.17 75.97
N LEU HA 287 -48.15 -88.22 75.84
CA LEU HA 287 -48.53 -89.51 76.37
C LEU HA 287 -48.57 -89.53 77.90
N ALA HA 288 -48.10 -88.46 78.55
CA ALA HA 288 -48.26 -88.36 79.98
C ALA HA 288 -49.73 -88.33 80.37
N TYR HA 289 -50.56 -87.65 79.58
CA TYR HA 289 -52.00 -87.61 79.82
C TYR HA 289 -52.62 -88.86 79.20
N ASP HA 290 -52.53 -89.96 79.95
CA ASP HA 290 -53.01 -91.25 79.46
C ASP HA 290 -53.79 -92.05 80.49
N ASP HA 291 -54.02 -91.50 81.69
CA ASP HA 291 -54.70 -92.21 82.78
C ASP HA 291 -53.95 -93.47 83.18
N GLN HA 292 -52.62 -93.48 83.02
CA GLN HA 292 -51.80 -94.62 83.42
C GLN HA 292 -51.65 -94.57 84.94
N VAL HA 293 -52.54 -95.28 85.62
CA VAL HA 293 -52.53 -95.38 87.07
C VAL HA 293 -52.12 -96.80 87.46
N VAL HA 294 -51.06 -96.91 88.27
CA VAL HA 294 -50.46 -98.20 88.58
C VAL HA 294 -50.27 -98.45 90.07
N TRP HA 295 -50.61 -97.50 90.93
CA TRP HA 295 -50.59 -97.76 92.37
C TRP HA 295 -51.70 -96.97 93.06
N GLY HA 296 -51.99 -97.36 94.30
CA GLY HA 296 -52.99 -96.65 95.08
C GLY HA 296 -52.64 -95.20 95.30
N GLY HA 297 -51.34 -94.90 95.45
CA GLY HA 297 -50.92 -93.51 95.48
C GLY HA 297 -51.25 -92.78 94.20
N ASP HA 298 -51.12 -93.47 93.06
CA ASP HA 298 -51.52 -92.87 91.79
C ASP HA 298 -53.01 -92.59 91.79
N TYR HA 299 -53.81 -93.53 92.30
CA TYR HA 299 -55.25 -93.31 92.41
C TYR HA 299 -55.53 -92.07 93.25
N THR HA 300 -54.91 -91.98 94.43
CA THR HA 300 -55.17 -90.85 95.32
C THR HA 300 -54.76 -89.53 94.67
N TYR HA 301 -53.60 -89.52 94.02
CA TYR HA 301 -53.14 -88.31 93.33
C TYR HA 301 -54.12 -87.90 92.25
N PHE HA 302 -54.61 -88.86 91.46
CA PHE HA 302 -55.51 -88.52 90.37
C PHE HA 302 -56.86 -88.06 90.90
N LEU HA 303 -57.36 -88.69 91.95
CA LEU HA 303 -58.59 -88.21 92.57
C LEU HA 303 -58.42 -86.79 93.10
N VAL HA 304 -57.28 -86.50 93.73
CA VAL HA 304 -57.04 -85.15 94.23
C VAL HA 304 -57.01 -84.16 93.07
N ARG HA 305 -56.31 -84.50 92.00
CA ARG HA 305 -56.18 -83.57 90.88
C ARG HA 305 -57.47 -83.44 90.09
N ASN HA 306 -58.38 -84.41 90.21
CA ASN HA 306 -59.64 -84.35 89.47
C ASN HA 306 -60.77 -83.72 90.27
N ILE HA 307 -60.73 -83.83 91.59
CA ILE HA 307 -61.78 -83.24 92.42
C ILE HA 307 -61.19 -82.07 93.20
N PRO HA 308 -61.47 -80.84 92.80
CA PRO HA 308 -60.99 -79.69 93.55
C PRO HA 308 -61.66 -79.59 94.91
N GLY HA 309 -60.97 -78.94 95.84
CA GLY HA 309 -61.52 -78.67 97.15
C GLY HA 309 -61.37 -79.80 98.16
N LEU HA 310 -60.69 -80.88 97.81
CA LEU HA 310 -60.52 -81.98 98.75
C LEU HA 310 -59.54 -81.56 99.85
N SER HA 311 -59.95 -81.76 101.10
CA SER HA 311 -59.00 -81.55 102.20
C SER HA 311 -57.84 -82.52 102.10
N TRP HA 312 -58.14 -83.79 101.81
CA TRP HA 312 -57.12 -84.80 101.62
C TRP HA 312 -57.78 -86.08 101.16
N VAL HA 313 -57.00 -86.94 100.51
CA VAL HA 313 -57.44 -88.28 100.12
C VAL HA 313 -56.28 -89.23 100.35
N LYS HA 314 -56.57 -90.40 100.91
CA LYS HA 314 -55.53 -91.39 101.16
C LYS HA 314 -56.14 -92.78 101.19
N ALA HA 315 -55.48 -93.73 100.53
CA ALA HA 315 -55.91 -95.11 100.51
C ALA HA 315 -55.03 -95.95 101.42
N TRP HA 316 -55.53 -97.13 101.75
CA TRP HA 316 -54.82 -98.06 102.62
C TRP HA 316 -55.16 -99.47 102.19
N GLY HA 317 -54.16 -100.19 101.69
CA GLY HA 317 -54.40 -101.51 101.13
C GLY HA 317 -54.52 -102.57 102.21
N GLU HA 318 -54.43 -103.82 101.76
CA GLU HA 318 -54.57 -104.95 102.69
C GLU HA 318 -53.44 -104.96 103.72
N GLY HA 319 -52.21 -104.67 103.29
CA GLY HA 319 -51.12 -104.61 104.25
C GLY HA 319 -51.27 -103.47 105.24
N GLN HA 320 -51.76 -102.33 104.76
CA GLN HA 320 -51.97 -101.19 105.64
C GLN HA 320 -53.05 -101.49 106.68
N GLN HA 321 -54.14 -102.12 106.25
CA GLN HA 321 -55.18 -102.52 107.19
C GLN HA 321 -54.66 -103.57 108.16
N GLU HA 322 -53.80 -104.48 107.67
CA GLU HA 322 -53.21 -105.51 108.51
C GLU HA 322 -52.35 -104.89 109.61
N LYS HA 323 -51.51 -103.92 109.25
CA LYS HA 323 -50.66 -103.29 110.26
C LYS HA 323 -51.47 -102.36 111.16
N LEU HA 324 -52.58 -101.82 110.65
CA LEU HA 324 -53.50 -101.07 111.51
C LEU HA 324 -54.09 -101.99 112.58
N ASP HA 325 -54.51 -103.18 112.17
CA ASP HA 325 -55.22 -104.06 113.07
C ASP HA 325 -54.28 -104.86 113.98
N GLY HA 326 -53.04 -105.05 113.58
CA GLY HA 326 -52.09 -105.83 114.36
C GLY HA 326 -52.30 -107.32 114.28
N ALA HA 327 -53.19 -107.80 113.43
CA ALA HA 327 -53.48 -109.22 113.35
C ALA HA 327 -54.04 -109.53 111.96
N TYR HA 328 -54.04 -110.81 111.63
CA TYR HA 328 -54.56 -111.25 110.34
C TYR HA 328 -56.06 -111.06 110.25
N ASN HA 329 -56.52 -110.60 109.08
CA ASN HA 329 -57.94 -110.45 108.79
C ASN HA 329 -58.32 -111.38 107.66
N VAL HA 330 -59.34 -112.21 107.90
CA VAL HA 330 -59.88 -113.04 106.84
C VAL HA 330 -60.55 -112.21 105.76
N GLN HA 331 -60.98 -111.00 106.09
CA GLN HA 331 -61.66 -110.16 105.12
C GLN HA 331 -60.72 -109.26 104.35
N ASN HA 332 -59.65 -108.78 104.98
CA ASN HA 332 -58.72 -107.86 104.33
C ASN HA 332 -57.83 -108.64 103.36
N ILE HA 333 -58.46 -109.11 102.29
CA ILE HA 333 -57.79 -109.86 101.24
C ILE HA 333 -58.03 -109.12 99.93
N ASN HA 334 -56.99 -108.48 99.41
CA ASN HA 334 -57.06 -107.68 98.18
C ASN HA 334 -58.01 -106.50 98.30
N LYS HA 335 -58.34 -106.10 99.52
CA LYS HA 335 -59.30 -105.03 99.77
C LYS HA 335 -58.56 -103.77 100.18
N ILE HA 336 -58.90 -102.65 99.56
CA ILE HA 336 -58.25 -101.38 99.81
C ILE HA 336 -59.30 -100.39 100.29
N PHE HA 337 -59.09 -99.82 101.46
CA PHE HA 337 -60.01 -98.84 102.05
C PHE HA 337 -59.48 -97.44 101.78
N ILE HA 338 -60.30 -96.61 101.15
CA ILE HA 338 -59.92 -95.27 100.76
C ILE HA 338 -60.70 -94.29 101.64
N SER HA 339 -59.98 -93.38 102.28
CA SER HA 339 -60.58 -92.36 103.13
C SER HA 339 -60.17 -90.99 102.62
N GLY HA 340 -60.85 -89.97 103.12
CA GLY HA 340 -60.52 -88.62 102.71
C GLY HA 340 -61.49 -87.64 103.35
N TRP HA 341 -61.12 -86.37 103.25
CA TRP HA 341 -61.98 -85.30 103.71
C TRP HA 341 -62.07 -84.21 102.66
N HIS HA 342 -63.27 -83.63 102.56
CA HIS HA 342 -63.59 -82.48 101.74
C HIS HA 342 -64.48 -81.59 102.61
N PRO HA 343 -64.13 -80.32 102.77
CA PRO HA 343 -64.97 -79.44 103.62
C PRO HA 343 -66.39 -79.30 103.10
N ASN HA 344 -66.58 -79.28 101.80
CA ASN HA 344 -67.89 -79.07 101.19
C ASN HA 344 -68.61 -80.37 100.89
N LYS HA 345 -68.03 -81.51 101.24
CA LYS HA 345 -68.62 -82.80 100.91
C LYS HA 345 -68.65 -83.68 102.14
N SER HA 346 -69.68 -84.53 102.21
CA SER HA 346 -69.81 -85.48 103.30
C SER HA 346 -69.06 -86.76 102.95
N GLN HA 347 -69.04 -87.70 103.90
CA GLN HA 347 -68.41 -89.00 103.63
C GLN HA 347 -69.12 -89.72 102.50
N SER HA 348 -70.45 -89.67 102.47
CA SER HA 348 -71.20 -90.30 101.40
C SER HA 348 -70.88 -89.66 100.06
N GLU HA 349 -70.79 -88.33 100.02
CA GLU HA 349 -70.40 -87.65 98.79
C GLU HA 349 -69.01 -88.07 98.35
N LEU HA 350 -68.08 -88.14 99.30
CA LEU HA 350 -66.72 -88.53 98.96
C LEU HA 350 -66.68 -89.93 98.37
N GLU HA 351 -67.40 -90.87 99.00
CA GLU HA 351 -67.48 -92.22 98.48
C GLU HA 351 -68.11 -92.24 97.09
N GLU HA 352 -69.15 -91.44 96.88
CA GLU HA 352 -69.82 -91.40 95.59
C GLU HA 352 -68.88 -90.91 94.50
N MET HA 353 -68.16 -89.81 94.76
CA MET HA 353 -67.22 -89.30 93.78
C MET HA 353 -66.08 -90.28 93.53
N ILE HA 354 -65.61 -90.94 94.59
CA ILE HA 354 -64.55 -91.94 94.45
C ILE HA 354 -65.02 -93.05 93.52
N LEU HA 355 -66.22 -93.55 93.75
CA LEU HA 355 -66.76 -94.64 92.92
C LEU HA 355 -66.95 -94.18 91.48
N ALA HA 356 -67.45 -92.95 91.30
CA ALA HA 356 -67.63 -92.43 89.95
C ALA HA 356 -66.30 -92.36 89.21
N ALA HA 357 -65.25 -91.88 89.88
CA ALA HA 357 -63.93 -91.88 89.26
C ALA HA 357 -63.44 -93.28 89.00
N PHE HA 358 -63.77 -94.23 89.86
CA PHE HA 358 -63.38 -95.63 89.63
C PHE HA 358 -64.00 -96.15 88.34
N LYS HA 359 -65.29 -95.86 88.11
CA LYS HA 359 -65.88 -96.24 86.84
C LYS HA 359 -65.24 -95.49 85.68
N LYS HA 360 -64.98 -94.20 85.85
CA LYS HA 360 -64.45 -93.40 84.76
C LYS HA 360 -63.04 -93.85 84.36
N VAL HA 361 -62.31 -94.46 85.28
CA VAL HA 361 -60.95 -94.92 85.04
C VAL HA 361 -60.94 -96.44 85.15
N PRO HA 362 -61.04 -97.15 84.03
CA PRO HA 362 -61.11 -98.62 84.05
C PRO HA 362 -59.73 -99.27 84.08
N ASN HA 363 -59.05 -99.14 85.22
CA ASN HA 363 -57.69 -99.64 85.38
C ASN HA 363 -57.57 -100.35 86.72
N GLU HA 364 -57.90 -101.64 86.73
CA GLU HA 364 -57.82 -102.43 87.95
C GLU HA 364 -57.89 -103.90 87.58
N LEU HA 365 -57.37 -104.74 88.47
CA LEU HA 365 -57.41 -106.19 88.26
C LEU HA 365 -57.21 -106.89 89.59
N ASN HA 366 -58.20 -107.71 89.98
CA ASN HA 366 -58.11 -108.58 91.15
C ASN HA 366 -57.91 -107.83 92.45
N LYS HA 367 -58.43 -106.60 92.54
CA LYS HA 367 -58.38 -105.83 93.78
C LYS HA 367 -59.70 -105.09 93.95
N LYS HA 368 -60.27 -105.16 95.15
CA LYS HA 368 -61.49 -104.46 95.47
C LYS HA 368 -61.19 -103.20 96.27
N PHE HA 369 -62.01 -102.18 96.04
CA PHE HA 369 -61.83 -100.88 96.69
C PHE HA 369 -63.12 -100.49 97.37
N SER HA 370 -63.02 -100.12 98.65
CA SER HA 370 -64.14 -99.67 99.44
C SER HA 370 -63.79 -98.32 100.05
N TYR HA 371 -64.81 -97.66 100.58
CA TYR HA 371 -64.65 -96.36 101.22
C TYR HA 371 -64.66 -96.53 102.74
N LYS HA 372 -63.68 -95.94 103.40
CA LYS HA 372 -63.53 -96.04 104.84
C LYS HA 372 -64.03 -94.76 105.50
N GLU HA 373 -64.76 -94.93 106.60
CA GLU HA 373 -65.26 -93.79 107.34
C GLU HA 373 -64.10 -92.97 107.89
N VAL HA 374 -64.32 -91.66 107.98
CA VAL HA 374 -63.34 -90.73 108.53
C VAL HA 374 -63.87 -90.24 109.87
N ARG HA 375 -63.11 -90.50 110.93
CA ARG HA 375 -63.53 -90.18 112.29
C ARG HA 375 -62.88 -88.89 112.74
N LYS HA 376 -63.70 -87.88 113.03
CA LYS HA 376 -63.19 -86.62 113.54
C LYS HA 376 -62.65 -86.80 114.95
N LEU HA 377 -61.47 -86.25 115.21
CA LEU HA 377 -60.83 -86.31 116.52
C LEU HA 377 -60.39 -84.90 116.92
N PRO HA 378 -61.34 -84.05 117.34
CA PRO HA 378 -60.95 -82.72 117.81
C PRO HA 378 -60.23 -82.78 119.15
N PHE HA 379 -59.43 -81.75 119.39
CA PHE HA 379 -58.73 -81.59 120.65
C PHE HA 379 -58.61 -80.10 120.94
N LYS HA 380 -58.64 -79.73 122.21
CA LYS HA 380 -58.61 -78.34 122.61
C LYS HA 380 -57.21 -77.95 123.07
N ILE HA 381 -56.93 -76.65 123.00
CA ILE HA 381 -55.69 -76.09 123.51
C ILE HA 381 -56.05 -75.00 124.51
N THR HA 382 -55.42 -75.05 125.68
CA THR HA 382 -55.58 -74.04 126.71
C THR HA 382 -54.27 -73.27 126.81
N ILE HA 383 -54.26 -72.05 126.31
CA ILE HA 383 -53.11 -71.16 126.45
C ILE HA 383 -53.41 -70.20 127.59
N THR HA 384 -52.41 -69.95 128.43
CA THR HA 384 -52.55 -69.12 129.61
C THR HA 384 -51.35 -68.20 129.73
N GLY HA 385 -51.61 -66.91 129.93
CA GLY HA 385 -50.52 -65.96 130.09
C GLY HA 385 -51.02 -64.54 129.88
N ARG HA 386 -50.06 -63.63 129.68
CA ARG HA 386 -50.34 -62.22 129.51
C ARG HA 386 -49.60 -61.66 128.31
N ILE HA 387 -50.19 -60.64 127.69
CA ILE HA 387 -49.60 -59.99 126.52
C ILE HA 387 -49.23 -58.56 126.88
N SER HA 388 -48.66 -57.85 125.91
CA SER HA 388 -48.42 -56.42 126.07
C SER HA 388 -49.74 -55.66 126.01
N ALA HA 389 -49.78 -54.53 126.74
CA ALA HA 389 -50.97 -53.70 126.73
C ALA HA 389 -51.20 -53.03 125.39
N SER HA 390 -50.18 -52.97 124.53
CA SER HA 390 -50.35 -52.40 123.21
C SER HA 390 -51.29 -53.23 122.34
N LEU HA 391 -51.52 -54.49 122.69
CA LEU HA 391 -52.38 -55.37 121.93
C LEU HA 391 -53.80 -55.39 122.51
N THR HA 392 -54.74 -55.82 121.69
CA THR HA 392 -56.13 -56.00 122.11
C THR HA 392 -56.41 -57.49 122.24
N ILE HA 393 -56.92 -57.89 123.40
CA ILE HA 393 -57.14 -59.31 123.67
C ILE HA 393 -58.14 -59.90 122.69
N GLU HA 394 -59.24 -59.19 122.44
CA GLU HA 394 -60.27 -59.71 121.56
C GLU HA 394 -59.75 -59.87 120.14
N ASN HA 395 -59.04 -58.86 119.64
CA ASN HA 395 -58.51 -58.94 118.28
C ASN HA 395 -57.46 -60.04 118.16
N VAL HA 396 -56.61 -60.18 119.18
CA VAL HA 396 -55.61 -61.25 119.16
C VAL HA 396 -56.30 -62.61 119.15
N THR HA 397 -57.34 -62.78 119.97
CA THR HA 397 -58.09 -64.02 119.99
C THR HA 397 -58.67 -64.32 118.62
N ASP HA 398 -59.26 -63.30 117.99
CA ASP HA 398 -59.88 -63.48 116.68
C ASP HA 398 -58.84 -63.90 115.64
N GLU HA 399 -57.71 -63.20 115.62
CA GLU HA 399 -56.66 -63.49 114.64
C GLU HA 399 -56.08 -64.87 114.84
N LEU HA 400 -55.80 -65.25 116.10
CA LEU HA 400 -55.26 -66.57 116.38
C LEU HA 400 -56.25 -67.66 116.00
N LYS HA 401 -57.53 -67.47 116.31
CA LYS HA 401 -58.53 -68.46 115.93
C LYS HA 401 -58.61 -68.60 114.42
N SER HA 402 -58.60 -67.48 113.70
CA SER HA 402 -58.65 -67.53 112.24
C SER HA 402 -57.45 -68.26 111.66
N ALA HA 403 -56.25 -67.91 112.13
CA ALA HA 403 -55.05 -68.54 111.62
C ALA HA 403 -55.02 -70.03 111.94
N LEU HA 404 -55.46 -70.39 113.15
CA LEU HA 404 -55.44 -71.80 113.55
C LEU HA 404 -56.46 -72.61 112.77
N GLU HA 405 -57.64 -72.05 112.51
CA GLU HA 405 -58.59 -72.77 111.67
C GLU HA 405 -58.08 -72.88 110.23
N THR HA 406 -57.38 -71.83 109.76
CA THR HA 406 -56.83 -71.86 108.41
C THR HA 406 -55.75 -72.93 108.27
N LYS HA 407 -54.87 -73.04 109.27
CA LYS HA 407 -53.68 -73.86 109.13
C LYS HA 407 -53.88 -75.27 109.67
N PHE HA 408 -54.49 -75.40 110.85
CA PHE HA 408 -54.66 -76.68 111.53
C PHE HA 408 -56.09 -76.89 111.99
N GLY HA 409 -57.06 -76.24 111.35
CA GLY HA 409 -58.45 -76.37 111.72
C GLY HA 409 -59.11 -77.56 111.06
N ARG HA 410 -60.44 -77.62 111.23
CA ARG HA 410 -61.19 -78.71 110.63
C ARG HA 410 -61.32 -78.58 109.11
N ASP HA 411 -61.03 -77.41 108.56
CA ASP HA 411 -61.12 -77.17 107.13
C ASP HA 411 -59.81 -76.61 106.58
N SER HA 412 -58.69 -77.06 107.14
CA SER HA 412 -57.39 -76.57 106.73
C SER HA 412 -56.93 -77.27 105.45
N THR HA 413 -55.85 -76.73 104.88
CA THR HA 413 -55.21 -77.31 103.71
C THR HA 413 -53.91 -78.04 104.07
N PHE HA 414 -53.57 -78.13 105.35
CA PHE HA 414 -52.35 -78.78 105.78
C PHE HA 414 -52.32 -80.28 105.51
N PHE HA 415 -53.50 -80.91 105.39
CA PHE HA 415 -53.53 -82.35 105.19
C PHE HA 415 -52.88 -82.74 103.88
N ASP HA 416 -53.16 -81.99 102.82
CA ASP HA 416 -52.59 -82.21 101.50
C ASP HA 416 -52.11 -80.88 100.93
N PRO HA 417 -51.04 -80.31 101.50
CA PRO HA 417 -50.57 -79.00 101.03
C PRO HA 417 -50.15 -78.99 99.58
N ASN HA 418 -49.58 -80.08 99.08
CA ASN HA 418 -49.05 -80.13 97.73
C ASN HA 418 -50.05 -80.71 96.73
N ARG HA 419 -51.22 -81.15 97.19
CA ARG HA 419 -52.24 -81.73 96.32
C ARG HA 419 -51.70 -82.92 95.53
N VAL HA 420 -51.05 -83.84 96.23
CA VAL HA 420 -50.47 -85.03 95.63
C VAL HA 420 -51.16 -86.31 96.07
N GLY HA 421 -52.17 -86.21 96.93
CA GLY HA 421 -52.83 -87.39 97.45
C GLY HA 421 -52.21 -87.90 98.73
N LYS HA 422 -52.03 -87.00 99.69
CA LYS HA 422 -51.41 -87.33 100.96
C LYS HA 422 -52.22 -86.75 102.12
N TYR HA 423 -52.09 -87.39 103.27
CA TYR HA 423 -52.70 -86.92 104.51
C TYR HA 423 -51.60 -86.83 105.56
N ILE HA 424 -51.47 -85.66 106.18
CA ILE HA 424 -50.41 -85.40 107.15
C ILE HA 424 -51.05 -85.12 108.50
N LEU HA 425 -50.62 -85.86 109.52
CA LEU HA 425 -51.19 -85.70 110.85
C LEU HA 425 -50.80 -84.36 111.46
N ILE HA 426 -51.75 -83.77 112.19
CA ILE HA 426 -51.50 -82.51 112.90
C ILE HA 426 -50.84 -82.84 114.23
N LYS HA 427 -49.71 -82.20 114.50
CA LYS HA 427 -48.95 -82.49 115.71
C LYS HA 427 -48.97 -81.31 116.67
N LYS HA 428 -48.82 -81.63 117.95
CA LYS HA 428 -48.75 -80.60 118.99
C LYS HA 428 -47.59 -79.65 118.75
N LYS HA 429 -46.43 -80.22 118.39
CA LYS HA 429 -45.28 -79.39 118.06
C LYS HA 429 -45.60 -78.49 116.88
N ASP HA 430 -46.32 -79.02 115.88
CA ASP HA 430 -46.64 -78.22 114.71
C ASP HA 430 -47.55 -77.05 115.06
N VAL HA 431 -48.60 -77.31 115.83
CA VAL HA 431 -49.53 -76.24 116.16
C VAL HA 431 -48.86 -75.19 117.04
N TRP HA 432 -48.03 -75.63 117.99
CA TRP HA 432 -47.39 -74.66 118.85
C TRP HA 432 -46.37 -73.85 118.06
N ALA HA 433 -45.69 -74.49 117.11
CA ALA HA 433 -44.79 -73.77 116.22
C ALA HA 433 -45.55 -72.76 115.38
N PHE HA 434 -46.74 -73.13 114.90
CA PHE HA 434 -47.54 -72.19 114.13
C PHE HA 434 -47.89 -70.97 114.95
N ILE HA 435 -48.32 -71.17 116.20
CA ILE HA 435 -48.66 -70.01 117.01
C ILE HA 435 -47.43 -69.19 117.35
N GLU HA 436 -46.27 -69.83 117.54
CA GLU HA 436 -45.06 -69.09 117.79
C GLU HA 436 -44.67 -68.24 116.58
N THR HA 437 -44.79 -68.81 115.38
CA THR HA 437 -44.55 -68.03 114.16
C THR HA 437 -45.52 -66.87 114.05
N LEU HA 438 -46.78 -67.10 114.46
CA LEU HA 438 -47.73 -66.00 114.52
C LEU HA 438 -47.24 -64.91 115.46
N GLY HA 439 -46.62 -65.30 116.57
CA GLY HA 439 -45.90 -64.36 117.41
C GLY HA 439 -46.76 -63.32 118.11
N TYR HA 440 -47.92 -63.70 118.62
CA TYR HA 440 -48.73 -62.85 119.47
C TYR HA 440 -48.60 -63.23 120.94
N PHE HA 441 -47.50 -63.87 121.30
CA PHE HA 441 -47.25 -64.35 122.65
C PHE HA 441 -46.14 -63.52 123.29
N ARG HA 442 -46.30 -63.22 124.57
CA ARG HA 442 -45.27 -62.56 125.35
C ARG HA 442 -44.74 -63.45 126.46
N ASP HA 443 -45.64 -64.03 127.25
CA ASP HA 443 -45.26 -65.02 128.26
C ASP HA 443 -46.48 -65.92 128.46
N PHE HA 444 -46.49 -67.06 127.79
CA PHE HA 444 -47.65 -67.94 127.80
C PHE HA 444 -47.22 -69.38 128.01
N TYR HA 445 -48.21 -70.21 128.31
CA TYR HA 445 -48.00 -71.63 128.53
C TYR HA 445 -49.19 -72.38 127.97
N LEU HA 446 -48.93 -73.51 127.31
CA LEU HA 446 -49.94 -74.23 126.56
C LEU HA 446 -50.16 -75.61 127.16
N GLU HA 447 -51.42 -76.02 127.19
CA GLU HA 447 -51.80 -77.39 127.56
C GLU HA 447 -52.76 -77.92 126.52
N PHE HA 448 -52.73 -79.22 126.31
CA PHE HA 448 -53.60 -79.88 125.34
C PHE HA 448 -54.66 -80.68 126.08
N VAL HA 449 -55.92 -80.43 125.74
CA VAL HA 449 -57.06 -81.04 126.41
C VAL HA 449 -57.71 -82.02 125.44
N GLU HA 450 -57.95 -83.24 125.91
CA GLU HA 450 -58.63 -84.27 125.13
C GLU HA 450 -57.90 -84.52 123.82
N TRP HA 451 -56.61 -84.86 123.96
CA TRP HA 451 -55.79 -85.15 122.80
C TRP HA 451 -56.17 -86.50 122.21
N ASN HA 452 -57.07 -86.49 121.24
CA ASN HA 452 -57.51 -87.72 120.57
C ASN HA 452 -56.48 -88.06 119.50
N GLU HA 453 -55.56 -88.97 119.82
CA GLU HA 453 -54.54 -89.36 118.88
C GLU HA 453 -55.14 -90.10 117.69
N SER HA 454 -54.66 -89.79 116.50
CA SER HA 454 -55.15 -90.38 115.27
C SER HA 454 -54.12 -91.34 114.70
N ASN HA 455 -54.61 -92.48 114.20
CA ASN HA 455 -53.72 -93.46 113.58
C ASN HA 455 -53.10 -92.95 112.30
N GLY HA 456 -53.64 -91.90 111.70
CA GLY HA 456 -53.17 -91.40 110.43
C GLY HA 456 -53.73 -92.11 109.22
N PHE HA 457 -54.63 -93.08 109.40
CA PHE HA 457 -55.21 -93.81 108.29
C PHE HA 457 -56.51 -93.16 107.82
N TYR HA 458 -57.48 -93.05 108.73
CA TYR HA 458 -58.75 -92.42 108.41
C TYR HA 458 -59.25 -91.48 109.49
N ASP HA 459 -58.69 -91.49 110.69
CA ASP HA 459 -59.15 -90.60 111.74
C ASP HA 459 -58.79 -89.16 111.42
N PHE HA 460 -59.75 -88.26 111.63
CA PHE HA 460 -59.60 -86.85 111.30
C PHE HA 460 -59.27 -86.08 112.57
N VAL HA 461 -57.99 -85.93 112.84
CA VAL HA 461 -57.53 -85.12 113.95
C VAL HA 461 -57.47 -83.66 113.51
N TYR HA 462 -57.90 -82.77 114.39
CA TYR HA 462 -57.91 -81.35 114.09
C TYR HA 462 -58.08 -80.58 115.39
N LEU HA 463 -57.57 -79.36 115.40
CA LEU HA 463 -57.66 -78.51 116.58
C LEU HA 463 -59.08 -77.99 116.75
N ASP HA 464 -59.60 -78.08 117.96
CA ASP HA 464 -60.90 -77.48 118.29
C ASP HA 464 -60.67 -76.00 118.57
N THR HA 465 -60.63 -75.22 117.50
CA THR HA 465 -60.38 -73.79 117.62
C THR HA 465 -61.51 -73.09 118.38
N GLU HA 466 -62.75 -73.48 118.10
CA GLU HA 466 -63.88 -72.80 118.72
C GLU HA 466 -63.88 -72.98 120.23
N ASN HA 467 -63.54 -74.16 120.72
CA ASN HA 467 -63.59 -74.47 122.14
C ASN HA 467 -62.25 -74.25 122.84
N SER HA 468 -61.27 -73.69 122.14
CA SER HA 468 -59.95 -73.49 122.74
C SER HA 468 -60.02 -72.45 123.86
N THR HA 469 -59.30 -72.72 124.94
CA THR HA 469 -59.30 -71.85 126.12
C THR HA 469 -58.17 -70.85 125.99
N PHE HA 470 -58.50 -69.57 126.09
CA PHE HA 470 -57.56 -68.47 125.86
C PHE HA 470 -57.55 -67.58 127.10
N ASN HA 471 -56.77 -67.98 128.11
CA ASN HA 471 -56.59 -67.16 129.30
C ASN HA 471 -55.51 -66.12 129.03
N ILE HA 472 -55.87 -65.17 128.18
CA ILE HA 472 -54.98 -64.10 127.75
C ILE HA 472 -55.16 -62.91 128.67
N SER HA 473 -54.05 -62.38 129.19
CA SER HA 473 -54.11 -61.20 130.04
C SER HA 473 -53.13 -60.14 129.54
N TYR HA 474 -52.92 -59.10 130.32
CA TYR HA 474 -51.99 -58.03 129.94
C TYR HA 474 -50.81 -58.04 130.90
N GLU HA 475 -49.62 -57.81 130.36
CA GLU HA 475 -48.39 -57.73 131.15
C GLU HA 475 -48.25 -56.32 131.72
N GLU HA 476 -49.08 -56.01 132.71
CA GLU HA 476 -48.91 -54.78 133.47
C GLU HA 476 -47.80 -54.95 134.51
N GLU HA 477 -47.74 -53.97 135.41
CA GLU HA 477 -46.84 -53.97 136.56
C GLU HA 477 -47.12 -55.17 137.45
N MET IA 1 33.39 -109.54 37.08
CA MET IA 1 33.16 -108.48 38.06
C MET IA 1 32.39 -107.32 37.43
N SER IA 2 33.11 -106.28 37.02
CA SER IA 2 32.48 -105.10 36.45
C SER IA 2 33.45 -104.43 35.48
N LYS IA 3 32.89 -103.58 34.62
CA LYS IA 3 33.65 -102.84 33.62
C LYS IA 3 33.40 -101.35 33.75
N THR IA 4 34.43 -100.55 33.52
CA THR IA 4 34.34 -99.10 33.60
C THR IA 4 35.16 -98.48 32.47
N THR IA 5 34.81 -97.24 32.12
CA THR IA 5 35.55 -96.47 31.14
C THR IA 5 35.35 -94.99 31.42
N PRO IA 6 36.39 -94.16 31.26
CA PRO IA 6 36.24 -92.74 31.58
C PRO IA 6 35.35 -92.01 30.59
N THR IA 7 34.83 -90.87 31.04
CA THR IA 7 33.83 -90.14 30.29
C THR IA 7 34.42 -89.47 29.06
N LYS IA 8 33.57 -88.78 28.31
CA LYS IA 8 34.00 -88.19 27.04
C LYS IA 8 34.97 -87.03 27.25
N ASP IA 9 34.62 -86.09 28.12
CA ASP IA 9 35.49 -84.94 28.33
C ASP IA 9 36.83 -85.41 28.89
N SER IA 10 36.79 -86.37 29.82
CA SER IA 10 38.01 -87.00 30.30
C SER IA 10 38.83 -87.54 29.14
N ILE IA 11 38.29 -88.51 28.40
CA ILE IA 11 39.08 -89.19 27.37
C ILE IA 11 39.66 -88.17 26.40
N ARG IA 12 38.89 -87.11 26.12
CA ARG IA 12 39.44 -86.03 25.32
C ARG IA 12 40.66 -85.41 26.00
N ALA IA 13 40.55 -85.18 27.31
CA ALA IA 13 41.62 -84.49 28.04
C ALA IA 13 42.89 -85.33 28.07
N GLU IA 14 42.79 -86.60 28.47
CA GLU IA 14 44.00 -87.40 28.46
C GLU IA 14 44.51 -87.65 27.06
N PHE IA 15 43.62 -87.72 26.06
CA PHE IA 15 44.08 -87.89 24.69
C PHE IA 15 44.91 -86.69 24.25
N GLU IA 16 44.42 -85.48 24.53
CA GLU IA 16 45.17 -84.31 24.11
C GLU IA 16 46.47 -84.18 24.90
N GLU IA 17 46.47 -84.55 26.19
CA GLU IA 17 47.72 -84.41 26.92
C GLU IA 17 48.75 -85.43 26.43
N LEU IA 18 48.31 -86.63 26.01
CA LEU IA 18 49.28 -87.58 25.50
C LEU IA 18 49.75 -87.23 24.10
N VAL IA 19 48.88 -86.62 23.28
CA VAL IA 19 49.36 -86.16 21.99
C VAL IA 19 50.22 -84.91 22.13
N GLU IA 20 50.14 -84.23 23.26
CA GLU IA 20 51.02 -83.09 23.50
C GLU IA 20 52.46 -83.51 23.72
N LYS IA 21 52.79 -84.78 23.51
CA LYS IA 21 54.14 -85.25 23.79
C LYS IA 21 55.14 -84.65 22.82
N ASP IA 22 54.86 -84.73 21.53
CA ASP IA 22 55.81 -84.22 20.55
C ASP IA 22 55.65 -82.72 20.45
N SER IA 23 56.75 -82.00 20.66
CA SER IA 23 56.71 -80.55 20.68
C SER IA 23 56.27 -79.98 19.34
N PHE IA 24 56.50 -80.69 18.25
CA PHE IA 24 56.17 -80.17 16.93
C PHE IA 24 54.68 -80.25 16.63
N TRP IA 25 53.92 -81.04 17.39
CA TRP IA 25 52.48 -81.12 17.21
C TRP IA 25 51.73 -80.94 18.53
N SER IA 26 52.45 -80.65 19.61
CA SER IA 26 51.82 -80.56 20.92
C SER IA 26 50.84 -79.40 21.01
N LYS IA 27 51.16 -78.29 20.35
CA LYS IA 27 50.47 -77.02 20.60
C LYS IA 27 49.29 -76.79 19.68
N PHE IA 28 48.97 -77.75 18.81
CA PHE IA 28 47.75 -77.70 18.03
C PHE IA 28 46.51 -77.80 18.92
N VAL IA 29 46.68 -78.21 20.18
CA VAL IA 29 45.57 -78.26 21.11
C VAL IA 29 44.94 -76.88 21.23
N GLY IA 30 43.64 -76.86 21.56
CA GLY IA 30 42.87 -75.65 21.61
C GLY IA 30 42.25 -75.25 20.29
N SER IA 31 42.65 -75.89 19.19
CA SER IA 31 42.17 -75.55 17.87
C SER IA 31 41.00 -76.44 17.45
N GLN IA 32 40.22 -75.93 16.50
CA GLN IA 32 39.11 -76.74 16.02
C GLN IA 32 39.60 -77.96 15.26
N PHE IA 33 40.85 -77.95 14.81
CA PHE IA 33 41.48 -79.14 14.24
C PHE IA 33 41.46 -80.29 15.23
N VAL IA 34 42.15 -80.09 16.36
CA VAL IA 34 42.25 -81.15 17.35
C VAL IA 34 40.88 -81.47 17.91
N SER IA 35 40.02 -80.47 18.08
CA SER IA 35 38.70 -80.76 18.65
C SER IA 35 37.86 -81.60 17.71
N MET IA 36 37.94 -81.35 16.40
CA MET IA 36 37.14 -82.15 15.47
C MET IA 36 37.67 -83.57 15.40
N LEU IA 37 38.99 -83.74 15.29
CA LEU IA 37 39.50 -85.11 15.26
C LEU IA 37 39.19 -85.82 16.57
N THR IA 38 39.22 -85.09 17.68
CA THR IA 38 38.95 -85.67 18.98
C THR IA 38 37.50 -86.09 19.12
N LEU IA 39 36.58 -85.22 18.68
CA LEU IA 39 35.17 -85.60 18.74
C LEU IA 39 34.88 -86.75 17.81
N PHE IA 40 35.60 -86.85 16.69
CA PHE IA 40 35.38 -87.99 15.79
C PHE IA 40 35.78 -89.30 16.45
N ILE IA 41 36.99 -89.33 17.03
CA ILE IA 41 37.43 -90.56 17.67
C ILE IA 41 36.55 -90.88 18.89
N THR IA 42 36.13 -89.86 19.63
CA THR IA 42 35.28 -90.11 20.78
C THR IA 42 33.92 -90.64 20.36
N GLN IA 43 33.36 -90.13 19.25
CA GLN IA 43 32.06 -90.62 18.82
C GLN IA 43 32.15 -92.06 18.34
N ILE IA 44 33.24 -92.42 17.66
CA ILE IA 44 33.34 -93.80 17.18
C ILE IA 44 33.54 -94.75 18.34
N VAL IA 45 34.37 -94.38 19.32
CA VAL IA 45 34.54 -95.25 20.47
C VAL IA 45 33.26 -95.28 21.31
N TYR IA 46 32.53 -94.16 21.34
CA TYR IA 46 31.25 -94.15 22.03
C TYR IA 46 30.31 -95.16 21.42
N ARG IA 47 30.25 -95.19 20.08
CA ARG IA 47 29.39 -96.16 19.41
C ARG IA 47 29.79 -97.57 19.81
N CYS IA 48 31.06 -97.91 19.62
CA CYS IA 48 31.46 -99.30 19.87
C CYS IA 48 31.18 -99.68 21.33
N PHE IA 49 31.56 -98.81 22.25
CA PHE IA 49 31.43 -99.10 23.68
C PHE IA 49 29.98 -99.30 24.07
N GLN IA 50 29.18 -98.24 24.01
CA GLN IA 50 27.82 -98.39 24.53
C GLN IA 50 26.94 -99.24 23.62
N TYR IA 51 27.31 -99.47 22.37
CA TYR IA 51 26.51 -100.42 21.62
C TYR IA 51 26.82 -101.85 22.07
N ALA IA 52 28.08 -102.13 22.42
CA ALA IA 52 28.37 -103.41 23.07
C ALA IA 52 27.65 -103.51 24.41
N ASP IA 53 27.60 -102.39 25.14
CA ASP IA 53 26.88 -102.38 26.41
C ASP IA 53 25.40 -102.70 26.21
N ALA IA 54 24.79 -102.11 25.19
CA ALA IA 54 23.40 -102.41 24.89
C ALA IA 54 23.22 -103.87 24.48
N ALA IA 55 24.19 -104.42 23.74
CA ALA IA 55 24.10 -105.82 23.35
C ALA IA 55 24.12 -106.73 24.56
N LEU IA 56 25.07 -106.49 25.47
CA LEU IA 56 25.13 -107.33 26.67
C LEU IA 56 23.90 -107.14 27.55
N ALA IA 57 23.33 -105.93 27.54
CA ALA IA 57 22.11 -105.70 28.30
C ALA IA 57 20.94 -106.49 27.72
N GLU IA 58 20.73 -106.38 26.40
CA GLU IA 58 19.67 -107.13 25.75
C GLU IA 58 19.90 -108.62 25.82
N GLY IA 59 21.12 -109.06 26.10
CA GLY IA 59 21.38 -110.48 26.27
C GLY IA 59 20.61 -111.12 27.40
N PHE IA 60 19.99 -110.33 28.27
CA PHE IA 60 19.24 -110.86 29.39
C PHE IA 60 17.76 -111.00 29.05
N ILE IA 61 17.09 -111.90 29.77
CA ILE IA 61 15.72 -112.25 29.43
C ILE IA 61 14.75 -111.12 29.78
N SER IA 62 14.87 -110.56 30.99
CA SER IA 62 13.92 -109.55 31.42
C SER IA 62 14.26 -108.16 30.91
N THR IA 63 15.45 -107.98 30.36
CA THR IA 63 15.87 -106.70 29.81
C THR IA 63 15.42 -106.48 28.38
N ALA IA 64 14.85 -107.50 27.74
CA ALA IA 64 14.41 -107.36 26.36
C ALA IA 64 13.19 -106.46 26.29
N THR IA 65 13.30 -105.37 25.53
CA THR IA 65 12.17 -104.48 25.29
C THR IA 65 11.73 -104.47 23.85
N ARG IA 66 12.66 -104.64 22.92
CA ARG IA 66 12.30 -104.66 21.50
C ARG IA 66 11.37 -105.84 21.24
N ARG IA 67 10.42 -105.61 20.32
CA ARG IA 67 9.54 -106.68 19.88
C ARG IA 67 10.36 -107.88 19.39
N SER IA 68 11.39 -107.61 18.60
CA SER IA 68 12.27 -108.68 18.13
C SER IA 68 12.97 -109.36 19.28
N SER IA 69 13.47 -108.58 20.26
CA SER IA 69 14.18 -109.17 21.39
C SER IA 69 13.26 -110.08 22.19
N ILE IA 70 12.06 -109.62 22.47
CA ILE IA 70 11.16 -110.42 23.30
C ILE IA 70 10.63 -111.62 22.53
N LEU IA 71 10.41 -111.49 21.22
CA LEU IA 71 10.03 -112.67 20.44
C LEU IA 71 11.17 -113.67 20.33
N ALA IA 72 12.42 -113.20 20.27
CA ALA IA 72 13.55 -114.11 20.33
C ALA IA 72 13.59 -114.83 21.67
N ALA IA 73 13.33 -114.11 22.75
CA ALA IA 73 13.26 -114.74 24.06
C ALA IA 73 12.15 -115.79 24.10
N ALA IA 74 10.99 -115.49 23.51
CA ALA IA 74 9.89 -116.43 23.49
C ALA IA 74 10.23 -117.66 22.67
N GLU IA 75 10.89 -117.47 21.52
CA GLU IA 75 11.34 -118.60 20.72
C GLU IA 75 12.32 -119.46 21.49
N THR IA 76 13.23 -118.83 22.23
CA THR IA 76 14.17 -119.59 23.06
C THR IA 76 13.44 -120.34 24.16
N ASN IA 77 12.38 -119.76 24.71
CA ASN IA 77 11.56 -120.43 25.72
C ASN IA 77 10.55 -121.39 25.11
N SER IA 78 10.52 -121.52 23.79
CA SER IA 78 9.60 -122.42 23.09
C SER IA 78 8.16 -122.04 23.36
N TYR IA 79 7.88 -120.74 23.32
CA TYR IA 79 6.52 -120.23 23.45
C TYR IA 79 6.30 -119.15 22.41
N VAL IA 80 5.05 -118.97 22.00
CA VAL IA 80 4.66 -117.95 21.04
C VAL IA 80 3.64 -117.04 21.70
N GLY IA 81 3.90 -115.73 21.62
CA GLY IA 81 2.98 -114.78 22.20
C GLY IA 81 1.64 -114.74 21.47
N THR IA 82 0.63 -114.25 22.18
CA THR IA 82 -0.73 -114.22 21.65
C THR IA 82 -0.83 -113.17 20.55
N LYS IA 83 -0.88 -113.61 19.30
CA LYS IA 83 -0.99 -112.71 18.17
C LYS IA 83 -2.42 -112.19 18.05
N PRO IA 84 -2.59 -111.02 17.42
CA PRO IA 84 -3.95 -110.51 17.18
C PRO IA 84 -4.76 -111.48 16.34
N THR IA 85 -6.05 -111.59 16.65
CA THR IA 85 -6.97 -112.43 15.92
C THR IA 85 -8.14 -111.60 15.42
N PRO IA 86 -8.44 -111.61 14.12
CA PRO IA 86 -9.53 -110.79 13.60
C PRO IA 86 -10.87 -111.25 14.12
N SER IA 87 -11.80 -110.30 14.23
CA SER IA 87 -13.17 -110.64 14.59
C SER IA 87 -13.83 -111.40 13.45
N SER IA 88 -14.65 -112.38 13.81
CA SER IA 88 -15.36 -113.20 12.83
C SER IA 88 -16.85 -113.17 13.13
N GLY IA 89 -17.65 -113.28 12.09
CA GLY IA 89 -19.09 -113.27 12.28
C GLY IA 89 -19.83 -113.43 10.97
N MET IA 90 -21.12 -113.10 11.03
CA MET IA 90 -22.06 -113.42 9.97
C MET IA 90 -22.36 -112.17 9.14
N ILE IA 91 -22.56 -112.38 7.84
CA ILE IA 91 -22.90 -111.31 6.91
C ILE IA 91 -23.99 -111.82 5.98
N GLU IA 92 -24.94 -110.94 5.64
CA GLU IA 92 -26.02 -111.30 4.74
C GLU IA 92 -25.58 -111.09 3.30
N ILE IA 93 -26.02 -111.98 2.41
CA ILE IA 93 -25.69 -111.90 0.99
C ILE IA 93 -26.98 -111.96 0.19
N THR IA 94 -27.25 -110.92 -0.60
CA THR IA 94 -28.44 -110.85 -1.43
C THR IA 94 -28.05 -110.84 -2.90
N ALA IA 95 -28.94 -111.39 -3.73
CA ALA IA 95 -28.72 -111.41 -5.18
C ALA IA 95 -29.46 -110.24 -5.82
N THR IA 96 -28.74 -109.46 -6.64
CA THR IA 96 -29.34 -108.32 -7.34
C THR IA 96 -29.83 -108.67 -8.73
N SER IA 97 -29.56 -109.88 -9.21
CA SER IA 97 -29.95 -110.27 -10.56
C SER IA 97 -30.01 -111.79 -10.65
N GLU IA 98 -30.70 -112.27 -11.68
CA GLU IA 98 -30.78 -113.72 -11.90
C GLU IA 98 -29.43 -114.31 -12.24
N ASP IA 99 -28.53 -113.49 -12.79
CA ASP IA 99 -27.19 -113.95 -13.13
C ASP IA 99 -26.34 -114.24 -11.90
N ALA IA 100 -26.78 -113.82 -10.73
CA ALA IA 100 -26.03 -114.09 -9.51
C ALA IA 100 -26.08 -115.57 -9.19
N PRO IA 101 -24.94 -116.26 -9.07
CA PRO IA 101 -24.97 -117.68 -8.74
C PRO IA 101 -25.45 -117.90 -7.31
N ALA IA 102 -26.31 -118.89 -7.15
CA ALA IA 102 -26.86 -119.20 -5.83
C ALA IA 102 -25.82 -119.76 -4.88
N VAL IA 103 -24.65 -120.17 -5.39
CA VAL IA 103 -23.60 -120.76 -4.57
C VAL IA 103 -22.39 -119.83 -4.62
N ILE IA 104 -21.95 -119.37 -3.45
CA ILE IA 104 -20.75 -118.56 -3.34
C ILE IA 104 -19.75 -119.34 -2.48
N PRO IA 105 -18.62 -119.75 -3.03
CA PRO IA 105 -17.72 -120.63 -2.28
C PRO IA 105 -16.86 -119.87 -1.28
N LYS IA 106 -16.34 -120.64 -0.33
CA LYS IA 106 -15.23 -120.23 0.53
C LYS IA 106 -14.04 -119.79 -0.31
N ASN IA 107 -13.09 -119.10 0.32
CA ASN IA 107 -11.84 -118.69 -0.31
C ASN IA 107 -12.08 -117.61 -1.36
N MET IA 108 -12.94 -116.65 -1.02
CA MET IA 108 -13.11 -115.48 -1.87
C MET IA 108 -12.98 -114.22 -1.03
N PRO IA 109 -12.38 -113.17 -1.56
CA PRO IA 109 -12.18 -111.95 -0.78
C PRO IA 109 -13.35 -110.99 -0.93
N LEU IA 110 -13.45 -110.10 0.05
CA LEU IA 110 -14.45 -109.05 0.04
C LEU IA 110 -13.78 -107.74 0.38
N ILE IA 111 -14.03 -106.72 -0.44
CA ILE IA 111 -13.35 -105.43 -0.33
C ILE IA 111 -14.27 -104.45 0.38
N SER IA 112 -13.79 -103.94 1.51
CA SER IA 112 -14.51 -102.93 2.28
C SER IA 112 -14.31 -101.55 1.65
N ASP IA 113 -14.91 -100.54 2.28
CA ASP IA 113 -14.63 -99.17 1.86
C ASP IA 113 -13.17 -98.80 2.08
N ASP IA 114 -12.49 -99.47 3.00
CA ASP IA 114 -11.05 -99.33 3.18
C ASP IA 114 -10.29 -100.49 2.55
N GLN IA 115 -10.95 -101.27 1.70
CA GLN IA 115 -10.37 -102.45 1.06
C GLN IA 115 -9.73 -103.37 2.10
N TYR IA 116 -10.47 -103.62 3.17
CA TYR IA 116 -10.06 -104.61 4.13
C TYR IA 116 -10.53 -105.97 3.66
N PRO IA 117 -9.63 -106.91 3.37
CA PRO IA 117 -10.04 -108.18 2.75
C PRO IA 117 -10.81 -109.03 3.74
N TYR IA 118 -12.02 -109.40 3.35
CA TYR IA 118 -12.90 -110.19 4.19
C TYR IA 118 -13.00 -111.58 3.59
N MET IA 119 -12.24 -112.51 4.16
CA MET IA 119 -12.25 -113.88 3.71
C MET IA 119 -13.55 -114.56 4.12
N THR IA 120 -14.06 -115.41 3.24
CA THR IA 120 -15.23 -116.24 3.50
C THR IA 120 -14.78 -117.66 3.83
N MET IA 121 -15.46 -118.28 4.79
CA MET IA 121 -15.06 -119.58 5.28
C MET IA 121 -16.09 -120.67 5.04
N ASP IA 122 -17.20 -120.37 4.38
CA ASP IA 122 -18.28 -121.34 4.20
C ASP IA 122 -18.78 -121.26 2.76
N VAL IA 123 -19.90 -121.91 2.50
CA VAL IA 123 -20.55 -121.86 1.20
C VAL IA 123 -21.88 -121.14 1.36
N CYS IA 124 -22.00 -119.99 0.71
CA CYS IA 124 -23.21 -119.19 0.77
C CYS IA 124 -24.24 -119.74 -0.20
N ARG IA 125 -25.38 -120.18 0.33
CA ARG IA 125 -26.49 -120.66 -0.47
C ARG IA 125 -27.57 -119.58 -0.48
N LEU IA 126 -27.78 -118.97 -1.65
CA LEU IA 126 -28.82 -117.96 -1.78
C LEU IA 126 -30.17 -118.65 -1.81
N VAL IA 127 -30.99 -118.40 -0.79
CA VAL IA 127 -32.36 -118.88 -0.74
C VAL IA 127 -33.26 -117.73 -1.17
N ASP IA 128 -33.85 -117.85 -2.35
CA ASP IA 128 -34.65 -116.78 -2.95
C ASP IA 128 -33.84 -115.49 -3.05
N GLY IA 129 -32.58 -115.62 -3.44
CA GLY IA 129 -31.68 -114.49 -3.56
C GLY IA 129 -31.04 -114.06 -2.26
N THR IA 130 -31.32 -114.75 -1.15
CA THR IA 130 -30.79 -114.40 0.16
C THR IA 130 -29.86 -115.51 0.63
N GLY IA 131 -28.63 -115.15 0.98
CA GLY IA 131 -27.66 -116.13 1.42
C GLY IA 131 -26.79 -115.59 2.52
N THR IA 132 -26.07 -116.51 3.17
CA THR IA 132 -25.22 -116.20 4.30
C THR IA 132 -23.93 -117.02 4.22
N VAL IA 133 -22.85 -116.44 4.73
CA VAL IA 133 -21.56 -117.14 4.79
C VAL IA 133 -20.74 -116.49 5.89
N GLU IA 134 -19.90 -117.29 6.55
CA GLU IA 134 -19.04 -116.77 7.60
C GLU IA 134 -17.92 -115.91 7.01
N VAL IA 135 -17.75 -114.72 7.55
CA VAL IA 135 -16.85 -113.71 7.00
C VAL IA 135 -15.97 -113.17 8.11
N ALA IA 136 -14.67 -113.07 7.84
CA ALA IA 136 -13.77 -112.45 8.80
C ALA IA 136 -12.65 -111.74 8.05
N GLN IA 137 -12.14 -110.65 8.63
CA GLN IA 137 -11.10 -109.86 7.97
C GLN IA 137 -9.81 -110.66 7.96
N LEU IA 138 -9.48 -111.24 6.81
CA LEU IA 138 -8.24 -111.98 6.65
C LEU IA 138 -7.78 -111.89 5.21
N GLU IA 139 -6.48 -112.10 5.02
CA GLU IA 139 -5.89 -112.17 3.69
C GLU IA 139 -4.83 -113.26 3.69
N ILE IA 140 -4.54 -113.79 2.51
CA ILE IA 140 -3.53 -114.82 2.34
C ILE IA 140 -2.42 -114.26 1.47
N GLN IA 141 -1.25 -114.08 2.06
CA GLN IA 141 -0.08 -113.58 1.35
C GLN IA 141 0.85 -114.76 1.08
N GLU IA 142 1.17 -114.97 -0.19
CA GLU IA 142 1.88 -116.16 -0.63
C GLU IA 142 3.28 -115.79 -1.10
N VAL IA 143 4.28 -116.46 -0.53
CA VAL IA 143 5.66 -116.34 -0.98
C VAL IA 143 6.21 -117.74 -1.19
N THR IA 144 7.42 -117.82 -1.72
CA THR IA 144 8.04 -119.11 -1.98
C THR IA 144 9.54 -119.02 -1.72
N TYR IA 145 10.12 -120.19 -1.45
CA TYR IA 145 11.55 -120.31 -1.25
C TYR IA 145 12.07 -121.52 -2.03
N THR IA 146 13.30 -121.40 -2.53
CA THR IA 146 13.97 -122.47 -3.26
C THR IA 146 15.15 -122.97 -2.44
N VAL IA 147 15.30 -124.28 -2.35
CA VAL IA 147 16.29 -124.88 -1.48
C VAL IA 147 17.68 -124.51 -2.01
N THR IA 148 18.34 -123.58 -1.32
CA THR IA 148 19.68 -123.17 -1.72
C THR IA 148 20.72 -124.22 -1.37
N ALA IA 149 20.64 -124.79 -0.18
CA ALA IA 149 21.63 -125.75 0.28
C ALA IA 149 20.99 -126.70 1.28
N ALA IA 150 21.64 -127.85 1.48
CA ALA IA 150 21.16 -128.85 2.43
C ALA IA 150 21.86 -128.66 3.79
N LYS IA 151 21.68 -127.47 4.35
CA LYS IA 151 22.23 -127.14 5.65
C LYS IA 151 21.22 -127.49 6.75
N GLU IA 152 21.69 -128.14 7.80
CA GLU IA 152 20.80 -128.52 8.89
C GLU IA 152 20.27 -127.30 9.62
N PHE IA 153 18.94 -127.27 9.80
CA PHE IA 153 18.25 -126.08 10.28
C PHE IA 153 18.59 -124.87 9.42
N LEU IA 154 18.49 -125.08 8.11
CA LEU IA 154 18.61 -124.00 7.14
C LEU IA 154 17.55 -122.95 7.42
N GLU IA 155 17.98 -121.68 7.41
CA GLU IA 155 17.15 -120.57 7.82
C GLU IA 155 16.39 -119.99 6.63
N VAL IA 156 15.08 -119.80 6.80
CA VAL IA 156 14.25 -119.12 5.81
C VAL IA 156 13.40 -118.11 6.57
N VAL IA 157 13.71 -116.83 6.41
CA VAL IA 157 13.08 -115.77 7.17
C VAL IA 157 12.14 -114.98 6.25
N LEU IA 158 11.27 -114.20 6.87
CA LEU IA 158 10.29 -113.39 6.16
C LEU IA 158 10.58 -111.90 6.36
N SER IA 159 9.75 -111.08 5.72
CA SER IA 159 9.90 -109.64 5.78
C SER IA 159 9.33 -109.09 7.10
N LYS IA 160 9.58 -107.80 7.34
CA LYS IA 160 9.10 -107.17 8.56
C LYS IA 160 7.59 -107.14 8.62
N ALA IA 161 6.93 -106.79 7.51
CA ALA IA 161 5.47 -106.75 7.50
C ALA IA 161 4.88 -108.13 7.75
N LEU IA 162 5.46 -109.15 7.11
CA LEU IA 162 4.98 -110.51 7.32
C LEU IA 162 5.17 -110.94 8.75
N THR IA 163 6.32 -110.63 9.34
CA THR IA 163 6.57 -110.93 10.74
C THR IA 163 5.58 -110.18 11.64
N ALA IA 164 5.18 -108.97 11.24
CA ALA IA 164 4.27 -108.19 12.06
C ALA IA 164 2.85 -108.74 12.03
N VAL IA 165 2.36 -109.10 10.84
CA VAL IA 165 0.95 -109.47 10.71
C VAL IA 165 0.77 -110.96 10.38
N CYS IA 166 1.74 -111.80 10.74
CA CYS IA 166 1.63 -113.23 10.49
C CYS IA 166 0.71 -113.86 11.54
N TYR IA 167 -0.60 -113.70 11.31
CA TYR IA 167 -1.57 -114.31 12.21
C TYR IA 167 -1.51 -115.82 12.14
N LYS IA 168 -1.46 -116.38 10.93
CA LYS IA 168 -1.36 -117.82 10.75
C LYS IA 168 -0.37 -118.11 9.63
N LEU IA 169 0.18 -119.31 9.65
CA LEU IA 169 1.17 -119.72 8.66
C LEU IA 169 0.84 -121.10 8.12
N GLU IA 170 1.07 -121.29 6.83
CA GLU IA 170 0.91 -122.58 6.17
C GLU IA 170 2.14 -122.83 5.31
N VAL IA 171 2.77 -123.99 5.48
CA VAL IA 171 4.00 -124.33 4.76
C VAL IA 171 3.70 -125.54 3.89
N PHE IA 172 3.81 -125.35 2.57
CA PHE IA 172 3.57 -126.39 1.60
C PHE IA 172 4.88 -126.68 0.88
N VAL IA 173 5.47 -127.83 1.17
CA VAL IA 173 6.69 -128.26 0.50
C VAL IA 173 6.27 -128.96 -0.79
N THR IA 174 6.44 -128.28 -1.92
CA THR IA 174 6.07 -128.80 -3.22
C THR IA 174 7.33 -129.24 -3.95
N THR IA 175 7.38 -130.52 -4.32
CA THR IA 175 8.44 -131.07 -5.14
C THR IA 175 7.83 -131.52 -6.45
N ASP IA 176 8.37 -131.01 -7.56
CA ASP IA 176 8.06 -131.38 -8.94
C ASP IA 176 6.60 -131.73 -9.16
N GLY IA 177 5.70 -130.95 -8.55
CA GLY IA 177 4.28 -131.20 -8.64
C GLY IA 177 3.67 -131.97 -7.50
N LYS IA 178 4.48 -132.41 -6.53
CA LYS IA 178 3.99 -133.12 -5.36
C LYS IA 178 4.13 -132.21 -4.15
N THR IA 179 3.00 -131.88 -3.53
CA THR IA 179 2.95 -130.96 -2.40
C THR IA 179 2.58 -131.70 -1.13
N THR IA 180 3.37 -131.52 -0.09
CA THR IA 180 3.06 -131.96 1.25
C THR IA 180 2.94 -130.73 2.15
N GLN IA 181 2.35 -130.93 3.33
CA GLN IA 181 2.18 -129.87 4.30
C GLN IA 181 3.10 -130.12 5.49
N TRP IA 182 3.90 -129.12 5.85
CA TRP IA 182 4.72 -129.17 7.04
C TRP IA 182 4.32 -128.05 7.98
N SER IA 183 4.29 -128.37 9.27
CA SER IA 183 3.91 -127.42 10.30
C SER IA 183 5.06 -127.21 11.27
N SER IA 184 4.86 -126.27 12.18
CA SER IA 184 5.84 -125.94 13.20
C SER IA 184 5.50 -126.75 14.45
N SER IA 185 6.44 -127.56 14.91
CA SER IA 185 6.23 -128.44 16.04
C SER IA 185 7.38 -128.29 17.03
N THR IA 186 7.04 -128.08 18.30
CA THR IA 186 8.00 -128.03 19.39
C THR IA 186 7.75 -129.22 20.32
N MET IA 187 8.46 -129.21 21.45
CA MET IA 187 8.32 -130.24 22.48
C MET IA 187 8.58 -131.63 21.88
N PHE IA 188 9.81 -131.78 21.41
CA PHE IA 188 10.20 -133.01 20.73
C PHE IA 188 10.33 -134.15 21.73
N ARG IA 189 9.84 -135.33 21.35
CA ARG IA 189 9.91 -136.49 22.20
C ARG IA 189 9.94 -137.74 21.33
N LEU IA 190 10.35 -138.85 21.95
CA LEU IA 190 10.38 -140.18 21.33
C LEU IA 190 11.53 -140.31 20.34
N ALA IA 191 12.24 -141.44 20.38
CA ALA IA 191 13.43 -141.65 19.57
C ALA IA 191 13.06 -141.78 18.09
N GLY IA 192 14.09 -141.71 17.24
CA GLY IA 192 13.90 -141.82 15.81
C GLY IA 192 13.44 -140.53 15.18
N SER IA 193 13.07 -140.63 13.89
CA SER IA 193 12.58 -139.48 13.14
C SER IA 193 11.18 -139.14 13.64
N LYS IA 194 11.10 -138.20 14.57
CA LYS IA 194 9.83 -137.86 15.19
C LYS IA 194 8.83 -137.38 14.15
N SER IA 195 9.28 -136.52 13.24
CA SER IA 195 8.43 -136.01 12.18
C SER IA 195 9.32 -135.49 11.07
N GLN IA 196 8.71 -135.23 9.92
CA GLN IA 196 9.40 -134.60 8.81
C GLN IA 196 8.73 -133.24 8.58
N VAL IA 197 9.15 -132.27 9.37
CA VAL IA 197 8.66 -130.89 9.32
C VAL IA 197 9.80 -129.96 9.68
N TYR IA 198 9.52 -128.67 9.68
CA TYR IA 198 10.48 -127.64 10.03
C TYR IA 198 10.38 -127.30 11.51
N VAL IA 199 11.13 -126.29 11.95
CA VAL IA 199 10.99 -125.76 13.30
C VAL IA 199 10.96 -124.24 13.22
N GLU IA 200 10.47 -123.63 14.30
CA GLU IA 200 10.31 -122.18 14.34
C GLU IA 200 11.67 -121.49 14.49
N PHE IA 201 11.68 -120.18 14.23
CA PHE IA 201 12.90 -119.41 14.44
C PHE IA 201 12.55 -117.93 14.38
N TYR IA 202 13.31 -117.13 15.12
CA TYR IA 202 13.17 -115.69 15.06
C TYR IA 202 14.55 -115.04 15.01
N LYS IA 203 14.61 -113.87 14.39
CA LYS IA 203 15.84 -113.11 14.25
C LYS IA 203 15.62 -111.69 14.78
N PRO IA 204 16.57 -111.17 15.58
CA PRO IA 204 16.38 -109.86 16.23
C PRO IA 204 16.26 -108.70 15.26
N SER IA 205 16.27 -108.97 13.97
CA SER IA 205 15.93 -107.97 12.97
C SER IA 205 14.43 -107.84 12.80
N GLU IA 206 13.68 -108.25 13.83
CA GLU IA 206 12.22 -108.26 13.80
C GLU IA 206 11.71 -109.17 12.70
N GLN IA 207 12.33 -110.35 12.58
CA GLN IA 207 11.96 -111.28 11.51
C GLN IA 207 11.61 -112.63 12.10
N LEU IA 208 10.61 -113.28 11.51
CA LEU IA 208 10.23 -114.63 11.87
C LEU IA 208 10.53 -115.55 10.70
N GLY IA 209 10.85 -116.80 11.00
CA GLY IA 209 11.20 -117.73 9.95
C GLY IA 209 11.22 -119.15 10.45
N VAL IA 210 11.71 -120.04 9.59
CA VAL IA 210 11.71 -121.46 9.83
C VAL IA 210 13.12 -122.01 9.65
N ARG IA 211 13.36 -123.16 10.26
CA ARG IA 211 14.60 -123.89 10.13
C ARG IA 211 14.30 -125.28 9.60
N PHE IA 212 14.99 -125.64 8.53
CA PHE IA 212 14.87 -126.96 7.93
C PHE IA 212 15.92 -127.86 8.57
N GLY IA 213 15.46 -128.83 9.37
CA GLY IA 213 16.36 -129.72 10.08
C GLY IA 213 16.72 -130.95 9.27
N ASP IA 214 17.63 -131.75 9.83
CA ASP IA 214 18.13 -132.95 9.18
C ASP IA 214 18.08 -134.11 10.15
N GLY IA 215 18.49 -135.28 9.67
CA GLY IA 215 18.51 -136.47 10.49
C GLY IA 215 17.11 -136.86 10.93
N LEU IA 216 16.99 -137.27 12.19
CA LEU IA 216 15.69 -137.64 12.74
C LEU IA 216 14.87 -136.43 13.13
N ILE IA 217 15.45 -135.23 13.11
CA ILE IA 217 14.72 -133.99 13.35
C ILE IA 217 14.39 -133.42 11.98
N GLY IA 218 13.23 -133.81 11.45
CA GLY IA 218 12.80 -133.33 10.16
C GLY IA 218 13.65 -133.87 9.03
N GLN IA 219 13.38 -133.35 7.84
CA GLN IA 219 14.12 -133.70 6.64
C GLN IA 219 14.28 -132.47 5.77
N ILE IA 220 15.38 -132.43 5.03
CA ILE IA 220 15.64 -131.31 4.12
C ILE IA 220 14.92 -131.55 2.80
N PRO IA 221 14.14 -130.59 2.31
CA PRO IA 221 13.60 -130.73 0.96
C PRO IA 221 14.73 -130.75 -0.05
N PRO IA 222 14.56 -131.44 -1.16
CA PRO IA 222 15.62 -131.51 -2.16
C PRO IA 222 15.90 -130.14 -2.77
N GLU IA 223 17.14 -129.96 -3.20
CA GLU IA 223 17.53 -128.73 -3.86
C GLU IA 223 16.69 -128.51 -5.12
N GLY IA 224 16.20 -127.29 -5.28
CA GLY IA 224 15.29 -126.97 -6.36
C GLY IA 224 13.83 -127.14 -6.03
N SER IA 225 13.52 -127.90 -4.98
CA SER IA 225 12.14 -128.01 -4.54
C SER IA 225 11.67 -126.69 -3.95
N THR IA 226 10.38 -126.44 -4.07
CA THR IA 226 9.80 -125.18 -3.64
C THR IA 226 9.13 -125.32 -2.28
N ILE IA 227 9.16 -124.25 -1.51
CA ILE IA 227 8.48 -124.18 -0.23
C ILE IA 227 7.58 -122.96 -0.29
N THR IA 228 6.28 -123.19 -0.42
CA THR IA 228 5.30 -122.13 -0.46
C THR IA 228 4.86 -121.78 0.94
N LEU IA 229 4.89 -120.49 1.25
CA LEU IA 229 4.49 -119.97 2.55
C LEU IA 229 3.25 -119.11 2.35
N LYS IA 230 2.12 -119.62 2.82
CA LYS IA 230 0.84 -118.88 2.76
C LYS IA 230 0.55 -118.35 4.15
N VAL IA 231 0.58 -117.03 4.30
CA VAL IA 231 0.44 -116.39 5.59
C VAL IA 231 -0.95 -115.76 5.66
N TRP IA 232 -1.72 -116.19 6.64
CA TRP IA 232 -3.00 -115.58 6.96
C TRP IA 232 -2.70 -114.33 7.79
N CYS IA 233 -2.94 -113.17 7.21
CA CYS IA 233 -2.67 -111.89 7.83
C CYS IA 233 -3.99 -111.15 8.08
N THR IA 234 -3.94 -110.20 8.99
CA THR IA 234 -5.08 -109.35 9.31
C THR IA 234 -4.55 -108.05 9.92
N ASN IA 235 -5.47 -107.16 10.25
CA ASN IA 235 -5.13 -105.87 10.82
C ASN IA 235 -5.26 -105.83 12.34
N GLY IA 236 -5.53 -106.97 12.97
CA GLY IA 236 -5.74 -107.01 14.40
C GLY IA 236 -7.20 -107.05 14.78
N ASP IA 237 -7.60 -106.26 15.77
CA ASP IA 237 -9.01 -106.17 16.12
C ASP IA 237 -9.79 -105.54 14.97
N ILE IA 238 -10.94 -106.13 14.64
CA ILE IA 238 -11.74 -105.73 13.50
C ILE IA 238 -13.14 -105.40 13.98
N THR IA 239 -13.63 -104.22 13.60
CA THR IA 239 -14.99 -103.78 13.90
C THR IA 239 -15.81 -103.81 12.62
N LEU IA 240 -16.91 -104.55 12.64
CA LEU IA 240 -17.79 -104.66 11.49
C LEU IA 240 -19.21 -104.40 11.97
N VAL IA 241 -19.74 -103.25 11.61
CA VAL IA 241 -21.08 -102.84 12.01
C VAL IA 241 -22.06 -103.19 10.90
N ALA IA 242 -23.26 -103.59 11.28
CA ALA IA 242 -24.29 -103.85 10.30
C ALA IA 242 -24.69 -102.56 9.59
N GLY IA 243 -24.93 -102.66 8.29
CA GLY IA 243 -25.42 -101.51 7.54
C GLY IA 243 -24.48 -101.02 6.46
N GLN IA 244 -23.62 -101.89 5.95
CA GLN IA 244 -22.67 -101.53 4.91
C GLN IA 244 -22.74 -102.52 3.77
N ASN IA 245 -22.19 -102.11 2.62
CA ASN IA 245 -22.17 -102.94 1.42
C ASN IA 245 -20.74 -103.12 0.94
N LEU IA 246 -20.44 -104.33 0.49
CA LEU IA 246 -19.09 -104.71 0.10
C LEU IA 246 -18.90 -104.60 -1.41
N THR IA 247 -17.65 -104.76 -1.83
CA THR IA 247 -17.27 -104.67 -3.23
C THR IA 247 -16.40 -105.87 -3.59
N PRO IA 248 -17.02 -107.01 -3.89
CA PRO IA 248 -16.22 -108.18 -4.32
C PRO IA 248 -15.46 -107.87 -5.59
N VAL IA 249 -14.24 -108.39 -5.67
CA VAL IA 249 -13.34 -108.10 -6.79
C VAL IA 249 -12.74 -109.38 -7.32
N ASP IA 250 -11.79 -109.25 -8.26
CA ASP IA 250 -11.05 -110.36 -8.84
C ASP IA 250 -12.06 -111.24 -9.58
N SER IA 251 -12.19 -112.53 -9.27
CA SER IA 251 -13.16 -113.36 -9.96
C SER IA 251 -14.59 -112.90 -9.72
N ALA IA 252 -14.83 -112.20 -8.61
CA ALA IA 252 -16.15 -111.67 -8.29
C ALA IA 252 -16.28 -110.19 -8.63
N ALA IA 253 -15.30 -109.62 -9.32
CA ALA IA 253 -15.44 -108.24 -9.76
C ALA IA 253 -16.63 -108.07 -10.70
N ASN IA 254 -16.79 -109.01 -11.64
CA ASN IA 254 -17.97 -109.02 -12.48
C ASN IA 254 -19.21 -109.45 -11.73
N LEU IA 255 -19.05 -110.06 -10.56
CA LEU IA 255 -20.18 -110.47 -9.73
C LEU IA 255 -20.62 -109.38 -8.76
N ALA IA 256 -19.85 -108.30 -8.64
CA ALA IA 256 -20.15 -107.27 -7.65
C ALA IA 256 -21.51 -106.63 -7.92
N ASN IA 257 -21.80 -106.31 -9.18
CA ASN IA 257 -23.10 -105.77 -9.52
C ASN IA 257 -24.20 -106.81 -9.47
N LEU IA 258 -23.85 -108.09 -9.62
CA LEU IA 258 -24.85 -109.15 -9.58
C LEU IA 258 -25.16 -109.61 -8.17
N ILE IA 259 -24.19 -109.51 -7.26
CA ILE IA 259 -24.34 -109.96 -5.87
C ILE IA 259 -24.05 -108.78 -4.96
N SER IA 260 -24.99 -108.47 -4.07
CA SER IA 260 -24.80 -107.44 -3.05
C SER IA 260 -24.50 -108.12 -1.72
N VAL IA 261 -23.50 -107.60 -1.01
CA VAL IA 261 -23.13 -108.11 0.30
C VAL IA 261 -23.53 -107.06 1.32
N LYS IA 262 -24.40 -107.43 2.26
CA LYS IA 262 -24.94 -106.50 3.24
C LYS IA 262 -24.54 -106.93 4.63
N THR IA 263 -24.03 -105.97 5.40
CA THR IA 263 -23.69 -106.21 6.79
C THR IA 263 -24.96 -106.18 7.63
N THR IA 264 -25.33 -107.33 8.19
CA THR IA 264 -26.50 -107.42 9.05
C THR IA 264 -26.16 -107.90 10.44
N THR IA 265 -25.24 -108.85 10.56
CA THR IA 265 -24.81 -109.33 11.86
C THR IA 265 -23.54 -108.61 12.25
N PRO IA 266 -23.54 -107.85 13.35
CA PRO IA 266 -22.32 -107.15 13.77
C PRO IA 266 -21.18 -108.13 14.02
N ILE IA 267 -19.97 -107.70 13.64
CA ILE IA 267 -18.77 -108.52 13.83
C ILE IA 267 -17.75 -107.66 14.56
N THR IA 268 -17.41 -108.06 15.77
CA THR IA 268 -16.43 -107.34 16.59
C THR IA 268 -15.77 -108.37 17.51
N ALA IA 269 -15.09 -107.90 18.55
CA ALA IA 269 -14.40 -108.75 19.53
C ALA IA 269 -13.20 -109.46 18.90
N GLY IA 270 -12.40 -108.68 18.17
CA GLY IA 270 -11.10 -109.15 17.74
C GLY IA 270 -10.04 -108.85 18.78
N THR IA 271 -8.82 -109.33 18.52
CA THR IA 271 -7.71 -109.17 19.44
C THR IA 271 -6.59 -108.39 18.78
N ASP IA 272 -5.72 -107.82 19.62
CA ASP IA 272 -4.57 -107.07 19.14
C ASP IA 272 -3.31 -107.53 19.84
N ALA IA 273 -2.20 -106.81 19.65
CA ALA IA 273 -0.93 -107.13 20.29
C ALA IA 273 -0.85 -106.42 21.64
N GLU IA 274 -0.60 -107.18 22.69
CA GLU IA 274 -0.54 -106.64 24.04
C GLU IA 274 0.88 -106.14 24.33
N THR IA 275 1.09 -105.66 25.56
CA THR IA 275 2.30 -104.94 25.89
C THR IA 275 3.51 -105.87 25.95
N THR IA 276 4.69 -105.28 25.73
CA THR IA 276 5.92 -106.07 25.65
C THR IA 276 6.23 -106.76 26.97
N GLU IA 277 6.10 -106.03 28.08
CA GLU IA 277 6.44 -106.60 29.38
C GLU IA 277 5.50 -107.75 29.74
N ILE IA 278 4.21 -107.60 29.44
CA ILE IA 278 3.27 -108.66 29.76
C ILE IA 278 3.48 -109.86 28.84
N THR IA 279 3.85 -109.62 27.58
CA THR IA 279 4.18 -110.74 26.71
C THR IA 279 5.39 -111.50 27.25
N ARG IA 280 6.41 -110.76 27.69
CA ARG IA 280 7.58 -111.40 28.27
C ARG IA 280 7.21 -112.19 29.51
N ASN IA 281 6.39 -111.62 30.37
CA ASN IA 281 5.98 -112.32 31.58
C ASN IA 281 5.19 -113.59 31.24
N ARG IA 282 4.27 -113.48 30.28
CA ARG IA 282 3.50 -114.65 29.88
C ARG IA 282 4.41 -115.73 29.32
N ALA IA 283 5.39 -115.34 28.51
CA ALA IA 283 6.30 -116.33 27.95
C ALA IA 283 7.13 -116.99 29.04
N GLN IA 284 7.63 -116.20 29.98
CA GLN IA 284 8.52 -116.74 31.00
C GLN IA 284 7.78 -117.50 32.09
N TYR IA 285 6.47 -117.36 32.19
CA TYR IA 285 5.72 -118.08 33.20
C TYR IA 285 4.72 -119.08 32.62
N TYR IA 286 4.66 -119.22 31.29
CA TYR IA 286 3.73 -120.18 30.71
C TYR IA 286 4.17 -121.61 30.97
N LEU IA 287 5.42 -121.82 31.38
CA LEU IA 287 5.92 -123.16 31.59
C LEU IA 287 5.25 -123.86 32.77
N ALA IA 288 4.45 -123.14 33.55
CA ALA IA 288 3.65 -123.80 34.59
C ALA IA 288 2.68 -124.80 33.98
N TYR IA 289 2.09 -124.45 32.83
CA TYR IA 289 1.19 -125.36 32.12
C TYR IA 289 2.05 -126.31 31.28
N ASP IA 290 2.57 -127.35 31.94
CA ASP IA 290 3.47 -128.29 31.29
C ASP IA 290 3.17 -129.75 31.63
N ASP IA 291 2.12 -130.02 32.40
CA ASP IA 291 1.80 -131.38 32.86
C ASP IA 291 2.94 -131.98 33.68
N GLN IA 292 3.72 -131.14 34.36
CA GLN IA 292 4.81 -131.63 35.20
C GLN IA 292 4.20 -132.19 36.48
N VAL IA 293 3.94 -133.48 36.48
CA VAL IA 293 3.38 -134.20 37.61
C VAL IA 293 4.46 -135.10 38.20
N VAL IA 294 4.74 -134.95 39.49
CA VAL IA 294 5.85 -135.61 40.13
C VAL IA 294 5.48 -136.33 41.42
N TRP IA 295 4.24 -136.25 41.88
CA TRP IA 295 3.80 -137.06 43.02
C TRP IA 295 2.34 -137.45 42.86
N GLY IA 296 1.94 -138.43 43.67
CA GLY IA 296 0.55 -138.88 43.65
C GLY IA 296 -0.42 -137.77 44.01
N GLY IA 297 -0.01 -136.88 44.92
CA GLY IA 297 -0.82 -135.69 45.18
C GLY IA 297 -0.97 -134.82 43.95
N ASP IA 298 0.11 -134.71 43.16
CA ASP IA 298 0.01 -133.98 41.90
C ASP IA 298 -0.98 -134.66 40.97
N TYR IA 299 -0.93 -135.99 40.90
CA TYR IA 299 -1.91 -136.72 40.10
C TYR IA 299 -3.33 -136.40 40.55
N THR IA 300 -3.58 -136.48 41.85
CA THR IA 300 -4.93 -136.25 42.37
C THR IA 300 -5.38 -134.83 42.08
N TYR IA 301 -4.50 -133.85 42.28
CA TYR IA 301 -4.82 -132.47 42.01
C TYR IA 301 -5.17 -132.28 40.54
N PHE IA 302 -4.38 -132.86 39.64
CA PHE IA 302 -4.63 -132.67 38.22
C PHE IA 302 -5.91 -133.36 37.79
N LEU IA 303 -6.18 -134.55 38.32
CA LEU IA 303 -7.45 -135.22 38.03
C LEU IA 303 -8.62 -134.37 38.52
N VAL IA 304 -8.50 -133.79 39.71
CA VAL IA 304 -9.58 -132.94 40.22
C VAL IA 304 -9.78 -131.73 39.32
N ARG IA 305 -8.69 -131.08 38.92
CA ARG IA 305 -8.80 -129.88 38.10
C ARG IA 305 -9.24 -130.19 36.68
N ASN IA 306 -9.07 -131.43 36.23
CA ASN IA 306 -9.45 -131.81 34.87
C ASN IA 306 -10.86 -132.38 34.78
N ILE IA 307 -11.35 -133.01 35.84
CA ILE IA 307 -12.68 -133.58 35.83
C ILE IA 307 -13.56 -132.78 36.78
N PRO IA 308 -14.43 -131.92 36.26
CA PRO IA 308 -15.35 -131.18 37.13
C PRO IA 308 -16.37 -132.10 37.78
N GLY IA 309 -16.88 -131.67 38.92
CA GLY IA 309 -17.93 -132.38 39.61
C GLY IA 309 -17.48 -133.50 40.50
N LEU IA 310 -16.19 -133.70 40.69
CA LEU IA 310 -15.71 -134.76 41.55
C LEU IA 310 -15.97 -134.40 43.02
N SER IA 311 -16.59 -135.32 43.76
CA SER IA 311 -16.72 -135.12 45.19
C SER IA 311 -15.35 -135.06 45.84
N TRP IA 312 -14.47 -135.98 45.46
CA TRP IA 312 -13.11 -135.99 45.97
C TRP IA 312 -12.34 -137.06 45.21
N VAL IA 313 -11.02 -136.91 45.22
CA VAL IA 313 -10.10 -137.91 44.67
C VAL IA 313 -8.89 -137.99 45.58
N LYS IA 314 -8.44 -139.22 45.86
CA LYS IA 314 -7.28 -139.40 46.72
C LYS IA 314 -6.61 -140.72 46.40
N ALA IA 315 -5.29 -140.70 46.31
CA ALA IA 315 -4.49 -141.88 46.05
C ALA IA 315 -3.81 -142.36 47.33
N TRP IA 316 -3.37 -143.61 47.31
CA TRP IA 316 -2.70 -144.21 48.45
C TRP IA 316 -1.66 -145.19 47.92
N GLY IA 317 -0.39 -144.89 48.17
CA GLY IA 317 0.69 -145.68 47.62
C GLY IA 317 0.91 -146.96 48.41
N GLU IA 318 2.07 -147.57 48.14
CA GLU IA 318 2.41 -148.83 48.79
C GLU IA 318 2.56 -148.64 50.30
N GLY IA 319 3.19 -147.55 50.72
CA GLY IA 319 3.31 -147.29 52.16
C GLY IA 319 1.96 -147.03 52.81
N GLN IA 320 1.08 -146.31 52.11
CA GLN IA 320 -0.25 -146.05 52.65
C GLN IA 320 -1.04 -147.33 52.79
N GLN IA 321 -0.97 -148.21 51.79
CA GLN IA 321 -1.65 -149.49 51.90
C GLN IA 321 -1.03 -150.34 53.00
N GLU IA 322 0.29 -150.25 53.16
CA GLU IA 322 0.98 -150.99 54.22
C GLU IA 322 0.51 -150.56 55.60
N LYS IA 323 0.40 -149.24 55.82
CA LYS IA 323 -0.04 -148.77 57.12
C LYS IA 323 -1.55 -148.99 57.30
N LEU IA 324 -2.30 -149.03 56.21
CA LEU IA 324 -3.70 -149.43 56.29
C LEU IA 324 -3.82 -150.87 56.79
N ASP IA 325 -3.00 -151.75 56.23
CA ASP IA 325 -3.13 -153.18 56.52
C ASP IA 325 -2.45 -153.58 57.82
N GLY IA 326 -1.48 -152.80 58.29
CA GLY IA 326 -0.76 -153.14 59.50
C GLY IA 326 0.25 -154.25 59.34
N ALA IA 327 0.51 -154.72 58.13
CA ALA IA 327 1.42 -155.83 57.91
C ALA IA 327 1.95 -155.75 56.49
N TYR IA 328 3.04 -156.49 56.25
CA TYR IA 328 3.64 -156.52 54.93
C TYR IA 328 2.75 -157.22 53.92
N ASN IA 329 2.68 -156.66 52.71
CA ASN IA 329 1.95 -157.25 51.60
C ASN IA 329 2.92 -157.61 50.50
N VAL IA 330 2.88 -158.88 50.07
CA VAL IA 330 3.66 -159.30 48.92
C VAL IA 330 3.18 -158.63 47.64
N GLN IA 331 1.92 -158.19 47.61
CA GLN IA 331 1.37 -157.59 46.40
C GLN IA 331 1.56 -156.08 46.37
N ASN IA 332 1.50 -155.41 47.52
CA ASN IA 332 1.61 -153.95 47.56
C ASN IA 332 3.06 -153.54 47.38
N ILE IA 333 3.55 -153.77 46.15
CA ILE IA 333 4.91 -153.43 45.76
C ILE IA 333 4.81 -152.49 44.57
N ASN IA 334 5.14 -151.21 44.80
CA ASN IA 334 5.06 -150.16 43.77
C ASN IA 334 3.64 -149.96 43.25
N LYS IA 335 2.64 -150.41 43.99
CA LYS IA 335 1.25 -150.34 43.58
C LYS IA 335 0.55 -149.22 44.34
N ILE IA 336 -0.19 -148.39 43.60
CA ILE IA 336 -0.88 -147.24 44.19
C ILE IA 336 -2.36 -147.37 43.88
N PHE IA 337 -3.17 -147.38 44.93
CA PHE IA 337 -4.62 -147.50 44.79
C PHE IA 337 -5.24 -146.11 44.89
N ILE IA 338 -6.01 -145.74 43.86
CA ILE IA 338 -6.61 -144.43 43.77
C ILE IA 338 -8.12 -144.59 43.95
N SER IA 339 -8.69 -143.83 44.88
CA SER IA 339 -10.11 -143.86 45.16
C SER IA 339 -10.67 -142.45 44.97
N GLY IA 340 -11.99 -142.37 44.92
CA GLY IA 340 -12.62 -141.08 44.78
C GLY IA 340 -14.11 -141.24 44.66
N TRP IA 341 -14.81 -140.12 44.79
CA TRP IA 341 -16.25 -140.08 44.59
C TRP IA 341 -16.62 -138.92 43.69
N HIS IA 342 -17.63 -139.16 42.86
CA HIS IA 342 -18.28 -138.20 41.99
C HIS IA 342 -19.77 -138.49 42.10
N PRO IA 343 -20.59 -137.49 42.43
CA PRO IA 343 -22.03 -137.74 42.55
C PRO IA 343 -22.67 -138.25 41.27
N ASN IA 344 -22.20 -137.76 40.12
CA ASN IA 344 -22.78 -138.11 38.83
C ASN IA 344 -22.10 -139.29 38.17
N LYS IA 345 -21.11 -139.89 38.83
CA LYS IA 345 -20.34 -140.97 38.23
C LYS IA 345 -20.25 -142.14 39.19
N SER IA 346 -20.22 -143.34 38.63
CA SER IA 346 -20.07 -144.56 39.42
C SER IA 346 -18.60 -144.84 39.64
N GLN IA 347 -18.30 -145.90 40.41
CA GLN IA 347 -16.93 -146.30 40.62
C GLN IA 347 -16.27 -146.71 39.31
N SER IA 348 -17.01 -147.44 38.46
CA SER IA 348 -16.48 -147.83 37.16
C SER IA 348 -16.18 -146.62 36.30
N GLU IA 349 -17.08 -145.63 36.30
CA GLU IA 349 -16.84 -144.40 35.56
C GLU IA 349 -15.61 -143.69 36.09
N LEU IA 350 -15.47 -143.61 37.40
CA LEU IA 350 -14.32 -142.95 38.00
C LEU IA 350 -13.03 -143.63 37.59
N GLU IA 351 -13.00 -144.96 37.66
CA GLU IA 351 -11.83 -145.71 37.23
C GLU IA 351 -11.54 -145.47 35.75
N GLU IA 352 -12.58 -145.44 34.93
CA GLU IA 352 -12.41 -145.22 33.50
C GLU IA 352 -11.78 -143.86 33.22
N MET IA 353 -12.31 -142.81 33.84
CA MET IA 353 -11.75 -141.48 33.64
C MET IA 353 -10.33 -141.40 34.18
N ILE IA 354 -10.07 -142.03 35.32
CA ILE IA 354 -8.72 -142.05 35.88
C ILE IA 354 -7.75 -142.67 34.88
N LEU IA 355 -8.12 -143.82 34.32
CA LEU IA 355 -7.26 -144.50 33.37
C LEU IA 355 -7.06 -143.67 32.11
N ALA IA 356 -8.14 -143.03 31.63
CA ALA IA 356 -8.02 -142.18 30.45
C ALA IA 356 -7.05 -141.04 30.69
N ALA IA 357 -7.13 -140.41 31.86
CA ALA IA 357 -6.17 -139.37 32.19
C ALA IA 357 -4.76 -139.92 32.32
N PHE IA 358 -4.63 -141.15 32.81
CA PHE IA 358 -3.32 -141.79 32.90
C PHE IA 358 -2.69 -141.94 31.51
N LYS IA 359 -3.48 -142.38 30.53
CA LYS IA 359 -2.96 -142.42 29.17
C LYS IA 359 -2.65 -141.02 28.65
N LYS IA 360 -3.54 -140.07 28.91
CA LYS IA 360 -3.35 -138.72 28.38
C LYS IA 360 -2.11 -138.05 28.94
N VAL IA 361 -1.70 -138.44 30.14
CA VAL IA 361 -0.52 -137.87 30.79
C VAL IA 361 0.53 -138.96 30.92
N PRO IA 362 1.48 -139.01 30.00
CA PRO IA 362 2.51 -140.08 30.00
C PRO IA 362 3.70 -139.74 30.89
N ASN IA 363 3.46 -139.75 32.20
CA ASN IA 363 4.49 -139.37 33.17
C ASN IA 363 4.47 -140.39 34.32
N GLU IA 364 5.23 -141.46 34.16
CA GLU IA 364 5.32 -142.50 35.17
C GLU IA 364 6.51 -143.38 34.87
N LEU IA 365 7.00 -144.05 35.91
CA LEU IA 365 8.13 -144.98 35.75
C LEU IA 365 8.16 -145.93 36.93
N ASN IA 366 8.05 -147.23 36.64
CA ASN IA 366 8.23 -148.29 37.63
C ASN IA 366 7.21 -148.24 38.76
N LYS IA 367 6.02 -147.73 38.48
CA LYS IA 367 4.93 -147.72 39.46
C LYS IA 367 3.62 -148.05 38.77
N LYS IA 368 2.85 -148.95 39.36
CA LYS IA 368 1.55 -149.34 38.83
C LYS IA 368 0.45 -148.64 39.62
N PHE IA 369 -0.64 -148.30 38.91
CA PHE IA 369 -1.76 -147.60 39.51
C PHE IA 369 -3.04 -148.38 39.23
N SER IA 370 -3.80 -148.63 40.28
CA SER IA 370 -5.07 -149.32 40.20
C SER IA 370 -6.13 -148.46 40.87
N TYR IA 371 -7.39 -148.82 40.64
CA TYR IA 371 -8.52 -148.12 41.22
C TYR IA 371 -9.07 -148.91 42.40
N LYS IA 372 -9.27 -148.22 43.51
CA LYS IA 372 -9.75 -148.84 44.74
C LYS IA 372 -11.24 -148.55 44.93
N GLU IA 373 -11.98 -149.57 45.33
CA GLU IA 373 -13.40 -149.40 45.59
C GLU IA 373 -13.62 -148.40 46.71
N VAL IA 374 -14.73 -147.67 46.62
CA VAL IA 374 -15.12 -146.70 47.63
C VAL IA 374 -16.35 -147.27 48.35
N ARG IA 375 -16.22 -147.48 49.66
CA ARG IA 375 -17.26 -148.10 50.46
C ARG IA 375 -18.06 -147.03 51.19
N LYS IA 376 -19.35 -146.95 50.89
CA LYS IA 376 -20.22 -146.00 51.57
C LYS IA 376 -20.42 -146.44 53.03
N LEU IA 377 -20.32 -145.49 53.94
CA LEU IA 377 -20.51 -145.74 55.37
C LEU IA 377 -21.47 -144.70 55.93
N PRO IA 378 -22.76 -144.84 55.66
CA PRO IA 378 -23.75 -143.91 56.23
C PRO IA 378 -23.90 -144.13 57.73
N PHE IA 379 -24.34 -143.07 58.40
CA PHE IA 379 -24.64 -143.11 59.82
C PHE IA 379 -25.78 -142.13 60.08
N LYS IA 380 -26.62 -142.47 61.05
CA LYS IA 380 -27.78 -141.66 61.36
C LYS IA 380 -27.53 -140.79 62.58
N ILE IA 381 -28.29 -139.71 62.67
CA ILE IA 381 -28.28 -138.83 63.83
C ILE IA 381 -29.70 -138.73 64.37
N THR IA 382 -29.84 -138.91 65.67
CA THR IA 382 -31.11 -138.75 66.37
C THR IA 382 -31.01 -137.52 67.24
N ILE IA 383 -31.67 -136.45 66.83
CA ILE IA 383 -31.78 -135.24 67.64
C ILE IA 383 -33.13 -135.26 68.33
N THR IA 384 -33.15 -134.88 69.60
CA THR IA 384 -34.35 -134.90 70.42
C THR IA 384 -34.43 -133.63 71.23
N GLY IA 385 -35.59 -132.98 71.21
CA GLY IA 385 -35.78 -131.76 71.99
C GLY IA 385 -36.98 -130.99 71.48
N ARG IA 386 -37.04 -129.72 71.90
CA ARG IA 386 -38.16 -128.85 71.57
C ARG IA 386 -37.64 -127.50 71.08
N ILE IA 387 -38.42 -126.87 70.21
CA ILE IA 387 -38.07 -125.57 69.64
C ILE IA 387 -39.06 -124.53 70.12
N SER IA 388 -38.86 -123.29 69.70
CA SER IA 388 -39.84 -122.24 69.94
C SER IA 388 -41.07 -122.44 69.07
N ALA IA 389 -42.22 -122.03 69.59
CA ALA IA 389 -43.46 -122.13 68.83
C ALA IA 389 -43.47 -121.22 67.61
N SER IA 390 -42.60 -120.20 67.58
CA SER IA 390 -42.53 -119.33 66.42
C SER IA 390 -42.05 -120.06 65.17
N LEU IA 391 -41.41 -121.21 65.33
CA LEU IA 391 -40.88 -121.98 64.22
C LEU IA 391 -41.87 -123.07 63.80
N THR IA 392 -41.70 -123.55 62.58
CA THR IA 392 -42.49 -124.67 62.06
C THR IA 392 -41.62 -125.91 62.00
N ILE IA 393 -42.11 -126.99 62.61
CA ILE IA 393 -41.30 -128.20 62.72
C ILE IA 393 -40.98 -128.76 61.34
N GLU IA 394 -41.97 -128.80 60.45
CA GLU IA 394 -41.76 -129.37 59.12
C GLU IA 394 -40.73 -128.55 58.34
N ASN IA 395 -40.87 -127.23 58.37
CA ASN IA 395 -39.94 -126.37 57.64
C ASN IA 395 -38.54 -126.48 58.21
N VAL IA 396 -38.43 -126.53 59.53
CA VAL IA 396 -37.11 -126.67 60.16
C VAL IA 396 -36.48 -128.00 59.76
N THR IA 397 -37.27 -129.08 59.76
CA THR IA 397 -36.76 -130.37 59.35
C THR IA 397 -36.27 -130.31 57.91
N ASP IA 398 -37.04 -129.68 57.02
CA ASP IA 398 -36.66 -129.59 55.62
C ASP IA 398 -35.35 -128.82 55.46
N GLU IA 399 -35.25 -127.67 56.14
CA GLU IA 399 -34.06 -126.82 56.02
C GLU IA 399 -32.83 -127.54 56.57
N LEU IA 400 -32.97 -128.18 57.73
CA LEU IA 400 -31.84 -128.91 58.31
C LEU IA 400 -31.40 -130.05 57.42
N LYS IA 401 -32.36 -130.80 56.86
CA LYS IA 401 -31.99 -131.89 55.97
C LYS IA 401 -31.28 -131.37 54.73
N SER IA 402 -31.77 -130.27 54.16
CA SER IA 402 -31.13 -129.70 52.98
C SER IA 402 -29.71 -129.25 53.30
N ALA IA 403 -29.53 -128.53 54.40
CA ALA IA 403 -28.21 -128.04 54.76
C ALA IA 403 -27.26 -129.19 55.06
N LEU IA 404 -27.74 -130.22 55.75
CA LEU IA 404 -26.88 -131.35 56.10
C LEU IA 404 -26.50 -132.16 54.87
N GLU IA 405 -27.42 -132.34 53.91
CA GLU IA 405 -27.03 -133.00 52.68
C GLU IA 405 -26.06 -132.15 51.88
N THR IA 406 -26.24 -130.83 51.92
CA THR IA 406 -25.34 -129.93 51.20
C THR IA 406 -23.93 -129.98 51.78
N LYS IA 407 -23.82 -129.99 53.11
CA LYS IA 407 -22.53 -129.80 53.76
C LYS IA 407 -21.85 -131.12 54.09
N PHE IA 408 -22.59 -132.08 54.63
CA PHE IA 408 -22.05 -133.35 55.09
C PHE IA 408 -22.86 -134.54 54.57
N GLY IA 409 -23.56 -134.37 53.45
CA GLY IA 409 -24.37 -135.42 52.89
C GLY IA 409 -23.56 -136.34 51.99
N ARG IA 410 -24.28 -137.22 51.28
CA ARG IA 410 -23.64 -138.14 50.37
C ARG IA 410 -23.13 -137.46 49.12
N ASP IA 411 -23.60 -136.24 48.83
CA ASP IA 411 -23.19 -135.49 47.65
C ASP IA 411 -22.67 -134.12 48.03
N SER IA 412 -21.99 -134.03 49.16
CA SER IA 412 -21.47 -132.76 49.63
C SER IA 412 -20.17 -132.40 48.94
N THR IA 413 -19.73 -131.15 49.14
CA THR IA 413 -18.46 -130.67 48.65
C THR IA 413 -17.40 -130.58 49.73
N PHE IA 414 -17.72 -131.02 50.95
CA PHE IA 414 -16.79 -130.93 52.06
C PHE IA 414 -15.56 -131.84 51.89
N PHE IA 415 -15.68 -132.90 51.10
CA PHE IA 415 -14.56 -133.82 50.93
C PHE IA 415 -13.35 -133.13 50.32
N ASP IA 416 -13.59 -132.31 49.30
CA ASP IA 416 -12.53 -131.55 48.62
C ASP IA 416 -13.01 -130.10 48.46
N PRO IA 417 -13.10 -129.36 49.55
CA PRO IA 417 -13.61 -127.97 49.45
C PRO IA 417 -12.76 -127.09 48.57
N ASN IA 418 -11.44 -127.28 48.56
CA ASN IA 418 -10.53 -126.42 47.82
C ASN IA 418 -10.20 -126.95 46.43
N ARG IA 419 -10.70 -128.13 46.07
CA ARG IA 419 -10.44 -128.74 44.77
C ARG IA 419 -8.94 -128.89 44.51
N VAL IA 420 -8.25 -129.45 45.49
CA VAL IA 420 -6.80 -129.67 45.40
C VAL IA 420 -6.44 -131.15 45.35
N GLY IA 421 -7.42 -132.04 45.38
CA GLY IA 421 -7.14 -133.46 45.40
C GLY IA 421 -7.01 -134.01 46.81
N LYS IA 422 -7.98 -133.71 47.66
CA LYS IA 422 -7.96 -134.15 49.05
C LYS IA 422 -9.32 -134.72 49.43
N TYR IA 423 -9.29 -135.60 50.43
CA TYR IA 423 -10.49 -136.17 51.01
C TYR IA 423 -10.44 -135.94 52.52
N ILE IA 424 -11.49 -135.32 53.06
CA ILE IA 424 -11.54 -134.96 54.47
C ILE IA 424 -12.67 -135.74 55.12
N LEU IA 425 -12.35 -136.44 56.21
CA LEU IA 425 -13.36 -137.26 56.89
C LEU IA 425 -14.38 -136.38 57.58
N ILE IA 426 -15.64 -136.83 57.54
CA ILE IA 426 -16.72 -136.15 58.21
C ILE IA 426 -16.73 -136.58 59.68
N LYS IA 427 -16.72 -135.61 60.58
CA LYS IA 427 -16.62 -135.88 62.01
C LYS IA 427 -17.92 -135.52 62.72
N LYS IA 428 -18.18 -136.23 63.82
CA LYS IA 428 -19.36 -135.94 64.63
C LYS IA 428 -19.34 -134.52 65.14
N LYS IA 429 -18.17 -134.07 65.60
CA LYS IA 429 -18.03 -132.69 66.06
C LYS IA 429 -18.31 -131.72 64.91
N ASP IA 430 -17.85 -132.05 63.70
CA ASP IA 430 -18.08 -131.17 62.57
C ASP IA 430 -19.56 -131.07 62.25
N VAL IA 431 -20.27 -132.20 62.24
CA VAL IA 431 -21.70 -132.18 61.94
C VAL IA 431 -22.46 -131.40 63.00
N TRP IA 432 -22.13 -131.63 64.27
CA TRP IA 432 -22.89 -130.97 65.31
C TRP IA 432 -22.58 -129.47 65.31
N ALA IA 433 -21.34 -129.10 64.99
CA ALA IA 433 -21.00 -127.70 64.84
C ALA IA 433 -21.76 -127.07 63.67
N PHE IA 434 -21.90 -127.80 62.57
CA PHE IA 434 -22.68 -127.30 61.45
C PHE IA 434 -24.11 -127.01 61.85
N ILE IA 435 -24.73 -127.94 62.58
CA ILE IA 435 -26.11 -127.72 62.97
C ILE IA 435 -26.22 -126.59 63.99
N GLU IA 436 -25.23 -126.44 64.86
CA GLU IA 436 -25.24 -125.32 65.80
C GLU IA 436 -25.12 -123.99 65.08
N THR IA 437 -24.24 -123.92 64.07
CA THR IA 437 -24.14 -122.71 63.25
C THR IA 437 -25.46 -122.44 62.54
N LEU IA 438 -26.12 -123.50 62.09
CA LEU IA 438 -27.47 -123.33 61.51
C LEU IA 438 -28.40 -122.71 62.54
N GLY IA 439 -28.28 -123.11 63.79
CA GLY IA 439 -28.95 -122.43 64.88
C GLY IA 439 -30.46 -122.50 64.88
N TYR IA 440 -31.02 -123.66 64.56
CA TYR IA 440 -32.45 -123.91 64.72
C TYR IA 440 -32.74 -124.75 65.95
N PHE IA 441 -31.84 -124.72 66.93
CA PHE IA 441 -31.96 -125.49 68.15
C PHE IA 441 -32.25 -124.56 69.33
N ARG IA 442 -33.13 -125.02 70.22
CA ARG IA 442 -33.39 -124.30 71.46
C ARG IA 442 -32.95 -125.10 72.68
N ASP IA 443 -33.36 -126.37 72.76
CA ASP IA 443 -32.88 -127.28 73.80
C ASP IA 443 -32.97 -128.69 73.21
N PHE IA 444 -31.83 -129.19 72.72
CA PHE IA 444 -31.82 -130.47 72.01
C PHE IA 444 -30.63 -131.29 72.47
N TYR IA 445 -30.68 -132.58 72.12
CA TYR IA 445 -29.63 -133.52 72.44
C TYR IA 445 -29.48 -134.49 71.29
N LEU IA 446 -28.23 -134.81 70.96
CA LEU IA 446 -27.92 -135.56 69.76
C LEU IA 446 -27.29 -136.90 70.12
N GLU IA 447 -27.66 -137.93 69.37
CA GLU IA 447 -27.04 -139.24 69.45
C GLU IA 447 -26.71 -139.70 68.05
N PHE IA 448 -25.65 -140.49 67.92
CA PHE IA 448 -25.22 -141.02 66.64
C PHE IA 448 -25.52 -142.51 66.59
N VAL IA 449 -26.22 -142.93 65.53
CA VAL IA 449 -26.66 -144.30 65.36
C VAL IA 449 -25.88 -144.91 64.22
N GLU IA 450 -25.32 -146.10 64.46
CA GLU IA 450 -24.60 -146.86 63.45
C GLU IA 450 -23.45 -146.03 62.87
N TRP IA 451 -22.59 -145.58 63.79
CA TRP IA 451 -21.42 -144.80 63.39
C TRP IA 451 -20.39 -145.68 62.72
N ASN IA 452 -20.45 -145.77 61.40
CA ASN IA 452 -19.49 -146.57 60.64
C ASN IA 452 -18.23 -145.74 60.44
N GLU IA 453 -17.24 -145.97 61.28
CA GLU IA 453 -15.99 -145.23 61.19
C GLU IA 453 -15.25 -145.56 59.90
N SER IA 454 -14.70 -144.55 59.25
CA SER IA 454 -13.99 -144.69 57.99
C SER IA 454 -12.50 -144.50 58.21
N ASN IA 455 -11.71 -145.35 57.53
CA ASN IA 455 -10.26 -145.24 57.63
C ASN IA 455 -9.73 -143.96 57.00
N GLY IA 456 -10.53 -143.30 56.17
CA GLY IA 456 -10.08 -142.12 55.46
C GLY IA 456 -9.33 -142.40 54.17
N PHE IA 457 -9.19 -143.67 53.79
CA PHE IA 457 -8.47 -144.01 52.56
C PHE IA 457 -9.42 -144.12 51.37
N TYR IA 458 -10.42 -145.00 51.48
CA TYR IA 458 -11.42 -145.17 50.43
C TYR IA 458 -12.84 -145.29 50.94
N ASP IA 459 -13.05 -145.51 52.23
CA ASP IA 459 -14.41 -145.62 52.75
C ASP IA 459 -15.12 -144.28 52.70
N PHE IA 460 -16.37 -144.30 52.25
CA PHE IA 460 -17.17 -143.10 52.05
C PHE IA 460 -18.11 -142.93 53.24
N VAL IA 461 -17.65 -142.21 54.25
CA VAL IA 461 -18.50 -141.88 55.39
C VAL IA 461 -19.33 -140.65 55.04
N TYR IA 462 -20.60 -140.68 55.44
CA TYR IA 462 -21.50 -139.58 55.18
C TYR IA 462 -22.72 -139.72 56.07
N LEU IA 463 -23.34 -138.59 56.37
CA LEU IA 463 -24.52 -138.58 57.24
C LEU IA 463 -25.73 -139.11 56.46
N ASP IA 464 -26.48 -140.02 57.10
CA ASP IA 464 -27.74 -140.49 56.53
C ASP IA 464 -28.82 -139.47 56.87
N THR IA 465 -28.88 -138.43 56.05
CA THR IA 465 -29.85 -137.36 56.26
C THR IA 465 -31.28 -137.87 56.14
N GLU IA 466 -31.53 -138.74 55.16
CA GLU IA 466 -32.90 -139.20 54.93
C GLU IA 466 -33.43 -139.99 56.12
N ASN IA 467 -32.60 -140.82 56.73
CA ASN IA 467 -33.04 -141.67 57.82
C ASN IA 467 -32.78 -141.06 59.19
N SER IA 468 -32.37 -139.79 59.25
CA SER IA 468 -32.09 -139.17 60.53
C SER IA 468 -33.36 -138.98 61.34
N THR IA 469 -33.26 -139.23 62.65
CA THR IA 469 -34.40 -139.14 63.55
C THR IA 469 -34.47 -137.74 64.14
N PHE IA 470 -35.63 -137.10 63.98
CA PHE IA 470 -35.82 -135.71 64.36
C PHE IA 470 -37.01 -135.64 65.32
N ASN IA 471 -36.75 -135.90 66.60
CA ASN IA 471 -37.77 -135.77 67.63
C ASN IA 471 -37.83 -134.30 68.06
N ILE IA 472 -38.35 -133.49 67.15
CA ILE IA 472 -38.46 -132.05 67.35
C ILE IA 472 -39.83 -131.73 67.93
N SER IA 473 -39.86 -130.96 69.02
CA SER IA 473 -41.11 -130.56 69.63
C SER IA 473 -41.14 -129.04 69.83
N TYR IA 474 -42.14 -128.55 70.54
CA TYR IA 474 -42.25 -127.12 70.81
C TYR IA 474 -42.04 -126.86 72.28
N GLU IA 475 -41.34 -125.77 72.59
CA GLU IA 475 -41.10 -125.35 73.98
C GLU IA 475 -42.30 -124.55 74.48
N GLU IA 476 -43.39 -125.27 74.74
CA GLU IA 476 -44.53 -124.66 75.42
C GLU IA 476 -44.28 -124.59 76.91
N GLU IA 477 -45.35 -124.29 77.65
CA GLU IA 477 -45.37 -124.26 79.10
C GLU IA 477 -45.04 -125.64 79.65
N MET JA 1 81.03 -72.22 52.03
CA MET JA 1 79.72 -72.06 52.63
C MET JA 1 78.74 -71.42 51.64
N SER JA 2 78.54 -70.11 51.75
CA SER JA 2 77.60 -69.42 50.89
C SER JA 2 78.05 -67.97 50.71
N LYS JA 3 77.51 -67.33 49.67
CA LYS JA 3 77.83 -65.95 49.34
C LYS JA 3 76.54 -65.13 49.26
N THR JA 4 76.62 -63.87 49.70
CA THR JA 4 75.48 -62.97 49.68
C THR JA 4 75.95 -61.57 49.29
N THR JA 5 75.02 -60.78 48.76
CA THR JA 5 75.28 -59.38 48.44
C THR JA 5 73.99 -58.60 48.48
N PRO JA 6 74.00 -57.36 48.98
CA PRO JA 6 72.75 -56.60 49.09
C PRO JA 6 72.22 -56.17 47.74
N THR JA 7 70.92 -55.87 47.73
CA THR JA 7 70.20 -55.62 46.49
C THR JA 7 70.61 -54.28 45.87
N LYS JA 8 70.05 -53.99 44.68
CA LYS JA 8 70.45 -52.82 43.92
C LYS JA 8 70.03 -51.54 44.64
N ASP JA 9 68.77 -51.47 45.05
CA ASP JA 9 68.25 -50.30 45.76
C ASP JA 9 68.97 -50.11 47.09
N SER JA 10 69.25 -51.21 47.78
CA SER JA 10 70.09 -51.14 48.97
C SER JA 10 71.44 -50.50 48.65
N ILE JA 11 72.23 -51.13 47.78
CA ILE JA 11 73.58 -50.65 47.53
C ILE JA 11 73.56 -49.20 47.10
N ARG JA 12 72.51 -48.81 46.36
CA ARG JA 12 72.34 -47.39 46.06
C ARG JA 12 72.21 -46.58 47.34
N ALA JA 13 71.41 -47.07 48.29
CA ALA JA 13 71.16 -46.30 49.52
C ALA JA 13 72.43 -46.16 50.35
N GLU JA 14 73.13 -47.26 50.63
CA GLU JA 14 74.35 -47.09 51.41
C GLU JA 14 75.42 -46.35 50.63
N PHE JA 15 75.44 -46.45 49.30
CA PHE JA 15 76.40 -45.71 48.53
C PHE JA 15 76.15 -44.21 48.65
N GLU JA 16 74.90 -43.78 48.55
CA GLU JA 16 74.62 -42.36 48.67
C GLU JA 16 74.87 -41.87 50.08
N GLU JA 17 74.56 -42.69 51.10
CA GLU JA 17 74.82 -42.20 52.45
C GLU JA 17 76.31 -42.08 52.73
N LEU JA 18 77.13 -42.97 52.14
CA LEU JA 18 78.56 -42.84 52.37
C LEU JA 18 79.17 -41.71 51.56
N VAL JA 19 78.64 -41.43 50.36
CA VAL JA 19 79.12 -40.27 49.62
C VAL JA 19 78.60 -38.99 50.24
N GLU JA 20 77.56 -39.06 51.07
CA GLU JA 20 77.10 -37.89 51.79
C GLU JA 20 78.07 -37.43 52.87
N LYS JA 21 79.25 -38.02 52.92
CA LYS JA 21 80.20 -37.69 53.98
C LYS JA 21 80.70 -36.26 53.83
N ASP JA 22 81.19 -35.91 52.65
CA ASP JA 22 81.74 -34.58 52.47
C ASP JA 22 80.62 -33.59 52.24
N SER JA 23 80.58 -32.57 53.09
CA SER JA 23 79.49 -31.60 53.05
C SER JA 23 79.42 -30.87 51.72
N PHE JA 24 80.55 -30.75 51.01
CA PHE JA 24 80.56 -30.02 49.76
C PHE JA 24 79.97 -30.80 48.59
N TRP JA 25 79.81 -32.11 48.74
CA TRP JA 25 79.18 -32.92 47.70
C TRP JA 25 78.09 -33.80 48.27
N SER JA 26 77.77 -33.66 49.55
CA SER JA 26 76.80 -34.54 50.20
C SER JA 26 75.38 -34.32 49.67
N LYS JA 27 75.02 -33.07 49.37
CA LYS JA 27 73.63 -32.72 49.07
C LYS JA 27 73.28 -32.85 47.60
N PHE JA 28 74.21 -33.31 46.77
CA PHE JA 28 73.87 -33.66 45.39
C PHE JA 28 72.89 -34.83 45.31
N VAL JA 29 72.70 -35.55 46.42
CA VAL JA 29 71.75 -36.65 46.44
C VAL JA 29 70.36 -36.12 46.11
N GLY JA 30 69.53 -37.02 45.56
CA GLY JA 30 68.21 -36.64 45.09
C GLY JA 30 68.17 -36.14 43.67
N SER JA 31 69.32 -35.87 43.06
CA SER JA 31 69.40 -35.33 41.71
C SER JA 31 69.61 -36.43 40.68
N GLN JA 32 69.23 -36.13 39.44
CA GLN JA 32 69.45 -37.11 38.39
C GLN JA 32 70.93 -37.34 38.13
N PHE JA 33 71.78 -36.40 38.56
CA PHE JA 33 73.23 -36.60 38.52
C PHE JA 33 73.62 -37.84 39.32
N VAL JA 34 73.34 -37.80 40.62
CA VAL JA 34 73.74 -38.91 41.48
C VAL JA 34 73.01 -40.17 41.08
N SER JA 35 71.74 -40.06 40.66
CA SER JA 35 71.01 -41.27 40.30
C SER JA 35 71.58 -41.91 39.04
N MET JA 36 72.01 -41.11 38.06
CA MET JA 36 72.58 -41.71 36.86
C MET JA 36 73.92 -42.34 37.15
N LEU JA 37 74.79 -41.66 37.89
CA LEU JA 37 76.07 -42.29 38.22
C LEU JA 37 75.86 -43.54 39.06
N THR JA 38 74.85 -43.51 39.94
CA THR JA 38 74.57 -44.64 40.80
C THR JA 38 74.03 -45.82 40.00
N LEU JA 39 73.11 -45.56 39.08
CA LEU JA 39 72.61 -46.66 38.25
C LEU JA 39 73.70 -47.21 37.35
N PHE JA 40 74.65 -46.36 36.94
CA PHE JA 40 75.75 -46.87 36.12
C PHE JA 40 76.62 -47.83 36.92
N ILE JA 41 77.03 -47.42 38.11
CA ILE JA 41 77.88 -48.29 38.91
C ILE JA 41 77.13 -49.55 39.31
N THR JA 42 75.83 -49.44 39.61
CA THR JA 42 75.08 -50.62 39.97
C THR JA 42 74.91 -51.56 38.79
N GLN JA 43 74.72 -51.03 37.58
CA GLN JA 43 74.57 -51.91 36.44
C GLN JA 43 75.87 -52.64 36.15
N ILE JA 44 77.01 -51.95 36.27
CA ILE JA 44 78.28 -52.62 35.99
C ILE JA 44 78.57 -53.69 37.03
N VAL JA 45 78.30 -53.40 38.31
CA VAL JA 45 78.50 -54.46 39.30
C VAL JA 45 77.48 -55.58 39.09
N TYR JA 46 76.22 -55.24 38.83
CA TYR JA 46 75.23 -56.27 38.56
C TYR JA 46 75.75 -57.23 37.50
N ARG JA 47 76.32 -56.69 36.41
CA ARG JA 47 76.88 -57.56 35.39
C ARG JA 47 77.95 -58.46 35.99
N CYS JA 48 78.94 -57.88 36.69
CA CYS JA 48 80.06 -58.71 37.13
C CYS JA 48 79.61 -59.79 38.11
N PHE JA 49 78.87 -59.41 39.16
CA PHE JA 49 78.37 -60.38 40.12
C PHE JA 49 77.54 -61.47 39.46
N GLN JA 50 76.35 -61.13 38.96
CA GLN JA 50 75.48 -62.22 38.50
C GLN JA 50 76.01 -62.92 37.26
N TYR JA 51 76.96 -62.33 36.52
CA TYR JA 51 77.55 -63.13 35.47
C TYR JA 51 78.53 -64.13 36.03
N ALA JA 52 79.26 -63.77 37.09
CA ALA JA 52 80.06 -64.75 37.80
C ALA JA 52 79.16 -65.83 38.41
N ASP JA 53 78.01 -65.43 38.92
CA ASP JA 53 77.05 -66.38 39.48
C ASP JA 53 76.59 -67.35 38.41
N ALA JA 54 76.28 -66.85 37.21
CA ALA JA 54 75.89 -67.72 36.11
C ALA JA 54 77.04 -68.65 35.72
N ALA JA 55 78.28 -68.15 35.74
CA ALA JA 55 79.42 -69.00 35.41
C ALA JA 55 79.55 -70.15 36.40
N LEU JA 56 79.48 -69.85 37.70
CA LEU JA 56 79.59 -70.91 38.69
C LEU JA 56 78.41 -71.86 38.62
N ALA JA 57 77.24 -71.37 38.21
CA ALA JA 57 76.09 -72.25 38.04
C ALA JA 57 76.33 -73.20 36.87
N GLU JA 58 76.72 -72.67 35.72
CA GLU JA 58 77.00 -73.51 34.56
C GLU JA 58 78.18 -74.45 34.79
N GLY JA 59 79.01 -74.16 35.79
CA GLY JA 59 80.10 -75.06 36.11
C GLY JA 59 79.66 -76.44 36.55
N PHE JA 60 78.37 -76.64 36.81
CA PHE JA 60 77.87 -77.93 37.25
C PHE JA 60 77.33 -78.74 36.07
N ILE JA 61 77.33 -80.06 36.23
CA ILE JA 61 77.01 -80.95 35.13
C ILE JA 61 75.52 -80.89 34.78
N SER JA 62 74.64 -80.97 35.79
CA SER JA 62 73.22 -81.03 35.52
C SER JA 62 72.61 -79.65 35.28
N THR JA 63 73.35 -78.59 35.57
CA THR JA 63 72.87 -77.24 35.36
C THR JA 63 73.11 -76.74 33.94
N ALA JA 64 73.83 -77.49 33.12
CA ALA JA 64 74.11 -77.05 31.76
C ALA JA 64 72.84 -77.09 30.92
N THR JA 65 72.44 -75.93 30.40
CA THR JA 65 71.29 -75.84 29.50
C THR JA 65 71.67 -75.45 28.10
N ARG JA 66 72.70 -74.60 27.95
CA ARG JA 66 73.13 -74.21 26.62
C ARG JA 66 73.62 -75.41 25.84
N ARG JA 67 73.38 -75.39 24.53
CA ARG JA 67 73.89 -76.45 23.67
C ARG JA 67 75.39 -76.59 23.82
N SER JA 68 76.11 -75.47 23.84
CA SER JA 68 77.54 -75.50 24.05
C SER JA 68 77.89 -76.09 25.42
N SER JA 69 77.13 -75.71 26.45
CA SER JA 69 77.42 -76.21 27.79
C SER JA 69 77.24 -77.72 27.86
N ILE JA 70 76.14 -78.23 27.31
CA ILE JA 70 75.87 -79.66 27.39
C ILE JA 70 76.84 -80.43 26.51
N LEU JA 71 77.23 -79.89 25.35
CA LEU JA 71 78.23 -80.57 24.53
C LEU JA 71 79.61 -80.54 25.18
N ALA JA 72 79.95 -79.47 25.90
CA ALA JA 72 81.20 -79.47 26.66
C ALA JA 72 81.15 -80.52 27.76
N ALA JA 73 80.00 -80.66 28.43
CA ALA JA 73 79.86 -81.71 29.43
C ALA JA 73 80.01 -83.09 28.80
N ALA JA 74 79.44 -83.29 27.62
CA ALA JA 74 79.56 -84.57 26.93
C ALA JA 74 81.00 -84.86 26.53
N GLU JA 75 81.71 -83.83 26.04
CA GLU JA 75 83.12 -84.00 25.70
C GLU JA 75 83.93 -84.36 26.94
N THR JA 76 83.63 -83.73 28.08
CA THR JA 76 84.31 -84.07 29.32
C THR JA 76 83.99 -85.50 29.75
N ASN JA 77 82.77 -85.95 29.50
CA ASN JA 77 82.37 -87.33 29.80
C ASN JA 77 82.80 -88.30 28.72
N SER JA 78 83.46 -87.82 27.67
CA SER JA 78 83.93 -88.67 26.57
C SER JA 78 82.77 -89.37 25.88
N TYR JA 79 81.69 -88.62 25.64
CA TYR JA 79 80.55 -89.11 24.89
C TYR JA 79 80.10 -88.03 23.92
N VAL JA 80 79.49 -88.46 22.82
CA VAL JA 80 78.97 -87.56 21.81
C VAL JA 80 77.48 -87.80 21.67
N GLY JA 81 76.69 -86.74 21.75
CA GLY JA 81 75.26 -86.87 21.60
C GLY JA 81 74.85 -87.29 20.21
N THR JA 82 73.65 -87.87 20.13
CA THR JA 82 73.14 -88.39 18.86
C THR JA 82 72.80 -87.23 17.92
N LYS JA 83 73.64 -87.03 16.91
CA LYS JA 83 73.42 -85.97 15.94
C LYS JA 83 72.34 -86.39 14.94
N PRO JA 84 71.68 -85.41 14.32
CA PRO JA 84 70.69 -85.74 13.28
C PRO JA 84 71.34 -86.50 12.13
N THR JA 85 70.60 -87.45 11.58
CA THR JA 85 71.05 -88.25 10.45
C THR JA 85 70.03 -88.14 9.31
N PRO JA 86 70.46 -87.76 8.12
CA PRO JA 86 69.50 -87.59 7.02
C PRO JA 86 68.91 -88.92 6.58
N SER JA 87 67.68 -88.85 6.08
CA SER JA 87 67.05 -90.03 5.51
C SER JA 87 67.74 -90.43 4.21
N SER JA 88 67.85 -91.73 4.00
CA SER JA 88 68.50 -92.27 2.80
C SER JA 88 67.56 -93.25 2.11
N GLY JA 89 67.69 -93.35 0.80
CA GLY JA 89 66.86 -94.27 0.05
C GLY JA 89 67.15 -94.23 -1.43
N MET JA 90 66.22 -94.80 -2.19
CA MET JA 90 66.41 -95.07 -3.60
C MET JA 90 65.71 -94.01 -4.44
N ILE JA 91 66.30 -93.68 -5.58
CA ILE JA 91 65.74 -92.72 -6.52
C ILE JA 91 65.93 -93.30 -7.92
N GLU JA 92 64.94 -93.09 -8.79
CA GLU JA 92 65.01 -93.57 -10.16
C GLU JA 92 65.73 -92.53 -11.02
N ILE JA 93 66.55 -93.01 -11.98
CA ILE JA 93 67.28 -92.14 -12.88
C ILE JA 93 67.00 -92.58 -14.31
N THR JA 94 66.44 -91.68 -15.11
CA THR JA 94 66.12 -91.95 -16.50
C THR JA 94 66.96 -91.07 -17.41
N ALA JA 95 67.27 -91.59 -18.59
CA ALA JA 95 68.02 -90.85 -19.59
C ALA JA 95 67.06 -90.19 -20.59
N THR JA 96 67.24 -88.88 -20.79
CA THR JA 96 66.40 -88.14 -21.73
C THR JA 96 67.01 -88.04 -23.13
N SER JA 97 68.24 -88.51 -23.32
CA SER JA 97 68.90 -88.41 -24.61
C SER JA 97 70.02 -89.44 -24.67
N GLU JA 98 70.45 -89.73 -25.90
CA GLU JA 98 71.55 -90.67 -26.10
C GLU JA 98 72.85 -90.14 -25.51
N ASP JA 99 72.97 -88.82 -25.40
CA ASP JA 99 74.16 -88.21 -24.83
C ASP JA 99 74.29 -88.46 -23.34
N ALA JA 100 73.24 -88.94 -22.70
CA ALA JA 100 73.29 -89.22 -21.28
C ALA JA 100 74.21 -90.42 -21.02
N PRO JA 101 75.25 -90.27 -20.21
CA PRO JA 101 76.13 -91.42 -19.93
C PRO JA 101 75.40 -92.47 -19.10
N ALA JA 102 75.60 -93.73 -19.49
CA ALA JA 102 74.95 -94.83 -18.79
C ALA JA 102 75.50 -95.03 -17.39
N VAL JA 103 76.63 -94.42 -17.06
CA VAL JA 103 77.26 -94.57 -15.75
C VAL JA 103 77.25 -93.21 -15.06
N ILE JA 104 76.63 -93.16 -13.89
CA ILE JA 104 76.63 -91.96 -13.06
C ILE JA 104 77.35 -92.29 -11.75
N PRO JA 105 78.49 -91.67 -11.48
CA PRO JA 105 79.28 -92.08 -10.31
C PRO JA 105 78.74 -91.51 -9.01
N LYS JA 106 79.16 -92.15 -7.92
CA LYS JA 106 79.08 -91.61 -6.57
C LYS JA 106 79.75 -90.25 -6.50
N ASN JA 107 79.48 -89.50 -5.43
CA ASN JA 107 80.12 -88.22 -5.15
C ASN JA 107 79.66 -87.16 -6.15
N MET JA 108 78.37 -87.13 -6.44
CA MET JA 108 77.80 -86.05 -7.23
C MET JA 108 76.58 -85.50 -6.52
N PRO JA 109 76.37 -84.19 -6.59
CA PRO JA 109 75.25 -83.58 -5.88
C PRO JA 109 74.00 -83.53 -6.74
N LEU JA 110 72.86 -83.42 -6.04
CA LEU JA 110 71.58 -83.27 -6.70
C LEU JA 110 70.83 -82.12 -6.04
N ILE JA 111 70.31 -81.22 -6.86
CA ILE JA 111 69.70 -79.99 -6.38
C ILE JA 111 68.18 -80.15 -6.41
N SER JA 112 67.57 -80.01 -5.24
CA SER JA 112 66.12 -80.08 -5.12
C SER JA 112 65.50 -78.74 -5.51
N ASP JA 113 64.17 -78.66 -5.40
CA ASP JA 113 63.49 -77.38 -5.58
C ASP JA 113 63.90 -76.38 -4.52
N ASP JA 114 64.37 -76.85 -3.36
CA ASP JA 114 64.95 -76.02 -2.33
C ASP JA 114 66.46 -76.09 -2.32
N GLN JA 115 67.06 -76.62 -3.39
CA GLN JA 115 68.50 -76.82 -3.51
C GLN JA 115 69.06 -77.54 -2.28
N TYR JA 116 68.37 -78.60 -1.89
CA TYR JA 116 68.88 -79.47 -0.86
C TYR JA 116 69.83 -80.47 -1.50
N PRO JA 117 71.11 -80.46 -1.15
CA PRO JA 117 72.09 -81.29 -1.85
C PRO JA 117 71.86 -82.76 -1.54
N TYR JA 118 71.67 -83.56 -2.59
CA TYR JA 118 71.41 -84.98 -2.45
C TYR JA 118 72.64 -85.72 -2.97
N MET JA 119 73.46 -86.17 -2.03
CA MET JA 119 74.65 -86.93 -2.36
C MET JA 119 74.27 -88.33 -2.83
N THR JA 120 75.01 -88.81 -3.82
CA THR JA 120 74.88 -90.17 -4.32
C THR JA 120 75.99 -91.03 -3.76
N MET JA 121 75.67 -92.27 -3.41
CA MET JA 121 76.62 -93.15 -2.75
C MET JA 121 76.97 -94.39 -3.56
N ASP JA 122 76.45 -94.54 -4.77
CA ASP JA 122 76.66 -95.74 -5.56
C ASP JA 122 76.96 -95.34 -7.00
N VAL JA 123 76.97 -96.33 -7.90
CA VAL JA 123 77.15 -96.11 -9.32
C VAL JA 123 75.85 -96.45 -10.03
N CYS JA 124 75.24 -95.45 -10.64
CA CYS JA 124 73.98 -95.62 -11.34
C CYS JA 124 74.27 -96.17 -12.74
N ARG JA 125 73.75 -97.36 -13.02
CA ARG JA 125 73.87 -97.98 -14.34
C ARG JA 125 72.52 -97.86 -15.04
N LEU JA 126 72.47 -97.05 -16.09
CA LEU JA 126 71.25 -96.90 -16.86
C LEU JA 126 71.04 -98.14 -17.71
N VAL JA 127 69.99 -98.89 -17.42
CA VAL JA 127 69.59 -100.04 -18.23
C VAL JA 127 68.46 -99.58 -19.14
N ASP JA 128 68.76 -99.49 -20.43
CA ASP JA 128 67.82 -98.95 -21.42
C ASP JA 128 67.34 -97.55 -21.02
N GLY JA 129 68.28 -96.73 -20.54
CA GLY JA 129 67.97 -95.39 -20.09
C GLY JA 129 67.44 -95.29 -18.69
N THR JA 130 67.32 -96.42 -17.97
CA THR JA 130 66.78 -96.45 -16.63
C THR JA 130 67.86 -96.90 -15.66
N GLY JA 131 68.10 -96.09 -14.63
CA GLY JA 131 69.12 -96.42 -13.65
C GLY JA 131 68.69 -96.01 -12.25
N THR JA 132 69.43 -96.52 -11.27
CA THR JA 132 69.17 -96.26 -9.87
C THR JA 132 70.49 -96.05 -9.14
N VAL JA 133 70.44 -95.27 -8.06
CA VAL JA 133 71.60 -95.03 -7.21
C VAL JA 133 71.08 -94.61 -5.84
N GLU JA 134 71.82 -94.95 -4.80
CA GLU JA 134 71.45 -94.55 -3.45
C GLU JA 134 71.68 -93.06 -3.25
N VAL JA 135 70.66 -92.38 -2.74
CA VAL JA 135 70.64 -90.93 -2.65
C VAL JA 135 70.23 -90.54 -1.23
N ALA JA 136 70.96 -89.59 -0.64
CA ALA JA 136 70.57 -89.06 0.66
C ALA JA 136 70.99 -87.60 0.76
N GLN JA 137 70.20 -86.81 1.50
CA GLN JA 137 70.46 -85.38 1.60
C GLN JA 137 71.74 -85.17 2.42
N LEU JA 138 72.84 -84.88 1.73
CA LEU JA 138 74.10 -84.60 2.39
C LEU JA 138 74.91 -83.63 1.54
N GLU JA 139 75.83 -82.93 2.21
CA GLU JA 139 76.78 -82.06 1.55
C GLU JA 139 78.13 -82.20 2.22
N ILE JA 140 79.18 -81.87 1.47
CA ILE JA 140 80.55 -81.94 1.99
C ILE JA 140 81.10 -80.51 1.99
N GLN JA 141 81.34 -79.97 3.17
CA GLN JA 141 81.91 -78.64 3.33
C GLN JA 141 83.37 -78.78 3.71
N GLU JA 142 84.25 -78.19 2.93
CA GLU JA 142 85.68 -78.40 3.05
C GLU JA 142 86.35 -77.13 3.55
N VAL JA 143 87.13 -77.26 4.62
CA VAL JA 143 87.97 -76.18 5.12
C VAL JA 143 89.37 -76.74 5.32
N THR JA 144 90.31 -75.86 5.66
CA THR JA 144 91.68 -76.27 5.88
C THR JA 144 92.30 -75.46 7.01
N TYR JA 145 93.34 -76.04 7.60
CA TYR JA 145 94.09 -75.39 8.66
C TYR JA 145 95.58 -75.56 8.39
N THR JA 146 96.37 -74.55 8.75
CA THR JA 146 97.81 -74.58 8.62
C THR JA 146 98.44 -74.60 10.01
N VAL JA 147 99.44 -75.46 10.20
CA VAL JA 147 100.02 -75.68 11.51
C VAL JA 147 100.72 -74.39 11.94
N THR JA 148 100.10 -73.67 12.88
CA THR JA 148 100.68 -72.43 13.38
C THR JA 148 101.84 -72.71 14.32
N ALA JA 149 101.69 -73.67 15.22
CA ALA JA 149 102.71 -73.96 16.22
C ALA JA 149 102.62 -75.43 16.62
N ALA JA 150 103.70 -75.92 17.21
CA ALA JA 150 103.77 -77.31 17.68
C ALA JA 150 103.42 -77.37 19.16
N LYS JA 151 102.21 -76.91 19.48
CA LYS JA 151 101.69 -76.94 20.84
C LYS JA 151 100.93 -78.24 21.08
N GLU JA 152 101.19 -78.88 22.21
CA GLU JA 152 100.53 -80.14 22.52
C GLU JA 152 99.05 -79.94 22.72
N PHE JA 153 98.25 -80.78 22.06
CA PHE JA 153 96.80 -80.62 22.02
C PHE JA 153 96.43 -79.23 21.51
N LEU JA 154 97.10 -78.84 20.42
CA LEU JA 154 96.80 -77.59 19.74
C LEU JA 154 95.35 -77.59 19.27
N GLU JA 155 94.68 -76.45 19.48
CA GLU JA 155 93.25 -76.33 19.26
C GLU JA 155 92.98 -75.85 17.83
N VAL JA 156 92.07 -76.55 17.15
CA VAL JA 156 91.57 -76.12 15.85
C VAL JA 156 90.06 -76.25 15.89
N VAL JA 157 89.36 -75.12 15.93
CA VAL JA 157 87.92 -75.09 16.10
C VAL JA 157 87.25 -74.69 14.79
N LEU JA 158 85.95 -74.93 14.72
CA LEU JA 158 85.15 -74.62 13.54
C LEU JA 158 84.14 -73.52 13.86
N SER JA 159 83.38 -73.13 12.84
CA SER JA 159 82.39 -72.08 12.99
C SER JA 159 81.11 -72.63 13.61
N LYS JA 160 80.19 -71.70 13.91
CA LYS JA 160 78.94 -72.09 14.55
C LYS JA 160 78.10 -72.98 13.65
N ALA JA 161 78.00 -72.64 12.36
CA ALA JA 161 77.20 -73.45 11.45
C ALA JA 161 77.78 -74.85 11.30
N LEU JA 162 79.10 -74.95 11.17
CA LEU JA 162 79.73 -76.27 11.08
C LEU JA 162 79.51 -77.05 12.36
N THR JA 163 79.65 -76.41 13.52
CA THR JA 163 79.37 -77.09 14.77
C THR JA 163 77.92 -77.55 14.86
N ALA JA 164 77.01 -76.78 14.26
CA ALA JA 164 75.59 -77.13 14.31
C ALA JA 164 75.27 -78.32 13.42
N VAL JA 165 75.78 -78.34 12.20
CA VAL JA 165 75.36 -79.34 11.22
C VAL JA 165 76.49 -80.31 10.89
N CYS JA 166 77.45 -80.50 11.79
CA CYS JA 166 78.56 -81.43 11.56
C CYS JA 166 78.06 -82.86 11.82
N TYR JA 167 77.36 -83.40 10.83
CA TYR JA 167 76.88 -84.78 10.94
C TYR JA 167 78.05 -85.76 10.96
N LYS JA 168 79.01 -85.58 10.06
CA LYS JA 168 80.19 -86.42 10.00
C LYS JA 168 81.41 -85.56 9.74
N LEU JA 169 82.58 -86.06 10.12
CA LEU JA 169 83.83 -85.35 9.97
C LEU JA 169 84.89 -86.25 9.36
N GLU JA 170 85.71 -85.67 8.50
CA GLU JA 170 86.85 -86.36 7.91
C GLU JA 170 88.07 -85.44 8.00
N VAL JA 171 89.16 -85.94 8.56
CA VAL JA 171 90.38 -85.16 8.76
C VAL JA 171 91.48 -85.78 7.92
N PHE JA 172 91.98 -85.01 6.96
CA PHE JA 172 93.04 -85.44 6.06
C PHE JA 172 94.26 -84.56 6.31
N VAL JA 173 95.27 -85.13 6.93
CA VAL JA 173 96.52 -84.44 7.17
C VAL JA 173 97.36 -84.58 5.92
N THR JA 174 97.46 -83.52 5.14
CA THR JA 174 98.20 -83.52 3.89
C THR JA 174 99.51 -82.77 4.09
N THR JA 175 100.62 -83.46 3.85
CA THR JA 175 101.95 -82.87 3.90
C THR JA 175 102.54 -82.96 2.51
N ASP JA 176 102.97 -81.81 1.97
CA ASP JA 176 103.66 -81.62 0.70
C ASP JA 176 103.24 -82.64 -0.36
N GLY JA 177 101.93 -82.86 -0.49
CA GLY JA 177 101.40 -83.81 -1.44
C GLY JA 177 101.14 -85.19 -0.89
N LYS JA 178 101.46 -85.46 0.37
CA LYS JA 178 101.19 -86.75 1.00
C LYS JA 178 100.07 -86.57 2.01
N THR JA 179 98.97 -87.28 1.79
CA THR JA 179 97.78 -87.16 2.63
C THR JA 179 97.57 -88.45 3.41
N THR JA 180 97.39 -88.32 4.72
CA THR JA 180 96.97 -89.40 5.58
C THR JA 180 95.62 -89.03 6.19
N GLN JA 181 94.93 -90.02 6.74
CA GLN JA 181 93.65 -89.81 7.39
C GLN JA 181 93.80 -89.97 8.90
N TRP JA 182 93.34 -88.98 9.65
CA TRP JA 182 93.29 -89.06 11.10
C TRP JA 182 91.85 -88.94 11.56
N SER JA 183 91.50 -89.74 12.57
CA SER JA 183 90.15 -89.78 13.12
C SER JA 183 90.19 -89.38 14.58
N SER JA 184 88.99 -89.25 15.15
CA SER JA 184 88.83 -88.92 16.55
C SER JA 184 88.69 -90.21 17.33
N SER JA 185 89.59 -90.43 18.29
CA SER JA 185 89.61 -91.65 19.07
C SER JA 185 89.68 -91.32 20.55
N THR JA 186 88.80 -91.93 21.34
CA THR JA 186 88.78 -91.82 22.78
C THR JA 186 89.10 -93.18 23.38
N MET JA 187 88.98 -93.27 24.71
CA MET JA 187 89.19 -94.51 25.46
C MET JA 187 90.60 -95.05 25.17
N PHE JA 188 91.58 -94.24 25.58
CA PHE JA 188 92.98 -94.56 25.32
C PHE JA 188 93.44 -95.71 26.20
N ARG JA 189 94.20 -96.63 25.61
CA ARG JA 189 94.70 -97.77 26.35
C ARG JA 189 96.01 -98.23 25.71
N LEU JA 190 96.76 -99.02 26.46
CA LEU JA 190 98.02 -99.63 26.04
C LEU JA 190 99.16 -98.63 25.98
N ALA JA 191 100.34 -99.02 26.46
CA ALA JA 191 101.47 -98.11 26.57
C ALA JA 191 102.02 -97.77 25.18
N GLY JA 192 102.88 -96.75 25.16
CA GLY JA 192 103.49 -96.30 23.93
C GLY JA 192 102.59 -95.40 23.11
N SER JA 193 103.02 -95.12 21.88
CA SER JA 193 102.27 -94.29 20.96
C SER JA 193 101.06 -95.08 20.48
N LYS JA 194 99.92 -94.89 21.15
CA LYS JA 194 98.73 -95.67 20.83
C LYS JA 194 98.30 -95.45 19.39
N SER JA 195 98.32 -94.21 18.94
CA SER JA 195 97.97 -93.87 17.57
C SER JA 195 98.54 -92.51 17.24
N GLN JA 196 98.54 -92.19 15.95
CA GLN JA 196 98.93 -90.86 15.49
C GLN JA 196 97.70 -90.22 14.87
N VAL JA 197 96.85 -89.65 15.73
CA VAL JA 197 95.62 -88.98 15.35
C VAL JA 197 95.40 -87.83 16.33
N TYR JA 198 94.30 -87.11 16.12
CA TYR JA 198 93.91 -85.99 16.98
C TYR JA 198 92.96 -86.48 18.07
N VAL JA 199 92.43 -85.54 18.86
CA VAL JA 199 91.38 -85.85 19.82
C VAL JA 199 90.29 -84.79 19.70
N GLU JA 200 89.12 -85.12 20.23
CA GLU JA 200 87.96 -84.25 20.15
C GLU JA 200 88.11 -83.05 21.09
N PHE JA 201 87.29 -82.04 20.87
CA PHE JA 201 87.27 -80.89 21.77
C PHE JA 201 86.05 -80.05 21.48
N TYR JA 202 85.53 -79.39 22.52
CA TYR JA 202 84.44 -78.45 22.34
C TYR JA 202 84.71 -77.19 23.15
N LYS JA 203 84.17 -76.07 22.67
CA LYS JA 203 84.33 -74.78 23.32
C LYS JA 203 82.96 -74.17 23.57
N PRO JA 204 82.73 -73.61 24.77
CA PRO JA 204 81.39 -73.11 25.13
C PRO JA 204 80.91 -71.95 24.28
N SER JA 205 81.68 -71.56 23.27
CA SER JA 205 81.20 -70.64 22.26
C SER JA 205 80.39 -71.33 21.20
N GLU JA 206 79.85 -72.50 21.55
CA GLU JA 206 79.10 -73.33 20.62
C GLU JA 206 79.98 -73.78 19.47
N GLN JA 207 81.21 -74.18 19.77
CA GLN JA 207 82.15 -74.56 18.72
C GLN JA 207 82.70 -75.96 19.00
N LEU JA 208 82.89 -76.72 17.93
CA LEU JA 208 83.52 -78.02 18.01
C LEU JA 208 84.86 -77.95 17.29
N GLY JA 209 85.80 -78.76 17.75
CA GLY JA 209 87.12 -78.74 17.16
C GLY JA 209 87.94 -79.93 17.59
N VAL JA 210 89.22 -79.86 17.25
CA VAL JA 210 90.16 -80.96 17.46
C VAL JA 210 91.38 -80.44 18.21
N ARG JA 211 92.08 -81.36 18.85
CA ARG JA 211 93.32 -81.09 19.54
C ARG JA 211 94.40 -81.99 18.97
N PHE JA 212 95.51 -81.37 18.57
CA PHE JA 212 96.67 -82.09 18.04
C PHE JA 212 97.59 -82.39 19.21
N GLY JA 213 97.70 -83.68 19.57
CA GLY JA 213 98.50 -84.08 20.69
C GLY JA 213 99.95 -84.34 20.32
N ASP JA 214 100.77 -84.60 21.33
CA ASP JA 214 102.19 -84.85 21.17
C ASP JA 214 102.59 -86.11 21.92
N GLY JA 215 103.86 -86.45 21.82
CA GLY JA 215 104.37 -87.63 22.51
C GLY JA 215 103.73 -88.89 21.99
N LEU JA 216 103.41 -89.80 22.92
CA LEU JA 216 102.75 -91.04 22.55
C LEU JA 216 101.25 -90.86 22.32
N ILE JA 217 100.70 -89.69 22.63
CA ILE JA 217 99.31 -89.37 22.34
C ILE JA 217 99.33 -88.57 21.04
N GLY JA 218 99.23 -89.28 19.93
CA GLY JA 218 99.21 -88.62 18.64
C GLY JA 218 100.56 -88.01 18.29
N GLN JA 219 100.55 -87.27 17.18
CA GLN JA 219 101.73 -86.57 16.70
C GLN JA 219 101.30 -85.24 16.10
N ILE JA 220 102.17 -84.25 16.20
CA ILE JA 220 101.89 -82.93 15.63
C ILE JA 220 102.26 -82.94 14.15
N PRO JA 221 101.37 -82.52 13.26
CA PRO JA 221 101.77 -82.32 11.88
C PRO JA 221 102.83 -81.23 11.78
N PRO JA 222 103.73 -81.32 10.81
CA PRO JA 222 104.78 -80.32 10.69
C PRO JA 222 104.20 -78.95 10.36
N GLU JA 223 104.92 -77.91 10.79
CA GLU JA 223 104.51 -76.55 10.48
C GLU JA 223 104.46 -76.35 8.98
N GLY JA 224 103.39 -75.71 8.51
CA GLY JA 224 103.15 -75.54 7.10
C GLY JA 224 102.36 -76.65 6.47
N SER JA 225 102.29 -77.81 7.10
CA SER JA 225 101.44 -78.88 6.59
C SER JA 225 99.97 -78.51 6.75
N THR JA 226 99.16 -79.03 5.84
CA THR JA 226 97.75 -78.68 5.80
C THR JA 226 96.91 -79.77 6.44
N ILE JA 227 95.79 -79.35 7.05
CA ILE JA 227 94.84 -80.27 7.63
C ILE JA 227 93.49 -79.93 6.99
N THR JA 228 93.03 -80.79 6.09
CA THR JA 228 91.76 -80.60 5.42
C THR JA 228 90.65 -81.22 6.25
N LEU JA 229 89.59 -80.47 6.48
CA LEU JA 229 88.44 -80.90 7.25
C LEU JA 229 87.24 -80.95 6.30
N LYS JA 230 86.79 -82.16 5.98
CA LYS JA 230 85.63 -82.36 5.13
C LYS JA 230 84.47 -82.78 6.02
N VAL JA 231 83.47 -81.91 6.13
CA VAL JA 231 82.35 -82.11 7.04
C VAL JA 231 81.14 -82.52 6.22
N TRP JA 232 80.62 -83.71 6.52
CA TRP JA 232 79.36 -84.16 5.96
C TRP JA 232 78.24 -83.50 6.77
N CYS JA 233 77.52 -82.59 6.14
CA CYS JA 233 76.46 -81.83 6.78
C CYS JA 233 75.13 -82.19 6.14
N THR JA 234 74.06 -81.91 6.87
CA THR JA 234 72.69 -82.12 6.40
C THR JA 234 71.77 -81.20 7.16
N ASN JA 235 70.48 -81.27 6.84
CA ASN JA 235 69.47 -80.43 7.47
C ASN JA 235 68.72 -81.15 8.57
N GLY JA 236 69.12 -82.37 8.92
CA GLY JA 236 68.42 -83.15 9.93
C GLY JA 236 67.51 -84.19 9.30
N ASP JA 237 66.29 -84.32 9.83
CA ASP JA 237 65.32 -85.21 9.22
C ASP JA 237 64.96 -84.72 7.82
N ILE JA 238 64.92 -85.65 6.87
CA ILE JA 238 64.71 -85.34 5.46
C ILE JA 238 63.50 -86.13 4.97
N THR JA 239 62.56 -85.44 4.34
CA THR JA 239 61.40 -86.07 3.72
C THR JA 239 61.54 -85.99 2.22
N LEU JA 240 61.49 -87.14 1.56
CA LEU JA 240 61.61 -87.22 0.11
C LEU JA 240 60.45 -88.07 -0.40
N VAL JA 241 59.50 -87.44 -1.04
CA VAL JA 241 58.31 -88.11 -1.55
C VAL JA 241 58.54 -88.42 -3.03
N ALA JA 242 58.03 -89.56 -3.47
CA ALA JA 242 58.10 -89.90 -4.87
C ALA JA 242 57.27 -88.93 -5.70
N GLY JA 243 57.78 -88.57 -6.87
CA GLY JA 243 57.02 -87.73 -7.78
C GLY JA 243 57.63 -86.38 -8.06
N GLN JA 244 58.93 -86.26 -7.91
CA GLN JA 244 59.63 -85.00 -8.14
C GLN JA 244 60.82 -85.23 -9.06
N ASN JA 245 61.32 -84.13 -9.62
CA ASN JA 245 62.44 -84.15 -10.54
C ASN JA 245 63.55 -83.24 -10.02
N LEU JA 246 64.79 -83.69 -10.17
CA LEU JA 246 65.95 -83.01 -9.63
C LEU JA 246 66.62 -82.15 -10.69
N THR JA 247 67.59 -81.34 -10.24
CA THR JA 247 68.34 -80.45 -11.11
C THR JA 247 69.83 -80.62 -10.83
N PRO JA 248 70.47 -81.63 -11.42
CA PRO JA 248 71.91 -81.78 -11.24
C PRO JA 248 72.65 -80.56 -11.76
N VAL JA 249 73.72 -80.19 -11.06
CA VAL JA 249 74.46 -78.97 -11.38
C VAL JA 249 75.95 -79.27 -11.41
N ASP JA 250 76.76 -78.22 -11.54
CA ASP JA 250 78.22 -78.30 -11.53
C ASP JA 250 78.65 -79.15 -12.72
N SER JA 251 79.38 -80.24 -12.53
CA SER JA 251 79.77 -81.08 -13.65
C SER JA 251 78.57 -81.69 -14.36
N ALA JA 252 77.45 -81.84 -13.65
CA ALA JA 252 76.23 -82.38 -14.23
C ALA JA 252 75.23 -81.31 -14.62
N ALA JA 253 75.64 -80.03 -14.57
CA ALA JA 253 74.76 -78.96 -15.01
C ALA JA 253 74.42 -79.13 -16.49
N ASN JA 254 75.42 -79.45 -17.31
CA ASN JA 254 75.17 -79.76 -18.70
C ASN JA 254 74.49 -81.11 -18.88
N LEU JA 255 74.52 -81.96 -17.85
CA LEU JA 255 73.86 -83.25 -17.89
C LEU JA 255 72.40 -83.20 -17.43
N ALA JA 256 71.98 -82.05 -16.87
CA ALA JA 256 70.64 -81.96 -16.31
C ALA JA 256 69.57 -82.19 -17.37
N ASN JA 257 69.74 -81.57 -18.55
CA ASN JA 257 68.81 -81.81 -19.63
C ASN JA 257 68.96 -83.18 -20.26
N LEU JA 258 70.14 -83.81 -20.13
CA LEU JA 258 70.36 -85.12 -20.70
C LEU JA 258 69.91 -86.24 -19.77
N ILE JA 259 69.95 -86.01 -18.45
CA ILE JA 259 69.59 -87.01 -17.46
C ILE JA 259 68.49 -86.43 -16.58
N SER JA 260 67.38 -87.14 -16.47
CA SER JA 260 66.29 -86.78 -15.57
C SER JA 260 66.35 -87.66 -14.33
N VAL JA 261 66.20 -87.04 -13.17
CA VAL JA 261 66.18 -87.76 -11.90
C VAL JA 261 64.76 -87.71 -11.36
N LYS JA 262 64.17 -88.88 -11.17
CA LYS JA 262 62.77 -88.99 -10.76
C LYS JA 262 62.69 -89.66 -9.40
N THR JA 263 61.93 -89.05 -8.50
CA THR JA 263 61.67 -89.63 -7.20
C THR JA 263 60.61 -90.72 -7.33
N THR JA 264 61.00 -91.96 -7.10
CA THR JA 264 60.07 -93.08 -7.15
C THR JA 264 59.99 -93.83 -5.84
N THR JA 265 61.11 -94.00 -5.15
CA THR JA 265 61.12 -94.66 -3.86
C THR JA 265 61.10 -93.59 -2.77
N PRO JA 266 60.07 -93.55 -1.93
CA PRO JA 266 60.02 -92.56 -0.86
C PRO JA 266 61.22 -92.68 0.06
N ILE JA 267 61.73 -91.52 0.50
CA ILE JA 267 62.87 -91.47 1.42
C ILE JA 267 62.47 -90.61 2.60
N THR JA 268 62.40 -91.21 3.78
CA THR JA 268 62.05 -90.52 5.01
C THR JA 268 62.75 -91.25 6.16
N ALA JA 269 62.30 -91.00 7.38
CA ALA JA 269 62.86 -91.61 8.60
C ALA JA 269 64.28 -91.12 8.86
N GLY JA 270 64.47 -89.80 8.77
CA GLY JA 270 65.67 -89.18 9.26
C GLY JA 270 65.56 -88.81 10.73
N THR JA 271 66.67 -88.34 11.28
CA THR JA 271 66.73 -87.99 12.70
C THR JA 271 67.05 -86.51 12.85
N ASP JA 272 66.73 -85.97 14.04
CA ASP JA 272 67.00 -84.58 14.36
C ASP JA 272 67.69 -84.48 15.71
N ALA JA 273 67.84 -83.26 16.23
CA ALA JA 273 68.47 -83.03 17.51
C ALA JA 273 67.41 -83.09 18.61
N GLU JA 274 67.63 -83.94 19.60
CA GLU JA 274 66.68 -84.11 20.70
C GLU JA 274 66.95 -83.08 21.79
N THR JA 275 66.17 -83.16 22.87
CA THR JA 275 66.15 -82.10 23.88
C THR JA 275 67.45 -82.09 24.69
N THR JA 276 67.76 -80.91 25.23
CA THR JA 276 69.02 -80.72 25.95
C THR JA 276 69.08 -81.58 27.19
N GLU JA 277 67.99 -81.63 27.97
CA GLU JA 277 68.02 -82.40 29.21
C GLU JA 277 68.20 -83.89 28.93
N ILE JA 278 67.53 -84.40 27.89
CA ILE JA 278 67.66 -85.81 27.59
C ILE JA 278 69.04 -86.11 27.02
N THR JA 279 69.63 -85.19 26.25
CA THR JA 279 70.99 -85.39 25.80
C THR JA 279 71.95 -85.44 26.99
N ARG JA 280 71.76 -84.55 27.95
CA ARG JA 280 72.59 -84.55 29.15
C ARG JA 280 72.43 -85.86 29.91
N ASN JA 281 71.20 -86.32 30.06
CA ASN JA 281 70.96 -87.57 30.77
C ASN JA 281 71.61 -88.74 30.04
N ARG JA 282 71.47 -88.78 28.72
CA ARG JA 282 72.08 -89.85 27.95
C ARG JA 282 73.59 -89.83 28.09
N ALA JA 283 74.19 -88.64 28.05
CA ALA JA 283 75.64 -88.54 28.20
C ALA JA 283 76.08 -88.99 29.59
N GLN JA 284 75.36 -88.58 30.62
CA GLN JA 284 75.76 -88.87 31.98
C GLN JA 284 75.46 -90.30 32.40
N TYR JA 285 74.61 -91.01 31.65
CA TYR JA 285 74.30 -92.39 31.98
C TYR JA 285 74.76 -93.39 30.93
N TYR JA 286 75.40 -92.94 29.86
CA TYR JA 286 75.86 -93.88 28.84
C TYR JA 286 77.02 -94.74 29.33
N LEU JA 287 77.67 -94.35 30.42
CA LEU JA 287 78.83 -95.09 30.88
C LEU JA 287 78.49 -96.50 31.35
N ALA JA 288 77.20 -96.84 31.41
CA ALA JA 288 76.82 -98.20 31.79
C ALA JA 288 77.28 -99.20 30.75
N TYR JA 289 77.20 -98.81 29.47
CA TYR JA 289 77.70 -99.63 28.38
C TYR JA 289 79.21 -99.40 28.28
N ASP JA 290 79.94 -100.06 29.18
CA ASP JA 290 81.38 -99.88 29.26
C ASP JA 290 82.13 -101.21 29.41
N ASP JA 291 81.44 -102.34 29.36
CA ASP JA 291 82.04 -103.66 29.56
C ASP JA 291 82.72 -103.77 30.93
N GLN JA 292 82.19 -103.05 31.92
CA GLN JA 292 82.74 -103.11 33.28
C GLN JA 292 82.28 -104.40 33.92
N VAL JA 293 83.10 -105.44 33.78
CA VAL JA 293 82.83 -106.76 34.34
C VAL JA 293 83.80 -106.99 35.50
N VAL JA 294 83.25 -107.29 36.68
CA VAL JA 294 84.07 -107.39 37.89
C VAL JA 294 83.83 -108.67 38.68
N TRP JA 295 82.91 -109.54 38.26
CA TRP JA 295 82.77 -110.84 38.89
C TRP JA 295 82.36 -111.89 37.87
N GLY JA 296 82.50 -113.15 38.27
CA GLY JA 296 82.09 -114.25 37.41
C GLY JA 296 80.62 -114.21 37.06
N GLY JA 297 79.79 -113.77 38.01
CA GLY JA 297 78.39 -113.53 37.69
C GLY JA 297 78.21 -112.48 36.61
N ASP JA 298 79.05 -111.44 36.66
CA ASP JA 298 79.01 -110.43 35.60
C ASP JA 298 79.39 -111.05 34.27
N TYR JA 299 80.41 -111.92 34.27
CA TYR JA 299 80.78 -112.63 33.04
C TYR JA 299 79.60 -113.42 32.51
N THR JA 300 78.96 -114.20 33.38
CA THR JA 300 77.86 -115.05 32.95
C THR JA 300 76.71 -114.22 32.41
N TYR JA 301 76.38 -113.12 33.11
CA TYR JA 301 75.32 -112.24 32.65
C TYR JA 301 75.63 -111.66 31.28
N PHE JA 302 76.87 -111.22 31.08
CA PHE JA 302 77.22 -110.60 29.81
C PHE JA 302 77.24 -111.63 28.68
N LEU JA 303 77.72 -112.84 28.96
CA LEU JA 303 77.65 -113.90 27.96
C LEU JA 303 76.22 -114.21 27.59
N VAL JA 304 75.33 -114.27 28.59
CA VAL JA 304 73.92 -114.53 28.31
C VAL JA 304 73.33 -113.42 27.45
N ARG JA 305 73.61 -112.17 27.81
CA ARG JA 305 73.04 -111.05 27.07
C ARG JA 305 73.66 -110.89 25.68
N ASN JA 306 74.84 -111.45 25.46
CA ASN JA 306 75.51 -111.32 24.17
C ASN JA 306 75.22 -112.49 23.24
N ILE JA 307 74.95 -113.67 23.78
CA ILE JA 307 74.66 -114.84 22.96
C ILE JA 307 73.20 -115.21 23.14
N PRO JA 308 72.35 -114.90 22.18
CA PRO JA 308 70.94 -115.30 22.28
C PRO JA 308 70.80 -116.81 22.16
N GLY JA 309 69.70 -117.31 22.74
CA GLY JA 309 69.35 -118.71 22.63
C GLY JA 309 70.01 -119.62 23.64
N LEU JA 310 70.77 -119.08 24.59
CA LEU JA 310 71.42 -119.92 25.59
C LEU JA 310 70.38 -120.45 26.56
N SER JA 311 70.40 -121.77 26.77
CA SER JA 311 69.55 -122.34 27.82
C SER JA 311 69.94 -121.80 29.18
N TRP JA 312 71.24 -121.76 29.45
CA TRP JA 312 71.75 -121.21 30.68
C TRP JA 312 73.27 -121.15 30.60
N VAL JA 313 73.86 -120.29 31.42
CA VAL JA 313 75.31 -120.20 31.58
C VAL JA 313 75.62 -119.96 33.04
N LYS JA 314 76.61 -120.67 33.57
CA LYS JA 314 76.98 -120.50 34.97
C LYS JA 314 78.44 -120.87 35.16
N ALA JA 315 79.16 -120.05 35.91
CA ALA JA 315 80.56 -120.30 36.22
C ALA JA 315 80.70 -120.79 37.66
N TRP JA 316 81.85 -121.38 37.94
CA TRP JA 316 82.15 -121.91 39.26
C TRP JA 316 83.64 -121.74 39.52
N GLY JA 317 83.98 -120.91 40.49
CA GLY JA 317 85.37 -120.59 40.74
C GLY JA 317 86.07 -121.68 41.53
N GLU JA 318 87.25 -121.32 42.04
CA GLU JA 318 88.05 -122.28 42.80
C GLU JA 318 87.33 -122.72 44.06
N GLY JA 319 86.69 -121.79 44.77
CA GLY JA 319 85.94 -122.18 45.96
C GLY JA 319 84.76 -123.06 45.63
N GLN JA 320 84.08 -122.78 44.52
CA GLN JA 320 82.94 -123.60 44.12
C GLN JA 320 83.38 -125.01 43.76
N GLN JA 321 84.50 -125.13 43.04
CA GLN JA 321 85.03 -126.44 42.73
C GLN JA 321 85.50 -127.15 43.99
N GLU JA 322 86.06 -126.40 44.94
CA GLU JA 322 86.50 -126.97 46.21
C GLU JA 322 85.32 -127.55 46.98
N LYS JA 323 84.23 -126.81 47.07
CA LYS JA 323 83.07 -127.32 47.81
C LYS JA 323 82.36 -128.42 47.02
N LEU JA 324 82.46 -128.40 45.69
CA LEU JA 324 81.97 -129.53 44.90
C LEU JA 324 82.74 -130.80 45.24
N ASP JA 325 84.06 -130.69 45.33
CA ASP JA 325 84.90 -131.86 45.51
C ASP JA 325 84.98 -132.32 46.96
N GLY JA 326 84.73 -131.43 47.91
CA GLY JA 326 84.82 -131.78 49.31
C GLY JA 326 86.23 -131.89 49.84
N ALA JA 327 87.24 -131.53 49.05
CA ALA JA 327 88.63 -131.67 49.48
C ALA JA 327 89.48 -130.69 48.70
N TYR JA 328 90.69 -130.45 49.20
CA TYR JA 328 91.61 -129.54 48.53
C TYR JA 328 92.09 -130.09 47.20
N ASN JA 329 92.17 -129.22 46.20
CA ASN JA 329 92.70 -129.56 44.89
C ASN JA 329 93.96 -128.76 44.63
N VAL JA 330 95.05 -129.46 44.29
CA VAL JA 330 96.27 -128.80 43.89
C VAL JA 330 96.09 -128.06 42.58
N GLN JA 331 95.11 -128.47 41.76
CA GLN JA 331 94.91 -127.84 40.46
C GLN JA 331 93.94 -126.68 40.52
N ASN JA 332 92.92 -126.76 41.37
CA ASN JA 332 91.89 -125.72 41.44
C ASN JA 332 92.46 -124.51 42.19
N ILE JA 333 93.40 -123.84 41.54
CA ILE JA 333 94.05 -122.65 42.07
C ILE JA 333 93.83 -121.53 41.05
N ASN JA 334 92.98 -120.58 41.40
CA ASN JA 334 92.62 -119.45 40.53
C ASN JA 334 91.96 -119.90 39.23
N LYS JA 335 91.43 -121.11 39.21
CA LYS JA 335 90.83 -121.69 38.02
C LYS JA 335 89.31 -121.67 38.15
N ILE JA 336 88.63 -121.19 37.11
CA ILE JA 336 87.18 -121.06 37.11
C ILE JA 336 86.63 -121.88 35.96
N PHE JA 337 85.74 -122.82 36.27
CA PHE JA 337 85.12 -123.68 35.27
C PHE JA 337 83.74 -123.12 34.93
N ILE JA 338 83.52 -122.85 33.65
CA ILE JA 338 82.28 -122.27 33.17
C ILE JA 338 81.53 -123.33 32.38
N SER JA 339 80.27 -123.54 32.74
CA SER JA 339 79.41 -124.50 32.08
C SER JA 339 78.18 -123.78 31.56
N GLY JA 340 77.43 -124.47 30.70
CA GLY JA 340 76.22 -123.89 30.17
C GLY JA 340 75.60 -124.82 29.15
N TRP JA 341 74.37 -124.50 28.79
CA TRP JA 341 73.66 -125.22 27.76
C TRP JA 341 73.02 -124.23 26.79
N HIS JA 342 73.02 -124.63 25.51
CA HIS JA 342 72.37 -123.96 24.41
C HIS JA 342 71.74 -125.07 23.58
N PRO JA 343 70.44 -124.99 23.30
CA PRO JA 343 69.80 -126.06 22.51
C PRO JA 343 70.39 -126.21 21.12
N ASN JA 344 70.79 -125.10 20.50
CA ASN JA 344 71.29 -125.11 19.13
C ASN JA 344 72.81 -125.24 19.07
N LYS JA 345 73.48 -125.38 20.21
CA LYS JA 345 74.92 -125.42 20.24
C LYS JA 345 75.39 -126.59 21.09
N SER JA 346 76.53 -127.16 20.68
CA SER JA 346 77.14 -128.24 21.42
C SER JA 346 78.02 -127.68 22.53
N GLN JA 347 78.62 -128.57 23.31
CA GLN JA 347 79.55 -128.14 24.35
C GLN JA 347 80.76 -127.45 23.74
N SER JA 348 81.26 -127.98 22.63
CA SER JA 348 82.38 -127.35 21.94
C SER JA 348 82.01 -125.96 21.44
N GLU JA 349 80.80 -125.82 20.90
CA GLU JA 349 80.34 -124.50 20.46
C GLU JA 349 80.23 -123.54 21.63
N LEU JA 350 79.68 -124.01 22.75
CA LEU JA 350 79.59 -123.16 23.93
C LEU JA 350 80.98 -122.70 24.37
N GLU JA 351 81.93 -123.63 24.40
CA GLU JA 351 83.29 -123.29 24.80
C GLU JA 351 83.92 -122.29 23.83
N GLU JA 352 83.74 -122.49 22.52
CA GLU JA 352 84.37 -121.59 21.56
C GLU JA 352 83.78 -120.20 21.67
N MET JA 353 82.46 -120.09 21.82
CA MET JA 353 81.85 -118.77 21.99
C MET JA 353 82.30 -118.12 23.30
N ILE JA 354 82.42 -118.92 24.36
CA ILE JA 354 82.90 -118.39 25.63
C ILE JA 354 84.30 -117.81 25.47
N LEU JA 355 85.18 -118.57 24.81
CA LEU JA 355 86.55 -118.11 24.62
C LEU JA 355 86.60 -116.88 23.73
N ALA JA 356 85.78 -116.84 22.68
CA ALA JA 356 85.74 -115.68 21.81
C ALA JA 356 85.32 -114.44 22.58
N ALA JA 357 84.30 -114.56 23.43
CA ALA JA 357 83.90 -113.44 24.26
C ALA JA 357 85.00 -113.07 25.25
N PHE JA 358 85.75 -114.06 25.75
CA PHE JA 358 86.86 -113.76 26.64
C PHE JA 358 87.91 -112.89 25.94
N LYS JA 359 88.24 -113.22 24.69
CA LYS JA 359 89.15 -112.36 23.95
C LYS JA 359 88.53 -110.99 23.70
N LYS JA 360 87.25 -110.95 23.34
CA LYS JA 360 86.60 -109.69 23.01
C LYS JA 360 86.53 -108.76 24.21
N VAL JA 361 86.50 -109.31 25.41
CA VAL JA 361 86.41 -108.53 26.64
C VAL JA 361 87.72 -108.73 27.42
N PRO JA 362 88.66 -107.80 27.29
CA PRO JA 362 89.98 -107.93 27.95
C PRO JA 362 89.97 -107.41 29.37
N ASN JA 363 89.29 -108.13 30.26
CA ASN JA 363 89.12 -107.71 31.64
C ASN JA 363 89.34 -108.92 32.56
N GLU JA 364 90.61 -109.14 32.92
CA GLU JA 364 90.95 -110.25 33.79
C GLU JA 364 92.36 -110.04 34.31
N LEU JA 365 92.66 -110.68 35.45
CA LEU JA 365 93.99 -110.59 36.04
C LEU JA 365 94.18 -111.74 37.00
N ASN JA 366 95.20 -112.58 36.74
CA ASN JA 366 95.65 -113.64 37.65
C ASN JA 366 94.56 -114.68 37.90
N LYS JA 367 93.68 -114.90 36.93
CA LYS JA 367 92.68 -115.95 37.02
C LYS JA 367 92.52 -116.63 35.67
N LYS JA 368 92.51 -117.97 35.68
CA LYS JA 368 92.33 -118.74 34.46
C LYS JA 368 90.90 -119.24 34.38
N PHE JA 369 90.39 -119.33 33.15
CA PHE JA 369 89.03 -119.76 32.90
C PHE JA 369 89.03 -120.91 31.91
N SER JA 370 88.35 -121.98 32.27
CA SER JA 370 88.22 -123.16 31.43
C SER JA 370 86.74 -123.48 31.27
N TYR JA 371 86.44 -124.36 30.32
CA TYR JA 371 85.08 -124.78 30.06
C TYR JA 371 84.85 -126.16 30.66
N LYS JA 372 83.75 -126.31 31.39
CA LYS JA 372 83.41 -127.53 32.07
C LYS JA 372 82.32 -128.28 31.29
N GLU JA 373 82.49 -129.59 31.17
CA GLU JA 373 81.51 -130.40 30.48
C GLU JA 373 80.17 -130.35 31.21
N VAL JA 374 79.10 -130.44 30.43
CA VAL JA 374 77.73 -130.45 30.97
C VAL JA 374 77.19 -131.86 30.78
N ARG JA 375 76.83 -132.51 31.90
CA ARG JA 375 76.38 -133.90 31.88
C ARG JA 375 74.86 -133.94 31.94
N LYS JA 376 74.25 -134.50 30.90
CA LYS JA 376 72.81 -134.66 30.87
C LYS JA 376 72.39 -135.71 31.89
N LEU JA 377 71.35 -135.41 32.66
CA LEU JA 377 70.80 -136.32 33.67
C LEU JA 377 69.29 -136.40 33.49
N PRO JA 378 68.83 -137.13 32.47
CA PRO JA 378 67.38 -137.31 32.30
C PRO JA 378 66.80 -138.21 33.38
N PHE JA 379 65.51 -138.02 33.61
CA PHE JA 379 64.75 -138.85 34.54
C PHE JA 379 63.33 -138.95 34.02
N LYS JA 380 62.70 -140.09 34.27
CA LYS JA 380 61.36 -140.35 33.77
C LYS JA 380 60.33 -140.15 34.87
N ILE JA 381 59.10 -139.88 34.44
CA ILE JA 381 57.96 -139.78 35.34
C ILE JA 381 56.90 -140.77 34.88
N THR JA 382 56.39 -141.55 35.82
CA THR JA 382 55.30 -142.49 35.57
C THR JA 382 54.07 -141.96 36.29
N ILE JA 383 53.12 -141.44 35.54
CA ILE JA 383 51.83 -141.03 36.07
C ILE JA 383 50.83 -142.12 35.78
N THR JA 384 49.99 -142.43 36.76
CA THR JA 384 49.01 -143.51 36.66
C THR JA 384 47.68 -143.03 37.22
N GLY JA 385 46.62 -143.25 36.46
CA GLY JA 385 45.29 -142.87 36.94
C GLY JA 385 44.31 -142.80 35.78
N ARG JA 386 43.17 -142.15 36.05
CA ARG JA 386 42.10 -142.05 35.08
C ARG JA 386 41.60 -140.62 34.98
N ILE JA 387 41.12 -140.25 33.81
CA ILE JA 387 40.61 -138.90 33.55
C ILE JA 387 39.11 -138.97 33.28
N SER JA 388 38.50 -137.82 33.06
CA SER JA 388 37.12 -137.77 32.62
C SER JA 388 36.99 -138.24 31.17
N ALA JA 389 35.85 -138.85 30.86
CA ALA JA 389 35.61 -139.30 29.50
C ALA JA 389 35.47 -138.15 28.51
N SER JA 390 35.21 -136.93 29.01
CA SER JA 390 35.12 -135.78 28.13
C SER JA 390 36.45 -135.45 27.46
N LEU JA 391 37.55 -135.95 28.01
CA LEU JA 391 38.88 -135.68 27.48
C LEU JA 391 39.33 -136.81 26.56
N THR JA 392 40.31 -136.51 25.72
CA THR JA 392 40.92 -137.50 24.84
C THR JA 392 42.31 -137.82 25.37
N ILE JA 393 42.58 -139.12 25.56
CA ILE JA 393 43.83 -139.54 26.17
C ILE JA 393 45.02 -139.12 25.30
N GLU JA 394 44.91 -139.33 23.99
CA GLU JA 394 46.01 -139.01 23.10
C GLU JA 394 46.31 -137.52 23.10
N ASN JA 395 45.26 -136.70 23.01
CA ASN JA 395 45.45 -135.26 22.99
C ASN JA 395 46.01 -134.77 24.32
N VAL JA 396 45.53 -135.32 25.42
CA VAL JA 396 46.06 -134.93 26.74
C VAL JA 396 47.53 -135.30 26.84
N THR JA 397 47.89 -136.50 26.37
CA THR JA 397 49.30 -136.91 26.39
C THR JA 397 50.14 -135.95 25.57
N ASP JA 398 49.66 -135.57 24.38
CA ASP JA 398 50.41 -134.67 23.52
C ASP JA 398 50.60 -133.33 24.19
N GLU JA 399 49.53 -132.77 24.75
CA GLU JA 399 49.60 -131.45 25.38
C GLU JA 399 50.53 -131.47 26.59
N LEU JA 400 50.42 -132.50 27.43
CA LEU JA 400 51.28 -132.61 28.60
C LEU JA 400 52.73 -132.74 28.20
N LYS JA 401 53.02 -133.57 27.18
CA LYS JA 401 54.40 -133.71 26.74
C LYS JA 401 54.94 -132.39 26.20
N SER JA 402 54.13 -131.68 25.42
CA SER JA 402 54.57 -130.39 24.88
C SER JA 402 54.86 -129.40 25.99
N ALA JA 403 53.94 -129.29 26.96
CA ALA JA 403 54.13 -128.35 28.05
C ALA JA 403 55.33 -128.72 28.90
N LEU JA 404 55.54 -130.01 29.15
CA LEU JA 404 56.65 -130.45 29.98
C LEU JA 404 57.98 -130.23 29.28
N GLU JA 405 58.04 -130.46 27.97
CA GLU JA 405 59.27 -130.16 27.25
C GLU JA 405 59.52 -128.66 27.21
N THR JA 406 58.45 -127.87 27.10
CA THR JA 406 58.59 -126.41 27.08
C THR JA 406 59.11 -125.89 28.41
N LYS JA 407 58.59 -126.41 29.52
CA LYS JA 407 58.86 -125.83 30.83
C LYS JA 407 60.04 -126.48 31.53
N PHE JA 408 60.09 -127.82 31.52
CA PHE JA 408 61.12 -128.58 32.24
C PHE JA 408 61.77 -129.63 31.35
N GLY JA 409 61.76 -129.43 30.04
CA GLY JA 409 62.35 -130.37 29.11
C GLY JA 409 63.84 -130.14 28.93
N ARG JA 410 64.40 -130.85 27.95
CA ARG JA 410 65.81 -130.71 27.65
C ARG JA 410 66.13 -129.38 26.96
N ASP JA 411 65.13 -128.69 26.44
CA ASP JA 411 65.32 -127.44 25.74
C ASP JA 411 64.43 -126.35 26.33
N SER JA 412 64.23 -126.39 27.64
CA SER JA 412 63.37 -125.43 28.31
C SER JA 412 64.11 -124.12 28.56
N THR JA 413 63.35 -123.10 28.97
CA THR JA 413 63.88 -121.82 29.36
C THR JA 413 63.91 -121.62 30.86
N PHE JA 414 63.51 -122.64 31.64
CA PHE JA 414 63.45 -122.53 33.09
C PHE JA 414 64.84 -122.37 33.72
N PHE JA 415 65.90 -122.82 33.05
CA PHE JA 415 67.23 -122.74 33.64
C PHE JA 415 67.64 -121.29 33.89
N ASP JA 416 67.37 -120.41 32.92
CA ASP JA 416 67.66 -118.99 33.03
C ASP JA 416 66.44 -118.19 32.58
N PRO JA 417 65.37 -118.22 33.37
CA PRO JA 417 64.14 -117.51 32.96
C PRO JA 417 64.33 -116.02 32.77
N ASN JA 418 65.17 -115.39 33.58
CA ASN JA 418 65.35 -113.95 33.55
C ASN JA 418 66.52 -113.51 32.68
N ARG JA 419 67.27 -114.46 32.10
CA ARG JA 419 68.42 -114.15 31.25
C ARG JA 419 69.44 -113.27 31.98
N VAL JA 420 69.79 -113.69 33.21
CA VAL JA 420 70.75 -112.96 34.03
C VAL JA 420 72.04 -113.74 34.25
N GLY JA 421 72.15 -114.94 33.69
CA GLY JA 421 73.32 -115.76 33.89
C GLY JA 421 73.18 -116.68 35.09
N LYS JA 422 72.07 -117.42 35.15
CA LYS JA 422 71.79 -118.30 36.26
C LYS JA 422 71.31 -119.65 35.73
N TYR JA 423 71.54 -120.68 36.55
CA TYR JA 423 71.05 -122.02 36.27
C TYR JA 423 70.26 -122.51 37.48
N ILE JA 424 69.02 -122.94 37.24
CA ILE JA 424 68.11 -123.33 38.30
C ILE JA 424 67.78 -124.80 38.14
N LEU JA 425 67.98 -125.58 39.20
CA LEU JA 425 67.74 -127.02 39.12
C LEU JA 425 66.25 -127.32 39.01
N ILE JA 426 65.94 -128.34 38.23
CA ILE JA 426 64.57 -128.80 38.07
C ILE JA 426 64.23 -129.74 39.22
N LYS JA 427 63.13 -129.47 39.92
CA LYS JA 427 62.77 -130.23 41.10
C LYS JA 427 61.50 -131.04 40.85
N LYS JA 428 61.39 -132.15 41.58
CA LYS JA 428 60.20 -133.00 41.50
C LYS JA 428 58.96 -132.21 41.90
N LYS JA 429 59.06 -131.43 42.98
CA LYS JA 429 57.95 -130.59 43.38
C LYS JA 429 57.60 -129.61 42.27
N ASP JA 430 58.61 -129.05 41.60
CA ASP JA 430 58.35 -128.09 40.54
C ASP JA 430 57.61 -128.71 39.38
N VAL JA 431 58.06 -129.88 38.92
CA VAL JA 431 57.42 -130.50 37.76
C VAL JA 431 56.00 -130.95 38.12
N TRP JA 432 55.82 -131.48 39.32
CA TRP JA 432 54.48 -131.93 39.68
C TRP JA 432 53.55 -130.73 39.84
N ALA JA 433 54.08 -129.62 40.34
CA ALA JA 433 53.30 -128.38 40.42
C ALA JA 433 52.94 -127.90 39.02
N PHE JA 434 53.88 -128.00 38.08
CA PHE JA 434 53.60 -127.60 36.71
C PHE JA 434 52.45 -128.40 36.13
N ILE JA 435 52.47 -129.72 36.33
CA ILE JA 435 51.40 -130.54 35.77
C ILE JA 435 50.09 -130.25 36.49
N GLU JA 436 50.13 -129.97 37.79
CA GLU JA 436 48.91 -129.63 38.51
C GLU JA 436 48.33 -128.32 37.99
N THR JA 437 49.18 -127.33 37.72
CA THR JA 437 48.72 -126.08 37.12
C THR JA 437 48.12 -126.34 35.75
N LEU JA 438 48.73 -127.24 34.99
CA LEU JA 438 48.16 -127.65 33.72
C LEU JA 438 46.75 -128.22 33.92
N GLY JA 439 46.56 -128.98 35.00
CA GLY JA 439 45.23 -129.37 35.41
C GLY JA 439 44.48 -130.29 34.48
N TYR JA 440 45.17 -131.27 33.90
CA TYR JA 440 44.53 -132.34 33.14
C TYR JA 440 44.45 -133.63 33.94
N PHE JA 441 44.46 -133.53 35.27
CA PHE JA 441 44.42 -134.66 36.17
C PHE JA 441 43.09 -134.71 36.89
N ARG JA 442 42.57 -135.92 37.06
CA ARG JA 442 41.35 -136.14 37.85
C ARG JA 442 41.64 -136.96 39.09
N ASP JA 443 42.31 -138.10 38.93
CA ASP JA 443 42.77 -138.90 40.06
C ASP JA 443 44.00 -139.66 39.58
N PHE JA 444 45.18 -139.14 39.90
CA PHE JA 444 46.42 -139.69 39.39
C PHE JA 444 47.45 -139.77 40.50
N TYR JA 445 48.52 -140.53 40.22
CA TYR JA 445 49.62 -140.71 41.14
C TYR JA 445 50.91 -140.77 40.35
N LEU JA 446 51.94 -140.13 40.87
CA LEU JA 446 53.19 -139.93 40.15
C LEU JA 446 54.33 -140.66 40.84
N GLU JA 447 55.21 -141.25 40.04
CA GLU JA 447 56.45 -141.83 40.52
C GLU JA 447 57.58 -141.33 39.64
N PHE JA 448 58.77 -141.21 40.21
CA PHE JA 448 59.94 -140.76 39.49
C PHE JA 448 60.89 -141.92 39.29
N VAL JA 449 61.28 -142.15 38.04
CA VAL JA 449 62.12 -143.28 37.65
C VAL JA 449 63.49 -142.74 37.26
N GLU JA 450 64.53 -143.34 37.82
CA GLU JA 450 65.91 -142.99 37.49
C GLU JA 450 66.17 -141.51 37.75
N TRP JA 451 65.89 -141.10 38.98
CA TRP JA 451 66.11 -139.72 39.38
C TRP JA 451 67.60 -139.44 39.51
N ASN JA 452 68.21 -138.95 38.44
CA ASN JA 452 69.64 -138.61 38.44
C ASN JA 452 69.77 -137.23 39.06
N GLU JA 453 70.12 -137.17 40.34
CA GLU JA 453 70.27 -135.91 41.03
C GLU JA 453 71.47 -135.15 40.47
N SER JA 454 71.31 -133.84 40.29
CA SER JA 454 72.34 -132.97 39.74
C SER JA 454 72.91 -132.08 40.83
N ASN JA 455 74.23 -131.91 40.82
CA ASN JA 455 74.88 -131.04 41.79
C ASN JA 455 74.51 -129.58 41.59
N GLY JA 456 73.96 -129.22 40.44
CA GLY JA 456 73.66 -127.84 40.14
C GLY JA 456 74.82 -127.03 39.60
N PHE JA 457 75.99 -127.64 39.41
CA PHE JA 457 77.15 -126.93 38.90
C PHE JA 457 77.24 -127.03 37.38
N TYR JA 458 77.31 -128.26 36.86
CA TYR JA 458 77.36 -128.49 35.42
C TYR JA 458 76.48 -129.61 34.94
N ASP JA 459 75.95 -130.46 35.83
CA ASP JA 459 75.09 -131.55 35.40
C ASP JA 459 73.76 -131.01 34.89
N PHE JA 460 73.32 -131.56 33.76
CA PHE JA 460 72.11 -131.10 33.08
C PHE JA 460 70.96 -132.06 33.43
N VAL JA 461 70.24 -131.74 34.49
CA VAL JA 461 69.05 -132.50 34.85
C VAL JA 461 67.88 -131.99 34.04
N TYR JA 462 67.05 -132.92 33.57
CA TYR JA 462 65.88 -132.57 32.78
C TYR JA 462 64.95 -133.77 32.73
N LEU JA 463 63.67 -133.48 32.55
CA LEU JA 463 62.66 -134.53 32.50
C LEU JA 463 62.74 -135.26 31.16
N ASP JA 464 62.73 -136.59 31.21
CA ASP JA 464 62.66 -137.40 29.99
C ASP JA 464 61.19 -137.47 29.56
N THR JA 465 60.76 -136.43 28.85
CA THR JA 465 59.38 -136.36 28.40
C THR JA 465 59.04 -137.48 27.43
N GLU JA 466 59.97 -137.79 26.52
CA GLU JA 466 59.69 -138.79 25.50
C GLU JA 466 59.44 -140.16 26.12
N ASN JA 467 60.23 -140.53 27.13
CA ASN JA 467 60.15 -141.85 27.74
C ASN JA 467 59.23 -141.89 28.95
N SER JA 468 58.50 -140.81 29.23
CA SER JA 468 57.63 -140.77 30.40
C SER JA 468 56.46 -141.73 30.24
N THR JA 469 56.13 -142.42 31.33
CA THR JA 469 55.08 -143.42 31.33
C THR JA 469 53.76 -142.76 31.71
N PHE JA 470 52.75 -142.92 30.86
CA PHE JA 470 51.47 -142.25 31.01
C PHE JA 470 50.37 -143.29 31.03
N ASN JA 471 50.14 -143.89 32.20
CA ASN JA 471 49.04 -144.85 32.37
C ASN JA 471 47.75 -144.07 32.64
N ILE JA 472 47.29 -143.40 31.59
CA ILE JA 472 46.10 -142.57 31.65
C ILE JA 472 44.90 -143.40 31.24
N SER JA 473 43.85 -143.36 32.06
CA SER JA 473 42.62 -144.08 31.75
C SER JA 473 41.42 -143.16 31.85
N TYR JA 474 40.22 -143.69 31.79
CA TYR JA 474 39.00 -142.90 31.89
C TYR JA 474 38.28 -143.25 33.19
N GLU JA 475 37.72 -142.23 33.84
CA GLU JA 475 36.95 -142.41 35.06
C GLU JA 475 35.51 -142.79 34.70
N GLU JA 476 35.33 -144.02 34.24
CA GLU JA 476 33.99 -144.56 34.04
C GLU JA 476 33.41 -145.02 35.38
N GLU JA 477 32.30 -145.75 35.28
CA GLU JA 477 31.64 -146.39 36.40
C GLU JA 477 32.57 -147.39 37.06
N MET KA 1 75.79 -0.41 79.01
CA MET KA 1 76.56 -0.90 77.87
C MET KA 1 75.77 -0.80 76.58
N GLN KA 2 74.63 -0.09 76.64
CA GLN KA 2 73.80 0.16 75.48
C GLN KA 2 73.48 1.64 75.42
N ARG KA 3 73.71 2.26 74.26
CA ARG KA 3 73.48 3.67 74.06
C ARG KA 3 72.24 3.85 73.20
N SER KA 4 71.23 4.54 73.75
CA SER KA 4 69.98 4.82 73.05
C SER KA 4 69.34 3.53 72.53
N TRP KA 5 69.55 2.44 73.28
CA TRP KA 5 69.17 1.12 72.82
C TRP KA 5 67.68 1.01 72.54
N PHE KA 6 66.88 1.87 73.16
CA PHE KA 6 65.45 1.95 72.87
C PHE KA 6 65.19 2.97 71.78
N ASN KA 7 65.92 2.85 70.68
CA ASN KA 7 65.80 3.79 69.57
C ASN KA 7 65.47 3.07 68.28
N HIS KA 8 64.94 1.86 68.36
CA HIS KA 8 64.84 1.01 67.18
C HIS KA 8 63.45 0.43 66.97
N ARG KA 9 62.78 -0.02 68.03
CA ARG KA 9 61.38 -0.45 67.96
C ARG KA 9 60.45 0.61 68.53
N LEU KA 10 60.78 1.87 68.28
CA LEU KA 10 60.03 3.00 68.82
C LEU KA 10 59.80 4.01 67.71
N THR KA 11 58.59 4.53 67.61
CA THR KA 11 58.33 5.59 66.64
C THR KA 11 59.12 6.83 67.04
N SER KA 12 59.51 7.60 66.03
CA SER KA 12 60.44 8.71 66.26
C SER KA 12 59.83 9.78 67.16
N ALA KA 13 58.53 10.04 67.04
CA ALA KA 13 57.89 11.04 67.88
C ALA KA 13 57.93 10.63 69.35
N LYS KA 14 57.58 9.37 69.63
CA LYS KA 14 57.67 8.85 70.98
C LYS KA 14 59.12 8.70 71.43
N GLN KA 15 60.06 8.58 70.51
CA GLN KA 15 61.47 8.62 70.87
C GLN KA 15 61.86 10.00 71.36
N LYS KA 16 61.47 11.04 70.63
CA LYS KA 16 61.73 12.40 71.05
C LYS KA 16 60.77 12.87 72.14
N SER KA 17 59.86 12.01 72.57
CA SER KA 17 58.96 12.36 73.67
C SER KA 17 59.75 12.62 74.96
N LEU KA 18 59.12 13.38 75.85
CA LEU KA 18 59.81 13.84 77.05
C LEU KA 18 60.02 12.71 78.05
N LEU KA 19 58.97 11.94 78.33
CA LEU KA 19 59.02 10.95 79.39
C LEU KA 19 59.54 9.60 78.92
N TYR KA 20 59.47 9.32 77.62
CA TYR KA 20 59.93 8.03 77.13
C TYR KA 20 61.44 7.93 77.22
N LYS KA 21 62.16 9.01 76.93
CA LYS KA 21 63.59 9.01 77.18
C LYS KA 21 63.90 8.89 78.67
N SER KA 22 63.06 9.46 79.52
CA SER KA 22 63.27 9.32 80.96
C SER KA 22 63.18 7.87 81.38
N LEU KA 23 62.10 7.20 81.00
CA LEU KA 23 61.98 5.79 81.35
C LEU KA 23 63.08 4.96 80.70
N ALA KA 24 63.41 5.26 79.45
CA ALA KA 24 64.42 4.49 78.74
C ALA KA 24 65.78 4.60 79.41
N ASP KA 25 66.21 5.83 79.73
CA ASP KA 25 67.55 5.96 80.28
C ASP KA 25 67.60 5.54 81.74
N LEU KA 26 66.49 5.66 82.49
CA LEU KA 26 66.51 5.13 83.84
C LEU KA 26 66.65 3.61 83.82
N VAL KA 27 65.93 2.93 82.92
CA VAL KA 27 66.06 1.47 82.89
C VAL KA 27 67.42 1.07 82.32
N GLN KA 28 67.96 1.86 81.39
CA GLN KA 28 69.31 1.57 80.91
C GLN KA 28 70.32 1.68 82.04
N SER KA 29 70.17 2.71 82.88
CA SER KA 29 71.03 2.84 84.05
C SER KA 29 70.84 1.67 84.99
N MET KA 30 69.60 1.25 85.21
CA MET KA 30 69.34 0.17 86.15
C MET KA 30 69.95 -1.14 85.67
N MET KA 31 69.79 -1.44 84.38
CA MET KA 31 70.44 -2.65 83.86
C MET KA 31 71.95 -2.51 83.93
N ASP KA 32 72.48 -1.33 83.56
CA ASP KA 32 73.92 -1.10 83.66
C ASP KA 32 74.44 -1.38 85.05
N THR KA 33 73.66 -1.04 86.07
CA THR KA 33 74.13 -1.16 87.44
C THR KA 33 73.84 -2.51 88.07
N PHE KA 34 72.89 -3.29 87.53
CA PHE KA 34 72.60 -4.53 88.25
C PHE KA 34 72.37 -5.76 87.38
N VAL KA 35 72.71 -5.74 86.09
CA VAL KA 35 72.72 -6.98 85.34
C VAL KA 35 74.08 -7.16 84.68
N ASP KA 36 74.60 -6.08 84.10
CA ASP KA 36 75.78 -6.18 83.27
C ASP KA 36 77.01 -6.70 84.00
N PRO KA 37 77.35 -6.25 85.22
CA PRO KA 37 78.58 -6.77 85.85
C PRO KA 37 78.64 -8.28 85.91
N TRP KA 38 77.49 -8.95 85.99
CA TRP KA 38 77.47 -10.40 85.83
C TRP KA 38 77.90 -10.81 84.43
N LEU KA 39 77.49 -10.07 83.41
CA LEU KA 39 77.94 -10.38 82.06
C LEU KA 39 79.45 -10.15 81.93
N GLU KA 40 79.97 -9.08 82.54
CA GLU KA 40 81.40 -8.84 82.50
C GLU KA 40 82.16 -9.95 83.21
N ARG KA 41 81.67 -10.42 84.36
CA ARG KA 41 82.39 -11.48 85.06
C ARG KA 41 82.32 -12.79 84.30
N ILE KA 42 81.19 -13.09 83.63
CA ILE KA 42 81.13 -14.34 82.88
C ILE KA 42 82.03 -14.26 81.65
N THR KA 43 82.09 -13.10 81.01
CA THR KA 43 83.01 -12.93 79.88
C THR KA 43 84.46 -13.02 80.34
N ASN KA 44 84.77 -12.49 81.52
CA ASN KA 44 86.11 -12.68 82.08
C ASN KA 44 86.38 -14.15 82.34
N ARG KA 45 85.39 -14.87 82.87
CA ARG KA 45 85.55 -16.30 83.11
C ARG KA 45 85.79 -17.07 81.82
N LYS KA 46 85.29 -16.55 80.71
CA LYS KA 46 85.55 -17.19 79.41
C LYS KA 46 87.05 -17.33 79.18
N SER KA 47 87.82 -16.28 79.45
CA SER KA 47 89.24 -16.25 79.18
C SER KA 47 90.04 -16.50 80.45
N ILE KA 48 91.12 -17.29 80.31
CA ILE KA 48 91.96 -17.60 81.46
C ILE KA 48 92.64 -16.33 81.98
N PHE KA 49 92.98 -15.40 81.10
CA PHE KA 49 93.65 -14.18 81.53
C PHE KA 49 92.68 -13.08 81.91
N SER KA 50 91.44 -13.13 81.42
CA SER KA 50 90.50 -12.05 81.66
C SER KA 50 89.76 -12.15 82.99
N MET KA 51 89.83 -13.31 83.65
CA MET KA 51 88.99 -13.56 84.82
C MET KA 51 89.19 -12.50 85.90
N SER KA 52 88.08 -12.04 86.47
CA SER KA 52 88.14 -11.08 87.55
C SER KA 52 88.78 -11.71 88.79
N LYS KA 53 89.16 -10.85 89.74
CA LYS KA 53 89.86 -11.33 90.92
C LYS KA 53 89.02 -12.37 91.65
N GLU KA 54 87.79 -12.00 92.00
CA GLU KA 54 86.94 -12.91 92.76
C GLU KA 54 86.91 -14.30 92.15
N ASP KA 55 86.80 -14.36 90.82
CA ASP KA 55 86.83 -15.64 90.13
C ASP KA 55 88.20 -16.30 90.26
N LEU KA 56 89.27 -15.50 90.23
CA LEU KA 56 90.61 -16.08 90.31
C LEU KA 56 90.83 -16.78 91.65
N GLU KA 57 90.59 -16.07 92.76
CA GLU KA 57 90.74 -16.76 94.03
C GLU KA 57 89.65 -17.78 94.28
N THR KA 58 88.49 -17.68 93.62
CA THR KA 58 87.50 -18.74 93.73
C THR KA 58 88.03 -20.04 93.16
N ARG KA 59 88.53 -19.99 91.92
CA ARG KA 59 89.14 -21.16 91.32
C ARG KA 59 90.37 -21.59 92.12
N THR KA 60 91.05 -20.65 92.76
CA THR KA 60 92.22 -20.97 93.55
C THR KA 60 91.84 -21.82 94.76
N ASN KA 61 90.86 -21.37 95.53
CA ASN KA 61 90.53 -22.01 96.80
C ASN KA 61 89.49 -23.10 96.65
N GLU KA 62 88.96 -23.34 95.45
CA GLU KA 62 88.11 -24.50 95.26
C GLU KA 62 88.87 -25.78 95.59
N LEU KA 63 90.10 -25.90 95.09
CA LEU KA 63 90.91 -27.06 95.42
C LEU KA 63 91.46 -26.98 96.83
N GLY KA 64 91.87 -25.80 97.26
CA GLY KA 64 92.46 -25.60 98.57
C GLY KA 64 93.60 -24.60 98.48
N GLN KA 65 93.89 -23.97 99.61
CA GLN KA 65 94.92 -22.94 99.68
C GLN KA 65 96.33 -23.53 99.70
N PHE KA 66 96.47 -24.83 99.88
CA PHE KA 66 97.78 -25.48 99.93
C PHE KA 66 98.34 -25.74 98.54
N PHE KA 67 97.58 -25.46 97.49
CA PHE KA 67 97.98 -25.77 96.13
C PHE KA 67 98.36 -24.52 95.34
N THR KA 68 98.59 -23.40 96.01
CA THR KA 68 98.82 -22.12 95.34
C THR KA 68 100.02 -21.41 95.95
N ILE KA 69 100.30 -20.22 95.43
CA ILE KA 69 101.36 -19.35 95.91
C ILE KA 69 100.74 -18.05 96.37
N ARG KA 70 101.09 -17.61 97.58
CA ARG KA 70 100.57 -16.38 98.16
C ARG KA 70 101.39 -15.21 97.62
N THR KA 71 101.00 -14.76 96.43
CA THR KA 71 101.68 -13.68 95.75
C THR KA 71 100.74 -12.48 95.60
N SER KA 72 101.35 -11.29 95.54
CA SER KA 72 100.62 -10.05 95.31
C SER KA 72 100.57 -9.66 93.84
N ASN KA 73 101.25 -10.40 92.97
CA ASN KA 73 101.30 -10.08 91.56
C ASN KA 73 100.03 -10.65 90.92
N SER KA 74 98.94 -9.90 91.07
CA SER KA 74 97.63 -10.37 90.63
C SER KA 74 97.58 -10.58 89.13
N SER KA 75 98.29 -9.75 88.36
CA SER KA 75 98.36 -9.96 86.92
C SER KA 75 99.04 -11.28 86.60
N SER KA 76 99.97 -11.71 87.44
CA SER KA 76 100.64 -12.98 87.23
C SER KA 76 99.83 -14.16 87.68
N VAL KA 77 98.83 -13.95 88.55
CA VAL KA 77 98.02 -15.07 89.02
C VAL KA 77 97.45 -15.88 87.86
N PRO KA 78 96.90 -15.27 86.80
CA PRO KA 78 96.43 -16.10 85.68
C PRO KA 78 97.53 -16.92 85.03
N MET KA 79 98.69 -16.33 84.75
CA MET KA 79 99.72 -17.14 84.11
C MET KA 79 100.28 -18.14 85.11
N LEU KA 80 100.39 -17.75 86.38
CA LEU KA 80 100.93 -18.68 87.37
C LEU KA 80 100.05 -19.92 87.46
N LEU KA 81 98.73 -19.73 87.45
CA LEU KA 81 97.84 -20.88 87.43
C LEU KA 81 97.93 -21.61 86.08
N GLN KA 82 98.16 -20.88 84.99
CA GLN KA 82 98.31 -21.54 83.69
C GLN KA 82 99.49 -22.50 83.71
N GLN KA 83 100.63 -22.06 84.21
CA GLN KA 83 101.76 -22.97 84.34
C GLN KA 83 101.48 -24.06 85.35
N ARG KA 84 100.84 -23.71 86.47
CA ARG KA 84 100.56 -24.73 87.47
C ARG KA 84 99.65 -25.82 86.93
N LEU KA 85 98.82 -25.49 85.95
CA LEU KA 85 97.93 -26.49 85.37
C LEU KA 85 98.53 -27.21 84.18
N ASP KA 86 99.38 -26.56 83.39
CA ASP KA 86 99.99 -27.23 82.26
C ASP KA 86 101.25 -27.99 82.62
N GLU KA 87 101.76 -27.80 83.84
CA GLU KA 87 102.93 -28.53 84.32
C GLU KA 87 102.60 -29.94 84.77
N ILE KA 88 101.32 -30.27 84.94
CA ILE KA 88 100.95 -31.56 85.49
C ILE KA 88 101.53 -32.70 84.67
N HIS KA 89 101.80 -32.46 83.39
CA HIS KA 89 102.38 -33.48 82.53
C HIS KA 89 103.90 -33.59 82.67
N PHE KA 90 104.56 -32.57 83.21
CA PHE KA 90 106.01 -32.57 83.36
C PHE KA 90 106.44 -32.27 84.79
N LYS KA 91 105.57 -32.49 85.76
CA LYS KA 91 105.79 -32.06 87.13
C LYS KA 91 106.41 -33.14 88.00
N GLY KA 92 106.99 -34.18 87.39
CA GLY KA 92 107.86 -35.11 88.08
C GLY KA 92 109.31 -34.72 88.06
N THR KA 93 109.63 -33.49 87.62
CA THR KA 93 111.00 -33.02 87.46
C THR KA 93 111.21 -31.70 88.18
N GLU KA 94 112.34 -31.04 87.90
CA GLU KA 94 112.67 -29.75 88.47
C GLU KA 94 111.91 -28.61 87.82
N ARG KA 95 111.22 -28.89 86.71
CA ARG KA 95 110.46 -27.84 86.01
C ARG KA 95 109.44 -27.17 86.91
N PRO KA 96 108.57 -27.89 87.64
CA PRO KA 96 107.66 -27.20 88.57
C PRO KA 96 108.38 -26.44 89.67
N ILE KA 97 109.54 -26.92 90.09
CA ILE KA 97 110.32 -26.17 91.09
C ILE KA 97 110.68 -24.81 90.53
N ASN KA 98 111.18 -24.79 89.29
CA ASN KA 98 111.49 -23.53 88.65
C ASN KA 98 110.25 -22.70 88.42
N GLN KA 99 109.12 -23.35 88.15
CA GLN KA 99 107.85 -22.65 88.00
C GLN KA 99 107.48 -21.93 89.29
N THR KA 100 107.67 -22.58 90.43
CA THR KA 100 107.47 -21.93 91.71
C THR KA 100 108.45 -20.79 91.90
N ILE KA 101 109.71 -21.01 91.51
CA ILE KA 101 110.75 -19.99 91.64
C ILE KA 101 110.40 -18.74 90.86
N TYR KA 102 109.72 -18.91 89.72
CA TYR KA 102 109.25 -17.77 88.92
C TYR KA 102 108.75 -16.63 89.79
N ARG KA 103 107.84 -16.94 90.69
CA ARG KA 103 107.23 -15.92 91.55
C ARG KA 103 107.86 -15.86 92.93
N GLU KA 104 108.30 -17.01 93.48
CA GLU KA 104 108.80 -16.99 94.85
C GLU KA 104 110.17 -16.33 94.94
N PHE KA 105 110.96 -16.41 93.87
CA PHE KA 105 112.32 -15.89 93.91
C PHE KA 105 112.70 -15.13 92.65
N ASN KA 106 111.81 -15.07 91.65
CA ASN KA 106 112.03 -14.29 90.43
C ASN KA 106 113.24 -14.80 89.66
N GLY KA 107 113.29 -16.11 89.46
CA GLY KA 107 114.33 -16.71 88.63
C GLY KA 107 115.68 -16.86 89.29
N ILE KA 108 115.75 -17.70 90.33
CA ILE KA 108 116.99 -17.98 91.04
C ILE KA 108 117.46 -19.38 90.67
N SER KA 109 118.74 -19.51 90.36
CA SER KA 109 119.32 -20.81 90.03
C SER KA 109 119.26 -21.74 91.23
N VAL KA 110 118.44 -22.79 91.12
CA VAL KA 110 118.29 -23.78 92.18
C VAL KA 110 118.65 -25.14 91.61
N LEU KA 111 119.55 -25.84 92.29
CA LEU KA 111 120.03 -27.14 91.84
C LEU KA 111 119.58 -28.21 92.82
N TRP KA 112 119.13 -29.34 92.28
CA TRP KA 112 118.73 -30.48 93.09
C TRP KA 112 119.94 -31.40 93.26
N ASP KA 113 120.50 -31.43 94.46
CA ASP KA 113 121.68 -32.25 94.72
C ASP KA 113 121.26 -33.48 95.50
N PRO KA 114 121.27 -34.67 94.89
CA PRO KA 114 120.93 -35.88 95.64
C PRO KA 114 122.00 -36.24 96.65
N ILE KA 115 121.61 -37.05 97.64
CA ILE KA 115 122.52 -37.42 98.71
C ILE KA 115 123.44 -38.54 98.23
N TYR KA 116 124.72 -38.41 98.56
CA TYR KA 116 125.74 -39.39 98.25
C TYR KA 116 126.35 -39.89 99.54
N ALA KA 117 126.60 -41.20 99.63
CA ALA KA 117 127.18 -41.83 100.79
C ALA KA 117 128.29 -42.76 100.36
N PRO KA 118 129.23 -43.07 101.26
CA PRO KA 118 130.22 -44.10 100.94
C PRO KA 118 129.59 -45.49 100.93
N VAL KA 119 130.21 -46.41 100.18
CA VAL KA 119 129.82 -47.81 100.32
C VAL KA 119 130.21 -48.34 101.68
N ASP KA 120 131.36 -47.92 102.20
CA ASP KA 120 131.90 -48.53 103.40
C ASP KA 120 131.04 -48.18 104.61
N LEU KA 121 130.07 -49.05 104.90
CA LEU KA 121 129.19 -48.82 106.04
C LEU KA 121 129.95 -48.91 107.36
N GLU KA 122 130.92 -49.81 107.46
CA GLU KA 122 131.71 -49.93 108.67
C GLU KA 122 132.51 -48.66 108.91
N ARG KA 123 133.15 -48.13 107.88
CA ARG KA 123 133.87 -46.87 108.02
C ARG KA 123 132.90 -45.69 108.08
N HIS KA 124 131.86 -45.71 107.25
CA HIS KA 124 130.87 -44.64 107.19
C HIS KA 124 129.49 -45.25 107.01
N PRO KA 125 128.71 -45.40 108.08
CA PRO KA 125 127.37 -45.95 107.94
C PRO KA 125 126.49 -45.07 107.07
N TYR KA 126 125.54 -45.71 106.39
CA TYR KA 126 124.65 -44.99 105.48
C TYR KA 126 123.85 -43.93 106.24
N GLY KA 127 123.76 -42.74 105.65
CA GLY KA 127 123.09 -41.64 106.28
C GLY KA 127 123.96 -40.81 107.20
N THR KA 128 125.18 -41.25 107.46
CA THR KA 128 126.10 -40.50 108.31
C THR KA 128 126.93 -39.52 107.50
N VAL KA 129 127.49 -39.97 106.38
CA VAL KA 129 128.29 -39.13 105.49
C VAL KA 129 127.43 -38.84 104.27
N LEU KA 130 127.08 -37.56 104.09
CA LEU KA 130 126.26 -37.11 102.98
C LEU KA 130 127.05 -36.05 102.22
N ILE KA 131 127.59 -36.42 101.07
CA ILE KA 131 128.49 -35.57 100.30
C ILE KA 131 127.69 -34.93 99.17
N PRO KA 132 127.69 -33.61 99.05
CA PRO KA 132 127.01 -32.97 97.91
C PRO KA 132 127.74 -33.26 96.61
N GLU KA 133 126.97 -33.20 95.51
CA GLU KA 133 127.51 -33.46 94.19
C GLU KA 133 128.58 -32.45 93.80
N SER KA 134 128.49 -31.22 94.33
CA SER KA 134 129.49 -30.20 94.00
C SER KA 134 130.88 -30.62 94.45
N THR KA 135 130.98 -31.15 95.65
CA THR KA 135 132.25 -31.67 96.16
C THR KA 135 132.48 -33.13 95.80
N LEU KA 136 131.49 -33.76 95.16
CA LEU KA 136 131.62 -35.17 94.79
C LEU KA 136 132.83 -35.42 93.91
N GLU KA 137 133.20 -34.45 93.07
CA GLU KA 137 134.33 -34.63 92.19
C GLU KA 137 135.62 -34.83 92.97
N THR KA 138 135.80 -34.08 94.05
CA THR KA 138 137.07 -34.06 94.78
C THR KA 138 137.01 -34.76 96.13
N THR KA 139 135.85 -35.20 96.58
CA THR KA 139 135.74 -35.79 97.91
C THR KA 139 135.34 -37.25 97.89
N GLY KA 140 134.42 -37.64 97.01
CA GLY KA 140 133.88 -39.00 97.02
C GLY KA 140 134.82 -40.06 96.48
N GLY KA 141 135.94 -39.66 95.88
CA GLY KA 141 136.88 -40.66 95.36
C GLY KA 141 137.49 -41.52 96.44
N THR KA 142 137.72 -40.94 97.61
CA THR KA 142 138.38 -41.66 98.71
C THR KA 142 137.46 -42.66 99.39
N PHE KA 143 136.17 -42.68 99.08
CA PHE KA 143 135.23 -43.56 99.74
C PHE KA 143 134.81 -44.74 98.86
N GLY KA 144 135.59 -45.05 97.84
CA GLY KA 144 135.25 -46.16 96.95
C GLY KA 144 133.99 -45.84 96.18
N GLU KA 145 133.17 -46.87 95.96
CA GLU KA 145 131.90 -46.66 95.30
C GLU KA 145 131.00 -45.78 96.16
N MET KA 146 130.17 -44.98 95.49
CA MET KA 146 129.59 -43.80 96.10
C MET KA 146 128.08 -43.94 95.95
N PHE KA 147 127.44 -44.55 96.96
CA PHE KA 147 125.99 -44.68 97.00
C PHE KA 147 125.30 -43.39 96.62
N LEU KA 148 124.36 -43.49 95.68
CA LEU KA 148 123.51 -42.39 95.28
C LEU KA 148 122.08 -42.69 95.70
N THR KA 149 121.44 -41.75 96.38
CA THR KA 149 120.06 -41.96 96.79
C THR KA 149 119.17 -40.83 96.31
N SER KA 150 117.87 -41.15 96.23
CA SER KA 150 116.88 -40.13 95.89
C SER KA 150 116.81 -39.03 96.93
N ARG KA 151 117.21 -39.30 98.17
CA ARG KA 151 117.33 -38.25 99.14
C ARG KA 151 118.38 -37.24 98.69
N GLY KA 152 118.17 -35.98 99.05
CA GLY KA 152 119.12 -34.95 98.65
C GLY KA 152 118.72 -33.61 99.20
N MET KA 153 119.62 -32.66 98.99
CA MET KA 153 119.46 -31.28 99.42
C MET KA 153 119.33 -30.37 98.21
N ILE KA 154 119.13 -29.09 98.48
CA ILE KA 154 119.00 -28.08 97.44
C ILE KA 154 119.97 -26.95 97.75
N SER KA 155 120.78 -26.57 96.75
CA SER KA 155 121.79 -25.54 96.91
C SER KA 155 121.41 -24.31 96.12
N ILE KA 156 121.58 -23.14 96.74
CA ILE KA 156 121.33 -21.85 96.11
C ILE KA 156 122.61 -21.04 96.17
N PRO KA 157 123.07 -20.47 95.05
CA PRO KA 157 124.30 -19.65 95.09
C PRO KA 157 124.13 -18.42 95.97
N ILE KA 158 125.12 -18.19 96.82
CA ILE KA 158 125.05 -17.05 97.74
C ILE KA 158 125.14 -15.74 96.96
N ASN KA 159 125.94 -15.72 95.88
CA ASN KA 159 125.99 -14.52 95.04
C ASN KA 159 124.64 -14.25 94.40
N ASP KA 160 123.96 -15.28 93.91
CA ASP KA 160 122.66 -15.11 93.29
C ASP KA 160 121.63 -14.60 94.29
N LEU KA 161 121.61 -15.17 95.50
CA LEU KA 161 120.65 -14.71 96.49
C LEU KA 161 120.95 -13.28 96.93
N ALA KA 162 122.23 -12.93 97.05
CA ALA KA 162 122.59 -11.56 97.39
C ALA KA 162 122.17 -10.59 96.30
N ARG KA 163 122.30 -11.02 95.04
CA ARG KA 163 121.84 -10.17 93.93
C ARG KA 163 120.33 -9.98 93.98
N THR KA 164 119.58 -11.06 94.21
CA THR KA 164 118.12 -10.95 94.13
C THR KA 164 117.52 -10.28 95.35
N MET KA 165 118.17 -10.36 96.51
CA MET KA 165 117.61 -9.79 97.73
C MET KA 165 117.71 -8.28 97.76
N GLY KA 166 118.51 -7.70 96.87
CA GLY KA 166 118.60 -6.25 96.73
C GLY KA 166 119.12 -5.52 97.95
N ILE KA 167 120.04 -6.12 98.68
CA ILE KA 167 120.66 -5.48 99.84
C ILE KA 167 122.17 -5.56 99.66
N THR KA 168 122.83 -4.40 99.73
CA THR KA 168 124.29 -4.38 99.60
C THR KA 168 124.99 -4.49 100.94
N GLY KA 169 124.38 -4.00 102.01
CA GLY KA 169 125.02 -4.02 103.32
C GLY KA 169 124.91 -5.34 104.04
N THR KA 170 124.51 -5.29 105.31
CA THR KA 170 124.45 -6.50 106.13
C THR KA 170 123.43 -7.48 105.58
N ILE KA 171 123.83 -8.74 105.49
CA ILE KA 171 122.97 -9.82 105.01
C ILE KA 171 122.79 -10.81 106.16
N ASP KA 172 121.55 -11.00 106.60
CA ASP KA 172 121.24 -11.93 107.67
C ASP KA 172 121.06 -13.31 107.03
N GLN KA 173 122.16 -14.08 107.01
CA GLN KA 173 122.14 -15.38 106.36
C GLN KA 173 121.12 -16.31 107.01
N SER KA 174 121.08 -16.34 108.34
CA SER KA 174 120.13 -17.20 109.03
C SER KA 174 118.69 -16.82 108.70
N ALA KA 175 118.39 -15.51 108.73
CA ALA KA 175 117.03 -15.06 108.48
C ALA KA 175 116.59 -15.35 107.05
N ILE KA 176 117.47 -15.06 106.07
CA ILE KA 176 117.10 -15.33 104.69
C ILE KA 176 116.95 -16.82 104.44
N THR KA 177 117.81 -17.63 105.08
CA THR KA 177 117.68 -19.07 104.94
C THR KA 177 116.36 -19.57 105.52
N GLU KA 178 115.99 -19.05 106.69
CA GLU KA 178 114.72 -19.45 107.28
C GLU KA 178 113.54 -19.04 106.39
N GLU KA 179 113.59 -17.82 105.86
CA GLU KA 179 112.50 -17.37 104.99
C GLU KA 179 112.37 -18.25 103.76
N ILE KA 180 113.50 -18.52 103.10
CA ILE KA 180 113.44 -19.30 101.87
C ILE KA 180 113.03 -20.74 102.14
N LEU KA 181 113.48 -21.30 103.26
CA LEU KA 181 113.07 -22.67 103.56
C LEU KA 181 111.60 -22.73 103.92
N ARG KA 182 111.06 -21.69 104.56
CA ARG KA 182 109.63 -21.64 104.80
C ARG KA 182 108.86 -21.54 103.49
N LYS KA 183 109.35 -20.71 102.56
CA LYS KA 183 108.71 -20.64 101.25
C LYS KA 183 108.73 -21.99 100.57
N PHE KA 184 109.87 -22.68 100.66
CA PHE KA 184 109.99 -24.04 100.15
C PHE KA 184 108.96 -24.96 100.78
N ASN KA 185 108.80 -24.87 102.10
CA ASN KA 185 107.87 -25.75 102.80
C ASN KA 185 106.44 -25.52 102.35
N GLN KA 186 106.07 -24.27 102.18
CA GLN KA 186 104.66 -23.92 101.99
C GLN KA 186 104.27 -23.80 100.51
N PHE KA 187 105.20 -23.93 99.58
CA PHE KA 187 104.83 -23.91 98.17
C PHE KA 187 105.41 -25.09 97.41
N VAL KA 188 106.56 -25.59 97.86
CA VAL KA 188 107.28 -26.60 97.14
C VAL KA 188 107.26 -27.96 97.84
N LYS KA 189 107.23 -27.98 99.17
CA LYS KA 189 107.27 -29.25 99.91
C LYS KA 189 106.19 -30.24 99.48
N PRO KA 190 104.92 -29.86 99.27
CA PRO KA 190 103.93 -30.86 98.86
C PRO KA 190 104.27 -31.58 97.57
N LEU KA 191 105.03 -30.94 96.69
CA LEU KA 191 105.46 -31.59 95.46
C LEU KA 191 106.52 -32.65 95.70
N LEU KA 192 107.11 -32.69 96.90
CA LEU KA 192 108.22 -33.60 97.16
C LEU KA 192 107.74 -35.04 97.32
N PRO KA 193 106.84 -35.37 98.27
CA PRO KA 193 106.54 -36.78 98.52
C PRO KA 193 105.88 -37.42 97.30
N LEU KA 194 106.10 -38.72 97.15
CA LEU KA 194 106.81 -39.55 98.12
C LEU KA 194 108.29 -39.72 97.78
N HIS KA 195 108.56 -39.87 96.48
CA HIS KA 195 109.91 -40.23 96.04
C HIS KA 195 110.94 -39.18 96.46
N ILE KA 196 110.62 -37.91 96.25
CA ILE KA 196 111.58 -36.86 96.54
C ILE KA 196 111.69 -36.69 98.05
N VAL KA 197 112.93 -36.71 98.56
CA VAL KA 197 113.20 -36.54 99.97
C VAL KA 197 114.11 -35.32 100.14
N PHE KA 198 113.69 -34.38 100.97
CA PHE KA 198 114.46 -33.18 101.27
C PHE KA 198 114.99 -33.30 102.68
N ASP KA 199 116.31 -33.19 102.82
CA ASP KA 199 116.97 -33.44 104.10
C ASP KA 199 117.83 -32.26 104.54
N GLY KA 200 117.64 -31.10 103.94
CA GLY KA 200 118.41 -29.92 104.30
C GLY KA 200 118.55 -28.99 103.11
N LEU KA 201 118.77 -27.71 103.42
CA LEU KA 201 118.90 -26.66 102.42
C LEU KA 201 120.25 -25.99 102.61
N THR KA 202 120.95 -25.70 101.51
CA THR KA 202 122.31 -25.20 101.60
C THR KA 202 122.54 -24.09 100.58
N LEU KA 203 123.53 -23.26 100.87
CA LEU KA 203 123.93 -22.15 100.02
C LEU KA 203 125.37 -22.33 99.59
N TYR KA 204 125.64 -22.16 98.30
CA TYR KA 204 126.97 -22.41 97.78
C TYR KA 204 127.96 -21.42 98.37
N MET LA 1 5.82 8.81 108.97
CA MET LA 1 7.08 9.43 108.57
C MET LA 1 7.15 9.60 107.05
N GLN LA 2 6.02 9.40 106.39
CA GLN LA 2 5.90 9.60 104.96
C GLN LA 2 4.67 10.46 104.68
N ARG LA 3 4.86 11.52 103.91
CA ARG LA 3 3.79 12.46 103.58
C ARG LA 3 3.38 12.23 102.13
N SER LA 4 2.11 11.89 101.93
CA SER LA 4 1.54 11.67 100.60
C SER LA 4 2.36 10.64 99.83
N TRP LA 5 2.94 9.69 100.56
CA TRP LA 5 3.90 8.75 99.99
C TRP LA 5 3.29 7.95 98.85
N PHE LA 6 1.98 7.79 98.82
CA PHE LA 6 1.30 7.16 97.70
C PHE LA 6 0.89 8.19 96.67
N ASN LA 7 1.85 9.01 96.26
CA ASN LA 7 1.59 10.07 95.29
C ASN LA 7 2.52 9.96 94.09
N HIS LA 8 3.09 8.79 93.86
CA HIS LA 8 4.15 8.65 92.88
C HIS LA 8 3.93 7.53 91.88
N ARG LA 9 3.43 6.37 92.31
CA ARG LA 9 3.03 5.30 91.39
C ARG LA 9 1.52 5.26 91.23
N LEU LA 10 0.89 6.43 91.20
CA LEU LA 10 -0.56 6.53 91.15
C LEU LA 10 -0.94 7.58 90.11
N THR LA 11 -1.91 7.26 89.27
CA THR LA 11 -2.38 8.27 88.32
C THR LA 11 -3.04 9.40 89.08
N SER LA 12 -2.94 10.61 88.52
CA SER LA 12 -3.36 11.80 89.26
C SER LA 12 -4.85 11.79 89.57
N ALA LA 13 -5.67 11.27 88.66
CA ALA LA 13 -7.11 11.21 88.91
C ALA LA 13 -7.42 10.31 90.09
N LYS LA 14 -6.81 9.12 90.12
CA LYS LA 14 -6.99 8.22 91.25
C LYS LA 14 -6.31 8.74 92.50
N GLN LA 15 -5.32 9.63 92.37
CA GLN LA 15 -4.76 10.31 93.53
C GLN LA 15 -5.78 11.26 94.12
N LYS LA 16 -6.41 12.07 93.28
CA LYS LA 16 -7.45 12.98 93.74
C LYS LA 16 -8.77 12.26 94.00
N SER LA 17 -8.83 10.95 93.79
CA SER LA 17 -10.03 10.19 94.09
C SER LA 17 -10.37 10.26 95.57
N LEU LA 18 -11.64 10.01 95.87
CA LEU LA 18 -12.14 10.20 97.23
C LEU LA 18 -11.63 9.12 98.17
N LEU LA 19 -11.76 7.85 97.75
CA LEU LA 19 -11.48 6.73 98.63
C LEU LA 19 -10.02 6.32 98.62
N TYR LA 20 -9.28 6.66 97.56
CA TYR LA 20 -7.89 6.26 97.49
C TYR LA 20 -7.05 7.02 98.50
N LYS LA 21 -7.33 8.31 98.69
CA LYS LA 21 -6.67 9.03 99.78
C LYS LA 21 -7.08 8.46 101.13
N SER LA 22 -8.32 7.99 101.27
CA SER LA 22 -8.74 7.39 102.54
C SER LA 22 -7.91 6.15 102.84
N LEU LA 23 -7.82 5.24 101.89
CA LEU LA 23 -7.02 4.04 102.11
C LEU LA 23 -5.55 4.39 102.31
N ALA LA 24 -5.04 5.35 101.52
CA ALA LA 24 -3.64 5.71 101.62
C ALA LA 24 -3.30 6.28 102.98
N ASP LA 25 -4.10 7.23 103.46
CA ASP LA 25 -3.73 7.85 104.73
C ASP LA 25 -4.03 6.94 105.91
N LEU LA 26 -5.04 6.06 105.80
CA LEU LA 26 -5.23 5.11 106.89
C LEU LA 26 -4.05 4.16 107.00
N VAL LA 27 -3.54 3.67 105.86
CA VAL LA 27 -2.40 2.76 105.96
C VAL LA 27 -1.14 3.52 106.36
N GLN LA 28 -1.02 4.78 105.96
CA GLN LA 28 0.11 5.58 106.41
C GLN LA 28 0.07 5.75 107.92
N SER LA 29 -1.12 6.01 108.47
CA SER LA 29 -1.27 6.09 109.92
C SER LA 29 -0.93 4.77 110.58
N MET LA 30 -1.40 3.66 110.01
CA MET LA 30 -1.15 2.36 110.61
C MET LA 30 0.33 2.02 110.64
N MET LA 31 1.03 2.28 109.55
CA MET LA 31 2.47 2.05 109.55
C MET LA 31 3.17 3.01 110.51
N ASP LA 32 2.77 4.29 110.51
CA ASP LA 32 3.33 5.25 111.45
C ASP LA 32 3.22 4.74 112.88
N THR LA 33 2.10 4.12 113.22
CA THR LA 33 1.86 3.73 114.60
C THR LA 33 2.38 2.34 114.93
N PHE LA 34 2.66 1.48 113.95
CA PHE LA 34 3.06 0.14 114.35
C PHE LA 34 4.21 -0.48 113.54
N VAL LA 35 4.94 0.28 112.74
CA VAL LA 35 6.18 -0.25 112.18
C VAL LA 35 7.33 0.71 112.50
N ASP LA 36 7.07 2.00 112.33
CA ASP LA 36 8.15 2.98 112.42
C ASP LA 36 8.86 3.00 113.77
N PRO LA 37 8.19 2.98 114.92
CA PRO LA 37 8.93 3.05 116.19
C PRO LA 37 10.04 2.01 116.30
N TRP LA 38 9.87 0.86 115.65
CA TRP LA 38 10.98 -0.08 115.54
C TRP LA 38 12.13 0.51 114.73
N LEU LA 39 11.81 1.22 113.65
CA LEU LA 39 12.88 1.88 112.90
C LEU LA 39 13.56 2.95 113.73
N GLU LA 40 12.79 3.71 114.50
CA GLU LA 40 13.38 4.72 115.36
C GLU LA 40 14.29 4.09 116.41
N ARG LA 41 13.86 2.98 117.01
CA ARG LA 41 14.70 2.36 118.03
C ARG LA 41 15.96 1.76 117.42
N ILE LA 42 15.87 1.19 116.21
CA ILE LA 42 17.07 0.63 115.61
C ILE LA 42 18.03 1.75 115.19
N THR LA 43 17.50 2.87 114.71
CA THR LA 43 18.35 4.01 114.40
C THR LA 43 18.99 4.59 115.65
N ASN LA 44 18.26 4.61 116.76
CA ASN LA 44 18.85 5.00 118.03
C ASN LA 44 19.96 4.03 118.43
N ARG LA 45 19.72 2.74 118.25
CA ARG LA 45 20.73 1.74 118.56
C ARG LA 45 21.98 1.92 117.73
N LYS LA 46 21.83 2.47 116.53
CA LYS LA 46 23.00 2.76 115.69
C LYS LA 46 24.01 3.63 116.43
N SER LA 47 23.52 4.67 117.11
CA SER LA 47 24.37 5.65 117.78
C SER LA 47 24.43 5.37 119.27
N ILE LA 48 25.63 5.51 119.84
CA ILE LA 48 25.79 5.29 121.28
C ILE LA 48 25.01 6.31 122.08
N PHE LA 49 24.90 7.54 121.59
CA PHE LA 49 24.18 8.58 122.31
C PHE LA 49 22.70 8.60 121.99
N SER LA 50 22.29 8.06 120.83
CA SER LA 50 20.91 8.16 120.41
C SER LA 50 20.01 7.09 121.01
N MET LA 51 20.59 6.03 121.59
CA MET LA 51 19.82 4.86 121.98
C MET LA 51 18.69 5.23 122.93
N SER LA 52 17.51 4.66 122.68
CA SER LA 52 16.37 4.86 123.55
C SER LA 52 16.62 4.26 124.93
N LYS LA 53 15.79 4.66 125.89
CA LYS LA 53 15.98 4.21 127.26
C LYS LA 53 15.98 2.69 127.34
N GLU LA 54 14.91 2.07 126.84
CA GLU LA 54 14.78 0.62 126.93
C GLU LA 54 16.04 -0.07 126.46
N ASP LA 55 16.60 0.40 125.35
CA ASP LA 55 17.85 -0.16 124.86
C ASP LA 55 19.00 0.12 125.81
N LEU LA 56 19.01 1.30 126.43
CA LEU LA 56 20.10 1.64 127.34
C LEU LA 56 20.14 0.70 128.54
N GLU LA 57 19.02 0.57 129.25
CA GLU LA 57 19.03 -0.38 130.36
C GLU LA 57 19.09 -1.83 129.89
N THR LA 58 18.69 -2.13 128.66
CA THR LA 58 18.89 -3.48 128.16
C THR LA 58 20.36 -3.82 128.06
N ARG LA 59 21.14 -2.94 127.40
CA ARG LA 59 22.57 -3.13 127.33
C ARG LA 59 23.19 -3.07 128.72
N THR LA 60 22.58 -2.31 129.63
CA THR LA 60 23.08 -2.20 130.99
C THR LA 60 22.98 -3.53 131.72
N ASN LA 61 21.79 -4.14 131.71
CA ASN LA 61 21.53 -5.32 132.51
C ASN LA 61 21.82 -6.62 131.77
N GLU LA 62 22.25 -6.55 130.50
CA GLU LA 62 22.72 -7.76 129.85
C GLU LA 62 23.92 -8.34 130.60
N LEU LA 63 24.87 -7.48 130.98
CA LEU LA 63 26.00 -7.97 131.76
C LEU LA 63 25.62 -8.21 133.21
N GLY LA 64 24.79 -7.36 133.77
CA GLY LA 64 24.39 -7.45 135.16
C GLY LA 64 24.31 -6.08 135.79
N GLN LA 65 23.49 -5.97 136.84
CA GLN LA 65 23.27 -4.69 137.52
C GLN LA 65 24.43 -4.30 138.41
N PHE LA 66 25.38 -5.19 138.66
CA PHE LA 66 26.51 -4.88 139.52
C PHE LA 66 27.61 -4.13 138.80
N PHE LA 67 27.47 -3.91 137.49
CA PHE LA 67 28.50 -3.29 136.68
C PHE LA 67 28.13 -1.87 136.27
N THR LA 68 27.14 -1.26 136.91
CA THR LA 68 26.64 0.04 136.51
C THR LA 68 26.49 0.95 137.72
N ILE LA 69 25.99 2.16 137.45
CA ILE LA 69 25.71 3.16 138.47
C ILE LA 69 24.23 3.49 138.42
N ARG LA 70 23.58 3.47 139.58
CA ARG LA 70 22.15 3.75 139.69
C ARG LA 70 21.98 5.27 139.75
N THR LA 71 21.95 5.88 138.57
CA THR LA 71 21.83 7.32 138.43
C THR LA 71 20.54 7.67 137.71
N SER LA 72 20.04 8.86 138.01
CA SER LA 72 18.87 9.40 137.34
C SER LA 72 19.23 10.29 136.14
N ASN LA 73 20.51 10.53 135.91
CA ASN LA 73 20.95 11.38 134.80
C ASN LA 73 20.96 10.53 133.53
N SER LA 74 19.77 10.36 132.96
CA SER LA 74 19.61 9.51 131.79
C SER LA 74 20.39 10.02 130.60
N SER LA 75 20.51 11.35 130.46
CA SER LA 75 21.27 11.91 129.36
C SER LA 75 22.74 11.50 129.45
N SER LA 76 23.29 11.48 130.64
CA SER LA 76 24.69 11.11 130.82
C SER LA 76 24.90 9.60 130.81
N VAL LA 77 23.84 8.81 130.89
CA VAL LA 77 23.98 7.35 130.88
C VAL LA 77 24.73 6.87 129.64
N PRO LA 78 24.40 7.29 128.42
CA PRO LA 78 25.25 6.92 127.29
C PRO LA 78 26.68 7.38 127.45
N MET LA 79 26.89 8.60 127.96
CA MET LA 79 28.23 9.10 128.18
C MET LA 79 28.93 8.29 129.26
N LEU LA 80 28.22 7.99 130.34
CA LEU LA 80 28.80 7.22 131.43
C LEU LA 80 29.21 5.84 130.98
N LEU LA 81 28.38 5.17 130.17
CA LEU LA 81 28.74 3.86 129.68
C LEU LA 81 29.88 3.94 128.68
N GLN LA 82 29.93 5.02 127.89
CA GLN LA 82 31.07 5.23 127.01
C GLN LA 82 32.36 5.26 127.81
N GLN LA 83 32.36 6.00 128.92
CA GLN LA 83 33.54 6.03 129.77
C GLN LA 83 33.80 4.66 130.39
N ARG LA 84 32.75 3.99 130.85
CA ARG LA 84 32.92 2.69 131.48
C ARG LA 84 33.47 1.65 130.51
N LEU LA 85 33.24 1.84 129.22
CA LEU LA 85 33.74 0.90 128.23
C LEU LA 85 35.10 1.29 127.67
N ASP LA 86 35.41 2.58 127.57
CA ASP LA 86 36.71 2.98 127.07
C ASP LA 86 37.76 3.04 128.16
N GLU LA 87 37.36 2.96 129.43
CA GLU LA 87 38.29 2.92 130.53
C GLU LA 87 38.94 1.55 130.71
N ILE LA 88 38.42 0.51 130.06
CA ILE LA 88 38.91 -0.84 130.30
C ILE LA 88 40.40 -0.94 130.05
N HIS LA 89 40.94 -0.07 129.19
CA HIS LA 89 42.37 -0.06 128.91
C HIS LA 89 43.17 0.69 129.96
N PHE LA 90 42.53 1.56 130.74
CA PHE LA 90 43.23 2.36 131.76
C PHE LA 90 42.60 2.19 133.14
N LYS LA 91 41.92 1.06 133.38
CA LYS LA 91 41.14 0.88 134.59
C LYS LA 91 41.88 0.12 135.67
N GLY LA 92 43.20 0.00 135.57
CA GLY LA 92 44.04 -0.45 136.64
C GLY LA 92 44.52 0.67 137.54
N THR LA 93 43.99 1.88 137.36
CA THR LA 93 44.45 3.06 138.09
C THR LA 93 43.28 3.79 138.77
N GLU LA 94 43.53 5.00 139.25
CA GLU LA 94 42.51 5.83 139.87
C GLU LA 94 41.55 6.48 138.88
N ARG LA 95 41.88 6.42 137.58
CA ARG LA 95 41.00 7.03 136.58
C ARG LA 95 39.59 6.46 136.59
N PRO LA 96 39.37 5.14 136.63
CA PRO LA 96 37.99 4.65 136.77
C PRO LA 96 37.33 5.09 138.07
N ILE LA 97 38.10 5.26 139.14
CA ILE LA 97 37.52 5.77 140.38
C ILE LA 97 36.97 7.17 140.14
N ASN LA 98 37.76 8.01 139.48
CA ASN LA 98 37.29 9.35 139.15
C ASN LA 98 36.13 9.31 138.18
N GLN LA 99 36.12 8.33 137.29
CA GLN LA 99 35.00 8.14 136.37
C GLN LA 99 33.72 7.84 137.13
N THR LA 100 33.81 6.99 138.16
CA THR LA 100 32.67 6.77 139.03
C THR LA 100 32.27 8.05 139.76
N ILE LA 101 33.27 8.79 140.24
CA ILE LA 101 33.03 10.02 140.97
C ILE LA 101 32.27 11.02 140.11
N TYR LA 102 32.53 11.02 138.80
CA TYR LA 102 31.81 11.89 137.86
C TYR LA 102 30.33 12.01 138.22
N ARG LA 103 29.67 10.87 138.36
CA ARG LA 103 28.25 10.83 138.64
C ARG LA 103 27.93 10.61 140.10
N GLU LA 104 28.75 9.86 140.83
CA GLU LA 104 28.40 9.56 142.21
C GLU LA 104 28.62 10.75 143.12
N PHE LA 105 29.55 11.63 142.78
CA PHE LA 105 29.89 12.76 143.63
C PHE LA 105 30.08 14.05 142.86
N ASN LA 106 30.00 14.02 141.53
CA ASN LA 106 30.08 15.22 140.69
C ASN LA 106 31.43 15.91 140.84
N GLY LA 107 32.50 15.13 140.76
CA GLY LA 107 33.84 15.68 140.75
C GLY LA 107 34.38 16.06 142.12
N ILE LA 108 34.57 15.08 142.99
CA ILE LA 108 35.13 15.29 144.33
C ILE LA 108 36.54 14.76 144.36
N SER LA 109 37.47 15.56 144.91
CA SER LA 109 38.86 15.14 145.04
C SER LA 109 38.98 13.93 145.96
N VAL LA 110 39.36 12.80 145.39
CA VAL LA 110 39.53 11.56 146.14
C VAL LA 110 40.96 11.09 145.95
N LEU LA 111 41.65 10.83 147.04
CA LEU LA 111 43.04 10.41 147.02
C LEU LA 111 43.15 8.98 147.54
N TRP LA 112 43.97 8.18 146.86
CA TRP LA 112 44.23 6.82 147.27
C TRP LA 112 45.47 6.81 148.17
N ASP LA 113 45.26 6.59 149.46
CA ASP LA 113 46.36 6.59 150.41
C ASP LA 113 46.70 5.16 150.79
N PRO LA 114 47.83 4.61 150.35
CA PRO LA 114 48.20 3.25 150.74
C PRO LA 114 48.59 3.18 152.21
N ILE LA 115 48.52 1.96 152.76
CA ILE LA 115 48.82 1.76 154.17
C ILE LA 115 50.33 1.74 154.39
N TYR LA 116 50.77 2.43 155.44
CA TYR LA 116 52.17 2.48 155.84
C TYR LA 116 52.28 1.92 157.25
N ALA LA 117 53.32 1.13 157.49
CA ALA LA 117 53.58 0.51 158.78
C ALA LA 117 55.03 0.72 159.16
N PRO LA 118 55.37 0.65 160.45
CA PRO LA 118 56.78 0.65 160.83
C PRO LA 118 57.45 -0.66 160.46
N VAL LA 119 58.77 -0.60 160.28
CA VAL LA 119 59.52 -1.86 160.16
C VAL LA 119 59.54 -2.60 161.49
N ASP LA 120 59.60 -1.87 162.61
CA ASP LA 120 59.79 -2.50 163.91
C ASP LA 120 58.57 -3.29 164.30
N LEU LA 121 58.55 -4.58 163.95
CA LEU LA 121 57.42 -5.44 164.28
C LEU LA 121 57.31 -5.62 165.79
N GLU LA 122 58.45 -5.73 166.48
CA GLU LA 122 58.40 -5.88 167.93
C GLU LA 122 57.81 -4.65 168.60
N ARG LA 123 58.23 -3.47 168.17
CA ARG LA 123 57.61 -2.25 168.70
C ARG LA 123 56.23 -2.03 168.12
N HIS LA 124 56.06 -2.29 166.83
CA HIS LA 124 54.77 -2.09 166.15
C HIS LA 124 54.56 -3.23 165.15
N PRO LA 125 53.79 -4.25 165.52
CA PRO LA 125 53.54 -5.35 164.59
C PRO LA 125 52.81 -4.87 163.34
N TYR LA 126 53.08 -5.56 162.24
CA TYR LA 126 52.49 -5.17 160.96
C TYR LA 126 50.96 -5.25 161.03
N GLY LA 127 50.31 -4.22 160.49
CA GLY LA 127 48.87 -4.12 160.54
C GLY LA 127 48.32 -3.46 161.78
N THR LA 128 49.18 -3.18 162.76
CA THR LA 128 48.75 -2.50 163.98
C THR LA 128 48.83 -0.99 163.84
N VAL LA 129 49.94 -0.49 163.32
CA VAL LA 129 50.14 0.94 163.10
C VAL LA 129 50.02 1.19 161.60
N LEU LA 130 48.99 1.94 161.23
CA LEU LA 130 48.72 2.27 159.83
C LEU LA 130 48.69 3.78 159.70
N ILE LA 131 49.75 4.34 159.13
CA ILE LA 131 49.94 5.79 159.08
C ILE LA 131 49.56 6.27 157.68
N PRO LA 132 48.65 7.23 157.55
CA PRO LA 132 48.33 7.78 156.23
C PRO LA 132 49.48 8.57 155.67
N GLU LA 133 49.51 8.65 154.33
CA GLU LA 133 50.57 9.36 153.64
C GLU LA 133 50.56 10.85 153.97
N SER LA 134 49.40 11.41 154.31
CA SER LA 134 49.32 12.83 154.65
C SER LA 134 50.17 13.15 155.87
N THR LA 135 50.09 12.31 156.89
CA THR LA 135 50.90 12.47 158.09
C THR LA 135 52.25 11.76 157.97
N LEU LA 136 52.47 11.03 156.88
CA LEU LA 136 53.72 10.30 156.69
C LEU LA 136 54.93 11.23 156.76
N GLU LA 137 54.78 12.47 156.31
CA GLU LA 137 55.90 13.40 156.33
C GLU LA 137 56.38 13.65 157.75
N THR LA 138 55.46 13.80 158.69
CA THR LA 138 55.80 14.22 160.04
C THR LA 138 55.69 13.12 161.08
N THR LA 139 55.18 11.94 160.72
CA THR LA 139 54.98 10.89 161.71
C THR LA 139 55.85 9.66 161.47
N GLY LA 140 56.02 9.24 160.23
CA GLY LA 140 56.72 8.00 159.93
C GLY LA 140 58.23 8.06 160.10
N GLY LA 141 58.80 9.24 160.33
CA GLY LA 141 60.23 9.33 160.52
C GLY LA 141 60.72 8.62 161.76
N THR LA 142 59.90 8.62 162.82
CA THR LA 142 60.29 8.03 164.10
C THR LA 142 60.24 6.51 164.09
N PHE LA 143 59.71 5.89 163.04
CA PHE LA 143 59.56 4.45 162.98
C PHE LA 143 60.57 3.78 162.05
N GLY LA 144 61.67 4.48 161.75
CA GLY LA 144 62.67 3.90 160.86
C GLY LA 144 62.12 3.73 159.47
N GLU LA 145 62.53 2.65 158.82
CA GLU LA 145 61.99 2.35 157.50
C GLU LA 145 60.50 2.06 157.61
N MET LA 146 59.78 2.42 156.55
CA MET LA 146 58.34 2.62 156.64
C MET LA 146 57.71 1.71 155.59
N PHE LA 147 57.37 0.49 156.00
CA PHE LA 147 56.69 -0.46 155.12
C PHE LA 147 55.55 0.19 154.37
N LEU LA 148 55.54 0.00 153.06
CA LEU LA 148 54.46 0.44 152.19
C LEU LA 148 53.74 -0.78 151.64
N THR LA 149 52.41 -0.81 151.76
CA THR LA 149 51.66 -1.93 151.23
C THR LA 149 50.57 -1.46 150.28
N SER LA 150 50.16 -2.39 149.42
CA SER LA 150 49.04 -2.13 148.50
C SER LA 150 47.75 -1.85 149.26
N ARG LA 151 47.62 -2.36 150.49
CA ARG LA 151 46.48 -2.00 151.30
C ARG LA 151 46.50 -0.50 151.58
N GLY LA 152 45.32 0.09 151.71
CA GLY LA 152 45.25 1.51 151.95
C GLY LA 152 43.83 1.97 152.12
N MET LA 153 43.70 3.24 152.49
CA MET LA 153 42.42 3.90 152.70
C MET LA 153 42.23 4.98 151.65
N ILE LA 154 41.07 5.63 151.71
CA ILE LA 154 40.72 6.71 150.80
C ILE LA 154 40.28 7.91 151.63
N SER LA 155 40.87 9.07 151.33
CA SER LA 155 40.59 10.28 152.06
C SER LA 155 39.84 11.27 151.18
N ILE LA 156 38.82 11.90 151.75
CA ILE LA 156 38.02 12.91 151.07
C ILE LA 156 38.08 14.19 151.90
N PRO LA 157 38.40 15.33 151.30
CA PRO LA 157 38.44 16.59 152.06
C PRO LA 157 37.07 16.94 152.62
N ILE LA 158 37.05 17.30 153.91
CA ILE LA 158 35.79 17.65 154.56
C ILE LA 158 35.22 18.94 153.98
N ASN LA 159 36.09 19.90 153.63
CA ASN LA 159 35.62 21.11 152.97
C ASN LA 159 34.99 20.80 151.62
N ASP LA 160 35.61 19.91 150.85
CA ASP LA 160 35.06 19.56 149.54
C ASP LA 160 33.71 18.86 149.68
N LEU LA 161 33.58 17.94 150.63
CA LEU LA 161 32.30 17.25 150.79
C LEU LA 161 31.23 18.22 151.30
N ALA LA 162 31.60 19.15 152.18
CA ALA LA 162 30.64 20.14 152.65
C ALA LA 162 30.20 21.05 151.51
N ARG LA 163 31.13 21.39 150.61
CA ARG LA 163 30.76 22.19 149.44
C ARG LA 163 29.79 21.43 148.54
N THR LA 164 30.08 20.15 148.27
CA THR LA 164 29.27 19.42 147.31
C THR LA 164 27.93 18.98 147.88
N MET LA 165 27.82 18.80 149.20
CA MET LA 165 26.58 18.32 149.79
C MET LA 165 25.51 19.42 149.84
N GLY LA 166 25.91 20.66 149.63
CA GLY LA 166 24.96 21.77 149.54
C GLY LA 166 24.17 22.04 150.80
N ILE LA 167 24.77 21.84 151.97
CA ILE LA 167 24.13 22.12 153.25
C ILE LA 167 25.06 23.03 154.05
N THR LA 168 24.54 24.17 154.48
CA THR LA 168 25.35 25.09 155.28
C THR LA 168 25.23 24.83 156.78
N GLY LA 169 24.08 24.33 157.22
CA GLY LA 169 23.86 24.12 158.64
C GLY LA 169 24.45 22.82 159.17
N THR LA 170 23.64 22.08 159.92
CA THR LA 170 24.11 20.85 160.54
C THR LA 170 24.54 19.83 159.50
N ILE LA 171 25.71 19.23 159.70
CA ILE LA 171 26.24 18.20 158.83
C ILE LA 171 26.37 16.92 159.63
N ASP LA 172 25.64 15.88 159.21
CA ASP LA 172 25.69 14.58 159.88
C ASP LA 172 26.89 13.82 159.29
N GLN LA 173 28.02 13.94 159.98
CA GLN LA 173 29.25 13.32 159.48
C GLN LA 173 29.10 11.80 159.37
N SER LA 174 28.52 11.17 160.39
CA SER LA 174 28.35 9.73 160.36
C SER LA 174 27.44 9.30 159.20
N ALA LA 175 26.32 10.01 159.01
CA ALA LA 175 25.39 9.64 157.96
C ALA LA 175 25.99 9.83 156.58
N ILE LA 176 26.68 10.95 156.35
CA ILE LA 176 27.28 11.17 155.04
C ILE LA 176 28.39 10.17 154.78
N THR LA 177 29.16 9.83 155.83
CA THR LA 177 30.20 8.83 155.68
C THR LA 177 29.61 7.47 155.32
N GLU LA 178 28.52 7.08 156.00
CA GLU LA 178 27.88 5.83 155.67
C GLU LA 178 27.35 5.82 154.24
N GLU LA 179 26.72 6.90 153.83
CA GLU LA 179 26.19 6.98 152.47
C GLU LA 179 27.31 6.84 151.44
N ILE LA 180 28.40 7.59 151.63
CA ILE LA 180 29.47 7.57 150.64
C ILE LA 180 30.18 6.23 150.63
N LEU LA 181 30.34 5.60 151.80
CA LEU LA 181 30.98 4.29 151.82
C LEU LA 181 30.09 3.24 151.17
N ARG LA 182 28.76 3.37 151.33
CA ARG LA 182 27.87 2.47 150.62
C ARG LA 182 27.95 2.66 149.12
N LYS LA 183 28.02 3.92 148.67
CA LYS LA 183 28.20 4.19 147.25
C LYS LA 183 29.50 3.56 146.75
N PHE LA 184 30.56 3.71 147.54
CA PHE LA 184 31.84 3.08 147.25
C PHE LA 184 31.68 1.57 147.13
N ASN LA 185 30.95 0.95 148.06
CA ASN LA 185 30.79 -0.50 148.05
C ASN LA 185 30.07 -0.96 146.80
N GLN LA 186 29.04 -0.25 146.41
CA GLN LA 186 28.12 -0.74 145.38
C GLN LA 186 28.47 -0.23 143.98
N PHE LA 187 29.47 0.62 143.83
CA PHE LA 187 29.87 1.05 142.49
C PHE LA 187 31.37 0.90 142.28
N VAL LA 188 32.14 1.03 143.36
CA VAL LA 188 33.59 1.07 143.26
C VAL LA 188 34.24 -0.18 143.82
N LYS LA 189 33.66 -0.80 144.85
CA LYS LA 189 34.28 -1.97 145.47
C LYS LA 189 34.62 -3.09 144.49
N PRO LA 190 33.76 -3.46 143.53
CA PRO LA 190 34.14 -4.56 142.63
C PRO LA 190 35.41 -4.28 141.83
N LEU LA 191 35.74 -3.02 141.60
CA LEU LA 191 36.98 -2.68 140.92
C LEU LA 191 38.21 -2.90 141.79
N LEU LA 192 38.01 -3.10 143.10
CA LEU LA 192 39.16 -3.20 144.00
C LEU LA 192 39.88 -4.54 143.87
N PRO LA 193 39.23 -5.69 144.06
CA PRO LA 193 39.98 -6.96 144.09
C PRO LA 193 40.62 -7.23 142.74
N LEU LA 194 41.76 -7.94 142.79
CA LEU LA 194 42.30 -8.53 144.00
C LEU LA 194 43.36 -7.64 144.65
N HIS LA 195 44.19 -7.00 143.81
CA HIS LA 195 45.35 -6.29 144.31
C HIS LA 195 44.95 -5.16 145.25
N ILE LA 196 43.95 -4.37 144.87
CA ILE LA 196 43.56 -3.22 145.67
C ILE LA 196 42.85 -3.71 146.92
N VAL LA 197 43.29 -3.23 148.08
CA VAL LA 197 42.69 -3.57 149.36
C VAL LA 197 42.22 -2.29 150.02
N PHE LA 198 40.95 -2.25 150.40
CA PHE LA 198 40.34 -1.12 151.08
C PHE LA 198 40.11 -1.50 152.53
N ASP LA 199 40.67 -0.73 153.46
CA ASP LA 199 40.63 -1.08 154.87
C ASP LA 199 40.04 0.04 155.72
N GLY LA 200 39.34 0.97 155.11
CA GLY LA 200 38.73 2.06 155.84
C GLY LA 200 38.65 3.31 154.99
N LEU LA 201 37.71 4.18 155.34
CA LEU LA 201 37.46 5.42 154.61
C LEU LA 201 37.61 6.58 155.59
N THR LA 202 38.24 7.67 155.14
CA THR LA 202 38.55 8.77 156.05
C THR LA 202 38.33 10.11 155.37
N LEU LA 203 38.12 11.13 156.20
CA LEU LA 203 37.90 12.49 155.75
C LEU LA 203 38.99 13.39 156.32
N TYR LA 204 39.57 14.23 155.47
CA TYR LA 204 40.68 15.06 155.89
C TYR LA 204 40.23 16.05 156.95
N MET MA 1 -51.05 -38.50 88.85
CA MET MA 1 -50.64 -37.17 89.30
C MET MA 1 -50.06 -36.35 88.15
N GLN MA 2 -50.26 -36.85 86.93
CA GLN MA 2 -49.83 -36.18 85.72
C GLN MA 2 -50.97 -36.17 84.72
N ARG MA 3 -51.30 -34.99 84.21
CA ARG MA 3 -52.39 -34.82 83.27
C ARG MA 3 -51.82 -34.54 81.89
N SER MA 4 -52.23 -35.36 80.91
CA SER MA 4 -51.80 -35.22 79.51
C SER MA 4 -50.28 -35.28 79.42
N TRP MA 5 -49.65 -35.96 80.39
CA TRP MA 5 -48.21 -36.03 80.54
C TRP MA 5 -47.46 -36.42 79.27
N PHE MA 6 -48.10 -37.14 78.36
CA PHE MA 6 -47.43 -37.44 77.11
C PHE MA 6 -47.87 -36.49 76.02
N ASN MA 7 -47.76 -35.20 76.31
CA ASN MA 7 -48.22 -34.15 75.41
C ASN MA 7 -47.13 -33.15 75.10
N HIS MA 8 -45.87 -33.53 75.27
CA HIS MA 8 -44.79 -32.57 75.19
C HIS MA 8 -43.63 -33.00 74.31
N ARG MA 9 -43.21 -34.27 74.36
CA ARG MA 9 -42.25 -34.81 73.41
C ARG MA 9 -42.93 -35.66 72.35
N LEU MA 10 -44.10 -35.20 71.91
CA LEU MA 10 -44.92 -35.95 70.97
C LEU MA 10 -45.45 -34.98 69.92
N THR MA 11 -45.36 -35.39 68.65
CA THR MA 11 -45.94 -34.56 67.60
C THR MA 11 -47.44 -34.50 67.78
N SER MA 12 -48.04 -33.37 67.36
CA SER MA 12 -49.44 -33.12 67.65
C SER MA 12 -50.35 -34.13 66.97
N ALA MA 13 -50.02 -34.56 65.76
CA ALA MA 13 -50.85 -35.54 65.07
C ALA MA 13 -50.87 -36.86 65.81
N LYS MA 14 -49.69 -37.33 66.23
CA LYS MA 14 -49.63 -38.55 67.03
C LYS MA 14 -50.20 -38.35 68.44
N GLN MA 15 -50.26 -37.11 68.91
CA GLN MA 15 -50.97 -36.84 70.16
C GLN MA 15 -52.46 -37.02 69.97
N LYS MA 16 -53.01 -36.46 68.90
CA LYS MA 16 -54.42 -36.65 68.61
C LYS MA 16 -54.71 -38.01 68.00
N SER MA 17 -53.70 -38.86 67.83
CA SER MA 17 -53.91 -40.21 67.32
C SER MA 17 -54.79 -41.01 68.29
N LEU MA 18 -55.43 -42.04 67.73
CA LEU MA 18 -56.42 -42.80 68.48
C LEU MA 18 -55.77 -43.67 69.55
N LEU MA 19 -54.74 -44.42 69.18
CA LEU MA 19 -54.16 -45.42 70.07
C LEU MA 19 -53.08 -44.85 70.97
N TYR MA 20 -52.47 -43.73 70.59
CA TYR MA 20 -51.41 -43.16 71.41
C TYR MA 20 -51.97 -42.60 72.71
N LYS MA 21 -53.13 -41.96 72.65
CA LYS MA 21 -53.79 -41.58 73.90
C LYS MA 21 -54.19 -42.78 74.72
N SER MA 22 -54.56 -43.89 74.07
CA SER MA 22 -54.90 -45.09 74.81
C SER MA 22 -53.69 -45.60 75.59
N LEU MA 23 -52.56 -45.76 74.91
CA LEU MA 23 -51.37 -46.22 75.61
C LEU MA 23 -50.93 -45.21 76.67
N ALA MA 24 -51.01 -43.92 76.35
CA ALA MA 24 -50.57 -42.90 77.29
C ALA MA 24 -51.41 -42.91 78.56
N ASP MA 25 -52.73 -42.94 78.43
CA ASP MA 25 -53.54 -42.86 79.63
C ASP MA 25 -53.56 -44.17 80.38
N LEU MA 26 -53.41 -45.31 79.69
CA LEU MA 26 -53.29 -46.56 80.45
C LEU MA 26 -52.02 -46.56 81.28
N VAL MA 27 -50.90 -46.10 80.72
CA VAL MA 27 -49.67 -46.11 81.52
C VAL MA 27 -49.73 -45.03 82.60
N GLN MA 28 -50.41 -43.92 82.33
CA GLN MA 28 -50.59 -42.91 83.37
C GLN MA 28 -51.40 -43.50 84.52
N SER MA 29 -52.45 -44.25 84.21
CA SER MA 29 -53.23 -44.91 85.26
C SER MA 29 -52.37 -45.92 86.01
N MET MA 30 -51.56 -46.69 85.29
CA MET MA 30 -50.74 -47.71 85.95
C MET MA 30 -49.73 -47.09 86.88
N MET MA 31 -49.07 -46.02 86.45
CA MET MA 31 -48.14 -45.35 87.36
C MET MA 31 -48.89 -44.72 88.52
N ASP MA 32 -50.03 -44.07 88.25
CA ASP MA 32 -50.84 -43.51 89.32
C ASP MA 32 -51.17 -44.55 90.38
N THR MA 33 -51.44 -45.78 89.94
CA THR MA 33 -51.88 -46.81 90.87
C THR MA 33 -50.76 -47.59 91.51
N PHE MA 34 -49.55 -47.58 90.94
CA PHE MA 34 -48.53 -48.45 91.54
C PHE MA 34 -47.13 -47.85 91.63
N VAL MA 35 -46.94 -46.55 91.44
CA VAL MA 35 -45.65 -45.95 91.78
C VAL MA 35 -45.89 -44.77 92.72
N ASP MA 36 -46.90 -43.96 92.41
CA ASP MA 36 -47.08 -42.71 93.13
C ASP MA 36 -47.31 -42.87 94.62
N PRO MA 37 -48.16 -43.79 95.10
CA PRO MA 37 -48.37 -43.88 96.57
C PRO MA 37 -47.09 -43.99 97.36
N TRP MA 38 -46.05 -44.60 96.79
CA TRP MA 38 -44.74 -44.55 97.41
C TRP MA 38 -44.20 -43.13 97.46
N LEU MA 39 -44.42 -42.35 96.42
CA LEU MA 39 -43.99 -40.95 96.46
C LEU MA 39 -44.78 -40.18 97.52
N GLU MA 40 -46.07 -40.43 97.62
CA GLU MA 40 -46.87 -39.77 98.65
C GLU MA 40 -46.40 -40.15 100.05
N ARG MA 41 -46.07 -41.42 100.27
CA ARG MA 41 -45.63 -41.81 101.60
C ARG MA 41 -44.25 -41.22 101.92
N ILE MA 42 -43.36 -41.14 100.93
CA ILE MA 42 -42.05 -40.55 101.21
C ILE MA 42 -42.17 -39.06 101.46
N THR MA 43 -43.05 -38.37 100.72
CA THR MA 43 -43.30 -36.96 100.98
C THR MA 43 -43.92 -36.74 102.35
N ASN MA 44 -44.82 -37.65 102.76
CA ASN MA 44 -45.34 -37.60 104.12
C ASN MA 44 -44.23 -37.79 105.14
N ARG MA 45 -43.33 -38.74 104.88
CA ARG MA 45 -42.21 -38.98 105.78
C ARG MA 45 -41.32 -37.76 105.89
N LYS MA 46 -41.26 -36.94 104.84
CA LYS MA 46 -40.49 -35.70 104.90
C LYS MA 46 -40.92 -34.85 106.10
N SER MA 47 -42.23 -34.71 106.29
CA SER MA 47 -42.77 -33.85 107.34
C SER MA 47 -43.20 -34.67 108.55
N ILE MA 48 -42.92 -34.12 109.74
CA ILE MA 48 -43.30 -34.81 110.97
C ILE MA 48 -44.80 -34.92 111.09
N PHE MA 49 -45.55 -33.91 110.61
CA PHE MA 49 -47.00 -33.94 110.72
C PHE MA 49 -47.66 -34.64 109.53
N SER MA 50 -46.97 -34.74 108.39
CA SER MA 50 -47.59 -35.29 107.19
C SER MA 50 -47.55 -36.81 107.14
N MET MA 51 -46.73 -37.44 107.97
CA MET MA 51 -46.46 -38.87 107.82
C MET MA 51 -47.74 -39.68 107.86
N SER MA 52 -47.83 -40.65 106.95
CA SER MA 52 -48.98 -41.55 106.91
C SER MA 52 -49.00 -42.42 108.16
N LYS MA 53 -50.16 -43.06 108.39
CA LYS MA 53 -50.33 -43.86 109.60
C LYS MA 53 -49.27 -44.94 109.69
N GLU MA 54 -49.15 -45.77 108.64
CA GLU MA 54 -48.21 -46.88 108.66
C GLU MA 54 -46.83 -46.41 109.09
N ASP MA 55 -46.39 -45.27 108.57
CA ASP MA 55 -45.11 -44.71 108.96
C ASP MA 55 -45.13 -44.28 110.42
N LEU MA 56 -46.25 -43.75 110.89
CA LEU MA 56 -46.32 -43.27 112.27
C LEU MA 56 -46.15 -44.43 113.25
N GLU MA 57 -46.94 -45.48 113.10
CA GLU MA 57 -46.74 -46.61 114.01
C GLU MA 57 -45.45 -47.37 113.72
N THR MA 58 -44.90 -47.26 112.51
CA THR MA 58 -43.60 -47.85 112.26
C THR MA 58 -42.53 -47.18 113.11
N ARG MA 59 -42.47 -45.85 113.05
CA ARG MA 59 -41.54 -45.12 113.90
C ARG MA 59 -41.87 -45.32 115.37
N THR MA 60 -43.14 -45.56 115.68
CA THR MA 60 -43.54 -45.79 117.05
C THR MA 60 -42.95 -47.09 117.59
N ASN MA 61 -43.14 -48.18 116.86
CA ASN MA 61 -42.77 -49.50 117.35
C ASN MA 61 -41.34 -49.90 116.98
N GLU MA 62 -40.61 -49.05 116.24
CA GLU MA 62 -39.20 -49.31 116.05
C GLU MA 62 -38.46 -49.35 117.39
N LEU MA 63 -38.74 -48.38 118.27
CA LEU MA 63 -38.14 -48.39 119.59
C LEU MA 63 -38.80 -49.43 120.50
N GLY MA 64 -40.11 -49.57 120.41
CA GLY MA 64 -40.87 -50.48 121.26
C GLY MA 64 -42.18 -49.85 121.66
N GLN MA 65 -43.15 -50.71 121.97
CA GLN MA 65 -44.49 -50.26 122.34
C GLN MA 65 -44.56 -49.70 123.75
N PHE MA 66 -43.52 -49.89 124.56
CA PHE MA 66 -43.52 -49.41 125.93
C PHE MA 66 -43.16 -47.94 126.03
N PHE MA 67 -42.83 -47.30 124.92
CA PHE MA 67 -42.38 -45.91 124.90
C PHE MA 67 -43.43 -44.97 124.33
N THR MA 68 -44.67 -45.40 124.20
CA THR MA 68 -45.71 -44.63 123.55
C THR MA 68 -46.99 -44.62 124.38
N ILE MA 69 -48.01 -43.96 123.84
CA ILE MA 69 -49.32 -43.88 124.45
C ILE MA 69 -50.33 -44.49 123.48
N ARG MA 70 -51.16 -45.40 124.00
CA ARG MA 70 -52.18 -46.07 123.18
C ARG MA 70 -53.40 -45.16 123.08
N THR MA 71 -53.32 -44.23 122.13
CA THR MA 71 -54.38 -43.26 121.92
C THR MA 71 -55.01 -43.45 120.55
N SER MA 72 -56.26 -43.04 120.44
CA SER MA 72 -56.98 -43.05 119.17
C SER MA 72 -56.92 -41.72 118.46
N ASN MA 73 -56.31 -40.70 119.07
CA ASN MA 73 -56.21 -39.38 118.45
C ASN MA 73 -55.04 -39.39 117.48
N SER MA 74 -55.29 -39.96 116.30
CA SER MA 74 -54.25 -40.11 115.29
C SER MA 74 -53.68 -38.78 114.84
N SER MA 75 -54.53 -37.75 114.77
CA SER MA 75 -54.05 -36.43 114.36
C SER MA 75 -53.01 -35.90 115.35
N SER MA 76 -53.22 -36.12 116.65
CA SER MA 76 -52.29 -35.65 117.66
C SER MA 76 -51.07 -36.55 117.79
N VAL MA 77 -51.11 -37.75 117.22
CA VAL MA 77 -49.96 -38.65 117.34
C VAL MA 77 -48.67 -38.02 116.84
N PRO MA 78 -48.62 -37.37 115.66
CA PRO MA 78 -47.40 -36.64 115.32
C PRO MA 78 -47.05 -35.57 116.33
N MET MA 79 -48.05 -34.85 116.82
CA MET MA 79 -47.80 -33.81 117.81
C MET MA 79 -47.31 -34.44 119.12
N LEU MA 80 -47.95 -35.54 119.52
CA LEU MA 80 -47.56 -36.21 120.76
C LEU MA 80 -46.14 -36.72 120.68
N LEU MA 81 -45.75 -37.30 119.54
CA LEU MA 81 -44.37 -37.78 119.42
C LEU MA 81 -43.40 -36.62 119.33
N GLN MA 82 -43.81 -35.50 118.73
CA GLN MA 82 -42.97 -34.32 118.74
C GLN MA 82 -42.67 -33.90 120.17
N GLN MA 83 -43.69 -33.88 121.02
CA GLN MA 83 -43.46 -33.56 122.42
C GLN MA 83 -42.59 -34.61 123.10
N ARG MA 84 -42.86 -35.89 122.81
CA ARG MA 84 -42.10 -36.96 123.44
C ARG MA 84 -40.64 -36.92 123.05
N LEU MA 85 -40.33 -36.36 121.89
CA LEU MA 85 -38.94 -36.28 121.44
C LEU MA 85 -38.26 -34.99 121.85
N ASP MA 86 -38.99 -33.87 121.92
CA ASP MA 86 -38.38 -32.62 122.33
C ASP MA 86 -38.34 -32.46 123.84
N GLU MA 87 -39.05 -33.30 124.58
CA GLU MA 87 -39.02 -33.28 126.04
C GLU MA 87 -37.76 -33.91 126.60
N ILE MA 88 -36.98 -34.64 125.79
CA ILE MA 88 -35.85 -35.39 126.32
C ILE MA 88 -34.88 -34.47 127.04
N HIS MA 89 -34.85 -33.19 126.68
CA HIS MA 89 -33.98 -32.24 127.34
C HIS MA 89 -34.56 -31.72 128.65
N PHE MA 90 -35.87 -31.86 128.86
CA PHE MA 90 -36.53 -31.35 130.06
C PHE MA 90 -37.34 -32.44 130.76
N LYS MA 91 -37.00 -33.71 130.56
CA LYS MA 91 -37.81 -34.82 131.02
C LYS MA 91 -37.33 -35.39 132.35
N GLY MA 92 -36.51 -34.66 133.08
CA GLY MA 92 -36.20 -34.95 134.46
C GLY MA 92 -37.16 -34.29 135.44
N THR MA 93 -38.24 -33.69 134.95
CA THR MA 93 -39.17 -32.94 135.78
C THR MA 93 -40.61 -33.41 135.57
N GLU MA 94 -41.57 -32.64 136.07
CA GLU MA 94 -42.99 -32.94 135.92
C GLU MA 94 -43.53 -32.61 134.53
N ARG MA 95 -42.75 -31.90 133.71
CA ARG MA 95 -43.21 -31.54 132.37
C ARG MA 95 -43.55 -32.76 131.52
N PRO MA 96 -42.72 -33.80 131.43
CA PRO MA 96 -43.16 -35.00 130.69
C PRO MA 96 -44.39 -35.65 131.29
N ILE MA 97 -44.58 -35.56 132.61
CA ILE MA 97 -45.81 -36.09 133.21
C ILE MA 97 -47.00 -35.35 132.66
N ASN MA 98 -46.91 -34.02 132.61
CA ASN MA 98 -47.99 -33.22 132.04
C ASN MA 98 -48.15 -33.50 130.55
N GLN MA 99 -47.05 -33.80 129.86
CA GLN MA 99 -47.10 -34.17 128.46
C GLN MA 99 -47.90 -35.45 128.27
N THR MA 100 -47.68 -36.42 129.14
CA THR MA 100 -48.51 -37.63 129.13
C THR MA 100 -49.96 -37.30 129.42
N ILE MA 101 -50.19 -36.41 130.40
CA ILE MA 101 -51.53 -36.02 130.80
C ILE MA 101 -52.28 -35.41 129.64
N TYR MA 102 -51.58 -34.68 128.77
CA TYR MA 102 -52.17 -34.09 127.57
C TYR MA 102 -53.19 -35.01 126.93
N ARG MA 103 -52.78 -36.24 126.64
CA ARG MA 103 -53.63 -37.22 125.99
C ARG MA 103 -54.29 -38.19 126.95
N GLU MA 104 -53.61 -38.57 128.04
CA GLU MA 104 -54.18 -39.58 128.92
C GLU MA 104 -55.35 -39.03 129.74
N PHE MA 105 -55.33 -37.73 130.02
CA PHE MA 105 -56.35 -37.14 130.88
C PHE MA 105 -56.85 -35.80 130.37
N ASN MA 106 -56.29 -35.29 129.28
CA ASN MA 106 -56.75 -34.05 128.65
C ASN MA 106 -56.61 -32.85 129.59
N GLY MA 107 -55.42 -32.74 130.20
CA GLY MA 107 -55.11 -31.59 131.02
C GLY MA 107 -55.70 -31.61 132.42
N ILE MA 108 -55.27 -32.56 133.24
CA ILE MA 108 -55.72 -32.67 134.62
C ILE MA 108 -54.59 -32.24 135.54
N SER MA 109 -54.93 -31.40 136.53
CA SER MA 109 -53.95 -30.93 137.51
C SER MA 109 -53.41 -32.10 138.33
N VAL MA 110 -52.14 -32.42 138.14
CA VAL MA 110 -51.47 -33.50 138.85
C VAL MA 110 -50.29 -32.91 139.60
N LEU MA 111 -50.22 -33.18 140.90
CA LEU MA 111 -49.17 -32.64 141.75
C LEU MA 111 -48.29 -33.78 142.26
N TRP MA 112 -46.98 -33.55 142.25
CA TRP MA 112 -46.02 -34.52 142.76
C TRP MA 112 -45.76 -34.21 144.23
N ASP MA 113 -46.28 -35.05 145.12
CA ASP MA 113 -46.10 -34.83 146.54
C ASP MA 113 -45.06 -35.78 147.08
N PRO MA 114 -43.88 -35.31 147.46
CA PRO MA 114 -42.85 -36.20 148.02
C PRO MA 114 -43.24 -36.68 149.41
N ILE MA 115 -42.64 -37.79 149.83
CA ILE MA 115 -42.95 -38.37 151.12
C ILE MA 115 -42.23 -37.61 152.23
N TYR MA 116 -42.96 -37.35 153.31
CA TYR MA 116 -42.44 -36.68 154.49
C TYR MA 116 -42.58 -37.62 155.68
N ALA MA 117 -41.57 -37.68 156.53
CA ALA MA 117 -41.54 -38.51 157.71
C ALA MA 117 -41.09 -37.69 158.90
N PRO MA 118 -41.42 -38.12 160.13
CA PRO MA 118 -40.85 -37.46 161.31
C PRO MA 118 -39.37 -37.81 161.45
N VAL MA 119 -38.64 -36.93 162.13
CA VAL MA 119 -37.29 -37.31 162.53
C VAL MA 119 -37.32 -38.40 163.59
N ASP MA 120 -38.30 -38.35 164.50
CA ASP MA 120 -38.31 -39.24 165.64
C ASP MA 120 -38.56 -40.67 165.20
N LEU MA 121 -37.47 -41.41 164.95
CA LEU MA 121 -37.59 -42.79 164.53
C LEU MA 121 -38.18 -43.66 165.64
N GLU MA 122 -37.80 -43.37 166.89
CA GLU MA 122 -38.34 -44.13 168.01
C GLU MA 122 -39.84 -43.93 168.14
N ARG MA 123 -40.31 -42.68 168.03
CA ARG MA 123 -41.75 -42.44 168.05
C ARG MA 123 -42.39 -42.83 166.73
N HIS MA 124 -41.72 -42.54 165.61
CA HIS MA 124 -42.24 -42.84 164.28
C HIS MA 124 -41.09 -43.31 163.40
N PRO MA 125 -40.93 -44.63 163.22
CA PRO MA 125 -39.85 -45.12 162.36
C PRO MA 125 -40.03 -44.66 160.92
N TYR MA 126 -38.91 -44.49 160.23
CA TYR MA 126 -38.95 -44.00 158.86
C TYR MA 126 -39.73 -44.97 157.97
N GLY MA 127 -40.58 -44.41 157.12
CA GLY MA 127 -41.43 -45.20 156.26
C GLY MA 127 -42.74 -45.60 156.88
N THR MA 128 -42.94 -45.34 158.17
CA THR MA 128 -44.18 -45.66 158.85
C THR MA 128 -45.18 -44.51 158.77
N VAL MA 129 -44.73 -43.29 159.04
CA VAL MA 129 -45.56 -42.11 158.95
C VAL MA 129 -45.16 -41.35 157.70
N LEU MA 130 -46.08 -41.26 156.74
CA LEU MA 130 -45.85 -40.59 155.48
C LEU MA 130 -46.90 -39.50 155.33
N ILE MA 131 -46.51 -38.25 155.54
CA ILE MA 131 -47.43 -37.12 155.58
C ILE MA 131 -47.38 -36.41 154.23
N PRO MA 132 -48.49 -36.22 153.55
CA PRO MA 132 -48.49 -35.45 152.30
C PRO MA 132 -48.20 -33.97 152.56
N GLU MA 133 -47.67 -33.32 151.53
CA GLU MA 133 -47.32 -31.92 151.63
C GLU MA 133 -48.54 -31.04 151.86
N SER MA 134 -49.72 -31.49 151.39
CA SER MA 134 -50.93 -30.70 151.57
C SER MA 134 -51.26 -30.53 153.05
N THR MA 135 -51.13 -31.60 153.83
CA THR MA 135 -51.34 -31.54 155.27
C THR MA 135 -50.06 -31.21 156.02
N LEU MA 136 -48.93 -31.09 155.31
CA LEU MA 136 -47.67 -30.79 155.96
C LEU MA 136 -47.73 -29.49 156.74
N GLU MA 137 -48.51 -28.52 156.27
CA GLU MA 137 -48.60 -27.24 156.96
C GLU MA 137 -49.15 -27.42 158.38
N THR MA 138 -50.16 -28.26 158.53
CA THR MA 138 -50.88 -28.37 159.79
C THR MA 138 -50.59 -29.64 160.57
N THR MA 139 -49.85 -30.59 160.01
CA THR MA 139 -49.62 -31.87 160.66
C THR MA 139 -48.17 -32.11 161.05
N GLY MA 140 -47.22 -31.74 160.18
CA GLY MA 140 -45.82 -32.05 160.41
C GLY MA 140 -45.14 -31.22 161.48
N GLY MA 141 -45.80 -30.18 161.98
CA GLY MA 141 -45.19 -29.37 163.02
C GLY MA 141 -44.95 -30.13 164.31
N THR MA 142 -45.86 -31.06 164.64
CA THR MA 142 -45.78 -31.80 165.88
C THR MA 142 -44.70 -32.87 165.88
N PHE MA 143 -44.07 -33.14 164.74
CA PHE MA 143 -43.08 -34.20 164.63
C PHE MA 143 -41.65 -33.66 164.55
N GLY MA 144 -41.44 -32.41 164.98
CA GLY MA 144 -40.11 -31.83 164.92
C GLY MA 144 -39.66 -31.66 163.49
N GLU MA 145 -38.37 -31.88 163.25
CA GLU MA 145 -37.86 -31.82 161.89
C GLU MA 145 -38.49 -32.93 161.05
N MET MA 146 -38.67 -32.63 159.77
CA MET MA 146 -39.61 -33.36 158.94
C MET MA 146 -38.82 -33.89 157.75
N PHE MA 147 -38.30 -35.10 157.87
CA PHE MA 147 -37.59 -35.77 156.79
C PHE MA 147 -38.34 -35.65 155.48
N LEU MA 148 -37.63 -35.22 154.46
CA LEU MA 148 -38.14 -35.15 153.09
C LEU MA 148 -37.39 -36.17 152.24
N THR MA 149 -38.13 -37.00 151.51
CA THR MA 149 -37.48 -37.98 150.65
C THR MA 149 -37.98 -37.86 149.22
N SER MA 150 -37.15 -38.36 148.30
CA SER MA 150 -37.53 -38.42 146.90
C SER MA 150 -38.73 -39.33 146.68
N ARG MA 151 -38.97 -40.28 147.57
CA ARG MA 151 -40.20 -41.05 147.50
C ARG MA 151 -41.40 -40.14 147.70
N GLY MA 152 -42.50 -40.47 147.05
CA GLY MA 152 -43.69 -39.65 147.18
C GLY MA 152 -44.84 -40.22 146.41
N MET MA 153 -46.00 -39.60 146.61
CA MET MA 153 -47.24 -39.98 145.97
C MET MA 153 -47.67 -38.87 145.00
N ILE MA 154 -48.79 -39.13 144.32
CA ILE MA 154 -49.34 -38.18 143.37
C ILE MA 154 -50.81 -37.97 143.70
N SER MA 155 -51.23 -36.72 143.81
CA SER MA 155 -52.58 -36.36 144.17
C SER MA 155 -53.31 -35.73 143.00
N ILE MA 156 -54.56 -36.15 142.81
CA ILE MA 156 -55.42 -35.61 141.76
C ILE MA 156 -56.68 -35.05 142.41
N PRO MA 157 -57.07 -33.82 142.12
CA PRO MA 157 -58.29 -33.27 142.72
C PRO MA 157 -59.53 -34.06 142.31
N ILE MA 158 -60.36 -34.38 143.31
CA ILE MA 158 -61.56 -35.16 143.04
C ILE MA 158 -62.54 -34.35 142.20
N ASN MA 159 -62.61 -33.03 142.44
CA ASN MA 159 -63.46 -32.19 141.60
C ASN MA 159 -62.98 -32.18 140.16
N ASP MA 160 -61.66 -32.09 139.95
CA ASP MA 160 -61.14 -32.07 138.59
C ASP MA 160 -61.43 -33.39 137.86
N LEU MA 161 -61.23 -34.52 138.56
CA LEU MA 161 -61.49 -35.81 137.90
C LEU MA 161 -62.98 -36.00 137.65
N ALA MA 162 -63.84 -35.53 138.56
CA ALA MA 162 -65.27 -35.60 138.32
C ALA MA 162 -65.65 -34.75 137.11
N ARG MA 163 -65.05 -33.57 136.97
CA ARG MA 163 -65.31 -32.74 135.81
C ARG MA 163 -64.85 -33.43 134.53
N THR MA 164 -63.68 -34.08 134.56
CA THR MA 164 -63.13 -34.62 133.32
C THR MA 164 -63.77 -35.93 132.91
N MET MA 165 -64.31 -36.72 133.84
CA MET MA 165 -64.94 -37.96 133.42
C MET MA 165 -66.24 -37.73 132.67
N GLY MA 166 -66.87 -36.56 132.85
CA GLY MA 166 -68.16 -36.30 132.24
C GLY MA 166 -69.28 -37.15 132.80
N ILE MA 167 -69.25 -37.46 134.09
CA ILE MA 167 -70.28 -38.25 134.75
C ILE MA 167 -70.84 -37.44 135.90
N THR MA 168 -72.14 -37.19 135.88
CA THR MA 168 -72.79 -36.44 136.95
C THR MA 168 -73.33 -37.34 138.05
N GLY MA 169 -73.76 -38.54 137.69
CA GLY MA 169 -74.36 -39.45 138.65
C GLY MA 169 -73.35 -40.22 139.47
N THR MA 170 -73.55 -41.54 139.58
CA THR MA 170 -72.69 -42.38 140.39
C THR MA 170 -71.26 -42.37 139.86
N ILE MA 171 -70.30 -42.19 140.76
CA ILE MA 171 -68.88 -42.21 140.42
C ILE MA 171 -68.23 -43.37 141.16
N ASP MA 172 -67.68 -44.31 140.40
CA ASP MA 172 -67.00 -45.47 140.98
C ASP MA 172 -65.57 -45.05 141.28
N GLN MA 173 -65.34 -44.60 142.52
CA GLN MA 173 -64.03 -44.10 142.90
C GLN MA 173 -62.96 -45.18 142.75
N SER MA 174 -63.26 -46.40 143.21
CA SER MA 174 -62.29 -47.48 143.10
C SER MA 174 -61.95 -47.79 141.65
N ALA MA 175 -62.97 -47.86 140.79
CA ALA MA 175 -62.75 -48.19 139.39
C ALA MA 175 -61.95 -47.10 138.68
N ILE MA 176 -62.30 -45.83 138.90
CA ILE MA 176 -61.57 -44.76 138.24
C ILE MA 176 -60.14 -44.70 138.75
N THR MA 177 -59.94 -44.93 140.05
CA THR MA 177 -58.60 -44.96 140.61
C THR MA 177 -57.78 -46.08 139.99
N GLU MA 178 -58.37 -47.27 139.85
CA GLU MA 178 -57.65 -48.37 139.22
C GLU MA 178 -57.31 -48.06 137.79
N GLU MA 179 -58.25 -47.48 137.03
CA GLU MA 179 -58.00 -47.14 135.65
C GLU MA 179 -56.84 -46.15 135.53
N ILE MA 180 -56.88 -45.08 136.33
CA ILE MA 180 -55.86 -44.05 136.21
C ILE MA 180 -54.50 -44.57 136.67
N LEU MA 181 -54.48 -45.42 137.71
CA LEU MA 181 -53.20 -45.95 138.13
C LEU MA 181 -52.64 -46.93 137.11
N ARG MA 182 -53.50 -47.68 136.42
CA ARG MA 182 -53.04 -48.53 135.34
C ARG MA 182 -52.48 -47.70 134.21
N LYS MA 183 -53.13 -46.58 133.87
CA LYS MA 183 -52.59 -45.68 132.88
C LYS MA 183 -51.22 -45.17 133.31
N PHE MA 184 -51.09 -44.83 134.59
CA PHE MA 184 -49.81 -44.37 135.12
C PHE MA 184 -48.75 -45.45 134.97
N ASN MA 185 -49.12 -46.68 135.26
CA ASN MA 185 -48.18 -47.79 135.18
C ASN MA 185 -47.73 -48.02 133.74
N GLN MA 186 -48.66 -48.01 132.81
CA GLN MA 186 -48.36 -48.40 131.44
C GLN MA 186 -47.89 -47.24 130.57
N PHE MA 187 -47.90 -46.01 131.08
CA PHE MA 187 -47.39 -44.90 130.29
C PHE MA 187 -46.38 -44.06 131.06
N VAL MA 188 -46.59 -43.90 132.36
CA VAL MA 188 -45.79 -42.96 133.15
C VAL MA 188 -44.76 -43.66 134.03
N LYS MA 189 -45.04 -44.87 134.51
CA LYS MA 189 -44.11 -45.58 135.39
C LYS MA 189 -42.69 -45.68 134.83
N PRO MA 190 -42.46 -46.02 133.56
CA PRO MA 190 -41.07 -46.14 133.09
C PRO MA 190 -40.26 -44.86 133.26
N LEU MA 191 -40.90 -43.70 133.25
CA LEU MA 191 -40.20 -42.45 133.48
C LEU MA 191 -39.76 -42.28 134.92
N LEU MA 192 -40.30 -43.10 135.84
CA LEU MA 192 -40.02 -42.91 137.26
C LEU MA 192 -38.61 -43.35 137.63
N PRO MA 193 -38.19 -44.60 137.40
CA PRO MA 193 -36.90 -45.04 137.91
C PRO MA 193 -35.76 -44.27 137.27
N LEU MA 194 -34.67 -44.12 138.02
CA LEU MA 194 -34.47 -44.74 139.32
C LEU MA 194 -34.84 -43.80 140.47
N HIS MA 195 -34.50 -42.53 140.30
CA HIS MA 195 -34.62 -41.57 141.41
C HIS MA 195 -36.06 -41.44 141.88
N ILE MA 196 -37.00 -41.32 140.93
CA ILE MA 196 -38.39 -41.10 141.29
C ILE MA 196 -38.96 -42.40 141.84
N VAL MA 197 -39.58 -42.32 143.02
CA VAL MA 197 -40.21 -43.46 143.65
C VAL MA 197 -41.69 -43.15 143.85
N PHE MA 198 -42.55 -44.03 143.35
CA PHE MA 198 -43.99 -43.90 143.50
C PHE MA 198 -44.47 -44.94 144.50
N ASP MA 199 -45.15 -44.49 145.54
CA ASP MA 199 -45.53 -45.37 146.65
C ASP MA 199 -47.02 -45.32 146.93
N GLY MA 200 -47.81 -44.81 146.01
CA GLY MA 200 -49.25 -44.73 146.18
C GLY MA 200 -49.81 -43.54 145.42
N LEU MA 201 -51.10 -43.65 145.08
CA LEU MA 201 -51.82 -42.63 144.34
C LEU MA 201 -53.01 -42.18 145.17
N THR MA 202 -53.26 -40.86 145.20
CA THR MA 202 -54.29 -40.33 146.08
C THR MA 202 -55.08 -39.25 145.38
N LEU MA 203 -56.30 -39.03 145.88
CA LEU MA 203 -57.22 -38.03 145.36
C LEU MA 203 -57.55 -37.04 146.47
N TYR MA 204 -57.47 -35.75 146.13
CA TYR MA 204 -57.67 -34.72 147.14
C TYR MA 204 -59.10 -34.77 147.68
N MET NA 1 -37.93 -95.09 38.79
CA MET NA 1 -38.88 -94.15 39.36
C MET NA 1 -38.68 -92.75 38.80
N GLN NA 2 -37.87 -92.65 37.75
CA GLN NA 2 -37.63 -91.40 37.05
C GLN NA 2 -37.81 -91.62 35.56
N ARG NA 3 -38.62 -90.78 34.93
CA ARG NA 3 -38.90 -90.89 33.50
C ARG NA 3 -38.16 -89.78 32.77
N SER NA 4 -37.29 -90.16 31.85
CA SER NA 4 -36.52 -89.20 31.04
C SER NA 4 -35.76 -88.22 31.93
N TRP NA 5 -35.36 -88.69 33.10
CA TRP NA 5 -34.79 -87.82 34.13
C TRP NA 5 -33.55 -87.09 33.63
N PHE NA 6 -32.87 -87.65 32.64
CA PHE NA 6 -31.74 -86.98 32.00
C PHE NA 6 -32.22 -86.16 30.81
N ASN NA 7 -33.22 -85.33 31.05
CA ASN NA 7 -33.79 -84.52 29.98
C ASN NA 7 -33.77 -83.04 30.35
N HIS NA 8 -32.91 -82.65 31.29
CA HIS NA 8 -33.00 -81.32 31.87
C HIS NA 8 -31.68 -80.57 31.87
N ARG NA 9 -30.56 -81.24 32.19
CA ARG NA 9 -29.23 -80.65 32.06
C ARG NA 9 -28.52 -81.16 30.83
N LEU NA 10 -29.26 -81.35 29.74
CA LEU NA 10 -28.74 -81.91 28.51
C LEU NA 10 -29.25 -81.08 27.34
N THR NA 11 -28.36 -80.76 26.41
CA THR NA 11 -28.80 -80.07 25.20
C THR NA 11 -29.73 -80.98 24.41
N SER NA 12 -30.67 -80.35 23.70
CA SER NA 12 -31.73 -81.12 23.05
C SER NA 12 -31.18 -82.04 21.97
N ALA NA 13 -30.15 -81.62 21.24
CA ALA NA 13 -29.58 -82.46 20.20
C ALA NA 13 -28.96 -83.71 20.80
N LYS NA 14 -28.16 -83.55 21.86
CA LYS NA 14 -27.60 -84.70 22.55
C LYS NA 14 -28.67 -85.51 23.27
N GLN NA 15 -29.81 -84.90 23.60
CA GLN NA 15 -30.93 -85.66 24.13
C GLN NA 15 -31.52 -86.57 23.06
N LYS NA 16 -31.75 -86.03 21.86
CA LYS NA 16 -32.27 -86.82 20.77
C LYS NA 16 -31.20 -87.70 20.12
N SER NA 17 -29.96 -87.60 20.59
CA SER NA 17 -28.89 -88.43 20.06
C SER NA 17 -29.15 -89.91 20.34
N LEU NA 18 -28.46 -90.76 19.57
CA LEU NA 18 -28.76 -92.19 19.57
C LEU NA 18 -28.24 -92.87 20.85
N LEU NA 19 -26.98 -92.62 21.20
CA LEU NA 19 -26.34 -93.35 22.29
C LEU NA 19 -26.57 -92.72 23.65
N TYR NA 20 -26.88 -91.43 23.70
CA TYR NA 20 -27.12 -90.80 24.99
C TYR NA 20 -28.39 -91.30 25.64
N LYS NA 21 -29.45 -91.54 24.85
CA LYS NA 21 -30.62 -92.19 25.40
C LYS NA 21 -30.31 -93.61 25.83
N SER NA 22 -29.42 -94.30 25.11
CA SER NA 22 -29.04 -95.65 25.52
C SER NA 22 -28.38 -95.65 26.88
N LEU NA 23 -27.37 -94.81 27.06
CA LEU NA 23 -26.72 -94.74 28.36
C LEU NA 23 -27.68 -94.26 29.43
N ALA NA 24 -28.52 -93.27 29.11
CA ALA NA 24 -29.44 -92.72 30.09
C ALA NA 24 -30.43 -93.78 30.57
N ASP NA 25 -31.06 -94.51 29.64
CA ASP NA 25 -32.08 -95.45 30.08
C ASP NA 25 -31.45 -96.69 30.69
N LEU NA 26 -30.25 -97.09 30.27
CA LEU NA 26 -29.60 -98.20 30.96
C LEU NA 26 -29.29 -97.84 32.40
N VAL NA 27 -28.79 -96.63 32.64
CA VAL NA 27 -28.48 -96.27 34.03
C VAL NA 27 -29.76 -96.04 34.82
N GLN NA 28 -30.82 -95.54 34.16
CA GLN NA 28 -32.10 -95.43 34.84
C GLN NA 28 -32.61 -96.79 35.27
N SER NA 29 -32.48 -97.78 34.38
CA SER NA 29 -32.85 -99.15 34.73
C SER NA 29 -31.99 -99.68 35.87
N MET NA 30 -30.69 -99.39 35.83
CA MET NA 30 -29.79 -99.91 36.86
C MET NA 30 -30.12 -99.31 38.23
N MET NA 31 -30.36 -98.00 38.29
CA MET NA 31 -30.77 -97.41 39.55
C MET NA 31 -32.13 -97.96 39.98
N ASP NA 32 -33.08 -98.08 39.05
CA ASP NA 32 -34.38 -98.64 39.36
C ASP NA 32 -34.24 -100.01 40.01
N THR NA 33 -33.29 -100.81 39.54
CA THR NA 33 -33.16 -102.18 40.01
C THR NA 33 -32.27 -102.33 41.23
N PHE NA 34 -31.41 -101.35 41.53
CA PHE NA 34 -30.52 -101.62 42.66
C PHE NA 34 -30.27 -100.44 43.60
N VAL NA 35 -31.05 -99.36 43.53
CA VAL NA 35 -30.96 -98.35 44.58
C VAL NA 35 -32.35 -98.09 45.14
N ASP NA 36 -33.34 -97.99 44.25
CA ASP NA 36 -34.66 -97.55 44.67
C ASP NA 36 -35.32 -98.46 45.70
N PRO NA 37 -35.31 -99.79 45.58
CA PRO NA 37 -36.01 -100.61 46.59
C PRO NA 37 -35.59 -100.29 48.01
N TRP NA 38 -34.36 -99.85 48.21
CA TRP NA 38 -33.96 -99.32 49.52
C TRP NA 38 -34.73 -98.06 49.87
N LEU NA 39 -34.95 -97.18 48.89
CA LEU NA 39 -35.77 -96.00 49.16
C LEU NA 39 -37.20 -96.40 49.48
N GLU NA 40 -37.74 -97.39 48.77
CA GLU NA 40 -39.10 -97.84 49.07
C GLU NA 40 -39.19 -98.43 50.47
N ARG NA 41 -38.19 -99.22 50.88
CA ARG NA 41 -38.26 -99.83 52.20
C ARG NA 41 -38.09 -98.76 53.29
N ILE NA 42 -37.25 -97.74 53.07
CA ILE NA 42 -37.11 -96.71 54.09
C ILE NA 42 -38.37 -95.87 54.17
N THR NA 43 -39.00 -95.58 53.03
CA THR NA 43 -40.28 -94.87 53.06
C THR NA 43 -41.36 -95.69 53.74
N ASN NA 44 -41.36 -97.01 53.53
CA ASN NA 44 -42.28 -97.87 54.27
C ASN NA 44 -41.99 -97.81 55.76
N ARG NA 45 -40.71 -97.83 56.13
CA ARG NA 45 -40.33 -97.74 57.53
C ARG NA 45 -40.79 -96.43 58.15
N LYS NA 46 -40.91 -95.38 57.35
CA LYS NA 46 -41.43 -94.11 57.86
C LYS NA 46 -42.79 -94.30 58.50
N SER NA 47 -43.68 -95.05 57.84
CA SER NA 47 -45.05 -95.22 58.30
C SER NA 47 -45.22 -96.56 59.01
N ILE NA 48 -45.98 -96.56 60.09
CA ILE NA 48 -46.22 -97.79 60.84
C ILE NA 48 -47.00 -98.79 60.00
N PHE NA 49 -47.90 -98.31 59.15
CA PHE NA 49 -48.69 -99.22 58.32
C PHE NA 49 -48.02 -99.57 57.01
N SER NA 50 -47.09 -98.73 56.54
CA SER NA 50 -46.49 -98.94 55.23
C SER NA 50 -45.34 -99.93 55.24
N MET NA 51 -44.80 -100.26 56.42
CA MET NA 51 -43.56 -101.02 56.50
C MET NA 51 -43.67 -102.34 55.75
N SER NA 52 -42.62 -102.66 54.99
CA SER NA 52 -42.55 -103.93 54.28
C SER NA 52 -42.47 -105.08 55.26
N LYS NA 53 -42.72 -106.29 54.74
CA LYS NA 53 -42.76 -107.47 55.59
C LYS NA 53 -41.46 -107.63 56.35
N GLU NA 54 -40.34 -107.68 55.61
CA GLU NA 54 -39.04 -107.90 56.23
C GLU NA 54 -38.83 -106.97 57.42
N ASP NA 55 -39.20 -105.70 57.26
CA ASP NA 55 -39.11 -104.75 58.35
C ASP NA 55 -40.07 -105.11 59.47
N LEU NA 56 -41.26 -105.59 59.13
CA LEU NA 56 -42.24 -105.92 60.16
C LEU NA 56 -41.74 -107.04 61.07
N GLU NA 57 -41.33 -108.17 60.48
CA GLU NA 57 -40.80 -109.22 61.34
C GLU NA 57 -39.44 -108.86 61.92
N THR NA 58 -38.69 -107.94 61.32
CA THR NA 58 -37.46 -107.48 61.94
C THR NA 58 -37.75 -106.78 63.25
N ARG NA 59 -38.66 -105.81 63.22
CA ARG NA 59 -39.08 -105.13 64.44
C ARG NA 59 -39.74 -106.12 65.40
N THR NA 60 -40.38 -107.15 64.85
CA THR NA 60 -41.03 -108.15 65.69
C THR NA 60 -40.01 -108.93 66.51
N ASN NA 61 -39.00 -109.47 65.84
CA ASN NA 61 -38.05 -110.37 66.48
C ASN NA 61 -36.86 -109.66 67.08
N GLU NA 62 -36.76 -108.34 66.94
CA GLU NA 62 -35.73 -107.61 67.68
C GLU NA 62 -35.91 -107.81 69.18
N LEU NA 63 -37.14 -107.69 69.66
CA LEU NA 63 -37.40 -107.93 71.08
C LEU NA 63 -37.39 -109.42 71.41
N GLY NA 64 -37.93 -110.23 70.52
CA GLY NA 64 -38.04 -111.66 70.73
C GLY NA 64 -39.37 -112.18 70.21
N GLN NA 65 -39.40 -113.47 69.89
CA GLN NA 65 -40.60 -114.10 69.34
C GLN NA 65 -41.66 -114.38 70.38
N PHE NA 66 -41.33 -114.25 71.67
CA PHE NA 66 -42.28 -114.51 72.74
C PHE NA 66 -43.21 -113.34 73.01
N PHE NA 67 -43.00 -112.22 72.33
CA PHE NA 67 -43.77 -111.01 72.57
C PHE NA 67 -44.76 -110.71 71.45
N THR NA 68 -45.04 -111.68 70.59
CA THR NA 68 -45.87 -111.45 69.41
C THR NA 68 -46.91 -112.56 69.27
N ILE NA 69 -47.70 -112.46 68.21
CA ILE NA 69 -48.72 -113.44 67.87
C ILE NA 69 -48.39 -114.01 66.50
N ARG NA 70 -48.39 -115.34 66.39
CA ARG NA 70 -48.08 -116.02 65.14
C ARG NA 70 -49.35 -116.06 64.29
N THR NA 71 -49.57 -114.97 63.56
CA THR NA 71 -50.73 -114.82 62.72
C THR NA 71 -50.32 -114.72 61.26
N SER NA 72 -51.23 -115.13 60.39
CA SER NA 72 -51.04 -115.02 58.95
C SER NA 72 -51.65 -113.75 58.37
N ASN NA 73 -52.35 -112.97 59.18
CA ASN NA 73 -53.00 -111.75 58.71
C ASN NA 73 -51.95 -110.64 58.68
N SER NA 74 -51.15 -110.65 57.61
CA SER NA 74 -50.02 -109.74 57.51
C SER NA 74 -50.46 -108.29 57.49
N SER NA 75 -51.61 -108.00 56.87
CA SER NA 75 -52.13 -106.64 56.90
C SER NA 75 -52.45 -106.21 58.32
N SER NA 76 -52.84 -107.16 59.17
CA SER NA 76 -53.15 -106.85 60.56
C SER NA 76 -51.91 -106.72 61.41
N VAL NA 77 -50.79 -107.27 60.96
CA VAL NA 77 -49.55 -107.18 61.76
C VAL NA 77 -49.24 -105.74 62.14
N PRO NA 78 -49.32 -104.75 61.24
CA PRO NA 78 -49.07 -103.38 61.67
C PRO NA 78 -50.03 -102.90 62.74
N MET NA 79 -51.33 -103.13 62.59
CA MET NA 79 -52.24 -102.65 63.63
C MET NA 79 -52.07 -103.47 64.89
N LEU NA 80 -51.82 -104.77 64.74
CA LEU NA 80 -51.66 -105.60 65.93
C LEU NA 80 -50.49 -105.12 66.75
N LEU NA 81 -49.38 -104.77 66.10
CA LEU NA 81 -48.26 -104.19 66.83
C LEU NA 81 -48.61 -102.80 67.35
N GLN NA 82 -49.43 -102.04 66.62
CA GLN NA 82 -49.84 -100.73 67.10
C GLN NA 82 -50.59 -100.84 68.42
N GLN NA 83 -51.56 -101.75 68.50
CA GLN NA 83 -52.24 -101.98 69.77
C GLN NA 83 -51.29 -102.57 70.80
N ARG NA 84 -50.41 -103.48 70.39
CA ARG NA 84 -49.50 -104.06 71.36
C ARG NA 84 -48.57 -103.02 71.97
N LEU NA 85 -48.30 -101.95 71.24
CA LEU NA 85 -47.42 -100.90 71.75
C LEU NA 85 -48.18 -99.80 72.48
N ASP NA 86 -49.41 -99.50 72.08
CA ASP NA 86 -50.16 -98.45 72.76
C ASP NA 86 -50.92 -98.98 73.98
N GLU NA 87 -50.98 -100.29 74.15
CA GLU NA 87 -51.62 -100.89 75.31
C GLU NA 87 -50.75 -100.86 76.55
N ILE NA 88 -49.46 -100.56 76.41
CA ILE NA 88 -48.54 -100.63 77.54
C ILE NA 88 -49.02 -99.76 78.69
N HIS NA 89 -49.79 -98.72 78.39
CA HIS NA 89 -50.32 -97.84 79.43
C HIS NA 89 -51.56 -98.39 80.11
N PHE NA 90 -52.27 -99.34 79.47
CA PHE NA 90 -53.49 -99.89 80.02
C PHE NA 90 -53.44 -101.41 80.10
N LYS NA 91 -52.24 -101.99 80.12
CA LYS NA 91 -52.08 -103.44 79.98
C LYS NA 91 -51.98 -104.14 81.33
N GLY NA 92 -52.41 -103.50 82.40
CA GLY NA 92 -52.65 -104.15 83.68
C GLY NA 92 -54.06 -104.67 83.84
N THR NA 93 -54.85 -104.66 82.77
CA THR NA 93 -56.27 -105.04 82.82
C THR NA 93 -56.58 -106.11 81.77
N GLU NA 94 -57.88 -106.34 81.55
CA GLU NA 94 -58.34 -107.30 80.55
C GLU NA 94 -58.25 -106.75 79.14
N ARG NA 95 -57.95 -105.46 78.98
CA ARG NA 95 -57.85 -104.86 77.66
C ARG NA 95 -56.82 -105.56 76.78
N PRO NA 96 -55.58 -105.79 77.24
CA PRO NA 96 -54.64 -106.55 76.39
C PRO NA 96 -55.09 -107.96 76.11
N ILE NA 97 -55.83 -108.58 77.03
CA ILE NA 97 -56.36 -109.91 76.75
C ILE NA 97 -57.30 -109.85 75.56
N ASN NA 98 -58.20 -108.86 75.56
CA ASN NA 98 -59.08 -108.68 74.42
C ASN NA 98 -58.31 -108.32 73.16
N GLN NA 99 -57.20 -107.58 73.33
CA GLN NA 99 -56.36 -107.24 72.19
C GLN NA 99 -55.78 -108.50 71.56
N THR NA 100 -55.33 -109.43 72.40
CA THR NA 100 -54.88 -110.73 71.90
C THR NA 100 -56.02 -111.47 71.22
N ILE NA 101 -57.21 -111.43 71.84
CA ILE NA 101 -58.38 -112.12 71.31
C ILE NA 101 -58.71 -111.61 69.92
N TYR NA 102 -58.49 -110.32 69.66
CA TYR NA 102 -58.71 -109.73 68.34
C TYR NA 102 -58.30 -110.68 67.22
N ARG NA 103 -57.06 -111.16 67.28
CA ARG NA 103 -56.51 -112.03 66.26
C ARG NA 103 -56.57 -113.51 66.62
N GLU NA 104 -56.42 -113.85 67.90
CA GLU NA 104 -56.37 -115.26 68.25
C GLU NA 104 -57.75 -115.91 68.17
N PHE NA 105 -58.81 -115.15 68.38
CA PHE NA 105 -60.15 -115.71 68.41
C PHE NA 105 -61.17 -114.84 67.67
N ASN NA 106 -60.77 -113.69 67.15
CA ASN NA 106 -61.63 -112.84 66.34
C ASN NA 106 -62.84 -112.34 67.15
N GLY NA 107 -62.56 -111.85 68.36
CA GLY NA 107 -63.60 -111.23 69.17
C GLY NA 107 -64.50 -112.21 69.89
N ILE NA 108 -63.94 -112.97 70.84
CA ILE NA 108 -64.70 -113.92 71.64
C ILE NA 108 -64.83 -113.37 73.05
N SER NA 109 -66.04 -113.42 73.60
CA SER NA 109 -66.29 -112.97 74.96
C SER NA 109 -65.52 -113.81 75.97
N VAL NA 110 -64.53 -113.22 76.61
CA VAL NA 110 -63.70 -113.88 77.61
C VAL NA 110 -63.83 -113.12 78.91
N LEU NA 111 -64.16 -113.82 79.99
CA LEU NA 111 -64.37 -113.21 81.29
C LEU NA 111 -63.30 -113.69 82.27
N TRP NA 112 -62.77 -112.76 83.06
CA TRP NA 112 -61.82 -113.09 84.11
C TRP NA 112 -62.59 -113.39 85.39
N ASP NA 113 -62.61 -114.66 85.78
CA ASP NA 113 -63.30 -115.06 87.00
C ASP NA 113 -62.27 -115.35 88.08
N PRO NA 114 -62.14 -114.50 89.10
CA PRO NA 114 -61.20 -114.79 90.18
C PRO NA 114 -61.67 -115.95 91.05
N ILE NA 115 -60.72 -116.53 91.78
CA ILE NA 115 -61.02 -117.70 92.60
C ILE NA 115 -61.68 -117.24 93.90
N TYR NA 116 -62.73 -117.96 94.30
CA TYR NA 116 -63.46 -117.72 95.53
C TYR NA 116 -63.37 -118.98 96.39
N ALA NA 117 -63.17 -118.79 97.69
CA ALA NA 117 -63.06 -119.88 98.66
C ALA NA 117 -63.94 -119.58 99.86
N PRO NA 118 -64.34 -120.60 100.61
CA PRO NA 118 -65.03 -120.34 101.88
C PRO NA 118 -64.06 -119.79 102.91
N VAL NA 119 -64.61 -119.06 103.89
CA VAL NA 119 -63.80 -118.71 105.06
C VAL NA 119 -63.49 -119.94 105.88
N ASP NA 120 -64.45 -120.87 105.98
CA ASP NA 120 -64.31 -121.99 106.90
C ASP NA 120 -63.21 -122.93 106.43
N LEU NA 121 -61.99 -122.69 106.92
CA LEU NA 121 -60.86 -123.54 106.54
C LEU NA 121 -61.03 -124.96 107.08
N GLU NA 122 -61.57 -125.10 108.27
CA GLU NA 122 -61.80 -126.43 108.82
C GLU NA 122 -62.79 -127.21 107.99
N ARG NA 123 -63.90 -126.58 107.60
CA ARG NA 123 -64.84 -127.25 106.71
C ARG NA 123 -64.32 -127.30 105.29
N HIS NA 124 -63.69 -126.23 104.82
CA HIS NA 124 -63.17 -126.15 103.46
C HIS NA 124 -61.83 -125.41 103.49
N PRO NA 125 -60.72 -126.15 103.49
CA PRO NA 125 -59.40 -125.48 103.49
C PRO NA 125 -59.21 -124.64 102.24
N TYR NA 126 -58.43 -123.57 102.39
CA TYR NA 126 -58.20 -122.66 101.28
C TYR NA 126 -57.53 -123.38 100.12
N GLY NA 127 -58.01 -123.12 98.91
CA GLY NA 127 -57.53 -123.77 97.72
C GLY NA 127 -58.19 -125.08 97.40
N THR NA 128 -59.05 -125.58 98.29
CA THR NA 128 -59.77 -126.83 98.06
C THR NA 128 -61.09 -126.57 97.35
N VAL NA 129 -61.85 -125.59 97.81
CA VAL NA 129 -63.13 -125.22 97.21
C VAL NA 129 -62.91 -123.92 96.46
N LEU NA 130 -63.05 -123.97 95.14
CA LEU NA 130 -62.86 -122.81 94.26
C LEU NA 130 -64.15 -122.61 93.47
N ILE NA 131 -64.93 -121.62 93.87
CA ILE NA 131 -66.26 -121.39 93.30
C ILE NA 131 -66.17 -120.28 92.27
N PRO NA 132 -66.59 -120.50 91.04
CA PRO NA 132 -66.60 -119.41 90.05
C PRO NA 132 -67.63 -118.35 90.39
N GLU NA 133 -67.37 -117.15 89.89
CA GLU NA 133 -68.26 -116.02 90.16
C GLU NA 133 -69.63 -116.22 89.56
N SER NA 134 -69.73 -117.01 88.48
CA SER NA 134 -71.03 -117.25 87.86
C SER NA 134 -71.98 -117.97 88.82
N THR NA 135 -71.47 -118.97 89.51
CA THR NA 135 -72.25 -119.69 90.51
C THR NA 135 -72.15 -119.05 91.89
N LEU NA 136 -71.32 -118.01 92.04
CA LEU NA 136 -71.16 -117.36 93.32
C LEU NA 136 -72.47 -116.84 93.87
N GLU NA 137 -73.38 -116.42 93.00
CA GLU NA 137 -74.67 -115.90 93.46
C GLU NA 137 -75.44 -116.95 94.22
N THR NA 138 -75.44 -118.19 93.74
CA THR NA 138 -76.29 -119.23 94.29
C THR NA 138 -75.55 -120.29 95.09
N THR NA 139 -74.23 -120.25 95.13
CA THR NA 139 -73.47 -121.30 95.82
C THR NA 139 -72.69 -120.79 97.02
N GLY NA 140 -72.08 -119.60 96.93
CA GLY NA 140 -71.21 -119.11 97.98
C GLY NA 140 -71.92 -118.61 99.22
N GLY NA 141 -73.24 -118.50 99.19
CA GLY NA 141 -73.96 -118.04 100.37
C GLY NA 141 -73.85 -119.00 101.53
N THR NA 142 -73.80 -120.31 101.25
CA THR NA 142 -73.77 -121.32 102.30
C THR NA 142 -72.42 -121.43 102.99
N PHE NA 143 -71.39 -120.75 102.48
CA PHE NA 143 -70.05 -120.85 103.04
C PHE NA 143 -69.65 -119.62 103.85
N GLY NA 144 -70.63 -118.82 104.29
CA GLY NA 144 -70.31 -117.64 105.06
C GLY NA 144 -69.58 -116.63 104.21
N GLU NA 145 -68.62 -115.93 104.83
CA GLU NA 145 -67.81 -114.99 104.08
C GLU NA 145 -66.97 -115.75 103.05
N MET NA 146 -66.71 -115.09 101.92
CA MET NA 146 -66.33 -115.78 100.71
C MET NA 146 -65.01 -115.15 100.26
N PHE NA 147 -63.91 -115.74 100.72
CA PHE NA 147 -62.57 -115.31 100.33
C PHE NA 147 -62.48 -115.08 98.83
N LEU NA 148 -61.96 -113.91 98.45
CA LEU NA 148 -61.67 -113.57 97.07
C LEU NA 148 -60.17 -113.46 96.88
N THR NA 149 -59.64 -114.13 95.88
CA THR NA 149 -58.21 -114.06 95.63
C THR NA 149 -57.93 -113.64 94.20
N SER NA 150 -56.72 -113.11 93.99
CA SER NA 150 -56.27 -112.75 92.66
C SER NA 150 -56.16 -113.96 91.75
N ARG NA 151 -55.99 -115.15 92.31
CA ARG NA 151 -56.04 -116.36 91.52
C ARG NA 151 -57.43 -116.50 90.90
N GLY NA 152 -57.48 -117.08 89.71
CA GLY NA 152 -58.75 -117.22 89.04
C GLY NA 152 -58.61 -117.97 87.74
N MET NA 153 -59.76 -118.27 87.15
CA MET NA 153 -59.86 -118.98 85.88
C MET NA 153 -60.48 -118.08 84.82
N ILE NA 154 -60.58 -118.61 83.61
CA ILE NA 154 -61.16 -117.90 82.48
C ILE NA 154 -62.27 -118.75 81.90
N SER NA 155 -63.44 -118.16 81.73
CA SER NA 155 -64.59 -118.85 81.17
C SER NA 155 -64.90 -118.32 79.78
N ILE NA 156 -65.16 -119.24 78.85
CA ILE NA 156 -65.54 -118.91 77.48
C ILE NA 156 -66.90 -119.53 77.21
N PRO NA 157 -67.87 -118.79 76.71
CA PRO NA 157 -69.18 -119.39 76.39
C PRO NA 157 -69.07 -120.45 75.32
N ILE NA 158 -69.71 -121.60 75.59
CA ILE NA 158 -69.65 -122.71 74.64
C ILE NA 158 -70.39 -122.35 73.36
N ASN NA 159 -71.49 -121.60 73.47
CA ASN NA 159 -72.20 -121.15 72.29
C ASN NA 159 -71.33 -120.22 71.44
N ASP NA 160 -70.61 -119.31 72.10
CA ASP NA 160 -69.73 -118.39 71.37
C ASP NA 160 -68.61 -119.14 70.67
N LEU NA 161 -67.99 -120.11 71.35
CA LEU NA 161 -66.91 -120.85 70.71
C LEU NA 161 -67.44 -121.70 69.56
N ALA NA 162 -68.62 -122.29 69.72
CA ALA NA 162 -69.22 -123.06 68.64
C ALA NA 162 -69.53 -122.16 67.45
N ARG NA 163 -69.99 -120.94 67.70
CA ARG NA 163 -70.24 -120.00 66.62
C ARG NA 163 -68.95 -119.64 65.88
N THR NA 164 -67.88 -119.36 66.63
CA THR NA 164 -66.66 -118.87 66.00
C THR NA 164 -65.86 -120.00 65.33
N MET NA 165 -66.00 -121.25 65.80
CA MET NA 165 -65.23 -122.34 65.24
C MET NA 165 -65.75 -122.78 63.88
N GLY NA 166 -66.96 -122.34 63.52
CA GLY NA 166 -67.51 -122.60 62.20
C GLY NA 166 -67.75 -124.06 61.88
N ILE NA 167 -68.11 -124.87 62.86
CA ILE NA 167 -68.42 -126.28 62.67
C ILE NA 167 -69.80 -126.54 63.26
N THR NA 168 -70.70 -127.09 62.45
CA THR NA 168 -72.03 -127.40 62.93
C THR NA 168 -72.14 -128.82 63.49
N GLY NA 169 -71.35 -129.75 62.96
CA GLY NA 169 -71.43 -131.13 63.38
C GLY NA 169 -70.68 -131.44 64.66
N THR NA 170 -69.88 -132.50 64.64
CA THR NA 170 -69.17 -132.94 65.83
C THR NA 170 -68.18 -131.88 66.29
N ILE NA 171 -68.19 -131.59 67.59
CA ILE NA 171 -67.28 -130.63 68.21
C ILE NA 171 -66.42 -131.38 69.21
N ASP NA 172 -65.11 -131.37 68.98
CA ASP NA 172 -64.16 -132.02 69.89
C ASP NA 172 -63.84 -131.04 70.99
N GLN NA 173 -64.58 -131.15 72.10
CA GLN NA 173 -64.42 -130.22 73.21
C GLN NA 173 -63.01 -130.27 73.78
N SER NA 174 -62.48 -131.49 73.97
CA SER NA 174 -61.13 -131.62 74.51
C SER NA 174 -60.10 -130.99 73.59
N ALA NA 175 -60.21 -131.26 72.28
CA ALA NA 175 -59.23 -130.74 71.33
C ALA NA 175 -59.29 -129.22 71.24
N ILE NA 176 -60.49 -128.64 71.18
CA ILE NA 176 -60.60 -127.19 71.09
C ILE NA 176 -60.12 -126.55 72.38
N THR NA 177 -60.41 -127.17 73.53
CA THR NA 177 -59.92 -126.65 74.79
C THR NA 177 -58.39 -126.68 74.84
N GLU NA 178 -57.79 -127.78 74.39
CA GLU NA 178 -56.33 -127.85 74.36
C GLU NA 178 -55.75 -126.79 73.44
N GLU NA 179 -56.34 -126.61 72.26
CA GLU NA 179 -55.84 -125.62 71.33
C GLU NA 179 -55.91 -124.22 71.92
N ILE NA 180 -57.06 -123.86 72.51
CA ILE NA 180 -57.22 -122.51 73.02
C ILE NA 180 -56.32 -122.29 74.23
N LEU NA 181 -56.14 -123.31 75.08
CA LEU NA 181 -55.26 -123.12 76.22
C LEU NA 181 -53.81 -123.02 75.77
N ARG NA 182 -53.43 -123.73 74.71
CA ARG NA 182 -52.09 -123.57 74.17
C ARG NA 182 -51.88 -122.17 73.61
N LYS NA 183 -52.89 -121.65 72.91
CA LYS NA 183 -52.83 -120.27 72.44
C LYS NA 183 -52.67 -119.32 73.62
N PHE NA 184 -53.44 -119.56 74.68
CA PHE NA 184 -53.34 -118.77 75.90
C PHE NA 184 -51.92 -118.83 76.47
N ASN NA 185 -51.33 -120.00 76.49
CA ASN NA 185 -49.99 -120.18 77.05
C ASN NA 185 -48.96 -119.45 76.22
N GLN NA 186 -49.04 -119.57 74.90
CA GLN NA 186 -47.98 -119.05 74.04
C GLN NA 186 -48.19 -117.61 73.62
N PHE NA 187 -49.32 -116.99 73.97
CA PHE NA 187 -49.51 -115.59 73.65
C PHE NA 187 -49.91 -114.76 74.86
N VAL NA 188 -50.70 -115.33 75.76
CA VAL NA 188 -51.31 -114.56 76.85
C VAL NA 188 -50.66 -114.85 78.20
N LYS NA 189 -50.14 -116.04 78.42
CA LYS NA 189 -49.51 -116.39 79.70
C LYS NA 189 -48.45 -115.40 80.15
N PRO NA 190 -47.52 -114.93 79.30
CA PRO NA 190 -46.49 -114.00 79.80
C PRO NA 190 -47.06 -112.73 80.41
N LEU NA 191 -48.24 -112.30 79.97
CA LEU NA 191 -48.87 -111.13 80.56
C LEU NA 191 -49.39 -111.41 81.96
N LEU NA 192 -49.47 -112.67 82.36
CA LEU NA 192 -50.07 -113.00 83.66
C LEU NA 192 -49.15 -112.63 84.82
N PRO NA 193 -47.94 -113.18 84.94
CA PRO NA 193 -47.16 -112.97 86.16
C PRO NA 193 -46.83 -111.49 86.35
N LEU NA 194 -46.70 -111.10 87.61
CA LEU NA 194 -46.73 -111.98 88.78
C LEU NA 194 -48.10 -112.04 89.44
N HIS NA 195 -48.76 -110.89 89.52
CA HIS NA 195 -50.02 -110.81 90.28
C HIS NA 195 -51.07 -111.73 89.71
N ILE NA 196 -51.22 -111.76 88.39
CA ILE NA 196 -52.26 -112.56 87.76
C ILE NA 196 -51.88 -114.03 87.86
N VAL NA 197 -52.80 -114.84 88.37
CA VAL NA 197 -52.60 -116.27 88.52
C VAL NA 197 -53.70 -117.00 87.76
N PHE NA 198 -53.30 -117.92 86.88
CA PHE NA 198 -54.23 -118.72 86.11
C PHE NA 198 -54.15 -120.15 86.62
N ASP NA 199 -55.30 -120.70 87.01
CA ASP NA 199 -55.34 -122.01 87.64
C ASP NA 199 -56.29 -122.97 86.93
N GLY NA 200 -56.67 -122.68 85.71
CA GLY NA 200 -57.55 -123.53 84.94
C GLY NA 200 -58.40 -122.73 83.99
N LEU NA 201 -58.87 -123.40 82.93
CA LEU NA 201 -59.67 -122.79 81.88
C LEU NA 201 -60.98 -123.55 81.78
N THR NA 202 -62.09 -122.81 81.62
CA THR NA 202 -63.41 -123.42 81.66
C THR NA 202 -64.32 -122.82 80.60
N LEU NA 203 -65.33 -123.59 80.23
CA LEU NA 203 -66.31 -123.20 79.23
C LEU NA 203 -67.69 -123.18 79.87
N TYR NA 204 -68.44 -122.11 79.64
CA TYR NA 204 -69.74 -121.97 80.28
C TYR NA 204 -70.70 -123.05 79.82
N MET OA 1 32.04 -104.32 8.82
CA MET OA 1 30.60 -104.48 8.65
C MET OA 1 29.94 -103.14 8.31
N GLN OA 2 30.75 -102.15 8.00
CA GLN OA 2 30.27 -100.84 7.57
C GLN OA 2 31.00 -100.45 6.30
N ARG OA 3 30.24 -100.06 5.28
CA ARG OA 3 30.78 -99.66 3.99
C ARG OA 3 30.68 -98.15 3.86
N SER OA 4 31.83 -97.50 3.68
CA SER OA 4 31.90 -96.05 3.51
C SER OA 4 31.20 -95.33 4.64
N TRP OA 5 31.23 -95.93 5.82
CA TRP OA 5 30.46 -95.45 6.96
C TRP OA 5 30.80 -94.02 7.34
N PHE OA 6 32.00 -93.57 6.99
CA PHE OA 6 32.39 -92.18 7.18
C PHE OA 6 32.07 -91.36 5.94
N ASN OA 7 30.83 -91.48 5.48
CA ASN OA 7 30.39 -90.78 4.27
C ASN OA 7 29.18 -89.92 4.54
N HIS OA 8 28.94 -89.57 5.80
CA HIS OA 8 27.67 -88.96 6.18
C HIS OA 8 27.83 -87.68 6.99
N ARG OA 9 28.76 -87.63 7.93
CA ARG OA 9 29.09 -86.40 8.65
C ARG OA 9 30.38 -85.80 8.13
N LEU OA 10 30.60 -85.88 6.83
CA LEU OA 10 31.82 -85.43 6.19
C LEU OA 10 31.47 -84.64 4.94
N THR OA 11 32.11 -83.49 4.76
CA THR OA 11 31.90 -82.74 3.53
C THR OA 11 32.42 -83.54 2.35
N SER OA 12 31.78 -83.36 1.19
CA SER OA 12 32.06 -84.22 0.05
C SER OA 12 33.50 -84.05 -0.45
N ALA OA 13 34.04 -82.84 -0.40
CA ALA OA 13 35.41 -82.63 -0.84
C ALA OA 13 36.39 -83.39 0.04
N LYS OA 14 36.22 -83.29 1.36
CA LYS OA 14 37.05 -84.05 2.28
C LYS OA 14 36.75 -85.55 2.22
N GLN OA 15 35.57 -85.93 1.75
CA GLN OA 15 35.30 -87.34 1.48
C GLN OA 15 36.13 -87.83 0.31
N LYS OA 16 36.15 -87.07 -0.78
CA LYS OA 16 36.97 -87.42 -1.93
C LYS OA 16 38.44 -87.08 -1.72
N SER OA 17 38.79 -86.54 -0.56
CA SER OA 17 40.19 -86.27 -0.26
C SER OA 17 41.01 -87.56 -0.24
N LEU OA 18 42.31 -87.39 -0.44
CA LEU OA 18 43.20 -88.54 -0.61
C LEU OA 18 43.42 -89.27 0.70
N LEU OA 19 43.75 -88.54 1.76
CA LEU OA 19 44.15 -89.15 3.02
C LEU OA 19 42.98 -89.46 3.93
N TYR OA 20 41.85 -88.78 3.74
CA TYR OA 20 40.70 -89.04 4.60
C TYR OA 20 40.10 -90.41 4.35
N LYS OA 21 40.05 -90.83 3.08
CA LYS OA 21 39.66 -92.20 2.81
C LYS OA 21 40.67 -93.20 3.37
N SER OA 22 41.95 -92.84 3.36
CA SER OA 22 42.96 -93.72 3.93
C SER OA 22 42.71 -93.93 5.42
N LEU OA 23 42.56 -92.85 6.17
CA LEU OA 23 42.29 -92.99 7.59
C LEU OA 23 40.95 -93.70 7.83
N ALA OA 24 39.94 -93.36 7.03
CA ALA OA 24 38.62 -93.96 7.22
C ALA OA 24 38.65 -95.46 7.01
N ASP OA 25 39.26 -95.91 5.91
CA ASP OA 25 39.21 -97.34 5.64
C ASP OA 25 40.18 -98.11 6.53
N LEU OA 26 41.29 -97.50 6.95
CA LEU OA 26 42.14 -98.19 7.91
C LEU OA 26 41.41 -98.40 9.23
N VAL OA 27 40.69 -97.38 9.72
CA VAL OA 27 39.99 -97.58 10.98
C VAL OA 27 38.80 -98.50 10.80
N GLN OA 28 38.16 -98.48 9.62
CA GLN OA 28 37.10 -99.44 9.36
C GLN OA 28 37.64 -100.87 9.40
N SER OA 29 38.82 -101.09 8.80
CA SER OA 29 39.44 -102.39 8.87
C SER OA 29 39.78 -102.77 10.31
N MET OA 30 40.31 -101.81 11.08
CA MET OA 30 40.69 -102.11 12.45
C MET OA 30 39.50 -102.49 13.30
N MET OA 31 38.39 -101.75 13.16
CA MET OA 31 37.20 -102.13 13.90
C MET OA 31 36.66 -103.46 13.40
N ASP OA 32 36.62 -103.66 12.09
CA ASP OA 32 36.20 -104.95 11.54
C ASP OA 32 36.97 -106.10 12.15
N THR OA 33 38.27 -105.91 12.37
CA THR OA 33 39.12 -107.00 12.83
C THR OA 33 39.17 -107.12 14.34
N PHE OA 34 38.81 -106.09 15.11
CA PHE OA 34 39.00 -106.24 16.54
C PHE OA 34 37.88 -105.69 17.42
N VAL OA 35 36.71 -105.37 16.88
CA VAL OA 35 35.57 -105.07 17.74
C VAL OA 35 34.40 -105.95 17.32
N ASP OA 36 34.18 -106.06 16.00
CA ASP OA 36 32.98 -106.70 15.51
C ASP OA 36 32.83 -108.16 15.93
N PRO OA 37 33.87 -109.02 15.86
CA PRO OA 37 33.65 -110.44 16.24
C PRO OA 37 33.02 -110.60 17.61
N TRP OA 38 33.27 -109.67 18.53
CA TRP OA 38 32.53 -109.66 19.78
C TRP OA 38 31.05 -109.40 19.55
N LEU OA 39 30.72 -108.50 18.63
CA LEU OA 39 29.31 -108.27 18.32
C LEU OA 39 28.69 -109.51 17.68
N GLU OA 40 29.43 -110.18 16.81
CA GLU OA 40 28.91 -111.41 16.21
C GLU OA 40 28.69 -112.48 17.27
N ARG OA 41 29.61 -112.62 18.22
CA ARG OA 41 29.42 -113.66 19.23
C ARG OA 41 28.27 -113.32 20.16
N ILE OA 42 28.07 -112.03 20.49
CA ILE OA 42 26.96 -111.68 21.36
C ILE OA 42 25.63 -111.88 20.62
N THR OA 43 25.59 -111.55 19.34
CA THR OA 43 24.38 -111.80 18.55
C THR OA 43 24.11 -113.29 18.42
N ASN OA 44 25.16 -114.10 18.29
CA ASN OA 44 24.98 -115.55 18.32
C ASN OA 44 24.43 -116.01 19.66
N ARG OA 45 24.96 -115.44 20.75
CA ARG OA 45 24.48 -115.77 22.08
C ARG OA 45 23.02 -115.42 22.25
N LYS OA 46 22.54 -114.40 21.53
CA LYS OA 46 21.13 -114.05 21.58
C LYS OA 46 20.25 -115.26 21.24
N SER OA 47 20.62 -115.99 20.20
CA SER OA 47 19.82 -117.11 19.70
C SER OA 47 20.40 -118.43 20.19
N ILE OA 48 19.50 -119.36 20.57
CA ILE OA 48 19.95 -120.67 21.03
C ILE OA 48 20.63 -121.44 19.90
N PHE OA 49 20.18 -121.26 18.66
CA PHE OA 49 20.78 -121.98 17.55
C PHE OA 49 21.96 -121.24 16.94
N SER OA 50 22.06 -119.92 17.13
CA SER OA 50 23.10 -119.15 16.48
C SER OA 50 24.42 -119.16 17.23
N MET OA 51 24.44 -119.60 18.48
CA MET OA 51 25.61 -119.45 19.34
C MET OA 51 26.84 -120.07 18.71
N SER OA 52 27.96 -119.35 18.78
CA SER OA 52 29.23 -119.87 18.28
C SER OA 52 29.68 -121.05 19.13
N LYS OA 53 30.65 -121.80 18.58
CA LYS OA 53 31.12 -123.00 19.24
C LYS OA 53 31.60 -122.69 20.66
N GLU OA 54 32.54 -121.76 20.77
CA GLU OA 54 33.12 -121.42 22.07
C GLU OA 54 32.04 -121.20 23.11
N ASP OA 55 30.99 -120.46 22.73
CA ASP OA 55 29.87 -120.24 23.63
C ASP OA 55 29.13 -121.53 23.92
N LEU OA 56 29.00 -122.40 22.92
CA LEU OA 56 28.27 -123.65 23.13
C LEU OA 56 28.95 -124.53 24.16
N GLU OA 57 30.24 -124.80 23.99
CA GLU OA 57 30.91 -125.60 25.01
C GLU OA 57 31.12 -124.82 26.30
N THR OA 58 31.11 -123.49 26.27
CA THR OA 58 31.15 -122.74 27.52
C THR OA 58 29.90 -123.01 28.35
N ARG OA 59 28.73 -122.85 27.74
CA ARG OA 59 27.50 -123.16 28.43
C ARG OA 59 27.44 -124.64 28.79
N THR OA 60 28.09 -125.49 27.98
CA THR OA 60 28.10 -126.91 28.26
C THR OA 60 28.87 -127.22 29.54
N ASN OA 61 30.08 -126.70 29.67
CA ASN OA 61 30.95 -127.06 30.77
C ASN OA 61 30.81 -126.14 31.97
N GLU OA 62 29.95 -125.12 31.89
CA GLU OA 62 29.65 -124.35 33.09
C GLU OA 62 29.05 -125.25 34.16
N LEU OA 63 28.09 -126.10 33.78
CA LEU OA 63 27.52 -127.03 34.73
C LEU OA 63 28.46 -128.19 35.02
N GLY OA 64 29.14 -128.68 34.00
CA GLY OA 64 30.03 -129.82 34.13
C GLY OA 64 29.93 -130.71 32.91
N GLN OA 65 30.99 -131.47 32.67
CA GLN OA 65 31.05 -132.34 31.50
C GLN OA 65 30.24 -133.62 31.67
N PHE OA 66 29.77 -133.91 32.89
CA PHE OA 66 28.98 -135.11 33.15
C PHE OA 66 27.52 -134.96 32.75
N PHE OA 67 27.12 -133.77 32.32
CA PHE OA 67 25.73 -133.48 32.01
C PHE OA 67 25.48 -133.36 30.51
N THR OA 68 26.41 -133.82 29.68
CA THR OA 68 26.31 -133.62 28.24
C THR OA 68 26.62 -134.92 27.51
N ILE OA 69 26.61 -134.84 26.18
CA ILE OA 69 26.93 -135.95 25.30
C ILE OA 69 28.12 -135.55 24.45
N ARG OA 70 29.12 -136.42 24.39
CA ARG OA 70 30.34 -136.16 23.62
C ARG OA 70 30.06 -136.54 22.16
N THR OA 71 29.47 -135.60 21.44
CA THR OA 71 29.11 -135.81 20.05
C THR OA 71 29.89 -134.85 19.15
N SER OA 72 30.10 -135.28 17.91
CA SER OA 72 30.75 -134.46 16.90
C SER OA 72 29.76 -133.68 16.05
N ASN OA 73 28.47 -133.91 16.23
CA ASN OA 73 27.44 -133.23 15.44
C ASN OA 73 27.20 -131.86 16.05
N SER OA 74 28.10 -130.93 15.70
CA SER OA 74 28.08 -129.61 16.30
C SER OA 74 26.80 -128.86 15.98
N SER OA 75 26.26 -129.05 14.78
CA SER OA 75 24.98 -128.43 14.45
C SER OA 75 23.87 -128.96 15.35
N SER OA 76 23.98 -130.20 15.78
CA SER OA 76 22.99 -130.78 16.67
C SER OA 76 23.16 -130.36 18.11
N VAL OA 77 24.36 -129.88 18.48
CA VAL OA 77 24.58 -129.46 19.85
C VAL OA 77 23.52 -128.47 20.33
N PRO OA 78 23.14 -127.44 19.55
CA PRO OA 78 22.07 -126.56 20.01
C PRO OA 78 20.75 -127.26 20.24
N MET OA 79 20.31 -128.12 19.31
CA MET OA 79 19.02 -128.78 19.55
C MET OA 79 19.16 -129.80 20.67
N LEU OA 80 20.32 -130.47 20.75
CA LEU OA 80 20.50 -131.45 21.81
C LEU OA 80 20.40 -130.79 23.17
N LEU OA 81 21.00 -129.60 23.32
CA LEU OA 81 20.88 -128.88 24.58
C LEU OA 81 19.47 -128.34 24.77
N GLN OA 82 18.80 -127.93 23.68
CA GLN OA 82 17.41 -127.50 23.79
C GLN OA 82 16.55 -128.61 24.34
N GLN OA 83 16.73 -129.82 23.81
CA GLN OA 83 15.97 -130.95 24.33
C GLN OA 83 16.38 -131.28 25.75
N ARG OA 84 17.68 -131.22 26.04
CA ARG OA 84 18.15 -131.52 27.38
C ARG OA 84 17.60 -130.54 28.41
N LEU OA 85 17.30 -129.31 27.99
CA LEU OA 85 16.78 -128.31 28.90
C LEU OA 85 15.26 -128.31 28.98
N ASP OA 86 14.57 -128.62 27.89
CA ASP OA 86 13.12 -128.65 27.92
C ASP OA 86 12.56 -129.98 28.40
N GLU OA 87 13.41 -131.00 28.51
CA GLU OA 87 13.00 -132.30 29.03
C GLU OA 87 12.89 -132.31 30.55
N ILE OA 88 13.43 -131.29 31.23
CA ILE OA 88 13.48 -131.31 32.68
C ILE OA 88 12.09 -131.49 33.28
N HIS OA 89 11.05 -131.08 32.56
CA HIS OA 89 9.68 -131.25 33.04
C HIS OA 89 9.14 -132.64 32.78
N PHE OA 90 9.73 -133.40 31.85
CA PHE OA 90 9.26 -134.74 31.52
C PHE OA 90 10.37 -135.78 31.63
N LYS OA 91 11.38 -135.52 32.45
CA LYS OA 91 12.58 -136.35 32.49
C LYS OA 91 12.54 -137.38 33.62
N GLY OA 92 11.36 -137.64 34.19
CA GLY OA 92 11.15 -138.77 35.06
C GLY OA 92 10.72 -140.02 34.33
N THR OA 93 10.76 -140.01 33.00
CA THR OA 93 10.28 -141.11 32.17
C THR OA 93 11.35 -141.57 31.18
N GLU OA 94 10.93 -142.39 30.20
CA GLU OA 94 11.82 -142.88 29.15
C GLU OA 94 12.10 -141.84 28.08
N ARG OA 95 11.37 -140.73 28.07
CA ARG OA 95 11.59 -139.70 27.06
C ARG OA 95 13.01 -139.16 27.07
N PRO OA 96 13.62 -138.79 28.20
CA PRO OA 96 15.03 -138.39 28.17
C PRO OA 96 15.95 -139.49 27.71
N ILE OA 97 15.61 -140.75 27.98
CA ILE OA 97 16.42 -141.85 27.46
C ILE OA 97 16.41 -141.83 25.93
N ASN OA 98 15.22 -141.66 25.36
CA ASN OA 98 15.12 -141.56 23.91
C ASN OA 98 15.81 -140.31 23.39
N GLN OA 99 15.78 -139.24 24.18
CA GLN OA 99 16.49 -138.02 23.81
C GLN OA 99 17.99 -138.27 23.72
N THR OA 100 18.53 -139.02 24.67
CA THR OA 100 19.92 -139.43 24.58
C THR OA 100 20.16 -140.30 23.36
N ILE OA 101 19.23 -141.23 23.11
CA ILE OA 101 19.35 -142.15 21.98
C ILE OA 101 19.41 -141.39 20.67
N TYR OA 102 18.70 -140.26 20.58
CA TYR OA 102 18.74 -139.40 19.39
C TYR OA 102 20.13 -139.31 18.80
N ARG OA 103 21.11 -138.95 19.63
CA ARG OA 103 22.48 -138.79 19.18
C ARG OA 103 23.36 -139.99 19.46
N GLU OA 104 23.13 -140.70 20.56
CA GLU OA 104 24.02 -141.81 20.89
C GLU OA 104 23.81 -143.01 19.99
N PHE OA 105 22.60 -143.19 19.48
CA PHE OA 105 22.28 -144.37 18.68
C PHE OA 105 21.45 -144.04 17.45
N ASN OA 106 21.04 -142.78 17.27
CA ASN OA 106 20.32 -142.34 16.08
C ASN OA 106 18.97 -143.05 15.95
N GLY OA 107 18.22 -143.08 17.06
CA GLY OA 107 16.88 -143.62 17.04
C GLY OA 107 16.79 -145.14 17.07
N ILE OA 108 17.23 -145.74 18.17
CA ILE OA 108 17.16 -147.19 18.36
C ILE OA 108 16.08 -147.51 19.38
N SER OA 109 15.23 -148.48 19.04
CA SER OA 109 14.18 -148.92 19.95
C SER OA 109 14.76 -149.50 21.23
N VAL OA 110 14.56 -148.80 22.34
CA VAL OA 110 15.05 -149.22 23.64
C VAL OA 110 13.85 -149.35 24.57
N LEU OA 111 13.72 -150.51 25.21
CA LEU OA 111 12.61 -150.79 26.10
C LEU OA 111 13.12 -150.93 27.53
N TRP OA 112 12.38 -150.34 28.47
CA TRP OA 112 12.71 -150.46 29.89
C TRP OA 112 11.95 -151.64 30.46
N ASP OA 113 12.67 -152.72 30.76
CA ASP OA 113 12.04 -153.91 31.30
C ASP OA 113 12.31 -154.00 32.78
N PRO OA 114 11.31 -153.80 33.64
CA PRO OA 114 11.53 -153.92 35.09
C PRO OA 114 11.74 -155.38 35.50
N ILE OA 115 12.36 -155.56 36.67
CA ILE OA 115 12.67 -156.89 37.15
C ILE OA 115 11.43 -157.53 37.75
N TYR OA 116 11.22 -158.80 37.43
CA TYR OA 116 10.12 -159.60 37.93
C TYR OA 116 10.70 -160.79 38.69
N ALA OA 117 10.10 -161.12 39.83
CA ALA OA 117 10.52 -162.22 40.66
C ALA OA 117 9.32 -163.06 41.06
N PRO OA 118 9.51 -164.33 41.42
CA PRO OA 118 8.40 -165.10 41.98
C PRO OA 118 8.07 -164.61 43.39
N VAL OA 119 6.82 -164.86 43.80
CA VAL OA 119 6.48 -164.66 45.20
C VAL OA 119 7.19 -165.70 46.07
N ASP OA 120 7.31 -166.93 45.58
CA ASP OA 120 7.80 -168.02 46.40
C ASP OA 120 9.27 -167.81 46.74
N LEU OA 121 9.52 -167.17 47.87
CA LEU OA 121 10.90 -166.93 48.29
C LEU OA 121 11.60 -168.23 48.64
N GLU OA 122 10.90 -169.18 49.25
CA GLU OA 122 11.49 -170.46 49.57
C GLU OA 122 11.92 -171.21 48.31
N ARG OA 123 11.03 -171.23 47.30
CA ARG OA 123 11.40 -171.86 46.03
C ARG OA 123 12.36 -170.97 45.25
N HIS OA 124 12.11 -169.66 45.24
CA HIS OA 124 12.93 -168.71 44.50
C HIS OA 124 13.09 -167.44 45.34
N PRO OA 125 14.21 -167.29 46.04
CA PRO OA 125 14.42 -166.08 46.85
C PRO OA 125 14.47 -164.84 45.97
N TYR OA 126 14.03 -163.72 46.54
CA TYR OA 126 13.97 -162.47 45.80
C TYR OA 126 15.36 -162.07 45.33
N GLY OA 127 15.45 -161.64 44.07
CA GLY OA 127 16.70 -161.27 43.45
C GLY OA 127 17.44 -162.43 42.81
N THR OA 128 16.96 -163.65 43.00
CA THR OA 128 17.58 -164.83 42.39
C THR OA 128 17.01 -165.11 41.01
N VAL OA 129 15.69 -165.07 40.87
CA VAL OA 129 15.01 -165.30 39.61
C VAL OA 129 14.50 -163.95 39.13
N LEU OA 130 15.05 -163.47 38.01
CA LEU OA 130 14.69 -162.19 37.42
C LEU OA 130 14.21 -162.45 36.00
N ILE OA 131 12.90 -162.38 35.79
CA ILE OA 131 12.29 -162.75 34.52
C ILE OA 131 11.97 -161.48 33.74
N PRO OA 132 12.45 -161.33 32.51
CA PRO OA 132 12.09 -160.17 31.72
C PRO OA 132 10.62 -160.18 31.33
N GLU OA 133 10.10 -158.98 31.08
CA GLU OA 133 8.69 -158.85 30.72
C GLU OA 133 8.37 -159.52 29.39
N SER OA 134 9.36 -159.64 28.50
CA SER OA 134 9.13 -160.27 27.21
C SER OA 134 8.74 -161.73 27.39
N THR OA 135 9.43 -162.45 28.27
CA THR OA 135 9.09 -163.82 28.59
C THR OA 135 8.09 -163.93 29.71
N LEU OA 136 7.70 -162.80 30.31
CA LEU OA 136 6.74 -162.82 31.41
C LEU OA 136 5.43 -163.48 31.01
N GLU OA 137 5.03 -163.34 29.76
CA GLU OA 137 3.77 -163.92 29.32
C GLU OA 137 3.78 -165.43 29.46
N THR OA 138 4.91 -166.07 29.11
CA THR OA 138 4.97 -167.51 29.02
C THR OA 138 5.78 -168.16 30.14
N THR OA 139 6.44 -167.39 30.99
CA THR OA 139 7.29 -167.97 32.02
C THR OA 139 6.80 -167.70 33.44
N GLY OA 140 6.31 -166.49 33.71
CA GLY OA 140 5.95 -166.11 35.07
C GLY OA 140 4.68 -166.73 35.60
N GLY OA 141 3.90 -167.40 34.74
CA GLY OA 141 2.68 -168.03 35.21
C GLY OA 141 2.92 -169.13 36.22
N THR OA 142 4.02 -169.87 36.05
CA THR OA 142 4.32 -171.01 36.91
C THR OA 142 4.81 -170.61 38.30
N PHE OA 143 5.07 -169.32 38.53
CA PHE OA 143 5.62 -168.86 39.80
C PHE OA 143 4.58 -168.14 40.65
N GLY OA 144 3.30 -168.36 40.37
CA GLY OA 144 2.26 -167.70 41.14
C GLY OA 144 2.28 -166.21 40.91
N GLU OA 145 2.01 -165.45 41.97
CA GLU OA 145 2.10 -164.00 41.87
C GLU OA 145 3.54 -163.58 41.61
N MET OA 146 3.67 -162.49 40.87
CA MET OA 146 4.92 -162.20 40.17
C MET OA 146 5.35 -160.81 40.63
N PHE OA 147 6.17 -160.78 41.68
CA PHE OA 147 6.74 -159.53 42.20
C PHE OA 147 7.28 -158.66 41.08
N LEU OA 148 6.87 -157.40 41.07
CA LEU OA 148 7.37 -156.40 40.16
C LEU OA 148 8.17 -155.36 40.95
N THR OA 149 9.39 -155.07 40.50
CA THR OA 149 10.19 -154.09 41.20
C THR OA 149 10.66 -153.01 40.23
N SER OA 150 10.99 -151.85 40.81
CA SER OA 150 11.57 -150.75 40.05
C SER OA 150 12.90 -151.12 39.43
N ARG OA 151 13.62 -152.09 40.00
CA ARG OA 151 14.81 -152.60 39.38
C ARG OA 151 14.45 -153.24 38.04
N GLY OA 152 15.36 -153.17 37.09
CA GLY OA 152 15.10 -153.73 35.78
C GLY OA 152 16.27 -153.57 34.86
N MET OA 153 16.15 -154.20 33.69
CA MET OA 153 17.16 -154.18 32.64
C MET OA 153 16.62 -153.43 31.44
N ILE OA 154 17.48 -153.31 30.42
CA ILE OA 154 17.13 -152.63 29.19
C ILE OA 154 17.46 -153.57 28.03
N SER OA 155 16.50 -153.77 27.14
CA SER OA 155 16.65 -154.67 26.01
C SER OA 155 16.69 -153.88 24.71
N ILE OA 156 17.63 -154.27 23.84
CA ILE OA 156 17.77 -153.67 22.52
C ILE OA 156 17.65 -154.77 21.48
N PRO OA 157 16.81 -154.60 20.45
CA PRO OA 157 16.68 -155.63 19.42
C PRO OA 157 17.99 -155.84 18.67
N ILE OA 158 18.37 -157.10 18.50
CA ILE OA 158 19.61 -157.42 17.81
C ILE OA 158 19.52 -157.03 16.35
N ASN OA 159 18.35 -157.20 15.74
CA ASN OA 159 18.16 -156.78 14.35
C ASN OA 159 18.32 -155.27 14.22
N ASP OA 160 17.76 -154.52 15.16
CA ASP OA 160 17.87 -153.06 15.11
C ASP OA 160 19.32 -152.61 15.27
N LEU OA 161 20.05 -153.22 16.22
CA LEU OA 161 21.44 -152.81 16.41
C LEU OA 161 22.28 -153.21 15.19
N ALA OA 162 22.01 -154.37 14.60
CA ALA OA 162 22.72 -154.76 13.38
C ALA OA 162 22.43 -153.80 12.23
N ARG OA 163 21.18 -153.33 12.14
CA ARG OA 163 20.85 -152.36 11.10
C ARG OA 163 21.59 -151.05 11.33
N THR OA 164 21.62 -150.57 12.57
CA THR OA 164 22.20 -149.25 12.82
C THR OA 164 23.72 -149.27 12.81
N MET OA 165 24.35 -150.41 13.12
CA MET OA 165 25.81 -150.46 13.18
C MET OA 165 26.44 -150.47 11.80
N GLY OA 166 25.65 -150.71 10.76
CA GLY OA 166 26.13 -150.62 9.39
C GLY OA 166 27.20 -151.62 9.02
N ILE OA 167 27.16 -152.83 9.58
CA ILE OA 167 28.10 -153.88 9.26
C ILE OA 167 27.31 -155.12 8.88
N THR OA 168 27.58 -155.66 7.69
CA THR OA 168 26.88 -156.87 7.26
C THR OA 168 27.62 -158.14 7.65
N GLY OA 169 28.95 -158.09 7.74
CA GLY OA 169 29.72 -159.28 8.05
C GLY OA 169 29.78 -159.61 9.53
N THR OA 170 30.99 -159.87 10.03
CA THR OA 170 31.16 -160.28 11.42
C THR OA 170 30.71 -159.19 12.37
N ILE OA 171 29.93 -159.57 13.37
CA ILE OA 171 29.44 -158.66 14.41
C ILE OA 171 30.01 -159.11 15.74
N ASP OA 172 30.78 -158.25 16.38
CA ASP OA 172 31.37 -158.54 17.68
C ASP OA 172 30.34 -158.17 18.73
N GLN OA 173 29.54 -159.16 19.14
CA GLN OA 173 28.47 -158.91 20.09
C GLN OA 173 29.00 -158.39 21.41
N SER OA 174 30.08 -158.99 21.92
CA SER OA 174 30.65 -158.54 23.18
C SER OA 174 31.15 -157.11 23.08
N ALA OA 175 31.85 -156.78 22.00
CA ALA OA 175 32.41 -155.43 21.85
C ALA OA 175 31.31 -154.40 21.72
N ILE OA 176 30.29 -154.67 20.90
CA ILE OA 176 29.22 -153.69 20.74
C ILE OA 176 28.44 -153.54 22.03
N THR OA 177 28.24 -154.64 22.77
CA THR OA 177 27.57 -154.55 24.06
C THR OA 177 28.37 -153.72 25.03
N GLU OA 178 29.68 -153.92 25.08
CA GLU OA 178 30.52 -153.11 25.97
C GLU OA 178 30.46 -151.64 25.59
N GLU OA 179 30.54 -151.35 24.29
CA GLU OA 179 30.48 -149.96 23.84
C GLU OA 179 29.18 -149.30 24.24
N ILE OA 180 28.06 -149.98 23.98
CA ILE OA 180 26.77 -149.37 24.25
C ILE OA 180 26.55 -149.24 25.76
N LEU OA 181 27.00 -150.20 26.56
CA LEU OA 181 26.85 -150.06 27.99
C LEU OA 181 27.73 -148.95 28.54
N ARG OA 182 28.91 -148.76 27.96
CA ARG OA 182 29.75 -147.63 28.37
C ARG OA 182 29.08 -146.32 28.02
N LYS OA 183 28.46 -146.23 26.84
CA LYS OA 183 27.71 -145.03 26.48
C LYS OA 183 26.58 -144.80 27.48
N PHE OA 184 25.89 -145.89 27.85
CA PHE OA 184 24.83 -145.82 28.84
C PHE OA 184 25.37 -145.29 30.17
N ASN OA 185 26.54 -145.77 30.57
CA ASN OA 185 27.12 -145.36 31.85
C ASN OA 185 27.50 -143.89 31.82
N GLN OA 186 28.12 -143.44 30.74
CA GLN OA 186 28.69 -142.10 30.71
C GLN OA 186 27.71 -141.04 30.22
N PHE OA 187 26.52 -141.43 29.79
CA PHE OA 187 25.54 -140.43 29.39
C PHE OA 187 24.19 -140.62 30.07
N VAL OA 188 23.79 -141.88 30.30
CA VAL OA 188 22.45 -142.18 30.76
C VAL OA 188 22.40 -142.60 32.22
N LYS OA 189 23.46 -143.21 32.74
CA LYS OA 189 23.46 -143.65 34.13
C LYS OA 189 23.11 -142.55 35.13
N PRO OA 190 23.64 -141.32 35.03
CA PRO OA 190 23.29 -140.31 36.05
C PRO OA 190 21.80 -140.03 36.15
N LEU OA 191 21.05 -140.23 35.07
CA LEU OA 191 19.61 -140.05 35.11
C LEU OA 191 18.91 -141.16 35.89
N LEU OA 192 19.61 -142.26 36.17
CA LEU OA 192 18.96 -143.41 36.82
C LEU OA 192 18.68 -143.15 38.29
N PRO OA 193 19.66 -142.85 39.14
CA PRO OA 193 19.38 -142.78 40.58
C PRO OA 193 18.40 -141.67 40.89
N LEU OA 194 17.62 -141.86 41.96
CA LEU OA 194 17.76 -142.99 42.87
C LEU OA 194 16.80 -144.13 42.53
N HIS OA 195 15.58 -143.76 42.13
CA HIS OA 195 14.52 -144.75 41.97
C HIS OA 195 14.88 -145.78 40.90
N ILE OA 196 15.39 -145.33 39.76
CA ILE OA 196 15.69 -146.24 38.67
C ILE OA 196 16.92 -147.06 39.03
N VAL OA 197 16.81 -148.38 38.90
CA VAL OA 197 17.90 -149.30 39.17
C VAL OA 197 18.18 -150.09 37.90
N PHE OA 198 19.44 -150.07 37.46
CA PHE OA 198 19.88 -150.81 36.28
C PHE OA 198 20.73 -151.96 36.76
N ASP OA 199 20.34 -153.19 36.37
CA ASP OA 199 20.99 -154.39 36.87
C ASP OA 199 21.50 -155.28 35.75
N GLY OA 200 21.63 -154.75 34.55
CA GLY OA 200 22.11 -155.51 33.41
C GLY OA 200 21.49 -155.03 32.12
N LEU OA 201 22.19 -155.27 31.02
CA LEU OA 201 21.78 -154.85 29.69
C LEU OA 201 21.67 -156.08 28.81
N THR OA 202 20.64 -156.13 27.96
CA THR OA 202 20.37 -157.34 27.20
C THR OA 202 19.93 -157.00 25.78
N LEU OA 203 20.10 -157.98 24.89
CA LEU OA 203 19.71 -157.87 23.49
C LEU OA 203 18.64 -158.90 23.21
N TYR OA 204 17.61 -158.51 22.48
CA TYR OA 204 16.52 -159.42 22.17
C TYR OA 204 17.03 -160.52 21.25
N MET PA 1 88.91 -56.98 28.92
CA MET PA 1 88.33 -57.85 27.91
C MET PA 1 87.15 -57.17 27.21
N GLN PA 2 87.00 -55.88 27.44
CA GLN PA 2 85.99 -55.07 26.78
C GLN PA 2 86.64 -53.81 26.22
N ARG PA 3 86.40 -53.54 24.95
CA ARG PA 3 86.97 -52.39 24.27
C ARG PA 3 85.89 -51.35 24.07
N SER PA 4 86.09 -50.16 24.63
CA SER PA 4 85.15 -49.04 24.50
C SER PA 4 83.75 -49.45 24.95
N TRP PA 5 83.69 -50.37 25.91
CA TRP PA 5 82.44 -50.98 26.32
C TRP PA 5 81.42 -49.97 26.78
N PHE PA 6 81.88 -48.81 27.25
CA PHE PA 6 80.98 -47.71 27.61
C PHE PA 6 80.77 -46.80 26.42
N ASN PA 7 80.40 -47.39 25.29
CA ASN PA 7 80.19 -46.64 24.07
C ASN PA 7 78.80 -46.87 23.50
N HIS PA 8 77.87 -47.32 24.34
CA HIS PA 8 76.59 -47.80 23.83
C HIS PA 8 75.39 -47.19 24.54
N ARG PA 9 75.43 -47.03 25.86
CA ARG PA 9 74.40 -46.30 26.60
C ARG PA 9 74.88 -44.91 26.98
N LEU PA 10 75.62 -44.27 26.08
CA LEU PA 10 76.22 -42.98 26.34
C LEU PA 10 76.00 -42.09 25.13
N THR PA 11 75.58 -40.85 25.36
CA THR PA 11 75.46 -39.92 24.25
C THR PA 11 76.84 -39.65 23.67
N SER PA 12 76.87 -39.37 22.36
CA SER PA 12 78.14 -39.29 21.65
C SER PA 12 79.01 -38.14 22.15
N ALA PA 13 78.39 -37.01 22.51
CA ALA PA 13 79.16 -35.88 23.01
C ALA PA 13 79.84 -36.22 24.33
N LYS PA 14 79.11 -36.83 25.25
CA LYS PA 14 79.69 -37.29 26.50
C LYS PA 14 80.65 -38.45 26.30
N GLN PA 15 80.51 -39.20 25.19
CA GLN PA 15 81.50 -40.20 24.86
C GLN PA 15 82.81 -39.54 24.46
N LYS PA 16 82.75 -38.53 23.61
CA LYS PA 16 83.94 -37.80 23.21
C LYS PA 16 84.38 -36.80 24.29
N SER PA 17 83.67 -36.74 25.40
CA SER PA 17 84.08 -35.87 26.50
C SER PA 17 85.44 -36.28 27.04
N LEU PA 18 86.10 -35.33 27.70
CA LEU PA 18 87.48 -35.53 28.13
C LEU PA 18 87.56 -36.49 29.32
N LEU PA 19 86.73 -36.26 30.34
CA LEU PA 19 86.83 -37.01 31.58
C LEU PA 19 86.04 -38.30 31.58
N TYR PA 20 85.03 -38.41 30.71
CA TYR PA 20 84.23 -39.62 30.69
C TYR PA 20 85.02 -40.79 30.15
N LYS PA 21 85.85 -40.56 29.13
CA LYS PA 21 86.76 -41.61 28.70
C LYS PA 21 87.77 -41.94 29.77
N SER PA 22 88.19 -40.96 30.57
CA SER PA 22 89.12 -41.23 31.65
C SER PA 22 88.49 -42.18 32.67
N LEU PA 23 87.30 -41.85 33.15
CA LEU PA 23 86.63 -42.73 34.09
C LEU PA 23 86.34 -44.09 33.47
N ALA PA 24 85.90 -44.10 32.21
CA ALA PA 24 85.55 -45.35 31.55
C ALA PA 24 86.76 -46.27 31.43
N ASP PA 25 87.89 -45.75 30.95
CA ASP PA 25 89.03 -46.63 30.74
C ASP PA 25 89.70 -46.99 32.05
N LEU PA 26 89.65 -46.12 33.07
CA LEU PA 26 90.19 -46.52 34.36
C LEU PA 26 89.38 -47.67 34.95
N VAL PA 27 88.04 -47.60 34.86
CA VAL PA 27 87.27 -48.70 35.42
C VAL PA 27 87.39 -49.94 34.56
N GLN PA 28 87.56 -49.78 33.24
CA GLN PA 28 87.81 -50.94 32.39
C GLN PA 28 89.11 -51.61 32.78
N SER PA 29 90.15 -50.82 33.05
CA SER PA 29 91.40 -51.39 33.53
C SER PA 29 91.23 -52.08 34.87
N MET PA 30 90.47 -51.47 35.78
CA MET PA 30 90.30 -52.05 37.10
C MET PA 30 89.55 -53.38 37.03
N MET PA 31 88.50 -53.45 36.22
CA MET PA 31 87.82 -54.72 36.07
C MET PA 31 88.71 -55.73 35.37
N ASP PA 32 89.43 -55.32 34.32
CA ASP PA 32 90.37 -56.19 33.65
C ASP PA 32 91.35 -56.81 34.63
N THR PA 33 91.80 -56.02 35.61
CA THR PA 33 92.84 -56.48 36.51
C THR PA 33 92.30 -57.21 37.74
N PHE PA 34 91.02 -57.03 38.10
CA PHE PA 34 90.60 -57.67 39.35
C PHE PA 34 89.22 -58.32 39.33
N VAL PA 35 88.61 -58.54 38.16
CA VAL PA 35 87.41 -59.37 38.13
C VAL PA 35 87.61 -60.47 37.08
N ASP PA 36 88.15 -60.10 35.93
CA ASP PA 36 88.21 -61.02 34.80
C ASP PA 36 89.00 -62.28 35.07
N PRO PA 37 90.20 -62.25 35.68
CA PRO PA 37 90.95 -63.51 35.87
C PRO PA 37 90.14 -64.59 36.56
N TRP PA 38 89.19 -64.21 37.42
CA TRP PA 38 88.25 -65.19 37.94
C TRP PA 38 87.37 -65.77 36.83
N LEU PA 39 86.95 -64.92 35.89
CA LEU PA 39 86.17 -65.45 34.77
C LEU PA 39 87.02 -66.38 33.91
N GLU PA 40 88.29 -66.03 33.70
CA GLU PA 40 89.16 -66.91 32.93
C GLU PA 40 89.36 -68.25 33.64
N ARG PA 41 89.54 -68.22 34.97
CA ARG PA 41 89.75 -69.49 35.65
C ARG PA 41 88.48 -70.32 35.66
N ILE PA 42 87.30 -69.70 35.77
CA ILE PA 42 86.08 -70.49 35.75
C ILE PA 42 85.83 -71.07 34.37
N THR PA 43 86.14 -70.30 33.31
CA THR PA 43 86.02 -70.83 31.97
C THR PA 43 87.02 -71.96 31.72
N ASN PA 44 88.23 -71.84 32.28
CA ASN PA 44 89.17 -72.95 32.22
C ASN PA 44 88.62 -74.17 32.94
N ARG PA 45 88.01 -73.96 34.11
CA ARG PA 45 87.42 -75.06 34.87
C ARG PA 45 86.30 -75.73 34.09
N LYS PA 46 85.64 -74.99 33.20
CA LYS PA 46 84.61 -75.59 32.35
C LYS PA 46 85.18 -76.77 31.57
N SER PA 47 86.37 -76.61 31.00
CA SER PA 47 86.97 -77.63 30.14
C SER PA 47 88.03 -78.42 30.90
N ILE PA 48 88.05 -79.73 30.67
CA ILE PA 48 89.04 -80.57 31.34
C ILE PA 48 90.45 -80.22 30.90
N PHE PA 49 90.62 -79.80 29.64
CA PHE PA 49 91.95 -79.46 29.15
C PHE PA 49 92.31 -78.00 29.39
N SER PA 50 91.32 -77.13 29.57
CA SER PA 50 91.59 -75.71 29.69
C SER PA 50 91.98 -75.28 31.10
N MET PA 51 91.76 -76.12 32.11
CA MET PA 51 91.88 -75.70 33.50
C MET PA 51 93.27 -75.16 33.79
N SER PA 52 93.31 -74.05 34.52
CA SER PA 52 94.56 -73.45 34.92
C SER PA 52 95.30 -74.37 35.88
N LYS PA 53 96.59 -74.08 36.08
CA LYS PA 53 97.43 -74.94 36.92
C LYS PA 53 96.84 -75.06 38.32
N GLU PA 54 96.60 -73.93 38.97
CA GLU PA 54 96.10 -73.94 40.34
C GLU PA 54 94.90 -74.86 40.47
N ASP PA 55 93.99 -74.80 39.51
CA ASP PA 55 92.83 -75.68 39.51
C ASP PA 55 93.26 -77.13 39.31
N LEU PA 56 94.27 -77.36 38.47
CA LEU PA 56 94.69 -78.74 38.20
C LEU PA 56 95.23 -79.39 39.46
N GLU PA 57 96.19 -78.76 40.12
CA GLU PA 57 96.68 -79.36 41.36
C GLU PA 57 95.66 -79.29 42.49
N THR PA 58 94.69 -78.36 42.42
CA THR PA 58 93.63 -78.36 43.41
C THR PA 58 92.80 -79.63 43.30
N ARG PA 59 92.33 -79.94 42.09
CA ARG PA 59 91.61 -81.18 41.87
C ARG PA 59 92.49 -82.38 42.15
N THR PA 60 93.80 -82.22 41.94
CA THR PA 60 94.73 -83.33 42.19
C THR PA 60 94.80 -83.66 43.68
N ASN PA 61 95.00 -82.66 44.52
CA ASN PA 61 95.25 -82.88 45.93
C ASN PA 61 93.98 -82.87 46.76
N GLU PA 62 92.81 -82.61 46.15
CA GLU PA 62 91.56 -82.79 46.88
C GLU PA 62 91.42 -84.24 47.36
N LEU PA 63 91.71 -85.20 46.49
CA LEU PA 63 91.67 -86.59 46.89
C LEU PA 63 92.89 -86.97 47.74
N GLY PA 64 94.04 -86.47 47.37
CA GLY PA 64 95.28 -86.79 48.05
C GLY PA 64 96.41 -86.93 47.05
N GLN PA 65 97.63 -86.73 47.53
CA GLN PA 65 98.82 -86.77 46.68
C GLN PA 65 99.24 -88.20 46.33
N PHE PA 66 98.66 -89.21 46.99
CA PHE PA 66 99.01 -90.59 46.74
C PHE PA 66 98.30 -91.17 45.52
N PHE PA 67 97.41 -90.39 44.90
CA PHE PA 67 96.60 -90.86 43.78
C PHE PA 67 97.04 -90.27 42.46
N THR PA 68 98.22 -89.67 42.39
CA THR PA 68 98.67 -88.96 41.20
C THR PA 68 100.10 -89.35 40.85
N ILE PA 69 100.60 -88.71 39.80
CA ILE PA 69 101.97 -88.90 39.33
C ILE PA 69 102.68 -87.57 39.38
N ARG PA 70 103.87 -87.55 39.98
CA ARG PA 70 104.67 -86.34 40.13
C ARG PA 70 105.43 -86.11 38.83
N THR PA 71 104.75 -85.50 37.88
CA THR PA 71 105.32 -85.24 36.55
C THR PA 71 105.42 -83.74 36.32
N SER PA 72 106.37 -83.37 35.47
CA SER PA 72 106.56 -82.00 35.04
C SER PA 72 105.84 -81.69 33.74
N ASN PA 73 105.22 -82.69 33.12
CA ASN PA 73 104.52 -82.49 31.85
C ASN PA 73 103.13 -81.93 32.16
N SER PA 74 103.09 -80.62 32.41
CA SER PA 74 101.85 -79.96 32.81
C SER PA 74 100.79 -80.05 31.73
N SER PA 75 101.21 -80.00 30.46
CA SER PA 75 100.24 -80.11 29.36
C SER PA 75 99.53 -81.45 29.39
N SER PA 76 100.26 -82.53 29.69
CA SER PA 76 99.66 -83.85 29.74
C SER PA 76 98.91 -84.12 31.02
N VAL PA 77 99.09 -83.27 32.05
CA VAL PA 77 98.38 -83.49 33.31
C VAL PA 77 96.88 -83.58 33.13
N PRO PA 78 96.21 -82.67 32.39
CA PRO PA 78 94.79 -82.90 32.12
C PRO PA 78 94.53 -84.20 31.39
N MET PA 79 95.38 -84.54 30.43
CA MET PA 79 95.22 -85.79 29.70
C MET PA 79 95.45 -86.97 30.63
N LEU PA 80 96.48 -86.89 31.47
CA LEU PA 80 96.79 -87.97 32.40
C LEU PA 80 95.66 -88.19 33.39
N LEU PA 81 95.07 -87.12 33.90
CA LEU PA 81 93.96 -87.28 34.82
C LEU PA 81 92.72 -87.79 34.10
N GLN PA 82 92.53 -87.39 32.84
CA GLN PA 82 91.44 -87.95 32.06
C GLN PA 82 91.57 -89.46 31.98
N GLN PA 83 92.78 -89.95 31.71
CA GLN PA 83 92.99 -91.39 31.68
C GLN PA 83 92.79 -92.00 33.06
N ARG PA 84 93.30 -91.33 34.09
CA ARG PA 84 93.19 -91.87 35.45
C ARG PA 84 91.73 -91.95 35.89
N LEU PA 85 90.86 -91.11 35.33
CA LEU PA 85 89.46 -91.12 35.71
C LEU PA 85 88.61 -92.03 34.82
N ASP PA 86 88.96 -92.17 33.53
CA ASP PA 86 88.19 -93.04 32.66
C ASP PA 86 88.67 -94.49 32.72
N GLU PA 87 89.81 -94.74 33.35
CA GLU PA 87 90.30 -96.10 33.54
C GLU PA 87 89.59 -96.84 34.65
N ILE PA 88 88.83 -96.13 35.50
CA ILE PA 88 88.24 -96.76 36.68
C ILE PA 88 87.37 -97.95 36.29
N HIS PA 89 86.84 -97.95 35.07
CA HIS PA 89 86.04 -99.06 34.60
C HIS PA 89 86.87 -100.23 34.09
N PHE PA 90 88.14 -99.99 33.75
CA PHE PA 90 89.01 -101.04 33.21
C PHE PA 90 90.30 -101.16 34.01
N LYS PA 91 90.30 -100.75 35.29
CA LYS PA 91 91.51 -100.66 36.07
C LYS PA 91 91.74 -101.88 36.95
N GLY PA 92 91.07 -102.99 36.68
CA GLY PA 92 91.39 -104.27 37.24
C GLY PA 92 92.40 -105.06 36.43
N THR PA 93 93.00 -104.44 35.41
CA THR PA 93 93.90 -105.11 34.50
C THR PA 93 95.23 -104.37 34.37
N GLU PA 94 96.04 -104.74 33.38
CA GLU PA 94 97.32 -104.12 33.11
C GLU PA 94 97.19 -102.76 32.43
N ARG PA 95 95.99 -102.42 31.94
CA ARG PA 95 95.81 -101.13 31.27
C ARG PA 95 96.16 -99.94 32.15
N PRO PA 96 95.71 -99.84 33.39
CA PRO PA 96 96.18 -98.73 34.24
C PRO PA 96 97.67 -98.75 34.47
N ILE PA 97 98.30 -99.92 34.50
CA ILE PA 97 99.75 -99.99 34.62
C ILE PA 97 100.38 -99.31 33.43
N ASN PA 98 99.89 -99.63 32.23
CA ASN PA 98 100.41 -98.98 31.03
C ASN PA 98 100.08 -97.50 31.03
N GLN PA 99 98.95 -97.12 31.60
CA GLN PA 99 98.60 -95.71 31.73
C GLN PA 99 99.61 -94.98 32.58
N THR PA 100 100.03 -95.60 33.69
CA THR PA 100 101.10 -95.03 34.49
C THR PA 100 102.40 -94.97 33.70
N ILE PA 101 102.68 -96.02 32.94
CA ILE PA 101 103.91 -96.09 32.15
C ILE PA 101 103.96 -94.95 31.14
N TYR PA 102 102.81 -94.55 30.62
CA TYR PA 102 102.72 -93.42 29.69
C TYR PA 102 103.66 -92.29 30.08
N ARG PA 103 103.55 -91.84 31.33
CA ARG PA 103 104.36 -90.73 31.82
C ARG PA 103 105.57 -91.18 32.61
N GLU PA 104 105.48 -92.29 33.35
CA GLU PA 104 106.61 -92.68 34.19
C GLU PA 104 107.77 -93.22 33.38
N PHE PA 105 107.49 -93.82 32.22
CA PHE PA 105 108.52 -94.46 31.43
C PHE PA 105 108.38 -94.18 29.93
N ASN PA 106 107.34 -93.47 29.52
CA ASN PA 106 107.14 -93.07 28.13
C ASN PA 106 107.01 -94.28 27.20
N GLY PA 107 106.16 -95.22 27.61
CA GLY PA 107 105.84 -96.36 26.77
C GLY PA 107 106.88 -97.46 26.78
N ILE PA 108 107.07 -98.11 27.91
CA ILE PA 108 108.02 -99.22 28.05
C ILE PA 108 107.22 -100.52 28.18
N SER PA 109 107.62 -101.53 27.42
CA SER PA 109 106.98 -102.83 27.48
C SER PA 109 107.15 -103.46 28.86
N VAL PA 110 106.05 -103.58 29.60
CA VAL PA 110 106.05 -104.17 30.93
C VAL PA 110 105.10 -105.36 30.93
N LEU PA 111 105.59 -106.50 31.37
CA LEU PA 111 104.81 -107.74 31.38
C LEU PA 111 104.57 -108.17 32.81
N TRP PA 112 103.35 -108.61 33.08
CA TRP PA 112 102.97 -109.12 34.40
C TRP PA 112 103.18 -110.63 34.40
N ASP PA 113 104.20 -111.08 35.10
CA ASP PA 113 104.52 -112.49 35.16
C ASP PA 113 104.07 -113.06 36.50
N PRO PA 114 103.01 -113.88 36.54
CA PRO PA 114 102.59 -114.47 37.81
C PRO PA 114 103.58 -115.52 38.30
N ILE PA 115 103.52 -115.81 39.60
CA ILE PA 115 104.45 -116.75 40.19
C ILE PA 115 103.99 -118.17 39.91
N TYR PA 116 104.95 -119.03 39.55
CA TYR PA 116 104.73 -120.43 39.28
C TYR PA 116 105.56 -121.25 40.26
N ALA PA 117 104.98 -122.31 40.79
CA ALA PA 117 105.65 -123.20 41.73
C ALA PA 117 105.44 -124.65 41.31
N PRO PA 118 106.31 -125.55 41.75
CA PRO PA 118 106.04 -126.98 41.51
C PRO PA 118 104.89 -127.47 42.40
N VAL PA 119 104.23 -128.53 41.95
CA VAL PA 119 103.29 -129.22 42.84
C VAL PA 119 104.04 -129.90 43.98
N ASP PA 120 105.22 -130.45 43.69
CA ASP PA 120 105.90 -131.29 44.67
C ASP PA 120 106.39 -130.44 45.84
N LEU PA 121 105.56 -130.35 46.87
CA LEU PA 121 105.93 -129.57 48.04
C LEU PA 121 107.10 -130.20 48.78
N GLU PA 122 107.14 -131.53 48.83
CA GLU PA 122 108.25 -132.22 49.48
C GLU PA 122 109.56 -131.93 48.76
N ARG PA 123 109.56 -132.02 47.43
CA ARG PA 123 110.76 -131.67 46.68
C ARG PA 123 110.96 -130.16 46.63
N HIS PA 124 109.89 -129.41 46.46
CA HIS PA 124 109.95 -127.95 46.37
C HIS PA 124 108.75 -127.35 47.09
N PRO PA 125 108.92 -126.92 48.35
CA PRO PA 125 107.80 -126.32 49.07
C PRO PA 125 107.31 -125.05 48.39
N TYR PA 126 106.02 -124.79 48.55
CA TYR PA 126 105.41 -123.64 47.90
C TYR PA 126 106.06 -122.34 48.38
N GLY PA 127 106.33 -121.45 47.44
CA GLY PA 127 107.00 -120.20 47.73
C GLY PA 127 108.51 -120.28 47.71
N THR PA 128 109.08 -121.49 47.58
CA THR PA 128 110.52 -121.67 47.51
C THR PA 128 111.02 -121.58 46.08
N VAL PA 129 110.36 -122.26 45.17
CA VAL PA 129 110.71 -122.25 43.75
C VAL PA 129 109.67 -121.41 43.03
N LEU PA 130 110.11 -120.27 42.48
CA LEU PA 130 109.24 -119.34 41.77
C LEU PA 130 109.81 -119.17 40.37
N ILE PA 131 109.16 -119.80 39.38
CA ILE PA 131 109.66 -119.84 38.01
C ILE PA 131 108.90 -118.81 37.20
N PRO PA 132 109.59 -117.89 36.52
CA PRO PA 132 108.90 -116.95 35.65
C PRO PA 132 108.31 -117.64 34.43
N GLU PA 133 107.27 -117.01 33.88
CA GLU PA 133 106.58 -117.57 32.73
C GLU PA 133 107.48 -117.62 31.50
N SER PA 134 108.48 -116.74 31.42
CA SER PA 134 109.38 -116.75 30.28
C SER PA 134 110.16 -118.06 30.20
N THR PA 135 110.66 -118.54 31.34
CA THR PA 135 111.34 -119.82 31.41
C THR PA 135 110.39 -120.97 31.67
N LEU PA 136 109.11 -120.68 31.88
CA LEU PA 136 108.13 -121.74 32.16
C LEU PA 136 108.08 -122.76 31.03
N GLU PA 137 108.32 -122.35 29.80
CA GLU PA 137 108.27 -123.28 28.68
C GLU PA 137 109.32 -124.37 28.83
N THR PA 138 110.52 -124.01 29.27
CA THR PA 138 111.64 -124.92 29.27
C THR PA 138 112.06 -125.40 30.65
N THR PA 139 111.47 -124.86 31.72
CA THR PA 139 111.89 -125.22 33.07
C THR PA 139 110.82 -125.93 33.87
N GLY PA 140 109.57 -125.51 33.76
CA GLY PA 140 108.50 -126.06 34.60
C GLY PA 140 108.05 -127.45 34.22
N GLY PA 141 108.51 -127.98 33.09
CA GLY PA 141 108.10 -129.33 32.70
C GLY PA 141 108.59 -130.39 33.67
N THR PA 142 109.78 -130.19 34.24
CA THR PA 142 110.39 -131.18 35.12
C THR PA 142 109.75 -131.22 36.50
N PHE PA 143 108.86 -130.29 36.82
CA PHE PA 143 108.25 -130.22 38.15
C PHE PA 143 106.81 -130.70 38.16
N GLY PA 144 106.41 -131.47 37.14
CA GLY PA 144 105.04 -131.96 37.09
C GLY PA 144 104.07 -130.82 36.90
N GLU PA 145 102.90 -130.92 37.55
CA GLU PA 145 101.95 -129.83 37.49
C GLU PA 145 102.52 -128.60 38.16
N MET PA 146 102.13 -127.44 37.65
CA MET PA 146 102.88 -126.21 37.87
C MET PA 146 101.90 -125.21 38.48
N PHE PA 147 101.85 -125.18 39.80
CA PHE PA 147 101.02 -124.22 40.53
C PHE PA 147 101.16 -122.82 39.96
N LEU PA 148 100.03 -122.19 39.70
CA LEU PA 148 99.96 -120.80 39.26
C LEU PA 148 99.30 -119.98 40.36
N THR PA 149 99.92 -118.88 40.75
CA THR PA 149 99.33 -118.04 41.77
C THR PA 149 99.21 -116.61 41.29
N SER PA 150 98.30 -115.87 41.92
CA SER PA 150 98.14 -114.45 41.66
C SER PA 150 99.38 -113.66 42.00
N ARG PA 151 100.20 -114.17 42.92
CA ARG PA 151 101.50 -113.55 43.18
C ARG PA 151 102.34 -113.61 41.93
N GLY PA 152 103.19 -112.61 41.74
CA GLY PA 152 104.03 -112.58 40.56
C GLY PA 152 104.95 -111.38 40.57
N MET PA 153 105.85 -111.38 39.59
CA MET PA 153 106.83 -110.32 39.40
C MET PA 153 106.53 -109.58 38.11
N ILE PA 154 107.34 -108.55 37.84
CA ILE PA 154 107.21 -107.74 36.63
C ILE PA 154 108.57 -107.69 35.96
N SER PA 155 108.59 -107.98 34.67
CA SER PA 155 109.81 -108.02 33.89
C SER PA 155 109.84 -106.88 32.88
N ILE PA 156 111.00 -106.22 32.78
CA ILE PA 156 111.21 -105.14 31.83
C ILE PA 156 112.40 -105.51 30.95
N PRO PA 157 112.27 -105.44 29.63
CA PRO PA 157 113.41 -105.77 28.76
C PRO PA 157 114.59 -104.83 28.97
N ILE PA 158 115.77 -105.41 29.11
CA ILE PA 158 116.97 -104.61 29.35
C ILE PA 158 117.29 -103.75 28.14
N ASN PA 159 117.05 -104.28 26.93
CA ASN PA 159 117.24 -103.48 25.72
C ASN PA 159 116.29 -102.30 25.68
N ASP PA 160 115.03 -102.51 26.06
CA ASP PA 160 114.06 -101.42 26.06
C ASP PA 160 114.44 -100.34 27.07
N LEU PA 161 114.85 -100.75 28.28
CA LEU PA 161 115.22 -99.75 29.27
C LEU PA 161 116.51 -99.01 28.88
N ALA PA 162 117.45 -99.72 28.26
CA ALA PA 162 118.65 -99.05 27.76
C ALA PA 162 118.30 -98.05 26.67
N ARG PA 163 117.36 -98.40 25.78
CA ARG PA 163 116.92 -97.45 24.77
C ARG PA 163 116.26 -96.24 25.39
N THR PA 164 115.43 -96.45 26.42
CA THR PA 164 114.65 -95.33 26.95
C THR PA 164 115.45 -94.43 27.88
N MET PA 165 116.50 -94.94 28.53
CA MET PA 165 117.27 -94.04 29.39
C MET PA 165 118.08 -93.03 28.59
N GLY PA 166 118.35 -93.31 27.32
CA GLY PA 166 119.20 -92.44 26.52
C GLY PA 166 120.64 -92.38 26.98
N ILE PA 167 121.17 -93.51 27.45
CA ILE PA 167 122.56 -93.61 27.89
C ILE PA 167 123.22 -94.71 27.08
N THR PA 168 124.30 -94.38 26.38
CA THR PA 168 125.03 -95.36 25.61
C THR PA 168 126.19 -95.98 26.38
N GLY PA 169 126.80 -95.21 27.29
CA GLY PA 169 127.94 -95.70 28.04
C GLY PA 169 127.58 -96.56 29.22
N THR PA 170 128.18 -96.25 30.37
CA THR PA 170 127.96 -97.06 31.57
C THR PA 170 126.51 -96.98 32.02
N ILE PA 171 125.94 -98.14 32.32
CA ILE PA 171 124.57 -98.25 32.81
C ILE PA 171 124.61 -98.82 34.21
N ASP PA 172 124.12 -98.06 35.18
CA ASP PA 172 124.07 -98.50 36.57
C ASP PA 172 122.79 -99.30 36.75
N GLN PA 173 122.92 -100.62 36.59
CA GLN PA 173 121.74 -101.49 36.66
C GLN PA 173 121.07 -101.40 38.03
N SER PA 174 121.85 -101.42 39.10
CA SER PA 174 121.28 -101.34 40.44
C SER PA 174 120.55 -100.02 40.64
N ALA PA 175 121.16 -98.91 40.22
CA ALA PA 175 120.54 -97.61 40.42
C ALA PA 175 119.26 -97.46 39.61
N ILE PA 176 119.27 -97.88 38.35
CA ILE PA 176 118.07 -97.75 37.54
C ILE PA 176 116.97 -98.67 38.06
N THR PA 177 117.35 -99.86 38.54
CA THR PA 177 116.37 -100.76 39.12
C THR PA 177 115.75 -100.15 40.38
N GLU PA 178 116.58 -99.55 41.23
CA GLU PA 178 116.04 -98.91 42.43
C GLU PA 178 115.11 -97.76 42.07
N GLU PA 179 115.51 -96.95 41.09
CA GLU PA 179 114.67 -95.83 40.69
C GLU PA 179 113.32 -96.31 40.17
N ILE PA 180 113.34 -97.30 39.28
CA ILE PA 180 112.08 -97.76 38.69
C ILE PA 180 111.22 -98.45 39.72
N LEU PA 181 111.82 -99.19 40.65
CA LEU PA 181 110.99 -99.83 41.68
C LEU PA 181 110.43 -98.80 42.63
N ARG PA 182 111.16 -97.72 42.91
CA ARG PA 182 110.60 -96.65 43.71
C ARG PA 182 109.45 -95.97 43.00
N LYS PA 183 109.58 -95.75 41.69
CA LYS PA 183 108.46 -95.22 40.92
C LYS PA 183 107.27 -96.14 41.00
N PHE PA 184 107.52 -97.45 40.88
CA PHE PA 184 106.48 -98.45 41.02
C PHE PA 184 105.80 -98.36 42.37
N ASN PA 185 106.58 -98.20 43.43
CA ASN PA 185 106.04 -98.13 44.77
C ASN PA 185 105.18 -96.90 44.96
N GLN PA 186 105.65 -95.75 44.49
CA GLN PA 186 105.00 -94.50 44.79
C GLN PA 186 103.93 -94.11 43.78
N PHE PA 187 103.77 -94.88 42.71
CA PHE PA 187 102.70 -94.59 41.77
C PHE PA 187 101.82 -95.80 41.46
N VAL PA 188 102.43 -96.99 41.42
CA VAL PA 188 101.73 -98.17 40.95
C VAL PA 188 101.36 -99.13 42.08
N LYS PA 189 102.13 -99.18 43.16
CA LYS PA 189 101.85 -100.09 44.26
C LYS PA 189 100.44 -99.98 44.81
N PRO PA 190 99.86 -98.79 45.03
CA PRO PA 190 98.50 -98.74 45.59
C PRO PA 190 97.47 -99.45 44.74
N LEU PA 191 97.69 -99.54 43.42
CA LEU PA 191 96.77 -100.28 42.56
C LEU PA 191 96.87 -101.78 42.77
N LEU PA 192 97.92 -102.26 43.44
CA LEU PA 192 98.12 -103.70 43.57
C LEU PA 192 97.14 -104.34 44.53
N PRO PA 193 97.06 -103.94 45.80
CA PRO PA 193 96.24 -104.69 46.76
C PRO PA 193 94.77 -104.63 46.38
N LEU PA 194 94.04 -105.68 46.74
CA LEU PA 194 94.54 -106.79 47.56
C LEU PA 194 95.00 -107.96 46.72
N HIS PA 195 94.26 -108.24 45.64
CA HIS PA 195 94.49 -109.46 44.87
C HIS PA 195 95.89 -109.49 44.29
N ILE PA 196 96.34 -108.39 43.70
CA ILE PA 196 97.64 -108.36 43.04
C ILE PA 196 98.73 -108.37 44.10
N VAL PA 197 99.68 -109.28 43.96
CA VAL PA 197 100.81 -109.39 44.87
C VAL PA 197 102.09 -109.22 44.07
N PHE PA 198 102.93 -108.29 44.50
CA PHE PA 198 104.22 -108.02 43.87
C PHE PA 198 105.31 -108.53 44.79
N ASP PA 199 106.15 -109.41 44.28
CA ASP PA 199 107.15 -110.09 45.10
C ASP PA 199 108.57 -109.92 44.55
N GLY PA 200 108.77 -108.96 43.66
CA GLY PA 200 110.08 -108.71 43.10
C GLY PA 200 109.96 -108.16 41.69
N LEU PA 201 111.00 -107.44 41.27
CA LEU PA 201 111.06 -106.81 39.96
C LEU PA 201 112.28 -107.33 39.22
N THR PA 202 112.13 -107.61 37.93
CA THR PA 202 113.20 -108.26 37.19
C THR PA 202 113.32 -107.65 35.79
N LEU PA 203 114.52 -107.81 35.22
CA LEU PA 203 114.83 -107.31 33.89
C LEU PA 203 115.23 -108.48 33.00
N TYR PA 204 114.66 -108.52 31.80
CA TYR PA 204 114.91 -109.66 30.91
C TYR PA 204 116.37 -109.72 30.51
N SER QA 2 73.14 -41.00 12.07
CA SER QA 2 71.92 -41.37 12.82
C SER QA 2 71.64 -40.37 13.93
N GLN QA 3 70.56 -40.64 14.71
CA GLN QA 3 70.16 -39.80 15.83
C GLN QA 3 71.12 -39.92 17.01
N TYR QA 4 71.96 -40.94 17.02
CA TYR QA 4 72.91 -41.16 18.10
C TYR QA 4 74.15 -40.27 17.97
N SER QA 5 74.51 -39.89 16.74
CA SER QA 5 75.67 -39.04 16.52
C SER QA 5 75.32 -37.59 16.80
N ILE QA 6 76.29 -36.88 17.40
CA ILE QA 6 76.19 -35.44 17.63
C ILE QA 6 77.48 -34.81 17.13
N GLN QA 7 77.36 -33.76 16.32
CA GLN QA 7 78.50 -33.10 15.74
C GLN QA 7 78.88 -31.86 16.55
N GLN QA 8 79.86 -31.12 16.04
CA GLN QA 8 80.26 -29.84 16.63
C GLN QA 8 80.10 -28.69 15.65
N SER QA 9 80.56 -28.86 14.42
CA SER QA 9 80.40 -27.88 13.36
C SER QA 9 79.54 -28.49 12.26
N LEU QA 10 78.82 -27.64 11.54
CA LEU QA 10 77.96 -28.10 10.46
C LEU QA 10 78.59 -27.77 9.12
N GLY QA 11 78.83 -28.81 8.32
CA GLY QA 11 79.21 -28.66 6.94
C GLY QA 11 78.15 -29.26 6.04
N ASN QA 12 78.46 -30.39 5.40
CA ASN QA 12 77.50 -31.07 4.54
C ASN QA 12 76.72 -32.17 5.24
N ALA QA 13 77.31 -32.86 6.22
CA ALA QA 13 76.56 -33.85 6.96
C ALA QA 13 75.48 -33.21 7.81
N SER QA 14 74.36 -33.91 7.95
CA SER QA 14 73.20 -33.44 8.68
C SER QA 14 73.11 -34.17 10.01
N GLY QA 15 73.15 -33.43 11.11
CA GLY QA 15 73.06 -34.00 12.44
C GLY QA 15 72.72 -32.90 13.44
N VAL QA 16 72.43 -33.33 14.66
CA VAL QA 16 72.10 -32.42 15.76
C VAL QA 16 73.30 -32.30 16.68
N ALA QA 17 73.76 -31.08 16.90
CA ALA QA 17 74.93 -30.80 17.72
C ALA QA 17 74.50 -30.30 19.09
N VAL QA 18 75.42 -30.41 20.06
CA VAL QA 18 75.20 -29.91 21.41
C VAL QA 18 76.46 -29.19 21.88
N SER QA 19 76.33 -28.49 23.00
CA SER QA 19 77.46 -27.73 23.54
C SER QA 19 78.57 -28.68 24.01
N PRO QA 20 79.83 -28.33 23.76
CA PRO QA 20 80.94 -29.19 24.23
C PRO QA 20 81.11 -29.12 25.73
N ILE QA 21 81.99 -29.98 26.23
CA ILE QA 21 82.34 -30.04 27.65
C ILE QA 21 83.55 -29.12 27.84
N ASN QA 22 83.32 -27.93 28.39
CA ASN QA 22 84.35 -26.92 28.58
C ASN QA 22 84.34 -26.45 30.03
N ALA QA 23 85.04 -25.35 30.29
CA ALA QA 23 85.07 -24.75 31.62
C ALA QA 23 84.10 -23.58 31.79
N ASP QA 24 83.85 -22.80 30.74
CA ASP QA 24 83.00 -21.62 30.82
C ASP QA 24 82.07 -21.55 29.61
N ALA QA 25 80.93 -20.89 29.81
CA ALA QA 25 79.94 -20.68 28.74
C ALA QA 25 79.02 -19.53 29.10
N THR QA 26 78.45 -18.88 28.08
CA THR QA 26 77.57 -17.75 28.26
C THR QA 26 76.33 -17.92 27.39
N LEU QA 27 75.33 -17.07 27.62
CA LEU QA 27 74.11 -17.10 26.84
C LEU QA 27 73.50 -15.70 26.78
N SER QA 28 72.75 -15.45 25.71
CA SER QA 28 71.99 -14.21 25.56
C SER QA 28 70.87 -14.41 24.54
N THR QA 29 69.63 -14.32 24.98
CA THR QA 29 68.48 -14.54 24.10
C THR QA 29 67.39 -13.52 24.41
N GLY QA 30 66.73 -13.05 23.38
CA GLY QA 30 65.66 -12.08 23.56
C GLY QA 30 65.19 -11.54 22.23
N VAL QA 31 64.16 -10.70 22.31
CA VAL QA 31 63.56 -10.05 21.16
C VAL QA 31 63.54 -8.54 21.42
N ALA QA 32 63.63 -7.77 20.35
CA ALA QA 32 63.70 -6.32 20.47
C ALA QA 32 62.40 -5.74 21.05
N LEU QA 33 62.53 -4.58 21.69
CA LEU QA 33 61.40 -3.91 22.35
C LEU QA 33 60.60 -3.05 21.38
N ASN QA 34 61.25 -2.08 20.74
CA ASN QA 34 60.57 -1.13 19.84
C ASN QA 34 59.49 -0.35 20.57
N SER QA 35 59.69 -0.10 21.87
CA SER QA 35 58.75 0.64 22.69
C SER QA 35 59.36 1.89 23.30
N SER QA 36 60.47 1.77 24.01
CA SER QA 36 61.16 2.92 24.60
C SER QA 36 62.61 2.53 24.83
N LEU QA 37 63.53 3.38 24.42
CA LEU QA 37 64.93 3.02 24.41
C LEU QA 37 65.76 4.00 25.23
N TRP QA 38 66.96 3.53 25.57
CA TRP QA 38 67.94 4.29 26.32
C TRP QA 38 69.27 4.25 25.59
N ALA QA 39 70.10 5.25 25.89
CA ALA QA 39 71.43 5.35 25.32
C ALA QA 39 72.42 5.74 26.40
N GLY QA 40 73.67 5.32 26.22
CA GLY QA 40 74.72 5.68 27.15
C GLY QA 40 76.06 5.16 26.66
N ILE QA 41 77.13 5.82 27.12
CA ILE QA 41 78.50 5.46 26.80
C ILE QA 41 79.05 4.52 27.85
N GLY QA 42 79.71 3.46 27.39
CA GLY QA 42 80.34 2.52 28.30
C GLY QA 42 81.54 1.88 27.64
N VAL QA 43 82.37 1.25 28.49
CA VAL QA 43 83.53 0.49 28.04
C VAL QA 43 83.29 -0.96 28.40
N PHE QA 44 83.44 -1.84 27.42
CA PHE QA 44 83.11 -3.24 27.59
C PHE QA 44 84.13 -4.09 26.86
N ALA QA 45 83.84 -5.37 26.77
CA ALA QA 45 84.61 -6.30 25.96
C ALA QA 45 84.02 -6.34 24.56
N ARG QA 46 84.89 -6.51 23.58
CA ARG QA 46 84.48 -6.65 22.19
C ARG QA 46 83.71 -5.42 21.71
N GLY QA 47 83.19 -5.48 20.50
CA GLY QA 47 82.46 -4.35 19.95
C GLY QA 47 83.39 -3.30 19.39
N LYS QA 48 82.96 -2.63 18.33
CA LYS QA 48 83.79 -1.63 17.70
C LYS QA 48 83.89 -0.40 18.59
N PRO QA 49 85.09 0.18 18.74
CA PRO QA 49 85.21 1.41 19.52
C PRO QA 49 84.53 2.57 18.81
N PHE QA 50 84.08 3.54 19.61
CA PHE QA 50 83.41 4.74 19.09
C PHE QA 50 82.24 4.34 18.19
N THR QA 51 81.48 3.34 18.62
CA THR QA 51 80.45 2.75 17.80
C THR QA 51 79.19 2.51 18.62
N VAL QA 52 78.05 2.79 18.00
CA VAL QA 52 76.75 2.50 18.60
C VAL QA 52 76.38 1.05 18.35
N LEU QA 53 75.67 0.47 19.30
CA LEU QA 53 75.27 -0.93 19.23
C LEU QA 53 73.89 -1.07 19.84
N ALA QA 54 72.93 -1.49 19.01
CA ALA QA 54 71.57 -1.79 19.46
C ALA QA 54 71.61 -3.09 20.24
N VAL QA 55 71.73 -3.00 21.55
CA VAL QA 55 71.92 -4.16 22.40
C VAL QA 55 70.57 -4.64 22.89
N THR QA 56 70.35 -5.96 22.80
CA THR QA 56 69.14 -6.58 23.31
C THR QA 56 69.50 -7.74 24.22
N GLU QA 57 68.48 -8.49 24.66
CA GLU QA 57 68.72 -9.65 25.49
C GLU QA 57 69.42 -10.76 24.73
N SER QA 58 69.44 -10.69 23.40
CA SER QA 58 70.03 -11.72 22.57
C SER QA 58 71.53 -11.51 22.34
N ASN QA 59 71.99 -10.26 22.42
CA ASN QA 59 73.39 -9.95 22.13
C ASN QA 59 74.09 -9.34 23.33
N TYR QA 60 73.41 -9.18 24.46
CA TYR QA 60 73.99 -8.47 25.59
C TYR QA 60 75.25 -9.18 26.07
N GLU QA 61 75.22 -10.50 26.16
CA GLU QA 61 76.37 -11.24 26.67
C GLU QA 61 77.33 -11.65 25.57
N ASP QA 62 76.91 -11.56 24.31
CA ASP QA 62 77.69 -12.11 23.22
C ASP QA 62 78.63 -11.06 22.62
N VAL QA 63 78.07 -10.01 22.04
CA VAL QA 63 78.89 -9.02 21.37
C VAL QA 63 79.51 -8.04 22.35
N LEU QA 64 79.01 -7.97 23.58
CA LEU QA 64 79.63 -7.15 24.60
C LEU QA 64 80.64 -7.93 25.43
N GLY QA 65 80.83 -9.21 25.15
CA GLY QA 65 81.75 -10.01 25.91
C GLY QA 65 81.23 -10.28 27.31
N GLU QA 66 82.02 -11.03 28.06
CA GLU QA 66 81.67 -11.36 29.43
C GLU QA 66 81.91 -10.17 30.35
N PRO QA 67 81.24 -10.12 31.49
CA PRO QA 67 81.54 -9.06 32.47
C PRO QA 67 82.97 -9.14 32.95
N LEU QA 68 83.57 -7.97 33.15
CA LEU QA 68 84.94 -7.86 33.62
C LEU QA 68 84.99 -7.85 35.14
N LYS QA 69 86.19 -7.99 35.68
CA LYS QA 69 86.37 -8.01 37.12
C LYS QA 69 86.15 -6.62 37.69
N PRO QA 70 85.30 -6.46 38.72
CA PRO QA 70 85.12 -5.12 39.30
C PRO QA 70 86.41 -4.51 39.82
N SER QA 71 87.27 -5.32 40.42
CA SER QA 71 88.57 -4.82 40.85
C SER QA 71 89.50 -4.55 39.68
N SER QA 72 89.13 -5.00 38.48
CA SER QA 72 89.88 -4.67 37.28
C SER QA 72 89.40 -3.33 36.74
N GLY QA 73 89.84 -2.28 37.42
CA GLY QA 73 89.55 -0.93 37.00
C GLY QA 73 88.13 -0.54 37.33
N SER QA 74 87.81 0.69 36.93
CA SER QA 74 86.50 1.28 37.18
C SER QA 74 85.51 1.00 36.04
N GLN QA 75 85.77 -0.05 35.28
CA GLN QA 75 84.94 -0.39 34.12
C GLN QA 75 83.79 -1.31 34.48
N PHE QA 76 83.62 -1.62 35.75
CA PHE QA 76 82.55 -2.51 36.18
C PHE QA 76 81.20 -1.81 36.35
N GLU QA 77 81.18 -0.50 36.58
CA GLU QA 77 79.91 0.21 36.62
C GLU QA 77 79.09 0.02 35.35
N PRO QA 78 79.63 0.22 34.15
CA PRO QA 78 78.81 0.01 32.95
C PRO QA 78 78.33 -1.42 32.79
N ILE QA 79 79.17 -2.41 33.14
CA ILE QA 79 78.75 -3.79 32.94
C ILE QA 79 77.65 -4.15 33.92
N ARG QA 80 77.75 -3.69 35.16
CA ARG QA 80 76.66 -3.91 36.10
C ARG QA 80 75.39 -3.23 35.63
N HIS QA 81 75.50 -1.99 35.14
CA HIS QA 81 74.32 -1.27 34.68
C HIS QA 81 73.64 -1.99 33.53
N VAL QA 82 74.42 -2.45 32.55
CA VAL QA 82 73.82 -3.13 31.43
C VAL QA 82 73.25 -4.47 31.86
N TYR QA 83 73.92 -5.15 32.79
CA TYR QA 83 73.41 -6.42 33.27
C TYR QA 83 72.05 -6.25 33.94
N GLU QA 84 71.92 -5.23 34.78
CA GLU QA 84 70.66 -4.98 35.46
C GLU QA 84 69.59 -4.43 34.53
N ALA QA 85 69.98 -3.76 33.45
CA ALA QA 85 68.97 -3.13 32.60
C ALA QA 85 68.48 -4.04 31.48
N ILE QA 86 69.37 -4.82 30.88
CA ILE QA 86 68.98 -5.59 29.70
C ILE QA 86 68.00 -6.69 30.04
N GLN QA 87 67.95 -7.11 31.30
CA GLN QA 87 67.04 -8.18 31.69
C GLN QA 87 65.59 -7.79 31.44
N GLN QA 88 65.32 -6.50 31.29
CA GLN QA 88 63.96 -6.02 31.11
C GLN QA 88 63.83 -5.11 29.88
N THR QA 89 64.88 -4.37 29.54
CA THR QA 89 64.81 -3.42 28.43
C THR QA 89 66.07 -3.47 27.60
N SER QA 90 65.92 -3.13 26.32
CA SER QA 90 67.03 -3.05 25.39
C SER QA 90 67.48 -1.61 25.24
N GLY QA 91 68.63 -1.42 24.59
CA GLY QA 91 69.17 -0.09 24.42
C GLY QA 91 70.02 0.10 23.19
N TYR QA 92 70.67 1.26 23.10
CA TYR QA 92 71.49 1.65 21.96
C TYR QA 92 72.88 2.06 22.44
N VAL QA 93 73.51 1.18 23.22
CA VAL QA 93 74.69 1.58 23.97
C VAL QA 93 75.84 1.87 23.03
N VAL QA 94 76.60 2.91 23.36
CA VAL QA 94 77.75 3.32 22.56
C VAL QA 94 79.01 2.98 23.33
N ARG QA 95 80.02 2.48 22.62
CA ARG QA 95 81.27 2.07 23.24
C ARG QA 95 82.46 2.66 22.51
N ALA QA 96 83.44 3.12 23.28
CA ALA QA 96 84.69 3.64 22.74
C ALA QA 96 85.81 3.27 23.70
N VAL QA 97 87.03 3.26 23.17
CA VAL QA 97 88.22 2.93 23.96
C VAL QA 97 89.30 3.95 23.63
N PRO QA 98 90.27 4.12 24.53
CA PRO QA 98 91.40 5.00 24.22
C PRO QA 98 92.24 4.47 23.07
N ASP QA 99 93.07 5.36 22.53
CA ASP QA 99 93.90 5.04 21.37
C ASP QA 99 94.91 3.93 21.64
N ASP QA 100 95.18 3.64 22.91
CA ASP QA 100 96.16 2.63 23.26
C ASP QA 100 95.78 1.25 22.74
N ALA QA 101 94.49 0.99 22.55
CA ALA QA 101 94.07 -0.30 22.03
C ALA QA 101 94.45 -0.44 20.56
N LYS QA 102 94.83 -1.65 20.18
CA LYS QA 102 95.21 -1.95 18.81
C LYS QA 102 94.57 -3.28 18.39
N PHE QA 103 94.17 -3.34 17.18
CA PHE QA 103 93.60 -4.55 16.61
C PHE QA 103 94.62 -5.23 15.68
N PRO QA 104 94.60 -6.55 15.62
CA PRO QA 104 95.54 -7.27 14.76
C PRO QA 104 95.01 -7.53 13.36
N ILE QA 105 95.94 -7.93 12.50
CA ILE QA 105 95.74 -8.11 11.07
C ILE QA 105 96.75 -9.13 10.57
N ILE QA 106 96.34 -9.94 9.59
CA ILE QA 106 97.22 -10.89 8.94
C ILE QA 106 97.21 -10.61 7.44
N MET QA 107 98.40 -10.49 6.86
CA MET QA 107 98.60 -10.18 5.46
C MET QA 107 99.00 -11.44 4.71
N PHE QA 108 98.36 -11.67 3.57
CA PHE QA 108 98.78 -12.71 2.64
C PHE QA 108 99.39 -12.05 1.42
N ASP QA 109 100.64 -12.39 1.14
CA ASP QA 109 101.35 -11.81 0.01
C ASP QA 109 100.92 -12.51 -1.27
N GLU QA 110 101.63 -12.24 -2.37
CA GLU QA 110 101.27 -12.82 -3.66
C GLU QA 110 101.28 -14.34 -3.58
N SER QA 111 102.33 -14.92 -2.99
CA SER QA 111 102.38 -16.36 -2.79
C SER QA 111 101.41 -16.82 -1.72
N GLY QA 112 100.78 -15.90 -0.99
CA GLY QA 112 99.89 -16.25 0.10
C GLY QA 112 100.56 -16.41 1.44
N GLU QA 113 101.84 -16.04 1.55
CA GLU QA 113 102.51 -16.15 2.84
C GLU QA 113 101.88 -15.17 3.84
N PRO QA 114 101.77 -15.56 5.10
CA PRO QA 114 101.18 -14.69 6.12
C PRO QA 114 102.20 -13.86 6.87
N ALA QA 115 101.74 -12.68 7.29
CA ALA QA 115 102.52 -11.79 8.13
C ALA QA 115 101.57 -11.15 9.15
N TYR QA 116 101.98 -11.14 10.41
CA TYR QA 116 101.13 -10.64 11.48
C TYR QA 116 101.49 -9.21 11.81
N SER QA 117 100.47 -8.39 12.11
CA SER QA 117 100.70 -7.00 12.48
C SER QA 117 99.57 -6.54 13.38
N ALA QA 118 99.79 -5.41 14.05
CA ALA QA 118 98.77 -4.80 14.89
C ALA QA 118 98.80 -3.29 14.70
N LEU QA 119 97.62 -2.69 14.61
CA LEU QA 119 97.51 -1.27 14.38
C LEU QA 119 96.51 -0.64 15.34
N PRO QA 120 96.71 0.62 15.73
CA PRO QA 120 95.73 1.27 16.59
C PRO QA 120 94.36 1.34 15.92
N TYR QA 121 93.32 1.21 16.73
CA TYR QA 121 91.97 1.24 16.20
C TYR QA 121 91.69 2.57 15.51
N GLY QA 122 91.08 2.50 14.33
CA GLY QA 122 90.83 3.65 13.51
C GLY QA 122 91.88 3.89 12.44
N SER QA 123 93.09 3.37 12.65
CA SER QA 123 94.12 3.50 11.64
C SER QA 123 93.76 2.67 10.41
N GLU QA 124 94.03 3.22 9.23
CA GLU QA 124 93.73 2.57 7.98
C GLU QA 124 95.00 1.97 7.38
N ILE QA 125 94.93 0.70 7.01
CA ILE QA 125 96.07 0.00 6.42
C ILE QA 125 96.04 0.18 4.92
N GLU QA 126 97.21 0.35 4.32
CA GLU QA 126 97.35 0.50 2.88
C GLU QA 126 98.27 -0.59 2.34
N LEU QA 127 98.09 -0.93 1.07
CA LEU QA 127 98.85 -1.98 0.41
C LEU QA 127 99.78 -1.35 -0.62
N ASP QA 128 101.08 -1.56 -0.43
CA ASP QA 128 102.10 -1.11 -1.36
C ASP QA 128 102.29 -2.12 -2.48
N SER QA 129 103.41 -2.03 -3.20
CA SER QA 129 103.73 -2.99 -4.25
C SER QA 129 103.64 -4.43 -3.74
N GLY QA 130 104.23 -4.70 -2.59
CA GLY QA 130 104.08 -5.99 -1.94
C GLY QA 130 102.77 -6.03 -1.18
N GLU QA 131 102.69 -6.96 -0.22
CA GLU QA 131 101.52 -7.09 0.63
C GLU QA 131 100.24 -7.19 -0.21
N ALA QA 132 100.14 -8.34 -0.90
CA ALA QA 132 99.09 -8.54 -1.90
C ALA QA 132 97.71 -8.22 -1.32
N PHE QA 133 97.39 -8.76 -0.15
CA PHE QA 133 96.15 -8.39 0.51
C PHE QA 133 96.28 -8.68 2.00
N ALA QA 134 95.34 -8.17 2.78
CA ALA QA 134 95.39 -8.37 4.22
C ALA QA 134 93.98 -8.39 4.78
N ILE QA 135 93.86 -9.01 5.96
CA ILE QA 135 92.57 -9.11 6.66
C ILE QA 135 92.81 -8.77 8.12
N TYR QA 136 92.07 -7.80 8.62
CA TYR QA 136 92.21 -7.30 9.98
C TYR QA 136 90.92 -7.54 10.74
N VAL QA 137 91.05 -7.81 12.03
CA VAL QA 137 89.88 -8.07 12.85
C VAL QA 137 89.36 -6.74 13.38
N ASP QA 138 88.03 -6.64 13.51
CA ASP QA 138 87.39 -5.39 13.85
C ASP QA 138 86.44 -5.50 15.04
N ASP QA 139 86.17 -6.70 15.54
CA ASP QA 139 85.24 -6.87 16.64
C ASP QA 139 85.75 -6.25 17.94
N GLY QA 140 87.03 -5.89 18.02
CA GLY QA 140 87.61 -5.32 19.21
C GLY QA 140 88.30 -6.31 20.12
N ASP QA 141 88.10 -7.60 19.93
CA ASP QA 141 88.78 -8.58 20.76
C ASP QA 141 90.27 -8.59 20.45
N PRO QA 142 91.14 -8.58 21.46
CA PRO QA 142 92.58 -8.65 21.19
C PRO QA 142 93.02 -10.04 20.77
N CYS QA 143 92.06 -10.92 20.46
CA CYS QA 143 92.33 -12.28 20.02
C CYS QA 143 93.17 -13.03 21.06
N ILE QA 144 92.83 -12.84 22.33
CA ILE QA 144 93.54 -13.49 23.42
C ILE QA 144 92.64 -14.39 24.25
N SER QA 145 91.34 -14.12 24.30
CA SER QA 145 90.42 -14.96 25.09
C SER QA 145 89.01 -14.82 24.54
N PRO QA 146 88.60 -15.67 23.60
CA PRO QA 146 89.38 -16.75 22.96
C PRO QA 146 90.24 -16.22 21.82
N THR QA 147 90.72 -17.10 20.95
CA THR QA 147 91.56 -16.73 19.82
C THR QA 147 90.83 -17.03 18.52
N ARG QA 148 91.15 -16.26 17.48
CA ARG QA 148 90.52 -16.40 16.18
C ARG QA 148 91.45 -17.15 15.24
N GLU QA 149 90.94 -18.24 14.66
CA GLU QA 149 91.71 -19.06 13.73
C GLU QA 149 90.95 -19.24 12.43
N LEU QA 150 91.70 -19.40 11.36
CA LEU QA 150 91.14 -19.52 10.03
C LEU QA 150 91.76 -20.72 9.32
N THR QA 151 90.93 -21.47 8.62
CA THR QA 151 91.40 -22.61 7.84
C THR QA 151 90.90 -22.45 6.40
N ILE QA 152 91.83 -22.44 5.44
CA ILE QA 152 91.52 -22.15 4.05
C ILE QA 152 92.02 -23.30 3.19
N GLU QA 153 91.18 -23.74 2.26
CA GLU QA 153 91.58 -24.73 1.27
C GLU QA 153 90.69 -24.54 0.04
N THR QA 154 90.90 -25.38 -0.96
CA THR QA 154 90.16 -25.25 -2.21
C THR QA 154 88.73 -25.76 -2.05
N ALA QA 155 87.94 -25.63 -3.11
CA ALA QA 155 86.56 -26.12 -3.12
C ALA QA 155 86.14 -26.27 -4.58
N THR QA 156 84.88 -26.65 -4.77
CA THR QA 156 84.34 -26.79 -6.12
C THR QA 156 84.24 -25.42 -6.80
N ALA QA 157 84.32 -25.44 -8.12
CA ALA QA 157 84.30 -24.20 -8.89
C ALA QA 157 82.86 -23.71 -9.08
N ASP QA 158 82.74 -22.52 -9.66
CA ASP QA 158 81.43 -21.95 -9.95
C ASP QA 158 80.86 -22.51 -11.24
N SER QA 159 79.60 -22.13 -11.52
CA SER QA 159 78.97 -22.53 -12.78
C SER QA 159 79.72 -21.99 -13.99
N ALA QA 160 80.40 -20.87 -13.82
CA ALA QA 160 81.29 -20.34 -14.84
C ALA QA 160 82.65 -20.99 -14.83
N GLY QA 161 82.88 -21.95 -13.93
CA GLY QA 161 84.16 -22.61 -13.84
C GLY QA 161 85.20 -21.86 -13.06
N ASN QA 162 84.84 -20.75 -12.43
CA ASN QA 162 85.81 -19.96 -11.68
C ASN QA 162 86.27 -20.74 -10.46
N GLU QA 163 87.60 -20.81 -10.28
CA GLU QA 163 88.16 -21.54 -9.15
C GLU QA 163 87.72 -20.90 -7.84
N ARG QA 164 87.33 -21.74 -6.89
CA ARG QA 164 86.80 -21.28 -5.62
C ARG QA 164 87.48 -21.99 -4.47
N PHE QA 165 87.56 -21.31 -3.34
CA PHE QA 165 88.20 -21.85 -2.16
C PHE QA 165 87.30 -21.58 -0.96
N LEU QA 166 87.25 -22.55 -0.06
CA LEU QA 166 86.45 -22.44 1.14
C LEU QA 166 87.36 -22.09 2.32
N LEU QA 167 86.95 -21.12 3.12
CA LEU QA 167 87.64 -20.75 4.34
C LEU QA 167 86.64 -20.73 5.49
N LYS QA 168 87.07 -21.24 6.63
CA LYS QA 168 86.24 -21.28 7.83
C LYS QA 168 86.93 -20.56 8.97
N LEU QA 169 86.16 -19.75 9.68
CA LEU QA 169 86.62 -19.01 10.83
C LEU QA 169 86.12 -19.69 12.10
N THR QA 170 86.95 -19.66 13.14
CA THR QA 170 86.55 -20.26 14.40
C THR QA 170 87.21 -19.51 15.55
N GLN QA 171 86.61 -19.68 16.74
CA GLN QA 171 87.18 -19.20 17.98
C GLN QA 171 87.60 -20.40 18.82
N THR QA 172 88.82 -20.37 19.32
CA THR QA 172 89.38 -21.44 20.13
C THR QA 172 89.65 -20.90 21.52
N THR QA 173 89.11 -21.58 22.53
CA THR QA 173 89.28 -21.15 23.91
C THR QA 173 90.62 -21.66 24.46
N SER QA 174 90.91 -21.31 25.70
CA SER QA 174 92.15 -21.77 26.32
C SER QA 174 92.15 -23.28 26.49
N LEU QA 175 91.02 -23.86 26.86
CA LEU QA 175 90.92 -25.29 27.08
C LEU QA 175 90.92 -26.11 25.80
N GLY QA 176 90.77 -25.47 24.64
CA GLY QA 176 90.86 -26.16 23.37
C GLY QA 176 89.55 -26.32 22.63
N VAL QA 177 88.45 -25.80 23.17
CA VAL QA 177 87.18 -25.87 22.45
C VAL QA 177 87.23 -24.96 21.25
N VAL QA 178 86.89 -25.49 20.08
CA VAL QA 178 87.01 -24.81 18.80
C VAL QA 178 85.61 -24.69 18.23
N THR QA 179 85.02 -23.51 18.31
CA THR QA 179 83.67 -23.26 17.83
C THR QA 179 83.75 -22.39 16.59
N THR QA 180 83.24 -22.92 15.47
CA THR QA 180 83.29 -22.16 14.23
C THR QA 180 82.23 -21.06 14.24
N LEU QA 181 82.53 -19.98 13.52
CA LEU QA 181 81.62 -18.88 13.31
C LEU QA 181 81.05 -18.82 11.91
N GLU QA 182 81.88 -19.13 10.90
CA GLU QA 182 81.40 -19.12 9.52
C GLU QA 182 82.27 -20.08 8.72
N THR QA 183 81.73 -20.51 7.58
CA THR QA 183 82.46 -21.34 6.63
C THR QA 183 81.93 -21.01 5.25
N HIS QA 184 82.71 -20.29 4.45
CA HIS QA 184 82.22 -19.74 3.20
C HIS QA 184 83.17 -20.07 2.06
N THR QA 185 82.59 -20.29 0.88
CA THR QA 185 83.34 -20.53 -0.35
C THR QA 185 83.34 -19.25 -1.17
N VAL QA 186 84.52 -18.74 -1.47
CA VAL QA 186 84.68 -17.49 -2.19
C VAL QA 186 85.75 -17.67 -3.27
N SER QA 187 85.74 -16.75 -4.22
CA SER QA 187 86.65 -16.79 -5.34
C SER QA 187 87.22 -15.40 -5.60
N LEU QA 188 88.41 -15.38 -6.20
CA LEU QA 188 89.05 -14.11 -6.56
C LEU QA 188 88.29 -13.39 -7.66
N ALA QA 189 87.47 -14.10 -8.43
CA ALA QA 189 86.78 -13.47 -9.55
C ALA QA 189 85.87 -12.36 -9.08
N GLU QA 190 85.93 -11.22 -9.77
CA GLU QA 190 85.06 -10.10 -9.44
C GLU QA 190 83.59 -10.47 -9.63
N GLU QA 191 83.28 -11.18 -10.71
CA GLU QA 191 81.91 -11.57 -11.02
C GLU QA 191 81.64 -13.01 -10.61
N ALA QA 192 82.27 -13.48 -9.53
CA ALA QA 192 82.13 -14.87 -9.09
C ALA QA 192 80.74 -15.09 -8.52
N LYS QA 193 79.89 -15.79 -9.27
CA LYS QA 193 78.51 -16.04 -8.88
C LYS QA 193 78.31 -17.52 -8.61
N ASP QA 194 77.78 -17.84 -7.43
CA ASP QA 194 77.50 -19.22 -7.09
C ASP QA 194 76.28 -19.73 -7.84
N ASP QA 195 76.07 -21.05 -7.78
CA ASP QA 195 74.88 -21.63 -8.38
C ASP QA 195 73.61 -21.13 -7.71
N MET QA 196 73.69 -20.68 -6.46
CA MET QA 196 72.58 -19.97 -5.83
C MET QA 196 72.44 -18.54 -6.35
N GLY QA 197 73.41 -18.08 -7.14
CA GLY QA 197 73.56 -16.68 -7.46
C GLY QA 197 74.26 -15.89 -6.40
N ARG QA 198 74.75 -16.56 -5.35
CA ARG QA 198 75.50 -15.88 -4.32
C ARG QA 198 76.85 -15.41 -4.87
N LEU QA 199 77.16 -14.15 -4.63
CA LEU QA 199 78.43 -13.60 -5.08
C LEU QA 199 79.56 -14.18 -4.24
N CYS QA 200 80.63 -14.61 -4.91
CA CYS QA 200 81.80 -15.16 -4.23
C CYS QA 200 82.97 -14.20 -4.24
N TYR QA 201 82.75 -12.94 -4.60
CA TYR QA 201 83.84 -11.98 -4.61
C TYR QA 201 84.34 -11.73 -3.18
N LEU QA 202 85.65 -11.66 -3.04
CA LEU QA 202 86.25 -11.61 -1.71
C LEU QA 202 85.82 -10.39 -0.90
N PRO QA 203 85.97 -9.16 -1.38
CA PRO QA 203 85.65 -8.02 -0.50
C PRO QA 203 84.17 -7.91 -0.22
N THR QA 204 83.32 -8.16 -1.23
CA THR QA 204 81.89 -8.11 -1.00
C THR QA 204 81.46 -9.17 -0.01
N ALA QA 205 82.00 -10.38 -0.12
CA ALA QA 205 81.70 -11.42 0.85
C ALA QA 205 82.13 -11.00 2.25
N LEU QA 206 83.34 -10.43 2.37
CA LEU QA 206 83.82 -10.03 3.68
C LEU QA 206 82.93 -8.97 4.30
N GLU QA 207 82.52 -7.98 3.52
CA GLU QA 207 81.70 -6.91 4.08
C GLU QA 207 80.26 -7.37 4.34
N ALA QA 208 79.75 -8.33 3.58
CA ALA QA 208 78.35 -8.70 3.71
C ALA QA 208 78.14 -9.82 4.71
N ARG QA 209 78.74 -10.98 4.44
CA ARG QA 209 78.49 -12.14 5.29
C ARG QA 209 79.44 -12.19 6.48
N SER QA 210 80.72 -11.91 6.27
CA SER QA 210 81.65 -11.85 7.38
C SER QA 210 81.30 -10.67 8.28
N LYS QA 211 81.49 -10.87 9.59
CA LYS QA 211 81.10 -9.88 10.57
C LYS QA 211 82.21 -9.50 11.54
N TYR QA 212 83.34 -10.23 11.56
CA TYR QA 212 84.42 -9.93 12.49
C TYR QA 212 85.71 -9.51 11.79
N LEU QA 213 85.86 -9.80 10.51
CA LEU QA 213 87.09 -9.55 9.78
C LEU QA 213 86.79 -8.73 8.54
N ARG QA 214 87.69 -7.79 8.22
CA ARG QA 214 87.56 -6.98 7.03
C ARG QA 214 88.86 -7.04 6.24
N ALA QA 215 88.74 -7.13 4.92
CA ALA QA 215 89.87 -7.39 4.05
C ALA QA 215 90.10 -6.22 3.11
N VAL QA 216 91.37 -5.92 2.88
CA VAL QA 216 91.80 -4.95 1.88
C VAL QA 216 92.63 -5.68 0.84
N VAL QA 217 92.30 -5.46 -0.43
CA VAL QA 217 92.88 -6.20 -1.55
C VAL QA 217 93.34 -5.21 -2.61
N ASN QA 218 94.54 -5.44 -3.14
CA ASN QA 218 95.03 -4.63 -4.25
C ASN QA 218 94.25 -4.95 -5.52
N GLU QA 219 93.62 -3.93 -6.09
CA GLU QA 219 92.78 -4.14 -7.26
C GLU QA 219 93.61 -4.42 -8.51
N GLU QA 220 94.91 -4.14 -8.47
CA GLU QA 220 95.81 -4.43 -9.58
C GLU QA 220 96.52 -5.76 -9.44
N LEU QA 221 96.65 -6.28 -8.22
CA LEU QA 221 97.27 -7.57 -8.00
C LEU QA 221 96.26 -8.67 -7.69
N ILE QA 222 94.97 -8.34 -7.64
CA ILE QA 222 93.96 -9.36 -7.40
C ILE QA 222 93.92 -10.36 -8.54
N SER QA 223 94.10 -9.87 -9.77
CA SER QA 223 94.09 -10.77 -10.93
C SER QA 223 95.24 -11.76 -10.86
N THR QA 224 96.43 -11.29 -10.52
CA THR QA 224 97.61 -12.14 -10.45
C THR QA 224 97.71 -12.89 -9.13
N ALA QA 225 96.82 -12.62 -8.18
CA ALA QA 225 96.90 -13.28 -6.89
C ALA QA 225 96.51 -14.74 -7.01
N LYS QA 226 97.05 -15.54 -6.10
CA LYS QA 226 96.73 -16.96 -6.02
C LYS QA 226 96.23 -17.30 -4.63
N VAL QA 227 96.08 -18.59 -4.33
CA VAL QA 227 95.60 -19.04 -3.03
C VAL QA 227 96.55 -20.10 -2.49
N THR QA 228 96.49 -20.28 -1.17
CA THR QA 228 97.33 -21.26 -0.48
C THR QA 228 96.48 -21.99 0.55
N ASN QA 229 97.07 -23.01 1.16
CA ASN QA 229 96.41 -23.82 2.18
C ASN QA 229 97.01 -23.45 3.53
N LYS QA 230 96.25 -22.72 4.33
CA LYS QA 230 96.69 -22.28 5.65
C LYS QA 230 95.62 -22.68 6.66
N LYS QA 231 96.05 -23.26 7.77
CA LYS QA 231 95.14 -23.85 8.74
C LYS QA 231 95.35 -23.19 10.10
N SER QA 232 94.25 -22.74 10.71
CA SER QA 232 94.24 -22.23 12.07
C SER QA 232 95.27 -21.11 12.26
N LEU QA 233 95.04 -20.03 11.53
CA LEU QA 233 95.91 -18.86 11.59
C LEU QA 233 95.38 -17.91 12.66
N ALA QA 234 96.21 -17.65 13.67
CA ALA QA 234 95.81 -16.86 14.83
C ALA QA 234 96.37 -15.44 14.73
N PHE QA 235 95.54 -14.48 15.09
CA PHE QA 235 95.96 -13.08 15.13
C PHE QA 235 96.77 -12.80 16.38
N THR QA 236 97.83 -12.00 16.23
CA THR QA 236 98.70 -11.62 17.33
C THR QA 236 98.92 -10.12 17.31
N GLY QA 237 99.25 -9.57 18.47
CA GLY QA 237 99.50 -8.15 18.62
C GLY QA 237 98.29 -7.35 19.03
N GLY QA 238 97.10 -7.95 19.03
CA GLY QA 238 95.93 -7.24 19.49
C GLY QA 238 96.04 -6.91 20.97
N THR QA 239 95.49 -5.76 21.35
CA THR QA 239 95.56 -5.27 22.72
C THR QA 239 94.35 -4.40 22.99
N ASN QA 240 93.69 -4.62 24.12
CA ASN QA 240 92.56 -3.79 24.51
C ASN QA 240 92.99 -2.46 25.09
N GLY QA 241 94.25 -2.31 25.48
CA GLY QA 241 94.71 -1.06 26.06
C GLY QA 241 94.20 -0.87 27.48
N ASP QA 242 94.43 0.34 27.98
CA ASP QA 242 93.99 0.74 29.32
C ASP QA 242 92.65 1.45 29.23
N GLN QA 243 91.72 1.05 30.10
CA GLN QA 243 90.40 1.64 30.13
C GLN QA 243 90.11 2.40 31.42
N SER QA 244 90.99 2.31 32.43
CA SER QA 244 90.78 3.04 33.66
C SER QA 244 90.79 4.55 33.42
N LYS QA 245 91.71 5.02 32.59
CA LYS QA 245 91.80 6.42 32.23
C LYS QA 245 91.33 6.57 30.79
N ILE QA 246 90.34 7.43 30.58
CA ILE QA 246 89.78 7.68 29.25
C ILE QA 246 89.87 9.17 28.99
N SER QA 247 90.37 9.53 27.80
CA SER QA 247 90.58 10.92 27.47
C SER QA 247 89.25 11.66 27.35
N THR QA 248 89.26 12.93 27.77
CA THR QA 248 88.11 13.79 27.53
C THR QA 248 87.86 13.95 26.05
N ALA QA 249 88.91 13.84 25.22
CA ALA QA 249 88.71 13.86 23.78
C ALA QA 249 87.88 12.67 23.32
N ALA QA 250 88.19 11.48 23.84
CA ALA QA 250 87.35 10.32 23.52
C ALA QA 250 85.95 10.52 24.07
N TYR QA 251 85.83 11.11 25.26
CA TYR QA 251 84.53 11.39 25.84
C TYR QA 251 83.69 12.26 24.92
N LEU QA 252 84.28 13.36 24.44
CA LEU QA 252 83.55 14.28 23.59
C LEU QA 252 83.28 13.68 22.21
N ARG QA 253 84.19 12.86 21.70
CA ARG QA 253 83.92 12.17 20.44
C ARG QA 253 82.72 11.25 20.60
N ALA QA 254 82.65 10.51 21.70
CA ALA QA 254 81.49 9.67 21.97
C ALA QA 254 80.23 10.51 22.10
N VAL QA 255 80.35 11.65 22.77
CA VAL QA 255 79.21 12.54 22.95
C VAL QA 255 78.66 12.97 21.59
N LYS QA 256 79.54 13.44 20.72
CA LYS QA 256 79.08 13.98 19.44
C LYS QA 256 78.58 12.88 18.51
N VAL QA 257 79.20 11.70 18.53
CA VAL QA 257 78.67 10.64 17.69
C VAL QA 257 77.32 10.16 18.20
N LEU QA 258 77.13 10.13 19.53
CA LEU QA 258 75.82 9.80 20.06
C LEU QA 258 74.80 10.84 19.65
N ASN QA 259 75.20 12.12 19.66
CA ASN QA 259 74.32 13.17 19.19
C ASN QA 259 73.94 12.95 17.74
N ASN QA 260 74.91 12.65 16.89
CA ASN QA 260 74.67 12.46 15.48
C ASN QA 260 73.97 11.15 15.17
N ALA QA 261 73.87 10.24 16.14
CA ALA QA 261 73.28 8.94 15.88
C ALA QA 261 71.78 9.09 15.65
N PRO QA 262 71.27 8.69 14.48
CA PRO QA 262 69.81 8.80 14.21
C PRO QA 262 69.07 7.54 14.63
N TYR QA 263 69.11 7.25 15.93
CA TYR QA 263 68.38 6.13 16.50
C TYR QA 263 67.57 6.62 17.68
N MET QA 264 66.33 6.16 17.77
CA MET QA 264 65.44 6.65 18.81
C MET QA 264 65.86 6.09 20.16
N TYR QA 265 65.91 6.96 21.16
CA TYR QA 265 66.09 6.53 22.54
C TYR QA 265 65.39 7.51 23.46
N THR QA 266 64.53 6.99 24.32
CA THR QA 266 63.72 7.84 25.18
C THR QA 266 64.48 8.37 26.39
N ALA QA 267 65.63 7.78 26.73
CA ALA QA 267 66.33 8.21 27.93
C ALA QA 267 67.83 7.99 27.76
N VAL QA 268 68.59 8.63 28.64
CA VAL QA 268 70.04 8.51 28.66
C VAL QA 268 70.49 8.12 30.06
N LEU QA 269 71.51 7.26 30.11
CA LEU QA 269 71.99 6.63 31.33
C LEU QA 269 73.46 6.98 31.54
N GLY QA 270 73.84 7.21 32.79
CA GLY QA 270 75.20 7.63 33.08
C GLY QA 270 76.23 6.55 32.83
N LEU QA 271 75.89 5.29 33.17
CA LEU QA 271 76.80 4.16 33.07
C LEU QA 271 78.05 4.35 33.94
N GLY QA 272 77.91 5.10 35.03
CA GLY QA 272 78.96 5.23 36.02
C GLY QA 272 80.07 6.21 35.69
N CYS QA 273 79.97 6.94 34.57
CA CYS QA 273 81.01 7.89 34.23
C CYS QA 273 81.05 9.04 35.24
N TYR QA 274 82.26 9.46 35.59
CA TYR QA 274 82.45 10.54 36.52
C TYR QA 274 83.14 11.75 35.91
N ASP QA 275 83.43 11.72 34.62
CA ASP QA 275 83.99 12.89 33.97
C ASP QA 275 82.98 14.03 34.01
N ASN QA 276 83.37 15.15 34.61
CA ASN QA 276 82.46 16.28 34.73
C ASN QA 276 82.05 16.80 33.36
N ALA QA 277 83.02 16.93 32.44
CA ALA QA 277 82.71 17.41 31.11
C ALA QA 277 81.78 16.47 30.38
N ALA QA 278 82.00 15.16 30.53
CA ALA QA 278 81.11 14.19 29.91
C ALA QA 278 79.71 14.31 30.50
N ILE QA 279 79.61 14.48 31.82
CA ILE QA 279 78.30 14.60 32.45
C ILE QA 279 77.58 15.83 31.93
N THR QA 280 78.28 16.95 31.83
CA THR QA 280 77.67 18.17 31.33
C THR QA 280 77.24 18.02 29.88
N ALA QA 281 78.07 17.39 29.06
CA ALA QA 281 77.71 17.18 27.66
C ALA QA 281 76.46 16.32 27.55
N LEU QA 282 76.40 15.26 28.37
CA LEU QA 282 75.21 14.42 28.36
C LEU QA 282 73.99 15.19 28.83
N GLY QA 283 74.17 16.08 29.80
CA GLY QA 283 73.07 16.89 30.26
C GLY QA 283 72.54 17.81 29.19
N LYS QA 284 73.44 18.45 28.45
CA LYS QA 284 72.98 19.32 27.37
C LYS QA 284 72.36 18.52 26.24
N ILE QA 285 72.84 17.29 25.99
CA ILE QA 285 72.20 16.43 25.02
C ILE QA 285 70.77 16.12 25.46
N CYS QA 286 70.61 15.76 26.72
CA CYS QA 286 69.27 15.49 27.25
C CYS QA 286 68.38 16.70 27.09
N ALA QA 287 68.92 17.88 27.41
CA ALA QA 287 68.13 19.11 27.34
C ALA QA 287 67.69 19.40 25.92
N ASP QA 288 68.62 19.42 24.97
CA ASP QA 288 68.26 19.82 23.62
C ASP QA 288 67.59 18.72 22.83
N ARG QA 289 67.55 17.49 23.34
CA ARG QA 289 66.78 16.43 22.71
C ARG QA 289 65.47 16.16 23.43
N LEU QA 290 65.23 16.81 24.57
CA LEU QA 290 63.95 16.74 25.29
C LEU QA 290 63.64 15.28 25.68
N ILE QA 291 64.48 14.78 26.58
CA ILE QA 291 64.42 13.41 27.08
C ILE QA 291 64.73 13.43 28.57
N ASP QA 292 64.82 12.25 29.16
CA ASP QA 292 65.15 12.09 30.57
C ASP QA 292 66.58 11.56 30.70
N GLY QA 293 67.26 12.00 31.76
CA GLY QA 293 68.61 11.56 32.05
C GLY QA 293 68.70 10.99 33.45
N PHE QA 294 69.59 10.01 33.62
CA PHE QA 294 69.70 9.30 34.88
C PHE QA 294 71.07 9.43 35.51
N PHE QA 295 71.59 10.66 35.61
CA PHE QA 295 72.95 10.86 36.09
C PHE QA 295 73.10 10.39 37.54
N ASP QA 296 74.35 10.26 37.96
CA ASP QA 296 74.67 9.80 39.29
C ASP QA 296 75.92 10.52 39.79
N VAL QA 297 76.04 10.63 41.11
CA VAL QA 297 77.22 11.22 41.70
C VAL QA 297 78.13 10.11 42.20
N LYS QA 298 79.37 10.47 42.54
CA LYS QA 298 80.33 9.48 43.02
C LYS QA 298 79.90 8.96 44.38
N PRO QA 299 79.68 7.65 44.53
CA PRO QA 299 79.22 7.11 45.81
C PRO QA 299 80.25 7.23 46.92
N THR QA 300 81.52 7.41 46.57
CA THR QA 300 82.59 7.32 47.55
C THR QA 300 82.63 8.51 48.51
N LEU QA 301 81.82 9.54 48.28
CA LEU QA 301 81.85 10.74 49.10
C LEU QA 301 80.69 10.74 50.07
N THR QA 302 80.92 11.21 51.29
CA THR QA 302 79.88 11.26 52.30
C THR QA 302 78.83 12.31 51.94
N TYR QA 303 77.77 12.37 52.74
CA TYR QA 303 76.65 13.26 52.44
C TYR QA 303 77.08 14.73 52.47
N ALA QA 304 77.92 15.09 53.45
CA ALA QA 304 78.21 16.50 53.69
C ALA QA 304 78.83 17.16 52.46
N GLU QA 305 79.67 16.43 51.73
CA GLU QA 305 80.27 16.94 50.52
C GLU QA 305 79.55 16.48 49.26
N ALA QA 306 78.72 15.43 49.36
CA ALA QA 306 77.94 15.02 48.21
C ALA QA 306 76.81 16.00 47.94
N LEU QA 307 76.30 16.65 48.98
CA LEU QA 307 75.29 17.68 48.78
C LEU QA 307 75.80 18.81 47.90
N PRO QA 308 76.99 19.38 48.12
CA PRO QA 308 77.53 20.35 47.16
C PRO QA 308 78.03 19.73 45.87
N ALA QA 309 78.12 18.40 45.80
CA ALA QA 309 78.70 17.78 44.61
C ALA QA 309 77.86 18.05 43.37
N VAL QA 310 76.57 18.33 43.55
CA VAL QA 310 75.70 18.53 42.39
C VAL QA 310 76.09 19.81 41.64
N GLU QA 311 76.24 20.93 42.35
CA GLU QA 311 76.71 22.14 41.68
C GLU QA 311 78.22 22.15 41.50
N ASP QA 312 78.95 21.29 42.21
CA ASP QA 312 80.34 21.06 41.83
C ASP QA 312 80.42 20.50 40.42
N THR QA 313 79.54 19.56 40.11
CA THR QA 313 79.43 19.04 38.76
C THR QA 313 78.88 20.10 37.82
N GLY QA 314 77.92 20.89 38.29
CA GLY QA 314 77.40 22.00 37.51
C GLY QA 314 76.17 21.69 36.69
N LEU QA 315 75.39 20.68 37.06
CA LEU QA 315 74.19 20.32 36.33
C LEU QA 315 72.92 20.89 36.94
N LEU QA 316 73.06 21.82 37.88
CA LEU QA 316 71.91 22.52 38.42
C LEU QA 316 71.52 23.65 37.49
N GLY QA 317 70.24 23.76 37.19
CA GLY QA 317 69.74 24.84 36.36
C GLY QA 317 68.48 24.43 35.64
N THR QA 318 67.81 25.44 35.07
CA THR QA 318 66.57 25.21 34.36
C THR QA 318 66.78 24.45 33.05
N ASP QA 319 67.99 24.51 32.49
CA ASP QA 319 68.29 23.73 31.30
C ASP QA 319 68.24 22.23 31.61
N TYR QA 320 68.85 21.83 32.72
CA TYR QA 320 68.88 20.43 33.14
C TYR QA 320 67.70 20.12 34.05
N VAL QA 321 66.52 20.45 33.56
CA VAL QA 321 65.30 20.27 34.35
C VAL QA 321 64.68 18.89 34.13
N SER QA 322 64.90 18.28 32.96
CA SER QA 322 64.28 17.01 32.64
C SER QA 322 65.10 15.81 33.09
N CYS QA 323 66.23 16.04 33.75
CA CYS QA 323 67.11 14.97 34.19
C CYS QA 323 67.06 14.82 35.70
N SER QA 324 67.50 13.66 36.17
CA SER QA 324 67.58 13.35 37.59
C SER QA 324 68.96 12.79 37.89
N VAL QA 325 69.45 13.09 39.09
CA VAL QA 325 70.77 12.66 39.54
C VAL QA 325 70.62 11.90 40.85
N TYR QA 326 71.34 10.80 40.95
CA TYR QA 326 71.18 9.84 42.03
C TYR QA 326 72.44 9.77 42.87
N HIS QA 327 72.34 9.02 43.97
CA HIS QA 327 73.48 8.72 44.83
C HIS QA 327 73.26 7.37 45.49
N TYR QA 328 74.33 6.58 45.55
CA TYR QA 328 74.28 5.21 46.10
C TYR QA 328 75.39 5.06 47.12
N PRO QA 329 75.18 5.53 48.33
CA PRO QA 329 76.19 5.42 49.39
C PRO QA 329 76.21 4.05 50.06
N PHE QA 330 76.31 2.99 49.27
CA PHE QA 330 76.27 1.63 49.78
C PHE QA 330 77.22 0.76 48.98
N SER QA 331 77.31 -0.51 49.40
CA SER QA 331 78.12 -1.50 48.71
C SER QA 331 77.42 -2.85 48.81
N CYS QA 332 77.16 -3.47 47.67
CA CYS QA 332 76.47 -4.75 47.61
C CYS QA 332 77.46 -5.86 47.28
N LYS QA 333 76.92 -7.05 47.10
CA LYS QA 333 77.73 -8.24 46.83
C LYS QA 333 77.75 -8.52 45.33
N ASP QA 334 78.92 -8.89 44.83
CA ASP QA 334 79.06 -9.27 43.43
C ASP QA 334 78.25 -10.52 43.13
N LYS QA 335 77.61 -10.53 41.96
CA LYS QA 335 76.85 -11.70 41.55
C LYS QA 335 77.76 -12.87 41.21
N TRP QA 336 79.02 -12.62 40.88
CA TRP QA 336 79.97 -13.67 40.53
C TRP QA 336 81.12 -13.77 41.51
N THR QA 337 81.80 -12.66 41.80
CA THR QA 337 82.98 -12.67 42.66
C THR QA 337 82.64 -12.38 44.11
N GLN QA 338 81.35 -12.28 44.45
CA GLN QA 338 80.83 -12.06 45.79
C GLN QA 338 81.66 -11.06 46.59
N SER QA 339 82.03 -9.96 45.95
CA SER QA 339 82.87 -8.93 46.57
C SER QA 339 82.07 -7.64 46.75
N ARG QA 340 82.64 -6.72 47.53
CA ARG QA 340 82.03 -5.42 47.73
C ARG QA 340 82.07 -4.65 46.43
N VAL QA 341 80.92 -4.48 45.80
CA VAL QA 341 80.79 -3.80 44.52
C VAL QA 341 79.81 -2.66 44.69
N VAL QA 342 80.15 -1.52 44.07
CA VAL QA 342 79.34 -0.32 44.16
C VAL QA 342 79.01 0.13 42.75
N PHE QA 343 77.72 0.28 42.46
CA PHE QA 343 77.28 0.80 41.18
C PHE QA 343 75.92 1.48 41.36
N GLY QA 344 75.63 2.36 40.42
CA GLY QA 344 74.49 3.25 40.54
C GLY QA 344 73.16 2.56 40.35
N LEU QA 345 72.10 3.34 40.55
CA LEU QA 345 70.72 2.89 40.43
C LEU QA 345 70.08 3.38 39.14
N SER QA 346 70.89 3.89 38.20
CA SER QA 346 70.35 4.54 37.02
C SER QA 346 69.60 3.56 36.12
N GLY QA 347 70.20 2.41 35.84
CA GLY QA 347 69.58 1.47 34.94
C GLY QA 347 68.27 0.92 35.48
N VAL QA 348 68.27 0.54 36.75
CA VAL QA 348 67.05 0.05 37.37
C VAL QA 348 66.00 1.15 37.49
N ALA QA 349 66.42 2.40 37.72
CA ALA QA 349 65.45 3.49 37.74
C ALA QA 349 64.80 3.67 36.38
N TYR QA 350 65.60 3.66 35.32
CA TYR QA 350 65.05 3.74 33.98
C TYR QA 350 64.12 2.57 33.71
N ALA QA 351 64.51 1.37 34.14
CA ALA QA 351 63.67 0.19 33.93
C ALA QA 351 62.34 0.32 34.65
N ALA QA 352 62.38 0.81 35.89
CA ALA QA 352 61.16 0.99 36.66
C ALA QA 352 60.25 2.00 35.98
N LYS QA 353 60.82 3.12 35.52
CA LYS QA 353 60.03 4.11 34.81
C LYS QA 353 59.42 3.54 33.53
N ALA QA 354 60.21 2.79 32.77
CA ALA QA 354 59.71 2.24 31.51
C ALA QA 354 58.58 1.24 31.77
N ARG QA 355 58.78 0.32 32.71
CA ARG QA 355 57.75 -0.67 32.96
C ARG QA 355 56.50 -0.02 33.52
N GLY QA 356 56.66 0.98 34.39
CA GLY QA 356 55.50 1.66 34.93
C GLY QA 356 54.72 2.39 33.86
N VAL QA 357 55.41 3.13 32.99
CA VAL QA 357 54.70 3.87 31.96
C VAL QA 357 54.05 2.92 30.97
N LYS QA 358 54.68 1.79 30.67
CA LYS QA 358 54.13 0.89 29.68
C LYS QA 358 53.23 -0.19 30.28
N LYS QA 359 52.97 -0.14 31.59
CA LYS QA 359 51.83 -0.88 32.13
C LYS QA 359 50.56 -0.50 31.40
N ASN QA 360 50.34 0.80 31.21
CA ASN QA 360 49.25 1.24 30.34
C ASN QA 360 49.58 0.89 28.90
N SER QA 361 48.56 0.50 28.14
CA SER QA 361 48.77 -0.05 26.81
C SER QA 361 48.47 0.92 25.68
N ASP QA 362 47.55 1.86 25.86
CA ASP QA 362 47.16 2.73 24.76
C ASP QA 362 48.28 3.72 24.43
N VAL QA 363 48.62 4.59 25.38
CA VAL QA 363 49.69 5.56 25.19
C VAL QA 363 50.75 5.51 26.28
N GLY QA 364 50.44 5.00 27.46
CA GLY QA 364 51.40 5.01 28.55
C GLY QA 364 51.17 6.17 29.49
N GLY QA 365 51.60 5.99 30.74
CA GLY QA 365 51.48 7.04 31.73
C GLY QA 365 52.78 7.46 32.36
N TRP QA 366 53.22 8.68 32.08
CA TRP QA 366 54.46 9.20 32.62
C TRP QA 366 54.28 9.91 33.96
N HIS QA 367 53.06 9.93 34.48
CA HIS QA 367 52.77 10.58 35.75
C HIS QA 367 53.16 9.73 36.94
N TYR QA 368 54.03 8.76 36.76
CA TYR QA 368 54.39 7.84 37.83
C TYR QA 368 55.63 8.32 38.58
N SER QA 369 55.59 8.19 39.89
CA SER QA 369 56.59 8.66 40.84
C SER QA 369 57.66 7.60 41.05
N PRO QA 370 58.94 7.96 40.95
CA PRO QA 370 60.03 7.02 41.23
C PRO QA 370 60.32 6.84 42.72
N ALA QA 371 59.25 6.65 43.49
CA ALA QA 371 59.36 6.38 44.91
C ALA QA 371 58.29 5.38 45.29
N GLY QA 372 58.53 4.69 46.39
CA GLY QA 372 57.67 3.59 46.78
C GLY QA 372 58.12 2.27 46.17
N GLU QA 373 57.69 1.19 46.81
CA GLU QA 373 58.12 -0.14 46.43
C GLU QA 373 57.37 -0.71 45.23
N GLU QA 374 56.51 0.08 44.57
CA GLU QA 374 55.95 -0.36 43.30
C GLU QA 374 57.02 -0.40 42.22
N ARG QA 375 58.04 0.45 42.34
CA ARG QA 375 59.11 0.49 41.37
C ARG QA 375 60.46 0.43 42.05
N ALA QA 376 60.57 1.11 43.20
CA ALA QA 376 61.85 1.26 43.90
C ALA QA 376 62.09 0.07 44.82
N VAL QA 377 62.32 -1.08 44.19
CA VAL QA 377 62.70 -2.31 44.88
C VAL QA 377 63.94 -2.86 44.19
N ILE QA 378 65.04 -2.95 44.91
CA ILE QA 378 66.29 -3.32 44.27
C ILE QA 378 66.88 -4.58 44.89
N ALA QA 379 67.30 -4.48 46.14
CA ALA QA 379 67.75 -5.62 46.96
C ALA QA 379 68.68 -6.55 46.18
N ARG QA 380 69.86 -6.03 45.83
CA ARG QA 380 70.76 -6.81 44.98
C ARG QA 380 71.36 -7.99 45.75
N ALA QA 381 72.21 -7.69 46.73
CA ALA QA 381 72.77 -8.70 47.63
C ALA QA 381 73.64 -8.05 48.69
N SER QA 382 73.56 -8.55 49.92
CA SER QA 382 74.49 -8.23 51.01
C SER QA 382 74.83 -6.74 51.04
N ILE QA 383 73.78 -5.92 51.20
CA ILE QA 383 73.98 -4.48 51.20
C ILE QA 383 74.78 -4.08 52.43
N GLN QA 384 75.74 -3.17 52.23
CA GLN QA 384 76.57 -2.70 53.32
C GLN QA 384 76.62 -1.17 53.23
N PRO QA 385 76.15 -0.45 54.25
CA PRO QA 385 76.25 1.01 54.22
C PRO QA 385 77.71 1.45 54.32
N LEU QA 386 78.09 2.38 53.45
CA LEU QA 386 79.45 2.91 53.50
C LEU QA 386 79.70 3.66 54.80
N TYR QA 387 78.72 4.46 55.23
CA TYR QA 387 78.83 5.29 56.43
C TYR QA 387 77.59 5.03 57.27
N PRO QA 388 77.59 3.93 58.04
CA PRO QA 388 76.37 3.62 58.83
C PRO QA 388 75.98 4.72 59.79
N GLU QA 389 76.96 5.42 60.37
CA GLU QA 389 76.65 6.50 61.30
C GLU QA 389 76.09 7.71 60.57
N ASP QA 390 76.63 8.02 59.40
CA ASP QA 390 76.15 9.16 58.63
C ASP QA 390 74.73 8.89 58.11
N THR QA 391 73.89 9.92 58.19
CA THR QA 391 72.53 9.86 57.69
C THR QA 391 72.28 11.03 56.77
N PRO QA 392 71.47 10.86 55.74
CA PRO QA 392 71.18 11.97 54.84
C PRO QA 392 70.31 13.03 55.51
N ASP QA 393 70.46 14.26 55.03
CA ASP QA 393 69.64 15.39 55.45
C ASP QA 393 68.61 15.65 54.36
N GLU QA 394 67.34 15.50 54.71
CA GLU QA 394 66.27 15.51 53.71
C GLU QA 394 66.11 16.89 53.08
N GLU QA 395 66.10 17.93 53.90
CA GLU QA 395 65.85 19.28 53.37
C GLU QA 395 67.02 19.76 52.52
N ALA QA 396 68.25 19.55 52.98
CA ALA QA 396 69.40 19.92 52.17
C ALA QA 396 69.46 19.07 50.90
N MET QA 397 69.06 17.80 51.00
CA MET QA 397 69.04 16.92 49.84
C MET QA 397 68.06 17.44 48.80
N VAL QA 398 66.82 17.73 49.21
CA VAL QA 398 65.82 18.19 48.25
C VAL QA 398 66.21 19.56 47.70
N LYS QA 399 66.84 20.41 48.51
CA LYS QA 399 67.35 21.66 47.98
C LYS QA 399 68.42 21.40 46.92
N GLY QA 400 69.30 20.43 47.16
CA GLY QA 400 70.33 20.08 46.21
C GLY QA 400 69.84 19.29 45.02
N ARG QA 401 68.57 18.88 45.02
CA ARG QA 401 67.91 18.25 43.89
C ARG QA 401 68.48 16.88 43.55
N LEU QA 402 69.19 16.24 44.49
CA LEU QA 402 69.72 14.92 44.28
C LEU QA 402 68.62 13.90 44.57
N ASN QA 403 68.96 12.62 44.64
CA ASN QA 403 68.02 11.58 45.00
C ASN QA 403 68.65 10.69 46.06
N LYS QA 404 67.94 10.51 47.17
CA LYS QA 404 68.43 9.72 48.29
C LYS QA 404 67.67 8.40 48.40
N VAL QA 405 68.27 7.46 49.13
CA VAL QA 405 67.82 6.08 49.18
C VAL QA 405 67.72 5.64 50.63
N SER QA 406 67.05 4.51 50.83
CA SER QA 406 66.93 3.90 52.15
C SER QA 406 66.53 2.44 51.95
N VAL QA 407 66.11 1.81 53.03
CA VAL QA 407 65.65 0.42 53.03
C VAL QA 407 64.17 0.40 53.44
N GLY QA 408 63.38 -0.39 52.73
CA GLY QA 408 61.99 -0.58 53.09
C GLY QA 408 61.83 -1.65 54.16
N THR QA 409 60.57 -1.89 54.52
CA THR QA 409 60.27 -2.89 55.54
C THR QA 409 60.68 -4.28 55.09
N SER QA 410 60.43 -4.62 53.82
CA SER QA 410 60.79 -5.94 53.31
C SER QA 410 62.27 -6.10 53.03
N GLY QA 411 63.10 -5.12 53.39
CA GLY QA 411 64.53 -5.20 53.17
C GLY QA 411 64.98 -4.74 51.80
N GLN QA 412 64.06 -4.39 50.92
CA GLN QA 412 64.44 -3.92 49.60
C GLN QA 412 65.08 -2.54 49.69
N MET QA 413 65.85 -2.21 48.65
CA MET QA 413 66.47 -0.90 48.54
C MET QA 413 65.52 0.02 47.79
N ILE QA 414 65.22 1.17 48.37
CA ILE QA 414 64.16 2.04 47.86
C ILE QA 414 64.67 3.46 47.69
N ILE QA 415 64.34 4.07 46.56
CA ILE QA 415 64.73 5.45 46.26
C ILE QA 415 63.59 6.35 46.72
N ASP QA 416 63.85 7.16 47.74
CA ASP QA 416 62.77 7.87 48.42
C ASP QA 416 62.69 9.32 47.95
N ASP QA 417 62.72 9.50 46.63
CA ASP QA 417 62.73 10.82 46.02
C ASP QA 417 62.06 10.78 44.66
N ALA QA 418 61.40 11.88 44.31
CA ALA QA 418 60.71 12.03 43.03
C ALA QA 418 60.89 13.44 42.48
N LEU QA 419 62.12 13.94 42.49
CA LEU QA 419 62.41 15.31 42.06
C LEU QA 419 63.53 15.30 41.04
N THR QA 420 63.49 16.29 40.15
CA THR QA 420 64.55 16.47 39.16
C THR QA 420 65.61 17.44 39.67
N CYS QA 421 66.49 17.88 38.78
CA CYS QA 421 67.59 18.78 39.10
C CYS QA 421 67.25 20.23 38.84
N CYS QA 422 65.99 20.61 39.06
CA CYS QA 422 65.54 21.98 38.84
C CYS QA 422 65.80 22.81 40.09
N THR QA 423 66.65 23.82 39.95
CA THR QA 423 67.02 24.64 41.10
C THR QA 423 65.81 25.32 41.70
N GLN QA 424 64.96 25.89 40.85
CA GLN QA 424 63.78 26.59 41.33
C GLN QA 424 62.75 25.59 41.83
N ASP QA 425 61.99 26.01 42.84
CA ASP QA 425 60.99 25.18 43.50
C ASP QA 425 59.70 25.07 42.71
N ASN QA 426 59.67 25.59 41.50
CA ASN QA 426 58.46 25.57 40.69
C ASN QA 426 58.03 24.14 40.41
N TYR QA 427 56.85 24.02 39.82
CA TYR QA 427 56.29 22.71 39.54
C TYR QA 427 57.15 21.88 38.60
N LEU QA 428 58.17 22.48 37.99
CA LEU QA 428 59.10 21.68 37.20
C LEU QA 428 60.03 20.87 38.07
N HIS QA 429 60.15 21.22 39.36
CA HIS QA 429 61.10 20.54 40.24
C HIS QA 429 60.65 19.12 40.59
N PHE QA 430 59.40 18.75 40.31
CA PHE QA 430 59.00 17.35 40.44
C PHE QA 430 59.64 16.52 39.33
N GLN QA 431 59.35 15.22 39.35
CA GLN QA 431 59.93 14.29 38.38
C GLN QA 431 58.95 13.89 37.29
N HIS QA 432 57.77 13.40 37.67
CA HIS QA 432 56.82 12.89 36.67
C HIS QA 432 56.28 14.01 35.79
N VAL QA 433 55.99 15.17 36.39
CA VAL QA 433 55.36 16.25 35.63
C VAL QA 433 56.23 16.73 34.48
N PRO QA 434 57.52 17.04 34.67
CA PRO QA 434 58.34 17.39 33.49
C PRO QA 434 58.38 16.29 32.45
N SER QA 435 58.38 15.03 32.89
CA SER QA 435 58.26 13.94 31.93
C SER QA 435 56.92 13.99 31.22
N LEU QA 436 55.87 14.43 31.91
CA LEU QA 436 54.57 14.57 31.27
C LEU QA 436 54.64 15.60 30.15
N MET QA 437 55.24 16.77 30.42
CA MET QA 437 55.38 17.74 29.35
C MET QA 437 56.27 17.21 28.23
N ASN QA 438 57.34 16.50 28.57
CA ASN QA 438 58.21 15.96 27.54
C ASN QA 438 57.45 15.01 26.63
N ALA QA 439 56.65 14.12 27.22
CA ALA QA 439 55.90 13.16 26.43
C ALA QA 439 54.85 13.85 25.56
N ILE QA 440 54.11 14.81 26.12
CA ILE QA 440 53.07 15.46 25.33
C ILE QA 440 53.70 16.27 24.21
N SER QA 441 54.84 16.92 24.48
CA SER QA 441 55.54 17.66 23.45
C SER QA 441 56.06 16.75 22.36
N ARG QA 442 56.59 15.58 22.74
CA ARG QA 442 57.08 14.65 21.75
C ARG QA 442 55.95 14.17 20.86
N PHE QA 443 54.81 13.81 21.45
CA PHE QA 443 53.66 13.39 20.65
C PHE QA 443 53.19 14.49 19.73
N PHE QA 444 53.17 15.73 20.24
CA PHE QA 444 52.76 16.86 19.42
C PHE QA 444 53.71 17.05 18.24
N VAL QA 445 55.01 16.90 18.49
CA VAL QA 445 56.00 17.01 17.43
C VAL QA 445 55.76 15.93 16.39
N GLN QA 446 55.51 14.70 16.84
CA GLN QA 446 55.30 13.60 15.92
C GLN QA 446 54.09 13.88 15.03
N LEU QA 447 52.98 14.31 15.63
CA LEU QA 447 51.79 14.56 14.84
C LEU QA 447 51.98 15.74 13.90
N ALA QA 448 52.67 16.79 14.36
CA ALA QA 448 52.89 17.94 13.50
C ALA QA 448 53.73 17.57 12.30
N ARG QA 449 54.77 16.76 12.52
CA ARG QA 449 55.58 16.29 11.40
C ARG QA 449 54.77 15.39 10.47
N GLN QA 450 53.88 14.57 11.04
CA GLN QA 450 53.03 13.73 10.22
C GLN QA 450 52.14 14.56 9.30
N MET QA 451 51.55 15.63 9.84
CA MET QA 451 50.69 16.49 9.04
C MET QA 451 51.47 17.55 8.27
N LYS QA 452 52.79 17.58 8.41
CA LYS QA 452 53.61 18.60 7.80
C LYS QA 452 53.61 18.48 6.28
N HIS QA 453 53.94 19.59 5.61
CA HIS QA 453 54.07 19.64 4.15
C HIS QA 453 52.75 19.31 3.47
N SER QA 454 51.71 20.03 3.87
CA SER QA 454 50.37 19.78 3.36
C SER QA 454 49.74 21.08 2.90
N PRO QA 455 48.94 21.04 1.84
CA PRO QA 455 48.32 22.28 1.35
C PRO QA 455 47.36 22.85 2.38
N ASP QA 456 47.24 24.17 2.36
CA ASP QA 456 46.49 24.87 3.39
C ASP QA 456 44.98 24.64 3.20
N GLY QA 457 44.20 25.17 4.15
CA GLY QA 457 42.77 25.07 4.11
C GLY QA 457 42.20 23.88 4.84
N ILE QA 458 43.02 22.89 5.17
CA ILE QA 458 42.58 21.69 5.87
C ILE QA 458 43.52 21.44 7.03
N THR QA 459 44.64 22.17 7.04
CA THR QA 459 45.66 21.97 8.06
C THR QA 459 45.09 22.28 9.45
N ALA QA 460 44.35 23.38 9.56
CA ALA QA 460 43.79 23.76 10.84
C ALA QA 460 42.83 22.69 11.33
N ALA QA 461 41.94 22.21 10.46
CA ALA QA 461 40.99 21.19 10.87
C ALA QA 461 41.71 19.92 11.31
N GLY QA 462 42.73 19.51 10.55
CA GLY QA 462 43.45 18.29 10.90
C GLY QA 462 44.16 18.42 12.24
N LEU QA 463 44.82 19.55 12.47
CA LEU QA 463 45.51 19.73 13.74
C LEU QA 463 44.54 19.78 14.90
N THR QA 464 43.39 20.43 14.71
CA THR QA 464 42.38 20.45 15.77
C THR QA 464 41.89 19.05 16.09
N LYS QA 465 41.61 18.25 15.05
CA LYS QA 465 41.12 16.89 15.30
C LYS QA 465 42.18 16.05 16.00
N GLY QA 466 43.44 16.17 15.55
CA GLY QA 466 44.50 15.42 16.20
C GLY QA 466 44.66 15.81 17.65
N MET QA 467 44.61 17.10 17.95
CA MET QA 467 44.75 17.52 19.34
C MET QA 467 43.56 17.08 20.17
N THR QA 468 42.36 17.11 19.59
CA THR QA 468 41.18 16.69 20.34
C THR QA 468 41.26 15.21 20.69
N LYS QA 469 41.65 14.37 19.72
CA LYS QA 469 41.78 12.95 20.03
C LYS QA 469 42.94 12.70 20.99
N LEU QA 470 43.99 13.50 20.91
CA LEU QA 470 45.08 13.39 21.87
C LEU QA 470 44.59 13.73 23.28
N LEU QA 471 43.75 14.76 23.38
CA LEU QA 471 43.13 15.11 24.65
C LEU QA 471 42.26 13.98 25.16
N ASP QA 472 41.54 13.32 24.26
CA ASP QA 472 40.70 12.19 24.64
C ASP QA 472 41.56 11.07 25.23
N ARG QA 473 42.66 10.74 24.55
CA ARG QA 473 43.55 9.72 25.09
C ARG QA 473 44.16 10.17 26.42
N PHE QA 474 44.42 11.46 26.57
CA PHE QA 474 44.99 11.96 27.81
C PHE QA 474 44.01 11.85 28.97
N VAL QA 475 42.76 12.23 28.74
CA VAL QA 475 41.77 12.14 29.80
C VAL QA 475 41.44 10.69 30.11
N ALA QA 476 41.53 9.80 29.11
CA ALA QA 476 41.42 8.38 29.39
C ALA QA 476 42.57 7.92 30.28
N SER QA 477 43.79 8.34 29.96
CA SER QA 477 44.95 8.00 30.77
C SER QA 477 44.88 8.63 32.15
N GLY QA 478 44.08 9.66 32.34
CA GLY QA 478 43.95 10.32 33.61
C GLY QA 478 44.98 11.38 33.90
N ALA QA 479 45.96 11.57 33.01
CA ALA QA 479 46.97 12.60 33.23
C ALA QA 479 46.33 13.99 33.22
N LEU QA 480 45.43 14.23 32.28
CA LEU QA 480 44.71 15.50 32.22
C LEU QA 480 43.63 15.50 33.29
N VAL QA 481 43.74 16.42 34.24
CA VAL QA 481 42.82 16.50 35.36
C VAL QA 481 42.31 17.92 35.49
N ALA QA 482 41.23 18.08 36.25
CA ALA QA 482 40.56 19.35 36.39
C ALA QA 482 41.47 20.37 37.07
N PRO QA 483 41.32 21.66 36.74
CA PRO QA 483 42.18 22.69 37.35
C PRO QA 483 42.01 22.75 38.86
N ARG QA 484 43.11 23.09 39.53
CA ARG QA 484 43.07 23.23 40.98
C ARG QA 484 42.14 24.36 41.40
N ASP QA 485 42.18 25.48 40.69
CA ASP QA 485 41.37 26.65 41.03
C ASP QA 485 40.30 26.89 39.97
N PRO QA 486 39.03 26.59 40.25
CA PRO QA 486 37.98 26.85 39.28
C PRO QA 486 37.59 28.32 39.16
N ASP QA 487 38.17 29.19 39.98
CA ASP QA 487 37.80 30.60 39.93
C ASP QA 487 38.19 31.24 38.61
N ALA QA 488 39.33 30.83 38.06
CA ALA QA 488 39.85 31.45 36.85
C ALA QA 488 39.39 30.71 35.59
N ASP QA 489 39.75 29.44 35.47
CA ASP QA 489 39.46 28.66 34.28
C ASP QA 489 38.33 27.66 34.48
N GLY QA 490 37.67 27.67 35.64
CA GLY QA 490 36.65 26.68 35.88
C GLY QA 490 37.26 25.30 36.00
N THR QA 491 36.45 24.29 35.71
CA THR QA 491 36.90 22.90 35.73
C THR QA 491 37.38 22.42 34.37
N GLU QA 492 37.34 23.27 33.35
CA GLU QA 492 37.80 22.86 32.03
C GLU QA 492 39.30 23.06 31.98
N PRO QA 493 40.09 22.00 31.82
CA PRO QA 493 41.54 22.08 32.06
C PRO QA 493 42.42 22.29 30.82
N TYR QA 494 41.84 22.55 29.64
CA TYR QA 494 42.64 22.68 28.43
C TYR QA 494 42.23 23.89 27.61
N VAL QA 495 43.20 24.44 26.89
CA VAL QA 495 42.92 25.54 25.96
C VAL QA 495 43.88 25.43 24.78
N LEU QA 496 43.38 25.79 23.60
CA LEU QA 496 44.12 25.72 22.35
C LEU QA 496 43.71 26.87 21.44
N LYS QA 497 44.68 27.47 20.77
CA LYS QA 497 44.40 28.35 19.64
C LYS QA 497 45.45 28.17 18.56
N VAL QA 498 45.06 28.51 17.34
CA VAL QA 498 45.93 28.48 16.18
C VAL QA 498 45.74 29.76 15.39
N THR QA 499 46.84 30.40 14.99
CA THR QA 499 46.81 31.63 14.23
C THR QA 499 47.81 31.52 13.08
N GLN QA 500 47.78 32.52 12.21
CA GLN QA 500 48.64 32.55 11.03
C GLN QA 500 49.46 33.84 11.03
N ALA QA 501 50.69 33.75 10.53
CA ALA QA 501 51.50 34.95 10.31
C ALA QA 501 51.59 35.34 8.85
N GLU QA 502 51.99 34.41 7.98
CA GLU QA 502 52.12 34.68 6.55
C GLU QA 502 51.82 33.37 5.82
N PHE QA 503 52.28 33.28 4.57
CA PHE QA 503 52.24 32.04 3.79
C PHE QA 503 52.62 30.83 4.64
N ASP QA 504 53.53 31.01 5.60
CA ASP QA 504 53.84 30.00 6.60
C ASP QA 504 53.66 30.54 8.00
N LYS QA 505 54.22 29.84 8.99
CA LYS QA 505 54.17 30.23 10.39
C LYS QA 505 52.72 30.21 10.90
N TRP QA 506 52.17 29.00 10.93
CA TRP QA 506 51.05 28.70 11.80
C TRP QA 506 51.54 28.67 13.24
N GLU QA 507 51.10 29.63 14.04
CA GLU QA 507 51.45 29.67 15.46
C GLU QA 507 50.36 28.98 16.25
N VAL QA 508 50.69 27.84 16.84
CA VAL QA 508 49.76 27.07 17.65
C VAL QA 508 50.17 27.18 19.11
N VAL QA 509 49.19 27.41 19.98
CA VAL QA 509 49.43 27.59 21.40
C VAL QA 509 48.47 26.68 22.15
N TRP QA 510 48.98 25.98 23.16
CA TRP QA 510 48.20 24.98 23.89
C TRP QA 510 48.64 24.95 25.34
N ALA QA 511 47.66 25.03 26.24
CA ALA QA 511 47.92 24.97 27.67
C ALA QA 511 47.01 23.92 28.30
N CYS QA 512 47.58 23.15 29.23
CA CYS QA 512 46.90 21.99 29.79
C CYS QA 512 47.11 21.95 31.31
N CYS QA 513 46.18 21.28 31.99
CA CYS QA 513 46.31 21.07 33.43
C CYS QA 513 46.74 19.64 33.69
N PRO QA 514 47.98 19.42 34.11
CA PRO QA 514 48.41 18.07 34.49
C PRO QA 514 47.95 17.75 35.91
N THR QA 515 48.38 16.58 36.38
CA THR QA 515 48.08 16.10 37.72
C THR QA 515 49.34 16.07 38.57
N GLY QA 516 49.22 15.52 39.78
CA GLY QA 516 50.35 15.41 40.68
C GLY QA 516 50.26 14.17 41.54
N VAL QA 517 51.38 13.86 42.19
CA VAL QA 517 51.51 12.64 42.99
C VAL QA 517 52.00 13.05 44.37
N ALA QA 518 51.65 14.26 44.80
CA ALA QA 518 51.86 14.73 46.18
C ALA QA 518 53.33 14.63 46.59
N ARG QA 519 54.19 15.31 45.83
CA ARG QA 519 55.60 15.39 46.21
C ARG QA 519 55.77 16.09 47.55
N ARG QA 520 55.10 17.21 47.76
CA ARG QA 520 55.04 17.79 49.08
C ARG QA 520 54.39 16.80 50.03
N ILE QA 521 55.16 16.31 50.99
CA ILE QA 521 54.74 15.21 51.84
C ILE QA 521 54.59 15.74 53.25
N GLN QA 522 53.40 15.55 53.82
CA GLN QA 522 53.08 16.03 55.16
C GLN QA 522 51.91 15.23 55.70
N GLY QA 523 51.67 15.39 56.99
CA GLY QA 523 50.52 14.78 57.63
C GLY QA 523 50.36 15.24 59.06
N VAL QA 524 49.13 15.26 59.56
CA VAL QA 524 48.89 15.58 60.97
C VAL QA 524 47.60 14.90 61.44
N PRO QA 525 47.71 13.86 62.25
CA PRO QA 525 46.54 13.37 62.99
C PRO QA 525 46.38 14.11 64.30
N LEU QA 526 45.12 14.24 64.73
CA LEU QA 526 44.79 15.04 65.89
C LEU QA 526 43.93 14.21 66.84
N LEU QA 527 43.84 14.70 68.07
CA LEU QA 527 43.23 13.97 69.17
C LEU QA 527 41.81 14.46 69.46
N ILE QA 528 41.11 13.69 70.29
CA ILE QA 528 39.79 14.08 70.78
C ILE QA 528 39.65 13.96 72.29
N LYS QA 529 40.45 13.14 72.97
CA LYS QA 529 40.35 12.90 74.42
C LYS QA 529 39.03 12.26 74.86
N SER RA 2 63.21 8.86 55.69
CA SER RA 2 62.51 7.59 55.53
C SER RA 2 61.13 7.61 56.20
N GLN RA 3 60.44 6.47 56.15
CA GLN RA 3 59.12 6.30 56.77
C GLN RA 3 59.19 6.27 58.29
N TYR RA 4 60.38 6.05 58.84
CA TYR RA 4 60.57 5.98 60.29
C TYR RA 4 60.64 7.36 60.92
N SER RA 5 61.08 8.36 60.17
CA SER RA 5 61.18 9.72 60.69
C SER RA 5 59.82 10.40 60.69
N ILE RA 6 59.56 11.17 61.73
CA ILE RA 6 58.36 12.01 61.83
C ILE RA 6 58.81 13.41 62.22
N GLN RA 7 58.32 14.40 61.48
CA GLN RA 7 58.71 15.79 61.72
C GLN RA 7 57.65 16.50 62.56
N GLN RA 8 57.85 17.80 62.74
CA GLN RA 8 56.88 18.66 63.41
C GLN RA 8 56.40 19.78 62.51
N SER RA 9 57.32 20.44 61.82
CA SER RA 9 57.00 21.48 60.85
C SER RA 9 57.54 21.07 59.48
N LEU RA 10 56.95 21.61 58.43
CA LEU RA 10 57.29 21.24 57.06
C LEU RA 10 57.98 22.41 56.37
N GLY RA 11 59.19 22.17 55.88
CA GLY RA 11 59.87 23.12 55.03
C GLY RA 11 60.14 22.53 53.66
N ASN RA 12 61.41 22.26 53.36
CA ASN RA 12 61.79 21.59 52.13
C ASN RA 12 61.75 20.07 52.26
N ALA RA 13 62.12 19.54 53.43
CA ALA RA 13 62.10 18.11 53.64
C ALA RA 13 60.68 17.56 53.59
N SER RA 14 60.55 16.34 53.08
CA SER RA 14 59.26 15.68 52.94
C SER RA 14 59.18 14.55 53.96
N GLY RA 15 58.14 14.58 54.79
CA GLY RA 15 57.94 13.55 55.80
C GLY RA 15 56.53 13.63 56.34
N VAL RA 16 56.17 12.61 57.12
CA VAL RA 16 54.85 12.55 57.74
C VAL RA 16 54.98 12.90 59.22
N ALA RA 17 54.23 13.91 59.65
CA ALA RA 17 54.28 14.41 61.01
C ALA RA 17 53.09 13.91 61.80
N VAL RA 18 53.23 13.93 63.14
CA VAL RA 18 52.16 13.57 64.05
C VAL RA 18 52.11 14.58 65.18
N SER RA 19 51.04 14.50 65.97
CA SER RA 19 50.85 15.43 67.08
C SER RA 19 51.91 15.22 68.15
N PRO RA 20 52.43 16.29 68.74
CA PRO RA 20 53.44 16.14 69.81
C PRO RA 20 52.81 15.64 71.10
N ILE RA 21 53.70 15.32 72.05
CA ILE RA 21 53.29 14.87 73.38
C ILE RA 21 53.18 16.11 74.27
N ASN RA 22 51.96 16.54 74.52
CA ASN RA 22 51.69 17.77 75.28
C ASN RA 22 50.70 17.45 76.40
N ALA RA 23 50.16 18.50 77.02
CA ALA RA 23 49.15 18.34 78.07
C ALA RA 23 47.72 18.53 77.57
N ASP RA 24 47.49 19.38 76.57
CA ASP RA 24 46.15 19.66 76.06
C ASP RA 24 46.13 19.69 74.54
N ALA RA 25 44.97 19.40 73.97
CA ALA RA 25 44.76 19.45 72.53
C ALA RA 25 43.27 19.53 72.23
N THR RA 26 42.95 20.11 71.08
CA THR RA 26 41.57 20.30 70.63
C THR RA 26 41.43 19.83 69.18
N LEU RA 27 40.18 19.73 68.74
CA LEU RA 27 39.90 19.33 67.36
C LEU RA 27 38.61 19.99 66.90
N SER RA 28 38.50 20.19 65.59
CA SER RA 28 37.27 20.67 64.97
C SER RA 28 37.27 20.33 63.49
N THR RA 29 36.33 19.48 63.06
CA THR RA 29 36.27 19.04 61.67
C THR RA 29 34.81 18.98 61.23
N GLY RA 30 34.56 19.38 59.99
CA GLY RA 30 33.21 19.34 59.46
C GLY RA 30 33.15 20.03 58.11
N VAL RA 31 31.96 19.97 57.53
CA VAL RA 31 31.67 20.57 56.23
C VAL RA 31 30.46 21.48 56.39
N ALA RA 32 30.42 22.55 55.59
CA ALA RA 32 29.35 23.53 55.70
C ALA RA 32 27.99 22.92 55.34
N LEU RA 33 26.93 23.50 55.90
CA LEU RA 33 25.57 23.03 55.70
C LEU RA 33 24.94 23.57 54.42
N ASN RA 34 24.86 24.90 54.30
CA ASN RA 34 24.20 25.55 53.15
C ASN RA 34 22.74 25.14 53.05
N SER RA 35 22.10 24.86 54.20
CA SER RA 35 20.71 24.45 54.25
C SER RA 35 19.85 25.39 55.06
N SER RA 36 20.22 25.66 56.31
CA SER RA 36 19.47 26.57 57.17
C SER RA 36 20.41 27.05 58.26
N LEU RA 37 20.46 28.35 58.49
CA LEU RA 37 21.47 28.93 59.36
C LEU RA 37 20.84 29.70 60.51
N TRP RA 38 21.67 29.93 61.51
CA TRP RA 38 21.31 30.68 62.70
C TRP RA 38 22.36 31.75 62.95
N ALA RA 39 21.94 32.78 63.68
CA ALA RA 39 22.83 33.88 64.06
C ALA RA 39 22.60 34.24 65.52
N GLY RA 40 23.65 34.75 66.15
CA GLY RA 40 23.53 35.21 67.53
C GLY RA 40 24.84 35.83 67.99
N ILE RA 41 24.71 36.69 68.99
CA ILE RA 41 25.84 37.39 69.60
C ILE RA 41 26.36 36.59 70.78
N GLY RA 42 27.68 36.46 70.86
CA GLY RA 42 28.30 35.78 71.98
C GLY RA 42 29.70 36.31 72.23
N VAL RA 43 30.21 36.00 73.41
CA VAL RA 43 31.57 36.35 73.81
C VAL RA 43 32.35 35.05 73.96
N PHE RA 44 33.49 34.97 73.30
CA PHE RA 44 34.25 33.73 73.26
C PHE RA 44 35.73 34.07 73.34
N ALA RA 45 36.56 33.05 73.11
CA ALA RA 45 37.99 33.23 72.99
C ALA RA 45 38.32 33.46 71.52
N ARG RA 46 39.34 34.30 71.29
CA ARG RA 46 39.83 34.57 69.95
C ARG RA 46 38.74 35.18 69.06
N GLY RA 47 39.03 35.36 67.79
CA GLY RA 47 38.07 35.97 66.90
C GLY RA 47 38.04 37.47 67.01
N LYS RA 48 37.79 38.14 65.90
CA LYS RA 48 37.79 39.59 65.90
C LYS RA 48 36.55 40.09 66.64
N PRO RA 49 36.69 41.11 67.48
CA PRO RA 49 35.53 41.70 68.14
C PRO RA 49 34.64 42.42 67.14
N PHE RA 50 33.34 42.47 67.47
CA PHE RA 50 32.34 43.12 66.62
C PHE RA 50 32.42 42.58 65.20
N THR RA 51 32.54 41.27 65.09
CA THR RA 51 32.78 40.62 63.81
C THR RA 51 31.93 39.37 63.68
N VAL RA 52 31.40 39.16 62.47
CA VAL RA 52 30.64 37.96 62.14
C VAL RA 52 31.62 36.86 61.76
N LEU RA 53 31.26 35.62 62.07
CA LEU RA 53 32.10 34.47 61.80
C LEU RA 53 31.20 33.31 61.43
N ALA RA 54 31.36 32.83 60.19
CA ALA RA 54 30.66 31.64 59.71
C ALA RA 54 31.29 30.42 60.36
N VAL RA 55 30.70 29.96 61.45
CA VAL RA 55 31.28 28.91 62.26
C VAL RA 55 30.68 27.58 61.83
N THR RA 56 31.56 26.59 61.65
CA THR RA 56 31.15 25.23 61.32
C THR RA 56 31.80 24.25 62.28
N GLU RA 57 31.62 22.96 62.01
CA GLU RA 57 32.23 21.94 62.82
C GLU RA 57 33.73 21.92 62.68
N SER RA 58 34.27 22.55 61.64
CA SER RA 58 35.70 22.56 61.39
C SER RA 58 36.43 23.66 62.12
N ASN RA 59 35.74 24.75 62.46
CA ASN RA 59 36.36 25.89 63.11
C ASN RA 59 35.78 26.20 64.47
N TYR RA 60 34.79 25.42 64.92
CA TYR RA 60 34.11 25.76 66.16
C TYR RA 60 35.07 25.78 67.34
N GLU RA 61 35.98 24.81 67.42
CA GLU RA 61 36.90 24.74 68.52
C GLU RA 61 38.18 25.50 68.27
N ASP RA 62 38.45 25.88 67.02
CA ASP RA 62 39.74 26.44 66.66
C ASP RA 62 39.74 27.96 66.75
N VAL RA 63 38.93 28.62 65.93
CA VAL RA 63 38.94 30.07 65.89
C VAL RA 63 38.13 30.67 67.02
N LEU RA 64 37.28 29.88 67.67
CA LEU RA 64 36.56 30.35 68.84
C LEU RA 64 37.29 30.05 70.13
N GLY RA 65 38.45 29.39 70.06
CA GLY RA 65 39.19 29.04 71.24
C GLY RA 65 38.50 27.94 72.02
N GLU RA 66 39.13 27.55 73.12
CA GLU RA 66 38.60 26.51 73.97
C GLU RA 66 37.46 27.08 74.83
N PRO RA 67 36.56 26.21 75.30
CA PRO RA 67 35.52 26.68 76.23
C PRO RA 67 36.13 27.25 77.50
N LEU RA 68 35.51 28.31 78.00
CA LEU RA 68 35.95 28.97 79.22
C LEU RA 68 35.30 28.34 80.45
N LYS RA 69 35.79 28.70 81.61
CA LYS RA 69 35.28 28.16 82.85
C LYS RA 69 33.89 28.74 83.15
N PRO RA 70 32.89 27.91 83.42
CA PRO RA 70 31.57 28.46 83.73
C PRO RA 70 31.57 29.39 84.92
N SER RA 71 32.35 29.07 85.95
CA SER RA 71 32.49 29.98 87.08
C SER RA 71 33.30 31.21 86.73
N SER RA 72 33.96 31.22 85.57
CA SER RA 72 34.65 32.41 85.08
C SER RA 72 33.64 33.30 84.35
N GLY RA 73 32.82 33.98 85.13
CA GLY RA 73 31.86 34.90 84.59
C GLY RA 73 30.68 34.21 83.95
N SER RA 74 29.79 35.04 83.41
CA SER RA 74 28.56 34.58 82.78
C SER RA 74 28.74 34.32 81.29
N GLN RA 75 29.98 34.07 80.87
CA GLN RA 75 30.30 33.89 79.46
C GLN RA 75 30.20 32.43 79.04
N PHE RA 76 29.77 31.55 79.94
CA PHE RA 76 29.67 30.14 79.64
C PHE RA 76 28.38 29.76 78.91
N GLU RA 77 27.31 30.55 79.06
CA GLU RA 77 26.10 30.27 78.28
C GLU RA 77 26.37 30.24 76.78
N PRO RA 78 27.03 31.22 76.18
CA PRO RA 78 27.28 31.12 74.73
C PRO RA 78 28.13 29.94 74.34
N ILE RA 79 29.13 29.59 75.16
CA ILE RA 79 30.01 28.49 74.76
C ILE RA 79 29.26 27.17 74.85
N ARG RA 80 28.42 27.00 75.89
CA ARG RA 80 27.61 25.80 75.95
C ARG RA 80 26.64 25.74 74.77
N HIS RA 81 26.02 26.87 74.43
CA HIS RA 81 25.07 26.88 73.33
C HIS RA 81 25.74 26.50 72.02
N VAL RA 82 26.91 27.08 71.75
CA VAL RA 82 27.58 26.76 70.50
C VAL RA 82 28.06 25.31 70.52
N TYR RA 83 28.50 24.82 71.68
CA TYR RA 83 28.95 23.44 71.76
C TYR RA 83 27.82 22.48 71.44
N GLU RA 84 26.63 22.74 72.00
CA GLU RA 84 25.49 21.88 71.75
C GLU RA 84 24.92 22.05 70.34
N ALA RA 85 25.11 23.20 69.72
CA ALA RA 85 24.50 23.43 68.41
C ALA RA 85 25.38 23.01 67.25
N ILE RA 86 26.69 23.26 67.33
CA ILE RA 86 27.57 23.03 66.20
C ILE RA 86 27.69 21.55 65.88
N GLN RA 87 27.42 20.67 66.85
CA GLN RA 87 27.54 19.24 66.60
C GLN RA 87 26.60 18.78 65.51
N GLN RA 88 25.58 19.58 65.20
CA GLN RA 88 24.59 19.20 64.20
C GLN RA 88 24.40 20.29 63.14
N THR RA 89 24.57 21.56 63.50
CA THR RA 89 24.32 22.65 62.57
C THR RA 89 25.39 23.72 62.70
N SER RA 90 25.62 24.43 61.60
CA SER RA 90 26.56 25.53 61.55
C SER RA 90 25.83 26.85 61.68
N GLY RA 91 26.59 27.93 61.88
CA GLY RA 91 25.97 29.23 62.05
C GLY RA 91 26.83 30.40 61.61
N TYR RA 92 26.37 31.61 61.93
CA TYR RA 92 27.03 32.85 61.53
C TYR RA 92 27.26 33.72 62.76
N VAL RA 93 27.89 33.13 63.78
CA VAL RA 93 27.89 33.75 65.10
C VAL RA 93 28.69 35.05 65.08
N VAL RA 94 28.20 36.07 65.77
CA VAL RA 94 28.86 37.35 65.86
C VAL RA 94 29.43 37.52 67.25
N ARG RA 95 30.65 38.07 67.34
CA ARG RA 95 31.33 38.23 68.60
C ARG RA 95 31.85 39.65 68.75
N ALA RA 96 31.70 40.20 69.96
CA ALA RA 96 32.23 41.51 70.30
C ALA RA 96 32.66 41.49 71.76
N VAL RA 97 33.55 42.41 72.10
CA VAL RA 97 34.07 42.53 73.46
C VAL RA 97 34.05 44.00 73.86
N PRO RA 98 34.05 44.29 75.16
CA PRO RA 98 34.13 45.68 75.60
C PRO RA 98 35.47 46.30 75.22
N ASP RA 99 35.50 47.64 75.29
CA ASP RA 99 36.67 48.41 74.90
C ASP RA 99 37.89 48.11 75.77
N ASP RA 100 37.69 47.51 76.94
CA ASP RA 100 38.79 47.24 77.85
C ASP RA 100 39.82 46.30 77.23
N ALA RA 101 39.41 45.45 76.29
CA ALA RA 101 40.35 44.55 75.64
C ALA RA 101 41.30 45.33 74.73
N LYS RA 102 42.55 44.88 74.69
CA LYS RA 102 43.57 45.49 73.86
C LYS RA 102 44.38 44.39 73.16
N PHE RA 103 44.74 44.65 71.96
CA PHE RA 103 45.58 43.74 71.19
C PHE RA 103 47.00 44.28 71.11
N PRO RA 104 47.99 43.39 71.08
CA PRO RA 104 49.38 43.80 71.00
C PRO RA 104 49.90 43.94 69.58
N ILE RA 105 51.07 44.58 69.49
CA ILE RA 105 51.72 44.97 68.25
C ILE RA 105 53.22 45.07 68.51
N ILE RA 106 54.01 44.72 67.50
CA ILE RA 106 55.46 44.86 67.55
C ILE RA 106 55.90 45.70 66.36
N MET RA 107 56.70 46.72 66.65
CA MET RA 107 57.19 47.67 65.67
C MET RA 107 58.65 47.37 65.35
N PHE RA 108 58.98 47.34 64.07
CA PHE RA 108 60.37 47.28 63.62
C PHE RA 108 60.74 48.63 63.03
N ASP RA 109 61.76 49.24 63.60
CA ASP RA 109 62.22 50.55 63.13
C ASP RA 109 63.06 50.38 61.87
N GLU RA 110 63.71 51.45 61.45
CA GLU RA 110 64.53 51.42 60.23
C GLU RA 110 65.60 50.34 60.33
N SER RA 111 66.31 50.30 61.46
CA SER RA 111 67.29 49.25 61.67
C SER RA 111 66.65 47.90 61.92
N GLY RA 112 65.33 47.85 62.08
CA GLY RA 112 64.64 46.61 62.39
C GLY RA 112 64.52 46.30 63.86
N GLU RA 113 64.89 47.23 64.74
CA GLU RA 113 64.74 46.99 66.16
C GLU RA 113 63.28 46.85 66.52
N PRO RA 114 62.94 45.97 67.45
CA PRO RA 114 61.54 45.78 67.87
C PRO RA 114 61.16 46.60 69.07
N ALA RA 115 59.88 46.97 69.10
CA ALA RA 115 59.26 47.66 70.22
C ALA RA 115 57.86 47.11 70.42
N TYR RA 116 57.51 46.79 71.66
CA TYR RA 116 56.23 46.17 71.96
C TYR RA 116 55.23 47.22 72.42
N SER RA 117 53.97 47.06 72.00
CA SER RA 117 52.92 47.98 72.41
C SER RA 117 51.59 47.25 72.40
N ALA RA 118 50.59 47.86 73.03
CA ALA RA 118 49.24 47.31 73.05
C ALA RA 118 48.24 48.46 72.89
N LEU RA 119 47.22 48.23 72.08
CA LEU RA 119 46.24 49.25 71.80
C LEU RA 119 44.84 48.66 71.91
N PRO RA 120 43.86 49.48 72.31
CA PRO RA 120 42.48 48.97 72.38
C PRO RA 120 42.00 48.53 71.00
N TYR RA 121 41.19 47.48 70.99
CA TYR RA 121 40.68 46.95 69.73
C TYR RA 121 39.87 48.01 69.00
N GLY RA 122 40.11 48.13 67.70
CA GLY RA 122 39.50 49.14 66.87
C GLY RA 122 40.35 50.37 66.69
N SER RA 123 41.28 50.63 67.60
CA SER RA 123 42.18 51.76 67.46
C SER RA 123 43.12 51.52 66.28
N GLU RA 124 43.39 52.58 65.52
CA GLU RA 124 44.26 52.50 64.35
C GLU RA 124 45.62 53.09 64.69
N ILE RA 125 46.67 52.34 64.38
CA ILE RA 125 48.03 52.78 64.64
C ILE RA 125 48.54 53.54 63.43
N GLU RA 126 49.31 54.60 63.69
CA GLU RA 126 49.90 55.42 62.65
C GLU RA 126 51.41 55.44 62.82
N LEU RA 127 52.12 55.67 61.72
CA LEU RA 127 53.58 55.67 61.69
C LEU RA 127 54.06 57.09 61.45
N ASP RA 128 54.82 57.62 62.40
CA ASP RA 128 55.44 58.93 62.30
C ASP RA 128 56.77 58.84 61.56
N SER RA 129 57.61 59.86 61.70
CA SER RA 129 58.93 59.84 61.08
C SER RA 129 59.71 58.59 61.46
N GLY RA 130 59.72 58.24 62.74
CA GLY RA 130 60.29 56.98 63.18
C GLY RA 130 59.30 55.86 62.96
N GLU RA 131 59.52 54.75 63.68
CA GLU RA 131 58.60 53.61 63.63
C GLU RA 131 58.37 53.16 62.18
N ALA RA 132 59.45 52.64 61.60
CA ALA RA 132 59.48 52.32 60.17
C ALA RA 132 58.27 51.49 59.76
N PHE RA 133 57.98 50.42 60.49
CA PHE RA 133 56.75 49.66 60.23
C PHE RA 133 56.40 48.89 61.48
N ALA RA 134 55.18 48.34 61.49
CA ALA RA 134 54.73 47.60 62.66
C ALA RA 134 53.75 46.52 62.23
N ILE RA 135 53.60 45.51 63.09
CA ILE RA 135 52.71 44.39 62.84
C ILE RA 135 51.94 44.13 64.13
N TYR RA 136 50.62 44.14 64.04
CA TYR RA 136 49.75 43.96 65.18
C TYR RA 136 48.89 42.72 64.99
N VAL RA 137 48.60 42.04 66.09
CA VAL RA 137 47.81 40.83 66.01
C VAL RA 137 46.34 41.20 66.07
N ASP RA 138 45.50 40.45 65.34
CA ASP RA 138 44.10 40.79 65.19
C ASP RA 138 43.16 39.64 65.53
N ASP RA 139 43.68 38.44 65.78
CA ASP RA 139 42.82 37.30 66.08
C ASP RA 139 42.07 37.44 67.39
N GLY RA 140 42.45 38.40 68.24
CA GLY RA 140 41.83 38.60 69.52
C GLY RA 140 42.50 37.92 70.69
N ASP RA 141 43.42 37.00 70.45
CA ASP RA 141 44.13 36.36 71.54
C ASP RA 141 45.06 37.35 72.22
N PRO RA 142 45.08 37.42 73.54
CA PRO RA 142 46.01 38.32 74.23
C PRO RA 142 47.44 37.81 74.20
N CYS RA 143 47.70 36.79 73.39
CA CYS RA 143 49.03 36.20 73.24
C CYS RA 143 49.55 35.71 74.58
N ILE RA 144 48.68 35.09 75.37
CA ILE RA 144 49.05 34.57 76.67
C ILE RA 144 48.87 33.06 76.78
N SER RA 145 47.97 32.47 76.01
CA SER RA 145 47.74 31.03 76.07
C SER RA 145 47.13 30.54 74.77
N PRO RA 146 47.95 30.13 73.79
CA PRO RA 146 49.42 30.12 73.80
C PRO RA 146 50.00 31.49 73.43
N THR RA 147 51.27 31.55 73.06
CA THR RA 147 51.94 32.78 72.69
C THR RA 147 52.35 32.74 71.22
N ARG RA 148 52.40 33.90 70.60
CA ARG RA 148 52.75 34.01 69.18
C ARG RA 148 54.20 34.45 69.04
N GLU RA 149 54.97 33.67 68.29
CA GLU RA 149 56.37 33.96 68.07
C GLU RA 149 56.67 33.94 66.58
N LEU RA 150 57.66 34.75 66.20
CA LEU RA 150 58.04 34.94 64.81
C LEU RA 150 59.54 34.78 64.67
N THR RA 151 59.96 34.09 63.61
CA THR RA 151 61.38 33.93 63.32
C THR RA 151 61.62 34.38 61.88
N ILE RA 152 62.53 35.34 61.71
CA ILE RA 152 62.77 35.98 60.42
C ILE RA 152 64.25 35.86 60.07
N GLU RA 153 64.52 35.48 58.84
CA GLU RA 153 65.89 35.47 58.33
C GLU RA 153 65.81 35.63 56.81
N THR RA 154 66.97 35.60 56.16
CA THR RA 154 67.04 35.82 54.72
C THR RA 154 66.58 34.57 53.98
N ALA RA 155 66.52 34.66 52.65
CA ALA RA 155 66.16 33.54 51.81
C ALA RA 155 66.68 33.83 50.40
N THR RA 156 66.38 32.93 49.47
CA THR RA 156 66.79 33.12 48.09
C THR RA 156 66.04 34.29 47.46
N ALA RA 157 66.67 34.91 46.48
CA ALA RA 157 66.10 36.08 45.83
C ALA RA 157 65.06 35.67 44.78
N ASP RA 158 64.39 36.67 44.22
CA ASP RA 158 63.40 36.44 43.18
C ASP RA 158 64.07 36.29 41.81
N SER RA 159 63.26 35.95 40.81
CA SER RA 159 63.76 35.85 39.44
C SER RA 159 64.29 37.18 38.95
N ALA RA 160 63.77 38.29 39.48
CA ALA RA 160 64.30 39.61 39.22
C ALA RA 160 65.50 39.95 40.08
N GLY RA 161 65.92 39.02 40.95
CA GLY RA 161 67.03 39.27 41.83
C GLY RA 161 66.70 40.05 43.07
N ASN RA 162 65.42 40.32 43.32
CA ASN RA 162 65.03 41.09 44.49
C ASN RA 162 65.32 40.29 45.75
N GLU RA 163 65.99 40.93 46.72
CA GLU RA 163 66.32 40.25 47.96
C GLU RA 163 65.05 39.87 48.71
N ARG RA 164 65.04 38.65 49.22
CA ARG RA 164 63.86 38.11 49.88
C ARG RA 164 64.24 37.49 51.22
N PHE RA 165 63.30 37.52 52.14
CA PHE RA 165 63.51 36.99 53.48
C PHE RA 165 62.31 36.14 53.86
N LEU RA 166 62.59 35.04 54.54
CA LEU RA 166 61.55 34.12 54.99
C LEU RA 166 61.28 34.37 56.48
N LEU RA 167 60.00 34.44 56.82
CA LEU RA 167 59.56 34.56 58.20
C LEU RA 167 58.52 33.49 58.48
N LYS RA 168 58.61 32.89 59.66
CA LYS RA 168 57.68 31.86 60.08
C LYS RA 168 57.02 32.25 61.39
N LEU RA 169 55.72 32.05 61.45
CA LEU RA 169 54.92 32.32 62.63
C LEU RA 169 54.59 31.00 63.32
N THR RA 170 54.55 31.04 64.65
CA THR RA 170 54.22 29.85 65.41
C THR RA 170 53.52 30.23 66.70
N GLN RA 171 52.81 29.26 67.27
CA GLN RA 171 52.22 29.36 68.58
C GLN RA 171 52.94 28.41 69.52
N THR RA 172 53.34 28.92 70.67
CA THR RA 172 54.06 28.15 71.68
C THR RA 172 53.21 28.07 72.93
N THR RA 173 52.97 26.84 73.40
CA THR RA 173 52.15 26.63 74.57
C THR RA 173 52.99 26.81 75.84
N SER RA 174 52.34 26.67 77.00
CA SER RA 174 53.07 26.81 78.26
C SER RA 174 54.10 25.70 78.42
N LEU RA 175 53.75 24.48 78.01
CA LEU RA 175 54.64 23.34 78.17
C LEU RA 175 55.80 23.34 77.17
N GLY RA 176 55.76 24.21 76.16
CA GLY RA 176 56.87 24.34 75.24
C GLY RA 176 56.62 23.80 73.84
N VAL RA 177 55.42 23.28 73.57
CA VAL RA 177 55.12 22.81 72.22
C VAL RA 177 55.00 24.01 71.29
N VAL RA 178 55.72 23.95 70.18
CA VAL RA 178 55.85 25.05 69.24
C VAL RA 178 55.27 24.57 67.91
N THR RA 179 54.06 25.01 67.59
CA THR RA 179 53.37 24.61 66.37
C THR RA 179 53.33 25.79 65.42
N THR RA 180 53.93 25.63 64.25
CA THR RA 180 53.94 26.73 63.29
C THR RA 180 52.59 26.88 62.62
N LEU RA 181 52.29 28.10 62.21
CA LEU RA 181 51.08 28.42 61.47
C LEU RA 181 51.36 28.75 60.01
N GLU RA 182 52.46 29.46 59.74
CA GLU RA 182 52.81 29.80 58.37
C GLU RA 182 54.32 29.99 58.29
N THR RA 183 54.83 29.89 57.08
CA THR RA 183 56.25 30.16 56.80
C THR RA 183 56.33 30.69 55.37
N HIS RA 184 56.56 31.99 55.23
CA HIS RA 184 56.45 32.63 53.93
C HIS RA 184 57.69 33.46 53.62
N THR RA 185 58.07 33.47 52.36
CA THR RA 185 59.18 34.29 51.87
C THR RA 185 58.62 35.53 51.19
N VAL RA 186 58.99 36.70 51.69
CA VAL RA 186 58.48 37.96 51.18
C VAL RA 186 59.65 38.92 51.00
N SER RA 187 59.40 39.97 50.23
CA SER RA 187 60.42 40.96 49.93
C SER RA 187 59.83 42.36 50.07
N LEU RA 188 60.71 43.31 50.37
CA LEU RA 188 60.31 44.71 50.43
C LEU RA 188 59.91 45.25 49.07
N ALA RA 189 60.33 44.59 47.99
CA ALA RA 189 60.07 45.11 46.65
C ALA RA 189 58.58 45.21 46.40
N GLU RA 190 58.15 46.36 45.88
CA GLU RA 190 56.74 46.54 45.59
C GLU RA 190 56.28 45.53 44.55
N GLU RA 191 57.05 45.37 43.48
CA GLU RA 191 56.77 44.43 42.40
C GLU RA 191 57.46 43.08 42.60
N ALA RA 192 57.57 42.62 43.85
CA ALA RA 192 58.26 41.37 44.16
C ALA RA 192 57.42 40.17 43.73
N LYS RA 193 57.81 39.52 42.65
CA LYS RA 193 57.09 38.37 42.10
C LYS RA 193 57.96 37.13 42.23
N ASP RA 194 57.40 36.07 42.82
CA ASP RA 194 58.10 34.81 42.95
C ASP RA 194 58.15 34.07 41.62
N ASP RA 195 58.96 33.01 41.57
CA ASP RA 195 59.02 32.21 40.36
C ASP RA 195 57.70 31.50 40.08
N MET RA 196 56.90 31.24 41.11
CA MET RA 196 55.53 30.79 40.88
C MET RA 196 54.64 31.91 40.36
N GLY RA 197 55.15 33.14 40.32
CA GLY RA 197 54.32 34.31 40.11
C GLY RA 197 53.66 34.81 41.36
N ARG RA 198 53.95 34.23 42.51
CA ARG RA 198 53.39 34.69 43.76
C ARG RA 198 54.00 36.04 44.14
N LEU RA 199 53.14 36.98 44.51
CA LEU RA 199 53.62 38.30 44.94
C LEU RA 199 54.27 38.19 46.31
N CYS RA 200 55.44 38.80 46.46
CA CYS RA 200 56.16 38.79 47.72
C CYS RA 200 56.10 40.14 48.43
N TYR RA 201 55.22 41.04 48.00
CA TYR RA 201 55.10 42.33 48.65
C TYR RA 201 54.55 42.17 50.05
N LEU RA 202 55.13 42.91 50.99
CA LEU RA 202 54.83 42.70 52.40
C LEU RA 202 53.37 42.93 52.75
N PRO RA 203 52.76 44.08 52.44
CA PRO RA 203 51.38 44.29 52.90
C PRO RA 203 50.39 43.37 52.21
N THR RA 204 50.56 43.16 50.90
CA THR RA 204 49.67 42.26 50.18
C THR RA 204 49.77 40.85 50.72
N ALA RA 205 51.00 40.39 51.00
CA ALA RA 205 51.16 39.07 51.59
C ALA RA 205 50.48 38.99 52.94
N LEU RA 206 50.66 40.02 53.78
CA LEU RA 206 50.04 40.02 55.11
C LEU RA 206 48.53 39.94 55.00
N GLU RA 207 47.93 40.73 54.12
CA GLU RA 207 46.48 40.74 54.03
C GLU RA 207 45.93 39.49 53.36
N ALA RA 208 46.69 38.87 52.46
CA ALA RA 208 46.16 37.74 51.70
C ALA RA 208 46.44 36.41 52.38
N ARG RA 209 47.71 36.08 52.56
CA ARG RA 209 48.05 34.77 53.10
C ARG RA 209 48.07 34.75 54.62
N SER RA 210 48.63 35.78 55.24
CA SER RA 210 48.59 35.88 56.69
C SER RA 210 47.16 36.09 57.16
N LYS RA 211 46.83 35.48 58.30
CA LYS RA 211 45.48 35.51 58.81
C LYS RA 211 45.36 35.98 60.25
N TYR RA 212 46.48 36.13 60.98
CA TYR RA 212 46.43 36.55 62.37
C TYR RA 212 47.10 37.89 62.62
N LEU RA 213 47.97 38.34 61.71
CA LEU RA 213 48.76 39.54 61.89
C LEU RA 213 48.54 40.48 60.72
N ARG RA 214 48.47 41.78 61.01
CA ARG RA 214 48.34 42.79 59.98
C ARG RA 214 49.40 43.85 60.17
N ALA RA 215 49.99 44.29 59.07
CA ALA RA 215 51.16 45.15 59.08
C ALA RA 215 50.84 46.51 58.47
N VAL RA 216 51.41 47.55 59.07
CA VAL RA 216 51.37 48.91 58.53
C VAL RA 216 52.79 49.34 58.24
N VAL RA 217 53.01 49.86 57.04
CA VAL RA 217 54.34 50.18 56.54
C VAL RA 217 54.33 51.59 55.98
N ASN RA 218 55.36 52.36 56.31
CA ASN RA 218 55.53 53.69 55.73
C ASN RA 218 55.89 53.57 54.26
N GLU RA 219 55.07 54.14 53.39
CA GLU RA 219 55.30 54.06 51.95
C GLU RA 219 56.49 54.90 51.50
N GLU RA 220 56.96 55.82 52.33
CA GLU RA 220 58.12 56.62 52.02
C GLU RA 220 59.41 56.06 52.60
N LEU RA 221 59.33 55.25 53.65
CA LEU RA 221 60.48 54.62 54.24
C LEU RA 221 60.62 53.14 53.87
N ILE RA 222 59.67 52.60 53.10
CA ILE RA 222 59.77 51.21 52.69
C ILE RA 222 60.98 51.01 51.79
N SER RA 223 61.26 51.98 50.92
CA SER RA 223 62.41 51.87 50.03
C SER RA 223 63.71 51.82 50.81
N THR RA 224 63.85 52.68 51.81
CA THR RA 224 65.06 52.75 52.62
C THR RA 224 65.08 51.72 53.72
N ALA RA 225 64.00 50.97 53.92
CA ALA RA 225 63.95 50.00 54.99
C ALA RA 225 64.87 48.82 54.68
N LYS RA 226 65.32 48.18 55.75
CA LYS RA 226 66.15 46.99 55.65
C LYS RA 226 65.52 45.84 56.44
N VAL RA 227 66.24 44.74 56.60
CA VAL RA 227 65.75 43.58 57.33
C VAL RA 227 66.79 43.18 58.37
N THR RA 228 66.32 42.43 59.36
CA THR RA 228 67.17 41.94 60.45
C THR RA 228 66.79 40.49 60.74
N ASN RA 229 67.59 39.88 61.60
CA ASN RA 229 67.38 38.48 62.01
C ASN RA 229 66.84 38.49 63.44
N LYS RA 230 65.55 38.20 63.58
CA LYS RA 230 64.89 38.17 64.87
C LYS RA 230 64.17 36.85 65.01
N LYS RA 231 64.34 36.19 66.16
CA LYS RA 231 63.85 34.84 66.38
C LYS RA 231 62.89 34.81 67.55
N SER RA 232 61.72 34.22 67.35
CA SER RA 232 60.74 33.97 68.39
C SER RA 232 60.39 35.24 69.15
N LEU RA 233 59.81 36.18 68.41
CA LEU RA 233 59.38 37.45 68.98
C LEU RA 233 57.95 37.33 69.47
N ALA RA 234 57.76 37.55 70.77
CA ALA RA 234 56.47 37.35 71.42
C ALA RA 234 55.78 38.69 71.66
N PHE RA 235 54.48 38.72 71.40
CA PHE RA 235 53.68 39.90 71.67
C PHE RA 235 53.35 40.01 73.15
N THR RA 236 53.39 41.23 73.66
CA THR RA 236 53.10 41.52 75.06
C THR RA 236 52.13 42.69 75.15
N GLY RA 237 51.40 42.75 76.26
CA GLY RA 237 50.43 43.80 76.50
C GLY RA 237 49.03 43.47 76.05
N GLY RA 238 48.84 42.37 75.33
CA GLY RA 238 47.50 41.97 74.96
C GLY RA 238 46.66 41.62 76.18
N THR RA 239 45.38 41.93 76.11
CA THR RA 239 44.46 41.69 77.21
C THR RA 239 43.06 41.48 76.65
N ASN RA 240 42.38 40.44 77.14
CA ASN RA 240 41.01 40.19 76.72
C ASN RA 240 40.02 41.09 77.42
N GLY RA 241 40.40 41.76 78.50
CA GLY RA 241 39.49 42.62 79.21
C GLY RA 241 38.45 41.84 80.01
N ASP RA 242 37.48 42.59 80.52
CA ASP RA 242 36.37 42.02 81.29
C ASP RA 242 35.19 41.76 80.38
N GLN RA 243 34.61 40.57 80.49
CA GLN RA 243 33.46 40.19 79.68
C GLN RA 243 32.19 39.99 80.49
N SER RA 244 32.29 39.98 81.82
CA SER RA 244 31.09 39.82 82.65
C SER RA 244 30.11 40.97 82.43
N LYS RA 245 30.62 42.19 82.35
CA LYS RA 245 29.81 43.36 82.09
C LYS RA 245 30.08 43.83 80.66
N ILE RA 246 29.03 43.93 79.87
CA ILE RA 246 29.13 44.37 78.48
C ILE RA 246 28.21 45.56 78.29
N SER RA 247 28.73 46.61 77.66
CA SER RA 247 27.97 47.84 77.51
C SER RA 247 26.79 47.63 76.58
N THR RA 248 25.69 48.33 76.89
CA THR RA 248 24.56 48.36 75.97
C THR RA 248 24.95 48.98 74.64
N ALA RA 249 25.95 49.87 74.65
CA ALA RA 249 26.47 50.40 73.40
C ALA RA 249 27.09 49.30 72.54
N ALA RA 250 27.90 48.44 73.16
CA ALA RA 250 28.43 47.30 72.43
C ALA RA 250 27.30 46.38 71.98
N TYR RA 251 26.30 46.20 72.83
CA TYR RA 251 25.15 45.39 72.47
C TYR RA 251 24.47 45.90 71.21
N LEU RA 252 24.19 47.20 71.17
CA LEU RA 252 23.51 47.78 70.03
C LEU RA 252 24.41 47.82 68.80
N ARG RA 253 25.71 48.01 68.98
CA ARG RA 253 26.62 47.93 67.84
C ARG RA 253 26.59 46.54 67.24
N ALA RA 254 26.61 45.51 68.08
CA ALA RA 254 26.49 44.15 67.59
C ALA RA 254 25.15 43.94 66.89
N VAL RA 255 24.08 44.49 67.47
CA VAL RA 255 22.76 44.36 66.88
C VAL RA 255 22.75 44.94 65.46
N LYS RA 256 23.26 46.16 65.32
CA LYS RA 256 23.18 46.82 64.02
C LYS RA 256 24.12 46.18 63.01
N VAL RA 257 25.30 45.72 63.42
CA VAL RA 257 26.16 45.06 62.46
C VAL RA 257 25.56 43.73 62.04
N LEU RA 258 24.91 43.01 62.95
CA LEU RA 258 24.22 41.79 62.57
C LEU RA 258 23.10 42.09 61.60
N ASN RA 259 22.39 43.20 61.82
CA ASN RA 259 21.36 43.62 60.89
C ASN RA 259 21.95 43.88 59.52
N ASN RA 260 23.06 44.61 59.46
CA ASN RA 260 23.68 44.96 58.21
C ASN RA 260 24.40 43.79 57.55
N ALA RA 261 24.59 42.69 58.27
CA ALA RA 261 25.32 41.56 57.73
C ALA RA 261 24.53 40.89 56.62
N PRO RA 262 25.05 40.83 55.40
CA PRO RA 262 24.32 40.19 54.29
C PRO RA 262 24.65 38.70 54.17
N TYR RA 263 24.28 37.94 55.20
CA TYR RA 263 24.47 36.50 55.22
C TYR RA 263 23.17 35.83 55.61
N MET RA 264 22.88 34.72 54.95
CA MET RA 264 21.62 34.03 55.20
C MET RA 264 21.64 33.34 56.56
N TYR RA 265 20.58 33.54 57.33
CA TYR RA 265 20.38 32.78 58.55
C TYR RA 265 18.88 32.66 58.80
N THR RA 266 18.42 31.43 58.97
CA THR RA 266 16.99 31.18 59.12
C THR RA 266 16.48 31.45 60.52
N ALA RA 267 17.36 31.56 61.51
CA ALA RA 267 16.91 31.75 62.88
C ALA RA 267 17.93 32.53 63.68
N VAL RA 268 17.49 33.03 64.84
CA VAL RA 268 18.34 33.77 65.75
C VAL RA 268 18.25 33.16 67.14
N LEU RA 269 19.39 33.13 67.82
CA LEU RA 269 19.56 32.43 69.09
C LEU RA 269 19.99 33.43 70.16
N GLY RA 270 19.47 33.25 71.37
CA GLY RA 270 19.76 34.20 72.44
C GLY RA 270 21.20 34.16 72.89
N LEU RA 271 21.78 32.97 72.97
CA LEU RA 271 23.14 32.76 73.49
C LEU RA 271 23.28 33.23 74.94
N GLY RA 272 22.18 33.18 75.70
CA GLY RA 272 22.22 33.44 77.12
C GLY RA 272 22.24 34.90 77.52
N CYS RA 273 22.14 35.83 76.58
CA CYS RA 273 22.16 37.25 76.93
C CYS RA 273 20.91 37.61 77.72
N TYR RA 274 21.10 38.45 78.74
CA TYR RA 274 19.99 38.89 79.57
C TYR RA 274 19.75 40.39 79.50
N ASP RA 275 20.48 41.11 78.67
CA ASP RA 275 20.22 42.53 78.48
C ASP RA 275 18.84 42.70 77.85
N ASN RA 276 17.96 43.43 78.54
CA ASN RA 276 16.61 43.62 78.04
C ASN RA 276 16.61 44.36 76.72
N ALA RA 277 17.43 45.40 76.60
CA ALA RA 277 17.50 46.15 75.35
C ALA RA 277 18.01 45.27 74.22
N ALA RA 278 19.02 44.45 74.50
CA ALA RA 278 19.52 43.52 73.48
C ALA RA 278 18.43 42.54 73.07
N ILE RA 279 17.67 42.02 74.04
CA ILE RA 279 16.62 41.07 73.73
C ILE RA 279 15.58 41.71 72.85
N THR RA 280 15.18 42.94 73.18
CA THR RA 280 14.19 43.65 72.38
C THR RA 280 14.70 43.94 70.98
N ALA RA 281 15.97 44.34 70.86
CA ALA RA 281 16.53 44.61 69.55
C ALA RA 281 16.55 43.33 68.71
N LEU RA 282 16.93 42.21 69.33
CA LEU RA 282 16.91 40.96 68.59
C LEU RA 282 15.50 40.57 68.19
N GLY RA 283 14.52 40.86 69.06
CA GLY RA 283 13.15 40.57 68.72
C GLY RA 283 12.67 41.38 67.53
N LYS RA 284 13.01 42.66 67.49
CA LYS RA 284 12.61 43.47 66.35
C LYS RA 284 13.36 43.06 65.09
N ILE RA 285 14.60 42.60 65.22
CA ILE RA 285 15.32 42.06 64.07
C ILE RA 285 14.59 40.84 63.53
N CYS RA 286 14.22 39.93 64.43
CA CYS RA 286 13.49 38.75 64.02
C CYS RA 286 12.18 39.13 63.33
N ALA RA 287 11.48 40.12 63.89
CA ALA RA 287 10.21 40.53 63.32
C ALA RA 287 10.39 41.10 61.91
N ASP RA 288 11.28 42.07 61.75
CA ASP RA 288 11.38 42.74 60.46
C ASP RA 288 12.18 41.93 59.44
N ARG RA 289 12.82 40.84 59.85
CA ARG RA 289 13.45 39.94 58.91
C ARG RA 289 12.64 38.68 58.66
N LEU RA 290 11.55 38.49 59.39
CA LEU RA 290 10.62 37.38 59.16
C LEU RA 290 11.33 36.04 59.30
N ILE RA 291 11.75 35.78 60.54
CA ILE RA 291 12.49 34.59 60.93
C ILE RA 291 11.99 34.12 62.29
N ASP RA 292 12.64 33.09 62.82
CA ASP RA 292 12.31 32.56 64.14
C ASP RA 292 13.39 32.96 65.14
N GLY RA 293 12.97 33.19 66.38
CA GLY RA 293 13.88 33.54 67.45
C GLY RA 293 13.73 32.60 68.63
N PHE RA 294 14.83 32.37 69.33
CA PHE RA 294 14.85 31.38 70.40
C PHE RA 294 15.21 31.99 71.75
N PHE RA 295 14.54 33.08 72.12
CA PHE RA 295 14.90 33.80 73.34
C PHE RA 295 14.70 32.92 74.56
N ASP RA 296 15.28 33.37 75.68
CA ASP RA 296 15.21 32.65 76.94
C ASP RA 296 15.12 33.65 78.07
N VAL RA 297 14.54 33.22 79.18
CA VAL RA 297 14.46 34.05 80.37
C VAL RA 297 15.52 33.59 81.36
N LYS RA 298 15.77 34.41 82.37
CA LYS RA 298 16.78 34.08 83.36
C LYS RA 298 16.34 32.87 84.18
N PRO RA 299 17.11 31.79 84.18
CA PRO RA 299 16.70 30.58 84.92
C PRO RA 299 16.66 30.77 86.41
N THR RA 300 17.37 31.78 86.93
CA THR RA 300 17.57 31.91 88.37
C THR RA 300 16.31 32.32 89.12
N LEU RA 301 15.23 32.67 88.42
CA LEU RA 301 14.02 33.16 89.06
C LEU RA 301 12.98 32.05 89.09
N THR RA 302 12.22 31.98 90.18
CA THR RA 302 11.19 30.95 90.33
C THR RA 302 10.04 31.23 89.38
N TYR RA 303 9.08 30.31 89.35
CA TYR RA 303 7.97 30.41 88.39
C TYR RA 303 7.13 31.65 88.66
N ALA RA 304 6.86 31.95 89.93
CA ALA RA 304 5.89 32.98 90.27
C ALA RA 304 6.28 34.33 89.67
N GLU RA 305 7.57 34.64 89.65
CA GLU RA 305 8.05 35.87 89.06
C GLU RA 305 8.55 35.69 87.63
N ALA RA 306 8.84 34.46 87.23
CA ALA RA 306 9.23 34.23 85.84
C ALA RA 306 8.04 34.37 84.91
N LEU RA 307 6.84 34.04 85.40
CA LEU RA 307 5.64 34.24 84.59
C LEU RA 307 5.47 35.69 84.18
N PRO RA 308 5.58 36.68 85.07
CA PRO RA 308 5.55 38.07 84.61
C PRO RA 308 6.82 38.51 83.91
N ALA RA 309 7.89 37.73 83.99
CA ALA RA 309 9.17 38.16 83.44
C ALA RA 309 9.09 38.40 81.94
N VAL RA 310 8.15 37.74 81.26
CA VAL RA 310 8.06 37.90 79.82
C VAL RA 310 7.64 39.33 79.45
N GLU RA 311 6.59 39.85 80.09
CA GLU RA 311 6.23 41.24 79.82
C GLU RA 311 7.13 42.20 80.55
N ASP RA 312 7.82 41.74 81.60
CA ASP RA 312 8.88 42.54 82.19
C ASP RA 312 9.95 42.84 81.16
N THR RA 313 10.33 41.81 80.39
CA THR RA 313 11.24 42.00 79.27
C THR RA 313 10.59 42.83 78.17
N GLY RA 314 9.29 42.60 77.94
CA GLY RA 314 8.57 43.40 76.97
C GLY RA 314 8.50 42.84 75.57
N LEU RA 315 8.64 41.52 75.41
CA LEU RA 315 8.59 40.90 74.09
C LEU RA 315 7.24 40.30 73.77
N LEU RA 316 6.22 40.59 74.58
CA LEU RA 316 4.86 40.17 74.27
C LEU RA 316 4.24 41.14 73.28
N GLY RA 317 3.61 40.60 72.24
CA GLY RA 317 2.93 41.43 71.27
C GLY RA 317 2.88 40.73 69.92
N THR RA 318 2.04 41.29 69.04
CA THR RA 318 1.87 40.71 67.71
C THR RA 318 3.11 40.90 66.85
N ASP RA 319 3.94 41.88 67.15
CA ASP RA 319 5.19 42.04 66.42
C ASP RA 319 6.12 40.86 66.67
N TYR RA 320 6.25 40.45 67.92
CA TYR RA 320 7.11 39.32 68.29
C TYR RA 320 6.29 38.02 68.28
N VAL RA 321 5.65 37.77 67.15
CA VAL RA 321 4.79 36.60 67.02
C VAL RA 321 5.56 35.40 66.49
N SER RA 322 6.63 35.61 65.74
CA SER RA 322 7.37 34.52 65.11
C SER RA 322 8.47 33.98 66.01
N CYS RA 323 8.63 34.50 67.21
CA CYS RA 323 9.67 34.09 68.13
C CYS RA 323 9.09 33.29 69.28
N SER RA 324 9.96 32.53 69.94
CA SER RA 324 9.61 31.74 71.11
C SER RA 324 10.61 32.02 72.23
N VAL RA 325 10.12 31.99 73.46
CA VAL RA 325 10.94 32.26 74.63
C VAL RA 325 10.83 31.09 75.59
N TYR RA 326 11.96 30.70 76.16
CA TYR RA 326 12.10 29.47 76.91
C TYR RA 326 12.46 29.78 78.36
N HIS RA 327 12.48 28.72 79.17
CA HIS RA 327 12.93 28.80 80.55
C HIS RA 327 13.51 27.45 80.97
N TYR RA 328 14.62 27.49 81.69
CA TYR RA 328 15.34 26.30 82.12
C TYR RA 328 15.60 26.37 83.61
N PRO RA 329 14.62 26.04 84.42
CA PRO RA 329 14.76 26.09 85.88
C PRO RA 329 15.47 24.87 86.45
N PHE RA 330 16.65 24.55 85.91
CA PHE RA 330 17.39 23.36 86.32
C PHE RA 330 18.87 23.66 86.29
N SER RA 331 19.66 22.66 86.70
CA SER RA 331 21.11 22.75 86.69
C SER RA 331 21.67 21.38 86.36
N CYS RA 332 22.49 21.31 85.32
CA CYS RA 332 23.07 20.06 84.87
C CYS RA 332 24.55 20.01 85.25
N LYS RA 333 25.22 18.95 84.80
CA LYS RA 333 26.62 18.72 85.11
C LYS RA 333 27.49 19.20 83.95
N ASP RA 334 28.60 19.85 84.30
CA ASP RA 334 29.56 20.29 83.29
C ASP RA 334 30.16 19.09 82.58
N LYS RA 335 30.35 19.23 81.27
CA LYS RA 335 30.98 18.17 80.50
C LYS RA 335 32.46 18.04 80.82
N TRP RA 336 33.09 19.09 81.34
CA TRP RA 336 34.51 19.07 81.67
C TRP RA 336 34.77 19.24 83.16
N THR RA 337 34.19 20.26 83.79
CA THR RA 337 34.44 20.56 85.19
C THR RA 337 33.41 19.92 86.10
N GLN RA 338 32.52 19.09 85.57
CA GLN RA 338 31.49 18.35 86.29
C GLN RA 338 30.85 19.17 87.42
N SER RA 339 30.53 20.42 87.13
CA SER RA 339 29.96 21.34 88.11
C SER RA 339 28.52 21.68 87.73
N ARG RA 340 27.82 22.30 88.69
CA ARG RA 340 26.46 22.75 88.43
C ARG RA 340 26.49 23.89 87.41
N VAL RA 341 26.03 23.61 86.21
CA VAL RA 341 26.02 24.56 85.11
C VAL RA 341 24.60 24.72 84.61
N VAL RA 342 24.22 25.95 84.31
CA VAL RA 342 22.88 26.29 83.85
C VAL RA 342 23.00 27.01 82.53
N PHE RA 343 22.33 26.49 81.50
CA PHE RA 343 22.29 27.15 80.21
C PHE RA 343 21.00 26.77 79.50
N GLY RA 344 20.61 27.61 78.55
CA GLY RA 344 19.31 27.50 77.94
C GLY RA 344 19.20 26.34 76.96
N LEU RA 345 17.98 26.18 76.46
CA LEU RA 345 17.63 25.13 75.52
C LEU RA 345 17.50 25.66 74.09
N SER RA 346 17.97 26.89 73.85
CA SER RA 346 17.72 27.55 72.58
C SER RA 346 18.42 26.84 71.43
N GLY RA 347 19.71 26.52 71.61
CA GLY RA 347 20.46 25.91 70.53
C GLY RA 347 19.93 24.54 70.16
N VAL RA 348 19.64 23.72 71.16
CA VAL RA 348 19.09 22.40 70.90
C VAL RA 348 17.69 22.50 70.32
N ALA RA 349 16.90 23.50 70.73
CA ALA RA 349 15.58 23.67 70.13
C ALA RA 349 15.70 24.02 68.65
N TYR RA 350 16.59 24.94 68.32
CA TYR RA 350 16.83 25.27 66.92
C TYR RA 350 17.31 24.05 66.15
N ALA RA 351 18.19 23.26 66.76
CA ALA RA 351 18.70 22.06 66.10
C ALA RA 351 17.58 21.07 65.84
N ALA RA 352 16.71 20.88 66.83
CA ALA RA 352 15.60 19.96 66.67
C ALA RA 352 14.68 20.42 65.55
N LYS RA 353 14.37 21.71 65.53
CA LYS RA 353 13.54 22.25 64.45
C LYS RA 353 14.19 22.06 63.09
N ALA RA 354 15.48 22.35 63.00
CA ALA RA 354 16.17 22.24 61.71
C ALA RA 354 16.19 20.79 61.24
N ARG RA 355 16.55 19.86 62.11
CA ARG RA 355 16.62 18.46 61.68
C ARG RA 355 15.24 17.94 61.34
N GLY RA 356 14.22 18.34 62.11
CA GLY RA 356 12.87 17.90 61.80
C GLY RA 356 12.40 18.40 60.45
N VAL RA 357 12.60 19.70 60.19
CA VAL RA 357 12.14 20.26 58.92
C VAL RA 357 12.91 19.67 57.76
N LYS RA 358 14.20 19.39 57.93
CA LYS RA 358 14.99 18.88 56.82
C LYS RA 358 15.04 17.37 56.77
N LYS RA 359 14.30 16.67 57.64
CA LYS RA 359 14.01 15.26 57.37
C LYS RA 359 13.38 15.11 56.00
N ASN RA 360 12.40 15.96 55.68
CA ASN RA 360 11.88 16.01 54.33
C ASN RA 360 12.94 16.60 53.40
N SER RA 361 13.01 16.07 52.18
CA SER RA 361 14.11 16.39 51.28
C SER RA 361 13.74 17.39 50.19
N ASP RA 362 12.49 17.42 49.74
CA ASP RA 362 12.13 18.28 48.62
C ASP RA 362 12.14 19.75 49.04
N VAL RA 363 11.27 20.12 49.97
CA VAL RA 363 11.23 21.49 50.47
C VAL RA 363 11.33 21.59 51.98
N GLY RA 364 11.03 20.54 52.73
CA GLY RA 364 11.06 20.61 54.17
C GLY RA 364 9.68 20.87 54.74
N GLY RA 365 9.49 20.45 55.99
CA GLY RA 365 8.22 20.66 56.67
C GLY RA 365 8.33 21.44 57.97
N TRP RA 366 7.81 22.65 57.99
CA TRP RA 366 7.85 23.49 59.18
C TRP RA 366 6.66 23.27 60.10
N HIS RA 367 5.77 22.35 59.76
CA HIS RA 367 4.58 22.08 60.55
C HIS RA 367 4.88 21.19 61.74
N TYR RA 368 6.14 21.10 62.17
CA TYR RA 368 6.52 20.21 63.25
C TYR RA 368 6.50 20.94 64.59
N SER RA 369 5.99 20.25 65.60
CA SER RA 369 5.77 20.74 66.95
C SER RA 369 7.01 20.54 67.80
N PRO RA 370 7.48 21.56 68.51
CA PRO RA 370 8.61 21.42 69.42
C PRO RA 370 8.23 20.79 70.76
N ALA RA 371 7.46 19.71 70.70
CA ALA RA 371 7.07 18.97 71.88
C ALA RA 371 7.09 17.49 71.54
N GLY RA 372 7.24 16.68 72.57
CA GLY RA 372 7.41 15.25 72.38
C GLY RA 372 8.87 14.88 72.22
N GLU RA 373 9.16 13.61 72.47
CA GLU RA 373 10.53 13.12 72.46
C GLU RA 373 11.07 12.81 71.07
N GLU RA 374 10.32 13.15 70.01
CA GLU RA 374 10.91 13.08 68.68
C GLU RA 374 11.97 14.15 68.49
N ARG RA 375 11.84 15.27 69.20
CA ARG RA 375 12.81 16.34 69.09
C ARG RA 375 13.26 16.79 70.48
N ALA RA 376 12.33 16.81 71.43
CA ALA RA 376 12.59 17.35 72.76
C ALA RA 376 13.18 16.26 73.66
N VAL RA 377 14.41 15.88 73.34
CA VAL RA 377 15.20 14.96 74.14
C VAL RA 377 16.56 15.60 74.37
N ILE RA 378 16.89 15.85 75.63
CA ILE RA 378 18.11 16.60 75.91
C ILE RA 378 19.07 15.81 76.78
N ALA RA 379 18.68 15.57 78.03
CA ALA RA 379 19.38 14.69 78.96
C ALA RA 379 20.89 14.94 78.96
N ARG RA 380 21.29 16.13 79.40
CA ARG RA 380 22.71 16.48 79.31
C ARG RA 380 23.53 15.69 80.31
N ALA RA 381 23.35 15.95 81.60
CA ALA RA 381 23.98 15.19 82.67
C ALA RA 381 23.50 15.67 84.03
N SER RA 382 23.28 14.72 84.95
CA SER RA 382 23.06 15.01 86.37
C SER RA 382 22.15 16.22 86.58
N ILE RA 383 20.93 16.11 86.04
CA ILE RA 383 19.99 17.21 86.13
C ILE RA 383 19.58 17.42 87.59
N GLN RA 384 19.52 18.68 88.00
CA GLN RA 384 19.14 19.02 89.37
C GLN RA 384 18.10 20.12 89.30
N PRO RA 385 16.88 19.91 89.79
CA PRO RA 385 15.88 20.98 89.80
C PRO RA 385 16.29 22.08 90.77
N LEU RA 386 16.19 23.32 90.31
CA LEU RA 386 16.51 24.45 91.18
C LEU RA 386 15.52 24.54 92.33
N TYR RA 387 14.24 24.33 92.05
CA TYR RA 387 13.17 24.43 93.04
C TYR RA 387 12.34 23.17 92.94
N PRO RA 388 12.78 22.07 93.55
CA PRO RA 388 12.03 20.81 93.43
C PRO RA 388 10.60 20.91 93.91
N GLU RA 389 10.36 21.70 94.96
CA GLU RA 389 9.01 21.86 95.48
C GLU RA 389 8.15 22.69 94.54
N ASP RA 390 8.72 23.73 93.94
CA ASP RA 390 7.97 24.56 93.02
C ASP RA 390 7.65 23.79 91.74
N THR RA 391 6.43 23.98 91.26
CA THR RA 391 5.96 23.37 90.03
C THR RA 391 5.38 24.44 89.13
N PRO RA 392 5.52 24.30 87.82
CA PRO RA 392 4.96 25.30 86.91
C PRO RA 392 3.44 25.23 86.88
N ASP RA 393 2.83 26.37 86.57
CA ASP RA 393 1.39 26.48 86.36
C ASP RA 393 1.13 26.54 84.86
N GLU RA 394 0.41 25.54 84.35
CA GLU RA 394 0.28 25.38 82.91
C GLU RA 394 -0.53 26.50 82.28
N GLU RA 395 -1.65 26.86 82.90
CA GLU RA 395 -2.53 27.87 82.30
C GLU RA 395 -1.88 29.25 82.35
N ALA RA 396 -1.29 29.62 83.49
CA ALA RA 396 -0.59 30.89 83.55
C ALA RA 396 0.61 30.90 82.61
N MET RA 397 1.28 29.75 82.47
CA MET RA 397 2.41 29.65 81.56
C MET RA 397 1.97 29.90 80.13
N VAL RA 398 0.94 29.20 79.68
CA VAL RA 398 0.48 29.36 78.30
C VAL RA 398 -0.05 30.77 78.07
N LYS RA 399 -0.69 31.36 79.08
CA LYS RA 399 -1.10 32.75 78.96
C LYS RA 399 0.11 33.65 78.79
N GLY RA 400 1.17 33.39 79.55
CA GLY RA 400 2.40 34.16 79.45
C GLY RA 400 3.23 33.87 78.23
N ARG RA 401 2.86 32.85 77.47
CA ARG RA 401 3.47 32.53 76.18
C ARG RA 401 4.92 32.07 76.30
N LEU RA 402 5.33 31.64 77.49
CA LEU RA 402 6.67 31.11 77.69
C LEU RA 402 6.70 29.66 77.23
N ASN RA 403 7.79 28.95 77.53
CA ASN RA 403 7.88 27.53 77.24
C ASN RA 403 8.40 26.81 78.49
N LYS RA 404 7.66 25.79 78.92
CA LYS RA 404 8.00 25.03 80.12
C LYS RA 404 8.51 23.64 79.76
N VAL RA 405 9.19 23.03 80.73
CA VAL RA 405 9.93 21.80 80.52
C VAL RA 405 9.56 20.80 81.60
N SER RA 406 9.94 19.55 81.37
CA SER RA 406 9.75 18.47 82.33
C SER RA 406 10.68 17.32 81.95
N VAL RA 407 10.45 16.17 82.56
CA VAL RA 407 11.21 14.96 82.30
C VAL RA 407 10.27 13.91 81.72
N GLY RA 408 10.74 13.22 80.68
CA GLY RA 408 9.99 12.13 80.10
C GLY RA 408 10.20 10.83 80.86
N THR RA 409 9.55 9.78 80.35
CA THR RA 409 9.67 8.47 80.98
C THR RA 409 11.09 7.94 80.93
N SER RA 410 11.76 8.13 79.79
CA SER RA 410 13.13 7.65 79.64
C SER RA 410 14.16 8.53 80.34
N GLY RA 411 13.73 9.52 81.11
CA GLY RA 411 14.63 10.39 81.82
C GLY RA 411 15.15 11.56 81.02
N GLN RA 412 14.80 11.66 79.74
CA GLN RA 412 15.23 12.79 78.94
C GLN RA 412 14.53 14.06 79.37
N MET RA 413 15.15 15.19 79.04
CA MET RA 413 14.58 16.50 79.32
C MET RA 413 13.73 16.91 78.12
N ILE RA 414 12.48 17.27 78.36
CA ILE RA 414 11.52 17.48 77.29
C ILE RA 414 10.84 18.83 77.44
N ILE RA 415 10.71 19.56 76.34
CA ILE RA 415 10.04 20.85 76.32
C ILE RA 415 8.58 20.61 75.95
N ASP RA 416 7.68 20.87 76.90
CA ASP RA 416 6.29 20.43 76.74
C ASP RA 416 5.41 21.59 76.29
N ASP RA 417 5.87 22.31 75.27
CA ASP RA 417 5.18 23.50 74.77
C ASP RA 417 5.46 23.67 73.29
N ALA RA 418 4.46 24.20 72.58
CA ALA RA 418 4.56 24.46 71.15
C ALA RA 418 3.87 25.79 70.81
N LEU RA 419 4.14 26.83 71.57
CA LEU RA 419 3.49 28.12 71.39
C LEU RA 419 4.52 29.22 71.28
N THR RA 420 4.18 30.27 70.54
CA THR RA 420 5.04 31.44 70.41
C THR RA 420 4.66 32.50 71.44
N CYS RA 421 5.18 33.70 71.27
CA CYS RA 421 4.98 34.82 72.19
C CYS RA 421 3.84 35.72 71.73
N CYS RA 422 2.81 35.15 71.11
CA CYS RA 422 1.67 35.91 70.63
C CYS RA 422 0.67 36.07 71.77
N THR RA 423 0.43 37.33 72.17
CA THR RA 423 -0.49 37.58 73.28
C THR RA 423 -1.89 37.06 72.97
N GLN RA 424 -2.36 37.33 71.75
CA GLN RA 424 -3.72 36.93 71.39
C GLN RA 424 -3.80 35.42 71.16
N ASP RA 425 -4.97 34.87 71.49
CA ASP RA 425 -5.21 33.44 71.40
C ASP RA 425 -5.50 32.97 69.98
N ASN RA 426 -5.32 33.83 68.99
CA ASN RA 426 -5.60 33.47 67.62
C ASN RA 426 -4.66 32.36 67.17
N TYR RA 427 -4.87 31.89 65.95
CA TYR RA 427 -4.08 30.78 65.45
C TYR RA 427 -2.61 31.12 65.30
N LEU RA 428 -2.24 32.39 65.40
CA LEU RA 428 -0.84 32.74 65.38
C LEU RA 428 -0.12 32.33 66.66
N HIS RA 429 -0.87 32.08 67.74
CA HIS RA 429 -0.25 31.77 69.02
C HIS RA 429 0.40 30.38 69.05
N PHE RA 430 0.16 29.54 68.05
CA PHE RA 430 0.90 28.29 67.94
C PHE RA 430 2.33 28.57 67.50
N GLN RA 431 3.12 27.50 67.36
CA GLN RA 431 4.52 27.62 66.98
C GLN RA 431 4.77 27.25 65.52
N HIS RA 432 4.34 26.06 65.09
CA HIS RA 432 4.65 25.61 63.74
C HIS RA 432 3.92 26.45 62.69
N VAL RA 433 2.67 26.82 62.96
CA VAL RA 433 1.88 27.52 61.95
C VAL RA 433 2.50 28.87 61.57
N PRO RA 434 2.88 29.75 62.51
CA PRO RA 434 3.57 30.97 62.09
C PRO RA 434 4.85 30.69 61.32
N SER RA 435 5.57 29.64 61.69
CA SER RA 435 6.72 29.24 60.89
C SER RA 435 6.28 28.81 59.50
N LEU RA 436 5.11 28.21 59.38
CA LEU RA 436 4.60 27.84 58.07
C LEU RA 436 4.37 29.07 57.22
N MET RA 437 3.73 30.10 57.78
CA MET RA 437 3.56 31.33 57.01
C MET RA 437 4.91 31.97 56.69
N ASN RA 438 5.84 31.94 57.64
CA ASN RA 438 7.15 32.53 57.38
C ASN RA 438 7.84 31.84 56.21
N ALA RA 439 7.79 30.51 56.19
CA ALA RA 439 8.44 29.76 55.12
C ALA RA 439 7.77 30.02 53.77
N ILE RA 440 6.44 29.99 53.74
CA ILE RA 440 5.76 30.20 52.47
C ILE RA 440 6.00 31.61 51.97
N SER RA 441 6.01 32.59 52.87
CA SER RA 441 6.28 33.96 52.47
C SER RA 441 7.70 34.11 51.97
N ARG RA 442 8.66 33.46 52.62
CA ARG RA 442 10.04 33.53 52.15
C ARG RA 442 10.18 32.94 50.76
N PHE RA 443 9.56 31.78 50.54
CA PHE RA 443 9.62 31.17 49.21
C PHE RA 443 8.98 32.06 48.17
N PHE RA 444 7.83 32.67 48.52
CA PHE RA 444 7.16 33.57 47.60
C PHE RA 444 8.04 34.76 47.26
N VAL RA 445 8.73 35.30 48.28
CA VAL RA 445 9.64 36.41 48.05
C VAL RA 445 10.76 35.99 47.11
N GLN RA 446 11.32 34.81 47.33
CA GLN RA 446 12.41 34.33 46.49
C GLN RA 446 11.96 34.21 45.04
N LEU RA 447 10.80 33.61 44.82
CA LEU RA 447 10.32 33.44 43.46
C LEU RA 447 9.97 34.78 42.81
N ALA RA 448 9.38 35.69 43.58
CA ALA RA 448 9.03 37.00 43.04
C ALA RA 448 10.27 37.75 42.63
N ARG RA 449 11.32 37.70 43.45
CA ARG RA 449 12.58 38.34 43.09
C ARG RA 449 13.21 37.66 41.88
N GLN RA 450 13.09 36.34 41.79
CA GLN RA 450 13.61 35.63 40.61
C GLN RA 450 12.92 36.10 39.34
N MET RA 451 11.61 36.27 39.39
CA MET RA 451 10.85 36.72 38.23
C MET RA 451 10.89 38.23 38.05
N LYS RA 452 11.47 38.95 39.01
CA LYS RA 452 11.44 40.40 39.01
C LYS RA 452 12.20 40.97 37.82
N HIS RA 453 11.87 42.22 37.47
CA HIS RA 453 12.54 42.96 36.41
C HIS RA 453 12.37 42.26 35.06
N SER RA 454 11.12 41.98 34.71
CA SER RA 454 10.82 41.26 33.49
C SER RA 454 9.74 42.00 32.71
N PRO RA 455 9.80 41.97 31.38
CA PRO RA 455 8.79 42.66 30.58
C PRO RA 455 7.41 42.05 30.78
N ASP RA 456 6.41 42.91 30.67
CA ASP RA 456 5.05 42.49 30.98
C ASP RA 456 4.51 41.55 29.91
N GLY RA 457 3.30 41.05 30.16
CA GLY RA 457 2.62 40.16 29.25
C GLY RA 457 2.86 38.69 29.49
N ILE RA 458 3.87 38.34 30.28
CA ILE RA 458 4.20 36.96 30.57
C ILE RA 458 4.38 36.82 32.08
N THR RA 459 4.45 37.96 32.76
CA THR RA 459 4.67 37.96 34.19
C THR RA 459 3.54 37.25 34.93
N ALA RA 460 2.30 37.52 34.54
CA ALA RA 460 1.16 36.88 35.18
C ALA RA 460 1.21 35.38 34.99
N ALA RA 461 1.48 34.92 33.77
CA ALA RA 461 1.54 33.49 33.52
C ALA RA 461 2.65 32.84 34.33
N GLY RA 462 3.82 33.47 34.37
CA GLY RA 462 4.93 32.91 35.13
C GLY RA 462 4.63 32.82 36.61
N LEU RA 463 4.05 33.88 37.18
CA LEU RA 463 3.74 33.85 38.60
C LEU RA 463 2.68 32.80 38.90
N THR RA 464 1.68 32.67 38.04
CA THR RA 464 0.67 31.64 38.24
C THR RA 464 1.29 30.25 38.21
N LYS RA 465 2.17 29.99 37.25
CA LYS RA 465 2.78 28.67 37.17
C LYS RA 465 3.65 28.40 38.38
N GLY RA 466 4.43 29.40 38.81
CA GLY RA 466 5.25 29.23 40.00
C GLY RA 466 4.43 28.94 41.22
N MET RA 467 3.33 29.68 41.41
CA MET RA 467 2.49 29.43 42.57
C MET RA 467 1.81 28.08 42.49
N THR RA 468 1.41 27.65 41.29
CA THR RA 468 0.76 26.35 41.17
C THR RA 468 1.73 25.23 41.51
N LYS RA 469 2.96 25.30 41.01
CA LYS RA 469 3.93 24.27 41.36
C LYS RA 469 4.31 24.34 42.84
N LEU RA 470 4.32 25.54 43.41
CA LEU RA 470 4.55 25.66 44.84
C LEU RA 470 3.43 24.99 45.63
N LEU RA 471 2.19 25.17 45.17
CA LEU RA 471 1.05 24.50 45.78
C LEU RA 471 1.19 22.99 45.66
N ASP RA 472 1.69 22.52 44.51
CA ASP RA 472 1.90 21.09 44.32
C ASP RA 472 2.90 20.56 45.34
N ARG RA 473 4.02 21.26 45.49
CA ARG RA 473 4.99 20.85 46.50
C ARG RA 473 4.41 20.92 47.90
N PHE RA 474 3.54 21.89 48.16
CA PHE RA 474 2.94 22.02 49.48
C PHE RA 474 2.00 20.87 49.78
N VAL RA 475 1.15 20.50 48.81
CA VAL RA 475 0.23 19.40 49.04
C VAL RA 475 0.99 18.08 49.10
N ALA RA 476 2.11 17.96 48.39
CA ALA RA 476 2.96 16.80 48.57
C ALA RA 476 3.51 16.75 49.99
N SER RA 477 4.00 17.89 50.49
CA SER RA 477 4.50 17.97 51.85
C SER RA 477 3.41 17.76 52.88
N GLY RA 478 2.14 17.93 52.49
CA GLY RA 478 1.03 17.74 53.40
C GLY RA 478 0.69 18.95 54.25
N ALA RA 479 1.46 20.04 54.16
CA ALA RA 479 1.13 21.23 54.93
C ALA RA 479 -0.20 21.82 54.50
N LEU RA 480 -0.44 21.88 53.20
CA LEU RA 480 -1.72 22.36 52.68
C LEU RA 480 -2.75 21.25 52.84
N VAL RA 481 -3.77 21.50 53.64
CA VAL RA 481 -4.81 20.53 53.92
C VAL RA 481 -6.17 21.17 53.68
N ALA RA 482 -7.20 20.32 53.63
CA ALA RA 482 -8.55 20.77 53.29
C ALA RA 482 -9.09 21.70 54.38
N PRO RA 483 -9.97 22.63 54.00
CA PRO RA 483 -10.53 23.55 54.98
C PRO RA 483 -11.33 22.84 56.06
N ARG RA 484 -11.29 23.41 57.27
CA ARG RA 484 -12.05 22.84 58.38
C ARG RA 484 -13.55 22.90 58.10
N ASP RA 485 -14.02 24.01 57.54
CA ASP RA 485 -15.44 24.19 57.29
C ASP RA 485 -15.72 24.21 55.80
N PRO RA 486 -16.29 23.15 55.23
CA PRO RA 486 -16.61 23.14 53.80
C PRO RA 486 -17.83 23.98 53.44
N ASP RA 487 -18.52 24.55 54.43
CA ASP RA 487 -19.73 25.32 54.13
C ASP RA 487 -19.39 26.57 53.33
N ALA RA 488 -18.25 27.19 53.61
CA ALA RA 488 -17.91 28.46 52.96
C ALA RA 488 -17.07 28.23 51.71
N ASP RA 489 -15.90 27.61 51.86
CA ASP RA 489 -14.96 27.43 50.76
C ASP RA 489 -14.92 26.00 50.25
N GLY RA 490 -15.79 25.13 50.73
CA GLY RA 490 -15.71 23.74 50.32
C GLY RA 490 -14.44 23.09 50.82
N THR RA 491 -14.01 22.06 50.11
CA THR RA 491 -12.77 21.36 50.44
C THR RA 491 -11.58 21.90 49.67
N GLU RA 492 -11.77 22.89 48.81
CA GLU RA 492 -10.66 23.47 48.06
C GLU RA 492 -9.99 24.49 48.95
N PRO RA 493 -8.72 24.28 49.33
CA PRO RA 493 -8.10 25.08 50.40
C PRO RA 493 -7.25 26.27 49.96
N TYR RA 494 -7.25 26.65 48.69
CA TYR RA 494 -6.37 27.73 48.24
C TYR RA 494 -7.11 28.70 47.33
N VAL RA 495 -6.68 29.96 47.35
CA VAL RA 495 -7.21 30.95 46.42
C VAL RA 495 -6.10 31.95 46.09
N LEU RA 496 -6.11 32.41 44.85
CA LEU RA 496 -5.11 33.35 44.33
C LEU RA 496 -5.76 34.33 43.37
N LYS RA 497 -5.36 35.59 43.46
CA LYS RA 497 -5.71 36.60 42.46
C LYS RA 497 -4.50 37.47 42.18
N VAL RA 498 -4.47 38.02 40.98
CA VAL RA 498 -3.48 39.02 40.59
C VAL RA 498 -4.19 40.13 39.84
N THR RA 499 -3.87 41.38 40.17
CA THR RA 499 -4.45 42.55 39.55
C THR RA 499 -3.33 43.56 39.26
N GLN RA 500 -3.70 44.62 38.54
CA GLN RA 500 -2.74 45.65 38.15
C GLN RA 500 -3.23 47.01 38.63
N ALA RA 501 -2.30 47.88 39.01
CA ALA RA 501 -2.66 49.26 39.33
C ALA RA 501 -2.25 50.24 38.23
N GLU RA 502 -0.99 50.21 37.81
CA GLU RA 502 -0.49 51.09 36.76
C GLU RA 502 0.63 50.35 36.03
N PHE RA 503 1.48 51.10 35.34
CA PHE RA 503 2.70 50.57 34.73
C PHE RA 503 3.42 49.59 35.65
N ASP RA 504 3.34 49.82 36.97
CA ASP RA 504 3.81 48.86 37.96
C ASP RA 504 2.70 48.52 38.94
N LYS RA 505 3.08 47.92 40.07
CA LYS RA 505 2.15 47.54 41.12
C LYS RA 505 1.18 46.46 40.64
N TRP RA 506 1.75 45.30 40.34
CA TRP RA 506 0.99 44.06 40.33
C TRP RA 506 0.65 43.70 41.76
N GLU RA 507 -0.63 43.73 42.09
CA GLU RA 507 -1.10 43.34 43.42
C GLU RA 507 -1.51 41.87 43.36
N VAL RA 508 -0.77 41.02 44.05
CA VAL RA 508 -1.06 39.59 44.12
C VAL RA 508 -1.56 39.29 45.53
N VAL RA 509 -2.63 38.50 45.60
CA VAL RA 509 -3.25 38.13 46.87
C VAL RA 509 -3.44 36.63 46.89
N TRP RA 510 -3.11 36.00 48.02
CA TRP RA 510 -3.11 34.54 48.11
C TRP RA 510 -3.48 34.10 49.52
N ALA RA 511 -4.42 33.16 49.61
CA ALA RA 511 -4.87 32.63 50.89
C ALA RA 511 -4.85 31.11 50.84
N CYS RA 512 -4.45 30.49 51.95
CA CYS RA 512 -4.22 29.05 52.00
C CYS RA 512 -4.80 28.47 53.28
N CYS RA 513 -5.04 27.17 53.26
CA CYS RA 513 -5.46 26.44 54.44
C CYS RA 513 -4.32 25.58 54.98
N PRO RA 514 -3.73 25.93 56.12
CA PRO RA 514 -2.68 25.10 56.70
C PRO RA 514 -3.30 23.98 57.51
N THR RA 515 -2.42 23.23 58.18
CA THR RA 515 -2.82 22.14 59.07
C THR RA 515 -2.52 22.51 60.51
N GLY RA 516 -2.73 21.55 61.41
CA GLY RA 516 -2.44 21.75 62.81
C GLY RA 516 -1.95 20.47 63.46
N VAL RA 517 -1.39 20.63 64.66
CA VAL RA 517 -0.79 19.52 65.39
C VAL RA 517 -1.44 19.49 66.79
N ALA RA 518 -2.69 19.94 66.87
CA ALA RA 518 -3.51 19.80 68.07
C ALA RA 518 -2.84 20.40 69.31
N ARG RA 519 -2.53 21.69 69.23
CA ARG RA 519 -2.00 22.40 70.39
C ARG RA 519 -3.00 22.39 71.54
N ARG RA 520 -4.26 22.67 71.25
CA ARG RA 520 -5.30 22.47 72.24
C ARG RA 520 -5.34 20.99 72.60
N ILE RA 521 -5.00 20.67 73.84
CA ILE RA 521 -4.79 19.30 74.27
C ILE RA 521 -5.88 18.95 75.28
N GLN RA 522 -6.62 17.89 74.99
CA GLN RA 522 -7.72 17.44 75.85
C GLN RA 522 -8.00 15.98 75.55
N GLY RA 523 -8.82 15.38 76.40
CA GLY RA 523 -9.27 14.02 76.20
C GLY RA 523 -10.29 13.60 77.22
N VAL RA 524 -11.18 12.68 76.86
CA VAL RA 524 -12.14 12.14 77.82
C VAL RA 524 -12.54 10.72 77.42
N PRO RA 525 -12.07 9.71 78.15
CA PRO RA 525 -12.66 8.37 78.03
C PRO RA 525 -13.89 8.24 78.92
N LEU RA 526 -14.82 7.42 78.48
CA LEU RA 526 -16.10 7.25 79.17
C LEU RA 526 -16.36 5.78 79.38
N LEU RA 527 -17.27 5.50 80.31
CA LEU RA 527 -17.54 4.16 80.80
C LEU RA 527 -18.77 3.56 80.14
N ILE RA 528 -18.96 2.26 80.35
CA ILE RA 528 -20.16 1.56 79.90
C ILE RA 528 -20.82 0.73 81.00
N LYS RA 529 -20.10 0.32 82.05
CA LYS RA 529 -20.61 -0.54 83.12
C LYS RA 529 -21.03 -1.93 82.64
N SER SA 2 2.60 18.24 82.85
CA SER SA 2 3.33 17.10 82.29
C SER SA 2 2.38 15.98 81.87
N GLN SA 3 2.93 14.82 81.51
CA GLN SA 3 2.14 13.66 81.12
C GLN SA 3 1.48 12.97 82.30
N TYR SA 4 1.90 13.29 83.52
CA TYR SA 4 1.36 12.65 84.72
C TYR SA 4 0.08 13.33 85.20
N SER SA 5 -0.09 14.61 84.89
CA SER SA 5 -1.25 15.36 85.33
C SER SA 5 -2.47 15.06 84.46
N ILE SA 6 -3.63 14.99 85.10
CA ILE SA 6 -4.90 14.82 84.42
C ILE SA 6 -5.86 15.87 84.98
N GLN SA 7 -6.53 16.60 84.10
CA GLN SA 7 -7.43 17.67 84.50
C GLN SA 7 -8.87 17.18 84.48
N GLN SA 8 -9.79 18.10 84.72
CA GLN SA 8 -11.22 17.84 84.62
C GLN SA 8 -11.90 18.73 83.59
N SER SA 9 -11.60 20.02 83.60
CA SER SA 9 -12.09 20.98 82.63
C SER SA 9 -10.92 21.61 81.91
N LEU SA 10 -11.16 22.10 80.70
CA LEU SA 10 -10.11 22.64 79.85
C LEU SA 10 -10.29 24.15 79.71
N GLY SA 11 -9.25 24.90 80.07
CA GLY SA 11 -9.21 26.32 79.82
C GLY SA 11 -8.04 26.67 78.92
N ASN SA 12 -7.04 27.35 79.49
CA ASN SA 12 -5.82 27.65 78.76
C ASN SA 12 -4.79 26.53 78.88
N ALA SA 13 -4.72 25.86 80.03
CA ALA SA 13 -3.78 24.77 80.20
C ALA SA 13 -4.12 23.60 79.30
N SER SA 14 -3.08 22.92 78.84
CA SER SA 14 -3.21 21.77 77.95
C SER SA 14 -2.89 20.50 78.71
N GLY SA 15 -3.82 19.55 78.72
CA GLY SA 15 -3.61 18.28 79.40
C GLY SA 15 -4.65 17.28 78.95
N VAL SA 16 -4.45 16.04 79.36
CA VAL SA 16 -5.39 14.96 79.04
C VAL SA 16 -6.21 14.63 80.28
N ALA SA 17 -7.53 14.70 80.13
CA ALA SA 17 -8.47 14.48 81.22
C ALA SA 17 -9.07 13.09 81.11
N VAL SA 18 -9.61 12.61 82.24
CA VAL SA 18 -10.30 11.33 82.30
C VAL SA 18 -11.57 11.50 83.13
N SER SA 19 -12.42 10.48 83.09
CA SER SA 19 -13.68 10.51 83.82
C SER SA 19 -13.43 10.51 85.33
N PRO SA 20 -14.19 11.29 86.10
CA PRO SA 20 -14.01 11.31 87.56
C PRO SA 20 -14.54 10.03 88.19
N ILE SA 21 -14.28 9.90 89.49
CA ILE SA 21 -14.74 8.77 90.30
C ILE SA 21 -16.08 9.17 90.89
N ASN SA 22 -17.17 8.65 90.33
CA ASN SA 22 -18.52 9.00 90.73
C ASN SA 22 -19.30 7.71 91.01
N ALA SA 23 -20.62 7.84 91.14
CA ALA SA 23 -21.49 6.69 91.34
C ALA SA 23 -22.17 6.20 90.07
N ASP SA 24 -22.48 7.09 89.11
CA ASP SA 24 -23.17 6.71 87.89
C ASP SA 24 -22.55 7.40 86.68
N ALA SA 25 -22.71 6.78 85.51
CA ALA SA 25 -22.21 7.33 84.26
C ALA SA 25 -22.94 6.66 83.09
N THR SA 26 -23.00 7.38 81.96
CA THR SA 26 -23.68 6.91 80.76
C THR SA 26 -22.79 7.15 79.55
N LEU SA 27 -23.18 6.55 78.42
CA LEU SA 27 -22.46 6.73 77.17
C LEU SA 27 -23.43 6.60 76.00
N SER SA 28 -23.08 7.25 74.89
CA SER SA 28 -23.80 7.10 73.64
C SER SA 28 -22.90 7.55 72.48
N THR SA 29 -22.56 6.62 71.59
CA THR SA 29 -21.67 6.92 70.47
C THR SA 29 -22.20 6.23 69.22
N GLY SA 30 -22.07 6.91 68.08
CA GLY SA 30 -22.51 6.35 66.83
C GLY SA 30 -22.46 7.38 65.72
N VAL SA 31 -22.79 6.91 64.52
CA VAL SA 31 -22.81 7.72 63.32
C VAL SA 31 -24.19 7.57 62.68
N ALA SA 32 -24.64 8.62 61.99
CA ALA SA 32 -25.96 8.63 61.39
C ALA SA 32 -26.07 7.60 60.29
N LEU SA 33 -27.31 7.14 60.05
CA LEU SA 33 -27.60 6.11 59.06
C LEU SA 33 -27.77 6.68 57.66
N ASN SA 34 -28.72 7.60 57.48
CA ASN SA 34 -29.04 8.17 56.17
C ASN SA 34 -29.47 7.09 55.19
N SER SA 35 -30.09 6.03 55.70
CA SER SA 35 -30.55 4.90 54.89
C SER SA 35 -32.06 4.69 54.96
N SER SA 36 -32.60 4.55 56.18
CA SER SA 36 -34.03 4.36 56.37
C SER SA 36 -34.36 4.75 57.80
N LEU SA 37 -35.37 5.59 57.98
CA LEU SA 37 -35.64 6.18 59.28
C LEU SA 37 -37.05 5.85 59.76
N TRP SA 38 -37.22 6.03 61.07
CA TRP SA 38 -38.48 5.82 61.75
C TRP SA 38 -38.81 7.05 62.58
N ALA SA 39 -40.09 7.20 62.87
CA ALA SA 39 -40.59 8.29 63.69
C ALA SA 39 -41.61 7.77 64.69
N GLY SA 40 -41.72 8.45 65.82
CA GLY SA 40 -42.70 8.09 66.82
C GLY SA 40 -42.67 9.07 67.97
N ILE SA 41 -43.81 9.15 68.67
CA ILE SA 41 -43.98 10.01 69.84
C ILE SA 41 -43.64 9.25 71.10
N GLY SA 42 -42.88 9.89 71.98
CA GLY SA 42 -42.55 9.29 73.26
C GLY SA 42 -42.31 10.35 74.30
N VAL SA 43 -42.32 9.92 75.55
CA VAL SA 43 -42.02 10.76 76.70
C VAL SA 43 -40.74 10.26 77.34
N PHE SA 44 -39.78 11.15 77.53
CA PHE SA 44 -38.47 10.76 78.00
C PHE SA 44 -37.96 11.81 78.97
N ALA SA 45 -36.70 11.69 79.32
CA ALA SA 45 -36.00 12.70 80.10
C ALA SA 45 -35.36 13.70 79.16
N ARG SA 46 -35.32 14.95 79.59
CA ARG SA 46 -34.67 16.01 78.83
C ARG SA 46 -35.31 16.19 77.46
N GLY SA 47 -34.72 17.05 76.64
CA GLY SA 47 -35.28 17.30 75.33
C GLY SA 47 -36.44 18.27 75.37
N LYS SA 48 -36.56 19.08 74.33
CA LYS SA 48 -37.63 20.07 74.29
C LYS SA 48 -38.98 19.37 74.11
N PRO SA 49 -40.01 19.79 74.82
CA PRO SA 49 -41.34 19.21 74.60
C PRO SA 49 -41.90 19.64 73.25
N PHE SA 50 -42.76 18.79 72.71
CA PHE SA 50 -43.40 19.03 71.41
C PHE SA 50 -42.34 19.32 70.35
N THR SA 51 -41.27 18.54 70.37
CA THR SA 51 -40.11 18.80 69.53
C THR SA 51 -39.61 17.50 68.93
N VAL SA 52 -39.20 17.58 67.66
CA VAL SA 52 -38.58 16.46 66.96
C VAL SA 52 -37.09 16.45 67.28
N LEU SA 53 -36.52 15.25 67.32
CA LEU SA 53 -35.12 15.06 67.66
C LEU SA 53 -34.59 13.90 66.83
N ALA SA 54 -33.62 14.21 65.97
CA ALA SA 54 -32.92 13.20 65.18
C ALA SA 54 -31.98 12.45 66.11
N VAL SA 55 -32.44 11.32 66.62
CA VAL SA 55 -31.73 10.56 67.63
C VAL SA 55 -30.87 9.50 66.95
N THR SA 56 -29.62 9.42 67.37
CA THR SA 56 -28.70 8.39 66.88
C THR SA 56 -28.06 7.67 68.05
N GLU SA 57 -27.11 6.80 67.75
CA GLU SA 57 -26.40 6.07 68.79
C GLU SA 57 -25.51 7.00 69.62
N SER SA 58 -25.25 8.21 69.14
CA SER SA 58 -24.39 9.15 69.83
C SER SA 58 -25.13 10.00 70.84
N ASN SA 59 -26.42 10.23 70.64
CA ASN SA 59 -27.20 11.10 71.51
C ASN SA 59 -28.33 10.36 72.20
N TYR SA 60 -28.46 9.06 71.98
CA TYR SA 60 -29.61 8.33 72.50
C TYR SA 60 -29.66 8.39 74.02
N GLU SA 61 -28.51 8.25 74.67
CA GLU SA 61 -28.46 8.24 76.12
C GLU SA 61 -28.23 9.62 76.70
N ASP SA 62 -27.81 10.58 75.88
CA ASP SA 62 -27.36 11.86 76.39
C ASP SA 62 -28.51 12.87 76.43
N VAL SA 63 -29.06 13.20 75.26
CA VAL SA 63 -30.10 14.22 75.21
C VAL SA 63 -31.46 13.65 75.57
N LEU SA 64 -31.61 12.34 75.58
CA LEU SA 64 -32.85 11.73 76.03
C LEU SA 64 -32.81 11.37 77.51
N GLY SA 65 -31.68 11.63 78.18
CA GLY SA 65 -31.56 11.29 79.58
C GLY SA 65 -31.47 9.79 79.78
N GLU SA 66 -31.33 9.41 81.04
CA GLU SA 66 -31.24 8.01 81.40
C GLU SA 66 -32.62 7.36 81.35
N PRO SA 67 -32.68 6.04 81.19
CA PRO SA 67 -33.98 5.35 81.26
C PRO SA 67 -34.63 5.54 82.62
N LEU SA 68 -35.94 5.68 82.60
CA LEU SA 68 -36.73 5.85 83.82
C LEU SA 68 -37.14 4.50 84.39
N LYS SA 69 -37.66 4.53 85.61
CA LYS SA 69 -38.07 3.31 86.27
C LYS SA 69 -39.35 2.78 85.63
N PRO SA 70 -39.40 1.50 85.23
CA PRO SA 70 -40.64 0.98 84.64
C PRO SA 70 -41.84 1.10 85.57
N SER SA 71 -41.64 0.88 86.86
CA SER SA 71 -42.73 1.08 87.81
C SER SA 71 -43.04 2.55 88.02
N SER SA 72 -42.19 3.45 87.52
CA SER SA 72 -42.48 4.88 87.54
C SER SA 72 -43.33 5.23 86.32
N GLY SA 73 -44.60 4.88 86.41
CA GLY SA 73 -45.54 5.20 85.37
C GLY SA 73 -45.39 4.32 84.15
N SER SA 74 -46.23 4.61 83.16
CA SER SA 74 -46.26 3.87 81.92
C SER SA 74 -45.33 4.44 80.87
N GLN SA 75 -44.31 5.18 81.30
CA GLN SA 75 -43.39 5.85 80.40
C GLN SA 75 -42.20 4.98 80.04
N PHE SA 76 -42.18 3.73 80.50
CA PHE SA 76 -41.07 2.83 80.22
C PHE SA 76 -41.17 2.15 78.87
N GLU SA 77 -42.37 2.01 78.30
CA GLU SA 77 -42.47 1.47 76.95
C GLU SA 77 -41.65 2.24 75.94
N PRO SA 78 -41.74 3.58 75.86
CA PRO SA 78 -40.91 4.29 74.87
C PRO SA 78 -39.42 4.13 75.12
N ILE SA 79 -38.99 4.12 76.39
CA ILE SA 79 -37.57 4.05 76.65
C ILE SA 79 -37.04 2.67 76.29
N ARG SA 80 -37.81 1.61 76.58
CA ARG SA 80 -37.40 0.28 76.14
C ARG SA 80 -37.35 0.20 74.63
N HIS SA 81 -38.35 0.77 73.95
CA HIS SA 81 -38.38 0.71 72.50
C HIS SA 81 -37.18 1.42 71.89
N VAL SA 82 -36.85 2.60 72.39
CA VAL SA 82 -35.72 3.32 71.83
C VAL SA 82 -34.43 2.59 72.18
N TYR SA 83 -34.34 2.00 73.37
CA TYR SA 83 -33.13 1.28 73.74
C TYR SA 83 -32.90 0.11 72.80
N GLU SA 84 -33.96 -0.64 72.51
CA GLU SA 84 -33.83 -1.79 71.62
C GLU SA 84 -33.64 -1.38 70.16
N ALA SA 85 -34.10 -0.20 69.77
CA ALA SA 85 -34.02 0.17 68.35
C ALA SA 85 -32.73 0.91 68.00
N ILE SA 86 -32.27 1.80 68.88
CA ILE SA 86 -31.13 2.65 68.53
C ILE SA 86 -29.86 1.84 68.39
N GLN SA 87 -29.78 0.66 69.00
CA GLN SA 87 -28.57 -0.14 68.92
C GLN SA 87 -28.25 -0.52 67.48
N GLN SA 88 -29.23 -0.42 66.59
CA GLN SA 88 -29.05 -0.82 65.20
C GLN SA 88 -29.48 0.28 64.23
N THR SA 89 -30.47 1.09 64.59
CA THR SA 89 -30.99 2.11 63.68
C THR SA 89 -31.25 3.40 64.43
N SER SA 90 -31.17 4.51 63.70
CA SER SA 90 -31.45 5.83 64.22
C SER SA 90 -32.86 6.25 63.84
N GLY SA 91 -33.31 7.34 64.44
CA GLY SA 91 -34.66 7.81 64.18
C GLY SA 91 -34.87 9.29 64.33
N TYR SA 92 -36.13 9.72 64.27
CA TYR SA 92 -36.52 11.13 64.34
C TYR SA 92 -37.56 11.32 65.43
N VAL SA 93 -37.25 10.83 66.63
CA VAL SA 93 -38.29 10.68 67.64
C VAL SA 93 -38.78 12.05 68.09
N VAL SA 94 -40.08 12.16 68.32
CA VAL SA 94 -40.71 13.39 68.77
C VAL SA 94 -41.14 13.21 70.22
N ARG SA 95 -40.93 14.25 71.02
CA ARG SA 95 -41.25 14.21 72.44
C ARG SA 95 -42.07 15.42 72.85
N ALA SA 96 -43.08 15.18 73.69
CA ALA SA 96 -43.89 16.23 74.26
C ALA SA 96 -44.29 15.83 75.67
N VAL SA 97 -44.64 16.83 76.47
CA VAL SA 97 -45.04 16.61 77.86
C VAL SA 97 -46.30 17.43 78.13
N PRO SA 98 -47.08 17.05 79.14
CA PRO SA 98 -48.25 17.87 79.51
C PRO SA 98 -47.83 19.24 80.03
N ASP SA 99 -48.80 20.14 80.07
CA ASP SA 99 -48.57 21.52 80.48
C ASP SA 99 -48.09 21.64 81.92
N ASP SA 100 -48.27 20.59 82.73
CA ASP SA 100 -47.88 20.64 84.13
C ASP SA 100 -46.38 20.87 84.30
N ALA SA 101 -45.57 20.46 83.33
CA ALA SA 101 -44.14 20.67 83.42
C ALA SA 101 -43.80 22.15 83.28
N LYS SA 102 -42.80 22.60 84.03
CA LYS SA 102 -42.33 23.97 84.00
C LYS SA 102 -40.81 23.99 83.98
N PHE SA 103 -40.27 24.91 83.25
CA PHE SA 103 -38.84 25.11 83.20
C PHE SA 103 -38.44 26.33 84.00
N PRO SA 104 -37.26 26.29 84.60
CA PRO SA 104 -36.78 27.43 85.40
C PRO SA 104 -35.98 28.45 84.60
N ILE SA 105 -35.80 29.60 85.25
CA ILE SA 105 -35.19 30.79 84.67
C ILE SA 105 -34.59 31.61 85.80
N ILE SA 106 -33.47 32.27 85.51
CA ILE SA 106 -32.82 33.19 86.44
C ILE SA 106 -32.68 34.55 85.78
N MET SA 107 -33.13 35.58 86.47
CA MET SA 107 -33.12 36.95 85.98
C MET SA 107 -32.01 37.72 86.65
N PHE SA 108 -31.25 38.46 85.85
CA PHE SA 108 -30.27 39.42 86.35
C PHE SA 108 -30.79 40.82 86.10
N ASP SA 109 -30.94 41.58 87.17
CA ASP SA 109 -31.45 42.94 87.06
C ASP SA 109 -30.33 43.87 86.60
N GLU SA 110 -30.58 45.18 86.65
CA GLU SA 110 -29.59 46.15 86.19
C GLU SA 110 -28.28 45.99 86.96
N SER SA 111 -28.36 45.89 88.29
CA SER SA 111 -27.18 45.64 89.09
C SER SA 111 -26.65 44.22 88.91
N GLY SA 112 -27.37 43.35 88.21
CA GLY SA 112 -26.98 41.97 88.06
C GLY SA 112 -27.46 41.05 89.15
N GLU SA 113 -28.33 41.51 90.03
CA GLU SA 113 -28.85 40.64 91.08
C GLU SA 113 -29.69 39.53 90.45
N PRO SA 114 -29.64 38.32 90.99
CA PRO SA 114 -30.41 37.20 90.45
C PRO SA 114 -31.75 37.01 91.14
N ALA SA 115 -32.70 36.51 90.36
CA ALA SA 115 -34.02 36.14 90.84
C ALA SA 115 -34.44 34.86 90.14
N TYR SA 116 -34.94 33.90 90.90
CA TYR SA 116 -35.30 32.59 90.36
C TYR SA 116 -36.79 32.53 90.07
N SER SA 117 -37.17 31.88 88.97
CA SER SA 117 -38.57 31.72 88.63
C SER SA 117 -38.73 30.45 87.80
N ALA SA 118 -39.99 30.02 87.66
CA ALA SA 118 -40.31 28.85 86.85
C ALA SA 118 -41.60 29.13 86.08
N LEU SA 119 -41.61 28.75 84.82
CA LEU SA 119 -42.76 28.99 83.97
C LEU SA 119 -43.13 27.74 83.19
N PRO SA 120 -44.41 27.54 82.88
CA PRO SA 120 -44.80 26.38 82.09
C PRO SA 120 -44.13 26.40 80.73
N TYR SA 121 -43.80 25.22 80.24
CA TYR SA 121 -43.13 25.11 78.95
C TYR SA 121 -44.00 25.70 77.85
N GLY SA 122 -43.39 26.48 76.97
CA GLY SA 122 -44.09 27.19 75.93
C GLY SA 122 -44.45 28.61 76.28
N SER SA 123 -44.55 28.92 77.57
CA SER SA 123 -44.83 30.28 77.99
C SER SA 123 -43.64 31.18 77.66
N GLU SA 124 -43.93 32.40 77.21
CA GLU SA 124 -42.91 33.35 76.83
C GLU SA 124 -42.77 34.40 77.92
N ILE SA 125 -41.54 34.63 78.35
CA ILE SA 125 -41.24 35.60 79.39
C ILE SA 125 -40.99 36.96 78.75
N GLU SA 126 -41.47 38.01 79.40
CA GLU SA 126 -41.29 39.38 78.94
C GLU SA 126 -40.59 40.19 80.01
N LEU SA 127 -39.90 41.24 79.58
CA LEU SA 127 -39.12 42.10 80.46
C LEU SA 127 -39.78 43.47 80.55
N ASP SA 128 -40.18 43.85 81.75
CA ASP SA 128 -40.76 45.15 82.03
C ASP SA 128 -39.67 46.18 82.27
N SER SA 129 -40.03 47.31 82.88
CA SER SA 129 -39.05 48.34 83.23
C SER SA 129 -37.88 47.75 84.02
N GLY SA 130 -38.19 46.96 85.05
CA GLY SA 130 -37.16 46.23 85.77
C GLY SA 130 -36.78 44.98 85.00
N GLU SA 131 -36.18 44.03 85.73
CA GLU SA 131 -35.80 42.74 85.14
C GLU SA 131 -34.97 42.94 83.87
N ALA SA 132 -33.75 43.46 84.10
CA ALA SA 132 -32.89 43.88 83.00
C ALA SA 132 -32.75 42.79 81.93
N PHE SA 133 -32.44 41.57 82.36
CA PHE SA 133 -32.43 40.45 81.41
C PHE SA 133 -32.60 39.16 82.18
N ALA SA 134 -32.85 38.08 81.45
CA ALA SA 134 -33.07 36.80 82.10
C ALA SA 134 -32.62 35.68 81.18
N ILE SA 135 -32.33 34.52 81.78
CA ILE SA 135 -31.88 33.35 81.06
C ILE SA 135 -32.66 32.14 81.59
N TYR SA 136 -33.33 31.43 80.70
CA TYR SA 136 -34.17 30.30 81.06
C TYR SA 136 -33.63 29.04 80.41
N VAL SA 137 -33.77 27.92 81.10
CA VAL SA 137 -33.27 26.66 80.57
C VAL SA 137 -34.35 26.05 79.70
N ASP SA 138 -33.93 25.37 78.63
CA ASP SA 138 -34.84 24.86 77.64
C ASP SA 138 -34.66 23.37 77.34
N ASP SA 139 -33.63 22.74 77.89
CA ASP SA 139 -33.38 21.33 77.61
C ASP SA 139 -34.46 20.41 78.17
N GLY SA 140 -35.32 20.92 79.05
CA GLY SA 140 -36.36 20.13 79.67
C GLY SA 140 -36.03 19.54 81.02
N ASP SA 141 -34.76 19.56 81.42
CA ASP SA 141 -34.39 19.04 82.72
C ASP SA 141 -34.92 19.96 83.81
N PRO SA 142 -35.55 19.43 84.86
CA PRO SA 142 -36.00 20.28 85.95
C PRO SA 142 -34.87 20.78 86.83
N CYS SA 143 -33.63 20.59 86.37
CA CYS SA 143 -32.43 21.02 87.09
C CYS SA 143 -32.39 20.39 88.48
N ILE SA 144 -32.74 19.11 88.57
CA ILE SA 144 -32.74 18.40 89.83
C ILE SA 144 -31.79 17.21 89.84
N SER SA 145 -31.50 16.62 88.69
CA SER SA 145 -30.60 15.48 88.62
C SER SA 145 -30.00 15.36 87.23
N PRO SA 146 -28.83 15.99 86.98
CA PRO SA 146 -28.05 16.82 87.90
C PRO SA 146 -28.59 18.26 87.95
N THR SA 147 -27.79 19.20 88.44
CA THR SA 147 -28.17 20.60 88.55
C THR SA 147 -27.28 21.44 87.64
N ARG SA 148 -27.82 22.55 87.16
CA ARG SA 148 -27.10 23.45 86.27
C ARG SA 148 -26.58 24.65 87.04
N GLU SA 149 -25.28 24.89 86.96
CA GLU SA 149 -24.65 26.00 87.64
C GLU SA 149 -23.83 26.82 86.67
N LEU SA 150 -23.72 28.11 86.96
CA LEU SA 150 -23.05 29.07 86.10
C LEU SA 150 -22.08 29.89 86.92
N THR SA 151 -20.89 30.13 86.37
CA THR SA 151 -19.90 30.97 87.02
C THR SA 151 -19.47 32.05 86.04
N ILE SA 152 -19.62 33.31 86.45
CA ILE SA 152 -19.39 34.45 85.57
C ILE SA 152 -18.37 35.37 86.22
N GLU SA 153 -17.40 35.83 85.43
CA GLU SA 153 -16.45 36.83 85.88
C GLU SA 153 -15.93 37.57 84.64
N THR SA 154 -15.02 38.50 84.85
CA THR SA 154 -14.52 39.32 83.76
C THR SA 154 -13.52 38.52 82.91
N ALA SA 155 -13.04 39.14 81.84
CA ALA SA 155 -12.03 38.53 80.97
C ALA SA 155 -11.36 39.65 80.19
N THR SA 156 -10.46 39.26 79.29
CA THR SA 156 -9.78 40.24 78.46
C THR SA 156 -10.75 40.89 77.48
N ALA SA 157 -10.44 42.11 77.08
CA ALA SA 157 -11.30 42.87 76.20
C ALA SA 157 -11.09 42.45 74.74
N ASP SA 158 -11.93 42.99 73.86
CA ASP SA 158 -11.83 42.72 72.44
C ASP SA 158 -10.77 43.61 71.80
N SER SA 159 -10.51 43.35 70.51
CA SER SA 159 -9.57 44.18 69.75
C SER SA 159 -10.05 45.62 69.66
N ALA SA 160 -11.36 45.82 69.74
CA ALA SA 160 -11.93 47.16 69.82
C ALA SA 160 -11.91 47.71 71.24
N GLY SA 161 -11.41 46.93 72.20
CA GLY SA 161 -11.38 47.36 73.57
C GLY SA 161 -12.66 47.16 74.33
N ASN SA 162 -13.65 46.50 73.72
CA ASN SA 162 -14.93 46.29 74.39
C ASN SA 162 -14.75 45.34 75.57
N GLU SA 163 -15.27 45.75 76.73
CA GLU SA 163 -15.16 44.93 77.93
C GLU SA 163 -15.87 43.60 77.73
N ARG SA 164 -15.22 42.53 78.15
CA ARG SA 164 -15.73 41.18 77.95
C ARG SA 164 -15.68 40.39 79.25
N PHE SA 165 -16.60 39.45 79.38
CA PHE SA 165 -16.69 38.63 80.56
C PHE SA 165 -16.86 37.19 80.14
N LEU SA 166 -16.23 36.29 80.87
CA LEU SA 166 -16.30 34.86 80.61
C LEU SA 166 -17.27 34.23 81.59
N LEU SA 167 -18.15 33.39 81.07
CA LEU SA 167 -19.08 32.60 81.87
C LEU SA 167 -18.98 31.15 81.47
N LYS SA 168 -19.01 30.26 82.46
CA LYS SA 168 -18.93 28.83 82.23
C LYS SA 168 -20.14 28.14 82.84
N LEU SA 169 -20.72 27.22 82.07
CA LEU SA 169 -21.85 26.42 82.51
C LEU SA 169 -21.37 25.03 82.88
N THR SA 170 -22.00 24.44 83.89
CA THR SA 170 -21.63 23.10 84.31
C THR SA 170 -22.85 22.39 84.88
N GLN SA 171 -22.76 21.07 84.90
CA GLN SA 171 -23.73 20.21 85.56
C GLN SA 171 -23.07 19.56 86.77
N THR SA 172 -23.73 19.64 87.91
CA THR SA 172 -23.24 19.09 89.16
C THR SA 172 -24.17 17.98 89.61
N THR SA 173 -23.61 16.81 89.86
CA THR SA 173 -24.41 15.66 90.27
C THR SA 173 -24.65 15.72 91.79
N SER SA 174 -25.40 14.74 92.30
CA SER SA 174 -25.67 14.70 93.73
C SER SA 174 -24.39 14.46 94.52
N LEU SA 175 -23.50 13.59 94.01
CA LEU SA 175 -22.27 13.27 94.70
C LEU SA 175 -21.23 14.37 94.64
N GLY SA 176 -21.43 15.39 93.82
CA GLY SA 176 -20.53 16.53 93.77
C GLY SA 176 -19.67 16.62 92.54
N VAL SA 177 -19.81 15.70 91.59
CA VAL SA 177 -19.04 15.79 90.35
C VAL SA 177 -19.56 16.95 89.52
N VAL SA 178 -18.65 17.82 89.09
CA VAL SA 178 -18.97 19.07 88.42
C VAL SA 178 -18.34 19.00 87.03
N THR SA 179 -19.16 18.72 86.01
CA THR SA 179 -18.70 18.59 84.64
C THR SA 179 -19.17 19.80 83.85
N THR SA 180 -18.23 20.56 83.30
CA THR SA 180 -18.58 21.73 82.54
C THR SA 180 -19.11 21.34 81.17
N LEU SA 181 -19.99 22.19 80.64
CA LEU SA 181 -20.53 22.05 79.30
C LEU SA 181 -19.99 23.08 78.33
N GLU SA 182 -19.80 24.31 78.78
CA GLU SA 182 -19.26 25.36 77.92
C GLU SA 182 -18.57 26.39 78.78
N THR SA 183 -17.69 27.16 78.16
CA THR SA 183 -17.03 28.28 78.81
C THR SA 183 -16.74 29.32 77.73
N HIS SA 184 -17.50 30.40 77.74
CA HIS SA 184 -17.45 31.36 76.64
C HIS SA 184 -17.27 32.78 77.15
N THR SA 185 -16.53 33.57 76.39
CA THR SA 185 -16.31 34.98 76.68
C THR SA 185 -17.22 35.80 75.77
N VAL SA 186 -18.08 36.61 76.37
CA VAL SA 186 -19.04 37.41 75.64
C VAL SA 186 -19.05 38.83 76.19
N SER SA 187 -19.62 39.74 75.40
CA SER SA 187 -19.67 41.15 75.76
C SER SA 187 -21.05 41.70 75.46
N LEU SA 188 -21.41 42.74 76.20
CA LEU SA 188 -22.69 43.42 75.98
C LEU SA 188 -22.73 44.14 74.64
N ALA SA 189 -21.58 44.43 74.05
CA ALA SA 189 -21.55 45.18 72.80
C ALA SA 189 -22.27 44.42 71.69
N GLU SA 190 -23.11 45.14 70.95
CA GLU SA 190 -23.81 44.53 69.83
C GLU SA 190 -22.84 44.05 68.78
N GLU SA 191 -21.83 44.85 68.47
CA GLU SA 191 -20.84 44.51 67.46
C GLU SA 191 -19.57 43.95 68.08
N ALA SA 192 -19.70 43.23 69.18
CA ALA SA 192 -18.54 42.69 69.90
C ALA SA 192 -17.93 41.55 69.09
N LYS SA 193 -16.78 41.82 68.48
CA LYS SA 193 -16.11 40.85 67.64
C LYS SA 193 -14.79 40.43 68.29
N ASP SA 194 -14.60 39.12 68.44
CA ASP SA 194 -13.36 38.62 69.02
C ASP SA 194 -12.21 38.78 68.04
N ASP SA 195 -10.99 38.58 68.56
CA ASP SA 195 -9.81 38.70 67.71
C ASP SA 195 -9.80 37.66 66.60
N MET SA 196 -10.34 36.48 66.86
CA MET SA 196 -10.46 35.46 65.82
C MET SA 196 -11.67 35.67 64.92
N GLY SA 197 -12.48 36.71 65.20
CA GLY SA 197 -13.65 36.99 64.40
C GLY SA 197 -14.95 36.50 64.99
N ARG SA 198 -14.93 35.90 66.18
CA ARG SA 198 -16.16 35.44 66.80
C ARG SA 198 -16.94 36.62 67.37
N LEU SA 199 -18.25 36.62 67.11
CA LEU SA 199 -19.14 37.60 67.72
C LEU SA 199 -19.33 37.28 69.19
N CYS SA 200 -19.20 38.30 70.03
CA CYS SA 200 -19.37 38.14 71.47
C CYS SA 200 -20.69 38.72 71.96
N TYR SA 201 -21.62 39.02 71.05
CA TYR SA 201 -22.91 39.55 71.46
C TYR SA 201 -23.69 38.50 72.23
N LEU SA 202 -24.33 38.95 73.32
CA LEU SA 202 -24.96 38.01 74.24
C LEU SA 202 -26.05 37.17 73.59
N PRO SA 203 -27.07 37.74 72.95
CA PRO SA 203 -28.16 36.87 72.45
C PRO SA 203 -27.72 35.98 71.31
N THR SA 204 -26.90 36.51 70.40
CA THR SA 204 -26.40 35.69 69.30
C THR SA 204 -25.55 34.55 69.81
N ALA SA 205 -24.69 34.82 70.80
CA ALA SA 205 -23.90 33.75 71.39
C ALA SA 205 -24.80 32.70 72.03
N LEU SA 206 -25.83 33.14 72.77
CA LEU SA 206 -26.72 32.20 73.43
C LEU SA 206 -27.43 31.32 72.41
N GLU SA 207 -27.93 31.90 71.33
CA GLU SA 207 -28.66 31.11 70.36
C GLU SA 207 -27.75 30.23 69.52
N ALA SA 208 -26.50 30.64 69.30
CA ALA SA 208 -25.63 29.89 68.40
C ALA SA 208 -24.82 28.84 69.12
N ARG SA 209 -23.98 29.27 70.07
CA ARG SA 209 -23.08 28.33 70.73
C ARG SA 209 -23.73 27.66 71.93
N SER SA 210 -24.45 28.42 72.75
CA SER SA 210 -25.18 27.83 73.86
C SER SA 210 -26.29 26.93 73.33
N LYS SA 211 -26.53 25.83 74.04
CA LYS SA 211 -27.50 24.83 73.59
C LYS SA 211 -28.52 24.46 74.65
N TYR SA 212 -28.36 24.88 75.90
CA TYR SA 212 -29.29 24.53 76.96
C TYR SA 212 -30.02 25.74 77.54
N LEU SA 213 -29.50 26.94 77.35
CA LEU SA 213 -30.03 28.15 77.96
C LEU SA 213 -30.32 29.18 76.89
N ARG SA 214 -31.43 29.90 77.05
CA ARG SA 214 -31.78 30.97 76.13
C ARG SA 214 -32.07 32.23 76.93
N ALA SA 215 -31.60 33.37 76.41
CA ALA SA 215 -31.61 34.62 77.14
C ALA SA 215 -32.50 35.64 76.43
N VAL SA 216 -33.22 36.42 77.23
CA VAL SA 216 -33.99 37.56 76.75
C VAL SA 216 -33.42 38.82 77.40
N VAL SA 217 -33.15 39.83 76.58
CA VAL SA 217 -32.45 41.04 77.01
C VAL SA 217 -33.25 42.25 76.54
N ASN SA 218 -33.40 43.23 77.42
CA ASN SA 218 -34.03 44.49 77.04
C ASN SA 218 -33.11 45.27 76.11
N GLU SA 219 -33.59 45.58 74.91
CA GLU SA 219 -32.77 46.26 73.93
C GLU SA 219 -32.54 47.73 74.29
N GLU SA 220 -33.33 48.27 75.22
CA GLU SA 220 -33.17 49.64 75.68
C GLU SA 220 -32.34 49.74 76.94
N LEU SA 221 -32.24 48.66 77.72
CA LEU SA 221 -31.43 48.65 78.93
C LEU SA 221 -30.13 47.87 78.75
N ILE SA 222 -29.90 47.30 77.57
CA ILE SA 222 -28.65 46.58 77.33
C ILE SA 222 -27.47 47.53 77.38
N SER SA 223 -27.65 48.75 76.86
CA SER SA 223 -26.57 49.73 76.87
C SER SA 223 -26.19 50.10 78.30
N THR SA 224 -27.19 50.34 79.15
CA THR SA 224 -26.94 50.73 80.54
C THR SA 224 -26.67 49.54 81.43
N ALA SA 225 -26.78 48.32 80.93
CA ALA SA 225 -26.58 47.15 81.76
C ALA SA 225 -25.10 47.00 82.11
N LYS SA 226 -24.85 46.36 83.25
CA LYS SA 226 -23.51 46.07 83.71
C LYS SA 226 -23.35 44.58 83.95
N VAL SA 227 -22.23 44.17 84.56
CA VAL SA 227 -21.98 42.77 84.85
C VAL SA 227 -21.59 42.63 86.31
N THR SA 228 -21.74 41.41 86.82
CA THR SA 228 -21.40 41.09 88.20
C THR SA 228 -20.68 39.75 88.24
N ASN SA 229 -20.18 39.39 89.42
CA ASN SA 229 -19.46 38.15 89.64
C ASN SA 229 -20.38 37.21 90.42
N LYS SA 230 -20.92 36.20 89.74
CA LYS SA 230 -21.81 35.22 90.33
C LYS SA 230 -21.28 33.83 90.03
N LYS SA 231 -21.22 32.99 91.05
CA LYS SA 231 -20.59 31.68 90.94
C LYS SA 231 -21.60 30.59 91.27
N SER SA 232 -21.69 29.59 90.39
CA SER SA 232 -22.48 28.39 90.62
C SER SA 232 -23.94 28.73 90.96
N LEU SA 233 -24.60 29.36 90.00
CA LEU SA 233 -26.00 29.75 90.16
C LEU SA 233 -26.88 28.62 89.66
N ALA SA 234 -27.71 28.08 90.55
CA ALA SA 234 -28.53 26.91 90.26
C ALA SA 234 -29.97 27.33 89.99
N PHE SA 235 -30.57 26.71 88.99
CA PHE SA 235 -31.97 26.94 88.67
C PHE SA 235 -32.87 26.17 89.63
N THR SA 236 -33.97 26.81 90.03
CA THR SA 236 -34.94 26.22 90.94
C THR SA 236 -36.34 26.42 90.38
N GLY SA 237 -37.26 25.55 90.80
CA GLY SA 237 -38.64 25.62 90.36
C GLY SA 237 -38.95 24.78 89.14
N GLY SA 238 -37.93 24.22 88.49
CA GLY SA 238 -38.19 23.33 87.37
C GLY SA 238 -38.90 22.08 87.82
N THR SA 239 -39.78 21.57 86.96
CA THR SA 239 -40.58 20.40 87.26
C THR SA 239 -40.91 19.68 85.97
N ASN SA 240 -40.74 18.37 85.94
CA ASN SA 240 -41.09 17.58 84.77
C ASN SA 240 -42.59 17.32 84.68
N GLY SA 241 -43.34 17.52 85.75
CA GLY SA 241 -44.77 17.27 85.73
C GLY SA 241 -45.10 15.79 85.73
N ASP SA 242 -46.37 15.51 85.50
CA ASP SA 242 -46.87 14.15 85.44
C ASP SA 242 -46.93 13.69 83.99
N GLN SA 243 -46.41 12.48 83.74
CA GLN SA 243 -46.39 11.91 82.40
C GLN SA 243 -47.27 10.68 82.26
N SER SA 244 -47.80 10.14 83.36
CA SER SA 244 -48.67 8.98 83.27
C SER SA 244 -49.93 9.30 82.47
N LYS SA 245 -50.52 10.47 82.69
CA LYS SA 245 -51.69 10.92 81.96
C LYS SA 245 -51.26 12.02 81.01
N ILE SA 246 -51.54 11.83 79.73
CA ILE SA 246 -51.19 12.81 78.69
C ILE SA 246 -52.46 13.17 77.95
N SER SA 247 -52.68 14.47 77.76
CA SER SA 247 -53.90 14.94 77.14
C SER SA 247 -53.97 14.52 75.68
N THR SA 248 -55.19 14.22 75.23
CA THR SA 248 -55.41 14.00 73.81
C THR SA 248 -55.07 15.23 73.00
N ALA SA 249 -55.19 16.42 73.60
CA ALA SA 249 -54.76 17.64 72.93
C ALA SA 249 -53.26 17.63 72.67
N ALA SA 250 -52.47 17.22 73.67
CA ALA SA 250 -51.04 17.07 73.45
C ALA SA 250 -50.77 15.98 72.41
N TYR SA 251 -51.55 14.91 72.47
CA TYR SA 251 -51.41 13.84 71.49
C TYR SA 251 -51.59 14.35 70.07
N LEU SA 252 -52.66 15.10 69.84
CA LEU SA 252 -52.95 15.61 68.51
C LEU SA 252 -51.96 16.70 68.10
N ARG SA 253 -51.50 17.50 69.05
CA ARG SA 253 -50.46 18.47 68.72
C ARG SA 253 -49.19 17.77 68.26
N ALA SA 254 -48.80 16.70 68.95
CA ALA SA 254 -47.66 15.92 68.52
C ALA SA 254 -47.91 15.30 67.15
N VAL SA 255 -49.12 14.81 66.92
CA VAL SA 255 -49.47 14.22 65.64
C VAL SA 255 -49.29 15.23 64.52
N LYS SA 256 -49.83 16.43 64.69
CA LYS SA 256 -49.79 17.40 63.61
C LYS SA 256 -48.38 17.95 63.41
N VAL SA 257 -47.62 18.14 64.48
CA VAL SA 257 -46.25 18.61 64.28
C VAL SA 257 -45.42 17.53 63.60
N LEU SA 258 -45.64 16.26 63.93
CA LEU SA 258 -44.95 15.19 63.22
C LEU SA 258 -45.33 15.18 61.76
N ASN SA 259 -46.61 15.43 61.47
CA ASN SA 259 -47.06 15.53 60.09
C ASN SA 259 -46.32 16.65 59.37
N ASN SA 260 -46.26 17.82 60.00
CA ASN SA 260 -45.63 18.98 59.41
C ASN SA 260 -44.11 18.88 59.36
N ALA SA 261 -43.53 17.92 60.06
CA ALA SA 261 -42.08 17.81 60.13
C ALA SA 261 -41.53 17.38 58.77
N PRO SA 262 -40.67 18.18 58.14
CA PRO SA 262 -40.10 17.81 56.82
C PRO SA 262 -38.80 17.04 56.97
N TYR SA 263 -38.90 15.87 57.61
CA TYR SA 263 -37.76 14.97 57.77
C TYR SA 263 -38.16 13.59 57.29
N MET SA 264 -37.27 12.94 56.54
CA MET SA 264 -37.59 11.65 55.97
C MET SA 264 -37.63 10.59 57.05
N TYR SA 265 -38.65 9.75 57.02
CA TYR SA 265 -38.70 8.57 57.86
C TYR SA 265 -39.52 7.51 57.15
N THR SA 266 -38.93 6.32 57.01
CA THR SA 266 -39.57 5.25 56.25
C THR SA 266 -40.64 4.52 57.04
N ALA SA 267 -40.68 4.66 58.36
CA ALA SA 267 -41.65 3.92 59.14
C ALA SA 267 -42.04 4.71 60.39
N VAL SA 268 -43.14 4.28 61.01
CA VAL SA 268 -43.63 4.88 62.23
C VAL SA 268 -43.84 3.80 63.28
N LEU SA 269 -43.51 4.14 64.53
CA LEU SA 269 -43.48 3.21 65.63
C LEU SA 269 -44.44 3.67 66.72
N GLY SA 270 -45.11 2.71 67.36
CA GLY SA 270 -46.12 3.06 68.35
C GLY SA 270 -45.54 3.67 69.61
N LEU SA 271 -44.39 3.14 70.05
CA LEU SA 271 -43.74 3.56 71.31
C LEU SA 271 -44.64 3.32 72.52
N GLY SA 272 -45.52 2.32 72.42
CA GLY SA 272 -46.32 1.90 73.56
C GLY SA 272 -47.54 2.73 73.86
N CYS SA 273 -47.86 3.74 73.04
CA CYS SA 273 -49.03 4.56 73.30
C CYS SA 273 -50.31 3.74 73.13
N TYR SA 274 -51.26 3.96 74.02
CA TYR SA 274 -52.53 3.26 73.98
C TYR SA 274 -53.72 4.18 73.74
N ASP SA 275 -53.49 5.48 73.54
CA ASP SA 275 -54.58 6.37 73.19
C ASP SA 275 -55.15 5.97 71.85
N ASN SA 276 -56.45 5.67 71.83
CA ASN SA 276 -57.09 5.23 70.60
C ASN SA 276 -57.04 6.32 69.54
N ALA SA 277 -57.31 7.57 69.94
CA ALA SA 277 -57.28 8.68 68.99
C ALA SA 277 -55.87 8.86 68.44
N ALA SA 278 -54.86 8.75 69.30
CA ALA SA 278 -53.48 8.86 68.82
C ALA SA 278 -53.16 7.74 67.85
N ILE SA 279 -53.60 6.52 68.15
CA ILE SA 279 -53.33 5.39 67.28
C ILE SA 279 -53.97 5.61 65.92
N THR SA 280 -55.22 6.08 65.91
CA THR SA 280 -55.91 6.34 64.66
C THR SA 280 -55.23 7.45 63.87
N ALA SA 281 -54.82 8.52 64.55
CA ALA SA 281 -54.12 9.60 63.87
C ALA SA 281 -52.82 9.11 63.26
N LEU SA 282 -52.09 8.29 63.98
CA LEU SA 282 -50.85 7.74 63.44
C LEU SA 282 -51.15 6.83 62.25
N GLY SA 283 -52.25 6.09 62.32
CA GLY SA 283 -52.62 5.24 61.19
C GLY SA 283 -52.94 6.04 59.95
N LYS SA 284 -53.68 7.14 60.11
CA LYS SA 284 -53.97 7.97 58.94
C LYS SA 284 -52.72 8.66 58.43
N ILE SA 285 -51.79 9.02 59.31
CA ILE SA 285 -50.52 9.56 58.87
C ILE SA 285 -49.77 8.54 58.03
N CYS SA 286 -49.71 7.30 58.52
CA CYS SA 286 -49.06 6.25 57.77
C CYS SA 286 -49.73 6.07 56.41
N ALA SA 287 -51.05 6.09 56.39
CA ALA SA 287 -51.78 5.88 55.14
C ALA SA 287 -51.49 6.99 54.14
N ASP SA 288 -51.65 8.25 54.55
CA ASP SA 288 -51.51 9.32 53.58
C ASP SA 288 -50.06 9.69 53.30
N ARG SA 289 -49.11 9.13 54.05
CA ARG SA 289 -47.70 9.31 53.72
C ARG SA 289 -47.11 8.08 53.04
N LEU SA 290 -47.87 6.98 52.94
CA LEU SA 290 -47.46 5.78 52.20
C LEU SA 290 -46.16 5.23 52.79
N ILE SA 291 -46.30 4.74 54.01
CA ILE SA 291 -45.21 4.18 54.80
C ILE SA 291 -45.72 2.97 55.57
N ASP SA 292 -44.87 2.40 56.42
CA ASP SA 292 -45.23 1.28 57.26
C ASP SA 292 -45.38 1.73 58.70
N GLY SA 293 -46.33 1.10 59.41
CA GLY SA 293 -46.57 1.40 60.81
C GLY SA 293 -46.48 0.14 61.65
N PHE SA 294 -46.04 0.31 62.90
CA PHE SA 294 -45.78 -0.82 63.76
C PHE SA 294 -46.62 -0.79 65.03
N PHE SA 295 -47.93 -0.59 64.88
CA PHE SA 295 -48.79 -0.42 66.05
C PHE SA 295 -48.81 -1.69 66.90
N ASP SA 296 -49.31 -1.53 68.12
CA ASP SA 296 -49.38 -2.62 69.09
C ASP SA 296 -50.66 -2.49 69.90
N VAL SA 297 -51.14 -3.61 70.42
CA VAL SA 297 -52.29 -3.61 71.28
C VAL SA 297 -51.82 -3.73 72.73
N LYS SA 298 -52.73 -3.48 73.66
CA LYS SA 298 -52.40 -3.56 75.07
C LYS SA 298 -52.11 -5.00 75.47
N PRO SA 299 -50.91 -5.30 75.97
CA PRO SA 299 -50.58 -6.69 76.32
C PRO SA 299 -51.40 -7.24 77.46
N THR SA 300 -51.98 -6.37 78.28
CA THR SA 300 -52.59 -6.79 79.53
C THR SA 300 -53.89 -7.57 79.33
N LEU SA 301 -54.40 -7.64 78.11
CA LEU SA 301 -55.68 -8.30 77.84
C LEU SA 301 -55.43 -9.68 77.24
N THR SA 302 -56.27 -10.64 77.63
CA THR SA 302 -56.13 -12.01 77.13
C THR SA 302 -56.53 -12.06 75.66
N TYR SA 303 -56.34 -13.24 75.06
CA TYR SA 303 -56.60 -13.39 73.63
C TYR SA 303 -58.06 -13.15 73.28
N ALA SA 304 -58.97 -13.65 74.11
CA ALA SA 304 -60.39 -13.65 73.75
C ALA SA 304 -60.90 -12.24 73.49
N GLU SA 305 -60.42 -11.28 74.27
CA GLU SA 305 -60.81 -9.89 74.08
C GLU SA 305 -59.79 -9.09 73.28
N ALA SA 306 -58.56 -9.60 73.16
CA ALA SA 306 -57.58 -8.92 72.32
C ALA SA 306 -57.91 -9.10 70.85
N LEU SA 307 -58.52 -10.24 70.50
CA LEU SA 307 -58.94 -10.43 69.12
C LEU SA 307 -59.91 -9.36 68.66
N PRO SA 308 -60.96 -9.00 69.40
CA PRO SA 308 -61.79 -7.86 69.00
C PRO SA 308 -61.12 -6.52 69.22
N ALA SA 309 -60.02 -6.47 69.97
CA ALA SA 309 -59.43 -5.19 70.32
C ALA SA 309 -58.99 -4.42 69.10
N VAL SA 310 -58.71 -5.11 68.00
CA VAL SA 310 -58.25 -4.42 66.79
C VAL SA 310 -59.34 -3.53 66.22
N GLU SA 311 -60.56 -4.05 66.07
CA GLU SA 311 -61.63 -3.19 65.60
C GLU SA 311 -62.18 -2.33 66.71
N ASP SA 312 -61.92 -2.71 67.97
CA ASP SA 312 -62.23 -1.80 69.07
C ASP SA 312 -61.41 -0.53 68.93
N THR SA 313 -60.13 -0.67 68.58
CA THR SA 313 -59.29 0.47 68.27
C THR SA 313 -59.75 1.14 66.98
N GLY SA 314 -60.18 0.35 66.00
CA GLY SA 314 -60.72 0.89 64.78
C GLY SA 314 -59.74 1.07 63.64
N LEU SA 315 -58.63 0.34 63.64
CA LEU SA 315 -57.63 0.47 62.58
C LEU SA 315 -57.77 -0.59 61.50
N LEU SA 316 -58.87 -1.33 61.50
CA LEU SA 316 -59.15 -2.27 60.42
C LEU SA 316 -59.76 -1.53 59.23
N GLY SA 317 -59.24 -1.81 58.05
CA GLY SA 317 -59.76 -1.21 56.84
C GLY SA 317 -58.70 -1.13 55.77
N THR SA 318 -59.17 -0.84 54.55
CA THR SA 318 -58.25 -0.74 53.42
C THR SA 318 -57.35 0.48 53.49
N ASP SA 319 -57.75 1.51 54.23
CA ASP SA 319 -56.88 2.66 54.43
C ASP SA 319 -55.65 2.28 55.23
N TYR SA 320 -55.83 1.52 56.30
CA TYR SA 320 -54.72 1.07 57.15
C TYR SA 320 -54.21 -0.29 56.66
N VAL SA 321 -53.87 -0.33 55.38
CA VAL SA 321 -53.41 -1.57 54.77
C VAL SA 321 -51.90 -1.73 54.86
N SER SA 322 -51.16 -0.62 54.91
CA SER SA 322 -49.71 -0.67 54.91
C SER SA 322 -49.12 -0.79 56.30
N CYS SA 323 -49.94 -0.88 57.34
CA CYS SA 323 -49.48 -0.96 58.71
C CYS SA 323 -49.72 -2.35 59.28
N SER SA 324 -48.98 -2.66 60.34
CA SER SA 324 -49.11 -3.92 61.05
C SER SA 324 -49.28 -3.64 62.54
N VAL SA 325 -50.06 -4.48 63.21
CA VAL SA 325 -50.32 -4.34 64.63
C VAL SA 325 -49.96 -5.63 65.34
N TYR SA 326 -49.34 -5.49 66.50
CA TYR SA 326 -48.70 -6.59 67.20
C TYR SA 326 -49.38 -6.81 68.56
N HIS SA 327 -48.95 -7.88 69.22
CA HIS SA 327 -49.37 -8.18 70.59
C HIS SA 327 -48.26 -8.95 71.28
N TYR SA 328 -48.02 -8.59 72.55
CA TYR SA 328 -46.96 -9.19 73.36
C TYR SA 328 -47.53 -9.64 74.69
N PRO SA 329 -48.17 -10.79 74.72
CA PRO SA 329 -48.76 -11.31 75.96
C PRO SA 329 -47.75 -12.00 76.87
N PHE SA 330 -46.65 -11.30 77.18
CA PHE SA 330 -45.58 -11.87 77.98
C PHE SA 330 -45.00 -10.80 78.87
N SER SA 331 -44.04 -11.21 79.70
CA SER SA 331 -43.32 -10.30 80.60
C SER SA 331 -41.89 -10.77 80.70
N CYS SA 332 -40.95 -9.88 80.41
CA CYS SA 332 -39.53 -10.21 80.45
C CYS SA 332 -38.88 -9.55 81.66
N LYS SA 333 -37.57 -9.69 81.75
CA LYS SA 333 -36.79 -9.17 82.86
C LYS SA 333 -36.17 -7.83 82.49
N ASP SA 334 -36.21 -6.90 83.43
CA ASP SA 334 -35.57 -5.60 83.23
C ASP SA 334 -34.08 -5.76 83.07
N LYS SA 335 -33.50 -4.98 82.15
CA LYS SA 335 -32.06 -5.00 81.96
C LYS SA 335 -31.32 -4.38 83.13
N TRP SA 336 -31.98 -3.52 83.91
CA TRP SA 336 -31.36 -2.86 85.05
C TRP SA 336 -32.00 -3.26 86.38
N THR SA 337 -33.32 -3.16 86.49
CA THR SA 337 -34.02 -3.42 87.74
C THR SA 337 -34.51 -4.86 87.83
N GLN SA 338 -34.14 -5.71 86.87
CA GLN SA 338 -34.46 -7.13 86.82
C GLN SA 338 -35.89 -7.44 87.28
N SER SA 339 -36.84 -6.63 86.83
CA SER SA 339 -38.23 -6.77 87.22
C SER SA 339 -39.08 -7.20 86.04
N ARG SA 340 -40.32 -7.60 86.33
CA ARG SA 340 -41.26 -7.96 85.27
C ARG SA 340 -41.63 -6.73 84.47
N VAL SA 341 -41.14 -6.65 83.25
CA VAL SA 341 -41.35 -5.51 82.37
C VAL SA 341 -41.99 -6.01 81.09
N VAL SA 342 -42.96 -5.25 80.59
CA VAL SA 342 -43.71 -5.60 79.39
C VAL SA 342 -43.60 -4.45 78.42
N PHE SA 343 -43.12 -4.74 77.21
CA PHE SA 343 -43.06 -3.74 76.16
C PHE SA 343 -43.15 -4.44 74.81
N GLY SA 344 -43.56 -3.67 73.81
CA GLY SA 344 -43.90 -4.22 72.52
C GLY SA 344 -42.69 -4.66 71.71
N LEU SA 345 -43.00 -5.25 70.56
CA LEU SA 345 -42.01 -5.76 69.63
C LEU SA 345 -41.84 -4.84 68.43
N SER SA 346 -42.37 -3.62 68.50
CA SER SA 346 -42.42 -2.75 67.33
C SER SA 346 -41.03 -2.33 66.89
N GLY SA 347 -40.20 -1.88 67.83
CA GLY SA 347 -38.88 -1.39 67.46
C GLY SA 347 -38.01 -2.48 66.87
N VAL SA 348 -38.01 -3.66 67.50
CA VAL SA 348 -37.23 -4.77 66.96
C VAL SA 348 -37.79 -5.25 65.64
N ALA SA 349 -39.11 -5.20 65.45
CA ALA SA 349 -39.68 -5.57 64.16
C ALA SA 349 -39.22 -4.62 63.07
N TYR SA 350 -39.26 -3.32 63.35
CA TYR SA 350 -38.76 -2.34 62.39
C TYR SA 350 -37.29 -2.57 62.11
N ALA SA 351 -36.51 -2.86 63.15
CA ALA SA 351 -35.09 -3.10 62.98
C ALA SA 351 -34.84 -4.33 62.11
N ALA SA 352 -35.60 -5.39 62.34
CA ALA SA 352 -35.44 -6.59 61.54
C ALA SA 352 -35.78 -6.32 60.08
N LYS SA 353 -36.87 -5.60 59.84
CA LYS SA 353 -37.24 -5.24 58.47
C LYS SA 353 -36.16 -4.40 57.82
N ALA SA 354 -35.64 -3.40 58.53
CA ALA SA 354 -34.63 -2.53 57.97
C ALA SA 354 -33.36 -3.30 57.62
N ARG SA 355 -32.87 -4.11 58.56
CA ARG SA 355 -31.64 -4.83 58.30
C ARG SA 355 -31.83 -5.85 57.18
N GLY SA 356 -33.00 -6.50 57.14
CA GLY SA 356 -33.26 -7.45 56.07
C GLY SA 356 -33.29 -6.78 54.71
N VAL SA 357 -34.01 -5.65 54.61
CA VAL SA 357 -34.10 -4.98 53.31
C VAL SA 357 -32.76 -4.43 52.89
N LYS SA 358 -31.95 -3.95 53.83
CA LYS SA 358 -30.68 -3.36 53.46
C LYS SA 358 -29.52 -4.34 53.49
N LYS SA 359 -29.79 -5.63 53.72
CA LYS SA 359 -28.80 -6.64 53.36
C LYS SA 359 -28.42 -6.51 51.89
N ASN SA 360 -29.41 -6.36 51.02
CA ASN SA 360 -29.14 -6.02 49.64
C ASN SA 360 -28.60 -4.60 49.56
N SER SA 361 -27.64 -4.39 48.65
CA SER SA 361 -26.90 -3.13 48.62
C SER SA 361 -27.34 -2.19 47.51
N ASP SA 362 -27.83 -2.69 46.39
CA ASP SA 362 -28.15 -1.80 45.28
C ASP SA 362 -29.40 -0.98 45.57
N VAL SA 363 -30.54 -1.64 45.76
CA VAL SA 363 -31.79 -0.94 46.09
C VAL SA 363 -32.45 -1.48 47.34
N GLY SA 364 -32.19 -2.70 47.77
CA GLY SA 364 -32.86 -3.26 48.91
C GLY SA 364 -34.02 -4.15 48.50
N GLY SA 365 -34.37 -5.09 49.37
CA GLY SA 365 -35.48 -5.98 49.11
C GLY SA 365 -36.56 -5.95 50.18
N TRP SA 366 -37.73 -5.44 49.85
CA TRP SA 366 -38.84 -5.36 50.79
C TRP SA 366 -39.71 -6.59 50.77
N HIS SA 367 -39.36 -7.60 49.97
CA HIS SA 367 -40.13 -8.82 49.86
C HIS SA 367 -39.85 -9.79 51.00
N TYR SA 368 -39.32 -9.30 52.11
CA TYR SA 368 -38.94 -10.17 53.22
C TYR SA 368 -40.06 -10.27 54.24
N SER SA 369 -40.27 -11.48 54.73
CA SER SA 369 -41.34 -11.87 55.65
C SER SA 369 -40.90 -11.66 57.09
N PRO SA 370 -41.71 -11.00 57.91
CA PRO SA 370 -41.41 -10.84 59.33
C PRO SA 370 -41.74 -12.09 60.16
N ALA SA 371 -41.33 -13.24 59.66
CA ALA SA 371 -41.52 -14.50 60.37
C ALA SA 371 -40.28 -15.36 60.13
N GLY SA 372 -40.06 -16.30 61.05
CA GLY SA 372 -38.85 -17.09 61.04
C GLY SA 372 -37.74 -16.44 61.83
N GLU SA 373 -36.78 -17.26 62.25
CA GLU SA 373 -35.71 -16.80 63.11
C GLU SA 373 -34.59 -16.09 62.35
N GLU SA 374 -34.76 -15.82 61.05
CA GLU SA 374 -33.80 -14.97 60.37
C GLU SA 374 -33.92 -13.53 60.84
N ARG SA 375 -35.11 -13.13 61.29
CA ARG SA 375 -35.33 -11.79 61.77
C ARG SA 375 -36.03 -11.82 63.13
N ALA SA 376 -36.96 -12.76 63.30
CA ALA SA 376 -37.80 -12.80 64.49
C ALA SA 376 -37.10 -13.61 65.59
N VAL SA 377 -36.02 -13.01 66.11
CA VAL SA 377 -35.29 -13.54 67.26
C VAL SA 377 -35.14 -12.42 68.26
N ILE SA 378 -35.71 -12.60 69.46
CA ILE SA 378 -35.73 -11.50 70.42
C ILE SA 378 -35.02 -11.89 71.71
N ALA SA 379 -35.61 -12.82 72.45
CA ALA SA 379 -35.01 -13.43 73.64
C ALA SA 379 -34.38 -12.38 74.56
N ARG SA 380 -35.22 -11.52 75.13
CA ARG SA 380 -34.69 -10.43 75.93
C ARG SA 380 -34.11 -10.93 77.25
N ALA SA 381 -34.98 -11.43 78.13
CA ALA SA 381 -34.55 -12.05 79.38
C ALA SA 381 -35.75 -12.60 80.14
N SER SA 382 -35.59 -13.78 80.75
CA SER SA 382 -36.53 -14.32 81.72
C SER SA 382 -37.99 -14.13 81.29
N ILE SA 383 -38.31 -14.67 80.11
CA ILE SA 383 -39.65 -14.50 79.58
C ILE SA 383 -40.65 -15.23 80.46
N GLN SA 384 -41.78 -14.59 80.72
CA GLN SA 384 -42.82 -15.18 81.54
C GLN SA 384 -44.15 -14.99 80.83
N PRO SA 385 -44.85 -16.07 80.46
CA PRO SA 385 -46.17 -15.91 79.83
C PRO SA 385 -47.18 -15.35 80.82
N LEU SA 386 -47.92 -14.34 80.37
CA LEU SA 386 -48.96 -13.77 81.22
C LEU SA 386 -50.05 -14.79 81.52
N TYR SA 387 -50.46 -15.55 80.50
CA TYR SA 387 -51.53 -16.53 80.62
C TYR SA 387 -51.01 -17.84 80.04
N PRO SA 388 -50.25 -18.60 80.83
CA PRO SA 388 -49.67 -19.85 80.29
C PRO SA 388 -50.72 -20.82 79.78
N GLU SA 389 -51.88 -20.87 80.44
CA GLU SA 389 -52.93 -21.78 80.00
C GLU SA 389 -53.57 -21.29 78.71
N ASP SA 390 -53.76 -19.98 78.58
CA ASP SA 390 -54.37 -19.44 77.37
C ASP SA 390 -53.43 -19.60 76.19
N THR SA 391 -53.99 -19.97 75.04
CA THR SA 391 -53.25 -20.11 73.80
C THR SA 391 -53.95 -19.32 72.72
N PRO SA 392 -53.20 -18.75 71.78
CA PRO SA 392 -53.82 -18.00 70.69
C PRO SA 392 -54.57 -18.91 69.73
N ASP SA 393 -55.58 -18.33 69.09
CA ASP SA 393 -56.33 -19.00 68.03
C ASP SA 393 -55.85 -18.45 66.69
N GLU SA 394 -55.29 -19.33 65.87
CA GLU SA 394 -54.60 -18.88 64.66
C GLU SA 394 -55.58 -18.30 63.63
N GLU SA 395 -56.70 -18.97 63.41
CA GLU SA 395 -57.64 -18.53 62.39
C GLU SA 395 -58.32 -17.23 62.79
N ALA SA 396 -58.77 -17.14 64.04
CA ALA SA 396 -59.35 -15.88 64.51
C ALA SA 396 -58.32 -14.77 64.51
N MET SA 397 -57.07 -15.11 64.84
CA MET SA 397 -55.99 -14.12 64.83
C MET SA 397 -55.77 -13.57 63.43
N VAL SA 398 -55.63 -14.45 62.44
CA VAL SA 398 -55.37 -14.00 61.09
C VAL SA 398 -56.58 -13.25 60.54
N LYS SA 399 -57.79 -13.65 60.93
CA LYS SA 399 -58.97 -12.87 60.55
C LYS SA 399 -58.91 -11.48 61.16
N GLY SA 400 -58.48 -11.39 62.41
CA GLY SA 400 -58.36 -10.11 63.07
C GLY SA 400 -57.16 -9.28 62.64
N ARG SA 401 -56.28 -9.87 61.83
CA ARG SA 401 -55.17 -9.16 61.22
C ARG SA 401 -54.12 -8.71 62.22
N LEU SA 402 -54.10 -9.29 63.41
CA LEU SA 402 -53.11 -8.95 64.42
C LEU SA 402 -51.83 -9.73 64.11
N ASN SA 403 -50.87 -9.72 65.02
CA ASN SA 403 -49.67 -10.52 64.89
C ASN SA 403 -49.41 -11.26 66.19
N LYS SA 404 -49.25 -12.57 66.10
CA LYS SA 404 -49.04 -13.42 67.27
C LYS SA 404 -47.60 -13.93 67.33
N VAL SA 405 -47.22 -14.38 68.52
CA VAL SA 405 -45.84 -14.70 68.84
C VAL SA 405 -45.79 -16.08 69.48
N SER SA 406 -44.58 -16.62 69.56
CA SER SA 406 -44.32 -17.89 70.22
C SER SA 406 -42.83 -17.97 70.53
N VAL SA 407 -42.37 -19.17 70.89
CA VAL SA 407 -40.98 -19.44 71.17
C VAL SA 407 -40.46 -20.45 70.16
N GLY SA 408 -39.26 -20.20 69.65
CA GLY SA 408 -38.60 -21.13 68.75
C GLY SA 408 -37.88 -22.22 69.50
N THR SA 409 -37.24 -23.10 68.73
CA THR SA 409 -36.51 -24.21 69.32
C THR SA 409 -35.34 -23.72 70.17
N SER SA 410 -34.63 -22.70 69.70
CA SER SA 410 -33.48 -22.18 70.43
C SER SA 410 -33.89 -21.29 71.60
N GLY SA 411 -35.17 -21.21 71.92
CA GLY SA 411 -35.64 -20.39 73.02
C GLY SA 411 -35.87 -18.93 72.69
N GLN SA 412 -35.57 -18.52 71.47
CA GLN SA 412 -35.80 -17.14 71.08
C GLN SA 412 -37.29 -16.85 70.96
N MET SA 413 -37.64 -15.57 71.06
CA MET SA 413 -39.01 -15.12 70.89
C MET SA 413 -39.24 -14.80 69.42
N ILE SA 414 -40.26 -15.38 68.83
CA ILE SA 414 -40.45 -15.33 67.38
C ILE SA 414 -41.86 -14.87 67.05
N ILE SA 415 -41.97 -13.95 66.09
CA ILE SA 415 -43.27 -13.44 65.64
C ILE SA 415 -43.70 -14.30 64.45
N ASP SA 416 -44.78 -15.05 64.63
CA ASP SA 416 -45.13 -16.09 63.65
C ASP SA 416 -46.24 -15.60 62.73
N ASP SA 417 -46.07 -14.39 62.20
CA ASP SA 417 -47.09 -13.75 61.36
C ASP SA 417 -46.41 -12.82 60.37
N ALA SA 418 -47.01 -12.72 59.18
CA ALA SA 418 -46.53 -11.85 58.11
C ALA SA 418 -47.70 -11.20 57.39
N LEU SA 419 -48.65 -10.66 58.13
CA LEU SA 419 -49.85 -10.07 57.56
C LEU SA 419 -50.06 -8.67 58.09
N THR SA 420 -50.68 -7.82 57.28
CA THR SA 420 -51.01 -6.47 57.68
C THR SA 420 -52.44 -6.41 58.24
N CYS SA 421 -52.96 -5.21 58.40
CA CYS SA 421 -54.28 -4.96 58.98
C CYS SA 421 -55.34 -4.80 57.89
N CYS SA 422 -55.19 -5.52 56.78
CA CYS SA 422 -56.15 -5.44 55.68
C CYS SA 422 -57.29 -6.42 55.95
N THR SA 423 -58.50 -5.88 56.09
CA THR SA 423 -59.66 -6.71 56.38
C THR SA 423 -59.89 -7.73 55.28
N GLN SA 424 -59.80 -7.31 54.03
CA GLN SA 424 -60.07 -8.19 52.91
C GLN SA 424 -58.92 -9.18 52.71
N ASP SA 425 -59.28 -10.37 52.25
CA ASP SA 425 -58.33 -11.46 52.06
C ASP SA 425 -57.53 -11.33 50.78
N ASN SA 426 -57.61 -10.19 50.10
CA ASN SA 426 -56.90 -10.00 48.86
C ASN SA 426 -55.40 -10.03 49.11
N TYR SA 427 -54.63 -9.93 48.03
CA TYR SA 427 -53.19 -10.02 48.15
C TYR SA 427 -52.59 -8.85 48.94
N LEU SA 428 -53.37 -7.82 49.23
CA LEU SA 428 -52.88 -6.76 50.07
C LEU SA 428 -52.76 -7.19 51.52
N HIS SA 429 -53.42 -8.28 51.91
CA HIS SA 429 -53.44 -8.69 53.30
C HIS SA 429 -52.11 -9.28 53.76
N PHE SA 430 -51.19 -9.57 52.85
CA PHE SA 430 -49.84 -9.94 53.25
C PHE SA 430 -49.09 -8.73 53.78
N GLN SA 431 -47.83 -8.95 54.18
CA GLN SA 431 -47.01 -7.88 54.75
C GLN SA 431 -45.97 -7.34 53.78
N HIS SA 432 -45.15 -8.22 53.20
CA HIS SA 432 -44.07 -7.77 52.33
C HIS SA 432 -44.60 -7.14 51.04
N VAL SA 433 -45.65 -7.73 50.47
CA VAL SA 433 -46.14 -7.26 49.18
C VAL SA 433 -46.62 -5.81 49.23
N PRO SA 434 -47.47 -5.41 50.19
CA PRO SA 434 -47.81 -3.98 50.26
C PRO SA 434 -46.60 -3.10 50.46
N SER SA 435 -45.61 -3.55 51.23
CA SER SA 435 -44.36 -2.81 51.31
C SER SA 435 -43.67 -2.75 49.96
N LEU SA 436 -43.80 -3.79 49.15
CA LEU SA 436 -43.23 -3.76 47.81
C LEU SA 436 -43.87 -2.67 46.98
N MET SA 437 -45.21 -2.59 47.00
CA MET SA 437 -45.85 -1.51 46.26
C MET SA 437 -45.46 -0.14 46.83
N ASN SA 438 -45.37 -0.04 48.16
CA ASN SA 438 -44.99 1.24 48.76
C ASN SA 438 -43.62 1.68 48.29
N ALA SA 439 -42.66 0.75 48.27
CA ALA SA 439 -41.30 1.08 47.84
C ALA SA 439 -41.26 1.46 46.37
N ILE SA 440 -41.92 0.68 45.51
CA ILE SA 440 -41.87 0.99 44.09
C ILE SA 440 -42.55 2.32 43.82
N SER SA 441 -43.66 2.60 44.51
CA SER SA 441 -44.33 3.88 44.35
C SER SA 441 -43.47 5.02 44.82
N ARG SA 442 -42.77 4.84 45.95
CA ARG SA 442 -41.89 5.89 46.44
C ARG SA 442 -40.78 6.18 45.45
N PHE SA 443 -40.16 5.13 44.91
CA PHE SA 443 -39.10 5.34 43.93
C PHE SA 443 -39.65 6.02 42.68
N PHE SA 444 -40.84 5.63 42.24
CA PHE SA 444 -41.45 6.27 41.09
C PHE SA 444 -41.71 7.74 41.35
N VAL SA 445 -42.18 8.07 42.55
CA VAL SA 445 -42.41 9.46 42.92
C VAL SA 445 -41.09 10.23 42.88
N GLN SA 446 -40.04 9.64 43.43
CA GLN SA 446 -38.75 10.31 43.45
C GLN SA 446 -38.27 10.61 42.04
N LEU SA 447 -38.35 9.61 41.15
CA LEU SA 447 -37.88 9.82 39.79
C LEU SA 447 -38.76 10.82 39.04
N ALA SA 448 -40.07 10.76 39.25
CA ALA SA 448 -40.96 11.69 38.58
C ALA SA 448 -40.67 13.13 39.03
N ARG SA 449 -40.43 13.33 40.31
CA ARG SA 449 -40.07 14.66 40.80
C ARG SA 449 -38.71 15.09 40.26
N GLN SA 450 -37.78 14.15 40.13
CA GLN SA 450 -36.48 14.48 39.56
C GLN SA 450 -36.63 14.96 38.11
N MET SA 451 -37.47 14.30 37.35
CA MET SA 451 -37.68 14.68 35.96
C MET SA 451 -38.68 15.82 35.81
N LYS SA 452 -39.32 16.23 36.90
CA LYS SA 452 -40.39 17.20 36.85
C LYS SA 452 -39.87 18.56 36.38
N HIS SA 453 -40.81 19.38 35.87
CA HIS SA 453 -40.52 20.74 35.44
C HIS SA 453 -39.52 20.75 34.29
N SER SA 454 -39.83 20.00 33.25
CA SER SA 454 -38.93 19.86 32.12
C SER SA 454 -39.68 20.08 30.82
N PRO SA 455 -39.05 20.69 29.82
CA PRO SA 455 -39.75 20.93 28.56
C PRO SA 455 -40.12 19.63 27.87
N ASP SA 456 -41.23 19.68 27.14
CA ASP SA 456 -41.78 18.47 26.55
C ASP SA 456 -40.91 17.98 25.39
N GLY SA 457 -41.29 16.82 24.85
CA GLY SA 457 -40.61 16.22 23.73
C GLY SA 457 -39.52 15.26 24.10
N ILE SA 458 -39.08 15.26 25.36
CA ILE SA 458 -38.03 14.37 25.82
C ILE SA 458 -38.49 13.71 27.11
N THR SA 459 -39.59 14.23 27.66
CA THR SA 459 -40.09 13.73 28.93
C THR SA 459 -40.50 12.27 28.81
N ALA SA 460 -41.18 11.91 27.73
CA ALA SA 460 -41.59 10.53 27.54
C ALA SA 460 -40.39 9.60 27.46
N ALA SA 461 -39.39 9.99 26.66
CA ALA SA 461 -38.20 9.15 26.54
C ALA SA 461 -37.51 8.98 27.88
N GLY SA 462 -37.37 10.08 28.64
CA GLY SA 462 -36.70 10.01 29.93
C GLY SA 462 -37.44 9.11 30.90
N LEU SA 463 -38.76 9.26 30.97
CA LEU SA 463 -39.53 8.43 31.89
C LEU SA 463 -39.46 6.96 31.49
N THR SA 464 -39.51 6.68 30.19
CA THR SA 464 -39.38 5.29 29.74
C THR SA 464 -38.03 4.72 30.13
N LYS SA 465 -36.95 5.47 29.93
CA LYS SA 465 -35.63 4.95 30.28
C LYS SA 465 -35.51 4.74 31.78
N GLY SA 466 -36.02 5.68 32.57
CA GLY SA 466 -35.97 5.52 34.02
C GLY SA 466 -36.74 4.30 34.47
N MET SA 467 -37.93 4.09 33.91
CA MET SA 467 -38.71 2.93 34.32
C MET SA 467 -38.04 1.64 33.86
N THR SA 468 -37.44 1.63 32.67
CA THR SA 468 -36.77 0.43 32.20
C THR SA 468 -35.60 0.06 33.10
N LYS SA 469 -34.78 1.05 33.48
CA LYS SA 469 -33.67 0.75 34.37
C LYS SA 469 -34.17 0.36 35.76
N LEU SA 470 -35.29 0.94 36.19
CA LEU SA 470 -35.88 0.53 37.45
C LEU SA 470 -36.34 -0.92 37.39
N LEU SA 471 -36.91 -1.31 36.27
CA LEU SA 471 -37.30 -2.70 36.04
C LEU SA 471 -36.07 -3.60 36.06
N ASP SA 472 -34.97 -3.14 35.48
CA ASP SA 472 -33.73 -3.91 35.50
C ASP SA 472 -33.26 -4.14 36.93
N ARG SA 473 -33.25 -3.09 37.74
CA ARG SA 473 -32.87 -3.25 39.13
C ARG SA 473 -33.85 -4.16 39.86
N PHE SA 474 -35.13 -4.10 39.51
CA PHE SA 474 -36.11 -4.93 40.17
C PHE SA 474 -35.90 -6.41 39.85
N VAL SA 475 -35.67 -6.73 38.57
CA VAL SA 475 -35.45 -8.11 38.19
C VAL SA 475 -34.13 -8.61 38.74
N ALA SA 476 -33.13 -7.73 38.88
CA ALA SA 476 -31.92 -8.11 39.57
C ALA SA 476 -32.20 -8.45 41.02
N SER SA 477 -32.99 -7.61 41.70
CA SER SA 477 -33.39 -7.87 43.07
C SER SA 477 -34.26 -9.10 43.21
N GLY SA 478 -34.88 -9.54 42.12
CA GLY SA 478 -35.73 -10.71 42.15
C GLY SA 478 -37.16 -10.46 42.58
N ALA SA 479 -37.49 -9.23 42.96
CA ALA SA 479 -38.87 -8.93 43.35
C ALA SA 479 -39.82 -9.11 42.17
N LEU SA 480 -39.42 -8.64 40.99
CA LEU SA 480 -40.22 -8.81 39.79
C LEU SA 480 -40.05 -10.24 39.29
N VAL SA 481 -41.14 -11.00 39.27
CA VAL SA 481 -41.12 -12.40 38.88
C VAL SA 481 -42.18 -12.64 37.84
N ALA SA 482 -42.07 -13.79 37.17
CA ALA SA 482 -42.95 -14.12 36.07
C ALA SA 482 -44.39 -14.28 36.55
N PRO SA 483 -45.37 -13.98 35.69
CA PRO SA 483 -46.77 -14.11 36.11
C PRO SA 483 -47.14 -15.53 36.47
N ARG SA 484 -48.07 -15.65 37.42
CA ARG SA 484 -48.54 -16.97 37.83
C ARG SA 484 -49.25 -17.67 36.68
N ASP SA 485 -50.07 -16.94 35.92
CA ASP SA 485 -50.85 -17.52 34.84
C ASP SA 485 -50.35 -17.02 33.50
N PRO SA 486 -49.63 -17.83 32.72
CA PRO SA 486 -49.17 -17.38 31.41
C PRO SA 486 -50.26 -17.36 30.34
N ASP SA 487 -51.48 -17.80 30.68
CA ASP SA 487 -52.54 -17.84 29.69
C ASP SA 487 -52.93 -16.44 29.24
N ALA SA 488 -52.90 -15.47 30.15
CA ALA SA 488 -53.35 -14.12 29.84
C ALA SA 488 -52.19 -13.22 29.38
N ASP SA 489 -51.19 -13.05 30.24
CA ASP SA 489 -50.08 -12.14 29.97
C ASP SA 489 -48.80 -12.87 29.61
N GLY SA 490 -48.85 -14.20 29.48
CA GLY SA 490 -47.61 -14.92 29.23
C GLY SA 490 -46.69 -14.84 30.43
N THR SA 491 -45.39 -14.99 30.15
CA THR SA 491 -44.38 -14.90 31.19
C THR SA 491 -43.80 -13.50 31.33
N GLU SA 492 -44.26 -12.54 30.53
CA GLU SA 492 -43.76 -11.18 30.62
C GLU SA 492 -44.54 -10.48 31.72
N PRO SA 493 -43.90 -10.06 32.81
CA PRO SA 493 -44.63 -9.63 34.03
C PRO SA 493 -44.86 -8.14 34.19
N TYR SA 494 -44.56 -7.31 33.19
CA TYR SA 494 -44.68 -5.87 33.34
C TYR SA 494 -45.37 -5.23 32.14
N VAL SA 495 -46.05 -4.12 32.39
CA VAL SA 495 -46.65 -3.34 31.32
C VAL SA 495 -46.65 -1.87 31.72
N LEU SA 496 -46.44 -1.00 30.73
CA LEU SA 496 -46.36 0.44 30.92
C LEU SA 496 -46.99 1.16 29.74
N LYS SA 497 -47.73 2.22 30.02
CA LYS SA 497 -48.21 3.14 29.00
C LYS SA 497 -48.08 4.57 29.51
N VAL SA 498 -47.95 5.49 28.57
CA VAL SA 498 -47.99 6.92 28.86
C VAL SA 498 -48.83 7.61 27.80
N THR SA 499 -49.72 8.50 28.24
CA THR SA 499 -50.60 9.26 27.36
C THR SA 499 -50.61 10.70 27.81
N GLN SA 500 -51.26 11.55 27.00
CA GLN SA 500 -51.34 12.98 27.27
C GLN SA 500 -52.79 13.41 27.31
N ALA SA 501 -53.10 14.38 28.17
CA ALA SA 501 -54.43 15.00 28.17
C ALA SA 501 -54.44 16.39 27.54
N GLU SA 502 -53.57 17.27 27.99
CA GLU SA 502 -53.49 18.64 27.47
C GLU SA 502 -52.04 19.09 27.60
N PHE SA 503 -51.82 20.40 27.57
CA PHE SA 503 -50.53 21.02 27.87
C PHE SA 503 -49.84 20.35 29.05
N ASP SA 504 -50.63 19.89 30.03
CA ASP SA 504 -50.11 19.06 31.13
C ASP SA 504 -50.88 17.75 31.21
N LYS SA 505 -50.75 17.06 32.35
CA LYS SA 505 -51.42 15.80 32.60
C LYS SA 505 -50.94 14.71 31.63
N TRP SA 506 -49.66 14.38 31.79
CA TRP SA 506 -49.16 13.09 31.33
C TRP SA 506 -49.71 12.01 32.24
N GLU SA 507 -50.56 11.15 31.70
CA GLU SA 507 -51.11 10.03 32.45
C GLU SA 507 -50.24 8.80 32.19
N VAL SA 508 -49.54 8.34 33.20
CA VAL SA 508 -48.68 7.16 33.12
C VAL SA 508 -49.32 6.05 33.92
N VAL SA 509 -49.34 4.85 33.33
CA VAL SA 509 -49.96 3.68 33.95
C VAL SA 509 -48.97 2.53 33.89
N TRP SA 510 -48.83 1.81 35.00
CA TRP SA 510 -47.83 0.76 35.10
C TRP SA 510 -48.34 -0.36 35.98
N ALA SA 511 -48.23 -1.58 35.47
CA ALA SA 511 -48.65 -2.77 36.21
C ALA SA 511 -47.52 -3.79 36.20
N CYS SA 512 -47.32 -4.44 37.35
CA CYS SA 512 -46.18 -5.32 37.56
C CYS SA 512 -46.61 -6.59 38.29
N CYS SA 513 -45.83 -7.65 38.11
CA CYS SA 513 -46.07 -8.90 38.82
C CYS SA 513 -45.07 -9.05 39.95
N PRO SA 514 -45.47 -8.92 41.19
CA PRO SA 514 -44.57 -9.16 42.32
C PRO SA 514 -44.48 -10.66 42.60
N THR SA 515 -43.75 -10.99 43.66
CA THR SA 515 -43.55 -12.35 44.11
C THR SA 515 -44.26 -12.58 45.44
N GLY SA 516 -44.05 -13.76 46.02
CA GLY SA 516 -44.64 -14.11 47.30
C GLY SA 516 -43.72 -14.98 48.13
N VAL SA 517 -44.06 -15.09 49.41
CA VAL SA 517 -43.25 -15.82 50.37
C VAL SA 517 -44.17 -16.82 51.06
N ALA SA 518 -45.20 -17.28 50.34
CA ALA SA 518 -46.07 -18.38 50.78
C ALA SA 518 -46.67 -18.12 52.15
N ARG SA 519 -47.43 -17.01 52.26
CA ARG SA 519 -48.17 -16.74 53.47
C ARG SA 519 -49.19 -17.83 53.77
N ARG SA 520 -49.94 -18.25 52.75
CA ARG SA 520 -50.77 -19.42 52.89
C ARG SA 520 -49.87 -20.62 53.17
N ILE SA 521 -50.00 -21.18 54.37
CA ILE SA 521 -49.09 -22.20 54.86
C ILE SA 521 -49.85 -23.50 54.99
N GLN SA 522 -49.35 -24.54 54.32
CA GLN SA 522 -49.98 -25.85 54.32
C GLN SA 522 -48.94 -26.89 53.94
N GLY SA 523 -49.30 -28.15 54.11
CA GLY SA 523 -48.46 -29.26 53.70
C GLY SA 523 -49.16 -30.59 53.88
N VAL SA 524 -48.80 -31.58 53.07
CA VAL SA 524 -49.33 -32.93 53.23
C VAL SA 524 -48.34 -33.96 52.70
N PRO SA 525 -47.68 -34.70 53.58
CA PRO SA 525 -46.97 -35.90 53.14
C PRO SA 525 -47.91 -37.10 53.09
N LEU SA 526 -47.61 -38.02 52.19
CA LEU SA 526 -48.47 -39.16 51.93
C LEU SA 526 -47.64 -40.43 51.98
N LEU SA 527 -48.33 -41.55 52.13
CA LEU SA 527 -47.71 -42.85 52.37
C LEU SA 527 -47.63 -43.67 51.09
N ILE SA 528 -46.88 -44.77 51.18
CA ILE SA 528 -46.80 -45.75 50.09
C ILE SA 528 -47.03 -47.19 50.57
N LYS SA 529 -46.82 -47.50 51.85
CA LYS SA 529 -46.92 -48.86 52.40
C LYS SA 529 -45.92 -49.85 51.79
N SER TA 2 -48.03 -22.38 66.09
CA SER TA 2 -46.59 -22.61 66.09
C SER TA 2 -46.21 -23.81 65.21
N GLN TA 3 -44.92 -24.13 65.18
CA GLN TA 3 -44.39 -25.26 64.42
C GLN TA 3 -44.78 -26.60 65.02
N TYR TA 4 -45.21 -26.61 66.28
CA TYR TA 4 -45.60 -27.82 66.97
C TYR TA 4 -46.99 -28.29 66.59
N SER TA 5 -47.87 -27.37 66.20
CA SER TA 5 -49.23 -27.72 65.83
C SER TA 5 -49.25 -28.25 64.39
N ILE TA 6 -50.09 -29.26 64.18
CA ILE TA 6 -50.35 -29.80 62.85
C ILE TA 6 -51.86 -29.88 62.67
N GLN TA 7 -52.35 -29.37 61.55
CA GLN TA 7 -53.77 -29.33 61.28
C GLN TA 7 -54.17 -30.50 60.38
N GLN TA 8 -55.45 -30.50 59.98
CA GLN TA 8 -55.96 -31.47 59.02
C GLN TA 8 -56.52 -30.80 57.77
N SER TA 9 -57.31 -29.74 57.95
CA SER TA 9 -57.83 -28.94 56.86
C SER TA 9 -57.35 -27.51 57.00
N LEU TA 10 -57.30 -26.79 55.89
CA LEU TA 10 -56.78 -25.43 55.87
C LEU TA 10 -57.90 -24.44 55.61
N GLY TA 11 -58.06 -23.48 56.53
CA GLY TA 11 -58.96 -22.37 56.33
C GLY TA 11 -58.21 -21.05 56.34
N ASN TA 12 -58.42 -20.26 57.39
CA ASN TA 12 -57.67 -19.03 57.58
C ASN TA 12 -56.36 -19.26 58.32
N ALA TA 13 -56.34 -20.17 59.28
CA ALA TA 13 -55.14 -20.46 60.03
C ALA TA 13 -54.07 -21.06 59.14
N SER TA 14 -52.81 -20.73 59.42
CA SER TA 14 -51.66 -21.20 58.67
C SER TA 14 -50.90 -22.21 59.51
N GLY TA 15 -50.71 -23.41 58.95
CA GLY TA 15 -49.98 -24.47 59.64
C GLY TA 15 -49.61 -25.55 58.67
N VAL TA 16 -48.78 -26.48 59.13
CA VAL TA 16 -48.34 -27.61 58.33
C VAL TA 16 -49.08 -28.86 58.79
N ALA TA 17 -49.77 -29.51 57.85
CA ALA TA 17 -50.57 -30.69 58.13
C ALA TA 17 -49.84 -31.95 57.69
N VAL TA 18 -50.27 -33.08 58.26
CA VAL TA 18 -49.73 -34.38 57.90
C VAL TA 18 -50.89 -35.36 57.77
N SER TA 19 -50.58 -36.54 57.23
CA SER TA 19 -51.60 -37.57 57.02
C SER TA 19 -52.12 -38.09 58.36
N PRO TA 20 -53.42 -38.33 58.46
CA PRO TA 20 -53.98 -38.86 59.72
C PRO TA 20 -53.62 -40.33 59.92
N ILE TA 21 -53.95 -40.83 61.10
CA ILE TA 21 -53.71 -42.22 61.46
C ILE TA 21 -54.98 -42.99 61.10
N ASN TA 22 -54.93 -43.73 59.99
CA ASN TA 22 -56.07 -44.45 59.47
C ASN TA 22 -55.68 -45.91 59.23
N ALA TA 23 -56.53 -46.64 58.50
CA ALA TA 23 -56.24 -48.03 58.14
C ALA TA 23 -55.67 -48.19 56.74
N ASP TA 24 -56.06 -47.34 55.79
CA ASP TA 24 -55.64 -47.46 54.40
C ASP TA 24 -55.27 -46.10 53.82
N ALA TA 25 -54.39 -46.11 52.82
CA ALA TA 25 -53.98 -44.88 52.13
C ALA TA 25 -53.37 -45.25 50.78
N THR TA 26 -53.44 -44.30 49.85
CA THR TA 26 -52.93 -44.48 48.50
C THR TA 26 -52.10 -43.27 48.09
N LEU TA 27 -51.38 -43.40 46.98
CA LEU TA 27 -50.57 -42.31 46.45
C LEU TA 27 -50.49 -42.43 44.93
N SER TA 28 -50.28 -41.29 44.28
CA SER TA 28 -50.02 -41.25 42.83
C SER TA 28 -49.36 -39.92 42.48
N THR TA 29 -48.11 -39.99 42.00
CA THR TA 29 -47.36 -38.78 41.66
C THR TA 29 -46.59 -39.01 40.37
N GLY TA 30 -46.52 -37.97 39.55
CA GLY TA 30 -45.80 -38.07 38.30
C GLY TA 30 -46.03 -36.84 37.44
N VAL TA 31 -45.34 -36.83 36.30
CA VAL TA 31 -45.42 -35.75 35.33
C VAL TA 31 -45.76 -36.37 33.97
N ALA TA 32 -46.46 -35.60 33.15
CA ALA TA 32 -46.91 -36.11 31.84
C ALA TA 32 -45.72 -36.39 30.93
N LEU TA 33 -45.94 -37.32 29.99
CA LEU TA 33 -44.91 -37.76 29.06
C LEU TA 33 -44.80 -36.85 27.84
N ASN TA 34 -45.89 -36.69 27.09
CA ASN TA 34 -45.91 -35.91 25.85
C ASN TA 34 -44.91 -36.46 24.83
N SER TA 35 -44.69 -37.78 24.86
CA SER TA 35 -43.78 -38.45 23.94
C SER TA 35 -44.46 -39.51 23.09
N SER TA 36 -45.16 -40.46 23.71
CA SER TA 36 -45.88 -41.49 22.99
C SER TA 36 -46.96 -42.03 23.90
N LEU TA 37 -48.18 -42.14 23.40
CA LEU TA 37 -49.32 -42.46 24.24
C LEU TA 37 -50.04 -43.71 23.76
N TRP TA 38 -50.84 -44.26 24.67
CA TRP TA 38 -51.64 -45.43 24.42
C TRP TA 38 -53.07 -45.15 24.84
N ALA TA 39 -53.99 -45.91 24.27
CA ALA TA 39 -55.40 -45.81 24.58
C ALA TA 39 -56.01 -47.20 24.74
N GLY TA 40 -57.05 -47.29 25.56
CA GLY TA 40 -57.75 -48.55 25.73
C GLY TA 40 -58.95 -48.37 26.64
N ILE TA 41 -59.91 -49.28 26.47
CA ILE TA 41 -61.14 -49.29 27.27
C ILE TA 41 -60.96 -50.18 28.48
N GLY TA 42 -61.41 -49.69 29.63
CA GLY TA 42 -61.36 -50.47 30.85
C GLY TA 42 -62.47 -50.07 31.79
N VAL TA 43 -62.69 -50.92 32.79
CA VAL TA 43 -63.66 -50.67 33.84
C VAL TA 43 -62.89 -50.55 35.15
N PHE TA 44 -63.12 -49.47 35.88
CA PHE TA 44 -62.34 -49.19 37.07
C PHE TA 44 -63.27 -48.60 38.12
N ALA TA 45 -62.66 -48.10 39.19
CA ALA TA 45 -63.37 -47.36 40.21
C ALA TA 45 -63.34 -45.87 39.85
N ARG TA 46 -64.42 -45.18 40.19
CA ARG TA 46 -64.52 -43.74 39.98
C ARG TA 46 -64.38 -43.39 38.50
N GLY TA 47 -64.34 -42.10 38.20
CA GLY TA 47 -64.23 -41.67 36.81
C GLY TA 47 -65.57 -41.70 36.11
N LYS TA 48 -65.78 -40.76 35.20
CA LYS TA 48 -67.04 -40.68 34.49
C LYS TA 48 -67.17 -41.85 33.51
N PRO TA 49 -68.33 -42.48 33.44
CA PRO TA 49 -68.52 -43.55 32.45
C PRO TA 49 -68.54 -42.99 31.04
N PHE TA 50 -68.13 -43.83 30.09
CA PHE TA 50 -68.07 -43.46 28.68
C PHE TA 50 -67.26 -42.18 28.50
N THR TA 51 -66.14 -42.11 29.19
CA THR TA 51 -65.35 -40.89 29.25
C THR TA 51 -63.87 -41.22 29.11
N VAL TA 52 -63.16 -40.37 28.37
CA VAL TA 52 -61.71 -40.47 28.23
C VAL TA 52 -61.05 -39.77 29.40
N LEU TA 53 -59.90 -40.28 29.81
CA LEU TA 53 -59.17 -39.75 30.95
C LEU TA 53 -57.68 -39.86 30.66
N ALA TA 54 -57.01 -38.72 30.57
CA ALA TA 54 -55.56 -38.66 30.41
C ALA TA 54 -54.92 -39.04 31.74
N VAL TA 55 -54.58 -40.31 31.87
CA VAL TA 55 -54.09 -40.86 33.13
C VAL TA 55 -52.57 -40.79 33.14
N THR TA 56 -52.02 -40.31 34.26
CA THR TA 56 -50.59 -40.27 34.46
C THR TA 56 -50.23 -40.90 35.79
N GLU TA 57 -48.96 -40.82 36.16
CA GLU TA 57 -48.51 -41.36 37.44
C GLU TA 57 -49.08 -40.58 38.61
N SER TA 58 -49.60 -39.38 38.37
CA SER TA 58 -50.14 -38.54 39.43
C SER TA 58 -51.59 -38.83 39.74
N ASN TA 59 -52.35 -39.35 38.78
CA ASN TA 59 -53.77 -39.58 38.96
C ASN TA 59 -54.14 -41.05 38.81
N TYR TA 60 -53.16 -41.92 38.57
CA TYR TA 60 -53.48 -43.31 38.29
C TYR TA 60 -54.21 -43.96 39.46
N GLU TA 61 -53.76 -43.70 40.68
CA GLU TA 61 -54.37 -44.32 41.85
C GLU TA 61 -55.50 -43.48 42.42
N ASP TA 62 -55.61 -42.23 42.02
CA ASP TA 62 -56.54 -41.31 42.67
C ASP TA 62 -57.90 -41.30 41.97
N VAL TA 63 -57.92 -40.86 40.71
CA VAL TA 63 -59.19 -40.74 40.01
C VAL TA 63 -59.67 -42.08 39.46
N LEU TA 64 -58.79 -43.07 39.38
CA LEU TA 64 -59.21 -44.41 38.99
C LEU TA 64 -59.57 -45.28 40.18
N GLY TA 65 -59.47 -44.75 41.40
CA GLY TA 65 -59.75 -45.52 42.58
C GLY TA 65 -58.70 -46.58 42.83
N GLU TA 66 -58.91 -47.32 43.91
CA GLU TA 66 -58.01 -48.39 44.28
C GLU TA 66 -58.24 -49.62 43.39
N PRO TA 67 -57.24 -50.49 43.25
CA PRO TA 67 -57.45 -51.74 42.52
C PRO TA 67 -58.53 -52.58 43.17
N LEU TA 68 -59.33 -53.24 42.35
CA LEU TA 68 -60.39 -54.11 42.81
C LEU TA 68 -59.89 -55.53 43.03
N LYS TA 69 -60.72 -56.34 43.67
CA LYS TA 69 -60.33 -57.71 43.94
C LYS TA 69 -60.35 -58.54 42.66
N PRO TA 70 -59.28 -59.26 42.35
CA PRO TA 70 -59.29 -60.09 41.13
C PRO TA 70 -60.41 -61.10 41.10
N SER TA 71 -60.73 -61.71 42.25
CA SER TA 71 -61.86 -62.62 42.32
C SER TA 71 -63.18 -61.88 42.25
N SER TA 72 -63.17 -60.55 42.37
CA SER TA 72 -64.37 -59.74 42.18
C SER TA 72 -64.53 -59.45 40.69
N GLY TA 73 -65.00 -60.48 39.98
CA GLY TA 73 -65.28 -60.34 38.58
C GLY TA 73 -64.02 -60.32 37.73
N SER TA 74 -64.24 -60.17 36.43
CA SER TA 74 -63.18 -60.16 35.45
C SER TA 74 -62.64 -58.76 35.19
N GLN TA 75 -62.83 -57.86 36.15
CA GLN TA 75 -62.43 -56.46 36.00
C GLN TA 75 -61.00 -56.22 36.47
N PHE TA 76 -60.29 -57.26 36.87
CA PHE TA 76 -58.93 -57.12 37.35
C PHE TA 76 -57.90 -57.04 36.25
N GLU TA 77 -58.18 -57.57 35.06
CA GLU TA 77 -57.24 -57.42 33.95
C GLU TA 77 -56.93 -55.96 33.66
N PRO TA 78 -57.92 -55.07 33.50
CA PRO TA 78 -57.56 -53.67 33.24
C PRO TA 78 -56.78 -53.02 34.36
N ILE TA 79 -57.09 -53.34 35.62
CA ILE TA 79 -56.39 -52.69 36.71
C ILE TA 79 -54.95 -53.17 36.77
N ARG TA 80 -54.72 -54.47 36.55
CA ARG TA 80 -53.35 -54.95 36.49
C ARG TA 80 -52.60 -54.31 35.33
N HIS TA 81 -53.25 -54.20 34.17
CA HIS TA 81 -52.59 -53.61 33.01
C HIS TA 81 -52.19 -52.17 33.27
N VAL TA 82 -53.11 -51.38 33.85
CA VAL TA 82 -52.78 -49.99 34.10
C VAL TA 82 -51.72 -49.89 35.18
N TYR TA 83 -51.77 -50.78 36.18
CA TYR TA 83 -50.77 -50.73 37.23
C TYR TA 83 -49.38 -50.99 36.67
N GLU TA 84 -49.27 -51.99 35.80
CA GLU TA 84 -47.97 -52.31 35.20
C GLU TA 84 -47.53 -51.28 34.17
N ALA TA 85 -48.46 -50.56 33.55
CA ALA TA 85 -48.07 -49.64 32.49
C ALA TA 85 -47.77 -48.24 32.99
N ILE TA 86 -48.56 -47.73 33.95
CA ILE TA 86 -48.42 -46.35 34.36
C ILE TA 86 -47.09 -46.10 35.06
N GLN TA 87 -46.47 -47.13 35.61
CA GLN TA 87 -45.20 -46.94 36.31
C GLN TA 87 -44.13 -46.40 35.39
N GLN TA 88 -44.33 -46.50 34.08
CA GLN TA 88 -43.34 -46.05 33.12
C GLN TA 88 -43.93 -45.11 32.07
N THR TA 89 -45.22 -45.30 31.72
CA THR TA 89 -45.83 -44.50 30.66
C THR TA 89 -47.23 -44.09 31.07
N SER TA 90 -47.67 -42.95 30.52
CA SER TA 90 -49.01 -42.45 30.72
C SER TA 90 -49.90 -42.81 29.54
N GLY TA 91 -51.20 -42.59 29.71
CA GLY TA 91 -52.13 -42.94 28.65
C GLY TA 91 -53.39 -42.10 28.62
N TYR TA 92 -54.34 -42.50 27.78
CA TYR TA 92 -55.60 -41.80 27.55
C TYR TA 92 -56.76 -42.75 27.76
N VAL TA 93 -56.77 -43.43 28.91
CA VAL TA 93 -57.66 -44.57 29.07
C VAL TA 93 -59.11 -44.13 29.09
N VAL TA 94 -59.97 -44.91 28.45
CA VAL TA 94 -61.39 -44.63 28.39
C VAL TA 94 -62.13 -45.63 29.27
N ARG TA 95 -63.13 -45.14 30.00
CA ARG TA 95 -63.89 -45.98 30.92
C ARG TA 95 -65.38 -45.80 30.70
N ALA TA 96 -66.10 -46.92 30.74
CA ALA TA 96 -67.55 -46.93 30.66
C ALA TA 96 -68.09 -48.06 31.52
N VAL TA 97 -69.36 -47.92 31.91
CA VAL TA 97 -70.01 -48.91 32.76
C VAL TA 97 -71.38 -49.19 32.16
N PRO TA 98 -71.97 -50.35 32.49
CA PRO TA 98 -73.34 -50.63 32.04
C PRO TA 98 -74.34 -49.67 32.68
N ASP TA 99 -75.53 -49.64 32.10
CA ASP TA 99 -76.59 -48.74 32.53
C ASP TA 99 -77.06 -49.02 33.96
N ASP TA 100 -76.74 -50.19 34.50
CA ASP TA 100 -77.19 -50.54 35.84
C ASP TA 100 -76.64 -49.60 36.90
N ALA TA 101 -75.49 -48.98 36.64
CA ALA TA 101 -74.92 -48.04 37.60
C ALA TA 101 -75.75 -46.78 37.66
N LYS TA 102 -75.87 -46.23 38.88
CA LYS TA 102 -76.61 -44.99 39.11
C LYS TA 102 -75.82 -44.09 40.03
N PHE TA 103 -75.88 -42.84 39.78
CA PHE TA 103 -75.24 -41.84 40.61
C PHE TA 103 -76.27 -41.12 41.47
N PRO TA 104 -75.89 -40.73 42.68
CA PRO TA 104 -76.80 -40.02 43.57
C PRO TA 104 -76.78 -38.50 43.43
N ILE TA 105 -77.79 -37.89 44.02
CA ILE TA 105 -78.09 -36.47 43.92
C ILE TA 105 -78.87 -36.05 45.16
N ILE TA 106 -78.61 -34.83 45.61
CA ILE TA 106 -79.35 -34.24 46.73
C ILE TA 106 -79.97 -32.93 46.27
N MET TA 107 -81.26 -32.78 46.50
CA MET TA 107 -82.04 -31.62 46.11
C MET TA 107 -82.31 -30.73 47.31
N PHE TA 108 -82.08 -29.43 47.14
CA PHE TA 108 -82.48 -28.44 48.11
C PHE TA 108 -83.67 -27.67 47.56
N ASP TA 109 -84.78 -27.70 48.29
CA ASP TA 109 -85.98 -27.01 47.86
C ASP TA 109 -85.85 -25.52 48.18
N GLU TA 110 -86.96 -24.79 48.04
CA GLU TA 110 -86.96 -23.35 48.27
C GLU TA 110 -86.48 -23.04 49.69
N SER TA 111 -87.03 -23.75 50.68
CA SER TA 111 -86.56 -23.58 52.05
C SER TA 111 -85.17 -24.17 52.27
N GLY TA 112 -84.64 -24.88 51.29
CA GLY TA 112 -83.35 -25.53 51.44
C GLY TA 112 -83.41 -26.92 52.01
N GLU TA 113 -84.59 -27.50 52.15
CA GLU TA 113 -84.69 -28.85 52.67
C GLU TA 113 -84.05 -29.83 51.68
N PRO TA 114 -83.38 -30.86 52.17
CA PRO TA 114 -82.75 -31.84 51.29
C PRO TA 114 -83.61 -33.05 50.99
N ALA TA 115 -83.41 -33.60 49.81
CA ALA TA 115 -84.05 -34.84 49.37
C ALA TA 115 -83.05 -35.65 48.59
N TYR TA 116 -82.93 -36.94 48.89
CA TYR TA 116 -81.95 -37.80 48.27
C TYR TA 116 -82.57 -38.58 47.12
N SER TA 117 -81.81 -38.76 46.04
CA SER TA 117 -82.28 -39.52 44.90
C SER TA 117 -81.09 -40.13 44.18
N ALA TA 118 -81.37 -41.09 43.31
CA ALA TA 118 -80.34 -41.72 42.49
C ALA TA 118 -80.89 -41.94 41.09
N LEU TA 119 -80.06 -41.66 40.09
CA LEU TA 119 -80.47 -41.78 38.70
C LEU TA 119 -79.41 -42.51 37.90
N PRO TA 120 -79.82 -43.25 36.87
CA PRO TA 120 -78.83 -43.93 36.02
C PRO TA 120 -77.90 -42.93 35.37
N TYR TA 121 -76.64 -43.32 35.22
CA TYR TA 121 -75.65 -42.45 34.63
C TYR TA 121 -76.06 -42.06 33.21
N GLY TA 122 -75.91 -40.78 32.89
CA GLY TA 122 -76.34 -40.24 31.62
C GLY TA 122 -77.72 -39.63 31.64
N SER TA 123 -78.57 -40.04 32.59
CA SER TA 123 -79.89 -39.45 32.71
C SER TA 123 -79.77 -38.00 33.18
N GLU TA 124 -80.61 -37.14 32.61
CA GLU TA 124 -80.60 -35.73 32.93
C GLU TA 124 -81.76 -35.41 33.86
N ILE TA 125 -81.47 -34.72 34.95
CA ILE TA 125 -82.48 -34.34 35.93
C ILE TA 125 -83.04 -32.99 35.56
N GLU TA 126 -84.35 -32.83 35.74
CA GLU TA 126 -85.05 -31.59 35.46
C GLU TA 126 -85.74 -31.08 36.73
N LEU TA 127 -85.94 -29.78 36.79
CA LEU TA 127 -86.54 -29.13 37.95
C LEU TA 127 -87.92 -28.61 37.58
N ASP TA 128 -88.94 -29.11 38.27
CA ASP TA 128 -90.31 -28.67 38.10
C ASP TA 128 -90.58 -27.44 38.95
N SER TA 129 -91.87 -27.14 39.18
CA SER TA 129 -92.24 -26.02 40.03
C SER TA 129 -91.55 -26.10 41.39
N GLY TA 130 -91.58 -27.27 42.02
CA GLY TA 130 -90.82 -27.50 43.23
C GLY TA 130 -89.38 -27.79 42.91
N GLU TA 131 -88.69 -28.42 43.86
CA GLU TA 131 -87.30 -28.83 43.66
C GLU TA 131 -86.44 -27.64 43.18
N ALA TA 132 -86.27 -26.69 44.10
CA ALA TA 132 -85.65 -25.41 43.76
C ALA TA 132 -84.32 -25.61 43.05
N PHE TA 133 -83.44 -26.46 43.58
CA PHE TA 133 -82.21 -26.80 42.88
C PHE TA 133 -81.71 -28.12 43.41
N ALA TA 134 -80.74 -28.69 42.70
CA ALA TA 134 -80.20 -29.98 43.10
C ALA TA 134 -78.74 -30.08 42.68
N ILE TA 135 -78.02 -30.98 43.36
CA ILE TA 135 -76.61 -31.21 43.09
C ILE TA 135 -76.38 -32.72 43.05
N TYR TA 136 -75.83 -33.21 41.95
CA TYR TA 136 -75.60 -34.62 41.74
C TYR TA 136 -74.12 -34.89 41.59
N VAL TA 137 -73.69 -36.05 42.06
CA VAL TA 137 -72.27 -36.39 41.98
C VAL TA 137 -72.01 -37.06 40.64
N ASP TA 138 -70.83 -36.80 40.08
CA ASP TA 138 -70.51 -37.25 38.74
C ASP TA 138 -69.20 -38.03 38.66
N ASP TA 139 -68.43 -38.11 39.73
CA ASP TA 139 -67.15 -38.81 39.70
C ASP TA 139 -67.31 -40.31 39.49
N GLY TA 140 -68.52 -40.85 39.64
CA GLY TA 140 -68.76 -42.27 39.48
C GLY TA 140 -68.75 -43.07 40.77
N ASP TA 141 -68.26 -42.50 41.87
CA ASP TA 141 -68.27 -43.22 43.13
C ASP TA 141 -69.69 -43.36 43.64
N PRO TA 142 -70.09 -44.55 44.08
CA PRO TA 142 -71.45 -44.71 44.64
C PRO TA 142 -71.58 -44.11 46.02
N CYS TA 143 -70.58 -43.32 46.44
CA CYS TA 143 -70.58 -42.65 47.73
C CYS TA 143 -70.71 -43.66 48.87
N ILE TA 144 -70.01 -44.79 48.73
CA ILE TA 144 -70.04 -45.83 49.75
C ILE TA 144 -68.68 -46.10 50.36
N SER TA 145 -67.59 -45.82 49.65
CA SER TA 145 -66.26 -46.07 50.19
C SER TA 145 -65.24 -45.19 49.47
N PRO TA 146 -64.98 -43.98 49.98
CA PRO TA 146 -65.57 -43.35 51.17
C PRO TA 146 -66.91 -42.69 50.85
N THR TA 147 -67.39 -41.80 51.71
CA THR TA 147 -68.65 -41.10 51.52
C THR TA 147 -68.41 -39.62 51.35
N ARG TA 148 -69.29 -38.96 50.61
CA ARG TA 148 -69.17 -37.53 50.34
C ARG TA 148 -70.10 -36.75 51.25
N GLU TA 149 -69.54 -35.78 51.98
CA GLU TA 149 -70.33 -34.96 52.89
C GLU TA 149 -70.06 -33.49 52.60
N LEU TA 150 -71.07 -32.68 52.88
CA LEU TA 150 -71.03 -31.25 52.60
C LEU TA 150 -71.48 -30.49 53.83
N THR TA 151 -70.78 -29.40 54.14
CA THR TA 151 -71.14 -28.53 55.25
C THR TA 151 -71.28 -27.11 54.72
N ILE TA 152 -72.44 -26.50 54.92
CA ILE TA 152 -72.77 -25.20 54.36
C ILE TA 152 -73.19 -24.26 55.48
N GLU TA 153 -72.65 -23.04 55.46
CA GLU TA 153 -73.07 -22.00 56.37
C GLU TA 153 -72.80 -20.66 55.70
N THR TA 154 -73.09 -19.58 56.42
CA THR TA 154 -72.94 -18.25 55.85
C THR TA 154 -71.46 -17.84 55.83
N ALA TA 155 -71.19 -16.67 55.27
CA ALA TA 155 -69.84 -16.13 55.23
C ALA TA 155 -69.95 -14.62 55.01
N THR TA 156 -68.79 -13.97 54.88
CA THR TA 156 -68.78 -12.54 54.62
C THR TA 156 -69.34 -12.23 53.24
N ALA TA 157 -69.89 -11.03 53.10
CA ALA TA 157 -70.51 -10.63 51.85
C ALA TA 157 -69.45 -10.15 50.85
N ASP TA 158 -69.91 -9.87 49.62
CA ASP TA 158 -69.02 -9.38 48.57
C ASP TA 158 -68.84 -7.88 48.71
N SER TA 159 -67.95 -7.33 47.87
CA SER TA 159 -67.72 -5.89 47.84
C SER TA 159 -68.98 -5.14 47.44
N ALA TA 160 -69.86 -5.77 46.68
CA ALA TA 160 -71.16 -5.23 46.37
C ALA TA 160 -72.17 -5.47 47.48
N GLY TA 161 -71.76 -6.13 48.57
CA GLY TA 161 -72.66 -6.42 49.66
C GLY TA 161 -73.52 -7.65 49.44
N ASN TA 162 -73.29 -8.40 48.37
CA ASN TA 162 -74.11 -9.57 48.11
C ASN TA 162 -73.85 -10.64 49.17
N GLU TA 163 -74.93 -11.17 49.74
CA GLU TA 163 -74.80 -12.20 50.77
C GLU TA 163 -74.13 -13.44 50.20
N ARG TA 164 -73.18 -13.98 50.95
CA ARG TA 164 -72.39 -15.12 50.51
C ARG TA 164 -72.36 -16.19 51.58
N PHE TA 165 -72.22 -17.43 51.13
CA PHE TA 165 -72.18 -18.57 52.02
C PHE TA 165 -71.05 -19.48 51.61
N LEU TA 166 -70.37 -20.05 52.60
CA LEU TA 166 -69.27 -20.95 52.36
C LEU TA 166 -69.75 -22.39 52.55
N LEU TA 167 -69.37 -23.24 51.61
CA LEU TA 167 -69.65 -24.67 51.69
C LEU TA 167 -68.36 -25.44 51.46
N LYS TA 168 -68.16 -26.50 52.24
CA LYS TA 168 -66.98 -27.33 52.14
C LYS TA 168 -67.39 -28.77 51.88
N LEU TA 169 -66.69 -29.40 50.95
CA LEU TA 169 -66.90 -30.79 50.59
C LEU TA 169 -65.80 -31.64 51.21
N THR TA 170 -66.15 -32.85 51.63
CA THR TA 170 -65.16 -33.74 52.21
C THR TA 170 -65.54 -35.18 51.92
N GLN TA 171 -64.55 -36.06 52.01
CA GLN TA 171 -64.72 -37.49 51.94
C GLN TA 171 -64.43 -38.09 53.32
N THR TA 172 -65.34 -38.91 53.80
CA THR TA 172 -65.23 -39.56 55.10
C THR TA 172 -65.11 -41.05 54.90
N THR TA 173 -64.06 -41.65 55.46
CA THR TA 173 -63.84 -43.08 55.31
C THR TA 173 -64.67 -43.85 56.35
N SER TA 174 -64.58 -45.17 56.30
CA SER TA 174 -65.31 -46.00 57.26
C SER TA 174 -64.81 -45.76 58.68
N LEU TA 175 -63.49 -45.62 58.85
CA LEU TA 175 -62.91 -45.44 60.16
C LEU TA 175 -63.13 -44.06 60.73
N GLY TA 176 -63.62 -43.11 59.93
CA GLY TA 176 -63.95 -41.78 60.44
C GLY TA 176 -63.02 -40.68 60.00
N VAL TA 177 -62.00 -40.97 59.19
CA VAL TA 177 -61.12 -39.92 58.70
C VAL TA 177 -61.88 -39.06 57.70
N VAL TA 178 -61.84 -37.75 57.92
CA VAL TA 178 -62.62 -36.79 57.16
C VAL TA 178 -61.63 -35.86 56.46
N THR TA 179 -61.43 -36.07 55.16
CA THR TA 179 -60.48 -35.29 54.38
C THR TA 179 -61.26 -34.38 53.45
N THR TA 180 -61.06 -33.08 53.59
CA THR TA 180 -61.78 -32.14 52.73
C THR TA 180 -61.18 -32.12 51.34
N LEU TA 181 -62.02 -31.81 50.36
CA LEU TA 181 -61.62 -31.64 48.98
C LEU TA 181 -61.65 -30.18 48.54
N GLU TA 182 -62.65 -29.43 48.98
CA GLU TA 182 -62.74 -28.01 48.62
C GLU TA 182 -63.51 -27.29 49.70
N THR TA 183 -63.33 -25.97 49.74
CA THR TA 183 -64.08 -25.10 50.65
C THR TA 183 -64.20 -23.76 49.96
N HIS TA 184 -65.40 -23.43 49.48
CA HIS TA 184 -65.58 -22.27 48.62
C HIS TA 184 -66.73 -21.42 49.11
N THR TA 185 -66.59 -20.10 48.95
CA THR TA 185 -67.63 -19.14 49.27
C THR TA 185 -68.31 -18.70 47.99
N VAL TA 186 -69.62 -18.92 47.90
CA VAL TA 186 -70.39 -18.61 46.71
C VAL TA 186 -71.67 -17.88 47.11
N SER TA 187 -72.28 -17.24 46.13
CA SER TA 187 -73.49 -16.46 46.36
C SER TA 187 -74.49 -16.75 45.25
N LEU TA 188 -75.77 -16.56 45.58
CA LEU TA 188 -76.84 -16.74 44.60
C LEU TA 188 -76.80 -15.67 43.51
N ALA TA 189 -76.13 -14.55 43.75
CA ALA TA 189 -76.13 -13.47 42.78
C ALA TA 189 -75.46 -13.92 41.48
N GLU TA 190 -76.12 -13.59 40.36
CA GLU TA 190 -75.56 -13.92 39.06
C GLU TA 190 -74.23 -13.22 38.84
N GLU TA 191 -74.13 -11.95 39.22
CA GLU TA 191 -72.92 -11.17 39.05
C GLU TA 191 -72.10 -11.09 40.33
N ALA TA 192 -72.14 -12.15 41.14
CA ALA TA 192 -71.45 -12.16 42.43
C ALA TA 192 -69.95 -12.22 42.20
N LYS TA 193 -69.26 -11.11 42.43
CA LYS TA 193 -67.82 -11.02 42.20
C LYS TA 193 -67.11 -10.83 43.53
N ASP TA 194 -66.13 -11.69 43.79
CA ASP TA 194 -65.37 -11.58 45.03
C ASP TA 194 -64.43 -10.36 44.97
N ASP TA 195 -63.87 -10.03 46.14
CA ASP TA 195 -62.97 -8.88 46.21
C ASP TA 195 -61.72 -9.10 45.36
N MET TA 196 -61.27 -10.34 45.25
CA MET TA 196 -60.13 -10.66 44.39
C MET TA 196 -60.54 -10.82 42.93
N GLY TA 197 -61.83 -10.70 42.61
CA GLY TA 197 -62.31 -10.82 41.26
C GLY TA 197 -62.91 -12.18 40.93
N ARG TA 198 -62.97 -13.10 41.89
CA ARG TA 198 -63.57 -14.40 41.62
C ARG TA 198 -65.08 -14.30 41.55
N LEU TA 199 -65.66 -14.94 40.54
CA LEU TA 199 -67.11 -15.05 40.44
C LEU TA 199 -67.61 -16.02 41.49
N CYS TA 200 -68.67 -15.62 42.21
CA CYS TA 200 -69.27 -16.46 43.23
C CYS TA 200 -70.60 -17.04 42.79
N TYR TA 201 -70.92 -16.97 41.50
CA TYR TA 201 -72.16 -17.54 41.00
C TYR TA 201 -72.15 -19.04 41.15
N LEU TA 202 -73.29 -19.60 41.58
CA LEU TA 202 -73.34 -21.00 41.94
C LEU TA 202 -73.03 -21.93 40.77
N PRO TA 203 -73.70 -21.85 39.62
CA PRO TA 203 -73.43 -22.84 38.58
C PRO TA 203 -72.05 -22.70 37.98
N THR TA 204 -71.60 -21.46 37.76
CA THR TA 204 -70.26 -21.25 37.22
C THR TA 204 -69.20 -21.77 38.17
N ALA TA 205 -69.38 -21.52 39.48
CA ALA TA 205 -68.45 -22.06 40.45
C ALA TA 205 -68.44 -23.58 40.41
N LEU TA 206 -69.63 -24.19 40.35
CA LEU TA 206 -69.69 -25.65 40.33
C LEU TA 206 -68.99 -26.22 39.11
N GLU TA 207 -69.21 -25.64 37.94
CA GLU TA 207 -68.59 -26.17 36.74
C GLU TA 207 -67.10 -25.89 36.67
N ALA TA 208 -66.64 -24.79 37.26
CA ALA TA 208 -65.24 -24.39 37.11
C ALA TA 208 -64.37 -24.97 38.21
N ARG TA 209 -64.64 -24.60 39.46
CA ARG TA 209 -63.78 -25.02 40.55
C ARG TA 209 -64.16 -26.38 41.11
N SER TA 210 -65.46 -26.64 41.29
CA SER TA 210 -65.90 -27.95 41.72
C SER TA 210 -65.61 -28.98 40.63
N LYS TA 211 -65.24 -30.19 41.06
CA LYS TA 211 -64.83 -31.23 40.14
C LYS TA 211 -65.56 -32.55 40.32
N TYR TA 212 -66.33 -32.72 41.40
CA TYR TA 212 -67.04 -33.96 41.66
C TYR TA 212 -68.55 -33.82 41.64
N LEU TA 213 -69.07 -32.60 41.79
CA LEU TA 213 -70.50 -32.35 41.91
C LEU TA 213 -70.93 -31.33 40.87
N ARG TA 214 -72.11 -31.54 40.30
CA ARG TA 214 -72.68 -30.62 39.33
C ARG TA 214 -74.09 -30.27 39.75
N ALA TA 215 -74.44 -28.98 39.62
CA ALA TA 215 -75.67 -28.45 40.16
C ALA TA 215 -76.58 -27.95 39.04
N VAL TA 216 -77.87 -28.18 39.20
CA VAL TA 216 -78.90 -27.64 38.32
C VAL TA 216 -79.79 -26.73 39.16
N VAL TA 217 -80.03 -25.52 38.66
CA VAL TA 217 -80.73 -24.48 39.40
C VAL TA 217 -81.82 -23.89 38.51
N ASN TA 218 -83.00 -23.70 39.09
CA ASN TA 218 -84.09 -23.04 38.37
C ASN TA 218 -83.76 -21.56 38.20
N GLU TA 219 -83.71 -21.10 36.96
CA GLU TA 219 -83.35 -19.71 36.69
C GLU TA 219 -84.45 -18.74 37.08
N GLU TA 220 -85.66 -19.23 37.30
CA GLU TA 220 -86.78 -18.40 37.73
C GLU TA 220 -86.96 -18.40 39.24
N LEU TA 221 -86.47 -19.43 39.94
CA LEU TA 221 -86.56 -19.50 41.38
C LEU TA 221 -85.23 -19.21 42.07
N ILE TA 222 -84.17 -18.95 41.30
CA ILE TA 222 -82.89 -18.62 41.90
C ILE TA 222 -82.97 -17.29 42.66
N SER TA 223 -83.72 -16.33 42.11
CA SER TA 223 -83.87 -15.04 42.77
C SER TA 223 -84.56 -15.20 44.11
N THR TA 224 -85.64 -15.99 44.16
CA THR TA 224 -86.39 -16.18 45.39
C THR TA 224 -85.79 -17.23 46.29
N ALA TA 225 -84.74 -17.92 45.85
CA ALA TA 225 -84.14 -18.97 46.65
C ALA TA 225 -83.41 -18.36 47.85
N LYS TA 226 -83.31 -19.17 48.90
CA LYS TA 226 -82.58 -18.79 50.10
C LYS TA 226 -81.52 -19.83 50.42
N VAL TA 227 -80.90 -19.73 51.60
CA VAL TA 227 -79.87 -20.68 52.01
C VAL TA 227 -80.20 -21.19 53.40
N THR TA 228 -79.62 -22.33 53.74
CA THR TA 228 -79.81 -22.97 55.03
C THR TA 228 -78.47 -23.48 55.54
N ASN TA 229 -78.47 -23.96 56.78
CA ASN TA 229 -77.27 -24.50 57.42
C ASN TA 229 -77.42 -26.02 57.48
N LYS TA 230 -76.68 -26.72 56.64
CA LYS TA 230 -76.70 -28.17 56.57
C LYS TA 230 -75.29 -28.69 56.69
N LYS TA 231 -75.09 -29.69 57.54
CA LYS TA 231 -73.75 -30.17 57.87
C LYS TA 231 -73.63 -31.64 57.53
N SER TA 232 -72.58 -31.99 56.80
CA SER TA 232 -72.21 -33.38 56.51
C SER TA 232 -73.38 -34.14 55.88
N LEU TA 233 -73.77 -33.66 54.70
CA LEU TA 233 -74.86 -34.28 53.94
C LEU TA 233 -74.29 -35.35 53.03
N ALA TA 234 -74.72 -36.59 53.22
CA ALA TA 234 -74.20 -37.74 52.52
C ALA TA 234 -75.14 -38.16 51.40
N PHE TA 235 -74.57 -38.50 50.25
CA PHE TA 235 -75.33 -39.01 49.13
C PHE TA 235 -75.67 -40.48 49.34
N THR TA 236 -76.89 -40.85 48.96
CA THR TA 236 -77.38 -42.21 49.09
C THR TA 236 -78.02 -42.65 47.77
N GLY TA 237 -78.05 -43.95 47.55
CA GLY TA 237 -78.63 -44.52 46.36
C GLY TA 237 -77.66 -44.74 45.23
N GLY TA 238 -76.43 -44.24 45.35
CA GLY TA 238 -75.44 -44.51 44.32
C GLY TA 238 -75.09 -45.98 44.26
N THR TA 239 -74.82 -46.46 43.05
CA THR TA 239 -74.52 -47.87 42.82
C THR TA 239 -73.60 -47.97 41.62
N ASN TA 240 -72.56 -48.77 41.73
CA ASN TA 240 -71.66 -49.00 40.61
C ASN TA 240 -72.21 -50.01 39.61
N GLY TA 241 -73.23 -50.78 39.99
CA GLY TA 241 -73.80 -51.75 39.09
C GLY TA 241 -72.89 -52.97 38.92
N ASP TA 242 -73.26 -53.80 37.95
CA ASP TA 242 -72.51 -55.00 37.61
C ASP TA 242 -71.56 -54.70 36.46
N GLN TA 243 -70.31 -55.13 36.60
CA GLN TA 243 -69.30 -54.92 35.58
C GLN TA 243 -68.81 -56.21 34.95
N SER TA 244 -69.18 -57.37 35.50
CA SER TA 244 -68.76 -58.64 34.90
C SER TA 244 -69.30 -58.79 33.49
N LYS TA 245 -70.56 -58.42 33.28
CA LYS TA 245 -71.19 -58.47 31.97
C LYS TA 245 -71.34 -57.05 31.46
N ILE TA 246 -70.80 -56.78 30.28
CA ILE TA 246 -70.87 -55.45 29.67
C ILE TA 246 -71.48 -55.61 28.29
N SER TA 247 -72.45 -54.75 27.99
CA SER TA 247 -73.17 -54.87 26.73
C SER TA 247 -72.26 -54.55 25.55
N THR TA 248 -72.50 -55.26 24.45
CA THR TA 248 -71.83 -54.93 23.20
C THR TA 248 -72.19 -53.52 22.76
N ALA TA 249 -73.38 -53.04 23.13
CA ALA TA 249 -73.75 -51.66 22.84
C ALA TA 249 -72.83 -50.69 23.57
N ALA TA 250 -72.55 -50.95 24.85
CA ALA TA 250 -71.59 -50.13 25.57
C ALA TA 250 -70.21 -50.26 24.95
N TYR TA 251 -69.86 -51.48 24.53
CA TYR TA 251 -68.58 -51.70 23.87
C TYR TA 251 -68.43 -50.82 22.64
N LEU TA 252 -69.44 -50.82 21.78
CA LEU TA 252 -69.37 -50.06 20.54
C LEU TA 252 -69.46 -48.56 20.81
N ARG TA 253 -70.22 -48.15 21.83
CA ARG TA 253 -70.23 -46.74 22.20
C ARG TA 253 -68.85 -46.29 22.63
N ALA TA 254 -68.17 -47.11 23.44
CA ALA TA 254 -66.80 -46.80 23.82
C ALA TA 254 -65.89 -46.76 22.61
N VAL TA 255 -66.07 -47.71 21.69
CA VAL TA 255 -65.26 -47.75 20.48
C VAL TA 255 -65.41 -46.45 19.69
N LYS TA 256 -66.64 -46.02 19.47
CA LYS TA 256 -66.86 -44.85 18.63
C LYS TA 256 -66.43 -43.57 19.33
N VAL TA 257 -66.62 -43.46 20.65
CA VAL TA 257 -66.15 -42.27 21.32
C VAL TA 257 -64.63 -42.22 21.33
N LEU TA 258 -63.97 -43.38 21.48
CA LEU TA 258 -62.51 -43.39 21.37
C LEU TA 258 -62.07 -42.98 19.98
N ASN TA 259 -62.81 -43.42 18.96
CA ASN TA 259 -62.52 -43.01 17.60
C ASN TA 259 -62.63 -41.50 17.47
N ASN TA 260 -63.72 -40.93 17.98
CA ASN TA 260 -63.97 -39.51 17.88
C ASN TA 260 -63.06 -38.68 18.79
N ALA TA 261 -62.37 -39.32 19.72
CA ALA TA 261 -61.54 -38.58 20.66
C ALA TA 261 -60.35 -37.95 19.95
N PRO TA 262 -60.20 -36.63 19.97
CA PRO TA 262 -59.06 -35.98 19.31
C PRO TA 262 -57.87 -35.82 20.25
N TYR TA 263 -57.35 -36.95 20.71
CA TYR TA 263 -56.16 -36.98 21.56
C TYR TA 263 -55.16 -37.96 20.96
N MET TA 264 -53.89 -37.55 20.95
CA MET TA 264 -52.88 -38.38 20.31
C MET TA 264 -52.59 -39.60 21.17
N TYR TA 265 -52.52 -40.75 20.52
CA TYR TA 265 -52.06 -41.96 21.18
C TYR TA 265 -51.40 -42.85 20.14
N THR TA 266 -50.16 -43.27 20.41
CA THR TA 266 -49.39 -44.04 19.46
C THR TA 266 -49.77 -45.50 19.42
N ALA TA 267 -50.48 -46.01 20.42
CA ALA TA 267 -50.81 -47.43 20.45
C ALA TA 267 -52.13 -47.66 21.17
N VAL TA 268 -52.66 -48.86 20.98
CA VAL TA 268 -53.90 -49.28 21.63
C VAL TA 268 -53.68 -50.60 22.34
N LEU TA 269 -54.30 -50.72 23.51
CA LEU TA 269 -54.09 -51.84 24.42
C LEU TA 269 -55.41 -52.55 24.67
N GLY TA 270 -55.35 -53.88 24.77
CA GLY TA 270 -56.57 -54.65 24.91
C GLY TA 270 -57.25 -54.45 26.25
N LEU TA 271 -56.46 -54.35 27.33
CA LEU TA 271 -56.98 -54.24 28.70
C LEU TA 271 -57.80 -55.46 29.09
N GLY TA 272 -57.51 -56.61 28.50
CA GLY TA 272 -58.12 -57.87 28.90
C GLY TA 272 -59.50 -58.13 28.36
N CYS TA 273 -60.04 -57.26 27.50
CA CYS TA 273 -61.37 -57.50 26.95
C CYS TA 273 -61.37 -58.72 26.05
N TYR TA 274 -62.44 -59.51 26.15
CA TYR TA 274 -62.59 -60.71 25.35
C TYR TA 274 -63.77 -60.65 24.41
N ASP TA 275 -64.50 -59.54 24.36
CA ASP TA 275 -65.58 -59.40 23.40
C ASP TA 275 -65.01 -59.43 21.99
N ASN TA 276 -65.46 -60.37 21.18
CA ASN TA 276 -64.94 -60.50 19.83
C ASN TA 276 -65.25 -59.26 19.01
N ALA TA 277 -66.46 -58.74 19.12
CA ALA TA 277 -66.83 -57.54 18.37
C ALA TA 277 -65.98 -56.36 18.81
N ALA TA 278 -65.75 -56.22 20.12
CA ALA TA 278 -64.89 -55.14 20.60
C ALA TA 278 -63.48 -55.30 20.06
N ILE TA 279 -62.96 -56.52 20.05
CA ILE TA 279 -61.61 -56.76 19.55
C ILE TA 279 -61.52 -56.37 18.08
N THR TA 280 -62.51 -56.78 17.29
CA THR TA 280 -62.51 -56.45 15.87
C THR TA 280 -62.62 -54.94 15.65
N ALA TA 281 -63.48 -54.27 16.43
CA ALA TA 281 -63.59 -52.83 16.30
C ALA TA 281 -62.29 -52.14 16.63
N LEU TA 282 -61.62 -52.60 17.68
CA LEU TA 282 -60.32 -52.02 18.03
C LEU TA 282 -59.30 -52.29 16.94
N GLY TA 283 -59.37 -53.48 16.31
CA GLY TA 283 -58.46 -53.78 15.22
C GLY TA 283 -58.67 -52.87 14.04
N LYS TA 284 -59.92 -52.61 13.68
CA LYS TA 284 -60.16 -51.70 12.56
C LYS TA 284 -59.79 -50.26 12.93
N ILE TA 285 -59.95 -49.88 14.19
CA ILE TA 285 -59.47 -48.56 14.62
C ILE TA 285 -57.96 -48.47 14.44
N CYS TA 286 -57.25 -49.49 14.89
CA CYS TA 286 -55.80 -49.52 14.73
C CYS TA 286 -55.43 -49.42 13.25
N ALA TA 287 -56.14 -50.17 12.41
CA ALA TA 287 -55.84 -50.18 10.99
C ALA TA 287 -56.04 -48.81 10.37
N ASP TA 288 -57.22 -48.22 10.56
CA ASP TA 288 -57.51 -46.98 9.87
C ASP TA 288 -56.88 -45.76 10.53
N ARG TA 289 -56.30 -45.92 11.72
CA ARG TA 289 -55.54 -44.84 12.33
C ARG TA 289 -54.03 -45.05 12.20
N LEU TA 290 -53.60 -46.19 11.67
CA LEU TA 290 -52.19 -46.46 11.37
C LEU TA 290 -51.35 -46.36 12.65
N ILE TA 291 -51.61 -47.30 13.53
CA ILE TA 291 -50.97 -47.40 14.84
C ILE TA 291 -50.70 -48.87 15.14
N ASP TA 292 -50.21 -49.13 16.35
CA ASP TA 292 -49.95 -50.49 16.81
C ASP TA 292 -50.99 -50.90 17.83
N GLY TA 293 -51.34 -52.19 17.82
CA GLY TA 293 -52.30 -52.74 18.75
C GLY TA 293 -51.71 -53.93 19.50
N PHE TA 294 -52.14 -54.09 20.75
CA PHE TA 294 -51.55 -55.11 21.61
C PHE TA 294 -52.59 -56.13 22.08
N PHE TA 295 -53.36 -56.67 21.16
CA PHE TA 295 -54.44 -57.58 21.53
C PHE TA 295 -53.91 -58.83 22.22
N ASP TA 296 -54.83 -59.57 22.84
CA ASP TA 296 -54.50 -60.77 23.58
C ASP TA 296 -55.63 -61.77 23.43
N VAL TA 297 -55.29 -63.05 23.56
CA VAL TA 297 -56.28 -64.10 23.52
C VAL TA 297 -56.57 -64.55 24.95
N LYS TA 298 -57.64 -65.31 25.11
CA LYS TA 298 -58.03 -65.79 26.44
C LYS TA 298 -57.00 -66.78 26.95
N PRO TA 299 -56.37 -66.52 28.10
CA PRO TA 299 -55.34 -67.43 28.60
C PRO TA 299 -55.87 -68.78 29.01
N THR TA 300 -57.17 -68.89 29.26
CA THR TA 300 -57.74 -70.09 29.87
C THR TA 300 -57.76 -71.28 28.92
N LEU TA 301 -57.45 -71.09 27.65
CA LEU TA 301 -57.53 -72.16 26.66
C LEU TA 301 -56.14 -72.71 26.37
N THR TA 302 -56.04 -74.02 26.19
CA THR TA 302 -54.76 -74.65 25.90
C THR TA 302 -54.30 -74.28 24.50
N TYR TA 303 -53.07 -74.71 24.17
CA TYR TA 303 -52.47 -74.34 22.90
C TYR TA 303 -53.27 -74.86 21.71
N ALA TA 304 -53.75 -76.10 21.81
CA ALA TA 304 -54.34 -76.77 20.65
C ALA TA 304 -55.52 -75.99 20.10
N GLU TA 305 -56.32 -75.38 20.98
CA GLU TA 305 -57.45 -74.57 20.57
C GLU TA 305 -57.13 -73.08 20.56
N ALA TA 306 -56.07 -72.66 21.23
CA ALA TA 306 -55.66 -71.27 21.17
C ALA TA 306 -55.06 -70.93 19.82
N LEU TA 307 -54.42 -71.91 19.18
CA LEU TA 307 -53.90 -71.68 17.83
C LEU TA 307 -55.01 -71.31 16.86
N PRO TA 308 -56.15 -72.01 16.80
CA PRO TA 308 -57.26 -71.53 15.97
C PRO TA 308 -57.98 -70.33 16.55
N ALA TA 309 -57.70 -69.96 17.80
CA ALA TA 309 -58.47 -68.88 18.41
C ALA TA 309 -58.26 -67.57 17.68
N VAL TA 310 -57.13 -67.40 16.99
CA VAL TA 310 -56.86 -66.13 16.33
C VAL TA 310 -57.85 -65.88 15.19
N GLU TA 311 -58.05 -66.87 14.31
CA GLU TA 311 -59.06 -66.69 13.28
C GLU TA 311 -60.46 -66.98 13.78
N ASP TA 312 -60.60 -67.62 14.95
CA ASP TA 312 -61.90 -67.64 15.61
C ASP TA 312 -62.31 -66.22 15.97
N THR TA 313 -61.37 -65.43 16.48
CA THR TA 313 -61.62 -64.02 16.73
C THR TA 313 -61.79 -63.27 15.42
N GLY TA 314 -61.01 -63.62 14.40
CA GLY TA 314 -61.16 -63.02 13.09
C GLY TA 314 -60.28 -61.82 12.82
N LEU TA 315 -59.15 -61.68 13.51
CA LEU TA 315 -58.25 -60.55 13.31
C LEU TA 315 -57.09 -60.89 12.39
N LEU TA 316 -57.13 -62.04 11.72
CA LEU TA 316 -56.13 -62.37 10.73
C LEU TA 316 -56.46 -61.69 9.41
N GLY TA 317 -55.46 -61.06 8.80
CA GLY TA 317 -55.65 -60.41 7.52
C GLY TA 317 -54.68 -59.27 7.34
N THR TA 318 -54.60 -58.81 6.08
CA THR TA 318 -53.69 -57.72 5.75
C THR TA 318 -54.14 -56.40 6.35
N ASP TA 319 -55.42 -56.24 6.66
CA ASP TA 319 -55.88 -55.04 7.33
C ASP TA 319 -55.29 -54.93 8.73
N TYR TA 320 -55.31 -56.03 9.48
CA TYR TA 320 -54.77 -56.08 10.83
C TYR TA 320 -53.30 -56.50 10.80
N VAL TA 321 -52.53 -55.77 10.00
CA VAL TA 321 -51.12 -56.09 9.83
C VAL TA 321 -50.25 -55.36 10.85
N SER TA 322 -50.68 -54.20 11.33
CA SER TA 322 -49.87 -53.39 12.24
C SER TA 322 -50.08 -53.74 13.70
N CYS TA 323 -50.91 -54.74 13.99
CA CYS TA 323 -51.20 -55.13 15.36
C CYS TA 323 -50.57 -56.48 15.68
N SER TA 324 -50.43 -56.74 16.98
CA SER TA 324 -49.90 -58.00 17.48
C SER TA 324 -50.84 -58.55 18.54
N VAL TA 325 -50.93 -59.87 18.61
CA VAL TA 325 -51.80 -60.57 19.54
C VAL TA 325 -50.97 -61.54 20.37
N TYR TA 326 -51.25 -61.56 21.67
CA TYR TA 326 -50.42 -62.26 22.64
C TYR TA 326 -51.21 -63.40 23.27
N HIS TA 327 -50.50 -64.18 24.08
CA HIS TA 327 -51.09 -65.23 24.89
C HIS TA 327 -50.27 -65.44 26.14
N TYR TA 328 -50.94 -65.61 27.27
CA TYR TA 328 -50.31 -65.76 28.57
C TYR TA 328 -50.86 -66.99 29.27
N PRO TA 329 -50.37 -68.15 28.92
CA PRO TA 329 -50.84 -69.40 29.54
C PRO TA 329 -50.22 -69.68 30.90
N PHE TA 330 -50.29 -68.71 31.80
CA PHE TA 330 -49.65 -68.84 33.10
C PHE TA 330 -50.52 -68.15 34.15
N SER TA 331 -50.08 -68.25 35.40
CA SER TA 331 -50.75 -67.60 36.52
C SER TA 331 -49.69 -67.14 37.51
N CYS TA 332 -49.71 -65.86 37.84
CA CYS TA 332 -48.74 -65.28 38.75
C CYS TA 332 -49.41 -64.98 40.10
N LYS TA 333 -48.65 -64.35 40.98
CA LYS TA 333 -49.09 -64.04 42.33
C LYS TA 333 -49.58 -62.59 42.40
N ASP TA 334 -50.69 -62.39 43.09
CA ASP TA 334 -51.21 -61.05 43.29
C ASP TA 334 -50.24 -60.22 44.11
N LYS TA 335 -50.10 -58.95 43.73
CA LYS TA 335 -49.23 -58.04 44.48
C LYS TA 335 -49.81 -57.70 45.84
N TRP TA 336 -51.12 -57.83 46.02
CA TRP TA 336 -51.77 -57.53 47.28
C TRP TA 336 -52.40 -58.76 47.94
N THR TA 337 -53.23 -59.50 47.21
CA THR TA 337 -53.94 -60.63 47.76
C THR TA 337 -53.20 -61.95 47.56
N GLN TA 338 -51.96 -61.89 47.05
CA GLN TA 338 -51.08 -63.03 46.84
C GLN TA 338 -51.82 -64.27 46.32
N SER TA 339 -52.70 -64.08 45.36
CA SER TA 339 -53.52 -65.15 44.80
C SER TA 339 -53.14 -65.41 43.36
N ARG TA 340 -53.64 -66.53 42.82
CA ARG TA 340 -53.40 -66.86 41.43
C ARG TA 340 -54.15 -65.87 40.54
N VAL TA 341 -53.40 -64.99 39.89
CA VAL TA 341 -53.96 -63.94 39.05
C VAL TA 341 -53.38 -64.11 37.65
N VAL TA 342 -54.22 -63.92 36.64
CA VAL TA 342 -53.84 -64.08 35.25
C VAL TA 342 -54.19 -62.78 34.53
N PHE TA 343 -53.20 -62.18 33.88
CA PHE TA 343 -53.44 -60.99 33.07
C PHE TA 343 -52.39 -60.93 31.98
N GLY TA 344 -52.72 -60.19 30.93
CA GLY TA 344 -51.93 -60.20 29.71
C GLY TA 344 -50.62 -59.45 29.83
N LEU TA 345 -49.85 -59.53 28.76
CA LEU TA 345 -48.54 -58.89 28.65
C LEU TA 345 -48.60 -57.64 27.79
N SER TA 346 -49.80 -57.14 27.49
CA SER TA 346 -49.95 -56.07 26.53
C SER TA 346 -49.32 -54.76 27.04
N GLY TA 347 -49.62 -54.40 28.28
CA GLY TA 347 -49.11 -53.13 28.80
C GLY TA 347 -47.61 -53.12 28.89
N VAL TA 348 -47.02 -54.20 29.41
CA VAL TA 348 -45.58 -54.28 29.50
C VAL TA 348 -44.93 -54.34 28.13
N ALA TA 349 -45.59 -55.00 27.16
CA ALA TA 349 -45.04 -55.02 25.81
C ALA TA 349 -45.02 -53.62 25.22
N TYR TA 350 -46.12 -52.87 25.38
CA TYR TA 350 -46.14 -51.48 24.92
C TYR TA 350 -45.07 -50.66 25.62
N ALA TA 351 -44.90 -50.88 26.92
CA ALA TA 351 -43.90 -50.14 27.68
C ALA TA 351 -42.50 -50.45 27.16
N ALA TA 352 -42.22 -51.72 26.90
CA ALA TA 352 -40.92 -52.12 26.39
C ALA TA 352 -40.66 -51.47 25.04
N LYS TA 353 -41.66 -51.51 24.15
CA LYS TA 353 -41.51 -50.86 22.85
C LYS TA 353 -41.28 -49.37 22.98
N ALA TA 354 -42.03 -48.71 23.86
CA ALA TA 354 -41.89 -47.27 24.01
C ALA TA 354 -40.51 -46.91 24.55
N ARG TA 355 -40.06 -47.61 25.61
CA ARG TA 355 -38.76 -47.27 26.18
C ARG TA 355 -37.65 -47.59 25.20
N GLY TA 356 -37.78 -48.69 24.45
CA GLY TA 356 -36.76 -49.02 23.47
C GLY TA 356 -36.66 -47.98 22.37
N VAL TA 357 -37.81 -47.58 21.83
CA VAL TA 357 -37.79 -46.60 20.75
C VAL TA 357 -37.28 -45.25 21.25
N LYS TA 358 -37.61 -44.88 22.48
CA LYS TA 358 -37.22 -43.57 22.98
C LYS TA 358 -35.89 -43.60 23.72
N LYS TA 359 -35.20 -44.73 23.76
CA LYS TA 359 -33.79 -44.70 24.10
C LYS TA 359 -33.04 -43.76 23.18
N ASN TA 360 -33.29 -43.84 21.88
CA ASN TA 360 -32.78 -42.84 20.96
C ASN TA 360 -33.50 -41.52 21.20
N SER TA 361 -32.75 -40.41 21.09
CA SER TA 361 -33.26 -39.11 21.50
C SER TA 361 -33.70 -38.23 20.34
N ASP TA 362 -33.09 -38.36 19.16
CA ASP TA 362 -33.42 -37.45 18.07
C ASP TA 362 -34.82 -37.73 17.52
N VAL TA 363 -35.02 -38.93 16.97
CA VAL TA 363 -36.33 -39.31 16.44
C VAL TA 363 -36.84 -40.62 17.02
N GLY TA 364 -35.99 -41.48 17.55
CA GLY TA 364 -36.45 -42.76 18.03
C GLY TA 364 -36.24 -43.86 17.01
N GLY TA 365 -36.12 -45.10 17.50
CA GLY TA 365 -35.95 -46.24 16.62
C GLY TA 365 -37.01 -47.32 16.79
N TRP TA 366 -37.85 -47.49 15.79
CA TRP TA 366 -38.91 -48.50 15.83
C TRP TA 366 -38.46 -49.84 15.30
N HIS TA 367 -37.20 -49.98 14.92
CA HIS TA 367 -36.67 -51.22 14.38
C HIS TA 367 -36.33 -52.22 15.46
N TYR TA 368 -36.87 -52.07 16.66
CA TYR TA 368 -36.53 -52.93 17.78
C TYR TA 368 -37.50 -54.10 17.88
N SER TA 369 -36.94 -55.27 18.16
CA SER TA 369 -37.63 -56.56 18.23
C SER TA 369 -38.18 -56.79 19.62
N PRO TA 370 -39.45 -57.18 19.75
CA PRO TA 370 -40.04 -57.53 21.05
C PRO TA 370 -39.66 -58.93 21.51
N ALA TA 371 -38.38 -59.26 21.40
CA ALA TA 371 -37.88 -60.55 21.86
C ALA TA 371 -36.50 -60.31 22.47
N GLY TA 372 -36.11 -61.23 23.34
CA GLY TA 372 -34.89 -61.06 24.10
C GLY TA 372 -35.12 -60.31 25.39
N GLU TA 373 -34.19 -60.48 26.32
CA GLU TA 373 -34.32 -59.92 27.66
C GLU TA 373 -33.93 -58.46 27.75
N GLU TA 374 -33.65 -57.80 26.61
CA GLU TA 374 -33.49 -56.35 26.64
C GLU TA 374 -34.82 -55.67 26.92
N ARG TA 375 -35.92 -56.29 26.53
CA ARG TA 375 -37.23 -55.71 26.75
C ARG TA 375 -38.16 -56.74 27.38
N ALA TA 376 -38.04 -58.00 26.96
CA ALA TA 376 -38.96 -59.05 27.39
C ALA TA 376 -38.48 -59.67 28.69
N VAL TA 377 -38.57 -58.87 29.75
CA VAL TA 377 -38.29 -59.31 31.11
C VAL TA 377 -39.47 -58.89 31.98
N ILE TA 378 -40.16 -59.87 32.57
CA ILE TA 378 -41.40 -59.54 33.27
C ILE TA 378 -41.31 -59.97 34.73
N ALA TA 379 -41.26 -61.28 34.97
CA ALA TA 379 -41.02 -61.87 36.29
C ALA TA 379 -41.85 -61.20 37.39
N ARG TA 380 -43.17 -61.35 37.28
CA ARG TA 380 -44.04 -60.64 38.22
C ARG TA 380 -43.94 -61.23 39.62
N ALA TA 381 -44.43 -62.46 39.79
CA ALA TA 381 -44.29 -63.19 41.05
C ALA TA 381 -44.86 -64.59 40.92
N SER TA 382 -44.19 -65.58 41.51
CA SER TA 382 -44.71 -66.93 41.71
C SER TA 382 -45.45 -67.45 40.47
N ILE TA 383 -44.71 -67.48 39.35
CA ILE TA 383 -45.30 -67.91 38.10
C ILE TA 383 -45.68 -69.38 38.18
N GLN TA 384 -46.87 -69.71 37.67
CA GLN TA 384 -47.35 -71.09 37.68
C GLN TA 384 -47.88 -71.40 36.29
N PRO TA 385 -47.30 -72.38 35.59
CA PRO TA 385 -47.84 -72.75 34.28
C PRO TA 385 -49.22 -73.39 34.42
N LEU TA 386 -50.15 -72.95 33.58
CA LEU TA 386 -51.48 -73.52 33.60
C LEU TA 386 -51.45 -74.98 33.17
N TYR TA 387 -50.68 -75.29 32.14
CA TYR TA 387 -50.57 -76.64 31.58
C TYR TA 387 -49.10 -76.99 31.48
N PRO TA 388 -48.48 -77.42 32.59
CA PRO TA 388 -47.04 -77.70 32.55
C PRO TA 388 -46.66 -78.75 31.51
N GLU TA 389 -47.52 -79.74 31.31
CA GLU TA 389 -47.22 -80.78 30.33
C GLU TA 389 -47.36 -80.25 28.91
N ASP TA 390 -48.36 -79.41 28.66
CA ASP TA 390 -48.54 -78.85 27.33
C ASP TA 390 -47.40 -77.90 26.99
N THR TA 391 -46.93 -77.97 25.75
CA THR TA 391 -45.90 -77.09 25.24
C THR TA 391 -46.37 -76.47 23.94
N PRO TA 392 -45.97 -75.24 23.67
CA PRO TA 392 -46.37 -74.61 22.41
C PRO TA 392 -45.69 -75.23 21.21
N ASP TA 393 -46.36 -75.15 20.07
CA ASP TA 393 -45.81 -75.58 18.79
C ASP TA 393 -45.37 -74.33 18.03
N GLU TA 394 -44.07 -74.24 17.75
CA GLU TA 394 -43.51 -73.00 17.22
C GLU TA 394 -44.00 -72.70 15.81
N GLU TA 395 -44.03 -73.71 14.95
CA GLU TA 395 -44.41 -73.49 13.55
C GLU TA 395 -45.90 -73.19 13.43
N ALA TA 396 -46.74 -73.97 14.12
CA ALA TA 396 -48.17 -73.66 14.12
C ALA TA 396 -48.43 -72.31 14.76
N MET TA 397 -47.62 -71.94 15.75
CA MET TA 397 -47.76 -70.63 16.38
C MET TA 397 -47.46 -69.51 15.40
N VAL TA 398 -46.32 -69.62 14.69
CA VAL TA 398 -45.94 -68.55 13.78
C VAL TA 398 -46.94 -68.45 12.64
N LYS TA 399 -47.48 -69.59 12.19
CA LYS TA 399 -48.58 -69.53 11.22
C LYS TA 399 -49.80 -68.86 11.84
N GLY TA 400 -50.08 -69.13 13.10
CA GLY TA 400 -51.18 -68.46 13.75
C GLY TA 400 -50.96 -66.99 14.00
N ARG TA 401 -49.72 -66.52 13.82
CA ARG TA 401 -49.36 -65.12 13.98
C ARG TA 401 -49.57 -64.62 15.40
N LEU TA 402 -49.67 -65.52 16.37
CA LEU TA 402 -49.82 -65.16 17.76
C LEU TA 402 -48.44 -64.85 18.33
N ASN TA 403 -48.33 -64.70 19.63
CA ASN TA 403 -47.06 -64.49 20.29
C ASN TA 403 -46.96 -65.43 21.49
N LYS TA 404 -45.88 -66.21 21.53
CA LYS TA 404 -45.67 -67.19 22.60
C LYS TA 404 -44.56 -66.73 23.54
N VAL TA 405 -44.56 -67.35 24.72
CA VAL TA 405 -43.73 -66.91 25.84
C VAL TA 405 -42.98 -68.10 26.40
N SER TA 406 -41.99 -67.81 27.23
CA SER TA 406 -41.22 -68.82 27.94
C SER TA 406 -40.50 -68.15 29.10
N VAL TA 407 -39.54 -68.87 29.68
CA VAL TA 407 -38.73 -68.37 30.78
C VAL TA 407 -37.28 -68.31 30.32
N GLY TA 408 -36.60 -67.22 30.67
CA GLY TA 408 -35.19 -67.09 30.39
C GLY TA 408 -34.33 -67.76 31.44
N THR TA 409 -33.02 -67.65 31.26
CA THR TA 409 -32.08 -68.24 32.20
C THR TA 409 -32.20 -67.61 33.57
N SER TA 410 -32.36 -66.29 33.63
CA SER TA 410 -32.45 -65.59 34.91
C SER TA 410 -33.83 -65.73 35.55
N GLY TA 411 -34.71 -66.56 35.01
CA GLY TA 411 -36.03 -66.75 35.57
C GLY TA 411 -37.06 -65.74 35.13
N GLN TA 412 -36.67 -64.74 34.35
CA GLN TA 412 -37.63 -63.76 33.87
C GLN TA 412 -38.57 -64.38 32.85
N MET TA 413 -39.73 -63.73 32.69
CA MET TA 413 -40.72 -64.15 31.69
C MET TA 413 -40.42 -63.41 30.39
N ILE TA 414 -40.28 -64.15 29.30
CA ILE TA 414 -39.78 -63.58 28.05
C ILE TA 414 -40.73 -63.94 26.91
N ILE TA 415 -41.02 -62.95 26.07
CA ILE TA 415 -41.88 -63.14 24.90
C ILE TA 415 -40.98 -63.46 23.72
N ASP TA 416 -41.07 -64.67 23.21
CA ASP TA 416 -40.08 -65.16 22.24
C ASP TA 416 -40.61 -65.07 20.81
N ASP TA 417 -41.17 -63.91 20.48
CA ASP TA 417 -41.80 -63.69 19.18
C ASP TA 417 -41.68 -62.22 18.80
N ALA TA 418 -41.56 -61.98 17.50
CA ALA TA 418 -41.46 -60.64 16.93
C ALA TA 418 -42.23 -60.54 15.63
N LEU TA 419 -43.47 -61.04 15.62
CA LEU TA 419 -44.28 -61.08 14.40
C LEU TA 419 -45.64 -60.46 14.68
N THR TA 420 -46.23 -59.89 13.63
CA THR TA 420 -47.57 -59.33 13.72
C THR TA 420 -48.60 -60.37 13.27
N CYS TA 421 -49.84 -59.91 13.06
CA CYS TA 421 -50.96 -60.77 12.69
C CYS TA 421 -51.18 -60.80 11.19
N CYS TA 422 -50.10 -60.72 10.41
CA CYS TA 422 -50.19 -60.73 8.96
C CYS TA 422 -50.22 -62.17 8.47
N THR TA 423 -51.31 -62.56 7.82
CA THR TA 423 -51.47 -63.93 7.36
C THR TA 423 -50.37 -64.30 6.36
N GLN TA 424 -50.11 -63.41 5.42
CA GLN TA 424 -49.10 -63.67 4.42
C GLN TA 424 -47.70 -63.58 5.02
N ASP TA 425 -46.79 -64.39 4.49
CA ASP TA 425 -45.43 -64.49 4.99
C ASP TA 425 -44.55 -63.36 4.51
N ASN TA 426 -45.11 -62.36 3.86
CA ASN TA 426 -44.33 -61.25 3.32
C ASN TA 426 -43.63 -60.51 4.44
N TYR TA 427 -42.77 -59.58 4.04
CA TYR TA 427 -41.99 -58.82 5.01
C TYR TA 427 -42.85 -58.00 5.95
N LEU TA 428 -44.15 -57.89 5.70
CA LEU TA 428 -45.01 -57.24 6.66
C LEU TA 428 -45.28 -58.11 7.87
N HIS TA 429 -45.02 -59.42 7.76
CA HIS TA 429 -45.33 -60.34 8.86
C HIS TA 429 -44.40 -60.18 10.05
N PHE TA 430 -43.29 -59.45 9.90
CA PHE TA 430 -42.47 -59.10 11.05
C PHE TA 430 -43.20 -58.06 11.90
N GLN TA 431 -42.55 -57.66 13.00
CA GLN TA 431 -43.13 -56.71 13.93
C GLN TA 431 -42.54 -55.30 13.80
N HIS TA 432 -41.22 -55.17 13.87
CA HIS TA 432 -40.61 -53.86 13.85
C HIS TA 432 -40.78 -53.17 12.50
N VAL TA 433 -40.65 -53.93 11.41
CA VAL TA 433 -40.69 -53.32 10.08
C VAL TA 433 -42.01 -52.63 9.80
N PRO TA 434 -43.17 -53.26 10.01
CA PRO TA 434 -44.43 -52.51 9.83
C PRO TA 434 -44.52 -51.29 10.72
N SER TA 435 -43.99 -51.37 11.94
CA SER TA 435 -43.91 -50.17 12.77
C SER TA 435 -43.01 -49.14 12.14
N LEU TA 436 -41.96 -49.58 11.44
CA LEU TA 436 -41.09 -48.65 10.75
C LEU TA 436 -41.86 -47.89 9.67
N MET TA 437 -42.63 -48.61 8.86
CA MET TA 437 -43.44 -47.91 7.87
C MET TA 437 -44.48 -47.01 8.52
N ASN TA 438 -45.07 -47.47 9.62
CA ASN TA 438 -46.07 -46.63 10.29
C ASN TA 438 -45.45 -45.33 10.77
N ALA TA 439 -44.26 -45.41 11.36
CA ALA TA 439 -43.60 -44.21 11.87
C ALA TA 439 -43.20 -43.28 10.74
N ILE TA 440 -42.62 -43.82 9.66
CA ILE TA 440 -42.20 -42.95 8.57
C ILE TA 440 -43.40 -42.31 7.91
N SER TA 441 -44.49 -43.06 7.76
CA SER TA 441 -45.70 -42.51 7.19
C SER TA 441 -46.29 -41.43 8.07
N ARG TA 442 -46.28 -41.65 9.39
CA ARG TA 442 -46.80 -40.63 10.30
C ARG TA 442 -45.98 -39.35 10.21
N PHE TA 443 -44.65 -39.48 10.19
CA PHE TA 443 -43.81 -38.29 10.07
C PHE TA 443 -44.06 -37.58 8.75
N PHE TA 444 -44.21 -38.35 7.68
CA PHE TA 444 -44.49 -37.76 6.37
C PHE TA 444 -45.81 -37.02 6.38
N VAL TA 445 -46.83 -37.59 7.03
CA VAL TA 445 -48.11 -36.92 7.15
C VAL TA 445 -47.97 -35.63 7.91
N GLN TA 446 -47.22 -35.66 9.01
CA GLN TA 446 -47.03 -34.47 9.82
C GLN TA 446 -46.38 -33.36 9.01
N LEU TA 447 -45.31 -33.70 8.29
CA LEU TA 447 -44.61 -32.68 7.51
C LEU TA 447 -45.48 -32.17 6.36
N ALA TA 448 -46.23 -33.07 5.71
CA ALA TA 448 -47.08 -32.63 4.61
C ALA TA 448 -48.16 -31.68 5.11
N ARG TA 449 -48.75 -31.98 6.26
CA ARG TA 449 -49.73 -31.07 6.84
C ARG TA 449 -49.09 -29.75 7.23
N GLN TA 450 -47.85 -29.80 7.74
CA GLN TA 450 -47.15 -28.57 8.10
C GLN TA 450 -46.94 -27.69 6.88
N MET TA 451 -46.55 -28.27 5.76
CA MET TA 451 -46.35 -27.51 4.54
C MET TA 451 -47.63 -27.29 3.75
N LYS TA 452 -48.75 -27.82 4.21
CA LYS TA 452 -50.00 -27.76 3.48
C LYS TA 452 -50.51 -26.32 3.39
N HIS TA 453 -51.38 -26.08 2.41
CA HIS TA 453 -52.04 -24.79 2.21
C HIS TA 453 -51.02 -23.69 1.94
N SER TA 454 -50.17 -23.93 0.96
CA SER TA 454 -49.10 -23.00 0.62
C SER TA 454 -49.09 -22.73 -0.87
N PRO TA 455 -48.76 -21.50 -1.27
CA PRO TA 455 -48.75 -21.19 -2.70
C PRO TA 455 -47.70 -21.99 -3.44
N ASP TA 456 -48.00 -22.28 -4.70
CA ASP TA 456 -47.17 -23.18 -5.49
C ASP TA 456 -45.83 -22.50 -5.84
N GLY TA 457 -44.97 -23.27 -6.48
CA GLY TA 457 -43.68 -22.80 -6.92
C GLY TA 457 -42.56 -23.00 -5.93
N ILE TA 458 -42.88 -23.29 -4.67
CA ILE TA 458 -41.87 -23.50 -3.64
C ILE TA 458 -42.21 -24.78 -2.90
N THR TA 459 -43.41 -25.30 -3.16
CA THR TA 459 -43.87 -26.50 -2.47
C THR TA 459 -42.97 -27.69 -2.77
N ALA TA 460 -42.60 -27.85 -4.04
CA ALA TA 460 -41.73 -28.96 -4.42
C ALA TA 460 -40.39 -28.86 -3.73
N ALA TA 461 -39.79 -27.68 -3.73
CA ALA TA 461 -38.49 -27.51 -3.08
C ALA TA 461 -38.59 -27.80 -1.59
N GLY TA 462 -39.65 -27.30 -0.94
CA GLY TA 462 -39.80 -27.54 0.49
C GLY TA 462 -39.98 -29.00 0.82
N LEU TA 463 -40.81 -29.70 0.05
CA LEU TA 463 -41.01 -31.12 0.31
C LEU TA 463 -39.74 -31.91 0.07
N THR TA 464 -38.98 -31.56 -0.98
CA THR TA 464 -37.72 -32.24 -1.22
C THR TA 464 -36.76 -32.03 -0.06
N LYS TA 465 -36.64 -30.79 0.43
CA LYS TA 465 -35.72 -30.55 1.53
C LYS TA 465 -36.16 -31.28 2.78
N GLY TA 466 -37.46 -31.28 3.07
CA GLY TA 466 -37.94 -32.00 4.23
C GLY TA 466 -37.67 -33.48 4.14
N MET TA 467 -37.91 -34.07 2.97
CA MET TA 467 -37.64 -35.49 2.83
C MET TA 467 -36.15 -35.79 2.91
N THR TA 468 -35.31 -34.92 2.36
CA THR TA 468 -33.88 -35.16 2.43
C THR TA 468 -33.38 -35.11 3.87
N LYS TA 469 -33.83 -34.13 4.65
CA LYS TA 469 -33.42 -34.09 6.04
C LYS TA 469 -34.01 -35.25 6.83
N LEU TA 470 -35.21 -35.70 6.46
CA LEU TA 470 -35.78 -36.87 7.10
C LEU TA 470 -34.94 -38.11 6.80
N LEU TA 471 -34.47 -38.22 5.56
CA LEU TA 471 -33.56 -39.29 5.18
C LEU TA 471 -32.27 -39.21 5.97
N ASP TA 472 -31.77 -38.00 6.19
CA ASP TA 472 -30.56 -37.83 6.98
C ASP TA 472 -30.77 -38.34 8.40
N ARG TA 473 -31.88 -37.95 9.03
CA ARG TA 473 -32.18 -38.47 10.35
C ARG TA 473 -32.36 -39.97 10.34
N PHE TA 474 -32.91 -40.52 9.27
CA PHE TA 474 -33.12 -41.96 9.19
C PHE TA 474 -31.80 -42.70 9.09
N VAL TA 475 -30.89 -42.23 8.26
CA VAL TA 475 -29.60 -42.89 8.12
C VAL TA 475 -28.78 -42.70 9.38
N ALA TA 476 -28.95 -41.59 10.09
CA ALA TA 476 -28.33 -41.44 11.40
C ALA TA 476 -28.88 -42.49 12.36
N SER TA 477 -30.20 -42.66 12.38
CA SER TA 477 -30.82 -43.67 13.23
C SER TA 477 -30.45 -45.09 12.82
N GLY TA 478 -29.99 -45.27 11.59
CA GLY TA 478 -29.59 -46.58 11.10
C GLY TA 478 -30.72 -47.42 10.55
N ALA TA 479 -31.97 -46.93 10.61
CA ALA TA 479 -33.07 -47.70 10.05
C ALA TA 479 -32.93 -47.85 8.55
N LEU TA 480 -32.55 -46.77 7.87
CA LEU TA 480 -32.31 -46.83 6.43
C LEU TA 480 -30.97 -47.49 6.18
N VAL TA 481 -30.98 -48.63 5.50
CA VAL TA 481 -29.78 -49.42 5.25
C VAL TA 481 -29.71 -49.74 3.76
N ALA TA 482 -28.52 -50.17 3.33
CA ALA TA 482 -28.27 -50.42 1.92
C ALA TA 482 -29.13 -51.57 1.42
N PRO TA 483 -29.49 -51.56 0.14
CA PRO TA 483 -30.33 -52.64 -0.42
C PRO TA 483 -29.64 -53.99 -0.34
N ARG TA 484 -30.46 -55.02 -0.16
CA ARG TA 484 -29.94 -56.38 -0.10
C ARG TA 484 -29.30 -56.77 -1.43
N ASP TA 485 -29.92 -56.41 -2.54
CA ASP TA 485 -29.44 -56.79 -3.87
C ASP TA 485 -28.96 -55.56 -4.62
N PRO TA 486 -27.65 -55.36 -4.77
CA PRO TA 486 -27.14 -54.21 -5.53
C PRO TA 486 -27.28 -54.36 -7.03
N ASP TA 487 -27.74 -55.51 -7.52
CA ASP TA 487 -27.86 -55.71 -8.96
C ASP TA 487 -28.89 -54.77 -9.58
N ALA TA 488 -29.97 -54.50 -8.86
CA ALA TA 488 -31.06 -53.69 -9.41
C ALA TA 488 -30.88 -52.22 -9.07
N ASP TA 489 -30.86 -51.88 -7.78
CA ASP TA 489 -30.81 -50.50 -7.33
C ASP TA 489 -29.45 -50.10 -6.79
N GLY TA 490 -28.45 -50.99 -6.90
CA GLY TA 490 -27.16 -50.65 -6.31
C GLY TA 490 -27.25 -50.59 -4.80
N THR TA 491 -26.34 -49.83 -4.21
CA THR TA 491 -26.32 -49.63 -2.77
C THR TA 491 -27.10 -48.40 -2.33
N GLU TA 492 -27.68 -47.65 -3.26
CA GLU TA 492 -28.45 -46.48 -2.91
C GLU TA 492 -29.86 -46.92 -2.54
N PRO TA 493 -30.30 -46.75 -1.30
CA PRO TA 493 -31.52 -47.41 -0.81
C PRO TA 493 -32.80 -46.58 -0.85
N TYR TA 494 -32.81 -45.40 -1.47
CA TYR TA 494 -33.99 -44.55 -1.45
C TYR TA 494 -34.29 -43.98 -2.83
N VAL TA 495 -35.57 -43.74 -3.09
CA VAL TA 495 -35.98 -43.07 -4.33
C VAL TA 495 -37.23 -42.25 -4.04
N LEU TA 496 -37.32 -41.11 -4.72
CA LEU TA 496 -38.41 -40.15 -4.55
C LEU TA 496 -38.72 -39.48 -5.88
N LYS TA 497 -40.00 -39.31 -6.17
CA LYS TA 497 -40.43 -38.42 -7.23
C LYS TA 497 -41.69 -37.68 -6.84
N VAL TA 498 -41.89 -36.52 -7.45
CA VAL TA 498 -43.08 -35.71 -7.26
C VAL TA 498 -43.57 -35.25 -8.63
N THR TA 499 -44.87 -35.37 -8.87
CA THR TA 499 -45.50 -34.97 -10.11
C THR TA 499 -46.76 -34.19 -9.81
N GLN TA 500 -47.36 -33.62 -10.85
CA GLN TA 500 -48.55 -32.80 -10.74
C GLN TA 500 -49.65 -33.36 -11.61
N ALA TA 501 -50.90 -33.25 -11.15
CA ALA TA 501 -52.04 -33.59 -11.99
C ALA TA 501 -52.78 -32.36 -12.51
N GLU TA 502 -53.17 -31.45 -11.63
CA GLU TA 502 -53.89 -30.25 -12.03
C GLU TA 502 -53.50 -29.15 -11.04
N PHE TA 503 -54.33 -28.10 -10.95
CA PHE TA 503 -54.23 -27.07 -9.93
C PHE TA 503 -53.89 -27.65 -8.56
N ASP TA 504 -54.40 -28.85 -8.27
CA ASP TA 504 -54.01 -29.61 -7.08
C ASP TA 504 -53.50 -30.99 -7.46
N LYS TA 505 -53.42 -31.87 -6.47
CA LYS TA 505 -52.97 -33.25 -6.67
C LYS TA 505 -51.51 -33.29 -7.10
N TRP TA 506 -50.65 -32.85 -6.19
CA TRP TA 506 -49.26 -33.24 -6.20
C TRP TA 506 -49.17 -34.71 -5.80
N GLU TA 507 -48.75 -35.56 -6.74
CA GLU TA 507 -48.56 -36.98 -6.45
C GLU TA 507 -47.10 -37.20 -6.10
N VAL TA 508 -46.84 -37.56 -4.85
CA VAL TA 508 -45.50 -37.83 -4.37
C VAL TA 508 -45.37 -39.33 -4.12
N VAL TA 509 -44.26 -39.90 -4.58
CA VAL TA 509 -43.99 -41.32 -4.46
C VAL TA 509 -42.60 -41.51 -3.87
N TRP TA 510 -42.49 -42.40 -2.90
CA TRP TA 510 -41.24 -42.59 -2.17
C TRP TA 510 -41.08 -44.05 -1.78
N ALA TA 511 -39.92 -44.62 -2.08
CA ALA TA 511 -39.59 -45.99 -1.74
C ALA TA 511 -38.26 -46.03 -1.02
N CYS TA 512 -38.19 -46.87 0.02
CA CYS TA 512 -37.04 -46.90 0.91
C CYS TA 512 -36.66 -48.34 1.24
N CYS TA 513 -35.39 -48.53 1.61
CA CYS TA 513 -34.92 -49.83 2.04
C CYS TA 513 -34.78 -49.86 3.55
N PRO TA 514 -35.63 -50.56 4.27
CA PRO TA 514 -35.47 -50.70 5.71
C PRO TA 514 -34.46 -51.79 6.03
N THR TA 515 -34.31 -52.07 7.32
CA THR TA 515 -33.40 -53.09 7.82
C THR TA 515 -34.19 -54.24 8.42
N GLY TA 516 -33.47 -55.19 9.04
CA GLY TA 516 -34.09 -56.33 9.67
C GLY TA 516 -33.33 -56.75 10.92
N VAL TA 517 -33.99 -57.59 11.72
CA VAL TA 517 -33.46 -58.05 12.99
C VAL TA 517 -33.52 -59.58 12.97
N ALA TA 518 -33.42 -60.17 11.79
CA ALA TA 518 -33.27 -61.62 11.61
C ALA TA 518 -34.39 -62.40 12.31
N ARG TA 519 -35.62 -62.12 11.89
CA ARG TA 519 -36.76 -62.90 12.40
C ARG TA 519 -36.63 -64.36 12.00
N ARG TA 520 -36.29 -64.64 10.75
CA ARG TA 520 -35.93 -65.99 10.37
C ARG TA 520 -34.71 -66.42 11.17
N ILE TA 521 -34.89 -67.40 12.05
CA ILE TA 521 -33.88 -67.78 13.02
C ILE TA 521 -33.39 -69.18 12.67
N GLN TA 522 -32.08 -69.30 12.48
CA GLN TA 522 -31.46 -70.57 12.12
C GLN TA 522 -29.98 -70.51 12.49
N GLY TA 523 -29.34 -71.66 12.42
CA GLY TA 523 -27.91 -71.76 12.64
C GLY TA 523 -27.39 -73.15 12.38
N VAL TA 524 -26.13 -73.27 11.98
CA VAL TA 524 -25.50 -74.57 11.81
C VAL TA 524 -24.00 -74.48 12.04
N PRO TA 525 -23.49 -74.99 13.14
CA PRO TA 525 -22.05 -75.21 13.27
C PRO TA 525 -21.66 -76.56 12.68
N LEU TA 526 -20.42 -76.61 12.17
CA LEU TA 526 -19.94 -77.78 11.46
C LEU TA 526 -18.59 -78.20 12.03
N LEU TA 527 -18.22 -79.43 11.75
CA LEU TA 527 -17.05 -80.07 12.34
C LEU TA 527 -15.85 -80.03 11.40
N ILE TA 528 -14.70 -80.39 11.96
CA ILE TA 528 -13.47 -80.53 11.18
C ILE TA 528 -12.75 -81.86 11.44
N LYS TA 529 -12.97 -82.52 12.58
CA LYS TA 529 -12.28 -83.76 12.98
C LYS TA 529 -10.76 -83.59 13.14
N SER UA 2 -38.19 -72.38 22.47
CA SER UA 2 -37.37 -71.63 23.41
C SER UA 2 -35.88 -71.73 23.04
N GLN UA 3 -35.00 -71.24 23.92
CA GLN UA 3 -33.56 -71.30 23.71
C GLN UA 3 -32.99 -72.69 23.92
N TYR UA 4 -33.74 -73.59 24.54
CA TYR UA 4 -33.27 -74.94 24.83
C TYR UA 4 -33.46 -75.88 23.65
N SER UA 5 -34.43 -75.60 22.79
CA SER UA 5 -34.72 -76.44 21.65
C SER UA 5 -33.73 -76.21 20.51
N ILE UA 6 -33.36 -77.28 19.84
CA ILE UA 6 -32.51 -77.24 18.65
C ILE UA 6 -33.19 -78.09 17.58
N GLN UA 7 -33.32 -77.54 16.38
CA GLN UA 7 -33.99 -78.23 15.28
C GLN UA 7 -32.95 -78.87 14.36
N GLN UA 8 -33.43 -79.43 13.26
CA GLN UA 8 -32.59 -79.98 12.21
C GLN UA 8 -32.81 -79.30 10.88
N SER UA 9 -34.07 -79.14 10.48
CA SER UA 9 -34.44 -78.41 9.28
C SER UA 9 -35.25 -77.20 9.68
N LEU UA 10 -35.20 -76.16 8.84
CA LEU UA 10 -35.92 -74.92 9.11
C LEU UA 10 -37.11 -74.83 8.19
N GLY UA 11 -38.30 -74.73 8.78
CA GLY UA 11 -39.50 -74.44 8.05
C GLY UA 11 -40.05 -73.10 8.48
N ASN UA 12 -41.15 -73.11 9.23
CA ASN UA 12 -41.73 -71.87 9.71
C ASN UA 12 -41.33 -71.55 11.14
N ALA UA 13 -41.09 -72.58 11.95
CA ALA UA 13 -40.61 -72.34 13.31
C ALA UA 13 -39.21 -71.75 13.28
N SER UA 14 -38.92 -70.91 14.28
CA SER UA 14 -37.64 -70.24 14.41
C SER UA 14 -36.85 -70.87 15.56
N GLY UA 15 -35.65 -71.35 15.26
CA GLY UA 15 -34.80 -71.94 16.27
C GLY UA 15 -33.38 -72.05 15.75
N VAL UA 16 -32.47 -72.41 16.65
CA VAL UA 16 -31.06 -72.59 16.31
C VAL UA 16 -30.75 -74.07 16.24
N ALA UA 17 -30.22 -74.51 15.09
CA ALA UA 17 -29.93 -75.91 14.84
C ALA UA 17 -28.43 -76.16 14.97
N VAL UA 18 -28.08 -77.44 15.18
CA VAL UA 18 -26.69 -77.86 15.25
C VAL UA 18 -26.53 -79.15 14.45
N SER UA 19 -25.28 -79.54 14.24
CA SER UA 19 -24.97 -80.73 13.47
C SER UA 19 -25.46 -81.98 14.19
N PRO UA 20 -26.03 -82.95 13.49
CA PRO UA 20 -26.48 -84.19 14.13
C PRO UA 20 -25.31 -85.06 14.54
N ILE UA 21 -25.65 -86.13 15.27
CA ILE UA 21 -24.67 -87.11 15.72
C ILE UA 21 -24.62 -88.22 14.68
N ASN UA 22 -23.57 -88.22 13.86
CA ASN UA 22 -23.42 -89.15 12.75
C ASN UA 22 -22.04 -89.81 12.84
N ALA UA 23 -21.65 -90.48 11.76
CA ALA UA 23 -20.33 -91.10 11.68
C ALA UA 23 -19.30 -90.28 10.93
N ASP UA 24 -19.71 -89.49 9.92
CA ASP UA 24 -18.79 -88.72 9.10
C ASP UA 24 -19.33 -87.32 8.85
N ALA UA 25 -18.41 -86.37 8.62
CA ALA UA 25 -18.78 -84.99 8.32
C ALA UA 25 -17.61 -84.30 7.63
N THR UA 26 -17.92 -83.27 6.84
CA THR UA 26 -16.94 -82.51 6.11
C THR UA 26 -17.20 -81.02 6.28
N LEU UA 27 -16.24 -80.20 5.86
CA LEU UA 27 -16.38 -78.75 5.92
C LEU UA 27 -15.59 -78.11 4.79
N SER UA 28 -16.04 -76.92 4.38
CA SER UA 28 -15.32 -76.11 3.41
C SER UA 28 -15.75 -74.65 3.52
N THR UA 29 -14.83 -73.78 3.90
CA THR UA 29 -15.14 -72.36 4.09
C THR UA 29 -14.00 -71.51 3.55
N GLY UA 30 -14.36 -70.39 2.94
CA GLY UA 30 -13.36 -69.50 2.40
C GLY UA 30 -13.99 -68.40 1.56
N VAL UA 31 -13.14 -67.50 1.10
CA VAL UA 31 -13.54 -66.38 0.26
C VAL UA 31 -12.68 -66.41 -0.99
N ALA UA 32 -13.24 -65.92 -2.10
CA ALA UA 32 -12.54 -65.95 -3.39
C ALA UA 32 -11.30 -65.06 -3.36
N LEU UA 33 -10.33 -65.41 -4.22
CA LEU UA 33 -9.07 -64.70 -4.30
C LEU UA 33 -9.14 -63.47 -5.21
N ASN UA 34 -9.51 -63.67 -6.47
CA ASN UA 34 -9.54 -62.60 -7.47
C ASN UA 34 -8.15 -61.96 -7.64
N SER UA 35 -7.11 -62.76 -7.45
CA SER UA 35 -5.72 -62.29 -7.57
C SER UA 35 -4.94 -63.02 -8.65
N SER UA 36 -4.90 -64.35 -8.59
CA SER UA 36 -4.20 -65.15 -9.58
C SER UA 36 -4.77 -66.55 -9.53
N LEU UA 37 -5.12 -67.10 -10.69
CA LEU UA 37 -5.86 -68.35 -10.73
C LEU UA 37 -5.12 -69.42 -11.52
N TRP UA 38 -5.54 -70.65 -11.29
CA TRP UA 38 -5.02 -71.82 -11.94
C TRP UA 38 -6.17 -72.63 -12.51
N ALA UA 39 -5.84 -73.45 -13.52
CA ALA UA 39 -6.81 -74.33 -14.15
C ALA UA 39 -6.18 -75.70 -14.37
N GLY UA 40 -7.02 -76.73 -14.38
CA GLY UA 40 -6.56 -78.08 -14.65
C GLY UA 40 -7.72 -79.04 -14.69
N ILE UA 41 -7.50 -80.15 -15.40
CA ILE UA 41 -8.49 -81.22 -15.53
C ILE UA 41 -8.28 -82.26 -14.45
N GLY UA 42 -9.38 -82.69 -13.84
CA GLY UA 42 -9.31 -83.74 -12.84
C GLY UA 42 -10.60 -84.51 -12.79
N VAL UA 43 -10.54 -85.67 -12.15
CA VAL UA 43 -11.70 -86.52 -11.91
C VAL UA 43 -11.95 -86.58 -10.42
N PHE UA 44 -13.18 -86.28 -10.01
CA PHE UA 44 -13.49 -86.16 -8.60
C PHE UA 44 -14.87 -86.76 -8.36
N ALA UA 45 -15.37 -86.53 -7.16
CA ALA UA 45 -16.74 -86.88 -6.81
C ALA UA 45 -17.63 -85.69 -7.11
N ARG UA 46 -18.87 -85.98 -7.53
CA ARG UA 46 -19.87 -84.96 -7.78
C ARG UA 46 -19.41 -83.99 -8.87
N GLY UA 47 -20.20 -82.95 -9.10
CA GLY UA 47 -19.84 -81.99 -10.13
C GLY UA 47 -20.22 -82.47 -11.51
N LYS UA 48 -20.61 -81.54 -12.37
CA LYS UA 48 -21.03 -81.91 -13.70
C LYS UA 48 -19.82 -82.35 -14.52
N PRO UA 49 -19.94 -83.43 -15.30
CA PRO UA 49 -18.84 -83.84 -16.17
C PRO UA 49 -18.63 -82.83 -17.30
N PHE UA 50 -17.39 -82.76 -17.77
CA PHE UA 50 -17.02 -81.85 -18.85
C PHE UA 50 -17.43 -80.43 -18.52
N THR UA 51 -17.19 -80.03 -17.27
CA THR UA 51 -17.69 -78.76 -16.76
C THR UA 51 -16.60 -78.08 -15.95
N VAL UA 52 -16.51 -76.76 -16.11
CA VAL UA 52 -15.62 -75.92 -15.32
C VAL UA 52 -16.30 -75.57 -14.00
N LEU UA 53 -15.49 -75.45 -12.95
CA LEU UA 53 -15.99 -75.15 -11.62
C LEU UA 53 -14.99 -74.24 -10.93
N ALA UA 54 -15.43 -73.03 -10.60
CA ALA UA 54 -14.64 -72.08 -9.83
C ALA UA 54 -14.61 -72.55 -8.38
N VAL UA 55 -13.56 -73.28 -8.03
CA VAL UA 55 -13.44 -73.93 -6.74
C VAL UA 55 -12.70 -73.01 -5.79
N THR UA 56 -13.25 -72.86 -4.58
CA THR UA 56 -12.61 -72.09 -3.53
C THR UA 56 -12.54 -72.91 -2.25
N GLU UA 57 -12.09 -72.28 -1.17
CA GLU UA 57 -12.02 -72.95 0.11
C GLU UA 57 -13.40 -73.27 0.66
N SER UA 58 -14.44 -72.62 0.13
CA SER UA 58 -15.80 -72.81 0.61
C SER UA 58 -16.50 -73.99 -0.05
N ASN UA 59 -16.09 -74.37 -1.25
CA ASN UA 59 -16.75 -75.44 -1.99
C ASN UA 59 -15.82 -76.60 -2.30
N TYR UA 60 -14.56 -76.53 -1.87
CA TYR UA 60 -13.60 -77.55 -2.28
C TYR UA 60 -14.02 -78.93 -1.78
N GLU UA 61 -14.51 -79.02 -0.55
CA GLU UA 61 -14.89 -80.30 0.00
C GLU UA 61 -16.35 -80.64 -0.26
N ASP UA 62 -17.15 -79.66 -0.68
CA ASP UA 62 -18.59 -79.86 -0.78
C ASP UA 62 -19.00 -80.33 -2.17
N VAL UA 63 -18.78 -79.48 -3.17
CA VAL UA 63 -19.24 -79.83 -4.51
C VAL UA 63 -18.29 -80.78 -5.21
N LEU UA 64 -17.07 -80.92 -4.70
CA LEU UA 64 -16.14 -81.91 -5.24
C LEU UA 64 -16.22 -83.24 -4.52
N GLY UA 65 -17.09 -83.35 -3.51
CA GLY UA 65 -17.20 -84.57 -2.75
C GLY UA 65 -15.97 -84.80 -1.88
N GLU UA 66 -16.03 -85.90 -1.14
CA GLU UA 66 -14.93 -86.27 -0.27
C GLU UA 66 -13.78 -86.86 -1.09
N PRO UA 67 -12.56 -86.82 -0.55
CA PRO UA 67 -11.44 -87.48 -1.24
C PRO UA 67 -11.68 -88.98 -1.37
N LEU UA 68 -11.26 -89.53 -2.51
CA LEU UA 68 -11.40 -90.94 -2.79
C LEU UA 68 -10.19 -91.71 -2.27
N LYS UA 69 -10.32 -93.04 -2.27
CA LYS UA 69 -9.24 -93.88 -1.79
C LYS UA 69 -8.10 -93.89 -2.79
N PRO UA 70 -6.86 -93.63 -2.35
CA PRO UA 70 -5.74 -93.66 -3.30
C PRO UA 70 -5.59 -95.00 -3.99
N SER UA 71 -5.80 -96.10 -3.28
CA SER UA 71 -5.77 -97.41 -3.91
C SER UA 71 -6.99 -97.64 -4.79
N SER UA 72 -8.00 -96.78 -4.72
CA SER UA 72 -9.13 -96.83 -5.64
C SER UA 72 -8.77 -96.07 -6.91
N GLY UA 73 -7.97 -96.73 -7.73
CA GLY UA 73 -7.60 -96.18 -9.02
C GLY UA 73 -6.58 -95.07 -8.89
N SER UA 74 -6.24 -94.52 -10.05
CA SER UA 74 -5.24 -93.46 -10.17
C SER UA 74 -5.87 -92.08 -10.06
N GLN UA 75 -7.04 -91.99 -9.44
CA GLN UA 75 -7.78 -90.73 -9.34
C GLN UA 75 -7.41 -89.95 -8.09
N PHE UA 76 -6.45 -90.43 -7.32
CA PHE UA 76 -6.05 -89.76 -6.09
C PHE UA 76 -5.06 -88.62 -6.32
N GLU UA 77 -4.32 -88.63 -7.41
CA GLU UA 77 -3.44 -87.49 -7.71
C GLU UA 77 -4.21 -86.18 -7.78
N PRO UA 78 -5.32 -86.07 -8.53
CA PRO UA 78 -6.03 -84.79 -8.55
C PRO UA 78 -6.57 -84.38 -7.19
N ILE UA 79 -7.05 -85.34 -6.39
CA ILE UA 79 -7.65 -84.96 -5.12
C ILE UA 79 -6.56 -84.49 -4.16
N ARG UA 80 -5.40 -85.15 -4.17
CA ARG UA 80 -4.30 -84.65 -3.35
C ARG UA 80 -3.85 -83.28 -3.81
N HIS UA 81 -3.76 -83.07 -5.13
CA HIS UA 81 -3.33 -81.77 -5.64
C HIS UA 81 -4.29 -80.66 -5.21
N VAL UA 82 -5.59 -80.91 -5.35
CA VAL UA 82 -6.55 -79.87 -4.99
C VAL UA 82 -6.53 -79.66 -3.47
N TYR UA 83 -6.35 -80.74 -2.71
CA TYR UA 83 -6.31 -80.59 -1.26
C TYR UA 83 -5.14 -79.72 -0.83
N GLU UA 84 -3.97 -79.96 -1.43
CA GLU UA 84 -2.80 -79.17 -1.08
C GLU UA 84 -2.87 -77.75 -1.64
N ALA UA 85 -3.60 -77.52 -2.71
CA ALA UA 85 -3.60 -76.20 -3.33
C ALA UA 85 -4.68 -75.28 -2.78
N ILE UA 86 -5.88 -75.81 -2.52
CA ILE UA 86 -6.99 -74.97 -2.14
C ILE UA 86 -6.78 -74.33 -0.78
N GLN UA 87 -5.94 -74.92 0.06
CA GLN UA 87 -5.72 -74.37 1.39
C GLN UA 87 -5.14 -72.96 1.33
N GLN UA 88 -4.60 -72.58 0.18
CA GLN UA 88 -3.97 -71.27 0.03
C GLN UA 88 -4.51 -70.51 -1.19
N THR UA 89 -4.90 -71.22 -2.25
CA THR UA 89 -5.34 -70.56 -3.47
C THR UA 89 -6.56 -71.27 -4.05
N SER UA 90 -7.38 -70.51 -4.76
CA SER UA 90 -8.55 -71.02 -5.45
C SER UA 90 -8.24 -71.25 -6.92
N GLY UA 91 -9.16 -71.93 -7.60
CA GLY UA 91 -8.94 -72.24 -9.00
C GLY UA 91 -10.20 -72.39 -9.82
N TYR UA 92 -10.04 -72.84 -11.05
CA TYR UA 92 -11.12 -73.00 -12.02
C TYR UA 92 -11.14 -74.41 -12.57
N VAL UA 93 -11.15 -75.39 -11.66
CA VAL UA 93 -10.86 -76.77 -12.06
C VAL UA 93 -11.96 -77.31 -12.95
N VAL UA 94 -11.57 -78.05 -13.98
CA VAL UA 94 -12.50 -78.66 -14.91
C VAL UA 94 -12.55 -80.15 -14.66
N ARG UA 95 -13.75 -80.73 -14.71
CA ARG UA 95 -13.94 -82.15 -14.45
C ARG UA 95 -14.78 -82.79 -15.54
N ALA UA 96 -14.36 -83.99 -15.93
CA ALA UA 96 -15.08 -84.79 -16.91
C ALA UA 96 -14.93 -86.26 -16.53
N VAL UA 97 -15.86 -87.08 -17.01
CA VAL UA 97 -15.86 -88.51 -16.74
C VAL UA 97 -16.13 -89.24 -18.04
N PRO UA 98 -15.74 -90.51 -18.13
CA PRO UA 98 -16.06 -91.30 -19.33
C PRO UA 98 -17.57 -91.51 -19.47
N ASP UA 99 -17.96 -91.92 -20.68
CA ASP UA 99 -19.37 -92.09 -21.01
C ASP UA 99 -20.05 -93.18 -20.18
N ASP UA 100 -19.26 -94.04 -19.54
CA ASP UA 100 -19.82 -95.14 -18.76
C ASP UA 100 -20.68 -94.64 -17.60
N ALA UA 101 -20.41 -93.44 -17.10
CA ALA UA 101 -21.21 -92.90 -16.02
C ALA UA 101 -22.61 -92.53 -16.51
N LYS UA 102 -23.60 -92.75 -15.64
CA LYS UA 102 -24.98 -92.44 -15.94
C LYS UA 102 -25.62 -91.77 -14.74
N PHE UA 103 -26.46 -90.83 -15.00
CA PHE UA 103 -27.21 -90.14 -13.97
C PHE UA 103 -28.65 -90.62 -13.95
N PRO UA 104 -29.26 -90.65 -12.78
CA PRO UA 104 -30.65 -91.10 -12.67
C PRO UA 104 -31.68 -89.98 -12.79
N ILE UA 105 -32.93 -90.41 -12.97
CA ILE UA 105 -34.07 -89.56 -13.26
C ILE UA 105 -35.32 -90.27 -12.77
N ILE UA 106 -36.29 -89.48 -12.29
CA ILE UA 106 -37.59 -89.98 -11.88
C ILE UA 106 -38.66 -89.24 -12.66
N MET UA 107 -39.56 -89.99 -13.27
CA MET UA 107 -40.64 -89.48 -14.10
C MET UA 107 -41.95 -89.55 -13.34
N PHE UA 108 -42.70 -88.45 -13.36
CA PHE UA 108 -44.07 -88.43 -12.86
C PHE UA 108 -45.02 -88.34 -14.04
N ASP UA 109 -45.90 -89.32 -14.16
CA ASP UA 109 -46.84 -89.36 -15.26
C ASP UA 109 -48.00 -88.41 -14.96
N GLU UA 110 -49.06 -88.49 -15.78
CA GLU UA 110 -50.20 -87.59 -15.62
C GLU UA 110 -50.79 -87.73 -14.22
N SER UA 111 -51.01 -88.96 -13.76
CA SER UA 111 -51.48 -89.18 -12.41
C SER UA 111 -50.42 -88.88 -11.36
N GLY UA 112 -49.18 -88.62 -11.78
CA GLY UA 112 -48.09 -88.39 -10.85
C GLY UA 112 -47.36 -89.63 -10.41
N GLU UA 113 -47.64 -90.78 -11.01
CA GLU UA 113 -46.93 -91.99 -10.64
C GLU UA 113 -45.45 -91.86 -11.01
N PRO UA 114 -44.55 -92.40 -10.20
CA PRO UA 114 -43.12 -92.30 -10.47
C PRO UA 114 -42.57 -93.52 -11.21
N ALA UA 115 -41.54 -93.26 -12.00
CA ALA UA 115 -40.79 -94.28 -12.72
C ALA UA 115 -39.32 -93.91 -12.69
N TYR UA 116 -38.47 -94.87 -12.36
CA TYR UA 116 -37.04 -94.61 -12.21
C TYR UA 116 -36.30 -95.00 -13.48
N SER UA 117 -35.30 -94.21 -13.85
CA SER UA 117 -34.50 -94.51 -15.03
C SER UA 117 -33.10 -93.92 -14.84
N ALA UA 118 -32.18 -94.36 -15.68
CA ALA UA 118 -30.82 -93.84 -15.67
C ALA UA 118 -30.34 -93.69 -17.11
N LEU UA 119 -29.67 -92.57 -17.37
CA LEU UA 119 -29.19 -92.28 -18.71
C LEU UA 119 -27.74 -91.83 -18.68
N PRO UA 120 -26.97 -92.11 -19.72
CA PRO UA 120 -25.58 -91.63 -19.75
C PRO UA 120 -25.54 -90.12 -19.71
N TYR UA 121 -24.51 -89.60 -19.05
CA TYR UA 121 -24.36 -88.16 -18.91
C TYR UA 121 -24.23 -87.51 -20.28
N GLY UA 122 -24.95 -86.41 -20.47
CA GLY UA 122 -25.01 -85.73 -21.75
C GLY UA 122 -26.20 -86.12 -22.59
N SER UA 123 -26.77 -87.31 -22.37
CA SER UA 123 -27.95 -87.72 -23.09
C SER UA 123 -29.14 -86.86 -22.69
N GLU UA 124 -29.96 -86.50 -23.67
CA GLU UA 124 -31.13 -85.66 -23.44
C GLU UA 124 -32.38 -86.52 -23.45
N ILE UA 125 -33.19 -86.36 -22.42
CA ILE UA 125 -34.44 -87.12 -22.29
C ILE UA 125 -35.56 -86.35 -22.96
N GLU UA 126 -36.45 -87.08 -23.63
CA GLU UA 126 -37.60 -86.51 -24.30
C GLU UA 126 -38.88 -87.11 -23.75
N LEU UA 127 -39.96 -86.37 -23.86
CA LEU UA 127 -41.26 -86.78 -23.33
C LEU UA 127 -42.21 -87.05 -24.49
N ASP UA 128 -42.68 -88.29 -24.57
CA ASP UA 128 -43.65 -88.71 -25.57
C ASP UA 128 -45.06 -88.40 -25.10
N SER UA 129 -46.07 -89.03 -25.72
CA SER UA 129 -47.45 -88.86 -25.30
C SER UA 129 -47.62 -89.11 -23.81
N GLY UA 130 -47.06 -90.20 -23.31
CA GLY UA 130 -47.03 -90.46 -21.88
C GLY UA 130 -45.91 -89.68 -21.24
N GLU UA 131 -45.50 -90.13 -20.05
CA GLU UA 131 -44.38 -89.52 -19.33
C GLU UA 131 -44.58 -88.01 -19.21
N ALA UA 132 -45.58 -87.65 -18.40
CA ALA UA 132 -46.03 -86.27 -18.30
C ALA UA 132 -44.87 -85.32 -18.03
N PHE UA 133 -44.03 -85.64 -17.05
CA PHE UA 133 -42.83 -84.84 -16.83
C PHE UA 133 -41.82 -85.69 -16.08
N ALA UA 134 -40.58 -85.21 -16.02
CA ALA UA 134 -39.54 -85.97 -15.35
C ALA UA 134 -38.51 -85.00 -14.77
N ILE UA 135 -37.78 -85.49 -13.77
CA ILE UA 135 -36.74 -84.72 -13.10
C ILE UA 135 -35.51 -85.61 -12.96
N TYR UA 136 -34.38 -85.15 -13.48
CA TYR UA 136 -33.14 -85.90 -13.47
C TYR UA 136 -32.10 -85.15 -12.66
N VAL UA 137 -31.23 -85.90 -11.99
CA VAL UA 137 -30.20 -85.28 -11.17
C VAL UA 137 -28.99 -85.00 -12.05
N ASP UA 138 -28.30 -83.89 -11.76
CA ASP UA 138 -27.21 -83.42 -12.60
C ASP UA 138 -25.92 -83.17 -11.84
N ASP UA 139 -25.93 -83.25 -10.51
CA ASP UA 139 -24.73 -82.98 -9.74
C ASP UA 139 -23.63 -84.01 -9.97
N GLY UA 140 -23.95 -85.14 -10.58
CA GLY UA 140 -22.98 -86.19 -10.83
C GLY UA 140 -22.95 -87.30 -9.80
N ASP UA 141 -23.59 -87.11 -8.65
CA ASP UA 141 -23.62 -88.16 -7.64
C ASP UA 141 -24.48 -89.31 -8.13
N PRO UA 142 -24.03 -90.56 -8.01
CA PRO UA 142 -24.87 -91.69 -8.41
C PRO UA 142 -26.00 -91.96 -7.41
N CYS UA 143 -26.22 -91.02 -6.49
CA CYS UA 143 -27.27 -91.13 -5.48
C CYS UA 143 -27.10 -92.40 -4.66
N ILE UA 144 -25.86 -92.71 -4.30
CA ILE UA 144 -25.56 -93.89 -3.50
C ILE UA 144 -24.90 -93.56 -2.18
N SER UA 145 -24.22 -92.42 -2.06
CA SER UA 145 -23.57 -92.05 -0.81
C SER UA 145 -23.36 -90.55 -0.76
N PRO UA 146 -24.33 -89.79 -0.22
CA PRO UA 146 -25.61 -90.23 0.33
C PRO UA 146 -26.66 -90.40 -0.77
N THR UA 147 -27.95 -90.45 -0.40
CA THR UA 147 -29.03 -90.62 -1.35
C THR UA 147 -29.91 -89.38 -1.36
N ARG UA 148 -30.53 -89.12 -2.50
CA ARG UA 148 -31.38 -87.94 -2.67
C ARG UA 148 -32.85 -88.35 -2.55
N GLU UA 149 -33.57 -87.69 -1.65
CA GLU UA 149 -34.98 -87.97 -1.44
C GLU UA 149 -35.79 -86.69 -1.53
N LEU UA 150 -37.03 -86.84 -1.96
CA LEU UA 150 -37.93 -85.71 -2.18
C LEU UA 150 -39.26 -85.99 -1.51
N THR UA 151 -39.81 -84.96 -0.86
CA THR UA 151 -41.12 -85.07 -0.23
C THR UA 151 -42.00 -83.94 -0.76
N ILE UA 152 -43.14 -84.29 -1.34
CA ILE UA 152 -44.01 -83.33 -2.01
C ILE UA 152 -45.40 -83.42 -1.41
N GLU UA 153 -46.00 -82.27 -1.12
CA GLU UA 153 -47.38 -82.20 -0.68
C GLU UA 153 -47.92 -80.82 -1.07
N THR UA 154 -49.17 -80.57 -0.71
CA THR UA 154 -49.81 -79.31 -1.08
C THR UA 154 -49.30 -78.17 -0.20
N ALA UA 155 -49.77 -76.96 -0.49
CA ALA UA 155 -49.43 -75.78 0.30
C ALA UA 155 -50.50 -74.72 0.04
N THR UA 156 -50.30 -73.55 0.63
CA THR UA 156 -51.22 -72.44 0.42
C THR UA 156 -51.13 -71.94 -1.03
N ALA UA 157 -52.23 -71.37 -1.50
CA ALA UA 157 -52.31 -70.91 -2.87
C ALA UA 157 -51.66 -69.53 -3.01
N ASP UA 158 -51.56 -69.06 -4.26
CA ASP UA 158 -51.00 -67.76 -4.55
C ASP UA 158 -52.05 -66.66 -4.35
N SER UA 159 -51.60 -65.41 -4.47
CA SER UA 159 -52.52 -64.28 -4.38
C SER UA 159 -53.56 -64.32 -5.49
N ALA UA 160 -53.22 -64.93 -6.62
CA ALA UA 160 -54.17 -65.17 -7.68
C ALA UA 160 -55.02 -66.41 -7.43
N GLY UA 161 -54.80 -67.10 -6.31
CA GLY UA 161 -55.54 -68.30 -6.01
C GLY UA 161 -55.02 -69.55 -6.68
N ASN UA 162 -53.88 -69.46 -7.37
CA ASN UA 162 -53.34 -70.63 -8.06
C ASN UA 162 -52.89 -71.68 -7.05
N GLU UA 163 -53.33 -72.92 -7.26
CA GLU UA 163 -52.96 -74.00 -6.35
C GLU UA 163 -51.46 -74.21 -6.36
N ARG UA 164 -50.89 -74.37 -5.16
CA ARG UA 164 -49.45 -74.48 -5.00
C ARG UA 164 -49.12 -75.69 -4.12
N PHE UA 165 -47.95 -76.25 -4.36
CA PHE UA 165 -47.50 -77.41 -3.62
C PHE UA 165 -46.06 -77.20 -3.21
N LEU UA 166 -45.72 -77.63 -2.01
CA LEU UA 166 -44.38 -77.51 -1.49
C LEU UA 166 -43.67 -78.85 -1.61
N LEU UA 167 -42.44 -78.82 -2.09
CA LEU UA 167 -41.58 -79.99 -2.18
C LEU UA 167 -40.23 -79.66 -1.54
N LYS UA 168 -39.71 -80.63 -0.79
CA LYS UA 168 -38.42 -80.47 -0.12
C LYS UA 168 -37.49 -81.58 -0.54
N LEU UA 169 -36.25 -81.20 -0.83
CA LEU UA 169 -35.19 -82.12 -1.21
C LEU UA 169 -34.27 -82.33 -0.01
N THR UA 170 -33.76 -83.55 0.12
CA THR UA 170 -32.84 -83.84 1.20
C THR UA 170 -31.86 -84.93 0.76
N GLN UA 171 -30.75 -84.99 1.48
CA GLN UA 171 -29.76 -86.05 1.34
C GLN UA 171 -29.78 -86.89 2.62
N THR UA 172 -29.87 -88.20 2.45
CA THR UA 172 -29.91 -89.14 3.55
C THR UA 172 -28.67 -90.02 3.49
N THR UA 173 -27.93 -90.08 4.60
CA THR UA 173 -26.72 -90.86 4.65
C THR UA 173 -27.04 -92.32 4.97
N SER UA 174 -26.02 -93.17 5.01
CA SER UA 174 -26.23 -94.57 5.33
C SER UA 174 -26.75 -94.75 6.74
N LEU UA 175 -26.23 -93.96 7.69
CA LEU UA 175 -26.62 -94.07 9.08
C LEU UA 175 -28.01 -93.50 9.36
N GLY UA 176 -28.60 -92.78 8.42
CA GLY UA 176 -29.96 -92.29 8.57
C GLY UA 176 -30.07 -90.80 8.79
N VAL UA 177 -28.97 -90.05 8.79
CA VAL UA 177 -29.05 -88.61 8.93
C VAL UA 177 -29.64 -88.01 7.66
N VAL UA 178 -30.68 -87.19 7.83
CA VAL UA 178 -31.46 -86.65 6.72
C VAL UA 178 -31.29 -85.12 6.78
N THR UA 179 -30.46 -84.58 5.89
CA THR UA 179 -30.18 -83.15 5.85
C THR UA 179 -30.85 -82.57 4.61
N THR UA 180 -31.76 -81.63 4.81
CA THR UA 180 -32.44 -81.02 3.68
C THR UA 180 -31.53 -80.04 2.96
N LEU UA 181 -31.77 -79.89 1.66
CA LEU UA 181 -31.08 -78.92 0.83
C LEU UA 181 -31.96 -77.76 0.43
N GLU UA 182 -33.23 -78.01 0.14
CA GLU UA 182 -34.15 -76.93 -0.23
C GLU UA 182 -35.56 -77.36 0.13
N THR UA 183 -36.44 -76.36 0.24
CA THR UA 183 -37.85 -76.60 0.47
C THR UA 183 -38.61 -75.44 -0.17
N HIS UA 184 -39.25 -75.72 -1.31
CA HIS UA 184 -39.82 -74.65 -2.11
C HIS UA 184 -41.26 -74.94 -2.47
N THR UA 185 -42.08 -73.89 -2.53
CA THR UA 185 -43.47 -73.97 -2.93
C THR UA 185 -43.58 -73.49 -4.37
N VAL UA 186 -44.08 -74.36 -5.25
CA VAL UA 186 -44.20 -74.07 -6.66
C VAL UA 186 -45.58 -74.48 -7.15
N SER UA 187 -45.94 -73.96 -8.32
CA SER UA 187 -47.24 -74.22 -8.91
C SER UA 187 -47.09 -74.51 -10.39
N LEU UA 188 -48.04 -75.27 -10.92
CA LEU UA 188 -48.05 -75.58 -12.36
C LEU UA 188 -48.32 -74.35 -13.21
N ALA UA 189 -48.89 -73.29 -12.63
CA ALA UA 189 -49.24 -72.12 -13.41
C ALA UA 189 -48.00 -71.48 -14.01
N GLU UA 190 -48.10 -71.13 -15.29
CA GLU UA 190 -46.98 -70.47 -15.97
C GLU UA 190 -46.70 -69.12 -15.32
N GLU UA 191 -47.74 -68.36 -15.00
CA GLU UA 191 -47.59 -67.04 -14.39
C GLU UA 191 -47.78 -67.09 -12.88
N ALA UA 192 -47.37 -68.19 -12.24
CA ALA UA 192 -47.56 -68.36 -10.81
C ALA UA 192 -46.62 -67.44 -10.05
N LYS UA 193 -47.17 -66.38 -9.46
CA LYS UA 193 -46.38 -65.37 -8.75
C LYS UA 193 -46.73 -65.42 -7.27
N ASP UA 194 -45.69 -65.54 -6.43
CA ASP UA 194 -45.90 -65.56 -5.00
C ASP UA 194 -46.23 -64.15 -4.49
N ASP UA 195 -46.65 -64.09 -3.22
CA ASP UA 195 -46.91 -62.79 -2.61
C ASP UA 195 -45.65 -61.97 -2.49
N MET UA 196 -44.49 -62.61 -2.42
CA MET UA 196 -43.23 -61.88 -2.53
C MET UA 196 -42.95 -61.42 -3.96
N GLY UA 197 -43.78 -61.84 -4.91
CA GLY UA 197 -43.49 -61.70 -6.32
C GLY UA 197 -42.58 -62.78 -6.85
N ARG UA 198 -42.25 -63.78 -6.04
CA ARG UA 198 -41.43 -64.89 -6.50
C ARG UA 198 -42.23 -65.75 -7.47
N LEU UA 199 -41.62 -66.09 -8.60
CA LEU UA 199 -42.27 -66.96 -9.57
C LEU UA 199 -42.31 -68.39 -9.05
N CYS UA 200 -43.47 -69.02 -9.17
CA CYS UA 200 -43.64 -70.40 -8.74
C CYS UA 200 -43.72 -71.38 -9.90
N TYR UA 201 -43.37 -70.95 -11.11
CA TYR UA 201 -43.42 -71.84 -12.25
C TYR UA 201 -42.37 -72.93 -12.11
N LEU UA 202 -42.77 -74.16 -12.46
CA LEU UA 202 -41.93 -75.32 -12.18
C LEU UA 202 -40.57 -75.25 -12.88
N PRO UA 203 -40.49 -75.08 -14.20
CA PRO UA 203 -39.16 -75.14 -14.84
C PRO UA 203 -38.28 -73.98 -14.45
N THR UA 204 -38.84 -72.78 -14.37
CA THR UA 204 -38.04 -71.63 -13.97
C THR UA 204 -37.52 -71.79 -12.56
N ALA UA 205 -38.36 -72.30 -11.65
CA ALA UA 205 -37.91 -72.56 -10.30
C ALA UA 205 -36.78 -73.58 -10.29
N LEU UA 206 -36.94 -74.66 -11.06
CA LEU UA 206 -35.91 -75.69 -11.09
C LEU UA 206 -34.59 -75.14 -11.60
N GLU UA 207 -34.62 -74.35 -12.66
CA GLU UA 207 -33.38 -73.83 -13.21
C GLU UA 207 -32.77 -72.74 -12.34
N ALA UA 208 -33.58 -71.98 -11.62
CA ALA UA 208 -33.06 -70.84 -10.88
C ALA UA 208 -32.67 -71.20 -9.46
N ARG UA 209 -33.62 -71.66 -8.66
CA ARG UA 209 -33.33 -71.93 -7.26
C ARG UA 209 -32.79 -73.33 -7.04
N SER UA 210 -33.37 -74.33 -7.69
CA SER UA 210 -32.84 -75.68 -7.60
C SER UA 210 -31.46 -75.74 -8.25
N LYS UA 211 -30.58 -76.54 -7.65
CA LYS UA 211 -29.20 -76.62 -8.10
C LYS UA 211 -28.71 -78.03 -8.39
N TYR UA 212 -29.47 -79.06 -8.01
CA TYR UA 212 -29.06 -80.44 -8.23
C TYR UA 212 -29.95 -81.21 -9.18
N LEU UA 213 -31.17 -80.74 -9.41
CA LEU UA 213 -32.16 -81.45 -10.21
C LEU UA 213 -32.67 -80.54 -11.31
N ARG UA 214 -32.89 -81.12 -12.49
CA ARG UA 214 -33.45 -80.39 -13.62
C ARG UA 214 -34.64 -81.15 -14.17
N ALA UA 215 -35.69 -80.41 -14.51
CA ALA UA 215 -36.96 -80.99 -14.88
C ALA UA 215 -37.32 -80.68 -16.32
N VAL UA 216 -37.90 -81.66 -17.00
CA VAL UA 216 -38.46 -81.49 -18.33
C VAL UA 216 -39.96 -81.76 -18.25
N VAL UA 217 -40.74 -80.85 -18.81
CA VAL UA 217 -42.20 -80.86 -18.69
C VAL UA 217 -42.81 -80.70 -20.07
N ASN UA 218 -43.82 -81.51 -20.36
CA ASN UA 218 -44.57 -81.36 -21.61
C ASN UA 218 -45.40 -80.08 -21.55
N GLU UA 219 -45.16 -79.19 -22.51
CA GLU UA 219 -45.86 -77.90 -22.54
C GLU UA 219 -47.32 -78.05 -22.94
N GLU UA 220 -47.71 -79.19 -23.50
CA GLU UA 220 -49.08 -79.45 -23.87
C GLU UA 220 -49.85 -80.23 -22.80
N LEU UA 221 -49.15 -80.96 -21.93
CA LEU UA 221 -49.77 -81.69 -20.86
C LEU UA 221 -49.58 -81.02 -19.50
N ILE UA 222 -48.87 -79.89 -19.45
CA ILE UA 222 -48.69 -79.19 -18.18
C ILE UA 222 -50.04 -78.66 -17.68
N SER UA 223 -50.89 -78.19 -18.59
CA SER UA 223 -52.19 -77.68 -18.19
C SER UA 223 -53.04 -78.78 -17.56
N THR UA 224 -53.06 -79.96 -18.17
CA THR UA 224 -53.84 -81.07 -17.68
C THR UA 224 -53.15 -81.84 -16.57
N ALA UA 225 -51.91 -81.52 -16.26
CA ALA UA 225 -51.19 -82.23 -15.23
C ALA UA 225 -51.75 -81.93 -13.85
N LYS UA 226 -51.58 -82.89 -12.95
CA LYS UA 226 -52.00 -82.73 -11.56
C LYS UA 226 -50.81 -82.98 -10.63
N VAL UA 227 -51.08 -83.06 -9.33
CA VAL UA 227 -50.03 -83.30 -8.34
C VAL UA 227 -50.44 -84.45 -7.45
N THR UA 228 -49.44 -85.05 -6.81
CA THR UA 228 -49.65 -86.17 -5.89
C THR UA 228 -48.79 -85.97 -4.65
N ASN UA 229 -48.99 -86.83 -3.68
CA ASN UA 229 -48.24 -86.81 -2.42
C ASN UA 229 -47.26 -87.96 -2.42
N LYS UA 230 -45.97 -87.64 -2.61
CA LYS UA 230 -44.91 -88.62 -2.65
C LYS UA 230 -43.83 -88.20 -1.67
N LYS UA 231 -43.38 -89.15 -0.86
CA LYS UA 231 -42.47 -88.86 0.25
C LYS UA 231 -41.18 -89.65 0.08
N SER UA 232 -40.05 -88.96 0.17
CA SER UA 232 -38.72 -89.57 0.19
C SER UA 232 -38.51 -90.49 -1.02
N LEU UA 233 -38.54 -89.88 -2.19
CA LEU UA 233 -38.35 -90.59 -3.44
C LEU UA 233 -36.86 -90.60 -3.79
N ALA UA 234 -36.28 -91.79 -3.88
CA ALA UA 234 -34.85 -91.95 -4.07
C ALA UA 234 -34.55 -92.30 -5.53
N PHE UA 235 -33.50 -91.69 -6.06
CA PHE UA 235 -33.04 -92.00 -7.41
C PHE UA 235 -32.25 -93.29 -7.43
N THR UA 236 -32.46 -94.09 -8.47
CA THR UA 236 -31.77 -95.36 -8.65
C THR UA 236 -31.23 -95.45 -10.06
N GLY UA 237 -30.20 -96.28 -10.24
CA GLY UA 237 -29.58 -96.48 -11.52
C GLY UA 237 -28.40 -95.57 -11.80
N GLY UA 238 -28.17 -94.57 -10.95
CA GLY UA 238 -27.01 -93.73 -11.12
C GLY UA 238 -25.73 -94.51 -10.94
N THR UA 239 -24.70 -94.14 -11.70
CA THR UA 239 -23.42 -94.83 -11.67
C THR UA 239 -22.33 -93.84 -12.05
N ASN UA 240 -21.25 -93.83 -11.28
CA ASN UA 240 -20.11 -92.99 -11.61
C ASN UA 240 -19.23 -93.56 -12.71
N GLY UA 241 -19.38 -94.83 -13.04
CA GLY UA 241 -18.57 -95.44 -14.07
C GLY UA 241 -17.13 -95.67 -13.61
N ASP UA 242 -16.31 -96.03 -14.59
CA ASP UA 242 -14.89 -96.27 -14.36
C ASP UA 242 -14.09 -95.02 -14.68
N GLN UA 243 -13.19 -94.65 -13.79
CA GLN UA 243 -12.36 -93.47 -13.96
C GLN UA 243 -10.88 -93.79 -14.12
N SER UA 244 -10.48 -95.05 -13.91
CA SER UA 244 -9.07 -95.41 -14.08
C SER UA 244 -8.63 -95.21 -15.52
N LYS UA 245 -9.47 -95.59 -16.47
CA LYS UA 245 -9.19 -95.41 -17.89
C LYS UA 245 -10.09 -94.30 -18.41
N ILE UA 246 -9.48 -93.28 -19.00
CA ILE UA 246 -10.22 -92.14 -19.56
C ILE UA 246 -9.81 -91.99 -21.01
N SER UA 247 -10.81 -91.84 -21.88
CA SER UA 247 -10.57 -91.78 -23.30
C SER UA 247 -9.80 -90.52 -23.67
N THR UA 248 -8.92 -90.66 -24.68
CA THR UA 248 -8.27 -89.49 -25.24
C THR UA 248 -9.29 -88.54 -25.85
N ALA UA 249 -10.43 -89.07 -26.30
CA ALA UA 249 -11.51 -88.20 -26.77
C ALA UA 249 -12.03 -87.32 -25.66
N ALA UA 250 -12.26 -87.91 -24.47
CA ALA UA 250 -12.67 -87.10 -23.33
C ALA UA 250 -11.57 -86.12 -22.96
N TYR UA 251 -10.31 -86.57 -23.05
CA TYR UA 251 -9.18 -85.69 -22.76
C TYR UA 251 -9.21 -84.46 -23.66
N LEU UA 252 -9.36 -84.67 -24.96
CA LEU UA 252 -9.35 -83.56 -25.90
C LEU UA 252 -10.59 -82.70 -25.78
N ARG UA 253 -11.74 -83.30 -25.45
CA ARG UA 253 -12.94 -82.51 -25.21
C ARG UA 253 -12.71 -81.59 -24.01
N ALA UA 254 -12.12 -82.11 -22.94
CA ALA UA 254 -11.79 -81.27 -21.79
C ALA UA 254 -10.80 -80.18 -22.18
N VAL UA 255 -9.82 -80.54 -23.00
CA VAL UA 255 -8.82 -79.56 -23.45
C VAL UA 255 -9.49 -78.40 -24.18
N LYS UA 256 -10.36 -78.73 -25.13
CA LYS UA 256 -10.96 -77.69 -25.95
C LYS UA 256 -11.97 -76.86 -25.16
N VAL UA 257 -12.72 -77.49 -24.25
CA VAL UA 257 -13.64 -76.68 -23.45
C VAL UA 257 -12.87 -75.78 -22.50
N LEU UA 258 -11.75 -76.25 -21.96
CA LEU UA 258 -10.92 -75.38 -21.13
C LEU UA 258 -10.38 -74.23 -21.95
N ASN UA 259 -9.99 -74.50 -23.20
CA ASN UA 259 -9.55 -73.45 -24.09
C ASN UA 259 -10.65 -72.42 -24.30
N ASN UA 260 -11.86 -72.89 -24.58
CA ASN UA 260 -12.98 -72.01 -24.85
C ASN UA 260 -13.50 -71.33 -23.60
N ALA UA 261 -13.07 -71.76 -22.42
CA ALA UA 261 -13.59 -71.19 -21.18
C ALA UA 261 -13.09 -69.77 -21.01
N PRO UA 262 -13.98 -68.77 -20.92
CA PRO UA 262 -13.55 -67.37 -20.75
C PRO UA 262 -13.45 -66.98 -19.27
N TYR UA 263 -12.53 -67.64 -18.58
CA TYR UA 263 -12.26 -67.34 -17.17
C TYR UA 263 -10.77 -67.15 -16.98
N MET UA 264 -10.42 -66.18 -16.16
CA MET UA 264 -9.01 -65.86 -15.94
C MET UA 264 -8.34 -66.94 -15.11
N TYR UA 265 -7.18 -67.39 -15.58
CA TYR UA 265 -6.32 -68.26 -14.78
C TYR UA 265 -4.89 -68.02 -15.19
N THR UA 266 -4.05 -67.72 -14.21
CA THR UA 266 -2.66 -67.38 -14.48
C THR UA 266 -1.77 -68.59 -14.72
N ALA UA 267 -2.22 -69.79 -14.35
CA ALA UA 267 -1.37 -70.97 -14.50
C ALA UA 267 -2.23 -72.21 -14.76
N VAL UA 268 -1.55 -73.26 -15.22
CA VAL UA 268 -2.19 -74.54 -15.47
C VAL UA 268 -1.42 -75.63 -14.74
N LEU UA 269 -2.18 -76.60 -14.21
CA LEU UA 269 -1.66 -77.64 -13.34
C LEU UA 269 -1.96 -79.00 -13.95
N GLY UA 270 -0.99 -79.93 -13.81
CA GLY UA 270 -1.15 -81.23 -14.43
C GLY UA 270 -2.24 -82.07 -13.81
N LEU UA 271 -2.36 -82.01 -12.49
CA LEU UA 271 -3.31 -82.84 -11.73
C LEU UA 271 -3.04 -84.33 -11.91
N GLY UA 272 -1.79 -84.69 -12.16
CA GLY UA 272 -1.37 -86.08 -12.20
C GLY UA 272 -1.68 -86.83 -13.48
N CYS UA 273 -2.22 -86.17 -14.50
CA CYS UA 273 -2.52 -86.85 -15.75
C CYS UA 273 -1.24 -87.30 -16.43
N TYR UA 274 -1.27 -88.51 -17.00
CA TYR UA 274 -0.12 -89.05 -17.70
C TYR UA 274 -0.38 -89.30 -19.18
N ASP UA 275 -1.55 -88.93 -19.68
CA ASP UA 275 -1.79 -89.04 -21.11
C ASP UA 275 -0.86 -88.10 -21.86
N ASN UA 276 -0.06 -88.66 -22.76
CA ASN UA 276 0.90 -87.85 -23.49
C ASN UA 276 0.20 -86.81 -24.35
N ALA UA 277 -0.88 -87.21 -25.04
CA ALA UA 277 -1.62 -86.27 -25.87
C ALA UA 277 -2.21 -85.15 -25.02
N ALA UA 278 -2.76 -85.50 -23.85
CA ALA UA 278 -3.29 -84.48 -22.97
C ALA UA 278 -2.20 -83.53 -22.51
N ILE UA 279 -1.03 -84.07 -22.17
CA ILE UA 279 0.07 -83.22 -21.72
C ILE UA 279 0.49 -82.27 -22.82
N THR UA 280 0.60 -82.77 -24.05
CA THR UA 280 0.97 -81.92 -25.17
C THR UA 280 -0.08 -80.85 -25.44
N ALA UA 281 -1.36 -81.23 -25.38
CA ALA UA 281 -2.42 -80.25 -25.58
C ALA UA 281 -2.36 -79.16 -24.52
N LEU UA 282 -2.14 -79.55 -23.27
CA LEU UA 282 -2.02 -78.55 -22.21
C LEU UA 282 -0.80 -77.68 -22.44
N GLY UA 283 0.28 -78.25 -22.93
CA GLY UA 283 1.45 -77.46 -23.21
C GLY UA 283 1.21 -76.42 -24.29
N LYS UA 284 0.51 -76.82 -25.36
CA LYS UA 284 0.22 -75.85 -26.40
C LYS UA 284 -0.79 -74.81 -25.93
N ILE UA 285 -1.71 -75.19 -25.04
CA ILE UA 285 -2.60 -74.20 -24.43
C ILE UA 285 -1.79 -73.18 -23.65
N CYS UA 286 -0.87 -73.67 -22.83
CA CYS UA 286 -0.01 -72.77 -22.06
C CYS UA 286 0.76 -71.85 -22.98
N ALA UA 287 1.30 -72.40 -24.06
CA ALA UA 287 2.10 -71.61 -24.99
C ALA UA 287 1.26 -70.51 -25.64
N ASP UA 288 0.13 -70.87 -26.23
CA ASP UA 288 -0.63 -69.88 -26.98
C ASP UA 288 -1.47 -68.97 -26.09
N ARG UA 289 -1.57 -69.26 -24.79
CA ARG UA 289 -2.21 -68.36 -23.87
C ARG UA 289 -1.21 -67.57 -23.03
N LEU UA 290 0.08 -67.86 -23.15
CA LEU UA 290 1.15 -67.10 -22.50
C LEU UA 290 0.96 -67.10 -20.98
N ILE UA 291 1.13 -68.30 -20.43
CA ILE UA 291 0.97 -68.57 -19.01
C ILE UA 291 2.04 -69.56 -18.57
N ASP UA 292 1.97 -69.99 -17.32
CA ASP UA 292 2.89 -70.97 -16.77
C ASP UA 292 2.19 -72.31 -16.61
N GLY UA 293 2.94 -73.39 -16.81
CA GLY UA 293 2.43 -74.73 -16.66
C GLY UA 293 3.27 -75.53 -15.68
N PHE UA 294 2.62 -76.44 -14.96
CA PHE UA 294 3.29 -77.18 -13.90
C PHE UA 294 3.28 -78.68 -14.15
N PHE UA 295 3.67 -79.11 -15.35
CA PHE UA 295 3.59 -80.52 -15.71
C PHE UA 295 4.49 -81.37 -14.82
N ASP UA 296 4.25 -82.68 -14.86
CA ASP UA 296 4.98 -83.64 -14.06
C ASP UA 296 5.18 -84.91 -14.86
N VAL UA 297 6.23 -85.64 -14.52
CA VAL UA 297 6.48 -86.92 -15.15
C VAL UA 297 6.03 -88.03 -14.20
N LYS UA 298 5.95 -89.25 -14.72
CA LYS UA 298 5.51 -90.38 -13.92
C LYS UA 298 6.55 -90.70 -12.86
N PRO UA 299 6.19 -90.65 -11.57
CA PRO UA 299 7.19 -90.90 -10.52
C PRO UA 299 7.71 -92.32 -10.51
N THR UA 300 6.99 -93.26 -11.11
CA THR UA 300 7.29 -94.67 -10.95
C THR UA 300 8.56 -95.09 -11.69
N LEU UA 301 9.14 -94.22 -12.50
CA LEU UA 301 10.30 -94.57 -13.30
C LEU UA 301 11.57 -94.01 -12.65
N THR UA 302 12.65 -94.78 -12.72
CA THR UA 302 13.91 -94.35 -12.13
C THR UA 302 14.51 -93.20 -12.94
N TYR UA 303 15.62 -92.65 -12.44
CA TYR UA 303 16.21 -91.48 -13.07
C TYR UA 303 16.69 -91.78 -14.48
N ALA UA 304 17.30 -92.96 -14.69
CA ALA UA 304 17.98 -93.24 -15.95
C ALA UA 304 17.02 -93.15 -17.13
N GLU UA 305 15.78 -93.58 -16.94
CA GLU UA 305 14.77 -93.50 -17.98
C GLU UA 305 13.86 -92.29 -17.83
N ALA UA 306 13.83 -91.68 -16.64
CA ALA UA 306 13.05 -90.46 -16.47
C ALA UA 306 13.71 -89.29 -17.17
N LEU UA 307 15.04 -89.30 -17.23
CA LEU UA 307 15.75 -88.25 -17.96
C LEU UA 307 15.32 -88.19 -19.42
N PRO UA 308 15.26 -89.29 -20.17
CA PRO UA 308 14.70 -89.22 -21.53
C PRO UA 308 13.20 -89.06 -21.57
N ALA UA 309 12.50 -89.25 -20.44
CA ALA UA 309 11.05 -89.24 -20.45
C ALA UA 309 10.50 -87.89 -20.89
N VAL UA 310 11.28 -86.82 -20.73
CA VAL UA 310 10.80 -85.50 -21.11
C VAL UA 310 10.61 -85.40 -22.63
N GLU UA 311 11.62 -85.81 -23.40
CA GLU UA 311 11.42 -85.80 -24.84
C GLU UA 311 10.61 -86.99 -25.31
N ASP UA 312 10.52 -88.04 -24.48
CA ASP UA 312 9.57 -89.10 -24.76
C ASP UA 312 8.15 -88.55 -24.77
N THR UA 313 7.84 -87.69 -23.81
CA THR UA 313 6.57 -86.99 -23.80
C THR UA 313 6.50 -85.97 -24.94
N GLY UA 314 7.62 -85.33 -25.24
CA GLY UA 314 7.68 -84.42 -26.37
C GLY UA 314 7.40 -82.97 -26.07
N LEU UA 315 7.60 -82.53 -24.82
CA LEU UA 315 7.34 -81.15 -24.45
C LEU UA 315 8.61 -80.30 -24.44
N LEU UA 316 9.71 -80.82 -24.97
CA LEU UA 316 10.91 -80.02 -25.12
C LEU UA 316 10.82 -79.17 -26.37
N GLY UA 317 11.15 -77.90 -26.25
CA GLY UA 317 11.16 -77.00 -27.39
C GLY UA 317 10.92 -75.57 -26.95
N THR UA 318 11.17 -74.66 -27.88
CA THR UA 318 11.00 -73.24 -27.61
C THR UA 318 9.54 -72.85 -27.43
N ASP UA 319 8.62 -73.63 -28.01
CA ASP UA 319 7.20 -73.36 -27.79
C ASP UA 319 6.82 -73.56 -26.33
N TYR UA 320 7.29 -74.65 -25.73
CA TYR UA 320 7.01 -74.97 -24.33
C TYR UA 320 8.10 -74.39 -23.43
N VAL UA 321 8.33 -73.10 -23.60
CA VAL UA 321 9.38 -72.43 -22.85
C VAL UA 321 8.87 -71.86 -21.52
N SER UA 322 7.59 -71.52 -21.43
CA SER UA 322 7.03 -70.90 -20.25
C SER UA 322 6.54 -71.91 -19.22
N CYS UA 323 6.70 -73.20 -19.48
CA CYS UA 323 6.22 -74.24 -18.59
C CYS UA 323 7.40 -74.94 -17.92
N SER UA 324 7.10 -75.61 -16.81
CA SER UA 324 8.08 -76.38 -16.05
C SER UA 324 7.51 -77.77 -15.79
N VAL UA 325 8.39 -78.76 -15.77
CA VAL UA 325 8.03 -80.15 -15.56
C VAL UA 325 8.82 -80.70 -14.39
N TYR UA 326 8.14 -81.47 -13.55
CA TYR UA 326 8.65 -81.88 -12.26
C TYR UA 326 8.78 -83.41 -12.22
N HIS UA 327 9.36 -83.89 -11.13
CA HIS UA 327 9.46 -85.32 -10.85
C HIS UA 327 9.49 -85.52 -9.34
N TYR UA 328 8.76 -86.53 -8.87
CA TYR UA 328 8.63 -86.84 -7.45
C TYR UA 328 8.94 -88.31 -7.23
N PRO UA 329 10.19 -88.68 -7.17
CA PRO UA 329 10.57 -90.08 -6.96
C PRO UA 329 10.52 -90.50 -5.49
N PHE UA 330 9.38 -90.27 -4.84
CA PHE UA 330 9.24 -90.57 -3.43
C PHE UA 330 7.82 -91.06 -3.16
N SER UA 331 7.58 -91.42 -1.91
CA SER UA 331 6.26 -91.86 -1.45
C SER UA 331 6.05 -91.36 -0.03
N CYS UA 332 4.97 -90.63 0.20
CA CYS UA 332 4.66 -90.08 1.50
C CYS UA 332 3.51 -90.86 2.13
N LYS UA 333 3.07 -90.37 3.28
CA LYS UA 333 2.01 -91.01 4.05
C LYS UA 333 0.68 -90.32 3.77
N ASP UA 334 -0.37 -91.14 3.62
CA ASP UA 334 -1.70 -90.61 3.43
C ASP UA 334 -2.15 -89.83 4.66
N LYS UA 335 -2.84 -88.70 4.42
CA LYS UA 335 -3.36 -87.91 5.53
C LYS UA 335 -4.51 -88.62 6.23
N TRP UA 336 -5.19 -89.54 5.56
CA TRP UA 336 -6.31 -90.26 6.14
C TRP UA 336 -6.04 -91.75 6.29
N THR UA 337 -5.61 -92.43 5.22
CA THR UA 337 -5.41 -93.86 5.22
C THR UA 337 -3.98 -94.24 5.55
N GLN UA 338 -3.13 -93.27 5.93
CA GLN UA 338 -1.75 -93.45 6.33
C GLN UA 338 -1.01 -94.50 5.50
N SER UA 339 -1.20 -94.45 4.19
CA SER UA 339 -0.62 -95.42 3.27
C SER UA 339 0.41 -94.74 2.38
N ARG UA 340 1.20 -95.55 1.67
CA ARG UA 340 2.18 -95.03 0.73
C ARG UA 340 1.45 -94.40 -0.44
N VAL UA 341 1.49 -93.08 -0.51
CA VAL UA 341 0.81 -92.31 -1.54
C VAL UA 341 1.83 -91.47 -2.27
N VAL UA 342 1.69 -91.39 -3.59
CA VAL UA 342 2.62 -90.66 -4.45
C VAL UA 342 1.82 -89.66 -5.25
N PHE UA 343 2.18 -88.39 -5.16
CA PHE UA 343 1.55 -87.36 -5.97
C PHE UA 343 2.54 -86.22 -6.17
N GLY UA 344 2.30 -85.44 -7.22
CA GLY UA 344 3.25 -84.46 -7.68
C GLY UA 344 3.34 -83.24 -6.79
N LEU UA 345 4.28 -82.37 -7.15
CA LEU UA 345 4.55 -81.14 -6.44
C LEU UA 345 3.98 -79.93 -7.17
N SER UA 346 3.12 -80.15 -8.16
CA SER UA 346 2.68 -79.07 -9.03
C SER UA 346 1.85 -78.04 -8.27
N GLY UA 347 0.87 -78.51 -7.49
CA GLY UA 347 -0.01 -77.58 -6.80
C GLY UA 347 0.75 -76.73 -5.78
N VAL UA 348 1.61 -77.37 -5.00
CA VAL UA 348 2.39 -76.63 -4.02
C VAL UA 348 3.37 -75.70 -4.70
N ALA UA 349 3.93 -76.10 -5.85
CA ALA UA 349 4.83 -75.20 -6.57
C ALA UA 349 4.09 -73.97 -7.05
N TYR UA 350 2.89 -74.15 -7.62
CA TYR UA 350 2.07 -73.02 -8.03
C TYR UA 350 1.73 -72.14 -6.83
N ALA UA 351 1.39 -72.76 -5.70
CA ALA UA 351 1.06 -72.00 -4.51
C ALA UA 351 2.25 -71.18 -4.03
N ALA UA 352 3.43 -71.78 -4.04
CA ALA UA 352 4.63 -71.08 -3.62
C ALA UA 352 4.90 -69.90 -4.53
N LYS UA 353 4.79 -70.11 -5.84
CA LYS UA 353 4.98 -69.00 -6.78
C LYS UA 353 3.97 -67.90 -6.56
N ALA UA 354 2.70 -68.26 -6.36
CA ALA UA 354 1.66 -67.26 -6.19
C ALA UA 354 1.90 -66.45 -4.91
N ARG UA 355 2.17 -67.13 -3.81
CA ARG UA 355 2.36 -66.41 -2.55
C ARG UA 355 3.61 -65.55 -2.62
N GLY UA 356 4.68 -66.06 -3.25
CA GLY UA 356 5.89 -65.26 -3.37
C GLY UA 356 5.66 -64.01 -4.20
N VAL UA 357 5.00 -64.16 -5.36
CA VAL UA 357 4.78 -63.00 -6.22
C VAL UA 357 3.85 -62.00 -5.54
N LYS UA 358 2.86 -62.47 -4.80
CA LYS UA 358 1.91 -61.55 -4.19
C LYS UA 358 2.29 -61.14 -2.78
N LYS UA 359 3.47 -61.54 -2.29
CA LYS UA 359 4.04 -60.86 -1.14
C LYS UA 359 4.15 -59.36 -1.41
N ASN UA 360 4.64 -59.00 -2.59
CA ASN UA 360 4.59 -57.61 -3.02
C ASN UA 360 3.15 -57.22 -3.30
N SER UA 361 2.79 -55.98 -2.95
CA SER UA 361 1.40 -55.56 -2.97
C SER UA 361 1.03 -54.69 -4.17
N ASP UA 362 1.97 -53.92 -4.72
CA ASP UA 362 1.61 -53.00 -5.79
C ASP UA 362 1.32 -53.76 -7.09
N VAL UA 363 2.32 -54.46 -7.62
CA VAL UA 363 2.14 -55.25 -8.82
C VAL UA 363 2.56 -56.70 -8.67
N GLY UA 364 3.42 -57.03 -7.72
CA GLY UA 364 3.90 -58.39 -7.58
C GLY UA 364 5.25 -58.57 -8.24
N GLY UA 365 6.00 -59.56 -7.76
CA GLY UA 365 7.31 -59.87 -8.32
C GLY UA 365 7.44 -61.29 -8.82
N TRP UA 366 7.57 -61.47 -10.13
CA TRP UA 366 7.71 -62.79 -10.72
C TRP UA 366 9.16 -63.22 -10.82
N HIS UA 367 10.09 -62.41 -10.35
CA HIS UA 367 11.51 -62.72 -10.42
C HIS UA 367 11.95 -63.68 -9.33
N TYR UA 368 11.02 -64.42 -8.74
CA TYR UA 368 11.34 -65.31 -7.63
C TYR UA 368 11.63 -66.72 -8.12
N SER UA 369 12.65 -67.31 -7.53
CA SER UA 369 13.19 -68.63 -7.88
C SER UA 369 12.47 -69.73 -7.12
N PRO UA 370 12.02 -70.78 -7.80
CA PRO UA 370 11.39 -71.93 -7.14
C PRO UA 370 12.41 -72.89 -6.52
N ALA UA 371 13.38 -72.33 -5.79
CA ALA UA 371 14.38 -73.12 -5.10
C ALA UA 371 14.67 -72.44 -3.78
N GLY UA 372 15.13 -73.23 -2.83
CA GLY UA 372 15.31 -72.75 -1.48
C GLY UA 372 14.08 -72.97 -0.62
N GLU UA 373 14.29 -72.96 0.69
CA GLU UA 373 13.26 -73.24 1.66
C GLU UA 373 12.34 -72.04 1.94
N GLU UA 374 12.45 -70.94 1.17
CA GLU UA 374 11.44 -69.90 1.26
C GLU UA 374 10.13 -70.33 0.68
N ARG UA 375 10.16 -71.18 -0.35
CA ARG UA 375 8.96 -71.66 -1.02
C ARG UA 375 8.97 -73.18 -1.10
N ALA UA 376 10.15 -73.77 -1.32
CA ALA UA 376 10.26 -75.21 -1.52
C ALA UA 376 10.41 -75.91 -0.16
N VAL UA 377 9.33 -75.86 0.61
CA VAL UA 377 9.20 -76.60 1.87
C VAL UA 377 7.90 -77.37 1.82
N ILE UA 378 7.98 -78.70 1.86
CA ILE UA 378 6.78 -79.49 1.64
C ILE UA 378 6.50 -80.38 2.84
N ALA UA 379 7.37 -81.35 3.09
CA ALA UA 379 7.35 -82.20 4.29
C ALA UA 379 5.94 -82.69 4.62
N ARG UA 380 5.39 -83.51 3.72
CA ARG UA 380 4.00 -83.94 3.90
C ARG UA 380 3.87 -84.90 5.07
N ALA UA 381 4.43 -86.11 4.93
CA ALA UA 381 4.48 -87.09 6.01
C ALA UA 381 5.27 -88.32 5.58
N SER UA 382 6.08 -88.87 6.48
CA SER UA 382 6.70 -90.18 6.34
C SER UA 382 7.23 -90.42 4.92
N ILE UA 383 8.14 -89.53 4.50
CA ILE UA 383 8.68 -89.61 3.16
C ILE UA 383 9.51 -90.88 3.02
N GLN UA 384 9.34 -91.57 1.89
CA GLN UA 384 10.08 -92.79 1.63
C GLN UA 384 10.65 -92.70 0.22
N PRO UA 385 11.97 -92.74 0.05
CA PRO UA 385 12.54 -92.73 -1.31
C PRO UA 385 12.20 -94.02 -2.04
N LEU UA 386 11.75 -93.88 -3.28
CA LEU UA 386 11.46 -95.05 -4.08
C LEU UA 386 12.72 -95.85 -4.38
N TYR UA 387 13.81 -95.16 -4.69
CA TYR UA 387 15.08 -95.79 -5.03
C TYR UA 387 16.17 -95.12 -4.19
N PRO UA 388 16.31 -95.55 -2.94
CA PRO UA 388 17.31 -94.88 -2.05
C PRO UA 388 18.72 -94.94 -2.62
N GLU UA 389 19.08 -96.03 -3.29
CA GLU UA 389 20.41 -96.15 -3.85
C GLU UA 389 20.58 -95.23 -5.06
N ASP UA 390 19.55 -95.12 -5.88
CA ASP UA 390 19.63 -94.25 -7.05
C ASP UA 390 19.69 -92.79 -6.64
N THR UA 391 20.53 -92.03 -7.32
CA THR UA 391 20.66 -90.60 -7.09
C THR UA 391 20.54 -89.88 -8.42
N PRO UA 392 19.97 -88.68 -8.42
CA PRO UA 392 19.85 -87.92 -9.66
C PRO UA 392 21.20 -87.43 -10.16
N ASP UA 393 21.28 -87.25 -11.47
CA ASP UA 393 22.44 -86.67 -12.13
C ASP UA 393 22.11 -85.22 -12.48
N GLU UA 394 22.86 -84.28 -11.90
CA GLU UA 394 22.48 -82.88 -11.99
C GLU UA 394 22.64 -82.34 -13.41
N GLU UA 395 23.76 -82.67 -14.06
CA GLU UA 395 24.01 -82.12 -15.40
C GLU UA 395 23.05 -82.70 -16.42
N ALA UA 396 22.83 -84.01 -16.39
CA ALA UA 396 21.85 -84.61 -17.30
C ALA UA 396 20.46 -84.10 -17.00
N MET UA 397 20.15 -83.88 -15.71
CA MET UA 397 18.85 -83.34 -15.33
C MET UA 397 18.64 -81.96 -15.91
N VAL UA 398 19.61 -81.07 -15.71
CA VAL UA 398 19.44 -79.70 -16.21
C VAL UA 398 19.43 -79.68 -17.73
N LYS UA 399 20.18 -80.57 -18.38
CA LYS UA 399 20.09 -80.70 -19.83
C LYS UA 399 18.69 -81.14 -20.24
N GLY UA 400 18.10 -82.07 -19.50
CA GLY UA 400 16.76 -82.54 -19.78
C GLY UA 400 15.66 -81.59 -19.37
N ARG UA 401 16.02 -80.51 -18.66
CA ARG UA 401 15.10 -79.43 -18.33
C ARG UA 401 14.01 -79.85 -17.36
N LEU UA 402 14.20 -80.96 -16.65
CA LEU UA 402 13.24 -81.42 -15.65
C LEU UA 402 13.49 -80.63 -14.36
N ASN UA 403 12.85 -81.04 -13.27
CA ASN UA 403 13.08 -80.45 -11.97
C ASN UA 403 13.29 -81.57 -10.95
N LYS UA 404 14.40 -81.49 -10.21
CA LYS UA 404 14.75 -82.49 -9.24
C LYS UA 404 14.59 -81.97 -7.81
N VAL UA 405 14.53 -82.91 -6.87
CA VAL UA 405 14.16 -82.62 -5.49
C VAL UA 405 15.17 -83.26 -4.57
N SER UA 406 15.12 -82.83 -3.30
CA SER UA 406 15.96 -83.40 -2.25
C SER UA 406 15.34 -83.04 -0.91
N VAL UA 407 16.11 -83.22 0.15
CA VAL UA 407 15.71 -82.90 1.51
C VAL UA 407 16.63 -81.82 2.06
N GLY UA 408 16.04 -80.83 2.72
CA GLY UA 408 16.82 -79.80 3.38
C GLY UA 408 17.29 -80.23 4.75
N THR UA 409 17.99 -79.31 5.42
CA THR UA 409 18.51 -79.59 6.75
C THR UA 409 17.38 -79.83 7.74
N SER UA 410 16.31 -79.03 7.66
CA SER UA 410 15.19 -79.18 8.59
C SER UA 410 14.29 -80.34 8.25
N GLY UA 411 14.66 -81.18 7.29
CA GLY UA 411 13.86 -82.33 6.91
C GLY UA 411 12.77 -82.04 5.91
N GLN UA 412 12.59 -80.79 5.52
CA GLN UA 412 11.58 -80.45 4.53
C GLN UA 412 11.98 -80.98 3.16
N MET UA 413 10.97 -81.13 2.30
CA MET UA 413 11.19 -81.55 0.93
C MET UA 413 11.37 -80.31 0.06
N ILE UA 414 12.46 -80.25 -0.69
CA ILE UA 414 12.85 -79.02 -1.38
C ILE UA 414 13.11 -79.31 -2.85
N ILE UA 415 12.61 -78.44 -3.72
CA ILE UA 415 12.81 -78.54 -5.16
C ILE UA 415 14.04 -77.72 -5.52
N ASP UA 416 15.10 -78.38 -5.95
CA ASP UA 416 16.39 -77.72 -6.08
C ASP UA 416 16.67 -77.34 -7.53
N ASP UA 417 15.67 -76.71 -8.16
CA ASP UA 417 15.75 -76.36 -9.58
C ASP UA 417 14.92 -75.12 -9.84
N ALA UA 418 15.37 -74.30 -10.78
CA ALA UA 418 14.69 -73.08 -11.19
C ALA UA 418 14.79 -72.89 -12.70
N LEU UA 419 14.51 -73.95 -13.46
CA LEU UA 419 14.64 -73.90 -14.91
C LEU UA 419 13.36 -74.39 -15.56
N THR UA 420 13.09 -73.89 -16.75
CA THR UA 420 11.93 -74.31 -17.53
C THR UA 420 12.33 -75.43 -18.50
N CYS UA 421 11.43 -75.74 -19.43
CA CYS UA 421 11.62 -76.81 -20.39
C CYS UA 421 12.17 -76.30 -21.72
N CYS UA 422 13.03 -75.29 -21.67
CA CYS UA 422 13.62 -74.70 -22.86
C CYS UA 422 14.88 -75.48 -23.23
N THR UA 423 14.87 -76.10 -24.41
CA THR UA 423 16.00 -76.93 -24.84
C THR UA 423 17.27 -76.10 -24.92
N GLN UA 424 17.18 -74.92 -25.51
CA GLN UA 424 18.35 -74.07 -25.67
C GLN UA 424 18.75 -73.47 -24.34
N ASP UA 425 20.06 -73.25 -24.19
CA ASP UA 425 20.64 -72.74 -22.95
C ASP UA 425 20.49 -71.24 -22.81
N ASN UA 426 19.73 -70.60 -23.70
CA ASN UA 426 19.55 -69.16 -23.66
C ASN UA 426 18.89 -68.74 -22.36
N TYR UA 427 18.86 -67.44 -22.14
CA TYR UA 427 18.31 -66.90 -20.90
C TYR UA 427 16.84 -67.24 -20.71
N LEU UA 428 16.17 -67.80 -21.72
CA LEU UA 428 14.81 -68.28 -21.50
C LEU UA 428 14.79 -69.58 -20.69
N HIS UA 429 15.92 -70.28 -20.62
CA HIS UA 429 15.96 -71.57 -19.93
C HIS UA 429 15.83 -71.44 -18.42
N PHE UA 430 15.95 -70.24 -17.87
CA PHE UA 430 15.62 -70.02 -16.47
C PHE UA 430 14.11 -70.09 -16.26
N GLN UA 431 13.69 -69.93 -15.02
CA GLN UA 431 12.27 -70.02 -14.67
C GLN UA 431 11.62 -68.66 -14.44
N HIS UA 432 12.20 -67.84 -13.56
CA HIS UA 432 11.58 -66.57 -13.22
C HIS UA 432 11.58 -65.60 -14.40
N VAL UA 433 12.67 -65.57 -15.16
CA VAL UA 433 12.80 -64.59 -16.24
C VAL UA 433 11.72 -64.76 -17.30
N PRO UA 434 11.47 -65.96 -17.84
CA PRO UA 434 10.34 -66.09 -18.77
C PRO UA 434 9.02 -65.69 -18.16
N SER UA 435 8.81 -65.99 -16.87
CA SER UA 435 7.63 -65.48 -16.20
C SER UA 435 7.63 -63.97 -16.15
N LEU UA 436 8.81 -63.36 -16.04
CA LEU UA 436 8.89 -61.90 -16.06
C LEU UA 436 8.41 -61.36 -17.40
N MET UA 437 8.87 -61.95 -18.50
CA MET UA 437 8.38 -61.50 -19.80
C MET UA 437 6.89 -61.76 -19.94
N ASN UA 438 6.42 -62.91 -19.45
CA ASN UA 438 4.99 -63.21 -19.55
C ASN UA 438 4.17 -62.16 -18.82
N ALA UA 439 4.59 -61.79 -17.61
CA ALA UA 439 3.84 -60.80 -16.83
C ALA UA 439 3.87 -59.44 -17.50
N ILE UA 440 5.05 -59.00 -17.96
CA ILE UA 440 5.13 -57.68 -18.57
C ILE UA 440 4.31 -57.65 -19.85
N SER UA 441 4.34 -58.73 -20.63
CA SER UA 441 3.55 -58.80 -21.85
C SER UA 441 2.06 -58.78 -21.53
N ARG UA 442 1.64 -59.50 -20.49
CA ARG UA 442 0.24 -59.50 -20.13
C ARG UA 442 -0.21 -58.11 -19.72
N PHE UA 443 0.58 -57.43 -18.90
CA PHE UA 443 0.23 -56.08 -18.50
C PHE UA 443 0.17 -55.15 -19.70
N PHE UA 444 1.11 -55.29 -20.62
CA PHE UA 444 1.11 -54.46 -21.82
C PHE UA 444 -0.14 -54.72 -22.65
N VAL UA 445 -0.55 -55.99 -22.76
CA VAL UA 445 -1.76 -56.33 -23.48
C VAL UA 445 -2.97 -55.69 -22.81
N GLN UA 446 -3.03 -55.76 -21.48
CA GLN UA 446 -4.15 -55.19 -20.76
C GLN UA 446 -4.26 -53.69 -21.02
N LEU UA 447 -3.12 -52.99 -20.92
CA LEU UA 447 -3.15 -51.55 -21.12
C LEU UA 447 -3.47 -51.19 -22.57
N ALA UA 448 -2.94 -51.96 -23.52
CA ALA UA 448 -3.22 -51.68 -24.92
C ALA UA 448 -4.70 -51.87 -25.22
N ARG UA 449 -5.31 -52.91 -24.68
CA ARG UA 449 -6.74 -53.12 -24.86
C ARG UA 449 -7.54 -52.02 -24.17
N GLN UA 450 -7.07 -51.56 -23.00
CA GLN UA 450 -7.75 -50.46 -22.33
C GLN UA 450 -7.74 -49.20 -23.18
N MET UA 451 -6.61 -48.91 -23.81
CA MET UA 451 -6.51 -47.73 -24.65
C MET UA 451 -7.05 -47.96 -26.06
N LYS UA 452 -7.43 -49.19 -26.38
CA LYS UA 452 -7.82 -49.56 -27.73
C LYS UA 452 -9.11 -48.83 -28.13
N HIS UA 453 -9.30 -48.71 -29.45
CA HIS UA 453 -10.51 -48.13 -30.03
C HIS UA 453 -10.64 -46.66 -29.63
N SER UA 454 -9.58 -45.90 -29.89
CA SER UA 454 -9.54 -44.50 -29.50
C SER UA 454 -9.09 -43.64 -30.67
N PRO UA 455 -9.63 -42.43 -30.81
CA PRO UA 455 -9.23 -41.58 -31.93
C PRO UA 455 -7.77 -41.20 -31.84
N ASP UA 456 -7.16 -41.01 -33.00
CA ASP UA 456 -5.73 -40.80 -33.08
C ASP UA 456 -5.36 -39.41 -32.56
N GLY UA 457 -4.05 -39.16 -32.50
CA GLY UA 457 -3.53 -37.89 -32.05
C GLY UA 457 -3.22 -37.81 -30.57
N ILE UA 458 -3.73 -38.75 -29.78
CA ILE UA 458 -3.50 -38.77 -28.35
C ILE UA 458 -3.06 -40.16 -27.95
N THR UA 459 -3.21 -41.10 -28.88
CA THR UA 459 -2.88 -42.49 -28.61
C THR UA 459 -1.42 -42.65 -28.26
N ALA UA 460 -0.54 -41.99 -29.02
CA ALA UA 460 0.89 -42.09 -28.76
C ALA UA 460 1.22 -41.55 -27.38
N ALA UA 461 0.68 -40.39 -27.03
CA ALA UA 461 0.95 -39.81 -25.72
C ALA UA 461 0.46 -40.73 -24.62
N GLY UA 462 -0.75 -41.28 -24.76
CA GLY UA 462 -1.27 -42.15 -23.74
C GLY UA 462 -0.45 -43.40 -23.56
N LEU UA 463 -0.04 -44.02 -24.67
CA LEU UA 463 0.76 -45.24 -24.55
C LEU UA 463 2.12 -44.94 -23.94
N THR UA 464 2.73 -43.80 -24.30
CA THR UA 464 4.00 -43.43 -23.69
C THR UA 464 3.84 -43.24 -22.19
N LYS UA 465 2.79 -42.54 -21.76
CA LYS UA 465 2.61 -42.32 -20.33
C LYS UA 465 2.37 -43.63 -19.60
N GLY UA 466 1.55 -44.50 -20.18
CA GLY UA 466 1.30 -45.79 -19.56
C GLY UA 466 2.57 -46.61 -19.43
N MET UA 467 3.38 -46.64 -20.48
CA MET UA 467 4.62 -47.40 -20.40
C MET UA 467 5.59 -46.78 -19.41
N THR UA 468 5.64 -45.46 -19.34
CA THR UA 468 6.55 -44.82 -18.40
C THR UA 468 6.16 -45.14 -16.96
N LYS UA 469 4.86 -45.06 -16.64
CA LYS UA 469 4.44 -45.41 -15.29
C LYS UA 469 4.62 -46.89 -15.01
N LEU UA 470 4.47 -47.73 -16.04
CA LEU UA 470 4.75 -49.15 -15.87
C LEU UA 470 6.22 -49.38 -15.56
N LEU UA 471 7.10 -48.63 -16.24
CA LEU UA 471 8.52 -48.68 -15.95
C LEU UA 471 8.80 -48.22 -14.53
N ASP UA 472 8.09 -47.21 -14.07
CA ASP UA 472 8.25 -46.74 -12.71
C ASP UA 472 7.89 -47.83 -11.71
N ARG UA 473 6.75 -48.48 -11.92
CA ARG UA 473 6.38 -49.59 -11.05
C ARG UA 473 7.40 -50.72 -11.14
N PHE UA 474 7.96 -50.95 -12.31
CA PHE UA 474 8.93 -52.02 -12.48
C PHE UA 474 10.22 -51.72 -11.72
N VAL UA 475 10.72 -50.49 -11.82
CA VAL UA 475 11.94 -50.15 -11.11
C VAL UA 475 11.69 -50.10 -9.62
N ALA UA 476 10.48 -49.74 -9.20
CA ALA UA 476 10.13 -49.86 -7.78
C ALA UA 476 10.17 -51.32 -7.35
N SER UA 477 9.59 -52.21 -8.14
CA SER UA 477 9.62 -53.64 -7.85
C SER UA 477 11.03 -54.21 -7.91
N GLY UA 478 11.96 -53.53 -8.59
CA GLY UA 478 13.31 -54.00 -8.69
C GLY UA 478 13.57 -54.98 -9.81
N ALA UA 479 12.54 -55.39 -10.54
CA ALA UA 479 12.75 -56.31 -11.64
C ALA UA 479 13.61 -55.67 -12.74
N LEU UA 480 13.32 -54.41 -13.06
CA LEU UA 480 14.11 -53.69 -14.04
C LEU UA 480 15.41 -53.24 -13.39
N VAL UA 481 16.53 -53.75 -13.91
CA VAL UA 481 17.84 -53.48 -13.35
C VAL UA 481 18.77 -53.00 -14.46
N ALA UA 482 19.89 -52.42 -14.05
CA ALA UA 482 20.83 -51.83 -14.98
C ALA UA 482 21.44 -52.89 -15.90
N PRO UA 483 21.80 -52.52 -17.13
CA PRO UA 483 22.37 -53.50 -18.06
C PRO UA 483 23.69 -54.08 -17.54
N ARG UA 484 23.93 -55.34 -17.89
CA ARG UA 484 25.18 -56.00 -17.49
C ARG UA 484 26.38 -55.31 -18.13
N ASP UA 485 26.26 -54.93 -19.39
CA ASP UA 485 27.38 -54.33 -20.13
C ASP UA 485 27.06 -52.88 -20.44
N PRO UA 486 27.69 -51.91 -19.75
CA PRO UA 486 27.45 -50.50 -20.06
C PRO UA 486 28.14 -50.01 -21.32
N ASP UA 487 28.93 -50.87 -21.96
CA ASP UA 487 29.66 -50.43 -23.15
C ASP UA 487 28.70 -50.11 -24.29
N ALA UA 488 27.62 -50.86 -24.41
CA ALA UA 488 26.70 -50.70 -25.54
C ALA UA 488 25.56 -49.74 -25.19
N ASP UA 489 24.78 -50.07 -24.18
CA ASP UA 489 23.60 -49.29 -23.82
C ASP UA 489 23.79 -48.46 -22.56
N GLY UA 490 25.01 -48.43 -22.00
CA GLY UA 490 25.19 -47.73 -20.76
C GLY UA 490 24.44 -48.40 -19.63
N THR UA 491 24.11 -47.61 -18.61
CA THR UA 491 23.34 -48.09 -17.47
C THR UA 491 21.84 -47.89 -17.64
N GLU UA 492 21.40 -47.31 -18.75
CA GLU UA 492 19.98 -47.10 -18.97
C GLU UA 492 19.41 -48.38 -19.55
N PRO UA 493 18.50 -49.06 -18.85
CA PRO UA 493 18.13 -50.44 -19.22
C PRO UA 493 16.86 -50.59 -20.06
N TYR UA 494 16.27 -49.51 -20.57
CA TYR UA 494 15.02 -49.63 -21.31
C TYR UA 494 15.05 -48.80 -22.59
N VAL UA 495 14.30 -49.25 -23.59
CA VAL UA 495 14.13 -48.50 -24.82
C VAL UA 495 12.75 -48.76 -25.39
N LEU UA 496 12.15 -47.74 -25.98
CA LEU UA 496 10.82 -47.79 -26.55
C LEU UA 496 10.74 -46.95 -27.81
N LYS UA 497 10.05 -47.47 -28.82
CA LYS UA 497 9.70 -46.70 -30.00
C LYS UA 497 8.27 -47.01 -30.41
N VAL UA 498 7.64 -46.05 -31.07
CA VAL UA 498 6.33 -46.24 -31.68
C VAL UA 498 6.36 -45.61 -33.07
N THR UA 499 5.83 -46.34 -34.06
CA THR UA 499 5.76 -45.89 -35.43
C THR UA 499 4.38 -46.20 -35.99
N GLN UA 500 4.11 -45.71 -37.19
CA GLN UA 500 2.83 -45.90 -37.86
C GLN UA 500 3.04 -46.53 -39.22
N ALA UA 501 2.10 -47.38 -39.63
CA ALA UA 501 2.11 -47.91 -40.98
C ALA UA 501 1.06 -47.27 -41.89
N GLU UA 502 -0.19 -47.25 -41.46
CA GLU UA 502 -1.27 -46.66 -42.24
C GLU UA 502 -2.31 -46.12 -41.24
N PHE UA 503 -3.54 -45.93 -41.71
CA PHE UA 503 -4.69 -45.60 -40.87
C PHE UA 503 -4.68 -46.40 -39.57
N ASP UA 504 -4.21 -47.65 -39.63
CA ASP UA 504 -3.98 -48.47 -38.44
C ASP UA 504 -2.54 -48.96 -38.40
N LYS UA 505 -2.28 -49.96 -37.56
CA LYS UA 505 -0.96 -50.56 -37.41
C LYS UA 505 0.04 -49.55 -36.83
N TRP UA 506 -0.24 -49.15 -35.59
CA TRP UA 506 0.79 -48.61 -34.73
C TRP UA 506 1.73 -49.72 -34.33
N GLU UA 507 2.98 -49.65 -34.78
CA GLU UA 507 3.99 -50.64 -34.41
C GLU UA 507 4.77 -50.10 -33.22
N VAL UA 508 4.62 -50.74 -32.07
CA VAL UA 508 5.32 -50.36 -30.85
C VAL UA 508 6.36 -51.42 -30.56
N VAL UA 509 7.57 -50.98 -30.21
CA VAL UA 509 8.69 -51.88 -29.92
C VAL UA 509 9.30 -51.45 -28.60
N TRP UA 510 9.60 -52.43 -27.75
CA TRP UA 510 10.08 -52.16 -26.41
C TRP UA 510 11.05 -53.24 -25.96
N ALA UA 511 12.21 -52.81 -25.47
CA ALA UA 511 13.22 -53.73 -24.97
C ALA UA 511 13.64 -53.30 -23.58
N CYS UA 512 13.83 -54.28 -22.70
CA CYS UA 512 14.09 -54.03 -21.29
C CYS UA 512 15.18 -54.95 -20.78
N CYS UA 513 15.83 -54.52 -19.70
CA CYS UA 513 16.84 -55.33 -19.04
C CYS UA 513 16.27 -55.93 -17.76
N PRO UA 514 16.01 -57.23 -17.72
CA PRO UA 514 15.56 -57.86 -16.48
C PRO UA 514 16.75 -58.16 -15.58
N THR UA 515 16.47 -58.83 -14.47
CA THR UA 515 17.47 -59.22 -13.49
C THR UA 515 17.62 -60.74 -13.49
N GLY UA 516 18.43 -61.24 -12.54
CA GLY UA 516 18.65 -62.66 -12.40
C GLY UA 516 18.81 -63.07 -10.95
N VAL UA 517 18.72 -64.37 -10.71
CA VAL UA 517 18.78 -64.94 -9.38
C VAL UA 517 19.87 -66.01 -9.39
N ALA UA 518 20.87 -65.84 -10.25
CA ALA UA 518 22.08 -66.67 -10.26
C ALA UA 518 21.75 -68.16 -10.39
N ARG UA 519 21.06 -68.50 -11.49
CA ARG UA 519 20.82 -69.91 -11.78
C ARG UA 519 22.12 -70.67 -11.98
N ARG UA 520 23.06 -70.11 -12.74
CA ARG UA 520 24.39 -70.66 -12.79
C ARG UA 520 25.00 -70.60 -11.40
N ILE UA 521 25.23 -71.77 -10.82
CA ILE UA 521 25.62 -71.88 -9.41
C ILE UA 521 27.04 -72.40 -9.35
N GLN UA 522 27.91 -71.64 -8.68
CA GLN UA 522 29.32 -71.99 -8.56
C GLN UA 522 29.89 -71.26 -7.35
N GLY UA 523 31.11 -71.66 -6.99
CA GLY UA 523 31.83 -70.99 -5.92
C GLY UA 523 33.24 -71.52 -5.77
N VAL UA 524 34.16 -70.71 -5.30
CA VAL UA 524 35.51 -71.16 -5.02
C VAL UA 524 36.14 -70.32 -3.91
N PRO UA 525 36.30 -70.87 -2.71
CA PRO UA 525 37.17 -70.25 -1.72
C PRO UA 525 38.62 -70.68 -1.92
N LEU UA 526 39.52 -69.78 -1.56
CA LEU UA 526 40.94 -69.99 -1.78
C LEU UA 526 41.70 -69.74 -0.49
N LEU UA 527 42.92 -70.25 -0.44
CA LEU UA 527 43.73 -70.28 0.77
C LEU UA 527 44.76 -69.15 0.78
N ILE UA 528 45.37 -68.97 1.94
CA ILE UA 528 46.48 -68.02 2.09
C ILE UA 528 47.71 -68.63 2.75
N LYS UA 529 47.58 -69.71 3.53
CA LYS UA 529 48.68 -70.33 4.28
C LYS UA 529 49.28 -69.41 5.35
N SER VA 2 22.53 -81.70 -4.58
CA SER VA 2 22.02 -81.11 -3.34
C SER VA 2 23.04 -80.16 -2.71
N GLN VA 3 22.75 -79.70 -1.49
CA GLN VA 3 23.66 -78.81 -0.77
C GLN VA 3 24.88 -79.53 -0.21
N TYR VA 4 24.87 -80.86 -0.18
CA TYR VA 4 25.97 -81.64 0.37
C TYR VA 4 27.06 -81.87 -0.65
N SER VA 5 26.72 -81.86 -1.94
CA SER VA 5 27.69 -82.11 -2.99
C SER VA 5 28.54 -80.87 -3.27
N ILE VA 6 29.82 -81.10 -3.55
CA ILE VA 6 30.75 -80.06 -3.96
C ILE VA 6 31.48 -80.55 -5.19
N GLN VA 7 31.53 -79.73 -6.23
CA GLN VA 7 32.16 -80.10 -7.49
C GLN VA 7 33.58 -79.54 -7.57
N GLN VA 8 34.20 -79.72 -8.72
CA GLN VA 8 35.50 -79.14 -9.01
C GLN VA 8 35.46 -78.22 -10.22
N SER VA 9 34.81 -78.65 -11.30
CA SER VA 9 34.61 -77.84 -12.49
C SER VA 9 33.12 -77.69 -12.73
N LEU VA 10 32.76 -76.62 -13.44
CA LEU VA 10 31.36 -76.29 -13.68
C LEU VA 10 31.01 -76.49 -15.15
N GLY VA 11 30.02 -77.32 -15.41
CA GLY VA 11 29.46 -77.46 -16.73
C GLY VA 11 28.00 -77.07 -16.76
N ASN VA 12 27.13 -78.06 -16.94
CA ASN VA 12 25.69 -77.83 -16.87
C ASN VA 12 25.16 -77.95 -15.45
N ALA VA 13 25.71 -78.86 -14.65
CA ALA VA 13 25.26 -79.04 -13.28
C ALA VA 13 25.59 -77.79 -12.45
N SER VA 14 24.70 -77.50 -11.50
CA SER VA 14 24.84 -76.36 -10.62
C SER VA 14 25.19 -76.84 -9.23
N GLY VA 15 26.30 -76.33 -8.69
CA GLY VA 15 26.75 -76.70 -7.36
C GLY VA 15 27.80 -75.73 -6.88
N VAL VA 16 28.15 -75.84 -5.60
CA VAL VA 16 29.16 -75.00 -4.98
C VAL VA 16 30.44 -75.81 -4.82
N ALA VA 17 31.53 -75.30 -5.38
CA ALA VA 17 32.82 -75.98 -5.37
C ALA VA 17 33.73 -75.34 -4.33
N VAL VA 18 34.76 -76.10 -3.92
CA VAL VA 18 35.77 -75.62 -3.00
C VAL VA 18 37.14 -76.07 -3.50
N SER VA 19 38.18 -75.51 -2.87
CA SER VA 19 39.54 -75.82 -3.27
C SER VA 19 39.88 -77.28 -2.97
N PRO VA 20 40.59 -77.96 -3.87
CA PRO VA 20 40.97 -79.36 -3.61
C PRO VA 20 42.04 -79.47 -2.54
N ILE VA 21 42.31 -80.71 -2.15
CA ILE VA 21 43.36 -81.02 -1.17
C ILE VA 21 44.65 -81.28 -1.94
N ASN VA 22 45.55 -80.31 -1.94
CA ASN VA 22 46.79 -80.37 -2.69
C ASN VA 22 47.97 -80.07 -1.75
N ALA VA 23 49.13 -79.83 -2.34
CA ALA VA 23 50.31 -79.46 -1.57
C ALA VA 23 50.59 -77.96 -1.53
N ASP VA 24 50.26 -77.23 -2.60
CA ASP VA 24 50.54 -75.79 -2.68
C ASP VA 24 49.34 -75.04 -3.25
N ALA VA 25 49.24 -73.76 -2.88
CA ALA VA 25 48.18 -72.88 -3.39
C ALA VA 25 48.58 -71.43 -3.20
N THR VA 26 48.03 -70.56 -4.04
CA THR VA 26 48.33 -69.14 -4.02
C THR VA 26 47.02 -68.33 -4.07
N LEU VA 27 47.14 -67.03 -3.83
CA LEU VA 27 45.98 -66.14 -3.90
C LEU VA 27 46.46 -64.74 -4.29
N SER VA 28 45.56 -63.99 -4.91
CA SER VA 28 45.77 -62.58 -5.20
C SER VA 28 44.43 -61.89 -5.45
N THR VA 29 44.07 -60.94 -4.59
CA THR VA 29 42.79 -60.25 -4.69
C THR VA 29 43.00 -58.77 -4.42
N GLY VA 30 42.27 -57.94 -5.16
CA GLY VA 30 42.37 -56.50 -4.97
C GLY VA 30 41.62 -55.76 -6.05
N VAL VA 31 41.61 -54.44 -5.90
CA VAL VA 31 40.95 -53.53 -6.83
C VAL VA 31 41.97 -52.49 -7.27
N ALA VA 32 41.81 -52.00 -8.50
CA ALA VA 32 42.77 -51.05 -9.08
C ALA VA 32 42.76 -49.74 -8.30
N LEU VA 33 43.90 -49.04 -8.37
CA LEU VA 33 44.09 -47.78 -7.66
C LEU VA 33 43.57 -46.58 -8.44
N ASN VA 34 44.07 -46.37 -9.67
CA ASN VA 34 43.71 -45.22 -10.49
C ASN VA 34 44.05 -43.91 -9.77
N SER VA 35 45.10 -43.93 -8.96
CA SER VA 35 45.54 -42.76 -8.20
C SER VA 35 46.96 -42.34 -8.54
N SER VA 36 47.92 -43.25 -8.44
CA SER VA 36 49.31 -42.96 -8.77
C SER VA 36 50.01 -44.28 -9.05
N LEU VA 37 50.72 -44.35 -10.17
CA LEU VA 37 51.26 -45.62 -10.64
C LEU VA 37 52.77 -45.57 -10.78
N TRP VA 38 53.35 -46.76 -10.83
CA TRP VA 38 54.77 -46.96 -11.00
C TRP VA 38 55.00 -47.94 -12.14
N ALA VA 39 56.20 -47.87 -12.71
CA ALA VA 39 56.61 -48.76 -13.79
C ALA VA 39 58.03 -49.23 -13.54
N GLY VA 40 58.33 -50.42 -14.04
CA GLY VA 40 59.68 -50.96 -13.95
C GLY VA 40 59.78 -52.29 -14.68
N ILE VA 41 61.01 -52.61 -15.07
CA ILE VA 41 61.33 -53.85 -15.77
C ILE VA 41 61.73 -54.92 -14.77
N GLY VA 42 61.18 -56.12 -14.96
CA GLY VA 42 61.54 -57.24 -14.11
C GLY VA 42 61.40 -58.54 -14.87
N VAL VA 43 61.99 -59.58 -14.29
CA VAL VA 43 61.90 -60.94 -14.82
C VAL VA 43 61.15 -61.78 -13.79
N PHE VA 44 60.11 -62.46 -14.24
CA PHE VA 44 59.23 -63.18 -13.33
C PHE VA 44 58.83 -64.49 -13.98
N ALA VA 45 57.87 -65.16 -13.36
CA ALA VA 45 57.25 -66.34 -13.93
C ALA VA 45 56.04 -65.91 -14.75
N ARG VA 46 55.79 -66.65 -15.83
CA ARG VA 46 54.63 -66.42 -16.68
C ARG VA 46 54.63 -65.01 -17.26
N GLY VA 47 53.57 -64.64 -17.95
CA GLY VA 47 53.51 -63.33 -18.56
C GLY VA 47 54.26 -63.26 -19.87
N LYS VA 48 53.75 -62.47 -20.80
CA LYS VA 48 54.39 -62.38 -22.11
C LYS VA 48 55.71 -61.63 -21.98
N PRO VA 49 56.77 -62.10 -22.65
CA PRO VA 49 58.03 -61.35 -22.64
C PRO VA 49 57.90 -60.05 -23.41
N PHE VA 50 58.72 -59.07 -23.01
CA PHE VA 50 58.73 -57.76 -23.65
C PHE VA 50 57.33 -57.17 -23.67
N THR VA 51 56.61 -57.30 -22.56
CA THR VA 51 55.22 -56.94 -22.49
C THR VA 51 54.93 -56.21 -21.19
N VAL VA 52 54.09 -55.17 -21.29
CA VAL VA 52 53.61 -54.43 -20.13
C VAL VA 52 52.42 -55.16 -19.53
N LEU VA 53 52.29 -55.06 -18.21
CA LEU VA 53 51.23 -55.74 -17.48
C LEU VA 53 50.79 -54.85 -16.34
N ALA VA 54 49.54 -54.41 -16.37
CA ALA VA 54 48.93 -53.64 -15.30
C ALA VA 54 48.66 -54.58 -14.13
N VAL VA 55 49.60 -54.63 -13.20
CA VAL VA 55 49.56 -55.58 -12.10
C VAL VA 55 48.87 -54.94 -10.91
N THR VA 56 47.93 -55.67 -10.31
CA THR VA 56 47.25 -55.24 -9.11
C THR VA 56 47.33 -56.32 -8.05
N GLU VA 57 46.64 -56.11 -6.93
CA GLU VA 57 46.60 -57.10 -5.87
C GLU VA 57 45.85 -58.35 -6.29
N SER VA 58 45.08 -58.28 -7.36
CA SER VA 58 44.30 -59.42 -7.82
C SER VA 58 45.07 -60.35 -8.74
N ASN VA 59 46.07 -59.83 -9.45
CA ASN VA 59 46.81 -60.63 -10.42
C ASN VA 59 48.29 -60.74 -10.06
N TYR VA 60 48.70 -60.17 -8.93
CA TYR VA 60 50.12 -60.13 -8.60
C TYR VA 60 50.70 -61.53 -8.48
N GLU VA 61 49.97 -62.43 -7.84
CA GLU VA 61 50.46 -63.78 -7.61
C GLU VA 61 50.06 -64.74 -8.73
N ASP VA 62 49.11 -64.34 -9.56
CA ASP VA 62 48.52 -65.26 -10.51
C ASP VA 62 49.24 -65.22 -11.85
N VAL VA 63 49.20 -64.07 -12.53
CA VAL VA 63 49.80 -63.97 -13.85
C VAL VA 63 51.31 -63.76 -13.78
N LEU VA 64 51.83 -63.38 -12.61
CA LEU VA 64 53.27 -63.28 -12.44
C LEU VA 64 53.87 -64.57 -11.89
N GLY VA 65 53.05 -65.58 -11.63
CA GLY VA 65 53.55 -66.82 -11.09
C GLY VA 65 53.98 -66.65 -9.64
N GLU VA 66 54.43 -67.76 -9.07
CA GLU VA 66 54.91 -67.76 -7.69
C GLU VA 66 56.30 -67.14 -7.61
N PRO VA 67 56.68 -66.63 -6.44
CA PRO VA 67 58.06 -66.14 -6.26
C PRO VA 67 59.07 -67.25 -6.49
N LEU VA 68 60.19 -66.89 -7.11
CA LEU VA 68 61.27 -67.83 -7.39
C LEU VA 68 62.24 -67.87 -6.21
N LYS VA 69 63.14 -68.86 -6.27
CA LYS VA 69 64.11 -69.03 -5.20
C LYS VA 69 65.16 -67.92 -5.27
N PRO VA 70 65.44 -67.22 -4.16
CA PRO VA 70 66.47 -66.19 -4.22
C PRO VA 70 67.83 -66.71 -4.64
N SER VA 71 68.19 -67.91 -4.19
CA SER VA 71 69.44 -68.51 -4.64
C SER VA 71 69.35 -68.98 -6.08
N SER VA 72 68.16 -69.00 -6.66
CA SER VA 72 67.99 -69.30 -8.09
C SER VA 72 68.18 -68.01 -8.88
N GLY VA 73 69.45 -67.63 -9.01
CA GLY VA 73 69.81 -66.47 -9.79
C GLY VA 73 69.50 -65.18 -9.09
N SER VA 74 69.78 -64.09 -9.80
CA SER VA 74 69.59 -62.74 -9.29
C SER VA 74 68.19 -62.20 -9.63
N GLN VA 75 67.25 -63.09 -9.88
CA GLN VA 75 65.91 -62.69 -10.28
C GLN VA 75 64.98 -62.49 -9.09
N PHE VA 76 65.50 -62.61 -7.88
CA PHE VA 76 64.69 -62.45 -6.68
C PHE VA 76 64.48 -61.00 -6.27
N GLU VA 77 65.37 -60.09 -6.66
CA GLU VA 77 65.13 -58.68 -6.38
C GLU VA 77 63.80 -58.19 -6.93
N PRO VA 78 63.47 -58.42 -8.20
CA PRO VA 78 62.15 -57.95 -8.69
C PRO VA 78 60.98 -58.58 -7.98
N ILE VA 79 61.07 -59.87 -7.63
CA ILE VA 79 59.92 -60.51 -7.01
C ILE VA 79 59.74 -59.98 -5.59
N ARG VA 80 60.83 -59.76 -4.86
CA ARG VA 80 60.70 -59.14 -3.55
C ARG VA 80 60.14 -57.73 -3.66
N HIS VA 81 60.61 -56.96 -4.65
CA HIS VA 81 60.12 -55.61 -4.79
C HIS VA 81 58.63 -55.57 -5.09
N VAL VA 82 58.18 -56.44 -6.00
CA VAL VA 82 56.75 -56.44 -6.33
C VAL VA 82 55.95 -56.96 -5.13
N TYR VA 83 56.49 -57.93 -4.40
CA TYR VA 83 55.77 -58.44 -3.24
C TYR VA 83 55.58 -57.34 -2.20
N GLU VA 84 56.62 -56.57 -1.93
CA GLU VA 84 56.51 -55.51 -0.96
C GLU VA 84 55.70 -54.32 -1.46
N ALA VA 85 55.61 -54.12 -2.76
CA ALA VA 85 54.92 -52.94 -3.27
C ALA VA 85 53.44 -53.18 -3.53
N ILE VA 86 53.08 -54.35 -4.06
CA ILE VA 86 51.70 -54.58 -4.47
C ILE VA 86 50.76 -54.62 -3.28
N GLN VA 87 51.27 -54.91 -2.09
CA GLN VA 87 50.41 -54.99 -0.92
C GLN VA 87 49.72 -53.66 -0.64
N GLN VA 88 50.22 -52.57 -1.21
CA GLN VA 88 49.67 -51.25 -0.97
C GLN VA 88 49.37 -50.50 -2.27
N THR VA 89 50.14 -50.75 -3.33
CA THR VA 89 49.97 -50.02 -4.58
C THR VA 89 50.09 -50.96 -5.77
N SER VA 90 49.41 -50.59 -6.85
CA SER VA 90 49.47 -51.33 -8.11
C SER VA 90 50.45 -50.66 -9.06
N GLY VA 91 50.75 -51.36 -10.15
CA GLY VA 91 51.70 -50.83 -11.11
C GLY VA 91 51.51 -51.29 -12.53
N TYR VA 92 52.46 -50.97 -13.39
CA TYR VA 92 52.41 -51.28 -14.83
C TYR VA 92 53.68 -52.01 -15.23
N VAL VA 93 53.99 -53.09 -14.51
CA VAL VA 93 55.31 -53.69 -14.61
C VAL VA 93 55.51 -54.30 -15.99
N VAL VA 94 56.71 -54.14 -16.52
CA VAL VA 94 57.07 -54.69 -17.82
C VAL VA 94 58.02 -55.84 -17.62
N ARG VA 95 57.82 -56.91 -18.40
CA ARG VA 95 58.63 -58.12 -18.28
C ARG VA 95 59.15 -58.56 -19.64
N ALA VA 96 60.41 -58.98 -19.67
CA ALA VA 96 61.04 -59.52 -20.86
C ALA VA 96 62.02 -60.60 -20.44
N VAL VA 97 62.33 -61.48 -21.39
CA VAL VA 97 63.26 -62.59 -21.14
C VAL VA 97 64.22 -62.68 -22.31
N PRO VA 98 65.38 -63.29 -22.12
CA PRO VA 98 66.30 -63.49 -23.24
C PRO VA 98 65.72 -64.44 -24.28
N ASP VA 99 66.34 -64.42 -25.47
CA ASP VA 99 65.87 -65.21 -26.60
C ASP VA 99 65.94 -66.71 -26.34
N ASP VA 100 66.70 -67.13 -25.32
CA ASP VA 100 66.85 -68.55 -25.03
C ASP VA 100 65.53 -69.22 -24.68
N ALA VA 101 64.58 -68.45 -24.14
CA ALA VA 101 63.29 -69.02 -23.80
C ALA VA 101 62.49 -69.36 -25.05
N LYS VA 102 61.76 -70.46 -24.99
CA LYS VA 102 60.93 -70.92 -26.09
C LYS VA 102 59.57 -71.35 -25.56
N PHE VA 103 58.56 -71.07 -26.31
CA PHE VA 103 57.21 -71.50 -25.98
C PHE VA 103 56.79 -72.67 -26.84
N PRO VA 104 55.98 -73.57 -26.31
CA PRO VA 104 55.52 -74.72 -27.07
C PRO VA 104 54.22 -74.49 -27.83
N ILE VA 105 53.94 -75.43 -28.73
CA ILE VA 105 52.85 -75.37 -29.68
C ILE VA 105 52.48 -76.81 -30.06
N ILE VA 106 51.19 -77.04 -30.30
CA ILE VA 106 50.70 -78.31 -30.78
C ILE VA 106 49.93 -78.08 -32.07
N MET VA 107 50.27 -78.85 -33.10
CA MET VA 107 49.68 -78.76 -34.42
C MET VA 107 48.70 -79.90 -34.64
N PHE VA 108 47.52 -79.57 -35.14
CA PHE VA 108 46.56 -80.56 -35.60
C PHE VA 108 46.52 -80.53 -37.11
N ASP VA 109 46.82 -81.67 -37.73
CA ASP VA 109 46.82 -81.76 -39.19
C ASP VA 109 45.38 -81.90 -39.69
N GLU VA 110 45.24 -82.20 -40.98
CA GLU VA 110 43.91 -82.32 -41.58
C GLU VA 110 43.09 -83.38 -40.84
N SER VA 111 43.67 -84.55 -40.60
CA SER VA 111 42.99 -85.57 -39.83
C SER VA 111 42.87 -85.20 -38.35
N GLY VA 112 43.53 -84.13 -37.92
CA GLY VA 112 43.53 -83.75 -36.52
C GLY VA 112 44.62 -84.38 -35.69
N GLU VA 113 45.58 -85.06 -36.33
CA GLU VA 113 46.67 -85.64 -35.56
C GLU VA 113 47.52 -84.54 -34.94
N PRO VA 114 48.02 -84.75 -33.73
CA PRO VA 114 48.84 -83.74 -33.05
C PRO VA 114 50.33 -83.92 -33.27
N ALA VA 115 51.03 -82.80 -33.26
CA ALA VA 115 52.48 -82.76 -33.34
C ALA VA 115 52.98 -81.66 -32.42
N TYR VA 116 53.98 -81.97 -31.60
CA TYR VA 116 54.48 -81.03 -30.60
C TYR VA 116 55.72 -80.32 -31.14
N SER VA 117 55.83 -79.03 -30.82
CA SER VA 117 56.99 -78.25 -31.22
C SER VA 117 57.22 -77.12 -30.24
N ALA VA 118 58.40 -76.52 -30.31
CA ALA VA 118 58.74 -75.38 -29.47
C ALA VA 118 59.50 -74.37 -30.30
N LEU VA 119 59.18 -73.09 -30.12
CA LEU VA 119 59.80 -72.03 -30.88
C LEU VA 119 60.22 -70.89 -29.97
N PRO VA 120 61.30 -70.18 -30.30
CA PRO VA 120 61.69 -69.04 -29.47
C PRO VA 120 60.60 -67.99 -29.43
N TYR VA 121 60.47 -67.33 -28.29
CA TYR VA 121 59.45 -66.31 -28.12
C TYR VA 121 59.64 -65.19 -29.13
N GLY VA 122 58.54 -64.77 -29.75
CA GLY VA 122 58.58 -63.77 -30.80
C GLY VA 122 58.61 -64.36 -32.20
N SER VA 123 59.07 -65.60 -32.34
CA SER VA 123 59.06 -66.24 -33.63
C SER VA 123 57.63 -66.52 -34.07
N GLU VA 124 57.36 -66.32 -35.36
CA GLU VA 124 56.04 -66.52 -35.93
C GLU VA 124 56.00 -67.83 -36.68
N ILE VA 125 55.00 -68.65 -36.39
CA ILE VA 125 54.84 -69.95 -37.04
C ILE VA 125 53.98 -69.77 -38.28
N GLU VA 126 54.33 -70.49 -39.34
CA GLU VA 126 53.60 -70.46 -40.59
C GLU VA 126 53.12 -71.87 -40.94
N LEU VA 127 52.05 -71.94 -41.72
CA LEU VA 127 51.43 -73.20 -42.10
C LEU VA 127 51.64 -73.42 -43.59
N ASP VA 128 52.33 -74.51 -43.92
CA ASP VA 128 52.56 -74.93 -45.30
C ASP VA 128 51.38 -75.74 -45.82
N SER VA 129 51.58 -76.48 -46.90
CA SER VA 129 50.53 -77.34 -47.44
C SER VA 129 49.97 -78.28 -46.37
N GLY VA 130 50.85 -78.92 -45.61
CA GLY VA 130 50.42 -79.71 -44.47
C GLY VA 130 50.17 -78.81 -43.28
N GLU VA 131 50.19 -79.40 -42.09
CA GLU VA 131 50.03 -78.66 -40.85
C GLU VA 131 48.76 -77.78 -40.90
N ALA VA 132 47.62 -78.47 -40.89
CA ALA VA 132 46.33 -77.82 -41.12
C ALA VA 132 46.14 -76.62 -40.22
N PHE VA 133 46.39 -76.78 -38.91
CA PHE VA 133 46.35 -75.64 -38.02
C PHE VA 133 47.17 -75.97 -36.78
N ALA VA 134 47.45 -74.95 -35.98
CA ALA VA 134 48.26 -75.16 -34.79
C ALA VA 134 47.85 -74.16 -33.72
N ILE VA 135 48.16 -74.51 -32.47
CA ILE VA 135 47.85 -73.67 -31.32
C ILE VA 135 49.09 -73.64 -30.43
N TYR VA 136 49.57 -72.44 -30.14
CA TYR VA 136 50.77 -72.23 -29.35
C TYR VA 136 50.43 -71.48 -28.08
N VAL VA 137 51.14 -71.78 -27.01
CA VAL VA 137 50.88 -71.12 -25.74
C VAL VA 137 51.69 -69.84 -25.68
N ASP VA 138 51.12 -68.81 -25.05
CA ASP VA 138 51.73 -67.49 -25.04
C ASP VA 138 51.91 -66.90 -23.65
N ASP VA 139 51.37 -67.55 -22.61
CA ASP VA 139 51.47 -67.01 -21.27
C ASP VA 139 52.90 -66.98 -20.74
N GLY VA 140 53.82 -67.66 -21.40
CA GLY VA 140 55.21 -67.71 -20.97
C GLY VA 140 55.57 -68.91 -20.12
N ASP VA 141 54.60 -69.65 -19.61
CA ASP VA 141 54.90 -70.84 -18.83
C ASP VA 141 55.49 -71.92 -19.72
N PRO VA 142 56.59 -72.56 -19.32
CA PRO VA 142 57.15 -73.65 -20.13
C PRO VA 142 56.31 -74.92 -20.04
N CYS VA 143 55.10 -74.82 -19.48
CA CYS VA 143 54.19 -75.94 -19.34
C CYS VA 143 54.83 -77.09 -18.56
N ILE VA 144 55.57 -76.73 -17.50
CA ILE VA 144 56.23 -77.72 -16.67
C ILE VA 144 55.76 -77.70 -15.23
N SER VA 145 55.24 -76.57 -14.73
CA SER VA 145 54.76 -76.50 -13.37
C SER VA 145 53.75 -75.36 -13.22
N PRO VA 146 52.46 -75.63 -13.41
CA PRO VA 146 51.86 -76.93 -13.77
C PRO VA 146 51.91 -77.17 -15.28
N THR VA 147 51.11 -78.11 -15.79
CA THR VA 147 51.07 -78.44 -17.20
C THR VA 147 49.71 -78.09 -17.78
N ARG VA 148 49.69 -77.76 -19.06
CA ARG VA 148 48.46 -77.38 -19.75
C ARG VA 148 47.93 -78.55 -20.55
N GLU VA 149 46.67 -78.92 -20.32
CA GLU VA 149 46.04 -80.02 -21.02
C GLU VA 149 44.71 -79.57 -21.61
N LEU VA 150 44.35 -80.20 -22.72
CA LEU VA 150 43.16 -79.84 -23.47
C LEU VA 150 42.36 -81.10 -23.77
N THR VA 151 41.04 -81.00 -23.62
CA THR VA 151 40.15 -82.11 -23.94
C THR VA 151 39.10 -81.61 -24.92
N ILE VA 152 39.00 -82.25 -26.08
CA ILE VA 152 38.13 -81.80 -27.16
C ILE VA 152 37.21 -82.94 -27.56
N GLU VA 153 35.93 -82.61 -27.72
CA GLU VA 153 34.95 -83.56 -28.23
C GLU VA 153 33.83 -82.76 -28.90
N THR VA 154 32.82 -83.46 -29.40
CA THR VA 154 31.73 -82.81 -30.11
C THR VA 154 30.78 -82.13 -29.13
N ALA VA 155 29.79 -81.44 -29.67
CA ALA VA 155 28.77 -80.78 -28.87
C ALA VA 155 27.54 -80.54 -29.75
N THR VA 156 26.54 -79.89 -29.19
CA THR VA 156 25.34 -79.56 -29.95
C THR VA 156 25.66 -78.54 -31.04
N ALA VA 157 24.87 -78.58 -32.10
CA ALA VA 157 25.10 -77.69 -33.24
C ALA VA 157 24.50 -76.31 -32.97
N ASP VA 158 24.75 -75.39 -33.90
CA ASP VA 158 24.23 -74.04 -33.81
C ASP VA 158 22.80 -73.98 -34.33
N SER VA 159 22.18 -72.81 -34.17
CA SER VA 159 20.83 -72.60 -34.69
C SER VA 159 20.79 -72.74 -36.20
N ALA VA 160 21.91 -72.48 -36.87
CA ALA VA 160 22.04 -72.73 -38.29
C ALA VA 160 22.39 -74.18 -38.60
N GLY VA 161 22.52 -75.02 -37.57
CA GLY VA 161 22.87 -76.40 -37.77
C GLY VA 161 24.35 -76.65 -37.94
N ASN VA 162 25.19 -75.64 -37.77
CA ASN VA 162 26.62 -75.82 -37.95
C ASN VA 162 27.18 -76.72 -36.86
N GLU VA 163 27.94 -77.74 -37.27
CA GLU VA 163 28.51 -78.67 -36.31
C GLU VA 163 29.47 -77.94 -35.38
N ARG VA 164 29.37 -78.25 -34.09
CA ARG VA 164 30.14 -77.58 -33.06
C ARG VA 164 30.80 -78.59 -32.15
N PHE VA 165 31.94 -78.20 -31.60
CA PHE VA 165 32.69 -79.06 -30.71
C PHE VA 165 33.13 -78.25 -29.50
N LEU VA 166 33.08 -78.88 -28.34
CA LEU VA 166 33.49 -78.25 -27.09
C LEU VA 166 34.88 -78.71 -26.73
N LEU VA 167 35.72 -77.76 -26.34
CA LEU VA 167 37.07 -78.03 -25.85
C LEU VA 167 37.26 -77.32 -24.53
N LYS VA 168 37.92 -78.00 -23.59
CA LYS VA 168 38.19 -77.44 -22.27
C LYS VA 168 39.67 -77.48 -22.00
N LEU VA 169 40.18 -76.36 -21.47
CA LEU VA 169 41.57 -76.22 -21.08
C LEU VA 169 41.69 -76.35 -19.57
N THR VA 170 42.79 -76.95 -19.12
CA THR VA 170 43.02 -77.10 -17.70
C THR VA 170 44.51 -77.10 -17.42
N GLN VA 171 44.84 -76.80 -16.15
CA GLN VA 171 46.18 -76.90 -15.63
C GLN VA 171 46.23 -78.05 -14.63
N THR VA 172 47.21 -78.93 -14.79
CA THR VA 172 47.39 -80.08 -13.93
C THR VA 172 48.71 -79.95 -13.19
N THR VA 173 48.66 -80.03 -11.87
CA THR VA 173 49.85 -79.90 -11.05
C THR VA 173 50.60 -81.23 -10.98
N SER VA 174 51.73 -81.23 -10.29
CA SER VA 174 52.51 -82.45 -10.15
C SER VA 174 51.73 -83.50 -9.35
N LEU VA 175 51.03 -83.08 -8.30
CA LEU VA 175 50.29 -84.00 -7.46
C LEU VA 175 49.02 -84.53 -8.11
N GLY VA 176 48.59 -83.97 -9.22
CA GLY VA 176 47.45 -84.47 -9.96
C GLY VA 176 46.21 -83.62 -9.89
N VAL VA 177 46.25 -82.47 -9.22
CA VAL VA 177 45.09 -81.59 -9.19
C VAL VA 177 44.90 -80.96 -10.56
N VAL VA 178 43.69 -81.06 -11.09
CA VAL VA 178 43.37 -80.66 -12.45
C VAL VA 178 42.33 -79.54 -12.34
N THR VA 179 42.76 -78.30 -12.54
CA THR VA 179 41.88 -77.14 -12.43
C THR VA 179 41.65 -76.58 -13.82
N THR VA 180 40.39 -76.54 -14.25
CA THR VA 180 40.09 -76.03 -15.57
C THR VA 180 40.17 -74.51 -15.58
N LEU VA 181 40.50 -73.98 -16.76
CA LEU VA 181 40.53 -72.55 -17.00
C LEU VA 181 39.40 -72.08 -17.89
N GLU VA 182 39.04 -72.86 -18.90
CA GLU VA 182 37.93 -72.49 -19.78
C GLU VA 182 37.34 -73.75 -20.36
N THR VA 183 36.10 -73.63 -20.84
CA THR VA 183 35.41 -74.72 -21.54
C THR VA 183 34.46 -74.07 -22.54
N HIS VA 184 34.81 -74.13 -23.81
CA HIS VA 184 34.09 -73.37 -24.82
C HIS VA 184 33.69 -74.25 -25.99
N THR VA 185 32.53 -73.97 -26.55
CA THR VA 185 32.02 -74.66 -27.73
C THR VA 185 32.24 -73.76 -28.95
N VAL VA 186 32.99 -74.27 -29.93
CA VAL VA 186 33.34 -73.51 -31.12
C VAL VA 186 33.13 -74.37 -32.34
N SER VA 187 33.07 -73.71 -33.50
CA SER VA 187 32.83 -74.38 -34.76
C SER VA 187 33.78 -73.84 -35.82
N LEU VA 188 34.05 -74.68 -36.82
CA LEU VA 188 34.89 -74.26 -37.93
C LEU VA 188 34.23 -73.20 -38.79
N ALA VA 189 32.92 -73.07 -38.71
CA ALA VA 189 32.21 -72.13 -39.57
C ALA VA 189 32.66 -70.70 -39.28
N GLU VA 190 32.93 -69.95 -40.36
CA GLU VA 190 33.33 -68.56 -40.21
C GLU VA 190 32.22 -67.74 -39.55
N GLU VA 191 30.97 -67.96 -39.96
CA GLU VA 191 29.83 -67.24 -39.42
C GLU VA 191 29.11 -68.04 -38.35
N ALA VA 192 29.83 -68.84 -37.58
CA ALA VA 192 29.23 -69.71 -36.57
C ALA VA 192 28.73 -68.86 -35.41
N LYS VA 193 27.41 -68.70 -35.32
CA LYS VA 193 26.78 -67.89 -34.29
C LYS VA 193 25.98 -68.77 -33.35
N ASP VA 194 26.25 -68.63 -32.05
CA ASP VA 194 25.53 -69.39 -31.05
C ASP VA 194 24.12 -68.83 -30.87
N ASP VA 195 23.28 -69.57 -30.14
CA ASP VA 195 21.94 -69.09 -29.85
C ASP VA 195 21.97 -67.84 -28.98
N MET VA 196 23.04 -67.64 -28.22
CA MET VA 196 23.25 -66.35 -27.55
C MET VA 196 23.67 -65.26 -28.52
N GLY VA 197 23.94 -65.63 -29.77
CA GLY VA 197 24.61 -64.76 -30.71
C GLY VA 197 26.11 -64.74 -30.53
N ARG VA 198 26.64 -65.58 -29.64
CA ARG VA 198 28.09 -65.67 -29.47
C ARG VA 198 28.71 -66.31 -30.70
N LEU VA 199 29.77 -65.69 -31.20
CA LEU VA 199 30.49 -66.23 -32.35
C LEU VA 199 31.27 -67.47 -31.93
N CYS VA 200 31.17 -68.52 -32.74
CA CYS VA 200 31.88 -69.76 -32.47
C CYS VA 200 33.06 -69.96 -33.42
N TYR VA 201 33.46 -68.93 -34.15
CA TYR VA 201 34.59 -69.06 -35.06
C TYR VA 201 35.87 -69.28 -34.27
N LEU VA 202 36.71 -70.19 -34.77
CA LEU VA 202 37.87 -70.62 -34.01
C LEU VA 202 38.85 -69.49 -33.73
N PRO VA 203 39.35 -68.74 -34.71
CA PRO VA 203 40.38 -67.74 -34.37
C PRO VA 203 39.83 -66.59 -33.55
N THR VA 204 38.62 -66.13 -33.86
CA THR VA 204 38.02 -65.06 -33.08
C THR VA 204 37.80 -65.49 -31.65
N ALA VA 205 37.32 -66.72 -31.44
CA ALA VA 205 37.16 -67.23 -30.09
C ALA VA 205 38.50 -67.29 -29.37
N LEU VA 206 39.54 -67.78 -30.05
CA LEU VA 206 40.85 -67.88 -29.41
C LEU VA 206 41.36 -66.51 -29.00
N GLU VA 207 41.23 -65.52 -29.87
CA GLU VA 207 41.77 -64.20 -29.54
C GLU VA 207 40.92 -63.48 -28.51
N ALA VA 208 39.61 -63.75 -28.45
CA ALA VA 208 38.74 -62.98 -27.58
C ALA VA 208 38.60 -63.63 -26.22
N ARG VA 209 38.07 -64.85 -26.17
CA ARG VA 209 37.80 -65.49 -24.89
C ARG VA 209 39.01 -66.24 -24.35
N SER VA 210 39.72 -66.97 -25.19
CA SER VA 210 40.94 -67.62 -24.76
C SER VA 210 42.00 -66.58 -24.42
N LYS VA 211 42.78 -66.89 -23.39
CA LYS VA 211 43.77 -65.94 -22.89
C LYS VA 211 45.17 -66.51 -22.78
N TYR VA 212 45.36 -67.82 -22.93
CA TYR VA 212 46.68 -68.43 -22.81
C TYR VA 212 47.18 -69.06 -24.11
N LEU VA 213 46.30 -69.34 -25.05
CA LEU VA 213 46.63 -70.05 -26.27
C LEU VA 213 46.19 -69.24 -27.48
N ARG VA 214 47.00 -69.24 -28.52
CA ARG VA 214 46.67 -68.56 -29.77
C ARG VA 214 46.84 -69.53 -30.92
N ALA VA 215 45.89 -69.48 -31.87
CA ALA VA 215 45.80 -70.46 -32.92
C ALA VA 215 46.02 -69.81 -34.29
N VAL VA 216 46.71 -70.53 -35.16
CA VAL VA 216 46.88 -70.15 -36.55
C VAL VA 216 46.25 -71.23 -37.41
N VAL VA 217 45.41 -70.82 -38.36
CA VAL VA 217 44.61 -71.72 -39.16
C VAL VA 217 44.76 -71.36 -40.63
N ASN VA 218 44.94 -72.37 -41.47
CA ASN VA 218 44.99 -72.16 -42.92
C ASN VA 218 43.60 -71.78 -43.42
N GLU VA 219 43.49 -70.61 -44.05
CA GLU VA 219 42.21 -70.12 -44.51
C GLU VA 219 41.71 -70.89 -45.73
N GLU VA 220 42.59 -71.64 -46.38
CA GLU VA 220 42.20 -72.46 -47.52
C GLU VA 220 41.89 -73.90 -47.14
N LEU VA 221 42.42 -74.38 -46.01
CA LEU VA 221 42.15 -75.72 -45.53
C LEU VA 221 41.16 -75.75 -44.37
N ILE VA 222 40.70 -74.58 -43.91
CA ILE VA 222 39.72 -74.56 -42.84
C ILE VA 222 38.42 -75.19 -43.28
N SER VA 223 38.03 -74.96 -44.53
CA SER VA 223 36.79 -75.54 -45.04
C SER VA 223 36.87 -77.06 -45.05
N THR VA 224 37.98 -77.61 -45.51
CA THR VA 224 38.16 -79.05 -45.59
C THR VA 224 38.59 -79.67 -44.28
N ALA VA 225 38.88 -78.86 -43.26
CA ALA VA 225 39.33 -79.39 -42.00
C ALA VA 225 38.21 -80.11 -41.28
N LYS VA 226 38.60 -81.07 -40.45
CA LYS VA 226 37.65 -81.81 -39.62
C LYS VA 226 38.05 -81.70 -38.16
N VAL VA 227 37.41 -82.49 -37.29
CA VAL VA 227 37.70 -82.48 -35.86
C VAL VA 227 37.93 -83.91 -35.39
N THR VA 228 38.61 -84.03 -34.26
CA THR VA 228 38.91 -85.31 -33.65
C THR VA 228 38.68 -85.22 -32.15
N ASN VA 229 38.79 -86.37 -31.48
CA ASN VA 229 38.60 -86.46 -30.04
C ASN VA 229 39.96 -86.68 -29.40
N LYS VA 230 40.48 -85.63 -28.76
CA LYS VA 230 41.79 -85.67 -28.11
C LYS VA 230 41.62 -85.20 -26.68
N LYS VA 231 42.20 -85.94 -25.74
CA LYS VA 231 41.99 -85.70 -24.32
C LYS VA 231 43.31 -85.43 -23.64
N SER VA 232 43.37 -84.33 -22.88
CA SER VA 232 44.51 -84.00 -22.02
C SER VA 232 45.81 -83.98 -22.82
N LEU VA 233 45.87 -83.06 -23.77
CA LEU VA 233 47.04 -82.88 -24.62
C LEU VA 233 47.98 -81.88 -23.97
N ALA VA 234 49.18 -82.32 -23.66
CA ALA VA 234 50.16 -81.52 -22.92
C ALA VA 234 51.21 -80.94 -23.87
N PHE VA 235 51.56 -79.69 -23.65
CA PHE VA 235 52.60 -79.03 -24.41
C PHE VA 235 53.98 -79.45 -23.91
N THR VA 236 54.90 -79.66 -24.84
CA THR VA 236 56.27 -80.07 -24.53
C THR VA 236 57.24 -79.18 -25.29
N GLY VA 237 58.46 -79.08 -24.78
CA GLY VA 237 59.50 -78.28 -25.39
C GLY VA 237 59.58 -76.86 -24.91
N GLY VA 238 58.60 -76.42 -24.11
CA GLY VA 238 58.68 -75.09 -23.54
C GLY VA 238 59.85 -74.97 -22.58
N THR VA 239 60.46 -73.80 -22.56
CA THR VA 239 61.63 -73.53 -21.72
C THR VA 239 61.65 -72.06 -21.36
N ASN VA 240 61.88 -71.76 -20.09
CA ASN VA 240 62.00 -70.38 -19.66
C ASN VA 240 63.37 -69.78 -19.97
N GLY VA 241 64.36 -70.60 -20.29
CA GLY VA 241 65.68 -70.10 -20.58
C GLY VA 241 66.41 -69.62 -19.33
N ASP VA 242 67.54 -68.96 -19.57
CA ASP VA 242 68.37 -68.40 -18.51
C ASP VA 242 68.01 -66.94 -18.30
N GLN VA 243 67.83 -66.56 -17.04
CA GLN VA 243 67.50 -65.19 -16.69
C GLN VA 243 68.57 -64.49 -15.89
N SER VA 244 69.61 -65.21 -15.44
CA SER VA 244 70.69 -64.58 -14.71
C SER VA 244 71.42 -63.54 -15.56
N LYS VA 245 71.66 -63.87 -16.82
CA LYS VA 245 72.30 -62.97 -17.77
C LYS VA 245 71.25 -62.49 -18.75
N ILE VA 246 71.08 -61.18 -18.86
CA ILE VA 246 70.11 -60.57 -19.77
C ILE VA 246 70.85 -59.61 -20.67
N SER VA 247 70.59 -59.70 -21.97
CA SER VA 247 71.31 -58.89 -22.94
C SER VA 247 70.96 -57.41 -22.77
N THR VA 248 71.96 -56.57 -23.01
CA THR VA 248 71.70 -55.14 -23.07
C THR VA 248 70.74 -54.81 -24.20
N ALA VA 249 70.71 -55.62 -25.25
CA ALA VA 249 69.73 -55.44 -26.31
C ALA VA 249 68.32 -55.64 -25.78
N ALA VA 250 68.11 -56.69 -24.98
CA ALA VA 250 66.80 -56.87 -24.35
C ALA VA 250 66.51 -55.73 -23.40
N TYR VA 251 67.54 -55.27 -22.68
CA TYR VA 251 67.37 -54.13 -21.77
C TYR VA 251 66.85 -52.91 -22.51
N LEU VA 252 67.50 -52.57 -23.63
CA LEU VA 252 67.11 -51.39 -24.38
C LEU VA 252 65.78 -51.58 -25.08
N ARG VA 253 65.46 -52.80 -25.52
CA ARG VA 253 64.14 -53.05 -26.08
C ARG VA 253 63.07 -52.81 -25.03
N ALA VA 254 63.29 -53.30 -23.81
CA ALA VA 254 62.36 -53.04 -22.73
C ALA VA 254 62.26 -51.55 -22.44
N VAL VA 255 63.40 -50.86 -22.46
CA VAL VA 255 63.41 -49.42 -22.21
C VAL VA 255 62.53 -48.70 -23.23
N LYS VA 256 62.73 -49.00 -24.51
CA LYS VA 256 62.01 -48.27 -25.54
C LYS VA 256 60.54 -48.64 -25.57
N VAL VA 257 60.19 -49.90 -25.31
CA VAL VA 257 58.77 -50.23 -25.27
C VAL VA 257 58.10 -49.58 -24.06
N LEU VA 258 58.80 -49.50 -22.93
CA LEU VA 258 58.24 -48.78 -21.79
C LEU VA 258 58.06 -47.32 -22.12
N ASN VA 259 59.01 -46.74 -22.85
CA ASN VA 259 58.87 -45.36 -23.30
C ASN VA 259 57.63 -45.20 -24.17
N ASN VA 260 57.46 -46.10 -25.13
CA ASN VA 260 56.34 -46.02 -26.05
C ASN VA 260 55.01 -46.40 -25.40
N ALA VA 261 55.04 -46.97 -24.21
CA ALA VA 261 53.82 -47.44 -23.57
C ALA VA 261 52.95 -46.25 -23.17
N PRO VA 262 51.74 -46.12 -23.68
CA PRO VA 262 50.87 -44.99 -23.31
C PRO VA 262 50.00 -45.32 -22.10
N TYR VA 263 50.65 -45.57 -20.97
CA TYR VA 263 49.98 -45.83 -19.71
C TYR VA 263 50.57 -44.92 -18.65
N MET VA 264 49.69 -44.34 -17.83
CA MET VA 264 50.16 -43.38 -16.84
C MET VA 264 50.89 -44.09 -15.72
N TYR VA 265 52.04 -43.56 -15.33
CA TYR VA 265 52.74 -44.01 -14.14
C TYR VA 265 53.50 -42.85 -13.56
N THR VA 266 53.29 -42.59 -12.27
CA THR VA 266 53.89 -41.44 -11.62
C THR VA 266 55.35 -41.66 -11.24
N ALA VA 267 55.82 -42.90 -11.20
CA ALA VA 267 57.18 -43.15 -10.76
C ALA VA 267 57.74 -44.38 -11.46
N VAL VA 268 59.07 -44.51 -11.38
CA VAL VA 268 59.78 -45.65 -11.95
C VAL VA 268 60.66 -46.27 -10.88
N LEU VA 269 60.73 -47.60 -10.91
CA LEU VA 269 61.37 -48.40 -9.89
C LEU VA 269 62.48 -49.24 -10.52
N GLY VA 270 63.60 -49.38 -9.80
CA GLY VA 270 64.74 -50.08 -10.35
C GLY VA 270 64.50 -51.57 -10.52
N LEU VA 271 63.81 -52.19 -9.57
CA LEU VA 271 63.58 -53.64 -9.54
C LEU VA 271 64.89 -54.43 -9.48
N GLY VA 272 65.92 -53.83 -8.90
CA GLY VA 272 67.16 -54.53 -8.64
C GLY VA 272 68.11 -54.66 -9.82
N CYS VA 273 67.79 -54.06 -10.97
CA CYS VA 273 68.68 -54.16 -12.11
C CYS VA 273 69.99 -53.42 -11.84
N TYR VA 274 71.09 -54.02 -12.29
CA TYR VA 274 72.40 -53.43 -12.11
C TYR VA 274 73.08 -53.10 -13.43
N ASP VA 275 72.43 -53.29 -14.55
CA ASP VA 275 72.99 -52.88 -15.82
C ASP VA 275 73.14 -51.37 -15.85
N ASN VA 276 74.37 -50.90 -16.05
CA ASN VA 276 74.61 -49.46 -16.05
C ASN VA 276 73.86 -48.78 -17.18
N ALA VA 277 73.87 -49.38 -18.37
CA ALA VA 277 73.16 -48.80 -19.51
C ALA VA 277 71.67 -48.75 -19.24
N ALA VA 278 71.11 -49.82 -18.66
CA ALA VA 278 69.69 -49.81 -18.31
C ALA VA 278 69.38 -48.73 -17.29
N ILE VA 279 70.25 -48.57 -16.29
CA ILE VA 279 70.03 -47.55 -15.27
C ILE VA 279 70.03 -46.17 -15.89
N THR VA 280 70.99 -45.91 -16.78
CA THR VA 280 71.06 -44.61 -17.44
C THR VA 280 69.85 -44.38 -18.33
N ALA VA 281 69.41 -45.40 -19.06
CA ALA VA 281 68.24 -45.25 -19.90
C ALA VA 281 67.01 -44.94 -19.06
N LEU VA 282 66.86 -45.63 -17.94
CA LEU VA 282 65.75 -45.34 -17.05
C LEU VA 282 65.84 -43.93 -16.49
N GLY VA 283 67.05 -43.48 -16.19
CA GLY VA 283 67.23 -42.12 -15.70
C GLY VA 283 66.81 -41.09 -16.72
N LYS VA 284 67.21 -41.29 -17.98
CA LYS VA 284 66.79 -40.33 -19.01
C LYS VA 284 65.30 -40.42 -19.27
N ILE VA 285 64.69 -41.60 -19.13
CA ILE VA 285 63.24 -41.70 -19.23
C ILE VA 285 62.58 -40.89 -18.13
N CYS VA 286 63.07 -41.05 -16.91
CA CYS VA 286 62.54 -40.28 -15.79
C CYS VA 286 62.67 -38.78 -16.05
N ALA VA 287 63.84 -38.37 -16.56
CA ALA VA 287 64.09 -36.96 -16.81
C ALA VA 287 63.13 -36.41 -17.86
N ASP VA 288 63.04 -37.05 -19.02
CA ASP VA 288 62.25 -36.48 -20.10
C ASP VA 288 60.77 -36.73 -19.94
N ARG VA 289 60.37 -37.56 -18.97
CA ARG VA 289 58.95 -37.72 -18.67
C ARG VA 289 58.54 -36.97 -17.41
N LEU VA 290 59.50 -36.37 -16.69
CA LEU VA 290 59.22 -35.51 -15.55
C LEU VA 290 58.46 -36.29 -14.47
N ILE VA 291 59.18 -37.26 -13.91
CA ILE VA 291 58.66 -38.17 -12.89
C ILE VA 291 59.75 -38.41 -11.86
N ASP VA 292 59.48 -39.30 -10.91
CA ASP VA 292 60.45 -39.68 -9.89
C ASP VA 292 60.97 -41.08 -10.17
N GLY VA 293 62.24 -41.30 -9.84
CA GLY VA 293 62.88 -42.58 -10.01
C GLY VA 293 63.48 -43.07 -8.70
N PHE VA 294 63.49 -44.39 -8.53
CA PHE VA 294 63.92 -44.98 -7.27
C PHE VA 294 65.11 -45.90 -7.44
N PHE VA 295 66.16 -45.44 -8.12
CA PHE VA 295 67.29 -46.29 -8.42
C PHE VA 295 67.99 -46.75 -7.15
N ASP VA 296 68.84 -47.77 -7.32
CA ASP VA 296 69.56 -48.36 -6.20
C ASP VA 296 70.95 -48.76 -6.68
N VAL VA 297 71.89 -48.81 -5.75
CA VAL VA 297 73.23 -49.27 -6.06
C VAL VA 297 73.39 -50.70 -5.57
N LYS VA 298 74.46 -51.36 -6.01
CA LYS VA 298 74.69 -52.74 -5.63
C LYS VA 298 75.00 -52.83 -4.14
N PRO VA 299 74.22 -53.57 -3.36
CA PRO VA 299 74.47 -53.63 -1.91
C PRO VA 299 75.76 -54.31 -1.55
N THR VA 300 76.32 -55.11 -2.45
CA THR VA 300 77.46 -55.97 -2.12
C THR VA 300 78.74 -55.20 -1.89
N LEU VA 301 78.78 -53.91 -2.18
CA LEU VA 301 80.00 -53.12 -2.08
C LEU VA 301 79.98 -52.29 -0.80
N THR VA 302 81.14 -52.16 -0.17
CA THR VA 302 81.24 -51.40 1.07
C THR VA 302 81.07 -49.91 0.77
N TYR VA 303 81.04 -49.11 1.84
CA TYR VA 303 80.78 -47.68 1.70
C TYR VA 303 81.87 -46.99 0.90
N ALA VA 304 83.14 -47.36 1.13
CA ALA VA 304 84.26 -46.61 0.57
C ALA VA 304 84.20 -46.57 -0.94
N GLU VA 305 83.78 -47.68 -1.56
CA GLU VA 305 83.63 -47.74 -3.01
C GLU VA 305 82.21 -47.50 -3.47
N ALA VA 306 81.23 -47.63 -2.58
CA ALA VA 306 79.85 -47.32 -2.96
C ALA VA 306 79.66 -45.82 -3.11
N LEU VA 307 80.40 -45.03 -2.34
CA LEU VA 307 80.33 -43.58 -2.49
C LEU VA 307 80.70 -43.14 -3.90
N PRO VA 308 81.80 -43.60 -4.51
CA PRO VA 308 82.04 -43.28 -5.91
C PRO VA 308 81.14 -44.03 -6.89
N ALA VA 309 80.43 -45.05 -6.42
CA ALA VA 309 79.65 -45.88 -7.34
C ALA VA 309 78.58 -45.08 -8.05
N VAL VA 310 78.14 -43.96 -7.46
CA VAL VA 310 77.09 -43.18 -8.10
C VAL VA 310 77.58 -42.55 -9.40
N GLU VA 311 78.75 -41.91 -9.37
CA GLU VA 311 79.28 -41.37 -10.62
C GLU VA 311 79.91 -42.46 -11.47
N ASP VA 312 80.27 -43.60 -10.86
CA ASP VA 312 80.66 -44.75 -11.64
C ASP VA 312 79.51 -45.19 -12.54
N THR VA 313 78.30 -45.21 -12.00
CA THR VA 313 77.11 -45.46 -12.79
C THR VA 313 76.85 -44.31 -13.75
N GLY VA 314 77.10 -43.08 -13.31
CA GLY VA 314 76.97 -41.92 -14.16
C GLY VA 314 75.63 -41.22 -14.13
N LEU VA 315 74.86 -41.35 -13.05
CA LEU VA 315 73.56 -40.71 -12.94
C LEU VA 315 73.60 -39.40 -12.17
N LEU VA 316 74.80 -38.89 -11.89
CA LEU VA 316 74.94 -37.58 -11.27
C LEU VA 316 74.81 -36.50 -12.34
N GLY VA 317 74.01 -35.49 -12.05
CA GLY VA 317 73.84 -34.37 -12.97
C GLY VA 317 72.50 -33.72 -12.80
N THR VA 318 72.37 -32.53 -13.40
CA THR VA 318 71.13 -31.77 -13.31
C THR VA 318 70.00 -32.43 -14.09
N ASP VA 319 70.32 -33.25 -15.09
CA ASP VA 319 69.29 -33.98 -15.80
C ASP VA 319 68.59 -34.98 -14.89
N TYR VA 320 69.37 -35.72 -14.11
CA TYR VA 320 68.83 -36.71 -13.18
C TYR VA 320 68.60 -36.09 -11.81
N VAL VA 321 67.86 -34.99 -11.82
CA VAL VA 321 67.60 -34.24 -10.59
C VAL VA 321 66.34 -34.74 -9.88
N SER VA 322 65.38 -35.28 -10.63
CA SER VA 322 64.10 -35.70 -10.05
C SER VA 322 64.13 -37.13 -9.53
N CYS VA 323 65.26 -37.81 -9.61
CA CYS VA 323 65.38 -39.19 -9.18
C CYS VA 323 66.21 -39.29 -7.91
N SER VA 324 66.04 -40.41 -7.21
CA SER VA 324 66.79 -40.70 -6.00
C SER VA 324 67.38 -42.10 -6.12
N VAL VA 325 68.56 -42.27 -5.54
CA VAL VA 325 69.29 -43.54 -5.57
C VAL VA 325 69.60 -43.97 -4.15
N TYR VA 326 69.45 -45.26 -3.90
CA TYR VA 326 69.46 -45.83 -2.56
C TYR VA 326 70.62 -46.81 -2.41
N HIS VA 327 70.80 -47.28 -1.19
CA HIS VA 327 71.76 -48.34 -0.88
C HIS VA 327 71.26 -49.12 0.32
N TYR VA 328 71.41 -50.44 0.27
CA TYR VA 328 70.93 -51.35 1.31
C TYR VA 328 72.07 -52.29 1.70
N PRO VA 329 72.97 -51.84 2.53
CA PRO VA 329 74.10 -52.67 2.97
C PRO VA 329 73.73 -53.64 4.09
N PHE VA 330 72.69 -54.42 3.88
CA PHE VA 330 72.20 -55.33 4.91
C PHE VA 330 71.69 -56.61 4.25
N SER VA 331 71.27 -57.55 5.09
CA SER VA 331 70.70 -58.81 4.64
C SER VA 331 69.61 -59.22 5.62
N CYS VA 332 68.41 -59.44 5.11
CA CYS VA 332 67.27 -59.81 5.92
C CYS VA 332 66.94 -61.29 5.72
N LYS VA 333 65.85 -61.72 6.34
CA LYS VA 333 65.42 -63.11 6.30
C LYS VA 333 64.33 -63.29 5.24
N ASP VA 334 64.45 -64.38 4.49
CA ASP VA 334 63.43 -64.71 3.51
C ASP VA 334 62.08 -64.97 4.17
N LYS VA 335 61.01 -64.49 3.54
CA LYS VA 335 59.68 -64.74 4.06
C LYS VA 335 59.28 -66.20 3.91
N TRP VA 336 59.88 -66.93 2.99
CA TRP VA 336 59.56 -68.34 2.76
C TRP VA 336 60.72 -69.27 3.08
N THR VA 337 61.90 -69.01 2.51
CA THR VA 337 63.05 -69.88 2.67
C THR VA 337 63.94 -69.46 3.83
N GLN VA 338 63.51 -68.47 4.62
CA GLN VA 338 64.21 -67.96 5.81
C GLN VA 338 65.72 -67.89 5.63
N SER VA 339 66.17 -67.39 4.48
CA SER VA 339 67.58 -67.31 4.15
C SER VA 339 68.02 -65.86 4.08
N ARG VA 340 69.33 -65.66 4.04
CA ARG VA 340 69.89 -64.32 3.89
C ARG VA 340 69.55 -63.79 2.49
N VAL VA 341 68.65 -62.82 2.45
CA VAL VA 341 68.18 -62.24 1.19
C VAL VA 341 68.44 -60.74 1.24
N VAL VA 342 68.89 -60.19 0.12
CA VAL VA 342 69.22 -58.78 0.01
C VAL VA 342 68.41 -58.21 -1.14
N PHE VA 343 67.64 -57.15 -0.86
CA PHE VA 343 66.91 -56.46 -1.91
C PHE VA 343 66.70 -55.02 -1.48
N GLY VA 344 66.46 -54.17 -2.47
CA GLY VA 344 66.46 -52.74 -2.26
C GLY VA 344 65.23 -52.24 -1.53
N LEU VA 345 65.25 -50.94 -1.26
CA LEU VA 345 64.18 -50.25 -0.55
C LEU VA 345 63.33 -49.42 -1.50
N SER VA 346 63.47 -49.64 -2.81
CA SER VA 346 62.83 -48.77 -3.78
C SER VA 346 61.31 -48.88 -3.73
N GLY VA 347 60.79 -50.10 -3.70
CA GLY VA 347 59.35 -50.27 -3.73
C GLY VA 347 58.68 -49.71 -2.49
N VAL VA 348 59.26 -50.00 -1.31
CA VAL VA 348 58.71 -49.46 -0.09
C VAL VA 348 58.86 -47.95 -0.02
N ALA VA 349 59.94 -47.40 -0.58
CA ALA VA 349 60.08 -45.95 -0.61
C ALA VA 349 59.00 -45.32 -1.47
N TYR VA 350 58.76 -45.89 -2.65
CA TYR VA 350 57.67 -45.40 -3.50
C TYR VA 350 56.33 -45.53 -2.78
N ALA VA 351 56.11 -46.64 -2.09
CA ALA VA 351 54.87 -46.84 -1.37
C ALA VA 351 54.69 -45.81 -0.28
N ALA VA 352 55.75 -45.52 0.46
CA ALA VA 352 55.68 -44.52 1.52
C ALA VA 352 55.36 -43.16 0.93
N LYS VA 353 56.04 -42.79 -0.16
CA LYS VA 353 55.75 -41.52 -0.81
C LYS VA 353 54.32 -41.44 -1.28
N ALA VA 354 53.83 -42.51 -1.91
CA ALA VA 354 52.46 -42.50 -2.42
C ALA VA 354 51.45 -42.37 -1.29
N ARG VA 355 51.60 -43.17 -0.24
CA ARG VA 355 50.63 -43.11 0.84
C ARG VA 355 50.70 -41.77 1.55
N GLY VA 356 51.90 -41.22 1.72
CA GLY VA 356 52.01 -39.92 2.35
C GLY VA 356 51.35 -38.82 1.54
N VAL VA 357 51.61 -38.80 0.23
CA VAL VA 357 51.03 -37.76 -0.60
C VAL VA 357 49.52 -37.90 -0.68
N LYS VA 358 49.01 -39.13 -0.70
CA LYS VA 358 47.57 -39.32 -0.83
C LYS VA 358 46.85 -39.43 0.51
N LYS VA 359 47.56 -39.24 1.63
CA LYS VA 359 46.86 -38.94 2.86
C LYS VA 359 45.94 -37.74 2.68
N ASN VA 360 46.46 -36.68 2.07
CA ASN VA 360 45.60 -35.57 1.67
C ASN VA 360 44.68 -36.02 0.55
N SER VA 361 43.45 -35.53 0.57
CA SER VA 361 42.41 -36.03 -0.32
C SER VA 361 42.11 -35.13 -1.50
N ASP VA 362 42.29 -33.81 -1.36
CA ASP VA 362 41.90 -32.91 -2.45
C ASP VA 362 42.87 -33.03 -3.63
N VAL VA 363 44.14 -32.70 -3.41
CA VAL VA 363 45.14 -32.81 -4.46
C VAL VA 363 46.36 -33.64 -4.04
N GLY VA 364 46.63 -33.79 -2.76
CA GLY VA 364 47.81 -34.50 -2.33
C GLY VA 364 48.95 -33.56 -2.00
N GLY VA 365 49.85 -34.02 -1.14
CA GLY VA 365 51.01 -33.22 -0.76
C GLY VA 365 52.33 -33.90 -1.03
N TRP VA 366 53.10 -33.37 -1.98
CA TRP VA 366 54.39 -33.93 -2.33
C TRP VA 366 55.52 -33.34 -1.51
N HIS VA 367 55.22 -32.46 -0.56
CA HIS VA 367 56.23 -31.82 0.27
C HIS VA 367 56.68 -32.70 1.41
N TYR VA 368 56.46 -34.01 1.31
CA TYR VA 368 56.79 -34.92 2.40
C TYR VA 368 58.19 -35.51 2.22
N SER VA 369 58.91 -35.60 3.32
CA SER VA 369 60.30 -36.02 3.42
C SER VA 369 60.39 -37.53 3.58
N PRO VA 370 61.20 -38.21 2.79
CA PRO VA 370 61.41 -39.66 2.94
C PRO VA 370 62.38 -40.00 4.08
N ALA VA 371 62.17 -39.36 5.24
CA ALA VA 371 62.96 -39.64 6.42
C ALA VA 371 62.04 -39.58 7.62
N GLY VA 372 62.45 -40.25 8.68
CA GLY VA 372 61.62 -40.40 9.85
C GLY VA 372 60.72 -41.62 9.76
N GLU VA 373 60.26 -42.05 10.92
CA GLU VA 373 59.48 -43.28 11.03
C GLU VA 373 58.02 -43.10 10.66
N GLU VA 374 57.61 -41.93 10.17
CA GLU VA 374 56.28 -41.80 9.61
C GLU VA 374 56.15 -42.58 8.32
N ARG VA 375 57.25 -42.74 7.59
CA ARG VA 375 57.23 -43.47 6.33
C ARG VA 375 58.35 -44.50 6.30
N ALA VA 376 59.50 -44.15 6.86
CA ALA VA 376 60.70 -44.99 6.77
C ALA VA 376 60.71 -45.99 7.92
N VAL VA 377 59.77 -46.94 7.84
CA VAL VA 377 59.70 -48.07 8.75
C VAL VA 377 59.60 -49.34 7.91
N ILE VA 378 60.58 -50.22 8.03
CA ILE VA 378 60.62 -51.37 7.14
C ILE VA 378 60.59 -52.67 7.93
N ALA VA 379 61.66 -52.95 8.67
CA ALA VA 379 61.74 -54.07 9.61
C ALA VA 379 61.20 -55.37 9.01
N ARG VA 380 61.91 -55.86 7.99
CA ARG VA 380 61.42 -57.03 7.27
C ARG VA 380 61.53 -58.28 8.13
N ALA VA 381 62.76 -58.73 8.39
CA ALA VA 381 63.03 -59.84 9.29
C ALA VA 381 64.52 -60.05 9.47
N SER VA 382 64.95 -60.36 10.68
CA SER VA 382 66.30 -60.83 10.98
C SER VA 382 67.37 -60.06 10.22
N ILE VA 383 67.38 -58.75 10.43
CA ILE VA 383 68.32 -57.89 9.72
C ILE VA 383 69.75 -58.23 10.14
N GLN VA 384 70.65 -58.29 9.18
CA GLN VA 384 72.05 -58.59 9.45
C GLN VA 384 72.90 -57.58 8.70
N PRO VA 385 73.71 -56.77 9.38
CA PRO VA 385 74.59 -55.84 8.67
C PRO VA 385 75.66 -56.59 7.92
N LEU VA 386 75.87 -56.21 6.66
CA LEU VA 386 76.93 -56.84 5.87
C LEU VA 386 78.30 -56.53 6.45
N TYR VA 387 78.52 -55.29 6.86
CA TYR VA 387 79.80 -54.82 7.39
C TYR VA 387 79.52 -54.11 8.71
N PRO VA 388 79.34 -54.87 9.80
CA PRO VA 388 79.01 -54.23 11.08
C PRO VA 388 80.04 -53.21 11.52
N GLU VA 389 81.32 -53.45 11.24
CA GLU VA 389 82.36 -52.51 11.63
C GLU VA 389 82.31 -51.25 10.77
N ASP VA 390 82.04 -51.40 9.48
CA ASP VA 390 81.96 -50.25 8.59
C ASP VA 390 80.75 -49.40 8.92
N THR VA 391 80.95 -48.09 8.90
CA THR VA 391 79.88 -47.13 9.13
C THR VA 391 79.87 -46.12 8.00
N PRO VA 392 78.69 -45.63 7.62
CA PRO VA 392 78.63 -44.63 6.55
C PRO VA 392 79.20 -43.30 6.98
N ASP VA 393 79.69 -42.55 5.99
CA ASP VA 393 80.17 -41.19 6.19
C ASP VA 393 79.10 -40.23 5.67
N GLU VA 394 78.56 -39.41 6.56
CA GLU VA 394 77.38 -38.62 6.23
C GLU VA 394 77.69 -37.55 5.21
N GLU VA 395 78.81 -36.83 5.38
CA GLU VA 395 79.13 -35.73 4.48
C GLU VA 395 79.52 -36.22 3.11
N ALA VA 396 80.35 -37.27 3.04
CA ALA VA 396 80.68 -37.85 1.75
C ALA VA 396 79.44 -38.45 1.10
N MET VA 397 78.53 -38.99 1.90
CA MET VA 397 77.28 -39.52 1.38
C MET VA 397 76.44 -38.41 0.76
N VAL VA 398 76.27 -37.29 1.48
CA VAL VA 398 75.43 -36.22 0.96
C VAL VA 398 76.07 -35.59 -0.28
N LYS VA 399 77.40 -35.51 -0.34
CA LYS VA 399 78.02 -35.22 -1.63
C LYS VA 399 77.63 -36.25 -2.68
N GLY VA 400 77.69 -37.53 -2.34
CA GLY VA 400 77.39 -38.56 -3.32
C GLY VA 400 75.95 -38.60 -3.75
N ARG VA 401 75.08 -37.87 -3.05
CA ARG VA 401 73.67 -37.78 -3.39
C ARG VA 401 72.96 -39.12 -3.29
N LEU VA 402 73.57 -40.08 -2.61
CA LEU VA 402 72.97 -41.39 -2.39
C LEU VA 402 71.98 -41.28 -1.24
N ASN VA 403 71.47 -42.41 -0.76
CA ASN VA 403 70.61 -42.42 0.40
C ASN VA 403 71.08 -43.51 1.36
N LYS VA 404 71.31 -43.13 2.61
CA LYS VA 404 71.80 -44.05 3.62
C LYS VA 404 70.70 -44.40 4.62
N VAL VA 405 70.93 -45.50 5.34
CA VAL VA 405 69.94 -46.12 6.19
C VAL VA 405 70.52 -46.39 7.56
N SER VA 406 69.64 -46.68 8.50
CA SER VA 406 70.03 -47.04 9.86
C SER VA 406 68.85 -47.74 10.52
N VAL VA 407 68.94 -47.89 11.84
CA VAL VA 407 67.88 -48.50 12.64
C VAL VA 407 67.35 -47.47 13.62
N GLY VA 408 66.03 -47.42 13.76
CA GLY VA 408 65.41 -46.55 14.73
C GLY VA 408 65.37 -47.17 16.11
N THR VA 409 64.77 -46.43 17.04
CA THR VA 409 64.68 -46.92 18.42
C THR VA 409 63.81 -48.17 18.50
N SER VA 410 62.70 -48.20 17.76
CA SER VA 410 61.81 -49.35 17.79
C SER VA 410 62.33 -50.53 16.99
N GLY VA 411 63.57 -50.47 16.48
CA GLY VA 411 64.14 -51.55 15.71
C GLY VA 411 63.78 -51.54 14.24
N GLN VA 412 62.95 -50.61 13.80
CA GLN VA 412 62.61 -50.54 12.39
C GLN VA 412 63.80 -50.05 11.57
N MET VA 413 63.75 -50.37 10.28
CA MET VA 413 64.78 -49.93 9.34
C MET VA 413 64.33 -48.59 8.76
N ILE VA 414 65.21 -47.58 8.85
CA ILE VA 414 64.82 -46.21 8.53
C ILE VA 414 65.82 -45.61 7.54
N ILE VA 415 65.29 -44.93 6.53
CA ILE VA 415 66.11 -44.25 5.52
C ILE VA 415 66.32 -42.82 5.98
N ASP VA 416 67.55 -42.47 6.32
CA ASP VA 416 67.82 -41.21 7.00
C ASP VA 416 68.32 -40.15 6.03
N ASP VA 417 67.62 -40.02 4.90
CA ASP VA 417 68.02 -39.11 3.83
C ASP VA 417 66.79 -38.63 3.09
N ALA VA 418 66.85 -37.38 2.62
CA ALA VA 418 65.78 -36.76 1.84
C ALA VA 418 66.36 -35.90 0.72
N LEU VA 419 67.31 -36.45 -0.03
CA LEU VA 419 67.98 -35.71 -1.08
C LEU VA 419 67.94 -36.51 -2.38
N THR VA 420 67.95 -35.79 -3.49
CA THR VA 420 67.99 -36.41 -4.81
C THR VA 420 69.43 -36.52 -5.30
N CYS VA 421 69.58 -36.84 -6.58
CA CYS VA 421 70.89 -37.05 -7.21
C CYS VA 421 71.39 -35.79 -7.90
N CYS VA 422 71.09 -34.62 -7.34
CA CYS VA 422 71.51 -33.35 -7.93
C CYS VA 422 72.90 -33.00 -7.41
N THR VA 423 73.85 -32.90 -8.34
CA THR VA 423 75.24 -32.64 -7.96
C THR VA 423 75.35 -31.30 -7.24
N GLN VA 424 74.70 -30.27 -7.78
CA GLN VA 424 74.78 -28.95 -7.20
C GLN VA 424 73.98 -28.88 -5.91
N ASP VA 425 74.44 -28.03 -5.00
CA ASP VA 425 73.85 -27.87 -3.67
C ASP VA 425 72.61 -26.99 -3.71
N ASN VA 426 72.12 -26.63 -4.89
CA ASN VA 426 70.96 -25.78 -5.02
C ASN VA 426 69.74 -26.45 -4.40
N TYR VA 427 68.68 -25.67 -4.25
CA TYR VA 427 67.45 -26.15 -3.65
C TYR VA 427 66.84 -27.33 -4.41
N LEU VA 428 67.34 -27.65 -5.60
CA LEU VA 428 66.88 -28.85 -6.27
C LEU VA 428 67.46 -30.11 -5.63
N HIS VA 429 68.53 -29.98 -4.84
CA HIS VA 429 69.17 -31.14 -4.25
C HIS VA 429 68.35 -31.78 -3.14
N PHE VA 430 67.30 -31.13 -2.67
CA PHE VA 430 66.36 -31.79 -1.77
C PHE VA 430 65.52 -32.81 -2.55
N GLN VA 431 64.63 -33.50 -1.84
CA GLN VA 431 63.80 -34.53 -2.44
C GLN VA 431 62.37 -34.07 -2.69
N HIS VA 432 61.69 -33.56 -1.66
CA HIS VA 432 60.29 -33.20 -1.81
C HIS VA 432 60.11 -32.01 -2.75
N VAL VA 433 60.99 -31.02 -2.67
CA VAL VA 433 60.82 -29.80 -3.46
C VAL VA 433 60.83 -30.09 -4.97
N PRO VA 434 61.81 -30.82 -5.52
CA PRO VA 434 61.71 -31.14 -6.94
C PRO VA 434 60.45 -31.91 -7.29
N SER VA 435 60.00 -32.79 -6.40
CA SER VA 435 58.70 -33.43 -6.62
C SER VA 435 57.59 -32.40 -6.61
N LEU VA 436 57.72 -31.35 -5.80
CA LEU VA 436 56.72 -30.29 -5.80
C LEU VA 436 56.65 -29.62 -7.16
N MET VA 437 57.81 -29.27 -7.72
CA MET VA 437 57.79 -28.67 -9.05
C MET VA 437 57.26 -29.65 -10.08
N ASN VA 438 57.62 -30.93 -9.96
CA ASN VA 438 57.13 -31.91 -10.92
C ASN VA 438 55.61 -32.00 -10.89
N ALA VA 439 55.04 -32.03 -9.68
CA ALA VA 439 53.59 -32.12 -9.56
C ALA VA 439 52.90 -30.87 -10.09
N ILE VA 440 53.40 -29.70 -9.73
CA ILE VA 440 52.76 -28.47 -10.19
C ILE VA 440 52.86 -28.36 -11.70
N SER VA 441 54.00 -28.74 -12.27
CA SER VA 441 54.17 -28.72 -13.71
C SER VA 441 53.23 -29.70 -14.39
N ARG VA 442 53.09 -30.89 -13.81
CA ARG VA 442 52.18 -31.87 -14.40
C ARG VA 442 50.75 -31.37 -14.39
N PHE VA 443 50.31 -30.79 -13.27
CA PHE VA 443 48.96 -30.24 -13.21
C PHE VA 443 48.78 -29.11 -14.21
N PHE VA 444 49.79 -28.25 -14.34
CA PHE VA 444 49.73 -27.17 -15.30
C PHE VA 444 49.61 -27.70 -16.72
N VAL VA 445 50.37 -28.76 -17.04
CA VAL VA 445 50.28 -29.38 -18.35
C VAL VA 445 48.89 -29.92 -18.58
N GLN VA 446 48.34 -30.60 -17.58
CA GLN VA 446 47.01 -31.16 -17.72
C GLN VA 446 45.97 -30.09 -18.01
N LEU VA 447 46.02 -29.00 -17.25
CA LEU VA 447 45.04 -27.93 -17.45
C LEU VA 447 45.25 -27.23 -18.80
N ALA VA 448 46.51 -27.03 -19.20
CA ALA VA 448 46.77 -26.39 -20.47
C ALA VA 448 46.25 -27.24 -21.62
N ARG VA 449 46.45 -28.55 -21.55
CA ARG VA 449 45.92 -29.43 -22.57
C ARG VA 449 44.40 -29.44 -22.54
N GLN VA 450 43.80 -29.38 -21.36
CA GLN VA 450 42.35 -29.31 -21.26
C GLN VA 450 41.81 -28.06 -21.96
N MET VA 451 42.47 -26.93 -21.76
CA MET VA 451 42.03 -25.69 -22.37
C MET VA 451 42.53 -25.54 -23.81
N LYS VA 452 43.36 -26.47 -24.27
CA LYS VA 452 44.01 -26.36 -25.57
C LYS VA 452 42.98 -26.42 -26.70
N HIS VA 453 43.38 -25.87 -27.85
CA HIS VA 453 42.57 -25.91 -29.07
C HIS VA 453 41.26 -25.15 -28.87
N SER VA 454 41.37 -23.91 -28.43
CA SER VA 454 40.21 -23.10 -28.13
C SER VA 454 40.33 -21.73 -28.79
N PRO VA 455 39.23 -21.16 -29.25
CA PRO VA 455 39.30 -19.85 -29.90
C PRO VA 455 39.76 -18.78 -28.93
N ASP VA 456 40.46 -17.78 -29.47
CA ASP VA 456 41.10 -16.77 -28.65
C ASP VA 456 40.05 -15.85 -28.04
N GLY VA 457 40.54 -14.93 -27.19
CA GLY VA 457 39.70 -13.96 -26.54
C GLY VA 457 39.16 -14.37 -25.19
N ILE VA 458 39.23 -15.66 -24.86
CA ILE VA 458 38.74 -16.17 -23.59
C ILE VA 458 39.81 -17.06 -22.99
N THR VA 459 40.82 -17.37 -23.79
CA THR VA 459 41.89 -18.26 -23.34
C THR VA 459 42.62 -17.67 -22.16
N ALA VA 460 42.94 -16.38 -22.22
CA ALA VA 460 43.65 -15.73 -21.12
C ALA VA 460 42.83 -15.78 -19.85
N ALA VA 461 41.55 -15.45 -19.94
CA ALA VA 461 40.69 -15.47 -18.76
C ALA VA 461 40.62 -16.87 -18.17
N GLY VA 462 40.44 -17.88 -19.02
CA GLY VA 462 40.35 -19.24 -18.53
C GLY VA 462 41.62 -19.70 -17.85
N LEU VA 463 42.77 -19.41 -18.46
CA LEU VA 463 44.03 -19.81 -17.85
C LEU VA 463 44.25 -19.10 -16.53
N THR VA 464 43.91 -17.80 -16.46
CA THR VA 464 44.04 -17.08 -15.20
C THR VA 464 43.17 -17.69 -14.12
N LYS VA 465 41.92 -18.02 -14.45
CA LYS VA 465 41.03 -18.61 -13.45
C LYS VA 465 41.54 -19.96 -13.00
N GLY VA 466 41.99 -20.79 -13.94
CA GLY VA 466 42.53 -22.08 -13.58
C GLY VA 466 43.74 -21.97 -12.68
N MET VA 467 44.65 -21.05 -12.99
CA MET VA 467 45.82 -20.90 -12.15
C MET VA 467 45.45 -20.35 -10.78
N THR VA 468 44.48 -19.43 -10.72
CA THR VA 468 44.08 -18.89 -9.43
C THR VA 468 43.48 -19.97 -8.54
N LYS VA 469 42.60 -20.81 -9.10
CA LYS VA 469 42.04 -21.88 -8.29
C LYS VA 469 43.10 -22.92 -7.94
N LEU VA 470 44.08 -23.13 -8.82
CA LEU VA 470 45.18 -24.02 -8.48
C LEU VA 470 45.98 -23.46 -7.32
N LEU VA 471 46.20 -22.15 -7.32
CA LEU VA 471 46.86 -21.48 -6.21
C LEU VA 471 46.06 -21.63 -4.93
N ASP VA 472 44.74 -21.54 -5.04
CA ASP VA 472 43.89 -21.73 -3.88
C ASP VA 472 44.06 -23.12 -3.30
N ARG VA 473 44.02 -24.14 -4.15
CA ARG VA 473 44.25 -25.49 -3.67
C ARG VA 473 45.64 -25.65 -3.10
N PHE VA 474 46.63 -24.96 -3.67
CA PHE VA 474 47.99 -25.06 -3.16
C PHE VA 474 48.13 -24.45 -1.78
N VAL VA 475 47.54 -23.28 -1.57
CA VAL VA 475 47.63 -22.63 -0.27
C VAL VA 475 46.80 -23.41 0.75
N ALA VA 476 45.72 -24.05 0.32
CA ALA VA 476 45.00 -24.95 1.21
C ALA VA 476 45.90 -26.12 1.61
N SER VA 477 46.58 -26.72 0.64
CA SER VA 477 47.51 -27.81 0.92
C SER VA 477 48.69 -27.36 1.76
N GLY VA 478 48.98 -26.06 1.79
CA GLY VA 478 50.09 -25.54 2.57
C GLY VA 478 51.43 -25.57 1.87
N ALA VA 479 51.50 -26.14 0.66
CA ALA VA 479 52.77 -26.16 -0.05
C ALA VA 479 53.23 -24.75 -0.40
N LEU VA 480 52.30 -23.91 -0.85
CA LEU VA 480 52.63 -22.52 -1.15
C LEU VA 480 52.71 -21.75 0.16
N VAL VA 481 53.89 -21.22 0.46
CA VAL VA 481 54.14 -20.52 1.70
C VAL VA 481 54.78 -19.16 1.40
N ALA VA 482 54.78 -18.30 2.40
CA ALA VA 482 55.25 -16.94 2.24
C ALA VA 482 56.75 -16.92 1.93
N PRO VA 483 57.21 -15.91 1.18
CA PRO VA 483 58.63 -15.85 0.83
C PRO VA 483 59.51 -15.71 2.06
N ARG VA 484 60.71 -16.28 1.97
CA ARG VA 484 61.67 -16.18 3.06
C ARG VA 484 62.09 -14.74 3.29
N ASP VA 485 62.32 -13.99 2.22
CA ASP VA 485 62.78 -12.61 2.33
C ASP VA 485 61.70 -11.65 1.86
N PRO VA 486 61.02 -10.94 2.76
CA PRO VA 486 60.00 -9.97 2.34
C PRO VA 486 60.57 -8.68 1.78
N ASP VA 487 61.89 -8.53 1.78
CA ASP VA 487 62.48 -7.28 1.30
C ASP VA 487 62.25 -7.10 -0.20
N ALA VA 488 62.26 -8.20 -0.95
CA ALA VA 488 62.15 -8.13 -2.41
C ALA VA 488 60.70 -8.27 -2.86
N ASP VA 489 60.08 -9.40 -2.55
CA ASP VA 489 58.73 -9.71 -3.02
C ASP VA 489 57.69 -9.57 -1.92
N GLY VA 490 58.06 -9.11 -0.74
CA GLY VA 490 57.11 -9.06 0.34
C GLY VA 490 56.70 -10.45 0.78
N THR VA 491 55.50 -10.55 1.34
CA THR VA 491 54.96 -11.83 1.77
C THR VA 491 54.08 -12.48 0.71
N GLU VA 492 53.91 -11.85 -0.44
CA GLU VA 492 53.11 -12.43 -1.51
C GLU VA 492 53.99 -13.39 -2.29
N PRO VA 493 53.70 -14.69 -2.29
CA PRO VA 493 54.66 -15.69 -2.78
C PRO VA 493 54.48 -16.16 -4.23
N TYR VA 494 53.60 -15.53 -5.01
CA TYR VA 494 53.34 -16.01 -6.37
C TYR VA 494 53.32 -14.85 -7.36
N VAL VA 495 53.68 -15.16 -8.60
CA VAL VA 495 53.59 -14.19 -9.69
C VAL VA 495 53.30 -14.93 -10.99
N LEU VA 496 52.49 -14.31 -11.84
CA LEU VA 496 52.07 -14.87 -13.12
C LEU VA 496 51.98 -13.78 -14.16
N LYS VA 497 52.43 -14.10 -15.38
CA LYS VA 497 52.20 -13.25 -16.54
C LYS VA 497 51.86 -14.11 -17.74
N VAL VA 498 51.12 -13.52 -18.67
CA VAL VA 498 50.83 -14.14 -19.95
C VAL VA 498 50.99 -13.08 -21.04
N THR VA 499 51.67 -13.46 -22.12
CA THR VA 499 51.91 -12.58 -23.26
C THR VA 499 51.66 -13.36 -24.55
N GLN VA 500 51.67 -12.64 -25.67
CA GLN VA 500 51.43 -13.22 -26.98
C GLN VA 500 52.60 -12.94 -27.90
N ALA VA 501 52.90 -13.88 -28.80
CA ALA VA 501 53.88 -13.64 -29.84
C ALA VA 501 53.24 -13.42 -31.21
N GLU VA 502 52.38 -14.32 -31.65
CA GLU VA 502 51.72 -14.20 -32.94
C GLU VA 502 50.35 -14.86 -32.82
N PHE VA 503 49.76 -15.24 -33.95
CA PHE VA 503 48.55 -16.05 -34.01
C PHE VA 503 48.57 -17.16 -32.97
N ASP VA 504 49.75 -17.72 -32.70
CA ASP VA 504 49.95 -18.67 -31.61
C ASP VA 504 51.05 -18.19 -30.67
N LYS VA 505 51.54 -19.10 -29.83
CA LYS VA 505 52.61 -18.81 -28.88
C LYS VA 505 52.15 -17.80 -27.84
N TRP VA 506 51.18 -18.23 -27.04
CA TRP VA 506 50.94 -17.63 -25.73
C TRP VA 506 52.09 -18.03 -24.81
N GLU VA 507 52.89 -17.07 -24.41
CA GLU VA 507 53.98 -17.31 -23.47
C GLU VA 507 53.48 -17.01 -22.06
N VAL VA 508 53.37 -18.05 -21.24
CA VAL VA 508 52.93 -17.91 -19.85
C VAL VA 508 54.12 -18.18 -18.95
N VAL VA 509 54.28 -17.33 -17.94
CA VAL VA 509 55.39 -17.43 -17.00
C VAL VA 509 54.84 -17.36 -15.59
N TRP VA 510 55.33 -18.25 -14.72
CA TRP VA 510 54.80 -18.37 -13.38
C TRP VA 510 55.90 -18.74 -12.40
N ALA VA 511 55.99 -18.00 -11.31
CA ALA VA 511 56.97 -18.26 -10.27
C ALA VA 511 56.27 -18.33 -8.93
N CYS VA 512 56.71 -19.28 -8.09
CA CYS VA 512 56.04 -19.59 -6.84
C CYS VA 512 57.07 -19.81 -5.74
N CYS VA 513 56.62 -19.60 -4.49
CA CYS VA 513 57.45 -19.88 -3.34
C CYS VA 513 57.03 -21.17 -2.67
N PRO VA 514 57.81 -22.23 -2.78
CA PRO VA 514 57.49 -23.47 -2.07
C PRO VA 514 57.95 -23.38 -0.62
N THR VA 515 57.80 -24.49 0.09
CA THR VA 515 58.18 -24.62 1.49
C THR VA 515 59.36 -25.57 1.62
N GLY VA 516 59.74 -25.87 2.87
CA GLY VA 516 60.83 -26.78 3.14
C GLY VA 516 60.57 -27.60 4.39
N VAL VA 517 61.37 -28.66 4.54
CA VAL VA 517 61.23 -29.59 5.64
C VAL VA 517 62.59 -29.71 6.32
N ALA VA 518 63.37 -28.63 6.27
CA ALA VA 518 64.62 -28.49 7.03
C ALA VA 518 65.59 -29.64 6.75
N ARG VA 519 65.95 -29.79 5.48
CA ARG VA 519 66.98 -30.77 5.11
C ARG VA 519 68.31 -30.45 5.79
N ARG VA 520 68.73 -29.19 5.76
CA ARG VA 520 69.87 -28.78 6.57
C ARG VA 520 69.53 -29.00 8.02
N ILE VA 521 70.25 -29.93 8.66
CA ILE VA 521 69.91 -30.39 10.00
C ILE VA 521 71.01 -29.94 10.95
N GLN VA 522 70.63 -29.22 11.99
CA GLN VA 522 71.58 -28.70 12.97
C GLN VA 522 70.82 -28.40 14.25
N GLY VA 523 71.59 -28.12 15.30
CA GLY VA 523 71.02 -27.71 16.57
C GLY VA 523 72.09 -27.34 17.56
N VAL VA 524 71.78 -26.44 18.50
CA VAL VA 524 72.70 -26.10 19.57
C VAL VA 524 71.95 -25.64 20.81
N PRO VA 525 71.89 -26.45 21.85
CA PRO VA 525 71.47 -25.96 23.16
C PRO VA 525 72.63 -25.34 23.91
N LEU VA 526 72.30 -24.35 24.75
CA LEU VA 526 73.31 -23.58 25.45
C LEU VA 526 72.97 -23.54 26.93
N LEU VA 527 73.97 -23.19 27.73
CA LEU VA 527 73.90 -23.26 29.18
C LEU VA 527 73.61 -21.90 29.80
N ILE VA 528 73.30 -21.93 31.09
CA ILE VA 528 73.12 -20.71 31.87
C ILE VA 528 73.91 -20.71 33.18
N LYS VA 529 74.29 -21.87 33.72
CA LYS VA 529 75.00 -22.00 35.01
C LYS VA 529 74.18 -21.49 36.21
N SER WA 2 56.00 -42.70 -25.49
CA SER WA 2 54.59 -42.38 -25.65
C SER WA 2 54.37 -40.86 -25.64
N GLN WA 3 53.15 -40.45 -25.34
CA GLN WA 3 52.76 -39.04 -25.36
C GLN WA 3 52.92 -38.35 -24.01
N TYR WA 4 53.42 -39.05 -22.99
CA TYR WA 4 53.58 -38.47 -21.67
C TYR WA 4 54.90 -37.75 -21.49
N SER WA 5 55.97 -38.25 -22.08
CA SER WA 5 57.26 -37.59 -21.97
C SER WA 5 57.18 -36.20 -22.60
N ILE WA 6 57.74 -35.22 -21.90
CA ILE WA 6 57.71 -33.83 -22.34
C ILE WA 6 59.08 -33.46 -22.88
N GLN WA 7 59.11 -32.79 -24.01
CA GLN WA 7 60.37 -32.37 -24.62
C GLN WA 7 60.84 -31.09 -23.96
N GLN WA 8 61.87 -30.47 -24.53
CA GLN WA 8 62.48 -29.29 -23.93
C GLN WA 8 61.73 -28.01 -24.27
N SER WA 9 61.65 -27.68 -25.56
CA SER WA 9 61.07 -26.43 -26.01
C SER WA 9 60.09 -26.72 -27.14
N LEU WA 10 59.20 -25.76 -27.36
CA LEU WA 10 58.20 -25.90 -28.41
C LEU WA 10 58.87 -25.83 -29.77
N GLY WA 11 58.59 -26.81 -30.62
CA GLY WA 11 59.09 -26.79 -31.99
C GLY WA 11 57.98 -26.43 -32.96
N ASN WA 12 57.58 -27.40 -33.78
CA ASN WA 12 56.43 -27.22 -34.65
C ASN WA 12 55.27 -28.14 -34.29
N ALA WA 13 55.46 -29.08 -33.38
CA ALA WA 13 54.40 -29.99 -32.99
C ALA WA 13 53.44 -29.30 -32.02
N SER WA 14 52.18 -29.74 -32.06
CA SER WA 14 51.14 -29.21 -31.17
C SER WA 14 51.26 -29.94 -29.84
N GLY WA 15 51.76 -29.24 -28.84
CA GLY WA 15 51.95 -29.86 -27.54
C GLY WA 15 52.44 -28.84 -26.52
N VAL WA 16 52.91 -29.36 -25.40
CA VAL WA 16 53.46 -28.54 -24.33
C VAL WA 16 54.89 -28.98 -24.05
N ALA WA 17 55.82 -28.04 -24.09
CA ALA WA 17 57.20 -28.26 -23.68
C ALA WA 17 57.56 -27.20 -22.66
N VAL WA 18 58.17 -27.63 -21.57
CA VAL WA 18 58.52 -26.70 -20.49
C VAL WA 18 60.03 -26.71 -20.31
N SER WA 19 60.53 -25.60 -19.82
CA SER WA 19 61.93 -25.44 -19.51
C SER WA 19 62.23 -26.05 -18.13
N PRO WA 20 63.49 -26.36 -17.86
CA PRO WA 20 63.86 -26.77 -16.51
C PRO WA 20 63.57 -25.65 -15.52
N ILE WA 21 63.25 -26.04 -14.29
CA ILE WA 21 62.89 -25.07 -13.27
C ILE WA 21 64.05 -24.10 -13.05
N ASN WA 22 63.74 -22.82 -12.91
CA ASN WA 22 64.77 -21.80 -12.75
C ASN WA 22 64.57 -21.05 -11.45
N ALA WA 23 65.64 -20.96 -10.67
CA ALA WA 23 65.64 -20.24 -9.40
C ALA WA 23 66.23 -18.84 -9.51
N ASP WA 24 67.38 -18.70 -10.18
CA ASP WA 24 68.02 -17.39 -10.33
C ASP WA 24 67.39 -16.67 -11.53
N ALA WA 25 66.14 -16.27 -11.34
CA ALA WA 25 65.40 -15.51 -12.34
C ALA WA 25 64.35 -14.67 -11.61
N THR WA 26 64.47 -13.35 -11.71
CA THR WA 26 63.61 -12.43 -11.00
C THR WA 26 62.76 -11.67 -12.02
N LEU WA 27 61.45 -11.62 -11.77
CA LEU WA 27 60.53 -10.87 -12.61
C LEU WA 27 59.49 -10.19 -11.73
N SER WA 28 59.12 -8.97 -12.10
CA SER WA 28 58.22 -8.14 -11.31
C SER WA 28 57.02 -7.72 -12.14
N THR WA 29 55.98 -7.27 -11.45
CA THR WA 29 54.73 -6.89 -12.06
C THR WA 29 54.60 -5.37 -12.11
N GLY WA 30 54.20 -4.84 -13.26
CA GLY WA 30 54.02 -3.42 -13.41
C GLY WA 30 53.29 -3.01 -14.67
N VAL WA 31 52.30 -2.12 -14.54
CA VAL WA 31 51.55 -1.57 -15.66
C VAL WA 31 51.71 -0.05 -15.63
N ALA WA 32 52.31 0.50 -16.68
CA ALA WA 32 52.57 1.94 -16.72
C ALA WA 32 51.29 2.70 -17.03
N LEU WA 33 51.18 3.91 -16.47
CA LEU WA 33 50.05 4.77 -16.73
C LEU WA 33 50.43 6.08 -17.41
N ASN WA 34 51.71 6.32 -17.63
CA ASN WA 34 52.20 7.50 -18.36
C ASN WA 34 51.70 8.74 -17.62
N SER WA 35 52.25 9.00 -16.45
CA SER WA 35 51.96 10.23 -15.73
C SER WA 35 53.03 11.29 -15.92
N SER WA 36 54.30 10.89 -16.06
CA SER WA 36 55.39 11.85 -16.23
C SER WA 36 56.43 11.18 -17.11
N LEU WA 37 56.46 11.54 -18.39
CA LEU WA 37 57.45 10.99 -19.29
C LEU WA 37 58.84 11.48 -18.89
N TRP WA 38 59.80 10.57 -18.89
CA TRP WA 38 61.12 10.87 -18.41
C TRP WA 38 62.15 10.03 -19.14
N ALA WA 39 63.40 10.46 -19.04
CA ALA WA 39 64.51 9.74 -19.64
C ALA WA 39 65.76 9.99 -18.79
N GLY WA 40 66.86 9.40 -19.21
CA GLY WA 40 68.11 9.61 -18.53
C GLY WA 40 69.26 8.96 -19.25
N ILE WA 41 70.46 9.41 -18.92
CA ILE WA 41 71.70 8.91 -19.51
C ILE WA 41 72.26 7.84 -18.60
N GLY WA 42 72.43 6.63 -19.13
CA GLY WA 42 72.96 5.53 -18.36
C GLY WA 42 73.95 4.71 -19.17
N VAL WA 43 74.73 3.92 -18.44
CA VAL WA 43 75.71 3.02 -19.04
C VAL WA 43 75.37 1.61 -18.54
N PHE WA 44 74.94 0.76 -19.46
CA PHE WA 44 74.45 -0.56 -19.08
C PHE WA 44 75.14 -1.66 -19.88
N ALA WA 45 74.68 -2.88 -19.72
CA ALA WA 45 75.06 -4.00 -20.56
C ALA WA 45 73.92 -4.28 -21.53
N ARG WA 46 74.28 -4.59 -22.78
CA ARG WA 46 73.30 -4.88 -23.82
C ARG WA 46 72.46 -3.67 -24.20
N GLY WA 47 71.89 -3.68 -25.39
CA GLY WA 47 71.12 -2.55 -25.86
C GLY WA 47 71.95 -1.65 -26.75
N LYS WA 48 71.26 -0.93 -27.63
CA LYS WA 48 71.95 -0.04 -28.55
C LYS WA 48 72.42 1.22 -27.81
N PRO WA 49 73.71 1.50 -27.78
CA PRO WA 49 74.18 2.71 -27.10
C PRO WA 49 73.91 3.97 -27.92
N PHE WA 50 73.98 5.10 -27.23
CA PHE WA 50 73.84 6.41 -27.85
C PHE WA 50 72.54 6.50 -28.65
N THR WA 51 71.48 5.93 -28.08
CA THR WA 51 70.18 5.91 -28.72
C THR WA 51 69.13 5.86 -27.63
N VAL WA 52 68.01 6.54 -27.86
CA VAL WA 52 66.90 6.51 -26.93
C VAL WA 52 66.15 5.20 -27.09
N LEU WA 53 65.89 4.53 -25.97
CA LEU WA 53 65.12 3.31 -25.95
C LEU WA 53 64.02 3.47 -24.92
N ALA WA 54 62.78 3.25 -25.34
CA ALA WA 54 61.64 3.29 -24.45
C ALA WA 54 61.59 1.99 -23.67
N VAL WA 55 61.80 2.10 -22.36
CA VAL WA 55 61.86 0.94 -21.47
C VAL WA 55 60.60 0.93 -20.61
N THR WA 56 59.89 -0.19 -20.63
CA THR WA 56 58.68 -0.39 -19.86
C THR WA 56 58.96 -1.27 -18.64
N GLU WA 57 57.90 -1.65 -17.95
CA GLU WA 57 58.00 -2.51 -16.78
C GLU WA 57 58.22 -3.97 -17.15
N SER WA 58 58.50 -4.26 -18.43
CA SER WA 58 58.61 -5.63 -18.89
C SER WA 58 59.83 -5.88 -19.77
N ASN WA 59 60.67 -4.87 -19.99
CA ASN WA 59 61.83 -5.03 -20.86
C ASN WA 59 63.14 -4.63 -20.22
N TYR WA 60 63.13 -3.89 -19.10
CA TYR WA 60 64.38 -3.50 -18.46
C TYR WA 60 65.22 -4.69 -18.07
N GLU WA 61 64.60 -5.86 -17.94
CA GLU WA 61 65.36 -7.07 -17.61
C GLU WA 61 66.33 -7.42 -18.73
N ASP WA 62 65.88 -7.36 -19.99
CA ASP WA 62 66.68 -7.86 -21.09
C ASP WA 62 67.21 -6.77 -22.01
N VAL WA 63 66.34 -5.88 -22.51
CA VAL WA 63 66.83 -4.85 -23.43
C VAL WA 63 67.79 -3.92 -22.71
N LEU WA 64 67.54 -3.63 -21.44
CA LEU WA 64 68.48 -2.86 -20.65
C LEU WA 64 69.65 -3.72 -20.17
N GLY WA 65 69.48 -5.04 -20.18
CA GLY WA 65 70.52 -5.94 -19.75
C GLY WA 65 70.34 -6.38 -18.31
N GLU WA 66 71.04 -7.44 -17.95
CA GLU WA 66 70.99 -7.95 -16.58
C GLU WA 66 71.69 -6.99 -15.63
N PRO WA 67 71.12 -6.70 -14.47
CA PRO WA 67 71.76 -5.77 -13.53
C PRO WA 67 73.13 -6.27 -13.09
N LEU WA 68 74.08 -5.36 -13.02
CA LEU WA 68 75.43 -5.69 -12.63
C LEU WA 68 75.56 -5.66 -11.11
N LYS WA 69 76.76 -5.80 -10.63
CA LYS WA 69 77.04 -5.77 -9.21
C LYS WA 69 77.63 -4.42 -8.81
N PRO WA 70 77.44 -4.01 -7.55
CA PRO WA 70 77.98 -2.71 -7.13
C PRO WA 70 79.48 -2.60 -7.29
N SER WA 71 80.22 -3.68 -7.02
CA SER WA 71 81.67 -3.63 -7.10
C SER WA 71 82.17 -3.51 -8.53
N SER WA 72 81.31 -3.79 -9.51
CA SER WA 72 81.68 -3.66 -10.92
C SER WA 72 81.63 -2.18 -11.28
N GLY WA 73 82.68 -1.46 -10.91
CA GLY WA 73 82.76 -0.05 -11.21
C GLY WA 73 81.68 0.74 -10.49
N SER WA 74 81.25 1.82 -11.13
CA SER WA 74 80.26 2.73 -10.58
C SER WA 74 78.99 2.73 -11.42
N GLN WA 75 78.57 1.54 -11.84
CA GLN WA 75 77.46 1.41 -12.78
C GLN WA 75 76.25 0.70 -12.17
N PHE WA 76 76.29 0.40 -10.88
CA PHE WA 76 75.10 -0.09 -10.19
C PHE WA 76 74.13 1.02 -9.82
N GLU WA 77 74.64 2.24 -9.64
CA GLU WA 77 73.77 3.38 -9.36
C GLU WA 77 72.69 3.54 -10.41
N PRO WA 78 72.99 3.55 -11.72
CA PRO WA 78 71.92 3.76 -12.69
C PRO WA 78 70.92 2.61 -12.74
N ILE WA 79 71.39 1.37 -12.63
CA ILE WA 79 70.47 0.24 -12.69
C ILE WA 79 69.53 0.26 -11.49
N ARG WA 80 70.07 0.56 -10.30
CA ARG WA 80 69.20 0.69 -9.14
C ARG WA 80 68.22 1.85 -9.33
N HIS WA 81 68.71 2.98 -9.82
CA HIS WA 81 67.85 4.15 -10.01
C HIS WA 81 66.68 3.82 -10.92
N VAL WA 82 66.96 3.22 -12.06
CA VAL WA 82 65.88 2.85 -12.97
C VAL WA 82 65.02 1.78 -12.34
N TYR WA 83 65.59 0.95 -11.45
CA TYR WA 83 64.79 -0.05 -10.77
C TYR WA 83 63.68 0.60 -9.95
N GLU WA 84 64.01 1.63 -9.17
CA GLU WA 84 62.91 2.27 -8.44
C GLU WA 84 62.06 3.12 -9.38
N ALA WA 85 62.64 3.63 -10.46
CA ALA WA 85 61.88 4.52 -11.34
C ALA WA 85 60.78 3.77 -12.09
N ILE WA 86 61.02 2.50 -12.43
CA ILE WA 86 60.10 1.79 -13.30
C ILE WA 86 58.74 1.57 -12.64
N GLN WA 87 58.68 1.53 -11.31
CA GLN WA 87 57.43 1.21 -10.65
C GLN WA 87 56.40 2.32 -10.75
N GLN WA 88 56.67 3.36 -11.51
CA GLN WA 88 55.71 4.43 -11.73
C GLN WA 88 55.33 4.58 -13.20
N THR WA 89 56.32 4.78 -14.07
CA THR WA 89 56.03 4.95 -15.49
C THR WA 89 57.29 4.64 -16.28
N SER WA 90 57.10 4.46 -17.58
CA SER WA 90 58.17 4.03 -18.47
C SER WA 90 59.20 5.16 -18.65
N GLY WA 91 60.33 4.79 -19.25
CA GLY WA 91 61.40 5.74 -19.48
C GLY WA 91 61.85 5.72 -20.92
N TYR WA 92 62.71 6.68 -21.24
CA TYR WA 92 63.26 6.83 -22.58
C TYR WA 92 64.78 6.82 -22.51
N VAL WA 93 65.34 5.81 -21.86
CA VAL WA 93 66.72 5.87 -21.43
C VAL WA 93 67.66 5.85 -22.63
N VAL WA 94 68.80 6.51 -22.49
CA VAL WA 94 69.83 6.52 -23.51
C VAL WA 94 71.08 5.89 -22.92
N ARG WA 95 71.56 4.82 -23.56
CA ARG WA 95 72.74 4.10 -23.11
C ARG WA 95 73.98 4.63 -23.81
N ALA WA 96 75.08 4.68 -23.06
CA ALA WA 96 76.35 5.15 -23.58
C ALA WA 96 77.43 4.12 -23.28
N VAL WA 97 78.34 3.95 -24.23
CA VAL WA 97 79.45 3.01 -24.08
C VAL WA 97 80.75 3.73 -24.41
N PRO WA 98 81.88 3.31 -23.86
CA PRO WA 98 83.15 3.95 -24.19
C PRO WA 98 83.62 3.47 -25.56
N ASP WA 99 84.77 4.00 -25.98
CA ASP WA 99 85.36 3.58 -27.24
C ASP WA 99 85.78 2.13 -27.24
N ASP WA 100 85.97 1.53 -26.06
CA ASP WA 100 86.36 0.13 -25.98
C ASP WA 100 85.28 -0.81 -26.46
N ALA WA 101 84.03 -0.36 -26.49
CA ALA WA 101 82.93 -1.23 -26.91
C ALA WA 101 83.02 -1.50 -28.41
N LYS WA 102 83.00 -2.78 -28.76
CA LYS WA 102 83.01 -3.24 -30.14
C LYS WA 102 81.99 -4.36 -30.27
N PHE WA 103 81.24 -4.32 -31.29
CA PHE WA 103 80.30 -5.39 -31.57
C PHE WA 103 80.91 -6.43 -32.50
N PRO WA 104 80.50 -7.69 -32.37
CA PRO WA 104 81.05 -8.74 -33.22
C PRO WA 104 80.28 -8.90 -34.52
N ILE WA 105 81.01 -9.36 -35.53
CA ILE WA 105 80.47 -9.55 -36.88
C ILE WA 105 80.96 -10.90 -37.38
N ILE WA 106 80.08 -11.63 -38.06
CA ILE WA 106 80.44 -12.88 -38.71
C ILE WA 106 80.20 -12.71 -40.21
N MET WA 107 81.25 -12.88 -40.99
CA MET WA 107 81.20 -12.72 -42.44
C MET WA 107 81.15 -14.09 -43.10
N PHE WA 108 80.16 -14.27 -43.97
CA PHE WA 108 80.04 -15.49 -44.76
C PHE WA 108 80.47 -15.20 -46.19
N ASP WA 109 81.37 -16.04 -46.70
CA ASP WA 109 81.93 -15.83 -48.03
C ASP WA 109 80.94 -16.33 -49.08
N GLU WA 110 81.42 -16.45 -50.32
CA GLU WA 110 80.56 -16.89 -51.41
C GLU WA 110 80.03 -18.30 -51.16
N SER WA 111 80.87 -19.18 -50.65
CA SER WA 111 80.48 -20.55 -50.33
C SER WA 111 79.92 -20.69 -48.93
N GLY WA 112 79.74 -19.59 -48.21
CA GLY WA 112 79.30 -19.64 -46.84
C GLY WA 112 80.41 -19.82 -45.83
N GLU WA 113 81.65 -19.55 -46.22
CA GLU WA 113 82.76 -19.71 -45.28
C GLU WA 113 82.66 -18.66 -44.18
N PRO WA 114 82.66 -19.06 -42.91
CA PRO WA 114 82.50 -18.10 -41.83
C PRO WA 114 83.82 -17.56 -41.31
N ALA WA 115 83.81 -16.26 -41.02
CA ALA WA 115 84.94 -15.58 -40.39
C ALA WA 115 84.39 -14.64 -39.34
N TYR WA 116 85.22 -14.32 -38.35
CA TYR WA 116 84.81 -13.50 -37.23
C TYR WA 116 85.61 -12.20 -37.20
N SER WA 117 84.97 -11.14 -36.73
CA SER WA 117 85.63 -9.85 -36.58
C SER WA 117 84.90 -9.04 -35.53
N ALA WA 118 85.49 -7.91 -35.16
CA ALA WA 118 84.88 -7.00 -34.20
C ALA WA 118 85.12 -5.57 -34.64
N LEU WA 119 84.09 -4.74 -34.53
CA LEU WA 119 84.21 -3.36 -34.95
C LEU WA 119 83.64 -2.43 -33.89
N PRO WA 120 84.25 -1.26 -33.69
CA PRO WA 120 83.73 -0.33 -32.69
C PRO WA 120 82.36 0.20 -33.09
N TYR WA 121 81.55 0.49 -32.08
CA TYR WA 121 80.22 1.02 -32.34
C TYR WA 121 80.33 2.39 -32.98
N GLY WA 122 79.40 2.67 -33.90
CA GLY WA 122 79.45 3.87 -34.70
C GLY WA 122 80.28 3.72 -35.96
N SER WA 123 81.30 2.87 -35.94
CA SER WA 123 82.08 2.60 -37.13
C SER WA 123 81.24 1.84 -38.15
N GLU WA 124 81.43 2.18 -39.43
CA GLU WA 124 80.65 1.56 -40.49
C GLU WA 124 81.19 0.16 -40.80
N ILE WA 125 80.46 -0.54 -41.66
CA ILE WA 125 80.80 -1.90 -42.06
C ILE WA 125 81.03 -1.93 -43.56
N GLU WA 126 82.16 -2.48 -43.97
CA GLU WA 126 82.51 -2.60 -45.38
C GLU WA 126 83.00 -4.01 -45.65
N LEU WA 127 82.73 -4.48 -46.88
CA LEU WA 127 83.09 -5.82 -47.30
C LEU WA 127 84.10 -5.75 -48.43
N ASP WA 128 85.13 -6.58 -48.37
CA ASP WA 128 86.15 -6.63 -49.39
C ASP WA 128 85.64 -7.45 -50.58
N SER WA 129 86.55 -7.82 -51.48
CA SER WA 129 86.17 -8.63 -52.63
C SER WA 129 85.56 -9.97 -52.19
N GLY WA 130 86.17 -10.60 -51.19
CA GLY WA 130 85.63 -11.81 -50.60
C GLY WA 130 84.56 -11.51 -49.55
N GLU WA 131 84.21 -12.54 -48.79
CA GLU WA 131 83.26 -12.44 -47.70
C GLU WA 131 81.93 -11.86 -48.20
N ALA WA 132 81.28 -12.68 -49.05
CA ALA WA 132 80.10 -12.26 -49.80
C ALA WA 132 79.17 -11.35 -49.02
N PHE WA 133 78.87 -11.69 -47.77
CA PHE WA 133 78.05 -10.84 -46.94
C PHE WA 133 78.48 -11.01 -45.48
N ALA WA 134 77.83 -10.27 -44.59
CA ALA WA 134 78.15 -10.33 -43.18
C ALA WA 134 76.90 -10.09 -42.35
N ILE WA 135 76.93 -10.56 -41.11
CA ILE WA 135 75.84 -10.39 -40.17
C ILE WA 135 76.44 -9.99 -38.82
N TYR WA 136 75.84 -9.02 -38.16
CA TYR WA 136 76.31 -8.51 -36.90
C TYR WA 136 75.17 -8.37 -35.92
N VAL WA 137 75.44 -8.65 -34.66
CA VAL WA 137 74.46 -8.52 -33.60
C VAL WA 137 74.48 -7.09 -33.09
N ASP WA 138 73.30 -6.57 -32.76
CA ASP WA 138 73.15 -5.20 -32.30
C ASP WA 138 72.51 -5.10 -30.93
N ASP WA 139 72.26 -6.23 -30.27
CA ASP WA 139 71.63 -6.19 -28.96
C ASP WA 139 72.55 -5.70 -27.85
N GLY WA 140 73.84 -5.55 -28.12
CA GLY WA 140 74.78 -5.13 -27.12
C GLY WA 140 75.38 -6.24 -26.29
N ASP WA 141 74.94 -7.47 -26.48
CA ASP WA 141 75.50 -8.59 -25.72
C ASP WA 141 76.86 -8.97 -26.29
N PRO WA 142 77.90 -9.07 -25.44
CA PRO WA 142 79.21 -9.50 -25.93
C PRO WA 142 79.23 -10.93 -26.46
N CYS WA 143 78.14 -11.69 -26.29
CA CYS WA 143 78.04 -13.07 -26.74
C CYS WA 143 79.06 -13.98 -26.06
N ILE WA 144 79.61 -13.54 -24.95
CA ILE WA 144 80.56 -14.35 -24.20
C ILE WA 144 80.17 -14.54 -22.74
N SER WA 145 79.34 -13.67 -22.17
CA SER WA 145 78.90 -13.81 -20.78
C SER WA 145 77.55 -13.13 -20.65
N PRO WA 146 76.47 -13.83 -21.00
CA PRO WA 146 76.41 -15.23 -21.48
C PRO WA 146 76.74 -15.36 -22.96
N THR WA 147 76.45 -16.52 -23.53
CA THR WA 147 76.79 -16.82 -24.92
C THR WA 147 75.53 -17.14 -25.72
N ARG WA 148 75.59 -16.86 -27.02
CA ARG WA 148 74.51 -17.14 -27.95
C ARG WA 148 75.09 -17.72 -29.22
N GLU WA 149 74.33 -18.63 -29.83
CA GLU WA 149 74.79 -19.37 -31.00
C GLU WA 149 73.74 -19.31 -32.09
N LEU WA 150 74.19 -19.55 -33.31
CA LEU WA 150 73.32 -19.52 -34.48
C LEU WA 150 73.45 -20.83 -35.24
N THR WA 151 72.37 -21.22 -35.91
CA THR WA 151 72.34 -22.45 -36.67
C THR WA 151 71.70 -22.17 -38.03
N ILE WA 152 72.29 -22.72 -39.08
CA ILE WA 152 71.81 -22.51 -40.44
C ILE WA 152 71.49 -23.86 -41.06
N GLU WA 153 70.26 -23.99 -41.56
CA GLU WA 153 69.86 -25.19 -42.28
C GLU WA 153 69.12 -24.75 -43.54
N THR WA 154 68.73 -25.73 -44.36
CA THR WA 154 67.98 -25.47 -45.58
C THR WA 154 66.54 -25.90 -45.42
N ALA WA 155 65.71 -25.54 -46.38
CA ALA WA 155 64.30 -25.94 -46.37
C ALA WA 155 63.81 -26.03 -47.81
N THR WA 156 62.49 -26.16 -47.96
CA THR WA 156 61.90 -26.22 -49.28
C THR WA 156 61.99 -24.87 -49.98
N ALA WA 157 61.83 -24.89 -51.30
CA ALA WA 157 61.92 -23.69 -52.10
C ALA WA 157 60.56 -23.02 -52.22
N ASP WA 158 60.55 -21.88 -52.92
CA ASP WA 158 59.34 -21.12 -53.13
C ASP WA 158 58.69 -21.49 -54.46
N SER WA 159 57.67 -20.74 -54.86
CA SER WA 159 57.02 -20.99 -56.14
C SER WA 159 57.98 -20.73 -57.29
N ALA WA 160 58.81 -19.69 -57.18
CA ALA WA 160 59.78 -19.38 -58.21
C ALA WA 160 61.01 -20.27 -58.16
N GLY WA 161 61.07 -21.21 -57.21
CA GLY WA 161 62.21 -22.10 -57.10
C GLY WA 161 63.39 -21.50 -56.37
N ASN WA 162 63.23 -20.35 -55.73
CA ASN WA 162 64.34 -19.73 -55.03
C ASN WA 162 64.70 -20.52 -53.78
N GLU WA 163 66.00 -20.68 -53.55
CA GLU WA 163 66.47 -21.44 -52.40
C GLU WA 163 66.09 -20.73 -51.11
N ARG WA 164 65.67 -21.52 -50.12
CA ARG WA 164 65.26 -20.99 -48.82
C ARG WA 164 66.03 -21.70 -47.72
N PHE WA 165 66.58 -20.92 -46.80
CA PHE WA 165 67.36 -21.44 -45.69
C PHE WA 165 66.87 -20.82 -44.40
N LEU WA 166 66.91 -21.62 -43.35
CA LEU WA 166 66.42 -21.21 -42.04
C LEU WA 166 67.59 -20.90 -41.12
N LEU WA 167 67.44 -19.84 -40.34
CA LEU WA 167 68.39 -19.44 -39.31
C LEU WA 167 67.70 -19.54 -37.96
N LYS WA 168 68.37 -20.19 -37.02
CA LYS WA 168 67.86 -20.35 -35.66
C LYS WA 168 68.84 -19.71 -34.69
N LEU WA 169 68.31 -19.00 -33.70
CA LEU WA 169 69.12 -18.39 -32.66
C LEU WA 169 68.90 -19.13 -31.34
N THR WA 170 69.96 -19.27 -30.56
CA THR WA 170 69.87 -19.85 -29.24
C THR WA 170 70.78 -19.09 -28.29
N GLN WA 171 70.50 -19.23 -27.00
CA GLN WA 171 71.31 -18.66 -25.94
C GLN WA 171 71.81 -19.78 -25.03
N THR WA 172 73.05 -19.66 -24.60
CA THR WA 172 73.67 -20.63 -23.70
C THR WA 172 74.22 -19.90 -22.49
N THR WA 173 73.94 -20.43 -21.31
CA THR WA 173 74.38 -19.82 -20.06
C THR WA 173 75.76 -20.35 -19.67
N SER WA 174 76.25 -19.93 -18.50
CA SER WA 174 77.54 -20.40 -18.02
C SER WA 174 77.53 -21.91 -17.78
N LEU WA 175 76.43 -22.42 -17.23
CA LEU WA 175 76.32 -23.86 -17.00
C LEU WA 175 76.36 -24.61 -18.33
N GLY WA 176 75.70 -24.08 -19.35
CA GLY WA 176 75.71 -24.72 -20.66
C GLY WA 176 74.32 -25.08 -21.15
N VAL WA 177 73.30 -24.60 -20.44
CA VAL WA 177 71.92 -24.87 -20.86
C VAL WA 177 71.65 -24.14 -22.16
N VAL WA 178 71.23 -24.88 -23.18
CA VAL WA 178 71.00 -24.33 -24.50
C VAL WA 178 69.50 -24.15 -24.68
N THR WA 179 69.08 -22.90 -24.92
CA THR WA 179 67.67 -22.58 -25.06
C THR WA 179 67.49 -21.80 -26.36
N THR WA 180 66.63 -22.31 -27.24
CA THR WA 180 66.37 -21.60 -28.48
C THR WA 180 65.55 -20.35 -28.21
N LEU WA 181 65.64 -19.39 -29.14
CA LEU WA 181 64.92 -18.12 -29.04
C LEU WA 181 63.94 -17.93 -30.19
N GLU WA 182 64.41 -18.06 -31.42
CA GLU WA 182 63.56 -17.88 -32.59
C GLU WA 182 64.21 -18.57 -33.77
N THR WA 183 63.43 -18.71 -34.83
CA THR WA 183 63.91 -19.26 -36.09
C THR WA 183 63.15 -18.56 -37.22
N HIS WA 184 63.85 -18.34 -38.33
CA HIS WA 184 63.24 -17.67 -39.47
C HIS WA 184 63.83 -18.22 -40.76
N THR WA 185 62.97 -18.57 -41.70
CA THR WA 185 63.42 -18.94 -43.03
C THR WA 185 63.49 -17.70 -43.91
N VAL WA 186 64.41 -17.73 -44.86
CA VAL WA 186 64.63 -16.60 -45.74
C VAL WA 186 65.29 -17.10 -47.02
N SER WA 187 65.00 -16.42 -48.12
CA SER WA 187 65.52 -16.79 -49.42
C SER WA 187 66.50 -15.73 -49.89
N LEU WA 188 67.62 -16.19 -50.45
CA LEU WA 188 68.67 -15.31 -50.94
C LEU WA 188 68.26 -14.52 -52.17
N ALA WA 189 67.11 -14.82 -52.76
CA ALA WA 189 66.71 -14.19 -54.01
C ALA WA 189 66.57 -12.69 -53.87
N GLU WA 190 66.97 -11.97 -54.91
CA GLU WA 190 66.81 -10.53 -54.96
C GLU WA 190 65.35 -10.11 -54.90
N GLU WA 191 64.44 -10.98 -55.33
CA GLU WA 191 63.02 -10.67 -55.31
C GLU WA 191 62.29 -11.77 -54.57
N ALA WA 192 62.81 -12.13 -53.40
CA ALA WA 192 62.26 -13.24 -52.63
C ALA WA 192 61.00 -12.80 -51.87
N LYS WA 193 59.95 -13.61 -51.96
CA LYS WA 193 58.67 -13.32 -51.34
C LYS WA 193 58.18 -14.53 -50.57
N ASP WA 194 57.43 -14.27 -49.50
CA ASP WA 194 56.88 -15.35 -48.70
C ASP WA 194 55.54 -15.81 -49.25
N ASP WA 195 55.13 -17.02 -48.85
CA ASP WA 195 53.83 -17.54 -49.26
C ASP WA 195 52.68 -16.72 -48.71
N MET WA 196 52.88 -16.01 -47.61
CA MET WA 196 51.94 -14.98 -47.19
C MET WA 196 52.25 -13.62 -47.77
N GLY WA 197 53.17 -13.56 -48.74
CA GLY WA 197 53.55 -12.30 -49.35
C GLY WA 197 54.60 -11.52 -48.60
N ARG WA 198 55.08 -12.04 -47.48
CA ARG WA 198 56.09 -11.32 -46.72
C ARG WA 198 57.39 -11.26 -47.49
N LEU WA 199 58.14 -10.18 -47.27
CA LEU WA 199 59.39 -9.97 -47.98
C LEU WA 199 60.44 -10.95 -47.45
N CYS WA 200 60.97 -11.79 -48.35
CA CYS WA 200 62.01 -12.73 -47.98
C CYS WA 200 63.39 -12.25 -48.40
N TYR WA 201 63.54 -10.97 -48.72
CA TYR WA 201 64.85 -10.43 -49.04
C TYR WA 201 65.71 -10.36 -47.78
N LEU WA 202 66.94 -10.85 -47.91
CA LEU WA 202 67.76 -11.26 -46.77
C LEU WA 202 67.90 -10.15 -45.71
N PRO WA 203 68.56 -9.02 -45.98
CA PRO WA 203 68.63 -7.99 -44.92
C PRO WA 203 67.27 -7.42 -44.58
N THR WA 204 66.40 -7.28 -45.58
CA THR WA 204 65.07 -6.74 -45.33
C THR WA 204 64.27 -7.67 -44.43
N ALA WA 205 64.27 -8.97 -44.75
CA ALA WA 205 63.58 -9.92 -43.90
C ALA WA 205 64.20 -9.97 -42.51
N LEU WA 206 65.53 -9.87 -42.44
CA LEU WA 206 66.21 -9.92 -41.16
C LEU WA 206 65.80 -8.75 -40.27
N GLU WA 207 65.78 -7.54 -40.83
CA GLU WA 207 65.36 -6.40 -40.03
C GLU WA 207 63.87 -6.45 -39.73
N ALA WA 208 63.07 -7.06 -40.61
CA ALA WA 208 61.63 -7.13 -40.38
C ALA WA 208 61.29 -8.07 -39.25
N ARG WA 209 61.95 -9.24 -39.20
CA ARG WA 209 61.66 -10.22 -38.16
C ARG WA 209 62.56 -10.03 -36.94
N SER WA 210 63.87 -10.20 -37.11
CA SER WA 210 64.79 -10.21 -35.99
C SER WA 210 65.05 -8.80 -35.49
N LYS WA 211 65.02 -8.65 -34.17
CA LYS WA 211 65.34 -7.39 -33.52
C LYS WA 211 66.75 -7.43 -32.92
N TYR WA 212 67.58 -8.36 -33.37
CA TYR WA 212 68.86 -8.63 -32.71
C TYR WA 212 70.00 -8.66 -33.71
N LEU WA 213 69.71 -9.03 -34.94
CA LEU WA 213 70.73 -9.23 -35.95
C LEU WA 213 70.44 -8.37 -37.16
N ARG WA 214 71.47 -7.69 -37.66
CA ARG WA 214 71.39 -6.97 -38.92
C ARG WA 214 72.43 -7.57 -39.86
N ALA WA 215 72.25 -7.34 -41.16
CA ALA WA 215 73.14 -7.93 -42.14
C ALA WA 215 73.47 -6.92 -43.21
N VAL WA 216 74.63 -7.13 -43.85
CA VAL WA 216 75.07 -6.35 -45.00
C VAL WA 216 75.39 -7.34 -46.12
N VAL WA 217 74.89 -7.06 -47.31
CA VAL WA 217 75.02 -7.97 -48.45
C VAL WA 217 75.60 -7.21 -49.62
N ASN WA 218 76.66 -7.75 -50.22
CA ASN WA 218 77.21 -7.17 -51.42
C ASN WA 218 76.27 -7.38 -52.59
N GLU WA 219 75.96 -6.29 -53.31
CA GLU WA 219 75.07 -6.39 -54.46
C GLU WA 219 75.72 -7.17 -55.60
N GLU WA 220 77.05 -7.15 -55.68
CA GLU WA 220 77.77 -7.84 -56.74
C GLU WA 220 78.06 -9.29 -56.39
N LEU WA 221 77.82 -9.70 -55.15
CA LEU WA 221 78.06 -11.07 -54.73
C LEU WA 221 76.80 -11.80 -54.29
N ILE WA 222 75.68 -11.09 -54.15
CA ILE WA 222 74.43 -11.73 -53.77
C ILE WA 222 74.01 -12.76 -54.82
N SER WA 223 74.24 -12.44 -56.09
CA SER WA 223 73.85 -13.37 -57.16
C SER WA 223 74.62 -14.67 -57.07
N THR WA 224 75.92 -14.59 -56.77
CA THR WA 224 76.78 -15.77 -56.72
C THR WA 224 76.88 -16.36 -55.32
N ALA WA 225 76.22 -15.77 -54.33
CA ALA WA 225 76.33 -16.26 -52.96
C ALA WA 225 75.70 -17.63 -52.84
N LYS WA 226 76.40 -18.55 -52.19
CA LYS WA 226 75.92 -19.89 -51.95
C LYS WA 226 75.64 -20.09 -50.48
N VAL WA 227 74.90 -21.14 -50.17
CA VAL WA 227 74.48 -21.43 -48.80
C VAL WA 227 75.06 -22.78 -48.39
N THR WA 228 75.03 -23.03 -47.08
CA THR WA 228 75.55 -24.27 -46.53
C THR WA 228 74.89 -24.52 -45.18
N ASN WA 229 74.99 -25.75 -44.72
CA ASN WA 229 74.44 -26.15 -43.43
C ASN WA 229 75.50 -25.96 -42.36
N LYS WA 230 75.27 -25.05 -41.43
CA LYS WA 230 76.22 -24.73 -40.38
C LYS WA 230 75.53 -24.83 -39.04
N LYS WA 231 76.31 -25.17 -38.02
CA LYS WA 231 75.79 -25.39 -36.68
C LYS WA 231 76.66 -24.66 -35.68
N SER WA 232 76.02 -24.15 -34.62
CA SER WA 232 76.70 -23.50 -33.50
C SER WA 232 77.53 -22.31 -33.98
N LEU WA 233 76.83 -21.32 -34.51
CA LEU WA 233 77.47 -20.11 -35.02
C LEU WA 233 77.37 -19.05 -33.93
N ALA WA 234 78.48 -18.83 -33.22
CA ALA WA 234 78.53 -17.91 -32.09
C ALA WA 234 79.44 -16.74 -32.42
N PHE WA 235 78.97 -15.53 -32.13
CA PHE WA 235 79.80 -14.35 -32.30
C PHE WA 235 80.97 -14.35 -31.33
N THR WA 236 82.13 -13.93 -31.83
CA THR WA 236 83.35 -13.87 -31.04
C THR WA 236 84.04 -12.54 -31.27
N GLY WA 237 84.75 -12.07 -30.24
CA GLY WA 237 85.53 -10.85 -30.34
C GLY WA 237 84.79 -9.58 -29.97
N GLY WA 238 83.48 -9.64 -29.74
CA GLY WA 238 82.70 -8.47 -29.39
C GLY WA 238 82.48 -8.36 -27.89
N THR WA 239 82.65 -7.14 -27.37
CA THR WA 239 82.43 -6.87 -25.96
C THR WA 239 82.35 -5.36 -25.76
N ASN WA 240 81.69 -4.95 -24.68
CA ASN WA 240 81.55 -3.54 -24.37
C ASN WA 240 82.83 -2.92 -23.84
N GLY WA 241 83.81 -3.72 -23.44
CA GLY WA 241 85.01 -3.18 -22.84
C GLY WA 241 84.78 -2.76 -21.40
N ASP WA 242 85.55 -1.77 -20.95
CA ASP WA 242 85.47 -1.29 -19.57
C ASP WA 242 84.41 -0.20 -19.48
N GLN WA 243 83.31 -0.51 -18.81
CA GLN WA 243 82.24 0.44 -18.63
C GLN WA 243 82.49 1.41 -17.48
N SER WA 244 83.50 1.14 -16.64
CA SER WA 244 83.82 2.05 -15.57
C SER WA 244 84.27 3.39 -16.11
N LYS WA 245 85.13 3.37 -17.13
CA LYS WA 245 85.63 4.61 -17.72
C LYS WA 245 84.54 5.23 -18.58
N ILE WA 246 84.10 6.43 -18.22
CA ILE WA 246 83.03 7.12 -18.91
C ILE WA 246 83.54 8.48 -19.37
N SER WA 247 83.24 8.84 -20.61
CA SER WA 247 83.82 10.02 -21.23
C SER WA 247 82.81 11.16 -21.31
N THR WA 248 83.29 12.39 -21.11
CA THR WA 248 82.46 13.56 -21.28
C THR WA 248 81.95 13.66 -22.72
N ALA WA 249 82.72 13.15 -23.67
CA ALA WA 249 82.25 13.12 -25.06
C ALA WA 249 81.01 12.24 -25.20
N ALA WA 250 81.04 11.06 -24.58
CA ALA WA 250 79.85 10.21 -24.58
C ALA WA 250 78.71 10.91 -23.87
N TYR WA 251 79.00 11.59 -22.77
CA TYR WA 251 77.97 12.31 -22.04
C TYR WA 251 77.30 13.36 -22.92
N LEU WA 252 78.09 14.18 -23.61
CA LEU WA 252 77.51 15.23 -24.43
C LEU WA 252 76.79 14.65 -25.65
N ARG WA 253 77.31 13.56 -26.22
CA ARG WA 253 76.61 12.93 -27.32
C ARG WA 253 75.26 12.41 -26.88
N ALA WA 254 75.20 11.80 -25.70
CA ALA WA 254 73.93 11.33 -25.16
C ALA WA 254 72.99 12.50 -24.88
N VAL WA 255 73.53 13.62 -24.39
CA VAL WA 255 72.71 14.80 -24.17
C VAL WA 255 72.13 15.30 -25.49
N LYS WA 256 72.94 15.30 -26.54
CA LYS WA 256 72.46 15.67 -27.86
C LYS WA 256 71.36 14.75 -28.32
N VAL WA 257 71.52 13.44 -28.07
CA VAL WA 257 70.48 12.48 -28.42
C VAL WA 257 69.20 12.80 -27.66
N LEU WA 258 69.32 13.11 -26.38
CA LEU WA 258 68.16 13.47 -25.57
C LEU WA 258 67.46 14.69 -26.14
N ASN WA 259 68.21 15.71 -26.51
CA ASN WA 259 67.63 16.90 -27.10
C ASN WA 259 66.91 16.56 -28.39
N ASN WA 260 67.57 15.82 -29.28
CA ASN WA 260 67.01 15.53 -30.59
C ASN WA 260 65.91 14.49 -30.55
N ALA WA 261 65.68 13.87 -29.40
CA ALA WA 261 64.62 12.87 -29.28
C ALA WA 261 63.27 13.52 -29.56
N PRO WA 262 62.50 13.04 -30.54
CA PRO WA 262 61.22 13.63 -30.87
C PRO WA 262 60.06 13.04 -30.04
N TYR WA 263 60.26 12.95 -28.73
CA TYR WA 263 59.25 12.45 -27.82
C TYR WA 263 59.14 13.40 -26.64
N MET WA 264 57.95 13.44 -26.06
CA MET WA 264 57.72 14.30 -24.91
C MET WA 264 58.35 13.68 -23.67
N TYR WA 265 58.97 14.54 -22.85
CA TYR WA 265 59.52 14.12 -21.57
C TYR WA 265 59.61 15.35 -20.68
N THR WA 266 58.93 15.30 -19.54
CA THR WA 266 58.82 16.45 -18.67
C THR WA 266 59.81 16.43 -17.52
N ALA WA 267 60.56 15.34 -17.36
CA ALA WA 267 61.45 15.20 -16.22
C ALA WA 267 62.73 14.49 -16.66
N VAL WA 268 63.86 14.92 -16.09
CA VAL WA 268 65.14 14.29 -16.37
C VAL WA 268 65.84 13.99 -15.04
N LEU WA 269 66.74 13.02 -15.07
CA LEU WA 269 67.37 12.48 -13.87
C LEU WA 269 68.89 12.62 -13.97
N GLY WA 270 69.55 12.77 -12.83
CA GLY WA 270 70.99 12.57 -12.80
C GLY WA 270 71.35 11.12 -13.07
N LEU WA 271 70.65 10.21 -12.38
CA LEU WA 271 70.72 8.77 -12.66
C LEU WA 271 72.17 8.29 -12.56
N GLY WA 272 72.81 8.66 -11.45
CA GLY WA 272 74.17 8.24 -11.16
C GLY WA 272 75.24 8.98 -11.92
N CYS WA 273 74.94 10.07 -12.59
CA CYS WA 273 75.92 10.87 -13.31
C CYS WA 273 76.38 12.02 -12.43
N TYR WA 274 77.70 12.19 -12.29
CA TYR WA 274 78.25 13.25 -11.48
C TYR WA 274 79.25 14.14 -12.22
N ASP WA 275 79.45 13.93 -13.52
CA ASP WA 275 80.37 14.78 -14.27
C ASP WA 275 79.85 16.20 -14.30
N ASN WA 276 80.70 17.15 -13.93
CA ASN WA 276 80.26 18.54 -13.82
C ASN WA 276 79.82 19.08 -15.16
N ALA WA 277 80.56 18.79 -16.22
CA ALA WA 277 80.18 19.28 -17.55
C ALA WA 277 78.84 18.71 -17.98
N ALA WA 278 78.61 17.42 -17.71
CA ALA WA 278 77.32 16.81 -18.05
C ALA WA 278 76.20 17.42 -17.23
N ILE WA 279 76.45 17.68 -15.95
CA ILE WA 279 75.43 18.30 -15.10
C ILE WA 279 75.07 19.68 -15.63
N THR WA 280 76.09 20.46 -16.00
CA THR WA 280 75.84 21.78 -16.58
C THR WA 280 75.08 21.68 -17.89
N ALA WA 281 75.44 20.72 -18.73
CA ALA WA 281 74.75 20.56 -20.01
C ALA WA 281 73.28 20.23 -19.77
N LEU WA 282 73.01 19.31 -18.85
CA LEU WA 282 71.62 18.97 -18.58
C LEU WA 282 70.88 20.12 -17.93
N GLY WA 283 71.58 20.93 -17.13
CA GLY WA 283 70.95 22.12 -16.59
C GLY WA 283 70.56 23.10 -17.67
N LYS WA 284 71.44 23.28 -18.67
CA LYS WA 284 71.10 24.14 -19.79
C LYS WA 284 69.94 23.55 -20.58
N ILE WA 285 69.89 22.23 -20.71
CA ILE WA 285 68.77 21.59 -21.40
C ILE WA 285 67.47 21.84 -20.64
N CYS WA 286 67.51 21.71 -19.32
CA CYS WA 286 66.33 21.98 -18.52
C CYS WA 286 65.90 23.44 -18.67
N ALA WA 287 66.88 24.35 -18.69
CA ALA WA 287 66.57 25.77 -18.81
C ALA WA 287 65.92 26.08 -20.15
N ASP WA 288 66.50 25.57 -21.24
CA ASP WA 288 66.03 25.94 -22.57
C ASP WA 288 64.87 25.07 -23.05
N ARG WA 289 64.50 24.03 -22.29
CA ARG WA 289 63.28 23.30 -22.59
C ARG WA 289 62.23 23.47 -21.52
N LEU WA 290 62.48 24.32 -20.51
CA LEU WA 290 61.54 24.63 -19.44
C LEU WA 290 60.98 23.36 -18.81
N ILE WA 291 61.89 22.43 -18.49
CA ILE WA 291 61.52 21.15 -17.90
C ILE WA 291 62.15 21.04 -16.52
N ASP WA 292 61.89 19.92 -15.84
CA ASP WA 292 62.36 19.70 -14.48
C ASP WA 292 63.55 18.74 -14.50
N GLY WA 293 64.60 19.12 -13.77
CA GLY WA 293 65.80 18.32 -13.64
C GLY WA 293 65.94 17.77 -12.23
N PHE WA 294 66.54 16.59 -12.12
CA PHE WA 294 66.69 15.84 -10.88
C PHE WA 294 68.15 15.49 -10.65
N PHE WA 295 69.01 16.51 -10.66
CA PHE WA 295 70.43 16.29 -10.44
C PHE WA 295 70.70 15.72 -9.05
N ASP WA 296 71.77 14.95 -8.96
CA ASP WA 296 72.23 14.37 -7.70
C ASP WA 296 73.74 14.58 -7.57
N VAL WA 297 74.21 14.66 -6.33
CA VAL WA 297 75.62 14.87 -6.06
C VAL WA 297 76.22 13.60 -5.48
N LYS WA 298 77.53 13.60 -5.31
CA LYS WA 298 78.22 12.43 -4.81
C LYS WA 298 77.79 12.14 -3.38
N PRO WA 299 77.27 10.95 -3.09
CA PRO WA 299 76.83 10.65 -1.72
C PRO WA 299 77.97 10.67 -0.73
N THR WA 300 79.19 10.38 -1.17
CA THR WA 300 80.34 10.29 -0.28
C THR WA 300 80.74 11.63 0.30
N LEU WA 301 80.17 12.72 -0.20
CA LEU WA 301 80.55 14.05 0.25
C LEU WA 301 79.91 14.33 1.60
N THR WA 302 80.75 14.52 2.63
CA THR WA 302 80.24 14.91 3.93
C THR WA 302 79.72 16.34 3.88
N TYR WA 303 78.96 16.71 4.92
CA TYR WA 303 78.31 18.02 4.92
C TYR WA 303 79.32 19.15 4.83
N ALA WA 304 80.56 18.93 5.27
CA ALA WA 304 81.57 19.97 5.18
C ALA WA 304 81.84 20.35 3.73
N GLU WA 305 82.08 19.34 2.89
CA GLU WA 305 82.29 19.59 1.47
C GLU WA 305 81.03 19.50 0.65
N ALA WA 306 79.92 19.07 1.25
CA ALA WA 306 78.66 19.06 0.52
C ALA WA 306 78.20 20.49 0.20
N LEU WA 307 78.39 21.41 1.14
CA LEU WA 307 77.96 22.79 0.93
C LEU WA 307 78.67 23.44 -0.26
N PRO WA 308 80.00 23.42 -0.37
CA PRO WA 308 80.64 24.01 -1.56
C PRO WA 308 80.29 23.30 -2.84
N ALA WA 309 79.81 22.05 -2.77
CA ALA WA 309 79.49 21.31 -3.99
C ALA WA 309 78.35 21.96 -4.75
N VAL WA 310 77.44 22.65 -4.06
CA VAL WA 310 76.35 23.34 -4.74
C VAL WA 310 76.92 24.43 -5.65
N GLU WA 311 77.86 25.21 -5.13
CA GLU WA 311 78.53 26.21 -5.97
C GLU WA 311 79.35 25.54 -7.05
N ASP WA 312 80.02 24.44 -6.71
CA ASP WA 312 80.81 23.70 -7.67
C ASP WA 312 79.96 23.17 -8.81
N THR WA 313 78.65 23.01 -8.58
CA THR WA 313 77.75 22.60 -9.64
C THR WA 313 77.74 23.61 -10.77
N GLY WA 314 77.72 24.89 -10.43
CA GLY WA 314 77.65 25.94 -11.43
C GLY WA 314 76.25 26.22 -11.93
N LEU WA 315 75.25 25.48 -11.47
CA LEU WA 315 73.88 25.69 -11.88
C LEU WA 315 73.16 26.70 -11.00
N LEU WA 316 73.84 27.25 -10.00
CA LEU WA 316 73.22 28.26 -9.15
C LEU WA 316 72.90 29.50 -9.98
N GLY WA 317 71.67 29.98 -9.85
CA GLY WA 317 71.26 31.17 -10.57
C GLY WA 317 69.75 31.22 -10.70
N THR WA 318 69.30 32.30 -11.34
CA THR WA 318 67.88 32.52 -11.54
C THR WA 318 67.32 31.72 -12.71
N ASP WA 319 68.17 31.23 -13.60
CA ASP WA 319 67.71 30.47 -14.75
C ASP WA 319 67.48 29.01 -14.40
N TYR WA 320 68.46 28.37 -13.77
CA TYR WA 320 68.38 26.96 -13.40
C TYR WA 320 67.66 26.81 -12.07
N VAL WA 321 66.40 27.25 -12.06
CA VAL WA 321 65.57 27.13 -10.88
C VAL WA 321 64.54 26.01 -10.99
N SER WA 322 64.19 25.59 -12.21
CA SER WA 322 63.25 24.49 -12.38
C SER WA 322 63.83 23.16 -11.92
N CYS WA 323 65.14 23.06 -11.78
CA CYS WA 323 65.79 21.82 -11.41
C CYS WA 323 65.94 21.71 -9.89
N SER WA 324 66.26 20.49 -9.45
CA SER WA 324 66.50 20.18 -8.06
C SER WA 324 67.76 19.35 -7.94
N VAL WA 325 68.40 19.45 -6.78
CA VAL WA 325 69.66 18.75 -6.50
C VAL WA 325 69.50 17.91 -5.25
N TYR WA 326 70.01 16.69 -5.30
CA TYR WA 326 69.73 15.68 -4.29
C TYR WA 326 71.04 15.14 -3.73
N HIS WA 327 70.96 14.60 -2.51
CA HIS WA 327 72.10 13.95 -1.88
C HIS WA 327 71.58 12.88 -0.93
N TYR WA 328 72.43 11.89 -0.67
CA TYR WA 328 72.06 10.76 0.20
C TYR WA 328 73.27 10.38 1.03
N PRO WA 329 73.40 10.96 2.22
CA PRO WA 329 74.55 10.67 3.10
C PRO WA 329 74.34 9.48 4.03
N PHE WA 330 73.95 8.33 3.46
CA PHE WA 330 73.70 7.15 4.26
C PHE WA 330 74.11 5.91 3.47
N SER WA 331 73.95 4.75 4.12
CA SER WA 331 74.26 3.46 3.53
C SER WA 331 73.07 2.52 3.73
N CYS WA 332 72.75 1.76 2.69
CA CYS WA 332 71.62 0.84 2.71
C CYS WA 332 72.12 -0.58 2.41
N LYS WA 333 71.17 -1.52 2.38
CA LYS WA 333 71.46 -2.92 2.10
C LYS WA 333 70.82 -3.31 0.77
N ASP WA 334 71.55 -4.10 -0.01
CA ASP WA 334 71.06 -4.50 -1.32
C ASP WA 334 69.84 -5.40 -1.19
N LYS WA 335 68.90 -5.20 -2.11
CA LYS WA 335 67.79 -6.14 -2.22
C LYS WA 335 68.25 -7.46 -2.83
N TRP WA 336 69.09 -7.39 -3.86
CA TRP WA 336 69.46 -8.59 -4.61
C TRP WA 336 70.63 -9.33 -3.96
N THR WA 337 71.76 -8.67 -3.80
CA THR WA 337 72.96 -9.30 -3.28
C THR WA 337 73.15 -9.08 -1.79
N GLN WA 338 72.21 -8.41 -1.13
CA GLN WA 338 72.27 -8.07 0.30
C GLN WA 338 73.68 -7.62 0.69
N SER WA 339 74.11 -6.54 0.08
CA SER WA 339 75.42 -5.95 0.33
C SER WA 339 75.28 -4.53 0.84
N ARG WA 340 76.23 -4.10 1.67
CA ARG WA 340 76.25 -2.72 2.12
C ARG WA 340 76.58 -1.83 0.93
N VAL WA 341 75.56 -1.11 0.44
CA VAL WA 341 75.68 -0.33 -0.77
C VAL WA 341 75.23 1.10 -0.50
N VAL WA 342 75.54 1.98 -1.44
CA VAL WA 342 75.17 3.40 -1.35
C VAL WA 342 74.80 3.88 -2.74
N PHE WA 343 73.59 4.42 -2.89
CA PHE WA 343 73.20 5.03 -4.15
C PHE WA 343 72.18 6.12 -3.88
N GLY WA 344 72.10 7.07 -4.82
CA GLY WA 344 71.30 8.25 -4.59
C GLY WA 344 69.81 7.96 -4.53
N LEU WA 345 69.10 8.89 -3.91
CA LEU WA 345 67.66 8.81 -3.72
C LEU WA 345 66.90 9.62 -4.78
N SER WA 346 67.56 10.01 -5.87
CA SER WA 346 66.92 10.84 -6.87
C SER WA 346 65.74 10.14 -7.51
N GLY WA 347 65.94 8.88 -7.93
CA GLY WA 347 64.86 8.14 -8.55
C GLY WA 347 63.73 7.86 -7.58
N VAL WA 348 64.07 7.60 -6.31
CA VAL WA 348 63.05 7.39 -5.29
C VAL WA 348 62.21 8.65 -5.13
N ALA WA 349 62.85 9.80 -5.09
CA ALA WA 349 62.12 11.06 -4.97
C ALA WA 349 61.23 11.29 -6.18
N TYR WA 350 61.75 11.00 -7.38
CA TYR WA 350 60.93 11.13 -8.58
C TYR WA 350 59.70 10.24 -8.49
N ALA WA 351 59.89 8.99 -8.09
CA ALA WA 351 58.76 8.08 -7.99
C ALA WA 351 57.76 8.58 -6.95
N ALA WA 352 58.26 9.12 -5.84
CA ALA WA 352 57.37 9.63 -4.81
C ALA WA 352 56.51 10.78 -5.34
N LYS WA 353 57.15 11.77 -5.98
CA LYS WA 353 56.37 12.89 -6.48
C LYS WA 353 55.46 12.47 -7.62
N ALA WA 354 55.89 11.50 -8.42
CA ALA WA 354 55.03 11.00 -9.49
C ALA WA 354 53.79 10.33 -8.94
N ARG WA 355 53.96 9.50 -7.89
CA ARG WA 355 52.80 8.89 -7.26
C ARG WA 355 51.89 9.94 -6.64
N GLY WA 356 52.48 10.96 -6.00
CA GLY WA 356 51.67 11.99 -5.39
C GLY WA 356 50.88 12.79 -6.41
N VAL WA 357 51.49 13.06 -7.57
CA VAL WA 357 50.81 13.87 -8.57
C VAL WA 357 49.81 13.04 -9.36
N LYS WA 358 50.08 11.75 -9.56
CA LYS WA 358 49.23 10.93 -10.41
C LYS WA 358 47.90 10.61 -9.77
N LYS WA 359 47.82 10.69 -8.45
CA LYS WA 359 46.55 10.41 -7.79
C LYS WA 359 45.49 11.46 -8.15
N ASN WA 360 45.91 12.70 -8.38
CA ASN WA 360 44.99 13.71 -8.87
C ASN WA 360 44.66 13.43 -10.33
N SER WA 361 43.44 13.74 -10.72
CA SER WA 361 42.89 13.32 -12.01
C SER WA 361 43.00 14.36 -13.10
N ASP WA 362 42.46 15.57 -12.88
CA ASP WA 362 42.31 16.51 -13.99
C ASP WA 362 43.65 16.95 -14.56
N VAL WA 363 44.57 17.39 -13.70
CA VAL WA 363 45.89 17.81 -14.15
C VAL WA 363 47.01 17.20 -13.33
N GLY WA 364 46.73 16.60 -12.18
CA GLY WA 364 47.77 16.13 -11.29
C GLY WA 364 48.11 17.15 -10.24
N GLY WA 365 48.41 16.66 -9.04
CA GLY WA 365 48.75 17.56 -7.95
C GLY WA 365 50.17 18.06 -8.06
N TRP WA 366 50.43 18.89 -9.08
CA TRP WA 366 51.77 19.43 -9.27
C TRP WA 366 52.21 20.27 -8.08
N HIS WA 367 51.26 20.89 -7.39
CA HIS WA 367 51.55 21.69 -6.21
C HIS WA 367 51.84 20.84 -4.98
N TYR WA 368 51.65 19.52 -5.07
CA TYR WA 368 51.86 18.67 -3.90
C TYR WA 368 53.33 18.65 -3.50
N SER WA 369 53.57 18.69 -2.21
CA SER WA 369 54.93 18.58 -1.71
C SER WA 369 55.42 17.15 -1.91
N PRO WA 370 56.54 16.96 -2.61
CA PRO WA 370 57.03 15.59 -2.84
C PRO WA 370 57.58 14.98 -1.57
N ALA WA 371 56.72 14.80 -0.57
CA ALA WA 371 57.12 14.25 0.71
C ALA WA 371 55.91 13.62 1.37
N GLY WA 372 56.02 13.34 2.66
CA GLY WA 372 54.95 12.73 3.41
C GLY WA 372 55.01 11.22 3.37
N GLU WA 373 54.24 10.60 4.27
CA GLU WA 373 54.20 9.15 4.35
C GLU WA 373 53.76 8.53 3.03
N GLU WA 374 52.90 9.22 2.29
CA GLU WA 374 52.45 8.73 1.01
C GLU WA 374 53.58 8.76 -0.02
N ARG WA 375 54.51 9.70 0.12
CA ARG WA 375 55.58 9.84 -0.84
C ARG WA 375 56.95 9.61 -0.24
N ALA WA 376 57.30 10.33 0.84
CA ALA WA 376 58.65 10.31 1.37
C ALA WA 376 58.88 8.98 2.08
N VAL WA 377 59.19 7.95 1.28
CA VAL WA 377 59.50 6.62 1.79
C VAL WA 377 60.68 6.10 1.00
N ILE WA 378 61.82 5.95 1.65
CA ILE WA 378 63.00 5.39 0.99
C ILE WA 378 63.03 3.88 1.22
N ALA WA 379 63.19 3.47 2.48
CA ALA WA 379 62.98 2.10 2.95
C ALA WA 379 63.50 1.05 1.97
N ARG WA 380 64.79 1.14 1.65
CA ARG WA 380 65.36 0.13 0.76
C ARG WA 380 65.71 -1.12 1.56
N ALA WA 381 66.73 -1.02 2.41
CA ALA WA 381 67.07 -2.06 3.39
C ALA WA 381 68.19 -1.58 4.29
N SER WA 382 68.05 -1.78 5.60
CA SER WA 382 69.11 -1.56 6.58
C SER WA 382 69.86 -0.25 6.32
N ILE WA 383 69.12 0.84 6.47
CA ILE WA 383 69.69 2.16 6.22
C ILE WA 383 70.65 2.49 7.36
N GLN WA 384 71.90 2.77 7.01
CA GLN WA 384 72.87 3.19 8.01
C GLN WA 384 73.57 4.46 7.54
N PRO WA 385 73.93 5.33 8.49
CA PRO WA 385 74.61 6.58 8.10
C PRO WA 385 76.00 6.30 7.56
N LEU WA 386 76.37 7.05 6.52
CA LEU WA 386 77.71 6.90 5.96
C LEU WA 386 78.77 7.54 6.85
N TYR WA 387 78.50 8.73 7.36
CA TYR WA 387 79.48 9.51 8.12
C TYR WA 387 78.84 9.97 9.42
N PRO WA 388 78.71 9.07 10.39
CA PRO WA 388 78.17 9.49 11.69
C PRO WA 388 78.99 10.57 12.36
N GLU WA 389 80.29 10.63 12.06
CA GLU WA 389 81.14 11.65 12.65
C GLU WA 389 80.75 13.04 12.16
N ASP WA 390 80.46 13.18 10.87
CA ASP WA 390 80.15 14.50 10.33
C ASP WA 390 78.78 14.96 10.80
N THR WA 391 78.60 16.28 10.80
CA THR WA 391 77.37 16.90 11.28
C THR WA 391 76.96 18.00 10.32
N PRO WA 392 75.69 18.06 9.92
CA PRO WA 392 75.23 19.14 9.05
C PRO WA 392 74.97 20.42 9.84
N ASP WA 393 74.83 21.52 9.10
CA ASP WA 393 74.48 22.81 9.67
C ASP WA 393 73.18 23.30 9.04
N GLU WA 394 72.30 23.82 9.89
CA GLU WA 394 70.94 24.13 9.46
C GLU WA 394 70.90 25.37 8.57
N GLU WA 395 71.44 26.50 9.03
CA GLU WA 395 71.40 27.72 8.21
C GLU WA 395 72.26 27.57 6.96
N ALA WA 396 73.45 26.97 7.12
CA ALA WA 396 74.30 26.75 5.96
C ALA WA 396 73.60 25.87 4.94
N MET WA 397 72.88 24.85 5.42
CA MET WA 397 72.16 23.98 4.50
C MET WA 397 71.05 24.74 3.80
N VAL WA 398 70.32 25.57 4.54
CA VAL WA 398 69.22 26.33 3.97
C VAL WA 398 69.73 27.25 2.86
N LYS WA 399 70.79 28.00 3.16
CA LYS WA 399 71.36 28.87 2.13
C LYS WA 399 71.98 28.08 1.00
N GLY WA 400 72.38 26.83 1.26
CA GLY WA 400 72.85 25.96 0.20
C GLY WA 400 71.75 25.41 -0.68
N ARG WA 401 70.51 25.43 -0.20
CA ARG WA 401 69.32 25.18 -1.02
C ARG WA 401 69.23 23.74 -1.50
N LEU WA 402 69.92 22.80 -0.87
CA LEU WA 402 69.85 21.41 -1.26
C LEU WA 402 68.98 20.65 -0.27
N ASN WA 403 68.55 19.46 -0.66
CA ASN WA 403 67.52 18.71 0.03
C ASN WA 403 68.16 17.73 1.02
N LYS WA 404 67.81 17.87 2.30
CA LYS WA 404 68.16 16.91 3.33
C LYS WA 404 66.94 16.08 3.73
N VAL WA 405 67.15 15.20 4.71
CA VAL WA 405 66.24 14.09 4.98
C VAL WA 405 66.18 13.87 6.48
N SER WA 406 64.99 13.51 6.97
CA SER WA 406 64.80 13.30 8.39
C SER WA 406 64.02 12.03 8.70
N VAL WA 407 63.69 11.85 9.99
CA VAL WA 407 62.99 10.65 10.43
C VAL WA 407 61.51 10.77 10.08
N GLY WA 408 60.86 9.62 9.90
CA GLY WA 408 59.46 9.62 9.58
C GLY WA 408 58.59 9.02 10.66
N THR WA 409 57.36 8.66 10.30
CA THR WA 409 56.39 8.15 11.27
C THR WA 409 56.88 6.86 11.91
N SER WA 410 57.07 5.81 11.10
CA SER WA 410 57.36 4.48 11.59
C SER WA 410 58.84 4.15 11.59
N GLY WA 411 59.70 5.12 11.89
CA GLY WA 411 61.13 4.92 11.82
C GLY WA 411 61.71 5.05 10.44
N GLN WA 412 60.88 5.09 9.41
CA GLN WA 412 61.38 5.35 8.08
C GLN WA 412 61.78 6.82 7.94
N MET WA 413 62.32 7.17 6.77
CA MET WA 413 63.26 8.28 6.64
C MET WA 413 62.72 9.20 5.55
N ILE WA 414 62.20 10.37 5.95
CA ILE WA 414 61.45 11.23 5.05
C ILE WA 414 62.33 12.36 4.54
N ILE WA 415 62.19 12.67 3.25
CA ILE WA 415 62.76 13.89 2.71
C ILE WA 415 62.08 15.08 3.40
N ASP WA 416 62.81 15.75 4.27
CA ASP WA 416 62.24 16.90 4.97
C ASP WA 416 62.56 18.21 4.26
N ASP WA 417 62.33 18.28 2.96
CA ASP WA 417 62.64 19.49 2.22
C ASP WA 417 61.88 19.51 0.91
N ALA WA 418 61.47 20.70 0.49
CA ALA WA 418 60.82 20.93 -0.79
C ALA WA 418 61.34 22.21 -1.41
N LEU WA 419 62.66 22.41 -1.34
CA LEU WA 419 63.30 23.64 -1.78
C LEU WA 419 64.25 23.35 -2.92
N THR WA 420 64.16 24.13 -3.98
CA THR WA 420 65.03 23.97 -5.13
C THR WA 420 66.33 24.74 -4.92
N CYS WA 421 67.19 24.75 -5.94
CA CYS WA 421 68.46 25.45 -5.90
C CYS WA 421 68.34 26.90 -6.31
N CYS WA 422 67.14 27.48 -6.25
CA CYS WA 422 66.96 28.88 -6.59
C CYS WA 422 67.67 29.74 -5.56
N THR WA 423 68.70 30.47 -6.01
CA THR WA 423 69.50 31.26 -5.08
C THR WA 423 68.67 32.35 -4.42
N GLN WA 424 67.97 33.15 -5.22
CA GLN WA 424 67.19 34.25 -4.67
C GLN WA 424 66.00 33.70 -3.88
N ASP WA 425 65.72 34.36 -2.76
CA ASP WA 425 64.69 33.89 -1.83
C ASP WA 425 63.33 34.49 -2.23
N ASN WA 426 62.96 34.24 -3.48
CA ASN WA 426 61.70 34.69 -4.03
C ASN WA 426 60.71 33.53 -4.09
N TYR WA 427 59.42 33.87 -4.21
CA TYR WA 427 58.39 32.86 -4.06
C TYR WA 427 58.51 31.74 -5.06
N LEU WA 428 59.26 31.93 -6.14
CA LEU WA 428 59.50 30.85 -7.08
C LEU WA 428 60.63 29.94 -6.65
N HIS WA 429 61.29 30.22 -5.51
CA HIS WA 429 62.35 29.36 -5.01
C HIS WA 429 61.83 28.08 -4.37
N PHE WA 430 60.51 27.89 -4.34
CA PHE WA 430 59.92 26.66 -3.82
C PHE WA 430 59.97 25.59 -4.92
N GLN WA 431 59.25 24.49 -4.71
CA GLN WA 431 59.12 23.45 -5.73
C GLN WA 431 57.74 23.41 -6.38
N HIS WA 432 56.71 23.76 -5.63
CA HIS WA 432 55.36 23.77 -6.17
C HIS WA 432 55.15 24.93 -7.14
N VAL WA 433 55.78 26.06 -6.88
CA VAL WA 433 55.68 27.19 -7.80
C VAL WA 433 56.27 26.85 -9.17
N PRO WA 434 57.53 26.40 -9.28
CA PRO WA 434 58.03 26.00 -10.60
C PRO WA 434 57.19 24.91 -11.22
N SER WA 435 56.62 24.04 -10.40
CA SER WA 435 55.73 23.02 -10.94
C SER WA 435 54.56 23.66 -11.67
N LEU WA 436 53.99 24.71 -11.08
CA LEU WA 436 52.83 25.34 -11.70
C LEU WA 436 53.22 26.13 -12.94
N MET WA 437 54.37 26.82 -12.92
CA MET WA 437 54.78 27.44 -14.18
C MET WA 437 54.98 26.40 -15.26
N ASN WA 438 55.59 25.26 -14.94
CA ASN WA 438 55.79 24.24 -15.96
C ASN WA 438 54.48 23.69 -16.48
N ALA WA 439 53.55 23.36 -15.58
CA ALA WA 439 52.26 22.83 -16.01
C ALA WA 439 51.54 23.83 -16.89
N ILE WA 440 51.45 25.08 -16.44
CA ILE WA 440 50.71 26.05 -17.23
C ILE WA 440 51.41 26.29 -18.56
N SER WA 441 52.75 26.22 -18.58
CA SER WA 441 53.47 26.36 -19.84
C SER WA 441 53.04 25.26 -20.80
N ARG WA 442 53.05 24.00 -20.35
CA ARG WA 442 52.50 22.93 -21.18
C ARG WA 442 51.10 23.28 -21.69
N PHE WA 443 50.14 23.46 -20.79
CA PHE WA 443 48.75 23.64 -21.24
C PHE WA 443 48.65 24.75 -22.26
N PHE WA 444 49.33 25.87 -22.00
CA PHE WA 444 49.31 26.97 -22.94
C PHE WA 444 49.86 26.53 -24.29
N VAL WA 445 50.94 25.73 -24.28
CA VAL WA 445 51.52 25.29 -25.53
C VAL WA 445 50.53 24.44 -26.33
N GLN WA 446 49.91 23.45 -25.70
CA GLN WA 446 49.08 22.60 -26.54
C GLN WA 446 47.81 23.33 -26.97
N LEU WA 447 47.24 24.18 -26.13
CA LEU WA 447 46.06 24.93 -26.58
C LEU WA 447 46.42 25.86 -27.73
N ALA WA 448 47.55 26.54 -27.63
CA ALA WA 448 47.98 27.42 -28.72
C ALA WA 448 48.24 26.62 -29.99
N ARG WA 449 48.86 25.46 -29.86
CA ARG WA 449 49.21 24.67 -31.04
C ARG WA 449 47.97 24.10 -31.70
N GLN WA 450 46.97 23.70 -30.91
CA GLN WA 450 45.74 23.22 -31.51
C GLN WA 450 44.91 24.34 -32.13
N MET WA 451 45.00 25.55 -31.60
CA MET WA 451 44.31 26.66 -32.24
C MET WA 451 45.18 27.38 -33.26
N LYS WA 452 46.38 26.87 -33.52
CA LYS WA 452 47.29 27.52 -34.45
C LYS WA 452 46.73 27.53 -35.86
N HIS WA 453 47.03 28.58 -36.60
CA HIS WA 453 46.67 28.71 -38.01
C HIS WA 453 45.16 28.61 -38.19
N SER WA 454 44.47 29.59 -37.60
CA SER WA 454 43.02 29.65 -37.64
C SER WA 454 42.60 30.99 -38.20
N PRO WA 455 41.46 31.05 -38.89
CA PRO WA 455 40.96 32.34 -39.36
C PRO WA 455 40.68 33.27 -38.20
N ASP WA 456 40.94 34.56 -38.43
CA ASP WA 456 40.85 35.54 -37.37
C ASP WA 456 39.39 35.79 -36.98
N GLY WA 457 39.22 36.47 -35.84
CA GLY WA 457 37.91 36.78 -35.32
C GLY WA 457 37.41 35.81 -34.26
N ILE WA 458 38.05 34.66 -34.13
CA ILE WA 458 37.65 33.67 -33.14
C ILE WA 458 38.77 33.35 -32.16
N THR WA 459 40.03 33.68 -32.50
CA THR WA 459 41.16 33.28 -31.68
C THR WA 459 41.05 33.84 -30.26
N ALA WA 460 40.64 35.11 -30.15
CA ALA WA 460 40.50 35.71 -28.83
C ALA WA 460 39.46 34.96 -28.00
N ALA WA 461 38.32 34.62 -28.62
CA ALA WA 461 37.29 33.89 -27.89
C ALA WA 461 37.77 32.51 -27.47
N GLY WA 462 38.44 31.80 -28.37
CA GLY WA 462 38.98 30.50 -28.01
C GLY WA 462 39.96 30.60 -26.87
N LEU WA 463 40.80 31.65 -26.89
CA LEU WA 463 41.72 31.89 -25.79
C LEU WA 463 40.96 32.15 -24.49
N THR WA 464 39.88 32.93 -24.55
CA THR WA 464 39.13 33.25 -23.35
C THR WA 464 38.57 32.00 -22.71
N LYS WA 465 37.85 31.19 -23.50
CA LYS WA 465 37.31 29.96 -22.93
C LYS WA 465 38.39 28.96 -22.54
N GLY WA 466 39.51 28.92 -23.26
CA GLY WA 466 40.60 28.06 -22.83
C GLY WA 466 41.13 28.47 -21.46
N MET WA 467 41.33 29.77 -21.25
CA MET WA 467 41.75 30.27 -19.96
C MET WA 467 40.75 29.90 -18.88
N THR WA 468 39.46 30.13 -19.15
CA THR WA 468 38.45 29.83 -18.15
C THR WA 468 38.49 28.36 -17.75
N LYS WA 469 38.58 27.49 -18.75
CA LYS WA 469 38.55 26.06 -18.46
C LYS WA 469 39.80 25.59 -17.74
N LEU WA 470 40.96 26.16 -18.09
CA LEU WA 470 42.19 25.77 -17.42
C LEU WA 470 42.23 26.27 -15.98
N LEU WA 471 41.79 27.52 -15.75
CA LEU WA 471 41.55 27.94 -14.37
C LEU WA 471 40.57 27.04 -13.66
N ASP WA 472 39.59 26.51 -14.38
CA ASP WA 472 38.65 25.58 -13.77
C ASP WA 472 39.38 24.35 -13.25
N ARG WA 473 40.28 23.80 -14.07
CA ARG WA 473 41.08 22.68 -13.59
C ARG WA 473 41.93 23.05 -12.38
N PHE WA 474 42.60 24.20 -12.39
CA PHE WA 474 43.46 24.48 -11.23
C PHE WA 474 42.64 24.75 -9.98
N VAL WA 475 41.49 25.42 -10.10
CA VAL WA 475 40.69 25.66 -8.91
C VAL WA 475 40.09 24.36 -8.41
N ALA WA 476 39.78 23.43 -9.31
CA ALA WA 476 39.36 22.10 -8.87
C ALA WA 476 40.49 21.41 -8.12
N SER WA 477 41.71 21.53 -8.64
CA SER WA 477 42.86 20.94 -7.97
C SER WA 477 43.18 21.63 -6.66
N GLY WA 478 42.68 22.84 -6.46
CA GLY WA 478 42.95 23.61 -5.26
C GLY WA 478 44.28 24.32 -5.28
N ALA WA 479 45.04 24.23 -6.38
CA ALA WA 479 46.35 24.85 -6.43
C ALA WA 479 46.26 26.37 -6.34
N LEU WA 480 45.29 26.97 -7.03
CA LEU WA 480 45.13 28.41 -7.08
C LEU WA 480 43.91 28.81 -6.26
N VAL WA 481 44.05 29.87 -5.46
CA VAL WA 481 42.98 30.35 -4.60
C VAL WA 481 42.88 31.86 -4.75
N ALA WA 482 41.83 32.42 -4.15
CA ALA WA 482 41.65 33.86 -4.16
C ALA WA 482 42.75 34.54 -3.36
N PRO WA 483 43.12 35.77 -3.74
CA PRO WA 483 44.19 36.47 -3.02
C PRO WA 483 43.82 36.72 -1.57
N ARG WA 484 44.84 36.71 -0.71
CA ARG WA 484 44.63 36.96 0.71
C ARG WA 484 44.50 38.43 1.04
N ASP WA 485 44.70 39.32 0.07
CA ASP WA 485 44.58 40.75 0.33
C ASP WA 485 43.40 41.31 -0.46
N PRO WA 486 42.24 41.47 0.16
CA PRO WA 486 41.06 41.92 -0.59
C PRO WA 486 41.06 43.42 -0.84
N ASP WA 487 41.53 44.19 0.14
CA ASP WA 487 41.40 45.64 0.09
C ASP WA 487 42.21 46.24 -1.06
N ALA WA 488 43.46 45.83 -1.18
CA ALA WA 488 44.35 46.37 -2.21
C ALA WA 488 44.58 45.42 -3.37
N ASP WA 489 44.70 44.12 -3.10
CA ASP WA 489 44.96 43.14 -4.15
C ASP WA 489 43.69 42.48 -4.66
N GLY WA 490 42.53 42.80 -4.11
CA GLY WA 490 41.29 42.25 -4.60
C GLY WA 490 41.07 40.82 -4.17
N THR WA 491 39.98 40.24 -4.67
CA THR WA 491 39.56 38.90 -4.30
C THR WA 491 39.51 37.95 -5.49
N GLU WA 492 40.01 38.38 -6.65
CA GLU WA 492 39.94 37.57 -7.85
C GLU WA 492 41.15 36.65 -7.93
N PRO WA 493 40.96 35.33 -7.95
CA PRO WA 493 42.12 34.43 -8.01
C PRO WA 493 42.92 34.54 -9.29
N TYR WA 494 42.36 35.11 -10.36
CA TYR WA 494 43.06 35.18 -11.62
C TYR WA 494 42.51 36.35 -12.44
N VAL WA 495 43.30 36.76 -13.43
CA VAL WA 495 42.92 37.85 -14.32
C VAL WA 495 43.60 37.63 -15.66
N LEU WA 496 42.98 38.13 -16.73
CA LEU WA 496 43.39 37.85 -18.10
C LEU WA 496 43.48 39.13 -18.91
N LYS WA 497 44.42 39.16 -19.84
CA LYS WA 497 44.54 40.22 -20.83
C LYS WA 497 44.80 39.55 -22.17
N VAL WA 498 43.99 39.89 -23.17
CA VAL WA 498 44.12 39.32 -24.51
C VAL WA 498 44.01 40.45 -25.52
N THR WA 499 44.96 40.49 -26.46
CA THR WA 499 44.85 41.41 -27.59
C THR WA 499 45.86 41.00 -28.66
N GLN WA 500 45.98 41.84 -29.68
CA GLN WA 500 46.76 41.52 -30.87
C GLN WA 500 47.45 42.78 -31.35
N ALA WA 501 48.57 42.61 -32.06
CA ALA WA 501 49.26 43.78 -32.60
C ALA WA 501 49.03 43.98 -34.09
N GLU WA 502 49.14 42.92 -34.89
CA GLU WA 502 48.99 43.02 -36.34
C GLU WA 502 48.32 41.74 -36.83
N PHE WA 503 48.36 41.49 -38.14
CA PHE WA 503 47.90 40.23 -38.70
C PHE WA 503 48.44 39.02 -37.95
N ASP WA 504 49.56 39.18 -37.26
CA ASP WA 504 50.15 38.14 -36.43
C ASP WA 504 50.34 38.71 -35.02
N LYS WA 505 51.04 37.95 -34.19
CA LYS WA 505 51.47 38.41 -32.87
C LYS WA 505 50.26 38.84 -32.03
N TRP WA 506 49.50 37.81 -31.67
CA TRP WA 506 48.54 37.88 -30.58
C TRP WA 506 49.29 37.79 -29.27
N GLU WA 507 48.68 38.28 -28.20
CA GLU WA 507 49.36 38.33 -26.92
C GLU WA 507 48.34 38.16 -25.81
N VAL WA 508 48.75 37.39 -24.80
CA VAL WA 508 47.94 37.07 -23.63
C VAL WA 508 48.84 37.23 -22.42
N VAL WA 509 48.29 37.86 -21.38
CA VAL WA 509 48.97 37.97 -20.10
C VAL WA 509 47.97 37.59 -19.02
N TRP WA 510 48.30 36.57 -18.25
CA TRP WA 510 47.42 36.06 -17.21
C TRP WA 510 48.13 36.06 -15.87
N ALA WA 511 47.39 36.42 -14.83
CA ALA WA 511 47.88 36.39 -13.47
C ALA WA 511 47.02 35.46 -12.62
N CYS WA 512 47.65 34.71 -11.73
CA CYS WA 512 46.95 33.79 -10.86
C CYS WA 512 47.58 33.81 -9.47
N CYS WA 513 46.79 33.47 -8.48
CA CYS WA 513 47.24 33.43 -7.09
C CYS WA 513 47.17 31.99 -6.58
N PRO WA 514 48.28 31.37 -6.23
CA PRO WA 514 48.25 29.98 -5.75
C PRO WA 514 47.89 29.86 -4.29
N THR WA 515 47.97 28.65 -3.74
CA THR WA 515 47.67 28.37 -2.35
C THR WA 515 48.94 28.02 -1.59
N GLY WA 516 48.78 27.72 -0.30
CA GLY WA 516 49.90 27.40 0.56
C GLY WA 516 50.26 25.93 0.59
N VAL WA 517 51.47 25.65 1.08
CA VAL WA 517 51.99 24.29 1.16
C VAL WA 517 52.42 23.90 2.56
N ALA WA 518 52.75 24.86 3.43
CA ALA WA 518 53.08 24.60 4.83
C ALA WA 518 54.28 23.67 4.96
N ARG WA 519 55.43 24.16 4.53
CA ARG WA 519 56.68 23.43 4.73
C ARG WA 519 57.45 23.85 5.97
N ARG WA 520 57.01 24.87 6.70
CA ARG WA 520 57.52 25.08 8.05
C ARG WA 520 56.36 25.36 9.00
N ILE WA 521 56.55 24.96 10.26
CA ILE WA 521 55.51 25.05 11.27
C ILE WA 521 56.12 25.57 12.56
N GLN WA 522 55.31 26.28 13.34
CA GLN WA 522 55.72 26.84 14.61
C GLN WA 522 54.82 26.32 15.72
N GLY WA 523 55.42 26.02 16.86
CA GLY WA 523 54.67 25.56 18.02
C GLY WA 523 55.32 25.94 19.33
N VAL WA 524 54.51 26.34 20.31
CA VAL WA 524 55.00 26.82 21.60
C VAL WA 524 54.22 26.17 22.73
N PRO WA 525 54.86 25.47 23.66
CA PRO WA 525 54.15 24.85 24.78
C PRO WA 525 54.08 25.76 26.00
N LEU WA 526 53.05 25.53 26.79
CA LEU WA 526 52.95 26.14 28.12
C LEU WA 526 51.90 25.36 28.90
N LEU WA 527 51.93 25.53 30.22
CA LEU WA 527 50.96 24.87 31.08
C LEU WA 527 50.29 25.91 31.97
N ILE WA 528 49.06 25.59 32.39
CA ILE WA 528 48.34 26.43 33.35
C ILE WA 528 48.65 26.06 34.79
N LYS WA 529 49.30 24.93 35.03
CA LYS WA 529 49.71 24.43 36.36
C LYS WA 529 48.66 24.59 37.47
N SER XA 2 71.83 14.31 15.65
CA SER XA 2 70.92 13.78 14.64
C SER XA 2 69.70 14.69 14.48
N GLN XA 3 68.61 14.13 13.95
CA GLN XA 3 67.40 14.88 13.66
C GLN XA 3 66.39 14.86 14.80
N TYR XA 4 66.72 14.21 15.92
CA TYR XA 4 65.80 14.12 17.04
C TYR XA 4 65.89 15.31 17.99
N SER XA 5 67.09 15.85 18.20
CA SER XA 5 67.24 17.00 19.06
C SER XA 5 66.47 18.18 18.50
N ILE XA 6 65.74 18.86 19.37
CA ILE XA 6 64.91 20.00 18.99
C ILE XA 6 65.61 21.28 19.42
N GLN XA 7 65.63 22.26 18.53
CA GLN XA 7 66.26 23.54 18.82
C GLN XA 7 65.28 24.41 19.61
N GLN XA 8 65.63 25.68 19.78
CA GLN XA 8 64.83 26.57 20.60
C GLN XA 8 63.65 27.17 19.85
N SER XA 9 63.93 27.92 18.79
CA SER XA 9 62.92 28.64 18.05
C SER XA 9 63.10 28.38 16.56
N LEU XA 10 62.03 28.61 15.82
CA LEU XA 10 62.07 28.39 14.38
C LEU XA 10 63.00 29.39 13.71
N GLY XA 11 63.91 28.89 12.89
CA GLY XA 11 64.77 29.75 12.11
C GLY XA 11 64.32 29.83 10.67
N ASN XA 12 65.09 29.21 9.79
CA ASN XA 12 64.72 29.13 8.38
C ASN XA 12 64.51 27.70 7.90
N ALA XA 13 64.68 26.71 8.77
CA ALA XA 13 64.57 25.31 8.36
C ALA XA 13 63.14 24.79 8.50
N SER XA 14 62.82 23.83 7.64
CA SER XA 14 61.57 23.08 7.73
C SER XA 14 61.70 22.14 8.92
N GLY XA 15 61.07 22.50 10.02
CA GLY XA 15 61.17 21.69 11.22
C GLY XA 15 60.27 22.24 12.30
N VAL XA 16 60.46 21.68 13.51
CA VAL XA 16 59.69 22.07 14.69
C VAL XA 16 60.65 22.46 15.79
N ALA XA 17 60.47 23.67 16.32
CA ALA XA 17 61.18 24.12 17.51
C ALA XA 17 60.16 24.61 18.52
N VAL XA 18 60.31 24.18 19.76
CA VAL XA 18 59.35 24.54 20.79
C VAL XA 18 60.07 25.33 21.87
N SER XA 19 59.31 26.18 22.55
CA SER XA 19 59.80 26.96 23.66
C SER XA 19 59.80 26.10 24.93
N PRO XA 20 60.58 26.51 25.94
CA PRO XA 20 60.48 25.84 27.23
C PRO XA 20 59.09 26.01 27.81
N ILE XA 21 58.65 25.02 28.57
CA ILE XA 21 57.31 25.02 29.13
C ILE XA 21 57.13 26.26 30.00
N ASN XA 22 55.97 26.90 29.90
CA ASN XA 22 55.70 28.12 30.63
C ASN XA 22 54.48 27.96 31.52
N ALA XA 23 54.64 28.29 32.80
CA ALA XA 23 53.56 28.24 33.77
C ALA XA 23 52.91 29.59 34.02
N ASP XA 24 53.71 30.64 34.19
CA ASP XA 24 53.17 31.97 34.43
C ASP XA 24 52.85 32.64 33.10
N ALA XA 25 51.80 32.10 32.47
CA ALA XA 25 51.28 32.65 31.23
C ALA XA 25 49.80 32.31 31.15
N THR XA 26 48.96 33.34 31.15
CA THR XA 26 47.51 33.18 31.18
C THR XA 26 46.95 33.62 29.85
N LEU XA 27 46.11 32.78 29.25
CA LEU XA 27 45.54 33.07 27.95
C LEU XA 27 44.13 32.51 27.85
N SER XA 28 43.21 33.31 27.32
CA SER XA 28 41.80 32.99 27.37
C SER XA 28 41.17 33.03 25.98
N THR XA 29 40.00 32.42 25.88
CA THR XA 29 39.30 32.24 24.60
C THR XA 29 38.15 33.23 24.49
N GLY XA 30 38.03 33.87 23.32
CA GLY XA 30 36.94 34.81 23.08
C GLY XA 30 36.82 35.22 21.62
N VAL XA 31 35.59 35.20 21.10
CA VAL XA 31 35.29 35.65 19.74
C VAL XA 31 34.25 36.77 19.84
N ALA XA 32 34.63 37.96 19.38
CA ALA XA 32 33.73 39.11 19.47
C ALA XA 32 32.64 39.03 18.41
N LEU XA 33 31.46 39.54 18.75
CA LEU XA 33 30.35 39.61 17.83
C LEU XA 33 29.90 41.03 17.51
N ASN XA 34 30.50 42.04 18.13
CA ASN XA 34 30.21 43.44 17.83
C ASN XA 34 28.73 43.67 18.08
N SER XA 35 28.31 43.65 19.34
CA SER XA 35 26.95 44.03 19.68
C SER XA 35 26.83 45.46 20.19
N SER XA 36 27.86 45.97 20.87
CA SER XA 36 27.81 47.33 21.39
C SER XA 36 29.24 47.86 21.38
N LEU XA 37 29.54 48.68 20.38
CA LEU XA 37 30.87 49.28 20.30
C LEU XA 37 31.07 50.25 21.46
N TRP XA 38 32.25 50.18 22.07
CA TRP XA 38 32.51 50.94 23.27
C TRP XA 38 33.99 51.28 23.35
N ALA XA 39 34.30 52.26 24.20
CA ALA XA 39 35.67 52.67 24.44
C ALA XA 39 35.77 53.18 25.86
N GLY XA 40 36.98 53.59 26.23
CA GLY XA 40 37.19 54.16 27.55
C GLY XA 40 38.59 54.70 27.70
N ILE XA 41 38.74 55.57 28.69
CA ILE XA 41 40.01 56.21 29.00
C ILE XA 41 40.70 55.40 30.10
N GLY XA 42 41.89 54.89 29.80
CA GLY XA 42 42.63 54.10 30.76
C GLY XA 42 44.10 54.46 30.75
N VAL XA 43 44.78 54.06 31.83
CA VAL XA 43 46.21 54.26 31.99
C VAL XA 43 46.83 52.89 32.18
N PHE XA 44 47.63 52.46 31.22
CA PHE XA 44 48.17 51.10 31.25
C PHE XA 44 49.68 51.10 31.07
N ALA XA 45 50.25 49.92 30.93
CA ALA XA 45 51.64 49.75 30.53
C ALA XA 45 51.66 49.32 29.08
N ARG XA 46 52.62 49.86 28.32
CA ARG XA 46 52.78 49.55 26.91
C ARG XA 46 51.61 50.06 26.08
N GLY XA 47 51.84 50.25 24.78
CA GLY XA 47 50.82 50.78 23.90
C GLY XA 47 50.98 52.28 23.71
N LYS XA 48 50.49 52.76 22.57
CA LYS XA 48 50.61 54.18 22.26
C LYS XA 48 49.62 54.98 23.10
N PRO XA 49 50.08 55.92 23.92
CA PRO XA 49 49.16 56.72 24.73
C PRO XA 49 48.47 57.79 23.89
N PHE XA 50 47.38 58.30 24.45
CA PHE XA 50 46.62 59.39 23.85
C PHE XA 50 46.22 59.05 22.41
N THR XA 51 45.83 57.79 22.22
CA THR XA 51 45.43 57.31 20.90
C THR XA 51 44.43 56.19 21.10
N VAL XA 52 43.44 56.11 20.22
CA VAL XA 52 42.46 55.03 20.25
C VAL XA 52 43.10 53.78 19.69
N LEU XA 53 42.95 52.67 20.43
CA LEU XA 53 43.42 51.38 19.99
C LEU XA 53 42.27 50.40 20.11
N ALA XA 54 41.96 49.71 19.01
CA ALA XA 54 40.94 48.68 19.00
C ALA XA 54 41.52 47.42 19.62
N VAL XA 55 40.98 47.03 20.77
CA VAL XA 55 41.46 45.89 21.52
C VAL XA 55 40.42 44.78 21.42
N THR XA 56 40.87 43.61 20.99
CA THR XA 56 40.04 42.43 20.85
C THR XA 56 40.30 41.45 21.99
N GLU XA 57 39.70 40.28 21.89
CA GLU XA 57 39.88 39.23 22.89
C GLU XA 57 41.21 38.51 22.76
N SER XA 58 42.12 39.04 21.94
CA SER XA 58 43.39 38.37 21.68
C SER XA 58 44.59 39.29 21.75
N ASN XA 59 44.41 40.57 22.07
CA ASN XA 59 45.52 41.51 22.11
C ASN XA 59 45.64 42.26 23.42
N TYR XA 60 44.61 42.27 24.27
CA TYR XA 60 44.70 42.98 25.54
C TYR XA 60 45.85 42.48 26.39
N GLU XA 61 46.31 41.26 26.13
CA GLU XA 61 47.44 40.72 26.89
C GLU XA 61 48.71 41.53 26.62
N ASP XA 62 48.96 41.87 25.35
CA ASP XA 62 50.25 42.49 25.00
C ASP XA 62 50.13 43.94 24.59
N VAL XA 63 49.25 44.26 23.63
CA VAL XA 63 49.16 45.65 23.19
C VAL XA 63 48.67 46.53 24.33
N LEU XA 64 47.76 46.03 25.17
CA LEU XA 64 47.36 46.76 26.37
C LEU XA 64 48.39 46.63 27.47
N GLY XA 65 49.28 45.63 27.39
CA GLY XA 65 50.30 45.43 28.39
C GLY XA 65 49.88 44.38 29.41
N GLU XA 66 50.87 43.90 30.16
CA GLU XA 66 50.62 42.91 31.20
C GLU XA 66 49.88 43.56 32.35
N PRO XA 67 48.85 42.92 32.91
CA PRO XA 67 48.11 43.53 34.01
C PRO XA 67 48.99 43.79 35.22
N LEU XA 68 48.80 44.95 35.82
CA LEU XA 68 49.56 45.34 37.00
C LEU XA 68 48.85 44.79 38.24
N LYS XA 69 49.31 45.17 39.38
CA LYS XA 69 48.65 44.64 40.55
C LYS XA 69 47.84 45.73 41.25
N PRO XA 70 46.93 45.40 42.18
CA PRO XA 70 46.20 46.49 42.86
C PRO XA 70 47.10 47.44 43.64
N SER XA 71 48.16 46.94 44.27
CA SER XA 71 48.98 47.79 45.13
C SER XA 71 49.77 48.81 44.32
N SER XA 72 49.94 48.58 43.02
CA SER XA 72 50.67 49.52 42.16
C SER XA 72 49.73 50.68 41.81
N GLY XA 73 49.61 51.62 42.76
CA GLY XA 73 48.77 52.77 42.54
C GLY XA 73 47.30 52.39 42.43
N SER XA 74 46.57 53.17 41.65
CA SER XA 74 45.13 52.98 41.46
C SER XA 74 44.83 52.62 40.01
N GLN XA 75 45.65 51.74 39.44
CA GLN XA 75 45.56 51.42 38.02
C GLN XA 75 45.16 49.98 37.75
N PHE XA 76 44.84 49.21 38.79
CA PHE XA 76 44.28 47.88 38.59
C PHE XA 76 42.79 47.94 38.27
N GLU XA 77 42.10 48.98 38.71
CA GLU XA 77 40.68 49.13 38.36
C GLU XA 77 40.45 49.08 36.85
N PRO XA 78 41.18 49.84 36.03
CA PRO XA 78 40.88 49.78 34.59
C PRO XA 78 41.21 48.45 33.96
N ILE XA 79 42.32 47.82 34.37
CA ILE XA 79 42.67 46.54 33.76
C ILE XA 79 41.65 45.48 34.13
N ARG XA 80 41.19 45.47 35.39
CA ARG XA 80 40.12 44.54 35.75
C ARG XA 80 38.85 44.85 34.97
N HIS XA 81 38.50 46.14 34.86
CA HIS XA 81 37.28 46.52 34.17
C HIS XA 81 37.29 46.02 32.73
N VAL XA 82 38.38 46.28 32.01
CA VAL XA 82 38.47 45.79 30.64
C VAL XA 82 38.52 44.28 30.63
N TYR XA 83 39.03 43.65 31.70
CA TYR XA 83 39.03 42.20 31.75
C TYR XA 83 37.62 41.65 31.70
N GLU XA 84 36.70 42.20 32.49
CA GLU XA 84 35.34 41.69 32.36
C GLU XA 84 34.68 42.19 31.09
N ALA XA 85 35.09 43.35 30.58
CA ALA XA 85 34.43 43.91 29.40
C ALA XA 85 34.73 43.09 28.16
N ILE XA 86 35.92 42.51 28.07
CA ILE XA 86 36.33 41.86 26.83
C ILE XA 86 35.49 40.64 26.51
N GLN XA 87 34.90 39.99 27.51
CA GLN XA 87 34.18 38.75 27.25
C GLN XA 87 32.87 38.96 26.52
N GLN XA 88 32.59 40.18 26.07
CA GLN XA 88 31.41 40.45 25.27
C GLN XA 88 31.74 40.99 23.89
N THR XA 89 32.49 42.07 23.81
CA THR XA 89 32.84 42.64 22.52
C THR XA 89 34.08 43.50 22.69
N SER XA 90 34.68 43.84 21.55
CA SER XA 90 35.94 44.56 21.53
C SER XA 90 35.74 46.00 22.00
N GLY XA 91 36.87 46.68 22.24
CA GLY XA 91 36.86 48.05 22.71
C GLY XA 91 37.74 48.93 21.85
N TYR XA 92 37.64 50.23 22.11
CA TYR XA 92 38.40 51.24 21.40
C TYR XA 92 39.19 52.09 22.41
N VAL XA 93 39.93 51.41 23.28
CA VAL XA 93 40.44 52.08 24.48
C VAL XA 93 41.48 53.13 24.11
N VAL XA 94 41.53 54.19 24.92
CA VAL XA 94 42.52 55.24 24.76
C VAL XA 94 43.38 55.26 26.00
N ARG XA 95 44.69 55.09 25.82
CA ARG XA 95 45.64 55.07 26.92
C ARG XA 95 46.23 56.47 27.13
N ALA XA 96 46.44 56.81 28.40
CA ALA XA 96 46.99 58.11 28.77
C ALA XA 96 48.18 57.89 29.70
N VAL XA 97 49.21 58.71 29.52
CA VAL XA 97 50.41 58.64 30.35
C VAL XA 97 50.71 60.04 30.88
N PRO XA 98 51.37 60.16 32.03
CA PRO XA 98 51.74 61.47 32.54
C PRO XA 98 52.93 62.02 31.76
N ASP XA 99 53.33 63.23 32.14
CA ASP XA 99 54.50 63.85 31.53
C ASP XA 99 55.78 63.08 31.82
N ASP XA 100 55.80 62.27 32.88
CA ASP XA 100 57.00 61.51 33.21
C ASP XA 100 57.32 60.44 32.18
N ALA XA 101 56.34 60.04 31.37
CA ALA XA 101 56.57 59.00 30.39
C ALA XA 101 57.47 59.52 29.27
N LYS XA 102 58.54 58.78 29.00
CA LYS XA 102 59.48 59.08 27.94
C LYS XA 102 59.82 57.77 27.22
N PHE XA 103 59.85 57.81 25.96
CA PHE XA 103 60.24 56.66 25.17
C PHE XA 103 61.73 56.72 24.85
N PRO XA 104 62.36 55.55 24.72
CA PRO XA 104 63.80 55.51 24.42
C PRO XA 104 64.07 55.53 22.93
N ILE XA 105 65.23 56.09 22.59
CA ILE XA 105 65.68 56.25 21.21
C ILE XA 105 67.14 55.81 21.15
N ILE XA 106 67.50 55.11 20.08
CA ILE XA 106 68.89 54.75 19.81
C ILE XA 106 69.29 55.38 18.49
N MET XA 107 70.31 56.22 18.54
CA MET XA 107 70.81 56.94 17.38
C MET XA 107 72.06 56.25 16.84
N PHE XA 108 72.06 55.94 15.56
CA PHE XA 108 73.22 55.39 14.88
C PHE XA 108 73.87 56.46 14.03
N ASP XA 109 75.17 56.64 14.20
CA ASP XA 109 75.91 57.68 13.50
C ASP XA 109 76.21 57.22 12.08
N GLU XA 110 77.08 57.96 11.40
CA GLU XA 110 77.42 57.64 10.03
C GLU XA 110 78.05 56.26 9.91
N SER XA 111 78.92 55.91 10.86
CA SER XA 111 79.58 54.62 10.90
C SER XA 111 78.76 53.57 11.66
N GLY XA 112 77.55 53.91 12.08
CA GLY XA 112 76.76 53.01 12.88
C GLY XA 112 77.03 53.10 14.36
N GLU XA 113 77.67 54.17 14.82
CA GLU XA 113 77.95 54.29 16.25
C GLU XA 113 76.67 54.47 17.03
N PRO XA 114 76.40 53.63 18.03
CA PRO XA 114 75.13 53.72 18.77
C PRO XA 114 75.21 54.63 19.98
N ALA XA 115 74.13 55.39 20.17
CA ALA XA 115 73.97 56.23 21.35
C ALA XA 115 72.53 56.10 21.82
N TYR XA 116 72.30 56.36 23.10
CA TYR XA 116 71.00 56.19 23.71
C TYR XA 116 70.47 57.53 24.21
N SER XA 117 69.15 57.69 24.16
CA SER XA 117 68.50 58.89 24.65
C SER XA 117 67.06 58.56 25.00
N ALA XA 118 66.39 59.52 25.64
CA ALA XA 118 64.99 59.37 25.99
C ALA XA 118 64.26 60.68 25.76
N LEU XA 119 63.07 60.60 25.19
CA LEU XA 119 62.31 61.81 24.92
C LEU XA 119 60.87 61.66 25.38
N PRO XA 120 60.26 62.71 25.88
CA PRO XA 120 58.87 62.61 26.33
C PRO XA 120 57.94 62.36 25.15
N TYR XA 121 56.85 61.65 25.44
CA TYR XA 121 55.87 61.36 24.41
C TYR XA 121 55.22 62.65 23.92
N GLY XA 122 54.93 62.70 22.63
CA GLY XA 122 54.44 63.91 22.01
C GLY XA 122 55.53 64.85 21.53
N SER XA 123 56.68 64.84 22.21
CA SER XA 123 57.82 65.63 21.76
C SER XA 123 58.38 65.06 20.46
N GLU XA 124 58.78 65.96 19.56
CA GLU XA 124 59.29 65.56 18.26
C GLU XA 124 60.72 65.04 18.37
N ILE XA 125 61.23 64.53 17.27
CA ILE XA 125 62.57 63.96 17.19
C ILE XA 125 63.37 64.73 16.16
N GLU XA 126 64.55 65.19 16.55
CA GLU XA 126 65.43 65.93 15.68
C GLU XA 126 66.84 65.37 15.78
N LEU XA 127 67.57 65.43 14.67
CA LEU XA 127 68.92 64.91 14.60
C LEU XA 127 69.90 66.04 14.32
N ASP XA 128 71.02 66.03 15.03
CA ASP XA 128 72.05 67.03 14.86
C ASP XA 128 72.89 66.71 13.64
N SER XA 129 74.04 67.37 13.50
CA SER XA 129 74.93 67.10 12.38
C SER XA 129 75.38 65.64 12.38
N GLY XA 130 75.72 65.11 13.55
CA GLY XA 130 76.06 63.70 13.69
C GLY XA 130 74.82 62.85 13.86
N GLU XA 131 75.06 61.60 14.26
CA GLU XA 131 73.99 60.63 14.52
C GLU XA 131 73.09 60.47 13.29
N ALA XA 132 73.71 59.92 12.24
CA ALA XA 132 73.12 59.85 10.90
C ALA XA 132 71.62 59.59 10.92
N PHE XA 133 71.16 58.63 11.72
CA PHE XA 133 69.74 58.37 11.85
C PHE XA 133 69.46 57.87 13.26
N ALA XA 134 68.18 57.61 13.53
CA ALA XA 134 67.78 57.14 14.85
C ALA XA 134 66.58 56.21 14.71
N ILE XA 135 66.40 55.35 15.72
CA ILE XA 135 65.28 54.43 15.78
C ILE XA 135 64.72 54.45 17.20
N TYR XA 136 63.40 54.50 17.31
CA TYR XA 136 62.74 54.56 18.60
C TYR XA 136 61.59 53.56 18.64
N VAL XA 137 61.39 52.97 19.81
CA VAL XA 137 60.31 52.02 20.03
C VAL XA 137 59.06 52.79 20.42
N ASP XA 138 57.91 52.32 19.92
CA ASP XA 138 56.64 52.99 20.17
C ASP XA 138 55.62 52.08 20.85
N ASP XA 139 56.02 50.87 21.24
CA ASP XA 139 55.10 49.94 21.86
C ASP XA 139 54.74 50.32 23.29
N GLY XA 140 55.42 51.29 23.87
CA GLY XA 140 55.18 51.69 25.24
C GLY XA 140 55.94 50.91 26.29
N ASP XA 141 56.69 49.88 25.89
CA ASP XA 141 57.47 49.11 26.85
C ASP XA 141 58.71 49.89 27.27
N PRO XA 142 58.96 50.04 28.57
CA PRO XA 142 60.19 50.72 29.00
C PRO XA 142 61.46 49.98 28.63
N CYS XA 143 61.36 48.76 28.11
CA CYS XA 143 62.52 47.95 27.72
C CYS XA 143 63.42 47.62 28.90
N ILE XA 144 62.90 47.75 30.11
CA ILE XA 144 63.67 47.42 31.31
C ILE XA 144 62.96 46.42 32.21
N SER XA 145 61.64 46.28 32.13
CA SER XA 145 60.90 45.32 32.94
C SER XA 145 59.63 44.95 32.19
N PRO XA 146 59.72 44.00 31.26
CA PRO XA 146 60.91 43.22 30.88
C PRO XA 146 61.83 43.97 29.93
N THR XA 147 62.78 43.26 29.32
CA THR XA 147 63.77 43.85 28.45
C THR XA 147 63.70 43.26 27.05
N ARG XA 148 64.09 44.06 26.07
CA ARG XA 148 64.12 43.65 24.67
C ARG XA 148 65.42 44.14 24.04
N GLU XA 149 65.95 43.35 23.11
CA GLU XA 149 67.23 43.63 22.50
C GLU XA 149 67.11 43.54 20.99
N LEU XA 150 68.06 44.17 20.31
CA LEU XA 150 68.09 44.20 18.86
C LEU XA 150 69.44 43.72 18.37
N THR XA 151 69.44 43.12 17.19
CA THR XA 151 70.66 42.58 16.60
C THR XA 151 70.72 43.00 15.13
N ILE XA 152 71.88 43.43 14.68
CA ILE XA 152 72.08 43.90 13.31
C ILE XA 152 73.16 43.06 12.66
N GLU XA 153 72.83 42.48 11.51
CA GLU XA 153 73.80 41.74 10.72
C GLU XA 153 73.64 42.16 9.26
N THR XA 154 74.50 41.62 8.39
CA THR XA 154 74.45 41.91 6.97
C THR XA 154 73.92 40.70 6.21
N ALA XA 155 73.66 40.89 4.93
CA ALA XA 155 73.19 39.81 4.07
C ALA XA 155 73.62 40.09 2.64
N THR XA 156 73.09 39.31 1.71
CA THR XA 156 73.40 39.50 0.31
C THR XA 156 72.78 40.79 -0.21
N ALA XA 157 73.27 41.26 -1.34
CA ALA XA 157 72.80 42.49 -1.94
C ALA XA 157 71.64 42.22 -2.89
N ASP XA 158 71.13 43.30 -3.47
CA ASP XA 158 70.01 43.21 -4.40
C ASP XA 158 70.53 43.17 -5.84
N SER XA 159 69.61 43.27 -6.80
CA SER XA 159 70.01 43.29 -8.20
C SER XA 159 70.84 44.53 -8.51
N ALA XA 160 70.48 45.67 -7.94
CA ALA XA 160 71.22 46.90 -8.14
C ALA XA 160 72.49 46.97 -7.32
N GLY XA 161 72.79 45.94 -6.53
CA GLY XA 161 73.98 45.95 -5.71
C GLY XA 161 73.87 46.73 -4.43
N ASN XA 162 72.66 47.15 -4.04
CA ASN XA 162 72.49 47.90 -2.81
C ASN XA 162 72.70 47.02 -1.60
N GLU XA 163 73.41 47.56 -0.61
CA GLU XA 163 73.71 46.80 0.60
C GLU XA 163 72.43 46.50 1.36
N ARG XA 164 72.34 45.28 1.90
CA ARG XA 164 71.17 44.83 2.64
C ARG XA 164 71.61 44.30 4.00
N PHE XA 165 70.94 44.77 5.05
CA PHE XA 165 71.25 44.37 6.41
C PHE XA 165 69.97 43.95 7.11
N LEU XA 166 70.10 42.95 7.98
CA LEU XA 166 68.98 42.37 8.69
C LEU XA 166 68.98 42.86 10.13
N LEU XA 167 67.78 43.16 10.63
CA LEU XA 167 67.54 43.53 12.01
C LEU XA 167 66.66 42.47 12.65
N LYS XA 168 67.06 41.98 13.81
CA LYS XA 168 66.32 40.99 14.56
C LYS XA 168 65.95 41.57 15.93
N LEU XA 169 64.72 41.32 16.35
CA LEU XA 169 64.25 41.74 17.66
C LEU XA 169 64.09 40.53 18.57
N THR XA 170 64.41 40.71 19.85
CA THR XA 170 64.21 39.67 20.84
C THR XA 170 63.72 40.31 22.13
N GLN XA 171 63.11 39.48 22.97
CA GLN XA 171 62.67 39.87 24.29
C GLN XA 171 63.33 38.99 25.34
N THR XA 172 63.72 39.61 26.45
CA THR XA 172 64.37 38.90 27.55
C THR XA 172 63.59 39.19 28.83
N THR XA 173 63.31 38.15 29.60
CA THR XA 173 62.55 38.27 30.83
C THR XA 173 63.50 38.54 32.01
N SER XA 174 62.94 38.58 33.22
CA SER XA 174 63.76 38.79 34.41
C SER XA 174 64.74 37.65 34.61
N LEU XA 175 64.30 36.42 34.37
CA LEU XA 175 65.18 35.27 34.51
C LEU XA 175 66.32 35.36 33.51
N GLY XA 176 66.04 35.79 32.29
CA GLY XA 176 67.08 35.92 31.29
C GLY XA 176 66.82 35.10 30.05
N VAL XA 177 65.62 34.52 29.95
CA VAL XA 177 65.27 33.72 28.78
C VAL XA 177 65.17 34.64 27.58
N VAL XA 178 65.92 34.34 26.54
CA VAL XA 178 65.98 35.16 25.34
C VAL XA 178 65.13 34.50 24.27
N THR XA 179 64.11 35.22 23.80
CA THR XA 179 63.20 34.69 22.80
C THR XA 179 63.11 35.68 21.66
N THR XA 180 63.40 35.23 20.44
CA THR XA 180 63.29 36.11 19.29
C THR XA 180 61.83 36.38 18.97
N LEU XA 181 61.59 37.49 18.28
CA LEU XA 181 60.25 37.90 17.89
C LEU XA 181 60.09 37.97 16.37
N GLU XA 182 60.97 38.70 15.70
CA GLU XA 182 60.90 38.85 14.25
C GLU XA 182 62.27 39.27 13.74
N THR XA 183 62.42 39.18 12.43
CA THR XA 183 63.62 39.64 11.75
C THR XA 183 63.21 40.18 10.38
N HIS XA 184 63.91 41.21 9.93
CA HIS XA 184 63.59 41.83 8.65
C HIS XA 184 64.87 42.36 8.02
N THR XA 185 65.08 42.03 6.76
CA THR XA 185 66.18 42.63 6.01
C THR XA 185 65.70 43.91 5.33
N VAL XA 186 66.62 44.84 5.16
CA VAL XA 186 66.30 46.13 4.59
C VAL XA 186 67.57 46.74 4.00
N SER XA 187 67.40 47.50 2.94
CA SER XA 187 68.52 48.13 2.25
C SER XA 187 68.48 49.63 2.48
N LEU XA 188 69.65 50.21 2.73
CA LEU XA 188 69.77 51.64 2.98
C LEU XA 188 69.52 52.49 1.75
N ALA XA 189 69.39 51.87 0.58
CA ALA XA 189 69.28 52.63 -0.67
C ALA XA 189 68.04 53.52 -0.66
N GLU XA 190 68.19 54.70 -1.26
CA GLU XA 190 67.07 55.62 -1.41
C GLU XA 190 65.98 55.04 -2.29
N GLU XA 191 66.32 54.11 -3.18
CA GLU XA 191 65.33 53.49 -4.05
C GLU XA 191 65.42 51.98 -3.90
N ALA XA 192 65.44 51.52 -2.65
CA ALA XA 192 65.62 50.10 -2.37
C ALA XA 192 64.32 49.35 -2.54
N LYS XA 193 64.38 48.22 -3.24
CA LYS XA 193 63.20 47.41 -3.56
C LYS XA 193 63.49 45.96 -3.23
N ASP XA 194 62.44 45.23 -2.85
CA ASP XA 194 62.58 43.81 -2.54
C ASP XA 194 62.42 42.97 -3.79
N ASP XA 195 62.87 41.71 -3.69
CA ASP XA 195 62.72 40.79 -4.81
C ASP XA 195 61.27 40.45 -5.08
N MET XA 196 60.37 40.69 -4.13
CA MET XA 196 58.95 40.71 -4.42
C MET XA 196 58.49 42.05 -4.96
N GLY XA 197 59.39 43.02 -5.05
CA GLY XA 197 59.00 44.40 -5.28
C GLY XA 197 58.60 45.16 -4.04
N ARG XA 198 58.68 44.56 -2.85
CA ARG XA 198 58.35 45.27 -1.64
C ARG XA 198 59.33 46.41 -1.41
N LEU XA 199 58.86 47.48 -0.77
CA LEU XA 199 59.69 48.64 -0.56
C LEU XA 199 60.73 48.35 0.51
N CYS XA 200 62.01 48.46 0.17
CA CYS XA 200 63.08 48.26 1.12
C CYS XA 200 63.65 49.56 1.65
N TYR XA 201 62.94 50.67 1.45
CA TYR XA 201 63.38 51.94 2.01
C TYR XA 201 63.23 51.93 3.52
N LEU XA 202 64.29 52.37 4.21
CA LEU XA 202 64.52 52.06 5.61
C LEU XA 202 63.33 52.44 6.50
N PRO XA 203 62.97 53.72 6.68
CA PRO XA 203 61.80 54.00 7.52
C PRO XA 203 60.52 53.45 6.94
N THR XA 204 60.39 53.48 5.61
CA THR XA 204 59.19 52.98 4.97
C THR XA 204 59.05 51.48 5.20
N ALA XA 205 60.12 50.72 4.97
CA ALA XA 205 60.08 49.29 5.23
C ALA XA 205 59.85 49.01 6.71
N LEU XA 206 60.44 49.82 7.59
CA LEU XA 206 60.27 49.62 9.01
C LEU XA 206 58.82 49.79 9.43
N GLU XA 207 58.17 50.85 8.95
CA GLU XA 207 56.77 51.04 9.30
C GLU XA 207 55.89 50.01 8.61
N ALA XA 208 56.29 49.53 7.43
CA ALA XA 208 55.48 48.55 6.73
C ALA XA 208 55.50 47.20 7.42
N ARG XA 209 56.66 46.76 7.90
CA ARG XA 209 56.78 45.46 8.54
C ARG XA 209 56.57 45.56 10.06
N SER XA 210 57.46 46.28 10.74
CA SER XA 210 57.47 46.31 12.19
C SER XA 210 56.36 47.22 12.71
N LYS XA 211 55.66 46.72 13.73
CA LYS XA 211 54.64 47.49 14.42
C LYS XA 211 55.15 48.02 15.76
N TYR XA 212 56.45 48.06 15.94
CA TYR XA 212 57.03 48.32 17.26
C TYR XA 212 58.11 49.39 17.18
N LEU XA 213 58.75 49.51 16.04
CA LEU XA 213 59.88 50.42 15.89
C LEU XA 213 59.64 51.37 14.74
N ARG XA 214 59.90 52.65 14.98
CA ARG XA 214 59.89 53.66 13.92
C ARG XA 214 61.29 54.26 13.85
N ALA XA 215 61.60 54.88 12.70
CA ALA XA 215 62.93 55.42 12.50
C ALA XA 215 62.84 56.78 11.84
N VAL XA 216 63.87 57.58 12.07
CA VAL XA 216 64.06 58.87 11.43
C VAL XA 216 65.43 58.89 10.77
N VAL XA 217 65.48 59.31 9.52
CA VAL XA 217 66.71 59.26 8.73
C VAL XA 217 66.97 60.63 8.15
N ASN XA 218 68.19 61.13 8.35
CA ASN XA 218 68.59 62.40 7.74
C ASN XA 218 68.75 62.21 6.23
N GLU XA 219 68.11 63.09 5.46
CA GLU XA 219 68.23 63.02 4.01
C GLU XA 219 69.63 63.36 3.53
N GLU XA 220 70.36 64.18 4.30
CA GLU XA 220 71.71 64.58 3.94
C GLU XA 220 72.77 63.60 4.41
N LEU XA 221 72.40 62.64 5.25
CA LEU XA 221 73.33 61.66 5.76
C LEU XA 221 73.00 60.23 5.35
N ILE XA 222 71.83 60.01 4.73
CA ILE XA 222 71.47 58.68 4.27
C ILE XA 222 72.45 58.19 3.21
N SER XA 223 72.90 59.10 2.34
CA SER XA 223 73.82 58.71 1.28
C SER XA 223 75.15 58.23 1.86
N THR XA 224 75.65 58.90 2.89
CA THR XA 224 76.93 58.56 3.49
C THR XA 224 76.81 57.60 4.67
N ALA XA 225 75.59 57.19 5.02
CA ALA XA 225 75.41 56.31 6.17
C ALA XA 225 76.01 54.94 5.90
N LYS XA 226 76.78 54.44 6.87
CA LYS XA 226 77.39 53.13 6.77
C LYS XA 226 76.74 52.19 7.78
N VAL XA 227 76.98 50.90 7.57
CA VAL XA 227 76.37 49.86 8.39
C VAL XA 227 77.48 49.09 9.10
N THR XA 228 77.07 48.32 10.10
CA THR XA 228 78.00 47.53 10.89
C THR XA 228 77.24 46.38 11.54
N ASN XA 229 77.99 45.39 11.99
CA ASN XA 229 77.41 44.23 12.68
C ASN XA 229 77.38 44.51 14.17
N LYS XA 230 76.19 44.59 14.73
CA LYS XA 230 76.00 44.90 16.14
C LYS XA 230 75.11 43.84 16.77
N LYS XA 231 75.34 43.61 18.06
CA LYS XA 231 74.64 42.57 18.78
C LYS XA 231 74.11 43.13 20.10
N SER XA 232 72.95 42.64 20.52
CA SER XA 232 72.35 43.00 21.81
C SER XA 232 72.13 44.50 21.92
N LEU XA 233 71.27 45.01 21.05
CA LEU XA 233 70.94 46.43 21.02
C LEU XA 233 69.65 46.63 21.80
N ALA XA 234 69.77 47.10 23.03
CA ALA XA 234 68.63 47.27 23.93
C ALA XA 234 68.40 48.74 24.22
N PHE XA 235 67.15 49.17 24.13
CA PHE XA 235 66.80 50.54 24.48
C PHE XA 235 67.00 50.79 25.97
N THR XA 236 67.53 51.97 26.29
CA THR XA 236 67.78 52.37 27.66
C THR XA 236 67.29 53.79 27.88
N GLY XA 237 66.87 54.07 29.12
CA GLY XA 237 66.44 55.40 29.50
C GLY XA 237 64.97 55.68 29.31
N GLY XA 238 64.22 54.78 28.67
CA GLY XA 238 62.79 54.97 28.44
C GLY XA 238 61.95 54.26 29.48
N THR XA 239 60.93 54.98 29.97
CA THR XA 239 59.98 54.41 30.93
C THR XA 239 58.76 55.31 31.01
N ASN XA 240 57.65 54.73 31.44
CA ASN XA 240 56.40 55.49 31.56
C ASN XA 240 56.40 56.43 32.76
N GLY XA 241 57.34 56.27 33.70
CA GLY XA 241 57.31 57.07 34.90
C GLY XA 241 56.25 56.58 35.88
N ASP XA 242 55.73 57.51 36.68
CA ASP XA 242 54.75 57.20 37.71
C ASP XA 242 53.36 57.29 37.11
N GLN XA 243 52.71 56.13 36.95
CA GLN XA 243 51.36 56.10 36.41
C GLN XA 243 50.29 56.40 37.45
N SER XA 244 50.66 56.42 38.73
CA SER XA 244 49.68 56.77 39.76
C SER XA 244 49.19 58.19 39.59
N LYS XA 245 50.10 59.13 39.32
CA LYS XA 245 49.73 60.52 39.14
C LYS XA 245 49.08 60.70 37.78
N ILE XA 246 47.82 61.12 37.77
CA ILE XA 246 47.05 61.27 36.55
C ILE XA 246 46.52 62.70 36.48
N SER XA 247 46.65 63.32 35.31
CA SER XA 247 46.38 64.74 35.16
C SER XA 247 45.05 64.96 34.44
N THR XA 248 44.33 66.00 34.87
CA THR XA 248 43.11 66.40 34.19
C THR XA 248 43.40 66.80 32.75
N ALA XA 249 44.60 67.33 32.48
CA ALA XA 249 44.97 67.63 31.11
C ALA XA 249 45.02 66.38 30.25
N ALA XA 250 45.62 65.31 30.78
CA ALA XA 250 45.60 64.04 30.06
C ALA XA 250 44.18 63.54 29.89
N TYR XA 251 43.36 63.70 30.93
CA TYR XA 251 41.97 63.28 30.84
C TYR XA 251 41.25 63.99 29.71
N LEU XA 252 41.36 65.31 29.64
CA LEU XA 252 40.66 66.06 28.62
C LEU XA 252 41.23 65.78 27.23
N ARG XA 253 42.54 65.59 27.13
CA ARG XA 253 43.12 65.23 25.85
C ARG XA 253 42.58 63.90 25.36
N ALA XA 254 42.46 62.93 26.27
CA ALA XA 254 41.89 61.64 25.90
C ALA XA 254 40.44 61.77 25.52
N VAL XA 255 39.69 62.64 26.21
CA VAL XA 255 38.30 62.88 25.85
C VAL XA 255 38.21 63.46 24.44
N LYS XA 256 39.11 64.40 24.13
CA LYS XA 256 39.16 64.96 22.78
C LYS XA 256 39.46 63.88 21.76
N VAL XA 257 40.37 62.97 22.08
CA VAL XA 257 40.68 61.87 21.19
C VAL XA 257 39.45 61.00 20.97
N LEU XA 258 38.72 60.73 22.05
CA LEU XA 258 37.49 59.94 21.95
C LEU XA 258 36.49 60.63 21.03
N ASN XA 259 36.33 61.94 21.19
CA ASN XA 259 35.41 62.68 20.35
C ASN XA 259 35.82 62.61 18.88
N ASN XA 260 37.10 62.86 18.61
CA ASN XA 260 37.58 62.91 17.25
C ASN XA 260 37.75 61.54 16.63
N ALA XA 261 37.56 60.47 17.40
CA ALA XA 261 37.68 59.13 16.86
C ALA XA 261 36.61 58.91 15.80
N PRO XA 262 36.98 58.57 14.56
CA PRO XA 262 36.00 58.36 13.50
C PRO XA 262 35.48 56.93 13.45
N TYR XA 263 35.07 56.41 14.61
CA TYR XA 263 34.51 55.09 14.70
C TYR XA 263 33.25 55.15 15.54
N MET XA 264 32.33 54.24 15.28
CA MET XA 264 31.08 54.20 16.02
C MET XA 264 31.31 53.59 17.39
N TYR XA 265 30.66 54.17 18.39
CA TYR XA 265 30.70 53.63 19.75
C TYR XA 265 29.47 54.14 20.49
N THR XA 266 28.63 53.22 20.94
CA THR XA 266 27.35 53.55 21.53
C THR XA 266 27.39 53.61 23.05
N ALA XA 267 28.50 53.22 23.66
CA ALA XA 267 28.58 53.14 25.11
C ALA XA 267 29.95 53.58 25.58
N VAL XA 268 29.99 54.28 26.71
CA VAL XA 268 31.26 54.71 27.30
C VAL XA 268 31.26 54.33 28.77
N LEU XA 269 32.46 54.18 29.33
CA LEU XA 269 32.66 53.66 30.67
C LEU XA 269 33.42 54.67 31.52
N GLY XA 270 33.15 54.66 32.83
CA GLY XA 270 34.05 55.34 33.75
C GLY XA 270 35.41 54.67 33.80
N LEU XA 271 35.41 53.35 33.93
CA LEU XA 271 36.61 52.52 33.78
C LEU XA 271 37.68 52.99 34.77
N GLY XA 272 37.27 53.11 36.02
CA GLY XA 272 38.16 53.50 37.10
C GLY XA 272 38.53 54.96 37.17
N CYS XA 273 37.85 55.82 36.41
CA CYS XA 273 38.12 57.26 36.44
C CYS XA 273 37.13 57.93 37.40
N TYR XA 274 37.65 58.74 38.31
CA TYR XA 274 36.81 59.44 39.28
C TYR XA 274 37.02 60.94 39.30
N ASP XA 275 37.85 61.49 38.41
CA ASP XA 275 38.04 62.94 38.38
C ASP XA 275 36.74 63.63 38.00
N ASN XA 276 36.34 64.61 38.81
CA ASN XA 276 35.05 65.26 38.58
C ASN XA 276 35.02 65.97 37.24
N ALA XA 277 36.09 66.66 36.88
CA ALA XA 277 36.12 67.36 35.59
C ALA XA 277 36.00 66.39 34.44
N ALA XA 278 36.71 65.25 34.53
CA ALA XA 278 36.62 64.24 33.47
C ALA XA 278 35.21 63.64 33.41
N ILE XA 279 34.59 63.40 34.57
CA ILE XA 279 33.24 62.87 34.58
C ILE XA 279 32.29 63.85 33.92
N THR XA 280 32.41 65.13 34.24
CA THR XA 280 31.57 66.14 33.62
C THR XA 280 31.82 66.22 32.12
N ALA XA 281 33.07 66.14 31.70
CA ALA XA 281 33.39 66.18 30.28
C ALA XA 281 32.75 65.01 29.55
N LEU XA 282 32.87 63.81 30.12
CA LEU XA 282 32.26 62.65 29.48
C LEU XA 282 30.75 62.73 29.52
N GLY XA 283 30.17 63.34 30.55
CA GLY XA 283 28.74 63.55 30.56
C GLY XA 283 28.29 64.48 29.45
N LYS XA 284 29.05 65.55 29.22
CA LYS XA 284 28.74 66.44 28.11
C LYS XA 284 28.90 65.71 26.78
N ILE XA 285 29.90 64.83 26.69
CA ILE XA 285 30.06 64.05 25.47
C ILE XA 285 28.87 63.14 25.24
N CYS XA 286 28.41 62.48 26.30
CA CYS XA 286 27.23 61.63 26.18
C CYS XA 286 26.03 62.45 25.77
N ALA XA 287 25.88 63.65 26.34
CA ALA XA 287 24.74 64.49 26.02
C ALA XA 287 24.76 64.93 24.57
N ASP XA 288 25.92 65.40 24.09
CA ASP XA 288 25.99 65.95 22.75
C ASP XA 288 26.22 64.91 21.67
N ARG XA 289 26.43 63.65 22.05
CA ARG XA 289 26.47 62.57 21.07
C ARG XA 289 25.30 61.60 21.26
N LEU XA 290 24.39 61.89 22.18
CA LEU XA 290 23.19 61.08 22.43
C LEU XA 290 23.54 59.61 22.61
N ILE XA 291 24.55 59.36 23.44
CA ILE XA 291 25.03 58.01 23.70
C ILE XA 291 24.83 57.68 25.17
N ASP XA 292 25.20 56.47 25.56
CA ASP XA 292 25.03 55.99 26.94
C ASP XA 292 26.36 56.03 27.68
N GLY XA 293 26.33 56.58 28.89
CA GLY XA 293 27.49 56.65 29.76
C GLY XA 293 27.34 55.75 30.96
N PHE XA 294 28.47 55.25 31.45
CA PHE XA 294 28.55 54.26 32.52
C PHE XA 294 29.48 54.77 33.62
N PHE XA 295 29.19 55.97 34.13
CA PHE XA 295 30.02 56.54 35.17
C PHE XA 295 29.97 55.70 36.44
N ASP XA 296 31.06 55.75 37.20
CA ASP XA 296 31.16 55.07 38.48
C ASP XA 296 31.75 56.02 39.51
N VAL XA 297 31.40 55.81 40.78
CA VAL XA 297 31.86 56.65 41.86
C VAL XA 297 32.85 55.86 42.72
N LYS XA 298 33.47 56.56 43.66
CA LYS XA 298 34.48 55.93 44.51
C LYS XA 298 33.84 54.85 45.37
N PRO XA 299 34.30 53.60 45.29
CA PRO XA 299 33.69 52.54 46.10
C PRO XA 299 33.84 52.78 47.58
N THR XA 300 34.89 53.48 48.01
CA THR XA 300 35.17 53.69 49.41
C THR XA 300 34.15 54.58 50.09
N LEU XA 301 33.28 55.23 49.32
CA LEU XA 301 32.31 56.17 49.88
C LEU XA 301 31.18 55.39 50.54
N THR XA 302 31.03 55.55 51.86
CA THR XA 302 29.91 54.94 52.55
C THR XA 302 28.62 55.66 52.16
N TYR XA 303 27.50 55.01 52.50
CA TYR XA 303 26.20 55.53 52.08
C TYR XA 303 25.95 56.93 52.60
N ALA XA 304 26.56 57.30 53.72
CA ALA XA 304 26.38 58.65 54.26
C ALA XA 304 26.90 59.69 53.27
N GLU XA 305 28.12 59.53 52.78
CA GLU XA 305 28.67 60.44 51.81
C GLU XA 305 28.42 60.00 50.38
N ALA XA 306 27.89 58.80 50.17
CA ALA XA 306 27.54 58.38 48.82
C ALA XA 306 26.42 59.24 48.25
N LEU XA 307 25.43 59.57 49.09
CA LEU XA 307 24.30 60.36 48.62
C LEU XA 307 24.71 61.74 48.13
N PRO XA 308 25.49 62.55 48.86
CA PRO XA 308 25.91 63.84 48.31
C PRO XA 308 26.82 63.72 47.10
N ALA XA 309 27.44 62.56 46.89
CA ALA XA 309 28.34 62.40 45.75
C ALA XA 309 27.59 62.52 44.43
N VAL XA 310 26.31 62.16 44.41
CA VAL XA 310 25.53 62.32 43.18
C VAL XA 310 25.43 63.77 42.79
N GLU XA 311 25.14 64.63 43.76
CA GLU XA 311 25.13 66.07 43.50
C GLU XA 311 26.52 66.58 43.17
N ASP XA 312 27.53 66.05 43.88
CA ASP XA 312 28.91 66.42 43.63
C ASP XA 312 29.34 66.06 42.22
N THR XA 313 28.66 65.10 41.61
CA THR XA 313 28.95 64.76 40.21
C THR XA 313 28.70 65.94 39.30
N GLY XA 314 27.61 66.67 39.53
CA GLY XA 314 27.26 67.77 38.68
C GLY XA 314 26.53 67.38 37.41
N LEU XA 315 26.34 66.09 37.17
CA LEU XA 315 25.63 65.61 36.00
C LEU XA 315 24.14 65.52 36.22
N LEU XA 316 23.66 65.85 37.41
CA LEU XA 316 22.22 65.82 37.67
C LEU XA 316 21.51 66.84 36.80
N GLY XA 317 20.46 66.41 36.13
CA GLY XA 317 19.69 67.30 35.28
C GLY XA 317 18.92 66.53 34.24
N THR XA 318 18.17 67.28 33.45
CA THR XA 318 17.36 66.69 32.39
C THR XA 318 18.15 66.33 31.15
N ASP XA 319 19.35 66.89 30.99
CA ASP XA 319 20.15 66.60 29.80
C ASP XA 319 20.93 65.30 29.98
N TYR XA 320 21.64 65.17 31.10
CA TYR XA 320 22.46 63.99 31.37
C TYR XA 320 21.60 62.89 31.97
N VAL XA 321 20.63 62.45 31.18
CA VAL XA 321 19.74 61.37 31.60
C VAL XA 321 20.07 60.05 30.89
N SER XA 322 20.72 60.10 29.72
CA SER XA 322 21.10 58.88 29.04
C SER XA 322 22.16 58.09 29.78
N CYS XA 323 22.87 58.73 30.71
CA CYS XA 323 23.96 58.08 31.43
C CYS XA 323 23.46 57.42 32.71
N SER XA 324 24.32 56.58 33.28
CA SER XA 324 24.06 55.88 34.52
C SER XA 324 25.28 56.00 35.42
N VAL XA 325 25.04 55.93 36.72
CA VAL XA 325 26.08 56.05 37.73
C VAL XA 325 26.06 54.83 38.63
N TYR XA 326 27.25 54.31 38.94
CA TYR XA 326 27.40 53.02 39.58
C TYR XA 326 28.23 53.15 40.84
N HIS XA 327 28.03 52.21 41.76
CA HIS XA 327 28.83 52.13 42.97
C HIS XA 327 28.90 50.66 43.41
N TYR XA 328 29.95 50.35 44.17
CA TYR XA 328 30.20 48.99 44.64
C TYR XA 328 30.77 49.05 46.04
N PRO XA 329 29.92 49.01 47.05
CA PRO XA 329 30.37 49.11 48.45
C PRO XA 329 30.72 47.76 49.08
N PHE XA 330 31.59 46.99 48.42
CA PHE XA 330 31.96 45.68 48.91
C PHE XA 330 33.43 45.40 48.60
N SER XA 331 33.90 44.23 49.04
CA SER XA 331 35.26 43.78 48.79
C SER XA 331 35.22 42.37 48.22
N CYS XA 332 36.04 42.12 47.22
CA CYS XA 332 36.11 40.83 46.55
C CYS XA 332 37.54 40.27 46.65
N LYS XA 333 37.73 39.10 46.05
CA LYS XA 333 39.02 38.43 46.04
C LYS XA 333 39.55 38.39 44.62
N ASP XA 334 40.86 38.60 44.47
CA ASP XA 334 41.46 38.62 43.15
C ASP XA 334 41.42 37.25 42.51
N LYS XA 335 41.17 37.23 41.20
CA LYS XA 335 41.32 36.00 40.44
C LYS XA 335 42.78 35.63 40.28
N TRP XA 336 43.63 36.60 39.99
CA TRP XA 336 45.02 36.33 39.66
C TRP XA 336 45.90 36.20 40.90
N THR XA 337 45.94 37.25 41.72
CA THR XA 337 46.81 37.27 42.88
C THR XA 337 46.10 36.90 44.17
N GLN XA 338 44.82 36.51 44.08
CA GLN XA 338 43.98 36.15 45.23
C GLN XA 338 44.23 37.10 46.41
N SER XA 339 43.94 38.37 46.18
CA SER XA 339 44.10 39.42 47.18
C SER XA 339 42.77 40.09 47.46
N ARG XA 340 42.60 40.56 48.69
CA ARG XA 340 41.41 41.32 49.03
C ARG XA 340 41.44 42.65 48.27
N VAL XA 341 40.60 42.77 47.25
CA VAL XA 341 40.62 43.92 46.36
C VAL XA 341 39.23 44.50 46.27
N VAL XA 342 39.16 45.70 45.70
CA VAL XA 342 37.90 46.43 45.53
C VAL XA 342 37.96 47.15 44.19
N PHE XA 343 37.00 46.89 43.31
CA PHE XA 343 36.90 47.65 42.07
C PHE XA 343 35.46 47.68 41.62
N GLY XA 344 35.14 48.69 40.82
CA GLY XA 344 33.76 48.96 40.47
C GLY XA 344 33.15 47.87 39.61
N LEU XA 345 31.83 47.84 39.64
CA LEU XA 345 31.03 46.88 38.89
C LEU XA 345 30.51 47.43 37.57
N SER XA 346 31.06 48.57 37.12
CA SER XA 346 30.56 49.21 35.91
C SER XA 346 30.73 48.32 34.69
N GLY XA 347 31.94 47.77 34.51
CA GLY XA 347 32.17 46.89 33.38
C GLY XA 347 31.35 45.61 33.45
N VAL XA 348 31.17 45.09 34.66
CA VAL XA 348 30.34 43.90 34.83
C VAL XA 348 28.91 44.21 34.41
N ALA XA 349 28.39 45.37 34.81
CA ALA XA 349 27.04 45.75 34.43
C ALA XA 349 26.94 45.93 32.92
N TYR XA 350 27.94 46.55 32.30
CA TYR XA 350 27.93 46.69 30.86
C TYR XA 350 27.88 45.33 30.18
N ALA XA 351 28.72 44.41 30.64
CA ALA XA 351 28.74 43.08 30.04
C ALA XA 351 27.41 42.38 30.24
N ALA XA 352 26.80 42.55 31.42
CA ALA XA 352 25.51 41.94 31.69
C ALA XA 352 24.46 42.44 30.70
N LYS XA 353 24.33 43.75 30.56
CA LYS XA 353 23.32 44.28 29.65
C LYS XA 353 23.64 43.95 28.21
N ALA XA 354 24.93 43.91 27.87
CA ALA XA 354 25.30 43.57 26.50
C ALA XA 354 24.91 42.13 26.18
N ARG XA 355 25.14 41.22 27.11
CA ARG XA 355 24.72 39.83 26.91
C ARG XA 355 23.21 39.74 26.83
N GLY XA 356 22.50 40.44 27.72
CA GLY XA 356 21.05 40.37 27.72
C GLY XA 356 20.44 40.95 26.45
N VAL XA 357 21.07 41.98 25.89
CA VAL XA 357 20.54 42.53 24.66
C VAL XA 357 20.94 41.68 23.47
N LYS XA 358 22.12 41.07 23.51
CA LYS XA 358 22.64 40.46 22.30
C LYS XA 358 21.92 39.17 21.94
N LYS XA 359 21.18 38.59 22.87
CA LYS XA 359 20.43 37.40 22.51
C LYS XA 359 19.31 37.73 21.52
N ASN XA 360 18.71 38.92 21.62
CA ASN XA 360 17.70 39.30 20.65
C ASN XA 360 18.36 39.59 19.31
N SER XA 361 17.66 39.25 18.23
CA SER XA 361 18.24 39.22 16.89
C SER XA 361 17.98 40.49 16.07
N ASP XA 362 16.71 40.86 15.89
CA ASP XA 362 16.40 41.89 14.91
C ASP XA 362 17.01 43.24 15.27
N VAL XA 363 16.87 43.66 16.53
CA VAL XA 363 17.49 44.90 16.98
C VAL XA 363 18.15 44.79 18.35
N GLY XA 364 17.91 43.74 19.10
CA GLY XA 364 18.42 43.66 20.45
C GLY XA 364 17.41 44.17 21.46
N GLY XA 365 17.36 43.50 22.60
CA GLY XA 365 16.45 43.91 23.65
C GLY XA 365 16.98 45.10 24.42
N TRP XA 366 17.14 46.23 23.73
CA TRP XA 366 17.37 47.51 24.40
C TRP XA 366 16.43 47.71 25.59
N HIS XA 367 15.20 47.23 25.49
CA HIS XA 367 14.27 47.44 26.59
C HIS XA 367 14.50 46.51 27.76
N TYR XA 368 15.40 45.54 27.64
CA TYR XA 368 15.59 44.56 28.70
C TYR XA 368 16.22 45.22 29.93
N SER XA 369 15.75 44.80 31.10
CA SER XA 369 16.32 45.30 32.34
C SER XA 369 17.71 44.70 32.53
N PRO XA 370 18.74 45.52 32.68
CA PRO XA 370 20.09 44.96 32.84
C PRO XA 370 20.28 44.31 34.19
N ALA XA 371 19.52 43.24 34.44
CA ALA XA 371 19.57 42.54 35.71
C ALA XA 371 19.09 41.10 35.48
N GLY XA 372 18.79 40.42 36.57
CA GLY XA 372 18.34 39.05 36.51
C GLY XA 372 19.50 38.06 36.54
N GLU XA 373 19.13 36.80 36.78
CA GLU XA 373 20.13 35.73 36.85
C GLU XA 373 20.93 35.64 35.56
N GLU XA 374 20.29 35.94 34.42
CA GLU XA 374 20.97 35.91 33.15
C GLU XA 374 22.00 37.02 33.04
N ARG XA 375 21.76 38.16 33.71
CA ARG XA 375 22.63 39.31 33.63
C ARG XA 375 23.26 39.67 34.95
N ALA XA 376 22.46 39.89 35.99
CA ALA XA 376 22.95 40.42 37.26
C ALA XA 376 23.73 39.32 37.99
N VAL XA 377 24.98 39.16 37.57
CA VAL XA 377 25.89 38.19 38.18
C VAL XA 377 27.25 38.88 38.30
N ILE XA 378 27.68 39.14 39.53
CA ILE XA 378 28.99 39.73 39.76
C ILE XA 378 30.01 38.61 39.98
N ALA XA 379 29.83 37.86 41.08
CA ALA XA 379 30.52 36.60 41.34
C ALA XA 379 31.99 36.61 40.91
N ARG XA 380 32.74 37.57 41.46
CA ARG XA 380 34.17 37.60 41.16
C ARG XA 380 34.92 36.60 42.01
N ALA XA 381 35.00 36.87 43.32
CA ALA XA 381 35.50 35.92 44.31
C ALA XA 381 35.36 36.50 45.71
N SER XA 382 34.85 35.69 46.65
CA SER XA 382 34.84 36.03 48.07
C SER XA 382 34.39 37.48 48.30
N ILE XA 383 33.14 37.73 47.94
CA ILE XA 383 32.59 39.07 48.07
C ILE XA 383 32.36 39.36 49.55
N GLN XA 384 32.97 40.43 50.05
CA GLN XA 384 32.74 40.84 51.42
C GLN XA 384 32.39 42.32 51.47
N PRO XA 385 31.54 42.73 52.41
CA PRO XA 385 31.17 44.14 52.51
C PRO XA 385 32.35 44.99 52.95
N LEU XA 386 32.45 46.18 52.37
CA LEU XA 386 33.52 47.10 52.77
C LEU XA 386 33.21 47.74 54.11
N TYR XA 387 31.98 48.19 54.31
CA TYR XA 387 31.60 48.97 55.50
C TYR XA 387 30.36 48.34 56.11
N PRO XA 388 30.52 47.21 56.81
CA PRO XA 388 29.34 46.61 57.47
C PRO XA 388 28.71 47.54 58.49
N GLU XA 389 29.48 48.46 59.05
CA GLU XA 389 28.94 49.41 60.01
C GLU XA 389 27.92 50.34 59.37
N ASP XA 390 28.23 50.83 58.17
CA ASP XA 390 27.36 51.80 57.51
C ASP XA 390 26.08 51.13 57.03
N THR XA 391 25.02 51.93 56.88
CA THR XA 391 23.72 51.42 56.50
C THR XA 391 23.11 52.35 55.46
N PRO XA 392 22.55 51.82 54.38
CA PRO XA 392 21.88 52.66 53.39
C PRO XA 392 20.45 53.00 53.79
N ASP XA 393 19.89 53.97 53.06
CA ASP XA 393 18.49 54.37 53.23
C ASP XA 393 17.79 54.27 51.89
N GLU XA 394 16.61 53.65 51.90
CA GLU XA 394 15.93 53.32 50.66
C GLU XA 394 15.38 54.57 49.98
N GLU XA 395 14.70 55.44 50.73
CA GLU XA 395 14.08 56.60 50.11
C GLU XA 395 15.13 57.63 49.70
N ALA XA 396 16.11 57.87 50.57
CA ALA XA 396 17.23 58.73 50.21
C ALA XA 396 17.95 58.18 48.99
N MET XA 397 18.12 56.86 48.93
CA MET XA 397 18.78 56.26 47.79
C MET XA 397 17.97 56.46 46.51
N VAL XA 398 16.65 56.29 46.61
CA VAL XA 398 15.77 56.43 45.46
C VAL XA 398 15.84 57.85 44.92
N LYS XA 399 15.72 58.84 45.81
CA LYS XA 399 15.85 60.21 45.35
C LYS XA 399 17.26 60.52 44.87
N GLY XA 400 18.25 59.77 45.33
CA GLY XA 400 19.61 59.90 44.82
C GLY XA 400 19.81 59.28 43.46
N ARG XA 401 18.93 58.38 43.05
CA ARG XA 401 18.85 57.87 41.69
C ARG XA 401 20.06 57.04 41.27
N LEU XA 402 20.82 56.52 42.23
CA LEU XA 402 21.97 55.69 41.91
C LEU XA 402 21.62 54.22 42.16
N ASN XA 403 22.44 53.34 41.61
CA ASN XA 403 22.13 51.92 41.54
C ASN XA 403 22.74 51.18 42.72
N LYS XA 404 21.89 50.51 43.51
CA LYS XA 404 22.33 49.60 44.55
C LYS XA 404 22.11 48.15 44.12
N VAL XA 405 22.42 47.23 45.03
CA VAL XA 405 22.63 45.83 44.71
C VAL XA 405 22.11 44.98 45.84
N SER XA 406 21.53 43.83 45.49
CA SER XA 406 20.96 42.95 46.51
C SER XA 406 21.33 41.48 46.29
N VAL XA 407 20.73 40.61 47.09
CA VAL XA 407 21.03 39.18 47.03
C VAL XA 407 20.31 38.57 45.84
N GLY XA 408 20.88 37.48 45.32
CA GLY XA 408 20.28 36.80 44.19
C GLY XA 408 19.78 35.42 44.52
N THR XA 409 19.55 34.61 43.48
CA THR XA 409 18.99 33.28 43.66
C THR XA 409 19.91 32.39 44.48
N SER XA 410 21.13 32.15 43.99
CA SER XA 410 22.03 31.17 44.59
C SER XA 410 23.05 31.81 45.52
N GLY XA 411 22.67 32.85 46.25
CA GLY XA 411 23.60 33.55 47.09
C GLY XA 411 24.43 34.59 46.37
N GLN XA 412 24.40 34.59 45.05
CA GLN XA 412 25.07 35.64 44.30
C GLN XA 412 24.26 36.94 44.42
N MET XA 413 24.79 38.00 43.82
CA MET XA 413 24.55 39.37 44.29
C MET XA 413 24.08 40.19 43.09
N ILE XA 414 22.78 40.50 43.05
CA ILE XA 414 22.15 41.06 41.86
C ILE XA 414 22.02 42.56 41.98
N ILE XA 415 22.29 43.26 40.88
CA ILE XA 415 21.94 44.67 40.78
C ILE XA 415 20.42 44.79 40.87
N ASP XA 416 19.92 45.30 42.00
CA ASP XA 416 18.48 45.45 42.17
C ASP XA 416 18.00 46.84 41.79
N ASP XA 417 18.41 47.33 40.61
CA ASP XA 417 18.01 48.66 40.20
C ASP XA 417 18.17 48.80 38.70
N ALA XA 418 17.28 49.57 38.10
CA ALA XA 418 17.32 49.92 36.70
C ALA XA 418 16.94 51.38 36.50
N LEU XA 419 17.46 52.25 37.37
CA LEU XA 419 17.10 53.65 37.39
C LEU XA 419 18.32 54.50 37.09
N THR XA 420 18.17 55.47 36.18
CA THR XA 420 19.25 56.36 35.82
C THR XA 420 19.28 57.54 36.79
N CYS XA 421 20.18 58.49 36.52
CA CYS XA 421 20.32 59.69 37.33
C CYS XA 421 19.38 60.81 36.90
N CYS XA 422 18.31 60.47 36.19
CA CYS XA 422 17.35 61.49 35.78
C CYS XA 422 16.64 62.04 37.01
N THR XA 423 16.85 63.32 37.30
CA THR XA 423 16.30 63.92 38.50
C THR XA 423 14.78 63.90 38.48
N GLN XA 424 14.19 64.39 37.40
CA GLN XA 424 12.73 64.46 37.32
C GLN XA 424 12.14 63.06 37.22
N ASP XA 425 11.01 62.85 37.91
CA ASP XA 425 10.40 61.52 37.99
C ASP XA 425 9.44 61.33 36.80
N ASN XA 426 9.99 61.47 35.61
CA ASN XA 426 9.26 61.31 34.37
C ASN XA 426 9.60 59.96 33.74
N TYR XA 427 8.70 59.50 32.87
CA TYR XA 427 8.81 58.13 32.35
C TYR XA 427 10.13 57.87 31.65
N LEU XA 428 10.87 58.91 31.29
CA LEU XA 428 12.20 58.72 30.73
C LEU XA 428 13.27 58.57 31.79
N HIS XA 429 12.91 58.65 33.07
CA HIS XA 429 13.87 58.44 34.16
C HIS XA 429 14.23 56.99 34.36
N PHE XA 430 13.66 56.08 33.57
CA PHE XA 430 14.02 54.67 33.63
C PHE XA 430 15.30 54.44 32.82
N GLN XA 431 15.63 53.18 32.56
CA GLN XA 431 16.76 52.84 31.71
C GLN XA 431 16.34 52.30 30.34
N HIS XA 432 15.21 51.61 30.28
CA HIS XA 432 14.74 51.08 29.02
C HIS XA 432 14.21 52.18 28.10
N VAL XA 433 13.60 53.21 28.68
CA VAL XA 433 13.13 54.33 27.87
C VAL XA 433 14.28 55.04 27.17
N PRO XA 434 15.32 55.51 27.88
CA PRO XA 434 16.47 56.11 27.17
C PRO XA 434 17.09 55.14 26.18
N SER XA 435 17.05 53.85 26.48
CA SER XA 435 17.56 52.87 25.52
C SER XA 435 16.80 52.96 24.21
N LEU XA 436 15.48 53.11 24.30
CA LEU XA 436 14.68 53.13 23.08
C LEU XA 436 14.85 54.45 22.33
N MET XA 437 14.95 55.57 23.05
CA MET XA 437 15.26 56.79 22.31
C MET XA 437 16.61 56.67 21.61
N ASN XA 438 17.61 56.10 22.27
CA ASN XA 438 18.91 55.98 21.61
C ASN XA 438 18.84 55.07 20.39
N ALA XA 439 18.18 53.91 20.53
CA ALA XA 439 18.06 53.00 19.40
C ALA XA 439 17.35 53.67 18.24
N ILE XA 440 16.19 54.27 18.51
CA ILE XA 440 15.43 54.86 17.41
C ILE XA 440 16.23 56.00 16.81
N SER XA 441 17.00 56.73 17.62
CA SER XA 441 17.85 57.79 17.07
C SER XA 441 18.84 57.21 16.08
N ARG XA 442 19.56 56.16 16.47
CA ARG XA 442 20.42 55.47 15.50
C ARG XA 442 19.66 55.12 14.22
N PHE XA 443 18.62 54.29 14.32
CA PHE XA 443 17.97 53.81 13.10
C PHE XA 443 17.50 54.95 12.23
N PHE XA 444 16.94 55.99 12.83
CA PHE XA 444 16.54 57.15 12.07
C PHE XA 444 17.74 57.76 11.35
N VAL XA 445 18.89 57.83 12.04
CA VAL XA 445 20.07 58.41 11.42
C VAL XA 445 20.50 57.62 10.20
N GLN XA 446 20.61 56.29 10.34
CA GLN XA 446 21.16 55.60 9.17
C GLN XA 446 20.15 55.56 8.03
N LEU XA 447 18.86 55.44 8.33
CA LEU XA 447 17.89 55.46 7.23
C LEU XA 447 17.91 56.82 6.53
N ALA XA 448 17.98 57.91 7.29
CA ALA XA 448 18.05 59.22 6.69
C ALA XA 448 19.32 59.39 5.87
N ARG XA 449 20.44 58.90 6.39
CA ARG XA 449 21.71 59.08 5.69
C ARG XA 449 21.75 58.25 4.41
N GLN XA 450 21.17 57.06 4.42
CA GLN XA 450 21.14 56.28 3.18
C GLN XA 450 20.15 56.85 2.17
N MET XA 451 19.08 57.49 2.62
CA MET XA 451 18.20 58.14 1.66
C MET XA 451 18.59 59.58 1.39
N LYS XA 452 19.70 60.04 1.95
CA LYS XA 452 20.11 61.42 1.77
C LYS XA 452 20.44 61.72 0.31
N HIS XA 453 20.15 62.96 -0.11
CA HIS XA 453 20.48 63.46 -1.43
C HIS XA 453 19.83 62.59 -2.52
N SER XA 454 18.51 62.60 -2.50
CA SER XA 454 17.70 61.82 -3.43
C SER XA 454 16.74 62.75 -4.16
N PRO XA 455 16.40 62.44 -5.40
CA PRO XA 455 15.40 63.24 -6.11
C PRO XA 455 14.07 63.20 -5.39
N ASP XA 456 13.36 64.31 -5.45
CA ASP XA 456 12.15 64.48 -4.69
C ASP XA 456 11.01 63.64 -5.28
N GLY XA 457 9.93 63.52 -4.52
CA GLY XA 457 8.78 62.73 -4.92
C GLY XA 457 8.76 61.32 -4.38
N ILE XA 458 9.88 60.85 -3.84
CA ILE XA 458 9.96 59.51 -3.30
C ILE XA 458 10.35 59.50 -1.82
N THR XA 459 10.95 60.58 -1.32
CA THR XA 459 11.48 60.60 0.04
C THR XA 459 10.39 60.31 1.05
N ALA XA 460 9.20 60.89 0.87
CA ALA XA 460 8.11 60.64 1.80
C ALA XA 460 7.75 59.15 1.81
N ALA XA 461 7.66 58.54 0.64
CA ALA XA 461 7.33 57.12 0.57
C ALA XA 461 8.40 56.27 1.26
N GLY XA 462 9.66 56.55 0.97
CA GLY XA 462 10.74 55.82 1.61
C GLY XA 462 10.68 55.96 3.13
N LEU XA 463 10.37 57.16 3.60
CA LEU XA 463 10.20 57.37 5.03
C LEU XA 463 9.04 56.55 5.58
N THR XA 464 7.93 56.50 4.84
CA THR XA 464 6.77 55.75 5.31
C THR XA 464 7.12 54.28 5.49
N LYS XA 465 7.68 53.66 4.45
CA LYS XA 465 8.04 52.25 4.59
C LYS XA 465 9.16 52.02 5.60
N GLY XA 466 10.10 52.96 5.74
CA GLY XA 466 11.11 52.81 6.76
C GLY XA 466 10.51 52.80 8.15
N MET XA 467 9.59 53.72 8.41
CA MET XA 467 8.87 53.73 9.69
C MET XA 467 8.13 52.42 9.90
N THR XA 468 7.43 51.95 8.88
CA THR XA 468 6.67 50.72 9.03
C THR XA 468 7.58 49.57 9.40
N LYS XA 469 8.70 49.45 8.70
CA LYS XA 469 9.60 48.33 8.95
C LYS XA 469 10.26 48.43 10.32
N LEU XA 470 10.60 49.64 10.74
CA LEU XA 470 11.24 49.76 12.04
C LEU XA 470 10.25 49.49 13.17
N LEU XA 471 9.02 50.00 13.05
CA LEU XA 471 7.98 49.56 13.97
C LEU XA 471 7.78 48.06 13.93
N ASP XA 472 7.96 47.44 12.76
CA ASP XA 472 7.86 45.99 12.68
C ASP XA 472 8.91 45.34 13.57
N ARG XA 473 10.15 45.83 13.49
CA ARG XA 473 11.19 45.29 14.34
C ARG XA 473 10.89 45.51 15.82
N PHE XA 474 10.39 46.70 16.17
CA PHE XA 474 10.09 46.94 17.59
C PHE XA 474 8.95 46.06 18.09
N VAL XA 475 7.89 45.89 17.28
CA VAL XA 475 6.78 45.05 17.75
C VAL XA 475 7.20 43.60 17.79
N ALA XA 476 8.11 43.18 16.90
CA ALA XA 476 8.67 41.84 17.01
C ALA XA 476 9.45 41.70 18.31
N SER XA 477 10.23 42.71 18.66
CA SER XA 477 10.98 42.69 19.91
C SER XA 477 10.05 42.78 21.13
N GLY XA 478 8.82 43.23 20.93
CA GLY XA 478 7.89 43.39 22.03
C GLY XA 478 8.07 44.66 22.83
N ALA XA 479 9.02 45.52 22.43
CA ALA XA 479 9.28 46.73 23.20
C ALA XA 479 8.09 47.67 23.19
N LEU XA 480 7.46 47.83 22.04
CA LEU XA 480 6.34 48.75 21.87
C LEU XA 480 5.04 47.95 21.74
N VAL XA 481 4.01 48.41 22.43
CA VAL XA 481 2.70 47.74 22.44
C VAL XA 481 1.63 48.78 22.21
N ALA XA 482 0.39 48.30 22.03
CA ALA XA 482 -0.74 49.19 21.87
C ALA XA 482 -1.00 49.94 23.17
N PRO XA 483 -1.55 51.16 23.09
CA PRO XA 483 -1.79 51.95 24.30
C PRO XA 483 -2.81 51.27 25.20
N ARG XA 484 -2.64 51.47 26.51
CA ARG XA 484 -3.54 50.90 27.49
C ARG XA 484 -4.83 51.69 27.64
N ASP XA 485 -4.95 52.84 26.98
CA ASP XA 485 -6.17 53.66 27.07
C ASP XA 485 -6.85 53.69 25.72
N PRO XA 486 -7.85 52.85 25.48
CA PRO XA 486 -8.48 52.82 24.15
C PRO XA 486 -9.46 53.95 23.93
N ASP XA 487 -10.19 54.33 24.97
CA ASP XA 487 -11.29 55.27 24.81
C ASP XA 487 -10.79 56.65 24.40
N ALA XA 488 -9.78 57.16 25.10
CA ALA XA 488 -9.26 58.49 24.82
C ALA XA 488 -7.94 58.47 24.08
N ASP XA 489 -7.05 57.54 24.41
CA ASP XA 489 -5.74 57.48 23.76
C ASP XA 489 -5.69 56.52 22.58
N GLY XA 490 -6.79 55.82 22.29
CA GLY XA 490 -6.83 54.94 21.14
C GLY XA 490 -6.09 53.64 21.37
N THR XA 491 -6.05 52.84 20.31
CA THR XA 491 -5.45 51.50 20.38
C THR XA 491 -4.26 51.35 19.43
N GLU XA 492 -3.80 52.44 18.83
CA GLU XA 492 -2.72 52.37 17.85
C GLU XA 492 -1.37 52.47 18.55
N PRO XA 493 -0.51 51.46 18.45
CA PRO XA 493 0.78 51.55 19.15
C PRO XA 493 1.69 52.65 18.64
N TYR XA 494 1.44 53.18 17.44
CA TYR XA 494 2.30 54.20 16.87
C TYR XA 494 1.53 55.03 15.87
N VAL XA 495 2.08 56.21 15.58
CA VAL XA 495 1.49 57.14 14.63
C VAL XA 495 2.60 57.96 13.99
N LEU XA 496 2.37 58.42 12.76
CA LEU XA 496 3.39 59.06 11.96
C LEU XA 496 2.85 60.35 11.35
N LYS XA 497 3.74 61.33 11.19
CA LYS XA 497 3.47 62.57 10.48
C LYS XA 497 4.67 62.86 9.60
N VAL XA 498 4.44 63.06 8.31
CA VAL XA 498 5.51 63.33 7.35
C VAL XA 498 5.08 64.48 6.47
N THR XA 499 5.95 65.47 6.32
CA THR XA 499 5.72 66.54 5.35
C THR XA 499 7.01 67.32 5.13
N GLN XA 500 6.90 68.41 4.37
CA GLN XA 500 8.06 69.17 3.96
C GLN XA 500 7.71 70.65 3.97
N ALA XA 501 8.72 71.50 4.10
CA ALA XA 501 8.46 72.94 4.06
C ALA XA 501 8.87 73.59 2.75
N GLU XA 502 10.04 73.27 2.23
CA GLU XA 502 10.54 73.90 1.00
C GLU XA 502 11.31 72.85 0.22
N PHE XA 503 12.09 73.28 -0.77
CA PHE XA 503 13.01 72.38 -1.48
C PHE XA 503 13.82 71.52 -0.53
N ASP XA 504 13.97 71.98 0.71
CA ASP XA 504 14.67 71.24 1.75
C ASP XA 504 13.75 71.12 2.96
N LYS XA 505 14.32 70.67 4.07
CA LYS XA 505 13.66 70.70 5.38
C LYS XA 505 12.33 69.92 5.31
N TRP XA 506 12.53 68.61 5.13
CA TRP XA 506 11.52 67.60 5.37
C TRP XA 506 11.43 67.34 6.87
N GLU XA 507 10.25 66.92 7.33
CA GLU XA 507 10.04 66.78 8.76
C GLU XA 507 9.14 65.59 9.01
N VAL XA 508 9.48 64.85 10.05
CA VAL XA 508 8.78 63.64 10.47
C VAL XA 508 8.61 63.71 11.97
N VAL XA 509 7.41 63.37 12.44
CA VAL XA 509 7.11 63.28 13.87
C VAL XA 509 6.40 61.95 14.08
N TRP XA 510 6.98 61.09 14.91
CA TRP XA 510 6.43 59.78 15.19
C TRP XA 510 6.22 59.60 16.68
N ALA XA 511 5.11 58.95 17.03
CA ALA XA 511 4.79 58.63 18.40
C ALA XA 511 4.64 57.12 18.55
N CYS XA 512 5.14 56.58 19.65
CA CYS XA 512 5.05 55.15 19.92
C CYS XA 512 4.76 54.93 21.40
N CYS XA 513 4.15 53.79 21.70
CA CYS XA 513 3.82 53.41 23.06
C CYS XA 513 4.59 52.15 23.45
N PRO XA 514 5.48 52.23 24.43
CA PRO XA 514 6.27 51.05 24.81
C PRO XA 514 5.52 50.11 25.74
N THR XA 515 6.21 49.08 26.24
CA THR XA 515 5.65 48.10 27.15
C THR XA 515 6.23 48.27 28.55
N GLY XA 516 5.81 47.39 29.46
CA GLY XA 516 6.26 47.46 30.84
C GLY XA 516 7.51 46.63 31.12
N VAL XA 517 8.13 46.92 32.26
CA VAL XA 517 9.36 46.26 32.68
C VAL XA 517 9.26 45.63 34.06
N ALA XA 518 8.38 46.11 34.93
CA ALA XA 518 8.13 45.50 36.24
C ALA XA 518 9.39 45.50 37.11
N ARG XA 519 9.82 46.69 37.50
CA ARG XA 519 10.94 46.82 38.43
C ARG XA 519 10.51 47.02 39.88
N ARG XA 520 9.21 47.12 40.16
CA ARG XA 520 8.73 46.96 41.53
C ARG XA 520 7.50 46.08 41.53
N ILE XA 521 7.31 45.36 42.64
CA ILE XA 521 6.24 44.38 42.77
C ILE XA 521 5.62 44.53 44.14
N GLN XA 522 4.33 44.19 44.23
CA GLN XA 522 3.58 44.27 45.47
C GLN XA 522 3.01 42.90 45.78
N GLY XA 523 3.06 42.52 47.06
CA GLY XA 523 2.48 41.27 47.51
C GLY XA 523 1.96 41.35 48.93
N VAL XA 524 0.81 40.73 49.19
CA VAL XA 524 0.17 40.77 50.50
C VAL XA 524 -0.27 39.38 50.92
N PRO XA 525 0.21 38.85 52.03
CA PRO XA 525 -0.24 37.54 52.51
C PRO XA 525 -1.49 37.62 53.39
N LEU XA 526 -2.27 36.55 53.36
CA LEU XA 526 -3.38 36.40 54.28
C LEU XA 526 -3.72 34.93 54.35
N LEU XA 527 -4.50 34.57 55.36
CA LEU XA 527 -4.74 33.18 55.69
C LEU XA 527 -6.23 32.97 55.88
N ILE XA 528 -6.72 31.81 55.46
CA ILE XA 528 -8.14 31.52 55.64
C ILE XA 528 -8.39 30.78 56.94
N LYS XA 529 -7.34 30.24 57.58
CA LYS XA 529 -7.38 29.54 58.86
C LYS XA 529 -8.53 28.56 59.07
N SER YA 2 20.77 44.52 56.55
CA SER YA 2 21.11 44.08 55.19
C SER YA 2 19.88 44.08 54.29
N GLN YA 3 19.94 43.30 53.22
CA GLN YA 3 18.88 43.24 52.22
C GLN YA 3 17.86 42.15 52.50
N TYR YA 4 18.00 41.41 53.59
CA TYR YA 4 17.11 40.30 53.90
C TYR YA 4 15.88 40.74 54.67
N SER YA 5 16.03 41.70 55.58
CA SER YA 5 14.88 42.19 56.32
C SER YA 5 13.86 42.81 55.38
N ILE YA 6 12.60 42.48 55.59
CA ILE YA 6 11.50 42.94 54.75
C ILE YA 6 10.76 44.05 55.49
N GLN YA 7 10.44 45.12 54.78
CA GLN YA 7 9.72 46.24 55.38
C GLN YA 7 8.23 45.92 55.37
N GLN YA 8 7.41 46.92 55.70
CA GLN YA 8 5.97 46.71 55.83
C GLN YA 8 5.26 46.76 54.49
N SER YA 9 5.32 47.91 53.82
CA SER YA 9 4.58 48.15 52.60
C SER YA 9 5.52 48.72 51.55
N LEU YA 10 5.12 48.59 50.29
CA LEU YA 10 5.92 49.10 49.20
C LEU YA 10 5.93 50.63 49.22
N GLY YA 11 7.12 51.20 49.16
CA GLY YA 11 7.25 52.65 49.07
C GLY YA 11 7.63 53.07 47.67
N ASN YA 12 8.86 53.58 47.51
CA ASN YA 12 9.40 53.88 46.21
C ASN YA 12 10.59 53.01 45.85
N ALA YA 13 11.09 52.21 46.77
CA ALA YA 13 12.22 51.34 46.49
C ALA YA 13 11.78 50.10 45.73
N SER YA 14 12.69 49.56 44.92
CA SER YA 14 12.43 48.36 44.15
C SER YA 14 12.68 47.16 45.06
N GLY YA 15 11.61 46.52 45.49
CA GLY YA 15 11.73 45.39 46.39
C GLY YA 15 10.38 44.76 46.65
N VAL YA 16 10.35 43.91 47.68
CA VAL YA 16 9.14 43.23 48.10
C VAL YA 16 8.87 43.57 49.55
N ALA YA 17 7.66 44.06 49.83
CA ALA YA 17 7.19 44.27 51.18
C ALA YA 17 5.85 43.57 51.33
N VAL YA 18 5.70 42.82 52.40
CA VAL YA 18 4.47 42.06 52.63
C VAL YA 18 3.80 42.54 53.89
N SER YA 19 2.50 42.38 53.94
CA SER YA 19 1.71 42.69 55.11
C SER YA 19 1.77 41.55 56.11
N PRO YA 20 1.46 41.81 57.37
CA PRO YA 20 1.33 40.71 58.33
C PRO YA 20 0.21 39.78 57.91
N ILE YA 21 0.37 38.51 58.26
CA ILE YA 21 -0.63 37.51 57.89
C ILE YA 21 -1.99 37.92 58.44
N ASN YA 22 -3.02 37.71 57.63
CA ASN YA 22 -4.38 38.07 58.01
C ASN YA 22 -5.27 36.83 57.95
N ALA YA 23 -5.98 36.58 59.04
CA ALA YA 23 -6.92 35.47 59.12
C ALA YA 23 -8.37 35.92 58.90
N ASP YA 24 -8.80 37.01 59.53
CA ASP YA 24 -10.16 37.52 59.35
C ASP YA 24 -10.23 38.38 58.09
N ALA YA 25 -10.13 37.69 56.96
CA ALA YA 25 -10.24 38.33 55.64
C ALA YA 25 -10.73 37.29 54.65
N THR YA 26 -11.90 37.51 54.08
CA THR YA 26 -12.54 36.57 53.18
C THR YA 26 -12.60 37.16 51.77
N LEU YA 27 -12.16 36.37 50.79
CA LEU YA 27 -12.23 36.79 49.39
C LEU YA 27 -12.61 35.59 48.55
N SER YA 28 -13.43 35.83 47.53
CA SER YA 28 -13.99 34.78 46.69
C SER YA 28 -13.66 35.04 45.22
N THR YA 29 -13.80 33.99 44.41
CA THR YA 29 -13.45 34.02 43.01
C THR YA 29 -14.73 34.11 42.16
N GLY YA 30 -14.71 35.01 41.17
CA GLY YA 30 -15.86 35.15 40.30
C GLY YA 30 -15.59 35.99 39.07
N VAL YA 31 -16.00 35.50 37.90
CA VAL YA 31 -15.88 36.23 36.63
C VAL YA 31 -17.28 36.35 36.04
N ALA YA 32 -17.74 37.59 35.89
CA ALA YA 32 -19.09 37.82 35.38
C ALA YA 32 -19.15 37.60 33.88
N LEU YA 33 -20.31 37.12 33.42
CA LEU YA 33 -20.53 36.91 31.99
C LEU YA 33 -21.66 37.76 31.43
N ASN YA 34 -22.35 38.53 32.27
CA ASN YA 34 -23.39 39.47 31.84
C ASN YA 34 -24.45 38.66 31.10
N SER YA 35 -25.21 37.85 31.83
CA SER YA 35 -26.34 37.17 31.25
C SER YA 35 -27.67 37.86 31.54
N SER YA 36 -27.81 38.50 32.70
CA SER YA 36 -29.05 39.18 33.05
C SER YA 36 -28.67 40.39 33.91
N LEU YA 37 -28.66 41.57 33.30
CA LEU YA 37 -28.36 42.78 34.05
C LEU YA 37 -29.47 43.06 35.06
N TRP YA 38 -29.06 43.43 36.27
CA TRP YA 38 -30.00 43.57 37.37
C TRP YA 38 -29.51 44.62 38.34
N ALA YA 39 -30.42 45.07 39.19
CA ALA YA 39 -30.10 46.02 40.24
C ALA YA 39 -31.02 45.78 41.42
N GLY YA 40 -30.81 46.56 42.48
CA GLY YA 40 -31.63 46.44 43.67
C GLY YA 40 -31.38 47.59 44.61
N ILE YA 41 -32.37 47.84 45.46
CA ILE YA 41 -32.32 48.91 46.45
C ILE YA 41 -31.86 48.32 47.77
N GLY YA 42 -30.71 48.78 48.25
CA GLY YA 42 -30.15 48.26 49.48
C GLY YA 42 -29.67 49.39 50.38
N VAL YA 43 -29.51 49.04 51.65
CA VAL YA 43 -28.98 49.95 52.67
C VAL YA 43 -27.74 49.27 53.23
N PHE YA 44 -26.58 49.86 52.96
CA PHE YA 44 -25.32 49.22 53.34
C PHE YA 44 -24.44 50.18 54.13
N ALA YA 45 -23.22 49.75 54.41
CA ALA YA 45 -22.19 50.61 54.95
C ALA YA 45 -21.23 50.98 53.84
N ARG YA 46 -20.79 52.24 53.81
CA ARG YA 46 -19.86 52.75 52.81
C ARG YA 46 -20.47 52.78 51.42
N GLY YA 47 -19.94 53.61 50.55
CA GLY YA 47 -20.48 53.77 49.22
C GLY YA 47 -21.39 54.98 49.14
N LYS YA 48 -21.50 55.52 47.94
CA LYS YA 48 -22.33 56.70 47.74
C LYS YA 48 -23.81 56.31 47.76
N PRO YA 49 -24.61 56.86 48.68
CA PRO YA 49 -26.03 56.52 48.72
C PRO YA 49 -26.80 57.22 47.62
N PHE YA 50 -28.01 56.69 47.37
CA PHE YA 50 -28.93 57.27 46.40
C PHE YA 50 -28.27 57.44 45.03
N THR YA 51 -27.47 56.44 44.66
CA THR YA 51 -26.75 56.45 43.40
C THR YA 51 -26.56 55.01 42.95
N VAL YA 52 -26.64 54.79 41.65
CA VAL YA 52 -26.39 53.46 41.10
C VAL YA 52 -24.90 53.21 41.07
N LEU YA 53 -24.50 52.04 41.58
CA LEU YA 53 -23.11 51.62 41.56
C LEU YA 53 -23.06 50.22 40.96
N ALA YA 54 -22.25 50.06 39.93
CA ALA YA 54 -22.04 48.76 39.30
C ALA YA 54 -21.09 47.96 40.16
N VAL YA 55 -21.59 46.88 40.73
CA VAL YA 55 -20.83 46.04 41.65
C VAL YA 55 -20.53 44.73 40.96
N THR YA 56 -19.25 44.37 40.92
CA THR YA 56 -18.77 43.14 40.31
C THR YA 56 -18.43 42.12 41.39
N GLU YA 57 -17.84 41.01 40.97
CA GLU YA 57 -17.43 39.95 41.89
C GLU YA 57 -16.15 40.29 42.62
N SER YA 58 -15.68 41.54 42.54
CA SER YA 58 -14.42 41.92 43.13
C SER YA 58 -14.48 43.23 43.91
N ASN YA 59 -15.64 43.85 44.03
CA ASN YA 59 -15.75 45.12 44.72
C ASN YA 59 -16.81 45.14 45.81
N TYR YA 60 -17.74 44.17 45.83
CA TYR YA 60 -18.76 44.15 46.87
C TYR YA 60 -18.17 44.09 48.27
N GLU YA 61 -16.92 43.64 48.37
CA GLU YA 61 -16.26 43.60 49.67
C GLU YA 61 -16.06 45.00 50.23
N ASP YA 62 -15.62 45.94 49.40
CA ASP YA 62 -15.23 47.26 49.90
C ASP YA 62 -16.17 48.37 49.47
N VAL YA 63 -16.45 48.51 48.18
CA VAL YA 63 -17.31 49.60 47.75
C VAL YA 63 -18.71 49.42 48.32
N LEU YA 64 -19.18 48.19 48.42
CA LEU YA 64 -20.45 47.92 49.10
C LEU YA 64 -20.30 47.94 50.61
N GLY YA 65 -19.08 47.82 51.11
CA GLY YA 65 -18.83 47.81 52.53
C GLY YA 65 -18.73 46.41 53.10
N GLU YA 66 -18.20 46.32 54.30
CA GLU YA 66 -18.07 45.04 54.99
C GLU YA 66 -19.44 44.54 55.42
N PRO YA 67 -19.76 43.26 55.23
CA PRO YA 67 -21.08 42.77 55.62
C PRO YA 67 -21.32 42.91 57.12
N LEU YA 68 -22.53 43.32 57.46
CA LEU YA 68 -22.90 43.53 58.86
C LEU YA 68 -23.36 42.22 59.48
N LYS YA 69 -23.85 42.29 60.68
CA LYS YA 69 -24.35 41.14 61.39
C LYS YA 69 -25.88 41.11 61.36
N PRO YA 70 -26.49 39.92 61.44
CA PRO YA 70 -27.95 39.86 61.39
C PRO YA 70 -28.63 40.64 62.50
N SER YA 71 -28.05 40.66 63.70
CA SER YA 71 -28.67 41.35 64.81
C SER YA 71 -28.62 42.87 64.66
N SER YA 72 -27.78 43.37 63.76
CA SER YA 72 -27.68 44.80 63.50
C SER YA 72 -28.86 45.21 62.61
N GLY YA 73 -30.01 45.35 63.24
CA GLY YA 73 -31.20 45.74 62.51
C GLY YA 73 -31.64 44.68 61.52
N SER YA 74 -32.24 45.14 60.44
CA SER YA 74 -32.77 44.27 59.40
C SER YA 74 -32.05 44.48 58.08
N GLN YA 75 -30.72 44.60 58.14
CA GLN YA 75 -29.94 44.98 56.97
C GLN YA 75 -29.00 43.86 56.53
N PHE YA 76 -29.03 42.71 57.19
CA PHE YA 76 -28.28 41.55 56.71
C PHE YA 76 -28.96 40.88 55.52
N GLU YA 77 -30.27 41.02 55.40
CA GLU YA 77 -30.98 40.44 54.26
C GLU YA 77 -30.40 40.89 52.92
N PRO YA 78 -30.23 42.19 52.66
CA PRO YA 78 -29.71 42.58 51.33
C PRO YA 78 -28.28 42.17 51.11
N ILE YA 79 -27.44 42.20 52.14
CA ILE YA 79 -26.05 41.82 51.94
C ILE YA 79 -25.96 40.33 51.63
N ARG YA 80 -26.74 39.51 52.33
CA ARG YA 80 -26.78 38.09 51.98
C ARG YA 80 -27.33 37.89 50.58
N HIS YA 81 -28.40 38.62 50.24
CA HIS YA 81 -29.02 38.48 48.93
C HIS YA 81 -28.02 38.76 47.82
N VAL YA 82 -27.32 39.89 47.92
CA VAL YA 82 -26.32 40.19 46.91
C VAL YA 82 -25.18 39.19 46.98
N TYR YA 83 -24.94 38.60 48.15
CA TYR YA 83 -23.91 37.58 48.25
C TYR YA 83 -24.22 36.40 47.33
N GLU YA 84 -25.46 35.91 47.38
CA GLU YA 84 -25.75 34.82 46.43
C GLU YA 84 -25.90 35.36 45.01
N ALA YA 85 -26.32 36.61 44.85
CA ALA YA 85 -26.55 37.14 43.50
C ALA YA 85 -25.25 37.30 42.73
N ILE YA 86 -24.15 37.63 43.41
CA ILE YA 86 -22.93 37.96 42.70
C ILE YA 86 -22.35 36.78 41.96
N GLN YA 87 -22.63 35.55 42.39
CA GLN YA 87 -21.99 34.40 41.77
C GLN YA 87 -22.52 34.12 40.38
N GLN YA 88 -23.36 34.99 39.83
CA GLN YA 88 -23.84 34.83 38.47
C GLN YA 88 -23.45 36.00 37.58
N THR YA 89 -23.80 37.22 37.96
CA THR YA 89 -23.47 38.38 37.15
C THR YA 89 -23.52 39.62 38.04
N SER YA 90 -22.94 40.70 37.51
CA SER YA 90 -22.79 41.93 38.26
C SER YA 90 -24.15 42.60 38.48
N GLY YA 91 -24.14 43.61 39.35
CA GLY YA 91 -25.35 44.33 39.68
C GLY YA 91 -25.15 45.83 39.54
N TYR YA 92 -26.27 46.54 39.65
CA TYR YA 92 -26.29 48.00 39.55
C TYR YA 92 -26.93 48.58 40.80
N VAL YA 93 -26.43 48.17 41.96
CA VAL YA 93 -27.16 48.37 43.21
C VAL YA 93 -27.23 49.86 43.54
N VAL YA 94 -28.31 50.26 44.19
CA VAL YA 94 -28.49 51.63 44.66
C VAL YA 94 -28.60 51.59 46.18
N ARG YA 95 -27.71 52.32 46.85
CA ARG YA 95 -27.68 52.38 48.30
C ARG YA 95 -28.46 53.58 48.79
N ALA YA 96 -29.15 53.39 49.91
CA ALA YA 96 -29.95 54.43 50.52
C ALA YA 96 -29.56 54.57 51.99
N VAL YA 97 -29.55 55.81 52.47
CA VAL YA 97 -29.22 56.08 53.87
C VAL YA 97 -30.30 56.99 54.44
N PRO YA 98 -30.55 56.95 55.75
CA PRO YA 98 -31.54 57.84 56.34
C PRO YA 98 -30.97 59.25 56.47
N ASP YA 99 -31.79 60.15 56.99
CA ASP YA 99 -31.36 61.51 57.22
C ASP YA 99 -30.26 61.61 58.26
N ASP YA 100 -30.11 60.60 59.11
CA ASP YA 100 -29.07 60.62 60.14
C ASP YA 100 -27.67 60.52 59.55
N ALA YA 101 -27.55 60.04 58.32
CA ALA YA 101 -26.24 59.89 57.71
C ALA YA 101 -25.65 61.25 57.38
N LYS YA 102 -24.43 61.49 57.85
CA LYS YA 102 -23.68 62.71 57.59
C LYS YA 102 -22.25 62.32 57.27
N PHE YA 103 -21.70 62.92 56.29
CA PHE YA 103 -20.32 62.70 55.95
C PHE YA 103 -19.43 63.74 56.61
N PRO YA 104 -18.19 63.37 56.94
CA PRO YA 104 -17.27 64.30 57.58
C PRO YA 104 -16.48 65.13 56.58
N ILE YA 105 -16.12 66.33 57.03
CA ILE YA 105 -15.40 67.31 56.22
C ILE YA 105 -14.28 67.88 57.08
N ILE YA 106 -13.11 68.08 56.49
CA ILE YA 106 -11.99 68.74 57.15
C ILE YA 106 -11.66 69.99 56.35
N MET YA 107 -11.75 71.14 57.00
CA MET YA 107 -11.51 72.44 56.38
C MET YA 107 -10.11 72.92 56.75
N PHE YA 108 -9.33 73.28 55.75
CA PHE YA 108 -8.00 73.86 55.96
C PHE YA 108 -8.07 75.35 55.66
N ASP YA 109 -7.59 76.15 56.61
CA ASP YA 109 -7.66 77.60 56.49
C ASP YA 109 -6.53 78.09 55.57
N GLU YA 110 -6.32 79.41 55.58
CA GLU YA 110 -5.29 79.99 54.71
C GLU YA 110 -3.91 79.46 55.04
N SER YA 111 -3.61 79.30 56.33
CA SER YA 111 -2.34 78.77 56.79
C SER YA 111 -2.35 77.25 56.91
N GLY YA 112 -3.42 76.59 56.48
CA GLY YA 112 -3.54 75.16 56.63
C GLY YA 112 -4.10 74.73 57.96
N GLU YA 113 -4.75 75.62 58.69
CA GLU YA 113 -5.31 75.25 59.99
C GLU YA 113 -6.46 74.28 59.79
N PRO YA 114 -6.44 73.12 60.43
CA PRO YA 114 -7.49 72.12 60.22
C PRO YA 114 -8.64 72.25 61.20
N ALA YA 115 -9.85 72.07 60.67
CA ALA YA 115 -11.06 72.03 61.47
C ALA YA 115 -11.93 70.90 60.95
N TYR YA 116 -12.80 70.39 61.81
CA TYR YA 116 -13.64 69.24 61.48
C TYR YA 116 -15.11 69.65 61.51
N SER YA 117 -15.90 69.01 60.66
CA SER YA 117 -17.33 69.25 60.62
C SER YA 117 -18.01 68.03 60.01
N ALA YA 118 -19.34 68.02 60.07
CA ALA YA 118 -20.12 66.94 59.47
C ALA YA 118 -21.36 67.54 58.82
N LEU YA 119 -21.69 67.04 57.64
CA LEU YA 119 -22.85 67.55 56.93
C LEU YA 119 -23.69 66.41 56.39
N PRO YA 120 -25.02 66.56 56.39
CA PRO YA 120 -25.87 65.48 55.87
C PRO YA 120 -25.67 65.29 54.38
N TYR YA 121 -25.85 64.05 53.95
CA TYR YA 121 -25.70 63.74 52.54
C TYR YA 121 -26.78 64.45 51.73
N GLY YA 122 -26.40 64.90 50.53
CA GLY YA 122 -27.26 65.71 49.71
C GLY YA 122 -27.16 67.19 50.01
N SER YA 123 -26.84 67.56 51.24
CA SER YA 123 -26.63 68.96 51.57
C SER YA 123 -25.35 69.47 50.91
N GLU YA 124 -25.39 70.71 50.45
CA GLU YA 124 -24.25 71.30 49.75
C GLU YA 124 -23.18 71.73 50.75
N ILE YA 125 -22.05 72.16 50.20
CA ILE YA 125 -20.89 72.57 50.98
C ILE YA 125 -20.58 74.02 50.65
N GLU YA 126 -20.46 74.84 51.68
CA GLU YA 126 -20.14 76.25 51.53
C GLU YA 126 -19.03 76.63 52.50
N LEU YA 127 -18.21 77.58 52.08
CA LEU YA 127 -17.08 78.03 52.87
C LEU YA 127 -17.26 79.50 53.23
N ASP YA 128 -16.97 79.83 54.49
CA ASP YA 128 -17.09 81.19 54.98
C ASP YA 128 -15.87 81.99 54.54
N SER YA 129 -15.68 83.17 55.13
CA SER YA 129 -14.53 83.99 54.81
C SER YA 129 -13.23 83.26 55.12
N GLY YA 130 -13.17 82.57 56.26
CA GLY YA 130 -12.04 81.74 56.61
C GLY YA 130 -12.14 80.37 55.99
N GLU YA 131 -11.27 79.47 56.48
CA GLU YA 131 -11.26 78.07 56.04
C GLU YA 131 -11.08 77.99 54.52
N ALA YA 132 -9.89 78.42 54.09
CA ALA YA 132 -9.57 78.62 52.68
C ALA YA 132 -10.18 77.57 51.77
N PHE YA 133 -10.08 76.29 52.14
CA PHE YA 133 -10.70 75.23 51.35
C PHE YA 133 -11.10 74.11 52.30
N ALA YA 134 -11.70 73.07 51.73
CA ALA YA 134 -12.15 71.93 52.52
C ALA YA 134 -12.05 70.66 51.68
N ILE YA 135 -11.97 69.52 52.38
CA ILE YA 135 -11.92 68.22 51.76
C ILE YA 135 -12.85 67.28 52.52
N TYR YA 136 -13.62 66.50 51.78
CA TYR YA 136 -14.59 65.59 52.38
C TYR YA 136 -14.49 64.22 51.73
N VAL YA 137 -14.67 63.19 52.53
CA VAL YA 137 -14.65 61.82 52.06
C VAL YA 137 -16.04 61.46 51.56
N ASP YA 138 -16.10 60.68 50.48
CA ASP YA 138 -17.35 60.29 49.86
C ASP YA 138 -17.53 58.79 49.78
N ASP YA 139 -16.61 58.01 50.36
CA ASP YA 139 -16.70 56.56 50.29
C ASP YA 139 -17.80 55.99 51.19
N GLY YA 140 -18.39 56.80 52.05
CA GLY YA 140 -19.40 56.34 52.97
C GLY YA 140 -18.90 55.78 54.28
N ASP YA 141 -17.58 55.67 54.44
CA ASP YA 141 -17.04 55.17 55.70
C ASP YA 141 -17.13 56.24 56.77
N PRO YA 142 -17.68 55.92 57.95
CA PRO YA 142 -17.70 56.90 59.04
C PRO YA 142 -16.33 57.29 59.56
N CYS YA 143 -15.27 56.62 59.11
CA CYS YA 143 -13.90 56.91 59.53
C CYS YA 143 -13.70 56.69 61.02
N ILE YA 144 -14.59 55.94 61.66
CA ILE YA 144 -14.48 55.64 63.07
C ILE YA 144 -14.52 54.14 63.36
N SER YA 145 -15.08 53.33 62.48
CA SER YA 145 -15.13 51.88 62.67
C SER YA 145 -15.20 51.22 61.31
N PRO YA 146 -14.06 51.03 60.65
CA PRO YA 146 -12.69 51.35 61.11
C PRO YA 146 -12.33 52.81 60.92
N THR YA 147 -11.04 53.14 61.05
CA THR YA 147 -10.57 54.51 60.97
C THR YA 147 -9.57 54.67 59.84
N ARG YA 148 -9.51 55.89 59.29
CA ARG YA 148 -8.58 56.24 58.23
C ARG YA 148 -7.98 57.60 58.53
N GLU YA 149 -6.73 57.77 58.15
CA GLU YA 149 -5.98 58.97 58.45
C GLU YA 149 -5.30 59.51 57.20
N LEU YA 150 -4.97 60.79 57.25
CA LEU YA 150 -4.34 61.46 56.12
C LEU YA 150 -3.06 62.12 56.59
N THR YA 151 -2.10 62.24 55.67
CA THR YA 151 -0.81 62.83 55.98
C THR YA 151 -0.44 63.80 54.85
N ILE YA 152 0.05 64.98 55.22
CA ILE YA 152 0.42 66.01 54.25
C ILE YA 152 1.88 66.34 54.42
N GLU YA 153 2.63 66.27 53.33
CA GLU YA 153 4.03 66.67 53.33
C GLU YA 153 4.28 67.50 52.08
N THR YA 154 5.51 68.00 51.94
CA THR YA 154 5.89 68.80 50.79
C THR YA 154 6.83 68.00 49.90
N ALA YA 155 7.10 68.54 48.72
CA ALA YA 155 8.03 67.89 47.79
C ALA YA 155 8.67 68.98 46.92
N THR YA 156 9.37 68.54 45.88
CA THR YA 156 10.01 69.48 44.97
C THR YA 156 8.97 70.22 44.15
N ALA YA 157 9.40 71.33 43.55
CA ALA YA 157 8.52 72.16 42.76
C ALA YA 157 8.50 71.72 41.31
N ASP YA 158 7.70 72.42 40.51
CA ASP YA 158 7.58 72.13 39.09
C ASP YA 158 8.51 73.03 38.29
N SER YA 159 8.38 73.00 36.97
CA SER YA 159 9.19 73.85 36.11
C SER YA 159 8.86 75.33 36.35
N ALA YA 160 7.59 75.65 36.57
CA ALA YA 160 7.18 77.01 36.84
C ALA YA 160 7.44 77.43 38.27
N GLY YA 161 8.00 76.55 39.10
CA GLY YA 161 8.27 76.88 40.47
C GLY YA 161 7.08 76.78 41.40
N ASN YA 162 5.98 76.20 40.94
CA ASN YA 162 4.79 76.08 41.78
C ASN YA 162 5.02 75.07 42.89
N GLU YA 163 4.56 75.41 44.09
CA GLU YA 163 4.75 74.53 45.23
C GLU YA 163 3.94 73.25 45.05
N ARG YA 164 4.56 72.13 45.44
CA ARG YA 164 3.94 70.82 45.31
C ARG YA 164 3.95 70.11 46.65
N PHE YA 165 2.80 69.58 47.05
CA PHE YA 165 2.66 68.89 48.32
C PHE YA 165 1.98 67.54 48.08
N LEU YA 166 2.41 66.56 48.86
CA LEU YA 166 1.92 65.20 48.74
C LEU YA 166 0.93 64.90 49.86
N LEU YA 167 -0.14 64.19 49.49
CA LEU YA 167 -1.14 63.70 50.42
C LEU YA 167 -1.12 62.18 50.39
N LYS YA 168 -1.06 61.57 51.57
CA LYS YA 168 -1.07 60.12 51.72
C LYS YA 168 -2.28 59.71 52.55
N LEU YA 169 -2.93 58.64 52.13
CA LEU YA 169 -4.06 58.08 52.85
C LEU YA 169 -3.67 56.75 53.49
N THR YA 170 -4.18 56.51 54.69
CA THR YA 170 -3.98 55.24 55.36
C THR YA 170 -5.26 54.82 56.06
N GLN YA 171 -5.35 53.53 56.35
CA GLN YA 171 -6.45 52.96 57.10
C GLN YA 171 -5.91 52.29 58.35
N THR YA 172 -6.64 52.44 59.45
CA THR YA 172 -6.27 51.84 60.73
C THR YA 172 -7.45 51.03 61.25
N THR YA 173 -7.17 49.81 61.70
CA THR YA 173 -8.20 48.92 62.19
C THR YA 173 -8.41 49.14 63.70
N SER YA 174 -9.27 48.30 64.29
CA SER YA 174 -9.51 48.40 65.74
C SER YA 174 -8.25 48.09 66.53
N LEU YA 175 -7.49 47.10 66.09
CA LEU YA 175 -6.25 46.76 66.77
C LEU YA 175 -5.26 47.93 66.70
N GLY YA 176 -5.19 48.60 65.56
CA GLY YA 176 -4.31 49.73 65.41
C GLY YA 176 -3.29 49.56 64.29
N VAL YA 177 -3.47 48.51 63.49
CA VAL YA 177 -2.57 48.27 62.37
C VAL YA 177 -2.76 49.37 61.34
N VAL YA 178 -1.68 50.07 61.00
CA VAL YA 178 -1.72 51.19 60.08
C VAL YA 178 -1.23 50.71 58.73
N THR YA 179 -2.08 50.81 57.72
CA THR YA 179 -1.74 50.37 56.37
C THR YA 179 -2.02 51.50 55.40
N THR YA 180 -1.00 51.89 54.64
CA THR YA 180 -1.19 52.94 53.65
C THR YA 180 -2.02 52.42 52.49
N LEU YA 181 -2.65 53.36 51.77
CA LEU YA 181 -3.48 53.03 50.62
C LEU YA 181 -2.95 53.65 49.34
N GLU YA 182 -2.73 54.96 49.35
CA GLU YA 182 -2.24 55.66 48.16
C GLU YA 182 -1.60 56.96 48.60
N THR YA 183 -0.87 57.57 47.66
CA THR YA 183 -0.28 58.87 47.87
C THR YA 183 -0.28 59.61 46.53
N HIS YA 184 -0.48 60.92 46.59
CA HIS YA 184 -0.52 61.73 45.38
C HIS YA 184 0.03 63.10 45.67
N THR YA 185 0.94 63.56 44.82
CA THR YA 185 1.42 64.94 44.89
C THR YA 185 0.54 65.83 44.04
N VAL YA 186 0.42 67.08 44.46
CA VAL YA 186 -0.44 68.03 43.78
C VAL YA 186 0.06 69.44 44.09
N SER YA 187 -0.13 70.34 43.15
CA SER YA 187 0.31 71.72 43.29
C SER YA 187 -0.91 72.63 43.40
N LEU YA 188 -0.82 73.59 44.32
CA LEU YA 188 -1.90 74.53 44.57
C LEU YA 188 -2.11 75.51 43.43
N ALA YA 189 -1.22 75.53 42.44
CA ALA YA 189 -1.28 76.53 41.38
C ALA YA 189 -2.59 76.43 40.60
N GLU YA 190 -3.11 77.59 40.20
CA GLU YA 190 -4.29 77.64 39.37
C GLU YA 190 -4.07 76.99 38.01
N GLU YA 191 -2.83 76.94 37.54
CA GLU YA 191 -2.52 76.33 36.26
C GLU YA 191 -1.45 75.28 36.47
N ALA YA 192 -1.64 74.43 37.47
CA ALA YA 192 -0.64 73.44 37.83
C ALA YA 192 -0.72 72.24 36.89
N LYS YA 193 0.44 71.80 36.40
CA LYS YA 193 0.55 70.71 35.45
C LYS YA 193 1.61 69.72 35.92
N ASP YA 194 1.41 68.45 35.59
CA ASP YA 194 2.38 67.42 35.94
C ASP YA 194 3.46 67.31 34.88
N ASP YA 195 4.57 66.66 35.26
CA ASP YA 195 5.65 66.44 34.31
C ASP YA 195 5.24 65.46 33.21
N MET YA 196 4.16 64.71 33.40
CA MET YA 196 3.50 64.02 32.29
C MET YA 196 2.56 64.92 31.53
N GLY YA 197 2.37 66.15 32.00
CA GLY YA 197 1.27 66.97 31.54
C GLY YA 197 -0.05 66.72 32.25
N ARG YA 198 -0.07 65.83 33.24
CA ARG YA 198 -1.31 65.58 33.97
C ARG YA 198 -1.70 66.83 34.75
N LEU YA 199 -3.01 67.00 34.93
CA LEU YA 199 -3.51 68.19 35.59
C LEU YA 199 -3.22 68.12 37.09
N CYS YA 200 -2.48 69.09 37.61
CA CYS YA 200 -2.17 69.16 39.02
C CYS YA 200 -3.05 70.16 39.77
N TYR YA 201 -4.14 70.59 39.14
CA TYR YA 201 -5.08 71.48 39.82
C TYR YA 201 -5.81 70.72 40.92
N LEU YA 202 -5.87 71.32 42.10
CA LEU YA 202 -6.14 70.63 43.35
C LEU YA 202 -7.42 69.81 43.31
N PRO YA 203 -8.62 70.40 43.20
CA PRO YA 203 -9.82 69.54 43.13
C PRO YA 203 -9.85 68.68 41.88
N THR YA 204 -9.36 69.21 40.77
CA THR YA 204 -9.34 68.45 39.53
C THR YA 204 -8.43 67.24 39.65
N ALA YA 205 -7.21 67.45 40.16
CA ALA YA 205 -6.31 66.33 40.37
C ALA YA 205 -6.88 65.34 41.38
N LEU YA 206 -7.54 65.86 42.43
CA LEU YA 206 -8.11 64.99 43.44
C LEU YA 206 -9.18 64.09 42.87
N GLU YA 207 -10.09 64.65 42.07
CA GLU YA 207 -11.12 63.81 41.46
C GLU YA 207 -10.54 62.90 40.39
N ALA YA 208 -9.45 63.32 39.73
CA ALA YA 208 -8.86 62.48 38.69
C ALA YA 208 -8.18 61.26 39.28
N ARG YA 209 -7.45 61.44 40.39
CA ARG YA 209 -6.73 60.32 40.99
C ARG YA 209 -7.57 59.61 42.05
N SER YA 210 -7.91 60.32 43.12
CA SER YA 210 -8.57 59.71 44.26
C SER YA 210 -10.05 59.45 43.97
N LYS YA 211 -10.50 58.26 44.34
CA LYS YA 211 -11.91 57.89 44.23
C LYS YA 211 -12.60 57.95 45.58
N TYR YA 212 -12.02 58.67 46.54
CA TYR YA 212 -12.48 58.60 47.92
C TYR YA 212 -12.67 59.99 48.51
N LEU YA 213 -11.91 60.96 48.01
CA LEU YA 213 -11.90 62.29 48.59
C LEU YA 213 -12.23 63.31 47.50
N ARG YA 214 -13.11 64.24 47.83
CA ARG YA 214 -13.39 65.39 46.97
C ARG YA 214 -13.06 66.64 47.76
N ALA YA 215 -12.84 67.74 47.05
CA ALA YA 215 -12.43 68.98 47.70
C ALA YA 215 -13.19 70.15 47.11
N VAL YA 216 -13.33 71.20 47.91
CA VAL YA 216 -13.89 72.48 47.48
C VAL YA 216 -12.87 73.56 47.82
N VAL YA 217 -12.60 74.44 46.87
CA VAL YA 217 -11.58 75.47 47.01
C VAL YA 217 -12.19 76.82 46.70
N ASN YA 218 -11.98 77.78 47.60
CA ASN YA 218 -12.43 79.13 47.34
C ASN YA 218 -11.54 79.77 46.27
N GLU YA 219 -12.18 80.34 45.24
CA GLU YA 219 -11.44 80.99 44.18
C GLU YA 219 -10.74 82.26 44.67
N GLU YA 220 -11.28 82.89 45.69
CA GLU YA 220 -10.70 84.11 46.24
C GLU YA 220 -9.63 83.85 47.30
N LEU YA 221 -9.50 82.61 47.74
CA LEU YA 221 -8.51 82.25 48.74
C LEU YA 221 -7.48 81.26 48.23
N ILE YA 222 -7.66 80.70 47.04
CA ILE YA 222 -6.68 79.77 46.48
C ILE YA 222 -5.34 80.48 46.26
N SER YA 223 -5.39 81.75 45.84
CA SER YA 223 -4.15 82.48 45.61
C SER YA 223 -3.35 82.66 46.88
N THR YA 224 -4.03 82.95 47.99
CA THR YA 224 -3.37 83.20 49.27
C THR YA 224 -3.24 81.95 50.13
N ALA YA 225 -3.75 80.81 49.66
CA ALA YA 225 -3.71 79.60 50.47
C ALA YA 225 -2.27 79.13 50.66
N LYS YA 226 -1.92 78.80 51.90
CA LYS YA 226 -0.61 78.29 52.23
C LYS YA 226 -0.71 76.83 52.63
N VAL YA 227 0.44 76.18 52.65
CA VAL YA 227 0.51 74.75 52.94
C VAL YA 227 1.35 74.55 54.19
N THR YA 228 1.25 73.34 54.75
CA THR YA 228 1.97 72.99 55.95
C THR YA 228 2.12 71.47 56.02
N ASN YA 229 3.04 71.02 56.85
CA ASN YA 229 3.27 69.59 57.05
C ASN YA 229 2.40 69.11 58.20
N LYS YA 230 1.46 68.23 57.90
CA LYS YA 230 0.52 67.72 58.88
C LYS YA 230 0.55 66.20 58.85
N LYS YA 231 0.28 65.61 60.00
CA LYS YA 231 0.34 64.16 60.16
C LYS YA 231 -0.92 63.67 60.85
N SER YA 232 -1.37 62.47 60.47
CA SER YA 232 -2.50 61.80 61.10
C SER YA 232 -3.77 62.67 61.02
N LEU YA 233 -4.21 62.91 59.80
CA LEU YA 233 -5.40 63.70 59.54
C LEU YA 233 -6.56 62.75 59.34
N ALA YA 234 -7.39 62.59 60.37
CA ALA YA 234 -8.51 61.65 60.37
C ALA YA 234 -9.83 62.41 60.42
N PHE YA 235 -10.77 62.02 59.56
CA PHE YA 235 -12.10 62.60 59.60
C PHE YA 235 -12.83 62.23 60.89
N THR YA 236 -13.53 63.21 61.44
CA THR YA 236 -14.29 63.03 62.66
C THR YA 236 -15.68 63.62 62.51
N GLY YA 237 -16.65 63.02 63.20
CA GLY YA 237 -18.01 63.52 63.21
C GLY YA 237 -18.92 62.94 62.14
N GLY YA 238 -18.38 62.17 61.20
CA GLY YA 238 -19.18 61.58 60.13
C GLY YA 238 -19.56 60.14 60.43
N THR YA 239 -20.83 59.83 60.17
CA THR YA 239 -21.34 58.47 60.35
C THR YA 239 -22.67 58.35 59.63
N ASN YA 240 -23.03 57.12 59.28
CA ASN YA 240 -24.29 56.86 58.59
C ASN YA 240 -25.50 56.97 59.51
N GLY YA 241 -25.31 57.00 60.83
CA GLY YA 241 -26.43 56.99 61.74
C GLY YA 241 -27.06 55.62 61.86
N ASP YA 242 -28.36 55.62 62.16
CA ASP YA 242 -29.11 54.37 62.36
C ASP YA 242 -29.64 53.90 61.02
N GLN YA 243 -29.08 52.80 60.51
CA GLN YA 243 -29.52 52.23 59.25
C GLN YA 243 -30.77 51.37 59.40
N SER YA 244 -31.15 51.01 60.64
CA SER YA 244 -32.37 50.24 60.83
C SER YA 244 -33.60 51.02 60.36
N LYS YA 245 -33.67 52.30 60.70
CA LYS YA 245 -34.81 53.12 60.30
C LYS YA 245 -34.67 53.47 58.82
N ILE YA 246 -35.64 53.03 58.02
CA ILE YA 246 -35.62 53.23 56.57
C ILE YA 246 -36.90 53.94 56.18
N SER YA 247 -36.78 54.94 55.32
CA SER YA 247 -37.89 55.82 55.00
C SER YA 247 -38.44 55.53 53.61
N THR YA 248 -39.77 55.64 53.49
CA THR YA 248 -40.41 55.50 52.18
C THR YA 248 -39.92 56.58 51.22
N ALA YA 249 -39.55 57.75 51.75
CA ALA YA 249 -38.97 58.78 50.90
C ALA YA 249 -37.66 58.33 50.28
N ALA YA 250 -36.80 57.71 51.10
CA ALA YA 250 -35.57 57.15 50.55
C ALA YA 250 -35.88 56.06 49.54
N TYR YA 251 -36.89 55.23 49.84
CA TYR YA 251 -37.28 54.17 48.91
C TYR YA 251 -37.68 54.74 47.56
N LEU YA 252 -38.55 55.75 47.56
CA LEU YA 252 -39.02 56.31 46.31
C LEU YA 252 -37.92 57.06 45.58
N ARG YA 253 -37.03 57.73 46.31
CA ARG YA 253 -35.90 58.38 45.67
C ARG YA 253 -35.00 57.36 44.98
N ALA YA 254 -34.75 56.24 45.65
CA ALA YA 254 -33.96 55.17 45.04
C ALA YA 254 -34.67 54.60 43.83
N VAL YA 255 -35.99 54.46 43.89
CA VAL YA 255 -36.75 53.98 42.73
C VAL YA 255 -36.60 54.94 41.57
N LYS YA 256 -36.66 56.24 41.86
CA LYS YA 256 -36.46 57.25 40.82
C LYS YA 256 -35.06 57.13 40.23
N VAL YA 257 -34.06 56.90 41.07
CA VAL YA 257 -32.70 56.71 40.58
C VAL YA 257 -32.64 55.49 39.66
N LEU YA 258 -33.29 54.40 40.06
CA LEU YA 258 -33.34 53.20 39.23
C LEU YA 258 -33.95 53.50 37.88
N ASN YA 259 -35.07 54.24 37.88
CA ASN YA 259 -35.73 54.59 36.63
C ASN YA 259 -34.80 55.41 35.74
N ASN YA 260 -34.20 56.45 36.31
CA ASN YA 260 -33.38 57.37 35.55
C ASN YA 260 -32.02 56.79 35.19
N ALA YA 261 -31.69 55.61 35.71
CA ALA YA 261 -30.41 55.00 35.38
C ALA YA 261 -30.34 54.69 33.89
N PRO YA 262 -29.36 55.22 33.17
CA PRO YA 262 -29.27 54.98 31.72
C PRO YA 262 -28.49 53.72 31.38
N TYR YA 263 -28.83 52.62 32.04
CA TYR YA 263 -28.21 51.33 31.79
C TYR YA 263 -29.29 50.27 31.65
N MET YA 264 -28.99 49.23 30.89
CA MET YA 264 -29.93 48.15 30.70
C MET YA 264 -29.98 47.27 31.94
N TYR YA 265 -31.18 46.85 32.30
CA TYR YA 265 -31.36 45.91 33.40
C TYR YA 265 -32.71 45.23 33.20
N THR YA 266 -32.68 43.91 33.08
CA THR YA 266 -33.86 43.14 32.74
C THR YA 266 -34.55 42.53 33.96
N ALA YA 267 -33.96 42.65 35.14
CA ALA YA 267 -34.48 42.00 36.33
C ALA YA 267 -34.28 42.89 37.54
N VAL YA 268 -35.26 42.89 38.44
CA VAL YA 268 -35.16 43.64 39.68
C VAL YA 268 -35.53 42.74 40.84
N LEU YA 269 -35.04 43.08 42.03
CA LEU YA 269 -35.12 42.23 43.20
C LEU YA 269 -35.85 42.94 44.33
N GLY YA 270 -36.47 42.17 45.22
CA GLY YA 270 -36.92 42.74 46.47
C GLY YA 270 -35.77 43.17 47.36
N LEU YA 271 -34.76 42.30 47.47
CA LEU YA 271 -33.50 42.61 48.17
C LEU YA 271 -33.79 43.06 49.61
N GLY YA 272 -34.62 42.27 50.29
CA GLY YA 272 -34.92 42.53 51.68
C GLY YA 272 -35.85 43.71 51.94
N CYS YA 273 -36.49 44.24 50.90
CA CYS YA 273 -37.41 45.36 51.06
C CYS YA 273 -38.83 44.84 51.17
N TYR YA 274 -39.55 45.28 52.20
CA TYR YA 274 -40.92 44.85 52.42
C TYR YA 274 -41.92 46.00 52.53
N ASP YA 275 -41.49 47.24 52.34
CA ASP YA 275 -42.41 48.36 52.40
C ASP YA 275 -43.43 48.25 51.29
N ASN YA 276 -44.72 48.33 51.64
CA ASN YA 276 -45.77 48.13 50.66
C ASN YA 276 -45.71 49.18 49.56
N ALA YA 277 -45.49 50.44 49.93
CA ALA YA 277 -45.43 51.50 48.93
C ALA YA 277 -44.27 51.27 47.97
N ALA YA 278 -43.11 50.86 48.50
CA ALA YA 278 -41.97 50.58 47.64
C ALA YA 278 -42.25 49.39 46.73
N ILE YA 279 -42.91 48.36 47.27
CA ILE YA 279 -43.24 47.20 46.45
C ILE YA 279 -44.16 47.60 45.31
N THR YA 280 -45.17 48.42 45.62
CA THR YA 280 -46.08 48.91 44.58
C THR YA 280 -45.34 49.75 43.55
N ALA YA 281 -44.44 50.61 44.01
CA ALA YA 281 -43.68 51.45 43.09
C ALA YA 281 -42.85 50.59 42.15
N LEU YA 282 -42.17 49.59 42.69
CA LEU YA 282 -41.36 48.72 41.85
C LEU YA 282 -42.24 47.88 40.92
N GLY YA 283 -43.44 47.52 41.37
CA GLY YA 283 -44.35 46.83 40.48
C GLY YA 283 -44.78 47.69 39.31
N LYS YA 284 -45.05 48.97 39.59
CA LYS YA 284 -45.38 49.89 38.50
C LYS YA 284 -44.19 50.07 37.57
N ILE YA 285 -42.98 50.08 38.14
CA ILE YA 285 -41.78 50.18 37.30
C ILE YA 285 -41.65 48.96 36.41
N CYS YA 286 -41.88 47.77 36.96
CA CYS YA 286 -41.84 46.57 36.16
C CYS YA 286 -42.90 46.62 35.06
N ALA YA 287 -44.09 47.09 35.40
CA ALA YA 287 -45.17 47.15 34.42
C ALA YA 287 -44.83 48.11 33.29
N ASP YA 288 -44.36 49.31 33.61
CA ASP YA 288 -44.14 50.32 32.60
C ASP YA 288 -42.78 50.21 31.92
N ARG YA 289 -41.91 49.31 32.38
CA ARG YA 289 -40.69 49.01 31.65
C ARG YA 289 -40.67 47.60 31.10
N LEU YA 290 -41.78 46.86 31.25
CA LEU YA 290 -41.94 45.51 30.73
C LEU YA 290 -40.76 44.62 31.10
N ILE YA 291 -40.41 44.66 32.39
CA ILE YA 291 -39.29 43.90 32.91
C ILE YA 291 -39.80 42.91 33.96
N ASP YA 292 -38.89 42.13 34.53
CA ASP YA 292 -39.24 41.09 35.50
C ASP YA 292 -38.89 41.56 36.91
N GLY YA 293 -39.83 41.38 37.82
CA GLY YA 293 -39.65 41.73 39.23
C GLY YA 293 -39.60 40.48 40.09
N PHE YA 294 -38.85 40.58 41.18
CA PHE YA 294 -38.57 39.47 42.09
C PHE YA 294 -38.92 39.87 43.52
N PHE YA 295 -40.16 40.31 43.72
CA PHE YA 295 -40.60 40.73 45.04
C PHE YA 295 -40.58 39.55 46.01
N ASP YA 296 -40.36 39.89 47.29
CA ASP YA 296 -40.37 38.92 48.37
C ASP YA 296 -41.21 39.46 49.52
N VAL YA 297 -41.79 38.55 50.30
CA VAL YA 297 -42.63 38.92 51.43
C VAL YA 297 -41.91 38.58 52.73
N LYS YA 298 -42.50 39.00 53.84
CA LYS YA 298 -41.88 38.77 55.13
C LYS YA 298 -41.82 37.29 55.43
N PRO YA 299 -40.63 36.73 55.68
CA PRO YA 299 -40.54 35.29 55.96
C PRO YA 299 -41.29 34.89 57.21
N THR YA 300 -41.42 35.80 58.18
CA THR YA 300 -42.04 35.49 59.46
C THR YA 300 -43.53 35.21 59.34
N LEU YA 301 -44.11 35.48 58.18
CA LEU YA 301 -45.55 35.32 57.99
C LEU YA 301 -45.88 33.84 57.83
N THR YA 302 -46.65 33.29 58.77
CA THR YA 302 -47.11 31.92 58.63
C THR YA 302 -48.14 31.83 57.51
N TYR YA 303 -48.41 30.60 57.08
CA TYR YA 303 -49.29 30.39 55.94
C TYR YA 303 -50.68 30.98 56.17
N ALA YA 304 -51.11 31.09 57.42
CA ALA YA 304 -52.41 31.67 57.70
C ALA YA 304 -52.48 33.12 57.23
N GLU YA 305 -51.49 33.92 57.61
CA GLU YA 305 -51.43 35.32 57.17
C GLU YA 305 -50.62 35.49 55.90
N ALA YA 306 -49.94 34.45 55.42
CA ALA YA 306 -49.24 34.57 54.16
C ALA YA 306 -50.20 34.74 53.00
N LEU YA 307 -51.33 34.03 53.05
CA LEU YA 307 -52.30 34.12 51.96
C LEU YA 307 -52.87 35.53 51.80
N PRO YA 308 -53.36 36.21 52.84
CA PRO YA 308 -53.83 37.59 52.64
C PRO YA 308 -52.74 38.55 52.25
N ALA YA 309 -51.47 38.21 52.50
CA ALA YA 309 -50.38 39.12 52.17
C ALA YA 309 -50.28 39.36 50.67
N VAL YA 310 -50.69 38.38 49.86
CA VAL YA 310 -50.68 38.57 48.41
C VAL YA 310 -51.62 39.69 48.02
N GLU YA 311 -52.83 39.69 48.59
CA GLU YA 311 -53.77 40.78 48.34
C GLU YA 311 -53.24 42.07 48.94
N ASP YA 312 -52.64 41.98 50.12
CA ASP YA 312 -52.08 43.15 50.78
C ASP YA 312 -50.96 43.78 49.95
N THR YA 313 -50.35 42.99 49.06
CA THR YA 313 -49.34 43.53 48.16
C THR YA 313 -49.94 44.60 47.26
N GLY YA 314 -51.14 44.37 46.76
CA GLY YA 314 -51.77 45.30 45.84
C GLY YA 314 -51.31 45.16 44.40
N LEU YA 315 -50.36 44.28 44.12
CA LEU YA 315 -49.88 44.06 42.77
C LEU YA 315 -50.70 43.03 42.02
N LEU YA 316 -51.71 42.45 42.65
CA LEU YA 316 -52.56 41.49 41.97
C LEU YA 316 -53.30 42.17 40.82
N GLY YA 317 -53.26 41.54 39.65
CA GLY YA 317 -53.93 42.09 38.50
C GLY YA 317 -53.32 41.57 37.22
N THR YA 318 -53.92 42.01 36.11
CA THR YA 318 -53.46 41.59 34.79
C THR YA 318 -52.24 42.35 34.32
N ASP YA 319 -51.94 43.50 34.92
CA ASP YA 319 -50.79 44.28 34.50
C ASP YA 319 -49.51 43.77 35.15
N TYR YA 320 -49.52 43.60 36.47
CA TYR YA 320 -48.35 43.14 37.21
C TYR YA 320 -48.27 41.62 37.17
N VAL YA 321 -48.12 41.10 35.96
CA VAL YA 321 -47.98 39.67 35.76
C VAL YA 321 -46.55 39.26 35.43
N SER YA 322 -45.72 40.18 34.92
CA SER YA 322 -44.32 39.86 34.64
C SER YA 322 -43.52 39.62 35.91
N CYS YA 323 -44.02 40.05 37.06
CA CYS YA 323 -43.29 39.92 38.31
C CYS YA 323 -43.63 38.62 39.02
N SER YA 324 -42.82 38.29 40.02
CA SER YA 324 -43.00 37.11 40.84
C SER YA 324 -42.83 37.51 42.31
N VAL YA 325 -43.47 36.74 43.18
CA VAL YA 325 -43.46 37.00 44.61
C VAL YA 325 -42.96 35.73 45.33
N TYR YA 326 -42.10 35.93 46.31
CA TYR YA 326 -41.35 34.85 46.93
C TYR YA 326 -41.57 34.87 48.44
N HIS YA 327 -41.38 33.70 49.05
CA HIS YA 327 -41.43 33.57 50.50
C HIS YA 327 -40.51 32.44 50.93
N TYR YA 328 -40.06 32.51 52.18
CA TYR YA 328 -39.16 31.51 52.76
C TYR YA 328 -39.53 31.28 54.21
N PRO YA 329 -40.41 30.32 54.47
CA PRO YA 329 -40.83 30.02 55.84
C PRO YA 329 -39.92 29.02 56.56
N PHE YA 330 -38.63 29.30 56.57
CA PHE YA 330 -37.66 28.40 57.18
C PHE YA 330 -36.54 29.19 57.84
N SER YA 331 -35.66 28.46 58.51
CA SER YA 331 -34.50 29.03 59.19
C SER YA 331 -33.25 28.29 58.77
N CYS YA 332 -32.18 29.03 58.50
CA CYS YA 332 -30.92 28.48 58.05
C CYS YA 332 -29.81 28.86 59.03
N LYS YA 333 -28.59 28.43 58.71
CA LYS YA 333 -27.42 28.71 59.52
C LYS YA 333 -26.48 29.62 58.73
N ASP YA 334 -25.90 30.60 59.42
CA ASP YA 334 -25.01 31.54 58.75
C ASP YA 334 -23.75 30.85 58.26
N LYS YA 335 -23.30 31.28 57.08
CA LYS YA 335 -22.00 30.84 56.60
C LYS YA 335 -20.88 31.50 57.39
N TRP YA 336 -21.02 32.80 57.67
CA TRP YA 336 -19.93 33.56 58.28
C TRP YA 336 -19.92 33.43 59.80
N THR YA 337 -21.02 33.81 60.45
CA THR YA 337 -21.08 33.82 61.90
C THR YA 337 -21.75 32.57 62.48
N GLN YA 338 -22.11 31.62 61.62
CA GLN YA 338 -22.81 30.38 62.01
C GLN YA 338 -23.88 30.65 63.06
N SER YA 339 -24.86 31.46 62.68
CA SER YA 339 -25.96 31.84 63.54
C SER YA 339 -27.28 31.40 62.91
N ARG YA 340 -28.25 31.09 63.77
CA ARG YA 340 -29.58 30.77 63.28
C ARG YA 340 -30.20 32.04 62.70
N VAL YA 341 -30.28 32.10 61.37
CA VAL YA 341 -30.71 33.28 60.66
C VAL YA 341 -31.83 32.92 59.71
N VAL YA 342 -32.50 33.95 59.19
CA VAL YA 342 -33.62 33.80 58.27
C VAL YA 342 -33.53 34.91 57.25
N PHE YA 343 -33.50 34.55 55.96
CA PHE YA 343 -33.57 35.54 54.91
C PHE YA 343 -34.19 34.92 53.67
N GLY YA 344 -34.69 35.78 52.80
CA GLY YA 344 -35.45 35.32 51.65
C GLY YA 344 -34.60 34.59 50.63
N LEU YA 345 -35.28 33.79 49.82
CA LEU YA 345 -34.67 33.02 48.76
C LEU YA 345 -34.76 33.70 47.40
N SER YA 346 -35.10 34.99 47.38
CA SER YA 346 -35.31 35.68 46.11
C SER YA 346 -34.04 35.71 45.27
N GLY YA 347 -32.92 36.10 45.89
CA GLY YA 347 -31.66 36.13 45.15
C GLY YA 347 -31.20 34.75 44.73
N VAL YA 348 -31.44 33.75 45.58
CA VAL YA 348 -31.10 32.37 45.21
C VAL YA 348 -31.89 31.94 43.99
N ALA YA 349 -33.19 32.25 43.97
CA ALA YA 349 -34.01 31.91 42.82
C ALA YA 349 -33.53 32.64 41.57
N TYR YA 350 -33.18 33.91 41.71
CA TYR YA 350 -32.66 34.65 40.56
C TYR YA 350 -31.40 34.00 40.03
N ALA YA 351 -30.48 33.64 40.92
CA ALA YA 351 -29.24 33.00 40.49
C ALA YA 351 -29.53 31.67 39.81
N ALA YA 352 -30.50 30.91 40.34
CA ALA YA 352 -30.85 29.64 39.73
C ALA YA 352 -31.36 29.83 38.31
N LYS YA 353 -32.32 30.74 38.13
CA LYS YA 353 -32.85 30.93 36.78
C LYS YA 353 -31.82 31.55 35.86
N ALA YA 354 -30.93 32.39 36.39
CA ALA YA 354 -29.87 32.96 35.58
C ALA YA 354 -28.93 31.87 35.09
N ARG YA 355 -28.55 30.94 35.97
CA ARG YA 355 -27.71 29.83 35.55
C ARG YA 355 -28.44 28.95 34.53
N GLY YA 356 -29.74 28.72 34.75
CA GLY YA 356 -30.49 27.90 33.81
C GLY YA 356 -30.59 28.54 32.43
N VAL YA 357 -30.78 29.86 32.38
CA VAL YA 357 -30.91 30.52 31.09
C VAL YA 357 -29.55 30.71 30.43
N LYS YA 358 -28.49 30.87 31.22
CA LYS YA 358 -27.21 31.20 30.63
C LYS YA 358 -26.54 30.03 29.93
N LYS YA 359 -26.91 28.79 30.26
CA LYS YA 359 -26.29 27.67 29.58
C LYS YA 359 -26.68 27.63 28.10
N ASN YA 360 -27.90 28.05 27.79
CA ASN YA 360 -28.29 28.17 26.39
C ASN YA 360 -27.54 29.34 25.76
N SER YA 361 -27.19 29.19 24.49
CA SER YA 361 -26.26 30.08 23.80
C SER YA 361 -26.94 31.19 23.00
N ASP YA 362 -27.82 30.83 22.07
CA ASP YA 362 -28.30 31.82 21.10
C ASP YA 362 -29.09 32.94 21.77
N VAL YA 363 -30.08 32.58 22.59
CA VAL YA 363 -30.88 33.58 23.30
C VAL YA 363 -31.02 33.28 24.78
N GLY YA 364 -30.67 32.10 25.25
CA GLY YA 364 -30.91 31.74 26.62
C GLY YA 364 -32.22 31.00 26.79
N GLY YA 365 -32.22 30.01 27.67
CA GLY YA 365 -33.41 29.23 27.90
C GLY YA 365 -34.42 29.96 28.75
N TRP YA 366 -34.99 31.04 28.22
CA TRP YA 366 -35.97 31.82 28.96
C TRP YA 366 -37.18 30.98 29.33
N HIS YA 367 -37.51 30.00 28.50
CA HIS YA 367 -38.63 29.12 28.78
C HIS YA 367 -38.32 28.08 29.85
N TYR YA 368 -37.07 27.99 30.30
CA TYR YA 368 -36.70 26.99 31.28
C TYR YA 368 -37.38 27.25 32.61
N SER YA 369 -37.86 26.19 33.25
CA SER YA 369 -38.45 26.33 34.56
C SER YA 369 -37.36 26.64 35.57
N PRO YA 370 -37.47 27.73 36.32
CA PRO YA 370 -36.43 28.06 37.29
C PRO YA 370 -36.44 27.12 38.48
N ALA YA 371 -36.18 25.84 38.22
CA ALA YA 371 -36.19 24.83 39.26
C ALA YA 371 -35.30 23.67 38.82
N GLY YA 372 -35.44 22.55 39.50
CA GLY YA 372 -34.65 21.37 39.20
C GLY YA 372 -33.34 21.34 39.97
N GLU YA 373 -32.72 20.16 39.95
CA GLU YA 373 -31.46 19.98 40.64
C GLU YA 373 -30.40 20.95 40.13
N GLU YA 374 -30.46 21.27 38.83
CA GLU YA 374 -29.51 22.22 38.26
C GLU YA 374 -29.74 23.62 38.80
N ARG YA 375 -30.97 23.96 39.14
CA ARG YA 375 -31.30 25.30 39.60
C ARG YA 375 -31.82 25.33 41.02
N ALA YA 376 -32.86 24.56 41.33
CA ALA YA 376 -33.54 24.65 42.62
C ALA YA 376 -32.65 24.03 43.69
N VAL YA 377 -31.69 24.82 44.15
CA VAL YA 377 -30.77 24.42 45.22
C VAL YA 377 -30.60 25.62 46.13
N ILE YA 378 -31.11 25.51 47.36
CA ILE YA 378 -30.93 26.57 48.34
C ILE YA 378 -29.69 26.29 49.17
N ALA YA 379 -29.71 25.20 49.94
CA ALA YA 379 -28.54 24.61 50.60
C ALA YA 379 -27.60 25.66 51.18
N ARG YA 380 -28.13 26.51 52.05
CA ARG YA 380 -27.26 27.49 52.69
C ARG YA 380 -26.51 26.85 53.85
N ALA YA 381 -27.24 26.52 54.92
CA ALA YA 381 -26.72 25.72 56.03
C ALA YA 381 -27.83 25.42 57.03
N SER YA 382 -27.93 24.16 57.46
CA SER YA 382 -28.81 23.75 58.56
C SER YA 382 -30.19 24.39 58.44
N ILE YA 383 -30.88 24.01 57.36
CA ILE YA 383 -32.19 24.55 57.10
C ILE YA 383 -33.17 23.98 58.11
N GLN YA 384 -33.85 24.84 58.86
CA GLN YA 384 -34.87 24.39 59.78
C GLN YA 384 -36.16 25.17 59.56
N PRO YA 385 -37.31 24.54 59.77
CA PRO YA 385 -38.57 25.25 59.58
C PRO YA 385 -38.76 26.32 60.64
N LEU YA 386 -39.31 27.45 60.21
CA LEU YA 386 -39.59 28.53 61.16
C LEU YA 386 -40.80 28.21 62.02
N TYR YA 387 -41.88 27.72 61.41
CA TYR YA 387 -43.15 27.51 62.10
C TYR YA 387 -43.62 26.09 61.83
N PRO YA 388 -43.03 25.10 62.50
CA PRO YA 388 -43.50 23.71 62.31
C PRO YA 388 -44.96 23.54 62.69
N GLU YA 389 -45.48 24.37 63.59
CA GLU YA 389 -46.88 24.28 63.99
C GLU YA 389 -47.81 24.61 62.83
N ASP YA 390 -47.47 25.66 62.07
CA ASP YA 390 -48.35 26.10 61.00
C ASP YA 390 -48.33 25.11 59.84
N THR YA 391 -49.40 25.13 59.05
CA THR YA 391 -49.57 24.19 57.95
C THR YA 391 -50.11 24.93 56.74
N PRO YA 392 -49.55 24.70 55.55
CA PRO YA 392 -50.09 25.34 54.34
C PRO YA 392 -51.27 24.56 53.77
N ASP YA 393 -51.96 25.20 52.83
CA ASP YA 393 -53.05 24.60 52.08
C ASP YA 393 -52.76 24.71 50.60
N GLU YA 394 -52.91 23.59 49.89
CA GLU YA 394 -52.51 23.55 48.49
C GLU YA 394 -53.40 24.39 47.61
N GLU YA 395 -54.72 24.29 47.77
CA GLU YA 395 -55.64 25.00 46.88
C GLU YA 395 -55.65 26.49 47.19
N ALA YA 396 -55.68 26.84 48.47
CA ALA YA 396 -55.55 28.24 48.85
C ALA YA 396 -54.24 28.81 48.35
N MET YA 397 -53.17 28.02 48.43
CA MET YA 397 -51.88 28.49 47.96
C MET YA 397 -51.88 28.70 46.45
N VAL YA 398 -52.51 27.78 45.72
CA VAL YA 398 -52.57 27.88 44.26
C VAL YA 398 -53.33 29.14 43.86
N LYS YA 399 -54.49 29.36 44.46
CA LYS YA 399 -55.23 30.58 44.15
C LYS YA 399 -54.49 31.82 44.63
N GLY YA 400 -53.63 31.67 45.64
CA GLY YA 400 -52.78 32.76 46.08
C GLY YA 400 -51.63 33.06 45.15
N ARG YA 401 -51.26 32.10 44.30
CA ARG YA 401 -50.34 32.31 43.18
C ARG YA 401 -48.91 32.61 43.64
N LEU YA 402 -48.54 32.28 44.86
CA LEU YA 402 -47.19 32.52 45.34
C LEU YA 402 -46.42 31.20 45.35
N ASN YA 403 -45.11 31.30 45.45
CA ASN YA 403 -44.20 30.17 45.23
C ASN YA 403 -43.86 29.51 46.55
N LYS YA 404 -44.17 28.22 46.66
CA LYS YA 404 -43.73 27.39 47.77
C LYS YA 404 -42.61 26.45 47.32
N VAL YA 405 -42.18 25.60 48.26
CA VAL YA 405 -40.91 24.91 48.15
C VAL YA 405 -41.06 23.51 48.74
N SER YA 406 -40.37 22.54 48.13
CA SER YA 406 -40.49 21.16 48.59
C SER YA 406 -39.14 20.47 48.68
N VAL YA 407 -39.16 19.16 48.96
CA VAL YA 407 -37.95 18.39 49.12
C VAL YA 407 -37.35 18.07 47.75
N GLY YA 408 -36.03 17.88 47.72
CA GLY YA 408 -35.37 17.57 46.47
C GLY YA 408 -34.76 16.18 46.45
N THR YA 409 -33.85 15.96 45.51
CA THR YA 409 -33.25 14.64 45.33
C THR YA 409 -32.48 14.19 46.56
N SER YA 410 -31.44 14.94 46.93
CA SER YA 410 -30.52 14.55 47.98
C SER YA 410 -30.85 15.16 49.33
N GLY YA 411 -32.13 15.32 49.66
CA GLY YA 411 -32.51 15.98 50.88
C GLY YA 411 -32.53 17.48 50.80
N GLN YA 412 -31.95 18.06 49.75
CA GLN YA 412 -32.04 19.49 49.56
C GLN YA 412 -33.46 19.88 49.11
N MET YA 413 -33.68 21.18 48.98
CA MET YA 413 -35.01 21.77 49.14
C MET YA 413 -35.33 22.57 47.89
N ILE YA 414 -36.23 22.06 47.05
CA ILE YA 414 -36.44 22.60 45.71
C ILE YA 414 -37.66 23.51 45.69
N ILE YA 415 -37.55 24.63 44.99
CA ILE YA 415 -38.70 25.44 44.66
C ILE YA 415 -39.64 24.59 43.79
N ASP YA 416 -40.76 24.17 44.35
CA ASP YA 416 -41.72 23.35 43.59
C ASP YA 416 -42.81 24.21 42.97
N ASP YA 417 -42.44 25.28 42.28
CA ASP YA 417 -43.44 26.16 41.68
C ASP YA 417 -42.80 27.01 40.61
N ALA YA 418 -43.57 27.28 39.56
CA ALA YA 418 -43.17 28.17 38.49
C ALA YA 418 -44.35 29.04 38.07
N LEU YA 419 -45.09 29.55 39.06
CA LEU YA 419 -46.32 30.29 38.82
C LEU YA 419 -46.15 31.72 39.33
N THR YA 420 -46.53 32.68 38.51
CA THR YA 420 -46.45 34.09 38.87
C THR YA 420 -47.72 34.49 39.63
N CYS YA 421 -47.82 35.78 39.94
CA CYS YA 421 -48.97 36.33 40.64
C CYS YA 421 -50.09 36.74 39.70
N CYS YA 422 -50.11 36.20 38.48
CA CYS YA 422 -51.17 36.51 37.54
C CYS YA 422 -52.48 35.93 38.06
N THR YA 423 -53.44 36.79 38.34
CA THR YA 423 -54.71 36.35 38.93
C THR YA 423 -55.48 35.46 37.97
N GLN YA 424 -55.67 35.93 36.75
CA GLN YA 424 -56.45 35.17 35.78
C GLN YA 424 -55.72 33.90 35.35
N ASP YA 425 -56.47 32.82 35.21
CA ASP YA 425 -55.91 31.52 34.89
C ASP YA 425 -55.81 31.35 33.37
N ASN YA 426 -55.10 32.29 32.75
CA ASN YA 426 -54.83 32.23 31.33
C ASN YA 426 -53.38 31.80 31.11
N TYR YA 427 -53.09 31.40 29.87
CA TYR YA 427 -51.80 30.76 29.59
C TYR YA 427 -50.62 31.66 29.92
N LEU YA 428 -50.84 32.96 30.03
CA LEU YA 428 -49.75 33.85 30.42
C LEU YA 428 -49.51 33.89 31.93
N HIS YA 429 -50.32 33.17 32.70
CA HIS YA 429 -50.13 33.13 34.15
C HIS YA 429 -48.95 32.26 34.56
N PHE YA 430 -48.23 31.66 33.63
CA PHE YA 430 -47.04 30.88 33.93
C PHE YA 430 -45.85 31.81 34.09
N GLN YA 431 -44.65 31.25 34.11
CA GLN YA 431 -43.42 32.05 34.16
C GLN YA 431 -42.67 32.04 32.85
N HIS YA 432 -42.79 30.97 32.07
CA HIS YA 432 -42.10 30.88 30.80
C HIS YA 432 -42.76 31.76 29.74
N VAL YA 433 -44.09 31.88 29.78
CA VAL YA 433 -44.78 32.77 28.86
C VAL YA 433 -44.37 34.22 29.05
N PRO YA 434 -44.39 34.79 30.25
CA PRO YA 434 -43.85 36.15 30.41
C PRO YA 434 -42.40 36.23 30.03
N SER YA 435 -41.63 35.17 30.25
CA SER YA 435 -40.23 35.17 29.84
C SER YA 435 -40.12 35.38 28.33
N LEU YA 436 -40.91 34.63 27.56
CA LEU YA 436 -40.82 34.75 26.11
C LEU YA 436 -41.36 36.08 25.63
N MET YA 437 -42.43 36.57 26.24
CA MET YA 437 -42.92 37.88 25.83
C MET YA 437 -41.88 38.95 26.08
N ASN YA 438 -41.22 38.91 27.24
CA ASN YA 438 -40.18 39.89 27.50
C ASN YA 438 -39.02 39.76 26.52
N ALA YA 439 -38.58 38.53 26.27
CA ALA YA 439 -37.46 38.34 25.36
C ALA YA 439 -37.80 38.87 23.98
N ILE YA 440 -38.97 38.51 23.46
CA ILE YA 440 -39.35 38.97 22.14
C ILE YA 440 -39.50 40.47 22.12
N SER YA 441 -39.98 41.06 23.23
CA SER YA 441 -40.06 42.51 23.30
C SER YA 441 -38.68 43.12 23.13
N ARG YA 442 -37.69 42.65 23.89
CA ARG YA 442 -36.32 43.09 23.68
C ARG YA 442 -35.91 42.98 22.21
N PHE YA 443 -35.88 41.75 21.67
CA PHE YA 443 -35.34 41.58 20.32
C PHE YA 443 -36.03 42.48 19.32
N PHE YA 444 -37.35 42.61 19.43
CA PHE YA 444 -38.08 43.51 18.55
C PHE YA 444 -37.56 44.93 18.73
N VAL YA 445 -37.31 45.34 19.97
CA VAL YA 445 -36.84 46.69 20.22
C VAL YA 445 -35.50 46.93 19.54
N GLN YA 446 -34.53 46.04 19.74
CA GLN YA 446 -33.23 46.39 19.18
C GLN YA 446 -33.23 46.28 17.67
N LEU YA 447 -33.96 45.32 17.09
CA LEU YA 447 -34.01 45.27 15.63
C LEU YA 447 -34.67 46.52 15.06
N ALA YA 448 -35.77 46.96 15.69
CA ALA YA 448 -36.42 48.17 15.22
C ALA YA 448 -35.50 49.38 15.36
N ARG YA 449 -34.78 49.45 16.48
CA ARG YA 449 -33.93 50.62 16.71
C ARG YA 449 -32.75 50.65 15.76
N GLN YA 450 -32.19 49.49 15.42
CA GLN YA 450 -31.11 49.47 14.46
C GLN YA 450 -31.60 49.75 13.04
N MET YA 451 -32.82 49.37 12.71
CA MET YA 451 -33.35 49.72 11.40
C MET YA 451 -34.07 51.06 11.39
N LYS YA 452 -34.06 51.78 12.51
CA LYS YA 452 -34.76 53.05 12.60
C LYS YA 452 -34.17 54.08 11.65
N HIS YA 453 -35.04 54.94 11.12
CA HIS YA 453 -34.64 56.06 10.28
C HIS YA 453 -33.89 55.56 9.05
N SER YA 454 -34.60 54.80 8.23
CA SER YA 454 -34.05 54.21 7.03
C SER YA 454 -34.91 54.61 5.84
N PRO YA 455 -34.31 54.75 4.66
CA PRO YA 455 -35.11 55.04 3.47
C PRO YA 455 -36.12 53.92 3.21
N ASP YA 456 -37.28 54.31 2.71
CA ASP YA 456 -38.38 53.38 2.54
C ASP YA 456 -38.09 52.41 1.40
N GLY YA 457 -38.91 51.36 1.32
CA GLY YA 457 -38.77 50.34 0.31
C GLY YA 457 -37.99 49.11 0.75
N ILE YA 458 -37.28 49.20 1.87
CA ILE YA 458 -36.51 48.08 2.38
C ILE YA 458 -36.94 47.66 3.77
N THR YA 459 -37.65 48.53 4.50
CA THR YA 459 -37.98 48.24 5.89
C THR YA 459 -38.79 46.96 6.03
N ALA YA 460 -39.76 46.76 5.14
CA ALA YA 460 -40.56 45.54 5.19
C ALA YA 460 -39.68 44.31 5.01
N ALA YA 461 -38.76 44.35 4.05
CA ALA YA 461 -37.88 43.22 3.83
C ALA YA 461 -36.99 42.95 5.04
N GLY YA 462 -36.41 44.00 5.60
CA GLY YA 462 -35.59 43.84 6.78
C GLY YA 462 -36.38 43.23 7.92
N LEU YA 463 -37.62 43.68 8.09
CA LEU YA 463 -38.50 43.10 9.09
C LEU YA 463 -38.75 41.63 8.82
N THR YA 464 -38.98 41.27 7.55
CA THR YA 464 -39.26 39.88 7.22
C THR YA 464 -38.09 38.98 7.60
N LYS YA 465 -36.89 39.34 7.15
CA LYS YA 465 -35.73 38.51 7.51
C LYS YA 465 -35.43 38.57 9.00
N GLY YA 466 -35.67 39.69 9.67
CA GLY YA 466 -35.47 39.73 11.11
C GLY YA 466 -36.39 38.76 11.83
N MET YA 467 -37.67 38.73 11.43
CA MET YA 467 -38.60 37.76 11.98
C MET YA 467 -38.14 36.34 11.72
N THR YA 468 -37.74 36.06 10.49
CA THR YA 468 -37.33 34.69 10.16
C THR YA 468 -36.16 34.27 11.04
N LYS YA 469 -35.17 35.15 11.19
CA LYS YA 469 -33.98 34.80 11.94
C LYS YA 469 -34.28 34.67 13.43
N LEU YA 470 -35.16 35.51 13.95
CA LEU YA 470 -35.46 35.39 15.38
C LEU YA 470 -36.28 34.15 15.66
N LEU YA 471 -37.25 33.82 14.81
CA LEU YA 471 -37.88 32.51 14.89
C LEU YA 471 -36.87 31.39 14.77
N ASP YA 472 -35.82 31.60 13.99
CA ASP YA 472 -34.78 30.58 13.89
C ASP YA 472 -34.14 30.34 15.25
N ARG YA 473 -33.80 31.43 15.95
CA ARG YA 473 -33.28 31.28 17.31
C ARG YA 473 -34.28 30.58 18.22
N PHE YA 474 -35.56 30.95 18.15
CA PHE YA 474 -36.51 30.33 19.06
C PHE YA 474 -36.70 28.85 18.77
N VAL YA 475 -36.77 28.47 17.50
CA VAL YA 475 -36.93 27.05 17.18
C VAL YA 475 -35.67 26.28 17.51
N ALA YA 476 -34.51 26.91 17.39
CA ALA YA 476 -33.28 26.26 17.85
C ALA YA 476 -33.32 26.04 19.36
N SER YA 477 -33.80 27.03 20.10
CA SER YA 477 -33.93 26.91 21.54
C SER YA 477 -35.01 25.90 21.92
N GLY YA 478 -35.92 25.58 21.00
CA GLY YA 478 -37.01 24.68 21.27
C GLY YA 478 -38.18 25.30 21.99
N ALA YA 479 -38.13 26.61 22.25
CA ALA YA 479 -39.21 27.26 22.99
C ALA YA 479 -40.52 27.22 22.22
N LEU YA 480 -40.46 27.47 20.92
CA LEU YA 480 -41.65 27.51 20.08
C LEU YA 480 -41.70 26.28 19.19
N VAL YA 481 -42.89 25.69 19.08
CA VAL YA 481 -43.09 24.48 18.29
C VAL YA 481 -44.32 24.67 17.42
N ALA YA 482 -44.54 23.71 16.53
CA ALA YA 482 -45.72 23.73 15.68
C ALA YA 482 -46.98 23.52 16.52
N PRO YA 483 -48.11 24.08 16.09
CA PRO YA 483 -49.34 23.94 16.87
C PRO YA 483 -49.79 22.49 16.96
N ARG YA 484 -50.41 22.17 18.09
CA ARG YA 484 -50.91 20.81 18.31
C ARG YA 484 -52.22 20.54 17.61
N ASP YA 485 -52.85 21.55 17.00
CA ASP YA 485 -54.11 21.36 16.29
C ASP YA 485 -53.91 21.59 14.81
N PRO YA 486 -53.72 20.54 14.02
CA PRO YA 486 -53.45 20.74 12.59
C PRO YA 486 -54.69 21.04 11.78
N ASP YA 487 -55.81 20.42 12.14
CA ASP YA 487 -57.01 20.50 11.31
C ASP YA 487 -57.57 21.92 11.27
N ALA YA 488 -57.70 22.55 12.44
CA ALA YA 488 -58.27 23.88 12.52
C ALA YA 488 -57.24 24.97 12.75
N ASP YA 489 -56.23 24.70 13.58
CA ASP YA 489 -55.21 25.70 13.89
C ASP YA 489 -53.97 25.58 13.01
N GLY YA 490 -53.92 24.60 12.12
CA GLY YA 490 -52.80 24.47 11.20
C GLY YA 490 -51.57 23.90 11.87
N THR YA 491 -50.49 23.84 11.09
CA THR YA 491 -49.23 23.25 11.54
C THR YA 491 -48.08 24.25 11.54
N GLU YA 492 -48.37 25.53 11.33
CA GLU YA 492 -47.32 26.53 11.23
C GLU YA 492 -46.99 27.08 12.62
N PRO YA 493 -45.75 26.93 13.09
CA PRO YA 493 -45.44 27.43 14.44
C PRO YA 493 -45.52 28.93 14.57
N TYR YA 494 -45.52 29.68 13.47
CA TYR YA 494 -45.55 31.12 13.55
C TYR YA 494 -46.14 31.69 12.26
N VAL YA 495 -46.57 32.95 12.34
CA VAL YA 495 -47.14 33.66 11.21
C VAL YA 495 -46.87 35.14 11.40
N LEU YA 496 -46.78 35.86 10.28
CA LEU YA 496 -46.37 37.26 10.27
C LEU YA 496 -47.32 38.11 9.43
N LYS YA 497 -47.49 39.35 9.86
CA LYS YA 497 -48.22 40.37 9.10
C LYS YA 497 -47.40 41.65 9.15
N VAL YA 498 -47.09 42.22 8.00
CA VAL YA 498 -46.31 43.44 7.92
C VAL YA 498 -47.00 44.39 6.95
N THR YA 499 -47.17 45.65 7.37
CA THR YA 499 -47.70 46.66 6.47
C THR YA 499 -47.44 48.04 7.06
N GLN YA 500 -47.95 49.06 6.39
CA GLN YA 500 -47.69 50.44 6.75
C GLN YA 500 -48.96 51.25 6.52
N ALA YA 501 -49.09 52.36 7.24
CA ALA YA 501 -50.27 53.22 7.08
C ALA YA 501 -49.99 54.46 6.25
N GLU YA 502 -48.89 55.17 6.52
CA GLU YA 502 -48.57 56.42 5.82
C GLU YA 502 -47.06 56.48 5.69
N PHE YA 503 -46.53 57.68 5.38
CA PHE YA 503 -45.08 57.89 5.41
C PHE YA 503 -44.45 57.36 6.69
N ASP YA 504 -45.23 57.22 7.74
CA ASP YA 504 -44.79 56.67 9.00
C ASP YA 504 -45.72 55.52 9.39
N LYS YA 505 -45.57 55.05 10.62
CA LYS YA 505 -46.45 54.06 11.23
C LYS YA 505 -46.48 52.78 10.40
N TRP YA 506 -45.35 52.09 10.44
CA TRP YA 506 -45.27 50.69 10.02
C TRP YA 506 -45.78 49.81 11.14
N GLU YA 507 -46.40 48.70 10.80
CA GLU YA 507 -46.99 47.83 11.79
C GLU YA 507 -46.73 46.37 11.43
N VAL YA 508 -46.53 45.57 12.47
CA VAL YA 508 -46.21 44.16 12.35
C VAL YA 508 -47.01 43.43 13.42
N VAL YA 509 -47.61 42.31 13.04
CA VAL YA 509 -48.32 41.45 13.97
C VAL YA 509 -47.83 40.03 13.74
N TRP YA 510 -47.25 39.43 14.77
CA TRP YA 510 -46.70 38.09 14.67
C TRP YA 510 -47.32 37.19 15.72
N ALA YA 511 -47.59 35.95 15.31
CA ALA YA 511 -48.13 34.93 16.19
C ALA YA 511 -47.18 33.75 16.24
N CYS YA 512 -47.00 33.17 17.43
CA CYS YA 512 -46.13 32.03 17.62
C CYS YA 512 -46.76 31.06 18.60
N CYS YA 513 -46.40 29.79 18.47
CA CYS YA 513 -46.90 28.75 19.36
C CYS YA 513 -45.74 28.16 20.17
N PRO YA 514 -45.76 28.29 21.49
CA PRO YA 514 -44.64 27.77 22.29
C PRO YA 514 -44.76 26.28 22.57
N THR YA 515 -43.88 25.76 23.42
CA THR YA 515 -43.87 24.36 23.80
C THR YA 515 -44.29 24.20 25.26
N GLY YA 516 -44.27 22.95 25.74
CA GLY YA 516 -44.68 22.65 27.09
C GLY YA 516 -43.55 22.68 28.10
N VAL YA 517 -43.93 22.74 29.37
CA VAL YA 517 -42.98 22.82 30.47
C VAL YA 517 -43.17 21.71 31.51
N ALA YA 518 -44.37 21.15 31.63
CA ALA YA 518 -44.64 20.01 32.52
C ALA YA 518 -44.35 20.35 33.98
N ARG YA 519 -45.15 21.25 34.53
CA ARG YA 519 -45.06 21.58 35.95
C ARG YA 519 -46.07 20.84 36.82
N ARG YA 520 -46.96 20.02 36.23
CA ARG YA 520 -47.69 19.03 37.01
C ARG YA 520 -47.72 17.71 36.26
N ILE YA 521 -47.76 16.63 37.03
CA ILE YA 521 -47.66 15.27 36.50
C ILE YA 521 -48.72 14.41 37.19
N GLN YA 522 -49.18 13.39 36.46
CA GLN YA 522 -50.18 12.46 36.97
C GLN YA 522 -49.64 11.04 36.88
N GLY YA 523 -49.91 10.26 37.92
CA GLY YA 523 -49.49 8.86 37.94
C GLY YA 523 -50.44 7.99 38.74
N VAL YA 524 -50.70 6.77 38.25
CA VAL YA 524 -51.65 5.86 38.86
C VAL YA 524 -51.06 4.46 38.95
N PRO YA 525 -50.94 3.86 40.13
CA PRO YA 525 -50.39 2.51 40.25
C PRO YA 525 -51.47 1.43 40.18
N LEU YA 526 -51.05 0.26 39.72
CA LEU YA 526 -51.88 -0.94 39.80
C LEU YA 526 -50.97 -2.14 39.63
N LEU YA 527 -51.45 -3.30 40.04
CA LEU YA 527 -50.70 -4.53 39.89
C LEU YA 527 -51.56 -5.56 39.17
N ILE YA 528 -50.87 -6.49 38.50
CA ILE YA 528 -51.56 -7.61 37.84
C ILE YA 528 -51.74 -8.81 38.77
N LYS YA 529 -51.07 -8.81 39.92
CA LYS YA 529 -51.15 -9.86 40.95
C LYS YA 529 -51.14 -11.30 40.42
N SER ZA 2 -46.12 17.72 56.30
CA SER ZA 2 -45.03 18.20 55.46
C SER ZA 2 -45.27 17.88 54.00
N GLN ZA 3 -44.20 17.85 53.20
CA GLN ZA 3 -44.29 17.63 51.76
C GLN ZA 3 -44.15 16.17 51.37
N TYR ZA 4 -44.00 15.27 52.34
CA TYR ZA 4 -43.83 13.85 52.04
C TYR ZA 4 -45.15 13.10 51.87
N SER ZA 5 -46.17 13.47 52.65
CA SER ZA 5 -47.45 12.82 52.53
C SER ZA 5 -48.03 13.07 51.14
N ILE ZA 6 -48.55 12.01 50.53
CA ILE ZA 6 -49.10 12.06 49.18
C ILE ZA 6 -50.62 12.07 49.27
N GLN ZA 7 -51.25 12.93 48.51
CA GLN ZA 7 -52.71 13.02 48.50
C GLN ZA 7 -53.27 11.94 47.58
N GLN ZA 8 -54.57 12.01 47.31
CA GLN ZA 8 -55.23 10.98 46.53
C GLN ZA 8 -55.07 11.19 45.03
N SER ZA 9 -55.58 12.31 44.52
CA SER ZA 9 -55.59 12.58 43.10
C SER ZA 9 -55.06 13.98 42.84
N LEU ZA 10 -54.63 14.21 41.60
CA LEU ZA 10 -54.09 15.51 41.23
C LEU ZA 10 -55.21 16.55 41.23
N GLY ZA 11 -54.97 17.66 41.91
CA GLY ZA 11 -55.91 18.76 41.88
C GLY ZA 11 -55.40 19.89 41.02
N ASN ZA 12 -55.06 21.02 41.65
CA ASN ZA 12 -54.41 22.12 40.95
C ASN ZA 12 -52.99 22.36 41.42
N ALA ZA 13 -52.55 21.70 42.48
CA ALA ZA 13 -51.20 21.88 42.98
C ALA ZA 13 -50.21 21.10 42.14
N SER ZA 14 -48.98 21.63 42.07
CA SER ZA 14 -47.90 20.98 41.33
C SER ZA 14 -47.29 19.90 42.23
N GLY ZA 15 -47.58 18.65 41.90
CA GLY ZA 15 -47.09 17.55 42.71
C GLY ZA 15 -47.46 16.22 42.10
N VAL ZA 16 -47.31 15.17 42.90
CA VAL ZA 16 -47.64 13.81 42.48
C VAL ZA 16 -48.67 13.26 43.45
N ALA ZA 17 -49.78 12.77 42.91
CA ALA ZA 17 -50.78 12.04 43.68
C ALA ZA 17 -51.05 10.72 42.98
N VAL ZA 18 -51.05 9.65 43.73
CA VAL ZA 18 -51.24 8.33 43.16
C VAL ZA 18 -52.50 7.71 43.74
N SER ZA 19 -53.10 6.82 42.96
CA SER ZA 19 -54.27 6.08 43.38
C SER ZA 19 -53.85 4.89 44.24
N PRO ZA 20 -54.77 4.34 45.02
CA PRO ZA 20 -54.49 3.08 45.71
C PRO ZA 20 -54.20 1.98 44.72
N ILE ZA 21 -53.35 1.04 45.11
CA ILE ZA 21 -52.95 -0.04 44.23
C ILE ZA 21 -54.19 -0.82 43.80
N ASN ZA 22 -54.24 -1.20 42.53
CA ASN ZA 22 -55.40 -1.90 41.98
C ASN ZA 22 -54.96 -3.24 41.39
N ALA ZA 23 -55.64 -4.29 41.80
CA ALA ZA 23 -55.39 -5.65 41.32
C ALA ZA 23 -56.37 -6.08 40.23
N ASP ZA 24 -57.66 -5.85 40.43
CA ASP ZA 24 -58.67 -6.23 39.44
C ASP ZA 24 -58.78 -5.13 38.38
N ALA ZA 25 -57.72 -5.03 37.58
CA ALA ZA 25 -57.65 -4.08 36.48
C ALA ZA 25 -56.72 -4.64 35.43
N THR ZA 26 -57.25 -4.91 34.24
CA THR ZA 26 -56.50 -5.53 33.16
C THR ZA 26 -56.35 -4.54 32.02
N LEU ZA 27 -55.12 -4.40 31.53
CA LEU ZA 27 -54.84 -3.54 30.38
C LEU ZA 27 -53.80 -4.22 29.50
N SER ZA 28 -53.96 -4.08 28.20
CA SER ZA 28 -53.13 -4.75 27.21
C SER ZA 28 -52.50 -3.74 26.26
N THR ZA 29 -51.45 -4.18 25.56
CA THR ZA 29 -50.68 -3.34 24.67
C THR ZA 29 -51.05 -3.64 23.22
N GLY ZA 30 -51.26 -2.59 22.44
CA GLY ZA 30 -51.58 -2.77 21.04
C GLY ZA 30 -51.51 -1.49 20.22
N VAL ZA 31 -50.87 -1.55 19.06
CA VAL ZA 31 -50.78 -0.43 18.13
C VAL ZA 31 -51.35 -0.89 16.79
N ALA ZA 32 -52.43 -0.25 16.36
CA ALA ZA 32 -53.09 -0.64 15.13
C ALA ZA 32 -52.29 -0.17 13.91
N LEU ZA 33 -52.35 -0.96 12.84
CA LEU ZA 33 -51.70 -0.61 11.59
C LEU ZA 33 -52.67 -0.43 10.43
N ASN ZA 34 -53.97 -0.67 10.65
CA ASN ZA 34 -55.00 -0.43 9.64
C ASN ZA 34 -54.66 -1.28 8.42
N SER ZA 35 -54.79 -2.59 8.54
CA SER ZA 35 -54.65 -3.48 7.40
C SER ZA 35 -55.98 -3.88 6.79
N SER ZA 36 -57.02 -4.04 7.60
CA SER ZA 36 -58.33 -4.45 7.09
C SER ZA 36 -59.39 -3.77 7.97
N LEU ZA 37 -59.97 -2.69 7.47
CA LEU ZA 37 -61.02 -2.02 8.22
C LEU ZA 37 -62.24 -2.91 8.33
N TRP ZA 38 -62.82 -2.96 9.52
CA TRP ZA 38 -63.90 -3.89 9.78
C TRP ZA 38 -64.83 -3.30 10.84
N ALA ZA 39 -66.03 -3.87 10.91
CA ALA ZA 39 -67.01 -3.48 11.90
C ALA ZA 39 -67.86 -4.68 12.25
N GLY ZA 40 -68.82 -4.47 13.14
CA GLY ZA 40 -69.74 -5.53 13.48
C GLY ZA 40 -70.82 -5.03 14.41
N ILE ZA 41 -71.91 -5.81 14.47
CA ILE ZA 41 -73.06 -5.50 15.31
C ILE ZA 41 -72.91 -6.24 16.62
N GLY ZA 42 -72.89 -5.49 17.72
CA GLY ZA 42 -72.75 -6.08 19.03
C GLY ZA 42 -73.67 -5.41 20.04
N VAL ZA 43 -73.88 -6.12 21.15
CA VAL ZA 43 -74.68 -5.64 22.26
C VAL ZA 43 -73.78 -5.64 23.49
N PHE ZA 44 -73.49 -4.44 24.00
CA PHE ZA 44 -72.54 -4.31 25.10
C PHE ZA 44 -73.11 -3.50 26.24
N ALA ZA 45 -72.27 -3.20 27.22
CA ALA ZA 45 -72.59 -2.26 28.28
C ALA ZA 45 -71.86 -0.97 27.99
N ARG ZA 46 -72.53 0.16 28.23
CA ARG ZA 46 -71.97 1.49 28.01
C ARG ZA 46 -71.71 1.77 26.53
N GLY ZA 47 -71.65 3.04 26.16
CA GLY ZA 47 -71.47 3.42 24.79
C GLY ZA 47 -72.79 3.77 24.14
N LYS ZA 48 -72.73 4.60 23.11
CA LYS ZA 48 -73.93 5.02 22.41
C LYS ZA 48 -74.44 3.88 21.52
N PRO ZA 49 -75.67 3.40 21.74
CA PRO ZA 49 -76.18 2.32 20.89
C PRO ZA 49 -76.63 2.84 19.53
N PHE ZA 50 -76.77 1.89 18.60
CA PHE ZA 50 -77.25 2.18 17.25
C PHE ZA 50 -76.42 3.28 16.58
N THR ZA 51 -75.11 3.22 16.81
CA THR ZA 51 -74.19 4.19 16.27
C THR ZA 51 -72.84 3.51 16.07
N VAL ZA 52 -72.16 3.88 15.00
CA VAL ZA 52 -70.82 3.36 14.75
C VAL ZA 52 -69.83 4.06 15.67
N LEU ZA 53 -69.00 3.28 16.34
CA LEU ZA 53 -67.94 3.79 17.19
C LEU ZA 53 -66.64 3.13 16.77
N ALA ZA 54 -65.63 3.94 16.48
CA ALA ZA 54 -64.31 3.45 16.14
C ALA ZA 54 -63.60 3.07 17.42
N VAL ZA 55 -63.34 1.78 17.58
CA VAL ZA 55 -62.73 1.24 18.79
C VAL ZA 55 -61.30 0.81 18.45
N THR ZA 56 -60.36 1.32 19.22
CA THR ZA 56 -58.94 1.03 19.07
C THR ZA 56 -58.49 0.05 20.15
N GLU ZA 57 -57.19 -0.19 20.20
CA GLU ZA 57 -56.60 -1.07 21.19
C GLU ZA 57 -56.49 -0.43 22.57
N SER ZA 58 -57.12 0.73 22.76
CA SER ZA 58 -56.98 1.48 24.01
C SER ZA 58 -58.30 1.99 24.56
N ASN ZA 59 -59.42 1.70 23.91
CA ASN ZA 59 -60.72 2.19 24.36
C ASN ZA 59 -61.77 1.11 24.56
N TYR ZA 60 -61.56 -0.10 24.03
CA TYR ZA 60 -62.54 -1.15 24.21
C TYR ZA 60 -62.80 -1.46 25.67
N GLU ZA 61 -61.86 -1.10 26.54
CA GLU ZA 61 -62.04 -1.33 27.96
C GLU ZA 61 -63.20 -0.49 28.50
N ASP ZA 62 -63.29 0.78 28.09
CA ASP ZA 62 -64.26 1.69 28.71
C ASP ZA 62 -65.37 2.09 27.76
N VAL ZA 63 -65.05 2.60 26.57
CA VAL ZA 63 -66.12 3.03 25.67
C VAL ZA 63 -66.99 1.85 25.26
N LEU ZA 64 -66.38 0.68 25.07
CA LEU ZA 64 -67.16 -0.53 24.82
C LEU ZA 64 -67.74 -1.09 26.10
N GLY ZA 65 -67.23 -0.69 27.25
CA GLY ZA 65 -67.72 -1.17 28.52
C GLY ZA 65 -66.90 -2.34 29.05
N GLU ZA 66 -67.08 -2.61 30.33
CA GLU ZA 66 -66.37 -3.72 30.97
C GLU ZA 66 -66.93 -5.04 30.48
N PRO ZA 67 -66.08 -6.02 30.15
CA PRO ZA 67 -66.59 -7.30 29.66
C PRO ZA 67 -67.48 -7.99 30.68
N LEU ZA 68 -68.57 -8.57 30.20
CA LEU ZA 68 -69.53 -9.25 31.05
C LEU ZA 68 -69.10 -10.70 31.27
N LYS ZA 69 -69.93 -11.45 31.91
CA LYS ZA 69 -69.68 -12.85 32.18
C LYS ZA 69 -70.44 -13.74 31.20
N PRO ZA 70 -69.94 -14.94 30.93
CA PRO ZA 70 -70.65 -15.81 29.98
C PRO ZA 70 -72.06 -16.14 30.41
N SER ZA 71 -72.29 -16.33 31.71
CA SER ZA 71 -73.61 -16.71 32.18
C SER ZA 71 -74.61 -15.56 32.06
N SER ZA 72 -74.14 -14.34 31.88
CA SER ZA 72 -75.02 -13.18 31.69
C SER ZA 72 -75.54 -13.20 30.26
N GLY ZA 73 -76.54 -14.05 30.03
CA GLY ZA 73 -77.13 -14.15 28.72
C GLY ZA 73 -76.16 -14.69 27.70
N SER ZA 74 -76.34 -14.25 26.46
CA SER ZA 74 -75.53 -14.69 25.34
C SER ZA 74 -74.72 -13.54 24.76
N GLN ZA 75 -74.14 -12.73 25.64
CA GLN ZA 75 -73.47 -11.50 25.23
C GLN ZA 75 -71.97 -11.53 25.52
N PHE ZA 76 -71.44 -12.66 25.99
CA PHE ZA 76 -69.99 -12.81 26.11
C PHE ZA 76 -69.34 -13.14 24.78
N GLU ZA 77 -70.08 -13.78 23.86
CA GLU ZA 77 -69.55 -14.06 22.53
C GLU ZA 77 -69.02 -12.81 21.85
N PRO ZA 78 -69.77 -11.70 21.77
CA PRO ZA 78 -69.23 -10.55 21.05
C PRO ZA 78 -68.05 -9.91 21.74
N ILE ZA 79 -68.05 -9.84 23.07
CA ILE ZA 79 -66.92 -9.23 23.76
C ILE ZA 79 -65.67 -10.06 23.57
N ARG ZA 80 -65.79 -11.39 23.65
CA ARG ZA 80 -64.63 -12.22 23.37
C ARG ZA 80 -64.18 -12.06 21.93
N HIS ZA 81 -65.13 -12.04 20.99
CA HIS ZA 81 -64.79 -11.91 19.58
C HIS ZA 81 -63.98 -10.64 19.32
N VAL ZA 82 -64.48 -9.52 19.83
CA VAL ZA 82 -63.74 -8.27 19.64
C VAL ZA 82 -62.43 -8.33 20.41
N TYR ZA 83 -62.37 -9.11 21.50
CA TYR ZA 83 -61.11 -9.24 22.22
C TYR ZA 83 -60.03 -9.83 21.33
N GLU ZA 84 -60.35 -10.92 20.60
CA GLU ZA 84 -59.29 -11.41 19.72
C GLU ZA 84 -59.13 -10.51 18.49
N ALA ZA 85 -60.20 -9.82 18.08
CA ALA ZA 85 -60.11 -9.00 16.88
C ALA ZA 85 -59.19 -7.80 17.06
N ILE ZA 86 -59.16 -7.24 18.28
CA ILE ZA 86 -58.44 -5.99 18.48
C ILE ZA 86 -56.95 -6.14 18.28
N GLN ZA 87 -56.38 -7.33 18.47
CA GLN ZA 87 -54.94 -7.48 18.40
C GLN ZA 87 -54.41 -7.37 16.99
N GLN ZA 88 -55.24 -7.02 16.02
CA GLN ZA 88 -54.78 -6.80 14.66
C GLN ZA 88 -55.04 -5.38 14.18
N THR ZA 89 -56.27 -4.92 14.23
CA THR ZA 89 -56.59 -3.57 13.78
C THR ZA 89 -57.89 -3.14 14.42
N SER ZA 90 -58.15 -1.83 14.34
CA SER ZA 90 -59.30 -1.23 15.00
C SER ZA 90 -60.60 -1.65 14.31
N GLY ZA 91 -61.71 -1.34 14.98
CA GLY ZA 91 -63.01 -1.68 14.47
C GLY ZA 91 -63.94 -0.48 14.46
N TYR ZA 92 -65.10 -0.68 13.84
CA TYR ZA 92 -66.11 0.36 13.72
C TYR ZA 92 -67.43 -0.16 14.30
N VAL ZA 93 -67.37 -0.68 15.52
CA VAL ZA 93 -68.46 -1.49 16.03
C VAL ZA 93 -69.73 -0.66 16.23
N VAL ZA 94 -70.88 -1.29 16.05
CA VAL ZA 94 -72.17 -0.66 16.28
C VAL ZA 94 -72.86 -1.41 17.40
N ARG ZA 95 -73.21 -0.69 18.47
CA ARG ZA 95 -73.86 -1.28 19.62
C ARG ZA 95 -75.37 -1.13 19.49
N ALA ZA 96 -76.09 -2.16 19.95
CA ALA ZA 96 -77.53 -2.18 19.91
C ALA ZA 96 -78.08 -2.51 21.29
N VAL ZA 97 -79.18 -1.86 21.66
CA VAL ZA 97 -79.81 -2.10 22.94
C VAL ZA 97 -81.30 -2.35 22.71
N PRO ZA 98 -81.97 -3.10 23.58
CA PRO ZA 98 -83.41 -3.32 23.42
C PRO ZA 98 -84.18 -2.08 23.84
N ASP ZA 99 -85.50 -2.16 23.72
CA ASP ZA 99 -86.36 -1.08 24.14
C ASP ZA 99 -86.30 -0.83 25.64
N ASP ZA 100 -85.86 -1.82 26.42
CA ASP ZA 100 -85.78 -1.65 27.87
C ASP ZA 100 -84.71 -0.65 28.27
N ALA ZA 101 -83.75 -0.36 27.40
CA ALA ZA 101 -82.68 0.56 27.74
C ALA ZA 101 -83.21 1.98 27.81
N LYS ZA 102 -82.95 2.64 28.94
CA LYS ZA 102 -83.33 4.02 29.17
C LYS ZA 102 -82.15 4.73 29.82
N PHE ZA 103 -81.87 5.88 29.38
CA PHE ZA 103 -80.81 6.69 29.97
C PHE ZA 103 -81.40 7.62 31.03
N PRO ZA 104 -80.62 7.94 32.05
CA PRO ZA 104 -81.09 8.83 33.11
C PRO ZA 104 -80.84 10.30 32.80
N ILE ZA 105 -81.72 11.13 33.35
CA ILE ZA 105 -81.69 12.58 33.14
C ILE ZA 105 -81.89 13.24 34.50
N ILE ZA 106 -81.15 14.31 34.76
CA ILE ZA 106 -81.33 15.12 35.95
C ILE ZA 106 -81.72 16.52 35.50
N MET ZA 107 -82.89 16.98 35.94
CA MET ZA 107 -83.42 18.28 35.58
C MET ZA 107 -83.20 19.26 36.72
N PHE ZA 108 -82.61 20.40 36.42
CA PHE ZA 108 -82.42 21.47 37.39
C PHE ZA 108 -83.40 22.58 37.08
N ASP ZA 109 -84.14 23.00 38.11
CA ASP ZA 109 -85.17 24.01 37.94
C ASP ZA 109 -84.54 25.39 37.91
N GLU ZA 110 -85.38 26.42 38.02
CA GLU ZA 110 -84.89 27.79 37.96
C GLU ZA 110 -83.91 28.07 39.10
N SER ZA 111 -84.21 27.58 40.29
CA SER ZA 111 -83.35 27.75 41.45
C SER ZA 111 -82.30 26.66 41.57
N GLY ZA 112 -82.20 25.77 40.58
CA GLY ZA 112 -81.29 24.66 40.66
C GLY ZA 112 -81.85 23.43 41.36
N GLU ZA 113 -83.17 23.36 41.51
CA GLU ZA 113 -83.76 22.22 42.19
C GLU ZA 113 -83.59 20.96 41.35
N PRO ZA 114 -83.00 19.90 41.89
CA PRO ZA 114 -82.74 18.70 41.08
C PRO ZA 114 -83.88 17.69 41.14
N ALA ZA 115 -84.16 17.10 39.98
CA ALA ZA 115 -85.12 16.02 39.85
C ALA ZA 115 -84.54 14.97 38.93
N TYR ZA 116 -85.00 13.73 39.07
CA TYR ZA 116 -84.46 12.61 38.32
C TYR ZA 116 -85.55 12.02 37.42
N SER ZA 117 -85.13 11.51 36.27
CA SER ZA 117 -86.04 10.85 35.35
C SER ZA 117 -85.25 9.90 34.47
N ALA ZA 118 -85.97 9.10 33.70
CA ALA ZA 118 -85.35 8.17 32.77
C ALA ZA 118 -86.14 8.14 31.48
N LEU ZA 119 -85.43 8.13 30.35
CA LEU ZA 119 -86.10 8.12 29.06
C LEU ZA 119 -85.50 7.08 28.14
N PRO ZA 120 -86.30 6.42 27.32
CA PRO ZA 120 -85.75 5.41 26.41
C PRO ZA 120 -84.86 6.06 25.37
N TYR ZA 121 -83.85 5.29 24.95
CA TYR ZA 121 -82.93 5.78 23.93
C TYR ZA 121 -83.67 6.01 22.61
N GLY ZA 122 -83.27 7.06 21.91
CA GLY ZA 122 -83.95 7.48 20.71
C GLY ZA 122 -85.10 8.43 20.97
N SER ZA 123 -85.74 8.32 22.13
CA SER ZA 123 -86.79 9.26 22.51
C SER ZA 123 -86.20 10.64 22.76
N GLU ZA 124 -86.92 11.67 22.35
CA GLU ZA 124 -86.44 13.04 22.49
C GLU ZA 124 -86.62 13.52 23.93
N ILE ZA 125 -86.09 14.70 24.19
CA ILE ZA 125 -86.12 15.31 25.52
C ILE ZA 125 -86.86 16.63 25.42
N GLU ZA 126 -87.86 16.82 26.29
CA GLU ZA 126 -88.64 18.03 26.33
C GLU ZA 126 -88.75 18.51 27.78
N LEU ZA 127 -88.82 19.83 27.94
CA LEU ZA 127 -88.90 20.44 29.25
C LEU ZA 127 -90.23 21.18 29.40
N ASP ZA 128 -90.86 21.02 30.54
CA ASP ZA 128 -92.13 21.68 30.83
C ASP ZA 128 -91.86 23.13 31.23
N SER ZA 129 -92.89 23.78 31.79
CA SER ZA 129 -92.72 25.17 32.23
C SER ZA 129 -91.64 25.27 33.30
N GLY ZA 130 -91.61 24.33 34.24
CA GLY ZA 130 -90.57 24.27 35.24
C GLY ZA 130 -89.34 23.53 34.72
N GLU ZA 131 -88.45 23.20 35.65
CA GLU ZA 131 -87.24 22.44 35.35
C GLU ZA 131 -86.41 23.15 34.27
N ALA ZA 132 -85.91 24.33 34.66
CA ALA ZA 132 -85.26 25.27 33.74
C ALA ZA 132 -84.42 24.60 32.68
N PHE ZA 133 -83.61 23.63 33.06
CA PHE ZA 133 -82.82 22.88 32.08
C PHE ZA 133 -82.64 21.46 32.59
N ALA ZA 134 -81.95 20.64 31.79
CA ALA ZA 134 -81.71 19.25 32.15
C ALA ZA 134 -80.36 18.82 31.59
N ILE ZA 135 -79.80 17.78 32.22
CA ILE ZA 135 -78.55 17.18 31.78
C ILE ZA 135 -78.69 15.67 31.82
N TYR ZA 136 -78.21 14.99 30.78
CA TYR ZA 136 -78.33 13.56 30.67
C TYR ZA 136 -76.99 12.96 30.25
N VAL ZA 137 -76.70 11.79 30.78
CA VAL ZA 137 -75.47 11.07 30.44
C VAL ZA 137 -75.73 10.24 29.21
N ASP ZA 138 -74.72 10.15 28.34
CA ASP ZA 138 -74.84 9.42 27.09
C ASP ZA 138 -73.80 8.32 26.95
N ASP ZA 139 -73.01 8.07 27.98
CA ASP ZA 139 -71.97 7.05 27.90
C ASP ZA 139 -72.52 5.63 27.94
N GLY ZA 140 -73.81 5.46 28.23
CA GLY ZA 140 -74.41 4.15 28.33
C GLY ZA 140 -74.31 3.49 29.68
N ASP ZA 141 -73.61 4.11 30.62
CA ASP ZA 141 -73.50 3.52 31.96
C ASP ZA 141 -74.80 3.73 32.73
N PRO ZA 142 -75.37 2.68 33.32
CA PRO ZA 142 -76.58 2.86 34.13
C PRO ZA 142 -76.37 3.70 35.38
N CYS ZA 143 -75.12 4.05 35.70
CA CYS ZA 143 -74.78 4.85 36.88
C CYS ZA 143 -75.17 4.16 38.18
N ILE ZA 144 -75.38 2.85 38.13
CA ILE ZA 144 -75.71 2.08 39.32
C ILE ZA 144 -74.78 0.91 39.56
N SER ZA 145 -74.10 0.40 38.54
CA SER ZA 145 -73.16 -0.71 38.69
C SER ZA 145 -72.11 -0.60 37.59
N PRO ZA 146 -71.08 0.22 37.79
CA PRO ZA 146 -70.80 1.02 38.98
C PRO ZA 146 -71.58 2.33 39.02
N THR ZA 147 -71.20 3.24 39.92
CA THR ZA 147 -71.91 4.49 40.13
C THR ZA 147 -71.00 5.68 39.86
N ARG ZA 148 -71.62 6.79 39.44
CA ARG ZA 148 -70.91 8.03 39.17
C ARG ZA 148 -71.71 9.19 39.75
N GLU ZA 149 -71.01 10.20 40.23
CA GLU ZA 149 -71.62 11.32 40.92
C GLU ZA 149 -71.11 12.63 40.33
N LEU ZA 150 -71.88 13.69 40.55
CA LEU ZA 150 -71.54 15.01 40.04
C LEU ZA 150 -71.55 16.00 41.19
N THR ZA 151 -70.73 17.03 41.06
CA THR ZA 151 -70.60 18.06 42.09
C THR ZA 151 -70.62 19.43 41.42
N ILE ZA 152 -71.36 20.36 41.99
CA ILE ZA 152 -71.50 21.70 41.44
C ILE ZA 152 -71.04 22.71 42.48
N GLU ZA 153 -70.11 23.57 42.09
CA GLU ZA 153 -69.67 24.65 42.95
C GLU ZA 153 -69.59 25.92 42.10
N THR ZA 154 -69.25 27.03 42.74
CA THR ZA 154 -69.13 28.31 42.07
C THR ZA 154 -67.66 28.70 41.96
N ALA ZA 155 -67.38 29.75 41.19
CA ALA ZA 155 -66.03 30.25 41.05
C ALA ZA 155 -66.08 31.74 40.75
N THR ZA 156 -64.94 32.30 40.37
CA THR ZA 156 -64.88 33.72 40.04
C THR ZA 156 -65.62 33.99 38.73
N ALA ZA 157 -65.94 35.26 38.51
CA ALA ZA 157 -66.68 35.67 37.33
C ALA ZA 157 -65.72 36.00 36.19
N ASP ZA 158 -66.29 36.37 35.06
CA ASP ZA 158 -65.53 36.72 33.87
C ASP ZA 158 -65.33 38.24 33.81
N SER ZA 159 -64.80 38.72 32.68
CA SER ZA 159 -64.63 40.15 32.50
C SER ZA 159 -65.97 40.87 32.45
N ALA ZA 160 -66.96 40.25 31.82
CA ALA ZA 160 -68.30 40.83 31.75
C ALA ZA 160 -69.09 40.65 33.03
N GLY ZA 161 -68.52 40.00 34.04
CA GLY ZA 161 -69.22 39.78 35.28
C GLY ZA 161 -70.19 38.61 35.27
N ASN ZA 162 -70.15 37.78 34.24
CA ASN ZA 162 -71.06 36.64 34.17
C ASN ZA 162 -70.68 35.59 35.19
N GLU ZA 163 -71.70 35.03 35.85
CA GLU ZA 163 -71.47 34.03 36.87
C GLU ZA 163 -70.87 32.77 36.26
N ARG ZA 164 -69.91 32.18 36.97
CA ARG ZA 164 -69.23 30.98 36.51
C ARG ZA 164 -69.29 29.91 37.58
N PHE ZA 165 -69.68 28.70 37.20
CA PHE ZA 165 -69.81 27.59 38.11
C PHE ZA 165 -69.09 26.38 37.54
N LEU ZA 166 -68.50 25.60 38.43
CA LEU ZA 166 -67.72 24.44 38.06
C LEU ZA 166 -68.50 23.17 38.33
N LEU ZA 167 -68.40 22.22 37.40
CA LEU ZA 167 -68.97 20.90 37.52
C LEU ZA 167 -67.85 19.88 37.54
N LYS ZA 168 -67.89 18.98 38.51
CA LYS ZA 168 -66.90 17.91 38.65
C LYS ZA 168 -67.61 16.57 38.56
N LEU ZA 169 -66.99 15.64 37.84
CA LEU ZA 169 -67.50 14.28 37.71
C LEU ZA 169 -66.61 13.32 38.49
N THR ZA 170 -67.23 12.33 39.12
CA THR ZA 170 -66.48 11.29 39.80
C THR ZA 170 -67.17 9.95 39.56
N GLN ZA 171 -66.41 8.88 39.76
CA GLN ZA 171 -66.91 7.52 39.68
C GLN ZA 171 -66.68 6.82 41.02
N THR ZA 172 -67.66 6.02 41.42
CA THR ZA 172 -67.59 5.25 42.66
C THR ZA 172 -67.86 3.79 42.36
N THR ZA 173 -67.02 2.91 42.90
CA THR ZA 173 -67.13 1.49 42.67
C THR ZA 173 -68.06 0.85 43.71
N SER ZA 174 -68.17 -0.48 43.67
CA SER ZA 174 -69.00 -1.18 44.64
C SER ZA 174 -68.46 -1.02 46.05
N LEU ZA 175 -67.14 -1.06 46.20
CA LEU ZA 175 -66.53 -0.87 47.51
C LEU ZA 175 -66.83 0.52 48.04
N GLY ZA 176 -66.77 1.53 47.18
CA GLY ZA 176 -67.06 2.88 47.59
C GLY ZA 176 -65.91 3.84 47.34
N VAL ZA 177 -64.89 3.38 46.63
CA VAL ZA 177 -63.75 4.23 46.31
C VAL ZA 177 -64.20 5.32 45.37
N VAL ZA 178 -63.99 6.57 45.75
CA VAL ZA 178 -64.43 7.73 44.99
C VAL ZA 178 -63.22 8.28 44.24
N THR ZA 179 -63.31 8.31 42.91
CA THR ZA 179 -62.21 8.78 42.08
C THR ZA 179 -62.76 9.83 41.13
N THR ZA 180 -62.17 11.02 41.15
CA THR ZA 180 -62.60 12.07 40.24
C THR ZA 180 -62.15 11.74 38.82
N LEU ZA 181 -62.85 12.33 37.85
CA LEU ZA 181 -62.55 12.13 36.44
C LEU ZA 181 -62.16 13.43 35.75
N GLU ZA 182 -62.99 14.46 35.87
CA GLU ZA 182 -62.72 15.74 35.22
C GLU ZA 182 -63.52 16.81 35.94
N THR ZA 183 -63.17 18.06 35.64
CA THR ZA 183 -63.89 19.21 36.15
C THR ZA 183 -63.84 20.30 35.08
N HIS ZA 184 -64.93 21.06 34.98
CA HIS ZA 184 -65.01 22.12 33.98
C HIS ZA 184 -65.85 23.27 34.53
N THR ZA 185 -65.32 24.48 34.42
CA THR ZA 185 -66.09 25.67 34.74
C THR ZA 185 -66.84 26.14 33.51
N VAL ZA 186 -67.99 26.75 33.73
CA VAL ZA 186 -68.84 27.21 32.65
C VAL ZA 186 -69.74 28.32 33.18
N SER ZA 187 -70.08 29.24 32.30
CA SER ZA 187 -70.92 30.38 32.65
C SER ZA 187 -72.27 30.26 31.97
N LEU ZA 188 -73.32 30.57 32.73
CA LEU ZA 188 -74.68 30.47 32.22
C LEU ZA 188 -75.00 31.53 31.18
N ALA ZA 189 -74.11 32.49 30.96
CA ALA ZA 189 -74.41 33.61 30.07
C ALA ZA 189 -74.68 33.13 28.65
N GLU ZA 190 -75.63 33.80 27.99
CA GLU ZA 190 -75.93 33.51 26.60
C GLU ZA 190 -74.74 33.79 25.69
N GLU ZA 191 -73.84 34.68 26.10
CA GLU ZA 191 -72.67 35.00 25.30
C GLU ZA 191 -71.43 34.81 26.16
N ALA ZA 192 -71.35 33.67 26.82
CA ALA ZA 192 -70.26 33.41 27.76
C ALA ZA 192 -69.01 32.97 27.00
N LYS ZA 193 -67.87 33.57 27.35
CA LYS ZA 193 -66.60 33.29 26.69
C LYS ZA 193 -65.53 33.04 27.73
N ASP ZA 194 -64.56 32.21 27.37
CA ASP ZA 194 -63.45 31.92 28.28
C ASP ZA 194 -62.33 32.93 28.13
N ASP ZA 195 -61.47 32.98 29.14
CA ASP ZA 195 -60.32 33.88 29.10
C ASP ZA 195 -59.34 33.51 28.00
N MET ZA 196 -59.33 32.26 27.56
CA MET ZA 196 -58.64 31.88 26.33
C MET ZA 196 -59.55 31.99 25.12
N GLY ZA 197 -60.72 32.60 25.26
CA GLY ZA 197 -61.65 32.73 24.16
C GLY ZA 197 -62.53 31.53 23.93
N ARG ZA 198 -62.39 30.48 24.73
CA ARG ZA 198 -63.22 29.30 24.54
C ARG ZA 198 -64.68 29.61 24.85
N LEU ZA 199 -65.57 28.92 24.16
CA LEU ZA 199 -66.99 29.15 24.33
C LEU ZA 199 -67.44 28.60 25.69
N CYS ZA 200 -67.98 29.47 26.53
CA CYS ZA 200 -68.49 29.07 27.83
C CYS ZA 200 -70.00 28.93 27.84
N TYR ZA 201 -70.63 28.86 26.67
CA TYR ZA 201 -72.06 28.62 26.60
C TYR ZA 201 -72.38 27.20 27.03
N LEU ZA 202 -73.38 27.06 27.90
CA LEU ZA 202 -73.57 25.87 28.73
C LEU ZA 202 -73.63 24.59 27.91
N PRO ZA 203 -74.64 24.34 27.07
CA PRO ZA 203 -74.63 23.09 26.29
C PRO ZA 203 -73.47 23.04 25.32
N THR ZA 204 -73.11 24.18 24.73
CA THR ZA 204 -71.99 24.21 23.79
C THR ZA 204 -70.69 23.85 24.48
N ALA ZA 205 -70.42 24.48 25.63
CA ALA ZA 205 -69.22 24.14 26.37
C ALA ZA 205 -69.25 22.69 26.84
N LEU ZA 206 -70.43 22.20 27.23
CA LEU ZA 206 -70.54 20.83 27.70
C LEU ZA 206 -70.20 19.84 26.60
N GLU ZA 207 -70.74 20.06 25.40
CA GLU ZA 207 -70.42 19.15 24.30
C GLU ZA 207 -68.98 19.33 23.84
N ALA ZA 208 -68.42 20.53 23.99
CA ALA ZA 208 -67.05 20.76 23.56
C ALA ZA 208 -66.06 20.06 24.47
N ARG ZA 209 -66.28 20.11 25.78
CA ARG ZA 209 -65.35 19.49 26.72
C ARG ZA 209 -65.74 18.05 27.05
N SER ZA 210 -66.91 17.87 27.66
CA SER ZA 210 -67.31 16.57 28.15
C SER ZA 210 -67.77 15.67 27.01
N LYS ZA 211 -67.31 14.42 27.05
CA LYS ZA 211 -67.74 13.41 26.10
C LYS ZA 211 -68.75 12.45 26.72
N TYR ZA 212 -69.37 12.86 27.82
CA TYR ZA 212 -70.17 11.94 28.62
C TYR ZA 212 -71.54 12.52 28.94
N LEU ZA 213 -71.63 13.84 29.00
CA LEU ZA 213 -72.84 14.52 29.42
C LEU ZA 213 -73.27 15.50 28.35
N ARG ZA 214 -74.57 15.49 28.04
CA ARG ZA 214 -75.17 16.49 27.18
C ARG ZA 214 -76.26 17.20 27.98
N ALA ZA 215 -76.63 18.39 27.53
CA ALA ZA 215 -77.60 19.18 28.27
C ALA ZA 215 -78.60 19.82 27.31
N VAL ZA 216 -79.77 20.11 27.83
CA VAL ZA 216 -80.82 20.85 27.12
C VAL ZA 216 -81.22 22.03 28.00
N VAL ZA 217 -81.30 23.21 27.40
CA VAL ZA 217 -81.55 24.44 28.12
C VAL ZA 217 -82.72 25.15 27.47
N ASN ZA 218 -83.71 25.53 28.28
CA ASN ZA 218 -84.82 26.33 27.78
C ASN ZA 218 -84.34 27.74 27.48
N GLU ZA 219 -84.65 28.22 26.26
CA GLU ZA 219 -84.26 29.56 25.88
C GLU ZA 219 -85.02 30.62 26.67
N GLU ZA 220 -86.23 30.30 27.13
CA GLU ZA 220 -87.04 31.23 27.88
C GLU ZA 220 -86.75 31.20 29.38
N LEU ZA 221 -85.97 30.22 29.84
CA LEU ZA 221 -85.62 30.11 31.24
C LEU ZA 221 -84.13 30.26 31.50
N ILE ZA 222 -83.30 30.29 30.47
CA ILE ZA 222 -81.87 30.47 30.66
C ILE ZA 222 -81.58 31.82 31.30
N SER ZA 223 -82.33 32.85 30.92
CA SER ZA 223 -82.11 34.18 31.49
C SER ZA 223 -82.38 34.20 32.98
N THR ZA 224 -83.43 33.52 33.42
CA THR ZA 224 -83.82 33.52 34.83
C THR ZA 224 -83.22 32.35 35.60
N ALA ZA 225 -82.46 31.48 34.94
CA ALA ZA 225 -81.91 30.31 35.62
C ALA ZA 225 -80.89 30.74 36.68
N LYS ZA 226 -81.02 30.16 37.87
CA LYS ZA 226 -80.10 30.43 38.96
C LYS ZA 226 -79.26 29.19 39.24
N VAL ZA 227 -78.18 29.40 39.98
CA VAL ZA 227 -77.24 28.33 40.28
C VAL ZA 227 -77.19 28.13 41.78
N THR ZA 228 -76.61 27.00 42.19
CA THR ZA 228 -76.50 26.64 43.59
C THR ZA 228 -75.35 25.67 43.76
N ASN ZA 229 -74.90 25.52 45.00
CA ASN ZA 229 -73.84 24.59 45.33
C ASN ZA 229 -74.45 23.25 45.71
N LYS ZA 230 -74.17 22.23 44.90
CA LYS ZA 230 -74.72 20.91 45.10
C LYS ZA 230 -73.58 19.89 45.12
N LYS ZA 231 -73.80 18.82 45.86
CA LYS ZA 231 -72.79 17.79 46.06
C LYS ZA 231 -73.41 16.42 45.83
N SER ZA 232 -72.60 15.51 45.27
CA SER ZA 232 -73.00 14.12 45.08
C SER ZA 232 -74.26 14.01 44.22
N LEU ZA 233 -74.13 14.45 42.98
CA LEU ZA 233 -75.23 14.42 42.03
C LEU ZA 233 -75.06 13.18 41.16
N ALA ZA 234 -75.85 12.14 41.46
CA ALA ZA 234 -75.74 10.86 40.79
C ALA ZA 234 -77.02 10.59 40.00
N PHE ZA 235 -76.85 10.16 38.75
CA PHE ZA 235 -78.00 9.78 37.94
C PHE ZA 235 -78.68 8.53 38.50
N THR ZA 236 -80.00 8.54 38.47
CA THR ZA 236 -80.82 7.44 38.97
C THR ZA 236 -81.91 7.11 37.97
N GLY ZA 237 -82.30 5.84 37.93
CA GLY ZA 237 -83.37 5.39 37.08
C GLY ZA 237 -82.97 4.93 35.69
N GLY ZA 238 -81.71 5.13 35.30
CA GLY ZA 238 -81.24 4.75 33.99
C GLY ZA 238 -80.53 3.40 34.01
N THR ZA 239 -80.85 2.56 33.02
CA THR ZA 239 -80.21 1.26 32.88
C THR ZA 239 -80.52 0.72 31.49
N ASN ZA 240 -79.66 -0.18 31.02
CA ASN ZA 240 -79.84 -0.78 29.71
C ASN ZA 240 -80.96 -1.82 29.67
N GLY ZA 241 -81.46 -2.26 30.83
CA GLY ZA 241 -82.45 -3.32 30.84
C GLY ZA 241 -81.84 -4.68 30.58
N ASP ZA 242 -82.65 -5.56 30.00
CA ASP ZA 242 -82.23 -6.94 29.72
C ASP ZA 242 -81.58 -6.98 28.34
N GLN ZA 243 -80.26 -7.19 28.32
CA GLN ZA 243 -79.53 -7.29 27.07
C GLN ZA 243 -79.63 -8.67 26.43
N SER ZA 244 -80.12 -9.66 27.16
CA SER ZA 244 -80.29 -10.99 26.58
C SER ZA 244 -81.29 -10.96 25.43
N LYS ZA 245 -82.40 -10.27 25.62
CA LYS ZA 245 -83.43 -10.19 24.59
C LYS ZA 245 -82.97 -9.22 23.51
N ILE ZA 246 -82.81 -9.73 22.29
CA ILE ZA 246 -82.31 -8.96 21.16
C ILE ZA 246 -83.33 -9.03 20.04
N SER ZA 247 -83.63 -7.90 19.42
CA SER ZA 247 -84.71 -7.79 18.46
C SER ZA 247 -84.18 -7.70 17.04
N THR ZA 248 -84.90 -8.34 16.12
CA THR ZA 248 -84.57 -8.23 14.71
C THR ZA 248 -84.68 -6.78 14.23
N ALA ZA 249 -85.56 -6.00 14.86
CA ALA ZA 249 -85.64 -4.58 14.52
C ALA ZA 249 -84.35 -3.86 14.86
N ALA ZA 250 -83.79 -4.14 16.05
CA ALA ZA 250 -82.49 -3.57 16.40
C ALA ZA 250 -81.42 -4.06 15.43
N TYR ZA 251 -81.49 -5.35 15.06
CA TYR ZA 251 -80.52 -5.90 14.12
C TYR ZA 251 -80.56 -5.14 12.79
N LEU ZA 252 -81.75 -4.95 12.22
CA LEU ZA 252 -81.85 -4.28 10.94
C LEU ZA 252 -81.49 -2.81 11.04
N ARG ZA 253 -81.84 -2.16 12.16
CA ARG ZA 253 -81.43 -0.78 12.34
C ARG ZA 253 -79.92 -0.65 12.37
N ALA ZA 254 -79.26 -1.58 13.07
CA ALA ZA 254 -77.80 -1.57 13.11
C ALA ZA 254 -77.22 -1.85 11.73
N VAL ZA 255 -77.85 -2.74 10.97
CA VAL ZA 255 -77.40 -3.01 9.61
C VAL ZA 255 -77.51 -1.73 8.76
N LYS ZA 256 -78.61 -1.01 8.92
CA LYS ZA 256 -78.79 0.25 8.22
C LYS ZA 256 -77.70 1.24 8.61
N VAL ZA 257 -77.36 1.28 9.90
CA VAL ZA 257 -76.29 2.15 10.35
C VAL ZA 257 -74.98 1.76 9.71
N LEU ZA 258 -74.71 0.45 9.63
CA LEU ZA 258 -73.49 -0.03 8.98
C LEU ZA 258 -73.44 0.40 7.54
N ASN ZA 259 -74.55 0.25 6.82
CA ASN ZA 259 -74.61 0.67 5.43
C ASN ZA 259 -74.33 2.16 5.31
N ASN ZA 260 -75.02 2.97 6.11
CA ASN ZA 260 -74.92 4.41 5.99
C ASN ZA 260 -73.63 4.97 6.56
N ALA ZA 261 -72.82 4.13 7.19
CA ALA ZA 261 -71.55 4.59 7.75
C ALA ZA 261 -70.65 5.07 6.61
N PRO ZA 262 -70.20 6.33 6.64
CA PRO ZA 262 -69.34 6.86 5.58
C PRO ZA 262 -67.86 6.60 5.82
N TYR ZA 263 -67.53 5.35 6.15
CA TYR ZA 263 -66.15 4.94 6.37
C TYR ZA 263 -65.90 3.65 5.62
N MET ZA 264 -64.65 3.45 5.22
CA MET ZA 264 -64.28 2.24 4.51
C MET ZA 264 -64.21 1.06 5.47
N TYR ZA 265 -64.71 -0.08 5.02
CA TYR ZA 265 -64.60 -1.32 5.79
C TYR ZA 265 -64.72 -2.47 4.81
N THR ZA 266 -63.70 -3.31 4.76
CA THR ZA 266 -63.62 -4.38 3.77
C THR ZA 266 -64.07 -5.73 4.31
N ALA ZA 267 -64.35 -5.83 5.61
CA ALA ZA 267 -64.68 -7.10 6.22
C ALA ZA 267 -65.74 -6.89 7.27
N VAL ZA 268 -66.66 -7.86 7.37
CA VAL ZA 268 -67.71 -7.82 8.39
C VAL ZA 268 -67.75 -9.18 9.09
N LEU ZA 269 -68.27 -9.16 10.32
CA LEU ZA 269 -68.23 -10.32 11.20
C LEU ZA 269 -69.65 -10.70 11.62
N GLY ZA 270 -69.86 -12.00 11.87
CA GLY ZA 270 -71.06 -12.40 12.58
C GLY ZA 270 -71.05 -11.90 14.01
N LEU ZA 271 -69.92 -12.09 14.70
CA LEU ZA 271 -69.65 -11.49 16.00
C LEU ZA 271 -70.76 -11.88 16.99
N GLY ZA 272 -71.02 -13.19 17.04
CA GLY ZA 272 -71.99 -13.75 17.96
C GLY ZA 272 -73.44 -13.56 17.57
N CYS ZA 273 -73.73 -13.13 16.36
CA CYS ZA 273 -75.11 -12.96 15.89
C CYS ZA 273 -75.53 -14.20 15.11
N TYR ZA 274 -76.69 -14.75 15.46
CA TYR ZA 274 -77.20 -15.94 14.80
C TYR ZA 274 -78.61 -15.77 14.24
N ASP ZA 275 -79.20 -14.58 14.33
CA ASP ZA 275 -80.53 -14.39 13.78
C ASP ZA 275 -80.51 -14.57 12.27
N ASN ZA 276 -81.41 -15.40 11.75
CA ASN ZA 276 -81.38 -15.72 10.33
C ASN ZA 276 -81.64 -14.49 9.49
N ALA ZA 277 -82.60 -13.65 9.89
CA ALA ZA 277 -82.89 -12.44 9.12
C ALA ZA 277 -81.69 -11.51 9.09
N ALA ZA 278 -81.02 -11.35 10.24
CA ALA ZA 278 -79.83 -10.51 10.28
C ALA ZA 278 -78.71 -11.09 9.41
N ILE ZA 279 -78.55 -12.42 9.44
CA ILE ZA 279 -77.53 -13.05 8.62
C ILE ZA 279 -77.81 -12.80 7.15
N THR ZA 280 -79.07 -12.96 6.74
CA THR ZA 280 -79.44 -12.69 5.36
C THR ZA 280 -79.23 -11.23 5.00
N ALA ZA 281 -79.58 -10.32 5.90
CA ALA ZA 281 -79.38 -8.91 5.62
C ALA ZA 281 -77.90 -8.59 5.42
N LEU ZA 282 -77.05 -9.13 6.30
CA LEU ZA 282 -75.63 -8.88 6.14
C LEU ZA 282 -75.08 -9.56 4.90
N GLY ZA 283 -75.65 -10.70 4.52
CA GLY ZA 283 -75.24 -11.31 3.26
C GLY ZA 283 -75.59 -10.45 2.07
N LYS ZA 284 -76.78 -9.84 2.09
CA LYS ZA 284 -77.14 -8.92 1.03
C LYS ZA 284 -76.22 -7.70 1.03
N ILE ZA 285 -75.85 -7.23 2.22
CA ILE ZA 285 -74.91 -6.11 2.30
C ILE ZA 285 -73.57 -6.50 1.70
N CYS ZA 286 -73.08 -7.68 2.01
CA CYS ZA 286 -71.83 -8.14 1.43
C CYS ZA 286 -71.94 -8.24 -0.08
N ALA ZA 287 -73.07 -8.75 -0.57
CA ALA ZA 287 -73.25 -8.90 -2.00
C ALA ZA 287 -73.27 -7.55 -2.70
N ASP ZA 288 -74.04 -6.60 -2.18
CA ASP ZA 288 -74.21 -5.33 -2.86
C ASP ZA 288 -73.11 -4.32 -2.55
N ARG ZA 289 -72.19 -4.64 -1.63
CA ARG ZA 289 -71.02 -3.82 -1.44
C ARG ZA 289 -69.74 -4.54 -1.84
N LEU ZA 290 -69.85 -5.75 -2.38
CA LEU ZA 290 -68.72 -6.55 -2.87
C LEU ZA 290 -67.62 -6.63 -1.81
N ILE ZA 291 -68.03 -6.97 -0.60
CA ILE ZA 291 -67.11 -7.07 0.53
C ILE ZA 291 -67.12 -8.50 1.05
N ASP ZA 292 -66.31 -8.77 2.08
CA ASP ZA 292 -66.18 -10.10 2.65
C ASP ZA 292 -66.95 -10.20 3.96
N GLY ZA 293 -67.72 -11.27 4.09
CA GLY ZA 293 -68.49 -11.54 5.29
C GLY ZA 293 -67.94 -12.75 6.03
N PHE ZA 294 -68.09 -12.73 7.36
CA PHE ZA 294 -67.54 -13.73 8.27
C PHE ZA 294 -68.65 -14.28 9.15
N PHE ZA 295 -69.70 -14.79 8.52
CA PHE ZA 295 -70.81 -15.34 9.28
C PHE ZA 295 -70.38 -16.56 10.09
N ASP ZA 296 -71.06 -16.76 11.21
CA ASP ZA 296 -70.85 -17.92 12.08
C ASP ZA 296 -72.18 -18.54 12.45
N VAL ZA 297 -72.17 -19.84 12.72
CA VAL ZA 297 -73.38 -20.57 13.07
C VAL ZA 297 -73.31 -20.96 14.54
N LYS ZA 298 -74.41 -21.50 15.04
CA LYS ZA 298 -74.50 -21.86 16.44
C LYS ZA 298 -73.51 -22.98 16.75
N PRO ZA 299 -72.59 -22.79 17.70
CA PRO ZA 299 -71.62 -23.84 18.00
C PRO ZA 299 -72.26 -25.11 18.52
N THR ZA 300 -73.41 -24.98 19.18
CA THR ZA 300 -74.07 -26.13 19.80
C THR ZA 300 -74.61 -27.11 18.79
N LEU ZA 301 -74.62 -26.76 17.51
CA LEU ZA 301 -75.18 -27.62 16.48
C LEU ZA 301 -74.21 -28.75 16.18
N THR ZA 302 -74.62 -29.98 16.46
CA THR ZA 302 -73.81 -31.13 16.09
C THR ZA 302 -73.81 -31.30 14.57
N TYR ZA 303 -72.86 -32.12 14.09
CA TYR ZA 303 -72.68 -32.27 12.65
C TYR ZA 303 -73.93 -32.77 11.96
N ALA ZA 304 -74.79 -33.49 12.68
CA ALA ZA 304 -76.04 -33.97 12.08
C ALA ZA 304 -76.91 -32.80 11.63
N GLU ZA 305 -77.14 -31.85 12.53
CA GLU ZA 305 -77.92 -30.66 12.19
C GLU ZA 305 -77.07 -29.51 11.69
N ALA ZA 306 -75.74 -29.63 11.76
CA ALA ZA 306 -74.89 -28.59 11.21
C ALA ZA 306 -75.03 -28.51 9.70
N LEU ZA 307 -75.14 -29.67 9.05
CA LEU ZA 307 -75.24 -29.69 7.59
C LEU ZA 307 -76.49 -28.99 7.08
N PRO ZA 308 -77.70 -29.26 7.58
CA PRO ZA 308 -78.86 -28.51 7.10
C PRO ZA 308 -78.81 -27.03 7.46
N ALA ZA 309 -78.00 -26.64 8.44
CA ALA ZA 309 -77.94 -25.24 8.84
C ALA ZA 309 -77.41 -24.37 7.72
N VAL ZA 310 -76.56 -24.92 6.84
CA VAL ZA 310 -76.05 -24.14 5.72
C VAL ZA 310 -77.19 -23.74 4.80
N GLU ZA 311 -78.08 -24.69 4.50
CA GLU ZA 311 -79.26 -24.37 3.71
C GLU ZA 311 -80.19 -23.45 4.48
N ASP ZA 312 -80.33 -23.69 5.77
CA ASP ZA 312 -81.16 -22.84 6.62
C ASP ZA 312 -80.67 -21.41 6.64
N THR ZA 313 -79.39 -21.20 6.35
CA THR ZA 313 -78.85 -19.85 6.25
C THR ZA 313 -79.54 -19.07 5.16
N GLY ZA 314 -79.80 -19.70 4.02
CA GLY ZA 314 -80.39 -19.02 2.89
C GLY ZA 314 -79.43 -18.22 2.05
N LEU ZA 315 -78.16 -18.15 2.44
CA LEU ZA 315 -77.16 -17.43 1.68
C LEU ZA 315 -76.51 -18.28 0.61
N LEU ZA 316 -76.90 -19.54 0.49
CA LEU ZA 316 -76.35 -20.39 -0.55
C LEU ZA 316 -76.73 -19.85 -1.93
N GLY ZA 317 -75.75 -19.73 -2.80
CA GLY ZA 317 -75.99 -19.24 -4.14
C GLY ZA 317 -74.73 -18.69 -4.75
N THR ZA 318 -74.88 -18.24 -6.00
CA THR ZA 318 -73.76 -17.69 -6.75
C THR ZA 318 -73.45 -16.24 -6.37
N ASP ZA 319 -74.39 -15.55 -5.74
CA ASP ZA 319 -74.17 -14.16 -5.36
C ASP ZA 319 -73.41 -14.05 -4.06
N TYR ZA 320 -73.87 -14.76 -3.02
CA TYR ZA 320 -73.24 -14.71 -1.70
C TYR ZA 320 -72.08 -15.70 -1.65
N VAL ZA 321 -71.10 -15.44 -2.50
CA VAL ZA 321 -69.88 -16.26 -2.55
C VAL ZA 321 -68.69 -15.57 -1.90
N SER ZA 322 -68.70 -14.23 -1.81
CA SER ZA 322 -67.61 -13.51 -1.16
C SER ZA 322 -67.55 -13.78 0.33
N CYS ZA 323 -68.64 -14.27 0.92
CA CYS ZA 323 -68.71 -14.49 2.36
C CYS ZA 323 -68.25 -15.90 2.73
N SER ZA 324 -68.02 -16.09 4.02
CA SER ZA 324 -67.62 -17.36 4.59
C SER ZA 324 -68.46 -17.64 5.82
N VAL ZA 325 -68.62 -18.92 6.13
CA VAL ZA 325 -69.42 -19.38 7.26
C VAL ZA 325 -68.56 -20.27 8.15
N TYR ZA 326 -68.68 -20.06 9.46
CA TYR ZA 326 -67.77 -20.65 10.42
C TYR ZA 326 -68.57 -21.42 11.48
N HIS ZA 327 -67.89 -22.38 12.11
CA HIS ZA 327 -68.46 -23.14 13.20
C HIS ZA 327 -67.35 -23.58 14.14
N TYR ZA 328 -67.71 -23.83 15.39
CA TYR ZA 328 -66.73 -24.23 16.41
C TYR ZA 328 -67.38 -25.26 17.32
N PRO ZA 329 -67.24 -26.54 17.00
CA PRO ZA 329 -67.85 -27.61 17.80
C PRO ZA 329 -66.97 -28.11 18.95
N PHE ZA 330 -66.50 -27.18 19.79
CA PHE ZA 330 -65.64 -27.55 20.89
C PHE ZA 330 -65.90 -26.63 22.07
N SER ZA 331 -65.19 -26.89 23.17
CA SER ZA 331 -65.30 -26.09 24.39
C SER ZA 331 -63.90 -25.70 24.85
N CYS ZA 332 -63.76 -24.45 25.30
CA CYS ZA 332 -62.49 -23.89 25.74
C CYS ZA 332 -62.62 -23.42 27.17
N LYS ZA 333 -61.53 -22.87 27.69
CA LYS ZA 333 -61.46 -22.34 29.04
C LYS ZA 333 -61.28 -20.83 29.00
N ASP ZA 334 -61.97 -20.13 29.88
CA ASP ZA 334 -61.89 -18.68 29.90
C ASP ZA 334 -60.51 -18.20 30.30
N LYS ZA 335 -60.06 -17.12 29.65
CA LYS ZA 335 -58.85 -16.46 30.09
C LYS ZA 335 -59.09 -15.70 31.39
N TRP ZA 336 -60.22 -15.01 31.50
CA TRP ZA 336 -60.47 -14.13 32.63
C TRP ZA 336 -61.04 -14.88 33.84
N THR ZA 337 -62.18 -15.54 33.66
CA THR ZA 337 -62.85 -16.22 34.76
C THR ZA 337 -62.55 -17.70 34.82
N GLN ZA 338 -61.67 -18.19 33.94
CA GLN ZA 338 -61.31 -19.61 33.85
C GLN ZA 338 -62.54 -20.51 34.00
N SER ZA 339 -63.47 -20.36 33.07
CA SER ZA 339 -64.71 -21.11 33.06
C SER ZA 339 -64.82 -21.90 31.76
N ARG ZA 340 -65.48 -23.05 31.82
CA ARG ZA 340 -65.74 -23.83 30.62
C ARG ZA 340 -66.72 -23.06 29.75
N VAL ZA 341 -66.23 -22.49 28.66
CA VAL ZA 341 -67.00 -21.59 27.82
C VAL ZA 341 -66.92 -22.07 26.38
N VAL ZA 342 -67.80 -21.53 25.54
CA VAL ZA 342 -67.86 -21.86 24.12
C VAL ZA 342 -68.18 -20.59 23.36
N PHE ZA 343 -67.34 -20.24 22.39
CA PHE ZA 343 -67.63 -19.11 21.51
C PHE ZA 343 -66.95 -19.33 20.17
N GLY ZA 344 -67.50 -18.69 19.14
CA GLY ZA 344 -67.06 -18.95 17.80
C GLY ZA 344 -65.65 -18.50 17.53
N LEU ZA 345 -65.07 -19.10 16.49
CA LEU ZA 345 -63.71 -18.82 16.07
C LEU ZA 345 -63.65 -17.83 14.91
N SER ZA 346 -64.76 -17.13 14.64
CA SER ZA 346 -64.81 -16.22 13.50
C SER ZA 346 -63.78 -15.09 13.64
N GLY ZA 347 -63.75 -14.45 14.81
CA GLY ZA 347 -62.78 -13.38 15.01
C GLY ZA 347 -61.35 -13.87 14.99
N VAL ZA 348 -61.12 -15.07 15.52
CA VAL ZA 348 -59.78 -15.65 15.48
C VAL ZA 348 -59.35 -15.87 14.04
N ALA ZA 349 -60.26 -16.40 13.21
CA ALA ZA 349 -59.94 -16.61 11.81
C ALA ZA 349 -59.67 -15.28 11.11
N TYR ZA 350 -60.47 -14.25 11.41
CA TYR ZA 350 -60.22 -12.95 10.82
C TYR ZA 350 -58.85 -12.44 11.20
N ALA ZA 351 -58.49 -12.54 12.48
CA ALA ZA 351 -57.19 -12.08 12.91
C ALA ZA 351 -56.07 -12.85 12.23
N ALA ZA 352 -56.26 -14.17 12.06
CA ALA ZA 352 -55.25 -14.99 11.41
C ALA ZA 352 -55.03 -14.53 9.97
N LYS ZA 353 -56.12 -14.38 9.20
CA LYS ZA 353 -55.95 -13.98 7.82
C LYS ZA 353 -55.43 -12.55 7.72
N ALA ZA 354 -55.82 -11.69 8.66
CA ALA ZA 354 -55.32 -10.33 8.66
C ALA ZA 354 -53.82 -10.31 8.90
N ARG ZA 355 -53.34 -11.11 9.86
CA ARG ZA 355 -51.90 -11.19 10.09
C ARG ZA 355 -51.18 -11.77 8.88
N GLY ZA 356 -51.76 -12.78 8.24
CA GLY ZA 356 -51.14 -13.36 7.08
C GLY ZA 356 -51.05 -12.38 5.92
N VAL ZA 357 -52.08 -11.57 5.73
CA VAL ZA 357 -52.08 -10.66 4.60
C VAL ZA 357 -51.25 -9.41 4.90
N LYS ZA 358 -51.19 -8.99 6.16
CA LYS ZA 358 -50.51 -7.74 6.48
C LYS ZA 358 -49.00 -7.86 6.38
N LYS ZA 359 -48.46 -9.08 6.45
CA LYS ZA 359 -47.02 -9.24 6.33
C LYS ZA 359 -46.54 -8.86 4.94
N ASN ZA 360 -47.36 -9.09 3.92
CA ASN ZA 360 -47.02 -8.61 2.58
C ASN ZA 360 -47.19 -7.10 2.52
N SER ZA 361 -46.33 -6.46 1.73
CA SER ZA 361 -46.20 -5.01 1.76
C SER ZA 361 -47.00 -4.30 0.68
N ASP ZA 362 -46.80 -4.64 -0.59
CA ASP ZA 362 -47.34 -3.82 -1.68
C ASP ZA 362 -48.87 -3.79 -1.66
N VAL ZA 363 -49.49 -4.97 -1.62
CA VAL ZA 363 -50.95 -5.06 -1.58
C VAL ZA 363 -51.46 -6.00 -0.50
N GLY ZA 364 -50.61 -6.81 0.11
CA GLY ZA 364 -51.07 -7.81 1.05
C GLY ZA 364 -51.29 -9.15 0.36
N GLY ZA 365 -50.96 -10.22 1.09
CA GLY ZA 365 -51.14 -11.55 0.54
C GLY ZA 365 -52.58 -12.00 0.58
N TRP ZA 366 -53.43 -11.35 -0.23
CA TRP ZA 366 -54.84 -11.70 -0.26
C TRP ZA 366 -55.04 -13.14 -0.71
N HIS ZA 367 -54.13 -13.65 -1.54
CA HIS ZA 367 -54.21 -15.03 -2.00
C HIS ZA 367 -53.75 -16.03 -0.95
N TYR ZA 368 -53.22 -15.57 0.18
CA TYR ZA 368 -52.74 -16.48 1.20
C TYR ZA 368 -53.88 -17.28 1.81
N SER ZA 369 -53.63 -18.55 2.04
CA SER ZA 369 -54.62 -19.38 2.70
C SER ZA 369 -54.72 -18.98 4.17
N PRO ZA 370 -55.89 -18.62 4.66
CA PRO ZA 370 -56.00 -18.22 6.06
C PRO ZA 370 -55.85 -19.39 7.01
N ALA ZA 371 -54.67 -20.00 6.99
CA ALA ZA 371 -54.39 -21.16 7.82
C ALA ZA 371 -52.89 -21.26 8.04
N GLY ZA 372 -52.44 -22.40 8.52
CA GLY ZA 372 -51.04 -22.62 8.80
C GLY ZA 372 -50.66 -22.22 10.21
N GLU ZA 373 -49.46 -22.67 10.60
CA GLU ZA 373 -48.97 -22.36 11.95
C GLU ZA 373 -48.89 -20.86 12.18
N GLU ZA 374 -48.59 -20.10 11.12
CA GLU ZA 374 -48.52 -18.65 11.23
C GLU ZA 374 -49.90 -18.05 11.49
N ARG ZA 375 -50.95 -18.69 10.98
CA ARG ZA 375 -52.30 -18.17 11.10
C ARG ZA 375 -53.21 -19.06 11.90
N ALA ZA 376 -53.34 -20.34 11.51
CA ALA ZA 376 -54.34 -21.23 12.10
C ALA ZA 376 -53.89 -21.62 13.50
N VAL ZA 377 -54.15 -20.72 14.45
CA VAL ZA 377 -53.83 -20.93 15.86
C VAL ZA 377 -55.02 -20.42 16.67
N ILE ZA 378 -55.75 -21.32 17.31
CA ILE ZA 378 -56.86 -20.92 18.16
C ILE ZA 378 -56.36 -20.76 19.60
N ALA ZA 379 -55.91 -21.86 20.20
CA ALA ZA 379 -55.15 -21.89 21.45
C ALA ZA 379 -55.65 -20.87 22.47
N ARG ZA 380 -56.94 -20.98 22.82
CA ARG ZA 380 -57.46 -20.07 23.84
C ARG ZA 380 -57.11 -20.59 25.23
N ALA ZA 381 -57.73 -21.71 25.62
CA ALA ZA 381 -57.37 -22.45 26.83
C ALA ZA 381 -58.18 -23.74 26.92
N SER ZA 382 -57.51 -24.85 27.23
CA SER ZA 382 -58.15 -26.11 27.56
C SER ZA 382 -59.30 -26.42 26.59
N ILE ZA 383 -58.92 -26.62 25.33
CA ILE ZA 383 -59.89 -26.90 24.28
C ILE ZA 383 -60.43 -28.31 24.49
N GLN ZA 384 -61.74 -28.44 24.64
CA GLN ZA 384 -62.36 -29.74 24.75
C GLN ZA 384 -63.52 -29.85 23.76
N PRO ZA 385 -63.76 -31.04 23.23
CA PRO ZA 385 -64.86 -31.20 22.27
C PRO ZA 385 -66.21 -31.04 22.97
N LEU ZA 386 -67.14 -30.40 22.26
CA LEU ZA 386 -68.48 -30.23 22.82
C LEU ZA 386 -69.27 -31.52 22.74
N TYR ZA 387 -69.21 -32.22 21.61
CA TYR ZA 387 -70.03 -33.40 21.35
C TYR ZA 387 -69.12 -34.53 20.88
N PRO ZA 388 -68.38 -35.16 21.79
CA PRO ZA 388 -67.55 -36.30 21.38
C PRO ZA 388 -68.35 -37.43 20.77
N GLU ZA 389 -69.63 -37.56 21.15
CA GLU ZA 389 -70.47 -38.60 20.59
C GLU ZA 389 -70.71 -38.40 19.11
N ASP ZA 390 -70.96 -37.17 18.69
CA ASP ZA 390 -71.28 -36.89 17.29
C ASP ZA 390 -70.03 -37.05 16.42
N THR ZA 391 -70.27 -37.32 15.14
CA THR ZA 391 -69.19 -37.57 14.20
C THR ZA 391 -69.48 -36.85 12.89
N PRO ZA 392 -68.51 -36.14 12.32
CA PRO ZA 392 -68.72 -35.49 11.03
C PRO ZA 392 -68.54 -36.44 9.86
N ASP ZA 393 -68.97 -35.97 8.68
CA ASP ZA 393 -68.78 -36.70 7.44
C ASP ZA 393 -68.05 -35.80 6.44
N GLU ZA 394 -67.03 -36.36 5.81
CA GLU ZA 394 -66.15 -35.55 4.97
C GLU ZA 394 -66.85 -35.10 3.70
N GLU ZA 395 -67.51 -36.02 2.99
CA GLU ZA 395 -68.12 -35.66 1.72
C GLU ZA 395 -69.35 -34.78 1.92
N ALA ZA 396 -70.19 -35.12 2.91
CA ALA ZA 396 -71.30 -34.27 3.25
C ALA ZA 396 -70.81 -32.88 3.67
N MET ZA 397 -69.71 -32.84 4.42
CA MET ZA 397 -69.16 -31.56 4.84
C MET ZA 397 -68.67 -30.75 3.64
N VAL ZA 398 -68.00 -31.42 2.70
CA VAL ZA 398 -67.48 -30.75 1.52
C VAL ZA 398 -68.61 -30.15 0.70
N LYS ZA 399 -69.65 -30.94 0.45
CA LYS ZA 399 -70.79 -30.39 -0.27
C LYS ZA 399 -71.52 -29.33 0.54
N GLY ZA 400 -71.39 -29.37 1.86
CA GLY ZA 400 -71.93 -28.32 2.70
C GLY ZA 400 -71.13 -27.04 2.69
N ARG ZA 401 -69.86 -27.11 2.27
CA ARG ZA 401 -69.04 -25.94 1.96
C ARG ZA 401 -68.70 -25.11 3.19
N LEU ZA 402 -68.80 -25.67 4.39
CA LEU ZA 402 -68.47 -24.93 5.60
C LEU ZA 402 -67.11 -25.40 6.11
N ASN ZA 403 -66.52 -24.60 7.01
CA ASN ZA 403 -65.14 -24.75 7.41
C ASN ZA 403 -65.05 -25.60 8.68
N LYS ZA 404 -64.32 -26.71 8.60
CA LYS ZA 404 -63.96 -27.51 9.76
C LYS ZA 404 -62.50 -27.31 10.13
N VAL ZA 405 -62.07 -28.06 11.15
CA VAL ZA 405 -60.84 -27.75 11.87
C VAL ZA 405 -60.17 -29.05 12.26
N SER ZA 406 -58.83 -29.06 12.22
CA SER ZA 406 -58.09 -30.28 12.54
C SER ZA 406 -56.90 -30.01 13.46
N VAL ZA 407 -56.10 -31.05 13.69
CA VAL ZA 407 -54.95 -30.95 14.60
C VAL ZA 407 -53.81 -30.21 13.90
N GLY ZA 408 -52.97 -29.56 14.70
CA GLY ZA 408 -51.84 -28.85 14.14
C GLY ZA 408 -50.50 -29.44 14.53
N THR ZA 409 -49.44 -28.65 14.36
CA THR ZA 409 -48.10 -29.13 14.61
C THR ZA 409 -47.90 -29.53 16.07
N SER ZA 410 -48.07 -28.58 16.99
CA SER ZA 410 -47.74 -28.78 18.39
C SER ZA 410 -48.95 -29.15 19.23
N GLY ZA 411 -49.88 -29.91 18.69
CA GLY ZA 411 -51.10 -30.23 19.39
C GLY ZA 411 -52.17 -29.16 19.30
N GLN ZA 412 -51.83 -27.98 18.81
CA GLN ZA 412 -52.83 -26.96 18.57
C GLN ZA 412 -53.67 -27.32 17.34
N MET ZA 413 -54.68 -26.49 17.06
CA MET ZA 413 -55.87 -26.93 16.36
C MET ZA 413 -56.07 -26.00 15.17
N ILE ZA 414 -55.81 -26.51 13.96
CA ILE ZA 414 -55.73 -25.67 12.77
C ILE ZA 414 -57.03 -25.76 11.98
N ILE ZA 415 -57.47 -24.60 11.48
CA ILE ZA 415 -58.54 -24.58 10.48
C ILE ZA 415 -58.03 -25.31 9.24
N ASP ZA 416 -58.57 -26.51 8.99
CA ASP ZA 416 -58.15 -27.29 7.82
C ASP ZA 416 -59.07 -27.06 6.63
N ASP ZA 417 -59.37 -25.79 6.32
CA ASP ZA 417 -60.26 -25.51 5.21
C ASP ZA 417 -60.07 -24.08 4.74
N ALA ZA 418 -60.22 -23.89 3.43
CA ALA ZA 418 -60.18 -22.58 2.81
C ALA ZA 418 -61.25 -22.48 1.74
N LEU ZA 419 -62.44 -22.98 2.05
CA LEU ZA 419 -63.53 -23.08 1.08
C LEU ZA 419 -64.70 -22.23 1.55
N THR ZA 420 -65.25 -21.43 0.65
CA THR ZA 420 -66.39 -20.58 0.96
C THR ZA 420 -67.68 -21.36 0.76
N CYS ZA 421 -68.81 -20.68 0.92
CA CYS ZA 421 -70.12 -21.27 0.74
C CYS ZA 421 -70.61 -21.22 -0.70
N CYS ZA 422 -69.69 -21.07 -1.65
CA CYS ZA 422 -70.08 -21.06 -3.05
C CYS ZA 422 -70.57 -22.43 -3.45
N THR ZA 423 -71.86 -22.52 -3.81
CA THR ZA 423 -72.47 -23.80 -4.12
C THR ZA 423 -71.81 -24.44 -5.33
N GLN ZA 424 -71.72 -23.69 -6.43
CA GLN ZA 424 -71.15 -24.24 -7.66
C GLN ZA 424 -69.66 -24.49 -7.49
N ASP ZA 425 -69.19 -25.61 -8.04
CA ASP ZA 425 -67.80 -26.04 -7.86
C ASP ZA 425 -66.93 -25.42 -8.96
N ASN ZA 426 -67.00 -24.10 -9.03
CA ASN ZA 426 -66.21 -23.33 -9.99
C ASN ZA 426 -65.02 -22.69 -9.28
N TYR ZA 427 -64.03 -22.29 -10.08
CA TYR ZA 427 -62.75 -21.86 -9.51
C TYR ZA 427 -62.89 -20.68 -8.56
N LEU ZA 428 -64.01 -19.96 -8.62
CA LEU ZA 428 -64.24 -18.90 -7.66
C LEU ZA 428 -64.83 -19.40 -6.35
N HIS ZA 429 -65.06 -20.71 -6.21
CA HIS ZA 429 -65.56 -21.27 -4.97
C HIS ZA 429 -64.49 -21.39 -3.90
N PHE ZA 430 -63.26 -20.97 -4.19
CA PHE ZA 430 -62.19 -20.96 -3.20
C PHE ZA 430 -62.31 -19.70 -2.35
N GLN ZA 431 -61.27 -19.39 -1.57
CA GLN ZA 431 -61.23 -18.15 -0.80
C GLN ZA 431 -60.24 -17.14 -1.36
N HIS ZA 432 -59.15 -17.62 -1.96
CA HIS ZA 432 -58.16 -16.71 -2.53
C HIS ZA 432 -58.67 -16.05 -3.80
N VAL ZA 433 -59.47 -16.77 -4.58
CA VAL ZA 433 -60.04 -16.18 -5.78
C VAL ZA 433 -60.97 -15.01 -5.44
N PRO ZA 434 -61.99 -15.17 -4.58
CA PRO ZA 434 -62.80 -13.99 -4.20
C PRO ZA 434 -61.97 -12.90 -3.60
N SER ZA 435 -60.89 -13.26 -2.90
CA SER ZA 435 -60.01 -12.24 -2.35
C SER ZA 435 -59.43 -11.39 -3.47
N LEU ZA 436 -59.04 -12.03 -4.56
CA LEU ZA 436 -58.42 -11.27 -5.65
C LEU ZA 436 -59.45 -10.45 -6.40
N MET ZA 437 -60.65 -10.98 -6.62
CA MET ZA 437 -61.67 -10.10 -7.21
C MET ZA 437 -61.92 -8.89 -6.32
N ASN ZA 438 -62.00 -9.09 -5.01
CA ASN ZA 438 -62.26 -7.95 -4.13
C ASN ZA 438 -61.12 -6.95 -4.18
N ALA ZA 439 -59.88 -7.43 -4.09
CA ALA ZA 439 -58.74 -6.51 -4.14
C ALA ZA 439 -58.72 -5.73 -5.43
N ILE ZA 440 -58.84 -6.43 -6.56
CA ILE ZA 440 -58.77 -5.73 -7.84
C ILE ZA 440 -59.94 -4.78 -7.98
N SER ZA 441 -61.11 -5.14 -7.43
CA SER ZA 441 -62.24 -4.22 -7.46
C SER ZA 441 -61.90 -2.93 -6.74
N ARG ZA 442 -61.37 -3.04 -5.52
CA ARG ZA 442 -60.87 -1.84 -4.84
C ARG ZA 442 -59.93 -1.04 -5.74
N PHE ZA 443 -58.80 -1.64 -6.14
CA PHE ZA 443 -57.80 -0.86 -6.88
C PHE ZA 443 -58.39 -0.17 -8.08
N PHE ZA 444 -59.24 -0.89 -8.81
CA PHE ZA 444 -59.90 -0.29 -9.96
C PHE ZA 444 -60.74 0.90 -9.54
N VAL ZA 445 -61.45 0.77 -8.42
CA VAL ZA 445 -62.29 1.87 -7.96
C VAL ZA 445 -61.46 3.10 -7.66
N GLN ZA 446 -60.38 2.95 -6.88
CA GLN ZA 446 -59.70 4.20 -6.52
C GLN ZA 446 -58.97 4.79 -7.71
N LEU ZA 447 -58.40 3.95 -8.59
CA LEU ZA 447 -57.75 4.53 -9.77
C LEU ZA 447 -58.76 5.26 -10.65
N ALA ZA 448 -59.93 4.66 -10.86
CA ALA ZA 448 -60.95 5.31 -11.66
C ALA ZA 448 -61.42 6.60 -11.00
N ARG ZA 449 -61.58 6.59 -9.68
CA ARG ZA 449 -62.07 7.77 -8.99
C ARG ZA 449 -61.06 8.89 -9.00
N GLN ZA 450 -59.76 8.57 -8.90
CA GLN ZA 450 -58.75 9.61 -8.98
C GLN ZA 450 -58.59 10.14 -10.39
N MET ZA 451 -58.81 9.31 -11.42
CA MET ZA 451 -58.77 9.84 -12.78
C MET ZA 451 -60.13 10.34 -13.25
N LYS ZA 452 -61.14 10.34 -12.38
CA LYS ZA 452 -62.47 10.76 -12.78
C LYS ZA 452 -62.49 12.23 -13.18
N HIS ZA 453 -63.34 12.55 -14.14
CA HIS ZA 453 -63.58 13.93 -14.58
C HIS ZA 453 -62.28 14.55 -15.07
N SER ZA 454 -61.74 13.98 -16.14
CA SER ZA 454 -60.50 14.42 -16.73
C SER ZA 454 -60.72 14.72 -18.20
N PRO ZA 455 -60.00 15.69 -18.76
CA PRO ZA 455 -60.11 15.94 -20.19
C PRO ZA 455 -59.71 14.71 -21.00
N ASP ZA 456 -60.39 14.53 -22.12
CA ASP ZA 456 -60.22 13.32 -22.92
C ASP ZA 456 -58.86 13.34 -23.62
N GLY ZA 457 -58.50 12.17 -24.16
CA GLY ZA 457 -57.24 11.99 -24.85
C GLY ZA 457 -56.13 11.41 -23.99
N ILE ZA 458 -56.30 11.40 -22.68
CA ILE ZA 458 -55.31 10.85 -21.78
C ILE ZA 458 -55.85 9.70 -20.95
N THR ZA 459 -57.16 9.56 -20.83
CA THR ZA 459 -57.75 8.56 -19.94
C THR ZA 459 -57.30 7.16 -20.31
N ALA ZA 460 -57.28 6.85 -21.60
CA ALA ZA 460 -56.84 5.53 -22.03
C ALA ZA 460 -55.41 5.26 -21.61
N ALA ZA 461 -54.53 6.25 -21.79
CA ALA ZA 461 -53.13 6.08 -21.40
C ALA ZA 461 -53.00 5.88 -19.90
N GLY ZA 462 -53.70 6.70 -19.11
CA GLY ZA 462 -53.67 6.54 -17.68
C GLY ZA 462 -54.15 5.16 -17.26
N LEU ZA 463 -55.20 4.68 -17.91
CA LEU ZA 463 -55.68 3.33 -17.66
C LEU ZA 463 -54.62 2.29 -17.99
N THR ZA 464 -53.92 2.48 -19.11
CA THR ZA 464 -52.91 1.51 -19.52
C THR ZA 464 -51.81 1.40 -18.49
N LYS ZA 465 -51.23 2.54 -18.11
CA LYS ZA 465 -50.17 2.49 -17.09
C LYS ZA 465 -50.69 2.06 -15.74
N GLY ZA 466 -51.93 2.40 -15.38
CA GLY ZA 466 -52.48 1.90 -14.14
C GLY ZA 466 -52.57 0.39 -14.13
N MET ZA 467 -53.05 -0.19 -15.23
CA MET ZA 467 -53.10 -1.64 -15.36
C MET ZA 467 -51.71 -2.24 -15.23
N THR ZA 468 -50.75 -1.67 -15.95
CA THR ZA 468 -49.40 -2.21 -15.91
C THR ZA 468 -48.86 -2.23 -14.49
N LYS ZA 469 -49.04 -1.11 -13.78
CA LYS ZA 469 -48.48 -1.00 -12.44
C LYS ZA 469 -49.20 -1.92 -11.46
N LEU ZA 470 -50.51 -2.08 -11.60
CA LEU ZA 470 -51.24 -2.97 -10.71
C LEU ZA 470 -50.90 -4.43 -10.96
N LEU ZA 471 -50.79 -4.83 -12.23
CA LEU ZA 471 -50.20 -6.14 -12.53
C LEU ZA 471 -48.80 -6.27 -11.95
N ASP ZA 472 -48.04 -5.18 -11.92
CA ASP ZA 472 -46.72 -5.24 -11.33
C ASP ZA 472 -46.81 -5.61 -9.86
N ARG ZA 473 -47.75 -4.99 -9.13
CA ARG ZA 473 -47.95 -5.39 -7.74
C ARG ZA 473 -48.36 -6.85 -7.62
N PHE ZA 474 -49.30 -7.33 -8.43
CA PHE ZA 474 -49.71 -8.72 -8.22
C PHE ZA 474 -48.61 -9.69 -8.59
N VAL ZA 475 -47.85 -9.41 -9.65
CA VAL ZA 475 -46.78 -10.34 -10.00
C VAL ZA 475 -45.68 -10.28 -8.95
N ALA ZA 476 -45.45 -9.13 -8.33
CA ALA ZA 476 -44.54 -9.07 -7.20
C ALA ZA 476 -45.05 -9.92 -6.04
N SER ZA 477 -46.35 -9.84 -5.77
CA SER ZA 477 -46.95 -10.64 -4.72
C SER ZA 477 -46.96 -12.12 -5.07
N GLY ZA 478 -46.79 -12.46 -6.34
CA GLY ZA 478 -46.84 -13.84 -6.78
C GLY ZA 478 -48.23 -14.40 -6.96
N ALA ZA 479 -49.26 -13.58 -6.75
CA ALA ZA 479 -50.63 -14.08 -6.85
C ALA ZA 479 -50.96 -14.53 -8.27
N LEU ZA 480 -50.54 -13.76 -9.26
CA LEU ZA 480 -50.84 -14.04 -10.67
C LEU ZA 480 -49.58 -14.52 -11.36
N VAL ZA 481 -49.72 -15.57 -12.17
CA VAL ZA 481 -48.62 -16.17 -12.89
C VAL ZA 481 -49.02 -16.37 -14.34
N ALA ZA 482 -48.04 -16.77 -15.16
CA ALA ZA 482 -48.31 -17.06 -16.55
C ALA ZA 482 -49.20 -18.31 -16.68
N PRO ZA 483 -50.02 -18.38 -17.72
CA PRO ZA 483 -50.91 -19.53 -17.87
C PRO ZA 483 -50.13 -20.82 -18.04
N ARG ZA 484 -50.71 -21.91 -17.55
CA ARG ZA 484 -50.09 -23.22 -17.65
C ARG ZA 484 -50.28 -23.87 -19.02
N ASP ZA 485 -51.07 -23.25 -19.90
CA ASP ZA 485 -51.30 -23.82 -21.22
C ASP ZA 485 -50.71 -22.88 -22.27
N PRO ZA 486 -49.51 -23.15 -22.76
CA PRO ZA 486 -48.88 -22.23 -23.71
C PRO ZA 486 -49.40 -22.38 -25.13
N ASP ZA 487 -49.70 -23.62 -25.53
CA ASP ZA 487 -50.02 -23.89 -26.92
C ASP ZA 487 -51.33 -23.22 -27.32
N ALA ZA 488 -52.38 -23.38 -26.51
CA ALA ZA 488 -53.68 -22.83 -26.83
C ALA ZA 488 -54.03 -21.59 -26.02
N ASP ZA 489 -53.66 -21.55 -24.74
CA ASP ZA 489 -53.98 -20.41 -23.89
C ASP ZA 489 -52.85 -19.39 -23.81
N GLY ZA 490 -51.72 -19.64 -24.45
CA GLY ZA 490 -50.64 -18.68 -24.47
C GLY ZA 490 -49.87 -18.65 -23.17
N THR ZA 491 -48.91 -17.72 -23.11
CA THR ZA 491 -48.01 -17.60 -21.98
C THR ZA 491 -48.13 -16.25 -21.28
N GLU ZA 492 -49.11 -15.43 -21.64
CA GLU ZA 492 -49.24 -14.10 -21.09
C GLU ZA 492 -50.07 -14.15 -19.82
N PRO ZA 493 -49.53 -13.75 -18.67
CA PRO ZA 493 -50.31 -13.82 -17.43
C PRO ZA 493 -51.50 -12.89 -17.41
N TYR ZA 494 -51.57 -11.89 -18.29
CA TYR ZA 494 -52.67 -10.94 -18.28
C TYR ZA 494 -52.83 -10.33 -19.66
N VAL ZA 495 -54.01 -9.75 -19.88
CA VAL ZA 495 -54.32 -9.09 -21.14
C VAL ZA 495 -55.36 -8.00 -20.87
N LEU ZA 496 -55.34 -6.95 -21.69
CA LEU ZA 496 -56.13 -5.76 -21.47
C LEU ZA 496 -56.87 -5.36 -22.74
N LYS ZA 497 -58.06 -4.78 -22.55
CA LYS ZA 497 -58.85 -4.18 -23.62
C LYS ZA 497 -59.37 -2.85 -23.10
N VAL ZA 498 -59.12 -1.77 -23.83
CA VAL ZA 498 -59.55 -0.44 -23.45
C VAL ZA 498 -60.17 0.24 -24.66
N THR ZA 499 -61.37 0.80 -24.49
CA THR ZA 499 -61.96 1.62 -25.55
C THR ZA 499 -63.09 2.44 -24.95
N GLN ZA 500 -63.78 3.17 -25.82
CA GLN ZA 500 -64.80 4.11 -25.39
C GLN ZA 500 -65.98 4.04 -26.35
N ALA ZA 501 -67.17 4.39 -25.85
CA ALA ZA 501 -68.36 4.36 -26.71
C ALA ZA 501 -68.78 5.74 -27.21
N GLU ZA 502 -68.84 6.73 -26.32
CA GLU ZA 502 -69.27 8.08 -26.68
C GLU ZA 502 -68.47 9.05 -25.82
N PHE ZA 503 -68.91 10.31 -25.77
CA PHE ZA 503 -68.33 11.28 -24.85
C PHE ZA 503 -68.20 10.74 -23.43
N ASP ZA 504 -69.02 9.77 -23.08
CA ASP ZA 504 -68.96 9.08 -21.80
C ASP ZA 504 -68.81 7.58 -22.05
N LYS ZA 505 -68.92 6.81 -20.97
CA LYS ZA 505 -68.89 5.35 -21.04
C LYS ZA 505 -67.61 4.88 -21.73
N TRP ZA 506 -66.50 5.06 -21.01
CA TRP ZA 506 -65.30 4.31 -21.28
C TRP ZA 506 -65.49 2.90 -20.75
N GLU ZA 507 -64.76 1.95 -21.33
CA GLU ZA 507 -64.92 0.55 -20.98
C GLU ZA 507 -63.58 -0.15 -21.04
N VAL ZA 508 -63.35 -1.03 -20.08
CA VAL ZA 508 -62.11 -1.76 -19.95
C VAL ZA 508 -62.44 -3.20 -19.55
N VAL ZA 509 -61.75 -4.15 -20.16
CA VAL ZA 509 -61.86 -5.56 -19.83
C VAL ZA 509 -60.47 -6.14 -19.69
N TRP ZA 510 -60.16 -6.70 -18.52
CA TRP ZA 510 -58.85 -7.28 -18.26
C TRP ZA 510 -58.99 -8.74 -17.83
N ALA ZA 511 -58.05 -9.56 -18.27
CA ALA ZA 511 -57.97 -10.95 -17.87
C ALA ZA 511 -56.63 -11.22 -17.22
N CYS ZA 512 -56.63 -12.06 -16.19
CA CYS ZA 512 -55.42 -12.43 -15.47
C CYS ZA 512 -55.48 -13.90 -15.08
N CYS ZA 513 -54.31 -14.51 -14.91
CA CYS ZA 513 -54.20 -15.90 -14.51
C CYS ZA 513 -53.52 -15.99 -13.15
N PRO ZA 514 -54.19 -16.50 -12.12
CA PRO ZA 514 -53.57 -16.57 -10.79
C PRO ZA 514 -52.68 -17.79 -10.61
N THR ZA 515 -52.20 -18.01 -9.39
CA THR ZA 515 -51.34 -19.13 -9.05
C THR ZA 515 -52.09 -20.12 -8.17
N GLY ZA 516 -51.38 -21.18 -7.76
CA GLY ZA 516 -51.97 -22.22 -6.95
C GLY ZA 516 -51.84 -21.99 -5.45
N VAL ZA 517 -52.64 -22.73 -4.69
CA VAL ZA 517 -52.67 -22.61 -3.23
C VAL ZA 517 -52.43 -23.94 -2.53
N ALA ZA 518 -52.71 -25.07 -3.16
CA ALA ZA 518 -52.41 -26.40 -2.61
C ALA ZA 518 -53.15 -26.63 -1.29
N ARG ZA 519 -54.48 -26.73 -1.38
CA ARG ZA 519 -55.29 -27.08 -0.22
C ARG ZA 519 -55.65 -28.55 -0.14
N ARG ZA 520 -55.28 -29.36 -1.13
CA ARG ZA 520 -55.29 -30.81 -0.96
C ARG ZA 520 -54.01 -31.40 -1.53
N ILE ZA 521 -53.57 -32.51 -0.94
CA ILE ZA 521 -52.32 -33.16 -1.27
C ILE ZA 521 -52.54 -34.66 -1.37
N GLN ZA 522 -51.73 -35.31 -2.21
CA GLN ZA 522 -51.81 -36.75 -2.40
C GLN ZA 522 -50.45 -37.36 -2.10
N GLY ZA 523 -50.47 -38.52 -1.45
CA GLY ZA 523 -49.25 -39.24 -1.14
C GLY ZA 523 -49.47 -40.75 -1.08
N VAL ZA 524 -48.51 -41.51 -1.61
CA VAL ZA 524 -48.61 -42.96 -1.69
C VAL ZA 524 -47.32 -43.62 -1.23
N PRO ZA 525 -47.34 -44.47 -0.22
CA PRO ZA 525 -46.12 -45.14 0.24
C PRO ZA 525 -45.88 -46.47 -0.45
N LEU ZA 526 -44.61 -46.84 -0.51
CA LEU ZA 526 -44.22 -48.18 -0.92
C LEU ZA 526 -42.79 -48.40 -0.48
N LEU ZA 527 -42.37 -49.66 -0.45
CA LEU ZA 527 -41.00 -50.01 -0.08
C LEU ZA 527 -40.40 -50.88 -1.16
N ILE ZA 528 -39.06 -50.84 -1.26
CA ILE ZA 528 -38.34 -51.71 -2.16
C ILE ZA 528 -37.96 -53.05 -1.52
N LYS ZA 529 -38.12 -53.17 -0.20
CA LYS ZA 529 -37.85 -54.39 0.58
C LYS ZA 529 -36.57 -55.14 0.21
N SER AB 2 -61.95 -39.29 15.16
CA SER AB 2 -61.35 -37.96 15.17
C SER AB 2 -60.60 -37.67 13.88
N GLN AB 3 -59.67 -36.73 13.92
CA GLN AB 3 -58.92 -36.29 12.75
C GLN AB 3 -57.62 -37.04 12.56
N TYR AB 4 -57.31 -38.01 13.43
CA TYR AB 4 -56.05 -38.75 13.32
C TYR AB 4 -56.14 -39.94 12.40
N SER AB 5 -57.28 -40.63 12.37
CA SER AB 5 -57.44 -41.77 11.47
C SER AB 5 -57.32 -41.32 10.03
N ILE AB 6 -56.56 -42.08 9.25
CA ILE AB 6 -56.30 -41.76 7.85
C ILE AB 6 -57.14 -42.68 6.98
N GLN AB 7 -57.76 -42.12 5.96
CA GLN AB 7 -58.59 -42.89 5.06
C GLN AB 7 -57.70 -43.55 4.01
N GLN AB 8 -58.32 -44.14 2.99
CA GLN AB 8 -57.58 -44.89 1.99
C GLN AB 8 -57.00 -43.99 0.91
N SER AB 9 -57.86 -43.30 0.17
CA SER AB 9 -57.44 -42.49 -0.96
C SER AB 9 -58.06 -41.11 -0.86
N LEU AB 10 -57.46 -40.16 -1.56
CA LEU AB 10 -57.96 -38.80 -1.55
C LEU AB 10 -59.30 -38.72 -2.26
N GLY AB 11 -60.29 -38.12 -1.60
CA GLY AB 11 -61.58 -37.90 -2.23
C GLY AB 11 -61.75 -36.45 -2.62
N ASN AB 12 -62.66 -35.76 -1.93
CA ASN AB 12 -62.81 -34.32 -2.10
C ASN AB 12 -62.44 -33.53 -0.86
N ALA AB 13 -62.19 -34.20 0.26
CA ALA AB 13 -61.83 -33.51 1.49
C ALA AB 13 -60.36 -33.09 1.46
N SER AB 14 -60.07 -32.01 2.16
CA SER AB 14 -58.70 -31.50 2.26
C SER AB 14 -57.99 -32.28 3.36
N GLY AB 15 -57.09 -33.16 2.96
CA GLY AB 15 -56.39 -33.99 3.92
C GLY AB 15 -55.34 -34.84 3.23
N VAL AB 16 -54.86 -35.84 3.97
CA VAL AB 16 -53.87 -36.77 3.48
C VAL AB 16 -54.42 -38.18 3.60
N ALA AB 17 -54.43 -38.92 2.50
CA ALA AB 17 -54.77 -40.33 2.50
C ALA AB 17 -53.64 -41.08 1.81
N VAL AB 18 -53.19 -42.17 2.43
CA VAL AB 18 -52.07 -42.93 1.89
C VAL AB 18 -52.56 -44.34 1.57
N SER AB 19 -51.89 -44.95 0.61
CA SER AB 19 -52.14 -46.32 0.23
C SER AB 19 -51.43 -47.28 1.17
N PRO AB 20 -51.87 -48.53 1.23
CA PRO AB 20 -51.10 -49.53 1.97
C PRO AB 20 -49.71 -49.69 1.39
N ILE AB 21 -48.76 -50.01 2.25
CA ILE AB 21 -47.38 -50.13 1.83
C ILE AB 21 -47.27 -51.19 0.75
N ASN AB 22 -46.47 -50.92 -0.28
CA ASN AB 22 -46.33 -51.82 -1.41
C ASN AB 22 -44.87 -52.23 -1.57
N ALA AB 23 -44.64 -53.54 -1.65
CA ALA AB 23 -43.32 -54.10 -1.86
C ALA AB 23 -43.06 -54.49 -3.32
N ASP AB 24 -44.02 -55.15 -3.97
CA ASP AB 24 -43.84 -55.55 -5.36
C ASP AB 24 -44.23 -54.39 -6.27
N ALA AB 25 -43.39 -53.37 -6.24
CA ALA AB 25 -43.54 -52.21 -7.11
C ALA AB 25 -42.17 -51.61 -7.35
N THR AB 26 -41.72 -51.62 -8.60
CA THR AB 26 -40.39 -51.18 -8.98
C THR AB 26 -40.51 -49.89 -9.77
N LEU AB 27 -39.74 -48.89 -9.39
CA LEU AB 27 -39.80 -47.60 -10.05
C LEU AB 27 -38.42 -46.95 -10.05
N SER AB 28 -38.05 -46.38 -11.19
CA SER AB 28 -36.67 -45.94 -11.41
C SER AB 28 -36.65 -44.48 -11.86
N THR AB 29 -35.46 -43.87 -11.74
CA THR AB 29 -35.26 -42.46 -12.01
C THR AB 29 -34.58 -42.26 -13.35
N GLY AB 30 -35.09 -41.31 -14.14
CA GLY AB 30 -34.50 -41.00 -15.43
C GLY AB 30 -35.04 -39.74 -16.07
N VAL AB 31 -34.14 -38.89 -16.57
CA VAL AB 31 -34.50 -37.66 -17.28
C VAL AB 31 -33.89 -37.72 -18.67
N ALA AB 32 -34.74 -37.71 -19.68
CA ALA AB 32 -34.26 -37.82 -21.06
C ALA AB 32 -33.66 -36.51 -21.53
N LEU AB 33 -32.64 -36.60 -22.39
CA LEU AB 33 -32.01 -35.43 -22.98
C LEU AB 33 -32.15 -35.36 -24.49
N ASN AB 34 -32.75 -36.37 -25.13
CA ASN AB 34 -33.03 -36.37 -26.56
C ASN AB 34 -31.69 -36.22 -27.28
N SER AB 35 -30.87 -37.25 -27.24
CA SER AB 35 -29.65 -37.26 -28.04
C SER AB 35 -29.78 -38.05 -29.32
N SER AB 36 -30.58 -39.12 -29.34
CA SER AB 36 -30.75 -39.93 -30.54
C SER AB 36 -32.17 -40.47 -30.51
N LEU AB 37 -33.05 -39.84 -31.28
CA LEU AB 37 -34.43 -40.31 -31.36
C LEU AB 37 -34.47 -41.68 -32.02
N TRP AB 38 -35.27 -42.57 -31.44
CA TRP AB 38 -35.29 -43.96 -31.89
C TRP AB 38 -36.67 -44.55 -31.65
N ALA AB 39 -36.92 -45.67 -32.32
CA ALA AB 39 -38.16 -46.40 -32.17
C ALA AB 39 -37.88 -47.87 -32.40
N GLY AB 40 -38.93 -48.67 -32.29
CA GLY AB 40 -38.81 -50.09 -32.57
C GLY AB 40 -40.15 -50.79 -32.53
N ILE AB 41 -40.18 -51.96 -33.14
CA ILE AB 41 -41.38 -52.79 -33.22
C ILE AB 41 -41.34 -53.79 -32.07
N GLY AB 42 -42.35 -53.75 -31.22
CA GLY AB 42 -42.42 -54.65 -30.08
C GLY AB 42 -43.84 -55.16 -29.87
N VAL AB 43 -43.91 -56.26 -29.12
CA VAL AB 43 -45.19 -56.88 -28.76
C VAL AB 43 -45.25 -56.90 -27.25
N PHE AB 44 -46.18 -56.13 -26.68
CA PHE AB 44 -46.25 -55.97 -25.23
C PHE AB 44 -47.64 -56.26 -24.71
N ALA AB 45 -47.86 -56.00 -23.43
CA ALA AB 45 -49.17 -56.00 -22.82
C ALA AB 45 -49.59 -54.56 -22.61
N ARG AB 46 -50.88 -54.28 -22.86
CA ARG AB 46 -51.44 -52.94 -22.72
C ARG AB 46 -50.86 -51.96 -23.72
N GLY AB 47 -51.59 -50.89 -23.99
CA GLY AB 47 -51.16 -49.92 -24.98
C GLY AB 47 -51.83 -50.16 -26.31
N LYS AB 48 -51.95 -49.10 -27.10
CA LYS AB 48 -52.58 -49.20 -28.40
C LYS AB 48 -51.65 -49.89 -29.39
N PRO AB 49 -52.03 -51.01 -29.97
CA PRO AB 49 -51.16 -51.68 -30.94
C PRO AB 49 -51.18 -50.98 -32.29
N PHE AB 50 -50.15 -51.31 -33.08
CA PHE AB 50 -50.03 -50.80 -34.45
C PHE AB 50 -50.09 -49.28 -34.48
N THR AB 51 -49.45 -48.66 -33.48
CA THR AB 51 -49.44 -47.21 -33.36
C THR AB 51 -48.14 -46.82 -32.67
N VAL AB 52 -47.58 -45.69 -33.08
CA VAL AB 52 -46.39 -45.17 -32.44
C VAL AB 52 -46.78 -44.51 -31.12
N LEU AB 53 -46.05 -44.87 -30.06
CA LEU AB 53 -46.25 -44.27 -28.75
C LEU AB 53 -44.90 -43.80 -28.25
N ALA AB 54 -44.82 -42.53 -27.88
CA ALA AB 54 -43.62 -41.95 -27.31
C ALA AB 54 -43.52 -42.37 -25.86
N VAL AB 55 -42.52 -43.16 -25.54
CA VAL AB 55 -42.33 -43.72 -24.21
C VAL AB 55 -41.12 -43.03 -23.58
N THR AB 56 -41.33 -42.48 -22.40
CA THR AB 56 -40.30 -41.79 -21.63
C THR AB 56 -39.82 -42.68 -20.49
N GLU AB 57 -38.98 -42.11 -19.63
CA GLU AB 57 -38.46 -42.82 -18.46
C GLU AB 57 -39.48 -42.91 -17.34
N SER AB 58 -40.74 -42.56 -17.60
CA SER AB 58 -41.75 -42.52 -16.55
C SER AB 58 -43.07 -43.18 -16.95
N ASN AB 59 -43.16 -43.74 -18.15
CA ASN AB 59 -44.40 -44.34 -18.61
C ASN AB 59 -44.26 -45.78 -19.08
N TYR AB 60 -43.04 -46.27 -19.35
CA TYR AB 60 -42.86 -47.64 -19.80
C TYR AB 60 -43.42 -48.63 -18.80
N GLU AB 61 -43.56 -48.22 -17.54
CA GLU AB 61 -44.12 -49.11 -16.53
C GLU AB 61 -45.57 -49.45 -16.86
N ASP AB 62 -46.37 -48.45 -17.25
CA ASP AB 62 -47.81 -48.65 -17.39
C ASP AB 62 -48.29 -48.60 -18.83
N VAL AB 63 -47.96 -47.55 -19.58
CA VAL AB 63 -48.45 -47.48 -20.95
C VAL AB 63 -47.87 -48.61 -21.79
N LEU AB 64 -46.61 -48.97 -21.54
CA LEU AB 64 -46.04 -50.14 -22.19
C LEU AB 64 -46.50 -51.44 -21.54
N GLY AB 65 -47.02 -51.37 -20.33
CA GLY AB 65 -47.49 -52.54 -19.62
C GLY AB 65 -46.43 -53.09 -18.67
N GLU AB 66 -46.90 -53.95 -17.77
CA GLU AB 66 -45.99 -54.59 -16.81
C GLU AB 66 -45.11 -55.60 -17.52
N PRO AB 67 -43.82 -55.64 -17.23
CA PRO AB 67 -42.93 -56.60 -17.90
C PRO AB 67 -43.35 -58.04 -17.64
N LEU AB 68 -43.30 -58.85 -18.69
CA LEU AB 68 -43.69 -60.25 -18.60
C LEU AB 68 -42.50 -61.08 -18.12
N LYS AB 69 -42.67 -62.37 -18.13
CA LYS AB 69 -41.64 -63.30 -17.73
C LYS AB 69 -40.97 -63.92 -18.95
N PRO AB 70 -39.71 -64.34 -18.83
CA PRO AB 70 -39.04 -64.94 -19.99
C PRO AB 70 -39.73 -66.17 -20.53
N SER AB 71 -40.29 -67.00 -19.64
CA SER AB 71 -40.92 -68.24 -20.10
C SER AB 71 -42.22 -67.98 -20.84
N SER AB 72 -42.79 -66.77 -20.71
CA SER AB 72 -44.01 -66.41 -21.43
C SER AB 72 -43.65 -66.10 -22.86
N GLY AB 73 -43.47 -67.16 -23.65
CA GLY AB 73 -43.14 -67.00 -25.04
C GLY AB 73 -41.77 -66.35 -25.23
N SER AB 74 -41.64 -65.61 -26.32
CA SER AB 74 -40.39 -64.96 -26.69
C SER AB 74 -40.55 -63.44 -26.66
N GLN AB 75 -41.22 -62.94 -25.64
CA GLN AB 75 -41.57 -61.53 -25.56
C GLN AB 75 -40.89 -60.80 -24.41
N PHE AB 76 -40.00 -61.47 -23.67
CA PHE AB 76 -39.18 -60.79 -22.69
C PHE AB 76 -38.01 -60.05 -23.33
N GLU AB 77 -37.54 -60.52 -24.48
CA GLU AB 77 -36.47 -59.82 -25.19
C GLU AB 77 -36.80 -58.35 -25.43
N PRO AB 78 -37.96 -57.99 -25.97
CA PRO AB 78 -38.20 -56.57 -26.23
C PRO AB 78 -38.34 -55.74 -24.96
N ILE AB 79 -38.97 -56.29 -23.92
CA ILE AB 79 -39.13 -55.52 -22.70
C ILE AB 79 -37.77 -55.28 -22.04
N ARG AB 80 -36.91 -56.30 -22.04
CA ARG AB 80 -35.57 -56.08 -21.52
C ARG AB 80 -34.81 -55.07 -22.38
N HIS AB 81 -34.92 -55.19 -23.71
CA HIS AB 81 -34.22 -54.28 -24.59
C HIS AB 81 -34.60 -52.84 -24.32
N VAL AB 82 -35.90 -52.57 -24.27
CA VAL AB 82 -36.33 -51.21 -23.97
C VAL AB 82 -35.93 -50.82 -22.55
N TYR AB 83 -35.80 -51.80 -21.65
CA TYR AB 83 -35.37 -51.49 -20.30
C TYR AB 83 -33.98 -50.87 -20.32
N GLU AB 84 -33.04 -51.48 -21.06
CA GLU AB 84 -31.74 -50.82 -21.10
C GLU AB 84 -31.77 -49.58 -21.97
N ALA AB 85 -32.65 -49.54 -22.96
CA ALA AB 85 -32.67 -48.40 -23.88
C ALA AB 85 -33.14 -47.12 -23.18
N ILE AB 86 -34.06 -47.25 -22.22
CA ILE AB 86 -34.68 -46.06 -21.64
C ILE AB 86 -33.68 -45.21 -20.87
N GLN AB 87 -32.61 -45.79 -20.35
CA GLN AB 87 -31.70 -45.03 -19.51
C GLN AB 87 -30.88 -44.02 -20.28
N GLN AB 88 -31.16 -43.84 -21.57
CA GLN AB 88 -30.47 -42.82 -22.36
C GLN AB 88 -31.43 -41.78 -22.91
N THR AB 89 -32.45 -42.20 -23.65
CA THR AB 89 -33.40 -41.26 -24.23
C THR AB 89 -34.69 -42.00 -24.54
N SER AB 90 -35.73 -41.22 -24.79
CA SER AB 90 -37.06 -41.75 -25.00
C SER AB 90 -37.15 -42.50 -26.33
N GLY AB 91 -38.26 -43.22 -26.51
CA GLY AB 91 -38.47 -43.98 -27.71
C GLY AB 91 -39.83 -43.69 -28.32
N TYR AB 92 -40.02 -44.23 -29.52
CA TYR AB 92 -41.27 -44.06 -30.27
C TYR AB 92 -41.83 -45.42 -30.62
N VAL AB 93 -41.97 -46.28 -29.62
CA VAL AB 93 -42.18 -47.70 -29.88
C VAL AB 93 -43.54 -47.94 -30.52
N VAL AB 94 -43.61 -48.97 -31.36
CA VAL AB 94 -44.86 -49.37 -31.99
C VAL AB 94 -45.17 -50.79 -31.53
N ARG AB 95 -46.34 -50.97 -30.93
CA ARG AB 95 -46.77 -52.26 -30.41
C ARG AB 95 -47.62 -52.98 -31.45
N ALA AB 96 -47.45 -54.30 -31.52
CA ALA AB 96 -48.17 -55.13 -32.46
C ALA AB 96 -48.83 -56.28 -31.69
N VAL AB 97 -50.04 -56.63 -32.11
CA VAL AB 97 -50.77 -57.73 -31.49
C VAL AB 97 -51.27 -58.65 -32.59
N PRO AB 98 -51.46 -59.94 -32.30
CA PRO AB 98 -51.99 -60.85 -33.31
C PRO AB 98 -53.49 -60.63 -33.49
N ASP AB 99 -54.07 -61.40 -34.41
CA ASP AB 99 -55.51 -61.34 -34.63
C ASP AB 99 -56.31 -61.80 -33.42
N ASP AB 100 -55.70 -62.56 -32.51
CA ASP AB 100 -56.41 -63.03 -31.33
C ASP AB 100 -56.75 -61.90 -30.37
N ALA AB 101 -56.06 -60.77 -30.47
CA ALA AB 101 -56.32 -59.67 -29.56
C ALA AB 101 -57.67 -59.04 -29.86
N LYS AB 102 -58.50 -58.93 -28.83
CA LYS AB 102 -59.81 -58.29 -28.90
C LYS AB 102 -59.97 -57.41 -27.68
N PHE AB 103 -60.47 -56.26 -27.88
CA PHE AB 103 -60.76 -55.37 -26.78
C PHE AB 103 -62.21 -55.51 -26.33
N PRO AB 104 -62.48 -55.30 -25.05
CA PRO AB 104 -63.83 -55.43 -24.53
C PRO AB 104 -64.64 -54.14 -24.64
N ILE AB 105 -65.95 -54.31 -24.77
CA ILE AB 105 -66.89 -53.22 -24.95
C ILE AB 105 -68.08 -53.48 -24.03
N ILE AB 106 -68.58 -52.43 -23.38
CA ILE AB 106 -69.79 -52.49 -22.58
C ILE AB 106 -70.81 -51.57 -23.20
N MET AB 107 -71.95 -52.12 -23.59
CA MET AB 107 -73.02 -51.37 -24.23
C MET AB 107 -74.12 -51.08 -23.22
N PHE AB 108 -74.49 -49.82 -23.11
CA PHE AB 108 -75.60 -49.40 -22.27
C PHE AB 108 -76.80 -49.07 -23.13
N ASP AB 109 -77.94 -49.67 -22.80
CA ASP AB 109 -79.15 -49.50 -23.59
C ASP AB 109 -79.81 -48.17 -23.25
N GLU AB 110 -81.05 -47.99 -23.70
CA GLU AB 110 -81.76 -46.74 -23.47
C GLU AB 110 -81.95 -46.47 -21.99
N SER AB 111 -82.26 -47.52 -21.22
CA SER AB 111 -82.44 -47.41 -19.78
C SER AB 111 -81.14 -47.61 -19.01
N GLY AB 112 -80.01 -47.73 -19.71
CA GLY AB 112 -78.76 -48.00 -19.06
C GLY AB 112 -78.47 -49.46 -18.84
N GLU AB 113 -79.18 -50.36 -19.53
CA GLU AB 113 -78.96 -51.78 -19.34
C GLU AB 113 -77.59 -52.16 -19.87
N PRO AB 114 -76.74 -52.80 -19.06
CA PRO AB 114 -75.39 -53.12 -19.50
C PRO AB 114 -75.28 -54.50 -20.15
N ALA AB 115 -74.47 -54.55 -21.22
CA ALA AB 115 -74.14 -55.79 -21.90
C ALA AB 115 -72.66 -55.77 -22.23
N TYR AB 116 -72.09 -56.95 -22.38
CA TYR AB 116 -70.65 -57.08 -22.61
C TYR AB 116 -70.40 -57.72 -23.97
N SER AB 117 -69.30 -57.32 -24.61
CA SER AB 117 -68.91 -57.89 -25.89
C SER AB 117 -67.41 -57.70 -26.06
N ALA AB 118 -66.87 -58.33 -27.10
CA ALA AB 118 -65.46 -58.20 -27.42
C ALA AB 118 -65.30 -58.11 -28.93
N LEU AB 119 -64.42 -57.21 -29.37
CA LEU AB 119 -64.22 -57.04 -30.79
C LEU AB 119 -62.72 -56.99 -31.12
N PRO AB 120 -62.32 -57.56 -32.25
CA PRO AB 120 -60.89 -57.53 -32.61
C PRO AB 120 -60.43 -56.10 -32.87
N TYR AB 121 -59.16 -55.87 -32.57
CA TYR AB 121 -58.59 -54.55 -32.80
C TYR AB 121 -58.56 -54.24 -34.30
N GLY AB 122 -58.80 -52.98 -34.63
CA GLY AB 122 -58.95 -52.57 -36.00
C GLY AB 122 -60.36 -52.69 -36.53
N SER AB 123 -61.13 -53.65 -36.01
CA SER AB 123 -62.53 -53.77 -36.38
C SER AB 123 -63.32 -52.60 -35.84
N GLU AB 124 -64.28 -52.11 -36.64
CA GLU AB 124 -65.08 -50.96 -36.26
C GLU AB 124 -66.15 -51.37 -35.25
N ILE AB 125 -66.85 -50.36 -34.74
CA ILE AB 125 -67.89 -50.55 -33.73
C ILE AB 125 -69.20 -50.03 -34.30
N GLU AB 126 -70.24 -50.86 -34.24
CA GLU AB 126 -71.56 -50.49 -34.71
C GLU AB 126 -72.59 -50.87 -33.66
N LEU AB 127 -73.66 -50.08 -33.61
CA LEU AB 127 -74.73 -50.27 -32.64
C LEU AB 127 -76.03 -50.59 -33.37
N ASP AB 128 -76.75 -51.58 -32.85
CA ASP AB 128 -78.03 -51.99 -33.43
C ASP AB 128 -79.11 -51.02 -32.98
N SER AB 129 -80.38 -51.41 -33.19
CA SER AB 129 -81.48 -50.56 -32.77
C SER AB 129 -81.46 -50.33 -31.26
N GLY AB 130 -81.17 -51.37 -30.49
CA GLY AB 130 -81.01 -51.26 -29.06
C GLY AB 130 -79.60 -50.82 -28.69
N GLU AB 131 -79.29 -50.94 -27.40
CA GLU AB 131 -77.97 -50.62 -26.87
C GLU AB 131 -77.57 -49.18 -27.22
N ALA AB 132 -78.34 -48.26 -26.62
CA ALA AB 132 -78.29 -46.84 -26.96
C ALA AB 132 -76.87 -46.33 -27.26
N PHE AB 133 -75.91 -46.71 -26.44
CA PHE AB 133 -74.52 -46.33 -26.70
C PHE AB 133 -73.61 -47.43 -26.15
N ALA AB 134 -72.30 -47.24 -26.34
CA ALA AB 134 -71.32 -48.21 -25.87
C ALA AB 134 -70.04 -47.48 -25.47
N ILE AB 135 -69.27 -48.15 -24.62
CA ILE AB 135 -67.98 -47.64 -24.17
C ILE AB 135 -66.98 -48.79 -24.20
N TYR AB 136 -65.78 -48.50 -24.70
CA TYR AB 136 -64.74 -49.51 -24.82
C TYR AB 136 -63.42 -48.97 -24.32
N VAL AB 137 -62.65 -49.83 -23.69
CA VAL AB 137 -61.33 -49.47 -23.18
C VAL AB 137 -60.32 -49.65 -24.29
N ASP AB 138 -59.35 -48.75 -24.35
CA ASP AB 138 -58.33 -48.76 -25.39
C ASP AB 138 -56.91 -48.85 -24.83
N ASP AB 139 -56.77 -49.02 -23.51
CA ASP AB 139 -55.44 -49.08 -22.92
C ASP AB 139 -54.71 -50.39 -23.20
N GLY AB 140 -55.40 -51.39 -23.77
CA GLY AB 140 -54.81 -52.67 -24.04
C GLY AB 140 -54.86 -53.66 -22.89
N ASP AB 141 -55.36 -53.26 -21.74
CA ASP AB 141 -55.47 -54.18 -20.62
C ASP AB 141 -56.64 -55.12 -20.82
N PRO AB 142 -56.44 -56.44 -20.69
CA PRO AB 142 -57.57 -57.37 -20.81
C PRO AB 142 -58.61 -57.22 -19.71
N CYS AB 143 -58.35 -56.40 -18.70
CA CYS AB 143 -59.27 -56.17 -17.58
C CYS AB 143 -59.53 -57.45 -16.79
N ILE AB 144 -58.67 -58.45 -16.93
CA ILE AB 144 -58.81 -59.69 -16.18
C ILE AB 144 -57.57 -60.05 -15.39
N SER AB 145 -56.39 -59.55 -15.76
CA SER AB 145 -55.15 -59.84 -15.04
C SER AB 145 -54.20 -58.68 -15.26
N PRO AB 146 -54.35 -57.60 -14.48
CA PRO AB 146 -55.30 -57.41 -13.38
C PRO AB 146 -56.68 -56.99 -13.86
N THR AB 147 -57.52 -56.53 -12.94
CA THR AB 147 -58.90 -56.19 -13.25
C THR AB 147 -59.16 -54.72 -12.91
N ARG AB 148 -60.12 -54.13 -13.64
CA ARG AB 148 -60.53 -52.76 -13.45
C ARG AB 148 -62.04 -52.68 -13.51
N GLU AB 149 -62.61 -51.79 -12.72
CA GLU AB 149 -64.05 -51.67 -12.59
C GLU AB 149 -64.48 -50.21 -12.76
N LEU AB 150 -65.75 -50.04 -13.08
CA LEU AB 150 -66.31 -48.71 -13.30
C LEU AB 150 -67.54 -48.54 -12.42
N THR AB 151 -67.80 -47.30 -12.03
CA THR AB 151 -68.93 -46.97 -11.17
C THR AB 151 -69.63 -45.75 -11.74
N ILE AB 152 -70.96 -45.80 -11.77
CA ILE AB 152 -71.77 -44.71 -12.32
C ILE AB 152 -72.71 -44.21 -11.24
N GLU AB 153 -72.67 -42.90 -10.98
CA GLU AB 153 -73.60 -42.28 -10.05
C GLU AB 153 -74.12 -41.00 -10.69
N THR AB 154 -75.02 -40.32 -10.01
CA THR AB 154 -75.59 -39.07 -10.49
C THR AB 154 -75.05 -37.90 -9.66
N ALA AB 155 -75.33 -36.69 -10.12
CA ALA AB 155 -74.91 -35.50 -9.40
C ALA AB 155 -75.89 -34.37 -9.70
N THR AB 156 -75.53 -33.16 -9.29
CA THR AB 156 -76.38 -32.01 -9.55
C THR AB 156 -76.40 -31.67 -11.04
N ALA AB 157 -77.40 -30.89 -11.44
CA ALA AB 157 -77.56 -30.52 -12.83
C ALA AB 157 -76.80 -29.23 -13.13
N ASP AB 158 -76.87 -28.81 -14.39
CA ASP AB 158 -76.20 -27.60 -14.85
C ASP AB 158 -77.17 -26.43 -14.82
N SER AB 159 -76.75 -25.29 -15.37
CA SER AB 159 -77.62 -24.13 -15.44
C SER AB 159 -78.83 -24.40 -16.31
N ALA AB 160 -78.63 -25.11 -17.42
CA ALA AB 160 -79.73 -25.45 -18.31
C ALA AB 160 -80.57 -26.60 -17.80
N GLY AB 161 -80.24 -27.16 -16.64
CA GLY AB 161 -81.00 -28.27 -16.10
C GLY AB 161 -80.65 -29.62 -16.68
N ASN AB 162 -79.58 -29.72 -17.45
CA ASN AB 162 -79.21 -30.99 -18.05
C ASN AB 162 -78.69 -31.95 -16.99
N GLU AB 163 -79.11 -33.20 -17.09
CA GLU AB 163 -78.71 -34.21 -16.12
C GLU AB 163 -77.21 -34.46 -16.21
N ARG AB 164 -76.58 -34.63 -15.05
CA ARG AB 164 -75.15 -34.85 -14.96
C ARG AB 164 -74.87 -36.09 -14.13
N PHE AB 165 -74.04 -36.98 -14.65
CA PHE AB 165 -73.70 -38.23 -13.99
C PHE AB 165 -72.18 -38.38 -13.97
N LEU AB 166 -71.69 -38.96 -12.89
CA LEU AB 166 -70.27 -39.15 -12.67
C LEU AB 166 -69.88 -40.60 -12.92
N LEU AB 167 -68.73 -40.77 -13.56
CA LEU AB 167 -68.13 -42.07 -13.81
C LEU AB 167 -66.80 -42.12 -13.07
N LYS AB 168 -66.60 -43.20 -12.32
CA LYS AB 168 -65.37 -43.43 -11.57
C LYS AB 168 -64.71 -44.71 -12.05
N LEU AB 169 -63.39 -44.68 -12.21
CA LEU AB 169 -62.63 -45.85 -12.60
C LEU AB 169 -61.79 -46.34 -11.42
N THR AB 170 -61.68 -47.65 -11.29
CA THR AB 170 -60.82 -48.24 -10.27
C THR AB 170 -60.11 -49.45 -10.86
N GLN AB 171 -59.02 -49.83 -10.21
CA GLN AB 171 -58.26 -51.02 -10.55
C GLN AB 171 -58.21 -51.95 -9.34
N THR AB 172 -58.33 -53.24 -9.62
CA THR AB 172 -58.28 -54.28 -8.59
C THR AB 172 -57.22 -55.30 -8.97
N THR AB 173 -56.38 -55.65 -8.00
CA THR AB 173 -55.31 -56.60 -8.22
C THR AB 173 -55.79 -58.03 -7.96
N SER AB 174 -54.87 -58.99 -8.04
CA SER AB 174 -55.21 -60.39 -7.78
C SER AB 174 -55.67 -60.58 -6.34
N LEU AB 175 -54.99 -59.91 -5.41
CA LEU AB 175 -55.39 -60.01 -4.00
C LEU AB 175 -56.80 -59.44 -3.80
N GLY AB 176 -57.12 -58.35 -4.47
CA GLY AB 176 -58.43 -57.76 -4.35
C GLY AB 176 -58.41 -56.33 -3.85
N VAL AB 177 -57.22 -55.74 -3.77
CA VAL AB 177 -57.10 -54.37 -3.33
C VAL AB 177 -57.72 -53.46 -4.37
N VAL AB 178 -58.68 -52.64 -3.96
CA VAL AB 178 -59.41 -51.77 -4.86
C VAL AB 178 -58.85 -50.37 -4.71
N THR AB 179 -58.33 -49.81 -5.81
CA THR AB 179 -57.74 -48.48 -5.78
C THR AB 179 -58.37 -47.66 -6.89
N THR AB 180 -58.94 -46.51 -6.54
CA THR AB 180 -59.52 -45.65 -7.54
C THR AB 180 -58.43 -44.99 -8.36
N LEU AB 181 -58.80 -44.56 -9.57
CA LEU AB 181 -57.88 -43.90 -10.48
C LEU AB 181 -58.32 -42.48 -10.81
N GLU AB 182 -59.56 -42.31 -11.26
CA GLU AB 182 -60.06 -40.99 -11.62
C GLU AB 182 -61.57 -41.03 -11.58
N THR AB 183 -62.17 -39.84 -11.61
CA THR AB 183 -63.61 -39.69 -11.69
C THR AB 183 -63.92 -38.44 -12.52
N HIS AB 184 -64.99 -38.50 -13.29
CA HIS AB 184 -65.37 -37.38 -14.14
C HIS AB 184 -66.88 -37.32 -14.25
N THR AB 185 -67.44 -36.13 -14.04
CA THR AB 185 -68.86 -35.91 -14.30
C THR AB 185 -69.05 -35.47 -15.73
N VAL AB 186 -70.21 -35.82 -16.28
CA VAL AB 186 -70.51 -35.52 -17.67
C VAL AB 186 -72.02 -35.51 -17.84
N SER AB 187 -72.49 -34.69 -18.76
CA SER AB 187 -73.91 -34.54 -19.02
C SER AB 187 -74.25 -35.11 -20.38
N LEU AB 188 -75.36 -35.84 -20.45
CA LEU AB 188 -75.79 -36.47 -21.69
C LEU AB 188 -76.28 -35.48 -22.73
N ALA AB 189 -76.40 -34.20 -22.37
CA ALA AB 189 -76.98 -33.21 -23.28
C ALA AB 189 -76.15 -33.07 -24.55
N GLU AB 190 -76.86 -32.88 -25.67
CA GLU AB 190 -76.19 -32.63 -26.94
C GLU AB 190 -75.38 -31.35 -26.92
N GLU AB 191 -75.72 -30.40 -26.07
CA GLU AB 191 -74.99 -29.15 -25.98
C GLU AB 191 -74.56 -28.93 -24.53
N ALA AB 192 -74.00 -29.97 -23.93
CA ALA AB 192 -73.63 -29.93 -22.52
C ALA AB 192 -72.31 -29.19 -22.33
N LYS AB 193 -72.29 -28.27 -21.36
CA LYS AB 193 -71.13 -27.44 -21.09
C LYS AB 193 -70.83 -27.45 -19.59
N ASP AB 194 -69.56 -27.32 -19.26
CA ASP AB 194 -69.14 -27.28 -17.86
C ASP AB 194 -69.21 -25.86 -17.31
N ASP AB 195 -69.20 -25.76 -15.98
CA ASP AB 195 -69.20 -24.46 -15.33
C ASP AB 195 -67.91 -23.69 -15.59
N MET AB 196 -66.85 -24.36 -16.01
CA MET AB 196 -65.69 -23.69 -16.59
C MET AB 196 -65.89 -23.39 -18.06
N GLY AB 197 -67.00 -23.83 -18.64
CA GLY AB 197 -67.16 -23.84 -20.07
C GLY AB 197 -66.57 -25.05 -20.76
N ARG AB 198 -66.03 -26.01 -20.02
CA ARG AB 198 -65.50 -27.23 -20.63
C ARG AB 198 -66.63 -28.01 -21.28
N LEU AB 199 -66.29 -28.73 -22.34
CA LEU AB 199 -67.30 -29.47 -23.10
C LEU AB 199 -67.73 -30.69 -22.30
N CYS AB 200 -69.02 -30.78 -21.98
CA CYS AB 200 -69.57 -31.92 -21.27
C CYS AB 200 -70.26 -32.91 -22.20
N TYR AB 201 -70.04 -32.79 -23.50
CA TYR AB 201 -70.59 -33.76 -24.44
C TYR AB 201 -69.91 -35.10 -24.28
N LEU AB 202 -70.72 -36.16 -24.20
CA LEU AB 202 -70.32 -37.45 -23.65
C LEU AB 202 -69.06 -38.00 -24.30
N PRO AB 203 -69.06 -38.39 -25.58
CA PRO AB 203 -67.79 -38.89 -26.16
C PRO AB 203 -66.71 -37.83 -26.20
N THR AB 204 -67.10 -36.58 -26.46
CA THR AB 204 -66.11 -35.51 -26.51
C THR AB 204 -65.47 -35.29 -25.15
N ALA AB 205 -66.28 -35.22 -24.11
CA ALA AB 205 -65.73 -35.08 -22.77
C ALA AB 205 -64.89 -36.30 -22.39
N LEU AB 206 -65.34 -37.49 -22.80
CA LEU AB 206 -64.61 -38.70 -22.47
C LEU AB 206 -63.23 -38.71 -23.11
N GLU AB 207 -63.14 -38.34 -24.39
CA GLU AB 207 -61.83 -38.29 -25.02
C GLU AB 207 -61.00 -37.14 -24.50
N ALA AB 208 -61.65 -36.05 -24.06
CA ALA AB 208 -60.89 -34.90 -23.55
C ALA AB 208 -60.25 -35.21 -22.21
N ARG AB 209 -60.99 -35.89 -21.32
CA ARG AB 209 -60.46 -36.19 -19.99
C ARG AB 209 -59.77 -37.55 -19.95
N SER AB 210 -60.52 -38.62 -20.19
CA SER AB 210 -60.00 -39.96 -20.02
C SER AB 210 -59.09 -40.34 -21.18
N LYS AB 211 -57.96 -40.95 -20.85
CA LYS AB 211 -57.03 -41.48 -21.84
C LYS AB 211 -57.14 -43.00 -21.96
N TYR AB 212 -58.25 -43.56 -21.49
CA TYR AB 212 -58.35 -45.00 -21.34
C TYR AB 212 -59.64 -45.53 -21.95
N LEU AB 213 -60.68 -44.71 -21.98
CA LEU AB 213 -62.00 -45.13 -22.42
C LEU AB 213 -62.47 -44.23 -23.55
N ARG AB 214 -63.01 -44.85 -24.59
CA ARG AB 214 -63.68 -44.13 -25.66
C ARG AB 214 -65.11 -44.63 -25.72
N ALA AB 215 -65.98 -43.83 -26.34
CA ALA AB 215 -67.40 -44.17 -26.37
C ALA AB 215 -67.97 -43.89 -27.75
N VAL AB 216 -69.03 -44.61 -28.08
CA VAL AB 216 -69.80 -44.39 -29.29
C VAL AB 216 -71.26 -44.19 -28.89
N VAL AB 217 -71.89 -43.16 -29.43
CA VAL AB 217 -73.24 -42.79 -29.05
C VAL AB 217 -74.10 -42.69 -30.30
N ASN AB 218 -75.25 -43.35 -30.28
CA ASN AB 218 -76.19 -43.22 -31.39
C ASN AB 218 -76.84 -41.84 -31.36
N GLU AB 219 -76.82 -41.16 -32.50
CA GLU AB 219 -77.42 -39.85 -32.60
C GLU AB 219 -78.94 -39.91 -32.47
N GLU AB 220 -79.53 -41.03 -32.85
CA GLU AB 220 -80.98 -41.20 -32.77
C GLU AB 220 -81.45 -41.70 -31.42
N LEU AB 221 -80.53 -42.12 -30.56
CA LEU AB 221 -80.89 -42.61 -29.24
C LEU AB 221 -80.32 -41.77 -28.11
N ILE AB 222 -79.45 -40.81 -28.41
CA ILE AB 222 -78.91 -39.94 -27.38
C ILE AB 222 -80.02 -39.13 -26.72
N SER AB 223 -81.00 -38.69 -27.51
CA SER AB 223 -82.09 -37.90 -26.95
C SER AB 223 -82.89 -38.69 -25.95
N THR AB 224 -83.16 -39.97 -26.25
CA THR AB 224 -83.97 -40.82 -25.39
C THR AB 224 -83.15 -41.62 -24.39
N ALA AB 225 -81.83 -41.47 -24.41
CA ALA AB 225 -80.99 -42.27 -23.51
C ALA AB 225 -81.22 -41.85 -22.06
N LYS AB 226 -81.39 -42.83 -21.19
CA LYS AB 226 -81.57 -42.59 -19.77
C LYS AB 226 -80.36 -43.09 -19.01
N VAL AB 227 -80.26 -42.64 -17.76
CA VAL AB 227 -79.12 -42.96 -16.91
C VAL AB 227 -79.60 -43.74 -15.71
N THR AB 228 -78.65 -44.35 -15.01
CA THR AB 228 -78.95 -45.15 -13.83
C THR AB 228 -77.70 -45.23 -12.96
N ASN AB 229 -77.90 -45.62 -11.71
CA ASN AB 229 -76.81 -45.79 -10.77
C ASN AB 229 -76.32 -47.22 -10.82
N LYS AB 230 -75.08 -47.41 -11.27
CA LYS AB 230 -74.49 -48.73 -11.42
C LYS AB 230 -73.17 -48.77 -10.68
N LYS AB 231 -72.83 -49.96 -10.22
CA LYS AB 231 -71.64 -50.17 -9.42
C LYS AB 231 -70.87 -51.37 -9.94
N SER AB 232 -69.53 -51.29 -9.87
CA SER AB 232 -68.64 -52.38 -10.23
C SER AB 232 -68.86 -52.81 -11.69
N LEU AB 233 -68.57 -51.88 -12.59
CA LEU AB 233 -68.71 -52.12 -14.02
C LEU AB 233 -67.33 -52.49 -14.56
N ALA AB 234 -67.13 -53.79 -14.79
CA ALA AB 234 -65.84 -54.31 -15.23
C ALA AB 234 -65.98 -54.89 -16.63
N PHE AB 235 -65.03 -54.55 -17.50
CA PHE AB 235 -65.00 -55.12 -18.85
C PHE AB 235 -64.71 -56.61 -18.80
N THR AB 236 -65.41 -57.36 -19.64
CA THR AB 236 -65.25 -58.80 -19.74
C THR AB 236 -65.15 -59.21 -21.19
N GLY AB 237 -64.42 -60.30 -21.43
CA GLY AB 237 -64.28 -60.86 -22.76
C GLY AB 237 -63.14 -60.32 -23.58
N GLY AB 238 -62.44 -59.29 -23.12
CA GLY AB 238 -61.33 -58.71 -23.85
C GLY AB 238 -59.99 -59.23 -23.37
N THR AB 239 -59.12 -59.55 -24.32
CA THR AB 239 -57.77 -60.02 -24.01
C THR AB 239 -56.94 -59.96 -25.28
N ASN AB 240 -55.62 -59.87 -25.09
CA ASN AB 240 -54.71 -59.82 -26.23
C ASN AB 240 -54.53 -61.15 -26.93
N GLY AB 241 -54.97 -62.26 -26.32
CA GLY AB 241 -54.74 -63.56 -26.90
C GLY AB 241 -53.30 -64.02 -26.71
N ASP AB 242 -52.85 -64.85 -27.64
CA ASP AB 242 -51.50 -65.43 -27.57
C ASP AB 242 -50.52 -64.47 -28.24
N GLN AB 243 -49.66 -63.85 -27.44
CA GLN AB 243 -48.66 -62.94 -27.97
C GLN AB 243 -47.43 -63.66 -28.50
N SER AB 244 -47.28 -64.95 -28.21
CA SER AB 244 -46.15 -65.70 -28.75
C SER AB 244 -46.20 -65.76 -30.26
N LYS AB 245 -47.38 -66.02 -30.82
CA LYS AB 245 -47.53 -66.10 -32.27
C LYS AB 245 -47.51 -64.69 -32.85
N ILE AB 246 -46.52 -64.41 -33.70
CA ILE AB 246 -46.33 -63.10 -34.29
C ILE AB 246 -46.32 -63.25 -35.81
N SER AB 247 -47.04 -62.37 -36.49
CA SER AB 247 -47.27 -62.50 -37.91
C SER AB 247 -46.43 -61.50 -38.70
N THR AB 248 -45.95 -61.95 -39.86
CA THR AB 248 -45.24 -61.07 -40.77
C THR AB 248 -46.13 -59.93 -41.24
N ALA AB 249 -47.44 -60.16 -41.32
CA ALA AB 249 -48.37 -59.10 -41.65
C ALA AB 249 -48.35 -58.00 -40.60
N ALA AB 250 -48.37 -58.39 -39.32
CA ALA AB 250 -48.25 -57.40 -38.25
C ALA AB 250 -46.91 -56.70 -38.33
N TYR AB 251 -45.84 -57.45 -38.63
CA TYR AB 251 -44.52 -56.85 -38.77
C TYR AB 251 -44.50 -55.78 -39.84
N LEU AB 252 -45.03 -56.09 -41.03
CA LEU AB 252 -45.00 -55.13 -42.12
C LEU AB 252 -45.93 -53.95 -41.84
N ARG AB 253 -47.07 -54.19 -41.19
CA ARG AB 253 -47.95 -53.09 -40.83
C ARG AB 253 -47.25 -52.14 -39.86
N ALA AB 254 -46.53 -52.70 -38.88
CA ALA AB 254 -45.78 -51.87 -37.96
C ALA AB 254 -44.66 -51.12 -38.67
N VAL AB 255 -44.02 -51.75 -39.64
CA VAL AB 255 -42.99 -51.07 -40.41
C VAL AB 255 -43.60 -49.90 -41.18
N LYS AB 256 -44.78 -50.11 -41.75
CA LYS AB 256 -45.49 -49.03 -42.44
C LYS AB 256 -45.80 -47.89 -41.48
N VAL AB 257 -46.22 -48.24 -40.27
CA VAL AB 257 -46.49 -47.22 -39.25
C VAL AB 257 -45.22 -46.44 -38.94
N LEU AB 258 -44.10 -47.14 -38.80
CA LEU AB 258 -42.82 -46.49 -38.55
C LEU AB 258 -42.48 -45.52 -39.66
N ASN AB 259 -42.68 -45.95 -40.90
CA ASN AB 259 -42.38 -45.09 -42.04
C ASN AB 259 -43.25 -43.85 -42.01
N ASN AB 260 -44.56 -44.04 -41.83
CA ASN AB 260 -45.51 -42.94 -41.88
C ASN AB 260 -45.48 -42.07 -40.64
N ALA AB 261 -44.71 -42.46 -39.62
CA ALA AB 261 -44.61 -41.66 -38.42
C ALA AB 261 -43.98 -40.30 -38.74
N PRO AB 262 -44.67 -39.19 -38.47
CA PRO AB 262 -44.13 -37.86 -38.77
C PRO AB 262 -43.26 -37.30 -37.66
N TYR AB 263 -42.33 -38.12 -37.17
CA TYR AB 263 -41.40 -37.70 -36.14
C TYR AB 263 -40.00 -38.12 -36.54
N MET AB 264 -39.02 -37.37 -36.08
CA MET AB 264 -37.63 -37.68 -36.40
C MET AB 264 -37.16 -38.86 -35.57
N TYR AB 265 -36.38 -39.73 -36.20
CA TYR AB 265 -35.76 -40.86 -35.51
C TYR AB 265 -34.57 -41.30 -36.32
N THR AB 266 -33.38 -41.24 -35.71
CA THR AB 266 -32.14 -41.50 -36.42
C THR AB 266 -31.63 -42.91 -36.24
N ALA AB 267 -32.27 -43.70 -35.39
CA ALA AB 267 -31.79 -45.05 -35.10
C ALA AB 267 -32.97 -45.99 -34.94
N VAL AB 268 -32.80 -47.23 -35.41
CA VAL AB 268 -33.83 -48.25 -35.26
C VAL AB 268 -33.19 -49.51 -34.71
N LEU AB 269 -34.00 -50.35 -34.07
CA LEU AB 269 -33.53 -51.51 -33.33
C LEU AB 269 -34.18 -52.78 -33.87
N GLY AB 270 -33.46 -53.89 -33.78
CA GLY AB 270 -34.12 -55.18 -33.95
C GLY AB 270 -35.10 -55.45 -32.84
N LEU AB 271 -34.67 -55.24 -31.59
CA LEU AB 271 -35.53 -55.24 -30.42
C LEU AB 271 -36.26 -56.59 -30.32
N GLY AB 272 -35.48 -57.67 -30.42
CA GLY AB 272 -35.98 -59.01 -30.30
C GLY AB 272 -36.72 -59.56 -31.50
N CYS AB 273 -36.66 -58.88 -32.64
CA CYS AB 273 -37.29 -59.35 -33.87
C CYS AB 273 -36.28 -60.10 -34.71
N TYR AB 274 -36.64 -61.31 -35.15
CA TYR AB 274 -35.76 -62.13 -35.96
C TYR AB 274 -36.38 -62.59 -37.27
N ASP AB 275 -37.59 -62.15 -37.60
CA ASP AB 275 -38.21 -62.55 -38.86
C ASP AB 275 -37.41 -61.99 -40.03
N ASN AB 276 -37.05 -62.87 -40.97
CA ASN AB 276 -36.19 -62.44 -42.07
C ASN AB 276 -36.84 -61.37 -42.91
N ALA AB 277 -38.14 -61.53 -43.21
CA ALA AB 277 -38.83 -60.53 -44.02
C ALA AB 277 -38.86 -59.19 -43.32
N ALA AB 278 -39.12 -59.19 -42.01
CA ALA AB 278 -39.12 -57.94 -41.26
C ALA AB 278 -37.73 -57.32 -41.23
N ILE AB 279 -36.70 -58.14 -41.07
CA ILE AB 279 -35.33 -57.62 -41.07
C ILE AB 279 -35.02 -56.97 -42.41
N THR AB 280 -35.40 -57.63 -43.50
CA THR AB 280 -35.18 -57.06 -44.82
C THR AB 280 -35.96 -55.76 -45.00
N ALA AB 281 -37.21 -55.74 -44.53
CA ALA AB 281 -38.01 -54.53 -44.65
C ALA AB 281 -37.36 -53.37 -43.90
N LEU AB 282 -36.91 -53.63 -42.68
CA LEU AB 282 -36.26 -52.57 -41.92
C LEU AB 282 -34.94 -52.17 -42.54
N GLY AB 283 -34.24 -53.11 -43.17
CA GLY AB 283 -33.02 -52.75 -43.89
C GLY AB 283 -33.31 -51.83 -45.05
N LYS AB 284 -34.39 -52.12 -45.80
CA LYS AB 284 -34.79 -51.22 -46.88
C LYS AB 284 -35.19 -49.86 -46.33
N ILE AB 285 -35.84 -49.85 -45.17
CA ILE AB 285 -36.21 -48.58 -44.55
C ILE AB 285 -34.96 -47.78 -44.18
N CYS AB 286 -33.98 -48.46 -43.59
CA CYS AB 286 -32.73 -47.78 -43.26
C CYS AB 286 -32.06 -47.25 -44.52
N ALA AB 287 -32.07 -48.05 -45.60
CA ALA AB 287 -31.42 -47.63 -46.83
C ALA AB 287 -32.11 -46.40 -47.42
N ASP AB 288 -33.44 -46.41 -47.50
CA ASP AB 288 -34.15 -45.35 -48.17
C ASP AB 288 -34.44 -44.16 -47.27
N ARG AB 289 -34.13 -44.25 -45.97
CA ARG AB 289 -34.19 -43.09 -45.09
C ARG AB 289 -32.82 -42.67 -44.60
N LEU AB 290 -31.76 -43.33 -45.08
CA LEU AB 290 -30.37 -43.00 -44.75
C LEU AB 290 -30.18 -42.89 -43.23
N ILE AB 291 -30.69 -43.89 -42.53
CA ILE AB 291 -30.61 -43.93 -41.07
C ILE AB 291 -29.81 -45.14 -40.64
N ASP AB 292 -29.64 -45.31 -39.33
CA ASP AB 292 -28.85 -46.40 -38.77
C ASP AB 292 -29.76 -47.49 -38.22
N GLY AB 293 -29.44 -48.73 -38.57
CA GLY AB 293 -30.17 -49.89 -38.10
C GLY AB 293 -29.34 -50.72 -37.15
N PHE AB 294 -30.01 -51.38 -36.21
CA PHE AB 294 -29.40 -52.15 -35.13
C PHE AB 294 -29.96 -53.56 -35.11
N PHE AB 295 -29.89 -54.24 -36.25
CA PHE AB 295 -30.40 -55.60 -36.33
C PHE AB 295 -29.64 -56.54 -35.41
N ASP AB 296 -30.35 -57.57 -34.95
CA ASP AB 296 -29.77 -58.62 -34.11
C ASP AB 296 -30.19 -59.98 -34.63
N VAL AB 297 -29.35 -60.99 -34.39
CA VAL AB 297 -29.63 -62.33 -34.85
C VAL AB 297 -29.95 -63.21 -33.65
N LYS AB 298 -30.36 -64.44 -33.93
CA LYS AB 298 -30.74 -65.36 -32.88
C LYS AB 298 -29.55 -65.69 -32.00
N PRO AB 299 -29.62 -65.44 -30.69
CA PRO AB 299 -28.48 -65.74 -29.82
C PRO AB 299 -28.13 -67.21 -29.79
N THR AB 300 -29.11 -68.08 -29.99
CA THR AB 300 -28.90 -69.52 -29.90
C THR AB 300 -28.02 -70.07 -31.00
N LEU AB 301 -27.72 -69.26 -32.02
CA LEU AB 301 -26.94 -69.73 -33.15
C LEU AB 301 -25.48 -69.81 -32.76
N THR AB 302 -24.92 -71.02 -32.78
CA THR AB 302 -23.50 -71.18 -32.54
C THR AB 302 -22.70 -70.62 -33.72
N TYR AB 303 -21.40 -70.42 -33.49
CA TYR AB 303 -20.56 -69.78 -34.50
C TYR AB 303 -20.56 -70.55 -35.81
N ALA AB 304 -20.81 -71.86 -35.77
CA ALA AB 304 -20.86 -72.64 -37.00
C ALA AB 304 -21.97 -72.15 -37.92
N GLU AB 305 -23.17 -72.01 -37.38
CA GLU AB 305 -24.30 -71.51 -38.15
C GLU AB 305 -24.48 -70.01 -38.03
N ALA AB 306 -23.71 -69.36 -37.15
CA ALA AB 306 -23.79 -67.91 -37.08
C ALA AB 306 -23.24 -67.27 -38.36
N LEU AB 307 -22.17 -67.83 -38.90
CA LEU AB 307 -21.57 -67.26 -40.11
C LEU AB 307 -22.52 -67.28 -41.30
N PRO AB 308 -23.19 -68.39 -41.66
CA PRO AB 308 -24.15 -68.34 -42.77
C PRO AB 308 -25.34 -67.45 -42.49
N ALA AB 309 -25.63 -67.15 -41.22
CA ALA AB 309 -26.79 -66.33 -40.90
C ALA AB 309 -26.65 -64.92 -41.46
N VAL AB 310 -25.43 -64.44 -41.61
CA VAL AB 310 -25.22 -63.11 -42.20
C VAL AB 310 -25.72 -63.10 -43.64
N GLU AB 311 -25.35 -64.12 -44.40
CA GLU AB 311 -25.86 -64.24 -45.77
C GLU AB 311 -27.36 -64.47 -45.76
N ASP AB 312 -27.83 -65.29 -44.81
CA ASP AB 312 -29.26 -65.57 -44.70
C ASP AB 312 -30.05 -64.31 -44.40
N THR AB 313 -29.40 -63.29 -43.84
CA THR AB 313 -30.05 -62.00 -43.61
C THR AB 313 -30.51 -61.39 -44.91
N GLY AB 314 -29.68 -61.46 -45.95
CA GLY AB 314 -30.00 -60.86 -47.22
C GLY AB 314 -29.70 -59.38 -47.29
N LEU AB 315 -29.25 -58.77 -46.20
CA LEU AB 315 -28.91 -57.36 -46.18
C LEU AB 315 -27.48 -57.09 -46.61
N LEU AB 316 -26.72 -58.13 -46.92
CA LEU AB 316 -25.35 -57.94 -47.38
C LEU AB 316 -25.35 -57.19 -48.71
N GLY AB 317 -24.52 -56.16 -48.79
CA GLY AB 317 -24.42 -55.37 -50.00
C GLY AB 317 -23.89 -53.99 -49.70
N THR AB 318 -23.75 -53.22 -50.78
CA THR AB 318 -23.23 -51.87 -50.68
C THR AB 318 -24.29 -50.86 -50.23
N ASP AB 319 -25.57 -51.21 -50.33
CA ASP AB 319 -26.63 -50.29 -49.93
C ASP AB 319 -26.87 -50.35 -48.43
N TYR AB 320 -27.05 -51.55 -47.89
CA TYR AB 320 -27.33 -51.74 -46.47
C TYR AB 320 -26.02 -51.77 -45.69
N VAL AB 321 -25.31 -50.65 -45.75
CA VAL AB 321 -24.07 -50.49 -45.01
C VAL AB 321 -24.21 -49.60 -43.79
N SER AB 322 -25.23 -48.73 -43.75
CA SER AB 322 -25.46 -47.90 -42.57
C SER AB 322 -25.89 -48.70 -41.36
N CYS AB 323 -26.37 -49.92 -41.56
CA CYS AB 323 -26.87 -50.74 -40.47
C CYS AB 323 -25.77 -51.62 -39.87
N SER AB 324 -26.08 -52.18 -38.70
CA SER AB 324 -25.18 -53.06 -37.99
C SER AB 324 -25.97 -54.29 -37.53
N VAL AB 325 -25.26 -55.40 -37.37
CA VAL AB 325 -25.85 -56.67 -36.98
C VAL AB 325 -25.14 -57.17 -35.73
N TYR AB 326 -25.92 -57.68 -34.78
CA TYR AB 326 -25.43 -57.98 -33.44
C TYR AB 326 -25.75 -59.43 -33.09
N HIS AB 327 -24.96 -59.98 -32.17
CA HIS AB 327 -25.19 -61.31 -31.64
C HIS AB 327 -24.67 -61.37 -30.21
N TYR AB 328 -25.22 -62.31 -29.44
CA TYR AB 328 -24.87 -62.45 -28.02
C TYR AB 328 -24.89 -63.94 -27.68
N PRO AB 329 -23.76 -64.61 -27.82
CA PRO AB 329 -23.68 -66.05 -27.55
C PRO AB 329 -23.35 -66.40 -26.10
N PHE AB 330 -24.14 -65.86 -25.17
CA PHE AB 330 -23.89 -66.08 -23.75
C PHE AB 330 -25.22 -66.16 -23.01
N SER AB 331 -25.13 -66.41 -21.70
CA SER AB 331 -26.28 -66.46 -20.81
C SER AB 331 -26.03 -65.56 -19.61
N CYS AB 332 -27.06 -64.82 -19.21
CA CYS AB 332 -26.99 -63.90 -18.09
C CYS AB 332 -28.03 -64.27 -17.04
N LYS AB 333 -28.08 -63.48 -15.98
CA LYS AB 333 -29.02 -63.68 -14.88
C LYS AB 333 -30.00 -62.52 -14.85
N ASP AB 334 -31.26 -62.83 -14.60
CA ASP AB 334 -32.29 -61.79 -14.57
C ASP AB 334 -32.08 -60.84 -13.40
N LYS AB 335 -32.34 -59.56 -13.66
CA LYS AB 335 -32.37 -58.59 -12.57
C LYS AB 335 -33.61 -58.78 -11.72
N TRP AB 336 -34.76 -59.02 -12.35
CA TRP AB 336 -36.04 -59.05 -11.64
C TRP AB 336 -36.32 -60.43 -11.03
N THR AB 337 -36.36 -61.46 -11.87
CA THR AB 337 -36.72 -62.79 -11.41
C THR AB 337 -35.50 -63.67 -11.15
N GLN AB 338 -34.29 -63.12 -11.28
CA GLN AB 338 -33.03 -63.84 -11.10
C GLN AB 338 -33.10 -65.23 -11.71
N SER AB 339 -33.29 -65.25 -13.02
CA SER AB 339 -33.39 -66.48 -13.79
C SER AB 339 -32.30 -66.52 -14.86
N ARG AB 340 -31.85 -67.72 -15.18
CA ARG AB 340 -30.89 -67.87 -16.28
C ARG AB 340 -31.60 -67.54 -17.59
N VAL AB 341 -31.27 -66.38 -18.15
CA VAL AB 341 -31.95 -65.84 -19.32
C VAL AB 341 -30.92 -65.49 -20.37
N VAL AB 342 -31.42 -65.26 -21.59
CA VAL AB 342 -30.59 -64.91 -22.73
C VAL AB 342 -31.35 -63.88 -23.56
N PHE AB 343 -30.74 -62.73 -23.80
CA PHE AB 343 -31.33 -61.73 -24.69
C PHE AB 343 -30.22 -60.90 -25.32
N GLY AB 344 -30.55 -60.33 -26.47
CA GLY AB 344 -29.53 -59.67 -27.27
C GLY AB 344 -28.98 -58.42 -26.60
N LEU AB 345 -27.79 -58.04 -27.05
CA LEU AB 345 -27.08 -56.87 -26.56
C LEU AB 345 -27.27 -55.65 -27.44
N SER AB 346 -28.25 -55.68 -28.35
CA SER AB 346 -28.44 -54.58 -29.28
C SER AB 346 -28.78 -53.28 -28.57
N GLY AB 347 -29.74 -53.34 -27.64
CA GLY AB 347 -30.10 -52.14 -26.90
C GLY AB 347 -28.97 -51.65 -26.03
N VAL AB 348 -28.22 -52.57 -25.43
CA VAL AB 348 -27.07 -52.17 -24.62
C VAL AB 348 -26.05 -51.45 -25.49
N ALA AB 349 -25.79 -51.96 -26.69
CA ALA AB 349 -24.85 -51.30 -27.58
C ALA AB 349 -25.36 -49.92 -27.99
N TYR AB 350 -26.66 -49.81 -28.28
CA TYR AB 350 -27.22 -48.51 -28.61
C TYR AB 350 -27.02 -47.53 -27.47
N ALA AB 351 -27.33 -47.96 -26.25
CA ALA AB 351 -27.17 -47.08 -25.10
C ALA AB 351 -25.70 -46.70 -24.92
N ALA AB 352 -24.79 -47.64 -25.13
CA ALA AB 352 -23.37 -47.35 -25.01
C ALA AB 352 -22.95 -46.26 -25.98
N LYS AB 353 -23.29 -46.44 -27.26
CA LYS AB 353 -22.87 -45.43 -28.24
C LYS AB 353 -23.59 -44.11 -28.01
N ALA AB 354 -24.84 -44.16 -27.55
CA ALA AB 354 -25.57 -42.93 -27.28
C ALA AB 354 -24.91 -42.15 -26.15
N ARG AB 355 -24.50 -42.85 -25.09
CA ARG AB 355 -23.79 -42.19 -24.01
C ARG AB 355 -22.46 -41.65 -24.48
N GLY AB 356 -21.73 -42.43 -25.26
CA GLY AB 356 -20.42 -41.99 -25.73
C GLY AB 356 -20.51 -40.78 -26.65
N VAL AB 357 -21.57 -40.72 -27.45
CA VAL AB 357 -21.73 -39.57 -28.33
C VAL AB 357 -22.27 -38.37 -27.55
N LYS AB 358 -23.11 -38.60 -26.56
CA LYS AB 358 -23.83 -37.49 -25.96
C LYS AB 358 -22.95 -36.62 -25.09
N LYS AB 359 -21.77 -37.10 -24.70
CA LYS AB 359 -20.89 -36.24 -23.92
C LYS AB 359 -20.37 -35.10 -24.78
N ASN AB 360 -20.15 -35.31 -26.07
CA ASN AB 360 -19.73 -34.21 -26.92
C ASN AB 360 -20.88 -33.25 -27.14
N SER AB 361 -20.56 -31.96 -27.23
CA SER AB 361 -21.55 -30.89 -27.17
C SER AB 361 -21.99 -30.38 -28.54
N ASP AB 362 -21.05 -29.93 -29.37
CA ASP AB 362 -21.43 -29.20 -30.58
C ASP AB 362 -22.24 -30.05 -31.54
N VAL AB 363 -21.78 -31.28 -31.80
CA VAL AB 363 -22.54 -32.20 -32.67
C VAL AB 363 -22.59 -33.61 -32.13
N GLY AB 364 -21.79 -33.97 -31.14
CA GLY AB 364 -21.73 -35.34 -30.70
C GLY AB 364 -20.62 -36.10 -31.40
N GLY AB 365 -19.95 -36.97 -30.65
CA GLY AB 365 -18.89 -37.78 -31.22
C GLY AB 365 -19.42 -38.94 -32.02
N TRP AB 366 -20.16 -38.65 -33.10
CA TRP AB 366 -20.48 -39.65 -34.10
C TRP AB 366 -19.28 -40.52 -34.47
N HIS AB 367 -18.09 -39.94 -34.48
CA HIS AB 367 -16.94 -40.73 -34.87
C HIS AB 367 -16.44 -41.64 -33.76
N TYR AB 368 -16.99 -41.55 -32.55
CA TYR AB 368 -16.49 -42.34 -31.45
C TYR AB 368 -16.78 -43.82 -31.65
N SER AB 369 -15.81 -44.66 -31.29
CA SER AB 369 -16.02 -46.09 -31.36
C SER AB 369 -17.00 -46.52 -30.28
N PRO AB 370 -18.09 -47.18 -30.63
CA PRO AB 370 -19.07 -47.58 -29.61
C PRO AB 370 -18.54 -48.71 -28.75
N ALA AB 371 -17.46 -48.45 -28.02
CA ALA AB 371 -16.84 -49.45 -27.17
C ALA AB 371 -16.08 -48.74 -26.06
N GLY AB 372 -15.22 -49.48 -25.39
CA GLY AB 372 -14.44 -48.94 -24.30
C GLY AB 372 -15.14 -49.07 -22.97
N GLU AB 373 -14.37 -48.86 -21.90
CA GLU AB 373 -14.91 -48.94 -20.55
C GLU AB 373 -16.06 -47.97 -20.35
N GLU AB 374 -15.98 -46.81 -21.01
CA GLU AB 374 -17.05 -45.83 -20.91
C GLU AB 374 -18.33 -46.33 -21.58
N ARG AB 375 -18.20 -47.15 -22.61
CA ARG AB 375 -19.34 -47.62 -23.36
C ARG AB 375 -19.53 -49.13 -23.29
N ALA AB 376 -18.50 -49.90 -23.65
CA ALA AB 376 -18.63 -51.35 -23.78
C ALA AB 376 -18.73 -51.98 -22.39
N VAL AB 377 -19.94 -51.91 -21.83
CA VAL AB 377 -20.23 -52.50 -20.53
C VAL AB 377 -21.59 -53.19 -20.65
N ILE AB 378 -21.60 -54.51 -20.57
CA ILE AB 378 -22.85 -55.26 -20.60
C ILE AB 378 -23.33 -55.48 -19.17
N ALA AB 379 -22.56 -56.25 -18.39
CA ALA AB 379 -22.69 -56.38 -16.94
C ALA AB 379 -24.15 -56.43 -16.49
N ARG AB 380 -24.90 -57.40 -17.02
CA ARG AB 380 -26.28 -57.54 -16.56
C ARG AB 380 -26.33 -58.29 -15.24
N ALA AB 381 -26.01 -59.60 -15.29
CA ALA AB 381 -25.80 -60.41 -14.09
C ALA AB 381 -25.34 -61.81 -14.50
N SER AB 382 -24.31 -62.33 -13.81
CA SER AB 382 -23.88 -63.71 -13.93
C SER AB 382 -23.83 -64.16 -15.40
N ILE AB 383 -22.93 -63.51 -16.13
CA ILE AB 383 -22.79 -63.82 -17.55
C ILE AB 383 -22.14 -65.18 -17.70
N GLN AB 384 -22.81 -66.09 -18.40
CA GLN AB 384 -22.23 -67.40 -18.67
C GLN AB 384 -22.34 -67.71 -20.15
N PRO AB 385 -21.37 -68.43 -20.72
CA PRO AB 385 -21.42 -68.76 -22.13
C PRO AB 385 -22.55 -69.74 -22.43
N LEU AB 386 -23.21 -69.54 -23.57
CA LEU AB 386 -24.27 -70.45 -23.97
C LEU AB 386 -23.70 -71.76 -24.49
N TYR AB 387 -22.68 -71.70 -25.33
CA TYR AB 387 -22.14 -72.87 -26.01
C TYR AB 387 -20.64 -72.90 -25.81
N PRO AB 388 -20.18 -73.31 -24.62
CA PRO AB 388 -18.74 -73.42 -24.40
C PRO AB 388 -18.07 -74.40 -25.34
N GLU AB 389 -18.82 -75.39 -25.85
CA GLU AB 389 -18.27 -76.35 -26.78
C GLU AB 389 -17.89 -75.70 -28.09
N ASP AB 390 -18.74 -74.81 -28.60
CA ASP AB 390 -18.49 -74.19 -29.90
C ASP AB 390 -17.34 -73.19 -29.81
N THR AB 391 -16.71 -72.94 -30.95
CA THR AB 391 -15.54 -72.09 -31.02
C THR AB 391 -15.65 -71.18 -32.24
N PRO AB 392 -15.40 -69.88 -32.10
CA PRO AB 392 -15.42 -68.99 -33.25
C PRO AB 392 -14.12 -69.02 -34.03
N ASP AB 393 -14.17 -68.43 -35.24
CA ASP AB 393 -13.00 -68.27 -36.09
C ASP AB 393 -12.83 -66.80 -36.42
N GLU AB 394 -11.60 -66.31 -36.29
CA GLU AB 394 -11.36 -64.88 -36.40
C GLU AB 394 -11.50 -64.42 -37.85
N GLU AB 395 -10.88 -65.11 -38.79
CA GLU AB 395 -10.90 -64.66 -40.18
C GLU AB 395 -12.27 -64.85 -40.80
N ALA AB 396 -12.90 -66.00 -40.53
CA ALA AB 396 -14.27 -66.22 -40.97
C ALA AB 396 -15.19 -65.17 -40.37
N MET AB 397 -14.97 -64.83 -39.10
CA MET AB 397 -15.80 -63.82 -38.46
C MET AB 397 -15.60 -62.46 -39.11
N VAL AB 398 -14.34 -62.11 -39.42
CA VAL AB 398 -14.04 -60.83 -40.03
C VAL AB 398 -14.72 -60.72 -41.39
N LYS AB 399 -14.59 -61.75 -42.22
CA LYS AB 399 -15.26 -61.72 -43.50
C LYS AB 399 -16.78 -61.77 -43.34
N GLY AB 400 -17.27 -62.30 -42.22
CA GLY AB 400 -18.69 -62.26 -41.92
C GLY AB 400 -19.18 -60.92 -41.46
N ARG AB 401 -18.27 -60.04 -41.01
CA ARG AB 401 -18.56 -58.64 -40.76
C ARG AB 401 -19.52 -58.40 -39.61
N LEU AB 402 -19.70 -59.37 -38.71
CA LEU AB 402 -20.58 -59.21 -37.57
C LEU AB 402 -19.75 -58.97 -36.32
N ASN AB 403 -20.41 -58.47 -35.28
CA ASN AB 403 -19.74 -57.95 -34.09
C ASN AB 403 -19.64 -59.04 -33.03
N LYS AB 404 -18.41 -59.35 -32.61
CA LYS AB 404 -18.14 -60.20 -31.46
C LYS AB 404 -17.67 -59.38 -30.27
N VAL AB 405 -17.35 -60.08 -29.20
CA VAL AB 405 -17.24 -59.48 -27.87
C VAL AB 405 -16.10 -60.16 -27.12
N SER AB 406 -15.37 -59.38 -26.33
CA SER AB 406 -14.24 -59.92 -25.58
C SER AB 406 -14.22 -59.46 -24.13
N VAL AB 407 -13.13 -59.80 -23.42
CA VAL AB 407 -13.00 -59.47 -22.02
C VAL AB 407 -12.62 -57.99 -21.87
N GLY AB 408 -13.00 -57.42 -20.74
CA GLY AB 408 -12.68 -56.03 -20.49
C GLY AB 408 -11.71 -55.82 -19.34
N THR AB 409 -11.64 -54.60 -18.82
CA THR AB 409 -10.69 -54.26 -17.78
C THR AB 409 -10.93 -55.07 -16.51
N SER AB 410 -12.11 -54.91 -15.91
CA SER AB 410 -12.41 -55.49 -14.61
C SER AB 410 -13.16 -56.80 -14.69
N GLY AB 411 -12.86 -57.63 -15.68
CA GLY AB 411 -13.59 -58.86 -15.88
C GLY AB 411 -14.88 -58.70 -16.63
N GLN AB 412 -15.35 -57.48 -16.82
CA GLN AB 412 -16.51 -57.25 -17.65
C GLN AB 412 -16.16 -57.45 -19.12
N MET AB 413 -17.15 -57.32 -19.99
CA MET AB 413 -17.16 -58.02 -21.27
C MET AB 413 -17.43 -56.99 -22.37
N ILE AB 414 -16.39 -56.65 -23.13
CA ILE AB 414 -16.44 -55.51 -24.03
C ILE AB 414 -16.72 -55.97 -25.45
N ILE AB 415 -17.56 -55.21 -26.15
CA ILE AB 415 -17.72 -55.37 -27.59
C ILE AB 415 -16.37 -55.04 -28.24
N ASP AB 416 -15.68 -56.06 -28.74
CA ASP AB 416 -14.38 -55.82 -29.38
C ASP AB 416 -14.52 -55.68 -30.89
N ASP AB 417 -15.44 -54.84 -31.34
CA ASP AB 417 -15.63 -54.69 -32.78
C ASP AB 417 -16.37 -53.39 -33.05
N ALA AB 418 -16.02 -52.77 -34.17
CA ALA AB 418 -16.67 -51.56 -34.66
C ALA AB 418 -16.84 -51.65 -36.18
N LEU AB 419 -17.24 -52.82 -36.67
CA LEU AB 419 -17.34 -53.09 -38.10
C LEU AB 419 -18.77 -53.39 -38.46
N THR AB 420 -19.25 -52.75 -39.53
CA THR AB 420 -20.60 -52.96 -40.01
C THR AB 420 -20.63 -54.17 -40.95
N CYS AB 421 -21.80 -54.43 -41.54
CA CYS AB 421 -21.98 -55.51 -42.49
C CYS AB 421 -21.63 -55.12 -43.91
N CYS AB 422 -20.85 -54.06 -44.09
CA CYS AB 422 -20.44 -53.66 -45.43
C CYS AB 422 -19.52 -54.73 -46.01
N THR AB 423 -19.96 -55.34 -47.11
CA THR AB 423 -19.20 -56.45 -47.69
C THR AB 423 -17.86 -55.96 -48.23
N GLN AB 424 -17.87 -54.91 -49.04
CA GLN AB 424 -16.65 -54.43 -49.65
C GLN AB 424 -15.74 -53.80 -48.60
N ASP AB 425 -14.44 -54.06 -48.73
CA ASP AB 425 -13.45 -53.60 -47.76
C ASP AB 425 -12.95 -52.21 -48.13
N ASN AB 426 -13.90 -51.30 -48.23
CA ASN AB 426 -13.61 -49.90 -48.49
C ASN AB 426 -13.78 -49.09 -47.20
N TYR AB 427 -13.22 -47.88 -47.20
CA TYR AB 427 -13.13 -47.12 -45.97
C TYR AB 427 -14.48 -46.83 -45.34
N LEU AB 428 -15.57 -46.96 -46.09
CA LEU AB 428 -16.89 -46.79 -45.51
C LEU AB 428 -17.39 -48.04 -44.81
N HIS AB 429 -16.64 -49.13 -44.83
CA HIS AB 429 -17.05 -50.35 -44.15
C HIS AB 429 -16.87 -50.28 -42.64
N PHE AB 430 -16.41 -49.16 -42.11
CA PHE AB 430 -16.28 -48.97 -40.67
C PHE AB 430 -17.64 -48.55 -40.09
N GLN AB 431 -17.65 -48.09 -38.85
CA GLN AB 431 -18.87 -47.55 -38.24
C GLN AB 431 -18.84 -46.04 -38.08
N HIS AB 432 -17.65 -45.47 -37.87
CA HIS AB 432 -17.54 -44.03 -37.72
C HIS AB 432 -17.73 -43.31 -39.05
N VAL AB 433 -17.28 -43.92 -40.14
CA VAL AB 433 -17.50 -43.32 -41.46
C VAL AB 433 -18.99 -43.20 -41.79
N PRO AB 434 -19.79 -44.28 -41.74
CA PRO AB 434 -21.23 -44.10 -41.97
C PRO AB 434 -21.86 -43.14 -40.99
N SER AB 435 -21.33 -43.07 -39.77
CA SER AB 435 -21.83 -42.10 -38.82
C SER AB 435 -21.66 -40.69 -39.35
N LEU AB 436 -20.52 -40.41 -39.96
CA LEU AB 436 -20.27 -39.06 -40.43
C LEU AB 436 -21.07 -38.76 -41.70
N MET AB 437 -21.23 -39.74 -42.59
CA MET AB 437 -22.15 -39.46 -43.71
C MET AB 437 -23.55 -39.17 -43.19
N ASN AB 438 -24.03 -39.93 -42.21
CA ASN AB 438 -25.38 -39.68 -41.72
C ASN AB 438 -25.49 -38.30 -41.07
N ALA AB 439 -24.52 -37.95 -40.23
CA ALA AB 439 -24.55 -36.64 -39.59
C ALA AB 439 -24.54 -35.52 -40.62
N ILE AB 440 -23.60 -35.58 -41.56
CA ILE AB 440 -23.51 -34.51 -42.53
C ILE AB 440 -24.78 -34.47 -43.37
N SER AB 441 -25.38 -35.63 -43.65
CA SER AB 441 -26.63 -35.64 -44.38
C SER AB 441 -27.70 -34.87 -43.63
N ARG AB 442 -27.89 -35.18 -42.35
CA ARG AB 442 -28.78 -34.37 -41.53
C ARG AB 442 -28.49 -32.88 -41.67
N PHE AB 443 -27.27 -32.46 -41.27
CA PHE AB 443 -27.00 -31.02 -41.22
C PHE AB 443 -27.26 -30.36 -42.57
N PHE AB 444 -26.85 -31.02 -43.65
CA PHE AB 444 -27.12 -30.48 -44.97
C PHE AB 444 -28.62 -30.33 -45.19
N VAL AB 445 -29.40 -31.32 -44.73
CA VAL AB 445 -30.84 -31.26 -44.92
C VAL AB 445 -31.43 -30.06 -44.19
N GLN AB 446 -31.09 -29.89 -42.92
CA GLN AB 446 -31.79 -28.79 -42.24
C GLN AB 446 -31.31 -27.44 -42.73
N LEU AB 447 -30.02 -27.29 -43.06
CA LEU AB 447 -29.57 -26.01 -43.58
C LEU AB 447 -30.25 -25.71 -44.91
N ALA AB 448 -30.34 -26.70 -45.79
CA ALA AB 448 -31.02 -26.49 -47.06
C ALA AB 448 -32.48 -26.17 -46.86
N ARG AB 449 -33.14 -26.85 -45.93
CA ARG AB 449 -34.57 -26.64 -45.72
C ARG AB 449 -34.84 -25.26 -45.13
N GLN AB 450 -33.97 -24.79 -44.23
CA GLN AB 450 -34.15 -23.45 -43.68
C GLN AB 450 -33.83 -22.37 -44.70
N MET AB 451 -32.90 -22.62 -45.63
CA MET AB 451 -32.66 -21.64 -46.69
C MET AB 451 -33.53 -21.87 -47.90
N LYS AB 452 -34.46 -22.83 -47.84
CA LYS AB 452 -35.30 -23.14 -48.99
C LYS AB 452 -36.20 -21.97 -49.35
N HIS AB 453 -36.46 -21.81 -50.64
CA HIS AB 453 -37.38 -20.81 -51.16
C HIS AB 453 -36.95 -19.41 -50.76
N SER AB 454 -35.77 -19.03 -51.25
CA SER AB 454 -35.18 -17.75 -50.95
C SER AB 454 -34.87 -17.02 -52.25
N PRO AB 455 -34.94 -15.69 -52.25
CA PRO AB 455 -34.55 -14.95 -53.45
C PRO AB 455 -33.09 -15.21 -53.81
N ASP AB 456 -32.83 -15.23 -55.10
CA ASP AB 456 -31.51 -15.61 -55.60
C ASP AB 456 -30.49 -14.51 -55.31
N GLY AB 457 -29.21 -14.87 -55.49
CA GLY AB 457 -28.11 -13.96 -55.24
C GLY AB 457 -27.48 -14.09 -53.88
N ILE AB 458 -28.14 -14.80 -52.96
CA ILE AB 458 -27.62 -14.99 -51.62
C ILE AB 458 -27.42 -16.46 -51.27
N THR AB 459 -28.08 -17.37 -51.98
CA THR AB 459 -28.05 -18.77 -51.62
C THR AB 459 -26.64 -19.32 -51.61
N ALA AB 460 -25.83 -18.95 -52.61
CA ALA AB 460 -24.46 -19.41 -52.64
C ALA AB 460 -23.68 -18.95 -51.41
N ALA AB 461 -23.87 -17.68 -51.03
CA ALA AB 461 -23.17 -17.17 -49.86
C ALA AB 461 -23.61 -17.89 -48.59
N GLY AB 462 -24.92 -18.09 -48.43
CA GLY AB 462 -25.41 -18.80 -47.28
C GLY AB 462 -24.85 -20.21 -47.22
N LEU AB 463 -24.76 -20.86 -48.37
CA LEU AB 463 -24.16 -22.19 -48.44
C LEU AB 463 -22.69 -22.13 -48.02
N THR AB 464 -21.97 -21.12 -48.48
CA THR AB 464 -20.55 -21.02 -48.15
C THR AB 464 -20.35 -20.91 -46.64
N LYS AB 465 -21.04 -19.97 -46.01
CA LYS AB 465 -20.89 -19.84 -44.56
C LYS AB 465 -21.45 -21.04 -43.81
N GLY AB 466 -22.49 -21.69 -44.32
CA GLY AB 466 -22.97 -22.90 -43.67
C GLY AB 466 -21.94 -24.00 -43.68
N MET AB 467 -21.30 -24.20 -44.84
CA MET AB 467 -20.20 -25.15 -44.93
C MET AB 467 -19.09 -24.81 -43.97
N THR AB 468 -18.69 -23.54 -43.93
CA THR AB 468 -17.60 -23.14 -43.05
C THR AB 468 -17.93 -23.45 -41.61
N LYS AB 469 -19.16 -23.12 -41.18
CA LYS AB 469 -19.51 -23.32 -39.79
C LYS AB 469 -19.62 -24.80 -39.45
N LEU AB 470 -20.13 -25.60 -40.39
CA LEU AB 470 -20.27 -27.02 -40.09
C LEU AB 470 -18.90 -27.70 -40.05
N LEU AB 471 -18.00 -27.35 -40.98
CA LEU AB 471 -16.61 -27.78 -40.84
C LEU AB 471 -16.01 -27.31 -39.53
N ASP AB 472 -16.41 -26.13 -39.06
CA ASP AB 472 -15.92 -25.65 -37.76
C ASP AB 472 -16.34 -26.62 -36.66
N ARG AB 473 -17.60 -27.04 -36.68
CA ARG AB 473 -18.06 -27.99 -35.67
C ARG AB 473 -17.31 -29.32 -35.79
N PHE AB 474 -17.09 -29.79 -37.02
CA PHE AB 474 -16.38 -31.07 -37.15
C PHE AB 474 -14.94 -30.97 -36.69
N VAL AB 475 -14.24 -29.88 -37.04
CA VAL AB 475 -12.86 -29.77 -36.60
C VAL AB 475 -12.77 -29.56 -35.11
N ALA AB 476 -13.78 -28.91 -34.51
CA ALA AB 476 -13.83 -28.84 -33.06
C ALA AB 476 -14.01 -30.22 -32.46
N SER AB 477 -14.87 -31.04 -33.07
CA SER AB 477 -15.06 -32.40 -32.61
C SER AB 477 -13.84 -33.27 -32.85
N GLY AB 478 -12.94 -32.84 -33.74
CA GLY AB 478 -11.77 -33.62 -34.09
C GLY AB 478 -12.03 -34.72 -35.08
N ALA AB 479 -13.25 -34.86 -35.58
CA ALA AB 479 -13.57 -35.96 -36.50
C ALA AB 479 -12.79 -35.83 -37.80
N LEU AB 480 -12.70 -34.61 -38.34
CA LEU AB 480 -12.04 -34.37 -39.62
C LEU AB 480 -10.72 -33.67 -39.37
N VAL AB 481 -9.68 -34.11 -40.07
CA VAL AB 481 -8.34 -33.57 -39.93
C VAL AB 481 -7.77 -33.30 -41.32
N ALA AB 482 -6.61 -32.65 -41.34
CA ALA AB 482 -5.93 -32.39 -42.60
C ALA AB 482 -5.44 -33.70 -43.21
N PRO AB 483 -5.36 -33.77 -44.54
CA PRO AB 483 -4.93 -35.01 -45.20
C PRO AB 483 -3.50 -35.37 -44.82
N ARG AB 484 -3.24 -36.68 -44.77
CA ARG AB 484 -1.91 -37.17 -44.44
C ARG AB 484 -0.94 -37.12 -45.61
N ASP AB 485 -1.42 -36.77 -46.81
CA ASP AB 485 -0.56 -36.70 -47.98
C ASP AB 485 -0.46 -35.26 -48.45
N PRO AB 486 0.58 -34.53 -48.07
CA PRO AB 486 0.66 -33.11 -48.45
C PRO AB 486 1.12 -32.90 -49.88
N ASP AB 487 2.03 -33.75 -50.36
CA ASP AB 487 2.66 -33.51 -51.64
C ASP AB 487 1.66 -33.63 -52.79
N ALA AB 488 0.87 -34.70 -52.79
CA ALA AB 488 -0.08 -34.95 -53.86
C ALA AB 488 -1.52 -34.64 -53.47
N ASP AB 489 -1.91 -34.97 -52.25
CA ASP AB 489 -3.28 -34.74 -51.80
C ASP AB 489 -3.46 -33.43 -51.06
N GLY AB 490 -2.39 -32.66 -50.86
CA GLY AB 490 -2.52 -31.37 -50.22
C GLY AB 490 -2.69 -31.47 -48.72
N THR AB 491 -2.89 -30.30 -48.11
CA THR AB 491 -3.01 -30.20 -46.65
C THR AB 491 -4.35 -29.65 -46.21
N GLU AB 492 -5.30 -29.50 -47.12
CA GLU AB 492 -6.58 -28.90 -46.79
C GLU AB 492 -7.54 -29.98 -46.31
N PRO AB 493 -8.05 -29.89 -45.08
CA PRO AB 493 -8.96 -30.93 -44.58
C PRO AB 493 -10.27 -31.00 -45.33
N TYR AB 494 -10.64 -29.96 -46.08
CA TYR AB 494 -11.92 -29.95 -46.78
C TYR AB 494 -11.85 -29.02 -47.97
N VAL AB 495 -12.80 -29.20 -48.89
CA VAL AB 495 -12.89 -28.38 -50.09
C VAL AB 495 -14.35 -28.34 -50.53
N LEU AB 496 -14.74 -27.25 -51.19
CA LEU AB 496 -16.12 -26.99 -51.54
C LEU AB 496 -16.25 -26.59 -53.00
N LYS AB 497 -17.39 -26.96 -53.60
CA LYS AB 497 -17.77 -26.54 -54.94
C LYS AB 497 -19.23 -26.16 -54.89
N VAL AB 498 -19.57 -24.94 -55.32
CA VAL AB 498 -20.94 -24.45 -55.32
C VAL AB 498 -21.23 -23.81 -56.67
N THR AB 499 -22.34 -24.19 -57.29
CA THR AB 499 -22.79 -23.51 -58.50
C THR AB 499 -24.24 -23.86 -58.75
N GLN AB 500 -24.76 -23.36 -59.87
CA GLN AB 500 -26.17 -23.51 -60.18
C GLN AB 500 -26.33 -23.81 -61.67
N ALA AB 501 -27.42 -24.48 -62.03
CA ALA AB 501 -27.65 -24.82 -63.44
C ALA AB 501 -28.66 -23.90 -64.11
N GLU AB 502 -29.80 -23.64 -63.48
CA GLU AB 502 -30.85 -22.80 -64.05
C GLU AB 502 -31.52 -22.05 -62.90
N PHE AB 503 -32.69 -21.46 -63.16
CA PHE AB 503 -33.49 -20.86 -62.10
C PHE AB 503 -33.64 -21.79 -60.90
N ASP AB 504 -33.52 -23.10 -61.11
CA ASP AB 504 -33.56 -24.08 -60.05
C ASP AB 504 -32.29 -24.92 -60.14
N LYS AB 505 -32.24 -25.98 -59.34
CA LYS AB 505 -31.14 -26.95 -59.33
C LYS AB 505 -29.82 -26.21 -59.08
N TRP AB 506 -29.69 -25.77 -57.84
CA TRP AB 506 -28.38 -25.47 -57.28
C TRP AB 506 -27.68 -26.78 -56.95
N GLU AB 507 -26.36 -26.76 -56.94
CA GLU AB 507 -25.58 -27.97 -56.73
C GLU AB 507 -24.33 -27.63 -55.94
N VAL AB 508 -24.00 -28.53 -55.02
CA VAL AB 508 -22.86 -28.38 -54.12
C VAL AB 508 -22.17 -29.73 -53.99
N VAL AB 509 -20.84 -29.71 -54.03
CA VAL AB 509 -20.02 -30.89 -53.81
C VAL AB 509 -18.93 -30.54 -52.83
N TRP AB 510 -18.87 -31.26 -51.71
CA TRP AB 510 -17.87 -31.03 -50.68
C TRP AB 510 -17.08 -32.29 -50.39
N ALA AB 511 -15.78 -32.12 -50.14
CA ALA AB 511 -14.90 -33.21 -49.75
C ALA AB 511 -14.28 -32.90 -48.40
N CYS AB 512 -14.13 -33.93 -47.57
CA CYS AB 512 -13.52 -33.80 -46.26
C CYS AB 512 -12.67 -35.02 -45.95
N CYS AB 513 -11.69 -34.83 -45.08
CA CYS AB 513 -10.78 -35.90 -44.67
C CYS AB 513 -10.96 -36.17 -43.17
N PRO AB 514 -11.39 -37.36 -42.78
CA PRO AB 514 -11.60 -37.63 -41.36
C PRO AB 514 -10.31 -38.03 -40.63
N THR AB 515 -10.43 -38.44 -39.37
CA THR AB 515 -9.31 -38.87 -38.55
C THR AB 515 -9.38 -40.36 -38.30
N GLY AB 516 -8.42 -40.86 -37.51
CA GLY AB 516 -8.33 -42.28 -37.23
C GLY AB 516 -9.08 -42.70 -35.98
N VAL AB 517 -9.30 -44.01 -35.87
CA VAL AB 517 -10.04 -44.58 -34.74
C VAL AB 517 -9.26 -45.67 -34.01
N ALA AB 518 -8.30 -46.33 -34.66
CA ALA AB 518 -7.42 -47.32 -34.02
C ALA AB 518 -8.21 -48.48 -33.43
N ARG AB 519 -8.80 -49.27 -34.32
CA ARG AB 519 -9.50 -50.49 -33.90
C ARG AB 519 -8.65 -51.75 -34.05
N ARG AB 520 -7.43 -51.66 -34.57
CA ARG AB 520 -6.46 -52.73 -34.42
C ARG AB 520 -5.10 -52.15 -34.06
N ILE AB 521 -4.33 -52.92 -33.31
CA ILE AB 521 -3.04 -52.48 -32.77
C ILE AB 521 -2.03 -53.61 -32.95
N GLN AB 522 -0.77 -53.22 -33.09
CA GLN AB 522 0.33 -54.15 -33.27
C GLN AB 522 1.37 -53.93 -32.17
N GLY AB 523 1.91 -55.03 -31.66
CA GLY AB 523 2.95 -54.95 -30.64
C GLY AB 523 3.90 -56.13 -30.70
N VAL AB 524 5.20 -55.88 -30.49
CA VAL AB 524 6.22 -56.90 -30.60
C VAL AB 524 7.19 -56.80 -29.43
N PRO AB 525 7.36 -57.85 -28.63
CA PRO AB 525 8.29 -57.81 -27.50
C PRO AB 525 9.69 -58.27 -27.87
N LEU AB 526 10.65 -57.76 -27.12
CA LEU AB 526 12.02 -58.25 -27.18
C LEU AB 526 12.74 -57.77 -25.93
N LEU AB 527 13.86 -58.41 -25.62
CA LEU AB 527 14.66 -58.02 -24.47
C LEU AB 527 16.10 -57.81 -24.92
N ILE AB 528 16.81 -56.97 -24.16
CA ILE AB 528 18.22 -56.74 -24.41
C ILE AB 528 19.10 -57.73 -23.64
N LYS AB 529 18.54 -58.48 -22.71
CA LYS AB 529 19.23 -59.51 -21.91
C LYS AB 529 20.62 -59.12 -21.39
N SER BB 2 -10.89 -69.51 -25.72
CA SER BB 2 -11.54 -68.25 -25.38
C SER BB 2 -10.79 -67.05 -25.96
N GLN BB 3 -11.00 -65.88 -25.36
CA GLN BB 3 -10.41 -64.64 -25.83
C GLN BB 3 -9.09 -64.31 -25.16
N TYR BB 4 -8.60 -65.19 -24.28
CA TYR BB 4 -7.36 -64.92 -23.55
C TYR BB 4 -6.12 -65.37 -24.29
N SER BB 5 -6.21 -66.50 -25.00
CA SER BB 5 -5.07 -66.97 -25.77
C SER BB 5 -4.70 -65.96 -26.84
N ILE BB 6 -3.40 -65.69 -26.97
CA ILE BB 6 -2.88 -64.71 -27.91
C ILE BB 6 -2.28 -65.44 -29.09
N GLN BB 7 -2.58 -64.98 -30.29
CA GLN BB 7 -2.07 -65.59 -31.50
C GLN BB 7 -0.65 -65.07 -31.75
N GLN BB 8 -0.11 -65.38 -32.94
CA GLN BB 8 1.27 -65.02 -33.24
C GLN BB 8 1.40 -63.60 -33.74
N SER BB 9 0.76 -63.29 -34.87
CA SER BB 9 0.89 -62.00 -35.52
C SER BB 9 -0.49 -61.46 -35.85
N LEU BB 10 -0.55 -60.15 -36.05
CA LEU BB 10 -1.82 -59.50 -36.37
C LEU BB 10 -2.26 -59.91 -37.77
N GLY BB 11 -3.51 -60.36 -37.88
CA GLY BB 11 -4.07 -60.68 -39.17
C GLY BB 11 -5.06 -59.61 -39.61
N ASN BB 12 -6.33 -59.96 -39.65
CA ASN BB 12 -7.39 -58.99 -39.91
C ASN BB 12 -8.30 -58.78 -38.72
N ALA BB 13 -8.18 -59.59 -37.67
CA ALA BB 13 -9.03 -59.44 -36.50
C ALA BB 13 -8.54 -58.30 -35.62
N SER BB 14 -9.48 -57.69 -34.91
CA SER BB 14 -9.18 -56.59 -33.99
C SER BB 14 -8.71 -57.20 -32.67
N GLY BB 15 -7.42 -57.11 -32.42
CA GLY BB 15 -6.86 -57.69 -31.21
C GLY BB 15 -5.39 -57.38 -31.08
N VAL BB 16 -4.74 -58.10 -30.18
CA VAL BB 16 -3.31 -57.95 -29.93
C VAL BB 16 -2.65 -59.30 -30.15
N ALA BB 17 -1.62 -59.32 -31.00
CA ALA BB 17 -0.77 -60.49 -31.19
C ALA BB 17 0.67 -60.04 -31.01
N VAL BB 18 1.42 -60.79 -30.23
CA VAL BB 18 2.81 -60.45 -29.94
C VAL BB 18 3.71 -61.55 -30.46
N SER BB 19 4.92 -61.15 -30.78
CA SER BB 19 5.95 -62.08 -31.21
C SER BB 19 6.61 -62.74 -30.01
N PRO BB 20 7.27 -63.88 -30.21
CA PRO BB 20 8.06 -64.46 -29.14
C PRO BB 20 9.17 -63.49 -28.73
N ILE BB 21 9.54 -63.55 -27.46
CA ILE BB 21 10.54 -62.64 -26.92
C ILE BB 21 11.86 -62.84 -27.67
N ASN BB 22 12.52 -61.73 -27.99
CA ASN BB 22 13.75 -61.77 -28.77
C ASN BB 22 14.90 -61.15 -28.00
N ALA BB 23 15.99 -61.88 -27.88
CA ALA BB 23 17.20 -61.40 -27.21
C ALA BB 23 18.25 -60.87 -28.17
N ASP BB 24 18.52 -61.58 -29.26
CA ASP BB 24 19.51 -61.15 -30.24
C ASP BB 24 18.86 -60.17 -31.23
N ALA BB 25 18.54 -59.00 -30.70
CA ALA BB 25 17.98 -57.91 -31.50
C ALA BB 25 18.36 -56.60 -30.84
N THR BB 26 19.13 -55.78 -31.55
CA THR BB 26 19.64 -54.53 -31.02
C THR BB 26 19.01 -53.37 -31.77
N LEU BB 27 18.50 -52.39 -31.03
CA LEU BB 27 17.93 -51.19 -31.62
C LEU BB 27 18.31 -49.99 -30.77
N SER BB 28 18.59 -48.88 -31.44
CA SER BB 28 19.09 -47.67 -30.79
C SER BB 28 18.18 -46.49 -31.10
N THR BB 29 18.32 -45.44 -30.30
CA THR BB 29 17.50 -44.25 -30.40
C THR BB 29 18.28 -43.12 -31.05
N GLY BB 30 17.65 -42.44 -32.01
CA GLY BB 30 18.29 -41.33 -32.67
C GLY BB 30 17.36 -40.49 -33.52
N VAL BB 31 17.43 -39.17 -33.38
CA VAL BB 31 16.66 -38.22 -34.18
C VAL BB 31 17.64 -37.29 -34.88
N ALA BB 32 17.64 -37.33 -36.21
CA ALA BB 32 18.57 -36.53 -36.99
C ALA BB 32 18.15 -35.07 -37.01
N LEU BB 33 19.12 -34.17 -37.05
CA LEU BB 33 18.87 -32.75 -37.14
C LEU BB 33 19.40 -32.11 -38.41
N ASN BB 34 20.10 -32.88 -39.26
CA ASN BB 34 20.57 -32.40 -40.56
C ASN BB 34 21.49 -31.20 -40.30
N SER BB 35 22.65 -31.45 -39.73
CA SER BB 35 23.66 -30.41 -39.60
C SER BB 35 24.72 -30.45 -40.67
N SER BB 36 25.08 -31.65 -41.16
CA SER BB 36 26.10 -31.78 -42.19
C SER BB 36 25.73 -32.98 -43.05
N LEU BB 37 25.15 -32.72 -44.21
CA LEU BB 37 24.80 -33.81 -45.12
C LEU BB 37 26.06 -34.48 -45.64
N TRP BB 38 26.04 -35.81 -45.66
CA TRP BB 38 27.23 -36.57 -45.99
C TRP BB 38 26.83 -37.89 -46.65
N ALA BB 39 27.82 -38.52 -47.28
CA ALA BB 39 27.63 -39.82 -47.90
C ALA BB 39 28.94 -40.58 -47.85
N GLY BB 40 28.91 -41.81 -48.35
CA GLY BB 40 30.11 -42.62 -48.37
C GLY BB 40 29.90 -43.87 -49.22
N ILE BB 41 31.01 -44.41 -49.70
CA ILE BB 41 31.00 -45.61 -50.52
C ILE BB 41 31.25 -46.81 -49.62
N GLY BB 42 30.27 -47.72 -49.57
CA GLY BB 42 30.38 -48.88 -48.72
C GLY BB 42 29.96 -50.13 -49.46
N VAL BB 43 30.39 -51.27 -48.91
CA VAL BB 43 30.01 -52.58 -49.41
C VAL BB 43 29.33 -53.30 -48.26
N PHE BB 44 28.02 -53.55 -48.41
CA PHE BB 44 27.24 -54.11 -47.31
C PHE BB 44 26.48 -55.33 -47.76
N ALA BB 45 25.63 -55.84 -46.89
CA ALA BB 45 24.65 -56.87 -47.24
C ALA BB 45 23.30 -56.22 -47.37
N ARG BB 46 22.53 -56.65 -48.38
CA ARG BB 46 21.19 -56.13 -48.64
C ARG BB 46 21.22 -54.67 -49.09
N GLY BB 47 20.17 -54.24 -49.77
CA GLY BB 47 20.13 -52.90 -50.29
C GLY BB 47 20.54 -52.86 -51.75
N LYS BB 48 20.04 -51.85 -52.46
CA LYS BB 48 20.36 -51.72 -53.88
C LYS BB 48 21.77 -51.21 -54.05
N PRO BB 49 22.65 -51.96 -54.72
CA PRO BB 49 24.02 -51.49 -54.93
C PRO BB 49 24.10 -50.42 -56.00
N PHE BB 50 25.22 -49.70 -55.99
CA PHE BB 50 25.51 -48.68 -56.99
C PHE BB 50 24.38 -47.66 -57.09
N THR BB 51 23.83 -47.30 -55.93
CA THR BB 51 22.75 -46.36 -55.85
C THR BB 51 22.84 -45.64 -54.52
N VAL BB 52 22.50 -44.36 -54.51
CA VAL BB 52 22.47 -43.58 -53.28
C VAL BB 52 21.22 -43.94 -52.50
N LEU BB 53 21.39 -44.24 -51.22
CA LEU BB 53 20.29 -44.52 -50.32
C LEU BB 53 20.45 -43.63 -49.09
N ALA BB 54 19.39 -42.87 -48.79
CA ALA BB 54 19.35 -42.03 -47.60
C ALA BB 54 19.07 -42.90 -46.40
N VAL BB 55 20.05 -43.01 -45.52
CA VAL BB 55 19.97 -43.87 -44.34
C VAL BB 55 19.83 -42.98 -43.11
N THR BB 56 18.80 -43.23 -42.32
CA THR BB 56 18.51 -42.51 -41.10
C THR BB 56 18.91 -43.34 -39.89
N GLU BB 57 18.56 -42.85 -38.71
CA GLU BB 57 18.84 -43.54 -37.45
C GLU BB 57 17.88 -44.69 -37.20
N SER BB 58 17.07 -45.06 -38.19
CA SER BB 58 16.06 -46.08 -38.01
C SER BB 58 16.01 -47.11 -39.12
N ASN BB 59 16.89 -47.03 -40.11
CA ASN BB 59 16.87 -47.96 -41.23
C ASN BB 59 18.20 -48.65 -41.47
N TYR BB 60 19.30 -48.15 -40.92
CA TYR BB 60 20.60 -48.80 -41.13
C TYR BB 60 20.59 -50.25 -40.67
N GLU BB 61 19.67 -50.60 -39.78
CA GLU BB 61 19.58 -51.98 -39.33
C GLU BB 61 19.19 -52.91 -40.48
N ASP BB 62 18.22 -52.52 -41.29
CA ASP BB 62 17.66 -53.43 -42.29
C ASP BB 62 18.00 -53.04 -43.72
N VAL BB 63 17.74 -51.79 -44.12
CA VAL BB 63 18.02 -51.42 -45.50
C VAL BB 63 19.52 -51.49 -45.78
N LEU BB 64 20.34 -51.13 -44.79
CA LEU BB 64 21.78 -51.31 -44.92
C LEU BB 64 22.19 -52.75 -44.67
N GLY BB 65 21.34 -53.54 -44.04
CA GLY BB 65 21.63 -54.92 -43.76
C GLY BB 65 22.18 -55.12 -42.35
N GLU BB 66 22.16 -56.37 -41.92
CA GLU BB 66 22.68 -56.70 -40.59
C GLU BB 66 24.20 -56.58 -40.58
N PRO BB 67 24.78 -55.99 -39.54
CA PRO BB 67 26.25 -55.83 -39.51
C PRO BB 67 26.95 -57.18 -39.53
N LEU BB 68 28.03 -57.23 -40.30
CA LEU BB 68 28.80 -58.47 -40.44
C LEU BB 68 29.83 -58.57 -39.32
N LYS BB 69 30.68 -59.55 -39.40
CA LYS BB 69 31.73 -59.76 -38.42
C LYS BB 69 33.07 -59.27 -38.96
N PRO BB 70 33.98 -58.87 -38.08
CA PRO BB 70 35.28 -58.37 -38.56
C PRO BB 70 36.04 -59.39 -39.38
N SER BB 71 35.97 -60.67 -39.01
CA SER BB 71 36.73 -61.69 -39.74
C SER BB 71 36.17 -61.94 -41.13
N SER BB 72 34.94 -61.49 -41.40
CA SER BB 72 34.34 -61.64 -42.73
C SER BB 72 34.94 -60.57 -43.64
N GLY BB 73 36.15 -60.85 -44.11
CA GLY BB 73 36.81 -59.94 -45.01
C GLY BB 73 37.15 -58.63 -44.33
N SER BB 74 37.15 -57.56 -45.11
CA SER BB 74 37.51 -56.23 -44.65
C SER BB 74 36.32 -55.29 -44.76
N GLN BB 75 35.14 -55.76 -44.38
CA GLN BB 75 33.90 -55.00 -44.59
C GLN BB 75 33.24 -54.60 -43.28
N PHE BB 76 33.84 -54.90 -42.14
CA PHE BB 76 33.36 -54.39 -40.87
C PHE BB 76 33.72 -52.93 -40.66
N GLU BB 77 34.80 -52.46 -41.29
CA GLU BB 77 35.18 -51.06 -41.16
C GLU BB 77 34.05 -50.11 -41.56
N PRO BB 78 33.41 -50.25 -42.73
CA PRO BB 78 32.36 -49.28 -43.08
C PRO BB 78 31.13 -49.38 -42.20
N ILE BB 79 30.75 -50.60 -41.79
CA ILE BB 79 29.57 -50.72 -40.95
C ILE BB 79 29.82 -50.09 -39.59
N ARG BB 80 31.01 -50.29 -39.02
CA ARG BB 80 31.33 -49.61 -37.79
C ARG BB 80 31.37 -48.10 -38.00
N HIS BB 81 31.97 -47.66 -39.10
CA HIS BB 81 32.08 -46.22 -39.37
C HIS BB 81 30.72 -45.57 -39.43
N VAL BB 82 29.79 -46.16 -40.19
CA VAL BB 82 28.45 -45.61 -40.24
C VAL BB 82 27.77 -45.75 -38.89
N TYR BB 83 28.16 -46.75 -38.10
CA TYR BB 83 27.58 -46.89 -36.77
C TYR BB 83 27.88 -45.66 -35.93
N GLU BB 84 29.14 -45.20 -35.92
CA GLU BB 84 29.37 -43.97 -35.16
C GLU BB 84 28.82 -42.75 -35.89
N ALA BB 85 28.75 -42.80 -37.22
CA ALA BB 85 28.31 -41.62 -37.97
C ALA BB 85 26.83 -41.33 -37.75
N ILE BB 86 26.02 -42.37 -37.56
CA ILE BB 86 24.58 -42.17 -37.52
C ILE BB 86 24.15 -41.35 -36.32
N GLN BB 87 24.91 -41.36 -35.23
CA GLN BB 87 24.48 -40.68 -34.03
C GLN BB 87 24.52 -39.17 -34.14
N GLN BB 88 24.80 -38.64 -35.33
CA GLN BB 88 24.76 -37.20 -35.54
C GLN BB 88 23.75 -36.80 -36.60
N THR BB 89 23.85 -37.35 -37.80
CA THR BB 89 22.91 -37.00 -38.86
C THR BB 89 22.91 -38.12 -39.89
N SER BB 90 21.89 -38.08 -40.76
CA SER BB 90 21.67 -39.12 -41.73
C SER BB 90 22.74 -39.09 -42.81
N GLY BB 91 22.77 -40.15 -43.62
CA GLY BB 91 23.73 -40.28 -44.69
C GLY BB 91 23.07 -40.59 -46.01
N TYR BB 92 23.88 -40.55 -47.06
CA TYR BB 92 23.43 -40.81 -48.42
C TYR BB 92 24.27 -41.92 -49.02
N VAL BB 93 24.38 -43.03 -48.29
CA VAL BB 93 25.42 -44.03 -48.59
C VAL BB 93 25.17 -44.68 -49.94
N VAL BB 94 26.25 -45.06 -50.62
CA VAL BB 94 26.17 -45.79 -51.87
C VAL BB 94 26.83 -47.14 -51.67
N ARG BB 95 26.06 -48.21 -51.93
CA ARG BB 95 26.54 -49.57 -51.77
C ARG BB 95 27.07 -50.10 -53.09
N ALA BB 96 28.14 -50.87 -53.02
CA ALA BB 96 28.77 -51.46 -54.19
C ALA BB 96 28.92 -52.96 -53.98
N VAL BB 97 28.71 -53.72 -55.05
CA VAL BB 97 28.86 -55.18 -54.99
C VAL BB 97 29.76 -55.62 -56.14
N PRO BB 98 30.45 -56.73 -56.02
CA PRO BB 98 31.28 -57.22 -57.12
C PRO BB 98 30.41 -57.85 -58.19
N ASP BB 99 31.06 -58.32 -59.24
CA ASP BB 99 30.36 -59.01 -60.32
C ASP BB 99 29.73 -60.31 -59.86
N ASP BB 100 30.22 -60.88 -58.75
CA ASP BB 100 29.67 -62.15 -58.26
C ASP BB 100 28.25 -61.99 -57.74
N ALA BB 101 27.83 -60.77 -57.42
CA ALA BB 101 26.49 -60.56 -56.88
C ALA BB 101 25.45 -60.78 -57.97
N LYS BB 102 24.48 -61.64 -57.68
CA LYS BB 102 23.36 -61.92 -58.56
C LYS BB 102 22.09 -61.96 -57.73
N PHE BB 103 21.08 -61.37 -58.21
CA PHE BB 103 19.79 -61.40 -57.55
C PHE BB 103 18.94 -62.55 -58.10
N PRO BB 104 18.08 -63.11 -57.25
CA PRO BB 104 17.22 -64.22 -57.69
C PRO BB 104 15.92 -63.74 -58.31
N ILE BB 105 15.41 -64.56 -59.22
CA ILE BB 105 14.19 -64.28 -59.96
C ILE BB 105 13.35 -65.55 -59.97
N ILE BB 106 12.04 -65.40 -59.80
CA ILE BB 106 11.10 -66.50 -59.91
C ILE BB 106 10.15 -66.18 -61.06
N MET BB 107 10.12 -67.06 -62.06
CA MET BB 107 9.29 -66.87 -63.24
C MET BB 107 8.05 -67.75 -63.13
N PHE BB 108 6.88 -67.16 -63.31
CA PHE BB 108 5.63 -67.88 -63.33
C PHE BB 108 5.14 -67.97 -64.77
N ASP BB 109 4.81 -69.18 -65.20
CA ASP BB 109 4.40 -69.42 -66.57
C ASP BB 109 2.93 -69.04 -66.75
N GLU BB 110 2.35 -69.43 -67.88
CA GLU BB 110 0.97 -69.08 -68.16
C GLU BB 110 0.02 -69.67 -67.12
N SER BB 111 0.28 -70.90 -66.69
CA SER BB 111 -0.52 -71.56 -65.67
C SER BB 111 -0.02 -71.28 -64.26
N GLY BB 112 0.96 -70.41 -64.11
CA GLY BB 112 1.54 -70.15 -62.81
C GLY BB 112 2.65 -71.09 -62.43
N GLU BB 113 3.23 -71.81 -63.40
CA GLU BB 113 4.30 -72.74 -63.08
C GLU BB 113 5.54 -71.98 -62.64
N PRO BB 114 6.08 -72.27 -61.47
CA PRO BB 114 7.24 -71.52 -60.96
C PRO BB 114 8.58 -72.12 -61.38
N ALA BB 115 9.51 -71.22 -61.72
CA ALA BB 115 10.88 -71.59 -62.02
C ALA BB 115 11.80 -70.57 -61.36
N TYR BB 116 13.03 -70.98 -61.09
CA TYR BB 116 13.98 -70.14 -60.39
C TYR BB 116 15.17 -69.83 -61.29
N SER BB 117 15.74 -68.64 -61.11
CA SER BB 117 16.93 -68.24 -61.86
C SER BB 117 17.65 -67.17 -61.06
N ALA BB 118 18.86 -66.83 -61.53
CA ALA BB 118 19.66 -65.78 -60.91
C ALA BB 118 20.33 -64.96 -61.99
N LEU BB 119 20.34 -63.65 -61.81
CA LEU BB 119 20.94 -62.78 -62.80
C LEU BB 119 21.84 -61.75 -62.13
N PRO BB 120 22.96 -61.40 -62.75
CA PRO BB 120 23.85 -60.40 -62.15
C PRO BB 120 23.18 -59.03 -62.10
N TYR BB 121 23.54 -58.27 -61.08
CA TYR BB 121 22.99 -56.93 -60.93
C TYR BB 121 23.43 -56.05 -62.09
N GLY BB 122 22.55 -55.17 -62.54
CA GLY BB 122 22.77 -54.37 -63.71
C GLY BB 122 22.34 -55.04 -64.99
N SER BB 123 22.39 -56.37 -65.05
CA SER BB 123 21.91 -57.09 -66.21
C SER BB 123 20.40 -56.99 -66.31
N GLU BB 124 19.90 -56.87 -67.53
CA GLU BB 124 18.47 -56.71 -67.75
C GLU BB 124 17.75 -58.05 -67.61
N ILE BB 125 16.42 -57.99 -67.67
CA ILE BB 125 15.57 -59.15 -67.52
C ILE BB 125 14.75 -59.31 -68.79
N GLU BB 126 14.77 -60.51 -69.37
CA GLU BB 126 14.02 -60.82 -70.57
C GLU BB 126 13.27 -62.13 -70.38
N LEU BB 127 12.11 -62.23 -71.01
CA LEU BB 127 11.27 -63.41 -70.92
C LEU BB 127 11.14 -64.06 -72.28
N ASP BB 128 11.24 -65.39 -72.31
CA ASP BB 128 11.12 -66.15 -73.54
C ASP BB 128 9.64 -66.32 -73.89
N SER BB 129 9.35 -67.21 -74.83
CA SER BB 129 7.96 -67.46 -75.20
C SER BB 129 7.15 -67.95 -74.01
N GLY BB 130 7.72 -68.83 -73.20
CA GLY BB 130 7.09 -69.29 -71.97
C GLY BB 130 7.36 -68.34 -70.83
N GLU BB 131 7.04 -68.81 -69.62
CA GLU BB 131 7.29 -68.06 -68.39
C GLU BB 131 6.60 -66.69 -68.45
N ALA BB 132 5.26 -66.77 -68.48
CA ALA BB 132 4.41 -65.60 -68.73
C ALA BB 132 4.92 -64.31 -68.11
N PHE BB 133 5.34 -64.36 -66.85
CA PHE BB 133 5.91 -63.20 -66.21
C PHE BB 133 6.95 -63.66 -65.19
N ALA BB 134 7.58 -62.69 -64.53
CA ALA BB 134 8.60 -62.99 -63.54
C ALA BB 134 8.59 -61.94 -62.45
N ILE BB 135 9.10 -62.32 -61.28
CA ILE BB 135 9.21 -61.42 -60.14
C ILE BB 135 10.60 -61.62 -59.52
N TYR BB 136 11.24 -60.51 -59.17
CA TYR BB 136 12.58 -60.54 -58.61
C TYR BB 136 12.66 -59.62 -57.40
N VAL BB 137 13.42 -60.05 -56.41
CA VAL BB 137 13.64 -59.27 -55.20
C VAL BB 137 14.79 -58.32 -55.44
N ASP BB 138 14.66 -57.10 -54.90
CA ASP BB 138 15.67 -56.07 -55.08
C ASP BB 138 16.24 -55.55 -53.76
N ASP BB 139 15.86 -56.17 -52.64
CA ASP BB 139 16.36 -55.70 -51.35
C ASP BB 139 17.81 -56.06 -51.10
N GLY BB 140 18.41 -56.89 -51.95
CA GLY BB 140 19.79 -57.32 -51.77
C GLY BB 140 19.97 -58.53 -50.88
N ASP BB 141 18.91 -59.04 -50.28
CA ASP BB 141 19.03 -60.24 -49.44
C ASP BB 141 19.19 -61.47 -50.32
N PRO BB 142 20.19 -62.31 -50.06
CA PRO BB 142 20.34 -63.56 -50.83
C PRO BB 142 19.20 -64.53 -50.62
N CYS BB 143 18.28 -64.28 -49.68
CA CYS BB 143 17.14 -65.14 -49.39
C CYS BB 143 17.58 -66.52 -48.91
N ILE BB 144 18.82 -66.64 -48.46
CA ILE BB 144 19.33 -67.91 -47.95
C ILE BB 144 19.92 -67.78 -46.55
N SER BB 145 20.33 -66.59 -46.12
CA SER BB 145 20.87 -66.38 -44.78
C SER BB 145 20.63 -64.95 -44.39
N PRO BB 146 19.43 -64.63 -43.87
CA PRO BB 146 18.31 -65.54 -43.61
C PRO BB 146 17.48 -65.84 -44.85
N THR BB 147 16.30 -66.42 -44.66
CA THR BB 147 15.45 -66.84 -45.77
C THR BB 147 14.10 -66.13 -45.70
N ARG BB 148 13.49 -65.95 -46.87
CA ARG BB 148 12.18 -65.34 -47.00
C ARG BB 148 11.36 -66.13 -47.99
N GLU BB 149 10.05 -66.20 -47.74
CA GLU BB 149 9.15 -67.01 -48.54
C GLU BB 149 7.94 -66.18 -48.97
N LEU BB 150 7.28 -66.65 -50.01
CA LEU BB 150 6.12 -65.97 -50.56
C LEU BB 150 4.96 -66.96 -50.64
N THR BB 151 3.75 -66.42 -50.52
CA THR BB 151 2.54 -67.23 -50.55
C THR BB 151 1.53 -66.55 -51.46
N ILE BB 152 0.86 -67.33 -52.31
CA ILE BB 152 -0.11 -66.81 -53.26
C ILE BB 152 -1.45 -67.49 -53.01
N GLU BB 153 -2.49 -66.68 -52.81
CA GLU BB 153 -3.84 -67.20 -52.68
C GLU BB 153 -4.76 -66.34 -53.52
N THR BB 154 -6.03 -66.70 -53.56
CA THR BB 154 -7.03 -65.95 -54.30
C THR BB 154 -7.96 -65.20 -53.35
N ALA BB 155 -8.78 -64.33 -53.90
CA ALA BB 155 -9.75 -63.59 -53.10
C ALA BB 155 -10.95 -63.26 -53.98
N THR BB 156 -11.82 -62.40 -53.47
CA THR BB 156 -12.99 -61.98 -54.21
C THR BB 156 -12.59 -61.11 -55.40
N ALA BB 157 -13.51 -60.96 -56.34
CA ALA BB 157 -13.27 -60.19 -57.54
C ALA BB 157 -13.66 -58.73 -57.33
N ASP BB 158 -13.45 -57.93 -58.37
CA ASP BB 158 -13.77 -56.52 -58.35
C ASP BB 158 -15.16 -56.29 -58.94
N SER BB 159 -15.51 -55.02 -59.14
CA SER BB 159 -16.79 -54.70 -59.76
C SER BB 159 -16.86 -55.19 -61.19
N ALA BB 160 -15.74 -55.09 -61.92
CA ALA BB 160 -15.69 -55.56 -63.29
C ALA BB 160 -15.53 -57.06 -63.40
N GLY BB 161 -15.45 -57.77 -62.27
CA GLY BB 161 -15.28 -59.20 -62.28
C GLY BB 161 -13.87 -59.68 -62.51
N ASN BB 162 -12.89 -58.78 -62.44
CA ASN BB 162 -11.50 -59.17 -62.65
C ASN BB 162 -11.00 -60.01 -61.48
N GLU BB 163 -10.26 -61.06 -61.79
CA GLU BB 163 -9.74 -61.95 -60.76
C GLU BB 163 -8.73 -61.22 -59.90
N ARG BB 164 -8.79 -61.47 -58.59
CA ARG BB 164 -7.90 -60.83 -57.62
C ARG BB 164 -7.22 -61.90 -56.78
N PHE BB 165 -5.90 -61.79 -56.66
CA PHE BB 165 -5.11 -62.74 -55.90
C PHE BB 165 -4.20 -61.98 -54.94
N LEU BB 166 -3.99 -62.58 -53.78
CA LEU BB 166 -3.20 -61.97 -52.72
C LEU BB 166 -1.83 -62.63 -52.65
N LEU BB 167 -0.82 -61.81 -52.44
CA LEU BB 167 0.55 -62.24 -52.22
C LEU BB 167 0.97 -61.83 -50.81
N LYS BB 168 1.53 -62.78 -50.08
CA LYS BB 168 2.02 -62.55 -48.72
C LYS BB 168 3.51 -62.85 -48.67
N LEU BB 169 4.26 -61.99 -47.98
CA LEU BB 169 5.68 -62.18 -47.78
C LEU BB 169 5.96 -62.56 -46.33
N THR BB 170 6.92 -63.45 -46.13
CA THR BB 170 7.35 -63.80 -44.79
C THR BB 170 8.87 -63.96 -44.78
N GLN BB 171 9.44 -63.88 -43.59
CA GLN BB 171 10.85 -64.11 -43.36
C GLN BB 171 11.02 -65.25 -42.38
N THR BB 172 12.03 -66.08 -42.63
CA THR BB 172 12.35 -67.22 -41.77
C THR BB 172 13.82 -67.14 -41.38
N THR BB 173 14.10 -67.32 -40.10
CA THR BB 173 15.46 -67.25 -39.59
C THR BB 173 16.13 -68.62 -39.66
N SER BB 174 17.34 -68.72 -39.13
CA SER BB 174 18.05 -69.99 -39.10
C SER BB 174 17.33 -71.02 -38.26
N LEU BB 175 16.78 -70.58 -37.12
CA LEU BB 175 16.04 -71.49 -36.26
C LEU BB 175 14.80 -72.01 -36.99
N GLY BB 176 14.12 -71.15 -37.73
CA GLY BB 176 12.95 -71.56 -38.47
C GLY BB 176 11.70 -70.79 -38.09
N VAL BB 177 11.87 -69.74 -37.30
CA VAL BB 177 10.73 -68.91 -36.91
C VAL BB 177 10.20 -68.19 -38.13
N VAL BB 178 8.92 -68.37 -38.42
CA VAL BB 178 8.29 -67.80 -39.60
C VAL BB 178 7.50 -66.58 -39.17
N THR BB 179 7.86 -65.42 -39.71
CA THR BB 179 7.20 -64.16 -39.36
C THR BB 179 6.75 -63.48 -40.63
N THR BB 180 5.46 -63.18 -40.73
CA THR BB 180 4.95 -62.47 -41.89
C THR BB 180 5.42 -61.02 -41.87
N LEU BB 181 5.44 -60.41 -43.06
CA LEU BB 181 5.85 -59.02 -43.22
C LEU BB 181 4.73 -58.17 -43.78
N GLU BB 182 4.15 -58.56 -44.90
CA GLU BB 182 3.07 -57.80 -45.52
C GLU BB 182 2.29 -58.72 -46.43
N THR BB 183 1.13 -58.23 -46.86
CA THR BB 183 0.29 -58.91 -47.81
C THR BB 183 -0.42 -57.87 -48.67
N HIS BB 184 -0.60 -58.20 -49.94
CA HIS BB 184 -1.25 -57.28 -50.87
C HIS BB 184 -2.04 -58.06 -51.90
N THR BB 185 -3.29 -57.66 -52.10
CA THR BB 185 -4.09 -58.21 -53.18
C THR BB 185 -3.88 -57.40 -54.44
N VAL BB 186 -4.01 -58.07 -55.59
CA VAL BB 186 -3.77 -57.42 -56.86
C VAL BB 186 -4.51 -58.22 -57.94
N SER BB 187 -4.96 -57.52 -58.96
CA SER BB 187 -5.70 -58.13 -60.05
C SER BB 187 -4.86 -58.10 -61.32
N LEU BB 188 -4.88 -59.22 -62.05
CA LEU BB 188 -4.11 -59.36 -63.27
C LEU BB 188 -4.64 -58.50 -64.41
N ALA BB 189 -5.79 -57.85 -64.23
CA ALA BB 189 -6.42 -57.12 -65.32
C ALA BB 189 -5.53 -55.99 -65.81
N GLU BB 190 -5.56 -55.76 -67.12
CA GLU BB 190 -4.82 -54.65 -67.72
C GLU BB 190 -5.33 -53.30 -67.22
N GLU BB 191 -6.57 -53.23 -66.78
CA GLU BB 191 -7.13 -51.99 -66.28
C GLU BB 191 -7.70 -52.23 -64.88
N ALA BB 192 -6.91 -52.87 -64.04
CA ALA BB 192 -7.36 -53.25 -62.70
C ALA BB 192 -7.30 -52.06 -61.76
N LYS BB 193 -8.39 -51.85 -61.01
CA LYS BB 193 -8.50 -50.73 -60.09
C LYS BB 193 -8.98 -51.22 -58.74
N ASP BB 194 -8.57 -50.52 -57.69
CA ASP BB 194 -8.99 -50.88 -56.34
C ASP BB 194 -10.31 -50.20 -55.98
N ASP BB 195 -10.97 -50.75 -54.96
CA ASP BB 195 -12.22 -50.16 -54.48
C ASP BB 195 -12.02 -48.76 -53.91
N MET BB 196 -10.82 -48.45 -53.45
CA MET BB 196 -10.45 -47.06 -53.15
C MET BB 196 -9.86 -46.34 -54.35
N GLY BB 197 -9.95 -46.94 -55.53
CA GLY BB 197 -9.40 -46.35 -56.73
C GLY BB 197 -7.93 -46.59 -56.95
N ARG BB 198 -7.27 -47.32 -56.05
CA ARG BB 198 -5.84 -47.57 -56.21
C ARG BB 198 -5.60 -48.46 -57.42
N LEU BB 199 -4.45 -48.27 -58.05
CA LEU BB 199 -4.10 -49.02 -59.25
C LEU BB 199 -3.79 -50.46 -58.86
N CYS BB 200 -4.55 -51.41 -59.42
CA CYS BB 200 -4.32 -52.82 -59.18
C CYS BB 200 -3.56 -53.49 -60.31
N TYR BB 201 -2.96 -52.71 -61.20
CA TYR BB 201 -2.14 -53.28 -62.27
C TYR BB 201 -0.88 -53.89 -61.68
N LEU BB 202 -0.56 -55.11 -62.11
CA LEU BB 202 0.34 -56.01 -61.39
C LEU BB 202 1.70 -55.37 -61.11
N PRO BB 203 2.55 -55.07 -62.11
CA PRO BB 203 3.83 -54.44 -61.77
C PRO BB 203 3.65 -53.07 -61.15
N THR BB 204 2.66 -52.31 -61.62
CA THR BB 204 2.42 -50.98 -61.07
C THR BB 204 2.01 -51.06 -59.61
N ALA BB 205 1.06 -51.95 -59.29
CA ALA BB 205 0.67 -52.11 -57.90
C ALA BB 205 1.84 -52.63 -57.06
N LEU BB 206 2.64 -53.53 -57.63
CA LEU BB 206 3.77 -54.08 -56.90
C LEU BB 206 4.77 -53.00 -56.54
N GLU BB 207 5.11 -52.14 -57.50
CA GLU BB 207 6.05 -51.07 -57.19
C GLU BB 207 5.42 -50.02 -56.28
N ALA BB 208 4.10 -49.84 -56.36
CA ALA BB 208 3.45 -48.85 -55.52
C ALA BB 208 3.42 -49.29 -54.06
N ARG BB 209 3.13 -50.56 -53.80
CA ARG BB 209 3.04 -51.05 -52.43
C ARG BB 209 4.38 -51.59 -51.94
N SER BB 210 4.87 -52.65 -52.58
CA SER BB 210 6.05 -53.35 -52.10
C SER BB 210 7.32 -52.58 -52.44
N LYS BB 211 8.21 -52.49 -51.46
CA LYS BB 211 9.51 -51.88 -51.65
C LYS BB 211 10.61 -52.93 -51.79
N TYR BB 212 10.23 -54.17 -52.09
CA TYR BB 212 11.16 -55.29 -52.01
C TYR BB 212 11.12 -56.12 -53.27
N LEU BB 213 10.00 -56.14 -53.96
CA LEU BB 213 9.79 -57.00 -55.11
C LEU BB 213 9.39 -56.17 -56.31
N ARG BB 214 10.02 -56.44 -57.44
CA ARG BB 214 9.60 -55.87 -58.72
C ARG BB 214 9.23 -57.01 -59.65
N ALA BB 215 8.45 -56.70 -60.68
CA ALA BB 215 7.97 -57.73 -61.57
C ALA BB 215 8.07 -57.26 -63.02
N VAL BB 216 8.17 -58.22 -63.92
CA VAL BB 216 8.13 -57.98 -65.36
C VAL BB 216 7.05 -58.88 -65.95
N VAL BB 217 6.20 -58.30 -66.79
CA VAL BB 217 5.05 -58.99 -67.33
C VAL BB 217 5.06 -58.87 -68.84
N ASN BB 218 4.93 -59.99 -69.53
CA ASN BB 218 4.82 -59.98 -70.98
C ASN BB 218 3.47 -59.41 -71.39
N GLU BB 219 3.49 -58.42 -72.29
CA GLU BB 219 2.25 -57.83 -72.76
C GLU BB 219 1.44 -58.80 -73.60
N GLU BB 220 2.10 -59.75 -74.25
CA GLU BB 220 1.43 -60.73 -75.08
C GLU BB 220 0.95 -61.95 -74.31
N LEU BB 221 1.36 -62.09 -73.05
CA LEU BB 221 0.96 -63.21 -72.23
C LEU BB 221 0.14 -62.79 -71.01
N ILE BB 222 0.04 -61.50 -70.72
CA ILE BB 222 -0.76 -61.05 -69.59
C ILE BB 222 -2.22 -61.42 -69.78
N SER BB 223 -2.72 -61.34 -71.02
CA SER BB 223 -4.10 -61.67 -71.28
C SER BB 223 -4.40 -63.13 -70.97
N THR BB 224 -3.49 -64.03 -71.35
CA THR BB 224 -3.67 -65.45 -71.15
C THR BB 224 -3.10 -65.96 -69.84
N ALA BB 225 -2.49 -65.10 -69.05
CA ALA BB 225 -1.87 -65.54 -67.80
C ALA BB 225 -2.92 -66.03 -66.82
N LYS BB 226 -2.68 -67.20 -66.22
CA LYS BB 226 -3.57 -67.77 -65.23
C LYS BB 226 -2.91 -67.73 -63.87
N VAL BB 227 -3.72 -67.91 -62.84
CA VAL BB 227 -3.26 -67.85 -61.45
C VAL BB 227 -3.47 -69.20 -60.80
N THR BB 228 -2.83 -69.37 -59.64
CA THR BB 228 -2.93 -70.61 -58.89
C THR BB 228 -2.58 -70.32 -57.43
N ASN BB 229 -2.96 -71.26 -56.57
CA ASN BB 229 -2.67 -71.15 -55.14
C ASN BB 229 -1.34 -71.83 -54.86
N LYS BB 230 -0.35 -71.04 -54.43
CA LYS BB 230 0.98 -71.54 -54.17
C LYS BB 230 1.39 -71.14 -52.76
N LYS BB 231 2.23 -71.96 -52.16
CA LYS BB 231 2.66 -71.76 -50.78
C LYS BB 231 4.17 -71.91 -50.70
N SER BB 232 4.78 -71.11 -49.81
CA SER BB 232 6.21 -71.19 -49.52
C SER BB 232 7.04 -70.96 -50.79
N LEU BB 233 6.92 -69.76 -51.34
CA LEU BB 233 7.64 -69.39 -52.54
C LEU BB 233 8.88 -68.61 -52.11
N ALA BB 234 10.03 -69.28 -52.13
CA ALA BB 234 11.28 -68.70 -51.67
C ALA BB 234 12.25 -68.56 -52.85
N PHE BB 235 12.88 -67.39 -52.95
CA PHE BB 235 13.89 -67.17 -53.96
C PHE BB 235 15.11 -68.05 -53.71
N THR BB 236 15.66 -68.60 -54.80
CA THR BB 236 16.83 -69.46 -54.74
C THR BB 236 17.82 -69.04 -55.81
N GLY BB 237 19.11 -69.26 -55.52
CA GLY BB 237 20.16 -68.97 -56.47
C GLY BB 237 20.74 -67.58 -56.41
N GLY BB 238 20.16 -66.68 -55.64
CA GLY BB 238 20.64 -65.31 -55.54
C GLY BB 238 21.52 -65.11 -54.31
N THR BB 239 22.63 -64.41 -54.51
CA THR BB 239 23.55 -64.08 -53.43
C THR BB 239 24.50 -63.00 -53.90
N ASN BB 240 25.06 -62.26 -52.95
CA ASN BB 240 25.99 -61.19 -53.26
C ASN BB 240 27.37 -61.71 -53.68
N GLY BB 241 27.66 -62.97 -53.45
CA GLY BB 241 28.99 -63.49 -53.74
C GLY BB 241 29.99 -63.06 -52.68
N ASP BB 242 31.25 -62.95 -53.12
CA ASP BB 242 32.35 -62.60 -52.22
C ASP BB 242 32.48 -61.08 -52.15
N GLN BB 243 32.12 -60.51 -51.00
CA GLN BB 243 32.23 -59.07 -50.82
C GLN BB 243 33.63 -58.62 -50.45
N SER BB 244 34.53 -59.56 -50.11
CA SER BB 244 35.91 -59.18 -49.82
C SER BB 244 36.59 -58.58 -51.03
N LYS BB 245 36.39 -59.19 -52.19
CA LYS BB 245 37.00 -58.70 -53.42
C LYS BB 245 36.24 -57.47 -53.90
N ILE BB 246 36.93 -56.33 -53.96
CA ILE BB 246 36.34 -55.05 -54.33
C ILE BB 246 37.11 -54.48 -55.50
N SER BB 247 36.40 -53.99 -56.50
CA SER BB 247 36.99 -53.59 -57.76
C SER BB 247 37.07 -52.07 -57.87
N THR BB 248 38.15 -51.59 -58.48
CA THR BB 248 38.28 -50.17 -58.77
C THR BB 248 37.19 -49.71 -59.72
N ALA BB 249 36.70 -50.59 -60.58
CA ALA BB 249 35.58 -50.25 -61.44
C ALA BB 249 34.33 -49.95 -60.63
N ALA BB 250 34.04 -50.80 -59.63
CA ALA BB 250 32.92 -50.51 -58.74
C ALA BB 250 33.16 -49.21 -57.98
N TYR BB 251 34.40 -48.98 -57.54
CA TYR BB 251 34.72 -47.74 -56.84
C TYR BB 251 34.42 -46.52 -57.69
N LEU BB 252 34.89 -46.52 -58.95
CA LEU BB 252 34.67 -45.38 -59.80
C LEU BB 252 33.21 -45.22 -60.19
N ARG BB 253 32.50 -46.33 -60.38
CA ARG BB 253 31.08 -46.23 -60.66
C ARG BB 253 30.33 -45.61 -59.49
N ALA BB 254 30.69 -46.00 -58.27
CA ALA BB 254 30.09 -45.41 -57.09
C ALA BB 254 30.43 -43.94 -56.97
N VAL BB 255 31.67 -43.57 -57.32
CA VAL BB 255 32.05 -42.17 -57.31
C VAL BB 255 31.21 -41.38 -58.31
N LYS BB 256 30.99 -41.96 -59.49
CA LYS BB 256 30.13 -41.33 -60.48
C LYS BB 256 28.72 -41.15 -59.94
N VAL BB 257 28.21 -42.16 -59.25
CA VAL BB 257 26.89 -42.06 -58.64
C VAL BB 257 26.87 -40.93 -57.63
N LEU BB 258 27.91 -40.83 -56.81
CA LEU BB 258 28.00 -39.75 -55.83
C LEU BB 258 27.97 -38.40 -56.52
N ASN BB 259 28.72 -38.26 -57.60
CA ASN BB 259 28.74 -37.01 -58.33
C ASN BB 259 27.37 -36.66 -58.87
N ASN BB 260 26.73 -37.63 -59.52
CA ASN BB 260 25.46 -37.40 -60.18
C ASN BB 260 24.30 -37.33 -59.21
N ALA BB 261 24.53 -37.60 -57.93
CA ALA BB 261 23.48 -37.52 -56.93
C ALA BB 261 22.97 -36.09 -56.84
N PRO BB 262 21.68 -35.84 -57.06
CA PRO BB 262 21.14 -34.48 -57.01
C PRO BB 262 20.69 -34.08 -55.60
N TYR BB 263 21.57 -34.31 -54.62
CA TYR BB 263 21.31 -33.94 -53.24
C TYR BB 263 22.52 -33.23 -52.69
N MET BB 264 22.28 -32.34 -51.73
CA MET BB 264 23.37 -31.61 -51.10
C MET BB 264 24.12 -32.52 -50.14
N TYR BB 265 25.45 -32.39 -50.15
CA TYR BB 265 26.28 -33.11 -49.19
C TYR BB 265 27.60 -32.35 -49.07
N THR BB 266 27.92 -31.92 -47.86
CA THR BB 266 29.07 -31.07 -47.64
C THR BB 266 30.30 -31.83 -47.17
N ALA BB 267 30.18 -33.12 -46.88
CA ALA BB 267 31.27 -33.89 -46.32
C ALA BB 267 31.26 -35.30 -46.91
N VAL BB 268 32.45 -35.83 -47.14
CA VAL BB 268 32.60 -37.20 -47.63
C VAL BB 268 33.62 -37.94 -46.77
N LEU BB 269 33.52 -39.26 -46.75
CA LEU BB 269 34.27 -40.10 -45.83
C LEU BB 269 35.10 -41.11 -46.61
N GLY BB 270 36.21 -41.54 -45.99
CA GLY BB 270 36.90 -42.70 -46.52
C GLY BB 270 36.07 -43.97 -46.36
N LEU BB 271 35.48 -44.16 -45.19
CA LEU BB 271 34.55 -45.25 -44.92
C LEU BB 271 35.19 -46.60 -45.24
N GLY BB 272 36.40 -46.79 -44.72
CA GLY BB 272 37.10 -48.05 -44.89
C GLY BB 272 37.66 -48.30 -46.27
N CYS BB 273 37.69 -47.30 -47.14
CA CYS BB 273 38.23 -47.45 -48.48
C CYS BB 273 39.68 -47.00 -48.50
N TYR BB 274 40.55 -47.85 -49.04
CA TYR BB 274 41.98 -47.54 -49.11
C TYR BB 274 42.55 -47.63 -50.51
N ASP BB 275 41.73 -47.90 -51.53
CA ASP BB 275 42.25 -47.97 -52.89
C ASP BB 275 42.77 -46.61 -53.31
N ASN BB 276 44.01 -46.58 -53.80
CA ASN BB 276 44.64 -45.30 -54.14
C ASN BB 276 43.89 -44.58 -55.23
N ALA BB 277 43.45 -45.31 -56.27
CA ALA BB 277 42.71 -44.67 -57.35
C ALA BB 277 41.40 -44.07 -56.85
N ALA BB 278 40.70 -44.80 -55.97
CA ALA BB 278 39.46 -44.27 -55.41
C ALA BB 278 39.73 -43.05 -54.54
N ILE BB 279 40.81 -43.09 -53.76
CA ILE BB 279 41.16 -41.94 -52.93
C ILE BB 279 41.43 -40.73 -53.80
N THR BB 280 42.18 -40.91 -54.87
CA THR BB 280 42.47 -39.81 -55.79
C THR BB 280 41.20 -39.30 -56.45
N ALA BB 281 40.30 -40.21 -56.84
CA ALA BB 281 39.05 -39.80 -57.46
C ALA BB 281 38.24 -38.96 -56.50
N LEU BB 282 38.12 -39.41 -55.25
CA LEU BB 282 37.37 -38.65 -54.27
C LEU BB 282 38.04 -37.33 -53.95
N GLY BB 283 39.38 -37.29 -53.99
CA GLY BB 283 40.07 -36.03 -53.81
C GLY BB 283 39.76 -35.05 -54.92
N LYS BB 284 39.73 -35.54 -56.16
CA LYS BB 284 39.33 -34.67 -57.27
C LYS BB 284 37.89 -34.22 -57.12
N ILE BB 285 37.02 -35.10 -56.62
CA ILE BB 285 35.63 -34.71 -56.39
C ILE BB 285 35.55 -33.61 -55.34
N CYS BB 286 36.32 -33.76 -54.26
CA CYS BB 286 36.34 -32.73 -53.24
C CYS BB 286 36.85 -31.42 -53.82
N ALA BB 287 37.89 -31.49 -54.65
CA ALA BB 287 38.46 -30.28 -55.23
C ALA BB 287 37.46 -29.58 -56.14
N ASP BB 288 36.80 -30.33 -57.01
CA ASP BB 288 35.93 -29.72 -58.01
C ASP BB 288 34.51 -29.47 -57.51
N ARG BB 289 34.17 -29.94 -56.31
CA ARG BB 289 32.92 -29.56 -55.68
C ARG BB 289 33.14 -28.68 -54.46
N LEU BB 290 34.39 -28.31 -54.18
CA LEU BB 290 34.75 -27.44 -53.06
C LEU BB 290 34.12 -27.90 -51.75
N ILE BB 291 34.27 -29.20 -51.49
CA ILE BB 291 33.70 -29.82 -50.30
C ILE BB 291 34.83 -30.37 -49.43
N ASP BB 292 34.46 -30.97 -48.30
CA ASP BB 292 35.42 -31.50 -47.35
C ASP BB 292 35.49 -33.01 -47.46
N GLY BB 293 36.71 -33.53 -47.50
CA GLY BB 293 36.96 -34.97 -47.56
C GLY BB 293 37.60 -35.47 -46.29
N PHE BB 294 37.31 -36.72 -45.95
CA PHE BB 294 37.72 -37.36 -44.70
C PHE BB 294 38.44 -38.67 -45.00
N PHE BB 295 39.47 -38.60 -45.83
CA PHE BB 295 40.22 -39.78 -46.20
C PHE BB 295 40.90 -40.40 -44.98
N ASP BB 296 41.08 -41.72 -45.03
CA ASP BB 296 41.77 -42.46 -44.00
C ASP BB 296 42.77 -43.42 -44.64
N VAL BB 297 43.84 -43.73 -43.91
CA VAL BB 297 44.88 -44.61 -44.41
C VAL BB 297 44.82 -45.93 -43.65
N LYS BB 298 45.62 -46.89 -44.10
CA LYS BB 298 45.62 -48.21 -43.50
C LYS BB 298 46.11 -48.13 -42.07
N PRO BB 299 45.31 -48.57 -41.08
CA PRO BB 299 45.76 -48.49 -39.68
C PRO BB 299 46.99 -49.32 -39.41
N THR BB 300 47.20 -50.40 -40.17
CA THR BB 300 48.30 -51.31 -39.93
C THR BB 300 49.66 -50.69 -40.24
N LEU BB 301 49.67 -49.53 -40.87
CA LEU BB 301 50.92 -48.89 -41.27
C LEU BB 301 51.58 -48.27 -40.05
N THR BB 302 52.76 -48.76 -39.69
CA THR BB 302 53.53 -48.15 -38.62
C THR BB 302 54.05 -46.80 -39.06
N TYR BB 303 54.51 -46.01 -38.08
CA TYR BB 303 54.93 -44.64 -38.37
C TYR BB 303 56.06 -44.58 -39.38
N ALA BB 304 56.86 -45.65 -39.47
CA ALA BB 304 57.94 -45.67 -40.45
C ALA BB 304 57.40 -45.58 -41.87
N GLU BB 305 56.43 -46.42 -42.20
CA GLU BB 305 55.81 -46.38 -43.51
C GLU BB 305 54.57 -45.51 -43.56
N ALA BB 306 54.12 -45.00 -42.42
CA ALA BB 306 52.99 -44.07 -42.43
C ALA BB 306 53.38 -42.77 -43.10
N LEU BB 307 54.59 -42.29 -42.86
CA LEU BB 307 55.03 -41.03 -43.45
C LEU BB 307 55.05 -41.06 -44.97
N PRO BB 308 55.67 -42.05 -45.63
CA PRO BB 308 55.60 -42.08 -47.10
C PRO BB 308 54.21 -42.29 -47.64
N ALA BB 309 53.29 -42.81 -46.84
CA ALA BB 309 51.93 -43.06 -47.32
C ALA BB 309 51.23 -41.77 -47.71
N VAL BB 310 51.59 -40.65 -47.07
CA VAL BB 310 50.99 -39.37 -47.43
C VAL BB 310 51.35 -39.01 -48.87
N GLU BB 311 52.61 -39.17 -49.22
CA GLU BB 311 53.03 -38.94 -50.60
C GLU BB 311 52.41 -39.98 -51.52
N ASP BB 312 52.33 -41.23 -51.06
CA ASP BB 312 51.72 -42.29 -51.84
C ASP BB 312 50.26 -42.02 -52.12
N THR BB 313 49.63 -41.19 -51.30
CA THR BB 313 48.25 -40.80 -51.55
C THR BB 313 48.12 -40.06 -52.88
N GLY BB 314 49.08 -39.17 -53.16
CA GLY BB 314 49.01 -38.38 -54.37
C GLY BB 314 48.13 -37.16 -54.28
N LEU BB 315 47.46 -36.96 -53.16
CA LEU BB 315 46.60 -35.80 -52.97
C LEU BB 315 47.35 -34.61 -52.41
N LEU BB 316 48.65 -34.74 -52.17
CA LEU BB 316 49.44 -33.62 -51.68
C LEU BB 316 49.47 -32.51 -52.73
N GLY BB 317 49.18 -31.30 -52.31
CA GLY BB 317 49.20 -30.16 -53.21
C GLY BB 317 48.35 -29.03 -52.67
N THR BB 318 48.34 -27.95 -53.45
CA THR BB 318 47.58 -26.77 -53.08
C THR BB 318 46.10 -26.88 -53.40
N ASP BB 319 45.71 -27.82 -54.26
CA ASP BB 319 44.31 -27.98 -54.63
C ASP BB 319 43.57 -28.82 -53.60
N TYR BB 320 44.12 -29.99 -53.27
CA TYR BB 320 43.48 -30.90 -52.31
C TYR BB 320 43.85 -30.50 -50.89
N VAL BB 321 43.43 -29.29 -50.52
CA VAL BB 321 43.66 -28.79 -49.18
C VAL BB 321 42.40 -28.81 -48.32
N SER BB 322 41.21 -28.82 -48.94
CA SER BB 322 39.97 -28.89 -48.18
C SER BB 322 39.80 -30.23 -47.48
N CYS BB 323 40.51 -31.25 -47.91
CA CYS BB 323 40.37 -32.58 -47.35
C CYS BB 323 41.32 -32.81 -46.18
N SER BB 324 41.07 -33.89 -45.44
CA SER BB 324 41.87 -34.30 -44.31
C SER BB 324 42.14 -35.79 -44.42
N VAL BB 325 43.25 -36.21 -43.83
CA VAL BB 325 43.68 -37.61 -43.86
C VAL BB 325 43.89 -38.09 -42.43
N TYR BB 326 43.42 -39.30 -42.15
CA TYR BB 326 43.32 -39.82 -40.80
C TYR BB 326 44.04 -41.15 -40.69
N HIS BB 327 44.44 -41.47 -39.46
CA HIS BB 327 45.05 -42.76 -39.16
C HIS BB 327 44.75 -43.14 -37.73
N TYR BB 328 44.77 -44.45 -37.46
CA TYR BB 328 44.49 -44.99 -36.13
C TYR BB 328 45.41 -46.16 -35.85
N PRO BB 329 46.57 -45.90 -35.26
CA PRO BB 329 47.54 -46.96 -34.96
C PRO BB 329 47.29 -47.63 -33.60
N PHE BB 330 46.06 -48.10 -33.38
CA PHE BB 330 45.71 -48.71 -32.11
C PHE BB 330 44.72 -49.85 -32.35
N SER BB 331 44.40 -50.55 -31.26
CA SER BB 331 43.46 -51.67 -31.28
C SER BB 331 42.41 -51.46 -30.19
N CYS BB 332 41.16 -51.71 -30.52
CA CYS BB 332 40.05 -51.53 -29.61
C CYS BB 332 39.31 -52.86 -29.43
N LYS BB 333 38.25 -52.82 -28.63
CA LYS BB 333 37.43 -53.98 -28.35
C LYS BB 333 36.04 -53.77 -28.95
N ASP BB 334 35.49 -54.81 -29.54
CA ASP BB 334 34.19 -54.71 -30.18
C ASP BB 334 33.09 -54.44 -29.15
N LYS BB 335 32.14 -53.60 -29.54
CA LYS BB 335 30.95 -53.44 -28.73
C LYS BB 335 30.05 -54.66 -28.83
N TRP BB 336 29.89 -55.21 -30.03
CA TRP BB 336 28.93 -56.28 -30.26
C TRP BB 336 29.51 -57.65 -29.92
N THR BB 337 30.60 -58.02 -30.59
CA THR BB 337 31.19 -59.34 -30.42
C THR BB 337 32.34 -59.35 -29.44
N GLN BB 338 32.64 -58.22 -28.81
CA GLN BB 338 33.76 -58.07 -27.87
C GLN BB 338 35.01 -58.79 -28.37
N SER BB 339 35.50 -58.35 -29.52
CA SER BB 339 36.67 -58.91 -30.15
C SER BB 339 37.74 -57.84 -30.32
N ARG BB 340 39.01 -58.25 -30.27
CA ARG BB 340 40.10 -57.33 -30.53
C ARG BB 340 40.05 -56.92 -31.99
N VAL BB 341 39.63 -55.69 -32.26
CA VAL BB 341 39.39 -55.23 -33.61
C VAL BB 341 40.15 -53.92 -33.82
N VAL BB 342 40.24 -53.51 -35.08
CA VAL BB 342 40.94 -52.28 -35.47
C VAL BB 342 40.16 -51.65 -36.60
N PHE BB 343 39.77 -50.39 -36.43
CA PHE BB 343 39.15 -49.64 -37.51
C PHE BB 343 39.42 -48.17 -37.34
N GLY BB 344 39.30 -47.43 -38.43
CA GLY BB 344 39.69 -46.04 -38.44
C GLY BB 344 38.78 -45.16 -37.60
N LEU BB 345 39.32 -44.01 -37.22
CA LEU BB 345 38.62 -43.01 -36.43
C LEU BB 345 38.01 -41.91 -37.28
N SER BB 346 37.91 -42.12 -38.59
CA SER BB 346 37.43 -41.06 -39.48
C SER BB 346 35.99 -40.68 -39.15
N GLY BB 347 35.12 -41.66 -39.01
CA GLY BB 347 33.73 -41.37 -38.69
C GLY BB 347 33.58 -40.77 -37.30
N VAL BB 348 34.40 -41.22 -36.35
CA VAL BB 348 34.36 -40.65 -35.01
C VAL BB 348 34.75 -39.17 -35.06
N ALA BB 349 35.79 -38.85 -35.83
CA ALA BB 349 36.20 -37.47 -35.98
C ALA BB 349 35.11 -36.63 -36.64
N TYR BB 350 34.46 -37.20 -37.67
CA TYR BB 350 33.38 -36.48 -38.32
C TYR BB 350 32.26 -36.20 -37.32
N ALA BB 351 31.88 -37.19 -36.54
CA ALA BB 351 30.82 -37.00 -35.56
C ALA BB 351 31.22 -35.95 -34.53
N ALA BB 352 32.49 -35.96 -34.12
CA ALA BB 352 32.96 -34.98 -33.15
C ALA BB 352 32.84 -33.57 -33.71
N LYS BB 353 33.34 -33.35 -34.92
CA LYS BB 353 33.27 -31.99 -35.47
C LYS BB 353 31.83 -31.60 -35.78
N ALA BB 354 31.00 -32.58 -36.17
CA ALA BB 354 29.60 -32.29 -36.41
C ALA BB 354 28.91 -31.83 -35.13
N ARG BB 355 29.16 -32.52 -34.03
CA ARG BB 355 28.61 -32.10 -32.75
C ARG BB 355 29.14 -30.72 -32.35
N GLY BB 356 30.42 -30.48 -32.58
CA GLY BB 356 30.99 -29.19 -32.23
C GLY BB 356 30.38 -28.05 -33.03
N VAL BB 357 30.15 -28.29 -34.33
CA VAL BB 357 29.59 -27.23 -35.17
C VAL BB 357 28.10 -27.07 -34.93
N LYS BB 358 27.40 -28.14 -34.58
CA LYS BB 358 25.95 -28.06 -34.50
C LYS BB 358 25.46 -27.32 -33.27
N LYS BB 359 26.28 -27.20 -32.22
CA LYS BB 359 25.80 -26.47 -31.05
C LYS BB 359 25.63 -25.00 -31.37
N ASN BB 360 26.47 -24.45 -32.24
CA ASN BB 360 26.25 -23.08 -32.68
C ASN BB 360 25.02 -23.02 -33.57
N SER BB 361 24.30 -21.90 -33.47
CA SER BB 361 22.96 -21.78 -34.06
C SER BB 361 22.95 -21.12 -35.43
N ASP BB 362 23.49 -19.91 -35.55
CA ASP BB 362 23.26 -19.12 -36.76
C ASP BB 362 23.87 -19.79 -37.99
N VAL BB 363 25.15 -20.17 -37.91
CA VAL BB 363 25.81 -20.83 -39.02
C VAL BB 363 26.57 -22.08 -38.61
N GLY BB 364 26.77 -22.31 -37.32
CA GLY BB 364 27.60 -23.41 -36.89
C GLY BB 364 29.04 -22.98 -36.65
N GLY BB 365 29.65 -23.56 -35.63
CA GLY BB 365 31.03 -23.22 -35.31
C GLY BB 365 32.01 -23.90 -36.24
N TRP BB 366 31.99 -23.50 -37.52
CA TRP BB 366 32.90 -24.09 -38.49
C TRP BB 366 34.36 -23.86 -38.11
N HIS BB 367 34.63 -22.75 -37.44
CA HIS BB 367 35.99 -22.45 -37.00
C HIS BB 367 36.40 -23.27 -35.79
N TYR BB 368 35.49 -24.03 -35.19
CA TYR BB 368 35.83 -24.78 -33.99
C TYR BB 368 36.83 -25.89 -34.31
N SER BB 369 37.79 -26.06 -33.41
CA SER BB 369 38.76 -27.12 -33.58
C SER BB 369 38.07 -28.46 -33.33
N PRO BB 370 38.12 -29.39 -34.27
CA PRO BB 370 37.45 -30.68 -34.06
C PRO BB 370 38.18 -31.53 -33.04
N ALA BB 371 38.23 -31.04 -31.80
CA ALA BB 371 38.92 -31.75 -30.73
C ALA BB 371 38.32 -31.30 -29.40
N GLY BB 372 39.01 -31.61 -28.32
CA GLY BB 372 38.56 -31.27 -26.99
C GLY BB 372 37.70 -32.35 -26.38
N GLU BB 373 37.49 -32.23 -25.08
CA GLU BB 373 36.67 -33.19 -24.35
C GLU BB 373 35.28 -33.28 -24.93
N GLU BB 374 34.75 -32.15 -25.42
CA GLU BB 374 33.43 -32.14 -26.02
C GLU BB 374 33.41 -32.93 -27.33
N ARG BB 375 34.53 -32.95 -28.05
CA ARG BB 375 34.59 -33.62 -29.33
C ARG BB 375 35.56 -34.78 -29.36
N ALA BB 376 36.82 -34.56 -28.98
CA ALA BB 376 37.86 -35.58 -29.15
C ALA BB 376 37.66 -36.67 -28.11
N VAL BB 377 36.73 -37.57 -28.41
CA VAL BB 377 36.43 -38.73 -27.56
C VAL BB 377 36.26 -39.92 -28.48
N ILE BB 378 37.18 -40.88 -28.40
CA ILE BB 378 37.08 -42.10 -29.18
C ILE BB 378 36.36 -43.17 -28.35
N ALA BB 379 36.98 -43.59 -27.25
CA ALA BB 379 36.37 -44.40 -26.20
C ALA BB 379 35.43 -45.47 -26.74
N ARG BB 380 35.98 -46.33 -27.60
CA ARG BB 380 35.15 -47.44 -28.10
C ARG BB 380 35.10 -48.56 -27.08
N ALA BB 381 36.23 -49.25 -26.89
CA ALA BB 381 36.41 -50.22 -25.81
C ALA BB 381 37.85 -50.73 -25.81
N SER BB 382 38.46 -50.79 -24.63
CA SER BB 382 39.76 -51.43 -24.42
C SER BB 382 40.75 -51.07 -25.53
N ILE BB 383 41.07 -49.78 -25.57
CA ILE BB 383 41.99 -49.29 -26.59
C ILE BB 383 43.39 -49.78 -26.28
N GLN BB 384 44.00 -50.49 -27.22
CA GLN BB 384 45.37 -50.92 -27.06
C GLN BB 384 46.19 -50.54 -28.27
N PRO BB 385 47.48 -50.22 -28.08
CA PRO BB 385 48.32 -49.86 -29.23
C PRO BB 385 48.55 -51.05 -30.13
N LEU BB 386 48.55 -50.78 -31.44
CA LEU BB 386 48.82 -51.84 -32.40
C LEU BB 386 50.30 -52.21 -32.44
N TYR BB 387 51.17 -51.20 -32.46
CA TYR BB 387 52.61 -51.40 -32.63
C TYR BB 387 53.34 -50.65 -31.53
N PRO BB 388 53.36 -51.19 -30.32
CA PRO BB 388 54.11 -50.53 -29.24
C PRO BB 388 55.59 -50.40 -29.56
N GLU BB 389 56.13 -51.29 -30.38
CA GLU BB 389 57.54 -51.22 -30.75
C GLU BB 389 57.83 -49.97 -31.57
N ASP BB 390 56.96 -49.62 -32.51
CA ASP BB 390 57.21 -48.49 -33.38
C ASP BB 390 57.06 -47.18 -32.62
N THR BB 391 57.71 -46.13 -33.13
CA THR BB 391 57.73 -44.84 -32.48
C THR BB 391 57.56 -43.74 -33.52
N PRO BB 392 56.71 -42.76 -33.28
CA PRO BB 392 56.55 -41.65 -34.22
C PRO BB 392 57.60 -40.58 -34.01
N ASP BB 393 57.67 -39.67 -34.98
CA ASP BB 393 58.56 -38.51 -34.93
C ASP BB 393 57.73 -37.25 -35.12
N GLU BB 394 57.92 -36.28 -34.25
CA GLU BB 394 57.07 -35.09 -34.25
C GLU BB 394 57.29 -34.22 -35.47
N GLU BB 395 58.55 -33.96 -35.83
CA GLU BB 395 58.81 -33.05 -36.95
C GLU BB 395 58.50 -33.71 -38.28
N ALA BB 396 58.90 -34.97 -38.45
CA ALA BB 396 58.51 -35.72 -39.63
C ALA BB 396 57.00 -35.79 -39.75
N MET BB 397 56.32 -35.97 -38.62
CA MET BB 397 54.86 -36.04 -38.64
C MET BB 397 54.25 -34.70 -39.05
N VAL BB 398 54.81 -33.60 -38.52
CA VAL BB 398 54.30 -32.28 -38.84
C VAL BB 398 54.45 -32.00 -40.33
N LYS BB 399 55.64 -32.26 -40.87
CA LYS BB 399 55.81 -32.06 -42.31
C LYS BB 399 54.98 -33.05 -43.12
N GLY BB 400 54.61 -34.20 -42.52
CA GLY BB 400 53.71 -35.12 -43.17
C GLY BB 400 52.26 -34.68 -43.14
N ARG BB 401 51.92 -33.77 -42.24
CA ARG BB 401 50.63 -33.07 -42.25
C ARG BB 401 49.45 -33.98 -41.95
N LEU BB 402 49.67 -35.13 -41.34
CA LEU BB 402 48.58 -36.03 -41.00
C LEU BB 402 48.30 -35.94 -39.51
N ASN BB 403 47.13 -36.45 -39.11
CA ASN BB 403 46.59 -36.23 -37.77
C ASN BB 403 46.97 -37.38 -36.85
N LYS BB 404 47.66 -37.05 -35.76
CA LYS BB 404 47.91 -38.00 -34.68
C LYS BB 404 47.05 -37.68 -33.47
N VAL BB 405 47.25 -38.46 -32.40
CA VAL BB 405 46.30 -38.56 -31.32
C VAL BB 405 47.06 -38.70 -30.00
N SER BB 406 46.53 -38.10 -28.95
CA SER BB 406 47.21 -38.13 -27.65
C SER BB 406 46.25 -38.44 -26.51
N VAL BB 407 46.76 -38.36 -25.28
CA VAL BB 407 45.97 -38.67 -24.10
C VAL BB 407 45.04 -37.51 -23.77
N GLY BB 408 43.92 -37.83 -23.12
CA GLY BB 408 42.97 -36.79 -22.77
C GLY BB 408 42.84 -36.60 -21.27
N THR BB 409 41.76 -35.95 -20.85
CA THR BB 409 41.56 -35.62 -19.45
C THR BB 409 41.45 -36.87 -18.59
N SER BB 410 40.46 -37.71 -18.85
CA SER BB 410 40.14 -38.85 -18.00
C SER BB 410 40.74 -40.16 -18.51
N GLY BB 411 41.94 -40.12 -19.08
CA GLY BB 411 42.54 -41.29 -19.66
C GLY BB 411 42.07 -41.60 -21.06
N GLN BB 412 41.01 -40.94 -21.52
CA GLN BB 412 40.60 -41.11 -22.90
C GLN BB 412 41.57 -40.38 -23.84
N MET BB 413 41.33 -40.51 -25.14
CA MET BB 413 42.39 -40.42 -26.14
C MET BB 413 41.97 -39.38 -27.17
N ILE BB 414 42.61 -38.20 -27.14
CA ILE BB 414 42.15 -37.05 -27.89
C ILE BB 414 42.95 -36.91 -29.18
N ILE BB 415 42.26 -36.57 -30.26
CA ILE BB 415 42.93 -36.13 -31.48
C ILE BB 415 43.69 -34.84 -31.16
N ASP BB 416 45.01 -34.92 -31.11
CA ASP BB 416 45.81 -33.73 -30.80
C ASP BB 416 46.30 -33.04 -32.07
N ASP BB 417 45.40 -32.80 -33.02
CA ASP BB 417 45.80 -32.17 -34.27
C ASP BB 417 44.59 -31.58 -34.97
N ALA BB 418 44.81 -30.46 -35.64
CA ALA BB 418 43.81 -29.81 -36.46
C ALA BB 418 44.45 -29.31 -37.75
N LEU BB 419 45.31 -30.12 -38.35
CA LEU BB 419 46.09 -29.72 -39.52
C LEU BB 419 45.70 -30.60 -40.70
N THR BB 420 45.45 -29.98 -41.84
CA THR BB 420 45.10 -30.69 -43.06
C THR BB 420 46.37 -31.12 -43.79
N CYS BB 421 46.19 -31.71 -44.97
CA CYS BB 421 47.31 -32.15 -45.80
C CYS BB 421 47.83 -31.05 -46.71
N CYS BB 422 47.55 -29.79 -46.39
CA CYS BB 422 48.07 -28.69 -47.19
C CYS BB 422 49.58 -28.63 -47.06
N THR BB 423 50.28 -28.83 -48.18
CA THR BB 423 51.73 -28.88 -48.14
C THR BB 423 52.33 -27.55 -47.74
N GLN BB 424 51.92 -26.47 -48.40
CA GLN BB 424 52.48 -25.16 -48.12
C GLN BB 424 52.04 -24.67 -46.75
N ASP BB 425 52.98 -24.04 -46.05
CA ASP BB 425 52.74 -23.58 -44.68
C ASP BB 425 52.17 -22.16 -44.70
N ASN BB 426 51.03 -22.04 -45.38
CA ASN BB 426 50.29 -20.81 -45.43
C ASN BB 426 49.05 -20.91 -44.54
N TYR BB 427 48.46 -19.76 -44.22
CA TYR BB 427 47.42 -19.72 -43.21
C TYR BB 427 46.23 -20.59 -43.56
N LEU BB 428 46.07 -20.97 -44.82
CA LEU BB 428 44.99 -21.87 -45.19
C LEU BB 428 45.33 -23.34 -44.93
N HIS BB 429 46.53 -23.63 -44.46
CA HIS BB 429 46.90 -25.02 -44.16
C HIS BB 429 46.28 -25.53 -42.88
N PHE BB 430 45.47 -24.72 -42.19
CA PHE BB 430 44.77 -25.16 -40.99
C PHE BB 430 43.50 -25.89 -41.39
N GLN BB 431 42.60 -26.13 -40.43
CA GLN BB 431 41.31 -26.73 -40.71
C GLN BB 431 40.16 -25.74 -40.61
N HIS BB 432 40.31 -24.72 -39.77
CA HIS BB 432 39.26 -23.73 -39.61
C HIS BB 432 39.19 -22.80 -40.82
N VAL BB 433 40.35 -22.46 -41.39
CA VAL BB 433 40.35 -21.63 -42.59
C VAL BB 433 39.63 -22.31 -43.75
N PRO BB 434 39.93 -23.55 -44.13
CA PRO BB 434 39.10 -24.20 -45.16
C PRO BB 434 37.65 -24.29 -44.76
N SER BB 435 37.38 -24.45 -43.47
CA SER BB 435 35.99 -24.48 -43.01
C SER BB 435 35.28 -23.18 -43.37
N LEU BB 436 35.92 -22.05 -43.07
CA LEU BB 436 35.28 -20.77 -43.34
C LEU BB 436 35.17 -20.51 -44.83
N MET BB 437 36.20 -20.88 -45.59
CA MET BB 437 36.11 -20.69 -47.04
C MET BB 437 34.96 -21.51 -47.62
N ASN BB 438 34.81 -22.75 -47.17
CA ASN BB 438 33.69 -23.56 -47.66
C ASN BB 438 32.35 -22.96 -47.25
N ALA BB 439 32.23 -22.55 -45.99
CA ALA BB 439 30.97 -21.98 -45.53
C ALA BB 439 30.60 -20.75 -46.33
N ILE BB 440 31.56 -19.83 -46.49
CA ILE BB 440 31.28 -18.62 -47.23
C ILE BB 440 30.96 -18.95 -48.69
N SER BB 441 31.62 -19.96 -49.24
CA SER BB 441 31.28 -20.38 -50.61
C SER BB 441 29.82 -20.79 -50.69
N ARG BB 442 29.37 -21.65 -49.79
CA ARG BB 442 27.95 -21.98 -49.71
C ARG BB 442 27.09 -20.72 -49.66
N PHE BB 443 27.23 -19.92 -48.60
CA PHE BB 443 26.31 -18.79 -48.43
C PHE BB 443 26.28 -17.89 -49.65
N PHE BB 444 27.45 -17.63 -50.23
CA PHE BB 444 27.49 -16.84 -51.44
C PHE BB 444 26.68 -17.51 -52.55
N VAL BB 445 26.80 -18.84 -52.65
CA VAL BB 445 26.07 -19.56 -53.70
C VAL BB 445 24.57 -19.38 -53.52
N GLN BB 446 24.06 -19.63 -52.32
CA GLN BB 446 22.60 -19.59 -52.24
C GLN BB 446 22.08 -18.16 -52.35
N LEU BB 447 22.80 -17.18 -51.81
CA LEU BB 447 22.32 -15.81 -51.98
C LEU BB 447 22.33 -15.40 -53.45
N ALA BB 448 23.40 -15.76 -54.17
CA ALA BB 448 23.45 -15.44 -55.59
C ALA BB 448 22.34 -16.15 -56.35
N ARG BB 449 22.08 -17.42 -56.01
CA ARG BB 449 21.07 -18.17 -56.73
C ARG BB 449 19.68 -17.66 -56.46
N GLN BB 450 19.40 -17.22 -55.24
CA GLN BB 450 18.09 -16.65 -54.95
C GLN BB 450 17.92 -15.27 -55.57
N MET BB 451 19.00 -14.50 -55.72
CA MET BB 451 18.88 -13.23 -56.41
C MET BB 451 19.12 -13.35 -57.91
N LYS BB 452 19.30 -14.57 -58.42
CA LYS BB 452 19.59 -14.76 -59.83
C LYS BB 452 18.41 -14.32 -60.69
N HIS BB 453 18.73 -13.80 -61.87
CA HIS BB 453 17.73 -13.42 -62.87
C HIS BB 453 16.77 -12.38 -62.31
N SER BB 454 17.33 -11.23 -61.98
CA SER BB 454 16.58 -10.13 -61.40
C SER BB 454 16.78 -8.88 -62.24
N PRO BB 455 15.78 -8.01 -62.32
CA PRO BB 455 15.97 -6.75 -63.03
C PRO BB 455 17.09 -5.93 -62.40
N ASP BB 456 17.82 -5.23 -63.26
CA ASP BB 456 19.01 -4.50 -62.82
C ASP BB 456 18.63 -3.29 -61.98
N GLY BB 457 19.62 -2.72 -61.32
CA GLY BB 457 19.44 -1.56 -60.47
C GLY BB 457 19.27 -1.89 -59.00
N ILE BB 458 19.03 -3.15 -58.67
CA ILE BB 458 18.86 -3.57 -57.28
C ILE BB 458 19.88 -4.62 -56.86
N THR BB 459 20.52 -5.30 -57.82
CA THR BB 459 21.39 -6.42 -57.49
C THR BB 459 22.54 -5.97 -56.59
N ALA BB 460 23.13 -4.82 -56.87
CA ALA BB 460 24.21 -4.33 -56.04
C ALA BB 460 23.75 -4.10 -54.61
N ALA BB 461 22.57 -3.50 -54.45
CA ALA BB 461 22.04 -3.27 -53.10
C ALA BB 461 21.79 -4.58 -52.37
N GLY BB 462 21.16 -5.52 -53.06
CA GLY BB 462 20.91 -6.82 -52.44
C GLY BB 462 22.21 -7.48 -52.01
N LEU BB 463 23.23 -7.38 -52.85
CA LEU BB 463 24.55 -7.90 -52.50
C LEU BB 463 25.11 -7.20 -51.28
N THR BB 464 24.95 -5.88 -51.21
CA THR BB 464 25.49 -5.13 -50.07
C THR BB 464 24.86 -5.60 -48.77
N LYS BB 465 23.52 -5.63 -48.72
CA LYS BB 465 22.88 -6.10 -47.49
C LYS BB 465 23.14 -7.58 -47.23
N GLY BB 466 23.26 -8.41 -48.26
CA GLY BB 466 23.61 -9.80 -48.03
C GLY BB 466 24.96 -9.94 -47.37
N MET BB 467 25.96 -9.19 -47.86
CA MET BB 467 27.27 -9.17 -47.23
C MET BB 467 27.19 -8.72 -45.80
N THR BB 468 26.47 -7.63 -45.55
CA THR BB 468 26.38 -7.11 -44.19
C THR BB 468 25.80 -8.15 -43.25
N LYS BB 469 24.72 -8.80 -43.68
CA LYS BB 469 24.04 -9.76 -42.82
C LYS BB 469 24.89 -11.01 -42.61
N LEU BB 470 25.61 -11.45 -43.64
CA LEU BB 470 26.44 -12.64 -43.45
C LEU BB 470 27.63 -12.34 -42.55
N LEU BB 471 28.27 -11.18 -42.72
CA LEU BB 471 29.25 -10.74 -41.74
C LEU BB 471 28.65 -10.65 -40.36
N ASP BB 472 27.36 -10.30 -40.27
CA ASP BB 472 26.72 -10.25 -38.96
C ASP BB 472 26.71 -11.63 -38.33
N ARG BB 473 26.34 -12.66 -39.11
CA ARG BB 473 26.43 -14.02 -38.59
C ARG BB 473 27.86 -14.39 -38.19
N PHE BB 474 28.84 -14.04 -39.01
CA PHE BB 474 30.21 -14.45 -38.67
C PHE BB 474 30.69 -13.74 -37.40
N VAL BB 475 30.41 -12.45 -37.26
CA VAL BB 475 30.87 -11.75 -36.06
C VAL BB 475 30.10 -12.24 -34.84
N ALA BB 476 28.83 -12.63 -35.01
CA ALA BB 476 28.12 -13.25 -33.91
C ALA BB 476 28.77 -14.56 -33.51
N SER BB 477 29.17 -15.37 -34.50
CA SER BB 477 29.85 -16.61 -34.23
C SER BB 477 31.24 -16.40 -33.65
N GLY BB 478 31.80 -15.19 -33.81
CA GLY BB 478 33.13 -14.90 -33.34
C GLY BB 478 34.24 -15.36 -34.24
N ALA BB 479 33.90 -15.96 -35.40
CA ALA BB 479 34.93 -16.49 -36.29
C ALA BB 479 35.82 -15.38 -36.83
N LEU BB 480 35.23 -14.26 -37.22
CA LEU BB 480 35.95 -13.15 -37.81
C LEU BB 480 36.04 -12.00 -36.82
N VAL BB 481 37.21 -11.39 -36.71
CA VAL BB 481 37.47 -10.30 -35.78
C VAL BB 481 38.18 -9.18 -36.52
N ALA BB 482 38.33 -8.05 -35.84
CA ALA BB 482 39.05 -6.93 -36.41
C ALA BB 482 40.53 -7.28 -36.55
N PRO BB 483 41.21 -6.69 -37.54
CA PRO BB 483 42.62 -7.01 -37.77
C PRO BB 483 43.47 -6.59 -36.58
N ARG BB 484 44.54 -7.36 -36.35
CA ARG BB 484 45.45 -7.08 -35.26
C ARG BB 484 46.44 -5.97 -35.58
N ASP BB 485 46.46 -5.48 -36.82
CA ASP BB 485 47.39 -4.41 -37.21
C ASP BB 485 46.59 -3.16 -37.54
N PRO BB 486 46.46 -2.22 -36.62
CA PRO BB 486 45.63 -1.03 -36.89
C PRO BB 486 46.34 0.00 -37.73
N ASP BB 487 47.65 0.15 -37.53
CA ASP BB 487 48.38 1.25 -38.14
C ASP BB 487 48.44 1.10 -39.66
N ALA BB 488 48.80 -0.09 -40.13
CA ALA BB 488 48.94 -0.34 -41.57
C ALA BB 488 47.78 -1.14 -42.15
N ASP BB 489 47.27 -2.13 -41.42
CA ASP BB 489 46.20 -2.96 -41.92
C ASP BB 489 44.82 -2.50 -41.49
N GLY BB 490 44.73 -1.44 -40.68
CA GLY BB 490 43.45 -0.90 -40.29
C GLY BB 490 42.77 -1.74 -39.22
N THR BB 491 41.56 -1.32 -38.88
CA THR BB 491 40.79 -1.95 -37.82
C THR BB 491 39.48 -2.55 -38.31
N GLU BB 492 39.26 -2.60 -39.62
CA GLU BB 492 38.01 -3.07 -40.17
C GLU BB 492 38.07 -4.58 -40.37
N PRO BB 493 37.20 -5.35 -39.72
CA PRO BB 493 37.25 -6.81 -39.87
C PRO BB 493 36.94 -7.29 -41.28
N TYR BB 494 36.32 -6.46 -42.12
CA TYR BB 494 35.94 -6.89 -43.45
C TYR BB 494 35.81 -5.68 -44.36
N VAL BB 495 35.86 -5.94 -45.66
CA VAL BB 495 35.73 -4.91 -46.68
C VAL BB 495 35.12 -5.53 -47.93
N LEU BB 496 34.41 -4.72 -48.71
CA LEU BB 496 33.65 -5.19 -49.85
C LEU BB 496 33.93 -4.35 -51.09
N LYS BB 497 33.86 -5.00 -52.25
CA LYS BB 497 33.94 -4.35 -53.54
C LYS BB 497 32.86 -4.97 -54.42
N VAL BB 498 32.00 -4.14 -54.99
CA VAL BB 498 30.92 -4.61 -55.85
C VAL BB 498 30.88 -3.74 -57.10
N THR BB 499 30.83 -4.38 -58.27
CA THR BB 499 30.65 -3.64 -59.51
C THR BB 499 30.25 -4.61 -60.61
N GLN BB 500 30.12 -4.09 -61.82
CA GLN BB 500 29.62 -4.86 -62.95
C GLN BB 500 30.40 -4.50 -64.19
N ALA BB 501 30.47 -5.43 -65.15
CA ALA BB 501 31.19 -5.15 -66.38
C ALA BB 501 30.27 -4.80 -67.56
N GLU BB 502 29.21 -5.56 -67.76
CA GLU BB 502 28.30 -5.34 -68.88
C GLU BB 502 26.90 -5.70 -68.41
N PHE BB 503 25.96 -5.87 -69.36
CA PHE BB 503 24.64 -6.39 -69.03
C PHE BB 503 24.71 -7.64 -68.16
N ASP BB 504 25.81 -8.37 -68.22
CA ASP BB 504 26.05 -9.53 -67.38
C ASP BB 504 27.37 -9.32 -66.64
N LYS BB 505 27.83 -10.39 -65.98
CA LYS BB 505 29.10 -10.42 -65.28
C LYS BB 505 29.17 -9.28 -64.25
N TRP BB 506 28.37 -9.46 -63.21
CA TRP BB 506 28.60 -8.74 -61.97
C TRP BB 506 29.79 -9.39 -61.25
N GLU BB 507 30.46 -8.60 -60.41
CA GLU BB 507 31.67 -9.06 -59.76
C GLU BB 507 31.76 -8.46 -58.37
N VAL BB 508 32.19 -9.28 -57.42
CA VAL BB 508 32.29 -8.91 -56.01
C VAL BB 508 33.57 -9.49 -55.45
N VAL BB 509 34.27 -8.69 -54.65
CA VAL BB 509 35.46 -9.11 -53.95
C VAL BB 509 35.34 -8.68 -52.49
N TRP BB 510 35.39 -9.64 -51.57
CA TRP BB 510 35.29 -9.36 -50.16
C TRP BB 510 36.50 -9.89 -49.41
N ALA BB 511 36.95 -9.13 -48.42
CA ALA BB 511 38.04 -9.53 -47.55
C ALA BB 511 37.56 -9.55 -46.11
N CYS BB 512 38.03 -10.54 -45.35
CA CYS BB 512 37.66 -10.69 -43.94
C CYS BB 512 38.87 -11.16 -43.16
N CYS BB 513 38.87 -10.84 -41.86
CA CYS BB 513 39.95 -11.24 -40.96
C CYS BB 513 39.39 -12.18 -39.90
N PRO BB 514 39.85 -13.42 -39.83
CA PRO BB 514 39.32 -14.36 -38.83
C PRO BB 514 39.97 -14.21 -37.47
N THR BB 515 39.65 -15.12 -36.55
CA THR BB 515 40.19 -15.12 -35.20
C THR BB 515 41.15 -16.29 -35.01
N GLY BB 516 41.67 -16.42 -33.79
CA GLY BB 516 42.61 -17.47 -33.48
C GLY BB 516 41.97 -18.74 -32.95
N VAL BB 517 42.76 -19.82 -32.98
CA VAL BB 517 42.31 -21.13 -32.56
C VAL BB 517 43.18 -21.76 -31.47
N ALA BB 518 44.45 -21.36 -31.36
CA ALA BB 518 45.35 -21.82 -30.29
C ALA BB 518 45.52 -23.33 -30.30
N ARG BB 519 46.17 -23.83 -31.36
CA ARG BB 519 46.51 -25.25 -31.43
C ARG BB 519 47.94 -25.56 -30.99
N ARG BB 520 48.74 -24.56 -30.65
CA ARG BB 520 49.97 -24.80 -29.90
C ARG BB 520 50.10 -23.78 -28.79
N ILE BB 521 50.74 -24.19 -27.70
CA ILE BB 521 50.87 -23.39 -26.50
C ILE BB 521 52.31 -23.48 -25.99
N GLN BB 522 52.76 -22.42 -25.32
CA GLN BB 522 54.09 -22.37 -24.76
C GLN BB 522 54.00 -22.08 -23.27
N GLY BB 523 54.86 -22.75 -22.50
CA GLY BB 523 54.90 -22.55 -21.06
C GLY BB 523 56.29 -22.78 -20.49
N VAL BB 524 56.70 -21.95 -19.53
CA VAL BB 524 58.03 -22.01 -18.96
C VAL BB 524 57.95 -21.90 -17.44
N PRO BB 525 58.46 -22.86 -16.69
CA PRO BB 525 58.42 -22.79 -15.22
C PRO BB 525 59.67 -22.15 -14.63
N LEU BB 526 59.48 -21.55 -13.47
CA LEU BB 526 60.59 -21.07 -12.65
C LEU BB 526 60.07 -20.89 -11.23
N LEU BB 527 61.00 -20.83 -10.29
CA LEU BB 527 60.64 -20.59 -8.90
C LEU BB 527 61.44 -19.41 -8.36
N ILE BB 528 60.88 -18.76 -7.34
CA ILE BB 528 61.56 -17.67 -6.66
C ILE BB 528 62.41 -18.18 -5.49
N LYS BB 529 62.26 -19.43 -5.09
CA LYS BB 529 63.01 -20.09 -4.01
C LYS BB 529 63.24 -19.24 -2.76
N SER CB 2 27.03 -34.09 -60.44
CA SER CB 2 25.87 -33.27 -60.79
C SER CB 2 26.31 -31.84 -61.07
N GLN CB 3 25.45 -31.09 -61.77
CA GLN CB 3 25.78 -29.70 -62.10
C GLN CB 3 25.87 -28.83 -60.86
N TYR CB 4 25.40 -29.32 -59.72
CA TYR CB 4 25.43 -28.56 -58.49
C TYR CB 4 26.86 -28.33 -58.00
N SER CB 5 27.82 -29.04 -58.58
CA SER CB 5 29.23 -28.75 -58.31
C SER CB 5 29.58 -27.35 -58.81
N ILE CB 6 30.51 -26.71 -58.12
CA ILE CB 6 30.98 -25.38 -58.48
C ILE CB 6 32.41 -25.51 -58.97
N GLN CB 7 32.63 -25.12 -60.22
CA GLN CB 7 33.94 -25.19 -60.84
C GLN CB 7 34.76 -23.95 -60.51
N GLN CB 8 36.03 -23.99 -60.88
CA GLN CB 8 36.94 -22.87 -60.67
C GLN CB 8 37.14 -22.03 -61.91
N SER CB 9 37.25 -22.65 -63.08
CA SER CB 9 37.41 -21.93 -64.34
C SER CB 9 36.05 -21.58 -64.88
N LEU CB 10 35.84 -20.30 -65.19
CA LEU CB 10 34.55 -19.80 -65.64
C LEU CB 10 34.67 -19.23 -67.04
N GLY CB 11 33.57 -19.34 -67.80
CA GLY CB 11 33.56 -18.84 -69.15
C GLY CB 11 32.36 -17.97 -69.48
N ASN CB 12 31.65 -18.34 -70.55
CA ASN CB 12 30.56 -17.55 -71.09
C ASN CB 12 29.21 -18.24 -70.84
N ALA CB 13 29.22 -19.46 -70.30
CA ALA CB 13 27.99 -20.20 -70.11
C ALA CB 13 27.09 -19.53 -69.08
N SER CB 14 25.79 -19.79 -69.20
CA SER CB 14 24.79 -19.22 -68.29
C SER CB 14 24.82 -20.00 -66.98
N GLY CB 15 25.79 -19.66 -66.14
CA GLY CB 15 25.91 -20.28 -64.83
C GLY CB 15 26.69 -19.39 -63.89
N VAL CB 16 26.63 -19.73 -62.61
CA VAL CB 16 27.35 -19.00 -61.57
C VAL CB 16 28.25 -19.97 -60.81
N ALA CB 17 29.52 -19.63 -60.71
CA ALA CB 17 30.48 -20.43 -59.95
C ALA CB 17 31.48 -19.48 -59.31
N VAL CB 18 32.60 -20.04 -58.85
CA VAL CB 18 33.59 -19.28 -58.10
C VAL CB 18 34.95 -19.42 -58.77
N SER CB 19 35.81 -18.46 -58.51
CA SER CB 19 37.19 -18.50 -58.95
C SER CB 19 38.06 -19.06 -57.84
N PRO CB 20 39.24 -19.61 -58.18
CA PRO CB 20 40.14 -20.15 -57.16
C PRO CB 20 40.55 -19.08 -56.16
N ILE CB 21 40.81 -19.53 -54.92
CA ILE CB 21 41.16 -18.61 -53.85
C ILE CB 21 42.48 -17.91 -54.15
N ASN CB 22 42.55 -16.64 -53.80
CA ASN CB 22 43.78 -15.86 -53.81
C ASN CB 22 43.97 -15.22 -52.44
N ALA CB 23 45.22 -15.18 -51.99
CA ALA CB 23 45.57 -14.53 -50.74
C ALA CB 23 46.57 -13.40 -50.89
N ASP CB 24 47.35 -13.38 -51.97
CA ASP CB 24 48.34 -12.34 -52.18
C ASP CB 24 47.77 -11.27 -53.10
N ALA CB 25 46.81 -10.53 -52.55
CA ALA CB 25 46.14 -9.47 -53.29
C ALA CB 25 45.79 -8.34 -52.32
N THR CB 26 45.61 -7.16 -52.89
CA THR CB 26 45.27 -5.96 -52.11
C THR CB 26 44.06 -5.31 -52.73
N LEU CB 27 43.37 -4.51 -51.91
CA LEU CB 27 42.17 -3.82 -52.37
C LEU CB 27 41.95 -2.59 -51.52
N SER CB 28 41.32 -1.57 -52.12
CA SER CB 28 41.04 -0.33 -51.42
C SER CB 28 39.85 0.34 -52.11
N THR CB 29 38.85 0.68 -51.32
CA THR CB 29 37.62 1.28 -51.82
C THR CB 29 37.60 2.78 -51.54
N GLY CB 30 36.87 3.50 -52.37
CA GLY CB 30 36.73 4.93 -52.21
C GLY CB 30 36.34 5.59 -53.51
N VAL CB 31 35.79 6.80 -53.38
CA VAL CB 31 35.36 7.61 -54.51
C VAL CB 31 36.17 8.90 -54.51
N ALA CB 32 36.86 9.17 -55.61
CA ALA CB 32 37.70 10.35 -55.70
C ALA CB 32 36.84 11.62 -55.70
N LEU CB 33 37.20 12.58 -54.85
CA LEU CB 33 36.46 13.82 -54.79
C LEU CB 33 36.86 14.79 -55.88
N ASN CB 34 38.13 14.79 -56.27
CA ASN CB 34 38.63 15.58 -57.39
C ASN CB 34 38.39 17.07 -57.18
N SER CB 35 38.38 17.50 -55.91
CA SER CB 35 38.36 18.94 -55.62
C SER CB 35 39.63 19.60 -56.15
N SER CB 36 40.77 18.95 -55.97
CA SER CB 36 42.04 19.39 -56.53
C SER CB 36 42.65 18.22 -57.28
N LEU CB 37 43.27 18.51 -58.42
CA LEU CB 37 43.84 17.47 -59.27
C LEU CB 37 45.34 17.65 -59.37
N TRP CB 38 46.04 16.53 -59.36
CA TRP CB 38 47.49 16.49 -59.36
C TRP CB 38 47.99 15.55 -60.44
N ALA CB 39 49.24 15.75 -60.83
CA ALA CB 39 49.89 14.90 -61.82
C ALA CB 39 51.39 14.99 -61.64
N GLY CB 40 52.11 14.05 -62.25
CA GLY CB 40 53.54 14.07 -62.20
C GLY CB 40 54.14 12.87 -62.87
N ILE CB 41 55.46 12.79 -62.82
CA ILE CB 41 56.21 11.69 -63.42
C ILE CB 41 56.34 10.58 -62.39
N GLY CB 42 56.55 9.37 -62.88
CA GLY CB 42 56.77 8.25 -61.98
C GLY CB 42 57.15 7.00 -62.74
N VAL CB 43 57.66 6.03 -61.99
CA VAL CB 43 58.00 4.72 -62.52
C VAL CB 43 57.14 3.70 -61.81
N PHE CB 44 56.42 2.88 -62.58
CA PHE CB 44 55.49 1.94 -62.00
C PHE CB 44 55.44 0.69 -62.86
N ALA CB 45 55.06 -0.41 -62.23
CA ALA CB 45 54.75 -1.62 -62.99
C ALA CB 45 53.52 -1.37 -63.83
N ARG CB 46 53.50 -1.92 -65.04
CA ARG CB 46 52.40 -1.72 -65.96
C ARG CB 46 52.25 -0.23 -66.31
N GLY CB 47 51.20 0.10 -67.04
CA GLY CB 47 50.96 1.48 -67.42
C GLY CB 47 51.77 1.88 -68.63
N LYS CB 48 51.15 2.60 -69.55
CA LYS CB 48 51.85 3.03 -70.75
C LYS CB 48 52.83 4.14 -70.38
N PRO CB 49 54.13 3.95 -70.61
CA PRO CB 49 55.10 4.99 -70.27
C PRO CB 49 55.02 6.17 -71.22
N PHE CB 50 55.54 7.30 -70.75
CA PHE CB 50 55.60 8.52 -71.54
C PHE CB 50 54.23 8.90 -72.09
N THR CB 51 53.22 8.76 -71.25
CA THR CB 51 51.85 9.09 -71.63
C THR CB 51 51.07 9.41 -70.38
N VAL CB 52 50.33 10.52 -70.41
CA VAL CB 52 49.48 10.86 -69.28
C VAL CB 52 48.42 9.78 -69.10
N LEU CB 53 48.18 9.41 -67.85
CA LEU CB 53 47.25 8.35 -67.51
C LEU CB 53 46.43 8.80 -66.32
N ALA CB 54 45.11 8.87 -66.49
CA ALA CB 54 44.20 9.25 -65.43
C ALA CB 54 43.90 8.02 -64.57
N VAL CB 55 44.29 8.09 -63.31
CA VAL CB 55 44.17 6.97 -62.38
C VAL CB 55 43.37 7.44 -61.17
N THR CB 56 42.41 6.63 -60.76
CA THR CB 56 41.54 6.95 -59.63
C THR CB 56 41.73 5.91 -58.53
N GLU CB 57 40.94 6.06 -57.47
CA GLU CB 57 40.99 5.13 -56.35
C GLU CB 57 40.52 3.74 -56.76
N SER CB 58 39.67 3.64 -57.77
CA SER CB 58 39.13 2.35 -58.15
C SER CB 58 40.13 1.50 -58.91
N ASN CB 59 40.95 2.11 -59.74
CA ASN CB 59 41.75 1.39 -60.72
C ASN CB 59 43.25 1.43 -60.46
N TYR CB 60 43.71 2.35 -59.61
CA TYR CB 60 45.14 2.50 -59.42
C TYR CB 60 45.79 1.21 -58.92
N GLU CB 61 45.02 0.34 -58.28
CA GLU CB 61 45.59 -0.85 -57.64
C GLU CB 61 46.32 -1.70 -58.65
N ASP CB 62 45.72 -1.91 -59.82
CA ASP CB 62 46.34 -2.71 -60.87
C ASP CB 62 46.94 -1.86 -61.98
N VAL CB 63 46.32 -0.73 -62.32
CA VAL CB 63 46.90 0.08 -63.39
C VAL CB 63 48.26 0.63 -62.97
N LEU CB 64 48.46 0.89 -61.67
CA LEU CB 64 49.79 1.19 -61.17
C LEU CB 64 50.61 -0.05 -60.91
N GLY CB 65 50.00 -1.23 -60.92
CA GLY CB 65 50.73 -2.46 -60.71
C GLY CB 65 51.13 -2.66 -59.26
N GLU CB 66 51.90 -3.71 -59.05
CA GLU CB 66 52.39 -4.03 -57.72
C GLU CB 66 53.44 -3.01 -57.30
N PRO CB 67 53.29 -2.37 -56.14
CA PRO CB 67 54.32 -1.45 -55.66
C PRO CB 67 55.68 -2.14 -55.58
N LEU CB 68 56.71 -1.42 -56.02
CA LEU CB 68 58.05 -1.98 -56.13
C LEU CB 68 58.74 -2.06 -54.77
N LYS CB 69 59.72 -2.95 -54.70
CA LYS CB 69 60.48 -3.13 -53.48
C LYS CB 69 61.31 -1.89 -53.19
N PRO CB 70 61.22 -1.31 -51.99
CA PRO CB 70 62.02 -0.11 -51.69
C PRO CB 70 63.52 -0.37 -51.76
N SER CB 71 63.95 -1.58 -51.44
CA SER CB 71 65.38 -1.88 -51.49
C SER CB 71 65.94 -1.71 -52.90
N SER CB 72 65.09 -1.89 -53.91
CA SER CB 72 65.52 -1.69 -55.30
C SER CB 72 65.71 -0.21 -55.58
N GLY CB 73 66.91 0.30 -55.30
CA GLY CB 73 67.17 1.70 -55.52
C GLY CB 73 66.29 2.56 -54.63
N SER CB 74 65.84 3.69 -55.18
CA SER CB 74 64.97 4.62 -54.49
C SER CB 74 63.64 4.77 -55.22
N GLN CB 75 63.13 3.66 -55.75
CA GLN CB 75 61.95 3.69 -56.57
C GLN CB 75 60.67 3.52 -55.76
N PHE CB 76 60.76 3.41 -54.44
CA PHE CB 76 59.58 3.38 -53.60
C PHE CB 76 58.98 4.77 -53.38
N GLU CB 77 59.74 5.82 -53.68
CA GLU CB 77 59.23 7.18 -53.51
C GLU CB 77 57.94 7.41 -54.28
N PRO CB 78 57.86 7.14 -55.59
CA PRO CB 78 56.62 7.47 -56.30
C PRO CB 78 55.44 6.62 -55.86
N ILE CB 79 55.65 5.33 -55.63
CA ILE CB 79 54.53 4.48 -55.22
C ILE CB 79 54.01 4.92 -53.86
N ARG CB 80 54.91 5.21 -52.93
CA ARG CB 80 54.47 5.70 -51.63
C ARG CB 80 53.69 6.99 -51.78
N HIS CB 81 54.20 7.91 -52.59
CA HIS CB 81 53.52 9.20 -52.74
C HIS CB 81 52.14 9.04 -53.35
N VAL CB 82 52.02 8.21 -54.38
CA VAL CB 82 50.73 8.09 -55.05
C VAL CB 82 49.74 7.37 -54.14
N TYR CB 83 50.21 6.38 -53.38
CA TYR CB 83 49.31 5.71 -52.45
C TYR CB 83 48.82 6.70 -51.40
N GLU CB 84 49.70 7.60 -50.96
CA GLU CB 84 49.29 8.65 -50.04
C GLU CB 84 48.25 9.57 -50.66
N ALA CB 85 48.47 9.97 -51.91
CA ALA CB 85 47.61 10.96 -52.54
C ALA CB 85 46.27 10.39 -52.99
N ILE CB 86 46.17 9.07 -53.18
CA ILE CB 86 44.95 8.51 -53.74
C ILE CB 86 43.79 8.60 -52.77
N GLN CB 87 44.05 8.62 -51.47
CA GLN CB 87 42.94 8.64 -50.51
C GLN CB 87 42.19 9.97 -50.52
N GLN CB 88 42.50 10.85 -51.44
CA GLN CB 88 41.88 12.16 -51.47
C GLN CB 88 41.36 12.55 -52.83
N THR CB 89 42.08 12.20 -53.90
CA THR CB 89 41.66 12.56 -55.26
C THR CB 89 42.37 11.63 -56.23
N SER CB 90 42.15 11.89 -57.52
CA SER CB 90 42.75 11.12 -58.60
C SER CB 90 43.98 11.84 -59.13
N GLY CB 91 44.70 11.19 -60.05
CA GLY CB 91 45.91 11.75 -60.59
C GLY CB 91 46.04 11.49 -62.08
N TYR CB 92 46.98 12.20 -62.69
CA TYR CB 92 47.18 12.20 -64.14
C TYR CB 92 48.64 11.83 -64.43
N VAL CB 93 49.04 10.70 -63.86
CA VAL CB 93 50.46 10.37 -63.76
C VAL CB 93 51.04 10.09 -65.14
N VAL CB 94 52.32 10.42 -65.31
CA VAL CB 94 53.07 10.08 -66.51
C VAL CB 94 54.21 9.15 -66.11
N ARG CB 95 54.31 8.01 -66.78
CA ARG CB 95 55.33 7.03 -66.48
C ARG CB 95 56.53 7.21 -67.39
N ALA CB 96 57.73 7.20 -66.82
CA ALA CB 96 58.97 7.38 -67.55
C ALA CB 96 59.87 6.18 -67.30
N VAL CB 97 60.43 5.63 -68.37
CA VAL CB 97 61.35 4.50 -68.26
C VAL CB 97 62.58 4.79 -69.11
N PRO CB 98 63.74 4.29 -68.74
CA PRO CB 98 64.94 4.47 -69.56
C PRO CB 98 64.90 3.56 -70.78
N ASP CB 99 65.95 3.64 -71.59
CA ASP CB 99 66.04 2.84 -72.80
C ASP CB 99 66.11 1.35 -72.50
N ASP CB 100 66.51 0.97 -71.29
CA ASP CB 100 66.60 -0.43 -70.92
C ASP CB 100 65.25 -1.13 -70.94
N ALA CB 101 64.16 -0.37 -70.83
CA ALA CB 101 62.83 -0.98 -70.85
C ALA CB 101 62.52 -1.51 -72.25
N LYS CB 102 62.08 -2.76 -72.30
CA LYS CB 102 61.76 -3.45 -73.55
C LYS CB 102 60.41 -4.15 -73.40
N PHE CB 103 59.61 -4.09 -74.44
CA PHE CB 103 58.32 -4.75 -74.49
C PHE CB 103 58.37 -5.95 -75.44
N PRO CB 104 57.58 -6.98 -75.16
CA PRO CB 104 57.55 -8.16 -76.04
C PRO CB 104 56.67 -7.94 -77.26
N ILE CB 105 57.02 -8.66 -78.32
CA ILE CB 105 56.31 -8.63 -79.59
C ILE CB 105 56.16 -10.07 -80.09
N ILE CB 106 54.97 -10.41 -80.56
CA ILE CB 106 54.66 -11.76 -81.02
C ILE CB 106 54.28 -11.67 -82.48
N MET CB 107 55.11 -12.24 -83.34
CA MET CB 107 54.90 -12.20 -84.78
C MET CB 107 54.20 -13.47 -85.23
N PHE CB 108 53.34 -13.34 -86.24
CA PHE CB 108 52.52 -14.43 -86.74
C PHE CB 108 52.69 -14.53 -88.24
N ASP CB 109 53.13 -15.70 -88.71
CA ASP CB 109 53.40 -15.90 -90.11
C ASP CB 109 52.09 -16.02 -90.89
N GLU CB 110 52.22 -16.23 -92.19
CA GLU CB 110 51.05 -16.31 -93.06
C GLU CB 110 50.18 -17.51 -92.72
N SER CB 111 50.79 -18.61 -92.27
CA SER CB 111 50.07 -19.80 -91.86
C SER CB 111 49.89 -19.89 -90.35
N GLY CB 112 50.27 -18.86 -89.60
CA GLY CB 112 49.97 -18.79 -88.19
C GLY CB 112 51.10 -19.19 -87.26
N GLU CB 113 52.29 -19.45 -87.78
CA GLU CB 113 53.41 -19.82 -86.92
C GLU CB 113 53.83 -18.62 -86.06
N PRO CB 114 54.07 -18.81 -84.78
CA PRO CB 114 54.43 -17.69 -83.90
C PRO CB 114 55.93 -17.52 -83.75
N ALA CB 115 56.31 -16.30 -83.39
CA ALA CB 115 57.71 -15.97 -83.11
C ALA CB 115 57.75 -14.90 -82.04
N TYR CB 116 58.79 -14.95 -81.20
CA TYR CB 116 58.93 -14.05 -80.07
C TYR CB 116 60.01 -13.02 -80.34
N SER CB 117 59.84 -11.83 -79.77
CA SER CB 117 60.88 -10.80 -79.80
C SER CB 117 60.64 -9.83 -78.66
N ALA CB 118 61.63 -8.98 -78.43
CA ALA CB 118 61.50 -7.87 -77.50
C ALA CB 118 62.18 -6.66 -78.11
N LEU CB 119 61.57 -5.50 -77.95
CA LEU CB 119 62.13 -4.28 -78.51
C LEU CB 119 61.96 -3.13 -77.51
N PRO CB 120 62.90 -2.19 -77.50
CA PRO CB 120 62.80 -1.07 -76.57
C PRO CB 120 61.62 -0.18 -76.91
N TYR CB 121 61.09 0.48 -75.89
CA TYR CB 121 59.94 1.35 -76.06
C TYR CB 121 60.33 2.56 -76.92
N GLY CB 122 59.33 3.12 -77.59
CA GLY CB 122 59.55 4.21 -78.52
C GLY CB 122 59.88 3.74 -79.92
N SER CB 123 60.56 2.60 -80.04
CA SER CB 123 60.89 2.04 -81.34
C SER CB 123 59.68 1.36 -81.96
N GLU CB 124 59.51 1.55 -83.26
CA GLU CB 124 58.37 0.99 -83.99
C GLU CB 124 58.85 -0.18 -84.86
N ILE CB 125 58.08 -1.26 -84.82
CA ILE CB 125 58.41 -2.48 -85.56
C ILE CB 125 57.58 -2.51 -86.84
N GLU CB 126 58.15 -3.11 -87.87
CA GLU CB 126 57.49 -3.26 -89.16
C GLU CB 126 57.47 -4.73 -89.57
N LEU CB 127 56.72 -5.02 -90.63
CA LEU CB 127 56.54 -6.38 -91.12
C LEU CB 127 57.35 -6.58 -92.40
N ASP CB 128 58.12 -7.67 -92.43
CA ASP CB 128 58.92 -8.00 -93.60
C ASP CB 128 58.03 -8.68 -94.65
N SER CB 129 58.67 -9.28 -95.66
CA SER CB 129 57.91 -9.96 -96.71
C SER CB 129 57.08 -11.10 -96.13
N GLY CB 130 57.66 -11.89 -95.25
CA GLY CB 130 56.94 -12.93 -94.54
C GLY CB 130 56.30 -12.37 -93.28
N GLU CB 131 55.93 -13.30 -92.38
CA GLU CB 131 55.42 -12.93 -91.06
C GLU CB 131 54.20 -12.01 -91.18
N ALA CB 132 53.13 -12.60 -91.71
CA ALA CB 132 51.93 -11.88 -92.15
C ALA CB 132 51.54 -10.72 -91.26
N PHE CB 133 51.57 -10.90 -89.94
CA PHE CB 133 51.24 -9.79 -89.04
C PHE CB 133 51.94 -10.00 -87.71
N ALA CB 134 51.61 -9.15 -86.75
CA ALA CB 134 52.20 -9.26 -85.42
C ALA CB 134 51.36 -8.49 -84.43
N ILE CB 135 51.59 -8.77 -83.15
CA ILE CB 135 50.93 -8.10 -82.04
C ILE CB 135 51.99 -7.75 -81.01
N TYR CB 136 51.64 -6.83 -80.11
CA TYR CB 136 52.55 -6.42 -79.07
C TYR CB 136 51.77 -5.74 -77.96
N VAL CB 137 52.34 -5.80 -76.76
CA VAL CB 137 51.80 -5.09 -75.61
C VAL CB 137 52.79 -3.99 -75.23
N ASP CB 138 52.27 -2.78 -75.04
CA ASP CB 138 53.07 -1.65 -74.58
C ASP CB 138 52.55 -1.11 -73.26
N ASP CB 139 51.79 -1.93 -72.51
CA ASP CB 139 51.20 -1.54 -71.25
C ASP CB 139 52.22 -1.39 -70.12
N GLY CB 140 53.50 -1.63 -70.38
CA GLY CB 140 54.51 -1.51 -69.36
C GLY CB 140 54.67 -2.72 -68.46
N ASP CB 141 53.86 -3.75 -68.64
CA ASP CB 141 53.97 -4.95 -67.83
C ASP CB 141 55.09 -5.85 -68.37
N PRO CB 142 56.04 -6.25 -67.54
CA PRO CB 142 57.09 -7.18 -68.02
C PRO CB 142 56.54 -8.54 -68.44
N CYS CB 143 55.34 -8.92 -67.99
CA CYS CB 143 54.71 -10.19 -68.35
C CYS CB 143 55.59 -11.37 -67.96
N ILE CB 144 56.29 -11.24 -66.83
CA ILE CB 144 57.20 -12.27 -66.37
C ILE CB 144 56.75 -12.76 -65.00
N SER CB 145 56.04 -11.93 -64.27
CA SER CB 145 55.65 -12.24 -62.91
C SER CB 145 54.48 -11.37 -62.49
N PRO CB 146 53.25 -11.78 -62.76
CA PRO CB 146 52.86 -13.00 -63.47
C PRO CB 146 53.05 -12.87 -64.97
N THR CB 147 52.94 -13.96 -65.71
CA THR CB 147 53.10 -13.97 -67.15
C THR CB 147 51.74 -13.90 -67.83
N ARG CB 148 51.75 -13.44 -69.08
CA ARG CB 148 50.53 -13.23 -69.85
C ARG CB 148 50.54 -14.15 -71.06
N GLU CB 149 49.45 -14.90 -71.24
CA GLU CB 149 49.35 -15.89 -72.31
C GLU CB 149 48.09 -15.65 -73.12
N LEU CB 150 48.11 -16.16 -74.35
CA LEU CB 150 46.97 -16.07 -75.25
C LEU CB 150 46.63 -17.45 -75.76
N THR CB 151 45.34 -17.66 -76.02
CA THR CB 151 44.86 -18.90 -76.60
C THR CB 151 44.01 -18.57 -77.82
N ILE CB 152 44.23 -19.29 -78.92
CA ILE CB 152 43.52 -19.07 -80.17
C ILE CB 152 42.78 -20.34 -80.54
N GLU CB 153 41.50 -20.20 -80.87
CA GLU CB 153 40.69 -21.34 -81.30
C GLU CB 153 39.74 -20.91 -82.39
N THR CB 154 39.88 -21.48 -83.58
CA THR CB 154 38.99 -21.14 -84.68
C THR CB 154 37.56 -21.57 -84.37
N ALA CB 155 36.60 -20.78 -84.84
CA ALA CB 155 35.19 -21.02 -84.57
C ALA CB 155 34.43 -20.86 -85.88
N THR CB 156 33.10 -20.84 -85.78
CA THR CB 156 32.27 -20.75 -86.97
C THR CB 156 32.37 -19.37 -87.60
N ALA CB 157 32.04 -19.31 -88.88
CA ALA CB 157 32.08 -18.08 -89.65
C ALA CB 157 30.79 -17.29 -89.47
N ASP CB 158 30.76 -16.10 -90.06
CA ASP CB 158 29.58 -15.25 -90.02
C ASP CB 158 28.70 -15.55 -91.24
N SER CB 159 27.68 -14.72 -91.45
CA SER CB 159 26.82 -14.90 -92.62
C SER CB 159 27.61 -14.72 -93.90
N ALA CB 160 28.53 -13.77 -93.93
CA ALA CB 160 29.41 -13.59 -95.08
C ALA CB 160 30.39 -14.74 -95.25
N GLY CB 161 30.48 -15.63 -94.26
CA GLY CB 161 31.42 -16.72 -94.32
C GLY CB 161 32.83 -16.36 -93.91
N ASN CB 162 33.03 -15.21 -93.30
CA ASN CB 162 34.37 -14.78 -92.92
C ASN CB 162 34.92 -15.67 -91.82
N GLU CB 163 36.12 -16.21 -92.04
CA GLU CB 163 36.72 -17.09 -91.05
C GLU CB 163 36.94 -16.34 -89.75
N ARG CB 164 36.54 -16.96 -88.64
CA ARG CB 164 36.60 -16.34 -87.34
C ARG CB 164 37.29 -17.26 -86.35
N PHE CB 165 37.94 -16.66 -85.37
CA PHE CB 165 38.52 -17.41 -84.26
C PHE CB 165 38.36 -16.61 -82.99
N LEU CB 166 38.23 -17.33 -81.89
CA LEU CB 166 38.20 -16.74 -80.57
C LEU CB 166 39.60 -16.65 -80.00
N LEU CB 167 39.88 -15.52 -79.36
CA LEU CB 167 41.12 -15.28 -78.64
C LEU CB 167 40.80 -15.11 -77.16
N LYS CB 168 41.59 -15.75 -76.31
CA LYS CB 168 41.38 -15.74 -74.87
C LYS CB 168 42.67 -15.30 -74.19
N LEU CB 169 42.60 -14.19 -73.46
CA LEU CB 169 43.74 -13.66 -72.74
C LEU CB 169 43.74 -14.22 -71.32
N THR CB 170 44.92 -14.57 -70.81
CA THR CB 170 44.99 -15.11 -69.47
C THR CB 170 46.27 -14.65 -68.78
N GLN CB 171 46.18 -14.57 -67.45
CA GLN CB 171 47.29 -14.22 -66.58
C GLN CB 171 47.62 -15.43 -65.72
N THR CB 172 48.86 -15.87 -65.74
CA THR CB 172 49.30 -17.05 -64.99
C THR CB 172 50.40 -16.66 -64.02
N THR CB 173 50.21 -17.01 -62.76
CA THR CB 173 51.18 -16.72 -61.72
C THR CB 173 52.22 -17.84 -61.63
N SER CB 174 53.33 -17.53 -60.96
CA SER CB 174 54.38 -18.52 -60.75
C SER CB 174 53.88 -19.68 -59.89
N LEU CB 175 53.01 -19.39 -58.93
CA LEU CB 175 52.45 -20.45 -58.10
C LEU CB 175 51.64 -21.44 -58.94
N GLY CB 176 50.91 -20.93 -59.93
CA GLY CB 176 50.13 -21.79 -60.79
C GLY CB 176 48.71 -21.31 -60.93
N VAL CB 177 48.37 -20.24 -60.22
CA VAL CB 177 47.04 -19.67 -60.33
C VAL CB 177 46.89 -19.02 -61.69
N VAL CB 178 45.84 -19.39 -62.42
CA VAL CB 178 45.59 -18.92 -63.76
C VAL CB 178 44.22 -18.26 -63.78
N THR CB 179 44.16 -17.02 -64.25
CA THR CB 179 42.93 -16.27 -64.40
C THR CB 179 42.78 -15.83 -65.84
N THR CB 180 41.56 -15.48 -66.22
CA THR CB 180 41.27 -15.02 -67.57
C THR CB 180 40.97 -13.52 -67.57
N LEU CB 181 41.44 -12.85 -68.61
CA LEU CB 181 41.17 -11.43 -68.79
C LEU CB 181 39.90 -11.24 -69.62
N GLU CB 182 39.87 -11.76 -70.84
CA GLU CB 182 38.70 -11.67 -71.69
C GLU CB 182 38.85 -12.63 -72.86
N THR CB 183 37.71 -12.96 -73.47
CA THR CB 183 37.66 -13.72 -74.70
C THR CB 183 36.88 -12.91 -75.74
N HIS CB 184 37.32 -12.97 -76.99
CA HIS CB 184 36.64 -12.25 -78.04
C HIS CB 184 36.87 -12.93 -79.38
N THR CB 185 35.84 -12.95 -80.22
CA THR CB 185 35.91 -13.56 -81.54
C THR CB 185 36.21 -12.50 -82.59
N VAL CB 186 37.26 -12.73 -83.38
CA VAL CB 186 37.67 -11.81 -84.41
C VAL CB 186 37.90 -12.57 -85.70
N SER CB 187 37.81 -11.85 -86.81
CA SER CB 187 37.93 -12.43 -88.14
C SER CB 187 39.02 -11.73 -88.93
N LEU CB 188 39.70 -12.50 -89.77
CA LEU CB 188 40.79 -11.97 -90.58
C LEU CB 188 40.29 -11.09 -91.73
N ALA CB 189 39.05 -11.25 -92.13
CA ALA CB 189 38.53 -10.52 -93.28
C ALA CB 189 38.60 -9.02 -93.03
N GLU CB 190 38.93 -8.28 -94.09
CA GLU CB 190 39.10 -6.84 -93.96
C GLU CB 190 37.80 -6.17 -93.53
N GLU CB 191 36.67 -6.60 -94.10
CA GLU CB 191 35.39 -5.99 -93.84
C GLU CB 191 34.44 -6.91 -93.08
N ALA CB 192 34.99 -7.83 -92.29
CA ALA CB 192 34.16 -8.70 -91.48
C ALA CB 192 33.54 -7.89 -90.33
N LYS CB 193 32.22 -8.02 -90.17
CA LYS CB 193 31.50 -7.31 -89.13
C LYS CB 193 30.52 -8.25 -88.47
N ASP CB 194 30.42 -8.15 -87.14
CA ASP CB 194 29.51 -9.00 -86.38
C ASP CB 194 28.08 -8.50 -86.52
N ASP CB 195 27.14 -9.37 -86.13
CA ASP CB 195 25.73 -9.01 -86.12
C ASP CB 195 25.42 -7.93 -85.09
N MET CB 196 26.36 -7.66 -84.18
CA MET CB 196 26.23 -6.52 -83.28
C MET CB 196 26.54 -5.21 -83.98
N GLY CB 197 26.91 -5.24 -85.25
CA GLY CB 197 27.39 -4.07 -85.94
C GLY CB 197 28.85 -3.79 -85.72
N ARG CB 198 29.52 -4.59 -84.88
CA ARG CB 198 30.92 -4.39 -84.57
C ARG CB 198 31.78 -5.13 -85.59
N LEU CB 199 32.77 -4.44 -86.14
CA LEU CB 199 33.62 -5.04 -87.14
C LEU CB 199 34.43 -6.17 -86.53
N CYS CB 200 34.48 -7.29 -87.25
CA CYS CB 200 35.25 -8.46 -86.80
C CYS CB 200 36.69 -8.41 -87.27
N TYR CB 201 37.10 -7.34 -87.97
CA TYR CB 201 38.48 -7.22 -88.41
C TYR CB 201 39.42 -7.21 -87.21
N LEU CB 202 40.56 -7.86 -87.37
CA LEU CB 202 41.49 -8.04 -86.24
C LEU CB 202 41.90 -6.72 -85.60
N PRO CB 203 42.56 -5.78 -86.30
CA PRO CB 203 43.00 -4.56 -85.63
C PRO CB 203 41.82 -3.70 -85.18
N THR CB 204 40.84 -3.58 -86.07
CA THR CB 204 39.68 -2.76 -85.74
C THR CB 204 39.10 -3.17 -84.41
N ALA CB 205 38.84 -4.47 -84.24
CA ALA CB 205 38.34 -4.96 -82.96
C ALA CB 205 39.37 -4.76 -81.85
N LEU CB 206 40.65 -5.00 -82.15
CA LEU CB 206 41.66 -5.02 -81.10
C LEU CB 206 41.79 -3.67 -80.42
N GLU CB 207 42.00 -2.61 -81.20
CA GLU CB 207 42.05 -1.27 -80.62
C GLU CB 207 40.72 -0.54 -80.70
N ALA CB 208 39.62 -1.27 -80.88
CA ALA CB 208 38.31 -0.72 -80.58
C ALA CB 208 37.78 -1.16 -79.21
N ARG CB 209 38.00 -2.42 -78.85
CA ARG CB 209 37.50 -2.95 -77.59
C ARG CB 209 38.61 -3.36 -76.64
N SER CB 210 39.55 -4.20 -77.08
CA SER CB 210 40.61 -4.65 -76.21
C SER CB 210 41.51 -3.49 -75.82
N LYS CB 211 41.86 -3.42 -74.54
CA LYS CB 211 42.66 -2.32 -74.02
C LYS CB 211 44.05 -2.78 -73.60
N TYR CB 212 44.54 -3.86 -74.19
CA TYR CB 212 45.81 -4.45 -73.76
C TYR CB 212 46.81 -4.64 -74.87
N LEU CB 213 46.35 -5.07 -76.04
CA LEU CB 213 47.24 -5.44 -77.13
C LEU CB 213 46.99 -4.56 -78.34
N ARG CB 214 48.05 -4.34 -79.11
CA ARG CB 214 47.99 -3.59 -80.36
C ARG CB 214 48.75 -4.36 -81.41
N ALA CB 215 48.17 -4.46 -82.60
CA ALA CB 215 48.70 -5.32 -83.64
C ALA CB 215 48.86 -4.56 -84.94
N VAL CB 216 49.76 -5.06 -85.78
CA VAL CB 216 49.96 -4.55 -87.12
C VAL CB 216 49.78 -5.70 -88.09
N VAL CB 217 49.06 -5.46 -89.18
CA VAL CB 217 48.69 -6.49 -90.13
C VAL CB 217 49.07 -6.04 -91.52
N ASN CB 218 49.74 -6.90 -92.28
CA ASN CB 218 50.04 -6.61 -93.67
C ASN CB 218 48.75 -6.58 -94.48
N GLU CB 219 48.43 -5.41 -95.02
CA GLU CB 219 47.21 -5.26 -95.81
C GLU CB 219 47.24 -6.10 -97.08
N GLU CB 220 48.42 -6.51 -97.51
CA GLU CB 220 48.56 -7.34 -98.70
C GLU CB 220 48.58 -8.83 -98.37
N LEU CB 221 49.05 -9.20 -97.18
CA LEU CB 221 49.09 -10.60 -96.77
C LEU CB 221 47.87 -11.02 -95.96
N ILE CB 222 46.98 -10.08 -95.63
CA ILE CB 222 45.83 -10.41 -94.81
C ILE CB 222 44.88 -11.35 -95.56
N SER CB 223 44.75 -11.17 -96.87
CA SER CB 223 43.89 -12.05 -97.65
C SER CB 223 44.38 -13.48 -97.61
N THR CB 224 45.69 -13.68 -97.74
CA THR CB 224 46.29 -15.01 -97.71
C THR CB 224 46.71 -15.42 -96.31
N ALA CB 225 46.46 -14.61 -95.30
CA ALA CB 225 46.87 -14.96 -93.95
C ALA CB 225 46.03 -16.12 -93.43
N LYS CB 226 46.68 -17.00 -92.67
CA LYS CB 226 46.01 -18.12 -92.03
C LYS CB 226 46.45 -18.22 -90.58
N VAL CB 227 45.57 -18.78 -89.76
CA VAL CB 227 45.82 -18.90 -88.33
C VAL CB 227 45.74 -20.37 -87.94
N THR CB 228 46.37 -20.68 -86.82
CA THR CB 228 46.40 -22.03 -86.30
C THR CB 228 46.01 -22.03 -84.83
N ASN CB 229 45.50 -23.17 -84.38
CA ASN CB 229 45.05 -23.32 -83.00
C ASN CB 229 46.26 -23.40 -82.09
N LYS CB 230 46.53 -22.32 -81.37
CA LYS CB 230 47.65 -22.25 -80.45
C LYS CB 230 47.15 -21.81 -79.09
N LYS CB 231 47.83 -22.29 -78.05
CA LYS CB 231 47.42 -22.06 -76.66
C LYS CB 231 48.60 -21.52 -75.87
N SER CB 232 48.28 -20.69 -74.88
CA SER CB 232 49.26 -20.16 -73.93
C SER CB 232 50.38 -19.42 -74.65
N LEU CB 233 50.00 -18.34 -75.33
CA LEU CB 233 50.97 -17.50 -76.03
C LEU CB 233 51.61 -16.56 -75.00
N ALA CB 234 52.58 -17.12 -74.28
CA ALA CB 234 53.25 -16.38 -73.22
C ALA CB 234 54.21 -15.37 -73.81
N PHE CB 235 54.13 -14.13 -73.31
CA PHE CB 235 55.07 -13.10 -73.71
C PHE CB 235 56.42 -13.31 -73.06
N THR CB 236 57.48 -13.05 -73.81
CA THR CB 236 58.84 -13.14 -73.31
C THR CB 236 59.64 -11.95 -73.79
N GLY CB 237 60.65 -11.58 -73.00
CA GLY CB 237 61.48 -10.43 -73.31
C GLY CB 237 61.01 -9.13 -72.70
N GLY CB 238 59.86 -9.10 -72.04
CA GLY CB 238 59.38 -7.90 -71.39
C GLY CB 238 60.16 -7.56 -70.14
N THR CB 239 60.95 -6.49 -70.20
CA THR CB 239 61.81 -6.07 -69.11
C THR CB 239 61.60 -4.60 -68.80
N ASN CB 240 61.68 -4.25 -67.53
CA ASN CB 240 61.59 -2.86 -67.12
C ASN CB 240 62.93 -2.15 -67.15
N GLY CB 241 64.02 -2.87 -66.86
CA GLY CB 241 65.34 -2.26 -66.85
C GLY CB 241 65.62 -1.51 -65.56
N ASP CB 242 66.80 -0.92 -65.51
CA ASP CB 242 67.24 -0.15 -64.35
C ASP CB 242 66.47 1.15 -64.28
N GLN CB 243 65.52 1.23 -63.36
CA GLN CB 243 64.71 2.43 -63.20
C GLN CB 243 65.34 3.43 -62.24
N SER CB 244 66.47 3.06 -61.61
CA SER CB 244 67.09 3.97 -60.65
C SER CB 244 67.55 5.26 -61.32
N LYS CB 245 68.13 5.15 -62.51
CA LYS CB 245 68.59 6.31 -63.26
C LYS CB 245 67.64 6.55 -64.42
N ILE CB 246 67.16 7.79 -64.55
CA ILE CB 246 66.30 8.21 -65.65
C ILE CB 246 66.91 9.43 -66.30
N SER CB 247 66.95 9.43 -67.63
CA SER CB 247 67.63 10.49 -68.36
C SER CB 247 66.93 11.84 -68.16
N THR CB 248 67.74 12.89 -68.14
CA THR CB 248 67.18 14.23 -68.16
C THR CB 248 66.36 14.47 -69.40
N ALA CB 249 66.70 13.81 -70.51
CA ALA CB 249 65.89 13.90 -71.72
C ALA CB 249 64.50 13.33 -71.49
N ALA CB 250 64.42 12.16 -70.85
CA ALA CB 250 63.10 11.60 -70.53
C ALA CB 250 62.36 12.51 -69.56
N TYR CB 251 63.08 13.07 -68.59
CA TYR CB 251 62.47 14.00 -67.66
C TYR CB 251 61.82 15.17 -68.38
N LEU CB 252 62.58 15.84 -69.24
CA LEU CB 252 62.06 17.00 -69.95
C LEU CB 252 60.96 16.60 -70.93
N ARG CB 253 61.07 15.42 -71.53
CA ARG CB 253 60.02 14.95 -72.43
C ARG CB 253 58.71 14.79 -71.67
N ALA CB 254 58.77 14.16 -70.51
CA ALA CB 254 57.57 14.01 -69.69
C ALA CB 254 57.07 15.36 -69.21
N VAL CB 255 57.98 16.28 -68.91
CA VAL CB 255 57.57 17.62 -68.51
C VAL CB 255 56.77 18.29 -69.61
N LYS CB 256 57.28 18.23 -70.84
CA LYS CB 256 56.56 18.81 -71.96
C LYS CB 256 55.22 18.12 -72.16
N VAL CB 257 55.20 16.80 -72.00
CA VAL CB 257 53.96 16.05 -72.18
C VAL CB 257 52.91 16.52 -71.18
N LEU CB 258 53.27 16.59 -69.90
CA LEU CB 258 52.30 16.98 -68.89
C LEU CB 258 51.92 18.45 -69.05
N ASN CB 259 52.85 19.28 -69.52
CA ASN CB 259 52.50 20.66 -69.84
C ASN CB 259 51.44 20.71 -70.93
N ASN CB 260 51.61 19.89 -71.96
CA ASN CB 260 50.69 19.89 -73.09
C ASN CB 260 49.43 19.09 -72.82
N ALA CB 261 49.35 18.41 -71.69
CA ALA CB 261 48.15 17.64 -71.37
C ALA CB 261 46.95 18.58 -71.23
N PRO CB 262 45.86 18.34 -71.94
CA PRO CB 262 44.68 19.22 -71.90
C PRO CB 262 43.78 18.94 -70.70
N TYR CB 263 44.37 18.75 -69.54
CA TYR CB 263 43.63 18.36 -68.35
C TYR CB 263 43.76 19.44 -67.28
N MET CB 264 42.81 19.42 -66.35
CA MET CB 264 42.81 20.35 -65.23
C MET CB 264 43.65 19.75 -64.10
N TYR CB 265 44.74 20.43 -63.75
CA TYR CB 265 45.56 20.05 -62.61
C TYR CB 265 45.83 21.28 -61.77
N THR CB 266 45.92 21.08 -60.45
CA THR CB 266 45.98 22.18 -59.51
C THR CB 266 47.31 22.34 -58.80
N ALA CB 267 48.17 21.32 -58.80
CA ALA CB 267 49.45 21.43 -58.11
C ALA CB 267 50.41 20.40 -58.70
N VAL CB 268 51.69 20.62 -58.45
CA VAL CB 268 52.75 19.74 -58.91
C VAL CB 268 53.53 19.24 -57.71
N LEU CB 269 53.93 17.97 -57.75
CA LEU CB 269 54.52 17.30 -56.61
C LEU CB 269 55.94 16.86 -56.94
N GLY CB 270 56.80 16.88 -55.91
CA GLY CB 270 58.18 16.48 -56.11
C GLY CB 270 58.31 15.03 -56.53
N LEU CB 271 57.59 14.14 -55.85
CA LEU CB 271 57.47 12.74 -56.25
C LEU CB 271 58.83 12.05 -56.30
N GLY CB 272 59.77 12.50 -55.49
CA GLY CB 272 61.08 11.87 -55.39
C GLY CB 272 62.07 12.25 -56.46
N CYS CB 273 61.70 13.11 -57.41
CA CYS CB 273 62.64 13.56 -58.44
C CYS CB 273 63.43 14.74 -57.90
N TYR CB 274 64.77 14.66 -58.03
CA TYR CB 274 65.64 15.69 -57.50
C TYR CB 274 66.57 16.28 -58.56
N ASP CB 275 66.40 15.88 -59.82
CA ASP CB 275 67.21 16.46 -60.89
C ASP CB 275 67.00 17.96 -60.94
N ASN CB 276 68.09 18.71 -60.97
CA ASN CB 276 67.98 20.16 -60.99
C ASN CB 276 67.26 20.64 -62.25
N ALA CB 277 67.63 20.09 -63.40
CA ALA CB 277 66.96 20.49 -64.64
C ALA CB 277 65.48 20.14 -64.60
N ALA CB 278 65.15 18.94 -64.13
CA ALA CB 278 63.76 18.53 -64.08
C ALA CB 278 62.95 19.40 -63.14
N ILE CB 279 63.50 19.68 -61.95
CA ILE CB 279 62.75 20.48 -60.99
C ILE CB 279 62.62 21.91 -61.47
N THR CB 280 63.64 22.45 -62.15
CA THR CB 280 63.52 23.78 -62.72
C THR CB 280 62.46 23.82 -63.80
N ALA CB 281 62.42 22.81 -64.66
CA ALA CB 281 61.37 22.75 -65.66
C ALA CB 281 60.01 22.69 -65.01
N LEU CB 282 59.89 21.91 -63.94
CA LEU CB 282 58.62 21.82 -63.22
C LEU CB 282 58.24 23.16 -62.63
N GLY CB 283 59.21 23.89 -62.08
CA GLY CB 283 58.92 25.21 -61.55
C GLY CB 283 58.44 26.16 -62.62
N LYS CB 284 59.10 26.13 -63.78
CA LYS CB 284 58.66 26.97 -64.88
C LYS CB 284 57.24 26.63 -65.31
N ILE CB 285 56.95 25.33 -65.42
CA ILE CB 285 55.64 24.90 -65.87
C ILE CB 285 54.56 25.30 -64.87
N CYS CB 286 54.82 25.10 -63.58
CA CYS CB 286 53.80 25.44 -62.59
C CYS CB 286 53.62 26.94 -62.47
N ALA CB 287 54.70 27.71 -62.64
CA ALA CB 287 54.56 29.16 -62.69
C ALA CB 287 53.68 29.58 -63.87
N ASP CB 288 53.88 28.94 -65.02
CA ASP CB 288 53.01 29.20 -66.16
C ASP CB 288 51.56 28.84 -65.84
N ARG CB 289 51.37 27.71 -65.18
CA ARG CB 289 50.03 27.23 -64.87
C ARG CB 289 49.39 28.02 -63.74
N LEU CB 290 50.15 28.84 -63.03
CA LEU CB 290 49.66 29.58 -61.87
C LEU CB 290 49.15 28.64 -60.79
N ILE CB 291 49.88 27.55 -60.58
CA ILE CB 291 49.50 26.55 -59.58
C ILE CB 291 50.59 26.49 -58.52
N ASP CB 292 50.42 25.61 -57.55
CA ASP CB 292 51.38 25.44 -56.46
C ASP CB 292 52.33 24.29 -56.75
N GLY CB 293 53.51 24.37 -56.16
CA GLY CB 293 54.49 23.31 -56.28
C GLY CB 293 54.96 22.86 -54.90
N PHE CB 294 55.23 21.57 -54.79
CA PHE CB 294 55.57 21.00 -53.49
C PHE CB 294 56.97 20.38 -53.50
N PHE CB 295 57.94 21.12 -54.01
CA PHE CB 295 59.26 20.55 -54.23
C PHE CB 295 59.92 20.20 -52.91
N ASP CB 296 60.79 19.20 -52.94
CA ASP CB 296 61.41 18.69 -51.72
C ASP CB 296 62.89 18.43 -51.97
N VAL CB 297 63.66 18.47 -50.88
CA VAL CB 297 65.05 18.10 -50.90
C VAL CB 297 65.17 16.69 -50.34
N LYS CB 298 66.21 15.98 -50.76
CA LYS CB 298 66.28 14.57 -50.41
C LYS CB 298 66.63 14.45 -48.93
N PRO CB 299 65.86 13.68 -48.16
CA PRO CB 299 65.88 13.85 -46.69
C PRO CB 299 67.22 13.61 -46.02
N THR CB 300 68.10 12.77 -46.58
CA THR CB 300 69.30 12.42 -45.83
C THR CB 300 70.22 13.60 -45.59
N LEU CB 301 70.04 14.70 -46.33
CA LEU CB 301 70.92 15.84 -46.18
C LEU CB 301 70.63 16.52 -44.85
N THR CB 302 71.66 16.71 -44.04
CA THR CB 302 71.45 17.25 -42.71
C THR CB 302 71.10 18.73 -42.78
N TYR CB 303 70.69 19.27 -41.63
CA TYR CB 303 70.19 20.63 -41.57
C TYR CB 303 71.25 21.64 -41.98
N ALA CB 304 72.52 21.34 -41.72
CA ALA CB 304 73.58 22.30 -42.00
C ALA CB 304 73.65 22.64 -43.48
N GLU CB 305 73.63 21.61 -44.33
CA GLU CB 305 73.67 21.81 -45.77
C GLU CB 305 72.28 21.88 -46.37
N ALA CB 306 71.24 21.70 -45.56
CA ALA CB 306 69.88 21.78 -46.09
C ALA CB 306 69.56 23.17 -46.61
N LEU CB 307 69.99 24.20 -45.88
CA LEU CB 307 69.72 25.57 -46.31
C LEU CB 307 70.37 25.90 -47.65
N PRO CB 308 71.66 25.62 -47.88
CA PRO CB 308 72.23 25.88 -49.22
C PRO CB 308 71.58 25.07 -50.32
N ALA CB 309 70.92 23.96 -49.98
CA ALA CB 309 70.30 23.13 -51.01
C ALA CB 309 69.20 23.89 -51.75
N VAL CB 310 68.52 24.81 -51.07
CA VAL CB 310 67.48 25.58 -51.74
C VAL CB 310 68.08 26.41 -52.87
N GLU CB 311 69.19 27.10 -52.58
CA GLU CB 311 69.87 27.87 -53.60
C GLU CB 311 70.45 26.95 -54.67
N ASP CB 312 70.95 25.79 -54.27
CA ASP CB 312 71.49 24.84 -55.24
C ASP CB 312 70.42 24.43 -56.24
N THR CB 313 69.20 24.17 -55.75
CA THR CB 313 68.07 23.93 -56.63
C THR CB 313 67.78 25.16 -57.49
N GLY CB 314 67.83 26.34 -56.88
CA GLY CB 314 67.62 27.57 -57.60
C GLY CB 314 66.18 27.90 -57.91
N LEU CB 315 65.22 27.14 -57.37
CA LEU CB 315 63.82 27.43 -57.64
C LEU CB 315 63.33 28.70 -56.96
N LEU CB 316 64.11 29.24 -56.03
CA LEU CB 316 63.75 30.51 -55.40
C LEU CB 316 63.78 31.63 -56.44
N GLY CB 317 62.85 32.57 -56.30
CA GLY CB 317 62.80 33.70 -57.20
C GLY CB 317 61.54 34.50 -56.96
N THR CB 318 61.38 35.53 -57.78
CA THR CB 318 60.20 36.37 -57.72
C THR CB 318 59.02 35.82 -58.51
N ASP CB 319 59.24 34.79 -59.32
CA ASP CB 319 58.18 34.14 -60.08
C ASP CB 319 57.72 32.85 -59.42
N TYR CB 320 58.65 31.98 -59.06
CA TYR CB 320 58.32 30.73 -58.40
C TYR CB 320 58.08 30.98 -56.92
N VAL CB 321 57.22 31.93 -56.61
CA VAL CB 321 56.90 32.24 -55.22
C VAL CB 321 55.83 31.31 -54.67
N SER CB 322 54.98 30.74 -55.54
CA SER CB 322 53.90 29.88 -55.07
C SER CB 322 54.43 28.56 -54.53
N CYS CB 323 55.48 28.03 -55.14
CA CYS CB 323 55.97 26.72 -54.75
C CYS CB 323 56.64 26.78 -53.38
N SER CB 324 56.82 25.60 -52.79
CA SER CB 324 57.36 25.44 -51.46
C SER CB 324 58.41 24.35 -51.45
N VAL CB 325 59.32 24.43 -50.48
CA VAL CB 325 60.43 23.50 -50.35
C VAL CB 325 60.23 22.68 -49.07
N TYR CB 326 60.45 21.38 -49.18
CA TYR CB 326 60.13 20.44 -48.12
C TYR CB 326 61.36 19.65 -47.73
N HIS CB 327 61.39 19.20 -46.48
CA HIS CB 327 62.40 18.27 -46.03
C HIS CB 327 61.85 17.46 -44.87
N TYR CB 328 62.17 16.16 -44.86
CA TYR CB 328 61.66 15.23 -43.85
C TYR CB 328 62.82 14.50 -43.20
N PRO CB 329 63.44 15.09 -42.22
CA PRO CB 329 64.56 14.47 -41.50
C PRO CB 329 64.13 13.39 -40.51
N PHE CB 330 63.34 12.43 -40.98
CA PHE CB 330 62.81 11.39 -40.12
C PHE CB 330 62.74 10.09 -40.90
N SER CB 331 62.64 9.00 -40.15
CA SER CB 331 62.51 7.66 -40.74
C SER CB 331 61.31 6.97 -40.13
N CYS CB 332 60.49 6.36 -40.99
CA CYS CB 332 59.21 5.77 -40.58
C CYS CB 332 59.20 4.29 -40.96
N LYS CB 333 58.06 3.65 -40.72
CA LYS CB 333 57.89 2.22 -40.98
C LYS CB 333 57.02 2.01 -42.22
N ASP CB 334 57.41 1.04 -43.04
CA ASP CB 334 56.69 0.76 -44.27
C ASP CB 334 55.32 0.13 -43.98
N LYS CB 335 54.32 0.53 -44.75
CA LYS CB 335 53.02 -0.08 -44.63
C LYS CB 335 53.01 -1.49 -45.19
N TRP CB 336 53.78 -1.75 -46.24
CA TRP CB 336 53.79 -3.05 -46.90
C TRP CB 336 55.00 -3.87 -46.50
N THR CB 337 56.19 -3.32 -46.61
CA THR CB 337 57.42 -4.06 -46.35
C THR CB 337 57.86 -3.94 -44.90
N GLN CB 338 57.10 -3.24 -44.06
CA GLN CB 338 57.41 -3.02 -42.65
C GLN CB 338 58.91 -2.86 -42.42
N SER CB 339 59.51 -1.99 -43.22
CA SER CB 339 60.93 -1.69 -43.15
C SER CB 339 61.11 -0.23 -42.77
N ARG CB 340 62.24 0.07 -42.12
CA ARG CB 340 62.54 1.44 -41.75
C ARG CB 340 62.98 2.20 -43.00
N VAL CB 341 62.11 3.08 -43.49
CA VAL CB 341 62.31 3.75 -44.76
C VAL CB 341 62.21 5.26 -44.55
N VAL CB 342 62.82 6.00 -45.48
CA VAL CB 342 62.85 7.45 -45.44
C VAL CB 342 62.37 7.98 -46.78
N PHE CB 343 61.46 8.94 -46.76
CA PHE CB 343 60.98 9.55 -47.98
C PHE CB 343 60.43 10.93 -47.65
N GLY CB 344 59.87 11.58 -48.67
CA GLY CB 344 59.45 12.97 -48.56
C GLY CB 344 58.10 13.15 -47.90
N LEU CB 345 57.60 14.39 -48.00
CA LEU CB 345 56.33 14.78 -47.41
C LEU CB 345 55.47 15.60 -48.36
N SER CB 346 55.83 15.68 -49.64
CA SER CB 346 55.02 16.41 -50.59
C SER CB 346 53.64 15.79 -50.72
N GLY CB 347 53.56 14.46 -50.73
CA GLY CB 347 52.28 13.79 -50.86
C GLY CB 347 51.36 14.09 -49.69
N VAL CB 348 51.88 14.00 -48.47
CA VAL CB 348 51.03 14.27 -47.31
C VAL CB 348 50.68 15.74 -47.25
N ALA CB 349 51.58 16.63 -47.70
CA ALA CB 349 51.24 18.04 -47.78
C ALA CB 349 50.10 18.28 -48.75
N TYR CB 350 50.15 17.61 -49.91
CA TYR CB 350 49.06 17.73 -50.88
C TYR CB 350 47.76 17.17 -50.30
N ALA CB 351 47.85 16.09 -49.53
CA ALA CB 351 46.67 15.56 -48.88
C ALA CB 351 46.08 16.55 -47.88
N ALA CB 352 46.94 17.23 -47.13
CA ALA CB 352 46.48 18.25 -46.21
C ALA CB 352 45.79 19.38 -46.97
N LYS CB 353 46.36 19.77 -48.10
CA LYS CB 353 45.72 20.78 -48.94
C LYS CB 353 44.36 20.28 -49.42
N ALA CB 354 44.29 19.01 -49.82
CA ALA CB 354 43.04 18.47 -50.32
C ALA CB 354 41.96 18.49 -49.24
N ARG CB 355 42.29 18.04 -48.04
CA ARG CB 355 41.30 18.04 -46.96
C ARG CB 355 40.91 19.47 -46.58
N GLY CB 356 41.89 20.37 -46.53
CA GLY CB 356 41.58 21.75 -46.18
C GLY CB 356 40.76 22.46 -47.23
N VAL CB 357 40.83 22.02 -48.48
CA VAL CB 357 40.03 22.64 -49.51
C VAL CB 357 38.67 21.96 -49.67
N LYS CB 358 38.55 20.69 -49.29
CA LYS CB 358 37.24 20.04 -49.39
C LYS CB 358 36.38 20.31 -48.18
N LYS CB 359 36.97 20.60 -47.02
CA LYS CB 359 36.14 20.98 -45.87
C LYS CB 359 35.37 22.26 -46.15
N ASN CB 360 35.87 23.10 -47.05
CA ASN CB 360 35.14 24.27 -47.50
C ASN CB 360 34.42 23.92 -48.80
N SER CB 361 33.12 24.16 -48.83
CA SER CB 361 32.28 23.71 -49.94
C SER CB 361 31.95 24.79 -50.96
N ASP CB 362 31.60 26.00 -50.50
CA ASP CB 362 31.17 27.04 -51.42
C ASP CB 362 32.29 27.46 -52.36
N VAL CB 363 33.53 27.48 -51.87
CA VAL CB 363 34.68 27.76 -52.71
C VAL CB 363 35.86 26.81 -52.47
N GLY CB 364 36.03 26.25 -51.29
CA GLY CB 364 37.28 25.56 -51.03
C GLY CB 364 38.19 26.44 -50.18
N GLY CB 365 38.97 25.79 -49.33
CA GLY CB 365 39.77 26.49 -48.33
C GLY CB 365 41.13 26.96 -48.81
N TRP CB 366 41.21 27.97 -49.67
CA TRP CB 366 42.54 28.49 -50.00
C TRP CB 366 43.15 29.25 -48.85
N HIS CB 367 42.34 29.77 -47.93
CA HIS CB 367 42.83 30.62 -46.84
C HIS CB 367 43.27 29.82 -45.63
N TYR CB 368 43.11 28.50 -45.65
CA TYR CB 368 43.57 27.68 -44.54
C TYR CB 368 45.07 27.42 -44.64
N SER CB 369 45.61 26.79 -43.61
CA SER CB 369 47.02 26.45 -43.51
C SER CB 369 47.16 24.96 -43.18
N PRO CB 370 48.26 24.33 -43.58
CA PRO CB 370 48.46 22.91 -43.33
C PRO CB 370 48.84 22.59 -41.89
N ALA CB 371 48.08 23.15 -40.95
CA ALA CB 371 48.38 22.97 -39.54
C ALA CB 371 47.08 22.83 -38.77
N GLY CB 372 47.19 22.27 -37.58
CA GLY CB 372 46.04 22.08 -36.71
C GLY CB 372 45.92 20.66 -36.20
N GLU CB 373 45.69 20.51 -34.90
CA GLU CB 373 45.61 19.19 -34.30
C GLU CB 373 44.48 18.37 -34.90
N GLU CB 374 43.32 18.99 -35.08
CA GLU CB 374 42.15 18.29 -35.60
C GLU CB 374 42.17 18.13 -37.10
N ARG CB 375 43.03 18.85 -37.81
CA ARG CB 375 42.99 18.87 -39.26
C ARG CB 375 44.29 18.39 -39.90
N ALA CB 376 45.44 18.72 -39.33
CA ALA CB 376 46.73 18.31 -39.87
C ALA CB 376 47.18 17.08 -39.09
N VAL CB 377 47.07 15.91 -39.72
CA VAL CB 377 47.50 14.65 -39.14
C VAL CB 377 48.24 13.85 -40.21
N ILE CB 378 49.45 13.41 -39.91
CA ILE CB 378 50.15 12.53 -40.84
C ILE CB 378 50.24 11.13 -40.26
N ALA CB 379 50.93 10.98 -39.13
CA ALA CB 379 51.02 9.73 -38.38
C ALA CB 379 51.27 8.54 -39.29
N ARG CB 380 52.42 8.51 -39.97
CA ARG CB 380 52.63 7.50 -40.99
C ARG CB 380 52.79 6.12 -40.38
N ALA CB 381 53.91 5.89 -39.69
CA ALA CB 381 54.14 4.66 -38.93
C ALA CB 381 55.45 4.77 -38.16
N SER CB 382 55.43 4.37 -36.88
CA SER CB 382 56.63 4.23 -36.06
C SER CB 382 57.65 5.33 -36.35
N ILE CB 383 57.18 6.57 -36.24
CA ILE CB 383 57.98 7.71 -36.65
C ILE CB 383 59.19 7.83 -35.73
N GLN CB 384 60.39 7.88 -36.31
CA GLN CB 384 61.59 8.05 -35.52
C GLN CB 384 62.55 8.93 -36.29
N PRO CB 385 63.46 9.61 -35.59
CA PRO CB 385 64.27 10.65 -36.24
C PRO CB 385 65.34 10.06 -37.15
N LEU CB 386 65.95 10.94 -37.93
CA LEU CB 386 67.04 10.53 -38.82
C LEU CB 386 68.41 10.66 -38.16
N TYR CB 387 68.77 11.88 -37.75
CA TYR CB 387 70.10 12.15 -37.21
C TYR CB 387 70.00 12.60 -35.77
N PRO CB 388 70.34 11.77 -34.79
CA PRO CB 388 70.33 12.21 -33.39
C PRO CB 388 71.30 13.35 -33.12
N GLU CB 389 72.29 13.53 -33.98
CA GLU CB 389 73.30 14.56 -33.79
C GLU CB 389 72.92 15.89 -34.44
N ASP CB 390 72.12 15.87 -35.50
CA ASP CB 390 71.79 17.10 -36.22
C ASP CB 390 70.79 17.92 -35.41
N THR CB 391 71.06 19.21 -35.30
CA THR CB 391 70.18 20.14 -34.62
C THR CB 391 69.82 21.28 -35.55
N PRO CB 392 68.55 21.57 -35.75
CA PRO CB 392 68.15 22.67 -36.63
C PRO CB 392 68.11 24.00 -35.88
N ASP CB 393 67.92 25.06 -36.67
CA ASP CB 393 67.83 26.43 -36.16
C ASP CB 393 66.60 27.08 -36.75
N GLU CB 394 65.69 27.52 -35.89
CA GLU CB 394 64.44 28.13 -36.36
C GLU CB 394 64.72 29.41 -37.14
N GLU CB 395 65.63 30.25 -36.63
CA GLU CB 395 65.95 31.48 -37.34
C GLU CB 395 66.59 31.20 -38.69
N ALA CB 396 67.53 30.23 -38.73
CA ALA CB 396 68.17 29.91 -39.99
C ALA CB 396 67.17 29.39 -41.00
N MET CB 397 66.27 28.50 -40.58
CA MET CB 397 65.32 27.93 -41.53
C MET CB 397 64.31 28.96 -41.98
N VAL CB 398 63.87 29.87 -41.10
CA VAL CB 398 62.92 30.89 -41.53
C VAL CB 398 63.60 31.85 -42.49
N LYS CB 399 64.88 32.17 -42.26
CA LYS CB 399 65.62 32.99 -43.22
C LYS CB 399 65.72 32.28 -44.56
N GLY CB 400 65.99 30.97 -44.53
CA GLY CB 400 66.10 30.19 -45.74
C GLY CB 400 64.80 29.72 -46.32
N ARG CB 401 63.67 30.17 -45.77
CA ARG CB 401 62.35 29.83 -46.28
C ARG CB 401 62.07 28.33 -46.20
N LEU CB 402 62.63 27.66 -45.21
CA LEU CB 402 62.47 26.22 -45.05
C LEU CB 402 61.27 25.91 -44.18
N ASN CB 403 60.67 24.75 -44.42
CA ASN CB 403 59.47 24.31 -43.74
C ASN CB 403 59.83 23.24 -42.72
N LYS CB 404 59.43 23.46 -41.47
CA LYS CB 404 59.63 22.51 -40.39
C LYS CB 404 58.37 21.67 -40.22
N VAL CB 405 58.54 20.53 -39.55
CA VAL CB 405 57.43 19.64 -39.27
C VAL CB 405 57.56 19.15 -37.83
N SER CB 406 56.47 19.21 -37.06
CA SER CB 406 56.48 18.88 -35.64
C SER CB 406 55.48 17.79 -35.32
N VAL CB 407 55.30 17.51 -34.03
CA VAL CB 407 54.47 16.40 -33.59
C VAL CB 407 53.31 16.95 -32.76
N GLY CB 408 52.22 16.20 -32.72
CA GLY CB 408 51.05 16.54 -31.95
C GLY CB 408 50.89 15.75 -30.68
N THR CB 409 49.78 16.01 -29.97
CA THR CB 409 49.55 15.38 -28.68
C THR CB 409 49.42 13.86 -28.80
N SER CB 410 48.68 13.39 -29.81
CA SER CB 410 48.42 11.96 -29.97
C SER CB 410 49.53 11.25 -30.71
N GLY CB 411 50.69 11.86 -30.86
CA GLY CB 411 51.79 11.26 -31.58
C GLY CB 411 51.71 11.41 -33.08
N GLN CB 412 50.61 11.93 -33.62
CA GLN CB 412 50.51 12.18 -35.04
C GLN CB 412 51.46 13.30 -35.43
N MET CB 413 51.62 13.52 -36.73
CA MET CB 413 52.70 14.34 -37.22
C MET CB 413 52.05 15.51 -37.96
N ILE CB 414 52.51 16.74 -37.70
CA ILE CB 414 51.85 17.93 -38.22
C ILE CB 414 52.87 18.82 -38.89
N ILE CB 415 52.37 19.70 -39.76
CA ILE CB 415 53.18 20.64 -40.52
C ILE CB 415 53.00 22.02 -39.90
N ASP CB 416 54.03 22.50 -39.20
CA ASP CB 416 53.98 23.79 -38.55
C ASP CB 416 54.65 24.87 -39.40
N ASP CB 417 54.04 25.15 -40.56
CA ASP CB 417 54.52 26.22 -41.43
C ASP CB 417 53.38 26.79 -42.26
N ALA CB 418 53.57 28.04 -42.67
CA ALA CB 418 52.72 28.71 -43.64
C ALA CB 418 53.58 29.55 -44.59
N LEU CB 419 54.80 29.10 -44.85
CA LEU CB 419 55.81 29.89 -45.55
C LEU CB 419 56.21 29.23 -46.85
N THR CB 420 56.35 30.03 -47.89
CA THR CB 420 56.82 29.55 -49.18
C THR CB 420 58.29 29.92 -49.36
N CYS CB 421 58.84 29.63 -50.53
CA CYS CB 421 60.21 29.98 -50.86
C CYS CB 421 60.32 31.33 -51.55
N CYS CB 422 59.38 32.23 -51.29
CA CYS CB 422 59.41 33.54 -51.92
C CYS CB 422 60.59 34.34 -51.39
N THR CB 423 61.48 34.76 -52.30
CA THR CB 423 62.62 35.57 -51.89
C THR CB 423 62.18 36.92 -51.33
N GLN CB 424 61.16 37.51 -51.94
CA GLN CB 424 60.68 38.81 -51.50
C GLN CB 424 60.07 38.70 -50.11
N ASP CB 425 60.30 39.73 -49.29
CA ASP CB 425 59.73 39.79 -47.95
C ASP CB 425 58.27 40.20 -47.96
N ASN CB 426 57.62 40.21 -49.11
CA ASN CB 426 56.21 40.55 -49.19
C ASN CB 426 55.36 39.40 -48.64
N TYR CB 427 54.05 39.59 -48.66
CA TYR CB 427 53.14 38.56 -48.18
C TYR CB 427 53.09 37.35 -49.08
N LEU CB 428 53.73 37.43 -50.26
CA LEU CB 428 53.82 36.28 -51.15
C LEU CB 428 54.57 35.13 -50.49
N HIS CB 429 55.38 35.42 -49.46
CA HIS CB 429 56.03 34.38 -48.68
C HIS CB 429 55.02 33.45 -48.04
N PHE CB 430 53.81 33.92 -47.78
CA PHE CB 430 52.75 33.06 -47.30
C PHE CB 430 52.30 32.10 -48.39
N GLN CB 431 51.46 31.15 -48.01
CA GLN CB 431 50.95 30.15 -48.94
C GLN CB 431 49.47 30.31 -49.25
N HIS CB 432 48.68 30.83 -48.31
CA HIS CB 432 47.26 31.02 -48.57
C HIS CB 432 47.02 32.24 -49.42
N VAL CB 433 47.83 33.27 -49.24
CA VAL CB 433 47.69 34.48 -50.05
C VAL CB 433 47.92 34.17 -51.53
N PRO CB 434 49.02 33.52 -51.93
CA PRO CB 434 49.16 33.16 -53.35
C PRO CB 434 48.02 32.30 -53.84
N SER CB 435 47.50 31.42 -52.98
CA SER CB 435 46.36 30.61 -53.37
C SER CB 435 45.16 31.48 -53.71
N LEU CB 436 44.93 32.54 -52.93
CA LEU CB 436 43.75 33.36 -53.19
C LEU CB 436 43.94 34.20 -54.45
N MET CB 437 45.15 34.76 -54.68
CA MET CB 437 45.28 35.44 -55.96
C MET CB 437 45.13 34.48 -57.13
N ASN CB 438 45.64 33.26 -57.01
CA ASN CB 438 45.45 32.30 -58.10
C ASN CB 438 43.97 32.03 -58.34
N ALA CB 439 43.22 31.74 -57.28
CA ALA CB 439 41.79 31.48 -57.43
C ALA CB 439 41.10 32.64 -58.11
N ILE CB 440 41.30 33.85 -57.59
CA ILE CB 440 40.60 35.00 -58.15
C ILE CB 440 41.00 35.20 -59.60
N SER CB 441 42.28 35.01 -59.91
CA SER CB 441 42.73 35.11 -61.30
C SER CB 441 41.97 34.14 -62.20
N ARG CB 442 41.85 32.88 -61.75
CA ARG CB 442 41.11 31.91 -62.55
C ARG CB 442 39.65 32.29 -62.72
N PHE CB 443 39.02 32.85 -61.69
CA PHE CB 443 37.63 33.29 -61.88
C PHE CB 443 37.55 34.41 -62.92
N PHE CB 444 38.45 35.39 -62.83
CA PHE CB 444 38.42 36.43 -63.85
C PHE CB 444 38.65 35.84 -65.23
N VAL CB 445 39.58 34.90 -65.36
CA VAL CB 445 39.86 34.33 -66.67
C VAL CB 445 38.64 33.63 -67.22
N GLN CB 446 38.01 32.78 -66.42
CA GLN CB 446 36.86 32.04 -66.93
C GLN CB 446 35.71 32.97 -67.26
N LEU CB 447 35.48 34.00 -66.44
CA LEU CB 447 34.35 34.89 -66.73
C LEU CB 447 34.61 35.71 -67.99
N ALA CB 448 35.82 36.24 -68.14
CA ALA CB 448 36.13 37.03 -69.32
C ALA CB 448 36.06 36.17 -70.57
N ARG CB 449 36.53 34.93 -70.48
CA ARG CB 449 36.57 34.05 -71.64
C ARG CB 449 35.20 33.49 -72.01
N GLN CB 450 34.30 33.36 -71.03
CA GLN CB 450 32.91 33.11 -71.38
C GLN CB 450 32.20 34.37 -71.86
N MET CB 451 32.77 35.54 -71.58
CA MET CB 451 32.24 36.80 -72.09
C MET CB 451 32.77 37.15 -73.47
N LYS CB 452 33.85 36.52 -73.91
CA LYS CB 452 34.54 36.93 -75.14
C LYS CB 452 33.63 36.76 -76.36
N HIS CB 453 34.08 37.36 -77.47
CA HIS CB 453 33.42 37.23 -78.76
C HIS CB 453 31.97 37.75 -78.72
N SER CB 454 31.78 38.88 -78.03
CA SER CB 454 30.46 39.48 -77.91
C SER CB 454 30.62 40.99 -78.03
N PRO CB 455 29.77 41.67 -78.79
CA PRO CB 455 29.88 43.12 -78.91
C PRO CB 455 29.57 43.82 -77.60
N ASP CB 456 30.15 45.00 -77.44
CA ASP CB 456 29.99 45.75 -76.21
C ASP CB 456 28.59 46.34 -76.12
N GLY CB 457 28.34 47.04 -75.02
CA GLY CB 457 27.04 47.63 -74.76
C GLY CB 457 26.34 46.92 -73.62
N ILE CB 458 26.49 45.59 -73.60
CA ILE CB 458 25.94 44.78 -72.52
C ILE CB 458 27.00 43.96 -71.82
N THR CB 459 28.11 43.64 -72.49
CA THR CB 459 29.20 42.91 -71.85
C THR CB 459 29.75 43.67 -70.65
N ALA CB 460 29.71 45.01 -70.68
CA ALA CB 460 30.17 45.78 -69.54
C ALA CB 460 29.31 45.52 -68.31
N ALA CB 461 27.99 45.59 -68.47
CA ALA CB 461 27.10 45.27 -67.36
C ALA CB 461 27.26 43.82 -66.93
N GLY CB 462 27.46 42.92 -67.90
CA GLY CB 462 27.64 41.52 -67.56
C GLY CB 462 28.87 41.27 -66.72
N LEU CB 463 29.99 41.86 -67.12
CA LEU CB 463 31.22 41.72 -66.34
C LEU CB 463 31.11 42.39 -64.98
N THR CB 464 30.40 43.51 -64.90
CA THR CB 464 30.19 44.14 -63.60
C THR CB 464 29.35 43.24 -62.69
N LYS CB 465 28.27 42.66 -63.21
CA LYS CB 465 27.48 41.80 -62.35
C LYS CB 465 28.25 40.55 -61.97
N GLY CB 466 29.13 40.09 -62.85
CA GLY CB 466 29.96 38.93 -62.52
C GLY CB 466 30.94 39.22 -61.40
N MET CB 467 31.59 40.38 -61.47
CA MET CB 467 32.49 40.75 -60.38
C MET CB 467 31.73 40.96 -59.08
N THR CB 468 30.51 41.51 -59.16
CA THR CB 468 29.68 41.58 -57.97
C THR CB 468 29.44 40.19 -57.39
N LYS CB 469 29.10 39.23 -58.24
CA LYS CB 469 28.74 37.89 -57.77
C LYS CB 469 29.94 37.17 -57.16
N LEU CB 470 31.09 37.25 -57.83
CA LEU CB 470 32.30 36.67 -57.26
C LEU CB 470 32.67 37.32 -55.93
N LEU CB 471 32.58 38.64 -55.82
CA LEU CB 471 32.87 39.25 -54.53
C LEU CB 471 31.83 38.80 -53.49
N ASP CB 472 30.61 38.50 -53.95
CA ASP CB 472 29.59 37.95 -53.06
C ASP CB 472 30.07 36.63 -52.48
N ARG CB 473 30.58 35.74 -53.33
CA ARG CB 473 31.10 34.50 -52.78
C ARG CB 473 32.33 34.70 -51.89
N PHE CB 474 33.24 35.62 -52.20
CA PHE CB 474 34.36 35.77 -51.26
C PHE CB 474 33.89 36.32 -49.93
N VAL CB 475 32.93 37.25 -49.93
CA VAL CB 475 32.48 37.74 -48.63
C VAL CB 475 31.73 36.65 -47.90
N ALA CB 476 31.02 35.77 -48.62
CA ALA CB 476 30.40 34.63 -47.97
C ALA CB 476 31.45 33.75 -47.32
N SER CB 477 32.56 33.53 -48.02
CA SER CB 477 33.65 32.72 -47.46
C SER CB 477 34.28 33.41 -46.26
N GLY CB 478 34.35 34.74 -46.28
CA GLY CB 478 34.95 35.50 -45.21
C GLY CB 478 36.46 35.53 -45.22
N ALA CB 479 37.10 35.01 -46.27
CA ALA CB 479 38.56 34.95 -46.30
C ALA CB 479 39.18 36.34 -46.35
N LEU CB 480 38.57 37.25 -47.10
CA LEU CB 480 39.08 38.60 -47.23
C LEU CB 480 38.55 39.45 -46.08
N VAL CB 481 39.30 40.51 -45.74
CA VAL CB 481 38.94 41.37 -44.64
C VAL CB 481 38.97 42.82 -45.10
N ALA CB 482 38.27 43.66 -44.34
CA ALA CB 482 38.28 45.09 -44.61
C ALA CB 482 39.65 45.68 -44.29
N PRO CB 483 40.01 46.79 -44.94
CA PRO CB 483 41.29 47.44 -44.63
C PRO CB 483 41.33 47.86 -43.17
N ARG CB 484 42.51 47.73 -42.56
CA ARG CB 484 42.66 48.00 -41.14
C ARG CB 484 42.85 49.48 -40.83
N ASP CB 485 43.09 50.32 -41.82
CA ASP CB 485 43.25 51.76 -41.61
C ASP CB 485 42.17 52.48 -42.39
N PRO CB 486 41.12 52.96 -41.72
CA PRO CB 486 39.98 53.52 -42.47
C PRO CB 486 40.32 54.75 -43.28
N ASP CB 487 41.02 55.72 -42.70
CA ASP CB 487 41.24 56.98 -43.41
C ASP CB 487 42.26 56.81 -44.53
N ALA CB 488 43.32 56.05 -44.29
CA ALA CB 488 44.40 55.91 -45.26
C ALA CB 488 44.24 54.67 -46.13
N ASP CB 489 44.02 53.51 -45.52
CA ASP CB 489 43.87 52.28 -46.27
C ASP CB 489 42.44 52.08 -46.76
N GLY CB 490 41.52 52.98 -46.40
CA GLY CB 490 40.14 52.84 -46.79
C GLY CB 490 39.35 51.97 -45.84
N THR CB 491 38.06 51.85 -46.12
CA THR CB 491 37.16 51.05 -45.30
C THR CB 491 36.50 49.92 -46.07
N GLU CB 492 36.45 49.99 -47.40
CA GLU CB 492 35.83 48.93 -48.19
C GLU CB 492 36.89 47.93 -48.61
N PRO CB 493 36.74 46.66 -48.23
CA PRO CB 493 37.74 45.65 -48.62
C PRO CB 493 37.88 45.47 -50.13
N TYR CB 494 36.80 45.58 -50.88
CA TYR CB 494 36.81 45.23 -52.30
C TYR CB 494 36.75 46.49 -53.14
N VAL CB 495 37.75 46.68 -53.99
CA VAL CB 495 37.81 47.80 -54.92
C VAL CB 495 37.88 47.22 -56.32
N LEU CB 496 37.06 47.73 -57.22
CA LEU CB 496 36.90 47.19 -58.56
C LEU CB 496 36.86 48.30 -59.59
N LYS CB 497 37.40 48.01 -60.78
CA LYS CB 497 37.30 48.98 -61.86
C LYS CB 497 37.45 48.25 -63.19
N VAL CB 498 36.76 48.75 -64.21
CA VAL CB 498 36.84 48.21 -65.56
C VAL CB 498 36.78 49.37 -66.56
N THR CB 499 37.57 49.26 -67.62
CA THR CB 499 37.55 50.24 -68.70
C THR CB 499 37.95 49.56 -70.00
N GLN CB 500 37.92 50.31 -71.09
CA GLN CB 500 38.38 49.84 -72.38
C GLN CB 500 39.42 50.80 -72.92
N ALA CB 501 40.47 50.25 -73.55
CA ALA CB 501 41.50 51.10 -74.13
C ALA CB 501 41.19 51.50 -75.56
N GLU CB 502 40.84 50.52 -76.40
CA GLU CB 502 40.64 50.74 -77.82
C GLU CB 502 39.62 49.72 -78.31
N PHE CB 503 39.57 49.50 -79.64
CA PHE CB 503 38.68 48.49 -80.20
C PHE CB 503 38.74 47.16 -79.47
N ASP CB 504 39.84 46.88 -78.77
CA ASP CB 504 39.98 45.70 -77.93
C ASP CB 504 40.58 46.18 -76.60
N LYS CB 505 41.09 45.22 -75.82
CA LYS CB 505 41.77 45.51 -74.55
C LYS CB 505 40.83 46.21 -73.56
N TRP CB 506 39.84 45.44 -73.13
CA TRP CB 506 39.07 45.80 -71.94
C TRP CB 506 39.88 45.41 -70.71
N GLU CB 507 40.33 46.41 -69.96
CA GLU CB 507 41.12 46.18 -68.77
C GLU CB 507 40.24 46.20 -67.53
N VAL CB 508 40.63 45.42 -66.54
CA VAL CB 508 39.91 45.33 -65.27
C VAL CB 508 40.92 45.17 -64.15
N VAL CB 509 40.67 45.86 -63.04
CA VAL CB 509 41.55 45.84 -61.89
C VAL CB 509 40.70 45.65 -60.64
N TRP CB 510 41.32 45.06 -59.62
CA TRP CB 510 40.68 44.75 -58.36
C TRP CB 510 41.71 44.80 -57.25
N ALA CB 511 41.22 45.13 -56.04
CA ALA CB 511 42.07 45.25 -54.87
C ALA CB 511 41.32 44.73 -53.66
N CYS CB 512 42.02 43.93 -52.85
CA CYS CB 512 41.41 43.22 -51.73
C CYS CB 512 42.40 43.12 -50.58
N CYS CB 513 41.89 42.85 -49.39
CA CYS CB 513 42.68 42.74 -48.18
C CYS CB 513 42.43 41.40 -47.51
N PRO CB 514 43.40 40.50 -47.45
CA PRO CB 514 43.19 39.19 -46.84
C PRO CB 514 43.38 39.23 -45.33
N THR CB 515 42.98 38.13 -44.69
CA THR CB 515 43.04 38.03 -43.24
C THR CB 515 44.46 37.76 -42.75
N GLY CB 516 44.63 37.79 -41.44
CA GLY CB 516 45.91 37.53 -40.83
C GLY CB 516 46.20 36.06 -40.63
N VAL CB 517 47.37 35.78 -40.08
CA VAL CB 517 47.84 34.42 -39.89
C VAL CB 517 47.87 34.01 -38.43
N ALA CB 518 48.08 34.96 -37.51
CA ALA CB 518 48.29 34.66 -36.09
C ALA CB 518 49.48 33.73 -35.90
N ARG CB 519 50.65 34.26 -36.26
CA ARG CB 519 51.88 33.46 -36.23
C ARG CB 519 52.14 32.93 -34.83
N ARG CB 520 52.11 33.81 -33.83
CA ARG CB 520 52.50 33.42 -32.49
C ARG CB 520 51.69 34.16 -31.44
N ILE CB 521 51.44 33.44 -30.35
CA ILE CB 521 50.93 33.98 -29.11
C ILE CB 521 52.08 34.06 -28.10
N GLN CB 522 52.17 35.19 -27.39
CA GLN CB 522 53.04 35.27 -26.22
C GLN CB 522 52.22 35.32 -24.94
N GLY CB 523 52.74 34.72 -23.90
CA GLY CB 523 52.10 34.70 -22.61
C GLY CB 523 53.10 34.74 -21.49
N VAL CB 524 52.90 35.61 -20.51
CA VAL CB 524 53.81 35.67 -19.37
C VAL CB 524 52.99 35.64 -18.09
N PRO CB 525 53.26 34.70 -17.20
CA PRO CB 525 52.55 34.64 -15.92
C PRO CB 525 53.05 35.72 -14.97
N LEU CB 526 52.21 36.00 -13.98
CA LEU CB 526 52.58 36.90 -12.90
C LEU CB 526 51.63 36.65 -11.74
N LEU CB 527 52.02 37.12 -10.56
CA LEU CB 527 51.29 36.86 -9.32
C LEU CB 527 50.58 38.13 -8.86
N ILE CB 528 49.31 37.98 -8.47
CA ILE CB 528 48.58 39.12 -7.91
C ILE CB 528 49.17 39.52 -6.58
N LYS CB 529 49.70 38.57 -5.82
CA LYS CB 529 50.26 38.80 -4.47
C LYS CB 529 49.16 39.11 -3.47
N SER DB 2 65.54 18.83 -29.90
CA SER DB 2 64.49 18.88 -30.90
C SER DB 2 63.80 20.24 -30.88
N GLN DB 3 63.12 20.56 -31.97
CA GLN DB 3 62.41 21.84 -32.06
C GLN DB 3 61.28 21.95 -31.06
N TYR DB 4 60.89 20.83 -30.44
CA TYR DB 4 59.80 20.85 -29.48
C TYR DB 4 60.15 21.61 -28.22
N SER DB 5 61.44 21.86 -27.99
CA SER DB 5 61.84 22.73 -26.90
C SER DB 5 61.34 24.15 -27.14
N ILE DB 6 61.05 24.85 -26.04
CA ILE DB 6 60.49 26.19 -26.10
C ILE DB 6 61.55 27.16 -25.60
N GLN DB 7 61.91 28.12 -26.44
CA GLN DB 7 62.93 29.10 -26.12
C GLN DB 7 62.30 30.29 -25.38
N GLN DB 8 63.16 31.16 -24.88
CA GLN DB 8 62.73 32.36 -24.17
C GLN DB 8 62.78 33.61 -25.04
N SER DB 9 63.81 33.77 -25.86
CA SER DB 9 63.92 34.91 -26.76
C SER DB 9 63.18 34.60 -28.05
N LEU DB 10 62.28 35.50 -28.44
CA LEU DB 10 61.44 35.30 -29.61
C LEU DB 10 61.70 36.37 -30.65
N GLY DB 11 61.52 35.99 -31.92
CA GLY DB 11 61.73 36.92 -33.01
C GLY DB 11 60.59 36.94 -34.00
N ASN DB 12 60.93 36.72 -35.27
CA ASN DB 12 59.99 36.82 -36.37
C ASN DB 12 59.69 35.47 -36.99
N ALA DB 13 60.45 34.44 -36.64
CA ALA DB 13 60.26 33.11 -37.21
C ALA DB 13 58.87 32.58 -36.92
N SER DB 14 58.38 31.74 -37.83
CA SER DB 14 57.03 31.18 -37.74
C SER DB 14 57.01 30.08 -36.69
N GLY DB 15 56.91 30.50 -35.43
CA GLY DB 15 56.87 29.58 -34.32
C GLY DB 15 56.22 30.23 -33.12
N VAL DB 16 55.86 29.40 -32.15
CA VAL DB 16 55.24 29.86 -30.90
C VAL DB 16 56.10 29.38 -29.73
N ALA DB 17 56.47 30.31 -28.86
CA ALA DB 17 57.24 29.99 -27.67
C ALA DB 17 56.80 30.93 -26.55
N VAL DB 18 57.60 31.00 -25.48
CA VAL DB 18 57.23 31.77 -24.30
C VAL DB 18 58.35 32.74 -23.98
N SER DB 19 57.99 33.79 -23.28
CA SER DB 19 58.94 34.76 -22.76
C SER DB 19 59.34 34.39 -21.33
N PRO DB 20 60.50 34.85 -20.86
CA PRO DB 20 60.91 34.55 -19.49
C PRO DB 20 59.93 35.08 -18.46
N ILE DB 21 59.84 34.37 -17.34
CA ILE DB 21 58.89 34.73 -16.29
C ILE DB 21 59.21 36.11 -15.73
N ASN DB 22 58.17 36.87 -15.43
CA ASN DB 22 58.26 38.11 -14.69
C ASN DB 22 57.30 38.07 -13.52
N ALA DB 23 57.74 38.63 -12.39
CA ALA DB 23 56.89 38.72 -11.21
C ALA DB 23 56.67 40.14 -10.73
N ASP DB 24 57.54 41.08 -11.09
CA ASP DB 24 57.41 42.47 -10.66
C ASP DB 24 56.72 43.28 -11.76
N ALA DB 25 55.43 42.98 -11.94
CA ALA DB 25 54.63 43.64 -12.95
C ALA DB 25 53.21 43.80 -12.44
N THR DB 26 52.50 44.76 -13.01
CA THR DB 26 51.12 45.04 -12.64
C THR DB 26 50.26 45.06 -13.89
N LEU DB 27 48.96 44.85 -13.70
CA LEU DB 27 48.03 44.83 -14.81
C LEU DB 27 46.64 45.17 -14.31
N SER DB 28 45.84 45.77 -15.19
CA SER DB 28 44.47 46.16 -14.85
C SER DB 28 43.66 46.23 -16.13
N THR DB 29 42.53 45.53 -16.14
CA THR DB 29 41.68 45.46 -17.31
C THR DB 29 40.46 46.35 -17.14
N GLY DB 30 39.91 46.79 -18.26
CA GLY DB 30 38.72 47.62 -18.24
C GLY DB 30 38.60 48.42 -19.52
N VAL DB 31 37.38 48.87 -19.78
CA VAL DB 31 37.05 49.67 -20.95
C VAL DB 31 36.54 51.03 -20.47
N ALA DB 32 37.20 52.10 -20.92
CA ALA DB 32 36.82 53.44 -20.49
C ALA DB 32 35.45 53.81 -21.05
N LEU DB 33 34.57 54.31 -20.18
CA LEU DB 33 33.24 54.70 -20.61
C LEU DB 33 33.24 56.08 -21.25
N ASN DB 34 34.09 56.99 -20.75
CA ASN DB 34 34.26 58.32 -21.34
C ASN DB 34 32.96 59.11 -21.35
N SER DB 35 32.08 58.84 -20.37
CA SER DB 35 30.91 59.69 -20.19
C SER DB 35 31.33 61.10 -19.84
N SER DB 36 32.32 61.24 -18.97
CA SER DB 36 32.93 62.52 -18.63
C SER DB 36 34.43 62.41 -18.80
N LEU DB 37 35.04 63.46 -19.34
CA LEU DB 37 36.46 63.46 -19.63
C LEU DB 37 37.18 64.50 -18.79
N TRP DB 38 38.36 64.13 -18.33
CA TRP DB 38 39.16 64.94 -17.43
C TRP DB 38 40.59 65.05 -17.96
N ALA DB 39 41.29 66.08 -17.50
CA ALA DB 39 42.68 66.29 -17.84
C ALA DB 39 43.32 67.16 -16.76
N GLY DB 40 44.64 67.19 -16.78
CA GLY DB 40 45.36 68.02 -15.83
C GLY DB 40 46.85 67.84 -15.97
N ILE DB 41 47.57 68.53 -15.10
CA ILE DB 41 49.02 68.46 -15.08
C ILE DB 41 49.46 67.32 -14.17
N GLY DB 42 50.66 66.83 -14.40
CA GLY DB 42 51.19 65.79 -13.53
C GLY DB 42 52.64 65.49 -13.87
N VAL DB 43 53.28 64.79 -12.94
CA VAL DB 43 54.64 64.32 -13.12
C VAL DB 43 54.61 62.80 -13.09
N PHE DB 44 55.18 62.17 -14.11
CA PHE DB 44 55.10 60.73 -14.21
C PHE DB 44 56.36 60.22 -14.89
N ALA DB 45 56.70 58.97 -14.61
CA ALA DB 45 57.74 58.29 -15.37
C ALA DB 45 57.27 58.11 -16.80
N ARG DB 46 58.20 58.27 -17.75
CA ARG DB 46 57.87 58.18 -19.16
C ARG DB 46 56.87 59.25 -19.55
N GLY DB 47 56.38 59.20 -20.79
CA GLY DB 47 55.43 60.18 -21.26
C GLY DB 47 56.09 61.46 -21.72
N LYS DB 48 55.64 61.99 -22.84
CA LYS DB 48 56.22 63.22 -23.36
C LYS DB 48 55.78 64.39 -22.48
N PRO DB 49 56.71 65.11 -21.85
CA PRO DB 49 56.32 66.23 -21.00
C PRO DB 49 55.84 67.42 -21.82
N PHE DB 50 55.08 68.29 -21.15
CA PHE DB 50 54.57 69.52 -21.75
C PHE DB 50 53.82 69.22 -23.04
N THR DB 51 53.01 68.16 -23.02
CA THR DB 51 52.21 67.78 -24.17
C THR DB 51 51.02 66.99 -23.67
N VAL DB 52 49.83 67.33 -24.18
CA VAL DB 52 48.64 66.58 -23.84
C VAL DB 52 48.79 65.14 -24.32
N LEU DB 53 48.38 64.20 -23.48
CA LEU DB 53 48.51 62.79 -23.78
C LEU DB 53 47.22 62.09 -23.36
N ALA DB 54 46.57 61.45 -24.33
CA ALA DB 54 45.34 60.71 -24.07
C ALA DB 54 45.70 59.33 -23.55
N VAL DB 55 45.30 59.05 -22.32
CA VAL DB 55 45.64 57.80 -21.63
C VAL DB 55 44.34 57.14 -21.20
N THR DB 56 44.23 55.84 -21.44
CA THR DB 56 43.05 55.06 -21.11
C THR DB 56 43.42 53.98 -20.10
N GLU DB 57 42.43 53.14 -19.78
CA GLU DB 57 42.65 52.05 -18.86
C GLU DB 57 43.58 51.00 -19.43
N SER DB 58 43.65 50.88 -20.75
CA SER DB 58 44.46 49.84 -21.36
C SER DB 58 45.95 50.18 -21.32
N ASN DB 59 46.30 51.44 -21.47
CA ASN DB 59 47.69 51.84 -21.72
C ASN DB 59 48.32 52.62 -20.59
N TYR DB 60 47.54 53.14 -19.65
CA TYR DB 60 48.10 53.98 -18.62
C TYR DB 60 49.16 53.27 -17.80
N GLU DB 61 49.10 51.94 -17.76
CA GLU DB 61 49.98 51.17 -16.88
C GLU DB 61 51.44 51.45 -17.21
N ASP DB 62 51.79 51.47 -18.48
CA ASP DB 62 53.15 51.75 -18.91
C ASP DB 62 53.33 53.17 -19.42
N VAL DB 63 52.33 53.74 -20.10
CA VAL DB 63 52.53 55.09 -20.60
C VAL DB 63 52.67 56.07 -19.43
N LEU DB 64 52.02 55.80 -18.30
CA LEU DB 64 52.28 56.55 -17.09
C LEU DB 64 53.51 56.06 -16.34
N GLY DB 65 54.03 54.89 -16.71
CA GLY DB 65 55.22 54.38 -16.07
C GLY DB 65 54.95 53.84 -14.69
N GLU DB 66 56.04 53.47 -14.02
CA GLU DB 66 55.94 52.94 -12.67
C GLU DB 66 55.56 54.06 -11.70
N PRO DB 67 54.51 53.90 -10.91
CA PRO DB 67 54.19 54.91 -9.90
C PRO DB 67 55.37 55.20 -8.98
N LEU DB 68 55.57 56.48 -8.68
CA LEU DB 68 56.73 56.92 -7.95
C LEU DB 68 56.57 56.67 -6.45
N LYS DB 69 57.70 56.60 -5.77
CA LYS DB 69 57.70 56.38 -4.33
C LYS DB 69 57.12 57.58 -3.61
N PRO DB 70 56.11 57.40 -2.75
CA PRO DB 70 55.54 58.56 -2.04
C PRO DB 70 56.54 59.28 -1.17
N SER DB 71 57.52 58.56 -0.60
CA SER DB 71 58.52 59.20 0.24
C SER DB 71 59.31 60.26 -0.52
N SER DB 72 59.43 60.10 -1.83
CA SER DB 72 60.11 61.08 -2.66
C SER DB 72 59.27 62.34 -2.78
N GLY DB 73 59.41 63.26 -1.83
CA GLY DB 73 58.62 64.47 -1.88
C GLY DB 73 57.15 64.16 -1.76
N SER DB 74 56.33 64.91 -2.49
CA SER DB 74 54.89 64.75 -2.50
C SER DB 74 54.40 64.40 -3.90
N GLN DB 75 55.16 63.57 -4.61
CA GLN DB 75 54.87 63.27 -5.99
C GLN DB 75 53.97 62.07 -6.16
N PHE DB 76 53.51 61.47 -5.05
CA PHE DB 76 52.54 60.39 -5.14
C PHE DB 76 51.12 60.90 -5.35
N GLU DB 77 50.89 62.20 -5.13
CA GLU DB 77 49.57 62.77 -5.34
C GLU DB 77 49.04 62.52 -6.76
N PRO DB 78 49.76 62.87 -7.82
CA PRO DB 78 49.18 62.69 -9.16
C PRO DB 78 48.98 61.24 -9.51
N ILE DB 79 49.93 60.37 -9.16
CA ILE DB 79 49.80 58.97 -9.51
C ILE DB 79 48.61 58.34 -8.79
N ARG DB 80 48.45 58.67 -7.50
CA ARG DB 80 47.29 58.16 -6.78
C ARG DB 80 46.00 58.66 -7.42
N HIS DB 81 45.95 59.95 -7.77
CA HIS DB 81 44.74 60.51 -8.32
C HIS DB 81 44.39 59.86 -9.66
N VAL DB 82 45.39 59.68 -10.53
CA VAL DB 82 45.09 59.13 -11.85
C VAL DB 82 44.69 57.67 -11.72
N TYR DB 83 45.33 56.92 -10.82
CA TYR DB 83 44.92 55.54 -10.63
C TYR DB 83 43.49 55.47 -10.13
N GLU DB 84 43.11 56.41 -9.27
CA GLU DB 84 41.72 56.48 -8.82
C GLU DB 84 40.78 56.79 -9.97
N ALA DB 85 41.14 57.74 -10.83
CA ALA DB 85 40.25 58.19 -11.87
C ALA DB 85 40.15 57.22 -13.04
N ILE DB 86 41.14 56.35 -13.23
CA ILE DB 86 41.15 55.50 -14.41
C ILE DB 86 40.04 54.47 -14.38
N GLN DB 87 39.58 54.06 -13.19
CA GLN DB 87 38.57 53.03 -13.13
C GLN DB 87 37.21 53.50 -13.63
N GLN DB 88 37.14 54.69 -14.18
CA GLN DB 88 35.86 55.25 -14.60
C GLN DB 88 35.91 55.81 -16.01
N THR DB 89 37.01 56.45 -16.39
CA THR DB 89 37.12 57.05 -17.72
C THR DB 89 38.60 57.26 -18.03
N SER DB 90 38.86 57.89 -19.17
CA SER DB 90 40.21 58.19 -19.63
C SER DB 90 40.57 59.62 -19.29
N GLY DB 91 41.82 59.99 -19.56
CA GLY DB 91 42.31 61.32 -19.25
C GLY DB 91 43.21 61.85 -20.35
N TYR DB 92 43.48 63.15 -20.26
CA TYR DB 92 44.23 63.89 -21.27
C TYR DB 92 45.40 64.60 -20.58
N VAL DB 93 46.16 63.81 -19.83
CA VAL DB 93 47.12 64.36 -18.87
C VAL DB 93 48.23 65.12 -19.60
N VAL DB 94 48.73 66.17 -18.95
CA VAL DB 94 49.89 66.91 -19.42
C VAL DB 94 50.99 66.75 -18.38
N ARG DB 95 52.17 66.32 -18.82
CA ARG DB 95 53.30 66.10 -17.92
C ARG DB 95 54.19 67.32 -17.91
N ALA DB 96 54.58 67.75 -16.70
CA ALA DB 96 55.44 68.92 -16.52
C ALA DB 96 56.67 68.51 -15.74
N VAL DB 97 57.83 68.93 -16.21
CA VAL DB 97 59.10 68.63 -15.54
C VAL DB 97 59.90 69.91 -15.44
N PRO DB 98 60.73 70.08 -14.41
CA PRO DB 98 61.59 71.26 -14.32
C PRO DB 98 62.75 71.15 -15.30
N ASP DB 99 63.61 72.17 -15.26
CA ASP DB 99 64.77 72.20 -16.14
C ASP DB 99 65.76 71.08 -15.84
N ASP DB 100 65.72 70.52 -14.64
CA ASP DB 100 66.62 69.46 -14.26
C ASP DB 100 66.43 68.20 -15.10
N ALA DB 101 65.25 68.04 -15.71
CA ALA DB 101 64.99 66.87 -16.54
C ALA DB 101 65.84 66.94 -17.81
N LYS DB 102 66.54 65.84 -18.10
CA LYS DB 102 67.40 65.73 -19.26
C LYS DB 102 67.14 64.40 -19.96
N PHE DB 103 67.12 64.44 -21.28
CA PHE DB 103 66.95 63.27 -22.11
C PHE DB 103 68.26 62.89 -22.80
N PRO DB 104 68.47 61.60 -23.04
CA PRO DB 104 69.69 61.17 -23.72
C PRO DB 104 69.60 61.35 -25.23
N ILE DB 105 70.78 61.51 -25.84
CA ILE DB 105 70.93 61.68 -27.27
C ILE DB 105 72.11 60.83 -27.72
N ILE DB 106 71.94 60.11 -28.83
CA ILE DB 106 72.95 59.21 -29.34
C ILE DB 106 73.34 59.69 -30.73
N MET DB 107 74.57 60.16 -30.88
CA MET DB 107 75.05 60.70 -32.14
C MET DB 107 75.80 59.62 -32.90
N PHE DB 108 75.69 59.66 -34.23
CA PHE DB 108 76.27 58.65 -35.11
C PHE DB 108 77.10 59.35 -36.17
N ASP DB 109 78.38 59.00 -36.25
CA ASP DB 109 79.28 59.63 -37.18
C ASP DB 109 79.02 59.13 -38.59
N GLU DB 110 79.82 59.64 -39.53
CA GLU DB 110 79.64 59.30 -40.93
C GLU DB 110 79.90 57.82 -41.18
N SER DB 111 80.82 57.22 -40.42
CA SER DB 111 81.12 55.80 -40.53
C SER DB 111 80.44 54.97 -39.46
N GLY DB 112 79.55 55.57 -38.66
CA GLY DB 112 78.74 54.82 -37.73
C GLY DB 112 79.21 54.79 -36.30
N GLU DB 113 80.26 55.53 -35.96
CA GLU DB 113 80.73 55.55 -34.58
C GLU DB 113 79.72 56.23 -33.68
N PRO DB 114 79.41 55.68 -32.52
CA PRO DB 114 78.41 56.27 -31.63
C PRO DB 114 79.03 57.19 -30.58
N ALA DB 115 78.18 58.09 -30.08
CA ALA DB 115 78.55 59.00 -29.01
C ALA DB 115 77.33 59.29 -28.16
N TYR DB 116 77.54 59.47 -26.86
CA TYR DB 116 76.46 59.68 -25.91
C TYR DB 116 76.41 61.14 -25.48
N SER DB 117 75.20 61.60 -25.15
CA SER DB 117 75.03 62.92 -24.56
C SER DB 117 73.69 62.96 -23.83
N ALA DB 118 73.50 64.02 -23.05
CA ALA DB 118 72.21 64.29 -22.43
C ALA DB 118 71.96 65.78 -22.50
N LEU DB 119 70.72 66.15 -22.79
CA LEU DB 119 70.37 67.56 -22.90
C LEU DB 119 69.03 67.81 -22.25
N PRO DB 120 68.83 68.99 -21.68
CA PRO DB 120 67.55 69.30 -21.04
C PRO DB 120 66.43 69.39 -22.05
N TYR DB 121 65.22 69.08 -21.59
CA TYR DB 121 64.06 69.10 -22.46
C TYR DB 121 63.75 70.52 -22.91
N GLY DB 122 63.12 70.62 -24.07
CA GLY DB 122 62.86 71.90 -24.69
C GLY DB 122 63.99 72.40 -25.56
N SER DB 123 65.23 72.07 -25.21
CA SER DB 123 66.38 72.45 -26.01
C SER DB 123 66.48 71.54 -27.24
N GLU DB 124 66.83 72.14 -28.37
CA GLU DB 124 66.97 71.43 -29.63
C GLU DB 124 68.44 71.28 -30.00
N ILE DB 125 68.81 70.07 -30.42
CA ILE DB 125 70.19 69.75 -30.78
C ILE DB 125 70.34 69.80 -32.29
N GLU DB 126 71.53 70.18 -32.74
CA GLU DB 126 71.85 70.27 -34.15
C GLU DB 126 73.08 69.42 -34.45
N LEU DB 127 73.36 69.26 -35.74
CA LEU DB 127 74.47 68.43 -36.21
C LEU DB 127 75.61 69.32 -36.70
N ASP DB 128 76.82 69.04 -36.24
CA ASP DB 128 78.00 69.79 -36.65
C ASP DB 128 78.47 69.27 -38.00
N SER DB 129 79.69 69.67 -38.39
CA SER DB 129 80.24 69.23 -39.67
C SER DB 129 80.39 67.71 -39.72
N GLY DB 130 80.88 67.12 -38.64
CA GLY DB 130 80.93 65.68 -38.51
C GLY DB 130 79.65 65.13 -37.93
N GLU DB 131 79.72 63.89 -37.44
CA GLU DB 131 78.61 63.26 -36.73
C GLU DB 131 77.36 63.25 -37.59
N ALA DB 132 77.44 62.46 -38.66
CA ALA DB 132 76.48 62.45 -39.77
C ALA DB 132 75.04 62.63 -39.33
N PHE DB 133 74.61 61.94 -38.27
CA PHE DB 133 73.24 62.11 -37.81
C PHE DB 133 73.18 61.78 -36.33
N ALA DB 134 71.97 61.76 -35.78
CA ALA DB 134 71.78 61.44 -34.37
C ALA DB 134 70.33 61.04 -34.14
N ILE DB 135 70.10 60.43 -32.99
CA ILE DB 135 68.78 60.01 -32.54
C ILE DB 135 68.63 60.42 -31.09
N TYR DB 136 67.39 60.44 -30.62
CA TYR DB 136 67.11 60.80 -29.24
C TYR DB 136 65.72 60.33 -28.87
N VAL DB 137 65.53 60.08 -27.58
CA VAL DB 137 64.23 59.75 -27.02
C VAL DB 137 63.79 60.91 -26.14
N ASP DB 138 62.55 61.36 -26.34
CA ASP DB 138 61.94 62.40 -25.50
C ASP DB 138 60.70 61.88 -24.79
N ASP DB 139 60.58 60.56 -24.67
CA ASP DB 139 59.42 59.94 -24.05
C ASP DB 139 59.37 60.13 -22.55
N GLY DB 140 60.33 60.81 -21.95
CA GLY DB 140 60.33 61.04 -20.51
C GLY DB 140 60.90 59.90 -19.69
N ASP DB 141 61.30 58.81 -20.31
CA ASP DB 141 61.88 57.69 -19.58
C ASP DB 141 63.35 57.95 -19.29
N PRO DB 142 63.79 57.86 -18.04
CA PRO DB 142 65.22 58.03 -17.74
C PRO DB 142 66.11 56.97 -18.39
N CYS DB 143 65.55 55.82 -18.78
CA CYS DB 143 66.30 54.74 -19.43
C CYS DB 143 67.46 54.26 -18.54
N ILE DB 144 67.23 54.26 -17.23
CA ILE DB 144 68.26 53.87 -16.28
C ILE DB 144 67.78 52.67 -15.48
N SER DB 145 66.47 52.53 -15.36
CA SER DB 145 65.90 51.48 -14.53
C SER DB 145 64.46 51.22 -14.94
N PRO DB 146 64.23 50.34 -15.91
CA PRO DB 146 65.22 49.59 -16.68
C PRO DB 146 65.88 50.46 -17.74
N THR DB 147 66.94 49.96 -18.36
CA THR DB 147 67.66 50.69 -19.40
C THR DB 147 67.19 50.25 -20.78
N ARG DB 148 67.41 51.11 -21.76
CA ARG DB 148 66.96 50.89 -23.12
C ARG DB 148 68.16 50.80 -24.05
N GLU DB 149 68.20 49.73 -24.85
CA GLU DB 149 69.33 49.47 -25.73
C GLU DB 149 68.85 49.27 -27.16
N LEU DB 150 69.76 49.46 -28.10
CA LEU DB 150 69.50 49.26 -29.51
C LEU DB 150 70.55 48.35 -30.11
N THR DB 151 70.13 47.57 -31.09
CA THR DB 151 71.03 46.68 -31.82
C THR DB 151 70.87 46.96 -33.31
N ILE DB 152 72.00 47.07 -34.02
CA ILE DB 152 72.01 47.36 -35.45
C ILE DB 152 72.70 46.23 -36.17
N GLU DB 153 72.07 45.73 -37.23
CA GLU DB 153 72.66 44.66 -38.04
C GLU DB 153 72.32 44.89 -39.50
N THR DB 154 73.33 45.11 -40.34
CA THR DB 154 73.10 45.31 -41.75
C THR DB 154 72.51 44.05 -42.38
N ALA DB 155 71.63 44.24 -43.36
CA ALA DB 155 70.94 43.14 -44.02
C ALA DB 155 71.00 43.39 -45.52
N THR DB 156 70.24 42.59 -46.27
CA THR DB 156 70.24 42.69 -47.72
C THR DB 156 69.58 43.98 -48.18
N ALA DB 157 69.92 44.39 -49.41
CA ALA DB 157 69.38 45.60 -49.99
C ALA DB 157 68.05 45.31 -50.67
N ASP DB 158 67.43 46.38 -51.18
CA ASP DB 158 66.17 46.26 -51.90
C ASP DB 158 66.46 46.08 -53.39
N SER DB 159 65.40 46.15 -54.21
CA SER DB 159 65.59 46.05 -55.66
C SER DB 159 66.45 47.19 -56.18
N ALA DB 160 66.24 48.39 -55.65
CA ALA DB 160 67.08 49.53 -56.00
C ALA DB 160 68.52 49.37 -55.50
N GLY DB 161 68.78 48.38 -54.65
CA GLY DB 161 70.10 48.21 -54.09
C GLY DB 161 70.41 49.08 -52.91
N ASN DB 162 69.41 49.73 -52.33
CA ASN DB 162 69.63 50.63 -51.22
C ASN DB 162 70.10 49.85 -50.00
N GLU DB 163 71.22 50.26 -49.42
CA GLU DB 163 71.74 49.58 -48.24
C GLU DB 163 70.73 49.65 -47.10
N ARG DB 164 70.50 48.51 -46.47
CA ARG DB 164 69.50 48.40 -45.42
C ARG DB 164 70.11 47.73 -44.20
N PHE DB 165 69.58 48.09 -43.03
CA PHE DB 165 69.95 47.42 -41.80
C PHE DB 165 68.73 47.32 -40.91
N LEU DB 166 68.71 46.26 -40.11
CA LEU DB 166 67.67 46.06 -39.12
C LEU DB 166 68.10 46.70 -37.79
N LEU DB 167 67.15 47.34 -37.14
CA LEU DB 167 67.31 47.91 -35.81
C LEU DB 167 66.37 47.19 -34.86
N LYS DB 168 66.88 46.83 -33.69
CA LYS DB 168 66.14 46.09 -32.69
C LYS DB 168 66.20 46.84 -31.38
N LEU DB 169 65.04 47.24 -30.87
CA LEU DB 169 64.94 47.93 -29.60
C LEU DB 169 64.72 46.93 -28.48
N THR DB 170 65.38 47.15 -27.34
CA THR DB 170 65.22 46.23 -26.22
C THR DB 170 65.25 46.98 -24.91
N GLN DB 171 64.57 46.39 -23.92
CA GLN DB 171 64.53 46.90 -22.55
C GLN DB 171 65.19 45.87 -21.65
N THR DB 172 66.19 46.31 -20.88
CA THR DB 172 66.94 45.42 -20.02
C THR DB 172 66.81 45.90 -18.57
N THR DB 173 66.42 44.99 -17.69
CA THR DB 173 66.27 45.29 -16.28
C THR DB 173 67.59 45.08 -15.54
N SER DB 174 67.66 45.65 -14.33
CA SER DB 174 68.85 45.47 -13.50
C SER DB 174 69.05 44.02 -13.11
N LEU DB 175 67.96 43.28 -12.90
CA LEU DB 175 68.07 41.87 -12.58
C LEU DB 175 68.72 41.10 -13.71
N GLY DB 176 68.40 41.46 -14.95
CA GLY DB 176 68.99 40.79 -16.09
C GLY DB 176 67.95 40.37 -17.10
N VAL DB 177 66.68 40.59 -16.78
CA VAL DB 177 65.61 40.27 -17.70
C VAL DB 177 65.66 41.23 -18.88
N VAL DB 178 65.69 40.67 -20.08
CA VAL DB 178 65.80 41.45 -21.31
C VAL DB 178 64.61 41.12 -22.19
N THR DB 179 63.88 42.15 -22.61
CA THR DB 179 62.76 42.01 -23.51
C THR DB 179 62.99 42.86 -24.75
N THR DB 180 62.25 42.57 -25.81
CA THR DB 180 62.36 43.30 -27.05
C THR DB 180 61.11 44.16 -27.26
N LEU DB 181 61.32 45.35 -27.80
CA LEU DB 181 60.23 46.24 -28.15
C LEU DB 181 59.78 45.99 -29.59
N GLU DB 182 60.68 46.17 -30.54
CA GLU DB 182 60.36 45.93 -31.95
C GLU DB 182 61.65 45.86 -32.75
N THR DB 183 61.56 45.25 -33.93
CA THR DB 183 62.62 45.24 -34.92
C THR DB 183 62.08 45.80 -36.22
N HIS DB 184 62.91 46.56 -36.92
CA HIS DB 184 62.47 47.13 -38.20
C HIS DB 184 63.68 47.38 -39.08
N THR DB 185 63.52 47.15 -40.38
CA THR DB 185 64.58 47.34 -41.35
C THR DB 185 64.42 48.72 -42.01
N VAL DB 186 65.49 49.50 -41.98
CA VAL DB 186 65.49 50.84 -42.56
C VAL DB 186 66.74 51.02 -43.41
N SER DB 187 66.65 51.95 -44.35
CA SER DB 187 67.71 52.19 -45.30
C SER DB 187 68.12 53.66 -45.25
N LEU DB 188 69.42 53.90 -45.48
CA LEU DB 188 69.96 55.25 -45.45
C LEU DB 188 69.57 56.07 -46.67
N ALA DB 189 69.19 55.41 -47.76
CA ALA DB 189 68.90 56.12 -49.00
C ALA DB 189 67.74 57.08 -48.79
N GLU DB 190 67.84 58.26 -49.44
CA GLU DB 190 66.82 59.28 -49.26
C GLU DB 190 65.46 58.79 -49.74
N GLU DB 191 65.43 58.10 -50.87
CA GLU DB 191 64.18 57.67 -51.49
C GLU DB 191 64.02 56.15 -51.46
N ALA DB 192 64.64 55.49 -50.47
CA ALA DB 192 64.46 54.06 -50.34
C ALA DB 192 63.05 53.74 -49.85
N LYS DB 193 62.38 52.83 -50.53
CA LYS DB 193 61.02 52.43 -50.18
C LYS DB 193 60.91 50.92 -50.24
N ASP DB 194 60.20 50.35 -49.27
CA ASP DB 194 60.00 48.92 -49.22
C ASP DB 194 58.94 48.48 -50.22
N ASP DB 195 58.91 47.17 -50.49
CA ASP DB 195 57.90 46.61 -51.36
C ASP DB 195 56.50 46.71 -50.77
N MET DB 196 56.39 47.03 -49.48
CA MET DB 196 55.11 47.35 -48.88
C MET DB 196 54.62 48.74 -49.26
N GLY DB 197 55.39 49.49 -50.03
CA GLY DB 197 55.10 50.88 -50.29
C GLY DB 197 55.58 51.81 -49.21
N ARG DB 198 56.14 51.28 -48.13
CA ARG DB 198 56.60 52.10 -47.03
C ARG DB 198 58.04 52.53 -47.27
N LEU DB 199 58.29 53.81 -47.09
CA LEU DB 199 59.63 54.35 -47.34
C LEU DB 199 60.62 53.76 -46.34
N CYS DB 200 61.77 53.34 -46.84
CA CYS DB 200 62.82 52.80 -46.00
C CYS DB 200 63.76 53.86 -45.48
N TYR DB 201 63.50 55.14 -45.78
CA TYR DB 201 64.34 56.21 -45.27
C TYR DB 201 64.30 56.24 -43.75
N LEU DB 202 65.44 56.53 -43.16
CA LEU DB 202 65.58 56.45 -41.70
C LEU DB 202 64.55 57.30 -40.97
N PRO DB 203 64.52 58.64 -41.13
CA PRO DB 203 63.57 59.44 -40.35
C PRO DB 203 62.14 59.15 -40.75
N THR DB 204 61.91 59.06 -42.05
CA THR DB 204 60.57 58.81 -42.54
C THR DB 204 59.97 57.59 -41.85
N ALA DB 205 60.70 56.48 -41.84
CA ALA DB 205 60.23 55.29 -41.15
C ALA DB 205 60.15 55.53 -39.64
N LEU DB 206 61.13 56.24 -39.08
CA LEU DB 206 61.23 56.35 -37.62
C LEU DB 206 60.01 57.05 -37.03
N GLU DB 207 59.70 58.25 -37.53
CA GLU DB 207 58.49 58.94 -37.07
C GLU DB 207 57.29 58.70 -37.98
N ALA DB 208 57.32 57.66 -38.80
CA ALA DB 208 56.09 57.13 -39.38
C ALA DB 208 55.54 55.93 -38.63
N ARG DB 209 56.41 55.03 -38.18
CA ARG DB 209 55.98 53.82 -37.50
C ARG DB 209 56.45 53.75 -36.05
N SER DB 210 57.74 53.92 -35.80
CA SER DB 210 58.25 53.84 -34.44
C SER DB 210 57.72 55.00 -33.61
N LYS DB 211 57.30 54.68 -32.39
CA LYS DB 211 56.69 55.66 -31.51
C LYS DB 211 57.57 55.98 -30.31
N TYR DB 212 58.87 55.78 -30.43
CA TYR DB 212 59.78 55.91 -29.30
C TYR DB 212 60.95 56.84 -29.56
N LEU DB 213 61.53 56.80 -30.74
CA LEU DB 213 62.75 57.54 -31.04
C LEU DB 213 62.49 58.54 -32.15
N ARG DB 214 63.23 59.64 -32.10
CA ARG DB 214 63.20 60.67 -33.13
C ARG DB 214 64.63 61.06 -33.48
N ALA DB 215 64.92 61.16 -34.77
CA ALA DB 215 66.29 61.33 -35.24
C ALA DB 215 66.38 62.52 -36.17
N VAL DB 216 67.58 63.07 -36.25
CA VAL DB 216 67.90 64.13 -37.19
C VAL DB 216 69.08 63.66 -38.04
N VAL DB 217 68.99 63.89 -39.35
CA VAL DB 217 69.97 63.38 -40.30
C VAL DB 217 70.45 64.52 -41.18
N ASN DB 218 71.76 64.64 -41.33
CA ASN DB 218 72.32 65.64 -42.24
C ASN DB 218 71.97 65.27 -43.68
N GLU DB 219 71.19 66.12 -44.33
CA GLU DB 219 70.78 65.86 -45.70
C GLU DB 219 71.97 65.86 -46.66
N GLU DB 220 73.08 66.45 -46.26
CA GLU DB 220 74.28 66.49 -47.08
C GLU DB 220 75.22 65.34 -46.78
N LEU DB 221 75.22 64.82 -45.56
CA LEU DB 221 76.07 63.72 -45.17
C LEU DB 221 75.38 62.37 -45.29
N ILE DB 222 74.09 62.35 -45.60
CA ILE DB 222 73.35 61.09 -45.67
C ILE DB 222 73.86 60.23 -46.82
N SER DB 223 74.24 60.86 -47.94
CA SER DB 223 74.76 60.10 -49.07
C SER DB 223 76.04 59.37 -48.70
N THR DB 224 76.94 60.05 -47.98
CA THR DB 224 78.20 59.47 -47.56
C THR DB 224 78.13 58.82 -46.20
N ALA DB 225 76.95 58.79 -45.57
CA ALA DB 225 76.83 58.19 -44.26
C ALA DB 225 77.00 56.68 -44.34
N LYS DB 226 77.64 56.12 -43.32
CA LYS DB 226 77.83 54.68 -43.22
C LYS DB 226 77.50 54.23 -41.80
N VAL DB 227 77.09 52.98 -41.69
CA VAL DB 227 76.67 52.41 -40.43
C VAL DB 227 77.52 51.18 -40.13
N THR DB 228 77.60 50.84 -38.85
CA THR DB 228 78.37 49.70 -38.40
C THR DB 228 77.51 48.83 -37.50
N ASN DB 229 77.88 47.55 -37.43
CA ASN DB 229 77.14 46.58 -36.62
C ASN DB 229 77.45 46.83 -35.16
N LYS DB 230 76.48 47.41 -34.45
CA LYS DB 230 76.63 47.70 -33.04
C LYS DB 230 75.45 47.11 -32.29
N LYS DB 231 75.70 46.72 -31.04
CA LYS DB 231 74.71 46.03 -30.22
C LYS DB 231 74.59 46.73 -28.88
N SER DB 232 73.39 46.68 -28.31
CA SER DB 232 73.11 47.20 -26.96
C SER DB 232 73.48 48.67 -26.85
N LEU DB 233 72.79 49.49 -27.66
CA LEU DB 233 72.99 50.94 -27.61
C LEU DB 233 72.21 51.49 -26.43
N ALA DB 234 72.81 51.35 -25.25
CA ALA DB 234 72.16 51.79 -24.02
C ALA DB 234 72.18 53.30 -23.90
N PHE DB 235 71.03 53.88 -23.60
CA PHE DB 235 70.95 55.32 -23.35
C PHE DB 235 71.54 55.66 -21.99
N THR DB 236 72.23 56.79 -21.93
CA THR DB 236 72.80 57.27 -20.69
C THR DB 236 72.57 58.78 -20.59
N GLY DB 237 72.49 59.27 -19.35
CA GLY DB 237 72.23 60.67 -19.10
C GLY DB 237 70.77 61.03 -18.94
N GLY DB 238 69.85 60.09 -19.14
CA GLY DB 238 68.44 60.35 -18.95
C GLY DB 238 68.06 60.49 -17.50
N THR DB 239 67.71 61.72 -17.08
CA THR DB 239 67.40 62.01 -15.70
C THR DB 239 66.07 62.76 -15.62
N ASN DB 240 65.31 62.49 -14.57
CA ASN DB 240 64.06 63.23 -14.34
C ASN DB 240 64.28 64.51 -13.55
N GLY DB 241 65.25 64.51 -12.63
CA GLY DB 241 65.50 65.67 -11.81
C GLY DB 241 64.53 65.78 -10.65
N ASP DB 242 64.71 66.86 -9.88
CA ASP DB 242 63.88 67.12 -8.71
C ASP DB 242 62.50 67.55 -9.16
N GLN DB 243 61.53 66.65 -9.04
CA GLN DB 243 60.17 66.93 -9.43
C GLN DB 243 59.35 67.55 -8.31
N SER DB 244 59.92 67.67 -7.11
CA SER DB 244 59.19 68.24 -5.99
C SER DB 244 58.78 69.69 -6.27
N LYS DB 245 59.69 70.47 -6.82
CA LYS DB 245 59.42 71.86 -7.17
C LYS DB 245 59.25 71.99 -8.66
N ILE DB 246 58.15 72.62 -9.09
CA ILE DB 246 57.88 72.89 -10.50
C ILE DB 246 57.60 74.37 -10.65
N SER DB 247 58.20 74.98 -11.67
CA SER DB 247 58.11 76.42 -11.84
C SER DB 247 56.68 76.85 -12.15
N THR DB 248 56.33 78.03 -11.65
CA THR DB 248 55.06 78.65 -12.03
C THR DB 248 55.01 78.87 -13.54
N ALA DB 249 56.15 79.11 -14.17
CA ALA DB 249 56.18 79.24 -15.61
C ALA DB 249 55.76 77.93 -16.29
N ALA DB 250 56.29 76.81 -15.83
CA ALA DB 250 55.86 75.53 -16.37
C ALA DB 250 54.38 75.28 -16.09
N TYR DB 251 53.93 75.66 -14.90
CA TYR DB 251 52.52 75.53 -14.56
C TYR DB 251 51.65 76.28 -15.56
N LEU DB 252 51.94 77.56 -15.78
CA LEU DB 252 51.12 78.36 -16.68
C LEU DB 252 51.25 77.89 -18.12
N ARG DB 253 52.44 77.41 -18.51
CA ARG DB 253 52.61 76.88 -19.85
C ARG DB 253 51.71 75.67 -20.05
N ALA DB 254 51.70 74.76 -19.09
CA ALA DB 254 50.82 73.60 -19.19
C ALA DB 254 49.36 74.03 -19.16
N VAL DB 255 49.04 75.06 -18.39
CA VAL DB 255 47.67 75.57 -18.33
C VAL DB 255 47.24 76.05 -19.72
N LYS DB 256 48.09 76.83 -20.36
CA LYS DB 256 47.78 77.32 -21.70
C LYS DB 256 47.67 76.16 -22.68
N VAL DB 257 48.54 75.16 -22.54
CA VAL DB 257 48.51 74.00 -23.43
C VAL DB 257 47.17 73.28 -23.32
N LEU DB 258 46.77 72.97 -22.09
CA LEU DB 258 45.52 72.25 -21.90
C LEU DB 258 44.31 73.09 -22.29
N ASN DB 259 44.41 74.41 -22.11
CA ASN DB 259 43.37 75.30 -22.60
C ASN DB 259 43.25 75.21 -24.11
N ASN DB 260 44.39 75.19 -24.79
CA ASN DB 260 44.39 75.16 -26.25
C ASN DB 260 44.19 73.77 -26.81
N ALA DB 261 44.13 72.75 -25.96
CA ALA DB 261 43.93 71.39 -26.44
C ALA DB 261 42.57 71.27 -27.10
N PRO DB 262 42.49 70.77 -28.34
CA PRO DB 262 41.22 70.65 -29.05
C PRO DB 262 40.44 69.39 -28.67
N TYR DB 263 40.29 69.17 -27.38
CA TYR DB 263 39.63 67.97 -26.86
C TYR DB 263 38.42 68.34 -26.01
N MET DB 264 37.54 67.37 -25.87
CA MET DB 264 36.38 67.49 -24.99
C MET DB 264 36.78 67.06 -23.59
N TYR DB 265 36.73 68.00 -22.64
CA TYR DB 265 36.96 67.70 -21.25
C TYR DB 265 35.84 68.32 -20.42
N THR DB 266 35.47 67.66 -19.33
CA THR DB 266 34.28 68.03 -18.57
C THR DB 266 34.56 68.60 -17.20
N ALA DB 267 35.75 68.40 -16.64
CA ALA DB 267 36.05 68.91 -15.31
C ALA DB 267 37.57 69.02 -15.16
N VAL DB 268 37.98 69.80 -14.16
CA VAL DB 268 39.39 70.01 -13.86
C VAL DB 268 39.64 69.60 -12.41
N LEU DB 269 40.79 68.98 -12.18
CA LEU DB 269 41.10 68.35 -10.90
C LEU DB 269 42.29 69.03 -10.26
N GLY DB 270 42.29 69.08 -8.93
CA GLY DB 270 43.39 69.69 -8.21
C GLY DB 270 44.71 68.95 -8.44
N LEU DB 271 44.67 67.62 -8.35
CA LEU DB 271 45.80 66.76 -8.70
C LEU DB 271 47.05 67.10 -7.89
N GLY DB 272 46.85 67.60 -6.66
CA GLY DB 272 47.96 67.88 -5.77
C GLY DB 272 48.67 69.19 -6.00
N CYS DB 273 48.28 69.98 -6.98
CA CYS DB 273 48.89 71.28 -7.23
C CYS DB 273 48.22 72.31 -6.33
N TYR DB 274 49.04 73.07 -5.60
CA TYR DB 274 48.52 74.06 -4.66
C TYR DB 274 49.05 75.46 -4.94
N ASP DB 275 49.80 75.66 -6.02
CA ASP DB 275 50.28 76.99 -6.36
C ASP DB 275 49.10 77.92 -6.57
N ASN DB 276 49.14 79.09 -5.94
CA ASN DB 276 48.04 80.03 -6.04
C ASN DB 276 47.86 80.50 -7.49
N ALA DB 277 48.96 80.84 -8.16
CA ALA DB 277 48.86 81.27 -9.54
C ALA DB 277 48.31 80.16 -10.43
N ALA DB 278 48.81 78.93 -10.23
CA ALA DB 278 48.34 77.81 -11.05
C ALA DB 278 46.87 77.54 -10.83
N ILE DB 279 46.43 77.52 -9.57
CA ILE DB 279 45.03 77.22 -9.29
C ILE DB 279 44.14 78.33 -9.78
N THR DB 280 44.59 79.59 -9.69
CA THR DB 280 43.80 80.69 -10.24
C THR DB 280 43.68 80.58 -11.76
N ALA DB 281 44.78 80.24 -12.43
CA ALA DB 281 44.71 80.03 -13.86
C ALA DB 281 43.75 78.91 -14.19
N LEU DB 282 43.78 77.83 -13.42
CA LEU DB 282 42.86 76.73 -13.64
C LEU DB 282 41.42 77.16 -13.44
N GLY DB 283 41.17 77.98 -12.42
CA GLY DB 283 39.83 78.49 -12.20
C GLY DB 283 39.35 79.34 -13.36
N LYS DB 284 40.22 80.21 -13.86
CA LYS DB 284 39.86 81.02 -15.03
C LYS DB 284 39.56 80.14 -16.23
N ILE DB 285 40.39 79.13 -16.46
CA ILE DB 285 40.21 78.27 -17.63
C ILE DB 285 38.90 77.50 -17.52
N CYS DB 286 38.62 76.94 -16.35
CA CYS DB 286 37.40 76.15 -16.21
C CYS DB 286 36.16 77.03 -16.26
N ALA DB 287 36.25 78.25 -15.74
CA ALA DB 287 35.15 79.19 -15.90
C ALA DB 287 34.90 79.48 -17.36
N ASP DB 288 35.97 79.67 -18.14
CA ASP DB 288 35.81 79.85 -19.58
C ASP DB 288 35.17 78.63 -20.21
N ARG DB 289 35.60 77.44 -19.80
CA ARG DB 289 35.10 76.20 -20.38
C ARG DB 289 33.69 75.86 -19.91
N LEU DB 290 33.20 76.57 -18.89
CA LEU DB 290 31.89 76.28 -18.30
C LEU DB 290 31.83 74.86 -17.74
N ILE DB 291 32.92 74.44 -17.11
CA ILE DB 291 33.01 73.10 -16.54
C ILE DB 291 33.16 73.22 -15.04
N ASP DB 292 33.28 72.08 -14.36
CA ASP DB 292 33.43 72.06 -12.91
C ASP DB 292 34.90 71.93 -12.52
N GLY DB 293 35.20 72.40 -11.32
CA GLY DB 293 36.55 72.30 -10.79
C GLY DB 293 36.52 71.67 -9.41
N PHE DB 294 37.56 70.89 -9.12
CA PHE DB 294 37.58 70.13 -7.88
C PHE DB 294 38.77 70.51 -7.01
N PHE DB 295 38.97 71.80 -6.82
CA PHE DB 295 40.18 72.28 -6.16
C PHE DB 295 40.20 71.83 -4.71
N ASP DB 296 41.40 71.66 -4.18
CA ASP DB 296 41.57 71.13 -2.83
C ASP DB 296 42.65 71.92 -2.10
N VAL DB 297 42.55 71.92 -0.77
CA VAL DB 297 43.57 72.48 0.09
C VAL DB 297 44.42 71.33 0.63
N LYS DB 298 45.66 71.63 0.96
CA LYS DB 298 46.56 70.55 1.32
C LYS DB 298 46.19 70.02 2.69
N PRO DB 299 46.01 68.70 2.84
CA PRO DB 299 45.25 68.18 3.98
C PRO DB 299 45.84 68.51 5.35
N THR DB 300 47.15 68.67 5.47
CA THR DB 300 47.73 68.80 6.81
C THR DB 300 47.25 70.04 7.55
N LEU DB 301 46.68 71.01 6.84
CA LEU DB 301 46.25 72.24 7.47
C LEU DB 301 45.02 71.95 8.32
N THR DB 302 45.07 72.32 9.60
CA THR DB 302 43.98 71.99 10.50
C THR DB 302 42.75 72.83 10.19
N TYR DB 303 41.64 72.45 10.83
CA TYR DB 303 40.36 73.08 10.54
C TYR DB 303 40.37 74.56 10.85
N ALA DB 304 41.14 74.97 11.86
CA ALA DB 304 41.13 76.37 12.28
C ALA DB 304 41.57 77.29 11.15
N GLU DB 305 42.67 76.96 10.50
CA GLU DB 305 43.18 77.74 9.38
C GLU DB 305 42.65 77.26 8.04
N ALA DB 306 41.89 76.18 8.03
CA ALA DB 306 41.33 75.67 6.78
C ALA DB 306 40.38 76.68 6.15
N LEU DB 307 39.54 77.31 6.96
CA LEU DB 307 38.61 78.28 6.43
C LEU DB 307 39.30 79.48 5.77
N PRO DB 308 40.28 80.13 6.39
CA PRO DB 308 40.96 81.23 5.70
C PRO DB 308 41.70 80.78 4.45
N ALA DB 309 42.01 79.49 4.33
CA ALA DB 309 42.74 79.02 3.15
C ALA DB 309 41.93 79.22 1.88
N VAL DB 310 40.61 79.16 1.97
CA VAL DB 310 39.78 79.38 0.79
C VAL DB 310 39.99 80.80 0.26
N GLU DB 311 39.95 81.77 1.16
CA GLU DB 311 40.21 83.16 0.76
C GLU DB 311 41.64 83.34 0.30
N ASP DB 312 42.58 82.65 0.94
CA ASP DB 312 43.98 82.74 0.54
C ASP DB 312 44.14 82.27 -0.90
N THR DB 313 43.47 81.18 -1.25
CA THR DB 313 43.43 80.75 -2.65
C THR DB 313 42.76 81.80 -3.52
N GLY DB 314 41.66 82.37 -3.05
CA GLY DB 314 40.98 83.41 -3.78
C GLY DB 314 40.11 82.94 -4.92
N LEU DB 315 39.92 81.63 -5.05
CA LEU DB 315 39.10 81.13 -6.15
C LEU DB 315 37.61 81.43 -5.95
N LEU DB 316 37.22 81.83 -4.75
CA LEU DB 316 35.83 82.22 -4.51
C LEU DB 316 35.49 83.46 -5.33
N GLY DB 317 34.25 83.51 -5.81
CA GLY DB 317 33.80 84.65 -6.57
C GLY DB 317 32.45 84.37 -7.18
N THR DB 318 31.97 85.35 -7.95
CA THR DB 318 30.70 85.21 -8.65
C THR DB 318 30.84 84.49 -9.98
N ASP DB 319 32.06 84.27 -10.47
CA ASP DB 319 32.28 83.55 -11.70
C ASP DB 319 32.69 82.11 -11.45
N TYR DB 320 33.67 81.89 -10.57
CA TYR DB 320 34.11 80.55 -10.24
C TYR DB 320 33.16 79.93 -9.22
N VAL DB 321 31.87 79.95 -9.53
CA VAL DB 321 30.88 79.36 -8.64
C VAL DB 321 30.74 77.86 -8.86
N SER DB 322 31.08 77.37 -10.06
CA SER DB 322 30.93 75.95 -10.34
C SER DB 322 31.93 75.11 -9.56
N CYS DB 323 33.13 75.62 -9.38
CA CYS DB 323 34.18 74.84 -8.74
C CYS DB 323 33.89 74.66 -7.26
N SER DB 324 34.58 73.69 -6.66
CA SER DB 324 34.40 73.31 -5.27
C SER DB 324 35.76 73.16 -4.60
N VAL DB 325 35.76 73.32 -3.28
CA VAL DB 325 36.96 73.26 -2.46
C VAL DB 325 36.89 72.03 -1.56
N TYR DB 326 37.99 71.31 -1.48
CA TYR DB 326 38.04 70.02 -0.84
C TYR DB 326 39.10 70.01 0.25
N HIS DB 327 38.89 69.17 1.27
CA HIS DB 327 39.91 68.91 2.26
C HIS DB 327 39.69 67.53 2.84
N TYR DB 328 40.80 66.83 3.08
CA TYR DB 328 40.76 65.45 3.57
C TYR DB 328 41.62 65.33 4.81
N PRO DB 329 41.09 65.66 5.96
CA PRO DB 329 41.83 65.57 7.23
C PRO DB 329 41.94 64.14 7.76
N PHE DB 330 42.42 63.23 6.92
CA PHE DB 330 42.52 61.83 7.29
C PHE DB 330 43.78 61.24 6.66
N SER DB 331 44.19 60.10 7.21
CA SER DB 331 45.35 59.37 6.69
C SER DB 331 44.94 57.93 6.44
N CYS DB 332 45.34 57.41 5.28
CA CYS DB 332 44.92 56.08 4.82
C CYS DB 332 46.15 55.22 4.54
N LYS DB 333 45.91 54.03 4.03
CA LYS DB 333 46.96 53.06 3.74
C LYS DB 333 47.20 52.96 2.24
N ASP DB 334 48.47 52.88 1.86
CA ASP DB 334 48.82 52.80 0.45
C ASP DB 334 48.44 51.45 -0.15
N LYS DB 335 47.96 51.50 -1.39
CA LYS DB 335 47.66 50.26 -2.09
C LYS DB 335 48.92 49.54 -2.50
N TRP DB 336 49.98 50.27 -2.85
CA TRP DB 336 51.21 49.68 -3.33
C TRP DB 336 52.29 49.62 -2.24
N THR DB 337 52.56 50.76 -1.61
CA THR DB 337 53.63 50.84 -0.63
C THR DB 337 53.15 50.53 0.78
N GLN DB 338 51.87 50.21 0.95
CA GLN DB 338 51.26 49.91 2.25
C GLN DB 338 51.83 50.79 3.35
N SER DB 339 51.87 52.10 3.08
CA SER DB 339 52.37 53.09 4.01
C SER DB 339 51.23 54.03 4.39
N ARG DB 340 51.32 54.60 5.59
CA ARG DB 340 50.33 55.56 6.05
C ARG DB 340 50.56 56.87 5.32
N VAL DB 341 49.68 57.20 4.38
CA VAL DB 341 49.86 58.34 3.50
C VAL DB 341 48.61 59.21 3.56
N VAL DB 342 48.80 60.47 3.20
CA VAL DB 342 47.75 61.48 3.23
C VAL DB 342 47.70 62.15 1.87
N PHE DB 343 46.50 62.28 1.30
CA PHE DB 343 46.34 62.96 0.03
C PHE DB 343 44.90 63.45 -0.09
N GLY DB 344 44.57 64.01 -1.25
CA GLY DB 344 43.31 64.69 -1.45
C GLY DB 344 42.17 63.73 -1.77
N LEU DB 345 41.05 64.34 -2.20
CA LEU DB 345 39.84 63.61 -2.52
C LEU DB 345 39.19 64.10 -3.81
N SER DB 346 39.89 64.92 -4.59
CA SER DB 346 39.33 65.37 -5.86
C SER DB 346 39.12 64.20 -6.81
N GLY DB 347 40.07 63.25 -6.83
CA GLY DB 347 39.93 62.11 -7.71
C GLY DB 347 38.72 61.25 -7.38
N VAL DB 348 38.52 60.97 -6.10
CA VAL DB 348 37.36 60.16 -5.72
C VAL DB 348 36.08 60.94 -5.93
N ALA DB 349 36.12 62.26 -5.75
CA ALA DB 349 34.94 63.07 -6.04
C ALA DB 349 34.59 63.00 -7.53
N TYR DB 350 35.60 63.08 -8.39
CA TYR DB 350 35.35 62.95 -9.82
C TYR DB 350 34.84 61.55 -10.15
N ALA DB 351 35.35 60.53 -9.46
CA ALA DB 351 34.84 59.18 -9.68
C ALA DB 351 33.37 59.09 -9.30
N ALA DB 352 32.99 59.72 -8.19
CA ALA DB 352 31.60 59.74 -7.78
C ALA DB 352 30.75 60.45 -8.84
N LYS DB 353 31.24 61.57 -9.36
CA LYS DB 353 30.54 62.25 -10.42
C LYS DB 353 30.38 61.37 -11.65
N ALA DB 354 31.44 60.65 -12.00
CA ALA DB 354 31.41 59.81 -13.19
C ALA DB 354 30.38 58.69 -13.04
N ARG DB 355 30.38 58.01 -11.89
CA ARG DB 355 29.41 56.94 -11.69
C ARG DB 355 27.99 57.50 -11.61
N GLY DB 356 27.81 58.63 -10.95
CA GLY DB 356 26.49 59.22 -10.85
C GLY DB 356 25.96 59.73 -12.17
N VAL DB 357 26.86 60.04 -13.10
CA VAL DB 357 26.41 60.49 -14.42
C VAL DB 357 26.25 59.30 -15.37
N LYS DB 358 26.96 58.19 -15.14
CA LYS DB 358 26.77 57.05 -16.02
C LYS DB 358 25.60 56.18 -15.62
N LYS DB 359 25.18 56.23 -14.35
CA LYS DB 359 23.97 55.50 -13.97
C LYS DB 359 22.75 56.06 -14.71
N ASN DB 360 22.80 57.32 -15.11
CA ASN DB 360 21.77 57.91 -15.94
C ASN DB 360 22.21 57.82 -17.39
N SER DB 361 21.35 57.25 -18.24
CA SER DB 361 21.72 56.94 -19.61
C SER DB 361 21.21 57.95 -20.63
N ASP DB 362 19.95 58.36 -20.51
CA ASP DB 362 19.36 59.23 -21.53
C ASP DB 362 20.07 60.59 -21.58
N VAL DB 363 20.50 61.10 -20.43
CA VAL DB 363 21.27 62.33 -20.37
C VAL DB 363 22.48 62.24 -19.44
N GLY DB 364 22.46 61.45 -18.39
CA GLY DB 364 23.50 61.59 -17.39
C GLY DB 364 22.98 62.33 -16.19
N GLY DB 365 23.49 61.97 -15.01
CA GLY DB 365 22.98 62.47 -13.76
C GLY DB 365 23.56 63.79 -13.29
N TRP DB 366 23.24 64.91 -13.95
CA TRP DB 366 23.71 66.18 -13.40
C TRP DB 366 22.96 66.56 -12.13
N HIS DB 367 21.77 66.04 -11.91
CA HIS DB 367 20.94 66.42 -10.78
C HIS DB 367 21.23 65.61 -9.53
N TYR DB 368 22.14 64.65 -9.60
CA TYR DB 368 22.50 63.88 -8.43
C TYR DB 368 23.52 64.64 -7.59
N SER DB 369 23.75 64.13 -6.37
CA SER DB 369 24.71 64.71 -5.45
C SER DB 369 25.67 63.62 -4.98
N PRO DB 370 26.89 63.99 -4.66
CA PRO DB 370 27.94 63.01 -4.33
C PRO DB 370 27.77 62.36 -2.96
N ALA DB 371 26.56 61.86 -2.69
CA ALA DB 371 26.27 61.25 -1.40
C ALA DB 371 25.33 60.08 -1.62
N GLY DB 372 25.33 59.17 -0.65
CA GLY DB 372 24.48 58.00 -0.72
C GLY DB 372 25.21 56.71 -0.36
N GLU DB 373 24.61 55.93 0.53
CA GLU DB 373 25.24 54.70 0.99
C GLU DB 373 25.47 53.72 -0.15
N GLU DB 374 24.46 53.50 -0.98
CA GLU DB 374 24.56 52.52 -2.05
C GLU DB 374 25.36 53.03 -3.24
N ARG DB 375 25.67 54.32 -3.28
CA ARG DB 375 26.20 54.97 -4.45
C ARG DB 375 27.49 55.74 -4.19
N ALA DB 376 27.61 56.41 -3.05
CA ALA DB 376 28.83 57.12 -2.68
C ALA DB 376 29.65 56.24 -1.75
N VAL DB 377 30.72 55.65 -2.29
CA VAL DB 377 31.62 54.79 -1.52
C VAL DB 377 33.05 55.15 -1.89
N ILE DB 378 33.88 55.40 -0.89
CA ILE DB 378 35.30 55.61 -1.16
C ILE DB 378 36.12 54.44 -0.63
N ALA DB 379 36.09 54.25 0.70
CA ALA DB 379 36.72 53.10 1.35
C ALA DB 379 38.12 52.83 0.82
N ARG DB 380 39.05 53.76 1.03
CA ARG DB 380 40.35 53.64 0.37
C ARG DB 380 41.18 52.52 0.98
N ALA DB 381 41.64 52.71 2.22
CA ALA DB 381 42.32 51.68 2.98
C ALA DB 381 42.60 52.16 4.40
N SER DB 382 42.31 51.32 5.39
CA SER DB 382 42.68 51.55 6.79
C SER DB 382 42.55 53.03 7.16
N ILE DB 383 41.35 53.56 6.94
CA ILE DB 383 41.13 54.98 7.09
C ILE DB 383 41.27 55.35 8.56
N GLN DB 384 42.13 56.34 8.84
CA GLN DB 384 42.30 56.80 10.20
C GLN DB 384 42.51 58.31 10.19
N PRO DB 385 42.19 59.00 11.28
CA PRO DB 385 42.16 60.46 11.25
C PRO DB 385 43.54 61.06 11.22
N LEU DB 386 43.57 62.37 10.97
CA LEU DB 386 44.83 63.11 10.94
C LEU DB 386 45.16 63.70 12.31
N TYR DB 387 44.30 64.56 12.83
CA TYR DB 387 44.56 65.28 14.08
C TYR DB 387 43.55 64.91 15.14
N PRO DB 388 43.91 64.10 16.14
CA PRO DB 388 42.96 63.79 17.21
C PRO DB 388 42.54 65.01 18.01
N GLU DB 389 43.31 66.09 17.95
CA GLU DB 389 43.02 67.30 18.69
C GLU DB 389 42.12 68.27 17.92
N ASP DB 390 42.18 68.26 16.59
CA ASP DB 390 41.43 69.23 15.80
C ASP DB 390 39.95 68.86 15.79
N THR DB 391 39.10 69.86 16.02
CA THR DB 391 37.67 69.68 15.99
C THR DB 391 37.05 70.66 15.01
N PRO DB 392 36.26 70.22 14.06
CA PRO DB 392 35.63 71.12 13.11
C PRO DB 392 34.33 71.69 13.63
N ASP DB 393 33.79 72.65 12.88
CA ASP DB 393 32.53 73.31 13.19
C ASP DB 393 31.66 73.31 11.95
N GLU DB 394 30.48 72.70 12.06
CA GLU DB 394 29.59 72.60 10.90
C GLU DB 394 29.15 74.00 10.44
N GLU DB 395 28.79 74.87 11.38
CA GLU DB 395 28.38 76.22 11.00
C GLU DB 395 29.52 76.97 10.34
N ALA DB 396 30.72 76.88 10.91
CA ALA DB 396 31.86 77.58 10.34
C ALA DB 396 32.15 77.10 8.93
N MET DB 397 32.13 75.78 8.72
CA MET DB 397 32.46 75.25 7.40
C MET DB 397 31.37 75.58 6.39
N VAL DB 398 30.10 75.57 6.80
CA VAL DB 398 29.05 75.91 5.85
C VAL DB 398 29.13 77.39 5.49
N LYS DB 399 29.47 78.24 6.46
CA LYS DB 399 29.68 79.65 6.15
C LYS DB 399 30.85 79.81 5.18
N GLY DB 400 31.92 79.05 5.39
CA GLY DB 400 33.08 79.10 4.54
C GLY DB 400 32.98 78.29 3.28
N ARG DB 401 31.82 77.69 3.01
CA ARG DB 401 31.59 76.93 1.79
C ARG DB 401 32.49 75.70 1.71
N LEU DB 402 32.83 75.13 2.86
CA LEU DB 402 33.74 73.99 2.90
C LEU DB 402 32.94 72.68 2.85
N ASN DB 403 33.59 71.65 2.30
CA ASN DB 403 32.95 70.35 2.11
C ASN DB 403 33.49 69.38 3.15
N LYS DB 404 32.57 68.76 3.89
CA LYS DB 404 32.90 67.74 4.86
C LYS DB 404 32.76 66.36 4.24
N VAL DB 405 33.38 65.38 4.89
CA VAL DB 405 33.31 64.00 4.44
C VAL DB 405 33.11 63.12 5.67
N SER DB 406 32.15 62.18 5.58
CA SER DB 406 31.78 61.34 6.72
C SER DB 406 31.90 59.87 6.36
N VAL DB 407 31.44 59.00 7.26
CA VAL DB 407 31.61 57.57 7.12
C VAL DB 407 30.23 56.91 7.04
N GLY DB 408 30.19 55.74 6.42
CA GLY DB 408 28.97 54.97 6.28
C GLY DB 408 28.92 53.77 7.20
N THR DB 409 27.83 52.99 7.06
CA THR DB 409 27.61 51.85 7.94
C THR DB 409 28.69 50.80 7.79
N SER DB 410 29.08 50.48 6.56
CA SER DB 410 30.05 49.42 6.30
C SER DB 410 31.49 49.90 6.42
N GLY DB 411 31.72 51.06 7.02
CA GLY DB 411 33.05 51.60 7.14
C GLY DB 411 33.56 52.32 5.92
N GLN DB 412 32.83 52.27 4.80
CA GLN DB 412 33.22 53.01 3.62
C GLN DB 412 33.08 54.51 3.89
N MET DB 413 33.57 55.32 2.95
CA MET DB 413 33.76 56.73 3.22
C MET DB 413 32.90 57.48 2.22
N ILE DB 414 32.13 58.47 2.68
CA ILE DB 414 31.15 59.14 1.83
C ILE DB 414 31.34 60.65 1.93
N ILE DB 415 30.81 61.34 0.93
CA ILE DB 415 30.90 62.79 0.81
C ILE DB 415 29.53 63.36 1.16
N ASP DB 416 29.42 63.97 2.33
CA ASP DB 416 28.16 64.54 2.79
C ASP DB 416 28.10 66.04 2.50
N ASP DB 417 28.09 66.39 1.22
CA ASP DB 417 27.95 67.78 0.82
C ASP DB 417 27.30 67.88 -0.55
N ALA DB 418 26.66 69.03 -0.79
CA ALA DB 418 26.15 69.44 -2.09
C ALA DB 418 26.41 70.92 -2.32
N LEU DB 419 27.50 71.44 -1.76
CA LEU DB 419 27.76 72.87 -1.70
C LEU DB 419 29.03 73.21 -2.45
N THR DB 420 28.98 74.31 -3.20
CA THR DB 420 30.14 74.82 -3.90
C THR DB 420 30.72 76.00 -3.14
N CYS DB 421 31.74 76.64 -3.71
CA CYS DB 421 32.36 77.81 -3.13
C CYS DB 421 31.74 79.11 -3.63
N CYS DB 422 30.47 79.08 -4.02
CA CYS DB 422 29.80 80.27 -4.53
C CYS DB 422 29.62 81.27 -3.39
N THR DB 423 30.18 82.47 -3.57
CA THR DB 423 30.03 83.50 -2.56
C THR DB 423 28.57 83.93 -2.43
N GLN DB 424 27.86 84.01 -3.55
CA GLN DB 424 26.47 84.43 -3.51
C GLN DB 424 25.61 83.39 -2.81
N ASP DB 425 24.64 83.87 -2.05
CA ASP DB 425 23.70 82.99 -1.35
C ASP DB 425 22.62 82.43 -2.27
N ASN DB 426 22.78 82.56 -3.58
CA ASN DB 426 21.83 82.01 -4.53
C ASN DB 426 21.98 80.50 -4.60
N TYR DB 427 21.15 79.88 -5.43
CA TYR DB 427 21.20 78.43 -5.60
C TYR DB 427 22.46 77.97 -6.31
N LEU DB 428 23.24 78.91 -6.84
CA LEU DB 428 24.53 78.56 -7.44
C LEU DB 428 25.46 77.91 -6.44
N HIS DB 429 25.22 78.12 -5.14
CA HIS DB 429 25.99 77.43 -4.12
C HIS DB 429 25.86 75.92 -4.21
N PHE DB 430 24.76 75.43 -4.79
CA PHE DB 430 24.62 74.01 -5.03
C PHE DB 430 25.56 73.55 -6.13
N GLN DB 431 25.62 72.24 -6.33
CA GLN DB 431 26.50 71.64 -7.33
C GLN DB 431 25.75 71.02 -8.49
N HIS DB 432 24.50 70.60 -8.29
CA HIS DB 432 23.72 70.04 -9.38
C HIS DB 432 23.13 71.14 -10.25
N VAL DB 433 22.79 72.27 -9.65
CA VAL DB 433 22.25 73.37 -10.43
C VAL DB 433 23.28 73.92 -11.40
N PRO DB 434 24.52 74.21 -11.01
CA PRO DB 434 25.52 74.59 -12.01
C PRO DB 434 25.69 73.57 -13.11
N SER DB 435 25.63 72.29 -12.74
CA SER DB 435 25.73 71.22 -13.72
C SER DB 435 24.59 71.30 -14.72
N LEU DB 436 23.37 71.58 -14.24
CA LEU DB 436 22.25 71.58 -15.17
C LEU DB 436 22.30 72.78 -16.09
N MET DB 437 22.62 73.99 -15.60
CA MET DB 437 22.58 75.04 -16.61
C MET DB 437 23.80 74.96 -17.53
N ASN DB 438 24.92 74.41 -17.06
CA ASN DB 438 26.01 74.11 -17.99
C ASN DB 438 25.56 73.16 -19.09
N ALA DB 439 24.90 72.05 -18.72
CA ALA DB 439 24.42 71.11 -19.71
C ALA DB 439 23.51 71.80 -20.71
N ILE DB 440 22.50 72.53 -20.21
CA ILE DB 440 21.54 73.11 -21.13
C ILE DB 440 22.23 74.12 -22.03
N SER DB 441 23.17 74.89 -21.49
CA SER DB 441 23.94 75.82 -22.29
C SER DB 441 24.66 75.11 -23.42
N ARG DB 442 25.30 73.97 -23.12
CA ARG DB 442 25.97 73.22 -24.18
C ARG DB 442 24.98 72.72 -25.23
N PHE DB 443 23.80 72.28 -24.82
CA PHE DB 443 22.83 71.87 -25.84
C PHE DB 443 22.43 73.04 -26.73
N PHE DB 444 22.14 74.20 -26.13
CA PHE DB 444 21.82 75.35 -26.97
C PHE DB 444 22.97 75.69 -27.91
N VAL DB 445 24.20 75.64 -27.40
CA VAL DB 445 25.34 75.98 -28.23
C VAL DB 445 25.44 75.04 -29.43
N GLN DB 446 25.38 73.74 -29.16
CA GLN DB 446 25.53 72.79 -30.25
C GLN DB 446 24.39 72.92 -31.25
N LEU DB 447 23.16 73.12 -30.78
CA LEU DB 447 22.05 73.20 -31.71
C LEU DB 447 22.13 74.46 -32.58
N ALA DB 448 22.44 75.60 -31.95
CA ALA DB 448 22.56 76.83 -32.72
C ALA DB 448 23.72 76.76 -33.70
N ARG DB 449 24.82 76.15 -33.29
CA ARG DB 449 26.01 76.08 -34.14
C ARG DB 449 25.85 75.07 -35.27
N GLN DB 450 25.03 74.03 -35.08
CA GLN DB 450 24.64 73.20 -36.22
C GLN DB 450 23.57 73.88 -37.05
N MET DB 451 22.87 74.88 -36.51
CA MET DB 451 21.90 75.65 -37.27
C MET DB 451 22.52 76.81 -38.03
N LYS DB 452 23.75 77.20 -37.69
CA LYS DB 452 24.36 78.41 -38.24
C LYS DB 452 24.53 78.32 -39.75
N HIS DB 453 24.81 79.47 -40.36
CA HIS DB 453 25.12 79.57 -41.78
C HIS DB 453 23.97 79.07 -42.65
N SER DB 454 22.75 79.43 -42.25
CA SER DB 454 21.56 79.03 -42.99
C SER DB 454 20.58 80.20 -43.01
N PRO DB 455 19.98 80.50 -44.16
CA PRO DB 455 19.04 81.63 -44.22
C PRO DB 455 17.79 81.35 -43.40
N ASP DB 456 17.18 82.43 -42.93
CA ASP DB 456 16.01 82.31 -42.08
C ASP DB 456 14.79 81.87 -42.89
N GLY DB 457 13.68 81.71 -42.20
CA GLY DB 457 12.45 81.26 -42.81
C GLY DB 457 12.10 79.86 -42.34
N ILE DB 458 13.12 79.03 -42.20
CA ILE DB 458 12.95 77.68 -41.70
C ILE DB 458 13.80 77.42 -40.46
N THR DB 459 14.91 78.14 -40.29
CA THR DB 459 15.74 77.99 -39.10
C THR DB 459 14.96 78.30 -37.83
N ALA DB 460 13.98 79.20 -37.91
CA ALA DB 460 13.17 79.51 -36.74
C ALA DB 460 12.36 78.29 -36.31
N ALA DB 461 11.69 77.64 -37.26
CA ALA DB 461 10.96 76.42 -36.94
C ALA DB 461 11.91 75.32 -36.48
N GLY DB 462 13.10 75.25 -37.08
CA GLY DB 462 14.05 74.24 -36.68
C GLY DB 462 14.51 74.41 -35.24
N LEU DB 463 14.85 75.65 -34.86
CA LEU DB 463 15.27 75.91 -33.49
C LEU DB 463 14.13 75.71 -32.52
N THR DB 464 12.90 76.04 -32.92
CA THR DB 464 11.76 75.77 -32.04
C THR DB 464 11.57 74.27 -31.83
N LYS DB 465 11.66 73.48 -32.90
CA LYS DB 465 11.47 72.05 -32.70
C LYS DB 465 12.63 71.49 -31.88
N GLY DB 466 13.83 72.06 -32.02
CA GLY DB 466 14.95 71.60 -31.23
C GLY DB 466 14.77 71.87 -29.75
N MET DB 467 14.29 73.08 -29.42
CA MET DB 467 14.03 73.38 -28.01
C MET DB 467 12.90 72.49 -27.48
N THR DB 468 11.89 72.21 -28.31
CA THR DB 468 10.87 71.26 -27.88
C THR DB 468 11.50 69.90 -27.55
N LYS DB 469 12.41 69.43 -28.41
CA LYS DB 469 12.97 68.09 -28.23
C LYS DB 469 13.87 68.01 -27.01
N LEU DB 470 14.71 69.03 -26.81
CA LEU DB 470 15.52 69.09 -25.60
C LEU DB 470 14.67 69.15 -24.35
N LEU DB 471 13.61 69.96 -24.34
CA LEU DB 471 12.75 69.97 -23.16
C LEU DB 471 12.07 68.61 -23.00
N ASP DB 472 11.87 67.90 -24.10
CA ASP DB 472 11.34 66.54 -24.02
C ASP DB 472 12.29 65.65 -23.25
N ARG DB 473 13.58 65.71 -23.57
CA ARG DB 473 14.52 64.92 -22.78
C ARG DB 473 14.63 65.38 -21.33
N PHE DB 474 14.58 66.69 -21.04
CA PHE DB 474 14.65 67.01 -19.61
C PHE DB 474 13.40 66.54 -18.86
N VAL DB 475 12.23 66.62 -19.47
CA VAL DB 475 11.07 66.12 -18.76
C VAL DB 475 11.15 64.61 -18.62
N ALA DB 476 11.71 63.92 -19.61
CA ALA DB 476 11.93 62.49 -19.46
C ALA DB 476 12.85 62.21 -18.29
N SER DB 477 13.91 63.00 -18.14
CA SER DB 477 14.81 62.85 -17.01
C SER DB 477 14.11 63.14 -15.69
N GLY DB 478 13.20 64.10 -15.70
CA GLY DB 478 12.50 64.50 -14.49
C GLY DB 478 13.28 65.41 -13.56
N ALA DB 479 14.47 65.88 -13.97
CA ALA DB 479 15.29 66.69 -13.09
C ALA DB 479 14.63 68.03 -12.77
N LEU DB 480 13.98 68.63 -13.76
CA LEU DB 480 13.32 69.91 -13.57
C LEU DB 480 11.93 69.69 -13.03
N VAL DB 481 11.40 70.70 -12.32
CA VAL DB 481 10.09 70.59 -11.70
C VAL DB 481 9.26 71.80 -12.06
N ALA DB 482 7.94 71.65 -11.91
CA ALA DB 482 7.04 72.75 -12.16
C ALA DB 482 7.19 73.81 -11.07
N PRO DB 483 6.86 75.07 -11.37
CA PRO DB 483 6.92 76.11 -10.34
C PRO DB 483 5.99 75.79 -9.19
N ARG DB 484 6.44 76.11 -7.98
CA ARG DB 484 5.71 75.76 -6.78
C ARG DB 484 4.59 76.73 -6.44
N ASP DB 485 4.55 77.90 -7.09
CA ASP DB 485 3.50 78.88 -6.85
C ASP DB 485 2.74 79.10 -8.15
N PRO DB 486 1.54 78.53 -8.30
CA PRO DB 486 0.87 78.58 -9.60
C PRO DB 486 0.51 79.98 -10.05
N ASP DB 487 -0.09 80.79 -9.17
CA ASP DB 487 -0.57 82.10 -9.62
C ASP DB 487 0.58 83.06 -9.87
N ALA DB 488 1.59 83.06 -9.00
CA ALA DB 488 2.69 84.00 -9.10
C ALA DB 488 3.89 83.44 -9.84
N ASP DB 489 4.36 82.26 -9.48
CA ASP DB 489 5.49 81.64 -10.13
C ASP DB 489 5.10 80.90 -11.40
N GLY DB 490 3.81 80.82 -11.71
CA GLY DB 490 3.34 80.11 -12.88
C GLY DB 490 3.14 78.63 -12.59
N THR DB 491 2.67 77.93 -13.62
CA THR DB 491 2.41 76.50 -13.52
C THR DB 491 3.23 75.68 -14.51
N GLU DB 492 3.73 76.28 -15.58
CA GLU DB 492 4.52 75.55 -16.56
C GLU DB 492 5.98 75.64 -16.21
N PRO DB 493 6.66 74.53 -15.99
CA PRO DB 493 8.10 74.59 -15.65
C PRO DB 493 8.97 75.20 -16.73
N TYR DB 494 8.63 75.00 -18.00
CA TYR DB 494 9.52 75.38 -19.09
C TYR DB 494 8.94 76.58 -19.81
N VAL DB 495 9.71 77.66 -19.87
CA VAL DB 495 9.33 78.87 -20.58
C VAL DB 495 10.40 79.13 -21.62
N LEU DB 496 9.98 79.41 -22.86
CA LEU DB 496 10.89 79.52 -23.99
C LEU DB 496 10.51 80.72 -24.84
N LYS DB 497 11.52 81.37 -25.44
CA LYS DB 497 11.25 82.45 -26.37
C LYS DB 497 12.44 82.63 -27.30
N VAL DB 498 12.16 83.00 -28.54
CA VAL DB 498 13.18 83.29 -29.54
C VAL DB 498 12.75 84.48 -30.37
N THR DB 499 13.71 85.33 -30.73
CA THR DB 499 13.46 86.47 -31.60
C THR DB 499 14.74 86.79 -32.36
N GLN DB 500 14.65 87.78 -33.24
CA GLN DB 500 15.80 88.29 -33.96
C GLN DB 500 15.90 89.79 -33.75
N ALA DB 501 17.12 90.30 -33.60
CA ALA DB 501 17.30 91.72 -33.42
C ALA DB 501 17.48 92.46 -34.75
N GLU DB 502 18.37 91.95 -35.60
CA GLU DB 502 18.73 92.62 -36.84
C GLU DB 502 19.14 91.54 -37.84
N PHE DB 503 19.86 91.94 -38.89
CA PHE DB 503 20.36 90.99 -39.88
C PHE DB 503 21.04 89.78 -39.23
N ASP DB 504 21.52 89.92 -38.00
CA ASP DB 504 22.09 88.82 -37.23
C ASP DB 504 21.49 88.90 -35.83
N LYS DB 505 22.10 88.20 -34.87
CA LYS DB 505 21.70 88.23 -33.47
C LYS DB 505 20.25 87.74 -33.30
N TRP DB 506 20.10 86.44 -33.54
CA TRP DB 506 18.91 85.73 -33.10
C TRP DB 506 19.08 85.38 -31.62
N GLU DB 507 18.26 85.99 -30.78
CA GLU DB 507 18.31 85.78 -29.35
C GLU DB 507 17.30 84.73 -28.93
N VAL DB 508 17.64 83.98 -27.89
CA VAL DB 508 16.78 82.95 -27.34
C VAL DB 508 16.94 82.93 -25.83
N VAL DB 509 15.82 82.78 -25.14
CA VAL DB 509 15.79 82.75 -23.68
C VAL DB 509 14.93 81.59 -23.22
N TRP DB 510 15.25 81.09 -22.03
CA TRP DB 510 14.58 79.94 -21.45
C TRP DB 510 14.60 80.09 -19.93
N ALA DB 511 13.58 79.51 -19.30
CA ALA DB 511 13.41 79.58 -17.85
C ALA DB 511 12.87 78.24 -17.36
N CYS DB 512 13.46 77.74 -16.28
CA CYS DB 512 13.16 76.41 -15.76
C CYS DB 512 13.26 76.42 -14.24
N CYS DB 513 12.66 75.40 -13.62
CA CYS DB 513 12.64 75.25 -12.17
C CYS DB 513 13.19 73.88 -11.78
N PRO DB 514 14.32 73.81 -11.10
CA PRO DB 514 14.89 72.51 -10.74
C PRO DB 514 14.30 71.99 -9.43
N THR DB 515 14.61 70.73 -9.15
CA THR DB 515 14.09 70.05 -7.97
C THR DB 515 14.83 70.48 -6.71
N GLY DB 516 14.32 70.01 -5.58
CA GLY DB 516 14.91 70.32 -4.29
C GLY DB 516 16.05 69.38 -3.93
N VAL DB 517 16.62 69.64 -2.77
CA VAL DB 517 17.78 68.89 -2.30
C VAL DB 517 17.45 67.98 -1.11
N ALA DB 518 16.50 68.37 -0.27
CA ALA DB 518 16.21 67.66 0.97
C ALA DB 518 17.46 67.58 1.86
N ARG DB 519 17.91 68.75 2.30
CA ARG DB 519 19.11 68.84 3.11
C ARG DB 519 19.00 68.00 4.37
N ARG DB 520 17.88 68.10 5.08
CA ARG DB 520 17.78 67.51 6.40
C ARG DB 520 16.37 67.08 6.73
N ILE DB 521 16.29 65.96 7.44
CA ILE DB 521 15.08 65.50 8.11
C ILE DB 521 15.19 65.75 9.60
N GLN DB 522 14.11 66.25 10.18
CA GLN DB 522 13.98 66.38 11.63
C GLN DB 522 12.94 65.40 12.14
N GLY DB 523 13.20 64.84 13.31
CA GLY DB 523 12.30 63.92 13.94
C GLY DB 523 12.31 64.04 15.44
N VAL DB 524 11.12 64.10 16.05
CA VAL DB 524 11.04 64.18 17.50
C VAL DB 524 10.06 63.11 17.98
N PRO DB 525 10.51 62.22 18.86
CA PRO DB 525 9.61 61.21 19.41
C PRO DB 525 8.67 61.82 20.45
N LEU DB 526 7.58 61.10 20.69
CA LEU DB 526 6.65 61.45 21.74
C LEU DB 526 5.82 60.22 22.07
N LEU DB 527 5.17 60.25 23.24
CA LEU DB 527 4.43 59.11 23.75
C LEU DB 527 2.93 59.36 23.66
N ILE DB 528 2.20 58.36 23.17
CA ILE DB 528 0.75 58.45 23.13
C ILE DB 528 0.17 58.50 24.53
N LYS DB 529 0.80 57.80 25.47
CA LYS DB 529 0.36 57.70 26.88
C LYS DB 529 -0.90 56.83 26.96
N SER EB 2 34.11 64.03 16.83
CA SER EB 2 33.96 63.89 15.39
C SER EB 2 32.59 64.42 14.95
N GLN EB 3 32.46 64.72 13.66
CA GLN EB 3 31.20 65.23 13.14
C GLN EB 3 30.08 64.21 13.22
N TYR EB 4 30.42 62.95 13.48
CA TYR EB 4 29.41 61.89 13.55
C TYR EB 4 28.50 62.07 14.75
N SER EB 5 28.89 62.89 15.72
CA SER EB 5 28.00 63.24 16.81
C SER EB 5 26.80 64.03 16.28
N ILE EB 6 25.66 63.85 16.94
CA ILE EB 6 24.42 64.49 16.54
C ILE EB 6 24.05 65.55 17.56
N GLN EB 7 23.93 66.78 17.11
CA GLN EB 7 23.59 67.90 17.97
C GLN EB 7 22.09 68.03 18.12
N GLN EB 8 21.68 68.91 19.03
CA GLN EB 8 20.27 69.18 19.29
C GLN EB 8 19.77 70.44 18.61
N SER EB 9 20.56 71.51 18.61
CA SER EB 9 20.19 72.74 17.93
C SER EB 9 20.60 72.67 16.47
N LEU EB 10 19.67 72.96 15.58
CA LEU EB 10 19.88 72.84 14.15
C LEU EB 10 19.73 74.19 13.47
N GLY EB 11 20.50 74.39 12.40
CA GLY EB 11 20.43 75.63 11.67
C GLY EB 11 20.21 75.47 10.19
N ASN EB 12 21.09 76.07 9.40
CA ASN EB 12 20.97 76.12 7.95
C ASN EB 12 22.02 75.23 7.29
N ALA EB 13 23.04 74.84 8.05
CA ALA EB 13 24.14 74.07 7.50
C ALA EB 13 23.66 72.75 6.91
N SER EB 14 24.41 72.26 5.93
CA SER EB 14 24.04 71.06 5.17
C SER EB 14 24.38 69.83 6.01
N GLY EB 15 23.47 69.51 6.93
CA GLY EB 15 23.64 68.33 7.77
C GLY EB 15 22.30 67.87 8.29
N VAL EB 16 22.29 66.66 8.85
CA VAL EB 16 21.08 66.07 9.44
C VAL EB 16 21.37 65.73 10.89
N ALA EB 17 20.50 66.20 11.79
CA ALA EB 17 20.62 65.91 13.21
C ALA EB 17 19.21 65.80 13.79
N VAL EB 18 19.11 65.84 15.12
CA VAL EB 18 17.86 65.63 15.80
C VAL EB 18 17.59 66.81 16.72
N SER EB 19 16.33 67.01 17.04
CA SER EB 19 15.90 68.00 18.01
C SER EB 19 15.75 67.34 19.39
N PRO EB 20 15.83 68.13 20.46
CA PRO EB 20 15.67 67.55 21.80
C PRO EB 20 14.32 66.90 21.98
N ILE EB 21 14.29 65.87 22.83
CA ILE EB 21 13.07 65.12 23.05
C ILE EB 21 11.99 65.99 23.67
N ASN EB 22 10.75 65.78 23.23
CA ASN EB 22 9.57 66.36 23.85
C ASN EB 22 8.58 65.26 24.17
N ALA EB 23 7.91 65.40 25.31
CA ALA EB 23 6.89 64.45 25.72
C ALA EB 23 5.52 65.08 25.93
N ASP EB 24 5.46 66.39 26.16
CA ASP EB 24 4.19 67.08 26.39
C ASP EB 24 3.73 67.73 25.09
N ALA EB 25 3.34 66.86 24.15
CA ALA EB 25 2.88 67.30 22.85
C ALA EB 25 1.78 66.35 22.37
N THR EB 26 0.95 66.85 21.46
CA THR EB 26 -0.14 66.08 20.88
C THR EB 26 -0.06 66.14 19.37
N LEU EB 27 -0.67 65.17 18.72
CA LEU EB 27 -0.66 65.11 17.26
C LEU EB 27 -1.87 64.31 16.79
N SER EB 28 -2.34 64.64 15.59
CA SER EB 28 -3.50 63.97 15.01
C SER EB 28 -3.42 64.12 13.50
N THR EB 29 -3.50 62.99 12.80
CA THR EB 29 -3.39 62.96 11.35
C THR EB 29 -4.76 62.78 10.71
N GLY EB 30 -4.89 63.26 9.48
CA GLY EB 30 -6.12 63.14 8.74
C GLY EB 30 -6.21 64.18 7.66
N VAL EB 31 -7.06 63.89 6.67
CA VAL EB 31 -7.30 64.78 5.54
C VAL EB 31 -8.76 65.21 5.58
N ALA EB 32 -8.99 66.51 5.62
CA ALA EB 32 -10.35 67.04 5.68
C ALA EB 32 -11.10 66.76 4.38
N LEU EB 33 -12.30 66.22 4.51
CA LEU EB 33 -13.09 65.90 3.32
C LEU EB 33 -13.85 67.11 2.80
N ASN EB 34 -14.29 67.99 3.70
CA ASN EB 34 -14.90 69.26 3.33
C ASN EB 34 -16.17 69.07 2.50
N SER EB 35 -16.85 67.94 2.72
CA SER EB 35 -18.17 67.77 2.12
C SER EB 35 -19.13 68.83 2.64
N SER EB 36 -19.08 69.12 3.93
CA SER EB 36 -19.84 70.19 4.54
C SER EB 36 -18.88 71.06 5.33
N LEU EB 37 -19.10 72.37 5.28
CA LEU EB 37 -18.21 73.32 5.93
C LEU EB 37 -18.96 74.08 7.01
N TRP EB 38 -18.28 74.28 8.12
CA TRP EB 38 -18.84 74.92 9.30
C TRP EB 38 -17.93 76.05 9.76
N ALA EB 39 -18.51 76.97 10.53
CA ALA EB 39 -17.76 78.06 11.13
C ALA EB 39 -18.54 78.57 12.34
N GLY EB 40 -17.85 79.36 13.15
CA GLY EB 40 -18.48 79.93 14.32
C GLY EB 40 -17.50 80.73 15.15
N ILE EB 41 -18.00 81.24 16.26
CA ILE EB 41 -17.20 82.02 17.18
C ILE EB 41 -16.54 81.09 18.19
N GLY EB 42 -15.44 81.55 18.77
CA GLY EB 42 -14.78 80.76 19.80
C GLY EB 42 -13.65 81.54 20.44
N VAL EB 43 -13.20 81.03 21.58
CA VAL EB 43 -12.06 81.57 22.29
C VAL EB 43 -10.99 80.50 22.34
N PHE EB 44 -9.80 80.84 21.89
CA PHE EB 44 -8.73 79.85 21.80
C PHE EB 44 -7.41 80.54 22.07
N ALA EB 45 -6.44 79.73 22.51
CA ALA EB 45 -5.07 80.22 22.57
C ALA EB 45 -4.55 80.45 21.16
N ARG EB 46 -3.76 81.51 21.00
CA ARG EB 46 -3.24 81.88 19.68
C ARG EB 46 -4.39 82.21 18.73
N GLY EB 47 -4.06 82.44 17.46
CA GLY EB 47 -5.08 82.76 16.49
C GLY EB 47 -5.46 84.23 16.51
N LYS EB 48 -5.59 84.82 15.34
CA LYS EB 48 -5.95 86.23 15.27
C LYS EB 48 -7.42 86.39 15.66
N PRO EB 49 -7.73 87.14 16.71
CA PRO EB 49 -9.12 87.31 17.11
C PRO EB 49 -9.88 88.22 16.15
N PHE EB 50 -11.21 88.08 16.18
CA PHE EB 50 -12.10 88.89 15.37
C PHE EB 50 -11.73 88.82 13.89
N THR EB 51 -11.39 87.62 13.43
CA THR EB 51 -11.03 87.40 12.05
C THR EB 51 -11.31 85.95 11.70
N VAL EB 52 -11.96 85.72 10.56
CA VAL EB 52 -12.20 84.36 10.12
C VAL EB 52 -10.86 83.67 9.86
N LEU EB 53 -10.77 82.42 10.29
CA LEU EB 53 -9.54 81.65 10.16
C LEU EB 53 -9.91 80.25 9.72
N ALA EB 54 -9.41 79.85 8.55
CA ALA EB 54 -9.63 78.52 8.02
C ALA EB 54 -8.66 77.54 8.67
N VAL EB 55 -9.21 76.58 9.41
CA VAL EB 55 -8.44 75.62 10.17
C VAL EB 55 -8.82 74.22 9.73
N THR EB 56 -7.82 73.39 9.48
CA THR EB 56 -8.02 72.02 9.03
C THR EB 56 -7.46 71.04 10.06
N GLU EB 57 -7.51 69.76 9.71
CA GLU EB 57 -7.00 68.73 10.61
C GLU EB 57 -5.48 68.80 10.75
N SER EB 58 -4.79 69.35 9.77
CA SER EB 58 -3.33 69.37 9.82
C SER EB 58 -2.80 70.43 10.76
N ASN EB 59 -3.47 71.58 10.84
CA ASN EB 59 -2.91 72.75 11.48
C ASN EB 59 -3.64 73.17 12.76
N TYR EB 60 -4.85 72.66 12.99
CA TYR EB 60 -5.62 73.12 14.13
C TYR EB 60 -4.89 72.86 15.45
N GLU EB 61 -3.97 71.90 15.47
CA GLU EB 61 -3.34 71.50 16.73
C GLU EB 61 -2.62 72.68 17.37
N ASP EB 62 -1.90 73.46 16.57
CA ASP EB 62 -1.19 74.63 17.08
C ASP EB 62 -1.89 75.93 16.77
N VAL EB 63 -2.55 76.04 15.61
CA VAL EB 63 -3.21 77.30 15.31
C VAL EB 63 -4.36 77.54 16.28
N LEU EB 64 -4.99 76.47 16.78
CA LEU EB 64 -5.95 76.62 17.87
C LEU EB 64 -5.26 76.66 19.23
N GLY EB 65 -3.97 76.33 19.29
CA GLY EB 65 -3.24 76.39 20.55
C GLY EB 65 -3.60 75.24 21.48
N GLU EB 66 -3.05 75.32 22.66
CA GLU EB 66 -3.31 74.32 23.68
C GLU EB 66 -4.75 74.45 24.18
N PRO EB 67 -5.54 73.37 24.16
CA PRO EB 67 -6.89 73.43 24.72
C PRO EB 67 -6.87 73.90 26.17
N LEU EB 68 -7.83 74.78 26.50
CA LEU EB 68 -7.85 75.42 27.80
C LEU EB 68 -8.42 74.50 28.87
N LYS EB 69 -8.06 74.80 30.11
CA LYS EB 69 -8.53 74.02 31.25
C LYS EB 69 -10.03 74.20 31.41
N PRO EB 70 -10.80 73.11 31.48
CA PRO EB 70 -12.26 73.27 31.66
C PRO EB 70 -12.64 73.95 32.95
N SER EB 71 -11.84 73.79 34.01
CA SER EB 71 -12.15 74.43 35.28
C SER EB 71 -12.17 75.95 35.15
N SER EB 72 -11.42 76.48 34.20
CA SER EB 72 -11.39 77.91 33.96
C SER EB 72 -12.70 78.34 33.31
N GLY EB 73 -13.71 78.65 34.12
CA GLY EB 73 -14.99 79.04 33.57
C GLY EB 73 -15.61 77.91 32.76
N SER EB 74 -16.26 78.28 31.67
CA SER EB 74 -16.90 77.34 30.76
C SER EB 74 -16.30 77.43 29.37
N GLN EB 75 -14.98 77.63 29.31
CA GLN EB 75 -14.30 77.85 28.04
C GLN EB 75 -13.83 76.57 27.38
N PHE EB 76 -14.12 75.41 27.96
CA PHE EB 76 -13.82 74.15 27.33
C PHE EB 76 -14.85 73.77 26.27
N GLU EB 77 -16.01 74.44 26.27
CA GLU EB 77 -17.03 74.15 25.27
C GLU EB 77 -16.51 74.30 23.85
N PRO EB 78 -15.92 75.43 23.45
CA PRO EB 78 -15.51 75.55 22.04
C PRO EB 78 -14.41 74.59 21.67
N ILE EB 79 -13.43 74.39 22.55
CA ILE EB 79 -12.31 73.51 22.23
C ILE EB 79 -12.81 72.08 22.07
N ARG EB 80 -13.69 71.63 22.97
CA ARG EB 80 -14.27 70.30 22.82
C ARG EB 80 -15.03 70.18 21.52
N HIS EB 81 -15.83 71.19 21.19
CA HIS EB 81 -16.65 71.11 19.98
C HIS EB 81 -15.78 71.07 18.74
N VAL EB 82 -14.74 71.89 18.68
CA VAL EB 82 -13.92 71.92 17.47
C VAL EB 82 -13.12 70.63 17.34
N TYR EB 83 -12.64 70.09 18.47
CA TYR EB 83 -11.93 68.83 18.39
C TYR EB 83 -12.86 67.73 17.89
N GLU EB 84 -14.12 67.77 18.31
CA GLU EB 84 -15.10 66.82 17.80
C GLU EB 84 -15.31 66.99 16.30
N ALA EB 85 -15.43 68.24 15.85
CA ALA EB 85 -15.78 68.48 14.46
C ALA EB 85 -14.62 68.28 13.50
N ILE EB 86 -13.39 68.33 14.00
CA ILE EB 86 -12.25 68.28 13.09
C ILE EB 86 -12.09 66.91 12.44
N GLN EB 87 -12.55 65.84 13.11
CA GLN EB 87 -12.36 64.52 12.54
C GLN EB 87 -13.20 64.27 11.31
N GLN EB 88 -13.87 65.27 10.80
CA GLN EB 88 -14.77 65.11 9.67
C GLN EB 88 -14.53 66.13 8.57
N THR EB 89 -14.25 67.38 8.94
CA THR EB 89 -14.05 68.44 7.96
C THR EB 89 -13.29 69.57 8.63
N SER EB 90 -13.12 70.66 7.89
CA SER EB 90 -12.44 71.84 8.38
C SER EB 90 -13.45 72.87 8.83
N GLY EB 91 -12.95 73.96 9.40
CA GLY EB 91 -13.80 75.03 9.88
C GLY EB 91 -13.19 76.39 9.56
N TYR EB 92 -13.98 77.42 9.81
CA TYR EB 92 -13.63 78.79 9.48
C TYR EB 92 -13.80 79.66 10.73
N VAL EB 93 -13.20 79.21 11.83
CA VAL EB 93 -13.56 79.74 13.14
C VAL EB 93 -13.20 81.21 13.25
N VAL EB 94 -13.99 81.95 14.03
CA VAL EB 94 -13.69 83.34 14.36
C VAL EB 94 -13.46 83.41 15.86
N ARG EB 95 -12.33 84.01 16.25
CA ARG EB 95 -11.97 84.12 17.65
C ARG EB 95 -12.38 85.48 18.20
N ALA EB 96 -13.02 85.47 19.36
CA ALA EB 96 -13.49 86.68 20.02
C ALA EB 96 -12.89 86.77 21.41
N VAL EB 97 -12.37 87.95 21.75
CA VAL EB 97 -11.78 88.17 23.07
C VAL EB 97 -12.33 89.48 23.63
N PRO EB 98 -12.46 89.62 24.94
CA PRO EB 98 -12.91 90.88 25.52
C PRO EB 98 -11.79 91.92 25.48
N ASP EB 99 -12.08 93.10 26.01
CA ASP EB 99 -11.11 94.18 26.04
C ASP EB 99 -9.91 93.86 26.91
N ASP EB 100 -10.06 92.91 27.84
CA ASP EB 100 -8.95 92.53 28.72
C ASP EB 100 -7.79 91.93 27.96
N ALA EB 101 -8.02 91.41 26.76
CA ALA EB 101 -6.94 90.82 25.98
C ALA EB 101 -5.99 91.91 25.51
N LYS EB 102 -4.70 91.68 25.74
CA LYS EB 102 -3.65 92.62 25.36
C LYS EB 102 -2.52 91.87 24.68
N PHE EB 103 -1.99 92.47 23.63
CA PHE EB 103 -0.86 91.92 22.91
C PHE EB 103 0.41 92.72 23.18
N PRO EB 104 1.58 92.07 23.14
CA PRO EB 104 2.84 92.78 23.37
C PRO EB 104 3.31 93.52 22.13
N ILE EB 105 4.08 94.57 22.38
CA ILE EB 105 4.68 95.41 21.34
C ILE EB 105 6.12 95.71 21.74
N ILE EB 106 7.02 95.59 20.79
CA ILE EB 106 8.44 95.79 21.03
C ILE EB 106 8.90 96.96 20.17
N MET EB 107 9.28 98.06 20.82
CA MET EB 107 9.70 99.27 20.12
C MET EB 107 11.21 99.29 20.00
N PHE EB 108 11.71 99.84 18.89
CA PHE EB 108 13.13 99.87 18.59
C PHE EB 108 13.53 101.29 18.25
N ASP EB 109 14.49 101.82 19.00
CA ASP EB 109 14.91 103.20 18.82
C ASP EB 109 15.76 103.33 17.55
N GLU EB 110 16.22 104.55 17.30
CA GLU EB 110 16.99 104.82 16.09
C GLU EB 110 18.31 104.06 16.09
N SER EB 111 18.90 103.86 17.26
CA SER EB 111 20.13 103.10 17.40
C SER EB 111 19.92 101.66 17.82
N GLY EB 112 18.66 101.21 17.90
CA GLY EB 112 18.36 99.81 18.14
C GLY EB 112 18.01 99.44 19.56
N GLU EB 113 17.88 100.40 20.46
CA GLU EB 113 17.52 100.09 21.83
C GLU EB 113 16.08 99.58 21.89
N PRO EB 114 15.82 98.50 22.63
CA PRO EB 114 14.47 97.94 22.69
C PRO EB 114 13.66 98.47 23.87
N ALA EB 115 12.34 98.37 23.72
CA ALA EB 115 11.41 98.75 24.77
C ALA EB 115 10.18 97.86 24.67
N TYR EB 116 9.59 97.55 25.82
CA TYR EB 116 8.45 96.65 25.90
C TYR EB 116 7.17 97.42 26.17
N SER EB 117 6.06 96.90 25.66
CA SER EB 117 4.74 97.44 25.99
C SER EB 117 3.69 96.37 25.74
N ALA EB 118 2.49 96.64 26.21
CA ALA EB 118 1.34 95.81 25.90
C ALA EB 118 0.14 96.72 25.65
N LEU EB 119 -0.65 96.39 24.64
CA LEU EB 119 -1.81 97.20 24.31
C LEU EB 119 -2.99 96.30 23.98
N PRO EB 120 -4.21 96.75 24.29
CA PRO EB 120 -5.39 95.95 23.99
C PRO EB 120 -5.60 95.80 22.49
N TYR EB 121 -6.22 94.69 22.12
CA TYR EB 121 -6.47 94.41 20.71
C TYR EB 121 -7.47 95.41 20.14
N GLY EB 122 -7.37 95.63 18.83
CA GLY EB 122 -8.17 96.62 18.16
C GLY EB 122 -7.55 98.00 18.17
N SER EB 123 -6.79 98.33 19.21
CA SER EB 123 -6.10 99.61 19.29
C SER EB 123 -4.86 99.60 18.42
N GLU EB 124 -4.62 100.71 17.73
CA GLU EB 124 -3.47 100.84 16.85
C GLU EB 124 -2.42 101.75 17.47
N ILE EB 125 -1.17 101.33 17.39
CA ILE EB 125 -0.06 102.06 17.97
C ILE EB 125 0.65 102.85 16.87
N GLU EB 126 1.20 104.00 17.25
CA GLU EB 126 1.93 104.87 16.34
C GLU EB 126 3.32 105.14 16.90
N LEU EB 127 4.16 105.75 16.06
CA LEU EB 127 5.55 106.03 16.40
C LEU EB 127 5.72 107.52 16.70
N ASP EB 128 6.37 107.82 17.83
CA ASP EB 128 6.63 109.19 18.22
C ASP EB 128 7.85 109.71 17.47
N SER EB 129 8.38 110.86 17.91
CA SER EB 129 9.54 111.43 17.26
C SER EB 129 10.75 110.50 17.33
N GLY EB 130 10.97 109.90 18.50
CA GLY EB 130 11.98 108.88 18.67
C GLY EB 130 11.45 107.51 18.34
N GLU EB 131 12.17 106.49 18.79
CA GLU EB 131 11.73 105.10 18.68
C GLU EB 131 11.45 104.74 17.22
N ALA EB 132 12.54 104.72 16.44
CA ALA EB 132 12.52 104.64 14.99
C ALA EB 132 11.43 103.74 14.42
N PHE EB 133 11.24 102.55 14.99
CA PHE EB 133 10.19 101.67 14.52
C PHE EB 133 9.75 100.77 15.66
N ALA EB 134 8.89 99.80 15.32
CA ALA EB 134 8.41 98.86 16.32
C ALA EB 134 7.83 97.66 15.61
N ILE EB 135 7.65 96.58 16.39
CA ILE EB 135 7.05 95.34 15.92
C ILE EB 135 6.04 94.89 16.96
N TYR EB 136 5.16 93.98 16.55
CA TYR EB 136 4.15 93.46 17.46
C TYR EB 136 3.60 92.17 16.89
N VAL EB 137 3.11 91.32 17.80
CA VAL EB 137 2.41 90.10 17.43
C VAL EB 137 0.95 90.25 17.82
N ASP EB 138 0.05 89.93 16.90
CA ASP EB 138 -1.38 89.93 17.16
C ASP EB 138 -1.97 88.54 16.95
N ASP EB 139 -1.14 87.51 17.00
CA ASP EB 139 -1.56 86.13 16.77
C ASP EB 139 -2.40 85.57 17.92
N GLY EB 140 -2.65 86.33 18.98
CA GLY EB 140 -3.43 85.86 20.09
C GLY EB 140 -2.68 85.05 21.11
N ASP EB 141 -1.39 84.80 20.89
CA ASP EB 141 -0.59 84.04 21.85
C ASP EB 141 -0.13 84.95 22.99
N PRO EB 142 -0.38 84.59 24.24
CA PRO EB 142 0.13 85.41 25.36
C PRO EB 142 1.64 85.48 25.42
N CYS EB 143 2.35 84.53 24.80
CA CYS EB 143 3.82 84.52 24.78
C CYS EB 143 4.39 84.46 26.20
N ILE EB 144 3.70 83.76 27.08
CA ILE EB 144 4.11 83.67 28.47
C ILE EB 144 4.38 82.21 28.83
N SER EB 145 3.74 81.30 28.12
CA SER EB 145 3.84 79.89 28.44
C SER EB 145 3.44 79.06 27.23
N PRO EB 146 4.39 78.74 26.34
CA PRO EB 146 5.80 79.14 26.37
C PRO EB 146 5.98 80.58 25.92
N THR EB 147 7.18 81.13 26.11
CA THR EB 147 7.48 82.51 25.73
C THR EB 147 8.16 82.54 24.36
N ARG EB 148 8.07 83.70 23.72
CA ARG EB 148 8.59 83.88 22.36
C ARG EB 148 9.70 84.92 22.38
N GLU EB 149 10.85 84.57 21.81
CA GLU EB 149 12.02 85.42 21.83
C GLU EB 149 12.54 85.63 20.41
N LEU EB 150 13.30 86.71 20.24
CA LEU EB 150 13.91 87.04 18.96
C LEU EB 150 15.39 87.28 19.17
N THR EB 151 16.18 86.94 18.15
CA THR EB 151 17.61 87.17 18.15
C THR EB 151 17.98 87.92 16.88
N ILE EB 152 18.80 88.96 17.03
CA ILE EB 152 19.22 89.80 15.91
C ILE EB 152 20.74 89.73 15.80
N GLU EB 153 21.22 89.49 14.58
CA GLU EB 153 22.66 89.46 14.34
C GLU EB 153 22.95 90.06 12.97
N THR EB 154 23.70 91.16 12.95
CA THR EB 154 24.05 91.78 11.69
C THR EB 154 24.93 90.86 10.85
N ALA EB 155 24.76 90.92 9.54
CA ALA EB 155 25.48 90.05 8.62
C ALA EB 155 26.00 90.91 7.46
N THR EB 156 26.49 90.25 6.42
CA THR EB 156 27.07 90.97 5.28
C THR EB 156 25.97 91.67 4.48
N ALA EB 157 26.39 92.69 3.73
CA ALA EB 157 25.48 93.46 2.91
C ALA EB 157 25.29 92.79 1.56
N ASP EB 158 24.41 93.39 0.76
CA ASP EB 158 24.15 92.90 -0.59
C ASP EB 158 25.08 93.59 -1.57
N SER EB 159 24.83 93.39 -2.87
CA SER EB 159 25.63 94.07 -3.89
C SER EB 159 25.49 95.58 -3.79
N ALA EB 160 24.27 96.06 -3.52
CA ALA EB 160 24.05 97.48 -3.31
C ALA EB 160 24.70 97.98 -2.02
N GLY EB 161 25.18 97.08 -1.18
CA GLY EB 161 25.77 97.48 0.09
C GLY EB 161 24.78 97.73 1.19
N ASN EB 162 23.52 97.34 1.01
CA ASN EB 162 22.49 97.61 2.01
C ASN EB 162 22.77 96.80 3.26
N GLU EB 163 22.82 97.47 4.41
CA GLU EB 163 23.08 96.79 5.67
C GLU EB 163 21.99 95.75 5.93
N ARG EB 164 22.42 94.55 6.31
CA ARG EB 164 21.51 93.44 6.51
C ARG EB 164 21.78 92.80 7.86
N PHE EB 165 20.73 92.23 8.44
CA PHE EB 165 20.88 91.44 9.65
C PHE EB 165 19.92 90.27 9.60
N LEU EB 166 20.32 89.18 10.21
CA LEU EB 166 19.48 88.00 10.37
C LEU EB 166 18.68 88.11 11.65
N LEU EB 167 17.41 87.71 11.57
CA LEU EB 167 16.51 87.61 12.69
C LEU EB 167 16.11 86.16 12.87
N LYS EB 168 16.13 85.70 14.13
CA LYS EB 168 15.83 84.31 14.45
C LYS EB 168 14.74 84.29 15.51
N LEU EB 169 13.62 83.67 15.18
CA LEU EB 169 12.51 83.53 16.10
C LEU EB 169 12.63 82.22 16.86
N THR EB 170 12.32 82.25 18.15
CA THR EB 170 12.41 81.03 18.95
C THR EB 170 11.31 80.99 19.99
N GLN EB 171 10.94 79.76 20.35
CA GLN EB 171 9.95 79.49 21.38
C GLN EB 171 10.66 78.76 22.52
N THR EB 172 10.53 79.30 23.74
CA THR EB 172 11.19 78.74 24.91
C THR EB 172 10.15 78.36 25.94
N THR EB 173 10.21 77.12 26.42
CA THR EB 173 9.29 76.62 27.42
C THR EB 173 9.81 76.92 28.82
N SER EB 174 8.91 76.82 29.81
CA SER EB 174 9.31 77.03 31.20
C SER EB 174 10.30 75.97 31.65
N LEU EB 175 10.16 74.74 31.15
CA LEU EB 175 11.12 73.69 31.51
C LEU EB 175 12.52 74.04 31.04
N GLY EB 176 12.63 74.64 29.86
CA GLY EB 176 13.92 75.04 29.35
C GLY EB 176 14.12 74.59 27.92
N VAL EB 177 13.15 73.85 27.38
CA VAL EB 177 13.22 73.41 26.00
C VAL EB 177 13.06 74.62 25.09
N VAL EB 178 14.01 74.79 24.18
CA VAL EB 178 14.04 75.92 23.27
C VAL EB 178 14.04 75.39 21.85
N THR EB 179 13.09 75.87 21.04
CA THR EB 179 12.99 75.51 19.64
C THR EB 179 13.03 76.78 18.80
N THR EB 180 13.32 76.62 17.51
CA THR EB 180 13.38 77.73 16.59
C THR EB 180 12.21 77.69 15.63
N LEU EB 181 11.68 78.86 15.31
CA LEU EB 181 10.61 79.00 14.35
C LEU EB 181 11.17 79.20 12.95
N GLU EB 182 11.95 80.26 12.75
CA GLU EB 182 12.57 80.54 11.46
C GLU EB 182 13.64 81.59 11.64
N THR EB 183 14.56 81.63 10.66
CA THR EB 183 15.56 82.68 10.55
C THR EB 183 15.44 83.33 9.18
N HIS EB 184 15.63 84.63 9.12
CA HIS EB 184 15.55 85.33 7.84
C HIS EB 184 16.39 86.59 7.90
N THR EB 185 17.03 86.91 6.78
CA THR EB 185 17.88 88.08 6.66
C THR EB 185 17.10 89.22 6.03
N VAL EB 186 17.08 90.37 6.70
CA VAL EB 186 16.36 91.54 6.22
C VAL EB 186 17.27 92.75 6.32
N SER EB 187 16.96 93.76 5.51
CA SER EB 187 17.75 94.97 5.42
C SER EB 187 16.89 96.19 5.68
N LEU EB 188 17.50 97.20 6.29
CA LEU EB 188 16.80 98.43 6.63
C LEU EB 188 16.53 99.30 5.42
N ALA EB 189 17.29 99.12 4.34
CA ALA EB 189 17.14 99.98 3.17
C ALA EB 189 15.74 99.88 2.59
N GLU EB 190 15.23 101.01 2.12
CA GLU EB 190 13.87 101.05 1.61
C GLU EB 190 13.71 100.14 0.40
N GLU EB 191 14.69 100.15 -0.49
CA GLU EB 191 14.62 99.39 -1.73
C GLU EB 191 15.62 98.25 -1.78
N ALA EB 192 16.00 97.72 -0.62
CA ALA EB 192 16.89 96.58 -0.58
C ALA EB 192 16.15 95.33 -1.07
N LYS EB 193 16.76 94.61 -2.00
CA LYS EB 193 16.18 93.40 -2.56
C LYS EB 193 17.25 92.32 -2.65
N ASP EB 194 16.85 91.09 -2.32
CA ASP EB 194 17.77 89.97 -2.37
C ASP EB 194 17.96 89.49 -3.81
N ASP EB 195 19.02 88.70 -4.01
CA ASP EB 195 19.27 88.10 -5.31
C ASP EB 195 18.19 87.11 -5.72
N MET EB 196 17.34 86.70 -4.78
CA MET EB 196 16.16 85.92 -5.11
C MET EB 196 15.06 86.75 -5.74
N GLY EB 197 15.28 88.05 -5.87
CA GLY EB 197 14.22 88.95 -6.29
C GLY EB 197 13.32 89.39 -5.17
N ARG EB 198 13.53 88.88 -3.96
CA ARG EB 198 12.69 89.22 -2.83
C ARG EB 198 13.26 90.46 -2.13
N LEU EB 199 12.38 91.42 -1.86
CA LEU EB 199 12.80 92.66 -1.24
C LEU EB 199 13.31 92.38 0.16
N CYS EB 200 14.45 92.99 0.50
CA CYS EB 200 15.04 92.85 1.82
C CYS EB 200 14.52 93.90 2.80
N TYR EB 201 13.61 94.77 2.37
CA TYR EB 201 13.05 95.76 3.26
C TYR EB 201 12.33 95.08 4.43
N LEU EB 202 12.47 95.68 5.61
CA LEU EB 202 11.96 95.06 6.83
C LEU EB 202 10.48 94.73 6.75
N PRO EB 203 9.57 95.71 6.57
CA PRO EB 203 8.13 95.36 6.58
C PRO EB 203 7.76 94.51 5.38
N THR EB 204 8.27 94.89 4.23
CA THR EB 204 7.96 94.15 3.01
C THR EB 204 8.22 92.67 3.21
N ALA EB 205 9.42 92.33 3.69
CA ALA EB 205 9.72 90.94 3.98
C ALA EB 205 8.84 90.39 5.09
N LEU EB 206 8.59 91.19 6.13
CA LEU EB 206 7.93 90.68 7.33
C LEU EB 206 6.52 90.21 7.02
N GLU EB 207 5.71 91.06 6.42
CA GLU EB 207 4.37 90.64 6.02
C GLU EB 207 4.30 90.18 4.56
N ALA EB 208 5.44 89.84 3.96
CA ALA EB 208 5.43 89.03 2.75
C ALA EB 208 5.67 87.56 3.03
N ARG EB 209 6.59 87.23 3.93
CA ARG EB 209 6.94 85.85 4.23
C ARG EB 209 6.60 85.45 5.65
N SER EB 210 7.07 86.20 6.65
CA SER EB 210 6.79 85.85 8.03
C SER EB 210 5.31 85.96 8.33
N LYS EB 211 4.78 84.96 9.03
CA LYS EB 211 3.35 84.90 9.32
C LYS EB 211 3.07 85.10 10.80
N TYR EB 212 3.96 85.77 11.52
CA TYR EB 212 3.85 85.88 12.96
C TYR EB 212 3.90 87.31 13.47
N LEU EB 213 4.76 88.15 12.89
CA LEU EB 213 5.00 89.48 13.41
C LEU EB 213 4.62 90.52 12.36
N ARG EB 214 4.20 91.68 12.83
CA ARG EB 214 3.88 92.82 11.98
C ARG EB 214 4.50 94.06 12.59
N ALA EB 215 5.15 94.87 11.75
CA ALA EB 215 5.96 95.98 12.23
C ALA EB 215 5.55 97.27 11.53
N VAL EB 216 5.82 98.37 12.21
CA VAL EB 216 5.64 99.71 11.64
C VAL EB 216 6.97 100.44 11.72
N VAL EB 217 7.33 101.11 10.64
CA VAL EB 217 8.64 101.75 10.51
C VAL EB 217 8.43 103.20 10.09
N ASN EB 218 9.10 104.11 10.79
CA ASN EB 218 9.08 105.52 10.41
C ASN EB 218 9.80 105.69 9.07
N GLU EB 219 9.05 106.11 8.05
CA GLU EB 219 9.62 106.31 6.72
C GLU EB 219 10.66 107.41 6.71
N GLU EB 220 10.65 108.29 7.70
CA GLU EB 220 11.62 109.36 7.80
C GLU EB 220 12.83 108.98 8.64
N LEU EB 221 12.66 108.09 9.61
CA LEU EB 221 13.75 107.66 10.47
C LEU EB 221 14.42 106.39 9.97
N ILE EB 222 13.88 105.76 8.93
CA ILE EB 222 14.44 104.50 8.44
C ILE EB 222 15.83 104.71 7.87
N SER EB 223 16.07 105.85 7.22
CA SER EB 223 17.39 106.13 6.68
C SER EB 223 18.43 106.21 7.78
N THR EB 224 18.10 106.89 8.87
CA THR EB 224 19.01 107.03 10.00
C THR EB 224 18.84 105.93 11.04
N ALA EB 225 17.97 104.96 10.81
CA ALA EB 225 17.76 103.90 11.77
C ALA EB 225 18.99 102.99 11.84
N LYS EB 226 19.29 102.54 13.04
CA LYS EB 226 20.39 101.61 13.28
C LYS EB 226 19.92 100.49 14.19
N VAL EB 227 20.56 99.34 14.05
CA VAL EB 227 20.21 98.15 14.79
C VAL EB 227 21.42 97.68 15.59
N THR EB 228 21.14 96.92 16.64
CA THR EB 228 22.19 96.38 17.50
C THR EB 228 21.98 94.89 17.68
N ASN EB 229 23.07 94.19 17.99
CA ASN EB 229 23.03 92.75 18.18
C ASN EB 229 22.37 92.45 19.51
N LYS EB 230 21.13 91.98 19.47
CA LYS EB 230 20.38 91.64 20.66
C LYS EB 230 19.85 90.22 20.53
N LYS EB 231 19.72 89.55 21.67
CA LYS EB 231 19.33 88.16 21.71
C LYS EB 231 18.16 87.97 22.67
N SER EB 232 17.32 86.99 22.37
CA SER EB 232 16.21 86.59 23.24
C SER EB 232 15.28 87.77 23.52
N LEU EB 233 14.67 88.28 22.46
CA LEU EB 233 13.72 89.37 22.59
C LEU EB 233 12.38 88.79 23.02
N ALA EB 234 12.27 88.51 24.32
CA ALA EB 234 11.09 87.89 24.88
C ALA EB 234 9.94 88.90 24.95
N PHE EB 235 8.77 88.49 24.46
CA PHE EB 235 7.58 89.32 24.57
C PHE EB 235 7.05 89.30 26.00
N THR EB 236 6.57 90.46 26.45
CA THR EB 236 5.97 90.57 27.77
C THR EB 236 4.72 91.43 27.67
N GLY EB 237 3.78 91.18 28.58
CA GLY EB 237 2.51 91.87 28.59
C GLY EB 237 1.41 91.21 27.79
N GLY EB 238 1.69 90.12 27.09
CA GLY EB 238 0.67 89.40 26.36
C GLY EB 238 -0.27 88.64 27.26
N THR EB 239 -1.52 89.09 27.35
CA THR EB 239 -2.52 88.50 28.23
C THR EB 239 -3.79 88.22 27.45
N ASN EB 240 -4.46 87.13 27.80
CA ASN EB 240 -5.74 86.81 27.20
C ASN EB 240 -6.91 87.46 27.93
N GLY EB 241 -6.80 87.62 29.25
CA GLY EB 241 -7.87 88.20 30.02
C GLY EB 241 -8.98 87.21 30.35
N ASP EB 242 -10.00 87.72 31.02
CA ASP EB 242 -11.15 86.90 31.42
C ASP EB 242 -11.99 86.60 30.19
N GLN EB 243 -11.90 85.36 29.71
CA GLN EB 243 -12.66 84.95 28.55
C GLN EB 243 -14.03 84.39 28.91
N SER EB 244 -14.34 84.29 30.21
CA SER EB 244 -15.64 83.76 30.61
C SER EB 244 -16.77 84.63 30.12
N LYS EB 245 -16.63 85.95 30.23
CA LYS EB 245 -17.63 86.90 29.77
C LYS EB 245 -17.16 87.55 28.48
N ILE EB 246 -18.00 87.53 27.47
CA ILE EB 246 -17.73 88.17 26.18
C ILE EB 246 -18.88 89.10 25.86
N SER EB 247 -18.57 90.31 25.42
CA SER EB 247 -19.59 91.33 25.20
C SER EB 247 -20.52 90.92 24.06
N THR EB 248 -21.79 91.32 24.21
CA THR EB 248 -22.73 91.18 23.10
C THR EB 248 -22.27 91.96 21.89
N ALA EB 249 -21.55 93.06 22.11
CA ALA EB 249 -20.99 93.81 20.98
C ALA EB 249 -19.98 92.97 20.22
N ALA EB 250 -19.08 92.29 20.93
CA ALA EB 250 -18.14 91.40 20.27
C ALA EB 250 -18.87 90.26 19.58
N TYR EB 251 -19.91 89.73 20.22
CA TYR EB 251 -20.71 88.67 19.60
C TYR EB 251 -21.28 89.12 18.27
N LEU EB 252 -21.95 90.27 18.26
CA LEU EB 252 -22.58 90.75 17.03
C LEU EB 252 -21.53 91.13 15.99
N ARG EB 253 -20.39 91.65 16.43
CA ARG EB 253 -19.32 91.98 15.51
C ARG EB 253 -18.83 90.73 14.80
N ALA EB 254 -18.60 89.65 15.57
CA ALA EB 254 -18.18 88.39 14.97
C ALA EB 254 -19.27 87.84 14.07
N VAL EB 255 -20.54 88.02 14.46
CA VAL EB 255 -21.65 87.55 13.64
C VAL EB 255 -21.62 88.24 12.28
N LYS EB 256 -21.45 89.56 12.29
CA LYS EB 256 -21.38 90.30 11.04
C LYS EB 256 -20.17 89.87 10.22
N VAL EB 257 -19.05 89.62 10.90
CA VAL EB 257 -17.83 89.20 10.19
C VAL EB 257 -18.07 87.88 9.48
N LEU EB 258 -18.60 86.90 10.19
CA LEU EB 258 -18.82 85.59 9.58
C LEU EB 258 -19.90 85.65 8.52
N ASN EB 259 -20.89 86.53 8.69
CA ASN EB 259 -21.87 86.76 7.63
C ASN EB 259 -21.20 87.28 6.39
N ASN EB 260 -20.27 88.23 6.55
CA ASN EB 260 -19.63 88.85 5.41
C ASN EB 260 -18.46 88.02 4.87
N ALA EB 261 -18.13 86.92 5.53
CA ALA EB 261 -17.05 86.06 5.03
C ALA EB 261 -17.43 85.50 3.67
N PRO EB 262 -16.58 85.67 2.65
CA PRO EB 262 -16.89 85.19 1.30
C PRO EB 262 -16.63 83.69 1.12
N TYR EB 263 -17.02 82.89 2.09
CA TYR EB 263 -16.63 81.50 2.14
C TYR EB 263 -17.88 80.61 2.11
N MET EB 264 -17.69 79.37 1.69
CA MET EB 264 -18.77 78.40 1.64
C MET EB 264 -18.88 77.71 2.99
N TYR EB 265 -20.01 77.91 3.67
CA TYR EB 265 -20.31 77.22 4.91
C TYR EB 265 -21.72 76.65 4.82
N THR EB 266 -21.94 75.51 5.47
CA THR EB 266 -23.16 74.74 5.31
C THR EB 266 -24.06 74.71 6.53
N ALA EB 267 -23.55 75.01 7.72
CA ALA EB 267 -24.38 75.00 8.91
C ALA EB 267 -23.68 75.82 10.00
N VAL EB 268 -24.45 76.18 11.02
CA VAL EB 268 -23.96 76.99 12.13
C VAL EB 268 -24.16 76.21 13.42
N LEU EB 269 -23.21 76.37 14.35
CA LEU EB 269 -23.15 75.56 15.56
C LEU EB 269 -23.31 76.44 16.78
N GLY EB 270 -23.92 75.87 17.83
CA GLY EB 270 -24.08 76.59 19.08
C GLY EB 270 -22.75 76.94 19.71
N LEU EB 271 -21.84 75.97 19.78
CA LEU EB 271 -20.47 76.18 20.23
C LEU EB 271 -20.40 76.78 21.63
N GLY EB 272 -21.41 76.47 22.46
CA GLY EB 272 -21.41 76.92 23.84
C GLY EB 272 -21.88 78.33 24.07
N CYS EB 273 -22.24 79.07 23.03
CA CYS EB 273 -22.75 80.43 23.20
C CYS EB 273 -24.25 80.36 23.47
N TYR EB 274 -24.70 81.04 24.52
CA TYR EB 274 -26.10 81.00 24.92
C TYR EB 274 -26.71 82.39 25.01
N ASP EB 275 -25.98 83.43 24.62
CA ASP EB 275 -26.54 84.77 24.62
C ASP EB 275 -27.75 84.83 23.71
N ASN EB 276 -28.85 85.37 24.21
CA ASN EB 276 -30.08 85.43 23.42
C ASN EB 276 -29.87 86.28 22.17
N ALA EB 277 -29.25 87.44 22.32
CA ALA EB 277 -29.02 88.30 21.16
C ALA EB 277 -28.11 87.60 20.15
N ALA EB 278 -27.04 86.96 20.63
CA ALA EB 278 -26.11 86.29 19.72
C ALA EB 278 -26.80 85.14 18.99
N ILE EB 279 -27.56 84.33 19.71
CA ILE EB 279 -28.20 83.18 19.07
C ILE EB 279 -29.28 83.65 18.10
N THR EB 280 -29.99 84.74 18.42
CA THR EB 280 -30.96 85.27 17.49
C THR EB 280 -30.29 85.79 16.23
N ALA EB 281 -29.16 86.48 16.39
CA ALA EB 281 -28.41 86.94 15.22
C ALA EB 281 -27.97 85.76 14.38
N LEU EB 282 -27.52 84.69 15.04
CA LEU EB 282 -27.10 83.49 14.32
C LEU EB 282 -28.27 82.87 13.57
N GLY EB 283 -29.44 82.84 14.20
CA GLY EB 283 -30.62 82.33 13.53
C GLY EB 283 -30.98 83.15 12.30
N LYS EB 284 -30.92 84.47 12.43
CA LYS EB 284 -31.19 85.33 11.29
C LYS EB 284 -30.20 85.07 10.16
N ILE EB 285 -28.91 84.97 10.52
CA ILE EB 285 -27.88 84.79 9.51
C ILE EB 285 -28.05 83.45 8.81
N CYS EB 286 -28.31 82.38 9.56
CA CYS EB 286 -28.43 81.08 8.93
C CYS EB 286 -29.71 80.98 8.11
N ALA EB 287 -30.78 81.65 8.54
CA ALA EB 287 -31.98 81.72 7.71
C ALA EB 287 -31.67 82.42 6.39
N ASP EB 288 -30.92 83.51 6.45
CA ASP EB 288 -30.49 84.17 5.23
C ASP EB 288 -29.66 83.25 4.36
N ARG EB 289 -28.76 82.49 4.97
CA ARG EB 289 -27.87 81.61 4.23
C ARG EB 289 -28.58 80.35 3.74
N LEU EB 290 -29.81 80.10 4.21
CA LEU EB 290 -30.55 78.89 3.86
C LEU EB 290 -29.78 77.64 4.29
N ILE EB 291 -29.18 77.71 5.47
CA ILE EB 291 -28.41 76.59 6.00
C ILE EB 291 -29.07 76.10 7.28
N ASP EB 292 -28.48 75.09 7.91
CA ASP EB 292 -29.02 74.52 9.14
C ASP EB 292 -28.32 75.12 10.35
N GLY EB 293 -29.03 75.09 11.47
CA GLY EB 293 -28.48 75.56 12.74
C GLY EB 293 -28.63 74.51 13.81
N PHE EB 294 -27.63 74.44 14.69
CA PHE EB 294 -27.61 73.38 15.70
C PHE EB 294 -27.64 73.95 17.10
N PHE EB 295 -28.56 74.87 17.36
CA PHE EB 295 -28.55 75.61 18.60
C PHE EB 295 -28.85 74.67 19.77
N ASP EB 296 -28.33 75.02 20.94
CA ASP EB 296 -28.44 74.17 22.11
C ASP EB 296 -28.77 75.00 23.34
N VAL EB 297 -29.40 74.35 24.32
CA VAL EB 297 -29.64 74.96 25.61
C VAL EB 297 -28.60 74.42 26.58
N LYS EB 298 -28.31 75.19 27.61
CA LYS EB 298 -27.20 74.83 28.47
C LYS EB 298 -27.61 73.64 29.32
N PRO EB 299 -26.81 72.57 29.35
CA PRO EB 299 -27.33 71.26 29.80
C PRO EB 299 -27.86 71.23 31.23
N THR EB 300 -27.34 72.05 32.14
CA THR EB 300 -27.71 71.88 33.54
C THR EB 300 -29.19 72.13 33.79
N LEU EB 301 -29.89 72.78 32.86
CA LEU EB 301 -31.29 73.09 33.07
C LEU EB 301 -32.11 71.81 32.97
N THR EB 302 -32.91 71.54 34.00
CA THR EB 302 -33.62 70.27 34.04
C THR EB 302 -34.76 70.28 33.02
N TYR EB 303 -35.35 69.10 32.84
CA TYR EB 303 -36.35 68.92 31.80
C TYR EB 303 -37.57 69.81 32.03
N ALA EB 304 -37.90 70.09 33.28
CA ALA EB 304 -39.10 70.86 33.57
C ALA EB 304 -39.05 72.24 32.93
N GLU EB 305 -37.93 72.94 33.12
CA GLU EB 305 -37.75 74.26 32.55
C GLU EB 305 -37.09 74.21 31.19
N ALA EB 306 -36.70 73.03 30.72
CA ALA EB 306 -36.07 72.91 29.41
C ALA EB 306 -37.04 73.34 28.31
N LEU EB 307 -38.29 72.93 28.41
CA LEU EB 307 -39.27 73.28 27.37
C LEU EB 307 -39.48 74.79 27.27
N PRO EB 308 -39.71 75.54 28.35
CA PRO EB 308 -39.83 77.00 28.21
C PRO EB 308 -38.58 77.66 27.69
N ALA EB 309 -37.42 77.01 27.82
CA ALA EB 309 -36.18 77.61 27.36
C ALA EB 309 -36.19 77.85 25.86
N VAL EB 310 -36.89 77.00 25.10
CA VAL EB 310 -36.97 77.20 23.66
C VAL EB 310 -37.66 78.53 23.35
N GLU EB 311 -38.78 78.78 24.01
CA GLU EB 311 -39.48 80.05 23.83
C GLU EB 311 -38.64 81.21 24.35
N ASP EB 312 -37.93 80.99 25.46
CA ASP EB 312 -37.07 82.03 26.00
C ASP EB 312 -36.01 82.45 24.99
N THR EB 313 -35.42 81.47 24.31
CA THR EB 313 -34.52 81.76 23.21
C THR EB 313 -35.25 82.48 22.08
N GLY EB 314 -36.46 82.03 21.77
CA GLY EB 314 -37.26 82.66 20.75
C GLY EB 314 -36.88 82.34 19.33
N LEU EB 315 -35.97 81.39 19.12
CA LEU EB 315 -35.57 81.05 17.76
C LEU EB 315 -36.65 80.31 17.00
N LEU EB 316 -37.69 79.84 17.68
CA LEU EB 316 -38.80 79.20 17.00
C LEU EB 316 -39.53 80.20 16.13
N GLY EB 317 -40.02 79.73 14.98
CA GLY EB 317 -40.74 80.59 14.07
C GLY EB 317 -40.99 79.88 12.76
N THR EB 318 -41.62 80.61 11.85
CA THR EB 318 -41.89 80.09 10.52
C THR EB 318 -40.70 80.26 9.56
N ASP EB 319 -39.70 81.03 9.95
CA ASP EB 319 -38.50 81.22 9.13
C ASP EB 319 -37.34 80.35 9.61
N TYR EB 320 -37.05 80.37 10.92
CA TYR EB 320 -35.99 79.56 11.48
C TYR EB 320 -36.49 78.14 11.70
N VAL EB 321 -37.06 77.55 10.65
CA VAL EB 321 -37.54 76.18 10.74
C VAL EB 321 -36.43 75.17 10.52
N SER EB 322 -35.37 75.55 9.81
CA SER EB 322 -34.30 74.61 9.51
C SER EB 322 -33.49 74.27 10.76
N CYS EB 323 -33.30 75.24 11.65
CA CYS EB 323 -32.47 75.02 12.81
C CYS EB 323 -33.14 74.08 13.81
N SER EB 324 -32.33 73.55 14.72
CA SER EB 324 -32.76 72.58 15.70
C SER EB 324 -32.22 72.96 17.08
N VAL EB 325 -32.92 72.49 18.11
CA VAL EB 325 -32.60 72.79 19.50
C VAL EB 325 -32.13 71.51 20.18
N TYR EB 326 -31.06 71.62 20.95
CA TYR EB 326 -30.38 70.46 21.50
C TYR EB 326 -30.28 70.60 23.02
N HIS EB 327 -30.23 69.46 23.70
CA HIS EB 327 -29.95 69.43 25.12
C HIS EB 327 -29.31 68.10 25.47
N TYR EB 328 -28.32 68.15 26.36
CA TYR EB 328 -27.55 66.97 26.75
C TYR EB 328 -27.55 66.84 28.26
N PRO EB 329 -28.57 66.25 28.82
CA PRO EB 329 -28.67 66.07 30.27
C PRO EB 329 -27.80 64.91 30.78
N PHE EB 330 -26.51 64.95 30.45
CA PHE EB 330 -25.61 63.87 30.83
C PHE EB 330 -24.24 64.47 31.12
N SER EB 331 -23.43 63.69 31.84
CA SER EB 331 -22.07 64.08 32.17
C SER EB 331 -21.12 62.97 31.75
N CYS EB 332 -20.03 63.35 31.08
CA CYS EB 332 -19.10 62.40 30.49
C CYS EB 332 -17.69 62.65 31.05
N LYS EB 333 -16.72 61.90 30.53
CA LYS EB 333 -15.34 61.98 30.99
C LYS EB 333 -14.48 62.70 29.96
N ASP EB 334 -13.59 63.55 30.45
CA ASP EB 334 -12.72 64.33 29.56
C ASP EB 334 -11.69 63.44 28.88
N LYS EB 335 -11.43 63.74 27.61
CA LYS EB 335 -10.38 63.02 26.90
C LYS EB 335 -9.01 63.44 27.38
N TRP EB 336 -8.83 64.70 27.74
CA TRP EB 336 -7.53 65.22 28.14
C TRP EB 336 -7.40 65.33 29.66
N THR EB 337 -8.35 65.99 30.31
CA THR EB 337 -8.28 66.23 31.74
C THR EB 337 -8.93 65.12 32.55
N GLN EB 338 -9.44 64.08 31.89
CA GLN EB 338 -10.13 62.96 32.53
C GLN EB 338 -10.95 63.41 33.75
N SER EB 339 -11.75 64.44 33.53
CA SER EB 339 -12.62 65.01 34.55
C SER EB 339 -14.07 64.83 34.12
N ARG EB 340 -14.95 64.75 35.11
CA ARG EB 340 -16.39 64.63 34.82
C ARG EB 340 -16.90 65.99 34.38
N VAL EB 341 -17.18 66.11 33.08
CA VAL EB 341 -17.54 67.38 32.48
C VAL EB 341 -18.86 67.24 31.73
N VAL EB 342 -19.52 68.37 31.54
CA VAL EB 342 -20.82 68.45 30.89
C VAL EB 342 -20.73 69.48 29.78
N PHE EB 343 -21.22 69.12 28.59
CA PHE EB 343 -21.23 70.05 27.48
C PHE EB 343 -22.30 69.60 26.49
N GLY EB 344 -22.37 70.31 25.37
CA GLY EB 344 -23.44 70.13 24.41
C GLY EB 344 -23.22 68.97 23.46
N LEU EB 345 -24.06 68.91 22.43
CA LEU EB 345 -24.03 67.86 21.43
C LEU EB 345 -24.17 68.38 20.01
N SER EB 346 -24.05 69.70 19.82
CA SER EB 346 -24.11 70.25 18.47
C SER EB 346 -22.95 69.74 17.62
N GLY EB 347 -21.77 69.63 18.21
CA GLY EB 347 -20.61 69.15 17.45
C GLY EB 347 -20.78 67.73 16.98
N VAL EB 348 -21.24 66.84 17.87
CA VAL EB 348 -21.44 65.46 17.47
C VAL EB 348 -22.59 65.34 16.49
N ALA EB 349 -23.61 66.20 16.63
CA ALA EB 349 -24.70 66.21 15.66
C ALA EB 349 -24.18 66.60 14.27
N TYR EB 350 -23.31 67.61 14.22
CA TYR EB 350 -22.71 67.99 12.95
C TYR EB 350 -21.83 66.88 12.40
N ALA EB 351 -21.14 66.16 13.28
CA ALA EB 351 -20.35 65.01 12.83
C ALA EB 351 -21.25 63.94 12.21
N ALA EB 352 -22.40 63.69 12.84
CA ALA EB 352 -23.34 62.73 12.28
C ALA EB 352 -23.84 63.19 10.92
N LYS EB 353 -24.15 64.48 10.79
CA LYS EB 353 -24.54 65.01 9.50
C LYS EB 353 -23.43 64.84 8.48
N ALA EB 354 -22.19 65.09 8.89
CA ALA EB 354 -21.06 64.97 7.98
C ALA EB 354 -20.92 63.54 7.48
N ARG EB 355 -20.96 62.56 8.39
CA ARG EB 355 -20.83 61.18 7.95
C ARG EB 355 -22.02 60.76 7.09
N GLY EB 356 -23.22 61.18 7.46
CA GLY EB 356 -24.39 60.83 6.66
C GLY EB 356 -24.39 61.45 5.28
N VAL EB 357 -23.70 62.59 5.12
CA VAL EB 357 -23.63 63.20 3.80
C VAL EB 357 -22.43 62.70 3.00
N LYS EB 358 -21.37 62.23 3.65
CA LYS EB 358 -20.26 61.71 2.86
C LYS EB 358 -20.45 60.26 2.47
N LYS EB 359 -21.26 59.50 3.22
CA LYS EB 359 -21.54 58.13 2.78
C LYS EB 359 -22.27 58.13 1.45
N ASN EB 360 -22.98 59.21 1.13
CA ASN EB 360 -23.59 59.37 -0.19
C ASN EB 360 -22.65 60.21 -1.05
N SER EB 361 -22.32 59.70 -2.23
CA SER EB 361 -21.29 60.30 -3.07
C SER EB 361 -21.84 61.15 -4.21
N ASP EB 362 -22.87 60.66 -4.90
CA ASP EB 362 -23.36 61.35 -6.09
C ASP EB 362 -23.95 62.72 -5.71
N VAL EB 363 -24.61 62.81 -4.56
CA VAL EB 363 -25.11 64.08 -4.06
C VAL EB 363 -24.82 64.31 -2.57
N GLY EB 364 -24.71 63.29 -1.75
CA GLY EB 364 -24.70 63.55 -0.32
C GLY EB 364 -26.04 63.23 0.29
N GLY EB 365 -26.01 62.76 1.53
CA GLY EB 365 -27.21 62.26 2.18
C GLY EB 365 -28.06 63.30 2.88
N TRP EB 366 -28.76 64.16 2.14
CA TRP EB 366 -29.68 65.06 2.84
C TRP EB 366 -30.90 64.34 3.37
N HIS EB 367 -31.26 63.20 2.80
CA HIS EB 367 -32.47 62.48 3.18
C HIS EB 367 -32.26 61.52 4.34
N TYR EB 368 -31.03 61.40 4.84
CA TYR EB 368 -30.79 60.55 5.98
C TYR EB 368 -31.15 61.27 7.28
N SER EB 369 -31.09 60.53 8.39
CA SER EB 369 -31.39 61.03 9.71
C SER EB 369 -30.24 60.70 10.65
N PRO EB 370 -30.04 61.50 11.70
CA PRO EB 370 -28.94 61.28 12.64
C PRO EB 370 -29.18 60.13 13.60
N ALA EB 371 -29.60 58.98 13.06
CA ALA EB 371 -29.94 57.84 13.88
C ALA EB 371 -29.48 56.57 13.17
N GLY EB 372 -29.34 55.51 13.95
CA GLY EB 372 -28.91 54.22 13.43
C GLY EB 372 -27.75 53.63 14.19
N GLU EB 373 -27.86 52.35 14.54
CA GLU EB 373 -26.83 51.69 15.32
C GLU EB 373 -25.49 51.70 14.58
N GLU EB 374 -25.51 51.40 13.29
CA GLU EB 374 -24.28 51.31 12.51
C GLU EB 374 -23.76 52.67 12.07
N ARG EB 375 -24.57 53.72 12.18
CA ARG EB 375 -24.20 55.01 11.62
C ARG EB 375 -24.15 56.12 12.65
N ALA EB 376 -25.06 56.12 13.62
CA ALA EB 376 -25.09 57.13 14.68
C ALA EB 376 -24.40 56.57 15.91
N VAL EB 377 -23.17 57.01 16.15
CA VAL EB 377 -22.40 56.60 17.32
C VAL EB 377 -21.73 57.83 17.91
N ILE EB 378 -21.91 58.06 19.21
CA ILE EB 378 -21.20 59.14 19.87
C ILE EB 378 -20.15 58.57 20.81
N ALA EB 379 -20.61 57.84 21.84
CA ALA EB 379 -19.73 57.14 22.77
C ALA EB 379 -18.57 57.99 23.23
N ARG EB 380 -18.84 59.09 23.93
CA ARG EB 380 -17.78 60.04 24.23
C ARG EB 380 -16.79 59.48 25.23
N ALA EB 381 -17.23 59.33 26.49
CA ALA EB 381 -16.46 58.67 27.53
C ALA EB 381 -17.28 58.54 28.79
N SER EB 382 -17.25 57.36 29.41
CA SER EB 382 -17.84 57.13 30.74
C SER EB 382 -19.14 57.90 30.92
N ILE EB 383 -20.07 57.66 30.00
CA ILE EB 383 -21.29 58.44 29.95
C ILE EB 383 -22.13 58.14 31.18
N GLN EB 384 -22.51 59.19 31.90
CA GLN EB 384 -23.35 59.01 33.07
C GLN EB 384 -24.33 60.17 33.16
N PRO EB 385 -25.47 59.97 33.81
CA PRO EB 385 -26.56 60.97 33.73
C PRO EB 385 -26.24 62.21 34.55
N LEU EB 386 -27.07 63.23 34.35
CA LEU EB 386 -26.93 64.48 35.10
C LEU EB 386 -27.78 64.48 36.36
N TYR EB 387 -29.09 64.33 36.21
CA TYR EB 387 -30.01 64.44 37.35
C TYR EB 387 -30.75 63.12 37.55
N PRO EB 388 -30.40 62.34 38.57
CA PRO EB 388 -31.16 61.10 38.84
C PRO EB 388 -32.60 61.35 39.18
N GLU EB 389 -32.97 62.57 39.58
CA GLU EB 389 -34.33 62.90 39.95
C GLU EB 389 -35.16 63.38 38.78
N ASP EB 390 -34.54 64.00 37.77
CA ASP EB 390 -35.29 64.57 36.67
C ASP EB 390 -35.81 63.47 35.76
N THR EB 391 -37.09 63.56 35.39
CA THR EB 391 -37.70 62.62 34.48
C THR EB 391 -38.31 63.38 33.32
N PRO EB 392 -37.99 63.03 32.08
CA PRO EB 392 -38.56 63.71 30.92
C PRO EB 392 -39.91 63.12 30.51
N ASP EB 393 -40.56 63.80 29.57
CA ASP EB 393 -41.83 63.38 29.02
C ASP EB 393 -41.75 63.43 27.51
N GLU EB 394 -41.97 62.27 26.87
CA GLU EB 394 -41.87 62.21 25.42
C GLU EB 394 -42.91 63.10 24.75
N GLU EB 395 -44.15 63.08 25.25
CA GLU EB 395 -45.18 63.93 24.67
C GLU EB 395 -44.84 65.41 24.84
N ALA EB 396 -44.38 65.79 26.03
CA ALA EB 396 -44.04 67.18 26.27
C ALA EB 396 -42.92 67.63 25.36
N MET EB 397 -41.87 66.81 25.22
CA MET EB 397 -40.74 67.22 24.39
C MET EB 397 -41.11 67.26 22.91
N VAL EB 398 -41.95 66.32 22.45
CA VAL EB 398 -42.34 66.38 21.05
C VAL EB 398 -43.23 67.58 20.79
N LYS EB 399 -44.09 67.94 21.74
CA LYS EB 399 -44.87 69.17 21.60
C LYS EB 399 -43.94 70.38 21.56
N GLY EB 400 -42.92 70.39 22.41
CA GLY EB 400 -41.97 71.47 22.45
C GLY EB 400 -40.87 71.41 21.43
N ARG EB 401 -40.94 70.46 20.50
CA ARG EB 401 -39.97 70.33 19.42
C ARG EB 401 -38.56 70.04 19.95
N LEU EB 402 -38.46 69.35 21.08
CA LEU EB 402 -37.18 69.06 21.69
C LEU EB 402 -36.63 67.73 21.18
N ASN EB 403 -35.30 67.63 21.17
CA ASN EB 403 -34.60 66.47 20.66
C ASN EB 403 -34.07 65.64 21.82
N LYS EB 404 -34.43 64.37 21.83
CA LYS EB 404 -33.95 63.43 22.83
C LYS EB 404 -32.74 62.67 22.29
N VAL EB 405 -31.99 62.07 23.20
CA VAL EB 405 -30.82 61.29 22.85
C VAL EB 405 -30.82 60.02 23.69
N SER EB 406 -30.61 58.86 23.04
CA SER EB 406 -30.69 57.57 23.73
C SER EB 406 -29.41 56.78 23.55
N VAL EB 407 -29.41 55.53 23.99
CA VAL EB 407 -28.22 54.70 24.01
C VAL EB 407 -28.43 53.49 23.11
N GLY EB 408 -27.33 52.94 22.61
CA GLY EB 408 -27.36 51.76 21.77
C GLY EB 408 -26.91 50.50 22.49
N THR EB 409 -26.86 49.41 21.72
CA THR EB 409 -26.55 48.10 22.30
C THR EB 409 -25.14 48.07 22.87
N SER EB 410 -24.16 48.62 22.15
CA SER EB 410 -22.78 48.57 22.57
C SER EB 410 -22.40 49.67 23.54
N GLY EB 411 -23.39 50.34 24.14
CA GLY EB 411 -23.12 51.43 25.05
C GLY EB 411 -22.85 52.75 24.39
N GLN EB 412 -22.71 52.79 23.06
CA GLN EB 412 -22.52 54.05 22.35
C GLN EB 412 -23.80 54.88 22.45
N MET EB 413 -23.72 56.13 22.01
CA MET EB 413 -24.77 57.09 22.31
C MET EB 413 -25.33 57.54 20.98
N ILE EB 414 -26.65 57.58 20.84
CA ILE EB 414 -27.29 57.84 19.55
C ILE EB 414 -28.32 58.94 19.70
N ILE EB 415 -28.66 59.55 18.58
CA ILE EB 415 -29.62 60.64 18.52
C ILE EB 415 -30.91 60.09 17.92
N ASP EB 416 -31.93 59.94 18.76
CA ASP EB 416 -33.22 59.40 18.33
C ASP EB 416 -34.22 60.51 18.04
N ASP EB 417 -33.91 61.32 17.02
CA ASP EB 417 -34.82 62.37 16.59
C ASP EB 417 -34.64 62.67 15.10
N ALA EB 418 -35.70 63.19 14.50
CA ALA EB 418 -35.70 63.74 13.16
C ALA EB 418 -36.54 65.01 13.10
N LEU EB 419 -36.58 65.75 14.21
CA LEU EB 419 -37.51 66.86 14.40
C LEU EB 419 -36.76 68.16 14.58
N THR EB 420 -37.25 69.22 13.94
CA THR EB 420 -36.71 70.54 14.10
C THR EB 420 -37.60 71.36 15.03
N CYS EB 421 -37.26 72.63 15.20
CA CYS EB 421 -38.04 73.54 16.02
C CYS EB 421 -39.10 74.30 15.22
N CYS EB 422 -39.56 73.71 14.12
CA CYS EB 422 -40.57 74.37 13.30
C CYS EB 422 -41.88 74.45 14.05
N THR EB 423 -42.39 75.67 14.23
CA THR EB 423 -43.67 75.84 14.90
C THR EB 423 -44.80 75.25 14.10
N GLN EB 424 -44.74 75.38 12.77
CA GLN EB 424 -45.80 74.85 11.93
C GLN EB 424 -45.81 73.33 11.97
N ASP EB 425 -47.00 72.77 11.95
CA ASP EB 425 -47.18 71.32 11.94
C ASP EB 425 -46.93 70.70 10.56
N ASN EB 426 -46.37 71.47 9.64
CA ASN EB 426 -46.06 70.96 8.31
C ASN EB 426 -44.84 70.03 8.38
N TYR EB 427 -44.47 69.49 7.22
CA TYR EB 427 -43.32 68.60 7.15
C TYR EB 427 -42.00 69.32 7.39
N LEU EB 428 -42.03 70.65 7.43
CA LEU EB 428 -40.84 71.42 7.77
C LEU EB 428 -40.31 71.07 9.14
N HIS EB 429 -41.15 70.51 10.01
CA HIS EB 429 -40.71 70.03 11.31
C HIS EB 429 -39.63 68.96 11.18
N PHE EB 430 -39.60 68.24 10.06
CA PHE EB 430 -38.55 67.29 9.81
C PHE EB 430 -37.23 68.01 9.55
N GLN EB 431 -36.16 67.22 9.45
CA GLN EB 431 -34.82 67.75 9.23
C GLN EB 431 -34.26 67.42 7.86
N HIS EB 432 -34.70 66.32 7.26
CA HIS EB 432 -34.24 65.95 5.93
C HIS EB 432 -34.95 66.75 4.85
N VAL EB 433 -36.23 67.07 5.09
CA VAL EB 433 -36.98 67.86 4.12
C VAL EB 433 -36.39 69.26 3.98
N PRO EB 434 -36.12 70.00 5.06
CA PRO EB 434 -35.44 71.28 4.89
C PRO EB 434 -34.12 71.16 4.15
N SER EB 435 -33.38 70.09 4.44
CA SER EB 435 -32.12 69.84 3.74
C SER EB 435 -32.36 69.68 2.25
N LEU EB 436 -33.41 68.95 1.87
CA LEU EB 436 -33.60 68.71 0.44
C LEU EB 436 -34.04 69.97 -0.28
N MET EB 437 -34.96 70.77 0.28
CA MET EB 437 -35.30 71.91 -0.56
C MET EB 437 -34.20 72.96 -0.52
N ASN EB 438 -33.40 73.02 0.56
CA ASN EB 438 -32.21 73.86 0.51
C ASN EB 438 -31.28 73.43 -0.61
N ALA EB 439 -30.98 72.13 -0.70
CA ALA EB 439 -30.11 71.65 -1.76
C ALA EB 439 -30.66 72.02 -3.12
N ILE EB 440 -31.94 71.72 -3.37
CA ILE EB 440 -32.48 71.97 -4.70
C ILE EB 440 -32.46 73.46 -5.00
N SER EB 441 -32.74 74.29 -4.00
CA SER EB 441 -32.66 75.73 -4.17
C SER EB 441 -31.27 76.16 -4.60
N ARG EB 442 -30.24 75.61 -3.95
CA ARG EB 442 -28.87 75.95 -4.35
C ARG EB 442 -28.56 75.49 -5.76
N PHE EB 443 -29.07 74.32 -6.19
CA PHE EB 443 -28.83 73.93 -7.56
C PHE EB 443 -29.50 74.89 -8.53
N PHE EB 444 -30.75 75.26 -8.27
CA PHE EB 444 -31.39 76.23 -9.15
C PHE EB 444 -30.61 77.54 -9.17
N VAL EB 445 -30.14 78.00 -8.01
CA VAL EB 445 -29.43 79.26 -7.95
C VAL EB 445 -28.16 79.19 -8.79
N GLN EB 446 -27.36 78.13 -8.60
CA GLN EB 446 -26.12 78.05 -9.35
C GLN EB 446 -26.37 77.92 -10.85
N LEU EB 447 -27.38 77.15 -11.25
CA LEU EB 447 -27.62 76.97 -12.68
C LEU EB 447 -28.12 78.27 -13.31
N ALA EB 448 -29.06 78.95 -12.65
CA ALA EB 448 -29.57 80.20 -13.20
C ALA EB 448 -28.48 81.24 -13.25
N ARG EB 449 -27.60 81.28 -12.24
CA ARG EB 449 -26.56 82.29 -12.18
C ARG EB 449 -25.44 82.03 -13.19
N GLN EB 450 -25.11 80.77 -13.44
CA GLN EB 450 -24.20 80.49 -14.54
C GLN EB 450 -24.89 80.70 -15.89
N MET EB 451 -26.22 80.73 -15.89
CA MET EB 451 -26.96 80.97 -17.11
C MET EB 451 -27.19 82.46 -17.39
N LYS EB 452 -27.01 83.31 -16.38
CA LYS EB 452 -27.35 84.73 -16.48
C LYS EB 452 -26.52 85.43 -17.55
N HIS EB 453 -26.94 86.66 -17.87
CA HIS EB 453 -26.24 87.53 -18.79
C HIS EB 453 -26.11 86.91 -20.18
N SER EB 454 -27.20 86.29 -20.65
CA SER EB 454 -27.21 85.66 -21.96
C SER EB 454 -28.56 85.92 -22.62
N PRO EB 455 -28.59 86.29 -23.89
CA PRO EB 455 -29.87 86.55 -24.56
C PRO EB 455 -30.68 85.28 -24.71
N ASP EB 456 -31.99 85.45 -24.71
CA ASP EB 456 -32.90 84.31 -24.77
C ASP EB 456 -32.87 83.67 -26.15
N GLY EB 457 -33.65 82.60 -26.29
CA GLY EB 457 -33.72 81.85 -27.54
C GLY EB 457 -33.10 80.49 -27.37
N ILE EB 458 -31.97 80.45 -26.66
CA ILE EB 458 -31.33 79.20 -26.31
C ILE EB 458 -31.26 79.01 -24.80
N THR EB 459 -31.36 80.09 -24.02
CA THR EB 459 -31.32 79.98 -22.57
C THR EB 459 -32.46 79.13 -22.03
N ALA EB 460 -33.64 79.20 -22.67
CA ALA EB 460 -34.76 78.40 -22.21
C ALA EB 460 -34.47 76.91 -22.37
N ALA EB 461 -33.92 76.53 -23.52
CA ALA EB 461 -33.53 75.13 -23.72
C ALA EB 461 -32.44 74.73 -22.74
N GLY EB 462 -31.47 75.63 -22.51
CA GLY EB 462 -30.40 75.30 -21.58
C GLY EB 462 -30.91 75.04 -20.18
N LEU EB 463 -31.82 75.89 -19.70
CA LEU EB 463 -32.39 75.70 -18.37
C LEU EB 463 -33.28 74.46 -18.31
N THR EB 464 -33.99 74.15 -19.39
CA THR EB 464 -34.78 72.93 -19.39
C THR EB 464 -33.89 71.69 -19.30
N LYS EB 465 -32.80 71.67 -20.06
CA LYS EB 465 -31.90 70.53 -19.93
C LYS EB 465 -31.23 70.49 -18.57
N GLY EB 466 -30.97 71.66 -17.96
CA GLY EB 466 -30.43 71.66 -16.62
C GLY EB 466 -31.38 71.05 -15.61
N MET EB 467 -32.66 71.42 -15.68
CA MET EB 467 -33.63 70.84 -14.76
C MET EB 467 -33.81 69.34 -15.03
N THR EB 468 -33.78 68.93 -16.30
CA THR EB 468 -33.80 67.50 -16.58
C THR EB 468 -32.63 66.79 -15.90
N LYS EB 469 -31.43 67.36 -16.01
CA LYS EB 469 -30.24 66.68 -15.49
C LYS EB 469 -30.26 66.62 -13.97
N LEU EB 470 -30.63 67.72 -13.32
CA LEU EB 470 -30.77 67.69 -11.86
C LEU EB 470 -31.82 66.69 -11.41
N LEU EB 471 -32.97 66.64 -12.08
CA LEU EB 471 -33.94 65.62 -11.69
C LEU EB 471 -33.40 64.23 -11.94
N ASP EB 472 -32.50 64.10 -12.93
CA ASP EB 472 -31.83 62.83 -13.17
C ASP EB 472 -31.02 62.43 -11.95
N ARG EB 473 -30.24 63.36 -11.41
CA ARG EB 473 -29.51 63.00 -10.19
C ARG EB 473 -30.42 62.75 -8.99
N PHE EB 474 -31.52 63.49 -8.82
CA PHE EB 474 -32.36 63.12 -7.67
C PHE EB 474 -32.99 61.75 -7.83
N VAL EB 475 -33.40 61.40 -9.05
CA VAL EB 475 -33.97 60.07 -9.20
C VAL EB 475 -32.90 59.01 -9.01
N ALA EB 476 -31.66 59.30 -9.42
CA ALA EB 476 -30.58 58.38 -9.14
C ALA EB 476 -30.40 58.20 -7.64
N SER EB 477 -30.48 59.30 -6.89
CA SER EB 477 -30.37 59.21 -5.44
C SER EB 477 -31.54 58.44 -4.84
N GLY EB 478 -32.72 58.57 -5.43
CA GLY EB 478 -33.90 57.91 -4.93
C GLY EB 478 -34.56 58.57 -3.73
N ALA EB 479 -34.09 59.76 -3.34
CA ALA EB 479 -34.63 60.41 -2.15
C ALA EB 479 -36.09 60.81 -2.33
N LEU EB 480 -36.44 61.28 -3.53
CA LEU EB 480 -37.80 61.69 -3.82
C LEU EB 480 -38.62 60.49 -4.25
N VAL EB 481 -39.93 60.57 -4.04
CA VAL EB 481 -40.83 59.46 -4.36
C VAL EB 481 -41.99 59.98 -5.19
N ALA EB 482 -42.63 59.05 -5.88
CA ALA EB 482 -43.81 59.38 -6.66
C ALA EB 482 -44.98 59.73 -5.73
N PRO EB 483 -45.93 60.52 -6.20
CA PRO EB 483 -47.11 60.82 -5.38
C PRO EB 483 -47.87 59.56 -5.05
N ARG EB 484 -48.39 59.51 -3.82
CA ARG EB 484 -49.06 58.32 -3.33
C ARG EB 484 -50.51 58.20 -3.78
N ASP EB 485 -51.09 59.26 -4.33
CA ASP EB 485 -52.47 59.23 -4.82
C ASP EB 485 -52.46 59.50 -6.31
N PRO EB 486 -52.62 58.48 -7.15
CA PRO EB 486 -52.44 58.69 -8.60
C PRO EB 486 -53.44 59.65 -9.21
N ASP EB 487 -54.74 59.47 -8.90
CA ASP EB 487 -55.75 60.29 -9.59
C ASP EB 487 -55.73 61.73 -9.08
N ALA EB 488 -55.56 61.93 -7.78
CA ALA EB 488 -55.64 63.25 -7.18
C ALA EB 488 -54.26 63.88 -7.02
N ASP EB 489 -53.32 63.18 -6.42
CA ASP EB 489 -51.98 63.71 -6.22
C ASP EB 489 -51.09 63.53 -7.44
N GLY EB 490 -51.59 62.87 -8.47
CA GLY EB 490 -50.80 62.62 -9.66
C GLY EB 490 -49.97 61.36 -9.53
N THR EB 491 -49.25 61.05 -10.62
CA THR EB 491 -48.39 59.88 -10.68
C THR EB 491 -46.93 60.22 -10.93
N GLU EB 492 -46.64 61.40 -11.47
CA GLU EB 492 -45.26 61.79 -11.73
C GLU EB 492 -44.70 62.55 -10.55
N PRO EB 493 -43.63 62.07 -9.93
CA PRO EB 493 -43.06 62.80 -8.78
C PRO EB 493 -42.58 64.19 -9.11
N TYR EB 494 -42.04 64.42 -10.30
CA TYR EB 494 -41.37 65.68 -10.60
C TYR EB 494 -42.24 66.49 -11.56
N VAL EB 495 -42.60 67.69 -11.14
CA VAL EB 495 -43.36 68.62 -11.96
C VAL EB 495 -42.52 69.89 -12.12
N LEU EB 496 -42.41 70.37 -13.35
CA LEU EB 496 -41.52 71.47 -13.68
C LEU EB 496 -42.21 72.45 -14.61
N LYS EB 497 -41.89 73.74 -14.47
CA LYS EB 497 -42.41 74.74 -15.39
C LYS EB 497 -41.49 75.95 -15.39
N VAL EB 498 -41.38 76.59 -16.54
CA VAL EB 498 -40.59 77.82 -16.69
C VAL EB 498 -41.33 78.76 -17.64
N THR EB 499 -41.29 80.05 -17.34
CA THR EB 499 -41.87 81.07 -18.20
C THR EB 499 -41.09 82.37 -18.01
N GLN EB 500 -41.48 83.39 -18.77
CA GLN EB 500 -40.91 84.72 -18.64
C GLN EB 500 -42.05 85.72 -18.45
N ALA EB 501 -41.84 86.70 -17.57
CA ALA EB 501 -42.86 87.71 -17.35
C ALA EB 501 -42.71 88.90 -18.30
N GLU EB 502 -41.50 89.44 -18.41
CA GLU EB 502 -41.25 90.65 -19.18
C GLU EB 502 -39.82 90.59 -19.68
N PHE EB 503 -39.26 91.74 -20.06
CA PHE EB 503 -37.87 91.81 -20.51
C PHE EB 503 -36.91 91.09 -19.55
N ASP EB 504 -37.30 90.92 -18.29
CA ASP EB 504 -36.55 90.16 -17.31
C ASP EB 504 -37.54 89.25 -16.59
N LYS EB 505 -37.12 88.71 -15.45
CA LYS EB 505 -37.97 87.87 -14.59
C LYS EB 505 -38.45 86.63 -15.34
N TRP EB 506 -37.49 85.75 -15.61
CA TRP EB 506 -37.79 84.38 -15.98
C TRP EB 506 -38.10 83.59 -14.72
N GLU EB 507 -39.34 83.17 -14.57
CA GLU EB 507 -39.78 82.43 -13.41
C GLU EB 507 -39.74 80.93 -13.70
N VAL EB 508 -39.46 80.16 -12.64
CA VAL EB 508 -39.42 78.71 -12.73
C VAL EB 508 -39.98 78.12 -11.45
N VAL EB 509 -40.77 77.06 -11.59
CA VAL EB 509 -41.41 76.39 -10.47
C VAL EB 509 -41.21 74.89 -10.62
N TRP EB 510 -41.21 74.20 -9.48
CA TRP EB 510 -40.99 72.78 -9.41
C TRP EB 510 -41.74 72.21 -8.22
N ALA EB 511 -42.14 70.96 -8.33
CA ALA EB 511 -42.91 70.27 -7.31
C ALA EB 511 -42.44 68.82 -7.23
N CYS EB 512 -42.25 68.34 -6.00
CA CYS EB 512 -41.66 67.02 -5.76
C CYS EB 512 -42.27 66.42 -4.51
N CYS EB 513 -42.13 65.10 -4.37
CA CYS EB 513 -42.66 64.35 -3.24
C CYS EB 513 -41.54 63.56 -2.57
N PRO EB 514 -41.19 63.87 -1.33
CA PRO EB 514 -40.10 63.14 -0.66
C PRO EB 514 -40.61 61.87 0.01
N THR EB 515 -39.65 61.06 0.45
CA THR EB 515 -39.95 59.77 1.05
C THR EB 515 -40.43 59.94 2.48
N GLY EB 516 -40.85 58.82 3.08
CA GLY EB 516 -41.33 58.81 4.44
C GLY EB 516 -40.21 58.67 5.45
N VAL EB 517 -40.60 58.66 6.73
CA VAL EB 517 -39.66 58.60 7.82
C VAL EB 517 -39.70 57.28 8.57
N ALA EB 518 -40.87 56.63 8.65
CA ALA EB 518 -41.06 55.43 9.44
C ALA EB 518 -40.73 55.70 10.91
N ARG EB 519 -41.56 56.57 11.52
CA ARG EB 519 -41.33 56.98 12.90
C ARG EB 519 -41.32 55.80 13.85
N ARG EB 520 -42.31 54.90 13.73
CA ARG EB 520 -42.46 53.83 14.70
C ARG EB 520 -43.07 52.58 14.07
N ILE EB 521 -42.68 51.45 14.63
CA ILE EB 521 -43.25 50.14 14.31
C ILE EB 521 -44.20 49.73 15.43
N GLN EB 522 -45.40 49.30 15.03
CA GLN EB 522 -46.33 48.72 15.98
C GLN EB 522 -46.34 47.20 15.81
N GLY EB 523 -46.29 46.52 16.95
CA GLY EB 523 -46.19 45.07 17.00
C GLY EB 523 -46.86 44.48 18.22
N VAL EB 524 -47.71 43.46 18.04
CA VAL EB 524 -48.38 42.82 19.17
C VAL EB 524 -48.34 41.31 18.99
N PRO EB 525 -47.90 40.57 20.00
CA PRO EB 525 -47.89 39.11 19.90
C PRO EB 525 -49.28 38.53 20.11
N LEU EB 526 -49.44 37.28 19.67
CA LEU EB 526 -50.65 36.50 19.91
C LEU EB 526 -50.33 35.04 19.68
N LEU EB 527 -51.21 34.16 20.18
CA LEU EB 527 -51.00 32.72 20.16
C LEU EB 527 -51.93 32.08 19.15
N ILE EB 528 -51.39 31.17 18.34
CA ILE EB 528 -52.21 30.41 17.41
C ILE EB 528 -53.17 29.49 18.15
N LYS EB 529 -52.75 28.98 19.31
CA LYS EB 529 -53.52 28.03 20.13
C LYS EB 529 -53.60 26.67 19.44
N SER FB 2 -35.83 56.31 33.03
CA SER FB 2 -35.18 56.75 31.81
C SER FB 2 -36.10 56.52 30.61
N GLN FB 3 -35.82 57.23 29.52
CA GLN FB 3 -36.63 57.08 28.31
C GLN FB 3 -36.52 55.70 27.71
N TYR FB 4 -35.54 54.90 28.14
CA TYR FB 4 -35.34 53.57 27.60
C TYR FB 4 -36.48 52.63 27.96
N SER FB 5 -37.29 52.99 28.96
CA SER FB 5 -38.48 52.24 29.25
C SER FB 5 -39.45 52.32 28.08
N ILE FB 6 -40.23 51.24 27.89
CA ILE FB 6 -41.16 51.14 26.78
C ILE FB 6 -42.58 51.21 27.34
N GLN FB 7 -43.35 52.19 26.87
CA GLN FB 7 -44.71 52.38 27.33
C GLN FB 7 -45.67 51.53 26.51
N GLN FB 8 -46.92 51.50 26.96
CA GLN FB 8 -47.98 50.75 26.29
C GLN FB 8 -48.86 51.63 25.41
N SER FB 9 -49.21 52.82 25.87
CA SER FB 9 -50.03 53.74 25.10
C SER FB 9 -49.13 54.59 24.21
N LEU FB 10 -49.47 54.66 22.93
CA LEU FB 10 -48.63 55.33 21.95
C LEU FB 10 -49.40 56.46 21.27
N GLY FB 11 -48.66 57.51 20.91
CA GLY FB 11 -49.28 58.64 20.25
C GLY FB 11 -48.60 59.04 18.96
N ASN FB 12 -48.25 60.32 18.85
CA ASN FB 12 -47.68 60.87 17.64
C ASN FB 12 -46.21 61.24 17.84
N ALA FB 13 -45.69 61.07 19.06
CA ALA FB 13 -44.32 61.43 19.34
C ALA FB 13 -43.36 60.56 18.54
N SER FB 14 -42.17 61.12 18.26
CA SER FB 14 -41.16 60.43 17.47
C SER FB 14 -40.43 59.43 18.38
N GLY FB 15 -41.08 58.28 18.55
CA GLY FB 15 -40.50 57.21 19.35
C GLY FB 15 -41.11 55.88 18.95
N VAL FB 16 -40.47 54.80 19.43
CA VAL FB 16 -40.94 53.45 19.16
C VAL FB 16 -41.17 52.72 20.49
N ALA FB 17 -42.34 52.14 20.64
CA ALA FB 17 -42.71 51.38 21.83
C ALA FB 17 -43.59 50.23 21.42
N VAL FB 18 -44.30 49.63 22.38
CA VAL FB 18 -45.13 48.46 22.13
C VAL FB 18 -46.53 48.72 22.66
N SER FB 19 -47.48 47.99 22.12
CA SER FB 19 -48.86 47.99 22.59
C SER FB 19 -49.07 46.84 23.58
N PRO FB 20 -50.07 46.95 24.45
CA PRO FB 20 -50.32 45.87 25.42
C PRO FB 20 -50.64 44.56 24.73
N ILE FB 21 -50.29 43.46 25.41
CA ILE FB 21 -50.49 42.14 24.84
C ILE FB 21 -51.96 41.85 24.64
N ASN FB 22 -52.28 41.18 23.53
CA ASN FB 22 -53.59 40.62 23.26
C ASN FB 22 -53.45 39.15 22.94
N ALA FB 23 -54.41 38.35 23.41
CA ALA FB 23 -54.45 36.94 23.11
C ALA FB 23 -55.72 36.49 22.42
N ASP FB 24 -56.80 37.25 22.53
CA ASP FB 24 -58.07 36.88 21.91
C ASP FB 24 -58.21 37.63 20.58
N ALA FB 25 -57.38 37.23 19.63
CA ALA FB 25 -57.37 37.83 18.31
C ALA FB 25 -57.06 36.76 17.28
N THR FB 26 -57.45 37.02 16.04
CA THR FB 26 -57.23 36.12 14.93
C THR FB 26 -56.57 36.88 13.78
N LEU FB 27 -55.90 36.13 12.91
CA LEU FB 27 -55.21 36.73 11.78
C LEU FB 27 -55.07 35.70 10.67
N SER FB 28 -55.04 36.18 9.44
CA SER FB 28 -54.91 35.31 8.28
C SER FB 28 -54.30 36.11 7.14
N THR FB 29 -53.23 35.60 6.56
CA THR FB 29 -52.51 36.29 5.50
C THR FB 29 -52.83 35.65 4.15
N GLY FB 30 -52.70 36.45 3.10
CA GLY FB 30 -52.94 35.98 1.75
C GLY FB 30 -53.27 37.12 0.83
N VAL FB 31 -53.09 36.86 -0.46
CA VAL FB 31 -53.37 37.82 -1.53
C VAL FB 31 -54.46 37.25 -2.41
N ALA FB 32 -55.55 38.00 -2.56
CA ALA FB 32 -56.68 37.54 -3.36
C ALA FB 32 -56.30 37.48 -4.83
N LEU FB 33 -56.59 36.34 -5.46
CA LEU FB 33 -56.28 36.18 -6.88
C LEU FB 33 -57.32 36.83 -7.77
N ASN FB 34 -58.59 36.80 -7.36
CA ASN FB 34 -59.67 37.48 -8.07
C ASN FB 34 -59.83 36.98 -9.49
N SER FB 35 -59.47 35.72 -9.73
CA SER FB 35 -59.78 35.10 -11.01
C SER FB 35 -61.29 35.04 -11.23
N SER FB 36 -62.03 34.69 -10.18
CA SER FB 36 -63.49 34.73 -10.20
C SER FB 36 -63.95 35.52 -9.00
N LEU FB 37 -65.00 36.32 -9.20
CA LEU FB 37 -65.50 37.20 -8.15
C LEU FB 37 -66.92 36.80 -7.78
N TRP FB 38 -67.21 36.87 -6.49
CA TRP FB 38 -68.47 36.45 -5.93
C TRP FB 38 -69.03 37.54 -5.03
N ALA FB 39 -70.34 37.48 -4.81
CA ALA FB 39 -71.02 38.41 -3.93
C ALA FB 39 -72.31 37.77 -3.43
N GLY FB 40 -72.88 38.36 -2.40
CA GLY FB 40 -74.14 37.87 -1.87
C GLY FB 40 -74.55 38.64 -0.63
N ILE FB 41 -75.68 38.21 -0.08
CA ILE FB 41 -76.23 38.82 1.12
C ILE FB 41 -75.64 38.11 2.33
N GLY FB 42 -75.65 38.81 3.46
CA GLY FB 42 -75.18 38.20 4.69
C GLY FB 42 -75.43 39.10 5.88
N VAL FB 43 -75.32 38.50 7.06
CA VAL FB 43 -75.42 39.23 8.33
C VAL FB 43 -74.09 39.09 9.03
N PHE FB 44 -73.50 40.22 9.43
CA PHE FB 44 -72.19 40.20 10.03
C PHE FB 44 -72.09 41.32 11.05
N ALA FB 45 -71.20 41.13 12.01
CA ALA FB 45 -70.85 42.22 12.91
C ALA FB 45 -70.13 43.30 12.12
N ARG FB 46 -70.40 44.56 12.46
CA ARG FB 46 -69.83 45.69 11.73
C ARG FB 46 -70.26 45.67 10.28
N GLY FB 47 -69.70 46.58 9.48
CA GLY FB 47 -70.04 46.63 8.07
C GLY FB 47 -71.32 47.42 7.83
N LYS FB 48 -71.31 48.27 6.81
CA LYS FB 48 -72.49 49.05 6.50
C LYS FB 48 -73.55 48.14 5.89
N PRO FB 49 -74.72 48.02 6.51
CA PRO FB 49 -75.76 47.15 5.96
C PRO FB 49 -76.40 47.76 4.72
N PHE FB 50 -77.01 46.88 3.93
CA PHE FB 50 -77.73 47.28 2.71
C PHE FB 50 -76.83 48.10 1.80
N THR FB 51 -75.58 47.66 1.67
CA THR FB 51 -74.62 48.34 0.81
C THR FB 51 -73.56 47.33 0.41
N VAL FB 52 -73.24 47.29 -0.89
CA VAL FB 52 -72.18 46.42 -1.37
C VAL FB 52 -70.87 46.85 -0.73
N LEU FB 53 -70.08 45.85 -0.32
CA LEU FB 53 -68.83 46.09 0.37
C LEU FB 53 -67.80 45.12 -0.18
N ALA FB 54 -66.73 45.65 -0.74
CA ALA FB 54 -65.64 44.85 -1.28
C ALA FB 54 -64.70 44.46 -0.16
N VAL FB 55 -64.60 43.16 0.11
CA VAL FB 55 -63.83 42.63 1.22
C VAL FB 55 -62.83 41.63 0.66
N THR FB 56 -61.58 41.74 1.10
CA THR FB 56 -60.51 40.88 0.66
C THR FB 56 -59.96 40.06 1.82
N GLU FB 57 -58.91 39.29 1.54
CA GLU FB 57 -58.28 38.48 2.56
C GLU FB 57 -57.60 39.34 3.62
N SER FB 58 -57.20 40.56 3.26
CA SER FB 58 -56.46 41.39 4.20
C SER FB 58 -57.37 42.01 5.25
N ASN FB 59 -58.59 42.38 4.86
CA ASN FB 59 -59.43 43.22 5.70
C ASN FB 59 -60.67 42.53 6.24
N TYR FB 60 -61.04 41.38 5.68
CA TYR FB 60 -62.28 40.74 6.09
C TYR FB 60 -62.29 40.41 7.58
N GLU FB 61 -61.11 40.27 8.19
CA GLU FB 61 -61.03 39.81 9.57
C GLU FB 61 -61.80 40.75 10.49
N ASP FB 62 -61.63 42.06 10.31
CA ASP FB 62 -62.33 43.04 11.13
C ASP FB 62 -63.52 43.67 10.41
N VAL FB 63 -63.44 43.88 9.10
CA VAL FB 63 -64.56 44.49 8.42
C VAL FB 63 -65.78 43.56 8.48
N LEU FB 64 -65.56 42.24 8.48
CA LEU FB 64 -66.63 41.31 8.75
C LEU FB 64 -66.90 41.14 10.23
N GLY FB 65 -66.01 41.62 11.09
CA GLY FB 65 -66.21 41.53 12.52
C GLY FB 65 -65.99 40.13 13.05
N GLU FB 66 -66.27 39.98 14.33
CA GLU FB 66 -66.11 38.69 14.98
C GLU FB 66 -67.19 37.73 14.48
N PRO FB 67 -66.83 36.54 13.99
CA PRO FB 67 -67.84 35.56 13.60
C PRO FB 67 -68.81 35.26 14.73
N LEU FB 68 -70.09 35.16 14.39
CA LEU FB 68 -71.15 35.03 15.37
C LEU FB 68 -71.23 33.60 15.88
N LYS FB 69 -71.80 33.46 17.07
CA LYS FB 69 -71.98 32.15 17.69
C LYS FB 69 -72.98 31.32 16.89
N PRO FB 70 -72.62 30.11 16.47
CA PRO FB 70 -73.58 29.29 15.71
C PRO FB 70 -74.84 28.97 16.48
N SER FB 71 -74.76 28.85 17.80
CA SER FB 71 -75.96 28.56 18.60
C SER FB 71 -77.01 29.64 18.44
N SER FB 72 -76.58 30.86 18.16
CA SER FB 72 -77.51 31.97 17.95
C SER FB 72 -78.23 31.80 16.62
N GLY FB 73 -79.33 31.06 16.63
CA GLY FB 73 -80.06 30.82 15.40
C GLY FB 73 -79.22 30.06 14.40
N SER FB 74 -79.36 30.41 13.13
CA SER FB 74 -78.61 29.78 12.04
C SER FB 74 -77.75 30.82 11.33
N GLN FB 75 -77.16 31.73 12.09
CA GLN FB 75 -76.41 32.84 11.52
C GLN FB 75 -74.94 32.52 11.32
N PHE FB 76 -74.52 31.30 11.63
CA PHE FB 76 -73.16 30.87 11.34
C PHE FB 76 -72.95 30.50 9.87
N GLU FB 77 -74.05 30.29 9.14
CA GLU FB 77 -73.95 29.94 7.73
C GLU FB 77 -73.15 30.97 6.94
N PRO FB 78 -73.48 32.27 6.98
CA PRO FB 78 -72.74 33.21 6.13
C PRO FB 78 -71.29 33.37 6.54
N ILE FB 79 -71.00 33.42 7.84
CA ILE FB 79 -69.62 33.59 8.27
C ILE FB 79 -68.79 32.38 7.86
N ARG FB 80 -69.34 31.18 8.05
CA ARG FB 80 -68.62 29.99 7.61
C ARG FB 80 -68.36 30.04 6.11
N HIS FB 81 -69.38 30.40 5.34
CA HIS FB 81 -69.22 30.41 3.88
C HIS FB 81 -68.18 31.42 3.44
N VAL FB 82 -68.20 32.62 4.02
CA VAL FB 82 -67.27 33.65 3.58
C VAL FB 82 -65.85 33.28 4.00
N TYR FB 83 -65.70 32.70 5.19
CA TYR FB 83 -64.36 32.28 5.60
C TYR FB 83 -63.85 31.20 4.65
N GLU FB 84 -64.72 30.31 4.20
CA GLU FB 84 -64.33 29.32 3.22
C GLU FB 84 -63.92 29.97 1.90
N ALA FB 85 -64.69 30.95 1.45
CA ALA FB 85 -64.45 31.53 0.13
C ALA FB 85 -63.26 32.48 0.11
N ILE FB 86 -62.86 33.02 1.26
CA ILE FB 86 -61.82 34.04 1.25
C ILE FB 86 -60.46 33.47 0.89
N GLN FB 87 -60.22 32.19 1.14
CA GLN FB 87 -58.91 31.64 0.84
C GLN FB 87 -58.64 31.52 -0.66
N GLN FB 88 -59.51 32.06 -1.48
CA GLN FB 88 -59.36 31.93 -2.92
C GLN FB 88 -59.51 33.26 -3.66
N THR FB 89 -60.43 34.11 -3.22
CA THR FB 89 -60.67 35.39 -3.88
C THR FB 89 -61.38 36.31 -2.90
N SER FB 90 -61.73 37.50 -3.39
CA SER FB 90 -62.42 38.51 -2.61
C SER FB 90 -63.92 38.44 -2.90
N GLY FB 91 -64.69 39.25 -2.16
CA GLY FB 91 -66.13 39.25 -2.31
C GLY FB 91 -66.70 40.65 -2.22
N TYR FB 92 -67.97 40.76 -2.62
CA TYR FB 92 -68.68 42.02 -2.74
C TYR FB 92 -69.96 41.96 -1.91
N VAL FB 93 -69.78 41.59 -0.64
CA VAL FB 93 -70.89 41.17 0.19
C VAL FB 93 -71.82 42.34 0.48
N VAL FB 94 -73.11 42.04 0.62
CA VAL FB 94 -74.11 43.00 1.04
C VAL FB 94 -74.69 42.53 2.37
N ARG FB 95 -74.69 43.41 3.36
CA ARG FB 95 -75.19 43.07 4.68
C ARG FB 95 -76.64 43.52 4.83
N ALA FB 96 -77.48 42.63 5.35
CA ALA FB 96 -78.89 42.90 5.54
C ALA FB 96 -79.25 42.70 7.00
N VAL FB 97 -79.98 43.66 7.58
CA VAL FB 97 -80.40 43.58 8.97
C VAL FB 97 -81.89 43.91 9.03
N PRO FB 98 -82.63 43.35 9.98
CA PRO FB 98 -84.05 43.71 10.13
C PRO FB 98 -84.18 45.08 10.78
N ASP FB 99 -85.43 45.50 10.99
CA ASP FB 99 -85.71 46.79 11.59
C ASP FB 99 -85.22 46.87 13.03
N ASP FB 100 -85.02 45.74 13.69
CA ASP FB 100 -84.55 45.72 15.07
C ASP FB 100 -83.16 46.32 15.21
N ALA FB 101 -82.38 46.35 14.13
CA ALA FB 101 -81.03 46.91 14.20
C ALA FB 101 -81.11 48.42 14.40
N LYS FB 102 -80.37 48.91 15.38
CA LYS FB 102 -80.34 50.33 15.73
C LYS FB 102 -78.90 50.77 15.90
N PHE FB 103 -78.59 51.95 15.40
CA PHE FB 103 -77.27 52.55 15.53
C PHE FB 103 -77.31 53.71 16.53
N PRO FB 104 -76.20 53.96 17.23
CA PRO FB 104 -76.14 55.07 18.18
C PRO FB 104 -75.89 56.40 17.49
N ILE FB 105 -76.36 57.46 18.14
CA ILE FB 105 -76.20 58.83 17.68
C ILE FB 105 -75.82 59.69 18.88
N ILE FB 106 -74.85 60.57 18.69
CA ILE FB 106 -74.35 61.42 19.76
C ILE FB 106 -74.58 62.86 19.34
N MET FB 107 -75.45 63.55 20.06
CA MET FB 107 -75.80 64.93 19.76
C MET FB 107 -74.97 65.87 20.60
N PHE FB 108 -74.62 67.02 20.03
CA PHE FB 108 -73.76 67.99 20.67
C PHE FB 108 -74.43 69.36 20.62
N ASP FB 109 -74.64 69.94 21.79
CA ASP FB 109 -75.32 71.22 21.88
C ASP FB 109 -74.41 72.35 21.42
N GLU FB 110 -74.95 73.57 21.48
CA GLU FB 110 -74.21 74.74 21.00
C GLU FB 110 -72.97 74.98 21.85
N SER FB 111 -73.02 74.66 23.13
CA SER FB 111 -71.87 74.80 24.02
C SER FB 111 -71.14 73.49 24.25
N GLY FB 112 -71.50 72.42 23.54
CA GLY FB 112 -70.75 71.19 23.56
C GLY FB 112 -71.29 70.10 24.47
N GLU FB 113 -72.45 70.30 25.07
CA GLU FB 113 -73.01 69.26 25.93
C GLU FB 113 -73.42 68.05 25.10
N PRO FB 114 -73.10 66.84 25.54
CA PRO FB 114 -73.44 65.65 24.76
C PRO FB 114 -74.77 65.02 25.17
N ALA FB 115 -75.33 64.26 24.24
CA ALA FB 115 -76.56 63.52 24.47
C ALA FB 115 -76.51 62.24 23.66
N TYR FB 116 -77.11 61.18 24.20
CA TYR FB 116 -77.09 59.86 23.56
C TYR FB 116 -78.45 59.53 22.97
N SER FB 117 -78.44 58.76 21.89
CA SER FB 117 -79.67 58.22 21.32
C SER FB 117 -79.33 56.99 20.50
N ALA FB 118 -80.38 56.26 20.11
CA ALA FB 118 -80.25 55.17 19.17
C ALA FB 118 -81.44 55.22 18.22
N LEU FB 119 -81.17 54.96 16.95
CA LEU FB 119 -82.23 55.01 15.94
C LEU FB 119 -82.06 53.85 14.98
N PRO FB 120 -83.17 53.32 14.45
CA PRO FB 120 -83.07 52.21 13.50
C PRO FB 120 -82.42 52.65 12.19
N TYR FB 121 -81.78 51.69 11.55
CA TYR FB 121 -81.09 51.98 10.30
C TYR FB 121 -82.10 52.34 9.20
N GLY FB 122 -81.63 53.11 8.23
CA GLY FB 122 -82.47 53.64 7.19
C GLY FB 122 -83.15 54.94 7.55
N SER FB 123 -83.45 55.14 8.83
CA SER FB 123 -84.06 56.38 9.28
C SER FB 123 -83.00 57.48 9.38
N GLU FB 124 -83.38 58.68 8.97
CA GLU FB 124 -82.49 59.83 8.99
C GLU FB 124 -82.87 60.78 10.11
N ILE FB 125 -81.87 61.25 10.83
CA ILE FB 125 -82.06 62.15 11.97
C ILE FB 125 -81.79 63.58 11.53
N GLU FB 126 -82.50 64.52 12.14
CA GLU FB 126 -82.34 65.94 11.86
C GLU FB 126 -82.03 66.68 13.15
N LEU FB 127 -81.67 67.96 13.01
CA LEU FB 127 -81.28 68.80 14.13
C LEU FB 127 -82.40 69.79 14.44
N ASP FB 128 -82.78 69.87 15.71
CA ASP FB 128 -83.81 70.79 16.15
C ASP FB 128 -83.21 72.20 16.32
N SER FB 129 -83.97 73.09 16.95
CA SER FB 129 -83.48 74.45 17.17
C SER FB 129 -82.20 74.47 17.99
N GLY FB 130 -82.15 73.67 19.06
CA GLY FB 130 -80.95 73.49 19.84
C GLY FB 130 -80.10 72.38 19.27
N GLU FB 131 -79.16 71.90 20.10
CA GLU FB 131 -78.34 70.74 19.77
C GLU FB 131 -77.59 70.98 18.45
N ALA FB 132 -76.66 71.93 18.52
CA ALA FB 132 -75.97 72.51 17.37
C ALA FB 132 -75.64 71.51 16.27
N PHE FB 133 -75.13 70.33 16.63
CA PHE FB 133 -74.84 69.33 15.62
C PHE FB 133 -74.91 67.96 16.25
N ALA FB 134 -74.53 66.94 15.47
CA ALA FB 134 -74.53 65.58 15.98
C ALA FB 134 -73.66 64.71 15.09
N ILE FB 135 -73.31 63.54 15.61
CA ILE FB 135 -72.51 62.55 14.90
C ILE FB 135 -73.17 61.19 15.10
N TYR FB 136 -72.80 60.24 14.25
CA TYR FB 136 -73.36 58.90 14.34
C TYR FB 136 -72.46 57.93 13.59
N VAL FB 137 -72.50 56.68 14.00
CA VAL FB 137 -71.82 55.60 13.32
C VAL FB 137 -72.88 54.68 12.72
N ASP FB 138 -72.71 54.35 11.43
CA ASP FB 138 -73.58 53.41 10.74
C ASP FB 138 -72.80 52.20 10.24
N ASP FB 139 -71.62 51.96 10.82
CA ASP FB 139 -70.75 50.86 10.41
C ASP FB 139 -71.29 49.50 10.80
N GLY FB 140 -72.43 49.40 11.46
CA GLY FB 140 -72.99 48.13 11.86
C GLY FB 140 -72.45 47.56 13.15
N ASP FB 141 -71.49 48.24 13.77
CA ASP FB 141 -70.95 47.75 15.04
C ASP FB 141 -71.86 48.15 16.20
N PRO FB 142 -72.28 47.20 17.03
CA PRO FB 142 -73.10 47.57 18.21
C PRO FB 142 -72.36 48.46 19.20
N CYS FB 143 -71.03 48.51 19.16
CA CYS FB 143 -70.23 49.35 20.07
C CYS FB 143 -70.51 49.02 21.52
N ILE FB 144 -70.76 47.74 21.81
CA ILE FB 144 -71.09 47.31 23.16
C ILE FB 144 -70.04 46.31 23.63
N SER FB 145 -69.40 45.63 22.69
CA SER FB 145 -68.47 44.57 23.03
C SER FB 145 -67.53 44.31 21.85
N PRO FB 146 -66.43 45.03 21.75
CA PRO FB 146 -65.98 46.11 22.64
C PRO FB 146 -66.73 47.40 22.38
N THR FB 147 -66.59 48.39 23.25
CA THR FB 147 -67.26 49.67 23.12
C THR FB 147 -66.32 50.69 22.46
N ARG FB 148 -66.92 51.71 21.88
CA ARG FB 148 -66.19 52.73 21.14
C ARG FB 148 -66.37 54.08 21.81
N GLU FB 149 -65.25 54.75 22.09
CA GLU FB 149 -65.27 56.02 22.82
C GLU FB 149 -64.52 57.08 22.02
N LEU FB 150 -64.83 58.34 22.33
CA LEU FB 150 -64.18 59.47 21.71
C LEU FB 150 -63.66 60.41 22.78
N THR FB 151 -62.56 61.07 22.48
CA THR FB 151 -61.96 62.07 23.37
C THR FB 151 -61.76 63.36 22.59
N ILE FB 152 -62.14 64.48 23.18
CA ILE FB 152 -62.04 65.79 22.55
C ILE FB 152 -61.14 66.67 23.40
N GLU FB 153 -60.17 67.32 22.76
CA GLU FB 153 -59.28 68.24 23.46
C GLU FB 153 -58.97 69.43 22.55
N THR FB 154 -59.36 70.62 22.98
CA THR FB 154 -59.07 71.81 22.19
C THR FB 154 -57.57 72.05 22.11
N ALA FB 155 -57.13 72.57 20.97
CA ALA FB 155 -55.72 72.80 20.72
C ALA FB 155 -55.56 74.19 20.11
N THR FB 156 -54.37 74.50 19.61
CA THR FB 156 -54.09 75.81 19.06
C THR FB 156 -54.82 76.02 17.74
N ALA FB 157 -55.01 77.29 17.40
CA ALA FB 157 -55.71 77.66 16.17
C ALA FB 157 -54.73 77.68 14.99
N ASP FB 158 -55.28 77.93 13.81
CA ASP FB 158 -54.47 78.03 12.60
C ASP FB 158 -54.04 79.49 12.39
N SER FB 159 -53.47 79.78 11.22
CA SER FB 159 -53.08 81.15 10.92
C SER FB 159 -54.30 82.06 10.87
N ALA FB 160 -55.41 81.56 10.32
CA ALA FB 160 -56.65 82.32 10.32
C ALA FB 160 -57.24 82.48 11.72
N GLY FB 161 -56.70 81.77 12.71
CA GLY FB 161 -57.23 81.82 14.04
C GLY FB 161 -58.43 80.93 14.28
N ASN FB 162 -58.72 80.02 13.38
CA ASN FB 162 -59.89 79.16 13.52
C ASN FB 162 -59.72 78.21 14.70
N GLU FB 163 -60.68 78.20 15.60
CA GLU FB 163 -60.60 77.33 16.77
C GLU FB 163 -60.54 75.87 16.32
N ARG FB 164 -59.60 75.13 16.91
CA ARG FB 164 -59.36 73.74 16.53
C ARG FB 164 -59.34 72.87 17.77
N PHE FB 165 -59.73 71.61 17.59
CA PHE FB 165 -59.62 70.63 18.64
C PHE FB 165 -59.24 69.30 18.02
N LEU FB 166 -58.51 68.50 18.77
CA LEU FB 166 -58.17 67.14 18.40
C LEU FB 166 -59.24 66.19 18.91
N LEU FB 167 -59.58 65.22 18.06
CA LEU FB 167 -60.48 64.13 18.39
C LEU FB 167 -59.71 62.82 18.31
N LYS FB 168 -59.91 61.97 19.32
CA LYS FB 168 -59.21 60.71 19.42
C LYS FB 168 -60.23 59.59 19.57
N LEU FB 169 -60.23 58.65 18.63
CA LEU FB 169 -61.12 57.52 18.67
C LEU FB 169 -60.43 56.35 19.36
N THR FB 170 -61.19 55.63 20.18
CA THR FB 170 -60.60 54.50 20.90
C THR FB 170 -61.61 53.37 21.02
N GLN FB 171 -61.08 52.16 21.10
CA GLN FB 171 -61.84 50.93 21.31
C GLN FB 171 -61.44 50.34 22.65
N THR FB 172 -62.44 50.11 23.52
CA THR FB 172 -62.19 49.59 24.85
C THR FB 172 -62.93 48.28 25.03
N THR FB 173 -62.19 47.25 25.46
CA THR FB 173 -62.76 45.93 25.68
C THR FB 173 -63.31 45.82 27.11
N SER FB 174 -64.14 44.80 27.32
CA SER FB 174 -64.69 44.55 28.65
C SER FB 174 -63.60 44.20 29.65
N LEU FB 175 -62.56 43.50 29.19
CA LEU FB 175 -61.45 43.17 30.08
C LEU FB 175 -60.75 44.43 30.57
N GLY FB 176 -60.61 45.43 29.71
CA GLY FB 176 -60.00 46.68 30.10
C GLY FB 176 -58.94 47.11 29.11
N VAL FB 177 -58.69 46.28 28.11
CA VAL FB 177 -57.71 46.63 27.07
C VAL FB 177 -58.28 47.77 26.23
N VAL FB 178 -57.50 48.84 26.11
CA VAL FB 178 -57.92 50.03 25.40
C VAL FB 178 -56.91 50.28 24.28
N THR FB 179 -57.40 50.42 23.05
CA THR FB 179 -56.58 50.74 21.90
C THR FB 179 -57.12 52.00 21.24
N THR FB 180 -56.28 52.62 20.41
CA THR FB 180 -56.65 53.83 19.71
C THR FB 180 -56.83 53.53 18.23
N LEU FB 181 -57.83 54.19 17.63
CA LEU FB 181 -58.07 54.08 16.20
C LEU FB 181 -57.30 55.16 15.45
N GLU FB 182 -57.58 56.43 15.76
CA GLU FB 182 -56.88 57.54 15.13
C GLU FB 182 -57.15 58.82 15.90
N THR FB 183 -56.28 59.79 15.70
CA THR FB 183 -56.45 61.14 16.22
C THR FB 183 -56.39 62.12 15.06
N HIS FB 184 -57.21 63.15 15.11
CA HIS FB 184 -57.21 64.15 14.04
C HIS FB 184 -57.71 65.48 14.57
N THR FB 185 -57.09 66.56 14.09
CA THR FB 185 -57.45 67.90 14.51
C THR FB 185 -58.42 68.52 13.50
N VAL FB 186 -59.55 68.99 13.99
CA VAL FB 186 -60.58 69.59 13.14
C VAL FB 186 -61.03 70.91 13.76
N SER FB 187 -61.56 71.77 12.91
CA SER FB 187 -61.98 73.10 13.31
C SER FB 187 -63.44 73.33 12.96
N LEU FB 188 -64.13 74.10 13.80
CA LEU FB 188 -65.54 74.39 13.60
C LEU FB 188 -65.78 75.38 12.46
N ALA FB 189 -64.77 76.15 12.09
CA ALA FB 189 -64.96 77.18 11.07
C ALA FB 189 -65.37 76.55 9.75
N GLU FB 190 -66.27 77.24 9.05
CA GLU FB 190 -66.80 76.71 7.79
C GLU FB 190 -65.69 76.52 6.77
N GLU FB 191 -64.78 77.50 6.68
CA GLU FB 191 -63.73 77.48 5.67
C GLU FB 191 -62.35 77.30 6.28
N ALA FB 192 -62.27 76.64 7.43
CA ALA FB 192 -60.98 76.35 8.03
C ALA FB 192 -60.25 75.28 7.22
N LYS FB 193 -59.00 75.55 6.88
CA LYS FB 193 -58.19 74.63 6.11
C LYS FB 193 -56.81 74.54 6.72
N ASP FB 194 -56.26 73.33 6.76
CA ASP FB 194 -54.93 73.11 7.31
C ASP FB 194 -53.86 73.54 6.32
N ASP FB 195 -52.64 73.68 6.82
CA ASP FB 195 -51.50 74.00 5.97
C ASP FB 195 -51.17 72.87 5.01
N MET FB 196 -51.73 71.69 5.22
CA MET FB 196 -51.64 70.60 4.26
C MET FB 196 -52.55 70.82 3.06
N GLY FB 197 -53.33 71.89 3.06
CA GLY FB 197 -54.35 72.08 2.06
C GLY FB 197 -55.65 71.38 2.37
N ARG FB 198 -55.70 70.62 3.46
CA ARG FB 198 -56.88 69.87 3.83
C ARG FB 198 -57.78 70.74 4.68
N LEU FB 199 -59.07 70.77 4.34
CA LEU FB 199 -60.01 71.59 5.07
C LEU FB 199 -60.16 71.08 6.49
N CYS FB 200 -60.13 72.00 7.45
CA CYS FB 200 -60.31 71.66 8.84
C CYS FB 200 -61.77 71.66 9.27
N TYR FB 201 -62.69 71.91 8.35
CA TYR FB 201 -64.11 71.87 8.68
C TYR FB 201 -64.50 70.48 9.17
N LEU FB 202 -65.38 70.46 10.17
CA LEU FB 202 -65.74 69.20 10.82
C LEU FB 202 -66.24 68.15 9.84
N PRO FB 203 -67.36 68.37 9.12
CA PRO FB 203 -67.87 67.29 8.25
C PRO FB 203 -66.93 67.02 7.10
N THR FB 204 -66.42 68.10 6.50
CA THR FB 204 -65.52 67.94 5.36
C THR FB 204 -64.40 66.98 5.71
N ALA FB 205 -63.72 67.23 6.84
CA ALA FB 205 -62.67 66.33 7.28
C ALA FB 205 -63.23 64.95 7.62
N LEU FB 206 -64.39 64.91 8.26
CA LEU FB 206 -64.90 63.64 8.81
C LEU FB 206 -65.17 62.64 7.70
N GLU FB 207 -65.95 63.02 6.70
CA GLU FB 207 -66.18 62.13 5.57
C GLU FB 207 -65.25 62.41 4.39
N ALA FB 208 -64.12 63.10 4.63
CA ALA FB 208 -63.01 63.07 3.69
C ALA FB 208 -61.94 62.08 4.09
N ARG FB 209 -61.61 62.00 5.37
CA ARG FB 209 -60.56 61.12 5.86
C ARG FB 209 -61.07 60.02 6.78
N SER FB 210 -61.80 60.36 7.82
CA SER FB 210 -62.30 59.35 8.74
C SER FB 210 -63.30 58.43 8.05
N LYS FB 211 -63.16 57.14 8.30
CA LYS FB 211 -64.00 56.14 7.65
C LYS FB 211 -64.94 55.46 8.62
N TYR FB 212 -65.27 56.13 9.73
CA TYR FB 212 -66.04 55.50 10.79
C TYR FB 212 -67.28 56.29 11.19
N LEU FB 213 -67.17 57.61 11.26
CA LEU FB 213 -68.25 58.45 11.77
C LEU FB 213 -68.74 59.40 10.70
N ARG FB 214 -70.02 59.74 10.78
CA ARG FB 214 -70.64 60.72 9.90
C ARG FB 214 -71.48 61.66 10.74
N ALA FB 215 -71.35 62.96 10.47
CA ALA FB 215 -71.95 63.98 11.31
C ALA FB 215 -72.78 64.93 10.48
N VAL FB 216 -73.74 65.55 11.15
CA VAL FB 216 -74.57 66.60 10.57
C VAL FB 216 -74.42 67.84 11.45
N VAL FB 217 -74.25 69.00 10.81
CA VAL FB 217 -73.97 70.25 11.50
C VAL FB 217 -74.95 71.31 11.03
N ASN FB 218 -75.56 72.02 11.97
CA ASN FB 218 -76.42 73.14 11.62
C ASN FB 218 -75.59 74.26 11.02
N GLU FB 219 -75.84 74.56 9.75
CA GLU FB 219 -75.10 75.61 9.06
C GLU FB 219 -75.34 76.98 9.67
N GLU FB 220 -76.42 77.13 10.43
CA GLU FB 220 -76.73 78.39 11.08
C GLU FB 220 -76.19 78.46 12.49
N LEU FB 221 -76.05 77.32 13.17
CA LEU FB 221 -75.53 77.29 14.53
C LEU FB 221 -74.04 77.01 14.58
N ILE FB 222 -73.41 76.73 13.44
CA ILE FB 222 -71.99 76.40 13.43
C ILE FB 222 -71.15 77.60 13.84
N SER FB 223 -71.57 78.81 13.46
CA SER FB 223 -70.83 80.01 13.84
C SER FB 223 -70.82 80.18 15.36
N THR FB 224 -71.97 79.97 15.99
CA THR FB 224 -72.09 80.09 17.43
C THR FB 224 -71.84 78.79 18.17
N ALA FB 225 -71.49 77.72 17.45
CA ALA FB 225 -71.25 76.44 18.11
C ALA FB 225 -69.97 76.51 18.95
N LYS FB 226 -70.01 75.84 20.10
CA LYS FB 226 -68.85 75.75 20.98
C LYS FB 226 -68.69 74.30 21.42
N VAL FB 227 -67.44 73.94 21.72
CA VAL FB 227 -67.09 72.58 22.12
C VAL FB 227 -66.46 72.62 23.50
N THR FB 228 -66.51 71.48 24.17
CA THR FB 228 -65.95 71.33 25.50
C THR FB 228 -65.06 70.09 25.55
N ASN FB 229 -64.11 70.12 26.47
CA ASN FB 229 -63.17 69.02 26.63
C ASN FB 229 -63.88 67.84 27.28
N LYS FB 230 -64.17 66.83 26.48
CA LYS FB 230 -64.84 65.63 26.95
C LYS FB 230 -64.04 64.41 26.55
N LYS FB 231 -64.11 63.38 27.38
CA LYS FB 231 -63.32 62.17 27.21
C LYS FB 231 -64.23 60.95 27.24
N SER FB 232 -63.83 59.92 26.50
CA SER FB 232 -64.51 58.62 26.50
C SER FB 232 -65.98 58.77 26.12
N LEU FB 233 -66.21 59.23 24.89
CA LEU FB 233 -67.57 59.37 24.38
C LEU FB 233 -68.04 58.00 23.90
N ALA FB 234 -68.47 57.19 24.86
CA ALA FB 234 -68.89 55.83 24.57
C ALA FB 234 -70.25 55.82 23.90
N PHE FB 235 -70.36 55.08 22.81
CA PHE FB 235 -71.64 54.91 22.14
C PHE FB 235 -72.53 53.96 22.92
N THR FB 236 -73.82 54.28 22.96
CA THR FB 236 -74.81 53.43 23.62
C THR FB 236 -76.05 53.34 22.74
N GLY FB 237 -76.76 52.23 22.88
CA GLY FB 237 -77.94 51.97 22.08
C GLY FB 237 -77.70 51.21 20.79
N GLY FB 238 -76.44 50.94 20.44
CA GLY FB 238 -76.14 50.19 19.25
C GLY FB 238 -76.48 48.72 19.38
N THR FB 239 -77.51 48.27 18.67
CA THR FB 239 -78.00 46.90 18.76
C THR FB 239 -78.13 46.31 17.36
N ASN FB 240 -77.84 45.02 17.25
CA ASN FB 240 -78.03 44.32 15.99
C ASN FB 240 -79.43 43.78 15.81
N GLY FB 241 -80.07 43.36 16.91
CA GLY FB 241 -81.41 42.81 16.84
C GLY FB 241 -81.40 41.34 16.43
N ASP FB 242 -82.61 40.80 16.31
CA ASP FB 242 -82.80 39.40 15.93
C ASP FB 242 -82.48 39.24 14.45
N GLN FB 243 -81.33 38.66 14.17
CA GLN FB 243 -80.91 38.44 12.79
C GLN FB 243 -81.41 37.12 12.23
N SER FB 244 -82.05 36.29 13.06
CA SER FB 244 -82.54 35.00 12.59
C SER FB 244 -83.57 35.16 11.48
N LYS FB 245 -84.48 36.10 11.62
CA LYS FB 245 -85.51 36.37 10.62
C LYS FB 245 -85.16 37.66 9.90
N ILE FB 246 -85.16 37.60 8.56
CA ILE FB 246 -84.92 38.76 7.72
C ILE FB 246 -86.06 38.87 6.73
N SER FB 247 -86.58 40.08 6.56
CA SER FB 247 -87.76 40.29 5.73
C SER FB 247 -87.47 39.98 4.26
N THR FB 248 -88.48 39.45 3.58
CA THR FB 248 -88.41 39.29 2.14
C THR FB 248 -88.19 40.62 1.46
N ALA FB 249 -88.72 41.71 2.04
CA ALA FB 249 -88.47 43.03 1.50
C ALA FB 249 -86.98 43.38 1.55
N ALA FB 250 -86.32 43.11 2.68
CA ALA FB 250 -84.89 43.34 2.76
C ALA FB 250 -84.15 42.44 1.78
N TYR FB 251 -84.60 41.19 1.66
CA TYR FB 251 -83.98 40.28 0.71
C TYR FB 251 -84.03 40.84 -0.71
N LEU FB 252 -85.21 41.24 -1.16
CA LEU FB 252 -85.34 41.76 -2.52
C LEU FB 252 -84.62 43.08 -2.69
N ARG FB 253 -84.59 43.90 -1.64
CA ARG FB 253 -83.85 45.16 -1.71
C ARG FB 253 -82.37 44.89 -1.94
N ALA FB 254 -81.81 43.96 -1.18
CA ALA FB 254 -80.41 43.59 -1.36
C ALA FB 254 -80.18 42.97 -2.72
N VAL FB 255 -81.16 42.20 -3.21
CA VAL FB 255 -81.05 41.59 -4.53
C VAL FB 255 -80.95 42.68 -5.60
N LYS FB 256 -81.81 43.68 -5.52
CA LYS FB 256 -81.77 44.78 -6.47
C LYS FB 256 -80.46 45.54 -6.34
N VAL FB 257 -79.98 45.72 -5.11
CA VAL FB 257 -78.73 46.44 -4.90
C VAL FB 257 -77.58 45.72 -5.58
N LEU FB 258 -77.46 44.42 -5.33
CA LEU FB 258 -76.36 43.68 -5.92
C LEU FB 258 -76.50 43.56 -7.42
N ASN FB 259 -77.73 43.52 -7.92
CA ASN FB 259 -77.95 43.57 -9.35
C ASN FB 259 -77.44 44.87 -9.94
N ASN FB 260 -77.71 45.97 -9.26
CA ASN FB 260 -77.32 47.28 -9.76
C ASN FB 260 -75.88 47.62 -9.44
N ALA FB 261 -75.18 46.76 -8.70
CA ALA FB 261 -73.78 47.02 -8.39
C ALA FB 261 -72.96 47.01 -9.66
N PRO FB 262 -72.18 48.05 -9.93
CA PRO FB 262 -71.39 48.14 -11.17
C PRO FB 262 -70.07 47.37 -11.08
N TYR FB 263 -70.11 46.17 -10.53
CA TYR FB 263 -68.91 45.39 -10.29
C TYR FB 263 -68.94 44.11 -11.08
N MET FB 264 -67.76 43.53 -11.29
CA MET FB 264 -67.63 42.26 -11.99
C MET FB 264 -67.79 41.13 -10.98
N TYR FB 265 -68.81 40.32 -11.15
CA TYR FB 265 -69.01 39.11 -10.36
C TYR FB 265 -69.30 37.95 -11.27
N THR FB 266 -68.85 36.76 -10.87
CA THR FB 266 -68.87 35.59 -11.74
C THR FB 266 -69.84 34.50 -11.31
N ALA FB 267 -70.29 34.51 -10.06
CA ALA FB 267 -71.21 33.47 -9.60
C ALA FB 267 -71.97 33.98 -8.38
N VAL FB 268 -73.08 33.31 -8.07
CA VAL FB 268 -73.92 33.66 -6.94
C VAL FB 268 -74.01 32.44 -6.03
N LEU FB 269 -74.01 32.68 -4.72
CA LEU FB 269 -73.91 31.63 -3.73
C LEU FB 269 -75.16 31.61 -2.86
N GLY FB 270 -75.54 30.41 -2.42
CA GLY FB 270 -76.72 30.28 -1.58
C GLY FB 270 -76.56 31.01 -0.25
N LEU FB 271 -75.41 30.83 0.40
CA LEU FB 271 -75.03 31.57 1.60
C LEU FB 271 -76.05 31.40 2.72
N GLY FB 272 -76.72 30.26 2.75
CA GLY FB 272 -77.65 29.94 3.82
C GLY FB 272 -79.03 30.53 3.69
N CYS FB 273 -79.30 31.30 2.63
CA CYS FB 273 -80.64 31.86 2.42
C CYS FB 273 -81.50 30.82 1.70
N TYR FB 274 -82.69 30.56 2.24
CA TYR FB 274 -83.58 29.56 1.69
C TYR FB 274 -84.95 30.11 1.34
N ASP FB 275 -85.15 31.42 1.48
CA ASP FB 275 -86.42 32.02 1.10
C ASP FB 275 -86.70 31.76 -0.38
N ASN FB 276 -87.91 31.27 -0.67
CA ASN FB 276 -88.24 30.95 -2.05
C ASN FB 276 -88.21 32.20 -2.92
N ALA FB 277 -88.79 33.30 -2.44
CA ALA FB 277 -88.77 34.53 -3.23
C ALA FB 277 -87.35 35.02 -3.43
N ALA FB 278 -86.53 34.98 -2.38
CA ALA FB 278 -85.16 35.47 -2.50
C ALA FB 278 -84.37 34.61 -3.48
N ILE FB 279 -84.49 33.28 -3.37
CA ILE FB 279 -83.72 32.42 -4.25
C ILE FB 279 -84.21 32.53 -5.69
N THR FB 280 -85.51 32.73 -5.89
CA THR FB 280 -86.00 32.94 -7.25
C THR FB 280 -85.48 34.25 -7.83
N ALA FB 281 -85.45 35.31 -7.02
CA ALA FB 281 -84.88 36.56 -7.47
C ALA FB 281 -83.42 36.38 -7.84
N LEU FB 282 -82.69 35.62 -7.01
CA LEU FB 282 -81.29 35.35 -7.30
C LEU FB 282 -81.13 34.59 -8.59
N GLY FB 283 -82.00 33.61 -8.83
CA GLY FB 283 -81.95 32.87 -10.08
C GLY FB 283 -82.20 33.76 -11.27
N LYS FB 284 -83.19 34.64 -11.18
CA LYS FB 284 -83.46 35.57 -12.26
C LYS FB 284 -82.25 36.47 -12.50
N ILE FB 285 -81.65 36.99 -11.43
CA ILE FB 285 -80.53 37.91 -11.58
C ILE FB 285 -79.34 37.20 -12.22
N CYS FB 286 -79.03 35.98 -11.76
CA CYS FB 286 -77.87 35.29 -12.31
C CYS FB 286 -78.12 34.85 -13.74
N ALA FB 287 -79.36 34.50 -14.08
CA ALA FB 287 -79.68 34.22 -15.48
C ALA FB 287 -79.45 35.45 -16.33
N ASP FB 288 -79.87 36.62 -15.83
CA ASP FB 288 -79.59 37.86 -16.55
C ASP FB 288 -78.09 38.08 -16.70
N ARG FB 289 -77.35 37.82 -15.64
CA ARG FB 289 -75.91 38.05 -15.65
C ARG FB 289 -75.16 37.00 -16.45
N LEU FB 290 -75.82 35.91 -16.83
CA LEU FB 290 -75.19 34.80 -17.53
C LEU FB 290 -74.06 34.19 -16.71
N ILE FB 291 -74.30 34.07 -15.40
CA ILE FB 291 -73.31 33.51 -14.48
C ILE FB 291 -73.87 32.23 -13.89
N ASP FB 292 -73.10 31.61 -13.00
CA ASP FB 292 -73.50 30.37 -12.37
C ASP FB 292 -74.10 30.64 -10.99
N GLY FB 293 -74.95 29.73 -10.55
CA GLY FB 293 -75.54 29.81 -9.23
C GLY FB 293 -75.33 28.52 -8.46
N PHE FB 294 -75.15 28.65 -7.15
CA PHE FB 294 -74.81 27.50 -6.34
C PHE FB 294 -75.85 27.26 -5.26
N PHE FB 295 -77.13 27.25 -5.65
CA PHE FB 295 -78.19 27.22 -4.67
C PHE FB 295 -78.19 25.89 -3.94
N ASP FB 296 -78.67 25.91 -2.70
CA ASP FB 296 -78.62 24.74 -1.83
C ASP FB 296 -79.94 24.59 -1.09
N VAL FB 297 -80.24 23.35 -0.70
CA VAL FB 297 -81.36 23.05 0.15
C VAL FB 297 -80.85 22.85 1.57
N LYS FB 298 -81.71 23.12 2.54
CA LYS FB 298 -81.22 23.12 3.91
C LYS FB 298 -80.96 21.68 4.35
N PRO FB 299 -79.76 21.40 4.89
CA PRO FB 299 -79.29 20.01 4.95
C PRO FB 299 -80.17 19.06 5.73
N THR FB 300 -80.89 19.51 6.75
CA THR FB 300 -81.58 18.56 7.63
C THR FB 300 -82.65 17.77 6.89
N LEU FB 301 -83.08 18.22 5.73
CA LEU FB 301 -84.14 17.54 5.01
C LEU FB 301 -83.61 16.23 4.45
N THR FB 302 -84.27 15.12 4.77
CA THR FB 302 -83.76 13.82 4.38
C THR FB 302 -83.91 13.62 2.87
N TYR FB 303 -83.29 12.54 2.39
CA TYR FB 303 -83.23 12.30 0.96
C TYR FB 303 -84.62 12.11 0.36
N ALA FB 304 -85.55 11.56 1.15
CA ALA FB 304 -86.88 11.25 0.60
C ALA FB 304 -87.57 12.52 0.12
N GLU FB 305 -87.58 13.56 0.94
CA GLU FB 305 -88.19 14.84 0.58
C GLU FB 305 -87.21 15.78 -0.09
N ALA FB 306 -85.94 15.39 -0.19
CA ALA FB 306 -84.95 16.26 -0.82
C ALA FB 306 -85.28 16.48 -2.29
N LEU FB 307 -85.69 15.42 -2.98
CA LEU FB 307 -86.02 15.55 -4.40
C LEU FB 307 -87.17 16.51 -4.64
N PRO FB 308 -88.32 16.41 -3.96
CA PRO FB 308 -89.38 17.40 -4.18
C PRO FB 308 -88.97 18.81 -3.81
N ALA FB 309 -87.94 18.98 -2.98
CA ALA FB 309 -87.53 20.33 -2.59
C ALA FB 309 -87.05 21.13 -3.78
N VAL FB 310 -86.46 20.48 -4.78
CA VAL FB 310 -86.02 21.21 -5.97
C VAL FB 310 -87.21 21.86 -6.67
N GLU FB 311 -88.29 21.09 -6.85
CA GLU FB 311 -89.49 21.64 -7.45
C GLU FB 311 -90.12 22.68 -6.55
N ASP FB 312 -90.07 22.46 -5.24
CA ASP FB 312 -90.62 23.44 -4.30
C ASP FB 312 -89.91 24.77 -4.44
N THR FB 313 -88.59 24.74 -4.58
CA THR FB 313 -87.85 25.96 -4.90
C THR FB 313 -88.26 26.52 -6.25
N GLY FB 314 -88.44 25.65 -7.23
CA GLY FB 314 -88.87 26.06 -8.55
C GLY FB 314 -87.82 26.70 -9.42
N LEU FB 315 -86.55 26.66 -8.99
CA LEU FB 315 -85.50 27.27 -9.81
C LEU FB 315 -85.20 26.46 -11.06
N LEU FB 316 -85.70 25.23 -11.16
CA LEU FB 316 -85.53 24.44 -12.37
C LEU FB 316 -86.26 25.11 -13.53
N GLY FB 317 -85.67 25.01 -14.72
CA GLY FB 317 -86.28 25.57 -15.90
C GLY FB 317 -85.33 25.52 -17.07
N THR FB 318 -85.79 26.07 -18.18
CA THR FB 318 -84.97 26.14 -19.38
C THR FB 318 -84.06 27.36 -19.40
N ASP FB 319 -84.25 28.30 -18.48
CA ASP FB 319 -83.40 29.47 -18.38
C ASP FB 319 -82.36 29.34 -17.27
N TYR FB 320 -82.80 28.95 -16.08
CA TYR FB 320 -81.89 28.76 -14.96
C TYR FB 320 -81.23 27.40 -15.07
N VAL FB 321 -80.64 27.12 -16.23
CA VAL FB 321 -79.94 25.87 -16.43
C VAL FB 321 -78.51 25.91 -15.89
N SER FB 322 -77.92 27.10 -15.81
CA SER FB 322 -76.53 27.20 -15.34
C SER FB 322 -76.41 26.89 -13.86
N CYS FB 323 -77.40 27.27 -13.07
CA CYS FB 323 -77.31 27.11 -11.63
C CYS FB 323 -77.41 25.63 -11.26
N SER FB 324 -77.00 25.33 -10.02
CA SER FB 324 -76.95 23.98 -9.50
C SER FB 324 -77.55 23.94 -8.10
N VAL FB 325 -78.02 22.76 -7.72
CA VAL FB 325 -78.68 22.54 -6.44
C VAL FB 325 -77.80 21.63 -5.58
N TYR FB 326 -77.64 21.99 -4.32
CA TYR FB 326 -76.69 21.35 -3.44
C TYR FB 326 -77.41 20.83 -2.20
N HIS FB 327 -76.84 19.77 -1.60
CA HIS FB 327 -77.29 19.31 -0.31
C HIS FB 327 -76.14 18.60 0.40
N TYR FB 328 -76.04 18.82 1.69
CA TYR FB 328 -74.95 18.28 2.50
C TYR FB 328 -75.52 17.53 3.69
N PRO FB 329 -75.88 16.29 3.50
CA PRO FB 329 -76.43 15.46 4.59
C PRO FB 329 -75.35 14.95 5.55
N PHE FB 330 -74.55 15.86 6.09
CA PHE FB 330 -73.47 15.48 6.97
C PHE FB 330 -73.29 16.55 8.03
N SER FB 331 -72.60 16.18 9.11
CA SER FB 331 -72.32 17.08 10.21
C SER FB 331 -70.82 17.06 10.49
N CYS FB 332 -70.23 18.23 10.64
CA CYS FB 332 -68.79 18.39 10.77
C CYS FB 332 -68.47 19.13 12.08
N LYS FB 333 -67.19 19.41 12.29
CA LYS FB 333 -66.72 20.05 13.50
C LYS FB 333 -66.34 21.50 13.21
N ASP FB 334 -66.69 22.39 14.14
CA ASP FB 334 -66.41 23.81 13.96
C ASP FB 334 -64.93 24.09 14.09
N LYS FB 335 -64.45 25.00 13.24
CA LYS FB 335 -63.06 25.44 13.34
C LYS FB 335 -62.84 26.31 14.56
N TRP FB 336 -63.83 27.12 14.94
CA TRP FB 336 -63.69 28.05 16.05
C TRP FB 336 -64.36 27.53 17.32
N THR FB 337 -65.64 27.15 17.22
CA THR FB 337 -66.39 26.73 18.38
C THR FB 337 -66.29 25.23 18.64
N GLN FB 338 -65.52 24.51 17.83
CA GLN FB 338 -65.34 23.06 17.93
C GLN FB 338 -66.64 22.37 18.36
N SER FB 339 -67.72 22.71 17.67
CA SER FB 339 -69.03 22.14 17.91
C SER FB 339 -69.48 21.37 16.69
N ARG FB 340 -70.33 20.36 16.91
CA ARG FB 340 -70.86 19.58 15.82
C ARG FB 340 -71.93 20.41 15.11
N VAL FB 341 -71.61 20.90 13.91
CA VAL FB 341 -72.46 21.83 13.19
C VAL FB 341 -72.73 21.30 11.79
N VAL FB 342 -73.83 21.78 11.22
CA VAL FB 342 -74.26 21.36 9.90
C VAL FB 342 -74.50 22.61 9.06
N PHE FB 343 -73.96 22.61 7.84
CA PHE FB 343 -74.16 23.74 6.93
C PHE FB 343 -73.97 23.24 5.50
N GLY FB 344 -74.03 24.18 4.56
CA GLY FB 344 -74.05 23.86 3.15
C GLY FB 344 -72.67 23.60 2.58
N LEU FB 345 -72.62 23.53 1.24
CA LEU FB 345 -71.40 23.26 0.50
C LEU FB 345 -71.24 24.18 -0.70
N SER FB 346 -72.04 25.22 -0.81
CA SER FB 346 -71.89 26.16 -1.91
C SER FB 346 -70.54 26.85 -1.87
N GLY FB 347 -70.07 27.22 -0.67
CA GLY FB 347 -68.79 27.88 -0.55
C GLY FB 347 -67.63 27.01 -0.99
N VAL FB 348 -67.63 25.75 -0.55
CA VAL FB 348 -66.54 24.86 -0.95
C VAL FB 348 -66.64 24.53 -2.44
N ALA FB 349 -67.86 24.46 -2.98
CA ALA FB 349 -68.01 24.28 -4.42
C ALA FB 349 -67.43 25.46 -5.19
N TYR FB 350 -67.70 26.67 -4.70
CA TYR FB 350 -67.13 27.85 -5.35
C TYR FB 350 -65.61 27.86 -5.23
N ALA FB 351 -65.08 27.39 -4.10
CA ALA FB 351 -63.65 27.28 -3.95
C ALA FB 351 -63.06 26.28 -4.94
N ALA FB 352 -63.74 25.16 -5.15
CA ALA FB 352 -63.30 24.19 -6.14
C ALA FB 352 -63.31 24.81 -7.53
N LYS FB 353 -64.34 25.58 -7.84
CA LYS FB 353 -64.37 26.29 -9.11
C LYS FB 353 -63.21 27.27 -9.22
N ALA FB 354 -62.91 27.97 -8.14
CA ALA FB 354 -61.82 28.94 -8.15
C ALA FB 354 -60.49 28.27 -8.42
N ARG FB 355 -60.21 27.17 -7.72
CA ARG FB 355 -58.95 26.47 -7.94
C ARG FB 355 -58.88 25.88 -9.35
N GLY FB 356 -59.99 25.31 -9.81
CA GLY FB 356 -60.00 24.74 -11.14
C GLY FB 356 -59.87 25.76 -12.25
N VAL FB 357 -60.26 27.00 -11.98
CA VAL FB 357 -60.11 28.04 -12.99
C VAL FB 357 -58.77 28.76 -12.87
N LYS FB 358 -58.15 28.76 -11.69
CA LYS FB 358 -56.85 29.40 -11.59
C LYS FB 358 -55.71 28.48 -11.99
N LYS FB 359 -55.90 27.16 -11.88
CA LYS FB 359 -54.86 26.25 -12.38
C LYS FB 359 -54.66 26.41 -13.88
N ASN FB 360 -55.69 26.87 -14.59
CA ASN FB 360 -55.55 27.21 -16.00
C ASN FB 360 -55.29 28.70 -16.12
N SER FB 361 -54.22 29.07 -16.82
CA SER FB 361 -53.74 30.45 -16.86
C SER FB 361 -54.15 31.21 -18.11
N ASP FB 362 -54.03 30.58 -19.29
CA ASP FB 362 -54.29 31.30 -20.54
C ASP FB 362 -55.74 31.73 -20.63
N VAL FB 363 -56.67 30.91 -20.14
CA VAL FB 363 -58.09 31.26 -20.08
C VAL FB 363 -58.74 30.93 -18.74
N GLY FB 364 -58.30 29.94 -18.01
CA GLY FB 364 -59.12 29.50 -16.89
C GLY FB 364 -59.85 28.23 -17.24
N GLY FB 365 -60.04 27.38 -16.24
CA GLY FB 365 -60.59 26.05 -16.46
C GLY FB 365 -62.11 25.97 -16.46
N TRP FB 366 -62.79 26.48 -17.49
CA TRP FB 366 -64.24 26.26 -17.52
C TRP FB 366 -64.59 24.82 -17.85
N HIS FB 367 -63.69 24.08 -18.49
CA HIS FB 367 -63.97 22.73 -18.94
C HIS FB 367 -63.68 21.69 -17.88
N TYR FB 368 -63.16 22.08 -16.73
CA TYR FB 368 -62.92 21.12 -15.66
C TYR FB 368 -64.20 20.85 -14.87
N SER FB 369 -64.11 19.89 -13.97
CA SER FB 369 -65.22 19.47 -13.12
C SER FB 369 -64.78 19.51 -11.66
N PRO FB 370 -65.71 19.71 -10.74
CA PRO FB 370 -65.38 19.78 -9.31
C PRO FB 370 -65.08 18.42 -8.68
N ALA FB 371 -64.25 17.63 -9.35
CA ALA FB 371 -63.94 16.29 -8.89
C ALA FB 371 -62.47 16.00 -9.13
N GLY FB 372 -61.96 15.00 -8.40
CA GLY FB 372 -60.58 14.61 -8.53
C GLY FB 372 -59.87 14.54 -7.20
N GLU FB 373 -59.15 13.43 -6.97
CA GLU FB 373 -58.47 13.24 -5.70
C GLU FB 373 -57.45 14.34 -5.44
N GLU FB 374 -56.67 14.69 -6.46
CA GLU FB 374 -55.62 15.68 -6.31
C GLU FB 374 -56.14 17.12 -6.36
N ARG FB 375 -57.37 17.33 -6.80
CA ARG FB 375 -57.87 18.67 -7.04
C ARG FB 375 -59.10 19.00 -6.21
N ALA FB 376 -60.01 18.04 -6.02
CA ALA FB 376 -61.22 18.27 -5.24
C ALA FB 376 -60.98 17.73 -3.83
N VAL FB 377 -60.76 18.64 -2.88
CA VAL FB 377 -60.56 18.28 -1.49
C VAL FB 377 -61.35 19.26 -0.63
N ILE FB 378 -62.20 18.74 0.26
CA ILE FB 378 -62.89 19.61 1.20
C ILE FB 378 -62.34 19.40 2.60
N ALA FB 379 -62.50 18.19 3.14
CA ALA FB 379 -61.91 17.80 4.42
C ALA FB 379 -62.12 18.86 5.49
N ARG FB 380 -63.37 19.14 5.86
CA ARG FB 380 -63.63 20.28 6.72
C ARG FB 380 -63.15 20.02 8.15
N ALA FB 381 -63.82 19.11 8.85
CA ALA FB 381 -63.39 18.66 10.17
C ALA FB 381 -64.28 17.53 10.66
N SER FB 382 -63.69 16.46 11.18
CA SER FB 382 -64.41 15.38 11.86
C SER FB 382 -65.73 15.08 11.18
N ILE FB 383 -65.65 14.79 9.88
CA ILE FB 383 -66.83 14.64 9.07
C ILE FB 383 -67.60 13.42 9.53
N GLN FB 384 -68.88 13.58 9.84
CA GLN FB 384 -69.71 12.46 10.22
C GLN FB 384 -71.10 12.66 9.67
N PRO FB 385 -71.85 11.57 9.46
CA PRO FB 385 -73.11 11.67 8.72
C PRO FB 385 -74.20 12.33 9.53
N LEU FB 386 -75.30 12.66 8.84
CA LEU FB 386 -76.45 13.26 9.48
C LEU FB 386 -77.46 12.20 9.95
N TYR FB 387 -77.99 11.41 9.03
CA TYR FB 387 -79.04 10.45 9.34
C TYR FB 387 -78.57 9.03 9.07
N PRO FB 388 -78.27 8.24 10.10
CA PRO FB 388 -77.89 6.85 9.87
C PRO FB 388 -78.98 6.02 9.23
N GLU FB 389 -80.23 6.48 9.30
CA GLU FB 389 -81.36 5.75 8.74
C GLU FB 389 -81.64 6.11 7.29
N ASP FB 390 -81.32 7.34 6.87
CA ASP FB 390 -81.65 7.78 5.53
C ASP FB 390 -80.72 7.13 4.51
N THR FB 391 -81.30 6.62 3.43
CA THR FB 391 -80.55 6.01 2.35
C THR FB 391 -80.91 6.69 1.04
N PRO FB 392 -79.94 7.19 0.28
CA PRO FB 392 -80.23 7.83 -0.99
C PRO FB 392 -80.33 6.82 -2.13
N ASP FB 393 -80.76 7.33 -3.28
CA ASP FB 393 -80.89 6.54 -4.50
C ASP FB 393 -80.22 7.29 -5.64
N GLU FB 394 -79.22 6.65 -6.26
CA GLU FB 394 -78.49 7.30 -7.34
C GLU FB 394 -79.39 7.61 -8.52
N GLU FB 395 -80.25 6.66 -8.90
CA GLU FB 395 -81.16 6.90 -10.01
C GLU FB 395 -82.13 8.03 -9.69
N ALA FB 396 -82.68 8.03 -8.48
CA ALA FB 396 -83.62 9.08 -8.10
C ALA FB 396 -82.96 10.44 -8.13
N MET FB 397 -81.75 10.55 -7.58
CA MET FB 397 -81.08 11.84 -7.53
C MET FB 397 -80.66 12.31 -8.92
N VAL FB 398 -80.23 11.39 -9.79
CA VAL FB 398 -79.85 11.82 -11.13
C VAL FB 398 -81.08 12.25 -11.91
N LYS FB 399 -82.22 11.58 -11.70
CA LYS FB 399 -83.46 12.04 -12.32
C LYS FB 399 -83.83 13.42 -11.80
N GLY FB 400 -83.67 13.65 -10.50
CA GLY FB 400 -83.98 14.92 -9.89
C GLY FB 400 -82.90 15.97 -10.03
N ARG FB 401 -81.84 15.67 -10.77
CA ARG FB 401 -80.75 16.63 -11.02
C ARG FB 401 -80.04 17.02 -9.72
N LEU FB 402 -79.97 16.10 -8.76
CA LEU FB 402 -79.35 16.37 -7.48
C LEU FB 402 -77.88 16.00 -7.51
N ASN FB 403 -77.09 16.70 -6.69
CA ASN FB 403 -75.65 16.53 -6.64
C ASN FB 403 -75.28 15.77 -5.38
N LYS FB 404 -74.55 14.67 -5.56
CA LYS FB 404 -74.05 13.86 -4.46
C LYS FB 404 -72.63 14.29 -4.12
N VAL FB 405 -72.19 13.91 -2.93
CA VAL FB 405 -70.84 14.21 -2.47
C VAL FB 405 -70.29 12.96 -1.79
N SER FB 406 -69.05 12.57 -2.14
CA SER FB 406 -68.46 11.34 -1.62
C SER FB 406 -67.13 11.62 -0.94
N VAL FB 407 -66.41 10.56 -0.59
CA VAL FB 407 -65.20 10.67 0.20
C VAL FB 407 -64.03 10.10 -0.62
N GLY FB 408 -62.83 10.59 -0.31
CA GLY FB 408 -61.62 10.14 -0.97
C GLY FB 408 -60.78 9.21 -0.10
N THR FB 409 -59.62 8.84 -0.66
CA THR FB 409 -58.76 7.87 0.02
C THR FB 409 -58.24 8.40 1.34
N SER FB 410 -57.81 9.66 1.37
CA SER FB 410 -57.22 10.25 2.56
C SER FB 410 -58.25 10.79 3.53
N GLY FB 411 -59.53 10.42 3.36
CA GLY FB 411 -60.57 10.91 4.23
C GLY FB 411 -61.10 12.27 3.86
N GLN FB 412 -60.47 12.97 2.91
CA GLN FB 412 -60.97 14.24 2.44
C GLN FB 412 -62.30 14.03 1.71
N MET FB 413 -62.96 15.14 1.38
CA MET FB 413 -64.35 15.06 0.95
C MET FB 413 -64.40 15.63 -0.46
N ILE FB 414 -65.07 14.95 -1.38
CA ILE FB 414 -65.02 15.33 -2.79
C ILE FB 414 -66.45 15.42 -3.34
N ILE FB 415 -66.57 16.13 -4.44
CA ILE FB 415 -67.85 16.36 -5.11
C ILE FB 415 -67.86 15.49 -6.37
N ASP FB 416 -68.66 14.44 -6.34
CA ASP FB 416 -68.76 13.50 -7.47
C ASP FB 416 -69.98 13.83 -8.33
N ASP FB 417 -69.95 15.00 -8.96
CA ASP FB 417 -71.01 15.39 -9.88
C ASP FB 417 -70.48 16.34 -10.94
N ALA FB 418 -71.16 16.35 -12.08
CA ALA FB 418 -70.97 17.33 -13.15
C ALA FB 418 -72.32 17.74 -13.74
N LEU FB 419 -73.36 17.73 -12.91
CA LEU FB 419 -74.74 17.87 -13.36
C LEU FB 419 -75.37 19.12 -12.78
N THR FB 420 -76.11 19.84 -13.61
CA THR FB 420 -76.85 21.00 -13.17
C THR FB 420 -78.33 20.64 -13.00
N CYS FB 421 -79.15 21.63 -12.69
CA CYS FB 421 -80.59 21.44 -12.55
C CYS FB 421 -81.34 21.70 -13.85
N CYS FB 422 -80.68 21.51 -14.99
CA CYS FB 422 -81.33 21.75 -16.27
C CYS FB 422 -82.42 20.71 -16.50
N THR FB 423 -83.65 21.18 -16.69
CA THR FB 423 -84.75 20.26 -16.96
C THR FB 423 -84.56 19.54 -18.28
N GLN FB 424 -84.05 20.25 -19.29
CA GLN FB 424 -83.85 19.65 -20.60
C GLN FB 424 -82.77 18.58 -20.54
N ASP FB 425 -82.98 17.50 -21.28
CA ASP FB 425 -82.01 16.42 -21.37
C ASP FB 425 -80.84 16.75 -22.29
N ASN FB 426 -80.69 18.00 -22.68
CA ASN FB 426 -79.58 18.42 -23.51
C ASN FB 426 -78.30 18.45 -22.69
N TYR FB 427 -77.19 18.81 -23.36
CA TYR FB 427 -75.91 18.89 -22.68
C TYR FB 427 -75.84 20.05 -21.69
N LEU FB 428 -76.85 20.93 -21.71
CA LEU FB 428 -76.93 21.99 -20.73
C LEU FB 428 -77.00 21.46 -19.30
N HIS FB 429 -77.43 20.20 -19.14
CA HIS FB 429 -77.41 19.56 -17.83
C HIS FB 429 -76.00 19.49 -17.26
N PHE FB 430 -74.98 19.51 -18.11
CA PHE FB 430 -73.61 19.59 -17.64
C PHE FB 430 -73.33 20.97 -17.06
N GLN FB 431 -72.17 21.11 -16.44
CA GLN FB 431 -71.76 22.37 -15.83
C GLN FB 431 -70.62 23.05 -16.56
N HIS FB 432 -69.74 22.29 -17.20
CA HIS FB 432 -68.63 22.89 -17.92
C HIS FB 432 -69.09 23.45 -19.26
N VAL FB 433 -70.05 22.78 -19.88
CA VAL FB 433 -70.58 23.26 -21.16
C VAL FB 433 -71.24 24.64 -20.99
N PRO FB 434 -72.16 24.84 -20.04
CA PRO FB 434 -72.69 26.20 -19.86
C PRO FB 434 -71.61 27.21 -19.54
N SER FB 435 -70.57 26.79 -18.81
CA SER FB 435 -69.47 27.69 -18.53
C SER FB 435 -68.80 28.14 -19.83
N LEU FB 436 -68.61 27.22 -20.78
CA LEU FB 436 -67.93 27.60 -21.99
C LEU FB 436 -68.80 28.49 -22.87
N MET FB 437 -70.11 28.21 -22.97
CA MET FB 437 -70.90 29.18 -23.72
C MET FB 437 -70.91 30.54 -23.05
N ASN FB 438 -70.95 30.59 -21.73
CA ASN FB 438 -70.90 31.89 -21.06
C ASN FB 438 -69.59 32.62 -21.38
N ALA FB 439 -68.46 31.93 -21.25
CA ALA FB 439 -67.18 32.57 -21.54
C ALA FB 439 -67.15 33.10 -22.97
N ILE FB 440 -67.51 32.25 -23.94
CA ILE FB 440 -67.43 32.68 -25.33
C ILE FB 440 -68.37 33.85 -25.57
N SER FB 441 -69.56 33.81 -24.96
CA SER FB 441 -70.49 34.92 -25.08
C SER FB 441 -69.87 36.21 -24.58
N ARG FB 442 -69.21 36.17 -23.41
CA ARG FB 442 -68.58 37.37 -22.90
C ARG FB 442 -67.46 37.85 -23.81
N PHE FB 443 -66.69 36.94 -24.42
CA PHE FB 443 -65.67 37.42 -25.35
C PHE FB 443 -66.30 38.11 -26.54
N PHE FB 444 -67.35 37.52 -27.12
CA PHE FB 444 -68.01 38.21 -28.22
C PHE FB 444 -68.55 39.55 -27.78
N VAL FB 445 -69.13 39.63 -26.59
CA VAL FB 445 -69.68 40.89 -26.13
C VAL FB 445 -68.59 41.94 -26.02
N GLN FB 446 -67.48 41.60 -25.36
CA GLN FB 446 -66.43 42.60 -25.17
C GLN FB 446 -65.82 43.02 -26.50
N LEU FB 447 -65.61 42.07 -27.41
CA LEU FB 447 -65.00 42.45 -28.68
C LEU FB 447 -65.94 43.32 -29.52
N ALA FB 448 -67.22 42.96 -29.57
CA ALA FB 448 -68.16 43.76 -30.33
C ALA FB 448 -68.32 45.15 -29.74
N ARG FB 449 -68.35 45.23 -28.41
CA ARG FB 449 -68.55 46.52 -27.75
C ARG FB 449 -67.32 47.41 -27.83
N GLN FB 450 -66.12 46.83 -27.87
CA GLN FB 450 -64.96 47.66 -28.19
C GLN FB 450 -64.89 47.98 -29.67
N MET FB 451 -65.60 47.22 -30.51
CA MET FB 451 -65.69 47.53 -31.93
C MET FB 451 -66.78 48.56 -32.26
N LYS FB 452 -67.71 48.81 -31.34
CA LYS FB 452 -68.86 49.63 -31.62
C LYS FB 452 -68.47 51.07 -31.97
N HIS FB 453 -69.44 51.81 -32.51
CA HIS FB 453 -69.28 53.23 -32.81
C HIS FB 453 -68.15 53.48 -33.80
N SER FB 454 -68.06 52.63 -34.82
CA SER FB 454 -67.04 52.75 -35.83
C SER FB 454 -67.65 52.43 -37.19
N PRO FB 455 -67.37 53.21 -38.22
CA PRO FB 455 -67.96 52.93 -39.54
C PRO FB 455 -67.41 51.64 -40.12
N ASP FB 456 -68.22 51.01 -40.96
CA ASP FB 456 -67.85 49.74 -41.55
C ASP FB 456 -66.76 49.92 -42.60
N GLY FB 457 -66.34 48.81 -43.18
CA GLY FB 457 -65.27 48.81 -44.16
C GLY FB 457 -64.03 48.15 -43.61
N ILE FB 458 -63.76 48.42 -42.34
CA ILE FB 458 -62.63 47.79 -41.64
C ILE FB 458 -63.07 47.03 -40.41
N THR FB 459 -64.20 47.40 -39.80
CA THR FB 459 -64.71 46.68 -38.64
C THR FB 459 -64.99 45.22 -38.98
N ALA FB 460 -65.36 44.93 -40.22
CA ALA FB 460 -65.59 43.54 -40.61
C ALA FB 460 -64.30 42.74 -40.51
N ALA FB 461 -63.21 43.27 -41.08
CA ALA FB 461 -61.93 42.58 -40.97
C ALA FB 461 -61.48 42.50 -39.51
N GLY FB 462 -61.74 43.56 -38.74
CA GLY FB 462 -61.36 43.54 -37.34
C GLY FB 462 -62.07 42.46 -36.55
N LEU FB 463 -63.38 42.35 -36.74
CA LEU FB 463 -64.14 41.31 -36.05
C LEU FB 463 -63.74 39.92 -36.53
N THR FB 464 -63.42 39.77 -37.81
CA THR FB 464 -62.94 38.47 -38.29
C THR FB 464 -61.60 38.12 -37.64
N LYS FB 465 -60.67 39.06 -37.57
CA LYS FB 465 -59.40 38.73 -36.95
C LYS FB 465 -59.57 38.45 -35.47
N GLY FB 466 -60.54 39.13 -34.84
CA GLY FB 466 -60.80 38.87 -33.44
C GLY FB 466 -61.34 37.48 -33.18
N MET FB 467 -62.29 37.05 -34.02
CA MET FB 467 -62.80 35.69 -33.89
C MET FB 467 -61.71 34.67 -34.19
N THR FB 468 -60.82 34.96 -35.15
CA THR FB 468 -59.68 34.09 -35.35
C THR FB 468 -58.84 33.98 -34.09
N LYS FB 469 -58.57 35.11 -33.43
CA LYS FB 469 -57.68 35.12 -32.28
C LYS FB 469 -58.31 34.39 -31.09
N LEU FB 470 -59.59 34.64 -30.83
CA LEU FB 470 -60.28 33.90 -29.78
C LEU FB 470 -60.30 32.41 -30.05
N LEU FB 471 -60.58 32.00 -31.30
CA LEU FB 471 -60.53 30.57 -31.58
C LEU FB 471 -59.11 30.04 -31.41
N ASP FB 472 -58.12 30.90 -31.63
CA ASP FB 472 -56.74 30.52 -31.38
C ASP FB 472 -56.56 30.18 -29.91
N ARG FB 473 -57.05 31.03 -29.02
CA ARG FB 473 -56.95 30.68 -27.61
C ARG FB 473 -57.76 29.45 -27.22
N PHE FB 474 -58.96 29.24 -27.78
CA PHE FB 474 -59.63 28.00 -27.38
C PHE FB 474 -58.90 26.77 -27.88
N VAL FB 475 -58.34 26.82 -29.08
CA VAL FB 475 -57.60 25.65 -29.53
C VAL FB 475 -56.34 25.46 -28.69
N ALA FB 476 -55.73 26.55 -28.26
CA ALA FB 476 -54.60 26.43 -27.33
C ALA FB 476 -55.03 25.75 -26.05
N SER FB 477 -56.21 26.12 -25.54
CA SER FB 477 -56.73 25.48 -24.33
C SER FB 477 -57.03 24.01 -24.57
N GLY FB 478 -57.50 23.67 -25.76
CA GLY FB 478 -57.86 22.32 -26.09
C GLY FB 478 -59.21 21.87 -25.57
N ALA FB 479 -60.00 22.79 -25.00
CA ALA FB 479 -61.28 22.39 -24.42
C ALA FB 479 -62.25 21.90 -25.49
N LEU FB 480 -62.27 22.55 -26.64
CA LEU FB 480 -63.18 22.17 -27.72
C LEU FB 480 -62.55 21.04 -28.53
N VAL FB 481 -63.40 20.25 -29.17
CA VAL FB 481 -62.94 19.11 -29.95
C VAL FB 481 -63.56 19.16 -31.34
N ALA FB 482 -62.91 18.48 -32.27
CA ALA FB 482 -63.43 18.37 -33.62
C ALA FB 482 -64.69 17.52 -33.63
N PRO FB 483 -65.57 17.72 -34.60
CA PRO FB 483 -66.78 16.87 -34.69
C PRO FB 483 -66.40 15.42 -34.88
N ARG FB 484 -67.19 14.54 -34.25
CA ARG FB 484 -66.88 13.13 -34.24
C ARG FB 484 -67.38 12.41 -35.49
N ASP FB 485 -68.20 13.04 -36.30
CA ASP FB 485 -68.69 12.43 -37.55
C ASP FB 485 -68.23 13.28 -38.72
N PRO FB 486 -67.21 12.86 -39.45
CA PRO FB 486 -66.64 13.75 -40.48
C PRO FB 486 -67.60 14.09 -41.60
N ASP FB 487 -68.30 13.09 -42.17
CA ASP FB 487 -69.11 13.37 -43.34
C ASP FB 487 -70.37 14.14 -42.97
N ALA FB 488 -71.00 13.78 -41.85
CA ALA FB 488 -72.26 14.40 -41.45
C ALA FB 488 -72.08 15.56 -40.49
N ASP FB 489 -71.33 15.36 -39.41
CA ASP FB 489 -71.09 16.41 -38.43
C ASP FB 489 -69.95 17.34 -38.84
N GLY FB 490 -69.28 17.05 -39.95
CA GLY FB 490 -68.16 17.86 -40.39
C GLY FB 490 -66.86 17.42 -39.74
N THR FB 491 -65.79 18.10 -40.14
CA THR FB 491 -64.46 17.81 -39.63
C THR FB 491 -63.82 19.01 -38.93
N GLU FB 492 -64.28 20.22 -39.19
CA GLU FB 492 -63.72 21.40 -38.55
C GLU FB 492 -64.50 21.74 -37.29
N PRO FB 493 -63.85 21.75 -36.12
CA PRO FB 493 -64.58 22.07 -34.89
C PRO FB 493 -65.20 23.45 -34.88
N TYR FB 494 -64.56 24.45 -35.48
CA TYR FB 494 -64.98 25.83 -35.34
C TYR FB 494 -65.61 26.30 -36.64
N VAL FB 495 -66.86 26.75 -36.56
CA VAL FB 495 -67.58 27.30 -37.69
C VAL FB 495 -67.99 28.72 -37.33
N LEU FB 496 -67.74 29.65 -38.23
CA LEU FB 496 -67.93 31.08 -37.96
C LEU FB 496 -68.60 31.76 -39.14
N LYS FB 497 -69.42 32.76 -38.84
CA LYS FB 497 -70.02 33.56 -39.91
C LYS FB 497 -70.42 34.91 -39.37
N VAL FB 498 -70.33 35.93 -40.22
CA VAL FB 498 -70.73 37.29 -39.88
C VAL FB 498 -71.40 37.93 -41.09
N THR FB 499 -72.44 38.71 -40.86
CA THR FB 499 -73.11 39.45 -41.91
C THR FB 499 -73.73 40.71 -41.31
N GLN FB 500 -74.34 41.52 -42.17
CA GLN FB 500 -75.06 42.70 -41.74
C GLN FB 500 -76.47 42.65 -42.31
N ALA FB 501 -77.46 43.06 -41.52
CA ALA FB 501 -78.83 43.06 -42.00
C ALA FB 501 -79.20 44.38 -42.67
N GLU FB 502 -78.91 45.50 -42.02
CA GLU FB 502 -79.32 46.82 -42.49
C GLU FB 502 -78.29 47.83 -41.98
N PHE FB 503 -78.67 49.11 -41.97
CA PHE FB 503 -77.79 50.16 -41.45
C PHE FB 503 -77.18 49.79 -40.10
N ASP FB 504 -77.82 48.90 -39.34
CA ASP FB 504 -77.29 48.37 -38.10
C ASP FB 504 -77.47 46.86 -38.13
N LYS FB 505 -77.35 46.23 -36.97
CA LYS FB 505 -77.57 44.78 -36.80
C LYS FB 505 -76.59 43.98 -37.66
N TRP FB 506 -75.33 44.06 -37.26
CA TRP FB 506 -74.33 43.10 -37.71
C TRP FB 506 -74.47 41.84 -36.89
N GLU FB 507 -74.89 40.76 -37.54
CA GLU FB 507 -75.09 39.48 -36.88
C GLU FB 507 -73.85 38.60 -37.05
N VAL FB 508 -73.61 37.77 -36.05
CA VAL FB 508 -72.48 36.84 -36.07
C VAL FB 508 -72.92 35.55 -35.40
N VAL FB 509 -72.50 34.43 -35.97
CA VAL FB 509 -72.84 33.11 -35.48
C VAL FB 509 -71.59 32.25 -35.44
N TRP FB 510 -71.59 31.29 -34.53
CA TRP FB 510 -70.46 30.40 -34.31
C TRP FB 510 -70.98 29.05 -33.83
N ALA FB 511 -70.22 28.01 -34.15
CA ALA FB 511 -70.57 26.63 -33.80
C ALA FB 511 -69.31 25.88 -33.42
N CYS FB 512 -69.39 25.13 -32.32
CA CYS FB 512 -68.23 24.46 -31.75
C CYS FB 512 -68.67 23.14 -31.13
N CYS FB 513 -67.69 22.26 -30.92
CA CYS FB 513 -67.93 20.94 -30.35
C CYS FB 513 -67.05 20.74 -29.12
N PRO FB 514 -67.61 20.60 -27.93
CA PRO FB 514 -66.80 20.43 -26.73
C PRO FB 514 -66.41 18.98 -26.50
N THR FB 515 -65.53 18.78 -25.53
CA THR FB 515 -65.02 17.46 -25.22
C THR FB 515 -66.02 16.67 -24.39
N GLY FB 516 -65.70 15.40 -24.16
CA GLY FB 516 -66.54 14.53 -23.37
C GLY FB 516 -66.28 14.63 -21.88
N VAL FB 517 -67.04 13.84 -21.13
CA VAL FB 517 -66.99 13.87 -19.67
C VAL FB 517 -66.35 12.62 -19.09
N ALA FB 518 -66.48 11.48 -19.76
CA ALA FB 518 -66.05 10.18 -19.23
C ALA FB 518 -66.76 9.88 -17.91
N ARG FB 519 -68.09 9.72 -18.02
CA ARG FB 519 -68.91 9.51 -16.83
C ARG FB 519 -68.49 8.27 -16.08
N ARG FB 520 -68.38 7.13 -16.77
CA ARG FB 520 -68.11 5.88 -16.10
C ARG FB 520 -67.22 4.98 -16.94
N ILE FB 521 -66.38 4.23 -16.24
CA ILE FB 521 -65.64 3.08 -16.77
C ILE FB 521 -66.31 1.82 -16.25
N GLN FB 522 -66.38 0.80 -17.10
CA GLN FB 522 -66.82 -0.52 -16.68
C GLN FB 522 -65.61 -1.43 -16.65
N GLY FB 523 -65.65 -2.43 -15.78
CA GLY FB 523 -64.59 -3.41 -15.73
C GLY FB 523 -65.10 -4.78 -15.35
N VAL FB 524 -64.75 -5.79 -16.14
CA VAL FB 524 -65.16 -7.15 -15.81
C VAL FB 524 -63.94 -8.06 -15.92
N PRO FB 525 -63.57 -8.72 -14.84
CA PRO FB 525 -62.45 -9.67 -14.90
C PRO FB 525 -62.86 -10.96 -15.58
N LEU FB 526 -61.84 -11.69 -16.02
CA LEU FB 526 -62.04 -13.02 -16.57
C LEU FB 526 -60.70 -13.75 -16.53
N LEU FB 527 -60.76 -15.07 -16.66
CA LEU FB 527 -59.59 -15.93 -16.52
C LEU FB 527 -59.17 -16.46 -17.88
N ILE FB 528 -57.87 -16.40 -18.15
CA ILE FB 528 -57.34 -16.98 -19.38
C ILE FB 528 -57.50 -18.49 -19.37
N LYS FB 529 -57.40 -19.11 -18.19
CA LYS FB 529 -57.48 -20.56 -18.01
C LYS FB 529 -56.23 -21.24 -18.57
N SER GB 2 -74.35 3.38 2.51
CA SER GB 2 -73.80 4.61 1.95
C SER GB 2 -73.59 4.45 0.45
N GLN GB 3 -73.48 5.57 -0.25
CA GLN GB 3 -73.26 5.53 -1.69
C GLN GB 3 -71.93 4.91 -2.08
N TYR GB 4 -71.03 4.75 -1.11
CA TYR GB 4 -69.72 4.18 -1.38
C TYR GB 4 -69.80 2.73 -1.79
N SER GB 5 -70.93 2.07 -1.52
CA SER GB 5 -71.14 0.72 -2.02
C SER GB 5 -71.20 0.73 -3.54
N ILE GB 6 -70.74 -0.36 -4.15
CA ILE GB 6 -70.68 -0.49 -5.59
C ILE GB 6 -71.72 -1.51 -6.03
N GLN GB 7 -72.63 -1.08 -6.89
CA GLN GB 7 -73.70 -1.94 -7.38
C GLN GB 7 -73.23 -2.72 -8.59
N GLN GB 8 -74.06 -3.67 -9.03
CA GLN GB 8 -73.78 -4.49 -10.20
C GLN GB 8 -74.50 -4.01 -11.45
N SER GB 9 -75.76 -3.61 -11.33
CA SER GB 9 -76.51 -3.11 -12.46
C SER GB 9 -76.24 -1.62 -12.62
N LEU GB 10 -75.87 -1.22 -13.84
CA LEU GB 10 -75.46 0.15 -14.12
C LEU GB 10 -76.40 0.77 -15.14
N GLY GB 11 -76.58 2.09 -15.02
CA GLY GB 11 -77.45 2.79 -15.93
C GLY GB 11 -76.83 4.04 -16.52
N ASN GB 12 -77.53 5.16 -16.38
CA ASN GB 12 -77.13 6.43 -16.97
C ASN GB 12 -76.69 7.44 -15.91
N ALA GB 13 -76.93 7.15 -14.64
CA ALA GB 13 -76.58 8.07 -13.56
C ALA GB 13 -75.09 8.35 -13.54
N SER GB 14 -74.74 9.54 -13.07
CA SER GB 14 -73.35 10.00 -13.04
C SER GB 14 -72.62 9.31 -11.89
N GLY GB 15 -72.20 8.07 -12.15
CA GLY GB 15 -71.48 7.29 -11.18
C GLY GB 15 -70.66 6.21 -11.85
N VAL GB 16 -69.74 5.64 -11.08
CA VAL GB 16 -68.88 4.56 -11.56
C VAL GB 16 -69.07 3.35 -10.65
N ALA GB 17 -69.36 2.20 -11.25
CA ALA GB 17 -69.52 0.95 -10.51
C ALA GB 17 -69.00 -0.17 -11.38
N VAL GB 18 -69.33 -1.42 -11.00
CA VAL GB 18 -68.80 -2.59 -11.67
C VAL GB 18 -69.95 -3.46 -12.12
N SER GB 19 -69.69 -4.28 -13.12
CA SER GB 19 -70.63 -5.29 -13.59
C SER GB 19 -70.35 -6.62 -12.92
N PRO GB 20 -71.34 -7.51 -12.85
CA PRO GB 20 -71.11 -8.82 -12.23
C PRO GB 20 -70.03 -9.60 -12.95
N ILE GB 21 -69.33 -10.44 -12.18
CA ILE GB 21 -68.22 -11.22 -12.71
C ILE GB 21 -68.70 -12.18 -13.78
N ASN GB 22 -67.90 -12.33 -14.83
CA ASN GB 22 -68.08 -13.36 -15.84
C ASN GB 22 -66.79 -14.15 -15.99
N ALA GB 23 -66.91 -15.45 -16.19
CA ALA GB 23 -65.77 -16.32 -16.41
C ALA GB 23 -65.82 -17.06 -17.74
N ASP GB 24 -67.00 -17.21 -18.34
CA ASP GB 24 -67.13 -17.93 -19.60
C ASP GB 24 -67.17 -16.91 -20.74
N ALA GB 25 -66.03 -16.29 -20.97
CA ALA GB 25 -65.88 -15.29 -22.02
C ALA GB 25 -64.47 -15.39 -22.60
N THR GB 26 -64.34 -14.89 -23.83
CA THR GB 26 -63.08 -14.89 -24.54
C THR GB 26 -62.77 -13.49 -25.05
N LEU GB 27 -61.49 -13.23 -25.30
CA LEU GB 27 -61.08 -11.91 -25.77
C LEU GB 27 -59.76 -12.06 -26.53
N SER GB 28 -59.55 -11.16 -27.49
CA SER GB 28 -58.34 -11.17 -28.30
C SER GB 28 -58.11 -9.77 -28.83
N THR GB 29 -56.92 -9.25 -28.59
CA THR GB 29 -56.57 -7.89 -29.00
C THR GB 29 -55.69 -7.92 -30.25
N GLY GB 30 -55.74 -6.84 -31.00
CA GLY GB 30 -54.94 -6.71 -32.20
C GLY GB 30 -55.53 -5.71 -33.16
N VAL GB 31 -54.68 -5.22 -34.05
CA VAL GB 31 -55.06 -4.24 -35.07
C VAL GB 31 -54.83 -4.88 -36.43
N ALA GB 32 -55.90 -4.93 -37.25
CA ALA GB 32 -55.80 -5.55 -38.57
C ALA GB 32 -54.91 -4.72 -39.48
N LEU GB 33 -53.97 -5.40 -40.14
CA LEU GB 33 -53.06 -4.70 -41.05
C LEU GB 33 -53.70 -4.47 -42.41
N ASN GB 34 -54.53 -5.40 -42.87
CA ASN GB 34 -55.29 -5.25 -44.11
C ASN GB 34 -54.38 -5.06 -45.31
N SER GB 35 -53.18 -5.63 -45.26
CA SER GB 35 -52.33 -5.66 -46.43
C SER GB 35 -52.99 -6.48 -47.54
N SER GB 36 -53.59 -7.60 -47.19
CA SER GB 36 -54.37 -8.42 -48.10
C SER GB 36 -55.73 -8.67 -47.47
N LEU GB 37 -56.77 -8.63 -48.29
CA LEU GB 37 -58.14 -8.77 -47.80
C LEU GB 37 -58.77 -10.02 -48.39
N TRP GB 38 -59.53 -10.71 -47.55
CA TRP GB 38 -60.16 -11.98 -47.88
C TRP GB 38 -61.64 -11.94 -47.53
N ALA GB 39 -62.39 -12.83 -48.18
CA ALA GB 39 -63.80 -12.98 -47.91
C ALA GB 39 -64.23 -14.38 -48.32
N GLY GB 40 -65.42 -14.77 -47.87
CA GLY GB 40 -65.95 -16.06 -48.24
C GLY GB 40 -67.26 -16.33 -47.54
N ILE GB 41 -67.78 -17.53 -47.81
CA ILE GB 41 -69.04 -17.96 -47.21
C ILE GB 41 -68.76 -18.63 -45.88
N GLY GB 42 -69.75 -18.65 -45.00
CA GLY GB 42 -69.60 -19.34 -43.74
C GLY GB 42 -70.91 -19.39 -42.99
N VAL GB 43 -70.93 -20.25 -41.99
CA VAL GB 43 -72.06 -20.37 -41.07
C VAL GB 43 -71.57 -20.02 -39.68
N PHE GB 44 -72.26 -19.07 -39.04
CA PHE GB 44 -71.80 -18.59 -37.75
C PHE GB 44 -73.02 -18.22 -36.91
N ALA GB 45 -72.84 -18.25 -35.60
CA ALA GB 45 -73.83 -17.69 -34.71
C ALA GB 45 -73.89 -16.19 -34.90
N ARG GB 46 -75.10 -15.63 -34.83
CA ARG GB 46 -75.30 -14.20 -35.06
C ARG GB 46 -74.88 -13.82 -36.47
N GLY GB 47 -74.89 -12.52 -36.77
CA GLY GB 47 -74.50 -12.06 -38.09
C GLY GB 47 -75.63 -12.16 -39.08
N LYS GB 48 -75.80 -11.13 -39.89
CA LYS GB 48 -76.87 -11.14 -40.88
C LYS GB 48 -76.50 -12.11 -41.99
N PRO GB 49 -77.30 -13.14 -42.24
CA PRO GB 49 -76.98 -14.09 -43.30
C PRO GB 49 -77.21 -13.50 -44.69
N PHE GB 50 -76.55 -14.11 -45.67
CA PHE GB 50 -76.68 -13.71 -47.07
C PHE GB 50 -76.40 -12.23 -47.24
N THR GB 51 -75.37 -11.75 -46.56
CA THR GB 51 -74.98 -10.34 -46.65
C THR GB 51 -73.50 -10.25 -46.29
N VAL GB 52 -72.74 -9.52 -47.11
CA VAL GB 52 -71.34 -9.30 -46.80
C VAL GB 52 -71.23 -8.53 -45.50
N LEU GB 53 -70.28 -8.94 -44.66
CA LEU GB 53 -70.09 -8.35 -43.35
C LEU GB 53 -68.60 -8.19 -43.13
N ALA GB 54 -68.18 -6.94 -42.91
CA ALA GB 54 -66.78 -6.61 -42.64
C ALA GB 54 -66.50 -6.85 -41.16
N VAL GB 55 -65.61 -7.81 -40.88
CA VAL GB 55 -65.29 -8.22 -39.52
C VAL GB 55 -63.79 -8.07 -39.32
N THR GB 56 -63.40 -7.47 -38.19
CA THR GB 56 -62.01 -7.24 -37.87
C THR GB 56 -61.64 -7.99 -36.60
N GLU GB 57 -60.40 -7.79 -36.15
CA GLU GB 57 -59.93 -8.44 -34.93
C GLU GB 57 -60.66 -7.91 -33.70
N SER GB 58 -61.18 -6.69 -33.75
CA SER GB 58 -61.80 -6.10 -32.58
C SER GB 58 -63.20 -6.66 -32.34
N ASN GB 59 -63.94 -6.95 -33.40
CA ASN GB 59 -65.37 -7.23 -33.29
C ASN GB 59 -65.75 -8.66 -33.61
N TYR GB 60 -64.86 -9.42 -34.27
CA TYR GB 60 -65.24 -10.75 -34.70
C TYR GB 60 -65.66 -11.64 -33.54
N GLU GB 61 -65.20 -11.33 -32.32
CA GLU GB 61 -65.43 -12.20 -31.19
C GLU GB 61 -66.92 -12.41 -30.94
N ASP GB 62 -67.71 -11.33 -31.01
CA ASP GB 62 -69.14 -11.41 -30.83
C ASP GB 62 -69.91 -11.36 -32.13
N VAL GB 63 -69.44 -10.59 -33.12
CA VAL GB 63 -70.19 -10.53 -34.37
C VAL GB 63 -70.18 -11.89 -35.06
N LEU GB 64 -69.12 -12.66 -34.89
CA LEU GB 64 -69.12 -14.05 -35.32
C LEU GB 64 -69.79 -14.97 -34.32
N GLY GB 65 -70.04 -14.49 -33.11
CA GLY GB 65 -70.71 -15.30 -32.11
C GLY GB 65 -69.80 -16.36 -31.53
N GLU GB 66 -70.41 -17.20 -30.70
CA GLU GB 66 -69.68 -18.29 -30.07
C GLU GB 66 -69.32 -19.35 -31.10
N PRO GB 67 -68.05 -19.73 -31.23
CA PRO GB 67 -67.70 -20.82 -32.14
C PRO GB 67 -68.49 -22.09 -31.85
N LEU GB 68 -68.94 -22.74 -32.91
CA LEU GB 68 -69.84 -23.88 -32.79
C LEU GB 68 -69.06 -25.15 -32.42
N LYS GB 69 -69.79 -26.10 -31.85
CA LYS GB 69 -69.20 -27.36 -31.46
C LYS GB 69 -68.78 -28.15 -32.68
N PRO GB 70 -67.53 -28.61 -32.76
CA PRO GB 70 -67.11 -29.38 -33.94
C PRO GB 70 -67.88 -30.67 -34.11
N SER GB 71 -68.33 -31.29 -33.03
CA SER GB 71 -69.09 -32.53 -33.13
C SER GB 71 -70.38 -32.33 -33.93
N SER GB 72 -70.92 -31.12 -33.91
CA SER GB 72 -72.11 -30.81 -34.67
C SER GB 72 -71.79 -30.76 -36.15
N GLY GB 73 -71.84 -31.90 -36.82
CA GLY GB 73 -71.52 -31.94 -38.23
C GLY GB 73 -70.08 -31.54 -38.48
N SER GB 74 -69.85 -30.81 -39.57
CA SER GB 74 -68.53 -30.34 -39.93
C SER GB 74 -68.51 -28.81 -39.99
N GLN GB 75 -69.19 -28.18 -39.05
CA GLN GB 75 -69.35 -26.74 -39.06
C GLN GB 75 -68.26 -26.02 -38.30
N PHE GB 76 -67.28 -26.74 -37.76
CA PHE GB 76 -66.13 -26.11 -37.14
C PHE GB 76 -65.10 -25.61 -38.16
N GLU GB 77 -65.21 -26.07 -39.40
CA GLU GB 77 -64.29 -25.63 -40.44
C GLU GB 77 -64.26 -24.12 -40.59
N PRO GB 78 -65.39 -23.44 -40.81
CA PRO GB 78 -65.31 -21.99 -41.03
C PRO GB 78 -64.83 -21.24 -39.81
N ILE GB 79 -65.29 -21.62 -38.62
CA ILE GB 79 -64.89 -20.91 -37.41
C ILE GB 79 -63.39 -21.06 -37.18
N ARG GB 80 -62.87 -22.27 -37.36
CA ARG GB 80 -61.43 -22.47 -37.23
C ARG GB 80 -60.68 -21.62 -38.24
N HIS GB 81 -61.14 -21.63 -39.49
CA HIS GB 81 -60.44 -20.89 -40.53
C HIS GB 81 -60.44 -19.40 -40.25
N VAL GB 82 -61.57 -18.84 -39.83
CA VAL GB 82 -61.63 -17.40 -39.61
C VAL GB 82 -60.80 -17.03 -38.39
N TYR GB 83 -60.81 -17.86 -37.36
CA TYR GB 83 -59.97 -17.56 -36.20
C TYR GB 83 -58.51 -17.58 -36.59
N GLU GB 84 -58.14 -18.50 -37.48
CA GLU GB 84 -56.76 -18.52 -37.98
C GLU GB 84 -56.44 -17.26 -38.78
N ALA GB 85 -57.37 -16.83 -39.63
CA ALA GB 85 -57.09 -15.71 -40.52
C ALA GB 85 -57.14 -14.36 -39.82
N ILE GB 86 -57.83 -14.26 -38.69
CA ILE GB 86 -58.01 -12.96 -38.06
C ILE GB 86 -56.71 -12.40 -37.51
N GLN GB 87 -55.77 -13.25 -37.13
CA GLN GB 87 -54.53 -12.74 -36.53
C GLN GB 87 -53.67 -12.01 -37.54
N GLN GB 88 -54.15 -11.78 -38.74
CA GLN GB 88 -53.34 -11.15 -39.78
C GLN GB 88 -54.07 -10.00 -40.46
N THR GB 89 -55.36 -10.14 -40.71
CA THR GB 89 -56.12 -9.11 -41.40
C THR GB 89 -57.60 -9.32 -41.10
N SER GB 90 -58.44 -8.50 -41.73
CA SER GB 90 -59.88 -8.55 -41.58
C SER GB 90 -60.50 -9.33 -42.73
N GLY GB 91 -61.82 -9.55 -42.63
CA GLY GB 91 -62.52 -10.32 -43.65
C GLY GB 91 -63.88 -9.71 -43.96
N TYR GB 92 -64.47 -10.19 -45.05
CA TYR GB 92 -65.73 -9.68 -45.59
C TYR GB 92 -66.71 -10.84 -45.73
N VAL GB 93 -66.88 -11.55 -44.62
CA VAL GB 93 -67.53 -12.86 -44.64
C VAL GB 93 -69.00 -12.72 -45.03
N VAL GB 94 -69.52 -13.72 -45.74
CA VAL GB 94 -70.93 -13.82 -46.05
C VAL GB 94 -71.48 -15.06 -45.37
N ARG GB 95 -72.55 -14.90 -44.60
CA ARG GB 95 -73.15 -16.00 -43.86
C ARG GB 95 -74.31 -16.60 -44.65
N ALA GB 96 -74.34 -17.92 -44.74
CA ALA GB 96 -75.36 -18.64 -45.48
C ALA GB 96 -76.05 -19.62 -44.56
N VAL GB 97 -77.37 -19.63 -44.58
CA VAL GB 97 -78.15 -20.56 -43.75
C VAL GB 97 -79.22 -21.21 -44.63
N PRO GB 98 -79.61 -22.44 -44.33
CA PRO GB 98 -80.68 -23.09 -45.09
C PRO GB 98 -82.03 -22.50 -44.70
N ASP GB 99 -83.08 -23.04 -45.33
CA ASP GB 99 -84.44 -22.58 -45.06
C ASP GB 99 -84.87 -22.87 -43.62
N ASP GB 100 -84.23 -23.82 -42.96
CA ASP GB 100 -84.58 -24.16 -41.58
C ASP GB 100 -84.33 -23.02 -40.63
N ALA GB 101 -83.47 -22.06 -40.98
CA ALA GB 101 -83.21 -20.94 -40.11
C ALA GB 101 -84.43 -20.03 -40.03
N LYS GB 102 -84.83 -19.69 -38.81
CA LYS GB 102 -85.98 -18.85 -38.55
C LYS GB 102 -85.62 -17.80 -37.52
N PHE GB 103 -86.09 -16.58 -37.75
CA PHE GB 103 -85.90 -15.47 -36.84
C PHE GB 103 -87.19 -15.13 -36.10
N PRO GB 104 -87.09 -14.63 -34.88
CA PRO GB 104 -88.29 -14.25 -34.12
C PRO GB 104 -88.81 -12.89 -34.53
N ILE GB 105 -90.12 -12.72 -34.33
CA ILE GB 105 -90.83 -11.49 -34.62
C ILE GB 105 -91.78 -11.20 -33.47
N ILE GB 106 -91.82 -9.95 -33.02
CA ILE GB 106 -92.63 -9.55 -31.88
C ILE GB 106 -93.62 -8.51 -32.39
N MET GB 107 -94.90 -8.85 -32.38
CA MET GB 107 -95.95 -7.98 -32.87
C MET GB 107 -96.57 -7.22 -31.71
N PHE GB 108 -96.97 -5.98 -31.96
CA PHE GB 108 -97.50 -5.09 -30.95
C PHE GB 108 -98.83 -4.53 -31.44
N ASP GB 109 -99.88 -4.75 -30.66
CA ASP GB 109 -101.21 -4.32 -31.03
C ASP GB 109 -101.34 -2.81 -30.86
N GLU GB 110 -102.54 -2.31 -31.17
CA GLU GB 110 -102.79 -0.88 -31.10
C GLU GB 110 -102.67 -0.36 -29.69
N SER GB 111 -103.03 -1.17 -28.70
CA SER GB 111 -102.92 -0.80 -27.30
C SER GB 111 -101.67 -1.37 -26.64
N GLY GB 112 -100.79 -2.01 -27.40
CA GLY GB 112 -99.50 -2.43 -26.89
C GLY GB 112 -99.39 -3.88 -26.49
N GLU GB 113 -100.40 -4.69 -26.74
CA GLU GB 113 -100.33 -6.10 -26.39
C GLU GB 113 -99.30 -6.81 -27.28
N PRO GB 114 -98.46 -7.65 -26.71
CA PRO GB 114 -97.42 -8.32 -27.51
C PRO GB 114 -97.85 -9.70 -28.00
N ALA GB 115 -97.19 -10.13 -29.05
CA ALA GB 115 -97.40 -11.46 -29.61
C ALA GB 115 -96.09 -11.95 -30.20
N TYR GB 116 -95.86 -13.26 -30.13
CA TYR GB 116 -94.63 -13.88 -30.59
C TYR GB 116 -94.84 -14.62 -31.89
N SER GB 117 -93.80 -14.69 -32.71
CA SER GB 117 -93.81 -15.52 -33.91
C SER GB 117 -92.38 -15.80 -34.33
N ALA GB 118 -92.24 -16.72 -35.26
CA ALA GB 118 -90.96 -16.99 -35.89
C ALA GB 118 -91.20 -17.23 -37.38
N LEU GB 119 -90.32 -16.69 -38.22
CA LEU GB 119 -90.47 -16.83 -39.65
C LEU GB 119 -89.12 -17.11 -40.28
N PRO GB 120 -89.09 -17.88 -41.37
CA PRO GB 120 -87.82 -18.16 -42.03
C PRO GB 120 -87.23 -16.91 -42.66
N TYR GB 121 -85.90 -16.90 -42.74
CA TYR GB 121 -85.19 -15.77 -43.31
C TYR GB 121 -85.52 -15.63 -44.79
N GLY GB 122 -85.41 -14.39 -45.28
CA GLY GB 122 -85.78 -14.07 -46.64
C GLY GB 122 -87.24 -13.73 -46.80
N SER GB 123 -88.11 -14.32 -45.99
CA SER GB 123 -89.53 -14.02 -46.03
C SER GB 123 -89.81 -12.70 -45.32
N GLU GB 124 -90.71 -11.91 -45.91
CA GLU GB 124 -91.07 -10.61 -45.36
C GLU GB 124 -92.46 -10.67 -44.74
N ILE GB 125 -92.58 -10.08 -43.56
CA ILE GB 125 -93.84 -10.08 -42.81
C ILE GB 125 -94.54 -8.75 -43.01
N GLU GB 126 -95.86 -8.78 -42.99
CA GLU GB 126 -96.69 -7.60 -43.14
C GLU GB 126 -97.64 -7.48 -41.96
N LEU GB 127 -98.30 -6.33 -41.86
CA LEU GB 127 -99.21 -6.02 -40.77
C LEU GB 127 -100.65 -6.12 -41.25
N ASP GB 128 -101.47 -6.84 -40.48
CA ASP GB 128 -102.88 -7.00 -40.79
C ASP GB 128 -103.66 -5.76 -40.32
N SER GB 129 -104.98 -5.87 -40.30
CA SER GB 129 -105.80 -4.73 -39.86
C SER GB 129 -105.49 -4.36 -38.42
N GLY GB 130 -105.37 -5.34 -37.54
CA GLY GB 130 -104.95 -5.11 -36.18
C GLY GB 130 -103.44 -5.13 -36.07
N GLU GB 131 -102.95 -5.29 -34.83
CA GLU GB 131 -101.52 -5.46 -34.56
C GLU GB 131 -100.72 -4.29 -35.13
N ALA GB 132 -100.96 -3.12 -34.52
CA ALA GB 132 -100.51 -1.83 -35.01
C ALA GB 132 -99.13 -1.84 -35.64
N PHE GB 133 -98.16 -2.50 -35.02
CA PHE GB 133 -96.83 -2.58 -35.61
C PHE GB 133 -96.14 -3.85 -35.13
N ALA GB 134 -94.87 -3.98 -35.48
CA ALA GB 134 -94.10 -5.14 -35.06
C ALA GB 134 -92.62 -4.82 -35.20
N ILE GB 135 -91.80 -5.66 -34.54
CA ILE GB 135 -90.36 -5.58 -34.59
C ILE GB 135 -89.81 -6.98 -34.82
N TYR GB 136 -88.55 -7.04 -35.23
CA TYR GB 136 -87.92 -8.33 -35.47
C TYR GB 136 -86.41 -8.14 -35.50
N VAL GB 137 -85.70 -9.20 -35.17
CA VAL GB 137 -84.24 -9.25 -35.27
C VAL GB 137 -83.88 -10.23 -36.37
N ASP GB 138 -82.99 -9.79 -37.26
CA ASP GB 138 -82.47 -10.64 -38.32
C ASP GB 138 -80.94 -10.80 -38.21
N ASP GB 139 -80.40 -10.54 -37.01
CA ASP GB 139 -78.97 -10.61 -36.77
C ASP GB 139 -78.43 -12.03 -36.77
N GLY GB 140 -79.27 -13.04 -36.97
CA GLY GB 140 -78.81 -14.41 -36.98
C GLY GB 140 -78.68 -15.06 -35.62
N ASP GB 141 -78.93 -14.32 -34.54
CA ASP GB 141 -78.85 -14.89 -33.21
C ASP GB 141 -80.12 -15.65 -32.87
N PRO GB 142 -80.02 -16.91 -32.46
CA PRO GB 142 -81.23 -17.65 -32.04
C PRO GB 142 -81.93 -17.05 -30.84
N CYS GB 143 -81.24 -16.24 -30.03
CA CYS GB 143 -81.82 -15.59 -28.86
C CYS GB 143 -82.37 -16.63 -27.87
N ILE GB 144 -81.69 -17.76 -27.78
CA ILE GB 144 -82.14 -18.85 -26.91
C ILE GB 144 -81.08 -19.14 -25.88
N SER GB 145 -79.83 -18.83 -26.20
CA SER GB 145 -78.72 -19.16 -25.33
C SER GB 145 -77.52 -18.28 -25.68
N PRO GB 146 -77.40 -17.09 -25.09
CA PRO GB 146 -78.34 -16.49 -24.12
C PRO GB 146 -79.57 -15.92 -24.83
N THR GB 147 -80.59 -15.54 -24.07
CA THR GB 147 -81.81 -14.99 -24.62
C THR GB 147 -81.77 -13.47 -24.58
N ARG GB 148 -82.58 -12.85 -25.43
CA ARG GB 148 -82.61 -11.40 -25.58
C ARG GB 148 -83.98 -10.87 -25.18
N GLU GB 149 -84.01 -9.89 -24.29
CA GLU GB 149 -85.25 -9.35 -23.75
C GLU GB 149 -85.27 -7.84 -23.93
N LEU GB 150 -86.48 -7.29 -23.91
CA LEU GB 150 -86.70 -5.86 -24.02
C LEU GB 150 -87.58 -5.39 -22.87
N THR GB 151 -87.34 -4.16 -22.43
CA THR GB 151 -88.14 -3.53 -21.40
C THR GB 151 -88.62 -2.18 -21.91
N ILE GB 152 -89.90 -1.89 -21.70
CA ILE GB 152 -90.52 -0.66 -22.16
C ILE GB 152 -91.06 0.09 -20.95
N GLU GB 153 -90.75 1.39 -20.87
CA GLU GB 153 -91.25 2.23 -19.80
C GLU GB 153 -91.54 3.61 -20.33
N THR GB 154 -92.80 4.03 -20.27
CA THR GB 154 -93.18 5.36 -20.73
C THR GB 154 -92.52 6.42 -19.86
N ALA GB 155 -92.16 7.54 -20.51
CA ALA GB 155 -91.48 8.63 -19.83
C ALA GB 155 -92.14 9.94 -20.24
N THR GB 156 -91.50 11.05 -19.88
CA THR GB 156 -92.07 12.36 -20.17
C THR GB 156 -92.03 12.66 -21.66
N ALA GB 157 -92.90 13.57 -22.08
CA ALA GB 157 -93.00 13.97 -23.48
C ALA GB 157 -91.98 15.07 -23.79
N ASP GB 158 -91.93 15.45 -25.06
CA ASP GB 158 -91.06 16.51 -25.52
C ASP GB 158 -91.79 17.85 -25.44
N SER GB 159 -91.19 18.89 -26.00
CA SER GB 159 -91.85 20.19 -26.04
C SER GB 159 -93.13 20.13 -26.85
N ALA GB 160 -93.12 19.39 -27.96
CA ALA GB 160 -94.33 19.19 -28.74
C ALA GB 160 -95.36 18.35 -28.02
N GLY GB 161 -94.99 17.73 -26.90
CA GLY GB 161 -95.90 16.88 -26.17
C GLY GB 161 -95.99 15.47 -26.71
N ASN GB 162 -95.09 15.06 -27.58
CA ASN GB 162 -95.15 13.74 -28.18
C ASN GB 162 -94.88 12.68 -27.13
N GLU GB 163 -95.78 11.71 -27.01
CA GLU GB 163 -95.61 10.64 -26.04
C GLU GB 163 -94.32 9.88 -26.31
N ARG GB 164 -93.55 9.65 -25.26
CA ARG GB 164 -92.25 9.01 -25.39
C ARG GB 164 -92.14 7.87 -24.38
N PHE GB 165 -91.37 6.87 -24.74
CA PHE GB 165 -91.05 5.79 -23.82
C PHE GB 165 -89.61 5.36 -24.05
N LEU GB 166 -88.99 4.89 -22.98
CA LEU GB 166 -87.66 4.33 -23.04
C LEU GB 166 -87.74 2.83 -23.29
N LEU GB 167 -86.85 2.36 -24.14
CA LEU GB 167 -86.67 0.94 -24.42
C LEU GB 167 -85.28 0.52 -23.97
N LYS GB 168 -85.20 -0.62 -23.31
CA LYS GB 168 -83.96 -1.13 -22.75
C LYS GB 168 -83.76 -2.56 -23.24
N LEU GB 169 -82.66 -2.78 -23.96
CA LEU GB 169 -82.32 -4.09 -24.47
C LEU GB 169 -81.42 -4.80 -23.47
N THR GB 170 -81.65 -6.10 -23.27
CA THR GB 170 -80.83 -6.85 -22.34
C THR GB 170 -80.60 -8.27 -22.84
N GLN GB 171 -79.47 -8.83 -22.42
CA GLN GB 171 -79.08 -10.19 -22.71
C GLN GB 171 -79.03 -10.96 -21.39
N THR GB 172 -79.76 -12.07 -21.33
CA THR GB 172 -79.84 -12.88 -20.12
C THR GB 172 -79.35 -14.28 -20.41
N THR GB 173 -78.40 -14.76 -19.60
CA THR GB 173 -77.85 -16.09 -19.74
C THR GB 173 -78.68 -17.11 -18.97
N SER GB 174 -78.47 -18.38 -19.30
CA SER GB 174 -79.16 -19.45 -18.59
C SER GB 174 -78.77 -19.50 -17.13
N LEU GB 175 -77.51 -19.19 -16.81
CA LEU GB 175 -77.07 -19.16 -15.43
C LEU GB 175 -77.84 -18.11 -14.64
N GLY GB 176 -78.11 -16.96 -15.25
CA GLY GB 176 -78.85 -15.92 -14.58
C GLY GB 176 -78.18 -14.57 -14.70
N VAL GB 177 -77.00 -14.55 -15.33
CA VAL GB 177 -76.30 -13.31 -15.54
C VAL GB 177 -77.05 -12.49 -16.57
N VAL GB 178 -77.36 -11.24 -16.22
CA VAL GB 178 -78.13 -10.34 -17.06
C VAL GB 178 -77.30 -9.09 -17.31
N THR GB 179 -77.12 -8.75 -18.57
CA THR GB 179 -76.42 -7.55 -18.98
C THR GB 179 -77.33 -6.70 -19.85
N THR GB 180 -76.97 -5.43 -19.99
CA THR GB 180 -77.74 -4.50 -20.81
C THR GB 180 -76.97 -4.15 -22.07
N LEU GB 181 -77.70 -4.02 -23.16
CA LEU GB 181 -77.13 -3.60 -24.44
C LEU GB 181 -77.18 -2.08 -24.57
N GLU GB 182 -78.38 -1.50 -24.53
CA GLU GB 182 -78.54 -0.07 -24.61
C GLU GB 182 -79.96 0.31 -24.19
N THR GB 183 -80.12 1.57 -23.82
CA THR GB 183 -81.42 2.17 -23.56
C THR GB 183 -81.58 3.39 -24.45
N HIS GB 184 -82.79 3.60 -24.94
CA HIS GB 184 -83.05 4.76 -25.79
C HIS GB 184 -84.51 5.16 -25.72
N THR GB 185 -84.76 6.46 -25.74
CA THR GB 185 -86.12 6.99 -25.66
C THR GB 185 -86.62 7.30 -27.06
N VAL GB 186 -87.79 6.75 -27.39
CA VAL GB 186 -88.39 6.94 -28.70
C VAL GB 186 -89.86 7.32 -28.52
N SER GB 187 -90.39 7.97 -29.54
CA SER GB 187 -91.76 8.47 -29.52
C SER GB 187 -92.55 7.94 -30.71
N LEU GB 188 -93.83 7.70 -30.49
CA LEU GB 188 -94.70 7.17 -31.53
C LEU GB 188 -95.04 8.20 -32.59
N ALA GB 189 -94.91 9.49 -32.28
CA ALA GB 189 -95.32 10.53 -33.21
C ALA GB 189 -94.51 10.44 -34.49
N GLU GB 190 -95.17 10.71 -35.61
CA GLU GB 190 -94.51 10.58 -36.91
C GLU GB 190 -93.35 11.55 -37.03
N GLU GB 191 -93.52 12.79 -36.55
CA GLU GB 191 -92.52 13.83 -36.68
C GLU GB 191 -91.91 14.23 -35.34
N ALA GB 192 -91.91 13.31 -34.37
CA ALA GB 192 -91.28 13.60 -33.10
C ALA GB 192 -89.76 13.64 -33.26
N LYS GB 193 -89.14 14.70 -32.75
CA LYS GB 193 -87.71 14.87 -32.84
C LYS GB 193 -87.17 15.36 -31.50
N ASP GB 194 -86.02 14.82 -31.11
CA ASP GB 194 -85.40 15.19 -29.85
C ASP GB 194 -84.71 16.54 -29.97
N ASP GB 195 -84.39 17.13 -28.81
CA ASP GB 195 -83.65 18.38 -28.78
C ASP GB 195 -82.24 18.22 -29.31
N MET GB 196 -81.76 16.98 -29.47
CA MET GB 196 -80.50 16.73 -30.14
C MET GB 196 -80.62 16.87 -31.65
N GLY GB 197 -81.82 17.16 -32.16
CA GLY GB 197 -82.06 17.13 -33.58
C GLY GB 197 -82.36 15.76 -34.13
N ARG GB 198 -82.31 14.73 -33.29
CA ARG GB 198 -82.55 13.37 -33.72
C ARG GB 198 -84.04 13.06 -33.63
N LEU GB 199 -84.59 12.50 -34.69
CA LEU GB 199 -86.00 12.20 -34.72
C LEU GB 199 -86.33 11.13 -33.68
N CYS GB 200 -87.41 11.37 -32.95
CA CYS GB 200 -87.87 10.41 -31.95
C CYS GB 200 -88.83 9.37 -32.52
N TYR GB 201 -89.10 9.41 -33.82
CA TYR GB 201 -89.96 8.43 -34.44
C TYR GB 201 -89.38 7.04 -34.28
N LEU GB 202 -90.26 6.06 -34.04
CA LEU GB 202 -89.82 4.71 -33.71
C LEU GB 202 -88.90 4.12 -34.78
N PRO GB 203 -89.32 3.95 -36.05
CA PRO GB 203 -88.44 3.30 -37.02
C PRO GB 203 -87.24 4.17 -37.33
N THR GB 204 -87.49 5.46 -37.51
CA THR GB 204 -86.40 6.37 -37.83
C THR GB 204 -85.26 6.21 -36.84
N ALA GB 205 -85.58 6.27 -35.56
CA ALA GB 205 -84.56 6.06 -34.53
C ALA GB 205 -84.00 4.65 -34.58
N LEU GB 206 -84.87 3.66 -34.80
CA LEU GB 206 -84.45 2.27 -34.67
C LEU GB 206 -83.38 1.90 -35.68
N GLU GB 207 -83.63 2.15 -36.96
CA GLU GB 207 -82.62 1.91 -37.98
C GLU GB 207 -81.82 3.16 -38.32
N ALA GB 208 -81.82 4.17 -37.45
CA ALA GB 208 -80.79 5.20 -37.50
C ALA GB 208 -79.68 4.98 -36.49
N ARG GB 209 -80.02 4.55 -35.28
CA ARG GB 209 -79.03 4.34 -34.23
C ARG GB 209 -78.91 2.89 -33.81
N SER GB 210 -80.01 2.23 -33.46
CA SER GB 210 -79.94 0.85 -33.01
C SER GB 210 -79.49 -0.06 -34.15
N LYS GB 211 -78.58 -0.97 -33.85
CA LYS GB 211 -78.01 -1.85 -34.86
C LYS GB 211 -78.45 -3.30 -34.66
N TYR GB 212 -79.59 -3.51 -34.02
CA TYR GB 212 -80.02 -4.86 -33.66
C TYR GB 212 -81.41 -5.20 -34.13
N LEU GB 213 -82.35 -4.27 -34.04
CA LEU GB 213 -83.75 -4.55 -34.32
C LEU GB 213 -84.23 -3.70 -35.48
N ARG GB 214 -85.19 -4.24 -36.22
CA ARG GB 214 -85.84 -3.54 -37.31
C ARG GB 214 -87.35 -3.75 -37.19
N ALA GB 215 -88.10 -2.68 -37.36
CA ALA GB 215 -89.52 -2.70 -37.08
C ALA GB 215 -90.30 -2.16 -38.28
N VAL GB 216 -91.56 -2.58 -38.36
CA VAL GB 216 -92.51 -2.08 -39.34
C VAL GB 216 -93.70 -1.52 -38.59
N VAL GB 217 -94.17 -0.35 -39.01
CA VAL GB 217 -95.23 0.36 -38.31
C VAL GB 217 -96.31 0.74 -39.32
N ASN GB 218 -97.56 0.46 -38.97
CA ASN GB 218 -98.69 0.88 -39.79
C ASN GB 218 -98.79 2.40 -39.78
N GLU GB 219 -98.59 3.02 -40.94
CA GLU GB 219 -98.66 4.47 -41.04
C GLU GB 219 -100.05 5.00 -40.74
N GLU GB 220 -101.06 4.15 -40.82
CA GLU GB 220 -102.43 4.55 -40.53
C GLU GB 220 -102.82 4.29 -39.08
N LEU GB 221 -102.21 3.29 -38.45
CA LEU GB 221 -102.51 2.96 -37.06
C LEU GB 221 -101.55 3.62 -36.08
N ILE GB 222 -100.50 4.29 -36.58
CA ILE GB 222 -99.51 4.88 -35.70
C ILE GB 222 -100.12 6.02 -34.88
N SER GB 223 -101.05 6.77 -35.47
CA SER GB 223 -101.69 7.86 -34.73
C SER GB 223 -102.48 7.31 -33.55
N THR GB 224 -103.20 6.23 -33.76
CA THR GB 224 -104.00 5.60 -32.71
C THR GB 224 -103.23 4.53 -31.94
N ALA GB 225 -101.96 4.31 -32.26
CA ALA GB 225 -101.19 3.29 -31.57
C ALA GB 225 -100.93 3.70 -30.13
N LYS GB 226 -100.97 2.72 -29.24
CA LYS GB 226 -100.66 2.93 -27.83
C LYS GB 226 -99.73 1.84 -27.34
N VAL GB 227 -98.94 2.17 -26.33
CA VAL GB 227 -97.94 1.28 -25.78
C VAL GB 227 -98.24 1.07 -24.30
N THR GB 228 -97.73 -0.05 -23.78
CA THR GB 228 -97.91 -0.41 -22.38
C THR GB 228 -96.56 -0.76 -21.77
N ASN GB 229 -96.48 -0.61 -20.46
CA ASN GB 229 -95.25 -0.88 -19.73
C ASN GB 229 -95.06 -2.39 -19.65
N LYS GB 230 -94.12 -2.91 -20.42
CA LYS GB 230 -93.82 -4.33 -20.45
C LYS GB 230 -92.33 -4.52 -20.24
N LYS GB 231 -91.99 -5.64 -19.61
CA LYS GB 231 -90.61 -5.93 -19.24
C LYS GB 231 -90.21 -7.31 -19.74
N SER GB 232 -88.93 -7.46 -20.06
CA SER GB 232 -88.36 -8.74 -20.45
C SER GB 232 -89.07 -9.33 -21.67
N LEU GB 233 -88.99 -8.61 -22.78
CA LEU GB 233 -89.58 -9.07 -24.03
C LEU GB 233 -88.64 -10.07 -24.66
N ALA GB 234 -88.69 -11.30 -24.15
CA ALA GB 234 -87.79 -12.34 -24.63
C ALA GB 234 -88.22 -12.85 -26.00
N PHE GB 235 -87.25 -12.93 -26.91
CA PHE GB 235 -87.52 -13.50 -28.22
C PHE GB 235 -87.65 -15.01 -28.14
N THR GB 236 -88.57 -15.56 -28.92
CA THR GB 236 -88.76 -17.00 -28.99
C THR GB 236 -88.98 -17.39 -30.45
N GLY GB 237 -88.60 -18.63 -30.77
CA GLY GB 237 -88.68 -19.15 -32.11
C GLY GB 237 -87.45 -18.95 -32.96
N GLY GB 238 -86.43 -18.25 -32.46
CA GLY GB 238 -85.19 -18.08 -33.19
C GLY GB 238 -84.37 -19.34 -33.26
N THR GB 239 -84.27 -19.93 -34.44
CA THR GB 239 -83.58 -21.19 -34.65
C THR GB 239 -82.61 -21.06 -35.81
N ASN GB 240 -81.47 -21.73 -35.70
CA ASN GB 240 -80.50 -21.76 -36.79
C ASN GB 240 -80.78 -22.88 -37.78
N GLY GB 241 -81.30 -24.01 -37.31
CA GLY GB 241 -81.56 -25.13 -38.17
C GLY GB 241 -80.32 -25.95 -38.47
N ASP GB 242 -80.52 -26.97 -39.30
CA ASP GB 242 -79.43 -27.88 -39.69
C ASP GB 242 -78.51 -27.15 -40.65
N GLN GB 243 -77.34 -26.76 -40.15
CA GLN GB 243 -76.37 -26.06 -40.97
C GLN GB 243 -75.42 -27.01 -41.68
N SER GB 244 -75.53 -28.31 -41.42
CA SER GB 244 -74.64 -29.27 -42.06
C SER GB 244 -74.80 -29.27 -43.57
N LYS GB 245 -76.04 -29.22 -44.04
CA LYS GB 245 -76.33 -29.18 -45.47
C LYS GB 245 -76.78 -27.78 -45.85
N ILE GB 246 -76.14 -27.23 -46.90
CA ILE GB 246 -76.50 -25.92 -47.42
C ILE GB 246 -76.74 -26.08 -48.92
N SER GB 247 -77.82 -25.47 -49.40
CA SER GB 247 -78.23 -25.65 -50.78
C SER GB 247 -77.21 -25.04 -51.75
N THR GB 248 -77.07 -25.70 -52.90
CA THR GB 248 -76.28 -25.13 -53.97
C THR GB 248 -76.84 -23.78 -54.40
N ALA GB 249 -78.15 -23.60 -54.30
CA ALA GB 249 -78.75 -22.30 -54.59
C ALA GB 249 -78.24 -21.23 -53.65
N ALA GB 250 -78.19 -21.54 -52.34
CA ALA GB 250 -77.64 -20.57 -51.40
C ALA GB 250 -76.17 -20.33 -51.67
N TYR GB 251 -75.44 -21.40 -52.03
CA TYR GB 251 -74.03 -21.25 -52.37
C TYR GB 251 -73.85 -20.27 -53.52
N LEU GB 252 -74.56 -20.48 -54.62
CA LEU GB 252 -74.42 -19.61 -55.78
C LEU GB 252 -74.92 -18.21 -55.49
N ARG GB 253 -75.96 -18.08 -54.67
CA ARG GB 253 -76.44 -16.76 -54.30
C ARG GB 253 -75.37 -15.99 -53.54
N ALA GB 254 -74.73 -16.64 -52.58
CA ALA GB 254 -73.64 -16.00 -51.85
C ALA GB 254 -72.47 -15.70 -52.76
N VAL GB 255 -72.22 -16.58 -53.73
CA VAL GB 255 -71.14 -16.35 -54.69
C VAL GB 255 -71.40 -15.08 -55.47
N LYS GB 256 -72.63 -14.93 -55.98
CA LYS GB 256 -72.98 -13.73 -56.71
C LYS GB 256 -72.90 -12.50 -55.82
N VAL GB 257 -73.32 -12.64 -54.56
CA VAL GB 257 -73.27 -11.52 -53.64
C VAL GB 257 -71.84 -11.05 -53.45
N LEU GB 258 -70.94 -11.98 -53.15
CA LEU GB 258 -69.56 -11.59 -52.90
C LEU GB 258 -68.89 -11.10 -54.18
N ASN GB 259 -69.30 -11.63 -55.33
CA ASN GB 259 -68.82 -11.08 -56.59
C ASN GB 259 -69.23 -9.63 -56.76
N ASN GB 260 -70.48 -9.33 -56.42
CA ASN GB 260 -71.01 -7.99 -56.59
C ASN GB 260 -70.63 -7.06 -55.45
N ALA GB 261 -69.97 -7.57 -54.43
CA ALA GB 261 -69.56 -6.74 -53.31
C ALA GB 261 -68.56 -5.69 -53.79
N PRO GB 262 -68.80 -4.41 -53.52
CA PRO GB 262 -67.91 -3.32 -53.97
C PRO GB 262 -66.71 -3.13 -53.05
N TYR GB 263 -66.03 -4.23 -52.72
CA TYR GB 263 -64.92 -4.21 -51.80
C TYR GB 263 -63.64 -4.71 -52.45
N MET GB 264 -62.51 -4.35 -51.86
CA MET GB 264 -61.21 -4.84 -52.27
C MET GB 264 -60.93 -6.14 -51.55
N TYR GB 265 -60.81 -7.23 -52.30
CA TYR GB 265 -60.41 -8.52 -51.75
C TYR GB 265 -59.32 -9.10 -52.63
N THR GB 266 -58.39 -9.83 -52.00
CA THR GB 266 -57.17 -10.26 -52.66
C THR GB 266 -57.09 -11.76 -52.90
N ALA GB 267 -57.88 -12.56 -52.21
CA ALA GB 267 -57.82 -14.02 -52.38
C ALA GB 267 -59.12 -14.63 -51.91
N VAL GB 268 -59.35 -15.86 -52.35
CA VAL GB 268 -60.55 -16.62 -51.99
C VAL GB 268 -60.12 -17.92 -51.31
N LEU GB 269 -60.87 -18.32 -50.30
CA LEU GB 269 -60.49 -19.42 -49.43
C LEU GB 269 -61.51 -20.55 -49.54
N GLY GB 270 -61.03 -21.79 -49.40
CA GLY GB 270 -61.92 -22.92 -49.45
C GLY GB 270 -62.95 -22.92 -48.33
N LEU GB 271 -62.49 -22.65 -47.11
CA LEU GB 271 -63.36 -22.45 -45.95
C LEU GB 271 -64.26 -23.65 -45.69
N GLY GB 272 -63.80 -24.84 -46.06
CA GLY GB 272 -64.53 -26.06 -45.79
C GLY GB 272 -65.63 -26.40 -46.77
N CYS GB 273 -65.88 -25.57 -47.77
CA CYS GB 273 -66.88 -25.87 -48.78
C CYS GB 273 -66.28 -26.74 -49.86
N TYR GB 274 -66.96 -27.85 -50.17
CA TYR GB 274 -66.45 -28.81 -51.13
C TYR GB 274 -67.44 -29.08 -52.27
N ASP GB 275 -68.54 -28.35 -52.32
CA ASP GB 275 -69.49 -28.51 -53.42
C ASP GB 275 -68.80 -28.20 -54.74
N ASN GB 276 -68.96 -29.11 -55.71
CA ASN GB 276 -68.30 -28.92 -56.99
C ASN GB 276 -68.80 -27.65 -57.68
N ALA GB 277 -70.12 -27.44 -57.70
CA ALA GB 277 -70.66 -26.25 -58.32
C ALA GB 277 -70.18 -24.99 -57.60
N ALA GB 278 -70.18 -25.01 -56.27
CA ALA GB 278 -69.74 -23.83 -55.53
C ALA GB 278 -68.27 -23.53 -55.78
N ILE GB 279 -67.42 -24.56 -55.75
CA ILE GB 279 -66.00 -24.32 -55.93
C ILE GB 279 -65.72 -23.89 -57.37
N THR GB 280 -66.46 -24.41 -58.34
CA THR GB 280 -66.28 -23.97 -59.72
C THR GB 280 -66.70 -22.51 -59.87
N ALA GB 281 -67.81 -22.12 -59.24
CA ALA GB 281 -68.21 -20.73 -59.27
C ALA GB 281 -67.15 -19.85 -58.63
N LEU GB 282 -66.58 -20.31 -57.53
CA LEU GB 282 -65.52 -19.55 -56.88
C LEU GB 282 -64.30 -19.42 -57.78
N GLY GB 283 -63.96 -20.49 -58.49
CA GLY GB 283 -62.84 -20.42 -59.41
C GLY GB 283 -63.10 -19.43 -60.53
N LYS GB 284 -64.31 -19.44 -61.08
CA LYS GB 284 -64.65 -18.47 -62.12
C LYS GB 284 -64.56 -17.06 -61.58
N ILE GB 285 -65.09 -16.82 -60.38
CA ILE GB 285 -65.09 -15.48 -59.82
C ILE GB 285 -63.67 -15.00 -59.55
N CYS GB 286 -62.83 -15.85 -58.99
CA CYS GB 286 -61.47 -15.43 -58.68
C CYS GB 286 -60.65 -15.23 -59.96
N ALA GB 287 -60.90 -16.04 -60.98
CA ALA GB 287 -60.26 -15.80 -62.27
C ALA GB 287 -60.67 -14.45 -62.82
N ASP GB 288 -61.95 -14.11 -62.71
CA ASP GB 288 -62.40 -12.78 -63.12
C ASP GB 288 -61.70 -11.70 -62.32
N ARG GB 289 -61.57 -11.91 -61.02
CA ARG GB 289 -60.97 -10.91 -60.14
C ARG GB 289 -59.46 -10.85 -60.28
N LEU GB 290 -58.86 -11.82 -60.97
CA LEU GB 290 -57.40 -11.90 -61.11
C LEU GB 290 -56.73 -12.03 -59.75
N ILE GB 291 -57.34 -12.83 -58.87
CA ILE GB 291 -56.81 -13.03 -57.52
C ILE GB 291 -56.43 -14.50 -57.38
N ASP GB 292 -55.96 -14.89 -56.19
CA ASP GB 292 -55.55 -16.24 -55.91
C ASP GB 292 -56.66 -17.01 -55.21
N GLY GB 293 -56.64 -18.32 -55.38
CA GLY GB 293 -57.60 -19.19 -54.71
C GLY GB 293 -56.89 -20.28 -53.95
N PHE GB 294 -57.47 -20.66 -52.81
CA PHE GB 294 -56.80 -21.62 -51.93
C PHE GB 294 -57.65 -22.86 -51.74
N PHE GB 295 -58.15 -23.43 -52.84
CA PHE GB 295 -59.11 -24.51 -52.74
C PHE GB 295 -58.47 -25.74 -52.13
N ASP GB 296 -59.28 -26.55 -51.45
CA ASP GB 296 -58.79 -27.71 -50.72
C ASP GB 296 -59.70 -28.91 -50.95
N VAL GB 297 -59.12 -30.09 -50.80
CA VAL GB 297 -59.88 -31.33 -50.83
C VAL GB 297 -60.09 -31.79 -49.40
N LYS GB 298 -61.15 -32.54 -49.17
CA LYS GB 298 -61.50 -32.85 -47.80
C LYS GB 298 -60.51 -33.87 -47.26
N PRO GB 299 -59.91 -33.62 -46.09
CA PRO GB 299 -58.67 -34.33 -45.73
C PRO GB 299 -58.79 -35.84 -45.63
N THR GB 300 -59.95 -36.39 -45.29
CA THR GB 300 -60.01 -37.82 -45.01
C THR GB 300 -59.67 -38.66 -46.24
N LEU GB 301 -59.73 -38.09 -47.43
CA LEU GB 301 -59.48 -38.86 -48.64
C LEU GB 301 -58.00 -39.21 -48.71
N THR GB 302 -57.69 -40.49 -48.85
CA THR GB 302 -56.30 -40.92 -48.82
C THR GB 302 -55.57 -40.48 -50.08
N TYR GB 303 -54.25 -40.65 -50.05
CA TYR GB 303 -53.41 -40.15 -51.14
C TYR GB 303 -53.74 -40.82 -52.47
N ALA GB 304 -54.18 -42.08 -52.42
CA ALA GB 304 -54.43 -42.82 -53.66
C ALA GB 304 -55.50 -42.14 -54.50
N GLU GB 305 -56.61 -41.78 -53.87
CA GLU GB 305 -57.70 -41.11 -54.56
C GLU GB 305 -57.58 -39.60 -54.49
N ALA GB 306 -56.59 -39.08 -53.78
CA ALA GB 306 -56.41 -37.64 -53.68
C ALA GB 306 -56.10 -37.03 -55.05
N LEU GB 307 -55.25 -37.70 -55.82
CA LEU GB 307 -54.90 -37.17 -57.13
C LEU GB 307 -56.10 -37.07 -58.07
N PRO GB 308 -56.94 -38.10 -58.23
CA PRO GB 308 -58.12 -37.93 -59.08
C PRO GB 308 -59.10 -36.89 -58.58
N ALA GB 309 -59.03 -36.55 -57.28
CA ALA GB 309 -59.97 -35.56 -56.75
C ALA GB 309 -59.78 -34.20 -57.40
N VAL GB 310 -58.56 -33.87 -57.81
CA VAL GB 310 -58.33 -32.60 -58.49
C VAL GB 310 -59.12 -32.54 -59.79
N GLU GB 311 -59.06 -33.60 -60.58
CA GLU GB 311 -59.82 -33.66 -61.81
C GLU GB 311 -61.31 -33.71 -61.52
N ASP GB 312 -61.70 -34.39 -60.45
CA ASP GB 312 -63.11 -34.45 -60.07
C ASP GB 312 -63.64 -33.07 -59.78
N THR GB 313 -62.87 -32.26 -59.06
CA THR GB 313 -63.21 -30.86 -58.88
C THR GB 313 -63.25 -30.12 -60.20
N GLY GB 314 -62.27 -30.39 -61.07
CA GLY GB 314 -62.23 -29.78 -62.37
C GLY GB 314 -61.75 -28.34 -62.41
N LEU GB 315 -61.24 -27.82 -61.29
CA LEU GB 315 -60.77 -26.45 -61.29
C LEU GB 315 -59.47 -26.26 -62.07
N LEU GB 316 -58.81 -27.36 -62.43
CA LEU GB 316 -57.61 -27.27 -63.26
C LEU GB 316 -57.97 -26.73 -64.64
N GLY GB 317 -57.07 -25.93 -65.19
CA GLY GB 317 -57.29 -25.38 -66.52
C GLY GB 317 -56.23 -24.35 -66.84
N THR GB 318 -56.38 -23.75 -68.02
CA THR GB 318 -55.48 -22.70 -68.45
C THR GB 318 -55.87 -21.33 -67.92
N ASP GB 319 -57.06 -21.19 -67.33
CA ASP GB 319 -57.51 -19.93 -66.75
C ASP GB 319 -57.35 -19.92 -65.24
N TYR GB 320 -57.82 -20.96 -64.56
CA TYR GB 320 -57.69 -21.06 -63.12
C TYR GB 320 -56.30 -21.56 -62.77
N VAL GB 321 -55.28 -20.90 -63.30
CA VAL GB 321 -53.91 -21.27 -63.01
C VAL GB 321 -53.42 -20.65 -61.70
N SER GB 322 -54.00 -19.52 -61.28
CA SER GB 322 -53.55 -18.86 -60.07
C SER GB 322 -53.90 -19.66 -58.82
N CYS GB 323 -55.06 -20.32 -58.83
CA CYS GB 323 -55.51 -21.02 -57.63
C CYS GB 323 -54.67 -22.26 -57.37
N SER GB 324 -54.77 -22.75 -56.15
CA SER GB 324 -53.99 -23.90 -55.68
C SER GB 324 -54.89 -24.87 -54.96
N VAL GB 325 -54.46 -26.13 -54.92
CA VAL GB 325 -55.21 -27.22 -54.32
C VAL GB 325 -54.45 -27.72 -53.09
N TYR GB 326 -55.18 -27.94 -52.01
CA TYR GB 326 -54.60 -28.22 -50.71
C TYR GB 326 -55.14 -29.53 -50.18
N HIS GB 327 -54.34 -30.19 -49.34
CA HIS GB 327 -54.80 -31.35 -48.59
C HIS GB 327 -53.99 -31.47 -47.31
N TYR GB 328 -54.67 -31.83 -46.24
CA TYR GB 328 -54.06 -31.92 -44.91
C TYR GB 328 -54.33 -33.30 -44.32
N PRO GB 329 -53.53 -34.28 -44.66
CA PRO GB 329 -53.70 -35.64 -44.13
C PRO GB 329 -53.18 -35.80 -42.70
N PHE GB 330 -53.65 -34.94 -41.81
CA PHE GB 330 -53.18 -34.95 -40.43
C PHE GB 330 -54.34 -34.60 -39.51
N SER GB 331 -54.17 -34.92 -38.24
CA SER GB 331 -55.16 -34.62 -37.22
C SER GB 331 -54.48 -33.89 -36.07
N CYS GB 332 -55.08 -32.81 -35.60
CA CYS GB 332 -54.50 -31.93 -34.60
C CYS GB 332 -55.43 -31.82 -33.40
N LYS GB 333 -55.05 -30.97 -32.46
CA LYS GB 333 -55.80 -30.78 -31.22
C LYS GB 333 -56.52 -29.44 -31.24
N ASP GB 334 -57.76 -29.44 -30.75
CA ASP GB 334 -58.56 -28.24 -30.75
C ASP GB 334 -58.05 -27.23 -29.73
N LYS GB 335 -58.08 -25.95 -30.12
CA LYS GB 335 -57.71 -24.90 -29.18
C LYS GB 335 -58.76 -24.71 -28.10
N TRP GB 336 -60.04 -24.89 -28.44
CA TRP GB 336 -61.13 -24.67 -27.51
C TRP GB 336 -61.66 -25.97 -26.92
N THR GB 337 -62.01 -26.92 -27.78
CA THR GB 337 -62.62 -28.16 -27.33
C THR GB 337 -61.59 -29.25 -27.03
N GLN GB 338 -60.30 -28.93 -27.17
CA GLN GB 338 -59.20 -29.88 -26.95
C GLN GB 338 -59.56 -31.29 -27.40
N SER GB 339 -60.09 -31.38 -28.63
CA SER GB 339 -60.48 -32.64 -29.23
C SER GB 339 -59.61 -32.89 -30.46
N ARG GB 340 -59.42 -34.17 -30.79
CA ARG GB 340 -58.66 -34.53 -31.98
C ARG GB 340 -59.52 -34.27 -33.20
N VAL GB 341 -59.19 -33.22 -33.94
CA VAL GB 341 -59.99 -32.75 -35.05
C VAL GB 341 -59.13 -32.66 -36.30
N VAL GB 342 -59.81 -32.70 -37.45
CA VAL GB 342 -59.17 -32.67 -38.75
C VAL GB 342 -59.83 -31.57 -39.57
N PHE GB 343 -59.01 -30.73 -40.21
CA PHE GB 343 -59.53 -29.68 -41.07
C PHE GB 343 -58.45 -29.27 -42.06
N GLY GB 344 -58.75 -28.25 -42.86
CA GLY GB 344 -57.90 -27.87 -43.96
C GLY GB 344 -56.74 -26.98 -43.55
N LEU GB 345 -56.08 -26.42 -44.57
CA LEU GB 345 -54.91 -25.57 -44.38
C LEU GB 345 -54.96 -24.31 -45.25
N SER GB 346 -56.10 -24.01 -45.86
CA SER GB 346 -56.22 -22.79 -46.65
C SER GB 346 -56.04 -21.56 -45.77
N GLY GB 347 -56.58 -21.59 -44.56
CA GLY GB 347 -56.45 -20.44 -43.68
C GLY GB 347 -55.01 -20.17 -43.28
N VAL GB 348 -54.27 -21.22 -42.91
CA VAL GB 348 -52.87 -21.03 -42.54
C VAL GB 348 -52.05 -20.65 -43.77
N ALA GB 349 -52.41 -21.16 -44.94
CA ALA GB 349 -51.73 -20.75 -46.16
C ALA GB 349 -51.92 -19.26 -46.42
N TYR GB 350 -53.16 -18.78 -46.23
CA TYR GB 350 -53.42 -17.35 -46.40
C TYR GB 350 -52.68 -16.54 -45.35
N ALA GB 351 -52.57 -17.07 -44.13
CA ALA GB 351 -51.81 -16.39 -43.10
C ALA GB 351 -50.34 -16.28 -43.51
N ALA GB 352 -49.78 -17.35 -44.07
CA ALA GB 352 -48.42 -17.31 -44.55
C ALA GB 352 -48.26 -16.27 -45.66
N LYS GB 353 -49.22 -16.22 -46.57
CA LYS GB 353 -49.18 -15.20 -47.61
C LYS GB 353 -49.24 -13.80 -47.01
N ALA GB 354 -50.09 -13.60 -46.01
CA ALA GB 354 -50.24 -12.29 -45.41
C ALA GB 354 -48.95 -11.84 -44.73
N ARG GB 355 -48.34 -12.73 -43.95
CA ARG GB 355 -47.08 -12.36 -43.30
C ARG GB 355 -45.96 -12.15 -44.31
N GLY GB 356 -45.90 -13.00 -45.34
CA GLY GB 356 -44.88 -12.84 -46.35
C GLY GB 356 -45.05 -11.61 -47.19
N VAL GB 357 -46.26 -11.08 -47.28
CA VAL GB 357 -46.48 -9.85 -48.02
C VAL GB 357 -46.33 -8.63 -47.12
N LYS GB 358 -46.55 -8.77 -45.82
CA LYS GB 358 -46.37 -7.61 -44.95
C LYS GB 358 -44.93 -7.41 -44.52
N LYS GB 359 -44.11 -8.47 -44.53
CA LYS GB 359 -42.69 -8.27 -44.26
C LYS GB 359 -42.04 -7.38 -45.33
N ASN GB 360 -42.61 -7.35 -46.53
CA ASN GB 360 -42.17 -6.43 -47.55
C ASN GB 360 -43.06 -5.19 -47.51
N SER GB 361 -42.45 -4.02 -47.42
CA SER GB 361 -43.19 -2.78 -47.17
C SER GB 361 -43.41 -1.94 -48.43
N ASP GB 362 -42.38 -1.79 -49.25
CA ASP GB 362 -42.48 -0.90 -50.41
C ASP GB 362 -43.52 -1.40 -51.40
N VAL GB 363 -43.64 -2.72 -51.57
CA VAL GB 363 -44.66 -3.31 -52.41
C VAL GB 363 -45.36 -4.52 -51.76
N GLY GB 364 -44.73 -5.26 -50.89
CA GLY GB 364 -45.32 -6.53 -50.51
C GLY GB 364 -44.65 -7.68 -51.22
N GLY GB 365 -44.56 -8.81 -50.53
CA GLY GB 365 -43.79 -9.95 -51.02
C GLY GB 365 -44.53 -10.88 -51.95
N TRP GB 366 -44.82 -10.46 -53.20
CA TRP GB 366 -45.41 -11.43 -54.12
C TRP GB 366 -44.40 -12.47 -54.56
N HIS GB 367 -43.11 -12.18 -54.49
CA HIS GB 367 -42.08 -13.09 -55.00
C HIS GB 367 -41.64 -14.12 -53.97
N TYR GB 368 -42.18 -14.07 -52.76
CA TYR GB 368 -41.85 -15.07 -51.77
C TYR GB 368 -42.66 -16.35 -51.97
N SER GB 369 -42.27 -17.40 -51.27
CA SER GB 369 -42.95 -18.67 -51.31
C SER GB 369 -43.31 -19.12 -49.90
N PRO GB 370 -44.37 -19.88 -49.75
CA PRO GB 370 -44.89 -20.23 -48.42
C PRO GB 370 -44.06 -21.27 -47.69
N ALA GB 371 -42.74 -21.05 -47.64
CA ALA GB 371 -41.83 -21.99 -47.01
C ALA GB 371 -40.74 -21.21 -46.31
N GLY GB 372 -40.11 -21.88 -45.34
CA GLY GB 372 -39.04 -21.26 -44.57
C GLY GB 372 -39.17 -21.49 -43.08
N GLU GB 373 -38.08 -21.94 -42.45
CA GLU GB 373 -38.10 -22.23 -41.03
C GLU GB 373 -38.44 -21.00 -40.20
N GLU GB 374 -37.78 -19.88 -40.47
CA GLU GB 374 -37.98 -18.68 -39.69
C GLU GB 374 -39.27 -17.95 -40.02
N ARG GB 375 -39.93 -18.33 -41.10
CA ARG GB 375 -41.02 -17.56 -41.67
C ARG GB 375 -42.30 -18.38 -41.86
N ALA GB 376 -42.18 -19.64 -42.27
CA ALA GB 376 -43.33 -20.52 -42.45
C ALA GB 376 -43.46 -21.40 -41.20
N VAL GB 377 -44.43 -21.08 -40.36
CA VAL GB 377 -44.68 -21.83 -39.13
C VAL GB 377 -46.19 -21.99 -38.98
N ILE GB 378 -46.64 -23.23 -38.77
CA ILE GB 378 -48.05 -23.46 -38.48
C ILE GB 378 -48.22 -23.90 -37.03
N ALA GB 379 -47.66 -25.05 -36.69
CA ALA GB 379 -47.64 -25.56 -35.31
C ALA GB 379 -48.99 -25.42 -34.62
N ARG GB 380 -50.02 -26.11 -35.13
CA ARG GB 380 -51.36 -25.87 -34.64
C ARG GB 380 -51.54 -26.38 -33.21
N ALA GB 381 -51.54 -27.71 -33.04
CA ALA GB 381 -51.56 -28.34 -31.74
C ALA GB 381 -51.43 -29.85 -31.90
N SER GB 382 -50.57 -30.48 -31.09
CA SER GB 382 -50.46 -31.93 -30.97
C SER GB 382 -50.65 -32.61 -32.33
N ILE GB 383 -49.82 -32.19 -33.29
CA ILE GB 383 -49.99 -32.63 -34.66
C ILE GB 383 -49.70 -34.11 -34.75
N GLN GB 384 -50.64 -34.86 -35.30
CA GLN GB 384 -50.42 -36.30 -35.48
C GLN GB 384 -51.06 -36.72 -36.80
N PRO GB 385 -50.59 -37.81 -37.40
CA PRO GB 385 -50.99 -38.14 -38.76
C PRO GB 385 -52.42 -38.68 -38.82
N LEU GB 386 -52.92 -38.79 -40.05
CA LEU GB 386 -54.25 -39.32 -40.28
C LEU GB 386 -54.23 -40.83 -40.51
N TYR GB 387 -53.53 -41.27 -41.55
CA TYR GB 387 -53.52 -42.68 -41.93
C TYR GB 387 -52.13 -43.27 -41.82
N PRO GB 388 -51.85 -44.08 -40.81
CA PRO GB 388 -50.52 -44.72 -40.73
C PRO GB 388 -50.22 -45.64 -41.89
N GLU GB 389 -51.24 -46.07 -42.62
CA GLU GB 389 -51.07 -46.99 -43.74
C GLU GB 389 -50.84 -46.26 -45.06
N ASP GB 390 -51.38 -45.05 -45.22
CA ASP GB 390 -51.29 -44.34 -46.49
C ASP GB 390 -49.89 -43.80 -46.69
N THR GB 391 -49.35 -44.01 -47.88
CA THR GB 391 -48.04 -43.52 -48.25
C THR GB 391 -48.14 -42.68 -49.51
N PRO GB 392 -47.66 -41.46 -49.51
CA PRO GB 392 -47.72 -40.62 -50.71
C PRO GB 392 -46.54 -40.87 -51.65
N ASP GB 393 -46.63 -40.26 -52.83
CA ASP GB 393 -45.60 -40.34 -53.85
C ASP GB 393 -45.28 -38.94 -54.34
N GLU GB 394 -44.02 -38.54 -54.19
CA GLU GB 394 -43.63 -37.18 -54.59
C GLU GB 394 -43.83 -36.98 -56.08
N GLU GB 395 -43.42 -37.96 -56.90
CA GLU GB 395 -43.59 -37.83 -58.34
C GLU GB 395 -45.06 -37.75 -58.71
N ALA GB 396 -45.89 -38.61 -58.11
CA ALA GB 396 -47.31 -38.60 -58.42
C ALA GB 396 -47.94 -37.26 -58.05
N MET GB 397 -47.61 -36.73 -56.88
CA MET GB 397 -48.22 -35.48 -56.45
C MET GB 397 -47.73 -34.30 -57.29
N VAL GB 398 -46.45 -34.30 -57.68
CA VAL GB 398 -45.97 -33.20 -58.51
C VAL GB 398 -46.60 -33.27 -59.89
N LYS GB 399 -46.82 -34.48 -60.42
CA LYS GB 399 -47.53 -34.62 -61.68
C LYS GB 399 -48.96 -34.12 -61.54
N GLY GB 400 -49.60 -34.43 -60.43
CA GLY GB 400 -50.95 -34.00 -60.16
C GLY GB 400 -51.09 -32.60 -59.62
N ARG GB 401 -49.99 -31.86 -59.53
CA ARG GB 401 -50.00 -30.47 -59.07
C ARG GB 401 -50.46 -30.36 -57.63
N LEU GB 402 -50.19 -31.37 -56.82
CA LEU GB 402 -50.62 -31.39 -55.43
C LEU GB 402 -49.55 -30.77 -54.53
N ASN GB 403 -50.01 -30.20 -53.42
CA ASN GB 403 -49.15 -29.52 -52.47
C ASN GB 403 -48.94 -30.38 -51.24
N LYS GB 404 -47.68 -30.62 -50.91
CA LYS GB 404 -47.32 -31.37 -49.72
C LYS GB 404 -47.01 -30.41 -48.59
N VAL GB 405 -47.03 -30.94 -47.37
CA VAL GB 405 -46.73 -30.15 -46.18
C VAL GB 405 -45.84 -31.00 -45.26
N SER GB 406 -44.75 -30.40 -44.77
CA SER GB 406 -43.76 -31.12 -43.97
C SER GB 406 -43.55 -30.46 -42.63
N VAL GB 407 -42.56 -30.93 -41.87
CA VAL GB 407 -42.35 -30.49 -40.51
C VAL GB 407 -40.96 -29.84 -40.42
N GLY GB 408 -40.81 -28.95 -39.44
CA GLY GB 408 -39.56 -28.27 -39.20
C GLY GB 408 -38.82 -28.80 -37.97
N THR GB 409 -37.68 -28.15 -37.68
CA THR GB 409 -36.82 -28.61 -36.60
C THR GB 409 -37.52 -28.52 -35.25
N SER GB 410 -38.22 -27.43 -34.99
CA SER GB 410 -38.85 -27.21 -33.69
C SER GB 410 -40.22 -27.86 -33.59
N GLY GB 411 -40.56 -28.77 -34.49
CA GLY GB 411 -41.85 -29.42 -34.48
C GLY GB 411 -42.95 -28.63 -35.13
N GLN GB 412 -42.70 -27.37 -35.50
CA GLN GB 412 -43.69 -26.58 -36.21
C GLN GB 412 -43.92 -27.16 -37.60
N MET GB 413 -44.93 -26.66 -38.29
CA MET GB 413 -45.42 -27.32 -39.49
C MET GB 413 -45.25 -26.33 -40.62
N ILE GB 414 -44.69 -26.78 -41.76
CA ILE GB 414 -44.34 -25.87 -42.84
C ILE GB 414 -44.91 -26.40 -44.15
N ILE GB 415 -45.01 -25.49 -45.12
CA ILE GB 415 -45.57 -25.79 -46.44
C ILE GB 415 -44.40 -25.85 -47.42
N ASP GB 416 -44.06 -27.05 -47.86
CA ASP GB 416 -42.94 -27.25 -48.78
C ASP GB 416 -43.44 -27.35 -50.23
N ASP GB 417 -44.00 -26.25 -50.72
CA ASP GB 417 -44.43 -26.18 -52.11
C ASP GB 417 -44.39 -24.76 -52.62
N ALA GB 418 -44.26 -24.64 -53.96
CA ALA GB 418 -44.40 -23.39 -54.69
C ALA GB 418 -45.15 -23.63 -55.99
N LEU GB 419 -46.06 -24.60 -55.99
CA LEU GB 419 -46.69 -25.11 -57.20
C LEU GB 419 -48.19 -24.87 -57.16
N THR GB 420 -48.74 -24.44 -58.29
CA THR GB 420 -50.18 -24.27 -58.43
C THR GB 420 -50.76 -25.44 -59.22
N CYS GB 421 -52.06 -25.37 -59.50
CA CYS GB 421 -52.74 -26.39 -60.28
C CYS GB 421 -52.75 -26.08 -61.76
N CYS GB 422 -51.76 -25.34 -62.24
CA CYS GB 422 -51.72 -24.97 -63.66
C CYS GB 422 -51.44 -26.22 -64.49
N THR GB 423 -52.35 -26.53 -65.41
CA THR GB 423 -52.16 -27.67 -66.30
C THR GB 423 -50.94 -27.47 -67.19
N GLN GB 424 -50.75 -26.25 -67.69
CA GLN GB 424 -49.63 -25.97 -68.58
C GLN GB 424 -48.31 -26.10 -67.83
N ASP GB 425 -47.32 -26.65 -68.53
CA ASP GB 425 -45.98 -26.78 -67.97
C ASP GB 425 -45.20 -25.48 -67.97
N ASN GB 426 -45.85 -24.35 -68.21
CA ASN GB 426 -45.20 -23.06 -68.18
C ASN GB 426 -44.91 -22.65 -66.74
N TYR GB 427 -44.30 -21.48 -66.58
CA TYR GB 427 -43.97 -20.98 -65.26
C TYR GB 427 -45.20 -20.58 -64.47
N LEU GB 428 -46.37 -20.55 -65.11
CA LEU GB 428 -47.62 -20.30 -64.41
C LEU GB 428 -47.89 -21.33 -63.33
N HIS GB 429 -47.27 -22.50 -63.43
CA HIS GB 429 -47.36 -23.51 -62.39
C HIS GB 429 -46.84 -23.00 -61.05
N PHE GB 430 -45.94 -22.02 -61.08
CA PHE GB 430 -45.47 -21.39 -59.86
C PHE GB 430 -46.57 -20.54 -59.24
N GLN GB 431 -46.31 -20.04 -58.04
CA GLN GB 431 -47.27 -19.23 -57.30
C GLN GB 431 -46.86 -17.78 -57.16
N HIS GB 432 -45.55 -17.49 -57.20
CA HIS GB 432 -45.09 -16.11 -57.12
C HIS GB 432 -45.21 -15.41 -58.46
N VAL GB 433 -45.03 -16.15 -59.55
CA VAL GB 433 -45.16 -15.56 -60.87
C VAL GB 433 -46.59 -15.10 -61.12
N PRO GB 434 -47.63 -15.91 -60.89
CA PRO GB 434 -48.99 -15.38 -61.02
C PRO GB 434 -49.24 -14.16 -60.16
N SER GB 435 -48.67 -14.15 -58.95
CA SER GB 435 -48.80 -13.01 -58.07
C SER GB 435 -48.18 -11.77 -58.70
N LEU GB 436 -47.02 -11.92 -59.33
CA LEU GB 436 -46.37 -10.74 -59.87
C LEU GB 436 -47.10 -10.20 -61.08
N MET GB 437 -47.56 -11.06 -62.01
CA MET GB 437 -48.21 -10.38 -63.12
C MET GB 437 -49.59 -9.89 -62.73
N ASN GB 438 -50.24 -10.50 -61.75
CA ASN GB 438 -51.46 -9.90 -61.21
C ASN GB 438 -51.18 -8.51 -60.65
N ALA GB 439 -50.14 -8.38 -59.82
CA ALA GB 439 -49.80 -7.08 -59.26
C ALA GB 439 -49.56 -6.06 -60.36
N ILE GB 440 -48.71 -6.41 -61.32
CA ILE GB 440 -48.36 -5.43 -62.35
C ILE GB 440 -49.60 -5.06 -63.15
N SER GB 441 -50.45 -6.04 -63.43
CA SER GB 441 -51.71 -5.76 -64.12
C SER GB 441 -52.55 -4.75 -63.36
N ARG GB 442 -52.66 -4.92 -62.04
CA ARG GB 442 -53.42 -3.96 -61.25
C ARG GB 442 -52.78 -2.57 -61.28
N PHE GB 443 -51.46 -2.49 -61.27
CA PHE GB 443 -50.85 -1.16 -61.37
C PHE GB 443 -51.16 -0.52 -62.71
N PHE GB 444 -51.03 -1.28 -63.80
CA PHE GB 444 -51.40 -0.70 -65.09
C PHE GB 444 -52.86 -0.27 -65.11
N VAL GB 445 -53.74 -1.09 -64.54
CA VAL GB 445 -55.16 -0.75 -64.55
C VAL GB 445 -55.40 0.56 -63.82
N GLN GB 446 -54.86 0.68 -62.61
CA GLN GB 446 -55.11 1.88 -61.83
C GLN GB 446 -54.51 3.10 -62.50
N LEU GB 447 -53.30 2.98 -63.07
CA LEU GB 447 -52.68 4.15 -63.68
C LEU GB 447 -53.43 4.58 -64.93
N ALA GB 448 -53.80 3.63 -65.78
CA ALA GB 448 -54.54 3.97 -66.99
C ALA GB 448 -55.90 4.56 -66.65
N ARG GB 449 -56.56 4.01 -65.62
CA ARG GB 449 -57.89 4.48 -65.27
C ARG GB 449 -57.86 5.85 -64.60
N GLN GB 450 -56.80 6.18 -63.85
CA GLN GB 450 -56.65 7.55 -63.40
C GLN GB 450 -56.19 8.47 -64.52
N MET GB 451 -55.65 7.91 -65.60
CA MET GB 451 -55.31 8.68 -66.78
C MET GB 451 -56.49 8.90 -67.72
N LYS GB 452 -57.56 8.11 -67.58
CA LYS GB 452 -58.65 8.14 -68.54
C LYS GB 452 -59.33 9.51 -68.58
N HIS GB 453 -60.15 9.70 -69.62
CA HIS GB 453 -60.97 10.89 -69.80
C HIS GB 453 -60.12 12.16 -69.87
N SER GB 454 -59.01 12.08 -70.60
CA SER GB 454 -58.10 13.20 -70.76
C SER GB 454 -57.60 13.22 -72.19
N PRO GB 455 -57.58 14.37 -72.86
CA PRO GB 455 -57.12 14.42 -74.24
C PRO GB 455 -55.63 14.11 -74.33
N ASP GB 456 -55.24 13.58 -75.48
CA ASP GB 456 -53.86 13.17 -75.69
C ASP GB 456 -52.95 14.40 -75.83
N GLY GB 457 -51.67 14.13 -76.00
CA GLY GB 457 -50.67 15.17 -76.11
C GLY GB 457 -49.77 15.20 -74.89
N ILE GB 458 -50.38 14.98 -73.73
CA ILE GB 458 -49.65 14.89 -72.49
C ILE GB 458 -49.87 13.57 -71.76
N THR GB 459 -51.00 12.91 -72.00
CA THR GB 459 -51.25 11.61 -71.40
C THR GB 459 -50.19 10.60 -71.79
N ALA GB 460 -49.63 10.72 -73.00
CA ALA GB 460 -48.57 9.81 -73.41
C ALA GB 460 -47.34 9.96 -72.53
N ALA GB 461 -46.90 11.20 -72.30
CA ALA GB 461 -45.78 11.43 -71.40
C ALA GB 461 -46.12 11.00 -69.99
N GLY GB 462 -47.36 11.22 -69.57
CA GLY GB 462 -47.76 10.82 -68.23
C GLY GB 462 -47.69 9.32 -68.03
N LEU GB 463 -48.22 8.56 -68.99
CA LEU GB 463 -48.18 7.11 -68.89
C LEU GB 463 -46.74 6.59 -68.99
N THR GB 464 -45.90 7.25 -69.81
CA THR GB 464 -44.51 6.85 -69.85
C THR GB 464 -43.81 7.08 -68.51
N LYS GB 465 -44.04 8.24 -67.90
CA LYS GB 465 -43.40 8.47 -66.62
C LYS GB 465 -43.94 7.53 -65.56
N GLY GB 466 -45.22 7.15 -65.67
CA GLY GB 466 -45.78 6.21 -64.73
C GLY GB 466 -45.16 4.83 -64.85
N MET GB 467 -44.98 4.36 -66.08
CA MET GB 467 -44.32 3.07 -66.27
C MET GB 467 -42.87 3.14 -65.79
N THR GB 468 -42.20 4.27 -66.01
CA THR GB 468 -40.87 4.43 -65.44
C THR GB 468 -40.90 4.28 -63.92
N LYS GB 469 -41.87 4.92 -63.27
CA LYS GB 469 -41.90 4.92 -61.82
C LYS GB 469 -42.23 3.55 -61.25
N LEU GB 470 -43.20 2.87 -61.84
CA LEU GB 470 -43.49 1.49 -61.45
C LEU GB 470 -42.30 0.58 -61.64
N LEU GB 471 -41.60 0.68 -62.78
CA LEU GB 471 -40.42 -0.15 -62.93
C LEU GB 471 -39.35 0.23 -61.91
N ASP GB 472 -39.37 1.49 -61.48
CA ASP GB 472 -38.47 1.93 -60.41
C ASP GB 472 -38.77 1.15 -59.14
N ARG GB 473 -40.04 1.06 -58.77
CA ARG GB 473 -40.34 0.25 -57.59
C ARG GB 473 -40.06 -1.24 -57.77
N PHE GB 474 -40.29 -1.82 -58.95
CA PHE GB 474 -39.92 -3.24 -59.04
C PHE GB 474 -38.42 -3.45 -58.95
N VAL GB 475 -37.62 -2.55 -59.55
CA VAL GB 475 -36.18 -2.74 -59.41
C VAL GB 475 -35.76 -2.51 -57.97
N ALA GB 476 -36.42 -1.59 -57.26
CA ALA GB 476 -36.13 -1.42 -55.84
C ALA GB 476 -36.43 -2.71 -55.08
N SER GB 477 -37.54 -3.36 -55.42
CA SER GB 477 -37.89 -4.63 -54.78
C SER GB 477 -36.88 -5.71 -55.13
N GLY GB 478 -36.35 -5.68 -56.36
CA GLY GB 478 -35.41 -6.69 -56.81
C GLY GB 478 -36.04 -8.00 -57.23
N ALA GB 479 -37.37 -8.09 -57.29
CA ALA GB 479 -38.01 -9.35 -57.61
C ALA GB 479 -37.71 -9.78 -59.04
N LEU GB 480 -37.68 -8.84 -59.97
CA LEU GB 480 -37.41 -9.14 -61.37
C LEU GB 480 -35.91 -9.18 -61.60
N VAL GB 481 -35.49 -9.92 -62.62
CA VAL GB 481 -34.07 -10.08 -62.91
C VAL GB 481 -33.83 -9.81 -64.39
N ALA GB 482 -32.58 -9.52 -64.71
CA ALA GB 482 -32.18 -9.30 -66.08
C ALA GB 482 -32.24 -10.62 -66.85
N PRO GB 483 -32.42 -10.56 -68.18
CA PRO GB 483 -32.41 -11.79 -68.97
C PRO GB 483 -31.08 -12.50 -68.86
N ARG GB 484 -31.13 -13.82 -68.82
CA ARG GB 484 -29.94 -14.62 -68.61
C ARG GB 484 -29.13 -14.86 -69.87
N ASP GB 485 -29.67 -14.54 -71.05
CA ASP GB 485 -28.94 -14.70 -72.30
C ASP GB 485 -28.82 -13.33 -72.95
N PRO GB 486 -27.64 -12.70 -72.88
CA PRO GB 486 -27.53 -11.31 -73.35
C PRO GB 486 -27.79 -11.14 -74.84
N ASP GB 487 -27.19 -11.98 -75.68
CA ASP GB 487 -27.31 -11.75 -77.12
C ASP GB 487 -28.71 -12.11 -77.63
N ALA GB 488 -29.27 -13.21 -77.14
CA ALA GB 488 -30.55 -13.69 -77.62
C ALA GB 488 -31.72 -13.21 -76.76
N ASP GB 489 -31.65 -13.39 -75.46
CA ASP GB 489 -32.72 -12.96 -74.57
C ASP GB 489 -32.60 -11.49 -74.20
N GLY GB 490 -31.55 -10.81 -74.64
CA GLY GB 490 -31.37 -9.41 -74.30
C GLY GB 490 -30.64 -9.25 -72.98
N THR GB 491 -30.39 -7.98 -72.65
CA THR GB 491 -29.70 -7.64 -71.42
C THR GB 491 -30.54 -6.76 -70.49
N GLU GB 492 -31.55 -6.07 -71.01
CA GLU GB 492 -32.39 -5.22 -70.19
C GLU GB 492 -33.59 -6.00 -69.69
N PRO GB 493 -33.78 -6.12 -68.37
CA PRO GB 493 -34.94 -6.87 -67.87
C PRO GB 493 -36.28 -6.29 -68.27
N TYR GB 494 -36.40 -4.97 -68.36
CA TYR GB 494 -37.68 -4.32 -68.54
C TYR GB 494 -37.79 -3.78 -69.96
N VAL GB 495 -38.81 -4.25 -70.68
CA VAL GB 495 -39.09 -3.77 -72.02
C VAL GB 495 -40.51 -3.20 -72.02
N LEU GB 496 -40.66 -2.02 -72.60
CA LEU GB 496 -41.90 -1.27 -72.53
C LEU GB 496 -42.24 -0.67 -73.89
N LYS GB 497 -43.54 -0.58 -74.19
CA LYS GB 497 -43.96 0.08 -75.42
C LYS GB 497 -45.41 0.54 -75.27
N VAL GB 498 -45.71 1.67 -75.88
CA VAL GB 498 -47.07 2.21 -75.90
C VAL GB 498 -47.34 2.81 -77.28
N THR GB 499 -48.57 2.64 -77.75
CA THR GB 499 -49.01 3.23 -79.02
C THR GB 499 -50.50 3.46 -78.96
N GLN GB 500 -51.05 4.04 -80.03
CA GLN GB 500 -52.48 4.24 -80.16
C GLN GB 500 -52.93 3.64 -81.48
N ALA GB 501 -54.10 3.01 -81.47
CA ALA GB 501 -54.62 2.42 -82.71
C ALA GB 501 -55.48 3.42 -83.49
N GLU GB 502 -56.42 4.06 -82.82
CA GLU GB 502 -57.39 4.94 -83.47
C GLU GB 502 -57.80 6.00 -82.47
N PHE GB 503 -58.95 6.66 -82.72
CA PHE GB 503 -59.47 7.66 -81.78
C PHE GB 503 -59.46 7.17 -80.34
N ASP GB 504 -59.48 5.86 -80.13
CA ASP GB 504 -59.37 5.25 -78.80
C ASP GB 504 -58.35 4.12 -78.91
N LYS GB 505 -58.34 3.24 -77.91
CA LYS GB 505 -57.48 2.06 -77.89
C LYS GB 505 -56.00 2.45 -77.93
N TRP GB 506 -55.57 3.06 -76.84
CA TRP GB 506 -54.14 3.18 -76.55
C TRP GB 506 -53.66 1.86 -75.97
N GLU GB 507 -52.81 1.17 -76.72
CA GLU GB 507 -52.28 -0.11 -76.31
C GLU GB 507 -50.91 0.08 -75.65
N VAL GB 508 -50.62 -0.80 -74.70
CA VAL GB 508 -49.35 -0.78 -73.99
C VAL GB 508 -48.92 -2.22 -73.71
N VAL GB 509 -47.64 -2.49 -73.88
CA VAL GB 509 -47.07 -3.81 -73.67
C VAL GB 509 -45.81 -3.69 -72.85
N TRP GB 510 -45.50 -4.75 -72.12
CA TRP GB 510 -44.36 -4.81 -71.23
C TRP GB 510 -43.86 -6.24 -71.14
N ALA GB 511 -42.57 -6.38 -70.90
CA ALA GB 511 -41.91 -7.68 -70.82
C ALA GB 511 -40.85 -7.63 -69.72
N CYS GB 512 -40.83 -8.68 -68.90
CA CYS GB 512 -39.99 -8.73 -67.72
C CYS GB 512 -39.52 -10.16 -67.47
N CYS GB 513 -38.46 -10.29 -66.67
CA CYS GB 513 -37.87 -11.59 -66.35
C CYS GB 513 -37.80 -11.76 -64.84
N PRO GB 514 -38.54 -12.70 -64.26
CA PRO GB 514 -38.53 -12.89 -62.81
C PRO GB 514 -37.38 -13.78 -62.36
N THR GB 515 -37.17 -13.81 -61.04
CA THR GB 515 -36.08 -14.55 -60.46
C THR GB 515 -36.40 -16.05 -60.42
N GLY GB 516 -35.40 -16.83 -60.01
CA GLY GB 516 -35.54 -18.27 -59.90
C GLY GB 516 -36.14 -18.68 -58.58
N VAL GB 517 -36.29 -20.00 -58.43
CA VAL GB 517 -36.92 -20.58 -57.26
C VAL GB 517 -35.93 -21.34 -56.38
N ALA GB 518 -34.87 -21.90 -56.96
CA ALA GB 518 -33.93 -22.77 -56.24
C ALA GB 518 -34.68 -23.97 -55.65
N ARG GB 519 -35.21 -24.79 -56.56
CA ARG GB 519 -36.01 -25.94 -56.15
C ARG GB 519 -35.21 -26.89 -55.26
N ARG GB 520 -34.02 -27.30 -55.72
CA ARG GB 520 -33.27 -28.29 -54.99
C ARG GB 520 -31.77 -28.02 -55.08
N ILE GB 521 -31.09 -28.36 -53.99
CA ILE GB 521 -29.64 -28.49 -53.93
C ILE GB 521 -29.30 -29.97 -53.91
N GLN GB 522 -28.22 -30.34 -54.61
CA GLN GB 522 -27.69 -31.68 -54.52
C GLN GB 522 -26.39 -31.62 -53.73
N GLY GB 523 -26.07 -32.71 -53.05
CA GLY GB 523 -24.82 -32.80 -52.33
C GLY GB 523 -24.26 -34.20 -52.32
N VAL GB 524 -23.00 -34.35 -52.70
CA VAL GB 524 -22.36 -35.66 -52.67
C VAL GB 524 -21.01 -35.53 -51.98
N PRO GB 525 -20.80 -36.25 -50.89
CA PRO GB 525 -19.50 -36.22 -50.22
C PRO GB 525 -18.48 -37.06 -50.98
N LEU GB 526 -17.22 -36.77 -50.69
CA LEU GB 526 -16.11 -37.55 -51.21
C LEU GB 526 -14.90 -37.30 -50.33
N LEU GB 527 -13.91 -38.19 -50.44
CA LEU GB 527 -12.73 -38.16 -49.59
C LEU GB 527 -11.52 -37.69 -50.38
N ILE GB 528 -10.75 -36.77 -49.79
CA ILE GB 528 -9.52 -36.33 -50.42
C ILE GB 528 -8.50 -37.46 -50.47
N LYS GB 529 -8.54 -38.36 -49.49
CA LYS GB 529 -7.60 -39.48 -49.36
C LYS GB 529 -6.20 -38.98 -49.01
N SER HB 2 -42.92 -41.81 -44.23
CA SER HB 2 -43.26 -40.39 -44.35
C SER HB 2 -42.38 -39.72 -45.38
N GLN HB 3 -42.83 -38.57 -45.89
CA GLN HB 3 -42.06 -37.85 -46.90
C GLN HB 3 -40.73 -37.33 -46.35
N TYR HB 4 -40.56 -37.35 -45.03
CA TYR HB 4 -39.34 -36.86 -44.41
C TYR HB 4 -38.15 -37.73 -44.76
N SER HB 5 -38.38 -38.95 -45.23
CA SER HB 5 -37.30 -39.78 -45.72
C SER HB 5 -36.67 -39.14 -46.95
N ILE HB 6 -35.37 -39.37 -47.12
CA ILE HB 6 -34.60 -38.78 -48.21
C ILE HB 6 -34.23 -39.89 -49.19
N GLN HB 7 -34.64 -39.74 -50.44
CA GLN HB 7 -34.37 -40.73 -51.47
C GLN HB 7 -33.01 -40.45 -52.11
N GLN HB 8 -32.59 -41.40 -52.95
CA GLN HB 8 -31.33 -41.29 -53.67
C GLN HB 8 -31.51 -40.83 -55.11
N SER HB 9 -32.52 -41.33 -55.80
CA SER HB 9 -32.79 -40.92 -57.17
C SER HB 9 -33.66 -39.67 -57.15
N LEU HB 10 -33.22 -38.64 -57.86
CA LEU HB 10 -33.89 -37.36 -57.88
C LEU HB 10 -34.39 -37.03 -59.27
N GLY HB 11 -35.49 -36.29 -59.32
CA GLY HB 11 -36.06 -35.88 -60.59
C GLY HB 11 -36.36 -34.40 -60.69
N ASN HB 12 -37.61 -34.09 -61.02
CA ASN HB 12 -38.06 -32.73 -61.27
C ASN HB 12 -39.01 -32.25 -60.18
N ALA HB 13 -39.50 -33.16 -59.34
CA ALA HB 13 -40.46 -32.81 -58.31
C ALA HB 13 -39.88 -31.79 -57.35
N SER HB 14 -40.77 -30.96 -56.79
CA SER HB 14 -40.38 -29.85 -55.92
C SER HB 14 -39.99 -30.41 -54.55
N GLY HB 15 -38.76 -30.91 -54.47
CA GLY HB 15 -38.24 -31.43 -53.23
C GLY HB 15 -36.73 -31.40 -53.23
N VAL HB 16 -36.16 -31.61 -52.05
CA VAL HB 16 -34.71 -31.65 -51.88
C VAL HB 16 -34.33 -32.98 -51.26
N ALA HB 17 -33.38 -33.68 -51.88
CA ALA HB 17 -32.88 -34.95 -51.37
C ALA HB 17 -31.41 -35.04 -51.71
N VAL HB 18 -30.85 -36.25 -51.60
CA VAL HB 18 -29.41 -36.45 -51.77
C VAL HB 18 -29.19 -37.52 -52.82
N SER HB 19 -28.03 -37.49 -53.43
CA SER HB 19 -27.59 -38.52 -54.36
C SER HB 19 -26.76 -39.57 -53.62
N PRO HB 20 -26.66 -40.78 -54.17
CA PRO HB 20 -25.87 -41.82 -53.51
C PRO HB 20 -24.41 -41.41 -53.39
N ILE HB 21 -23.78 -41.94 -52.33
CA ILE HB 21 -22.39 -41.58 -52.05
C ILE HB 21 -21.48 -42.06 -53.17
N ASN HB 22 -20.48 -41.23 -53.48
CA ASN HB 22 -19.39 -41.60 -54.37
C ASN HB 22 -18.06 -41.33 -53.67
N ALA HB 23 -17.10 -42.21 -53.89
CA ALA HB 23 -15.76 -42.04 -53.33
C ALA HB 23 -14.67 -41.99 -54.39
N ASP HB 24 -14.92 -42.52 -55.58
CA ASP HB 24 -13.92 -42.53 -56.64
C ASP HB 24 -14.17 -41.35 -57.58
N ALA HB 25 -13.92 -40.16 -57.06
CA ALA HB 25 -14.11 -38.93 -57.82
C ALA HB 25 -13.05 -37.94 -57.40
N THR HB 26 -12.80 -36.97 -58.29
CA THR HB 26 -11.82 -35.92 -58.06
C THR HB 26 -12.46 -34.57 -58.30
N LEU HB 27 -11.86 -33.54 -57.71
CA LEU HB 27 -12.38 -32.19 -57.84
C LEU HB 27 -11.25 -31.20 -57.61
N SER HB 28 -11.38 -30.03 -58.26
CA SER HB 28 -10.37 -28.98 -58.14
C SER HB 28 -11.03 -27.65 -58.45
N THR HB 29 -10.87 -26.70 -57.54
CA THR HB 29 -11.50 -25.39 -57.67
C THR HB 29 -10.46 -24.35 -58.09
N GLY HB 30 -10.95 -23.31 -58.74
CA GLY HB 30 -10.09 -22.23 -59.18
C GLY HB 30 -10.72 -21.47 -60.32
N VAL HB 31 -10.24 -20.24 -60.50
CA VAL HB 31 -10.70 -19.34 -61.55
C VAL HB 31 -9.53 -19.06 -62.48
N ALA HB 32 -9.69 -19.35 -63.77
CA ALA HB 32 -8.62 -19.15 -64.73
C ALA HB 32 -8.36 -17.66 -64.92
N LEU HB 33 -7.08 -17.27 -64.85
CA LEU HB 33 -6.74 -15.87 -65.01
C LEU HB 33 -6.60 -15.47 -66.47
N ASN HB 34 -6.16 -16.40 -67.32
CA ASN HB 34 -6.13 -16.20 -68.76
C ASN HB 34 -5.26 -15.01 -69.16
N SER HB 35 -4.24 -14.72 -68.35
CA SER HB 35 -3.24 -13.74 -68.74
C SER HB 35 -2.51 -14.19 -70.01
N SER HB 36 -2.18 -15.48 -70.07
CA SER HB 36 -1.60 -16.08 -71.25
C SER HB 36 -2.41 -17.32 -71.60
N LEU HB 37 -2.64 -17.54 -72.89
CA LEU HB 37 -3.45 -18.64 -73.35
C LEU HB 37 -2.62 -19.60 -74.17
N TRP HB 38 -2.88 -20.88 -73.96
CA TRP HB 38 -2.15 -21.97 -74.60
C TRP HB 38 -3.12 -22.94 -75.25
N ALA HB 39 -2.59 -23.72 -76.20
CA ALA HB 39 -3.35 -24.76 -76.85
C ALA HB 39 -2.38 -25.78 -77.43
N GLY HB 40 -2.93 -26.93 -77.80
CA GLY HB 40 -2.11 -27.97 -78.40
C GLY HB 40 -2.92 -29.22 -78.67
N ILE HB 41 -2.22 -30.23 -79.17
CA ILE HB 41 -2.82 -31.50 -79.48
C ILE HB 41 -2.76 -32.39 -78.24
N GLY HB 42 -3.66 -33.37 -78.17
CA GLY HB 42 -3.63 -34.31 -77.07
C GLY HB 42 -4.61 -35.43 -77.29
N VAL HB 43 -4.44 -36.48 -76.50
CA VAL HB 43 -5.36 -37.62 -76.48
C VAL HB 43 -5.96 -37.71 -75.10
N PHE HB 44 -7.29 -37.73 -75.04
CA PHE HB 44 -7.97 -37.71 -73.75
C PHE HB 44 -9.25 -38.52 -73.85
N ALA HB 45 -9.70 -39.02 -72.72
CA ALA HB 45 -11.03 -39.60 -72.65
C ALA HB 45 -12.07 -38.52 -72.86
N ARG HB 46 -13.14 -38.86 -73.57
CA ARG HB 46 -14.18 -37.90 -73.90
C ARG HB 46 -13.62 -36.77 -74.76
N GLY HB 47 -14.44 -35.75 -75.02
CA GLY HB 47 -13.99 -34.64 -75.83
C GLY HB 47 -14.08 -34.92 -77.30
N LYS HB 48 -14.56 -33.95 -78.06
CA LYS HB 48 -14.69 -34.14 -79.50
C LYS HB 48 -13.30 -34.11 -80.13
N PRO HB 49 -12.87 -35.17 -80.80
CA PRO HB 49 -11.54 -35.16 -81.41
C PRO HB 49 -11.49 -34.29 -82.64
N PHE HB 50 -10.27 -33.89 -83.00
CA PHE HB 50 -10.02 -33.08 -84.18
C PHE HB 50 -10.86 -31.82 -84.18
N THR HB 51 -10.97 -31.19 -83.01
CA THR HB 51 -11.74 -29.96 -82.87
C THR HB 51 -11.18 -29.20 -81.68
N VAL HB 52 -10.95 -27.90 -81.86
CA VAL HB 52 -10.50 -27.07 -80.76
C VAL HB 52 -11.56 -27.06 -79.67
N LEU HB 53 -11.13 -27.16 -78.43
CA LEU HB 53 -12.02 -27.21 -77.29
C LEU HB 53 -11.45 -26.34 -76.18
N ALA HB 54 -12.21 -25.31 -75.79
CA ALA HB 54 -11.80 -24.41 -74.73
C ALA HB 54 -12.13 -25.05 -73.39
N VAL HB 55 -11.10 -25.33 -72.60
CA VAL HB 55 -11.22 -26.02 -71.33
C VAL HB 55 -10.62 -25.14 -70.23
N THR HB 56 -11.35 -24.99 -69.14
CA THR HB 56 -10.94 -24.18 -68.01
C THR HB 56 -10.77 -25.05 -66.77
N GLU HB 57 -10.46 -24.39 -65.65
CA GLU HB 57 -10.29 -25.10 -64.39
C GLU HB 57 -11.59 -25.70 -63.89
N SER HB 58 -12.73 -25.14 -64.27
CA SER HB 58 -14.00 -25.61 -63.76
C SER HB 58 -14.44 -26.91 -64.42
N ASN HB 59 -14.16 -27.08 -65.70
CA ASN HB 59 -14.76 -28.13 -66.50
C ASN HB 59 -13.78 -29.20 -66.96
N TYR HB 60 -12.48 -28.92 -66.90
CA TYR HB 60 -11.51 -29.87 -67.45
C TYR HB 60 -11.61 -31.23 -66.78
N GLU HB 61 -12.11 -31.28 -65.55
CA GLU HB 61 -12.11 -32.52 -64.79
C GLU HB 61 -12.86 -33.63 -65.52
N ASP HB 62 -14.01 -33.31 -66.08
CA ASP HB 62 -14.80 -34.28 -66.82
C ASP HB 62 -14.67 -34.11 -68.32
N VAL HB 63 -14.56 -32.87 -68.83
CA VAL HB 63 -14.46 -32.72 -70.27
C VAL HB 63 -13.16 -33.34 -70.77
N LEU HB 64 -12.11 -33.33 -69.96
CA LEU HB 64 -10.91 -34.10 -70.29
C LEU HB 64 -11.03 -35.57 -69.89
N GLY HB 65 -12.04 -35.93 -69.11
CA GLY HB 65 -12.24 -37.30 -68.73
C GLY HB 65 -11.25 -37.76 -67.69
N GLU HB 66 -11.33 -39.05 -67.39
CA GLU HB 66 -10.42 -39.65 -66.42
C GLU HB 66 -9.02 -39.71 -66.99
N PRO HB 67 -8.01 -39.19 -66.29
CA PRO HB 67 -6.63 -39.33 -66.76
C PRO HB 67 -6.25 -40.79 -66.99
N LEU HB 68 -5.55 -41.03 -68.10
CA LEU HB 68 -5.25 -42.38 -68.54
C LEU HB 68 -4.08 -42.97 -67.75
N LYS HB 69 -4.04 -44.29 -67.73
CA LYS HB 69 -2.98 -45.00 -67.03
C LYS HB 69 -1.64 -44.75 -67.71
N PRO HB 70 -0.61 -44.31 -66.99
CA PRO HB 70 0.70 -44.08 -67.63
C PRO HB 70 1.30 -45.34 -68.23
N SER HB 71 1.03 -46.50 -67.64
CA SER HB 71 1.57 -47.75 -68.17
C SER HB 71 1.10 -48.00 -69.59
N SER HB 72 -0.08 -47.49 -69.93
CA SER HB 72 -0.60 -47.63 -71.29
C SER HB 72 0.18 -46.75 -72.25
N GLY HB 73 1.28 -47.29 -72.78
CA GLY HB 73 2.09 -46.49 -73.69
C GLY HB 73 2.67 -45.28 -72.99
N SER HB 74 2.74 -44.18 -73.72
CA SER HB 74 3.26 -42.91 -73.20
C SER HB 74 2.18 -41.83 -73.26
N GLN HB 75 0.96 -42.21 -72.96
CA GLN HB 75 -0.18 -41.31 -73.09
C GLN HB 75 -0.45 -40.51 -71.83
N PHE HB 76 0.36 -40.67 -70.79
CA PHE HB 76 0.24 -39.85 -69.60
C PHE HB 76 0.87 -38.48 -69.78
N GLU HB 77 1.69 -38.31 -70.81
CA GLU HB 77 2.31 -37.01 -71.06
C GLU HB 77 1.30 -35.89 -71.19
N PRO HB 78 0.29 -35.98 -72.07
CA PRO HB 78 -0.62 -34.84 -72.23
C PRO HB 78 -1.45 -34.59 -70.99
N ILE HB 79 -1.93 -35.64 -70.34
CA ILE HB 79 -2.77 -35.44 -69.15
C ILE HB 79 -1.97 -34.79 -68.04
N ARG HB 80 -0.73 -35.23 -67.83
CA ARG HB 80 0.11 -34.60 -66.83
C ARG HB 80 0.34 -33.14 -67.18
N HIS HB 81 0.65 -32.85 -68.44
CA HIS HB 81 0.94 -31.49 -68.83
C HIS HB 81 -0.26 -30.58 -68.65
N VAL HB 82 -1.45 -31.05 -69.04
CA VAL HB 82 -2.62 -30.19 -68.92
C VAL HB 82 -2.99 -29.98 -67.46
N TYR HB 83 -2.85 -31.02 -66.64
CA TYR HB 83 -3.13 -30.84 -65.23
C TYR HB 83 -2.17 -29.83 -64.62
N GLU HB 84 -0.92 -29.85 -65.07
CA GLU HB 84 0.05 -28.85 -64.61
C GLU HB 84 -0.36 -27.46 -65.06
N ALA HB 85 -0.77 -27.31 -66.31
CA ALA HB 85 -1.06 -25.99 -66.85
C ALA HB 85 -2.37 -25.40 -66.37
N ILE HB 86 -3.30 -26.23 -65.90
CA ILE HB 86 -4.62 -25.72 -65.56
C ILE HB 86 -4.58 -24.83 -64.33
N GLN HB 87 -3.63 -25.03 -63.43
CA GLN HB 87 -3.60 -24.23 -62.21
C GLN HB 87 -3.24 -22.78 -62.46
N GLN HB 88 -3.13 -22.37 -63.70
CA GLN HB 88 -2.70 -21.02 -64.02
C GLN HB 88 -3.62 -20.35 -65.03
N THR HB 89 -4.09 -21.07 -66.03
CA THR HB 89 -4.94 -20.50 -67.06
C THR HB 89 -5.71 -21.64 -67.74
N SER HB 90 -6.45 -21.28 -68.77
CA SER HB 90 -7.22 -22.23 -69.55
C SER HB 90 -6.47 -22.60 -70.82
N GLY HB 91 -7.03 -23.56 -71.55
CA GLY HB 91 -6.42 -24.02 -72.78
C GLY HB 91 -7.47 -24.25 -73.85
N TYR HB 92 -6.98 -24.50 -75.05
CA TYR HB 92 -7.83 -24.66 -76.23
C TYR HB 92 -7.47 -25.97 -76.93
N VAL HB 93 -7.47 -27.05 -76.15
CA VAL HB 93 -6.83 -28.29 -76.59
C VAL HB 93 -7.55 -28.86 -77.80
N VAL HB 94 -6.79 -29.54 -78.66
CA VAL HB 94 -7.34 -30.28 -79.78
C VAL HB 94 -7.02 -31.75 -79.57
N ARG HB 95 -8.05 -32.59 -79.66
CA ARG HB 95 -7.88 -34.02 -79.42
C ARG HB 95 -7.72 -34.74 -80.75
N ALA HB 96 -6.73 -35.63 -80.82
CA ALA HB 96 -6.43 -36.39 -82.03
C ALA HB 96 -6.48 -37.88 -81.70
N VAL HB 97 -7.16 -38.64 -82.54
CA VAL HB 97 -7.26 -40.09 -82.35
C VAL HB 97 -6.98 -40.77 -83.69
N PRO HB 98 -6.42 -41.97 -83.69
CA PRO HB 98 -6.19 -42.70 -84.93
C PRO HB 98 -7.50 -43.26 -85.47
N ASP HB 99 -7.39 -43.95 -86.60
CA ASP HB 99 -8.56 -44.54 -87.23
C ASP HB 99 -9.21 -45.63 -86.38
N ASP HB 100 -8.45 -46.20 -85.44
CA ASP HB 100 -8.99 -47.23 -84.57
C ASP HB 100 -10.13 -46.73 -83.69
N ALA HB 101 -10.20 -45.43 -83.46
CA ALA HB 101 -11.26 -44.88 -82.63
C ALA HB 101 -12.60 -45.00 -83.35
N LYS HB 102 -13.59 -45.53 -82.64
CA LYS HB 102 -14.94 -45.74 -83.17
C LYS HB 102 -15.96 -45.25 -82.16
N PHE HB 103 -16.99 -44.59 -82.66
CA PHE HB 103 -18.09 -44.12 -81.85
C PHE HB 103 -19.35 -44.96 -82.08
N PRO HB 104 -20.19 -45.09 -81.06
CA PRO HB 104 -21.43 -45.86 -81.22
C PRO HB 104 -22.53 -45.04 -81.89
N ILE HB 105 -23.43 -45.77 -82.55
CA ILE HB 105 -24.58 -45.21 -83.25
C ILE HB 105 -25.78 -46.07 -82.94
N ILE HB 106 -26.90 -45.43 -82.64
CA ILE HB 106 -28.13 -46.13 -82.27
C ILE HB 106 -29.19 -45.76 -83.30
N MET HB 107 -29.62 -46.74 -84.08
CA MET HB 107 -30.59 -46.54 -85.13
C MET HB 107 -31.98 -46.88 -84.62
N PHE HB 108 -32.99 -46.15 -85.09
CA PHE HB 108 -34.36 -46.30 -84.64
C PHE HB 108 -35.25 -46.47 -85.86
N ASP HB 109 -35.99 -47.57 -85.89
CA ASP HB 109 -36.83 -47.88 -87.03
C ASP HB 109 -38.08 -46.99 -87.00
N GLU HB 110 -38.94 -47.20 -88.00
CA GLU HB 110 -40.15 -46.39 -88.13
C GLU HB 110 -41.09 -46.59 -86.95
N SER HB 111 -41.12 -47.79 -86.39
CA SER HB 111 -41.94 -48.09 -85.23
C SER HB 111 -41.16 -48.05 -83.92
N GLY HB 112 -39.89 -47.64 -83.96
CA GLY HB 112 -39.13 -47.42 -82.74
C GLY HB 112 -38.18 -48.52 -82.34
N GLU HB 113 -38.03 -49.56 -83.15
CA GLU HB 113 -37.12 -50.64 -82.80
C GLU HB 113 -35.68 -50.13 -82.84
N PRO HB 114 -34.85 -50.47 -81.85
CA PRO HB 114 -33.47 -49.98 -81.82
C PRO HB 114 -32.49 -50.96 -82.44
N ALA HB 115 -31.35 -50.41 -82.85
CA ALA HB 115 -30.26 -51.20 -83.40
C ALA HB 115 -28.95 -50.52 -83.04
N TYR HB 116 -27.91 -51.32 -82.81
CA TYR HB 116 -26.61 -50.83 -82.39
C TYR HB 116 -25.61 -50.89 -83.54
N SER HB 117 -24.65 -49.96 -83.53
CA SER HB 117 -23.53 -50.02 -84.46
C SER HB 117 -22.39 -49.21 -83.89
N ALA HB 118 -21.23 -49.34 -84.52
CA ALA HB 118 -20.07 -48.51 -84.22
C ALA HB 118 -19.39 -48.17 -85.52
N LEU HB 119 -18.96 -46.92 -85.65
CA LEU HB 119 -18.30 -46.47 -86.86
C LEU HB 119 -17.11 -45.59 -86.51
N PRO HB 120 -16.06 -45.62 -87.33
CA PRO HB 120 -14.88 -44.80 -87.05
C PRO HB 120 -15.20 -43.32 -87.20
N TYR HB 121 -14.46 -42.51 -86.45
CA TYR HB 121 -14.66 -41.07 -86.48
C TYR HB 121 -14.29 -40.51 -87.84
N GLY HB 122 -14.92 -39.38 -88.19
CA GLY HB 122 -14.75 -38.78 -89.49
C GLY HB 122 -15.71 -39.32 -90.53
N SER HB 123 -16.09 -40.58 -90.42
CA SER HB 123 -17.04 -41.18 -91.33
C SER HB 123 -18.46 -40.75 -90.98
N GLU HB 124 -19.25 -40.46 -92.01
CA GLU HB 124 -20.63 -40.02 -91.84
C GLU HB 124 -21.60 -41.14 -92.21
N ILE HB 125 -22.60 -41.34 -91.37
CA ILE HB 125 -23.60 -42.38 -91.56
C ILE HB 125 -24.85 -41.78 -92.18
N GLU HB 126 -25.54 -42.58 -92.98
CA GLU HB 126 -26.77 -42.18 -93.64
C GLU HB 126 -27.88 -43.17 -93.31
N LEU HB 127 -29.10 -42.81 -93.68
CA LEU HB 127 -30.29 -43.59 -93.38
C LEU HB 127 -30.76 -44.30 -94.65
N ASP HB 128 -31.01 -45.60 -94.54
CA ASP HB 128 -31.51 -46.40 -95.65
C ASP HB 128 -33.02 -46.20 -95.79
N SER HB 129 -33.66 -47.04 -96.60
CA SER HB 129 -35.10 -46.94 -96.79
C SER HB 129 -35.85 -47.13 -95.47
N GLY HB 130 -35.45 -48.12 -94.69
CA GLY HB 130 -35.99 -48.31 -93.36
C GLY HB 130 -35.23 -47.50 -92.33
N GLU HB 131 -35.40 -47.88 -91.07
CA GLU HB 131 -34.64 -47.29 -89.96
C GLU HB 131 -34.82 -45.76 -89.94
N ALA HB 132 -36.06 -45.37 -89.62
CA ALA HB 132 -36.55 -44.01 -89.75
C ALA HB 132 -35.53 -42.94 -89.40
N PHE HB 133 -34.80 -43.11 -88.30
CA PHE HB 133 -33.79 -42.13 -87.93
C PHE HB 133 -32.71 -42.82 -87.10
N ALA HB 134 -31.79 -42.01 -86.58
CA ALA HB 134 -30.72 -42.55 -85.76
C ALA HB 134 -30.10 -41.42 -84.95
N ILE HB 135 -29.35 -41.81 -83.92
CA ILE HB 135 -28.63 -40.89 -83.06
C ILE HB 135 -27.22 -41.44 -82.86
N TYR HB 136 -26.32 -40.57 -82.41
CA TYR HB 136 -24.95 -40.98 -82.18
C TYR HB 136 -24.29 -39.97 -81.26
N VAL HB 137 -23.27 -40.43 -80.54
CA VAL HB 137 -22.43 -39.58 -79.71
C VAL HB 137 -21.04 -39.55 -80.34
N ASP HB 138 -20.49 -38.35 -80.49
CA ASP HB 138 -19.13 -38.17 -80.98
C ASP HB 138 -18.28 -37.45 -79.95
N ASP HB 139 -18.68 -37.47 -78.67
CA ASP HB 139 -17.98 -36.79 -77.60
C ASP HB 139 -16.67 -37.46 -77.23
N GLY HB 140 -16.29 -38.55 -77.88
CA GLY HB 140 -15.05 -39.23 -77.58
C GLY HB 140 -15.10 -40.19 -76.42
N ASP HB 141 -16.24 -40.30 -75.75
CA ASP HB 141 -16.37 -41.23 -74.63
C ASP HB 141 -16.64 -42.64 -75.15
N PRO HB 142 -15.85 -43.64 -74.74
CA PRO HB 142 -16.14 -45.02 -75.14
C PRO HB 142 -17.47 -45.55 -74.65
N CYS HB 143 -18.05 -44.94 -73.62
CA CYS HB 143 -19.34 -45.36 -73.06
C CYS HB 143 -19.31 -46.81 -72.62
N ILE HB 144 -18.17 -47.25 -72.09
CA ILE HB 144 -17.99 -48.63 -71.67
C ILE HB 144 -17.68 -48.67 -70.19
N SER HB 145 -17.10 -47.59 -69.68
CA SER HB 145 -16.65 -47.56 -68.29
C SER HB 145 -16.50 -46.11 -67.85
N PRO HB 146 -17.57 -45.49 -67.33
CA PRO HB 146 -18.92 -46.04 -67.17
C PRO HB 146 -19.67 -46.05 -68.50
N THR HB 147 -20.82 -46.72 -68.54
CA THR HB 147 -21.63 -46.81 -69.74
C THR HB 147 -22.73 -45.75 -69.71
N ARG HB 148 -23.24 -45.42 -70.91
CA ARG HB 148 -24.24 -44.38 -71.06
C ARG HB 148 -25.52 -44.99 -71.61
N GLU HB 149 -26.64 -44.71 -70.95
CA GLU HB 149 -27.93 -45.30 -71.30
C GLU HB 149 -28.96 -44.20 -71.50
N LEU HB 150 -30.00 -44.53 -72.24
CA LEU HB 150 -31.11 -43.62 -72.49
C LEU HB 150 -32.42 -44.32 -72.14
N THR HB 151 -33.38 -43.52 -71.68
CA THR HB 151 -34.71 -44.00 -71.38
C THR HB 151 -35.73 -43.13 -72.10
N ILE HB 152 -36.71 -43.77 -72.74
CA ILE HB 152 -37.73 -43.08 -73.51
C ILE HB 152 -39.09 -43.41 -72.91
N GLU HB 153 -39.90 -42.37 -72.68
CA GLU HB 153 -41.25 -42.56 -72.17
C GLU HB 153 -42.18 -41.54 -72.80
N THR HB 154 -43.18 -42.02 -73.54
CA THR HB 154 -44.13 -41.12 -74.16
C THR HB 154 -44.94 -40.38 -73.09
N ALA HB 155 -45.29 -39.13 -73.39
CA ALA HB 155 -46.01 -38.28 -72.46
C ALA HB 155 -47.13 -37.58 -73.22
N THR HB 156 -47.76 -36.61 -72.58
CA THR HB 156 -48.88 -35.91 -73.17
C THR HB 156 -48.42 -35.03 -74.33
N ALA HB 157 -49.36 -34.71 -75.21
CA ALA HB 157 -49.09 -33.89 -76.37
C ALA HB 157 -49.22 -32.41 -76.01
N ASP HB 158 -48.90 -31.56 -76.99
CA ASP HB 158 -49.02 -30.12 -76.81
C ASP HB 158 -50.41 -29.67 -77.25
N SER HB 159 -50.61 -28.34 -77.34
CA SER HB 159 -51.89 -27.82 -77.79
C SER HB 159 -52.17 -28.24 -79.23
N ALA HB 160 -51.13 -28.26 -80.07
CA ALA HB 160 -51.28 -28.76 -81.44
C ALA HB 160 -51.54 -30.25 -81.49
N GLY HB 161 -51.39 -30.95 -80.37
CA GLY HB 161 -51.57 -32.38 -80.35
C GLY HB 161 -50.37 -33.17 -80.80
N ASN HB 162 -49.20 -32.54 -80.91
CA ASN HB 162 -48.01 -33.22 -81.40
C ASN HB 162 -47.56 -34.26 -80.38
N GLU HB 163 -47.38 -35.50 -80.83
CA GLU HB 163 -46.94 -36.56 -79.94
C GLU HB 163 -45.59 -36.22 -79.34
N ARG HB 164 -45.47 -36.39 -78.03
CA ARG HB 164 -44.27 -36.03 -77.31
C ARG HB 164 -43.82 -37.19 -76.43
N PHE HB 165 -42.51 -37.27 -76.21
CA PHE HB 165 -41.97 -38.23 -75.27
C PHE HB 165 -40.79 -37.59 -74.55
N LEU HB 166 -40.59 -38.02 -73.31
CA LEU HB 166 -39.45 -37.61 -72.52
C LEU HB 166 -38.30 -38.57 -72.75
N LEU HB 167 -37.10 -38.01 -72.85
CA LEU HB 167 -35.86 -38.76 -72.92
C LEU HB 167 -35.01 -38.44 -71.71
N LYS HB 168 -34.44 -39.48 -71.11
CA LYS HB 168 -33.65 -39.35 -69.89
C LYS HB 168 -32.29 -39.99 -70.12
N LEU HB 169 -31.23 -39.20 -70.01
CA LEU HB 169 -29.88 -39.68 -70.17
C LEU HB 169 -29.33 -40.09 -68.81
N THR HB 170 -28.59 -41.20 -68.77
CA THR HB 170 -28.03 -41.65 -67.51
C THR HB 170 -26.65 -42.27 -67.73
N GLN HB 171 -25.84 -42.18 -66.69
CA GLN HB 171 -24.50 -42.77 -66.65
C GLN HB 171 -24.50 -43.84 -65.57
N THR HB 172 -24.11 -45.05 -65.95
CA THR HB 172 -24.09 -46.19 -65.03
C THR HB 172 -22.68 -46.74 -64.92
N THR HB 173 -22.20 -46.88 -63.69
CA THR HB 173 -20.87 -47.41 -63.43
C THR HB 173 -20.91 -48.93 -63.33
N SER HB 174 -19.73 -49.54 -63.43
CA SER HB 174 -19.62 -50.99 -63.29
C SER HB 174 -20.02 -51.44 -61.89
N LEU HB 175 -19.73 -50.62 -60.87
CA LEU HB 175 -20.12 -50.97 -59.51
C LEU HB 175 -21.64 -51.04 -59.39
N GLY HB 176 -22.34 -50.14 -60.06
CA GLY HB 176 -23.78 -50.14 -60.01
C GLY HB 176 -24.35 -48.77 -59.72
N VAL HB 177 -23.46 -47.80 -59.48
CA VAL HB 177 -23.91 -46.45 -59.24
C VAL HB 177 -24.46 -45.86 -60.52
N VAL HB 178 -25.67 -45.34 -60.46
CA VAL HB 178 -26.37 -44.81 -61.63
C VAL HB 178 -26.72 -43.36 -61.33
N THR HB 179 -26.33 -42.47 -62.22
CA THR HB 179 -26.65 -41.05 -62.12
C THR HB 179 -27.37 -40.61 -63.38
N THR HB 180 -28.04 -39.47 -63.31
CA THR HB 180 -28.77 -38.91 -64.44
C THR HB 180 -28.06 -37.67 -64.96
N LEU HB 181 -28.06 -37.53 -66.27
CA LEU HB 181 -27.50 -36.36 -66.92
C LEU HB 181 -28.58 -35.28 -67.09
N GLU HB 182 -29.65 -35.59 -67.82
CA GLU HB 182 -30.75 -34.67 -68.02
C GLU HB 182 -31.95 -35.40 -68.57
N THR HB 183 -33.11 -34.79 -68.41
CA THR HB 183 -34.35 -35.25 -69.01
C THR HB 183 -34.93 -34.11 -69.84
N HIS HB 184 -35.51 -34.46 -70.99
CA HIS HB 184 -36.12 -33.43 -71.83
C HIS HB 184 -37.21 -34.04 -72.69
N THR HB 185 -38.29 -33.28 -72.88
CA THR HB 185 -39.42 -33.73 -73.68
C THR HB 185 -39.29 -33.20 -75.09
N VAL HB 186 -39.38 -34.11 -76.07
CA VAL HB 186 -39.26 -33.75 -77.47
C VAL HB 186 -40.38 -34.42 -78.25
N SER HB 187 -40.70 -33.83 -79.39
CA SER HB 187 -41.80 -34.28 -80.24
C SER HB 187 -41.30 -34.59 -81.65
N LEU HB 188 -41.92 -35.59 -82.26
CA LEU HB 188 -41.53 -36.00 -83.61
C LEU HB 188 -42.00 -35.03 -84.67
N ALA HB 189 -43.00 -34.21 -84.38
CA ALA HB 189 -43.56 -33.31 -85.38
C ALA HB 189 -42.51 -32.34 -85.88
N GLU HB 190 -42.56 -32.04 -87.17
CA GLU HB 190 -41.55 -31.18 -87.77
C GLU HB 190 -41.59 -29.79 -87.16
N GLU HB 191 -42.79 -29.25 -86.93
CA GLU HB 191 -42.95 -27.90 -86.43
C GLU HB 191 -43.52 -27.87 -85.02
N ALA HB 192 -43.26 -28.91 -84.23
CA ALA HB 192 -43.70 -28.92 -82.85
C ALA HB 192 -42.86 -27.94 -82.04
N LYS HB 193 -43.53 -27.08 -81.28
CA LYS HB 193 -42.85 -26.08 -80.45
C LYS HB 193 -43.50 -26.04 -79.08
N ASP HB 194 -42.68 -25.92 -78.05
CA ASP HB 194 -43.18 -25.86 -76.69
C ASP HB 194 -43.73 -24.47 -76.38
N ASP HB 195 -44.49 -24.39 -75.29
CA ASP HB 195 -45.02 -23.12 -74.83
C ASP HB 195 -43.93 -22.18 -74.35
N MET HB 196 -42.71 -22.68 -74.17
CA MET HB 196 -41.56 -21.84 -73.91
C MET HB 196 -41.06 -21.14 -75.17
N GLY HB 197 -41.68 -21.41 -76.31
CA GLY HB 197 -41.18 -20.94 -77.58
C GLY HB 197 -40.10 -21.81 -78.16
N ARG HB 198 -39.69 -22.86 -77.45
CA ARG HB 198 -38.64 -23.75 -77.91
C ARG HB 198 -39.25 -24.86 -78.76
N LEU HB 199 -38.66 -25.09 -79.92
CA LEU HB 199 -39.17 -26.11 -80.82
C LEU HB 199 -39.03 -27.49 -80.19
N CYS HB 200 -40.10 -28.27 -80.29
CA CYS HB 200 -40.09 -29.64 -79.77
C CYS HB 200 -39.59 -30.66 -80.79
N TYR HB 201 -39.19 -30.20 -81.97
CA TYR HB 201 -38.66 -31.11 -82.97
C TYR HB 201 -37.41 -31.79 -82.45
N LEU HB 202 -37.28 -33.08 -82.80
CA LEU HB 202 -36.20 -33.91 -82.25
C LEU HB 202 -34.82 -33.30 -82.49
N PRO HB 203 -34.36 -33.11 -83.75
CA PRO HB 203 -33.00 -32.62 -83.95
C PRO HB 203 -32.86 -31.19 -83.47
N THR HB 204 -33.85 -30.36 -83.79
CA THR HB 204 -33.79 -28.97 -83.38
C THR HB 204 -33.50 -28.86 -81.90
N ALA HB 205 -34.29 -29.57 -81.08
CA ALA HB 205 -34.03 -29.57 -79.65
C ALA HB 205 -32.69 -30.19 -79.31
N LEU HB 206 -32.34 -31.28 -80.00
CA LEU HB 206 -31.16 -32.06 -79.62
C LEU HB 206 -29.89 -31.24 -79.74
N GLU HB 207 -29.64 -30.65 -80.91
CA GLU HB 207 -28.49 -29.78 -81.06
C GLU HB 207 -28.82 -28.31 -80.86
N ALA HB 208 -29.94 -28.01 -80.20
CA ALA HB 208 -30.13 -26.68 -79.62
C ALA HB 208 -29.81 -26.64 -78.14
N ARG HB 209 -30.20 -27.66 -77.39
CA ARG HB 209 -29.99 -27.69 -75.95
C ARG HB 209 -29.06 -28.79 -75.51
N SER HB 210 -29.32 -30.04 -75.89
CA SER HB 210 -28.47 -31.14 -75.48
C SER HB 210 -27.08 -31.01 -76.08
N LYS HB 211 -26.06 -31.24 -75.26
CA LYS HB 211 -24.68 -31.08 -75.69
C LYS HB 211 -23.95 -32.41 -75.77
N TYR HB 212 -24.68 -33.50 -75.97
CA TYR HB 212 -24.08 -34.82 -75.92
C TYR HB 212 -24.36 -35.67 -77.15
N LEU HB 213 -25.58 -35.60 -77.68
CA LEU HB 213 -26.00 -36.48 -78.76
C LEU HB 213 -26.36 -35.66 -79.98
N ARG HB 214 -26.16 -36.27 -81.15
CA ARG HB 214 -26.52 -35.69 -82.43
C ARG HB 214 -27.22 -36.75 -83.26
N ALA HB 215 -28.33 -36.38 -83.88
CA ALA HB 215 -29.19 -37.34 -84.56
C ALA HB 215 -29.47 -36.89 -85.98
N VAL HB 216 -29.79 -37.87 -86.81
CA VAL HB 216 -30.22 -37.64 -88.17
C VAL HB 216 -31.60 -38.29 -88.35
N VAL HB 217 -32.51 -37.57 -88.99
CA VAL HB 217 -33.89 -38.00 -89.11
C VAL HB 217 -34.29 -37.92 -90.59
N ASN HB 218 -34.91 -39.00 -91.08
CA ASN HB 218 -35.45 -38.99 -92.43
C ASN HB 218 -36.62 -38.02 -92.51
N GLU HB 219 -36.45 -36.96 -93.32
CA GLU HB 219 -37.50 -35.96 -93.47
C GLU HB 219 -38.75 -36.53 -94.11
N GLU HB 220 -38.63 -37.67 -94.78
CA GLU HB 220 -39.77 -38.31 -95.40
C GLU HB 220 -40.42 -39.35 -94.51
N LEU HB 221 -39.66 -39.97 -93.61
CA LEU HB 221 -40.18 -40.97 -92.70
C LEU HB 221 -40.57 -40.39 -91.35
N ILE HB 222 -40.29 -39.11 -91.11
CA ILE HB 222 -40.59 -38.51 -89.81
C ILE HB 222 -42.09 -38.45 -89.57
N SER HB 223 -42.87 -38.21 -90.63
CA SER HB 223 -44.32 -38.17 -90.48
C SER HB 223 -44.87 -39.52 -90.02
N THR HB 224 -44.37 -40.60 -90.62
CA THR HB 224 -44.80 -41.93 -90.26
C THR HB 224 -43.95 -42.57 -89.17
N ALA HB 225 -42.97 -41.85 -88.63
CA ALA HB 225 -42.13 -42.40 -87.59
C ALA HB 225 -42.92 -42.61 -86.30
N LYS HB 226 -42.61 -43.69 -85.61
CA LYS HB 226 -43.23 -43.99 -84.33
C LYS HB 226 -42.15 -44.41 -83.34
N VAL HB 227 -42.43 -44.18 -82.06
CA VAL HB 227 -41.48 -44.45 -80.99
C VAL HB 227 -42.12 -45.42 -80.02
N THR HB 228 -41.28 -46.12 -79.26
CA THR HB 228 -41.73 -47.09 -78.27
C THR HB 228 -41.02 -46.82 -76.95
N ASN HB 229 -41.67 -47.25 -75.87
CA ASN HB 229 -41.13 -47.04 -74.54
C ASN HB 229 -39.98 -48.00 -74.32
N LYS HB 230 -38.76 -47.47 -74.33
CA LYS HB 230 -37.57 -48.26 -74.14
C LYS HB 230 -36.72 -47.63 -73.05
N LYS HB 231 -36.01 -48.47 -72.31
CA LYS HB 231 -35.23 -48.04 -71.17
C LYS HB 231 -33.80 -48.53 -71.30
N SER HB 232 -32.87 -47.75 -70.74
CA SER HB 232 -31.46 -48.13 -70.66
C SER HB 232 -30.87 -48.41 -72.05
N LEU HB 233 -30.87 -47.38 -72.88
CA LEU HB 233 -30.30 -47.50 -74.22
C LEU HB 233 -28.79 -47.35 -74.11
N ALA HB 234 -28.15 -48.44 -73.73
CA ALA HB 234 -26.71 -48.44 -73.51
C ALA HB 234 -25.97 -48.43 -74.84
N PHE HB 235 -25.01 -47.53 -74.95
CA PHE HB 235 -24.16 -47.50 -76.14
C PHE HB 235 -23.17 -48.64 -76.11
N THR HB 236 -22.91 -49.21 -77.30
CA THR HB 236 -21.94 -50.28 -77.45
C THR HB 236 -21.12 -50.03 -78.71
N GLY HB 237 -19.88 -50.53 -78.70
CA GLY HB 237 -18.98 -50.34 -79.80
C GLY HB 237 -18.08 -49.11 -79.69
N GLY HB 238 -18.27 -48.27 -78.68
CA GLY HB 238 -17.43 -47.11 -78.49
C GLY HB 238 -16.05 -47.47 -78.01
N THR HB 239 -15.04 -47.30 -78.87
CA THR HB 239 -13.67 -47.67 -78.57
C THR HB 239 -12.74 -46.51 -78.88
N ASN HB 240 -11.70 -46.35 -78.07
CA ASN HB 240 -10.69 -45.34 -78.33
C ASN HB 240 -9.60 -45.82 -79.26
N GLY HB 241 -9.25 -47.11 -79.18
CA GLY HB 241 -8.20 -47.66 -80.02
C GLY HB 241 -6.81 -47.37 -79.46
N ASP HB 242 -5.81 -47.83 -80.21
CA ASP HB 242 -4.41 -47.64 -79.82
C ASP HB 242 -4.02 -46.19 -80.01
N GLN HB 243 -3.91 -45.46 -78.90
CA GLN HB 243 -3.55 -44.06 -78.96
C GLN HB 243 -2.04 -43.84 -78.90
N SER HB 244 -1.26 -44.93 -78.74
CA SER HB 244 0.19 -44.79 -78.68
C SER HB 244 0.75 -44.21 -79.97
N LYS HB 245 0.27 -44.69 -81.10
CA LYS HB 245 0.71 -44.21 -82.40
C LYS HB 245 -0.37 -43.33 -83.00
N ILE HB 246 0.02 -42.13 -83.44
CA ILE HB 246 -0.89 -41.19 -84.10
C ILE HB 246 -0.25 -40.79 -85.43
N SER HB 247 -1.06 -40.79 -86.48
CA SER HB 247 -0.53 -40.53 -87.82
C SER HB 247 -0.01 -39.11 -87.95
N THR HB 248 1.04 -38.98 -88.75
CA THR HB 248 1.51 -37.65 -89.11
C THR HB 248 0.43 -36.86 -89.83
N ALA HB 249 -0.45 -37.55 -90.56
CA ALA HB 249 -1.56 -36.86 -91.19
C ALA HB 249 -2.50 -36.25 -90.16
N ALA HB 250 -2.82 -37.01 -89.10
CA ALA HB 250 -3.63 -36.44 -88.03
C ALA HB 250 -2.91 -35.30 -87.34
N TYR HB 251 -1.60 -35.46 -87.15
CA TYR HB 251 -0.80 -34.38 -86.54
C TYR HB 251 -0.92 -33.10 -87.35
N LEU HB 252 -0.67 -33.18 -88.65
CA LEU HB 252 -0.71 -31.99 -89.49
C LEU HB 252 -2.12 -31.44 -89.60
N ARG HB 253 -3.12 -32.31 -89.60
CA ARG HB 253 -4.51 -31.86 -89.64
C ARG HB 253 -4.82 -31.03 -88.40
N ALA HB 254 -4.43 -31.53 -87.24
CA ALA HB 254 -4.66 -30.79 -86.00
C ALA HB 254 -3.85 -29.50 -86.00
N VAL HB 255 -2.64 -29.53 -86.58
CA VAL HB 255 -1.82 -28.33 -86.67
C VAL HB 255 -2.55 -27.26 -87.48
N LYS HB 256 -3.09 -27.65 -88.63
CA LYS HB 256 -3.82 -26.70 -89.46
C LYS HB 256 -5.06 -26.21 -88.73
N VAL HB 257 -5.73 -27.10 -88.00
CA VAL HB 257 -6.93 -26.70 -87.26
C VAL HB 257 -6.60 -25.64 -86.23
N LEU HB 258 -5.57 -25.89 -85.42
CA LEU HB 258 -5.22 -24.93 -84.38
C LEU HB 258 -4.67 -23.64 -84.98
N ASN HB 259 -4.00 -23.74 -86.12
CA ASN HB 259 -3.58 -22.53 -86.83
C ASN HB 259 -4.79 -21.71 -87.25
N ASN HB 260 -5.82 -22.37 -87.75
CA ASN HB 260 -6.99 -21.68 -88.24
C ASN HB 260 -7.97 -21.31 -87.13
N ALA HB 261 -7.70 -21.73 -85.91
CA ALA HB 261 -8.57 -21.38 -84.79
C ALA HB 261 -8.57 -19.87 -84.60
N PRO HB 262 -9.74 -19.23 -84.58
CA PRO HB 262 -9.82 -17.77 -84.43
C PRO HB 262 -9.69 -17.30 -82.99
N TYR HB 263 -8.75 -17.88 -82.26
CA TYR HB 263 -8.64 -17.68 -80.82
C TYR HB 263 -7.30 -17.07 -80.47
N MET HB 264 -7.26 -16.42 -79.32
CA MET HB 264 -6.03 -15.81 -78.82
C MET HB 264 -5.23 -16.84 -78.04
N TYR HB 265 -4.05 -17.19 -78.55
CA TYR HB 265 -3.13 -18.06 -77.85
C TYR HB 265 -1.75 -17.42 -77.85
N THR HB 266 -0.98 -17.68 -76.79
CA THR HB 266 0.26 -16.96 -76.56
C THR HB 266 1.52 -17.81 -76.68
N ALA HB 267 1.41 -19.13 -76.62
CA ALA HB 267 2.57 -19.99 -76.75
C ALA HB 267 2.12 -21.40 -77.09
N VAL HB 268 3.06 -22.21 -77.58
CA VAL HB 268 2.80 -23.58 -78.00
C VAL HB 268 3.68 -24.52 -77.17
N LEU HB 269 3.13 -25.69 -76.85
CA LEU HB 269 3.75 -26.61 -75.92
C LEU HB 269 4.09 -27.92 -76.61
N GLY HB 270 5.18 -28.55 -76.16
CA GLY HB 270 5.55 -29.84 -76.73
C GLY HB 270 4.50 -30.91 -76.47
N LEU HB 271 4.03 -30.99 -75.23
CA LEU HB 271 2.91 -31.86 -74.88
C LEU HB 271 3.19 -33.33 -75.20
N GLY HB 272 4.46 -33.72 -75.17
CA GLY HB 272 4.84 -35.10 -75.39
C GLY HB 272 4.92 -35.54 -76.83
N CYS HB 273 4.63 -34.66 -77.79
CA CYS HB 273 4.76 -35.00 -79.20
C CYS HB 273 6.19 -34.79 -79.66
N TYR HB 274 6.77 -35.81 -80.30
CA TYR HB 274 8.16 -35.74 -80.72
C TYR HB 274 8.33 -36.00 -82.21
N ASP HB 275 7.23 -36.12 -82.97
CA ASP HB 275 7.33 -36.29 -84.40
C ASP HB 275 8.05 -35.10 -85.02
N ASN HB 276 9.04 -35.38 -85.85
CA ASN HB 276 9.81 -34.30 -86.45
C ASN HB 276 8.93 -33.42 -87.34
N ALA HB 277 8.09 -34.04 -88.17
CA ALA HB 277 7.20 -33.26 -89.02
C ALA HB 277 6.24 -32.43 -88.19
N ALA HB 278 5.67 -33.03 -87.14
CA ALA HB 278 4.72 -32.30 -86.31
C ALA HB 278 5.39 -31.12 -85.60
N ILE HB 279 6.57 -31.35 -85.03
CA ILE HB 279 7.23 -30.28 -84.30
C ILE HB 279 7.69 -29.19 -85.25
N THR HB 280 8.12 -29.56 -86.47
CA THR HB 280 8.48 -28.54 -87.44
C THR HB 280 7.27 -27.72 -87.86
N ALA HB 281 6.12 -28.37 -88.06
CA ALA HB 281 4.91 -27.63 -88.36
C ALA HB 281 4.56 -26.69 -87.22
N LEU HB 282 4.71 -27.15 -85.99
CA LEU HB 282 4.44 -26.32 -84.83
C LEU HB 282 5.38 -25.12 -84.79
N GLY HB 283 6.65 -25.35 -85.10
CA GLY HB 283 7.60 -24.25 -85.14
C GLY HB 283 7.23 -23.22 -86.19
N LYS HB 284 6.84 -23.69 -87.38
CA LYS HB 284 6.41 -22.77 -88.43
C LYS HB 284 5.20 -21.98 -87.98
N ILE HB 285 4.22 -22.65 -87.36
CA ILE HB 285 2.99 -21.98 -86.96
C ILE HB 285 3.27 -20.94 -85.88
N CYS HB 286 4.09 -21.29 -84.90
CA CYS HB 286 4.37 -20.34 -83.82
C CYS HB 286 5.21 -19.18 -84.31
N ALA HB 287 6.12 -19.43 -85.26
CA ALA HB 287 6.85 -18.33 -85.87
C ALA HB 287 5.91 -17.39 -86.59
N ASP HB 288 4.93 -17.94 -87.31
CA ASP HB 288 3.91 -17.11 -87.93
C ASP HB 288 3.15 -16.32 -86.89
N ARG HB 289 2.79 -16.96 -85.78
CA ARG HB 289 2.00 -16.32 -84.75
C ARG HB 289 2.81 -15.33 -83.92
N LEU HB 290 4.14 -15.34 -84.07
CA LEU HB 290 5.03 -14.50 -83.27
C LEU HB 290 4.88 -14.80 -81.78
N ILE HB 291 4.76 -16.08 -81.46
CA ILE HB 291 4.60 -16.52 -80.07
C ILE HB 291 5.80 -17.37 -79.69
N ASP HB 292 5.81 -17.87 -78.47
CA ASP HB 292 6.90 -18.70 -77.96
C ASP HB 292 6.56 -20.18 -78.10
N GLY HB 293 7.59 -21.00 -78.17
CA GLY HB 293 7.43 -22.43 -78.24
C GLY HB 293 8.26 -23.12 -77.18
N PHE HB 294 7.72 -24.21 -76.63
CA PHE HB 294 8.38 -24.87 -75.52
C PHE HB 294 8.75 -26.30 -75.86
N PHE HB 295 9.39 -26.49 -77.01
CA PHE HB 295 9.62 -27.83 -77.51
C PHE HB 295 10.60 -28.58 -76.60
N ASP HB 296 10.45 -29.90 -76.57
CA ASP HB 296 11.23 -30.73 -75.67
C ASP HB 296 11.72 -31.98 -76.38
N VAL HB 297 12.82 -32.52 -75.89
CA VAL HB 297 13.33 -33.80 -76.36
C VAL HB 297 12.93 -34.86 -75.35
N LYS HB 298 12.81 -36.09 -75.82
CA LYS HB 298 12.25 -37.13 -74.96
C LYS HB 298 13.28 -37.48 -73.89
N PRO HB 299 12.90 -37.48 -72.61
CA PRO HB 299 13.91 -37.41 -71.54
C PRO HB 299 14.90 -38.55 -71.51
N THR HB 300 14.54 -39.75 -71.96
CA THR HB 300 15.44 -40.89 -71.74
C THR HB 300 16.76 -40.74 -72.48
N LEU HB 301 16.85 -39.85 -73.45
CA LEU HB 301 18.06 -39.71 -74.23
C LEU HB 301 19.12 -39.05 -73.36
N THR HB 302 20.28 -39.70 -73.25
CA THR HB 302 21.31 -39.20 -72.36
C THR HB 302 21.94 -37.92 -72.91
N TYR HB 303 22.75 -37.28 -72.06
CA TYR HB 303 23.30 -35.98 -72.40
C TYR HB 303 24.19 -36.05 -73.64
N ALA HB 304 24.86 -37.19 -73.85
CA ALA HB 304 25.81 -37.29 -74.95
C ALA HB 304 25.11 -37.08 -76.29
N GLU HB 305 23.99 -37.75 -76.50
CA GLU HB 305 23.23 -37.61 -77.74
C GLU HB 305 22.16 -36.54 -77.64
N ALA HB 306 22.00 -35.92 -76.46
CA ALA HB 306 21.00 -34.88 -76.32
C ALA HB 306 21.32 -33.68 -77.20
N LEU HB 307 22.60 -33.30 -77.26
CA LEU HB 307 22.97 -32.16 -78.09
C LEU HB 307 22.68 -32.37 -79.56
N PRO HB 308 23.05 -33.50 -80.19
CA PRO HB 308 22.68 -33.69 -81.60
C PRO HB 308 21.18 -33.76 -81.82
N ALA HB 309 20.39 -34.05 -80.79
CA ALA HB 309 18.95 -34.15 -80.96
C ALA HB 309 18.34 -32.82 -81.38
N VAL HB 310 18.94 -31.70 -80.96
CA VAL HB 310 18.42 -30.41 -81.36
C VAL HB 310 18.53 -30.25 -82.88
N GLU HB 311 19.68 -30.59 -83.43
CA GLU HB 311 19.86 -30.54 -84.88
C GLU HB 311 18.97 -31.56 -85.58
N ASP HB 312 18.81 -32.73 -84.96
CA ASP HB 312 17.94 -33.75 -85.54
C ASP HB 312 16.51 -33.24 -85.66
N THR HB 313 16.03 -32.55 -84.64
CA THR HB 313 14.75 -31.87 -84.74
C THR HB 313 14.77 -30.79 -85.81
N GLY HB 314 15.86 -30.03 -85.89
CA GLY HB 314 16.01 -29.02 -86.91
C GLY HB 314 15.24 -27.74 -86.66
N LEU HB 315 14.64 -27.58 -85.47
CA LEU HB 315 13.89 -26.35 -85.21
C LEU HB 315 14.79 -25.14 -85.02
N LEU HB 316 16.09 -25.35 -84.86
CA LEU HB 316 17.02 -24.24 -84.77
C LEU HB 316 17.05 -23.46 -86.09
N GLY HB 317 17.20 -22.15 -85.99
CA GLY HB 317 17.25 -21.32 -87.16
C GLY HB 317 17.21 -19.85 -86.78
N THR HB 318 17.20 -19.01 -87.81
CA THR HB 318 17.11 -17.57 -87.61
C THR HB 318 15.67 -17.10 -87.47
N ASP HB 319 14.69 -17.94 -87.76
CA ASP HB 319 13.28 -17.59 -87.59
C ASP HB 319 12.70 -18.16 -86.31
N TYR HB 320 12.91 -19.45 -86.06
CA TYR HB 320 12.42 -20.07 -84.84
C TYR HB 320 13.36 -19.77 -83.69
N VAL HB 321 13.66 -18.48 -83.48
CA VAL HB 321 14.52 -18.08 -82.39
C VAL HB 321 13.75 -17.94 -81.08
N SER HB 322 12.45 -17.70 -81.14
CA SER HB 322 11.67 -17.51 -79.92
C SER HB 322 11.51 -18.81 -79.15
N CYS HB 323 11.38 -19.93 -79.86
CA CYS HB 323 11.13 -21.20 -79.19
C CYS HB 323 12.37 -21.67 -78.43
N SER HB 324 12.14 -22.62 -77.53
CA SER HB 324 13.17 -23.15 -76.65
C SER HB 324 13.09 -24.68 -76.62
N VAL HB 325 14.21 -25.29 -76.30
CA VAL HB 325 14.36 -26.75 -76.27
C VAL HB 325 14.57 -27.18 -74.83
N TYR HB 326 13.87 -28.23 -74.44
CA TYR HB 326 13.81 -28.66 -73.04
C TYR HB 326 14.25 -30.12 -72.93
N HIS HB 327 14.78 -30.47 -71.77
CA HIS HB 327 15.06 -31.86 -71.45
C HIS HB 327 15.01 -32.03 -69.94
N TYR HB 328 14.45 -33.16 -69.50
CA TYR HB 328 14.26 -33.44 -68.08
C TYR HB 328 14.85 -34.81 -67.76
N PRO HB 329 16.13 -34.87 -67.52
CA PRO HB 329 16.80 -36.13 -67.18
C PRO HB 329 16.56 -36.57 -65.73
N PHE HB 330 15.30 -36.64 -65.34
CA PHE HB 330 14.96 -37.00 -63.97
C PHE HB 330 13.68 -37.82 -63.97
N SER HB 331 13.45 -38.51 -62.87
CA SER HB 331 12.25 -39.32 -62.69
C SER HB 331 11.59 -38.94 -61.37
N CYS HB 332 10.28 -38.74 -61.41
CA CYS HB 332 9.51 -38.24 -60.28
C CYS HB 332 8.41 -39.23 -59.92
N LYS HB 333 7.58 -38.84 -58.95
CA LYS HB 333 6.51 -39.69 -58.46
C LYS HB 333 5.17 -39.18 -58.95
N ASP HB 334 4.29 -40.11 -59.34
CA ASP HB 334 2.99 -39.75 -59.86
C ASP HB 334 2.09 -39.20 -58.75
N LYS HB 335 1.31 -38.18 -59.11
CA LYS HB 335 0.34 -37.65 -58.17
C LYS HB 335 -0.83 -38.62 -57.98
N TRP HB 336 -1.23 -39.32 -59.03
CA TRP HB 336 -2.39 -40.20 -58.98
C TRP HB 336 -1.97 -41.66 -58.82
N THR HB 337 -1.09 -42.15 -59.70
CA THR HB 337 -0.71 -43.55 -59.69
C THR HB 337 0.49 -43.83 -58.80
N GLN HB 338 1.01 -42.80 -58.11
CA GLN HB 338 2.19 -42.91 -57.24
C GLN HB 338 3.21 -43.90 -57.79
N SER HB 339 3.53 -43.72 -59.07
CA SER HB 339 4.51 -44.55 -59.77
C SER HB 339 5.68 -43.68 -60.18
N ARG HB 340 6.85 -44.30 -60.30
CA ARG HB 340 8.05 -43.59 -60.75
C ARG HB 340 7.94 -43.37 -62.25
N VAL HB 341 7.67 -42.12 -62.64
CA VAL HB 341 7.39 -41.79 -64.02
C VAL HB 341 8.33 -40.68 -64.48
N VAL HB 342 8.51 -40.59 -65.79
CA VAL HB 342 9.39 -39.63 -66.42
C VAL HB 342 8.61 -38.89 -67.49
N PHE HB 343 8.71 -37.56 -67.50
CA PHE HB 343 8.04 -36.76 -68.52
C PHE HB 343 8.76 -35.42 -68.63
N GLY HB 344 8.21 -34.55 -69.46
CA GLY HB 344 8.86 -33.30 -69.81
C GLY HB 344 8.65 -32.20 -68.79
N LEU HB 345 9.04 -30.98 -69.18
CA LEU HB 345 8.95 -29.81 -68.34
C LEU HB 345 8.39 -28.59 -69.07
N SER HB 346 7.84 -28.78 -70.26
CA SER HB 346 7.23 -27.66 -70.98
C SER HB 346 6.05 -27.09 -70.20
N GLY HB 347 5.25 -27.96 -69.59
CA GLY HB 347 4.11 -27.48 -68.82
C GLY HB 347 4.50 -26.64 -67.64
N VAL HB 348 5.50 -27.09 -66.87
CA VAL HB 348 5.93 -26.32 -65.72
C VAL HB 348 6.63 -25.04 -66.17
N ALA HB 349 7.32 -25.09 -67.31
CA ALA HB 349 7.92 -23.88 -67.85
C ALA HB 349 6.84 -22.85 -68.22
N TYR HB 350 5.76 -23.32 -68.83
CA TYR HB 350 4.66 -22.42 -69.14
C TYR HB 350 4.01 -21.90 -67.86
N ALA HB 351 3.93 -22.73 -66.83
CA ALA HB 351 3.41 -22.25 -65.55
C ALA HB 351 4.29 -21.15 -64.97
N ALA HB 352 5.61 -21.33 -65.07
CA ALA HB 352 6.52 -20.29 -64.61
C ALA HB 352 6.34 -19.00 -65.40
N LYS HB 353 6.18 -19.13 -66.72
CA LYS HB 353 5.89 -17.94 -67.52
C LYS HB 353 4.59 -17.29 -67.11
N ALA HB 354 3.57 -18.10 -66.83
CA ALA HB 354 2.28 -17.57 -66.42
C ALA HB 354 2.40 -16.78 -65.13
N ARG HB 355 3.04 -17.36 -64.12
CA ARG HB 355 3.18 -16.66 -62.85
C ARG HB 355 4.04 -15.40 -63.01
N GLY HB 356 5.12 -15.48 -63.79
CA GLY HB 356 5.96 -14.32 -64.01
C GLY HB 356 5.27 -13.21 -64.76
N VAL HB 357 4.27 -13.55 -65.58
CA VAL HB 357 3.55 -12.51 -66.30
C VAL HB 357 2.34 -12.00 -65.52
N LYS HB 358 1.78 -12.80 -64.61
CA LYS HB 358 0.67 -12.28 -63.83
C LYS HB 358 1.13 -11.48 -62.62
N LYS HB 359 2.33 -11.75 -62.10
CA LYS HB 359 2.82 -10.91 -61.02
C LYS HB 359 2.99 -9.46 -61.46
N ASN HB 360 3.18 -9.22 -62.76
CA ASN HB 360 3.19 -7.89 -63.31
C ASN HB 360 1.80 -7.58 -63.86
N SER HB 361 1.22 -6.46 -63.41
CA SER HB 361 -0.17 -6.14 -63.71
C SER HB 361 -0.35 -5.15 -64.85
N ASP HB 362 0.44 -4.08 -64.87
CA ASP HB 362 0.24 -3.02 -65.86
C ASP HB 362 0.49 -3.53 -67.27
N VAL HB 363 1.47 -4.43 -67.44
CA VAL HB 363 1.73 -5.06 -68.73
C VAL HB 363 1.94 -6.58 -68.62
N GLY HB 364 2.44 -7.11 -67.53
CA GLY HB 364 2.88 -8.49 -67.57
C GLY HB 364 4.38 -8.57 -67.69
N GLY HB 365 4.94 -9.60 -67.08
CA GLY HB 365 6.39 -9.73 -66.95
C GLY HB 365 7.09 -10.38 -68.13
N TRP HB 366 7.19 -9.71 -69.29
CA TRP HB 366 7.98 -10.31 -70.35
C TRP HB 366 9.47 -10.25 -70.07
N HIS HB 367 9.91 -9.33 -69.21
CA HIS HB 367 11.33 -9.14 -68.95
C HIS HB 367 11.85 -10.03 -67.84
N TYR HB 368 10.99 -10.82 -67.21
CA TYR HB 368 11.45 -11.73 -66.17
C TYR HB 368 12.02 -13.00 -66.80
N SER HB 369 12.59 -13.85 -65.95
CA SER HB 369 13.19 -15.11 -66.34
C SER HB 369 12.62 -16.23 -65.48
N PRO HB 370 12.59 -17.45 -66.00
CA PRO HB 370 12.03 -18.59 -65.27
C PRO HB 370 12.94 -19.12 -64.16
N ALA HB 371 13.44 -18.20 -63.34
CA ALA HB 371 14.38 -18.57 -62.29
C ALA HB 371 14.09 -17.73 -61.06
N GLY HB 372 14.56 -18.23 -59.91
CA GLY HB 372 14.37 -17.54 -58.65
C GLY HB 372 13.80 -18.43 -57.58
N GLU HB 373 14.41 -18.40 -56.39
CA GLU HB 373 13.97 -19.26 -55.31
C GLU HB 373 12.52 -18.98 -54.92
N GLU HB 374 12.16 -17.71 -54.82
CA GLU HB 374 10.81 -17.33 -54.41
C GLU HB 374 9.80 -17.42 -55.53
N ARG HB 375 10.23 -17.54 -56.77
CA ARG HB 375 9.33 -17.47 -57.91
C ARG HB 375 9.33 -18.72 -58.76
N ALA HB 376 10.48 -19.34 -58.96
CA ALA HB 376 10.60 -20.56 -59.76
C ALA HB 376 10.60 -21.76 -58.82
N VAL HB 377 9.48 -22.46 -58.75
CA VAL HB 377 9.34 -23.66 -57.93
C VAL HB 377 8.60 -24.71 -58.74
N ILE HB 378 9.17 -25.91 -58.85
CA ILE HB 378 8.46 -27.00 -59.49
C ILE HB 378 8.05 -28.04 -58.45
N ALA HB 379 9.04 -28.66 -57.81
CA ALA HB 379 8.83 -29.60 -56.71
C ALA HB 379 7.70 -30.58 -57.01
N ARG HB 380 7.88 -31.42 -58.03
CA ARG HB 380 6.78 -32.25 -58.48
C ARG HB 380 6.44 -33.33 -57.46
N ALA HB 381 7.33 -34.32 -57.31
CA ALA HB 381 7.21 -35.34 -56.29
C ALA HB 381 8.44 -36.23 -56.29
N SER HB 382 9.00 -36.51 -55.12
CA SER HB 382 10.06 -37.50 -54.93
C SER HB 382 11.05 -37.47 -56.09
N ILE HB 383 11.59 -36.29 -56.33
CA ILE HB 383 12.43 -36.08 -57.51
C ILE HB 383 13.70 -36.90 -57.37
N GLN HB 384 14.00 -37.71 -58.37
CA GLN HB 384 15.23 -38.49 -58.35
C GLN HB 384 15.77 -38.58 -59.77
N PRO HB 385 17.08 -38.78 -59.92
CA PRO HB 385 17.71 -38.65 -61.24
C PRO HB 385 17.36 -39.81 -62.15
N LEU HB 386 17.72 -39.64 -63.43
CA LEU HB 386 17.50 -40.68 -64.43
C LEU HB 386 18.71 -41.60 -64.56
N TYR HB 387 19.86 -41.04 -64.93
CA TYR HB 387 21.05 -41.84 -65.20
C TYR HB 387 22.17 -41.48 -64.24
N PRO HB 388 22.47 -42.32 -63.25
CA PRO HB 388 23.60 -42.03 -62.35
C PRO HB 388 24.93 -41.97 -63.06
N GLU HB 389 25.03 -42.54 -64.25
CA GLU HB 389 26.27 -42.57 -65.00
C GLU HB 389 26.44 -41.37 -65.92
N ASP HB 390 25.34 -40.77 -66.39
CA ASP HB 390 25.43 -39.68 -67.36
C ASP HB 390 25.87 -38.41 -66.65
N THR HB 391 26.84 -37.71 -67.25
CA THR HB 391 27.33 -36.46 -66.73
C THR HB 391 27.23 -35.40 -67.82
N PRO HB 392 26.59 -34.26 -67.54
CA PRO HB 392 26.47 -33.21 -68.53
C PRO HB 392 27.68 -32.28 -68.53
N ASP HB 393 27.71 -31.40 -69.52
CA ASP HB 393 28.76 -30.39 -69.67
C ASP HB 393 28.12 -29.04 -69.89
N GLU HB 394 28.43 -28.09 -69.01
CA GLU HB 394 27.84 -26.76 -69.11
C GLU HB 394 28.24 -26.08 -70.41
N GLU HB 395 29.52 -26.16 -70.77
CA GLU HB 395 29.97 -25.53 -72.01
C GLU HB 395 29.30 -26.17 -73.21
N ALA HB 396 29.22 -27.50 -73.23
CA ALA HB 396 28.60 -28.18 -74.36
C ALA HB 396 27.12 -27.79 -74.48
N MET HB 397 26.40 -27.75 -73.37
CA MET HB 397 24.98 -27.43 -73.45
C MET HB 397 24.75 -25.97 -73.82
N VAL HB 398 25.60 -25.06 -73.33
CA VAL HB 398 25.42 -23.66 -73.71
C VAL HB 398 25.75 -23.46 -75.18
N LYS HB 399 26.75 -24.18 -75.70
CA LYS HB 399 27.01 -24.14 -77.13
C LYS HB 399 25.83 -24.69 -77.91
N GLY HB 400 25.23 -25.76 -77.43
CA GLY HB 400 24.08 -26.37 -78.08
C GLY HB 400 22.76 -25.72 -77.77
N ARG HB 401 22.77 -24.62 -77.03
CA ARG HB 401 21.55 -23.87 -76.71
C ARG HB 401 20.59 -24.70 -75.87
N LEU HB 402 21.12 -25.59 -75.03
CA LEU HB 402 20.29 -26.46 -74.22
C LEU HB 402 20.02 -25.82 -72.86
N ASN HB 403 18.87 -26.18 -72.28
CA ASN HB 403 18.42 -25.62 -71.02
C ASN HB 403 18.62 -26.63 -69.90
N LYS HB 404 19.32 -26.23 -68.87
CA LYS HB 404 19.53 -27.04 -67.69
C LYS HB 404 18.49 -26.71 -66.63
N VAL HB 405 18.34 -27.62 -65.68
CA VAL HB 405 17.41 -27.43 -64.58
C VAL HB 405 18.09 -27.89 -63.28
N SER HB 406 18.01 -27.07 -62.23
CA SER HB 406 18.71 -27.35 -60.98
C SER HB 406 17.75 -27.37 -59.81
N VAL HB 407 18.29 -27.45 -58.60
CA VAL HB 407 17.48 -27.62 -57.40
C VAL HB 407 17.71 -26.41 -56.48
N GLY HB 408 16.71 -26.15 -55.64
CA GLY HB 408 16.77 -25.07 -54.68
C GLY HB 408 17.01 -25.53 -53.26
N THR HB 409 17.01 -24.56 -52.34
CA THR HB 409 17.34 -24.86 -50.95
C THR HB 409 16.31 -25.80 -50.32
N SER HB 410 15.03 -25.56 -50.57
CA SER HB 410 13.97 -26.35 -49.96
C SER HB 410 13.67 -27.62 -50.71
N GLY HB 411 14.55 -28.05 -51.61
CA GLY HB 411 14.34 -29.24 -52.39
C GLY HB 411 13.45 -29.06 -53.60
N GLN HB 412 12.84 -27.89 -53.75
CA GLN HB 412 12.05 -27.61 -54.94
C GLN HB 412 12.96 -27.53 -56.16
N MET HB 413 12.36 -27.46 -57.34
CA MET HB 413 13.11 -27.68 -58.57
C MET HB 413 12.99 -26.39 -59.38
N ILE HB 414 14.09 -25.88 -59.92
CA ILE HB 414 14.10 -24.58 -60.55
C ILE HB 414 14.76 -24.69 -61.93
N ILE HB 415 14.46 -23.70 -62.77
CA ILE HB 415 14.97 -23.64 -64.14
C ILE HB 415 16.05 -22.57 -64.17
N ASP HB 416 17.30 -23.00 -64.29
CA ASP HB 416 18.44 -22.09 -64.32
C ASP HB 416 18.88 -21.81 -65.76
N ASP HB 417 18.00 -21.17 -66.52
CA ASP HB 417 18.33 -20.77 -67.88
C ASP HB 417 17.54 -19.53 -68.28
N ALA HB 418 18.11 -18.80 -69.24
CA ALA HB 418 17.45 -17.70 -69.94
C ALA HB 418 17.79 -17.72 -71.42
N LEU HB 419 18.02 -18.91 -71.97
CA LEU HB 419 18.59 -19.09 -73.29
C LEU HB 419 17.60 -19.81 -74.19
N THR HB 420 17.50 -19.35 -75.43
CA THR HB 420 16.67 -19.99 -76.43
C THR HB 420 17.55 -20.79 -77.39
N CYS HB 421 16.94 -21.37 -78.41
CA CYS HB 421 17.67 -22.13 -79.44
C CYS HB 421 18.08 -21.27 -80.61
N CYS HB 422 18.27 -19.96 -80.40
CA CYS HB 422 18.65 -19.07 -81.48
C CYS HB 422 20.07 -19.39 -81.93
N THR HB 423 20.21 -19.73 -83.22
CA THR HB 423 21.54 -20.02 -83.76
C THR HB 423 22.43 -18.79 -83.72
N GLN HB 424 21.85 -17.62 -84.01
CA GLN HB 424 22.63 -16.38 -84.02
C GLN HB 424 23.10 -16.04 -82.61
N ASP HB 425 24.33 -15.53 -82.53
CA ASP HB 425 24.89 -15.10 -81.26
C ASP HB 425 24.36 -13.75 -80.79
N ASN HB 426 23.30 -13.25 -81.43
CA ASN HB 426 22.69 -12.00 -81.01
C ASN HB 426 21.92 -12.19 -79.71
N TYR HB 427 21.32 -11.09 -79.24
CA TYR HB 427 20.55 -11.13 -78.00
C TYR HB 427 19.27 -11.92 -78.16
N LEU HB 428 18.91 -12.30 -79.39
CA LEU HB 428 17.75 -13.15 -79.62
C LEU HB 428 17.89 -14.49 -78.91
N HIS HB 429 19.12 -14.89 -78.59
CA HIS HB 429 19.34 -16.11 -77.81
C HIS HB 429 18.67 -16.03 -76.45
N PHE HB 430 18.43 -14.83 -75.93
CA PHE HB 430 17.70 -14.68 -74.69
C PHE HB 430 16.22 -15.00 -74.91
N GLN HB 431 15.47 -15.03 -73.81
CA GLN HB 431 14.05 -15.35 -73.85
C GLN HB 431 13.15 -14.17 -73.50
N HIS HB 432 13.65 -13.21 -72.73
CA HIS HB 432 12.86 -12.03 -72.42
C HIS HB 432 12.88 -11.03 -73.56
N VAL HB 433 13.99 -10.96 -74.28
CA VAL HB 433 14.06 -10.04 -75.42
C VAL HB 433 13.09 -10.44 -76.52
N PRO HB 434 13.02 -11.70 -76.95
CA PRO HB 434 11.97 -12.06 -77.91
C PRO HB 434 10.58 -11.75 -77.41
N SER HB 435 10.34 -11.96 -76.12
CA SER HB 435 9.06 -11.62 -75.53
C SER HB 435 8.76 -10.14 -75.67
N LEU HB 436 9.77 -9.30 -75.43
CA LEU HB 436 9.49 -7.87 -75.47
C LEU HB 436 9.24 -7.39 -76.89
N MET HB 437 10.02 -7.84 -77.88
CA MET HB 437 9.68 -7.26 -79.18
C MET HB 437 8.41 -7.88 -79.73
N ASN HB 438 8.08 -9.13 -79.36
CA ASN HB 438 6.77 -9.64 -79.70
C ASN HB 438 5.66 -8.77 -79.12
N ALA HB 439 5.75 -8.45 -77.82
CA ALA HB 439 4.74 -7.61 -77.20
C ALA HB 439 4.61 -6.29 -77.94
N ILE HB 440 5.74 -5.61 -78.16
CA ILE HB 440 5.65 -4.28 -78.77
C ILE HB 440 5.09 -4.39 -80.16
N SER HB 441 5.46 -5.44 -80.91
CA SER HB 441 4.90 -5.67 -82.23
C SER HB 441 3.39 -5.79 -82.16
N ARG HB 442 2.88 -6.57 -81.20
CA ARG HB 442 1.44 -6.68 -81.07
C ARG HB 442 0.78 -5.35 -80.72
N PHE HB 443 1.41 -4.53 -79.89
CA PHE HB 443 0.81 -3.22 -79.63
C PHE HB 443 0.77 -2.37 -80.89
N PHE HB 444 1.86 -2.34 -81.66
CA PHE HB 444 1.81 -1.59 -82.90
C PHE HB 444 0.74 -2.13 -83.83
N VAL HB 445 0.61 -3.45 -83.91
CA VAL HB 445 -0.38 -4.04 -84.81
C VAL HB 445 -1.78 -3.61 -84.40
N GLN HB 446 -2.10 -3.76 -83.11
CA GLN HB 446 -3.45 -3.41 -82.68
C GLN HB 446 -3.73 -1.93 -82.86
N LEU HB 447 -2.76 -1.08 -82.57
CA LEU HB 447 -3.02 0.36 -82.69
C LEU HB 447 -3.19 0.76 -84.15
N ALA HB 448 -2.32 0.28 -85.02
CA ALA HB 448 -2.44 0.63 -86.43
C ALA HB 448 -3.72 0.08 -87.02
N ARG HB 449 -4.13 -1.12 -86.60
CA ARG HB 449 -5.32 -1.74 -87.15
C ARG HB 449 -6.60 -1.09 -86.63
N GLN HB 450 -6.62 -0.63 -85.38
CA GLN HB 450 -7.74 0.18 -84.94
C GLN HB 450 -7.70 1.56 -85.56
N MET HB 451 -6.54 1.96 -86.07
CA MET HB 451 -6.40 3.24 -86.74
C MET HB 451 -6.74 3.18 -88.22
N LYS HB 452 -6.78 1.99 -88.80
CA LYS HB 452 -6.94 1.81 -90.25
C LYS HB 452 -8.27 2.39 -90.74
N HIS HB 453 -8.38 2.48 -92.06
CA HIS HB 453 -9.60 2.91 -92.74
C HIS HB 453 -10.03 4.31 -92.31
N SER HB 454 -9.07 5.22 -92.20
CA SER HB 454 -9.34 6.59 -91.80
C SER HB 454 -8.47 7.52 -92.62
N PRO HB 455 -9.02 8.61 -93.15
CA PRO HB 455 -8.21 9.54 -93.95
C PRO HB 455 -7.18 10.25 -93.09
N ASP HB 456 -6.06 10.60 -93.72
CA ASP HB 456 -4.95 11.20 -93.02
C ASP HB 456 -5.28 12.63 -92.61
N GLY HB 457 -4.33 13.26 -91.92
CA GLY HB 457 -4.51 14.62 -91.43
C GLY HB 457 -4.59 14.62 -89.92
N ILE HB 458 -5.31 13.64 -89.38
CA ILE HB 458 -5.38 13.44 -87.94
C ILE HB 458 -4.84 12.08 -87.53
N THR HB 459 -4.79 11.12 -88.46
CA THR HB 459 -4.26 9.79 -88.16
C THR HB 459 -2.81 9.86 -87.71
N ALA HB 460 -2.02 10.77 -88.29
CA ALA HB 460 -0.62 10.90 -87.89
C ALA HB 460 -0.50 11.33 -86.44
N ALA HB 461 -1.28 12.32 -86.05
CA ALA HB 461 -1.28 12.74 -84.65
C ALA HB 461 -1.77 11.61 -83.75
N GLY HB 462 -2.81 10.89 -84.18
CA GLY HB 462 -3.32 9.81 -83.37
C GLY HB 462 -2.29 8.73 -83.13
N LEU HB 463 -1.56 8.35 -84.18
CA LEU HB 463 -0.52 7.34 -84.03
C LEU HB 463 0.66 7.85 -83.20
N THR HB 464 0.99 9.14 -83.32
CA THR HB 464 2.05 9.68 -82.48
C THR HB 464 1.66 9.65 -81.01
N LYS HB 465 0.43 10.03 -80.69
CA LYS HB 465 0.01 9.93 -79.30
C LYS HB 465 -0.08 8.48 -78.84
N GLY HB 466 -0.43 7.56 -79.73
CA GLY HB 466 -0.42 6.16 -79.35
C GLY HB 466 0.97 5.66 -78.99
N MET HB 467 1.96 6.01 -79.81
CA MET HB 467 3.33 5.60 -79.51
C MET HB 467 3.84 6.28 -78.23
N THR HB 468 3.46 7.55 -78.01
CA THR HB 468 3.80 8.17 -76.74
C THR HB 468 3.22 7.39 -75.57
N LYS HB 469 1.96 6.98 -75.67
CA LYS HB 469 1.30 6.32 -74.55
C LYS HB 469 1.89 4.95 -74.28
N LEU HB 470 2.14 4.18 -75.34
CA LEU HB 470 2.80 2.89 -75.17
C LEU HB 470 4.19 3.03 -74.57
N LEU HB 471 4.98 4.00 -75.03
CA LEU HB 471 6.28 4.19 -74.41
C LEU HB 471 6.11 4.62 -72.96
N ASP HB 472 5.01 5.29 -72.65
CA ASP HB 472 4.70 5.65 -71.26
C ASP HB 472 4.56 4.37 -70.43
N ARG HB 473 3.79 3.42 -70.93
CA ARG HB 473 3.68 2.17 -70.18
C ARG HB 473 5.00 1.39 -70.11
N PHE HB 474 5.82 1.37 -71.17
CA PHE HB 474 7.07 0.65 -70.97
C PHE HB 474 7.98 1.34 -69.96
N VAL HB 475 8.01 2.68 -69.96
CA VAL HB 475 8.85 3.31 -68.96
C VAL HB 475 8.29 3.10 -67.57
N ALA HB 476 6.96 3.04 -67.44
CA ALA HB 476 6.38 2.68 -66.15
C ALA HB 476 6.82 1.29 -65.72
N SER HB 477 6.84 0.35 -66.66
CA SER HB 477 7.30 -1.00 -66.36
C SER HB 477 8.78 -1.01 -65.97
N GLY HB 478 9.57 -0.15 -66.61
CA GLY HB 478 10.99 -0.09 -66.36
C GLY HB 478 11.81 -1.17 -67.05
N ALA HB 479 11.19 -1.97 -67.93
CA ALA HB 479 11.91 -3.07 -68.56
C ALA HB 479 13.01 -2.56 -69.48
N LEU HB 480 12.75 -1.48 -70.21
CA LEU HB 480 13.73 -0.92 -71.13
C LEU HB 480 14.64 0.03 -70.37
N VAL HB 481 15.85 0.19 -70.90
CA VAL HB 481 16.85 1.04 -70.25
C VAL HB 481 17.42 2.02 -71.26
N ALA HB 482 18.02 3.09 -70.73
CA ALA HB 482 18.67 4.06 -71.57
C ALA HB 482 19.94 3.47 -72.19
N PRO HB 483 20.37 3.98 -73.34
CA PRO HB 483 21.62 3.49 -73.94
C PRO HB 483 22.79 3.72 -73.00
N ARG HB 484 23.71 2.76 -72.98
CA ARG HB 484 24.83 2.81 -72.06
C ARG HB 484 25.98 3.68 -72.54
N ASP HB 485 25.99 4.09 -73.80
CA ASP HB 485 27.03 4.96 -74.33
C ASP HB 485 26.39 6.27 -74.78
N PRO HB 486 26.53 7.34 -74.01
CA PRO HB 486 25.78 8.57 -74.34
C PRO HB 486 26.18 9.19 -75.66
N ASP HB 487 27.49 9.34 -75.92
CA ASP HB 487 27.90 10.05 -77.12
C ASP HB 487 27.65 9.24 -78.39
N ALA HB 488 27.91 7.94 -78.33
CA ALA HB 488 27.79 7.08 -79.51
C ALA HB 488 26.44 6.37 -79.57
N ASP HB 489 26.04 5.70 -78.50
CA ASP HB 489 24.78 4.98 -78.48
C ASP HB 489 23.60 5.90 -78.15
N GLY HB 490 23.85 7.16 -77.86
CA GLY HB 490 22.79 8.07 -77.51
C GLY HB 490 22.46 8.04 -76.03
N THR HB 491 21.54 8.90 -75.64
CA THR HB 491 21.11 8.99 -74.25
C THR HB 491 19.63 8.69 -74.07
N GLU HB 492 18.81 8.81 -75.11
CA GLU HB 492 17.39 8.55 -75.00
C GLU HB 492 17.10 7.11 -75.35
N PRO HB 493 16.52 6.34 -74.43
CA PRO HB 493 16.22 4.92 -74.73
C PRO HB 493 15.27 4.73 -75.89
N TYR HB 494 14.28 5.61 -76.07
CA TYR HB 494 13.21 5.38 -77.03
C TYR HB 494 13.39 6.31 -78.21
N VAL HB 495 13.50 5.73 -79.40
CA VAL HB 495 13.60 6.47 -80.64
C VAL HB 495 12.43 6.05 -81.53
N LEU HB 496 11.74 7.03 -82.10
CA LEU HB 496 10.50 6.79 -82.83
C LEU HB 496 10.49 7.61 -84.11
N LYS HB 497 9.87 7.04 -85.15
CA LYS HB 497 9.70 7.79 -86.39
C LYS HB 497 8.54 7.21 -87.18
N VAL HB 498 7.82 8.08 -87.89
CA VAL HB 498 6.71 7.68 -88.75
C VAL HB 498 6.74 8.54 -90.01
N THR HB 499 6.43 7.92 -91.14
CA THR HB 499 6.33 8.62 -92.41
C THR HB 499 5.32 7.89 -93.30
N GLN HB 500 5.09 8.45 -94.49
CA GLN HB 500 4.24 7.82 -95.48
C GLN HB 500 5.02 7.72 -96.79
N ALA HB 501 4.86 6.61 -97.50
CA ALA HB 501 5.54 6.45 -98.77
C ALA HB 501 4.72 6.98 -99.94
N GLU HB 502 3.45 6.58 -100.01
CA GLU HB 502 2.59 6.91 -101.14
C GLU HB 502 1.16 6.96 -100.63
N PHE HB 503 0.18 6.86 -101.54
CA PHE HB 503 -1.22 6.83 -101.16
C PHE HB 503 -1.51 5.86 -100.01
N ASP HB 504 -0.66 4.86 -99.84
CA ASP HB 504 -0.73 3.92 -98.71
C ASP HB 504 0.67 3.78 -98.15
N LYS HB 505 0.89 2.75 -97.33
CA LYS HB 505 2.19 2.42 -96.77
C LYS HB 505 2.72 3.57 -95.89
N TRP HB 506 2.02 3.76 -94.77
CA TRP HB 506 2.56 4.53 -93.66
C TRP HB 506 3.52 3.65 -92.89
N GLU HB 507 4.80 4.00 -92.93
CA GLU HB 507 5.84 3.25 -92.24
C GLU HB 507 6.14 3.87 -90.89
N VAL HB 508 6.51 3.03 -89.94
CA VAL HB 508 6.86 3.46 -88.60
C VAL HB 508 8.00 2.60 -88.09
N VAL HB 509 8.95 3.23 -87.42
CA VAL HB 509 10.12 2.55 -86.88
C VAL HB 509 10.34 3.01 -85.46
N TRP HB 510 10.96 2.13 -84.67
CA TRP HB 510 11.22 2.37 -83.26
C TRP HB 510 12.49 1.63 -82.86
N ALA HB 511 13.17 2.18 -81.85
CA ALA HB 511 14.42 1.63 -81.35
C ALA HB 511 14.46 1.79 -79.85
N CYS HB 512 14.88 0.72 -79.16
CA CYS HB 512 14.84 0.66 -77.71
C CYS HB 512 16.01 -0.17 -77.21
N CYS HB 513 16.32 0.01 -75.92
CA CYS HB 513 17.43 -0.68 -75.27
C CYS HB 513 16.93 -1.43 -74.04
N PRO HB 514 16.97 -2.75 -74.03
CA PRO HB 514 16.47 -3.52 -72.88
C PRO HB 514 17.54 -3.66 -71.80
N THR HB 515 17.10 -4.13 -70.64
CA THR HB 515 17.97 -4.27 -69.47
C THR HB 515 18.86 -5.50 -69.62
N GLY HB 516 19.78 -5.64 -68.66
CA GLY HB 516 20.70 -6.75 -68.64
C GLY HB 516 20.11 -7.97 -67.96
N VAL HB 517 20.92 -9.03 -67.92
CA VAL HB 517 20.49 -10.30 -67.37
C VAL HB 517 21.18 -10.63 -66.05
N ALA HB 518 22.40 -10.15 -65.83
CA ALA HB 518 23.21 -10.51 -64.66
C ALA HB 518 23.43 -12.02 -64.63
N ARG HB 519 24.13 -12.52 -65.65
CA ARG HB 519 24.31 -13.96 -65.79
C ARG HB 519 25.03 -14.56 -64.58
N ARG HB 520 26.17 -13.99 -64.21
CA ARG HB 520 26.98 -14.56 -63.16
C ARG HB 520 27.60 -13.47 -62.29
N ILE HB 521 27.74 -13.81 -61.01
CA ILE HB 521 28.55 -13.06 -60.05
C ILE HB 521 29.83 -13.83 -59.79
N GLN HB 522 30.94 -13.10 -59.69
CA GLN HB 522 32.21 -13.65 -59.29
C GLN HB 522 32.52 -13.21 -57.87
N GLY HB 523 33.20 -14.07 -57.13
CA GLY HB 523 33.59 -13.75 -55.77
C GLY HB 523 34.89 -14.43 -55.39
N VAL HB 524 35.83 -13.65 -54.88
CA VAL HB 524 37.11 -14.24 -54.43
C VAL HB 524 37.44 -13.68 -53.06
N PRO HB 525 37.61 -14.53 -52.06
CA PRO HB 525 37.99 -14.07 -50.73
C PRO HB 525 39.47 -13.71 -50.68
N LEU HB 526 39.80 -12.92 -49.67
CA LEU HB 526 41.19 -12.59 -49.38
C LEU HB 526 41.26 -12.09 -47.93
N LEU HB 527 42.47 -12.08 -47.39
CA LEU HB 527 42.71 -11.75 -45.99
C LEU HB 527 43.35 -10.39 -45.87
N ILE HB 528 42.84 -9.57 -44.94
CA ILE HB 528 43.45 -8.28 -44.68
C ILE HB 528 44.83 -8.45 -44.07
N LYS HB 529 45.03 -9.51 -43.30
CA LYS HB 529 46.29 -9.80 -42.60
C LYS HB 529 46.51 -8.80 -41.47
N SER IB 2 -4.62 -18.46 -90.55
CA SER IB 2 -5.82 -17.68 -90.21
C SER IB 2 -5.59 -16.20 -90.40
N GLN IB 3 -6.61 -15.40 -90.06
CA GLN IB 3 -6.50 -13.95 -90.21
C GLN IB 3 -5.44 -13.38 -89.30
N TYR IB 4 -5.14 -14.05 -88.18
CA TYR IB 4 -4.17 -13.53 -87.24
C TYR IB 4 -2.75 -13.60 -87.78
N SER IB 5 -2.54 -14.26 -88.91
CA SER IB 5 -1.20 -14.45 -89.46
C SER IB 5 -0.54 -13.11 -89.75
N ILE IB 6 0.75 -13.04 -89.48
CA ILE IB 6 1.53 -11.82 -89.67
C ILE IB 6 2.49 -12.07 -90.83
N GLN IB 7 2.38 -11.24 -91.87
CA GLN IB 7 3.28 -11.34 -93.01
C GLN IB 7 4.45 -10.38 -92.83
N GLN IB 8 5.38 -10.43 -93.76
CA GLN IB 8 6.57 -9.57 -93.68
C GLN IB 8 6.23 -8.13 -94.04
N SER IB 9 5.37 -7.92 -95.04
CA SER IB 9 5.04 -6.56 -95.47
C SER IB 9 3.72 -6.59 -96.22
N LEU IB 10 3.11 -5.41 -96.34
CA LEU IB 10 1.83 -5.29 -97.03
C LEU IB 10 2.00 -5.46 -98.54
N GLY IB 11 1.02 -6.09 -99.16
CA GLY IB 11 1.00 -6.23 -100.60
C GLY IB 11 0.05 -5.25 -101.24
N ASN IB 12 -1.15 -5.72 -101.59
CA ASN IB 12 -2.14 -4.86 -102.22
C ASN IB 12 -3.48 -4.89 -101.49
N ALA IB 13 -3.53 -5.45 -100.29
CA ALA IB 13 -4.76 -5.50 -99.51
C ALA IB 13 -4.53 -4.87 -98.14
N SER IB 14 -5.60 -4.30 -97.59
CA SER IB 14 -5.50 -3.64 -96.29
C SER IB 14 -5.07 -4.62 -95.23
N GLY IB 15 -4.14 -4.18 -94.38
CA GLY IB 15 -3.65 -5.00 -93.30
C GLY IB 15 -2.52 -4.29 -92.59
N VAL IB 16 -1.97 -5.00 -91.60
CA VAL IB 16 -0.82 -4.51 -90.85
C VAL IB 16 0.21 -5.63 -90.77
N ALA IB 17 1.45 -5.31 -91.09
CA ALA IB 17 2.54 -6.29 -91.04
C ALA IB 17 3.77 -5.66 -90.40
N VAL IB 18 4.59 -6.50 -89.78
CA VAL IB 18 5.81 -6.07 -89.13
C VAL IB 18 6.98 -6.81 -89.77
N SER IB 19 8.03 -6.08 -90.08
CA SER IB 19 9.23 -6.68 -90.62
C SER IB 19 9.98 -7.41 -89.52
N PRO IB 20 10.87 -8.34 -89.88
CA PRO IB 20 11.74 -8.95 -88.87
C PRO IB 20 12.63 -7.91 -88.21
N ILE IB 21 12.96 -8.16 -86.94
CA ILE IB 21 13.74 -7.21 -86.17
C ILE IB 21 15.12 -7.04 -86.80
N ASN IB 22 15.58 -5.79 -86.83
CA ASN IB 22 16.93 -5.47 -87.27
C ASN IB 22 17.68 -4.84 -86.12
N ALA IB 23 18.99 -5.03 -86.11
CA ALA IB 23 19.86 -4.46 -85.10
C ALA IB 23 20.91 -3.53 -85.66
N ASP IB 24 21.49 -3.86 -86.82
CA ASP IB 24 22.57 -3.05 -87.40
C ASP IB 24 21.96 -2.02 -88.36
N ALA IB 25 21.36 -1.01 -87.77
CA ALA IB 25 20.83 0.13 -88.52
C ALA IB 25 20.71 1.32 -87.58
N THR IB 26 20.70 2.51 -88.18
CA THR IB 26 20.60 3.75 -87.45
C THR IB 26 19.47 4.59 -88.04
N LEU IB 27 19.03 5.57 -87.27
CA LEU IB 27 17.92 6.44 -87.68
C LEU IB 27 18.32 7.90 -87.53
N SER IB 28 17.93 8.71 -88.52
CA SER IB 28 18.17 10.14 -88.52
C SER IB 28 16.84 10.86 -88.43
N THR IB 29 16.70 11.73 -87.44
CA THR IB 29 15.45 12.43 -87.18
C THR IB 29 15.70 13.92 -87.02
N GLY IB 30 14.72 14.73 -87.42
CA GLY IB 30 14.81 16.16 -87.28
C GLY IB 30 14.40 16.91 -88.54
N VAL IB 31 14.15 18.21 -88.41
CA VAL IB 31 13.77 19.07 -89.53
C VAL IB 31 14.78 20.21 -89.60
N ALA IB 32 15.42 20.36 -90.75
CA ALA IB 32 16.42 21.41 -90.93
C ALA IB 32 15.76 22.72 -91.33
N LEU IB 33 16.22 23.81 -90.73
CA LEU IB 33 15.71 25.13 -91.09
C LEU IB 33 16.26 25.60 -92.42
N ASN IB 34 17.49 25.20 -92.76
CA ASN IB 34 18.10 25.49 -94.06
C ASN IB 34 18.15 26.99 -94.32
N SER IB 35 18.44 27.77 -93.27
CA SER IB 35 18.65 29.20 -93.46
C SER IB 35 19.90 29.46 -94.28
N SER IB 36 20.96 28.68 -94.06
CA SER IB 36 22.21 28.82 -94.77
C SER IB 36 22.57 27.47 -95.36
N LEU IB 37 23.00 27.47 -96.62
CA LEU IB 37 23.27 26.25 -97.37
C LEU IB 37 24.77 26.12 -97.65
N TRP IB 38 25.19 24.89 -97.91
CA TRP IB 38 26.61 24.62 -98.01
C TRP IB 38 26.84 23.65 -99.15
N ALA IB 39 28.07 23.65 -99.65
CA ALA IB 39 28.41 22.83 -100.80
C ALA IB 39 29.86 22.39 -100.66
N GLY IB 40 30.17 21.27 -101.29
CA GLY IB 40 31.54 20.77 -101.30
C GLY IB 40 31.60 19.41 -101.96
N ILE IB 41 32.83 19.01 -102.28
CA ILE IB 41 33.12 17.71 -102.87
C ILE IB 41 33.45 16.72 -101.76
N GLY IB 42 32.81 15.55 -101.81
CA GLY IB 42 33.02 14.53 -100.81
C GLY IB 42 33.16 13.16 -101.43
N VAL IB 43 33.70 12.24 -100.61
CA VAL IB 43 33.90 10.85 -100.98
C VAL IB 43 32.85 10.05 -100.25
N PHE IB 44 31.95 9.42 -100.99
CA PHE IB 44 30.86 8.69 -100.35
C PHE IB 44 30.68 7.33 -100.97
N ALA IB 45 29.61 6.64 -100.57
CA ALA IB 45 29.17 5.41 -101.19
C ALA IB 45 27.80 5.65 -101.82
N ARG IB 46 27.61 5.11 -103.02
CA ARG IB 46 26.37 5.25 -103.77
C ARG IB 46 26.13 6.72 -104.13
N GLY IB 47 25.07 6.99 -104.89
CA GLY IB 47 24.79 8.34 -105.33
C GLY IB 47 25.32 8.60 -106.73
N LYS IB 48 24.79 9.65 -107.34
CA LYS IB 48 25.19 10.00 -108.69
C LYS IB 48 26.59 10.59 -108.69
N PRO IB 49 27.55 10.00 -109.39
CA PRO IB 49 28.91 10.55 -109.37
C PRO IB 49 29.00 11.84 -110.18
N PHE IB 50 29.96 12.68 -109.79
CA PHE IB 50 30.33 13.88 -110.53
C PHE IB 50 29.16 14.84 -110.73
N THR IB 51 28.14 14.73 -109.89
CA THR IB 51 26.97 15.59 -110.00
C THR IB 51 26.57 16.08 -108.62
N VAL IB 52 25.87 17.20 -108.59
CA VAL IB 52 25.44 17.80 -107.33
C VAL IB 52 24.19 17.06 -106.83
N LEU IB 53 24.18 16.76 -105.54
CA LEU IB 53 23.05 16.09 -104.91
C LEU IB 53 22.69 16.86 -103.65
N ALA IB 54 21.41 17.22 -103.55
CA ALA IB 54 20.90 17.87 -102.35
C ALA IB 54 20.60 16.82 -101.30
N VAL IB 55 21.30 16.90 -100.17
CA VAL IB 55 21.22 15.92 -99.09
C VAL IB 55 20.73 16.62 -97.83
N THR IB 56 19.70 16.06 -97.21
CA THR IB 56 19.14 16.57 -95.98
C THR IB 56 19.49 15.64 -94.82
N GLU IB 57 19.07 16.04 -93.62
CA GLU IB 57 19.37 15.27 -92.41
C GLU IB 57 18.66 13.92 -92.42
N SER IB 58 17.40 13.89 -92.85
CA SER IB 58 16.62 12.66 -92.74
C SER IB 58 17.15 11.59 -93.68
N ASN IB 59 17.42 11.96 -94.93
CA ASN IB 59 17.72 11.00 -95.97
C ASN IB 59 19.21 10.74 -96.15
N TYR IB 60 20.06 11.36 -95.33
CA TYR IB 60 21.49 11.29 -95.58
C TYR IB 60 21.99 9.86 -95.53
N GLU IB 61 21.56 9.09 -94.54
CA GLU IB 61 22.11 7.76 -94.34
C GLU IB 61 21.74 6.84 -95.51
N ASP IB 62 20.50 6.89 -95.96
CA ASP IB 62 20.05 6.04 -97.05
C ASP IB 62 20.36 6.61 -98.43
N VAL IB 63 20.93 7.81 -98.51
CA VAL IB 63 21.46 8.25 -99.80
C VAL IB 63 22.96 8.02 -99.90
N LEU IB 64 23.68 7.95 -98.78
CA LEU IB 64 25.10 7.63 -98.82
C LEU IB 64 25.40 6.18 -98.45
N GLY IB 65 24.38 5.38 -98.17
CA GLY IB 65 24.62 4.00 -97.84
C GLY IB 65 25.21 3.84 -96.45
N GLU IB 66 25.87 2.70 -96.25
CA GLU IB 66 26.53 2.43 -94.99
C GLU IB 66 27.81 3.27 -94.88
N PRO IB 67 28.02 3.97 -93.78
CA PRO IB 67 29.22 4.83 -93.66
C PRO IB 67 30.50 4.01 -93.73
N LEU IB 68 31.50 4.59 -94.39
CA LEU IB 68 32.78 3.93 -94.56
C LEU IB 68 33.53 3.83 -93.23
N LYS IB 69 34.52 2.96 -93.21
CA LYS IB 69 35.30 2.80 -92.00
C LYS IB 69 36.60 3.58 -92.10
N PRO IB 70 37.13 4.06 -90.97
CA PRO IB 70 38.47 4.67 -90.99
C PRO IB 70 39.55 3.72 -91.44
N SER IB 71 39.39 2.42 -91.18
CA SER IB 71 40.36 1.43 -91.64
C SER IB 71 40.45 1.42 -93.16
N SER IB 72 39.41 1.85 -93.85
CA SER IB 72 39.41 1.95 -95.31
C SER IB 72 39.98 3.29 -95.77
N GLY IB 73 41.16 3.64 -95.27
CA GLY IB 73 41.79 4.87 -95.65
C GLY IB 73 41.19 6.08 -94.98
N SER IB 74 41.67 7.25 -95.40
CA SER IB 74 41.26 8.52 -94.82
C SER IB 74 40.01 9.08 -95.48
N GLN IB 75 39.23 8.23 -96.14
CA GLN IB 75 38.04 8.67 -96.85
C GLN IB 75 36.84 8.83 -95.93
N PHE IB 76 37.01 8.65 -94.61
CA PHE IB 76 35.93 8.85 -93.66
C PHE IB 76 35.76 10.31 -93.27
N GLU IB 77 36.70 11.19 -93.65
CA GLU IB 77 36.55 12.61 -93.32
C GLU IB 77 35.27 13.21 -93.89
N PRO IB 78 34.92 13.03 -95.17
CA PRO IB 78 33.68 13.64 -95.65
C PRO IB 78 32.44 13.12 -94.96
N ILE IB 79 32.38 11.82 -94.65
CA ILE IB 79 31.19 11.30 -94.02
C ILE IB 79 31.08 11.79 -92.59
N ARG IB 80 32.20 11.86 -91.87
CA ARG IB 80 32.16 12.46 -90.54
C ARG IB 80 31.71 13.91 -90.62
N HIS IB 81 32.23 14.65 -91.60
CA HIS IB 81 31.91 16.07 -91.71
C HIS IB 81 30.44 16.28 -92.02
N VAL IB 82 29.89 15.51 -92.95
CA VAL IB 82 28.46 15.66 -93.24
C VAL IB 82 27.63 15.22 -92.05
N TYR IB 83 28.10 14.21 -91.31
CA TYR IB 83 27.36 13.79 -90.12
C TYR IB 83 27.30 14.92 -89.11
N GLU IB 84 28.40 15.62 -88.90
CA GLU IB 84 28.43 16.69 -87.91
C GLU IB 84 27.81 17.98 -88.44
N ALA IB 85 27.61 18.11 -89.75
CA ALA IB 85 27.04 19.32 -90.31
C ALA IB 85 25.60 19.18 -90.77
N ILE IB 86 25.03 17.99 -90.72
CA ILE IB 86 23.71 17.78 -91.28
C ILE IB 86 22.57 18.03 -90.29
N GLN IB 87 22.86 18.00 -88.99
CA GLN IB 87 21.82 18.21 -87.99
C GLN IB 87 21.30 19.64 -87.98
N GLN IB 88 21.93 20.53 -88.70
CA GLN IB 88 21.53 21.93 -88.73
C GLN IB 88 20.90 22.36 -90.04
N THR IB 89 21.46 21.94 -91.17
CA THR IB 89 20.92 22.33 -92.46
C THR IB 89 21.34 21.30 -93.50
N SER IB 90 20.61 21.30 -94.61
CA SER IB 90 20.92 20.43 -95.73
C SER IB 90 22.04 21.05 -96.56
N GLY IB 91 22.39 20.38 -97.66
CA GLY IB 91 23.51 20.81 -98.46
C GLY IB 91 23.43 20.26 -99.87
N TYR IB 92 24.42 20.60 -100.66
CA TYR IB 92 24.45 20.31 -102.10
C TYR IB 92 25.72 19.56 -102.48
N VAL IB 93 25.97 18.44 -101.81
CA VAL IB 93 27.29 17.80 -101.90
C VAL IB 93 27.49 17.18 -103.28
N VAL IB 94 28.75 17.07 -103.69
CA VAL IB 94 29.12 16.48 -104.98
C VAL IB 94 30.06 15.31 -104.75
N ARG IB 95 29.73 14.16 -105.32
CA ARG IB 95 30.53 12.95 -105.16
C ARG IB 95 31.14 12.55 -106.51
N ALA IB 96 32.41 12.14 -106.47
CA ALA IB 96 33.13 11.68 -107.64
C ALA IB 96 33.70 10.29 -107.38
N VAL IB 97 34.02 9.59 -108.47
CA VAL IB 97 34.54 8.24 -108.38
C VAL IB 97 35.83 8.14 -109.20
N PRO IB 98 36.75 7.26 -108.84
CA PRO IB 98 37.97 7.09 -109.64
C PRO IB 98 37.67 6.31 -110.91
N ASP IB 99 38.73 6.06 -111.68
CA ASP IB 99 38.59 5.35 -112.94
C ASP IB 99 38.16 3.90 -112.74
N ASP IB 100 38.63 3.27 -111.66
CA ASP IB 100 38.34 1.87 -111.40
C ASP IB 100 36.87 1.63 -111.06
N ALA IB 101 36.10 2.66 -110.80
CA ALA IB 101 34.71 2.50 -110.41
C ALA IB 101 33.87 2.10 -111.62
N LYS IB 102 33.18 0.97 -111.52
CA LYS IB 102 32.30 0.48 -112.56
C LYS IB 102 31.03 -0.05 -111.91
N PHE IB 103 29.93 0.11 -112.60
CA PHE IB 103 28.61 -0.34 -112.20
C PHE IB 103 28.20 -1.58 -112.97
N PRO IB 104 27.44 -2.47 -112.35
CA PRO IB 104 27.00 -3.69 -113.05
C PRO IB 104 25.86 -3.39 -114.02
N ILE IB 105 25.65 -4.33 -114.92
CA ILE IB 105 24.60 -4.23 -115.93
C ILE IB 105 24.23 -5.62 -116.39
N ILE IB 106 22.95 -5.82 -116.67
CA ILE IB 106 22.42 -7.08 -117.18
C ILE IB 106 21.77 -6.81 -118.53
N MET IB 107 22.14 -7.62 -119.52
CA MET IB 107 21.75 -7.41 -120.89
C MET IB 107 20.82 -8.55 -121.28
N PHE IB 108 19.57 -8.22 -121.61
CA PHE IB 108 18.60 -9.21 -122.03
C PHE IB 108 18.44 -9.18 -123.54
N ASP IB 109 18.58 -10.35 -124.15
CA ASP IB 109 18.33 -10.47 -125.58
C ASP IB 109 16.83 -10.56 -125.84
N GLU IB 110 16.45 -10.67 -127.11
CA GLU IB 110 15.04 -10.76 -127.47
C GLU IB 110 14.43 -12.03 -126.89
N SER IB 111 15.19 -13.12 -126.88
CA SER IB 111 14.75 -14.33 -126.20
C SER IB 111 14.72 -14.15 -124.69
N GLY IB 112 15.27 -13.06 -124.18
CA GLY IB 112 15.33 -12.81 -122.76
C GLY IB 112 16.55 -13.37 -122.06
N GLU IB 113 17.48 -13.97 -122.79
CA GLU IB 113 18.66 -14.51 -122.17
C GLU IB 113 19.53 -13.39 -121.59
N PRO IB 114 20.11 -13.60 -120.41
CA PRO IB 114 20.89 -12.55 -119.75
C PRO IB 114 22.37 -12.62 -120.06
N ALA IB 115 23.02 -11.48 -119.89
CA ALA IB 115 24.48 -11.37 -119.99
C ALA IB 115 24.93 -10.29 -119.01
N TYR IB 116 25.81 -10.65 -118.10
CA TYR IB 116 26.20 -9.75 -117.03
C TYR IB 116 27.54 -9.10 -117.38
N SER IB 117 27.62 -7.79 -117.19
CA SER IB 117 28.83 -7.05 -117.50
C SER IB 117 28.97 -5.89 -116.53
N ALA IB 118 30.08 -5.18 -116.64
CA ALA IB 118 30.34 -3.99 -115.83
C ALA IB 118 30.79 -2.87 -116.74
N LEU IB 119 30.35 -1.65 -116.43
CA LEU IB 119 30.69 -0.51 -117.26
C LEU IB 119 31.19 0.64 -116.39
N PRO IB 120 32.15 1.41 -116.87
CA PRO IB 120 32.63 2.56 -116.09
C PRO IB 120 31.55 3.62 -116.00
N TYR IB 121 31.56 4.34 -114.88
CA TYR IB 121 30.56 5.38 -114.66
C TYR IB 121 30.76 6.50 -115.66
N GLY IB 122 29.65 7.02 -116.16
CA GLY IB 122 29.68 8.05 -117.19
C GLY IB 122 29.77 7.52 -118.60
N SER IB 123 29.90 6.21 -118.77
CA SER IB 123 30.01 5.63 -120.10
C SER IB 123 28.64 5.46 -120.74
N GLU IB 124 28.50 5.94 -121.98
CA GLU IB 124 27.26 5.79 -122.71
C GLU IB 124 27.08 4.35 -123.16
N ILE IB 125 25.82 3.92 -123.23
CA ILE IB 125 25.48 2.55 -123.61
C ILE IB 125 25.20 2.47 -125.10
N GLU IB 126 25.83 1.50 -125.76
CA GLU IB 126 25.61 1.22 -127.16
C GLU IB 126 25.24 -0.25 -127.33
N LEU IB 127 24.41 -0.52 -128.33
CA LEU IB 127 23.92 -1.87 -128.58
C LEU IB 127 24.06 -2.21 -130.05
N ASP IB 128 24.35 -3.48 -130.34
CA ASP IB 128 24.54 -3.96 -131.69
C ASP IB 128 23.21 -4.46 -132.26
N SER IB 129 23.27 -5.22 -133.35
CA SER IB 129 22.07 -5.72 -134.00
C SER IB 129 21.24 -6.56 -133.03
N GLY IB 130 21.87 -7.46 -132.29
CA GLY IB 130 21.20 -8.21 -131.25
C GLY IB 130 21.05 -7.38 -130.00
N GLU IB 131 21.10 -8.04 -128.84
CA GLU IB 131 21.17 -7.35 -127.56
C GLU IB 131 19.97 -6.42 -127.36
N ALA IB 132 18.82 -7.05 -127.16
CA ALA IB 132 17.55 -6.34 -127.11
C ALA IB 132 17.58 -5.12 -126.19
N PHE IB 133 17.85 -5.32 -124.90
CA PHE IB 133 17.76 -4.19 -123.98
C PHE IB 133 18.62 -4.41 -122.75
N ALA IB 134 19.12 -3.31 -122.19
CA ALA IB 134 20.04 -3.33 -121.07
C ALA IB 134 19.40 -2.72 -119.84
N ILE IB 135 19.73 -3.27 -118.67
CA ILE IB 135 19.30 -2.75 -117.39
C ILE IB 135 20.53 -2.56 -116.52
N TYR IB 136 20.68 -1.38 -115.94
CA TYR IB 136 21.89 -1.01 -115.23
C TYR IB 136 21.55 -0.14 -114.04
N VAL IB 137 22.35 -0.27 -112.98
CA VAL IB 137 22.20 0.58 -111.81
C VAL IB 137 22.72 1.97 -112.16
N ASP IB 138 22.18 2.98 -111.49
CA ASP IB 138 22.52 4.36 -111.78
C ASP IB 138 22.95 5.18 -110.57
N ASP IB 139 22.70 4.70 -109.36
CA ASP IB 139 23.12 5.42 -108.16
C ASP IB 139 24.49 5.00 -107.67
N GLY IB 140 25.16 4.11 -108.38
CA GLY IB 140 26.49 3.65 -107.99
C GLY IB 140 26.52 2.52 -106.99
N ASP IB 141 25.38 1.96 -106.63
CA ASP IB 141 25.40 0.83 -105.70
C ASP IB 141 25.98 -0.40 -106.38
N PRO IB 142 27.00 -1.04 -105.80
CA PRO IB 142 27.51 -2.29 -106.39
C PRO IB 142 26.52 -3.43 -106.31
N CYS IB 143 25.45 -3.29 -105.53
CA CYS IB 143 24.45 -4.34 -105.36
C CYS IB 143 25.10 -5.63 -104.84
N ILE IB 144 26.04 -5.48 -103.92
CA ILE IB 144 26.80 -6.61 -103.41
C ILE IB 144 26.55 -6.75 -101.91
N SER IB 145 26.22 -5.64 -101.26
CA SER IB 145 26.07 -5.65 -99.81
C SER IB 145 25.19 -4.50 -99.37
N PRO IB 146 23.87 -4.70 -99.30
CA PRO IB 146 23.13 -5.91 -99.69
C PRO IB 146 22.92 -5.98 -101.19
N THR IB 147 22.61 -7.16 -101.71
CA THR IB 147 22.40 -7.34 -103.13
C THR IB 147 20.98 -6.93 -103.52
N ARG IB 148 20.80 -6.65 -104.81
CA ARG IB 148 19.50 -6.27 -105.36
C ARG IB 148 19.05 -7.30 -106.38
N GLU IB 149 17.80 -7.73 -106.25
CA GLU IB 149 17.23 -8.76 -107.11
C GLU IB 149 15.99 -8.22 -107.79
N LEU IB 150 15.78 -8.66 -109.03
CA LEU IB 150 14.69 -8.19 -109.86
C LEU IB 150 13.77 -9.35 -110.20
N THR IB 151 12.48 -9.03 -110.38
CA THR IB 151 11.50 -10.04 -110.76
C THR IB 151 10.57 -9.46 -111.81
N ILE IB 152 10.41 -10.19 -112.91
CA ILE IB 152 9.50 -9.80 -113.98
C ILE IB 152 8.33 -10.77 -113.97
N GLU IB 153 7.14 -10.23 -114.22
CA GLU IB 153 5.94 -11.06 -114.29
C GLU IB 153 4.94 -10.38 -115.21
N THR IB 154 4.62 -11.04 -116.32
CA THR IB 154 3.63 -10.51 -117.22
C THR IB 154 2.29 -10.34 -116.50
N ALA IB 155 1.66 -9.18 -116.70
CA ALA IB 155 0.41 -8.89 -116.02
C ALA IB 155 -0.67 -8.53 -117.02
N THR IB 156 -1.82 -8.07 -116.53
CA THR IB 156 -2.93 -7.73 -117.41
C THR IB 156 -2.52 -6.65 -118.40
N ALA IB 157 -2.92 -6.83 -119.65
CA ALA IB 157 -2.55 -5.94 -120.73
C ALA IB 157 -3.58 -4.82 -120.88
N ASP IB 158 -3.22 -3.82 -121.68
CA ASP IB 158 -4.13 -2.72 -121.91
C ASP IB 158 -5.29 -3.15 -122.82
N SER IB 159 -6.36 -2.36 -122.77
CA SER IB 159 -7.49 -2.61 -123.65
C SER IB 159 -7.07 -2.50 -125.11
N ALA IB 160 -6.07 -1.69 -125.40
CA ALA IB 160 -5.50 -1.57 -126.74
C ALA IB 160 -4.57 -2.73 -127.07
N GLY IB 161 -4.59 -3.81 -126.29
CA GLY IB 161 -3.72 -4.92 -126.55
C GLY IB 161 -2.29 -4.72 -126.11
N ASN IB 162 -2.00 -3.61 -125.43
CA ASN IB 162 -0.64 -3.30 -125.03
C ASN IB 162 -0.25 -4.22 -123.87
N GLU IB 163 0.61 -5.19 -124.17
CA GLU IB 163 1.03 -6.14 -123.15
C GLU IB 163 1.76 -5.43 -122.02
N ARG IB 164 1.41 -5.78 -120.79
CA ARG IB 164 1.99 -5.16 -119.60
C ARG IB 164 2.56 -6.23 -118.70
N PHE IB 165 3.50 -5.81 -117.86
CA PHE IB 165 4.19 -6.75 -117.00
C PHE IB 165 4.77 -5.99 -115.82
N LEU IB 166 4.85 -6.67 -114.68
CA LEU IB 166 5.28 -6.04 -113.43
C LEU IB 166 6.75 -6.30 -113.18
N LEU IB 167 7.46 -5.23 -112.81
CA LEU IB 167 8.84 -5.32 -112.33
C LEU IB 167 8.85 -5.10 -110.83
N LYS IB 168 9.48 -6.01 -110.12
CA LYS IB 168 9.66 -5.90 -108.67
C LYS IB 168 11.15 -5.84 -108.37
N LEU IB 169 11.53 -4.92 -107.51
CA LEU IB 169 12.89 -4.84 -107.00
C LEU IB 169 12.89 -5.27 -105.54
N THR IB 170 13.95 -5.96 -105.14
CA THR IB 170 14.11 -6.30 -103.74
C THR IB 170 15.58 -6.27 -103.38
N GLN IB 171 15.83 -6.13 -102.09
CA GLN IB 171 17.17 -6.20 -101.52
C GLN IB 171 17.26 -7.44 -100.63
N THR IB 172 18.42 -8.06 -100.61
CA THR IB 172 18.64 -9.22 -99.76
C THR IB 172 19.98 -9.08 -99.08
N THR IB 173 19.99 -9.27 -97.76
CA THR IB 173 21.23 -9.08 -97.02
C THR IB 173 21.98 -10.40 -96.83
N SER IB 174 23.16 -10.30 -96.22
CA SER IB 174 23.96 -11.48 -95.94
C SER IB 174 23.26 -12.41 -94.97
N LEU IB 175 22.53 -11.85 -94.00
CA LEU IB 175 21.71 -12.69 -93.14
C LEU IB 175 20.66 -13.45 -93.94
N GLY IB 176 20.15 -12.83 -95.00
CA GLY IB 176 19.15 -13.45 -95.84
C GLY IB 176 17.83 -12.72 -95.85
N VAL IB 177 17.70 -11.59 -95.16
CA VAL IB 177 16.43 -10.88 -95.17
C VAL IB 177 16.21 -10.30 -96.55
N VAL IB 178 14.99 -10.46 -97.06
CA VAL IB 178 14.58 -10.00 -98.37
C VAL IB 178 13.49 -8.96 -98.18
N THR IB 179 13.69 -7.77 -98.72
CA THR IB 179 12.73 -6.68 -98.58
C THR IB 179 12.45 -6.09 -99.95
N THR IB 180 11.16 -6.03 -100.31
CA THR IB 180 10.78 -5.48 -101.60
C THR IB 180 10.83 -3.95 -101.54
N LEU IB 181 11.57 -3.36 -102.48
CA LEU IB 181 11.71 -1.91 -102.53
C LEU IB 181 10.54 -1.27 -103.26
N GLU IB 182 10.34 -1.66 -104.52
CA GLU IB 182 9.33 -0.99 -105.35
C GLU IB 182 8.93 -1.90 -106.50
N THR IB 183 7.67 -1.76 -106.92
CA THR IB 183 7.13 -2.46 -108.07
C THR IB 183 6.50 -1.45 -109.01
N HIS IB 184 6.50 -1.79 -110.30
CA HIS IB 184 5.91 -0.93 -111.31
C HIS IB 184 5.50 -1.76 -112.52
N THR IB 185 4.33 -1.43 -113.07
CA THR IB 185 3.82 -2.10 -114.26
C THR IB 185 4.22 -1.31 -115.49
N VAL IB 186 4.86 -1.98 -116.44
CA VAL IB 186 5.38 -1.33 -117.63
C VAL IB 186 4.99 -2.14 -118.87
N SER IB 187 5.01 -1.46 -120.01
CA SER IB 187 4.65 -2.07 -121.27
C SER IB 187 5.64 -1.62 -122.34
N LEU IB 188 5.76 -2.46 -123.38
CA LEU IB 188 6.63 -2.15 -124.50
C LEU IB 188 6.05 -1.08 -125.41
N ALA IB 189 4.74 -0.83 -125.33
CA ALA IB 189 4.09 0.05 -126.27
C ALA IB 189 4.51 1.50 -126.05
N GLU IB 190 4.69 2.23 -127.15
CA GLU IB 190 5.08 3.63 -127.07
C GLU IB 190 4.02 4.44 -126.33
N GLU IB 191 2.76 4.29 -126.71
CA GLU IB 191 1.66 5.06 -126.13
C GLU IB 191 0.83 4.23 -125.14
N ALA IB 192 1.48 3.31 -124.42
CA ALA IB 192 0.77 2.51 -123.43
C ALA IB 192 0.36 3.39 -122.27
N LYS IB 193 -0.95 3.50 -122.03
CA LYS IB 193 -1.49 4.32 -120.98
C LYS IB 193 -2.11 3.44 -119.91
N ASP IB 194 -1.68 3.61 -118.67
CA ASP IB 194 -2.12 2.76 -117.57
C ASP IB 194 -3.49 3.21 -117.06
N ASP IB 195 -4.02 2.42 -116.14
CA ASP IB 195 -5.26 2.82 -115.45
C ASP IB 195 -5.08 4.13 -114.73
N MET IB 196 -3.86 4.41 -114.27
CA MET IB 196 -3.53 5.69 -113.67
C MET IB 196 -3.39 6.80 -114.70
N GLY IB 197 -3.41 6.47 -115.99
CA GLY IB 197 -3.17 7.43 -117.03
C GLY IB 197 -1.72 7.66 -117.35
N ARG IB 198 -0.82 7.09 -116.55
CA ARG IB 198 0.62 7.22 -116.78
C ARG IB 198 1.04 6.38 -117.97
N LEU IB 199 2.18 6.75 -118.54
CA LEU IB 199 2.73 6.01 -119.67
C LEU IB 199 3.47 4.77 -119.18
N CYS IB 200 3.13 3.62 -119.76
CA CYS IB 200 3.77 2.37 -119.40
C CYS IB 200 4.98 2.06 -120.25
N TYR IB 201 5.33 2.92 -121.20
CA TYR IB 201 6.49 2.67 -122.03
C TYR IB 201 7.75 2.66 -121.17
N LEU IB 202 8.65 1.74 -121.49
CA LEU IB 202 9.68 1.34 -120.53
C LEU IB 202 10.63 2.48 -120.14
N PRO IB 203 11.30 3.16 -121.07
CA PRO IB 203 12.23 4.21 -120.65
C PRO IB 203 11.53 5.35 -119.95
N THR IB 204 10.37 5.76 -120.46
CA THR IB 204 9.62 6.84 -119.84
C THR IB 204 9.24 6.48 -118.40
N ALA IB 205 8.76 5.27 -118.20
CA ALA IB 205 8.37 4.85 -116.86
C ALA IB 205 9.57 4.80 -115.93
N LEU IB 206 10.69 4.26 -116.40
CA LEU IB 206 11.85 4.14 -115.52
C LEU IB 206 12.41 5.51 -115.17
N GLU IB 207 12.40 6.44 -116.12
CA GLU IB 207 12.91 7.76 -115.82
C GLU IB 207 11.92 8.61 -115.03
N ALA IB 208 10.63 8.28 -115.07
CA ALA IB 208 9.65 9.10 -114.37
C ALA IB 208 9.42 8.61 -112.94
N ARG IB 209 9.04 7.35 -112.78
CA ARG IB 209 8.70 6.81 -111.47
C ARG IB 209 9.83 6.01 -110.84
N SER IB 210 10.51 5.17 -111.62
CA SER IB 210 11.62 4.41 -111.07
C SER IB 210 12.74 5.34 -110.64
N LYS IB 211 13.44 4.94 -109.57
CA LYS IB 211 14.51 5.74 -109.01
C LYS IB 211 15.78 4.95 -108.73
N TYR IB 212 15.78 3.64 -108.93
CA TYR IB 212 16.91 2.81 -108.56
C TYR IB 212 17.66 2.22 -109.76
N LEU IB 213 16.95 1.75 -110.77
CA LEU IB 213 17.55 1.08 -111.91
C LEU IB 213 17.08 1.74 -113.20
N ARG IB 214 18.01 1.97 -114.12
CA ARG IB 214 17.67 2.53 -115.41
C ARG IB 214 17.83 1.47 -116.47
N ALA IB 215 17.26 1.72 -117.64
CA ALA IB 215 17.32 0.74 -118.70
C ALA IB 215 17.23 1.44 -120.04
N VAL IB 216 17.71 0.75 -121.07
CA VAL IB 216 17.70 1.24 -122.44
C VAL IB 216 17.23 0.12 -123.35
N VAL IB 217 16.45 0.49 -124.38
CA VAL IB 217 15.88 -0.45 -125.33
C VAL IB 217 16.16 0.04 -126.74
N ASN IB 218 16.56 -0.87 -127.62
CA ASN IB 218 16.74 -0.52 -129.01
C ASN IB 218 15.42 -0.06 -129.62
N GLU IB 219 15.47 1.08 -130.32
CA GLU IB 219 14.30 1.60 -131.01
C GLU IB 219 13.86 0.67 -132.15
N GLU IB 220 14.74 -0.21 -132.62
CA GLU IB 220 14.40 -1.15 -133.67
C GLU IB 220 14.03 -2.52 -133.13
N LEU IB 221 14.48 -2.88 -131.93
CA LEU IB 221 14.14 -4.14 -131.31
C LEU IB 221 13.02 -4.01 -130.29
N ILE IB 222 12.48 -2.80 -130.09
CA ILE IB 222 11.38 -2.62 -129.14
C ILE IB 222 10.16 -3.42 -129.58
N SER IB 223 9.83 -3.37 -130.88
CA SER IB 223 8.68 -4.11 -131.36
C SER IB 223 8.93 -5.61 -131.31
N THR IB 224 10.16 -6.03 -131.61
CA THR IB 224 10.49 -7.45 -131.69
C THR IB 224 10.78 -8.08 -130.35
N ALA IB 225 10.90 -7.28 -129.28
CA ALA IB 225 11.18 -7.83 -127.96
C ALA IB 225 9.97 -8.59 -127.42
N LYS IB 226 10.25 -9.65 -126.69
CA LYS IB 226 9.24 -10.48 -126.04
C LYS IB 226 9.36 -10.34 -124.53
N VAL IB 227 8.46 -11.03 -123.82
CA VAL IB 227 8.42 -10.98 -122.36
C VAL IB 227 8.38 -12.41 -121.82
N THR IB 228 8.77 -12.54 -120.56
CA THR IB 228 8.78 -13.82 -119.88
C THR IB 228 8.59 -13.58 -118.39
N ASN IB 229 8.92 -14.58 -117.58
CA ASN IB 229 8.89 -14.47 -116.13
C ASN IB 229 10.24 -14.88 -115.57
N LYS IB 230 10.77 -14.06 -114.68
CA LYS IB 230 12.10 -14.29 -114.11
C LYS IB 230 12.06 -13.99 -112.62
N LYS IB 231 13.07 -14.49 -111.92
CA LYS IB 231 13.17 -14.29 -110.49
C LYS IB 231 14.64 -14.30 -110.08
N SER IB 232 14.96 -13.57 -109.02
CA SER IB 232 16.31 -13.51 -108.47
C SER IB 232 17.31 -13.02 -109.53
N LEU IB 233 17.08 -11.80 -109.99
CA LEU IB 233 17.92 -11.18 -111.01
C LEU IB 233 18.86 -10.20 -110.30
N ALA IB 234 20.06 -10.68 -109.97
CA ALA IB 234 21.02 -9.92 -109.20
C ALA IB 234 22.10 -9.33 -110.09
N PHE IB 235 22.53 -8.11 -109.77
CA PHE IB 235 23.61 -7.45 -110.47
C PHE IB 235 24.95 -7.80 -109.83
N THR IB 236 25.91 -8.21 -110.66
CA THR IB 236 27.24 -8.58 -110.20
C THR IB 236 28.29 -7.81 -111.00
N GLY IB 237 29.47 -7.64 -110.40
CA GLY IB 237 30.58 -6.97 -111.04
C GLY IB 237 30.75 -5.53 -110.65
N GLY IB 238 29.76 -4.92 -109.99
CA GLY IB 238 29.90 -3.54 -109.57
C GLY IB 238 30.97 -3.38 -108.52
N THR IB 239 31.91 -2.48 -108.77
CA THR IB 239 33.00 -2.22 -107.83
C THR IB 239 33.47 -0.79 -108.02
N ASN IB 240 33.41 0.00 -106.96
CA ASN IB 240 33.79 1.40 -107.03
C ASN IB 240 35.28 1.62 -106.85
N GLY IB 241 36.04 0.60 -106.44
CA GLY IB 241 37.44 0.79 -106.18
C GLY IB 241 37.67 1.54 -104.86
N ASP IB 242 38.88 2.08 -104.73
CA ASP IB 242 39.27 2.82 -103.53
C ASP IB 242 38.83 4.26 -103.70
N GLN IB 243 37.69 4.60 -103.07
CA GLN IB 243 37.18 5.97 -103.16
C GLN IB 243 38.08 6.97 -102.45
N SER IB 244 39.03 6.50 -101.65
CA SER IB 244 39.93 7.42 -100.94
C SER IB 244 40.80 8.20 -101.90
N LYS IB 245 41.28 7.56 -102.97
CA LYS IB 245 42.15 8.20 -103.95
C LYS IB 245 41.34 8.59 -105.18
N ILE IB 246 41.28 9.89 -105.47
CA ILE IB 246 40.58 10.40 -106.64
C ILE IB 246 41.46 11.45 -107.31
N SER IB 247 41.38 11.52 -108.63
CA SER IB 247 42.31 12.33 -109.42
C SER IB 247 42.05 13.81 -109.25
N THR IB 248 43.10 14.59 -109.52
CA THR IB 248 42.98 16.04 -109.52
C THR IB 248 42.03 16.51 -110.61
N ALA IB 249 42.07 15.86 -111.78
CA ALA IB 249 41.16 16.24 -112.85
C ALA IB 249 39.71 16.00 -112.45
N ALA IB 250 39.44 14.87 -111.79
CA ALA IB 250 38.10 14.63 -111.28
C ALA IB 250 37.72 15.66 -110.24
N TYR IB 251 38.66 16.04 -109.38
CA TYR IB 251 38.40 17.10 -108.41
C TYR IB 251 38.00 18.40 -109.11
N LEU IB 252 38.76 18.77 -110.14
CA LEU IB 252 38.47 19.99 -110.87
C LEU IB 252 37.12 19.91 -111.55
N ARG IB 253 36.80 18.76 -112.14
CA ARG IB 253 35.50 18.59 -112.78
C ARG IB 253 34.38 18.76 -111.78
N ALA IB 254 34.50 18.12 -110.61
CA ALA IB 254 33.44 18.20 -109.62
C ALA IB 254 33.27 19.62 -109.10
N VAL IB 255 34.38 20.31 -108.83
CA VAL IB 255 34.27 21.67 -108.31
C VAL IB 255 33.71 22.61 -109.37
N LYS IB 256 34.07 22.39 -110.63
CA LYS IB 256 33.49 23.19 -111.71
C LYS IB 256 31.99 22.93 -111.81
N VAL IB 257 31.58 21.67 -111.66
CA VAL IB 257 30.17 21.32 -111.74
C VAL IB 257 29.39 22.00 -110.62
N LEU IB 258 29.90 21.93 -109.40
CA LEU IB 258 29.19 22.55 -108.29
C LEU IB 258 29.19 24.06 -108.42
N ASN IB 259 30.25 24.64 -109.00
CA ASN IB 259 30.25 26.06 -109.30
C ASN IB 259 29.13 26.41 -110.25
N ASN IB 260 28.97 25.63 -111.32
CA ASN IB 260 27.91 25.89 -112.26
C ASN IB 260 26.53 25.55 -111.71
N ALA IB 261 26.47 24.81 -110.61
CA ALA IB 261 25.19 24.44 -110.03
C ALA IB 261 24.44 25.69 -109.57
N PRO IB 262 23.23 25.94 -110.07
CA PRO IB 262 22.50 27.19 -109.75
C PRO IB 262 21.55 27.04 -108.56
N TYR IB 263 22.12 26.76 -107.39
CA TYR IB 263 21.34 26.58 -106.17
C TYR IB 263 21.96 27.37 -105.04
N MET IB 264 21.22 27.47 -103.95
CA MET IB 264 21.71 28.22 -102.79
C MET IB 264 22.80 27.43 -102.07
N TYR IB 265 23.90 28.12 -101.77
CA TYR IB 265 24.88 27.63 -100.82
C TYR IB 265 25.71 28.81 -100.36
N THR IB 266 25.55 29.18 -99.10
CA THR IB 266 26.27 30.33 -98.56
C THR IB 266 27.65 29.95 -98.02
N ALA IB 267 28.00 28.66 -98.03
CA ALA IB 267 29.29 28.30 -97.49
C ALA IB 267 29.85 27.08 -98.20
N VAL IB 268 31.17 26.98 -98.16
CA VAL IB 268 31.92 25.85 -98.69
C VAL IB 268 32.79 25.31 -97.57
N LEU IB 269 32.86 23.99 -97.48
CA LEU IB 269 33.52 23.30 -96.38
C LEU IB 269 34.73 22.55 -96.92
N GLY IB 270 35.71 22.30 -96.06
CA GLY IB 270 36.80 21.44 -96.47
C GLY IB 270 36.32 20.05 -96.84
N LEU IB 271 35.49 19.47 -95.95
CA LEU IB 271 34.83 18.20 -96.20
C LEU IB 271 35.84 17.11 -96.57
N GLY IB 272 37.03 17.20 -95.98
CA GLY IB 272 38.07 16.21 -96.15
C GLY IB 272 38.98 16.40 -97.35
N CYS IB 273 38.71 17.36 -98.22
CA CYS IB 273 39.56 17.58 -99.38
C CYS IB 273 40.87 18.24 -98.96
N TYR IB 274 41.99 17.68 -99.43
CA TYR IB 274 43.30 18.23 -99.12
C TYR IB 274 44.16 18.46 -100.36
N ASP IB 275 43.61 18.27 -101.55
CA ASP IB 275 44.34 18.62 -102.75
C ASP IB 275 44.54 20.12 -102.81
N ASN IB 276 45.78 20.55 -103.01
CA ASN IB 276 46.07 21.98 -103.01
C ASN IB 276 45.36 22.69 -104.14
N ALA IB 277 45.38 22.11 -105.34
CA ALA IB 277 44.71 22.73 -106.47
C ALA IB 277 43.21 22.84 -106.27
N ALA IB 278 42.59 21.77 -105.75
CA ALA IB 278 41.16 21.81 -105.47
C ALA IB 278 40.84 22.86 -104.42
N ILE IB 279 41.67 22.94 -103.37
CA ILE IB 279 41.44 23.93 -102.32
C ILE IB 279 41.55 25.34 -102.88
N THR IB 280 42.55 25.58 -103.73
CA THR IB 280 42.70 26.90 -104.33
C THR IB 280 41.52 27.24 -105.22
N ALA IB 281 41.06 26.28 -106.02
CA ALA IB 281 39.89 26.52 -106.85
C ALA IB 281 38.67 26.84 -106.00
N LEU IB 282 38.53 26.14 -104.89
CA LEU IB 282 37.43 26.41 -103.96
C LEU IB 282 37.55 27.82 -103.40
N GLY IB 283 38.78 28.24 -103.07
CA GLY IB 283 38.97 29.60 -102.61
C GLY IB 283 38.55 30.62 -103.66
N LYS IB 284 38.96 30.37 -104.90
CA LYS IB 284 38.58 31.28 -105.98
C LYS IB 284 37.07 31.37 -106.13
N ILE IB 285 36.40 30.23 -106.13
CA ILE IB 285 34.96 30.23 -106.39
C ILE IB 285 34.21 30.84 -105.21
N CYS IB 286 34.62 30.55 -103.98
CA CYS IB 286 33.93 31.16 -102.86
C CYS IB 286 34.17 32.67 -102.82
N ALA IB 287 35.39 33.09 -103.19
CA ALA IB 287 35.68 34.52 -103.23
C ALA IB 287 34.82 35.22 -104.27
N ASP IB 288 34.73 34.66 -105.47
CA ASP IB 288 34.01 35.36 -106.53
C ASP IB 288 32.50 35.16 -106.44
N ARG IB 289 32.03 34.20 -105.64
CA ARG IB 289 30.61 34.03 -105.40
C ARG IB 289 30.16 34.62 -104.07
N LEU IB 290 31.08 35.19 -103.29
CA LEU IB 290 30.75 35.94 -102.08
C LEU IB 290 30.01 35.05 -101.08
N ILE IB 291 30.73 34.01 -100.64
CA ILE IB 291 30.25 33.07 -99.64
C ILE IB 291 31.40 32.79 -98.67
N ASP IB 292 31.10 32.06 -97.60
CA ASP IB 292 32.14 31.78 -96.61
C ASP IB 292 32.87 30.48 -96.95
N GLY IB 293 34.12 30.41 -96.52
CA GLY IB 293 34.97 29.26 -96.79
C GLY IB 293 35.52 28.67 -95.51
N PHE IB 294 35.57 27.35 -95.44
CA PHE IB 294 35.90 26.58 -94.25
C PHE IB 294 37.04 25.62 -94.53
N PHE IB 295 38.16 26.14 -95.02
CA PHE IB 295 39.28 25.29 -95.39
C PHE IB 295 39.97 24.71 -94.17
N ASP IB 296 40.57 23.53 -94.36
CA ASP IB 296 41.29 22.82 -93.31
C ASP IB 296 42.62 22.33 -93.84
N VAL IB 297 43.57 22.13 -92.93
CA VAL IB 297 44.89 21.62 -93.28
C VAL IB 297 44.98 20.18 -92.78
N LYS IB 298 46.00 19.48 -93.24
CA LYS IB 298 46.21 18.09 -92.86
C LYS IB 298 46.51 18.01 -91.38
N PRO IB 299 45.68 17.33 -90.58
CA PRO IB 299 45.98 17.21 -89.15
C PRO IB 299 47.27 16.44 -88.90
N THR IB 300 47.61 15.50 -89.78
CA THR IB 300 48.82 14.72 -89.61
C THR IB 300 50.05 15.62 -89.55
N LEU IB 301 50.02 16.73 -90.28
CA LEU IB 301 51.10 17.69 -90.22
C LEU IB 301 51.21 18.25 -88.81
N THR IB 302 52.42 18.26 -88.27
CA THR IB 302 52.60 18.82 -86.94
C THR IB 302 52.52 20.35 -86.99
N TYR IB 303 52.35 20.95 -85.81
CA TYR IB 303 52.22 22.39 -85.70
C TYR IB 303 53.44 23.13 -86.25
N ALA IB 304 54.61 22.50 -86.25
CA ALA IB 304 55.81 23.17 -86.75
C ALA IB 304 55.67 23.54 -88.21
N GLU IB 305 55.28 22.57 -89.05
CA GLU IB 305 55.11 22.79 -90.47
C GLU IB 305 53.68 23.20 -90.83
N ALA IB 306 52.76 23.21 -89.86
CA ALA IB 306 51.41 23.65 -90.14
C ALA IB 306 51.39 25.11 -90.55
N LEU IB 307 52.18 25.94 -89.88
CA LEU IB 307 52.21 27.36 -90.23
C LEU IB 307 52.67 27.61 -91.66
N PRO IB 308 53.77 27.04 -92.14
CA PRO IB 308 54.13 27.26 -93.55
C PRO IB 308 53.10 26.71 -94.52
N ALA IB 309 52.27 25.77 -94.09
CA ALA IB 309 51.36 25.10 -95.02
C ALA IB 309 50.40 26.07 -95.68
N VAL IB 310 50.08 27.18 -95.00
CA VAL IB 310 49.10 28.11 -95.57
C VAL IB 310 49.63 28.74 -96.86
N GLU IB 311 50.90 29.15 -96.86
CA GLU IB 311 51.47 29.66 -98.11
C GLU IB 311 51.97 28.54 -99.00
N ASP IB 312 52.20 27.35 -98.45
CA ASP IB 312 52.54 26.20 -99.29
C ASP IB 312 51.39 25.86 -100.22
N THR IB 313 50.17 25.88 -99.69
CA THR IB 313 48.99 25.68 -100.53
C THR IB 313 48.82 26.84 -101.50
N GLY IB 314 49.22 28.04 -101.11
CA GLY IB 314 49.04 29.23 -101.92
C GLY IB 314 47.83 30.06 -101.57
N LEU IB 315 47.15 29.77 -100.45
CA LEU IB 315 45.96 30.51 -100.08
C LEU IB 315 46.26 31.90 -99.56
N LEU IB 316 47.53 32.24 -99.37
CA LEU IB 316 47.89 33.59 -98.97
C LEU IB 316 47.47 34.57 -100.05
N GLY IB 317 46.82 35.66 -99.64
CA GLY IB 317 46.40 36.68 -100.57
C GLY IB 317 45.19 37.44 -100.04
N THR IB 318 44.89 38.55 -100.71
CA THR IB 318 43.76 39.38 -100.34
C THR IB 318 42.44 38.90 -100.93
N ASP IB 319 42.49 38.20 -102.07
CA ASP IB 319 41.27 37.67 -102.65
C ASP IB 319 40.62 36.66 -101.73
N TYR IB 320 41.43 35.79 -101.12
CA TYR IB 320 40.94 34.79 -100.17
C TYR IB 320 40.75 35.43 -98.79
N VAL IB 321 39.85 36.40 -98.75
CA VAL IB 321 39.56 37.13 -97.52
C VAL IB 321 38.39 36.51 -96.78
N SER IB 322 37.38 36.02 -97.50
CA SER IB 322 36.18 35.51 -96.86
C SER IB 322 36.42 34.18 -96.16
N CYS IB 323 37.33 33.36 -96.69
CA CYS IB 323 37.53 32.03 -96.17
C CYS IB 323 38.37 32.05 -94.90
N SER IB 324 38.36 30.93 -94.18
CA SER IB 324 39.19 30.73 -93.01
C SER IB 324 39.77 29.33 -93.05
N VAL IB 325 41.04 29.21 -92.68
CA VAL IB 325 41.77 27.94 -92.69
C VAL IB 325 41.96 27.47 -91.27
N TYR IB 326 41.77 26.17 -91.05
CA TYR IB 326 41.77 25.54 -89.76
C TYR IB 326 42.81 24.44 -89.65
N HIS IB 327 43.15 24.10 -88.40
CA HIS IB 327 44.00 22.96 -88.05
C HIS IB 327 43.51 22.32 -86.77
N TYR IB 328 43.61 21.00 -86.69
CA TYR IB 328 43.19 20.24 -85.51
C TYR IB 328 44.15 19.08 -85.27
N PRO IB 329 45.10 19.27 -84.38
CA PRO IB 329 46.05 18.19 -84.04
C PRO IB 329 45.57 17.35 -82.86
N PHE IB 330 44.36 16.80 -82.98
CA PHE IB 330 43.76 16.04 -81.89
C PHE IB 330 43.10 14.80 -82.43
N SER IB 331 42.95 13.80 -81.56
CA SER IB 331 42.28 12.56 -81.90
C SER IB 331 41.16 12.29 -80.91
N CYS IB 332 40.03 11.81 -81.41
CA CYS IB 332 38.84 11.57 -80.61
C CYS IB 332 38.39 10.12 -80.77
N LYS IB 333 37.32 9.78 -80.08
CA LYS IB 333 36.74 8.45 -80.15
C LYS IB 333 35.63 8.40 -81.18
N ASP IB 334 35.63 7.34 -81.98
CA ASP IB 334 34.72 7.23 -83.11
C ASP IB 334 33.27 7.14 -82.67
N LYS IB 335 32.40 7.72 -83.48
CA LYS IB 335 30.96 7.58 -83.28
C LYS IB 335 30.51 6.14 -83.48
N TRP IB 336 31.09 5.44 -84.45
CA TRP IB 336 30.61 4.13 -84.85
C TRP IB 336 31.60 3.02 -84.54
N THR IB 337 32.84 3.15 -85.01
CA THR IB 337 33.82 2.08 -84.85
C THR IB 337 34.49 2.09 -83.49
N GLN IB 338 34.30 3.16 -82.70
CA GLN IB 338 34.87 3.27 -81.35
C GLN IB 338 36.38 3.09 -81.37
N SER IB 339 37.03 3.75 -82.31
CA SER IB 339 38.49 3.76 -82.44
C SER IB 339 38.97 5.20 -82.29
N ARG IB 340 40.26 5.41 -82.56
CA ARG IB 340 40.85 6.74 -82.52
C ARG IB 340 40.78 7.34 -83.92
N VAL IB 341 40.01 8.40 -84.07
CA VAL IB 341 39.77 9.02 -85.37
C VAL IB 341 40.09 10.50 -85.29
N VAL IB 342 40.46 11.07 -86.44
CA VAL IB 342 40.87 12.46 -86.54
C VAL IB 342 40.13 13.11 -87.68
N PHE IB 343 39.54 14.28 -87.43
CA PHE IB 343 38.95 15.10 -88.48
C PHE IB 343 38.73 16.50 -87.92
N GLY IB 344 38.60 17.46 -88.85
CA GLY IB 344 38.63 18.86 -88.49
C GLY IB 344 37.33 19.36 -87.90
N LEU IB 345 37.37 20.63 -87.46
CA LEU IB 345 36.23 21.29 -86.84
C LEU IB 345 35.62 22.37 -87.73
N SER IB 346 35.97 22.41 -89.01
CA SER IB 346 35.30 23.33 -89.92
C SER IB 346 33.80 23.06 -89.95
N GLY IB 347 33.40 21.80 -89.81
CA GLY IB 347 31.98 21.48 -89.79
C GLY IB 347 31.26 22.06 -88.59
N VAL IB 348 31.85 21.92 -87.40
CA VAL IB 348 31.18 22.47 -86.22
C VAL IB 348 31.24 23.98 -86.24
N ALA IB 349 32.28 24.56 -86.84
CA ALA IB 349 32.31 26.00 -87.03
C ALA IB 349 31.16 26.45 -87.92
N TYR IB 350 30.91 25.72 -89.00
CA TYR IB 350 29.75 26.00 -89.82
C TYR IB 350 28.46 25.86 -89.04
N ALA IB 351 28.36 24.81 -88.22
CA ALA IB 351 27.12 24.58 -87.46
C ALA IB 351 26.87 25.71 -86.47
N ALA IB 352 27.93 26.19 -85.81
CA ALA IB 352 27.79 27.32 -84.91
C ALA IB 352 27.35 28.56 -85.68
N LYS IB 353 27.93 28.78 -86.85
CA LYS IB 353 27.50 29.92 -87.66
C LYS IB 353 26.04 29.78 -88.06
N ALA IB 354 25.63 28.56 -88.42
CA ALA IB 354 24.25 28.33 -88.81
C ALA IB 354 23.31 28.60 -87.65
N ARG IB 355 23.67 28.14 -86.45
CA ARG IB 355 22.84 28.42 -85.28
C ARG IB 355 22.75 29.91 -85.03
N GLY IB 356 23.89 30.60 -85.11
CA GLY IB 356 23.89 32.04 -84.87
C GLY IB 356 23.10 32.81 -85.91
N VAL IB 357 23.11 32.35 -87.16
CA VAL IB 357 22.37 33.07 -88.18
C VAL IB 357 20.89 32.74 -88.10
N LYS IB 358 20.56 31.52 -87.66
CA LYS IB 358 19.15 31.14 -87.61
C LYS IB 358 18.45 31.66 -86.38
N LYS IB 359 19.20 31.95 -85.31
CA LYS IB 359 18.57 32.43 -84.08
C LYS IB 359 17.85 33.75 -84.29
N ASN IB 360 18.23 34.51 -85.31
CA ASN IB 360 17.50 35.70 -85.72
C ASN IB 360 16.87 35.45 -87.09
N SER IB 361 15.69 36.03 -87.30
CA SER IB 361 14.95 35.80 -88.54
C SER IB 361 14.96 36.99 -89.48
N ASP IB 362 15.04 38.21 -88.96
CA ASP IB 362 14.91 39.38 -89.83
C ASP IB 362 16.21 39.69 -90.53
N VAL IB 363 17.30 39.81 -89.78
CA VAL IB 363 18.60 40.15 -90.36
C VAL IB 363 19.63 39.05 -90.21
N GLY IB 364 19.41 38.10 -89.29
CA GLY IB 364 20.34 37.00 -89.12
C GLY IB 364 21.50 37.35 -88.20
N GLY IB 365 22.36 36.35 -88.02
CA GLY IB 365 23.43 36.46 -87.05
C GLY IB 365 24.83 36.54 -87.64
N TRP IB 366 24.96 37.18 -88.80
CA TRP IB 366 26.29 37.44 -89.35
C TRP IB 366 27.11 38.37 -88.48
N HIS IB 367 26.49 39.10 -87.55
CA HIS IB 367 27.26 39.91 -86.62
C HIS IB 367 28.01 39.06 -85.62
N TYR IB 368 27.43 37.94 -85.20
CA TYR IB 368 28.10 37.08 -84.24
C TYR IB 368 29.13 36.19 -84.92
N SER IB 369 29.98 35.59 -84.10
CA SER IB 369 31.08 34.75 -84.52
C SER IB 369 30.84 33.32 -84.05
N PRO IB 370 31.34 32.34 -84.77
CA PRO IB 370 31.25 30.94 -84.35
C PRO IB 370 32.36 30.54 -83.40
N ALA IB 371 32.53 31.32 -82.32
CA ALA IB 371 33.62 31.14 -81.39
C ALA IB 371 33.09 31.10 -79.97
N GLY IB 372 33.80 30.37 -79.12
CA GLY IB 372 33.44 30.26 -77.73
C GLY IB 372 32.43 29.16 -77.46
N GLU IB 373 32.39 28.72 -76.20
CA GLU IB 373 31.46 27.68 -75.79
C GLU IB 373 30.01 28.14 -75.83
N GLU IB 374 29.77 29.45 -75.90
CA GLU IB 374 28.40 29.92 -76.02
C GLU IB 374 27.77 29.47 -77.32
N ARG IB 375 28.55 29.41 -78.39
CA ARG IB 375 28.07 29.01 -79.70
C ARG IB 375 28.80 27.79 -80.24
N ALA IB 376 30.13 27.78 -80.17
CA ALA IB 376 30.94 26.76 -80.80
C ALA IB 376 31.29 25.68 -79.78
N VAL IB 377 30.62 24.54 -79.87
CA VAL IB 377 30.86 23.39 -79.00
C VAL IB 377 30.85 22.13 -79.85
N ILE IB 378 31.87 21.28 -79.67
CA ILE IB 378 31.88 19.99 -80.35
C ILE IB 378 32.02 18.85 -79.34
N ALA IB 379 33.12 18.84 -78.57
CA ALA IB 379 33.38 17.84 -77.53
C ALA IB 379 33.02 16.43 -78.00
N ARG IB 380 33.71 15.97 -79.03
CA ARG IB 380 33.38 14.69 -79.63
C ARG IB 380 33.51 13.55 -78.63
N ALA IB 381 34.76 13.22 -78.25
CA ALA IB 381 35.01 12.25 -77.20
C ALA IB 381 36.51 12.18 -76.88
N SER IB 382 36.86 12.20 -75.60
CA SER IB 382 38.22 11.93 -75.12
C SER IB 382 39.27 12.61 -75.99
N ILE IB 383 39.18 13.94 -76.05
CA ILE IB 383 40.06 14.70 -76.93
C ILE IB 383 41.48 14.69 -76.37
N GLN IB 384 42.44 14.29 -77.20
CA GLN IB 384 43.84 14.36 -76.84
C GLN IB 384 44.64 14.75 -78.06
N PRO IB 385 45.76 15.45 -77.87
CA PRO IB 385 46.58 15.85 -79.02
C PRO IB 385 47.22 14.66 -79.69
N LEU IB 386 47.44 14.80 -80.99
CA LEU IB 386 48.22 13.79 -81.70
C LEU IB 386 49.66 13.75 -81.21
N TYR IB 387 50.28 14.91 -81.03
CA TYR IB 387 51.68 15.00 -80.65
C TYR IB 387 51.81 15.94 -79.46
N PRO IB 388 52.29 15.47 -78.31
CA PRO IB 388 52.40 16.35 -77.13
C PRO IB 388 53.66 17.19 -77.11
N GLU IB 389 54.60 16.95 -78.01
CA GLU IB 389 55.87 17.66 -77.94
C GLU IB 389 55.74 19.12 -78.40
N ASP IB 390 54.97 19.36 -79.45
CA ASP IB 390 54.89 20.69 -80.02
C ASP IB 390 53.83 21.53 -79.29
N THR IB 391 54.08 22.83 -79.27
CA THR IB 391 53.22 23.80 -78.61
C THR IB 391 52.86 24.91 -79.57
N PRO IB 392 51.68 25.50 -79.44
CA PRO IB 392 51.30 26.61 -80.32
C PRO IB 392 52.02 27.89 -79.93
N ASP IB 393 51.99 28.85 -80.86
CA ASP IB 393 52.62 30.14 -80.64
C ASP IB 393 51.69 31.24 -81.12
N GLU IB 394 51.27 32.11 -80.19
CA GLU IB 394 50.29 33.14 -80.49
C GLU IB 394 50.70 33.96 -81.70
N GLU IB 395 51.94 34.44 -81.71
CA GLU IB 395 52.40 35.25 -82.84
C GLU IB 395 52.37 34.43 -84.13
N ALA IB 396 52.71 33.14 -84.03
CA ALA IB 396 52.68 32.29 -85.22
C ALA IB 396 51.28 32.19 -85.79
N MET IB 397 50.28 31.90 -84.94
CA MET IB 397 48.92 31.80 -85.45
C MET IB 397 48.44 33.13 -86.00
N VAL IB 398 48.74 34.23 -85.31
CA VAL IB 398 48.19 35.50 -85.76
C VAL IB 398 48.84 35.92 -87.07
N LYS IB 399 50.11 35.59 -87.29
CA LYS IB 399 50.74 35.91 -88.56
C LYS IB 399 50.21 35.01 -89.66
N GLY IB 400 50.07 33.72 -89.39
CA GLY IB 400 49.63 32.77 -90.38
C GLY IB 400 48.13 32.66 -90.52
N ARG IB 401 47.37 33.50 -89.83
CA ARG IB 401 45.91 33.52 -89.92
C ARG IB 401 45.31 32.16 -89.57
N LEU IB 402 45.91 31.48 -88.60
CA LEU IB 402 45.44 30.17 -88.18
C LEU IB 402 44.63 30.30 -86.90
N ASN IB 403 43.59 29.47 -86.79
CA ASN IB 403 42.66 29.53 -85.68
C ASN IB 403 43.05 28.48 -84.64
N LYS IB 404 43.27 28.91 -83.41
CA LYS IB 404 43.65 28.02 -82.33
C LYS IB 404 42.41 27.54 -81.58
N VAL IB 405 42.55 26.40 -80.91
CA VAL IB 405 41.44 25.72 -80.27
C VAL IB 405 41.46 26.02 -78.77
N SER IB 406 40.40 25.61 -78.08
CA SER IB 406 40.37 25.73 -76.62
C SER IB 406 39.31 24.77 -76.07
N VAL IB 407 39.04 24.91 -74.78
CA VAL IB 407 37.99 24.17 -74.09
C VAL IB 407 37.12 25.21 -73.39
N GLY IB 408 35.87 24.84 -73.14
CA GLY IB 408 34.94 25.71 -72.46
C GLY IB 408 35.01 25.57 -70.95
N THR IB 409 34.28 26.46 -70.29
CA THR IB 409 34.27 26.47 -68.83
C THR IB 409 33.66 25.19 -68.28
N SER IB 410 32.73 24.60 -69.00
CA SER IB 410 32.14 23.32 -68.63
C SER IB 410 32.97 22.13 -69.08
N GLY IB 411 33.99 22.34 -69.90
CA GLY IB 411 34.88 21.27 -70.31
C GLY IB 411 34.64 20.70 -71.68
N GLN IB 412 33.97 21.42 -72.57
CA GLN IB 412 33.67 20.93 -73.91
C GLN IB 412 34.66 21.52 -74.91
N MET IB 413 34.99 20.74 -75.93
CA MET IB 413 35.99 21.17 -76.90
C MET IB 413 35.40 22.29 -77.77
N ILE IB 414 36.10 23.41 -77.87
CA ILE IB 414 35.58 24.60 -78.53
C ILE IB 414 36.65 25.20 -79.44
N ILE IB 415 36.20 26.08 -80.31
CA ILE IB 415 37.08 26.93 -81.12
C ILE IB 415 36.90 28.35 -80.60
N ASP IB 416 37.96 28.92 -80.06
CA ASP IB 416 37.94 30.29 -79.57
C ASP IB 416 38.56 31.25 -80.57
N ASP IB 417 38.11 31.24 -81.82
CA ASP IB 417 38.70 32.11 -82.82
C ASP IB 417 37.65 32.54 -83.84
N ALA IB 418 37.90 33.71 -84.42
CA ALA IB 418 37.02 34.29 -85.44
C ALA IB 418 37.86 34.92 -86.54
N LEU IB 419 38.97 34.27 -86.89
CA LEU IB 419 39.94 34.83 -87.81
C LEU IB 419 39.80 34.17 -89.17
N THR IB 420 39.73 34.99 -90.21
CA THR IB 420 39.60 34.52 -91.58
C THR IB 420 40.99 34.39 -92.21
N CYS IB 421 41.02 34.16 -93.53
CA CYS IB 421 42.27 34.09 -94.27
C CYS IB 421 42.69 35.45 -94.81
N CYS IB 422 42.16 36.53 -94.25
CA CYS IB 422 42.54 37.87 -94.67
C CYS IB 422 43.96 38.14 -94.22
N THR IB 423 44.92 37.94 -95.13
CA THR IB 423 46.32 38.05 -94.77
C THR IB 423 46.67 39.44 -94.30
N GLN IB 424 46.17 40.46 -94.99
CA GLN IB 424 46.41 41.84 -94.58
C GLN IB 424 45.75 42.09 -93.22
N ASP IB 425 46.43 42.90 -92.40
CA ASP IB 425 46.05 43.08 -91.00
C ASP IB 425 45.01 44.18 -90.82
N ASN IB 426 44.27 44.51 -91.86
CA ASN IB 426 43.23 45.53 -91.77
C ASN IB 426 42.02 44.96 -91.03
N TYR IB 427 40.94 45.73 -90.97
CA TYR IB 427 39.75 45.29 -90.25
C TYR IB 427 39.09 44.09 -90.90
N LEU IB 428 39.44 43.75 -92.14
CA LEU IB 428 38.82 42.62 -92.81
C LEU IB 428 39.29 41.28 -92.27
N HIS IB 429 40.33 41.26 -91.43
CA HIS IB 429 40.79 40.01 -90.83
C HIS IB 429 39.77 39.41 -89.88
N PHE IB 430 38.76 40.17 -89.47
CA PHE IB 430 37.71 39.66 -88.62
C PHE IB 430 36.77 38.76 -89.43
N GLN IB 431 35.73 38.26 -88.76
CA GLN IB 431 34.72 37.44 -89.41
C GLN IB 431 33.39 38.16 -89.59
N HIS IB 432 33.03 39.05 -88.67
CA HIS IB 432 31.76 39.75 -88.79
C HIS IB 432 31.79 40.75 -89.94
N VAL IB 433 32.93 41.38 -90.18
CA VAL IB 433 33.05 42.32 -91.29
C VAL IB 433 32.80 41.63 -92.63
N PRO IB 434 33.53 40.56 -92.99
CA PRO IB 434 33.23 39.90 -94.28
C PRO IB 434 31.79 39.45 -94.37
N SER IB 435 31.27 38.87 -93.29
CA SER IB 435 29.89 38.41 -93.30
C SER IB 435 28.94 39.59 -93.49
N LEU IB 436 29.23 40.72 -92.84
CA LEU IB 436 28.28 41.82 -92.92
C LEU IB 436 28.22 42.38 -94.33
N MET IB 437 29.37 42.62 -94.97
CA MET IB 437 29.14 43.19 -96.30
C MET IB 437 28.72 42.13 -97.30
N ASN IB 438 29.02 40.85 -97.07
CA ASN IB 438 28.46 39.82 -97.92
C ASN IB 438 26.95 39.80 -97.83
N ALA IB 439 26.42 39.91 -96.62
CA ALA IB 439 24.97 39.96 -96.45
C ALA IB 439 24.38 41.18 -97.12
N ILE IB 440 24.95 42.37 -96.87
CA ILE IB 440 24.36 43.57 -97.43
C ILE IB 440 24.45 43.54 -98.95
N SER IB 441 25.53 42.99 -99.49
CA SER IB 441 25.64 42.83 -100.93
C SER IB 441 24.57 41.89 -101.45
N ARG IB 442 24.26 40.84 -100.71
CA ARG IB 442 23.15 39.97 -101.09
C ARG IB 442 21.84 40.76 -101.12
N PHE IB 443 21.65 41.65 -100.15
CA PHE IB 443 20.47 42.52 -100.19
C PHE IB 443 20.46 43.37 -101.44
N PHE IB 444 21.60 43.96 -101.79
CA PHE IB 444 21.71 44.64 -103.08
C PHE IB 444 21.37 43.70 -104.22
N VAL IB 445 21.67 42.42 -104.08
CA VAL IB 445 21.39 41.46 -105.15
C VAL IB 445 19.90 41.38 -105.40
N GLN IB 446 19.11 41.17 -104.33
CA GLN IB 446 17.68 41.07 -104.62
C GLN IB 446 17.09 42.42 -104.96
N LEU IB 447 17.65 43.51 -104.45
CA LEU IB 447 17.09 44.81 -104.79
C LEU IB 447 17.34 45.14 -106.25
N ALA IB 448 18.53 44.81 -106.75
CA ALA IB 448 18.77 44.91 -108.18
C ALA IB 448 17.83 43.98 -108.94
N ARG IB 449 17.75 42.72 -108.52
CA ARG IB 449 16.77 41.78 -109.06
C ARG IB 449 15.44 42.45 -109.32
N GLN IB 450 14.88 43.08 -108.29
CA GLN IB 450 13.57 43.68 -108.44
C GLN IB 450 13.58 44.96 -109.26
N MET IB 451 14.66 45.74 -109.25
CA MET IB 451 14.62 47.00 -109.98
C MET IB 451 15.12 46.90 -111.42
N LYS IB 452 15.60 45.74 -111.85
CA LYS IB 452 16.16 45.61 -113.18
C LYS IB 452 15.09 45.83 -114.24
N HIS IB 453 15.51 46.30 -115.42
CA HIS IB 453 14.67 46.44 -116.59
C HIS IB 453 13.51 47.40 -116.34
N SER IB 454 13.45 47.96 -115.15
CA SER IB 454 12.33 48.78 -114.73
C SER IB 454 12.44 50.18 -115.35
N PRO IB 455 11.33 50.75 -115.79
CA PRO IB 455 11.36 52.12 -116.32
C PRO IB 455 11.84 53.10 -115.26
N ASP IB 456 12.62 54.08 -115.71
CA ASP IB 456 13.26 55.03 -114.82
C ASP IB 456 12.25 56.01 -114.25
N GLY IB 457 12.73 56.81 -113.29
CA GLY IB 457 11.96 57.90 -112.75
C GLY IB 457 11.65 57.80 -111.27
N ILE IB 458 11.31 56.59 -110.81
CA ILE IB 458 10.87 56.41 -109.44
C ILE IB 458 11.66 55.28 -108.81
N THR IB 459 12.30 54.47 -109.66
CA THR IB 459 13.04 53.31 -109.16
C THR IB 459 14.17 53.77 -108.24
N ALA IB 460 14.87 54.83 -108.61
CA ALA IB 460 15.93 55.34 -107.75
C ALA IB 460 15.39 55.69 -106.37
N ALA IB 461 14.26 56.38 -106.31
CA ALA IB 461 13.69 56.76 -105.04
C ALA IB 461 13.26 55.54 -104.22
N GLY IB 462 12.62 54.56 -104.87
CA GLY IB 462 12.22 53.37 -104.16
C GLY IB 462 13.42 52.63 -103.58
N LEU IB 463 14.49 52.52 -104.35
CA LEU IB 463 15.72 51.94 -103.82
C LEU IB 463 16.28 52.76 -102.67
N THR IB 464 16.15 54.10 -102.74
CA THR IB 464 16.63 54.92 -101.63
C THR IB 464 15.90 54.54 -100.35
N LYS IB 465 14.57 54.53 -100.37
CA LYS IB 465 13.84 54.16 -99.16
C LYS IB 465 14.13 52.73 -98.72
N GLY IB 466 14.25 51.80 -99.67
CA GLY IB 466 14.60 50.45 -99.29
C GLY IB 466 15.91 50.39 -98.55
N MET IB 467 16.93 51.07 -99.09
CA MET IB 467 18.23 51.08 -98.46
C MET IB 467 18.16 51.68 -97.06
N THR IB 468 17.49 52.82 -96.93
CA THR IB 468 17.41 53.46 -95.62
C THR IB 468 16.73 52.55 -94.61
N LYS IB 469 15.60 51.95 -94.98
CA LYS IB 469 14.89 51.13 -94.01
C LYS IB 469 15.70 49.89 -93.63
N LEU IB 470 16.43 49.30 -94.58
CA LEU IB 470 17.16 48.09 -94.23
C LEU IB 470 18.39 48.42 -93.39
N LEU IB 471 19.09 49.53 -93.69
CA LEU IB 471 20.13 49.98 -92.78
C LEU IB 471 19.57 50.32 -91.41
N ASP IB 472 18.35 50.87 -91.36
CA ASP IB 472 17.75 51.19 -90.08
C ASP IB 472 17.50 49.93 -89.27
N ARG IB 473 17.01 48.88 -89.90
CA ARG IB 473 16.83 47.65 -89.14
C ARG IB 473 18.18 47.02 -88.79
N PHE IB 474 19.19 47.24 -89.62
CA PHE IB 474 20.54 46.80 -89.27
C PHE IB 474 21.03 47.45 -87.99
N VAL IB 475 20.94 48.79 -87.92
CA VAL IB 475 21.43 49.48 -86.73
C VAL IB 475 20.56 49.14 -85.52
N ALA IB 476 19.26 48.94 -85.74
CA ALA IB 476 18.39 48.50 -84.65
C ALA IB 476 18.83 47.15 -84.12
N SER IB 477 19.19 46.24 -85.03
CA SER IB 477 19.79 44.98 -84.61
C SER IB 477 21.15 45.18 -83.97
N GLY IB 478 21.77 46.33 -84.21
CA GLY IB 478 23.10 46.58 -83.69
C GLY IB 478 24.21 46.08 -84.58
N ALA IB 479 23.88 45.44 -85.70
CA ALA IB 479 24.91 45.00 -86.63
C ALA IB 479 25.69 46.18 -87.19
N LEU IB 480 25.12 47.38 -87.15
CA LEU IB 480 25.79 48.60 -87.53
C LEU IB 480 25.71 49.59 -86.38
N VAL IB 481 26.82 50.30 -86.14
CA VAL IB 481 26.91 51.23 -85.03
C VAL IB 481 27.40 52.58 -85.53
N ALA IB 482 27.11 53.61 -84.73
CA ALA IB 482 27.56 54.95 -85.06
C ALA IB 482 29.08 55.06 -84.90
N PRO IB 483 29.71 55.93 -85.68
CA PRO IB 483 31.17 56.06 -85.60
C PRO IB 483 31.63 56.55 -84.24
N ARG IB 484 32.80 56.06 -83.82
CA ARG IB 484 33.36 56.45 -82.54
C ARG IB 484 33.99 57.83 -82.56
N ASP IB 485 34.37 58.33 -83.74
CA ASP IB 485 34.96 59.65 -83.84
C ASP IB 485 33.99 60.62 -84.48
N PRO IB 486 33.41 61.54 -83.73
CA PRO IB 486 32.49 62.52 -84.34
C PRO IB 486 33.20 63.54 -85.20
N ASP IB 487 34.46 63.85 -84.92
CA ASP IB 487 35.15 64.91 -85.66
C ASP IB 487 35.27 64.56 -87.14
N ALA IB 488 35.83 63.38 -87.44
CA ALA IB 488 36.09 62.98 -88.81
C ALA IB 488 34.99 62.06 -89.34
N ASP IB 489 34.76 60.94 -88.66
CA ASP IB 489 33.77 59.97 -89.11
C ASP IB 489 32.35 60.38 -88.75
N GLY IB 490 32.17 61.44 -87.97
CA GLY IB 490 30.84 61.83 -87.58
C GLY IB 490 30.25 60.87 -86.56
N THR IB 491 28.93 60.98 -86.40
CA THR IB 491 28.19 60.10 -85.51
C THR IB 491 26.91 59.64 -86.21
N GLU IB 492 27.07 59.20 -87.47
CA GLU IB 492 25.96 58.74 -88.26
C GLU IB 492 26.38 57.39 -88.83
N PRO IB 493 25.59 56.35 -88.67
CA PRO IB 493 26.03 55.01 -89.04
C PRO IB 493 26.22 54.80 -90.54
N TYR IB 494 25.24 55.18 -91.35
CA TYR IB 494 25.24 54.82 -92.77
C TYR IB 494 24.93 56.03 -93.62
N VAL IB 495 25.76 56.26 -94.63
CA VAL IB 495 25.53 57.33 -95.59
C VAL IB 495 25.30 56.71 -96.95
N LEU IB 496 24.29 57.22 -97.66
CA LEU IB 496 23.90 56.73 -98.96
C LEU IB 496 23.94 57.87 -99.97
N LYS IB 497 24.27 57.53 -101.21
CA LYS IB 497 24.20 58.51 -102.29
C LYS IB 497 23.89 57.79 -103.59
N VAL IB 498 23.02 58.40 -104.38
CA VAL IB 498 22.64 57.86 -105.68
C VAL IB 498 22.77 58.97 -106.72
N THR IB 499 23.39 58.65 -107.84
CA THR IB 499 23.58 59.60 -108.94
C THR IB 499 23.22 58.93 -110.24
N GLN IB 500 22.91 59.75 -111.24
CA GLN IB 500 22.62 59.30 -112.59
C GLN IB 500 23.44 60.14 -113.57
N ALA IB 501 23.83 59.53 -114.68
CA ALA IB 501 24.61 60.24 -115.69
C ALA IB 501 23.88 60.35 -117.02
N GLU IB 502 23.40 59.25 -117.58
CA GLU IB 502 22.73 59.27 -118.87
C GLU IB 502 21.69 58.16 -118.89
N PHE IB 503 21.23 57.80 -120.10
CA PHE IB 503 20.40 56.62 -120.32
C PHE IB 503 20.87 55.45 -119.48
N ASP IB 504 22.17 55.31 -119.32
CA ASP IB 504 22.77 54.36 -118.41
C ASP IB 504 23.71 55.10 -117.47
N LYS IB 505 24.51 54.33 -116.73
CA LYS IB 505 25.54 54.87 -115.83
C LYS IB 505 24.91 55.74 -114.73
N TRP IB 506 24.12 55.07 -113.90
CA TRP IB 506 23.80 55.56 -112.58
C TRP IB 506 24.54 54.72 -111.56
N GLU IB 507 24.86 55.34 -110.42
CA GLU IB 507 25.66 54.69 -109.39
C GLU IB 507 25.04 54.90 -108.02
N VAL IB 508 25.12 53.88 -107.19
CA VAL IB 508 24.74 53.95 -105.78
C VAL IB 508 25.99 53.64 -104.96
N VAL IB 509 26.24 54.47 -103.96
CA VAL IB 509 27.38 54.31 -103.06
C VAL IB 509 26.86 54.40 -101.63
N TRP IB 510 27.45 53.58 -100.76
CA TRP IB 510 27.06 53.53 -99.36
C TRP IB 510 28.30 53.32 -98.51
N ALA IB 511 28.32 53.98 -97.36
CA ALA IB 511 29.40 53.80 -96.40
C ALA IB 511 28.82 53.60 -95.01
N CYS IB 512 29.40 52.68 -94.26
CA CYS IB 512 28.96 52.44 -92.90
C CYS IB 512 30.20 52.21 -92.01
N CYS IB 513 29.97 51.74 -90.79
CA CYS IB 513 30.93 51.81 -89.71
C CYS IB 513 31.19 50.44 -89.10
N PRO IB 514 32.43 50.16 -88.71
CA PRO IB 514 32.73 48.89 -88.05
C PRO IB 514 32.15 48.84 -86.64
N THR IB 515 31.94 47.61 -86.17
CA THR IB 515 31.36 47.35 -84.85
C THR IB 515 32.31 46.47 -84.04
N GLY IB 516 32.41 46.77 -82.74
CA GLY IB 516 33.31 46.01 -81.89
C GLY IB 516 32.75 44.65 -81.51
N VAL IB 517 33.66 43.72 -81.23
CA VAL IB 517 33.30 42.37 -80.84
C VAL IB 517 34.03 42.02 -79.55
N ALA IB 518 34.99 42.88 -79.16
CA ALA IB 518 35.79 42.70 -77.95
C ALA IB 518 36.54 41.36 -77.97
N ARG IB 519 37.46 41.25 -78.92
CA ARG IB 519 38.24 40.04 -79.06
C ARG IB 519 39.24 39.89 -77.91
N ARG IB 520 40.16 40.83 -77.79
CA ARG IB 520 41.27 40.74 -76.84
C ARG IB 520 40.93 41.55 -75.59
N ILE IB 521 40.98 40.90 -74.44
CA ILE IB 521 40.70 41.53 -73.16
C ILE IB 521 41.73 41.06 -72.15
N GLN IB 522 42.36 42.00 -71.45
CA GLN IB 522 43.39 41.70 -70.46
C GLN IB 522 42.99 42.25 -69.12
N GLY IB 523 43.26 41.49 -68.06
CA GLY IB 523 42.92 41.88 -66.70
C GLY IB 523 44.15 42.03 -65.85
N VAL IB 524 44.07 42.94 -64.88
CA VAL IB 524 45.22 43.23 -64.01
C VAL IB 524 44.83 43.15 -62.55
N PRO IB 525 45.65 42.50 -61.72
CA PRO IB 525 45.37 42.43 -60.29
C PRO IB 525 46.06 43.55 -59.51
N LEU IB 526 45.64 43.69 -58.26
CA LEU IB 526 46.27 44.65 -57.36
C LEU IB 526 45.93 44.26 -55.93
N LEU IB 527 46.84 44.56 -55.02
CA LEU IB 527 46.61 44.39 -53.59
C LEU IB 527 46.20 45.73 -53.00
N ILE IB 528 45.12 45.72 -52.22
CA ILE IB 528 44.67 46.95 -51.57
C ILE IB 528 45.58 47.36 -50.44
N LYS IB 529 46.52 46.49 -50.04
CA LYS IB 529 47.48 46.76 -48.98
C LYS IB 529 46.76 46.86 -47.63
N SER JB 2 50.62 24.48 -73.48
CA SER JB 2 49.28 24.18 -73.97
C SER JB 2 48.40 25.43 -74.01
N GLN JB 3 47.14 25.23 -74.39
CA GLN JB 3 46.21 26.34 -74.48
C GLN JB 3 45.94 26.96 -73.11
N TYR JB 4 46.10 26.18 -72.04
CA TYR JB 4 45.83 26.68 -70.70
C TYR JB 4 46.87 27.69 -70.24
N SER JB 5 47.95 27.86 -71.00
CA SER JB 5 49.03 28.73 -70.58
C SER JB 5 48.54 30.17 -70.43
N ILE JB 6 49.06 30.85 -69.42
CA ILE JB 6 48.68 32.22 -69.11
C ILE JB 6 49.86 33.12 -69.43
N GLN JB 7 49.66 34.08 -70.32
CA GLN JB 7 50.71 35.02 -70.65
C GLN JB 7 50.56 36.29 -69.80
N GLN JB 8 51.50 37.22 -69.96
CA GLN JB 8 51.46 38.45 -69.19
C GLN JB 8 50.39 39.41 -69.70
N SER JB 9 50.21 39.49 -71.01
CA SER JB 9 49.24 40.41 -71.59
C SER JB 9 48.90 39.96 -73.00
N LEU JB 10 47.78 40.47 -73.51
CA LEU JB 10 47.32 40.11 -74.84
C LEU JB 10 48.18 40.73 -75.92
N GLY JB 11 48.36 39.98 -77.01
CA GLY JB 11 49.08 40.48 -78.15
C GLY JB 11 48.14 40.92 -79.26
N ASN JB 12 47.96 40.06 -80.25
CA ASN JB 12 47.12 40.38 -81.38
C ASN JB 12 46.10 39.27 -81.68
N ALA JB 13 45.94 38.31 -80.77
CA ALA JB 13 44.95 37.25 -80.93
C ALA JB 13 44.06 37.21 -79.69
N SER JB 14 42.83 36.76 -79.90
CA SER JB 14 41.86 36.69 -78.82
C SER JB 14 42.37 35.81 -77.70
N GLY JB 15 42.17 36.28 -76.47
CA GLY JB 15 42.58 35.52 -75.30
C GLY JB 15 42.34 36.34 -74.06
N VAL JB 16 42.71 35.75 -72.93
CA VAL JB 16 42.63 36.40 -71.63
C VAL JB 16 43.95 36.19 -70.92
N ALA JB 17 44.53 37.27 -70.40
CA ALA JB 17 45.79 37.21 -69.67
C ALA JB 17 45.71 38.07 -68.43
N VAL JB 18 46.46 37.69 -67.41
CA VAL JB 18 46.52 38.41 -66.15
C VAL JB 18 47.96 38.85 -65.92
N SER JB 19 48.11 40.10 -65.51
CA SER JB 19 49.43 40.62 -65.18
C SER JB 19 49.88 40.07 -63.84
N PRO JB 20 51.18 40.11 -63.56
CA PRO JB 20 51.64 39.75 -62.21
C PRO JB 20 51.06 40.68 -61.16
N ILE JB 21 50.87 40.12 -59.96
CA ILE JB 21 50.26 40.91 -58.89
C ILE JB 21 51.13 42.09 -58.53
N ASN JB 22 50.50 43.22 -58.28
CA ASN JB 22 51.17 44.42 -57.80
C ASN JB 22 50.62 44.77 -56.43
N ALA JB 23 51.45 45.41 -55.62
CA ALA JB 23 51.06 45.86 -54.30
C ALA JB 23 51.15 47.36 -54.12
N ASP JB 24 52.21 47.99 -54.65
CA ASP JB 24 52.42 49.42 -54.46
C ASP JB 24 51.76 50.19 -55.60
N ALA JB 25 50.44 50.27 -55.53
CA ALA JB 25 49.66 51.04 -56.48
C ALA JB 25 48.33 51.41 -55.84
N THR JB 26 47.74 52.49 -56.33
CA THR JB 26 46.47 52.99 -55.85
C THR JB 26 45.52 53.17 -57.03
N LEU JB 27 44.23 53.24 -56.72
CA LEU JB 27 43.21 53.37 -57.75
C LEU JB 27 42.28 54.53 -57.42
N SER JB 28 41.93 55.30 -58.45
CA SER JB 28 41.01 56.43 -58.33
C SER JB 28 39.74 56.10 -59.10
N THR JB 29 38.60 56.19 -58.44
CA THR JB 29 37.31 55.84 -59.03
C THR JB 29 36.31 56.94 -58.78
N GLY JB 30 35.38 57.09 -59.71
CA GLY JB 30 34.32 58.07 -59.58
C GLY JB 30 34.11 58.90 -60.84
N VAL JB 31 32.97 59.59 -60.91
CA VAL JB 31 32.64 60.45 -62.04
C VAL JB 31 32.37 61.85 -61.49
N ALA JB 32 33.11 62.83 -62.00
CA ALA JB 32 32.96 64.21 -61.54
C ALA JB 32 31.83 64.90 -62.30
N LEU JB 33 31.03 65.66 -61.56
CA LEU JB 33 29.95 66.42 -62.18
C LEU JB 33 30.49 67.66 -62.89
N ASN JB 34 31.59 68.23 -62.39
CA ASN JB 34 32.26 69.36 -63.02
C ASN JB 34 31.31 70.55 -63.23
N SER JB 35 30.42 70.76 -62.25
CA SER JB 35 29.56 71.94 -62.31
C SER JB 35 30.37 73.22 -62.18
N SER JB 36 31.38 73.22 -61.31
CA SER JB 36 32.25 74.36 -61.10
C SER JB 36 33.69 73.92 -61.31
N LEU JB 37 34.44 74.72 -62.05
CA LEU JB 37 35.82 74.38 -62.38
C LEU JB 37 36.80 75.30 -61.67
N TRP JB 38 38.02 74.81 -61.56
CA TRP JB 38 39.05 75.46 -60.79
C TRP JB 38 40.39 75.35 -61.52
N ALA JB 39 41.26 76.31 -61.20
CA ALA JB 39 42.55 76.40 -61.86
C ALA JB 39 43.58 76.91 -60.87
N GLY JB 40 44.84 76.60 -61.15
CA GLY JB 40 45.93 77.08 -60.31
C GLY JB 40 47.24 76.46 -60.74
N ILE JB 41 48.31 77.02 -60.20
CA ILE JB 41 49.66 76.55 -60.46
C ILE JB 41 50.05 75.56 -59.38
N GLY JB 42 50.60 74.42 -59.79
CA GLY JB 42 51.02 73.40 -58.85
C GLY JB 42 52.38 72.85 -59.21
N VAL JB 43 52.97 72.18 -58.23
CA VAL JB 43 54.26 71.51 -58.36
C VAL JB 43 53.98 70.02 -58.42
N PHE JB 44 54.29 69.40 -59.54
CA PHE JB 44 53.96 68.00 -59.71
C PHE JB 44 55.13 67.21 -60.28
N ALA JB 45 54.88 65.95 -60.61
CA ALA JB 45 55.82 65.12 -61.35
C ALA JB 45 55.20 64.78 -62.69
N ARG JB 46 56.01 64.82 -63.74
CA ARG JB 46 55.57 64.52 -65.11
C ARG JB 46 54.54 65.55 -65.56
N GLY JB 47 54.12 65.47 -66.82
CA GLY JB 47 53.18 66.42 -67.37
C GLY JB 47 53.88 67.53 -68.14
N LYS JB 48 53.11 68.21 -68.97
CA LYS JB 48 53.66 69.28 -69.79
C LYS JB 48 53.97 70.49 -68.94
N PRO JB 49 55.22 70.95 -68.87
CA PRO JB 49 55.53 72.11 -68.03
C PRO JB 49 54.99 73.39 -68.62
N PHE JB 50 54.71 74.35 -67.75
CA PHE JB 50 54.37 75.72 -68.12
C PHE JB 50 53.13 75.79 -69.02
N THR JB 51 52.30 74.76 -68.99
CA THR JB 51 51.11 74.70 -69.83
C THR JB 51 49.94 74.21 -68.99
N VAL JB 52 48.74 74.57 -69.43
CA VAL JB 52 47.52 74.17 -68.73
C VAL JB 52 47.18 72.72 -69.09
N LEU JB 53 46.83 71.94 -68.07
CA LEU JB 53 46.44 70.55 -68.26
C LEU JB 53 45.13 70.32 -67.51
N ALA JB 54 44.14 69.78 -68.22
CA ALA JB 54 42.88 69.41 -67.61
C ALA JB 54 43.04 68.05 -66.95
N VAL JB 55 42.86 68.00 -65.63
CA VAL JB 55 43.07 66.80 -64.84
C VAL JB 55 41.76 66.44 -64.16
N THR JB 56 41.34 65.19 -64.33
CA THR JB 56 40.13 64.67 -63.72
C THR JB 56 40.48 63.72 -62.58
N GLU JB 57 39.45 63.25 -61.89
CA GLU JB 57 39.64 62.37 -60.74
C GLU JB 57 40.24 61.03 -61.16
N SER JB 58 39.78 60.47 -62.27
CA SER JB 58 40.21 59.12 -62.64
C SER JB 58 41.68 59.10 -63.04
N ASN JB 59 42.11 60.05 -63.86
CA ASN JB 59 43.43 60.03 -64.47
C ASN JB 59 44.48 60.78 -63.67
N TYR JB 60 44.11 61.35 -62.52
CA TYR JB 60 45.02 62.25 -61.84
C TYR JB 60 46.31 61.53 -61.45
N GLU JB 61 46.20 60.31 -60.92
CA GLU JB 61 47.38 59.63 -60.41
C GLU JB 61 48.35 59.30 -61.53
N ASP JB 62 47.85 58.82 -62.66
CA ASP JB 62 48.72 58.45 -63.77
C ASP JB 62 49.09 59.62 -64.65
N VAL JB 63 48.56 60.81 -64.40
CA VAL JB 63 49.07 61.98 -65.09
C VAL JB 63 50.08 62.75 -64.24
N LEU JB 64 50.01 62.63 -62.91
CA LEU JB 64 51.01 63.25 -62.05
C LEU JB 64 52.07 62.26 -61.56
N GLY JB 65 51.97 61.00 -61.94
CA GLY JB 65 52.97 60.04 -61.51
C GLY JB 65 52.79 59.66 -60.05
N GLU JB 66 53.87 59.17 -59.47
CA GLU JB 66 53.88 58.82 -58.06
C GLU JB 66 53.90 60.08 -57.20
N PRO JB 67 53.01 60.20 -56.22
CA PRO JB 67 52.97 61.43 -55.40
C PRO JB 67 54.28 61.65 -54.64
N LEU JB 68 54.67 62.92 -54.55
CA LEU JB 68 55.91 63.28 -53.87
C LEU JB 68 55.79 63.06 -52.37
N LYS JB 69 56.94 63.03 -51.71
CA LYS JB 69 56.93 62.84 -50.29
C LYS JB 69 57.10 64.17 -49.57
N PRO JB 70 56.54 64.30 -48.36
CA PRO JB 70 56.82 65.51 -47.57
C PRO JB 70 58.27 65.67 -47.23
N SER JB 71 59.02 64.57 -47.09
CA SER JB 71 60.45 64.67 -46.84
C SER JB 71 61.18 65.37 -47.96
N SER JB 72 60.61 65.37 -49.16
CA SER JB 72 61.18 66.09 -50.30
C SER JB 72 60.71 67.53 -50.35
N GLY JB 73 60.85 68.23 -49.23
CA GLY JB 73 60.46 69.62 -49.16
C GLY JB 73 58.96 69.80 -49.04
N SER JB 74 58.56 71.07 -49.08
CA SER JB 74 57.16 71.46 -48.91
C SER JB 74 56.39 71.41 -50.22
N GLN JB 75 56.88 70.67 -51.21
CA GLN JB 75 56.23 70.59 -52.50
C GLN JB 75 55.08 69.58 -52.53
N PHE JB 76 54.72 69.00 -51.39
CA PHE JB 76 53.58 68.10 -51.32
C PHE JB 76 52.26 68.83 -51.15
N GLU JB 77 52.29 70.13 -50.89
CA GLU JB 77 51.04 70.87 -50.76
C GLU JB 77 50.18 70.79 -52.00
N PRO JB 78 50.68 71.04 -53.22
CA PRO JB 78 49.78 70.96 -54.38
C PRO JB 78 49.20 69.57 -54.59
N ILE JB 79 49.97 68.52 -54.35
CA ILE JB 79 49.45 67.18 -54.58
C ILE JB 79 48.41 66.83 -53.53
N ARG JB 80 48.63 67.21 -52.27
CA ARG JB 80 47.59 67.01 -51.27
C ARG JB 80 46.34 67.80 -51.63
N HIS JB 81 46.51 69.02 -52.10
CA HIS JB 81 45.37 69.87 -52.42
C HIS JB 81 44.56 69.29 -53.58
N VAL JB 82 45.23 68.84 -54.64
CA VAL JB 82 44.51 68.26 -55.75
C VAL JB 82 43.87 66.95 -55.33
N TYR JB 83 44.52 66.19 -54.45
CA TYR JB 83 43.91 64.95 -53.97
C TYR JB 83 42.63 65.24 -53.22
N GLU JB 84 42.62 66.26 -52.37
CA GLU JB 84 41.43 66.58 -51.62
C GLU JB 84 40.39 67.36 -52.41
N ALA JB 85 40.76 67.90 -53.57
CA ALA JB 85 39.83 68.68 -54.37
C ALA JB 85 39.35 67.96 -55.64
N ILE JB 86 39.90 66.80 -55.96
CA ILE JB 86 39.58 66.17 -57.24
C ILE JB 86 38.39 65.21 -57.16
N GLN JB 87 38.01 64.77 -55.98
CA GLN JB 87 36.88 63.87 -55.87
C GLN JB 87 35.55 64.54 -56.20
N GLN JB 88 35.56 65.85 -56.38
CA GLN JB 88 34.33 66.59 -56.65
C GLN JB 88 34.27 67.13 -58.07
N THR JB 89 35.36 67.66 -58.60
CA THR JB 89 35.38 68.19 -59.95
C THR JB 89 36.81 68.13 -60.48
N SER JB 90 36.92 68.23 -61.80
CA SER JB 90 38.22 68.29 -62.45
C SER JB 90 38.78 69.69 -62.32
N GLY JB 91 39.98 69.88 -62.87
CA GLY JB 91 40.64 71.16 -62.81
C GLY JB 91 41.52 71.38 -64.02
N TYR JB 92 42.11 72.57 -64.08
CA TYR JB 92 42.92 73.00 -65.21
C TYR JB 92 44.31 73.40 -64.75
N VAL JB 93 44.98 72.49 -64.04
CA VAL JB 93 46.19 72.85 -63.30
C VAL JB 93 47.34 73.16 -64.26
N VAL JB 94 48.26 74.00 -63.80
CA VAL JB 94 49.43 74.38 -64.58
C VAL JB 94 50.68 74.02 -63.79
N ARG JB 95 51.58 73.27 -64.42
CA ARG JB 95 52.81 72.83 -63.78
C ARG JB 95 54.02 73.49 -64.43
N ALA JB 96 54.96 73.94 -63.61
CA ALA JB 96 56.19 74.56 -64.07
C ALA JB 96 57.39 73.82 -63.48
N VAL JB 97 58.54 74.01 -64.13
CA VAL JB 97 59.76 73.34 -63.70
C VAL JB 97 60.87 74.37 -63.55
N PRO JB 98 61.84 74.16 -62.67
CA PRO JB 98 62.95 75.10 -62.53
C PRO JB 98 63.92 74.94 -63.70
N ASP JB 99 65.00 75.72 -63.65
CA ASP JB 99 65.99 75.70 -64.71
C ASP JB 99 66.73 74.37 -64.78
N ASP JB 100 66.97 73.74 -63.64
CA ASP JB 100 67.72 72.49 -63.59
C ASP JB 100 66.97 71.32 -64.22
N ALA JB 101 65.68 71.48 -64.52
CA ALA JB 101 64.91 70.38 -65.08
C ALA JB 101 65.28 70.16 -66.54
N LYS JB 102 65.70 68.95 -66.86
CA LYS JB 102 66.04 68.55 -68.22
C LYS JB 102 65.47 67.16 -68.48
N PHE JB 103 65.07 66.95 -69.70
CA PHE JB 103 64.52 65.70 -70.20
C PHE JB 103 65.56 64.95 -71.04
N PRO JB 104 65.53 63.62 -71.00
CA PRO JB 104 66.47 62.84 -71.81
C PRO JB 104 66.08 62.81 -73.27
N ILE JB 105 67.05 62.43 -74.09
CA ILE JB 105 66.86 62.34 -75.53
C ILE JB 105 67.89 61.38 -76.11
N ILE JB 106 67.47 60.62 -77.11
CA ILE JB 106 68.32 59.68 -77.80
C ILE JB 106 68.39 60.09 -79.27
N MET JB 107 69.59 60.17 -79.80
CA MET JB 107 69.84 60.70 -81.13
C MET JB 107 70.34 59.55 -81.99
N PHE JB 108 69.58 59.20 -83.03
CA PHE JB 108 69.98 58.14 -83.93
C PHE JB 108 70.53 58.73 -85.21
N ASP JB 109 71.72 58.28 -85.59
CA ASP JB 109 72.30 58.67 -86.86
C ASP JB 109 71.69 57.85 -87.99
N GLU JB 110 72.12 58.14 -89.23
CA GLU JB 110 71.60 57.40 -90.38
C GLU JB 110 71.95 55.92 -90.28
N SER JB 111 73.15 55.61 -89.79
CA SER JB 111 73.50 54.23 -89.49
C SER JB 111 72.69 53.67 -88.32
N GLY JB 112 71.96 54.51 -87.61
CA GLY JB 112 71.19 54.09 -86.47
C GLY JB 112 71.92 54.11 -85.15
N GLU JB 113 73.18 54.56 -85.14
CA GLU JB 113 73.93 54.59 -83.90
C GLU JB 113 73.31 55.60 -82.94
N PRO JB 114 73.25 55.28 -81.65
CA PRO JB 114 72.62 56.17 -80.66
C PRO JB 114 73.59 57.11 -79.98
N ALA JB 115 73.03 58.21 -79.47
CA ALA JB 115 73.76 59.16 -78.66
C ALA JB 115 72.80 59.73 -77.62
N TYR JB 116 73.11 59.59 -76.35
CA TYR JB 116 72.20 59.96 -75.29
C TYR JB 116 72.59 61.33 -74.75
N SER JB 117 71.60 62.20 -74.58
CA SER JB 117 71.84 63.55 -74.09
C SER JB 117 70.64 63.99 -73.26
N ALA JB 118 70.75 65.18 -72.68
CA ALA JB 118 69.68 65.79 -71.90
C ALA JB 118 69.49 67.22 -72.37
N LEU JB 119 68.25 67.67 -72.42
CA LEU JB 119 67.96 69.01 -72.88
C LEU JB 119 67.01 69.70 -71.92
N PRO JB 120 67.17 71.00 -71.71
CA PRO JB 120 66.25 71.72 -70.83
C PRO JB 120 64.86 71.79 -71.44
N TYR JB 121 63.86 71.79 -70.57
CA TYR JB 121 62.48 71.83 -71.04
C TYR JB 121 62.20 73.16 -71.73
N GLY JB 122 61.45 73.09 -72.82
CA GLY JB 122 61.18 74.26 -73.62
C GLY JB 122 62.23 74.57 -74.66
N SER JB 123 63.33 73.82 -74.70
CA SER JB 123 64.39 74.07 -75.65
C SER JB 123 64.06 73.45 -77.01
N GLU JB 124 64.19 74.25 -78.06
CA GLU JB 124 63.96 73.74 -79.41
C GLU JB 124 65.11 72.83 -79.85
N ILE JB 125 64.79 71.86 -80.67
CA ILE JB 125 65.76 70.88 -81.15
C ILE JB 125 66.33 71.33 -82.49
N GLU JB 126 67.66 71.29 -82.59
CA GLU JB 126 68.35 71.60 -83.83
C GLU JB 126 69.30 70.46 -84.15
N LEU JB 127 69.50 70.24 -85.45
CA LEU JB 127 70.33 69.13 -85.92
C LEU JB 127 71.30 69.63 -86.99
N ASP JB 128 72.49 69.05 -87.00
CA ASP JB 128 73.54 69.42 -87.94
C ASP JB 128 73.44 68.56 -89.19
N SER JB 129 74.51 68.57 -89.99
CA SER JB 129 74.53 67.80 -91.24
C SER JB 129 74.26 66.32 -90.99
N GLY JB 130 74.93 65.74 -89.99
CA GLY JB 130 74.67 64.38 -89.58
C GLY JB 130 73.43 64.32 -88.71
N GLU JB 131 73.43 63.38 -87.76
CA GLU JB 131 72.41 63.34 -86.71
C GLU JB 131 71.01 63.20 -87.33
N ALA JB 132 70.78 62.00 -87.88
CA ALA JB 132 69.57 61.73 -88.64
C ALA JB 132 68.29 62.18 -87.93
N PHE JB 133 68.01 61.64 -86.74
CA PHE JB 133 66.75 61.96 -86.10
C PHE JB 133 66.82 61.75 -84.59
N ALA JB 134 66.04 62.56 -83.87
CA ALA JB 134 66.05 62.59 -82.42
C ALA JB 134 64.72 62.08 -81.86
N ILE JB 135 64.79 61.40 -80.73
CA ILE JB 135 63.62 60.93 -80.00
C ILE JB 135 63.75 61.40 -78.56
N TYR JB 136 62.71 62.04 -78.04
CA TYR JB 136 62.78 62.68 -76.74
C TYR JB 136 61.45 62.55 -76.02
N VAL JB 137 61.51 62.47 -74.71
CA VAL JB 137 60.31 62.45 -73.89
C VAL JB 137 59.72 63.85 -73.87
N ASP JB 138 58.40 63.94 -73.71
CA ASP JB 138 57.72 65.22 -73.75
C ASP JB 138 56.81 65.49 -72.56
N ASP JB 139 56.48 64.48 -71.75
CA ASP JB 139 55.66 64.70 -70.57
C ASP JB 139 56.48 64.98 -69.32
N GLY JB 140 57.80 65.07 -69.44
CA GLY JB 140 58.66 65.36 -68.30
C GLY JB 140 59.06 64.16 -67.48
N ASP JB 141 58.71 62.95 -67.88
CA ASP JB 141 59.13 61.78 -67.13
C ASP JB 141 60.63 61.58 -67.27
N PRO JB 142 61.38 61.48 -66.18
CA PRO JB 142 62.81 61.17 -66.29
C PRO JB 142 63.09 59.77 -66.82
N CYS JB 143 62.07 58.91 -66.88
CA CYS JB 143 62.24 57.52 -67.34
C CYS JB 143 63.29 56.79 -66.52
N ILE JB 144 63.27 57.03 -65.20
CA ILE JB 144 64.27 56.46 -64.31
C ILE JB 144 63.59 55.58 -63.28
N SER JB 145 62.33 55.86 -63.00
CA SER JB 145 61.62 55.13 -61.96
C SER JB 145 60.11 55.21 -62.18
N PRO JB 146 59.53 54.28 -62.95
CA PRO JB 146 60.20 53.20 -63.68
C PRO JB 146 60.80 53.68 -64.99
N THR JB 147 61.71 52.91 -65.56
CA THR JB 147 62.35 53.29 -66.81
C THR JB 147 61.47 52.93 -68.00
N ARG JB 148 61.74 53.58 -69.13
CA ARG JB 148 61.02 53.35 -70.37
C ARG JB 148 61.97 52.82 -71.43
N GLU JB 149 61.56 51.74 -72.10
CA GLU JB 149 62.38 51.09 -73.09
C GLU JB 149 61.63 51.04 -74.43
N LEU JB 150 62.40 51.16 -75.51
CA LEU JB 150 61.84 51.22 -76.84
C LEU JB 150 62.34 50.05 -77.67
N THR JB 151 61.52 49.59 -78.60
CA THR JB 151 61.88 48.50 -79.49
C THR JB 151 61.44 48.82 -80.90
N ILE JB 152 62.36 48.71 -81.85
CA ILE JB 152 62.07 48.92 -83.26
C ILE JB 152 62.14 47.57 -83.96
N GLU JB 153 61.23 47.36 -84.91
CA GLU JB 153 61.24 46.13 -85.69
C GLU JB 153 60.62 46.42 -87.04
N THR JB 154 61.41 46.27 -88.10
CA THR JB 154 60.89 46.46 -89.45
C THR JB 154 59.74 45.49 -89.71
N ALA JB 155 58.66 46.00 -90.27
CA ALA JB 155 57.48 45.19 -90.53
C ALA JB 155 57.09 45.26 -91.99
N THR JB 156 55.93 44.67 -92.33
CA THR JB 156 55.48 44.65 -93.71
C THR JB 156 55.35 46.08 -94.25
N ALA JB 157 55.82 46.27 -95.47
CA ALA JB 157 55.83 47.57 -96.10
C ALA JB 157 54.55 47.80 -96.90
N ASP JB 158 54.36 49.04 -97.32
CA ASP JB 158 53.18 49.39 -98.09
C ASP JB 158 53.28 48.82 -99.50
N SER JB 159 52.11 48.71 -100.15
CA SER JB 159 52.10 48.29 -101.54
C SER JB 159 52.87 49.25 -102.43
N ALA JB 160 52.94 50.51 -102.04
CA ALA JB 160 53.74 51.50 -102.74
C ALA JB 160 55.22 51.39 -102.41
N GLY JB 161 55.65 50.30 -101.79
CA GLY JB 161 57.03 50.15 -101.42
C GLY JB 161 57.44 50.93 -100.20
N ASN JB 162 56.49 51.56 -99.51
CA ASN JB 162 56.81 52.38 -98.35
C ASN JB 162 57.18 51.47 -97.18
N GLU JB 163 58.48 51.42 -96.86
CA GLU JB 163 58.95 50.57 -95.78
C GLU JB 163 58.31 50.99 -94.46
N ARG JB 164 57.85 50.00 -93.70
CA ARG JB 164 57.19 50.24 -92.44
C ARG JB 164 57.86 49.43 -91.35
N PHE JB 165 57.69 49.89 -90.11
CA PHE JB 165 58.36 49.28 -88.98
C PHE JB 165 57.59 49.61 -87.72
N LEU JB 166 57.63 48.69 -86.77
CA LEU JB 166 56.86 48.82 -85.54
C LEU JB 166 57.71 49.39 -84.42
N LEU JB 167 57.16 50.36 -83.70
CA LEU JB 167 57.74 50.89 -82.48
C LEU JB 167 56.93 50.39 -81.30
N LYS JB 168 57.62 49.81 -80.32
CA LYS JB 168 56.99 49.35 -79.09
C LYS JB 168 57.61 50.12 -77.93
N LEU JB 169 56.76 50.61 -77.04
CA LEU JB 169 57.20 51.22 -75.79
C LEU JB 169 56.88 50.29 -74.64
N THR JB 170 57.76 50.25 -73.66
CA THR JB 170 57.48 49.49 -72.45
C THR JB 170 58.09 50.20 -71.25
N GLN JB 171 57.55 49.88 -70.09
CA GLN JB 171 58.05 50.35 -68.81
C GLN JB 171 58.60 49.16 -68.04
N THR JB 172 59.67 49.40 -67.29
CA THR JB 172 60.26 48.35 -66.46
C THR JB 172 60.56 48.93 -65.09
N THR JB 173 60.13 48.23 -64.05
CA THR JB 173 60.32 48.74 -62.70
C THR JB 173 61.59 48.19 -62.06
N SER JB 174 61.88 48.67 -60.85
CA SER JB 174 63.05 48.19 -60.12
C SER JB 174 62.92 46.72 -59.77
N LEU JB 175 61.71 46.25 -59.48
CA LEU JB 175 61.50 44.82 -59.29
C LEU JB 175 61.86 44.05 -60.56
N GLY JB 176 61.60 44.65 -61.71
CA GLY JB 176 61.87 44.03 -62.98
C GLY JB 176 60.64 43.75 -63.82
N VAL JB 177 59.45 44.15 -63.38
CA VAL JB 177 58.28 43.91 -64.19
C VAL JB 177 58.33 44.79 -65.43
N VAL JB 178 58.03 44.20 -66.57
CA VAL JB 178 58.07 44.86 -67.87
C VAL JB 178 56.65 44.85 -68.41
N THR JB 179 56.12 46.02 -68.74
CA THR JB 179 54.77 46.17 -69.25
C THR JB 179 54.79 47.00 -70.52
N THR JB 180 54.23 46.46 -71.59
CA THR JB 180 54.18 47.18 -72.85
C THR JB 180 53.07 48.23 -72.82
N LEU JB 181 53.45 49.48 -73.09
CA LEU JB 181 52.48 50.57 -73.08
C LEU JB 181 51.72 50.66 -74.40
N GLU JB 182 52.45 50.82 -75.50
CA GLU JB 182 51.80 51.07 -76.78
C GLU JB 182 52.75 50.71 -77.92
N THR JB 183 52.16 50.28 -79.03
CA THR JB 183 52.89 49.99 -80.25
C THR JB 183 52.24 50.74 -81.41
N HIS JB 184 53.05 51.07 -82.40
CA HIS JB 184 52.55 51.76 -83.59
C HIS JB 184 53.46 51.49 -84.77
N THR JB 185 52.85 51.27 -85.94
CA THR JB 185 53.59 51.04 -87.17
C THR JB 185 53.77 52.37 -87.90
N VAL JB 186 55.01 52.68 -88.23
CA VAL JB 186 55.33 53.96 -88.87
C VAL JB 186 56.26 53.72 -90.05
N SER JB 187 56.26 54.71 -90.95
CA SER JB 187 57.07 54.64 -92.15
C SER JB 187 57.74 55.97 -92.39
N LEU JB 188 58.87 55.93 -93.10
CA LEU JB 188 59.58 57.15 -93.45
C LEU JB 188 58.90 57.94 -94.55
N ALA JB 189 58.00 57.32 -95.29
CA ALA JB 189 57.42 57.97 -96.46
C ALA JB 189 56.50 59.10 -96.05
N GLU JB 190 56.55 60.19 -96.81
CA GLU JB 190 55.70 61.34 -96.55
C GLU JB 190 54.23 60.97 -96.63
N GLU JB 191 53.84 60.29 -97.71
CA GLU JB 191 52.45 59.93 -97.96
C GLU JB 191 52.18 58.45 -97.68
N ALA JB 192 52.87 57.88 -96.71
CA ALA JB 192 52.64 56.48 -96.35
C ALA JB 192 51.27 56.34 -95.69
N LYS JB 193 50.41 55.56 -96.33
CA LYS JB 193 49.05 55.34 -95.85
C LYS JB 193 48.90 53.90 -95.39
N ASP JB 194 48.45 53.72 -94.15
CA ASP JB 194 48.36 52.40 -93.56
C ASP JB 194 47.10 51.69 -94.01
N ASP JB 195 46.98 50.42 -93.60
CA ASP JB 195 45.73 49.69 -93.84
C ASP JB 195 44.55 50.38 -93.18
N MET JB 196 44.80 51.08 -92.07
CA MET JB 196 43.77 51.88 -91.43
C MET JB 196 43.49 53.18 -92.17
N GLY JB 197 44.28 53.50 -93.18
CA GLY JB 197 44.18 54.76 -93.88
C GLY JB 197 44.92 55.89 -93.23
N ARG JB 198 45.47 55.68 -92.04
CA ARG JB 198 46.22 56.70 -91.33
C ARG JB 198 47.58 56.89 -91.98
N LEU JB 199 48.17 58.06 -91.72
CA LEU JB 199 49.49 58.37 -92.25
C LEU JB 199 50.56 57.73 -91.38
N CYS JB 200 51.47 56.99 -92.02
CA CYS JB 200 52.56 56.34 -91.32
C CYS JB 200 53.81 57.20 -91.23
N TYR JB 201 53.77 58.41 -91.78
CA TYR JB 201 54.93 59.28 -91.71
C TYR JB 201 55.22 59.63 -90.25
N LEU JB 202 56.52 59.66 -89.91
CA LEU JB 202 56.93 59.56 -88.51
C LEU JB 202 56.44 60.71 -87.65
N PRO JB 203 56.71 61.98 -87.97
CA PRO JB 203 56.24 63.06 -87.09
C PRO JB 203 54.74 63.13 -86.99
N THR JB 204 54.06 62.95 -88.12
CA THR JB 204 52.60 62.99 -88.12
C THR JB 204 52.03 61.91 -87.23
N ALA JB 205 52.57 60.69 -87.33
CA ALA JB 205 52.08 59.59 -86.52
C ALA JB 205 52.35 59.85 -85.05
N LEU JB 206 53.55 60.32 -84.71
CA LEU JB 206 53.85 60.52 -83.30
C LEU JB 206 53.00 61.64 -82.70
N GLU JB 207 52.74 62.69 -83.47
CA GLU JB 207 51.91 63.77 -82.96
C GLU JB 207 50.43 63.43 -82.97
N ALA JB 208 49.99 62.46 -83.79
CA ALA JB 208 48.57 62.15 -83.86
C ALA JB 208 48.19 61.06 -82.88
N ARG JB 209 48.84 59.90 -82.96
CA ARG JB 209 48.47 58.76 -82.13
C ARG JB 209 49.37 58.59 -80.92
N SER JB 210 50.68 58.75 -81.09
CA SER JB 210 51.59 58.62 -79.96
C SER JB 210 51.32 59.72 -78.94
N LYS JB 211 51.51 59.38 -77.67
CA LYS JB 211 51.25 60.31 -76.58
C LYS JB 211 52.37 60.37 -75.55
N TYR JB 212 53.41 59.56 -75.68
CA TYR JB 212 54.46 59.49 -74.67
C TYR JB 212 55.79 60.04 -75.13
N LEU JB 213 56.20 59.75 -76.37
CA LEU JB 213 57.51 60.13 -76.87
C LEU JB 213 57.35 60.88 -78.18
N ARG JB 214 58.07 61.99 -78.33
CA ARG JB 214 58.05 62.74 -79.57
C ARG JB 214 59.38 62.57 -80.28
N ALA JB 215 59.40 62.93 -81.55
CA ALA JB 215 60.61 62.75 -82.34
C ALA JB 215 60.65 63.77 -83.45
N VAL JB 216 61.85 64.03 -83.95
CA VAL JB 216 62.09 64.97 -85.03
C VAL JB 216 63.05 64.33 -86.03
N VAL JB 217 62.83 64.59 -87.31
CA VAL JB 217 63.62 64.02 -88.39
C VAL JB 217 64.03 65.15 -89.33
N ASN JB 218 65.28 65.14 -89.76
CA ASN JB 218 65.73 66.10 -90.75
C ASN JB 218 64.98 65.92 -92.05
N GLU JB 219 64.48 67.03 -92.59
CA GLU JB 219 63.78 67.02 -93.87
C GLU JB 219 64.71 66.63 -95.01
N GLU JB 220 66.03 66.74 -94.82
CA GLU JB 220 66.99 66.36 -95.84
C GLU JB 220 67.56 64.97 -95.61
N LEU JB 221 67.53 64.46 -94.38
CA LEU JB 221 68.00 63.12 -94.08
C LEU JB 221 66.86 62.10 -93.98
N ILE JB 222 65.62 62.53 -94.19
CA ILE JB 222 64.49 61.61 -94.13
C ILE JB 222 64.62 60.55 -95.22
N SER JB 223 64.96 60.96 -96.44
CA SER JB 223 65.12 60.00 -97.52
C SER JB 223 66.32 59.09 -97.28
N THR JB 224 67.40 59.65 -96.76
CA THR JB 224 68.64 58.90 -96.59
C THR JB 224 68.65 58.04 -95.33
N ALA JB 225 67.67 58.20 -94.45
CA ALA JB 225 67.65 57.41 -93.23
C ALA JB 225 67.32 55.95 -93.53
N LYS JB 226 67.92 55.05 -92.75
CA LYS JB 226 67.69 53.61 -92.87
C LYS JB 226 67.00 53.11 -91.61
N VAL JB 227 66.73 51.80 -91.59
CA VAL JB 227 66.03 51.17 -90.48
C VAL JB 227 66.79 49.93 -90.06
N THR JB 228 66.56 49.51 -88.82
CA THR JB 228 67.20 48.34 -88.25
C THR JB 228 66.26 47.74 -87.21
N ASN JB 229 66.81 46.89 -86.35
CA ASN JB 229 66.08 46.31 -85.23
C ASN JB 229 66.85 46.57 -83.95
N LYS JB 230 66.15 47.04 -82.93
CA LYS JB 230 66.76 47.40 -81.67
C LYS JB 230 65.87 46.92 -80.52
N LYS JB 231 66.47 46.86 -79.33
CA LYS JB 231 65.75 46.43 -78.15
C LYS JB 231 66.36 47.10 -76.93
N SER JB 232 65.52 47.30 -75.91
CA SER JB 232 65.95 47.90 -74.64
C SER JB 232 66.59 49.26 -74.86
N LEU JB 233 65.79 50.19 -75.38
CA LEU JB 233 66.24 51.54 -75.67
C LEU JB 233 65.71 52.44 -74.56
N ALA JB 234 66.54 52.67 -73.56
CA ALA JB 234 66.16 53.41 -72.36
C ALA JB 234 66.70 54.83 -72.41
N PHE JB 235 65.89 55.77 -71.92
CA PHE JB 235 66.30 57.16 -71.81
C PHE JB 235 66.97 57.41 -70.47
N THR JB 236 68.13 58.06 -70.51
CA THR JB 236 68.91 58.37 -69.33
C THR JB 236 69.25 59.85 -69.31
N GLY JB 237 69.50 60.38 -68.11
CA GLY JB 237 69.88 61.76 -67.94
C GLY JB 237 68.75 62.70 -67.56
N GLY JB 238 67.50 62.24 -67.66
CA GLY JB 238 66.38 63.09 -67.28
C GLY JB 238 66.38 63.35 -65.79
N THR JB 239 66.32 64.63 -65.42
CA THR JB 239 66.30 65.01 -64.02
C THR JB 239 65.59 66.35 -63.90
N ASN JB 240 64.51 66.40 -63.12
CA ASN JB 240 63.73 67.61 -62.97
C ASN JB 240 64.29 68.55 -61.91
N GLY JB 241 65.25 68.10 -61.10
CA GLY JB 241 65.74 68.93 -60.02
C GLY JB 241 64.74 69.00 -58.88
N ASP JB 242 64.93 70.01 -58.03
CA ASP JB 242 64.07 70.21 -56.85
C ASP JB 242 62.86 71.02 -57.30
N GLN JB 243 61.74 70.33 -57.51
CA GLN JB 243 60.53 71.00 -57.93
C GLN JB 243 59.96 71.91 -56.84
N SER JB 244 60.44 71.78 -55.61
CA SER JB 244 59.95 72.61 -54.52
C SER JB 244 60.26 74.08 -54.75
N LYS JB 245 61.45 74.38 -55.27
CA LYS JB 245 61.87 75.76 -55.51
C LYS JB 245 61.69 76.09 -56.99
N ILE JB 246 60.85 77.08 -57.28
CA ILE JB 246 60.62 77.55 -58.64
C ILE JB 246 60.62 79.07 -58.64
N SER JB 247 61.11 79.66 -59.72
CA SER JB 247 61.35 81.09 -59.78
C SER JB 247 60.06 81.90 -59.84
N THR JB 248 60.16 83.15 -59.41
CA THR JB 248 59.05 84.08 -59.52
C THR JB 248 58.68 84.33 -60.98
N ALA JB 249 59.69 84.43 -61.85
CA ALA JB 249 59.40 84.63 -63.27
C ALA JB 249 58.63 83.45 -63.84
N ALA JB 250 59.01 82.23 -63.47
CA ALA JB 250 58.27 81.06 -63.90
C ALA JB 250 56.85 81.09 -63.35
N TYR JB 251 56.69 81.53 -62.10
CA TYR JB 251 55.37 81.68 -61.51
C TYR JB 251 54.52 82.64 -62.33
N LEU JB 252 55.10 83.78 -62.68
CA LEU JB 252 54.38 84.78 -63.46
C LEU JB 252 54.02 84.24 -64.84
N ARG JB 253 54.95 83.52 -65.47
CA ARG JB 253 54.67 82.95 -66.77
C ARG JB 253 53.51 81.96 -66.69
N ALA JB 254 53.53 81.08 -65.69
CA ALA JB 254 52.47 80.08 -65.56
C ALA JB 254 51.12 80.74 -65.29
N VAL JB 255 51.09 81.74 -64.40
CA VAL JB 255 49.82 82.37 -64.09
C VAL JB 255 49.31 83.15 -65.30
N LYS JB 256 50.21 83.78 -66.06
CA LYS JB 256 49.80 84.45 -67.28
C LYS JB 256 49.23 83.45 -68.29
N VAL JB 257 49.87 82.29 -68.39
CA VAL JB 257 49.40 81.26 -69.33
C VAL JB 257 48.01 80.80 -68.95
N LEU JB 258 47.80 80.50 -67.67
CA LEU JB 258 46.48 80.02 -67.25
C LEU JB 258 45.44 81.12 -67.38
N ASN JB 259 45.85 82.39 -67.19
CA ASN JB 259 44.94 83.49 -67.45
C ASN JB 259 44.50 83.50 -68.91
N ASN JB 260 45.46 83.34 -69.82
CA ASN JB 260 45.12 83.32 -71.23
C ASN JB 260 44.40 82.06 -71.64
N ALA JB 261 44.41 81.03 -70.80
CA ALA JB 261 43.74 79.77 -71.13
C ALA JB 261 42.24 80.00 -71.26
N PRO JB 262 41.64 79.70 -72.41
CA PRO JB 262 40.21 79.98 -72.63
C PRO JB 262 39.30 78.80 -72.28
N TYR JB 263 39.31 78.41 -71.01
CA TYR JB 263 38.49 77.30 -70.55
C TYR JB 263 37.76 77.71 -69.29
N MET JB 264 36.84 76.84 -68.87
CA MET JB 264 36.04 77.12 -67.68
C MET JB 264 36.83 76.91 -66.41
N TYR JB 265 36.79 77.89 -65.52
CA TYR JB 265 37.25 77.72 -64.15
C TYR JB 265 36.61 78.82 -63.32
N THR JB 266 35.70 78.44 -62.43
CA THR JB 266 35.02 79.40 -61.58
C THR JB 266 35.78 79.72 -60.31
N ALA JB 267 36.92 79.06 -60.07
CA ALA JB 267 37.63 79.31 -58.83
C ALA JB 267 39.12 79.09 -59.02
N VAL JB 268 39.88 79.75 -58.16
CA VAL JB 268 41.33 79.64 -58.10
C VAL JB 268 41.68 79.27 -56.66
N LEU JB 269 42.64 78.38 -56.52
CA LEU JB 269 43.01 77.80 -55.23
C LEU JB 269 44.42 78.22 -54.88
N GLY JB 270 44.75 78.21 -53.58
CA GLY JB 270 46.13 78.44 -53.21
C GLY JB 270 47.05 77.38 -53.79
N LEU JB 271 46.67 76.11 -53.65
CA LEU JB 271 47.38 74.99 -54.24
C LEU JB 271 48.86 75.00 -53.82
N GLY JB 272 49.12 75.49 -52.62
CA GLY JB 272 50.46 75.50 -52.06
C GLY JB 272 51.34 76.67 -52.44
N CYS JB 273 50.88 77.54 -53.34
CA CYS JB 273 51.69 78.70 -53.72
C CYS JB 273 51.72 79.72 -52.60
N TYR JB 274 52.92 80.19 -52.26
CA TYR JB 274 53.08 81.19 -51.22
C TYR JB 274 53.92 82.38 -51.66
N ASP JB 275 54.29 82.46 -52.93
CA ASP JB 275 54.96 83.65 -53.43
C ASP JB 275 53.99 84.82 -53.40
N ASN JB 276 54.43 85.92 -52.78
CA ASN JB 276 53.54 87.08 -52.63
C ASN JB 276 53.14 87.64 -53.98
N ALA JB 277 54.10 87.76 -54.90
CA ALA JB 277 53.80 88.31 -56.22
C ALA JB 277 52.82 87.45 -56.99
N ALA JB 278 53.04 86.12 -56.96
CA ALA JB 278 52.12 85.21 -57.63
C ALA JB 278 50.73 85.29 -57.00
N ILE JB 279 50.69 85.37 -55.67
CA ILE JB 279 49.41 85.48 -54.97
C ILE JB 279 48.67 86.76 -55.40
N THR JB 280 49.39 87.87 -55.46
CA THR JB 280 48.77 89.13 -55.87
C THR JB 280 48.26 89.04 -57.30
N ALA JB 281 49.06 88.46 -58.20
CA ALA JB 281 48.63 88.31 -59.58
C ALA JB 281 47.39 87.44 -59.66
N LEU JB 282 47.33 86.38 -58.86
CA LEU JB 282 46.15 85.54 -58.80
C LEU JB 282 44.95 86.34 -58.32
N GLY JB 283 45.14 87.19 -57.31
CA GLY JB 283 44.06 88.04 -56.86
C GLY JB 283 43.56 88.95 -57.96
N LYS JB 284 44.49 89.56 -58.70
CA LYS JB 284 44.11 90.44 -59.79
C LYS JB 284 43.31 89.70 -60.85
N ILE JB 285 43.78 88.51 -61.23
CA ILE JB 285 43.14 87.80 -62.33
C ILE JB 285 41.77 87.27 -61.89
N CYS JB 286 41.66 86.77 -60.66
CA CYS JB 286 40.36 86.29 -60.22
C CYS JB 286 39.39 87.45 -60.07
N ALA JB 287 39.88 88.61 -59.62
CA ALA JB 287 39.02 89.77 -59.50
C ALA JB 287 38.50 90.21 -60.86
N ASP JB 288 39.39 90.31 -61.85
CA ASP JB 288 38.96 90.84 -63.14
C ASP JB 288 38.27 89.79 -64.01
N ARG JB 289 38.38 88.51 -63.66
CA ARG JB 289 37.65 87.47 -64.36
C ARG JB 289 36.39 87.03 -63.62
N LEU JB 290 36.14 87.58 -62.43
CA LEU JB 290 34.88 87.38 -61.72
C LEU JB 290 34.69 85.90 -61.37
N ILE JB 291 35.62 85.41 -60.56
CA ILE JB 291 35.62 84.05 -60.04
C ILE JB 291 36.01 84.11 -58.56
N ASP JB 292 35.90 82.97 -57.88
CA ASP JB 292 36.23 82.95 -56.47
C ASP JB 292 37.70 82.62 -56.24
N GLY JB 293 38.23 83.10 -55.12
CA GLY JB 293 39.63 82.89 -54.77
C GLY JB 293 39.77 82.25 -53.41
N PHE JB 294 40.72 81.32 -53.30
CA PHE JB 294 40.92 80.46 -52.14
C PHE JB 294 42.33 80.57 -51.63
N PHE JB 295 42.75 81.80 -51.32
CA PHE JB 295 44.15 82.03 -50.95
C PHE JB 295 44.42 81.52 -49.54
N ASP JB 296 45.69 81.16 -49.30
CA ASP JB 296 46.12 80.62 -48.01
C ASP JB 296 47.42 81.29 -47.59
N VAL JB 297 47.67 81.30 -46.29
CA VAL JB 297 48.89 81.86 -45.73
C VAL JB 297 49.76 80.71 -45.25
N LYS JB 298 51.02 81.03 -44.96
CA LYS JB 298 51.97 80.02 -44.50
C LYS JB 298 51.54 79.48 -43.15
N PRO JB 299 51.24 78.19 -43.03
CA PRO JB 299 50.87 77.65 -41.72
C PRO JB 299 51.99 77.75 -40.71
N THR JB 300 53.24 77.70 -41.16
CA THR JB 300 54.37 77.80 -40.25
C THR JB 300 54.33 79.09 -39.46
N LEU JB 301 53.82 80.16 -40.07
CA LEU JB 301 53.67 81.42 -39.37
C LEU JB 301 52.68 81.25 -38.22
N THR JB 302 53.06 81.74 -37.05
CA THR JB 302 52.16 81.65 -35.92
C THR JB 302 51.05 82.68 -36.04
N TYR JB 303 50.00 82.48 -35.24
CA TYR JB 303 48.83 83.35 -35.28
C TYR JB 303 49.17 84.80 -34.95
N ALA JB 304 50.25 85.04 -34.22
CA ALA JB 304 50.63 86.40 -33.88
C ALA JB 304 50.95 87.21 -35.12
N GLU JB 305 51.83 86.68 -35.97
CA GLU JB 305 52.20 87.35 -37.21
C GLU JB 305 51.32 86.95 -38.38
N ALA JB 306 50.41 86.00 -38.18
CA ALA JB 306 49.49 85.65 -39.25
C ALA JB 306 48.60 86.82 -39.61
N LEU JB 307 48.14 87.57 -38.62
CA LEU JB 307 47.29 88.72 -38.90
C LEU JB 307 47.99 89.77 -39.77
N PRO JB 308 49.19 90.24 -39.45
CA PRO JB 308 49.83 91.22 -40.35
C PRO JB 308 50.11 90.67 -41.73
N ALA JB 309 50.17 89.34 -41.89
CA ALA JB 309 50.57 88.76 -43.16
C ALA JB 309 49.63 89.17 -44.29
N VAL JB 310 48.36 89.44 -43.98
CA VAL JB 310 47.41 89.76 -45.05
C VAL JB 310 47.80 91.07 -45.74
N GLU JB 311 48.18 92.09 -44.96
CA GLU JB 311 48.65 93.31 -45.60
C GLU JB 311 50.12 93.23 -45.97
N ASP JB 312 50.87 92.31 -45.37
CA ASP JB 312 52.25 92.09 -45.79
C ASP JB 312 52.30 91.59 -47.22
N THR JB 313 51.41 90.67 -47.58
CA THR JB 313 51.29 90.23 -48.96
C THR JB 313 50.78 91.34 -49.85
N GLY JB 314 49.94 92.23 -49.32
CA GLY JB 314 49.34 93.29 -50.08
C GLY JB 314 47.94 93.01 -50.57
N LEU JB 315 47.32 91.94 -50.12
CA LEU JB 315 45.98 91.58 -50.58
C LEU JB 315 44.90 92.49 -50.02
N LEU JB 316 45.24 93.37 -49.09
CA LEU JB 316 44.27 94.33 -48.58
C LEU JB 316 43.81 95.24 -49.70
N GLY JB 317 42.50 95.42 -49.80
CA GLY JB 317 41.94 96.29 -50.82
C GLY JB 317 40.52 95.87 -51.16
N THR JB 318 39.85 96.77 -51.89
CA THR JB 318 38.48 96.52 -52.32
C THR JB 318 38.39 95.68 -53.59
N ASP JB 319 39.43 95.73 -54.44
CA ASP JB 319 39.42 94.92 -55.65
C ASP JB 319 39.41 93.44 -55.30
N TYR JB 320 40.20 93.04 -54.31
CA TYR JB 320 40.25 91.66 -53.84
C TYR JB 320 39.08 91.38 -52.90
N VAL JB 321 37.88 91.50 -53.45
CA VAL JB 321 36.66 91.30 -52.68
C VAL JB 321 36.16 89.86 -52.80
N SER JB 322 36.30 89.27 -53.99
CA SER JB 322 35.75 87.94 -54.22
C SER JB 322 36.55 86.86 -53.49
N CYS JB 323 37.84 87.05 -53.33
CA CYS JB 323 38.70 86.03 -52.76
C CYS JB 323 38.56 85.98 -51.24
N SER JB 324 39.05 84.88 -50.66
CA SER JB 324 39.13 84.71 -49.22
C SER JB 324 40.47 84.09 -48.87
N VAL JB 325 41.06 84.58 -47.79
CA VAL JB 325 42.37 84.14 -47.33
C VAL JB 325 42.20 83.30 -46.07
N TYR JB 326 42.95 82.20 -46.00
CA TYR JB 326 42.83 81.20 -44.96
C TYR JB 326 44.15 81.00 -44.22
N HIS JB 327 44.03 80.40 -43.02
CA HIS JB 327 45.16 79.96 -42.21
C HIS JB 327 44.80 78.68 -41.48
N TYR JB 328 45.78 77.80 -41.34
CA TYR JB 328 45.59 76.52 -40.66
C TYR JB 328 46.83 76.17 -39.85
N PRO JB 329 46.82 76.46 -38.57
CA PRO JB 329 47.95 76.11 -37.68
C PRO JB 329 47.79 74.74 -37.04
N PHE JB 330 47.61 73.72 -37.87
CA PHE JB 330 47.36 72.37 -37.37
C PHE JB 330 48.14 71.36 -38.19
N SER JB 331 48.42 70.22 -37.58
CA SER JB 331 49.11 69.12 -38.23
C SER JB 331 48.27 67.85 -38.15
N CYS JB 332 48.25 67.09 -39.23
CA CYS JB 332 47.44 65.89 -39.34
C CYS JB 332 48.34 64.70 -39.71
N LYS JB 333 47.71 63.54 -39.83
CA LYS JB 333 48.41 62.33 -40.21
C LYS JB 333 48.31 62.12 -41.72
N ASP JB 334 49.44 61.74 -42.32
CA ASP JB 334 49.53 61.65 -43.77
C ASP JB 334 48.64 60.54 -44.31
N LYS JB 335 48.12 60.79 -45.52
CA LYS JB 335 47.35 59.78 -46.22
C LYS JB 335 48.23 58.61 -46.65
N TRP JB 336 49.47 58.88 -47.03
CA TRP JB 336 50.34 57.88 -47.61
C TRP JB 336 51.55 57.56 -46.74
N THR JB 337 52.32 58.56 -46.34
CA THR JB 337 53.54 58.33 -45.58
C THR JB 337 53.29 58.13 -44.10
N GLN JB 338 52.08 58.40 -43.62
CA GLN JB 338 51.71 58.22 -42.22
C GLN JB 338 52.65 58.97 -41.28
N SER JB 339 52.92 60.23 -41.64
CA SER JB 339 53.73 61.13 -40.84
C SER JB 339 52.89 62.33 -40.44
N ARG JB 340 53.53 63.34 -39.86
CA ARG JB 340 52.86 64.58 -39.49
C ARG JB 340 53.00 65.56 -40.65
N VAL JB 341 51.88 65.91 -41.26
CA VAL JB 341 51.87 66.76 -42.44
C VAL JB 341 50.94 67.93 -42.21
N VAL JB 342 51.22 69.05 -42.90
CA VAL JB 342 50.46 70.28 -42.74
C VAL JB 342 50.09 70.80 -44.13
N PHE JB 343 48.82 71.14 -44.32
CA PHE JB 343 48.38 71.84 -45.51
C PHE JB 343 47.00 72.43 -45.25
N GLY JB 344 46.64 73.42 -46.05
CA GLY JB 344 45.48 74.25 -45.79
C GLY JB 344 44.17 73.58 -46.14
N LEU JB 345 43.07 74.28 -45.82
CA LEU JB 345 41.72 73.79 -46.06
C LEU JB 345 41.00 74.56 -47.15
N SER JB 346 41.72 75.37 -47.94
CA SER JB 346 41.08 76.00 -49.09
C SER JB 346 40.51 74.96 -50.04
N GLY JB 347 41.17 73.80 -50.15
CA GLY JB 347 40.66 72.76 -51.00
C GLY JB 347 39.33 72.20 -50.52
N VAL JB 348 39.21 71.94 -49.23
CA VAL JB 348 37.95 71.41 -48.73
C VAL JB 348 36.88 72.51 -48.77
N ALA JB 349 37.29 73.77 -48.63
CA ALA JB 349 36.34 74.86 -48.82
C ALA JB 349 35.79 74.87 -50.24
N TYR JB 350 36.67 74.70 -51.22
CA TYR JB 350 36.23 74.55 -52.60
C TYR JB 350 35.32 73.34 -52.77
N ALA JB 351 35.65 72.23 -52.12
CA ALA JB 351 34.83 71.03 -52.23
C ALA JB 351 33.44 71.25 -51.65
N ALA JB 352 33.36 71.92 -50.51
CA ALA JB 352 32.07 72.22 -49.90
C ALA JB 352 31.26 73.15 -50.79
N LYS JB 353 31.91 74.16 -51.35
CA LYS JB 353 31.21 75.04 -52.27
C LYS JB 353 30.71 74.27 -53.49
N ALA JB 354 31.54 73.36 -54.00
CA ALA JB 354 31.14 72.56 -55.14
C ALA JB 354 29.93 71.70 -54.81
N ARG JB 355 29.93 71.10 -53.63
CA ARG JB 355 28.78 70.29 -53.22
C ARG JB 355 27.54 71.15 -53.11
N GLY JB 356 27.67 72.32 -52.48
CA GLY JB 356 26.54 73.22 -52.34
C GLY JB 356 26.01 73.69 -53.69
N VAL JB 357 26.90 73.87 -54.66
CA VAL JB 357 26.43 74.39 -55.94
C VAL JB 357 25.84 73.28 -56.79
N LYS JB 358 26.38 72.06 -56.71
CA LYS JB 358 25.82 70.99 -57.54
C LYS JB 358 24.61 70.32 -56.91
N LYS JB 359 24.35 70.56 -55.63
CA LYS JB 359 23.12 69.99 -55.06
C LYS JB 359 21.88 70.55 -55.73
N ASN JB 360 21.98 71.73 -56.33
CA ASN JB 360 20.91 72.32 -57.11
C ASN JB 360 21.34 72.40 -58.56
N SER JB 361 20.37 72.22 -59.48
CA SER JB 361 20.68 72.16 -60.90
C SER JB 361 20.22 73.39 -61.67
N ASP JB 362 19.14 74.04 -61.24
CA ASP JB 362 18.62 75.18 -62.00
C ASP JB 362 19.46 76.43 -61.75
N VAL JB 363 19.61 76.81 -60.50
CA VAL JB 363 20.26 78.07 -60.14
C VAL JB 363 21.53 77.87 -59.33
N GLY JB 364 21.72 76.69 -58.74
CA GLY JB 364 22.93 76.41 -58.00
C GLY JB 364 22.89 76.90 -56.57
N GLY JB 365 23.98 76.63 -55.85
CA GLY JB 365 24.04 76.90 -54.43
C GLY JB 365 24.97 78.02 -54.03
N TRP JB 366 25.09 79.05 -54.88
CA TRP JB 366 25.84 80.24 -54.50
C TRP JB 366 25.21 80.97 -53.32
N HIS JB 367 23.96 80.71 -53.00
CA HIS JB 367 23.36 81.30 -51.81
C HIS JB 367 23.93 80.71 -50.54
N TYR JB 368 24.25 79.41 -50.55
CA TYR JB 368 24.81 78.79 -49.37
C TYR JB 368 26.31 79.07 -49.25
N SER JB 369 26.82 78.79 -48.06
CA SER JB 369 28.21 79.02 -47.69
C SER JB 369 28.92 77.71 -47.45
N PRO JB 370 30.21 77.65 -47.68
CA PRO JB 370 31.00 76.44 -47.38
C PRO JB 370 31.46 76.39 -45.92
N ALA JB 371 30.51 76.56 -45.00
CA ALA JB 371 30.82 76.65 -43.59
C ALA JB 371 29.94 75.68 -42.80
N GLY JB 372 30.47 75.22 -41.68
CA GLY JB 372 29.75 74.32 -40.80
C GLY JB 372 29.89 72.86 -41.21
N GLU JB 373 29.63 71.99 -40.24
CA GLU JB 373 29.72 70.56 -40.48
C GLU JB 373 28.64 70.05 -41.41
N GLU JB 374 27.59 70.83 -41.65
CA GLU JB 374 26.56 70.42 -42.59
C GLU JB 374 27.13 70.33 -44.01
N ARG JB 375 28.06 71.22 -44.35
CA ARG JB 375 28.67 71.23 -45.67
C ARG JB 375 30.18 71.05 -45.61
N ALA JB 376 30.86 71.78 -44.73
CA ALA JB 376 32.31 71.83 -44.69
C ALA JB 376 32.83 70.84 -43.66
N VAL JB 377 33.35 69.71 -44.13
CA VAL JB 377 33.93 68.69 -43.28
C VAL JB 377 35.21 68.18 -43.91
N ILE JB 378 36.28 68.10 -43.12
CA ILE JB 378 37.52 67.53 -43.62
C ILE JB 378 37.99 66.38 -42.73
N ALA JB 379 38.25 66.67 -41.44
CA ALA JB 379 38.65 65.68 -40.45
C ALA JB 379 39.69 64.70 -41.01
N ARG JB 380 40.85 65.26 -41.38
CA ARG JB 380 41.86 64.43 -42.03
C ARG JB 380 42.33 63.30 -41.14
N ALA JB 381 43.05 63.62 -40.06
CA ALA JB 381 43.43 62.65 -39.05
C ALA JB 381 44.13 63.32 -37.88
N SER JB 382 43.75 62.97 -36.66
CA SER JB 382 44.45 63.36 -35.42
C SER JB 382 44.89 64.82 -35.47
N ILE JB 383 43.91 65.71 -35.60
CA ILE JB 383 44.21 67.12 -35.76
C ILE JB 383 44.72 67.69 -34.44
N GLN JB 384 45.87 68.34 -34.49
CA GLN JB 384 46.42 69.04 -33.34
C GLN JB 384 47.09 70.31 -33.81
N PRO JB 385 47.09 71.35 -32.98
CA PRO JB 385 47.73 72.61 -33.38
C PRO JB 385 49.23 72.45 -33.49
N LEU JB 386 49.82 73.26 -34.37
CA LEU JB 386 51.28 73.33 -34.42
C LEU JB 386 51.85 73.91 -33.14
N TYR JB 387 51.26 75.00 -32.63
CA TYR JB 387 51.77 75.71 -31.47
C TYR JB 387 50.63 75.89 -30.47
N PRO JB 388 50.72 75.34 -29.27
CA PRO JB 388 49.63 75.48 -28.30
C PRO JB 388 49.66 76.78 -27.51
N GLU JB 389 50.73 77.57 -27.63
CA GLU JB 389 50.85 78.77 -26.81
C GLU JB 389 49.92 79.88 -27.28
N ASP JB 390 49.80 80.06 -28.59
CA ASP JB 390 49.03 81.18 -29.13
C ASP JB 390 47.56 80.83 -29.21
N THR JB 391 46.72 81.85 -29.09
CA THR JB 391 45.28 81.72 -29.13
C THR JB 391 44.70 82.71 -30.12
N PRO JB 392 43.58 82.37 -30.76
CA PRO JB 392 42.95 83.30 -31.68
C PRO JB 392 42.23 84.43 -30.95
N ASP JB 393 41.92 85.48 -31.71
CA ASP JB 393 41.23 86.65 -31.17
C ASP JB 393 40.15 87.11 -32.15
N GLU JB 394 38.90 87.01 -31.72
CA GLU JB 394 37.77 87.28 -32.60
C GLU JB 394 37.92 88.62 -33.29
N GLU JB 395 38.24 89.67 -32.53
CA GLU JB 395 38.40 90.98 -33.14
C GLU JB 395 39.55 90.98 -34.13
N ALA JB 396 40.62 90.25 -33.82
CA ALA JB 396 41.77 90.20 -34.72
C ALA JB 396 41.40 89.58 -36.06
N MET JB 397 40.76 88.41 -36.04
CA MET JB 397 40.39 87.77 -37.30
C MET JB 397 39.33 88.57 -38.03
N VAL JB 398 38.37 89.17 -37.32
CA VAL JB 398 37.34 89.91 -38.05
C VAL JB 398 37.92 91.15 -38.70
N LYS JB 399 38.88 91.80 -38.04
CA LYS JB 399 39.52 92.96 -38.66
C LYS JB 399 40.40 92.53 -39.84
N GLY JB 400 41.13 91.44 -39.67
CA GLY JB 400 42.02 90.97 -40.72
C GLY JB 400 41.37 90.10 -41.75
N ARG JB 401 40.04 89.93 -41.70
CA ARG JB 401 39.30 89.15 -42.68
C ARG JB 401 39.81 87.71 -42.75
N LEU JB 402 40.21 87.17 -41.60
CA LEU JB 402 40.74 85.81 -41.53
C LEU JB 402 39.65 84.87 -41.04
N ASN JB 403 39.65 83.66 -41.59
CA ASN JB 403 38.64 82.66 -41.31
C ASN JB 403 39.14 81.71 -40.23
N LYS JB 404 38.41 81.61 -39.14
CA LYS JB 404 38.76 80.72 -38.03
C LYS JB 404 38.10 79.35 -38.22
N VAL JB 405 38.70 78.34 -37.61
CA VAL JB 405 38.30 76.96 -37.79
C VAL JB 405 37.51 76.50 -36.56
N SER JB 406 36.88 75.33 -36.68
CA SER JB 406 36.17 74.75 -35.54
C SER JB 406 36.06 73.24 -35.74
N VAL JB 407 35.24 72.61 -34.91
CA VAL JB 407 34.91 71.19 -35.02
C VAL JB 407 33.39 71.07 -35.10
N GLY JB 408 32.93 69.98 -35.69
CA GLY JB 408 31.52 69.70 -35.72
C GLY JB 408 31.03 68.97 -34.48
N THR JB 409 29.71 68.91 -34.38
CA THR JB 409 29.10 68.28 -33.22
C THR JB 409 29.43 66.80 -33.15
N SER JB 410 29.69 66.17 -34.30
CA SER JB 410 30.13 64.78 -34.32
C SER JB 410 31.63 64.65 -34.15
N GLY JB 411 32.37 65.76 -34.20
CA GLY JB 411 33.79 65.72 -33.94
C GLY JB 411 34.70 65.80 -35.16
N GLN JB 412 34.20 66.31 -36.29
CA GLN JB 412 35.00 66.37 -37.50
C GLN JB 412 35.52 67.78 -37.70
N MET JB 413 36.73 67.89 -38.27
CA MET JB 413 37.35 69.19 -38.42
C MET JB 413 36.61 70.00 -39.48
N ILE JB 414 36.21 71.22 -39.12
CA ILE JB 414 35.36 72.04 -40.00
C ILE JB 414 35.90 73.46 -40.04
N ILE JB 415 35.42 74.21 -41.02
CA ILE JB 415 35.64 75.65 -41.12
C ILE JB 415 34.30 76.32 -40.89
N ASP JB 416 34.18 77.05 -39.80
CA ASP JB 416 32.94 77.75 -39.47
C ASP JB 416 33.00 79.22 -39.88
N ASP JB 417 33.30 79.50 -41.14
CA ASP JB 417 33.42 80.88 -41.58
C ASP JB 417 33.00 81.02 -43.03
N ALA JB 418 32.52 82.22 -43.37
CA ALA JB 418 32.08 82.57 -44.71
C ALA JB 418 32.55 83.96 -45.07
N LEU JB 419 33.76 84.32 -44.64
CA LEU JB 419 34.28 85.67 -44.77
C LEU JB 419 35.28 85.74 -45.92
N THR JB 420 35.10 86.71 -46.79
CA THR JB 420 35.98 86.92 -47.94
C THR JB 420 37.07 87.92 -47.58
N CYS JB 421 37.84 88.35 -48.57
CA CYS JB 421 38.89 89.34 -48.38
C CYS JB 421 38.35 90.77 -48.57
N CYS JB 422 37.04 90.95 -48.49
CA CYS JB 422 36.44 92.27 -48.62
C CYS JB 422 36.81 93.08 -47.38
N THR JB 423 37.86 93.90 -47.49
CA THR JB 423 38.37 94.63 -46.34
C THR JB 423 37.32 95.58 -45.78
N GLN JB 424 36.62 96.30 -46.66
CA GLN JB 424 35.57 97.20 -46.22
C GLN JB 424 34.44 96.40 -45.57
N ASP JB 425 33.86 96.98 -44.52
CA ASP JB 425 32.92 96.27 -43.66
C ASP JB 425 31.49 96.34 -44.18
N ASN JB 426 31.31 96.59 -45.47
CA ASN JB 426 29.99 96.66 -46.07
C ASN JB 426 29.43 95.24 -46.21
N TYR JB 427 28.27 95.12 -46.85
CA TYR JB 427 27.65 93.82 -47.02
C TYR JB 427 28.45 92.89 -47.93
N LEU JB 428 29.43 93.41 -48.67
CA LEU JB 428 30.22 92.57 -49.55
C LEU JB 428 31.20 91.68 -48.81
N HIS JB 429 31.40 91.90 -47.51
CA HIS JB 429 32.28 91.05 -46.73
C HIS JB 429 31.76 89.62 -46.60
N PHE JB 430 30.50 89.38 -46.92
CA PHE JB 430 29.95 88.04 -46.89
C PHE JB 430 30.45 87.23 -48.09
N GLN JB 431 29.99 85.99 -48.20
CA GLN JB 431 30.32 85.13 -49.33
C GLN JB 431 29.18 84.94 -50.30
N HIS JB 432 27.93 84.95 -49.82
CA HIS JB 432 26.82 84.75 -50.73
C HIS JB 432 26.60 85.95 -51.63
N VAL JB 433 26.85 87.15 -51.11
CA VAL JB 433 26.71 88.35 -51.94
C VAL JB 433 27.66 88.32 -53.13
N PRO JB 434 28.99 88.17 -52.95
CA PRO JB 434 29.86 88.11 -54.12
C PRO JB 434 29.46 87.01 -55.09
N SER JB 435 29.13 85.83 -54.54
CA SER JB 435 28.73 84.73 -55.40
C SER JB 435 27.46 85.07 -56.16
N LEU JB 436 26.51 85.72 -55.50
CA LEU JB 436 25.24 85.96 -56.18
C LEU JB 436 25.41 86.93 -57.32
N MET JB 437 26.13 88.05 -57.11
CA MET JB 437 26.17 88.89 -58.30
C MET JB 437 27.15 88.34 -59.33
N ASN JB 438 28.13 87.54 -58.92
CA ASN JB 438 28.97 86.88 -59.92
C ASN JB 438 28.13 85.96 -60.81
N ALA JB 439 27.23 85.19 -60.19
CA ALA JB 439 26.37 84.31 -60.96
C ALA JB 439 25.45 85.10 -61.89
N ILE JB 440 24.80 86.14 -61.35
CA ILE JB 440 23.87 86.89 -62.19
C ILE JB 440 24.62 87.58 -63.33
N SER JB 441 25.84 88.05 -63.06
CA SER JB 441 26.65 88.64 -64.11
C SER JB 441 26.99 87.62 -65.17
N ARG JB 442 27.27 86.38 -64.76
CA ARG JB 442 27.48 85.32 -65.73
C ARG JB 442 26.24 85.12 -66.59
N PHE JB 443 25.06 85.19 -65.96
CA PHE JB 443 23.83 85.12 -66.72
C PHE JB 443 23.74 86.24 -67.75
N PHE JB 444 24.05 87.47 -67.33
CA PHE JB 444 24.17 88.56 -68.29
C PHE JB 444 25.19 88.23 -69.38
N VAL JB 445 26.22 87.47 -69.04
CA VAL JB 445 27.25 87.14 -70.02
C VAL JB 445 26.64 86.31 -71.15
N GLN JB 446 25.91 85.25 -70.81
CA GLN JB 446 25.38 84.47 -71.93
C GLN JB 446 24.23 85.21 -72.59
N LEU JB 447 23.52 86.07 -71.87
CA LEU JB 447 22.44 86.80 -72.52
C LEU JB 447 22.98 87.81 -73.52
N ALA JB 448 24.07 88.50 -73.18
CA ALA JB 448 24.75 89.34 -74.15
C ALA JB 448 25.32 88.52 -75.29
N ARG JB 449 25.88 87.35 -74.97
CA ARG JB 449 26.30 86.39 -75.98
C ARG JB 449 25.21 86.18 -77.02
N GLN JB 450 24.00 85.87 -76.56
CA GLN JB 450 22.92 85.55 -77.49
C GLN JB 450 22.35 86.78 -78.19
N MET JB 451 22.30 87.93 -77.52
CA MET JB 451 21.69 89.10 -78.14
C MET JB 451 22.67 89.93 -78.95
N LYS JB 452 23.95 89.59 -78.93
CA LYS JB 452 24.95 90.40 -79.60
C LYS JB 452 24.70 90.40 -81.10
N HIS JB 453 25.07 91.52 -81.75
CA HIS JB 453 25.03 91.68 -83.20
C HIS JB 453 23.61 91.54 -83.74
N SER JB 454 22.66 91.35 -82.86
CA SER JB 454 21.30 91.10 -83.28
C SER JB 454 20.63 92.40 -83.74
N PRO JB 455 19.82 92.34 -84.80
CA PRO JB 455 19.09 93.54 -85.22
C PRO JB 455 18.16 94.02 -84.12
N ASP JB 456 18.06 95.34 -84.01
CA ASP JB 456 17.32 95.97 -82.93
C ASP JB 456 15.81 95.83 -83.12
N GLY JB 457 15.08 96.22 -82.09
CA GLY JB 457 13.63 96.29 -82.16
C GLY JB 457 12.90 95.38 -81.20
N ILE JB 458 13.39 94.16 -81.03
CA ILE JB 458 12.69 93.17 -80.23
C ILE JB 458 13.66 92.57 -79.22
N THR JB 459 14.95 92.76 -79.47
CA THR JB 459 15.96 92.18 -78.59
C THR JB 459 15.83 92.74 -77.18
N ALA JB 460 15.58 94.04 -77.05
CA ALA JB 460 15.41 94.63 -75.74
C ALA JB 460 14.27 93.94 -75.00
N ALA JB 461 13.13 93.74 -75.67
CA ALA JB 461 11.99 93.11 -75.03
C ALA JB 461 12.30 91.66 -74.62
N GLY JB 462 12.95 90.92 -75.51
CA GLY JB 462 13.30 89.55 -75.17
C GLY JB 462 14.20 89.47 -73.97
N LEU JB 463 15.19 90.37 -73.91
CA LEU JB 463 16.04 90.45 -72.72
C LEU JB 463 15.22 90.83 -71.49
N THR JB 464 14.22 91.70 -71.64
CA THR JB 464 13.39 92.05 -70.50
C THR JB 464 12.72 90.81 -69.93
N LYS JB 465 12.04 90.04 -70.77
CA LYS JB 465 11.38 88.83 -70.27
C LYS JB 465 12.38 87.83 -69.71
N GLY JB 466 13.54 87.68 -70.37
CA GLY JB 466 14.54 86.78 -69.83
C GLY JB 466 14.96 87.17 -68.43
N MET JB 467 15.23 88.46 -68.23
CA MET JB 467 15.65 88.95 -66.93
C MET JB 467 14.56 88.69 -65.90
N THR JB 468 13.31 89.04 -66.24
CA THR JB 468 12.24 88.85 -65.26
C THR JB 468 12.09 87.39 -64.88
N LYS JB 469 12.10 86.49 -65.86
CA LYS JB 469 11.91 85.08 -65.53
C LYS JB 469 13.06 84.54 -64.70
N LEU JB 470 14.29 84.97 -64.98
CA LEU JB 470 15.41 84.43 -64.23
C LEU JB 470 15.44 84.98 -62.81
N LEU JB 471 15.14 86.26 -62.63
CA LEU JB 471 14.96 86.78 -61.28
C LEU JB 471 13.82 86.11 -60.56
N ASP JB 472 12.76 85.75 -61.29
CA ASP JB 472 11.64 85.06 -60.67
C ASP JB 472 12.07 83.69 -60.15
N ARG JB 473 12.85 82.97 -60.94
CA ARG JB 473 13.31 81.68 -60.42
C ARG JB 473 14.33 81.87 -59.31
N PHE JB 474 15.06 82.98 -59.33
CA PHE JB 474 15.95 83.30 -58.21
C PHE JB 474 15.17 83.47 -56.91
N VAL JB 475 14.13 84.30 -56.94
CA VAL JB 475 13.36 84.53 -55.72
C VAL JB 475 12.63 83.27 -55.32
N ALA JB 476 12.17 82.47 -56.29
CA ALA JB 476 11.55 81.19 -55.96
C ALA JB 476 12.54 80.28 -55.24
N SER JB 477 13.78 80.26 -55.71
CA SER JB 477 14.84 79.57 -54.99
C SER JB 477 15.13 80.22 -53.64
N GLY JB 478 14.72 81.47 -53.45
CA GLY JB 478 15.03 82.17 -52.24
C GLY JB 478 16.36 82.87 -52.23
N ALA JB 479 17.15 82.73 -53.30
CA ALA JB 479 18.41 83.44 -53.38
C ALA JB 479 18.21 84.94 -53.37
N LEU JB 480 17.02 85.42 -53.72
CA LEU JB 480 16.67 86.82 -53.62
C LEU JB 480 15.40 86.94 -52.80
N VAL JB 481 15.36 87.95 -51.93
CA VAL JB 481 14.24 88.15 -51.02
C VAL JB 481 13.75 89.59 -51.13
N ALA JB 482 12.50 89.79 -50.72
CA ALA JB 482 11.91 91.11 -50.72
C ALA JB 482 12.56 91.99 -49.67
N PRO JB 483 12.60 93.30 -49.89
CA PRO JB 483 13.25 94.20 -48.93
C PRO JB 483 12.53 94.19 -47.58
N ARG JB 484 13.33 94.35 -46.53
CA ARG JB 484 12.78 94.38 -45.17
C ARG JB 484 12.12 95.70 -44.83
N ASP JB 485 12.47 96.78 -45.53
CA ASP JB 485 11.87 98.09 -45.26
C ASP JB 485 10.94 98.47 -46.39
N PRO JB 486 9.62 98.43 -46.18
CA PRO JB 486 8.70 98.84 -47.26
C PRO JB 486 8.70 100.32 -47.51
N ASP JB 487 9.02 101.15 -46.52
CA ASP JB 487 8.94 102.60 -46.70
C ASP JB 487 9.92 103.08 -47.76
N ALA JB 488 11.19 102.72 -47.63
CA ALA JB 488 12.23 103.20 -48.54
C ALA JB 488 12.55 102.18 -49.62
N ASP JB 489 12.94 100.97 -49.21
CA ASP JB 489 13.31 99.93 -50.15
C ASP JB 489 12.11 99.23 -50.75
N GLY JB 490 10.91 99.50 -50.28
CA GLY JB 490 9.74 98.83 -50.81
C GLY JB 490 9.68 97.39 -50.35
N THR JB 491 8.84 96.63 -51.04
CA THR JB 491 8.68 95.20 -50.79
C THR JB 491 8.66 94.47 -52.13
N GLU JB 492 9.60 94.80 -53.00
CA GLU JB 492 9.70 94.18 -54.30
C GLU JB 492 11.15 93.76 -54.46
N PRO JB 493 11.41 92.52 -54.82
CA PRO JB 493 12.80 92.01 -54.82
C PRO JB 493 13.69 92.64 -55.88
N TYR JB 494 13.25 92.68 -57.12
CA TYR JB 494 14.13 93.03 -58.22
C TYR JB 494 13.48 94.07 -59.12
N VAL JB 495 14.21 95.13 -59.41
CA VAL JB 495 13.74 96.20 -60.27
C VAL JB 495 14.63 96.25 -61.50
N LEU JB 496 14.02 96.29 -62.68
CA LEU JB 496 14.73 96.31 -63.94
C LEU JB 496 14.37 97.56 -64.72
N LYS JB 497 15.34 98.07 -65.48
CA LYS JB 497 15.08 99.18 -66.37
C LYS JB 497 16.00 99.08 -67.57
N VAL JB 498 15.46 99.36 -68.75
CA VAL JB 498 16.21 99.33 -69.99
C VAL JB 498 15.93 100.61 -70.75
N THR JB 499 16.99 101.26 -71.24
CA THR JB 499 16.87 102.50 -71.99
C THR JB 499 17.75 102.41 -73.23
N GLN JB 500 17.41 103.23 -74.23
CA GLN JB 500 18.18 103.34 -75.46
C GLN JB 500 18.43 104.82 -75.73
N ALA JB 501 19.57 105.12 -76.34
CA ALA JB 501 19.91 106.51 -76.67
C ALA JB 501 20.02 106.75 -78.17
N GLU JB 502 20.81 105.95 -78.87
CA GLU JB 502 21.01 106.16 -80.30
C GLU JB 502 21.28 104.80 -80.95
N PHE JB 503 21.83 104.82 -82.17
CA PHE JB 503 22.34 103.63 -82.85
C PHE JB 503 23.08 102.72 -81.87
N ASP JB 504 23.80 103.31 -80.93
CA ASP JB 504 24.40 102.60 -79.82
C ASP JB 504 23.95 103.24 -78.52
N LYS JB 505 24.60 102.85 -77.43
CA LYS JB 505 24.36 103.42 -76.09
C LYS JB 505 22.92 103.16 -75.64
N TRP JB 506 22.63 101.88 -75.46
CA TRP JB 506 21.51 101.45 -74.64
C TRP JB 506 22.08 100.86 -73.35
N GLU JB 507 21.29 100.96 -72.28
CA GLU JB 507 21.74 100.53 -70.97
C GLU JB 507 20.65 99.72 -70.28
N VAL JB 508 21.08 98.70 -69.55
CA VAL JB 508 20.21 97.91 -68.69
C VAL JB 508 20.72 98.04 -67.26
N VAL JB 509 19.82 98.32 -66.34
CA VAL JB 509 20.15 98.47 -64.92
C VAL JB 509 19.19 97.60 -64.13
N TRP JB 510 19.71 97.02 -63.05
CA TRP JB 510 18.94 96.14 -62.20
C TRP JB 510 19.36 96.34 -60.75
N ALA JB 511 18.37 96.31 -59.87
CA ALA JB 511 18.61 96.41 -58.43
C ALA JB 511 17.89 95.27 -57.73
N CYS JB 512 18.55 94.69 -56.72
CA CYS JB 512 17.92 93.64 -55.93
C CYS JB 512 18.34 93.81 -54.47
N CYS JB 513 18.04 92.79 -53.66
CA CYS JB 513 18.02 92.95 -52.21
C CYS JB 513 18.88 91.89 -51.54
N PRO JB 514 19.57 92.24 -50.46
CA PRO JB 514 20.36 91.25 -49.72
C PRO JB 514 19.47 90.26 -48.99
N THR JB 515 20.04 89.09 -48.71
CA THR JB 515 19.35 88.00 -48.04
C THR JB 515 20.12 87.58 -46.79
N GLY JB 516 19.39 87.26 -45.73
CA GLY JB 516 20.04 86.89 -44.49
C GLY JB 516 20.57 85.48 -44.52
N VAL JB 517 21.60 85.25 -43.70
CA VAL JB 517 22.24 83.94 -43.59
C VAL JB 517 22.30 83.56 -42.12
N ALA JB 518 22.04 84.53 -41.25
CA ALA JB 518 22.05 84.34 -39.80
C ALA JB 518 23.42 83.86 -39.32
N ARG JB 519 24.42 84.74 -39.50
CA ARG JB 519 25.78 84.42 -39.08
C ARG JB 519 25.91 84.38 -37.56
N ARG JB 520 25.64 85.51 -36.91
CA ARG JB 520 25.88 85.66 -35.48
C ARG JB 520 24.57 85.48 -34.72
N ILE JB 521 24.57 84.56 -33.77
CA ILE JB 521 23.40 84.26 -32.96
C ILE JB 521 23.84 84.09 -31.52
N GLN JB 522 23.19 84.79 -30.60
CA GLN JB 522 23.53 84.75 -29.18
C GLN JB 522 22.31 84.30 -28.39
N GLY JB 523 22.55 83.47 -27.37
CA GLY JB 523 21.49 82.95 -26.53
C GLY JB 523 21.66 83.39 -25.10
N VAL JB 524 20.54 83.55 -24.40
CA VAL JB 524 20.56 84.03 -23.02
C VAL JB 524 19.78 83.10 -22.11
N PRO JB 525 20.32 82.76 -20.94
CA PRO JB 525 19.60 81.90 -20.00
C PRO JB 525 18.79 82.72 -19.00
N LEU JB 526 17.92 82.02 -18.28
CA LEU JB 526 17.18 82.64 -17.20
C LEU JB 526 16.65 81.55 -16.27
N LEU JB 527 16.50 81.90 -15.00
CA LEU JB 527 15.87 81.03 -14.01
C LEU JB 527 14.42 81.46 -13.83
N ILE JB 528 13.52 80.48 -13.90
CA ILE JB 528 12.10 80.79 -13.69
C ILE JB 528 11.79 81.09 -12.23
N LYS JB 529 12.74 80.87 -11.34
CA LYS JB 529 12.59 81.13 -9.91
C LYS JB 529 11.55 80.20 -9.29
N SER KB 2 41.19 78.44 -26.70
CA SER KB 2 40.92 77.68 -27.91
C SER KB 2 39.57 78.04 -28.52
N GLN KB 3 39.20 77.34 -29.60
CA GLN KB 3 37.93 77.61 -30.26
C GLN KB 3 36.75 77.28 -29.36
N TYR KB 4 36.94 76.36 -28.42
CA TYR KB 4 35.84 75.95 -27.55
C TYR KB 4 35.45 77.05 -26.56
N SER KB 5 36.23 78.11 -26.48
CA SER KB 5 35.98 79.17 -25.50
C SER KB 5 34.61 79.80 -25.72
N ILE KB 6 33.95 80.13 -24.62
CA ILE KB 6 32.62 80.71 -24.64
C ILE KB 6 32.75 82.16 -24.17
N GLN KB 7 32.32 83.09 -25.02
CA GLN KB 7 32.34 84.49 -24.64
C GLN KB 7 30.97 84.89 -24.10
N GLN KB 8 30.86 86.14 -23.66
CA GLN KB 8 29.61 86.64 -23.10
C GLN KB 8 28.57 86.90 -24.19
N SER KB 9 28.99 87.43 -25.33
CA SER KB 9 28.06 87.75 -26.40
C SER KB 9 28.82 87.87 -27.72
N LEU KB 10 28.08 87.79 -28.82
CA LEU KB 10 28.67 87.85 -30.14
C LEU KB 10 29.14 89.26 -30.46
N GLY KB 11 30.26 89.35 -31.17
CA GLY KB 11 30.78 90.63 -31.63
C GLY KB 11 30.45 90.84 -33.09
N ASN KB 12 31.43 90.60 -33.95
CA ASN KB 12 31.26 90.80 -35.38
C ASN KB 12 31.64 89.58 -36.21
N ALA KB 13 31.85 88.42 -35.56
CA ALA KB 13 32.18 87.20 -36.26
C ALA KB 13 31.17 86.12 -35.89
N SER KB 14 30.96 85.19 -36.81
CA SER KB 14 30.01 84.11 -36.58
C SER KB 14 30.43 83.29 -35.37
N GLY KB 15 29.45 82.95 -34.54
CA GLY KB 15 29.70 82.16 -33.36
C GLY KB 15 28.45 82.05 -32.54
N VAL KB 16 28.57 81.35 -31.41
CA VAL KB 16 27.49 81.19 -30.46
C VAL KB 16 28.03 81.49 -29.07
N ALA KB 17 27.32 82.35 -28.33
CA ALA KB 17 27.72 82.71 -26.97
C ALA KB 17 26.50 82.70 -26.07
N VAL KB 18 26.73 82.43 -24.79
CA VAL KB 18 25.69 82.41 -23.78
C VAL KB 18 26.02 83.44 -22.72
N SER KB 19 25.02 84.22 -22.33
CA SER KB 19 25.19 85.19 -21.27
C SER KB 19 25.23 84.47 -19.92
N PRO KB 20 25.77 85.13 -18.90
CA PRO KB 20 25.69 84.56 -17.54
C PRO KB 20 24.25 84.41 -17.10
N ILE KB 21 24.01 83.39 -16.27
CA ILE KB 21 22.65 83.10 -15.83
C ILE KB 21 22.10 84.26 -15.03
N ASN KB 22 20.82 84.57 -15.26
CA ASN KB 22 20.10 85.56 -14.50
C ASN KB 22 18.94 84.89 -13.79
N ALA KB 23 18.58 85.44 -12.64
CA ALA KB 23 17.47 84.93 -11.86
C ALA KB 23 16.35 85.94 -11.67
N ASP KB 24 16.69 87.21 -11.44
CA ASP KB 24 15.69 88.24 -11.19
C ASP KB 24 15.29 88.91 -12.50
N ALA KB 25 14.49 88.18 -13.27
CA ALA KB 25 13.91 88.69 -14.50
C ALA KB 25 12.69 87.88 -14.84
N THR KB 26 11.79 88.49 -15.62
CA THR KB 26 10.55 87.86 -16.04
C THR KB 26 10.43 87.96 -17.55
N LEU KB 27 9.58 87.12 -18.13
CA LEU KB 27 9.39 87.07 -19.56
C LEU KB 27 7.91 87.19 -19.90
N SER KB 28 7.61 87.97 -20.94
CA SER KB 28 6.26 88.16 -21.44
C SER KB 28 6.16 87.54 -22.82
N THR KB 29 5.19 86.64 -23.02
CA THR KB 29 5.03 85.93 -24.26
C THR KB 29 3.59 85.98 -24.72
N GLY KB 30 3.40 85.95 -26.04
CA GLY KB 30 2.07 85.97 -26.61
C GLY KB 30 1.90 86.95 -27.75
N VAL KB 31 0.84 86.80 -28.52
CA VAL KB 31 0.51 87.70 -29.63
C VAL KB 31 -0.87 88.27 -29.40
N ALA KB 32 -0.98 89.59 -29.35
CA ALA KB 32 -2.25 90.24 -29.12
C ALA KB 32 -3.03 90.41 -30.42
N LEU KB 33 -4.33 90.13 -30.36
CA LEU KB 33 -5.17 90.31 -31.53
C LEU KB 33 -5.48 91.78 -31.78
N ASN KB 34 -5.54 92.58 -30.72
CA ASN KB 34 -5.72 94.03 -30.82
C ASN KB 34 -6.99 94.39 -31.60
N SER KB 35 -8.05 93.59 -31.39
CA SER KB 35 -9.33 93.93 -31.99
C SER KB 35 -9.89 95.22 -31.41
N SER KB 36 -9.73 95.42 -30.11
CA SER KB 36 -10.20 96.61 -29.41
C SER KB 36 -9.02 97.24 -28.68
N LEU KB 37 -8.88 98.55 -28.80
CA LEU KB 37 -7.76 99.26 -28.21
C LEU KB 37 -8.23 100.15 -27.06
N TRP KB 38 -7.27 100.49 -26.21
CA TRP KB 38 -7.54 101.19 -24.98
C TRP KB 38 -6.44 102.20 -24.73
N ALA KB 39 -6.79 103.21 -23.94
CA ALA KB 39 -5.88 104.31 -23.65
C ALA KB 39 -6.15 104.82 -22.24
N GLY KB 40 -5.14 105.46 -21.66
CA GLY KB 40 -5.27 106.04 -20.34
C GLY KB 40 -3.95 106.59 -19.87
N ILE KB 41 -4.03 107.38 -18.81
CA ILE KB 41 -2.86 107.95 -18.16
C ILE KB 41 -2.41 107.04 -17.03
N GLY KB 42 -1.11 106.75 -16.99
CA GLY KB 42 -0.57 105.88 -15.98
C GLY KB 42 0.73 106.42 -15.41
N VAL KB 43 1.10 105.86 -14.27
CA VAL KB 43 2.33 106.20 -13.56
C VAL KB 43 3.28 105.04 -13.75
N PHE KB 44 4.40 105.28 -14.43
CA PHE KB 44 5.31 104.20 -14.73
C PHE KB 44 6.75 104.59 -14.44
N ALA KB 45 7.67 103.72 -14.82
CA ALA KB 45 9.10 104.02 -14.80
C ALA KB 45 9.61 104.02 -16.23
N ARG KB 46 10.47 104.98 -16.56
CA ARG KB 46 11.04 105.12 -17.89
C ARG KB 46 9.96 105.44 -18.92
N GLY KB 47 10.34 105.69 -20.15
CA GLY KB 47 9.39 106.03 -21.20
C GLY KB 47 9.30 107.54 -21.38
N LYS KB 48 8.76 107.93 -22.52
CA LYS KB 48 8.63 109.34 -22.85
C LYS KB 48 7.53 109.97 -22.01
N PRO KB 49 7.83 110.98 -21.21
CA PRO KB 49 6.79 111.59 -20.37
C PRO KB 49 5.84 112.43 -21.20
N PHE KB 50 4.61 112.54 -20.70
CA PHE KB 50 3.60 113.45 -21.23
C PHE KB 50 3.29 113.19 -22.70
N THR KB 51 3.58 111.98 -23.17
CA THR KB 51 3.33 111.62 -24.57
C THR KB 51 2.70 110.24 -24.62
N VAL KB 52 2.03 109.96 -25.73
CA VAL KB 52 1.39 108.67 -25.92
C VAL KB 52 2.42 107.65 -26.38
N LEU KB 53 2.35 106.46 -25.80
CA LEU KB 53 3.23 105.36 -26.17
C LEU KB 53 2.38 104.11 -26.37
N ALA KB 54 2.54 103.48 -27.53
CA ALA KB 54 1.86 102.23 -27.82
C ALA KB 54 2.65 101.09 -27.18
N VAL KB 55 2.02 100.38 -26.25
CA VAL KB 55 2.66 99.32 -25.48
C VAL KB 55 1.94 98.02 -25.76
N THR KB 56 2.70 97.00 -26.13
CA THR KB 56 2.15 95.68 -26.38
C THR KB 56 2.53 94.73 -25.25
N GLU KB 57 2.03 93.50 -25.35
CA GLU KB 57 2.27 92.50 -24.31
C GLU KB 57 3.74 92.11 -24.23
N SER KB 58 4.40 91.95 -25.39
CA SER KB 58 5.77 91.44 -25.38
C SER KB 58 6.73 92.46 -24.77
N ASN KB 59 6.62 93.71 -25.18
CA ASN KB 59 7.61 94.73 -24.84
C ASN KB 59 7.26 95.51 -23.58
N TYR KB 60 6.15 95.17 -22.92
CA TYR KB 60 5.68 96.02 -21.82
C TYR KB 60 6.72 96.10 -20.71
N GLU KB 61 7.32 94.97 -20.34
CA GLU KB 61 8.21 94.96 -19.19
C GLU KB 61 9.46 95.80 -19.45
N ASP KB 62 10.04 95.67 -20.64
CA ASP KB 62 11.24 96.40 -20.96
C ASP KB 62 10.98 97.81 -21.48
N VAL KB 63 9.72 98.21 -21.63
CA VAL KB 63 9.44 99.62 -21.86
C VAL KB 63 9.04 100.34 -20.58
N LEU KB 64 8.52 99.64 -19.58
CA LEU KB 64 8.21 100.27 -18.30
C LEU KB 64 9.27 99.98 -17.24
N GLY KB 65 10.32 99.24 -17.57
CA GLY KB 65 11.34 98.96 -16.58
C GLY KB 65 10.89 97.94 -15.55
N GLU KB 66 11.56 97.98 -14.41
CA GLU KB 66 11.21 97.12 -13.30
C GLU KB 66 9.92 97.63 -12.64
N PRO KB 67 8.93 96.76 -12.42
CA PRO KB 67 7.67 97.22 -11.84
C PRO KB 67 7.86 97.80 -10.43
N LEU KB 68 7.11 98.86 -10.14
CA LEU KB 68 7.21 99.52 -8.85
C LEU KB 68 6.65 98.64 -7.75
N LYS KB 69 6.99 99.00 -6.52
CA LYS KB 69 6.50 98.23 -5.39
C LYS KB 69 5.30 98.94 -4.75
N PRO KB 70 4.40 98.17 -4.16
CA PRO KB 70 3.30 98.81 -3.39
C PRO KB 70 3.81 99.61 -2.21
N SER KB 71 4.94 99.23 -1.64
CA SER KB 71 5.52 100.01 -0.54
C SER KB 71 5.89 101.41 -1.00
N SER KB 72 6.11 101.61 -2.29
CA SER KB 72 6.40 102.94 -2.85
C SER KB 72 5.12 103.66 -3.20
N GLY KB 73 4.19 103.74 -2.24
CA GLY KB 73 2.95 104.43 -2.46
C GLY KB 73 1.97 103.63 -3.30
N SER KB 74 0.86 104.30 -3.61
CA SER KB 74 -0.24 103.68 -4.35
C SER KB 74 -0.04 103.77 -5.86
N GLN KB 75 1.18 103.98 -6.31
CA GLN KB 75 1.47 104.12 -7.73
C GLN KB 75 1.61 102.79 -8.44
N PHE KB 76 1.34 101.67 -7.75
CA PHE KB 76 1.37 100.36 -8.38
C PHE KB 76 0.06 100.02 -9.09
N GLU KB 77 -0.99 100.81 -8.88
CA GLU KB 77 -2.25 100.55 -9.58
C GLU KB 77 -2.11 100.54 -11.09
N PRO KB 78 -1.48 101.54 -11.73
CA PRO KB 78 -1.37 101.47 -13.20
C PRO KB 78 -0.60 100.27 -13.69
N ILE KB 79 0.48 99.89 -13.00
CA ILE KB 79 1.27 98.77 -13.49
C ILE KB 79 0.51 97.47 -13.31
N ARG KB 80 -0.20 97.31 -12.19
CA ARG KB 80 -1.04 96.13 -12.04
C ARG KB 80 -2.12 96.10 -13.12
N HIS KB 81 -2.72 97.26 -13.41
CA HIS KB 81 -3.79 97.31 -14.39
C HIS KB 81 -3.28 96.96 -15.79
N VAL KB 82 -2.15 97.50 -16.18
CA VAL KB 82 -1.62 97.17 -17.50
C VAL KB 82 -1.19 95.71 -17.53
N TYR KB 83 -0.68 95.18 -16.42
CA TYR KB 83 -0.31 93.78 -16.39
C TYR KB 83 -1.53 92.89 -16.62
N GLU KB 84 -2.65 93.22 -15.97
CA GLU KB 84 -3.84 92.41 -16.13
C GLU KB 84 -4.61 92.71 -17.41
N ALA KB 85 -4.29 93.79 -18.10
CA ALA KB 85 -5.01 94.14 -19.33
C ALA KB 85 -4.20 93.93 -20.59
N ILE KB 86 -2.91 93.59 -20.49
CA ILE KB 86 -2.07 93.54 -21.68
C ILE KB 86 -2.02 92.17 -22.34
N GLN KB 87 -2.44 91.11 -21.64
CA GLN KB 87 -2.42 89.78 -22.23
C GLN KB 87 -3.47 89.62 -23.33
N GLN KB 88 -4.35 90.61 -23.49
CA GLN KB 88 -5.40 90.52 -24.49
C GLN KB 88 -5.20 91.48 -25.66
N THR KB 89 -4.78 92.72 -25.39
CA THR KB 89 -4.56 93.69 -26.45
C THR KB 89 -3.53 94.69 -25.99
N SER KB 90 -2.97 95.42 -26.95
CA SER KB 90 -2.04 96.49 -26.66
C SER KB 90 -2.81 97.73 -26.22
N GLY KB 91 -2.08 98.79 -25.92
CA GLY KB 91 -2.69 100.03 -25.49
C GLY KB 91 -1.85 101.21 -25.90
N TYR KB 92 -2.37 102.40 -25.61
CA TYR KB 92 -1.76 103.67 -26.00
C TYR KB 92 -1.52 104.54 -24.78
N VAL KB 93 -0.81 103.99 -23.79
CA VAL KB 93 -0.76 104.61 -22.47
C VAL KB 93 0.05 105.91 -22.51
N VAL KB 94 -0.28 106.83 -21.61
CA VAL KB 94 0.40 108.11 -21.50
C VAL KB 94 0.99 108.23 -20.10
N ARG KB 95 2.28 108.52 -20.01
CA ARG KB 95 2.97 108.65 -18.74
C ARG KB 95 3.41 110.09 -18.52
N ALA KB 96 3.22 110.58 -17.29
CA ALA KB 96 3.62 111.92 -16.90
C ALA KB 96 4.54 111.85 -15.69
N VAL KB 97 5.30 112.92 -15.48
CA VAL KB 97 6.24 112.99 -14.37
C VAL KB 97 6.00 114.27 -13.59
N PRO KB 98 6.29 114.29 -12.30
CA PRO KB 98 6.14 115.53 -11.51
C PRO KB 98 7.29 116.50 -11.83
N ASP KB 99 7.26 117.63 -11.12
CA ASP KB 99 8.27 118.65 -11.34
C ASP KB 99 9.67 118.20 -10.91
N ASP KB 100 9.75 117.38 -9.85
CA ASP KB 100 11.04 116.94 -9.34
C ASP KB 100 11.76 115.99 -10.27
N ALA KB 101 11.09 115.48 -11.31
CA ALA KB 101 11.72 114.54 -12.21
C ALA KB 101 12.71 115.24 -13.11
N LYS KB 102 13.97 114.78 -13.08
CA LYS KB 102 15.02 115.31 -13.92
C LYS KB 102 15.85 114.15 -14.46
N PHE KB 103 16.34 114.31 -15.66
CA PHE KB 103 17.16 113.35 -16.36
C PHE KB 103 18.62 113.80 -16.37
N PRO KB 104 19.55 112.85 -16.33
CA PRO KB 104 20.98 113.22 -16.35
C PRO KB 104 21.43 113.62 -17.74
N ILE KB 105 22.58 114.28 -17.78
CA ILE KB 105 23.17 114.74 -19.03
C ILE KB 105 24.66 114.93 -18.81
N ILE KB 106 25.43 114.61 -19.84
CA ILE KB 106 26.88 114.76 -19.84
C ILE KB 106 27.25 115.71 -20.96
N MET KB 107 28.06 116.72 -20.63
CA MET KB 107 28.40 117.80 -21.53
C MET KB 107 29.87 117.68 -21.87
N PHE KB 108 30.18 117.46 -23.14
CA PHE KB 108 31.55 117.36 -23.59
C PHE KB 108 31.98 118.65 -24.26
N ASP KB 109 33.11 119.19 -23.80
CA ASP KB 109 33.68 120.36 -24.46
C ASP KB 109 34.44 119.94 -25.71
N GLU KB 110 35.01 120.92 -26.41
CA GLU KB 110 35.77 120.63 -27.62
C GLU KB 110 36.99 119.77 -27.30
N SER KB 111 37.63 120.02 -26.16
CA SER KB 111 38.69 119.15 -25.68
C SER KB 111 38.17 117.79 -25.26
N GLY KB 112 36.85 117.63 -25.17
CA GLY KB 112 36.25 116.38 -24.74
C GLY KB 112 36.05 116.25 -23.24
N GLU KB 113 36.38 117.28 -22.48
CA GLU KB 113 36.21 117.20 -21.03
C GLU KB 113 34.73 117.11 -20.69
N PRO KB 114 34.37 116.29 -19.70
CA PRO KB 114 32.96 116.10 -19.35
C PRO KB 114 32.49 117.01 -18.23
N ALA KB 115 31.17 117.19 -18.20
CA ALA KB 115 30.50 117.93 -17.12
C ALA KB 115 29.13 117.30 -16.93
N TYR KB 116 28.84 116.84 -15.73
CA TYR KB 116 27.62 116.10 -15.47
C TYR KB 116 26.59 117.02 -14.83
N SER KB 117 25.36 116.98 -15.33
CA SER KB 117 24.30 117.82 -14.82
C SER KB 117 22.98 117.07 -14.92
N ALA KB 118 21.92 117.70 -14.42
CA ALA KB 118 20.58 117.15 -14.49
C ALA KB 118 19.64 118.23 -15.01
N LEU KB 119 18.68 117.83 -15.82
CA LEU KB 119 17.75 118.79 -16.39
C LEU KB 119 16.32 118.29 -16.25
N PRO KB 120 15.36 119.19 -16.01
CA PRO KB 120 13.98 118.76 -15.91
C PRO KB 120 13.45 118.27 -17.25
N TYR KB 121 12.54 117.32 -17.19
CA TYR KB 121 11.99 116.75 -18.40
C TYR KB 121 11.18 117.80 -19.15
N GLY KB 122 11.31 117.81 -20.47
CA GLY KB 122 10.67 118.81 -21.30
C GLY KB 122 11.45 120.08 -21.47
N SER KB 123 12.59 120.22 -20.80
CA SER KB 123 13.39 121.44 -20.89
C SER KB 123 14.26 121.40 -22.14
N GLU KB 124 14.21 122.49 -22.91
CA GLU KB 124 15.05 122.60 -24.10
C GLU KB 124 16.50 122.83 -23.70
N ILE KB 125 17.41 122.34 -24.54
CA ILE KB 125 18.85 122.45 -24.28
C ILE KB 125 19.41 123.66 -24.99
N GLU KB 126 20.18 124.46 -24.25
CA GLU KB 126 20.86 125.62 -24.80
C GLU KB 126 22.34 125.53 -24.44
N LEU KB 127 23.18 126.05 -25.33
CA LEU KB 127 24.62 125.98 -25.16
C LEU KB 127 25.24 127.35 -25.41
N ASP KB 128 26.29 127.66 -24.66
CA ASP KB 128 26.99 128.93 -24.76
C ASP KB 128 28.12 128.83 -25.78
N SER KB 129 29.04 129.81 -25.75
CA SER KB 129 30.14 129.84 -26.70
C SER KB 129 30.97 128.56 -26.63
N GLY KB 130 31.30 128.11 -25.42
CA GLY KB 130 31.98 126.84 -25.24
C GLY KB 130 30.98 125.69 -25.32
N GLU KB 131 31.25 124.64 -24.55
CA GLU KB 131 30.29 123.56 -24.37
C GLU KB 131 29.91 122.92 -25.71
N ALA KB 132 30.89 122.20 -26.26
CA ALA KB 132 30.79 121.65 -27.62
C ALA KB 132 29.48 120.92 -27.84
N PHE KB 133 29.20 119.85 -27.08
CA PHE KB 133 28.02 119.05 -27.37
C PHE KB 133 27.55 118.30 -26.14
N ALA KB 134 26.23 118.08 -26.07
CA ALA KB 134 25.57 117.47 -24.93
C ALA KB 134 25.00 116.12 -25.31
N ILE KB 135 25.04 115.18 -24.36
CA ILE KB 135 24.44 113.86 -24.50
C ILE KB 135 23.54 113.62 -23.30
N TYR KB 136 22.29 113.24 -23.55
CA TYR KB 136 21.30 113.14 -22.50
C TYR KB 136 20.37 111.97 -22.77
N VAL KB 137 19.89 111.36 -21.70
CA VAL KB 137 18.90 110.31 -21.81
C VAL KB 137 17.56 110.91 -22.17
N ASP KB 138 16.73 110.14 -22.88
CA ASP KB 138 15.46 110.64 -23.37
C ASP KB 138 14.26 109.78 -22.99
N ASP KB 139 14.46 108.55 -22.54
CA ASP KB 139 13.36 107.69 -22.13
C ASP KB 139 13.04 107.82 -20.65
N GLY KB 140 13.73 108.69 -19.92
CA GLY KB 140 13.47 108.89 -18.51
C GLY KB 140 14.19 107.93 -17.58
N ASP KB 141 15.06 107.09 -18.09
CA ASP KB 141 15.81 106.19 -17.21
C ASP KB 141 16.82 106.98 -16.39
N PRO KB 142 16.80 106.86 -15.06
CA PRO KB 142 17.84 107.53 -14.26
C PRO KB 142 19.23 106.97 -14.48
N CYS KB 143 19.35 105.81 -15.13
CA CYS KB 143 20.64 105.16 -15.37
C CYS KB 143 21.36 104.90 -14.05
N ILE KB 144 20.61 104.48 -13.04
CA ILE KB 144 21.16 104.28 -11.71
C ILE KB 144 20.99 102.82 -11.31
N SER KB 145 19.98 102.17 -11.87
CA SER KB 145 19.69 100.79 -11.48
C SER KB 145 18.94 100.08 -12.60
N PRO KB 146 19.64 99.43 -13.53
CA PRO KB 146 21.10 99.39 -13.67
C PRO KB 146 21.64 100.65 -14.33
N THR KB 147 22.93 100.91 -14.19
CA THR KB 147 23.54 102.09 -14.79
C THR KB 147 23.86 101.85 -16.26
N ARG KB 148 24.02 102.95 -17.00
CA ARG KB 148 24.36 102.91 -18.41
C ARG KB 148 25.70 103.57 -18.63
N GLU KB 149 26.56 102.89 -19.39
CA GLU KB 149 27.91 103.36 -19.66
C GLU KB 149 28.14 103.47 -21.16
N LEU KB 150 28.92 104.47 -21.54
CA LEU KB 150 29.17 104.78 -22.94
C LEU KB 150 30.65 104.62 -23.24
N THR KB 151 30.95 104.26 -24.48
CA THR KB 151 32.33 104.10 -24.92
C THR KB 151 32.47 104.69 -26.32
N ILE KB 152 33.46 105.56 -26.49
CA ILE KB 152 33.77 106.15 -27.78
C ILE KB 152 35.10 105.57 -28.25
N GLU KB 153 35.19 105.33 -29.55
CA GLU KB 153 36.42 104.82 -30.13
C GLU KB 153 36.47 105.27 -31.59
N THR KB 154 37.47 106.08 -31.92
CA THR KB 154 37.64 106.50 -33.30
C THR KB 154 37.86 105.29 -34.20
N ALA KB 155 37.17 105.26 -35.32
CA ALA KB 155 37.24 104.13 -36.24
C ALA KB 155 37.63 104.59 -37.63
N THR KB 156 37.58 103.68 -38.60
CA THR KB 156 37.97 104.01 -39.97
C THR KB 156 37.10 105.14 -40.51
N ALA KB 157 37.75 106.08 -41.17
CA ALA KB 157 37.09 107.27 -41.68
C ALA KB 157 36.58 107.03 -43.10
N ASP KB 158 35.76 107.97 -43.58
CA ASP KB 158 35.23 107.85 -44.92
C ASP KB 158 36.31 108.14 -45.96
N SER KB 159 36.05 107.68 -47.19
CA SER KB 159 36.97 107.99 -48.28
C SER KB 159 37.07 109.49 -48.52
N ALA KB 160 36.01 110.22 -48.19
CA ALA KB 160 36.02 111.67 -48.27
C ALA KB 160 36.74 112.31 -47.09
N GLY KB 161 37.48 111.53 -46.32
CA GLY KB 161 38.17 112.07 -45.16
C GLY KB 161 37.28 112.30 -43.97
N ASN KB 162 36.02 111.88 -44.03
CA ASN KB 162 35.09 112.12 -42.94
C ASN KB 162 35.43 111.20 -41.77
N GLU KB 163 36.01 111.78 -40.72
CA GLU KB 163 36.40 110.98 -39.56
C GLU KB 163 35.18 110.32 -38.93
N ARG KB 164 35.32 109.05 -38.60
CA ARG KB 164 34.25 108.27 -38.03
C ARG KB 164 34.72 107.62 -36.74
N PHE KB 165 33.75 107.30 -35.87
CA PHE KB 165 34.06 106.77 -34.56
C PHE KB 165 32.86 106.00 -34.06
N LEU KB 166 33.13 104.96 -33.27
CA LEU KB 166 32.09 104.07 -32.79
C LEU KB 166 31.64 104.46 -31.39
N LEU KB 167 30.32 104.49 -31.20
CA LEU KB 167 29.71 104.65 -29.89
C LEU KB 167 29.12 103.31 -29.46
N LYS KB 168 29.48 102.89 -28.26
CA LYS KB 168 28.94 101.67 -27.65
C LYS KB 168 28.21 102.05 -26.39
N LEU KB 169 27.01 101.50 -26.22
CA LEU KB 169 26.26 101.63 -24.99
C LEU KB 169 26.26 100.29 -24.27
N THR KB 170 26.32 100.35 -22.94
CA THR KB 170 26.20 99.13 -22.16
C THR KB 170 25.48 99.44 -20.86
N GLN KB 171 24.91 98.40 -20.27
CA GLN KB 171 24.28 98.45 -18.97
C GLN KB 171 25.09 97.61 -17.99
N THR KB 172 25.16 98.07 -16.75
CA THR KB 172 25.87 97.33 -15.71
C THR KB 172 25.01 97.29 -14.46
N THR KB 173 24.83 96.10 -13.89
CA THR KB 173 23.97 95.97 -12.73
C THR KB 173 24.76 96.05 -11.43
N SER KB 174 24.04 96.02 -10.32
CA SER KB 174 24.67 96.05 -9.01
C SER KB 174 25.53 94.80 -8.78
N LEU KB 175 25.10 93.65 -9.30
CA LEU KB 175 25.94 92.47 -9.25
C LEU KB 175 27.24 92.71 -10.00
N GLY KB 176 27.18 93.47 -11.08
CA GLY KB 176 28.35 93.76 -11.90
C GLY KB 176 28.25 93.23 -13.30
N VAL KB 177 27.14 92.63 -13.71
CA VAL KB 177 27.05 92.13 -15.08
C VAL KB 177 26.98 93.32 -16.02
N VAL KB 178 27.76 93.23 -17.09
CA VAL KB 178 27.86 94.28 -18.10
C VAL KB 178 27.36 93.68 -19.41
N THR KB 179 26.37 94.34 -20.02
CA THR KB 179 25.77 93.87 -21.26
C THR KB 179 25.73 95.02 -22.26
N THR KB 180 26.30 94.79 -23.44
CA THR KB 180 26.30 95.82 -24.47
C THR KB 180 24.94 95.88 -25.15
N LEU KB 181 24.35 97.07 -25.16
CA LEU KB 181 23.03 97.26 -25.77
C LEU KB 181 23.15 97.46 -27.27
N GLU KB 182 23.89 98.48 -27.69
CA GLU KB 182 23.94 98.84 -29.11
C GLU KB 182 25.20 99.64 -29.40
N THR KB 183 25.69 99.49 -30.63
CA THR KB 183 26.82 100.24 -31.13
C THR KB 183 26.44 100.89 -32.46
N HIS KB 184 27.07 102.03 -32.75
CA HIS KB 184 26.81 102.73 -33.99
C HIS KB 184 28.01 103.60 -34.36
N THR KB 185 28.36 103.60 -35.64
CA THR KB 185 29.46 104.42 -36.14
C THR KB 185 28.91 105.75 -36.64
N VAL KB 186 29.47 106.84 -36.13
CA VAL KB 186 29.00 108.18 -36.45
C VAL KB 186 30.17 109.07 -36.80
N SER KB 187 29.87 110.15 -37.52
CA SER KB 187 30.87 111.09 -37.97
C SER KB 187 30.35 112.51 -37.76
N LEU KB 188 31.29 113.44 -37.62
CA LEU KB 188 30.95 114.84 -37.47
C LEU KB 188 30.49 115.48 -38.77
N ALA KB 189 30.79 114.86 -39.91
CA ALA KB 189 30.52 115.48 -41.20
C ALA KB 189 29.03 115.55 -41.47
N GLU KB 190 28.60 116.66 -42.06
CA GLU KB 190 27.20 116.84 -42.41
C GLU KB 190 26.73 115.76 -43.37
N GLU KB 191 27.48 115.56 -44.46
CA GLU KB 191 27.12 114.60 -45.50
C GLU KB 191 27.93 113.32 -45.42
N ALA KB 192 28.28 112.89 -44.21
CA ALA KB 192 29.02 111.65 -44.03
C ALA KB 192 28.12 110.47 -44.38
N LYS KB 193 28.50 109.70 -45.39
CA LYS KB 193 27.73 108.56 -45.87
C LYS KB 193 28.50 107.29 -45.56
N ASP KB 194 27.84 106.36 -44.86
CA ASP KB 194 28.50 105.14 -44.42
C ASP KB 194 28.54 104.11 -45.54
N ASP KB 195 29.21 102.99 -45.27
CA ASP KB 195 29.20 101.89 -46.22
C ASP KB 195 27.78 101.38 -46.44
N MET KB 196 26.92 101.51 -45.45
CA MET KB 196 25.51 101.18 -45.59
C MET KB 196 24.75 102.24 -46.38
N GLY KB 197 25.38 103.37 -46.68
CA GLY KB 197 24.72 104.48 -47.33
C GLY KB 197 24.00 105.40 -46.37
N ARG KB 198 23.92 105.04 -45.10
CA ARG KB 198 23.27 105.87 -44.09
C ARG KB 198 24.13 107.07 -43.75
N LEU KB 199 23.48 108.10 -43.22
CA LEU KB 199 24.18 109.31 -42.82
C LEU KB 199 24.84 109.11 -41.46
N CYS KB 200 26.14 109.41 -41.38
CA CYS KB 200 26.87 109.29 -40.14
C CYS KB 200 26.87 110.56 -39.31
N TYR KB 201 26.21 111.62 -39.80
CA TYR KB 201 26.16 112.85 -39.04
C TYR KB 201 25.42 112.62 -37.73
N LEU KB 202 25.92 113.25 -36.66
CA LEU KB 202 25.60 112.79 -35.31
C LEU KB 202 24.11 112.91 -34.97
N PRO KB 203 23.47 114.09 -35.07
CA PRO KB 203 22.05 114.16 -34.71
C PRO KB 203 21.17 113.30 -35.59
N THR KB 204 21.44 113.28 -36.89
CA THR KB 204 20.65 112.48 -37.80
C THR KB 204 20.74 111.00 -37.43
N ALA KB 205 21.96 110.54 -37.14
CA ALA KB 205 22.14 109.14 -36.78
C ALA KB 205 21.43 108.81 -35.47
N LEU KB 206 21.56 109.70 -34.48
CA LEU KB 206 20.95 109.39 -33.18
C LEU KB 206 19.43 109.40 -33.28
N GLU KB 207 18.87 110.29 -34.08
CA GLU KB 207 17.43 110.37 -34.23
C GLU KB 207 16.88 109.30 -35.17
N ALA KB 208 17.72 108.71 -36.01
CA ALA KB 208 17.25 107.68 -36.93
C ALA KB 208 17.40 106.28 -36.34
N ARG KB 209 18.63 105.90 -36.00
CA ARG KB 209 18.91 104.56 -35.54
C ARG KB 209 18.99 104.44 -34.02
N SER KB 210 19.64 105.38 -33.35
CA SER KB 210 19.71 105.32 -31.91
C SER KB 210 18.33 105.47 -31.28
N LYS KB 211 18.13 104.78 -30.16
CA LYS KB 211 16.85 104.78 -29.48
C LYS KB 211 16.94 105.01 -27.98
N TYR KB 212 18.13 105.12 -27.42
CA TYR KB 212 18.31 105.22 -25.98
C TYR KB 212 18.81 106.58 -25.53
N LEU KB 213 19.78 107.17 -26.23
CA LEU KB 213 20.42 108.41 -25.82
C LEU KB 213 20.36 109.41 -26.96
N ARG KB 214 20.00 110.64 -26.66
CA ARG KB 214 19.98 111.69 -27.66
C ARG KB 214 21.12 112.66 -27.38
N ALA KB 215 21.43 113.48 -28.38
CA ALA KB 215 22.54 114.40 -28.24
C ALA KB 215 22.31 115.62 -29.12
N VAL KB 216 22.98 116.70 -28.76
CA VAL KB 216 22.90 117.96 -29.49
C VAL KB 216 24.31 118.52 -29.65
N VAL KB 217 24.56 119.14 -30.80
CA VAL KB 217 25.86 119.68 -31.15
C VAL KB 217 25.68 121.10 -31.66
N ASN KB 218 26.53 122.01 -31.20
CA ASN KB 218 26.50 123.37 -31.72
C ASN KB 218 26.80 123.38 -33.22
N GLU KB 219 25.97 124.09 -33.96
CA GLU KB 219 26.19 124.24 -35.40
C GLU KB 219 27.45 125.02 -35.71
N GLU KB 220 27.98 125.77 -34.75
CA GLU KB 220 29.22 126.51 -34.94
C GLU KB 220 30.44 125.79 -34.39
N LEU KB 221 30.25 124.88 -33.44
CA LEU KB 221 31.34 124.09 -32.89
C LEU KB 221 31.42 122.70 -33.48
N ILE KB 222 30.54 122.37 -34.42
CA ILE KB 222 30.59 121.05 -35.06
C ILE KB 222 31.91 120.87 -35.81
N SER KB 223 32.33 121.90 -36.56
CA SER KB 223 33.58 121.80 -37.29
C SER KB 223 34.77 121.77 -36.35
N THR KB 224 34.72 122.54 -35.27
CA THR KB 224 35.84 122.67 -34.35
C THR KB 224 35.92 121.54 -33.35
N ALA KB 225 34.90 120.69 -33.26
CA ALA KB 225 34.93 119.59 -32.30
C ALA KB 225 35.95 118.53 -32.72
N LYS KB 226 36.58 117.93 -31.73
CA LYS KB 226 37.55 116.86 -31.91
C LYS KB 226 37.00 115.55 -31.34
N VAL KB 227 37.78 114.49 -31.49
CA VAL KB 227 37.39 113.17 -31.03
C VAL KB 227 38.52 112.57 -30.19
N THR KB 228 38.15 111.60 -29.36
CA THR KB 228 39.10 110.91 -28.50
C THR KB 228 38.58 109.50 -28.25
N ASN KB 229 39.11 108.85 -27.21
CA ASN KB 229 38.66 107.55 -26.78
C ASN KB 229 38.32 107.61 -25.30
N LYS KB 230 37.16 107.08 -24.95
CA LYS KB 230 36.66 107.13 -23.58
C LYS KB 230 36.04 105.78 -23.23
N LYS KB 231 35.88 105.56 -21.93
CA LYS KB 231 35.29 104.32 -21.44
C LYS KB 231 34.59 104.59 -20.11
N SER KB 232 33.55 103.81 -19.84
CA SER KB 232 32.80 103.91 -18.59
C SER KB 232 32.24 105.31 -18.39
N LEU KB 233 31.38 105.71 -19.33
CA LEU KB 233 30.75 107.03 -19.29
C LEU KB 233 29.33 106.85 -18.77
N ALA KB 234 29.17 107.05 -17.47
CA ALA KB 234 27.90 106.81 -16.79
C ALA KB 234 27.18 108.11 -16.52
N PHE KB 235 25.85 108.08 -16.65
CA PHE KB 235 25.01 109.22 -16.34
C PHE KB 235 24.60 109.20 -14.88
N THR KB 236 24.76 110.33 -14.20
CA THR KB 236 24.42 110.47 -12.79
C THR KB 236 23.52 111.69 -12.61
N GLY KB 237 22.74 111.66 -11.53
CA GLY KB 237 21.86 112.75 -11.18
C GLY KB 237 20.42 112.57 -11.60
N GLY KB 238 20.13 111.59 -12.45
CA GLY KB 238 18.76 111.35 -12.87
C GLY KB 238 17.91 110.88 -11.70
N THR KB 239 16.80 111.55 -11.48
CA THR KB 239 15.89 111.19 -10.40
C THR KB 239 14.49 111.65 -10.77
N ASN KB 240 13.56 110.71 -10.82
CA ASN KB 240 12.19 111.03 -11.22
C ASN KB 240 11.33 111.52 -10.06
N GLY KB 241 11.81 111.42 -8.82
CA GLY KB 241 10.99 111.80 -7.69
C GLY KB 241 9.92 110.76 -7.41
N ASP KB 242 8.92 111.19 -6.65
CA ASP KB 242 7.80 110.33 -6.27
C ASP KB 242 6.77 110.37 -7.38
N GLN KB 243 6.76 109.35 -8.23
CA GLN KB 243 5.81 109.28 -9.33
C GLN KB 243 4.38 109.10 -8.84
N SER KB 244 4.19 108.74 -7.57
CA SER KB 244 2.85 108.55 -7.04
C SER KB 244 2.05 109.85 -7.06
N LYS KB 245 2.67 110.97 -6.74
CA LYS KB 245 2.01 112.26 -6.70
C LYS KB 245 2.32 113.04 -7.96
N ILE KB 246 1.29 113.36 -8.74
CA ILE KB 246 1.42 114.14 -9.97
C ILE KB 246 0.32 115.19 -10.00
N SER KB 247 0.62 116.35 -10.56
CA SER KB 247 -0.26 117.50 -10.47
C SER KB 247 -1.51 117.33 -11.35
N THR KB 248 -2.55 118.07 -10.97
CA THR KB 248 -3.77 118.11 -11.77
C THR KB 248 -3.51 118.72 -13.14
N ALA KB 249 -2.66 119.74 -13.21
CA ALA KB 249 -2.34 120.33 -14.50
C ALA KB 249 -1.63 119.34 -15.40
N ALA KB 250 -0.71 118.55 -14.85
CA ALA KB 250 -0.07 117.51 -15.62
C ALA KB 250 -1.08 116.46 -16.07
N TYR KB 251 -2.03 116.13 -15.18
CA TYR KB 251 -3.09 115.20 -15.56
C TYR KB 251 -3.88 115.73 -16.74
N LEU KB 252 -4.25 117.01 -16.69
CA LEU KB 252 -5.02 117.62 -17.76
C LEU KB 252 -4.21 117.65 -19.05
N ARG KB 253 -2.93 117.97 -18.95
CA ARG KB 253 -2.08 117.98 -20.14
C ARG KB 253 -2.01 116.60 -20.77
N ALA KB 254 -1.81 115.57 -19.96
CA ALA KB 254 -1.70 114.21 -20.49
C ALA KB 254 -3.01 113.76 -21.13
N VAL KB 255 -4.14 114.05 -20.48
CA VAL KB 255 -5.41 113.61 -21.04
C VAL KB 255 -5.71 114.37 -22.31
N LYS KB 256 -5.37 115.65 -22.36
CA LYS KB 256 -5.55 116.41 -23.59
C LYS KB 256 -4.67 115.85 -24.71
N VAL KB 257 -3.44 115.47 -24.38
CA VAL KB 257 -2.53 114.90 -25.38
C VAL KB 257 -3.10 113.61 -25.93
N LEU KB 258 -3.55 112.72 -25.05
CA LEU KB 258 -4.09 111.45 -25.54
C LEU KB 258 -5.39 111.66 -26.31
N ASN KB 259 -6.16 112.67 -25.93
CA ASN KB 259 -7.33 113.03 -26.73
C ASN KB 259 -6.94 113.42 -28.13
N ASN KB 260 -5.91 114.26 -28.25
CA ASN KB 260 -5.47 114.68 -29.57
C ASN KB 260 -4.75 113.57 -30.32
N ALA KB 261 -4.36 112.51 -29.63
CA ALA KB 261 -3.65 111.40 -30.27
C ALA KB 261 -4.55 110.74 -31.31
N PRO KB 262 -4.15 110.69 -32.58
CA PRO KB 262 -5.02 110.16 -33.65
C PRO KB 262 -4.80 108.67 -33.90
N TYR KB 263 -5.06 107.85 -32.90
CA TYR KB 263 -4.90 106.40 -33.01
C TYR KB 263 -6.13 105.70 -32.50
N MET KB 264 -6.17 104.39 -32.72
CA MET KB 264 -7.32 103.61 -32.30
C MET KB 264 -7.30 103.36 -30.79
N TYR KB 265 -8.43 103.61 -30.15
CA TYR KB 265 -8.66 103.16 -28.78
C TYR KB 265 -10.16 103.17 -28.55
N THR KB 266 -10.75 102.00 -28.40
CA THR KB 266 -12.18 101.89 -28.19
C THR KB 266 -12.56 101.99 -26.72
N ALA KB 267 -11.60 102.09 -25.83
CA ALA KB 267 -11.94 102.12 -24.41
C ALA KB 267 -10.90 102.92 -23.62
N VAL KB 268 -11.37 103.45 -22.50
CA VAL KB 268 -10.55 104.18 -21.55
C VAL KB 268 -10.72 103.50 -20.20
N LEU KB 269 -9.62 103.38 -19.47
CA LEU KB 269 -9.57 102.63 -18.23
C LEU KB 269 -9.28 103.59 -17.09
N GLY KB 270 -9.69 103.23 -15.87
CA GLY KB 270 -9.27 104.03 -14.74
C GLY KB 270 -7.76 104.06 -14.58
N LEU KB 271 -7.14 102.88 -14.65
CA LEU KB 271 -5.69 102.74 -14.66
C LEU KB 271 -5.07 103.44 -13.45
N GLY KB 272 -5.79 103.42 -12.33
CA GLY KB 272 -5.30 103.96 -11.08
C GLY KB 272 -5.54 105.45 -10.86
N CYS KB 273 -6.05 106.18 -11.85
CA CYS KB 273 -6.30 107.60 -11.68
C CYS KB 273 -7.52 107.82 -10.80
N TYR KB 274 -7.38 108.69 -9.80
CA TYR KB 274 -8.48 109.01 -8.90
C TYR KB 274 -8.71 110.51 -8.75
N ASP KB 275 -8.02 111.34 -9.53
CA ASP KB 275 -8.31 112.75 -9.53
C ASP KB 275 -9.69 112.99 -10.12
N ASN KB 276 -10.53 113.73 -9.40
CA ASN KB 276 -11.90 113.93 -9.85
C ASN KB 276 -11.94 114.69 -11.16
N ALA KB 277 -11.13 115.74 -11.29
CA ALA KB 277 -11.11 116.52 -12.52
C ALA KB 277 -10.64 115.68 -13.70
N ALA KB 278 -9.58 114.90 -13.50
CA ALA KB 278 -9.10 114.03 -14.57
C ALA KB 278 -10.15 113.01 -14.97
N ILE KB 279 -10.83 112.43 -13.98
CA ILE KB 279 -11.87 111.44 -14.26
C ILE KB 279 -13.00 112.07 -15.05
N THR KB 280 -13.41 113.28 -14.66
CA THR KB 280 -14.47 113.97 -15.39
C THR KB 280 -14.05 114.27 -16.82
N ALA KB 281 -12.82 114.74 -17.01
CA ALA KB 281 -12.34 115.00 -18.36
C ALA KB 281 -12.33 113.72 -19.18
N LEU KB 282 -11.94 112.61 -18.57
CA LEU KB 282 -11.96 111.33 -19.25
C LEU KB 282 -13.39 110.97 -19.63
N GLY KB 283 -14.34 111.23 -18.74
CA GLY KB 283 -15.73 110.97 -19.08
C GLY KB 283 -16.18 111.80 -20.26
N LYS KB 284 -15.82 113.08 -20.27
CA LYS KB 284 -16.19 113.94 -21.38
C LYS KB 284 -15.61 113.44 -22.69
N ILE KB 285 -14.32 113.07 -22.68
CA ILE KB 285 -13.67 112.69 -23.92
C ILE KB 285 -14.19 111.35 -24.41
N CYS KB 286 -14.43 110.40 -23.50
CA CYS KB 286 -14.96 109.12 -23.96
C CYS KB 286 -16.39 109.28 -24.47
N ALA KB 287 -17.17 110.15 -23.83
CA ALA KB 287 -18.52 110.41 -24.30
C ALA KB 287 -18.52 111.02 -25.69
N ASP KB 288 -17.68 112.03 -25.93
CA ASP KB 288 -17.74 112.71 -27.21
C ASP KB 288 -16.95 111.98 -28.30
N ARG KB 289 -16.12 111.01 -27.93
CA ARG KB 289 -15.44 110.17 -28.90
C ARG KB 289 -16.11 108.82 -29.09
N LEU KB 290 -17.17 108.54 -28.32
CA LEU KB 290 -18.00 107.35 -28.54
C LEU KB 290 -17.17 106.07 -28.36
N ILE KB 291 -16.68 105.91 -27.13
CA ILE KB 291 -15.92 104.74 -26.71
C ILE KB 291 -16.41 104.37 -25.31
N ASP KB 292 -15.93 103.22 -24.82
CA ASP KB 292 -16.37 102.77 -23.50
C ASP KB 292 -15.45 103.31 -22.41
N GLY KB 293 -16.01 103.46 -21.22
CA GLY KB 293 -15.27 103.98 -20.07
C GLY KB 293 -15.32 103.03 -18.89
N PHE KB 294 -14.19 102.92 -18.20
CA PHE KB 294 -13.96 101.94 -17.15
C PHE KB 294 -13.52 102.63 -15.86
N PHE KB 295 -14.32 103.58 -15.40
CA PHE KB 295 -13.94 104.35 -14.22
C PHE KB 295 -14.03 103.51 -12.95
N ASP KB 296 -13.20 103.87 -11.97
CA ASP KB 296 -13.14 103.19 -10.68
C ASP KB 296 -13.12 104.21 -9.57
N VAL KB 297 -13.57 103.78 -8.39
CA VAL KB 297 -13.58 104.63 -7.21
C VAL KB 297 -12.49 104.14 -6.26
N LYS KB 298 -12.18 104.96 -5.27
CA LYS KB 298 -11.15 104.62 -4.30
C LYS KB 298 -11.57 103.41 -3.50
N PRO KB 299 -10.84 102.30 -3.56
CA PRO KB 299 -11.22 101.12 -2.74
C PRO KB 299 -11.15 101.41 -1.26
N THR KB 300 -10.25 102.30 -0.84
CA THR KB 300 -10.11 102.62 0.57
C THR KB 300 -11.41 103.15 1.15
N LEU KB 301 -12.18 103.86 0.34
CA LEU KB 301 -13.49 104.33 0.76
C LEU KB 301 -14.38 103.15 1.07
N THR KB 302 -15.04 103.18 2.23
CA THR KB 302 -15.93 102.09 2.58
C THR KB 302 -17.21 102.20 1.75
N TYR KB 303 -17.97 101.09 1.75
CA TYR KB 303 -19.22 101.03 0.98
C TYR KB 303 -20.22 102.09 1.41
N ALA KB 304 -20.15 102.55 2.66
CA ALA KB 304 -21.10 103.56 3.13
C ALA KB 304 -20.99 104.84 2.32
N GLU KB 305 -19.78 105.36 2.18
CA GLU KB 305 -19.54 106.59 1.43
C GLU KB 305 -19.21 106.31 -0.03
N ALA KB 306 -19.10 105.04 -0.42
CA ALA KB 306 -18.85 104.74 -1.82
C ALA KB 306 -20.01 105.18 -2.69
N LEU KB 307 -21.24 105.00 -2.20
CA LEU KB 307 -22.40 105.42 -2.99
C LEU KB 307 -22.41 106.92 -3.26
N PRO KB 308 -22.24 107.81 -2.28
CA PRO KB 308 -22.23 109.24 -2.61
C PRO KB 308 -21.08 109.63 -3.50
N ALA KB 309 -20.02 108.83 -3.56
CA ALA KB 309 -18.83 109.21 -4.30
C ALA KB 309 -19.12 109.45 -5.77
N VAL KB 310 -20.14 108.77 -6.32
CA VAL KB 310 -20.41 108.91 -7.76
C VAL KB 310 -20.85 110.33 -8.08
N GLU KB 311 -21.72 110.92 -7.26
CA GLU KB 311 -22.08 112.30 -7.49
C GLU KB 311 -21.08 113.27 -6.87
N ASP KB 312 -20.28 112.80 -5.91
CA ASP KB 312 -19.21 113.63 -5.38
C ASP KB 312 -18.18 113.95 -6.46
N THR KB 313 -17.84 112.95 -7.27
CA THR KB 313 -16.97 113.19 -8.42
C THR KB 313 -17.67 114.06 -9.46
N GLY KB 314 -18.98 113.94 -9.57
CA GLY KB 314 -19.73 114.66 -10.56
C GLY KB 314 -20.06 113.88 -11.82
N LEU KB 315 -19.81 112.57 -11.83
CA LEU KB 315 -20.05 111.76 -13.01
C LEU KB 315 -21.53 111.51 -13.26
N LEU KB 316 -22.40 111.90 -12.33
CA LEU KB 316 -23.83 111.78 -12.56
C LEU KB 316 -24.25 112.63 -13.75
N GLY KB 317 -25.03 112.04 -14.64
CA GLY KB 317 -25.51 112.75 -15.81
C GLY KB 317 -25.82 111.80 -16.94
N THR KB 318 -26.49 112.35 -17.95
CA THR KB 318 -26.85 111.58 -19.14
C THR KB 318 -25.73 111.51 -20.16
N ASP KB 319 -24.86 112.52 -20.20
CA ASP KB 319 -23.73 112.49 -21.13
C ASP KB 319 -22.82 111.32 -20.83
N TYR KB 320 -22.55 111.06 -19.55
CA TYR KB 320 -21.71 109.93 -19.14
C TYR KB 320 -22.55 108.65 -19.11
N VAL KB 321 -23.04 108.28 -20.29
CA VAL KB 321 -23.86 107.10 -20.44
C VAL KB 321 -23.03 105.88 -20.82
N SER KB 322 -22.00 106.07 -21.65
CA SER KB 322 -21.23 104.94 -22.14
C SER KB 322 -20.35 104.34 -21.05
N CYS KB 323 -19.86 105.17 -20.12
CA CYS KB 323 -18.90 104.68 -19.13
C CYS KB 323 -19.61 103.92 -18.02
N SER KB 324 -18.81 103.19 -17.24
CA SER KB 324 -19.27 102.48 -16.06
C SER KB 324 -18.27 102.69 -14.93
N VAL KB 325 -18.78 102.89 -13.73
CA VAL KB 325 -17.98 103.14 -12.54
C VAL KB 325 -18.01 101.90 -11.66
N TYR KB 326 -16.85 101.56 -11.11
CA TYR KB 326 -16.63 100.35 -10.35
C TYR KB 326 -16.12 100.63 -8.94
N HIS KB 327 -16.27 99.64 -8.07
CA HIS KB 327 -15.72 99.63 -6.73
C HIS KB 327 -15.29 98.22 -6.35
N TYR KB 328 -14.19 98.12 -5.61
CA TYR KB 328 -13.66 96.83 -5.16
C TYR KB 328 -13.11 96.96 -3.76
N PRO KB 329 -13.89 96.58 -2.76
CA PRO KB 329 -13.42 96.61 -1.37
C PRO KB 329 -12.79 95.29 -0.93
N PHE KB 330 -11.77 94.85 -1.67
CA PHE KB 330 -11.15 93.56 -1.41
C PHE KB 330 -9.64 93.69 -1.54
N SER KB 331 -8.94 92.78 -0.87
CA SER KB 331 -7.49 92.73 -0.93
C SER KB 331 -7.05 91.33 -1.34
N CYS KB 332 -6.03 91.27 -2.20
CA CYS KB 332 -5.53 90.02 -2.76
C CYS KB 332 -4.04 89.90 -2.48
N LYS KB 333 -3.48 88.78 -2.93
CA LYS KB 333 -2.05 88.51 -2.78
C LYS KB 333 -1.29 88.98 -4.01
N ASP KB 334 -0.16 89.63 -3.77
CA ASP KB 334 0.59 90.25 -4.85
C ASP KB 334 1.16 89.23 -5.81
N LYS KB 335 1.23 89.62 -7.08
CA LYS KB 335 1.88 88.80 -8.09
C LYS KB 335 3.38 88.69 -7.85
N TRP KB 336 4.00 89.77 -7.38
CA TRP KB 336 5.45 89.84 -7.28
C TRP KB 336 5.94 89.93 -5.84
N THR KB 337 5.43 90.89 -5.08
CA THR KB 337 5.92 91.11 -3.73
C THR KB 337 5.28 90.16 -2.70
N GLN KB 338 4.23 89.45 -3.09
CA GLN KB 338 3.56 88.48 -2.21
C GLN KB 338 3.10 89.15 -0.92
N SER KB 339 2.49 90.31 -1.05
CA SER KB 339 1.91 91.05 0.06
C SER KB 339 0.41 91.22 -0.18
N ARG KB 340 -0.23 92.02 0.66
CA ARG KB 340 -1.65 92.32 0.50
C ARG KB 340 -1.79 93.58 -0.33
N VAL KB 341 -2.36 93.45 -1.52
CA VAL KB 341 -2.47 94.56 -2.47
C VAL KB 341 -3.92 94.72 -2.89
N VAL KB 342 -4.27 95.93 -3.28
CA VAL KB 342 -5.64 96.28 -3.65
C VAL KB 342 -5.60 97.03 -4.97
N PHE KB 343 -6.44 96.61 -5.92
CA PHE KB 343 -6.67 97.36 -7.15
C PHE KB 343 -7.93 96.86 -7.80
N GLY KB 344 -8.49 97.68 -8.69
CA GLY KB 344 -9.82 97.46 -9.21
C GLY KB 344 -9.88 96.40 -10.29
N LEU KB 345 -11.10 96.11 -10.72
CA LEU KB 345 -11.36 95.09 -11.74
C LEU KB 345 -11.83 95.69 -13.07
N SER KB 346 -11.70 97.00 -13.25
CA SER KB 346 -11.98 97.58 -14.57
C SER KB 346 -11.11 96.94 -15.64
N GLY KB 347 -9.88 96.58 -15.29
CA GLY KB 347 -9.01 95.94 -16.27
C GLY KB 347 -9.52 94.58 -16.70
N VAL KB 348 -9.95 93.75 -15.74
CA VAL KB 348 -10.47 92.45 -16.13
C VAL KB 348 -11.80 92.60 -16.84
N ALA KB 349 -12.57 93.65 -16.52
CA ALA KB 349 -13.78 93.92 -17.27
C ALA KB 349 -13.45 94.22 -18.73
N TYR KB 350 -12.44 95.05 -18.95
CA TYR KB 350 -11.95 95.31 -20.30
C TYR KB 350 -11.49 94.02 -20.98
N ALA KB 351 -10.78 93.16 -20.23
CA ALA KB 351 -10.29 91.92 -20.81
C ALA KB 351 -11.44 91.01 -21.22
N ALA KB 352 -12.46 90.91 -20.39
CA ALA KB 352 -13.63 90.10 -20.72
C ALA KB 352 -14.34 90.66 -21.95
N LYS KB 353 -14.48 91.98 -22.02
CA LYS KB 353 -15.09 92.59 -23.18
C LYS KB 353 -14.26 92.32 -24.43
N ALA KB 354 -12.94 92.40 -24.30
CA ALA KB 354 -12.07 92.12 -25.44
C ALA KB 354 -12.22 90.69 -25.90
N ARG KB 355 -12.28 89.75 -24.97
CA ARG KB 355 -12.48 88.35 -25.35
C ARG KB 355 -13.81 88.17 -26.05
N GLY KB 356 -14.87 88.78 -25.51
CA GLY KB 356 -16.18 88.65 -26.11
C GLY KB 356 -16.27 89.28 -27.48
N VAL KB 357 -15.56 90.39 -27.69
CA VAL KB 357 -15.62 91.04 -28.99
C VAL KB 357 -14.73 90.31 -29.99
N LYS KB 358 -13.64 89.69 -29.53
CA LYS KB 358 -12.74 89.02 -30.44
C LYS KB 358 -13.23 87.63 -30.82
N LYS KB 359 -14.06 87.02 -29.98
CA LYS KB 359 -14.54 85.67 -30.28
C LYS KB 359 -15.34 85.63 -31.58
N ASN KB 360 -15.90 86.76 -32.00
CA ASN KB 360 -16.54 86.89 -33.30
C ASN KB 360 -15.72 87.83 -34.17
N SER KB 361 -15.69 87.55 -35.46
CA SER KB 361 -14.85 88.33 -36.38
C SER KB 361 -15.65 89.25 -37.28
N ASP KB 362 -16.89 88.89 -37.62
CA ASP KB 362 -17.64 89.68 -38.60
C ASP KB 362 -18.27 90.89 -37.95
N VAL KB 363 -19.02 90.70 -36.87
CA VAL KB 363 -19.71 91.80 -36.20
C VAL KB 363 -19.19 92.03 -34.78
N GLY KB 364 -18.52 91.06 -34.18
CA GLY KB 364 -17.98 91.23 -32.85
C GLY KB 364 -18.98 90.94 -31.75
N GLY KB 365 -18.52 91.07 -30.52
CA GLY KB 365 -19.31 90.67 -29.37
C GLY KB 365 -19.80 91.81 -28.50
N TRP KB 366 -20.11 92.95 -29.10
CA TRP KB 366 -20.75 94.04 -28.36
C TRP KB 366 -22.13 93.66 -27.83
N HIS KB 367 -22.74 92.61 -28.35
CA HIS KB 367 -24.01 92.16 -27.81
C HIS KB 367 -23.84 91.51 -26.44
N TYR KB 368 -22.73 90.82 -26.22
CA TYR KB 368 -22.49 90.19 -24.93
C TYR KB 368 -21.96 91.19 -23.92
N SER KB 369 -22.01 90.78 -22.65
CA SER KB 369 -21.60 91.59 -21.52
C SER KB 369 -20.38 90.98 -20.86
N PRO KB 370 -19.55 91.79 -20.23
CA PRO KB 370 -18.39 91.28 -19.49
C PRO KB 370 -18.75 90.88 -18.06
N ALA KB 371 -19.77 90.03 -17.93
CA ALA KB 371 -20.29 89.66 -16.62
C ALA KB 371 -20.40 88.15 -16.53
N GLY KB 372 -20.27 87.64 -15.32
CA GLY KB 372 -20.39 86.22 -15.06
C GLY KB 372 -19.07 85.48 -15.26
N GLU KB 373 -18.99 84.30 -14.64
CA GLU KB 373 -17.80 83.47 -14.74
C GLU KB 373 -17.60 82.90 -16.14
N GLU KB 374 -18.62 82.95 -17.00
CA GLU KB 374 -18.46 82.49 -18.36
C GLU KB 374 -17.46 83.37 -19.11
N ARG KB 375 -17.47 84.66 -18.83
CA ARG KB 375 -16.57 85.61 -19.48
C ARG KB 375 -15.67 86.33 -18.50
N ALA KB 376 -16.22 86.86 -17.42
CA ALA KB 376 -15.50 87.71 -16.49
C ALA KB 376 -14.97 86.87 -15.34
N VAL KB 377 -13.67 86.60 -15.35
CA VAL KB 377 -12.99 85.86 -14.30
C VAL KB 377 -11.67 86.53 -13.99
N ILE KB 378 -11.39 86.76 -12.70
CA ILE KB 378 -10.10 87.29 -12.30
C ILE KB 378 -9.41 86.37 -11.29
N ALA KB 379 -10.05 86.16 -10.14
CA ALA KB 379 -9.56 85.28 -9.07
C ALA KB 379 -8.06 85.45 -8.85
N ARG KB 380 -7.68 86.67 -8.43
CA ARG KB 380 -6.26 86.97 -8.30
C ARG KB 380 -5.58 86.07 -7.29
N ALA KB 381 -5.89 86.24 -6.00
CA ALA KB 381 -5.42 85.34 -4.95
C ALA KB 381 -6.05 85.70 -3.61
N SER KB 382 -6.54 84.69 -2.89
CA SER KB 382 -7.00 84.83 -1.50
C SER KB 382 -7.80 86.12 -1.29
N ILE KB 383 -8.91 86.21 -2.03
CA ILE KB 383 -9.71 87.42 -1.98
C ILE KB 383 -10.43 87.53 -0.64
N GLN KB 384 -10.26 88.66 0.02
CA GLN KB 384 -11.00 88.95 1.25
C GLN KB 384 -11.35 90.42 1.27
N PRO KB 385 -12.47 90.78 1.89
CA PRO KB 385 -12.87 92.18 1.95
C PRO KB 385 -11.92 93.00 2.81
N LEU KB 386 -11.80 94.28 2.47
CA LEU KB 386 -11.07 95.19 3.32
C LEU KB 386 -11.75 95.36 4.67
N TYR KB 387 -13.07 95.54 4.67
CA TYR KB 387 -13.82 95.80 5.89
C TYR KB 387 -15.00 94.84 5.96
N PRO KB 388 -15.07 93.97 6.98
CA PRO KB 388 -16.18 93.02 7.06
C PRO KB 388 -17.45 93.59 7.67
N GLU KB 389 -17.41 94.80 8.22
CA GLU KB 389 -18.57 95.32 8.92
C GLU KB 389 -19.66 95.76 7.96
N ASP KB 390 -19.29 96.39 6.85
CA ASP KB 390 -20.28 96.95 5.94
C ASP KB 390 -20.75 95.90 4.95
N THR KB 391 -22.00 96.06 4.52
CA THR KB 391 -22.66 95.14 3.61
C THR KB 391 -23.25 95.93 2.45
N PRO KB 392 -23.32 95.33 1.26
CA PRO KB 392 -23.92 96.02 0.12
C PRO KB 392 -25.44 96.06 0.22
N ASP KB 393 -26.03 96.93 -0.59
CA ASP KB 393 -27.48 97.09 -0.63
C ASP KB 393 -27.93 97.20 -2.08
N GLU KB 394 -28.75 96.25 -2.52
CA GLU KB 394 -29.11 96.15 -3.93
C GLU KB 394 -29.72 97.45 -4.44
N GLU KB 395 -30.66 98.01 -3.68
CA GLU KB 395 -31.26 99.28 -4.09
C GLU KB 395 -30.21 100.38 -4.15
N ALA KB 396 -29.25 100.35 -3.22
CA ALA KB 396 -28.19 101.35 -3.22
C ALA KB 396 -27.38 101.26 -4.51
N MET KB 397 -26.93 100.07 -4.87
CA MET KB 397 -26.14 99.95 -6.11
C MET KB 397 -26.97 100.31 -7.32
N VAL KB 398 -28.23 99.88 -7.37
CA VAL KB 398 -28.99 100.13 -8.59
C VAL KB 398 -29.30 101.61 -8.73
N LYS KB 399 -29.49 102.32 -7.62
CA LYS KB 399 -29.70 103.76 -7.72
C LYS KB 399 -28.41 104.48 -8.09
N GLY KB 400 -27.30 104.08 -7.48
CA GLY KB 400 -26.03 104.72 -7.74
C GLY KB 400 -25.28 104.21 -8.94
N ARG KB 401 -25.89 103.31 -9.71
CA ARG KB 401 -25.27 102.77 -10.93
C ARG KB 401 -23.93 102.11 -10.63
N LEU KB 402 -23.83 101.45 -9.48
CA LEU KB 402 -22.60 100.80 -9.06
C LEU KB 402 -22.70 99.30 -9.33
N ASN KB 403 -21.57 98.71 -9.73
CA ASN KB 403 -21.52 97.31 -10.11
C ASN KB 403 -21.03 96.48 -8.93
N LYS KB 404 -21.82 95.49 -8.54
CA LYS KB 404 -21.47 94.60 -7.44
C LYS KB 404 -20.75 93.36 -7.97
N VAL KB 405 -19.97 92.74 -7.08
CA VAL KB 405 -19.10 91.64 -7.45
C VAL KB 405 -19.71 90.32 -6.96
N SER KB 406 -19.12 89.20 -7.39
CA SER KB 406 -19.57 87.89 -6.94
C SER KB 406 -18.42 86.89 -7.10
N VAL KB 407 -18.70 85.63 -6.80
CA VAL KB 407 -17.79 84.52 -7.06
C VAL KB 407 -18.56 83.46 -7.81
N GLY KB 408 -17.89 82.83 -8.78
CA GLY KB 408 -18.56 81.92 -9.67
C GLY KB 408 -18.83 80.56 -9.02
N THR KB 409 -19.51 79.71 -9.78
CA THR KB 409 -19.84 78.38 -9.30
C THR KB 409 -18.58 77.56 -9.01
N SER KB 410 -17.51 77.80 -9.77
CA SER KB 410 -16.24 77.11 -9.54
C SER KB 410 -15.40 77.78 -8.48
N GLY KB 411 -15.77 78.97 -8.01
CA GLY KB 411 -15.05 79.62 -6.95
C GLY KB 411 -14.07 80.70 -7.37
N GLN KB 412 -14.23 81.26 -8.57
CA GLN KB 412 -13.35 82.31 -9.05
C GLN KB 412 -14.02 83.68 -8.90
N MET KB 413 -13.21 84.69 -8.60
CA MET KB 413 -13.73 86.02 -8.35
C MET KB 413 -14.21 86.63 -9.67
N ILE KB 414 -15.46 87.10 -9.70
CA ILE KB 414 -16.07 87.59 -10.92
C ILE KB 414 -16.82 88.88 -10.65
N ILE KB 415 -17.18 89.56 -11.72
CA ILE KB 415 -18.08 90.70 -11.68
C ILE KB 415 -19.37 90.28 -12.35
N ASP KB 416 -20.44 90.22 -11.58
CA ASP KB 416 -21.75 89.83 -12.11
C ASP KB 416 -22.62 91.05 -12.41
N ASP KB 417 -22.11 91.98 -13.22
CA ASP KB 417 -22.87 93.19 -13.52
C ASP KB 417 -22.56 93.68 -14.93
N ALA KB 418 -23.53 94.37 -15.51
CA ALA KB 418 -23.43 94.95 -16.84
C ALA KB 418 -24.04 96.33 -16.86
N LEU KB 419 -23.84 97.09 -15.79
CA LEU KB 419 -24.49 98.37 -15.60
C LEU KB 419 -23.51 99.51 -15.87
N THR KB 420 -23.93 100.46 -16.70
CA THR KB 420 -23.12 101.61 -17.05
C THR KB 420 -23.42 102.76 -16.11
N CYS KB 421 -22.89 103.95 -16.42
CA CYS KB 421 -23.15 105.15 -15.65
C CYS KB 421 -24.37 105.91 -16.16
N CYS KB 422 -25.24 105.23 -16.91
CA CYS KB 422 -26.46 105.86 -17.40
C CYS KB 422 -27.40 106.08 -16.22
N THR KB 423 -27.38 107.30 -15.68
CA THR KB 423 -28.15 107.58 -14.48
C THR KB 423 -29.64 107.40 -14.71
N GLN KB 424 -30.15 107.86 -15.83
CA GLN KB 424 -31.55 107.68 -16.16
C GLN KB 424 -31.86 106.19 -16.34
N ASP KB 425 -33.05 105.79 -15.89
CA ASP KB 425 -33.40 104.39 -15.79
C ASP KB 425 -33.99 103.83 -17.08
N ASN KB 426 -33.69 104.46 -18.21
CA ASN KB 426 -34.19 104.00 -19.50
C ASN KB 426 -33.39 102.78 -19.93
N TYR KB 427 -33.63 102.30 -21.15
CA TYR KB 427 -32.94 101.12 -21.65
C TYR KB 427 -31.44 101.35 -21.83
N LEU KB 428 -30.98 102.60 -21.82
CA LEU KB 428 -29.56 102.86 -22.01
C LEU KB 428 -28.72 102.49 -20.80
N HIS KB 429 -29.35 102.18 -19.66
CA HIS KB 429 -28.61 101.77 -18.48
C HIS KB 429 -27.90 100.43 -18.67
N PHE KB 430 -28.25 99.68 -19.70
CA PHE KB 430 -27.58 98.43 -20.00
C PHE KB 430 -26.21 98.70 -20.61
N GLN KB 431 -25.50 97.62 -20.95
CA GLN KB 431 -24.21 97.73 -21.61
C GLN KB 431 -24.24 97.36 -23.08
N HIS KB 432 -25.11 96.42 -23.48
CA HIS KB 432 -25.17 96.04 -24.87
C HIS KB 432 -25.76 97.14 -25.74
N VAL KB 433 -26.73 97.88 -25.21
CA VAL KB 433 -27.31 98.99 -25.98
C VAL KB 433 -26.26 100.03 -26.31
N PRO KB 434 -25.54 100.62 -25.35
CA PRO KB 434 -24.52 101.61 -25.73
C PRO KB 434 -23.51 101.05 -26.71
N SER KB 435 -23.07 99.81 -26.47
CA SER KB 435 -22.09 99.20 -27.36
C SER KB 435 -22.68 99.03 -28.75
N LEU KB 436 -23.94 98.64 -28.85
CA LEU KB 436 -24.50 98.37 -30.17
C LEU KB 436 -24.61 99.65 -30.98
N MET KB 437 -25.14 100.73 -30.40
CA MET KB 437 -25.21 101.86 -31.32
C MET KB 437 -23.85 102.50 -31.49
N ASN KB 438 -22.92 102.33 -30.55
CA ASN KB 438 -21.55 102.80 -30.81
C ASN KB 438 -20.95 102.06 -32.00
N ALA KB 439 -21.15 100.76 -32.06
CA ALA KB 439 -20.64 99.98 -33.19
C ALA KB 439 -21.29 100.43 -34.49
N ILE KB 440 -22.62 100.55 -34.50
CA ILE KB 440 -23.28 100.92 -35.76
C ILE KB 440 -22.90 102.33 -36.19
N SER KB 441 -22.68 103.22 -35.23
CA SER KB 441 -22.18 104.55 -35.56
C SER KB 441 -20.79 104.47 -36.16
N ARG KB 442 -19.95 103.59 -35.63
CA ARG KB 442 -18.63 103.41 -36.23
C ARG KB 442 -18.75 102.90 -37.66
N PHE KB 443 -19.65 101.95 -37.89
CA PHE KB 443 -19.92 101.51 -39.25
C PHE KB 443 -20.30 102.68 -40.13
N PHE KB 444 -21.18 103.55 -39.61
CA PHE KB 444 -21.55 104.75 -40.32
C PHE KB 444 -20.34 105.63 -40.56
N VAL KB 445 -19.37 105.60 -39.65
CA VAL KB 445 -18.15 106.36 -39.83
C VAL KB 445 -17.44 105.90 -41.08
N GLN KB 446 -17.22 104.60 -41.24
CA GLN KB 446 -16.47 104.23 -42.45
C GLN KB 446 -17.33 104.34 -43.69
N LEU KB 447 -18.64 104.13 -43.58
CA LEU KB 447 -19.45 104.24 -44.80
C LEU KB 447 -19.49 105.69 -45.27
N ALA KB 448 -19.66 106.63 -44.32
CA ALA KB 448 -19.50 108.04 -44.64
C ALA KB 448 -18.11 108.31 -45.18
N ARG KB 449 -17.07 107.80 -44.52
CA ARG KB 449 -15.69 107.89 -45.01
C ARG KB 449 -15.57 107.59 -46.50
N GLN KB 450 -16.14 106.47 -46.93
CA GLN KB 450 -16.08 106.09 -48.34
C GLN KB 450 -17.00 106.96 -49.20
N MET KB 451 -18.07 107.50 -48.64
CA MET KB 451 -18.94 108.28 -49.51
C MET KB 451 -18.70 109.79 -49.45
N LYS KB 452 -17.69 110.28 -48.73
CA LYS KB 452 -17.42 111.71 -48.82
C LYS KB 452 -17.13 112.14 -50.25
N HIS KB 453 -17.46 113.41 -50.53
CA HIS KB 453 -16.93 114.10 -51.68
C HIS KB 453 -17.33 113.43 -52.99
N SER KB 454 -18.09 112.35 -52.88
CA SER KB 454 -18.48 111.54 -54.02
C SER KB 454 -19.58 112.23 -54.82
N PRO KB 455 -19.50 112.20 -56.15
CA PRO KB 455 -20.58 112.77 -56.97
C PRO KB 455 -21.89 112.08 -56.68
N ASP KB 456 -22.95 112.89 -56.64
CA ASP KB 456 -24.27 112.42 -56.26
C ASP KB 456 -24.88 111.53 -57.34
N GLY KB 457 -26.00 110.91 -56.98
CA GLY KB 457 -26.79 110.16 -57.95
C GLY KB 457 -26.93 108.69 -57.62
N ILE KB 458 -25.85 108.06 -57.17
CA ILE KB 458 -25.85 106.63 -56.95
C ILE KB 458 -25.35 106.33 -55.55
N THR KB 459 -24.68 107.32 -54.94
CA THR KB 459 -24.11 107.13 -53.61
C THR KB 459 -25.21 106.81 -52.60
N ALA KB 460 -26.34 107.50 -52.69
CA ALA KB 460 -27.43 107.22 -51.78
C ALA KB 460 -27.86 105.77 -51.88
N ALA KB 461 -28.02 105.27 -53.11
CA ALA KB 461 -28.46 103.89 -53.30
C ALA KB 461 -27.42 102.91 -52.78
N GLY KB 462 -26.14 103.15 -53.06
CA GLY KB 462 -25.10 102.25 -52.57
C GLY KB 462 -25.09 102.19 -51.07
N LEU KB 463 -25.22 103.35 -50.41
CA LEU KB 463 -25.35 103.35 -48.97
C LEU KB 463 -26.59 102.60 -48.51
N THR KB 464 -27.70 102.69 -49.26
CA THR KB 464 -28.89 101.96 -48.87
C THR KB 464 -28.61 100.46 -48.83
N LYS KB 465 -28.05 99.91 -49.91
CA LYS KB 465 -27.76 98.48 -49.90
C LYS KB 465 -26.74 98.12 -48.82
N GLY KB 466 -25.71 98.96 -48.62
CA GLY KB 466 -24.77 98.68 -47.55
C GLY KB 466 -25.47 98.59 -46.20
N MET KB 467 -26.37 99.53 -45.95
CA MET KB 467 -27.09 99.56 -44.68
C MET KB 467 -27.92 98.30 -44.50
N THR KB 468 -28.68 97.94 -45.54
CA THR KB 468 -29.54 96.75 -45.42
C THR KB 468 -28.70 95.51 -45.17
N LYS KB 469 -27.61 95.34 -45.91
CA LYS KB 469 -26.81 94.13 -45.74
C LYS KB 469 -26.18 94.07 -44.36
N LEU KB 470 -25.72 95.21 -43.84
CA LEU KB 470 -25.06 95.16 -42.54
C LEU KB 470 -26.06 94.93 -41.42
N LEU KB 471 -27.25 95.56 -41.51
CA LEU KB 471 -28.31 95.23 -40.56
C LEU KB 471 -28.73 93.77 -40.68
N ASP KB 472 -28.71 93.23 -41.89
CA ASP KB 472 -29.08 91.83 -42.09
C ASP KB 472 -28.08 90.92 -41.39
N ARG KB 473 -26.78 91.23 -41.50
CA ARG KB 473 -25.84 90.38 -40.79
C ARG KB 473 -25.93 90.61 -39.29
N PHE KB 474 -26.34 91.81 -38.87
CA PHE KB 474 -26.59 92.06 -37.45
C PHE KB 474 -27.69 91.14 -36.92
N VAL KB 475 -28.84 91.12 -37.61
CA VAL KB 475 -29.95 90.30 -37.13
C VAL KB 475 -29.60 88.83 -37.25
N ALA KB 476 -28.83 88.44 -38.27
CA ALA KB 476 -28.37 87.06 -38.37
C ALA KB 476 -27.50 86.69 -37.18
N SER KB 477 -26.62 87.61 -36.78
CA SER KB 477 -25.87 87.42 -35.54
C SER KB 477 -26.77 87.45 -34.32
N GLY KB 478 -27.99 87.99 -34.45
CA GLY KB 478 -28.87 88.11 -33.32
C GLY KB 478 -28.68 89.37 -32.51
N ALA KB 479 -27.69 90.19 -32.86
CA ALA KB 479 -27.51 91.45 -32.15
C ALA KB 479 -28.71 92.36 -32.29
N LEU KB 480 -29.53 92.16 -33.32
CA LEU KB 480 -30.78 92.87 -33.48
C LEU KB 480 -31.90 91.86 -33.62
N VAL KB 481 -33.03 92.15 -32.98
CA VAL KB 481 -34.17 91.23 -32.98
C VAL KB 481 -35.43 91.97 -33.41
N ALA KB 482 -36.41 91.20 -33.85
CA ALA KB 482 -37.68 91.77 -34.26
C ALA KB 482 -38.44 92.29 -33.04
N PRO KB 483 -39.28 93.31 -33.22
CA PRO KB 483 -40.01 93.88 -32.08
C PRO KB 483 -40.97 92.88 -31.46
N ARG KB 484 -41.14 92.97 -30.15
CA ARG KB 484 -42.04 92.08 -29.43
C ARG KB 484 -43.49 92.46 -29.60
N ASP KB 485 -43.78 93.71 -29.95
CA ASP KB 485 -45.16 94.14 -30.14
C ASP KB 485 -45.44 94.36 -31.61
N PRO KB 486 -46.20 93.48 -32.27
CA PRO KB 486 -46.52 93.70 -33.68
C PRO KB 486 -47.48 94.84 -33.92
N ASP KB 487 -48.35 95.16 -32.95
CA ASP KB 487 -49.36 96.18 -33.17
C ASP KB 487 -48.74 97.54 -33.41
N ALA KB 488 -47.86 97.98 -32.50
CA ALA KB 488 -47.26 99.31 -32.60
C ALA KB 488 -45.87 99.26 -33.22
N ASP KB 489 -44.97 98.48 -32.63
CA ASP KB 489 -43.60 98.40 -33.11
C ASP KB 489 -43.46 97.48 -34.32
N GLY KB 490 -44.52 96.76 -34.70
CA GLY KB 490 -44.41 95.86 -35.82
C GLY KB 490 -43.59 94.63 -35.48
N THR KB 491 -43.18 93.93 -36.52
CA THR KB 491 -42.33 92.76 -36.39
C THR KB 491 -41.22 92.82 -37.44
N GLU KB 492 -40.59 93.98 -37.54
CA GLU KB 492 -39.52 94.19 -38.48
C GLU KB 492 -38.37 94.81 -37.69
N PRO KB 493 -37.18 94.26 -37.78
CA PRO KB 493 -36.09 94.70 -36.88
C PRO KB 493 -35.60 96.12 -37.15
N TYR KB 494 -35.30 96.45 -38.40
CA TYR KB 494 -34.62 97.70 -38.71
C TYR KB 494 -35.33 98.42 -39.85
N VAL KB 495 -35.61 99.70 -39.65
CA VAL KB 495 -36.22 100.52 -40.69
C VAL KB 495 -35.22 101.60 -41.07
N LEU KB 496 -35.11 101.84 -42.37
CA LEU KB 496 -34.19 102.82 -42.95
C LEU KB 496 -34.96 103.81 -43.81
N LYS KB 497 -34.47 105.04 -43.83
CA LYS KB 497 -35.03 106.05 -44.73
C LYS KB 497 -33.93 107.03 -45.10
N VAL KB 498 -33.90 107.43 -46.36
CA VAL KB 498 -32.94 108.39 -46.87
C VAL KB 498 -33.70 109.44 -47.67
N THR KB 499 -33.39 110.71 -47.41
CA THR KB 499 -34.02 111.83 -48.09
C THR KB 499 -32.95 112.81 -48.53
N GLN KB 500 -33.28 113.62 -49.53
CA GLN KB 500 -32.42 114.69 -50.01
C GLN KB 500 -33.24 115.97 -50.11
N ALA KB 501 -32.59 117.11 -49.88
CA ALA KB 501 -33.27 118.40 -49.96
C ALA KB 501 -32.73 119.29 -51.06
N GLU KB 502 -31.43 119.51 -51.11
CA GLU KB 502 -30.85 120.39 -52.12
C GLU KB 502 -29.43 119.90 -52.43
N PHE KB 503 -28.62 120.76 -53.04
CA PHE KB 503 -27.19 120.54 -53.23
C PHE KB 503 -26.58 119.91 -51.99
N ASP KB 504 -27.03 120.32 -50.83
CA ASP KB 504 -26.67 119.70 -49.56
C ASP KB 504 -27.96 119.30 -48.83
N LYS KB 505 -27.81 118.93 -47.55
CA LYS KB 505 -28.92 118.60 -46.67
C LYS KB 505 -29.71 117.39 -47.20
N TRP KB 506 -29.01 116.27 -47.22
CA TRP KB 506 -29.64 114.96 -47.25
C TRP KB 506 -29.49 114.31 -45.89
N GLU KB 507 -30.45 113.46 -45.54
CA GLU KB 507 -30.47 112.84 -44.22
C GLU KB 507 -30.75 111.35 -44.34
N VAL KB 508 -30.11 110.58 -43.47
CA VAL KB 508 -30.37 109.16 -43.32
C VAL KB 508 -30.82 108.92 -41.90
N VAL KB 509 -31.90 108.17 -41.75
CA VAL KB 509 -32.46 107.84 -40.44
C VAL KB 509 -32.69 106.34 -40.38
N TRP KB 510 -32.45 105.76 -39.21
CA TRP KB 510 -32.60 104.34 -38.98
C TRP KB 510 -33.18 104.11 -37.60
N ALA KB 511 -34.03 103.09 -37.49
CA ALA KB 511 -34.60 102.68 -36.23
C ALA KB 511 -34.44 101.17 -36.04
N CYS KB 512 -34.16 100.76 -34.81
CA CYS KB 512 -33.89 99.37 -34.48
C CYS KB 512 -34.69 99.00 -33.24
N CYS KB 513 -34.45 97.79 -32.72
CA CYS KB 513 -35.20 97.21 -31.62
C CYS KB 513 -34.27 96.68 -30.55
N PRO KB 514 -34.63 96.84 -29.28
CA PRO KB 514 -33.80 96.31 -28.20
C PRO KB 514 -33.85 94.78 -28.16
N THR KB 515 -32.80 94.21 -27.58
CA THR KB 515 -32.66 92.76 -27.46
C THR KB 515 -32.48 92.38 -26.00
N GLY KB 516 -33.12 91.29 -25.60
CA GLY KB 516 -33.05 90.86 -24.22
C GLY KB 516 -31.73 90.20 -23.88
N VAL KB 517 -31.36 90.29 -22.60
CA VAL KB 517 -30.13 89.69 -22.10
C VAL KB 517 -30.46 88.82 -20.89
N ALA KB 518 -31.69 88.95 -20.39
CA ALA KB 518 -32.18 88.18 -19.25
C ALA KB 518 -31.32 88.45 -18.02
N ARG KB 519 -31.35 89.70 -17.56
CA ARG KB 519 -30.57 90.08 -16.38
C ARG KB 519 -31.15 89.47 -15.12
N ARG KB 520 -32.40 89.80 -14.79
CA ARG KB 520 -33.01 89.42 -13.52
C ARG KB 520 -33.90 88.21 -13.74
N ILE KB 521 -33.65 87.15 -12.97
CA ILE KB 521 -34.41 85.91 -13.06
C ILE KB 521 -34.68 85.42 -11.64
N GLN KB 522 -35.94 85.12 -11.35
CA GLN KB 522 -36.35 84.66 -10.03
C GLN KB 522 -37.01 83.30 -10.14
N GLY KB 523 -36.72 82.42 -9.18
CA GLY KB 523 -37.27 81.08 -9.17
C GLY KB 523 -38.13 80.86 -7.95
N VAL KB 524 -39.14 80.01 -8.11
CA VAL KB 524 -40.10 79.74 -7.02
C VAL KB 524 -40.23 78.24 -6.77
N PRO KB 525 -40.21 77.81 -5.52
CA PRO KB 525 -40.38 76.39 -5.20
C PRO KB 525 -41.83 76.05 -4.93
N LEU KB 526 -42.10 74.74 -4.90
CA LEU KB 526 -43.42 74.27 -4.53
C LEU KB 526 -43.31 72.80 -4.10
N LEU KB 527 -44.20 72.40 -3.21
CA LEU KB 527 -44.34 71.01 -2.80
C LEU KB 527 -45.49 70.38 -3.56
N ILE KB 528 -45.24 69.22 -4.16
CA ILE KB 528 -46.30 68.52 -4.88
C ILE KB 528 -47.32 67.90 -3.94
N LYS KB 529 -47.05 67.91 -2.64
CA LYS KB 529 -47.96 67.38 -1.62
C LYS KB 529 -48.10 65.86 -1.77
N SER LB 2 -23.50 89.44 2.99
CA SER LB 2 -22.56 89.29 1.89
C SER LB 2 -23.28 89.02 0.58
N GLN LB 3 -22.48 88.81 -0.48
CA GLN LB 3 -23.06 88.55 -1.80
C GLN LB 3 -23.84 87.23 -1.82
N TYR LB 4 -23.50 86.30 -0.94
CA TYR LB 4 -24.16 85.01 -0.93
C TYR LB 4 -25.59 85.11 -0.42
N SER LB 5 -25.99 86.26 0.10
CA SER LB 5 -27.31 86.40 0.70
C SER LB 5 -28.40 86.14 -0.34
N ILE LB 6 -29.48 85.49 0.11
CA ILE LB 6 -30.59 85.13 -0.75
C ILE LB 6 -31.78 85.99 -0.34
N GLN LB 7 -32.32 86.76 -1.28
CA GLN LB 7 -33.49 87.57 -1.01
C GLN LB 7 -34.74 86.81 -1.44
N GLN LB 8 -35.90 87.41 -1.19
CA GLN LB 8 -37.16 86.77 -1.54
C GLN LB 8 -37.43 86.83 -3.03
N SER LB 9 -37.08 87.95 -3.69
CA SER LB 9 -37.35 88.10 -5.10
C SER LB 9 -36.45 89.19 -5.66
N LEU LB 10 -36.31 89.19 -6.99
CA LEU LB 10 -35.47 90.17 -7.66
C LEU LB 10 -36.12 91.55 -7.64
N GLY LB 11 -35.29 92.58 -7.51
CA GLY LB 11 -35.76 93.95 -7.58
C GLY LB 11 -35.44 94.56 -8.92
N ASN LB 12 -34.38 95.36 -8.98
CA ASN LB 12 -33.98 96.01 -10.21
C ASN LB 12 -32.53 95.75 -10.58
N ALA LB 13 -31.87 94.80 -9.91
CA ALA LB 13 -30.49 94.46 -10.21
C ALA LB 13 -30.38 92.97 -10.52
N SER LB 14 -29.41 92.64 -11.35
CA SER LB 14 -29.22 91.25 -11.76
C SER LB 14 -28.92 90.38 -10.54
N GLY LB 15 -29.56 89.21 -10.50
CA GLY LB 15 -29.35 88.28 -9.41
C GLY LB 15 -30.30 87.11 -9.56
N VAL LB 16 -30.23 86.22 -8.59
CA VAL LB 16 -31.11 85.06 -8.50
C VAL LB 16 -31.65 84.96 -7.09
N ALA LB 17 -32.96 84.81 -6.97
CA ALA LB 17 -33.61 84.70 -5.67
C ALA LB 17 -34.65 83.59 -5.71
N VAL LB 18 -34.89 82.97 -4.56
CA VAL LB 18 -35.87 81.91 -4.42
C VAL LB 18 -36.91 82.35 -3.39
N SER LB 19 -38.17 82.13 -3.72
CA SER LB 19 -39.25 82.42 -2.81
C SER LB 19 -39.29 81.37 -1.71
N PRO LB 20 -39.94 81.67 -0.59
CA PRO LB 20 -40.16 80.65 0.44
C PRO LB 20 -41.01 79.50 -0.11
N ILE LB 21 -40.76 78.31 0.42
CA ILE LB 21 -41.45 77.12 -0.07
C ILE LB 21 -42.94 77.25 0.18
N ASN LB 22 -43.74 76.83 -0.79
CA ASN LB 22 -45.18 76.76 -0.66
C ASN LB 22 -45.61 75.31 -0.82
N ALA LB 23 -46.71 74.97 -0.15
CA ALA LB 23 -47.28 73.64 -0.22
C ALA LB 23 -48.69 73.61 -0.78
N ASP LB 24 -49.53 74.58 -0.42
CA ASP LB 24 -50.92 74.59 -0.86
C ASP LB 24 -51.04 75.40 -2.14
N ALA LB 25 -50.59 74.77 -3.23
CA ALA LB 25 -50.74 75.33 -4.56
C ALA LB 25 -50.64 74.21 -5.58
N THR LB 26 -51.21 74.46 -6.75
CA THR LB 26 -51.22 73.50 -7.85
C THR LB 26 -50.69 74.17 -9.10
N LEU LB 27 -50.29 73.34 -10.07
CA LEU LB 27 -49.73 73.83 -11.32
C LEU LB 27 -50.45 73.20 -12.50
N SER LB 28 -50.71 74.02 -13.51
CA SER LB 28 -51.35 73.58 -14.75
C SER LB 28 -50.35 73.71 -15.88
N THR LB 29 -50.13 72.63 -16.61
CA THR LB 29 -49.14 72.59 -17.68
C THR LB 29 -49.75 71.99 -18.94
N GLY LB 30 -49.26 72.43 -20.08
CA GLY LB 30 -49.72 71.92 -21.36
C GLY LB 30 -50.03 73.01 -22.37
N VAL LB 31 -50.14 72.63 -23.64
CA VAL LB 31 -50.48 73.55 -24.72
C VAL LB 31 -51.73 73.04 -25.41
N ALA LB 32 -52.76 73.87 -25.47
CA ALA LB 32 -54.02 73.47 -26.10
C ALA LB 32 -53.97 73.71 -27.60
N LEU LB 33 -54.49 72.73 -28.35
CA LEU LB 33 -54.55 72.89 -29.80
C LEU LB 33 -55.67 73.84 -30.22
N ASN LB 34 -56.75 73.88 -29.44
CA ASN LB 34 -57.86 74.82 -29.67
C ASN LB 34 -58.44 74.67 -31.07
N SER LB 35 -58.54 73.42 -31.54
CA SER LB 35 -59.22 73.17 -32.81
C SER LB 35 -60.71 73.49 -32.71
N SER LB 36 -61.32 73.17 -31.57
CA SER LB 36 -62.73 73.43 -31.33
C SER LB 36 -62.87 74.21 -30.03
N LEU LB 37 -63.70 75.24 -30.06
CA LEU LB 37 -63.85 76.15 -28.93
C LEU LB 37 -65.23 76.00 -28.31
N TRP LB 38 -65.34 76.43 -27.06
CA TRP LB 38 -66.55 76.17 -26.30
C TRP LB 38 -66.88 77.41 -25.48
N ALA LB 39 -68.15 77.49 -25.10
CA ALA LB 39 -68.63 78.65 -24.37
C ALA LB 39 -69.73 78.21 -23.42
N GLY LB 40 -69.90 78.98 -22.36
CA GLY LB 40 -70.96 78.71 -21.40
C GLY LB 40 -70.86 79.64 -20.21
N ILE LB 41 -71.94 79.67 -19.44
CA ILE LB 41 -72.02 80.46 -18.22
C ILE LB 41 -71.61 79.60 -17.03
N GLY LB 42 -70.72 80.13 -16.20
CA GLY LB 42 -70.25 79.40 -15.04
C GLY LB 42 -70.20 80.27 -13.81
N VAL LB 43 -70.10 79.60 -12.67
CA VAL LB 43 -70.00 80.24 -11.37
C VAL LB 43 -68.57 80.07 -10.90
N PHE LB 44 -67.86 81.18 -10.75
CA PHE LB 44 -66.45 81.09 -10.40
C PHE LB 44 -66.10 82.07 -9.29
N ALA LB 45 -64.81 82.19 -8.99
CA ALA LB 45 -64.28 83.20 -8.11
C ALA LB 45 -63.38 84.12 -8.91
N ARG LB 46 -63.49 85.42 -8.64
CA ARG LB 46 -62.70 86.45 -9.34
C ARG LB 46 -63.06 86.48 -10.82
N GLY LB 47 -62.49 87.42 -11.56
CA GLY LB 47 -62.79 87.57 -12.96
C GLY LB 47 -63.85 88.64 -13.21
N LYS LB 48 -63.92 89.09 -14.44
CA LYS LB 48 -64.87 90.13 -14.81
C LYS LB 48 -66.28 89.55 -14.84
N PRO LB 49 -67.22 90.07 -14.04
CA PRO LB 49 -68.57 89.51 -14.05
C PRO LB 49 -69.32 89.91 -15.30
N PHE LB 50 -70.27 89.05 -15.68
CA PHE LB 50 -71.22 89.31 -16.75
C PHE LB 50 -70.55 89.60 -18.09
N THR LB 51 -69.32 89.16 -18.25
CA THR LB 51 -68.57 89.39 -19.48
C THR LB 51 -67.86 88.11 -19.89
N VAL LB 52 -67.56 88.01 -21.18
CA VAL LB 52 -66.90 86.83 -21.71
C VAL LB 52 -65.40 86.93 -21.42
N LEU LB 53 -64.82 85.81 -20.97
CA LEU LB 53 -63.40 85.73 -20.68
C LEU LB 53 -62.85 84.49 -21.36
N ALA LB 54 -61.79 84.68 -22.14
CA ALA LB 54 -61.10 83.56 -22.76
C ALA LB 54 -60.13 82.94 -21.75
N VAL LB 55 -60.37 81.68 -21.43
CA VAL LB 55 -59.61 80.96 -20.41
C VAL LB 55 -58.94 79.77 -21.06
N THR LB 56 -57.63 79.64 -20.83
CA THR LB 56 -56.83 78.54 -21.34
C THR LB 56 -56.44 77.61 -20.19
N GLU LB 57 -55.75 76.53 -20.56
CA GLU LB 57 -55.36 75.53 -19.57
C GLU LB 57 -54.34 76.08 -18.59
N SER LB 58 -53.36 76.85 -19.07
CA SER LB 58 -52.28 77.29 -18.21
C SER LB 58 -52.76 78.28 -17.16
N ASN LB 59 -53.56 79.25 -17.57
CA ASN LB 59 -53.93 80.38 -16.71
C ASN LB 59 -55.23 80.15 -15.96
N TYR LB 60 -55.87 78.99 -16.11
CA TYR LB 60 -57.20 78.82 -15.57
C TYR LB 60 -57.20 78.99 -14.05
N GLU LB 61 -56.23 78.39 -13.36
CA GLU LB 61 -56.25 78.40 -11.92
C GLU LB 61 -56.08 79.81 -11.36
N ASP LB 62 -55.17 80.58 -11.93
CA ASP LB 62 -54.92 81.93 -11.45
C ASP LB 62 -55.86 82.96 -12.05
N VAL LB 63 -56.75 82.57 -12.96
CA VAL LB 63 -57.82 83.48 -13.34
C VAL LB 63 -59.11 83.18 -12.60
N LEU LB 64 -59.31 81.96 -12.12
CA LEU LB 64 -60.48 81.66 -11.31
C LEU LB 64 -60.19 81.60 -9.82
N GLY LB 65 -58.94 81.84 -9.41
CA GLY LB 65 -58.64 81.81 -8.01
C GLY LB 65 -58.59 80.40 -7.46
N GLU LB 66 -58.77 80.32 -6.14
CA GLU LB 66 -58.81 79.01 -5.47
C GLU LB 66 -60.15 78.34 -5.77
N PRO LB 67 -60.15 77.08 -6.19
CA PRO LB 67 -61.40 76.40 -6.52
C PRO LB 67 -62.33 76.29 -5.32
N LEU LB 68 -63.62 76.46 -5.57
CA LEU LB 68 -64.62 76.40 -4.52
C LEU LB 68 -64.77 74.98 -3.97
N LYS LB 69 -65.37 74.89 -2.81
CA LYS LB 69 -65.57 73.57 -2.22
C LYS LB 69 -67.00 73.09 -2.47
N PRO LB 70 -67.18 71.78 -2.56
CA PRO LB 70 -68.55 71.25 -2.64
C PRO LB 70 -69.39 71.58 -1.43
N SER LB 71 -68.77 71.72 -0.26
CA SER LB 71 -69.51 72.10 0.93
C SER LB 71 -70.13 73.48 0.79
N SER LB 72 -69.60 74.31 -0.09
CA SER LB 72 -70.17 75.63 -0.38
C SER LB 72 -71.22 75.55 -1.47
N GLY LB 73 -72.18 74.65 -1.29
CA GLY LB 73 -73.26 74.50 -2.25
C GLY LB 73 -72.82 73.75 -3.50
N SER LB 74 -73.75 73.70 -4.45
CA SER LB 74 -73.56 72.96 -5.69
C SER LB 74 -72.86 73.80 -6.75
N GLN LB 75 -72.17 74.86 -6.35
CA GLN LB 75 -71.50 75.74 -7.29
C GLN LB 75 -70.14 75.22 -7.74
N PHE LB 76 -69.77 74.00 -7.34
CA PHE LB 76 -68.54 73.40 -7.79
C PHE LB 76 -68.67 72.71 -9.14
N GLU LB 77 -69.89 72.56 -9.65
CA GLU LB 77 -70.06 71.95 -10.97
C GLU LB 77 -69.31 72.70 -12.06
N PRO LB 78 -69.42 74.02 -12.20
CA PRO LB 78 -68.68 74.69 -13.29
C PRO LB 78 -67.18 74.54 -13.16
N ILE LB 79 -66.63 74.61 -11.95
CA ILE LB 79 -65.19 74.51 -11.81
C ILE LB 79 -64.72 73.09 -12.12
N ARG LB 80 -65.47 72.09 -11.67
CA ARG LB 80 -65.12 70.73 -12.06
C ARG LB 80 -65.18 70.56 -13.57
N HIS LB 81 -66.22 71.13 -14.20
CA HIS LB 81 -66.39 70.96 -15.63
C HIS LB 81 -65.27 71.62 -16.41
N VAL LB 82 -64.90 72.84 -16.02
CA VAL LB 82 -63.79 73.49 -16.72
C VAL LB 82 -62.49 72.76 -16.46
N TYR LB 83 -62.33 72.19 -15.26
CA TYR LB 83 -61.13 71.42 -14.98
C TYR LB 83 -61.03 70.22 -15.90
N GLU LB 84 -62.14 69.52 -16.12
CA GLU LB 84 -62.12 68.34 -16.97
C GLU LB 84 -62.16 68.67 -18.45
N ALA LB 85 -62.49 69.91 -18.81
CA ALA LB 85 -62.56 70.29 -20.22
C ALA LB 85 -61.42 71.18 -20.68
N ILE LB 86 -60.53 71.60 -19.77
CA ILE LB 86 -59.50 72.56 -20.15
C ILE LB 86 -58.21 71.92 -20.65
N GLN LB 87 -57.99 70.65 -20.34
CA GLN LB 87 -56.76 69.98 -20.78
C GLN LB 87 -56.72 69.76 -22.28
N GLN LB 88 -57.83 70.01 -22.98
CA GLN LB 88 -57.89 69.80 -24.41
C GLN LB 88 -57.94 71.09 -25.22
N THR LB 89 -58.72 72.07 -24.78
CA THR LB 89 -58.82 73.32 -25.51
C THR LB 89 -59.27 74.42 -24.55
N SER LB 90 -59.03 75.66 -24.97
CA SER LB 90 -59.46 76.82 -24.21
C SER LB 90 -60.93 77.09 -24.49
N GLY LB 91 -61.44 78.16 -23.88
CA GLY LB 91 -62.86 78.46 -23.99
C GLY LB 91 -63.12 79.92 -23.69
N TYR LB 92 -64.41 80.28 -23.76
CA TYR LB 92 -64.85 81.66 -23.67
C TYR LB 92 -65.91 81.83 -22.57
N VAL LB 93 -65.55 81.41 -21.36
CA VAL LB 93 -66.55 81.28 -20.29
C VAL LB 93 -67.05 82.64 -19.84
N VAL LB 94 -68.28 82.68 -19.33
CA VAL LB 94 -68.90 83.91 -18.84
C VAL LB 94 -69.30 83.70 -17.38
N ARG LB 95 -68.87 84.62 -16.52
CA ARG LB 95 -69.17 84.56 -15.09
C ARG LB 95 -70.08 85.71 -14.68
N ALA LB 96 -71.06 85.40 -13.84
CA ALA LB 96 -71.99 86.39 -13.32
C ALA LB 96 -71.99 86.33 -11.79
N VAL LB 97 -72.46 87.42 -11.18
CA VAL LB 97 -72.49 87.51 -9.72
C VAL LB 97 -73.89 87.92 -9.28
N PRO LB 98 -74.33 87.53 -8.09
CA PRO LB 98 -75.64 87.94 -7.60
C PRO LB 98 -75.61 89.40 -7.15
N ASP LB 99 -76.75 89.87 -6.65
CA ASP LB 99 -76.87 91.26 -6.21
C ASP LB 99 -76.00 91.55 -5.01
N ASP LB 100 -75.83 90.59 -4.10
CA ASP LB 100 -75.06 90.80 -2.88
C ASP LB 100 -73.57 90.97 -3.15
N ALA LB 101 -73.09 90.69 -4.36
CA ALA LB 101 -71.68 90.79 -4.66
C ALA LB 101 -71.26 92.26 -4.76
N LYS LB 102 -70.29 92.65 -3.96
CA LYS LB 102 -69.74 93.99 -3.96
C LYS LB 102 -68.22 93.91 -3.85
N PHE LB 103 -67.56 94.82 -4.49
CA PHE LB 103 -66.12 94.96 -4.50
C PHE LB 103 -65.67 96.11 -3.62
N PRO LB 104 -64.50 95.99 -2.99
CA PRO LB 104 -64.00 97.07 -2.13
C PRO LB 104 -63.45 98.22 -2.95
N ILE LB 105 -63.30 99.35 -2.28
CA ILE LB 105 -62.78 100.56 -2.90
C ILE LB 105 -62.21 101.46 -1.81
N ILE LB 106 -61.12 102.14 -2.14
CA ILE LB 106 -60.47 103.09 -1.24
C ILE LB 106 -60.47 104.45 -1.90
N MET LB 107 -60.91 105.46 -1.16
CA MET LB 107 -61.14 106.80 -1.68
C MET LB 107 -60.11 107.71 -1.03
N PHE LB 108 -59.23 108.30 -1.83
CA PHE LB 108 -58.23 109.22 -1.32
C PHE LB 108 -58.66 110.66 -1.61
N ASP LB 109 -58.65 111.47 -0.57
CA ASP LB 109 -58.91 112.89 -0.74
C ASP LB 109 -57.65 113.59 -1.24
N GLU LB 110 -57.77 114.91 -1.47
CA GLU LB 110 -56.61 115.68 -1.93
C GLU LB 110 -55.49 115.66 -0.91
N SER LB 111 -55.84 115.70 0.37
CA SER LB 111 -54.85 115.50 1.42
C SER LB 111 -54.32 114.08 1.46
N GLY LB 112 -54.94 113.17 0.71
CA GLY LB 112 -54.55 111.77 0.70
C GLY LB 112 -55.21 110.92 1.75
N GLU LB 113 -56.11 111.47 2.54
CA GLU LB 113 -56.78 110.68 3.56
C GLU LB 113 -57.65 109.61 2.92
N PRO LB 114 -57.67 108.40 3.48
CA PRO LB 114 -58.43 107.29 2.89
C PRO LB 114 -59.84 107.16 3.45
N ALA LB 115 -60.69 106.52 2.66
CA ALA LB 115 -62.04 106.16 3.08
C ALA LB 115 -62.40 104.85 2.39
N TYR LB 116 -62.73 103.84 3.16
CA TYR LB 116 -62.96 102.50 2.62
C TYR LB 116 -64.46 102.27 2.47
N SER LB 117 -64.85 101.74 1.31
CA SER LB 117 -66.25 101.48 1.03
C SER LB 117 -66.36 100.24 0.15
N ALA LB 118 -67.59 99.84 -0.12
CA ALA LB 118 -67.88 98.72 -1.01
C ALA LB 118 -68.94 99.15 -2.00
N LEU LB 119 -68.80 98.67 -3.24
CA LEU LB 119 -69.74 99.05 -4.28
C LEU LB 119 -70.20 97.82 -5.04
N PRO LB 120 -71.45 97.77 -5.46
CA PRO LB 120 -71.93 96.63 -6.24
C PRO LB 120 -71.26 96.59 -7.60
N TYR LB 121 -71.08 95.38 -8.10
CA TYR LB 121 -70.43 95.20 -9.39
C TYR LB 121 -71.29 95.78 -10.49
N GLY LB 122 -70.65 96.44 -11.45
CA GLY LB 122 -71.35 97.12 -12.52
C GLY LB 122 -71.80 98.52 -12.19
N SER LB 123 -71.58 98.98 -10.97
CA SER LB 123 -72.00 100.32 -10.57
C SER LB 123 -70.97 101.35 -11.00
N GLU LB 124 -71.45 102.41 -11.66
CA GLU LB 124 -70.56 103.50 -12.07
C GLU LB 124 -70.14 104.32 -10.86
N ILE LB 125 -68.94 104.87 -10.95
CA ILE LB 125 -68.36 105.66 -9.86
C ILE LB 125 -68.64 107.14 -10.09
N GLU LB 126 -69.13 107.81 -9.05
CA GLU LB 126 -69.38 109.24 -9.08
C GLU LB 126 -68.68 109.87 -7.88
N LEU LB 127 -68.23 111.11 -8.06
CA LEU LB 127 -67.49 111.82 -7.03
C LEU LB 127 -68.06 113.23 -6.87
N ASP LB 128 -68.04 113.72 -5.64
CA ASP LB 128 -68.56 115.04 -5.31
C ASP LB 128 -67.44 116.08 -5.41
N SER LB 129 -67.68 117.26 -4.84
CA SER LB 129 -66.70 118.33 -4.90
C SER LB 129 -65.36 117.91 -4.30
N GLY LB 130 -65.38 117.27 -3.14
CA GLY LB 130 -64.19 116.69 -2.55
C GLY LB 130 -63.85 115.38 -3.21
N GLU LB 131 -63.28 114.46 -2.42
CA GLU LB 131 -63.08 113.07 -2.85
C GLU LB 131 -62.23 113.02 -4.13
N ALA LB 132 -60.94 113.34 -3.93
CA ALA LB 132 -60.01 113.49 -5.05
C ALA LB 132 -60.07 112.33 -6.03
N PHE LB 133 -59.78 111.11 -5.57
CA PHE LB 133 -59.69 110.00 -6.52
C PHE LB 133 -59.93 108.66 -5.83
N ALA LB 134 -60.50 107.73 -6.59
CA ALA LB 134 -60.90 106.42 -6.09
C ALA LB 134 -60.06 105.33 -6.72
N ILE LB 135 -59.77 104.29 -5.93
CA ILE LB 135 -59.07 103.11 -6.40
C ILE LB 135 -59.89 101.90 -6.00
N TYR LB 136 -60.16 101.01 -6.96
CA TYR LB 136 -61.08 99.91 -6.75
C TYR LB 136 -60.61 98.69 -7.52
N VAL LB 137 -60.89 97.52 -6.96
CA VAL LB 137 -60.59 96.27 -7.64
C VAL LB 137 -61.59 96.08 -8.78
N ASP LB 138 -61.16 95.38 -9.82
CA ASP LB 138 -61.97 95.19 -11.00
C ASP LB 138 -62.15 93.75 -11.44
N ASP LB 139 -61.34 92.82 -10.93
CA ASP LB 139 -61.49 91.41 -11.28
C ASP LB 139 -62.40 90.66 -10.31
N GLY LB 140 -62.99 91.34 -9.34
CA GLY LB 140 -63.88 90.71 -8.39
C GLY LB 140 -63.21 90.06 -7.19
N ASP LB 141 -61.90 90.20 -7.04
CA ASP LB 141 -61.25 89.63 -5.87
C ASP LB 141 -61.65 90.39 -4.62
N PRO LB 142 -62.15 89.72 -3.58
CA PRO LB 142 -62.44 90.43 -2.32
C PRO LB 142 -61.20 90.94 -1.63
N CYS LB 143 -60.01 90.51 -2.04
CA CYS LB 143 -58.75 90.91 -1.41
C CYS LB 143 -58.76 90.57 0.07
N ILE LB 144 -59.30 89.40 0.41
CA ILE LB 144 -59.45 89.00 1.80
C ILE LB 144 -58.65 87.72 2.04
N SER LB 145 -58.46 86.93 0.99
CA SER LB 145 -57.78 85.65 1.14
C SER LB 145 -57.18 85.22 -0.19
N PRO LB 146 -55.93 85.60 -0.48
CA PRO LB 146 -55.06 86.46 0.33
C PRO LB 146 -55.40 87.93 0.12
N THR LB 147 -54.96 88.80 1.01
CA THR LB 147 -55.24 90.22 0.90
C THR LB 147 -54.25 90.89 -0.04
N ARG LB 148 -54.65 92.07 -0.54
CA ARG LB 148 -53.82 92.86 -1.44
C ARG LB 148 -53.48 94.18 -0.79
N GLU LB 149 -52.20 94.55 -0.84
CA GLU LB 149 -51.71 95.77 -0.22
C GLU LB 149 -51.03 96.64 -1.26
N LEU LB 150 -51.16 97.94 -1.09
CA LEU LB 150 -50.65 98.91 -2.04
C LEU LB 150 -49.61 99.80 -1.36
N THR LB 151 -48.64 100.26 -2.14
CA THR LB 151 -47.62 101.16 -1.62
C THR LB 151 -47.35 102.25 -2.64
N ILE LB 152 -47.39 103.50 -2.18
CA ILE LB 152 -47.09 104.65 -3.01
C ILE LB 152 -45.77 105.24 -2.55
N GLU LB 153 -44.96 105.68 -3.51
CA GLU LB 153 -43.69 106.31 -3.19
C GLU LB 153 -43.35 107.28 -4.31
N THR LB 154 -43.26 108.56 -3.96
CA THR LB 154 -42.88 109.56 -4.95
C THR LB 154 -41.49 109.24 -5.49
N ALA LB 155 -41.35 109.32 -6.81
CA ALA LB 155 -40.08 108.99 -7.45
C ALA LB 155 -39.60 110.14 -8.31
N THR LB 156 -38.53 109.91 -9.08
CA THR LB 156 -37.97 110.97 -9.92
C THR LB 156 -39.02 111.49 -10.90
N ALA LB 157 -39.07 112.81 -11.04
CA ALA LB 157 -40.06 113.46 -11.89
C ALA LB 157 -39.53 113.62 -13.31
N ASP LB 158 -40.43 113.99 -14.21
CA ASP LB 158 -40.05 114.20 -15.59
C ASP LB 158 -39.23 115.48 -15.74
N SER LB 159 -38.49 115.56 -16.84
CA SER LB 159 -37.75 116.77 -17.15
C SER LB 159 -38.68 117.97 -17.29
N ALA LB 160 -39.93 117.72 -17.72
CA ALA LB 160 -40.94 118.76 -17.80
C ALA LB 160 -41.54 119.09 -16.44
N GLY LB 161 -40.92 118.65 -15.35
CA GLY LB 161 -41.44 118.90 -14.03
C GLY LB 161 -42.61 118.03 -13.65
N ASN LB 162 -42.95 117.04 -14.46
CA ASN LB 162 -44.09 116.18 -14.20
C ASN LB 162 -43.75 115.24 -13.05
N GLU LB 163 -44.32 115.51 -11.88
CA GLU LB 163 -44.04 114.68 -10.71
C GLU LB 163 -44.48 113.24 -10.96
N ARG LB 164 -43.63 112.30 -10.59
CA ARG LB 164 -43.89 110.89 -10.79
C ARG LB 164 -43.73 110.15 -9.47
N PHE LB 165 -44.39 108.99 -9.40
CA PHE LB 165 -44.41 108.23 -8.16
C PHE LB 165 -44.71 106.78 -8.49
N LEU LB 166 -44.17 105.88 -7.69
CA LEU LB 166 -44.27 104.45 -7.94
C LEU LB 166 -45.41 103.84 -7.13
N LEU LB 167 -46.21 103.03 -7.81
CA LEU LB 167 -47.23 102.20 -7.15
C LEU LB 167 -46.75 100.75 -7.15
N LYS LB 168 -46.78 100.14 -5.98
CA LYS LB 168 -46.44 98.73 -5.83
C LYS LB 168 -47.67 98.00 -5.30
N LEU LB 169 -47.97 96.85 -5.89
CA LEU LB 169 -49.00 95.96 -5.39
C LEU LB 169 -48.35 94.73 -4.80
N THR LB 170 -48.94 94.22 -3.72
CA THR LB 170 -48.46 92.97 -3.16
C THR LB 170 -49.63 92.20 -2.60
N GLN LB 171 -49.43 90.89 -2.47
CA GLN LB 171 -50.38 90.00 -1.84
C GLN LB 171 -49.76 89.46 -0.56
N THR LB 172 -50.60 89.26 0.46
CA THR LB 172 -50.14 88.71 1.73
C THR LB 172 -51.12 87.65 2.17
N THR LB 173 -50.60 86.47 2.54
CA THR LB 173 -51.46 85.37 2.91
C THR LB 173 -51.67 85.32 4.42
N SER LB 174 -52.52 84.38 4.85
CA SER LB 174 -52.77 84.19 6.27
C SER LB 174 -51.53 83.74 7.00
N LEU LB 175 -50.69 82.92 6.35
CA LEU LB 175 -49.40 82.57 6.94
C LEU LB 175 -48.56 83.82 7.15
N GLY LB 176 -48.67 84.79 6.25
CA GLY LB 176 -47.91 86.01 6.33
C GLY LB 176 -46.96 86.22 5.18
N VAL LB 177 -46.92 85.34 4.18
CA VAL LB 177 -46.02 85.55 3.07
C VAL LB 177 -46.50 86.73 2.26
N VAL LB 178 -45.57 87.61 1.90
CA VAL LB 178 -45.82 88.82 1.15
C VAL LB 178 -45.09 88.71 -0.18
N THR LB 179 -45.82 88.84 -1.28
CA THR LB 179 -45.26 88.72 -2.61
C THR LB 179 -45.66 89.92 -3.44
N THR LB 180 -44.68 90.61 -4.02
CA THR LB 180 -44.99 91.78 -4.84
C THR LB 180 -45.45 91.32 -6.22
N LEU LB 181 -46.63 91.81 -6.62
CA LEU LB 181 -47.19 91.45 -7.92
C LEU LB 181 -46.62 92.32 -9.03
N GLU LB 182 -46.78 93.63 -8.92
CA GLU LB 182 -46.40 94.52 -10.01
C GLU LB 182 -46.19 95.93 -9.48
N THR LB 183 -45.28 96.65 -10.13
CA THR LB 183 -45.01 98.05 -9.84
C THR LB 183 -45.10 98.85 -11.12
N HIS LB 184 -45.47 100.12 -10.98
CA HIS LB 184 -45.57 101.01 -12.13
C HIS LB 184 -45.40 102.46 -11.68
N THR LB 185 -44.66 103.22 -12.48
CA THR LB 185 -44.45 104.64 -12.21
C THR LB 185 -45.49 105.46 -12.96
N VAL LB 186 -46.21 106.31 -12.24
CA VAL LB 186 -47.29 107.09 -12.81
C VAL LB 186 -47.17 108.54 -12.38
N SER LB 187 -47.79 109.42 -13.15
CA SER LB 187 -47.75 110.85 -12.90
C SER LB 187 -49.15 111.43 -13.08
N LEU LB 188 -49.38 112.56 -12.42
CA LEU LB 188 -50.66 113.25 -12.54
C LEU LB 188 -50.79 113.99 -13.86
N ALA LB 189 -49.68 114.25 -14.55
CA ALA LB 189 -49.71 115.08 -15.73
C ALA LB 189 -50.43 114.38 -16.88
N GLU LB 190 -51.21 115.16 -17.63
CA GLU LB 190 -51.93 114.62 -18.78
C GLU LB 190 -50.97 114.05 -19.81
N GLU LB 191 -49.95 114.81 -20.18
CA GLU LB 191 -49.00 114.40 -21.20
C GLU LB 191 -47.67 113.95 -20.61
N ALA LB 192 -47.70 113.33 -19.44
CA ALA LB 192 -46.48 112.82 -18.82
C ALA LB 192 -45.95 111.65 -19.62
N LYS LB 193 -44.75 111.79 -20.17
CA LYS LB 193 -44.13 110.78 -20.99
C LYS LB 193 -42.92 110.20 -20.25
N ASP LB 194 -42.91 108.88 -20.08
CA ASP LB 194 -41.87 108.23 -19.31
C ASP LB 194 -40.61 108.05 -20.14
N ASP LB 195 -39.55 107.55 -19.50
CA ASP LB 195 -38.33 107.19 -20.22
C ASP LB 195 -38.62 106.13 -21.27
N MET LB 196 -39.62 105.28 -21.02
CA MET LB 196 -40.05 104.30 -21.99
C MET LB 196 -40.88 104.92 -23.10
N GLY LB 197 -41.24 106.20 -22.98
CA GLY LB 197 -42.12 106.86 -23.92
C GLY LB 197 -43.58 106.66 -23.64
N ARG LB 198 -43.92 105.80 -22.68
CA ARG LB 198 -45.30 105.55 -22.31
C ARG LB 198 -45.87 106.74 -21.53
N LEU LB 199 -47.19 106.84 -21.54
CA LEU LB 199 -47.88 107.89 -20.81
C LEU LB 199 -47.99 107.54 -19.34
N CYS LB 200 -47.54 108.46 -18.48
CA CYS LB 200 -47.61 108.25 -17.04
C CYS LB 200 -48.90 108.76 -16.44
N TYR LB 201 -49.80 109.32 -17.23
CA TYR LB 201 -51.06 109.80 -16.70
C TYR LB 201 -51.85 108.64 -16.12
N LEU LB 202 -52.51 108.89 -14.99
CA LEU LB 202 -52.96 107.79 -14.12
C LEU LB 202 -53.97 106.87 -14.79
N PRO LB 203 -55.12 107.35 -15.27
CA PRO LB 203 -56.08 106.41 -15.88
C PRO LB 203 -55.54 105.71 -17.10
N THR LB 204 -54.81 106.43 -17.95
CA THR LB 204 -54.24 105.81 -19.14
C THR LB 204 -53.29 104.69 -18.76
N ALA LB 205 -52.42 104.94 -17.77
CA ALA LB 205 -51.48 103.93 -17.35
C ALA LB 205 -52.18 102.73 -16.75
N LEU LB 206 -53.19 102.97 -15.91
CA LEU LB 206 -53.85 101.83 -15.27
C LEU LB 206 -54.62 101.00 -16.28
N GLU LB 207 -55.22 101.65 -17.29
CA GLU LB 207 -55.98 100.92 -18.29
C GLU LB 207 -55.09 100.29 -19.35
N ALA LB 208 -53.84 100.74 -19.48
CA ALA LB 208 -52.94 100.16 -20.48
C ALA LB 208 -52.10 99.03 -19.88
N ARG LB 209 -51.32 99.34 -18.84
CA ARG LB 209 -50.39 98.37 -18.27
C ARG LB 209 -50.93 97.67 -17.05
N SER LB 210 -51.57 98.40 -16.14
CA SER LB 210 -52.13 97.76 -14.95
C SER LB 210 -53.24 96.80 -15.32
N LYS LB 211 -53.33 95.71 -14.55
CA LYS LB 211 -54.30 94.66 -14.82
C LYS LB 211 -55.08 94.22 -13.59
N TYR LB 212 -54.76 94.74 -12.41
CA TYR LB 212 -55.39 94.28 -11.18
C TYR LB 212 -56.30 95.31 -10.53
N LEU LB 213 -55.90 96.58 -10.51
CA LEU LB 213 -56.65 97.61 -9.81
C LEU LB 213 -56.91 98.77 -10.76
N ARG LB 214 -58.14 99.28 -10.77
CA ARG LB 214 -58.47 100.43 -11.58
C ARG LB 214 -58.69 101.63 -10.69
N ALA LB 215 -58.69 102.80 -11.29
CA ALA LB 215 -58.82 104.02 -10.51
C ALA LB 215 -59.45 105.10 -11.37
N VAL LB 216 -60.04 106.08 -10.69
CA VAL LB 216 -60.68 107.22 -11.34
C VAL LB 216 -60.26 108.49 -10.61
N VAL LB 217 -60.06 109.57 -11.36
CA VAL LB 217 -59.63 110.85 -10.83
C VAL LB 217 -60.54 111.94 -11.38
N ASN LB 218 -60.94 112.86 -10.51
CA ASN LB 218 -61.71 114.00 -10.96
C ASN LB 218 -60.91 114.84 -11.95
N GLU LB 219 -61.54 115.18 -13.07
CA GLU LB 219 -60.92 116.04 -14.07
C GLU LB 219 -60.66 117.44 -13.54
N GLU LB 220 -61.35 117.84 -12.47
CA GLU LB 220 -61.16 119.14 -11.87
C GLU LB 220 -60.23 119.11 -10.67
N LEU LB 221 -60.08 117.96 -10.01
CA LEU LB 221 -59.18 117.81 -8.89
C LEU LB 221 -57.86 117.17 -9.28
N ILE LB 222 -57.67 116.85 -10.55
CA ILE LB 222 -56.41 116.25 -10.99
C ILE LB 222 -55.25 117.22 -10.76
N SER LB 223 -55.44 118.49 -11.12
CA SER LB 223 -54.39 119.47 -10.91
C SER LB 223 -54.15 119.72 -9.43
N THR LB 224 -55.22 119.75 -8.63
CA THR LB 224 -55.12 120.09 -7.22
C THR LB 224 -54.70 118.90 -6.35
N ALA LB 225 -54.66 117.70 -6.90
CA ALA LB 225 -54.26 116.53 -6.12
C ALA LB 225 -52.77 116.58 -5.79
N LYS LB 226 -52.44 116.09 -4.60
CA LYS LB 226 -51.06 116.00 -4.12
C LYS LB 226 -50.65 114.54 -4.00
N VAL LB 227 -49.40 114.33 -3.59
CA VAL LB 227 -48.85 112.98 -3.45
C VAL LB 227 -48.19 112.86 -2.09
N THR LB 228 -48.03 111.62 -1.65
CA THR LB 228 -47.42 111.32 -0.36
C THR LB 228 -46.78 109.94 -0.46
N ASN LB 229 -46.48 109.35 0.69
CA ASN LB 229 -45.95 108.00 0.77
C ASN LB 229 -46.82 107.19 1.72
N LYS LB 230 -47.21 105.99 1.29
CA LYS LB 230 -48.10 105.14 2.05
C LYS LB 230 -47.61 103.70 1.96
N LYS LB 231 -48.10 102.88 2.89
CA LYS LB 231 -47.72 101.48 2.94
C LYS LB 231 -48.87 100.68 3.54
N SER LB 232 -48.98 99.42 3.13
CA SER LB 232 -49.99 98.50 3.63
C SER LB 232 -51.40 99.06 3.41
N LEU LB 233 -51.74 99.24 2.14
CA LEU LB 233 -53.04 99.76 1.75
C LEU LB 233 -53.89 98.59 1.28
N ALA LB 234 -54.69 98.06 2.20
CA ALA LB 234 -55.48 96.87 1.96
C ALA LB 234 -56.94 97.22 1.69
N PHE LB 235 -57.55 96.50 0.75
CA PHE LB 235 -58.96 96.65 0.45
C PHE LB 235 -59.80 95.76 1.35
N THR LB 236 -60.84 96.33 1.96
CA THR LB 236 -61.73 95.61 2.85
C THR LB 236 -63.17 95.85 2.41
N GLY LB 237 -64.04 94.91 2.77
CA GLY LB 237 -65.46 94.99 2.48
C GLY LB 237 -65.90 94.22 1.26
N GLY LB 238 -64.96 93.75 0.43
CA GLY LB 238 -65.34 92.97 -0.74
C GLY LB 238 -65.95 91.64 -0.34
N THR LB 239 -67.14 91.36 -0.87
CA THR LB 239 -67.83 90.12 -0.58
C THR LB 239 -68.74 89.79 -1.75
N ASN LB 240 -68.53 88.63 -2.36
CA ASN LB 240 -69.31 88.23 -3.52
C ASN LB 240 -70.63 87.57 -3.15
N GLY LB 241 -70.84 87.22 -1.88
CA GLY LB 241 -72.04 86.52 -1.51
C GLY LB 241 -71.98 85.05 -1.93
N ASP LB 242 -73.17 84.43 -1.97
CA ASP LB 242 -73.29 83.03 -2.35
C ASP LB 242 -73.39 82.95 -3.86
N GLN LB 243 -72.27 82.62 -4.51
CA GLN LB 243 -72.24 82.50 -5.96
C GLN LB 243 -73.08 81.33 -6.46
N SER LB 244 -73.48 80.43 -5.57
CA SER LB 244 -74.28 79.28 -5.99
C SER LB 244 -75.65 79.72 -6.52
N LYS LB 245 -76.27 80.71 -5.91
CA LYS LB 245 -77.58 81.19 -6.31
C LYS LB 245 -77.43 82.47 -7.13
N ILE LB 246 -77.86 82.43 -8.39
CA ILE LB 246 -77.82 83.59 -9.27
C ILE LB 246 -79.16 83.67 -10.01
N SER LB 247 -79.59 84.90 -10.28
CA SER LB 247 -80.93 85.14 -10.80
C SER LB 247 -81.09 84.69 -12.24
N THR LB 248 -82.34 84.42 -12.61
CA THR LB 248 -82.66 84.10 -13.99
C THR LB 248 -82.36 85.26 -14.92
N ALA LB 249 -82.63 86.49 -14.46
CA ALA LB 249 -82.33 87.66 -15.28
C ALA LB 249 -80.83 87.77 -15.54
N ALA LB 250 -80.03 87.52 -14.51
CA ALA LB 250 -78.58 87.52 -14.70
C ALA LB 250 -78.16 86.41 -15.66
N TYR LB 251 -78.81 85.25 -15.56
CA TYR LB 251 -78.53 84.16 -16.49
C TYR LB 251 -78.82 84.59 -17.92
N LEU LB 252 -79.97 85.22 -18.12
CA LEU LB 252 -80.34 85.68 -19.45
C LEU LB 252 -79.38 86.73 -19.97
N ARG LB 253 -78.97 87.65 -19.10
CA ARG LB 253 -78.01 88.67 -19.51
C ARG LB 253 -76.70 88.04 -19.93
N ALA LB 254 -76.19 87.09 -19.15
CA ALA LB 254 -74.92 86.46 -19.47
C ALA LB 254 -75.00 85.67 -20.77
N VAL LB 255 -76.09 84.93 -20.96
CA VAL LB 255 -76.20 84.13 -22.18
C VAL LB 255 -76.36 85.04 -23.40
N LYS LB 256 -77.08 86.15 -23.25
CA LYS LB 256 -77.20 87.11 -24.33
C LYS LB 256 -75.84 87.72 -24.65
N VAL LB 257 -75.05 88.02 -23.62
CA VAL LB 257 -73.72 88.60 -23.83
C VAL LB 257 -72.84 87.63 -24.60
N LEU LB 258 -72.82 86.36 -24.17
CA LEU LB 258 -71.96 85.40 -24.85
C LEU LB 258 -72.47 85.14 -26.27
N ASN LB 259 -73.78 85.21 -26.47
CA ASN LB 259 -74.31 85.13 -27.83
C ASN LB 259 -73.77 86.25 -28.69
N ASN LB 260 -73.79 87.47 -28.17
CA ASN LB 260 -73.27 88.59 -28.94
C ASN LB 260 -71.76 88.57 -29.06
N ALA LB 261 -71.08 87.77 -28.24
CA ALA LB 261 -69.63 87.71 -28.29
C ALA LB 261 -69.17 87.18 -29.65
N PRO LB 262 -68.36 87.94 -30.40
CA PRO LB 262 -67.97 87.54 -31.76
C PRO LB 262 -66.65 86.77 -31.80
N TYR LB 263 -66.64 85.59 -31.18
CA TYR LB 263 -65.46 84.76 -31.14
C TYR LB 263 -65.83 83.32 -31.49
N MET LB 264 -64.81 82.51 -31.71
CA MET LB 264 -65.03 81.11 -32.05
C MET LB 264 -65.50 80.33 -30.84
N TYR LB 265 -66.57 79.55 -31.03
CA TYR LB 265 -66.94 78.51 -30.08
C TYR LB 265 -67.85 77.54 -30.81
N THR LB 266 -67.37 76.32 -31.04
CA THR LB 266 -68.14 75.33 -31.75
C THR LB 266 -69.05 74.53 -30.83
N ALA LB 267 -68.98 74.75 -29.52
CA ALA LB 267 -69.83 73.96 -28.64
C ALA LB 267 -70.21 74.76 -27.40
N VAL LB 268 -71.33 74.36 -26.82
CA VAL LB 268 -71.85 74.91 -25.59
C VAL LB 268 -72.04 73.76 -24.62
N LEU LB 269 -71.69 73.99 -23.36
CA LEU LB 269 -71.66 72.95 -22.34
C LEU LB 269 -72.70 73.28 -21.29
N GLY LB 270 -73.19 72.27 -20.58
CA GLY LB 270 -74.05 72.54 -19.44
C GLY LB 270 -73.34 73.37 -18.39
N LEU LB 271 -72.12 72.95 -18.03
CA LEU LB 271 -71.25 73.70 -17.13
C LEU LB 271 -71.95 74.01 -15.81
N GLY LB 272 -72.82 73.10 -15.39
CA GLY LB 272 -73.50 73.19 -14.12
C GLY LB 272 -74.80 73.98 -14.12
N CYS LB 273 -75.17 74.61 -15.23
CA CYS LB 273 -76.41 75.38 -15.27
C CYS LB 273 -77.60 74.44 -15.35
N TYR LB 274 -78.59 74.68 -14.48
CA TYR LB 274 -79.79 73.87 -14.47
C TYR LB 274 -81.07 74.69 -14.53
N ASP LB 275 -80.97 76.01 -14.73
CA ASP LB 275 -82.16 76.81 -14.94
C ASP LB 275 -82.80 76.43 -16.27
N ASN LB 276 -84.10 76.13 -16.23
CA ASN LB 276 -84.77 75.68 -17.44
C ASN LB 276 -84.77 76.75 -18.51
N ALA LB 277 -85.05 78.00 -18.12
CA ALA LB 277 -85.06 79.09 -19.11
C ALA LB 277 -83.69 79.31 -19.72
N ALA LB 278 -82.64 79.29 -18.89
CA ALA LB 278 -81.29 79.45 -19.41
C ALA LB 278 -80.94 78.30 -20.35
N ILE LB 279 -81.31 77.08 -20.00
CA ILE LB 279 -81.01 75.93 -20.84
C ILE LB 279 -81.73 76.06 -22.18
N THR LB 280 -83.00 76.47 -22.15
CA THR LB 280 -83.74 76.65 -23.39
C THR LB 280 -83.12 77.73 -24.26
N ALA LB 281 -82.72 78.85 -23.64
CA ALA LB 281 -82.06 79.90 -24.42
C ALA LB 281 -80.77 79.40 -25.03
N LEU LB 282 -80.03 78.59 -24.28
CA LEU LB 282 -78.81 77.99 -24.81
C LEU LB 282 -79.12 77.09 -25.98
N GLY LB 283 -80.21 76.32 -25.88
CA GLY LB 283 -80.62 75.49 -27.00
C GLY LB 283 -80.93 76.32 -28.23
N LYS LB 284 -81.67 77.41 -28.04
CA LYS LB 284 -82.00 78.28 -29.15
C LYS LB 284 -80.76 78.85 -29.80
N ILE LB 285 -79.81 79.33 -28.99
CA ILE LB 285 -78.64 80.00 -29.55
C ILE LB 285 -77.73 78.99 -30.24
N CYS LB 286 -77.56 77.80 -29.65
CA CYS LB 286 -76.72 76.82 -30.32
C CYS LB 286 -77.38 76.33 -31.60
N ALA LB 287 -78.70 76.19 -31.61
CA ALA LB 287 -79.39 75.78 -32.82
C ALA LB 287 -79.23 76.81 -33.92
N ASP LB 288 -79.41 78.09 -33.59
CA ASP LB 288 -79.36 79.10 -34.65
C ASP LB 288 -77.95 79.53 -35.00
N ARG LB 289 -76.96 79.16 -34.18
CA ARG LB 289 -75.56 79.41 -34.52
C ARG LB 289 -74.86 78.17 -35.05
N LEU LB 290 -75.55 77.04 -35.12
CA LEU LB 290 -75.04 75.83 -35.77
C LEU LB 290 -73.76 75.35 -35.08
N ILE LB 291 -73.93 74.99 -33.81
CA ILE LB 291 -72.86 74.45 -32.98
C ILE LB 291 -73.44 73.30 -32.16
N ASP LB 292 -72.57 72.58 -31.46
CA ASP LB 292 -73.04 71.44 -30.68
C ASP LB 292 -73.44 71.86 -29.27
N GLY LB 293 -74.35 71.10 -28.69
CA GLY LB 293 -74.85 71.39 -27.36
C GLY LB 293 -74.71 70.19 -26.44
N PHE LB 294 -74.34 70.46 -25.20
CA PHE LB 294 -73.96 69.47 -24.20
C PHE LB 294 -74.78 69.62 -22.94
N PHE LB 295 -76.10 69.61 -23.08
CA PHE LB 295 -76.97 69.84 -21.94
C PHE LB 295 -76.97 68.65 -20.98
N ASP LB 296 -77.22 68.95 -19.71
CA ASP LB 296 -77.26 67.96 -18.65
C ASP LB 296 -78.48 68.17 -17.78
N VAL LB 297 -78.93 67.10 -17.12
CA VAL LB 297 -80.07 67.16 -16.23
C VAL LB 297 -79.54 67.04 -14.80
N LYS LB 298 -80.41 67.34 -13.84
CA LYS LB 298 -80.04 67.28 -12.44
C LYS LB 298 -79.73 65.84 -12.05
N PRO LB 299 -78.51 65.52 -11.62
CA PRO LB 299 -78.22 64.15 -11.19
C PRO LB 299 -79.03 63.72 -9.99
N THR LB 300 -79.38 64.68 -9.12
CA THR LB 300 -80.17 64.36 -7.93
C THR LB 300 -81.48 63.72 -8.31
N LEU LB 301 -82.06 64.12 -9.43
CA LEU LB 301 -83.29 63.50 -9.91
C LEU LB 301 -83.02 62.03 -10.21
N THR LB 302 -83.90 61.17 -9.70
CA THR LB 302 -83.75 59.75 -9.97
C THR LB 302 -84.14 59.43 -11.41
N TYR LB 303 -83.73 58.24 -11.86
CA TYR LB 303 -84.01 57.82 -13.22
C TYR LB 303 -85.50 57.78 -13.54
N ALA LB 304 -86.35 57.59 -12.52
CA ALA LB 304 -87.78 57.52 -12.77
C ALA LB 304 -88.30 58.82 -13.37
N GLU LB 305 -87.98 59.95 -12.74
CA GLU LB 305 -88.41 61.25 -13.21
C GLU LB 305 -87.41 61.90 -14.14
N ALA LB 306 -86.25 61.27 -14.34
CA ALA LB 306 -85.28 61.83 -15.28
C ALA LB 306 -85.85 61.85 -16.70
N LEU LB 307 -86.55 60.79 -17.08
CA LEU LB 307 -87.12 60.73 -18.42
C LEU LB 307 -88.12 61.84 -18.68
N PRO LB 308 -89.11 62.12 -17.82
CA PRO LB 308 -90.00 63.25 -18.09
C PRO LB 308 -89.29 64.59 -18.08
N ALA LB 309 -88.11 64.67 -17.45
CA ALA LB 309 -87.45 65.96 -17.30
C ALA LB 309 -87.13 66.62 -18.63
N VAL LB 310 -86.92 65.81 -19.69
CA VAL LB 310 -86.55 66.38 -20.97
C VAL LB 310 -87.67 67.25 -21.53
N GLU LB 311 -88.92 66.78 -21.44
CA GLU LB 311 -90.02 67.62 -21.88
C GLU LB 311 -90.46 68.59 -20.79
N ASP LB 312 -90.12 68.30 -19.53
CA ASP LB 312 -90.38 69.27 -18.47
C ASP LB 312 -89.60 70.56 -18.69
N THR LB 313 -88.33 70.43 -19.10
CA THR LB 313 -87.54 71.60 -19.46
C THR LB 313 -88.08 72.26 -20.72
N GLY LB 314 -88.65 71.47 -21.63
CA GLY LB 314 -89.14 71.96 -22.89
C GLY LB 314 -88.19 71.79 -24.05
N LEU LB 315 -87.11 71.04 -23.88
CA LEU LB 315 -86.13 70.86 -24.95
C LEU LB 315 -86.62 69.94 -26.05
N LEU LB 316 -87.77 69.30 -25.87
CA LEU LB 316 -88.34 68.49 -26.93
C LEU LB 316 -88.65 69.36 -28.14
N GLY LB 317 -88.26 68.90 -29.31
CA GLY LB 317 -88.52 69.62 -30.53
C GLY LB 317 -87.49 69.29 -31.60
N THR LB 318 -87.80 69.72 -32.82
CA THR LB 318 -86.91 69.50 -33.96
C THR LB 318 -85.82 70.56 -34.06
N ASP LB 319 -86.07 71.77 -33.57
CA ASP LB 319 -85.05 72.81 -33.60
C ASP LB 319 -83.84 72.41 -32.78
N TYR LB 320 -84.07 71.82 -31.59
CA TYR LB 320 -83.01 71.34 -30.73
C TYR LB 320 -82.52 69.97 -31.20
N VAL LB 321 -82.00 69.95 -32.42
CA VAL LB 321 -81.51 68.73 -33.03
C VAL LB 321 -80.02 68.54 -32.79
N SER LB 322 -79.25 69.62 -32.81
CA SER LB 322 -77.80 69.51 -32.68
C SER LB 322 -77.38 69.14 -31.27
N CYS LB 323 -78.12 69.57 -30.26
CA CYS LB 323 -77.70 69.36 -28.88
C CYS LB 323 -78.00 67.94 -28.43
N SER LB 324 -77.39 67.57 -27.31
CA SER LB 324 -77.64 66.29 -26.66
C SER LB 324 -77.75 66.52 -25.16
N VAL LB 325 -78.70 65.82 -24.54
CA VAL LB 325 -78.98 65.94 -23.11
C VAL LB 325 -78.48 64.69 -22.40
N TYR LB 326 -77.86 64.88 -21.25
CA TYR LB 326 -77.19 63.85 -20.49
C TYR LB 326 -77.75 63.71 -19.08
N HIS LB 327 -77.48 62.55 -18.47
CA HIS LB 327 -77.77 62.28 -17.08
C HIS LB 327 -76.69 61.38 -16.49
N TYR LB 328 -76.35 61.64 -15.23
CA TYR LB 328 -75.33 60.86 -14.52
C TYR LB 328 -75.75 60.65 -13.08
N PRO LB 329 -76.32 59.50 -12.76
CA PRO LB 329 -76.71 59.18 -11.38
C PRO LB 329 -75.61 58.44 -10.62
N PHE LB 330 -74.42 59.05 -10.57
CA PHE LB 330 -73.28 58.41 -9.95
C PHE LB 330 -72.51 59.43 -9.12
N SER LB 331 -71.76 58.92 -8.14
CA SER LB 331 -70.93 59.74 -7.28
C SER LB 331 -69.50 59.22 -7.31
N CYS LB 332 -68.55 60.15 -7.35
CA CYS LB 332 -67.13 59.83 -7.45
C CYS LB 332 -66.37 60.47 -6.30
N LYS LB 333 -65.07 60.24 -6.29
CA LYS LB 333 -64.20 60.81 -5.27
C LYS LB 333 -63.59 62.10 -5.79
N ASP LB 334 -63.56 63.11 -4.91
CA ASP LB 334 -63.15 64.45 -5.30
C ASP LB 334 -61.68 64.49 -5.67
N LYS LB 335 -61.37 65.37 -6.64
CA LYS LB 335 -59.99 65.62 -7.01
C LYS LB 335 -59.22 66.31 -5.89
N TRP LB 336 -59.87 67.20 -5.16
CA TRP LB 336 -59.21 68.04 -4.18
C TRP LB 336 -59.64 67.75 -2.76
N THR LB 337 -60.94 67.78 -2.48
CA THR LB 337 -61.43 67.61 -1.12
C THR LB 337 -61.53 66.16 -0.71
N GLN LB 338 -61.40 65.22 -1.64
CA GLN LB 338 -61.44 63.79 -1.36
C GLN LB 338 -62.73 63.40 -0.63
N SER LB 339 -63.84 63.91 -1.14
CA SER LB 339 -65.18 63.59 -0.65
C SER LB 339 -65.99 62.94 -1.76
N ARG LB 340 -67.27 62.75 -1.53
CA ARG LB 340 -68.18 62.21 -2.53
C ARG LB 340 -68.81 63.37 -3.30
N VAL LB 341 -68.49 63.46 -4.58
CA VAL LB 341 -68.93 64.58 -5.40
C VAL LB 341 -69.63 64.04 -6.64
N VAL LB 342 -70.54 64.84 -7.19
CA VAL LB 342 -71.36 64.46 -8.33
C VAL LB 342 -71.32 65.57 -9.37
N PHE LB 343 -71.04 65.22 -10.62
CA PHE LB 343 -71.15 66.14 -11.73
C PHE LB 343 -71.16 65.35 -13.03
N GLY LB 344 -71.67 65.99 -14.09
CA GLY LB 344 -71.98 65.30 -15.32
C GLY LB 344 -70.77 65.00 -16.18
N LEU LB 345 -71.02 64.28 -17.26
CA LEU LB 345 -69.98 63.88 -18.20
C LEU LB 345 -70.08 64.61 -19.54
N SER LB 346 -70.87 65.66 -19.63
CA SER LB 346 -70.89 66.47 -20.84
C SER LB 346 -69.50 67.01 -21.15
N GLY LB 347 -68.72 67.32 -20.11
CA GLY LB 347 -67.37 67.80 -20.33
C GLY LB 347 -66.46 66.76 -20.96
N VAL LB 348 -66.51 65.53 -20.46
CA VAL LB 348 -65.65 64.50 -21.04
C VAL LB 348 -66.16 64.12 -22.43
N ALA LB 349 -67.47 64.22 -22.66
CA ALA LB 349 -67.98 64.02 -24.00
C ALA LB 349 -67.42 65.06 -24.95
N TYR LB 350 -67.39 66.32 -24.52
CA TYR LB 350 -66.74 67.35 -25.32
C TYR LB 350 -65.27 67.04 -25.54
N ALA LB 351 -64.57 66.58 -24.50
CA ALA LB 351 -63.15 66.30 -24.64
C ALA LB 351 -62.90 65.19 -25.64
N ALA LB 352 -63.73 64.14 -25.60
CA ALA LB 352 -63.61 63.08 -26.58
C ALA LB 352 -63.87 63.59 -27.98
N LYS LB 353 -64.89 64.44 -28.14
CA LYS LB 353 -65.12 65.03 -29.44
C LYS LB 353 -63.95 65.86 -29.90
N ALA LB 354 -63.35 66.62 -28.98
CA ALA LB 354 -62.20 67.45 -29.32
C ALA LB 354 -61.03 66.60 -29.77
N ARG LB 355 -60.78 65.50 -29.05
CA ARG LB 355 -59.71 64.60 -29.45
C ARG LB 355 -59.97 64.01 -30.82
N GLY LB 356 -61.20 63.57 -31.06
CA GLY LB 356 -61.55 62.99 -32.34
C GLY LB 356 -61.46 63.99 -33.48
N VAL LB 357 -61.80 65.25 -33.23
CA VAL LB 357 -61.73 66.23 -34.30
C VAL LB 357 -60.29 66.68 -34.52
N LYS LB 358 -59.47 66.68 -33.46
CA LYS LB 358 -58.10 67.16 -33.61
C LYS LB 358 -57.19 66.08 -34.18
N LYS LB 359 -57.55 64.81 -34.02
CA LYS LB 359 -56.69 63.75 -34.53
C LYS LB 359 -56.52 63.82 -36.05
N ASN LB 360 -57.45 64.45 -36.74
CA ASN LB 360 -57.30 64.74 -38.16
C ASN LB 360 -57.18 66.24 -38.35
N SER LB 361 -56.39 66.65 -39.34
CA SER LB 361 -56.11 68.07 -39.56
C SER LB 361 -56.81 68.63 -40.79
N ASP LB 362 -57.06 67.82 -41.81
CA ASP LB 362 -57.60 68.36 -43.05
C ASP LB 362 -59.11 68.54 -42.96
N VAL LB 363 -59.83 67.50 -42.57
CA VAL LB 363 -61.28 67.56 -42.49
C VAL LB 363 -61.81 67.39 -41.08
N GLY LB 364 -61.01 66.85 -40.16
CA GLY LB 364 -61.43 66.70 -38.79
C GLY LB 364 -62.23 65.43 -38.56
N GLY LB 365 -62.62 65.25 -37.30
CA GLY LB 365 -63.25 64.02 -36.87
C GLY LB 365 -64.72 64.13 -36.52
N TRP LB 366 -65.46 65.00 -37.22
CA TRP LB 366 -66.90 65.04 -37.05
C TRP LB 366 -67.59 63.75 -37.48
N HIS LB 367 -66.92 62.90 -38.26
CA HIS LB 367 -67.50 61.61 -38.60
C HIS LB 367 -67.53 60.68 -37.40
N TYR LB 368 -66.54 60.74 -36.52
CA TYR LB 368 -66.53 59.89 -35.36
C TYR LB 368 -67.42 60.44 -34.26
N SER LB 369 -67.70 59.58 -33.29
CA SER LB 369 -68.57 59.85 -32.16
C SER LB 369 -67.77 59.86 -30.87
N PRO LB 370 -68.18 60.62 -29.89
CA PRO LB 370 -67.53 60.61 -28.58
C PRO LB 370 -68.05 59.50 -27.66
N ALA LB 371 -68.04 58.28 -28.18
CA ALA LB 371 -68.61 57.14 -27.48
C ALA LB 371 -67.60 55.99 -27.44
N GLY LB 372 -67.71 55.18 -26.40
CA GLY LB 372 -66.85 54.04 -26.24
C GLY LB 372 -65.53 54.37 -25.56
N GLU LB 373 -64.90 53.34 -25.01
CA GLU LB 373 -63.63 53.50 -24.33
C GLU LB 373 -62.50 53.85 -25.29
N GLU LB 374 -62.70 53.65 -26.59
CA GLU LB 374 -61.67 54.04 -27.55
C GLU LB 374 -61.46 55.54 -27.54
N ARG LB 375 -62.53 56.32 -27.35
CA ARG LB 375 -62.45 57.76 -27.33
C ARG LB 375 -62.93 58.35 -26.01
N ALA LB 376 -64.08 57.91 -25.52
CA ALA LB 376 -64.72 58.51 -24.35
C ALA LB 376 -64.33 57.73 -23.10
N VAL LB 377 -63.44 58.32 -22.30
CA VAL LB 377 -63.01 57.72 -21.04
C VAL LB 377 -62.93 58.82 -19.99
N ILE LB 378 -63.51 58.56 -18.82
CA ILE LB 378 -63.39 59.50 -17.71
C ILE LB 378 -62.81 58.83 -16.47
N ALA LB 379 -63.49 57.81 -15.96
CA ALA LB 379 -63.05 57.02 -14.81
C ALA LB 379 -62.48 57.90 -13.70
N ARG LB 380 -63.34 58.77 -13.17
CA ARG LB 380 -62.88 59.75 -12.19
C ARG LB 380 -62.30 59.08 -10.95
N ALA LB 381 -63.16 58.44 -10.14
CA ALA LB 381 -62.71 57.64 -9.01
C ALA LB 381 -63.90 56.93 -8.36
N SER LB 382 -63.74 55.64 -8.07
CA SER LB 382 -64.69 54.86 -7.27
C SER LB 382 -66.14 55.18 -7.63
N ILE LB 383 -66.47 54.93 -8.89
CA ILE LB 383 -67.80 55.28 -9.39
C ILE LB 383 -68.84 54.35 -8.79
N GLN LB 384 -69.87 54.93 -8.18
CA GLN LB 384 -70.99 54.17 -7.68
C GLN LB 384 -72.27 54.96 -7.91
N PRO LB 385 -73.39 54.28 -8.13
CA PRO LB 385 -74.65 54.98 -8.36
C PRO LB 385 -75.11 55.72 -7.11
N LEU LB 386 -75.83 56.81 -7.34
CA LEU LB 386 -76.47 57.49 -6.22
C LEU LB 386 -77.56 56.63 -5.59
N TYR LB 387 -78.38 55.98 -6.41
CA TYR LB 387 -79.51 55.19 -5.93
C TYR LB 387 -79.46 53.82 -6.58
N PRO LB 388 -79.32 52.74 -5.82
CA PRO LB 388 -79.25 51.40 -6.42
C PRO LB 388 -80.60 50.79 -6.74
N GLU LB 389 -81.70 51.40 -6.31
CA GLU LB 389 -83.01 50.78 -6.48
C GLU LB 389 -83.48 50.87 -7.93
N ASP LB 390 -83.25 52.01 -8.58
CA ASP LB 390 -83.79 52.23 -9.92
C ASP LB 390 -82.84 51.66 -10.97
N THR LB 391 -83.43 51.23 -12.09
CA THR LB 391 -82.71 50.63 -13.19
C THR LB 391 -83.09 51.34 -14.48
N PRO LB 392 -82.17 51.41 -15.44
CA PRO LB 392 -82.49 52.04 -16.72
C PRO LB 392 -83.37 51.16 -17.58
N ASP LB 393 -83.97 51.77 -18.60
CA ASP LB 393 -84.83 51.06 -19.54
C ASP LB 393 -84.52 51.52 -20.95
N GLU LB 394 -84.05 50.59 -21.78
CA GLU LB 394 -83.56 50.94 -23.11
C GLU LB 394 -84.61 51.68 -23.91
N GLU LB 395 -85.85 51.19 -23.89
CA GLU LB 395 -86.91 51.88 -24.62
C GLU LB 395 -87.13 53.28 -24.05
N ALA LB 396 -87.01 53.43 -22.73
CA ALA LB 396 -87.17 54.73 -22.11
C ALA LB 396 -86.11 55.70 -22.62
N MET LB 397 -84.83 55.29 -22.60
CA MET LB 397 -83.79 56.19 -23.07
C MET LB 397 -83.96 56.50 -24.55
N VAL LB 398 -84.29 55.51 -25.35
CA VAL LB 398 -84.35 55.76 -26.79
C VAL LB 398 -85.52 56.68 -27.12
N LYS LB 399 -86.63 56.56 -26.37
CA LYS LB 399 -87.74 57.47 -26.62
C LYS LB 399 -87.42 58.87 -26.12
N GLY LB 400 -86.80 58.98 -24.94
CA GLY LB 400 -86.49 60.27 -24.37
C GLY LB 400 -85.19 60.87 -24.83
N ARG LB 401 -84.52 60.24 -25.79
CA ARG LB 401 -83.27 60.76 -26.36
C ARG LB 401 -82.21 60.95 -25.27
N LEU LB 402 -82.18 60.05 -24.30
CA LEU LB 402 -81.23 60.13 -23.20
C LEU LB 402 -80.08 59.16 -23.44
N ASN LB 403 -78.89 59.57 -23.04
CA ASN LB 403 -77.66 58.81 -23.28
C ASN LB 403 -77.32 58.01 -22.03
N LYS LB 404 -77.19 56.70 -22.18
CA LYS LB 404 -76.86 55.82 -21.08
C LYS LB 404 -75.34 55.61 -21.00
N VAL LB 405 -74.88 55.25 -19.80
CA VAL LB 405 -73.47 55.16 -19.51
C VAL LB 405 -73.03 53.70 -19.57
N SER LB 406 -71.71 53.48 -19.50
CA SER LB 406 -71.19 52.12 -19.42
C SER LB 406 -69.79 52.15 -18.81
N VAL LB 407 -69.14 50.98 -18.79
CA VAL LB 407 -67.75 50.85 -18.38
C VAL LB 407 -67.03 50.07 -19.46
N GLY LB 408 -65.74 50.36 -19.62
CA GLY LB 408 -64.97 49.77 -20.68
C GLY LB 408 -64.52 48.36 -20.37
N THR LB 409 -63.92 47.74 -21.39
CA THR LB 409 -63.35 46.41 -21.20
C THR LB 409 -62.22 46.44 -20.19
N SER LB 410 -61.50 47.56 -20.12
CA SER LB 410 -60.44 47.73 -19.13
C SER LB 410 -60.95 48.22 -17.79
N GLY LB 411 -62.22 48.62 -17.70
CA GLY LB 411 -62.80 49.03 -16.44
C GLY LB 411 -62.89 50.51 -16.19
N GLN LB 412 -62.84 51.34 -17.23
CA GLN LB 412 -62.92 52.79 -17.06
C GLN LB 412 -64.33 53.27 -17.40
N MET LB 413 -64.76 54.31 -16.68
CA MET LB 413 -66.12 54.80 -16.84
C MET LB 413 -66.25 55.52 -18.17
N ILE LB 414 -67.24 55.16 -18.98
CA ILE LB 414 -67.37 55.70 -20.32
C ILE LB 414 -68.83 56.04 -20.60
N ILE LB 415 -69.04 56.76 -21.70
CA ILE LB 415 -70.35 56.98 -22.28
C ILE LB 415 -70.39 56.17 -23.57
N ASP LB 416 -71.30 55.22 -23.65
CA ASP LB 416 -71.49 54.42 -24.86
C ASP LB 416 -72.69 54.90 -25.66
N ASP LB 417 -72.74 56.19 -25.99
CA ASP LB 417 -73.89 56.71 -26.71
C ASP LB 417 -73.47 57.84 -27.64
N ALA LB 418 -74.24 58.01 -28.70
CA ALA LB 418 -74.02 59.05 -29.70
C ALA LB 418 -75.34 59.67 -30.12
N LEU LB 419 -76.25 59.83 -29.17
CA LEU LB 419 -77.62 60.24 -29.45
C LEU LB 419 -77.81 61.70 -29.07
N THR LB 420 -78.36 62.48 -30.01
CA THR LB 420 -78.60 63.89 -29.80
C THR LB 420 -80.02 64.10 -29.27
N CYS LB 421 -80.46 65.36 -29.22
CA CYS LB 421 -81.81 65.70 -28.79
C CYS LB 421 -82.78 65.73 -29.97
N CYS LB 422 -82.43 65.10 -31.08
CA CYS LB 422 -83.31 65.03 -32.24
C CYS LB 422 -84.48 64.12 -31.90
N THR LB 423 -85.60 64.73 -31.50
CA THR LB 423 -86.74 63.95 -31.03
C THR LB 423 -87.29 63.06 -32.13
N GLN LB 424 -87.41 63.58 -33.34
CA GLN LB 424 -87.87 62.78 -34.47
C GLN LB 424 -86.88 61.67 -34.76
N ASP LB 425 -87.41 60.51 -35.14
CA ASP LB 425 -86.62 59.29 -35.26
C ASP LB 425 -85.96 59.15 -36.62
N ASN LB 426 -85.78 60.25 -37.34
CA ASN LB 426 -85.13 60.22 -38.64
C ASN LB 426 -83.63 60.03 -38.46
N TYR LB 427 -82.89 60.10 -39.56
CA TYR LB 427 -81.44 59.91 -39.49
C TYR LB 427 -80.73 61.00 -38.71
N LEU LB 428 -81.40 62.12 -38.44
CA LEU LB 428 -80.76 63.21 -37.72
C LEU LB 428 -80.57 62.91 -36.23
N HIS LB 429 -81.18 61.83 -35.73
CA HIS LB 429 -81.01 61.47 -34.33
C HIS LB 429 -79.58 61.03 -34.01
N PHE LB 430 -78.76 60.77 -35.03
CA PHE LB 430 -77.37 60.42 -34.82
C PHE LB 430 -76.57 61.68 -34.45
N GLN LB 431 -75.26 61.50 -34.28
CA GLN LB 431 -74.37 62.61 -33.99
C GLN LB 431 -73.47 62.98 -35.15
N HIS LB 432 -73.08 62.01 -35.98
CA HIS LB 432 -72.22 62.33 -37.10
C HIS LB 432 -72.96 63.13 -38.17
N VAL LB 433 -74.24 62.84 -38.37
CA VAL LB 433 -75.02 63.59 -39.35
C VAL LB 433 -75.08 65.07 -38.97
N PRO LB 434 -75.54 65.46 -37.78
CA PRO LB 434 -75.55 66.90 -37.46
C PRO LB 434 -74.18 67.53 -37.58
N SER LB 435 -73.16 66.84 -37.08
CA SER LB 435 -71.81 67.37 -37.17
C SER LB 435 -71.39 67.52 -38.62
N LEU LB 436 -71.74 66.56 -39.48
CA LEU LB 436 -71.26 66.63 -40.85
C LEU LB 436 -71.88 67.81 -41.58
N MET LB 437 -73.20 68.01 -41.47
CA MET LB 437 -73.65 69.15 -42.26
C MET LB 437 -73.32 70.46 -41.57
N ASN LB 438 -73.14 70.48 -40.25
CA ASN LB 438 -72.66 71.70 -39.61
C ASN LB 438 -71.28 72.07 -40.15
N ALA LB 439 -70.40 71.08 -40.28
CA ALA LB 439 -69.07 71.34 -40.83
C ALA LB 439 -69.16 71.82 -42.26
N ILE LB 440 -69.93 71.12 -43.10
CA ILE LB 440 -69.97 71.51 -44.51
C ILE LB 440 -70.58 72.90 -44.65
N SER LB 441 -71.58 73.22 -43.82
CA SER LB 441 -72.15 74.55 -43.83
C SER LB 441 -71.12 75.59 -43.43
N ARG LB 442 -70.25 75.24 -42.47
CA ARG LB 442 -69.17 76.16 -42.13
C ARG LB 442 -68.25 76.38 -43.33
N PHE LB 443 -67.99 75.32 -44.09
CA PHE LB 443 -67.22 75.48 -45.32
C PHE LB 443 -67.92 76.44 -46.29
N PHE LB 444 -69.23 76.25 -46.46
CA PHE LB 444 -69.99 77.25 -47.23
C PHE LB 444 -69.83 78.64 -46.65
N VAL LB 445 -69.68 78.73 -45.32
CA VAL LB 445 -69.55 80.04 -44.69
C VAL LB 445 -68.29 80.73 -45.18
N GLN LB 446 -67.15 80.05 -45.12
CA GLN LB 446 -65.95 80.77 -45.58
C GLN LB 446 -65.96 80.93 -47.10
N LEU LB 447 -66.60 80.03 -47.82
CA LEU LB 447 -66.64 80.20 -49.26
C LEU LB 447 -67.49 81.40 -49.66
N ALA LB 448 -68.63 81.59 -48.99
CA ALA LB 448 -69.41 82.80 -49.19
C ALA LB 448 -68.63 84.02 -48.76
N ARG LB 449 -67.92 83.92 -47.64
CA ARG LB 449 -66.99 84.96 -47.21
C ARG LB 449 -66.11 85.41 -48.36
N GLN LB 450 -65.43 84.45 -49.00
CA GLN LB 450 -64.47 84.81 -50.04
C GLN LB 450 -65.13 85.25 -51.34
N MET LB 451 -66.30 84.70 -51.69
CA MET LB 451 -66.91 85.07 -52.96
C MET LB 451 -67.83 86.27 -52.86
N LYS LB 452 -68.06 86.79 -51.65
CA LYS LB 452 -69.01 87.87 -51.47
C LYS LB 452 -68.53 89.11 -52.20
N HIS LB 453 -69.49 89.92 -52.67
CA HIS LB 453 -69.25 91.22 -53.29
C HIS LB 453 -68.40 91.09 -54.55
N SER LB 454 -68.08 89.88 -54.92
CA SER LB 454 -67.18 89.64 -56.05
C SER LB 454 -67.92 89.85 -57.36
N PRO LB 455 -67.28 90.45 -58.36
CA PRO LB 455 -67.91 90.59 -59.67
C PRO LB 455 -68.23 89.22 -60.27
N ASP LB 456 -69.37 89.15 -60.94
CA ASP LB 456 -69.90 87.91 -61.46
C ASP LB 456 -69.09 87.43 -62.66
N GLY LB 457 -69.40 86.19 -63.08
CA GLY LB 457 -68.85 85.66 -64.30
C GLY LB 457 -68.00 84.41 -64.12
N ILE LB 458 -67.18 84.40 -63.07
CA ILE LB 458 -66.23 83.32 -62.88
C ILE LB 458 -66.37 82.78 -61.46
N THR LB 459 -67.00 83.58 -60.60
CA THR LB 459 -67.13 83.19 -59.20
C THR LB 459 -67.93 81.90 -59.07
N ALA LB 460 -68.99 81.76 -59.85
CA ALA LB 460 -69.77 80.53 -59.82
C ALA LB 460 -68.90 79.33 -60.14
N ALA LB 461 -68.07 79.44 -61.18
CA ALA LB 461 -67.21 78.33 -61.58
C ALA LB 461 -66.19 78.01 -60.50
N GLY LB 462 -65.58 79.04 -59.92
CA GLY LB 462 -64.60 78.82 -58.86
C GLY LB 462 -65.22 78.11 -57.67
N LEU LB 463 -66.43 78.53 -57.29
CA LEU LB 463 -67.15 77.83 -56.23
C LEU LB 463 -67.46 76.39 -56.63
N THR LB 464 -67.77 76.16 -57.91
CA THR LB 464 -68.02 74.79 -58.35
C THR LB 464 -66.80 73.91 -58.08
N LYS LB 465 -65.64 74.34 -58.56
CA LYS LB 465 -64.44 73.53 -58.33
C LYS LB 465 -64.12 73.40 -56.84
N GLY LB 466 -64.29 74.48 -56.07
CA GLY LB 466 -64.06 74.37 -54.64
C GLY LB 466 -64.94 73.31 -54.01
N MET LB 467 -66.22 73.33 -54.35
CA MET LB 467 -67.15 72.36 -53.79
C MET LB 467 -66.75 70.95 -54.17
N THR LB 468 -66.44 70.73 -55.46
CA THR LB 468 -66.09 69.38 -55.89
C THR LB 468 -64.85 68.88 -55.17
N LYS LB 469 -63.82 69.72 -55.08
CA LYS LB 469 -62.59 69.25 -54.45
C LYS LB 469 -62.80 68.97 -52.96
N LEU LB 470 -63.62 69.77 -52.29
CA LEU LB 470 -63.79 69.55 -50.85
C LEU LB 470 -64.65 68.33 -50.59
N LEU LB 471 -65.70 68.11 -51.40
CA LEU LB 471 -66.42 66.85 -51.31
C LEU LB 471 -65.53 65.67 -51.66
N ASP LB 472 -64.61 65.84 -52.58
CA ASP LB 472 -63.70 64.75 -52.93
C ASP LB 472 -62.82 64.40 -51.75
N ARG LB 473 -62.30 65.40 -51.04
CA ARG LB 473 -61.50 65.06 -49.88
C ARG LB 473 -62.37 64.50 -48.76
N PHE LB 474 -63.63 64.91 -48.70
CA PHE LB 474 -64.58 64.30 -47.76
C PHE LB 474 -64.72 62.81 -48.01
N VAL LB 475 -65.01 62.44 -49.25
CA VAL LB 475 -65.21 61.02 -49.56
C VAL LB 475 -63.91 60.26 -49.39
N ALA LB 476 -62.78 60.89 -49.72
CA ALA LB 476 -61.49 60.25 -49.49
C ALA LB 476 -61.28 59.98 -48.00
N SER LB 477 -61.66 60.93 -47.16
CA SER LB 477 -61.66 60.69 -45.72
C SER LB 477 -62.69 59.65 -45.33
N GLY LB 478 -63.67 59.39 -46.19
CA GLY LB 478 -64.72 58.46 -45.86
C GLY LB 478 -65.88 59.07 -45.12
N ALA LB 479 -65.82 60.37 -44.81
CA ALA LB 479 -66.94 61.04 -44.16
C ALA LB 479 -68.18 61.02 -45.03
N LEU LB 480 -68.02 60.85 -46.34
CA LEU LB 480 -69.13 60.70 -47.26
C LEU LB 480 -68.92 59.41 -48.05
N VAL LB 481 -70.01 58.67 -48.26
CA VAL LB 481 -69.95 57.39 -48.93
C VAL LB 481 -70.96 57.36 -50.07
N ALA LB 482 -70.73 56.45 -51.01
CA ALA LB 482 -71.64 56.28 -52.13
C ALA LB 482 -72.95 55.66 -51.65
N PRO LB 483 -74.06 55.97 -52.34
CA PRO LB 483 -75.35 55.43 -51.91
C PRO LB 483 -75.40 53.91 -52.01
N ARG LB 484 -76.14 53.30 -51.07
CA ARG LB 484 -76.29 51.86 -51.05
C ARG LB 484 -77.26 51.35 -52.09
N ASP LB 485 -78.16 52.19 -52.58
CA ASP LB 485 -79.13 51.77 -53.59
C ASP LB 485 -78.78 52.41 -54.92
N PRO LB 486 -78.26 51.65 -55.89
CA PRO LB 486 -77.97 52.25 -57.20
C PRO LB 486 -79.21 52.58 -58.01
N ASP LB 487 -80.31 51.86 -57.79
CA ASP LB 487 -81.50 52.08 -58.62
C ASP LB 487 -82.06 53.48 -58.44
N ALA LB 488 -82.30 53.89 -57.20
CA ALA LB 488 -82.91 55.18 -56.92
C ALA LB 488 -81.87 56.23 -56.54
N ASP LB 489 -81.09 55.95 -55.50
CA ASP LB 489 -80.09 56.90 -55.04
C ASP LB 489 -78.82 56.90 -55.88
N GLY LB 490 -78.69 55.96 -56.81
CA GLY LB 490 -77.49 55.89 -57.61
C GLY LB 490 -76.31 55.38 -56.80
N THR LB 491 -75.12 55.59 -57.36
CA THR LB 491 -73.88 55.22 -56.71
C THR LB 491 -72.88 56.36 -56.84
N GLU LB 492 -73.34 57.57 -56.55
CA GLU LB 492 -72.52 58.74 -56.63
C GLU LB 492 -72.71 59.49 -55.31
N PRO LB 493 -71.63 59.85 -54.62
CA PRO LB 493 -71.77 60.38 -53.26
C PRO LB 493 -72.43 61.75 -53.19
N TYR LB 494 -71.97 62.70 -54.00
CA TYR LB 494 -72.36 64.09 -53.84
C TYR LB 494 -72.78 64.67 -55.19
N VAL LB 495 -73.94 65.31 -55.23
CA VAL LB 495 -74.40 65.98 -56.44
C VAL LB 495 -74.51 67.46 -56.15
N LEU LB 496 -74.03 68.27 -57.09
CA LEU LB 496 -74.01 69.71 -56.98
C LEU LB 496 -74.76 70.33 -58.15
N LYS LB 497 -75.39 71.48 -57.90
CA LYS LB 497 -76.01 72.23 -58.97
C LYS LB 497 -75.99 73.71 -58.60
N VAL LB 498 -75.72 74.55 -59.59
CA VAL LB 498 -75.68 75.99 -59.41
C VAL LB 498 -76.50 76.63 -60.53
N THR LB 499 -77.38 77.56 -60.16
CA THR LB 499 -78.21 78.26 -61.11
C THR LB 499 -78.18 79.76 -60.80
N GLN LB 500 -78.50 80.55 -61.81
CA GLN LB 500 -78.61 82.00 -61.68
C GLN LB 500 -79.94 82.45 -62.28
N ALA LB 501 -80.51 83.51 -61.73
CA ALA LB 501 -81.78 84.03 -62.24
C ALA LB 501 -81.65 85.44 -62.79
N GLU LB 502 -81.10 86.37 -62.02
CA GLU LB 502 -80.99 87.76 -62.47
C GLU LB 502 -79.75 88.37 -61.83
N PHE LB 503 -79.68 89.70 -61.82
CA PHE LB 503 -78.68 90.46 -61.08
C PHE LB 503 -78.44 89.84 -59.70
N ASP LB 504 -79.50 89.35 -59.09
CA ASP LB 504 -79.40 88.57 -57.86
C ASP LB 504 -80.11 87.24 -58.08
N LYS LB 505 -80.32 86.51 -56.98
CA LYS LB 505 -81.05 85.24 -56.97
C LYS LB 505 -80.36 84.19 -57.84
N TRP LB 506 -79.17 83.83 -57.40
CA TRP LB 506 -78.53 82.58 -57.81
C TRP LB 506 -78.58 81.63 -56.62
N GLU LB 507 -78.62 80.33 -56.92
CA GLU LB 507 -78.76 79.32 -55.90
C GLU LB 507 -77.78 78.18 -56.13
N VAL LB 508 -77.25 77.66 -55.04
CA VAL LB 508 -76.43 76.45 -55.04
C VAL LB 508 -77.12 75.40 -54.20
N VAL LB 509 -77.22 74.19 -54.74
CA VAL LB 509 -77.84 73.07 -54.05
C VAL LB 509 -76.90 71.88 -54.12
N TRP LB 510 -76.87 71.10 -53.04
CA TRP LB 510 -76.00 69.94 -52.93
C TRP LB 510 -76.72 68.84 -52.18
N ALA LB 511 -76.51 67.61 -52.61
CA ALA LB 511 -77.08 66.45 -51.95
C ALA LB 511 -75.99 65.41 -51.70
N CYS LB 512 -76.07 64.75 -50.56
CA CYS LB 512 -75.06 63.79 -50.12
C CYS LB 512 -75.76 62.53 -49.63
N CYS LB 513 -74.98 61.63 -49.05
CA CYS LB 513 -75.43 60.30 -48.64
C CYS LB 513 -75.01 60.00 -47.21
N PRO LB 514 -75.88 59.35 -46.43
CA PRO LB 514 -75.52 58.99 -45.06
C PRO LB 514 -74.47 57.89 -45.03
N THR LB 515 -73.74 57.85 -43.92
CA THR LB 515 -72.67 56.89 -43.70
C THR LB 515 -72.95 56.08 -42.44
N GLY LB 516 -72.66 54.79 -42.50
CA GLY LB 516 -72.93 53.92 -41.37
C GLY LB 516 -71.89 54.08 -40.27
N VAL LB 517 -72.32 53.80 -39.04
CA VAL LB 517 -71.45 53.89 -37.86
C VAL LB 517 -71.53 52.56 -37.11
N ALA LB 518 -72.48 51.72 -37.49
CA ALA LB 518 -72.68 50.40 -36.87
C ALA LB 518 -72.96 50.54 -35.37
N ARG LB 519 -74.09 51.17 -35.06
CA ARG LB 519 -74.48 51.37 -33.67
C ARG LB 519 -74.88 50.05 -33.02
N ARG LB 520 -75.93 49.43 -33.54
CA ARG LB 520 -76.53 48.25 -32.92
C ARG LB 520 -76.02 47.00 -33.62
N ILE LB 521 -75.47 46.08 -32.84
CA ILE LB 521 -74.93 44.83 -33.36
C ILE LB 521 -75.33 43.72 -32.41
N GLN LB 522 -75.91 42.64 -32.95
CA GLN LB 522 -76.37 41.51 -32.16
C GLN LB 522 -75.68 40.24 -32.63
N GLY LB 523 -75.31 39.39 -31.69
CA GLY LB 523 -74.64 38.14 -31.98
C GLY LB 523 -75.46 36.95 -31.56
N VAL LB 524 -75.31 35.85 -32.29
CA VAL LB 524 -76.09 34.64 -32.02
C VAL LB 524 -75.19 33.42 -31.88
N PRO LB 525 -75.41 32.58 -30.89
CA PRO LB 525 -74.61 31.36 -30.72
C PRO LB 525 -75.28 30.16 -31.40
N LEU LB 526 -74.50 29.09 -31.51
CA LEU LB 526 -75.00 27.84 -32.05
C LEU LB 526 -74.07 26.73 -31.61
N LEU LB 527 -74.63 25.54 -31.44
CA LEU LB 527 -73.86 24.33 -31.17
C LEU LB 527 -73.67 23.57 -32.48
N ILE LB 528 -72.44 23.18 -32.76
CA ILE LB 528 -72.17 22.41 -33.97
C ILE LB 528 -72.67 20.97 -33.85
N LYS LB 529 -73.10 20.57 -32.66
CA LYS LB 529 -73.64 19.22 -32.41
C LYS LB 529 -72.55 18.18 -32.59
N SER MB 2 -78.76 46.50 -14.07
CA SER MB 2 -77.67 47.43 -14.34
C SER MB 2 -77.28 47.41 -15.82
N GLN MB 3 -76.25 48.19 -16.15
CA GLN MB 3 -75.78 48.25 -17.53
C GLN MB 3 -75.24 46.91 -18.01
N TYR MB 4 -74.76 46.09 -17.08
CA TYR MB 4 -74.17 44.80 -17.46
C TYR MB 4 -75.22 43.82 -17.95
N SER MB 5 -76.51 44.15 -17.81
CA SER MB 5 -77.57 43.22 -18.17
C SER MB 5 -77.49 42.87 -19.65
N ILE MB 6 -77.79 41.61 -19.95
CA ILE MB 6 -77.75 41.09 -21.31
C ILE MB 6 -79.18 40.81 -21.74
N GLN MB 7 -79.61 41.45 -22.83
CA GLN MB 7 -80.94 41.19 -23.36
C GLN MB 7 -80.85 40.14 -24.47
N GLN MB 8 -82.02 39.77 -24.99
CA GLN MB 8 -82.07 38.76 -26.04
C GLN MB 8 -81.60 39.31 -27.38
N SER MB 9 -81.94 40.55 -27.70
CA SER MB 9 -81.57 41.13 -28.98
C SER MB 9 -81.65 42.66 -28.89
N LEU MB 10 -80.99 43.31 -29.83
CA LEU MB 10 -80.96 44.76 -29.86
C LEU MB 10 -82.32 45.33 -30.27
N GLY MB 11 -82.68 46.46 -29.68
CA GLY MB 11 -83.88 47.16 -30.05
C GLY MB 11 -83.59 48.34 -30.92
N ASN MB 12 -83.58 49.54 -30.33
CA ASN MB 12 -83.29 50.76 -31.06
C ASN MB 12 -82.17 51.58 -30.44
N ALA MB 13 -81.42 51.01 -29.49
CA ALA MB 13 -80.32 51.70 -28.86
C ALA MB 13 -79.05 50.89 -29.02
N SER MB 14 -77.92 51.58 -29.05
CA SER MB 14 -76.64 50.92 -29.22
C SER MB 14 -76.38 49.96 -28.07
N GLY MB 15 -75.89 48.78 -28.41
CA GLY MB 15 -75.58 47.78 -27.41
C GLY MB 15 -75.18 46.49 -28.08
N VAL MB 16 -74.90 45.49 -27.26
CA VAL MB 16 -74.55 44.15 -27.71
C VAL MB 16 -75.40 43.15 -26.93
N ALA MB 17 -76.04 42.23 -27.65
CA ALA MB 17 -76.87 41.20 -27.03
C ALA MB 17 -76.59 39.86 -27.69
N VAL MB 18 -76.78 38.80 -26.92
CA VAL MB 18 -76.59 37.44 -27.39
C VAL MB 18 -77.91 36.69 -27.25
N SER MB 19 -78.27 35.96 -28.29
CA SER MB 19 -79.46 35.12 -28.24
C SER MB 19 -79.20 33.89 -27.39
N PRO MB 20 -80.25 33.24 -26.91
CA PRO MB 20 -80.07 31.96 -26.22
C PRO MB 20 -79.45 30.93 -27.15
N ILE MB 21 -78.67 30.02 -26.56
CA ILE MB 21 -77.98 29.01 -27.35
C ILE MB 21 -78.97 28.12 -28.07
N ASN MB 22 -78.65 27.79 -29.31
CA ASN MB 22 -79.42 26.85 -30.10
C ASN MB 22 -78.53 25.67 -30.45
N ALA MB 23 -79.16 24.51 -30.61
CA ALA MB 23 -78.47 23.29 -30.99
C ALA MB 23 -78.94 22.72 -32.31
N ASP MB 24 -80.24 22.74 -32.58
CA ASP MB 24 -80.78 22.14 -33.79
C ASP MB 24 -80.85 23.18 -34.90
N ALA MB 25 -79.68 23.49 -35.44
CA ALA MB 25 -79.56 24.40 -36.57
C ALA MB 25 -78.26 24.11 -37.30
N THR MB 26 -78.25 24.46 -38.58
CA THR MB 26 -77.10 24.27 -39.44
C THR MB 26 -76.74 25.59 -40.12
N LEU MB 27 -75.51 25.67 -40.61
CA LEU MB 27 -75.02 26.88 -41.24
C LEU MB 27 -74.43 26.56 -42.61
N SER MB 28 -74.72 27.42 -43.58
CA SER MB 28 -74.20 27.30 -44.94
C SER MB 28 -73.27 28.47 -45.20
N THR MB 29 -72.05 28.17 -45.61
CA THR MB 29 -71.01 29.18 -45.83
C THR MB 29 -70.35 28.97 -47.19
N GLY MB 30 -69.92 30.08 -47.79
CA GLY MB 30 -69.23 30.01 -49.07
C GLY MB 30 -69.74 31.03 -50.08
N VAL MB 31 -68.97 31.25 -51.13
CA VAL MB 31 -69.34 32.17 -52.21
C VAL MB 31 -69.33 31.39 -53.52
N ALA MB 32 -70.45 31.39 -54.22
CA ALA MB 32 -70.56 30.66 -55.48
C ALA MB 32 -70.05 31.52 -56.63
N LEU MB 33 -69.28 30.89 -57.52
CA LEU MB 33 -68.80 31.59 -58.70
C LEU MB 33 -69.90 31.77 -59.74
N ASN MB 34 -70.84 30.84 -59.80
CA ASN MB 34 -72.01 30.94 -60.68
C ASN MB 34 -71.59 31.11 -62.14
N SER MB 35 -70.53 30.42 -62.53
CA SER MB 35 -70.14 30.43 -63.94
C SER MB 35 -71.18 29.75 -64.81
N SER MB 36 -71.75 28.64 -64.31
CA SER MB 36 -72.78 27.89 -65.03
C SER MB 36 -74.00 27.78 -64.12
N LEU MB 37 -75.17 28.03 -64.69
CA LEU MB 37 -76.41 28.02 -63.91
C LEU MB 37 -77.29 26.85 -64.31
N TRP MB 38 -78.17 26.50 -63.39
CA TRP MB 38 -79.00 25.32 -63.52
C TRP MB 38 -80.40 25.63 -63.03
N ALA MB 39 -81.34 24.83 -63.54
CA ALA MB 39 -82.75 25.05 -63.24
C ALA MB 39 -83.45 23.69 -63.21
N GLY MB 40 -84.58 23.65 -62.51
CA GLY MB 40 -85.36 22.44 -62.43
C GLY MB 40 -86.50 22.60 -61.45
N ILE MB 41 -87.42 21.65 -61.51
CA ILE MB 41 -88.56 21.61 -60.61
C ILE MB 41 -88.22 20.74 -59.40
N GLY MB 42 -88.52 21.24 -58.21
CA GLY MB 42 -88.25 20.52 -57.00
C GLY MB 42 -89.42 20.58 -56.03
N VAL MB 43 -89.38 19.67 -55.07
CA VAL MB 43 -90.37 19.58 -54.00
C VAL MB 43 -89.70 20.10 -52.74
N PHE MB 44 -90.21 21.21 -52.20
CA PHE MB 44 -89.55 21.80 -51.05
C PHE MB 44 -90.56 22.19 -49.98
N ALA MB 45 -90.10 22.89 -48.95
CA ALA MB 45 -90.94 23.49 -47.95
C ALA MB 45 -90.79 25.00 -48.04
N ARG MB 46 -91.90 25.72 -47.93
CA ARG MB 46 -91.92 27.18 -48.01
C ARG MB 46 -91.48 27.64 -49.39
N GLY MB 47 -91.55 28.95 -49.63
CA GLY MB 47 -91.20 29.49 -50.93
C GLY MB 47 -92.42 29.71 -51.80
N LYS MB 48 -92.25 30.54 -52.82
CA LYS MB 48 -93.35 30.86 -53.72
C LYS MB 48 -93.67 29.67 -54.61
N PRO MB 49 -94.88 29.13 -54.56
CA PRO MB 49 -95.20 27.97 -55.40
C PRO MB 49 -95.32 28.35 -56.86
N PHE MB 50 -95.03 27.38 -57.73
CA PHE MB 50 -95.26 27.48 -59.16
C PHE MB 50 -94.53 28.65 -59.80
N THR MB 51 -93.47 29.14 -59.15
CA THR MB 51 -92.72 30.27 -59.65
C THR MB 51 -91.23 29.98 -59.51
N VAL MB 52 -90.43 30.65 -60.34
CA VAL MB 52 -88.99 30.46 -60.32
C VAL MB 52 -88.39 31.25 -59.16
N LEU MB 53 -87.48 30.63 -58.42
CA LEU MB 53 -86.79 31.27 -57.31
C LEU MB 53 -85.30 31.02 -57.48
N ALA MB 54 -84.52 32.09 -57.44
CA ALA MB 54 -83.08 32.00 -57.47
C ALA MB 54 -82.57 31.70 -56.08
N VAL MB 55 -81.93 30.54 -55.92
CA VAL MB 55 -81.46 30.06 -54.63
C VAL MB 55 -79.95 29.92 -54.67
N THR MB 56 -79.28 30.51 -53.69
CA THR MB 56 -77.83 30.44 -53.58
C THR MB 56 -77.45 29.52 -52.42
N GLU MB 57 -76.14 29.31 -52.28
CA GLU MB 57 -75.63 28.42 -51.24
C GLU MB 57 -75.92 28.96 -49.84
N SER MB 58 -75.74 30.27 -49.65
CA SER MB 58 -75.86 30.83 -48.29
C SER MB 58 -77.29 30.76 -47.79
N ASN MB 59 -78.25 31.15 -48.62
CA ASN MB 59 -79.63 31.33 -48.21
C ASN MB 59 -80.49 30.09 -48.41
N TYR MB 60 -79.91 29.00 -48.91
CA TYR MB 60 -80.74 27.87 -49.31
C TYR MB 60 -81.53 27.32 -48.13
N GLU MB 61 -80.88 27.17 -46.97
CA GLU MB 61 -81.53 26.51 -45.84
C GLU MB 61 -82.70 27.35 -45.34
N ASP MB 62 -82.53 28.66 -45.24
CA ASP MB 62 -83.59 29.52 -44.73
C ASP MB 62 -84.58 29.93 -45.80
N VAL MB 63 -84.36 29.55 -47.05
CA VAL MB 63 -85.43 29.73 -48.04
C VAL MB 63 -86.22 28.46 -48.26
N LEU MB 64 -85.65 27.28 -47.99
CA LEU MB 64 -86.41 26.05 -48.08
C LEU MB 64 -86.86 25.52 -46.72
N GLY MB 65 -86.55 26.23 -45.63
CA GLY MB 65 -86.98 25.77 -44.34
C GLY MB 65 -86.18 24.58 -43.85
N GLU MB 66 -86.78 23.85 -42.92
CA GLU MB 66 -86.16 22.63 -42.41
C GLU MB 66 -86.24 21.52 -43.45
N PRO MB 67 -85.15 20.84 -43.75
CA PRO MB 67 -85.18 19.80 -44.78
C PRO MB 67 -86.11 18.66 -44.42
N LEU MB 68 -86.80 18.13 -45.43
CA LEU MB 68 -87.75 17.05 -45.22
C LEU MB 68 -87.03 15.76 -44.84
N LYS MB 69 -87.80 14.82 -44.31
CA LYS MB 69 -87.22 13.55 -43.94
C LYS MB 69 -87.50 12.50 -45.00
N PRO MB 70 -86.61 11.53 -45.16
CA PRO MB 70 -86.90 10.41 -46.07
C PRO MB 70 -88.12 9.62 -45.64
N SER MB 71 -88.41 9.56 -44.34
CA SER MB 71 -89.60 8.88 -43.87
C SER MB 71 -90.87 9.52 -44.40
N SER MB 72 -90.81 10.79 -44.78
CA SER MB 72 -91.93 11.49 -45.38
C SER MB 72 -91.95 11.31 -46.89
N GLY MB 73 -91.88 10.06 -47.33
CA GLY MB 73 -91.93 9.75 -48.74
C GLY MB 73 -90.60 10.05 -49.44
N SER MB 74 -90.64 9.88 -50.76
CA SER MB 74 -89.46 10.04 -51.60
C SER MB 74 -89.24 11.48 -52.02
N GLN MB 75 -89.81 12.43 -51.29
CA GLN MB 75 -89.70 13.84 -51.63
C GLN MB 75 -88.40 14.47 -51.14
N PHE MB 76 -87.49 13.66 -50.57
CA PHE MB 76 -86.20 14.17 -50.14
C PHE MB 76 -85.18 14.22 -51.27
N GLU MB 77 -85.50 13.63 -52.43
CA GLU MB 77 -84.57 13.69 -53.55
C GLU MB 77 -84.23 15.12 -53.97
N PRO MB 78 -85.19 16.03 -54.18
CA PRO MB 78 -84.80 17.39 -54.58
C PRO MB 78 -83.95 18.10 -53.55
N ILE MB 79 -84.23 17.92 -52.26
CA ILE MB 79 -83.46 18.63 -51.25
C ILE MB 79 -82.05 18.06 -51.17
N ARG MB 80 -81.91 16.73 -51.27
CA ARG MB 80 -80.57 16.17 -51.32
C ARG MB 80 -79.82 16.67 -52.55
N HIS MB 81 -80.51 16.74 -53.68
CA HIS MB 81 -79.86 17.17 -54.92
C HIS MB 81 -79.40 18.62 -54.84
N VAL MB 82 -80.25 19.50 -54.32
CA VAL MB 82 -79.84 20.90 -54.20
C VAL MB 82 -78.73 21.04 -53.18
N TYR MB 83 -78.77 20.22 -52.11
CA TYR MB 83 -77.70 20.27 -51.13
C TYR MB 83 -76.36 19.89 -51.76
N GLU MB 84 -76.36 18.85 -52.59
CA GLU MB 84 -75.12 18.42 -53.22
C GLU MB 84 -74.73 19.27 -54.42
N ALA MB 85 -75.64 20.09 -54.94
CA ALA MB 85 -75.34 20.91 -56.11
C ALA MB 85 -75.17 22.39 -55.80
N ILE MB 86 -75.42 22.82 -54.57
CA ILE MB 86 -75.42 24.25 -54.28
C ILE MB 86 -74.07 24.78 -53.82
N GLN MB 87 -73.16 23.91 -53.40
CA GLN MB 87 -71.84 24.36 -52.96
C GLN MB 87 -71.00 24.90 -54.11
N GLN MB 88 -71.45 24.73 -55.35
CA GLN MB 88 -70.70 25.15 -56.51
C GLN MB 88 -71.31 26.35 -57.21
N THR MB 89 -72.63 26.37 -57.38
CA THR MB 89 -73.30 27.48 -58.04
C THR MB 89 -74.73 27.56 -57.54
N SER MB 90 -75.35 28.72 -57.78
CA SER MB 90 -76.74 28.92 -57.44
C SER MB 90 -77.62 28.27 -58.51
N GLY MB 91 -78.93 28.38 -58.32
CA GLY MB 91 -79.87 27.81 -59.25
C GLY MB 91 -81.14 28.60 -59.30
N TYR MB 92 -82.04 28.19 -60.18
CA TYR MB 92 -83.30 28.88 -60.44
C TYR MB 92 -84.48 27.94 -60.24
N VAL MB 93 -84.53 27.32 -59.06
CA VAL MB 93 -85.44 26.19 -58.85
C VAL MB 93 -86.89 26.65 -58.85
N VAL MB 94 -87.79 25.74 -59.23
CA VAL MB 94 -89.23 26.01 -59.25
C VAL MB 94 -89.92 25.01 -58.35
N ARG MB 95 -90.74 25.51 -57.42
CA ARG MB 95 -91.46 24.67 -56.48
C ARG MB 95 -92.96 24.75 -56.74
N ALA MB 96 -93.62 23.60 -56.70
CA ALA MB 96 -95.06 23.50 -56.88
C ALA MB 96 -95.68 22.79 -55.69
N VAL MB 97 -96.99 23.00 -55.52
CA VAL MB 97 -97.71 22.41 -54.40
C VAL MB 97 -98.94 21.68 -54.93
N PRO MB 98 -99.42 20.64 -54.25
CA PRO MB 98 -100.62 19.95 -54.70
C PRO MB 98 -101.86 20.78 -54.36
N ASP MB 99 -103.02 20.21 -54.68
CA ASP MB 99 -104.28 20.90 -54.45
C ASP MB 99 -104.57 21.08 -52.96
N ASP MB 100 -104.16 20.12 -52.13
CA ASP MB 100 -104.45 20.18 -50.71
C ASP MB 100 -103.67 21.27 -49.99
N ALA MB 101 -102.69 21.88 -50.64
CA ALA MB 101 -101.89 22.91 -49.99
C ALA MB 101 -102.69 24.20 -49.85
N LYS MB 102 -102.81 24.68 -48.61
CA LYS MB 102 -103.49 25.93 -48.32
C LYS MB 102 -102.67 26.69 -47.28
N PHE MB 103 -102.70 27.99 -47.39
CA PHE MB 103 -102.03 28.93 -46.51
C PHE MB 103 -103.02 29.58 -45.56
N PRO MB 104 -102.59 29.90 -44.35
CA PRO MB 104 -103.48 30.55 -43.39
C PRO MB 104 -103.68 32.03 -43.71
N ILE MB 105 -104.72 32.60 -43.11
CA ILE MB 105 -105.05 34.00 -43.30
C ILE MB 105 -105.88 34.46 -42.11
N ILE MB 106 -105.65 35.70 -41.70
CA ILE MB 106 -106.38 36.33 -40.61
C ILE MB 106 -107.09 37.56 -41.17
N MET MB 107 -108.38 37.67 -40.89
CA MET MB 107 -109.24 38.69 -41.46
C MET MB 107 -109.65 39.62 -40.33
N PHE MB 108 -109.25 40.89 -40.43
CA PHE MB 108 -109.62 41.88 -39.43
C PHE MB 108 -110.76 42.75 -39.95
N ASP MB 109 -111.81 42.86 -39.14
CA ASP MB 109 -112.90 43.75 -39.47
C ASP MB 109 -112.53 45.18 -39.09
N GLU MB 110 -113.44 46.12 -39.36
CA GLU MB 110 -113.19 47.52 -39.03
C GLU MB 110 -113.03 47.71 -37.53
N SER MB 111 -113.81 46.97 -36.74
CA SER MB 111 -113.59 46.95 -35.30
C SER MB 111 -112.30 46.25 -34.92
N GLY MB 112 -111.64 45.59 -35.87
CA GLY MB 112 -110.41 44.88 -35.60
C GLY MB 112 -110.59 43.44 -35.17
N GLU MB 113 -111.83 42.95 -35.13
CA GLU MB 113 -112.05 41.57 -34.71
C GLU MB 113 -111.45 40.62 -35.75
N PRO MB 114 -110.83 39.52 -35.29
CA PRO MB 114 -110.18 38.59 -36.20
C PRO MB 114 -111.07 37.43 -36.64
N ALA MB 115 -110.70 36.85 -37.77
CA ALA MB 115 -111.33 35.64 -38.27
C ALA MB 115 -110.27 34.84 -39.01
N TYR MB 116 -110.05 33.60 -38.59
CA TYR MB 116 -108.97 32.80 -39.13
C TYR MB 116 -109.52 31.84 -40.17
N SER MB 117 -108.84 31.76 -41.31
CA SER MB 117 -109.27 30.89 -42.39
C SER MB 117 -108.04 30.36 -43.13
N ALA MB 118 -108.28 29.49 -44.10
CA ALA MB 118 -107.23 28.94 -44.95
C ALA MB 118 -107.66 29.07 -46.39
N LEU MB 119 -106.71 29.37 -47.27
CA LEU MB 119 -107.02 29.53 -48.67
C LEU MB 119 -106.03 28.76 -49.53
N PRO MB 120 -106.48 28.19 -50.63
CA PRO MB 120 -105.56 27.47 -51.52
C PRO MB 120 -104.58 28.42 -52.16
N TYR MB 121 -103.38 27.92 -52.42
CA TYR MB 121 -102.35 28.75 -53.02
C TYR MB 121 -102.74 29.13 -54.44
N GLY MB 122 -102.46 30.38 -54.80
CA GLY MB 122 -102.85 30.90 -56.08
C GLY MB 122 -104.25 31.47 -56.13
N SER MB 123 -105.01 31.37 -55.05
CA SER MB 123 -106.38 31.87 -55.02
C SER MB 123 -106.40 33.37 -54.75
N GLU MB 124 -107.13 34.10 -55.58
CA GLU MB 124 -107.28 35.54 -55.39
C GLU MB 124 -108.18 35.83 -54.19
N ILE MB 125 -107.90 36.94 -53.52
CA ILE MB 125 -108.65 37.33 -52.33
C ILE MB 125 -109.77 38.28 -52.71
N GLU MB 126 -110.98 38.00 -52.22
CA GLU MB 126 -112.13 38.86 -52.41
C GLU MB 126 -112.75 39.16 -51.06
N LEU MB 127 -113.33 40.35 -50.95
CA LEU MB 127 -113.91 40.82 -49.69
C LEU MB 127 -115.29 41.39 -49.95
N ASP MB 128 -116.18 41.20 -48.99
CA ASP MB 128 -117.57 41.66 -49.07
C ASP MB 128 -117.68 43.05 -48.49
N SER MB 129 -118.92 43.48 -48.21
CA SER MB 129 -119.16 44.81 -47.66
C SER MB 129 -118.40 45.03 -46.36
N GLY MB 130 -118.46 44.07 -45.45
CA GLY MB 130 -117.67 44.10 -44.23
C GLY MB 130 -116.24 43.69 -44.51
N GLU MB 131 -115.62 43.05 -43.52
CA GLU MB 131 -114.32 42.39 -43.71
C GLU MB 131 -113.27 43.41 -44.18
N ALA MB 132 -112.91 44.29 -43.23
CA ALA MB 132 -112.04 45.43 -43.53
C ALA MB 132 -110.79 45.03 -44.31
N PHE MB 133 -109.95 44.15 -43.75
CA PHE MB 133 -108.68 43.87 -44.42
C PHE MB 133 -108.14 42.50 -44.00
N ALA MB 134 -107.43 41.86 -44.93
CA ALA MB 134 -106.91 40.52 -44.75
C ALA MB 134 -105.39 40.52 -44.70
N ILE MB 135 -104.83 39.63 -43.89
CA ILE MB 135 -103.40 39.42 -43.79
C ILE MB 135 -103.12 37.95 -43.97
N TYR MB 136 -102.21 37.61 -44.87
CA TYR MB 136 -101.99 36.22 -45.25
C TYR MB 136 -100.51 36.00 -45.53
N VAL MB 137 -100.06 34.78 -45.25
CA VAL MB 137 -98.70 34.40 -45.56
C VAL MB 137 -98.59 34.19 -47.06
N ASP MB 138 -97.38 34.42 -47.61
CA ASP MB 138 -97.17 34.34 -49.04
C ASP MB 138 -96.02 33.43 -49.46
N ASP MB 139 -95.14 33.04 -48.54
CA ASP MB 139 -94.05 32.14 -48.87
C ASP MB 139 -94.39 30.68 -48.66
N GLY MB 140 -95.63 30.37 -48.29
CA GLY MB 140 -96.05 29.00 -48.08
C GLY MB 140 -95.75 28.42 -46.72
N ASP MB 141 -95.24 29.21 -45.79
CA ASP MB 141 -94.99 28.69 -44.46
C ASP MB 141 -96.31 28.43 -43.74
N PRO MB 142 -96.54 27.22 -43.22
CA PRO MB 142 -97.76 26.98 -42.43
C PRO MB 142 -97.78 27.75 -41.12
N CYS MB 143 -96.65 28.32 -40.69
CA CYS MB 143 -96.55 29.04 -39.43
C CYS MB 143 -96.96 28.15 -38.26
N ILE MB 144 -96.55 26.88 -38.31
CA ILE MB 144 -96.93 25.92 -37.30
C ILE MB 144 -95.69 25.40 -36.59
N SER MB 145 -94.56 25.44 -37.28
CA SER MB 145 -93.34 24.88 -36.72
C SER MB 145 -92.11 25.51 -37.37
N PRO MB 146 -91.60 26.62 -36.84
CA PRO MB 146 -92.13 27.36 -35.69
C PRO MB 146 -93.28 28.27 -36.09
N THR MB 147 -94.07 28.72 -35.13
CA THR MB 147 -95.21 29.59 -35.42
C THR MB 147 -94.76 31.04 -35.56
N ARG MB 148 -95.60 31.83 -36.22
CA ARG MB 148 -95.34 33.25 -36.44
C ARG MB 148 -96.42 34.07 -35.75
N GLU MB 149 -95.98 35.09 -35.00
CA GLU MB 149 -96.88 35.93 -34.22
C GLU MB 149 -96.69 37.39 -34.64
N LEU MB 150 -97.79 38.13 -34.62
CA LEU MB 150 -97.81 39.51 -35.05
C LEU MB 150 -98.20 40.42 -33.90
N THR MB 151 -97.68 41.63 -33.92
CA THR MB 151 -98.00 42.62 -32.90
C THR MB 151 -98.22 43.97 -33.55
N ILE MB 152 -99.35 44.60 -33.25
CA ILE MB 152 -99.67 45.93 -33.74
C ILE MB 152 -99.58 46.90 -32.56
N GLU MB 153 -99.08 48.10 -32.82
CA GLU MB 153 -99.00 49.13 -31.80
C GLU MB 153 -99.03 50.48 -32.48
N THR MB 154 -100.07 51.25 -32.19
CA THR MB 154 -100.15 52.60 -32.74
C THR MB 154 -98.96 53.42 -32.30
N ALA MB 155 -98.35 54.14 -33.24
CA ALA MB 155 -97.16 54.92 -32.96
C ALA MB 155 -97.37 56.38 -33.36
N THR MB 156 -96.30 57.17 -33.29
CA THR MB 156 -96.40 58.59 -33.63
C THR MB 156 -96.91 58.77 -35.06
N ALA MB 157 -97.83 59.70 -35.22
CA ALA MB 157 -98.45 59.95 -36.51
C ALA MB 157 -97.67 61.00 -37.30
N ASP MB 158 -98.03 61.13 -38.58
CA ASP MB 158 -97.37 62.10 -39.42
C ASP MB 158 -97.81 63.52 -39.05
N SER MB 159 -96.99 64.48 -39.47
CA SER MB 159 -97.35 65.88 -39.27
C SER MB 159 -98.63 66.23 -40.00
N ALA MB 160 -98.93 65.53 -41.08
CA ALA MB 160 -100.19 65.68 -41.80
C ALA MB 160 -101.34 64.97 -41.12
N GLY MB 161 -101.17 64.55 -39.87
CA GLY MB 161 -102.21 63.83 -39.17
C GLY MB 161 -102.36 62.39 -39.58
N ASN MB 162 -101.45 61.88 -40.40
CA ASN MB 162 -101.55 60.51 -40.89
C ASN MB 162 -101.20 59.55 -39.76
N GLU MB 163 -102.20 58.90 -39.20
CA GLU MB 163 -101.97 57.97 -38.09
C GLU MB 163 -101.05 56.83 -38.53
N ARG MB 164 -100.07 56.53 -37.69
CA ARG MB 164 -99.09 55.49 -37.98
C ARG MB 164 -99.05 54.49 -36.84
N PHE MB 165 -98.59 53.29 -37.16
CA PHE MB 165 -98.59 52.21 -36.18
C PHE MB 165 -97.55 51.18 -36.61
N LEU MB 166 -96.96 50.53 -35.61
CA LEU MB 166 -95.87 49.60 -35.84
C LEU MB 166 -96.39 48.16 -35.91
N LEU MB 167 -95.92 47.43 -36.91
CA LEU MB 167 -96.14 46.00 -37.02
C LEU MB 167 -94.85 45.28 -36.69
N LYS MB 168 -94.92 44.31 -35.78
CA LYS MB 168 -93.79 43.48 -35.41
C LYS MB 168 -94.14 42.04 -35.74
N LEU MB 169 -93.21 41.34 -36.38
CA LEU MB 169 -93.32 39.92 -36.61
C LEU MB 169 -92.34 39.18 -35.71
N THR MB 170 -92.75 38.02 -35.22
CA THR MB 170 -91.84 37.19 -34.46
C THR MB 170 -92.15 35.73 -34.73
N GLN MB 171 -91.14 34.90 -34.48
CA GLN MB 171 -91.27 33.45 -34.55
C GLN MB 171 -91.12 32.87 -33.15
N THR MB 172 -91.86 31.81 -32.88
CA THR MB 172 -91.78 31.15 -31.58
C THR MB 172 -91.71 29.64 -31.82
N THR MB 173 -90.73 28.98 -31.19
CA THR MB 173 -90.57 27.55 -31.41
C THR MB 173 -91.29 26.74 -30.35
N SER MB 174 -91.25 25.41 -30.52
CA SER MB 174 -91.87 24.51 -29.56
C SER MB 174 -91.19 24.60 -28.20
N LEU MB 175 -89.88 24.81 -28.17
CA LEU MB 175 -89.21 25.06 -26.91
C LEU MB 175 -89.75 26.31 -26.24
N GLY MB 176 -90.12 27.31 -27.04
CA GLY MB 176 -90.65 28.56 -26.53
C GLY MB 176 -89.79 29.75 -26.85
N VAL MB 177 -88.70 29.60 -27.58
CA VAL MB 177 -87.88 30.76 -27.91
C VAL MB 177 -88.65 31.66 -28.87
N VAL MB 178 -88.62 32.96 -28.58
CA VAL MB 178 -89.32 33.97 -29.36
C VAL MB 178 -88.26 34.90 -29.93
N THR MB 179 -88.26 35.06 -31.26
CA THR MB 179 -87.29 35.89 -31.95
C THR MB 179 -88.02 36.83 -32.89
N THR MB 180 -87.76 38.13 -32.75
CA THR MB 180 -88.39 39.12 -33.60
C THR MB 180 -87.71 39.15 -34.96
N LEU MB 181 -88.50 38.98 -36.00
CA LEU MB 181 -87.98 38.97 -37.37
C LEU MB 181 -87.82 40.39 -37.89
N GLU MB 182 -88.90 41.15 -37.94
CA GLU MB 182 -88.87 42.46 -38.58
C GLU MB 182 -90.02 43.32 -38.06
N THR MB 183 -89.78 44.62 -38.02
CA THR MB 183 -90.78 45.60 -37.65
C THR MB 183 -90.85 46.68 -38.74
N HIS MB 184 -92.03 47.27 -38.88
CA HIS MB 184 -92.23 48.33 -39.87
C HIS MB 184 -93.38 49.22 -39.45
N THR MB 185 -93.20 50.52 -39.63
CA THR MB 185 -94.23 51.50 -39.31
C THR MB 185 -95.05 51.80 -40.56
N VAL MB 186 -96.37 51.65 -40.46
CA VAL MB 186 -97.25 51.81 -41.60
C VAL MB 186 -98.43 52.68 -41.20
N SER MB 187 -99.06 53.26 -42.23
CA SER MB 187 -100.19 54.16 -42.03
C SER MB 187 -101.26 53.83 -43.05
N LEU MB 188 -102.50 54.17 -42.70
CA LEU MB 188 -103.63 53.97 -43.60
C LEU MB 188 -103.66 54.98 -44.73
N ALA MB 189 -102.96 56.10 -44.58
CA ALA MB 189 -103.06 57.18 -45.55
C ALA MB 189 -102.43 56.78 -46.87
N GLU MB 190 -103.08 57.20 -47.97
CA GLU MB 190 -102.56 56.91 -49.31
C GLU MB 190 -101.18 57.52 -49.50
N GLU MB 191 -101.03 58.80 -49.18
CA GLU MB 191 -99.79 59.53 -49.38
C GLU MB 191 -99.02 59.72 -48.08
N ALA MB 192 -99.10 58.77 -47.17
CA ALA MB 192 -98.36 58.86 -45.92
C ALA MB 192 -96.87 58.70 -46.19
N LYS MB 193 -96.10 59.74 -45.88
CA LYS MB 193 -94.66 59.76 -46.12
C LYS MB 193 -93.94 59.74 -44.77
N ASP MB 194 -93.04 58.77 -44.61
CA ASP MB 194 -92.37 58.58 -43.34
C ASP MB 194 -91.19 59.56 -43.21
N ASP MB 195 -90.56 59.54 -42.03
CA ASP MB 195 -89.34 60.31 -41.85
C ASP MB 195 -88.25 59.87 -42.82
N MET MB 196 -88.28 58.62 -43.22
CA MET MB 196 -87.37 58.12 -44.25
C MET MB 196 -87.78 58.56 -45.65
N GLY MB 197 -88.95 59.18 -45.79
CA GLY MB 197 -89.47 59.53 -47.09
C GLY MB 197 -90.23 58.42 -47.77
N ARG MB 198 -90.21 57.22 -47.21
CA ARG MB 198 -90.91 56.08 -47.77
C ARG MB 198 -92.42 56.22 -47.55
N LEU MB 199 -93.18 55.52 -48.37
CA LEU MB 199 -94.63 55.54 -48.25
C LEU MB 199 -95.08 54.59 -47.14
N CYS MB 200 -95.90 55.08 -46.22
CA CYS MB 200 -96.41 54.28 -45.13
C CYS MB 200 -97.73 53.61 -45.46
N TYR MB 201 -98.26 53.82 -46.66
CA TYR MB 201 -99.51 53.19 -47.03
C TYR MB 201 -99.34 51.69 -47.04
N LEU MB 202 -100.37 50.98 -46.56
CA LEU MB 202 -100.20 49.60 -46.12
C LEU MB 202 -99.78 48.65 -47.25
N PRO MB 203 -100.52 48.55 -48.36
CA PRO MB 203 -100.11 47.60 -49.40
C PRO MB 203 -98.76 47.94 -49.99
N THR MB 204 -98.52 49.23 -50.25
CA THR MB 204 -97.25 49.65 -50.81
C THR MB 204 -96.09 49.26 -49.90
N ALA MB 205 -96.25 49.52 -48.59
CA ALA MB 205 -95.20 49.18 -47.65
C ALA MB 205 -94.97 47.68 -47.59
N LEU MB 206 -96.05 46.90 -47.54
CA LEU MB 206 -95.86 45.45 -47.42
C LEU MB 206 -95.22 44.88 -48.68
N GLU MB 207 -95.59 45.41 -49.84
CA GLU MB 207 -94.97 44.89 -51.07
C GLU MB 207 -93.58 45.43 -51.30
N ALA MB 208 -93.21 46.56 -50.68
CA ALA MB 208 -91.89 47.13 -50.92
C ALA MB 208 -90.86 46.61 -49.92
N ARG MB 209 -91.12 46.79 -48.64
CA ARG MB 209 -90.16 46.43 -47.60
C ARG MB 209 -90.47 45.09 -46.96
N SER MB 210 -91.73 44.81 -46.64
CA SER MB 210 -92.07 43.54 -46.04
C SER MB 210 -91.80 42.39 -47.02
N LYS MB 211 -91.40 41.25 -46.46
CA LYS MB 211 -91.05 40.10 -47.26
C LYS MB 211 -91.67 38.80 -46.77
N TYR MB 212 -92.41 38.82 -45.66
CA TYR MB 212 -92.94 37.60 -45.07
C TYR MB 212 -94.45 37.49 -45.15
N LEU MB 213 -95.18 38.58 -44.91
CA LEU MB 213 -96.64 38.57 -44.85
C LEU MB 213 -97.19 39.63 -45.78
N ARG MB 214 -98.20 39.26 -46.55
CA ARG MB 214 -98.86 40.22 -47.43
C ARG MB 214 -100.24 40.52 -46.88
N ALA MB 215 -100.83 41.60 -47.37
CA ALA MB 215 -102.14 42.01 -46.87
C ALA MB 215 -102.87 42.78 -47.96
N VAL MB 216 -104.20 42.80 -47.82
CA VAL MB 216 -105.08 43.50 -48.75
C VAL MB 216 -106.10 44.28 -47.95
N VAL MB 217 -106.45 45.47 -48.44
CA VAL MB 217 -107.38 46.37 -47.78
C VAL MB 217 -108.40 46.84 -48.80
N ASN MB 218 -109.67 46.85 -48.38
CA ASN MB 218 -110.72 47.39 -49.24
C ASN MB 218 -110.47 48.86 -49.53
N GLU MB 219 -110.56 49.22 -50.80
CA GLU MB 219 -110.41 50.61 -51.21
C GLU MB 219 -111.53 51.49 -50.68
N GLU MB 220 -112.65 50.90 -50.28
CA GLU MB 220 -113.76 51.64 -49.71
C GLU MB 220 -113.77 51.62 -48.19
N LEU MB 221 -113.14 50.63 -47.57
CA LEU MB 221 -113.05 50.57 -46.12
C LEU MB 221 -111.71 51.05 -45.59
N ILE MB 222 -110.82 51.50 -46.47
CA ILE MB 222 -109.52 52.01 -46.02
C ILE MB 222 -109.72 53.24 -45.15
N SER MB 223 -110.59 54.16 -45.56
CA SER MB 223 -110.84 55.36 -44.77
C SER MB 223 -111.54 55.02 -43.47
N THR MB 224 -112.47 54.07 -43.50
CA THR MB 224 -113.28 53.74 -42.34
C THR MB 224 -112.58 52.79 -41.37
N ALA MB 225 -111.44 52.23 -41.75
CA ALA MB 225 -110.74 51.31 -40.86
C ALA MB 225 -110.13 52.06 -39.69
N LYS MB 226 -110.11 51.39 -38.54
CA LYS MB 226 -109.53 51.92 -37.31
C LYS MB 226 -108.31 51.10 -36.93
N VAL MB 227 -107.67 51.50 -35.82
CA VAL MB 227 -106.46 50.83 -35.34
C VAL MB 227 -106.62 50.54 -33.86
N THR MB 228 -105.83 49.57 -33.39
CA THR MB 228 -105.85 49.16 -32.00
C THR MB 228 -104.46 48.63 -31.66
N ASN MB 229 -104.38 47.89 -30.54
CA ASN MB 229 -103.16 47.23 -30.13
C ASN MB 229 -103.44 45.75 -29.91
N LYS MB 230 -102.59 44.90 -30.46
CA LYS MB 230 -102.78 43.46 -30.41
C LYS MB 230 -101.44 42.80 -30.14
N LYS MB 231 -101.51 41.54 -29.70
CA LYS MB 231 -100.31 40.77 -29.40
C LYS MB 231 -100.61 39.30 -29.62
N SER MB 232 -99.56 38.55 -29.99
CA SER MB 232 -99.64 37.12 -30.20
C SER MB 232 -100.69 36.77 -31.26
N LEU MB 233 -100.45 37.26 -32.46
CA LEU MB 233 -101.35 37.04 -33.59
C LEU MB 233 -100.75 35.95 -34.46
N ALA MB 234 -101.18 34.72 -34.23
CA ALA MB 234 -100.63 33.56 -34.89
C ALA MB 234 -101.54 33.07 -36.01
N PHE MB 235 -100.93 32.62 -37.10
CA PHE MB 235 -101.66 32.05 -38.22
C PHE MB 235 -101.84 30.55 -38.03
N THR MB 236 -103.07 30.08 -38.20
CA THR MB 236 -103.41 28.68 -38.04
C THR MB 236 -104.15 28.20 -39.28
N GLY MB 237 -104.09 26.88 -39.52
CA GLY MB 237 -104.77 26.25 -40.62
C GLY MB 237 -103.91 26.00 -41.85
N GLY MB 238 -102.71 26.58 -41.90
CA GLY MB 238 -101.83 26.36 -43.04
C GLY MB 238 -101.37 24.91 -43.08
N THR MB 239 -101.55 24.27 -44.22
CA THR MB 239 -101.14 22.88 -44.40
C THR MB 239 -100.87 22.65 -45.88
N ASN MB 240 -99.64 22.24 -46.19
CA ASN MB 240 -99.26 22.02 -47.58
C ASN MB 240 -99.64 20.64 -48.10
N GLY MB 241 -100.06 19.73 -47.23
CA GLY MB 241 -100.35 18.38 -47.66
C GLY MB 241 -99.07 17.60 -47.93
N ASP MB 242 -99.23 16.50 -48.68
CA ASP MB 242 -98.10 15.63 -49.02
C ASP MB 242 -97.42 16.19 -50.27
N GLN MB 243 -96.32 16.89 -50.06
CA GLN MB 243 -95.59 17.46 -51.19
C GLN MB 243 -94.96 16.40 -52.08
N SER MB 244 -94.90 15.15 -51.61
CA SER MB 244 -94.31 14.09 -52.41
C SER MB 244 -95.11 13.83 -53.69
N LYS MB 245 -96.44 13.89 -53.60
CA LYS MB 245 -97.30 13.64 -54.75
C LYS MB 245 -97.79 14.96 -55.32
N ILE MB 246 -97.44 15.23 -56.58
CA ILE MB 246 -97.87 16.44 -57.28
C ILE MB 246 -98.31 16.05 -58.68
N SER MB 247 -99.32 16.76 -59.20
CA SER MB 247 -99.98 16.37 -60.43
C SER MB 247 -99.09 16.62 -61.65
N THR MB 248 -99.40 15.86 -62.71
CA THR MB 248 -98.73 16.06 -63.99
C THR MB 248 -99.02 17.44 -64.55
N ALA MB 249 -100.25 17.93 -64.40
CA ALA MB 249 -100.58 19.27 -64.87
C ALA MB 249 -99.76 20.32 -64.15
N ALA MB 250 -99.60 20.17 -62.83
CA ALA MB 250 -98.74 21.09 -62.08
C ALA MB 250 -97.30 20.99 -62.56
N TYR MB 251 -96.85 19.77 -62.85
CA TYR MB 251 -95.50 19.59 -63.39
C TYR MB 251 -95.34 20.36 -64.69
N LEU MB 252 -96.32 20.21 -65.58
CA LEU MB 252 -96.26 20.89 -66.87
C LEU MB 252 -96.29 22.40 -66.69
N ARG MB 253 -97.13 22.88 -65.78
CA ARG MB 253 -97.17 24.32 -65.53
C ARG MB 253 -95.83 24.83 -65.03
N ALA MB 254 -95.23 24.13 -64.08
CA ALA MB 254 -93.95 24.58 -63.53
C ALA MB 254 -92.86 24.56 -64.58
N VAL MB 255 -92.81 23.50 -65.39
CA VAL MB 255 -91.75 23.42 -66.40
C VAL MB 255 -91.97 24.49 -67.47
N LYS MB 256 -93.22 24.77 -67.83
CA LYS MB 256 -93.50 25.84 -68.76
C LYS MB 256 -93.09 27.19 -68.19
N VAL MB 257 -93.33 27.40 -66.89
CA VAL MB 257 -92.97 28.65 -66.25
C VAL MB 257 -91.45 28.84 -66.28
N LEU MB 258 -90.72 27.79 -65.90
CA LEU MB 258 -89.26 27.92 -65.89
C LEU MB 258 -88.72 28.07 -67.30
N ASN MB 259 -89.37 27.46 -68.29
CA ASN MB 259 -89.00 27.68 -69.67
C ASN MB 259 -89.15 29.16 -70.03
N ASN MB 260 -90.28 29.75 -69.67
CA ASN MB 260 -90.48 31.15 -69.97
C ASN MB 260 -89.62 32.07 -69.11
N ALA MB 261 -89.02 31.55 -68.05
CA ALA MB 261 -88.19 32.37 -67.19
C ALA MB 261 -86.97 32.88 -67.95
N PRO MB 262 -86.78 34.20 -68.05
CA PRO MB 262 -85.68 34.74 -68.86
C PRO MB 262 -84.40 34.99 -68.06
N TYR MB 263 -83.82 33.91 -67.53
CA TYR MB 263 -82.61 34.01 -66.74
C TYR MB 263 -81.62 32.96 -67.22
N MET MB 264 -80.40 33.07 -66.70
CA MET MB 264 -79.34 32.15 -67.09
C MET MB 264 -79.53 30.80 -66.42
N TYR MB 265 -79.45 29.73 -67.23
CA TYR MB 265 -79.31 28.38 -66.71
C TYR MB 265 -78.76 27.53 -67.84
N THR MB 266 -77.53 27.07 -67.70
CA THR MB 266 -76.89 26.25 -68.72
C THR MB 266 -77.20 24.77 -68.57
N ALA MB 267 -77.91 24.39 -67.51
CA ALA MB 267 -78.16 22.97 -67.32
C ALA MB 267 -79.48 22.76 -66.58
N VAL MB 268 -80.04 21.57 -66.81
CA VAL MB 268 -81.25 21.11 -66.17
C VAL MB 268 -80.95 19.78 -65.50
N LEU MB 269 -81.48 19.59 -64.31
CA LEU MB 269 -81.16 18.45 -63.46
C LEU MB 269 -82.40 17.60 -63.30
N GLY MB 270 -82.22 16.32 -62.99
CA GLY MB 270 -83.36 15.50 -62.64
C GLY MB 270 -84.08 16.03 -61.41
N LEU MB 271 -83.31 16.33 -60.36
CA LEU MB 271 -83.83 16.95 -59.15
C LEU MB 271 -84.98 16.12 -58.57
N GLY MB 272 -84.91 14.81 -58.75
CA GLY MB 272 -85.88 13.89 -58.20
C GLY MB 272 -87.15 13.70 -59.00
N CYS MB 273 -87.33 14.43 -60.11
CA CYS MB 273 -88.52 14.26 -60.93
C CYS MB 273 -88.44 12.96 -61.70
N TYR MB 274 -89.52 12.17 -61.65
CA TYR MB 274 -89.58 10.91 -62.38
C TYR MB 274 -90.82 10.77 -63.23
N ASP MB 275 -91.63 11.81 -63.34
CA ASP MB 275 -92.76 11.77 -64.26
C ASP MB 275 -92.23 11.72 -65.70
N ASN MB 276 -92.71 10.75 -66.47
CA ASN MB 276 -92.22 10.58 -67.83
C ASN MB 276 -92.53 11.79 -68.69
N ALA MB 277 -93.76 12.32 -68.58
CA ALA MB 277 -94.13 13.49 -69.38
C ALA MB 277 -93.29 14.70 -69.01
N ALA MB 278 -93.08 14.93 -67.72
CA ALA MB 278 -92.25 16.05 -67.29
C ALA MB 278 -90.83 15.88 -67.79
N ILE MB 279 -90.29 14.68 -67.70
CA ILE MB 279 -88.92 14.43 -68.16
C ILE MB 279 -88.81 14.69 -69.66
N THR MB 280 -89.80 14.23 -70.43
CA THR MB 280 -89.77 14.46 -71.86
C THR MB 280 -89.85 15.94 -72.18
N ALA MB 281 -90.72 16.68 -71.47
CA ALA MB 281 -90.81 18.12 -71.70
C ALA MB 281 -89.48 18.79 -71.37
N LEU MB 282 -88.84 18.34 -70.30
CA LEU MB 282 -87.52 18.87 -69.94
C LEU MB 282 -86.51 18.58 -71.05
N GLY MB 283 -86.58 17.37 -71.62
CA GLY MB 283 -85.70 17.06 -72.73
C GLY MB 283 -85.93 17.99 -73.92
N LYS MB 284 -87.20 18.23 -74.23
CA LYS MB 284 -87.52 19.12 -75.34
C LYS MB 284 -86.99 20.52 -75.08
N ILE MB 285 -87.19 21.04 -73.87
CA ILE MB 285 -86.81 22.42 -73.61
C ILE MB 285 -85.29 22.55 -73.55
N CYS MB 286 -84.60 21.57 -72.97
CA CYS MB 286 -83.14 21.68 -72.95
C CYS MB 286 -82.57 21.52 -74.34
N ALA MB 287 -83.18 20.67 -75.17
CA ALA MB 287 -82.72 20.53 -76.54
C ALA MB 287 -82.90 21.82 -77.32
N ASP MB 288 -84.08 22.45 -77.22
CA ASP MB 288 -84.32 23.62 -78.04
C ASP MB 288 -83.72 24.90 -77.44
N ARG MB 289 -83.31 24.87 -76.17
CA ARG MB 289 -82.61 25.98 -75.57
C ARG MB 289 -81.11 25.78 -75.53
N LEU MB 290 -80.60 24.62 -75.97
CA LEU MB 290 -79.17 24.40 -76.14
C LEU MB 290 -78.44 24.51 -74.80
N ILE MB 291 -78.82 23.60 -73.89
CA ILE MB 291 -78.23 23.48 -72.57
C ILE MB 291 -78.05 21.99 -72.29
N ASP MB 292 -77.37 21.69 -71.18
CA ASP MB 292 -77.14 20.28 -70.86
C ASP MB 292 -78.26 19.73 -69.99
N GLY MB 293 -78.47 18.42 -70.08
CA GLY MB 293 -79.51 17.74 -69.36
C GLY MB 293 -78.97 16.60 -68.52
N PHE MB 294 -79.51 16.45 -67.31
CA PHE MB 294 -79.01 15.54 -66.29
C PHE MB 294 -80.12 14.62 -65.81
N PHE MB 295 -80.76 13.91 -66.74
CA PHE MB 295 -81.88 13.06 -66.39
C PHE MB 295 -81.43 11.83 -65.61
N ASP MB 296 -82.34 11.32 -64.78
CA ASP MB 296 -82.09 10.15 -63.95
C ASP MB 296 -83.28 9.21 -64.04
N VAL MB 297 -83.04 7.93 -63.77
CA VAL MB 297 -84.07 6.92 -63.77
C VAL MB 297 -84.34 6.51 -62.33
N LYS MB 298 -85.43 5.79 -62.13
CA LYS MB 298 -85.80 5.34 -60.79
C LYS MB 298 -84.78 4.36 -60.27
N PRO MB 299 -84.09 4.66 -59.17
CA PRO MB 299 -83.11 3.71 -58.62
C PRO MB 299 -83.76 2.42 -58.18
N THR MB 300 -85.02 2.48 -57.73
CA THR MB 300 -85.72 1.28 -57.29
C THR MB 300 -85.78 0.24 -58.39
N LEU MB 301 -85.86 0.68 -59.64
CA LEU MB 301 -85.84 -0.23 -60.76
C LEU MB 301 -84.50 -0.97 -60.80
N THR MB 302 -84.56 -2.28 -60.96
CA THR MB 302 -83.32 -3.04 -61.04
C THR MB 302 -82.69 -2.86 -62.42
N TYR MB 303 -81.41 -3.22 -62.52
CA TYR MB 303 -80.65 -3.05 -63.74
C TYR MB 303 -81.26 -3.82 -64.91
N ALA MB 304 -82.02 -4.88 -64.63
CA ALA MB 304 -82.62 -5.66 -65.71
C ALA MB 304 -83.61 -4.81 -66.50
N GLU MB 305 -84.53 -4.15 -65.82
CA GLU MB 305 -85.51 -3.30 -66.46
C GLU MB 305 -85.05 -1.86 -66.58
N ALA MB 306 -83.89 -1.53 -66.01
CA ALA MB 306 -83.36 -0.18 -66.16
C ALA MB 306 -83.05 0.12 -67.62
N LEU MB 307 -82.52 -0.86 -68.34
CA LEU MB 307 -82.21 -0.64 -69.75
C LEU MB 307 -83.44 -0.31 -70.57
N PRO MB 308 -84.54 -1.07 -70.52
CA PRO MB 308 -85.71 -0.67 -71.31
C PRO MB 308 -86.31 0.65 -70.89
N ALA MB 309 -86.02 1.11 -69.67
CA ALA MB 309 -86.67 2.31 -69.17
C ALA MB 309 -86.36 3.53 -70.04
N VAL MB 310 -85.22 3.55 -70.71
CA VAL MB 310 -84.87 4.73 -71.50
C VAL MB 310 -85.84 4.92 -72.65
N GLU MB 311 -86.19 3.83 -73.35
CA GLU MB 311 -87.20 3.97 -74.39
C GLU MB 311 -88.62 3.90 -73.83
N ASP MB 312 -88.78 3.35 -72.63
CA ASP MB 312 -90.09 3.39 -71.98
C ASP MB 312 -90.51 4.82 -71.69
N THR MB 313 -89.58 5.65 -71.22
CA THR MB 313 -89.84 7.07 -71.04
C THR MB 313 -90.05 7.76 -72.38
N GLY MB 314 -89.39 7.28 -73.43
CA GLY MB 314 -89.45 7.90 -74.72
C GLY MB 314 -88.30 8.84 -75.05
N LEU MB 315 -87.26 8.87 -74.22
CA LEU MB 315 -86.15 9.79 -74.44
C LEU MB 315 -85.27 9.36 -75.60
N LEU MB 316 -85.48 8.17 -76.15
CA LEU MB 316 -84.73 7.75 -77.33
C LEU MB 316 -85.00 8.70 -78.49
N GLY MB 317 -83.93 9.13 -79.15
CA GLY MB 317 -84.06 10.01 -80.29
C GLY MB 317 -82.82 10.85 -80.48
N THR MB 318 -82.75 11.51 -81.64
CA THR MB 318 -81.62 12.36 -81.97
C THR MB 318 -81.77 13.77 -81.41
N ASP MB 319 -83.00 14.23 -81.19
CA ASP MB 319 -83.21 15.55 -80.60
C ASP MB 319 -82.63 15.61 -79.20
N TYR MB 320 -82.84 14.56 -78.41
CA TYR MB 320 -82.31 14.47 -77.05
C TYR MB 320 -80.85 14.01 -77.10
N VAL MB 321 -80.03 14.84 -77.72
CA VAL MB 321 -78.60 14.55 -77.88
C VAL MB 321 -77.79 15.18 -76.75
N SER MB 322 -78.17 16.38 -76.31
CA SER MB 322 -77.38 17.09 -75.32
C SER MB 322 -77.49 16.46 -73.94
N CYS MB 323 -78.64 15.88 -73.62
CA CYS MB 323 -78.88 15.37 -72.28
C CYS MB 323 -78.20 14.01 -72.08
N SER MB 324 -78.10 13.61 -70.81
CA SER MB 324 -77.59 12.31 -70.42
C SER MB 324 -78.47 11.75 -69.33
N VAL MB 325 -78.73 10.45 -69.41
CA VAL MB 325 -79.59 9.75 -68.46
C VAL MB 325 -78.72 8.86 -67.58
N TYR MB 326 -79.04 8.85 -66.29
CA TYR MB 326 -78.25 8.18 -65.26
C TYR MB 326 -79.08 7.15 -64.49
N HIS MB 327 -78.37 6.24 -63.83
CA HIS MB 327 -78.94 5.27 -62.91
C HIS MB 327 -77.97 5.03 -61.76
N TYR MB 328 -78.53 4.84 -60.56
CA TYR MB 328 -77.74 4.58 -59.35
C TYR MB 328 -78.44 3.56 -58.48
N PRO MB 329 -78.03 2.31 -58.58
CA PRO MB 329 -78.61 1.24 -57.73
C PRO MB 329 -77.84 1.05 -56.43
N PHE MB 330 -77.68 2.13 -55.67
CA PHE MB 330 -76.88 2.08 -54.45
C PHE MB 330 -77.57 2.86 -53.35
N SER MB 331 -77.24 2.51 -52.11
CA SER MB 331 -77.77 3.18 -50.93
C SER MB 331 -76.63 3.66 -50.07
N CYS MB 332 -76.78 4.86 -49.52
CA CYS MB 332 -75.75 5.51 -48.71
C CYS MB 332 -76.32 5.89 -47.35
N LYS MB 333 -75.47 6.48 -46.52
CA LYS MB 333 -75.86 6.93 -45.21
C LYS MB 333 -76.27 8.40 -45.25
N ASP MB 334 -77.37 8.71 -44.58
CA ASP MB 334 -77.95 10.05 -44.65
C ASP MB 334 -77.03 11.09 -44.03
N LYS MB 335 -77.08 12.29 -44.62
CA LYS MB 335 -76.38 13.43 -44.06
C LYS MB 335 -76.96 13.85 -42.72
N TRP MB 336 -78.27 13.76 -42.57
CA TRP MB 336 -78.96 14.30 -41.41
C TRP MB 336 -79.61 13.22 -40.55
N THR MB 337 -80.43 12.37 -41.15
CA THR MB 337 -81.17 11.37 -40.38
C THR MB 337 -80.35 10.13 -40.08
N GLN MB 338 -79.18 9.98 -40.72
CA GLN MB 338 -78.29 8.84 -40.49
C GLN MB 338 -79.01 7.51 -40.71
N SER MB 339 -79.75 7.44 -41.82
CA SER MB 339 -80.44 6.23 -42.25
C SER MB 339 -79.90 5.81 -43.61
N ARG MB 340 -80.55 4.83 -44.22
CA ARG MB 340 -80.19 4.38 -45.56
C ARG MB 340 -81.04 5.15 -46.57
N VAL MB 341 -80.37 5.96 -47.39
CA VAL MB 341 -81.05 6.83 -48.33
C VAL MB 341 -80.48 6.60 -49.72
N VAL MB 342 -81.31 6.87 -50.74
CA VAL MB 342 -80.96 6.64 -52.12
C VAL MB 342 -81.29 7.89 -52.93
N PHE MB 343 -80.32 8.36 -53.72
CA PHE MB 343 -80.58 9.41 -54.70
C PHE MB 343 -79.44 9.43 -55.71
N GLY MB 344 -79.71 10.03 -56.86
CA GLY MB 344 -78.83 9.91 -58.01
C GLY MB 344 -77.61 10.81 -57.92
N LEU MB 345 -76.74 10.65 -58.92
CA LEU MB 345 -75.49 11.39 -59.00
C LEU MB 345 -75.48 12.42 -60.12
N SER MB 346 -76.63 12.72 -60.71
CA SER MB 346 -76.69 13.81 -61.68
C SER MB 346 -76.22 15.12 -61.07
N GLY MB 347 -76.49 15.31 -59.77
CA GLY MB 347 -76.04 16.52 -59.10
C GLY MB 347 -74.53 16.62 -59.01
N VAL MB 348 -73.88 15.52 -58.63
CA VAL MB 348 -72.42 15.57 -58.55
C VAL MB 348 -71.82 15.63 -59.95
N ALA MB 349 -72.51 15.08 -60.94
CA ALA MB 349 -72.05 15.26 -62.33
C ALA MB 349 -72.09 16.73 -62.72
N TYR MB 350 -73.17 17.40 -62.38
CA TYR MB 350 -73.24 18.85 -62.59
C TYR MB 350 -72.15 19.57 -61.84
N ALA MB 351 -71.88 19.16 -60.60
CA ALA MB 351 -70.84 19.82 -59.81
C ALA MB 351 -69.46 19.64 -60.44
N ALA MB 352 -69.18 18.43 -60.93
CA ALA MB 352 -67.90 18.19 -61.59
C ALA MB 352 -67.78 19.00 -62.87
N LYS MB 353 -68.87 19.08 -63.64
CA LYS MB 353 -68.84 19.91 -64.83
C LYS MB 353 -68.62 21.37 -64.47
N ALA MB 354 -69.27 21.83 -63.40
CA ALA MB 354 -69.09 23.21 -62.97
C ALA MB 354 -67.65 23.46 -62.57
N ARG MB 355 -67.04 22.53 -61.85
CA ARG MB 355 -65.64 22.70 -61.47
C ARG MB 355 -64.75 22.74 -62.71
N GLY MB 356 -64.99 21.83 -63.65
CA GLY MB 356 -64.20 21.82 -64.86
C GLY MB 356 -64.37 23.08 -65.68
N VAL MB 357 -65.56 23.68 -65.65
CA VAL MB 357 -65.77 24.86 -66.47
C VAL MB 357 -65.23 26.11 -65.78
N LYS MB 358 -65.31 26.17 -64.44
CA LYS MB 358 -64.82 27.38 -63.78
C LYS MB 358 -63.32 27.32 -63.53
N LYS MB 359 -62.68 26.17 -63.66
CA LYS MB 359 -61.23 26.14 -63.50
C LYS MB 359 -60.54 26.98 -64.56
N ASN MB 360 -61.19 27.21 -65.69
CA ASN MB 360 -60.70 28.11 -66.73
C ASN MB 360 -61.64 29.30 -66.86
N SER MB 361 -61.07 30.46 -67.16
CA SER MB 361 -61.83 31.70 -67.20
C SER MB 361 -62.08 32.22 -68.60
N ASP MB 362 -61.16 31.99 -69.53
CA ASP MB 362 -61.33 32.56 -70.87
C ASP MB 362 -62.33 31.76 -71.68
N VAL MB 363 -62.12 30.46 -71.82
CA VAL MB 363 -62.94 29.63 -72.70
C VAL MB 363 -63.70 28.56 -71.93
N GLY MB 364 -63.31 28.25 -70.70
CA GLY MB 364 -64.03 27.29 -69.89
C GLY MB 364 -63.61 25.86 -70.16
N GLY MB 365 -64.23 24.95 -69.42
CA GLY MB 365 -63.85 23.55 -69.45
C GLY MB 365 -64.85 22.62 -70.09
N TRP MB 366 -65.57 23.11 -71.11
CA TRP MB 366 -66.44 22.23 -71.89
C TRP MB 366 -65.69 21.14 -72.62
N HIS MB 367 -64.38 21.29 -72.80
CA HIS MB 367 -63.59 20.22 -73.40
C HIS MB 367 -63.46 19.03 -72.46
N TYR MB 368 -63.36 19.28 -71.16
CA TYR MB 368 -63.24 18.18 -70.22
C TYR MB 368 -64.60 17.55 -69.92
N SER MB 369 -64.55 16.38 -69.31
CA SER MB 369 -65.70 15.57 -68.97
C SER MB 369 -65.84 15.47 -67.47
N PRO MB 370 -67.05 15.31 -66.97
CA PRO MB 370 -67.28 15.11 -65.54
C PRO MB 370 -67.14 13.64 -65.12
N ALA MB 371 -66.02 13.04 -65.50
CA ALA MB 371 -65.80 11.61 -65.28
C ALA MB 371 -64.46 11.39 -64.60
N GLY MB 372 -64.38 10.32 -63.82
CA GLY MB 372 -63.15 9.96 -63.14
C GLY MB 372 -63.00 10.66 -61.80
N GLU MB 373 -62.16 10.06 -60.95
CA GLU MB 373 -61.89 10.62 -59.64
C GLU MB 373 -61.13 11.94 -59.69
N GLU MB 374 -60.53 12.26 -60.84
CA GLU MB 374 -59.85 13.54 -60.95
C GLU MB 374 -60.84 14.69 -60.85
N ARG MB 375 -62.04 14.52 -61.38
CA ARG MB 375 -63.06 15.55 -61.35
C ARG MB 375 -64.32 15.10 -60.63
N ALA MB 376 -64.82 13.91 -60.94
CA ALA MB 376 -66.11 13.44 -60.45
C ALA MB 376 -65.89 12.58 -59.21
N VAL MB 377 -66.19 13.15 -58.03
CA VAL MB 377 -66.08 12.43 -56.76
C VAL MB 377 -67.30 12.77 -55.92
N ILE MB 378 -67.93 11.74 -55.34
CA ILE MB 378 -69.04 11.97 -54.43
C ILE MB 378 -68.79 11.30 -53.08
N ALA MB 379 -68.63 9.97 -53.08
CA ALA MB 379 -68.33 9.18 -51.89
C ALA MB 379 -69.16 9.63 -50.69
N ARG MB 380 -70.48 9.49 -50.82
CA ARG MB 380 -71.37 10.00 -49.78
C ARG MB 380 -71.11 9.34 -48.45
N ALA MB 381 -71.46 8.04 -48.33
CA ALA MB 381 -71.14 7.24 -47.16
C ALA MB 381 -71.53 5.80 -47.36
N SER MB 382 -70.64 4.87 -47.02
CA SER MB 382 -70.92 3.44 -46.95
C SER MB 382 -71.77 2.98 -48.14
N ILE MB 383 -71.21 3.16 -49.34
CA ILE MB 383 -71.95 2.86 -50.55
C ILE MB 383 -72.08 1.35 -50.70
N GLN MB 384 -73.32 0.89 -50.88
CA GLN MB 384 -73.58 -0.51 -51.18
C GLN MB 384 -74.73 -0.60 -52.17
N PRO MB 385 -74.73 -1.63 -53.01
CA PRO MB 385 -75.81 -1.76 -53.99
C PRO MB 385 -77.13 -2.08 -53.31
N LEU MB 386 -78.21 -1.64 -53.96
CA LEU MB 386 -79.53 -2.04 -53.50
C LEU MB 386 -79.75 -3.54 -53.66
N TYR MB 387 -79.36 -4.09 -54.80
CA TYR MB 387 -79.59 -5.50 -55.11
C TYR MB 387 -78.28 -6.13 -55.56
N PRO MB 388 -77.75 -7.13 -54.86
CA PRO MB 388 -76.49 -7.74 -55.26
C PRO MB 388 -76.61 -8.79 -56.33
N GLU MB 389 -77.83 -9.20 -56.69
CA GLU MB 389 -77.98 -10.30 -57.64
C GLU MB 389 -77.67 -9.87 -59.06
N ASP MB 390 -78.10 -8.68 -59.45
CA ASP MB 390 -77.94 -8.24 -60.83
C ASP MB 390 -76.57 -7.63 -61.06
N THR MB 391 -76.09 -7.77 -62.29
CA THR MB 391 -74.79 -7.27 -62.70
C THR MB 391 -74.93 -6.43 -63.95
N PRO MB 392 -74.07 -5.43 -64.14
CA PRO MB 392 -74.13 -4.63 -65.36
C PRO MB 392 -73.57 -5.38 -66.56
N ASP MB 393 -73.87 -4.85 -67.75
CA ASP MB 393 -73.41 -5.44 -69.00
C ASP MB 393 -72.96 -4.34 -69.95
N GLU MB 394 -71.66 -4.33 -70.26
CA GLU MB 394 -71.07 -3.25 -71.04
C GLU MB 394 -71.85 -3.00 -72.33
N GLU MB 395 -72.17 -4.07 -73.06
CA GLU MB 395 -72.93 -3.89 -74.29
C GLU MB 395 -74.30 -3.31 -74.00
N ALA MB 396 -74.92 -3.72 -72.89
CA ALA MB 396 -76.25 -3.22 -72.55
C ALA MB 396 -76.21 -1.73 -72.31
N MET MB 397 -75.31 -1.26 -71.45
CA MET MB 397 -75.24 0.17 -71.17
C MET MB 397 -74.81 0.97 -72.39
N VAL MB 398 -73.89 0.43 -73.20
CA VAL MB 398 -73.45 1.22 -74.35
C VAL MB 398 -74.58 1.34 -75.38
N LYS MB 399 -75.38 0.28 -75.54
CA LYS MB 399 -76.51 0.37 -76.45
C LYS MB 399 -77.58 1.31 -75.90
N GLY MB 400 -77.85 1.22 -74.59
CA GLY MB 400 -78.88 2.04 -73.99
C GLY MB 400 -78.42 3.40 -73.55
N ARG MB 401 -77.18 3.79 -73.88
CA ARG MB 401 -76.66 5.10 -73.57
C ARG MB 401 -76.70 5.38 -72.07
N LEU MB 402 -76.47 4.34 -71.27
CA LEU MB 402 -76.51 4.46 -69.82
C LEU MB 402 -75.10 4.58 -69.28
N ASN MB 403 -74.95 5.38 -68.23
CA ASN MB 403 -73.64 5.68 -67.65
C ASN MB 403 -73.42 4.78 -66.43
N LYS MB 404 -72.33 4.02 -66.46
CA LYS MB 404 -71.98 3.13 -65.36
C LYS MB 404 -71.07 3.84 -64.37
N VAL MB 405 -71.08 3.35 -63.14
CA VAL MB 405 -70.37 3.99 -62.03
C VAL MB 405 -69.10 3.21 -61.72
N SER MB 406 -68.26 3.77 -60.85
CA SER MB 406 -67.04 3.09 -60.41
C SER MB 406 -66.62 3.67 -59.07
N VAL MB 407 -65.48 3.20 -58.57
CA VAL MB 407 -64.82 3.75 -57.39
C VAL MB 407 -63.38 4.03 -57.77
N GLY MB 408 -62.85 5.15 -57.27
CA GLY MB 408 -61.54 5.61 -57.67
C GLY MB 408 -60.42 4.83 -57.03
N THR MB 409 -59.20 5.18 -57.44
CA THR MB 409 -58.01 4.53 -56.90
C THR MB 409 -57.89 4.77 -55.40
N SER MB 410 -58.34 5.93 -54.92
CA SER MB 410 -58.31 6.23 -53.50
C SER MB 410 -59.52 5.67 -52.75
N GLY MB 411 -60.51 5.16 -53.45
CA GLY MB 411 -61.66 4.56 -52.82
C GLY MB 411 -62.90 5.43 -52.71
N GLN MB 412 -63.02 6.47 -53.52
CA GLN MB 412 -64.19 7.35 -53.49
C GLN MB 412 -65.14 7.01 -54.63
N MET MB 413 -66.43 7.15 -54.37
CA MET MB 413 -67.44 6.78 -55.35
C MET MB 413 -67.44 7.79 -56.48
N ILE MB 414 -67.33 7.31 -57.72
CA ILE MB 414 -67.19 8.18 -58.88
C ILE MB 414 -68.09 7.68 -60.01
N ILE MB 415 -68.26 8.53 -61.00
CA ILE MB 415 -68.90 8.18 -62.26
C ILE MB 415 -67.81 8.20 -63.33
N ASP MB 416 -67.53 7.04 -63.89
CA ASP MB 416 -66.51 6.92 -64.94
C ASP MB 416 -67.14 6.90 -66.33
N ASP MB 417 -67.95 7.90 -66.65
CA ASP MB 417 -68.62 7.92 -67.95
C ASP MB 417 -68.81 9.35 -68.43
N ALA MB 418 -68.88 9.49 -69.75
CA ALA MB 418 -69.07 10.77 -70.41
C ALA MB 418 -70.04 10.61 -71.57
N LEU MB 419 -71.06 9.78 -71.40
CA LEU MB 419 -71.95 9.41 -72.48
C LEU MB 419 -73.28 10.13 -72.32
N THR MB 420 -73.73 10.76 -73.41
CA THR MB 420 -74.98 11.49 -73.44
C THR MB 420 -76.11 10.58 -73.91
N CYS MB 421 -77.28 11.17 -74.17
CA CYS MB 421 -78.42 10.43 -74.68
C CYS MB 421 -78.45 10.41 -76.20
N CYS MB 422 -77.31 10.67 -76.85
CA CYS MB 422 -77.23 10.62 -78.29
C CYS MB 422 -77.33 9.18 -78.74
N THR MB 423 -78.54 8.76 -79.13
CA THR MB 423 -78.79 7.36 -79.45
C THR MB 423 -77.95 6.92 -80.64
N GLN MB 424 -77.86 7.75 -81.68
CA GLN MB 424 -77.04 7.42 -82.83
C GLN MB 424 -75.57 7.36 -82.41
N ASP MB 425 -74.84 6.42 -83.02
CA ASP MB 425 -73.49 6.09 -82.59
C ASP MB 425 -72.43 6.98 -83.25
N ASN MB 426 -72.82 8.16 -83.72
CA ASN MB 426 -71.89 9.08 -84.34
C ASN MB 426 -71.03 9.74 -83.26
N TYR MB 427 -70.20 10.71 -83.66
CA TYR MB 427 -69.33 11.38 -82.71
C TYR MB 427 -70.10 12.20 -81.68
N LEU MB 428 -71.38 12.46 -81.91
CA LEU MB 428 -72.15 13.26 -80.97
C LEU MB 428 -72.49 12.51 -79.69
N HIS MB 429 -72.25 11.19 -79.65
CA HIS MB 429 -72.50 10.43 -78.42
C HIS MB 429 -71.58 10.82 -77.29
N PHE MB 430 -70.50 11.56 -77.57
CA PHE MB 430 -69.61 12.04 -76.52
C PHE MB 430 -70.26 13.19 -75.77
N GLN MB 431 -69.51 13.74 -74.82
CA GLN MB 431 -69.97 14.90 -74.05
C GLN MB 431 -69.26 16.19 -74.42
N HIS MB 432 -67.99 16.11 -74.81
CA HIS MB 432 -67.27 17.33 -75.16
C HIS MB 432 -67.77 17.90 -76.47
N VAL MB 433 -68.15 17.05 -77.42
CA VAL MB 433 -68.68 17.56 -78.69
C VAL MB 433 -69.94 18.38 -78.48
N PRO MB 434 -71.00 17.86 -77.83
CA PRO MB 434 -72.19 18.70 -77.62
C PRO MB 434 -71.86 19.97 -76.88
N SER MB 435 -71.03 19.88 -75.84
CA SER MB 435 -70.66 21.06 -75.09
C SER MB 435 -69.91 22.05 -75.96
N LEU MB 436 -69.02 21.57 -76.83
CA LEU MB 436 -68.22 22.50 -77.60
C LEU MB 436 -69.08 23.26 -78.59
N MET MB 437 -69.97 22.58 -79.33
CA MET MB 437 -70.69 23.45 -80.25
C MET MB 437 -71.77 24.23 -79.53
N ASN MB 438 -72.24 23.78 -78.36
CA ASN MB 438 -73.15 24.62 -77.59
C ASN MB 438 -72.47 25.91 -77.18
N ALA MB 439 -71.22 25.81 -76.70
CA ALA MB 439 -70.47 26.99 -76.32
C ALA MB 439 -70.25 27.91 -77.50
N ILE MB 440 -69.78 27.36 -78.63
CA ILE MB 440 -69.48 28.21 -79.77
C ILE MB 440 -70.76 28.86 -80.28
N SER MB 441 -71.88 28.14 -80.24
CA SER MB 441 -73.15 28.71 -80.63
C SER MB 441 -73.54 29.86 -79.71
N ARG MB 442 -73.27 29.70 -78.41
CA ARG MB 442 -73.50 30.81 -77.49
C ARG MB 442 -72.66 32.01 -77.87
N PHE MB 443 -71.42 31.76 -78.29
CA PHE MB 443 -70.58 32.86 -78.77
C PHE MB 443 -71.22 33.54 -79.98
N PHE MB 444 -71.70 32.74 -80.94
CA PHE MB 444 -72.48 33.32 -82.03
C PHE MB 444 -73.66 34.10 -81.51
N VAL MB 445 -74.23 33.68 -80.37
CA VAL MB 445 -75.39 34.37 -79.84
C VAL MB 445 -75.03 35.78 -79.45
N GLN MB 446 -73.95 35.96 -78.68
CA GLN MB 446 -73.65 37.35 -78.31
C GLN MB 446 -73.10 38.12 -79.51
N LEU MB 447 -72.46 37.44 -80.46
CA LEU MB 447 -71.96 38.17 -81.61
C LEU MB 447 -73.11 38.68 -82.47
N ALA MB 448 -74.15 37.86 -82.67
CA ALA MB 448 -75.35 38.34 -83.33
C ALA MB 448 -76.02 39.43 -82.52
N ARG MB 449 -76.03 39.28 -81.19
CA ARG MB 449 -76.51 40.33 -80.31
C ARG MB 449 -75.86 41.66 -80.64
N GLN MB 450 -74.54 41.67 -80.74
CA GLN MB 450 -73.82 42.92 -80.97
C GLN MB 450 -73.93 43.42 -82.40
N MET MB 451 -74.00 42.53 -83.39
CA MET MB 451 -74.03 43.00 -84.77
C MET MB 451 -75.43 43.23 -85.29
N LYS MB 452 -76.46 42.92 -84.50
CA LYS MB 452 -77.83 43.04 -84.97
C LYS MB 452 -78.17 44.49 -85.26
N HIS MB 453 -79.04 44.70 -86.25
CA HIS MB 453 -79.59 46.01 -86.62
C HIS MB 453 -78.49 46.96 -87.08
N SER MB 454 -77.28 46.48 -87.14
CA SER MB 454 -76.15 47.33 -87.46
C SER MB 454 -76.11 47.62 -88.96
N PRO MB 455 -75.78 48.84 -89.35
CA PRO MB 455 -75.63 49.16 -90.78
C PRO MB 455 -74.55 48.29 -91.41
N ASP MB 456 -74.81 47.88 -92.65
CA ASP MB 456 -73.96 46.95 -93.35
C ASP MB 456 -72.65 47.61 -93.78
N GLY MB 457 -71.74 46.78 -94.27
CA GLY MB 457 -70.51 47.26 -94.89
C GLY MB 457 -69.24 46.82 -94.19
N ILE MB 458 -69.26 46.82 -92.86
CA ILE MB 458 -68.05 46.54 -92.09
C ILE MB 458 -68.36 45.47 -91.05
N THR MB 459 -69.64 45.28 -90.79
CA THR MB 459 -70.04 44.32 -89.77
C THR MB 459 -69.59 42.92 -90.13
N ALA MB 460 -69.71 42.55 -91.40
CA ALA MB 460 -69.25 41.23 -91.83
C ALA MB 460 -67.76 41.06 -91.52
N ALA MB 461 -66.96 42.06 -91.83
CA ALA MB 461 -65.52 41.97 -91.58
C ALA MB 461 -65.22 41.87 -90.09
N GLY MB 462 -65.89 42.69 -89.28
CA GLY MB 462 -65.68 42.62 -87.85
C GLY MB 462 -66.02 41.26 -87.28
N LEU MB 463 -67.13 40.68 -87.73
CA LEU MB 463 -67.46 39.32 -87.34
C LEU MB 463 -66.41 38.34 -87.82
N THR MB 464 -65.84 38.56 -89.01
CA THR MB 464 -64.79 37.65 -89.48
C THR MB 464 -63.63 37.64 -88.50
N LYS MB 465 -63.10 38.82 -88.16
CA LYS MB 465 -61.99 38.85 -87.22
C LYS MB 465 -62.38 38.30 -85.85
N GLY MB 466 -63.59 38.61 -85.38
CA GLY MB 466 -64.00 38.05 -84.11
C GLY MB 466 -63.98 36.53 -84.13
N MET MB 467 -64.54 35.94 -85.19
CA MET MB 467 -64.56 34.48 -85.32
C MET MB 467 -63.15 33.92 -85.34
N THR MB 468 -62.27 34.51 -86.15
CA THR MB 468 -60.92 33.99 -86.24
C THR MB 468 -60.22 34.04 -84.89
N LYS MB 469 -60.31 35.17 -84.20
CA LYS MB 469 -59.60 35.28 -82.92
C LYS MB 469 -60.16 34.31 -81.89
N LEU MB 470 -61.48 34.11 -81.88
CA LEU MB 470 -62.02 33.21 -80.86
C LEU MB 470 -61.70 31.76 -81.17
N LEU MB 471 -61.75 31.36 -82.45
CA LEU MB 471 -61.26 30.03 -82.81
C LEU MB 471 -59.78 29.88 -82.49
N ASP MB 472 -59.01 30.96 -82.66
CA ASP MB 472 -57.59 30.89 -82.34
C ASP MB 472 -57.37 30.64 -80.86
N ARG MB 473 -58.14 31.31 -80.00
CA ARG MB 473 -57.98 31.03 -78.58
C ARG MB 473 -58.52 29.65 -78.24
N PHE MB 474 -59.51 29.16 -78.99
CA PHE MB 474 -59.98 27.79 -78.82
C PHE MB 474 -58.86 26.80 -79.07
N VAL MB 475 -58.20 26.91 -80.23
CA VAL MB 475 -57.15 25.96 -80.56
C VAL MB 475 -55.97 26.12 -79.60
N ALA MB 476 -55.69 27.35 -79.17
CA ALA MB 476 -54.65 27.56 -78.17
C ALA MB 476 -54.99 26.84 -76.88
N SER MB 477 -56.26 26.90 -76.47
CA SER MB 477 -56.72 26.10 -75.34
C SER MB 477 -56.68 24.61 -75.64
N GLY MB 478 -56.62 24.25 -76.93
CA GLY MB 478 -56.64 22.85 -77.31
C GLY MB 478 -58.03 22.28 -77.46
N ALA MB 479 -59.08 23.08 -77.19
CA ALA MB 479 -60.43 22.60 -77.40
C ALA MB 479 -60.70 22.26 -78.85
N LEU MB 480 -59.92 22.81 -79.77
CA LEU MB 480 -59.99 22.46 -81.18
C LEU MB 480 -58.61 22.05 -81.64
N VAL MB 481 -58.54 21.00 -82.47
CA VAL MB 481 -57.29 20.45 -82.93
C VAL MB 481 -57.31 20.34 -84.45
N ALA MB 482 -56.11 20.27 -85.03
CA ALA MB 482 -55.98 20.12 -86.47
C ALA MB 482 -56.43 18.73 -86.89
N PRO MB 483 -56.95 18.60 -88.12
CA PRO MB 483 -57.42 17.29 -88.57
C PRO MB 483 -56.30 16.26 -88.65
N ARG MB 484 -56.66 15.01 -88.36
CA ARG MB 484 -55.69 13.92 -88.40
C ARG MB 484 -55.39 13.46 -89.81
N ASP MB 485 -56.26 13.73 -90.77
CA ASP MB 485 -56.02 13.33 -92.15
C ASP MB 485 -55.73 14.56 -93.00
N PRO MB 486 -54.48 14.76 -93.42
CA PRO MB 486 -54.18 15.92 -94.27
C PRO MB 486 -54.71 15.78 -95.68
N ASP MB 487 -54.88 14.56 -96.18
CA ASP MB 487 -55.30 14.38 -97.57
C ASP MB 487 -56.69 14.95 -97.81
N ALA MB 488 -57.66 14.54 -97.00
CA ALA MB 488 -59.05 14.95 -97.19
C ALA MB 488 -59.41 16.11 -96.27
N ASP MB 489 -59.26 15.92 -94.96
CA ASP MB 489 -59.63 16.94 -94.00
C ASP MB 489 -58.58 18.04 -93.87
N GLY MB 490 -57.42 17.88 -94.50
CA GLY MB 490 -56.39 18.88 -94.38
C GLY MB 490 -55.74 18.85 -93.01
N THR MB 491 -55.02 19.93 -92.71
CA THR MB 491 -54.38 20.10 -91.41
C THR MB 491 -54.62 21.52 -90.92
N GLU MB 492 -55.87 21.97 -91.01
CA GLU MB 492 -56.26 23.29 -90.58
C GLU MB 492 -57.48 23.11 -89.69
N PRO MB 493 -57.47 23.68 -88.50
CA PRO MB 493 -58.53 23.38 -87.53
C PRO MB 493 -59.91 23.92 -87.90
N TYR MB 494 -59.99 25.20 -88.25
CA TYR MB 494 -61.29 25.86 -88.40
C TYR MB 494 -61.35 26.61 -89.72
N VAL MB 495 -62.43 26.40 -90.46
CA VAL MB 495 -62.63 27.05 -91.74
C VAL MB 495 -63.88 27.91 -91.65
N LEU MB 496 -63.76 29.16 -92.08
CA LEU MB 496 -64.84 30.12 -92.01
C LEU MB 496 -65.18 30.64 -93.40
N LYS MB 497 -66.46 30.92 -93.62
CA LYS MB 497 -66.88 31.54 -94.87
C LYS MB 497 -68.10 32.40 -94.60
N VAL MB 498 -68.14 33.58 -95.21
CA VAL MB 498 -69.25 34.50 -95.09
C VAL MB 498 -69.66 34.96 -96.48
N THR MB 499 -70.95 34.94 -96.75
CA THR MB 499 -71.50 35.36 -98.03
C THR MB 499 -72.70 36.27 -97.80
N GLN MB 500 -73.00 37.07 -98.81
CA GLN MB 500 -74.17 37.95 -98.81
C GLN MB 500 -74.93 37.75 -100.11
N ALA MB 501 -76.25 37.90 -100.06
CA ALA MB 501 -77.08 37.76 -101.25
C ALA MB 501 -77.79 39.04 -101.64
N GLU MB 502 -78.51 39.66 -100.71
CA GLU MB 502 -79.27 40.87 -101.03
C GLU MB 502 -79.34 41.72 -99.77
N PHE MB 503 -80.27 42.67 -99.75
CA PHE MB 503 -80.62 43.44 -98.56
C PHE MB 503 -80.64 42.57 -97.32
N ASP MB 504 -81.11 41.34 -97.48
CA ASP MB 504 -81.03 40.32 -96.45
C ASP MB 504 -80.35 39.08 -97.03
N LYS MB 505 -80.41 37.99 -96.28
CA LYS MB 505 -79.88 36.69 -96.70
C LYS MB 505 -78.37 36.75 -96.93
N TRP MB 506 -77.67 37.00 -95.84
CA TRP MB 506 -76.25 36.68 -95.73
C TRP MB 506 -76.10 35.48 -94.81
N GLU MB 507 -75.05 34.70 -95.05
CA GLU MB 507 -74.84 33.47 -94.30
C GLU MB 507 -73.39 33.36 -93.86
N VAL MB 508 -73.20 32.81 -92.67
CA VAL MB 508 -71.88 32.48 -92.14
C VAL MB 508 -71.85 30.98 -91.88
N VAL MB 509 -70.78 30.33 -92.33
CA VAL MB 509 -70.61 28.90 -92.16
C VAL MB 509 -69.21 28.65 -91.61
N TRP MB 510 -69.11 27.66 -90.73
CA TRP MB 510 -67.86 27.31 -90.08
C TRP MB 510 -67.75 25.81 -89.92
N ALA MB 511 -66.54 25.30 -90.11
CA ALA MB 511 -66.24 23.89 -89.97
C ALA MB 511 -65.08 23.71 -89.01
N CYS MB 512 -65.15 22.66 -88.18
CA CYS MB 512 -64.16 22.40 -87.16
C CYS MB 512 -63.81 20.92 -87.18
N CYS MB 513 -62.99 20.50 -86.21
CA CYS MB 513 -62.44 19.15 -86.16
C CYS MB 513 -62.63 18.56 -84.77
N PRO MB 514 -62.96 17.26 -84.69
CA PRO MB 514 -63.10 16.62 -83.38
C PRO MB 514 -61.76 16.47 -82.68
N THR MB 515 -61.83 16.37 -81.36
CA THR MB 515 -60.65 16.24 -80.51
C THR MB 515 -60.76 14.97 -79.67
N GLY MB 516 -59.64 14.28 -79.51
CA GLY MB 516 -59.64 13.04 -78.77
C GLY MB 516 -59.71 13.26 -77.27
N VAL MB 517 -60.25 12.26 -76.57
CA VAL MB 517 -60.39 12.31 -75.11
C VAL MB 517 -59.79 11.03 -74.54
N ALA MB 518 -59.53 10.06 -75.41
CA ALA MB 518 -58.95 8.77 -75.03
C ALA MB 518 -59.84 8.05 -74.04
N ARG MB 519 -61.05 7.69 -74.50
CA ARG MB 519 -62.00 6.99 -73.64
C ARG MB 519 -61.54 5.56 -73.37
N ARG MB 520 -61.43 4.75 -74.41
CA ARG MB 520 -61.15 3.32 -74.27
C ARG MB 520 -59.67 3.07 -74.48
N ILE MB 521 -59.05 2.43 -73.50
CA ILE MB 521 -57.63 2.10 -73.54
C ILE MB 521 -57.45 0.68 -73.03
N GLN MB 522 -56.73 -0.15 -73.78
CA GLN MB 522 -56.50 -1.54 -73.44
C GLN MB 522 -55.01 -1.80 -73.35
N GLY MB 523 -54.60 -2.59 -72.36
CA GLY MB 523 -53.20 -2.93 -72.15
C GLY MB 523 -52.96 -4.41 -72.31
N VAL MB 524 -51.76 -4.76 -72.76
CA VAL MB 524 -51.43 -6.16 -73.01
C VAL MB 524 -50.12 -6.54 -72.31
N PRO MB 525 -50.07 -7.68 -71.65
CA PRO MB 525 -48.84 -8.12 -71.00
C PRO MB 525 -48.00 -9.01 -71.90
N LEU MB 526 -46.77 -9.24 -71.48
CA LEU MB 526 -45.90 -10.17 -72.18
C LEU MB 526 -44.77 -10.59 -71.24
N LEU MB 527 -44.28 -11.80 -71.44
CA LEU MB 527 -43.11 -12.30 -70.74
C LEU MB 527 -41.89 -12.15 -71.63
N ILE MB 528 -40.82 -11.58 -71.08
CA ILE MB 528 -39.59 -11.43 -71.84
C ILE MB 528 -38.87 -12.75 -72.04
N LYS MB 529 -39.33 -13.81 -71.36
CA LYS MB 529 -38.75 -15.15 -71.47
C LYS MB 529 -37.32 -15.16 -70.91
N SER NB 2 -69.32 -7.46 -60.85
CA SER NB 2 -69.29 -6.06 -60.40
C SER NB 2 -68.42 -5.20 -61.31
N GLN NB 3 -68.30 -3.93 -60.95
CA GLN NB 3 -67.50 -3.00 -61.75
C GLN NB 3 -66.03 -3.41 -61.75
N TYR NB 4 -65.57 -4.10 -60.70
CA TYR NB 4 -64.17 -4.48 -60.61
C TYR NB 4 -63.79 -5.55 -61.63
N SER NB 5 -64.76 -6.12 -62.32
CA SER NB 5 -64.50 -7.21 -63.25
C SER NB 5 -63.56 -6.76 -64.36
N ILE NB 6 -62.67 -7.67 -64.76
CA ILE NB 6 -61.68 -7.40 -65.78
C ILE NB 6 -62.03 -8.23 -67.00
N GLN NB 7 -62.25 -7.57 -68.13
CA GLN NB 7 -62.54 -8.27 -69.37
C GLN NB 7 -61.25 -8.46 -70.16
N GLN NB 8 -61.37 -9.16 -71.29
CA GLN NB 8 -60.20 -9.42 -72.12
C GLN NB 8 -59.75 -8.18 -72.89
N SER NB 9 -60.70 -7.38 -73.38
CA SER NB 9 -60.37 -6.21 -74.17
C SER NB 9 -61.55 -5.26 -74.17
N LEU NB 10 -61.27 -4.00 -74.52
CA LEU NB 10 -62.31 -2.98 -74.55
C LEU NB 10 -63.26 -3.18 -75.72
N GLY NB 11 -64.53 -2.87 -75.48
CA GLY NB 11 -65.52 -2.92 -76.53
C GLY NB 11 -65.84 -1.54 -77.05
N ASN NB 12 -66.95 -0.97 -76.58
CA ASN NB 12 -67.37 0.35 -77.03
C ASN NB 12 -67.65 1.29 -75.87
N ALA NB 13 -67.26 0.94 -74.66
CA ALA NB 13 -67.44 1.80 -73.49
C ALA NB 13 -66.10 2.01 -72.82
N SER NB 14 -65.97 3.17 -72.17
CA SER NB 14 -64.73 3.51 -71.49
C SER NB 14 -64.42 2.47 -70.41
N GLY NB 15 -63.15 2.09 -70.34
CA GLY NB 15 -62.71 1.13 -69.36
C GLY NB 15 -61.26 0.77 -69.60
N VAL NB 16 -60.76 -0.13 -68.77
CA VAL NB 16 -59.40 -0.64 -68.88
C VAL NB 16 -59.47 -2.16 -68.78
N ALA NB 17 -58.82 -2.85 -69.71
CA ALA NB 17 -58.79 -4.31 -69.73
C ALA NB 17 -57.38 -4.78 -70.04
N VAL NB 18 -57.04 -5.96 -69.53
CA VAL NB 18 -55.73 -6.57 -69.76
C VAL NB 18 -55.94 -7.90 -70.45
N SER NB 19 -55.15 -8.16 -71.47
CA SER NB 19 -55.20 -9.43 -72.15
C SER NB 19 -54.54 -10.51 -71.30
N PRO NB 20 -54.83 -11.78 -71.56
CA PRO NB 20 -54.10 -12.85 -70.89
C PRO NB 20 -52.63 -12.80 -71.21
N ILE NB 21 -51.81 -13.24 -70.25
CA ILE NB 21 -50.36 -13.17 -70.41
C ILE NB 21 -49.92 -14.03 -71.58
N ASN NB 22 -48.98 -13.52 -72.36
CA ASN NB 22 -48.36 -14.26 -73.43
C ASN NB 22 -46.87 -14.40 -73.14
N ALA NB 23 -46.29 -15.49 -73.62
CA ALA NB 23 -44.87 -15.75 -73.46
C ALA NB 23 -44.12 -15.86 -74.77
N ASP NB 24 -44.72 -16.49 -75.79
CA ASP NB 24 -44.04 -16.68 -77.07
C ASP NB 24 -44.36 -15.53 -78.00
N ALA NB 25 -43.72 -14.39 -77.73
CA ALA NB 25 -43.82 -13.23 -78.58
C ALA NB 25 -42.62 -12.33 -78.32
N THR NB 26 -42.29 -11.51 -79.32
CA THR NB 26 -41.17 -10.59 -79.25
C THR NB 26 -41.64 -9.19 -79.59
N LEU NB 27 -40.85 -8.21 -79.20
CA LEU NB 27 -41.18 -6.80 -79.42
C LEU NB 27 -40.05 -6.08 -80.12
N SER NB 28 -40.40 -5.23 -81.08
CA SER NB 28 -39.43 -4.43 -81.82
C SER NB 28 -39.68 -2.96 -81.48
N THR NB 29 -38.62 -2.29 -81.03
CA THR NB 29 -38.72 -0.90 -80.59
C THR NB 29 -37.63 -0.07 -81.24
N GLY NB 30 -37.94 1.21 -81.47
CA GLY NB 30 -36.96 2.12 -82.03
C GLY NB 30 -37.53 2.97 -83.16
N VAL NB 31 -36.82 4.05 -83.52
CA VAL NB 31 -37.22 4.93 -84.61
C VAL NB 31 -36.07 4.98 -85.61
N ALA NB 32 -36.37 4.64 -86.86
CA ALA NB 32 -35.34 4.63 -87.90
C ALA NB 32 -35.18 6.01 -88.50
N LEU NB 33 -33.93 6.42 -88.72
CA LEU NB 33 -33.66 7.70 -89.35
C LEU NB 33 -33.93 7.66 -90.85
N ASN NB 34 -33.72 6.49 -91.46
CA ASN NB 34 -34.02 6.27 -92.89
C ASN NB 34 -33.29 7.27 -93.77
N SER NB 35 -32.05 7.58 -93.41
CA SER NB 35 -31.23 8.43 -94.27
C SER NB 35 -30.91 7.74 -95.58
N SER NB 36 -30.63 6.44 -95.52
CA SER NB 36 -30.32 5.64 -96.71
C SER NB 36 -31.27 4.46 -96.75
N LEU NB 37 -31.83 4.19 -97.93
CA LEU NB 37 -32.81 3.14 -98.09
C LEU NB 37 -32.25 2.00 -98.92
N TRP NB 38 -32.88 0.84 -98.75
CA TRP NB 38 -32.40 -0.39 -99.34
C TRP NB 38 -33.58 -1.21 -99.83
N ALA NB 39 -33.28 -2.08 -100.79
CA ALA NB 39 -34.29 -2.90 -101.43
C ALA NB 39 -33.71 -4.24 -101.81
N GLY NB 40 -34.57 -5.23 -101.95
CA GLY NB 40 -34.15 -6.56 -102.35
C GLY NB 40 -35.30 -7.53 -102.30
N ILE NB 41 -35.08 -8.69 -102.92
CA ILE NB 41 -36.05 -9.77 -102.94
C ILE NB 41 -35.76 -10.71 -101.78
N GLY NB 42 -36.80 -11.05 -101.03
CA GLY NB 42 -36.65 -11.93 -99.89
C GLY NB 42 -37.75 -12.97 -99.84
N VAL NB 43 -37.50 -13.99 -99.04
CA VAL NB 43 -38.42 -15.10 -98.80
C VAL NB 43 -38.99 -14.91 -97.41
N PHE NB 44 -40.29 -14.67 -97.33
CA PHE NB 44 -40.90 -14.39 -96.03
C PHE NB 44 -42.17 -15.19 -95.83
N ALA NB 45 -42.88 -14.89 -94.74
CA ALA NB 45 -44.21 -15.40 -94.49
C ALA NB 45 -45.18 -14.23 -94.49
N ARG NB 46 -46.35 -14.44 -95.12
CA ARG NB 46 -47.38 -13.41 -95.22
C ARG NB 46 -46.88 -12.23 -96.04
N GLY NB 47 -47.75 -11.26 -96.30
CA GLY NB 47 -47.40 -10.12 -97.11
C GLY NB 47 -47.83 -10.29 -98.56
N LYS NB 48 -47.88 -9.17 -99.27
CA LYS NB 48 -48.30 -9.19 -100.66
C LYS NB 48 -47.22 -9.80 -101.53
N PRO NB 49 -47.49 -10.90 -102.24
CA PRO NB 49 -46.45 -11.51 -103.07
C PRO NB 49 -46.15 -10.67 -104.30
N PHE NB 50 -44.92 -10.80 -104.79
CA PHE NB 50 -44.49 -10.24 -106.06
C PHE NB 50 -44.68 -8.73 -106.13
N THR NB 51 -44.74 -8.07 -104.98
CA THR NB 51 -44.94 -6.63 -104.92
C THR NB 51 -43.99 -6.05 -103.89
N VAL NB 52 -43.71 -4.76 -104.03
CA VAL NB 52 -42.83 -4.05 -103.11
C VAL NB 52 -43.61 -3.69 -101.85
N LEU NB 53 -42.99 -3.89 -100.69
CA LEU NB 53 -43.58 -3.53 -99.41
C LEU NB 53 -42.53 -2.78 -98.61
N ALA NB 54 -42.91 -1.60 -98.12
CA ALA NB 54 -42.05 -0.83 -97.25
C ALA NB 54 -42.17 -1.34 -95.83
N VAL NB 55 -41.07 -1.84 -95.28
CA VAL NB 55 -41.04 -2.47 -93.97
C VAL NB 55 -40.11 -1.67 -93.07
N THR NB 56 -40.61 -1.30 -91.90
CA THR NB 56 -39.85 -0.57 -90.92
C THR NB 56 -39.48 -1.49 -89.75
N GLU NB 57 -38.70 -0.93 -88.82
CA GLU NB 57 -38.25 -1.70 -87.67
C GLU NB 57 -39.40 -2.12 -86.77
N SER NB 58 -40.35 -1.21 -86.53
CA SER NB 58 -41.41 -1.49 -85.56
C SER NB 58 -42.33 -2.59 -86.06
N ASN NB 59 -42.76 -2.50 -87.32
CA ASN NB 59 -43.80 -3.36 -87.85
C ASN NB 59 -43.27 -4.62 -88.52
N TYR NB 60 -41.96 -4.82 -88.52
CA TYR NB 60 -41.39 -5.90 -89.32
C TYR NB 60 -41.93 -7.25 -88.87
N GLU NB 61 -41.98 -7.48 -87.56
CA GLU NB 61 -42.35 -8.81 -87.07
C GLU NB 61 -43.78 -9.14 -87.42
N ASP NB 62 -44.70 -8.20 -87.25
CA ASP NB 62 -46.10 -8.43 -87.54
C ASP NB 62 -46.46 -8.23 -89.00
N VAL NB 63 -45.53 -7.83 -89.84
CA VAL NB 63 -45.79 -7.88 -91.27
C VAL NB 63 -45.19 -9.13 -91.91
N LEU NB 64 -44.16 -9.72 -91.31
CA LEU NB 64 -43.61 -10.97 -91.83
C LEU NB 64 -44.06 -12.18 -91.03
N GLY NB 65 -44.89 -12.00 -90.01
CA GLY NB 65 -45.35 -13.14 -89.25
C GLY NB 65 -44.27 -13.71 -88.34
N GLU NB 66 -44.46 -14.96 -87.98
CA GLU NB 66 -43.48 -15.66 -87.15
C GLU NB 66 -42.27 -16.02 -88.00
N PRO NB 67 -41.05 -15.71 -87.55
CA PRO NB 67 -39.86 -16.00 -88.35
C PRO NB 67 -39.69 -17.48 -88.62
N LEU NB 68 -39.22 -17.79 -89.82
CA LEU NB 68 -39.04 -19.18 -90.22
C LEU NB 68 -37.88 -19.82 -89.47
N LYS NB 69 -37.85 -21.14 -89.50
CA LYS NB 69 -36.77 -21.84 -88.83
C LYS NB 69 -35.69 -22.25 -89.82
N PRO NB 70 -34.44 -22.33 -89.37
CA PRO NB 70 -33.40 -22.87 -90.25
C PRO NB 70 -33.65 -24.31 -90.65
N SER NB 71 -34.33 -25.09 -89.80
CA SER NB 71 -34.66 -26.46 -90.17
C SER NB 71 -35.56 -26.51 -91.38
N SER NB 72 -36.29 -25.44 -91.66
CA SER NB 72 -37.14 -25.34 -92.84
C SER NB 72 -36.35 -24.82 -94.04
N GLY NB 73 -35.22 -25.44 -94.31
CA GLY NB 73 -34.40 -25.06 -95.43
C GLY NB 73 -33.61 -23.79 -95.18
N SER NB 74 -32.93 -23.34 -96.24
CA SER NB 74 -32.06 -22.17 -96.17
C SER NB 74 -32.80 -20.87 -96.39
N GLN NB 75 -34.11 -20.87 -96.19
CA GLN NB 75 -34.93 -19.69 -96.40
C GLN NB 75 -34.91 -18.73 -95.22
N PHE NB 76 -34.10 -19.01 -94.21
CA PHE NB 76 -33.96 -18.10 -93.08
C PHE NB 76 -32.96 -16.98 -93.33
N GLU NB 77 -32.20 -17.06 -94.42
CA GLU NB 77 -31.26 -15.99 -94.72
C GLU NB 77 -31.94 -14.63 -94.87
N PRO NB 78 -33.02 -14.47 -95.64
CA PRO NB 78 -33.62 -13.14 -95.75
C PRO NB 78 -34.14 -12.60 -94.43
N ILE NB 79 -34.72 -13.46 -93.59
CA ILE NB 79 -35.27 -12.97 -92.33
C ILE NB 79 -34.14 -12.58 -91.39
N ARG NB 80 -33.06 -13.36 -91.35
CA ARG NB 80 -31.91 -12.95 -90.55
C ARG NB 80 -31.36 -11.63 -91.07
N HIS NB 81 -31.28 -11.47 -92.38
CA HIS NB 81 -30.70 -10.27 -92.96
C HIS NB 81 -31.55 -9.04 -92.64
N VAL NB 82 -32.87 -9.15 -92.78
CA VAL NB 82 -33.71 -8.01 -92.45
C VAL NB 82 -33.66 -7.73 -90.96
N TYR NB 83 -33.56 -8.78 -90.13
CA TYR NB 83 -33.46 -8.56 -88.70
C TYR NB 83 -32.19 -7.77 -88.36
N GLU NB 84 -31.08 -8.11 -89.00
CA GLU NB 84 -29.83 -7.42 -88.70
C GLU NB 84 -29.71 -6.07 -89.43
N ALA NB 85 -30.57 -5.81 -90.41
CA ALA NB 85 -30.49 -4.56 -91.15
C ALA NB 85 -31.61 -3.57 -90.84
N ILE NB 86 -32.60 -3.96 -90.04
CA ILE NB 86 -33.77 -3.11 -89.84
C ILE NB 86 -33.63 -2.17 -88.66
N GLN NB 87 -32.70 -2.42 -87.74
CA GLN NB 87 -32.53 -1.55 -86.59
C GLN NB 87 -31.97 -0.19 -86.98
N GLN NB 88 -31.54 -0.01 -88.22
CA GLN NB 88 -30.95 1.23 -88.67
C GLN NB 88 -31.84 2.01 -89.64
N THR NB 89 -32.48 1.32 -90.57
CA THR NB 89 -33.35 1.98 -91.53
C THR NB 89 -34.39 0.99 -92.03
N SER NB 90 -35.44 1.54 -92.62
CA SER NB 90 -36.48 0.72 -93.24
C SER NB 90 -36.01 0.23 -94.60
N GLY NB 91 -36.86 -0.54 -95.27
CA GLY NB 91 -36.53 -1.07 -96.57
C GLY NB 91 -37.76 -1.23 -97.42
N TYR NB 92 -37.55 -1.65 -98.65
CA TYR NB 92 -38.61 -1.79 -99.65
C TYR NB 92 -38.64 -3.21 -100.20
N VAL NB 93 -38.74 -4.19 -99.30
CA VAL NB 93 -38.48 -5.57 -99.68
C VAL NB 93 -39.60 -6.09 -100.59
N VAL NB 94 -39.25 -7.07 -101.42
CA VAL NB 94 -40.19 -7.71 -102.34
C VAL NB 94 -40.22 -9.19 -102.05
N ARG NB 95 -41.42 -9.73 -101.83
CA ARG NB 95 -41.61 -11.15 -101.53
C ARG NB 95 -42.34 -11.84 -102.66
N ALA NB 96 -41.87 -13.04 -103.02
CA ALA NB 96 -42.49 -13.84 -104.05
C ALA NB 96 -42.83 -15.22 -103.49
N VAL NB 97 -43.74 -15.91 -104.17
CA VAL NB 97 -44.18 -17.23 -103.73
C VAL NB 97 -44.07 -18.21 -104.90
N PRO NB 98 -43.85 -19.48 -104.63
CA PRO NB 98 -43.81 -20.47 -105.71
C PRO NB 98 -45.21 -20.77 -106.24
N ASP NB 99 -45.28 -21.69 -107.20
CA ASP NB 99 -46.55 -22.06 -107.80
C ASP NB 99 -47.48 -22.75 -106.82
N ASP NB 100 -46.93 -23.53 -105.90
CA ASP NB 100 -47.74 -24.28 -104.94
C ASP NB 100 -48.45 -23.39 -103.92
N ALA NB 101 -48.09 -22.12 -103.85
CA ALA NB 101 -48.69 -21.22 -102.86
C ALA NB 101 -50.11 -20.88 -103.28
N LYS NB 102 -51.06 -21.15 -102.40
CA LYS NB 102 -52.46 -20.82 -102.61
C LYS NB 102 -53.04 -20.29 -101.31
N PHE NB 103 -53.95 -19.36 -101.44
CA PHE NB 103 -54.66 -18.72 -100.36
C PHE NB 103 -56.08 -19.26 -100.24
N PRO NB 104 -56.61 -19.33 -99.02
CA PRO NB 104 -57.98 -19.82 -98.84
C PRO NB 104 -59.01 -18.78 -99.23
N ILE NB 105 -60.23 -19.26 -99.43
CA ILE NB 105 -61.34 -18.40 -99.81
C ILE NB 105 -62.64 -19.07 -99.40
N ILE NB 106 -63.61 -18.27 -98.96
CA ILE NB 106 -64.93 -18.74 -98.57
C ILE NB 106 -65.95 -18.06 -99.48
N MET NB 107 -66.83 -18.86 -100.05
CA MET NB 107 -67.78 -18.41 -101.06
C MET NB 107 -69.17 -18.50 -100.46
N PHE NB 108 -69.84 -17.36 -100.31
CA PHE NB 108 -71.19 -17.33 -99.78
C PHE NB 108 -72.20 -17.17 -100.90
N ASP NB 109 -73.18 -18.05 -100.92
CA ASP NB 109 -74.27 -17.93 -101.88
C ASP NB 109 -75.28 -16.89 -101.38
N GLU NB 110 -76.33 -16.66 -102.18
CA GLU NB 110 -77.35 -15.70 -101.79
C GLU NB 110 -78.06 -16.14 -100.52
N SER NB 111 -78.27 -17.44 -100.36
CA SER NB 111 -78.78 -17.97 -99.11
C SER NB 111 -77.76 -17.86 -97.99
N GLY NB 112 -76.51 -17.52 -98.31
CA GLY NB 112 -75.46 -17.41 -97.32
C GLY NB 112 -74.71 -18.70 -97.07
N GLU NB 113 -75.01 -19.77 -97.79
CA GLU NB 113 -74.31 -21.02 -97.59
C GLU NB 113 -72.85 -20.88 -97.99
N PRO NB 114 -71.93 -21.47 -97.23
CA PRO NB 114 -70.50 -21.34 -97.52
C PRO NB 114 -69.95 -22.46 -98.39
N ALA NB 115 -68.83 -22.14 -99.04
CA ALA NB 115 -68.07 -23.11 -99.80
C ALA NB 115 -66.60 -22.73 -99.70
N TYR NB 116 -65.78 -23.64 -99.21
CA TYR NB 116 -64.37 -23.32 -98.94
C TYR NB 116 -63.52 -23.85 -100.09
N SER NB 117 -62.60 -23.00 -100.56
CA SER NB 117 -61.72 -23.37 -101.66
C SER NB 117 -60.37 -22.70 -101.46
N ALA NB 118 -59.43 -23.01 -102.36
CA ALA NB 118 -58.11 -22.41 -102.36
C ALA NB 118 -57.80 -21.94 -103.76
N LEU NB 119 -57.13 -20.79 -103.86
CA LEU NB 119 -56.80 -20.24 -105.16
C LEU NB 119 -55.34 -19.82 -105.20
N PRO NB 120 -54.67 -19.99 -106.34
CA PRO NB 120 -53.27 -19.56 -106.44
C PRO NB 120 -53.17 -18.05 -106.36
N TYR NB 121 -52.06 -17.59 -105.80
CA TYR NB 121 -51.84 -16.16 -105.65
C TYR NB 121 -51.72 -15.51 -107.02
N GLY NB 122 -52.32 -14.33 -107.16
CA GLY NB 122 -52.33 -13.63 -108.42
C GLY NB 122 -53.47 -14.04 -109.33
N SER NB 123 -54.28 -15.02 -108.95
CA SER NB 123 -55.37 -15.48 -109.79
C SER NB 123 -56.59 -14.58 -109.62
N GLU NB 124 -57.15 -14.13 -110.74
CA GLU NB 124 -58.35 -13.32 -110.70
C GLU NB 124 -59.57 -14.16 -110.33
N ILE NB 125 -60.52 -13.54 -109.66
CA ILE NB 125 -61.72 -14.22 -109.19
C ILE NB 125 -62.84 -14.05 -110.21
N GLU NB 126 -63.48 -15.16 -110.56
CA GLU NB 126 -64.63 -15.15 -111.45
C GLU NB 126 -65.78 -15.90 -110.78
N LEU NB 127 -67.00 -15.46 -111.08
CA LEU NB 127 -68.20 -16.02 -110.46
C LEU NB 127 -69.24 -16.32 -111.54
N ASP NB 128 -69.99 -17.40 -111.32
CA ASP NB 128 -71.01 -17.84 -112.25
C ASP NB 128 -72.35 -17.21 -111.90
N SER NB 129 -73.44 -17.76 -112.45
CA SER NB 129 -74.77 -17.21 -112.20
C SER NB 129 -75.10 -17.20 -110.72
N GLY NB 130 -74.82 -18.30 -110.02
CA GLY NB 130 -74.96 -18.35 -108.58
C GLY NB 130 -73.78 -17.68 -107.90
N GLU NB 131 -73.42 -18.20 -106.73
CA GLU NB 131 -72.18 -17.81 -106.06
C GLU NB 131 -72.16 -16.30 -105.79
N ALA NB 132 -73.02 -15.90 -104.84
CA ALA NB 132 -73.25 -14.49 -104.56
C ALA NB 132 -71.95 -13.70 -104.40
N PHE NB 133 -71.13 -14.06 -103.41
CA PHE NB 133 -69.95 -13.24 -103.14
C PHE NB 133 -68.85 -14.03 -102.45
N ALA NB 134 -67.61 -13.65 -102.73
CA ALA NB 134 -66.44 -14.35 -102.24
C ALA NB 134 -65.66 -13.50 -101.26
N ILE NB 135 -65.08 -14.15 -100.26
CA ILE NB 135 -64.21 -13.50 -99.28
C ILE NB 135 -62.90 -14.28 -99.23
N TYR NB 136 -61.78 -13.58 -99.36
CA TYR NB 136 -60.49 -14.23 -99.49
C TYR NB 136 -59.42 -13.42 -98.79
N VAL NB 137 -58.43 -14.11 -98.26
CA VAL NB 137 -57.29 -13.44 -97.65
C VAL NB 137 -56.41 -12.86 -98.76
N ASP NB 138 -55.70 -11.78 -98.44
CA ASP NB 138 -54.91 -11.08 -99.43
C ASP NB 138 -53.46 -10.85 -99.03
N ASP NB 139 -53.11 -11.02 -97.75
CA ASP NB 139 -51.73 -10.85 -97.32
C ASP NB 139 -50.94 -12.15 -97.34
N GLY NB 140 -51.55 -13.24 -97.81
CA GLY NB 140 -50.87 -14.52 -97.88
C GLY NB 140 -50.87 -15.34 -96.62
N ASP NB 141 -51.58 -14.92 -95.58
CA ASP NB 141 -51.66 -15.72 -94.36
C ASP NB 141 -52.48 -16.97 -94.62
N PRO NB 142 -51.94 -18.17 -94.33
CA PRO NB 142 -52.77 -19.38 -94.46
C PRO NB 142 -53.91 -19.45 -93.46
N CYS NB 143 -53.91 -18.58 -92.45
CA CYS NB 143 -54.94 -18.58 -91.40
C CYS NB 143 -55.02 -19.95 -90.73
N ILE NB 144 -53.86 -20.55 -90.48
CA ILE NB 144 -53.80 -21.88 -89.91
C ILE NB 144 -53.07 -21.84 -88.57
N SER NB 145 -52.21 -20.85 -88.40
CA SER NB 145 -51.40 -20.78 -87.19
C SER NB 145 -50.92 -19.34 -86.96
N PRO NB 146 -51.70 -18.53 -86.25
CA PRO NB 146 -53.03 -18.82 -85.70
C PRO NB 146 -54.11 -18.68 -86.74
N THR NB 147 -55.29 -19.26 -86.49
CA THR NB 147 -56.38 -19.20 -87.44
C THR NB 147 -57.13 -17.87 -87.31
N ARG NB 148 -57.87 -17.53 -88.36
CA ARG NB 148 -58.66 -16.31 -88.40
C ARG NB 148 -60.14 -16.67 -88.53
N GLU NB 149 -60.97 -16.05 -87.70
CA GLU NB 149 -62.40 -16.33 -87.67
C GLU NB 149 -63.18 -15.05 -87.90
N LEU NB 150 -64.30 -15.17 -88.58
CA LEU NB 150 -65.12 -14.05 -88.98
C LEU NB 150 -66.50 -14.16 -88.32
N THR NB 151 -67.10 -13.01 -88.05
CA THR NB 151 -68.44 -12.98 -87.47
C THR NB 151 -69.24 -11.89 -88.15
N ILE NB 152 -70.43 -12.24 -88.61
CA ILE NB 152 -71.36 -11.30 -89.21
C ILE NB 152 -72.52 -11.10 -88.27
N GLU NB 153 -73.01 -9.87 -88.18
CA GLU NB 153 -74.16 -9.57 -87.35
C GLU NB 153 -74.87 -8.36 -87.93
N THR NB 154 -76.12 -8.55 -88.36
CA THR NB 154 -76.90 -7.44 -88.87
C THR NB 154 -77.06 -6.38 -87.80
N ALA NB 155 -76.84 -5.12 -88.19
CA ALA NB 155 -76.91 -4.01 -87.23
C ALA NB 155 -77.89 -2.96 -87.71
N THR NB 156 -77.94 -1.82 -87.02
CA THR NB 156 -78.88 -0.76 -87.38
C THR NB 156 -78.65 -0.30 -88.80
N ALA NB 157 -79.74 -0.12 -89.53
CA ALA NB 157 -79.69 0.26 -90.93
C ALA NB 157 -79.69 1.76 -91.09
N ASP NB 158 -79.41 2.22 -92.31
CA ASP NB 158 -79.40 3.64 -92.59
C ASP NB 158 -80.82 4.20 -92.60
N SER NB 159 -80.91 5.52 -92.43
CA SER NB 159 -82.21 6.19 -92.53
C SER NB 159 -82.82 5.99 -93.90
N ALA NB 160 -81.98 5.82 -94.93
CA ALA NB 160 -82.46 5.52 -96.27
C ALA NB 160 -82.84 4.06 -96.43
N GLY NB 161 -82.99 3.31 -95.34
CA GLY NB 161 -83.33 1.92 -95.42
C GLY NB 161 -82.18 1.02 -95.80
N ASN NB 162 -80.97 1.55 -95.88
CA ASN NB 162 -79.81 0.77 -96.30
C ASN NB 162 -79.43 -0.17 -95.17
N GLU NB 163 -79.73 -1.46 -95.34
CA GLU NB 163 -79.41 -2.44 -94.30
C GLU NB 163 -77.91 -2.50 -94.05
N ARG NB 164 -77.54 -2.51 -92.79
CA ARG NB 164 -76.15 -2.53 -92.39
C ARG NB 164 -75.89 -3.69 -91.45
N PHE NB 165 -74.63 -4.11 -91.38
CA PHE NB 165 -74.27 -5.28 -90.60
C PHE NB 165 -72.79 -5.20 -90.26
N LEU NB 166 -72.45 -5.75 -89.10
CA LEU NB 166 -71.09 -5.65 -88.60
C LEU NB 166 -70.28 -6.90 -88.93
N LEU NB 167 -69.07 -6.70 -89.42
CA LEU NB 167 -68.10 -7.76 -89.61
C LEU NB 167 -67.03 -7.65 -88.53
N LYS NB 168 -66.77 -8.76 -87.84
CA LYS NB 168 -65.73 -8.84 -86.84
C LYS NB 168 -64.72 -9.89 -87.28
N LEU NB 169 -63.44 -9.55 -87.19
CA LEU NB 169 -62.37 -10.49 -87.41
C LEU NB 169 -61.71 -10.82 -86.09
N THR NB 170 -61.30 -12.07 -85.93
CA THR NB 170 -60.54 -12.44 -84.75
C THR NB 170 -59.53 -13.51 -85.12
N GLN NB 171 -58.50 -13.61 -84.29
CA GLN NB 171 -57.49 -14.65 -84.39
C GLN NB 171 -57.60 -15.57 -83.19
N THR NB 172 -57.34 -16.86 -83.40
CA THR NB 172 -57.37 -17.83 -82.33
C THR NB 172 -56.14 -18.71 -82.44
N THR NB 173 -55.43 -18.88 -81.33
CA THR NB 173 -54.20 -19.67 -81.37
C THR NB 173 -54.46 -21.12 -80.98
N SER NB 174 -53.40 -21.93 -81.06
CA SER NB 174 -53.49 -23.33 -80.67
C SER NB 174 -53.79 -23.47 -79.19
N LEU NB 175 -53.26 -22.58 -78.36
CA LEU NB 175 -53.64 -22.58 -76.95
C LEU NB 175 -55.13 -22.33 -76.80
N GLY NB 176 -55.69 -21.50 -77.67
CA GLY NB 176 -57.10 -21.18 -77.62
C GLY NB 176 -57.39 -19.72 -77.36
N VAL NB 177 -56.38 -18.86 -77.26
CA VAL NB 177 -56.64 -17.45 -77.03
C VAL NB 177 -57.28 -16.85 -78.27
N VAL NB 178 -58.34 -16.08 -78.06
CA VAL NB 178 -59.10 -15.45 -79.12
C VAL NB 178 -58.96 -13.94 -78.94
N THR NB 179 -58.51 -13.26 -79.98
CA THR NB 179 -58.28 -11.82 -79.93
C THR NB 179 -58.95 -11.17 -81.13
N THR NB 180 -59.82 -10.20 -80.89
CA THR NB 180 -60.50 -9.51 -81.98
C THR NB 180 -59.56 -8.50 -82.62
N LEU NB 181 -59.40 -8.61 -83.94
CA LEU NB 181 -58.52 -7.71 -84.67
C LEU NB 181 -59.24 -6.41 -85.02
N GLU NB 182 -60.34 -6.50 -85.75
CA GLU NB 182 -61.00 -5.30 -86.25
C GLU NB 182 -62.46 -5.61 -86.57
N THR NB 183 -63.29 -4.58 -86.41
CA THR NB 183 -64.70 -4.65 -86.77
C THR NB 183 -65.03 -3.48 -87.68
N HIS NB 184 -66.03 -3.69 -88.54
CA HIS NB 184 -66.47 -2.65 -89.45
C HIS NB 184 -67.92 -2.88 -89.87
N THR NB 185 -68.70 -1.80 -89.92
CA THR NB 185 -70.08 -1.88 -90.33
C THR NB 185 -70.18 -1.59 -91.82
N VAL NB 186 -70.81 -2.51 -92.56
CA VAL NB 186 -70.90 -2.41 -94.01
C VAL NB 186 -72.34 -2.66 -94.45
N SER NB 187 -72.64 -2.18 -95.65
CA SER NB 187 -73.97 -2.30 -96.22
C SER NB 187 -73.86 -2.70 -97.68
N LEU NB 188 -74.92 -3.34 -98.18
CA LEU NB 188 -74.97 -3.73 -99.57
C LEU NB 188 -75.23 -2.56 -100.49
N ALA NB 189 -75.74 -1.45 -99.98
CA ALA NB 189 -76.15 -0.34 -100.81
C ALA NB 189 -74.95 0.35 -101.46
N GLU NB 190 -75.11 0.73 -102.73
CA GLU NB 190 -74.05 1.42 -103.45
C GLU NB 190 -73.67 2.72 -102.76
N GLU NB 191 -74.67 3.55 -102.44
CA GLU NB 191 -74.46 4.86 -101.85
C GLU NB 191 -74.75 4.87 -100.35
N ALA NB 192 -74.50 3.76 -99.66
CA ALA NB 192 -74.72 3.69 -98.22
C ALA NB 192 -73.70 4.58 -97.51
N LYS NB 193 -74.19 5.60 -96.82
CA LYS NB 193 -73.34 6.55 -96.11
C LYS NB 193 -73.52 6.36 -94.61
N ASP NB 194 -72.41 6.14 -93.90
CA ASP NB 194 -72.47 5.85 -92.47
C ASP NB 194 -72.62 7.14 -91.67
N ASP NB 195 -72.78 6.97 -90.36
CA ASP NB 195 -72.78 8.13 -89.46
C ASP NB 195 -71.47 8.88 -89.55
N MET NB 196 -70.39 8.18 -89.85
CA MET NB 196 -69.10 8.81 -90.08
C MET NB 196 -69.02 9.49 -91.43
N GLY NB 197 -70.03 9.30 -92.29
CA GLY NB 197 -69.99 9.81 -93.63
C GLY NB 197 -69.30 8.91 -94.63
N ARG NB 198 -68.66 7.85 -94.14
CA ARG NB 198 -67.95 6.91 -95.01
C ARG NB 198 -68.95 6.04 -95.76
N LEU NB 199 -68.49 5.48 -96.87
CA LEU NB 199 -69.32 4.60 -97.68
C LEU NB 199 -69.35 3.20 -97.07
N CYS NB 200 -70.54 2.67 -96.86
CA CYS NB 200 -70.71 1.34 -96.31
C CYS NB 200 -70.78 0.26 -97.37
N TYR NB 201 -70.69 0.63 -98.64
CA TYR NB 201 -70.73 -0.37 -99.69
C TYR NB 201 -69.54 -1.31 -99.56
N LEU NB 202 -69.79 -2.60 -99.81
CA LEU NB 202 -68.88 -3.64 -99.33
C LEU NB 202 -67.48 -3.55 -99.94
N PRO NB 203 -67.31 -3.56 -101.26
CA PRO NB 203 -65.94 -3.51 -101.80
C PRO NB 203 -65.22 -2.24 -101.45
N THR NB 204 -65.92 -1.10 -101.51
CA THR NB 204 -65.30 0.17 -101.18
C THR NB 204 -64.82 0.17 -99.75
N ALA NB 205 -65.64 -0.32 -98.83
CA ALA NB 205 -65.26 -0.35 -97.42
C ALA NB 205 -64.08 -1.27 -97.20
N LEU NB 206 -64.09 -2.46 -97.82
CA LEU NB 206 -63.00 -3.39 -97.58
C LEU NB 206 -61.70 -2.87 -98.16
N GLU NB 207 -61.76 -2.20 -99.31
CA GLU NB 207 -60.54 -1.66 -99.88
C GLU NB 207 -60.07 -0.38 -99.20
N ALA NB 208 -60.97 0.33 -98.51
CA ALA NB 208 -60.58 1.59 -97.90
C ALA NB 208 -60.10 1.39 -96.46
N ARG NB 209 -60.94 0.79 -95.62
CA ARG NB 209 -60.61 0.65 -94.21
C ARG NB 209 -60.08 -0.74 -93.85
N SER NB 210 -60.69 -1.79 -94.40
CA SER NB 210 -60.21 -3.13 -94.11
C SER NB 210 -58.81 -3.33 -94.68
N LYS NB 211 -58.01 -4.12 -93.97
CA LYS NB 211 -56.63 -4.37 -94.35
C LYS NB 211 -56.24 -5.83 -94.34
N TYR NB 212 -57.12 -6.74 -93.92
CA TYR NB 212 -56.77 -8.13 -93.76
C TYR NB 212 -57.46 -9.05 -94.76
N LEU NB 213 -58.74 -8.83 -95.05
CA LEU NB 213 -59.53 -9.71 -95.90
C LEU NB 213 -60.18 -8.89 -97.00
N ARG NB 214 -60.13 -9.39 -98.23
CA ARG NB 214 -60.77 -8.72 -99.34
C ARG NB 214 -61.97 -9.56 -99.78
N ALA NB 215 -62.86 -8.94 -100.55
CA ALA NB 215 -64.06 -9.64 -100.97
C ALA NB 215 -64.53 -9.07 -102.30
N VAL NB 216 -65.31 -9.86 -103.01
CA VAL NB 216 -65.88 -9.49 -104.29
C VAL NB 216 -67.34 -9.89 -104.32
N VAL NB 217 -68.17 -9.06 -104.94
CA VAL NB 217 -69.61 -9.28 -105.02
C VAL NB 217 -70.04 -9.11 -106.47
N ASN NB 218 -70.91 -10.01 -106.93
CA ASN NB 218 -71.48 -9.86 -108.26
C ASN NB 218 -72.29 -8.59 -108.36
N GLU NB 219 -72.04 -7.83 -109.43
CA GLU NB 219 -72.79 -6.61 -109.68
C GLU NB 219 -74.26 -6.89 -109.97
N GLU NB 220 -74.59 -8.12 -110.35
CA GLU NB 220 -75.98 -8.50 -110.60
C GLU NB 220 -76.63 -9.19 -109.42
N LEU NB 221 -75.85 -9.79 -108.52
CA LEU NB 221 -76.38 -10.41 -107.32
C LEU NB 221 -76.27 -9.54 -106.08
N ILE NB 222 -75.73 -8.32 -106.23
CA ILE NB 222 -75.62 -7.42 -105.09
C ILE NB 222 -77.00 -7.06 -104.55
N SER NB 223 -77.94 -6.76 -105.44
CA SER NB 223 -79.29 -6.43 -104.99
C SER NB 223 -79.98 -7.65 -104.40
N THR NB 224 -79.78 -8.82 -104.99
CA THR NB 224 -80.47 -10.03 -104.58
C THR NB 224 -79.84 -10.70 -103.36
N ALA NB 225 -78.66 -10.26 -102.94
CA ALA NB 225 -78.01 -10.86 -101.79
C ALA NB 225 -78.75 -10.52 -100.50
N LYS NB 226 -78.76 -11.47 -99.57
CA LYS NB 226 -79.37 -11.32 -98.26
C LYS NB 226 -78.29 -11.34 -97.19
N VAL NB 227 -78.72 -11.18 -95.93
CA VAL NB 227 -77.82 -11.15 -94.80
C VAL NB 227 -78.32 -12.11 -93.72
N THR NB 228 -77.41 -12.51 -92.86
CA THR NB 228 -77.74 -13.41 -91.76
C THR NB 228 -76.77 -13.13 -90.61
N ASN NB 229 -76.67 -14.08 -89.69
CA ASN NB 229 -75.73 -14.01 -88.58
C ASN NB 229 -74.90 -15.29 -88.55
N LYS NB 230 -73.58 -15.13 -88.45
CA LYS NB 230 -72.66 -16.25 -88.49
C LYS NB 230 -71.59 -16.06 -87.43
N LYS NB 231 -70.91 -17.15 -87.10
CA LYS NB 231 -69.85 -17.12 -86.11
C LYS NB 231 -68.83 -18.19 -86.44
N SER NB 232 -67.58 -17.95 -86.06
CA SER NB 232 -66.48 -18.90 -86.25
C SER NB 232 -66.33 -19.27 -87.73
N LEU NB 233 -66.02 -18.26 -88.53
CA LEU NB 233 -65.85 -18.43 -89.97
C LEU NB 233 -64.35 -18.45 -90.26
N ALA NB 234 -63.79 -19.65 -90.31
CA ALA NB 234 -62.35 -19.84 -90.46
C ALA NB 234 -62.00 -20.21 -91.89
N PHE NB 235 -60.88 -19.68 -92.37
CA PHE NB 235 -60.36 -20.00 -93.69
C PHE NB 235 -59.46 -21.23 -93.60
N THR NB 236 -59.70 -22.18 -94.50
CA THR NB 236 -58.92 -23.41 -94.57
C THR NB 236 -58.42 -23.63 -95.98
N GLY NB 237 -57.33 -24.39 -96.09
CA GLY NB 237 -56.74 -24.72 -97.38
C GLY NB 237 -55.57 -23.86 -97.79
N GLY NB 238 -55.34 -22.75 -97.11
CA GLY NB 238 -54.20 -21.90 -97.45
C GLY NB 238 -52.89 -22.60 -97.16
N THR NB 239 -52.02 -22.65 -98.17
CA THR NB 239 -50.72 -23.29 -98.02
C THR NB 239 -49.75 -22.64 -99.00
N ASN NB 240 -48.67 -22.08 -98.49
CA ASN NB 240 -47.70 -21.39 -99.33
C ASN NB 240 -46.68 -22.33 -99.95
N GLY NB 241 -46.62 -23.59 -99.50
CA GLY NB 241 -45.60 -24.48 -99.99
C GLY NB 241 -44.23 -24.16 -99.40
N ASP NB 242 -43.19 -24.67 -100.06
CA ASP NB 242 -41.82 -24.48 -99.61
C ASP NB 242 -41.32 -23.15 -100.18
N GLN NB 243 -41.33 -22.12 -99.35
CA GLN NB 243 -40.87 -20.81 -99.80
C GLN NB 243 -39.37 -20.79 -100.07
N SER NB 244 -38.63 -21.81 -99.65
CA SER NB 244 -37.19 -21.85 -99.89
C SER NB 244 -36.88 -21.92 -101.38
N LYS NB 245 -37.66 -22.69 -102.13
CA LYS NB 245 -37.44 -22.86 -103.57
C LYS NB 245 -38.41 -21.98 -104.34
N ILE NB 246 -37.86 -21.04 -105.12
CA ILE NB 246 -38.67 -20.16 -105.96
C ILE NB 246 -38.00 -20.06 -107.32
N SER NB 247 -38.82 -19.93 -108.37
CA SER NB 247 -38.35 -20.03 -109.74
C SER NB 247 -37.52 -18.82 -110.15
N THR NB 248 -36.68 -19.04 -111.16
CA THR NB 248 -35.91 -17.95 -111.75
C THR NB 248 -36.83 -16.93 -112.39
N ALA NB 249 -37.90 -17.37 -113.05
CA ALA NB 249 -38.83 -16.44 -113.65
C ALA NB 249 -39.49 -15.56 -112.59
N ALA NB 250 -39.87 -16.15 -111.46
CA ALA NB 250 -40.40 -15.35 -110.37
C ALA NB 250 -39.37 -14.38 -109.84
N TYR NB 251 -38.11 -14.83 -109.76
CA TYR NB 251 -37.04 -13.93 -109.34
C TYR NB 251 -36.93 -12.74 -110.28
N LEU NB 252 -36.95 -13.01 -111.58
CA LEU NB 252 -36.85 -11.94 -112.57
C LEU NB 252 -38.04 -11.00 -112.48
N ARG NB 253 -39.24 -11.55 -112.29
CA ARG NB 253 -40.41 -10.71 -112.16
C ARG NB 253 -40.30 -9.80 -110.94
N ALA NB 254 -39.87 -10.35 -109.81
CA ALA NB 254 -39.78 -9.55 -108.59
C ALA NB 254 -38.71 -8.46 -108.75
N VAL NB 255 -37.56 -8.80 -109.32
CA VAL NB 255 -36.51 -7.79 -109.46
C VAL NB 255 -36.94 -6.72 -110.45
N LYS NB 256 -37.64 -7.10 -111.52
CA LYS NB 256 -38.16 -6.11 -112.44
C LYS NB 256 -39.18 -5.20 -111.76
N VAL NB 257 -40.02 -5.77 -110.91
CA VAL NB 257 -41.02 -4.98 -110.20
C VAL NB 257 -40.34 -3.96 -109.29
N LEU NB 258 -39.35 -4.42 -108.51
CA LEU NB 258 -38.69 -3.50 -107.61
C LEU NB 258 -37.88 -2.46 -108.38
N ASN NB 259 -37.35 -2.82 -109.55
CA ASN NB 259 -36.72 -1.84 -110.41
C ASN NB 259 -37.71 -0.76 -110.81
N ASN NB 260 -38.90 -1.16 -111.23
CA ASN NB 260 -39.90 -0.19 -111.63
C ASN NB 260 -40.48 0.57 -110.44
N ALA NB 261 -40.26 0.08 -109.23
CA ALA NB 261 -40.79 0.75 -108.06
C ALA NB 261 -40.18 2.14 -107.91
N PRO NB 262 -40.98 3.20 -107.89
CA PRO NB 262 -40.45 4.57 -107.86
C PRO NB 262 -40.29 5.12 -106.45
N TYR NB 263 -39.45 4.48 -105.65
CA TYR NB 263 -39.21 4.91 -104.27
C TYR NB 263 -37.72 4.97 -104.01
N MET NB 264 -37.38 5.52 -102.85
CA MET NB 264 -35.97 5.67 -102.48
C MET NB 264 -35.38 4.34 -102.05
N TYR NB 265 -34.23 4.02 -102.60
CA TYR NB 265 -33.38 2.94 -102.09
C TYR NB 265 -31.98 3.18 -102.62
N THR NB 266 -31.06 3.51 -101.73
CA THR NB 266 -29.68 3.76 -102.12
C THR NB 266 -28.83 2.50 -102.16
N ALA NB 267 -29.40 1.36 -101.76
CA ALA NB 267 -28.59 0.16 -101.74
C ALA NB 267 -29.44 -1.08 -101.98
N VAL NB 268 -28.79 -2.11 -102.49
CA VAL NB 268 -29.37 -3.41 -102.73
C VAL NB 268 -28.54 -4.44 -101.99
N LEU NB 269 -29.21 -5.40 -101.36
CA LEU NB 269 -28.57 -6.37 -100.49
C LEU NB 269 -28.70 -7.75 -101.12
N GLY NB 270 -27.79 -8.66 -100.77
CA GLY NB 270 -27.97 -10.03 -101.19
C GLY NB 270 -29.25 -10.62 -100.64
N LEU NB 271 -29.47 -10.45 -99.34
CA LEU NB 271 -30.72 -10.84 -98.68
C LEU NB 271 -31.05 -12.31 -98.95
N GLY NB 272 -30.00 -13.12 -99.04
CA GLY NB 272 -30.13 -14.55 -99.19
C GLY NB 272 -30.27 -15.06 -100.61
N CYS NB 273 -30.39 -14.18 -101.61
CA CYS NB 273 -30.54 -14.63 -102.98
C CYS NB 273 -29.21 -15.14 -103.52
N TYR NB 274 -29.23 -16.32 -104.12
CA TYR NB 274 -28.02 -16.91 -104.70
C TYR NB 274 -28.20 -17.35 -106.14
N ASP NB 275 -29.34 -17.05 -106.75
CA ASP NB 275 -29.51 -17.33 -108.17
C ASP NB 275 -28.56 -16.43 -108.96
N ASN NB 276 -27.79 -17.04 -109.86
CA ASN NB 276 -26.80 -16.27 -110.61
C ASN NB 276 -27.47 -15.23 -111.50
N ALA NB 277 -28.55 -15.62 -112.19
CA ALA NB 277 -29.24 -14.69 -113.07
C ALA NB 277 -29.84 -13.53 -112.28
N ALA NB 278 -30.46 -13.82 -111.14
CA ALA NB 278 -31.03 -12.77 -110.32
C ALA NB 278 -29.93 -11.83 -109.81
N ILE NB 279 -28.80 -12.39 -109.39
CA ILE NB 279 -27.70 -11.58 -108.91
C ILE NB 279 -27.18 -10.67 -110.01
N THR NB 280 -27.03 -11.22 -111.22
CA THR NB 280 -26.55 -10.41 -112.33
C THR NB 280 -27.54 -9.29 -112.66
N ALA NB 281 -28.84 -9.61 -112.66
CA ALA NB 281 -29.84 -8.57 -112.92
C ALA NB 281 -29.77 -7.49 -111.85
N LEU NB 282 -29.56 -7.89 -110.60
CA LEU NB 282 -29.40 -6.92 -109.52
C LEU NB 282 -28.18 -6.05 -109.75
N GLY NB 283 -27.08 -6.67 -110.22
CA GLY NB 283 -25.91 -5.88 -110.54
C GLY NB 283 -26.19 -4.86 -111.63
N LYS NB 284 -26.89 -5.29 -112.67
CA LYS NB 284 -27.23 -4.38 -113.76
C LYS NB 284 -28.07 -3.21 -113.25
N ILE NB 285 -29.09 -3.51 -112.44
CA ILE NB 285 -30.01 -2.46 -112.02
C ILE NB 285 -29.33 -1.51 -111.04
N CYS NB 286 -28.51 -2.04 -110.12
CA CYS NB 286 -27.82 -1.15 -109.21
C CYS NB 286 -26.80 -0.30 -109.95
N ALA NB 287 -26.14 -0.87 -110.96
CA ALA NB 287 -25.18 -0.11 -111.74
C ALA NB 287 -25.88 1.02 -112.49
N ASP NB 288 -27.00 0.73 -113.15
CA ASP NB 288 -27.62 1.76 -113.97
C ASP NB 288 -28.49 2.71 -113.16
N ARG NB 289 -28.81 2.38 -111.91
CA ARG NB 289 -29.51 3.28 -111.03
C ARG NB 289 -28.59 4.00 -110.06
N LEU NB 290 -27.29 3.68 -110.07
CA LEU NB 290 -26.29 4.43 -109.32
C LEU NB 290 -26.58 4.34 -107.81
N ILE NB 291 -26.51 3.10 -107.32
CA ILE NB 291 -26.68 2.78 -105.91
C ILE NB 291 -25.63 1.74 -105.54
N ASP NB 292 -25.53 1.43 -104.26
CA ASP NB 292 -24.54 0.46 -103.82
C ASP NB 292 -25.11 -0.95 -103.83
N GLY NB 293 -24.22 -1.93 -104.01
CA GLY NB 293 -24.61 -3.33 -104.07
C GLY NB 293 -23.86 -4.16 -103.05
N PHE NB 294 -24.56 -5.10 -102.44
CA PHE NB 294 -24.08 -5.89 -101.31
C PHE NB 294 -24.21 -7.37 -101.60
N PHE NB 295 -23.62 -7.82 -102.71
CA PHE NB 295 -23.75 -9.21 -103.12
C PHE NB 295 -22.97 -10.14 -102.20
N ASP NB 296 -23.44 -11.37 -102.11
CA ASP NB 296 -22.83 -12.41 -101.27
C ASP NB 296 -22.74 -13.71 -102.06
N VAL NB 297 -21.79 -14.55 -101.67
CA VAL NB 297 -21.61 -15.84 -102.30
C VAL NB 297 -22.08 -16.91 -101.32
N LYS NB 298 -22.23 -18.13 -101.82
CA LYS NB 298 -22.69 -19.24 -101.01
C LYS NB 298 -21.65 -19.55 -99.93
N PRO NB 299 -21.99 -19.43 -98.65
CA PRO NB 299 -21.02 -19.77 -97.60
C PRO NB 299 -20.62 -21.22 -97.63
N THR NB 300 -21.53 -22.10 -98.06
CA THR NB 300 -21.23 -23.53 -98.12
C THR NB 300 -20.03 -23.79 -99.00
N LEU NB 301 -19.86 -23.01 -100.05
CA LEU NB 301 -18.69 -23.14 -100.90
C LEU NB 301 -17.43 -22.85 -100.09
N THR NB 302 -16.45 -23.73 -100.20
CA THR NB 302 -15.20 -23.51 -99.48
C THR NB 302 -14.39 -22.41 -100.16
N TYR NB 303 -13.40 -21.90 -99.43
CA TYR NB 303 -12.57 -20.81 -99.92
C TYR NB 303 -11.85 -21.17 -101.20
N ALA NB 304 -11.59 -22.46 -101.44
CA ALA NB 304 -10.87 -22.87 -102.65
C ALA NB 304 -11.64 -22.48 -103.90
N GLU NB 305 -12.91 -22.84 -103.96
CA GLU NB 305 -13.77 -22.53 -105.09
C GLU NB 305 -14.51 -21.22 -104.93
N ALA NB 306 -14.38 -20.57 -103.77
CA ALA NB 306 -15.02 -19.27 -103.58
C ALA NB 306 -14.44 -18.24 -104.54
N LEU NB 307 -13.13 -18.27 -104.75
CA LEU NB 307 -12.51 -17.33 -105.67
C LEU NB 307 -13.05 -17.45 -107.10
N PRO NB 308 -13.09 -18.62 -107.72
CA PRO NB 308 -13.65 -18.70 -109.07
C PRO NB 308 -15.11 -18.31 -109.13
N ALA NB 309 -15.83 -18.36 -108.00
CA ALA NB 309 -17.27 -18.13 -108.03
C ALA NB 309 -17.61 -16.75 -108.56
N VAL NB 310 -16.72 -15.77 -108.38
CA VAL NB 310 -17.04 -14.41 -108.80
C VAL NB 310 -17.19 -14.34 -110.31
N GLU NB 311 -16.29 -14.97 -111.06
CA GLU NB 311 -16.47 -15.01 -112.51
C GLU NB 311 -17.42 -16.13 -112.94
N ASP NB 312 -17.63 -17.13 -112.09
CA ASP NB 312 -18.63 -18.14 -112.39
C ASP NB 312 -20.02 -17.53 -112.46
N THR NB 313 -20.33 -16.63 -111.52
CA THR NB 313 -21.58 -15.89 -111.58
C THR NB 313 -21.61 -14.95 -112.77
N GLY NB 314 -20.45 -14.42 -113.17
CA GLY NB 314 -20.35 -13.47 -114.24
C GLY NB 314 -20.30 -12.03 -113.81
N LEU NB 315 -20.14 -11.75 -112.51
CA LEU NB 315 -20.11 -10.38 -112.02
C LEU NB 315 -18.83 -9.66 -112.36
N LEU NB 316 -17.84 -10.35 -112.91
CA LEU NB 316 -16.62 -9.69 -113.35
C LEU NB 316 -16.94 -8.69 -114.45
N GLY NB 317 -16.40 -7.49 -114.32
CA GLY NB 317 -16.61 -6.45 -115.30
C GLY NB 317 -16.48 -5.07 -114.70
N THR NB 318 -16.41 -4.08 -115.58
CA THR NB 318 -16.30 -2.69 -115.15
C THR NB 318 -17.63 -2.06 -114.84
N ASP NB 319 -18.72 -2.55 -115.44
CA ASP NB 319 -20.04 -2.02 -115.13
C ASP NB 319 -20.39 -2.25 -113.67
N TYR NB 320 -20.10 -3.45 -113.17
CA TYR NB 320 -20.34 -3.80 -111.77
C TYR NB 320 -19.21 -3.25 -110.89
N VAL NB 321 -19.11 -1.92 -110.89
CA VAL NB 321 -18.08 -1.24 -110.12
C VAL NB 321 -18.59 -0.83 -108.75
N SER NB 322 -19.86 -0.41 -108.66
CA SER NB 322 -20.38 0.10 -107.40
C SER NB 322 -20.60 -1.01 -106.38
N CYS NB 323 -20.92 -2.22 -106.83
CA CYS NB 323 -21.27 -3.30 -105.92
C CYS NB 323 -20.02 -3.92 -105.31
N SER NB 324 -20.23 -4.69 -104.25
CA SER NB 324 -19.18 -5.46 -103.60
C SER NB 324 -19.71 -6.85 -103.27
N VAL NB 325 -18.87 -7.86 -103.48
CA VAL NB 325 -19.23 -9.25 -103.26
C VAL NB 325 -18.51 -9.75 -102.02
N TYR NB 326 -19.23 -10.51 -101.21
CA TYR NB 326 -18.80 -10.97 -99.90
C TYR NB 326 -18.81 -12.49 -99.79
N HIS NB 327 -18.07 -12.99 -98.80
CA HIS NB 327 -18.06 -14.38 -98.41
C HIS NB 327 -17.88 -14.50 -96.91
N TYR NB 328 -18.55 -15.49 -96.31
CA TYR NB 328 -18.48 -15.73 -94.86
C TYR NB 328 -18.49 -17.22 -94.59
N PRO NB 329 -17.33 -17.80 -94.38
CA PRO NB 329 -17.23 -19.24 -94.05
C PRO NB 329 -17.25 -19.50 -92.55
N PHE NB 330 -18.28 -19.00 -91.87
CA PHE NB 330 -18.35 -19.10 -90.43
C PHE NB 330 -19.77 -19.46 -90.00
N SER NB 331 -19.88 -20.05 -88.83
CA SER NB 331 -21.17 -20.42 -88.25
C SER NB 331 -21.29 -19.81 -86.87
N CYS NB 332 -22.49 -19.31 -86.56
CA CYS NB 332 -22.76 -18.62 -85.30
C CYS NB 332 -23.94 -19.29 -84.59
N LYS NB 333 -24.28 -18.75 -83.42
CA LYS NB 333 -25.39 -19.25 -82.64
C LYS NB 333 -26.65 -18.46 -82.96
N ASP NB 334 -27.76 -19.18 -83.12
CA ASP NB 334 -29.00 -18.57 -83.56
C ASP NB 334 -29.55 -17.59 -82.53
N LYS NB 335 -30.19 -16.53 -83.05
CA LYS NB 335 -30.88 -15.59 -82.19
C LYS NB 335 -32.09 -16.22 -81.52
N TRP NB 336 -32.78 -17.11 -82.21
CA TRP NB 336 -34.04 -17.66 -81.74
C TRP NB 336 -33.98 -19.14 -81.44
N THR NB 337 -33.54 -19.95 -82.41
CA THR NB 337 -33.54 -21.40 -82.25
C THR NB 337 -32.33 -21.90 -81.48
N GLN NB 338 -31.33 -21.06 -81.25
CA GLN NB 338 -30.14 -21.42 -80.49
C GLN NB 338 -29.44 -22.64 -81.08
N SER NB 339 -29.31 -22.64 -82.41
CA SER NB 339 -28.60 -23.68 -83.15
C SER NB 339 -27.41 -23.06 -83.88
N ARG NB 340 -26.78 -23.84 -84.74
CA ARG NB 340 -25.67 -23.36 -85.55
C ARG NB 340 -26.24 -22.87 -86.89
N VAL NB 341 -26.11 -21.57 -87.13
CA VAL NB 341 -26.70 -20.95 -88.32
C VAL NB 341 -25.62 -20.17 -89.05
N VAL NB 342 -25.80 -20.01 -90.36
CA VAL NB 342 -24.84 -19.35 -91.22
C VAL NB 342 -25.57 -18.33 -92.08
N PHE NB 343 -25.05 -17.11 -92.14
CA PHE NB 343 -25.53 -16.11 -93.07
C PHE NB 343 -24.50 -14.99 -93.16
N GLY NB 344 -24.58 -14.23 -94.25
CA GLY NB 344 -23.53 -13.29 -94.60
C GLY NB 344 -23.57 -12.01 -93.78
N LEU NB 345 -22.55 -11.18 -94.02
CA LEU NB 345 -22.39 -9.91 -93.32
C LEU NB 345 -22.64 -8.70 -94.21
N SER NB 346 -23.22 -8.90 -95.40
CA SER NB 346 -23.61 -7.76 -96.21
C SER NB 346 -24.58 -6.86 -95.47
N GLY NB 347 -25.43 -7.45 -94.63
CA GLY NB 347 -26.36 -6.65 -93.85
C GLY NB 347 -25.68 -5.75 -92.85
N VAL NB 348 -24.70 -6.30 -92.12
CA VAL NB 348 -24.00 -5.46 -91.16
C VAL NB 348 -23.13 -4.44 -91.88
N ALA NB 349 -22.64 -4.79 -93.07
CA ALA NB 349 -21.93 -3.80 -93.88
C ALA NB 349 -22.84 -2.63 -94.23
N TYR NB 350 -24.07 -2.94 -94.66
CA TYR NB 350 -25.05 -1.90 -94.90
C TYR NB 350 -25.33 -1.10 -93.63
N ALA NB 351 -25.43 -1.77 -92.49
CA ALA NB 351 -25.71 -1.07 -91.24
C ALA NB 351 -24.57 -0.11 -90.88
N ALA NB 352 -23.33 -0.56 -91.04
CA ALA NB 352 -22.20 0.31 -90.77
C ALA NB 352 -22.18 1.49 -91.71
N LYS NB 353 -22.47 1.26 -92.99
CA LYS NB 353 -22.53 2.38 -93.93
C LYS NB 353 -23.64 3.34 -93.55
N ALA NB 354 -24.79 2.81 -93.12
CA ALA NB 354 -25.89 3.67 -92.71
C ALA NB 354 -25.50 4.51 -91.50
N ARG NB 355 -24.82 3.90 -90.53
CA ARG NB 355 -24.38 4.67 -89.37
C ARG NB 355 -23.40 5.76 -89.79
N GLY NB 356 -22.45 5.41 -90.65
CA GLY NB 356 -21.47 6.38 -91.10
C GLY NB 356 -22.08 7.51 -91.90
N VAL NB 357 -23.12 7.21 -92.69
CA VAL NB 357 -23.73 8.26 -93.49
C VAL NB 357 -24.66 9.12 -92.63
N LYS NB 358 -25.27 8.52 -91.60
CA LYS NB 358 -26.21 9.27 -90.77
C LYS NB 358 -25.50 10.10 -89.73
N LYS NB 359 -24.28 9.73 -89.35
CA LYS NB 359 -23.57 10.50 -88.33
C LYS NB 359 -23.32 11.94 -88.75
N ASN NB 360 -23.32 12.21 -90.05
CA ASN NB 360 -23.26 13.55 -90.58
C ASN NB 360 -24.58 13.87 -91.27
N SER NB 361 -25.00 15.13 -91.19
CA SER NB 361 -26.29 15.53 -91.72
C SER NB 361 -26.19 16.37 -92.98
N ASP NB 362 -25.11 17.13 -93.15
CA ASP NB 362 -25.04 18.06 -94.28
C ASP NB 362 -24.61 17.34 -95.54
N VAL NB 363 -23.51 16.61 -95.49
CA VAL NB 363 -22.97 15.91 -96.65
C VAL NB 363 -22.97 14.41 -96.50
N GLY NB 364 -23.07 13.89 -95.27
CA GLY NB 364 -23.11 12.47 -95.05
C GLY NB 364 -21.73 11.84 -95.00
N GLY NB 365 -21.74 10.52 -94.79
CA GLY NB 365 -20.51 9.80 -94.55
C GLY NB 365 -20.09 8.85 -95.65
N TRP NB 366 -20.36 9.22 -96.91
CA TRP NB 366 -19.86 8.44 -98.03
C TRP NB 366 -18.34 8.46 -98.12
N HIS NB 367 -17.67 9.39 -97.45
CA HIS NB 367 -16.21 9.38 -97.41
C HIS NB 367 -15.69 8.23 -96.58
N TYR NB 368 -16.38 7.88 -95.49
CA TYR NB 368 -15.93 6.78 -94.66
C TYR NB 368 -16.33 5.43 -95.26
N SER NB 369 -15.71 4.38 -94.72
CA SER NB 369 -15.88 3.02 -95.16
C SER NB 369 -16.55 2.20 -94.06
N PRO NB 370 -17.29 1.17 -94.41
CA PRO NB 370 -17.89 0.27 -93.43
C PRO NB 370 -16.93 -0.82 -92.99
N ALA NB 371 -15.74 -0.43 -92.57
CA ALA NB 371 -14.69 -1.38 -92.24
C ALA NB 371 -14.10 -1.05 -90.87
N GLY NB 372 -13.62 -2.08 -90.19
CA GLY NB 372 -13.01 -1.92 -88.89
C GLY NB 372 -14.02 -1.95 -87.76
N GLU NB 373 -13.52 -2.24 -86.56
CA GLU NB 373 -14.36 -2.29 -85.37
C GLU NB 373 -14.88 -0.92 -84.97
N GLU NB 374 -14.31 0.15 -85.49
CA GLU NB 374 -14.82 1.49 -85.20
C GLU NB 374 -16.22 1.66 -85.75
N ARG NB 375 -16.50 1.07 -86.91
CA ARG NB 375 -17.81 1.17 -87.54
C ARG NB 375 -18.46 -0.19 -87.75
N ALA NB 376 -17.73 -1.15 -88.28
CA ALA NB 376 -18.28 -2.44 -88.68
C ALA NB 376 -18.09 -3.45 -87.55
N VAL NB 377 -19.17 -3.74 -86.83
CA VAL NB 377 -19.15 -4.74 -85.75
C VAL NB 377 -20.41 -5.58 -85.86
N ILE NB 378 -20.25 -6.90 -85.77
CA ILE NB 378 -21.41 -7.79 -85.75
C ILE NB 378 -21.37 -8.70 -84.52
N ALA NB 379 -20.32 -9.52 -84.40
CA ALA NB 379 -20.11 -10.41 -83.26
C ALA NB 379 -21.40 -11.11 -82.84
N ARG NB 380 -21.94 -11.91 -83.76
CA ARG NB 380 -23.24 -12.53 -83.51
C ARG NB 380 -23.20 -13.43 -82.29
N ALA NB 381 -22.50 -14.57 -82.39
CA ALA NB 381 -22.27 -15.45 -81.25
C ALA NB 381 -21.34 -16.59 -81.62
N SER NB 382 -20.34 -16.85 -80.78
CA SER NB 382 -19.47 -18.03 -80.88
C SER NB 382 -19.06 -18.31 -82.32
N ILE NB 383 -18.39 -17.34 -82.92
CA ILE NB 383 -18.02 -17.44 -84.33
C ILE NB 383 -16.93 -18.49 -84.49
N GLN NB 384 -17.16 -19.44 -85.40
CA GLN NB 384 -16.16 -20.42 -85.76
C GLN NB 384 -16.27 -20.71 -87.25
N PRO NB 385 -15.15 -21.04 -87.89
CA PRO NB 385 -15.20 -21.33 -89.33
C PRO NB 385 -15.97 -22.60 -89.61
N LEU NB 386 -16.57 -22.65 -90.79
CA LEU NB 386 -17.19 -23.89 -91.25
C LEU NB 386 -16.14 -24.97 -91.48
N TYR NB 387 -15.03 -24.63 -92.11
CA TYR NB 387 -14.00 -25.60 -92.47
C TYR NB 387 -12.65 -25.07 -92.00
N PRO NB 388 -11.95 -25.76 -91.10
CA PRO NB 388 -10.65 -25.27 -90.61
C PRO NB 388 -9.49 -25.59 -91.52
N GLU NB 389 -9.69 -26.43 -92.54
CA GLU NB 389 -8.56 -26.87 -93.35
C GLU NB 389 -8.07 -25.76 -94.28
N ASP NB 390 -9.00 -25.01 -94.88
CA ASP NB 390 -8.62 -24.03 -95.87
C ASP NB 390 -8.24 -22.70 -95.21
N THR NB 391 -7.35 -21.98 -95.88
CA THR NB 391 -6.83 -20.71 -95.40
C THR NB 391 -6.97 -19.66 -96.50
N PRO NB 392 -7.17 -18.40 -96.13
CA PRO NB 392 -7.25 -17.35 -97.15
C PRO NB 392 -5.89 -17.01 -97.72
N ASP NB 393 -5.91 -16.31 -98.84
CA ASP NB 393 -4.70 -15.88 -99.52
C ASP NB 393 -4.87 -14.44 -99.99
N GLU NB 394 -4.02 -13.55 -99.47
CA GLU NB 394 -4.18 -12.12 -99.71
C GLU NB 394 -4.22 -11.80 -101.20
N GLU NB 395 -3.28 -12.37 -101.95
CA GLU NB 395 -3.26 -12.13 -103.40
C GLU NB 395 -4.54 -12.67 -104.03
N ALA NB 396 -5.05 -13.79 -103.53
CA ALA NB 396 -6.28 -14.35 -104.06
C ALA NB 396 -7.45 -13.39 -103.87
N MET NB 397 -7.62 -12.88 -102.64
CA MET NB 397 -8.72 -11.96 -102.41
C MET NB 397 -8.54 -10.69 -103.22
N VAL NB 398 -7.32 -10.15 -103.30
CA VAL NB 398 -7.16 -8.87 -103.97
C VAL NB 398 -7.39 -9.02 -105.47
N LYS NB 399 -7.02 -10.17 -106.04
CA LYS NB 399 -7.30 -10.38 -107.44
C LYS NB 399 -8.78 -10.61 -107.69
N GLY NB 400 -9.42 -11.39 -106.83
CA GLY NB 400 -10.82 -11.69 -107.00
C GLY NB 400 -11.78 -10.68 -106.41
N ARG NB 401 -11.26 -9.56 -105.90
CA ARG NB 401 -12.08 -8.49 -105.36
C ARG NB 401 -12.97 -8.99 -104.21
N LEU NB 402 -12.44 -9.90 -103.41
CA LEU NB 402 -13.19 -10.49 -102.31
C LEU NB 402 -12.75 -9.83 -101.00
N ASN NB 403 -13.71 -9.66 -100.10
CA ASN NB 403 -13.49 -8.96 -98.84
C ASN NB 403 -13.26 -9.99 -97.73
N LYS NB 404 -12.12 -9.87 -97.05
CA LYS NB 404 -11.76 -10.77 -95.97
C LYS NB 404 -12.23 -10.21 -94.63
N VAL NB 405 -12.40 -11.12 -93.66
CA VAL NB 405 -12.98 -10.79 -92.38
C VAL NB 405 -11.87 -10.62 -91.34
N SER NB 406 -12.24 -10.17 -90.15
CA SER NB 406 -11.29 -10.09 -89.04
C SER NB 406 -12.07 -10.04 -87.73
N VAL NB 407 -11.34 -9.92 -86.62
CA VAL NB 407 -11.91 -9.68 -85.31
C VAL NB 407 -11.18 -8.49 -84.71
N GLY NB 408 -11.92 -7.64 -84.00
CA GLY NB 408 -11.39 -6.40 -83.52
C GLY NB 408 -10.50 -6.56 -82.30
N THR NB 409 -9.93 -5.43 -81.87
CA THR NB 409 -9.07 -5.43 -80.69
C THR NB 409 -9.84 -5.85 -79.45
N SER NB 410 -11.13 -5.53 -79.37
CA SER NB 410 -11.95 -5.93 -78.25
C SER NB 410 -12.52 -7.34 -78.40
N GLY NB 411 -12.36 -7.95 -79.56
CA GLY NB 411 -12.82 -9.31 -79.77
C GLY NB 411 -14.15 -9.48 -80.47
N GLN NB 412 -14.62 -8.48 -81.20
CA GLN NB 412 -15.89 -8.57 -81.91
C GLN NB 412 -15.64 -8.85 -83.39
N MET NB 413 -16.55 -9.62 -83.98
CA MET NB 413 -16.38 -10.02 -85.37
C MET NB 413 -16.63 -8.84 -86.28
N ILE NB 414 -15.68 -8.55 -87.17
CA ILE NB 414 -15.73 -7.35 -88.01
C ILE NB 414 -15.35 -7.71 -89.44
N ILE NB 415 -15.63 -6.77 -90.34
CA ILE NB 415 -15.14 -6.79 -91.71
C ILE NB 415 -14.10 -5.70 -91.83
N ASP NB 416 -12.87 -6.10 -92.12
CA ASP NB 416 -11.77 -5.15 -92.32
C ASP NB 416 -11.49 -4.91 -93.80
N ASP NB 417 -12.51 -4.56 -94.58
CA ASP NB 417 -12.32 -4.37 -96.01
C ASP NB 417 -13.25 -3.30 -96.54
N ALA NB 418 -12.81 -2.65 -97.61
CA ALA NB 418 -13.56 -1.59 -98.28
C ALA NB 418 -13.44 -1.75 -99.79
N LEU NB 419 -13.45 -3.00 -100.26
CA LEU NB 419 -13.18 -3.30 -101.66
C LEU NB 419 -14.48 -3.63 -102.38
N THR NB 420 -14.69 -2.99 -103.52
CA THR NB 420 -15.88 -3.19 -104.34
C THR NB 420 -15.61 -4.26 -105.39
N CYS NB 421 -16.54 -4.43 -106.32
CA CYS NB 421 -16.39 -5.37 -107.42
C CYS NB 421 -15.71 -4.73 -108.63
N CYS NB 422 -15.02 -3.61 -108.43
CA CYS NB 422 -14.30 -2.95 -109.51
C CYS NB 422 -13.11 -3.81 -109.90
N THR NB 423 -13.29 -4.63 -110.94
CA THR NB 423 -12.26 -5.58 -111.33
C THR NB 423 -10.97 -4.88 -111.72
N GLN NB 424 -11.08 -3.81 -112.49
CA GLN NB 424 -9.90 -3.04 -112.88
C GLN NB 424 -9.25 -2.42 -111.65
N ASP NB 425 -7.93 -2.38 -111.64
CA ASP NB 425 -7.16 -2.01 -110.47
C ASP NB 425 -6.96 -0.50 -110.35
N ASN NB 426 -7.80 0.29 -110.98
CA ASN NB 426 -7.71 1.74 -110.91
C ASN NB 426 -8.21 2.21 -109.55
N TYR NB 427 -8.30 3.53 -109.37
CA TYR NB 427 -8.74 4.07 -108.09
C TYR NB 427 -10.19 3.75 -107.78
N LEU NB 428 -10.96 3.28 -108.77
CA LEU NB 428 -12.37 2.96 -108.52
C LEU NB 428 -12.56 1.70 -107.71
N HIS NB 429 -11.51 0.91 -107.50
CA HIS NB 429 -11.61 -0.29 -106.69
C HIS NB 429 -11.90 0.01 -105.22
N PHE NB 430 -11.74 1.26 -104.79
CA PHE NB 430 -12.08 1.64 -103.43
C PHE NB 430 -13.59 1.74 -103.27
N GLN NB 431 -14.01 2.13 -102.06
CA GLN NB 431 -15.43 2.32 -101.78
C GLN NB 431 -15.83 3.78 -101.65
N HIS NB 432 -14.93 4.64 -101.16
CA HIS NB 432 -15.28 6.04 -101.01
C HIS NB 432 -15.40 6.73 -102.37
N VAL NB 433 -14.56 6.34 -103.33
CA VAL NB 433 -14.66 6.94 -104.67
C VAL NB 433 -16.02 6.67 -105.30
N PRO NB 434 -16.48 5.41 -105.44
CA PRO NB 434 -17.82 5.22 -106.03
C PRO NB 434 -18.89 5.95 -105.27
N SER NB 435 -18.83 5.92 -103.94
CA SER NB 435 -19.83 6.61 -103.15
C SER NB 435 -19.78 8.11 -103.39
N LEU NB 436 -18.57 8.68 -103.51
CA LEU NB 436 -18.49 10.12 -103.64
C LEU NB 436 -19.06 10.59 -104.96
N MET NB 437 -18.71 9.92 -106.08
CA MET NB 437 -19.32 10.50 -107.27
C MET NB 437 -20.77 10.10 -107.39
N ASN NB 438 -21.20 9.00 -106.77
CA ASN NB 438 -22.63 8.72 -106.73
C ASN NB 438 -23.38 9.82 -106.00
N ALA NB 439 -22.84 10.27 -104.87
CA ALA NB 439 -23.47 11.36 -104.13
C ALA NB 439 -23.51 12.63 -104.95
N ILE NB 440 -22.38 13.00 -105.56
CA ILE NB 440 -22.35 14.27 -106.30
C ILE NB 440 -23.27 14.19 -107.51
N SER NB 441 -23.38 13.01 -108.13
CA SER NB 441 -24.33 12.84 -109.22
C SER NB 441 -25.75 12.99 -108.73
N ARG NB 442 -26.05 12.49 -107.53
CA ARG NB 442 -27.38 12.70 -106.96
C ARG NB 442 -27.65 14.17 -106.73
N PHE NB 443 -26.64 14.90 -106.22
CA PHE NB 443 -26.78 16.34 -106.09
C PHE NB 443 -27.10 16.96 -107.44
N PHE NB 444 -26.40 16.52 -108.47
CA PHE NB 444 -26.68 16.99 -109.82
C PHE NB 444 -28.10 16.63 -110.22
N VAL NB 445 -28.60 15.50 -109.71
CA VAL NB 445 -29.98 15.12 -110.00
C VAL NB 445 -30.94 16.17 -109.49
N GLN NB 446 -30.79 16.58 -108.23
CA GLN NB 446 -31.79 17.57 -107.78
C GLN NB 446 -31.51 18.95 -108.37
N LEU NB 447 -30.26 19.28 -108.65
CA LEU NB 447 -30.01 20.61 -109.20
C LEU NB 447 -30.58 20.70 -110.62
N ALA NB 448 -30.36 19.64 -111.42
CA ALA NB 448 -31.04 19.53 -112.71
C ALA NB 448 -32.55 19.54 -112.51
N ARG NB 449 -33.07 18.74 -111.58
CA ARG NB 449 -34.49 18.77 -111.20
C ARG NB 449 -35.05 20.18 -111.09
N GLN NB 450 -34.37 21.03 -110.34
CA GLN NB 450 -34.83 22.40 -110.17
C GLN NB 450 -34.60 23.26 -111.40
N MET NB 451 -33.61 22.92 -112.22
CA MET NB 451 -33.38 23.77 -113.38
C MET NB 451 -34.03 23.28 -114.67
N LYS NB 452 -34.79 22.19 -114.65
CA LYS NB 452 -35.49 21.82 -115.89
C LYS NB 452 -36.40 22.95 -116.37
N HIS NB 453 -36.58 22.98 -117.69
CA HIS NB 453 -37.68 23.72 -118.30
C HIS NB 453 -37.60 25.21 -118.01
N SER NB 454 -36.58 25.60 -117.27
CA SER NB 454 -36.40 26.96 -116.82
C SER NB 454 -35.93 27.87 -117.96
N PRO NB 455 -36.47 29.07 -118.08
CA PRO NB 455 -35.99 29.99 -119.11
C PRO NB 455 -34.52 30.30 -118.93
N ASP NB 456 -33.81 30.38 -120.04
CA ASP NB 456 -32.37 30.53 -120.04
C ASP NB 456 -31.96 31.93 -119.59
N GLY NB 457 -30.66 32.09 -119.39
CA GLY NB 457 -30.09 33.39 -119.11
C GLY NB 457 -29.42 33.52 -117.77
N ILE NB 458 -30.02 32.93 -116.74
CA ILE NB 458 -29.51 33.09 -115.38
C ILE NB 458 -29.36 31.73 -114.74
N THR NB 459 -30.01 30.73 -115.33
CA THR NB 459 -29.97 29.38 -114.76
C THR NB 459 -28.55 28.85 -114.72
N ALA NB 460 -27.79 29.09 -115.79
CA ALA NB 460 -26.40 28.65 -115.81
C ALA NB 460 -25.63 29.24 -114.64
N ALA NB 461 -25.80 30.55 -114.40
CA ALA NB 461 -25.07 31.19 -113.32
C ALA NB 461 -25.50 30.66 -111.95
N GLY NB 462 -26.81 30.48 -111.75
CA GLY NB 462 -27.28 29.95 -110.49
C GLY NB 462 -26.73 28.57 -110.21
N LEU NB 463 -26.71 27.71 -111.24
CA LEU NB 463 -26.07 26.42 -111.09
C LEU NB 463 -24.59 26.57 -110.79
N THR NB 464 -23.92 27.56 -111.39
CA THR NB 464 -22.50 27.73 -111.09
C THR NB 464 -22.28 28.00 -109.61
N LYS NB 465 -23.01 28.96 -109.04
CA LYS NB 465 -22.85 29.23 -107.62
C LYS NB 465 -23.25 28.03 -106.77
N GLY NB 466 -24.33 27.33 -107.13
CA GLY NB 466 -24.69 26.13 -106.38
C GLY NB 466 -23.55 25.12 -106.37
N MET NB 467 -22.94 24.92 -107.54
CA MET NB 467 -21.85 23.95 -107.66
C MET NB 467 -20.68 24.35 -106.77
N THR NB 468 -20.28 25.62 -106.86
CA THR NB 468 -19.13 26.07 -106.07
C THR NB 468 -19.41 25.91 -104.59
N LYS NB 469 -20.59 26.32 -104.12
CA LYS NB 469 -20.87 26.22 -102.69
C LYS NB 469 -20.92 24.77 -102.22
N LEU NB 470 -21.47 23.87 -103.04
CA LEU NB 470 -21.56 22.50 -102.57
C LEU NB 470 -20.20 21.81 -102.58
N LEU NB 471 -19.37 22.09 -103.60
CA LEU NB 471 -17.99 21.61 -103.55
C LEU NB 471 -17.23 22.22 -102.38
N ASP NB 472 -17.52 23.47 -102.04
CA ASP NB 472 -16.86 24.10 -100.91
C ASP NB 472 -17.22 23.40 -99.61
N ARG NB 473 -18.49 23.05 -99.43
CA ARG NB 473 -18.82 22.33 -98.21
C ARG NB 473 -18.26 20.91 -98.26
N PHE NB 474 -18.10 20.33 -99.45
CA PHE NB 474 -17.43 19.06 -99.58
C PHE NB 474 -16.00 19.12 -99.07
N VAL NB 475 -15.23 20.09 -99.56
CA VAL NB 475 -13.83 20.19 -99.15
C VAL NB 475 -13.75 20.56 -97.67
N ALA NB 476 -14.69 21.38 -97.18
CA ALA NB 476 -14.71 21.68 -95.76
C ALA NB 476 -14.95 20.43 -94.94
N SER NB 477 -15.84 19.55 -95.40
CA SER NB 477 -16.00 18.24 -94.79
C SER NB 477 -14.77 17.38 -94.97
N GLY NB 478 -13.90 17.72 -95.93
CA GLY NB 478 -12.74 16.92 -96.22
C GLY NB 478 -12.98 15.80 -97.19
N ALA NB 479 -14.23 15.62 -97.64
CA ALA NB 479 -14.52 14.60 -98.63
C ALA NB 479 -13.77 14.84 -99.93
N LEU NB 480 -13.36 16.07 -100.18
CA LEU NB 480 -12.53 16.42 -101.32
C LEU NB 480 -11.29 17.15 -100.82
N VAL NB 481 -10.14 16.82 -101.41
CA VAL NB 481 -8.86 17.38 -100.98
C VAL NB 481 -8.13 17.96 -102.18
N ALA NB 482 -7.20 18.85 -101.89
CA ALA NB 482 -6.39 19.46 -102.93
C ALA NB 482 -5.42 18.43 -103.53
N PRO NB 483 -5.06 18.59 -104.79
CA PRO NB 483 -4.17 17.61 -105.43
C PRO NB 483 -2.79 17.59 -104.77
N ARG NB 484 -2.20 16.39 -104.74
CA ARG NB 484 -0.88 16.23 -104.15
C ARG NB 484 0.24 16.72 -105.05
N ASP NB 485 0.00 16.80 -106.35
CA ASP NB 485 1.02 17.28 -107.28
C ASP NB 485 0.65 18.66 -107.79
N PRO NB 486 1.35 19.71 -107.35
CA PRO NB 486 1.04 21.05 -107.85
C PRO NB 486 1.48 21.27 -109.29
N ASP NB 487 2.50 20.56 -109.76
CA ASP NB 487 3.02 20.80 -111.10
C ASP NB 487 1.96 20.49 -112.17
N ALA NB 488 1.40 19.29 -112.12
CA ALA NB 488 0.44 18.85 -113.14
C ALA NB 488 -1.00 19.02 -112.67
N ASP NB 489 -1.34 18.41 -111.54
CA ASP NB 489 -2.70 18.48 -111.04
C ASP NB 489 -3.00 19.78 -110.31
N GLY NB 490 -2.00 20.62 -110.08
CA GLY NB 490 -2.24 21.86 -109.37
C GLY NB 490 -2.46 21.61 -107.89
N THR NB 491 -3.01 22.62 -107.23
CA THR NB 491 -3.36 22.55 -105.82
C THR NB 491 -4.74 23.17 -105.62
N GLU NB 492 -5.68 22.78 -106.47
CA GLU NB 492 -7.03 23.28 -106.40
C GLU NB 492 -7.94 22.06 -106.46
N PRO NB 493 -8.86 21.92 -105.52
CA PRO NB 493 -9.62 20.66 -105.41
C PRO NB 493 -10.58 20.40 -106.57
N TYR NB 494 -11.39 21.39 -106.94
CA TYR NB 494 -12.48 21.16 -107.87
C TYR NB 494 -12.47 22.23 -108.96
N VAL NB 495 -12.54 21.80 -110.21
CA VAL NB 495 -12.62 22.74 -111.33
C VAL NB 495 -13.96 22.52 -112.01
N LEU NB 496 -14.61 23.63 -112.37
CA LEU NB 496 -15.91 23.63 -113.01
C LEU NB 496 -15.85 24.40 -114.31
N LYS NB 497 -16.65 23.96 -115.29
CA LYS NB 497 -16.78 24.70 -116.53
C LYS NB 497 -18.17 24.47 -117.10
N VAL NB 498 -18.77 25.53 -117.62
CA VAL NB 498 -20.09 25.47 -118.23
C VAL NB 498 -20.02 26.16 -119.58
N THR NB 499 -20.57 25.51 -120.60
CA THR NB 499 -20.60 26.04 -121.95
C THR NB 499 -22.00 25.87 -122.53
N GLN NB 500 -22.31 26.68 -123.52
CA GLN NB 500 -23.56 26.61 -124.27
C GLN NB 500 -23.25 26.61 -125.75
N ALA NB 501 -24.08 25.93 -126.54
CA ALA NB 501 -23.89 25.87 -127.98
C ALA NB 501 -25.03 26.50 -128.76
N GLU NB 502 -26.27 26.10 -128.49
CA GLU NB 502 -27.41 26.63 -129.22
C GLU NB 502 -28.63 26.63 -128.29
N PHE NB 503 -29.82 26.73 -128.89
CA PHE NB 503 -31.09 26.54 -128.17
C PHE NB 503 -30.99 25.37 -127.20
N ASP NB 504 -30.28 24.33 -127.59
CA ASP NB 504 -29.96 23.22 -126.71
C ASP NB 504 -28.44 23.03 -126.72
N LYS NB 505 -28.00 21.90 -126.15
CA LYS NB 505 -26.59 21.51 -126.13
C LYS NB 505 -25.73 22.53 -125.38
N TRP NB 506 -26.02 22.62 -124.08
CA TRP NB 506 -25.09 23.18 -123.12
C TRP NB 506 -24.54 22.03 -122.28
N GLU NB 507 -23.31 22.21 -121.80
CA GLU NB 507 -22.62 21.17 -121.06
C GLU NB 507 -21.98 21.74 -119.81
N VAL NB 508 -22.01 20.95 -118.74
CA VAL NB 508 -21.30 21.24 -117.51
C VAL NB 508 -20.31 20.12 -117.27
N VAL NB 509 -19.08 20.49 -116.94
CA VAL NB 509 -18.01 19.53 -116.66
C VAL NB 509 -17.35 19.94 -115.35
N TRP NB 510 -16.95 18.93 -114.59
CA TRP NB 510 -16.33 19.12 -113.28
C TRP NB 510 -15.23 18.08 -113.10
N ALA NB 511 -14.14 18.50 -112.45
CA ALA NB 511 -13.05 17.60 -112.12
C ALA NB 511 -12.68 17.77 -110.65
N CYS NB 512 -12.37 16.64 -110.00
CA CYS NB 512 -12.06 16.63 -108.58
C CYS NB 512 -10.79 15.80 -108.35
N CYS NB 513 -10.47 15.56 -107.09
CA CYS NB 513 -9.23 14.92 -106.68
C CYS NB 513 -9.50 13.79 -105.69
N PRO NB 514 -8.77 12.68 -105.81
CA PRO NB 514 -8.96 11.58 -104.85
C PRO NB 514 -8.43 11.94 -103.47
N THR NB 515 -8.99 11.25 -102.49
CA THR NB 515 -8.64 11.47 -101.08
C THR NB 515 -8.14 10.16 -100.47
N GLY NB 516 -7.12 10.26 -99.64
CA GLY NB 516 -6.54 9.08 -99.03
C GLY NB 516 -7.39 8.54 -97.90
N VAL NB 517 -7.28 7.23 -97.67
CA VAL NB 517 -8.00 6.55 -96.61
C VAL NB 517 -7.02 5.76 -95.76
N ALA NB 518 -5.78 5.64 -96.25
CA ALA NB 518 -4.71 4.91 -95.57
C ALA NB 518 -5.10 3.45 -95.33
N ARG NB 519 -5.27 2.73 -96.43
CA ARG NB 519 -5.64 1.32 -96.34
C ARG NB 519 -4.48 0.48 -95.81
N ARG NB 520 -3.37 0.46 -96.54
CA ARG NB 520 -2.26 -0.43 -96.23
C ARG NB 520 -1.18 0.34 -95.48
N ILE NB 521 -0.82 -0.16 -94.30
CA ILE NB 521 0.19 0.45 -93.45
C ILE NB 521 1.09 -0.65 -92.90
N GLN NB 522 2.40 -0.47 -93.05
CA GLN NB 522 3.37 -1.45 -92.60
C GLN NB 522 4.33 -0.80 -91.60
N GLY NB 523 4.68 -1.55 -90.56
CA GLY NB 523 5.57 -1.06 -89.53
C GLY NB 523 6.84 -1.88 -89.46
N VAL NB 524 7.93 -1.22 -89.06
CA VAL NB 524 9.23 -1.86 -89.02
C VAL NB 524 9.89 -1.67 -87.66
N PRO NB 525 10.45 -2.72 -87.08
CA PRO NB 525 11.14 -2.60 -85.79
C PRO NB 525 12.63 -2.34 -85.96
N LEU NB 526 13.26 -1.97 -84.87
CA LEU NB 526 14.71 -1.80 -84.85
C LEU NB 526 15.19 -1.85 -83.41
N LEU NB 527 16.43 -2.30 -83.24
CA LEU NB 527 17.10 -2.28 -81.95
C LEU NB 527 18.03 -1.08 -81.90
N ILE NB 528 17.94 -0.31 -80.81
CA ILE NB 528 18.81 0.84 -80.65
C ILE NB 528 20.24 0.44 -80.33
N LYS NB 529 20.48 -0.84 -80.07
CA LYS NB 529 21.80 -1.38 -79.76
C LYS NB 529 22.32 -0.82 -78.44
N SER OB 2 -38.34 2.68 -111.17
CA SER OB 2 -38.91 3.37 -112.30
C SER OB 2 -37.84 4.08 -113.13
N GLN OB 3 -37.89 5.41 -113.12
CA GLN OB 3 -37.00 6.23 -113.92
C GLN OB 3 -35.73 6.63 -113.18
N TYR OB 4 -35.56 6.19 -111.93
CA TYR OB 4 -34.37 6.56 -111.18
C TYR OB 4 -33.11 6.02 -111.84
N SER OB 5 -33.20 4.90 -112.54
CA SER OB 5 -32.08 4.41 -113.31
C SER OB 5 -31.72 5.43 -114.39
N ILE OB 6 -30.43 5.72 -114.52
CA ILE OB 6 -29.94 6.74 -115.43
C ILE OB 6 -29.07 6.08 -116.48
N GLN OB 7 -29.30 6.43 -117.74
CA GLN OB 7 -28.47 5.98 -118.83
C GLN OB 7 -27.29 6.92 -118.99
N GLN OB 8 -26.36 6.57 -119.87
CA GLN OB 8 -25.18 7.39 -120.09
C GLN OB 8 -25.31 8.33 -121.28
N SER OB 9 -26.22 8.04 -122.20
CA SER OB 9 -26.36 8.82 -123.44
C SER OB 9 -27.70 9.54 -123.43
N LEU OB 10 -27.66 10.83 -123.77
CA LEU OB 10 -28.88 11.61 -123.83
C LEU OB 10 -29.73 11.18 -125.02
N GLY OB 11 -31.04 11.28 -124.85
CA GLY OB 11 -31.95 10.94 -125.92
C GLY OB 11 -32.34 12.13 -126.75
N ASN OB 12 -33.64 12.30 -126.98
CA ASN OB 12 -34.15 13.43 -127.74
C ASN OB 12 -35.11 14.31 -126.97
N ALA OB 13 -35.58 13.87 -125.81
CA ALA OB 13 -36.53 14.61 -125.01
C ALA OB 13 -35.91 14.95 -123.66
N SER OB 14 -36.72 15.54 -122.78
CA SER OB 14 -36.28 15.92 -121.45
C SER OB 14 -36.10 14.65 -120.63
N GLY OB 15 -34.85 14.20 -120.50
CA GLY OB 15 -34.53 12.98 -119.77
C GLY OB 15 -33.39 13.21 -118.80
N VAL OB 16 -33.00 12.11 -118.14
CA VAL OB 16 -31.91 12.12 -117.17
C VAL OB 16 -30.82 11.18 -117.68
N ALA OB 17 -29.67 11.75 -118.02
CA ALA OB 17 -28.54 10.98 -118.51
C ALA OB 17 -27.27 11.78 -118.29
N VAL OB 18 -26.25 11.15 -117.73
CA VAL OB 18 -24.96 11.78 -117.51
C VAL OB 18 -23.88 10.87 -118.06
N SER OB 19 -22.72 11.46 -118.34
CA SER OB 19 -21.61 10.70 -118.88
C SER OB 19 -21.08 9.73 -117.84
N PRO OB 20 -20.49 8.61 -118.28
CA PRO OB 20 -19.84 7.72 -117.34
C PRO OB 20 -18.61 8.37 -116.73
N ILE OB 21 -18.28 7.93 -115.51
CA ILE OB 21 -17.11 8.45 -114.82
C ILE OB 21 -15.85 8.00 -115.55
N ASN OB 22 -14.90 8.92 -115.69
CA ASN OB 22 -13.62 8.61 -116.29
C ASN OB 22 -12.53 9.39 -115.54
N ALA OB 23 -11.31 8.88 -115.65
CA ALA OB 23 -10.15 9.46 -114.97
C ALA OB 23 -9.07 9.92 -115.93
N ASP OB 24 -8.77 9.14 -116.96
CA ASP OB 24 -7.69 9.48 -117.89
C ASP OB 24 -8.21 10.47 -118.93
N ALA OB 25 -8.44 11.69 -118.45
CA ALA OB 25 -8.91 12.77 -119.31
C ALA OB 25 -8.41 14.09 -118.74
N THR OB 26 -8.33 15.10 -119.60
CA THR OB 26 -7.85 16.41 -119.23
C THR OB 26 -8.95 17.45 -119.41
N LEU OB 27 -8.80 18.56 -118.70
CA LEU OB 27 -9.76 19.64 -118.72
C LEU OB 27 -9.03 20.97 -118.88
N SER OB 28 -9.63 21.87 -119.65
CA SER OB 28 -9.03 23.15 -119.97
C SER OB 28 -9.98 24.28 -119.60
N THR OB 29 -9.45 25.32 -118.97
CA THR OB 29 -10.20 26.51 -118.63
C THR OB 29 -9.35 27.73 -118.92
N GLY OB 30 -9.98 28.88 -118.93
CA GLY OB 30 -9.26 30.13 -119.07
C GLY OB 30 -10.10 31.18 -119.77
N VAL OB 31 -9.61 32.41 -119.74
CA VAL OB 31 -10.22 33.55 -120.41
C VAL OB 31 -9.12 34.30 -121.15
N ALA OB 32 -9.33 34.52 -122.44
CA ALA OB 32 -8.33 35.19 -123.26
C ALA OB 32 -8.32 36.69 -123.00
N LEU OB 33 -7.15 37.30 -123.20
CA LEU OB 33 -6.98 38.75 -123.07
C LEU OB 33 -7.44 39.51 -124.31
N ASN OB 34 -7.73 38.81 -125.41
CA ASN OB 34 -8.34 39.34 -126.63
C ASN OB 34 -7.81 40.72 -127.05
N SER OB 35 -6.50 40.91 -126.98
CA SER OB 35 -5.89 42.13 -127.49
C SER OB 35 -4.63 41.89 -128.30
N SER OB 36 -4.05 40.69 -128.26
CA SER OB 36 -2.85 40.38 -129.02
C SER OB 36 -3.02 39.05 -129.71
N LEU OB 37 -2.29 38.86 -130.80
CA LEU OB 37 -2.42 37.65 -131.59
C LEU OB 37 -1.07 37.08 -131.96
N TRP OB 38 -1.00 35.76 -131.92
CA TRP OB 38 0.20 35.02 -132.25
C TRP OB 38 -0.16 33.91 -133.23
N ALA OB 39 0.79 33.61 -134.11
CA ALA OB 39 0.62 32.56 -135.10
C ALA OB 39 1.99 32.01 -135.44
N GLY OB 40 2.00 30.81 -136.00
CA GLY OB 40 3.25 30.21 -136.41
C GLY OB 40 3.06 28.79 -136.86
N ILE OB 41 4.15 28.22 -137.35
CA ILE OB 41 4.16 26.82 -137.77
C ILE OB 41 4.33 25.93 -136.55
N GLY OB 42 3.66 24.79 -136.56
CA GLY OB 42 3.86 23.80 -135.53
C GLY OB 42 3.60 22.41 -136.04
N VAL OB 43 4.35 21.45 -135.52
CA VAL OB 43 4.12 20.05 -135.80
C VAL OB 43 3.07 19.57 -134.79
N PHE OB 44 1.90 19.22 -135.30
CA PHE OB 44 0.81 18.82 -134.43
C PHE OB 44 0.09 17.61 -135.01
N ALA OB 45 -1.04 17.26 -134.42
CA ALA OB 45 -1.87 16.18 -134.90
C ALA OB 45 -3.29 16.69 -135.10
N ARG OB 46 -4.02 16.04 -136.00
CA ARG OB 46 -5.42 16.35 -136.28
C ARG OB 46 -5.60 17.74 -136.89
N GLY OB 47 -6.79 18.02 -137.40
CA GLY OB 47 -7.04 19.26 -138.10
C GLY OB 47 -6.58 19.20 -139.54
N LYS OB 48 -6.88 20.27 -140.26
CA LYS OB 48 -6.50 20.34 -141.66
C LYS OB 48 -5.04 20.78 -141.78
N PRO OB 49 -4.17 19.97 -142.35
CA PRO OB 49 -2.78 20.39 -142.53
C PRO OB 49 -2.66 21.47 -143.59
N PHE OB 50 -1.55 22.20 -143.52
CA PHE OB 50 -1.25 23.26 -144.49
C PHE OB 50 -2.38 24.26 -144.59
N THR OB 51 -2.91 24.67 -143.44
CA THR OB 51 -3.97 25.66 -143.38
C THR OB 51 -3.91 26.37 -142.04
N VAL OB 52 -3.84 27.70 -142.07
CA VAL OB 52 -3.92 28.47 -140.84
C VAL OB 52 -5.27 28.21 -140.18
N LEU OB 53 -5.24 28.03 -138.86
CA LEU OB 53 -6.42 27.68 -138.10
C LEU OB 53 -6.38 28.48 -136.81
N ALA OB 54 -7.48 29.18 -136.52
CA ALA OB 54 -7.61 29.91 -135.27
C ALA OB 54 -7.96 28.94 -134.16
N VAL OB 55 -7.17 28.95 -133.11
CA VAL OB 55 -7.33 28.03 -131.98
C VAL OB 55 -7.59 28.86 -130.73
N THR OB 56 -8.69 28.55 -130.06
CA THR OB 56 -9.10 29.32 -128.89
C THR OB 56 -8.33 28.88 -127.65
N GLU OB 57 -8.42 29.71 -126.61
CA GLU OB 57 -7.72 29.44 -125.37
C GLU OB 57 -8.32 28.27 -124.58
N SER OB 58 -9.47 27.75 -124.99
CA SER OB 58 -10.13 26.68 -124.25
C SER OB 58 -10.32 25.42 -125.09
N ASN OB 59 -10.87 25.56 -126.29
CA ASN OB 59 -11.13 24.42 -127.16
C ASN OB 59 -9.84 23.90 -127.81
N TYR OB 60 -8.70 24.44 -127.38
CA TYR OB 60 -7.42 24.10 -128.00
C TYR OB 60 -7.14 22.61 -127.89
N GLU OB 61 -7.41 22.02 -126.73
CA GLU OB 61 -7.11 20.60 -126.53
C GLU OB 61 -7.91 19.74 -127.49
N ASP OB 62 -9.21 20.02 -127.61
CA ASP OB 62 -10.05 19.25 -128.53
C ASP OB 62 -9.63 19.46 -129.97
N VAL OB 63 -9.38 20.71 -130.37
CA VAL OB 63 -9.10 20.97 -131.78
C VAL OB 63 -7.75 20.42 -132.19
N LEU OB 64 -6.78 20.37 -131.26
CA LEU OB 64 -5.49 19.79 -131.57
C LEU OB 64 -5.42 18.30 -131.29
N GLY OB 65 -6.42 17.72 -130.64
CA GLY OB 65 -6.37 16.33 -130.30
C GLY OB 65 -5.53 16.06 -129.07
N GLU OB 66 -5.33 14.78 -128.81
CA GLU OB 66 -4.61 14.35 -127.61
C GLU OB 66 -3.14 14.74 -127.73
N PRO OB 67 -2.55 15.33 -126.68
CA PRO OB 67 -1.16 15.81 -126.79
C PRO OB 67 -0.17 14.69 -127.02
N LEU OB 68 0.89 15.01 -127.77
CA LEU OB 68 1.91 14.03 -128.10
C LEU OB 68 2.85 13.81 -126.92
N LYS OB 69 3.56 12.68 -126.95
CA LYS OB 69 4.47 12.33 -125.88
C LYS OB 69 5.89 12.71 -126.26
N PRO OB 70 6.63 13.38 -125.37
CA PRO OB 70 8.01 13.77 -125.72
C PRO OB 70 8.89 12.59 -126.06
N SER OB 71 8.71 11.46 -125.37
CA SER OB 71 9.47 10.27 -125.70
C SER OB 71 9.09 9.74 -127.08
N SER OB 72 7.84 9.94 -127.49
CA SER OB 72 7.39 9.56 -128.82
C SER OB 72 7.94 10.58 -129.80
N GLY OB 73 9.03 10.22 -130.47
CA GLY OB 73 9.66 11.14 -131.40
C GLY OB 73 10.28 12.32 -130.67
N SER OB 74 10.40 13.41 -131.40
CA SER OB 74 10.94 14.66 -130.87
C SER OB 74 10.12 15.83 -131.35
N GLN OB 75 8.81 15.70 -131.33
CA GLN OB 75 7.91 16.71 -131.88
C GLN OB 75 7.09 17.41 -130.81
N PHE OB 76 7.38 17.15 -129.54
CA PHE OB 76 6.62 17.69 -128.42
C PHE OB 76 6.88 19.17 -128.18
N GLU OB 77 7.89 19.73 -128.83
CA GLU OB 77 8.28 21.10 -128.53
C GLU OB 77 7.19 22.10 -128.88
N PRO OB 78 6.60 22.10 -130.09
CA PRO OB 78 5.51 23.05 -130.36
C PRO OB 78 4.29 22.84 -129.49
N ILE OB 79 3.96 21.58 -129.17
CA ILE OB 79 2.78 21.36 -128.36
C ILE OB 79 2.99 21.90 -126.97
N ARG OB 80 4.19 21.72 -126.41
CA ARG OB 80 4.47 22.34 -125.12
C ARG OB 80 4.46 23.86 -125.24
N HIS OB 81 5.04 24.39 -126.33
CA HIS OB 81 5.09 25.83 -126.53
C HIS OB 81 3.69 26.43 -126.51
N VAL OB 82 2.79 25.89 -127.31
CA VAL OB 82 1.42 26.37 -127.30
C VAL OB 82 0.77 26.09 -125.96
N TYR OB 83 1.23 25.07 -125.24
CA TYR OB 83 0.69 24.83 -123.91
C TYR OB 83 0.96 26.01 -122.99
N GLU OB 84 2.18 26.56 -123.01
CA GLU OB 84 2.37 27.74 -122.17
C GLU OB 84 1.87 29.01 -122.85
N ALA OB 85 1.66 28.98 -124.16
CA ALA OB 85 1.22 30.18 -124.87
C ALA OB 85 -0.30 30.33 -124.89
N ILE OB 86 -1.04 29.32 -124.45
CA ILE OB 86 -2.48 29.33 -124.63
C ILE OB 86 -3.17 30.10 -123.50
N GLN OB 87 -2.56 30.16 -122.33
CA GLN OB 87 -3.17 30.81 -121.17
C GLN OB 87 -3.18 32.29 -121.29
N GLN OB 88 -2.84 32.84 -122.45
CA GLN OB 88 -2.86 34.28 -122.66
C GLN OB 88 -3.91 34.71 -123.67
N THR OB 89 -3.86 34.17 -124.88
CA THR OB 89 -4.81 34.54 -125.92
C THR OB 89 -4.90 33.41 -126.93
N SER OB 90 -5.81 33.56 -127.88
CA SER OB 90 -5.96 32.59 -128.95
C SER OB 90 -4.82 32.74 -129.96
N GLY OB 91 -4.74 31.78 -130.88
CA GLY OB 91 -3.69 31.76 -131.87
C GLY OB 91 -4.25 31.51 -133.26
N TYR OB 92 -3.37 31.65 -134.23
CA TYR OB 92 -3.68 31.45 -135.65
C TYR OB 92 -2.70 30.45 -136.25
N VAL OB 93 -2.58 29.30 -135.61
CA VAL OB 93 -1.45 28.40 -135.83
C VAL OB 93 -1.67 27.61 -137.12
N VAL OB 94 -0.56 27.17 -137.73
CA VAL OB 94 -0.64 26.31 -138.91
C VAL OB 94 0.07 24.99 -138.60
N ARG OB 95 -0.45 23.92 -139.18
CA ARG OB 95 0.07 22.57 -139.04
C ARG OB 95 0.37 21.99 -140.40
N ALA OB 96 1.52 21.33 -140.53
CA ALA OB 96 1.93 20.69 -141.78
C ALA OB 96 2.39 19.28 -141.49
N VAL OB 97 2.01 18.35 -142.37
CA VAL OB 97 2.38 16.95 -142.24
C VAL OB 97 2.97 16.47 -143.56
N PRO OB 98 3.84 15.48 -143.55
CA PRO OB 98 4.38 14.97 -144.81
C PRO OB 98 3.31 14.23 -145.60
N ASP OB 99 3.64 13.95 -146.86
CA ASP OB 99 2.72 13.27 -147.76
C ASP OB 99 2.34 11.89 -147.22
N ASP OB 100 3.21 11.29 -146.40
CA ASP OB 100 2.96 9.96 -145.86
C ASP OB 100 1.67 9.89 -145.07
N ALA OB 101 1.20 11.01 -144.54
CA ALA OB 101 -0.05 11.02 -143.81
C ALA OB 101 -1.20 10.60 -144.71
N LYS OB 102 -1.99 9.66 -144.24
CA LYS OB 102 -3.07 9.05 -145.00
C LYS OB 102 -4.39 9.29 -144.29
N PHE OB 103 -5.45 9.50 -145.06
CA PHE OB 103 -6.76 9.55 -144.44
C PHE OB 103 -7.69 8.54 -145.11
N PRO OB 104 -8.58 7.92 -144.34
CA PRO OB 104 -9.47 6.90 -144.90
C PRO OB 104 -10.68 7.49 -145.58
N ILE OB 105 -11.20 6.73 -146.54
CA ILE OB 105 -12.38 7.09 -147.30
C ILE OB 105 -13.25 5.85 -147.45
N ILE OB 106 -14.55 6.01 -147.25
CA ILE OB 106 -15.51 4.93 -147.43
C ILE OB 106 -16.47 5.33 -148.53
N MET OB 107 -16.50 4.53 -149.58
CA MET OB 107 -17.32 4.79 -150.75
C MET OB 107 -18.51 3.84 -150.76
N PHE OB 108 -19.71 4.39 -150.91
CA PHE OB 108 -20.90 3.58 -151.08
C PHE OB 108 -21.33 3.63 -152.53
N ASP OB 109 -21.55 2.46 -153.11
CA ASP OB 109 -21.94 2.39 -154.51
C ASP OB 109 -23.44 2.65 -154.63
N GLU OB 110 -24.01 2.43 -155.81
CA GLU OB 110 -25.39 2.80 -156.05
C GLU OB 110 -26.36 2.03 -155.16
N SER OB 111 -26.12 0.73 -154.97
CA SER OB 111 -26.97 -0.04 -154.08
C SER OB 111 -26.57 0.11 -152.62
N GLY OB 112 -25.48 0.83 -152.34
CA GLY OB 112 -25.07 1.08 -150.98
C GLY OB 112 -23.95 0.19 -150.46
N GLU OB 113 -23.42 -0.70 -151.29
CA GLU OB 113 -22.35 -1.56 -150.82
C GLU OB 113 -21.09 -0.73 -150.55
N PRO OB 114 -20.32 -1.10 -149.52
CA PRO OB 114 -19.20 -0.28 -149.10
C PRO OB 114 -17.86 -0.67 -149.73
N ALA OB 115 -16.94 0.30 -149.72
CA ALA OB 115 -15.56 0.07 -150.12
C ALA OB 115 -14.69 1.03 -149.32
N TYR OB 116 -13.43 0.62 -149.11
CA TYR OB 116 -12.50 1.38 -148.28
C TYR OB 116 -11.31 1.83 -149.11
N SER OB 117 -10.73 2.95 -148.71
CA SER OB 117 -9.56 3.49 -149.38
C SER OB 117 -8.79 4.37 -148.41
N ALA OB 118 -7.54 4.66 -148.77
CA ALA OB 118 -6.72 5.62 -148.04
C ALA OB 118 -6.06 6.54 -149.05
N LEU OB 119 -6.07 7.83 -148.76
CA LEU OB 119 -5.53 8.80 -149.71
C LEU OB 119 -4.60 9.78 -149.02
N PRO OB 120 -3.63 10.33 -149.76
CA PRO OB 120 -2.83 11.43 -149.22
C PRO OB 120 -3.70 12.66 -149.01
N TYR OB 121 -3.38 13.42 -147.97
CA TYR OB 121 -4.14 14.61 -147.66
C TYR OB 121 -3.97 15.64 -148.78
N GLY OB 122 -5.08 16.27 -149.16
CA GLY OB 122 -5.08 17.22 -150.25
C GLY OB 122 -5.30 16.60 -151.61
N SER OB 123 -5.36 15.28 -151.71
CA SER OB 123 -5.59 14.62 -152.98
C SER OB 123 -7.07 14.69 -153.35
N GLU OB 124 -7.34 15.01 -154.61
CA GLU OB 124 -8.71 15.08 -155.10
C GLU OB 124 -9.32 13.69 -155.18
N ILE OB 125 -10.65 13.64 -155.06
CA ILE OB 125 -11.37 12.37 -155.03
C ILE OB 125 -11.54 11.82 -156.44
N GLU OB 126 -11.49 10.50 -156.54
CA GLU OB 126 -11.75 9.79 -157.79
C GLU OB 126 -13.13 9.13 -157.70
N LEU OB 127 -13.88 9.21 -158.78
CA LEU OB 127 -15.22 8.64 -158.85
C LEU OB 127 -15.39 7.98 -160.20
N ASP OB 128 -15.34 6.64 -160.23
CA ASP OB 128 -15.59 5.91 -161.46
C ASP OB 128 -17.08 5.62 -161.56
N SER OB 129 -17.45 4.72 -162.48
CA SER OB 129 -18.86 4.36 -162.64
C SER OB 129 -19.48 3.86 -161.34
N GLY OB 130 -18.70 3.16 -160.52
CA GLY OB 130 -19.17 2.70 -159.23
C GLY OB 130 -19.03 3.79 -158.18
N GLU OB 131 -18.98 3.35 -156.91
CA GLU OB 131 -18.77 4.21 -155.75
C GLU OB 131 -19.63 5.47 -155.83
N ALA OB 132 -20.95 5.29 -155.75
CA ALA OB 132 -21.88 6.39 -156.03
C ALA OB 132 -21.54 7.64 -155.23
N PHE OB 133 -21.15 7.49 -153.97
CA PHE OB 133 -20.73 8.64 -153.19
C PHE OB 133 -19.71 8.21 -152.16
N ALA OB 134 -18.67 9.03 -151.99
CA ALA OB 134 -17.58 8.75 -151.07
C ALA OB 134 -17.68 9.67 -149.86
N ILE OB 135 -17.13 9.21 -148.74
CA ILE OB 135 -17.13 9.95 -147.49
C ILE OB 135 -15.73 9.88 -146.90
N TYR OB 136 -15.20 11.05 -146.54
CA TYR OB 136 -13.80 11.18 -146.13
C TYR OB 136 -13.70 12.03 -144.87
N VAL OB 137 -12.77 11.66 -143.99
CA VAL OB 137 -12.49 12.49 -142.83
C VAL OB 137 -11.80 13.77 -143.29
N ASP OB 138 -12.11 14.88 -142.62
CA ASP OB 138 -11.55 16.17 -142.97
C ASP OB 138 -10.63 16.74 -141.89
N ASP OB 139 -10.53 16.09 -140.74
CA ASP OB 139 -9.73 16.60 -139.62
C ASP OB 139 -8.49 15.77 -139.35
N GLY OB 140 -8.28 14.69 -140.08
CA GLY OB 140 -7.09 13.87 -139.88
C GLY OB 140 -7.11 12.98 -138.67
N ASP OB 141 -8.28 12.69 -138.11
CA ASP OB 141 -8.35 11.78 -136.97
C ASP OB 141 -7.96 10.38 -137.41
N PRO OB 142 -7.10 9.68 -136.67
CA PRO OB 142 -6.78 8.30 -137.02
C PRO OB 142 -7.97 7.36 -136.92
N CYS OB 143 -9.01 7.75 -136.18
CA CYS OB 143 -10.22 6.96 -135.98
C CYS OB 143 -9.92 5.60 -135.36
N ILE OB 144 -8.77 5.47 -134.69
CA ILE OB 144 -8.39 4.24 -134.04
C ILE OB 144 -8.27 4.52 -132.54
N SER OB 145 -7.99 5.77 -132.21
CA SER OB 145 -7.84 6.21 -130.83
C SER OB 145 -8.08 7.70 -130.75
N PRO OB 146 -9.32 8.15 -130.56
CA PRO OB 146 -10.55 7.35 -130.41
C PRO OB 146 -11.07 6.89 -131.77
N THR OB 147 -12.08 6.04 -131.78
CA THR OB 147 -12.64 5.50 -133.01
C THR OB 147 -13.93 6.24 -133.35
N ARG OB 148 -14.06 6.64 -134.62
CA ARG OB 148 -15.27 7.28 -135.12
C ARG OB 148 -16.07 6.25 -135.90
N GLU OB 149 -17.33 6.07 -135.51
CA GLU OB 149 -18.19 5.08 -136.13
C GLU OB 149 -19.45 5.74 -136.63
N LEU OB 150 -20.00 5.21 -137.71
CA LEU OB 150 -21.14 5.81 -138.37
C LEU OB 150 -22.27 4.79 -138.46
N THR OB 151 -23.50 5.27 -138.35
CA THR OB 151 -24.67 4.41 -138.46
C THR OB 151 -25.63 5.00 -139.48
N ILE OB 152 -26.14 4.16 -140.38
CA ILE OB 152 -27.00 4.58 -141.47
C ILE OB 152 -28.33 3.89 -141.34
N GLU OB 153 -29.41 4.68 -141.39
CA GLU OB 153 -30.75 4.13 -141.41
C GLU OB 153 -31.65 5.03 -142.23
N THR OB 154 -32.69 4.43 -142.79
CA THR OB 154 -33.66 5.18 -143.56
C THR OB 154 -34.46 6.10 -142.64
N ALA OB 155 -35.20 7.02 -143.24
CA ALA OB 155 -35.98 7.99 -142.49
C ALA OB 155 -37.21 8.37 -143.31
N THR OB 156 -38.08 9.17 -142.71
CA THR OB 156 -39.28 9.61 -143.38
C THR OB 156 -38.94 10.51 -144.56
N ALA OB 157 -39.80 10.50 -145.57
CA ALA OB 157 -39.62 11.37 -146.71
C ALA OB 157 -40.09 12.78 -146.37
N ASP OB 158 -39.70 13.73 -147.23
CA ASP OB 158 -40.08 15.12 -147.04
C ASP OB 158 -41.49 15.36 -147.57
N SER OB 159 -41.89 16.64 -147.63
CA SER OB 159 -43.20 16.97 -148.17
C SER OB 159 -43.31 16.56 -149.63
N ALA OB 160 -42.23 16.73 -150.39
CA ALA OB 160 -42.18 16.31 -151.78
C ALA OB 160 -41.84 14.83 -151.93
N GLY OB 161 -41.88 14.07 -150.85
CA GLY OB 161 -41.54 12.66 -150.92
C GLY OB 161 -40.07 12.40 -151.13
N ASN OB 162 -39.22 13.35 -150.79
CA ASN OB 162 -37.78 13.20 -151.00
C ASN OB 162 -37.24 12.13 -150.07
N GLU OB 163 -36.51 11.17 -150.62
CA GLU OB 163 -35.91 10.14 -149.79
C GLU OB 163 -34.95 10.76 -148.79
N ARG OB 164 -35.08 10.34 -147.53
CA ARG OB 164 -34.22 10.84 -146.46
C ARG OB 164 -33.69 9.66 -145.66
N PHE OB 165 -32.41 9.74 -145.29
CA PHE OB 165 -31.78 8.73 -144.47
C PHE OB 165 -31.06 9.41 -143.31
N LEU OB 166 -31.13 8.78 -142.14
CA LEU OB 166 -30.53 9.35 -140.95
C LEU OB 166 -29.10 8.82 -140.78
N LEU OB 167 -28.19 9.72 -140.47
CA LEU OB 167 -26.79 9.41 -140.24
C LEU OB 167 -26.43 9.76 -138.81
N LYS OB 168 -25.77 8.84 -138.13
CA LYS OB 168 -25.35 9.04 -136.75
C LYS OB 168 -23.83 8.88 -136.66
N LEU OB 169 -23.16 9.90 -136.13
CA LEU OB 169 -21.74 9.83 -135.87
C LEU OB 169 -21.49 9.60 -134.39
N THR OB 170 -20.56 8.71 -134.08
CA THR OB 170 -20.22 8.46 -132.68
C THR OB 170 -18.72 8.29 -132.54
N GLN OB 171 -18.26 8.51 -131.32
CA GLN OB 171 -16.88 8.32 -130.92
C GLN OB 171 -16.82 7.26 -129.84
N THR OB 172 -15.88 6.33 -129.97
CA THR OB 172 -15.69 5.27 -128.99
C THR OB 172 -14.23 5.23 -128.58
N THR OB 173 -13.98 5.25 -127.27
CA THR OB 173 -12.64 5.21 -126.73
C THR OB 173 -12.18 3.75 -126.62
N SER OB 174 -10.99 3.56 -126.03
CA SER OB 174 -10.51 2.20 -125.79
C SER OB 174 -11.41 1.48 -124.79
N LEU OB 175 -11.88 2.19 -123.76
CA LEU OB 175 -12.78 1.58 -122.79
C LEU OB 175 -14.08 1.15 -123.44
N GLY OB 176 -14.60 1.96 -124.35
CA GLY OB 176 -15.83 1.62 -125.03
C GLY OB 176 -16.92 2.65 -124.81
N VAL OB 177 -16.50 3.86 -124.45
CA VAL OB 177 -17.45 4.94 -124.19
C VAL OB 177 -18.03 5.40 -125.52
N VAL OB 178 -19.27 5.02 -125.81
CA VAL OB 178 -19.93 5.35 -127.07
C VAL OB 178 -20.64 6.68 -126.87
N THR OB 179 -20.17 7.71 -127.59
CA THR OB 179 -20.72 9.05 -127.47
C THR OB 179 -21.21 9.50 -128.84
N THR OB 180 -22.49 9.83 -128.93
CA THR OB 180 -23.06 10.26 -130.20
C THR OB 180 -22.76 11.74 -130.41
N LEU OB 181 -21.90 12.03 -131.38
CA LEU OB 181 -21.58 13.41 -131.70
C LEU OB 181 -22.79 14.13 -132.27
N GLU OB 182 -23.44 13.54 -133.27
CA GLU OB 182 -24.58 14.17 -133.92
C GLU OB 182 -25.33 13.14 -134.75
N THR OB 183 -26.65 13.30 -134.81
CA THR OB 183 -27.51 12.52 -135.69
C THR OB 183 -28.30 13.48 -136.56
N HIS OB 184 -28.30 13.23 -137.86
CA HIS OB 184 -28.96 14.15 -138.78
C HIS OB 184 -29.53 13.39 -139.96
N THR OB 185 -30.75 13.74 -140.36
CA THR OB 185 -31.38 13.15 -141.52
C THR OB 185 -31.07 14.00 -142.73
N VAL OB 186 -30.57 13.36 -143.79
CA VAL OB 186 -30.17 14.07 -144.99
C VAL OB 186 -30.78 13.39 -146.20
N SER OB 187 -30.94 14.17 -147.27
CA SER OB 187 -31.64 13.73 -148.46
C SER OB 187 -30.79 14.00 -149.70
N LEU OB 188 -30.98 13.17 -150.72
CA LEU OB 188 -30.27 13.32 -151.98
C LEU OB 188 -30.90 14.38 -152.87
N ALA OB 189 -32.11 14.81 -152.57
CA ALA OB 189 -32.83 15.72 -153.44
C ALA OB 189 -32.21 17.12 -153.40
N GLU OB 190 -32.24 17.79 -154.56
CA GLU OB 190 -31.78 19.16 -154.63
C GLU OB 190 -32.65 20.09 -153.77
N GLU OB 191 -33.96 19.91 -153.84
CA GLU OB 191 -34.91 20.84 -153.23
C GLU OB 191 -35.28 20.46 -151.80
N ALA OB 192 -34.92 19.27 -151.34
CA ALA OB 192 -35.38 18.79 -150.04
C ALA OB 192 -34.94 19.72 -148.91
N LYS OB 193 -35.89 20.08 -148.05
CA LYS OB 193 -35.67 20.99 -146.94
C LYS OB 193 -35.98 20.29 -145.63
N ASP OB 194 -35.40 20.82 -144.55
CA ASP OB 194 -35.63 20.28 -143.21
C ASP OB 194 -36.79 21.02 -142.54
N ASP OB 195 -36.97 20.78 -141.24
CA ASP OB 195 -37.96 21.55 -140.49
C ASP OB 195 -37.58 23.01 -140.37
N MET OB 196 -36.28 23.29 -140.28
CA MET OB 196 -35.79 24.66 -140.16
C MET OB 196 -35.70 25.36 -141.51
N GLY OB 197 -36.06 24.70 -142.60
CA GLY OB 197 -35.91 25.23 -143.92
C GLY OB 197 -34.55 24.99 -144.54
N ARG OB 198 -33.61 24.44 -143.79
CA ARG OB 198 -32.30 24.11 -144.33
C ARG OB 198 -32.43 23.05 -145.39
N LEU OB 199 -31.68 23.21 -146.48
CA LEU OB 199 -31.71 22.24 -147.55
C LEU OB 199 -31.12 20.92 -147.07
N CYS OB 200 -31.83 19.83 -147.32
CA CYS OB 200 -31.36 18.52 -146.93
C CYS OB 200 -30.40 17.92 -147.93
N TYR OB 201 -30.11 18.63 -149.03
CA TYR OB 201 -29.23 18.11 -150.06
C TYR OB 201 -27.83 17.87 -149.49
N LEU OB 202 -27.26 16.73 -149.84
CA LEU OB 202 -26.14 16.17 -149.08
C LEU OB 202 -24.92 17.07 -149.00
N PRO OB 203 -24.38 17.61 -150.10
CA PRO OB 203 -23.21 18.50 -149.96
C PRO OB 203 -23.51 19.71 -149.09
N THR OB 204 -24.69 20.29 -149.26
CA THR OB 204 -25.07 21.44 -148.45
C THR OB 204 -25.11 21.06 -146.98
N ALA OB 205 -25.70 19.91 -146.66
CA ALA OB 205 -25.80 19.50 -145.26
C ALA OB 205 -24.43 19.25 -144.66
N LEU OB 206 -23.56 18.57 -145.41
CA LEU OB 206 -22.24 18.23 -144.86
C LEU OB 206 -21.39 19.48 -144.67
N GLU OB 207 -21.46 20.43 -145.60
CA GLU OB 207 -20.72 21.67 -145.37
C GLU OB 207 -21.36 22.52 -144.28
N ALA OB 208 -22.66 22.39 -144.05
CA ALA OB 208 -23.34 23.22 -143.07
C ALA OB 208 -23.06 22.73 -141.65
N ARG OB 209 -23.32 21.46 -141.39
CA ARG OB 209 -23.22 20.92 -140.05
C ARG OB 209 -22.01 20.04 -139.82
N SER OB 210 -21.66 19.18 -140.80
CA SER OB 210 -20.61 18.20 -140.61
C SER OB 210 -19.26 18.89 -140.57
N LYS OB 211 -18.57 18.79 -139.43
CA LYS OB 211 -17.26 19.40 -139.28
C LYS OB 211 -16.14 18.39 -139.06
N TYR OB 212 -16.48 17.17 -138.67
CA TYR OB 212 -15.50 16.10 -138.47
C TYR OB 212 -15.38 15.15 -139.65
N LEU OB 213 -16.13 15.42 -140.72
CA LEU OB 213 -16.24 14.48 -141.82
C LEU OB 213 -16.94 15.20 -142.97
N ARG OB 214 -16.53 14.92 -144.19
CA ARG OB 214 -17.16 15.49 -145.37
C ARG OB 214 -17.35 14.38 -146.38
N ALA OB 215 -17.98 14.70 -147.51
CA ALA OB 215 -18.31 13.68 -148.50
C ALA OB 215 -18.52 14.33 -149.86
N VAL OB 216 -18.47 13.49 -150.89
CA VAL OB 216 -18.76 13.88 -152.25
C VAL OB 216 -19.71 12.86 -152.85
N VAL OB 217 -20.50 13.29 -153.83
CA VAL OB 217 -21.54 12.48 -154.45
C VAL OB 217 -21.45 12.63 -155.96
N ASN OB 218 -21.69 11.54 -156.67
CA ASN OB 218 -21.70 11.59 -158.13
C ASN OB 218 -22.88 12.43 -158.64
N GLU OB 219 -22.57 13.40 -159.48
CA GLU OB 219 -23.58 14.30 -160.03
C GLU OB 219 -24.54 13.57 -160.95
N GLU OB 220 -24.15 12.42 -161.50
CA GLU OB 220 -24.99 11.66 -162.39
C GLU OB 220 -25.78 10.57 -161.67
N LEU OB 221 -25.28 10.10 -160.52
CA LEU OB 221 -25.97 9.09 -159.73
C LEU OB 221 -26.74 9.69 -158.57
N ILE OB 222 -26.72 11.01 -158.40
CA ILE OB 222 -27.44 11.63 -157.29
C ILE OB 222 -28.93 11.33 -157.38
N SER OB 223 -29.49 11.37 -158.58
CA SER OB 223 -30.92 11.13 -158.74
C SER OB 223 -31.28 9.66 -158.61
N THR OB 224 -30.48 8.78 -159.22
CA THR OB 224 -30.82 7.37 -159.32
C THR OB 224 -30.25 6.52 -158.19
N ALA OB 225 -29.56 7.13 -157.24
CA ALA OB 225 -28.92 6.37 -156.18
C ALA OB 225 -29.95 5.83 -155.18
N LYS OB 226 -29.58 4.74 -154.53
CA LYS OB 226 -30.41 4.10 -153.52
C LYS OB 226 -29.64 3.98 -152.22
N VAL OB 227 -30.36 4.03 -151.11
CA VAL OB 227 -29.77 4.04 -149.80
C VAL OB 227 -29.88 2.65 -149.18
N THR OB 228 -29.19 2.44 -148.08
CA THR OB 228 -29.22 1.18 -147.35
C THR OB 228 -29.16 1.49 -145.86
N ASN OB 229 -28.97 0.46 -145.04
CA ASN OB 229 -28.85 0.60 -143.61
C ASN OB 229 -27.49 0.07 -143.18
N LYS OB 230 -26.65 0.96 -142.65
CA LYS OB 230 -25.30 0.60 -142.23
C LYS OB 230 -25.13 0.96 -140.76
N LYS OB 231 -24.44 0.11 -140.03
CA LYS OB 231 -24.23 0.31 -138.60
C LYS OB 231 -22.75 0.19 -138.28
N SER OB 232 -22.26 1.06 -137.40
CA SER OB 232 -20.90 1.00 -136.87
C SER OB 232 -19.87 1.04 -138.01
N LEU OB 233 -19.87 2.16 -138.73
CA LEU OB 233 -18.96 2.34 -139.87
C LEU OB 233 -17.68 2.97 -139.34
N ALA OB 234 -16.75 2.12 -138.91
CA ALA OB 234 -15.49 2.58 -138.33
C ALA OB 234 -14.48 2.81 -139.45
N PHE OB 235 -13.98 4.03 -139.55
CA PHE OB 235 -12.95 4.34 -140.53
C PHE OB 235 -11.63 3.69 -140.15
N THR OB 236 -10.84 3.35 -141.16
CA THR OB 236 -9.54 2.74 -140.96
C THR OB 236 -8.60 3.21 -142.06
N GLY OB 237 -7.43 3.71 -141.66
CA GLY OB 237 -6.47 4.21 -142.61
C GLY OB 237 -5.95 5.59 -142.23
N GLY OB 238 -6.48 6.13 -141.13
CA GLY OB 238 -6.05 7.43 -140.65
C GLY OB 238 -4.69 7.38 -139.99
N THR OB 239 -3.69 7.92 -140.67
CA THR OB 239 -2.32 7.95 -140.17
C THR OB 239 -1.78 9.35 -140.36
N ASN OB 240 -1.04 9.84 -139.36
CA ASN OB 240 -0.42 11.14 -139.43
C ASN OB 240 0.94 11.12 -140.13
N GLY OB 241 1.43 9.95 -140.53
CA GLY OB 241 2.74 9.89 -141.13
C GLY OB 241 3.84 10.11 -140.11
N ASP OB 242 5.03 10.43 -140.61
CA ASP OB 242 6.20 10.67 -139.77
C ASP OB 242 6.30 12.15 -139.46
N GLN OB 243 5.88 12.53 -138.26
CA GLN OB 243 5.97 13.92 -137.84
C GLN OB 243 7.37 14.32 -137.40
N SER OB 244 8.25 13.35 -137.16
CA SER OB 244 9.61 13.67 -136.71
C SER OB 244 10.36 14.49 -137.75
N LYS OB 245 10.23 14.11 -139.02
CA LYS OB 245 10.86 14.82 -140.12
C LYS OB 245 9.78 15.45 -140.99
N ILE OB 246 9.94 16.73 -141.30
CA ILE OB 246 9.05 17.44 -142.21
C ILE OB 246 9.90 18.18 -143.21
N SER OB 247 9.51 18.11 -144.49
CA SER OB 247 10.36 18.60 -145.56
C SER OB 247 10.44 20.13 -145.58
N THR OB 248 11.55 20.62 -146.14
CA THR OB 248 11.68 22.04 -146.38
C THR OB 248 10.61 22.54 -147.33
N ALA OB 249 10.14 21.68 -148.23
CA ALA OB 249 9.04 22.07 -149.10
C ALA OB 249 7.77 22.33 -148.30
N ALA OB 250 7.47 21.45 -147.33
CA ALA OB 250 6.32 21.70 -146.46
C ALA OB 250 6.54 22.96 -145.63
N TYR OB 251 7.78 23.20 -145.22
CA TYR OB 251 8.09 24.43 -144.50
C TYR OB 251 7.79 25.67 -145.33
N LEU OB 252 8.23 25.66 -146.60
CA LEU OB 252 8.01 26.82 -147.44
C LEU OB 252 6.53 26.99 -147.77
N ARG OB 253 5.81 25.88 -147.95
CA ARG OB 253 4.37 25.98 -148.14
C ARG OB 253 3.72 26.60 -146.90
N ALA OB 254 4.15 26.18 -145.71
CA ALA OB 254 3.59 26.75 -144.49
C ALA OB 254 3.88 28.23 -144.37
N VAL OB 255 5.11 28.63 -144.69
CA VAL OB 255 5.45 30.05 -144.56
C VAL OB 255 4.70 30.86 -145.61
N LYS OB 256 4.51 30.30 -146.80
CA LYS OB 256 3.70 30.97 -147.82
C LYS OB 256 2.27 31.15 -147.35
N VAL OB 257 1.73 30.13 -146.70
CA VAL OB 257 0.38 30.23 -146.14
C VAL OB 257 0.34 31.33 -145.10
N LEU OB 258 1.40 31.43 -144.29
CA LEU OB 258 1.50 32.55 -143.35
C LEU OB 258 1.50 33.89 -144.09
N ASN OB 259 2.23 33.96 -145.20
CA ASN OB 259 2.30 35.19 -145.97
C ASN OB 259 0.92 35.60 -146.44
N ASN OB 260 0.16 34.63 -146.94
CA ASN OB 260 -1.12 34.92 -147.58
C ASN OB 260 -2.29 34.89 -146.61
N ALA OB 261 -2.04 34.59 -145.34
CA ALA OB 261 -3.12 34.57 -144.36
C ALA OB 261 -3.58 36.00 -144.08
N PRO OB 262 -4.85 36.32 -144.32
CA PRO OB 262 -5.35 37.68 -144.07
C PRO OB 262 -5.97 37.82 -142.68
N TYR OB 263 -5.16 37.63 -141.65
CA TYR OB 263 -5.63 37.72 -140.28
C TYR OB 263 -4.60 38.47 -139.45
N MET OB 264 -5.10 39.19 -138.44
CA MET OB 264 -4.21 39.93 -137.57
C MET OB 264 -3.36 38.97 -136.75
N TYR OB 265 -2.13 39.38 -136.47
CA TYR OB 265 -1.28 38.66 -135.54
C TYR OB 265 -0.24 39.62 -135.00
N THR OB 266 -0.04 39.60 -133.69
CA THR OB 266 0.85 40.53 -133.02
C THR OB 266 2.26 40.01 -132.85
N ALA OB 267 2.52 38.75 -133.19
CA ALA OB 267 3.85 38.20 -133.02
C ALA OB 267 4.03 37.00 -133.93
N VAL OB 268 5.30 36.67 -134.20
CA VAL OB 268 5.63 35.42 -134.86
C VAL OB 268 6.57 34.63 -133.95
N LEU OB 269 6.26 33.36 -133.78
CA LEU OB 269 6.84 32.52 -132.74
C LEU OB 269 7.64 31.40 -133.37
N GLY OB 270 8.84 31.15 -132.82
CA GLY OB 270 9.68 30.09 -133.36
C GLY OB 270 9.02 28.72 -133.26
N LEU OB 271 8.45 28.41 -132.10
CA LEU OB 271 7.70 27.18 -131.88
C LEU OB 271 8.53 25.94 -132.19
N GLY OB 272 9.84 26.03 -131.93
CA GLY OB 272 10.75 24.92 -132.12
C GLY OB 272 11.29 24.75 -133.52
N CYS OB 273 10.85 25.56 -134.47
CA CYS OB 273 11.33 25.42 -135.85
C CYS OB 273 12.80 25.79 -135.95
N TYR OB 274 13.58 24.93 -136.58
CA TYR OB 274 15.01 25.16 -136.74
C TYR OB 274 15.46 25.09 -138.19
N ASP OB 275 14.53 25.00 -139.13
CA ASP OB 275 14.89 25.07 -140.54
C ASP OB 275 15.41 26.46 -140.86
N ASN OB 276 16.62 26.53 -141.41
CA ASN OB 276 17.23 27.83 -141.68
C ASN OB 276 16.40 28.62 -142.68
N ALA OB 277 15.97 27.96 -143.76
CA ALA OB 277 15.19 28.66 -144.78
C ALA OB 277 13.86 29.14 -144.24
N ALA OB 278 13.15 28.30 -143.49
CA ALA OB 278 11.87 28.70 -142.93
C ALA OB 278 12.05 29.84 -141.93
N ILE OB 279 13.09 29.77 -141.10
CA ILE OB 279 13.33 30.82 -140.13
C ILE OB 279 13.66 32.13 -140.84
N THR OB 280 14.46 32.06 -141.91
CA THR OB 280 14.79 33.26 -142.65
C THR OB 280 13.56 33.86 -143.32
N ALA OB 281 12.69 33.01 -143.85
CA ALA OB 281 11.44 33.50 -144.43
C ALA OB 281 10.59 34.18 -143.37
N LEU OB 282 10.52 33.58 -142.18
CA LEU OB 282 9.76 34.19 -141.10
C LEU OB 282 10.36 35.54 -140.71
N GLY OB 283 11.68 35.62 -140.65
CA GLY OB 283 12.31 36.88 -140.31
C GLY OB 283 12.04 37.95 -141.34
N LYS OB 284 12.15 37.59 -142.62
CA LYS OB 284 11.94 38.61 -143.66
C LYS OB 284 10.48 39.05 -143.69
N ILE OB 285 9.54 38.12 -143.51
CA ILE OB 285 8.14 38.54 -143.54
C ILE OB 285 7.78 39.37 -142.32
N CYS OB 286 8.30 39.02 -141.15
CA CYS OB 286 7.99 39.82 -139.98
C CYS OB 286 8.64 41.19 -140.06
N ALA OB 287 9.83 41.27 -140.65
CA ALA OB 287 10.46 42.57 -140.89
C ALA OB 287 9.64 43.40 -141.87
N ASP OB 288 9.15 42.76 -142.94
CA ASP OB 288 8.35 43.49 -143.92
C ASP OB 288 7.04 44.00 -143.31
N ARG OB 289 6.33 43.14 -142.60
CA ARG OB 289 5.06 43.51 -142.00
C ARG OB 289 5.25 44.17 -140.64
N LEU OB 290 6.48 44.52 -140.29
CA LEU OB 290 6.79 45.30 -139.09
C LEU OB 290 6.20 44.67 -137.83
N ILE OB 291 6.32 43.35 -137.73
CA ILE OB 291 5.92 42.61 -136.53
C ILE OB 291 7.15 41.91 -135.97
N ASP OB 292 7.08 41.58 -134.68
CA ASP OB 292 8.23 41.05 -133.96
C ASP OB 292 8.31 39.53 -134.05
N GLY OB 293 9.53 39.04 -133.89
CA GLY OB 293 9.81 37.61 -134.03
C GLY OB 293 10.61 37.07 -132.87
N PHE OB 294 10.30 35.82 -132.49
CA PHE OB 294 10.88 35.23 -131.30
C PHE OB 294 11.69 33.97 -131.57
N PHE OB 295 12.60 34.03 -132.55
CA PHE OB 295 13.29 32.83 -132.98
C PHE OB 295 14.16 32.26 -131.87
N ASP OB 296 14.37 30.95 -131.93
CA ASP OB 296 15.11 30.20 -130.91
C ASP OB 296 16.07 29.24 -131.59
N VAL OB 297 17.12 28.86 -130.87
CA VAL OB 297 18.13 27.98 -131.40
C VAL OB 297 17.89 26.56 -130.88
N LYS OB 298 18.62 25.60 -131.44
CA LYS OB 298 18.45 24.23 -131.03
C LYS OB 298 18.82 24.07 -129.56
N PRO OB 299 18.02 23.35 -128.78
CA PRO OB 299 18.34 23.17 -127.36
C PRO OB 299 19.65 22.45 -127.12
N THR OB 300 20.00 21.51 -128.00
CA THR OB 300 21.14 20.63 -127.75
C THR OB 300 22.48 21.33 -127.93
N LEU OB 301 22.52 22.42 -128.69
CA LEU OB 301 23.79 23.08 -128.95
C LEU OB 301 24.32 23.74 -127.68
N THR OB 302 25.63 23.64 -127.47
CA THR OB 302 26.26 24.29 -126.34
C THR OB 302 26.64 25.72 -126.69
N TYR OB 303 27.09 26.47 -125.67
CA TYR OB 303 27.48 27.85 -125.88
C TYR OB 303 28.69 27.98 -126.78
N ALA OB 304 29.49 26.92 -126.90
CA ALA OB 304 30.64 26.97 -127.80
C ALA OB 304 30.20 27.20 -129.24
N GLU OB 305 29.15 26.50 -129.67
CA GLU OB 305 28.61 26.63 -131.01
C GLU OB 305 27.38 27.53 -131.05
N ALA OB 306 27.05 28.18 -129.94
CA ALA OB 306 25.94 29.13 -129.95
C ALA OB 306 26.26 30.35 -130.81
N LEU OB 307 27.50 30.81 -130.79
CA LEU OB 307 27.87 32.00 -131.56
C LEU OB 307 27.62 31.82 -133.06
N PRO OB 308 28.08 30.75 -133.72
CA PRO OB 308 27.82 30.62 -135.16
C PRO OB 308 26.36 30.38 -135.50
N ALA OB 309 25.51 30.10 -134.51
CA ALA OB 309 24.11 29.88 -134.81
C ALA OB 309 23.47 31.15 -135.37
N VAL OB 310 23.91 32.31 -134.89
CA VAL OB 310 23.39 33.57 -135.42
C VAL OB 310 23.73 33.71 -136.89
N GLU OB 311 24.98 33.43 -137.25
CA GLU OB 311 25.39 33.51 -138.65
C GLU OB 311 24.66 32.49 -139.50
N ASP OB 312 24.47 31.28 -138.97
CA ASP OB 312 23.74 30.24 -139.69
C ASP OB 312 22.31 30.66 -139.94
N THR OB 313 21.70 31.35 -138.98
CA THR OB 313 20.35 31.86 -139.16
C THR OB 313 20.30 32.87 -140.28
N GLY OB 314 21.32 33.72 -140.39
CA GLY OB 314 21.35 34.72 -141.43
C GLY OB 314 20.51 35.94 -141.18
N LEU OB 315 20.13 36.19 -139.93
CA LEU OB 315 19.35 37.37 -139.58
C LEU OB 315 20.23 38.59 -139.33
N LEU OB 316 21.55 38.44 -139.40
CA LEU OB 316 22.45 39.54 -139.10
C LEU OB 316 22.24 40.69 -140.08
N GLY OB 317 22.14 41.89 -139.55
CA GLY OB 317 21.94 43.07 -140.38
C GLY OB 317 21.31 44.17 -139.57
N THR OB 318 21.17 45.32 -140.23
CA THR OB 318 20.58 46.50 -139.62
C THR OB 318 19.07 46.59 -139.86
N ASP OB 319 18.50 45.65 -140.60
CA ASP OB 319 17.07 45.64 -140.88
C ASP OB 319 16.30 44.68 -140.01
N TYR OB 320 16.92 43.58 -139.60
CA TYR OB 320 16.25 42.56 -138.80
C TYR OB 320 16.38 42.86 -137.31
N VAL OB 321 15.96 44.07 -136.96
CA VAL OB 321 15.97 44.48 -135.56
C VAL OB 321 14.73 44.00 -134.82
N SER OB 322 13.63 43.80 -135.54
CA SER OB 322 12.38 43.33 -134.95
C SER OB 322 12.41 41.87 -134.56
N CYS OB 323 13.57 41.21 -134.60
CA CYS OB 323 13.68 39.80 -134.27
C CYS OB 323 14.55 39.60 -133.03
N SER OB 324 14.27 38.54 -132.31
CA SER OB 324 15.04 38.14 -131.14
C SER OB 324 15.43 36.68 -131.27
N VAL OB 325 16.58 36.34 -130.72
CA VAL OB 325 17.11 34.98 -130.76
C VAL OB 325 17.26 34.47 -129.34
N TYR OB 326 16.77 33.26 -129.10
CA TYR OB 326 16.73 32.70 -127.76
C TYR OB 326 17.56 31.43 -127.69
N HIS OB 327 18.14 31.20 -126.52
CA HIS OB 327 18.86 29.97 -126.22
C HIS OB 327 18.43 29.48 -124.84
N TYR OB 328 18.40 28.16 -124.68
CA TYR OB 328 17.87 27.54 -123.46
C TYR OB 328 18.67 26.29 -123.12
N PRO OB 329 19.79 26.44 -122.42
CA PRO OB 329 20.61 25.29 -122.01
C PRO OB 329 20.14 24.69 -120.69
N PHE OB 330 18.88 24.29 -120.62
CA PHE OB 330 18.30 23.82 -119.38
C PHE OB 330 17.31 22.71 -119.66
N SER OB 331 16.97 21.96 -118.62
CA SER OB 331 16.00 20.87 -118.72
C SER OB 331 15.18 20.79 -117.45
N CYS OB 332 13.89 20.50 -117.62
CA CYS OB 332 12.91 20.54 -116.54
C CYS OB 332 12.08 19.26 -116.50
N LYS OB 333 11.11 19.26 -115.59
CA LYS OB 333 10.12 18.19 -115.51
C LYS OB 333 8.99 18.40 -116.50
N ASP OB 334 8.51 17.29 -117.05
CA ASP OB 334 7.37 17.32 -117.94
C ASP OB 334 6.10 17.66 -117.17
N LYS OB 335 5.16 18.29 -117.88
CA LYS OB 335 3.85 18.53 -117.31
C LYS OB 335 3.05 17.24 -117.20
N TRP OB 336 3.28 16.29 -118.09
CA TRP OB 336 2.48 15.07 -118.13
C TRP OB 336 3.30 13.84 -117.79
N THR OB 337 4.40 13.60 -118.49
CA THR OB 337 5.19 12.41 -118.27
C THR OB 337 6.15 12.54 -117.09
N GLN OB 338 6.29 13.73 -116.54
CA GLN OB 338 7.23 13.98 -115.44
C GLN OB 338 8.63 13.55 -115.82
N SER OB 339 9.07 13.95 -117.01
CA SER OB 339 10.35 13.59 -117.57
C SER OB 339 11.30 14.77 -117.56
N ARG OB 340 12.51 14.54 -118.08
CA ARG OB 340 13.45 15.60 -118.37
C ARG OB 340 13.14 16.09 -119.79
N VAL OB 341 12.53 17.25 -119.88
CA VAL OB 341 12.10 17.81 -121.15
C VAL OB 341 12.71 19.19 -121.30
N VAL OB 342 12.94 19.58 -122.55
CA VAL OB 342 13.55 20.86 -122.90
C VAL OB 342 12.71 21.51 -123.97
N PHE OB 343 12.37 22.79 -123.77
CA PHE OB 343 11.69 23.55 -124.80
C PHE OB 343 12.03 25.01 -124.63
N GLY OB 344 11.83 25.77 -125.71
CA GLY OB 344 12.36 27.12 -125.80
C GLY OB 344 11.56 28.12 -124.99
N LEU OB 345 11.88 29.39 -125.23
CA LEU OB 345 11.35 30.50 -124.45
C LEU OB 345 10.40 31.37 -125.25
N SER OB 346 9.96 30.90 -126.42
CA SER OB 346 9.08 31.70 -127.25
C SER OB 346 7.75 31.97 -126.55
N GLY OB 347 7.21 30.95 -125.88
CA GLY OB 347 5.94 31.11 -125.20
C GLY OB 347 6.02 32.14 -124.09
N VAL OB 348 7.08 32.08 -123.27
CA VAL OB 348 7.20 33.05 -122.20
C VAL OB 348 7.51 34.43 -122.76
N ALA OB 349 8.22 34.51 -123.89
CA ALA OB 349 8.44 35.81 -124.51
C ALA OB 349 7.12 36.43 -124.92
N TYR OB 350 6.26 35.65 -125.58
CA TYR OB 350 4.95 36.17 -125.98
C TYR OB 350 4.11 36.52 -124.76
N ALA OB 351 4.16 35.70 -123.72
CA ALA OB 351 3.40 35.99 -122.51
C ALA OB 351 3.88 37.28 -121.86
N ALA OB 352 5.20 37.50 -121.85
CA ALA OB 352 5.74 38.72 -121.31
C ALA OB 352 5.28 39.92 -122.12
N LYS OB 353 5.29 39.80 -123.45
CA LYS OB 353 4.77 40.88 -124.28
C LYS OB 353 3.30 41.15 -123.96
N ALA OB 354 2.52 40.08 -123.79
CA ALA OB 354 1.10 40.23 -123.55
C ALA OB 354 0.82 40.91 -122.22
N ARG OB 355 1.51 40.47 -121.16
CA ARG OB 355 1.31 41.11 -119.87
C ARG OB 355 1.79 42.55 -119.88
N GLY OB 356 2.89 42.84 -120.58
CA GLY OB 356 3.34 44.21 -120.68
C GLY OB 356 2.32 45.10 -121.39
N VAL OB 357 1.78 44.62 -122.50
CA VAL OB 357 0.83 45.44 -123.25
C VAL OB 357 -0.50 45.54 -122.51
N LYS OB 358 -0.85 44.53 -121.72
CA LYS OB 358 -2.08 44.62 -120.94
C LYS OB 358 -1.89 45.41 -119.66
N LYS OB 359 -0.65 45.70 -119.26
CA LYS OB 359 -0.44 46.60 -118.13
C LYS OB 359 -1.07 47.96 -118.39
N ASN OB 360 -0.90 48.49 -119.60
CA ASN OB 360 -1.56 49.74 -119.95
C ASN OB 360 -2.79 49.47 -120.79
N SER OB 361 -3.62 50.50 -120.91
CA SER OB 361 -4.92 50.38 -121.56
C SER OB 361 -5.03 51.18 -122.85
N ASP OB 362 -4.54 52.42 -122.85
CA ASP OB 362 -4.73 53.28 -124.02
C ASP OB 362 -4.01 52.73 -125.23
N VAL OB 363 -2.73 52.40 -125.07
CA VAL OB 363 -1.90 51.95 -126.18
C VAL OB 363 -1.14 50.69 -125.79
N GLY OB 364 -1.11 50.40 -124.49
CA GLY OB 364 -0.37 49.25 -124.02
C GLY OB 364 1.04 49.58 -123.59
N GLY OB 365 1.55 48.79 -122.66
CA GLY OB 365 2.85 49.08 -122.09
C GLY OB 365 4.01 48.68 -122.98
N TRP OB 366 4.08 49.28 -124.16
CA TRP OB 366 5.15 48.95 -125.09
C TRP OB 366 6.51 49.40 -124.57
N HIS OB 367 6.53 50.50 -123.82
CA HIS OB 367 7.79 50.99 -123.26
C HIS OB 367 8.37 50.03 -122.24
N TYR OB 368 7.56 49.17 -121.64
CA TYR OB 368 8.08 48.19 -120.70
C TYR OB 368 8.95 47.17 -121.43
N SER OB 369 9.75 46.46 -120.65
CA SER OB 369 10.60 45.44 -121.21
C SER OB 369 10.26 44.09 -120.59
N PRO OB 370 10.27 43.03 -121.37
CA PRO OB 370 9.96 41.68 -120.88
C PRO OB 370 11.09 41.06 -120.07
N ALA OB 371 11.14 41.41 -118.78
CA ALA OB 371 12.15 40.90 -117.88
C ALA OB 371 11.64 41.04 -116.45
N GLY OB 372 12.50 40.71 -115.51
CA GLY OB 372 12.21 40.91 -114.09
C GLY OB 372 11.49 39.73 -113.47
N GLU OB 373 11.84 39.47 -112.21
CA GLU OB 373 11.22 38.40 -111.46
C GLU OB 373 9.79 38.74 -111.04
N GLU OB 374 9.44 40.03 -111.04
CA GLU OB 374 8.10 40.42 -110.65
C GLU OB 374 7.07 40.00 -111.68
N ARG OB 375 7.48 39.89 -112.94
CA ARG OB 375 6.53 39.59 -114.00
C ARG OB 375 6.99 38.56 -115.02
N ALA OB 376 8.28 38.27 -115.14
CA ALA OB 376 8.80 37.34 -116.14
C ALA OB 376 9.44 36.15 -115.42
N VAL OB 377 8.63 35.17 -115.05
CA VAL OB 377 9.10 33.98 -114.36
C VAL OB 377 8.39 32.77 -114.96
N ILE OB 378 9.15 31.70 -115.19
CA ILE OB 378 8.57 30.44 -115.63
C ILE OB 378 8.51 29.45 -114.46
N ALA OB 379 9.66 29.18 -113.86
CA ALA OB 379 9.80 28.17 -112.79
C ALA OB 379 9.00 26.92 -113.13
N ARG OB 380 9.34 26.31 -114.26
CA ARG OB 380 8.51 25.23 -114.80
C ARG OB 380 8.44 24.06 -113.84
N ALA OB 381 9.54 23.33 -113.68
CA ALA OB 381 9.68 22.32 -112.63
C ALA OB 381 11.10 21.76 -112.62
N SER OB 382 11.72 21.71 -111.45
CA SER OB 382 13.03 21.10 -111.25
C SER OB 382 14.00 21.50 -112.36
N ILE OB 383 14.26 22.82 -112.44
CA ILE OB 383 15.18 23.32 -113.44
C ILE OB 383 16.56 22.73 -113.22
N GLN OB 384 17.29 22.53 -114.33
CA GLN OB 384 18.63 21.98 -114.28
C GLN OB 384 19.30 22.27 -115.60
N PRO OB 385 20.56 22.71 -115.60
CA PRO OB 385 21.24 22.97 -116.87
C PRO OB 385 21.37 21.71 -117.70
N LEU OB 386 21.21 21.87 -119.01
CA LEU OB 386 21.40 20.74 -119.90
C LEU OB 386 22.83 20.24 -119.88
N TYR OB 387 23.79 21.17 -119.89
CA TYR OB 387 25.21 20.84 -119.92
C TYR OB 387 25.90 21.64 -118.83
N PRO OB 388 25.90 21.13 -117.60
CA PRO OB 388 26.64 21.82 -116.53
C PRO OB 388 28.12 21.98 -116.84
N GLU OB 389 28.67 21.08 -117.64
CA GLU OB 389 30.04 21.19 -118.11
C GLU OB 389 30.25 22.38 -119.03
N ASP OB 390 29.19 22.88 -119.66
CA ASP OB 390 29.28 24.00 -120.60
C ASP OB 390 29.01 25.31 -119.88
N THR OB 391 29.70 26.35 -120.33
CA THR OB 391 29.56 27.69 -119.75
C THR OB 391 29.33 28.71 -120.84
N PRO OB 392 28.57 29.76 -120.53
CA PRO OB 392 28.40 30.87 -121.48
C PRO OB 392 29.53 31.88 -121.35
N ASP OB 393 29.41 32.98 -122.10
CA ASP OB 393 30.42 34.03 -122.09
C ASP OB 393 29.77 35.36 -122.35
N GLU OB 394 30.01 36.32 -121.45
CA GLU OB 394 29.30 37.59 -121.50
C GLU OB 394 29.66 38.38 -122.75
N GLU OB 395 30.95 38.54 -123.04
CA GLU OB 395 31.31 39.32 -124.22
C GLU OB 395 30.87 38.61 -125.49
N ALA OB 396 30.95 37.28 -125.51
CA ALA OB 396 30.51 36.54 -126.68
C ALA OB 396 29.01 36.76 -126.93
N MET OB 397 28.21 36.67 -125.87
CA MET OB 397 26.77 36.82 -126.04
C MET OB 397 26.41 38.25 -126.40
N VAL OB 398 27.09 39.24 -125.80
CA VAL OB 398 26.76 40.62 -126.13
C VAL OB 398 27.17 40.93 -127.56
N LYS OB 399 28.26 40.33 -128.05
CA LYS OB 399 28.64 40.53 -129.44
C LYS OB 399 27.65 39.85 -130.37
N GLY OB 400 27.26 38.61 -130.06
CA GLY OB 400 26.36 37.87 -130.91
C GLY OB 400 24.90 38.20 -130.76
N ARG OB 401 24.56 39.13 -129.87
CA ARG OB 401 23.18 39.55 -129.66
C ARG OB 401 22.29 38.39 -129.24
N LEU OB 402 22.86 37.42 -128.53
CA LEU OB 402 22.11 36.28 -128.03
C LEU OB 402 21.40 36.64 -126.74
N ASN OB 403 20.16 36.20 -126.62
CA ASN OB 403 19.39 36.43 -125.41
C ASN OB 403 19.59 35.25 -124.48
N LYS OB 404 20.17 35.50 -123.32
CA LYS OB 404 20.42 34.47 -122.32
C LYS OB 404 19.42 34.63 -121.19
N VAL OB 405 19.15 33.52 -120.51
CA VAL OB 405 18.13 33.46 -119.47
C VAL OB 405 18.79 32.92 -118.20
N SER OB 406 18.59 33.62 -117.08
CA SER OB 406 19.33 33.37 -115.85
C SER OB 406 18.40 32.89 -114.74
N VAL OB 407 19.00 32.59 -113.60
CA VAL OB 407 18.28 32.02 -112.46
C VAL OB 407 18.28 33.03 -111.33
N GLY OB 408 17.35 32.84 -110.38
CA GLY OB 408 17.23 33.70 -109.24
C GLY OB 408 17.46 32.96 -107.93
N THR OB 409 17.54 33.74 -106.85
CA THR OB 409 17.71 33.17 -105.53
C THR OB 409 16.47 32.43 -105.05
N SER OB 410 15.29 32.89 -105.44
CA SER OB 410 14.04 32.29 -105.02
C SER OB 410 13.71 31.01 -105.79
N GLY OB 411 14.66 30.45 -106.51
CA GLY OB 411 14.39 29.27 -107.29
C GLY OB 411 13.54 29.52 -108.51
N GLN OB 412 13.39 30.78 -108.92
CA GLN OB 412 12.63 31.13 -110.10
C GLN OB 412 13.60 31.36 -111.26
N MET OB 413 13.08 31.34 -112.47
CA MET OB 413 13.91 31.15 -113.65
C MET OB 413 13.49 32.24 -114.64
N ILE OB 414 14.34 33.26 -114.83
CA ILE OB 414 13.91 34.54 -115.37
C ILE OB 414 14.71 34.89 -116.62
N ILE OB 415 14.05 35.51 -117.59
CA ILE OB 415 14.69 35.99 -118.80
C ILE OB 415 15.16 37.42 -118.56
N ASP OB 416 16.46 37.57 -118.32
CA ASP OB 416 17.07 38.86 -118.02
C ASP OB 416 17.77 39.47 -119.24
N ASP OB 417 17.08 39.56 -120.38
CA ASP OB 417 17.59 40.26 -121.55
C ASP OB 417 16.47 41.05 -122.21
N ALA OB 418 16.79 42.24 -122.69
CA ALA OB 418 15.83 43.09 -123.38
C ALA OB 418 16.47 43.77 -124.56
N LEU OB 419 17.35 43.07 -125.26
CA LEU OB 419 18.06 43.62 -126.41
C LEU OB 419 17.76 42.79 -127.64
N THR OB 420 17.59 43.45 -128.78
CA THR OB 420 17.28 42.76 -130.02
C THR OB 420 18.56 42.20 -130.64
N CYS OB 421 18.44 41.66 -131.85
CA CYS OB 421 19.56 41.03 -132.54
C CYS OB 421 20.12 41.92 -133.63
N CYS OB 422 20.13 43.23 -133.39
CA CYS OB 422 20.72 44.17 -134.32
C CYS OB 422 22.23 44.24 -134.08
N THR OB 423 23.00 44.14 -135.16
CA THR OB 423 24.46 44.15 -135.04
C THR OB 423 24.95 45.47 -134.44
N GLN OB 424 24.39 46.58 -134.88
CA GLN OB 424 24.84 47.88 -134.39
C GLN OB 424 24.33 48.14 -132.99
N ASP OB 425 25.16 48.81 -132.19
CA ASP OB 425 24.84 49.17 -130.82
C ASP OB 425 23.96 50.40 -130.73
N ASN OB 426 23.37 50.81 -131.84
CA ASN OB 426 22.50 51.97 -131.86
C ASN OB 426 21.28 51.75 -130.97
N TYR OB 427 20.74 52.85 -130.46
CA TYR OB 427 19.65 52.77 -129.50
C TYR OB 427 18.45 52.02 -130.05
N LEU OB 428 18.28 52.00 -131.37
CA LEU OB 428 17.18 51.26 -131.96
C LEU OB 428 17.29 49.76 -131.73
N HIS OB 429 18.48 49.26 -131.39
CA HIS OB 429 18.66 47.85 -131.12
C HIS OB 429 18.10 47.43 -129.76
N PHE OB 430 17.35 48.31 -129.11
CA PHE OB 430 16.69 47.98 -127.86
C PHE OB 430 15.41 47.21 -128.15
N GLN OB 431 14.69 46.83 -127.11
CA GLN OB 431 13.48 46.04 -127.30
C GLN OB 431 12.25 46.93 -127.53
N HIS OB 432 12.16 48.05 -126.84
CA HIS OB 432 10.99 48.91 -126.92
C HIS OB 432 10.97 49.70 -128.22
N VAL OB 433 12.13 49.98 -128.79
CA VAL OB 433 12.18 50.82 -129.98
C VAL OB 433 11.41 50.19 -131.14
N PRO OB 434 11.64 48.93 -131.52
CA PRO OB 434 10.80 48.33 -132.57
C PRO OB 434 9.33 48.33 -132.20
N SER OB 435 9.02 48.14 -130.92
CA SER OB 435 7.63 48.19 -130.50
C SER OB 435 7.03 49.57 -130.77
N LEU OB 436 7.79 50.63 -130.52
CA LEU OB 436 7.23 51.95 -130.73
C LEU OB 436 7.10 52.26 -132.21
N MET OB 437 8.04 51.80 -133.05
CA MET OB 437 7.80 51.95 -134.48
C MET OB 437 6.56 51.20 -134.91
N ASN OB 438 6.36 49.98 -134.40
CA ASN OB 438 5.17 49.22 -134.75
C ASN OB 438 3.91 49.99 -134.37
N ALA OB 439 3.88 50.52 -133.15
CA ALA OB 439 2.70 51.24 -132.68
C ALA OB 439 2.42 52.46 -133.54
N ILE OB 440 3.43 53.31 -133.72
CA ILE OB 440 3.23 54.53 -134.49
C ILE OB 440 2.87 54.19 -135.93
N SER OB 441 3.39 53.08 -136.45
CA SER OB 441 3.04 52.67 -137.81
C SER OB 441 1.58 52.28 -137.90
N ARG OB 442 1.09 51.51 -136.93
CA ARG OB 442 -0.32 51.12 -136.96
C ARG OB 442 -1.22 52.33 -136.86
N PHE OB 443 -0.89 53.27 -135.97
CA PHE OB 443 -1.70 54.48 -135.87
C PHE OB 443 -1.63 55.32 -137.14
N PHE OB 444 -0.43 55.42 -137.73
CA PHE OB 444 -0.30 56.17 -138.97
C PHE OB 444 -1.12 55.55 -140.08
N VAL OB 445 -1.10 54.22 -140.20
CA VAL OB 445 -1.82 53.59 -141.30
C VAL OB 445 -3.32 53.68 -141.07
N GLN OB 446 -3.77 53.52 -139.83
CA GLN OB 446 -5.20 53.65 -139.59
C GLN OB 446 -5.70 55.06 -139.86
N LEU OB 447 -4.92 56.08 -139.44
CA LEU OB 447 -5.35 57.44 -139.74
C LEU OB 447 -5.28 57.72 -141.23
N ALA OB 448 -4.27 57.19 -141.91
CA ALA OB 448 -4.17 57.37 -143.35
C ALA OB 448 -5.35 56.75 -144.07
N ARG OB 449 -5.80 55.58 -143.60
CA ARG OB 449 -6.93 54.94 -144.25
C ARG OB 449 -8.22 55.70 -143.96
N GLN OB 450 -8.43 56.11 -142.71
CA GLN OB 450 -9.64 56.85 -142.39
C GLN OB 450 -9.68 58.21 -143.06
N MET OB 451 -8.53 58.79 -143.40
CA MET OB 451 -8.51 60.09 -144.05
C MET OB 451 -8.35 59.96 -145.55
N LYS OB 452 -8.08 58.75 -146.04
CA LYS OB 452 -7.81 58.52 -147.44
C LYS OB 452 -8.98 58.97 -148.31
N HIS OB 453 -8.64 59.51 -149.49
CA HIS OB 453 -9.63 59.97 -150.46
C HIS OB 453 -10.53 61.05 -149.85
N SER OB 454 -9.89 62.17 -149.52
CA SER OB 454 -10.61 63.35 -149.08
C SER OB 454 -10.18 64.54 -149.90
N PRO OB 455 -11.12 65.43 -150.24
CA PRO OB 455 -10.77 66.66 -150.93
C PRO OB 455 -9.54 67.33 -150.34
N ASP OB 456 -8.72 67.89 -151.23
CA ASP OB 456 -7.50 68.57 -150.79
C ASP OB 456 -7.85 69.83 -150.00
N GLY OB 457 -7.06 70.09 -148.95
CA GLY OB 457 -7.26 71.28 -148.13
C GLY OB 457 -7.57 70.93 -146.69
N ILE OB 458 -8.39 69.90 -146.49
CA ILE OB 458 -8.66 69.38 -145.15
C ILE OB 458 -7.71 68.28 -144.78
N THR OB 459 -6.97 67.73 -145.74
CA THR OB 459 -6.06 66.63 -145.45
C THR OB 459 -5.01 67.06 -144.43
N ALA OB 460 -4.40 68.21 -144.66
CA ALA OB 460 -3.36 68.69 -143.76
C ALA OB 460 -3.91 68.92 -142.36
N ALA OB 461 -5.07 69.55 -142.27
CA ALA OB 461 -5.66 69.82 -140.96
C ALA OB 461 -5.96 68.53 -140.23
N GLY OB 462 -6.58 67.56 -140.92
CA GLY OB 462 -6.92 66.32 -140.27
C GLY OB 462 -5.71 65.54 -139.82
N LEU OB 463 -4.68 65.47 -140.67
CA LEU OB 463 -3.47 64.76 -140.28
C LEU OB 463 -2.79 65.45 -139.12
N THR OB 464 -2.77 66.78 -139.11
CA THR OB 464 -2.16 67.50 -137.99
C THR OB 464 -2.91 67.20 -136.70
N LYS OB 465 -4.24 67.21 -136.74
CA LYS OB 465 -5.00 66.93 -135.53
C LYS OB 465 -4.75 65.52 -135.03
N GLY OB 466 -4.75 64.55 -135.95
CA GLY OB 466 -4.42 63.19 -135.55
C GLY OB 466 -3.05 63.09 -134.93
N MET OB 467 -2.08 63.81 -135.50
CA MET OB 467 -0.75 63.88 -134.89
C MET OB 467 -0.85 64.40 -133.47
N THR OB 468 -1.66 65.45 -133.28
CA THR OB 468 -1.78 66.03 -131.95
C THR OB 468 -2.25 64.98 -130.95
N LYS OB 469 -3.37 64.31 -131.25
CA LYS OB 469 -3.88 63.35 -130.28
C LYS OB 469 -2.91 62.20 -130.04
N LEU OB 470 -2.26 61.70 -131.10
CA LEU OB 470 -1.36 60.57 -130.88
C LEU OB 470 -0.17 60.99 -130.03
N LEU OB 471 0.37 62.18 -130.27
CA LEU OB 471 1.49 62.61 -129.43
C LEU OB 471 1.05 62.84 -128.00
N ASP OB 472 -0.16 63.37 -127.80
CA ASP OB 472 -0.64 63.54 -126.43
C ASP OB 472 -0.76 62.20 -125.73
N ARG OB 473 -1.31 61.20 -126.41
CA ARG OB 473 -1.46 59.92 -125.72
C ARG OB 473 -0.11 59.26 -125.49
N PHE OB 474 0.84 59.45 -126.38
CA PHE OB 474 2.18 58.92 -126.12
C PHE OB 474 2.83 59.61 -124.93
N VAL OB 475 2.77 60.94 -124.87
CA VAL OB 475 3.43 61.61 -123.76
C VAL OB 475 2.72 61.32 -122.44
N ALA OB 476 1.40 61.16 -122.48
CA ALA OB 476 0.68 60.74 -121.28
C ALA OB 476 1.11 59.34 -120.86
N SER OB 477 1.33 58.45 -121.82
CA SER OB 477 1.92 57.16 -121.53
C SER OB 477 3.31 57.33 -120.95
N GLY OB 478 3.99 58.43 -121.26
CA GLY OB 478 5.31 58.69 -120.76
C GLY OB 478 6.42 58.10 -121.59
N ALA OB 479 6.09 57.31 -122.61
CA ALA OB 479 7.13 56.73 -123.46
C ALA OB 479 7.90 57.81 -124.20
N LEU OB 480 7.26 58.93 -124.47
CA LEU OB 480 7.91 60.07 -125.13
C LEU OB 480 8.35 61.05 -124.05
N VAL OB 481 9.64 61.41 -124.05
CA VAL OB 481 10.18 62.40 -123.14
C VAL OB 481 11.03 63.37 -123.93
N ALA OB 482 11.21 64.56 -123.36
CA ALA OB 482 12.06 65.56 -124.00
C ALA OB 482 13.51 65.08 -123.99
N PRO OB 483 14.28 65.45 -125.01
CA PRO OB 483 15.69 65.03 -125.06
C PRO OB 483 16.49 65.62 -123.91
N ARG OB 484 17.53 64.90 -123.51
CA ARG OB 484 18.35 65.29 -122.38
C ARG OB 484 19.44 66.27 -122.75
N ASP OB 485 19.54 66.68 -124.02
CA ASP OB 485 20.52 67.65 -124.48
C ASP OB 485 19.81 68.91 -124.92
N PRO OB 486 19.57 69.87 -124.02
CA PRO OB 486 18.94 71.13 -124.42
C PRO OB 486 19.76 71.90 -125.43
N ASP OB 487 21.09 71.80 -125.36
CA ASP OB 487 21.95 72.54 -126.27
C ASP OB 487 21.77 72.07 -127.71
N ALA OB 488 21.73 70.76 -127.93
CA ALA OB 488 21.67 70.23 -129.28
C ALA OB 488 20.23 69.96 -129.73
N ASP OB 489 19.53 69.08 -129.02
CA ASP OB 489 18.18 68.71 -129.39
C ASP OB 489 17.11 69.51 -128.63
N GLY OB 490 17.53 70.46 -127.80
CA GLY OB 490 16.54 71.26 -127.11
C GLY OB 490 15.89 70.49 -125.98
N THR OB 491 14.74 71.02 -125.54
CA THR OB 491 13.98 70.44 -124.44
C THR OB 491 12.56 70.06 -124.86
N GLU OB 492 12.35 69.81 -126.14
CA GLU OB 492 11.02 69.49 -126.65
C GLU OB 492 11.06 68.10 -127.28
N PRO OB 493 10.15 67.20 -126.91
CA PRO OB 493 10.29 65.79 -127.31
C PRO OB 493 9.94 65.48 -128.77
N TYR OB 494 8.89 66.10 -129.29
CA TYR OB 494 8.28 65.67 -130.55
C TYR OB 494 8.23 66.81 -131.56
N VAL OB 495 8.67 66.54 -132.78
CA VAL OB 495 8.64 67.54 -133.83
C VAL OB 495 8.00 66.93 -135.08
N LEU OB 496 7.16 67.70 -135.74
CA LEU OB 496 6.31 67.25 -136.83
C LEU OB 496 6.37 68.23 -137.99
N LYS OB 497 6.52 67.70 -139.21
CA LYS OB 497 6.32 68.49 -140.42
C LYS OB 497 5.47 67.72 -141.41
N VAL OB 498 4.75 68.46 -142.25
CA VAL OB 498 3.99 67.90 -143.35
C VAL OB 498 4.29 68.72 -144.60
N THR OB 499 4.48 68.03 -145.72
CA THR OB 499 4.83 68.65 -146.99
C THR OB 499 3.93 68.09 -148.09
N GLN OB 500 3.88 68.81 -149.20
CA GLN OB 500 3.13 68.38 -150.38
C GLN OB 500 4.06 68.39 -151.58
N ALA OB 501 4.30 67.21 -152.15
CA ALA OB 501 5.28 67.10 -153.23
C ALA OB 501 4.71 67.56 -154.58
N GLU OB 502 3.53 67.06 -154.94
CA GLU OB 502 2.90 67.39 -156.21
C GLU OB 502 1.42 67.57 -155.92
N PHE OB 503 0.60 67.54 -156.98
CA PHE OB 503 -0.85 67.54 -156.79
C PHE OB 503 -1.31 66.42 -155.87
N ASP OB 504 -0.49 65.37 -155.72
CA ASP OB 504 -0.66 64.33 -154.72
C ASP OB 504 0.62 64.18 -153.91
N LYS OB 505 0.71 63.09 -153.13
CA LYS OB 505 1.90 62.79 -152.33
C LYS OB 505 2.14 63.88 -151.27
N TRP OB 506 1.22 63.91 -150.32
CA TRP OB 506 1.53 64.49 -149.03
C TRP OB 506 2.56 63.60 -148.33
N GLU OB 507 3.51 64.21 -147.64
CA GLU OB 507 4.51 63.51 -146.86
C GLU OB 507 4.49 64.04 -145.43
N VAL OB 508 4.66 63.14 -144.48
CA VAL OB 508 4.70 63.51 -143.06
C VAL OB 508 6.01 63.00 -142.46
N VAL OB 509 6.65 63.84 -141.67
CA VAL OB 509 7.90 63.50 -141.01
C VAL OB 509 7.78 63.86 -139.53
N TRP OB 510 8.38 63.03 -138.69
CA TRP OB 510 8.26 63.18 -137.24
C TRP OB 510 9.52 62.67 -136.55
N ALA OB 511 9.91 63.34 -135.48
CA ALA OB 511 11.04 62.93 -134.65
C ALA OB 511 10.66 63.02 -133.18
N CYS OB 512 11.12 62.04 -132.40
CA CYS OB 512 10.81 61.97 -130.98
C CYS OB 512 12.02 61.41 -130.24
N CYS OB 513 11.84 61.13 -128.95
CA CYS OB 513 12.92 60.70 -128.08
C CYS OB 513 12.47 59.56 -127.16
N PRO OB 514 13.33 58.56 -126.95
CA PRO OB 514 12.98 57.45 -126.05
C PRO OB 514 13.24 57.75 -124.59
N THR OB 515 13.09 56.75 -123.72
CA THR OB 515 13.23 56.92 -122.28
C THR OB 515 14.06 55.78 -121.70
N GLY OB 516 14.72 56.05 -120.58
CA GLY OB 516 15.55 55.03 -119.95
C GLY OB 516 14.73 53.92 -119.33
N VAL OB 517 15.34 52.74 -119.26
CA VAL OB 517 14.65 51.52 -118.81
C VAL OB 517 15.47 50.77 -117.77
N ALA OB 518 16.58 51.36 -117.31
CA ALA OB 518 17.42 50.76 -116.28
C ALA OB 518 17.95 49.39 -116.72
N ARG OB 519 18.84 49.45 -117.72
CA ARG OB 519 19.36 48.22 -118.32
C ARG OB 519 20.21 47.43 -117.33
N ARG OB 520 21.33 47.99 -116.90
CA ARG OB 520 22.31 47.27 -116.10
C ARG OB 520 22.15 47.63 -114.62
N ILE OB 521 23.05 47.11 -113.78
CA ILE OB 521 23.09 47.44 -112.37
C ILE OB 521 24.50 47.91 -112.02
N GLN OB 522 24.69 48.28 -110.76
CA GLN OB 522 25.99 48.73 -110.27
C GLN OB 522 26.01 48.57 -108.76
N GLY OB 523 27.18 48.84 -108.18
CA GLY OB 523 27.31 48.80 -106.74
C GLY OB 523 28.73 49.04 -106.24
N VAL OB 524 28.87 49.87 -105.22
CA VAL OB 524 30.18 50.11 -104.61
C VAL OB 524 30.04 50.19 -103.09
N PRO OB 525 30.71 49.32 -102.34
CA PRO OB 525 30.63 49.35 -100.88
C PRO OB 525 31.76 50.18 -100.28
N LEU OB 526 31.53 50.61 -99.04
CA LEU OB 526 32.55 51.39 -98.34
C LEU OB 526 32.34 51.28 -96.85
N LEU OB 527 33.46 51.34 -96.12
CA LEU OB 527 33.45 51.44 -94.67
C LEU OB 527 34.24 52.67 -94.27
N ILE OB 528 33.75 53.38 -93.25
CA ILE OB 528 34.47 54.53 -92.75
C ILE OB 528 35.62 54.10 -91.84
N LYS OB 529 35.61 52.86 -91.35
CA LYS OB 529 36.62 52.33 -90.45
C LYS OB 529 36.74 53.19 -89.19
N SER PB 2 26.44 28.56 -110.99
CA SER PB 2 26.13 29.20 -112.25
C SER PB 2 26.54 30.67 -112.25
N GLN PB 3 25.54 31.55 -112.30
CA GLN PB 3 25.77 32.98 -112.38
C GLN PB 3 25.84 33.67 -111.02
N TYR PB 4 25.69 32.92 -109.93
CA TYR PB 4 25.73 33.53 -108.60
C TYR PB 4 27.07 34.19 -108.33
N SER PB 5 28.14 33.66 -108.91
CA SER PB 5 29.43 34.33 -108.82
C SER PB 5 29.36 35.70 -109.46
N ILE PB 6 29.88 36.70 -108.76
CA ILE PB 6 29.79 38.09 -109.20
C ILE PB 6 31.20 38.60 -109.48
N GLN PB 7 31.37 39.25 -110.62
CA GLN PB 7 32.62 39.91 -110.94
C GLN PB 7 32.63 41.32 -110.36
N GLN PB 8 33.77 41.99 -110.47
CA GLN PB 8 33.88 43.33 -109.92
C GLN PB 8 33.65 44.42 -110.96
N SER PB 9 33.79 44.11 -112.23
CA SER PB 9 33.68 45.10 -113.30
C SER PB 9 32.44 44.83 -114.14
N LEU PB 10 31.68 45.88 -114.41
CA LEU PB 10 30.49 45.73 -115.22
C LEU PB 10 30.86 45.47 -116.68
N GLY PB 11 30.02 44.71 -117.36
CA GLY PB 11 30.27 44.41 -118.76
C GLY PB 11 29.55 45.37 -119.68
N ASN PB 12 28.85 44.84 -120.68
CA ASN PB 12 28.11 45.66 -121.62
C ASN PB 12 26.62 45.37 -121.61
N ALA PB 13 26.19 44.29 -120.98
CA ALA PB 13 24.79 43.90 -120.97
C ALA PB 13 24.28 43.88 -119.53
N SER PB 14 23.03 43.44 -119.35
CA SER PB 14 22.41 43.36 -118.04
C SER PB 14 23.07 42.23 -117.25
N GLY PB 15 24.02 42.59 -116.38
CA GLY PB 15 24.74 41.62 -115.60
C GLY PB 15 24.75 41.99 -114.13
N VAL PB 16 25.47 41.19 -113.35
CA VAL PB 16 25.62 41.39 -111.91
C VAL PB 16 27.10 41.61 -111.61
N ALA PB 17 27.44 42.82 -111.18
CA ALA PB 17 28.81 43.16 -110.83
C ALA PB 17 28.79 44.35 -109.89
N VAL PB 18 29.55 44.26 -108.81
CA VAL PB 18 29.68 45.34 -107.85
C VAL PB 18 31.15 45.59 -107.59
N SER PB 19 31.45 46.79 -107.10
CA SER PB 19 32.82 47.15 -106.82
C SER PB 19 33.37 46.34 -105.65
N PRO PB 20 34.67 46.10 -105.63
CA PRO PB 20 35.27 45.44 -104.46
C PRO PB 20 35.18 46.32 -103.23
N ILE PB 21 35.13 45.67 -102.07
CA ILE PB 21 35.06 46.41 -100.82
C ILE PB 21 36.38 47.14 -100.58
N ASN PB 22 36.26 48.39 -100.12
CA ASN PB 22 37.43 49.20 -99.79
C ASN PB 22 37.11 50.02 -98.54
N ALA PB 23 38.15 50.45 -97.86
CA ALA PB 23 38.02 51.23 -96.64
C ALA PB 23 38.71 52.58 -96.70
N ASP PB 24 39.90 52.65 -97.30
CA ASP PB 24 40.65 53.90 -97.38
C ASP PB 24 40.11 54.75 -98.53
N ALA PB 25 38.89 55.24 -98.34
CA ALA PB 25 38.24 56.10 -99.32
C ALA PB 25 37.30 57.04 -98.59
N THR PB 26 36.99 58.16 -99.25
CA THR PB 26 36.13 59.19 -98.68
C THR PB 26 34.88 59.34 -99.52
N LEU PB 27 33.83 59.88 -98.90
CA LEU PB 27 32.55 60.06 -99.54
C LEU PB 27 32.04 61.46 -99.24
N SER PB 28 31.41 62.08 -100.23
CA SER PB 28 30.93 63.46 -100.13
C SER PB 28 29.44 63.51 -100.46
N THR PB 29 28.71 64.27 -99.65
CA THR PB 29 27.28 64.50 -99.88
C THR PB 29 26.98 65.96 -99.60
N GLY PB 30 25.81 66.39 -100.02
CA GLY PB 30 25.34 67.73 -99.72
C GLY PB 30 24.45 68.26 -100.81
N VAL PB 31 23.79 69.38 -100.49
CA VAL PB 31 22.94 70.10 -101.43
C VAL PB 31 23.31 71.57 -101.34
N ALA PB 32 23.60 72.18 -102.49
CA ALA PB 32 24.00 73.58 -102.53
C ALA PB 32 22.79 74.50 -102.34
N LEU PB 33 23.06 75.68 -101.79
CA LEU PB 33 22.05 76.71 -101.62
C LEU PB 33 21.79 77.52 -102.88
N ASN PB 34 22.63 77.36 -103.90
CA ASN PB 34 22.45 77.91 -105.25
C ASN PB 34 21.92 79.34 -105.29
N SER PB 35 22.45 80.20 -104.42
CA SER PB 35 22.10 81.61 -104.47
C SER PB 35 23.30 82.53 -104.32
N SER PB 36 24.46 82.03 -103.90
CA SER PB 36 25.65 82.85 -103.74
C SER PB 36 26.83 82.13 -104.37
N LEU PB 37 27.83 82.91 -104.77
CA LEU PB 37 28.98 82.35 -105.45
C LEU PB 37 30.28 82.90 -104.88
N TRP PB 38 31.26 82.02 -104.79
CA TRP PB 38 32.57 82.36 -104.28
C TRP PB 38 33.63 81.83 -105.24
N ALA PB 39 34.73 82.55 -105.33
CA ALA PB 39 35.83 82.17 -106.20
C ALA PB 39 37.11 82.72 -105.60
N GLY PB 40 38.23 82.17 -106.03
CA GLY PB 40 39.50 82.66 -105.57
C GLY PB 40 40.63 81.77 -106.03
N ILE PB 41 41.85 82.22 -105.72
CA ILE PB 41 43.04 81.46 -106.01
C ILE PB 41 43.22 80.40 -104.94
N GLY PB 42 43.70 79.23 -105.34
CA GLY PB 42 43.98 78.18 -104.38
C GLY PB 42 45.13 77.31 -104.84
N VAL PB 43 45.88 76.81 -103.87
CA VAL PB 43 47.00 75.91 -104.13
C VAL PB 43 46.43 74.49 -104.07
N PHE PB 44 46.26 73.88 -105.23
CA PHE PB 44 45.61 72.58 -105.28
C PHE PB 44 46.36 71.60 -106.17
N ALA PB 45 45.77 70.44 -106.39
CA ALA PB 45 46.33 69.42 -107.26
C ALA PB 45 45.29 69.03 -108.29
N ARG PB 46 45.78 68.55 -109.44
CA ARG PB 46 44.93 68.06 -110.53
C ARG PB 46 44.09 69.18 -111.15
N GLY PB 47 43.48 68.90 -112.29
CA GLY PB 47 42.74 69.90 -113.02
C GLY PB 47 43.66 70.76 -113.87
N LYS PB 48 43.06 71.63 -114.65
CA LYS PB 48 43.82 72.52 -115.51
C LYS PB 48 44.32 73.71 -114.71
N PRO PB 49 45.64 73.91 -114.60
CA PRO PB 49 46.15 75.08 -113.89
C PRO PB 49 45.89 76.36 -114.69
N PHE PB 50 45.92 77.48 -113.96
CA PHE PB 50 45.74 78.79 -114.55
C PHE PB 50 44.46 78.87 -115.36
N THR PB 51 43.39 78.30 -114.82
CA THR PB 51 42.09 78.33 -115.47
C THR PB 51 41.00 78.27 -114.41
N VAL PB 52 40.11 79.27 -114.45
CA VAL PB 52 38.97 79.27 -113.53
C VAL PB 52 38.11 78.06 -113.81
N LEU PB 53 37.69 77.38 -112.74
CA LEU PB 53 36.99 76.12 -112.84
C LEU PB 53 35.86 76.12 -111.81
N ALA PB 54 34.65 75.81 -112.28
CA ALA PB 54 33.51 75.67 -111.38
C ALA PB 54 33.55 74.31 -110.72
N VAL PB 55 33.47 74.30 -109.41
CA VAL PB 55 33.56 73.08 -108.61
C VAL PB 55 32.26 72.95 -107.82
N THR PB 56 31.61 71.80 -107.94
CA THR PB 56 30.33 71.56 -107.31
C THR PB 56 30.51 71.17 -105.84
N GLU PB 57 29.41 71.23 -105.10
CA GLU PB 57 29.43 70.90 -103.68
C GLU PB 57 29.62 69.42 -103.41
N SER PB 58 29.56 68.57 -104.43
CA SER PB 58 29.66 67.13 -104.24
C SER PB 58 30.84 66.53 -104.99
N ASN PB 59 30.98 66.83 -106.27
CA ASN PB 59 32.05 66.28 -107.11
C ASN PB 59 33.39 66.96 -106.80
N TYR PB 60 33.42 67.79 -105.76
CA TYR PB 60 34.61 68.57 -105.45
C TYR PB 60 35.80 67.66 -105.16
N GLU PB 61 35.57 66.58 -104.40
CA GLU PB 61 36.67 65.70 -104.03
C GLU PB 61 37.29 65.06 -105.26
N ASP PB 62 36.44 64.56 -106.17
CA ASP PB 62 36.96 63.95 -107.39
C ASP PB 62 37.67 64.97 -108.27
N VAL PB 63 37.07 66.15 -108.45
CA VAL PB 63 37.64 67.10 -109.39
C VAL PB 63 38.94 67.69 -108.86
N LEU PB 64 39.08 67.80 -107.54
CA LEU PB 64 40.34 68.28 -106.96
C LEU PB 64 41.33 67.17 -106.67
N GLY PB 65 40.92 65.91 -106.78
CA GLY PB 65 41.81 64.81 -106.47
C GLY PB 65 41.91 64.58 -104.96
N GLU PB 66 42.85 63.72 -104.61
CA GLU PB 66 43.04 63.37 -103.21
C GLU PB 66 43.51 64.57 -102.42
N PRO PB 67 42.96 64.84 -101.23
CA PRO PB 67 43.40 65.99 -100.45
C PRO PB 67 44.86 65.86 -100.01
N LEU PB 68 45.52 67.00 -99.91
CA LEU PB 68 46.92 67.06 -99.52
C LEU PB 68 47.06 66.92 -98.01
N LYS PB 69 48.28 66.59 -97.58
CA LYS PB 69 48.54 66.41 -96.16
C LYS PB 69 49.18 67.67 -95.59
N PRO PB 70 48.69 68.17 -94.45
CA PRO PB 70 49.28 69.39 -93.89
C PRO PB 70 50.77 69.25 -93.58
N SER PB 71 51.19 68.07 -93.12
CA SER PB 71 52.61 67.84 -92.89
C SER PB 71 53.38 67.87 -94.19
N SER PB 72 52.76 67.45 -95.28
CA SER PB 72 53.37 67.51 -96.61
C SER PB 72 53.35 68.97 -97.06
N GLY PB 73 54.49 69.64 -96.89
CA GLY PB 73 54.56 71.04 -97.25
C GLY PB 73 53.71 71.90 -96.32
N SER PB 74 53.30 73.05 -96.85
CA SER PB 74 52.44 73.97 -96.12
C SER PB 74 51.37 74.51 -97.03
N GLN PB 75 50.76 73.64 -97.83
CA GLN PB 75 49.79 74.05 -98.83
C GLN PB 75 48.39 73.55 -98.52
N PHE PB 76 48.18 73.02 -97.32
CA PHE PB 76 46.89 72.47 -96.92
C PHE PB 76 45.85 73.53 -96.62
N GLU PB 77 46.26 74.79 -96.52
CA GLU PB 77 45.34 75.85 -96.13
C GLU PB 77 44.21 76.04 -97.14
N PRO PB 78 44.48 76.17 -98.46
CA PRO PB 78 43.35 76.31 -99.39
C PRO PB 78 42.44 75.10 -99.40
N ILE PB 79 43.00 73.89 -99.29
CA ILE PB 79 42.16 72.71 -99.37
C ILE PB 79 41.27 72.62 -98.13
N ARG PB 80 41.80 72.96 -96.96
CA ARG PB 80 40.95 72.99 -95.79
C ARG PB 80 39.89 74.08 -95.91
N HIS PB 81 40.29 75.26 -96.41
CA HIS PB 81 39.36 76.36 -96.57
C HIS PB 81 38.18 75.96 -97.43
N VAL PB 82 38.46 75.40 -98.61
CA VAL PB 82 37.37 74.95 -99.46
C VAL PB 82 36.63 73.79 -98.82
N TYR PB 83 37.30 73.03 -97.94
CA TYR PB 83 36.60 71.98 -97.23
C TYR PB 83 35.48 72.53 -96.37
N GLU PB 84 35.74 73.62 -95.63
CA GLU PB 84 34.61 74.18 -94.89
C GLU PB 84 33.73 75.06 -95.75
N ALA PB 85 34.20 75.50 -96.91
CA ALA PB 85 33.41 76.37 -97.76
C ALA PB 85 32.50 75.61 -98.72
N ILE PB 86 32.66 74.29 -98.82
CA ILE PB 86 31.96 73.55 -99.84
C ILE PB 86 30.54 73.18 -99.41
N GLN PB 87 30.31 73.05 -98.11
CA GLN PB 87 29.01 72.63 -97.59
C GLN PB 87 27.97 73.70 -97.72
N GLN PB 88 28.26 74.79 -98.43
CA GLN PB 88 27.30 75.86 -98.64
C GLN PB 88 26.87 75.99 -100.09
N THR PB 89 27.82 76.17 -101.00
CA THR PB 89 27.49 76.34 -102.41
C THR PB 89 28.71 75.93 -103.23
N SER PB 90 28.54 75.95 -104.55
CA SER PB 90 29.62 75.66 -105.46
C SER PB 90 30.56 76.87 -105.55
N GLY PB 91 31.71 76.66 -106.20
CA GLY PB 91 32.71 77.69 -106.32
C GLY PB 91 33.22 77.80 -107.75
N TYR PB 92 33.99 78.85 -107.97
CA TYR PB 92 34.61 79.15 -109.26
C TYR PB 92 36.11 79.31 -109.10
N VAL PB 93 36.73 78.31 -108.49
CA VAL PB 93 38.09 78.45 -107.98
C VAL PB 93 39.09 78.34 -109.11
N VAL PB 94 40.27 78.93 -108.91
CA VAL PB 94 41.36 78.81 -109.87
C VAL PB 94 42.55 78.17 -109.17
N ARG PB 95 43.32 77.41 -109.93
CA ARG PB 95 44.51 76.72 -109.45
C ARG PB 95 45.70 77.09 -110.33
N ALA PB 96 46.84 77.35 -109.69
CA ALA PB 96 48.07 77.70 -110.39
C ALA PB 96 49.22 76.86 -109.85
N VAL PB 97 50.07 76.39 -110.76
CA VAL PB 97 51.22 75.58 -110.39
C VAL PB 97 52.46 76.17 -111.05
N PRO PB 98 53.65 76.00 -110.47
CA PRO PB 98 54.86 76.51 -111.12
C PRO PB 98 55.17 75.74 -112.39
N ASP PB 99 56.10 76.29 -113.16
CA ASP PB 99 56.50 75.67 -114.43
C ASP PB 99 57.07 74.28 -114.21
N ASP PB 100 57.61 74.01 -113.01
CA ASP PB 100 58.21 72.72 -112.72
C ASP PB 100 57.23 71.57 -112.91
N ALA PB 101 55.93 71.84 -112.80
CA ALA PB 101 54.94 70.81 -113.00
C ALA PB 101 55.04 70.25 -114.41
N LYS PB 102 55.09 68.93 -114.52
CA LYS PB 102 55.29 68.23 -115.78
C LYS PB 102 54.11 67.32 -116.04
N PHE PB 103 53.73 67.18 -117.30
CA PHE PB 103 52.74 66.18 -117.64
C PHE PB 103 53.27 65.24 -118.70
N PRO PB 104 52.91 63.96 -118.63
CA PRO PB 104 53.43 63.00 -119.59
C PRO PB 104 52.65 63.01 -120.90
N ILE PB 105 53.34 62.62 -121.97
CA ILE PB 105 52.77 62.53 -123.30
C ILE PB 105 53.30 61.25 -123.94
N ILE PB 106 52.41 60.52 -124.61
CA ILE PB 106 52.78 59.30 -125.32
C ILE PB 106 52.48 59.51 -126.80
N MET PB 107 53.50 59.36 -127.63
CA MET PB 107 53.40 59.56 -129.06
C MET PB 107 53.40 58.21 -129.74
N PHE PB 108 52.44 57.98 -130.64
CA PHE PB 108 52.46 56.81 -131.49
C PHE PB 108 52.83 57.23 -132.89
N ASP PB 109 53.83 56.56 -133.46
CA ASP PB 109 54.30 56.92 -134.79
C ASP PB 109 53.36 56.27 -135.81
N GLU PB 110 53.75 56.32 -137.09
CA GLU PB 110 52.86 55.87 -138.16
C GLU PB 110 52.51 54.40 -138.04
N SER PB 111 53.50 53.55 -137.72
CA SER PB 111 53.23 52.15 -137.53
C SER PB 111 52.69 51.84 -136.14
N GLY PB 112 52.61 52.84 -135.25
CA GLY PB 112 52.05 52.66 -133.94
C GLY PB 112 53.06 52.45 -132.82
N GLU PB 113 54.35 52.52 -133.12
CA GLU PB 113 55.34 52.34 -132.07
C GLU PB 113 55.28 53.52 -131.09
N PRO PB 114 55.52 53.27 -129.81
CA PRO PB 114 55.33 54.29 -128.79
C PRO PB 114 56.60 55.07 -128.44
N ALA PB 115 56.38 56.26 -127.89
CA ALA PB 115 57.44 57.09 -127.35
C ALA PB 115 56.87 57.91 -126.20
N TYR PB 116 57.74 58.26 -125.24
CA TYR PB 116 57.31 58.94 -124.03
C TYR PB 116 57.99 60.31 -123.94
N SER PB 117 57.29 61.24 -123.29
CA SER PB 117 57.83 62.58 -123.09
C SER PB 117 57.16 63.20 -121.88
N ALA PB 118 57.77 64.28 -121.38
CA ALA PB 118 57.18 65.10 -120.33
C ALA PB 118 57.30 66.55 -120.74
N LEU PB 119 56.23 67.31 -120.55
CA LEU PB 119 56.23 68.70 -120.98
C LEU PB 119 55.72 69.62 -119.88
N PRO PB 120 56.16 70.88 -119.88
CA PRO PB 120 55.54 71.85 -118.98
C PRO PB 120 54.09 72.11 -119.38
N TYR PB 121 53.26 72.35 -118.39
CA TYR PB 121 51.85 72.59 -118.64
C TYR PB 121 51.67 73.89 -119.43
N GLY PB 122 50.79 73.85 -120.43
CA GLY PB 122 50.59 74.97 -121.31
C GLY PB 122 51.52 75.02 -122.50
N SER PB 123 52.49 74.13 -122.58
CA SER PB 123 53.40 74.10 -123.71
C SER PB 123 52.73 73.45 -124.91
N GLU PB 124 52.90 74.08 -126.08
CA GLU PB 124 52.35 73.55 -127.31
C GLU PB 124 53.07 72.27 -127.72
N ILE PB 125 52.35 71.42 -128.46
CA ILE PB 125 52.88 70.11 -128.84
C ILE PB 125 53.80 70.26 -130.04
N GLU PB 126 54.84 69.43 -130.06
CA GLU PB 126 55.76 69.33 -131.19
C GLU PB 126 55.48 68.06 -131.97
N LEU PB 127 55.48 68.15 -133.28
CA LEU PB 127 55.22 67.00 -134.16
C LEU PB 127 56.22 67.05 -135.31
N ASP PB 128 57.20 66.17 -135.28
CA ASP PB 128 58.15 66.05 -136.38
C ASP PB 128 57.62 65.04 -137.38
N SER PB 129 58.49 64.61 -138.32
CA SER PB 129 58.07 63.61 -139.31
C SER PB 129 57.54 62.35 -138.66
N GLY PB 130 58.10 61.95 -137.52
CA GLY PB 130 57.61 60.80 -136.78
C GLY PB 130 56.44 61.17 -135.91
N GLU PB 131 56.23 60.34 -134.87
CA GLU PB 131 55.21 60.55 -133.84
C GLU PB 131 53.87 60.95 -134.45
N ALA PB 132 53.26 60.02 -135.21
CA ALA PB 132 52.10 60.35 -136.02
C ALA PB 132 51.02 61.06 -135.22
N PHE PB 133 50.79 60.64 -133.98
CA PHE PB 133 49.83 61.33 -133.13
C PHE PB 133 50.22 61.19 -131.67
N ALA PB 134 50.09 62.29 -130.93
CA ALA PB 134 50.45 62.33 -129.52
C ALA PB 134 49.21 62.35 -128.66
N ILE PB 135 49.35 61.85 -127.44
CA ILE PB 135 48.27 61.78 -126.46
C ILE PB 135 48.80 62.30 -125.13
N TYR PB 136 48.09 63.25 -124.53
CA TYR PB 136 48.55 63.97 -123.35
C TYR PB 136 47.43 64.06 -122.32
N VAL PB 137 47.82 63.96 -121.05
CA VAL PB 137 46.85 64.19 -119.98
C VAL PB 137 46.50 65.66 -119.94
N ASP PB 138 45.24 65.95 -119.64
CA ASP PB 138 44.74 67.32 -119.59
C ASP PB 138 44.35 67.76 -118.18
N ASP PB 139 44.35 66.87 -117.20
CA ASP PB 139 43.93 67.19 -115.85
C ASP PB 139 45.06 67.23 -114.84
N GLY PB 140 46.29 66.92 -115.26
CA GLY PB 140 47.42 66.95 -114.36
C GLY PB 140 47.53 65.80 -113.39
N ASP PB 141 46.88 64.68 -113.68
CA ASP PB 141 47.00 63.51 -112.81
C ASP PB 141 48.42 62.97 -112.89
N PRO PB 142 49.05 62.67 -111.75
CA PRO PB 142 50.39 62.05 -111.79
C PRO PB 142 50.38 60.68 -112.44
N CYS PB 143 49.22 60.02 -112.51
CA CYS PB 143 49.07 58.69 -113.09
C CYS PB 143 49.94 57.66 -112.39
N ILE PB 144 50.35 57.94 -111.15
CA ILE PB 144 51.17 57.02 -110.38
C ILE PB 144 50.37 56.63 -109.14
N SER PB 145 49.46 57.50 -108.72
CA SER PB 145 48.62 57.27 -107.56
C SER PB 145 47.38 58.14 -107.68
N PRO PB 146 46.31 57.64 -108.30
CA PRO PB 146 46.18 56.33 -108.94
C PRO PB 146 46.82 56.30 -110.32
N THR PB 147 46.93 55.12 -110.94
CA THR PB 147 47.55 54.97 -112.24
C THR PB 147 46.48 54.89 -113.32
N ARG PB 148 46.67 55.66 -114.39
CA ARG PB 148 45.78 55.61 -115.55
C ARG PB 148 46.44 54.79 -116.64
N GLU PB 149 45.72 53.79 -117.13
CA GLU PB 149 46.25 52.90 -118.15
C GLU PB 149 45.31 52.85 -119.33
N LEU PB 150 45.87 52.63 -120.51
CA LEU PB 150 45.11 52.63 -121.75
C LEU PB 150 45.33 51.31 -122.47
N THR PB 151 44.29 50.86 -123.16
CA THR PB 151 44.35 49.63 -123.95
C THR PB 151 43.85 49.94 -125.35
N ILE PB 152 44.59 49.49 -126.35
CA ILE PB 152 44.30 49.78 -127.75
C ILE PB 152 44.06 48.47 -128.48
N GLU PB 153 42.93 48.39 -129.19
CA GLU PB 153 42.63 47.24 -130.03
C GLU PB 153 41.87 47.71 -131.25
N THR PB 154 42.00 46.94 -132.33
CA THR PB 154 41.28 47.23 -133.54
C THR PB 154 39.78 47.00 -133.33
N ALA PB 155 38.99 47.47 -134.28
CA ALA PB 155 37.54 47.34 -134.20
C ALA PB 155 36.98 47.27 -135.61
N THR PB 156 35.67 47.04 -135.69
CA THR PB 156 35.01 46.94 -136.98
C THR PB 156 35.04 48.28 -137.71
N ALA PB 157 35.04 48.22 -139.03
CA ALA PB 157 35.00 49.42 -139.83
C ALA PB 157 33.58 49.97 -139.89
N ASP PB 158 33.47 51.22 -140.33
CA ASP PB 158 32.17 51.88 -140.45
C ASP PB 158 31.49 51.45 -141.75
N SER PB 159 30.38 52.12 -142.06
CA SER PB 159 29.68 51.83 -143.32
C SER PB 159 30.57 52.13 -144.51
N ALA PB 160 31.33 53.21 -144.45
CA ALA PB 160 32.29 53.56 -145.49
C ALA PB 160 33.60 52.81 -145.37
N GLY PB 161 33.66 51.78 -144.53
CA GLY PB 161 34.90 51.05 -144.36
C GLY PB 161 35.96 51.82 -143.60
N ASN PB 162 35.56 52.81 -142.82
CA ASN PB 162 36.53 53.62 -142.09
C ASN PB 162 37.17 52.79 -140.99
N GLU PB 163 38.51 52.81 -140.95
CA GLU PB 163 39.21 52.07 -139.91
C GLU PB 163 38.83 52.61 -138.54
N ARG PB 164 38.51 51.72 -137.63
CA ARG PB 164 38.14 52.07 -136.28
C ARG PB 164 38.93 51.23 -135.29
N PHE PB 165 39.38 51.86 -134.21
CA PHE PB 165 40.09 51.16 -133.14
C PHE PB 165 39.46 51.55 -131.81
N LEU PB 166 39.36 50.58 -130.92
CA LEU PB 166 38.77 50.79 -129.61
C LEU PB 166 39.85 51.17 -128.61
N LEU PB 167 39.59 52.20 -127.81
CA LEU PB 167 40.46 52.64 -126.74
C LEU PB 167 39.74 52.47 -125.42
N LYS PB 168 40.44 51.91 -124.44
CA LYS PB 168 39.90 51.69 -123.11
C LYS PB 168 40.77 52.40 -122.10
N LEU PB 169 40.16 53.28 -121.30
CA LEU PB 169 40.85 53.95 -120.21
C LEU PB 169 40.49 53.27 -118.89
N THR PB 170 41.50 53.06 -118.05
CA THR PB 170 41.24 52.47 -116.74
C THR PB 170 42.10 53.17 -115.70
N GLN PB 171 41.65 53.04 -114.46
CA GLN PB 171 42.35 53.55 -113.28
C GLN PB 171 42.68 52.37 -112.38
N THR PB 172 43.90 52.34 -111.87
CA THR PB 172 44.34 51.29 -110.96
C THR PB 172 44.97 51.92 -109.73
N THR PB 173 44.51 51.50 -108.56
CA THR PB 173 45.02 52.02 -107.30
C THR PB 173 46.27 51.24 -106.90
N SER PB 174 46.79 51.53 -105.70
CA SER PB 174 47.92 50.77 -105.18
C SER PB 174 47.52 49.32 -104.94
N LEU PB 175 46.31 49.08 -104.44
CA LEU PB 175 45.85 47.71 -104.22
C LEU PB 175 45.76 46.94 -105.53
N GLY PB 176 45.30 47.60 -106.59
CA GLY PB 176 45.19 46.96 -107.87
C GLY PB 176 43.77 46.94 -108.40
N VAL PB 177 42.94 47.85 -107.89
CA VAL PB 177 41.55 47.93 -108.29
C VAL PB 177 41.49 48.50 -109.70
N VAL PB 178 41.25 47.65 -110.68
CA VAL PB 178 41.20 48.05 -112.08
C VAL PB 178 39.78 48.47 -112.41
N THR PB 179 39.58 49.75 -112.70
CA THR PB 179 38.26 50.30 -112.98
C THR PB 179 38.28 50.93 -114.36
N THR PB 180 37.41 50.46 -115.23
CA THR PB 180 37.35 50.98 -116.59
C THR PB 180 36.53 52.27 -116.60
N LEU PB 181 37.19 53.39 -116.83
CA LEU PB 181 36.50 54.67 -116.91
C LEU PB 181 35.58 54.71 -118.13
N GLU PB 182 36.11 54.37 -119.30
CA GLU PB 182 35.34 54.42 -120.53
C GLU PB 182 36.06 53.65 -121.62
N THR PB 183 35.28 53.02 -122.49
CA THR PB 183 35.78 52.37 -123.69
C THR PB 183 35.05 52.95 -124.89
N HIS PB 184 35.79 53.36 -125.91
CA HIS PB 184 35.18 54.01 -127.06
C HIS PB 184 35.95 53.68 -128.31
N THR PB 185 35.22 53.39 -129.39
CA THR PB 185 35.81 53.13 -130.68
C THR PB 185 35.88 54.44 -131.45
N VAL PB 186 37.07 54.75 -131.97
CA VAL PB 186 37.29 56.00 -132.68
C VAL PB 186 37.99 55.71 -133.99
N SER PB 187 37.80 56.62 -134.94
CA SER PB 187 38.28 56.44 -136.31
C SER PB 187 39.07 57.66 -136.76
N LEU PB 188 40.02 57.41 -137.65
CA LEU PB 188 40.84 58.49 -138.21
C LEU PB 188 40.13 59.25 -139.31
N ALA PB 189 39.04 58.70 -139.84
CA ALA PB 189 38.38 59.30 -140.98
C ALA PB 189 37.68 60.60 -140.60
N GLU PB 190 37.68 61.54 -141.54
CA GLU PB 190 36.96 62.79 -141.33
C GLU PB 190 35.45 62.55 -141.22
N GLU PB 191 34.92 61.69 -142.09
CA GLU PB 191 33.47 61.52 -142.22
C GLU PB 191 32.92 60.41 -141.32
N ALA PB 192 33.78 59.59 -140.72
CA ALA PB 192 33.31 58.43 -139.96
C ALA PB 192 32.37 58.83 -138.83
N LYS PB 193 31.24 58.15 -138.75
CA LYS PB 193 30.21 58.42 -137.75
C LYS PB 193 29.97 57.18 -136.91
N ASP PB 194 29.43 57.40 -135.71
CA ASP PB 194 29.11 56.31 -134.80
C ASP PB 194 27.67 55.86 -135.00
N ASP PB 195 27.17 55.02 -134.09
CA ASP PB 195 25.76 54.63 -134.14
C ASP PB 195 24.85 55.81 -133.83
N MET PB 196 25.29 56.71 -132.97
CA MET PB 196 24.50 57.88 -132.60
C MET PB 196 24.63 59.01 -133.61
N GLY PB 197 25.41 58.82 -134.67
CA GLY PB 197 25.67 59.87 -135.62
C GLY PB 197 26.84 60.75 -135.27
N ARG PB 198 27.41 60.60 -134.08
CA ARG PB 198 28.58 61.37 -133.68
C ARG PB 198 29.75 61.03 -134.57
N LEU PB 199 30.50 62.05 -134.97
CA LEU PB 199 31.66 61.83 -135.81
C LEU PB 199 32.72 61.06 -135.03
N CYS PB 200 33.24 60.00 -135.65
CA CYS PB 200 34.28 59.19 -135.02
C CYS PB 200 35.67 59.80 -135.20
N TYR PB 201 35.78 60.93 -135.90
CA TYR PB 201 37.07 61.53 -136.14
C TYR PB 201 37.74 61.93 -134.83
N LEU PB 202 39.04 61.63 -134.73
CA LEU PB 202 39.69 61.55 -133.43
C LEU PB 202 39.65 62.85 -132.63
N PRO PB 203 40.03 64.01 -133.16
CA PRO PB 203 39.93 65.24 -132.35
C PRO PB 203 38.52 65.52 -131.88
N THR PB 204 37.55 65.31 -132.76
CA THR PB 204 36.15 65.52 -132.38
C THR PB 204 35.76 64.59 -131.24
N ALA PB 205 36.13 63.33 -131.34
CA ALA PB 205 35.77 62.36 -130.29
C ALA PB 205 36.43 62.72 -128.96
N LEU PB 206 37.71 63.09 -129.00
CA LEU PB 206 38.40 63.37 -127.74
C LEU PB 206 37.86 64.63 -127.09
N GLU PB 207 37.54 65.66 -127.88
CA GLU PB 207 36.94 66.84 -127.28
C GLU PB 207 35.50 66.58 -126.83
N ALA PB 208 34.82 65.63 -127.46
CA ALA PB 208 33.43 65.37 -127.12
C ALA PB 208 33.30 64.58 -125.83
N ARG PB 209 33.97 63.44 -125.75
CA ARG PB 209 33.83 62.53 -124.62
C ARG PB 209 35.02 62.54 -123.69
N SER PB 210 36.24 62.58 -124.22
CA SER PB 210 37.44 62.43 -123.39
C SER PB 210 37.63 63.67 -122.54
N LYS PB 211 37.58 63.50 -121.22
CA LYS PB 211 37.76 64.61 -120.30
C LYS PB 211 38.98 64.46 -119.42
N TYR PB 212 39.53 63.26 -119.28
CA TYR PB 212 40.72 63.00 -118.49
C TYR PB 212 41.98 62.93 -119.34
N LEU PB 213 41.88 63.16 -120.65
CA LEU PB 213 42.98 62.94 -121.56
C LEU PB 213 42.59 63.53 -122.91
N ARG PB 214 43.55 64.11 -123.61
CA ARG PB 214 43.31 64.65 -124.94
C ARG PB 214 44.45 64.22 -125.83
N ALA PB 215 44.38 64.59 -127.11
CA ALA PB 215 45.37 64.12 -128.06
C ALA PB 215 45.39 65.05 -129.27
N VAL PB 216 46.47 64.95 -130.03
CA VAL PB 216 46.63 65.65 -131.30
C VAL PB 216 47.14 64.66 -132.33
N VAL PB 217 46.85 64.95 -133.60
CA VAL PB 217 47.16 64.05 -134.70
C VAL PB 217 47.76 64.87 -135.84
N ASN PB 218 48.73 64.30 -136.52
CA ASN PB 218 49.34 64.96 -137.68
C ASN PB 218 48.33 65.08 -138.82
N GLU PB 219 48.14 66.30 -139.31
CA GLU PB 219 47.20 66.57 -140.39
C GLU PB 219 47.63 65.91 -141.69
N GLU PB 220 48.91 65.61 -141.84
CA GLU PB 220 49.41 64.97 -143.05
C GLU PB 220 49.46 63.46 -142.96
N LEU PB 221 49.57 62.91 -141.75
CA LEU PB 221 49.59 61.48 -141.53
C LEU PB 221 48.24 60.92 -141.11
N ILE PB 222 47.21 61.78 -140.98
CA ILE PB 222 45.90 61.30 -140.57
C ILE PB 222 45.36 60.27 -141.56
N SER PB 223 45.56 60.50 -142.86
CA SER PB 223 45.04 59.57 -143.86
C SER PB 223 45.88 58.30 -143.94
N THR PB 224 47.20 58.42 -143.91
CA THR PB 224 48.10 57.30 -144.18
C THR PB 224 48.51 56.57 -142.92
N ALA PB 225 48.02 56.96 -141.75
CA ALA PB 225 48.45 56.35 -140.51
C ALA PB 225 47.86 54.94 -140.36
N LYS PB 226 48.56 54.11 -139.60
CA LYS PB 226 48.15 52.75 -139.32
C LYS PB 226 48.07 52.54 -137.81
N VAL PB 227 47.15 51.67 -137.40
CA VAL PB 227 46.89 51.45 -135.99
C VAL PB 227 47.58 50.15 -135.56
N THR PB 228 47.61 49.92 -134.25
CA THR PB 228 48.19 48.71 -133.68
C THR PB 228 47.35 48.30 -132.49
N ASN PB 229 47.83 47.32 -131.74
CA ASN PB 229 47.16 46.85 -130.53
C ASN PB 229 48.09 47.09 -129.34
N LYS PB 230 47.65 47.94 -128.43
CA LYS PB 230 48.44 48.31 -127.27
C LYS PB 230 47.63 48.06 -126.01
N LYS PB 231 48.30 47.56 -124.97
CA LYS PB 231 47.64 47.19 -123.72
C LYS PB 231 48.38 47.83 -122.55
N SER PB 232 47.60 48.30 -121.57
CA SER PB 232 48.14 48.80 -120.30
C SER PB 232 49.15 49.93 -120.52
N LEU PB 233 48.65 51.03 -121.06
CA LEU PB 233 49.50 52.18 -121.36
C LEU PB 233 49.49 53.13 -120.17
N ALA PB 234 50.40 52.88 -119.24
CA ALA PB 234 50.51 53.69 -118.03
C ALA PB 234 51.36 54.91 -118.32
N PHE PB 235 50.77 56.09 -118.14
CA PHE PB 235 51.53 57.33 -118.29
C PHE PB 235 52.53 57.48 -117.15
N THR PB 236 53.64 58.14 -117.47
CA THR PB 236 54.69 58.38 -116.48
C THR PB 236 55.33 59.73 -116.76
N GLY PB 237 55.40 60.57 -115.74
CA GLY PB 237 55.96 61.90 -115.90
C GLY PB 237 55.07 62.97 -115.31
N GLY PB 238 53.91 62.55 -114.79
CA GLY PB 238 52.99 63.47 -114.17
C GLY PB 238 53.45 63.93 -112.80
N THR PB 239 53.90 65.18 -112.73
CA THR PB 239 54.38 65.78 -111.50
C THR PB 239 53.72 67.15 -111.33
N ASN PB 240 53.32 67.46 -110.10
CA ASN PB 240 52.73 68.76 -109.80
C ASN PB 240 53.78 69.83 -109.51
N GLY PB 241 55.06 69.48 -109.49
CA GLY PB 241 56.07 70.46 -109.15
C GLY PB 241 56.04 70.81 -107.66
N ASP PB 242 56.66 71.93 -107.34
CA ASP PB 242 56.74 72.41 -105.96
C ASP PB 242 55.57 73.33 -105.69
N GLN PB 243 54.54 72.83 -105.01
CA GLN PB 243 53.41 73.66 -104.65
C GLN PB 243 53.66 74.54 -103.45
N SER PB 244 54.72 74.29 -102.68
CA SER PB 244 55.01 75.09 -101.50
C SER PB 244 55.27 76.54 -101.87
N LYS PB 245 56.03 76.77 -102.93
CA LYS PB 245 56.33 78.11 -103.42
C LYS PB 245 55.68 78.29 -104.79
N ILE PB 246 54.99 79.40 -104.96
CA ILE PB 246 54.40 79.77 -106.24
C ILE PB 246 54.74 81.22 -106.52
N SER PB 247 55.13 81.50 -107.75
CA SER PB 247 55.70 82.80 -108.09
C SER PB 247 54.65 83.91 -108.07
N THR PB 248 55.12 85.13 -107.83
CA THR PB 248 54.26 86.29 -107.96
C THR PB 248 53.75 86.44 -109.39
N ALA PB 249 54.52 85.98 -110.37
CA ALA PB 249 54.03 85.98 -111.75
C ALA PB 249 52.82 85.07 -111.92
N ALA PB 250 52.87 83.87 -111.32
CA ALA PB 250 51.72 82.99 -111.35
C ALA PB 250 50.56 83.61 -110.59
N TYR PB 251 50.84 84.32 -109.50
CA TYR PB 251 49.80 85.02 -108.77
C TYR PB 251 49.11 86.07 -109.63
N LEU PB 252 49.90 86.87 -110.36
CA LEU PB 252 49.30 87.91 -111.19
C LEU PB 252 48.54 87.30 -112.37
N ARG PB 253 49.05 86.20 -112.92
CA ARG PB 253 48.28 85.52 -113.96
C ARG PB 253 46.96 85.02 -113.42
N ALA PB 254 46.97 84.46 -112.20
CA ALA PB 254 45.73 83.99 -111.60
C ALA PB 254 44.75 85.13 -111.36
N VAL PB 255 45.25 86.25 -110.85
CA VAL PB 255 44.33 87.35 -110.58
C VAL PB 255 43.82 87.94 -111.89
N LYS PB 256 44.63 87.94 -112.95
CA LYS PB 256 44.15 88.37 -114.25
C LYS PB 256 43.06 87.45 -114.76
N VAL PB 257 43.23 86.14 -114.53
CA VAL PB 257 42.16 85.19 -114.87
C VAL PB 257 40.90 85.55 -114.11
N LEU PB 258 41.04 85.90 -112.84
CA LEU PB 258 39.88 86.33 -112.06
C LEU PB 258 39.24 87.57 -112.68
N ASN PB 259 40.08 88.52 -113.12
CA ASN PB 259 39.56 89.73 -113.74
C ASN PB 259 38.74 89.41 -114.97
N ASN PB 260 39.26 88.53 -115.82
CA ASN PB 260 38.66 88.27 -117.11
C ASN PB 260 37.63 87.15 -117.07
N ALA PB 261 37.41 86.52 -115.93
CA ALA PB 261 36.43 85.46 -115.84
C ALA PB 261 35.03 86.02 -115.92
N PRO PB 262 34.22 85.63 -116.91
CA PRO PB 262 32.85 86.15 -117.05
C PRO PB 262 31.83 85.26 -116.35
N TYR PB 263 31.96 85.15 -115.03
CA TYR PB 263 31.04 84.33 -114.24
C TYR PB 263 30.69 85.07 -112.97
N MET PB 264 29.47 84.84 -112.49
CA MET PB 264 29.03 85.50 -111.27
C MET PB 264 29.80 84.97 -110.07
N TYR PB 265 30.03 85.85 -109.10
CA TYR PB 265 30.60 85.43 -107.83
C TYR PB 265 30.23 86.46 -106.78
N THR PB 266 29.75 85.99 -105.64
CA THR PB 266 29.25 86.85 -104.58
C THR PB 266 30.31 87.22 -103.56
N ALA PB 267 31.51 86.66 -103.65
CA ALA PB 267 32.54 86.99 -102.68
C ALA PB 267 33.91 86.66 -103.25
N VAL PB 268 34.94 87.28 -102.67
CA VAL PB 268 36.31 86.91 -102.94
C VAL PB 268 36.98 86.52 -101.63
N LEU PB 269 37.67 85.38 -101.67
CA LEU PB 269 38.12 84.68 -100.48
C LEU PB 269 39.64 84.65 -100.46
N GLY PB 270 40.21 84.93 -99.28
CA GLY PB 270 41.66 84.92 -99.16
C GLY PB 270 42.26 83.57 -99.47
N LEU PB 271 41.68 82.51 -98.91
CA LEU PB 271 42.08 81.14 -99.18
C LEU PB 271 43.55 80.90 -98.87
N GLY PB 272 44.07 81.60 -97.86
CA GLY PB 272 45.44 81.45 -97.43
C GLY PB 272 46.46 82.27 -98.19
N CYS PB 273 46.07 82.99 -99.23
CA CYS PB 273 47.02 83.77 -100.00
C CYS PB 273 47.57 84.92 -99.18
N TYR PB 274 48.89 85.06 -99.17
CA TYR PB 274 49.54 86.12 -98.40
C TYR PB 274 50.46 86.97 -99.27
N ASP PB 275 50.45 86.79 -100.58
CA ASP PB 275 51.21 87.66 -101.46
C ASP PB 275 50.61 89.06 -101.42
N ASN PB 276 51.44 90.05 -101.10
CA ASN PB 276 50.94 91.41 -100.96
C ASN PB 276 50.38 91.92 -102.28
N ALA PB 277 51.09 91.68 -103.38
CA ALA PB 277 50.62 92.17 -104.67
C ALA PB 277 49.32 91.48 -105.09
N ALA PB 278 49.24 90.17 -104.92
CA ALA PB 278 48.02 89.45 -105.28
C ALA PB 278 46.85 89.90 -104.42
N ILE PB 279 47.09 90.08 -103.12
CA ILE PB 279 46.03 90.53 -102.22
C ILE PB 279 45.56 91.92 -102.61
N THR PB 280 46.49 92.82 -102.94
CA THR PB 280 46.13 94.16 -103.35
C THR PB 280 45.33 94.15 -104.65
N ALA PB 281 45.73 93.30 -105.59
CA ALA PB 281 44.97 93.17 -106.82
C ALA PB 281 43.55 92.68 -106.54
N LEU PB 282 43.43 91.70 -105.63
CA LEU PB 282 42.11 91.21 -105.26
C LEU PB 282 41.28 92.31 -104.63
N GLY PB 283 41.89 93.10 -103.76
CA GLY PB 283 41.17 94.19 -103.13
C GLY PB 283 40.69 95.21 -104.14
N LYS PB 284 41.56 95.60 -105.06
CA LYS PB 284 41.18 96.62 -106.03
C LYS PB 284 40.09 96.10 -106.97
N ILE PB 285 40.18 94.83 -107.38
CA ILE PB 285 39.16 94.32 -108.29
C ILE PB 285 37.83 94.15 -107.57
N CYS PB 286 37.85 93.70 -106.32
CA CYS PB 286 36.59 93.55 -105.61
C CYS PB 286 35.98 94.92 -105.31
N ALA PB 287 36.80 95.92 -105.03
CA ALA PB 287 36.29 97.27 -104.85
C ALA PB 287 35.68 97.79 -106.14
N ASP PB 288 36.33 97.53 -107.28
CA ASP PB 288 35.81 98.02 -108.55
C ASP PB 288 34.49 97.34 -108.88
N ARG PB 289 34.44 96.02 -108.76
CA ARG PB 289 33.24 95.26 -109.07
C ARG PB 289 32.27 95.21 -107.89
N LEU PB 290 32.49 96.02 -106.86
CA LEU PB 290 31.57 96.18 -105.74
C LEU PB 290 31.20 94.85 -105.09
N ILE PB 291 32.19 93.97 -104.95
CA ILE PB 291 32.00 92.72 -104.24
C ILE PB 291 32.92 92.69 -103.03
N ASP PB 292 32.53 91.88 -102.05
CA ASP PB 292 33.20 91.87 -100.76
C ASP PB 292 34.39 90.91 -100.73
N GLY PB 293 35.32 91.23 -99.85
CA GLY PB 293 36.57 90.48 -99.75
C GLY PB 293 36.88 90.05 -98.34
N PHE PB 294 37.45 88.86 -98.22
CA PHE PB 294 37.64 88.25 -96.90
C PHE PB 294 39.12 87.98 -96.60
N PHE PB 295 39.98 88.97 -96.80
CA PHE PB 295 41.41 88.74 -96.69
C PHE PB 295 41.81 88.37 -95.26
N ASP PB 296 42.89 87.61 -95.15
CA ASP PB 296 43.38 87.09 -93.89
C ASP PB 296 44.90 87.28 -93.80
N VAL PB 297 45.41 87.29 -92.58
CA VAL PB 297 46.81 87.51 -92.35
C VAL PB 297 47.49 86.18 -92.05
N LYS PB 298 48.81 86.19 -92.02
CA LYS PB 298 49.54 84.96 -91.78
C LYS PB 298 49.21 84.42 -90.39
N PRO PB 299 48.97 83.11 -90.27
CA PRO PB 299 48.65 82.55 -88.95
C PRO PB 299 49.77 82.72 -87.94
N THR PB 300 51.02 82.66 -88.39
CA THR PB 300 52.14 82.61 -87.47
C THR PB 300 52.43 83.94 -86.80
N LEU PB 301 51.99 85.05 -87.38
CA LEU PB 301 52.30 86.35 -86.81
C LEU PB 301 51.53 86.56 -85.50
N THR PB 302 52.20 87.16 -84.53
CA THR PB 302 51.58 87.46 -83.26
C THR PB 302 50.88 88.82 -83.33
N TYR PB 303 50.15 89.14 -82.27
CA TYR PB 303 49.44 90.41 -82.23
C TYR PB 303 50.38 91.60 -82.18
N ALA PB 304 51.63 91.39 -81.74
CA ALA PB 304 52.60 92.48 -81.75
C ALA PB 304 52.82 93.01 -83.15
N GLU PB 305 52.96 92.12 -84.12
CA GLU PB 305 53.15 92.49 -85.51
C GLU PB 305 51.87 92.40 -86.32
N ALA PB 306 50.73 92.18 -85.66
CA ALA PB 306 49.46 92.19 -86.39
C ALA PB 306 49.13 93.58 -86.89
N LEU PB 307 49.44 94.62 -86.11
CA LEU PB 307 49.11 95.98 -86.52
C LEU PB 307 49.76 96.37 -87.84
N PRO PB 308 51.07 96.20 -88.05
CA PRO PB 308 51.67 96.59 -89.33
C PRO PB 308 51.22 95.74 -90.50
N ALA PB 309 50.55 94.61 -90.25
CA ALA PB 309 50.07 93.78 -91.34
C ALA PB 309 49.07 94.52 -92.21
N VAL PB 310 48.25 95.37 -91.59
CA VAL PB 310 47.29 96.16 -92.35
C VAL PB 310 48.01 97.10 -93.31
N GLU PB 311 49.04 97.80 -92.81
CA GLU PB 311 49.81 98.71 -93.65
C GLU PB 311 50.54 97.95 -94.75
N ASP PB 312 51.08 96.78 -94.41
CA ASP PB 312 51.77 95.97 -95.41
C ASP PB 312 50.82 95.53 -96.50
N THR PB 313 49.57 95.22 -96.14
CA THR PB 313 48.56 94.88 -97.13
C THR PB 313 48.29 96.04 -98.06
N GLY PB 314 48.25 97.25 -97.53
CA GLY PB 314 48.01 98.41 -98.36
C GLY PB 314 46.56 98.66 -98.70
N LEU PB 315 45.63 98.06 -97.97
CA LEU PB 315 44.21 98.28 -98.21
C LEU PB 315 43.68 99.51 -97.49
N LEU PB 316 44.52 100.19 -96.71
CA LEU PB 316 44.07 101.34 -95.95
C LEU PB 316 43.55 102.44 -96.87
N GLY PB 317 42.39 102.97 -96.53
CA GLY PB 317 41.79 104.03 -97.33
C GLY PB 317 40.30 104.07 -97.12
N THR PB 318 39.69 105.07 -97.75
CA THR PB 318 38.25 105.28 -97.66
C THR PB 318 37.49 104.57 -98.78
N ASP PB 319 38.19 103.91 -99.69
CA ASP PB 319 37.57 103.20 -100.80
C ASP PB 319 37.48 101.70 -100.57
N TYR PB 320 38.43 101.13 -99.84
CA TYR PB 320 38.47 99.69 -99.61
C TYR PB 320 37.65 99.32 -98.37
N VAL PB 321 36.40 99.75 -98.39
CA VAL PB 321 35.49 99.44 -97.29
C VAL PB 321 34.87 98.06 -97.48
N SER PB 322 34.74 97.60 -98.71
CA SER PB 322 34.16 96.29 -99.03
C SER PB 322 35.08 95.13 -98.66
N CYS PB 323 36.18 95.38 -97.95
CA CYS PB 323 37.12 94.32 -97.59
C CYS PB 323 37.18 94.15 -96.09
N SER PB 324 37.50 92.94 -95.67
CA SER PB 324 37.67 92.60 -94.26
C SER PB 324 38.99 91.86 -94.10
N VAL PB 325 39.62 92.06 -92.94
CA VAL PB 325 40.90 91.45 -92.62
C VAL PB 325 40.72 90.56 -91.40
N TYR PB 326 41.24 89.35 -91.48
CA TYR PB 326 41.04 88.34 -90.46
C TYR PB 326 42.38 87.93 -89.86
N HIS PB 327 42.34 87.58 -88.58
CA HIS PB 327 43.47 87.03 -87.86
C HIS PB 327 43.00 85.84 -87.05
N TYR PB 328 43.88 84.84 -86.91
CA TYR PB 328 43.52 83.57 -86.28
C TYR PB 328 44.69 83.03 -85.49
N PRO PB 329 44.87 83.48 -84.25
CA PRO PB 329 45.95 82.98 -83.39
C PRO PB 329 45.58 81.71 -82.63
N PHE PB 330 45.17 80.68 -83.36
CA PHE PB 330 44.66 79.47 -82.73
C PHE PB 330 45.07 78.26 -83.55
N SER PB 331 44.97 77.09 -82.92
CA SER PB 331 45.29 75.83 -83.57
C SER PB 331 44.36 74.73 -83.10
N CYS PB 332 43.95 73.86 -84.02
CA CYS PB 332 42.94 72.86 -83.78
C CYS PB 332 43.42 71.48 -84.24
N LYS PB 333 42.50 70.51 -84.13
CA LYS PB 333 42.72 69.16 -84.66
C LYS PB 333 42.40 69.09 -86.14
N ASP PB 334 43.20 68.30 -86.84
CA ASP PB 334 42.97 68.04 -88.25
C ASP PB 334 41.70 67.22 -88.44
N LYS PB 335 41.06 67.41 -89.59
CA LYS PB 335 39.95 66.56 -89.96
C LYS PB 335 40.41 65.17 -90.35
N TRP PB 336 41.61 65.04 -90.88
CA TRP PB 336 42.09 63.76 -91.38
C TRP PB 336 43.27 63.24 -90.58
N THR PB 337 44.33 64.03 -90.44
CA THR PB 337 45.53 63.56 -89.75
C THR PB 337 45.42 63.68 -88.24
N GLN PB 338 44.38 64.35 -87.74
CA GLN PB 338 44.21 64.57 -86.31
C GLN PB 338 45.45 65.26 -85.73
N SER PB 339 45.89 66.31 -86.40
CA SER PB 339 47.09 67.05 -86.04
C SER PB 339 46.72 68.42 -85.46
N ARG PB 340 47.76 69.17 -85.11
CA ARG PB 340 47.61 70.58 -84.78
C ARG PB 340 47.72 71.35 -86.10
N VAL PB 341 46.60 71.84 -86.57
CA VAL PB 341 46.51 72.54 -87.84
C VAL PB 341 45.90 73.90 -87.61
N VAL PB 342 46.28 74.86 -88.45
CA VAL PB 342 45.83 76.24 -88.37
C VAL PB 342 45.38 76.67 -89.75
N PHE PB 343 44.19 77.25 -89.84
CA PHE PB 343 43.72 77.84 -91.08
C PHE PB 343 42.76 78.97 -90.76
N GLY PB 344 42.59 79.86 -91.74
CA GLY PB 344 41.93 81.12 -91.52
C GLY PB 344 40.42 80.99 -91.40
N LEU PB 345 39.77 82.15 -91.41
CA LEU PB 345 38.34 82.26 -91.15
C LEU PB 345 37.56 82.67 -92.39
N SER PB 346 38.19 82.61 -93.57
CA SER PB 346 37.49 83.01 -94.79
C SER PB 346 36.30 82.11 -95.06
N GLY PB 347 36.45 80.81 -94.86
CA GLY PB 347 35.36 79.88 -95.11
C GLY PB 347 34.17 80.15 -94.21
N VAL PB 348 34.42 80.35 -92.92
CA VAL PB 348 33.31 80.63 -92.02
C VAL PB 348 32.72 82.00 -92.30
N ALA PB 349 33.53 82.96 -92.75
CA ALA PB 349 32.97 84.25 -93.12
C ALA PB 349 32.00 84.10 -94.27
N TYR PB 350 32.39 83.36 -95.31
CA TYR PB 350 31.51 83.13 -96.44
C TYR PB 350 30.27 82.36 -96.02
N ALA PB 351 30.44 81.36 -95.14
CA ALA PB 351 29.30 80.58 -94.68
C ALA PB 351 28.33 81.46 -93.90
N ALA PB 352 28.87 82.37 -93.08
CA ALA PB 352 28.02 83.29 -92.34
C ALA PB 352 27.26 84.20 -93.28
N LYS PB 353 27.94 84.70 -94.32
CA LYS PB 353 27.24 85.51 -95.31
C LYS PB 353 26.13 84.71 -95.98
N ALA PB 354 26.42 83.45 -96.31
CA ALA PB 354 25.44 82.63 -97.01
C ALA PB 354 24.22 82.34 -96.14
N ARG PB 355 24.44 81.98 -94.89
CA ARG PB 355 23.30 81.73 -94.01
C ARG PB 355 22.52 83.01 -93.76
N GLY PB 356 23.20 84.15 -93.61
CA GLY PB 356 22.48 85.40 -93.45
C GLY PB 356 21.62 85.73 -94.65
N VAL PB 357 22.15 85.58 -95.85
CA VAL PB 357 21.39 85.93 -97.04
C VAL PB 357 20.29 84.90 -97.30
N LYS PB 358 20.48 83.65 -96.87
CA LYS PB 358 19.43 82.66 -97.02
C LYS PB 358 18.39 82.76 -95.93
N LYS PB 359 18.66 83.50 -94.85
CA LYS PB 359 17.62 83.75 -93.85
C LYS PB 359 16.42 84.42 -94.48
N ASN PB 360 16.65 85.43 -95.33
CA ASN PB 360 15.57 86.06 -96.07
C ASN PB 360 15.49 85.49 -97.47
N SER PB 361 14.34 85.72 -98.10
CA SER PB 361 14.03 85.18 -99.42
C SER PB 361 13.94 86.26 -100.49
N ASP PB 362 13.32 87.40 -100.18
CA ASP PB 362 13.09 88.41 -101.20
C ASP PB 362 14.40 89.03 -101.70
N VAL PB 363 15.26 89.47 -100.79
CA VAL PB 363 16.52 90.09 -101.17
C VAL PB 363 17.66 89.49 -100.37
N GLY PB 364 17.32 88.76 -99.33
CA GLY PB 364 18.34 88.18 -98.47
C GLY PB 364 18.66 89.03 -97.26
N GLY PB 365 19.10 88.38 -96.20
CA GLY PB 365 19.32 89.06 -94.95
C GLY PB 365 20.61 89.86 -94.93
N TRP PB 366 20.73 90.83 -95.82
CA TRP PB 366 21.94 91.64 -95.89
C TRP PB 366 22.10 92.49 -94.64
N HIS PB 367 20.99 92.94 -94.05
CA HIS PB 367 21.05 93.75 -92.85
C HIS PB 367 21.62 92.97 -91.66
N TYR PB 368 21.55 91.65 -91.70
CA TYR PB 368 22.13 90.87 -90.62
C TYR PB 368 23.65 90.99 -90.63
N SER PB 369 24.24 90.65 -89.49
CA SER PB 369 25.68 90.68 -89.38
C SER PB 369 26.21 89.28 -89.07
N PRO PB 370 27.32 88.90 -89.68
CA PRO PB 370 27.92 87.57 -89.46
C PRO PB 370 28.61 87.44 -88.10
N ALA PB 371 27.81 87.14 -87.08
CA ALA PB 371 28.34 86.97 -85.73
C ALA PB 371 27.34 86.15 -84.93
N GLY PB 372 27.62 86.00 -83.64
CA GLY PB 372 26.70 85.36 -82.73
C GLY PB 372 26.90 83.86 -82.65
N GLU PB 373 26.72 83.32 -81.45
CA GLU PB 373 26.84 81.90 -81.23
C GLU PB 373 25.66 81.13 -81.80
N GLU PB 374 24.54 81.81 -82.03
CA GLU PB 374 23.36 81.13 -82.56
C GLU PB 374 23.57 80.70 -84.01
N ARG PB 375 24.44 81.41 -84.74
CA ARG PB 375 24.61 81.13 -86.15
C ARG PB 375 26.05 81.12 -86.63
N ALA PB 376 26.99 81.74 -85.92
CA ALA PB 376 28.38 81.83 -86.37
C ALA PB 376 29.27 81.08 -85.38
N VAL PB 377 29.39 79.77 -85.58
CA VAL PB 377 30.21 78.91 -84.72
C VAL PB 377 30.98 77.94 -85.59
N ILE PB 378 32.26 77.75 -85.28
CA ILE PB 378 33.04 76.73 -85.96
C ILE PB 378 33.22 75.52 -85.06
N ALA PB 379 33.77 75.72 -83.87
CA ALA PB 379 34.10 74.65 -82.93
C ALA PB 379 34.73 73.46 -83.66
N ARG PB 380 35.87 73.74 -84.33
CA ARG PB 380 36.44 72.76 -85.24
C ARG PB 380 36.83 71.49 -84.50
N ALA PB 381 37.88 71.56 -83.68
CA ALA PB 381 38.23 70.49 -82.75
C ALA PB 381 39.38 70.92 -81.86
N SER PB 382 39.23 70.72 -80.55
CA SER PB 382 40.28 70.98 -79.57
C SER PB 382 40.99 72.31 -79.84
N ILE PB 383 40.20 73.39 -79.77
CA ILE PB 383 40.76 74.72 -80.00
C ILE PB 383 41.83 75.01 -78.97
N GLN PB 384 42.84 75.78 -79.38
CA GLN PB 384 43.93 76.15 -78.50
C GLN PB 384 44.66 77.32 -79.12
N PRO PB 385 45.01 78.35 -78.34
CA PRO PB 385 45.73 79.49 -78.92
C PRO PB 385 47.08 79.06 -79.47
N LEU PB 386 47.46 79.65 -80.59
CA LEU PB 386 48.77 79.38 -81.16
C LEU PB 386 49.88 79.86 -80.23
N TYR PB 387 49.72 81.05 -79.67
CA TYR PB 387 50.72 81.67 -78.80
C TYR PB 387 50.03 82.13 -77.54
N PRO PB 388 49.85 81.24 -76.56
CA PRO PB 388 49.27 81.68 -75.28
C PRO PB 388 50.07 82.77 -74.62
N GLU PB 389 51.38 82.82 -74.88
CA GLU PB 389 52.23 83.91 -74.39
C GLU PB 389 51.89 85.24 -75.02
N ASP PB 390 51.23 85.26 -76.17
CA ASP PB 390 50.88 86.48 -76.87
C ASP PB 390 49.46 86.92 -76.50
N THR PB 391 49.26 88.23 -76.46
CA THR PB 391 47.98 88.80 -76.12
C THR PB 391 47.57 89.86 -77.13
N PRO PB 392 46.28 90.01 -77.39
CA PRO PB 392 45.80 91.08 -78.27
C PRO PB 392 45.61 92.38 -77.47
N ASP PB 393 45.08 93.38 -78.16
CA ASP PB 393 44.85 94.68 -77.55
C ASP PB 393 43.64 95.35 -78.19
N GLU PB 394 42.68 95.74 -77.35
CA GLU PB 394 41.40 96.23 -77.86
C GLU PB 394 41.56 97.52 -78.63
N GLU PB 395 42.27 98.51 -78.06
CA GLU PB 395 42.41 99.77 -78.78
C GLU PB 395 43.24 99.59 -80.03
N ALA PB 396 44.26 98.73 -79.98
CA ALA PB 396 45.08 98.48 -81.15
C ALA PB 396 44.24 97.87 -82.27
N MET PB 397 43.40 96.88 -81.94
CA MET PB 397 42.61 96.23 -82.96
C MET PB 397 41.53 97.15 -83.50
N VAL PB 398 40.93 97.98 -82.64
CA VAL PB 398 39.88 98.88 -83.12
C VAL PB 398 40.50 99.96 -84.00
N LYS PB 399 41.73 100.38 -83.69
CA LYS PB 399 42.40 101.35 -84.54
C LYS PB 399 42.78 100.74 -85.88
N GLY PB 400 43.33 99.51 -85.85
CA GLY PB 400 43.77 98.86 -87.06
C GLY PB 400 42.69 98.17 -87.86
N ARG PB 401 41.44 98.22 -87.38
CA ARG PB 401 40.31 97.62 -88.09
C ARG PB 401 40.50 96.12 -88.28
N LEU PB 402 41.20 95.47 -87.36
CA LEU PB 402 41.42 94.04 -87.42
C LEU PB 402 40.21 93.31 -86.85
N ASN PB 403 39.81 92.23 -87.51
CA ASN PB 403 38.71 91.41 -87.04
C ASN PB 403 39.27 90.30 -86.17
N LYS PB 404 38.89 90.31 -84.90
CA LYS PB 404 39.34 89.31 -83.94
C LYS PB 404 38.19 88.34 -83.67
N VAL PB 405 38.56 87.12 -83.28
CA VAL PB 405 37.60 86.03 -83.11
C VAL PB 405 37.79 85.49 -81.69
N SER PB 406 36.68 85.36 -80.96
CA SER PB 406 36.72 85.07 -79.53
C SER PB 406 36.07 83.72 -79.23
N VAL PB 407 36.07 83.36 -77.95
CA VAL PB 407 35.59 82.06 -77.50
C VAL PB 407 34.36 82.27 -76.64
N GLY PB 408 33.57 81.20 -76.50
CA GLY PB 408 32.36 81.22 -75.70
C GLY PB 408 32.45 80.27 -74.53
N THR PB 409 31.45 80.38 -73.64
CA THR PB 409 31.38 79.51 -72.48
C THR PB 409 31.06 78.07 -72.87
N SER PB 410 30.28 77.87 -73.92
CA SER PB 410 29.88 76.54 -74.36
C SER PB 410 30.98 75.80 -75.12
N GLY PB 411 32.22 76.28 -75.05
CA GLY PB 411 33.29 75.65 -75.77
C GLY PB 411 33.22 75.86 -77.26
N GLN PB 412 32.42 76.82 -77.72
CA GLN PB 412 32.31 77.13 -79.13
C GLN PB 412 33.15 78.37 -79.44
N MET PB 413 33.43 78.57 -80.72
CA MET PB 413 34.51 79.44 -81.12
C MET PB 413 33.93 80.38 -82.17
N ILE PB 414 33.71 81.66 -81.81
CA ILE PB 414 32.80 82.54 -82.53
C ILE PB 414 33.50 83.78 -83.02
N ILE PB 415 33.12 84.25 -84.21
CA ILE PB 415 33.64 85.49 -84.77
C ILE PB 415 32.75 86.64 -84.31
N ASP PB 416 33.22 87.38 -83.32
CA ASP PB 416 32.49 88.50 -82.74
C ASP PB 416 32.94 89.85 -83.28
N ASP PB 417 33.01 90.02 -84.59
CA ASP PB 417 33.28 91.31 -85.22
C ASP PB 417 32.40 91.48 -86.44
N ALA PB 418 31.92 92.71 -86.64
CA ALA PB 418 31.09 93.03 -87.79
C ALA PB 418 31.45 94.40 -88.34
N LEU PB 419 32.74 94.73 -88.33
CA LEU PB 419 33.22 96.02 -88.79
C LEU PB 419 34.20 95.81 -89.93
N THR PB 420 34.13 96.68 -90.94
CA THR PB 420 35.01 96.57 -92.10
C THR PB 420 36.37 97.20 -91.77
N CYS PB 421 37.23 97.28 -92.79
CA CYS PB 421 38.58 97.80 -92.62
C CYS PB 421 38.70 99.22 -93.15
N CYS PB 422 37.66 100.01 -92.98
CA CYS PB 422 37.69 101.43 -93.36
C CYS PB 422 38.34 102.23 -92.24
N THR PB 423 39.29 103.08 -92.61
CA THR PB 423 40.00 103.88 -91.61
C THR PB 423 39.04 104.80 -90.86
N GLN PB 424 38.13 105.45 -91.58
CA GLN PB 424 37.21 106.38 -90.94
C GLN PB 424 36.14 105.64 -90.16
N ASP PB 425 35.75 106.24 -89.03
CA ASP PB 425 34.70 105.70 -88.17
C ASP PB 425 33.31 106.00 -88.66
N ASN PB 426 33.19 106.42 -89.92
CA ASN PB 426 31.90 106.73 -90.49
C ASN PB 426 31.02 105.48 -90.55
N TYR PB 427 29.70 105.69 -90.49
CA TYR PB 427 28.76 104.59 -90.42
C TYR PB 427 28.92 103.62 -91.58
N LEU PB 428 29.43 104.09 -92.72
CA LEU PB 428 29.63 103.20 -93.86
C LEU PB 428 30.68 102.14 -93.57
N HIS PB 429 31.53 102.33 -92.55
CA HIS PB 429 32.53 101.34 -92.21
C HIS PB 429 31.94 100.14 -91.48
N PHE PB 430 30.62 100.02 -91.44
CA PHE PB 430 29.96 98.86 -90.88
C PHE PB 430 29.98 97.72 -91.88
N GLN PB 431 29.43 96.58 -91.49
CA GLN PB 431 29.43 95.42 -92.39
C GLN PB 431 28.24 95.41 -93.34
N HIS PB 432 27.07 95.84 -92.87
CA HIS PB 432 25.87 95.79 -93.69
C HIS PB 432 25.84 96.89 -94.73
N VAL PB 433 26.52 98.00 -94.47
CA VAL PB 433 26.46 99.13 -95.39
C VAL PB 433 27.01 98.76 -96.77
N PRO PB 434 28.22 98.20 -96.90
CA PRO PB 434 28.65 97.76 -98.23
C PRO PB 434 27.72 96.76 -98.85
N SER PB 435 27.12 95.89 -98.03
CA SER PB 435 26.15 94.93 -98.55
C SER PB 435 24.96 95.64 -99.17
N LEU PB 436 24.48 96.71 -98.53
CA LEU PB 436 23.32 97.38 -99.08
C LEU PB 436 23.68 98.16 -100.33
N MET PB 437 24.88 98.76 -100.39
CA MET PB 437 25.26 99.36 -101.67
C MET PB 437 25.35 98.30 -102.77
N ASN PB 438 25.91 97.13 -102.45
CA ASN PB 438 25.97 96.07 -103.44
C ASN PB 438 24.57 95.71 -103.93
N ALA PB 439 23.64 95.52 -103.01
CA ALA PB 439 22.29 95.12 -103.39
C ALA PB 439 21.63 96.18 -104.26
N ILE PB 440 21.63 97.43 -103.80
CA ILE PB 440 20.99 98.49 -104.56
C ILE PB 440 21.66 98.67 -105.90
N SER PB 441 22.98 98.45 -105.96
CA SER PB 441 23.69 98.55 -107.23
C SER PB 441 23.23 97.48 -108.21
N ARG PB 442 23.10 96.24 -107.73
CA ARG PB 442 22.66 95.18 -108.62
C ARG PB 442 21.25 95.45 -109.13
N PHE PB 443 20.36 95.89 -108.24
CA PHE PB 443 19.01 96.20 -108.69
C PHE PB 443 19.00 97.38 -109.66
N PHE PB 444 19.81 98.40 -109.39
CA PHE PB 444 19.89 99.54 -110.29
C PHE PB 444 20.38 99.12 -111.66
N VAL PB 445 21.42 98.28 -111.71
CA VAL PB 445 21.98 97.90 -113.01
C VAL PB 445 21.02 97.00 -113.76
N GLN PB 446 20.34 96.08 -113.06
CA GLN PB 446 19.39 95.23 -113.77
C GLN PB 446 18.21 96.04 -114.31
N LEU PB 447 17.72 97.01 -113.53
CA LEU PB 447 16.62 97.82 -114.05
C LEU PB 447 17.10 98.72 -115.18
N ALA PB 448 18.33 99.23 -115.08
CA ALA PB 448 18.88 100.05 -116.15
C ALA PB 448 19.03 99.25 -117.43
N ARG PB 449 19.42 97.98 -117.32
CA ARG PB 449 19.57 97.16 -118.51
C ARG PB 449 18.21 96.81 -119.10
N GLN PB 450 17.26 96.42 -118.27
CA GLN PB 450 15.94 96.09 -118.78
C GLN PB 450 15.22 97.30 -119.35
N MET PB 451 15.58 98.51 -118.92
CA MET PB 451 14.94 99.70 -119.45
C MET PB 451 15.78 100.37 -120.53
N LYS PB 452 17.00 99.90 -120.73
CA LYS PB 452 17.93 100.53 -121.65
C LYS PB 452 17.35 100.55 -123.07
N HIS PB 453 17.65 101.63 -123.79
CA HIS PB 453 17.21 101.81 -125.18
C HIS PB 453 15.68 101.76 -125.27
N SER PB 454 15.07 102.76 -124.63
CA SER PB 454 13.63 102.95 -124.76
C SER PB 454 13.35 104.39 -125.16
N PRO PB 455 12.37 104.59 -126.03
CA PRO PB 455 11.96 105.96 -126.39
C PRO PB 455 11.87 106.86 -125.17
N ASP PB 456 12.27 108.12 -125.37
CA ASP PB 456 12.24 109.09 -124.28
C ASP PB 456 10.79 109.41 -123.91
N GLY PB 457 10.55 109.57 -122.61
CA GLY PB 457 9.24 109.91 -122.11
C GLY PB 457 8.69 108.86 -121.15
N ILE PB 458 8.91 107.59 -121.48
CA ILE PB 458 8.56 106.49 -120.59
C ILE PB 458 9.70 106.12 -119.68
N THR PB 459 10.92 106.58 -119.96
CA THR PB 459 12.07 106.24 -119.15
C THR PB 459 11.87 106.68 -117.71
N ALA PB 460 11.46 107.93 -117.53
CA ALA PB 460 11.28 108.46 -116.19
C ALA PB 460 10.20 107.70 -115.44
N ALA PB 461 9.07 107.42 -116.10
CA ALA PB 461 8.00 106.71 -115.43
C ALA PB 461 8.45 105.32 -115.02
N GLY PB 462 9.11 104.59 -115.91
CA GLY PB 462 9.54 103.24 -115.59
C GLY PB 462 10.56 103.22 -114.47
N LEU PB 463 11.52 104.14 -114.51
CA LEU PB 463 12.52 104.17 -113.44
C LEU PB 463 11.88 104.53 -112.11
N THR PB 464 10.92 105.46 -112.11
CA THR PB 464 10.23 105.80 -110.88
C THR PB 464 9.47 104.61 -110.32
N LYS PB 465 8.78 103.87 -111.19
CA LYS PB 465 8.04 102.72 -110.70
C LYS PB 465 8.98 101.66 -110.13
N GLY PB 466 10.09 101.40 -110.81
CA GLY PB 466 11.08 100.49 -110.26
C GLY PB 466 11.59 100.95 -108.91
N MET PB 467 11.82 102.27 -108.78
CA MET PB 467 12.20 102.81 -107.49
C MET PB 467 11.15 102.50 -106.44
N THR PB 468 9.88 102.66 -106.81
CA THR PB 468 8.81 102.39 -105.85
C THR PB 468 8.88 100.96 -105.35
N LYS PB 469 8.93 100.00 -106.27
CA LYS PB 469 8.97 98.61 -105.82
C LYS PB 469 10.22 98.28 -105.01
N LEU PB 470 11.37 98.81 -105.41
CA LEU PB 470 12.58 98.47 -104.66
C LEU PB 470 12.55 99.05 -103.26
N LEU PB 471 12.10 100.31 -103.12
CA LEU PB 471 12.01 100.88 -101.79
C LEU PB 471 10.97 100.14 -100.97
N ASP PB 472 9.89 99.70 -101.62
CA ASP PB 472 8.88 98.92 -100.92
C ASP PB 472 9.45 97.63 -100.37
N ARG PB 473 10.21 96.90 -101.19
CA ARG PB 473 10.77 95.65 -100.70
C ARG PB 473 11.85 95.89 -99.65
N PHE PB 474 12.61 96.97 -99.77
CA PHE PB 474 13.58 97.26 -98.72
C PHE PB 474 12.90 97.59 -97.39
N VAL PB 475 11.87 98.42 -97.41
CA VAL PB 475 11.22 98.77 -96.15
C VAL PB 475 10.49 97.57 -95.59
N ALA PB 476 9.93 96.70 -96.44
CA ALA PB 476 9.33 95.47 -95.95
C ALA PB 476 10.38 94.59 -95.30
N SER PB 477 11.57 94.54 -95.90
CA SER PB 477 12.69 93.85 -95.26
C SER PB 477 13.06 94.51 -93.95
N GLY PB 478 12.76 95.79 -93.80
CA GLY PB 478 13.05 96.51 -92.59
C GLY PB 478 14.43 97.11 -92.53
N ALA PB 479 15.28 96.83 -93.52
CA ALA PB 479 16.62 97.41 -93.54
C ALA PB 479 16.57 98.92 -93.66
N LEU PB 480 15.53 99.45 -94.29
CA LEU PB 480 15.34 100.89 -94.42
C LEU PB 480 14.38 101.34 -93.32
N VAL PB 481 14.81 102.33 -92.53
CA VAL PB 481 13.97 102.91 -91.49
C VAL PB 481 14.07 104.43 -91.59
N ALA PB 482 13.05 105.09 -91.07
CA ALA PB 482 13.05 106.54 -91.06
C ALA PB 482 14.16 107.06 -90.15
N PRO PB 483 14.74 108.21 -90.47
CA PRO PB 483 15.81 108.76 -89.65
C PRO PB 483 15.31 109.13 -88.27
N ARG PB 484 16.21 109.05 -87.30
CA ARG PB 484 15.87 109.31 -85.90
C ARG PB 484 15.90 110.79 -85.54
N ASP PB 485 16.23 111.66 -86.49
CA ASP PB 485 16.23 113.11 -86.28
C ASP PB 485 15.12 113.76 -87.10
N PRO PB 486 13.91 113.87 -86.55
CA PRO PB 486 12.84 114.56 -87.28
C PRO PB 486 13.15 116.02 -87.56
N ASP PB 487 13.88 116.67 -86.68
CA ASP PB 487 14.18 118.09 -86.86
C ASP PB 487 15.05 118.33 -88.09
N ALA PB 488 16.11 117.54 -88.25
CA ALA PB 488 17.03 117.74 -89.36
C ALA PB 488 16.66 116.89 -90.57
N ASP PB 489 16.59 115.57 -90.39
CA ASP PB 489 16.34 114.65 -91.49
C ASP PB 489 14.88 114.26 -91.62
N GLY PB 490 14.00 114.79 -90.78
CA GLY PB 490 12.60 114.45 -90.88
C GLY PB 490 12.32 113.04 -90.40
N THR PB 491 11.15 112.54 -90.77
CA THR PB 491 10.70 111.21 -90.36
C THR PB 491 10.41 110.32 -91.56
N GLU PB 492 11.02 110.61 -92.70
CA GLU PB 492 10.81 109.82 -93.89
C GLU PB 492 12.12 109.19 -94.33
N PRO PB 493 12.14 107.88 -94.57
CA PRO PB 493 13.43 107.19 -94.80
C PRO PB 493 14.06 107.39 -96.17
N TYR PB 494 13.28 107.40 -97.25
CA TYR PB 494 13.83 107.30 -98.59
C TYR PB 494 13.41 108.50 -99.43
N VAL PB 495 14.38 109.13 -100.08
CA VAL PB 495 14.11 110.27 -100.96
C VAL PB 495 14.76 110.03 -102.30
N LEU PB 496 14.02 110.37 -103.37
CA LEU PB 496 14.40 110.05 -104.75
C LEU PB 496 14.23 111.26 -105.64
N LYS PB 497 15.22 111.52 -106.48
CA LYS PB 497 15.07 112.47 -107.58
C LYS PB 497 15.62 111.88 -108.87
N VAL PB 498 15.07 112.35 -109.98
CA VAL PB 498 15.56 112.01 -111.31
C VAL PB 498 15.66 113.30 -112.12
N THR PB 499 16.74 113.44 -112.88
CA THR PB 499 17.04 114.62 -113.66
C THR PB 499 17.44 114.21 -115.06
N GLN PB 500 17.39 115.16 -115.98
CA GLN PB 500 17.82 114.94 -117.36
C GLN PB 500 18.83 116.02 -117.73
N ALA PB 501 20.08 115.60 -118.00
CA ALA PB 501 21.14 116.57 -118.25
C ALA PB 501 21.09 117.14 -119.66
N GLU PB 502 21.00 116.27 -120.66
CA GLU PB 502 20.99 116.69 -122.06
C GLU PB 502 19.94 115.83 -122.76
N PHE PB 503 20.00 115.78 -124.09
CA PHE PB 503 19.14 114.87 -124.84
C PHE PB 503 19.31 113.43 -124.38
N ASP PB 504 20.44 113.12 -123.73
CA ASP PB 504 20.65 111.86 -123.03
C ASP PB 504 21.08 112.13 -121.59
N LYS PB 505 21.57 111.10 -120.90
CA LYS PB 505 22.07 111.22 -119.54
C LYS PB 505 20.96 111.67 -118.58
N TRP PB 506 19.99 110.77 -118.40
CA TRP PB 506 19.18 110.80 -117.19
C TRP PB 506 20.07 110.46 -116.00
N GLU PB 507 19.83 111.13 -114.89
CA GLU PB 507 20.54 110.87 -113.64
C GLU PB 507 19.54 110.59 -112.54
N VAL PB 508 19.85 109.64 -111.67
CA VAL PB 508 18.99 109.28 -110.56
C VAL PB 508 19.78 109.42 -109.27
N VAL PB 509 19.16 110.02 -108.25
CA VAL PB 509 19.78 110.22 -106.95
C VAL PB 509 18.81 109.73 -105.89
N TRP PB 510 19.36 109.15 -104.82
CA TRP PB 510 18.56 108.55 -103.77
C TRP PB 510 19.30 108.63 -102.44
N ALA PB 511 18.55 108.84 -101.37
CA ALA PB 511 19.09 108.84 -100.01
C ALA PB 511 18.17 108.05 -99.10
N CYS PB 512 18.78 107.30 -98.18
CA CYS PB 512 18.05 106.44 -97.27
C CYS PB 512 18.78 106.43 -95.92
N CYS PB 513 18.32 105.56 -95.01
CA CYS PB 513 18.83 105.51 -93.65
C CYS PB 513 19.01 104.07 -93.18
N PRO PB 514 20.11 103.78 -92.46
CA PRO PB 514 20.33 102.42 -91.95
C PRO PB 514 19.61 102.14 -90.66
N THR PB 515 19.87 100.98 -90.05
CA THR PB 515 19.20 100.55 -88.83
C THR PB 515 20.21 99.98 -87.84
N GLY PB 516 19.87 100.06 -86.55
CA GLY PB 516 20.77 99.57 -85.53
C GLY PB 516 20.88 98.05 -85.52
N VAL PB 517 22.03 97.56 -85.06
CA VAL PB 517 22.35 96.15 -85.12
C VAL PB 517 22.88 95.63 -83.78
N ALA PB 518 22.83 96.47 -82.75
CA ALA PB 518 23.26 96.09 -81.40
C ALA PB 518 24.72 95.66 -81.40
N ARG PB 519 25.60 96.65 -81.62
CA ARG PB 519 27.03 96.38 -81.74
C ARG PB 519 27.61 95.89 -80.43
N ARG PB 520 27.61 96.73 -79.40
CA ARG PB 520 28.31 96.44 -78.16
C ARG PB 520 27.32 95.95 -77.09
N ILE PB 521 27.80 95.74 -75.87
CA ILE PB 521 26.97 95.36 -74.74
C ILE PB 521 27.21 96.35 -73.62
N GLN PB 522 26.49 96.16 -72.51
CA GLN PB 522 26.64 97.00 -71.34
C GLN PB 522 26.09 96.26 -70.13
N GLY PB 523 26.27 96.86 -68.95
CA GLY PB 523 25.73 96.28 -67.73
C GLY PB 523 26.09 97.06 -66.48
N VAL PB 524 25.11 97.25 -65.60
CA VAL PB 524 25.36 97.90 -64.32
C VAL PB 524 24.55 97.23 -63.21
N PRO PB 525 25.21 96.67 -62.20
CA PRO PB 525 24.50 96.03 -61.10
C PRO PB 525 24.25 96.98 -59.93
N LEU PB 526 23.29 96.61 -59.10
CA LEU PB 526 22.96 97.44 -57.95
C LEU PB 526 22.26 96.58 -56.90
N LEU PB 527 22.50 96.89 -55.64
CA LEU PB 527 21.79 96.31 -54.52
C LEU PB 527 21.15 97.44 -53.73
N ILE PB 528 19.93 97.20 -53.27
CA ILE PB 528 19.25 98.20 -52.45
C ILE PB 528 19.78 98.17 -51.02
N LYS PB 529 20.45 97.09 -50.63
CA LYS PB 529 20.97 96.92 -49.27
C LYS PB 529 19.86 97.03 -48.24
N SER QB 2 41.84 83.75 -71.20
CA SER QB 2 41.76 84.57 -72.40
C SER QB 2 40.92 85.81 -72.18
N GLN QB 3 39.78 85.85 -72.85
CA GLN QB 3 38.89 87.01 -72.80
C GLN QB 3 37.84 86.92 -71.72
N TYR QB 4 37.82 85.84 -70.93
CA TYR QB 4 36.82 85.70 -69.88
C TYR QB 4 36.93 86.80 -68.85
N SER QB 5 38.14 87.32 -68.63
CA SER QB 5 38.30 88.49 -67.77
C SER QB 5 37.55 89.67 -68.35
N ILE QB 6 36.78 90.35 -67.50
CA ILE QB 6 35.92 91.45 -67.91
C ILE QB 6 36.41 92.73 -67.26
N GLN QB 7 36.52 93.78 -68.08
CA GLN QB 7 36.85 95.10 -67.56
C GLN QB 7 35.57 95.81 -67.13
N GLN QB 8 35.74 96.98 -66.52
CA GLN QB 8 34.59 97.72 -66.05
C GLN QB 8 34.13 98.80 -67.02
N SER QB 9 34.98 99.23 -67.94
CA SER QB 9 34.67 100.32 -68.86
C SER QB 9 34.58 99.77 -70.28
N LEU QB 10 33.53 100.17 -70.99
CA LEU QB 10 33.37 99.75 -72.36
C LEU QB 10 34.40 100.43 -73.26
N GLY QB 11 34.81 99.72 -74.31
CA GLY QB 11 35.76 100.27 -75.25
C GLY QB 11 35.09 100.93 -76.43
N ASN QB 12 35.54 100.59 -77.64
CA ASN QB 12 34.96 101.13 -78.86
C ASN QB 12 34.39 100.07 -79.77
N ALA QB 13 34.66 98.80 -79.52
CA ALA QB 13 34.21 97.71 -80.37
C ALA QB 13 33.32 96.78 -79.56
N SER QB 14 32.91 95.69 -80.18
CA SER QB 14 32.06 94.69 -79.54
C SER QB 14 32.88 93.95 -78.49
N GLY QB 15 32.74 94.35 -77.23
CA GLY QB 15 33.49 93.75 -76.14
C GLY QB 15 32.57 93.38 -74.99
N VAL QB 16 33.20 92.89 -73.92
CA VAL QB 16 32.49 92.49 -72.71
C VAL QB 16 32.98 93.36 -71.56
N ALA QB 17 32.09 94.20 -71.03
CA ALA QB 17 32.43 95.07 -69.91
C ALA QB 17 31.15 95.47 -69.21
N VAL QB 18 31.14 95.37 -67.88
CA VAL QB 18 29.99 95.77 -67.08
C VAL QB 18 30.48 96.68 -65.97
N SER QB 19 29.55 97.45 -65.42
CA SER QB 19 29.89 98.38 -64.36
C SER QB 19 30.25 97.62 -63.09
N PRO QB 20 31.12 98.19 -62.25
CA PRO QB 20 31.40 97.58 -60.96
C PRO QB 20 30.17 97.59 -60.06
N ILE QB 21 30.10 96.60 -59.17
CA ILE QB 21 28.99 96.52 -58.24
C ILE QB 21 29.05 97.68 -57.27
N ASN QB 22 27.88 98.27 -57.00
CA ASN QB 22 27.76 99.35 -56.03
C ASN QB 22 26.47 99.17 -55.27
N ALA QB 23 26.41 99.78 -54.09
CA ALA QB 23 25.24 99.69 -53.23
C ALA QB 23 24.64 101.05 -52.88
N ASP QB 24 25.47 102.05 -52.61
CA ASP QB 24 24.99 103.38 -52.24
C ASP QB 24 24.60 104.16 -53.50
N ALA QB 25 23.51 103.71 -54.10
CA ALA QB 25 22.97 104.34 -55.30
C ALA QB 25 21.46 104.13 -55.33
N THR QB 26 20.78 105.02 -56.05
CA THR QB 26 19.34 104.98 -56.16
C THR QB 26 18.93 104.73 -57.60
N LEU QB 27 17.71 104.22 -57.78
CA LEU QB 27 17.17 103.90 -59.09
C LEU QB 27 15.76 104.43 -59.19
N SER QB 28 15.41 104.92 -60.37
CA SER QB 28 14.11 105.54 -60.61
C SER QB 28 13.43 104.85 -61.80
N THR QB 29 12.14 104.58 -61.64
CA THR QB 29 11.32 104.03 -62.70
C THR QB 29 9.96 104.73 -62.71
N GLY QB 30 9.22 104.53 -63.77
CA GLY QB 30 7.87 105.04 -63.85
C GLY QB 30 7.48 105.37 -65.28
N VAL QB 31 6.19 105.62 -65.45
CA VAL QB 31 5.63 106.04 -66.73
C VAL QB 31 4.70 107.23 -66.47
N ALA QB 32 4.93 108.32 -67.20
CA ALA QB 32 4.13 109.52 -67.01
C ALA QB 32 2.74 109.37 -67.62
N LEU QB 33 1.79 110.10 -67.06
CA LEU QB 33 0.43 110.14 -67.57
C LEU QB 33 0.26 111.10 -68.74
N ASN QB 34 1.27 111.93 -69.02
CA ASN QB 34 1.36 112.80 -70.20
C ASN QB 34 0.06 113.49 -70.58
N SER QB 35 -0.67 114.01 -69.60
CA SER QB 35 -1.86 114.80 -69.87
C SER QB 35 -1.96 116.06 -69.03
N SER QB 36 -1.17 116.20 -67.98
CA SER QB 36 -1.20 117.38 -67.13
C SER QB 36 0.22 117.85 -66.88
N LEU QB 37 0.37 119.14 -66.59
CA LEU QB 37 1.68 119.71 -66.39
C LEU QB 37 1.71 120.59 -65.15
N TRP QB 38 2.83 120.51 -64.46
CA TRP QB 38 3.06 121.28 -63.24
C TRP QB 38 4.42 121.95 -63.33
N ALA QB 39 4.52 123.13 -62.74
CA ALA QB 39 5.76 123.88 -62.73
C ALA QB 39 5.77 124.74 -61.48
N GLY QB 40 6.96 125.20 -61.10
CA GLY QB 40 7.07 126.07 -59.96
C GLY QB 40 8.52 126.32 -59.60
N ILE QB 41 8.69 127.20 -58.63
CA ILE QB 41 10.01 127.49 -58.08
C ILE QB 41 10.41 126.39 -57.11
N GLY QB 42 11.68 126.05 -57.11
CA GLY QB 42 12.18 125.07 -56.17
C GLY QB 42 13.61 125.33 -55.79
N VAL QB 43 13.96 125.00 -54.55
CA VAL QB 43 15.31 125.14 -54.05
C VAL QB 43 16.01 123.81 -54.33
N PHE QB 44 16.88 123.80 -55.33
CA PHE QB 44 17.50 122.55 -55.74
C PHE QB 44 19.00 122.71 -55.94
N ALA QB 45 19.63 121.67 -56.47
CA ALA QB 45 21.04 121.68 -56.77
C ALA QB 45 21.23 121.26 -58.23
N ARG QB 46 22.35 121.71 -58.81
CA ARG QB 46 22.72 121.38 -60.18
C ARG QB 46 21.74 121.93 -61.21
N GLY QB 47 22.12 121.88 -62.47
CA GLY QB 47 21.32 122.47 -63.53
C GLY QB 47 21.55 123.96 -63.64
N LYS QB 48 20.94 124.55 -64.65
CA LYS QB 48 21.09 125.98 -64.87
C LYS QB 48 20.13 126.74 -63.96
N PRO QB 49 20.64 127.59 -63.06
CA PRO QB 49 19.75 128.38 -62.21
C PRO QB 49 19.02 129.45 -63.01
N PHE QB 50 17.92 129.91 -62.45
CA PHE QB 50 17.12 130.98 -63.05
C PHE QB 50 16.74 130.64 -64.49
N THR QB 51 16.35 129.40 -64.72
CA THR QB 51 15.92 128.95 -66.03
C THR QB 51 14.93 127.83 -65.88
N VAL QB 52 13.75 127.99 -66.48
CA VAL QB 52 12.74 126.94 -66.47
C VAL QB 52 13.30 125.73 -67.19
N LEU QB 53 13.10 124.56 -66.60
CA LEU QB 53 13.68 123.32 -67.09
C LEU QB 53 12.64 122.22 -66.98
N ALA QB 54 12.41 121.52 -68.09
CA ALA QB 54 11.52 120.37 -68.10
C ALA QB 54 12.25 119.16 -67.53
N VAL QB 55 11.63 118.52 -66.54
CA VAL QB 55 12.22 117.39 -65.84
C VAL QB 55 11.28 116.20 -66.01
N THR QB 56 11.83 115.09 -66.50
CA THR QB 56 11.04 113.91 -66.79
C THR QB 56 10.78 113.10 -65.52
N GLU QB 57 9.84 112.17 -65.63
CA GLU QB 57 9.46 111.34 -64.50
C GLU QB 57 10.52 110.31 -64.13
N SER QB 58 11.55 110.14 -64.96
CA SER QB 58 12.57 109.13 -64.71
C SER QB 58 13.96 109.72 -64.56
N ASN QB 59 14.38 110.59 -65.48
CA ASN QB 59 15.70 111.19 -65.45
C ASN QB 59 15.79 112.29 -64.40
N TYR QB 60 14.75 112.42 -63.58
CA TYR QB 60 14.68 113.51 -62.62
C TYR QB 60 15.83 113.44 -61.63
N GLU QB 61 16.17 112.25 -61.15
CA GLU QB 61 17.23 112.11 -60.17
C GLU QB 61 18.55 112.58 -60.74
N ASP QB 62 18.87 112.14 -61.96
CA ASP QB 62 20.13 112.55 -62.58
C ASP QB 62 20.15 114.05 -62.85
N VAL QB 63 19.05 114.59 -63.39
CA VAL QB 63 19.08 115.99 -63.79
C VAL QB 63 19.10 116.91 -62.58
N LEU QB 64 18.51 116.50 -61.46
CA LEU QB 64 18.57 117.30 -60.24
C LEU QB 64 19.78 116.97 -59.37
N GLY QB 65 20.52 115.92 -59.68
CA GLY QB 65 21.65 115.55 -58.86
C GLY QB 65 21.21 114.79 -57.62
N GLU QB 66 22.19 114.58 -56.74
CA GLU QB 66 21.93 113.83 -55.51
C GLU QB 66 20.96 114.59 -54.62
N PRO QB 67 19.95 113.93 -54.05
CA PRO QB 67 19.00 114.63 -53.18
C PRO QB 67 19.68 115.19 -51.93
N LEU QB 68 19.16 116.32 -51.48
CA LEU QB 68 19.69 116.98 -50.30
C LEU QB 68 19.21 116.31 -49.02
N LYS QB 69 19.90 116.60 -47.92
CA LYS QB 69 19.54 116.01 -46.64
C LYS QB 69 18.72 116.99 -45.83
N PRO QB 70 17.60 116.56 -45.25
CA PRO QB 70 16.78 117.49 -44.46
C PRO QB 70 17.53 118.11 -43.29
N SER QB 71 18.41 117.34 -42.66
CA SER QB 71 19.22 117.90 -41.59
C SER QB 71 20.18 118.95 -42.12
N SER QB 72 20.63 118.77 -43.37
CA SER QB 72 21.50 119.76 -44.01
C SER QB 72 20.63 120.94 -44.41
N GLY QB 73 20.67 121.99 -43.59
CA GLY QB 73 19.85 123.15 -43.86
C GLY QB 73 18.38 122.84 -43.67
N SER QB 74 17.55 123.62 -44.36
CA SER QB 74 16.10 123.43 -44.34
C SER QB 74 15.54 123.59 -45.74
N GLN QB 75 16.19 122.99 -46.72
CA GLN QB 75 15.82 123.16 -48.12
C GLN QB 75 15.31 121.86 -48.73
N PHE QB 76 15.05 120.85 -47.92
CA PHE QB 76 14.60 119.55 -48.39
C PHE QB 76 13.15 119.54 -48.82
N GLU QB 77 12.41 120.59 -48.51
CA GLU QB 77 10.98 120.62 -48.80
C GLU QB 77 10.69 120.55 -50.30
N PRO QB 78 11.30 121.36 -51.16
CA PRO QB 78 11.02 121.23 -52.60
C PRO QB 78 11.43 119.87 -53.16
N ILE QB 79 12.55 119.31 -52.69
CA ILE QB 79 13.00 118.05 -53.24
C ILE QB 79 12.05 116.93 -52.83
N ARG QB 80 11.57 116.96 -51.58
CA ARG QB 80 10.58 115.96 -51.20
C ARG QB 80 9.29 116.17 -51.97
N HIS QB 81 8.86 117.41 -52.14
CA HIS QB 81 7.63 117.71 -52.87
C HIS QB 81 7.68 117.13 -54.27
N VAL QB 82 8.75 117.43 -55.01
CA VAL QB 82 8.88 116.86 -56.33
C VAL QB 82 9.04 115.35 -56.27
N TYR QB 83 9.56 114.83 -55.16
CA TYR QB 83 9.65 113.39 -55.00
C TYR QB 83 8.28 112.74 -55.03
N GLU QB 84 7.30 113.32 -54.33
CA GLU QB 84 5.97 112.72 -54.45
C GLU QB 84 5.24 113.19 -55.70
N ALA QB 85 5.68 114.27 -56.32
CA ALA QB 85 5.00 114.79 -57.49
C ALA QB 85 5.50 114.16 -58.79
N ILE QB 86 6.58 113.39 -58.74
CA ILE QB 86 7.20 112.92 -59.97
C ILE QB 86 6.52 111.66 -60.50
N GLN QB 87 5.93 110.87 -59.62
CA GLN QB 87 5.30 109.61 -60.02
C GLN QB 87 4.05 109.79 -60.79
N GLN QB 88 3.73 111.01 -61.19
CA GLN QB 88 2.53 111.28 -61.96
C GLN QB 88 2.85 111.76 -63.37
N THR QB 89 3.61 112.84 -63.50
CA THR QB 89 3.93 113.39 -64.81
C THR QB 89 5.22 114.19 -64.69
N SER QB 90 5.71 114.67 -65.84
CA SER QB 90 6.88 115.51 -65.86
C SER QB 90 6.54 116.92 -65.38
N GLY QB 91 7.59 117.71 -65.16
CA GLY QB 91 7.42 119.06 -64.67
C GLY QB 91 8.23 120.06 -65.48
N TYR QB 92 7.98 121.32 -65.18
CA TYR QB 92 8.65 122.45 -65.82
C TYR QB 92 9.26 123.36 -64.76
N VAL QB 93 10.05 122.77 -63.89
CA VAL QB 93 10.44 123.41 -62.64
C VAL QB 93 11.54 124.43 -62.90
N VAL QB 94 11.66 125.42 -62.02
CA VAL QB 94 12.75 126.39 -62.11
C VAL QB 94 13.53 126.34 -60.79
N ARG QB 95 14.83 126.59 -60.90
CA ARG QB 95 15.75 126.60 -59.79
C ARG QB 95 16.49 127.92 -59.73
N ALA QB 96 16.62 128.49 -58.54
CA ALA QB 96 17.31 129.75 -58.33
C ALA QB 96 18.30 129.60 -57.18
N VAL QB 97 19.49 130.17 -57.35
CA VAL QB 97 20.53 130.12 -56.32
C VAL QB 97 21.04 131.54 -56.09
N PRO QB 98 21.54 131.85 -54.90
CA PRO QB 98 22.10 133.19 -54.66
C PRO QB 98 23.37 133.39 -55.45
N ASP QB 99 23.81 134.65 -55.49
CA ASP QB 99 25.02 135.01 -56.22
C ASP QB 99 26.24 134.28 -55.66
N ASP QB 100 26.20 133.89 -54.39
CA ASP QB 100 27.33 133.23 -53.77
C ASP QB 100 27.72 131.94 -54.49
N ALA QB 101 26.79 131.33 -55.21
CA ALA QB 101 27.11 130.13 -55.97
C ALA QB 101 28.19 130.44 -57.01
N LYS QB 102 29.22 129.61 -57.02
CA LYS QB 102 30.39 129.79 -57.87
C LYS QB 102 30.54 128.60 -58.79
N PHE QB 103 30.99 128.85 -60.02
CA PHE QB 103 31.33 127.72 -60.87
C PHE QB 103 32.77 127.86 -61.37
N PRO QB 104 33.48 126.75 -61.50
CA PRO QB 104 34.87 126.80 -61.92
C PRO QB 104 35.02 126.93 -63.43
N ILE QB 105 36.14 127.53 -63.81
CA ILE QB 105 36.50 127.73 -65.22
C ILE QB 105 37.98 127.43 -65.36
N ILE QB 106 38.34 126.72 -66.42
CA ILE QB 106 39.72 126.41 -66.73
C ILE QB 106 40.06 127.04 -68.08
N MET QB 107 41.08 127.88 -68.09
CA MET QB 107 41.50 128.60 -69.29
C MET QB 107 42.79 127.96 -69.79
N PHE QB 108 42.84 127.66 -71.08
CA PHE QB 108 44.07 127.24 -71.71
C PHE QB 108 44.58 128.36 -72.59
N ASP QB 109 45.84 128.73 -72.39
CA ASP QB 109 46.41 129.82 -73.17
C ASP QB 109 46.84 129.29 -74.53
N GLU QB 110 47.57 130.10 -75.30
CA GLU QB 110 47.87 129.75 -76.68
C GLU QB 110 48.72 128.49 -76.76
N SER QB 111 49.70 128.35 -75.88
CA SER QB 111 50.50 127.12 -75.87
C SER QB 111 49.83 125.99 -75.11
N GLY QB 112 48.68 126.25 -74.49
CA GLY QB 112 47.94 125.22 -73.79
C GLY QB 112 48.14 125.17 -72.30
N GLU QB 113 48.90 126.10 -71.73
CA GLU QB 113 49.09 126.09 -70.29
C GLU QB 113 47.78 126.43 -69.59
N PRO QB 114 47.52 125.83 -68.42
CA PRO QB 114 46.23 125.98 -67.76
C PRO QB 114 46.19 127.09 -66.72
N ALA QB 115 44.97 127.54 -66.45
CA ALA QB 115 44.68 128.48 -65.38
C ALA QB 115 43.28 128.21 -64.85
N TYR QB 116 43.07 128.52 -63.58
CA TYR QB 116 41.82 128.22 -62.90
C TYR QB 116 41.14 129.50 -62.44
N SER QB 117 39.82 129.46 -62.38
CA SER QB 117 39.04 130.60 -61.91
C SER QB 117 37.70 130.11 -61.39
N ALA QB 118 37.02 130.98 -60.65
CA ALA QB 118 35.66 130.73 -60.20
C ALA QB 118 34.84 131.98 -60.48
N LEU QB 119 33.64 131.80 -61.01
CA LEU QB 119 32.83 132.96 -61.38
C LEU QB 119 31.41 132.80 -60.85
N PRO QB 120 30.72 133.91 -60.61
CA PRO QB 120 29.28 133.83 -60.31
C PRO QB 120 28.52 133.35 -61.52
N TYR QB 121 27.46 132.59 -61.26
CA TYR QB 121 26.65 132.06 -62.35
C TYR QB 121 25.96 133.19 -63.09
N GLY QB 122 25.96 133.10 -64.42
CA GLY QB 122 25.42 134.14 -65.26
C GLY QB 122 26.39 135.24 -65.62
N SER QB 123 27.60 135.21 -65.06
CA SER QB 123 28.60 136.22 -65.39
C SER QB 123 29.24 135.92 -66.74
N GLU QB 124 29.39 136.97 -67.54
CA GLU QB 124 30.01 136.81 -68.85
C GLU QB 124 31.51 136.54 -68.70
N ILE QB 125 32.07 135.87 -69.70
CA ILE QB 125 33.46 135.44 -69.65
C ILE QB 125 34.38 136.60 -70.03
N GLU QB 126 35.54 136.64 -69.38
CA GLU QB 126 36.58 137.61 -69.69
C GLU QB 126 37.70 136.90 -70.44
N LEU QB 127 38.21 137.56 -71.48
CA LEU QB 127 39.29 137.00 -72.30
C LEU QB 127 40.28 138.11 -72.58
N ASP QB 128 41.45 138.06 -71.93
CA ASP QB 128 42.50 139.03 -72.21
C ASP QB 128 43.40 138.46 -73.30
N SER QB 129 44.58 139.07 -73.48
CA SER QB 129 45.52 138.59 -74.50
C SER QB 129 45.87 137.13 -74.30
N GLY QB 130 45.95 136.67 -73.05
CA GLY QB 130 46.22 135.28 -72.75
C GLY QB 130 44.94 134.46 -72.81
N GLU QB 131 44.97 133.33 -72.09
CA GLU QB 131 43.84 132.41 -71.92
C GLU QB 131 43.11 132.19 -73.25
N ALA QB 132 43.78 131.54 -74.19
CA ALA QB 132 43.28 131.44 -75.57
C ALA QB 132 41.84 130.95 -75.62
N PHE QB 133 41.49 129.99 -74.78
CA PHE QB 133 40.10 129.54 -74.73
C PHE QB 133 39.78 129.02 -73.33
N ALA QB 134 38.59 129.36 -72.85
CA ALA QB 134 38.13 129.00 -71.53
C ALA QB 134 37.08 127.90 -71.62
N ILE QB 135 36.98 127.10 -70.56
CA ILE QB 135 36.02 126.01 -70.47
C ILE QB 135 35.36 126.08 -69.11
N TYR QB 136 34.02 126.06 -69.11
CA TYR QB 136 33.23 126.30 -67.91
C TYR QB 136 32.13 125.26 -67.79
N VAL QB 137 31.84 124.87 -66.56
CA VAL QB 137 30.70 123.99 -66.32
C VAL QB 137 29.41 124.77 -66.54
N ASP QB 138 28.41 124.10 -67.10
CA ASP QB 138 27.13 124.73 -67.38
C ASP QB 138 25.98 124.20 -66.55
N ASP QB 139 26.22 123.15 -65.74
CA ASP QB 139 25.15 122.53 -64.96
C ASP QB 139 25.29 122.77 -63.46
N GLY QB 140 26.35 123.45 -63.02
CA GLY QB 140 26.52 123.74 -61.61
C GLY QB 140 27.01 122.59 -60.76
N ASP QB 141 27.58 121.56 -61.37
CA ASP QB 141 28.13 120.46 -60.59
C ASP QB 141 29.31 120.94 -59.77
N PRO QB 142 29.37 120.59 -58.47
CA PRO QB 142 30.54 120.96 -57.67
C PRO QB 142 31.82 120.30 -58.14
N CYS QB 143 31.71 119.21 -58.91
CA CYS QB 143 32.86 118.45 -59.43
C CYS QB 143 33.76 117.95 -58.31
N ILE QB 144 33.22 117.84 -57.10
CA ILE QB 144 33.98 117.33 -55.96
C ILE QB 144 33.31 116.06 -55.48
N SER QB 145 32.01 115.95 -55.74
CA SER QB 145 31.22 114.80 -55.34
C SER QB 145 29.98 114.72 -56.22
N PRO QB 146 30.06 114.03 -57.36
CA PRO QB 146 31.23 113.34 -57.91
C PRO QB 146 32.19 114.31 -58.59
N THR QB 147 33.36 113.83 -59.00
CA THR QB 147 34.37 114.65 -59.64
C THR QB 147 34.34 114.45 -61.14
N ARG QB 148 34.36 115.56 -61.88
CA ARG QB 148 34.42 115.53 -63.33
C ARG QB 148 35.86 115.82 -63.77
N GLU QB 149 36.41 114.94 -64.57
CA GLU QB 149 37.79 115.09 -65.03
C GLU QB 149 37.84 115.02 -66.54
N LEU QB 150 38.82 115.72 -67.11
CA LEU QB 150 38.95 115.82 -68.55
C LEU QB 150 40.35 115.36 -68.95
N THR QB 151 40.43 114.74 -70.12
CA THR QB 151 41.69 114.29 -70.68
C THR QB 151 41.82 114.82 -72.10
N ILE QB 152 42.98 115.38 -72.42
CA ILE QB 152 43.23 116.02 -73.70
C ILE QB 152 44.37 115.30 -74.40
N GLU QB 153 44.13 114.91 -75.64
CA GLU QB 153 45.18 114.33 -76.46
C GLU QB 153 44.97 114.74 -77.91
N THR QB 154 46.07 114.76 -78.66
CA THR QB 154 46.01 115.08 -80.07
C THR QB 154 45.29 113.96 -80.82
N ALA QB 155 44.95 114.25 -82.07
CA ALA QB 155 44.24 113.28 -82.90
C ALA QB 155 44.62 113.52 -84.36
N THR QB 156 44.12 112.65 -85.22
CA THR QB 156 44.41 112.76 -86.65
C THR QB 156 43.78 114.03 -87.22
N ALA QB 157 44.40 114.56 -88.25
CA ALA QB 157 43.86 115.72 -88.94
C ALA QB 157 42.71 115.30 -89.87
N ASP QB 158 41.95 116.29 -90.32
CA ASP QB 158 40.84 116.04 -91.21
C ASP QB 158 41.36 115.92 -92.66
N SER QB 159 40.42 115.88 -93.61
CA SER QB 159 40.80 115.82 -95.01
C SER QB 159 41.58 117.07 -95.42
N ALA QB 160 41.18 118.23 -94.91
CA ALA QB 160 41.88 119.48 -95.14
C ALA QB 160 43.08 119.67 -94.21
N GLY QB 161 43.48 118.63 -93.49
CA GLY QB 161 44.59 118.77 -92.58
C GLY QB 161 44.27 119.58 -91.35
N ASN QB 162 43.00 119.70 -91.00
CA ASN QB 162 42.60 120.48 -89.85
C ASN QB 162 43.06 119.80 -88.57
N GLU QB 163 43.74 120.57 -87.70
CA GLU QB 163 44.19 120.02 -86.44
C GLU QB 163 42.99 119.56 -85.62
N ARG QB 164 43.08 118.35 -85.07
CA ARG QB 164 42.02 117.79 -84.25
C ARG QB 164 42.62 117.24 -82.98
N PHE QB 165 41.93 117.45 -81.86
CA PHE QB 165 42.34 116.92 -80.57
C PHE QB 165 41.16 116.23 -79.92
N LEU QB 166 41.42 115.11 -79.27
CA LEU QB 166 40.37 114.34 -78.61
C LEU QB 166 40.23 114.80 -77.16
N LEU QB 167 39.00 114.99 -76.73
CA LEU QB 167 38.67 115.33 -75.36
C LEU QB 167 37.83 114.21 -74.76
N LYS QB 168 38.18 113.81 -73.54
CA LYS QB 168 37.47 112.75 -72.83
C LYS QB 168 36.97 113.31 -71.51
N LEU QB 169 35.67 113.20 -71.28
CA LEU QB 169 35.06 113.58 -70.02
C LEU QB 169 34.79 112.33 -69.19
N THR QB 170 35.10 112.39 -67.90
CA THR QB 170 34.83 111.27 -67.02
C THR QB 170 34.32 111.79 -65.68
N GLN QB 171 33.63 110.89 -64.98
CA GLN QB 171 33.12 111.13 -63.65
C GLN QB 171 33.75 110.11 -62.71
N THR QB 172 34.20 110.57 -61.55
CA THR QB 172 34.80 109.71 -60.54
C THR QB 172 34.14 109.97 -59.21
N THR QB 173 33.67 108.90 -58.56
CA THR QB 173 33.02 108.99 -57.26
C THR QB 173 34.08 109.00 -56.15
N SER QB 174 33.61 108.98 -54.91
CA SER QB 174 34.53 108.87 -53.78
C SER QB 174 35.28 107.54 -53.80
N LEU QB 175 34.59 106.46 -54.16
CA LEU QB 175 35.24 105.16 -54.24
C LEU QB 175 36.33 105.15 -55.31
N GLY QB 176 36.07 105.80 -56.44
CA GLY QB 176 37.04 105.86 -57.51
C GLY QB 176 36.53 105.25 -58.79
N VAL QB 177 35.21 105.19 -58.93
CA VAL QB 177 34.59 104.60 -60.11
C VAL QB 177 34.76 105.58 -61.26
N VAL QB 178 35.68 105.29 -62.17
CA VAL QB 178 35.98 106.16 -63.30
C VAL QB 178 35.06 105.75 -64.45
N THR QB 179 34.15 106.65 -64.82
CA THR QB 179 33.17 106.39 -65.87
C THR QB 179 33.33 107.44 -66.95
N THR QB 180 33.60 107.00 -68.18
CA THR QB 180 33.79 107.93 -69.29
C THR QB 180 32.42 108.33 -69.83
N LEU QB 181 32.05 109.59 -69.62
CA LEU QB 181 30.79 110.10 -70.14
C LEU QB 181 30.82 110.14 -71.67
N GLU QB 182 31.86 110.72 -72.25
CA GLU QB 182 31.95 110.85 -73.70
C GLU QB 182 33.37 111.22 -74.08
N THR QB 183 33.80 110.72 -75.23
CA THR QB 183 35.06 111.09 -75.85
C THR QB 183 34.76 111.59 -77.26
N HIS QB 184 35.31 112.77 -77.60
CA HIS QB 184 35.02 113.36 -78.90
C HIS QB 184 36.22 114.13 -79.40
N THR QB 185 36.51 113.98 -80.68
CA THR QB 185 37.58 114.72 -81.33
C THR QB 185 37.01 115.99 -81.92
N VAL QB 186 37.62 117.11 -81.60
CA VAL QB 186 37.14 118.41 -82.04
C VAL QB 186 38.31 119.20 -82.63
N SER QB 187 37.97 120.13 -83.51
CA SER QB 187 38.94 120.88 -84.28
C SER QB 187 38.68 122.37 -84.16
N LEU QB 188 39.74 123.16 -84.27
CA LEU QB 188 39.64 124.61 -84.21
C LEU QB 188 39.20 125.22 -85.54
N ALA QB 189 39.25 124.44 -86.63
CA ALA QB 189 38.97 124.98 -87.95
C ALA QB 189 37.49 125.28 -88.11
N GLU QB 190 37.21 126.34 -88.86
CA GLU QB 190 35.82 126.69 -89.17
C GLU QB 190 35.16 125.61 -90.02
N GLU QB 191 35.88 125.09 -91.00
CA GLU QB 191 35.30 124.19 -92.00
C GLU QB 191 35.40 122.72 -91.62
N ALA QB 192 36.19 122.38 -90.59
CA ALA QB 192 36.47 120.99 -90.27
C ALA QB 192 35.18 120.22 -89.97
N LYS QB 193 35.05 119.06 -90.59
CA LYS QB 193 33.87 118.21 -90.46
C LYS QB 193 34.27 116.84 -89.91
N ASP QB 194 33.30 116.15 -89.32
CA ASP QB 194 33.53 114.83 -88.77
C ASP QB 194 33.18 113.77 -89.83
N ASP QB 195 33.13 112.51 -89.41
CA ASP QB 195 32.69 111.45 -90.30
C ASP QB 195 31.21 111.59 -90.65
N MET QB 196 30.40 112.08 -89.72
CA MET QB 196 28.98 112.27 -89.94
C MET QB 196 28.67 113.56 -90.68
N GLY QB 197 29.68 114.34 -91.03
CA GLY QB 197 29.48 115.64 -91.64
C GLY QB 197 29.30 116.78 -90.65
N ARG QB 198 29.19 116.46 -89.36
CA ARG QB 198 29.08 117.50 -88.35
C ARG QB 198 30.34 118.34 -88.31
N LEU QB 199 30.16 119.64 -88.18
CA LEU QB 199 31.31 120.54 -88.11
C LEU QB 199 32.09 120.29 -86.83
N CYS QB 200 33.40 120.13 -86.97
CA CYS QB 200 34.26 119.90 -85.81
C CYS QB 200 34.64 121.19 -85.10
N TYR QB 201 34.18 122.33 -85.60
CA TYR QB 201 34.53 123.61 -85.01
C TYR QB 201 34.02 123.68 -83.57
N LEU QB 202 34.87 124.20 -82.68
CA LEU QB 202 34.71 123.95 -81.25
C LEU QB 202 33.40 124.46 -80.67
N PRO QB 203 32.98 125.71 -80.89
CA PRO QB 203 31.69 126.14 -80.32
C PRO QB 203 30.53 125.31 -80.84
N THR QB 204 30.55 124.99 -82.13
CA THR QB 204 29.50 124.16 -82.70
C THR QB 204 29.46 122.79 -82.04
N ALA QB 205 30.63 122.18 -81.86
CA ALA QB 205 30.68 120.86 -81.24
C ALA QB 205 30.19 120.91 -79.80
N LEU QB 206 30.60 121.91 -79.03
CA LEU QB 206 30.22 121.95 -77.63
C LEU QB 206 28.73 122.22 -77.48
N GLU QB 207 28.16 123.08 -78.32
CA GLU QB 207 26.73 123.27 -78.24
C GLU QB 207 25.96 122.07 -78.77
N ALA QB 208 26.56 121.30 -79.68
CA ALA QB 208 25.86 120.17 -80.28
C ALA QB 208 25.80 118.99 -79.33
N ARG QB 209 26.95 118.56 -78.82
CA ARG QB 209 27.05 117.36 -78.01
C ARG QB 209 27.26 117.63 -76.54
N SER QB 210 28.11 118.60 -76.19
CA SER QB 210 28.48 118.82 -74.80
C SER QB 210 27.31 119.41 -74.04
N LYS QB 211 26.83 118.69 -73.03
CA LYS QB 211 25.72 119.15 -72.21
C LYS QB 211 26.09 119.37 -70.76
N TYR QB 212 27.20 118.80 -70.30
CA TYR QB 212 27.66 118.97 -68.93
C TYR QB 212 28.75 120.03 -68.81
N LEU QB 213 29.11 120.69 -69.90
CA LEU QB 213 30.25 121.58 -69.95
C LEU QB 213 30.20 122.35 -71.25
N ARG QB 214 30.59 123.62 -71.21
CA ARG QB 214 30.66 124.43 -72.41
C ARG QB 214 31.96 125.20 -72.39
N ALA QB 215 32.22 125.96 -73.45
CA ALA QB 215 33.50 126.63 -73.58
C ALA QB 215 33.37 127.82 -74.53
N VAL QB 216 34.35 128.71 -74.45
CA VAL QB 216 34.48 129.84 -75.37
C VAL QB 216 35.91 129.91 -75.83
N VAL QB 217 36.10 130.49 -77.02
CA VAL QB 217 37.40 130.55 -77.67
C VAL QB 217 37.62 131.95 -78.21
N ASN QB 218 38.86 132.43 -78.13
CA ASN QB 218 39.20 133.73 -78.68
C ASN QB 218 39.08 133.73 -80.19
N GLU QB 219 38.31 134.70 -80.72
CA GLU QB 219 38.09 134.79 -82.15
C GLU QB 219 39.36 135.17 -82.90
N GLU QB 220 40.33 135.76 -82.21
CA GLU QB 220 41.59 136.15 -82.84
C GLU QB 220 42.67 135.09 -82.70
N LEU QB 221 42.59 134.26 -81.67
CA LEU QB 221 43.56 133.19 -81.46
C LEU QB 221 43.05 131.84 -81.95
N ILE QB 222 41.84 131.78 -82.52
CA ILE QB 222 41.31 130.51 -82.99
C ILE QB 222 42.21 129.92 -84.09
N SER QB 223 42.71 130.77 -84.97
CA SER QB 223 43.55 130.27 -86.06
C SER QB 223 44.95 129.92 -85.59
N THR QB 224 45.55 130.76 -84.75
CA THR QB 224 46.95 130.63 -84.38
C THR QB 224 47.16 129.81 -83.12
N ALA QB 225 46.10 129.28 -82.51
CA ALA QB 225 46.23 128.55 -81.26
C ALA QB 225 46.87 127.19 -81.48
N LYS QB 226 47.52 126.68 -80.43
CA LYS QB 226 48.16 125.39 -80.44
C LYS QB 226 47.62 124.53 -79.30
N VAL QB 227 47.59 123.23 -79.52
CA VAL QB 227 47.00 122.31 -78.58
C VAL QB 227 48.10 121.62 -77.79
N THR QB 228 47.72 120.90 -76.74
CA THR QB 228 48.64 120.16 -75.90
C THR QB 228 47.96 118.87 -75.49
N ASN QB 229 48.59 118.16 -74.55
CA ASN QB 229 48.04 116.92 -74.01
C ASN QB 229 47.83 117.10 -72.51
N LYS QB 230 46.59 117.03 -72.08
CA LYS QB 230 46.23 117.20 -70.68
C LYS QB 230 45.47 115.99 -70.20
N LYS QB 231 45.73 115.57 -68.97
CA LYS QB 231 45.12 114.38 -68.39
C LYS QB 231 44.54 114.73 -67.03
N SER QB 232 43.34 114.20 -66.76
CA SER QB 232 42.70 114.31 -65.45
C SER QB 232 42.52 115.78 -65.04
N LEU QB 233 41.73 116.48 -65.84
CA LEU QB 233 41.48 117.91 -65.59
C LEU QB 233 40.27 118.03 -64.68
N ALA QB 234 40.52 117.99 -63.38
CA ALA QB 234 39.46 118.04 -62.38
C ALA QB 234 39.14 119.50 -62.08
N PHE QB 235 37.88 119.88 -62.29
CA PHE QB 235 37.43 121.22 -61.96
C PHE QB 235 37.35 121.41 -60.45
N THR QB 236 37.59 122.64 -60.02
CA THR QB 236 37.54 122.98 -58.60
C THR QB 236 37.02 124.41 -58.46
N GLY QB 237 36.00 124.58 -57.62
CA GLY QB 237 35.40 125.88 -57.42
C GLY QB 237 33.90 125.85 -57.54
N GLY QB 238 33.36 124.66 -57.83
CA GLY QB 238 31.92 124.49 -57.93
C GLY QB 238 31.23 124.48 -56.59
N THR QB 239 30.53 125.56 -56.29
CA THR QB 239 29.81 125.70 -55.03
C THR QB 239 28.39 126.19 -55.33
N ASN QB 240 27.43 125.63 -54.62
CA ASN QB 240 26.04 126.04 -54.79
C ASN QB 240 25.68 127.26 -53.94
N GLY QB 241 26.60 127.75 -53.12
CA GLY QB 241 26.27 128.86 -52.24
C GLY QB 241 25.36 128.42 -51.11
N ASP QB 242 24.73 129.42 -50.49
CA ASP QB 242 23.82 129.18 -49.36
C ASP QB 242 22.40 129.03 -49.90
N GLN QB 243 21.93 127.79 -49.98
CA GLN QB 243 20.57 127.54 -50.44
C GLN QB 243 19.54 127.77 -49.35
N SER QB 244 19.96 127.87 -48.09
CA SER QB 244 19.00 128.06 -47.00
C SER QB 244 18.25 129.38 -47.15
N LYS QB 245 18.95 130.44 -47.51
CA LYS QB 245 18.35 131.75 -47.74
C LYS QB 245 18.47 132.10 -49.21
N ILE QB 246 17.37 132.53 -49.81
CA ILE QB 246 17.35 133.00 -51.18
C ILE QB 246 16.60 134.33 -51.22
N SER QB 247 17.14 135.29 -51.95
CA SER QB 247 16.65 136.65 -51.88
C SER QB 247 15.29 136.80 -52.56
N THR QB 248 14.54 137.80 -52.10
CA THR QB 248 13.29 138.16 -52.77
C THR QB 248 13.54 138.59 -54.20
N ALA QB 249 14.72 139.15 -54.48
CA ALA QB 249 15.05 139.48 -55.86
C ALA QB 249 15.15 138.22 -56.72
N ALA QB 250 15.79 137.18 -56.21
CA ALA QB 250 15.83 135.91 -56.93
C ALA QB 250 14.42 135.33 -57.07
N TYR QB 251 13.59 135.51 -56.05
CA TYR QB 251 12.21 135.05 -56.13
C TYR QB 251 11.46 135.76 -57.26
N LEU QB 252 11.62 137.09 -57.36
CA LEU QB 252 10.91 137.81 -58.40
C LEU QB 252 11.45 137.47 -59.78
N ARG QB 253 12.77 137.27 -59.88
CA ARG QB 253 13.31 136.81 -61.15
C ARG QB 253 12.73 135.45 -61.54
N ALA QB 254 12.62 134.55 -60.57
CA ALA QB 254 12.05 133.24 -60.86
C ALA QB 254 10.59 133.36 -61.30
N VAL QB 255 9.81 134.19 -60.61
CA VAL QB 255 8.41 134.30 -60.99
C VAL QB 255 8.29 134.97 -62.35
N LYS QB 256 9.18 135.91 -62.67
CA LYS QB 256 9.19 136.51 -64.00
C LYS QB 256 9.50 135.45 -65.06
N VAL QB 257 10.43 134.56 -64.76
CA VAL QB 257 10.71 133.45 -65.66
C VAL QB 257 9.45 132.62 -65.86
N LEU QB 258 8.71 132.38 -64.78
CA LEU QB 258 7.44 131.67 -64.90
C LEU QB 258 6.48 132.42 -65.79
N ASN QB 259 6.43 133.75 -65.65
CA ASN QB 259 5.54 134.56 -66.46
C ASN QB 259 5.88 134.39 -67.94
N ASN QB 260 7.16 134.47 -68.27
CA ASN QB 260 7.60 134.51 -69.65
C ASN QB 260 7.86 133.13 -70.24
N ALA QB 261 7.69 132.08 -69.45
CA ALA QB 261 7.91 130.73 -69.97
C ALA QB 261 6.79 130.35 -70.93
N PRO QB 262 7.09 130.05 -72.20
CA PRO QB 262 6.04 129.68 -73.17
C PRO QB 262 5.83 128.17 -73.24
N TYR QB 263 5.40 127.58 -72.13
CA TYR QB 263 5.16 126.15 -72.06
C TYR QB 263 3.86 125.89 -71.31
N MET QB 264 3.18 124.81 -71.69
CA MET QB 264 1.95 124.46 -71.02
C MET QB 264 2.23 124.03 -69.59
N TYR QB 265 1.29 124.33 -68.71
CA TYR QB 265 1.34 123.82 -67.34
C TYR QB 265 -0.07 123.85 -66.77
N THR QB 266 -0.46 122.75 -66.14
CA THR QB 266 -1.82 122.59 -65.65
C THR QB 266 -1.98 123.01 -64.19
N ALA QB 267 -0.90 123.36 -63.51
CA ALA QB 267 -1.01 123.74 -62.12
C ALA QB 267 0.19 124.58 -61.71
N VAL QB 268 0.02 125.33 -60.62
CA VAL QB 268 1.14 126.00 -59.97
C VAL QB 268 1.21 125.53 -58.53
N LEU QB 269 2.42 125.16 -58.10
CA LEU QB 269 2.64 124.42 -56.87
C LEU QB 269 3.46 125.27 -55.91
N GLY QB 270 3.05 125.28 -54.64
CA GLY QB 270 3.76 126.06 -53.65
C GLY QB 270 5.20 125.61 -53.48
N LEU QB 271 5.40 124.30 -53.39
CA LEU QB 271 6.75 123.71 -53.33
C LEU QB 271 7.55 124.26 -52.16
N GLY QB 272 6.88 124.59 -51.07
CA GLY QB 272 7.53 125.10 -49.87
C GLY QB 272 7.82 126.58 -49.85
N CYS QB 273 7.52 127.31 -50.93
CA CYS QB 273 7.81 128.74 -50.96
C CYS QB 273 6.89 129.47 -50.00
N TYR QB 274 7.49 130.34 -49.18
CA TYR QB 274 6.73 131.11 -48.19
C TYR QB 274 6.97 132.61 -48.31
N ASP QB 275 7.70 133.05 -49.34
CA ASP QB 275 7.84 134.47 -49.59
C ASP QB 275 6.49 135.08 -49.95
N ASN QB 276 6.07 136.09 -49.20
CA ASN QB 276 4.75 136.67 -49.43
C ASN QB 276 4.66 137.28 -50.83
N ALA QB 277 5.69 138.01 -51.25
CA ALA QB 277 5.66 138.64 -52.56
C ALA QB 277 5.64 137.60 -53.67
N ALA QB 278 6.49 136.57 -53.57
CA ALA QB 278 6.52 135.54 -54.59
C ALA QB 278 5.19 134.80 -54.65
N ILE QB 279 4.62 134.48 -53.50
CA ILE QB 279 3.35 133.78 -53.45
C ILE QB 279 2.26 134.63 -54.07
N THR QB 280 2.25 135.93 -53.77
CA THR QB 280 1.25 136.83 -54.35
C THR QB 280 1.41 136.93 -55.85
N ALA QB 281 2.66 136.99 -56.34
CA ALA QB 281 2.88 137.00 -57.78
C ALA QB 281 2.37 135.72 -58.41
N LEU QB 282 2.61 134.58 -57.76
CA LEU QB 282 2.11 133.32 -58.28
C LEU QB 282 0.59 133.31 -58.33
N GLY QB 283 -0.04 133.82 -57.27
CA GLY QB 283 -1.49 133.88 -57.25
C GLY QB 283 -2.04 134.75 -58.36
N LYS QB 284 -1.45 135.92 -58.55
CA LYS QB 284 -1.98 136.83 -59.57
C LYS QB 284 -1.76 136.26 -60.96
N ILE QB 285 -0.62 135.62 -61.21
CA ILE QB 285 -0.39 135.08 -62.55
C ILE QB 285 -1.29 133.87 -62.80
N CYS QB 286 -1.50 133.03 -61.80
CA CYS QB 286 -2.37 131.88 -62.03
C CYS QB 286 -3.81 132.33 -62.19
N ALA QB 287 -4.22 133.38 -61.48
CA ALA QB 287 -5.55 133.93 -61.69
C ALA QB 287 -5.68 134.51 -63.09
N ASP QB 288 -4.66 135.22 -63.55
CA ASP QB 288 -4.72 135.81 -64.89
C ASP QB 288 -4.78 134.74 -65.97
N ARG QB 289 -3.91 133.74 -65.88
CA ARG QB 289 -3.87 132.67 -66.86
C ARG QB 289 -4.87 131.57 -66.55
N LEU QB 290 -5.78 131.80 -65.61
CA LEU QB 290 -6.89 130.89 -65.32
C LEU QB 290 -6.41 129.46 -65.05
N ILE QB 291 -5.32 129.35 -64.29
CA ILE QB 291 -4.82 128.07 -63.84
C ILE QB 291 -4.86 128.04 -62.30
N ASP QB 292 -4.87 126.84 -61.75
CA ASP QB 292 -5.07 126.65 -60.33
C ASP QB 292 -3.76 126.66 -59.55
N GLY QB 293 -3.88 127.01 -58.27
CA GLY QB 293 -2.72 127.16 -57.41
C GLY QB 293 -2.87 126.43 -56.09
N PHE QB 294 -1.75 125.90 -55.61
CA PHE QB 294 -1.76 125.03 -54.44
C PHE QB 294 -0.92 125.57 -53.28
N PHE QB 295 -1.09 126.84 -52.92
CA PHE QB 295 -0.22 127.46 -51.94
C PHE QB 295 -0.37 126.80 -50.57
N ASP QB 296 0.70 126.86 -49.79
CA ASP QB 296 0.79 126.22 -48.48
C ASP QB 296 1.42 127.19 -47.49
N VAL QB 297 1.14 126.96 -46.22
CA VAL QB 297 1.63 127.82 -45.16
C VAL QB 297 2.82 127.16 -44.49
N LYS QB 298 3.50 127.92 -43.64
CA LYS QB 298 4.68 127.40 -42.97
C LYS QB 298 4.29 126.22 -42.08
N PRO QB 299 5.05 125.13 -42.10
CA PRO QB 299 4.71 123.97 -41.25
C PRO QB 299 4.74 124.29 -39.77
N THR QB 300 5.64 125.17 -39.35
CA THR QB 300 5.88 125.39 -37.93
C THR QB 300 4.76 126.18 -37.25
N LEU QB 301 3.98 126.93 -38.01
CA LEU QB 301 2.94 127.75 -37.39
C LEU QB 301 1.82 126.88 -36.85
N THR QB 302 1.31 127.24 -35.68
CA THR QB 302 0.20 126.54 -35.08
C THR QB 302 -1.11 127.11 -35.59
N TYR QB 303 -2.20 126.43 -35.23
CA TYR QB 303 -3.52 126.87 -35.66
C TYR QB 303 -3.91 128.21 -35.06
N ALA QB 304 -3.28 128.60 -33.95
CA ALA QB 304 -3.57 129.90 -33.37
C ALA QB 304 -3.21 131.02 -34.34
N GLU QB 305 -2.07 130.92 -35.00
CA GLU QB 305 -1.62 131.90 -35.98
C GLU QB 305 -1.89 131.46 -37.40
N ALA QB 306 -2.61 130.36 -37.59
CA ALA QB 306 -2.97 129.94 -38.93
C ALA QB 306 -3.95 130.93 -39.57
N LEU QB 307 -4.86 131.47 -38.78
CA LEU QB 307 -5.86 132.39 -39.34
C LEU QB 307 -5.23 133.63 -39.97
N PRO QB 308 -4.31 134.36 -39.32
CA PRO QB 308 -3.72 135.53 -39.98
C PRO QB 308 -2.82 135.20 -41.15
N ALA QB 309 -2.47 133.93 -41.34
CA ALA QB 309 -1.64 133.56 -42.48
C ALA QB 309 -2.34 133.88 -43.80
N VAL QB 310 -3.66 133.71 -43.85
CA VAL QB 310 -4.41 134.04 -45.05
C VAL QB 310 -4.30 135.51 -45.36
N GLU QB 311 -4.47 136.37 -44.35
CA GLU QB 311 -4.36 137.81 -44.56
C GLU QB 311 -2.94 138.19 -44.94
N ASP QB 312 -1.95 137.56 -44.32
CA ASP QB 312 -0.56 137.83 -44.66
C ASP QB 312 -0.26 137.47 -46.11
N THR QB 313 -0.87 136.38 -46.58
CA THR QB 313 -0.70 135.99 -47.98
C THR QB 313 -1.29 137.05 -48.91
N GLY QB 314 -2.42 137.63 -48.54
CA GLY QB 314 -3.04 138.65 -49.36
C GLY QB 314 -3.83 138.13 -50.53
N LEU QB 315 -4.21 136.85 -50.53
CA LEU QB 315 -5.01 136.28 -51.59
C LEU QB 315 -6.50 136.50 -51.38
N LEU QB 316 -6.89 137.12 -50.27
CA LEU QB 316 -8.30 137.30 -49.97
C LEU QB 316 -8.96 138.17 -51.04
N GLY QB 317 -10.12 137.72 -51.51
CA GLY QB 317 -10.85 138.44 -52.52
C GLY QB 317 -11.77 137.52 -53.28
N THR QB 318 -12.54 138.12 -54.18
CA THR QB 318 -13.48 137.39 -55.01
C THR QB 318 -12.89 136.97 -56.34
N ASP QB 319 -11.64 137.31 -56.60
CA ASP QB 319 -10.97 136.95 -57.85
C ASP QB 319 -10.02 135.78 -57.70
N TYR QB 320 -9.43 135.61 -56.52
CA TYR QB 320 -8.46 134.54 -56.29
C TYR QB 320 -9.17 133.27 -55.82
N VAL QB 321 -10.16 132.86 -56.61
CA VAL QB 321 -10.88 131.63 -56.31
C VAL QB 321 -10.11 130.40 -56.81
N SER QB 322 -9.31 130.56 -57.84
CA SER QB 322 -8.53 129.47 -58.42
C SER QB 322 -7.37 129.03 -57.54
N CYS QB 323 -7.26 129.54 -56.32
CA CYS QB 323 -6.16 129.20 -55.43
C CYS QB 323 -6.66 128.44 -54.21
N SER QB 324 -5.79 127.60 -53.66
CA SER QB 324 -6.06 126.86 -52.45
C SER QB 324 -4.91 127.05 -51.49
N VAL QB 325 -5.22 127.03 -50.19
CA VAL QB 325 -4.24 127.22 -49.13
C VAL QB 325 -4.23 125.97 -48.27
N TYR QB 326 -3.03 125.47 -47.98
CA TYR QB 326 -2.86 124.22 -47.27
C TYR QB 326 -2.11 124.44 -45.97
N HIS QB 327 -2.45 123.62 -44.98
CA HIS QB 327 -1.75 123.58 -43.70
C HIS QB 327 -1.49 122.13 -43.33
N TYR QB 328 -0.36 121.89 -42.66
CA TYR QB 328 0.09 120.54 -42.36
C TYR QB 328 0.76 120.49 -41.00
N PRO QB 329 -0.02 120.35 -39.93
CA PRO QB 329 0.54 120.26 -38.58
C PRO QB 329 0.93 118.84 -38.19
N PHE QB 330 1.78 118.21 -39.00
CA PHE QB 330 2.11 116.81 -38.79
C PHE QB 330 3.57 116.58 -39.15
N SER QB 331 4.10 115.44 -38.70
CA SER QB 331 5.48 115.06 -38.98
C SER QB 331 5.57 113.54 -39.17
N CYS QB 332 6.39 113.13 -40.12
CA CYS QB 332 6.49 111.75 -40.54
C CYS QB 332 7.94 111.27 -40.58
N LYS QB 333 8.12 110.04 -41.04
CA LYS QB 333 9.44 109.47 -41.29
C LYS QB 333 9.98 109.90 -42.64
N ASP QB 334 11.29 110.11 -42.68
CA ASP QB 334 11.96 110.41 -43.92
C ASP QB 334 11.97 109.20 -44.85
N LYS QB 335 11.98 109.48 -46.15
CA LYS QB 335 12.16 108.42 -47.12
C LYS QB 335 13.60 107.89 -47.10
N TRP QB 336 14.55 108.73 -46.76
CA TRP QB 336 15.96 108.35 -46.82
C TRP QB 336 16.62 108.33 -45.46
N THR QB 337 16.54 109.42 -44.70
CA THR QB 337 17.22 109.49 -43.41
C THR QB 337 16.42 108.86 -42.29
N GLN QB 338 15.16 108.50 -42.53
CA GLN QB 338 14.30 107.89 -41.51
C GLN QB 338 14.23 108.76 -40.27
N SER QB 339 14.07 110.07 -40.47
CA SER QB 339 13.95 111.03 -39.39
C SER QB 339 12.54 111.61 -39.36
N ARG QB 340 12.35 112.58 -38.47
CA ARG QB 340 11.11 113.33 -38.38
C ARG QB 340 11.19 114.47 -39.38
N VAL QB 341 10.40 114.38 -40.44
CA VAL QB 341 10.41 115.37 -41.50
C VAL QB 341 8.98 115.86 -41.70
N VAL QB 342 8.87 117.10 -42.16
CA VAL QB 342 7.59 117.74 -42.41
C VAL QB 342 7.63 118.38 -43.79
N PHE QB 343 6.59 118.14 -44.59
CA PHE QB 343 6.47 118.83 -45.87
C PHE QB 343 5.00 118.91 -46.24
N GLY QB 344 4.69 119.84 -47.13
CA GLY QB 344 3.33 120.22 -47.41
C GLY QB 344 2.57 119.22 -48.24
N LEU QB 345 1.39 119.65 -48.68
CA LEU QB 345 0.45 118.78 -49.37
C LEU QB 345 0.27 119.16 -50.83
N SER QB 346 1.16 119.99 -51.37
CA SER QB 346 1.03 120.41 -52.77
C SER QB 346 1.18 119.21 -53.70
N GLY QB 347 2.12 118.32 -53.42
CA GLY QB 347 2.32 117.17 -54.28
C GLY QB 347 1.11 116.27 -54.32
N VAL QB 348 0.52 115.98 -53.15
CA VAL QB 348 -0.66 115.13 -53.13
C VAL QB 348 -1.85 115.85 -53.76
N ALA QB 349 -1.92 117.17 -53.62
CA ALA QB 349 -3.00 117.90 -54.29
C ALA QB 349 -2.89 117.75 -55.80
N TYR QB 350 -1.68 117.92 -56.34
CA TYR QB 350 -1.49 117.75 -57.77
C TYR QB 350 -1.77 116.32 -58.19
N ALA QB 351 -1.34 115.34 -57.38
CA ALA QB 351 -1.59 113.95 -57.71
C ALA QB 351 -3.08 113.64 -57.72
N ALA QB 352 -3.81 114.22 -56.77
CA ALA QB 352 -5.25 114.05 -56.73
C ALA QB 352 -5.91 114.64 -57.96
N LYS QB 353 -5.45 115.83 -58.36
CA LYS QB 353 -5.98 116.41 -59.59
C LYS QB 353 -5.69 115.52 -60.78
N ALA QB 354 -4.48 114.97 -60.84
CA ALA QB 354 -4.08 114.14 -61.98
C ALA QB 354 -4.90 112.87 -62.05
N ARG QB 355 -5.09 112.19 -60.91
CA ARG QB 355 -5.88 110.98 -60.92
C ARG QB 355 -7.34 111.28 -61.25
N GLY QB 356 -7.86 112.40 -60.73
CA GLY QB 356 -9.23 112.76 -61.08
C GLY QB 356 -9.41 113.02 -62.57
N VAL QB 357 -8.48 113.76 -63.17
CA VAL QB 357 -8.62 114.07 -64.58
C VAL QB 357 -8.33 112.84 -65.44
N LYS QB 358 -7.52 111.91 -64.96
CA LYS QB 358 -7.30 110.69 -65.72
C LYS QB 358 -8.39 109.67 -65.51
N LYS QB 359 -9.26 109.87 -64.51
CA LYS QB 359 -10.43 109.00 -64.38
C LYS QB 359 -11.29 109.05 -65.64
N ASN QB 360 -11.52 110.24 -66.17
CA ASN QB 360 -12.22 110.37 -67.43
C ASN QB 360 -11.24 110.56 -68.58
N SER QB 361 -11.74 110.32 -69.79
CA SER QB 361 -10.94 110.36 -71.00
C SER QB 361 -11.29 111.51 -71.91
N ASP QB 362 -12.58 111.80 -72.08
CA ASP QB 362 -13.00 112.82 -73.03
C ASP QB 362 -12.54 114.21 -72.62
N VAL QB 363 -12.79 114.60 -71.37
CA VAL QB 363 -12.41 115.93 -70.91
C VAL QB 363 -11.71 115.81 -69.56
N GLY QB 364 -11.82 114.65 -68.94
CA GLY QB 364 -11.22 114.47 -67.63
C GLY QB 364 -12.22 114.72 -66.51
N GLY QB 365 -11.98 114.05 -65.39
CA GLY QB 365 -12.92 114.11 -64.28
C GLY QB 365 -12.82 115.40 -63.48
N TRP QB 366 -13.07 116.52 -64.14
CA TRP QB 366 -12.98 117.81 -63.46
C TRP QB 366 -14.07 117.94 -62.40
N HIS QB 367 -15.24 117.35 -62.64
CA HIS QB 367 -16.33 117.41 -61.67
C HIS QB 367 -15.99 116.69 -60.37
N TYR QB 368 -15.04 115.75 -60.42
CA TYR QB 368 -14.65 115.08 -59.19
C TYR QB 368 -13.93 116.05 -58.26
N SER QB 369 -13.85 115.65 -57.00
CA SER QB 369 -13.15 116.45 -56.01
C SER QB 369 -11.99 115.66 -55.41
N PRO QB 370 -10.87 116.31 -55.19
CA PRO QB 370 -9.68 115.65 -54.61
C PRO QB 370 -9.82 115.36 -53.12
N ALA QB 371 -10.48 114.25 -52.80
CA ALA QB 371 -10.67 113.85 -51.42
C ALA QB 371 -10.96 112.35 -51.40
N GLY QB 372 -11.25 111.84 -50.20
CA GLY QB 372 -11.66 110.46 -50.04
C GLY QB 372 -10.50 109.52 -49.84
N GLU QB 373 -10.74 108.52 -49.00
CA GLU QB 373 -9.73 107.50 -48.72
C GLU QB 373 -9.55 106.54 -49.89
N GLU QB 374 -10.54 106.46 -50.78
CA GLU QB 374 -10.43 105.55 -51.91
C GLU QB 374 -9.38 106.02 -52.90
N ARG QB 375 -9.11 107.33 -52.95
CA ARG QB 375 -8.19 107.85 -53.95
C ARG QB 375 -7.21 108.89 -53.43
N ALA QB 376 -7.47 109.55 -52.31
CA ALA QB 376 -6.62 110.61 -51.79
C ALA QB 376 -6.04 110.17 -50.45
N VAL QB 377 -4.93 109.43 -50.50
CA VAL QB 377 -4.25 108.94 -49.30
C VAL QB 377 -2.75 109.10 -49.49
N ILE QB 378 -2.08 109.57 -48.45
CA ILE QB 378 -0.63 109.64 -48.47
C ILE QB 378 -0.03 108.51 -47.63
N ALA QB 379 -0.42 108.44 -46.36
CA ALA QB 379 0.13 107.49 -45.39
C ALA QB 379 1.64 107.37 -45.56
N ARG QB 380 2.33 108.50 -45.39
CA ARG QB 380 3.75 108.56 -45.72
C ARG QB 380 4.56 107.58 -44.87
N ALA QB 381 4.70 107.88 -43.59
CA ALA QB 381 5.25 106.94 -42.61
C ALA QB 381 5.16 107.50 -41.20
N SER QB 382 4.64 106.71 -40.27
CA SER QB 382 4.59 107.07 -38.85
C SER QB 382 4.12 108.50 -38.65
N ILE QB 383 2.90 108.76 -39.11
CA ILE QB 383 2.32 110.09 -38.97
C ILE QB 383 2.22 110.46 -37.50
N GLN QB 384 2.38 111.76 -37.22
CA GLN QB 384 2.30 112.26 -35.86
C GLN QB 384 2.10 113.76 -35.92
N PRO QB 385 1.20 114.32 -35.12
CA PRO QB 385 1.00 115.78 -35.14
C PRO QB 385 2.27 116.50 -34.72
N LEU QB 386 2.53 117.61 -35.38
CA LEU QB 386 3.68 118.44 -35.01
C LEU QB 386 3.50 119.01 -33.60
N TYR QB 387 2.31 119.49 -33.29
CA TYR QB 387 2.02 120.10 -32.00
C TYR QB 387 0.76 119.47 -31.44
N PRO QB 388 0.88 118.33 -30.76
CA PRO QB 388 -0.31 117.73 -30.12
C PRO QB 388 -0.96 118.66 -29.13
N GLU QB 389 -0.20 119.57 -28.54
CA GLU QB 389 -0.74 120.58 -27.65
C GLU QB 389 -1.63 121.57 -28.38
N ASP QB 390 -1.48 121.71 -29.69
CA ASP QB 390 -2.26 122.65 -30.48
C ASP QB 390 -3.47 121.98 -31.09
N THR QB 391 -4.56 122.74 -31.20
CA THR QB 391 -5.81 122.24 -31.74
C THR QB 391 -6.33 123.17 -32.81
N PRO QB 392 -7.02 122.65 -33.81
CA PRO QB 392 -7.67 123.49 -34.82
C PRO QB 392 -9.05 123.92 -34.34
N ASP QB 393 -9.77 124.60 -35.23
CA ASP QB 393 -11.10 125.09 -34.92
C ASP QB 393 -11.95 125.13 -36.19
N GLU QB 394 -13.11 124.47 -36.13
CA GLU QB 394 -13.92 124.29 -37.34
C GLU QB 394 -14.44 125.63 -37.87
N GLU QB 395 -15.04 126.45 -37.02
CA GLU QB 395 -15.57 127.71 -37.51
C GLU QB 395 -14.44 128.63 -37.97
N ALA QB 396 -13.30 128.60 -37.28
CA ALA QB 396 -12.17 129.42 -37.69
C ALA QB 396 -11.69 129.00 -39.07
N MET QB 397 -11.54 127.70 -39.30
CA MET QB 397 -11.04 127.25 -40.59
C MET QB 397 -12.05 127.49 -41.71
N VAL QB 398 -13.35 127.32 -41.42
CA VAL QB 398 -14.34 127.56 -42.46
C VAL QB 398 -14.42 129.03 -42.79
N LYS QB 399 -14.21 129.90 -41.79
CA LYS QB 399 -14.18 131.33 -42.06
C LYS QB 399 -12.95 131.72 -42.86
N GLY QB 400 -11.78 131.19 -42.48
CA GLY QB 400 -10.55 131.52 -43.13
C GLY QB 400 -10.27 130.78 -44.42
N ARG QB 401 -11.16 129.88 -44.82
CA ARG QB 401 -11.02 129.12 -46.06
C ARG QB 401 -9.75 128.29 -46.07
N LEU QB 402 -9.32 127.83 -44.90
CA LEU QB 402 -8.13 127.01 -44.78
C LEU QB 402 -8.49 125.56 -45.07
N ASN QB 403 -7.63 124.88 -45.82
CA ASN QB 403 -7.81 123.47 -46.11
C ASN QB 403 -7.09 122.65 -45.05
N LYS QB 404 -7.86 121.88 -44.29
CA LYS QB 404 -7.32 121.03 -43.24
C LYS QB 404 -7.33 119.58 -43.72
N VAL QB 405 -6.43 118.79 -43.16
CA VAL QB 405 -6.23 117.41 -43.59
C VAL QB 405 -6.35 116.51 -42.37
N SER QB 406 -7.16 115.46 -42.47
CA SER QB 406 -7.56 114.66 -41.32
C SER QB 406 -7.04 113.23 -41.46
N VAL QB 407 -7.36 112.42 -40.44
CA VAL QB 407 -6.86 111.06 -40.37
C VAL QB 407 -8.04 110.10 -40.45
N GLY QB 408 -7.76 108.85 -40.81
CA GLY QB 408 -8.76 107.83 -40.92
C GLY QB 408 -8.53 106.69 -39.94
N THR QB 409 -9.52 105.80 -39.88
CA THR QB 409 -9.43 104.64 -39.00
C THR QB 409 -8.37 103.64 -39.46
N SER QB 410 -8.18 103.52 -40.77
CA SER QB 410 -7.23 102.56 -41.33
C SER QB 410 -5.79 103.03 -41.24
N GLY QB 411 -5.50 104.03 -40.42
CA GLY QB 411 -4.15 104.53 -40.33
C GLY QB 411 -3.70 105.30 -41.54
N GLN QB 412 -4.63 105.70 -42.40
CA GLN QB 412 -4.32 106.46 -43.60
C GLN QB 412 -4.65 107.92 -43.35
N MET QB 413 -4.09 108.80 -44.18
CA MET QB 413 -3.96 110.20 -43.82
C MET QB 413 -4.48 110.98 -45.03
N ILE QB 414 -5.67 111.58 -44.91
CA ILE QB 414 -6.48 111.97 -46.06
C ILE QB 414 -6.80 113.46 -46.03
N ILE QB 415 -6.82 114.07 -47.21
CA ILE QB 415 -7.19 115.47 -47.35
C ILE QB 415 -8.70 115.55 -47.57
N ASP QB 416 -9.42 115.90 -46.51
CA ASP QB 416 -10.89 115.98 -46.53
C ASP QB 416 -11.39 117.41 -46.70
N ASP QB 417 -10.90 118.14 -47.70
CA ASP QB 417 -11.42 119.46 -48.04
C ASP QB 417 -11.47 119.60 -49.55
N ALA QB 418 -12.53 120.25 -50.03
CA ALA QB 418 -12.70 120.51 -51.46
C ALA QB 418 -13.26 121.90 -51.69
N LEU QB 419 -12.83 122.86 -50.89
CA LEU QB 419 -13.30 124.23 -50.99
C LEU QB 419 -12.14 125.15 -51.27
N THR QB 420 -12.36 126.15 -52.12
CA THR QB 420 -11.30 127.09 -52.47
C THR QB 420 -11.19 128.17 -51.40
N CYS QB 421 -10.36 129.17 -51.65
CA CYS QB 421 -10.08 130.23 -50.69
C CYS QB 421 -10.82 131.52 -51.06
N CYS QB 422 -12.02 131.38 -51.60
CA CYS QB 422 -12.86 132.54 -51.90
C CYS QB 422 -13.60 132.97 -50.63
N THR QB 423 -13.57 134.27 -50.36
CA THR QB 423 -14.20 134.79 -49.15
C THR QB 423 -15.71 134.54 -49.17
N GLN QB 424 -16.34 134.77 -50.31
CA GLN QB 424 -17.78 134.60 -50.41
C GLN QB 424 -18.15 133.12 -50.44
N ASP QB 425 -19.29 132.81 -49.82
CA ASP QB 425 -19.83 131.46 -49.76
C ASP QB 425 -20.57 131.08 -51.03
N ASN QB 426 -20.39 131.85 -52.10
CA ASN QB 426 -21.05 131.56 -53.36
C ASN QB 426 -20.57 130.22 -53.91
N TYR QB 427 -21.46 129.59 -54.70
CA TYR QB 427 -21.18 128.24 -55.20
C TYR QB 427 -19.88 128.19 -56.00
N LEU QB 428 -19.46 129.30 -56.58
CA LEU QB 428 -18.20 129.31 -57.32
C LEU QB 428 -17.01 129.06 -56.43
N HIS QB 429 -17.14 129.24 -55.12
CA HIS QB 429 -16.05 128.99 -54.20
C HIS QB 429 -15.79 127.50 -53.97
N PHE QB 430 -16.43 126.63 -54.75
CA PHE QB 430 -16.18 125.21 -54.69
C PHE QB 430 -14.91 124.88 -55.45
N GLN QB 431 -14.54 123.60 -55.47
CA GLN QB 431 -13.31 123.20 -56.15
C GLN QB 431 -13.51 122.93 -57.63
N HIS QB 432 -14.64 122.34 -58.00
CA HIS QB 432 -14.89 121.97 -59.39
C HIS QB 432 -15.24 123.17 -60.25
N VAL QB 433 -15.82 124.21 -59.65
CA VAL QB 433 -16.27 125.36 -60.43
C VAL QB 433 -15.10 126.03 -61.15
N PRO QB 434 -14.00 126.39 -60.49
CA PRO QB 434 -12.86 126.93 -61.26
C PRO QB 434 -12.35 125.97 -62.29
N SER QB 435 -12.38 124.67 -62.01
CA SER QB 435 -11.96 123.69 -63.01
C SER QB 435 -12.85 123.77 -64.24
N LEU QB 436 -14.16 123.93 -64.04
CA LEU QB 436 -15.02 123.95 -65.21
C LEU QB 436 -14.87 125.25 -65.99
N MET QB 437 -14.65 126.39 -65.31
CA MET QB 437 -14.31 127.58 -66.08
C MET QB 437 -13.03 127.38 -66.86
N ASN QB 438 -12.01 126.77 -66.25
CA ASN QB 438 -10.77 126.52 -66.97
C ASN QB 438 -11.01 125.68 -68.22
N ALA QB 439 -11.77 124.61 -68.07
CA ALA QB 439 -12.03 123.72 -69.20
C ALA QB 439 -12.77 124.44 -70.31
N ILE QB 440 -13.89 125.09 -69.97
CA ILE QB 440 -14.68 125.77 -70.98
C ILE QB 440 -13.86 126.89 -71.62
N SER QB 441 -12.97 127.52 -70.85
CA SER QB 441 -12.12 128.57 -71.41
C SER QB 441 -11.15 128.00 -72.44
N ARG QB 442 -10.53 126.87 -72.12
CA ARG QB 442 -9.60 126.26 -73.07
C ARG QB 442 -10.33 125.85 -74.34
N PHE QB 443 -11.51 125.26 -74.21
CA PHE QB 443 -12.25 124.88 -75.41
C PHE QB 443 -12.68 126.11 -76.19
N PHE QB 444 -13.11 127.16 -75.50
CA PHE QB 444 -13.51 128.38 -76.18
C PHE QB 444 -12.34 128.99 -76.94
N VAL QB 445 -11.16 129.03 -76.32
CA VAL QB 445 -10.02 129.67 -76.98
C VAL QB 445 -9.55 128.83 -78.16
N GLN QB 446 -9.54 127.51 -78.01
CA GLN QB 446 -9.12 126.68 -79.13
C GLN QB 446 -10.09 126.80 -80.30
N LEU QB 447 -11.41 126.82 -80.02
CA LEU QB 447 -12.36 126.97 -81.11
C LEU QB 447 -12.25 128.36 -81.72
N ALA QB 448 -12.02 129.37 -80.90
CA ALA QB 448 -11.86 130.73 -81.42
C ALA QB 448 -10.64 130.82 -82.33
N ARG QB 449 -9.55 130.16 -81.96
CA ARG QB 449 -8.36 130.20 -82.78
C ARG QB 449 -8.56 129.45 -84.09
N GLN QB 450 -9.17 128.25 -84.01
CA GLN QB 450 -9.41 127.50 -85.23
C GLN QB 450 -10.43 128.16 -86.13
N MET QB 451 -11.31 128.99 -85.59
CA MET QB 451 -12.30 129.66 -86.42
C MET QB 451 -11.87 131.08 -86.77
N LYS QB 452 -10.76 131.53 -86.20
CA LYS QB 452 -10.30 132.91 -86.36
C LYS QB 452 -10.01 133.22 -87.82
N HIS QB 453 -10.29 134.46 -88.21
CA HIS QB 453 -10.03 134.95 -89.56
C HIS QB 453 -10.77 134.10 -90.60
N SER QB 454 -12.09 134.17 -90.52
CA SER QB 454 -12.94 133.53 -91.50
C SER QB 454 -13.95 134.54 -92.03
N PRO QB 455 -14.26 134.46 -93.31
CA PRO QB 455 -15.32 135.29 -93.88
C PRO QB 455 -16.56 135.33 -93.00
N ASP QB 456 -17.17 136.51 -92.93
CA ASP QB 456 -18.37 136.67 -92.10
C ASP QB 456 -19.53 135.89 -92.69
N GLY QB 457 -20.34 135.30 -91.83
CA GLY QB 457 -21.50 134.54 -92.26
C GLY QB 457 -21.45 133.09 -91.82
N ILE QB 458 -20.25 132.50 -91.91
CA ILE QB 458 -20.03 131.14 -91.42
C ILE QB 458 -19.55 131.12 -89.98
N THR QB 459 -19.12 132.28 -89.45
CA THR QB 459 -18.61 132.32 -88.09
C THR QB 459 -19.67 131.90 -87.10
N ALA QB 460 -20.88 132.44 -87.26
CA ALA QB 460 -21.97 132.11 -86.34
C ALA QB 460 -22.30 130.64 -86.39
N ALA QB 461 -22.41 130.08 -87.60
CA ALA QB 461 -22.73 128.67 -87.73
C ALA QB 461 -21.65 127.80 -87.08
N GLY QB 462 -20.38 128.10 -87.36
CA GLY QB 462 -19.31 127.29 -86.81
C GLY QB 462 -19.26 127.36 -85.30
N LEU QB 463 -19.41 128.57 -84.75
CA LEU QB 463 -19.39 128.70 -83.30
C LEU QB 463 -20.57 127.97 -82.67
N THR QB 464 -21.75 128.06 -83.28
CA THR QB 464 -22.91 127.34 -82.75
C THR QB 464 -22.68 125.84 -82.77
N LYS QB 465 -22.13 125.31 -83.86
CA LYS QB 465 -21.88 123.88 -83.92
C LYS QB 465 -20.87 123.45 -82.87
N GLY QB 466 -19.79 124.22 -82.71
CA GLY QB 466 -18.84 123.92 -81.66
C GLY QB 466 -19.47 123.93 -80.29
N MET QB 467 -20.36 124.91 -80.06
CA MET QB 467 -21.13 124.93 -78.82
C MET QB 467 -21.88 123.62 -78.65
N THR QB 468 -22.53 123.17 -79.73
CA THR QB 468 -23.33 121.95 -79.64
C THR QB 468 -22.47 120.78 -79.18
N LYS QB 469 -21.34 120.55 -79.86
CA LYS QB 469 -20.52 119.40 -79.46
C LYS QB 469 -19.98 119.55 -78.04
N LEU QB 470 -19.53 120.75 -77.66
CA LEU QB 470 -18.96 120.87 -76.33
C LEU QB 470 -20.00 120.64 -75.25
N LEU QB 471 -21.20 121.19 -75.44
CA LEU QB 471 -22.25 120.98 -74.45
C LEU QB 471 -22.68 119.53 -74.41
N ASP QB 472 -22.70 118.89 -75.58
CA ASP QB 472 -23.00 117.47 -75.63
C ASP QB 472 -21.99 116.67 -74.82
N ARG QB 473 -20.72 117.01 -74.97
CA ARG QB 473 -19.70 116.26 -74.26
C ARG QB 473 -19.77 116.52 -72.76
N PHE QB 474 -20.09 117.75 -72.37
CA PHE QB 474 -20.25 118.05 -70.96
C PHE QB 474 -21.43 117.30 -70.35
N VAL QB 475 -22.57 117.29 -71.04
CA VAL QB 475 -23.72 116.62 -70.46
C VAL QB 475 -23.50 115.11 -70.44
N ALA QB 476 -22.80 114.57 -71.44
CA ALA QB 476 -22.43 113.16 -71.39
C ALA QB 476 -21.52 112.89 -70.21
N SER QB 477 -20.58 113.79 -69.94
CA SER QB 477 -19.77 113.68 -68.73
C SER QB 477 -20.63 113.77 -67.48
N GLY QB 478 -21.79 114.42 -67.59
CA GLY QB 478 -22.69 114.55 -66.47
C GLY QB 478 -22.41 115.74 -65.58
N ALA QB 479 -21.33 116.48 -65.83
CA ALA QB 479 -21.03 117.65 -65.02
C ALA QB 479 -22.09 118.71 -65.18
N LEU QB 480 -22.75 118.76 -66.34
CA LEU QB 480 -23.84 119.69 -66.59
C LEU QB 480 -25.16 118.97 -66.34
N VAL QB 481 -26.00 119.55 -65.47
CA VAL QB 481 -27.32 119.02 -65.19
C VAL QB 481 -28.33 120.16 -65.26
N ALA QB 482 -29.58 119.79 -65.49
CA ALA QB 482 -30.64 120.79 -65.51
C ALA QB 482 -30.83 121.37 -64.11
N PRO QB 483 -31.22 122.65 -64.03
CA PRO QB 483 -31.40 123.27 -62.71
C PRO QB 483 -32.55 122.62 -61.95
N ARG QB 484 -32.44 122.67 -60.63
CA ARG QB 484 -33.41 122.03 -59.74
C ARG QB 484 -34.63 122.90 -59.47
N ASP QB 485 -34.68 124.11 -60.04
CA ASP QB 485 -35.81 125.02 -59.90
C ASP QB 485 -36.52 125.18 -61.25
N PRO QB 486 -37.49 124.32 -61.57
CA PRO QB 486 -38.23 124.49 -62.82
C PRO QB 486 -38.99 125.80 -62.89
N ASP QB 487 -39.48 126.29 -61.75
CA ASP QB 487 -40.27 127.51 -61.74
C ASP QB 487 -39.45 128.71 -62.16
N ALA QB 488 -38.24 128.86 -61.63
CA ALA QB 488 -37.42 130.02 -61.93
C ALA QB 488 -36.47 129.74 -63.09
N ASP QB 489 -35.63 128.72 -62.94
CA ASP QB 489 -34.60 128.42 -63.94
C ASP QB 489 -35.04 127.37 -64.95
N GLY QB 490 -36.26 126.86 -64.85
CA GLY QB 490 -36.69 125.86 -65.80
C GLY QB 490 -36.03 124.51 -65.55
N THR QB 491 -36.13 123.64 -66.56
CA THR QB 491 -35.58 122.30 -66.48
C THR QB 491 -34.56 122.04 -67.58
N GLU QB 492 -33.93 123.09 -68.09
CA GLU QB 492 -32.97 122.97 -69.16
C GLU QB 492 -31.61 123.47 -68.68
N PRO QB 493 -30.54 122.69 -68.85
CA PRO QB 493 -29.26 123.03 -68.21
C PRO QB 493 -28.49 124.17 -68.85
N TYR QB 494 -28.46 124.23 -70.18
CA TYR QB 494 -27.51 125.07 -70.91
C TYR QB 494 -28.23 126.03 -71.85
N VAL QB 495 -27.86 127.31 -71.79
CA VAL QB 495 -28.45 128.30 -72.67
C VAL QB 495 -27.33 129.11 -73.31
N LEU QB 496 -27.50 129.38 -74.61
CA LEU QB 496 -26.47 129.98 -75.46
C LEU QB 496 -27.06 131.12 -76.29
N LYS QB 497 -26.36 132.24 -76.34
CA LYS QB 497 -26.65 133.28 -77.32
C LYS QB 497 -25.36 133.76 -77.98
N VAL QB 498 -25.50 134.26 -79.20
CA VAL QB 498 -24.42 134.89 -79.94
C VAL QB 498 -24.95 136.19 -80.53
N THR QB 499 -24.14 137.24 -80.44
CA THR QB 499 -24.50 138.58 -80.90
C THR QB 499 -23.37 139.14 -81.75
N GLN QB 500 -23.69 140.17 -82.53
CA GLN QB 500 -22.70 140.88 -83.33
C GLN QB 500 -22.79 142.37 -83.00
N ALA QB 501 -21.70 142.93 -82.44
CA ALA QB 501 -21.75 144.31 -81.99
C ALA QB 501 -21.56 145.29 -83.15
N GLU QB 502 -20.54 145.08 -83.97
CA GLU QB 502 -20.24 145.96 -85.08
C GLU QB 502 -19.86 145.08 -86.26
N PHE QB 503 -19.21 145.68 -87.28
CA PHE QB 503 -18.68 144.88 -88.37
C PHE QB 503 -17.74 143.78 -87.87
N ASP QB 504 -17.20 143.94 -86.66
CA ASP QB 504 -16.48 142.88 -85.95
C ASP QB 504 -17.08 142.69 -84.57
N LYS QB 505 -16.37 141.96 -83.70
CA LYS QB 505 -16.79 141.73 -82.32
C LYS QB 505 -18.13 140.98 -82.26
N TRP QB 506 -18.05 139.73 -82.70
CA TRP QB 506 -19.04 138.75 -82.26
C TRP QB 506 -18.85 138.51 -80.77
N GLU QB 507 -19.95 138.34 -80.05
CA GLU QB 507 -19.92 138.01 -78.64
C GLU QB 507 -20.74 136.76 -78.40
N VAL QB 508 -20.26 135.90 -77.50
CA VAL QB 508 -20.94 134.67 -77.15
C VAL QB 508 -21.19 134.66 -75.65
N VAL QB 509 -22.39 134.27 -75.26
CA VAL QB 509 -22.78 134.19 -73.85
C VAL QB 509 -23.42 132.83 -73.60
N TRP QB 510 -23.16 132.28 -72.42
CA TRP QB 510 -23.62 130.94 -72.08
C TRP QB 510 -23.85 130.84 -70.58
N ALA QB 511 -24.88 130.08 -70.21
CA ALA QB 511 -25.19 129.79 -68.82
C ALA QB 511 -25.49 128.31 -68.65
N CYS QB 512 -25.04 127.74 -67.53
CA CYS QB 512 -25.20 126.33 -67.24
C CYS QB 512 -25.39 126.16 -65.74
N CYS QB 513 -25.39 124.90 -65.29
CA CYS QB 513 -25.69 124.55 -63.91
C CYS QB 513 -24.76 123.46 -63.40
N PRO QB 514 -24.29 123.58 -62.16
CA PRO QB 514 -23.39 122.55 -61.59
C PRO QB 514 -24.15 121.37 -61.02
N THR QB 515 -23.43 120.46 -60.35
CA THR QB 515 -24.00 119.23 -59.81
C THR QB 515 -23.49 119.00 -58.40
N GLY QB 516 -24.29 118.29 -57.60
CA GLY QB 516 -23.91 118.02 -56.22
C GLY QB 516 -22.75 117.04 -56.12
N VAL QB 517 -21.99 117.17 -55.04
CA VAL QB 517 -20.76 116.40 -54.85
C VAL QB 517 -20.70 115.77 -53.47
N ALA QB 518 -21.79 115.87 -52.70
CA ALA QB 518 -21.87 115.26 -51.37
C ALA QB 518 -20.78 115.81 -50.44
N ARG QB 519 -20.95 117.09 -50.10
CA ARG QB 519 -19.94 117.79 -49.31
C ARG QB 519 -19.87 117.21 -47.89
N ARG QB 520 -20.94 117.37 -47.11
CA ARG QB 520 -20.92 117.04 -45.69
C ARG QB 520 -21.55 115.66 -45.47
N ILE QB 521 -21.69 115.26 -44.20
CA ILE QB 521 -22.37 114.02 -43.85
C ILE QB 521 -23.44 114.33 -42.80
N GLN QB 522 -24.15 113.30 -42.36
CA GLN QB 522 -25.21 113.46 -41.37
C GLN QB 522 -25.48 112.11 -40.72
N GLY QB 523 -26.35 112.13 -39.71
CA GLY QB 523 -26.77 110.89 -39.08
C GLY QB 523 -27.67 111.08 -37.87
N VAL QB 524 -28.75 110.32 -37.79
CA VAL QB 524 -29.66 110.37 -36.65
C VAL QB 524 -30.07 108.96 -36.24
N PRO QB 525 -29.73 108.54 -35.03
CA PRO QB 525 -30.06 107.18 -34.58
C PRO QB 525 -31.39 107.13 -33.87
N LEU QB 526 -31.99 105.94 -33.89
CA LEU QB 526 -33.26 105.73 -33.21
C LEU QB 526 -33.42 104.24 -32.92
N LEU QB 527 -34.11 103.95 -31.82
CA LEU QB 527 -34.55 102.60 -31.48
C LEU QB 527 -36.03 102.66 -31.12
N ILE QB 528 -36.76 101.59 -31.47
CA ILE QB 528 -38.19 101.59 -31.22
C ILE QB 528 -38.50 101.29 -29.76
N LYS QB 529 -37.54 100.76 -29.01
CA LYS QB 529 -37.75 100.36 -27.62
C LYS QB 529 -38.87 99.34 -27.49
N SER RB 2 -7.52 113.06 -31.59
CA SER RB 2 -7.64 114.10 -32.59
C SER RB 2 -9.09 114.36 -32.96
N GLN RB 3 -9.43 114.03 -34.21
CA GLN RB 3 -10.76 114.29 -34.75
C GLN RB 3 -11.73 113.13 -34.54
N TYR RB 4 -11.29 112.05 -33.92
CA TYR RB 4 -12.18 110.91 -33.72
C TYR RB 4 -13.37 111.28 -32.85
N SER RB 5 -13.21 112.23 -31.95
CA SER RB 5 -14.35 112.74 -31.20
C SER RB 5 -15.36 113.38 -32.15
N ILE RB 6 -16.63 113.03 -31.97
CA ILE RB 6 -17.69 113.46 -32.85
C ILE RB 6 -18.65 114.35 -32.07
N GLN RB 7 -19.01 115.48 -32.65
CA GLN RB 7 -20.01 116.36 -32.07
C GLN RB 7 -21.39 115.92 -32.54
N GLN RB 8 -22.43 116.55 -31.99
CA GLN RB 8 -23.78 116.19 -32.35
C GLN RB 8 -24.38 117.08 -33.42
N SER RB 9 -23.84 118.28 -33.60
CA SER RB 9 -24.39 119.25 -34.54
C SER RB 9 -23.42 119.46 -35.70
N LEU RB 10 -23.96 119.44 -36.91
CA LEU RB 10 -23.13 119.65 -38.09
C LEU RB 10 -22.69 121.11 -38.17
N GLY RB 11 -21.50 121.32 -38.71
CA GLY RB 11 -20.99 122.67 -38.87
C GLY RB 11 -21.30 123.24 -40.23
N ASN RB 12 -20.28 123.79 -40.90
CA ASN RB 12 -20.45 124.37 -42.22
C ASN RB 12 -19.58 123.72 -43.27
N ALA RB 13 -18.61 122.90 -42.88
CA ALA RB 13 -17.70 122.25 -43.81
C ALA RB 13 -17.86 120.74 -43.71
N SER RB 14 -16.99 120.02 -44.43
CA SER RB 14 -17.01 118.57 -44.43
C SER RB 14 -16.49 118.07 -43.09
N GLY RB 15 -17.42 117.71 -42.19
CA GLY RB 15 -17.07 117.25 -40.86
C GLY RB 15 -17.79 115.96 -40.52
N VAL RB 16 -17.57 115.51 -39.28
CA VAL RB 16 -18.18 114.30 -38.76
C VAL RB 16 -19.05 114.67 -37.56
N ALA RB 17 -20.36 114.51 -37.71
CA ALA RB 17 -21.31 114.81 -36.66
C ALA RB 17 -22.58 114.03 -36.91
N VAL RB 18 -23.09 113.37 -35.87
CA VAL RB 18 -24.34 112.63 -35.95
C VAL RB 18 -25.22 113.06 -34.80
N SER RB 19 -26.52 112.81 -34.96
CA SER RB 19 -27.47 113.19 -33.93
C SER RB 19 -27.28 112.32 -32.69
N PRO RB 20 -27.62 112.83 -31.52
CA PRO RB 20 -27.60 111.99 -30.31
C PRO RB 20 -28.65 110.90 -30.39
N ILE RB 21 -28.37 109.79 -29.69
CA ILE RB 21 -29.31 108.68 -29.65
C ILE RB 21 -30.55 109.09 -28.87
N ASN RB 22 -31.71 108.70 -29.39
CA ASN RB 22 -32.97 108.96 -28.73
C ASN RB 22 -33.88 107.75 -28.94
N ALA RB 23 -34.86 107.62 -28.05
CA ALA RB 23 -35.80 106.50 -28.08
C ALA RB 23 -37.24 106.94 -28.24
N ASP RB 24 -37.65 108.01 -27.55
CA ASP RB 24 -39.04 108.46 -27.58
C ASP RB 24 -39.26 109.32 -28.83
N ALA RB 25 -39.24 108.64 -29.97
CA ALA RB 25 -39.46 109.30 -31.25
C ALA RB 25 -40.08 108.28 -32.21
N THR RB 26 -40.76 108.81 -33.22
CA THR RB 26 -41.45 107.99 -34.21
C THR RB 26 -40.84 108.21 -35.59
N LEU RB 27 -41.05 107.23 -36.47
CA LEU RB 27 -40.52 107.26 -37.82
C LEU RB 27 -41.62 106.86 -38.79
N SER RB 28 -41.64 107.52 -39.94
CA SER RB 28 -42.66 107.30 -40.95
C SER RB 28 -42.02 106.96 -42.29
N THR RB 29 -42.58 105.97 -42.96
CA THR RB 29 -42.14 105.58 -44.29
C THR RB 29 -43.36 105.28 -45.14
N GLY RB 30 -43.15 105.18 -46.44
CA GLY RB 30 -44.20 104.77 -47.34
C GLY RB 30 -44.02 105.41 -48.70
N VAL RB 31 -44.81 104.92 -49.66
CA VAL RB 31 -44.85 105.44 -51.01
C VAL RB 31 -46.32 105.60 -51.40
N ALA RB 32 -46.68 106.80 -51.86
CA ALA RB 32 -48.06 107.09 -52.23
C ALA RB 32 -48.41 106.44 -53.57
N LEU RB 33 -49.69 106.14 -53.73
CA LEU RB 33 -50.22 105.61 -54.98
C LEU RB 33 -50.49 106.69 -56.03
N ASN RB 34 -50.44 107.97 -55.63
CA ASN RB 34 -50.51 109.13 -56.51
C ASN RB 34 -51.53 109.03 -57.64
N SER RB 35 -52.73 108.52 -57.33
CA SER RB 35 -53.80 108.50 -58.30
C SER RB 35 -55.14 108.94 -57.72
N SER RB 36 -55.28 109.04 -56.41
CA SER RB 36 -56.53 109.45 -55.79
C SER RB 36 -56.23 110.48 -54.72
N LEU RB 37 -57.22 111.32 -54.42
CA LEU RB 37 -57.03 112.39 -53.47
C LEU RB 37 -58.19 112.47 -52.49
N TRP RB 38 -57.85 112.76 -51.25
CA TRP RB 38 -58.82 112.88 -50.18
C TRP RB 38 -58.52 114.17 -49.42
N ALA RB 39 -59.59 114.78 -48.92
CA ALA RB 39 -59.49 116.01 -48.14
C ALA RB 39 -60.66 116.05 -47.18
N GLY RB 40 -60.52 116.88 -46.15
CA GLY RB 40 -61.61 117.03 -45.20
C GLY RB 40 -61.17 117.86 -44.02
N ILE RB 41 -62.14 118.14 -43.15
CA ILE RB 41 -61.90 118.86 -41.92
C ILE RB 41 -61.34 117.92 -40.88
N GLY RB 42 -60.41 118.42 -40.08
CA GLY RB 42 -59.92 117.65 -38.95
C GLY RB 42 -59.46 118.57 -37.84
N VAL RB 43 -59.65 118.10 -36.61
CA VAL RB 43 -59.13 118.78 -35.44
C VAL RB 43 -57.70 118.28 -35.24
N PHE RB 44 -56.75 119.19 -35.42
CA PHE RB 44 -55.35 118.82 -35.33
C PHE RB 44 -54.57 119.87 -34.56
N ALA RB 45 -53.25 119.75 -34.57
CA ALA RB 45 -52.36 120.70 -33.94
C ALA RB 45 -51.34 121.18 -34.96
N ARG RB 46 -50.84 122.40 -34.75
CA ARG RB 46 -49.79 122.99 -35.58
C ARG RB 46 -50.27 123.25 -37.01
N GLY RB 47 -49.48 124.00 -37.77
CA GLY RB 47 -49.88 124.41 -39.10
C GLY RB 47 -50.80 125.61 -39.08
N LYS RB 48 -51.12 126.09 -40.27
CA LYS RB 48 -51.99 127.26 -40.39
C LYS RB 48 -53.45 126.81 -40.27
N PRO RB 49 -54.19 127.30 -39.27
CA PRO RB 49 -55.60 126.94 -39.18
C PRO RB 49 -56.41 127.61 -40.28
N PHE RB 50 -57.59 127.03 -40.53
CA PHE RB 50 -58.52 127.57 -41.52
C PHE RB 50 -57.85 127.74 -42.89
N THR RB 51 -57.08 126.74 -43.29
CA THR RB 51 -56.41 126.76 -44.59
C THR RB 51 -56.19 125.32 -45.04
N VAL RB 52 -56.66 125.00 -46.24
CA VAL RB 52 -56.37 123.69 -46.81
C VAL RB 52 -54.87 123.54 -46.99
N LEU RB 53 -54.36 122.36 -46.63
CA LEU RB 53 -52.94 122.09 -46.64
C LEU RB 53 -52.73 120.68 -47.17
N ALA RB 54 -51.87 120.57 -48.18
CA ALA RB 54 -51.52 119.28 -48.73
C ALA RB 54 -50.50 118.60 -47.82
N VAL RB 55 -50.82 117.39 -47.39
CA VAL RB 55 -50.00 116.64 -46.45
C VAL RB 55 -49.55 115.36 -47.14
N THR RB 56 -48.25 115.13 -47.16
CA THR RB 56 -47.68 113.98 -47.86
C THR RB 56 -47.78 112.73 -47.01
N GLU RB 57 -47.57 111.59 -47.66
CA GLU RB 57 -47.65 110.30 -46.99
C GLU RB 57 -46.49 110.05 -46.03
N SER RB 58 -45.47 110.90 -46.03
CA SER RB 58 -44.31 110.69 -45.18
C SER RB 58 -44.07 111.84 -44.21
N ASN RB 59 -44.07 113.07 -44.69
CA ASN RB 59 -43.82 114.24 -43.85
C ASN RB 59 -45.03 114.58 -43.00
N TYR RB 60 -46.05 113.71 -43.02
CA TYR RB 60 -47.29 113.99 -42.32
C TYR RB 60 -47.06 114.19 -40.83
N GLU RB 61 -46.22 113.34 -40.23
CA GLU RB 61 -46.00 113.43 -38.80
C GLU RB 61 -45.38 114.76 -38.43
N ASP RB 62 -44.37 115.19 -39.18
CA ASP RB 62 -43.73 116.47 -38.88
C ASP RB 62 -44.69 117.63 -39.12
N VAL RB 63 -45.42 117.61 -40.24
CA VAL RB 63 -46.25 118.77 -40.57
C VAL RB 63 -47.45 118.87 -39.62
N LEU RB 64 -47.94 117.75 -39.10
CA LEU RB 64 -49.02 117.80 -38.13
C LEU RB 64 -48.53 117.90 -36.68
N GLY RB 65 -47.24 117.74 -36.45
CA GLY RB 65 -46.74 117.78 -35.09
C GLY RB 65 -46.95 116.46 -34.38
N GLU RB 66 -46.67 116.48 -33.08
CA GLU RB 66 -46.78 115.28 -32.26
C GLU RB 66 -48.25 114.85 -32.19
N PRO RB 67 -48.54 113.56 -32.34
CA PRO RB 67 -49.95 113.11 -32.26
C PRO RB 67 -50.54 113.34 -30.88
N LEU RB 68 -51.84 113.61 -30.87
CA LEU RB 68 -52.56 113.86 -29.63
C LEU RB 68 -52.88 112.55 -28.91
N LYS RB 69 -53.21 112.66 -27.62
CA LYS RB 69 -53.53 111.49 -26.83
C LYS RB 69 -55.03 111.33 -26.73
N PRO RB 70 -55.56 110.13 -26.96
CA PRO RB 70 -57.02 109.94 -26.87
C PRO RB 70 -57.58 110.29 -25.50
N SER RB 71 -56.84 109.99 -24.44
CA SER RB 71 -57.28 110.38 -23.11
C SER RB 71 -57.29 111.88 -22.95
N SER RB 72 -56.40 112.58 -23.64
CA SER RB 72 -56.36 114.04 -23.64
C SER RB 72 -57.51 114.52 -24.51
N GLY RB 73 -58.61 114.91 -23.87
CA GLY RB 73 -59.78 115.34 -24.61
C GLY RB 73 -60.41 114.19 -25.37
N SER RB 74 -61.11 114.55 -26.45
CA SER RB 74 -61.76 113.58 -27.32
C SER RB 74 -61.56 113.98 -28.77
N GLN RB 75 -60.35 114.37 -29.12
CA GLN RB 75 -60.06 114.90 -30.45
C GLN RB 75 -59.15 113.98 -31.24
N PHE RB 76 -58.87 112.79 -30.73
CA PHE RB 76 -57.95 111.84 -31.35
C PHE RB 76 -58.53 111.17 -32.59
N GLU RB 77 -59.82 111.33 -32.82
CA GLU RB 77 -60.47 110.60 -33.91
C GLU RB 77 -59.93 110.99 -35.27
N PRO RB 78 -59.85 112.27 -35.64
CA PRO RB 78 -59.26 112.60 -36.96
C PRO RB 78 -57.81 112.21 -37.09
N ILE RB 79 -57.03 112.34 -36.01
CA ILE RB 79 -55.61 112.00 -36.12
C ILE RB 79 -55.45 110.51 -36.36
N ARG RB 80 -56.26 109.69 -35.69
CA ARG RB 80 -56.23 108.27 -35.98
C ARG RB 80 -56.71 107.99 -37.38
N HIS RB 81 -57.76 108.70 -37.81
CA HIS RB 81 -58.31 108.49 -39.14
C HIS RB 81 -57.25 108.73 -40.21
N VAL RB 82 -56.59 109.88 -40.15
CA VAL RB 82 -55.52 110.15 -41.10
C VAL RB 82 -54.37 109.19 -40.89
N TYR RB 83 -54.21 108.65 -39.69
CA TYR RB 83 -53.18 107.64 -39.48
C TYR RB 83 -53.43 106.41 -40.34
N GLU RB 84 -54.68 105.93 -40.41
CA GLU RB 84 -54.89 104.80 -41.31
C GLU RB 84 -55.07 105.26 -42.76
N ALA RB 85 -55.36 106.53 -42.99
CA ALA RB 85 -55.58 107.01 -44.34
C ALA RB 85 -54.29 107.44 -45.04
N ILE RB 86 -53.18 107.52 -44.32
CA ILE RB 86 -51.98 108.10 -44.88
C ILE RB 86 -51.19 107.07 -45.68
N GLN RB 87 -51.31 105.80 -45.36
CA GLN RB 87 -50.54 104.74 -46.02
C GLN RB 87 -51.02 104.48 -47.41
N GLN RB 88 -51.90 105.31 -47.95
CA GLN RB 88 -52.39 105.15 -49.31
C GLN RB 88 -51.97 106.28 -50.22
N THR RB 89 -52.29 107.52 -49.87
CA THR RB 89 -51.93 108.65 -50.71
C THR RB 89 -51.89 109.90 -49.82
N SER RB 90 -51.48 111.01 -50.43
CA SER RB 90 -51.45 112.28 -49.74
C SER RB 90 -52.86 112.83 -49.61
N GLY RB 91 -52.99 113.90 -48.81
CA GLY RB 91 -54.27 114.51 -48.54
C GLY RB 91 -54.21 116.01 -48.70
N TYR RB 92 -55.38 116.62 -48.65
CA TYR RB 92 -55.57 118.06 -48.76
C TYR RB 92 -56.36 118.59 -47.58
N VAL RB 93 -55.90 118.24 -46.38
CA VAL RB 93 -56.71 118.35 -45.18
C VAL RB 93 -56.76 119.80 -44.70
N VAL RB 94 -57.81 120.14 -43.97
CA VAL RB 94 -57.92 121.47 -43.36
C VAL RB 94 -58.04 121.30 -41.85
N ARG RB 95 -57.48 122.28 -41.13
CA ARG RB 95 -57.49 122.32 -39.68
C ARG RB 95 -58.08 123.64 -39.22
N ALA RB 96 -58.94 123.59 -38.21
CA ALA RB 96 -59.57 124.78 -37.65
C ALA RB 96 -59.45 124.73 -36.13
N VAL RB 97 -59.16 125.89 -35.54
CA VAL RB 97 -59.03 126.01 -34.09
C VAL RB 97 -59.89 127.17 -33.62
N PRO RB 98 -60.37 127.16 -32.39
CA PRO RB 98 -61.15 128.29 -31.89
C PRO RB 98 -60.27 129.53 -31.72
N ASP RB 99 -60.94 130.66 -31.50
CA ASP RB 99 -60.25 131.93 -31.33
C ASP RB 99 -59.31 131.89 -30.12
N ASP RB 100 -59.61 131.03 -29.14
CA ASP RB 100 -58.79 130.95 -27.93
C ASP RB 100 -57.34 130.62 -28.23
N ALA RB 101 -57.07 129.99 -29.36
CA ALA RB 101 -55.70 129.68 -29.74
C ALA RB 101 -54.90 130.96 -29.88
N LYS RB 102 -53.74 131.00 -29.24
CA LYS RB 102 -52.89 132.17 -29.19
C LYS RB 102 -51.54 131.84 -29.79
N PHE RB 103 -50.94 132.81 -30.47
CA PHE RB 103 -49.57 132.62 -30.91
C PHE RB 103 -48.69 133.76 -30.42
N PRO RB 104 -47.44 133.46 -30.06
CA PRO RB 104 -46.56 134.50 -29.52
C PRO RB 104 -45.91 135.34 -30.60
N ILE RB 105 -45.59 136.57 -30.24
CA ILE RB 105 -44.94 137.53 -31.11
C ILE RB 105 -43.88 138.25 -30.30
N ILE RB 106 -42.70 138.43 -30.90
CA ILE RB 106 -41.61 139.16 -30.28
C ILE RB 106 -41.29 140.37 -31.14
N MET RB 107 -41.37 141.54 -30.53
CA MET RB 107 -41.14 142.80 -31.22
C MET RB 107 -39.77 143.35 -30.80
N PHE RB 108 -38.96 143.72 -31.77
CA PHE RB 108 -37.73 144.43 -31.50
C PHE RB 108 -37.89 145.88 -31.89
N ASP RB 109 -37.57 146.77 -30.96
CA ASP RB 109 -37.74 148.20 -31.24
C ASP RB 109 -36.51 148.68 -32.04
N GLU RB 110 -36.39 150.00 -32.20
CA GLU RB 110 -35.36 150.54 -33.08
C GLU RB 110 -33.96 150.19 -32.60
N SER RB 111 -33.72 150.28 -31.29
CA SER RB 111 -32.42 149.91 -30.76
C SER RB 111 -32.28 148.41 -30.56
N GLY RB 112 -33.35 147.65 -30.79
CA GLY RB 112 -33.30 146.20 -30.68
C GLY RB 112 -33.82 145.61 -29.39
N GLU RB 113 -34.34 146.45 -28.48
CA GLU RB 113 -34.86 145.92 -27.24
C GLU RB 113 -36.11 145.09 -27.50
N PRO RB 114 -36.32 144.01 -26.75
CA PRO RB 114 -37.40 143.07 -27.03
C PRO RB 114 -38.68 143.37 -26.27
N ALA RB 115 -39.78 142.84 -26.82
CA ALA RB 115 -41.09 142.85 -26.18
C ALA RB 115 -41.85 141.62 -26.63
N TYR RB 116 -42.75 141.16 -25.77
CA TYR RB 116 -43.49 139.92 -26.00
C TYR RB 116 -44.98 140.21 -26.09
N SER RB 117 -45.68 139.38 -26.87
CA SER RB 117 -47.13 139.51 -27.01
C SER RB 117 -47.70 138.17 -27.42
N ALA RB 118 -49.02 138.06 -27.28
CA ALA RB 118 -49.76 136.90 -27.77
C ALA RB 118 -50.98 137.41 -28.51
N LEU RB 119 -51.25 136.83 -29.67
CA LEU RB 119 -52.36 137.30 -30.49
C LEU RB 119 -53.23 136.14 -30.96
N PRO RB 120 -54.51 136.39 -31.21
CA PRO RB 120 -55.34 135.39 -31.87
C PRO RB 120 -54.87 135.14 -33.29
N TYR RB 121 -54.99 133.89 -33.72
CA TYR RB 121 -54.56 133.54 -35.06
C TYR RB 121 -55.42 134.25 -36.10
N GLY RB 122 -54.77 134.77 -37.13
CA GLY RB 122 -55.45 135.53 -38.15
C GLY RB 122 -55.57 137.01 -37.85
N SER RB 123 -55.16 137.45 -36.66
CA SER RB 123 -55.22 138.85 -36.32
C SER RB 123 -54.07 139.61 -36.97
N GLU RB 124 -54.39 140.78 -37.54
CA GLU RB 124 -53.38 141.62 -38.17
C GLU RB 124 -52.45 142.22 -37.12
N ILE RB 125 -51.23 142.52 -37.54
CA ILE RB 125 -50.21 143.02 -36.63
C ILE RB 125 -50.40 144.51 -36.38
N GLU RB 126 -50.10 144.93 -35.16
CA GLU RB 126 -50.11 146.33 -34.78
C GLU RB 126 -48.67 146.82 -34.65
N LEU RB 127 -48.42 148.03 -35.16
CA LEU RB 127 -47.09 148.62 -35.12
C LEU RB 127 -47.24 150.09 -34.76
N ASP RB 128 -46.91 150.44 -33.52
CA ASP RB 128 -46.92 151.83 -33.10
C ASP RB 128 -45.55 152.44 -33.38
N SER RB 129 -45.29 153.62 -32.81
CA SER RB 129 -44.00 154.28 -33.03
C SER RB 129 -42.84 153.40 -32.62
N GLY RB 130 -43.01 152.58 -31.57
CA GLY RB 130 -41.99 151.65 -31.15
C GLY RB 130 -42.04 150.37 -31.95
N GLU RB 131 -41.51 149.30 -31.36
CA GLU RB 131 -41.52 147.94 -31.91
C GLU RB 131 -41.17 147.94 -33.40
N ALA RB 132 -39.93 148.31 -33.71
CA ALA RB 132 -39.52 148.57 -35.09
C ALA RB 132 -39.90 147.41 -36.01
N PHE RB 133 -39.75 146.17 -35.55
CA PHE RB 133 -40.17 145.04 -36.36
C PHE RB 133 -40.58 143.89 -35.46
N ALA RB 134 -41.67 143.22 -35.84
CA ALA RB 134 -42.23 142.11 -35.07
C ALA RB 134 -41.95 140.80 -35.78
N ILE RB 135 -41.89 139.73 -34.99
CA ILE RB 135 -41.63 138.38 -35.49
C ILE RB 135 -42.64 137.44 -34.84
N TYR RB 136 -43.33 136.66 -35.66
CA TYR RB 136 -44.44 135.84 -35.22
C TYR RB 136 -44.33 134.43 -35.79
N VAL RB 137 -44.73 133.45 -34.99
CA VAL RB 137 -44.80 132.08 -35.50
C VAL RB 137 -45.95 131.98 -36.48
N ASP RB 138 -45.76 131.18 -37.53
CA ASP RB 138 -46.77 131.00 -38.56
C ASP RB 138 -47.36 129.61 -38.60
N ASP RB 139 -46.82 128.67 -37.81
CA ASP RB 139 -47.27 127.29 -37.84
C ASP RB 139 -48.03 126.87 -36.58
N GLY RB 140 -48.17 127.75 -35.60
CA GLY RB 140 -48.90 127.43 -34.40
C GLY RB 140 -48.17 126.54 -33.41
N ASP RB 141 -46.85 126.44 -33.50
CA ASP RB 141 -46.11 125.65 -32.54
C ASP RB 141 -46.19 126.29 -31.16
N PRO RB 142 -46.48 125.53 -30.10
CA PRO RB 142 -46.48 126.11 -28.76
C PRO RB 142 -45.11 126.60 -28.32
N CYS RB 143 -44.04 126.13 -28.97
CA CYS RB 143 -42.66 126.51 -28.64
C CYS RB 143 -42.30 126.19 -27.19
N ILE RB 144 -43.04 125.27 -26.58
CA ILE RB 144 -42.77 124.86 -25.20
C ILE RB 144 -42.41 123.38 -25.22
N SER RB 145 -42.91 122.68 -26.22
CA SER RB 145 -42.66 121.25 -26.38
C SER RB 145 -42.87 120.87 -27.84
N PRO RB 146 -41.83 120.94 -28.67
CA PRO RB 146 -40.46 121.38 -28.36
C PRO RB 146 -40.36 122.90 -28.32
N THR RB 147 -39.22 123.42 -27.90
CA THR RB 147 -39.01 124.86 -27.79
C THR RB 147 -38.22 125.37 -28.98
N ARG RB 148 -38.68 126.46 -29.57
CA ARG RB 148 -37.99 127.12 -30.66
C ARG RB 148 -37.26 128.34 -30.11
N GLU RB 149 -35.96 128.40 -30.35
CA GLU RB 149 -35.13 129.48 -29.84
C GLU RB 149 -34.39 130.15 -30.98
N LEU RB 150 -34.15 131.43 -30.83
CA LEU RB 150 -33.56 132.23 -31.89
C LEU RB 150 -32.30 132.91 -31.37
N THR RB 151 -31.31 133.06 -32.26
CA THR RB 151 -30.07 133.71 -31.90
C THR RB 151 -29.76 134.79 -32.94
N ILE RB 152 -29.39 135.98 -32.47
CA ILE RB 152 -29.16 137.13 -33.32
C ILE RB 152 -27.73 137.59 -33.16
N GLU RB 153 -27.02 137.74 -34.28
CA GLU RB 153 -25.68 138.29 -34.27
C GLU RB 153 -25.47 139.10 -35.54
N THR RB 154 -24.57 140.07 -35.45
CA THR RB 154 -24.21 140.88 -36.60
C THR RB 154 -23.45 140.03 -37.60
N ALA RB 155 -23.29 140.57 -38.81
CA ALA RB 155 -22.60 139.87 -39.88
C ALA RB 155 -21.94 140.89 -40.79
N THR RB 156 -21.18 140.38 -41.76
CA THR RB 156 -20.50 141.26 -42.69
C THR RB 156 -21.50 142.01 -43.57
N ALA RB 157 -21.10 143.20 -44.01
CA ALA RB 157 -21.93 143.98 -44.90
C ALA RB 157 -21.82 143.44 -46.32
N ASP RB 158 -22.75 143.88 -47.17
CA ASP RB 158 -22.76 143.46 -48.56
C ASP RB 158 -21.78 144.30 -49.37
N SER RB 159 -21.82 144.15 -50.69
CA SER RB 159 -20.96 144.97 -51.56
C SER RB 159 -21.28 146.45 -51.41
N ALA RB 160 -22.56 146.78 -51.29
CA ALA RB 160 -22.99 148.14 -51.06
C ALA RB 160 -22.92 148.56 -49.60
N GLY RB 161 -22.25 147.77 -48.77
CA GLY RB 161 -22.16 148.10 -47.36
C GLY RB 161 -23.46 147.92 -46.61
N ASN RB 162 -24.37 147.12 -47.13
CA ASN RB 162 -25.67 146.92 -46.48
C ASN RB 162 -25.48 146.17 -45.18
N GLU RB 163 -26.05 146.70 -44.11
CA GLU RB 163 -25.97 146.02 -42.82
C GLU RB 163 -26.63 144.66 -42.90
N ARG RB 164 -25.94 143.65 -42.40
CA ARG RB 164 -26.45 142.29 -42.40
C ARG RB 164 -26.29 141.69 -41.01
N PHE RB 165 -27.30 140.95 -40.57
CA PHE RB 165 -27.25 140.26 -39.29
C PHE RB 165 -27.67 138.80 -39.50
N LEU RB 166 -27.00 137.91 -38.79
CA LEU RB 166 -27.26 136.48 -38.92
C LEU RB 166 -28.30 136.05 -37.90
N LEU RB 167 -29.25 135.26 -38.35
CA LEU RB 167 -30.32 134.71 -37.53
C LEU RB 167 -30.22 133.21 -37.53
N LYS RB 168 -30.28 132.61 -36.34
CA LYS RB 168 -30.21 131.16 -36.19
C LYS RB 168 -31.47 130.67 -35.48
N LEU RB 169 -32.16 129.73 -36.09
CA LEU RB 169 -33.31 129.09 -35.48
C LEU RB 169 -32.92 127.71 -34.97
N THR RB 170 -33.36 127.37 -33.77
CA THR RB 170 -33.08 126.05 -33.22
C THR RB 170 -34.31 125.52 -32.51
N GLN RB 171 -34.33 124.20 -32.38
CA GLN RB 171 -35.35 123.48 -31.64
C GLN RB 171 -34.69 122.73 -30.49
N THR RB 172 -35.29 122.80 -29.32
CA THR RB 172 -34.79 122.11 -28.14
C THR RB 172 -35.91 121.31 -27.51
N THR RB 173 -35.66 120.03 -27.27
CA THR RB 173 -36.64 119.15 -26.65
C THR RB 173 -36.57 119.28 -25.14
N SER RB 174 -37.35 118.44 -24.44
CA SER RB 174 -37.28 118.40 -22.98
C SER RB 174 -35.91 117.94 -22.51
N LEU RB 175 -35.33 116.95 -23.19
CA LEU RB 175 -34.00 116.47 -22.82
C LEU RB 175 -32.96 117.56 -22.99
N GLY RB 176 -33.07 118.35 -24.05
CA GLY RB 176 -32.14 119.44 -24.28
C GLY RB 176 -31.40 119.29 -25.61
N VAL RB 177 -32.00 118.53 -26.53
CA VAL RB 177 -31.38 118.30 -27.82
C VAL RB 177 -31.50 119.58 -28.65
N VAL RB 178 -30.39 120.31 -28.77
CA VAL RB 178 -30.37 121.58 -29.50
C VAL RB 178 -30.07 121.27 -30.96
N THR RB 179 -31.04 121.53 -31.83
CA THR RB 179 -30.90 121.24 -33.25
C THR RB 179 -31.11 122.53 -34.03
N THR RB 180 -30.11 122.91 -34.81
CA THR RB 180 -30.20 124.15 -35.59
C THR RB 180 -30.98 123.88 -36.87
N LEU RB 181 -32.18 124.44 -36.96
CA LEU RB 181 -32.99 124.29 -38.16
C LEU RB 181 -32.34 124.99 -39.34
N GLU RB 182 -31.95 126.26 -39.16
CA GLU RB 182 -31.37 127.03 -40.24
C GLU RB 182 -30.71 128.28 -39.68
N THR RB 183 -29.62 128.69 -40.32
CA THR RB 183 -28.94 129.95 -40.03
C THR RB 183 -28.84 130.74 -41.32
N HIS RB 184 -29.25 132.00 -41.28
CA HIS RB 184 -29.27 132.81 -42.49
C HIS RB 184 -28.98 134.26 -42.16
N THR RB 185 -28.15 134.90 -42.98
CA THR RB 185 -27.85 136.30 -42.82
C THR RB 185 -28.82 137.11 -43.66
N VAL RB 186 -29.44 138.10 -43.04
CA VAL RB 186 -30.45 138.91 -43.71
C VAL RB 186 -30.15 140.38 -43.46
N SER RB 187 -30.63 141.21 -44.39
CA SER RB 187 -30.32 142.63 -44.40
C SER RB 187 -31.60 143.45 -44.50
N LEU RB 188 -31.55 144.65 -43.94
CA LEU RB 188 -32.69 145.56 -43.99
C LEU RB 188 -32.78 146.31 -45.32
N ALA RB 189 -31.72 146.28 -46.12
CA ALA RB 189 -31.68 147.06 -47.34
C ALA RB 189 -32.61 146.49 -48.40
N GLU RB 190 -33.21 147.39 -49.18
CA GLU RB 190 -34.05 146.97 -50.28
C GLU RB 190 -33.25 146.21 -51.34
N GLU RB 191 -32.06 146.71 -51.66
CA GLU RB 191 -31.27 146.19 -52.77
C GLU RB 191 -30.32 145.07 -52.38
N ALA RB 192 -30.11 144.84 -51.08
CA ALA RB 192 -29.08 143.91 -50.63
C ALA RB 192 -29.35 142.50 -51.18
N LYS RB 193 -28.29 141.89 -51.73
CA LYS RB 193 -28.35 140.58 -52.33
C LYS RB 193 -27.40 139.63 -51.63
N ASP RB 194 -27.67 138.34 -51.76
CA ASP RB 194 -26.82 137.32 -51.17
C ASP RB 194 -25.78 136.85 -52.18
N ASP RB 195 -25.06 135.77 -51.86
CA ASP RB 195 -24.14 135.18 -52.82
C ASP RB 195 -24.87 134.58 -54.01
N MET RB 196 -26.07 134.04 -53.79
CA MET RB 196 -26.86 133.44 -54.84
C MET RB 196 -27.63 134.48 -55.65
N GLY RB 197 -27.52 135.76 -55.31
CA GLY RB 197 -28.30 136.80 -55.93
C GLY RB 197 -29.65 137.03 -55.30
N ARG RB 198 -30.05 136.20 -54.34
CA ARG RB 198 -31.30 136.39 -53.64
C ARG RB 198 -31.26 137.68 -52.85
N LEU RB 199 -32.37 138.41 -52.86
CA LEU RB 199 -32.44 139.66 -52.13
C LEU RB 199 -32.40 139.38 -50.63
N CYS RB 200 -31.53 140.09 -49.93
CA CYS RB 200 -31.42 139.92 -48.49
C CYS RB 200 -32.47 140.71 -47.72
N TYR RB 201 -33.32 141.45 -48.42
CA TYR RB 201 -34.32 142.27 -47.77
C TYR RB 201 -35.27 141.39 -46.95
N LEU RB 202 -35.58 141.85 -45.74
CA LEU RB 202 -36.12 140.95 -44.72
C LEU RB 202 -37.43 140.28 -45.09
N PRO RB 203 -38.47 141.01 -45.54
CA PRO RB 203 -39.71 140.30 -45.91
C PRO RB 203 -39.49 139.29 -47.01
N THR RB 204 -38.68 139.64 -48.01
CA THR RB 204 -38.40 138.72 -49.10
C THR RB 204 -37.71 137.47 -48.56
N ALA RB 205 -36.73 137.64 -47.68
CA ALA RB 205 -36.01 136.50 -47.14
C ALA RB 205 -36.94 135.61 -46.32
N LEU RB 206 -37.78 136.20 -45.47
CA LEU RB 206 -38.63 135.39 -44.62
C LEU RB 206 -39.68 134.65 -45.43
N GLU RB 207 -40.24 135.28 -46.46
CA GLU RB 207 -41.18 134.55 -47.30
C GLU RB 207 -40.47 133.51 -48.16
N ALA RB 208 -39.20 133.72 -48.49
CA ALA RB 208 -38.48 132.80 -49.37
C ALA RB 208 -38.07 131.54 -48.63
N ARG RB 209 -37.37 131.69 -47.51
CA ARG RB 209 -36.81 130.56 -46.79
C ARG RB 209 -37.54 130.23 -45.51
N SER RB 210 -37.94 131.23 -44.73
CA SER RB 210 -38.50 130.99 -43.41
C SER RB 210 -39.90 130.39 -43.56
N LYS RB 211 -40.07 129.16 -43.06
CA LYS RB 211 -41.34 128.47 -43.11
C LYS RB 211 -41.94 128.20 -41.75
N TYR RB 212 -41.15 128.25 -40.69
CA TYR RB 212 -41.61 128.04 -39.33
C TYR RB 212 -41.87 129.34 -38.58
N LEU RB 213 -41.68 130.48 -39.23
CA LEU RB 213 -41.71 131.77 -38.57
C LEU RB 213 -41.72 132.84 -39.63
N ARG RB 214 -42.45 133.93 -39.39
CA ARG RB 214 -42.49 135.05 -40.31
C ARG RB 214 -42.35 136.32 -39.50
N ALA RB 215 -42.32 137.46 -40.18
CA ALA RB 215 -42.07 138.72 -39.51
C ALA RB 215 -42.58 139.88 -40.35
N VAL RB 216 -42.75 141.02 -39.71
CA VAL RB 216 -43.10 142.27 -40.36
C VAL RB 216 -42.18 143.36 -39.84
N VAL RB 217 -41.98 144.39 -40.67
CA VAL RB 217 -41.05 145.47 -40.37
C VAL RB 217 -41.72 146.79 -40.69
N ASN RB 218 -41.45 147.80 -39.86
CA ASN RB 218 -41.99 149.14 -40.11
C ASN RB 218 -41.38 149.73 -41.37
N GLU RB 219 -42.25 150.17 -42.28
CA GLU RB 219 -41.82 150.75 -43.54
C GLU RB 219 -41.09 152.07 -43.35
N GLU RB 220 -41.30 152.74 -42.22
CA GLU RB 220 -40.66 154.01 -41.95
C GLU RB 220 -39.37 153.85 -41.13
N LEU RB 221 -39.26 152.78 -40.37
CA LEU RB 221 -38.06 152.50 -39.58
C LEU RB 221 -37.13 151.51 -40.25
N ILE RB 222 -37.48 151.01 -41.44
CA ILE RB 222 -36.63 150.05 -42.13
C ILE RB 222 -35.25 150.64 -42.41
N SER RB 223 -35.21 151.91 -42.80
CA SER RB 223 -33.93 152.54 -43.13
C SER RB 223 -33.13 152.90 -41.89
N THR RB 224 -33.80 153.44 -40.87
CA THR RB 224 -33.12 154.00 -39.71
C THR RB 224 -32.96 153.00 -38.56
N ALA RB 225 -33.41 151.76 -38.75
CA ALA RB 225 -33.36 150.79 -37.67
C ALA RB 225 -31.93 150.32 -37.42
N LYS RB 226 -31.69 149.88 -36.18
CA LYS RB 226 -30.40 149.36 -35.76
C LYS RB 226 -30.56 147.97 -35.19
N VAL RB 227 -29.54 147.15 -35.36
CA VAL RB 227 -29.59 145.76 -34.97
C VAL RB 227 -28.85 145.58 -33.64
N THR RB 228 -29.00 144.40 -33.05
CA THR RB 228 -28.33 144.06 -31.80
C THR RB 228 -27.94 142.59 -31.87
N ASN RB 229 -27.50 142.05 -30.74
CA ASN RB 229 -27.12 140.65 -30.63
C ASN RB 229 -28.02 140.00 -29.58
N LYS RB 230 -28.82 139.04 -30.01
CA LYS RB 230 -29.74 138.34 -29.13
C LYS RB 230 -29.48 136.84 -29.22
N LYS RB 231 -29.57 136.17 -28.08
CA LYS RB 231 -29.28 134.75 -27.98
C LYS RB 231 -30.44 134.05 -27.29
N SER RB 232 -30.81 132.87 -27.80
CA SER RB 232 -31.81 132.00 -27.18
C SER RB 232 -33.14 132.73 -26.99
N LEU RB 233 -33.74 133.11 -28.12
CA LEU RB 233 -35.00 133.84 -28.10
C LEU RB 233 -36.13 132.82 -28.14
N ALA RB 234 -36.54 132.35 -26.97
CA ALA RB 234 -37.58 131.34 -26.86
C ALA RB 234 -38.94 132.01 -26.84
N PHE RB 235 -39.78 131.64 -27.80
CA PHE RB 235 -41.14 132.17 -27.84
C PHE RB 235 -41.99 131.58 -26.72
N THR RB 236 -42.92 132.39 -26.24
CA THR RB 236 -43.83 131.97 -25.17
C THR RB 236 -45.21 132.57 -25.43
N GLY RB 237 -46.23 131.73 -25.40
CA GLY RB 237 -47.58 132.19 -25.65
C GLY RB 237 -48.30 131.34 -26.67
N GLY RB 238 -47.60 130.35 -27.22
CA GLY RB 238 -48.19 129.45 -28.18
C GLY RB 238 -49.13 128.45 -27.56
N THR RB 239 -50.43 128.65 -27.77
CA THR RB 239 -51.46 127.78 -27.24
C THR RB 239 -52.43 127.43 -28.36
N ASN RB 240 -52.85 126.17 -28.40
CA ASN RB 240 -53.82 125.73 -29.39
C ASN RB 240 -55.26 125.98 -28.96
N GLY RB 241 -55.49 126.49 -27.76
CA GLY RB 241 -56.86 126.68 -27.31
C GLY RB 241 -57.52 125.35 -26.97
N ASP RB 242 -58.85 125.38 -26.90
CA ASP RB 242 -59.65 124.20 -26.58
C ASP RB 242 -60.06 123.52 -27.87
N GLN RB 243 -59.36 122.43 -28.21
CA GLN RB 243 -59.69 121.66 -29.40
C GLN RB 243 -60.89 120.74 -29.20
N SER RB 244 -61.29 120.51 -27.94
CA SER RB 244 -62.42 119.61 -27.69
C SER RB 244 -63.71 120.14 -28.30
N LYS RB 245 -63.95 121.44 -28.18
CA LYS RB 245 -65.11 122.09 -28.75
C LYS RB 245 -64.66 123.05 -29.84
N ILE RB 246 -65.30 122.97 -31.01
CA ILE RB 246 -65.05 123.88 -32.11
C ILE RB 246 -66.39 124.38 -32.61
N SER RB 247 -66.49 125.68 -32.86
CA SER RB 247 -67.77 126.30 -33.15
C SER RB 247 -68.30 125.90 -34.51
N THR RB 248 -69.63 125.96 -34.63
CA THR RB 248 -70.27 125.78 -35.93
C THR RB 248 -69.83 126.86 -36.90
N ALA RB 249 -69.47 128.04 -36.41
CA ALA RB 249 -68.93 129.07 -37.28
C ALA RB 249 -67.59 128.65 -37.88
N ALA RB 250 -66.70 128.07 -37.07
CA ALA RB 250 -65.46 127.54 -37.59
C ALA RB 250 -65.73 126.39 -38.55
N TYR RB 251 -66.74 125.58 -38.26
CA TYR RB 251 -67.11 124.51 -39.18
C TYR RB 251 -67.54 125.06 -40.53
N LEU RB 252 -68.38 126.10 -40.53
CA LEU RB 252 -68.85 126.64 -41.80
C LEU RB 252 -67.71 127.33 -42.55
N ARG RB 253 -66.80 127.98 -41.82
CA ARG RB 253 -65.64 128.55 -42.48
C ARG RB 253 -64.80 127.45 -43.12
N ALA RB 254 -64.61 126.32 -42.42
CA ALA RB 254 -63.83 125.23 -42.98
C ALA RB 254 -64.49 124.65 -44.21
N VAL RB 255 -65.81 124.41 -44.15
CA VAL RB 255 -66.48 123.83 -45.29
C VAL RB 255 -66.49 124.81 -46.45
N LYS RB 256 -66.59 126.11 -46.16
CA LYS RB 256 -66.47 127.10 -47.22
C LYS RB 256 -65.11 127.00 -47.89
N VAL RB 257 -64.05 126.92 -47.08
CA VAL RB 257 -62.70 126.84 -47.62
C VAL RB 257 -62.58 125.61 -48.50
N LEU RB 258 -63.20 124.51 -48.07
CA LEU RB 258 -63.29 123.34 -48.94
C LEU RB 258 -63.96 123.70 -50.25
N ASN RB 259 -65.03 124.49 -50.19
CA ASN RB 259 -65.73 124.86 -51.42
C ASN RB 259 -64.80 125.60 -52.38
N ASN RB 260 -64.06 126.56 -51.88
CA ASN RB 260 -63.23 127.34 -52.80
C ASN RB 260 -61.87 126.71 -53.06
N ALA RB 261 -61.54 125.60 -52.41
CA ALA RB 261 -60.23 125.03 -52.62
C ALA RB 261 -60.08 124.55 -54.06
N PRO RB 262 -59.15 125.11 -54.84
CA PRO RB 262 -59.00 124.71 -56.25
C PRO RB 262 -57.98 123.59 -56.44
N TYR RB 263 -58.26 122.45 -55.82
CA TYR RB 263 -57.37 121.30 -55.89
C TYR RB 263 -58.20 120.05 -56.09
N MET RB 264 -57.62 119.09 -56.80
CA MET RB 264 -58.31 117.85 -57.04
C MET RB 264 -58.47 117.07 -55.73
N TYR RB 265 -59.59 116.35 -55.62
CA TYR RB 265 -59.78 115.43 -54.52
C TYR RB 265 -60.80 114.38 -54.95
N THR RB 266 -60.48 113.12 -54.68
CA THR RB 266 -61.29 112.01 -55.12
C THR RB 266 -62.33 111.55 -54.10
N ALA RB 267 -62.30 112.12 -52.90
CA ALA RB 267 -63.26 111.70 -51.88
C ALA RB 267 -63.39 112.79 -50.83
N VAL RB 268 -64.50 112.75 -50.10
CA VAL RB 268 -64.68 113.58 -48.91
C VAL RB 268 -64.94 112.66 -47.73
N LEU RB 269 -64.23 112.92 -46.64
CA LEU RB 269 -64.10 112.00 -45.52
C LEU RB 269 -64.71 112.62 -44.28
N GLY RB 270 -65.49 111.83 -43.54
CA GLY RB 270 -66.12 112.35 -42.33
C GLY RB 270 -65.10 112.80 -41.30
N LEU RB 271 -64.09 111.97 -41.06
CA LEU RB 271 -62.97 112.32 -40.17
C LEU RB 271 -63.47 112.66 -38.77
N GLY RB 272 -64.53 112.00 -38.34
CA GLY RB 272 -65.08 112.20 -37.01
C GLY RB 272 -66.02 113.37 -36.84
N CYS RB 273 -66.23 114.18 -37.88
CA CYS RB 273 -67.10 115.33 -37.76
C CYS RB 273 -68.55 114.89 -37.58
N TYR RB 274 -69.22 115.47 -36.58
CA TYR RB 274 -70.60 115.13 -36.29
C TYR RB 274 -71.51 116.34 -36.28
N ASP RB 275 -71.00 117.52 -36.65
CA ASP RB 275 -71.85 118.69 -36.77
C ASP RB 275 -72.84 118.48 -37.91
N ASN RB 276 -74.13 118.60 -37.61
CA ASN RB 276 -75.15 118.35 -38.62
C ASN RB 276 -75.02 119.32 -39.78
N ALA RB 277 -74.83 120.61 -39.49
CA ALA RB 277 -74.73 121.60 -40.55
C ALA RB 277 -73.50 121.37 -41.41
N ALA RB 278 -72.35 121.10 -40.78
CA ALA RB 278 -71.14 120.86 -41.54
C ALA RB 278 -71.27 119.61 -42.39
N ILE RB 279 -71.86 118.55 -41.84
CA ILE RB 279 -72.03 117.32 -42.59
C ILE RB 279 -72.97 117.54 -43.77
N THR RB 280 -74.04 118.31 -43.56
CA THR RB 280 -74.96 118.59 -44.65
C THR RB 280 -74.30 119.41 -45.73
N ALA RB 281 -73.47 120.38 -45.35
CA ALA RB 281 -72.72 121.16 -46.33
C ALA RB 281 -71.79 120.26 -47.13
N LEU RB 282 -71.12 119.34 -46.43
CA LEU RB 282 -70.23 118.41 -47.13
C LEU RB 282 -71.01 117.55 -48.11
N GLY RB 283 -72.17 117.07 -47.68
CA GLY RB 283 -72.99 116.26 -48.56
C GLY RB 283 -73.44 117.02 -49.80
N LYS RB 284 -73.90 118.25 -49.60
CA LYS RB 284 -74.39 119.02 -50.75
C LYS RB 284 -73.25 119.37 -51.69
N ILE RB 285 -72.08 119.71 -51.16
CA ILE RB 285 -70.98 120.05 -52.06
C ILE RB 285 -70.47 118.81 -52.79
N CYS RB 286 -70.40 117.66 -52.11
CA CYS RB 286 -69.92 116.48 -52.81
C CYS RB 286 -70.94 116.03 -53.84
N ALA RB 287 -72.23 116.19 -53.56
CA ALA RB 287 -73.25 115.90 -54.56
C ALA RB 287 -73.13 116.83 -55.76
N ASP RB 288 -72.90 118.12 -55.50
CA ASP RB 288 -72.76 119.07 -56.60
C ASP RB 288 -71.55 118.77 -57.46
N ARG RB 289 -70.40 118.56 -56.82
CA ARG RB 289 -69.17 118.27 -57.54
C ARG RB 289 -69.04 116.81 -57.90
N LEU RB 290 -70.11 116.02 -57.73
CA LEU RB 290 -70.16 114.63 -58.17
C LEU RB 290 -68.99 113.81 -57.64
N ILE RB 291 -68.67 114.01 -56.36
CA ILE RB 291 -67.67 113.21 -55.67
C ILE RB 291 -68.34 112.51 -54.50
N ASP RB 292 -67.71 111.43 -54.04
CA ASP RB 292 -68.30 110.56 -53.04
C ASP RB 292 -67.96 111.01 -51.62
N GLY RB 293 -68.83 110.62 -50.69
CA GLY RB 293 -68.71 111.03 -49.30
C GLY RB 293 -68.83 109.86 -48.35
N PHE RB 294 -68.05 109.92 -47.27
CA PHE RB 294 -67.95 108.80 -46.35
C PHE RB 294 -68.39 109.13 -44.93
N PHE RB 295 -69.55 109.74 -44.79
CA PHE RB 295 -69.99 110.23 -43.48
C PHE RB 295 -70.18 109.10 -42.48
N ASP RB 296 -70.00 109.43 -41.22
CA ASP RB 296 -70.06 108.46 -40.12
C ASP RB 296 -70.87 109.05 -38.97
N VAL RB 297 -71.42 108.17 -38.14
CA VAL RB 297 -72.25 108.58 -37.02
C VAL RB 297 -71.42 108.53 -35.74
N LYS RB 298 -71.98 109.07 -34.67
CA LYS RB 298 -71.27 109.09 -33.41
C LYS RB 298 -71.02 107.67 -32.93
N PRO RB 299 -69.82 107.37 -32.45
CA PRO RB 299 -69.53 106.01 -31.98
C PRO RB 299 -70.39 105.59 -30.80
N THR RB 300 -70.74 106.53 -29.93
CA THR RB 300 -71.40 106.19 -28.68
C THR RB 300 -72.85 105.78 -28.86
N LEU RB 301 -73.49 106.19 -29.94
CA LEU RB 301 -74.90 105.89 -30.12
C LEU RB 301 -75.09 104.39 -30.37
N THR RB 302 -76.15 103.83 -29.78
CA THR RB 302 -76.48 102.44 -29.98
C THR RB 302 -77.37 102.29 -31.22
N TYR RB 303 -77.61 101.03 -31.59
CA TYR RB 303 -78.44 100.77 -32.76
C TYR RB 303 -79.88 101.20 -32.56
N ALA RB 304 -80.31 101.35 -31.30
CA ALA RB 304 -81.67 101.82 -31.04
C ALA RB 304 -81.87 103.21 -31.61
N GLU RB 305 -80.90 104.10 -31.41
CA GLU RB 305 -80.95 105.46 -31.92
C GLU RB 305 -80.15 105.63 -33.19
N ALA RB 306 -79.64 104.54 -33.77
CA ALA RB 306 -78.95 104.64 -35.05
C ALA RB 306 -79.89 105.03 -36.17
N LEU RB 307 -81.12 104.52 -36.14
CA LEU RB 307 -82.08 104.83 -37.20
C LEU RB 307 -82.37 106.32 -37.33
N PRO RB 308 -82.69 107.07 -36.27
CA PRO RB 308 -82.96 108.50 -36.44
C PRO RB 308 -81.72 109.30 -36.79
N ALA RB 309 -80.53 108.72 -36.70
CA ALA RB 309 -79.32 109.46 -37.06
C ALA RB 309 -79.34 109.85 -38.54
N VAL RB 310 -79.90 108.99 -39.39
CA VAL RB 310 -80.00 109.31 -40.81
C VAL RB 310 -80.88 110.53 -41.01
N GLU RB 311 -82.04 110.57 -40.35
CA GLU RB 311 -82.93 111.71 -40.46
C GLU RB 311 -82.29 112.97 -39.90
N ASP RB 312 -81.58 112.84 -38.79
CA ASP RB 312 -80.89 113.98 -38.19
C ASP RB 312 -79.84 114.53 -39.13
N THR RB 313 -79.15 113.64 -39.86
CA THR RB 313 -78.18 114.08 -40.85
C THR RB 313 -78.84 114.88 -41.96
N GLY RB 314 -80.03 114.46 -42.39
CA GLY RB 314 -80.74 115.16 -43.44
C GLY RB 314 -80.26 114.87 -44.83
N LEU RB 315 -79.55 113.77 -45.03
CA LEU RB 315 -79.09 113.38 -46.36
C LEU RB 315 -80.12 112.58 -47.12
N LEU RB 316 -81.27 112.29 -46.51
CA LEU RB 316 -82.29 111.47 -47.16
C LEU RB 316 -82.80 112.14 -48.42
N GLY RB 317 -82.87 111.38 -49.49
CA GLY RB 317 -83.34 111.90 -50.76
C GLY RB 317 -82.82 111.06 -51.90
N THR RB 318 -83.28 111.42 -53.10
CA THR RB 318 -82.89 110.75 -54.32
C THR RB 318 -81.67 111.39 -54.98
N ASP RB 319 -81.15 112.46 -54.42
CA ASP RB 319 -79.99 113.14 -54.97
C ASP RB 319 -78.70 112.82 -54.25
N TYR RB 320 -78.77 112.54 -52.95
CA TYR RB 320 -77.59 112.26 -52.15
C TYR RB 320 -77.25 110.78 -52.19
N VAL RB 321 -77.13 110.27 -53.41
CA VAL RB 321 -76.75 108.87 -53.60
C VAL RB 321 -75.24 108.69 -53.49
N SER RB 322 -74.47 109.72 -53.80
CA SER RB 322 -73.02 109.67 -53.75
C SER RB 322 -72.47 109.67 -52.34
N CYS RB 323 -73.31 109.53 -51.32
CA CYS RB 323 -72.85 109.55 -49.94
C CYS RB 323 -73.12 108.20 -49.27
N SER RB 324 -72.29 107.88 -48.28
CA SER RB 324 -72.43 106.68 -47.49
C SER RB 324 -72.38 107.06 -46.02
N VAL RB 325 -73.10 106.29 -45.20
CA VAL RB 325 -73.18 106.52 -43.77
C VAL RB 325 -72.64 105.29 -43.05
N TYR RB 326 -71.77 105.52 -42.08
CA TYR RB 326 -71.07 104.45 -41.40
C TYR RB 326 -71.41 104.45 -39.91
N HIS RB 327 -71.43 103.26 -39.33
CA HIS RB 327 -71.58 103.08 -37.89
C HIS RB 327 -70.55 102.07 -37.41
N TYR RB 328 -70.08 102.26 -36.18
CA TYR RB 328 -68.99 101.46 -35.64
C TYR RB 328 -69.19 101.22 -34.15
N PRO RB 329 -69.97 100.20 -33.79
CA PRO RB 329 -70.22 99.87 -32.38
C PRO RB 329 -69.15 98.94 -31.80
N PHE RB 330 -67.89 99.35 -31.87
CA PHE RB 330 -66.81 98.48 -31.47
C PHE RB 330 -65.71 99.30 -30.81
N SER RB 331 -64.84 98.61 -30.08
CA SER RB 331 -63.70 99.22 -29.42
C SER RB 331 -62.47 98.37 -29.70
N CYS RB 332 -61.36 99.03 -30.05
CA CYS RB 332 -60.12 98.35 -30.36
C CYS RB 332 -59.02 98.84 -29.40
N LYS RB 333 -57.82 98.31 -29.59
CA LYS RB 333 -56.68 98.71 -28.79
C LYS RB 333 -55.88 99.79 -29.51
N ASP RB 334 -55.33 100.71 -28.72
CA ASP RB 334 -54.66 101.87 -29.27
C ASP RB 334 -53.35 101.52 -29.94
N LYS RB 335 -52.99 102.32 -30.94
CA LYS RB 335 -51.69 102.16 -31.59
C LYS RB 335 -50.56 102.66 -30.71
N TRP RB 336 -50.81 103.65 -29.86
CA TRP RB 336 -49.77 104.25 -29.05
C TRP RB 336 -49.99 104.01 -27.56
N THR RB 337 -51.14 104.40 -27.04
CA THR RB 337 -51.40 104.29 -25.61
C THR RB 337 -51.82 102.89 -25.19
N GLN RB 338 -52.13 102.02 -26.16
CA GLN RB 338 -52.59 100.66 -25.87
C GLN RB 338 -53.80 100.67 -24.94
N SER RB 339 -54.72 101.58 -25.20
CA SER RB 339 -55.95 101.74 -24.45
C SER RB 339 -57.13 101.28 -25.29
N ARG RB 340 -58.34 101.45 -24.77
CA ARG RB 340 -59.54 101.10 -25.51
C ARG RB 340 -60.01 102.35 -26.26
N VAL RB 341 -59.89 102.32 -27.58
CA VAL RB 341 -60.18 103.47 -28.42
C VAL RB 341 -61.19 103.08 -29.48
N VAL RB 342 -61.95 104.07 -29.94
CA VAL RB 342 -62.97 103.88 -30.96
C VAL RB 342 -62.80 104.95 -32.02
N PHE RB 343 -62.83 104.55 -33.29
CA PHE RB 343 -62.84 105.51 -34.37
C PHE RB 343 -63.50 104.88 -35.59
N GLY RB 344 -63.95 105.74 -36.50
CA GLY RB 344 -64.83 105.35 -37.57
C GLY RB 344 -64.13 104.57 -38.67
N LEU RB 345 -64.88 104.39 -39.77
CA LEU RB 345 -64.46 103.55 -40.87
C LEU RB 345 -64.18 104.35 -42.13
N SER RB 346 -64.08 105.67 -42.02
CA SER RB 346 -63.84 106.50 -43.21
C SER RB 346 -62.49 106.17 -43.84
N GLY RB 347 -61.47 105.97 -43.00
CA GLY RB 347 -60.15 105.68 -43.53
C GLY RB 347 -60.12 104.37 -44.29
N VAL RB 348 -60.73 103.33 -43.74
CA VAL RB 348 -60.75 102.05 -44.44
C VAL RB 348 -61.62 102.14 -45.68
N ALA RB 349 -62.69 102.95 -45.65
CA ALA RB 349 -63.49 103.11 -46.85
C ALA RB 349 -62.66 103.73 -47.96
N TYR RB 350 -61.91 104.79 -47.64
CA TYR RB 350 -61.05 105.41 -48.64
C TYR RB 350 -59.97 104.45 -49.12
N ALA RB 351 -59.39 103.68 -48.20
CA ALA RB 351 -58.37 102.72 -48.58
C ALA RB 351 -58.94 101.65 -49.51
N ALA RB 352 -60.16 101.20 -49.23
CA ALA RB 352 -60.82 100.23 -50.08
C ALA RB 352 -61.06 100.80 -51.46
N LYS RB 353 -61.50 102.07 -51.53
CA LYS RB 353 -61.66 102.71 -52.83
C LYS RB 353 -60.34 102.78 -53.57
N ALA RB 354 -59.27 103.12 -52.85
CA ALA RB 354 -57.97 103.29 -53.46
C ALA RB 354 -57.45 101.97 -54.01
N ARG RB 355 -57.54 100.90 -53.22
CA ARG RB 355 -57.07 99.61 -53.70
C ARG RB 355 -57.92 99.12 -54.86
N GLY RB 356 -59.24 99.36 -54.81
CA GLY RB 356 -60.08 98.98 -55.92
C GLY RB 356 -59.70 99.70 -57.21
N VAL RB 357 -59.49 101.01 -57.12
CA VAL RB 357 -59.17 101.76 -58.32
C VAL RB 357 -57.75 101.46 -58.80
N LYS RB 358 -56.86 101.08 -57.89
CA LYS RB 358 -55.52 100.71 -58.32
C LYS RB 358 -55.44 99.28 -58.80
N LYS RB 359 -56.47 98.48 -58.56
CA LYS RB 359 -56.52 97.15 -59.16
C LYS RB 359 -56.45 97.22 -60.67
N ASN RB 360 -57.20 98.15 -61.26
CA ASN RB 360 -57.13 98.35 -62.70
C ASN RB 360 -56.26 99.56 -63.02
N SER RB 361 -55.87 99.65 -64.29
CA SER RB 361 -54.94 100.67 -64.75
C SER RB 361 -55.54 101.68 -65.70
N ASP RB 362 -56.34 101.23 -66.66
CA ASP RB 362 -56.85 102.14 -67.68
C ASP RB 362 -57.78 103.18 -67.07
N VAL RB 363 -58.76 102.74 -66.27
CA VAL RB 363 -59.76 103.63 -65.72
C VAL RB 363 -59.90 103.36 -64.22
N GLY RB 364 -59.39 102.24 -63.78
CA GLY RB 364 -59.51 101.87 -62.37
C GLY RB 364 -60.70 100.97 -62.11
N GLY RB 365 -60.58 100.16 -61.07
CA GLY RB 365 -61.61 99.18 -60.78
C GLY RB 365 -62.83 99.76 -60.11
N TRP RB 366 -63.50 100.68 -60.80
CA TRP RB 366 -64.69 101.30 -60.23
C TRP RB 366 -65.83 100.30 -60.07
N HIS RB 367 -65.90 99.33 -60.98
CA HIS RB 367 -66.95 98.31 -60.89
C HIS RB 367 -66.81 97.45 -59.65
N TYR RB 368 -65.62 97.36 -59.08
CA TYR RB 368 -65.45 96.59 -57.86
C TYR RB 368 -66.18 97.27 -56.71
N SER RB 369 -66.42 96.48 -55.66
CA SER RB 369 -67.05 97.00 -54.48
C SER RB 369 -66.13 96.87 -53.28
N PRO RB 370 -66.10 97.87 -52.41
CA PRO RB 370 -65.24 97.84 -51.21
C PRO RB 370 -65.76 96.91 -50.12
N ALA RB 371 -65.43 95.63 -50.24
CA ALA RB 371 -65.84 94.63 -49.28
C ALA RB 371 -64.92 93.43 -49.40
N GLY RB 372 -65.24 92.39 -48.65
CA GLY RB 372 -64.53 91.12 -48.76
C GLY RB 372 -63.32 91.05 -47.84
N GLU RB 373 -63.09 89.85 -47.31
CA GLU RB 373 -61.94 89.62 -46.45
C GLU RB 373 -60.64 89.57 -47.22
N GLU RB 374 -60.71 89.35 -48.54
CA GLU RB 374 -59.49 89.28 -49.34
C GLU RB 374 -58.84 90.65 -49.47
N ARG RB 375 -59.63 91.72 -49.38
CA ARG RB 375 -59.09 93.06 -49.61
C ARG RB 375 -59.56 94.11 -48.61
N ALA RB 376 -60.66 93.91 -47.90
CA ALA RB 376 -61.20 94.91 -46.98
C ALA RB 376 -61.16 94.35 -45.57
N VAL RB 377 -60.01 94.51 -44.91
CA VAL RB 377 -59.83 94.04 -43.54
C VAL RB 377 -59.06 95.11 -42.76
N ILE RB 378 -59.50 95.36 -41.53
CA ILE RB 378 -58.77 96.25 -40.65
C ILE RB 378 -58.01 95.45 -39.60
N ALA RB 379 -58.71 94.62 -38.84
CA ALA RB 379 -58.15 93.86 -37.72
C ALA RB 379 -57.18 94.72 -36.91
N ARG RB 380 -57.71 95.83 -36.40
CA ARG RB 380 -56.86 96.85 -35.80
C ARG RB 380 -56.11 96.30 -34.60
N ALA RB 381 -56.82 96.04 -33.50
CA ALA RB 381 -56.26 95.36 -32.33
C ALA RB 381 -57.34 95.09 -31.30
N SER RB 382 -57.39 93.87 -30.77
CA SER RB 382 -58.28 93.50 -29.67
C SER RB 382 -59.69 94.06 -29.88
N ILE RB 383 -60.30 93.66 -30.99
CA ILE RB 383 -61.64 94.14 -31.32
C ILE RB 383 -62.62 93.69 -30.24
N GLN RB 384 -63.61 94.55 -29.98
CA GLN RB 384 -64.61 94.25 -28.96
C GLN RB 384 -65.79 95.17 -29.18
N PRO RB 385 -67.02 94.66 -29.14
CA PRO RB 385 -68.18 95.53 -29.31
C PRO RB 385 -68.23 96.59 -28.22
N LEU RB 386 -68.63 97.79 -28.60
CA LEU RB 386 -68.78 98.86 -27.61
C LEU RB 386 -69.90 98.53 -26.62
N TYR RB 387 -71.02 98.03 -27.13
CA TYR RB 387 -72.19 97.72 -26.31
C TYR RB 387 -72.64 96.30 -26.65
N PRO RB 388 -72.04 95.29 -26.02
CA PRO RB 388 -72.50 93.92 -26.24
C PRO RB 388 -73.97 93.74 -25.88
N GLU RB 389 -74.48 94.54 -24.96
CA GLU RB 389 -75.90 94.52 -24.63
C GLU RB 389 -76.78 95.03 -25.77
N ASP RB 390 -76.22 95.78 -26.70
CA ASP RB 390 -76.97 96.33 -27.82
C ASP RB 390 -76.86 95.43 -29.04
N THR RB 391 -77.93 95.37 -29.82
CA THR RB 391 -78.00 94.53 -31.00
C THR RB 391 -78.49 95.35 -32.19
N PRO RB 392 -78.02 95.03 -33.39
CA PRO RB 392 -78.54 95.68 -34.60
C PRO RB 392 -79.80 94.96 -35.09
N ASP RB 393 -80.28 95.41 -36.25
CA ASP RB 393 -81.48 94.83 -36.85
C ASP RB 393 -81.40 94.93 -38.36
N GLU RB 394 -81.56 93.79 -39.02
CA GLU RB 394 -81.33 93.72 -40.47
C GLU RB 394 -82.34 94.57 -41.24
N GLU RB 395 -83.63 94.42 -40.95
CA GLU RB 395 -84.61 95.19 -41.69
C GLU RB 395 -84.48 96.68 -41.38
N ALA RB 396 -84.16 97.01 -40.13
CA ALA RB 396 -83.98 98.41 -39.77
C ALA RB 396 -82.82 99.01 -40.54
N MET RB 397 -81.69 98.30 -40.60
CA MET RB 397 -80.53 98.84 -41.29
C MET RB 397 -80.76 98.92 -42.80
N VAL RB 398 -81.45 97.92 -43.38
CA VAL RB 398 -81.68 97.98 -44.81
C VAL RB 398 -82.65 99.09 -45.14
N LYS RB 399 -83.61 99.36 -44.26
CA LYS RB 399 -84.52 100.49 -44.48
C LYS RB 399 -83.79 101.82 -44.35
N GLY RB 400 -82.96 101.96 -43.32
CA GLY RB 400 -82.26 103.19 -43.06
C GLY RB 400 -81.01 103.40 -43.89
N ARG RB 401 -80.66 102.44 -44.74
CA ARG RB 401 -79.49 102.55 -45.61
C ARG RB 401 -78.20 102.72 -44.80
N LEU RB 402 -78.16 102.14 -43.61
CA LEU RB 402 -76.98 102.20 -42.77
C LEU RB 402 -76.00 101.13 -43.19
N ASN RB 403 -74.73 101.50 -43.22
CA ASN RB 403 -73.67 100.55 -43.54
C ASN RB 403 -73.15 99.93 -42.25
N LYS RB 404 -73.32 98.62 -42.11
CA LYS RB 404 -72.88 97.89 -40.94
C LYS RB 404 -71.62 97.10 -41.29
N VAL RB 405 -70.82 96.84 -40.28
CA VAL RB 405 -69.51 96.19 -40.46
C VAL RB 405 -69.48 94.97 -39.56
N SER RB 406 -69.09 93.82 -40.12
CA SER RB 406 -69.21 92.53 -39.45
C SER RB 406 -67.85 91.91 -39.22
N VAL RB 407 -67.86 90.73 -38.59
CA VAL RB 407 -66.64 90.05 -38.19
C VAL RB 407 -66.53 88.75 -38.97
N GLY RB 408 -65.32 88.21 -39.02
CA GLY RB 408 -65.04 86.97 -39.70
C GLY RB 408 -64.54 85.90 -38.76
N THR RB 409 -64.45 84.68 -39.28
CA THR RB 409 -63.96 83.56 -38.50
C THR RB 409 -62.47 83.68 -38.21
N SER RB 410 -61.71 84.27 -39.11
CA SER RB 410 -60.26 84.41 -38.95
C SER RB 410 -59.89 85.54 -38.00
N GLY RB 411 -60.83 86.05 -37.21
CA GLY RB 411 -60.52 87.14 -36.33
C GLY RB 411 -60.29 88.45 -37.03
N GLN RB 412 -60.68 88.56 -38.29
CA GLN RB 412 -60.55 89.80 -39.04
C GLN RB 412 -61.89 90.51 -39.08
N MET RB 413 -61.86 91.80 -39.40
CA MET RB 413 -62.98 92.68 -39.08
C MET RB 413 -63.29 93.43 -40.37
N ILE RB 414 -64.40 93.10 -41.03
CA ILE RB 414 -64.61 93.40 -42.44
C ILE RB 414 -65.88 94.23 -42.64
N ILE RB 415 -65.83 95.16 -43.59
CA ILE RB 415 -66.98 95.96 -43.96
C ILE RB 415 -67.74 95.24 -45.07
N ASP RB 416 -68.83 94.59 -44.70
CA ASP RB 416 -69.66 93.81 -45.63
C ASP RB 416 -70.89 94.57 -46.10
N ASP RB 417 -70.72 95.81 -46.59
CA ASP RB 417 -71.81 96.56 -47.21
C ASP RB 417 -71.29 97.30 -48.43
N ALA RB 418 -72.10 97.34 -49.48
CA ALA RB 418 -71.75 98.05 -50.70
C ALA RB 418 -72.96 98.78 -51.26
N LEU RB 419 -73.79 99.33 -50.38
CA LEU RB 419 -74.99 100.05 -50.79
C LEU RB 419 -74.92 101.48 -50.30
N THR RB 420 -75.38 102.40 -51.12
CA THR RB 420 -75.36 103.81 -50.77
C THR RB 420 -76.55 104.15 -49.88
N CYS RB 421 -76.72 105.43 -49.58
CA CYS RB 421 -77.77 105.89 -48.68
C CYS RB 421 -78.93 106.51 -49.45
N CYS RB 422 -79.24 105.96 -50.62
CA CYS RB 422 -80.39 106.40 -51.40
C CYS RB 422 -81.65 105.72 -50.87
N THR RB 423 -82.70 106.51 -50.66
CA THR RB 423 -83.94 105.96 -50.12
C THR RB 423 -84.55 104.93 -51.07
N GLN RB 424 -84.54 105.22 -52.36
CA GLN RB 424 -85.14 104.31 -53.33
C GLN RB 424 -84.25 103.10 -53.55
N ASP RB 425 -84.91 101.95 -53.76
CA ASP RB 425 -84.23 100.69 -54.02
C ASP RB 425 -83.79 100.56 -55.47
N ASN RB 426 -83.79 101.66 -56.21
CA ASN RB 426 -83.37 101.64 -57.60
C ASN RB 426 -81.91 101.24 -57.72
N TYR RB 427 -81.57 100.64 -58.86
CA TYR RB 427 -80.22 100.10 -59.06
C TYR RB 427 -79.15 101.16 -58.87
N LEU RB 428 -79.48 102.43 -59.10
CA LEU RB 428 -78.50 103.49 -58.90
C LEU RB 428 -78.07 103.61 -57.44
N HIS RB 429 -78.85 103.07 -56.51
CA HIS RB 429 -78.49 103.14 -55.10
C HIS RB 429 -77.38 102.16 -54.74
N PHE RB 430 -76.75 101.54 -55.73
CA PHE RB 430 -75.60 100.68 -55.50
C PHE RB 430 -74.34 101.53 -55.30
N GLN RB 431 -73.22 100.87 -55.07
CA GLN RB 431 -71.98 101.60 -54.81
C GLN RB 431 -71.25 101.95 -56.11
N HIS RB 432 -71.26 101.06 -57.08
CA HIS RB 432 -70.51 101.27 -58.31
C HIS RB 432 -71.19 102.27 -59.23
N VAL RB 433 -72.51 102.38 -59.14
CA VAL RB 433 -73.23 103.26 -60.05
C VAL RB 433 -72.78 104.71 -59.91
N PRO RB 434 -72.76 105.31 -58.71
CA PRO RB 434 -72.23 106.67 -58.62
C PRO RB 434 -70.80 106.77 -59.10
N SER RB 435 -70.00 105.73 -58.87
CA SER RB 435 -68.62 105.74 -59.36
C SER RB 435 -68.61 105.82 -60.88
N LEU RB 436 -69.51 105.09 -61.55
CA LEU RB 436 -69.46 105.12 -63.00
C LEU RB 436 -69.99 106.44 -63.54
N MET RB 437 -70.99 107.05 -62.89
CA MET RB 437 -71.34 108.40 -63.31
C MET RB 437 -70.18 109.36 -63.12
N ASN RB 438 -69.47 109.26 -62.00
CA ASN RB 438 -68.31 110.12 -61.78
C ASN RB 438 -67.29 109.95 -62.90
N ALA RB 439 -66.97 108.70 -63.24
CA ALA RB 439 -65.97 108.44 -64.26
C ALA RB 439 -66.40 109.00 -65.60
N ILE RB 440 -67.61 108.65 -66.04
CA ILE RB 440 -68.08 109.11 -67.35
C ILE RB 440 -68.18 110.63 -67.36
N SER RB 441 -68.50 111.24 -66.22
CA SER RB 441 -68.57 112.70 -66.14
C SER RB 441 -67.20 113.32 -66.33
N ARG RB 442 -66.18 112.76 -65.68
CA ARG RB 442 -64.84 113.31 -65.84
C ARG RB 442 -64.36 113.17 -67.27
N PHE RB 443 -64.62 112.01 -67.89
CA PHE RB 443 -64.22 111.85 -69.29
C PHE RB 443 -64.99 112.79 -70.20
N PHE RB 444 -66.28 112.95 -69.95
CA PHE RB 444 -67.09 113.87 -70.75
C PHE RB 444 -66.58 115.30 -70.63
N VAL RB 445 -66.25 115.74 -69.41
CA VAL RB 445 -65.82 117.12 -69.25
C VAL RB 445 -64.45 117.33 -69.85
N GLN RB 446 -63.54 116.35 -69.70
CA GLN RB 446 -62.22 116.52 -70.31
C GLN RB 446 -62.32 116.56 -71.83
N LEU RB 447 -63.15 115.70 -72.41
CA LEU RB 447 -63.28 115.75 -73.87
C LEU RB 447 -63.96 117.03 -74.31
N ALA RB 448 -64.95 117.49 -73.54
CA ALA RB 448 -65.63 118.74 -73.86
C ALA RB 448 -64.66 119.91 -73.82
N ARG RB 449 -63.75 119.91 -72.85
CA ARG RB 449 -62.79 121.00 -72.76
C ARG RB 449 -61.77 120.93 -73.89
N GLN RB 450 -61.25 119.73 -74.18
CA GLN RB 450 -60.28 119.62 -75.25
C GLN RB 450 -60.89 119.89 -76.62
N MET RB 451 -62.20 119.72 -76.77
CA MET RB 451 -62.84 119.98 -78.05
C MET RB 451 -63.51 121.35 -78.08
N LYS RB 452 -63.55 122.03 -76.93
CA LYS RB 452 -64.24 123.30 -76.81
C LYS RB 452 -63.67 124.33 -77.77
N HIS RB 453 -64.54 125.17 -78.31
CA HIS RB 453 -64.16 126.25 -79.22
C HIS RB 453 -63.46 125.68 -80.47
N SER RB 454 -64.24 124.91 -81.21
CA SER RB 454 -63.79 124.41 -82.50
C SER RB 454 -64.83 124.74 -83.56
N PRO RB 455 -64.38 125.11 -84.76
CA PRO RB 455 -65.32 125.33 -85.87
C PRO RB 455 -66.39 124.25 -85.95
N ASP RB 456 -67.60 124.68 -86.29
CA ASP RB 456 -68.71 123.75 -86.41
C ASP RB 456 -68.49 122.80 -87.59
N GLY RB 457 -68.87 121.54 -87.40
CA GLY RB 457 -68.75 120.54 -88.45
C GLY RB 457 -67.86 119.39 -88.05
N ILE RB 458 -66.76 119.71 -87.37
CA ILE RB 458 -65.88 118.70 -86.82
C ILE RB 458 -66.24 118.35 -85.40
N THR RB 459 -67.08 119.15 -84.75
CA THR RB 459 -67.45 118.90 -83.37
C THR RB 459 -68.14 117.54 -83.24
N ALA RB 460 -69.10 117.28 -84.11
CA ALA RB 460 -69.83 116.03 -84.05
C ALA RB 460 -68.91 114.84 -84.28
N ALA RB 461 -68.04 114.94 -85.27
CA ALA RB 461 -67.12 113.83 -85.55
C ALA RB 461 -66.20 113.58 -84.37
N GLY RB 462 -65.63 114.64 -83.80
CA GLY RB 462 -64.71 114.46 -82.69
C GLY RB 462 -65.40 113.88 -81.47
N LEU RB 463 -66.58 114.38 -81.15
CA LEU RB 463 -67.31 113.85 -80.01
C LEU RB 463 -67.68 112.39 -80.23
N THR RB 464 -68.10 112.04 -81.45
CA THR RB 464 -68.43 110.65 -81.73
C THR RB 464 -67.22 109.75 -81.56
N LYS RB 465 -66.07 110.19 -82.06
CA LYS RB 465 -64.87 109.36 -81.92
C LYS RB 465 -64.48 109.20 -80.46
N GLY RB 466 -64.54 110.28 -79.68
CA GLY RB 466 -64.27 110.17 -78.26
C GLY RB 466 -65.23 109.20 -77.59
N MET RB 467 -66.51 109.27 -77.97
CA MET RB 467 -67.48 108.31 -77.47
C MET RB 467 -67.02 106.90 -77.79
N THR RB 468 -66.55 106.67 -79.02
CA THR RB 468 -66.12 105.34 -79.42
C THR RB 468 -65.04 104.83 -78.50
N LYS RB 469 -63.97 105.60 -78.33
CA LYS RB 469 -62.87 105.11 -77.48
C LYS RB 469 -63.31 104.89 -76.04
N LEU RB 470 -64.11 105.81 -75.49
CA LEU RB 470 -64.50 105.62 -74.11
C LEU RB 470 -65.36 104.38 -73.93
N LEU RB 471 -66.28 104.12 -74.86
CA LEU RB 471 -67.10 102.93 -74.73
C LEU RB 471 -66.24 101.69 -74.92
N ASP RB 472 -65.25 101.72 -75.82
CA ASP RB 472 -64.38 100.55 -75.97
C ASP RB 472 -63.63 100.28 -74.68
N ARG RB 473 -63.09 101.32 -74.05
CA ARG RB 473 -62.33 101.06 -72.83
C ARG RB 473 -63.23 100.61 -71.70
N PHE RB 474 -64.46 101.11 -71.64
CA PHE RB 474 -65.39 100.60 -70.64
C PHE RB 474 -65.74 99.14 -70.86
N VAL RB 475 -66.05 98.76 -72.11
CA VAL RB 475 -66.44 97.37 -72.34
C VAL RB 475 -65.25 96.45 -72.16
N ALA RB 476 -64.04 96.91 -72.49
CA ALA RB 476 -62.85 96.13 -72.20
C ALA RB 476 -62.66 95.96 -70.70
N SER RB 477 -62.94 97.03 -69.94
CA SER RB 477 -62.97 96.89 -68.48
C SER RB 477 -64.04 95.90 -68.05
N GLY RB 478 -65.07 95.72 -68.86
CA GLY RB 478 -66.13 94.80 -68.56
C GLY RB 478 -67.24 95.38 -67.71
N ALA RB 479 -67.10 96.62 -67.25
CA ALA RB 479 -68.15 97.24 -66.45
C ALA RB 479 -69.42 97.42 -67.25
N LEU RB 480 -69.29 97.58 -68.57
CA LEU RB 480 -70.43 97.70 -69.47
C LEU RB 480 -70.72 96.33 -70.07
N VAL RB 481 -71.95 95.86 -69.92
CA VAL RB 481 -72.39 94.61 -70.52
C VAL RB 481 -73.73 94.83 -71.21
N ALA RB 482 -74.03 93.96 -72.16
CA ALA RB 482 -75.30 94.04 -72.86
C ALA RB 482 -76.44 93.73 -71.88
N PRO RB 483 -77.61 94.34 -72.09
CA PRO RB 483 -78.73 94.08 -71.19
C PRO RB 483 -79.20 92.64 -71.29
N ARG RB 484 -79.76 92.15 -70.19
CA ARG RB 484 -80.19 90.76 -70.08
C ARG RB 484 -81.59 90.53 -70.64
N ASP RB 485 -82.25 91.57 -71.15
CA ASP RB 485 -83.56 91.45 -71.76
C ASP RB 485 -83.48 91.75 -73.25
N PRO RB 486 -83.22 90.75 -74.08
CA PRO RB 486 -83.18 90.99 -75.54
C PRO RB 486 -84.50 91.49 -76.08
N ASP RB 487 -85.62 91.05 -75.50
CA ASP RB 487 -86.93 91.45 -76.00
C ASP RB 487 -87.16 92.95 -75.82
N ALA RB 488 -86.81 93.48 -74.65
CA ALA RB 488 -87.10 94.89 -74.36
C ALA RB 488 -85.91 95.79 -74.71
N ASP RB 489 -84.78 95.57 -74.05
CA ASP RB 489 -83.60 96.41 -74.27
C ASP RB 489 -82.62 95.82 -75.27
N GLY RB 490 -82.96 94.69 -75.89
CA GLY RB 490 -82.07 94.14 -76.89
C GLY RB 490 -80.85 93.50 -76.26
N THR RB 491 -79.84 93.29 -77.10
CA THR RB 491 -78.60 92.64 -76.70
C THR RB 491 -77.39 93.55 -76.93
N GLU RB 492 -77.60 94.86 -76.96
CA GLU RB 492 -76.53 95.80 -77.21
C GLU RB 492 -76.38 96.72 -76.01
N PRO RB 493 -75.18 96.87 -75.46
CA PRO RB 493 -75.02 97.57 -74.17
C PRO RB 493 -75.16 99.08 -74.21
N TYR RB 494 -74.61 99.73 -75.23
CA TYR RB 494 -74.40 101.16 -75.23
C TYR RB 494 -75.05 101.83 -76.43
N VAL RB 495 -75.81 102.88 -76.19
CA VAL RB 495 -76.47 103.62 -77.26
C VAL RB 495 -76.18 105.10 -77.10
N LEU RB 496 -75.90 105.77 -78.23
CA LEU RB 496 -75.42 107.15 -78.26
C LEU RB 496 -76.19 107.94 -79.29
N LYS RB 497 -76.61 109.15 -78.92
CA LYS RB 497 -77.10 110.12 -79.89
C LYS RB 497 -76.48 111.49 -79.62
N VAL RB 498 -76.37 112.29 -80.67
CA VAL RB 498 -75.93 113.67 -80.58
C VAL RB 498 -76.90 114.52 -81.40
N THR RB 499 -77.28 115.67 -80.85
CA THR RB 499 -78.23 116.58 -81.46
C THR RB 499 -77.68 118.00 -81.42
N GLN RB 500 -78.24 118.86 -82.26
CA GLN RB 500 -77.88 120.27 -82.30
C GLN RB 500 -79.15 121.10 -82.12
N ALA RB 501 -79.22 121.87 -81.03
CA ALA RB 501 -80.45 122.59 -80.72
C ALA RB 501 -80.57 123.87 -81.53
N GLU RB 502 -79.52 124.68 -81.55
CA GLU RB 502 -79.52 125.96 -82.26
C GLU RB 502 -78.16 126.10 -82.93
N PHE RB 503 -77.80 127.31 -83.34
CA PHE RB 503 -76.46 127.57 -83.85
C PHE RB 503 -75.40 127.13 -82.85
N ASP RB 504 -75.75 127.03 -81.57
CA ASP RB 504 -74.92 126.41 -80.54
C ASP RB 504 -75.71 125.33 -79.83
N LYS RB 505 -75.20 124.86 -78.68
CA LYS RB 505 -75.85 123.85 -77.86
C LYS RB 505 -76.01 122.53 -78.63
N TRP RB 506 -74.85 121.92 -78.87
CA TRP RB 506 -74.84 120.48 -79.11
C TRP RB 506 -75.22 119.77 -77.82
N GLU RB 507 -75.98 118.70 -77.95
CA GLU RB 507 -76.37 117.86 -76.83
C GLU RB 507 -76.00 116.41 -77.13
N VAL RB 508 -75.53 115.71 -76.11
CA VAL RB 508 -75.16 114.30 -76.24
C VAL RB 508 -75.94 113.49 -75.22
N VAL RB 509 -76.47 112.35 -75.66
CA VAL RB 509 -77.23 111.46 -74.80
C VAL RB 509 -76.69 110.05 -74.97
N TRP RB 510 -76.68 109.29 -73.87
CA TRP RB 510 -76.09 107.96 -73.86
C TRP RB 510 -76.79 107.09 -72.83
N ALA RB 511 -76.95 105.81 -73.16
CA ALA RB 511 -77.51 104.83 -72.25
C ALA RB 511 -76.67 103.56 -72.27
N CYS RB 512 -76.51 102.96 -71.10
CA CYS RB 512 -75.69 101.76 -70.96
C CYS RB 512 -76.32 100.86 -69.91
N CYS RB 513 -75.61 99.81 -69.52
CA CYS RB 513 -76.12 98.78 -68.62
C CYS RB 513 -75.05 98.35 -67.61
N PRO RB 514 -75.43 98.16 -66.34
CA PRO RB 514 -74.46 97.72 -65.33
C PRO RB 514 -74.25 96.21 -65.32
N THR RB 515 -73.51 95.71 -64.33
CA THR RB 515 -73.15 94.30 -64.24
C THR RB 515 -73.33 93.82 -62.80
N GLY RB 516 -73.59 92.51 -62.66
CA GLY RB 516 -73.79 91.94 -61.34
C GLY RB 516 -72.51 91.90 -60.52
N VAL RB 517 -72.68 91.96 -59.20
CA VAL RB 517 -71.55 92.05 -58.28
C VAL RB 517 -71.67 91.05 -57.14
N ALA RB 518 -72.65 90.14 -57.22
CA ALA RB 518 -72.84 89.09 -56.22
C ALA RB 518 -73.06 89.69 -54.83
N ARG RB 519 -74.23 90.33 -54.69
CA ARG RB 519 -74.55 91.04 -53.45
C ARG RB 519 -74.70 90.08 -52.27
N ARG RB 520 -75.70 89.21 -52.33
CA ARG RB 520 -76.05 88.38 -51.19
C ARG RB 520 -75.48 86.96 -51.38
N ILE RB 521 -75.80 86.06 -50.45
CA ILE RB 521 -75.42 84.66 -50.54
C ILE RB 521 -76.68 83.81 -50.43
N GLN RB 522 -76.48 82.50 -50.53
CA GLN RB 522 -77.58 81.56 -50.40
C GLN RB 522 -77.01 80.19 -50.05
N GLY RB 523 -77.91 79.25 -49.78
CA GLY RB 523 -77.51 77.89 -49.51
C GLY RB 523 -78.65 76.97 -49.14
N VAL RB 524 -78.67 75.76 -49.72
CA VAL RB 524 -79.67 74.76 -49.38
C VAL RB 524 -79.02 73.38 -49.29
N PRO RB 525 -79.06 72.74 -48.14
CA PRO RB 525 -78.48 71.41 -47.99
C PRO RB 525 -79.51 70.31 -48.27
N LEU RB 526 -78.97 69.15 -48.62
CA LEU RB 526 -79.81 67.98 -48.86
C LEU RB 526 -78.97 66.73 -48.68
N LEU RB 527 -79.63 65.65 -48.26
CA LEU RB 527 -79.05 64.32 -48.23
C LEU RB 527 -80.04 63.35 -48.89
N ILE RB 528 -79.50 62.35 -49.57
CA ILE RB 528 -80.36 61.41 -50.27
C ILE RB 528 -80.95 60.37 -49.31
N LYS RB 529 -80.39 60.24 -48.11
CA LYS RB 529 -80.82 59.23 -47.15
C LYS RB 529 -80.72 57.82 -47.73
N SER SB 2 -72.30 87.19 -31.76
CA SER SB 2 -72.68 88.28 -32.63
C SER SB 2 -73.48 87.78 -33.83
N GLN SB 3 -72.87 87.89 -35.02
CA GLN SB 3 -73.52 87.54 -36.27
C GLN SB 3 -73.29 86.09 -36.69
N TYR SB 4 -72.55 85.32 -35.90
CA TYR SB 4 -72.28 83.94 -36.27
C TYR SB 4 -73.56 83.12 -36.35
N SER SB 5 -74.56 83.48 -35.55
CA SER SB 5 -75.86 82.83 -35.68
C SER SB 5 -76.43 83.10 -37.06
N ILE SB 6 -76.94 82.06 -37.69
CA ILE SB 6 -77.43 82.13 -39.07
C ILE SB 6 -78.93 81.83 -39.06
N GLN SB 7 -79.68 82.67 -39.76
CA GLN SB 7 -81.10 82.43 -39.95
C GLN SB 7 -81.31 81.54 -41.16
N GLN SB 8 -82.55 81.13 -41.39
CA GLN SB 8 -82.85 80.25 -42.51
C GLN SB 8 -83.36 80.99 -43.73
N SER SB 9 -83.84 82.22 -43.57
CA SER SB 9 -84.44 82.98 -44.66
C SER SB 9 -83.58 84.19 -44.98
N LEU SB 10 -83.30 84.39 -46.26
CA LEU SB 10 -82.51 85.54 -46.68
C LEU SB 10 -83.30 86.82 -46.50
N GLY SB 11 -82.58 87.89 -46.19
CA GLY SB 11 -83.21 89.19 -46.02
C GLY SB 11 -83.22 90.00 -47.29
N ASN SB 12 -82.79 91.26 -47.19
CA ASN SB 12 -82.71 92.14 -48.35
C ASN SB 12 -81.32 92.66 -48.62
N ALA SB 13 -80.39 92.48 -47.70
CA ALA SB 13 -79.03 92.98 -47.84
C ALA SB 13 -78.06 91.81 -47.83
N SER SB 14 -76.77 92.13 -47.84
CA SER SB 14 -75.71 91.12 -47.81
C SER SB 14 -75.67 90.49 -46.44
N GLY SB 15 -76.28 89.32 -46.30
CA GLY SB 15 -76.35 88.62 -45.03
C GLY SB 15 -75.93 87.16 -45.18
N VAL SB 16 -76.04 86.44 -44.07
CA VAL SB 16 -75.71 85.03 -44.01
C VAL SB 16 -76.97 84.25 -43.62
N ALA SB 17 -77.47 83.44 -44.56
CA ALA SB 17 -78.66 82.64 -44.32
C ALA SB 17 -78.65 81.48 -45.29
N VAL SB 18 -78.90 80.28 -44.78
CA VAL SB 18 -78.98 79.08 -45.61
C VAL SB 18 -80.26 78.34 -45.26
N SER SB 19 -80.70 77.49 -46.19
CA SER SB 19 -81.92 76.74 -45.99
C SER SB 19 -81.73 75.71 -44.88
N PRO SB 20 -82.80 75.36 -44.17
CA PRO SB 20 -82.71 74.27 -43.20
C PRO SB 20 -82.44 72.95 -43.88
N ILE SB 21 -81.78 72.05 -43.15
CA ILE SB 21 -81.48 70.73 -43.68
C ILE SB 21 -82.77 69.94 -43.84
N ASN SB 22 -82.88 69.23 -44.96
CA ASN SB 22 -84.03 68.38 -45.24
C ASN SB 22 -83.55 67.12 -45.92
N ALA SB 23 -84.37 66.07 -45.83
CA ALA SB 23 -84.04 64.77 -46.41
C ALA SB 23 -85.06 64.31 -47.44
N ASP SB 24 -86.35 64.50 -47.18
CA ASP SB 24 -87.40 64.02 -48.08
C ASP SB 24 -87.59 65.03 -49.20
N ALA SB 25 -86.59 65.08 -50.08
CA ALA SB 25 -86.62 65.96 -51.22
C ALA SB 25 -85.80 65.34 -52.34
N THR SB 26 -86.09 65.74 -53.58
CA THR SB 26 -85.44 65.22 -54.75
C THR SB 26 -84.67 66.33 -55.47
N LEU SB 27 -83.68 65.92 -56.26
CA LEU SB 27 -82.84 66.84 -56.99
C LEU SB 27 -82.69 66.36 -58.43
N SER SB 28 -82.68 67.31 -59.36
CA SER SB 28 -82.63 67.00 -60.78
C SER SB 28 -81.46 67.74 -61.42
N THR SB 29 -80.73 67.02 -62.27
CA THR SB 29 -79.62 67.59 -63.03
C THR SB 29 -79.69 67.05 -64.46
N GLY SB 30 -78.94 67.69 -65.34
CA GLY SB 30 -78.81 67.19 -66.69
C GLY SB 30 -78.57 68.33 -67.66
N VAL SB 31 -78.21 67.96 -68.88
CA VAL SB 31 -78.01 68.88 -70.00
C VAL SB 31 -78.74 68.33 -71.21
N ALA SB 32 -79.60 69.14 -71.81
CA ALA SB 32 -80.38 68.70 -72.96
C ALA SB 32 -79.51 68.65 -74.22
N LEU SB 33 -79.90 67.77 -75.14
CA LEU SB 33 -79.25 67.64 -76.43
C LEU SB 33 -79.72 68.68 -77.44
N ASN SB 34 -80.79 69.43 -77.13
CA ASN SB 34 -81.29 70.58 -77.88
C ASN SB 34 -81.25 70.40 -79.40
N SER SB 35 -81.66 69.23 -79.89
CA SER SB 35 -81.79 69.01 -81.31
C SER SB 35 -83.07 68.29 -81.71
N SER SB 36 -83.79 67.70 -80.77
CA SER SB 36 -85.02 66.98 -81.06
C SER SB 36 -86.09 67.40 -80.06
N LEU SB 37 -87.34 67.27 -80.46
CA LEU SB 37 -88.44 67.70 -79.61
C LEU SB 37 -89.54 66.65 -79.57
N TRP SB 38 -90.11 66.50 -78.39
CA TRP SB 38 -91.18 65.55 -78.15
C TRP SB 38 -92.31 66.26 -77.40
N ALA SB 39 -93.53 65.84 -77.70
CA ALA SB 39 -94.71 66.40 -77.05
C ALA SB 39 -95.79 65.34 -77.02
N GLY SB 40 -96.77 65.54 -76.15
CA GLY SB 40 -97.87 64.61 -76.08
C GLY SB 40 -98.77 64.92 -74.91
N ILE SB 41 -99.85 64.17 -74.84
CA ILE SB 41 -100.80 64.27 -73.74
C ILE SB 41 -100.24 63.51 -72.55
N GLY SB 42 -100.47 64.03 -71.36
CA GLY SB 42 -100.06 63.33 -70.16
C GLY SB 42 -100.98 63.63 -69.00
N VAL SB 43 -101.15 62.64 -68.13
CA VAL SB 43 -101.95 62.78 -66.93
C VAL SB 43 -101.01 63.25 -65.83
N PHE SB 44 -101.10 64.54 -65.48
CA PHE SB 44 -100.16 65.09 -64.53
C PHE SB 44 -100.87 65.93 -63.47
N ALA SB 45 -100.08 66.62 -62.65
CA ALA SB 45 -100.60 67.50 -61.62
C ALA SB 45 -99.94 68.86 -61.78
N ARG SB 46 -100.63 69.89 -61.32
CA ARG SB 46 -100.15 71.27 -61.34
C ARG SB 46 -99.96 71.80 -62.74
N GLY SB 47 -99.75 73.11 -62.87
CA GLY SB 47 -99.68 73.75 -64.16
C GLY SB 47 -101.05 74.04 -64.73
N LYS SB 48 -101.05 74.72 -65.87
CA LYS SB 48 -102.30 75.06 -66.52
C LYS SB 48 -102.81 73.88 -67.32
N PRO SB 49 -103.98 73.34 -67.01
CA PRO SB 49 -104.53 72.23 -67.81
C PRO SB 49 -104.97 72.71 -69.18
N PHE SB 50 -105.05 71.75 -70.11
CA PHE SB 50 -105.51 72.02 -71.47
C PHE SB 50 -104.70 73.13 -72.12
N THR SB 51 -103.39 73.08 -71.90
CA THR SB 51 -102.49 74.06 -72.49
C THR SB 51 -101.12 73.42 -72.69
N VAL SB 52 -100.63 73.47 -73.94
CA VAL SB 52 -99.30 72.96 -74.24
C VAL SB 52 -98.28 73.77 -73.47
N LEU SB 53 -97.32 73.08 -72.85
CA LEU SB 53 -96.37 73.70 -71.96
C LEU SB 53 -94.99 73.09 -72.24
N ALA SB 54 -94.01 73.95 -72.45
CA ALA SB 54 -92.64 73.51 -72.63
C ALA SB 54 -92.02 73.25 -71.26
N VAL SB 55 -91.47 72.04 -71.10
CA VAL SB 55 -90.89 71.60 -69.84
C VAL SB 55 -89.43 71.28 -70.08
N THR SB 56 -88.56 71.89 -69.28
CA THR SB 56 -87.11 71.74 -69.44
C THR SB 56 -86.64 70.44 -68.82
N GLU SB 57 -85.40 70.07 -69.17
CA GLU SB 57 -84.81 68.84 -68.68
C GLU SB 57 -84.43 68.91 -67.20
N SER SB 58 -84.50 70.08 -66.58
CA SER SB 58 -84.10 70.24 -65.19
C SER SB 58 -85.23 70.74 -64.30
N ASN SB 59 -85.91 71.80 -64.71
CA ASN SB 59 -86.99 72.38 -63.92
C ASN SB 59 -88.27 71.53 -64.01
N TYR SB 60 -88.16 70.35 -64.63
CA TYR SB 60 -89.33 69.53 -64.87
C TYR SB 60 -90.00 69.13 -63.55
N GLU SB 61 -89.21 68.77 -62.55
CA GLU SB 61 -89.78 68.34 -61.28
C GLU SB 61 -90.59 69.45 -60.64
N ASP SB 62 -90.04 70.66 -60.61
CA ASP SB 62 -90.75 71.78 -60.02
C ASP SB 62 -91.99 72.13 -60.82
N VAL SB 63 -91.88 72.18 -62.14
CA VAL SB 63 -93.01 72.63 -62.94
C VAL SB 63 -94.13 71.60 -62.94
N LEU SB 64 -93.82 70.31 -62.82
CA LEU SB 64 -94.85 69.29 -62.72
C LEU SB 64 -95.29 69.01 -61.29
N GLY SB 65 -94.60 69.55 -60.29
CA GLY SB 65 -94.95 69.27 -58.92
C GLY SB 65 -94.42 67.93 -58.47
N GLU SB 66 -94.87 67.53 -57.28
CA GLU SB 66 -94.41 66.28 -56.69
C GLU SB 66 -94.90 65.10 -57.53
N PRO SB 67 -94.06 64.11 -57.82
CA PRO SB 67 -94.50 62.96 -58.61
C PRO SB 67 -95.59 62.17 -57.89
N LEU SB 68 -96.48 61.59 -58.70
CA LEU SB 68 -97.59 60.80 -58.18
C LEU SB 68 -97.12 59.40 -57.79
N LYS SB 69 -97.94 58.73 -56.98
CA LYS SB 69 -97.60 57.38 -56.54
C LYS SB 69 -98.33 56.36 -57.38
N PRO SB 70 -97.63 55.33 -57.86
CA PRO SB 70 -98.31 54.32 -58.70
C PRO SB 70 -99.45 53.64 -57.98
N SER SB 71 -99.30 53.39 -56.68
CA SER SB 71 -100.40 52.81 -55.92
C SER SB 71 -101.57 53.77 -55.84
N SER SB 72 -101.30 55.08 -55.84
CA SER SB 72 -102.35 56.09 -55.85
C SER SB 72 -102.92 56.14 -57.25
N GLY SB 73 -104.07 55.48 -57.43
CA GLY SB 73 -104.68 55.44 -58.74
C GLY SB 73 -103.84 54.62 -59.72
N SER SB 74 -104.02 54.93 -61.00
CA SER SB 74 -103.26 54.28 -62.06
C SER SB 74 -102.81 55.31 -63.09
N GLN SB 75 -102.31 56.44 -62.61
CA GLN SB 75 -101.94 57.54 -63.48
C GLN SB 75 -100.45 57.80 -63.48
N PHE SB 76 -99.66 56.89 -62.91
CA PHE SB 76 -98.21 57.05 -62.81
C PHE SB 76 -97.49 56.81 -64.14
N GLU SB 77 -98.19 56.27 -65.13
CA GLU SB 77 -97.55 55.92 -66.39
C GLU SB 77 -96.99 57.14 -67.12
N PRO SB 78 -97.73 58.23 -67.32
CA PRO SB 78 -97.13 59.39 -67.98
C PRO SB 78 -95.97 59.99 -67.20
N ILE SB 79 -96.06 60.02 -65.87
CA ILE SB 79 -95.00 60.64 -65.10
C ILE SB 79 -93.74 59.79 -65.18
N ARG SB 80 -93.88 58.47 -65.13
CA ARG SB 80 -92.71 57.63 -65.31
C ARG SB 80 -92.14 57.78 -66.71
N HIS SB 81 -93.03 57.82 -67.72
CA HIS SB 81 -92.59 57.97 -69.11
C HIS SB 81 -91.74 59.22 -69.27
N VAL SB 82 -92.26 60.36 -68.83
CA VAL SB 82 -91.47 61.57 -68.92
C VAL SB 82 -90.24 61.49 -68.04
N TYR SB 83 -90.28 60.68 -66.99
CA TYR SB 83 -89.09 60.50 -66.16
C TYR SB 83 -87.96 59.89 -66.97
N GLU SB 84 -88.24 58.88 -67.78
CA GLU SB 84 -87.14 58.37 -68.60
C GLU SB 84 -86.93 59.21 -69.85
N ALA SB 85 -87.90 60.02 -70.24
CA ALA SB 85 -87.78 60.82 -71.45
C ALA SB 85 -87.10 62.16 -71.20
N ILE SB 86 -86.88 62.54 -69.94
CA ILE SB 86 -86.41 63.88 -69.66
C ILE SB 86 -84.90 63.99 -69.77
N GLN SB 87 -84.18 62.90 -69.56
CA GLN SB 87 -82.73 62.91 -69.60
C GLN SB 87 -82.17 63.07 -70.97
N GLN SB 88 -83.01 63.36 -71.95
CA GLN SB 88 -82.55 63.57 -73.32
C GLN SB 88 -82.74 65.00 -73.79
N THR SB 89 -83.96 65.51 -73.74
CA THR SB 89 -84.25 66.87 -74.21
C THR SB 89 -85.50 67.36 -73.51
N SER SB 90 -85.83 68.63 -73.76
CA SER SB 90 -87.04 69.21 -73.23
C SER SB 90 -88.25 68.71 -74.00
N GLY SB 91 -89.43 69.02 -73.48
CA GLY SB 91 -90.67 68.58 -74.09
C GLY SB 91 -91.67 69.71 -74.20
N TYR SB 92 -92.76 69.42 -74.90
CA TYR SB 92 -93.85 70.35 -75.13
C TYR SB 92 -95.17 69.72 -74.70
N VAL SB 93 -95.20 69.23 -73.49
CA VAL SB 93 -96.24 68.32 -73.04
C VAL SB 93 -97.52 69.09 -72.73
N VAL SB 94 -98.66 68.41 -72.81
CA VAL SB 94 -99.93 68.99 -72.43
C VAL SB 94 -100.55 68.16 -71.32
N ARG SB 95 -101.27 68.84 -70.43
CA ARG SB 95 -101.94 68.21 -69.31
C ARG SB 95 -103.42 68.58 -69.33
N ALA SB 96 -104.28 67.59 -69.07
CA ALA SB 96 -105.71 67.78 -69.04
C ALA SB 96 -106.28 67.15 -67.78
N VAL SB 97 -107.23 67.86 -67.15
CA VAL SB 97 -107.88 67.37 -65.94
C VAL SB 97 -109.39 67.47 -66.12
N PRO SB 98 -110.17 66.64 -65.45
CA PRO SB 98 -111.63 66.74 -65.57
C PRO SB 98 -112.13 68.02 -64.92
N ASP SB 99 -113.41 68.31 -65.18
CA ASP SB 99 -114.03 69.51 -64.65
C ASP SB 99 -114.04 69.50 -63.13
N ASP SB 100 -114.01 68.31 -62.52
CA ASP SB 100 -114.05 68.19 -61.07
C ASP SB 100 -112.90 68.93 -60.40
N ALA SB 101 -111.80 69.15 -61.10
CA ALA SB 101 -110.69 69.89 -60.54
C ALA SB 101 -111.13 71.30 -60.18
N LYS SB 102 -110.83 71.72 -58.96
CA LYS SB 102 -111.26 73.00 -58.41
C LYS SB 102 -110.03 73.82 -58.05
N PHE SB 103 -110.12 75.13 -58.23
CA PHE SB 103 -109.07 75.98 -57.71
C PHE SB 103 -109.65 77.05 -56.79
N PRO SB 104 -108.94 77.42 -55.73
CA PRO SB 104 -109.46 78.40 -54.79
C PRO SB 104 -109.25 79.82 -55.26
N ILE SB 105 -110.14 80.70 -54.80
CA ILE SB 105 -110.10 82.12 -55.10
C ILE SB 105 -110.41 82.87 -53.82
N ILE SB 106 -109.67 83.94 -53.56
CA ILE SB 106 -109.88 84.80 -52.42
C ILE SB 106 -110.22 86.19 -52.92
N MET SB 107 -111.37 86.69 -52.51
CA MET SB 107 -111.87 87.99 -52.93
C MET SB 107 -111.73 88.96 -51.78
N PHE SB 108 -111.14 90.12 -52.04
CA PHE SB 108 -111.11 91.20 -51.07
C PHE SB 108 -112.09 92.28 -51.51
N ASP SB 109 -112.98 92.67 -50.60
CA ASP SB 109 -113.97 93.67 -50.94
C ASP SB 109 -113.34 95.06 -50.83
N GLU SB 110 -114.16 96.11 -50.91
CA GLU SB 110 -113.63 97.47 -50.97
C GLU SB 110 -112.84 97.82 -49.72
N SER SB 111 -113.35 97.46 -48.55
CA SER SB 111 -112.61 97.72 -47.32
C SER SB 111 -111.54 96.68 -47.04
N GLY SB 112 -111.46 95.63 -47.86
CA GLY SB 112 -110.43 94.62 -47.73
C GLY SB 112 -110.85 93.36 -47.03
N GLU SB 113 -112.11 93.22 -46.65
CA GLU SB 113 -112.55 92.02 -45.99
C GLU SB 113 -112.49 90.83 -46.95
N PRO SB 114 -112.15 89.65 -46.47
CA PRO SB 114 -111.92 88.50 -47.34
C PRO SB 114 -113.15 87.62 -47.54
N ALA SB 115 -113.10 86.87 -48.64
CA ALA SB 115 -114.09 85.84 -48.95
C ALA SB 115 -113.41 84.74 -49.75
N TYR SB 116 -113.92 83.52 -49.63
CA TYR SB 116 -113.31 82.36 -50.26
C TYR SB 116 -114.27 81.73 -51.25
N SER SB 117 -113.71 81.10 -52.27
CA SER SB 117 -114.50 80.42 -53.28
C SER SB 117 -113.65 79.34 -53.94
N ALA SB 118 -114.32 78.43 -54.63
CA ALA SB 118 -113.66 77.42 -55.46
C ALA SB 118 -114.34 77.40 -56.81
N LEU SB 119 -113.55 77.35 -57.87
CA LEU SB 119 -114.13 77.39 -59.21
C LEU SB 119 -113.54 76.30 -60.09
N PRO SB 120 -114.30 75.85 -61.09
CA PRO SB 120 -113.71 74.96 -62.10
C PRO SB 120 -112.67 75.70 -62.91
N TYR SB 121 -111.64 74.96 -63.31
CA TYR SB 121 -110.56 75.56 -64.09
C TYR SB 121 -111.08 76.00 -65.44
N GLY SB 122 -110.65 77.19 -65.86
CA GLY SB 122 -111.12 77.77 -67.10
C GLY SB 122 -112.39 78.58 -66.96
N SER SB 123 -113.02 78.60 -65.79
CA SER SB 123 -114.22 79.38 -65.58
C SER SB 123 -113.88 80.85 -65.40
N GLU SB 124 -114.65 81.71 -66.07
CA GLU SB 124 -114.44 83.14 -65.96
C GLU SB 124 -114.85 83.63 -64.57
N ILE SB 125 -114.24 84.74 -64.15
CA ILE SB 125 -114.46 85.27 -62.81
C ILE SB 125 -115.75 86.08 -62.77
N GLU SB 126 -116.43 85.99 -61.63
CA GLU SB 126 -117.63 86.78 -61.37
C GLU SB 126 -117.28 87.90 -60.39
N LEU SB 127 -117.80 89.09 -60.65
CA LEU SB 127 -117.55 90.25 -59.81
C LEU SB 127 -118.85 91.02 -59.65
N ASP SB 128 -119.46 90.92 -58.47
CA ASP SB 128 -120.66 91.68 -58.17
C ASP SB 128 -120.26 93.02 -57.56
N SER SB 129 -121.24 93.72 -56.98
CA SER SB 129 -120.94 95.02 -56.36
C SER SB 129 -119.86 94.90 -55.29
N GLY SB 130 -119.82 93.79 -54.57
CA GLY SB 130 -118.78 93.54 -53.59
C GLY SB 130 -117.53 92.98 -54.23
N GLU SB 131 -116.73 92.30 -53.41
CA GLU SB 131 -115.51 91.60 -53.82
C GLU SB 131 -114.67 92.46 -54.77
N ALA SB 132 -114.14 93.57 -54.25
CA ALA SB 132 -113.50 94.59 -55.09
C ALA SB 132 -112.46 93.98 -56.02
N PHE SB 133 -111.69 93.01 -55.54
CA PHE SB 133 -110.73 92.34 -56.42
C PHE SB 133 -110.51 90.92 -55.94
N ALA SB 134 -110.44 90.00 -56.90
CA ALA SB 134 -110.26 88.58 -56.62
C ALA SB 134 -108.85 88.15 -56.97
N ILE SB 135 -108.38 87.11 -56.30
CA ILE SB 135 -107.06 86.55 -56.50
C ILE SB 135 -107.19 85.04 -56.59
N TYR SB 136 -106.62 84.46 -57.65
CA TYR SB 136 -106.81 83.05 -57.98
C TYR SB 136 -105.48 82.41 -58.33
N VAL SB 137 -105.32 81.15 -57.92
CA VAL SB 137 -104.14 80.39 -58.33
C VAL SB 137 -104.25 80.09 -59.82
N ASP SB 138 -103.11 80.11 -60.51
CA ASP SB 138 -103.07 79.86 -61.94
C ASP SB 138 -102.34 78.57 -62.31
N ASP SB 139 -101.73 77.89 -61.34
CA ASP SB 139 -100.94 76.69 -61.62
C ASP SB 139 -101.60 75.42 -61.09
N GLY SB 140 -102.73 75.51 -60.42
CA GLY SB 140 -103.42 74.33 -59.93
C GLY SB 140 -102.82 73.71 -58.69
N ASP SB 141 -102.01 74.45 -57.94
CA ASP SB 141 -101.46 73.92 -56.70
C ASP SB 141 -102.58 73.70 -55.68
N PRO SB 142 -102.64 72.54 -55.02
CA PRO SB 142 -103.64 72.35 -53.98
C PRO SB 142 -103.47 73.29 -52.80
N CYS SB 143 -102.28 73.87 -52.63
CA CYS SB 143 -101.96 74.78 -51.52
C CYS SB 143 -102.17 74.14 -50.16
N ILE SB 144 -102.17 72.81 -50.11
CA ILE SB 144 -102.33 72.08 -48.86
C ILE SB 144 -101.07 71.27 -48.62
N SER SB 145 -100.37 70.94 -49.71
CA SER SB 145 -99.14 70.18 -49.64
C SER SB 145 -98.33 70.43 -50.91
N PRO SB 146 -97.46 71.46 -50.91
CA PRO SB 146 -97.20 72.42 -49.84
C PRO SB 146 -98.27 73.50 -49.77
N THR SB 147 -98.22 74.34 -48.74
CA THR SB 147 -99.20 75.39 -48.56
C THR SB 147 -98.63 76.72 -49.02
N ARG SB 148 -99.42 77.47 -49.79
CA ARG SB 148 -99.05 78.80 -50.24
C ARG SB 148 -99.78 79.82 -49.39
N GLU SB 149 -99.04 80.74 -48.79
CA GLU SB 149 -99.61 81.75 -47.92
C GLU SB 149 -99.19 83.13 -48.38
N LEU SB 150 -100.06 84.10 -48.14
CA LEU SB 150 -99.84 85.46 -48.58
C LEU SB 150 -99.90 86.40 -47.37
N THR SB 151 -99.10 87.46 -47.43
CA THR SB 151 -99.09 88.47 -46.39
C THR SB 151 -99.23 89.84 -47.04
N ILE SB 152 -100.14 90.66 -46.50
CA ILE SB 152 -100.46 91.96 -47.06
C ILE SB 152 -100.13 93.04 -46.04
N GLU SB 153 -99.37 94.03 -46.47
CA GLU SB 153 -99.07 95.19 -45.65
C GLU SB 153 -98.99 96.42 -46.52
N THR SB 154 -99.26 97.57 -45.91
CA THR SB 154 -99.16 98.83 -46.61
C THR SB 154 -97.69 99.14 -46.91
N ALA SB 155 -97.48 100.13 -47.76
CA ALA SB 155 -96.14 100.52 -48.16
C ALA SB 155 -96.12 102.00 -48.49
N THR SB 156 -94.94 102.51 -48.77
CA THR SB 156 -94.80 103.92 -49.10
C THR SB 156 -95.49 104.24 -50.42
N ALA SB 157 -95.95 105.48 -50.54
CA ALA SB 157 -96.57 105.92 -51.77
C ALA SB 157 -95.49 106.25 -52.81
N ASP SB 158 -95.93 106.39 -54.06
CA ASP SB 158 -95.02 106.70 -55.15
C ASP SB 158 -94.77 108.21 -55.19
N SER SB 159 -94.10 108.67 -56.25
CA SER SB 159 -93.85 110.09 -56.42
C SER SB 159 -95.16 110.86 -56.53
N ALA SB 160 -96.13 110.30 -57.23
CA ALA SB 160 -97.46 110.89 -57.34
C ALA SB 160 -98.35 110.58 -56.16
N GLY SB 161 -97.80 110.05 -55.08
CA GLY SB 161 -98.62 109.70 -53.93
C GLY SB 161 -99.50 108.51 -54.14
N ASN SB 162 -99.16 107.64 -55.10
CA ASN SB 162 -99.99 106.49 -55.39
C ASN SB 162 -99.91 105.49 -54.25
N GLU SB 163 -101.07 105.05 -53.77
CA GLU SB 163 -101.10 104.08 -52.69
C GLU SB 163 -100.42 102.80 -53.14
N ARG SB 164 -99.54 102.28 -52.30
CA ARG SB 164 -98.82 101.05 -52.59
C ARG SB 164 -98.90 100.12 -51.39
N PHE SB 165 -99.09 98.83 -51.66
CA PHE SB 165 -99.13 97.82 -50.61
C PHE SB 165 -98.20 96.68 -51.01
N LEU SB 166 -97.50 96.14 -50.03
CA LEU SB 166 -96.56 95.05 -50.27
C LEU SB 166 -97.28 93.71 -50.09
N LEU SB 167 -97.04 92.80 -51.03
CA LEU SB 167 -97.56 91.44 -50.96
C LEU SB 167 -96.39 90.47 -50.89
N LYS SB 168 -96.49 89.51 -49.98
CA LYS SB 168 -95.45 88.50 -49.80
C LYS SB 168 -96.07 87.13 -50.00
N LEU SB 169 -95.49 86.35 -50.91
CA LEU SB 169 -95.90 84.98 -51.14
C LEU SB 169 -94.91 84.04 -50.46
N THR SB 170 -95.42 83.02 -49.79
CA THR SB 170 -94.56 82.04 -49.16
C THR SB 170 -95.13 80.65 -49.35
N GLN SB 171 -94.24 79.67 -49.23
CA GLN SB 171 -94.58 78.26 -49.27
C GLN SB 171 -94.19 77.62 -47.95
N THR SB 172 -95.08 76.80 -47.40
CA THR SB 172 -94.82 76.11 -46.15
C THR SB 172 -95.11 74.62 -46.34
N THR SB 173 -94.16 73.78 -45.97
CA THR SB 173 -94.30 72.35 -46.08
C THR SB 173 -95.02 71.80 -44.84
N SER SB 174 -95.13 70.47 -44.77
CA SER SB 174 -95.71 69.84 -43.58
C SER SB 174 -94.85 70.11 -42.35
N LEU SB 175 -93.53 70.07 -42.51
CA LEU SB 175 -92.63 70.34 -41.39
C LEU SB 175 -92.80 71.77 -40.89
N GLY SB 176 -92.98 72.72 -41.81
CA GLY SB 176 -93.16 74.11 -41.43
C GLY SB 176 -92.09 75.01 -42.01
N VAL SB 177 -91.45 74.55 -43.08
CA VAL SB 177 -90.39 75.32 -43.72
C VAL SB 177 -91.02 76.49 -44.46
N VAL SB 178 -90.91 77.68 -43.89
CA VAL SB 178 -91.50 78.89 -44.47
C VAL SB 178 -90.48 79.49 -45.42
N THR SB 179 -90.80 79.49 -46.71
CA THR SB 179 -89.90 79.99 -47.74
C THR SB 179 -90.60 81.10 -48.50
N THR SB 180 -90.01 82.29 -48.50
CA THR SB 180 -90.62 83.43 -49.19
C THR SB 180 -90.27 83.35 -50.67
N LEU SB 181 -91.28 83.08 -51.50
CA LEU SB 181 -91.07 83.04 -52.94
C LEU SB 181 -90.72 84.43 -53.47
N GLU SB 182 -91.52 85.43 -53.12
CA GLU SB 182 -91.29 86.78 -53.63
C GLU SB 182 -92.10 87.77 -52.80
N THR SB 183 -91.54 88.97 -52.62
CA THR SB 183 -92.24 90.09 -52.01
C THR SB 183 -92.19 91.25 -52.97
N HIS SB 184 -93.35 91.87 -53.21
CA HIS SB 184 -93.42 92.94 -54.20
C HIS SB 184 -94.47 93.96 -53.78
N THR SB 185 -94.12 95.24 -53.93
CA THR SB 185 -95.04 96.32 -53.64
C THR SB 185 -95.77 96.68 -54.93
N VAL SB 186 -97.09 96.72 -54.86
CA VAL SB 186 -97.92 96.99 -56.02
C VAL SB 186 -98.94 98.07 -55.68
N SER SB 187 -99.38 98.78 -56.72
CA SER SB 187 -100.25 99.93 -56.55
C SER SB 187 -101.47 99.80 -57.45
N LEU SB 188 -102.57 100.40 -57.01
CA LEU SB 188 -103.81 100.40 -57.77
C LEU SB 188 -103.81 101.44 -58.88
N ALA SB 189 -102.88 102.39 -58.85
CA ALA SB 189 -102.89 103.49 -59.80
C ALA SB 189 -102.52 103.01 -61.20
N GLU SB 190 -103.14 103.63 -62.19
CA GLU SB 190 -102.80 103.33 -63.58
C GLU SB 190 -101.36 103.75 -63.89
N GLU SB 191 -100.95 104.92 -63.42
CA GLU SB 191 -99.66 105.51 -63.79
C GLU SB 191 -98.52 105.12 -62.86
N ALA SB 192 -98.81 104.51 -61.71
CA ALA SB 192 -97.79 104.26 -60.70
C ALA SB 192 -96.67 103.39 -61.27
N LYS SB 193 -95.43 103.83 -61.03
CA LYS SB 193 -94.24 103.16 -61.52
C LYS SB 193 -93.36 102.76 -60.35
N ASP SB 194 -92.51 101.75 -60.59
CA ASP SB 194 -91.58 101.29 -59.58
C ASP SB 194 -90.23 102.01 -59.72
N ASP SB 195 -89.22 101.54 -59.00
CA ASP SB 195 -87.88 102.10 -59.17
C ASP SB 195 -87.31 101.78 -60.55
N MET SB 196 -87.65 100.62 -61.10
CA MET SB 196 -87.16 100.22 -62.41
C MET SB 196 -87.97 100.83 -63.54
N GLY SB 197 -89.00 101.63 -63.24
CA GLY SB 197 -89.89 102.17 -64.22
C GLY SB 197 -91.05 101.26 -64.57
N ARG SB 198 -91.07 100.04 -64.05
CA ARG SB 198 -92.18 99.13 -64.29
C ARG SB 198 -93.45 99.70 -63.66
N LEU SB 199 -94.55 99.58 -64.38
CA LEU SB 199 -95.82 100.06 -63.88
C LEU SB 199 -96.25 99.24 -62.67
N CYS SB 200 -96.62 99.92 -61.59
CA CYS SB 200 -97.06 99.23 -60.39
C CYS SB 200 -98.54 98.83 -60.46
N TYR SB 201 -99.22 99.16 -61.56
CA TYR SB 201 -100.63 98.84 -61.68
C TYR SB 201 -100.86 97.34 -61.61
N LEU SB 202 -101.88 96.93 -60.86
CA LEU SB 202 -101.96 95.57 -60.36
C LEU SB 202 -102.00 94.51 -61.46
N PRO SB 203 -102.88 94.59 -62.47
CA PRO SB 203 -102.87 93.56 -63.52
C PRO SB 203 -101.53 93.47 -64.23
N THR SB 204 -100.93 94.63 -64.52
CA THR SB 204 -99.62 94.64 -65.17
C THR SB 204 -98.58 93.94 -64.30
N ALA SB 205 -98.58 94.24 -63.00
CA ALA SB 205 -97.60 93.63 -62.12
C ALA SB 205 -97.80 92.12 -62.03
N LEU SB 206 -99.05 91.67 -61.90
CA LEU SB 206 -99.29 90.24 -61.74
C LEU SB 206 -98.95 89.49 -63.01
N GLU SB 207 -99.25 90.04 -64.17
CA GLU SB 207 -98.85 89.37 -65.39
C GLU SB 207 -97.34 89.45 -65.61
N ALA SB 208 -96.69 90.47 -65.09
CA ALA SB 208 -95.25 90.64 -65.31
C ALA SB 208 -94.44 89.69 -64.45
N ARG SB 209 -94.67 89.71 -63.14
CA ARG SB 209 -93.86 88.94 -62.20
C ARG SB 209 -94.57 87.72 -61.65
N SER SB 210 -95.85 87.84 -61.30
CA SER SB 210 -96.55 86.77 -60.62
C SER SB 210 -96.79 85.61 -61.59
N LYS SB 211 -96.21 84.45 -61.27
CA LYS SB 211 -96.37 83.27 -62.10
C LYS SB 211 -97.09 82.14 -61.39
N TYR SB 212 -97.16 82.16 -60.06
CA TYR SB 212 -97.85 81.14 -59.29
C TYR SB 212 -99.25 81.56 -58.88
N LEU SB 213 -99.69 82.73 -59.30
CA LEU SB 213 -100.93 83.32 -58.83
C LEU SB 213 -101.25 84.52 -59.69
N ARG SB 214 -102.54 84.73 -59.98
CA ARG SB 214 -102.97 85.88 -60.74
C ARG SB 214 -104.18 86.48 -60.05
N ALA SB 215 -104.69 87.58 -60.59
CA ALA SB 215 -105.77 88.29 -59.93
C ALA SB 215 -106.51 89.16 -60.94
N VAL SB 216 -107.71 89.57 -60.55
CA VAL SB 216 -108.52 90.50 -61.31
C VAL SB 216 -109.06 91.56 -60.36
N VAL SB 217 -109.34 92.74 -60.90
CA VAL SB 217 -109.75 93.90 -60.11
C VAL SB 217 -110.94 94.55 -60.81
N ASN SB 218 -111.88 95.04 -60.01
CA ASN SB 218 -113.04 95.76 -60.57
C ASN SB 218 -112.60 97.08 -61.19
N GLU SB 219 -112.98 97.27 -62.45
CA GLU SB 219 -112.61 98.47 -63.18
C GLU SB 219 -113.27 99.72 -62.61
N GLU SB 220 -114.37 99.56 -61.87
CA GLU SB 220 -115.06 100.69 -61.28
C GLU SB 220 -114.62 100.96 -59.84
N LEU SB 221 -114.12 99.95 -59.15
CA LEU SB 221 -113.63 100.11 -57.78
C LEU SB 221 -112.12 100.27 -57.71
N ILE SB 222 -111.42 100.24 -58.85
CA ILE SB 222 -109.98 100.37 -58.84
C ILE SB 222 -109.55 101.70 -58.22
N SER SB 223 -110.28 102.77 -58.53
CA SER SB 223 -109.91 104.08 -58.00
C SER SB 223 -110.29 104.24 -56.54
N THR SB 224 -111.49 103.79 -56.17
CA THR SB 224 -112.05 104.05 -54.85
C THR SB 224 -111.74 102.95 -53.85
N ALA SB 225 -110.99 101.93 -54.23
CA ALA SB 225 -110.74 100.82 -53.33
C ALA SB 225 -109.75 101.21 -52.23
N LYS SB 226 -109.84 100.50 -51.11
CA LYS SB 226 -108.97 100.71 -49.97
C LYS SB 226 -108.28 99.40 -49.60
N VAL SB 227 -107.07 99.51 -49.08
CA VAL SB 227 -106.26 98.36 -48.77
C VAL SB 227 -106.33 98.08 -47.28
N THR SB 228 -105.81 96.93 -46.86
CA THR SB 228 -105.76 96.54 -45.47
C THR SB 228 -104.45 95.80 -45.23
N ASN SB 229 -104.32 95.21 -44.05
CA ASN SB 229 -103.15 94.41 -43.70
C ASN SB 229 -103.59 92.98 -43.42
N LYS SB 230 -103.13 92.05 -44.24
CA LYS SB 230 -103.51 90.65 -44.13
C LYS SB 230 -102.26 89.79 -44.02
N LYS SB 231 -102.32 88.77 -43.19
CA LYS SB 231 -101.19 87.91 -42.91
C LYS SB 231 -101.59 86.45 -43.06
N SER SB 232 -100.70 85.66 -43.65
CA SER SB 232 -100.84 84.21 -43.74
C SER SB 232 -102.15 83.82 -44.45
N LEU SB 233 -102.23 84.18 -45.72
CA LEU SB 233 -103.44 83.93 -46.50
C LEU SB 233 -103.27 82.59 -47.23
N ALA SB 234 -103.66 81.52 -46.54
CA ALA SB 234 -103.54 80.18 -47.08
C ALA SB 234 -104.77 79.88 -47.94
N PHE SB 235 -104.54 79.58 -49.21
CA PHE SB 235 -105.62 79.19 -50.09
C PHE SB 235 -106.14 77.81 -49.72
N THR SB 236 -107.44 77.60 -49.95
CA THR SB 236 -108.07 76.32 -49.66
C THR SB 236 -109.13 76.06 -50.71
N GLY SB 237 -109.09 74.87 -51.31
CA GLY SB 237 -110.02 74.51 -52.35
C GLY SB 237 -109.34 73.96 -53.59
N GLY SB 238 -108.01 73.93 -53.55
CA GLY SB 238 -107.24 73.40 -54.65
C GLY SB 238 -107.28 71.90 -54.73
N THR SB 239 -108.01 71.38 -55.71
CA THR SB 239 -108.16 69.94 -55.91
C THR SB 239 -107.92 69.64 -57.39
N ASN SB 240 -107.22 68.55 -57.65
CA ASN SB 240 -106.97 68.12 -59.01
C ASN SB 240 -108.10 67.27 -59.59
N GLY SB 241 -109.12 66.96 -58.79
CA GLY SB 241 -110.18 66.10 -59.29
C GLY SB 241 -109.71 64.65 -59.41
N ASP SB 242 -110.48 63.88 -60.17
CA ASP SB 242 -110.18 62.47 -60.40
C ASP SB 242 -109.33 62.33 -61.64
N GLN SB 243 -108.04 62.13 -61.46
CA GLN SB 243 -107.13 61.93 -62.59
C GLN SB 243 -107.18 60.52 -63.15
N SER SB 244 -107.77 59.57 -62.42
CA SER SB 244 -107.82 58.19 -62.89
C SER SB 244 -108.62 58.08 -64.18
N LYS SB 245 -109.76 58.79 -64.26
CA LYS SB 245 -110.58 58.81 -65.45
C LYS SB 245 -110.57 60.20 -66.03
N ILE SB 246 -110.34 60.29 -67.34
CA ILE SB 246 -110.40 61.56 -68.07
C ILE SB 246 -111.24 61.34 -69.32
N SER SB 247 -112.12 62.29 -69.60
CA SER SB 247 -113.13 62.10 -70.64
C SER SB 247 -112.51 62.12 -72.04
N THR SB 248 -113.21 61.45 -72.96
CA THR SB 248 -112.84 61.53 -74.37
C THR SB 248 -112.95 62.96 -74.88
N ALA SB 249 -113.85 63.75 -74.30
CA ALA SB 249 -113.93 65.16 -74.67
C ALA SB 249 -112.65 65.90 -74.30
N ALA SB 250 -112.13 65.65 -73.09
CA ALA SB 250 -110.85 66.24 -72.71
C ALA SB 250 -109.73 65.73 -73.61
N TYR SB 251 -109.80 64.46 -74.00
CA TYR SB 251 -108.82 63.92 -74.93
C TYR SB 251 -108.84 64.64 -76.27
N LEU SB 252 -110.03 64.88 -76.81
CA LEU SB 252 -110.11 65.56 -78.10
C LEU SB 252 -109.70 67.02 -77.98
N ARG SB 253 -110.02 67.66 -76.86
CA ARG SB 253 -109.53 69.01 -76.65
C ARG SB 253 -108.00 69.04 -76.60
N ALA SB 254 -107.40 68.06 -75.91
CA ALA SB 254 -105.95 67.99 -75.85
C ALA SB 254 -105.34 67.76 -77.23
N VAL SB 255 -105.92 66.86 -78.01
CA VAL SB 255 -105.35 66.61 -79.33
C VAL SB 255 -105.54 67.82 -80.22
N LYS SB 256 -106.65 68.55 -80.07
CA LYS SB 256 -106.83 69.78 -80.82
C LYS SB 256 -105.77 70.81 -80.44
N VAL SB 257 -105.45 70.90 -79.15
CA VAL SB 257 -104.36 71.75 -78.71
C VAL SB 257 -103.06 71.33 -79.39
N LEU SB 258 -102.84 70.03 -79.49
CA LEU SB 258 -101.66 69.55 -80.21
C LEU SB 258 -101.69 69.99 -81.67
N ASN SB 259 -102.86 69.91 -82.29
CA ASN SB 259 -103.00 70.32 -83.68
C ASN SB 259 -102.62 71.78 -83.85
N ASN SB 260 -103.13 72.63 -82.97
CA ASN SB 260 -102.99 74.08 -83.13
C ASN SB 260 -101.74 74.63 -82.47
N ALA SB 261 -100.95 73.79 -81.82
CA ALA SB 261 -99.73 74.26 -81.18
C ALA SB 261 -98.69 74.62 -82.23
N PRO SB 262 -98.23 75.87 -82.29
CA PRO SB 262 -97.22 76.27 -83.29
C PRO SB 262 -95.80 76.15 -82.74
N TYR SB 263 -95.40 74.93 -82.41
CA TYR SB 263 -94.07 74.68 -81.89
C TYR SB 263 -93.50 73.42 -82.52
N MET SB 264 -92.18 73.40 -82.69
CA MET SB 264 -91.54 72.25 -83.29
C MET SB 264 -91.64 71.05 -82.36
N TYR SB 265 -91.73 69.87 -82.96
CA TYR SB 265 -91.65 68.63 -82.20
C TYR SB 265 -91.25 67.52 -83.14
N THR SB 266 -90.27 66.72 -82.71
CA THR SB 266 -89.70 65.67 -83.55
C THR SB 266 -90.38 64.32 -83.36
N ALA SB 267 -91.30 64.20 -82.41
CA ALA SB 267 -91.95 62.91 -82.21
C ALA SB 267 -93.26 63.12 -81.49
N VAL SB 268 -94.14 62.13 -81.61
CA VAL SB 268 -95.36 62.06 -80.81
C VAL SB 268 -95.34 60.76 -80.01
N LEU SB 269 -95.62 60.88 -78.73
CA LEU SB 269 -95.39 59.83 -77.75
C LEU SB 269 -96.70 59.36 -77.17
N GLY SB 270 -96.86 58.04 -77.06
CA GLY SB 270 -98.10 57.50 -76.51
C GLY SB 270 -98.34 57.95 -75.08
N LEU SB 271 -97.31 57.87 -74.24
CA LEU SB 271 -97.36 58.36 -72.86
C LEU SB 271 -98.48 57.69 -72.07
N GLY SB 272 -98.77 56.43 -72.39
CA GLY SB 272 -99.77 55.67 -71.69
C GLY SB 272 -101.19 55.86 -72.17
N CYS SB 273 -101.44 56.74 -73.13
CA CYS SB 273 -102.79 56.98 -73.60
C CYS SB 273 -103.31 55.77 -74.35
N TYR SB 274 -104.52 55.33 -74.00
CA TYR SB 274 -105.13 54.17 -74.62
C TYR SB 274 -106.51 54.47 -75.19
N ASP SB 275 -106.94 55.73 -75.20
CA ASP SB 275 -108.18 56.10 -75.85
C ASP SB 275 -108.05 55.88 -77.35
N ASN SB 276 -108.96 55.09 -77.92
CA ASN SB 276 -108.86 54.77 -79.34
C ASN SB 276 -109.00 56.02 -80.19
N ALA SB 277 -109.96 56.89 -79.86
CA ALA SB 277 -110.16 58.09 -80.65
C ALA SB 277 -108.97 59.03 -80.56
N ALA SB 278 -108.45 59.23 -79.35
CA ALA SB 278 -107.28 60.11 -79.19
C ALA SB 278 -106.07 59.55 -79.91
N ILE SB 279 -105.86 58.23 -79.81
CA ILE SB 279 -104.73 57.60 -80.49
C ILE SB 279 -104.87 57.75 -82.00
N THR SB 280 -106.09 57.55 -82.52
CA THR SB 280 -106.30 57.69 -83.95
C THR SB 280 -106.08 59.12 -84.41
N ALA SB 281 -106.52 60.09 -83.61
CA ALA SB 281 -106.25 61.48 -83.94
C ALA SB 281 -104.76 61.77 -83.96
N LEU SB 282 -104.03 61.22 -82.98
CA LEU SB 282 -102.58 61.39 -82.96
C LEU SB 282 -101.94 60.78 -84.19
N GLY SB 283 -102.40 59.59 -84.57
CA GLY SB 283 -101.85 58.95 -85.75
C GLY SB 283 -102.09 59.76 -87.02
N LYS SB 284 -103.33 60.25 -87.18
CA LYS SB 284 -103.63 60.99 -88.39
C LYS SB 284 -102.87 62.32 -88.43
N ILE SB 285 -102.73 62.99 -87.29
CA ILE SB 285 -102.01 64.26 -87.32
C ILE SB 285 -100.53 64.04 -87.55
N CYS SB 286 -99.95 62.99 -86.96
CA CYS SB 286 -98.53 62.75 -87.18
C CYS SB 286 -98.28 62.31 -88.62
N ALA SB 287 -99.21 61.55 -89.20
CA ALA SB 287 -99.10 61.20 -90.61
C ALA SB 287 -99.18 62.43 -91.49
N ASP SB 288 -100.09 63.35 -91.17
CA ASP SB 288 -100.23 64.56 -91.98
C ASP SB 288 -98.99 65.44 -91.87
N ARG SB 289 -98.50 65.67 -90.66
CA ARG SB 289 -97.33 66.49 -90.45
C ARG SB 289 -96.03 65.72 -90.59
N LEU SB 290 -96.10 64.49 -91.12
CA LEU SB 290 -94.92 63.69 -91.45
C LEU SB 290 -93.97 63.53 -90.27
N ILE SB 291 -94.53 63.33 -89.08
CA ILE SB 291 -93.73 63.06 -87.90
C ILE SB 291 -94.09 61.68 -87.38
N ASP SB 292 -93.15 61.10 -86.64
CA ASP SB 292 -93.27 59.72 -86.21
C ASP SB 292 -94.03 59.58 -84.89
N GLY SB 293 -94.62 58.41 -84.71
CA GLY SB 293 -95.46 58.15 -83.57
C GLY SB 293 -95.09 56.86 -82.85
N PHE SB 294 -95.20 56.88 -81.53
CA PHE SB 294 -94.72 55.76 -80.72
C PHE SB 294 -95.82 55.12 -79.89
N PHE SB 295 -96.95 54.80 -80.52
CA PHE SB 295 -98.11 54.33 -79.78
C PHE SB 295 -97.82 53.00 -79.09
N ASP SB 296 -98.52 52.76 -77.98
CA ASP SB 296 -98.33 51.59 -77.15
C ASP SB 296 -99.68 51.01 -76.75
N VAL SB 297 -99.70 49.73 -76.42
CA VAL SB 297 -100.92 49.04 -76.08
C VAL SB 297 -101.02 48.92 -74.56
N LYS SB 298 -102.18 48.49 -74.08
CA LYS SB 298 -102.37 48.36 -72.65
C LYS SB 298 -101.41 47.31 -72.09
N PRO SB 299 -100.76 47.61 -70.96
CA PRO SB 299 -99.83 46.62 -70.38
C PRO SB 299 -100.50 45.32 -69.99
N THR SB 300 -101.75 45.38 -69.54
CA THR SB 300 -102.40 44.22 -68.95
C THR SB 300 -102.79 43.18 -69.98
N LEU SB 301 -102.95 43.56 -71.25
CA LEU SB 301 -103.40 42.61 -72.26
C LEU SB 301 -102.31 41.59 -72.54
N THR SB 302 -102.72 40.34 -72.71
CA THR SB 302 -101.80 39.27 -73.06
C THR SB 302 -101.61 39.20 -74.57
N TYR SB 303 -100.67 38.36 -74.99
CA TYR SB 303 -100.39 38.21 -76.41
C TYR SB 303 -101.56 37.58 -77.15
N ALA SB 304 -102.45 36.87 -76.45
CA ALA SB 304 -103.62 36.31 -77.10
C ALA SB 304 -104.50 37.40 -77.70
N GLU SB 305 -104.71 38.48 -76.96
CA GLU SB 305 -105.50 39.61 -77.42
C GLU SB 305 -104.64 40.76 -77.92
N ALA SB 306 -103.33 40.55 -78.03
CA ALA SB 306 -102.47 41.58 -78.60
C ALA SB 306 -102.77 41.79 -80.08
N LEU SB 307 -103.07 40.72 -80.81
CA LEU SB 307 -103.32 40.84 -82.24
C LEU SB 307 -104.51 41.76 -82.54
N PRO SB 308 -105.68 41.61 -81.93
CA PRO SB 308 -106.78 42.53 -82.25
C PRO SB 308 -106.57 43.95 -81.79
N ALA SB 309 -105.55 44.20 -80.96
CA ALA SB 309 -105.29 45.57 -80.52
C ALA SB 309 -104.94 46.47 -81.70
N VAL SB 310 -104.24 45.93 -82.69
CA VAL SB 310 -103.90 46.71 -83.87
C VAL SB 310 -105.17 47.14 -84.61
N GLU SB 311 -106.09 46.20 -84.80
CA GLU SB 311 -107.36 46.52 -85.47
C GLU SB 311 -108.18 47.51 -84.66
N ASP SB 312 -108.18 47.33 -83.34
CA ASP SB 312 -108.92 48.25 -82.47
C ASP SB 312 -108.35 49.66 -82.57
N THR SB 313 -107.03 49.76 -82.69
CA THR SB 313 -106.39 51.06 -82.88
C THR SB 313 -106.83 51.71 -84.17
N GLY SB 314 -106.98 50.92 -85.23
CA GLY SB 314 -107.40 51.46 -86.50
C GLY SB 314 -106.32 52.14 -87.31
N LEU SB 315 -105.05 51.89 -86.99
CA LEU SB 315 -103.96 52.47 -87.73
C LEU SB 315 -103.58 51.66 -88.96
N LEU SB 316 -104.25 50.52 -89.19
CA LEU SB 316 -103.90 49.66 -90.31
C LEU SB 316 -104.11 50.39 -91.63
N GLY SB 317 -103.13 50.29 -92.50
CA GLY SB 317 -103.20 50.94 -93.80
C GLY SB 317 -101.82 51.16 -94.36
N THR SB 318 -101.80 51.68 -95.59
CA THR SB 318 -100.56 51.98 -96.28
C THR SB 318 -100.09 53.41 -96.07
N ASP SB 319 -100.85 54.21 -95.32
CA ASP SB 319 -100.49 55.59 -95.06
C ASP SB 319 -99.89 55.78 -93.68
N TYR SB 320 -100.29 54.98 -92.71
CA TYR SB 320 -99.82 55.12 -91.33
C TYR SB 320 -98.54 54.30 -91.12
N VAL SB 321 -97.57 54.58 -91.98
CA VAL SB 321 -96.27 53.92 -91.86
C VAL SB 321 -95.38 54.63 -90.85
N SER SB 322 -95.58 55.92 -90.64
CA SER SB 322 -94.80 56.71 -89.69
C SER SB 322 -95.12 56.39 -88.24
N CYS SB 323 -95.91 55.36 -87.96
CA CYS SB 323 -96.29 55.02 -86.60
C CYS SB 323 -95.75 53.66 -86.22
N SER SB 324 -95.52 53.49 -84.92
CA SER SB 324 -95.05 52.22 -84.36
C SER SB 324 -95.95 51.87 -83.18
N VAL SB 325 -96.13 50.57 -82.98
CA VAL SB 325 -96.97 50.04 -81.90
C VAL SB 325 -96.10 49.20 -80.98
N TYR SB 326 -96.24 49.43 -79.68
CA TYR SB 326 -95.39 48.80 -78.69
C TYR SB 326 -96.22 47.96 -77.74
N HIS SB 327 -95.62 46.87 -77.26
CA HIS SB 327 -96.20 46.02 -76.24
C HIS SB 327 -95.13 45.72 -75.20
N TYR SB 328 -95.56 45.59 -73.94
CA TYR SB 328 -94.63 45.43 -72.83
C TYR SB 328 -95.22 44.49 -71.78
N PRO SB 329 -95.05 43.18 -71.96
CA PRO SB 329 -95.56 42.20 -71.00
C PRO SB 329 -94.58 41.91 -69.86
N PHE SB 330 -94.18 42.95 -69.15
CA PHE SB 330 -93.14 42.81 -68.14
C PHE SB 330 -93.45 43.72 -66.96
N SER SB 331 -92.81 43.43 -65.83
CA SER SB 331 -92.93 44.22 -64.62
C SER SB 331 -91.55 44.47 -64.05
N CYS SB 332 -91.28 45.71 -63.66
CA CYS SB 332 -89.99 46.11 -63.12
C CYS SB 332 -90.18 46.65 -61.71
N LYS SB 333 -89.08 47.06 -61.10
CA LYS SB 333 -89.10 47.65 -59.77
C LYS SB 333 -89.15 49.17 -59.86
N ASP SB 334 -89.88 49.78 -58.93
CA ASP SB 334 -90.13 51.21 -58.98
C ASP SB 334 -88.88 52.01 -58.66
N LYS SB 335 -88.84 53.21 -59.23
CA LYS SB 335 -87.76 54.15 -58.93
C LYS SB 335 -87.90 54.74 -57.55
N TRP SB 336 -89.13 54.93 -57.07
CA TRP SB 336 -89.36 55.58 -55.79
C TRP SB 336 -89.96 54.64 -54.77
N THR SB 337 -91.09 54.02 -55.07
CA THR SB 337 -91.77 53.15 -54.12
C THR SB 337 -91.15 51.76 -54.04
N GLN SB 338 -90.25 51.42 -54.96
CA GLN SB 338 -89.65 50.09 -55.02
C GLN SB 338 -90.73 49.02 -55.11
N SER SB 339 -91.71 49.27 -55.97
CA SER SB 339 -92.88 48.43 -56.17
C SER SB 339 -92.74 47.66 -57.48
N ARG SB 340 -93.73 46.83 -57.77
CA ARG SB 340 -93.81 46.17 -59.07
C ARG SB 340 -94.64 47.05 -59.99
N VAL SB 341 -93.97 47.72 -60.92
CA VAL SB 341 -94.60 48.73 -61.76
C VAL SB 341 -94.38 48.36 -63.22
N VAL SB 342 -95.30 48.78 -64.06
CA VAL SB 342 -95.26 48.51 -65.49
C VAL SB 342 -95.50 49.82 -66.24
N PHE SB 343 -94.65 50.09 -67.23
CA PHE SB 343 -94.88 51.22 -68.11
C PHE SB 343 -94.24 50.93 -69.47
N GLY SB 344 -94.71 51.67 -70.47
CA GLY SB 344 -94.41 51.36 -71.85
C GLY SB 344 -93.01 51.71 -72.27
N LEU SB 345 -92.78 51.63 -73.58
CA LEU SB 345 -91.47 51.78 -74.17
C LEU SB 345 -91.34 53.05 -75.00
N SER SB 346 -92.31 53.97 -74.87
CA SER SB 346 -92.25 55.19 -75.67
C SER SB 346 -91.03 56.02 -75.31
N GLY SB 347 -90.72 56.12 -74.02
CA GLY SB 347 -89.57 56.91 -73.61
C GLY SB 347 -88.26 56.37 -74.17
N VAL SB 348 -88.08 55.04 -74.08
CA VAL SB 348 -86.85 54.48 -74.62
C VAL SB 348 -86.83 54.58 -76.14
N ALA SB 349 -87.99 54.49 -76.79
CA ALA SB 349 -88.02 54.67 -78.24
C ALA SB 349 -87.54 56.07 -78.61
N TYR SB 350 -88.04 57.09 -77.91
CA TYR SB 350 -87.61 58.45 -78.18
C TYR SB 350 -86.14 58.63 -77.86
N ALA SB 351 -85.67 58.03 -76.76
CA ALA SB 351 -84.26 58.13 -76.41
C ALA SB 351 -83.38 57.47 -77.46
N ALA SB 352 -83.83 56.34 -78.00
CA ALA SB 352 -83.08 55.67 -79.04
C ALA SB 352 -83.03 56.53 -80.30
N LYS SB 353 -84.15 57.16 -80.65
CA LYS SB 353 -84.13 58.07 -81.78
C LYS SB 353 -83.16 59.22 -81.54
N ALA SB 354 -83.17 59.76 -80.33
CA ALA SB 354 -82.32 60.90 -80.01
C ALA SB 354 -80.85 60.53 -80.09
N ARG SB 355 -80.47 59.40 -79.50
CA ARG SB 355 -79.07 58.99 -79.56
C ARG SB 355 -78.66 58.68 -80.98
N GLY SB 356 -79.55 58.06 -81.77
CA GLY SB 356 -79.22 57.79 -83.16
C GLY SB 356 -78.99 59.08 -83.95
N VAL SB 357 -79.88 60.06 -83.77
CA VAL SB 357 -79.72 61.29 -84.53
C VAL SB 357 -78.54 62.11 -84.02
N LYS SB 358 -78.18 61.97 -82.75
CA LYS SB 358 -77.02 62.68 -82.25
C LYS SB 358 -75.73 61.96 -82.55
N LYS SB 359 -75.80 60.70 -82.99
CA LYS SB 359 -74.59 60.04 -83.47
C LYS SB 359 -73.96 60.79 -84.63
N ASN SB 360 -74.77 61.24 -85.58
CA ASN SB 360 -74.27 62.08 -86.65
C ASN SB 360 -74.54 63.55 -86.36
N SER SB 361 -73.83 64.41 -87.07
CA SER SB 361 -73.88 65.85 -86.87
C SER SB 361 -74.51 66.59 -88.03
N ASP SB 362 -74.19 66.20 -89.26
CA ASP SB 362 -74.66 66.94 -90.43
C ASP SB 362 -76.17 66.86 -90.58
N VAL SB 363 -76.74 65.66 -90.55
CA VAL SB 363 -78.18 65.49 -90.71
C VAL SB 363 -78.70 64.57 -89.64
N GLY SB 364 -77.80 63.88 -88.94
CA GLY SB 364 -78.23 62.95 -87.92
C GLY SB 364 -78.32 61.52 -88.43
N GLY SB 365 -78.12 60.58 -87.52
CA GLY SB 365 -78.07 59.18 -87.90
C GLY SB 365 -79.43 58.57 -88.16
N TRP SB 366 -80.15 59.13 -89.13
CA TRP SB 366 -81.48 58.62 -89.43
C TRP SB 366 -81.42 57.21 -90.00
N HIS SB 367 -80.36 56.89 -90.73
CA HIS SB 367 -80.22 55.56 -91.29
C HIS SB 367 -80.05 54.49 -90.22
N TYR SB 368 -79.61 54.88 -89.03
CA TYR SB 368 -79.50 53.91 -87.95
C TYR SB 368 -80.88 53.43 -87.51
N SER SB 369 -80.88 52.31 -86.82
CA SER SB 369 -82.12 51.76 -86.30
C SER SB 369 -82.06 51.68 -84.78
N PRO SB 370 -83.15 52.01 -84.10
CA PRO SB 370 -83.20 51.96 -82.63
C PRO SB 370 -83.28 50.53 -82.08
N ALA SB 371 -82.12 49.91 -81.95
CA ALA SB 371 -82.04 48.55 -81.42
C ALA SB 371 -80.63 48.32 -80.92
N GLY SB 372 -80.36 47.09 -80.52
CA GLY SB 372 -79.02 46.68 -80.13
C GLY SB 372 -78.73 46.93 -78.66
N GLU SB 373 -77.97 46.01 -78.07
CA GLU SB 373 -77.56 46.14 -76.68
C GLU SB 373 -76.51 47.22 -76.49
N GLU SB 374 -75.80 47.59 -77.56
CA GLU SB 374 -74.76 48.59 -77.42
C GLU SB 374 -75.35 49.96 -77.16
N ARG SB 375 -76.59 50.20 -77.59
CA ARG SB 375 -77.17 51.53 -77.46
C ARG SB 375 -78.62 51.55 -77.00
N ALA SB 376 -79.37 50.46 -77.11
CA ALA SB 376 -80.78 50.43 -76.74
C ALA SB 376 -80.99 49.45 -75.60
N VAL SB 377 -80.78 49.92 -74.38
CA VAL SB 377 -80.93 49.11 -73.18
C VAL SB 377 -81.64 49.93 -72.12
N ILE SB 378 -82.61 49.31 -71.44
CA ILE SB 378 -83.25 49.97 -70.30
C ILE SB 378 -82.72 49.40 -69.00
N ALA SB 379 -82.83 48.08 -68.82
CA ALA SB 379 -82.47 47.40 -67.58
C ALA SB 379 -82.93 48.20 -66.36
N ARG SB 380 -84.25 48.43 -66.31
CA ARG SB 380 -84.80 49.35 -65.33
C ARG SB 380 -84.52 48.88 -63.91
N ALA SB 381 -85.19 47.81 -63.48
CA ALA SB 381 -84.92 47.15 -62.20
C ALA SB 381 -85.75 45.88 -62.07
N SER SB 382 -85.12 44.79 -61.66
CA SER SB 382 -85.80 43.53 -61.34
C SER SB 382 -86.86 43.20 -62.38
N ILE SB 383 -86.40 43.05 -63.63
CA ILE SB 383 -87.31 42.75 -64.72
C ILE SB 383 -87.98 41.40 -64.49
N GLN SB 384 -89.24 41.30 -64.90
CA GLN SB 384 -90.00 40.07 -64.73
C GLN SB 384 -91.20 40.12 -65.65
N PRO SB 385 -91.50 39.04 -66.36
CA PRO SB 385 -92.68 39.04 -67.24
C PRO SB 385 -93.94 39.25 -66.43
N LEU SB 386 -94.87 40.02 -67.01
CA LEU SB 386 -96.15 40.22 -66.35
C LEU SB 386 -96.94 38.93 -66.26
N TYR SB 387 -96.95 38.14 -67.34
CA TYR SB 387 -97.69 36.89 -67.41
C TYR SB 387 -96.76 35.82 -67.92
N PRO SB 388 -95.99 35.19 -67.04
CA PRO SB 388 -95.14 34.08 -67.48
C PRO SB 388 -95.93 32.95 -68.11
N GLU SB 389 -97.19 32.79 -67.71
CA GLU SB 389 -98.08 31.83 -68.33
C GLU SB 389 -98.41 32.16 -69.78
N ASP SB 390 -98.25 33.41 -70.19
CA ASP SB 390 -98.55 33.85 -71.54
C ASP SB 390 -97.31 33.82 -72.40
N THR SB 391 -97.49 33.50 -73.68
CA THR SB 391 -96.41 33.42 -74.64
C THR SB 391 -96.74 34.22 -75.89
N PRO SB 392 -95.74 34.79 -76.54
CA PRO SB 392 -95.95 35.47 -77.82
C PRO SB 392 -95.88 34.47 -78.97
N ASP SB 393 -95.95 35.00 -80.19
CA ASP SB 393 -95.91 34.18 -81.39
C ASP SB 393 -95.27 34.96 -82.53
N GLU SB 394 -94.23 34.37 -83.12
CA GLU SB 394 -93.44 35.09 -84.11
C GLU SB 394 -94.25 35.43 -85.35
N GLU SB 395 -94.94 34.45 -85.92
CA GLU SB 395 -95.71 34.74 -87.13
C GLU SB 395 -96.85 35.70 -86.83
N ALA SB 396 -97.47 35.56 -85.66
CA ALA SB 396 -98.54 36.47 -85.29
C ALA SB 396 -98.03 37.90 -85.19
N MET SB 397 -96.89 38.09 -84.53
CA MET SB 397 -96.36 39.44 -84.37
C MET SB 397 -95.89 40.01 -85.68
N VAL SB 398 -95.27 39.19 -86.54
CA VAL SB 398 -94.80 39.71 -87.82
C VAL SB 398 -95.99 40.07 -88.71
N LYS SB 399 -97.08 39.31 -88.62
CA LYS SB 399 -98.27 39.65 -89.38
C LYS SB 399 -98.92 40.94 -88.84
N GLY SB 400 -99.03 41.05 -87.52
CA GLY SB 400 -99.67 42.19 -86.92
C GLY SB 400 -98.80 43.43 -86.79
N ARG SB 401 -97.54 43.35 -87.23
CA ARG SB 401 -96.61 44.48 -87.18
C ARG SB 401 -96.42 44.99 -85.75
N LEU SB 402 -96.50 44.09 -84.78
CA LEU SB 402 -96.29 44.45 -83.39
C LEU SB 402 -94.80 44.46 -83.08
N ASN SB 403 -94.38 45.46 -82.32
CA ASN SB 403 -92.98 45.57 -81.90
C ASN SB 403 -92.83 44.88 -80.56
N LYS SB 404 -92.04 43.82 -80.53
CA LYS SB 404 -91.79 43.06 -79.32
C LYS SB 404 -90.39 43.39 -78.80
N VAL SB 405 -90.21 43.24 -77.50
CA VAL SB 405 -88.98 43.63 -76.82
C VAL SB 405 -88.46 42.42 -76.07
N SER SB 406 -87.18 42.09 -76.25
CA SER SB 406 -86.61 40.84 -75.77
C SER SB 406 -85.53 41.10 -74.72
N VAL SB 407 -84.96 40.00 -74.22
CA VAL SB 407 -83.99 40.06 -73.15
C VAL SB 407 -82.65 39.57 -73.67
N GLY SB 408 -81.58 39.95 -72.95
CA GLY SB 408 -80.25 39.56 -73.31
C GLY SB 408 -79.59 38.71 -72.23
N THR SB 409 -78.41 38.17 -72.57
CA THR SB 409 -77.67 37.35 -71.63
C THR SB 409 -77.12 38.15 -70.47
N SER SB 410 -76.75 39.41 -70.71
CA SER SB 410 -76.16 40.26 -69.68
C SER SB 410 -77.20 40.83 -68.71
N GLY SB 411 -78.40 40.27 -68.68
CA GLY SB 411 -79.42 40.79 -67.81
C GLY SB 411 -79.97 42.14 -68.24
N GLN SB 412 -79.71 42.53 -69.49
CA GLN SB 412 -80.19 43.79 -70.03
C GLN SB 412 -81.41 43.51 -70.91
N MET SB 413 -82.19 44.55 -71.17
CA MET SB 413 -83.56 44.37 -71.62
C MET SB 413 -83.71 45.29 -72.83
N ILE SB 414 -83.78 44.70 -74.04
CA ILE SB 414 -83.49 45.42 -75.28
C ILE SB 414 -84.67 45.33 -76.25
N ILE SB 415 -84.90 46.43 -76.97
CA ILE SB 415 -85.94 46.47 -77.99
C ILE SB 415 -85.32 46.03 -79.32
N ASP SB 416 -85.60 44.79 -79.69
CA ASP SB 416 -85.06 44.18 -80.91
C ASP SB 416 -86.06 44.20 -82.06
N ASP SB 417 -86.65 45.36 -82.37
CA ASP SB 417 -87.50 45.52 -83.54
C ASP SB 417 -87.23 46.86 -84.19
N ALA SB 418 -87.24 46.88 -85.52
CA ALA SB 418 -87.02 48.11 -86.28
C ALA SB 418 -87.94 48.15 -87.49
N LEU SB 419 -89.17 47.68 -87.32
CA LEU SB 419 -90.14 47.64 -88.39
C LEU SB 419 -91.37 48.45 -87.99
N THR SB 420 -91.93 49.18 -88.96
CA THR SB 420 -93.10 50.02 -88.69
C THR SB 420 -94.36 49.16 -88.73
N CYS SB 421 -95.52 49.81 -88.64
CA CYS SB 421 -96.80 49.12 -88.59
C CYS SB 421 -97.52 49.22 -89.93
N CYS SB 422 -96.77 49.17 -91.02
CA CYS SB 422 -97.36 49.15 -92.35
C CYS SB 422 -97.76 47.72 -92.71
N THR SB 423 -98.98 47.56 -93.20
CA THR SB 423 -99.48 46.23 -93.54
C THR SB 423 -98.64 45.59 -94.64
N GLN SB 424 -98.28 46.35 -95.66
CA GLN SB 424 -97.52 45.81 -96.77
C GLN SB 424 -96.06 45.59 -96.38
N ASP SB 425 -95.49 44.52 -96.91
CA ASP SB 425 -94.10 44.16 -96.68
C ASP SB 425 -93.13 44.95 -97.53
N ASN SB 426 -93.60 46.04 -98.13
CA ASN SB 426 -92.76 46.88 -98.97
C ASN SB 426 -91.64 47.51 -98.14
N TYR SB 427 -90.52 47.79 -98.82
CA TYR SB 427 -89.34 48.29 -98.13
C TYR SB 427 -89.62 49.56 -97.34
N LEU SB 428 -90.62 50.34 -97.74
CA LEU SB 428 -90.95 51.54 -97.00
C LEU SB 428 -91.46 51.24 -95.60
N HIS SB 429 -91.89 50.01 -95.33
CA HIS SB 429 -92.36 49.64 -94.01
C HIS SB 429 -91.21 49.44 -93.02
N PHE SB 430 -90.00 49.83 -93.39
CA PHE SB 430 -88.87 49.80 -92.48
C PHE SB 430 -88.91 51.01 -91.56
N GLN SB 431 -87.95 51.11 -90.65
CA GLN SB 431 -87.93 52.22 -89.72
C GLN SB 431 -87.23 53.46 -90.28
N HIS SB 432 -86.15 53.25 -91.03
CA HIS SB 432 -85.38 54.38 -91.53
C HIS SB 432 -86.07 55.08 -92.69
N VAL SB 433 -86.89 54.35 -93.43
CA VAL SB 433 -87.52 54.92 -94.62
C VAL SB 433 -88.38 56.13 -94.27
N PRO SB 434 -89.33 56.03 -93.33
CA PRO SB 434 -90.08 57.24 -92.96
C PRO SB 434 -89.17 58.34 -92.45
N SER SB 435 -88.09 57.98 -91.76
CA SER SB 435 -87.14 58.99 -91.30
C SER SB 435 -86.54 59.74 -92.47
N LEU SB 436 -86.19 59.01 -93.54
CA LEU SB 436 -85.56 59.70 -94.66
C LEU SB 436 -86.57 60.55 -95.42
N MET SB 437 -87.82 60.09 -95.54
CA MET SB 437 -88.81 61.00 -96.12
C MET SB 437 -88.98 62.25 -95.27
N ASN SB 438 -89.02 62.09 -93.95
CA ASN SB 438 -89.11 63.26 -93.08
C ASN SB 438 -87.95 64.23 -93.32
N ALA SB 439 -86.73 63.69 -93.37
CA ALA SB 439 -85.55 64.54 -93.54
C ALA SB 439 -85.61 65.29 -94.88
N ILE SB 440 -85.81 64.53 -95.97
CA ILE SB 440 -85.84 65.15 -97.28
C ILE SB 440 -86.97 66.15 -97.37
N SER SB 441 -88.09 65.87 -96.71
CA SER SB 441 -89.21 66.80 -96.72
C SER SB 441 -88.86 68.10 -96.02
N ARG SB 442 -88.20 68.01 -94.87
CA ARG SB 442 -87.81 69.24 -94.17
C ARG SB 442 -86.83 70.06 -95.01
N PHE SB 443 -85.85 69.39 -95.62
CA PHE SB 443 -84.91 70.12 -96.46
C PHE SB 443 -85.61 70.72 -97.67
N PHE SB 444 -86.53 69.97 -98.28
CA PHE SB 444 -87.26 70.49 -99.43
C PHE SB 444 -88.09 71.71 -99.04
N VAL SB 445 -88.76 71.67 -97.90
CA VAL SB 445 -89.62 72.79 -97.53
C VAL SB 445 -88.77 74.00 -97.16
N GLN SB 446 -87.66 73.78 -96.46
CA GLN SB 446 -86.82 74.94 -96.12
C GLN SB 446 -86.22 75.57 -97.37
N LEU SB 447 -85.78 74.76 -98.34
CA LEU SB 447 -85.25 75.35 -99.55
C LEU SB 447 -86.36 76.03 -100.35
N ALA SB 448 -87.55 75.44 -100.36
CA ALA SB 448 -88.67 76.05 -101.06
C ALA SB 448 -89.03 77.40 -100.45
N ARG SB 449 -88.96 77.50 -99.12
CA ARG SB 449 -89.29 78.76 -98.48
C ARG SB 449 -88.20 79.79 -98.73
N GLN SB 450 -86.93 79.40 -98.60
CA GLN SB 450 -85.87 80.36 -98.85
C GLN SB 450 -85.79 80.79 -100.31
N MET SB 451 -86.31 79.99 -101.23
CA MET SB 451 -86.29 80.35 -102.63
C MET SB 451 -87.62 80.94 -103.09
N LYS SB 452 -88.64 80.86 -102.24
CA LYS SB 452 -89.99 81.28 -102.60
C LYS SB 452 -89.99 82.75 -103.02
N HIS SB 453 -90.84 83.06 -104.01
CA HIS SB 453 -91.01 84.41 -104.52
C HIS SB 453 -89.69 84.97 -105.04
N SER SB 454 -89.21 84.31 -106.09
CA SER SB 454 -88.05 84.79 -106.82
C SER SB 454 -88.36 84.89 -108.30
N PRO SB 455 -87.88 85.93 -108.97
CA PRO SB 455 -88.04 86.03 -110.42
C PRO SB 455 -87.79 84.71 -111.13
N ASP SB 456 -88.59 84.46 -112.16
CA ASP SB 456 -88.45 83.22 -112.92
C ASP SB 456 -87.13 83.22 -113.69
N GLY SB 457 -86.49 82.05 -113.75
CA GLY SB 457 -85.25 81.90 -114.47
C GLY SB 457 -84.11 81.44 -113.58
N ILE SB 458 -84.05 82.00 -112.37
CA ILE SB 458 -83.09 81.57 -111.37
C ILE SB 458 -83.65 80.47 -110.48
N THR SB 459 -84.97 80.26 -110.51
CA THR SB 459 -85.58 79.26 -109.65
C THR SB 459 -85.01 77.89 -109.94
N ALA SB 460 -84.95 77.52 -111.22
CA ALA SB 460 -84.46 76.21 -111.60
C ALA SB 460 -83.01 76.03 -111.17
N ALA SB 461 -82.18 77.04 -111.43
CA ALA SB 461 -80.77 76.93 -111.07
C ALA SB 461 -80.61 76.76 -109.56
N GLY SB 462 -81.30 77.58 -108.78
CA GLY SB 462 -81.17 77.49 -107.33
C GLY SB 462 -81.65 76.16 -106.79
N LEU SB 463 -82.79 75.69 -107.28
CA LEU SB 463 -83.29 74.40 -106.82
C LEU SB 463 -82.34 73.28 -107.20
N THR SB 464 -81.77 73.32 -108.41
CA THR SB 464 -80.82 72.30 -108.80
C THR SB 464 -79.59 72.32 -107.91
N LYS SB 465 -79.07 73.51 -107.60
CA LYS SB 465 -77.90 73.58 -106.73
C LYS SB 465 -78.21 73.03 -105.34
N GLY SB 466 -79.36 73.39 -104.78
CA GLY SB 466 -79.77 72.82 -103.51
C GLY SB 466 -79.87 71.32 -103.57
N MET SB 467 -80.40 70.80 -104.67
CA MET SB 467 -80.43 69.36 -104.87
C MET SB 467 -79.03 68.78 -104.82
N THR SB 468 -78.08 69.45 -105.47
CA THR SB 468 -76.71 68.96 -105.50
C THR SB 468 -76.16 68.84 -104.09
N LYS SB 469 -76.26 69.91 -103.29
CA LYS SB 469 -75.71 69.83 -101.94
C LYS SB 469 -76.43 68.80 -101.09
N LEU SB 470 -77.75 68.71 -101.19
CA LEU SB 470 -78.45 67.75 -100.34
C LEU SB 470 -78.08 66.31 -100.71
N LEU SB 471 -78.00 66.01 -102.00
CA LEU SB 471 -77.61 64.66 -102.37
C LEU SB 471 -76.17 64.39 -101.96
N ASP SB 472 -75.32 65.42 -102.04
CA ASP SB 472 -73.94 65.27 -101.60
C ASP SB 472 -73.87 64.92 -100.12
N ARG SB 473 -74.63 65.64 -99.30
CA ARG SB 473 -74.56 65.34 -97.87
C ARG SB 473 -75.21 64.00 -97.55
N PHE SB 474 -76.23 63.60 -98.29
CA PHE SB 474 -76.80 62.28 -98.06
C PHE SB 474 -75.81 61.18 -98.42
N VAL SB 475 -75.16 61.29 -99.58
CA VAL SB 475 -74.23 60.24 -99.96
C VAL SB 475 -73.01 60.23 -99.04
N ALA SB 476 -72.58 61.41 -98.57
CA ALA SB 476 -71.50 61.43 -97.58
C ALA SB 476 -71.94 60.76 -96.29
N SER SB 477 -73.19 60.97 -95.89
CA SER SB 477 -73.74 60.22 -94.77
C SER SB 477 -73.78 58.73 -95.06
N GLY SB 478 -73.84 58.36 -96.33
CA GLY SB 478 -73.87 56.98 -96.73
C GLY SB 478 -75.25 56.36 -96.76
N ALA SB 479 -76.27 57.10 -96.33
CA ALA SB 479 -77.63 56.56 -96.38
C ALA SB 479 -78.08 56.31 -97.80
N LEU SB 480 -77.55 57.07 -98.75
CA LEU SB 480 -77.85 56.87 -100.17
C LEU SB 480 -76.74 56.03 -100.79
N VAL SB 481 -77.12 54.93 -101.43
CA VAL SB 481 -76.18 54.08 -102.13
C VAL SB 481 -76.75 53.75 -103.50
N ALA SB 482 -75.85 53.40 -104.42
CA ALA SB 482 -76.28 53.03 -105.75
C ALA SB 482 -77.08 51.72 -105.71
N PRO SB 483 -78.05 51.56 -106.60
CA PRO SB 483 -78.86 50.35 -106.60
C PRO SB 483 -78.01 49.12 -106.93
N ARG SB 484 -78.43 47.98 -106.41
CA ARG SB 484 -77.70 46.73 -106.57
C ARG SB 484 -78.02 46.02 -107.86
N ASP SB 485 -78.91 46.58 -108.69
CA ASP SB 485 -79.28 46.02 -109.98
C ASP SB 485 -78.79 46.93 -111.10
N PRO SB 486 -77.56 46.76 -111.58
CA PRO SB 486 -77.08 47.57 -112.70
C PRO SB 486 -77.90 47.37 -113.97
N ASP SB 487 -78.41 46.17 -114.19
CA ASP SB 487 -79.15 45.88 -115.41
C ASP SB 487 -80.43 46.70 -115.49
N ALA SB 488 -81.20 46.74 -114.41
CA ALA SB 488 -82.49 47.43 -114.41
C ALA SB 488 -82.34 48.87 -113.92
N ASP SB 489 -81.82 49.05 -112.71
CA ASP SB 489 -81.74 50.36 -112.09
C ASP SB 489 -80.37 51.03 -112.29
N GLY SB 490 -79.45 50.38 -112.98
CA GLY SB 490 -78.15 50.99 -113.20
C GLY SB 490 -77.31 50.99 -111.93
N THR SB 491 -76.27 51.80 -111.94
CA THR SB 491 -75.33 51.90 -110.82
C THR SB 491 -75.25 53.31 -110.27
N GLU SB 492 -76.29 54.10 -110.46
CA GLU SB 492 -76.31 55.47 -109.98
C GLU SB 492 -77.43 55.64 -108.98
N PRO SB 493 -77.16 56.19 -107.79
CA PRO SB 493 -78.17 56.19 -106.72
C PRO SB 493 -79.29 57.22 -106.85
N TYR SB 494 -79.00 58.44 -107.30
CA TYR SB 494 -79.95 59.54 -107.20
C TYR SB 494 -80.23 60.14 -108.57
N VAL SB 495 -81.52 60.29 -108.89
CA VAL SB 495 -81.93 60.89 -110.15
C VAL SB 495 -82.93 62.00 -109.87
N LEU SB 496 -82.78 63.11 -110.59
CA LEU SB 496 -83.50 64.35 -110.35
C LEU SB 496 -84.04 64.91 -111.66
N LYS SB 497 -85.30 65.33 -111.65
CA LYS SB 497 -85.85 66.14 -112.73
C LYS SB 497 -86.62 67.31 -112.16
N VAL SB 498 -86.68 68.39 -112.94
CA VAL SB 498 -87.51 69.56 -112.64
C VAL SB 498 -88.27 69.94 -113.90
N THR SB 499 -89.54 70.28 -113.73
CA THR SB 499 -90.45 70.62 -114.82
C THR SB 499 -91.19 71.90 -114.48
N GLN SB 500 -91.76 72.51 -115.50
CA GLN SB 500 -92.58 73.71 -115.34
C GLN SB 500 -93.93 73.47 -116.00
N ALA SB 501 -95.01 73.47 -115.21
CA ALA SB 501 -96.32 73.13 -115.74
C ALA SB 501 -96.95 74.30 -116.47
N GLU SB 502 -96.99 75.47 -115.84
CA GLU SB 502 -97.61 76.66 -116.42
C GLU SB 502 -96.69 77.83 -116.11
N PHE SB 503 -97.21 79.05 -116.23
CA PHE SB 503 -96.45 80.22 -115.80
C PHE SB 503 -96.01 80.11 -114.34
N ASP SB 504 -96.68 79.26 -113.56
CA ASP SB 504 -96.23 78.87 -112.22
C ASP SB 504 -96.17 77.35 -112.13
N LYS SB 505 -96.05 76.84 -110.91
CA LYS SB 505 -96.02 75.40 -110.65
C LYS SB 505 -94.83 74.73 -111.34
N TRP SB 506 -93.65 75.08 -110.84
CA TRP SB 506 -92.50 74.20 -111.00
C TRP SB 506 -92.75 72.93 -110.20
N GLU SB 507 -92.32 71.80 -110.75
CA GLU SB 507 -92.42 70.51 -110.08
C GLU SB 507 -91.05 69.86 -110.04
N VAL SB 508 -90.72 69.21 -108.93
CA VAL SB 508 -89.45 68.53 -108.76
C VAL SB 508 -89.72 67.07 -108.42
N VAL SB 509 -88.98 66.17 -109.06
CA VAL SB 509 -89.12 64.75 -108.85
C VAL SB 509 -87.73 64.16 -108.61
N TRP SB 510 -87.65 63.17 -107.73
CA TRP SB 510 -86.38 62.59 -107.32
C TRP SB 510 -86.57 61.13 -106.94
N ALA SB 511 -85.58 60.31 -107.27
CA ALA SB 511 -85.56 58.91 -106.89
C ALA SB 511 -84.18 58.54 -106.36
N CYS SB 512 -84.16 57.70 -105.33
CA CYS SB 512 -82.93 57.29 -104.67
C CYS SB 512 -83.08 55.84 -104.22
N CYS SB 513 -82.09 55.36 -103.47
CA CYS SB 513 -82.02 53.97 -103.04
C CYS SB 513 -81.58 53.84 -101.60
N PRO SB 514 -82.20 52.93 -100.83
CA PRO SB 514 -81.81 52.74 -99.43
C PRO SB 514 -80.62 51.83 -99.26
N THR SB 515 -80.29 51.48 -98.01
CA THR SB 515 -79.12 50.68 -97.69
C THR SB 515 -79.49 49.61 -96.66
N GLY SB 516 -78.74 48.50 -96.69
CA GLY SB 516 -79.01 47.42 -95.76
C GLY SB 516 -78.66 47.76 -94.33
N VAL SB 517 -79.36 47.12 -93.39
CA VAL SB 517 -79.25 47.44 -91.98
C VAL SB 517 -79.08 46.18 -91.13
N ALA SB 518 -78.90 45.03 -91.78
CA ALA SB 518 -78.67 43.76 -91.09
C ALA SB 518 -79.83 43.43 -90.16
N ARG SB 519 -80.97 43.13 -90.77
CA ARG SB 519 -82.20 42.89 -90.03
C ARG SB 519 -82.10 41.62 -89.18
N ARG SB 520 -81.98 40.47 -89.82
CA ARG SB 520 -82.06 39.19 -89.12
C ARG SB 520 -80.65 38.64 -88.90
N ILE SB 521 -80.57 37.42 -88.35
CA ILE SB 521 -79.30 36.73 -88.15
C ILE SB 521 -79.40 35.36 -88.82
N GLN SB 522 -78.31 34.61 -88.76
CA GLN SB 522 -78.26 33.27 -89.32
C GLN SB 522 -77.12 32.51 -88.67
N GLY SB 523 -77.02 31.22 -89.00
CA GLY SB 523 -75.94 30.41 -88.50
C GLY SB 523 -76.03 28.95 -88.91
N VAL SB 524 -74.92 28.38 -89.34
CA VAL SB 524 -74.86 26.96 -89.68
C VAL SB 524 -73.56 26.35 -89.18
N PRO SB 525 -73.62 25.36 -88.29
CA PRO SB 525 -72.41 24.73 -87.79
C PRO SB 525 -72.03 23.50 -88.61
N LEU SB 526 -70.73 23.17 -88.55
CA LEU SB 526 -70.23 22.00 -89.23
C LEU SB 526 -68.93 21.55 -88.57
N LEU SB 527 -68.71 20.24 -88.58
CA LEU SB 527 -67.45 19.65 -88.18
C LEU SB 527 -67.00 18.69 -89.27
N ILE SB 528 -65.68 18.61 -89.46
CA ILE SB 528 -65.14 17.76 -90.52
C ILE SB 528 -65.12 16.30 -90.11
N LYS SB 529 -65.25 16.00 -88.83
CA LYS SB 529 -65.17 14.65 -88.31
C LYS SB 529 -63.84 13.99 -88.67
N SER TB 2 -87.71 31.99 -71.54
CA SER TB 2 -88.32 32.92 -72.49
C SER TB 2 -87.86 32.64 -73.92
N GLN TB 3 -87.11 33.59 -74.47
CA GLN TB 3 -86.65 33.53 -75.85
C GLN TB 3 -85.28 32.85 -76.00
N TYR TB 4 -84.68 32.41 -74.90
CA TYR TB 4 -83.37 31.78 -75.00
C TYR TB 4 -83.42 30.51 -75.83
N SER TB 5 -84.56 29.82 -75.84
CA SER TB 5 -84.72 28.68 -76.74
C SER TB 5 -84.61 29.14 -78.18
N ILE TB 6 -83.84 28.41 -78.97
CA ILE TB 6 -83.54 28.77 -80.35
C ILE TB 6 -84.13 27.71 -81.27
N GLN TB 7 -84.83 28.15 -82.31
CA GLN TB 7 -85.33 27.24 -83.32
C GLN TB 7 -84.25 27.05 -84.38
N GLN TB 8 -84.52 26.15 -85.32
CA GLN TB 8 -83.55 25.86 -86.37
C GLN TB 8 -83.81 26.62 -87.66
N SER TB 9 -85.04 27.10 -87.87
CA SER TB 9 -85.42 27.77 -89.10
C SER TB 9 -85.70 29.23 -88.83
N LEU TB 10 -85.15 30.09 -89.68
CA LEU TB 10 -85.38 31.53 -89.53
C LEU TB 10 -86.81 31.87 -89.91
N GLY TB 11 -87.35 32.89 -89.25
CA GLY TB 11 -88.70 33.33 -89.54
C GLY TB 11 -88.74 34.46 -90.55
N ASN TB 12 -89.47 35.51 -90.24
CA ASN TB 12 -89.57 36.67 -91.11
C ASN TB 12 -89.08 37.96 -90.47
N ALA TB 13 -88.86 37.97 -89.16
CA ALA TB 13 -88.45 39.17 -88.44
C ALA TB 13 -87.08 38.91 -87.80
N SER TB 14 -86.63 39.89 -87.02
CA SER TB 14 -85.35 39.79 -86.33
C SER TB 14 -85.46 38.77 -85.21
N GLY TB 15 -85.00 37.55 -85.46
CA GLY TB 15 -85.08 36.48 -84.49
C GLY TB 15 -83.75 35.79 -84.32
N VAL TB 16 -83.76 34.74 -83.50
CA VAL TB 16 -82.58 33.93 -83.22
C VAL TB 16 -82.86 32.51 -83.68
N ALA TB 17 -82.12 32.08 -84.70
CA ALA TB 17 -82.28 30.72 -85.24
C ALA TB 17 -81.00 30.36 -85.98
N VAL TB 18 -80.48 29.16 -85.70
CA VAL TB 18 -79.30 28.66 -86.38
C VAL TB 18 -79.59 27.26 -86.89
N SER TB 19 -78.79 26.83 -87.87
CA SER TB 19 -78.98 25.52 -88.45
C SER TB 19 -78.62 24.44 -87.45
N PRO TB 20 -79.23 23.26 -87.55
CA PRO TB 20 -78.83 22.14 -86.70
C PRO TB 20 -77.42 21.68 -87.04
N ILE TB 21 -76.74 21.13 -86.03
CA ILE TB 21 -75.40 20.63 -86.24
C ILE TB 21 -75.43 19.41 -87.16
N ASN TB 22 -74.49 19.36 -88.09
CA ASN TB 22 -74.36 18.23 -88.99
C ASN TB 22 -72.88 17.94 -89.22
N ALA TB 23 -72.60 16.71 -89.63
CA ALA TB 23 -71.24 16.26 -89.86
C ALA TB 23 -70.97 15.81 -91.27
N ASP TB 24 -71.91 15.07 -91.88
CA ASP TB 24 -71.72 14.53 -93.22
C ASP TB 24 -72.06 15.61 -94.25
N ALA TB 25 -71.20 16.61 -94.30
CA ALA TB 25 -71.34 17.71 -95.26
C ALA TB 25 -69.96 18.24 -95.61
N THR TB 26 -69.87 18.89 -96.76
CA THR TB 26 -68.62 19.42 -97.27
C THR TB 26 -68.72 20.94 -97.38
N LEU TB 27 -67.56 21.59 -97.37
CA LEU TB 27 -67.47 23.03 -97.45
C LEU TB 27 -66.41 23.41 -98.47
N SER TB 28 -66.67 24.49 -99.22
CA SER TB 28 -65.80 24.93 -100.29
C SER TB 28 -65.43 26.39 -100.08
N THR TB 29 -64.16 26.70 -100.28
CA THR TB 29 -63.66 28.06 -100.21
C THR TB 29 -62.68 28.29 -101.35
N GLY TB 30 -62.35 29.54 -101.58
CA GLY TB 30 -61.33 29.88 -102.56
C GLY TB 30 -61.61 31.22 -103.20
N VAL TB 31 -60.61 31.70 -103.93
CA VAL TB 31 -60.69 32.94 -104.69
C VAL TB 31 -60.14 32.68 -106.09
N ALA TB 32 -60.92 33.01 -107.11
CA ALA TB 32 -60.51 32.75 -108.48
C ALA TB 32 -59.47 33.78 -108.93
N LEU TB 33 -58.63 33.35 -109.88
CA LEU TB 33 -57.63 34.21 -110.48
C LEU TB 33 -58.19 35.10 -111.58
N ASN TB 34 -59.43 34.85 -112.02
CA ASN TB 34 -60.20 35.69 -112.94
C ASN TB 34 -59.39 36.24 -114.10
N SER TB 35 -58.55 35.43 -114.72
CA SER TB 35 -57.82 35.83 -115.91
C SER TB 35 -57.81 34.77 -117.00
N SER TB 36 -58.16 33.53 -116.70
CA SER TB 36 -58.17 32.45 -117.67
C SER TB 36 -59.48 31.69 -117.56
N LEU TB 37 -59.88 31.04 -118.64
CA LEU TB 37 -61.14 30.33 -118.68
C LEU TB 37 -60.98 28.96 -119.30
N TRP TB 38 -61.68 28.00 -118.72
CA TRP TB 38 -61.67 26.63 -119.19
C TRP TB 38 -63.11 26.14 -119.31
N ALA TB 39 -63.32 25.26 -120.29
CA ALA TB 39 -64.64 24.69 -120.52
C ALA TB 39 -64.44 23.32 -121.14
N GLY TB 40 -65.49 22.51 -121.08
CA GLY TB 40 -65.43 21.20 -121.69
C GLY TB 40 -66.65 20.38 -121.34
N ILE TB 41 -66.71 19.20 -121.95
CA ILE TB 41 -67.76 18.25 -121.67
C ILE TB 41 -67.44 17.51 -120.38
N GLY TB 42 -68.45 17.22 -119.59
CA GLY TB 42 -68.26 16.45 -118.37
C GLY TB 42 -69.46 15.62 -118.05
N VAL TB 43 -69.21 14.46 -117.45
CA VAL TB 43 -70.27 13.55 -117.01
C VAL TB 43 -70.60 13.94 -115.57
N PHE TB 44 -71.72 14.61 -115.38
CA PHE TB 44 -72.05 15.12 -114.06
C PHE TB 44 -73.50 14.83 -113.69
N ALA TB 45 -73.93 15.39 -112.57
CA ALA TB 45 -75.30 15.25 -112.10
C ALA TB 45 -75.87 16.63 -111.85
N ARG TB 46 -77.20 16.74 -111.94
CA ARG TB 46 -77.93 17.97 -111.67
C ARG TB 46 -77.60 19.06 -112.68
N GLY TB 47 -78.39 20.13 -112.68
CA GLY TB 47 -78.24 21.18 -113.65
C GLY TB 47 -78.93 20.84 -114.96
N LYS TB 48 -78.93 21.80 -115.86
CA LYS TB 48 -79.56 21.60 -117.16
C LYS TB 48 -78.61 20.85 -118.08
N PRO TB 49 -78.98 19.66 -118.55
CA PRO TB 49 -78.12 18.94 -119.49
C PRO TB 49 -78.09 19.62 -120.84
N PHE TB 50 -77.05 19.31 -121.60
CA PHE TB 50 -76.88 19.83 -122.96
C PHE TB 50 -76.97 21.35 -122.98
N THR TB 51 -76.34 21.99 -122.01
CA THR TB 51 -76.31 23.44 -121.94
C THR TB 51 -75.04 23.88 -121.24
N VAL TB 52 -74.27 24.74 -121.91
CA VAL TB 52 -73.07 25.30 -121.30
C VAL TB 52 -73.46 26.11 -120.08
N LEU TB 53 -72.72 25.91 -118.99
CA LEU TB 53 -73.05 26.51 -117.72
C LEU TB 53 -71.76 27.00 -117.07
N ALA TB 54 -71.76 28.27 -116.64
CA ALA TB 54 -70.64 28.82 -115.91
C ALA TB 54 -70.72 28.39 -114.46
N VAL TB 55 -69.62 27.83 -113.97
CA VAL TB 55 -69.54 27.30 -112.62
C VAL TB 55 -68.43 28.04 -111.88
N THR TB 56 -68.77 28.60 -110.73
CA THR TB 56 -67.82 29.40 -109.97
C THR TB 56 -66.90 28.51 -109.15
N GLU TB 57 -65.83 29.13 -108.65
CA GLU TB 57 -64.83 28.41 -107.87
C GLU TB 57 -65.33 28.03 -106.48
N SER TB 58 -66.49 28.52 -106.07
CA SER TB 58 -67.00 28.24 -104.72
C SER TB 58 -68.35 27.54 -104.73
N ASN TB 59 -69.31 28.05 -105.51
CA ASN TB 59 -70.65 27.48 -105.57
C ASN TB 59 -70.66 26.20 -106.42
N TYR TB 60 -69.48 25.73 -106.81
CA TYR TB 60 -69.40 24.58 -107.70
C TYR TB 60 -70.04 23.35 -107.09
N GLU TB 61 -69.80 23.12 -105.79
CA GLU TB 61 -70.34 21.93 -105.16
C GLU TB 61 -71.86 21.95 -105.17
N ASP TB 62 -72.46 23.08 -104.83
CA ASP TB 62 -73.90 23.18 -104.83
C ASP TB 62 -74.47 23.05 -106.23
N VAL TB 63 -73.86 23.73 -107.21
CA VAL TB 63 -74.43 23.74 -108.54
C VAL TB 63 -74.29 22.37 -109.22
N LEU TB 64 -73.24 21.63 -108.89
CA LEU TB 64 -73.09 20.28 -109.44
C LEU TB 64 -73.74 19.21 -108.59
N GLY TB 65 -74.20 19.54 -107.39
CA GLY TB 65 -74.79 18.54 -106.53
C GLY TB 65 -73.73 17.73 -105.81
N GLU TB 66 -74.20 16.68 -105.15
CA GLU TB 66 -73.30 15.82 -104.38
C GLU TB 66 -72.34 15.10 -105.31
N PRO TB 67 -71.05 15.03 -104.99
CA PRO TB 67 -70.11 14.33 -105.87
C PRO TB 67 -70.42 12.84 -105.97
N LEU TB 68 -70.11 12.28 -107.14
CA LEU TB 68 -70.35 10.87 -107.39
C LEU TB 68 -69.26 10.01 -106.77
N LYS TB 69 -69.56 8.72 -106.63
CA LYS TB 69 -68.60 7.79 -106.06
C LYS TB 69 -67.87 7.04 -107.14
N PRO TB 70 -66.54 6.94 -107.08
CA PRO TB 70 -65.80 6.23 -108.13
C PRO TB 70 -66.22 4.79 -108.26
N SER TB 71 -66.54 4.12 -107.15
CA SER TB 71 -67.03 2.76 -107.22
C SER TB 71 -68.39 2.70 -107.90
N SER TB 72 -69.18 3.75 -107.75
CA SER TB 72 -70.47 3.86 -108.43
C SER TB 72 -70.21 4.17 -109.90
N GLY TB 73 -70.25 3.13 -110.74
CA GLY TB 73 -69.96 3.34 -112.14
C GLY TB 73 -68.50 3.69 -112.36
N SER TB 74 -68.25 4.36 -113.48
CA SER TB 74 -66.92 4.81 -113.83
C SER TB 74 -66.97 6.23 -114.38
N GLN TB 75 -67.74 7.09 -113.72
CA GLN TB 75 -67.97 8.45 -114.19
C GLN TB 75 -67.36 9.50 -113.27
N PHE TB 76 -66.53 9.08 -112.31
CA PHE TB 76 -65.92 9.97 -111.35
C PHE TB 76 -64.79 10.80 -111.93
N GLU TB 77 -64.34 10.47 -113.13
CA GLU TB 77 -63.20 11.16 -113.71
C GLU TB 77 -63.47 12.63 -113.96
N PRO TB 78 -64.56 13.04 -114.61
CA PRO TB 78 -64.80 14.49 -114.77
C PRO TB 78 -64.95 15.21 -113.46
N ILE TB 79 -65.61 14.60 -112.47
CA ILE TB 79 -65.83 15.31 -111.22
C ILE TB 79 -64.51 15.48 -110.48
N ARG TB 80 -63.65 14.47 -110.51
CA ARG TB 80 -62.33 14.66 -109.91
C ARG TB 80 -61.53 15.70 -110.66
N HIS TB 81 -61.59 15.66 -112.00
CA HIS TB 81 -60.86 16.62 -112.81
C HIS TB 81 -61.25 18.04 -112.45
N VAL TB 82 -62.55 18.33 -112.44
CA VAL TB 82 -62.98 19.66 -112.05
C VAL TB 82 -62.65 19.93 -110.60
N TYR TB 83 -62.54 18.88 -109.77
CA TYR TB 83 -62.14 19.10 -108.39
C TYR TB 83 -60.74 19.69 -108.30
N GLU TB 84 -59.80 19.19 -109.09
CA GLU TB 84 -58.49 19.84 -109.03
C GLU TB 84 -58.45 21.09 -109.91
N ALA TB 85 -59.38 21.25 -110.83
CA ALA TB 85 -59.37 22.41 -111.72
C ALA TB 85 -60.09 23.61 -111.14
N ILE TB 86 -60.80 23.44 -110.02
CA ILE TB 86 -61.65 24.50 -109.53
C ILE TB 86 -60.88 25.51 -108.69
N GLN TB 87 -59.80 25.08 -108.06
CA GLN TB 87 -59.02 25.96 -107.17
C GLN TB 87 -58.24 26.99 -107.90
N GLN TB 88 -58.46 27.14 -109.21
CA GLN TB 88 -57.77 28.15 -109.99
C GLN TB 88 -58.70 29.22 -110.52
N THR TB 89 -59.75 28.84 -111.25
CA THR TB 89 -60.67 29.81 -111.82
C THR TB 89 -62.00 29.12 -112.06
N SER TB 90 -62.99 29.91 -112.48
CA SER TB 90 -64.29 29.37 -112.83
C SER TB 90 -64.23 28.67 -114.18
N GLY TB 91 -65.31 27.96 -114.51
CA GLY TB 91 -65.38 27.22 -115.75
C GLY TB 91 -66.68 27.46 -116.47
N TYR TB 92 -66.73 26.94 -117.69
CA TYR TB 92 -67.89 27.05 -118.57
C TYR TB 92 -68.31 25.67 -119.04
N VAL TB 93 -68.51 24.77 -118.09
CA VAL TB 93 -68.59 23.35 -118.38
C VAL TB 93 -69.97 23.01 -118.94
N VAL TB 94 -70.04 21.91 -119.70
CA VAL TB 94 -71.30 21.42 -120.20
C VAL TB 94 -71.51 19.99 -119.70
N ARG TB 95 -72.78 19.65 -119.46
CA ARG TB 95 -73.17 18.34 -118.98
C ARG TB 95 -74.20 17.74 -119.93
N ALA TB 96 -74.05 16.45 -120.23
CA ALA TB 96 -74.96 15.74 -121.11
C ALA TB 96 -75.37 14.42 -120.45
N VAL TB 97 -76.65 14.08 -120.57
CA VAL TB 97 -77.17 12.84 -120.00
C VAL TB 97 -77.96 12.12 -121.09
N PRO TB 98 -78.06 10.79 -121.03
CA PRO TB 98 -78.86 10.08 -122.03
C PRO TB 98 -80.34 10.37 -121.86
N ASP TB 99 -81.11 9.95 -122.87
CA ASP TB 99 -82.55 10.18 -122.86
C ASP TB 99 -83.22 9.50 -121.66
N ASP TB 100 -82.60 8.43 -121.14
CA ASP TB 100 -83.17 7.69 -120.02
C ASP TB 100 -83.39 8.56 -118.81
N ALA TB 101 -82.66 9.66 -118.69
CA ALA TB 101 -82.86 10.56 -117.57
C ALA TB 101 -84.28 11.12 -117.60
N LYS TB 102 -84.96 11.04 -116.45
CA LYS TB 102 -86.35 11.43 -116.32
C LYS TB 102 -86.46 12.54 -115.28
N PHE TB 103 -87.38 13.47 -115.52
CA PHE TB 103 -87.66 14.44 -114.47
C PHE TB 103 -89.15 14.44 -114.14
N PRO TB 104 -89.50 14.64 -112.87
CA PRO TB 104 -90.90 14.59 -112.47
C PRO TB 104 -91.62 15.90 -112.74
N ILE TB 105 -92.92 15.78 -112.95
CA ILE TB 105 -93.81 16.91 -113.19
C ILE TB 105 -95.09 16.69 -112.40
N ILE TB 106 -95.58 17.74 -111.76
CA ILE TB 106 -96.82 17.69 -111.01
C ILE TB 106 -97.79 18.68 -111.63
N MET TB 107 -98.95 18.18 -112.05
CA MET TB 107 -99.97 18.97 -112.72
C MET TB 107 -101.10 19.21 -111.73
N PHE TB 108 -101.53 20.46 -111.60
CA PHE TB 108 -102.72 20.78 -110.85
C PHE TB 108 -103.83 21.16 -111.82
N ASP TB 109 -104.98 20.51 -111.67
CA ASP TB 109 -106.08 20.77 -112.58
C ASP TB 109 -106.80 22.04 -112.11
N GLU TB 110 -107.96 22.32 -112.71
CA GLU TB 110 -108.64 23.59 -112.45
C GLU TB 110 -109.04 23.74 -111.00
N SER TB 111 -109.55 22.68 -110.38
CA SER TB 111 -109.88 22.74 -108.98
C SER TB 111 -108.68 22.52 -108.07
N GLY TB 112 -107.51 22.22 -108.64
CA GLY TB 112 -106.30 22.06 -107.86
C GLY TB 112 -105.91 20.64 -107.55
N GLU TB 113 -106.65 19.66 -108.05
CA GLU TB 113 -106.29 18.27 -107.77
C GLU TB 113 -104.98 17.93 -108.46
N PRO TB 114 -104.16 17.09 -107.85
CA PRO TB 114 -102.81 16.82 -108.37
C PRO TB 114 -102.73 15.60 -109.26
N ALA TB 115 -101.68 15.59 -110.09
CA ALA TB 115 -101.32 14.45 -110.92
C ALA TB 115 -99.81 14.45 -111.09
N TYR TB 116 -99.25 13.26 -111.30
CA TYR TB 116 -97.81 13.09 -111.38
C TYR TB 116 -97.42 12.53 -112.75
N SER TB 117 -96.22 12.88 -113.19
CA SER TB 117 -95.70 12.39 -114.45
C SER TB 117 -94.19 12.43 -114.41
N ALA TB 118 -93.57 11.73 -115.37
CA ALA TB 118 -92.13 11.78 -115.58
C ALA TB 118 -91.88 11.96 -117.07
N LEU TB 119 -90.96 12.86 -117.41
CA LEU TB 119 -90.72 13.15 -118.81
C LEU TB 119 -89.23 13.12 -119.12
N PRO TB 120 -88.85 12.81 -120.36
CA PRO TB 120 -87.46 12.99 -120.77
C PRO TB 120 -87.08 14.46 -120.77
N TYR TB 121 -85.83 14.71 -120.43
CA TYR TB 121 -85.35 16.09 -120.38
C TYR TB 121 -85.36 16.69 -121.78
N GLY TB 122 -85.81 17.93 -121.87
CA GLY TB 122 -85.95 18.61 -123.15
C GLY TB 122 -87.26 18.37 -123.85
N SER TB 123 -88.11 17.51 -123.31
CA SER TB 123 -89.42 17.26 -123.91
C SER TB 123 -90.38 18.39 -123.59
N GLU TB 124 -91.12 18.83 -124.60
CA GLU TB 124 -92.11 19.87 -124.42
C GLU TB 124 -93.29 19.37 -123.60
N ILE TB 125 -93.94 20.29 -122.91
CA ILE TB 125 -95.03 19.94 -122.00
C ILE TB 125 -96.32 19.72 -122.79
N GLU TB 126 -97.12 18.78 -122.31
CA GLU TB 126 -98.44 18.51 -122.86
C GLU TB 126 -99.49 19.05 -121.91
N LEU TB 127 -100.53 19.68 -122.47
CA LEU TB 127 -101.61 20.25 -121.67
C LEU TB 127 -102.92 19.95 -122.36
N ASP TB 128 -103.68 19.00 -121.83
CA ASP TB 128 -105.01 18.70 -122.35
C ASP TB 128 -106.03 19.59 -121.66
N SER TB 129 -107.31 19.26 -121.81
CA SER TB 129 -108.36 20.04 -121.17
C SER TB 129 -108.17 20.13 -119.66
N GLY TB 130 -107.66 19.06 -119.04
CA GLY TB 130 -107.37 19.07 -117.63
C GLY TB 130 -106.03 19.70 -117.34
N GLU TB 131 -105.46 19.32 -116.18
CA GLU TB 131 -104.13 19.73 -115.73
C GLU TB 131 -103.89 21.23 -115.98
N ALA TB 132 -104.64 22.06 -115.26
CA ALA TB 132 -104.68 23.50 -115.54
C ALA TB 132 -103.28 24.10 -115.62
N PHE TB 133 -102.38 23.67 -114.75
CA PHE TB 133 -101.00 24.15 -114.83
C PHE TB 133 -100.06 23.08 -114.28
N ALA TB 134 -98.93 22.93 -114.97
CA ALA TB 134 -97.93 21.92 -114.62
C ALA TB 134 -96.72 22.60 -114.01
N ILE TB 135 -96.00 21.85 -113.16
CA ILE TB 135 -94.80 22.33 -112.49
C ILE TB 135 -93.74 21.26 -112.62
N TYR TB 136 -92.55 21.65 -113.08
CA TYR TB 136 -91.49 20.72 -113.43
C TYR TB 136 -90.17 21.21 -112.87
N VAL TB 137 -89.34 20.26 -112.43
CA VAL TB 137 -87.99 20.59 -112.01
C VAL TB 137 -87.16 20.98 -113.23
N ASP TB 138 -86.28 21.96 -113.05
CA ASP TB 138 -85.45 22.44 -114.15
C ASP TB 138 -83.97 22.14 -113.95
N ASP TB 139 -83.58 21.60 -112.80
CA ASP TB 139 -82.17 21.35 -112.51
C ASP TB 139 -81.82 19.88 -112.47
N GLY TB 140 -82.79 18.98 -112.66
CA GLY TB 140 -82.51 17.56 -112.66
C GLY TB 140 -82.28 16.94 -111.31
N ASP TB 141 -82.73 17.58 -110.24
CA ASP TB 141 -82.60 16.98 -108.92
C ASP TB 141 -83.47 15.74 -108.81
N PRO TB 142 -82.95 14.62 -108.31
CA PRO TB 142 -83.80 13.45 -108.10
C PRO TB 142 -84.90 13.68 -107.08
N CYS TB 143 -84.77 14.68 -106.22
CA CYS TB 143 -85.74 15.01 -105.18
C CYS TB 143 -85.98 13.85 -104.23
N ILE TB 144 -85.03 12.92 -104.16
CA ILE TB 144 -85.14 11.77 -103.26
C ILE TB 144 -83.99 11.86 -102.28
N SER TB 145 -82.91 12.50 -102.69
CA SER TB 145 -81.73 12.66 -101.86
C SER TB 145 -80.93 13.86 -102.35
N PRO TB 146 -81.21 15.07 -101.85
CA PRO TB 146 -82.24 15.40 -100.86
C PRO TB 146 -83.62 15.50 -101.49
N THR TB 147 -84.65 15.65 -100.68
CA THR TB 147 -86.02 15.72 -101.17
C THR TB 147 -86.49 17.16 -101.19
N ARG TB 148 -87.11 17.56 -102.30
CA ARG TB 148 -87.69 18.89 -102.45
C ARG TB 148 -89.19 18.79 -102.26
N GLU TB 149 -89.72 19.60 -101.35
CA GLU TB 149 -91.14 19.57 -101.04
C GLU TB 149 -91.72 20.96 -101.17
N LEU TB 150 -92.99 21.02 -101.53
CA LEU TB 150 -93.68 22.28 -101.78
C LEU TB 150 -94.91 22.36 -100.90
N THR TB 151 -95.23 23.57 -100.46
CA THR TB 151 -96.42 23.82 -99.65
C THR TB 151 -97.20 24.95 -100.29
N ILE TB 152 -98.51 24.76 -100.43
CA ILE TB 152 -99.38 25.71 -101.11
C ILE TB 152 -100.43 26.19 -100.12
N GLU TB 153 -100.57 27.52 -100.02
CA GLU TB 153 -101.61 28.11 -99.20
C GLU TB 153 -102.08 29.39 -99.86
N THR TB 154 -103.33 29.74 -99.58
CA THR TB 154 -103.89 30.99 -100.09
C THR TB 154 -103.20 32.17 -99.42
N ALA TB 155 -103.44 33.35 -99.98
CA ALA TB 155 -102.82 34.57 -99.46
C ALA TB 155 -103.77 35.74 -99.74
N THR TB 156 -103.38 36.91 -99.25
CA THR TB 156 -104.20 38.11 -99.44
C THR TB 156 -104.21 38.50 -100.90
N ALA TB 157 -105.31 39.14 -101.31
CA ALA TB 157 -105.42 39.64 -102.67
C ALA TB 157 -104.62 40.93 -102.83
N ASP TB 158 -104.41 41.31 -104.08
CA ASP TB 158 -103.68 42.54 -104.38
C ASP TB 158 -104.62 43.74 -104.29
N SER TB 159 -104.14 44.91 -104.71
CA SER TB 159 -104.98 46.10 -104.71
C SER TB 159 -106.17 45.93 -105.64
N ALA TB 160 -105.97 45.29 -106.78
CA ALA TB 160 -107.05 44.98 -107.70
C ALA TB 160 -107.82 43.72 -107.32
N GLY TB 161 -107.61 43.20 -106.11
CA GLY TB 161 -108.29 41.99 -105.71
C GLY TB 161 -107.79 40.75 -106.40
N ASN TB 162 -106.58 40.78 -106.93
CA ASN TB 162 -106.05 39.63 -107.65
C ASN TB 162 -105.79 38.49 -106.68
N GLU TB 163 -106.29 37.30 -107.02
CA GLU TB 163 -106.07 36.14 -106.16
C GLU TB 163 -104.58 35.85 -106.07
N ARG TB 164 -104.10 35.64 -104.85
CA ARG TB 164 -102.70 35.33 -104.61
C ARG TB 164 -102.59 34.12 -103.70
N PHE TB 165 -101.64 33.24 -104.01
CA PHE TB 165 -101.38 32.07 -103.19
C PHE TB 165 -99.89 31.99 -102.91
N LEU TB 166 -99.55 31.59 -101.68
CA LEU TB 166 -98.16 31.50 -101.28
C LEU TB 166 -97.64 30.09 -101.54
N LEU TB 167 -96.45 30.01 -102.12
CA LEU TB 167 -95.76 28.76 -102.36
C LEU TB 167 -94.47 28.73 -101.55
N LYS TB 168 -94.22 27.61 -100.88
CA LYS TB 168 -93.02 27.44 -100.07
C LYS TB 168 -92.26 26.23 -100.59
N LEU TB 169 -91.00 26.43 -100.93
CA LEU TB 169 -90.11 25.34 -101.33
C LEU TB 169 -89.20 24.99 -100.17
N THR TB 170 -89.02 23.69 -99.94
CA THR TB 170 -88.13 23.24 -98.89
C THR TB 170 -87.34 22.04 -99.36
N GLN TB 171 -86.21 21.82 -98.70
CA GLN TB 171 -85.34 20.68 -98.91
C GLN TB 171 -85.26 19.89 -97.61
N THR TB 172 -85.38 18.57 -97.73
CA THR TB 172 -85.28 17.68 -96.57
C THR TB 172 -84.27 16.58 -96.87
N THR TB 173 -83.32 16.39 -95.96
CA THR TB 173 -82.30 15.38 -96.12
C THR TB 173 -82.82 14.04 -95.58
N SER TB 174 -81.95 13.03 -95.56
CA SER TB 174 -82.32 11.75 -94.98
C SER TB 174 -82.60 11.89 -93.49
N LEU TB 175 -81.80 12.69 -92.79
CA LEU TB 175 -82.02 12.90 -91.36
C LEU TB 175 -83.37 13.57 -91.11
N GLY TB 176 -83.74 14.52 -91.96
CA GLY TB 176 -85.01 15.20 -91.79
C GLY TB 176 -84.85 16.70 -91.60
N VAL TB 177 -83.70 17.22 -92.03
CA VAL TB 177 -83.43 18.64 -91.89
C VAL TB 177 -84.28 19.40 -92.89
N VAL TB 178 -85.35 20.05 -92.40
CA VAL TB 178 -86.27 20.78 -93.25
C VAL TB 178 -85.76 22.20 -93.37
N THR TB 179 -85.37 22.59 -94.58
CA THR TB 179 -84.81 23.91 -94.85
C THR TB 179 -85.65 24.60 -95.90
N THR TB 180 -86.20 25.76 -95.56
CA THR TB 180 -87.04 26.49 -96.49
C THR TB 180 -86.16 27.29 -97.44
N LEU TB 181 -86.13 26.88 -98.71
CA LEU TB 181 -85.36 27.61 -99.71
C LEU TB 181 -85.94 29.00 -99.93
N GLU TB 182 -87.25 29.08 -100.18
CA GLU TB 182 -87.89 30.35 -100.46
C GLU TB 182 -89.40 30.20 -100.33
N THR TB 183 -90.06 31.26 -99.87
CA THR TB 183 -91.50 31.36 -99.84
C THR TB 183 -91.91 32.62 -100.60
N HIS TB 184 -92.86 32.46 -101.52
CA HIS TB 184 -93.25 33.60 -102.35
C HIS TB 184 -94.73 33.51 -102.70
N THR TB 185 -95.40 34.64 -102.63
CA THR TB 185 -96.80 34.74 -103.00
C THR TB 185 -96.89 35.13 -104.46
N VAL TB 186 -97.65 34.36 -105.24
CA VAL TB 186 -97.77 34.58 -106.66
C VAL TB 186 -99.25 34.58 -107.04
N SER TB 187 -99.54 35.26 -108.15
CA SER TB 187 -100.91 35.48 -108.59
C SER TB 187 -101.07 35.08 -110.04
N LEU TB 188 -102.28 34.66 -110.39
CA LEU TB 188 -102.60 34.27 -111.76
C LEU TB 188 -102.87 35.47 -112.65
N ALA TB 189 -103.08 36.65 -112.07
CA ALA TB 189 -103.47 37.81 -112.84
C ALA TB 189 -102.32 38.32 -113.69
N GLU TB 190 -102.67 38.83 -114.87
CA GLU TB 190 -101.66 39.44 -115.74
C GLU TB 190 -101.06 40.68 -115.10
N GLU TB 191 -101.90 41.52 -114.50
CA GLU TB 191 -101.49 42.84 -114.01
C GLU TB 191 -101.01 42.81 -112.57
N ALA TB 192 -101.22 41.73 -111.83
CA ALA TB 192 -100.94 41.71 -110.41
C ALA TB 192 -99.47 42.01 -110.13
N LYS TB 193 -99.23 42.92 -109.19
CA LYS TB 193 -97.89 43.35 -108.82
C LYS TB 193 -97.64 43.08 -107.34
N ASP TB 194 -96.37 42.99 -106.98
CA ASP TB 194 -95.97 42.76 -105.60
C ASP TB 194 -95.73 44.10 -104.91
N ASP TB 195 -95.17 44.05 -103.70
CA ASP TB 195 -94.79 45.27 -103.00
C ASP TB 195 -93.66 46.00 -103.72
N MET TB 196 -92.75 45.25 -104.34
CA MET TB 196 -91.63 45.83 -105.07
C MET TB 196 -92.01 46.28 -106.46
N GLY TB 197 -93.26 46.10 -106.87
CA GLY TB 197 -93.70 46.39 -108.22
C GLY TB 197 -93.51 45.26 -109.19
N ARG TB 198 -92.84 44.17 -108.76
CA ARG TB 198 -92.68 43.01 -109.63
C ARG TB 198 -94.03 42.39 -109.94
N LEU TB 199 -94.21 41.97 -111.18
CA LEU TB 199 -95.46 41.35 -111.58
C LEU TB 199 -95.61 40.01 -110.88
N CYS TB 200 -96.77 39.79 -110.28
CA CYS TB 200 -97.04 38.53 -109.59
C CYS TB 200 -97.49 37.44 -110.55
N TYR TB 201 -97.61 37.75 -111.84
CA TYR TB 201 -98.09 36.77 -112.82
C TYR TB 201 -97.13 35.58 -112.87
N LEU TB 202 -97.71 34.37 -112.90
CA LEU TB 202 -96.97 33.17 -112.54
C LEU TB 202 -95.75 32.90 -113.41
N PRO TB 203 -95.83 32.90 -114.75
CA PRO TB 203 -94.62 32.66 -115.54
C PRO TB 203 -93.53 33.68 -115.27
N THR TB 204 -93.93 34.95 -115.14
CA THR TB 204 -92.96 36.00 -114.84
C THR TB 204 -92.29 35.74 -113.51
N ALA TB 205 -93.06 35.38 -112.49
CA ALA TB 205 -92.50 35.14 -111.18
C ALA TB 205 -91.55 33.94 -111.20
N LEU TB 206 -91.93 32.86 -111.86
CA LEU TB 206 -91.09 31.67 -111.85
C LEU TB 206 -89.80 31.90 -112.62
N GLU TB 207 -89.86 32.63 -113.74
CA GLU TB 207 -88.62 32.93 -114.43
C GLU TB 207 -87.79 33.95 -113.67
N ALA TB 208 -88.41 34.80 -112.86
CA ALA TB 208 -87.68 35.85 -112.16
C ALA TB 208 -86.94 35.29 -110.96
N ARG TB 209 -87.64 34.59 -110.08
CA ARG TB 209 -87.07 34.12 -108.83
C ARG TB 209 -86.80 32.63 -108.80
N SER TB 210 -87.71 31.82 -109.34
CA SER TB 210 -87.60 30.38 -109.21
C SER TB 210 -86.47 29.87 -110.09
N LYS TB 211 -85.45 29.27 -109.45
CA LYS TB 211 -84.32 28.73 -110.17
C LYS TB 211 -84.18 27.22 -110.05
N TYR TB 212 -84.82 26.62 -109.06
CA TYR TB 212 -84.78 25.18 -108.85
C TYR TB 212 -86.01 24.47 -109.41
N LEU TB 213 -86.92 25.21 -110.04
CA LEU TB 213 -88.20 24.68 -110.45
C LEU TB 213 -88.87 25.70 -111.35
N ARG TB 214 -89.57 25.22 -112.37
CA ARG TB 214 -90.30 26.11 -113.27
C ARG TB 214 -91.68 25.51 -113.50
N ALA TB 215 -92.52 26.22 -114.24
CA ALA TB 215 -93.89 25.78 -114.41
C ALA TB 215 -94.47 26.40 -115.67
N VAL TB 216 -95.58 25.81 -116.13
CA VAL TB 216 -96.36 26.32 -117.25
C VAL TB 216 -97.83 26.32 -116.85
N VAL TB 217 -98.59 27.20 -117.48
CA VAL TB 217 -99.99 27.40 -117.15
C VAL TB 217 -100.79 27.47 -118.44
N ASN TB 218 -102.00 26.91 -118.41
CA ASN TB 218 -102.89 26.99 -119.56
C ASN TB 218 -103.34 28.41 -119.82
N GLU TB 219 -103.13 28.89 -121.05
CA GLU TB 219 -103.49 30.25 -121.42
C GLU TB 219 -105.00 30.47 -121.40
N GLU TB 220 -105.78 29.40 -121.50
CA GLU TB 220 -107.23 29.50 -121.49
C GLU TB 220 -107.82 29.32 -120.11
N LEU TB 221 -107.13 28.61 -119.22
CA LEU TB 221 -107.59 28.40 -117.85
C LEU TB 221 -106.92 29.35 -116.86
N ILE TB 222 -106.04 30.24 -117.32
CA ILE TB 222 -105.37 31.16 -116.42
C ILE TB 222 -106.39 32.05 -115.69
N SER TB 223 -107.42 32.50 -116.41
CA SER TB 223 -108.41 33.39 -115.80
C SER TB 223 -109.37 32.62 -114.90
N THR TB 224 -109.82 31.46 -115.33
CA THR TB 224 -110.89 30.73 -114.65
C THR TB 224 -110.37 29.71 -113.65
N ALA TB 225 -109.06 29.61 -113.47
CA ALA TB 225 -108.51 28.60 -112.58
C ALA TB 225 -108.76 28.96 -111.12
N LYS TB 226 -108.79 27.94 -110.28
CA LYS TB 226 -108.98 28.08 -108.84
C LYS TB 226 -107.82 27.40 -108.10
N VAL TB 227 -107.49 27.95 -106.95
CA VAL TB 227 -106.35 27.50 -106.18
C VAL TB 227 -106.84 26.61 -105.04
N THR TB 228 -105.90 25.94 -104.38
CA THR TB 228 -106.20 25.08 -103.25
C THR TB 228 -105.06 25.23 -102.24
N ASN TB 229 -105.06 24.36 -101.23
CA ASN TB 229 -104.01 24.34 -100.22
C ASN TB 229 -103.34 22.98 -100.25
N LYS TB 230 -102.06 22.96 -100.58
CA LYS TB 230 -101.28 21.73 -100.68
C LYS TB 230 -100.07 21.83 -99.77
N LYS TB 231 -99.74 20.73 -99.13
CA LYS TB 231 -98.64 20.68 -98.18
C LYS TB 231 -97.72 19.51 -98.52
N SER TB 232 -96.42 19.74 -98.43
CA SER TB 232 -95.41 18.70 -98.59
C SER TB 232 -95.54 18.00 -99.95
N LEU TB 233 -95.33 18.79 -101.01
CA LEU TB 233 -95.45 18.28 -102.37
C LEU TB 233 -94.08 17.77 -102.80
N ALA TB 234 -93.81 16.50 -102.49
CA ALA TB 234 -92.53 15.88 -102.80
C ALA TB 234 -92.56 15.33 -104.22
N PHE TB 235 -91.65 15.81 -105.05
CA PHE TB 235 -91.53 15.29 -106.41
C PHE TB 235 -90.96 13.88 -106.40
N THR TB 236 -91.38 13.09 -107.39
CA THR TB 236 -90.91 11.72 -107.53
C THR TB 236 -90.82 11.38 -109.01
N GLY TB 237 -89.67 10.87 -109.43
CA GLY TB 237 -89.45 10.53 -110.82
C GLY TB 237 -88.15 11.10 -111.35
N GLY TB 238 -87.43 11.82 -110.49
CA GLY TB 238 -86.15 12.39 -110.88
C GLY TB 238 -85.05 11.35 -110.93
N THR TB 239 -84.64 11.00 -112.14
CA THR TB 239 -83.59 10.03 -112.38
C THR TB 239 -82.60 10.60 -113.38
N ASN TB 240 -81.31 10.38 -113.12
CA ASN TB 240 -80.27 10.83 -114.03
C ASN TB 240 -80.00 9.85 -115.16
N GLY TB 241 -80.66 8.69 -115.16
CA GLY TB 241 -80.38 7.71 -116.19
C GLY TB 241 -79.03 7.04 -115.97
N ASP TB 242 -78.54 6.40 -117.03
CA ASP TB 242 -77.26 5.71 -116.99
C ASP TB 242 -76.16 6.65 -117.44
N GLN TB 243 -75.42 7.18 -116.48
CA GLN TB 243 -74.31 8.07 -116.81
C GLN TB 243 -73.05 7.31 -117.25
N SER TB 244 -72.99 6.00 -117.02
CA SER TB 244 -71.82 5.23 -117.39
C SER TB 244 -71.60 5.26 -118.90
N LYS TB 245 -72.67 5.11 -119.67
CA LYS TB 245 -72.61 5.17 -121.13
C LYS TB 245 -73.35 6.40 -121.60
N ILE TB 246 -72.72 7.17 -122.48
CA ILE TB 246 -73.34 8.32 -123.12
C ILE TB 246 -73.09 8.24 -124.61
N SER TB 247 -74.12 8.51 -125.41
CA SER TB 247 -74.07 8.24 -126.84
C SER TB 247 -73.14 9.23 -127.55
N THR TB 248 -72.62 8.78 -128.70
CA THR TB 248 -71.87 9.67 -129.57
C THR TB 248 -72.74 10.81 -130.07
N ALA TB 249 -74.05 10.58 -130.19
CA ALA TB 249 -74.94 11.66 -130.56
C ALA TB 249 -74.97 12.75 -129.49
N ALA TB 250 -75.04 12.35 -128.22
CA ALA TB 250 -74.96 13.33 -127.14
C ALA TB 250 -73.60 14.01 -127.14
N TYR TB 251 -72.55 13.28 -127.46
CA TYR TB 251 -71.22 13.88 -127.57
C TYR TB 251 -71.19 14.95 -128.64
N LEU TB 252 -71.75 14.67 -129.81
CA LEU TB 252 -71.72 15.65 -130.89
C LEU TB 252 -72.60 16.85 -130.56
N ARG TB 253 -73.74 16.60 -129.90
CA ARG TB 253 -74.55 17.73 -129.46
C ARG TB 253 -73.78 18.60 -128.48
N ALA TB 254 -73.05 17.97 -127.55
CA ALA TB 254 -72.27 18.74 -126.60
C ALA TB 254 -71.18 19.54 -127.29
N VAL TB 255 -70.48 18.93 -128.25
CA VAL TB 255 -69.42 19.67 -128.91
C VAL TB 255 -70.01 20.79 -129.77
N LYS TB 256 -71.19 20.58 -130.34
CA LYS TB 256 -71.86 21.65 -131.08
C LYS TB 256 -72.21 22.81 -130.14
N VAL TB 257 -72.67 22.47 -128.93
CA VAL TB 257 -72.90 23.50 -127.92
C VAL TB 257 -71.61 24.27 -127.65
N LEU TB 258 -70.50 23.55 -127.55
CA LEU TB 258 -69.21 24.21 -127.37
C LEU TB 258 -68.92 25.14 -128.55
N ASN TB 259 -69.21 24.69 -129.77
CA ASN TB 259 -68.97 25.49 -130.95
C ASN TB 259 -69.76 26.80 -130.88
N ASN TB 260 -71.02 26.70 -130.51
CA ASN TB 260 -71.92 27.83 -130.59
C ASN TB 260 -71.96 28.64 -129.30
N ALA TB 261 -71.22 28.25 -128.28
CA ALA TB 261 -71.19 28.99 -127.03
C ALA TB 261 -70.45 30.30 -127.23
N PRO TB 262 -71.08 31.46 -127.02
CA PRO TB 262 -70.40 32.75 -127.19
C PRO TB 262 -69.80 33.27 -125.88
N TYR TB 263 -68.84 32.51 -125.35
CA TYR TB 263 -68.18 32.89 -124.11
C TYR TB 263 -66.70 32.65 -124.24
N MET TB 264 -65.91 33.47 -123.55
CA MET TB 264 -64.47 33.31 -123.58
C MET TB 264 -64.07 32.02 -122.89
N TYR TB 265 -63.00 31.40 -123.40
CA TYR TB 265 -62.39 30.27 -122.72
C TYR TB 265 -60.95 30.16 -123.18
N THR TB 266 -60.04 29.97 -122.22
CA THR TB 266 -58.62 29.95 -122.49
C THR TB 266 -58.07 28.56 -122.74
N ALA TB 267 -58.89 27.51 -122.58
CA ALA TB 267 -58.39 26.16 -122.78
C ALA TB 267 -59.55 25.23 -123.05
N VAL TB 268 -59.23 24.09 -123.65
CA VAL TB 268 -60.18 22.99 -123.79
C VAL TB 268 -59.57 21.76 -123.14
N LEU TB 269 -60.38 21.10 -122.31
CA LEU TB 269 -59.91 20.09 -121.37
C LEU TB 269 -60.52 18.75 -121.73
N GLY TB 270 -59.70 17.69 -121.71
CA GLY TB 270 -60.20 16.37 -122.03
C GLY TB 270 -61.28 15.91 -121.06
N LEU TB 271 -61.04 16.09 -119.76
CA LEU TB 271 -62.01 15.79 -118.73
C LEU TB 271 -62.47 14.33 -118.78
N GLY TB 272 -61.58 13.44 -119.19
CA GLY TB 272 -61.86 12.03 -119.25
C GLY TB 272 -62.55 11.54 -120.51
N CYS TB 273 -62.90 12.44 -121.42
CA CYS TB 273 -63.59 12.02 -122.64
C CYS TB 273 -62.64 11.22 -123.53
N TYR TB 274 -63.12 10.06 -124.00
CA TYR TB 274 -62.32 9.18 -124.85
C TYR TB 274 -63.03 8.84 -126.15
N ASP TB 275 -64.16 9.47 -126.44
CA ASP TB 275 -64.81 9.29 -127.73
C ASP TB 275 -63.93 9.88 -128.82
N ASN TB 276 -63.57 9.04 -129.81
CA ASN TB 276 -62.68 9.51 -130.87
C ASN TB 276 -63.28 10.67 -131.64
N ALA TB 277 -64.56 10.56 -132.00
CA ALA TB 277 -65.20 11.62 -132.77
C ALA TB 277 -65.28 12.91 -131.96
N ALA TB 278 -65.69 12.82 -130.70
CA ALA TB 278 -65.78 14.02 -129.87
C ALA TB 278 -64.42 14.66 -129.68
N ILE TB 279 -63.40 13.84 -129.44
CA ILE TB 279 -62.05 14.36 -129.25
C ILE TB 279 -61.56 15.03 -130.53
N THR TB 280 -61.83 14.43 -131.68
CA THR TB 280 -61.42 15.02 -132.95
C THR TB 280 -62.15 16.34 -133.19
N ALA TB 281 -63.44 16.40 -132.86
CA ALA TB 281 -64.16 17.66 -132.98
C ALA TB 281 -63.55 18.72 -132.08
N LEU TB 282 -63.21 18.34 -130.86
CA LEU TB 282 -62.58 19.29 -129.95
C LEU TB 282 -61.25 19.78 -130.49
N GLY TB 283 -60.47 18.87 -131.06
CA GLY TB 283 -59.19 19.26 -131.62
C GLY TB 283 -59.36 20.23 -132.78
N LYS TB 284 -60.30 19.92 -133.68
CA LYS TB 284 -60.47 20.79 -134.84
C LYS TB 284 -61.01 22.15 -134.43
N ILE TB 285 -61.92 22.20 -133.46
CA ILE TB 285 -62.45 23.50 -133.06
C ILE TB 285 -61.39 24.32 -132.31
N CYS TB 286 -60.59 23.67 -131.46
CA CYS TB 286 -59.57 24.43 -130.76
C CYS TB 286 -58.49 24.90 -131.73
N ALA TB 287 -58.18 24.09 -132.75
CA ALA TB 287 -57.24 24.54 -133.77
C ALA TB 287 -57.81 25.72 -134.54
N ASP TB 288 -59.09 25.67 -134.89
CA ASP TB 288 -59.70 26.77 -135.63
C ASP TB 288 -59.72 28.04 -134.81
N ARG TB 289 -60.16 27.96 -133.56
CA ARG TB 289 -60.24 29.12 -132.69
C ARG TB 289 -58.92 29.41 -132.00
N LEU TB 290 -57.84 28.75 -132.42
CA LEU TB 290 -56.48 29.05 -131.95
C LEU TB 290 -56.38 29.01 -130.43
N ILE TB 291 -57.03 28.03 -129.83
CA ILE TB 291 -56.92 27.78 -128.39
C ILE TB 291 -56.33 26.40 -128.18
N ASP TB 292 -55.76 26.19 -127.00
CA ASP TB 292 -55.01 24.98 -126.70
C ASP TB 292 -55.89 23.88 -126.13
N GLY TB 293 -55.42 22.65 -126.31
CA GLY TB 293 -56.18 21.47 -125.92
C GLY TB 293 -55.35 20.50 -125.12
N PHE TB 294 -56.02 19.84 -124.14
CA PHE TB 294 -55.30 18.99 -123.20
C PHE TB 294 -55.79 17.55 -123.22
N PHE TB 295 -55.88 16.94 -124.41
CA PHE TB 295 -56.47 15.62 -124.53
C PHE TB 295 -55.65 14.58 -123.78
N ASP TB 296 -56.33 13.52 -123.34
CA ASP TB 296 -55.74 12.46 -122.55
C ASP TB 296 -56.21 11.11 -123.07
N VAL TB 297 -55.44 10.08 -122.79
CA VAL TB 297 -55.73 8.74 -123.27
C VAL TB 297 -56.35 7.94 -122.14
N LYS TB 298 -56.87 6.76 -122.46
CA LYS TB 298 -57.51 5.92 -121.46
C LYS TB 298 -56.49 5.52 -120.40
N PRO TB 299 -56.85 5.59 -119.12
CA PRO TB 299 -55.89 5.21 -118.07
C PRO TB 299 -55.48 3.75 -118.15
N THR TB 300 -56.38 2.87 -118.56
CA THR TB 300 -56.14 1.44 -118.49
C THR TB 300 -55.14 0.95 -119.53
N LEU TB 301 -54.94 1.68 -120.63
CA LEU TB 301 -54.04 1.21 -121.67
C LEU TB 301 -52.60 1.26 -121.20
N THR TB 302 -51.83 0.24 -121.56
CA THR TB 302 -50.42 0.21 -121.23
C THR TB 302 -49.61 0.92 -122.31
N TYR TB 303 -48.31 1.08 -122.04
CA TYR TB 303 -47.43 1.76 -122.98
C TYR TB 303 -47.28 0.98 -124.27
N ALA TB 304 -47.54 -0.33 -124.25
CA ALA TB 304 -47.46 -1.12 -125.47
C ALA TB 304 -48.46 -0.61 -126.51
N GLU TB 305 -49.68 -0.31 -126.08
CA GLU TB 305 -50.72 0.21 -126.96
C GLU TB 305 -50.88 1.71 -126.84
N ALA TB 306 -49.98 2.38 -126.12
CA ALA TB 306 -50.03 3.84 -126.06
C ALA TB 306 -49.69 4.45 -127.40
N LEU TB 307 -48.75 3.86 -128.13
CA LEU TB 307 -48.36 4.43 -129.42
C LEU TB 307 -49.51 4.51 -130.41
N PRO TB 308 -50.29 3.46 -130.66
CA PRO TB 308 -51.40 3.59 -131.61
C PRO TB 308 -52.53 4.48 -131.14
N ALA TB 309 -52.53 4.89 -129.87
CA ALA TB 309 -53.57 5.78 -129.38
C ALA TB 309 -53.53 7.12 -130.11
N VAL TB 310 -52.33 7.60 -130.44
CA VAL TB 310 -52.21 8.84 -131.18
C VAL TB 310 -52.86 8.73 -132.54
N GLU TB 311 -52.59 7.63 -133.25
CA GLU TB 311 -53.19 7.42 -134.57
C GLU TB 311 -54.70 7.26 -134.45
N ASP TB 312 -55.15 6.56 -133.43
CA ASP TB 312 -56.59 6.38 -133.22
C ASP TB 312 -57.27 7.72 -132.98
N THR TB 313 -56.59 8.62 -132.25
CA THR TB 313 -57.13 9.95 -132.03
C THR TB 313 -57.26 10.71 -133.34
N GLY TB 314 -56.30 10.55 -134.24
CA GLY TB 314 -56.36 11.23 -135.51
C GLY TB 314 -55.93 12.69 -135.48
N LEU TB 315 -55.22 13.11 -134.44
CA LEU TB 315 -54.73 14.47 -134.35
C LEU TB 315 -53.40 14.67 -135.07
N LEU TB 316 -52.84 13.61 -135.63
CA LEU TB 316 -51.53 13.70 -136.28
C LEU TB 316 -51.60 14.66 -137.46
N GLY TB 317 -50.61 15.55 -137.54
CA GLY TB 317 -50.56 16.52 -138.61
C GLY TB 317 -49.75 17.72 -138.19
N THR TB 318 -49.57 18.62 -139.15
CA THR TB 318 -48.82 19.85 -138.94
C THR TB 318 -49.71 21.01 -138.51
N ASP TB 319 -51.02 20.80 -138.42
CA ASP TB 319 -51.95 21.84 -138.00
C ASP TB 319 -52.38 21.72 -136.56
N TYR TB 320 -52.43 20.50 -136.03
CA TYR TB 320 -52.88 20.27 -134.66
C TYR TB 320 -51.72 20.36 -133.68
N VAL TB 321 -51.01 21.48 -133.77
CA VAL TB 321 -49.90 21.73 -132.86
C VAL TB 321 -50.40 22.28 -131.52
N SER TB 322 -51.53 22.95 -131.52
CA SER TB 322 -52.10 23.54 -130.30
C SER TB 322 -52.68 22.50 -129.35
N CYS TB 323 -52.47 21.20 -129.61
CA CYS TB 323 -53.02 20.16 -128.77
C CYS TB 323 -51.90 19.36 -128.10
N SER TB 324 -52.23 18.82 -126.94
CA SER TB 324 -51.32 17.96 -126.18
C SER TB 324 -52.05 16.69 -125.80
N VAL TB 325 -51.29 15.60 -125.73
CA VAL TB 325 -51.83 14.28 -125.40
C VAL TB 325 -51.15 13.80 -124.12
N TYR TB 326 -51.96 13.31 -123.19
CA TYR TB 326 -51.49 12.93 -121.87
C TYR TB 326 -51.74 11.45 -121.63
N HIS TB 327 -50.83 10.84 -120.86
CA HIS TB 327 -50.98 9.48 -120.40
C HIS TB 327 -50.64 9.42 -118.92
N TYR TB 328 -51.32 8.54 -118.19
CA TYR TB 328 -51.20 8.47 -116.74
C TYR TB 328 -51.29 7.02 -116.26
N PRO TB 329 -50.16 6.31 -116.27
CA PRO TB 329 -50.14 4.92 -115.80
C PRO TB 329 -49.93 4.80 -114.30
N PHE TB 330 -50.78 5.45 -113.52
CA PHE TB 330 -50.59 5.53 -112.09
C PHE TB 330 -51.94 5.48 -111.39
N SER TB 331 -51.90 5.20 -110.09
CA SER TB 331 -53.10 5.15 -109.27
C SER TB 331 -52.81 5.67 -107.87
N CYS TB 332 -53.75 6.42 -107.31
CA CYS TB 332 -53.57 7.13 -106.06
C CYS TB 332 -54.74 6.86 -105.10
N LYS TB 333 -54.69 7.54 -103.96
CA LYS TB 333 -55.78 7.52 -102.99
C LYS TB 333 -56.87 8.51 -103.36
N ASP TB 334 -58.11 8.10 -103.10
CA ASP TB 334 -59.25 8.97 -103.31
C ASP TB 334 -59.24 10.12 -102.31
N LYS TB 335 -59.81 11.24 -102.73
CA LYS TB 335 -60.02 12.35 -101.80
C LYS TB 335 -61.11 12.05 -100.81
N TRP TB 336 -62.10 11.24 -101.18
CA TRP TB 336 -63.25 10.98 -100.34
C TRP TB 336 -63.31 9.54 -99.88
N THR TB 337 -63.30 8.58 -100.81
CA THR TB 337 -63.44 7.19 -100.46
C THR TB 337 -62.13 6.55 -100.01
N GLN TB 338 -61.01 7.27 -100.16
CA GLN TB 338 -59.70 6.74 -99.82
C GLN TB 338 -59.44 5.42 -100.54
N SER TB 339 -59.72 5.41 -101.85
CA SER TB 339 -59.60 4.24 -102.69
C SER TB 339 -58.40 4.36 -103.62
N ARG TB 340 -58.22 3.33 -104.45
CA ARG TB 340 -57.29 3.38 -105.56
C ARG TB 340 -58.05 3.98 -106.74
N VAL TB 341 -57.76 5.22 -107.06
CA VAL TB 341 -58.45 5.94 -108.11
C VAL TB 341 -57.42 6.44 -109.11
N VAL TB 342 -57.85 6.56 -110.36
CA VAL TB 342 -57.00 7.01 -111.46
C VAL TB 342 -57.74 8.10 -112.22
N PHE TB 343 -57.06 9.21 -112.48
CA PHE TB 343 -57.61 10.25 -113.32
C PHE TB 343 -56.47 11.01 -113.98
N GLY TB 344 -56.81 11.68 -115.08
CA GLY TB 344 -55.82 12.23 -115.97
C GLY TB 344 -55.14 13.48 -115.43
N LEU TB 345 -54.40 14.13 -116.31
CA LEU TB 345 -53.55 15.26 -115.96
C LEU TB 345 -54.05 16.57 -116.55
N SER TB 346 -55.27 16.58 -117.08
CA SER TB 346 -55.80 17.80 -117.69
C SER TB 346 -55.91 18.92 -116.67
N GLY TB 347 -56.38 18.60 -115.47
CA GLY TB 347 -56.52 19.63 -114.45
C GLY TB 347 -55.21 20.26 -114.06
N VAL TB 348 -54.18 19.43 -113.86
CA VAL TB 348 -52.88 19.97 -113.50
C VAL TB 348 -52.27 20.72 -114.68
N ALA TB 349 -52.54 20.29 -115.91
CA ALA TB 349 -52.06 21.03 -117.06
C ALA TB 349 -52.65 22.43 -117.09
N TYR TB 350 -53.97 22.52 -116.89
CA TYR TB 350 -54.61 23.83 -116.85
C TYR TB 350 -54.09 24.67 -115.69
N ALA TB 351 -53.89 24.04 -114.52
CA ALA TB 351 -53.37 24.77 -113.37
C ALA TB 351 -51.97 25.29 -113.64
N ALA TB 352 -51.15 24.49 -114.31
CA ALA TB 352 -49.80 24.92 -114.67
C ALA TB 352 -49.86 26.10 -115.62
N LYS TB 353 -50.75 26.04 -116.61
CA LYS TB 353 -50.92 27.17 -117.51
C LYS TB 353 -51.35 28.41 -116.74
N ALA TB 354 -52.27 28.25 -115.79
CA ALA TB 354 -52.79 29.38 -115.05
C ALA TB 354 -51.71 30.02 -114.19
N ARG TB 355 -50.94 29.20 -113.47
CA ARG TB 355 -49.88 29.75 -112.64
C ARG TB 355 -48.80 30.40 -113.50
N GLY TB 356 -48.48 29.81 -114.64
CA GLY TB 356 -47.51 30.43 -115.53
C GLY TB 356 -47.97 31.78 -116.04
N VAL TB 357 -49.23 31.88 -116.46
CA VAL TB 357 -49.72 33.14 -117.00
C VAL TB 357 -49.91 34.17 -115.88
N LYS TB 358 -50.18 33.72 -114.65
CA LYS TB 358 -50.29 34.65 -113.55
C LYS TB 358 -48.94 35.04 -112.98
N LYS TB 359 -47.88 34.33 -113.34
CA LYS TB 359 -46.54 34.78 -112.96
C LYS TB 359 -46.25 36.17 -113.48
N ASN TB 360 -46.59 36.44 -114.74
CA ASN TB 360 -46.48 37.77 -115.29
C ASN TB 360 -47.82 38.49 -115.25
N SER TB 361 -47.75 39.81 -115.39
CA SER TB 361 -48.91 40.68 -115.29
C SER TB 361 -49.28 41.34 -116.61
N ASP TB 362 -48.29 41.80 -117.36
CA ASP TB 362 -48.56 42.55 -118.58
C ASP TB 362 -49.24 41.68 -119.63
N VAL TB 363 -48.67 40.51 -119.93
CA VAL TB 363 -49.24 39.64 -120.95
C VAL TB 363 -49.33 38.22 -120.42
N GLY TB 364 -48.66 37.96 -119.30
CA GLY TB 364 -48.65 36.62 -118.75
C GLY TB 364 -47.42 35.83 -119.18
N GLY TB 365 -47.04 34.89 -118.32
CA GLY TB 365 -45.83 34.13 -118.57
C GLY TB 365 -46.00 33.04 -119.59
N TRP TB 366 -46.35 33.43 -120.82
CA TRP TB 366 -46.56 32.45 -121.87
C TRP TB 366 -45.25 31.76 -122.25
N HIS TB 367 -44.13 32.48 -122.16
CA HIS TB 367 -42.84 31.89 -122.48
C HIS TB 367 -42.45 30.79 -121.51
N TYR TB 368 -43.02 30.78 -120.31
CA TYR TB 368 -42.72 29.71 -119.39
C TYR TB 368 -43.30 28.40 -119.89
N SER TB 369 -42.80 27.31 -119.31
CA SER TB 369 -43.29 25.99 -119.66
C SER TB 369 -43.86 25.30 -118.44
N PRO TB 370 -44.96 24.59 -118.60
CA PRO TB 370 -45.60 23.88 -117.47
C PRO TB 370 -44.85 22.61 -117.06
N ALA TB 371 -43.83 22.80 -116.23
CA ALA TB 371 -43.03 21.69 -115.74
C ALA TB 371 -42.32 22.14 -114.46
N GLY TB 372 -41.49 21.25 -113.94
CA GLY TB 372 -40.65 21.56 -112.80
C GLY TB 372 -41.32 21.27 -111.48
N GLU TB 373 -40.51 20.81 -110.52
CA GLU TB 373 -41.01 20.53 -109.18
C GLU TB 373 -41.30 21.79 -108.40
N GLU TB 374 -40.73 22.92 -108.81
CA GLU TB 374 -40.97 24.16 -108.08
C GLU TB 374 -42.40 24.65 -108.26
N ARG TB 375 -43.03 24.29 -109.37
CA ARG TB 375 -44.37 24.81 -109.67
C ARG TB 375 -45.35 23.77 -110.20
N ALA TB 376 -44.90 22.65 -110.73
CA ALA TB 376 -45.79 21.65 -111.33
C ALA TB 376 -45.68 20.35 -110.53
N VAL TB 377 -46.46 20.26 -109.46
CA VAL TB 377 -46.47 19.08 -108.59
C VAL TB 377 -47.91 18.77 -108.22
N ILE TB 378 -48.27 17.49 -108.27
CA ILE TB 378 -49.58 17.06 -107.79
C ILE TB 378 -49.46 16.40 -106.43
N ALA TB 379 -48.63 15.37 -106.33
CA ALA TB 379 -48.49 14.55 -105.12
C ALA TB 379 -49.84 14.29 -104.48
N ARG TB 380 -50.72 13.64 -105.25
CA ARG TB 380 -52.11 13.52 -104.83
C ARG TB 380 -52.23 12.74 -103.52
N ALA TB 381 -51.97 11.43 -103.56
CA ALA TB 381 -51.83 10.62 -102.36
C ALA TB 381 -51.39 9.21 -102.73
N SER TB 382 -50.37 8.70 -102.06
CA SER TB 382 -49.91 7.32 -102.21
C SER TB 382 -49.84 6.91 -103.68
N ILE TB 383 -49.01 7.63 -104.43
CA ILE TB 383 -48.84 7.34 -105.85
C ILE TB 383 -48.32 5.91 -106.03
N GLN TB 384 -48.74 5.28 -107.11
CA GLN TB 384 -48.33 3.92 -107.42
C GLN TB 384 -48.62 3.65 -108.88
N PRO TB 385 -47.69 3.04 -109.62
CA PRO TB 385 -47.96 2.75 -111.03
C PRO TB 385 -49.14 1.81 -111.18
N LEU TB 386 -49.95 2.06 -112.21
CA LEU TB 386 -51.06 1.17 -112.50
C LEU TB 386 -50.57 -0.22 -112.89
N TYR TB 387 -49.54 -0.28 -113.72
CA TYR TB 387 -48.99 -1.54 -114.22
C TYR TB 387 -47.48 -1.52 -114.02
N PRO TB 388 -47.02 -1.90 -112.83
CA PRO TB 388 -45.56 -1.97 -112.63
C PRO TB 388 -44.88 -2.93 -113.59
N GLU TB 389 -45.61 -3.94 -114.06
CA GLU TB 389 -45.10 -4.85 -115.07
C GLU TB 389 -44.89 -4.17 -116.41
N ASP TB 390 -45.54 -3.03 -116.66
CA ASP TB 390 -45.43 -2.33 -117.92
C ASP TB 390 -44.36 -1.23 -117.83
N THR TB 391 -43.68 -1.00 -118.94
CA THR TB 391 -42.63 0.00 -119.01
C THR TB 391 -42.83 0.90 -120.21
N PRO TB 392 -42.43 2.16 -120.10
CA PRO TB 392 -42.47 3.07 -121.25
C PRO TB 392 -41.21 2.93 -122.10
N ASP TB 393 -41.10 3.79 -123.11
CA ASP TB 393 -39.95 3.77 -124.01
C ASP TB 393 -39.68 5.18 -124.51
N GLU TB 394 -38.45 5.64 -124.33
CA GLU TB 394 -38.11 7.03 -124.63
C GLU TB 394 -38.25 7.34 -126.11
N GLU TB 395 -37.65 6.51 -126.98
CA GLU TB 395 -37.74 6.81 -128.40
C GLU TB 395 -39.17 6.67 -128.89
N ALA TB 396 -39.91 5.69 -128.36
CA ALA TB 396 -41.30 5.54 -128.76
C ALA TB 396 -42.11 6.77 -128.39
N MET TB 397 -41.94 7.27 -127.17
CA MET TB 397 -42.72 8.43 -126.74
C MET TB 397 -42.30 9.68 -127.49
N VAL TB 398 -41.01 9.85 -127.76
CA VAL TB 398 -40.57 11.04 -128.48
C VAL TB 398 -41.07 10.99 -129.92
N LYS TB 399 -41.14 9.79 -130.50
CA LYS TB 399 -41.69 9.68 -131.85
C LYS TB 399 -43.19 9.95 -131.86
N GLY TB 400 -43.91 9.39 -130.90
CA GLY TB 400 -45.35 9.54 -130.84
C GLY TB 400 -45.84 10.82 -130.23
N ARG TB 401 -44.92 11.69 -129.79
CA ARG TB 401 -45.28 12.98 -129.20
C ARG TB 401 -46.17 12.82 -127.97
N LEU TB 402 -45.98 11.73 -127.24
CA LEU TB 402 -46.74 11.49 -126.03
C LEU TB 402 -46.09 12.22 -124.87
N ASN TB 403 -46.93 12.82 -124.03
CA ASN TB 403 -46.46 13.51 -122.83
C ASN TB 403 -46.46 12.52 -121.67
N LYS TB 404 -45.28 12.25 -121.13
CA LYS TB 404 -45.13 11.34 -120.02
C LYS TB 404 -44.86 12.15 -118.76
N VAL TB 405 -45.22 11.58 -117.61
CA VAL TB 405 -45.15 12.26 -116.33
C VAL TB 405 -44.33 11.39 -115.39
N SER TB 406 -43.34 12.00 -114.73
CA SER TB 406 -42.33 11.26 -113.97
C SER TB 406 -42.41 11.60 -112.48
N VAL TB 407 -41.53 10.96 -111.72
CA VAL TB 407 -41.54 11.08 -110.26
C VAL TB 407 -40.25 11.77 -109.83
N GLY TB 408 -40.28 12.32 -108.61
CA GLY TB 408 -39.13 13.00 -108.05
C GLY TB 408 -38.63 12.31 -106.80
N THR TB 409 -37.46 12.76 -106.34
CA THR TB 409 -36.88 12.21 -105.12
C THR TB 409 -37.68 12.58 -103.88
N SER TB 410 -38.28 13.77 -103.88
CA SER TB 410 -39.05 14.25 -102.73
C SER TB 410 -40.42 13.61 -102.61
N GLY TB 411 -40.67 12.53 -103.33
CA GLY TB 411 -41.97 11.90 -103.28
C GLY TB 411 -43.04 12.68 -103.99
N GLN TB 412 -42.67 13.66 -104.81
CA GLN TB 412 -43.62 14.46 -105.56
C GLN TB 412 -43.68 13.94 -106.99
N MET TB 413 -44.74 14.32 -107.70
CA MET TB 413 -45.13 13.61 -108.90
C MET TB 413 -45.34 14.69 -109.97
N ILE TB 414 -44.41 14.78 -110.93
CA ILE TB 414 -44.23 15.98 -111.75
C ILE TB 414 -44.37 15.67 -113.23
N ILE TB 415 -44.96 16.60 -113.96
CA ILE TB 415 -45.10 16.48 -115.41
C ILE TB 415 -43.87 17.12 -116.06
N ASP TB 416 -42.95 16.27 -116.50
CA ASP TB 416 -41.69 16.71 -117.11
C ASP TB 416 -41.72 16.65 -118.64
N ASP TB 417 -42.74 17.24 -119.27
CA ASP TB 417 -42.80 17.37 -120.72
C ASP TB 417 -43.35 18.74 -121.08
N ALA TB 418 -42.78 19.34 -122.13
CA ALA TB 418 -43.23 20.64 -122.62
C ALA TB 418 -43.23 20.66 -124.14
N LEU TB 419 -43.61 19.55 -124.76
CA LEU TB 419 -43.62 19.43 -126.20
C LEU TB 419 -45.03 19.11 -126.66
N THR TB 420 -45.44 19.71 -127.79
CA THR TB 420 -46.78 19.49 -128.32
C THR TB 420 -46.81 18.19 -129.11
N CYS TB 421 -47.93 17.93 -129.77
CA CYS TB 421 -48.12 16.68 -130.52
C CYS TB 421 -47.99 16.91 -132.02
N CYS TB 422 -47.08 17.81 -132.41
CA CYS TB 422 -46.80 18.03 -133.82
C CYS TB 422 -45.82 16.99 -134.31
N THR TB 423 -46.13 16.38 -135.46
CA THR TB 423 -45.28 15.33 -136.01
C THR TB 423 -43.89 15.86 -136.32
N GLN TB 424 -43.81 17.04 -136.92
CA GLN TB 424 -42.53 17.60 -137.30
C GLN TB 424 -41.77 18.11 -136.09
N ASP TB 425 -40.45 17.95 -136.13
CA ASP TB 425 -39.56 18.41 -135.08
C ASP TB 425 -39.25 19.89 -135.16
N ASN TB 426 -40.02 20.62 -135.95
CA ASN TB 426 -39.82 22.05 -136.10
C ASN TB 426 -40.04 22.76 -134.78
N TYR TB 427 -39.36 23.90 -134.62
CA TYR TB 427 -39.40 24.63 -133.35
C TYR TB 427 -40.82 24.99 -132.94
N LEU TB 428 -41.73 25.12 -133.89
CA LEU TB 428 -43.12 25.43 -133.54
C LEU TB 428 -43.77 24.32 -132.75
N HIS TB 429 -43.22 23.10 -132.78
CA HIS TB 429 -43.78 21.99 -132.03
C HIS TB 429 -43.48 22.08 -130.54
N PHE TB 430 -42.95 23.22 -130.08
CA PHE TB 430 -42.73 23.45 -128.66
C PHE TB 430 -44.03 23.86 -128.00
N GLN TB 431 -43.98 24.09 -126.69
CA GLN TB 431 -45.19 24.45 -125.96
C GLN TB 431 -45.48 25.95 -125.99
N HIS TB 432 -44.44 26.77 -125.91
CA HIS TB 432 -44.62 28.22 -125.85
C HIS TB 432 -44.98 28.81 -127.20
N VAL TB 433 -44.56 28.16 -128.29
CA VAL TB 433 -44.79 28.73 -129.61
C VAL TB 433 -46.28 28.87 -129.90
N PRO TB 434 -47.12 27.85 -129.74
CA PRO TB 434 -48.56 28.08 -129.93
C PRO TB 434 -49.11 29.12 -129.00
N SER TB 435 -48.59 29.21 -127.78
CA SER TB 435 -49.04 30.24 -126.86
C SER TB 435 -48.72 31.62 -127.42
N LEU TB 436 -47.55 31.79 -128.02
CA LEU TB 436 -47.21 33.11 -128.52
C LEU TB 436 -48.02 33.45 -129.76
N MET TB 437 -48.30 32.47 -130.63
CA MET TB 437 -49.23 32.78 -131.71
C MET TB 437 -50.60 33.17 -131.17
N ASN TB 438 -51.09 32.47 -130.15
CA ASN TB 438 -52.38 32.82 -129.57
C ASN TB 438 -52.37 34.25 -129.06
N ALA TB 439 -51.32 34.62 -128.32
CA ALA TB 439 -51.25 35.96 -127.75
C ALA TB 439 -51.22 37.02 -128.84
N ILE TB 440 -50.29 36.87 -129.79
CA ILE TB 440 -50.17 37.85 -130.86
C ILE TB 440 -51.45 37.92 -131.67
N SER TB 441 -52.15 36.79 -131.83
CA SER TB 441 -53.41 36.79 -132.55
C SER TB 441 -54.46 37.59 -131.82
N ARG TB 442 -54.57 37.40 -130.49
CA ARG TB 442 -55.56 38.16 -129.73
C ARG TB 442 -55.27 39.65 -129.80
N PHE TB 443 -53.99 40.03 -129.66
CA PHE TB 443 -53.67 41.44 -129.75
C PHE TB 443 -53.93 41.98 -131.15
N PHE TB 444 -53.60 41.20 -132.18
CA PHE TB 444 -53.87 41.63 -133.55
C PHE TB 444 -55.36 41.84 -133.77
N VAL TB 445 -56.19 40.91 -133.31
CA VAL TB 445 -57.62 41.03 -133.56
C VAL TB 445 -58.21 42.17 -132.78
N GLN TB 446 -57.78 42.38 -131.53
CA GLN TB 446 -58.31 43.50 -130.77
C GLN TB 446 -57.91 44.83 -131.40
N LEU TB 447 -56.66 44.95 -131.86
CA LEU TB 447 -56.27 46.20 -132.48
C LEU TB 447 -56.99 46.38 -133.81
N ALA TB 448 -57.19 45.29 -134.55
CA ALA TB 448 -57.93 45.39 -135.81
C ALA TB 448 -59.36 45.84 -135.58
N ARG TB 449 -59.99 45.34 -134.52
CA ARG TB 449 -61.36 45.74 -134.23
C ARG TB 449 -61.43 47.19 -133.78
N GLN TB 450 -60.52 47.60 -132.90
CA GLN TB 450 -60.54 48.99 -132.46
C GLN TB 450 -60.16 49.96 -133.56
N MET TB 451 -59.42 49.51 -134.57
CA MET TB 451 -59.04 50.39 -135.67
C MET TB 451 -59.97 50.23 -136.86
N LYS TB 452 -60.89 49.26 -136.80
CA LYS TB 452 -61.75 48.93 -137.92
C LYS TB 452 -62.63 50.10 -138.30
N HIS TB 453 -62.89 50.23 -139.60
CA HIS TB 453 -63.77 51.28 -140.14
C HIS TB 453 -63.24 52.67 -139.77
N SER TB 454 -62.06 52.95 -140.31
CA SER TB 454 -61.48 54.27 -140.16
C SER TB 454 -61.08 54.81 -141.52
N PRO TB 455 -61.26 56.11 -141.74
CA PRO TB 455 -60.77 56.72 -142.98
C PRO TB 455 -59.37 56.27 -143.34
N ASP TB 456 -59.15 56.08 -144.64
CA ASP TB 456 -57.85 55.64 -145.12
C ASP TB 456 -56.80 56.73 -144.89
N GLY TB 457 -55.60 56.32 -144.53
CA GLY TB 457 -54.50 57.25 -144.32
C GLY TB 457 -53.97 57.20 -142.90
N ILE TB 458 -54.87 57.08 -141.93
CA ILE TB 458 -54.48 56.91 -140.54
C ILE TB 458 -54.39 55.45 -140.16
N THR TB 459 -54.91 54.55 -140.97
CA THR TB 459 -54.89 53.13 -140.66
C THR TB 459 -53.45 52.65 -140.52
N ALA TB 460 -52.59 52.99 -141.48
CA ALA TB 460 -51.22 52.55 -141.45
C ALA TB 460 -50.51 53.07 -140.21
N ALA TB 461 -50.69 54.36 -139.91
CA ALA TB 461 -50.03 54.93 -138.74
C ALA TB 461 -50.49 54.24 -137.46
N GLY TB 462 -51.79 54.05 -137.32
CA GLY TB 462 -52.31 53.43 -136.11
C GLY TB 462 -51.82 52.00 -135.95
N LEU TB 463 -51.84 51.23 -137.03
CA LEU TB 463 -51.37 49.86 -136.94
C LEU TB 463 -49.88 49.81 -136.62
N THR TB 464 -49.09 50.71 -137.22
CA THR TB 464 -47.67 50.74 -136.91
C THR TB 464 -47.42 51.07 -135.45
N LYS TB 465 -48.16 52.05 -134.91
CA LYS TB 465 -47.97 52.40 -133.51
C LYS TB 465 -48.35 51.23 -132.59
N GLY TB 466 -49.48 50.58 -132.89
CA GLY TB 466 -49.85 49.40 -132.12
C GLY TB 466 -48.77 48.33 -132.19
N MET TB 467 -48.20 48.14 -133.37
CA MET TB 467 -47.08 47.22 -133.51
C MET TB 467 -45.96 47.61 -132.57
N THR TB 468 -45.65 48.91 -132.53
CA THR TB 468 -44.56 49.38 -131.68
C THR TB 468 -44.79 48.99 -130.23
N LYS TB 469 -45.97 49.33 -129.70
CA LYS TB 469 -46.21 49.01 -128.29
C LYS TB 469 -46.21 47.51 -128.05
N LEU TB 470 -46.80 46.72 -128.94
CA LEU TB 470 -46.86 45.29 -128.67
C LEU TB 470 -45.46 44.66 -128.71
N LEU TB 471 -44.64 45.06 -129.67
CA LEU TB 471 -43.28 44.53 -129.72
C LEU TB 471 -42.49 44.99 -128.51
N ASP TB 472 -42.73 46.22 -128.07
CA ASP TB 472 -42.07 46.72 -126.88
C ASP TB 472 -42.41 45.88 -125.66
N ARG TB 473 -43.69 45.58 -125.48
CA ARG TB 473 -44.08 44.81 -124.31
C ARG TB 473 -43.61 43.36 -124.41
N PHE TB 474 -43.56 42.81 -125.62
CA PHE TB 474 -43.00 41.47 -125.77
C PHE TB 474 -41.51 41.44 -125.42
N VAL TB 475 -40.74 42.41 -125.93
CA VAL TB 475 -39.31 42.38 -125.65
C VAL TB 475 -39.05 42.68 -124.18
N ALA TB 476 -39.88 43.52 -123.56
CA ALA TB 476 -39.75 43.72 -122.12
C ALA TB 476 -40.05 42.44 -121.37
N SER TB 477 -41.05 41.68 -121.83
CA SER TB 477 -41.29 40.36 -121.28
C SER TB 477 -40.10 39.45 -121.51
N GLY TB 478 -39.31 39.73 -122.53
CA GLY TB 478 -38.14 38.93 -122.84
C GLY TB 478 -38.41 37.73 -123.70
N ALA TB 479 -39.68 37.45 -124.01
CA ALA TB 479 -39.98 36.32 -124.88
C ALA TB 479 -39.41 36.51 -126.28
N LEU TB 480 -39.27 37.75 -126.71
CA LEU TB 480 -38.68 38.08 -128.00
C LEU TB 480 -37.21 38.41 -127.78
N VAL TB 481 -36.32 37.72 -128.51
CA VAL TB 481 -34.89 37.99 -128.46
C VAL TB 481 -34.37 38.05 -129.89
N ALA TB 482 -33.24 38.72 -130.03
CA ALA TB 482 -32.60 38.81 -131.34
C ALA TB 482 -32.10 37.42 -131.76
N PRO TB 483 -32.10 37.14 -133.06
CA PRO TB 483 -31.64 35.83 -133.53
C PRO TB 483 -30.17 35.64 -133.24
N ARG TB 484 -29.79 34.37 -133.07
CA ARG TB 484 -28.42 34.00 -132.71
C ARG TB 484 -27.51 33.90 -133.92
N ASP TB 485 -28.03 34.12 -135.13
CA ASP TB 485 -27.24 34.11 -136.37
C ASP TB 485 -27.16 35.52 -136.95
N PRO TB 486 -26.16 36.31 -136.56
CA PRO TB 486 -26.01 37.64 -137.16
C PRO TB 486 -25.75 37.60 -138.65
N ASP TB 487 -25.05 36.56 -139.12
CA ASP TB 487 -24.71 36.48 -140.53
C ASP TB 487 -25.95 36.33 -141.41
N ALA TB 488 -26.86 35.43 -141.03
CA ALA TB 488 -28.04 35.17 -141.84
C ALA TB 488 -29.23 36.03 -141.39
N ASP TB 489 -29.60 35.91 -140.11
CA ASP TB 489 -30.79 36.60 -139.60
C ASP TB 489 -30.46 37.92 -138.94
N GLY TB 490 -29.20 38.33 -138.90
CA GLY TB 490 -28.87 39.59 -138.27
C GLY TB 490 -28.96 39.51 -136.76
N THR TB 491 -28.99 40.67 -136.12
CA THR TB 491 -29.04 40.79 -134.67
C THR TB 491 -30.27 41.56 -134.21
N GLU TB 492 -31.33 41.57 -135.01
CA GLU TB 492 -32.52 42.31 -134.70
C GLU TB 492 -33.69 41.34 -134.60
N PRO TB 493 -34.47 41.38 -133.51
CA PRO TB 493 -35.47 40.32 -133.28
C PRO TB 493 -36.73 40.39 -134.13
N TYR TB 494 -37.25 41.59 -134.36
CA TYR TB 494 -38.61 41.77 -134.88
C TYR TB 494 -38.59 42.61 -136.15
N VAL TB 495 -39.27 42.13 -137.19
CA VAL TB 495 -39.38 42.85 -138.44
C VAL TB 495 -40.83 42.92 -138.87
N LEU TB 496 -41.24 44.09 -139.35
CA LEU TB 496 -42.64 44.41 -139.64
C LEU TB 496 -42.75 45.06 -141.01
N LYS TB 497 -43.73 44.62 -141.80
CA LYS TB 497 -44.14 45.33 -143.01
C LYS TB 497 -45.65 45.43 -143.06
N VAL TB 498 -46.12 46.47 -143.74
CA VAL TB 498 -47.54 46.67 -144.02
C VAL TB 498 -47.68 47.04 -145.49
N THR TB 499 -48.67 46.45 -146.16
CA THR TB 499 -48.91 46.65 -147.57
C THR TB 499 -50.39 46.95 -147.79
N GLN TB 500 -50.70 47.50 -148.96
CA GLN TB 500 -52.07 47.77 -149.36
C GLN TB 500 -52.32 47.12 -150.72
N ALA TB 501 -53.23 46.15 -150.75
CA ALA TB 501 -53.44 45.39 -151.99
C ALA TB 501 -54.31 46.15 -152.98
N GLU TB 502 -55.44 46.66 -152.53
CA GLU TB 502 -56.38 47.37 -153.40
C GLU TB 502 -56.89 48.57 -152.61
N PHE TB 503 -57.99 49.17 -153.06
CA PHE TB 503 -58.63 50.22 -152.28
C PHE TB 503 -58.96 49.75 -150.86
N ASP TB 504 -59.04 48.44 -150.65
CA ASP TB 504 -59.10 47.84 -149.31
C ASP TB 504 -58.02 46.78 -149.17
N LYS TB 505 -58.12 45.95 -148.14
CA LYS TB 505 -57.17 44.87 -147.90
C LYS TB 505 -55.75 45.42 -147.65
N TRP TB 506 -55.62 46.10 -146.52
CA TRP TB 506 -54.32 46.23 -145.90
C TRP TB 506 -53.87 44.87 -145.40
N GLU TB 507 -52.58 44.59 -145.55
CA GLU TB 507 -51.98 43.36 -145.07
C GLU TB 507 -50.80 43.69 -144.18
N VAL TB 508 -50.63 42.93 -143.10
CA VAL TB 508 -49.52 43.13 -142.18
C VAL TB 508 -48.76 41.83 -142.05
N VAL TB 509 -47.43 41.92 -142.08
CA VAL TB 509 -46.55 40.77 -141.96
C VAL TB 509 -45.50 41.07 -140.89
N TRP TB 510 -45.12 40.05 -140.13
CA TRP TB 510 -44.21 40.21 -139.02
C TRP TB 510 -43.41 38.92 -138.81
N ALA TB 511 -42.15 39.08 -138.43
CA ALA TB 511 -41.29 37.96 -138.10
C ALA TB 511 -40.52 38.27 -136.82
N CYS TB 512 -40.35 37.25 -135.98
CA CYS TB 512 -39.68 37.39 -134.70
C CYS TB 512 -38.90 36.11 -134.40
N CYS TB 513 -38.37 36.02 -133.18
CA CYS TB 513 -37.50 34.92 -132.78
C CYS TB 513 -37.81 34.45 -131.37
N PRO TB 514 -37.81 33.14 -131.14
CA PRO TB 514 -38.09 32.61 -129.80
C PRO TB 514 -36.86 32.60 -128.90
N THR TB 515 -36.99 32.01 -127.71
CA THR TB 515 -35.92 31.99 -126.71
C THR TB 515 -35.79 30.60 -126.12
N GLY TB 516 -34.58 30.28 -125.65
CA GLY TB 516 -34.34 28.97 -125.06
C GLY TB 516 -35.03 28.78 -123.73
N VAL TB 517 -35.35 27.52 -123.43
CA VAL TB 517 -36.14 27.19 -122.24
C VAL TB 517 -35.50 26.05 -121.45
N ALA TB 518 -34.29 25.64 -121.83
CA ALA TB 518 -33.54 24.60 -121.13
C ALA TB 518 -34.33 23.28 -121.11
N ARG TB 519 -34.44 22.70 -122.30
CA ARG TB 519 -35.24 21.48 -122.46
C ARG TB 519 -34.62 20.30 -121.72
N ARG TB 520 -33.43 19.86 -122.15
CA ARG TB 520 -32.84 18.64 -121.63
C ARG TB 520 -31.78 18.97 -120.58
N ILE TB 521 -31.08 17.94 -120.08
CA ILE TB 521 -29.98 18.13 -119.14
C ILE TB 521 -28.76 17.40 -119.68
N GLN TB 522 -27.67 17.47 -118.93
CA GLN TB 522 -26.41 16.83 -119.32
C GLN TB 522 -25.53 16.65 -118.09
N GLY TB 523 -24.41 15.96 -118.28
CA GLY TB 523 -23.44 15.83 -117.22
C GLY TB 523 -22.27 14.93 -117.55
N VAL TB 524 -21.06 15.37 -117.23
CA VAL TB 524 -19.85 14.58 -117.46
C VAL TB 524 -18.93 14.68 -116.26
N PRO TB 525 -18.66 13.57 -115.57
CA PRO TB 525 -17.80 13.60 -114.39
C PRO TB 525 -16.34 13.35 -114.73
N LEU TB 526 -15.48 13.86 -113.85
CA LEU TB 526 -14.05 13.66 -114.02
C LEU TB 526 -13.35 13.81 -112.68
N LEU TB 527 -12.25 13.08 -112.51
CA LEU TB 527 -11.34 13.24 -111.40
C LEU TB 527 -9.93 13.33 -111.92
N ILE TB 528 -9.10 14.13 -111.26
CA ILE TB 528 -7.74 14.34 -111.74
C ILE TB 528 -6.84 13.16 -111.38
N LYS TB 529 -7.26 12.31 -110.44
CA LYS TB 529 -6.46 11.19 -109.97
C LYS TB 529 -5.11 11.67 -109.41
N GLY UB 2 -21.36 63.80 -20.07
CA GLY UB 2 -21.72 62.68 -19.23
C GLY UB 2 -21.28 62.83 -17.79
N HIS UB 3 -20.23 62.11 -17.43
CA HIS UB 3 -19.72 62.18 -16.06
C HIS UB 3 -19.02 63.51 -15.84
N ASN UB 4 -19.25 64.11 -14.67
CA ASN UB 4 -18.60 65.36 -14.33
C ASN UB 4 -17.09 65.20 -14.27
N ASN UB 5 -16.61 64.04 -13.81
CA ASN UB 5 -15.19 63.79 -13.64
C ASN UB 5 -14.65 63.09 -14.88
N THR UB 6 -14.56 63.85 -15.97
CA THR UB 6 -14.12 63.28 -17.23
C THR UB 6 -12.98 64.10 -17.83
N LYS UB 7 -13.00 65.42 -17.59
CA LYS UB 7 -12.02 66.30 -18.18
C LYS UB 7 -10.63 66.03 -17.61
N GLY UB 8 -9.62 66.09 -18.48
CA GLY UB 8 -8.24 65.88 -18.08
C GLY UB 8 -7.33 66.88 -18.76
N ASN UB 9 -6.03 66.77 -18.46
CA ASN UB 9 -5.00 67.62 -19.02
C ASN UB 9 -4.14 66.82 -19.99
N ARG UB 10 -3.30 67.54 -20.73
CA ARG UB 10 -2.48 66.90 -21.75
C ARG UB 10 -1.02 66.80 -21.38
N LYS UB 11 -0.42 67.86 -20.84
CA LYS UB 11 1.03 67.90 -20.67
C LYS UB 11 1.53 66.71 -19.85
N PHE UB 12 0.69 66.18 -18.96
CA PHE UB 12 1.06 65.01 -18.19
C PHE UB 12 1.39 63.84 -19.09
N ILE UB 13 0.40 63.38 -19.86
CA ILE UB 13 0.61 62.29 -20.79
C ILE UB 13 1.59 62.68 -21.88
N LYS UB 14 1.76 63.97 -22.15
CA LYS UB 14 2.69 64.35 -23.21
C LYS UB 14 4.13 64.13 -22.78
N GLY UB 15 4.49 64.61 -21.58
CA GLY UB 15 5.79 64.32 -21.03
C GLY UB 15 5.99 62.84 -20.78
N ARG UB 16 4.92 62.17 -20.35
CA ARG UB 16 4.89 60.71 -20.36
C ARG UB 16 5.33 60.13 -21.69
N TYR UB 17 4.72 60.62 -22.77
CA TYR UB 17 5.01 60.12 -24.11
C TYR UB 17 6.46 60.37 -24.46
N THR UB 18 6.97 61.55 -24.12
CA THR UB 18 8.36 61.86 -24.40
C THR UB 18 9.27 60.90 -23.67
N ALA UB 19 9.00 60.65 -22.39
CA ALA UB 19 9.83 59.70 -21.64
C ALA UB 19 9.75 58.32 -22.26
N ASN UB 20 8.57 57.92 -22.68
CA ASN UB 20 8.40 56.61 -23.28
C ASN UB 20 9.20 56.49 -24.57
N ALA UB 21 9.10 57.50 -25.43
CA ALA UB 21 9.82 57.50 -26.69
C ALA UB 21 11.30 57.77 -26.50
N ALA UB 22 11.72 58.16 -25.31
CA ALA UB 22 13.12 58.42 -25.03
C ALA UB 22 13.77 57.32 -24.22
N LYS UB 23 13.00 56.35 -23.72
CA LYS UB 23 13.59 55.22 -23.02
C LYS UB 23 14.68 54.56 -23.87
N GLY UB 24 14.37 54.30 -25.12
CA GLY UB 24 15.32 53.69 -26.03
C GLY UB 24 14.63 52.95 -27.13
N GLU UB 25 15.37 52.72 -28.21
CA GLU UB 25 14.80 52.04 -29.37
C GLU UB 25 14.38 50.62 -29.00
N ARG UB 26 13.38 50.13 -29.74
CA ARG UB 26 12.78 48.84 -29.44
C ARG UB 26 13.47 47.77 -30.27
N LEU UB 27 13.78 46.64 -29.65
CA LEU UB 27 14.54 45.56 -30.28
C LEU UB 27 13.60 44.49 -30.77
N VAL UB 28 13.70 44.13 -32.06
CA VAL UB 28 12.82 43.12 -32.61
C VAL UB 28 13.24 41.74 -32.11
N SER UB 29 12.25 40.87 -31.92
CA SER UB 29 12.54 39.49 -31.56
C SER UB 29 13.26 38.75 -32.67
N SER UB 30 13.09 39.18 -33.92
CA SER UB 30 13.69 38.47 -35.04
C SER UB 30 15.21 38.51 -34.96
N GLU UB 31 15.78 39.67 -34.61
CA GLU UB 31 17.23 39.79 -34.57
C GLU UB 31 17.80 38.85 -33.52
N PHE UB 32 18.83 38.11 -33.91
CA PHE UB 32 19.46 37.12 -33.06
C PHE UB 32 20.67 36.58 -33.80
N LEU UB 33 21.68 36.15 -33.05
CA LEU UB 33 22.78 35.37 -33.61
C LEU UB 33 23.15 34.29 -32.62
N LEU UB 34 23.46 33.11 -33.14
CA LEU UB 34 23.86 31.98 -32.32
C LEU UB 34 25.04 31.30 -32.98
N THR UB 35 26.05 30.94 -32.17
CA THR UB 35 27.26 30.31 -32.67
C THR UB 35 27.61 29.10 -31.81
N PHE UB 36 28.01 28.01 -32.47
CA PHE UB 36 28.47 26.83 -31.76
C PHE UB 36 29.92 27.02 -31.32
N ALA UB 37 30.50 25.94 -30.80
CA ALA UB 37 31.94 25.88 -30.52
C ALA UB 37 32.62 25.22 -31.72
N GLY UB 38 33.17 26.06 -32.60
CA GLY UB 38 33.92 25.57 -33.74
C GLY UB 38 33.11 25.33 -35.01
N HIS UB 39 31.79 25.53 -34.97
CA HIS UB 39 30.94 25.37 -36.15
C HIS UB 39 30.07 26.60 -36.37
N GLU UB 40 30.60 27.77 -36.00
CA GLU UB 40 29.90 29.01 -36.26
C GLU UB 40 29.73 29.26 -37.76
N ASP UB 41 30.56 28.64 -38.59
CA ASP UB 41 30.40 28.71 -40.03
C ASP UB 41 29.04 28.17 -40.45
N ILE UB 42 28.54 27.17 -39.74
CA ILE UB 42 27.26 26.54 -40.08
C ILE UB 42 26.15 26.93 -39.11
N SER UB 43 26.48 27.59 -37.99
CA SER UB 43 25.47 27.92 -37.00
C SER UB 43 24.44 28.95 -37.48
N VAL UB 44 24.69 29.61 -38.62
CA VAL UB 44 23.79 30.66 -39.08
C VAL UB 44 22.42 30.12 -39.45
N LEU UB 45 22.33 28.84 -39.80
CA LEU UB 45 21.10 28.27 -40.33
C LEU UB 45 19.95 28.26 -39.33
N VAL UB 46 20.21 28.51 -38.04
CA VAL UB 46 19.14 28.53 -37.06
C VAL UB 46 18.15 29.65 -37.39
N ARG UB 47 16.87 29.39 -37.15
CA ARG UB 47 15.84 30.40 -37.38
C ARG UB 47 14.93 30.64 -36.19
N THR UB 48 14.58 29.60 -35.43
CA THR UB 48 13.69 29.78 -34.28
C THR UB 48 14.32 29.16 -33.05
N SER UB 49 14.38 29.96 -31.97
CA SER UB 49 14.90 29.51 -30.70
C SER UB 49 14.40 30.47 -29.63
N GLN UB 50 14.67 30.13 -28.37
CA GLN UB 50 14.33 30.95 -27.24
C GLN UB 50 15.55 31.10 -26.34
N ILE UB 51 15.59 32.20 -25.59
CA ILE UB 51 16.69 32.36 -24.64
C ILE UB 51 16.59 31.26 -23.60
N PRO UB 52 17.70 30.77 -23.06
CA PRO UB 52 17.59 29.74 -22.01
C PRO UB 52 16.87 30.29 -20.80
N GLU UB 53 15.95 29.49 -20.28
CA GLU UB 53 15.19 29.95 -19.12
C GLU UB 53 16.11 30.03 -17.92
N MET UB 54 16.01 31.14 -17.18
CA MET UB 54 16.75 31.33 -15.95
C MET UB 54 15.75 31.60 -14.83
N THR UB 55 15.89 30.86 -13.74
CA THR UB 55 15.07 31.06 -12.56
C THR UB 55 15.63 30.20 -11.43
N ARG UB 56 15.14 30.47 -10.23
CA ARG UB 56 15.54 29.81 -9.01
C ARG UB 56 14.26 29.38 -8.30
N GLU UB 57 14.31 28.27 -7.57
CA GLU UB 57 13.06 27.75 -7.05
C GLU UB 57 12.73 28.38 -5.69
N ASP UB 58 11.45 28.32 -5.34
CA ASP UB 58 10.96 28.86 -4.09
C ASP UB 58 10.40 27.76 -3.21
N VAL UB 59 10.84 27.74 -1.96
CA VAL UB 59 10.26 26.88 -0.95
C VAL UB 59 9.09 27.63 -0.32
N GLU UB 60 7.89 27.06 -0.43
CA GLU UB 60 6.68 27.63 0.18
C GLU UB 60 6.46 26.94 1.51
N ASP UB 61 6.74 27.65 2.60
CA ASP UB 61 6.58 27.12 3.94
C ASP UB 61 5.34 27.70 4.62
N TYR UB 62 4.87 26.97 5.62
CA TYR UB 62 3.73 27.40 6.43
C TYR UB 62 4.17 27.46 7.89
N GLY UB 63 3.68 28.46 8.60
CA GLY UB 63 4.04 28.66 9.98
C GLY UB 63 2.81 28.79 10.87
N PRO UB 64 3.04 29.21 12.11
CA PRO UB 64 1.93 29.36 13.05
C PRO UB 64 0.94 30.40 12.56
N ASN UB 65 -0.32 30.23 12.98
CA ASN UB 65 -1.42 31.12 12.58
C ASN UB 65 -1.57 31.11 11.07
N GLY UB 66 -1.33 29.96 10.45
CA GLY UB 66 -1.56 29.79 9.03
C GLY UB 66 -0.78 30.73 8.14
N VAL UB 67 0.35 31.23 8.61
CA VAL UB 67 1.11 32.19 7.83
C VAL UB 67 1.84 31.47 6.71
N LYS UB 68 1.80 32.05 5.51
CA LYS UB 68 2.54 31.54 4.37
C LYS UB 68 3.85 32.31 4.23
N PHE UB 69 4.89 31.62 3.78
CA PHE UB 69 6.17 32.27 3.57
C PHE UB 69 6.86 31.65 2.38
N ASN UB 70 7.70 32.44 1.72
CA ASN UB 70 8.45 32.00 0.56
C ASN UB 70 9.94 32.20 0.81
N GLN UB 71 10.74 31.21 0.42
CA GLN UB 71 12.16 31.22 0.69
C GLN UB 71 12.95 30.79 -0.53
N HIS UB 72 14.20 31.24 -0.56
CA HIS UB 72 15.11 30.94 -1.65
C HIS UB 72 15.35 29.44 -1.75
N GLY UB 73 15.71 28.99 -2.95
CA GLY UB 73 16.20 27.65 -3.09
C GLY UB 73 17.36 27.57 -4.07
N PRO UB 74 17.63 26.37 -4.56
CA PRO UB 74 18.66 26.22 -5.59
C PRO UB 74 18.25 26.86 -6.90
N ILE UB 75 19.26 27.29 -7.65
CA ILE UB 75 19.01 27.85 -8.97
C ILE UB 75 18.43 26.75 -9.86
N ARG UB 76 17.36 27.09 -10.58
CA ARG UB 76 16.81 26.19 -11.59
C ARG UB 76 17.58 26.39 -12.89
N ASN UB 77 18.87 26.03 -12.83
CA ASN UB 77 19.80 26.30 -13.91
C ASN UB 77 19.65 25.34 -15.08
N SER UB 78 19.06 24.17 -14.87
CA SER UB 78 18.95 23.16 -15.91
C SER UB 78 17.53 23.06 -16.45
N GLY UB 79 17.43 22.53 -17.66
CA GLY UB 79 16.14 22.36 -18.31
C GLY UB 79 16.32 22.03 -19.77
N GLU UB 80 15.29 22.33 -20.55
CA GLU UB 80 15.21 21.96 -21.95
C GLU UB 80 14.88 23.16 -22.83
N ILE UB 81 15.48 23.21 -24.01
CA ILE UB 81 15.23 24.27 -25.00
C ILE UB 81 14.96 23.61 -26.35
N GLN UB 82 13.81 23.94 -26.94
CA GLN UB 82 13.44 23.46 -28.26
C GLN UB 82 13.70 24.55 -29.29
N VAL UB 83 14.41 24.21 -30.36
CA VAL UB 83 14.77 25.17 -31.38
C VAL UB 83 14.39 24.64 -32.74
N GLN UB 84 14.25 25.56 -33.69
CA GLN UB 84 13.89 25.28 -35.07
C GLN UB 84 14.98 25.79 -36.00
N CYS UB 85 15.37 24.98 -36.98
CA CYS UB 85 16.48 25.33 -37.86
C CYS UB 85 16.15 24.89 -39.28
N VAL UB 86 17.18 24.78 -40.11
CA VAL UB 86 17.05 24.37 -41.50
C VAL UB 86 18.31 23.60 -41.90
N GLU UB 87 18.14 22.59 -42.75
CA GLU UB 87 19.24 21.75 -43.20
C GLU UB 87 19.71 22.19 -44.59
N THR UB 88 20.62 21.41 -45.17
CA THR UB 88 21.21 21.75 -46.46
C THR UB 88 21.05 20.61 -47.47
N ILE UB 89 21.75 20.73 -48.60
CA ILE UB 89 21.66 19.73 -49.65
C ILE UB 89 22.12 18.37 -49.14
N GLU UB 90 23.25 18.33 -48.44
CA GLU UB 90 23.82 17.06 -48.01
C GLU UB 90 23.55 16.75 -46.54
N GLY UB 91 22.94 17.67 -45.80
CA GLY UB 91 22.65 17.42 -44.40
C GLY UB 91 23.78 17.77 -43.46
N ASP UB 92 24.21 19.04 -43.48
CA ASP UB 92 25.24 19.50 -42.55
C ASP UB 92 24.88 19.12 -41.12
N ILE UB 93 23.65 19.42 -40.71
CA ILE UB 93 23.23 19.15 -39.35
C ILE UB 93 23.18 17.65 -39.08
N LEU UB 94 22.79 16.86 -40.09
CA LEU UB 94 22.75 15.42 -39.91
C LEU UB 94 24.14 14.86 -39.64
N GLN UB 95 25.10 15.23 -40.47
CA GLN UB 95 26.47 14.77 -40.25
C GLN UB 95 27.00 15.31 -38.94
N PHE UB 96 26.65 16.55 -38.59
CA PHE UB 96 27.15 17.13 -37.36
C PHE UB 96 26.65 16.38 -36.13
N ILE UB 97 25.34 16.10 -36.09
CA ILE UB 97 24.80 15.36 -34.96
C ILE UB 97 25.29 13.92 -34.96
N LYS UB 98 25.48 13.32 -36.13
CA LYS UB 98 26.01 11.97 -36.17
C LYS UB 98 27.43 11.94 -35.59
N ASP UB 99 28.25 12.91 -35.99
CA ASP UB 99 29.60 13.00 -35.45
C ASP UB 99 29.57 13.29 -33.95
N ARG UB 100 28.63 14.14 -33.52
CA ARG UB 100 28.50 14.47 -32.11
C ARG UB 100 28.15 13.25 -31.29
N ILE UB 101 27.17 12.46 -31.75
CA ILE UB 101 26.78 11.28 -31.00
C ILE UB 101 27.87 10.23 -31.05
N ALA UB 102 28.62 10.16 -32.14
CA ALA UB 102 29.76 9.24 -32.20
C ALA UB 102 30.82 9.65 -31.19
N ALA UB 103 31.13 10.95 -31.10
CA ALA UB 103 32.18 11.42 -30.22
C ALA UB 103 31.78 11.38 -28.76
N LYS UB 104 30.48 11.53 -28.47
CA LYS UB 104 29.97 11.54 -27.10
C LYS UB 104 30.68 12.63 -26.28
N ASP UB 105 30.57 13.86 -26.78
CA ASP UB 105 31.27 15.01 -26.21
C ASP UB 105 30.27 16.06 -25.74
N TYR UB 106 30.80 17.13 -25.18
CA TYR UB 106 30.00 18.27 -24.75
C TYR UB 106 30.35 19.49 -25.60
N VAL UB 107 29.36 20.37 -25.76
CA VAL UB 107 29.48 21.50 -26.66
C VAL UB 107 29.12 22.77 -25.90
N ASP UB 108 29.67 23.89 -26.35
CA ASP UB 108 29.41 25.20 -25.79
C ASP UB 108 28.87 26.12 -26.87
N ILE UB 109 27.87 26.92 -26.52
CA ILE UB 109 27.19 27.78 -27.48
C ILE UB 109 27.22 29.21 -26.98
N THR UB 110 27.12 30.15 -27.91
CA THR UB 110 27.04 31.58 -27.58
C THR UB 110 25.85 32.19 -28.29
N MET UB 111 25.03 32.93 -27.56
CA MET UB 111 23.85 33.57 -28.08
C MET UB 111 24.01 35.07 -27.90
N ALA UB 112 23.53 35.86 -28.86
CA ALA UB 112 23.64 37.30 -28.71
C ALA UB 112 22.58 38.00 -29.55
N ALA UB 113 22.32 39.25 -29.18
CA ALA UB 113 21.42 40.13 -29.92
C ALA UB 113 22.21 41.33 -30.40
N THR UB 114 22.44 41.42 -31.71
CA THR UB 114 23.26 42.47 -32.31
C THR UB 114 22.41 43.24 -33.31
N PRO UB 115 21.80 44.36 -32.89
CA PRO UB 115 21.10 45.21 -33.86
C PRO UB 115 22.05 45.70 -34.93
N GLU UB 116 21.55 45.72 -36.17
CA GLU UB 116 22.37 46.11 -37.30
C GLU UB 116 22.74 47.59 -37.24
N SER UB 117 21.93 48.40 -36.56
CA SER UB 117 22.21 49.83 -36.47
C SER UB 117 23.56 50.09 -35.81
N LYS UB 118 23.86 49.36 -34.75
CA LYS UB 118 25.11 49.54 -34.02
C LYS UB 118 26.24 48.67 -34.55
N SER UB 119 25.97 47.81 -35.52
CA SER UB 119 27.01 46.95 -36.08
C SER UB 119 28.09 47.80 -36.75
N SER UB 120 29.34 47.45 -36.49
CA SER UB 120 30.48 48.19 -37.03
C SER UB 120 31.59 47.21 -37.42
N GLY UB 121 32.47 47.67 -38.30
CA GLY UB 121 33.56 46.84 -38.76
C GLY UB 121 33.22 46.14 -40.06
N VAL UB 122 33.54 44.85 -40.15
CA VAL UB 122 33.24 44.04 -41.33
C VAL UB 122 32.20 42.96 -41.01
N ASN UB 123 32.27 42.37 -39.83
CA ASN UB 123 31.30 41.38 -39.38
C ASN UB 123 30.60 41.89 -38.12
N ALA UB 124 29.50 41.24 -37.78
CA ALA UB 124 28.67 41.69 -36.67
C ALA UB 124 29.48 41.69 -35.37
N VAL UB 125 29.38 42.78 -34.62
CA VAL UB 125 30.09 42.95 -33.36
C VAL UB 125 29.07 43.03 -32.24
N THR UB 126 29.29 42.24 -31.20
CA THR UB 126 28.37 42.15 -30.07
C THR UB 126 28.86 43.01 -28.91
N LYS UB 127 28.02 43.10 -27.88
CA LYS UB 127 28.36 43.77 -26.64
C LYS UB 127 28.04 42.86 -25.46
N ALA UB 128 28.78 43.04 -24.37
CA ALA UB 128 28.63 42.15 -23.21
C ALA UB 128 27.21 42.17 -22.66
N ALA UB 129 26.47 43.28 -22.86
CA ALA UB 129 25.12 43.37 -22.32
C ALA UB 129 24.20 42.34 -22.95
N THR UB 130 24.29 42.16 -24.27
CA THR UB 130 23.32 41.36 -25.01
C THR UB 130 23.90 40.03 -25.48
N THR UB 131 24.80 39.44 -24.69
CA THR UB 131 25.41 38.17 -25.05
C THR UB 131 25.37 37.23 -23.85
N ILE UB 132 25.03 35.97 -24.11
CA ILE UB 132 24.99 34.93 -23.10
C ILE UB 132 25.72 33.70 -23.62
N GLU UB 133 26.62 33.16 -22.80
CA GLU UB 133 27.31 31.93 -23.13
C GLU UB 133 26.64 30.78 -22.39
N MET UB 134 26.47 29.66 -23.10
CA MET UB 134 25.84 28.48 -22.53
C MET UB 134 26.79 27.29 -22.57
N LEU UB 135 26.87 26.58 -21.44
CA LEU UB 135 27.79 25.50 -21.21
C LEU UB 135 27.04 24.21 -20.98
N ASP UB 136 27.74 23.10 -21.21
CA ASP UB 136 27.20 21.77 -21.01
C ASP UB 136 25.89 21.60 -21.76
N CYS UB 137 25.89 22.02 -23.03
CA CYS UB 137 24.73 21.89 -23.88
C CYS UB 137 24.64 20.44 -24.38
N LYS UB 138 23.42 19.93 -24.45
CA LYS UB 138 23.18 18.53 -24.76
C LYS UB 138 22.26 18.55 -25.98
N ILE UB 139 22.82 18.33 -27.16
CA ILE UB 139 22.12 18.59 -28.42
C ILE UB 139 21.54 17.28 -28.92
N TYR UB 140 20.27 17.31 -29.33
CA TYR UB 140 19.68 16.21 -30.08
C TYR UB 140 18.60 16.77 -30.99
N SER UB 141 18.21 15.98 -31.98
CA SER UB 141 17.20 16.38 -32.94
C SER UB 141 15.93 15.57 -32.72
N ASP UB 142 14.90 15.91 -33.50
CA ASP UB 142 13.61 15.26 -33.41
C ASP UB 142 13.15 14.89 -34.81
N ALA UB 143 12.29 13.87 -34.88
CA ALA UB 143 11.73 13.46 -36.17
C ALA UB 143 10.86 14.57 -36.74
N ILE UB 144 10.99 14.81 -38.03
CA ILE UB 144 10.28 15.89 -38.71
C ILE UB 144 9.36 15.28 -39.75
N ASP UB 145 8.08 15.64 -39.68
CA ASP UB 145 7.05 15.05 -40.53
C ASP UB 145 6.79 15.96 -41.73
N PHE UB 146 7.01 15.42 -42.92
CA PHE UB 146 6.67 16.09 -44.16
C PHE UB 146 5.35 15.53 -44.68
N SER UB 147 4.39 16.41 -44.94
CA SER UB 147 3.02 16.00 -45.20
C SER UB 147 2.84 15.67 -46.68
N THR UB 148 1.58 15.55 -47.10
CA THR UB 148 1.21 15.32 -48.48
C THR UB 148 1.06 16.62 -49.26
N GLU UB 149 0.41 17.61 -48.65
CA GLU UB 149 0.14 18.88 -49.29
C GLU UB 149 1.25 19.89 -49.07
N ASP UB 150 2.40 19.44 -48.56
CA ASP UB 150 3.51 20.34 -48.24
C ASP UB 150 4.25 20.77 -49.49
N VAL UB 151 3.49 21.34 -50.42
CA VAL UB 151 4.07 21.78 -51.69
C VAL UB 151 4.94 23.01 -51.49
N THR UB 152 4.51 23.95 -50.66
CA THR UB 152 5.24 25.18 -50.42
C THR UB 152 6.04 25.14 -49.12
N ALA UB 153 6.05 24.02 -48.41
CA ALA UB 153 6.72 23.90 -47.13
C ALA UB 153 7.92 22.98 -47.26
N ALA UB 154 9.06 23.43 -46.73
CA ALA UB 154 10.27 22.62 -46.68
C ALA UB 154 10.42 22.00 -45.29
N VAL UB 155 11.46 21.17 -45.15
CA VAL UB 155 11.72 20.50 -43.88
C VAL UB 155 12.12 21.52 -42.84
N ARG UB 156 11.50 21.43 -41.66
CA ARG UB 156 11.84 22.29 -40.52
C ARG UB 156 12.40 21.40 -39.42
N PRO UB 157 13.72 21.23 -39.34
CA PRO UB 157 14.31 20.37 -38.31
C PRO UB 157 14.21 21.02 -36.93
N SER UB 158 13.58 20.30 -36.01
CA SER UB 158 13.48 20.72 -34.62
C SER UB 158 14.52 19.98 -33.78
N LEU UB 159 15.16 20.71 -32.86
CA LEU UB 159 16.18 20.14 -31.99
C LEU UB 159 15.82 20.38 -30.54
N ARG UB 160 16.03 19.34 -29.74
CA ARG UB 160 15.80 19.37 -28.31
C ARG UB 160 17.17 19.42 -27.62
N ILE UB 161 17.34 20.38 -26.71
CA ILE UB 161 18.65 20.68 -26.15
C ILE UB 161 18.54 20.79 -24.65
N VAL UB 162 19.22 19.90 -23.93
CA VAL UB 162 19.28 19.97 -22.49
C VAL UB 162 20.37 20.96 -22.10
N TYR UB 163 19.99 21.99 -21.37
CA TYR UB 163 20.92 23.00 -20.89
C TYR UB 163 21.08 22.90 -19.38
N ASN UB 164 22.29 23.14 -18.89
CA ASN UB 164 22.65 22.87 -17.51
C ASN UB 164 22.84 24.11 -16.66
N TRP UB 165 23.63 25.08 -17.11
CA TRP UB 165 23.87 26.25 -16.29
C TRP UB 165 24.29 27.42 -17.17
N ILE UB 166 23.77 28.60 -16.85
CA ILE UB 166 23.84 29.76 -17.71
C ILE UB 166 24.93 30.69 -17.20
N GLU UB 167 25.79 31.16 -18.10
CA GLU UB 167 26.79 32.15 -17.77
C GLU UB 167 26.57 33.41 -18.60
N TRP UB 168 26.74 34.56 -17.97
CA TRP UB 168 26.58 35.86 -18.60
C TRP UB 168 27.92 36.57 -18.58
N ASP UB 169 28.30 37.13 -19.72
CA ASP UB 169 29.53 37.90 -19.81
C ASP UB 169 29.24 39.39 -19.91
N GLY VB 2 -48.97 40.31 -30.05
CA GLY VB 2 -48.91 38.91 -29.70
C GLY VB 2 -49.31 38.62 -28.27
N HIS VB 3 -48.31 38.55 -27.38
CA HIS VB 3 -48.61 38.31 -25.98
C HIS VB 3 -49.26 39.55 -25.38
N ASN VB 4 -50.35 39.34 -24.66
CA ASN VB 4 -51.06 40.45 -24.05
C ASN VB 4 -50.19 41.17 -23.02
N ASN VB 5 -49.26 40.45 -22.39
CA ASN VB 5 -48.39 41.03 -21.37
C ASN VB 5 -47.07 41.41 -22.02
N THR VB 6 -47.11 42.45 -22.84
CA THR VB 6 -45.92 42.88 -23.56
C THR VB 6 -45.65 44.36 -23.34
N LYS VB 7 -46.72 45.14 -23.19
CA LYS VB 7 -46.58 46.59 -23.06
C LYS VB 7 -45.89 46.95 -21.75
N GLY VB 8 -45.02 47.96 -21.81
CA GLY VB 8 -44.32 48.44 -20.64
C GLY VB 8 -44.26 49.96 -20.62
N ASN VB 9 -43.63 50.48 -19.57
CA ASN VB 9 -43.46 51.91 -19.39
C ASN VB 9 -42.00 52.28 -19.61
N ARG VB 10 -41.75 53.60 -19.68
CA ARG VB 10 -40.40 54.09 -19.95
C ARG VB 10 -39.73 54.69 -18.75
N LYS VB 11 -40.42 55.54 -17.98
CA LYS VB 11 -39.76 56.31 -16.94
C LYS VB 11 -38.98 55.44 -15.97
N PHE VB 12 -39.43 54.20 -15.78
CA PHE VB 12 -38.73 53.26 -14.92
C PHE VB 12 -37.30 53.06 -15.40
N ILE VB 13 -37.16 52.50 -16.61
CA ILE VB 13 -35.84 52.29 -17.19
C ILE VB 13 -35.14 53.61 -17.45
N LYS VB 14 -35.86 54.72 -17.56
CA LYS VB 14 -35.20 55.98 -17.84
C LYS VB 14 -34.46 56.48 -16.61
N GLY VB 15 -35.15 56.51 -15.47
CA GLY VB 15 -34.48 56.82 -14.21
C GLY VB 15 -33.41 55.81 -13.87
N ARG VB 16 -33.68 54.53 -14.17
CA ARG VB 16 -32.63 53.52 -14.17
C ARG VB 16 -31.40 53.98 -14.94
N TYR VB 17 -31.61 54.42 -16.17
CA TYR VB 17 -30.51 54.83 -17.03
C TYR VB 17 -29.74 55.99 -16.43
N THR VB 18 -30.48 56.95 -15.86
CA THR VB 18 -29.83 58.06 -15.19
C THR VB 18 -28.97 57.56 -14.04
N ALA VB 19 -29.50 56.64 -13.26
CA ALA VB 19 -28.74 56.12 -12.12
C ALA VB 19 -27.46 55.44 -12.59
N ASN VB 20 -27.56 54.63 -13.64
CA ASN VB 20 -26.36 53.96 -14.14
C ASN VB 20 -25.36 54.96 -14.69
N ALA VB 21 -25.83 55.93 -15.46
CA ALA VB 21 -24.94 56.93 -16.02
C ALA VB 21 -24.43 57.89 -14.97
N ALA VB 22 -24.99 57.86 -13.76
CA ALA VB 22 -24.55 58.73 -12.69
C ALA VB 22 -23.76 57.99 -11.63
N LYS VB 23 -23.68 56.66 -11.70
CA LYS VB 23 -22.86 55.92 -10.75
C LYS VB 23 -21.44 56.47 -10.72
N GLY VB 24 -20.84 56.65 -11.89
CA GLY VB 24 -19.51 57.18 -11.98
C GLY VB 24 -18.86 56.76 -13.28
N GLU VB 25 -17.82 57.51 -13.64
CA GLU VB 25 -17.12 57.23 -14.89
C GLU VB 25 -16.47 55.85 -14.85
N ARG VB 26 -16.31 55.26 -16.03
CA ARG VB 26 -15.82 53.90 -16.14
C ARG VB 26 -14.32 53.93 -16.35
N LEU VB 27 -13.61 53.05 -15.64
CA LEU VB 27 -12.15 53.03 -15.64
C LEU VB 27 -11.66 51.95 -16.59
N VAL VB 28 -10.78 52.33 -17.53
CA VAL VB 28 -10.26 51.38 -18.50
C VAL VB 28 -9.27 50.45 -17.81
N SER VB 29 -9.25 49.19 -18.25
CA SER VB 29 -8.25 48.25 -17.77
C SER VB 29 -6.85 48.64 -18.17
N SER VB 30 -6.71 49.39 -19.27
CA SER VB 30 -5.37 49.74 -19.74
C SER VB 30 -4.63 50.61 -18.74
N GLU VB 31 -5.32 51.58 -18.14
CA GLU VB 31 -4.66 52.49 -17.22
C GLU VB 31 -4.14 51.73 -16.02
N PHE VB 32 -2.88 51.98 -15.67
CA PHE VB 32 -2.19 51.30 -14.59
C PHE VB 32 -0.84 51.95 -14.42
N LEU VB 33 -0.32 51.91 -13.20
CA LEU VB 33 1.07 52.26 -12.95
C LEU VB 33 1.63 51.29 -11.91
N LEU VB 34 2.88 50.90 -12.10
CA LEU VB 34 3.55 49.99 -11.20
C LEU VB 34 4.96 50.49 -10.96
N THR VB 35 5.40 50.47 -9.70
CA THR VB 35 6.72 50.95 -9.33
C THR VB 35 7.40 49.94 -8.41
N PHE VB 36 8.70 49.73 -8.64
CA PHE VB 36 9.48 48.86 -7.78
C PHE VB 36 9.92 49.65 -6.54
N ALA VB 37 10.79 49.01 -5.75
CA ALA VB 37 11.47 49.67 -4.64
C ALA VB 37 12.83 50.15 -5.14
N GLY VB 38 12.91 51.42 -5.52
CA GLY VB 38 14.16 52.02 -5.95
C GLY VB 38 14.45 51.94 -7.43
N HIS VB 39 13.59 51.31 -8.23
CA HIS VB 39 13.78 51.23 -9.67
C HIS VB 39 12.52 51.66 -10.40
N GLU VB 40 11.78 52.61 -9.81
CA GLU VB 40 10.63 53.18 -10.49
C GLU VB 40 11.01 53.90 -11.76
N ASP VB 41 12.27 54.33 -11.87
CA ASP VB 41 12.76 54.92 -13.11
C ASP VB 41 12.61 53.95 -14.28
N ILE VB 42 12.77 52.65 -14.01
CA ILE VB 42 12.69 51.65 -15.06
C ILE VB 42 11.40 50.85 -15.00
N SER VB 43 10.60 50.99 -13.94
CA SER VB 43 9.39 50.19 -13.81
C SER VB 43 8.31 50.54 -14.82
N VAL VB 44 8.45 51.65 -15.55
CA VAL VB 44 7.42 52.07 -16.49
C VAL VB 44 7.23 51.07 -17.62
N LEU VB 45 8.27 50.29 -17.90
CA LEU VB 45 8.30 49.39 -19.05
C LEU VB 45 7.26 48.27 -18.99
N VAL VB 46 6.63 48.04 -17.84
CA VAL VB 46 5.62 46.99 -17.75
C VAL VB 46 4.44 47.33 -18.64
N ARG VB 47 3.85 46.30 -19.25
CA ARG VB 47 2.67 46.49 -20.10
C ARG VB 47 1.50 45.59 -19.73
N THR VB 48 1.73 44.36 -19.33
CA THR VB 48 0.63 43.46 -18.98
C THR VB 48 0.86 42.85 -17.61
N SER VB 49 -0.15 42.96 -16.76
CA SER VB 49 -0.11 42.38 -15.42
C SER VB 49 -1.54 42.29 -14.91
N GLN VB 50 -1.69 41.66 -13.75
CA GLN VB 50 -2.97 41.53 -13.09
C GLN VB 50 -2.83 41.94 -11.63
N ILE VB 51 -3.93 42.41 -11.05
CA ILE VB 51 -3.89 42.73 -9.62
C ILE VB 51 -3.61 41.45 -8.85
N PRO VB 52 -2.88 41.50 -7.73
CA PRO VB 52 -2.65 40.28 -6.96
C PRO VB 52 -3.96 39.71 -6.48
N GLU VB 53 -4.10 38.39 -6.61
CA GLU VB 53 -5.34 37.76 -6.18
C GLU VB 53 -5.44 37.82 -4.67
N MET VB 54 -6.62 38.21 -4.18
CA MET VB 54 -6.92 38.21 -2.77
C MET VB 54 -8.13 37.33 -2.52
N THR VB 55 -8.00 36.41 -1.56
CA THR VB 55 -9.10 35.55 -1.15
C THR VB 55 -8.67 34.81 0.11
N ARG VB 56 -9.66 34.18 0.73
CA ARG VB 56 -9.51 33.41 1.95
C ARG VB 56 -10.20 32.08 1.71
N GLU VB 57 -9.67 31.00 2.28
CA GLU VB 57 -10.22 29.71 1.91
C GLU VB 57 -11.43 29.36 2.77
N ASP VB 58 -12.20 28.38 2.29
CA ASP VB 58 -13.40 27.93 2.97
C ASP VB 58 -13.27 26.46 3.34
N VAL VB 59 -13.55 26.16 4.60
CA VAL VB 59 -13.67 24.79 5.06
C VAL VB 59 -15.11 24.35 4.81
N GLU VB 60 -15.30 23.32 4.00
CA GLU VB 60 -16.62 22.75 3.72
C GLU VB 60 -16.83 21.56 4.64
N ASP VB 61 -17.67 21.74 5.65
CA ASP VB 61 -17.95 20.68 6.61
C ASP VB 61 -19.33 20.08 6.37
N TYR VB 62 -19.50 18.86 6.86
CA TYR VB 62 -20.77 18.16 6.80
C TYR VB 62 -21.19 17.81 8.21
N GLY VB 63 -22.49 17.94 8.50
CA GLY VB 63 -23.01 17.63 9.80
C GLY VB 63 -24.12 16.60 9.72
N PRO VB 64 -24.83 16.42 10.84
CA PRO VB 64 -25.98 15.50 10.85
C PRO VB 64 -27.04 15.96 9.86
N ASN VB 65 -27.93 15.03 9.51
CA ASN VB 65 -29.04 15.32 8.58
C ASN VB 65 -28.50 15.80 7.23
N GLY VB 66 -27.33 15.30 6.85
CA GLY VB 66 -26.74 15.61 5.57
C GLY VB 66 -26.49 17.08 5.31
N VAL VB 67 -26.36 17.89 6.35
CA VAL VB 67 -26.26 19.33 6.19
C VAL VB 67 -24.84 19.69 5.75
N LYS VB 68 -24.75 20.59 4.78
CA LYS VB 68 -23.50 21.18 4.37
C LYS VB 68 -23.30 22.53 5.05
N PHE VB 69 -22.05 22.87 5.35
CA PHE VB 69 -21.76 24.15 5.97
C PHE VB 69 -20.41 24.65 5.48
N ASN VB 70 -20.26 25.97 5.47
CA ASN VB 70 -19.04 26.62 5.04
C ASN VB 70 -18.49 27.50 6.15
N GLN VB 71 -17.18 27.44 6.37
CA GLN VB 71 -16.55 28.15 7.47
C GLN VB 71 -15.27 28.84 7.00
N HIS VB 72 -14.88 29.87 7.75
CA HIS VB 72 -13.74 30.69 7.40
C HIS VB 72 -12.45 29.86 7.46
N GLY VB 73 -11.43 30.29 6.74
CA GLY VB 73 -10.13 29.69 6.89
C GLY VB 73 -9.03 30.72 6.85
N PRO VB 74 -7.81 30.25 6.61
CA PRO VB 74 -6.69 31.18 6.43
C PRO VB 74 -6.85 32.03 5.18
N ILE VB 75 -6.30 33.23 5.25
CA ILE VB 75 -6.24 34.08 4.08
C ILE VB 75 -5.34 33.43 3.03
N ARG VB 76 -5.83 33.34 1.80
CA ARG VB 76 -5.02 32.82 0.70
C ARG VB 76 -4.17 33.97 0.15
N ASN VB 77 -3.28 34.46 1.02
CA ASN VB 77 -2.51 35.65 0.75
C ASN VB 77 -1.34 35.42 -0.22
N SER VB 78 -0.92 34.18 -0.41
CA SER VB 78 0.23 33.86 -1.25
C SER VB 78 -0.21 33.22 -2.55
N GLY VB 79 0.67 33.31 -3.55
CA GLY VB 79 0.41 32.72 -4.85
C GLY VB 79 1.38 33.25 -5.89
N GLU VB 80 0.96 33.14 -7.15
CA GLU VB 80 1.81 33.46 -8.28
C GLU VB 80 1.12 34.47 -9.20
N ILE VB 81 1.90 35.38 -9.76
CA ILE VB 81 1.42 36.41 -10.68
C ILE VB 81 2.32 36.43 -11.91
N GLN VB 82 1.72 36.28 -13.08
CA GLN VB 82 2.45 36.32 -14.34
C GLN VB 82 2.23 37.67 -15.01
N VAL VB 83 3.33 38.32 -15.38
CA VAL VB 83 3.28 39.65 -15.97
C VAL VB 83 4.06 39.66 -17.28
N GLN VB 84 3.72 40.63 -18.12
CA GLN VB 84 4.36 40.82 -19.42
C GLN VB 84 4.95 42.22 -19.50
N CYS VB 85 6.18 42.31 -20.01
CA CYS VB 85 6.91 43.57 -20.00
C CYS VB 85 7.70 43.69 -21.31
N VAL VB 86 8.71 44.55 -21.29
CA VAL VB 86 9.58 44.77 -22.45
C VAL VB 86 10.98 45.16 -21.97
N GLU VB 87 11.99 44.70 -22.68
CA GLU VB 87 13.38 44.94 -22.31
C GLU VB 87 13.89 46.20 -23.02
N THR VB 88 15.21 46.43 -22.95
CA THR VB 88 15.79 47.59 -23.62
C THR VB 88 16.94 47.18 -24.53
N ILE VB 89 17.70 48.17 -25.00
CA ILE VB 89 18.84 47.90 -25.87
C ILE VB 89 19.86 47.02 -25.17
N GLU VB 90 20.18 47.35 -23.92
CA GLU VB 90 21.22 46.61 -23.22
C GLU VB 90 20.68 45.60 -22.22
N GLY VB 91 19.36 45.54 -22.03
CA GLY VB 91 18.78 44.59 -21.10
C GLY VB 91 18.71 45.08 -19.66
N ASP VB 92 18.02 46.19 -19.45
CA ASP VB 92 17.83 46.70 -18.10
C ASP VB 92 17.29 45.62 -17.19
N ILE VB 93 16.24 44.93 -17.63
CA ILE VB 93 15.61 43.89 -16.82
C ILE VB 93 16.56 42.72 -16.62
N LEU VB 94 17.37 42.40 -17.63
CA LEU VB 94 18.32 41.30 -17.49
C LEU VB 94 19.34 41.60 -16.40
N GLN VB 95 19.96 42.79 -16.47
CA GLN VB 95 20.91 43.16 -15.44
C GLN VB 95 20.22 43.26 -14.08
N PHE VB 96 18.99 43.75 -14.06
CA PHE VB 96 18.28 43.92 -12.80
C PHE VB 96 18.02 42.57 -12.13
N ILE VB 97 17.53 41.60 -12.90
CA ILE VB 97 17.27 40.28 -12.34
C ILE VB 97 18.58 39.58 -12.00
N LYS VB 98 19.63 39.79 -12.79
CA LYS VB 98 20.91 39.19 -12.47
C LYS VB 98 21.44 39.73 -11.15
N ASP VB 99 21.34 41.05 -10.96
CA ASP VB 99 21.75 41.65 -9.70
C ASP VB 99 20.86 41.18 -8.56
N ARG VB 100 19.57 41.03 -8.81
CA ARG VB 100 18.64 40.55 -7.80
C ARG VB 100 18.98 39.14 -7.35
N ILE VB 101 19.27 38.25 -8.30
CA ILE VB 101 19.60 36.88 -7.94
C ILE VB 101 20.97 36.82 -7.28
N ALA VB 102 21.88 37.72 -7.67
CA ALA VB 102 23.16 37.79 -6.98
C ALA VB 102 22.99 38.23 -5.53
N ALA VB 103 22.18 39.26 -5.30
CA ALA VB 103 22.01 39.80 -3.96
C ALA VB 103 21.18 38.90 -3.07
N LYS VB 104 20.28 38.12 -3.67
CA LYS VB 104 19.44 37.17 -2.94
C LYS VB 104 18.60 37.91 -1.88
N ASP VB 105 17.86 38.92 -2.36
CA ASP VB 105 17.15 39.84 -1.48
C ASP VB 105 15.65 39.79 -1.76
N TYR VB 106 14.91 40.62 -1.02
CA TYR VB 106 13.48 40.77 -1.19
C TYR VB 106 13.16 42.18 -1.66
N VAL VB 107 12.05 42.29 -2.40
CA VAL VB 107 11.68 43.53 -3.05
C VAL VB 107 10.23 43.86 -2.70
N ASP VB 108 9.90 45.15 -2.75
CA ASP VB 108 8.56 45.64 -2.49
C ASP VB 108 8.09 46.44 -3.69
N ILE VB 109 6.82 46.27 -4.06
CA ILE VB 109 6.25 46.89 -5.25
C ILE VB 109 5.01 47.67 -4.85
N THR VB 110 4.67 48.67 -5.67
CA THR VB 110 3.46 49.45 -5.49
C THR VB 110 2.69 49.50 -6.80
N MET VB 111 1.40 49.21 -6.74
CA MET VB 111 0.53 49.21 -7.90
C MET VB 111 -0.55 50.25 -7.69
N ALA VB 112 -0.96 50.93 -8.76
CA ALA VB 112 -2.01 51.92 -8.60
C ALA VB 112 -2.72 52.15 -9.94
N ALA VB 113 -3.92 52.71 -9.83
CA ALA VB 113 -4.71 53.11 -10.98
C ALA VB 113 -4.96 54.61 -10.89
N THR VB 114 -4.33 55.37 -11.78
CA THR VB 114 -4.39 56.83 -11.77
C THR VB 114 -4.97 57.31 -13.10
N PRO VB 115 -6.28 57.55 -13.16
CA PRO VB 115 -6.84 58.15 -14.38
C PRO VB 115 -6.23 59.51 -14.64
N GLU VB 116 -5.98 59.78 -15.92
CA GLU VB 116 -5.33 61.02 -16.30
C GLU VB 116 -6.22 62.22 -16.06
N SER VB 117 -7.55 62.01 -16.04
CA SER VB 117 -8.47 63.12 -15.82
C SER VB 117 -8.24 63.79 -14.48
N LYS VB 118 -8.01 62.99 -13.44
CA LYS VB 118 -7.80 63.52 -12.10
C LYS VB 118 -6.34 63.80 -11.80
N SER VB 119 -5.42 63.49 -12.72
CA SER VB 119 -4.02 63.75 -12.48
C SER VB 119 -3.77 65.24 -12.35
N SER VB 120 -2.96 65.62 -11.36
CA SER VB 120 -2.66 67.02 -11.10
C SER VB 120 -1.20 67.16 -10.69
N GLY VB 121 -0.67 68.37 -10.84
CA GLY VB 121 0.71 68.63 -10.52
C GLY VB 121 1.61 68.53 -11.73
N VAL VB 122 2.75 67.87 -11.58
CA VAL VB 122 3.69 67.65 -12.67
C VAL VB 122 3.79 66.18 -13.05
N ASN VB 123 3.74 65.29 -12.07
CA ASN VB 123 3.75 63.84 -12.29
C ASN VB 123 2.46 63.24 -11.75
N ALA VB 124 2.19 62.01 -12.16
CA ALA VB 124 0.94 61.35 -11.81
C ALA VB 124 0.80 61.24 -10.29
N VAL VB 125 -0.36 61.62 -9.78
CA VAL VB 125 -0.66 61.58 -8.36
C VAL VB 125 -1.75 60.55 -8.12
N THR VB 126 -1.52 59.68 -7.15
CA THR VB 126 -2.43 58.59 -6.84
C THR VB 126 -3.31 58.95 -5.64
N LYS VB 127 -4.26 58.07 -5.36
CA LYS VB 127 -5.11 58.19 -4.18
C LYS VB 127 -5.13 56.85 -3.45
N ALA VB 128 -5.36 56.91 -2.13
CA ALA VB 128 -5.30 55.71 -1.31
C ALA VB 128 -6.31 54.67 -1.75
N ALA VB 129 -7.41 55.10 -2.38
CA ALA VB 129 -8.43 54.15 -2.80
C ALA VB 129 -7.90 53.17 -3.84
N THR VB 130 -7.15 53.68 -4.82
CA THR VB 130 -6.74 52.89 -5.98
C THR VB 130 -5.27 52.52 -5.97
N THR VB 131 -4.72 52.29 -4.78
CA THR VB 131 -3.31 51.93 -4.66
C THR VB 131 -3.17 50.74 -3.72
N ILE VB 132 -2.32 49.80 -4.10
CA ILE VB 132 -2.03 48.61 -3.32
C ILE VB 132 -0.53 48.41 -3.24
N GLU VB 133 -0.01 48.19 -2.04
CA GLU VB 133 1.39 47.90 -1.84
C GLU VB 133 1.55 46.40 -1.66
N MET VB 134 2.59 45.84 -2.29
CA MET VB 134 2.85 44.41 -2.22
C MET VB 134 4.24 44.16 -1.64
N LEU VB 135 4.29 43.24 -0.69
CA LEU VB 135 5.48 42.93 0.10
C LEU VB 135 5.91 41.50 -0.17
N ASP VB 136 7.20 41.24 0.11
CA ASP VB 136 7.79 39.92 -0.05
C ASP VB 136 7.54 39.38 -1.44
N CYS VB 137 7.79 40.24 -2.43
CA CYS VB 137 7.66 39.84 -3.83
C CYS VB 137 8.87 39.02 -4.24
N LYS VB 138 8.63 37.98 -5.03
CA LYS VB 138 9.67 37.04 -5.41
C LYS VB 138 9.71 37.07 -6.93
N ILE VB 139 10.69 37.77 -7.49
CA ILE VB 139 10.71 38.12 -8.91
C ILE VB 139 11.55 37.11 -9.67
N TYR VB 140 11.01 36.58 -10.77
CA TYR VB 140 11.81 35.80 -11.71
C TYR VB 140 11.21 35.92 -13.10
N SER VB 141 12.01 35.61 -14.09
CA SER VB 141 11.60 35.71 -15.49
C SER VB 141 11.44 34.31 -16.09
N ASP VB 142 11.00 34.28 -17.34
CA ASP VB 142 10.76 33.05 -18.06
C ASP VB 142 11.39 33.14 -19.44
N ALA VB 143 11.70 31.98 -20.00
CA ALA VB 143 12.27 31.94 -21.35
C ALA VB 143 11.24 32.45 -22.36
N ILE VB 144 11.71 33.26 -23.31
CA ILE VB 144 10.85 33.89 -24.29
C ILE VB 144 11.26 33.40 -25.67
N ASP VB 145 10.29 32.87 -26.42
CA ASP VB 145 10.54 32.25 -27.70
C ASP VB 145 10.27 33.25 -28.82
N PHE VB 146 11.30 33.52 -29.62
CA PHE VB 146 11.17 34.34 -30.82
C PHE VB 146 11.12 33.42 -32.03
N SER VB 147 10.08 33.58 -32.85
CA SER VB 147 9.77 32.63 -33.89
C SER VB 147 10.56 32.95 -35.16
N THR VB 148 10.16 32.32 -36.26
CA THR VB 148 10.75 32.56 -37.57
C THR VB 148 10.06 33.70 -38.30
N GLU VB 149 8.74 33.74 -38.26
CA GLU VB 149 7.94 34.74 -38.94
C GLU VB 149 7.70 35.97 -38.10
N ASP VB 150 8.41 36.11 -36.99
CA ASP VB 150 8.20 37.21 -36.05
C ASP VB 150 8.83 38.50 -36.59
N VAL VB 151 8.42 38.86 -37.80
CA VAL VB 151 8.97 40.06 -38.45
C VAL VB 151 8.45 41.31 -37.77
N THR VB 152 7.18 41.33 -37.41
CA THR VB 152 6.56 42.50 -36.79
C THR VB 152 6.43 42.37 -35.28
N ALA VB 153 6.95 41.30 -34.70
CA ALA VB 153 6.83 41.04 -33.27
C ALA VB 153 8.19 41.16 -32.59
N ALA VB 154 8.23 41.89 -31.49
CA ALA VB 154 9.44 42.02 -30.68
C ALA VB 154 9.38 41.07 -29.49
N VAL VB 155 10.47 41.05 -28.72
CA VAL VB 155 10.53 40.17 -27.56
C VAL VB 155 9.54 40.65 -26.51
N ARG VB 156 8.76 39.71 -25.98
CA ARG VB 156 7.82 39.98 -24.88
C ARG VB 156 8.28 39.21 -23.66
N PRO VB 157 9.08 39.83 -22.78
CA PRO VB 157 9.56 39.12 -21.58
C PRO VB 157 8.43 38.89 -20.58
N SER VB 158 8.22 37.64 -20.22
CA SER VB 158 7.25 37.25 -19.20
C SER VB 158 7.97 36.96 -17.90
N LEU VB 159 7.37 37.40 -16.80
CA LEU VB 159 7.93 37.19 -15.48
C LEU VB 159 6.91 36.55 -14.56
N ARG VB 160 7.37 35.59 -13.77
CA ARG VB 160 6.58 34.97 -12.74
C ARG VB 160 7.02 35.52 -11.38
N ILE VB 161 6.05 35.86 -10.56
CA ILE VB 161 6.28 36.56 -9.30
C ILE VB 161 5.51 35.85 -8.20
N VAL VB 162 6.22 35.35 -7.20
CA VAL VB 162 5.58 34.78 -6.03
C VAL VB 162 5.26 35.91 -5.07
N TYR VB 163 3.98 36.08 -4.77
CA TYR VB 163 3.52 37.10 -3.85
C TYR VB 163 3.01 36.46 -2.57
N ASN VB 164 3.28 37.11 -1.43
CA ASN VB 164 3.06 36.52 -0.12
C ASN VB 164 1.88 37.10 0.64
N TRP VB 165 1.78 38.42 0.73
CA TRP VB 165 0.69 39.00 1.51
C TRP VB 165 0.45 40.44 1.06
N ILE VB 166 -0.82 40.80 0.95
CA ILE VB 166 -1.25 42.02 0.30
C ILE VB 166 -1.57 43.07 1.36
N GLU VB 167 -1.05 44.28 1.18
CA GLU VB 167 -1.39 45.39 2.03
C GLU VB 167 -2.06 46.49 1.22
N TRP VB 168 -3.08 47.10 1.80
CA TRP VB 168 -3.83 48.18 1.19
C TRP VB 168 -3.66 49.44 2.01
N ASP VB 169 -3.36 50.55 1.33
CA ASP VB 169 -3.22 51.83 2.02
C ASP VB 169 -4.42 52.73 1.73
N GLY WB 2 -41.88 12.74 -54.92
CA GLY WB 2 -40.95 11.78 -54.33
C GLY WB 2 -41.64 10.68 -53.56
N HIS WB 3 -41.55 10.73 -52.23
CA HIS WB 3 -42.18 9.73 -51.38
C HIS WB 3 -43.68 9.93 -51.37
N ASN WB 4 -44.41 8.81 -51.42
CA ASN WB 4 -45.87 8.88 -51.40
C ASN WB 4 -46.38 9.43 -50.07
N ASN WB 5 -45.65 9.17 -48.98
CA ASN WB 5 -46.08 9.60 -47.65
C ASN WB 5 -45.38 10.91 -47.31
N THR WB 6 -45.81 11.97 -48.00
CA THR WB 6 -45.16 13.26 -47.82
C THR WB 6 -46.19 14.35 -47.53
N LYS WB 7 -47.40 14.20 -48.08
CA LYS WB 7 -48.43 15.22 -47.92
C LYS WB 7 -48.90 15.28 -46.48
N GLY WB 8 -49.15 16.50 -46.00
CA GLY WB 8 -49.64 16.72 -44.66
C GLY WB 8 -50.71 17.79 -44.64
N ASN WB 9 -51.22 18.06 -43.44
CA ASN WB 9 -52.25 19.06 -43.21
C ASN WB 9 -51.66 20.25 -42.48
N ARG WB 10 -52.44 21.33 -42.41
CA ARG WB 10 -51.97 22.57 -41.81
C ARG WB 10 -52.57 22.84 -40.45
N LYS WB 11 -53.90 22.69 -40.30
CA LYS WB 11 -54.56 23.15 -39.09
C LYS WB 11 -53.94 22.57 -37.83
N PHE WB 12 -53.36 21.37 -37.94
CA PHE WB 12 -52.68 20.76 -36.81
C PHE WB 12 -51.57 21.66 -36.30
N ILE WB 13 -50.56 21.90 -37.15
CA ILE WB 13 -49.47 22.78 -36.78
C ILE WB 13 -49.92 24.20 -36.58
N LYS WB 14 -51.05 24.60 -37.15
CA LYS WB 14 -51.50 25.98 -36.99
C LYS WB 14 -52.00 26.22 -35.58
N GLY WB 15 -52.89 25.34 -35.10
CA GLY WB 15 -53.30 25.40 -33.71
C GLY WB 15 -52.14 25.16 -32.78
N ARG WB 16 -51.22 24.29 -33.18
CA ARG WB 16 -49.97 24.12 -32.45
C ARG WB 16 -49.27 25.46 -32.28
N TYR WB 17 -49.11 26.19 -33.37
CA TYR WB 17 -48.48 27.50 -33.35
C TYR WB 17 -49.22 28.45 -32.44
N THR WB 18 -50.55 28.43 -32.49
CA THR WB 18 -51.31 29.30 -31.62
C THR WB 18 -51.03 28.98 -30.16
N ALA WB 19 -51.01 27.69 -29.82
CA ALA WB 19 -50.71 27.29 -28.45
C ALA WB 19 -49.32 27.76 -28.05
N ASN WB 20 -48.35 27.61 -28.95
CA ASN WB 20 -47.01 28.03 -28.63
C ASN WB 20 -46.94 29.53 -28.39
N ALA WB 21 -47.55 30.30 -29.28
CA ALA WB 21 -47.54 31.76 -29.15
C ALA WB 21 -48.45 32.24 -28.03
N ALA WB 22 -49.26 31.35 -27.45
CA ALA WB 22 -50.13 31.73 -26.35
C ALA WB 22 -49.63 31.21 -25.01
N LYS WB 23 -48.60 30.37 -25.00
CA LYS WB 23 -48.04 29.92 -23.74
C LYS WB 23 -47.70 31.10 -22.83
N GLY WB 24 -47.02 32.09 -23.39
CA GLY WB 24 -46.67 33.29 -22.65
C GLY WB 24 -45.43 33.92 -23.23
N GLU WB 25 -45.26 35.21 -22.91
CA GLU WB 25 -44.13 35.95 -23.44
C GLU WB 25 -42.83 35.34 -22.95
N ARG WB 26 -41.78 35.48 -23.77
CA ARG WB 26 -40.51 34.86 -23.49
C ARG WB 26 -39.59 35.86 -22.82
N LEU WB 27 -38.93 35.42 -21.76
CA LEU WB 27 -38.14 36.27 -20.87
C LEU WB 27 -36.68 36.25 -21.29
N VAL WB 28 -36.10 37.42 -21.49
CA VAL WB 28 -34.70 37.50 -21.90
C VAL WB 28 -33.80 37.13 -20.74
N SER WB 29 -32.68 36.47 -21.05
CA SER WB 29 -31.68 36.17 -20.04
C SER WB 29 -31.04 37.44 -19.48
N SER WB 30 -31.01 38.52 -20.27
CA SER WB 30 -30.35 39.73 -19.83
C SER WB 30 -31.03 40.33 -18.60
N GLU WB 31 -32.36 40.33 -18.58
CA GLU WB 31 -33.07 40.93 -17.47
C GLU WB 31 -32.76 40.18 -16.18
N PHE WB 32 -32.44 40.93 -15.14
CA PHE WB 32 -32.04 40.38 -13.85
C PHE WB 32 -31.88 41.54 -12.88
N LEU WB 33 -32.12 41.27 -11.61
CA LEU WB 33 -31.75 42.20 -10.56
C LEU WB 33 -31.21 41.41 -9.38
N LEU WB 34 -30.17 41.94 -8.74
CA LEU WB 34 -29.55 41.32 -7.59
C LEU WB 34 -29.28 42.37 -6.54
N THR WB 35 -29.57 42.05 -5.28
CA THR WB 35 -29.38 42.97 -4.17
C THR WB 35 -28.69 42.27 -3.01
N PHE WB 36 -27.74 42.97 -2.39
CA PHE WB 36 -27.09 42.45 -1.20
C PHE WB 36 -27.96 42.70 0.02
N ALA WB 37 -27.39 42.42 1.19
CA ALA WB 37 -27.99 42.78 2.46
C ALA WB 37 -27.39 44.11 2.90
N GLY WB 38 -28.12 45.20 2.63
CA GLY WB 38 -27.71 46.52 3.07
C GLY WB 38 -26.85 47.30 2.09
N HIS WB 39 -26.48 46.71 0.94
CA HIS WB 39 -25.70 47.40 -0.07
C HIS WB 39 -26.36 47.30 -1.44
N GLU WB 40 -27.69 47.27 -1.45
CA GLU WB 40 -28.43 47.29 -2.70
C GLU WB 40 -28.20 48.57 -3.48
N ASP WB 41 -27.78 49.64 -2.79
CA ASP WB 41 -27.40 50.87 -3.48
C ASP WB 41 -26.27 50.64 -4.46
N ILE WB 42 -25.36 49.72 -4.13
CA ILE WB 42 -24.21 49.45 -4.97
C ILE WB 42 -24.33 48.15 -5.72
N SER WB 43 -25.32 47.30 -5.39
CA SER WB 43 -25.42 45.99 -6.02
C SER WB 43 -25.81 46.05 -7.49
N VAL WB 44 -26.24 47.21 -8.00
CA VAL WB 44 -26.70 47.30 -9.39
C VAL WB 44 -25.56 47.02 -10.36
N LEU WB 45 -24.32 47.20 -9.93
CA LEU WB 45 -23.15 47.10 -10.78
C LEU WB 45 -22.92 45.71 -11.36
N VAL WB 46 -23.58 44.69 -10.85
CA VAL WB 46 -23.40 43.34 -11.38
C VAL WB 46 -23.88 43.28 -12.82
N ARG WB 47 -23.18 42.50 -13.65
CA ARG WB 47 -23.56 42.31 -15.04
C ARG WB 47 -23.71 40.86 -15.47
N THR WB 48 -22.85 39.96 -14.98
CA THR WB 48 -22.93 38.56 -15.38
C THR WB 48 -22.97 37.67 -14.15
N SER WB 49 -23.96 36.79 -14.11
CA SER WB 49 -24.11 35.83 -13.02
C SER WB 49 -25.02 34.72 -13.51
N GLN WB 50 -25.16 33.69 -12.68
CA GLN WB 50 -26.03 32.57 -12.95
C GLN WB 50 -26.88 32.29 -11.72
N ILE WB 51 -28.05 31.71 -11.96
CA ILE WB 51 -28.90 31.33 -10.83
C ILE WB 51 -28.16 30.27 -10.01
N PRO WB 52 -28.31 30.23 -8.69
CA PRO WB 52 -27.63 29.20 -7.92
C PRO WB 52 -28.12 27.82 -8.34
N GLU WB 53 -27.20 26.90 -8.50
CA GLU WB 53 -27.57 25.55 -8.92
C GLU WB 53 -28.34 24.87 -7.81
N MET WB 54 -29.45 24.24 -8.17
CA MET WB 54 -30.23 23.44 -7.24
C MET WB 54 -30.34 22.02 -7.78
N THR WB 55 -30.05 21.05 -6.92
CA THR WB 55 -30.18 19.65 -7.26
C THR WB 55 -29.96 18.82 -5.99
N ARG WB 56 -30.32 17.55 -6.10
CA ARG WB 56 -30.20 16.58 -5.03
C ARG WB 56 -29.51 15.36 -5.60
N GLU WB 57 -28.70 14.68 -4.79
CA GLU WB 57 -27.87 13.63 -5.36
C GLU WB 57 -28.63 12.32 -5.45
N ASP WB 58 -28.14 11.44 -6.32
CA ASP WB 58 -28.74 10.14 -6.53
C ASP WB 58 -27.77 9.04 -6.14
N VAL WB 59 -28.24 8.11 -5.32
CA VAL WB 59 -27.50 6.89 -5.04
C VAL WB 59 -27.85 5.86 -6.11
N GLU WB 60 -26.84 5.41 -6.83
CA GLU WB 60 -27.00 4.38 -7.86
C GLU WB 60 -26.63 3.04 -7.24
N ASP WB 61 -27.64 2.22 -6.98
CA ASP WB 61 -27.45 0.92 -6.38
C ASP WB 61 -27.63 -0.19 -7.41
N TYR WB 62 -27.05 -1.35 -7.11
CA TYR WB 62 -27.18 -2.53 -7.93
C TYR WB 62 -27.77 -3.65 -7.08
N GLY WB 63 -28.67 -4.43 -7.68
CA GLY WB 63 -29.30 -5.51 -6.98
C GLY WB 63 -29.11 -6.83 -7.70
N PRO WB 64 -29.83 -7.86 -7.26
CA PRO WB 64 -29.78 -9.15 -7.94
C PRO WB 64 -30.25 -9.02 -9.38
N ASN WB 65 -29.88 -10.02 -10.20
CA ASN WB 65 -30.28 -10.05 -11.61
C ASN WB 65 -29.75 -8.82 -12.35
N GLY WB 66 -28.60 -8.31 -11.90
CA GLY WB 66 -27.95 -7.18 -12.55
C GLY WB 66 -28.78 -5.93 -12.63
N VAL WB 67 -29.76 -5.77 -11.74
CA VAL WB 67 -30.68 -4.63 -11.84
C VAL WB 67 -30.01 -3.37 -11.32
N LYS WB 68 -30.19 -2.28 -12.03
CA LYS WB 68 -29.76 -0.96 -11.59
C LYS WB 68 -30.94 -0.22 -10.96
N PHE WB 69 -30.65 0.61 -9.96
CA PHE WB 69 -31.69 1.39 -9.31
C PHE WB 69 -31.13 2.72 -8.87
N ASN WB 70 -32.01 3.72 -8.80
CA ASN WB 70 -31.64 5.07 -8.39
C ASN WB 70 -32.49 5.50 -7.21
N GLN WB 71 -31.85 6.14 -6.23
CA GLN WB 71 -32.53 6.52 -5.00
C GLN WB 71 -32.14 7.94 -4.61
N HIS WB 72 -33.04 8.57 -3.86
CA HIS WB 72 -32.81 9.91 -3.35
C HIS WB 72 -31.57 9.95 -2.46
N GLY WB 73 -31.00 11.15 -2.34
CA GLY WB 73 -30.01 11.40 -1.33
C GLY WB 73 -30.18 12.77 -0.71
N PRO WB 74 -29.13 13.28 -0.10
CA PRO WB 74 -29.17 14.65 0.42
C PRO WB 74 -29.26 15.68 -0.69
N ILE WB 75 -29.86 16.82 -0.35
CA ILE WB 75 -29.90 17.93 -1.28
C ILE WB 75 -28.48 18.42 -1.53
N ARG WB 76 -28.15 18.63 -2.80
CA ARG WB 76 -26.88 19.25 -3.16
C ARG WB 76 -27.04 20.75 -3.11
N ASN WB 77 -27.26 21.24 -1.89
CA ASN WB 77 -27.60 22.63 -1.65
C ASN WB 77 -26.40 23.57 -1.71
N SER WB 78 -25.19 23.05 -1.55
CA SER WB 78 -23.99 23.89 -1.51
C SER WB 78 -23.19 23.75 -2.79
N GLY WB 79 -22.37 24.76 -3.05
CA GLY WB 79 -21.53 24.78 -4.23
C GLY WB 79 -20.95 26.16 -4.45
N GLU WB 80 -20.58 26.43 -5.70
CA GLU WB 80 -19.87 27.64 -6.07
C GLU WB 80 -20.56 28.36 -7.23
N ILE WB 81 -20.55 29.69 -7.18
CA ILE WB 81 -21.11 30.54 -8.23
C ILE WB 81 -20.09 31.59 -8.62
N GLN WB 82 -19.75 31.66 -9.91
CA GLN WB 82 -18.84 32.66 -10.44
C GLN WB 82 -19.64 33.76 -11.12
N VAL WB 83 -19.34 35.01 -10.76
CA VAL WB 83 -20.08 36.14 -11.29
C VAL WB 83 -19.10 37.17 -11.83
N GLN WB 84 -19.62 38.02 -12.71
CA GLN WB 84 -18.86 39.09 -13.35
C GLN WB 84 -19.52 40.43 -13.06
N CYS WB 85 -18.71 41.43 -12.71
CA CYS WB 85 -19.24 42.71 -12.28
C CYS WB 85 -18.35 43.83 -12.82
N VAL WB 86 -18.44 45.01 -12.19
CA VAL WB 86 -17.63 46.16 -12.56
C VAL WB 86 -17.38 47.02 -11.32
N GLU WB 87 -16.20 47.61 -11.25
CA GLU WB 87 -15.80 48.42 -10.10
C GLU WB 87 -16.14 49.89 -10.36
N THR WB 88 -15.65 50.78 -9.50
CA THR WB 88 -15.87 52.20 -9.69
C THR WB 88 -14.57 52.99 -9.67
N ILE WB 89 -14.69 54.32 -9.60
CA ILE WB 89 -13.50 55.19 -9.57
C ILE WB 89 -12.63 54.86 -8.37
N GLU WB 90 -13.23 54.71 -7.19
CA GLU WB 90 -12.46 54.51 -5.97
C GLU WB 90 -12.45 53.06 -5.52
N GLY WB 91 -13.19 52.17 -6.18
CA GLY WB 91 -13.21 50.77 -5.79
C GLY WB 91 -14.23 50.43 -4.73
N ASP WB 92 -15.50 50.71 -5.00
CA ASP WB 92 -16.57 50.35 -4.08
C ASP WB 92 -16.46 48.88 -3.67
N ILE WB 93 -16.32 48.01 -4.67
CA ILE WB 93 -16.26 46.57 -4.39
C ILE WB 93 -14.99 46.22 -3.62
N LEU WB 94 -13.89 46.92 -3.90
CA LEU WB 94 -12.65 46.65 -3.18
C LEU WB 94 -12.80 46.98 -1.70
N GLN WB 95 -13.31 48.18 -1.40
CA GLN WB 95 -13.54 48.53 0.00
C GLN WB 95 -14.56 47.61 0.63
N PHE WB 96 -15.58 47.21 -0.13
CA PHE WB 96 -16.62 46.36 0.42
C PHE WB 96 -16.07 45.00 0.80
N ILE WB 97 -15.30 44.38 -0.08
CA ILE WB 97 -14.72 43.08 0.23
C ILE WB 97 -13.66 43.20 1.32
N LYS WB 98 -12.92 44.31 1.34
CA LYS WB 98 -11.94 44.49 2.41
C LYS WB 98 -12.63 44.59 3.76
N ASP WB 99 -13.73 45.35 3.82
CA ASP WB 99 -14.50 45.46 5.05
C ASP WB 99 -15.14 44.12 5.40
N ARG WB 100 -15.59 43.37 4.40
CA ARG WB 100 -16.19 42.06 4.63
C ARG WB 100 -15.18 41.09 5.23
N ILE WB 101 -13.96 41.06 4.68
CA ILE WB 101 -12.95 40.15 5.20
C ILE WB 101 -12.45 40.63 6.55
N ALA WB 102 -12.48 41.94 6.80
CA ALA WB 102 -12.15 42.44 8.13
C ALA WB 102 -13.19 41.99 9.15
N ALA WB 103 -14.47 42.13 8.82
CA ALA WB 103 -15.54 41.81 9.76
C ALA WB 103 -15.71 40.31 9.94
N LYS WB 104 -15.35 39.52 8.93
CA LYS WB 104 -15.43 38.07 9.00
C LYS WB 104 -16.86 37.62 9.28
N ASP WB 105 -17.78 38.09 8.44
CA ASP WB 105 -19.21 37.93 8.67
C ASP WB 105 -19.86 37.15 7.53
N TYR WB 106 -21.16 36.96 7.64
CA TYR WB 106 -21.96 36.33 6.61
C TYR WB 106 -22.95 37.31 6.00
N VAL WB 107 -23.31 37.07 4.75
CA VAL WB 107 -24.12 37.99 3.97
C VAL WB 107 -25.27 37.23 3.34
N ASP WB 108 -26.37 37.94 3.09
CA ASP WB 108 -27.54 37.40 2.44
C ASP WB 108 -27.85 38.20 1.18
N ILE WB 109 -28.24 37.50 0.12
CA ILE WB 109 -28.47 38.13 -1.18
C ILE WB 109 -29.87 37.77 -1.66
N THR WB 110 -30.41 38.62 -2.54
CA THR WB 110 -31.71 38.38 -3.16
C THR WB 110 -31.57 38.56 -4.66
N MET WB 111 -32.08 37.58 -5.42
CA MET WB 111 -32.02 37.58 -6.87
C MET WB 111 -33.45 37.58 -7.40
N ALA WB 112 -33.69 38.27 -8.49
CA ALA WB 112 -35.04 38.28 -9.05
C ALA WB 112 -34.99 38.62 -10.53
N ALA WB 113 -36.08 38.26 -11.21
CA ALA WB 113 -36.28 38.59 -12.61
C ALA WB 113 -37.55 39.43 -12.72
N THR WB 114 -37.37 40.72 -13.04
CA THR WB 114 -38.47 41.68 -13.10
C THR WB 114 -38.55 42.26 -14.51
N PRO WB 115 -39.38 41.69 -15.38
CA PRO WB 115 -39.59 42.30 -16.69
C PRO WB 115 -40.13 43.71 -16.55
N GLU WB 116 -39.63 44.61 -17.39
CA GLU WB 116 -40.03 46.01 -17.32
C GLU WB 116 -41.48 46.20 -17.71
N SER WB 117 -42.03 45.29 -18.51
CA SER WB 117 -43.42 45.41 -18.95
C SER WB 117 -44.37 45.41 -17.75
N LYS WB 118 -44.13 44.55 -16.78
CA LYS WB 118 -44.99 44.44 -15.61
C LYS WB 118 -44.56 45.35 -14.47
N SER WB 119 -43.44 46.06 -14.62
CA SER WB 119 -42.99 46.95 -13.57
C SER WB 119 -44.00 48.06 -13.34
N SER WB 120 -44.28 48.35 -12.07
CA SER WB 120 -45.25 49.37 -11.71
C SER WB 120 -44.76 50.13 -10.49
N GLY WB 121 -45.28 51.35 -10.32
CA GLY WB 121 -44.88 52.18 -9.20
C GLY WB 121 -43.81 53.17 -9.59
N VAL WB 122 -42.78 53.31 -8.75
CA VAL WB 122 -41.66 54.18 -9.01
C VAL WB 122 -40.36 53.39 -9.22
N ASN WB 123 -40.17 52.31 -8.47
CA ASN WB 123 -39.02 51.43 -8.60
C ASN WB 123 -39.50 50.03 -8.97
N ALA WB 124 -38.56 49.21 -9.43
CA ALA WB 124 -38.92 47.88 -9.91
C ALA WB 124 -39.57 47.06 -8.82
N VAL WB 125 -40.68 46.42 -9.15
CA VAL WB 125 -41.44 45.59 -8.21
C VAL WB 125 -41.37 44.15 -8.68
N THR WB 126 -41.04 43.26 -7.76
CA THR WB 126 -40.87 41.84 -8.06
C THR WB 126 -42.13 41.05 -7.67
N LYS WB 127 -42.12 39.77 -8.02
CA LYS WB 127 -43.16 38.85 -7.63
C LYS WB 127 -42.52 37.59 -7.04
N ALA WB 128 -43.27 36.94 -6.15
CA ALA WB 128 -42.73 35.78 -5.45
C ALA WB 128 -42.31 34.67 -6.40
N ALA WB 129 -42.92 34.60 -7.58
CA ALA WB 129 -42.59 33.53 -8.52
C ALA WB 129 -41.15 33.64 -9.01
N THR WB 130 -40.68 34.85 -9.30
CA THR WB 130 -39.40 35.06 -9.96
C THR WB 130 -38.35 35.64 -9.01
N THR WB 131 -38.41 35.29 -7.73
CA THR WB 131 -37.46 35.80 -6.75
C THR WB 131 -36.93 34.65 -5.91
N ILE WB 132 -35.62 34.65 -5.67
CA ILE WB 132 -34.94 33.66 -4.85
C ILE WB 132 -34.04 34.38 -3.85
N GLU WB 133 -34.14 34.00 -2.59
CA GLU WB 133 -33.27 34.52 -1.56
C GLU WB 133 -32.17 33.50 -1.28
N MET WB 134 -30.94 33.99 -1.12
CA MET WB 134 -29.80 33.13 -0.87
C MET WB 134 -29.14 33.51 0.45
N LEU WB 135 -28.85 32.49 1.25
CA LEU WB 135 -28.34 32.61 2.59
C LEU WB 135 -26.95 32.00 2.69
N ASP WB 136 -26.21 32.43 3.72
CA ASP WB 136 -24.88 31.94 3.99
C ASP WB 136 -23.99 32.05 2.75
N CYS WB 137 -24.05 33.21 2.11
CA CYS WB 137 -23.23 33.48 0.95
C CYS WB 137 -21.81 33.80 1.38
N LYS WB 138 -20.84 33.30 0.62
CA LYS WB 138 -19.44 33.39 0.99
C LYS WB 138 -18.76 34.09 -0.19
N ILE WB 139 -18.49 35.38 -0.05
CA ILE WB 139 -18.10 36.23 -1.17
C ILE WB 139 -16.59 36.36 -1.19
N TYR WB 140 -15.99 36.18 -2.37
CA TYR WB 140 -14.60 36.54 -2.58
C TYR WB 140 -14.41 36.92 -4.03
N SER WB 141 -13.32 37.61 -4.31
CA SER WB 141 -13.00 38.05 -5.66
C SER WB 141 -11.83 37.26 -6.21
N ASP WB 142 -11.50 37.54 -7.47
CA ASP WB 142 -10.42 36.86 -8.17
C ASP WB 142 -9.54 37.90 -8.84
N ALA WB 143 -8.29 37.53 -9.08
CA ALA WB 143 -7.37 38.42 -9.78
C ALA WB 143 -7.84 38.63 -11.21
N ILE WB 144 -7.76 39.87 -11.68
CA ILE WB 144 -8.24 40.23 -13.01
C ILE WB 144 -7.07 40.74 -13.82
N ASP WB 145 -6.87 40.14 -14.99
CA ASP WB 145 -5.72 40.43 -15.83
C ASP WB 145 -6.10 41.46 -16.90
N PHE WB 146 -5.41 42.58 -16.90
CA PHE WB 146 -5.55 43.61 -17.93
C PHE WB 146 -4.37 43.47 -18.90
N SER WB 147 -4.69 43.33 -20.18
CA SER WB 147 -3.70 42.95 -21.18
C SER WB 147 -2.97 44.18 -21.69
N THR WB 148 -2.25 44.01 -22.80
CA THR WB 148 -1.53 45.08 -23.48
C THR WB 148 -2.41 45.79 -24.49
N GLU WB 149 -3.15 45.03 -25.29
CA GLU WB 149 -4.00 45.57 -26.34
C GLU WB 149 -5.39 45.91 -25.84
N ASP WB 150 -5.60 45.93 -24.52
CA ASP WB 150 -6.92 46.16 -23.94
C ASP WB 150 -7.28 47.64 -23.99
N VAL WB 151 -7.22 48.19 -25.21
CA VAL WB 151 -7.51 49.61 -25.40
C VAL WB 151 -9.00 49.88 -25.20
N THR WB 152 -9.85 48.99 -25.72
CA THR WB 152 -11.29 49.17 -25.64
C THR WB 152 -11.94 48.34 -24.53
N ALA WB 153 -11.14 47.65 -23.73
CA ALA WB 153 -11.64 46.78 -22.68
C ALA WB 153 -11.30 47.35 -21.32
N ALA WB 154 -12.29 47.39 -20.43
CA ALA WB 154 -12.11 47.82 -19.06
C ALA WB 154 -11.97 46.61 -18.14
N VAL WB 155 -11.72 46.88 -16.86
CA VAL WB 155 -11.56 45.81 -15.89
C VAL WB 155 -12.88 45.10 -15.68
N ARG WB 156 -12.85 43.76 -15.74
CA ARG WB 156 -14.02 42.93 -15.47
C ARG WB 156 -13.75 42.12 -14.20
N PRO WB 157 -14.16 42.61 -13.04
CA PRO WB 157 -13.91 41.88 -11.79
C PRO WB 157 -14.80 40.64 -11.69
N SER WB 158 -14.14 39.50 -11.51
CA SER WB 158 -14.83 38.23 -11.31
C SER WB 158 -14.82 37.87 -9.83
N LEU WB 159 -15.96 37.37 -9.35
CA LEU WB 159 -16.10 36.98 -7.96
C LEU WB 159 -16.54 35.54 -7.85
N ARG WB 160 -15.93 34.84 -6.90
CA ARG WB 160 -16.22 33.46 -6.58
C ARG WB 160 -17.00 33.43 -5.27
N ILE WB 161 -18.14 32.74 -5.27
CA ILE WB 161 -19.09 32.83 -4.17
C ILE WB 161 -19.52 31.43 -3.77
N VAL WB 162 -19.21 31.03 -2.55
CA VAL WB 162 -19.67 29.75 -2.03
C VAL WB 162 -21.08 29.94 -1.50
N TYR WB 163 -22.02 29.17 -2.04
CA TYR WB 163 -23.40 29.21 -1.60
C TYR WB 163 -23.76 27.90 -0.90
N ASN WB 164 -24.59 28.00 0.14
CA ASN WB 164 -24.86 26.90 1.04
C ASN WB 164 -26.25 26.28 0.89
N TRP WB 165 -27.30 27.10 0.90
CA TRP WB 165 -28.64 26.53 0.82
C TRP WB 165 -29.61 27.57 0.28
N ILE WB 166 -30.50 27.13 -0.59
CA ILE WB 166 -31.33 28.01 -1.39
C ILE WB 166 -32.73 28.07 -0.78
N GLU WB 167 -33.25 29.28 -0.63
CA GLU WB 167 -34.62 29.48 -0.19
C GLU WB 167 -35.42 30.20 -1.28
N TRP WB 168 -36.65 29.77 -1.45
CA TRP WB 168 -37.56 30.35 -2.44
C TRP WB 168 -38.74 30.95 -1.70
N ASP WB 169 -39.10 32.18 -2.06
CA ASP WB 169 -40.26 32.85 -1.47
C ASP WB 169 -41.42 32.91 -2.45
N GLY XB 2 -7.38 8.64 -69.31
CA GLY XB 2 -6.40 8.26 -68.30
C GLY XB 2 -6.32 6.76 -68.06
N HIS XB 3 -6.90 6.30 -66.96
CA HIS XB 3 -6.89 4.88 -66.66
C HIS XB 3 -7.83 4.14 -67.58
N ASN XB 4 -7.37 2.98 -68.06
CA ASN XB 4 -8.19 2.16 -68.94
C ASN XB 4 -9.46 1.70 -68.23
N ASN XB 5 -9.36 1.43 -66.92
CA ASN XB 5 -10.48 0.91 -66.15
C ASN XB 5 -11.21 2.07 -65.47
N THR XB 6 -11.91 2.86 -66.29
CA THR XB 6 -12.58 4.03 -65.77
C THR XB 6 -14.05 4.05 -66.20
N LYS XB 7 -14.33 3.50 -67.37
CA LYS XB 7 -15.69 3.52 -67.91
C LYS XB 7 -16.63 2.66 -67.08
N GLY XB 8 -17.85 3.14 -66.89
CA GLY XB 8 -18.86 2.42 -66.14
C GLY XB 8 -20.21 2.52 -66.82
N ASN XB 9 -21.20 1.88 -66.20
CA ASN XB 9 -22.57 1.88 -66.69
C ASN XB 9 -23.44 2.72 -65.76
N ARG XB 10 -24.67 2.97 -66.21
CA ARG XB 10 -25.58 3.82 -65.47
C ARG XB 10 -26.70 3.07 -64.79
N LYS XB 11 -27.35 2.13 -65.49
CA LYS XB 11 -28.57 1.53 -64.96
C LYS XB 11 -28.37 0.94 -63.58
N PHE XB 12 -27.15 0.49 -63.29
CA PHE XB 12 -26.84 -0.03 -61.96
C PHE XB 12 -27.15 1.01 -60.89
N ILE XB 13 -26.42 2.12 -60.94
CA ILE XB 13 -26.62 3.20 -59.99
C ILE XB 13 -27.99 3.83 -60.14
N LYS XB 14 -28.63 3.69 -61.30
CA LYS XB 14 -29.93 4.31 -61.48
C LYS XB 14 -31.00 3.56 -60.69
N GLY XB 15 -31.07 2.25 -60.87
CA GLY XB 15 -31.96 1.44 -60.06
C GLY XB 15 -31.59 1.51 -58.60
N ARG XB 16 -30.28 1.59 -58.32
CA ARG XB 16 -29.80 1.90 -56.98
C ARG XB 16 -30.47 3.14 -56.42
N TYR XB 17 -30.42 4.22 -57.19
CA TYR XB 17 -31.03 5.49 -56.80
C TYR XB 17 -32.52 5.33 -56.55
N THR XB 18 -33.19 4.56 -57.41
CA THR XB 18 -34.61 4.34 -57.21
C THR XB 18 -34.86 3.64 -55.89
N ALA XB 19 -34.07 2.61 -55.59
CA ALA XB 19 -34.21 1.91 -54.32
C ALA XB 19 -33.99 2.86 -53.16
N ASN XB 20 -32.97 3.70 -53.25
CA ASN XB 20 -32.71 4.65 -52.18
C ASN XB 20 -33.86 5.61 -51.98
N ALA XB 21 -34.36 6.17 -53.08
CA ALA XB 21 -35.46 7.12 -53.00
C ALA XB 21 -36.78 6.45 -52.69
N ALA XB 22 -36.83 5.11 -52.72
CA ALA XB 22 -38.04 4.38 -52.41
C ALA XB 22 -37.99 3.71 -51.04
N LYS XB 23 -36.83 3.74 -50.37
CA LYS XB 23 -36.77 3.20 -49.02
C LYS XB 23 -37.84 3.82 -48.13
N GLY XB 24 -37.95 5.14 -48.17
CA GLY XB 24 -38.94 5.85 -47.38
C GLY XB 24 -38.50 7.26 -47.11
N GLU XB 25 -39.48 8.09 -46.77
CA GLU XB 25 -39.21 9.49 -46.51
C GLU XB 25 -38.27 9.64 -45.32
N ARG XB 26 -37.52 10.74 -45.31
CA ARG XB 26 -36.50 10.96 -44.30
C ARG XB 26 -37.10 11.81 -43.18
N LEU XB 27 -36.81 11.42 -41.94
CA LEU XB 27 -37.40 12.05 -40.77
C LEU XB 27 -36.41 13.05 -40.18
N VAL XB 28 -36.86 14.29 -40.00
CA VAL XB 28 -36.00 15.34 -39.45
C VAL XB 28 -35.77 15.09 -37.98
N SER XB 29 -34.57 15.43 -37.51
CA SER XB 29 -34.28 15.35 -36.08
C SER XB 29 -35.11 16.36 -35.28
N SER XB 30 -35.54 17.45 -35.91
CA SER XB 30 -36.28 18.48 -35.19
C SER XB 30 -37.61 17.94 -34.66
N GLU XB 31 -38.32 17.16 -35.46
CA GLU XB 31 -39.62 16.67 -35.04
C GLU XB 31 -39.47 15.76 -33.83
N PHE XB 32 -40.29 16.01 -32.82
CA PHE XB 32 -40.25 15.29 -31.56
C PHE XB 32 -41.43 15.75 -30.71
N LEU XB 33 -41.91 14.87 -29.85
CA LEU XB 33 -42.86 15.26 -28.82
C LEU XB 33 -42.51 14.51 -27.54
N LEU XB 34 -42.62 15.20 -26.41
CA LEU XB 34 -42.33 14.62 -25.12
C LEU XB 34 -43.41 15.04 -24.14
N THR XB 35 -43.89 14.10 -23.34
CA THR XB 35 -44.96 14.35 -22.38
C THR XB 35 -44.60 13.76 -21.03
N PHE XB 36 -44.88 14.51 -19.97
CA PHE XB 36 -44.67 14.02 -18.61
C PHE XB 36 -45.85 13.15 -18.19
N ALA XB 37 -45.86 12.77 -16.91
CA ALA XB 37 -47.00 12.10 -16.31
C ALA XB 37 -47.85 13.17 -15.62
N GLY XB 38 -48.91 13.61 -16.30
CA GLY XB 38 -49.83 14.57 -15.73
C GLY XB 38 -49.51 16.03 -15.98
N HIS XB 39 -48.39 16.34 -16.64
CA HIS XB 39 -48.03 17.71 -16.96
C HIS XB 39 -47.70 17.85 -18.44
N GLU XB 40 -48.38 17.07 -19.28
CA GLU XB 40 -48.22 17.21 -20.71
C GLU XB 40 -48.69 18.56 -21.21
N ASP XB 41 -49.55 19.24 -20.44
CA ASP XB 41 -49.95 20.60 -20.77
C ASP XB 41 -48.75 21.53 -20.83
N ILE XB 42 -47.75 21.28 -19.98
CA ILE XB 42 -46.56 22.12 -19.92
C ILE XB 42 -45.35 21.46 -20.55
N SER XB 43 -45.42 20.18 -20.89
CA SER XB 43 -44.26 19.47 -21.43
C SER XB 43 -43.84 19.96 -22.81
N VAL XB 44 -44.66 20.77 -23.49
CA VAL XB 44 -44.35 21.18 -24.85
C VAL XB 44 -43.13 22.09 -24.91
N LEU XB 45 -42.78 22.74 -23.79
CA LEU XB 45 -41.72 23.73 -23.79
C LEU XB 45 -40.34 23.15 -24.08
N VAL XB 46 -40.18 21.85 -24.05
CA VAL XB 46 -38.88 21.24 -24.32
C VAL XB 46 -38.46 21.55 -25.76
N ARG XB 47 -37.17 21.79 -25.95
CA ARG XB 47 -36.64 22.05 -27.28
C ARG XB 47 -35.48 21.15 -27.67
N THR XB 48 -34.57 20.82 -26.75
CA THR XB 48 -33.43 19.99 -27.08
C THR XB 48 -33.34 18.81 -26.12
N SER XB 49 -33.24 17.62 -26.67
CA SER XB 49 -33.09 16.39 -25.90
C SER XB 49 -32.56 15.31 -26.83
N GLN XB 50 -32.24 14.17 -26.24
CA GLN XB 50 -31.77 13.01 -26.98
C GLN XB 50 -32.56 11.79 -26.53
N ILE XB 51 -32.64 10.80 -27.44
CA ILE XB 51 -33.31 9.56 -27.05
C ILE XB 51 -32.51 8.91 -25.93
N PRO XB 52 -33.15 8.21 -25.00
CA PRO XB 52 -32.38 7.54 -23.95
C PRO XB 52 -31.46 6.50 -24.55
N GLU XB 53 -30.21 6.48 -24.09
CA GLU XB 53 -29.26 5.53 -24.62
C GLU XB 53 -29.65 4.12 -24.21
N MET XB 54 -29.63 3.21 -25.17
CA MET XB 54 -29.87 1.80 -24.90
C MET XB 54 -28.66 1.00 -25.36
N THR XB 55 -28.17 0.13 -24.48
CA THR XB 55 -27.06 -0.77 -24.80
C THR XB 55 -26.91 -1.76 -23.66
N ARG XB 56 -26.11 -2.78 -23.92
CA ARG XB 56 -25.83 -3.86 -22.99
C ARG XB 56 -24.31 -4.01 -22.97
N GLU XB 57 -23.76 -4.43 -21.83
CA GLU XB 57 -22.31 -4.41 -21.74
C GLU XB 57 -21.72 -5.71 -22.27
N ASP XB 58 -20.44 -5.64 -22.62
CA ASP XB 58 -19.70 -6.78 -23.14
C ASP XB 58 -18.56 -7.14 -22.20
N VAL XB 59 -18.49 -8.42 -21.85
CA VAL XB 59 -17.35 -8.96 -21.14
C VAL XB 59 -16.31 -9.38 -22.17
N GLU XB 60 -15.13 -8.79 -22.10
CA GLU XB 60 -14.02 -9.13 -22.99
C GLU XB 60 -13.12 -10.12 -22.25
N ASP XB 61 -13.18 -11.38 -22.65
CA ASP XB 61 -12.40 -12.43 -22.03
C ASP XB 61 -11.24 -12.84 -22.92
N TYR XB 62 -10.23 -13.44 -22.30
CA TYR XB 62 -9.07 -13.95 -23.00
C TYR XB 62 -8.92 -15.44 -22.70
N GLY XB 63 -8.54 -16.21 -23.71
CA GLY XB 63 -8.40 -17.63 -23.57
C GLY XB 63 -7.04 -18.13 -24.02
N PRO XB 64 -6.91 -19.44 -24.15
CA PRO XB 64 -5.63 -20.01 -24.57
C PRO XB 64 -5.24 -19.54 -25.96
N ASN XB 65 -3.93 -19.51 -26.20
CA ASN XB 65 -3.37 -19.04 -27.46
C ASN XB 65 -3.79 -17.60 -27.73
N GLY XB 66 -3.88 -16.80 -26.66
CA GLY XB 66 -4.15 -15.39 -26.79
C GLY XB 66 -5.44 -15.04 -27.49
N VAL XB 67 -6.41 -15.93 -27.47
CA VAL XB 67 -7.66 -15.68 -28.18
C VAL XB 67 -8.50 -14.68 -27.39
N LYS XB 68 -9.06 -13.71 -28.11
CA LYS XB 68 -9.99 -12.76 -27.53
C LYS XB 68 -11.42 -13.21 -27.78
N PHE XB 69 -12.29 -12.93 -26.82
CA PHE XB 69 -13.69 -13.28 -26.98
C PHE XB 69 -14.55 -12.23 -26.32
N ASN XB 70 -15.76 -12.07 -26.84
CA ASN XB 70 -16.72 -11.12 -26.32
C ASN XB 70 -18.00 -11.83 -25.92
N GLN XB 71 -18.54 -11.46 -24.77
CA GLN XB 71 -19.71 -12.15 -24.22
C GLN XB 71 -20.72 -11.14 -23.67
N HIS XB 72 -21.96 -11.60 -23.61
CA HIS XB 72 -23.07 -10.80 -23.13
C HIS XB 72 -22.85 -10.38 -21.68
N GLY XB 73 -23.48 -9.27 -21.30
CA GLY XB 73 -23.58 -8.93 -19.90
C GLY XB 73 -24.94 -8.36 -19.56
N PRO XB 74 -25.03 -7.68 -18.43
CA PRO XB 74 -26.28 -7.00 -18.07
C PRO XB 74 -26.59 -5.84 -19.01
N ILE XB 75 -27.88 -5.57 -19.14
CA ILE XB 75 -28.30 -4.42 -19.92
C ILE XB 75 -27.79 -3.14 -19.25
N ARG XB 76 -27.21 -2.25 -20.04
CA ARG XB 76 -26.83 -0.93 -19.54
C ARG XB 76 -28.04 -0.02 -19.63
N ASN XB 77 -29.04 -0.35 -18.82
CA ASN XB 77 -30.34 0.30 -18.87
C ASN XB 77 -30.36 1.66 -18.20
N SER XB 78 -29.40 1.94 -17.31
CA SER XB 78 -29.39 3.19 -16.56
C SER XB 78 -28.31 4.13 -17.07
N GLY XB 79 -28.50 5.40 -16.77
CA GLY XB 79 -27.56 6.42 -17.18
C GLY XB 79 -28.15 7.81 -17.02
N GLU XB 80 -27.61 8.76 -17.78
CA GLU XB 80 -27.95 10.16 -17.65
C GLU XB 80 -28.33 10.76 -18.99
N ILE XB 81 -29.31 11.66 -18.99
CA ILE XB 81 -29.76 12.38 -20.18
C ILE XB 81 -29.81 13.87 -19.85
N GLN XB 82 -29.12 14.67 -20.66
CA GLN XB 82 -29.13 16.12 -20.54
C GLN XB 82 -30.05 16.71 -21.58
N VAL XB 83 -30.97 17.57 -21.15
CA VAL XB 83 -31.95 18.15 -22.05
C VAL XB 83 -31.95 19.66 -21.88
N GLN XB 84 -32.46 20.34 -22.91
CA GLN XB 84 -32.56 21.79 -22.96
C GLN XB 84 -34.01 22.19 -23.17
N CYS XB 85 -34.47 23.18 -22.41
CA CYS XB 85 -35.87 23.57 -22.44
C CYS XB 85 -35.97 25.09 -22.36
N VAL XB 86 -37.15 25.59 -21.99
CA VAL XB 86 -37.42 27.00 -21.84
C VAL XB 86 -38.45 27.21 -20.74
N GLU XB 87 -38.31 28.29 -19.98
CA GLU XB 87 -39.20 28.58 -18.87
C GLU XB 87 -40.25 29.61 -19.28
N THR XB 88 -41.04 30.08 -18.31
CA THR XB 88 -42.13 31.01 -18.58
C THR XB 88 -42.02 32.26 -17.73
N ILE XB 89 -43.08 33.07 -17.75
CA ILE XB 89 -43.10 34.32 -16.99
C ILE XB 89 -42.91 34.07 -15.51
N GLU XB 90 -43.65 33.08 -14.97
CA GLU XB 90 -43.61 32.85 -13.53
C GLU XB 90 -42.74 31.66 -13.14
N GLY XB 91 -42.20 30.92 -14.11
CA GLY XB 91 -41.36 29.78 -13.79
C GLY XB 91 -42.13 28.49 -13.57
N ASP XB 92 -42.87 28.06 -14.59
CA ASP XB 92 -43.58 26.78 -14.51
C ASP XB 92 -42.64 25.67 -14.10
N ILE XB 93 -41.49 25.58 -14.77
CA ILE XB 93 -40.54 24.51 -14.49
C ILE XB 93 -39.95 24.67 -13.09
N LEU XB 94 -39.75 25.91 -12.64
CA LEU XB 94 -39.21 26.12 -11.30
C LEU XB 94 -40.18 25.60 -10.25
N GLN XB 95 -41.45 26.00 -10.34
CA GLN XB 95 -42.44 25.49 -9.40
C GLN XB 95 -42.58 23.99 -9.52
N PHE XB 96 -42.50 23.46 -10.73
CA PHE XB 96 -42.69 22.03 -10.93
C PHE XB 96 -41.56 21.24 -10.26
N ILE XB 97 -40.31 21.66 -10.46
CA ILE XB 97 -39.20 20.97 -9.83
C ILE XB 97 -39.21 21.19 -8.33
N LYS XB 98 -39.63 22.36 -7.86
CA LYS XB 98 -39.71 22.58 -6.43
C LYS XB 98 -40.74 21.65 -5.80
N ASP XB 99 -41.90 21.51 -6.45
CA ASP XB 99 -42.92 20.60 -5.97
C ASP XB 99 -42.44 19.15 -6.06
N ARG XB 100 -41.70 18.83 -7.12
CA ARG XB 100 -41.17 17.48 -7.28
C ARG XB 100 -40.19 17.13 -6.16
N ILE XB 101 -39.27 18.05 -5.85
CA ILE XB 101 -38.29 17.78 -4.80
C ILE XB 101 -38.97 17.77 -3.44
N ALA XB 102 -40.02 18.57 -3.26
CA ALA XB 102 -40.77 18.51 -2.01
C ALA XB 102 -41.47 17.16 -1.85
N ALA XB 103 -42.08 16.67 -2.93
CA ALA XB 103 -42.83 15.42 -2.85
C ALA XB 103 -41.93 14.20 -2.76
N LYS XB 104 -40.73 14.29 -3.35
CA LYS XB 104 -39.78 13.18 -3.35
C LYS XB 104 -40.40 11.94 -3.98
N ASP XB 105 -40.85 12.11 -5.23
CA ASP XB 105 -41.60 11.09 -5.94
C ASP XB 105 -40.87 10.69 -7.21
N TYR XB 106 -41.45 9.74 -7.93
CA TYR XB 106 -40.93 9.30 -9.21
C TYR XB 106 -41.90 9.67 -10.32
N VAL XB 107 -41.35 9.88 -11.51
CA VAL XB 107 -42.12 10.38 -12.65
C VAL XB 107 -41.90 9.47 -13.84
N ASP XB 108 -42.88 9.44 -14.73
CA ASP XB 108 -42.83 8.66 -15.96
C ASP XB 108 -43.02 9.60 -17.15
N ILE XB 109 -42.25 9.36 -18.21
CA ILE XB 109 -42.25 10.23 -19.37
C ILE XB 109 -42.52 9.40 -20.61
N THR XB 110 -43.05 10.04 -21.65
CA THR XB 110 -43.29 9.40 -22.94
C THR XB 110 -42.69 10.26 -24.03
N MET XB 111 -41.92 9.64 -24.91
CA MET XB 111 -41.25 10.30 -26.02
C MET XB 111 -41.77 9.70 -27.32
N ALA XB 112 -41.92 10.54 -28.34
CA ALA XB 112 -42.41 10.02 -29.61
C ALA XB 112 -41.96 10.91 -30.75
N ALA XB 113 -41.99 10.34 -31.94
CA ALA XB 113 -41.71 11.06 -33.19
C ALA XB 113 -42.95 10.96 -34.07
N THR XB 114 -43.65 12.07 -34.24
CA THR XB 114 -44.91 12.13 -35.00
C THR XB 114 -44.76 13.10 -36.16
N PRO XB 115 -44.40 12.61 -37.35
CA PRO XB 115 -44.38 13.49 -38.51
C PRO XB 115 -45.76 14.08 -38.77
N GLU XB 116 -45.77 15.36 -39.14
CA GLU XB 116 -47.02 16.06 -39.36
C GLU XB 116 -47.77 15.52 -40.57
N SER XB 117 -47.06 14.92 -41.52
CA SER XB 117 -47.69 14.40 -42.72
C SER XB 117 -48.72 13.32 -42.37
N LYS XB 118 -48.38 12.44 -41.45
CA LYS XB 118 -49.27 11.35 -41.06
C LYS XB 118 -50.19 11.73 -39.92
N SER XB 119 -50.06 12.92 -39.36
CA SER XB 119 -50.93 13.34 -38.27
C SER XB 119 -52.37 13.42 -38.74
N SER XB 120 -53.28 12.90 -37.93
CA SER XB 120 -54.70 12.88 -38.27
C SER XB 120 -55.53 13.14 -37.02
N GLY XB 121 -56.75 13.60 -37.23
CA GLY XB 121 -57.65 13.92 -36.13
C GLY XB 121 -57.63 15.39 -35.78
N VAL XB 122 -57.56 15.70 -34.49
CA VAL XB 122 -57.48 17.06 -34.02
C VAL XB 122 -56.13 17.37 -33.36
N ASN XB 123 -55.57 16.40 -32.64
CA ASN XB 123 -54.27 16.51 -32.01
C ASN XB 123 -53.34 15.44 -32.57
N ALA XB 124 -52.04 15.62 -32.33
CA ALA XB 124 -51.05 14.72 -32.89
C ALA XB 124 -51.28 13.28 -32.43
N VAL XB 125 -51.25 12.35 -33.37
CA VAL XB 125 -51.47 10.93 -33.09
C VAL XB 125 -50.19 10.18 -33.40
N THR XB 126 -49.77 9.34 -32.46
CA THR XB 126 -48.53 8.60 -32.56
C THR XB 126 -48.79 7.15 -33.01
N LYS XB 127 -47.70 6.44 -33.30
CA LYS XB 127 -47.76 5.03 -33.63
C LYS XB 127 -46.74 4.27 -32.78
N ALA XB 128 -47.06 3.01 -32.48
CA ALA XB 128 -46.25 2.24 -31.54
C ALA XB 128 -44.81 2.13 -31.99
N ALA XB 129 -44.55 2.25 -33.29
CA ALA XB 129 -43.19 2.13 -33.80
C ALA XB 129 -42.30 3.25 -33.26
N THR XB 130 -42.81 4.48 -33.21
CA THR XB 130 -41.99 5.65 -32.94
C THR XB 130 -42.25 6.28 -31.57
N THR XB 131 -42.65 5.47 -30.59
CA THR XB 131 -42.85 5.95 -29.23
C THR XB 131 -42.10 5.07 -28.25
N ILE XB 132 -41.51 5.69 -27.24
CA ILE XB 132 -40.81 5.03 -26.17
C ILE XB 132 -41.29 5.61 -24.84
N GLU XB 133 -41.63 4.72 -23.91
CA GLU XB 133 -42.01 5.13 -22.57
C GLU XB 133 -40.82 4.95 -21.64
N MET XB 134 -40.59 5.93 -20.77
CA MET XB 134 -39.47 5.89 -19.85
C MET XB 134 -39.97 5.95 -18.41
N LEU XB 135 -39.42 5.07 -17.58
CA LEU XB 135 -39.83 4.85 -16.21
C LEU XB 135 -38.69 5.19 -15.26
N ASP XB 136 -39.07 5.48 -14.02
CA ASP XB 136 -38.11 5.79 -12.96
C ASP XB 136 -37.18 6.92 -13.39
N CYS XB 137 -37.78 7.97 -13.94
CA CYS XB 137 -37.02 9.13 -14.36
C CYS XB 137 -36.70 9.98 -13.13
N LYS XB 138 -35.50 10.53 -13.10
CA LYS XB 138 -35.00 11.26 -11.94
C LYS XB 138 -34.63 12.64 -12.47
N ILE XB 139 -35.49 13.62 -12.23
CA ILE XB 139 -35.40 14.92 -12.89
C ILE XB 139 -34.69 15.90 -11.97
N TYR XB 140 -33.73 16.64 -12.51
CA TYR XB 140 -33.15 17.78 -11.82
C TYR XB 140 -32.70 18.79 -12.85
N SER XB 141 -32.49 20.02 -12.40
CA SER XB 141 -32.06 21.10 -13.27
C SER XB 141 -30.62 21.48 -12.97
N ASP XB 142 -30.11 22.42 -13.75
CA ASP XB 142 -28.73 22.89 -13.62
C ASP XB 142 -28.72 24.41 -13.63
N ALA XB 143 -27.69 24.99 -13.02
CA ALA XB 143 -27.55 26.43 -13.02
C ALA XB 143 -27.32 26.93 -14.44
N ILE XB 144 -27.98 28.03 -14.79
CA ILE XB 144 -27.92 28.58 -16.13
C ILE XB 144 -27.31 29.97 -16.05
N ASP XB 145 -26.25 30.20 -16.83
CA ASP XB 145 -25.49 31.43 -16.78
C ASP XB 145 -25.96 32.38 -17.88
N PHE XB 146 -26.42 33.55 -17.47
CA PHE XB 146 -26.79 34.63 -18.39
C PHE XB 146 -25.64 35.64 -18.41
N SER XB 147 -25.15 35.94 -19.60
CA SER XB 147 -23.92 36.68 -19.77
C SER XB 147 -24.20 38.19 -19.74
N THR XB 148 -23.21 38.97 -20.14
CA THR XB 148 -23.32 40.42 -20.24
C THR XB 148 -23.84 40.85 -21.60
N GLU XB 149 -23.34 40.24 -22.67
CA GLU XB 149 -23.72 40.59 -24.03
C GLU XB 149 -24.92 39.79 -24.53
N ASP XB 150 -25.63 39.10 -23.62
CA ASP XB 150 -26.73 38.24 -24.00
C ASP XB 150 -27.99 39.07 -24.30
N VAL XB 151 -27.82 40.01 -25.22
CA VAL XB 151 -28.92 40.90 -25.58
C VAL XB 151 -29.99 40.14 -26.37
N THR XB 152 -29.57 39.27 -27.28
CA THR XB 152 -30.50 38.51 -28.11
C THR XB 152 -30.71 37.09 -27.62
N ALA XB 153 -30.14 36.72 -26.48
CA ALA XB 153 -30.22 35.37 -25.96
C ALA XB 153 -31.06 35.36 -24.69
N ALA XB 154 -32.00 34.43 -24.61
CA ALA XB 154 -32.81 34.23 -23.42
C ALA XB 154 -32.27 33.07 -22.60
N VAL XB 155 -32.88 32.84 -21.45
CA VAL XB 155 -32.44 31.77 -20.56
C VAL XB 155 -32.72 30.42 -21.22
N ARG XB 156 -31.72 29.54 -21.20
CA ARG XB 156 -31.85 28.18 -21.70
C ARG XB 156 -31.68 27.22 -20.53
N PRO XB 157 -32.77 26.80 -19.88
CA PRO XB 157 -32.66 25.89 -18.73
C PRO XB 157 -32.26 24.49 -19.17
N SER XB 158 -31.15 24.00 -18.62
CA SER XB 158 -30.68 22.64 -18.85
C SER XB 158 -31.07 21.76 -17.68
N LEU XB 159 -31.51 20.54 -18.00
CA LEU XB 159 -31.92 19.58 -16.98
C LEU XB 159 -31.15 18.29 -17.13
N ARG XB 160 -30.73 17.75 -15.99
CA ARG XB 160 -30.03 16.49 -15.90
C ARG XB 160 -30.99 15.44 -15.36
N ILE XB 161 -31.09 14.31 -16.06
CA ILE XB 161 -32.14 13.33 -15.78
C ILE XB 161 -31.52 11.95 -15.71
N VAL XB 162 -31.60 11.32 -14.55
CA VAL XB 162 -31.14 9.95 -14.40
C VAL XB 162 -32.25 9.03 -14.86
N TYR XB 163 -31.96 8.20 -15.85
CA TYR XB 163 -32.91 7.23 -16.37
C TYR XB 163 -32.46 5.81 -16.02
N ASN XB 164 -33.42 4.94 -15.72
CA ASN XB 164 -33.16 3.63 -15.16
C ASN XB 164 -33.38 2.48 -16.12
N TRP XB 165 -34.54 2.42 -16.79
CA TRP XB 165 -34.79 1.29 -17.66
C TRP XB 165 -35.83 1.68 -18.71
N ILE XB 166 -35.60 1.24 -19.93
CA ILE XB 166 -36.33 1.72 -21.10
C ILE XB 166 -37.37 0.69 -21.49
N GLU XB 167 -38.60 1.14 -21.72
CA GLU XB 167 -39.67 0.30 -22.23
C GLU XB 167 -40.13 0.81 -23.58
N TRP XB 168 -40.39 -0.13 -24.50
CA TRP XB 168 -40.86 0.18 -25.83
C TRP XB 168 -42.25 -0.42 -26.01
N ASP XB 169 -43.17 0.37 -26.53
CA ASP XB 169 -44.53 -0.11 -26.80
C ASP XB 169 -44.75 -0.30 -28.29
N GLY YB 2 20.32 31.96 -59.10
CA GLY YB 2 20.81 31.99 -57.74
C GLY YB 2 21.76 30.85 -57.42
N HIS YB 3 21.24 29.76 -56.88
CA HIS YB 3 22.07 28.61 -56.57
C HIS YB 3 22.50 27.94 -57.87
N ASN YB 4 23.79 27.65 -57.97
CA ASN YB 4 24.32 27.02 -59.18
C ASN YB 4 23.70 25.64 -59.38
N ASN YB 5 23.33 24.96 -58.30
CA ASN YB 5 22.76 23.63 -58.36
C ASN YB 5 21.24 23.73 -58.32
N THR YB 6 20.67 24.23 -59.41
CA THR YB 6 19.23 24.44 -59.46
C THR YB 6 18.63 23.78 -60.71
N LYS YB 7 19.40 23.76 -61.79
CA LYS YB 7 18.89 23.23 -63.05
C LYS YB 7 18.66 21.73 -62.95
N GLY YB 8 17.57 21.27 -63.57
CA GLY YB 8 17.23 19.86 -63.60
C GLY YB 8 16.74 19.44 -64.97
N ASN YB 9 16.42 18.16 -65.08
CA ASN YB 9 15.91 17.58 -66.32
C ASN YB 9 14.42 17.25 -66.16
N ARG YB 10 13.79 16.92 -67.28
CA ARG YB 10 12.36 16.65 -67.29
C ARG YB 10 12.02 15.17 -67.42
N LYS YB 11 12.67 14.46 -68.35
CA LYS YB 11 12.23 13.11 -68.68
C LYS YB 11 12.16 12.22 -67.46
N PHE YB 12 13.00 12.49 -66.46
CA PHE YB 12 12.97 11.72 -65.21
C PHE YB 12 11.59 11.80 -64.59
N ILE YB 13 11.18 13.01 -64.18
CA ILE YB 13 9.87 13.20 -63.58
C ILE YB 13 8.76 12.89 -64.57
N LYS YB 14 9.04 12.94 -65.87
CA LYS YB 14 7.97 12.67 -66.83
C LYS YB 14 7.63 11.19 -66.86
N GLY YB 15 8.65 10.34 -66.98
CA GLY YB 15 8.42 8.90 -66.85
C GLY YB 15 7.90 8.54 -65.48
N ARG YB 16 8.41 9.20 -64.45
CA ARG YB 16 7.78 9.16 -63.13
C ARG YB 16 6.28 9.39 -63.21
N TYR YB 17 5.88 10.47 -63.86
CA TYR YB 17 4.47 10.84 -63.96
C TYR YB 17 3.68 9.75 -64.66
N THR YB 18 4.25 9.21 -65.73
CA THR YB 18 3.59 8.12 -66.43
C THR YB 18 3.40 6.93 -65.51
N ALA YB 19 4.43 6.60 -64.73
CA ALA YB 19 4.33 5.46 -63.82
C ALA YB 19 3.23 5.68 -62.80
N ASN YB 20 3.16 6.88 -62.23
CA ASN YB 20 2.13 7.16 -61.25
C ASN YB 20 0.75 7.11 -61.87
N ALA YB 21 0.59 7.72 -63.05
CA ALA YB 21 -0.69 7.72 -63.71
C ALA YB 21 -1.05 6.35 -64.26
N ALA YB 22 -0.11 5.42 -64.29
CA ALA YB 22 -0.35 4.08 -64.78
C ALA YB 22 -0.45 3.05 -63.66
N LYS YB 23 -0.15 3.44 -62.42
CA LYS YB 23 -0.30 2.50 -61.31
C LYS YB 23 -1.71 1.92 -61.29
N GLY YB 24 -2.72 2.77 -61.39
CA GLY YB 24 -4.09 2.34 -61.41
C GLY YB 24 -5.01 3.43 -60.96
N GLU YB 25 -6.28 3.28 -61.32
CA GLU YB 25 -7.27 4.29 -60.98
C GLU YB 25 -7.42 4.41 -59.47
N ARG YB 26 -7.81 5.60 -59.03
CA ARG YB 26 -7.89 5.89 -57.61
C ARG YB 26 -9.30 5.64 -57.11
N LEU YB 27 -9.41 5.00 -55.95
CA LEU YB 27 -10.69 4.58 -55.40
C LEU YB 27 -11.15 5.58 -54.35
N VAL YB 28 -12.38 6.08 -54.52
CA VAL YB 28 -12.92 7.06 -53.58
C VAL YB 28 -13.27 6.38 -52.27
N SER YB 29 -13.07 7.10 -51.16
CA SER YB 29 -13.49 6.58 -49.87
C SER YB 29 -15.00 6.45 -49.77
N SER YB 30 -15.75 7.22 -50.55
CA SER YB 30 -17.21 7.18 -50.46
C SER YB 30 -17.75 5.82 -50.86
N GLU YB 31 -17.20 5.22 -51.92
CA GLU YB 31 -17.72 3.94 -52.39
C GLU YB 31 -17.51 2.87 -51.33
N PHE YB 32 -18.57 2.13 -51.05
CA PHE YB 32 -18.58 1.10 -50.02
C PHE YB 32 -19.91 0.37 -50.11
N LEU YB 33 -19.91 -0.90 -49.72
CA LEU YB 33 -21.14 -1.62 -49.50
C LEU YB 33 -20.97 -2.50 -48.26
N LEU YB 34 -22.03 -2.59 -47.46
CA LEU YB 34 -22.02 -3.39 -46.26
C LEU YB 34 -23.33 -4.16 -46.17
N THR YB 35 -23.25 -5.44 -45.82
CA THR YB 35 -24.41 -6.30 -45.72
C THR YB 35 -24.39 -7.09 -44.43
N PHE YB 36 -25.54 -7.19 -43.79
CA PHE YB 36 -25.68 -8.01 -42.59
C PHE YB 36 -25.84 -9.48 -42.98
N ALA YB 37 -26.14 -10.31 -41.97
CA ALA YB 37 -26.52 -11.70 -42.19
C ALA YB 37 -28.05 -11.75 -42.20
N GLY YB 38 -28.63 -11.76 -43.40
CA GLY YB 38 -30.06 -11.88 -43.54
C GLY YB 38 -30.85 -10.59 -43.56
N HIS YB 39 -30.18 -9.44 -43.41
CA HIS YB 39 -30.86 -8.15 -43.45
C HIS YB 39 -30.14 -7.21 -44.42
N GLU YB 40 -29.56 -7.77 -45.48
CA GLU YB 40 -28.95 -6.95 -46.52
C GLU YB 40 -29.97 -6.07 -47.22
N ASP YB 41 -31.25 -6.45 -47.16
CA ASP YB 41 -32.30 -5.61 -47.69
C ASP YB 41 -32.32 -4.25 -47.02
N ILE YB 42 -31.97 -4.21 -45.74
CA ILE YB 42 -31.98 -2.97 -44.97
C ILE YB 42 -30.59 -2.43 -44.70
N SER YB 43 -29.55 -3.22 -44.97
CA SER YB 43 -28.19 -2.77 -44.66
C SER YB 43 -27.70 -1.61 -45.52
N VAL YB 44 -28.42 -1.26 -46.60
CA VAL YB 44 -27.98 -0.20 -47.49
C VAL YB 44 -27.93 1.15 -46.78
N LEU YB 45 -28.73 1.31 -45.72
CA LEU YB 45 -28.90 2.58 -45.05
C LEU YB 45 -27.64 3.12 -44.39
N VAL YB 46 -26.60 2.31 -44.24
CA VAL YB 46 -25.36 2.79 -43.64
C VAL YB 46 -24.74 3.87 -44.50
N ARG YB 47 -24.14 4.86 -43.86
CA ARG YB 47 -23.46 5.95 -44.56
C ARG YB 47 -22.02 6.19 -44.13
N THR YB 48 -21.72 6.06 -42.84
CA THR YB 48 -20.36 6.29 -42.37
C THR YB 48 -19.88 5.12 -41.54
N SER YB 49 -18.71 4.60 -41.89
CA SER YB 49 -18.08 3.50 -41.17
C SER YB 49 -16.60 3.48 -41.54
N GLN YB 50 -15.87 2.61 -40.86
CA GLN YB 50 -14.46 2.41 -41.12
C GLN YB 50 -14.17 0.94 -41.24
N ILE YB 51 -13.13 0.60 -41.99
CA ILE YB 51 -12.73 -0.80 -42.08
C ILE YB 51 -12.32 -1.28 -40.70
N PRO YB 52 -12.56 -2.54 -40.33
CA PRO YB 52 -12.14 -3.01 -39.01
C PRO YB 52 -10.62 -2.92 -38.89
N GLU YB 53 -10.16 -2.42 -37.76
CA GLU YB 53 -8.72 -2.29 -37.56
C GLU YB 53 -8.09 -3.66 -37.46
N MET YB 54 -7.00 -3.86 -38.18
CA MET YB 54 -6.22 -5.07 -38.10
C MET YB 54 -4.79 -4.72 -37.70
N THR YB 55 -4.29 -5.41 -36.67
CA THR YB 55 -2.93 -5.24 -36.20
C THR YB 55 -2.65 -6.33 -35.19
N ARG YB 56 -1.38 -6.44 -34.82
CA ARG YB 56 -0.86 -7.42 -33.88
C ARG YB 56 -0.01 -6.62 -32.90
N GLU YB 57 0.14 -7.11 -31.67
CA GLU YB 57 0.88 -6.28 -30.73
C GLU YB 57 2.38 -6.61 -30.74
N ASP YB 58 3.17 -5.67 -30.25
CA ASP YB 58 4.61 -5.81 -30.19
C ASP YB 58 5.08 -5.82 -28.74
N VAL YB 59 5.90 -6.82 -28.40
CA VAL YB 59 6.58 -6.86 -27.12
C VAL YB 59 7.89 -6.11 -27.26
N GLU YB 60 8.05 -5.03 -26.49
CA GLU YB 60 9.28 -4.25 -26.50
C GLU YB 60 10.15 -4.73 -25.34
N ASP YB 61 11.20 -5.46 -25.68
CA ASP YB 61 12.13 -6.00 -24.69
C ASP YB 61 13.43 -5.21 -24.68
N TYR YB 62 14.13 -5.31 -23.55
CA TYR YB 62 15.44 -4.70 -23.38
C TYR YB 62 16.44 -5.80 -23.02
N GLY YB 63 17.64 -5.69 -23.58
CA GLY YB 63 18.67 -6.66 -23.32
C GLY YB 63 19.93 -6.01 -22.78
N PRO YB 64 21.01 -6.78 -22.72
CA PRO YB 64 22.29 -6.21 -22.28
C PRO YB 64 22.74 -5.11 -23.23
N ASN YB 65 23.67 -4.28 -22.76
CA ASN YB 65 24.22 -3.18 -23.55
C ASN YB 65 23.11 -2.22 -23.98
N GLY YB 66 22.09 -2.09 -23.14
CA GLY YB 66 21.00 -1.16 -23.38
C GLY YB 66 20.27 -1.35 -24.69
N VAL YB 67 20.29 -2.56 -25.24
CA VAL YB 67 19.72 -2.81 -26.55
C VAL YB 67 18.20 -2.92 -26.43
N LYS YB 68 17.49 -2.30 -27.37
CA LYS YB 68 16.05 -2.44 -27.50
C LYS YB 68 15.73 -3.47 -28.58
N PHE YB 69 14.65 -4.20 -28.38
CA PHE YB 69 14.22 -5.18 -29.35
C PHE YB 69 12.70 -5.26 -29.38
N ASN YB 70 12.16 -5.65 -30.52
CA ASN YB 70 10.73 -5.74 -30.73
C ASN YB 70 10.39 -7.15 -31.20
N GLN YB 71 9.37 -7.75 -30.59
CA GLN YB 71 9.01 -9.13 -30.89
C GLN YB 71 7.52 -9.26 -31.12
N HIS YB 72 7.16 -10.32 -31.84
CA HIS YB 72 5.78 -10.54 -32.24
C HIS YB 72 4.91 -10.79 -31.01
N GLY YB 73 3.61 -10.53 -31.15
CA GLY YB 73 2.69 -10.92 -30.11
C GLY YB 73 1.39 -11.45 -30.65
N PRO YB 74 0.36 -11.46 -29.81
CA PRO YB 74 -0.97 -11.84 -30.28
C PRO YB 74 -1.53 -10.85 -31.29
N ILE YB 75 -2.35 -11.39 -32.19
CA ILE YB 75 -3.09 -10.54 -33.11
C ILE YB 75 -4.07 -9.67 -32.32
N ARG YB 76 -4.07 -8.37 -32.59
CA ARG YB 76 -5.03 -7.47 -31.97
C ARG YB 76 -6.32 -7.50 -32.80
N ASN YB 77 -6.91 -8.70 -32.81
CA ASN YB 77 -8.06 -9.00 -33.65
C ASN YB 77 -9.36 -8.39 -33.14
N SER YB 78 -9.43 -8.05 -31.85
CA SER YB 78 -10.65 -7.53 -31.26
C SER YB 78 -10.52 -6.03 -31.02
N GLY YB 79 -11.69 -5.39 -30.92
CA GLY YB 79 -11.73 -3.95 -30.69
C GLY YB 79 -13.12 -3.42 -30.96
N GLU YB 80 -13.18 -2.12 -31.24
CA GLU YB 80 -14.45 -1.41 -31.38
C GLU YB 80 -14.49 -0.62 -32.68
N ILE YB 81 -15.66 -0.58 -33.31
CA ILE YB 81 -15.90 0.18 -34.53
C ILE YB 81 -17.15 1.03 -34.35
N GLN YB 82 -17.02 2.33 -34.57
CA GLN YB 82 -18.14 3.26 -34.51
C GLN YB 82 -18.60 3.61 -35.91
N VAL YB 83 -19.90 3.47 -36.15
CA VAL YB 83 -20.46 3.70 -37.48
C VAL YB 83 -21.63 4.68 -37.38
N GLN YB 84 -21.94 5.29 -38.50
CA GLN YB 84 -23.01 6.25 -38.64
C GLN YB 84 -23.98 5.79 -39.71
N CYS YB 85 -25.28 5.88 -39.43
CA CYS YB 85 -26.30 5.34 -40.32
C CYS YB 85 -27.51 6.28 -40.33
N VAL YB 86 -28.65 5.75 -40.75
CA VAL YB 86 -29.90 6.51 -40.78
C VAL YB 86 -31.07 5.54 -40.56
N GLU YB 87 -32.10 6.01 -39.87
CA GLU YB 87 -33.26 5.22 -39.53
C GLU YB 87 -34.35 5.39 -40.59
N THR YB 88 -35.54 4.88 -40.33
CA THR YB 88 -36.65 5.03 -41.26
C THR YB 88 -37.88 5.63 -40.59
N ILE YB 89 -39.01 5.59 -41.29
CA ILE YB 89 -40.26 6.12 -40.75
C ILE YB 89 -40.64 5.40 -39.47
N GLU YB 90 -40.56 4.07 -39.48
CA GLU YB 90 -41.02 3.30 -38.33
C GLU YB 90 -39.87 2.80 -37.46
N GLY YB 91 -38.61 3.03 -37.86
CA GLY YB 91 -37.49 2.58 -37.07
C GLY YB 91 -37.05 1.16 -37.35
N ASP YB 92 -36.69 0.88 -38.61
CA ASP YB 92 -36.17 -0.43 -38.97
C ASP YB 92 -35.04 -0.83 -38.03
N ILE YB 93 -34.07 0.07 -37.84
CA ILE YB 93 -32.92 -0.23 -37.01
C ILE YB 93 -33.33 -0.40 -35.56
N LEU YB 94 -34.32 0.37 -35.10
CA LEU YB 94 -34.79 0.23 -33.72
C LEU YB 94 -35.38 -1.14 -33.49
N GLN YB 95 -36.30 -1.56 -34.36
CA GLN YB 95 -36.87 -2.89 -34.22
C GLN YB 95 -35.81 -3.96 -34.38
N PHE YB 96 -34.84 -3.73 -35.28
CA PHE YB 96 -33.81 -4.74 -35.51
C PHE YB 96 -32.94 -4.93 -34.27
N ILE YB 97 -32.51 -3.83 -33.66
CA ILE YB 97 -31.69 -3.95 -32.46
C ILE YB 97 -32.52 -4.45 -31.28
N LYS YB 98 -33.79 -4.09 -31.21
CA LYS YB 98 -34.63 -4.61 -30.14
C LYS YB 98 -34.79 -6.12 -30.27
N ASP YB 99 -35.03 -6.61 -31.48
CA ASP YB 99 -35.08 -8.04 -31.73
C ASP YB 99 -33.73 -8.68 -31.46
N ARG YB 100 -32.65 -7.95 -31.77
CA ARG YB 100 -31.31 -8.47 -31.56
C ARG YB 100 -31.04 -8.70 -30.08
N ILE YB 101 -31.36 -7.71 -29.26
CA ILE YB 101 -31.13 -7.82 -27.82
C ILE YB 101 -32.10 -8.81 -27.20
N ALA YB 102 -33.29 -8.97 -27.79
CA ALA YB 102 -34.20 -9.99 -27.30
C ALA YB 102 -33.65 -11.38 -27.58
N ALA YB 103 -33.18 -11.62 -28.81
CA ALA YB 103 -32.69 -12.94 -29.18
C ALA YB 103 -31.37 -13.29 -28.54
N LYS YB 104 -30.54 -12.27 -28.24
CA LYS YB 104 -29.26 -12.45 -27.57
C LYS YB 104 -28.34 -13.37 -28.38
N ASP YB 105 -28.15 -13.01 -29.65
CA ASP YB 105 -27.41 -13.84 -30.59
C ASP YB 105 -26.28 -13.05 -31.24
N TYR YB 106 -25.53 -13.74 -32.08
CA TYR YB 106 -24.38 -13.16 -32.76
C TYR YB 106 -24.69 -12.98 -34.24
N VAL YB 107 -24.02 -12.01 -34.85
CA VAL YB 107 -24.29 -11.63 -36.23
C VAL YB 107 -22.99 -11.62 -37.02
N ASP YB 108 -23.10 -11.83 -38.33
CA ASP YB 108 -21.98 -11.80 -39.25
C ASP YB 108 -22.23 -10.75 -40.32
N ILE YB 109 -21.20 -10.00 -40.67
CA ILE YB 109 -21.32 -8.89 -41.61
C ILE YB 109 -20.31 -9.08 -42.73
N THR YB 110 -20.60 -8.47 -43.88
CA THR YB 110 -19.70 -8.49 -45.02
C THR YB 110 -19.52 -7.07 -45.53
N MET YB 111 -18.28 -6.67 -45.72
CA MET YB 111 -17.92 -5.34 -46.19
C MET YB 111 -17.19 -5.47 -47.52
N ALA YB 112 -17.43 -4.54 -48.44
CA ALA YB 112 -16.74 -4.63 -49.72
C ALA YB 112 -16.67 -3.26 -50.37
N ALA YB 113 -15.74 -3.13 -51.30
CA ALA YB 113 -15.58 -1.94 -52.12
C ALA YB 113 -15.77 -2.34 -53.58
N THR YB 114 -16.88 -1.89 -54.18
CA THR YB 114 -17.25 -2.25 -55.54
C THR YB 114 -17.36 -0.99 -56.38
N PRO YB 115 -16.30 -0.59 -57.08
CA PRO YB 115 -16.42 0.54 -58.01
C PRO YB 115 -17.46 0.26 -59.07
N GLU YB 116 -18.24 1.29 -59.40
CA GLU YB 116 -19.32 1.14 -60.36
C GLU YB 116 -18.80 0.87 -61.76
N SER YB 117 -17.57 1.30 -62.05
CA SER YB 117 -17.00 1.10 -63.38
C SER YB 117 -16.90 -0.38 -63.72
N LYS YB 118 -16.49 -1.21 -62.76
CA LYS YB 118 -16.35 -2.63 -62.99
C LYS YB 118 -17.61 -3.42 -62.68
N SER YB 119 -18.65 -2.76 -62.18
CA SER YB 119 -19.89 -3.47 -61.86
C SER YB 119 -20.50 -4.03 -63.13
N SER YB 120 -20.96 -5.28 -63.06
CA SER YB 120 -21.55 -5.96 -64.20
C SER YB 120 -22.73 -6.81 -63.74
N GLY YB 121 -23.61 -7.12 -64.68
CA GLY YB 121 -24.79 -7.89 -64.37
C GLY YB 121 -26.01 -7.03 -64.12
N VAL YB 122 -26.75 -7.34 -63.07
CA VAL YB 122 -27.92 -6.56 -62.68
C VAL YB 122 -27.71 -5.87 -61.34
N ASN YB 123 -27.04 -6.53 -60.39
CA ASN YB 123 -26.71 -5.96 -59.10
C ASN YB 123 -25.18 -5.92 -58.94
N ALA YB 124 -24.74 -5.15 -57.95
CA ALA YB 124 -23.31 -4.94 -57.76
C ALA YB 124 -22.60 -6.26 -57.50
N VAL YB 125 -21.50 -6.48 -58.21
CA VAL YB 125 -20.70 -7.70 -58.09
C VAL YB 125 -19.35 -7.34 -57.51
N THR YB 126 -18.94 -8.09 -56.48
CA THR YB 126 -17.70 -7.82 -55.77
C THR YB 126 -16.59 -8.75 -56.26
N LYS YB 127 -15.38 -8.50 -55.76
CA LYS YB 127 -14.24 -9.37 -56.02
C LYS YB 127 -13.56 -9.69 -54.70
N ALA YB 128 -12.90 -10.87 -54.66
CA ALA YB 128 -12.30 -11.34 -53.42
C ALA YB 128 -11.26 -10.36 -52.88
N ALA YB 129 -10.64 -9.57 -53.77
CA ALA YB 129 -9.60 -8.64 -53.32
C ALA YB 129 -10.18 -7.58 -52.39
N THR YB 130 -11.35 -7.04 -52.70
CA THR YB 130 -11.89 -5.89 -51.99
C THR YB 130 -13.07 -6.25 -51.10
N THR YB 131 -13.07 -7.44 -50.52
CA THR YB 131 -14.15 -7.88 -49.67
C THR YB 131 -13.58 -8.48 -48.39
N ILE YB 132 -14.19 -8.14 -47.26
CA ILE YB 132 -13.81 -8.65 -45.95
C ILE YB 132 -15.06 -9.11 -45.21
N GLU YB 133 -15.00 -10.32 -44.67
CA GLU YB 133 -16.08 -10.84 -43.86
C GLU YB 133 -15.71 -10.68 -42.38
N MET YB 134 -16.69 -10.26 -41.58
CA MET YB 134 -16.48 -10.04 -40.16
C MET YB 134 -17.42 -10.93 -39.34
N LEU YB 135 -16.85 -11.58 -38.34
CA LEU YB 135 -17.51 -12.57 -37.52
C LEU YB 135 -17.57 -12.10 -36.08
N ASP YB 136 -18.52 -12.67 -35.34
CA ASP YB 136 -18.71 -12.38 -33.92
C ASP YB 136 -18.84 -10.87 -33.70
N CYS YB 137 -19.67 -10.25 -34.53
CA CYS YB 137 -19.94 -8.83 -34.41
C CYS YB 137 -20.92 -8.60 -33.26
N LYS YB 138 -20.69 -7.54 -32.49
CA LYS YB 138 -21.46 -7.25 -31.30
C LYS YB 138 -22.04 -5.86 -31.52
N ILE YB 139 -23.33 -5.80 -31.87
CA ILE YB 139 -23.95 -4.59 -32.37
C ILE YB 139 -24.67 -3.89 -31.23
N TYR YB 140 -24.45 -2.58 -31.09
CA TYR YB 140 -25.28 -1.76 -30.21
C TYR YB 140 -25.34 -0.36 -30.78
N SER YB 141 -26.30 0.42 -30.29
CA SER YB 141 -26.49 1.79 -30.74
C SER YB 141 -26.13 2.74 -29.60
N ASP YB 142 -26.19 4.04 -29.91
CA ASP YB 142 -25.86 5.08 -28.97
C ASP YB 142 -26.96 6.14 -29.01
N ALA YB 143 -27.11 6.87 -27.90
CA ALA YB 143 -28.08 7.95 -27.85
C ALA YB 143 -27.69 9.04 -28.82
N ILE YB 144 -28.69 9.58 -29.52
CA ILE YB 144 -28.48 10.59 -30.55
C ILE YB 144 -29.20 11.86 -30.14
N ASP YB 145 -28.46 12.96 -30.09
CA ASP YB 145 -28.97 14.24 -29.61
C ASP YB 145 -29.44 15.09 -30.79
N PHE YB 146 -30.71 15.46 -30.77
CA PHE YB 146 -31.29 16.38 -31.74
C PHE YB 146 -31.40 17.74 -31.07
N SER YB 147 -30.83 18.76 -31.71
CA SER YB 147 -30.66 20.07 -31.09
C SER YB 147 -31.91 20.92 -31.27
N THR YB 148 -31.77 22.21 -30.98
CA THR YB 148 -32.85 23.18 -31.16
C THR YB 148 -32.85 23.77 -32.57
N GLU YB 149 -31.66 24.11 -33.08
CA GLU YB 149 -31.52 24.73 -34.38
C GLU YB 149 -31.36 23.71 -35.50
N ASP YB 150 -31.62 22.43 -35.22
CA ASP YB 150 -31.42 21.36 -36.18
C ASP YB 150 -32.56 21.34 -37.21
N VAL YB 151 -32.75 22.49 -37.86
CA VAL YB 151 -33.82 22.62 -38.84
C VAL YB 151 -33.49 21.83 -40.09
N THR YB 152 -32.23 21.86 -40.54
CA THR YB 152 -31.81 21.17 -41.75
C THR YB 152 -31.11 19.86 -41.47
N ALA YB 153 -31.04 19.44 -40.20
CA ALA YB 153 -30.33 18.23 -39.82
C ALA YB 153 -31.32 17.18 -39.35
N ALA YB 154 -31.17 15.96 -39.85
CA ALA YB 154 -31.98 14.83 -39.42
C ALA YB 154 -31.21 13.99 -38.41
N VAL YB 155 -31.87 12.97 -37.88
CA VAL YB 155 -31.25 12.09 -36.90
C VAL YB 155 -30.13 11.30 -37.55
N ARG YB 156 -28.97 11.27 -36.90
CA ARG YB 156 -27.82 10.49 -37.35
C ARG YB 156 -27.56 9.42 -36.30
N PRO YB 157 -28.11 8.22 -36.46
CA PRO YB 157 -27.90 7.15 -35.47
C PRO YB 157 -26.47 6.60 -35.54
N SER YB 158 -25.78 6.66 -34.41
CA SER YB 158 -24.44 6.11 -34.28
C SER YB 158 -24.51 4.75 -33.58
N LEU YB 159 -23.73 3.80 -34.07
CA LEU YB 159 -23.68 2.46 -33.51
C LEU YB 159 -22.26 2.10 -33.12
N ARG YB 160 -22.15 1.45 -31.97
CA ARG YB 160 -20.89 0.98 -31.43
C ARG YB 160 -20.87 -0.54 -31.57
N ILE YB 161 -19.81 -1.07 -32.17
CA ILE YB 161 -19.77 -2.47 -32.59
C ILE YB 161 -18.47 -3.10 -32.13
N VAL YB 162 -18.57 -4.09 -31.25
CA VAL YB 162 -17.40 -4.84 -30.82
C VAL YB 162 -17.11 -5.92 -31.84
N TYR YB 163 -15.92 -5.88 -32.41
CA TYR YB 163 -15.50 -6.87 -33.39
C TYR YB 163 -14.39 -7.73 -32.81
N ASN YB 164 -14.39 -9.01 -33.16
CA ASN YB 164 -13.56 -10.02 -32.52
C ASN YB 164 -12.41 -10.52 -33.39
N TRP YB 165 -12.68 -10.92 -34.63
CA TRP YB 165 -11.62 -11.46 -35.46
C TRP YB 165 -11.99 -11.34 -36.92
N ILE YB 166 -11.01 -10.96 -37.74
CA ILE YB 166 -11.24 -10.54 -39.12
C ILE YB 166 -10.87 -11.69 -40.05
N GLU YB 167 -11.75 -11.98 -41.00
CA GLU YB 167 -11.46 -12.95 -42.04
C GLU YB 167 -11.50 -12.28 -43.40
N TRP YB 168 -10.56 -12.67 -44.26
CA TRP YB 168 -10.45 -12.15 -45.60
C TRP YB 168 -10.67 -13.28 -46.59
N ASP YB 169 -11.51 -13.04 -47.59
CA ASP YB 169 -11.76 -14.03 -48.62
C ASP YB 169 -11.08 -13.64 -49.94
N GLY ZB 2 13.22 59.75 -34.47
CA GLY ZB 2 12.89 59.25 -33.14
C GLY ZB 2 14.09 58.98 -32.28
N HIS ZB 3 14.44 57.71 -32.12
CA HIS ZB 3 15.60 57.34 -31.31
C HIS ZB 3 16.87 57.71 -32.05
N ASN ZB 4 17.82 58.27 -31.30
CA ASN ZB 4 19.09 58.67 -31.90
C ASN ZB 4 19.87 57.45 -32.41
N ASN ZB 5 19.70 56.30 -31.76
CA ASN ZB 5 20.43 55.09 -32.13
C ASN ZB 5 19.55 54.25 -33.04
N THR ZB 6 19.35 54.75 -34.26
CA THR ZB 6 18.46 54.06 -35.20
C THR ZB 6 19.16 53.82 -36.54
N LYS ZB 7 20.07 54.72 -36.91
CA LYS ZB 7 20.73 54.62 -38.19
C LYS ZB 7 21.66 53.41 -38.24
N GLY ZB 8 21.69 52.74 -39.39
CA GLY ZB 8 22.55 51.59 -39.59
C GLY ZB 8 23.18 51.62 -40.97
N ASN ZB 9 23.99 50.60 -41.23
CA ASN ZB 9 24.68 50.44 -42.49
C ASN ZB 9 24.08 49.29 -43.28
N ARG ZB 10 24.47 49.19 -44.54
CA ARG ZB 10 23.91 48.18 -45.43
C ARG ZB 10 24.86 47.03 -45.73
N LYS ZB 11 26.13 47.33 -46.04
CA LYS ZB 11 27.02 46.29 -46.56
C LYS ZB 11 27.10 45.10 -45.61
N PHE ZB 12 26.91 45.33 -44.31
CA PHE ZB 12 26.90 44.24 -43.35
C PHE ZB 12 25.84 43.22 -43.72
N ILE ZB 13 24.58 43.64 -43.68
CA ILE ZB 13 23.48 42.75 -44.03
C ILE ZB 13 23.53 42.34 -45.48
N LYS ZB 14 24.20 43.11 -46.33
CA LYS ZB 14 24.24 42.73 -47.75
C LYS ZB 14 25.14 41.52 -47.96
N GLY ZB 15 26.36 41.57 -47.41
CA GLY ZB 15 27.21 40.39 -47.43
C GLY ZB 15 26.60 39.25 -46.66
N ARG ZB 16 25.89 39.58 -45.57
CA ARG ZB 16 25.11 38.58 -44.87
C ARG ZB 16 24.15 37.87 -45.82
N TYR ZB 17 23.40 38.65 -46.59
CA TYR ZB 17 22.46 38.11 -47.55
C TYR ZB 17 23.16 37.24 -48.58
N THR ZB 18 24.32 37.69 -49.05
CA THR ZB 18 25.07 36.89 -50.01
C THR ZB 18 25.44 35.55 -49.41
N ALA ZB 19 25.93 35.55 -48.17
CA ALA ZB 19 26.29 34.31 -47.51
C ALA ZB 19 25.07 33.41 -47.38
N ASN ZB 20 23.93 33.99 -47.01
CA ASN ZB 20 22.73 33.18 -46.86
C ASN ZB 20 22.32 32.57 -48.18
N ALA ZB 21 22.31 33.37 -49.24
CA ALA ZB 21 21.91 32.89 -50.55
C ALA ZB 21 22.97 31.98 -51.18
N ALA ZB 22 24.16 31.92 -50.59
CA ALA ZB 22 25.22 31.08 -51.09
C ALA ZB 22 25.43 29.83 -50.25
N LYS ZB 23 24.76 29.72 -49.10
CA LYS ZB 23 24.87 28.51 -48.31
C LYS ZB 23 24.54 27.28 -49.15
N GLY ZB 24 23.45 27.33 -49.90
CA GLY ZB 24 23.06 26.25 -50.77
C GLY ZB 24 21.57 26.26 -50.99
N GLU ZB 25 21.16 25.59 -52.06
CA GLU ZB 25 19.75 25.55 -52.40
C GLU ZB 25 18.94 24.86 -51.30
N ARG ZB 26 17.69 25.28 -51.16
CA ARG ZB 26 16.84 24.80 -50.08
C ARG ZB 26 15.98 23.65 -50.58
N LEU ZB 27 15.93 22.58 -49.78
CA LEU ZB 27 15.30 21.33 -50.17
C LEU ZB 27 13.87 21.29 -49.66
N VAL ZB 28 12.93 21.00 -50.56
CA VAL ZB 28 11.52 20.95 -50.18
C VAL ZB 28 11.27 19.70 -49.35
N SER ZB 29 10.35 19.83 -48.38
CA SER ZB 29 9.93 18.67 -47.60
C SER ZB 29 9.18 17.65 -48.46
N SER ZB 30 8.56 18.10 -49.54
CA SER ZB 30 7.77 17.19 -50.37
C SER ZB 30 8.65 16.12 -50.99
N GLU ZB 31 9.83 16.48 -51.48
CA GLU ZB 31 10.69 15.51 -52.15
C GLU ZB 31 11.11 14.43 -51.16
N PHE ZB 32 10.98 13.18 -51.59
CA PHE ZB 32 11.26 12.02 -50.77
C PHE ZB 32 11.13 10.79 -51.65
N LEU ZB 33 11.89 9.75 -51.31
CA LEU ZB 33 11.67 8.44 -51.88
C LEU ZB 33 11.85 7.39 -50.80
N LEU ZB 34 11.01 6.36 -50.83
CA LEU ZB 34 11.07 5.28 -49.87
C LEU ZB 34 10.91 3.96 -50.61
N THR ZB 35 11.72 2.97 -50.24
CA THR ZB 35 11.68 1.66 -50.87
C THR ZB 35 11.70 0.56 -49.81
N PHE ZB 36 10.88 -0.46 -50.02
CA PHE ZB 36 10.90 -1.62 -49.15
C PHE ZB 36 12.04 -2.55 -49.53
N ALA ZB 37 12.04 -3.73 -48.90
CA ALA ZB 37 12.94 -4.82 -49.29
C ALA ZB 37 12.17 -5.74 -50.24
N GLY ZB 38 12.39 -5.55 -51.53
CA GLY ZB 38 11.79 -6.40 -52.54
C GLY ZB 38 10.45 -5.95 -53.07
N HIS ZB 39 9.89 -4.86 -52.56
CA HIS ZB 39 8.61 -4.32 -53.05
C HIS ZB 39 8.73 -2.85 -53.37
N GLU ZB 40 9.91 -2.43 -53.84
CA GLU ZB 40 10.10 -1.07 -54.29
C GLU ZB 40 9.23 -0.74 -55.50
N ASP ZB 41 8.80 -1.77 -56.23
CA ASP ZB 41 7.85 -1.56 -57.33
C ASP ZB 41 6.57 -0.94 -56.84
N ILE ZB 42 6.15 -1.28 -55.62
CA ILE ZB 42 4.91 -0.78 -55.06
C ILE ZB 42 5.13 0.29 -54.00
N SER ZB 43 6.36 0.48 -53.54
CA SER ZB 43 6.62 1.43 -52.45
C SER ZB 43 6.41 2.88 -52.85
N VAL ZB 44 6.26 3.18 -54.15
CA VAL ZB 44 6.12 4.57 -54.59
C VAL ZB 44 4.85 5.21 -54.05
N LEU ZB 45 3.86 4.39 -53.70
CA LEU ZB 45 2.55 4.86 -53.30
C LEU ZB 45 2.53 5.67 -52.01
N VAL ZB 46 3.62 5.65 -51.23
CA VAL ZB 46 3.66 6.43 -50.00
C VAL ZB 46 3.57 7.92 -50.31
N ARG ZB 47 2.89 8.66 -49.45
CA ARG ZB 47 2.77 10.12 -49.61
C ARG ZB 47 3.18 10.91 -48.38
N THR ZB 48 2.86 10.45 -47.19
CA THR ZB 48 3.21 11.18 -45.98
C THR ZB 48 3.95 10.29 -45.00
N SER ZB 49 5.10 10.76 -44.54
CA SER ZB 49 5.91 10.06 -43.57
C SER ZB 49 6.87 11.06 -42.94
N GLN ZB 50 7.59 10.60 -41.93
CA GLN ZB 50 8.60 11.38 -41.25
C GLN ZB 50 9.88 10.58 -41.14
N ILE ZB 51 11.00 11.29 -41.07
CA ILE ZB 51 12.27 10.59 -40.87
C ILE ZB 51 12.23 9.90 -39.52
N PRO ZB 52 12.86 8.74 -39.36
CA PRO ZB 52 12.84 8.08 -38.04
C PRO ZB 52 13.53 8.96 -37.03
N GLU ZB 53 12.93 9.07 -35.85
CA GLU ZB 53 13.51 9.91 -34.82
C GLU ZB 53 14.79 9.28 -34.30
N MET ZB 54 15.82 10.11 -34.18
CA MET ZB 54 17.09 9.68 -33.61
C MET ZB 54 17.41 10.57 -32.41
N THR ZB 55 17.75 9.94 -31.30
CA THR ZB 55 18.16 10.65 -30.09
C THR ZB 55 18.67 9.63 -29.08
N ARG ZB 56 19.33 10.15 -28.07
CA ARG ZB 56 19.90 9.38 -26.97
C ARG ZB 56 19.44 10.01 -25.68
N GLU ZB 57 19.23 9.19 -24.65
CA GLU ZB 57 18.60 9.73 -23.46
C GLU ZB 57 19.64 10.38 -22.54
N ASP ZB 58 19.14 11.25 -21.67
CA ASP ZB 58 19.98 11.96 -20.71
C ASP ZB 58 19.58 11.57 -19.29
N VAL ZB 59 20.58 11.23 -18.50
CA VAL ZB 59 20.39 11.04 -17.07
C VAL ZB 59 20.61 12.39 -16.39
N GLU ZB 60 19.59 12.88 -15.70
CA GLU ZB 60 19.64 14.13 -14.96
C GLU ZB 60 19.96 13.79 -13.50
N ASP ZB 61 21.18 14.06 -13.08
CA ASP ZB 61 21.62 13.78 -11.73
C ASP ZB 61 21.72 15.06 -10.92
N TYR ZB 62 21.67 14.90 -9.60
CA TYR ZB 62 21.83 16.00 -8.66
C TYR ZB 62 23.00 15.67 -7.74
N GLY ZB 63 23.80 16.68 -7.44
CA GLY ZB 63 24.93 16.50 -6.56
C GLY ZB 63 24.90 17.44 -5.38
N PRO ZB 64 26.00 17.51 -4.64
CA PRO ZB 64 26.09 18.45 -3.52
C PRO ZB 64 25.93 19.88 -4.01
N ASN ZB 65 25.61 20.78 -3.07
CA ASN ZB 65 25.45 22.20 -3.37
C ASN ZB 65 24.35 22.41 -4.41
N GLY ZB 66 23.35 21.54 -4.40
CA GLY ZB 66 22.21 21.65 -5.28
C GLY ZB 66 22.53 21.65 -6.76
N VAL ZB 67 23.67 21.08 -7.15
CA VAL ZB 67 24.11 21.16 -8.54
C VAL ZB 67 23.34 20.15 -9.38
N LYS ZB 68 22.92 20.59 -10.56
CA LYS ZB 68 22.31 19.72 -11.56
C LYS ZB 68 23.36 19.30 -12.58
N PHE ZB 69 23.22 18.09 -13.11
CA PHE ZB 69 24.15 17.61 -14.12
C PHE ZB 69 23.42 16.69 -15.08
N ASN ZB 70 23.93 16.63 -16.30
CA ASN ZB 70 23.36 15.81 -17.35
C ASN ZB 70 24.40 14.86 -17.92
N GLN ZB 71 24.00 13.62 -18.15
CA GLN ZB 71 24.93 12.59 -18.61
C GLN ZB 71 24.33 11.77 -19.73
N HIS ZB 72 25.22 11.19 -20.54
CA HIS ZB 72 24.83 10.27 -21.59
C HIS ZB 72 24.03 9.12 -21.04
N GLY ZB 73 23.21 8.52 -21.91
CA GLY ZB 73 22.63 7.23 -21.63
C GLY ZB 73 22.61 6.36 -22.87
N PRO ZB 74 21.73 5.36 -22.87
CA PRO ZB 74 21.56 4.55 -24.07
C PRO ZB 74 20.93 5.32 -25.20
N ILE ZB 75 21.24 4.91 -26.43
CA ILE ZB 75 20.61 5.49 -27.59
C ILE ZB 75 19.12 5.19 -27.56
N ARG ZB 76 18.30 6.21 -27.80
CA ARG ZB 76 16.86 6.00 -27.95
C ARG ZB 76 16.58 5.62 -29.41
N ASN ZB 77 17.09 4.44 -29.76
CA ASN ZB 77 17.06 3.98 -31.14
C ASN ZB 77 15.70 3.46 -31.56
N SER ZB 78 14.84 3.06 -30.63
CA SER ZB 78 13.56 2.46 -30.96
C SER ZB 78 12.41 3.43 -30.72
N GLY ZB 79 11.30 3.16 -31.39
CA GLY ZB 79 10.12 4.00 -31.26
C GLY ZB 79 9.12 3.66 -32.35
N GLU ZB 80 8.25 4.64 -32.63
CA GLU ZB 80 7.13 4.46 -33.53
C GLU ZB 80 7.11 5.55 -34.61
N ILE ZB 81 6.72 5.17 -35.83
CA ILE ZB 81 6.58 6.09 -36.95
C ILE ZB 81 5.22 5.88 -37.59
N GLN ZB 82 4.44 6.95 -37.71
CA GLN ZB 82 3.15 6.91 -38.37
C GLN ZB 82 3.27 7.50 -39.76
N VAL ZB 83 2.78 6.78 -40.76
CA VAL ZB 83 2.90 7.20 -42.15
C VAL ZB 83 1.53 7.14 -42.81
N GLN ZB 84 1.41 7.89 -43.91
CA GLN ZB 84 0.20 7.98 -44.70
C GLN ZB 84 0.49 7.57 -46.13
N CYS ZB 85 -0.39 6.75 -46.72
CA CYS ZB 85 -0.15 6.19 -48.04
C CYS ZB 85 -1.46 6.13 -48.80
N VAL ZB 86 -1.51 5.29 -49.84
CA VAL ZB 86 -2.70 5.10 -50.66
C VAL ZB 86 -2.72 3.67 -51.19
N GLU ZB 87 -3.90 3.09 -51.29
CA GLU ZB 87 -4.09 1.72 -51.73
C GLU ZB 87 -4.32 1.68 -53.24
N THR ZB 88 -4.70 0.52 -53.76
CA THR ZB 88 -4.99 0.39 -55.19
C THR ZB 88 -6.37 -0.20 -55.44
N ILE ZB 89 -6.64 -0.57 -56.69
CA ILE ZB 89 -7.92 -1.17 -57.05
C ILE ZB 89 -8.15 -2.45 -56.28
N GLU ZB 90 -7.15 -3.32 -56.20
CA GLU ZB 90 -7.33 -4.61 -55.56
C GLU ZB 90 -6.74 -4.67 -54.15
N GLY ZB 91 -6.07 -3.61 -53.70
CA GLY ZB 91 -5.49 -3.62 -52.37
C GLY ZB 91 -4.11 -4.21 -52.29
N ASP ZB 92 -3.16 -3.64 -53.05
CA ASP ZB 92 -1.78 -4.09 -52.98
C ASP ZB 92 -1.29 -4.12 -51.53
N ILE ZB 93 -1.52 -3.03 -50.81
CA ILE ZB 93 -1.05 -2.94 -49.43
C ILE ZB 93 -1.78 -3.93 -48.54
N LEU ZB 94 -3.06 -4.17 -48.81
CA LEU ZB 94 -3.81 -5.14 -48.03
C LEU ZB 94 -3.24 -6.54 -48.18
N GLN ZB 95 -3.03 -6.97 -49.43
CA GLN ZB 95 -2.43 -8.28 -49.64
C GLN ZB 95 -1.02 -8.33 -49.09
N PHE ZB 96 -0.27 -7.23 -49.21
CA PHE ZB 96 1.10 -7.22 -48.73
C PHE ZB 96 1.15 -7.38 -47.21
N ILE ZB 97 0.30 -6.65 -46.50
CA ILE ZB 97 0.28 -6.78 -45.05
C ILE ZB 97 -0.28 -8.12 -44.63
N LYS ZB 98 -1.26 -8.66 -45.36
CA LYS ZB 98 -1.78 -9.97 -45.01
C LYS ZB 98 -0.70 -11.03 -45.18
N ASP ZB 99 0.07 -10.94 -46.26
CA ASP ZB 99 1.18 -11.87 -46.46
C ASP ZB 99 2.27 -11.66 -45.42
N ARG ZB 100 2.51 -10.40 -45.04
CA ARG ZB 100 3.51 -10.12 -44.02
C ARG ZB 100 3.13 -10.72 -42.67
N ILE ZB 101 1.87 -10.57 -42.28
CA ILE ZB 101 1.44 -11.11 -41.00
C ILE ZB 101 1.33 -12.63 -41.08
N ALA ZB 102 1.09 -13.17 -42.28
CA ALA ZB 102 1.13 -14.62 -42.43
C ALA ZB 102 2.55 -15.15 -42.25
N ALA ZB 103 3.52 -14.50 -42.91
CA ALA ZB 103 4.90 -14.98 -42.87
C ALA ZB 103 5.57 -14.72 -41.53
N LYS ZB 104 5.10 -13.71 -40.80
CA LYS ZB 104 5.60 -13.39 -39.46
C LYS ZB 104 7.10 -13.08 -39.52
N ASP ZB 105 7.46 -12.16 -40.40
CA ASP ZB 105 8.85 -11.90 -40.74
C ASP ZB 105 9.25 -10.47 -40.42
N TYR ZB 106 10.49 -10.14 -40.77
CA TYR ZB 106 11.05 -8.81 -40.60
C TYR ZB 106 11.39 -8.21 -41.95
N VAL ZB 107 11.32 -6.88 -42.02
CA VAL ZB 107 11.49 -6.15 -43.26
C VAL ZB 107 12.50 -5.03 -43.06
N ASP ZB 108 13.15 -4.65 -44.15
CA ASP ZB 108 14.12 -3.56 -44.17
C ASP ZB 108 13.69 -2.52 -45.19
N ILE ZB 109 13.85 -1.25 -44.84
CA ILE ZB 109 13.40 -0.15 -45.66
C ILE ZB 109 14.57 0.81 -45.92
N THR ZB 110 14.48 1.56 -47.02
CA THR ZB 110 15.46 2.57 -47.35
C THR ZB 110 14.74 3.87 -47.66
N MET ZB 111 15.20 4.97 -47.06
CA MET ZB 111 14.63 6.29 -47.24
C MET ZB 111 15.69 7.19 -47.82
N ALA ZB 112 15.30 8.11 -48.70
CA ALA ZB 112 16.29 9.01 -49.28
C ALA ZB 112 15.60 10.28 -49.77
N ALA ZB 113 16.42 11.30 -49.93
CA ALA ZB 113 15.99 12.58 -50.49
C ALA ZB 113 16.81 12.85 -51.75
N THR ZB 114 16.17 12.76 -52.91
CA THR ZB 114 16.83 12.91 -54.21
C THR ZB 114 16.21 14.08 -54.96
N PRO ZB 115 16.80 15.27 -54.86
CA PRO ZB 115 16.32 16.38 -55.68
C PRO ZB 115 16.43 16.06 -57.16
N GLU ZB 116 15.41 16.45 -57.92
CA GLU ZB 116 15.38 16.15 -59.34
C GLU ZB 116 16.46 16.89 -60.10
N SER ZB 117 16.93 18.03 -59.57
CA SER ZB 117 17.96 18.80 -60.26
C SER ZB 117 19.23 17.99 -60.43
N LYS ZB 118 19.63 17.24 -59.42
CA LYS ZB 118 20.84 16.45 -59.47
C LYS ZB 118 20.62 15.04 -59.99
N SER ZB 119 19.37 14.67 -60.26
CA SER ZB 119 19.08 13.33 -60.78
C SER ZB 119 19.73 13.14 -62.14
N SER ZB 120 20.35 11.98 -62.33
CA SER ZB 120 21.04 11.68 -63.58
C SER ZB 120 20.83 10.22 -63.93
N GLY ZB 121 20.99 9.90 -65.22
CA GLY ZB 121 20.81 8.55 -65.70
C GLY ZB 121 19.41 8.33 -66.27
N VAL ZB 122 18.78 7.22 -65.90
CA VAL ZB 122 17.43 6.92 -66.33
C VAL ZB 122 16.45 6.92 -65.16
N ASN ZB 123 16.87 6.44 -63.99
CA ASN ZB 123 16.07 6.45 -62.79
C ASN ZB 123 16.77 7.29 -61.72
N ALA ZB 124 16.02 7.65 -60.68
CA ALA ZB 124 16.54 8.52 -59.65
C ALA ZB 124 17.76 7.92 -58.98
N VAL ZB 125 18.82 8.72 -58.84
CA VAL ZB 125 20.08 8.29 -58.23
C VAL ZB 125 20.28 9.06 -56.94
N THR ZB 126 20.58 8.34 -55.87
CA THR ZB 126 20.74 8.93 -54.54
C THR ZB 126 22.22 9.14 -54.23
N LYS ZB 127 22.46 9.79 -53.10
CA LYS ZB 127 23.81 9.97 -52.56
C LYS ZB 127 23.82 9.56 -51.10
N ALA ZB 128 25.00 9.13 -50.64
CA ALA ZB 128 25.13 8.61 -49.28
C ALA ZB 128 24.73 9.64 -48.24
N ALA ZB 129 24.86 10.93 -48.56
CA ALA ZB 129 24.54 11.97 -47.59
C ALA ZB 129 23.06 11.96 -47.22
N THR ZB 130 22.18 11.79 -48.21
CA THR ZB 130 20.75 11.96 -48.02
C THR ZB 130 20.00 10.63 -48.05
N THR ZB 131 20.62 9.56 -47.57
CA THR ZB 131 19.99 8.25 -47.56
C THR ZB 131 20.17 7.61 -46.19
N ILE ZB 132 19.10 7.00 -45.69
CA ILE ZB 132 19.11 6.30 -44.42
C ILE ZB 132 18.46 4.93 -44.62
N GLU ZB 133 19.12 3.89 -44.14
CA GLU ZB 133 18.58 2.55 -44.16
C GLU ZB 133 18.01 2.22 -42.78
N MET ZB 134 16.83 1.61 -42.76
CA MET ZB 134 16.17 1.24 -41.52
C MET ZB 134 15.96 -0.26 -41.44
N LEU ZB 135 16.31 -0.82 -40.30
CA LEU ZB 135 16.30 -2.24 -40.04
C LEU ZB 135 15.29 -2.57 -38.96
N ASP ZB 136 14.87 -3.82 -38.93
CA ASP ZB 136 13.96 -4.33 -37.90
C ASP ZB 136 12.69 -3.49 -37.85
N CYS ZB 137 12.13 -3.23 -39.03
CA CYS ZB 137 10.90 -2.48 -39.14
C CYS ZB 137 9.70 -3.39 -38.88
N LYS ZB 138 8.69 -2.83 -38.22
CA LYS ZB 138 7.53 -3.60 -37.80
C LYS ZB 138 6.35 -2.86 -38.41
N ILE ZB 139 5.82 -3.36 -39.52
CA ILE ZB 139 4.90 -2.60 -40.36
C ILE ZB 139 3.49 -3.11 -40.11
N TYR ZB 140 2.62 -2.28 -39.51
CA TYR ZB 140 1.20 -2.58 -39.38
C TYR ZB 140 0.40 -1.36 -39.78
N SER ZB 141 -0.90 -1.57 -39.99
CA SER ZB 141 -1.79 -0.55 -40.48
C SER ZB 141 -2.83 -0.20 -39.42
N ASP ZB 142 -3.68 0.77 -39.76
CA ASP ZB 142 -4.69 1.27 -38.85
C ASP ZB 142 -6.02 1.38 -39.58
N ALA ZB 143 -7.11 1.31 -38.83
CA ALA ZB 143 -8.44 1.46 -39.42
C ALA ZB 143 -8.60 2.87 -39.96
N ILE ZB 144 -9.22 2.96 -41.15
CA ILE ZB 144 -9.38 4.23 -41.84
C ILE ZB 144 -10.88 4.50 -41.98
N ASP ZB 145 -11.30 5.67 -41.52
CA ASP ZB 145 -12.71 6.04 -41.47
C ASP ZB 145 -13.06 6.87 -42.70
N PHE ZB 146 -14.01 6.38 -43.49
CA PHE ZB 146 -14.56 7.11 -44.62
C PHE ZB 146 -15.91 7.68 -44.21
N SER ZB 147 -16.07 8.99 -44.37
CA SER ZB 147 -17.19 9.72 -43.79
C SER ZB 147 -18.40 9.65 -44.73
N THR ZB 148 -19.39 10.49 -44.45
CA THR ZB 148 -20.58 10.63 -45.27
C THR ZB 148 -20.39 11.65 -46.38
N GLU ZB 149 -19.79 12.79 -46.06
CA GLU ZB 149 -19.59 13.88 -47.00
C GLU ZB 149 -18.27 13.75 -47.76
N ASP ZB 150 -17.61 12.60 -47.67
CA ASP ZB 150 -16.30 12.40 -48.30
C ASP ZB 150 -16.44 12.18 -49.80
N VAL ZB 151 -17.10 13.15 -50.45
CA VAL ZB 151 -17.33 13.05 -51.89
C VAL ZB 151 -16.03 13.25 -52.65
N THR ZB 152 -15.20 14.20 -52.22
CA THR ZB 152 -13.95 14.50 -52.89
C THR ZB 152 -12.74 13.88 -52.21
N ALA ZB 153 -12.95 13.07 -51.17
CA ALA ZB 153 -11.86 12.49 -50.41
C ALA ZB 153 -11.84 10.99 -50.62
N ALA ZB 154 -10.64 10.46 -50.90
CA ALA ZB 154 -10.43 9.03 -51.04
C ALA ZB 154 -9.86 8.45 -49.76
N VAL ZB 155 -9.71 7.12 -49.74
CA VAL ZB 155 -9.18 6.45 -48.56
C VAL ZB 155 -7.72 6.84 -48.37
N ARG ZB 156 -7.37 7.21 -47.13
CA ARG ZB 156 -6.00 7.52 -46.76
C ARG ZB 156 -5.54 6.49 -45.75
N PRO ZB 157 -4.88 5.41 -46.20
CA PRO ZB 157 -4.43 4.37 -45.26
C PRO ZB 157 -3.25 4.85 -44.42
N SER ZB 158 -3.42 4.79 -43.10
CA SER ZB 158 -2.37 5.13 -42.16
C SER ZB 158 -1.73 3.85 -41.63
N LEU ZB 159 -0.40 3.88 -41.51
CA LEU ZB 159 0.35 2.74 -41.02
C LEU ZB 159 1.20 3.14 -39.82
N ARG ZB 160 1.20 2.28 -38.83
CA ARG ZB 160 1.99 2.41 -37.63
C ARG ZB 160 3.17 1.43 -37.73
N ILE ZB 161 4.38 1.93 -37.48
CA ILE ZB 161 5.60 1.20 -37.77
C ILE ZB 161 6.53 1.29 -36.57
N VAL ZB 162 6.82 0.16 -35.95
CA VAL ZB 162 7.81 0.12 -34.88
C VAL ZB 162 9.19 0.01 -35.48
N TYR ZB 163 10.05 0.98 -35.17
CA TYR ZB 163 11.42 0.99 -35.65
C TYR ZB 163 12.39 0.79 -34.48
N ASN ZB 164 13.49 0.08 -34.74
CA ASN ZB 164 14.39 -0.36 -33.68
C ASN ZB 164 15.73 0.37 -33.67
N TRP ZB 165 16.42 0.46 -34.80
CA TRP ZB 165 17.74 1.06 -34.78
C TRP ZB 165 18.09 1.56 -36.17
N ILE ZB 166 18.68 2.74 -36.21
CA ILE ZB 166 18.86 3.51 -37.44
C ILE ZB 166 20.30 3.33 -37.92
N GLU ZB 167 20.46 3.03 -39.20
CA GLU ZB 167 21.77 2.97 -39.83
C GLU ZB 167 21.86 4.01 -40.93
N TRP ZB 168 23.01 4.67 -41.00
CA TRP ZB 168 23.29 5.69 -42.00
C TRP ZB 168 24.41 5.20 -42.89
N ASP ZB 169 24.22 5.32 -44.20
CA ASP ZB 169 25.26 4.95 -45.14
C ASP ZB 169 25.91 6.19 -45.76
N GLY AC 2 -19.02 91.24 -50.52
CA GLY AC 2 -19.42 90.15 -49.64
C GLY AC 2 -18.48 89.95 -48.48
N HIS AC 3 -17.80 88.80 -48.48
CA HIS AC 3 -16.85 88.50 -47.41
C HIS AC 3 -15.69 89.49 -47.46
N ASN AC 4 -15.29 89.97 -46.29
CA ASN AC 4 -14.29 91.03 -46.23
C ASN AC 4 -12.91 90.50 -46.59
N ASN AC 5 -12.55 89.32 -46.10
CA ASN AC 5 -11.25 88.73 -46.34
C ASN AC 5 -11.16 88.22 -47.77
N THR AC 6 -11.16 89.15 -48.72
CA THR AC 6 -11.26 88.79 -50.12
C THR AC 6 -10.11 89.31 -50.98
N LYS AC 7 -9.26 90.19 -50.45
CA LYS AC 7 -8.20 90.77 -51.23
C LYS AC 7 -7.24 89.69 -51.73
N GLY AC 8 -6.72 89.89 -52.94
CA GLY AC 8 -5.77 88.98 -53.54
C GLY AC 8 -4.88 89.73 -54.50
N ASN AC 9 -3.82 89.05 -54.95
CA ASN AC 9 -2.86 89.70 -55.82
C ASN AC 9 -2.23 88.66 -56.76
N ARG AC 10 -1.11 89.04 -57.36
CA ARG AC 10 -0.48 88.28 -58.43
C ARG AC 10 0.84 87.67 -58.03
N LYS AC 11 1.66 88.40 -57.27
CA LYS AC 11 3.05 88.03 -57.13
C LYS AC 11 3.21 86.70 -56.40
N PHE AC 12 2.29 86.37 -55.49
CA PHE AC 12 2.33 85.06 -54.86
C PHE AC 12 2.17 83.95 -55.90
N ILE AC 13 1.17 84.06 -56.77
CA ILE AC 13 0.95 82.98 -57.70
C ILE AC 13 2.07 82.91 -58.71
N LYS AC 14 2.66 84.05 -59.08
CA LYS AC 14 3.82 84.00 -59.96
C LYS AC 14 5.02 83.37 -59.26
N GLY AC 15 5.26 83.70 -57.98
CA GLY AC 15 6.37 83.08 -57.28
C GLY AC 15 6.21 81.58 -57.17
N ARG AC 16 4.99 81.12 -56.85
CA ARG AC 16 4.74 79.70 -56.78
C ARG AC 16 4.81 79.03 -58.15
N TYR AC 17 4.37 79.73 -59.20
CA TYR AC 17 4.45 79.19 -60.54
C TYR AC 17 5.91 79.00 -60.94
N THR AC 18 6.73 80.01 -60.68
CA THR AC 18 8.15 79.87 -60.99
C THR AC 18 8.79 78.76 -60.17
N ALA AC 19 8.42 78.65 -58.89
CA ALA AC 19 9.00 77.59 -58.07
C ALA AC 19 8.64 76.22 -58.62
N ASN AC 20 7.37 76.01 -58.97
CA ASN AC 20 6.97 74.69 -59.45
C ASN AC 20 7.40 74.42 -60.89
N ALA AC 21 7.71 75.46 -61.66
CA ALA AC 21 8.23 75.27 -63.00
C ALA AC 21 9.74 75.11 -63.01
N ALA AC 22 10.42 75.50 -61.94
CA ALA AC 22 11.86 75.29 -61.85
C ALA AC 22 12.22 73.81 -61.74
N LYS AC 23 11.24 72.94 -61.52
CA LYS AC 23 11.53 71.52 -61.39
C LYS AC 23 12.09 70.95 -62.70
N GLY AC 24 11.54 71.37 -63.82
CA GLY AC 24 11.86 70.79 -65.10
C GLY AC 24 10.67 70.00 -65.65
N GLU AC 25 10.95 69.23 -66.70
CA GLU AC 25 9.93 68.35 -67.24
C GLU AC 25 9.75 67.14 -66.34
N ARG AC 26 8.80 66.28 -66.69
CA ARG AC 26 8.51 65.10 -65.90
C ARG AC 26 8.60 63.87 -66.78
N LEU AC 27 8.94 62.75 -66.16
CA LEU AC 27 9.09 61.50 -66.89
C LEU AC 27 7.72 60.87 -67.09
N VAL AC 28 7.39 60.57 -68.34
CA VAL AC 28 6.10 59.95 -68.65
C VAL AC 28 6.15 58.47 -68.27
N SER AC 29 5.01 57.93 -67.87
CA SER AC 29 4.92 56.51 -67.54
C SER AC 29 5.34 55.61 -68.70
N SER AC 30 5.09 56.03 -69.93
CA SER AC 30 5.33 55.17 -71.08
C SER AC 30 6.79 55.08 -71.47
N GLU AC 31 7.63 56.02 -71.01
CA GLU AC 31 9.03 56.06 -71.43
C GLU AC 31 9.91 55.51 -70.31
N PHE AC 32 10.59 54.41 -70.60
CA PHE AC 32 11.47 53.72 -69.68
C PHE AC 32 12.10 52.57 -70.45
N LEU AC 33 12.87 51.74 -69.76
CA LEU AC 33 13.43 50.53 -70.35
C LEU AC 33 13.52 49.45 -69.27
N LEU AC 34 12.89 48.31 -69.52
CA LEU AC 34 12.99 47.14 -68.67
C LEU AC 34 13.46 45.97 -69.52
N THR AC 35 14.61 45.40 -69.17
CA THR AC 35 15.25 44.36 -69.97
C THR AC 35 15.74 43.22 -69.11
N PHE AC 36 15.89 42.05 -69.73
CA PHE AC 36 16.46 40.89 -69.06
C PHE AC 36 17.99 40.98 -69.12
N ALA AC 37 18.64 39.90 -68.77
CA ALA AC 37 20.09 39.76 -68.89
C ALA AC 37 20.38 39.04 -70.19
N GLY AC 38 20.80 39.79 -71.20
CA GLY AC 38 21.20 39.19 -72.47
C GLY AC 38 20.07 38.68 -73.33
N HIS AC 39 18.85 39.15 -73.13
CA HIS AC 39 17.69 38.71 -73.89
C HIS AC 39 16.85 39.91 -74.32
N GLU AC 40 17.53 40.92 -74.86
CA GLU AC 40 16.87 42.17 -75.25
C GLU AC 40 15.83 41.94 -76.34
N ASP AC 41 16.05 40.94 -77.20
CA ASP AC 41 15.13 40.64 -78.28
C ASP AC 41 13.79 40.11 -77.80
N ILE AC 42 13.73 39.52 -76.61
CA ILE AC 42 12.45 39.29 -75.96
C ILE AC 42 12.06 40.47 -75.08
N SER AC 43 13.05 41.17 -74.51
CA SER AC 43 12.76 42.29 -73.61
C SER AC 43 11.92 43.35 -74.30
N VAL AC 44 12.20 43.61 -75.57
CA VAL AC 44 11.47 44.63 -76.32
C VAL AC 44 9.99 44.31 -76.42
N LEU AC 45 9.58 43.08 -76.06
CA LEU AC 45 8.18 42.69 -76.13
C LEU AC 45 7.39 43.11 -74.89
N VAL AC 46 8.02 43.78 -73.93
CA VAL AC 46 7.31 44.22 -72.74
C VAL AC 46 6.36 45.36 -73.09
N ARG AC 47 5.19 45.37 -72.45
CA ARG AC 47 4.23 46.43 -72.68
C ARG AC 47 4.01 47.30 -71.45
N THR AC 48 3.63 46.70 -70.33
CA THR AC 48 3.32 47.44 -69.11
C THR AC 48 3.81 46.63 -67.92
N SER AC 49 4.36 47.31 -66.93
CA SER AC 49 5.02 46.65 -65.81
C SER AC 49 4.63 47.34 -64.52
N GLN AC 50 5.32 46.96 -63.44
CA GLN AC 50 5.12 47.52 -62.10
C GLN AC 50 6.43 48.04 -61.56
N ILE AC 51 6.36 49.18 -60.87
CA ILE AC 51 7.55 49.74 -60.22
C ILE AC 51 7.98 48.80 -59.11
N PRO AC 52 9.28 48.54 -58.97
CA PRO AC 52 9.76 47.78 -57.81
C PRO AC 52 9.59 48.59 -56.54
N GLU AC 53 9.47 47.88 -55.44
CA GLU AC 53 9.23 48.50 -54.14
C GLU AC 53 10.28 48.06 -53.13
N MET AC 54 10.68 48.98 -52.26
CA MET AC 54 11.55 48.67 -51.15
C MET AC 54 10.92 49.24 -49.87
N THR AC 55 10.73 48.38 -48.87
CA THR AC 55 10.06 48.76 -47.64
C THR AC 55 10.68 48.03 -46.47
N ARG AC 56 10.31 48.45 -45.26
CA ARG AC 56 10.86 47.90 -44.03
C ARG AC 56 9.73 47.40 -43.13
N GLU AC 57 9.96 46.26 -42.49
CA GLU AC 57 8.99 45.79 -41.52
C GLU AC 57 8.92 46.76 -40.34
N ASP AC 58 7.78 46.72 -39.64
CA ASP AC 58 7.55 47.57 -38.49
C ASP AC 58 7.08 46.72 -37.33
N VAL AC 59 7.59 47.02 -36.14
CA VAL AC 59 7.15 46.37 -34.91
C VAL AC 59 6.24 47.33 -34.18
N GLU AC 60 5.06 46.85 -33.80
CA GLU AC 60 4.03 47.68 -33.18
C GLU AC 60 3.94 47.31 -31.69
N ASP AC 61 4.69 48.04 -30.87
CA ASP AC 61 4.66 47.84 -29.43
C ASP AC 61 3.72 48.85 -28.81
N TYR AC 62 3.35 48.59 -27.56
CA TYR AC 62 2.45 49.46 -26.82
C TYR AC 62 3.14 49.95 -25.56
N GLY AC 63 2.86 51.19 -25.19
CA GLY AC 63 3.20 51.73 -23.90
C GLY AC 63 1.97 51.80 -23.01
N PRO AC 64 2.16 52.23 -21.77
CA PRO AC 64 1.13 52.05 -20.74
C PRO AC 64 -0.19 52.71 -21.11
N ASN AC 65 -1.24 52.29 -20.38
CA ASN AC 65 -2.63 52.65 -20.64
C ASN AC 65 -2.96 52.61 -22.12
N GLY AC 66 -2.35 51.65 -22.82
CA GLY AC 66 -2.75 51.32 -24.17
C GLY AC 66 -2.17 52.18 -25.27
N VAL AC 67 -1.21 53.05 -24.98
CA VAL AC 67 -0.67 53.89 -26.03
C VAL AC 67 0.20 53.00 -26.91
N LYS AC 68 0.60 53.49 -28.08
CA LYS AC 68 1.35 52.63 -28.97
C LYS AC 68 2.63 53.34 -29.41
N PHE AC 69 3.45 52.60 -30.14
CA PHE AC 69 4.71 53.10 -30.69
C PHE AC 69 5.23 52.05 -31.65
N ASN AC 70 5.76 52.51 -32.78
CA ASN AC 70 6.25 51.60 -33.80
C ASN AC 70 7.75 51.76 -33.98
N GLN AC 71 8.39 50.68 -34.40
CA GLN AC 71 9.85 50.64 -34.53
C GLN AC 71 10.24 50.04 -35.86
N HIS AC 72 11.37 50.53 -36.39
CA HIS AC 72 11.89 50.05 -37.67
C HIS AC 72 12.30 48.59 -37.56
N GLY AC 73 12.37 47.93 -38.71
CA GLY AC 73 12.95 46.61 -38.78
C GLY AC 73 13.79 46.44 -40.04
N PRO AC 74 14.03 45.19 -40.43
CA PRO AC 74 14.73 44.94 -41.69
C PRO AC 74 13.94 45.38 -42.89
N ILE AC 75 14.43 45.09 -44.09
CA ILE AC 75 13.73 45.41 -45.32
C ILE AC 75 12.72 44.32 -45.63
N ARG AC 76 11.53 44.71 -46.07
CA ARG AC 76 10.69 43.76 -46.82
C ARG AC 76 11.24 43.69 -48.23
N ASN AC 77 12.09 42.68 -48.47
CA ASN AC 77 12.81 42.55 -49.72
C ASN AC 77 12.00 41.85 -50.81
N SER AC 78 10.85 41.28 -50.48
CA SER AC 78 10.02 40.63 -51.48
C SER AC 78 9.48 41.66 -52.48
N GLY AC 79 9.20 41.19 -53.68
CA GLY AC 79 8.52 42.06 -54.62
C GLY AC 79 7.91 41.35 -55.81
N GLU AC 80 6.70 41.74 -56.17
CA GLU AC 80 5.98 41.13 -57.29
C GLU AC 80 5.62 42.19 -58.32
N ILE AC 81 5.82 41.85 -59.59
CA ILE AC 81 5.53 42.73 -60.72
C ILE AC 81 4.74 41.94 -61.74
N GLN AC 82 3.61 42.48 -62.16
CA GLN AC 82 2.92 41.95 -63.32
C GLN AC 82 3.55 42.59 -64.55
N VAL AC 83 4.00 41.76 -65.48
CA VAL AC 83 4.56 42.23 -66.73
C VAL AC 83 3.58 41.92 -67.84
N GLN AC 84 3.44 42.86 -68.76
CA GLN AC 84 2.56 42.72 -69.91
C GLN AC 84 3.40 42.63 -71.17
N CYS AC 85 3.13 41.62 -71.99
CA CYS AC 85 3.85 41.38 -73.23
C CYS AC 85 2.81 41.01 -74.28
N VAL AC 86 3.16 41.20 -75.54
CA VAL AC 86 2.22 41.04 -76.64
C VAL AC 86 2.93 40.29 -77.76
N GLU AC 87 2.34 39.16 -78.18
CA GLU AC 87 3.05 38.06 -78.83
C GLU AC 87 2.80 37.99 -80.33
N THR AC 88 3.86 37.72 -81.08
CA THR AC 88 3.89 37.67 -82.54
C THR AC 88 3.77 36.23 -83.07
N ILE AC 89 3.93 36.09 -84.39
CA ILE AC 89 3.72 34.79 -85.04
C ILE AC 89 4.73 33.76 -84.55
N GLU AC 90 6.01 34.11 -84.59
CA GLU AC 90 7.05 33.17 -84.23
C GLU AC 90 7.04 32.81 -82.75
N GLY AC 91 6.25 33.52 -81.94
CA GLY AC 91 6.10 33.16 -80.55
C GLY AC 91 7.35 33.32 -79.73
N ASP AC 92 7.94 34.52 -79.76
CA ASP AC 92 9.08 34.80 -78.90
C ASP AC 92 8.73 34.58 -77.44
N ILE AC 93 7.52 35.01 -77.04
CA ILE AC 93 7.09 34.82 -75.66
C ILE AC 93 6.99 33.34 -75.32
N LEU AC 94 6.41 32.54 -76.21
CA LEU AC 94 6.23 31.13 -75.91
C LEU AC 94 7.58 30.42 -75.86
N GLN AC 95 8.51 30.75 -76.76
CA GLN AC 95 9.82 30.11 -76.69
C GLN AC 95 10.59 30.56 -75.46
N PHE AC 96 10.40 31.80 -75.03
CA PHE AC 96 11.05 32.24 -73.81
C PHE AC 96 10.51 31.49 -72.60
N ILE AC 97 9.19 31.43 -72.46
CA ILE AC 97 8.62 30.71 -71.33
C ILE AC 97 9.04 29.25 -71.40
N LYS AC 98 9.00 28.67 -72.59
CA LYS AC 98 9.55 27.35 -72.89
C LYS AC 98 10.92 27.16 -72.27
N ASP AC 99 11.89 27.97 -72.70
CA ASP AC 99 13.26 27.61 -72.37
C ASP AC 99 13.61 27.96 -70.93
N ARG AC 100 13.01 28.99 -70.32
CA ARG AC 100 13.44 29.17 -68.93
C ARG AC 100 12.67 28.26 -67.99
N ILE AC 101 11.44 27.85 -68.32
CA ILE AC 101 10.82 26.82 -67.50
C ILE AC 101 11.51 25.49 -67.71
N ALA AC 102 12.15 25.28 -68.87
CA ALA AC 102 12.99 24.12 -69.02
C ALA AC 102 14.23 24.24 -68.16
N ALA AC 103 14.85 25.42 -68.14
CA ALA AC 103 16.05 25.62 -67.35
C ALA AC 103 15.79 25.48 -65.86
N LYS AC 104 14.60 25.86 -65.41
CA LYS AC 104 14.22 25.74 -64.00
C LYS AC 104 15.16 26.57 -63.12
N ASP AC 105 15.60 27.71 -63.63
CA ASP AC 105 16.58 28.55 -62.97
C ASP AC 105 15.99 29.94 -62.69
N TYR AC 106 16.84 30.86 -62.26
CA TYR AC 106 16.44 32.22 -61.94
C TYR AC 106 16.81 33.17 -63.08
N VAL AC 107 16.21 34.36 -63.03
CA VAL AC 107 16.33 35.34 -64.10
C VAL AC 107 16.73 36.68 -63.49
N ASP AC 108 17.36 37.51 -64.32
CA ASP AC 108 17.86 38.81 -63.91
C ASP AC 108 17.26 39.90 -64.79
N ILE AC 109 16.84 40.99 -64.17
CA ILE AC 109 16.11 42.06 -64.84
C ILE AC 109 16.75 43.39 -64.45
N THR AC 110 16.57 44.38 -65.31
CA THR AC 110 16.97 45.76 -65.00
C THR AC 110 15.89 46.69 -65.52
N MET AC 111 15.69 47.80 -64.81
CA MET AC 111 14.55 48.67 -65.03
C MET AC 111 14.98 50.11 -64.75
N ALA AC 112 15.11 50.91 -65.80
CA ALA AC 112 15.53 52.30 -65.65
C ALA AC 112 14.77 53.17 -66.65
N ALA AC 113 14.24 54.29 -66.17
CA ALA AC 113 13.53 55.22 -67.05
C ALA AC 113 14.53 55.99 -67.91
N THR AC 114 14.29 56.02 -69.22
CA THR AC 114 15.21 56.61 -70.18
C THR AC 114 14.49 57.59 -71.09
N PRO AC 115 14.42 58.86 -70.72
CA PRO AC 115 13.79 59.86 -71.59
C PRO AC 115 14.55 60.03 -72.90
N GLU AC 116 13.79 60.21 -73.98
CA GLU AC 116 14.42 60.41 -75.29
C GLU AC 116 15.12 61.75 -75.36
N SER AC 117 14.52 62.79 -74.77
CA SER AC 117 15.10 64.12 -74.84
C SER AC 117 16.46 64.17 -74.18
N LYS AC 118 16.58 63.59 -72.99
CA LYS AC 118 17.87 63.54 -72.30
C LYS AC 118 18.83 62.58 -72.98
N SER AC 119 18.32 61.56 -73.66
CA SER AC 119 19.17 60.56 -74.26
C SER AC 119 20.08 61.18 -75.31
N SER AC 120 21.33 60.71 -75.35
CA SER AC 120 22.30 61.16 -76.33
C SER AC 120 23.10 59.95 -76.81
N GLY AC 121 24.00 60.18 -77.76
CA GLY AC 121 24.78 59.10 -78.31
C GLY AC 121 23.96 58.25 -79.28
N VAL AC 122 24.52 57.09 -79.61
CA VAL AC 122 23.86 56.19 -80.54
C VAL AC 122 22.58 55.64 -79.93
N ASN AC 123 22.59 55.40 -78.62
CA ASN AC 123 21.46 54.83 -77.90
C ASN AC 123 21.27 55.59 -76.60
N ALA AC 124 20.10 55.42 -76.01
CA ALA AC 124 19.75 56.14 -74.78
C ALA AC 124 20.77 55.86 -73.68
N VAL AC 125 21.32 56.92 -73.11
CA VAL AC 125 22.31 56.82 -72.06
C VAL AC 125 21.60 56.77 -70.71
N THR AC 126 22.16 55.98 -69.79
CA THR AC 126 21.55 55.73 -68.50
C THR AC 126 22.54 56.01 -67.37
N LYS AC 127 22.00 56.47 -66.24
CA LYS AC 127 22.80 56.78 -65.05
C LYS AC 127 22.39 55.91 -63.87
N ALA AC 128 23.39 55.58 -63.04
CA ALA AC 128 23.20 54.68 -61.91
C ALA AC 128 22.20 55.22 -60.90
N ALA AC 129 21.95 56.53 -60.91
CA ALA AC 129 20.91 57.08 -60.04
C ALA AC 129 19.54 56.52 -60.40
N THR AC 130 19.26 56.41 -61.70
CA THR AC 130 17.98 55.96 -62.19
C THR AC 130 18.00 54.52 -62.69
N THR AC 131 19.12 53.82 -62.54
CA THR AC 131 19.18 52.40 -62.91
C THR AC 131 18.68 51.56 -61.75
N ILE AC 132 17.75 50.66 -62.04
CA ILE AC 132 17.25 49.70 -61.06
C ILE AC 132 17.28 48.33 -61.72
N GLU AC 133 17.92 47.36 -61.06
CA GLU AC 133 18.16 46.05 -61.62
C GLU AC 133 17.58 44.99 -60.70
N MET AC 134 16.86 44.03 -61.27
CA MET AC 134 16.25 42.93 -60.52
C MET AC 134 16.95 41.63 -60.88
N LEU AC 135 17.74 41.09 -59.97
CA LEU AC 135 18.40 39.82 -60.17
C LEU AC 135 17.78 38.76 -59.27
N ASP AC 136 18.12 37.50 -59.56
CA ASP AC 136 17.63 36.36 -58.81
C ASP AC 136 16.11 36.39 -58.69
N CYS AC 137 15.47 36.49 -59.84
CA CYS AC 137 14.03 36.63 -59.92
C CYS AC 137 13.40 35.35 -60.46
N LYS AC 138 12.17 35.09 -60.02
CA LYS AC 138 11.37 33.97 -60.51
C LYS AC 138 10.27 34.52 -61.42
N ILE AC 139 10.29 34.08 -62.68
CA ILE AC 139 9.31 34.50 -63.67
C ILE AC 139 8.40 33.32 -63.95
N TYR AC 140 7.11 33.54 -63.80
CA TYR AC 140 6.12 32.51 -64.07
C TYR AC 140 4.98 33.13 -64.85
N SER AC 141 4.07 32.28 -65.30
CA SER AC 141 2.94 32.71 -66.10
C SER AC 141 1.68 32.80 -65.25
N ASP AC 142 0.76 33.63 -65.70
CA ASP AC 142 -0.53 33.79 -65.04
C ASP AC 142 -1.65 33.65 -66.06
N ALA AC 143 -2.78 33.14 -65.60
CA ALA AC 143 -3.90 32.84 -66.49
C ALA AC 143 -4.52 34.14 -66.97
N ILE AC 144 -4.30 34.47 -68.25
CA ILE AC 144 -4.84 35.68 -68.86
C ILE AC 144 -5.80 35.25 -69.96
N ASP AC 145 -7.07 35.65 -69.84
CA ASP AC 145 -8.07 35.25 -70.82
C ASP AC 145 -7.89 36.04 -72.10
N PHE AC 146 -7.92 35.34 -73.23
CA PHE AC 146 -7.86 35.98 -74.53
C PHE AC 146 -9.29 36.14 -75.05
N SER AC 147 -9.69 37.39 -75.30
CA SER AC 147 -11.05 37.70 -75.71
C SER AC 147 -11.21 37.36 -77.18
N THR AC 148 -11.67 36.14 -77.45
CA THR AC 148 -11.90 35.74 -78.83
C THR AC 148 -13.11 36.44 -79.42
N GLU AC 149 -14.11 36.75 -78.60
CA GLU AC 149 -15.30 37.45 -79.09
C GLU AC 149 -14.95 38.81 -79.64
N ASP AC 150 -14.20 39.60 -78.87
CA ASP AC 150 -13.78 40.93 -79.31
C ASP AC 150 -12.54 40.76 -80.17
N VAL AC 151 -12.76 40.57 -81.47
CA VAL AC 151 -11.65 40.36 -82.40
C VAL AC 151 -10.75 41.58 -82.49
N THR AC 152 -11.30 42.78 -82.26
CA THR AC 152 -10.52 44.01 -82.37
C THR AC 152 -9.36 44.06 -81.39
N ALA AC 153 -9.42 43.23 -80.35
CA ALA AC 153 -8.37 43.08 -79.36
C ALA AC 153 -7.70 41.73 -79.59
N ALA AC 154 -6.39 41.77 -79.79
CA ALA AC 154 -5.67 40.54 -80.06
C ALA AC 154 -5.17 39.95 -78.74
N VAL AC 155 -4.34 38.91 -78.81
CA VAL AC 155 -4.02 38.18 -77.58
C VAL AC 155 -3.17 39.05 -76.66
N ARG AC 156 -3.36 38.86 -75.35
CA ARG AC 156 -2.86 39.80 -74.34
C ARG AC 156 -2.00 39.07 -73.32
N PRO AC 157 -0.83 38.57 -73.71
CA PRO AC 157 -0.02 37.78 -72.78
C PRO AC 157 0.46 38.60 -71.58
N SER AC 158 0.41 37.99 -70.40
CA SER AC 158 0.98 38.59 -69.22
C SER AC 158 1.70 37.53 -68.42
N LEU AC 159 2.73 37.95 -67.68
CA LEU AC 159 3.47 37.08 -66.79
C LEU AC 159 3.65 37.78 -65.47
N ARG AC 160 4.18 37.06 -64.48
CA ARG AC 160 4.44 37.65 -63.18
C ARG AC 160 5.86 37.31 -62.75
N ILE AC 161 6.58 38.33 -62.27
CA ILE AC 161 7.96 38.21 -61.84
C ILE AC 161 8.04 38.57 -60.37
N VAL AC 162 8.79 37.78 -59.61
CA VAL AC 162 9.01 38.07 -58.20
C VAL AC 162 10.51 38.16 -57.96
N TYR AC 163 10.92 39.21 -57.28
CA TYR AC 163 12.31 39.35 -56.84
C TYR AC 163 12.39 39.17 -55.33
N ASN AC 164 13.39 38.39 -54.91
CA ASN AC 164 13.59 38.14 -53.50
C ASN AC 164 14.16 39.33 -52.77
N TRP AC 165 14.97 40.14 -53.46
CA TRP AC 165 15.62 41.29 -52.84
C TRP AC 165 15.62 42.46 -53.80
N ILE AC 166 15.54 43.65 -53.22
CA ILE AC 166 15.57 44.90 -53.98
C ILE AC 166 17.03 45.29 -54.19
N GLU AC 167 17.50 45.16 -55.43
CA GLU AC 167 18.88 45.50 -55.74
C GLU AC 167 18.97 47.00 -55.97
N TRP AC 168 19.70 47.68 -55.10
CA TRP AC 168 19.77 49.13 -55.14
C TRP AC 168 21.18 49.54 -54.77
N ASP AC 169 21.74 50.46 -55.56
CA ASP AC 169 23.09 50.93 -55.31
C ASP AC 169 23.13 51.97 -54.20
N GLY BC 2 -54.25 73.89 -53.30
CA GLY BC 2 -54.05 72.52 -52.84
C GLY BC 2 -53.92 72.41 -51.34
N HIS BC 3 -52.74 71.99 -50.89
CA HIS BC 3 -52.50 71.85 -49.46
C HIS BC 3 -52.55 73.22 -48.79
N ASN BC 4 -53.16 73.27 -47.61
CA ASN BC 4 -53.41 74.55 -46.95
C ASN BC 4 -52.12 75.12 -46.36
N ASN BC 5 -51.30 74.28 -45.75
CA ASN BC 5 -50.06 74.70 -45.10
C ASN BC 5 -49.00 75.01 -46.17
N THR BC 6 -49.25 76.10 -46.90
CA THR BC 6 -48.45 76.42 -48.08
C THR BC 6 -47.87 77.83 -48.05
N LYS BC 7 -48.30 78.68 -47.12
CA LYS BC 7 -47.83 80.07 -47.10
C LYS BC 7 -46.32 80.13 -46.87
N GLY BC 8 -45.68 81.10 -47.52
CA GLY BC 8 -44.25 81.32 -47.37
C GLY BC 8 -43.92 82.76 -47.59
N ASN BC 9 -42.69 83.13 -47.26
CA ASN BC 9 -42.27 84.52 -47.37
C ASN BC 9 -40.78 84.57 -47.70
N ARG BC 10 -40.19 85.75 -47.54
CA ARG BC 10 -38.82 86.05 -47.93
C ARG BC 10 -37.87 86.25 -46.76
N LYS BC 11 -38.31 86.85 -45.67
CA LYS BC 11 -37.35 87.33 -44.68
C LYS BC 11 -36.61 86.18 -44.01
N PHE BC 12 -37.25 85.01 -43.87
CA PHE BC 12 -36.54 83.86 -43.34
C PHE BC 12 -35.38 83.47 -44.24
N ILE BC 13 -35.63 83.36 -45.55
CA ILE BC 13 -34.56 82.93 -46.44
C ILE BC 13 -33.48 84.00 -46.52
N LYS BC 14 -33.86 85.27 -46.47
CA LYS BC 14 -32.86 86.34 -46.41
C LYS BC 14 -32.00 86.24 -45.15
N GLY BC 15 -32.63 86.08 -43.99
CA GLY BC 15 -31.86 86.03 -42.75
C GLY BC 15 -30.93 84.84 -42.71
N ARG BC 16 -31.41 83.67 -43.16
CA ARG BC 16 -30.55 82.51 -43.22
C ARG BC 16 -29.43 82.68 -44.24
N TYR BC 17 -29.71 83.33 -45.36
CA TYR BC 17 -28.67 83.59 -46.35
C TYR BC 17 -27.59 84.47 -45.75
N THR BC 18 -28.01 85.52 -45.05
CA THR BC 18 -27.03 86.41 -44.41
C THR BC 18 -26.23 85.66 -43.37
N ALA BC 19 -26.88 84.81 -42.58
CA ALA BC 19 -26.17 84.05 -41.56
C ALA BC 19 -25.13 83.13 -42.17
N ASN BC 20 -25.50 82.41 -43.22
CA ASN BC 20 -24.56 81.47 -43.82
C ASN BC 20 -23.51 82.17 -44.67
N ALA BC 21 -23.76 83.40 -45.10
CA ALA BC 21 -22.76 84.16 -45.83
C ALA BC 21 -21.83 84.93 -44.90
N ALA BC 22 -22.22 85.15 -43.66
CA ALA BC 22 -21.34 85.81 -42.70
C ALA BC 22 -20.14 84.96 -42.33
N LYS BC 23 -20.12 83.70 -42.75
CA LYS BC 23 -18.99 82.84 -42.44
C LYS BC 23 -17.71 83.33 -43.11
N GLY BC 24 -17.82 83.80 -44.33
CA GLY BC 24 -16.67 84.10 -45.16
C GLY BC 24 -16.57 83.10 -46.30
N GLU BC 25 -15.49 83.22 -47.06
CA GLU BC 25 -15.25 82.24 -48.11
C GLU BC 25 -14.66 80.99 -47.47
N ARG BC 26 -14.35 79.99 -48.30
CA ARG BC 26 -13.94 78.70 -47.80
C ARG BC 26 -12.61 78.30 -48.40
N LEU BC 27 -11.88 77.46 -47.67
CA LEU BC 27 -10.59 76.96 -48.11
C LEU BC 27 -10.78 75.81 -49.09
N VAL BC 28 -10.18 75.94 -50.28
CA VAL BC 28 -10.27 74.89 -51.29
C VAL BC 28 -9.34 73.75 -50.91
N SER BC 29 -9.72 72.53 -51.30
CA SER BC 29 -8.88 71.37 -51.06
C SER BC 29 -7.50 71.50 -51.70
N SER BC 30 -7.41 72.18 -52.84
CA SER BC 30 -6.16 72.23 -53.59
C SER BC 30 -5.14 73.18 -52.99
N GLU BC 31 -5.56 74.10 -52.13
CA GLU BC 31 -4.66 75.12 -51.59
C GLU BC 31 -4.29 74.75 -50.16
N PHE BC 32 -2.99 74.50 -49.95
CA PHE BC 32 -2.42 74.15 -48.65
C PHE BC 32 -0.92 74.05 -48.86
N LEU BC 33 -0.21 73.63 -47.80
CA LEU BC 33 1.22 73.40 -47.88
C LEU BC 33 1.58 72.25 -46.95
N LEU BC 34 2.19 71.21 -47.51
CA LEU BC 34 2.71 70.09 -46.74
C LEU BC 34 4.18 69.92 -47.11
N THR BC 35 5.06 70.06 -46.12
CA THR BC 35 6.49 70.02 -46.35
C THR BC 35 7.22 69.20 -45.30
N PHE BC 36 8.38 68.67 -45.69
CA PHE BC 36 9.25 67.95 -44.76
C PHE BC 36 10.00 68.93 -43.88
N ALA BC 37 10.98 68.42 -43.15
CA ALA BC 37 11.89 69.24 -42.37
C ALA BC 37 13.14 69.48 -43.20
N GLY BC 38 13.27 70.68 -43.76
CA GLY BC 38 14.46 71.05 -44.49
C GLY BC 38 14.63 70.43 -45.86
N HIS BC 39 13.54 69.95 -46.46
CA HIS BC 39 13.59 69.32 -47.77
C HIS BC 39 12.46 69.85 -48.65
N GLU BC 40 12.32 71.18 -48.68
CA GLU BC 40 11.24 71.82 -49.42
C GLU BC 40 11.33 71.56 -50.91
N ASP BC 41 12.55 71.36 -51.42
CA ASP BC 41 12.75 71.10 -52.84
C ASP BC 41 12.21 69.74 -53.27
N ILE BC 42 12.10 68.79 -52.36
CA ILE BC 42 11.29 67.60 -52.63
C ILE BC 42 9.83 67.82 -52.22
N SER BC 43 9.59 68.63 -51.19
CA SER BC 43 8.24 68.86 -50.70
C SER BC 43 7.33 69.39 -51.80
N VAL BC 44 7.85 70.29 -52.63
CA VAL BC 44 7.06 70.88 -53.69
C VAL BC 44 6.55 69.83 -54.67
N LEU BC 45 7.07 68.60 -54.60
CA LEU BC 45 6.64 67.54 -55.51
C LEU BC 45 5.38 66.84 -55.07
N VAL BC 46 4.79 67.23 -53.93
CA VAL BC 46 3.58 66.58 -53.45
C VAL BC 46 2.41 66.95 -54.36
N ARG BC 47 1.53 65.97 -54.60
CA ARG BC 47 0.35 66.22 -55.41
C ARG BC 47 -0.94 66.16 -54.61
N THR BC 48 -1.19 65.06 -53.91
CA THR BC 48 -2.41 64.88 -53.13
C THR BC 48 -2.07 64.09 -51.88
N SER BC 49 -2.71 64.45 -50.77
CA SER BC 49 -2.37 63.90 -49.46
C SER BC 49 -3.66 63.58 -48.70
N GLN BC 50 -3.50 63.24 -47.42
CA GLN BC 50 -4.58 62.93 -46.52
C GLN BC 50 -4.52 63.81 -45.28
N ILE BC 51 -5.69 64.25 -44.82
CA ILE BC 51 -5.75 65.02 -43.58
C ILE BC 51 -5.33 64.13 -42.42
N PRO BC 52 -4.55 64.63 -41.47
CA PRO BC 52 -4.24 63.85 -40.27
C PRO BC 52 -5.46 63.78 -39.36
N GLU BC 53 -5.51 62.73 -38.56
CA GLU BC 53 -6.65 62.46 -37.71
C GLU BC 53 -6.21 62.32 -36.26
N MET BC 54 -7.06 62.81 -35.35
CA MET BC 54 -6.86 62.61 -33.92
C MET BC 54 -8.16 62.07 -33.33
N THR BC 55 -8.07 60.94 -32.65
CA THR BC 55 -9.25 60.26 -32.11
C THR BC 55 -8.90 59.59 -30.79
N ARG BC 56 -9.93 59.15 -30.07
CA ARG BC 56 -9.79 58.55 -28.76
C ARG BC 56 -10.41 57.16 -28.74
N GLU BC 57 -9.74 56.21 -28.09
CA GLU BC 57 -10.33 54.91 -27.90
C GLU BC 57 -11.59 55.02 -27.05
N ASP BC 58 -12.47 54.03 -27.22
CA ASP BC 58 -13.72 53.97 -26.48
C ASP BC 58 -13.86 52.59 -25.84
N VAL BC 59 -14.33 52.58 -24.60
CA VAL BC 59 -14.62 51.33 -23.89
C VAL BC 59 -16.12 51.14 -23.90
N GLU BC 60 -16.57 49.97 -24.33
CA GLU BC 60 -17.99 49.66 -24.49
C GLU BC 60 -18.42 48.72 -23.37
N ASP BC 61 -18.90 49.28 -22.27
CA ASP BC 61 -19.41 48.49 -21.17
C ASP BC 61 -20.92 48.37 -21.29
N TYR BC 62 -21.47 47.43 -20.53
CA TYR BC 62 -22.90 47.18 -20.53
C TYR BC 62 -23.45 47.35 -19.12
N GLY BC 63 -24.66 47.88 -19.03
CA GLY BC 63 -25.43 47.88 -17.82
C GLY BC 63 -26.53 46.84 -17.90
N PRO BC 64 -27.28 46.70 -16.80
CA PRO BC 64 -28.15 45.53 -16.63
C PRO BC 64 -29.17 45.39 -17.75
N ASN BC 65 -29.73 44.18 -17.83
CA ASN BC 65 -30.63 43.73 -18.89
C ASN BC 65 -30.12 44.16 -20.26
N GLY BC 66 -28.80 44.16 -20.42
CA GLY BC 66 -28.17 44.28 -21.71
C GLY BC 66 -28.01 45.69 -22.24
N VAL BC 67 -28.25 46.72 -21.42
CA VAL BC 67 -28.12 48.07 -21.94
C VAL BC 67 -26.63 48.35 -22.07
N LYS BC 68 -26.26 49.43 -22.74
CA LYS BC 68 -24.85 49.66 -22.96
C LYS BC 68 -24.49 51.08 -22.53
N PHE BC 69 -23.20 51.37 -22.57
CA PHE BC 69 -22.66 52.67 -22.23
C PHE BC 69 -21.20 52.69 -22.64
N ASN BC 70 -20.76 53.81 -23.20
CA ASN BC 70 -19.38 53.91 -23.69
C ASN BC 70 -18.63 54.97 -22.90
N GLN BC 71 -17.32 54.79 -22.81
CA GLN BC 71 -16.48 55.65 -22.00
C GLN BC 71 -15.24 56.06 -22.79
N HIS BC 72 -14.78 57.28 -22.52
CA HIS BC 72 -13.59 57.82 -23.17
C HIS BC 72 -12.36 56.99 -22.82
N GLY BC 73 -11.33 57.09 -23.66
CA GLY BC 73 -10.04 56.56 -23.33
C GLY BC 73 -8.92 57.48 -23.79
N PRO BC 74 -7.72 56.94 -23.92
CA PRO BC 74 -6.60 57.73 -24.47
C PRO BC 74 -6.82 58.09 -25.92
N ILE BC 75 -5.82 58.70 -26.53
CA ILE BC 75 -5.87 59.05 -27.95
C ILE BC 75 -5.46 57.84 -28.79
N ARG BC 76 -6.17 57.60 -29.88
CA ARG BC 76 -5.59 56.81 -30.97
C ARG BC 76 -4.63 57.72 -31.72
N ASN BC 77 -3.35 57.63 -31.34
CA ASN BC 77 -2.32 58.50 -31.88
C ASN BC 77 -1.78 58.02 -33.22
N SER BC 78 -2.12 56.81 -33.64
CA SER BC 78 -1.69 56.34 -34.94
C SER BC 78 -2.32 57.16 -36.04
N GLY BC 79 -1.62 57.27 -37.16
CA GLY BC 79 -2.21 57.97 -38.27
C GLY BC 79 -1.52 57.67 -39.58
N GLU BC 80 -2.31 57.51 -40.64
CA GLU BC 80 -1.80 57.12 -41.94
C GLU BC 80 -2.25 58.11 -43.02
N ILE BC 81 -1.32 58.48 -43.91
CA ILE BC 81 -1.59 59.35 -45.04
C ILE BC 81 -0.95 58.78 -46.29
N GLN BC 82 -1.73 58.70 -47.36
CA GLN BC 82 -1.20 58.41 -48.68
C GLN BC 82 -0.79 59.74 -49.30
N VAL BC 83 0.43 59.81 -49.81
CA VAL BC 83 0.95 61.01 -50.45
C VAL BC 83 1.17 60.73 -51.92
N GLN BC 84 0.87 61.73 -52.75
CA GLN BC 84 0.97 61.60 -54.20
C GLN BC 84 1.99 62.60 -54.72
N CYS BC 85 2.80 62.16 -55.67
CA CYS BC 85 3.82 62.99 -56.28
C CYS BC 85 3.93 62.65 -57.76
N VAL BC 86 4.60 63.51 -58.50
CA VAL BC 86 4.94 63.27 -59.91
C VAL BC 86 6.44 63.50 -60.07
N GLU BC 87 7.10 62.58 -60.77
CA GLU BC 87 8.57 62.54 -60.79
C GLU BC 87 9.11 63.16 -62.08
N THR BC 88 10.27 63.82 -61.95
CA THR BC 88 10.94 64.48 -63.05
C THR BC 88 12.08 63.61 -63.59
N ILE BC 89 12.84 64.18 -64.53
CA ILE BC 89 13.95 63.46 -65.13
C ILE BC 89 15.02 63.14 -64.10
N GLU BC 90 15.38 64.12 -63.28
CA GLU BC 90 16.45 63.96 -62.32
C GLU BC 90 16.08 63.03 -61.19
N GLY BC 91 14.82 62.65 -61.06
CA GLY BC 91 14.41 61.70 -60.05
C GLY BC 91 14.60 62.20 -58.63
N ASP BC 92 14.05 63.37 -58.33
CA ASP BC 92 14.07 63.85 -56.95
C ASP BC 92 13.40 62.85 -56.02
N ILE BC 93 12.29 62.27 -56.46
CA ILE BC 93 11.59 61.29 -55.65
C ILE BC 93 12.46 60.06 -55.41
N LEU BC 94 13.13 59.57 -56.46
CA LEU BC 94 13.93 58.37 -56.29
C LEU BC 94 15.13 58.64 -55.40
N GLN BC 95 15.76 59.81 -55.53
CA GLN BC 95 16.90 60.09 -54.66
C GLN BC 95 16.44 60.31 -53.22
N PHE BC 96 15.24 60.86 -53.03
CA PHE BC 96 14.74 61.00 -51.68
C PHE BC 96 14.47 59.64 -51.04
N ILE BC 97 13.75 58.77 -51.76
CA ILE BC 97 13.49 57.45 -51.21
C ILE BC 97 14.80 56.71 -50.96
N LYS BC 98 15.72 56.82 -51.93
CA LYS BC 98 17.10 56.37 -51.79
C LYS BC 98 17.68 56.76 -50.44
N ASP BC 99 17.81 58.06 -50.20
CA ASP BC 99 18.64 58.47 -49.09
C ASP BC 99 17.94 58.28 -47.75
N ARG BC 100 16.62 58.37 -47.66
CA ARG BC 100 16.11 58.12 -46.31
C ARG BC 100 15.94 56.64 -46.03
N ILE BC 101 15.74 55.80 -47.05
CA ILE BC 101 15.80 54.37 -46.76
C ILE BC 101 17.23 53.95 -46.48
N ALA BC 102 18.21 54.68 -47.00
CA ALA BC 102 19.58 54.44 -46.56
C ALA BC 102 19.77 54.86 -45.11
N ALA BC 103 19.22 56.01 -44.74
CA ALA BC 103 19.37 56.51 -43.39
C ALA BC 103 18.69 55.59 -42.38
N LYS BC 104 17.57 54.97 -42.76
CA LYS BC 104 16.85 54.05 -41.89
C LYS BC 104 16.37 54.77 -40.64
N ASP BC 105 16.00 56.05 -40.79
CA ASP BC 105 15.61 56.90 -39.67
C ASP BC 105 14.17 57.37 -39.85
N TYR BC 106 13.76 58.32 -39.01
CA TYR BC 106 12.42 58.88 -39.04
C TYR BC 106 12.42 60.24 -39.72
N VAL BC 107 11.21 60.69 -40.08
CA VAL BC 107 11.03 61.89 -40.86
C VAL BC 107 10.02 62.78 -40.16
N ASP BC 108 10.12 64.08 -40.43
CA ASP BC 108 9.26 65.10 -39.83
C ASP BC 108 8.53 65.87 -40.91
N ILE BC 109 7.25 66.11 -40.69
CA ILE BC 109 6.38 66.72 -41.69
C ILE BC 109 5.61 67.84 -41.01
N THR BC 110 5.15 68.81 -41.80
CA THR BC 110 4.15 69.75 -41.33
C THR BC 110 3.16 70.03 -42.46
N MET BC 111 1.96 70.43 -42.07
CA MET BC 111 0.82 70.47 -42.99
C MET BC 111 -0.12 71.58 -42.53
N ALA BC 112 -0.18 72.67 -43.30
CA ALA BC 112 -1.04 73.78 -42.96
C ALA BC 112 -1.65 74.37 -44.22
N ALA BC 113 -2.96 74.64 -44.20
CA ALA BC 113 -3.62 75.25 -45.33
C ALA BC 113 -3.26 76.72 -45.39
N THR BC 114 -2.84 77.18 -46.57
CA THR BC 114 -2.36 78.55 -46.76
C THR BC 114 -3.04 79.21 -47.95
N PRO BC 115 -4.18 79.88 -47.71
CA PRO BC 115 -4.85 80.57 -48.82
C PRO BC 115 -4.00 81.71 -49.37
N GLU BC 116 -4.06 81.88 -50.69
CA GLU BC 116 -3.30 82.94 -51.33
C GLU BC 116 -3.86 84.32 -50.97
N SER BC 117 -5.19 84.43 -50.91
CA SER BC 117 -5.81 85.72 -50.63
C SER BC 117 -5.41 86.24 -49.25
N LYS BC 118 -5.45 85.37 -48.24
CA LYS BC 118 -5.04 85.78 -46.90
C LYS BC 118 -3.53 85.97 -46.80
N SER BC 119 -2.77 85.28 -47.64
CA SER BC 119 -1.32 85.34 -47.57
C SER BC 119 -0.84 86.77 -47.84
N SER BC 120 0.17 87.19 -47.08
CA SER BC 120 0.79 88.49 -47.26
C SER BC 120 2.31 88.32 -47.12
N GLY BC 121 3.03 89.42 -47.31
CA GLY BC 121 4.47 89.37 -47.23
C GLY BC 121 5.07 88.73 -48.48
N VAL BC 122 6.37 88.41 -48.38
CA VAL BC 122 7.07 87.82 -49.51
C VAL BC 122 6.52 86.43 -49.81
N ASN BC 123 6.13 85.69 -48.77
CA ASN BC 123 5.63 84.34 -48.89
C ASN BC 123 4.42 84.17 -48.00
N ALA BC 124 3.65 83.11 -48.27
CA ALA BC 124 2.41 82.88 -47.54
C ALA BC 124 2.66 82.80 -46.04
N VAL BC 125 1.93 83.61 -45.29
CA VAL BC 125 2.04 83.64 -43.84
C VAL BC 125 1.11 82.60 -43.24
N THR BC 126 1.54 82.01 -42.14
CA THR BC 126 0.83 80.91 -41.49
C THR BC 126 0.64 81.22 -40.02
N LYS BC 127 -0.41 80.63 -39.43
CA LYS BC 127 -0.72 80.79 -38.02
C LYS BC 127 -0.83 79.44 -37.32
N ALA BC 128 -0.41 79.43 -36.05
CA ALA BC 128 -0.35 78.20 -35.28
C ALA BC 128 -1.71 77.54 -35.11
N ALA BC 129 -2.79 78.30 -35.29
CA ALA BC 129 -4.12 77.70 -35.27
C ALA BC 129 -4.28 76.69 -36.40
N THR BC 130 -3.77 77.03 -37.59
CA THR BC 130 -3.91 76.19 -38.76
C THR BC 130 -2.64 75.43 -39.10
N THR BC 131 -1.59 75.53 -38.28
CA THR BC 131 -0.38 74.76 -38.51
C THR BC 131 -0.53 73.37 -37.90
N ILE BC 132 -0.23 72.35 -38.68
CA ILE BC 132 -0.22 70.97 -38.21
C ILE BC 132 1.08 70.33 -38.67
N GLU BC 133 1.82 69.74 -37.73
CA GLU BC 133 3.16 69.22 -37.99
C GLU BC 133 3.21 67.75 -37.61
N MET BC 134 3.77 66.92 -38.48
CA MET BC 134 3.92 65.48 -38.24
C MET BC 134 5.39 65.16 -38.07
N LEU BC 135 5.79 64.80 -36.86
CA LEU BC 135 7.17 64.43 -36.58
C LEU BC 135 7.26 62.94 -36.24
N ASP BC 136 8.49 62.43 -36.24
CA ASP BC 136 8.76 61.04 -35.90
C ASP BC 136 7.91 60.10 -36.75
N CYS BC 137 7.95 60.32 -38.06
CA CYS BC 137 7.09 59.62 -38.98
C CYS BC 137 7.89 58.60 -39.79
N LYS BC 138 7.21 57.54 -40.22
CA LYS BC 138 7.79 56.53 -41.09
C LYS BC 138 7.21 56.68 -42.48
N ILE BC 139 8.08 56.92 -43.45
CA ILE BC 139 7.71 57.07 -44.84
C ILE BC 139 8.23 55.86 -45.60
N TYR BC 140 7.33 55.19 -46.30
CA TYR BC 140 7.68 54.03 -47.11
C TYR BC 140 7.00 54.16 -48.46
N SER BC 141 7.29 53.22 -49.34
CA SER BC 141 6.74 53.22 -50.69
C SER BC 141 5.64 52.19 -50.80
N ASP BC 142 4.73 52.44 -51.74
CA ASP BC 142 3.64 51.51 -52.03
C ASP BC 142 3.60 51.21 -53.51
N ALA BC 143 3.16 50.00 -53.85
CA ALA BC 143 3.18 49.54 -55.24
C ALA BC 143 2.11 50.29 -56.02
N ILE BC 144 2.55 51.21 -56.89
CA ILE BC 144 1.65 51.99 -57.73
C ILE BC 144 1.94 51.64 -59.17
N ASP BC 145 0.93 51.12 -59.88
CA ASP BC 145 1.11 50.71 -61.26
C ASP BC 145 1.21 51.91 -62.17
N PHE BC 146 2.19 51.91 -63.06
CA PHE BC 146 2.33 52.95 -64.06
C PHE BC 146 1.69 52.47 -65.35
N SER BC 147 0.68 53.19 -65.82
CA SER BC 147 -0.10 52.80 -66.99
C SER BC 147 0.72 53.12 -68.23
N THR BC 148 1.48 52.13 -68.71
CA THR BC 148 2.24 52.34 -69.93
C THR BC 148 1.35 52.36 -71.15
N GLU BC 149 0.24 51.61 -71.12
CA GLU BC 149 -0.72 51.62 -72.23
C GLU BC 149 -1.26 53.02 -72.48
N ASP BC 150 -1.74 53.68 -71.44
CA ASP BC 150 -2.29 55.03 -71.56
C ASP BC 150 -1.14 56.01 -71.45
N VAL BC 151 -0.55 56.33 -72.60
CA VAL BC 151 0.61 57.21 -72.65
C VAL BC 151 0.27 58.61 -72.17
N THR BC 152 -1.00 59.01 -72.28
CA THR BC 152 -1.40 60.38 -71.94
C THR BC 152 -1.18 60.69 -70.47
N ALA BC 153 -0.95 59.69 -69.63
CA ALA BC 153 -0.66 59.87 -68.23
C ALA BC 153 0.81 59.56 -67.98
N ALA BC 154 1.49 60.45 -67.26
CA ALA BC 154 2.89 60.26 -66.93
C ALA BC 154 3.01 59.31 -65.73
N VAL BC 155 4.21 59.24 -65.14
CA VAL BC 155 4.39 58.44 -63.94
C VAL BC 155 3.52 59.01 -62.82
N ARG BC 156 3.05 58.13 -61.95
CA ARG BC 156 2.15 58.51 -60.86
C ARG BC 156 2.69 57.97 -59.53
N PRO BC 157 3.83 58.48 -59.08
CA PRO BC 157 4.41 57.97 -57.84
C PRO BC 157 3.55 58.30 -56.63
N SER BC 158 3.42 57.34 -55.72
CA SER BC 158 2.78 57.55 -54.44
C SER BC 158 3.60 56.91 -53.34
N LEU BC 159 3.52 57.48 -52.15
CA LEU BC 159 4.20 56.93 -50.98
C LEU BC 159 3.23 56.90 -49.81
N ARG BC 160 3.65 56.24 -48.74
CA ARG BC 160 2.78 55.97 -47.60
C ARG BC 160 3.48 56.43 -46.34
N ILE BC 161 2.85 57.34 -45.60
CA ILE BC 161 3.44 57.95 -44.41
C ILE BC 161 2.58 57.62 -43.20
N VAL BC 162 3.22 57.21 -42.12
CA VAL BC 162 2.53 56.94 -40.87
C VAL BC 162 3.17 57.78 -39.77
N TYR BC 163 2.34 58.43 -38.97
CA TYR BC 163 2.79 59.13 -37.77
C TYR BC 163 2.30 58.38 -36.53
N ASN BC 164 3.21 58.25 -35.56
CA ASN BC 164 2.90 57.58 -34.31
C ASN BC 164 2.02 58.42 -33.40
N TRP BC 165 2.16 59.74 -33.46
CA TRP BC 165 1.42 60.63 -32.60
C TRP BC 165 0.97 61.86 -33.37
N ILE BC 166 -0.19 62.37 -32.99
CA ILE BC 166 -0.74 63.58 -33.60
C ILE BC 166 -0.16 64.78 -32.85
N GLU BC 167 0.71 65.52 -33.53
CA GLU BC 167 1.33 66.68 -32.93
C GLU BC 167 0.40 67.87 -33.09
N TRP BC 168 -0.09 68.38 -31.96
CA TRP BC 168 -1.10 69.42 -31.97
C TRP BC 168 -0.81 70.37 -30.82
N ASP BC 169 -0.83 71.66 -31.11
CA ASP BC 169 -0.58 72.67 -30.08
C ASP BC 169 -1.80 72.91 -29.20
N GLY CC 2 -59.09 42.81 -76.95
CA GLY CC 2 -58.18 41.80 -76.45
C GLY CC 2 -58.69 41.12 -75.19
N HIS CC 3 -57.97 41.32 -74.09
CA HIS CC 3 -58.37 40.74 -72.82
C HIS CC 3 -59.67 41.35 -72.35
N ASN CC 4 -60.55 40.51 -71.81
CA ASN CC 4 -61.90 40.97 -71.47
C ASN CC 4 -61.90 41.85 -70.23
N ASN CC 5 -61.11 41.47 -69.22
CA ASN CC 5 -61.04 42.19 -67.95
C ASN CC 5 -60.24 43.48 -68.13
N THR CC 6 -60.84 44.41 -68.89
CA THR CC 6 -60.14 45.61 -69.33
C THR CC 6 -60.88 46.90 -68.97
N LYS CC 7 -62.12 46.84 -68.51
CA LYS CC 7 -62.89 48.04 -68.23
C LYS CC 7 -62.22 48.87 -67.13
N GLY CC 8 -62.32 50.20 -67.27
CA GLY CC 8 -61.77 51.12 -66.31
C GLY CC 8 -62.56 52.41 -66.28
N ASN CC 9 -62.29 53.22 -65.26
CA ASN CC 9 -63.03 54.46 -65.09
C ASN CC 9 -62.14 55.50 -64.42
N ARG CC 10 -62.77 56.55 -63.90
CA ARG CC 10 -62.09 57.74 -63.42
C ARG CC 10 -62.21 57.92 -61.92
N LYS CC 11 -63.38 57.63 -61.36
CA LYS CC 11 -63.67 58.06 -60.00
C LYS CC 11 -62.76 57.39 -58.98
N PHE CC 12 -62.33 56.16 -59.24
CA PHE CC 12 -61.35 55.53 -58.35
C PHE CC 12 -60.05 56.32 -58.30
N ILE CC 13 -59.51 56.68 -59.47
CA ILE CC 13 -58.22 57.35 -59.46
C ILE CC 13 -58.37 58.75 -58.87
N LYS CC 14 -59.51 59.40 -59.09
CA LYS CC 14 -59.73 60.69 -58.43
C LYS CC 14 -59.85 60.55 -56.92
N GLY CC 15 -60.57 59.53 -56.44
CA GLY CC 15 -60.68 59.32 -55.01
C GLY CC 15 -59.32 59.06 -54.36
N ARG CC 16 -58.51 58.23 -55.01
CA ARG CC 16 -57.16 57.96 -54.50
C ARG CC 16 -56.28 59.20 -54.62
N TYR CC 17 -56.44 59.99 -55.68
CA TYR CC 17 -55.66 61.22 -55.79
C TYR CC 17 -55.99 62.17 -54.66
N THR CC 18 -57.28 62.36 -54.39
CA THR CC 18 -57.66 63.24 -53.30
C THR CC 18 -57.16 62.71 -51.97
N ALA CC 19 -57.25 61.39 -51.77
CA ALA CC 19 -56.75 60.82 -50.51
C ALA CC 19 -55.26 61.10 -50.34
N ASN CC 20 -54.47 60.86 -51.38
CA ASN CC 20 -53.02 61.03 -51.25
C ASN CC 20 -52.61 62.49 -51.27
N ALA CC 21 -53.45 63.39 -51.79
CA ALA CC 21 -53.14 64.80 -51.77
C ALA CC 21 -53.61 65.48 -50.49
N ALA CC 22 -54.52 64.84 -49.76
CA ALA CC 22 -54.96 65.38 -48.48
C ALA CC 22 -53.86 65.32 -47.43
N LYS CC 23 -52.75 64.64 -47.72
CA LYS CC 23 -51.64 64.56 -46.78
C LYS CC 23 -51.04 65.93 -46.53
N GLY CC 24 -50.89 66.73 -47.58
CA GLY CC 24 -50.18 67.99 -47.50
C GLY CC 24 -48.86 67.92 -48.24
N GLU CC 25 -48.04 68.94 -48.01
CA GLU CC 25 -46.71 68.94 -48.60
C GLU CC 25 -45.81 67.98 -47.83
N ARG CC 26 -44.58 67.83 -48.30
CA ARG CC 26 -43.62 66.92 -47.69
C ARG CC 26 -42.35 67.68 -47.33
N LEU CC 27 -41.68 67.22 -46.29
CA LEU CC 27 -40.47 67.86 -45.83
C LEU CC 27 -39.31 67.40 -46.71
N VAL CC 28 -38.57 68.36 -47.28
CA VAL CC 28 -37.44 68.03 -48.13
C VAL CC 28 -36.27 67.60 -47.24
N SER CC 29 -35.44 66.70 -47.76
CA SER CC 29 -34.25 66.25 -47.05
C SER CC 29 -33.32 67.39 -46.68
N SER CC 30 -33.26 68.43 -47.52
CA SER CC 30 -32.31 69.51 -47.32
C SER CC 30 -32.72 70.45 -46.19
N GLU CC 31 -33.99 70.50 -45.83
CA GLU CC 31 -34.47 71.50 -44.88
C GLU CC 31 -34.60 70.84 -43.51
N PHE CC 32 -33.81 71.33 -42.56
CA PHE CC 32 -33.81 70.86 -41.18
C PHE CC 32 -32.87 71.77 -40.41
N LEU CC 33 -32.67 71.45 -39.14
CA LEU CC 33 -31.72 72.16 -38.30
C LEU CC 33 -31.10 71.17 -37.32
N LEU CC 34 -29.77 71.06 -37.36
CA LEU CC 34 -29.02 70.25 -36.41
C LEU CC 34 -27.97 71.16 -35.78
N THR CC 35 -28.04 71.31 -34.46
CA THR CC 35 -27.15 72.23 -33.75
C THR CC 35 -26.63 71.62 -32.46
N PHE CC 36 -25.48 72.10 -32.03
CA PHE CC 36 -24.89 71.70 -30.75
C PHE CC 36 -25.59 72.44 -29.61
N ALA CC 37 -25.01 72.34 -28.43
CA ALA CC 37 -25.47 73.08 -27.26
C ALA CC 37 -24.61 74.32 -27.14
N GLY CC 38 -25.17 75.47 -27.52
CA GLY CC 38 -24.49 76.73 -27.36
C GLY CC 38 -23.35 76.99 -28.32
N HIS CC 39 -23.32 76.32 -29.46
CA HIS CC 39 -22.27 76.48 -30.45
C HIS CC 39 -22.86 76.58 -31.85
N GLU CC 40 -23.88 77.43 -31.98
CA GLU CC 40 -24.60 77.56 -33.24
C GLU CC 40 -23.70 78.10 -34.36
N ASP CC 41 -22.69 78.90 -33.99
CA ASP CC 41 -21.77 79.46 -34.98
C ASP CC 41 -20.88 78.40 -35.61
N ILE CC 42 -20.65 77.27 -34.96
CA ILE CC 42 -20.10 76.11 -35.65
C ILE CC 42 -21.19 75.23 -36.23
N SER CC 43 -22.37 75.21 -35.59
CA SER CC 43 -23.46 74.35 -36.04
C SER CC 43 -23.86 74.68 -37.48
N VAL CC 44 -23.87 75.97 -37.82
CA VAL CC 44 -24.26 76.38 -39.17
C VAL CC 44 -23.35 75.79 -40.23
N LEU CC 45 -22.21 75.22 -39.82
CA LEU CC 45 -21.26 74.65 -40.78
C LEU CC 45 -21.62 73.24 -41.21
N VAL CC 46 -22.71 72.67 -40.69
CA VAL CC 46 -23.09 71.31 -41.05
C VAL CC 46 -23.57 71.27 -42.49
N ARG CC 47 -23.22 70.21 -43.21
CA ARG CC 47 -23.68 70.05 -44.59
C ARG CC 47 -24.67 68.92 -44.75
N THR CC 48 -24.31 67.70 -44.33
CA THR CC 48 -25.16 66.54 -44.46
C THR CC 48 -24.96 65.64 -43.26
N SER CC 49 -26.05 65.03 -42.79
CA SER CC 49 -26.03 64.27 -41.55
C SER CC 49 -26.82 62.97 -41.75
N GLN CC 50 -27.05 62.27 -40.63
CA GLN CC 50 -27.79 61.02 -40.60
C GLN CC 50 -28.94 61.12 -39.61
N ILE CC 51 -30.08 60.53 -39.98
CA ILE CC 51 -31.22 60.47 -39.06
C ILE CC 51 -30.87 59.60 -37.87
N PRO CC 52 -31.21 60.02 -36.65
CA PRO CC 52 -31.04 59.14 -35.50
C PRO CC 52 -32.00 57.97 -35.58
N GLU CC 53 -31.61 56.87 -34.95
CA GLU CC 53 -32.39 55.64 -34.98
C GLU CC 53 -32.70 55.17 -33.58
N MET CC 54 -33.89 54.62 -33.39
CA MET CC 54 -34.27 53.96 -32.14
C MET CC 54 -34.82 52.58 -32.47
N THR CC 55 -34.25 51.55 -31.85
CA THR CC 55 -34.62 50.17 -32.14
C THR CC 55 -34.54 49.33 -30.87
N ARG CC 56 -35.09 48.13 -30.95
CA ARG CC 56 -35.15 47.19 -29.84
C ARG CC 56 -34.50 45.88 -30.22
N GLU CC 57 -33.68 45.33 -29.32
CA GLU CC 57 -33.14 44.01 -29.57
C GLU CC 57 -34.25 42.96 -29.59
N ASP CC 58 -33.97 41.85 -30.24
CA ASP CC 58 -34.91 40.76 -30.39
C ASP CC 58 -34.26 39.47 -29.95
N VAL CC 59 -35.03 38.64 -29.24
CA VAL CC 59 -34.61 37.31 -28.85
C VAL CC 59 -35.26 36.31 -29.78
N GLU CC 60 -34.45 35.45 -30.38
CA GLU CC 60 -34.90 34.49 -31.38
C GLU CC 60 -34.92 33.10 -30.75
N ASP CC 61 -36.05 32.72 -30.19
CA ASP CC 61 -36.24 31.39 -29.62
C ASP CC 61 -36.88 30.49 -30.66
N TYR CC 62 -36.81 29.19 -30.40
CA TYR CC 62 -37.40 28.20 -31.29
C TYR CC 62 -38.45 27.41 -30.54
N GLY CC 63 -39.53 27.07 -31.24
CA GLY CC 63 -40.48 26.09 -30.78
C GLY CC 63 -40.29 24.78 -31.51
N PRO CC 64 -41.06 23.78 -31.10
CA PRO CC 64 -40.74 22.39 -31.47
C PRO CC 64 -40.84 22.12 -32.97
N ASN CC 65 -40.24 21.00 -33.37
CA ASN CC 65 -39.79 20.68 -34.73
C ASN CC 65 -39.15 21.88 -35.42
N GLY CC 66 -38.44 22.71 -34.66
CA GLY CC 66 -37.60 23.73 -35.24
C GLY CC 66 -38.30 24.99 -35.71
N VAL CC 67 -39.57 25.19 -35.34
CA VAL CC 67 -40.24 26.42 -35.70
C VAL CC 67 -39.60 27.51 -34.86
N LYS CC 68 -39.86 28.77 -35.18
CA LYS CC 68 -39.19 29.84 -34.45
C LYS CC 68 -40.21 30.83 -33.92
N PHE CC 69 -39.71 31.78 -33.13
CA PHE CC 69 -40.52 32.83 -32.55
C PHE CC 69 -39.60 33.88 -31.98
N ASN CC 70 -39.95 35.14 -32.19
CA ASN CC 70 -39.11 36.26 -31.75
C ASN CC 70 -39.83 37.09 -30.69
N GLN CC 71 -39.03 37.66 -29.79
CA GLN CC 71 -39.56 38.38 -28.64
C GLN CC 71 -38.85 39.72 -28.49
N HIS CC 72 -39.59 40.70 -28.00
CA HIS CC 72 -39.07 42.05 -27.79
C HIS CC 72 -37.97 42.03 -26.72
N GLY CC 73 -37.14 43.06 -26.75
CA GLY CC 73 -36.22 43.32 -25.65
C GLY CC 73 -36.13 44.80 -25.36
N PRO CC 74 -35.09 45.19 -24.64
CA PRO CC 74 -34.85 46.63 -24.41
C PRO CC 74 -34.51 47.37 -25.70
N ILE CC 75 -34.19 48.65 -25.58
CA ILE CC 75 -33.83 49.46 -26.73
C ILE CC 75 -32.37 49.24 -27.09
N ARG CC 76 -32.07 49.13 -28.39
CA ARG CC 76 -30.71 49.36 -28.84
C ARG CC 76 -30.50 50.87 -28.91
N ASN CC 77 -29.91 51.40 -27.84
CA ASN CC 77 -29.78 52.84 -27.67
C ASN CC 77 -28.57 53.42 -28.38
N SER CC 78 -27.69 52.60 -28.92
CA SER CC 78 -26.52 53.10 -29.64
C SER CC 78 -26.95 53.84 -30.90
N GLY CC 79 -26.11 54.78 -31.33
CA GLY CC 79 -26.34 55.38 -32.62
C GLY CC 79 -25.16 56.15 -33.19
N GLU CC 80 -24.93 55.99 -34.49
CA GLU CC 80 -23.82 56.65 -35.16
C GLU CC 80 -24.33 57.48 -36.33
N ILE CC 81 -23.80 58.69 -36.47
CA ILE CC 81 -24.15 59.62 -37.53
C ILE CC 81 -22.87 60.18 -38.13
N GLN CC 82 -22.76 60.12 -39.44
CA GLN CC 82 -21.71 60.84 -40.15
C GLN CC 82 -22.21 62.26 -40.39
N VAL CC 83 -21.41 63.24 -40.01
CA VAL CC 83 -21.73 64.64 -40.19
C VAL CC 83 -20.77 65.24 -41.21
N GLN CC 84 -21.30 66.09 -42.08
CA GLN CC 84 -20.53 66.70 -43.16
C GLN CC 84 -20.49 68.20 -42.95
N CYS CC 85 -19.31 68.79 -43.18
CA CYS CC 85 -19.11 70.22 -43.05
C CYS CC 85 -18.16 70.69 -44.15
N VAL CC 86 -18.11 72.00 -44.35
CA VAL CC 86 -17.14 72.64 -45.24
C VAL CC 86 -16.43 73.71 -44.44
N GLU CC 87 -15.10 73.77 -44.54
CA GLU CC 87 -14.27 74.57 -43.65
C GLU CC 87 -13.84 75.88 -44.31
N THR CC 88 -13.72 76.93 -43.49
CA THR CC 88 -13.30 78.24 -43.91
C THR CC 88 -11.87 78.54 -43.43
N ILE CC 89 -11.43 79.78 -43.68
CA ILE CC 89 -10.04 80.15 -43.43
C ILE CC 89 -9.72 80.13 -41.94
N GLU CC 90 -10.57 80.78 -41.15
CA GLU CC 90 -10.36 80.83 -39.71
C GLU CC 90 -10.47 79.47 -39.07
N GLY CC 91 -10.94 78.47 -39.81
CA GLY CC 91 -10.94 77.12 -39.32
C GLY CC 91 -11.83 76.93 -38.12
N ASP CC 92 -13.10 77.30 -38.26
CA ASP CC 92 -14.06 77.03 -37.19
C ASP CC 92 -14.10 75.55 -36.87
N ILE CC 93 -14.04 74.70 -37.89
CA ILE CC 93 -14.05 73.26 -37.68
C ILE CC 93 -12.79 72.83 -36.93
N LEU CC 94 -11.63 73.34 -37.33
CA LEU CC 94 -10.40 72.89 -36.68
C LEU CC 94 -10.35 73.38 -35.24
N GLN CC 95 -10.79 74.60 -34.97
CA GLN CC 95 -10.78 75.07 -33.59
C GLN CC 95 -11.81 74.33 -32.75
N PHE CC 96 -12.93 73.93 -33.35
CA PHE CC 96 -13.90 73.14 -32.61
C PHE CC 96 -13.33 71.77 -32.25
N ILE CC 97 -12.77 71.08 -33.24
CA ILE CC 97 -12.19 69.77 -32.95
C ILE CC 97 -11.06 69.92 -31.93
N LYS CC 98 -10.22 70.95 -32.13
CA LYS CC 98 -9.23 71.39 -31.15
C LYS CC 98 -9.79 71.40 -29.74
N ASP CC 99 -10.78 72.26 -29.50
CA ASP CC 99 -11.12 72.53 -28.12
C ASP CC 99 -11.94 71.41 -27.49
N ARG CC 100 -12.75 70.66 -28.26
CA ARG CC 100 -13.43 69.62 -27.51
C ARG CC 100 -12.56 68.37 -27.35
N ILE CC 101 -11.62 68.11 -28.26
CA ILE CC 101 -10.67 67.04 -27.98
C ILE CC 101 -9.74 67.45 -26.86
N ALA CC 102 -9.52 68.75 -26.67
CA ALA CC 102 -8.80 69.18 -25.48
C ALA CC 102 -9.64 68.96 -24.23
N ALA CC 103 -10.93 69.27 -24.31
CA ALA CC 103 -11.81 69.09 -23.16
C ALA CC 103 -11.95 67.64 -22.77
N LYS CC 104 -11.91 66.73 -23.75
CA LYS CC 104 -12.02 65.30 -23.49
C LYS CC 104 -13.35 64.95 -22.83
N ASP CC 105 -14.39 65.68 -23.20
CA ASP CC 105 -15.72 65.55 -22.59
C ASP CC 105 -16.75 65.13 -23.63
N TYR CC 106 -18.01 65.17 -23.24
CA TYR CC 106 -19.11 64.79 -24.10
C TYR CC 106 -19.80 66.02 -24.67
N VAL CC 107 -20.61 65.79 -25.72
CA VAL CC 107 -21.25 66.86 -26.46
C VAL CC 107 -22.74 66.58 -26.56
N ASP CC 108 -23.51 67.64 -26.73
CA ASP CC 108 -24.96 67.57 -26.82
C ASP CC 108 -25.44 68.17 -28.13
N ILE CC 109 -26.39 67.50 -28.77
CA ILE CC 109 -26.85 67.85 -30.10
C ILE CC 109 -28.38 67.87 -30.07
N THR CC 110 -28.98 68.61 -30.99
CA THR CC 110 -30.39 68.48 -31.26
C THR CC 110 -30.62 68.61 -32.76
N MET CC 111 -31.72 68.00 -33.21
CA MET CC 111 -31.96 67.78 -34.63
C MET CC 111 -33.45 67.80 -34.87
N ALA CC 112 -33.94 68.86 -35.53
CA ALA CC 112 -35.37 68.97 -35.83
C ALA CC 112 -35.56 69.57 -37.22
N ALA CC 113 -36.45 68.99 -38.00
CA ALA CC 113 -36.75 69.53 -39.33
C ALA CC 113 -37.61 70.77 -39.19
N THR CC 114 -37.20 71.85 -39.86
CA THR CC 114 -37.86 73.16 -39.73
C THR CC 114 -38.18 73.72 -41.11
N PRO CC 115 -39.37 73.42 -41.65
CA PRO CC 115 -39.74 74.00 -42.94
C PRO CC 115 -39.87 75.51 -42.87
N GLU CC 116 -39.45 76.19 -43.95
CA GLU CC 116 -39.54 77.64 -43.98
C GLU CC 116 -40.99 78.10 -44.09
N SER CC 117 -41.81 77.37 -44.85
CA SER CC 117 -43.18 77.78 -45.05
C SER CC 117 -43.96 77.77 -43.73
N LYS CC 118 -43.81 76.70 -42.95
CA LYS CC 118 -44.47 76.63 -41.65
C LYS CC 118 -43.85 77.59 -40.65
N SER CC 119 -42.57 77.92 -40.81
CA SER CC 119 -41.89 78.78 -39.86
C SER CC 119 -42.54 80.15 -39.80
N SER CC 120 -42.64 80.69 -38.59
CA SER CC 120 -43.19 82.02 -38.37
C SER CC 120 -42.33 82.72 -37.32
N GLY CC 121 -42.67 83.98 -37.04
CA GLY CC 121 -41.89 84.74 -36.09
C GLY CC 121 -40.56 85.20 -36.68
N VAL CC 122 -39.69 85.69 -35.79
CA VAL CC 122 -38.39 86.19 -36.23
C VAL CC 122 -37.54 85.04 -36.77
N ASN CC 123 -37.67 83.86 -36.18
CA ASN CC 123 -36.89 82.69 -36.57
C ASN CC 123 -37.81 81.48 -36.63
N ALA CC 124 -37.33 80.43 -37.28
CA ALA CC 124 -38.14 79.24 -37.47
C ALA CC 124 -38.60 78.67 -36.14
N VAL CC 125 -39.90 78.46 -36.02
CA VAL CC 125 -40.51 77.92 -34.81
C VAL CC 125 -40.50 76.40 -34.90
N THR CC 126 -40.32 75.75 -33.76
CA THR CC 126 -40.18 74.31 -33.67
C THR CC 126 -41.16 73.75 -32.64
N LYS CC 127 -41.53 72.49 -32.82
CA LYS CC 127 -42.44 71.79 -31.91
C LYS CC 127 -41.82 70.50 -31.39
N ALA CC 128 -42.15 70.17 -30.15
CA ALA CC 128 -41.57 69.02 -29.47
C ALA CC 128 -41.89 67.71 -30.17
N ALA CC 129 -42.92 67.69 -31.01
CA ALA CC 129 -43.19 66.49 -31.80
C ALA CC 129 -42.06 66.22 -32.76
N THR CC 130 -41.52 67.26 -33.39
CA THR CC 130 -40.47 67.11 -34.38
C THR CC 130 -39.08 67.48 -33.85
N THR CC 131 -38.97 67.79 -32.55
CA THR CC 131 -37.67 68.06 -31.96
C THR CC 131 -37.01 66.74 -31.54
N ILE CC 132 -35.76 66.56 -31.95
CA ILE CC 132 -34.96 65.42 -31.55
C ILE CC 132 -33.61 65.94 -31.09
N GLU CC 133 -33.20 65.55 -29.88
CA GLU CC 133 -32.00 66.07 -29.25
C GLU CC 133 -31.07 64.92 -28.88
N MET CC 134 -29.79 65.07 -29.21
CA MET CC 134 -28.77 64.06 -28.89
C MET CC 134 -27.82 64.61 -27.84
N LEU CC 135 -27.88 64.07 -26.63
CA LEU CC 135 -27.00 64.49 -25.55
C LEU CC 135 -26.03 63.37 -25.20
N ASP CC 136 -25.01 63.74 -24.41
CA ASP CC 136 -24.00 62.80 -23.94
C ASP CC 136 -23.39 62.03 -25.11
N CYS CC 137 -22.95 62.77 -26.11
CA CYS CC 137 -22.48 62.21 -27.36
C CYS CC 137 -20.98 62.33 -27.48
N LYS CC 138 -20.37 61.40 -28.21
CA LYS CC 138 -18.95 61.43 -28.51
C LYS CC 138 -18.76 61.81 -29.96
N ILE CC 139 -18.05 62.92 -30.19
CA ILE CC 139 -17.75 63.41 -31.53
C ILE CC 139 -16.27 63.20 -31.79
N TYR CC 140 -15.96 62.51 -32.88
CA TYR CC 140 -14.60 62.28 -33.28
C TYR CC 140 -14.47 62.52 -34.77
N SER CC 141 -13.24 62.48 -35.25
CA SER CC 141 -12.94 62.74 -36.65
C SER CC 141 -12.71 61.44 -37.40
N ASP CC 142 -12.95 61.50 -38.70
CA ASP CC 142 -12.72 60.36 -39.58
C ASP CC 142 -11.87 60.79 -40.77
N ALA CC 143 -11.08 59.85 -41.28
CA ALA CC 143 -10.13 60.15 -42.33
C ALA CC 143 -10.89 60.40 -43.64
N ILE CC 144 -10.94 61.66 -44.06
CA ILE CC 144 -11.61 62.05 -45.29
C ILE CC 144 -10.56 62.60 -46.25
N ASP CC 145 -10.42 61.97 -47.41
CA ASP CC 145 -9.41 62.40 -48.37
C ASP CC 145 -9.86 63.68 -49.06
N PHE CC 146 -8.94 64.64 -49.14
CA PHE CC 146 -9.20 65.88 -49.86
C PHE CC 146 -8.62 65.74 -51.26
N SER CC 147 -9.47 65.88 -52.27
CA SER CC 147 -9.08 65.67 -53.67
C SER CC 147 -8.34 66.91 -54.15
N THR CC 148 -7.01 66.88 -54.01
CA THR CC 148 -6.22 68.00 -54.51
C THR CC 148 -6.18 68.03 -56.03
N GLU CC 149 -6.24 66.86 -56.67
CA GLU CC 149 -6.27 66.81 -58.13
C GLU CC 149 -7.46 67.57 -58.69
N ASP CC 150 -8.66 67.27 -58.19
CA ASP CC 150 -9.88 67.94 -58.65
C ASP CC 150 -10.02 69.23 -57.86
N VAL CC 151 -9.44 70.30 -58.42
CA VAL CC 151 -9.44 71.60 -57.75
C VAL CC 151 -10.85 72.15 -57.62
N THR CC 152 -11.76 71.75 -58.50
CA THR CC 152 -13.11 72.30 -58.51
C THR CC 152 -13.88 72.00 -57.22
N ALA CC 153 -13.38 71.07 -56.41
CA ALA CC 153 -13.97 70.74 -55.12
C ALA CC 153 -13.08 71.27 -54.01
N ALA CC 154 -13.68 71.96 -53.05
CA ALA CC 154 -12.96 72.49 -51.91
C ALA CC 154 -12.74 71.39 -50.88
N VAL CC 155 -12.30 71.77 -49.68
CA VAL CC 155 -12.14 70.80 -48.60
C VAL CC 155 -13.51 70.20 -48.27
N ARG CC 156 -13.51 68.93 -47.86
CA ARG CC 156 -14.74 68.20 -47.57
C ARG CC 156 -14.64 67.56 -46.19
N PRO CC 157 -14.58 68.37 -45.13
CA PRO CC 157 -14.46 67.80 -43.79
C PRO CC 157 -15.68 66.99 -43.40
N SER CC 158 -15.44 65.86 -42.75
CA SER CC 158 -16.50 65.06 -42.16
C SER CC 158 -16.06 64.59 -40.78
N LEU CC 159 -17.03 64.41 -39.90
CA LEU CC 159 -16.80 63.87 -38.57
C LEU CC 159 -17.84 62.79 -38.29
N ARG CC 160 -17.67 62.09 -37.17
CA ARG CC 160 -18.62 61.06 -36.79
C ARG CC 160 -19.03 61.26 -35.34
N ILE CC 161 -20.34 61.20 -35.09
CA ILE CC 161 -20.93 61.40 -33.77
C ILE CC 161 -21.64 60.13 -33.36
N VAL CC 162 -21.44 59.71 -32.12
CA VAL CC 162 -22.13 58.56 -31.57
C VAL CC 162 -22.89 59.01 -30.32
N TYR CC 163 -24.16 58.64 -30.25
CA TYR CC 163 -24.97 58.85 -29.07
C TYR CC 163 -25.22 57.52 -28.38
N ASN CC 164 -25.07 57.53 -27.05
CA ASN CC 164 -25.29 56.32 -26.27
C ASN CC 164 -26.77 55.99 -26.13
N TRP CC 165 -27.62 57.00 -26.11
CA TRP CC 165 -29.05 56.80 -25.92
C TRP CC 165 -29.84 57.73 -26.82
N ILE CC 166 -30.99 57.24 -27.26
CA ILE CC 166 -31.90 58.01 -28.11
C ILE CC 166 -32.79 58.85 -27.19
N GLU CC 167 -32.55 60.16 -27.19
CA GLU CC 167 -33.34 61.06 -26.36
C GLU CC 167 -34.63 61.40 -27.09
N TRP CC 168 -35.74 60.97 -26.52
CA TRP CC 168 -37.03 61.12 -27.16
C TRP CC 168 -38.07 61.43 -26.10
N ASP CC 169 -38.90 62.42 -26.38
CA ASP CC 169 -39.94 62.81 -25.42
C ASP CC 169 -41.14 61.88 -25.50
N GLY DC 2 -28.72 29.07 -97.91
CA GLY DC 2 -27.73 28.74 -96.91
C GLY DC 2 -28.01 27.40 -96.26
N HIS DC 3 -28.19 27.42 -94.93
CA HIS DC 3 -28.52 26.21 -94.21
C HIS DC 3 -29.87 25.69 -94.65
N ASN DC 4 -29.97 24.36 -94.76
CA ASN DC 4 -31.17 23.74 -95.32
C ASN DC 4 -32.34 23.82 -94.34
N ASN DC 5 -32.09 23.56 -93.06
CA ASN DC 5 -33.14 23.53 -92.05
C ASN DC 5 -33.58 24.96 -91.71
N THR DC 6 -34.25 25.59 -92.69
CA THR DC 6 -34.58 27.00 -92.60
C THR DC 6 -36.07 27.31 -92.78
N LYS DC 7 -36.87 26.35 -93.21
CA LYS DC 7 -38.28 26.62 -93.51
C LYS DC 7 -39.03 27.06 -92.25
N GLY DC 8 -39.99 27.98 -92.43
CA GLY DC 8 -40.79 28.48 -91.34
C GLY DC 8 -42.15 28.91 -91.83
N ASN DC 9 -43.05 29.17 -90.89
CA ASN DC 9 -44.41 29.53 -91.25
C ASN DC 9 -44.99 30.48 -90.20
N ARG DC 10 -46.31 30.61 -90.21
CA ARG DC 10 -47.03 31.60 -89.44
C ARG DC 10 -47.88 30.99 -88.32
N LYS DC 11 -48.54 29.87 -88.61
CA LYS DC 11 -49.61 29.41 -87.73
C LYS DC 11 -49.08 29.03 -86.35
N PHE DC 12 -47.85 28.55 -86.26
CA PHE DC 12 -47.26 28.29 -84.95
C PHE DC 12 -47.18 29.57 -84.13
N ILE DC 13 -46.63 30.64 -84.72
CA ILE DC 13 -46.46 31.84 -83.92
C ILE DC 13 -47.81 32.47 -83.59
N LYS DC 14 -48.79 32.34 -84.48
CA LYS DC 14 -50.13 32.80 -84.12
C LYS DC 14 -50.74 31.97 -83.01
N GLY DC 15 -50.59 30.65 -83.05
CA GLY DC 15 -51.12 29.82 -81.98
C GLY DC 15 -50.49 30.16 -80.65
N ARG DC 16 -49.17 30.33 -80.62
CA ARG DC 16 -48.50 30.70 -79.38
C ARG DC 16 -48.87 32.11 -78.94
N TYR DC 17 -49.06 33.03 -79.89
CA TYR DC 17 -49.48 34.39 -79.54
C TYR DC 17 -50.85 34.37 -78.88
N THR DC 18 -51.78 33.63 -79.47
CA THR DC 18 -53.10 33.53 -78.88
C THR DC 18 -53.03 32.87 -77.51
N ALA DC 19 -52.21 31.83 -77.37
CA ALA DC 19 -52.09 31.17 -76.07
C ALA DC 19 -51.58 32.14 -75.01
N ASN DC 20 -50.54 32.89 -75.33
CA ASN DC 20 -49.96 33.77 -74.33
C ASN DC 20 -50.79 35.03 -74.12
N ALA DC 21 -51.64 35.39 -75.07
CA ALA DC 21 -52.54 36.52 -74.88
C ALA DC 21 -53.83 36.13 -74.18
N ALA DC 22 -54.15 34.83 -74.15
CA ALA DC 22 -55.33 34.38 -73.42
C ALA DC 22 -55.17 34.54 -71.91
N LYS DC 23 -53.97 34.85 -71.44
CA LYS DC 23 -53.76 35.01 -70.01
C LYS DC 23 -54.56 36.19 -69.46
N GLY DC 24 -54.60 37.29 -70.20
CA GLY DC 24 -55.18 38.52 -69.73
C GLY DC 24 -54.10 39.57 -69.51
N GLU DC 25 -54.50 40.65 -68.84
CA GLU DC 25 -53.54 41.68 -68.48
C GLU DC 25 -52.69 41.20 -67.31
N ARG DC 26 -51.73 42.03 -66.91
CA ARG DC 26 -50.83 41.69 -65.82
C ARG DC 26 -50.86 42.78 -64.77
N LEU DC 27 -50.61 42.40 -63.53
CA LEU DC 27 -50.64 43.33 -62.42
C LEU DC 27 -49.32 44.09 -62.36
N VAL DC 28 -49.39 45.42 -62.39
CA VAL DC 28 -48.18 46.24 -62.33
C VAL DC 28 -47.66 46.24 -60.90
N SER DC 29 -46.33 46.36 -60.75
CA SER DC 29 -45.72 46.44 -59.44
C SER DC 29 -46.25 47.60 -58.61
N SER DC 30 -46.59 48.71 -59.26
CA SER DC 30 -46.97 49.92 -58.54
C SER DC 30 -48.38 49.86 -57.97
N GLU DC 31 -49.23 48.96 -58.46
CA GLU DC 31 -50.63 48.92 -58.05
C GLU DC 31 -50.83 47.77 -57.08
N PHE DC 32 -51.21 48.11 -55.85
CA PHE DC 32 -51.46 47.17 -54.76
C PHE DC 32 -51.97 48.00 -53.58
N LEU DC 33 -52.14 47.34 -52.44
CA LEU DC 33 -52.48 48.02 -51.19
C LEU DC 33 -51.86 47.28 -50.03
N LEU DC 34 -51.05 47.98 -49.24
CA LEU DC 34 -50.49 47.45 -48.01
C LEU DC 34 -50.86 48.40 -46.88
N THR DC 35 -51.58 47.89 -45.88
CA THR DC 35 -52.13 48.70 -44.81
C THR DC 35 -51.91 48.05 -43.45
N PHE DC 36 -51.91 48.87 -42.41
CA PHE DC 36 -51.83 48.38 -41.04
C PHE DC 36 -53.24 47.96 -40.58
N ALA DC 37 -53.36 47.71 -39.29
CA ALA DC 37 -54.64 47.43 -38.66
C ALA DC 37 -55.16 48.73 -38.06
N GLY DC 38 -56.12 49.35 -38.74
CA GLY DC 38 -56.76 50.55 -38.21
C GLY DC 38 -55.93 51.80 -38.27
N HIS DC 39 -54.91 51.86 -39.12
CA HIS DC 39 -54.04 53.02 -39.25
C HIS DC 39 -53.81 53.35 -40.71
N GLU DC 40 -54.91 53.40 -41.47
CA GLU DC 40 -54.83 53.64 -42.91
C GLU DC 40 -54.25 55.01 -43.23
N ASP DC 41 -54.45 55.98 -42.34
CA ASP DC 41 -53.96 57.33 -42.56
C ASP DC 41 -52.43 57.42 -42.49
N ILE DC 42 -51.78 56.49 -41.80
CA ILE DC 42 -50.34 56.32 -41.97
C ILE DC 42 -50.02 55.33 -43.08
N SER DC 43 -50.89 54.33 -43.28
CA SER DC 43 -50.64 53.31 -44.30
C SER DC 43 -50.48 53.92 -45.69
N VAL DC 44 -51.27 54.95 -45.99
CA VAL DC 44 -51.20 55.60 -47.29
C VAL DC 44 -49.83 56.21 -47.56
N LEU DC 45 -48.98 56.32 -46.54
CA LEU DC 45 -47.65 56.90 -46.69
C LEU DC 45 -46.63 55.91 -47.22
N VAL DC 46 -47.01 54.65 -47.47
CA VAL DC 46 -46.07 53.67 -47.97
C VAL DC 46 -45.67 53.99 -49.40
N ARG DC 47 -44.40 53.79 -49.73
CA ARG DC 47 -43.93 54.02 -51.09
C ARG DC 47 -43.55 52.74 -51.81
N THR DC 48 -42.66 51.93 -51.23
CA THR DC 48 -42.20 50.70 -51.85
C THR DC 48 -41.96 49.66 -50.77
N SER DC 49 -42.28 48.40 -51.07
CA SER DC 49 -42.26 47.34 -50.08
C SER DC 49 -41.65 46.08 -50.70
N GLN DC 50 -41.75 44.99 -49.95
CA GLN DC 50 -41.25 43.67 -50.35
C GLN DC 50 -42.36 42.64 -50.29
N ILE DC 51 -42.39 41.74 -51.26
CA ILE DC 51 -43.35 40.64 -51.25
C ILE DC 51 -43.07 39.72 -50.07
N PRO DC 52 -44.08 39.27 -49.34
CA PRO DC 52 -43.86 38.26 -48.31
C PRO DC 52 -43.49 36.94 -48.94
N GLU DC 53 -42.75 36.14 -48.18
CA GLU DC 53 -42.26 34.85 -48.66
C GLU DC 53 -42.69 33.73 -47.74
N MET DC 54 -42.99 32.57 -48.32
CA MET DC 54 -43.26 31.36 -47.56
C MET DC 54 -42.41 30.24 -48.15
N THR DC 55 -41.63 29.59 -47.29
CA THR DC 55 -40.69 28.56 -47.72
C THR DC 55 -40.60 27.48 -46.66
N ARG DC 56 -39.96 26.37 -47.02
CA ARG DC 56 -39.83 25.21 -46.14
C ARG DC 56 -38.36 24.85 -45.96
N GLU DC 57 -37.98 24.48 -44.75
CA GLU DC 57 -36.64 23.98 -44.54
C GLU DC 57 -36.43 22.68 -45.29
N ASP DC 58 -35.17 22.39 -45.58
CA ASP DC 58 -34.79 21.17 -46.29
C ASP DC 58 -33.70 20.46 -45.53
N VAL DC 59 -33.81 19.14 -45.45
CA VAL DC 59 -32.78 18.31 -44.83
C VAL DC 59 -31.99 17.66 -45.96
N GLU DC 60 -30.67 17.79 -45.90
CA GLU DC 60 -29.78 17.31 -46.96
C GLU DC 60 -29.06 16.07 -46.45
N ASP DC 61 -29.64 14.90 -46.71
CA ASP DC 61 -29.02 13.63 -46.35
C ASP DC 61 -28.26 13.09 -47.55
N TYR DC 62 -27.40 12.12 -47.28
CA TYR DC 62 -26.60 11.49 -48.31
C TYR DC 62 -26.89 10.01 -48.34
N GLY DC 63 -26.91 9.45 -49.55
CA GLY DC 63 -26.90 8.02 -49.74
C GLY DC 63 -25.51 7.56 -50.13
N PRO DC 64 -25.33 6.25 -50.21
CA PRO DC 64 -23.97 5.68 -50.27
C PRO DC 64 -23.18 6.11 -51.49
N ASN DC 65 -21.86 5.90 -51.42
CA ASN DC 65 -20.83 6.49 -52.26
C ASN DC 65 -21.08 7.97 -52.50
N GLY DC 66 -21.63 8.64 -51.49
CA GLY DC 66 -21.69 10.08 -51.46
C GLY DC 66 -22.78 10.72 -52.28
N VAL DC 67 -23.76 9.95 -52.74
CA VAL DC 67 -24.87 10.55 -53.48
C VAL DC 67 -25.69 11.31 -52.45
N LYS DC 68 -26.61 12.15 -52.89
CA LYS DC 68 -27.34 12.97 -51.93
C LYS DC 68 -28.83 12.81 -52.18
N PHE DC 69 -29.61 13.42 -51.28
CA PHE DC 69 -31.06 13.42 -51.35
C PHE DC 69 -31.57 14.42 -50.33
N ASN DC 70 -32.59 15.19 -50.71
CA ASN DC 70 -33.12 16.22 -49.84
C ASN DC 70 -34.55 15.90 -49.46
N GLN DC 71 -34.96 16.36 -48.28
CA GLN DC 71 -36.27 16.06 -47.74
C GLN DC 71 -36.94 17.32 -47.23
N HIS DC 72 -38.27 17.36 -47.34
CA HIS DC 72 -39.05 18.48 -46.88
C HIS DC 72 -38.94 18.65 -45.37
N GLY DC 73 -39.23 19.85 -44.89
CA GLY DC 73 -39.38 20.08 -43.48
C GLY DC 73 -40.52 21.04 -43.18
N PRO DC 74 -40.51 21.63 -42.00
CA PRO DC 74 -41.52 22.65 -41.68
C PRO DC 74 -41.38 23.90 -42.54
N ILE DC 75 -42.17 24.91 -42.26
CA ILE DC 75 -42.10 26.18 -42.97
C ILE DC 75 -40.98 27.04 -42.38
N ARG DC 76 -40.21 27.71 -43.24
CA ARG DC 76 -39.47 28.87 -42.77
C ARG DC 76 -40.45 30.03 -42.70
N ASN DC 77 -40.99 30.26 -41.49
CA ASN DC 77 -42.04 31.23 -41.28
C ASN DC 77 -41.51 32.65 -41.09
N SER DC 78 -40.21 32.83 -40.96
CA SER DC 78 -39.64 34.16 -40.80
C SER DC 78 -39.86 34.99 -42.07
N GLY DC 79 -39.92 36.30 -41.90
CA GLY DC 79 -39.91 37.15 -43.07
C GLY DC 79 -39.58 38.59 -42.80
N GLU DC 80 -38.77 39.21 -43.66
CA GLU DC 80 -38.36 40.59 -43.51
C GLU DC 80 -38.72 41.38 -44.76
N ILE DC 81 -39.26 42.58 -44.54
CA ILE DC 81 -39.69 43.49 -45.60
C ILE DC 81 -39.14 44.87 -45.30
N GLN DC 82 -38.49 45.47 -46.28
CA GLN DC 82 -38.14 46.88 -46.21
C GLN DC 82 -39.33 47.66 -46.73
N VAL DC 83 -39.78 48.64 -45.95
CA VAL DC 83 -40.89 49.50 -46.32
C VAL DC 83 -40.36 50.91 -46.53
N GLN DC 84 -40.88 51.58 -47.56
CA GLN DC 84 -40.46 52.91 -47.94
C GLN DC 84 -41.62 53.88 -47.78
N CYS DC 85 -41.33 55.07 -47.24
CA CYS DC 85 -42.32 56.10 -47.04
C CYS DC 85 -41.68 57.45 -47.33
N VAL DC 86 -42.51 58.48 -47.47
CA VAL DC 86 -42.07 59.86 -47.58
C VAL DC 86 -42.82 60.68 -46.55
N GLU DC 87 -42.10 61.52 -45.81
CA GLU DC 87 -42.66 62.18 -44.64
C GLU DC 87 -43.08 63.61 -44.93
N THR DC 88 -44.16 64.04 -44.27
CA THR DC 88 -44.75 65.35 -44.43
C THR DC 88 -44.37 66.26 -43.27
N ILE DC 89 -44.96 67.46 -43.26
CA ILE DC 89 -44.63 68.46 -42.24
C ILE DC 89 -45.04 67.99 -40.86
N GLU DC 90 -46.28 67.52 -40.73
CA GLU DC 90 -46.79 67.10 -39.44
C GLU DC 90 -46.13 65.84 -38.91
N GLY DC 91 -45.34 65.15 -39.74
CA GLY DC 91 -44.59 64.00 -39.27
C GLY DC 91 -45.46 62.83 -38.85
N ASP DC 92 -46.33 62.38 -39.75
CA ASP DC 92 -47.11 61.18 -39.47
C ASP DC 92 -46.20 59.99 -39.19
N ILE DC 93 -45.11 59.88 -39.96
CA ILE DC 93 -44.18 58.78 -39.76
C ILE DC 93 -43.53 58.88 -38.40
N LEU DC 94 -43.09 60.07 -37.99
CA LEU DC 94 -42.42 60.20 -36.71
C LEU DC 94 -43.38 59.92 -35.57
N GLN DC 95 -44.63 60.39 -35.66
CA GLN DC 95 -45.57 60.11 -34.58
C GLN DC 95 -45.94 58.63 -34.54
N PHE DC 96 -45.98 57.97 -35.70
CA PHE DC 96 -46.23 56.54 -35.70
C PHE DC 96 -45.10 55.78 -35.04
N ILE DC 97 -43.87 56.06 -35.45
CA ILE DC 97 -42.73 55.37 -34.84
C ILE DC 97 -42.69 55.67 -33.34
N LYS DC 98 -42.91 56.95 -32.99
CA LYS DC 98 -43.13 57.39 -31.63
C LYS DC 98 -44.05 56.45 -30.86
N ASP DC 99 -45.30 56.36 -31.31
CA ASP DC 99 -46.29 55.74 -30.43
C ASP DC 99 -46.18 54.22 -30.44
N ARG DC 100 -45.73 53.58 -31.51
CA ARG DC 100 -45.65 52.13 -31.33
C ARG DC 100 -44.36 51.72 -30.65
N ILE DC 101 -43.28 52.49 -30.77
CA ILE DC 101 -42.13 52.17 -29.94
C ILE DC 101 -42.42 52.50 -28.49
N ALA DC 102 -43.33 53.43 -28.23
CA ALA DC 102 -43.79 53.63 -26.86
C ALA DC 102 -44.61 52.43 -26.40
N ALA DC 103 -45.50 51.93 -27.26
CA ALA DC 103 -46.34 50.80 -26.90
C ALA DC 103 -45.52 49.54 -26.66
N LYS DC 104 -44.42 49.38 -27.38
CA LYS DC 104 -43.53 48.22 -27.23
C LYS DC 104 -44.28 46.92 -27.52
N ASP DC 105 -45.20 46.97 -28.47
CA ASP DC 105 -46.07 45.86 -28.81
C ASP DC 105 -45.84 45.43 -30.26
N TYR DC 106 -46.73 44.55 -30.74
CA TYR DC 106 -46.66 44.03 -32.10
C TYR DC 106 -47.67 44.73 -33.00
N VAL DC 107 -47.48 44.55 -34.30
CA VAL DC 107 -48.26 45.25 -35.30
C VAL DC 107 -48.79 44.24 -36.31
N ASP DC 108 -49.90 44.61 -36.96
CA ASP DC 108 -50.58 43.75 -37.92
C ASP DC 108 -50.69 44.47 -39.26
N ILE DC 109 -50.42 43.73 -40.33
CA ILE DC 109 -50.33 44.30 -41.67
C ILE DC 109 -51.14 43.42 -42.61
N THR DC 110 -51.59 44.01 -43.71
CA THR DC 110 -52.24 43.25 -44.79
C THR DC 110 -51.76 43.82 -46.12
N MET DC 111 -51.65 42.94 -47.11
CA MET DC 111 -50.98 43.27 -48.36
C MET DC 111 -51.68 42.52 -49.49
N ALA DC 112 -52.42 43.24 -50.33
CA ALA DC 112 -53.15 42.63 -51.44
C ALA DC 112 -53.09 43.55 -52.65
N ALA DC 113 -52.79 42.99 -53.81
CA ALA DC 113 -52.76 43.76 -55.04
C ALA DC 113 -54.18 44.07 -55.49
N THR DC 114 -54.45 45.34 -55.79
CA THR DC 114 -55.80 45.79 -56.13
C THR DC 114 -55.79 46.60 -57.42
N PRO DC 115 -55.97 45.95 -58.57
CA PRO DC 115 -56.01 46.70 -59.84
C PRO DC 115 -57.22 47.63 -59.89
N GLU DC 116 -57.00 48.80 -60.48
CA GLU DC 116 -58.09 49.77 -60.61
C GLU DC 116 -59.13 49.30 -61.61
N SER DC 117 -58.70 48.67 -62.70
CA SER DC 117 -59.63 48.22 -63.73
C SER DC 117 -60.61 47.20 -63.17
N LYS DC 118 -60.10 46.21 -62.44
CA LYS DC 118 -60.97 45.21 -61.83
C LYS DC 118 -61.79 45.79 -60.68
N SER DC 119 -61.27 46.83 -60.02
CA SER DC 119 -61.96 47.39 -58.87
C SER DC 119 -63.32 47.92 -59.26
N SER DC 120 -64.30 47.70 -58.38
CA SER DC 120 -65.65 48.21 -58.57
C SER DC 120 -66.16 48.72 -57.23
N GLY DC 121 -67.38 49.27 -57.24
CA GLY DC 121 -67.94 49.82 -56.03
C GLY DC 121 -67.33 51.17 -55.68
N VAL DC 122 -67.61 51.61 -54.45
CA VAL DC 122 -67.09 52.90 -54.00
C VAL DC 122 -65.56 52.84 -53.87
N ASN DC 123 -65.04 51.69 -53.47
CA ASN DC 123 -63.60 51.51 -53.26
C ASN DC 123 -63.19 50.17 -53.84
N ALA DC 124 -61.88 50.02 -54.04
CA ALA DC 124 -61.35 48.81 -54.66
C ALA DC 124 -61.77 47.57 -53.88
N VAL DC 125 -62.36 46.61 -54.58
CA VAL DC 125 -62.82 45.37 -53.98
C VAL DC 125 -61.68 44.36 -54.01
N THR DC 126 -61.60 43.54 -52.96
CA THR DC 126 -60.51 42.60 -52.77
C THR DC 126 -61.06 41.21 -52.52
N LYS DC 127 -60.32 40.19 -52.98
CA LYS DC 127 -60.67 38.79 -52.82
C LYS DC 127 -59.62 38.05 -52.00
N ALA DC 128 -60.10 37.07 -51.22
CA ALA DC 128 -59.25 36.31 -50.32
C ALA DC 128 -58.17 35.53 -51.04
N ALA DC 129 -58.33 35.28 -52.33
CA ALA DC 129 -57.26 34.65 -53.10
C ALA DC 129 -56.03 35.54 -53.13
N THR DC 130 -56.23 36.84 -53.31
CA THR DC 130 -55.13 37.78 -53.43
C THR DC 130 -54.91 38.60 -52.16
N THR DC 131 -55.63 38.32 -51.09
CA THR DC 131 -55.40 38.99 -49.81
C THR DC 131 -54.28 38.28 -49.07
N ILE DC 132 -53.31 39.05 -48.61
CA ILE DC 132 -52.22 38.54 -47.78
C ILE DC 132 -52.08 39.49 -46.59
N GLU DC 133 -52.12 38.94 -45.38
CA GLU DC 133 -52.15 39.72 -44.16
C GLU DC 133 -50.98 39.30 -43.27
N MET DC 134 -50.27 40.30 -42.74
CA MET DC 134 -49.14 40.06 -41.84
C MET DC 134 -49.50 40.53 -40.43
N LEU DC 135 -49.71 39.58 -39.52
CA LEU DC 135 -49.99 39.89 -38.14
C LEU DC 135 -48.80 39.52 -37.26
N ASP DC 136 -48.84 40.01 -36.03
CA ASP DC 136 -47.79 39.73 -35.05
C ASP DC 136 -46.42 40.08 -35.61
N CYS DC 137 -46.29 41.31 -36.10
CA CYS DC 137 -45.08 41.76 -36.76
C CYS DC 137 -44.34 42.77 -35.88
N LYS DC 138 -43.03 42.79 -36.05
CA LYS DC 138 -42.17 43.77 -35.37
C LYS DC 138 -41.70 44.79 -36.40
N ILE DC 139 -42.05 46.05 -36.16
CA ILE DC 139 -41.67 47.15 -37.04
C ILE DC 139 -40.62 47.98 -36.32
N TYR DC 140 -39.48 48.16 -36.97
CA TYR DC 140 -38.40 48.97 -36.43
C TYR DC 140 -37.87 49.86 -37.52
N SER DC 141 -36.97 50.76 -37.13
CA SER DC 141 -36.40 51.73 -38.05
C SER DC 141 -35.01 51.30 -38.47
N ASP DC 142 -34.60 51.78 -39.64
CA ASP DC 142 -33.27 51.51 -40.17
C ASP DC 142 -32.61 52.81 -40.58
N ALA DC 143 -31.30 52.86 -40.47
CA ALA DC 143 -30.54 54.09 -40.72
C ALA DC 143 -30.56 54.38 -42.21
N ILE DC 144 -31.31 55.40 -42.61
CA ILE DC 144 -31.41 55.81 -44.00
C ILE DC 144 -30.84 57.22 -44.11
N ASP DC 145 -29.80 57.38 -44.92
CA ASP DC 145 -29.16 58.68 -45.05
C ASP DC 145 -30.01 59.61 -45.88
N PHE DC 146 -30.18 60.83 -45.40
CA PHE DC 146 -30.92 61.85 -46.14
C PHE DC 146 -29.90 62.72 -46.88
N SER DC 147 -30.01 62.76 -48.21
CA SER DC 147 -29.04 63.45 -49.05
C SER DC 147 -29.34 64.94 -49.00
N THR DC 148 -28.67 65.64 -48.09
CA THR DC 148 -28.85 67.08 -47.99
C THR DC 148 -28.20 67.81 -49.16
N GLU DC 149 -27.10 67.26 -49.69
CA GLU DC 149 -26.44 67.89 -50.83
C GLU DC 149 -27.37 67.95 -52.05
N ASP DC 150 -27.98 66.83 -52.39
CA ASP DC 150 -28.92 66.76 -53.51
C ASP DC 150 -30.28 67.22 -53.01
N VAL DC 151 -30.52 68.53 -53.10
CA VAL DC 151 -31.75 69.12 -52.61
C VAL DC 151 -32.95 68.62 -53.39
N THR DC 152 -32.76 68.20 -54.64
CA THR DC 152 -33.87 67.80 -55.49
C THR DC 152 -34.62 66.59 -54.95
N ALA DC 153 -34.04 65.88 -53.99
CA ALA DC 153 -34.69 64.75 -53.34
C ALA DC 153 -35.09 65.13 -51.93
N ALA DC 154 -36.33 64.83 -51.57
CA ALA DC 154 -36.84 65.11 -50.23
C ALA DC 154 -36.36 64.02 -49.26
N VAL DC 155 -36.93 64.02 -48.05
CA VAL DC 155 -36.60 62.97 -47.09
C VAL DC 155 -37.04 61.62 -47.66
N ARG DC 156 -36.29 60.58 -47.33
CA ARG DC 156 -36.54 59.23 -47.85
C ARG DC 156 -36.62 58.25 -46.68
N PRO DC 157 -37.65 58.36 -45.85
CA PRO DC 157 -37.76 57.46 -44.71
C PRO DC 157 -37.99 56.01 -45.12
N SER DC 158 -37.30 55.09 -44.46
CA SER DC 158 -37.54 53.67 -44.63
C SER DC 158 -37.58 53.01 -43.27
N LEU DC 159 -38.35 51.93 -43.17
CA LEU DC 159 -38.42 51.11 -41.98
C LEU DC 159 -38.30 49.65 -42.38
N ARG DC 160 -38.19 48.78 -41.38
CA ARG DC 160 -38.13 47.35 -41.65
C ARG DC 160 -39.12 46.62 -40.76
N ILE DC 161 -39.88 45.71 -41.38
CA ILE DC 161 -40.91 44.93 -40.70
C ILE DC 161 -40.55 43.46 -40.80
N VAL DC 162 -40.67 42.74 -39.70
CA VAL DC 162 -40.43 41.31 -39.68
C VAL DC 162 -41.70 40.62 -39.18
N TYR DC 163 -42.13 39.58 -39.91
CA TYR DC 163 -43.22 38.74 -39.47
C TYR DC 163 -42.69 37.38 -39.05
N ASN DC 164 -43.20 36.91 -37.89
CA ASN DC 164 -42.83 35.62 -37.35
C ASN DC 164 -43.41 34.48 -38.18
N TRP DC 165 -44.60 34.67 -38.72
CA TRP DC 165 -45.29 33.62 -39.46
C TRP DC 165 -45.97 34.21 -40.69
N ILE DC 166 -46.05 33.38 -41.74
CA ILE DC 166 -46.72 33.76 -42.98
C ILE DC 166 -48.20 33.41 -42.84
N GLU DC 167 -49.03 34.44 -42.73
CA GLU DC 167 -50.46 34.23 -42.59
C GLU DC 167 -51.07 34.04 -43.97
N TRP DC 168 -51.61 32.85 -44.22
CA TRP DC 168 -52.11 32.49 -45.53
C TRP DC 168 -53.35 31.63 -45.35
N ASP DC 169 -54.40 31.95 -46.09
CA ASP DC 169 -55.64 31.20 -46.00
C ASP DC 169 -55.58 29.90 -46.79
N GLY EC 2 6.57 46.42 -95.12
CA GLY EC 2 6.96 46.29 -93.73
C GLY EC 2 7.44 44.89 -93.37
N HIS EC 3 6.68 44.23 -92.49
CA HIS EC 3 7.05 42.89 -92.09
C HIS EC 3 6.92 41.93 -93.26
N ASN EC 4 7.88 41.00 -93.36
CA ASN EC 4 7.94 40.16 -94.55
C ASN EC 4 6.86 39.09 -94.53
N ASN EC 5 6.62 38.48 -93.37
CA ASN EC 5 5.64 37.41 -93.24
C ASN EC 5 4.20 37.94 -93.30
N THR EC 6 3.86 38.50 -94.47
CA THR EC 6 2.63 39.25 -94.64
C THR EC 6 1.69 38.68 -95.71
N LYS EC 7 2.15 37.74 -96.52
CA LYS EC 7 1.33 37.24 -97.62
C LYS EC 7 0.07 36.57 -97.09
N GLY EC 8 -1.02 36.73 -97.84
CA GLY EC 8 -2.28 36.11 -97.49
C GLY EC 8 -3.09 35.86 -98.73
N ASN EC 9 -4.17 35.10 -98.58
CA ASN EC 9 -4.99 34.72 -99.72
C ASN EC 9 -6.44 34.57 -99.26
N ARG EC 10 -7.25 33.93 -100.11
CA ARG EC 10 -8.69 33.81 -99.94
C ARG EC 10 -9.16 32.40 -99.61
N LYS EC 11 -8.55 31.37 -100.19
CA LYS EC 11 -9.18 30.06 -100.14
C LYS EC 11 -9.25 29.52 -98.73
N PHE EC 12 -8.28 29.88 -97.87
CA PHE EC 12 -8.38 29.47 -96.47
C PHE EC 12 -9.62 30.06 -95.82
N ILE EC 13 -9.84 31.36 -95.98
CA ILE EC 13 -10.99 31.99 -95.32
C ILE EC 13 -12.28 31.47 -95.92
N LYS EC 14 -12.30 31.20 -97.23
CA LYS EC 14 -13.48 30.58 -97.83
C LYS EC 14 -13.75 29.20 -97.26
N GLY EC 15 -12.73 28.34 -97.19
CA GLY EC 15 -12.94 27.00 -96.69
C GLY EC 15 -13.39 26.98 -95.25
N ARG EC 16 -12.79 27.83 -94.42
CA ARG EC 16 -13.22 27.93 -93.03
C ARG EC 16 -14.63 28.49 -92.92
N TYR EC 17 -14.98 29.45 -93.78
CA TYR EC 17 -16.34 29.99 -93.77
C TYR EC 17 -17.33 28.89 -94.10
N THR EC 18 -17.03 28.10 -95.12
CA THR EC 18 -17.92 27.00 -95.49
C THR EC 18 -18.03 25.99 -94.36
N ALA EC 19 -16.90 25.68 -93.71
CA ALA EC 19 -16.93 24.72 -92.62
C ALA EC 19 -17.81 25.21 -91.48
N ASN EC 20 -17.65 26.47 -91.08
CA ASN EC 20 -18.42 26.98 -89.96
C ASN EC 20 -19.87 27.27 -90.34
N ALA EC 21 -20.16 27.43 -91.63
CA ALA EC 21 -21.53 27.61 -92.06
C ALA EC 21 -22.25 26.29 -92.31
N ALA EC 22 -21.50 25.20 -92.47
CA ALA EC 22 -22.13 23.90 -92.63
C ALA EC 22 -22.82 23.44 -91.36
N LYS EC 23 -22.65 24.16 -90.26
CA LYS EC 23 -23.28 23.76 -89.02
C LYS EC 23 -24.79 23.85 -89.09
N GLY EC 24 -25.32 24.88 -89.75
CA GLY EC 24 -26.74 25.16 -89.77
C GLY EC 24 -27.06 26.42 -88.99
N GLU EC 25 -28.35 26.64 -88.75
CA GLU EC 25 -28.72 27.77 -87.90
C GLU EC 25 -28.36 27.46 -86.46
N ARG EC 26 -28.73 28.36 -85.57
CA ARG EC 26 -28.40 28.20 -84.17
C ARG EC 26 -29.64 28.44 -83.33
N LEU EC 27 -29.69 27.83 -82.16
CA LEU EC 27 -30.87 27.93 -81.31
C LEU EC 27 -30.79 29.17 -80.45
N VAL EC 28 -31.87 29.96 -80.44
CA VAL EC 28 -31.91 31.19 -79.66
C VAL EC 28 -32.30 30.88 -78.22
N SER EC 29 -31.72 31.64 -77.29
CA SER EC 29 -32.03 31.51 -75.88
C SER EC 29 -33.51 31.69 -75.59
N SER EC 30 -34.18 32.56 -76.32
CA SER EC 30 -35.57 32.88 -76.04
C SER EC 30 -36.53 31.79 -76.48
N GLU EC 31 -36.11 30.89 -77.36
CA GLU EC 31 -36.99 29.86 -77.90
C GLU EC 31 -36.67 28.53 -77.22
N PHE EC 32 -37.65 28.01 -76.50
CA PHE EC 32 -37.56 26.74 -75.79
C PHE EC 32 -38.93 26.49 -75.18
N LEU EC 33 -39.05 25.43 -74.40
CA LEU EC 33 -40.28 25.14 -73.66
C LEU EC 33 -39.91 24.47 -72.35
N LEU EC 34 -40.34 25.07 -71.25
CA LEU EC 34 -40.20 24.49 -69.92
C LEU EC 34 -41.57 24.43 -69.27
N THR EC 35 -42.03 23.22 -68.95
CA THR EC 35 -43.37 23.03 -68.41
C THR EC 35 -43.38 22.05 -67.26
N PHE EC 36 -44.39 22.19 -66.40
CA PHE EC 36 -44.59 21.27 -65.29
C PHE EC 36 -45.23 19.99 -65.81
N ALA EC 37 -45.69 19.16 -64.87
CA ALA EC 37 -46.44 17.95 -65.20
C ALA EC 37 -47.93 18.30 -65.06
N GLY EC 38 -48.60 18.47 -66.20
CA GLY EC 38 -50.02 18.70 -66.21
C GLY EC 38 -50.48 20.06 -65.76
N HIS EC 39 -49.61 21.06 -65.81
CA HIS EC 39 -49.93 22.42 -65.39
C HIS EC 39 -49.42 23.42 -66.40
N GLU EC 40 -49.71 23.16 -67.68
CA GLU EC 40 -49.21 23.99 -68.77
C GLU EC 40 -49.75 25.41 -68.69
N ASP EC 41 -50.96 25.56 -68.14
CA ASP EC 41 -51.57 26.88 -68.03
C ASP EC 41 -50.87 27.78 -67.03
N ILE EC 42 -50.14 27.22 -66.07
CA ILE EC 42 -49.17 28.01 -65.30
C ILE EC 42 -47.80 28.00 -65.97
N SER EC 43 -47.46 26.92 -66.68
CA SER EC 43 -46.15 26.82 -67.30
C SER EC 43 -45.91 27.95 -68.28
N VAL EC 44 -46.94 28.33 -69.03
CA VAL EC 44 -46.80 29.40 -70.01
C VAL EC 44 -46.39 30.72 -69.36
N LEU EC 45 -46.46 30.82 -68.04
CA LEU EC 45 -46.12 32.05 -67.34
C LEU EC 45 -44.62 32.19 -67.10
N VAL EC 46 -43.81 31.21 -67.51
CA VAL EC 46 -42.37 31.30 -67.30
C VAL EC 46 -41.77 32.38 -68.17
N ARG EC 47 -40.80 33.13 -67.63
CA ARG EC 47 -40.13 34.16 -68.40
C ARG EC 47 -38.68 33.81 -68.72
N THR EC 48 -37.88 33.52 -67.69
CA THR EC 48 -36.47 33.20 -67.88
C THR EC 48 -36.08 32.14 -66.84
N SER EC 49 -35.20 31.23 -67.25
CA SER EC 49 -34.86 30.06 -66.45
C SER EC 49 -33.36 29.83 -66.51
N GLN EC 50 -32.94 28.70 -65.97
CA GLN EC 50 -31.55 28.26 -65.97
C GLN EC 50 -31.42 26.87 -66.59
N ILE EC 51 -30.35 26.70 -67.35
CA ILE EC 51 -30.05 25.37 -67.91
C ILE EC 51 -29.75 24.40 -66.78
N PRO EC 52 -30.24 23.16 -66.83
CA PRO EC 52 -29.84 22.17 -65.84
C PRO EC 52 -28.42 21.70 -66.09
N GLU EC 53 -27.78 21.25 -65.03
CA GLU EC 53 -26.38 20.87 -65.08
C GLU EC 53 -26.19 19.44 -64.59
N MET EC 54 -25.25 18.74 -65.23
CA MET EC 54 -24.85 17.40 -64.78
C MET EC 54 -23.33 17.39 -64.68
N THR EC 55 -22.82 17.01 -63.51
CA THR EC 55 -21.38 17.05 -63.24
C THR EC 55 -21.01 15.90 -62.32
N ARG EC 56 -19.70 15.66 -62.19
CA ARG EC 56 -19.17 14.56 -61.40
C ARG EC 56 -18.20 15.08 -60.35
N GLU EC 57 -18.29 14.51 -59.15
CA GLU EC 57 -17.30 14.86 -58.13
C GLU EC 57 -15.91 14.42 -58.58
N ASP EC 58 -14.91 15.07 -58.01
CA ASP EC 58 -13.52 14.77 -58.31
C ASP EC 58 -12.76 14.58 -57.01
N VAL EC 59 -11.88 13.58 -57.00
CA VAL EC 59 -11.00 13.33 -55.86
C VAL EC 59 -9.61 13.83 -56.23
N GLU EC 60 -9.04 14.66 -55.38
CA GLU EC 60 -7.75 15.31 -55.64
C GLU EC 60 -6.69 14.65 -54.76
N ASP EC 61 -6.03 13.63 -55.31
CA ASP EC 61 -4.95 12.96 -54.62
C ASP EC 61 -3.61 13.55 -55.08
N TYR EC 62 -2.57 13.26 -54.31
CA TYR EC 62 -1.23 13.74 -54.61
C TYR EC 62 -0.29 12.56 -54.77
N GLY EC 63 0.66 12.71 -55.69
CA GLY EC 63 1.78 11.81 -55.80
C GLY EC 63 3.03 12.48 -55.25
N PRO EC 64 4.13 11.72 -55.25
CA PRO EC 64 5.31 12.12 -54.47
C PRO EC 64 5.84 13.49 -54.86
N ASN EC 65 6.67 14.03 -53.97
CA ASN EC 65 7.21 15.39 -54.03
C ASN EC 65 6.13 16.40 -54.42
N GLY EC 66 4.91 16.15 -53.96
CA GLY EC 66 3.85 17.12 -54.02
C GLY EC 66 3.09 17.21 -55.32
N VAL EC 67 3.30 16.26 -56.25
CA VAL EC 67 2.59 16.36 -57.52
C VAL EC 67 1.15 15.96 -57.25
N LYS EC 68 0.26 16.20 -58.19
CA LYS EC 68 -1.14 15.92 -57.93
C LYS EC 68 -1.71 15.06 -59.05
N PHE EC 69 -2.95 14.64 -58.84
CA PHE EC 69 -3.70 13.84 -59.80
C PHE EC 69 -5.14 13.78 -59.34
N ASN EC 70 -6.07 13.89 -60.29
CA ASN EC 70 -7.48 13.91 -59.95
C ASN EC 70 -8.18 12.68 -60.54
N GLN EC 71 -9.25 12.25 -59.88
CA GLN EC 71 -9.95 11.04 -60.26
C GLN EC 71 -11.45 11.31 -60.29
N HIS EC 72 -12.13 10.61 -61.21
CA HIS EC 72 -13.56 10.72 -61.36
C HIS EC 72 -14.28 10.24 -60.10
N GLY EC 73 -15.53 10.68 -59.93
CA GLY EC 73 -16.39 10.13 -58.93
C GLY EC 73 -17.82 10.00 -59.43
N PRO EC 74 -18.77 9.89 -58.51
CA PRO EC 74 -20.18 9.86 -58.90
C PRO EC 74 -20.63 11.18 -59.51
N ILE EC 75 -21.92 11.29 -59.78
CA ILE EC 75 -22.49 12.52 -60.32
C ILE EC 75 -22.80 13.48 -59.17
N ARG EC 76 -22.51 14.76 -59.37
CA ARG EC 76 -23.18 15.78 -58.58
C ARG EC 76 -24.57 15.97 -59.16
N ASN EC 77 -25.53 15.26 -58.56
CA ASN EC 77 -26.89 15.23 -59.06
C ASN EC 77 -27.72 16.42 -58.61
N SER EC 78 -27.22 17.21 -57.67
CA SER EC 78 -27.92 18.41 -57.26
C SER EC 78 -28.02 19.39 -58.40
N GLY EC 79 -29.08 20.19 -58.39
CA GLY EC 79 -29.17 21.22 -59.40
C GLY EC 79 -30.16 22.30 -59.05
N GLU EC 80 -29.81 23.55 -59.33
CA GLU EC 80 -30.63 24.70 -58.97
C GLU EC 80 -30.90 25.56 -60.19
N ILE EC 81 -32.16 26.01 -60.31
CA ILE EC 81 -32.58 26.92 -61.37
C ILE EC 81 -33.44 28.03 -60.78
N GLN EC 82 -33.12 29.26 -61.14
CA GLN EC 82 -33.99 30.39 -60.86
C GLN EC 82 -34.97 30.50 -62.03
N VAL EC 83 -36.25 30.59 -61.71
CA VAL EC 83 -37.30 30.72 -62.71
C VAL EC 83 -37.95 32.08 -62.57
N GLN EC 84 -38.28 32.69 -63.72
CA GLN EC 84 -38.86 34.03 -63.76
C GLN EC 84 -40.25 33.95 -64.38
N CYS EC 85 -41.19 34.70 -63.81
CA CYS EC 85 -42.55 34.75 -64.28
C CYS EC 85 -43.08 36.17 -64.13
N VAL EC 86 -44.21 36.43 -64.78
CA VAL EC 86 -44.95 37.69 -64.63
C VAL EC 86 -46.39 37.33 -64.31
N GLU EC 87 -46.97 38.01 -63.33
CA GLU EC 87 -48.26 37.61 -62.75
C GLU EC 87 -49.39 38.47 -63.30
N THR EC 88 -50.56 37.85 -63.47
CA THR EC 88 -51.75 38.50 -63.98
C THR EC 88 -52.70 38.88 -62.84
N ILE EC 89 -53.88 39.36 -63.21
CA ILE EC 89 -54.87 39.78 -62.23
C ILE EC 89 -55.33 38.60 -61.40
N GLU EC 90 -55.65 37.49 -62.06
CA GLU EC 90 -56.19 36.32 -61.38
C GLU EC 90 -55.17 35.62 -60.50
N GLY EC 91 -53.90 35.98 -60.60
CA GLY EC 91 -52.89 35.41 -59.73
C GLY EC 91 -52.70 33.93 -59.94
N ASP EC 92 -52.44 33.52 -61.18
CA ASP EC 92 -52.10 32.11 -61.43
C ASP EC 92 -50.87 31.71 -60.63
N ILE EC 93 -49.88 32.60 -60.55
CA ILE EC 93 -48.68 32.30 -59.79
C ILE EC 93 -48.99 32.13 -58.31
N LEU EC 94 -49.82 33.03 -57.76
CA LEU EC 94 -50.11 32.93 -56.33
C LEU EC 94 -50.93 31.69 -56.03
N GLN EC 95 -51.88 31.34 -56.89
CA GLN EC 95 -52.64 30.12 -56.62
C GLN EC 95 -51.78 28.88 -56.79
N PHE EC 96 -50.81 28.91 -57.70
CA PHE EC 96 -49.92 27.77 -57.83
C PHE EC 96 -49.05 27.62 -56.59
N ILE EC 97 -48.42 28.71 -56.15
CA ILE EC 97 -47.60 28.62 -54.96
C ILE EC 97 -48.44 28.20 -53.77
N LYS EC 98 -49.64 28.78 -53.65
CA LYS EC 98 -50.67 28.36 -52.73
C LYS EC 98 -50.82 26.85 -52.69
N ASP EC 99 -51.22 26.27 -53.81
CA ASP EC 99 -51.67 24.88 -53.72
C ASP EC 99 -50.51 23.91 -53.62
N ARG EC 100 -49.33 24.20 -54.18
CA ARG EC 100 -48.32 23.17 -53.95
C ARG EC 100 -47.63 23.33 -52.62
N ILE EC 101 -47.58 24.55 -52.05
CA ILE EC 101 -47.11 24.63 -50.67
C ILE EC 101 -48.12 24.04 -49.73
N ALA EC 102 -49.41 24.04 -50.11
CA ALA EC 102 -50.39 23.30 -49.32
C ALA EC 102 -50.15 21.81 -49.45
N ALA EC 103 -49.87 21.34 -50.66
CA ALA EC 103 -49.65 19.91 -50.88
C ALA EC 103 -48.42 19.42 -50.15
N LYS EC 104 -47.39 20.26 -50.03
CA LYS EC 104 -46.16 19.91 -49.33
C LYS EC 104 -45.48 18.71 -49.99
N ASP EC 105 -45.58 18.64 -51.32
CA ASP EC 105 -45.09 17.51 -52.10
C ASP EC 105 -44.03 17.98 -53.08
N TYR EC 106 -43.64 17.09 -53.98
CA TYR EC 106 -42.63 17.37 -55.00
C TYR EC 106 -43.28 17.65 -56.35
N VAL EC 107 -42.48 18.22 -57.24
CA VAL EC 107 -42.96 18.70 -58.54
C VAL EC 107 -42.08 18.12 -59.63
N ASP EC 108 -42.65 18.01 -60.83
CA ASP EC 108 -41.96 17.46 -61.98
C ASP EC 108 -41.95 18.47 -63.12
N ILE EC 109 -40.81 18.58 -63.78
CA ILE EC 109 -40.59 19.60 -64.79
C ILE EC 109 -39.99 18.92 -66.01
N THR EC 110 -40.15 19.54 -67.18
CA THR EC 110 -39.38 19.16 -68.35
C THR EC 110 -39.01 20.43 -69.12
N MET EC 111 -37.92 20.33 -69.87
CA MET EC 111 -37.27 21.50 -70.45
C MET EC 111 -36.60 21.07 -71.75
N ALA EC 112 -37.14 21.52 -72.88
CA ALA EC 112 -36.59 21.17 -74.18
C ALA EC 112 -36.69 22.37 -75.11
N ALA EC 113 -35.61 22.66 -75.83
CA ALA EC 113 -35.62 23.75 -76.79
C ALA EC 113 -36.38 23.33 -78.04
N THR EC 114 -37.33 24.17 -78.46
CA THR EC 114 -38.23 23.85 -79.57
C THR EC 114 -38.24 24.98 -80.59
N PRO EC 115 -37.36 24.94 -81.59
CA PRO EC 115 -37.37 25.97 -82.63
C PRO EC 115 -38.66 25.94 -83.44
N GLU EC 116 -39.14 27.13 -83.80
CA GLU EC 116 -40.37 27.22 -84.58
C GLU EC 116 -40.15 26.72 -86.00
N SER EC 117 -38.99 27.02 -86.58
CA SER EC 117 -38.72 26.62 -87.96
C SER EC 117 -38.71 25.10 -88.10
N LYS EC 118 -38.06 24.40 -87.18
CA LYS EC 118 -38.05 22.95 -87.22
C LYS EC 118 -39.40 22.37 -86.84
N SER EC 119 -40.17 23.08 -86.03
CA SER EC 119 -41.45 22.58 -85.56
C SER EC 119 -42.39 22.32 -86.72
N SER EC 120 -43.14 21.22 -86.63
CA SER EC 120 -44.14 20.87 -87.63
C SER EC 120 -45.36 20.33 -86.91
N GLY EC 121 -46.40 20.02 -87.69
CA GLY EC 121 -47.63 19.53 -87.10
C GLY EC 121 -48.43 20.67 -86.47
N VAL EC 122 -49.44 20.28 -85.69
CA VAL EC 122 -50.29 21.25 -85.04
C VAL EC 122 -49.51 22.05 -84.00
N ASN EC 123 -48.56 21.38 -83.32
CA ASN EC 123 -47.77 21.99 -82.27
C ASN EC 123 -46.32 21.58 -82.44
N ALA EC 124 -45.44 22.31 -81.78
CA ALA EC 124 -44.00 22.07 -81.92
C ALA EC 124 -43.65 20.64 -81.55
N VAL EC 125 -42.97 19.95 -82.46
CA VAL EC 125 -42.56 18.57 -82.25
C VAL EC 125 -41.20 18.56 -81.55
N THR EC 126 -41.00 17.57 -80.70
CA THR EC 126 -39.82 17.47 -79.86
C THR EC 126 -39.19 16.09 -80.01
N LYS EC 127 -37.88 16.01 -79.77
CA LYS EC 127 -37.15 14.76 -79.84
C LYS EC 127 -36.39 14.48 -78.54
N ALA EC 128 -36.29 13.19 -78.21
CA ALA EC 128 -35.70 12.77 -76.94
C ALA EC 128 -34.25 13.19 -76.81
N ALA EC 129 -33.58 13.48 -77.93
CA ALA EC 129 -32.22 14.02 -77.85
C ALA EC 129 -32.20 15.36 -77.14
N THR EC 130 -33.18 16.21 -77.43
CA THR EC 130 -33.24 17.55 -76.87
C THR EC 130 -34.26 17.69 -75.75
N THR EC 131 -34.91 16.59 -75.35
CA THR EC 131 -35.84 16.64 -74.22
C THR EC 131 -35.07 16.46 -72.92
N ILE EC 132 -35.32 17.35 -71.98
CA ILE EC 132 -34.74 17.27 -70.64
C ILE EC 132 -35.87 17.48 -69.64
N GLU EC 133 -36.01 16.55 -68.69
CA GLU EC 133 -37.12 16.52 -67.76
C GLU EC 133 -36.60 16.52 -66.34
N MET EC 134 -37.16 17.37 -65.49
CA MET EC 134 -36.78 17.47 -64.08
C MET EC 134 -37.94 16.96 -63.21
N LEU EC 135 -37.74 15.83 -62.57
CA LEU EC 135 -38.74 15.25 -61.69
C LEU EC 135 -38.26 15.28 -60.24
N ASP EC 136 -39.21 15.06 -59.33
CA ASP EC 136 -38.94 15.00 -57.89
C ASP EC 136 -38.20 16.26 -57.45
N CYS EC 137 -38.78 17.40 -57.80
CA CYS EC 137 -38.14 18.68 -57.60
C CYS EC 137 -38.83 19.46 -56.49
N LYS EC 138 -38.07 20.33 -55.83
CA LYS EC 138 -38.59 21.22 -54.80
C LYS EC 138 -38.64 22.63 -55.35
N ILE EC 139 -39.84 23.21 -55.39
CA ILE EC 139 -40.06 24.57 -55.85
C ILE EC 139 -40.43 25.42 -54.64
N TYR EC 140 -39.69 26.51 -54.45
CA TYR EC 140 -39.96 27.44 -53.37
C TYR EC 140 -39.89 28.84 -53.92
N SER EC 141 -40.20 29.81 -53.07
CA SER EC 141 -40.20 31.21 -53.45
C SER EC 141 -38.96 31.91 -52.92
N ASP EC 142 -38.57 32.98 -53.61
CA ASP EC 142 -37.44 33.80 -53.19
C ASP EC 142 -37.86 35.26 -53.13
N ALA EC 143 -37.24 36.00 -52.22
CA ALA EC 143 -37.62 37.39 -51.98
C ALA EC 143 -37.19 38.23 -53.18
N ILE EC 144 -38.17 38.68 -53.97
CA ILE EC 144 -37.91 39.51 -55.14
C ILE EC 144 -38.59 40.85 -54.90
N ASP EC 145 -37.80 41.93 -54.90
CA ASP EC 145 -38.35 43.25 -54.63
C ASP EC 145 -39.12 43.76 -55.83
N PHE EC 146 -40.31 44.28 -55.59
CA PHE EC 146 -41.10 44.90 -56.64
C PHE EC 146 -40.87 46.40 -56.60
N SER EC 147 -40.37 46.95 -57.71
CA SER EC 147 -40.00 48.35 -57.79
C SER EC 147 -41.26 49.19 -57.95
N THR EC 148 -41.81 49.64 -56.83
CA THR EC 148 -42.99 50.49 -56.90
C THR EC 148 -42.65 51.88 -57.42
N GLU EC 149 -41.44 52.36 -57.13
CA GLU EC 149 -41.00 53.66 -57.65
C GLU EC 149 -41.03 53.70 -59.17
N ASP EC 150 -40.42 52.72 -59.81
CA ASP EC 150 -40.38 52.64 -61.26
C ASP EC 150 -41.66 51.95 -61.73
N VAL EC 151 -42.68 52.76 -61.97
CA VAL EC 151 -43.98 52.23 -62.36
C VAL EC 151 -43.93 51.54 -63.72
N THR EC 152 -42.97 51.92 -64.57
CA THR EC 152 -42.89 51.37 -65.92
C THR EC 152 -42.64 49.88 -65.93
N ALA EC 153 -42.23 49.30 -64.81
CA ALA EC 153 -42.04 47.86 -64.67
C ALA EC 153 -43.16 47.28 -63.81
N ALA EC 154 -43.76 46.20 -64.28
CA ALA EC 154 -44.81 45.52 -63.55
C ALA EC 154 -44.20 44.62 -62.48
N VAL EC 155 -45.02 43.74 -61.89
CA VAL EC 155 -44.50 42.79 -60.93
C VAL EC 155 -43.51 41.86 -61.62
N ARG EC 156 -42.50 41.43 -60.86
CA ARG EC 156 -41.42 40.59 -61.39
C ARG EC 156 -41.26 39.35 -60.52
N PRO EC 157 -42.25 38.47 -60.50
CA PRO EC 157 -42.15 37.28 -59.65
C PRO EC 157 -41.05 36.34 -60.11
N SER EC 158 -40.33 35.79 -59.14
CA SER EC 158 -39.35 34.73 -59.40
C SER EC 158 -39.48 33.65 -58.35
N LEU EC 159 -39.15 32.42 -58.75
CA LEU EC 159 -39.16 31.29 -57.84
C LEU EC 159 -37.87 30.51 -58.01
N ARG EC 160 -37.65 29.56 -57.10
CA ARG EC 160 -36.39 28.85 -57.01
C ARG EC 160 -36.68 27.35 -57.01
N ILE EC 161 -36.13 26.63 -57.97
CA ILE EC 161 -36.39 25.20 -58.16
C ILE EC 161 -35.09 24.43 -58.01
N VAL EC 162 -35.14 23.35 -57.25
CA VAL EC 162 -33.99 22.48 -57.08
C VAL EC 162 -34.41 21.07 -57.46
N TYR EC 163 -33.58 20.40 -58.26
CA TYR EC 163 -33.75 18.99 -58.56
C TYR EC 163 -32.64 18.19 -57.90
N ASN EC 164 -33.04 17.06 -57.32
CA ASN EC 164 -32.11 16.17 -56.64
C ASN EC 164 -31.25 15.37 -57.61
N TRP EC 165 -31.80 15.05 -58.78
CA TRP EC 165 -31.09 14.24 -59.75
C TRP EC 165 -31.34 14.78 -61.16
N ILE EC 166 -30.32 14.64 -62.01
CA ILE EC 166 -30.41 15.06 -63.39
C ILE EC 166 -31.01 13.90 -64.19
N GLU EC 167 -32.25 14.08 -64.64
CA GLU EC 167 -32.93 13.04 -65.40
C GLU EC 167 -32.51 13.16 -66.86
N TRP EC 168 -31.82 12.14 -67.35
CA TRP EC 168 -31.25 12.18 -68.68
C TRP EC 168 -31.36 10.79 -69.29
N ASP EC 169 -31.82 10.73 -70.53
CA ASP EC 169 -31.97 9.47 -71.22
C ASP EC 169 -30.65 8.95 -71.77
N GLY FC 2 11.40 77.52 -71.46
CA GLY FC 2 11.08 77.03 -70.13
C GLY FC 2 12.19 76.19 -69.53
N HIS FC 3 11.89 74.92 -69.29
CA HIS FC 3 12.89 74.02 -68.72
C HIS FC 3 14.03 73.81 -69.70
N ASN FC 4 15.25 73.79 -69.18
CA ASN FC 4 16.42 73.76 -70.04
C ASN FC 4 16.62 72.39 -70.67
N ASN FC 5 16.40 71.32 -69.91
CA ASN FC 5 16.59 69.95 -70.38
C ASN FC 5 15.45 69.56 -71.30
N THR FC 6 15.41 70.19 -72.48
CA THR FC 6 14.28 70.09 -73.39
C THR FC 6 14.69 69.66 -74.80
N LYS FC 7 15.97 69.61 -75.12
CA LYS FC 7 16.40 69.27 -76.48
C LYS FC 7 15.96 67.85 -76.86
N GLY FC 8 15.60 67.68 -78.13
CA GLY FC 8 15.19 66.39 -78.65
C GLY FC 8 15.52 66.27 -80.12
N ASN FC 9 15.42 65.05 -80.63
CA ASN FC 9 15.77 64.79 -82.02
C ASN FC 9 14.92 63.65 -82.56
N ARG FC 10 15.35 63.10 -83.68
CA ARG FC 10 14.58 62.16 -84.47
C ARG FC 10 15.18 60.76 -84.47
N LYS FC 11 16.50 60.66 -84.55
CA LYS FC 11 17.12 59.39 -84.88
C LYS FC 11 16.90 58.35 -83.79
N PHE FC 12 16.78 58.77 -82.52
CA PHE FC 12 16.43 57.82 -81.47
C PHE FC 12 15.06 57.19 -81.73
N ILE FC 13 14.06 58.02 -82.02
CA ILE FC 13 12.73 57.45 -82.16
C ILE FC 13 12.65 56.61 -83.42
N LYS FC 14 13.39 56.98 -84.47
CA LYS FC 14 13.44 56.11 -85.64
C LYS FC 14 14.15 54.78 -85.35
N GLY FC 15 15.26 54.82 -84.61
CA GLY FC 15 15.93 53.58 -84.26
C GLY FC 15 15.05 52.66 -83.44
N ARG FC 16 14.33 53.22 -82.46
CA ARG FC 16 13.41 52.43 -81.66
C ARG FC 16 12.22 51.95 -82.49
N TYR FC 17 11.74 52.77 -83.43
CA TYR FC 17 10.65 52.35 -84.28
C TYR FC 17 11.08 51.16 -85.12
N THR FC 18 12.25 51.23 -85.73
CA THR FC 18 12.73 50.12 -86.53
C THR FC 18 12.94 48.88 -85.68
N ALA FC 19 13.47 49.05 -84.47
CA ALA FC 19 13.65 47.90 -83.60
C ALA FC 19 12.33 47.24 -83.28
N ASN FC 20 11.31 48.02 -82.92
CA ASN FC 20 10.05 47.42 -82.54
C ASN FC 20 9.22 46.96 -83.72
N ALA FC 21 9.51 47.45 -84.92
CA ALA FC 21 8.83 46.98 -86.11
C ALA FC 21 9.52 45.77 -86.73
N ALA FC 22 10.78 45.52 -86.38
CA ALA FC 22 11.45 44.33 -86.87
C ALA FC 22 10.86 43.06 -86.27
N LYS FC 23 9.95 43.18 -85.31
CA LYS FC 23 9.34 42.00 -84.72
C LYS FC 23 8.47 41.25 -85.74
N GLY FC 24 7.71 41.97 -86.54
CA GLY FC 24 6.83 41.37 -87.54
C GLY FC 24 5.37 41.67 -87.22
N GLU FC 25 4.49 41.07 -88.02
CA GLU FC 25 3.07 41.14 -87.72
C GLU FC 25 2.82 40.37 -86.41
N ARG FC 26 1.57 40.32 -85.99
CA ARG FC 26 1.37 39.78 -84.66
C ARG FC 26 0.15 38.85 -84.62
N LEU FC 27 0.12 37.95 -83.65
CA LEU FC 27 -0.96 36.96 -83.55
C LEU FC 27 -2.16 37.56 -82.81
N VAL FC 28 -3.34 37.44 -83.43
CA VAL FC 28 -4.58 37.96 -82.86
C VAL FC 28 -5.22 36.91 -81.97
N SER FC 29 -5.90 37.38 -80.91
CA SER FC 29 -6.60 36.49 -79.99
C SER FC 29 -7.63 35.63 -80.69
N SER FC 30 -8.32 36.16 -81.70
CA SER FC 30 -9.40 35.42 -82.34
C SER FC 30 -8.90 34.29 -83.22
N GLU FC 31 -7.65 34.35 -83.67
CA GLU FC 31 -7.13 33.37 -84.62
C GLU FC 31 -6.31 32.32 -83.88
N PHE FC 32 -6.82 31.09 -83.88
CA PHE FC 32 -6.18 29.95 -83.24
C PHE FC 32 -7.00 28.72 -83.62
N LEU FC 33 -6.61 27.57 -83.08
CA LEU FC 33 -7.36 26.34 -83.27
C LEU FC 33 -7.24 25.51 -82.00
N LEU FC 34 -8.39 25.20 -81.40
CA LEU FC 34 -8.46 24.31 -80.26
C LEU FC 34 -9.43 23.18 -80.60
N THR FC 35 -8.94 21.95 -80.60
CA THR FC 35 -9.73 20.81 -81.02
C THR FC 35 -9.54 19.61 -80.09
N PHE FC 36 -10.55 18.75 -80.06
CA PHE FC 36 -10.47 17.52 -79.30
C PHE FC 36 -9.65 16.49 -80.07
N ALA FC 37 -9.71 15.25 -79.60
CA ALA FC 37 -9.09 14.12 -80.29
C ALA FC 37 -10.18 13.43 -81.12
N GLY FC 38 -10.16 13.68 -82.43
CA GLY FC 38 -11.08 12.99 -83.33
C GLY FC 38 -12.51 13.48 -83.28
N HIS FC 39 -12.75 14.69 -82.80
CA HIS FC 39 -14.10 15.25 -82.70
C HIS FC 39 -14.10 16.69 -83.20
N GLU FC 40 -13.50 16.90 -84.37
CA GLU FC 40 -13.37 18.24 -84.93
C GLU FC 40 -14.72 18.86 -85.24
N ASP FC 41 -15.71 18.03 -85.57
CA ASP FC 41 -17.05 18.52 -85.88
C ASP FC 41 -17.76 19.11 -84.67
N ILE FC 42 -17.39 18.73 -83.46
CA ILE FC 42 -17.80 19.49 -82.28
C ILE FC 42 -16.77 20.57 -81.95
N SER FC 43 -15.50 20.34 -82.27
CA SER FC 43 -14.45 21.29 -81.94
C SER FC 43 -14.71 22.65 -82.58
N VAL FC 44 -15.20 22.65 -83.82
CA VAL FC 44 -15.47 23.90 -84.53
C VAL FC 44 -16.49 24.75 -83.79
N LEU FC 45 -17.18 24.18 -82.79
CA LEU FC 45 -18.21 24.92 -82.06
C LEU FC 45 -17.63 25.78 -80.94
N VAL FC 46 -16.32 25.76 -80.74
CA VAL FC 46 -15.71 26.55 -79.67
C VAL FC 46 -15.78 28.03 -80.02
N ARG FC 47 -16.01 28.86 -79.00
CA ARG FC 47 -16.04 30.30 -79.23
C ARG FC 47 -14.89 31.02 -78.56
N THR FC 48 -14.73 30.86 -77.25
CA THR FC 48 -13.68 31.55 -76.51
C THR FC 48 -13.17 30.61 -75.43
N SER FC 49 -11.85 30.64 -75.20
CA SER FC 49 -11.20 29.68 -74.33
C SER FC 49 -10.19 30.42 -73.45
N GLN FC 50 -9.37 29.64 -72.75
CA GLN FC 50 -8.34 30.15 -71.86
C GLN FC 50 -6.98 29.55 -72.24
N ILE FC 51 -5.95 30.39 -72.16
CA ILE FC 51 -4.59 29.90 -72.40
C ILE FC 51 -4.22 28.90 -71.30
N PRO FC 52 -3.58 27.79 -71.65
CA PRO FC 52 -3.05 26.89 -70.61
C PRO FC 52 -1.88 27.55 -69.90
N GLU FC 53 -1.68 27.14 -68.66
CA GLU FC 53 -0.64 27.71 -67.82
C GLU FC 53 0.28 26.62 -67.30
N MET FC 54 1.57 26.94 -67.20
CA MET FC 54 2.55 26.07 -66.57
C MET FC 54 3.33 26.88 -65.55
N THR FC 55 3.35 26.41 -64.31
CA THR FC 55 3.98 27.14 -63.21
C THR FC 55 4.62 26.16 -62.24
N ARG FC 56 5.43 26.69 -61.34
CA ARG FC 56 6.15 25.91 -60.34
C ARG FC 56 5.84 26.42 -58.95
N GLU FC 57 5.60 25.49 -58.02
CA GLU FC 57 5.42 25.88 -56.64
C GLU FC 57 6.71 26.49 -56.09
N ASP FC 58 6.55 27.29 -55.04
CA ASP FC 58 7.65 27.99 -54.41
C ASP FC 58 7.63 27.72 -52.91
N VAL FC 59 8.80 27.51 -52.34
CA VAL FC 59 8.96 27.36 -50.90
C VAL FC 59 9.48 28.67 -50.35
N GLU FC 60 8.82 29.20 -49.34
CA GLU FC 60 9.13 30.49 -48.76
C GLU FC 60 9.79 30.28 -47.40
N ASP FC 61 11.12 30.20 -47.40
CA ASP FC 61 11.88 30.07 -46.17
C ASP FC 61 12.33 31.45 -45.71
N TYR FC 62 12.75 31.52 -44.46
CA TYR FC 62 13.24 32.75 -43.89
C TYR FC 62 14.68 32.56 -43.43
N GLY FC 63 15.48 33.61 -43.60
CA GLY FC 63 16.78 33.72 -42.99
C GLY FC 63 16.73 34.66 -41.81
N PRO FC 64 17.84 34.78 -41.11
CA PRO FC 64 17.84 35.37 -39.76
C PRO FC 64 17.45 36.85 -39.75
N ASN FC 65 17.10 37.32 -38.56
CA ASN FC 65 16.31 38.52 -38.28
C ASN FC 65 15.13 38.67 -39.25
N GLY FC 66 14.55 37.55 -39.66
CA GLY FC 66 13.30 37.57 -40.38
C GLY FC 66 13.38 37.89 -41.85
N VAL FC 67 14.57 37.86 -42.44
CA VAL FC 67 14.67 38.09 -43.88
C VAL FC 67 14.09 36.86 -44.54
N LYS FC 68 13.85 36.91 -45.85
CA LYS FC 68 13.19 35.78 -46.48
C LYS FC 68 14.01 35.33 -47.69
N PHE FC 69 13.57 34.22 -48.28
CA PHE FC 69 14.18 33.66 -49.47
C PHE FC 69 13.26 32.59 -50.01
N ASN FC 70 13.11 32.54 -51.33
CA ASN FC 70 12.20 31.59 -51.94
C ASN FC 70 12.97 30.60 -52.81
N GLN FC 71 12.43 29.40 -52.95
CA GLN FC 71 13.10 28.32 -53.66
C GLN FC 71 12.13 27.65 -54.62
N HIS FC 72 12.68 27.18 -55.74
CA HIS FC 72 11.89 26.49 -56.75
C HIS FC 72 11.33 25.19 -56.20
N GLY FC 73 10.27 24.71 -56.85
CA GLY FC 73 9.78 23.37 -56.61
C GLY FC 73 9.37 22.69 -57.89
N PRO FC 74 8.60 21.62 -57.77
CA PRO FC 74 8.04 20.98 -58.98
C PRO FC 74 7.07 21.88 -59.71
N ILE FC 75 6.45 21.35 -60.75
CA ILE FC 75 5.46 22.09 -61.54
C ILE FC 75 4.11 22.05 -60.84
N ARG FC 76 3.41 23.18 -60.81
CA ARG FC 76 1.96 23.14 -60.58
C ARG FC 76 1.32 22.76 -61.90
N ASN FC 77 1.03 21.47 -62.04
CA ASN FC 77 0.54 20.90 -63.29
C ASN FC 77 -0.96 21.06 -63.49
N SER FC 78 -1.68 21.51 -62.48
CA SER FC 78 -3.12 21.70 -62.61
C SER FC 78 -3.43 22.79 -63.62
N GLY FC 79 -4.60 22.70 -64.23
CA GLY FC 79 -5.05 23.80 -65.05
C GLY FC 79 -6.51 23.79 -65.40
N GLU FC 80 -7.15 24.94 -65.35
CA GLU FC 80 -8.57 25.07 -65.65
C GLU FC 80 -8.79 26.10 -66.75
N ILE FC 81 -9.66 25.75 -67.69
CA ILE FC 81 -10.02 26.61 -68.82
C ILE FC 81 -11.53 26.63 -68.96
N GLN FC 82 -12.09 27.82 -69.03
CA GLN FC 82 -13.49 27.98 -69.40
C GLN FC 82 -13.55 28.00 -70.92
N VAL FC 83 -14.41 27.15 -71.48
CA VAL FC 83 -14.61 27.08 -72.92
C VAL FC 83 -16.01 27.59 -73.24
N GLN FC 84 -16.12 28.34 -74.34
CA GLN FC 84 -17.37 28.94 -74.76
C GLN FC 84 -17.76 28.36 -76.10
N CYS FC 85 -19.05 28.07 -76.26
CA CYS FC 85 -19.57 27.44 -77.47
C CYS FC 85 -20.93 28.01 -77.80
N VAL FC 86 -21.36 27.78 -79.05
CA VAL FC 86 -22.67 28.16 -79.57
C VAL FC 86 -23.37 26.92 -80.07
N GLU FC 87 -24.62 26.72 -79.64
CA GLU FC 87 -25.34 25.50 -79.92
C GLU FC 87 -26.36 25.69 -81.04
N THR FC 88 -26.49 24.67 -81.87
CA THR FC 88 -27.37 24.63 -83.02
C THR FC 88 -28.62 23.79 -82.74
N ILE FC 89 -29.43 23.60 -83.78
CA ILE FC 89 -30.70 22.90 -83.63
C ILE FC 89 -30.47 21.45 -83.24
N GLU FC 90 -29.59 20.77 -83.97
CA GLU FC 90 -29.33 19.35 -83.72
C GLU FC 90 -28.63 19.11 -82.39
N GLY FC 91 -28.16 20.15 -81.72
CA GLY FC 91 -27.58 19.99 -80.41
C GLY FC 91 -26.31 19.16 -80.38
N ASP FC 92 -25.32 19.58 -81.19
CA ASP FC 92 -24.02 18.91 -81.14
C ASP FC 92 -23.43 18.99 -79.74
N ILE FC 93 -23.57 20.14 -79.09
CA ILE FC 93 -23.05 20.31 -77.73
C ILE FC 93 -23.75 19.35 -76.77
N LEU FC 94 -25.07 19.26 -76.86
CA LEU FC 94 -25.78 18.39 -75.93
C LEU FC 94 -25.45 16.93 -76.17
N GLN FC 95 -25.32 16.51 -77.43
CA GLN FC 95 -24.97 15.12 -77.66
C GLN FC 95 -23.54 14.83 -77.23
N PHE FC 96 -22.65 15.81 -77.35
CA PHE FC 96 -21.28 15.61 -76.88
C PHE FC 96 -21.26 15.47 -75.36
N ILE FC 97 -21.90 16.38 -74.64
CA ILE FC 97 -21.92 16.28 -73.19
C ILE FC 97 -22.59 14.97 -72.78
N LYS FC 98 -23.70 14.63 -73.44
CA LYS FC 98 -24.35 13.34 -73.35
C LYS FC 98 -23.34 12.20 -73.37
N ASP FC 99 -22.63 12.05 -74.49
CA ASP FC 99 -21.91 10.81 -74.68
C ASP FC 99 -20.62 10.76 -73.86
N ARG FC 100 -19.98 11.89 -73.57
CA ARG FC 100 -18.78 11.67 -72.75
C ARG FC 100 -19.13 11.59 -71.28
N ILE FC 101 -20.22 12.20 -70.83
CA ILE FC 101 -20.63 11.93 -69.45
C ILE FC 101 -21.17 10.52 -69.33
N ALA FC 102 -21.68 9.95 -70.42
CA ALA FC 102 -22.01 8.53 -70.39
C ALA FC 102 -20.74 7.69 -70.31
N ALA FC 103 -19.71 8.06 -71.09
CA ALA FC 103 -18.47 7.31 -71.10
C ALA FC 103 -17.78 7.37 -69.75
N LYS FC 104 -17.91 8.49 -69.03
CA LYS FC 104 -17.30 8.65 -67.72
C LYS FC 104 -15.78 8.52 -67.80
N ASP FC 105 -15.20 8.99 -68.89
CA ASP FC 105 -13.78 8.84 -69.17
C ASP FC 105 -13.12 10.22 -69.30
N TYR FC 106 -11.87 10.23 -69.75
CA TYR FC 106 -11.10 11.44 -69.92
C TYR FC 106 -11.06 11.86 -71.38
N VAL FC 107 -10.66 13.11 -71.61
CA VAL FC 107 -10.69 13.71 -72.93
C VAL FC 107 -9.32 14.32 -73.22
N ASP FC 108 -9.02 14.44 -74.51
CA ASP FC 108 -7.75 14.96 -74.98
C ASP FC 108 -7.99 16.16 -75.89
N ILE FC 109 -7.18 17.20 -75.70
CA ILE FC 109 -7.36 18.47 -76.37
C ILE FC 109 -6.01 18.89 -76.95
N THR FC 110 -6.04 19.72 -77.99
CA THR FC 110 -4.85 20.43 -78.40
C THR FC 110 -5.23 21.85 -78.82
N MET FC 111 -4.25 22.75 -78.72
CA MET FC 111 -4.50 24.18 -78.80
C MET FC 111 -3.28 24.84 -79.41
N ALA FC 112 -3.41 25.34 -80.64
CA ALA FC 112 -2.30 25.99 -81.31
C ALA FC 112 -2.82 27.18 -82.12
N ALA FC 113 -2.13 28.32 -82.01
CA ALA FC 113 -2.50 29.48 -82.80
C ALA FC 113 -2.05 29.29 -84.24
N THR FC 114 -2.97 29.51 -85.17
CA THR FC 114 -2.73 29.25 -86.60
C THR FC 114 -3.10 30.47 -87.43
N PRO FC 115 -2.18 31.39 -87.66
CA PRO FC 115 -2.48 32.54 -88.51
C PRO FC 115 -2.78 32.14 -89.94
N GLU FC 116 -3.74 32.84 -90.55
CA GLU FC 116 -4.12 32.53 -91.92
C GLU FC 116 -3.01 32.94 -92.88
N SER FC 117 -2.37 34.07 -92.63
CA SER FC 117 -1.33 34.56 -93.53
C SER FC 117 -0.16 33.58 -93.61
N LYS FC 118 0.29 33.08 -92.47
CA LYS FC 118 1.37 32.09 -92.47
C LYS FC 118 0.91 30.75 -92.99
N SER FC 119 -0.37 30.44 -92.86
CA SER FC 119 -0.88 29.14 -93.27
C SER FC 119 -0.69 28.93 -94.76
N SER FC 120 -0.31 27.71 -95.13
CA SER FC 120 -0.15 27.33 -96.52
C SER FC 120 -0.74 25.94 -96.71
N GLY FC 121 -0.71 25.45 -97.95
CA GLY FC 121 -1.27 24.15 -98.23
C GLY FC 121 -2.79 24.19 -98.26
N VAL FC 122 -3.38 22.99 -98.27
CA VAL FC 122 -4.83 22.89 -98.31
C VAL FC 122 -5.45 23.42 -97.02
N ASN FC 123 -4.77 23.22 -95.90
CA ASN FC 123 -5.25 23.64 -94.60
C ASN FC 123 -4.11 24.27 -93.82
N ALA FC 124 -4.45 25.00 -92.77
CA ALA FC 124 -3.46 25.72 -91.98
C ALA FC 124 -2.39 24.77 -91.45
N VAL FC 125 -1.14 25.10 -91.73
CA VAL FC 125 -0.01 24.30 -91.27
C VAL FC 125 0.41 24.77 -89.89
N THR FC 126 0.85 23.83 -89.07
CA THR FC 126 1.19 24.08 -87.68
C THR FC 126 2.60 23.55 -87.38
N LYS FC 127 3.24 24.15 -86.38
CA LYS FC 127 4.57 23.75 -85.95
C LYS FC 127 4.60 23.43 -84.45
N ALA FC 128 5.44 22.45 -84.11
CA ALA FC 128 5.51 21.96 -82.74
C ALA FC 128 5.92 23.03 -81.74
N ALA FC 129 6.55 24.11 -82.22
CA ALA FC 129 6.85 25.23 -81.33
C ALA FC 129 5.58 25.84 -80.78
N THR FC 130 4.55 25.99 -81.63
CA THR FC 130 3.31 26.63 -81.24
C THR FC 130 2.18 25.63 -81.01
N THR FC 131 2.45 24.33 -81.08
CA THR FC 131 1.44 23.33 -80.77
C THR FC 131 1.41 23.08 -79.27
N ILE FC 132 0.21 23.14 -78.70
CA ILE FC 132 -0.01 22.82 -77.30
C ILE FC 132 -1.20 21.87 -77.22
N GLU FC 133 -1.00 20.74 -76.54
CA GLU FC 133 -1.98 19.66 -76.50
C GLU FC 133 -2.33 19.34 -75.06
N MET FC 134 -3.62 19.22 -74.77
CA MET FC 134 -4.11 18.89 -73.42
C MET FC 134 -4.73 17.50 -73.44
N LEU FC 135 -4.07 16.54 -72.80
CA LEU FC 135 -4.58 15.18 -72.72
C LEU FC 135 -4.97 14.86 -71.28
N ASP FC 136 -5.69 13.75 -71.14
CA ASP FC 136 -6.14 13.25 -69.84
C ASP FC 136 -6.88 14.34 -69.07
N CYS FC 137 -7.85 14.94 -69.74
CA CYS FC 137 -8.55 16.10 -69.21
C CYS FC 137 -9.97 15.73 -68.80
N LYS FC 138 -10.48 16.46 -67.83
CA LYS FC 138 -11.86 16.30 -67.36
C LYS FC 138 -12.68 17.49 -67.85
N ILE FC 139 -13.71 17.20 -68.64
CA ILE FC 139 -14.60 18.22 -69.17
C ILE FC 139 -15.94 18.09 -68.47
N TYR FC 140 -16.40 19.17 -67.87
CA TYR FC 140 -17.69 19.19 -67.20
C TYR FC 140 -18.42 20.47 -67.58
N SER FC 141 -19.68 20.55 -67.16
CA SER FC 141 -20.52 21.68 -67.50
C SER FC 141 -20.61 22.64 -66.32
N ASP FC 142 -20.90 23.90 -66.63
CA ASP FC 142 -21.07 24.93 -65.62
C ASP FC 142 -22.39 25.67 -65.86
N ALA FC 143 -23.00 26.13 -64.78
CA ALA FC 143 -24.31 26.75 -64.86
C ALA FC 143 -24.19 28.10 -65.54
N ILE FC 144 -24.68 28.20 -66.77
CA ILE FC 144 -24.65 29.44 -67.55
C ILE FC 144 -26.08 29.85 -67.80
N ASP FC 145 -26.45 31.05 -67.33
CA ASP FC 145 -27.82 31.52 -67.49
C ASP FC 145 -28.05 31.97 -68.93
N PHE FC 146 -29.18 31.52 -69.48
CA PHE FC 146 -29.58 31.96 -70.82
C PHE FC 146 -30.56 33.10 -70.67
N SER FC 147 -30.21 34.26 -71.23
CA SER FC 147 -31.00 35.47 -71.10
C SER FC 147 -32.20 35.39 -72.04
N THR FC 148 -33.32 34.89 -71.51
CA THR FC 148 -34.52 34.81 -72.32
C THR FC 148 -35.13 36.18 -72.57
N GLU FC 149 -34.97 37.11 -71.61
CA GLU FC 149 -35.50 38.46 -71.78
C GLU FC 149 -34.86 39.16 -72.97
N ASP FC 150 -33.53 39.13 -73.04
CA ASP FC 150 -32.81 39.74 -74.15
C ASP FC 150 -32.78 38.73 -75.30
N VAL FC 151 -33.82 38.79 -76.15
CA VAL FC 151 -33.94 37.85 -77.24
C VAL FC 151 -32.81 38.02 -78.24
N THR FC 152 -32.22 39.22 -78.35
CA THR FC 152 -31.17 39.47 -79.33
C THR FC 152 -29.94 38.60 -79.10
N ALA FC 153 -29.83 38.01 -77.92
CA ALA FC 153 -28.74 37.10 -77.58
C ALA FC 153 -29.30 35.69 -77.49
N ALA FC 154 -28.67 34.77 -78.21
CA ALA FC 154 -29.13 33.40 -78.18
C ALA FC 154 -28.47 32.70 -77.01
N VAL FC 155 -28.74 31.40 -76.85
CA VAL FC 155 -28.21 30.69 -75.69
C VAL FC 155 -26.68 30.59 -75.77
N ARG FC 156 -26.02 30.58 -74.61
CA ARG FC 156 -24.59 30.84 -74.50
C ARG FC 156 -23.90 29.71 -73.75
N PRO FC 157 -23.83 28.52 -74.35
CA PRO FC 157 -23.26 27.38 -73.64
C PRO FC 157 -21.80 27.59 -73.30
N SER FC 158 -21.43 27.23 -72.08
CA SER FC 158 -20.06 27.21 -71.66
C SER FC 158 -19.81 25.93 -70.88
N LEU FC 159 -18.56 25.45 -70.95
CA LEU FC 159 -18.13 24.29 -70.19
C LEU FC 159 -16.81 24.62 -69.54
N ARG FC 160 -16.34 23.73 -68.67
CA ARG FC 160 -15.06 23.92 -68.03
C ARG FC 160 -14.22 22.65 -68.17
N ILE FC 161 -12.97 22.82 -68.57
CA ILE FC 161 -12.03 21.75 -68.79
C ILE FC 161 -10.87 21.89 -67.81
N VAL FC 162 -10.48 20.80 -67.19
CA VAL FC 162 -9.32 20.78 -66.31
C VAL FC 162 -8.33 19.75 -66.82
N TYR FC 163 -7.07 20.15 -66.95
CA TYR FC 163 -5.98 19.24 -67.27
C TYR FC 163 -5.11 19.02 -66.04
N ASN FC 164 -4.76 17.76 -65.81
CA ASN FC 164 -3.93 17.40 -64.68
C ASN FC 164 -2.48 17.80 -64.88
N TRP FC 165 -2.02 17.78 -66.13
CA TRP FC 165 -0.63 18.07 -66.43
C TRP FC 165 -0.54 18.90 -67.69
N ILE FC 166 0.47 19.78 -67.73
CA ILE FC 166 0.73 20.63 -68.88
C ILE FC 166 1.60 19.83 -69.86
N GLU FC 167 1.00 19.43 -70.98
CA GLU FC 167 1.73 18.66 -71.98
C GLU FC 167 2.51 19.63 -72.86
N TRP FC 168 3.82 19.55 -72.80
CA TRP FC 168 4.69 20.50 -73.50
C TRP FC 168 5.90 19.74 -74.02
N ASP FC 169 6.24 19.99 -75.27
CA ASP FC 169 7.38 19.31 -75.88
C ASP FC 169 8.69 19.98 -75.47
N GLY GC 2 -17.40 110.21 -85.32
CA GLY GC 2 -17.84 110.81 -84.07
C GLY GC 2 -16.71 111.04 -83.10
N HIS GC 3 -15.69 110.19 -83.17
CA HIS GC 3 -14.53 110.31 -82.30
C HIS GC 3 -13.62 111.44 -82.76
N ASN GC 4 -12.80 111.92 -81.82
CA ASN GC 4 -12.03 113.14 -82.06
C ASN GC 4 -10.98 112.93 -83.14
N ASN GC 5 -10.11 111.94 -82.96
CA ASN GC 5 -9.00 111.69 -83.87
C ASN GC 5 -9.30 110.46 -84.72
N THR GC 6 -9.29 110.66 -86.04
CA THR GC 6 -9.55 109.62 -87.02
C THR GC 6 -8.58 109.76 -88.19
N LYS GC 7 -7.31 109.96 -87.89
CA LYS GC 7 -6.30 110.14 -88.93
C LYS GC 7 -5.89 108.78 -89.50
N GLY GC 8 -4.86 108.78 -90.34
CA GLY GC 8 -4.36 107.55 -90.90
C GLY GC 8 -2.89 107.66 -91.22
N ASN GC 9 -2.34 106.58 -91.78
CA ASN GC 9 -0.96 106.56 -92.20
C ASN GC 9 -0.89 105.88 -93.56
N ARG GC 10 0.21 106.13 -94.27
CA ARG GC 10 0.32 105.73 -95.66
C ARG GC 10 0.99 104.36 -95.82
N LYS GC 11 2.23 104.24 -95.37
CA LYS GC 11 3.12 103.20 -95.85
C LYS GC 11 3.09 101.91 -95.04
N PHE GC 12 2.39 101.88 -93.90
CA PHE GC 12 2.35 100.66 -93.11
C PHE GC 12 1.67 99.54 -93.90
N ILE GC 13 0.51 99.86 -94.48
CA ILE GC 13 -0.22 98.89 -95.28
C ILE GC 13 0.57 98.50 -96.52
N LYS GC 14 1.26 99.46 -97.13
CA LYS GC 14 2.08 99.16 -98.30
C LYS GC 14 3.16 98.15 -97.94
N GLY GC 15 3.89 98.42 -96.87
CA GLY GC 15 4.99 97.54 -96.48
C GLY GC 15 4.50 96.16 -96.12
N ARG GC 16 3.41 96.07 -95.37
CA ARG GC 16 2.90 94.75 -95.01
C ARG GC 16 2.42 94.00 -96.24
N TYR GC 17 1.76 94.69 -97.18
CA TYR GC 17 1.29 94.00 -98.37
C TYR GC 17 2.44 93.47 -99.19
N THR GC 18 3.45 94.30 -99.43
CA THR GC 18 4.59 93.83 -100.20
C THR GC 18 5.36 92.74 -99.46
N ALA GC 19 5.39 92.80 -98.13
CA ALA GC 19 6.02 91.72 -97.37
C ALA GC 19 5.29 90.40 -97.61
N ASN GC 20 3.95 90.44 -97.56
CA ASN GC 20 3.18 89.24 -97.85
C ASN GC 20 3.41 88.77 -99.27
N ALA GC 21 3.47 89.70 -100.22
CA ALA GC 21 3.66 89.34 -101.62
C ALA GC 21 5.02 88.69 -101.84
N ALA GC 22 6.07 89.26 -101.27
CA ALA GC 22 7.41 88.71 -101.41
C ALA GC 22 7.66 87.50 -100.53
N LYS GC 23 6.74 87.19 -99.60
CA LYS GC 23 6.90 86.00 -98.79
C LYS GC 23 6.87 84.74 -99.63
N GLY GC 24 6.21 84.78 -100.78
CA GLY GC 24 6.18 83.65 -101.69
C GLY GC 24 4.92 83.65 -102.52
N GLU GC 25 4.98 82.92 -103.64
CA GLU GC 25 3.84 82.84 -104.54
C GLU GC 25 2.70 82.09 -103.87
N ARG GC 26 1.52 82.18 -104.48
CA ARG GC 26 0.29 81.66 -103.90
C ARG GC 26 -0.19 80.49 -104.75
N LEU GC 27 -0.51 79.37 -104.09
CA LEU GC 27 -1.02 78.20 -104.79
C LEU GC 27 -2.43 77.87 -104.31
N VAL GC 28 -3.23 77.31 -105.22
CA VAL GC 28 -4.59 76.91 -104.88
C VAL GC 28 -4.57 75.55 -104.21
N SER GC 29 -5.53 75.34 -103.31
CA SER GC 29 -5.70 74.02 -102.71
C SER GC 29 -6.08 72.98 -103.74
N SER GC 30 -6.65 73.41 -104.87
CA SER GC 30 -7.01 72.48 -105.93
C SER GC 30 -5.79 71.84 -106.59
N GLU GC 31 -4.62 72.46 -106.46
CA GLU GC 31 -3.40 71.93 -107.03
C GLU GC 31 -2.70 71.08 -105.98
N PHE GC 32 -2.42 69.84 -106.34
CA PHE GC 32 -1.74 68.86 -105.49
C PHE GC 32 -1.62 67.58 -106.29
N LEU GC 33 -0.76 66.67 -105.82
CA LEU GC 33 -0.47 65.45 -106.55
C LEU GC 33 -0.02 64.37 -105.59
N LEU GC 34 -0.56 63.17 -105.77
CA LEU GC 34 -0.25 62.02 -104.95
C LEU GC 34 0.19 60.87 -105.84
N THR GC 35 1.10 60.05 -105.31
CA THR GC 35 1.56 58.84 -105.99
C THR GC 35 1.72 57.72 -105.00
N PHE GC 36 1.34 56.51 -105.41
CA PHE GC 36 1.64 55.31 -104.63
C PHE GC 36 3.07 54.86 -104.90
N ALA GC 37 3.36 53.62 -104.52
CA ALA GC 37 4.62 52.96 -104.83
C ALA GC 37 4.40 52.18 -106.13
N GLY GC 38 4.76 52.79 -107.25
CA GLY GC 38 4.70 52.10 -108.51
C GLY GC 38 3.33 51.96 -109.13
N HIS GC 39 2.37 52.78 -108.74
CA HIS GC 39 1.02 52.71 -109.31
C HIS GC 39 0.52 54.11 -109.64
N GLU GC 40 1.39 54.91 -110.27
CA GLU GC 40 1.08 56.32 -110.49
C GLU GC 40 0.00 56.49 -111.54
N ASP GC 41 -0.03 55.62 -112.54
CA ASP GC 41 -1.12 55.63 -113.50
C ASP GC 41 -2.46 55.25 -112.87
N ILE GC 42 -2.44 54.63 -111.70
CA ILE GC 42 -3.67 54.57 -110.90
C ILE GC 42 -3.83 55.86 -110.10
N SER GC 43 -2.74 56.36 -109.53
CA SER GC 43 -2.83 57.50 -108.61
C SER GC 43 -3.39 58.73 -109.30
N VAL GC 44 -3.24 58.81 -110.62
CA VAL GC 44 -3.79 59.94 -111.37
C VAL GC 44 -5.29 60.08 -111.12
N LEU GC 45 -5.95 58.99 -110.73
CA LEU GC 45 -7.38 58.98 -110.48
C LEU GC 45 -7.79 59.81 -109.27
N VAL GC 46 -6.85 60.16 -108.39
CA VAL GC 46 -7.20 60.86 -107.16
C VAL GC 46 -7.91 62.18 -107.48
N ARG GC 47 -8.80 62.58 -106.57
CA ARG GC 47 -9.54 63.81 -106.82
C ARG GC 47 -9.44 64.84 -105.70
N THR GC 48 -9.52 64.43 -104.44
CA THR GC 48 -9.45 65.39 -103.34
C THR GC 48 -9.10 64.65 -102.07
N SER GC 49 -7.98 64.99 -101.45
CA SER GC 49 -7.48 64.25 -100.30
C SER GC 49 -7.50 65.10 -99.04
N GLN GC 50 -7.05 64.49 -97.95
CA GLN GC 50 -6.77 65.19 -96.70
C GLN GC 50 -5.26 65.33 -96.48
N ILE GC 51 -4.85 66.49 -95.97
CA ILE GC 51 -3.46 66.66 -95.56
C ILE GC 51 -3.18 65.79 -94.35
N PRO GC 52 -1.98 65.22 -94.22
CA PRO GC 52 -1.69 64.44 -93.01
C PRO GC 52 -1.57 65.33 -91.79
N GLU GC 53 -1.87 64.75 -90.63
CA GLU GC 53 -1.78 65.45 -89.37
C GLU GC 53 -0.46 65.16 -88.69
N MET GC 54 0.20 66.23 -88.22
CA MET GC 54 1.42 66.11 -87.44
C MET GC 54 1.20 66.71 -86.06
N THR GC 55 1.70 66.01 -85.05
CA THR GC 55 1.68 66.46 -83.66
C THR GC 55 2.35 65.37 -82.83
N ARG GC 56 2.61 65.68 -81.57
CA ARG GC 56 2.90 64.68 -80.56
C ARG GC 56 1.90 64.86 -79.44
N GLU GC 57 1.50 63.75 -78.82
CA GLU GC 57 0.48 63.83 -77.79
C GLU GC 57 1.00 64.63 -76.60
N ASP GC 58 0.07 65.10 -75.78
CA ASP GC 58 0.38 65.93 -74.64
C ASP GC 58 -0.03 65.22 -73.36
N VAL GC 59 0.93 64.96 -72.49
CA VAL GC 59 0.64 64.45 -71.16
C VAL GC 59 0.47 65.65 -70.26
N GLU GC 60 -0.72 65.80 -69.69
CA GLU GC 60 -1.05 66.99 -68.92
C GLU GC 60 -1.33 66.54 -67.50
N ASP GC 61 -0.64 67.14 -66.53
CA ASP GC 61 -0.83 66.79 -65.14
C ASP GC 61 -1.29 68.00 -64.35
N TYR GC 62 -1.64 67.76 -63.09
CA TYR GC 62 -1.92 68.82 -62.14
C TYR GC 62 -0.70 68.98 -61.25
N GLY GC 63 0.02 70.08 -61.43
CA GLY GC 63 1.22 70.33 -60.67
C GLY GC 63 0.89 70.66 -59.23
N PRO GC 64 1.86 71.27 -58.52
CA PRO GC 64 1.67 71.50 -57.08
C PRO GC 64 0.54 72.47 -56.78
N ASN GC 65 -0.30 72.07 -55.84
CA ASN GC 65 -1.19 72.92 -55.05
C ASN GC 65 -1.91 74.01 -55.85
N GLY GC 66 -2.51 73.66 -56.97
CA GLY GC 66 -3.35 74.62 -57.66
C GLY GC 66 -3.02 74.82 -59.13
N VAL GC 67 -1.75 74.73 -59.48
CA VAL GC 67 -1.35 74.85 -60.87
C VAL GC 67 -1.53 73.52 -61.58
N LYS GC 68 -1.73 73.57 -62.89
CA LYS GC 68 -1.99 72.34 -63.63
C LYS GC 68 -1.48 72.56 -65.06
N PHE GC 69 -0.45 71.79 -65.43
CA PHE GC 69 0.47 72.16 -66.50
C PHE GC 69 0.70 70.96 -67.42
N ASN GC 70 1.12 71.25 -68.65
CA ASN GC 70 1.17 70.26 -69.71
C ASN GC 70 2.60 70.01 -70.17
N GLN GC 71 2.82 68.84 -70.75
CA GLN GC 71 4.15 68.42 -71.16
C GLN GC 71 4.01 67.56 -72.42
N HIS GC 72 5.12 67.41 -73.13
CA HIS GC 72 5.10 66.67 -74.38
C HIS GC 72 4.89 65.18 -74.13
N GLY GC 73 4.77 64.43 -75.23
CA GLY GC 73 4.91 63.00 -75.20
C GLY GC 73 5.58 62.50 -76.46
N PRO GC 74 5.25 61.29 -76.87
CA PRO GC 74 5.79 60.74 -78.12
C PRO GC 74 5.00 61.25 -79.31
N ILE GC 75 5.54 60.98 -80.50
CA ILE GC 75 4.95 61.48 -81.73
C ILE GC 75 3.61 60.80 -81.98
N ARG GC 76 2.74 61.48 -82.72
CA ARG GC 76 1.46 60.92 -83.15
C ARG GC 76 1.71 60.04 -84.37
N ASN GC 77 2.10 58.80 -84.10
CA ASN GC 77 2.51 57.91 -85.18
C ASN GC 77 1.33 57.54 -86.07
N SER GC 78 0.16 57.28 -85.49
CA SER GC 78 -0.98 56.76 -86.22
C SER GC 78 -1.93 57.89 -86.59
N GLY GC 79 -2.55 57.77 -87.76
CA GLY GC 79 -3.50 58.77 -88.20
C GLY GC 79 -4.31 58.28 -89.37
N GLU GC 80 -5.43 58.96 -89.60
CA GLU GC 80 -6.39 58.59 -90.64
C GLU GC 80 -6.60 59.78 -91.57
N ILE GC 81 -6.62 59.51 -92.88
CA ILE GC 81 -6.77 60.51 -93.91
C ILE GC 81 -7.86 60.07 -94.88
N GLN GC 82 -8.76 60.98 -95.21
CA GLN GC 82 -9.88 60.69 -96.10
C GLN GC 82 -9.56 61.26 -97.48
N VAL GC 83 -9.85 60.47 -98.52
CA VAL GC 83 -9.69 60.89 -99.90
C VAL GC 83 -10.95 60.52 -100.67
N GLN GC 84 -11.39 61.41 -101.54
CA GLN GC 84 -12.45 61.12 -102.48
C GLN GC 84 -11.87 61.14 -103.89
N CYS GC 85 -12.37 60.24 -104.74
CA CYS GC 85 -11.83 60.06 -106.07
C CYS GC 85 -12.98 59.72 -107.00
N VAL GC 86 -12.65 59.18 -108.18
CA VAL GC 86 -13.65 58.86 -109.19
C VAL GC 86 -13.66 57.35 -109.45
N GLU GC 87 -14.74 56.88 -110.05
CA GLU GC 87 -14.89 55.47 -110.37
C GLU GC 87 -14.14 55.13 -111.65
N THR GC 88 -14.26 53.89 -112.08
CA THR GC 88 -13.65 53.45 -113.33
C THR GC 88 -14.52 52.38 -113.96
N ILE GC 89 -14.50 52.31 -115.30
CA ILE GC 89 -15.31 51.32 -115.99
C ILE GC 89 -14.56 50.00 -116.12
N GLU GC 90 -13.27 50.06 -116.45
CA GLU GC 90 -12.51 48.86 -116.75
C GLU GC 90 -12.05 48.11 -115.51
N GLY GC 91 -12.14 48.72 -114.33
CA GLY GC 91 -11.87 48.04 -113.11
C GLY GC 91 -10.52 48.29 -112.48
N ASP GC 92 -9.97 49.48 -112.62
CA ASP GC 92 -8.75 49.81 -111.90
C ASP GC 92 -8.98 49.76 -110.40
N ILE GC 93 -10.15 50.23 -109.94
CA ILE GC 93 -10.48 50.17 -108.52
C ILE GC 93 -10.58 48.71 -108.06
N LEU GC 94 -11.18 47.86 -108.89
CA LEU GC 94 -11.35 46.47 -108.44
C LEU GC 94 -10.03 45.72 -108.45
N GLN GC 95 -9.15 45.99 -109.42
CA GLN GC 95 -7.84 45.34 -109.37
C GLN GC 95 -7.00 45.90 -108.22
N PHE GC 96 -7.18 47.18 -107.89
CA PHE GC 96 -6.53 47.75 -106.72
C PHE GC 96 -6.98 47.07 -105.45
N ILE GC 97 -8.29 46.87 -105.29
CA ILE GC 97 -8.76 46.22 -104.08
C ILE GC 97 -8.36 44.74 -104.10
N LYS GC 98 -8.38 44.11 -105.28
CA LYS GC 98 -7.77 42.78 -105.46
C LYS GC 98 -6.38 42.68 -104.83
N ASP GC 99 -5.42 43.39 -105.41
CA ASP GC 99 -4.05 43.16 -104.98
C ASP GC 99 -3.80 43.71 -103.58
N ARG GC 100 -4.52 44.76 -103.18
CA ARG GC 100 -4.33 45.26 -101.82
C ARG GC 100 -4.87 44.27 -100.79
N ILE GC 101 -6.05 43.70 -101.02
CA ILE GC 101 -6.58 42.74 -100.06
C ILE GC 101 -5.75 41.47 -100.06
N ALA GC 102 -5.17 41.10 -101.22
CA ALA GC 102 -4.37 39.89 -101.27
C ALA GC 102 -3.06 40.07 -100.52
N ALA GC 103 -2.35 41.17 -100.78
CA ALA GC 103 -1.04 41.37 -100.16
C ALA GC 103 -1.14 41.79 -98.71
N LYS GC 104 -2.14 42.62 -98.36
CA LYS GC 104 -2.34 43.18 -97.03
C LYS GC 104 -1.03 43.65 -96.42
N ASP GC 105 -0.16 44.21 -97.25
CA ASP GC 105 1.14 44.68 -96.81
C ASP GC 105 1.06 46.16 -96.46
N TYR GC 106 2.20 46.78 -96.20
CA TYR GC 106 2.28 48.20 -95.91
C TYR GC 106 2.96 48.90 -97.07
N VAL GC 107 2.39 50.03 -97.48
CA VAL GC 107 2.85 50.73 -98.68
C VAL GC 107 3.23 52.15 -98.29
N ASP GC 108 3.89 52.83 -99.21
CA ASP GC 108 4.33 54.20 -99.01
C ASP GC 108 3.71 55.10 -100.07
N ILE GC 109 3.32 56.29 -99.64
CA ILE GC 109 2.58 57.24 -100.48
C ILE GC 109 3.28 58.59 -100.43
N THR GC 110 3.38 59.24 -101.58
CA THR GC 110 3.96 60.57 -101.69
C THR GC 110 2.87 61.58 -102.02
N MET GC 111 2.76 62.62 -101.21
CA MET GC 111 1.75 63.66 -101.37
C MET GC 111 2.47 64.99 -101.39
N ALA GC 112 2.26 65.77 -102.45
CA ALA GC 112 2.96 67.05 -102.55
C ALA GC 112 2.17 68.00 -103.43
N ALA GC 113 2.21 69.28 -103.07
CA ALA GC 113 1.65 70.34 -103.89
C ALA GC 113 2.79 70.92 -104.73
N THR GC 114 2.64 70.89 -106.05
CA THR GC 114 3.69 71.30 -106.97
C THR GC 114 3.14 72.35 -107.92
N PRO GC 115 3.35 73.63 -107.61
CA PRO GC 115 2.72 74.69 -108.40
C PRO GC 115 3.17 74.71 -109.85
N GLU GC 116 2.21 75.02 -110.72
CA GLU GC 116 2.49 75.07 -112.15
C GLU GC 116 3.37 76.24 -112.51
N SER GC 117 3.40 77.29 -111.68
CA SER GC 117 4.24 78.45 -111.99
C SER GC 117 5.71 78.06 -111.98
N LYS GC 118 6.14 77.28 -110.99
CA LYS GC 118 7.51 76.80 -110.96
C LYS GC 118 7.67 75.40 -111.54
N SER GC 119 6.59 74.78 -112.00
CA SER GC 119 6.72 73.50 -112.67
C SER GC 119 7.16 73.72 -114.11
N SER GC 120 8.11 72.90 -114.57
CA SER GC 120 8.62 73.07 -115.91
C SER GC 120 9.33 71.79 -116.32
N GLY GC 121 9.60 71.66 -117.60
CA GLY GC 121 10.35 70.54 -118.13
C GLY GC 121 9.43 69.48 -118.71
N VAL GC 122 9.65 68.23 -118.33
CA VAL GC 122 8.84 67.11 -118.81
C VAL GC 122 7.70 66.88 -117.83
N ASN GC 123 7.92 67.26 -116.58
CA ASN GC 123 6.93 67.08 -115.53
C ASN GC 123 7.04 68.24 -114.55
N ALA GC 124 6.08 68.33 -113.64
CA ALA GC 124 6.08 69.39 -112.65
C ALA GC 124 7.31 69.30 -111.77
N VAL GC 125 7.98 70.44 -111.57
CA VAL GC 125 9.20 70.49 -110.78
C VAL GC 125 8.82 70.49 -109.31
N THR GC 126 9.05 69.36 -108.64
CA THR GC 126 8.70 69.20 -107.24
C THR GC 126 9.96 69.24 -106.39
N LYS GC 127 9.92 70.01 -105.31
CA LYS GC 127 11.06 70.18 -104.42
C LYS GC 127 10.86 69.31 -103.19
N ALA GC 128 11.96 68.74 -102.69
CA ALA GC 128 11.89 67.64 -101.74
C ALA GC 128 11.21 68.04 -100.44
N ALA GC 129 11.52 69.23 -99.92
CA ALA GC 129 11.05 69.60 -98.60
C ALA GC 129 9.53 69.66 -98.54
N THR GC 130 8.90 70.20 -99.58
CA THR GC 130 7.46 70.39 -99.59
C THR GC 130 6.70 69.07 -99.82
N THR GC 131 7.43 67.95 -99.84
CA THR GC 131 6.83 66.65 -100.05
C THR GC 131 6.60 65.97 -98.72
N ILE GC 132 5.42 65.39 -98.54
CA ILE GC 132 5.09 64.61 -97.35
C ILE GC 132 5.00 63.15 -97.74
N GLU GC 133 5.54 62.29 -96.88
CA GLU GC 133 5.67 60.87 -97.16
C GLU GC 133 5.13 60.07 -95.98
N MET GC 134 4.29 59.09 -96.28
CA MET GC 134 3.64 58.25 -95.28
C MET GC 134 4.25 56.86 -95.26
N LEU GC 135 4.31 56.27 -94.07
CA LEU GC 135 4.84 54.94 -93.88
C LEU GC 135 3.76 54.03 -93.33
N ASP GC 136 3.81 52.76 -93.74
CA ASP GC 136 2.89 51.73 -93.24
C ASP GC 136 1.45 52.10 -93.55
N CYS GC 137 1.19 52.42 -94.82
CA CYS GC 137 -0.13 52.85 -95.23
C CYS GC 137 -1.09 51.68 -95.28
N LYS GC 138 -2.33 51.94 -94.86
CA LYS GC 138 -3.39 50.92 -94.84
C LYS GC 138 -4.61 51.50 -95.53
N ILE GC 139 -4.96 50.94 -96.68
CA ILE GC 139 -6.02 51.46 -97.54
C ILE GC 139 -7.29 50.69 -97.25
N TYR GC 140 -8.41 51.40 -97.12
CA TYR GC 140 -9.70 50.76 -96.96
C TYR GC 140 -10.77 51.60 -97.65
N SER GC 141 -11.86 50.94 -98.00
CA SER GC 141 -12.92 51.59 -98.76
C SER GC 141 -13.90 52.30 -97.82
N ASP GC 142 -14.79 53.10 -98.41
CA ASP GC 142 -15.90 53.69 -97.68
C ASP GC 142 -17.15 53.60 -98.53
N ALA GC 143 -18.28 53.35 -97.87
CA ALA GC 143 -19.56 53.28 -98.56
C ALA GC 143 -19.94 54.65 -99.12
N ILE GC 144 -20.52 54.65 -100.32
CA ILE GC 144 -20.80 55.88 -101.05
C ILE GC 144 -22.28 55.92 -101.41
N ASP GC 145 -22.96 56.95 -100.94
CA ASP GC 145 -24.38 57.18 -101.24
C ASP GC 145 -24.49 57.72 -102.65
N PHE GC 146 -24.64 56.83 -103.63
CA PHE GC 146 -24.78 57.25 -105.02
C PHE GC 146 -26.27 57.38 -105.34
N SER GC 147 -26.69 58.58 -105.68
CA SER GC 147 -28.09 58.81 -106.01
C SER GC 147 -28.33 58.55 -107.48
N THR GC 148 -29.61 58.46 -107.83
CA THR GC 148 -30.00 58.31 -109.22
C THR GC 148 -30.43 59.63 -109.85
N GLU GC 149 -30.92 60.57 -109.03
CA GLU GC 149 -31.33 61.87 -109.56
C GLU GC 149 -30.15 62.76 -109.93
N ASP GC 150 -28.94 62.44 -109.46
CA ASP GC 150 -27.77 63.29 -109.70
C ASP GC 150 -27.40 63.25 -111.18
N VAL GC 151 -28.18 63.99 -111.97
CA VAL GC 151 -28.08 63.96 -113.41
C VAL GC 151 -26.70 64.41 -113.90
N THR GC 152 -26.00 65.23 -113.13
CA THR GC 152 -24.68 65.69 -113.50
C THR GC 152 -23.59 65.15 -112.58
N ALA GC 153 -23.93 64.27 -111.65
CA ALA GC 153 -22.98 63.74 -110.69
C ALA GC 153 -22.89 62.23 -110.84
N ALA GC 154 -21.69 61.70 -110.63
CA ALA GC 154 -21.40 60.29 -110.73
C ALA GC 154 -20.98 59.76 -109.37
N VAL GC 155 -20.47 58.53 -109.36
CA VAL GC 155 -19.99 57.92 -108.12
C VAL GC 155 -18.75 58.65 -107.67
N ARG GC 156 -18.72 59.01 -106.39
CA ARG GC 156 -17.52 59.58 -105.78
C ARG GC 156 -17.00 58.60 -104.74
N PRO GC 157 -16.22 57.60 -105.14
CA PRO GC 157 -15.68 56.65 -104.16
C PRO GC 157 -14.79 57.33 -103.13
N SER GC 158 -14.85 56.83 -101.90
CA SER GC 158 -14.10 57.36 -100.79
C SER GC 158 -13.17 56.29 -100.25
N LEU GC 159 -11.91 56.67 -100.03
CA LEU GC 159 -10.90 55.78 -99.48
C LEU GC 159 -10.34 56.38 -98.21
N ARG GC 160 -10.28 55.56 -97.17
CA ARG GC 160 -9.68 55.96 -95.89
C ARG GC 160 -8.33 55.28 -95.78
N ILE GC 161 -7.29 56.08 -95.54
CA ILE GC 161 -5.92 55.61 -95.48
C ILE GC 161 -5.39 55.89 -94.08
N VAL GC 162 -4.91 54.85 -93.42
CA VAL GC 162 -4.33 54.97 -92.10
C VAL GC 162 -2.83 54.88 -92.22
N TYR GC 163 -2.14 55.93 -91.81
CA TYR GC 163 -0.68 55.94 -91.78
C TYR GC 163 -0.22 55.66 -90.37
N ASN GC 164 0.65 54.67 -90.21
CA ASN GC 164 1.19 54.33 -88.91
C ASN GC 164 2.53 55.00 -88.65
N TRP GC 165 3.01 55.82 -89.58
CA TRP GC 165 4.20 56.62 -89.36
C TRP GC 165 4.20 57.78 -90.35
N ILE GC 166 5.01 58.80 -90.03
CA ILE GC 166 5.10 60.00 -90.84
C ILE GC 166 6.57 60.31 -91.07
N GLU GC 167 6.91 60.67 -92.32
CA GLU GC 167 8.26 61.08 -92.69
C GLU GC 167 8.19 62.49 -93.26
N TRP GC 168 9.03 63.38 -92.75
CA TRP GC 168 9.12 64.75 -93.24
C TRP GC 168 10.31 65.44 -92.62
N ASP GC 169 11.11 66.08 -93.45
CA ASP GC 169 12.37 66.68 -93.04
C ASP GC 169 12.63 67.98 -93.79
N GLY HC 2 -51.94 103.18 -79.96
CA GLY HC 2 -53.14 102.76 -79.26
C GLY HC 2 -53.14 103.14 -77.80
N HIS HC 3 -51.95 103.17 -77.20
CA HIS HC 3 -51.81 103.54 -75.81
C HIS HC 3 -51.95 105.05 -75.63
N ASN HC 4 -52.26 105.44 -74.39
CA ASN HC 4 -52.64 106.82 -74.12
C ASN HC 4 -51.46 107.77 -74.31
N ASN HC 5 -50.37 107.51 -73.61
CA ASN HC 5 -49.20 108.38 -73.63
C ASN HC 5 -48.08 107.75 -74.47
N THR HC 6 -47.65 108.48 -75.49
CA THR HC 6 -46.58 108.06 -76.38
C THR HC 6 -45.67 109.23 -76.72
N LYS HC 7 -45.28 109.98 -75.68
CA LYS HC 7 -44.44 111.15 -75.88
C LYS HC 7 -42.99 110.71 -76.05
N GLY HC 8 -42.07 111.68 -76.04
CA GLY HC 8 -40.67 111.37 -76.19
C GLY HC 8 -39.82 112.41 -75.50
N ASN HC 9 -38.49 112.21 -75.60
CA ASN HC 9 -37.53 113.14 -75.06
C ASN HC 9 -36.40 113.30 -76.05
N ARG HC 10 -35.69 114.41 -75.95
CA ARG HC 10 -34.72 114.80 -76.97
C ARG HC 10 -33.31 114.34 -76.63
N LYS HC 11 -32.77 114.83 -75.51
CA LYS HC 11 -31.33 114.85 -75.30
C LYS HC 11 -30.78 113.59 -74.66
N PHE HC 12 -31.64 112.66 -74.21
CA PHE HC 12 -31.13 111.44 -73.60
C PHE HC 12 -30.34 110.63 -74.62
N ILE HC 13 -30.93 110.43 -75.80
CA ILE HC 13 -30.28 109.68 -76.86
C ILE HC 13 -29.02 110.41 -77.32
N LYS HC 14 -29.08 111.74 -77.40
CA LYS HC 14 -27.91 112.50 -77.81
C LYS HC 14 -26.76 112.29 -76.84
N GLY HC 15 -27.06 112.43 -75.54
CA GLY HC 15 -26.01 112.30 -74.54
C GLY HC 15 -25.40 110.91 -74.52
N ARG HC 16 -26.25 109.89 -74.57
CA ARG HC 16 -25.71 108.53 -74.57
C ARG HC 16 -24.88 108.27 -75.82
N TYR HC 17 -25.32 108.80 -76.97
CA TYR HC 17 -24.58 108.58 -78.20
C TYR HC 17 -23.21 109.24 -78.15
N THR HC 18 -23.16 110.51 -77.76
CA THR HC 18 -21.86 111.17 -77.66
C THR HC 18 -21.00 110.55 -76.58
N ALA HC 19 -21.61 110.02 -75.52
CA ALA HC 19 -20.84 109.31 -74.51
C ALA HC 19 -20.16 108.09 -75.12
N ASN HC 20 -20.92 107.32 -75.90
CA ASN HC 20 -20.33 106.17 -76.58
C ASN HC 20 -19.25 106.61 -77.55
N ALA HC 21 -19.49 107.70 -78.28
CA ALA HC 21 -18.51 108.18 -79.25
C ALA HC 21 -17.22 108.61 -78.58
N ALA HC 22 -17.32 109.34 -77.47
CA ALA HC 22 -16.15 109.80 -76.74
C ALA HC 22 -15.53 108.73 -75.87
N LYS HC 23 -16.19 107.59 -75.70
CA LYS HC 23 -15.59 106.50 -74.94
C LYS HC 23 -14.31 105.99 -75.60
N GLY HC 24 -14.18 106.14 -76.90
CA GLY HC 24 -12.98 105.75 -77.60
C GLY HC 24 -13.29 105.38 -79.04
N GLU HC 25 -12.23 105.40 -79.86
CA GLU HC 25 -12.38 105.07 -81.27
C GLU HC 25 -12.73 103.61 -81.45
N ARG HC 26 -13.17 103.25 -82.65
CA ARG HC 26 -13.69 101.93 -82.96
C ARG HC 26 -12.74 101.22 -83.89
N LEU HC 27 -12.37 99.99 -83.55
CA LEU HC 27 -11.48 99.20 -84.40
C LEU HC 27 -12.19 97.94 -84.88
N VAL HC 28 -11.82 97.50 -86.07
CA VAL HC 28 -12.39 96.30 -86.66
C VAL HC 28 -11.68 95.08 -86.08
N SER HC 29 -12.43 93.98 -85.96
CA SER HC 29 -11.82 92.71 -85.58
C SER HC 29 -10.82 92.23 -86.61
N SER HC 30 -10.94 92.69 -87.86
CA SER HC 30 -9.99 92.30 -88.89
C SER HC 30 -8.60 92.87 -88.64
N GLU HC 31 -8.48 93.91 -87.82
CA GLU HC 31 -7.20 94.51 -87.50
C GLU HC 31 -6.68 93.86 -86.22
N PHE HC 32 -5.46 93.33 -86.30
CA PHE HC 32 -4.76 92.69 -85.20
C PHE HC 32 -3.42 92.23 -85.73
N LEU HC 33 -2.51 91.90 -84.80
CA LEU HC 33 -1.14 91.55 -85.18
C LEU HC 33 -0.54 90.64 -84.11
N LEU HC 34 0.12 89.58 -84.58
CA LEU HC 34 0.76 88.61 -83.71
C LEU HC 34 2.22 88.46 -84.11
N THR HC 35 3.07 88.19 -83.12
CA THR HC 35 4.48 87.93 -83.35
C THR HC 35 4.95 86.81 -82.43
N PHE HC 36 5.80 85.93 -82.97
CA PHE HC 36 6.49 84.96 -82.14
C PHE HC 36 7.69 85.59 -81.46
N ALA HC 37 8.58 84.74 -80.95
CA ALA HC 37 9.86 85.16 -80.41
C ALA HC 37 10.88 85.05 -81.54
N GLY HC 38 11.12 86.17 -82.21
CA GLY HC 38 12.14 86.23 -83.23
C GLY HC 38 11.79 85.61 -84.57
N HIS HC 39 10.51 85.44 -84.88
CA HIS HC 39 10.09 84.87 -86.15
C HIS HC 39 8.96 85.69 -86.74
N GLU HC 40 9.11 87.01 -86.71
CA GLU HC 40 8.02 87.90 -87.11
C GLU HC 40 7.78 87.85 -88.61
N ASP HC 41 8.85 87.67 -89.40
CA ASP HC 41 8.67 87.47 -90.83
C ASP HC 41 7.97 86.16 -91.15
N ILE HC 42 7.93 85.21 -90.20
CA ILE HC 42 6.97 84.11 -90.33
C ILE HC 42 5.59 84.54 -89.84
N SER HC 43 5.55 85.28 -88.73
CA SER HC 43 4.28 85.63 -88.11
C SER HC 43 3.39 86.46 -89.00
N VAL HC 44 3.98 87.17 -89.96
CA VAL HC 44 3.20 87.96 -90.90
C VAL HC 44 2.21 87.08 -91.64
N LEU HC 45 2.48 85.78 -91.72
CA LEU HC 45 1.61 84.84 -92.42
C LEU HC 45 0.27 84.63 -91.73
N VAL HC 46 0.12 85.05 -90.47
CA VAL HC 46 -1.10 84.78 -89.73
C VAL HC 46 -2.30 85.40 -90.44
N ARG HC 47 -3.47 84.76 -90.29
CA ARG HC 47 -4.64 85.28 -90.97
C ARG HC 47 -5.83 85.55 -90.06
N THR HC 48 -6.13 84.67 -89.10
CA THR HC 48 -7.27 84.88 -88.22
C THR HC 48 -7.12 84.00 -87.00
N SER HC 49 -7.02 84.60 -85.82
CA SER HC 49 -6.73 83.87 -84.60
C SER HC 49 -7.92 83.91 -83.64
N GLN HC 50 -7.71 83.30 -82.48
CA GLN HC 50 -8.61 83.39 -81.34
C GLN HC 50 -8.02 84.27 -80.25
N ILE HC 51 -8.87 85.07 -79.62
CA ILE HC 51 -8.43 85.82 -78.43
C ILE HC 51 -8.18 84.84 -77.29
N PRO HC 52 -7.20 85.08 -76.44
CA PRO HC 52 -7.00 84.18 -75.30
C PRO HC 52 -8.12 84.32 -74.29
N GLU HC 53 -8.35 83.25 -73.55
CA GLU HC 53 -9.38 83.22 -72.51
C GLU HC 53 -8.77 83.50 -71.15
N MET HC 54 -9.39 84.39 -70.40
CA MET HC 54 -8.99 84.68 -69.03
C MET HC 54 -10.15 84.39 -68.10
N THR HC 55 -9.83 83.74 -66.97
CA THR HC 55 -10.77 83.41 -65.91
C THR HC 55 -9.98 82.68 -64.82
N ARG HC 56 -10.63 82.49 -63.68
CA ARG HC 56 -10.19 81.53 -62.69
C ARG HC 56 -11.34 80.58 -62.44
N GLU HC 57 -11.02 79.31 -62.18
CA GLU HC 57 -12.07 78.33 -62.00
C GLU HC 57 -12.90 78.65 -60.77
N ASP HC 58 -14.09 78.07 -60.72
CA ASP HC 58 -15.03 78.32 -59.64
C ASP HC 58 -15.29 77.03 -58.89
N VAL HC 59 -14.97 77.03 -57.60
CA VAL HC 59 -15.34 75.93 -56.72
C VAL HC 59 -16.70 76.25 -56.15
N GLU HC 60 -17.68 75.41 -56.43
CA GLU HC 60 -19.06 75.70 -56.06
C GLU HC 60 -19.51 74.60 -55.11
N ASP HC 61 -20.01 74.99 -53.94
CA ASP HC 61 -20.45 74.02 -52.95
C ASP HC 61 -21.92 74.22 -52.64
N TYR HC 62 -22.48 73.28 -51.90
CA TYR HC 62 -23.82 73.40 -51.35
C TYR HC 62 -23.67 73.85 -49.90
N GLY HC 63 -24.02 75.10 -49.62
CA GLY HC 63 -23.89 75.64 -48.30
C GLY HC 63 -24.94 75.06 -47.37
N PRO HC 64 -25.16 75.71 -46.23
CA PRO HC 64 -26.08 75.15 -45.23
C PRO HC 64 -27.51 75.08 -45.73
N ASN HC 65 -28.17 73.97 -45.39
CA ASN HC 65 -29.62 73.81 -45.30
C ASN HC 65 -30.38 74.44 -46.47
N GLY HC 66 -29.93 74.21 -47.69
CA GLY HC 66 -30.72 74.64 -48.83
C GLY HC 66 -30.01 75.56 -49.79
N VAL HC 67 -29.17 76.45 -49.26
CA VAL HC 67 -28.44 77.38 -50.11
C VAL HC 67 -27.27 76.65 -50.76
N LYS HC 68 -26.82 77.17 -51.90
CA LYS HC 68 -25.75 76.50 -52.63
C LYS HC 68 -25.00 77.57 -53.42
N PHE HC 69 -23.74 77.80 -53.07
CA PHE HC 69 -23.07 79.06 -53.33
C PHE HC 69 -21.67 78.78 -53.88
N ASN HC 70 -21.13 79.76 -54.61
CA ASN HC 70 -19.92 79.59 -55.41
C ASN HC 70 -18.78 80.43 -54.86
N GLN HC 71 -17.56 80.03 -55.20
CA GLN HC 71 -16.37 80.68 -54.67
C GLN HC 71 -15.26 80.57 -55.70
N HIS HC 72 -14.25 81.41 -55.56
CA HIS HC 72 -13.16 81.45 -56.52
C HIS HC 72 -12.31 80.19 -56.43
N GLY HC 73 -11.35 80.09 -57.35
CA GLY HC 73 -10.25 79.18 -57.21
C GLY HC 73 -8.98 79.78 -57.77
N PRO HC 74 -8.09 78.93 -58.28
CA PRO HC 74 -6.87 79.42 -58.91
C PRO HC 74 -7.13 79.84 -60.35
N ILE HC 75 -6.13 80.49 -60.93
CA ILE HC 75 -6.27 81.04 -62.27
C ILE HC 75 -6.37 79.89 -63.28
N ARG HC 76 -7.00 80.19 -64.42
CA ARG HC 76 -7.09 79.26 -65.54
C ARG HC 76 -5.78 79.33 -66.33
N ASN HC 77 -4.78 78.58 -65.83
CA ASN HC 77 -3.45 78.67 -66.42
C ASN HC 77 -3.42 78.14 -67.84
N SER HC 78 -4.09 77.03 -68.10
CA SER HC 78 -4.02 76.35 -69.38
C SER HC 78 -5.19 76.72 -70.28
N GLY HC 79 -4.91 76.81 -71.57
CA GLY HC 79 -5.94 77.13 -72.53
C GLY HC 79 -5.49 76.84 -73.95
N GLU HC 80 -6.48 76.75 -74.83
CA GLU HC 80 -6.28 76.41 -76.23
C GLU HC 80 -6.83 77.51 -77.13
N ILE HC 81 -6.06 77.88 -78.14
CA ILE HC 81 -6.42 78.95 -79.07
C ILE HC 81 -6.25 78.43 -80.49
N GLN HC 82 -7.25 78.69 -81.33
CA GLN HC 82 -7.23 78.24 -82.71
C GLN HC 82 -6.88 79.42 -83.60
N VAL HC 83 -6.00 79.17 -84.59
CA VAL HC 83 -5.67 80.17 -85.60
C VAL HC 83 -5.71 79.51 -86.97
N GLN HC 84 -6.20 80.24 -87.96
CA GLN HC 84 -6.13 79.84 -89.35
C GLN HC 84 -5.21 80.81 -90.08
N CYS HC 85 -4.46 80.29 -91.04
CA CYS HC 85 -3.44 81.06 -91.73
C CYS HC 85 -3.41 80.59 -93.19
N VAL HC 86 -2.33 80.92 -93.89
CA VAL HC 86 -2.18 80.56 -95.29
C VAL HC 86 -0.98 79.63 -95.46
N GLU HC 87 -0.95 78.95 -96.60
CA GLU HC 87 0.14 78.02 -96.91
C GLU HC 87 1.35 78.79 -97.44
N THR HC 88 2.38 78.06 -97.83
CA THR HC 88 3.57 78.66 -98.42
C THR HC 88 4.15 77.69 -99.44
N ILE HC 89 4.80 78.26 -100.46
CA ILE HC 89 5.39 77.41 -101.49
C ILE HC 89 6.81 76.99 -101.10
N GLU HC 90 7.59 77.93 -100.55
CA GLU HC 90 9.00 77.67 -100.30
C GLU HC 90 9.24 76.87 -99.03
N GLY HC 91 8.23 76.71 -98.17
CA GLY HC 91 8.33 75.85 -97.03
C GLY HC 91 8.60 76.52 -95.70
N ASP HC 92 8.08 77.73 -95.48
CA ASP HC 92 8.18 78.33 -94.16
C ASP HC 92 7.45 77.49 -93.13
N ILE HC 93 6.29 76.94 -93.51
CA ILE HC 93 5.56 76.08 -92.59
C ILE HC 93 6.35 74.82 -92.27
N LEU HC 94 7.05 74.27 -93.26
CA LEU HC 94 7.76 73.02 -93.00
C LEU HC 94 9.04 73.26 -92.21
N GLN HC 95 9.74 74.37 -92.45
CA GLN HC 95 10.86 74.68 -91.58
C GLN HC 95 10.38 75.02 -90.17
N PHE HC 96 9.19 75.58 -90.05
CA PHE HC 96 8.60 75.86 -88.75
C PHE HC 96 8.31 74.57 -88.00
N ILE HC 97 7.71 73.60 -88.67
CA ILE HC 97 7.46 72.33 -88.01
C ILE HC 97 8.78 71.62 -87.72
N LYS HC 98 9.75 71.73 -88.64
CA LYS HC 98 11.12 71.27 -88.37
C LYS HC 98 11.62 71.75 -87.02
N ASP HC 99 11.81 73.06 -86.88
CA ASP HC 99 12.48 73.53 -85.68
C ASP HC 99 11.60 73.38 -84.45
N ARG HC 100 10.27 73.52 -84.61
CA ARG HC 100 9.40 73.37 -83.45
C ARG HC 100 9.39 71.93 -82.94
N ILE HC 101 9.30 70.95 -83.85
CA ILE HC 101 9.29 69.57 -83.39
C ILE HC 101 10.66 69.20 -82.83
N ALA HC 102 11.74 69.77 -83.38
CA ALA HC 102 13.06 69.41 -82.89
C ALA HC 102 13.29 69.97 -81.49
N ALA HC 103 12.99 71.25 -81.29
CA ALA HC 103 13.26 71.87 -80.00
C ALA HC 103 12.25 71.47 -78.93
N LYS HC 104 10.98 71.30 -79.32
CA LYS HC 104 9.87 70.98 -78.42
C LYS HC 104 9.95 71.80 -77.13
N ASP HC 105 10.38 73.05 -77.26
CA ASP HC 105 10.53 73.93 -76.11
C ASP HC 105 9.25 74.74 -75.92
N TYR HC 106 9.30 75.71 -75.02
CA TYR HC 106 8.17 76.60 -74.77
C TYR HC 106 8.54 77.99 -75.28
N VAL HC 107 7.59 78.62 -75.97
CA VAL HC 107 7.85 79.88 -76.64
C VAL HC 107 6.85 80.91 -76.13
N ASP HC 108 7.11 82.17 -76.46
CA ASP HC 108 6.27 83.28 -76.05
C ASP HC 108 5.74 84.01 -77.29
N ILE HC 109 4.48 84.40 -77.23
CA ILE HC 109 3.77 85.00 -78.35
C ILE HC 109 3.14 86.30 -77.91
N THR HC 110 3.22 87.32 -78.77
CA THR HC 110 2.61 88.62 -78.51
C THR HC 110 1.46 88.82 -79.48
N MET HC 111 0.29 89.11 -78.94
CA MET HC 111 -0.94 89.32 -79.70
C MET HC 111 -1.51 90.66 -79.29
N ALA HC 112 -1.74 91.54 -80.27
CA ALA HC 112 -2.25 92.86 -79.94
C ALA HC 112 -2.98 93.44 -81.14
N ALA HC 113 -4.04 94.17 -80.86
CA ALA HC 113 -4.75 94.95 -81.86
C ALA HC 113 -4.21 96.37 -81.83
N THR HC 114 -3.69 96.84 -82.95
CA THR HC 114 -3.01 98.13 -83.03
C THR HC 114 -3.66 98.97 -84.11
N PRO HC 115 -4.58 99.86 -83.74
CA PRO HC 115 -5.36 100.57 -84.76
C PRO HC 115 -4.50 101.44 -85.67
N GLU HC 116 -4.89 101.47 -86.94
CA GLU HC 116 -4.18 102.27 -87.93
C GLU HC 116 -4.37 103.75 -87.68
N SER HC 117 -5.47 104.15 -87.03
CA SER HC 117 -5.71 105.56 -86.78
C SER HC 117 -4.65 106.14 -85.85
N LYS HC 118 -4.30 105.40 -84.80
CA LYS HC 118 -3.25 105.87 -83.89
C LYS HC 118 -1.89 105.29 -84.23
N SER HC 119 -1.80 104.43 -85.24
CA SER HC 119 -0.52 103.92 -85.67
C SER HC 119 0.19 104.96 -86.53
N SER HC 120 1.48 105.15 -86.28
CA SER HC 120 2.23 106.16 -87.02
C SER HC 120 3.71 105.87 -86.86
N GLY HC 121 4.50 106.49 -87.71
CA GLY HC 121 5.95 106.38 -87.64
C GLY HC 121 6.49 105.38 -88.65
N VAL HC 122 7.35 104.48 -88.17
CA VAL HC 122 7.95 103.46 -89.04
C VAL HC 122 7.08 102.22 -88.97
N ASN HC 123 6.37 102.04 -87.87
CA ASN HC 123 5.52 100.89 -87.65
C ASN HC 123 4.31 101.32 -86.83
N ALA HC 124 3.34 100.43 -86.73
CA ALA HC 124 2.13 100.71 -85.98
C ALA HC 124 2.45 100.99 -84.52
N VAL HC 125 1.88 102.07 -83.98
CA VAL HC 125 2.13 102.46 -82.60
C VAL HC 125 1.30 101.55 -81.70
N THR HC 126 1.95 100.65 -80.99
CA THR HC 126 1.29 99.71 -80.09
C THR HC 126 1.55 100.11 -78.65
N LYS HC 127 0.49 100.14 -77.85
CA LYS HC 127 0.59 100.52 -76.45
C LYS HC 127 0.57 99.27 -75.58
N ALA HC 128 1.36 99.30 -74.50
CA ALA HC 128 1.70 98.07 -73.79
C ALA HC 128 0.48 97.39 -73.19
N ALA HC 129 -0.44 98.16 -72.62
CA ALA HC 129 -1.54 97.55 -71.87
C ALA HC 129 -2.42 96.69 -72.77
N THR HC 130 -2.68 97.15 -73.99
CA THR HC 130 -3.58 96.45 -74.90
C THR HC 130 -2.93 95.21 -75.52
N THR HC 131 -1.72 94.87 -75.08
CA THR HC 131 -1.01 93.71 -75.60
C THR HC 131 -1.21 92.52 -74.67
N ILE HC 132 -1.52 91.37 -75.25
CA ILE HC 132 -1.66 90.12 -74.52
C ILE HC 132 -0.44 89.26 -74.83
N GLU HC 133 0.07 88.58 -73.80
CA GLU HC 133 1.30 87.82 -73.92
C GLU HC 133 1.09 86.44 -73.31
N MET HC 134 1.48 85.41 -74.04
CA MET HC 134 1.32 84.02 -73.64
C MET HC 134 2.65 83.40 -73.23
N LEU HC 135 2.59 82.52 -72.24
CA LEU HC 135 3.76 81.81 -71.74
C LEU HC 135 3.59 80.32 -71.96
N ASP HC 136 4.73 79.66 -72.23
CA ASP HC 136 4.77 78.20 -72.38
C ASP HC 136 3.87 77.76 -73.53
N CYS HC 137 4.06 78.39 -74.68
CA CYS HC 137 3.22 78.11 -75.84
C CYS HC 137 3.59 76.76 -76.45
N LYS HC 138 2.56 76.02 -76.89
CA LYS HC 138 2.72 74.72 -77.50
C LYS HC 138 1.96 74.71 -78.81
N ILE HC 139 2.69 74.63 -79.92
CA ILE HC 139 2.12 74.75 -81.26
C ILE HC 139 1.88 73.35 -81.81
N TYR HC 140 0.71 73.14 -82.42
CA TYR HC 140 0.42 71.88 -83.08
C TYR HC 140 -0.45 72.14 -84.29
N SER HC 141 -0.41 71.21 -85.24
CA SER HC 141 -1.11 71.38 -86.51
C SER HC 141 -2.55 70.88 -86.41
N ASP HC 142 -3.32 71.18 -87.45
CA ASP HC 142 -4.66 70.63 -87.59
C ASP HC 142 -4.90 70.24 -89.05
N ALA HC 143 -5.59 69.12 -89.25
CA ALA HC 143 -5.91 68.66 -90.59
C ALA HC 143 -6.88 69.63 -91.26
N ILE HC 144 -6.68 69.87 -92.55
CA ILE HC 144 -7.41 70.89 -93.31
C ILE HC 144 -8.07 70.25 -94.52
N ASP HC 145 -9.40 70.29 -94.56
CA ASP HC 145 -10.17 69.76 -95.68
C ASP HC 145 -9.98 70.69 -96.87
N PHE HC 146 -8.98 70.40 -97.70
CA PHE HC 146 -8.74 71.21 -98.88
C PHE HC 146 -9.48 70.56 -100.06
N SER HC 147 -10.43 71.29 -100.63
CA SER HC 147 -11.18 70.77 -101.74
C SER HC 147 -10.47 71.10 -103.04
N THR HC 148 -10.92 70.45 -104.12
CA THR HC 148 -10.42 70.73 -105.45
C THR HC 148 -11.33 71.66 -106.23
N GLU HC 149 -12.63 71.68 -105.90
CA GLU HC 149 -13.57 72.57 -106.59
C GLU HC 149 -13.41 74.03 -106.16
N ASP HC 150 -12.75 74.29 -105.05
CA ASP HC 150 -12.63 75.65 -104.52
C ASP HC 150 -11.75 76.49 -105.44
N VAL HC 151 -12.35 76.90 -106.56
CA VAL HC 151 -11.62 77.58 -107.62
C VAL HC 151 -11.00 78.89 -107.16
N THR HC 152 -11.58 79.53 -106.13
CA THR HC 152 -11.06 80.79 -105.61
C THR HC 152 -10.53 80.65 -104.20
N ALA HC 153 -10.50 79.44 -103.65
CA ALA HC 153 -10.03 79.22 -102.30
C ALA HC 153 -8.83 78.28 -102.31
N ALA HC 154 -7.88 78.56 -101.43
CA ALA HC 154 -6.67 77.78 -101.30
C ALA HC 154 -6.63 77.12 -99.92
N VAL HC 155 -5.50 76.49 -99.61
CA VAL HC 155 -5.36 75.78 -98.35
C VAL HC 155 -5.41 76.76 -97.19
N ARG HC 156 -6.24 76.44 -96.20
CA ARG HC 156 -6.33 77.26 -95.01
C ARG HC 156 -5.77 76.50 -93.82
N PRO HC 157 -4.45 76.44 -93.66
CA PRO HC 157 -3.89 75.66 -92.56
C PRO HC 157 -4.34 76.18 -91.21
N SER HC 158 -4.56 75.26 -90.28
CA SER HC 158 -5.02 75.57 -88.94
C SER HC 158 -3.97 75.14 -87.92
N LEU HC 159 -3.69 76.01 -86.98
CA LEU HC 159 -2.74 75.74 -85.91
C LEU HC 159 -3.44 75.92 -84.57
N ARG HC 160 -3.28 74.94 -83.69
CA ARG HC 160 -3.80 75.00 -82.33
C ARG HC 160 -2.64 75.26 -81.38
N ILE HC 161 -2.78 76.31 -80.58
CA ILE HC 161 -1.74 76.75 -79.68
C ILE HC 161 -2.27 76.64 -78.25
N VAL HC 162 -1.54 75.92 -77.42
CA VAL HC 162 -1.91 75.77 -76.02
C VAL HC 162 -0.99 76.63 -75.18
N TYR HC 163 -1.56 77.56 -74.44
CA TYR HC 163 -0.82 78.39 -73.51
C TYR HC 163 -1.00 77.84 -72.11
N ASN HC 164 0.13 77.59 -71.44
CA ASN HC 164 0.10 77.09 -70.07
C ASN HC 164 0.22 78.21 -69.05
N TRP HC 165 0.30 79.46 -69.50
CA TRP HC 165 0.24 80.59 -68.59
C TRP HC 165 -0.15 81.83 -69.38
N ILE HC 166 -0.61 82.86 -68.67
CA ILE HC 166 -1.06 84.11 -69.26
C ILE HC 166 -0.38 85.27 -68.56
N GLU HC 167 0.19 86.18 -69.35
CA GLU HC 167 0.79 87.41 -68.85
C GLU HC 167 0.03 88.59 -69.44
N TRP HC 168 -0.34 89.53 -68.58
CA TRP HC 168 -1.16 90.65 -68.97
C TRP HC 168 -1.36 91.53 -67.74
N ASP HC 169 -1.20 92.84 -67.91
CA ASP HC 169 -1.22 93.76 -66.79
C ASP HC 169 -1.71 95.15 -67.16
N GLY IC 2 -67.43 75.98 -97.03
CA GLY IC 2 -68.10 74.71 -97.24
C GLY IC 2 -69.01 74.33 -96.09
N HIS IC 3 -68.66 74.77 -94.89
CA HIS IC 3 -69.46 74.49 -93.72
C HIS IC 3 -70.71 75.36 -93.69
N ASN IC 4 -71.71 74.91 -92.92
CA ASN IC 4 -73.03 75.53 -92.96
C ASN IC 4 -72.99 76.94 -92.39
N ASN IC 5 -72.56 77.09 -91.15
CA ASN IC 5 -72.56 78.38 -90.47
C ASN IC 5 -71.15 78.95 -90.42
N THR IC 6 -70.99 80.15 -90.97
CA THR IC 6 -69.72 80.86 -91.02
C THR IC 6 -69.94 82.34 -90.74
N LYS IC 7 -70.72 82.62 -89.70
CA LYS IC 7 -71.01 84.01 -89.34
C LYS IC 7 -69.84 84.60 -88.57
N GLY IC 8 -70.03 85.81 -88.03
CA GLY IC 8 -69.00 86.45 -87.25
C GLY IC 8 -69.62 87.36 -86.21
N ASN IC 9 -68.75 88.03 -85.47
CA ASN IC 9 -69.18 89.01 -84.49
C ASN IC 9 -68.28 90.23 -84.58
N ARG IC 10 -68.78 91.35 -84.06
CA ARG IC 10 -68.13 92.64 -84.27
C ARG IC 10 -67.19 92.99 -83.13
N LYS IC 11 -67.72 93.13 -81.92
CA LYS IC 11 -67.06 93.88 -80.86
C LYS IC 11 -66.13 93.06 -79.98
N PHE IC 12 -66.11 91.73 -80.13
CA PHE IC 12 -65.22 90.92 -79.30
C PHE IC 12 -63.76 91.27 -79.59
N ILE IC 13 -63.42 91.33 -80.88
CA ILE IC 13 -62.06 91.67 -81.28
C ILE IC 13 -61.72 93.09 -80.87
N LYS IC 14 -62.68 94.01 -81.01
CA LYS IC 14 -62.44 95.39 -80.63
C LYS IC 14 -62.13 95.48 -79.14
N GLY IC 15 -62.93 94.81 -78.31
CA GLY IC 15 -62.73 94.88 -76.88
C GLY IC 15 -61.41 94.26 -76.46
N ARG IC 16 -61.09 93.10 -77.01
CA ARG IC 16 -59.82 92.48 -76.63
C ARG IC 16 -58.63 93.31 -77.09
N TYR IC 17 -58.71 93.90 -78.29
CA TYR IC 17 -57.62 94.74 -78.78
C TYR IC 17 -57.44 95.97 -77.92
N THR IC 18 -58.53 96.66 -77.60
CA THR IC 18 -58.42 97.83 -76.74
C THR IC 18 -57.93 97.45 -75.35
N ALA IC 19 -58.32 96.28 -74.85
CA ALA IC 19 -57.82 95.83 -73.56
C ALA IC 19 -56.31 95.64 -73.61
N ASN IC 20 -55.82 95.01 -74.68
CA ASN IC 20 -54.38 94.86 -74.83
C ASN IC 20 -53.69 96.21 -74.94
N ALA IC 21 -54.29 97.14 -75.67
CA ALA IC 21 -53.70 98.46 -75.84
C ALA IC 21 -53.62 99.20 -74.51
N ALA IC 22 -54.69 99.15 -73.72
CA ALA IC 22 -54.74 99.84 -72.44
C ALA IC 22 -54.00 99.08 -71.35
N LYS IC 23 -53.59 97.84 -71.61
CA LYS IC 23 -52.82 97.11 -70.60
C LYS IC 23 -51.48 97.78 -70.31
N GLY IC 24 -50.96 98.54 -71.26
CA GLY IC 24 -49.73 99.27 -71.06
C GLY IC 24 -49.00 99.47 -72.37
N GLU IC 25 -48.09 100.45 -72.36
CA GLU IC 25 -47.32 100.76 -73.55
C GLU IC 25 -46.36 99.61 -73.87
N ARG IC 26 -45.82 99.65 -75.08
CA ARG IC 26 -45.01 98.55 -75.60
C ARG IC 26 -43.57 99.03 -75.74
N LEU IC 27 -42.62 98.24 -75.24
CA LEU IC 27 -41.21 98.59 -75.32
C LEU IC 27 -40.46 97.54 -76.12
N VAL IC 28 -39.42 97.98 -76.81
CA VAL IC 28 -38.57 97.08 -77.60
C VAL IC 28 -37.56 96.42 -76.68
N SER IC 29 -37.21 95.17 -77.02
CA SER IC 29 -36.13 94.49 -76.32
C SER IC 29 -34.80 95.21 -76.49
N SER IC 30 -34.65 96.00 -77.56
CA SER IC 30 -33.43 96.74 -77.78
C SER IC 30 -33.22 97.82 -76.73
N GLU IC 31 -34.26 98.23 -76.04
CA GLU IC 31 -34.17 99.23 -75.00
C GLU IC 31 -33.98 98.53 -73.66
N PHE IC 32 -32.91 98.91 -72.96
CA PHE IC 32 -32.56 98.38 -71.65
C PHE IC 32 -31.28 99.08 -71.21
N LEU IC 33 -30.96 98.97 -69.93
CA LEU IC 33 -29.82 99.68 -69.36
C LEU IC 33 -29.30 98.94 -68.14
N LEU IC 34 -27.99 98.80 -68.07
CA LEU IC 34 -27.32 98.12 -66.98
C LEU IC 34 -26.27 99.03 -66.38
N THR IC 35 -26.06 98.90 -65.07
CA THR IC 35 -25.03 99.64 -64.36
C THR IC 35 -24.36 98.75 -63.33
N PHE IC 36 -23.04 98.87 -63.21
CA PHE IC 36 -22.32 98.23 -62.12
C PHE IC 36 -22.45 99.06 -60.86
N ALA IC 37 -21.58 98.77 -59.89
CA ALA IC 37 -21.44 99.56 -58.67
C ALA IC 37 -20.33 100.57 -58.93
N GLY IC 38 -20.73 101.78 -59.32
CA GLY IC 38 -19.79 102.85 -59.49
C GLY IC 38 -18.94 102.82 -60.73
N HIS IC 39 -19.35 102.09 -61.77
CA HIS IC 39 -18.60 102.02 -63.01
C HIS IC 39 -19.53 102.19 -64.21
N GLU IC 40 -20.42 103.18 -64.10
CA GLU IC 40 -21.47 103.32 -65.12
C GLU IC 40 -20.91 103.82 -66.44
N ASP IC 41 -19.87 104.65 -66.39
CA ASP IC 41 -19.19 105.06 -67.61
C ASP IC 41 -18.47 103.90 -68.28
N ILE IC 42 -18.22 102.79 -67.55
CA ILE IC 42 -17.88 101.55 -68.23
C ILE IC 42 -19.14 100.84 -68.71
N SER IC 43 -20.17 100.81 -67.87
CA SER IC 43 -21.37 100.03 -68.18
C SER IC 43 -22.06 100.49 -69.45
N VAL IC 44 -21.83 101.74 -69.84
CA VAL IC 44 -22.41 102.25 -71.09
C VAL IC 44 -21.98 101.38 -72.26
N LEU IC 45 -20.85 100.68 -72.13
CA LEU IC 45 -20.32 99.84 -73.20
C LEU IC 45 -21.19 98.63 -73.49
N VAL IC 46 -22.11 98.27 -72.60
CA VAL IC 46 -22.89 97.06 -72.77
C VAL IC 46 -23.66 97.11 -74.09
N ARG IC 47 -23.88 95.93 -74.68
CA ARG IC 47 -24.58 95.91 -75.96
C ARG IC 47 -25.80 95.01 -75.98
N THR IC 48 -25.73 93.80 -75.40
CA THR IC 48 -26.89 92.91 -75.41
C THR IC 48 -26.69 91.86 -74.33
N SER IC 49 -27.57 91.84 -73.34
CA SER IC 49 -27.44 90.94 -72.20
C SER IC 49 -28.54 89.88 -72.21
N GLN IC 50 -28.52 89.05 -71.18
CA GLN IC 50 -29.58 88.10 -70.91
C GLN IC 50 -30.37 88.50 -69.66
N ILE IC 51 -31.69 88.30 -69.71
CA ILE IC 51 -32.50 88.56 -68.51
C ILE IC 51 -32.15 87.53 -67.45
N PRO IC 52 -32.16 87.89 -66.17
CA PRO IC 52 -31.91 86.89 -65.13
C PRO IC 52 -33.05 85.90 -65.03
N GLU IC 53 -32.72 84.70 -64.56
CA GLU IC 53 -33.69 83.64 -64.38
C GLU IC 53 -34.16 83.58 -62.93
N MET IC 54 -35.47 83.50 -62.75
CA MET IC 54 -36.06 83.33 -61.44
C MET IC 54 -36.87 82.05 -61.41
N THR IC 55 -36.73 81.29 -60.31
CA THR IC 55 -37.46 80.06 -60.06
C THR IC 55 -36.99 79.53 -58.72
N ARG IC 56 -37.69 78.53 -58.22
CA ARG IC 56 -37.18 77.68 -57.14
C ARG IC 56 -37.22 76.25 -57.64
N GLU IC 57 -36.25 75.45 -57.21
CA GLU IC 57 -36.17 74.08 -57.71
C GLU IC 57 -37.38 73.28 -57.26
N ASP IC 58 -37.62 72.18 -57.94
CA ASP IC 58 -38.78 71.34 -57.69
C ASP IC 58 -38.30 69.96 -57.23
N VAL IC 59 -38.69 69.58 -56.02
CA VAL IC 59 -38.47 68.23 -55.54
C VAL IC 59 -39.68 67.41 -55.94
N GLU IC 60 -39.46 66.40 -56.77
CA GLU IC 60 -40.56 65.64 -57.33
C GLU IC 60 -40.42 64.21 -56.85
N ASP IC 61 -41.48 63.67 -56.24
CA ASP IC 61 -41.45 62.32 -55.73
C ASP IC 61 -42.52 61.48 -56.41
N TYR IC 62 -42.48 60.18 -56.13
CA TYR IC 62 -43.54 59.27 -56.53
C TYR IC 62 -44.41 59.01 -55.30
N GLY IC 63 -45.62 59.56 -55.32
CA GLY IC 63 -46.53 59.42 -54.21
C GLY IC 63 -47.05 58.01 -54.13
N PRO IC 64 -48.16 57.82 -53.41
CA PRO IC 64 -48.64 56.45 -53.16
C PRO IC 64 -49.10 55.74 -54.43
N ASN IC 65 -48.59 54.53 -54.60
CA ASN IC 65 -49.17 53.47 -55.41
C ASN IC 65 -49.67 53.94 -56.77
N GLY IC 66 -48.84 54.67 -57.51
CA GLY IC 66 -49.18 54.98 -58.88
C GLY IC 66 -49.11 56.46 -59.24
N VAL IC 67 -49.47 57.31 -58.28
CA VAL IC 67 -49.38 58.75 -58.51
C VAL IC 67 -47.95 59.22 -58.27
N LYS IC 68 -47.57 60.31 -58.93
CA LYS IC 68 -46.21 60.80 -58.81
C LYS IC 68 -46.24 62.31 -58.99
N PHE IC 69 -45.90 63.05 -57.94
CA PHE IC 69 -46.34 64.42 -57.74
C PHE IC 69 -45.15 65.27 -57.30
N ASN IC 70 -45.25 66.59 -57.55
CA ASN IC 70 -44.14 67.51 -57.41
C ASN IC 70 -44.39 68.51 -56.29
N GLN IC 71 -43.31 69.06 -55.75
CA GLN IC 71 -43.39 69.98 -54.62
C GLN IC 71 -42.26 70.99 -54.78
N HIS IC 72 -42.39 72.11 -54.06
CA HIS IC 72 -41.42 73.19 -54.15
C HIS IC 72 -40.08 72.78 -53.53
N GLY IC 73 -39.11 73.67 -53.64
CA GLY IC 73 -37.92 73.61 -52.84
C GLY IC 73 -37.43 75.01 -52.50
N PRO IC 74 -36.13 75.16 -52.33
CA PRO IC 74 -35.57 76.49 -52.07
C PRO IC 74 -35.37 77.25 -53.37
N ILE IC 75 -35.06 78.54 -53.23
CA ILE IC 75 -34.93 79.42 -54.37
C ILE IC 75 -33.73 79.02 -55.20
N ARG IC 76 -33.77 79.36 -56.50
CA ARG IC 76 -32.65 79.16 -57.41
C ARG IC 76 -31.67 80.31 -57.22
N ASN IC 77 -30.81 80.16 -56.19
CA ASN IC 77 -29.92 81.25 -55.82
C ASN IC 77 -28.88 81.52 -56.90
N SER IC 78 -28.33 80.49 -57.51
CA SER IC 78 -27.22 80.62 -58.44
C SER IC 78 -27.72 80.61 -59.89
N GLY IC 79 -27.08 81.40 -60.73
CA GLY IC 79 -27.44 81.44 -62.13
C GLY IC 79 -26.37 82.12 -62.95
N GLU IC 80 -26.44 81.88 -64.26
CA GLU IC 80 -25.46 82.39 -65.22
C GLU IC 80 -26.17 83.20 -66.28
N ILE IC 81 -25.61 84.36 -66.61
CA ILE IC 81 -26.16 85.28 -67.61
C ILE IC 81 -25.07 85.64 -68.60
N GLN IC 82 -25.41 85.61 -69.88
CA GLN IC 82 -24.48 85.93 -70.94
C GLN IC 82 -24.75 87.34 -71.44
N VAL IC 83 -23.68 88.11 -71.66
CA VAL IC 83 -23.79 89.43 -72.27
C VAL IC 83 -22.72 89.56 -73.34
N GLN IC 84 -23.08 90.20 -74.44
CA GLN IC 84 -22.14 90.58 -75.49
C GLN IC 84 -22.04 92.10 -75.52
N CYS IC 85 -20.84 92.60 -75.81
CA CYS IC 85 -20.56 94.03 -75.74
C CYS IC 85 -19.55 94.36 -76.84
N VAL IC 86 -18.91 95.52 -76.72
CA VAL IC 86 -17.96 95.99 -77.71
C VAL IC 86 -16.58 96.12 -77.08
N GLU IC 87 -15.56 96.15 -77.94
CA GLU IC 87 -14.18 96.29 -77.49
C GLU IC 87 -13.87 97.76 -77.18
N THR IC 88 -12.61 98.02 -76.82
CA THR IC 88 -12.16 99.38 -76.56
C THR IC 88 -10.71 99.50 -76.97
N ILE IC 89 -10.32 100.71 -77.39
CA ILE IC 89 -8.95 100.92 -77.81
C ILE IC 89 -8.07 101.28 -76.62
N GLU IC 90 -8.57 102.13 -75.72
CA GLU IC 90 -7.75 102.67 -74.64
C GLU IC 90 -7.60 101.70 -73.48
N GLY IC 91 -8.40 100.64 -73.43
CA GLY IC 91 -8.23 99.60 -72.45
C GLY IC 91 -9.16 99.63 -71.26
N ASP IC 92 -10.41 100.08 -71.45
CA ASP IC 92 -11.38 99.99 -70.37
C ASP IC 92 -11.61 98.53 -69.99
N ILE IC 93 -11.66 97.64 -70.99
CA ILE IC 93 -11.82 96.22 -70.71
C ILE IC 93 -10.64 95.68 -69.92
N LEU IC 94 -9.43 96.09 -70.27
CA LEU IC 94 -8.27 95.54 -69.58
C LEU IC 94 -8.14 96.09 -68.17
N GLN IC 95 -8.51 97.35 -67.95
CA GLN IC 95 -8.50 97.86 -66.58
C GLN IC 95 -9.62 97.25 -65.75
N PHE IC 96 -10.77 96.97 -66.37
CA PHE IC 96 -11.84 96.24 -65.72
C PHE IC 96 -11.38 94.87 -65.28
N ILE IC 97 -10.71 94.15 -66.16
CA ILE IC 97 -10.29 92.81 -65.80
C ILE IC 97 -9.11 92.86 -64.81
N LYS IC 98 -8.22 93.86 -64.94
CA LYS IC 98 -7.30 94.20 -63.84
C LYS IC 98 -8.00 94.24 -62.49
N ASP IC 99 -8.88 95.22 -62.29
CA ASP IC 99 -9.35 95.40 -60.92
C ASP IC 99 -10.26 94.25 -60.50
N ARG IC 100 -10.97 93.64 -61.44
CA ARG IC 100 -11.83 92.51 -61.09
C ARG IC 100 -11.00 91.29 -60.68
N ILE IC 101 -9.94 90.98 -61.43
CA ILE IC 101 -9.12 89.83 -61.07
C ILE IC 101 -8.37 90.10 -59.78
N ALA IC 102 -8.01 91.35 -59.53
CA ALA IC 102 -7.26 91.66 -58.31
C ALA IC 102 -8.14 91.59 -57.08
N ALA IC 103 -9.32 92.20 -57.14
CA ALA IC 103 -10.19 92.22 -55.97
C ALA IC 103 -10.89 90.89 -55.75
N LYS IC 104 -11.27 90.21 -56.84
CA LYS IC 104 -12.01 88.94 -56.81
C LYS IC 104 -13.13 88.98 -55.77
N ASP IC 105 -13.76 90.14 -55.64
CA ASP IC 105 -14.82 90.34 -54.66
C ASP IC 105 -16.17 90.08 -55.32
N TYR IC 106 -17.24 90.37 -54.60
CA TYR IC 106 -18.59 90.23 -55.12
C TYR IC 106 -19.20 91.61 -55.31
N VAL IC 107 -19.84 91.80 -56.46
CA VAL IC 107 -20.32 93.12 -56.85
C VAL IC 107 -21.82 93.02 -57.09
N ASP IC 108 -22.46 94.18 -57.21
CA ASP IC 108 -23.89 94.27 -57.44
C ASP IC 108 -24.15 95.01 -58.75
N ILE IC 109 -25.14 94.53 -59.50
CA ILE IC 109 -25.45 95.03 -60.83
C ILE IC 109 -26.93 95.36 -60.90
N THR IC 110 -27.25 96.48 -61.54
CA THR IC 110 -28.63 96.91 -61.75
C THR IC 110 -28.97 96.80 -63.22
N MET IC 111 -30.03 96.08 -63.53
CA MET IC 111 -30.48 95.86 -64.90
C MET IC 111 -31.95 96.27 -64.97
N ALA IC 112 -32.27 97.17 -65.88
CA ALA IC 112 -33.65 97.64 -65.98
C ALA IC 112 -33.94 98.15 -67.38
N ALA IC 113 -35.17 97.92 -67.83
CA ALA IC 113 -35.66 98.48 -69.08
C ALA IC 113 -36.42 99.76 -68.74
N THR IC 114 -36.00 100.87 -69.32
CA THR IC 114 -36.55 102.19 -68.97
C THR IC 114 -37.02 102.87 -70.25
N PRO IC 115 -38.32 102.78 -70.55
CA PRO IC 115 -38.81 103.26 -71.85
C PRO IC 115 -38.60 104.76 -72.03
N GLU IC 116 -38.25 105.12 -73.26
CA GLU IC 116 -37.99 106.51 -73.58
C GLU IC 116 -39.28 107.32 -73.61
N SER IC 117 -40.42 106.66 -73.79
CA SER IC 117 -41.69 107.39 -73.77
C SER IC 117 -41.94 107.99 -72.39
N LYS IC 118 -41.71 107.23 -71.33
CA LYS IC 118 -41.89 107.75 -69.98
C LYS IC 118 -40.62 108.29 -69.38
N SER IC 119 -39.49 108.19 -70.09
CA SER IC 119 -38.25 108.77 -69.61
C SER IC 119 -38.25 110.27 -69.86
N SER IC 120 -37.83 111.03 -68.88
CA SER IC 120 -37.84 112.48 -69.01
C SER IC 120 -36.91 113.07 -67.97
N GLY IC 121 -36.58 114.34 -68.15
CA GLY IC 121 -35.77 115.07 -67.20
C GLY IC 121 -34.31 115.13 -67.63
N VAL IC 122 -33.40 114.80 -66.71
CA VAL IC 122 -31.98 114.82 -66.99
C VAL IC 122 -31.55 113.44 -67.46
N ASN IC 123 -32.29 112.42 -67.02
CA ASN IC 123 -32.00 111.04 -67.37
C ASN IC 123 -33.30 110.28 -67.48
N ALA IC 124 -33.21 109.06 -67.98
CA ALA IC 124 -34.39 108.22 -68.15
C ALA IC 124 -35.06 107.96 -66.81
N VAL IC 125 -36.38 108.13 -66.77
CA VAL IC 125 -37.15 107.94 -65.54
C VAL IC 125 -37.33 106.44 -65.32
N THR IC 126 -36.64 105.88 -64.34
CA THR IC 126 -36.69 104.46 -64.05
C THR IC 126 -37.47 104.25 -62.76
N LYS IC 127 -38.41 103.31 -62.78
CA LYS IC 127 -39.25 103.01 -61.63
C LYS IC 127 -38.73 101.75 -60.94
N ALA IC 128 -38.81 101.75 -59.61
CA ALA IC 128 -38.06 100.80 -58.80
C ALA IC 128 -38.46 99.36 -59.08
N ALA IC 129 -39.77 99.10 -59.22
CA ALA IC 129 -40.24 97.73 -59.30
C ALA IC 129 -39.69 97.01 -60.54
N THR IC 130 -39.62 97.72 -61.67
CA THR IC 130 -39.20 97.12 -62.92
C THR IC 130 -37.67 96.91 -62.97
N THR IC 131 -36.99 97.17 -61.86
CA THR IC 131 -35.54 97.03 -61.79
C THR IC 131 -35.19 95.68 -61.18
N ILE IC 132 -34.24 94.99 -61.80
CA ILE IC 132 -33.72 93.73 -61.29
C ILE IC 132 -32.31 93.97 -60.77
N GLU IC 133 -32.00 93.35 -59.63
CA GLU IC 133 -30.75 93.58 -58.93
C GLU IC 133 -30.13 92.24 -58.56
N MET IC 134 -28.85 92.08 -58.88
CA MET IC 134 -28.11 90.85 -58.64
C MET IC 134 -27.14 91.03 -57.48
N LEU IC 135 -26.95 89.94 -56.73
CA LEU IC 135 -26.04 89.92 -55.59
C LEU IC 135 -24.95 88.89 -55.83
N ASP IC 136 -23.76 89.20 -55.32
CA ASP IC 136 -22.61 88.30 -55.39
C ASP IC 136 -22.26 87.98 -56.84
N CYS IC 137 -22.11 89.03 -57.64
CA CYS IC 137 -21.85 88.86 -59.05
C CYS IC 137 -20.41 88.42 -59.29
N LYS IC 138 -20.23 87.51 -60.25
CA LYS IC 138 -18.91 86.98 -60.60
C LYS IC 138 -18.74 87.11 -62.11
N ILE IC 139 -17.81 87.96 -62.52
CA ILE IC 139 -17.61 88.31 -63.93
C ILE IC 139 -16.48 87.46 -64.48
N TYR IC 140 -16.68 86.89 -65.68
CA TYR IC 140 -15.63 86.16 -66.35
C TYR IC 140 -15.75 86.36 -67.84
N SER IC 141 -14.64 86.16 -68.55
CA SER IC 141 -14.57 86.43 -69.97
C SER IC 141 -15.02 85.21 -70.78
N ASP IC 142 -15.19 85.43 -72.08
CA ASP IC 142 -15.44 84.34 -73.01
C ASP IC 142 -14.65 84.58 -74.30
N ALA IC 143 -14.10 83.49 -74.85
CA ALA IC 143 -13.36 83.58 -76.10
C ALA IC 143 -14.28 83.98 -77.25
N ILE IC 144 -13.78 84.83 -78.14
CA ILE IC 144 -14.58 85.43 -79.20
C ILE IC 144 -13.93 85.15 -80.54
N ASP IC 145 -14.65 84.42 -81.40
CA ASP IC 145 -14.17 84.11 -82.75
C ASP IC 145 -14.23 85.38 -83.57
N PHE IC 146 -13.12 86.12 -83.61
CA PHE IC 146 -13.05 87.34 -84.41
C PHE IC 146 -12.47 86.98 -85.77
N SER IC 147 -13.26 87.18 -86.81
CA SER IC 147 -12.80 86.89 -88.16
C SER IC 147 -12.08 88.10 -88.75
N THR IC 148 -11.38 87.85 -89.85
CA THR IC 148 -10.74 88.93 -90.59
C THR IC 148 -11.56 89.38 -91.79
N GLU IC 149 -12.41 88.51 -92.33
CA GLU IC 149 -13.24 88.88 -93.46
C GLU IC 149 -14.41 89.78 -93.07
N ASP IC 150 -14.75 89.84 -91.78
CA ASP IC 150 -15.91 90.62 -91.33
C ASP IC 150 -15.64 92.10 -91.52
N VAL IC 151 -15.79 92.53 -92.79
CA VAL IC 151 -15.41 93.88 -93.18
C VAL IC 151 -16.23 94.93 -92.45
N THR IC 152 -17.45 94.59 -92.03
CA THR IC 152 -18.32 95.52 -91.33
C THR IC 152 -18.56 95.12 -89.89
N ALA IC 153 -17.90 94.07 -89.40
CA ALA IC 153 -18.08 93.60 -88.04
C ALA IC 153 -16.75 93.65 -87.29
N ALA IC 154 -16.84 94.00 -86.02
CA ALA IC 154 -15.68 94.11 -85.14
C ALA IC 154 -15.79 93.07 -84.03
N VAL IC 155 -14.87 93.17 -83.07
CA VAL IC 155 -14.83 92.20 -81.98
C VAL IC 155 -16.08 92.34 -81.13
N ARG IC 156 -16.72 91.21 -80.86
CA ARG IC 156 -17.90 91.20 -80.00
C ARG IC 156 -17.55 90.47 -78.71
N PRO IC 157 -16.88 91.12 -77.76
CA PRO IC 157 -16.50 90.42 -76.52
C PRO IC 157 -17.72 89.93 -75.75
N SER IC 158 -17.56 88.76 -75.14
CA SER IC 158 -18.63 88.12 -74.39
C SER IC 158 -18.21 87.97 -72.94
N LEU IC 159 -19.11 88.33 -72.04
CA LEU IC 159 -18.88 88.21 -70.60
C LEU IC 159 -19.97 87.34 -69.99
N ARG IC 160 -19.54 86.38 -69.18
CA ARG IC 160 -20.46 85.52 -68.44
C ARG IC 160 -20.46 85.96 -66.99
N ILE IC 161 -21.64 86.24 -66.47
CA ILE IC 161 -21.81 86.76 -65.12
C ILE IC 161 -22.63 85.75 -64.32
N VAL IC 162 -22.09 85.31 -63.21
CA VAL IC 162 -22.78 84.37 -62.34
C VAL IC 162 -23.29 85.13 -61.12
N TYR IC 163 -24.59 85.12 -60.92
CA TYR IC 163 -25.22 85.71 -59.75
C TYR IC 163 -25.51 84.61 -58.76
N ASN IC 164 -25.03 84.79 -57.54
CA ASN IC 164 -25.27 83.83 -56.47
C ASN IC 164 -26.47 84.23 -55.62
N TRP IC 165 -27.14 85.33 -55.95
CA TRP IC 165 -28.39 85.67 -55.29
C TRP IC 165 -29.15 86.64 -56.18
N ILE IC 166 -30.45 86.75 -55.91
CA ILE IC 166 -31.35 87.62 -56.69
C ILE IC 166 -32.14 88.50 -55.73
N GLU IC 167 -32.17 89.80 -56.03
CA GLU IC 167 -32.95 90.78 -55.30
C GLU IC 167 -33.95 91.41 -56.25
N TRP IC 168 -35.20 91.48 -55.81
CA TRP IC 168 -36.30 91.93 -56.66
C TRP IC 168 -37.56 91.89 -55.82
N ASP IC 169 -38.36 92.95 -55.91
CA ASP IC 169 -39.53 93.08 -55.05
C ASP IC 169 -40.63 93.92 -55.68
N GLY JC 2 -48.41 55.84 -119.46
CA GLY JC 2 -47.75 54.67 -120.00
C GLY JC 2 -48.45 53.38 -119.66
N HIS JC 3 -49.12 53.36 -118.52
CA HIS JC 3 -49.85 52.18 -118.09
C HIS JC 3 -51.16 52.04 -118.86
N ASN JC 4 -51.70 50.81 -118.85
CA ASN JC 4 -52.81 50.49 -119.73
C ASN JC 4 -54.10 51.18 -119.29
N ASN JC 5 -54.48 51.06 -118.02
CA ASN JC 5 -55.71 51.65 -117.52
C ASN JC 5 -55.39 52.86 -116.63
N THR JC 6 -55.94 54.01 -117.00
CA THR JC 6 -55.79 55.25 -116.26
C THR JC 6 -57.11 56.00 -116.23
N LYS JC 7 -58.19 55.29 -115.90
CA LYS JC 7 -59.51 55.90 -115.84
C LYS JC 7 -59.67 56.66 -114.51
N GLY JC 8 -60.89 57.11 -114.25
CA GLY JC 8 -61.17 57.81 -113.01
C GLY JC 8 -62.63 57.62 -112.61
N ASN JC 9 -62.99 58.24 -111.49
CA ASN JC 9 -64.36 58.23 -111.02
C ASN JC 9 -64.72 59.63 -110.55
N ARG JC 10 -66.01 59.89 -110.48
CA ARG JC 10 -66.50 61.25 -110.26
C ARG JC 10 -66.74 61.54 -108.77
N LYS JC 11 -67.64 60.79 -108.16
CA LYS JC 11 -68.30 61.23 -106.94
C LYS JC 11 -67.58 60.82 -105.65
N PHE JC 12 -66.55 59.98 -105.72
CA PHE JC 12 -65.86 59.58 -104.51
C PHE JC 12 -65.21 60.79 -103.84
N ILE JC 13 -64.50 61.59 -104.64
CA ILE JC 13 -63.84 62.78 -104.12
C ILE JC 13 -64.88 63.79 -103.64
N LYS JC 14 -66.00 63.90 -104.35
CA LYS JC 14 -67.05 64.83 -103.93
C LYS JC 14 -67.58 64.42 -102.56
N GLY JC 15 -67.91 63.14 -102.40
CA GLY JC 15 -68.48 62.69 -101.15
C GLY JC 15 -67.51 62.85 -100.00
N ARG JC 16 -66.25 62.49 -100.21
CA ARG JC 16 -65.29 62.65 -99.13
C ARG JC 16 -65.07 64.12 -98.78
N TYR JC 17 -65.05 65.00 -99.80
CA TYR JC 17 -64.86 66.41 -99.48
C TYR JC 17 -66.03 66.97 -98.69
N THR JC 18 -67.25 66.69 -99.13
CA THR JC 18 -68.40 67.17 -98.37
C THR JC 18 -68.48 66.52 -97.00
N ALA JC 19 -68.03 65.28 -96.86
CA ALA JC 19 -67.98 64.65 -95.54
C ALA JC 19 -67.04 65.42 -94.63
N ASN JC 20 -65.86 65.78 -95.14
CA ASN JC 20 -64.94 66.57 -94.34
C ASN JC 20 -65.53 67.93 -94.02
N ALA JC 21 -66.19 68.55 -94.99
CA ALA JC 21 -66.75 69.88 -94.77
C ALA JC 21 -67.86 69.85 -93.71
N ALA JC 22 -68.75 68.87 -93.80
CA ALA JC 22 -69.84 68.74 -92.85
C ALA JC 22 -69.41 68.12 -91.53
N LYS JC 23 -68.18 67.61 -91.45
CA LYS JC 23 -67.68 67.11 -90.17
C LYS JC 23 -67.65 68.20 -89.11
N GLY JC 24 -67.52 69.45 -89.52
CA GLY JC 24 -67.51 70.57 -88.60
C GLY JC 24 -66.68 71.70 -89.16
N GLU JC 25 -66.90 72.89 -88.61
CA GLU JC 25 -66.12 74.03 -89.04
C GLU JC 25 -64.66 73.85 -88.61
N ARG JC 26 -63.79 74.65 -89.22
CA ARG JC 26 -62.35 74.57 -89.01
C ARG JC 26 -61.95 75.79 -88.20
N LEU JC 27 -60.97 75.63 -87.32
CA LEU JC 27 -60.43 76.79 -86.60
C LEU JC 27 -58.92 76.89 -86.76
N VAL JC 28 -58.43 78.12 -86.72
CA VAL JC 28 -57.00 78.41 -86.79
C VAL JC 28 -56.36 78.16 -85.43
N SER JC 29 -55.11 77.69 -85.46
CA SER JC 29 -54.36 77.54 -84.22
C SER JC 29 -54.09 78.87 -83.54
N SER JC 30 -54.13 79.97 -84.30
CA SER JC 30 -53.92 81.29 -83.72
C SER JC 30 -55.06 81.69 -82.77
N GLU JC 31 -56.22 81.07 -82.89
CA GLU JC 31 -57.36 81.36 -82.04
C GLU JC 31 -57.34 80.40 -80.86
N PHE JC 32 -57.35 80.97 -79.66
CA PHE JC 32 -57.36 80.24 -78.40
C PHE JC 32 -57.37 81.26 -77.28
N LEU JC 33 -57.69 80.80 -76.07
CA LEU JC 33 -57.84 81.70 -74.93
C LEU JC 33 -57.57 80.95 -73.64
N LEU JC 34 -56.80 81.59 -72.76
CA LEU JC 34 -56.43 81.02 -71.48
C LEU JC 34 -56.81 82.00 -70.38
N THR JC 35 -57.17 81.46 -69.21
CA THR JC 35 -57.47 82.25 -68.04
C THR JC 35 -56.92 81.57 -66.79
N PHE JC 36 -56.37 82.37 -65.88
CA PHE JC 36 -56.00 81.87 -64.57
C PHE JC 36 -57.23 81.81 -63.67
N ALA JC 37 -56.97 81.69 -62.37
CA ALA JC 37 -58.01 81.78 -61.34
C ALA JC 37 -58.05 83.22 -60.87
N GLY JC 38 -58.96 83.99 -61.46
CA GLY JC 38 -59.17 85.36 -61.02
C GLY JC 38 -58.14 86.37 -61.48
N HIS JC 39 -57.39 86.08 -62.53
CA HIS JC 39 -56.39 87.02 -63.04
C HIS JC 39 -56.49 87.12 -64.54
N GLU JC 40 -57.72 87.23 -65.05
CA GLU JC 40 -57.94 87.17 -66.50
C GLU JC 40 -57.42 88.42 -67.19
N ASP JC 41 -57.50 89.57 -66.53
CA ASP JC 41 -56.89 90.78 -67.07
C ASP JC 41 -55.38 90.69 -67.12
N ILE JC 42 -54.77 89.76 -66.39
CA ILE JC 42 -53.38 89.41 -66.67
C ILE JC 42 -53.32 88.40 -67.81
N SER JC 43 -54.22 87.41 -67.80
CA SER JC 43 -54.16 86.32 -68.76
C SER JC 43 -54.29 86.80 -70.19
N VAL JC 44 -54.92 87.96 -70.39
CA VAL JC 44 -55.04 88.52 -71.74
C VAL JC 44 -53.67 88.69 -72.37
N LEU JC 45 -52.62 88.81 -71.55
CA LEU JC 45 -51.26 89.01 -72.04
C LEU JC 45 -50.71 87.80 -72.79
N VAL JC 46 -51.32 86.62 -72.66
CA VAL JC 46 -50.78 85.41 -73.25
C VAL JC 46 -50.64 85.58 -74.76
N ARG JC 47 -49.65 84.91 -75.34
CA ARG JC 47 -49.45 85.05 -76.78
C ARG JC 47 -49.43 83.74 -77.54
N THR JC 48 -48.78 82.70 -77.01
CA THR JC 48 -48.73 81.42 -77.72
C THR JC 48 -48.34 80.33 -76.74
N SER JC 49 -49.22 79.34 -76.57
CA SER JC 49 -49.02 78.33 -75.54
C SER JC 49 -48.79 76.96 -76.17
N GLN JC 50 -48.62 75.96 -75.29
CA GLN JC 50 -48.61 74.56 -75.65
C GLN JC 50 -49.90 73.88 -75.21
N ILE JC 51 -50.42 72.99 -76.06
CA ILE JC 51 -51.55 72.15 -75.66
C ILE JC 51 -51.09 71.17 -74.59
N PRO JC 52 -51.92 70.84 -73.61
CA PRO JC 52 -51.52 69.84 -72.62
C PRO JC 52 -51.43 68.47 -73.23
N GLU JC 53 -50.59 67.63 -72.64
CA GLU JC 53 -50.41 66.26 -73.09
C GLU JC 53 -51.24 65.31 -72.25
N MET JC 54 -51.97 64.42 -72.92
CA MET JC 54 -52.73 63.37 -72.25
C MET JC 54 -52.24 62.01 -72.71
N THR JC 55 -52.09 61.10 -71.75
CA THR JC 55 -51.69 59.72 -71.97
C THR JC 55 -51.65 59.04 -70.60
N ARG JC 56 -51.50 57.72 -70.63
CA ARG JC 56 -51.09 56.96 -69.47
C ARG JC 56 -49.86 56.18 -69.85
N GLU JC 57 -48.95 56.01 -68.89
CA GLU JC 57 -47.70 55.34 -69.19
C GLU JC 57 -47.96 53.89 -69.58
N ASP JC 58 -46.98 53.29 -70.24
CA ASP JC 58 -47.09 51.92 -70.74
C ASP JC 58 -46.04 51.06 -70.07
N VAL JC 59 -46.50 50.04 -69.36
CA VAL JC 59 -45.61 49.02 -68.80
C VAL JC 59 -45.48 47.94 -69.86
N GLU JC 60 -44.26 47.73 -70.34
CA GLU JC 60 -44.05 46.81 -71.46
C GLU JC 60 -43.14 45.71 -70.96
N ASP JC 61 -43.57 44.45 -71.12
CA ASP JC 61 -42.79 43.32 -70.66
C ASP JC 61 -42.45 42.42 -71.83
N TYR JC 62 -41.58 41.45 -71.57
CA TYR JC 62 -41.28 40.39 -72.51
C TYR JC 62 -42.10 39.17 -72.11
N GLY JC 63 -43.12 38.85 -72.90
CA GLY JC 63 -43.98 37.75 -72.60
C GLY JC 63 -43.28 36.41 -72.82
N PRO JC 64 -44.06 35.34 -72.94
CA PRO JC 64 -43.45 34.00 -73.01
C PRO JC 64 -42.63 33.80 -74.28
N ASN JC 65 -41.43 33.27 -74.08
CA ASN JC 65 -40.63 32.58 -75.10
C ASN JC 65 -40.59 33.25 -76.46
N GLY JC 66 -40.36 34.56 -76.51
CA GLY JC 66 -40.16 35.19 -77.80
C GLY JC 66 -41.04 36.40 -78.06
N VAL JC 67 -42.27 36.37 -77.56
CA VAL JC 67 -43.17 37.51 -77.71
C VAL JC 67 -42.84 38.55 -76.64
N LYS JC 68 -43.18 39.81 -76.93
CA LYS JC 68 -42.86 40.88 -76.00
C LYS JC 68 -43.90 41.98 -76.21
N PHE JC 69 -44.70 42.22 -75.17
CA PHE JC 69 -46.02 42.83 -75.32
C PHE JC 69 -46.21 43.91 -74.26
N ASN JC 70 -47.12 44.85 -74.54
CA ASN JC 70 -47.26 46.07 -73.77
C ASN JC 70 -48.61 46.12 -73.09
N GLN JC 71 -48.68 46.90 -72.00
CA GLN JC 71 -49.88 46.98 -71.18
C GLN JC 71 -49.96 48.40 -70.62
N HIS JC 72 -51.16 48.77 -70.17
CA HIS JC 72 -51.38 50.12 -69.66
C HIS JC 72 -50.65 50.33 -68.33
N GLY JC 73 -50.73 51.56 -67.84
CA GLY JC 73 -50.41 51.86 -66.46
C GLY JC 73 -51.32 52.94 -65.93
N PRO JC 74 -50.82 53.73 -64.99
CA PRO JC 74 -51.59 54.86 -64.46
C PRO JC 74 -51.47 56.07 -65.38
N ILE JC 75 -52.31 57.05 -65.09
CA ILE JC 75 -52.38 58.24 -65.93
C ILE JC 75 -51.09 59.04 -65.83
N ARG JC 76 -50.80 59.81 -66.87
CA ARG JC 76 -49.66 60.73 -66.89
C ARG JC 76 -50.06 61.99 -66.16
N ASN JC 77 -49.95 61.94 -64.83
CA ASN JC 77 -50.43 63.04 -64.00
C ASN JC 77 -49.60 64.31 -64.21
N SER JC 78 -48.29 64.18 -64.32
CA SER JC 78 -47.40 65.32 -64.37
C SER JC 78 -47.02 65.65 -65.81
N GLY JC 79 -46.88 66.95 -66.09
CA GLY JC 79 -46.49 67.39 -67.42
C GLY JC 79 -46.06 68.83 -67.41
N GLU JC 80 -45.35 69.20 -68.47
CA GLU JC 80 -44.78 70.53 -68.63
C GLU JC 80 -45.27 71.16 -69.93
N ILE JC 81 -45.66 72.43 -69.85
CA ILE JC 81 -46.21 73.18 -70.98
C ILE JC 81 -45.46 74.49 -71.09
N GLN JC 82 -45.06 74.84 -72.31
CA GLN JC 82 -44.33 76.06 -72.57
C GLN JC 82 -45.27 77.10 -73.16
N VAL JC 83 -45.15 78.34 -72.68
CA VAL JC 83 -45.92 79.46 -73.21
C VAL JC 83 -44.98 80.63 -73.42
N GLN JC 84 -45.18 81.34 -74.52
CA GLN JC 84 -44.50 82.60 -74.78
C GLN JC 84 -45.54 83.72 -74.76
N CYS JC 85 -45.13 84.87 -74.25
CA CYS JC 85 -46.05 85.98 -74.05
C CYS JC 85 -45.27 87.27 -74.30
N VAL JC 86 -45.82 88.39 -73.84
CA VAL JC 86 -45.22 89.71 -74.04
C VAL JC 86 -44.87 90.31 -72.69
N GLU JC 87 -43.99 91.31 -72.73
CA GLU JC 87 -43.56 92.01 -71.52
C GLU JC 87 -44.59 93.06 -71.13
N THR JC 88 -44.28 93.80 -70.07
CA THR JC 88 -45.14 94.88 -69.61
C THR JC 88 -44.27 95.99 -69.03
N ILE JC 89 -44.77 97.23 -69.15
CA ILE JC 89 -44.01 98.36 -68.62
C ILE JC 89 -44.33 98.59 -67.15
N GLU JC 90 -45.61 98.49 -66.78
CA GLU JC 90 -46.03 98.86 -65.43
C GLU JC 90 -45.75 97.76 -64.40
N GLY JC 91 -45.44 96.56 -64.85
CA GLY JC 91 -45.02 95.51 -63.94
C GLY JC 91 -46.05 94.46 -63.60
N ASP JC 92 -46.96 94.15 -64.52
CA ASP JC 92 -47.87 93.03 -64.27
C ASP JC 92 -47.10 91.73 -64.10
N ILE JC 93 -46.04 91.54 -64.88
CA ILE JC 93 -45.22 90.34 -64.75
C ILE JC 93 -44.55 90.31 -63.39
N LEU JC 94 -44.05 91.45 -62.92
CA LEU JC 94 -43.33 91.44 -61.64
C LEU JC 94 -44.30 91.27 -60.48
N GLN JC 95 -45.50 91.83 -60.55
CA GLN JC 95 -46.47 91.57 -59.48
C GLN JC 95 -46.98 90.14 -59.52
N PHE JC 96 -47.10 89.56 -60.73
CA PHE JC 96 -47.42 88.14 -60.85
C PHE JC 96 -46.38 87.27 -60.20
N ILE JC 97 -45.11 87.56 -60.45
CA ILE JC 97 -44.08 86.74 -59.86
C ILE JC 97 -43.94 87.03 -58.36
N LYS JC 98 -44.14 88.28 -57.93
CA LYS JC 98 -44.42 88.58 -56.53
C LYS JC 98 -45.38 87.59 -55.89
N ASP JC 99 -46.65 87.65 -56.30
CA ASP JC 99 -47.63 86.90 -55.54
C ASP JC 99 -47.44 85.40 -55.75
N ARG JC 100 -46.96 84.98 -56.92
CA ARG JC 100 -46.73 83.56 -57.14
C ARG JC 100 -45.59 83.03 -56.27
N ILE JC 101 -44.48 83.76 -56.20
CA ILE JC 101 -43.37 83.28 -55.38
C ILE JC 101 -43.74 83.34 -53.91
N ALA JC 102 -44.57 84.30 -53.51
CA ALA JC 102 -44.92 84.42 -52.11
C ALA JC 102 -45.87 83.30 -51.69
N ALA JC 103 -46.92 83.06 -52.48
CA ALA JC 103 -47.90 82.06 -52.10
C ALA JC 103 -47.40 80.65 -52.33
N LYS JC 104 -46.63 80.44 -53.41
CA LYS JC 104 -46.12 79.12 -53.81
C LYS JC 104 -47.20 78.05 -53.69
N ASP JC 105 -48.44 78.42 -54.00
CA ASP JC 105 -49.56 77.51 -53.90
C ASP JC 105 -49.79 76.83 -55.25
N TYR JC 106 -50.89 76.10 -55.36
CA TYR JC 106 -51.28 75.45 -56.60
C TYR JC 106 -52.50 76.14 -57.16
N VAL JC 107 -52.49 76.40 -58.46
CA VAL JC 107 -53.53 77.20 -59.09
C VAL JC 107 -54.15 76.36 -60.20
N ASP JC 108 -55.27 76.84 -60.73
CA ASP JC 108 -56.00 76.18 -61.80
C ASP JC 108 -56.10 77.11 -63.00
N ILE JC 109 -55.94 76.53 -64.18
CA ILE JC 109 -55.88 77.28 -65.43
C ILE JC 109 -56.89 76.70 -66.42
N THR JC 110 -57.59 77.56 -67.14
CA THR JC 110 -58.53 77.15 -68.16
C THR JC 110 -58.00 77.53 -69.52
N MET JC 111 -57.90 76.55 -70.42
CA MET JC 111 -57.38 76.74 -71.77
C MET JC 111 -58.42 76.20 -72.74
N ALA JC 112 -58.85 77.04 -73.68
CA ALA JC 112 -59.88 76.60 -74.61
C ALA JC 112 -59.78 77.40 -75.90
N ALA JC 113 -60.06 76.73 -77.02
CA ALA JC 113 -60.20 77.38 -78.30
C ALA JC 113 -61.68 77.67 -78.54
N THR JC 114 -62.01 78.93 -78.74
CA THR JC 114 -63.41 79.37 -78.86
C THR JC 114 -63.58 80.14 -80.16
N PRO JC 115 -64.02 79.47 -81.22
CA PRO JC 115 -64.07 80.12 -82.54
C PRO JC 115 -65.00 81.32 -82.58
N GLU JC 116 -64.58 82.33 -83.33
CA GLU JC 116 -65.34 83.55 -83.48
C GLU JC 116 -66.61 83.32 -84.27
N SER JC 117 -66.64 82.28 -85.12
CA SER JC 117 -67.84 82.02 -85.91
C SER JC 117 -69.02 81.68 -85.03
N LYS JC 118 -68.81 80.84 -84.01
CA LYS JC 118 -69.86 80.52 -83.07
C LYS JC 118 -69.80 81.36 -81.79
N SER JC 119 -68.83 82.27 -81.68
CA SER JC 119 -68.80 83.18 -80.55
C SER JC 119 -69.78 84.31 -80.79
N SER JC 120 -70.54 84.66 -79.75
CA SER JC 120 -71.54 85.70 -79.89
C SER JC 120 -71.94 86.18 -78.51
N GLY JC 121 -72.61 87.33 -78.49
CA GLY JC 121 -73.13 87.87 -77.24
C GLY JC 121 -72.21 88.96 -76.68
N VAL JC 122 -71.90 88.84 -75.39
CA VAL JC 122 -71.03 89.81 -74.72
C VAL JC 122 -69.60 89.31 -74.80
N ASN JC 123 -69.45 87.99 -74.90
CA ASN JC 123 -68.14 87.36 -74.96
C ASN JC 123 -68.23 86.13 -75.85
N ALA JC 124 -67.06 85.58 -76.16
CA ALA JC 124 -67.02 84.39 -77.00
C ALA JC 124 -67.75 83.23 -76.35
N VAL JC 125 -68.61 82.57 -77.13
CA VAL JC 125 -69.42 81.46 -76.61
C VAL JC 125 -68.54 80.22 -76.56
N THR JC 126 -68.17 79.82 -75.35
CA THR JC 126 -67.30 78.66 -75.13
C THR JC 126 -68.12 77.50 -74.60
N LYS JC 127 -67.92 76.33 -75.18
CA LYS JC 127 -68.64 75.13 -74.79
C LYS JC 127 -67.76 74.26 -73.91
N ALA JC 128 -68.38 73.63 -72.90
CA ALA JC 128 -67.64 73.06 -71.79
C ALA JC 128 -66.68 71.95 -72.23
N ALA JC 129 -67.12 71.09 -73.14
CA ALA JC 129 -66.33 69.90 -73.47
C ALA JC 129 -64.99 70.28 -74.08
N THR JC 130 -64.97 71.29 -74.94
CA THR JC 130 -63.76 71.69 -75.64
C THR JC 130 -62.79 72.46 -74.73
N THR JC 131 -63.10 72.54 -73.44
CA THR JC 131 -62.26 73.24 -72.49
C THR JC 131 -61.36 72.26 -71.76
N ILE JC 132 -60.08 72.60 -71.65
CA ILE JC 132 -59.12 71.81 -70.90
C ILE JC 132 -58.77 72.56 -69.63
N GLU JC 133 -58.66 71.81 -68.53
CA GLU JC 133 -58.47 72.39 -67.21
C GLU JC 133 -57.33 71.67 -66.50
N MET JC 134 -56.40 72.44 -65.95
CA MET JC 134 -55.22 71.92 -65.28
C MET JC 134 -55.33 72.09 -63.76
N LEU JC 135 -54.78 71.12 -63.04
CA LEU JC 135 -54.78 71.12 -61.59
C LEU JC 135 -53.35 71.16 -61.08
N ASP JC 136 -53.17 71.85 -59.94
CA ASP JC 136 -51.89 71.92 -59.27
C ASP JC 136 -50.83 72.54 -60.17
N CYS JC 137 -51.17 73.70 -60.73
CA CYS JC 137 -50.28 74.36 -61.67
C CYS JC 137 -49.09 74.99 -60.95
N LYS JC 138 -47.93 74.90 -61.58
CA LYS JC 138 -46.69 75.45 -61.03
C LYS JC 138 -46.03 76.30 -62.11
N ILE JC 139 -45.98 77.61 -61.87
CA ILE JC 139 -45.51 78.58 -62.85
C ILE JC 139 -44.05 78.89 -62.57
N TYR JC 140 -43.23 78.92 -63.62
CA TYR JC 140 -41.84 79.31 -63.48
C TYR JC 140 -41.40 80.06 -64.73
N SER JC 141 -40.37 80.88 -64.58
CA SER JC 141 -39.90 81.71 -65.66
C SER JC 141 -38.91 80.96 -66.53
N ASP JC 142 -38.57 81.57 -67.67
CA ASP JC 142 -37.50 81.07 -68.54
C ASP JC 142 -36.68 82.25 -69.03
N ALA JC 143 -35.37 82.04 -69.12
CA ALA JC 143 -34.47 83.07 -69.62
C ALA JC 143 -34.74 83.35 -71.09
N ILE JC 144 -34.68 84.63 -71.47
CA ILE JC 144 -35.07 85.08 -72.80
C ILE JC 144 -33.89 85.83 -73.43
N ASP JC 145 -33.42 85.34 -74.57
CA ASP JC 145 -32.35 85.98 -75.33
C ASP JC 145 -32.93 87.18 -76.06
N PHE JC 146 -32.89 88.34 -75.43
CA PHE JC 146 -33.40 89.56 -76.04
C PHE JC 146 -32.25 90.25 -76.75
N SER JC 147 -32.36 90.39 -78.07
CA SER JC 147 -31.31 91.04 -78.83
C SER JC 147 -31.56 92.54 -78.89
N THR JC 148 -30.53 93.26 -79.31
CA THR JC 148 -30.64 94.70 -79.51
C THR JC 148 -30.86 95.07 -80.96
N GLU JC 149 -30.43 94.22 -81.90
CA GLU JC 149 -30.64 94.50 -83.31
C GLU JC 149 -32.08 94.28 -83.74
N ASP JC 150 -32.88 93.57 -82.95
CA ASP JC 150 -34.25 93.23 -83.34
C ASP JC 150 -35.11 94.49 -83.37
N VAL JC 151 -34.93 95.25 -84.45
CA VAL JC 151 -35.54 96.57 -84.58
C VAL JC 151 -37.06 96.50 -84.55
N THR JC 152 -37.65 95.38 -84.96
CA THR JC 152 -39.09 95.20 -84.94
C THR JC 152 -39.56 94.17 -83.93
N ALA JC 153 -38.64 93.64 -83.11
CA ALA JC 153 -38.99 92.61 -82.14
C ALA JC 153 -38.67 93.10 -80.73
N ALA JC 154 -39.50 92.69 -79.79
CA ALA JC 154 -39.37 93.05 -78.39
C ALA JC 154 -39.09 91.80 -77.56
N VAL JC 155 -39.16 91.96 -76.24
CA VAL JC 155 -38.96 90.84 -75.35
C VAL JC 155 -40.11 89.85 -75.49
N ARG JC 156 -39.78 88.58 -75.65
CA ARG JC 156 -40.77 87.52 -75.65
C ARG JC 156 -40.56 86.66 -74.41
N PRO JC 157 -41.10 87.05 -73.27
CA PRO JC 157 -40.93 86.23 -72.06
C PRO JC 157 -41.55 84.84 -72.22
N SER JC 158 -40.89 83.86 -71.62
CA SER JC 158 -41.32 82.47 -71.68
C SER JC 158 -41.63 81.98 -70.28
N LEU JC 159 -42.76 81.30 -70.14
CA LEU JC 159 -43.20 80.73 -68.88
C LEU JC 159 -43.39 79.23 -69.05
N ARG JC 160 -42.83 78.46 -68.15
CA ARG JC 160 -43.01 77.02 -68.12
C ARG JC 160 -43.96 76.68 -66.98
N ILE JC 161 -45.03 75.95 -67.31
CA ILE JC 161 -46.08 75.60 -66.37
C ILE JC 161 -46.11 74.09 -66.23
N VAL JC 162 -45.98 73.60 -65.01
CA VAL JC 162 -46.05 72.18 -64.73
C VAL JC 162 -47.40 71.88 -64.12
N TYR JC 163 -48.17 71.02 -64.77
CA TYR JC 163 -49.44 70.56 -64.25
C TYR JC 163 -49.24 69.19 -63.64
N ASN JC 164 -49.67 69.05 -62.38
CA ASN JC 164 -49.58 67.77 -61.69
C ASN JC 164 -50.86 66.97 -61.79
N TRP JC 165 -51.87 67.48 -62.50
CA TRP JC 165 -53.07 66.72 -62.78
C TRP JC 165 -53.78 67.33 -63.97
N ILE JC 166 -54.68 66.55 -64.58
CA ILE JC 166 -55.44 66.97 -65.74
C ILE JC 166 -56.92 66.71 -65.49
N GLU JC 167 -57.75 67.71 -65.74
CA GLU JC 167 -59.19 67.59 -65.68
C GLU JC 167 -59.78 67.88 -67.05
N TRP JC 168 -60.67 67.01 -67.50
CA TRP JC 168 -61.20 67.06 -68.84
C TRP JC 168 -62.21 65.94 -68.98
N ASP JC 169 -63.37 66.25 -69.54
CA ASP JC 169 -64.46 65.26 -69.60
C ASP JC 169 -65.38 65.48 -70.80
N GLY KC 2 -13.87 62.88 -124.86
CA GLY KC 2 -12.44 62.71 -124.84
C GLY KC 2 -12.01 61.25 -124.99
N HIS KC 3 -12.86 60.35 -124.50
CA HIS KC 3 -12.58 58.92 -124.59
C HIS KC 3 -12.83 58.42 -126.01
N ASN KC 4 -12.22 57.27 -126.32
CA ASN KC 4 -12.20 56.79 -127.69
C ASN KC 4 -13.59 56.37 -128.15
N ASN KC 5 -14.23 55.46 -127.42
CA ASN KC 5 -15.52 54.92 -127.81
C ASN KC 5 -16.62 55.52 -126.93
N THR KC 6 -17.59 56.15 -127.58
CA THR KC 6 -18.74 56.77 -126.92
C THR KC 6 -20.01 56.50 -127.72
N LYS KC 7 -20.20 55.25 -128.12
CA LYS KC 7 -21.36 54.88 -128.91
C LYS KC 7 -22.58 54.72 -128.01
N GLY KC 8 -23.67 54.20 -128.56
CA GLY KC 8 -24.88 54.00 -127.79
C GLY KC 8 -25.69 52.84 -128.34
N ASN KC 9 -26.82 52.60 -127.69
CA ASN KC 9 -27.75 51.57 -128.12
C ASN KC 9 -29.17 52.12 -127.98
N ARG KC 10 -30.08 51.52 -128.74
CA ARG KC 10 -31.42 52.09 -128.87
C ARG KC 10 -32.41 51.47 -127.89
N LYS KC 11 -32.62 50.15 -128.00
CA LYS KC 11 -33.82 49.53 -127.46
C LYS KC 11 -33.69 49.10 -126.00
N PHE KC 12 -32.51 49.16 -125.41
CA PHE KC 12 -32.37 48.77 -124.01
C PHE KC 12 -33.20 49.68 -123.12
N ILE KC 13 -33.05 50.99 -123.31
CA ILE KC 13 -33.81 51.97 -122.54
C ILE KC 13 -35.30 51.84 -122.83
N LYS KC 14 -35.66 51.58 -124.09
CA LYS KC 14 -37.06 51.41 -124.43
C LYS KC 14 -37.65 50.25 -123.66
N GLY KC 15 -36.99 49.09 -123.73
CA GLY KC 15 -37.52 47.90 -123.07
C GLY KC 15 -37.63 48.08 -121.57
N ARG KC 16 -36.61 48.67 -120.95
CA ARG KC 16 -36.67 48.85 -119.51
C ARG KC 16 -37.78 49.82 -119.13
N TYR KC 17 -37.98 50.89 -119.91
CA TYR KC 17 -39.04 51.83 -119.55
C TYR KC 17 -40.40 51.17 -119.68
N THR KC 18 -40.64 50.47 -120.80
CA THR KC 18 -41.94 49.82 -120.93
C THR KC 18 -42.12 48.72 -119.90
N ALA KC 19 -41.04 48.06 -119.48
CA ALA KC 19 -41.15 47.08 -118.41
C ALA KC 19 -41.61 47.74 -117.13
N ASN KC 20 -41.01 48.89 -116.79
CA ASN KC 20 -41.44 49.62 -115.61
C ASN KC 20 -42.89 50.07 -115.73
N ALA KC 21 -43.27 50.53 -116.92
CA ALA KC 21 -44.62 51.02 -117.12
C ALA KC 21 -45.65 49.91 -116.98
N ALA KC 22 -45.37 48.75 -117.57
CA ALA KC 22 -46.27 47.61 -117.48
C ALA KC 22 -46.18 46.90 -116.13
N LYS KC 23 -45.19 47.24 -115.30
CA LYS KC 23 -45.12 46.64 -113.97
C LYS KC 23 -46.32 47.00 -113.12
N GLY KC 24 -46.95 48.13 -113.40
CA GLY KC 24 -48.16 48.53 -112.69
C GLY KC 24 -48.32 50.03 -112.67
N GLU KC 25 -49.55 50.47 -112.42
CA GLU KC 25 -49.84 51.90 -112.38
C GLU KC 25 -49.16 52.53 -111.16
N ARG KC 26 -49.12 53.85 -111.17
CA ARG KC 26 -48.36 54.62 -110.18
C ARG KC 26 -49.34 55.39 -109.30
N LEU KC 27 -49.18 55.28 -107.98
CA LEU KC 27 -50.03 56.00 -107.04
C LEU KC 27 -49.21 56.97 -106.21
N VAL KC 28 -49.84 58.08 -105.83
CA VAL KC 28 -49.18 59.09 -105.00
C VAL KC 28 -49.25 58.66 -103.54
N SER KC 29 -48.22 59.05 -102.79
CA SER KC 29 -48.23 58.84 -101.35
C SER KC 29 -49.36 59.61 -100.68
N SER KC 30 -49.84 60.67 -101.32
CA SER KC 30 -50.94 61.44 -100.76
C SER KC 30 -52.24 60.66 -100.73
N GLU KC 31 -52.35 59.61 -101.53
CA GLU KC 31 -53.55 58.78 -101.57
C GLU KC 31 -53.36 57.61 -100.62
N PHE KC 32 -54.30 57.46 -99.69
CA PHE KC 32 -54.32 56.40 -98.69
C PHE KC 32 -55.57 56.60 -97.85
N LEU KC 33 -55.93 55.57 -97.09
CA LEU KC 33 -57.16 55.59 -96.32
C LEU KC 33 -57.05 54.67 -95.12
N LEU KC 34 -57.48 55.16 -93.97
CA LEU KC 34 -57.43 54.43 -92.72
C LEU KC 34 -58.82 54.40 -92.11
N THR KC 35 -59.13 53.30 -91.42
CA THR KC 35 -60.39 53.16 -90.69
C THR KC 35 -60.14 52.47 -89.35
N PHE KC 36 -60.83 52.94 -88.31
CA PHE KC 36 -60.85 52.21 -87.05
C PHE KC 36 -61.84 51.07 -87.10
N ALA KC 37 -62.19 50.56 -85.93
CA ALA KC 37 -63.25 49.57 -85.77
C ALA KC 37 -64.53 50.34 -85.45
N GLY KC 38 -65.32 50.60 -86.50
CA GLY KC 38 -66.61 51.23 -86.31
C GLY KC 38 -66.60 52.71 -86.04
N HIS KC 39 -65.53 53.41 -86.40
CA HIS KC 39 -65.46 54.86 -86.20
C HIS KC 39 -64.93 55.54 -87.45
N GLU KC 40 -65.45 55.13 -88.61
CA GLU KC 40 -64.88 55.59 -89.87
C GLU KC 40 -65.21 57.05 -90.12
N ASP KC 41 -66.38 57.52 -89.68
CA ASP KC 41 -66.68 58.93 -89.74
C ASP KC 41 -65.79 59.77 -88.84
N ILE KC 42 -65.13 59.15 -87.85
CA ILE KC 42 -64.01 59.81 -87.21
C ILE KC 42 -62.75 59.68 -88.04
N SER KC 43 -62.51 58.48 -88.59
CA SER KC 43 -61.27 58.19 -89.29
C SER KC 43 -61.06 59.07 -90.50
N VAL KC 44 -62.14 59.60 -91.07
CA VAL KC 44 -62.04 60.49 -92.21
C VAL KC 44 -61.16 61.69 -91.87
N LEU KC 45 -61.04 62.02 -90.58
CA LEU KC 45 -60.26 63.15 -90.11
C LEU KC 45 -58.76 62.98 -90.33
N VAL KC 46 -58.30 61.74 -90.59
CA VAL KC 46 -56.87 61.49 -90.69
C VAL KC 46 -56.25 62.35 -91.80
N ARG KC 47 -54.99 62.72 -91.61
CA ARG KC 47 -54.35 63.56 -92.62
C ARG KC 47 -53.05 63.01 -93.17
N THR KC 48 -52.17 62.44 -92.33
CA THR KC 48 -50.91 61.90 -92.83
C THR KC 48 -50.35 60.95 -91.79
N SER KC 49 -50.23 59.68 -92.13
CA SER KC 49 -49.79 58.65 -91.19
C SER KC 49 -48.40 58.13 -91.57
N GLN KC 50 -47.94 57.16 -90.79
CA GLN KC 50 -46.73 56.40 -91.09
C GLN KC 50 -47.08 54.96 -91.48
N ILE KC 51 -46.36 54.42 -92.45
CA ILE KC 51 -46.56 53.01 -92.81
C ILE KC 51 -46.08 52.13 -91.66
N PRO KC 52 -46.71 51.00 -91.40
CA PRO KC 52 -46.22 50.11 -90.35
C PRO KC 52 -44.90 49.48 -90.74
N GLU KC 53 -44.11 49.13 -89.74
CA GLU KC 53 -42.82 48.49 -89.94
C GLU KC 53 -42.94 46.98 -89.80
N MET KC 54 -42.37 46.25 -90.75
CA MET KC 54 -42.30 44.80 -90.69
C MET KC 54 -40.84 44.36 -90.68
N THR KC 55 -40.54 43.39 -89.82
CA THR KC 55 -39.22 42.77 -89.71
C THR KC 55 -39.31 41.72 -88.62
N ARG KC 56 -38.27 40.91 -88.53
CA ARG KC 56 -38.01 40.11 -87.33
C ARG KC 56 -36.62 40.46 -86.85
N GLU KC 57 -36.43 40.43 -85.53
CA GLU KC 57 -35.15 40.84 -84.98
C GLU KC 57 -34.06 39.86 -85.42
N ASP KC 58 -32.81 40.31 -85.31
CA ASP KC 58 -31.67 39.54 -85.75
C ASP KC 58 -30.78 39.25 -84.54
N VAL KC 59 -30.59 37.97 -84.25
CA VAL KC 59 -29.62 37.54 -83.25
C VAL KC 59 -28.30 37.34 -83.97
N GLU KC 60 -27.29 38.11 -83.60
CA GLU KC 60 -26.02 38.10 -84.31
C GLU KC 60 -24.95 37.64 -83.34
N ASP KC 61 -24.21 36.61 -83.70
CA ASP KC 61 -23.17 36.07 -82.84
C ASP KC 61 -21.82 36.16 -83.52
N TYR KC 62 -20.78 35.85 -82.76
CA TYR KC 62 -19.43 35.72 -83.30
C TYR KC 62 -19.14 34.23 -83.44
N GLY KC 63 -19.07 33.78 -84.69
CA GLY KC 63 -18.82 32.38 -84.96
C GLY KC 63 -17.37 32.01 -84.69
N PRO KC 64 -16.95 30.87 -85.23
CA PRO KC 64 -15.61 30.36 -84.90
C PRO KC 64 -14.49 31.25 -85.41
N ASN KC 65 -13.57 31.55 -84.49
CA ASN KC 65 -12.19 31.97 -84.76
C ASN KC 65 -12.19 33.02 -85.90
N GLY KC 66 -12.97 34.07 -85.73
CA GLY KC 66 -12.81 35.22 -86.60
C GLY KC 66 -14.05 35.64 -87.35
N VAL KC 67 -14.85 34.67 -87.79
CA VAL KC 67 -16.09 34.98 -88.49
C VAL KC 67 -17.14 35.41 -87.47
N LYS KC 68 -18.11 36.19 -87.93
CA LYS KC 68 -19.12 36.72 -87.02
C LYS KC 68 -20.38 36.96 -87.84
N PHE KC 69 -21.43 36.20 -87.54
CA PHE KC 69 -22.50 35.91 -88.48
C PHE KC 69 -23.85 36.08 -87.80
N ASN KC 70 -24.88 36.34 -88.60
CA ASN KC 70 -26.19 36.75 -88.11
C ASN KC 70 -27.25 35.69 -88.40
N GLN KC 71 -28.31 35.70 -87.61
CA GLN KC 71 -29.37 34.70 -87.71
C GLN KC 71 -30.68 35.38 -87.36
N HIS KC 72 -31.78 34.75 -87.75
CA HIS KC 72 -33.10 35.32 -87.51
C HIS KC 72 -33.44 35.31 -86.03
N GLY KC 73 -34.60 35.89 -85.72
CA GLY KC 73 -35.25 35.68 -84.45
C GLY KC 73 -36.75 35.66 -84.62
N PRO KC 74 -37.47 36.08 -83.58
CA PRO KC 74 -38.93 36.17 -83.68
C PRO KC 74 -39.35 37.47 -84.35
N ILE KC 75 -40.65 37.54 -84.65
CA ILE KC 75 -41.17 38.68 -85.39
C ILE KC 75 -41.10 39.93 -84.52
N ARG KC 76 -41.05 41.09 -85.17
CA ARG KC 76 -41.11 42.39 -84.50
C ARG KC 76 -42.57 42.71 -84.20
N ASN KC 77 -43.05 42.15 -83.08
CA ASN KC 77 -44.47 42.27 -82.75
C ASN KC 77 -44.85 43.70 -82.44
N SER KC 78 -44.02 44.43 -81.70
CA SER KC 78 -44.37 45.75 -81.21
C SER KC 78 -43.78 46.82 -82.11
N GLY KC 79 -44.52 47.92 -82.27
CA GLY KC 79 -44.06 49.02 -83.08
C GLY KC 79 -44.88 50.27 -82.83
N GLU KC 80 -44.30 51.40 -83.23
CA GLU KC 80 -44.90 52.71 -83.04
C GLU KC 80 -45.05 53.42 -84.37
N ILE KC 81 -46.21 54.03 -84.59
CA ILE KC 81 -46.53 54.73 -85.83
C ILE KC 81 -47.04 56.12 -85.47
N GLN KC 82 -46.56 57.12 -86.19
CA GLN KC 82 -46.95 58.50 -85.96
C GLN KC 82 -47.95 58.91 -87.04
N VAL KC 83 -49.00 59.63 -86.62
CA VAL KC 83 -49.95 60.20 -87.56
C VAL KC 83 -50.22 61.65 -87.14
N GLN KC 84 -50.38 62.52 -88.12
CA GLN KC 84 -50.83 63.88 -87.93
C GLN KC 84 -52.19 64.04 -88.59
N CYS KC 85 -53.05 64.84 -87.96
CA CYS KC 85 -54.43 64.98 -88.40
C CYS KC 85 -54.85 66.42 -88.14
N VAL KC 86 -56.15 66.66 -88.13
CA VAL KC 86 -56.70 68.00 -87.93
C VAL KC 86 -57.53 68.03 -86.65
N GLU KC 87 -57.74 69.23 -86.13
CA GLU KC 87 -58.52 69.42 -84.91
C GLU KC 87 -60.01 69.31 -85.23
N THR KC 88 -60.85 69.66 -84.25
CA THR KC 88 -62.28 69.68 -84.47
C THR KC 88 -62.92 70.67 -83.52
N ILE KC 89 -64.04 71.27 -83.94
CA ILE KC 89 -64.71 72.26 -83.08
C ILE KC 89 -65.69 71.58 -82.13
N GLU KC 90 -66.49 70.65 -82.63
CA GLU KC 90 -67.57 70.07 -81.84
C GLU KC 90 -67.06 69.08 -80.81
N GLY KC 91 -65.86 68.54 -80.99
CA GLY KC 91 -65.26 67.66 -80.02
C GLY KC 91 -65.21 66.19 -80.38
N ASP KC 92 -65.03 65.86 -81.65
CA ASP KC 92 -64.78 64.45 -81.99
C ASP KC 92 -63.50 63.96 -81.35
N ILE KC 93 -62.46 64.79 -81.31
CA ILE KC 93 -61.21 64.37 -80.67
C ILE KC 93 -61.44 64.13 -79.19
N LEU KC 94 -62.21 65.00 -78.53
CA LEU KC 94 -62.39 64.84 -77.09
C LEU KC 94 -63.28 63.66 -76.76
N GLN KC 95 -64.31 63.38 -77.57
CA GLN KC 95 -65.10 62.19 -77.33
C GLN KC 95 -64.31 60.92 -77.65
N PHE KC 96 -63.43 60.98 -78.65
CA PHE KC 96 -62.52 59.89 -78.95
C PHE KC 96 -61.63 59.58 -77.77
N ILE KC 97 -61.04 60.61 -77.18
CA ILE KC 97 -60.15 60.37 -76.07
C ILE KC 97 -60.92 60.01 -74.80
N LYS KC 98 -62.13 60.56 -74.62
CA LYS KC 98 -63.08 59.99 -73.67
C LYS KC 98 -63.17 58.48 -73.77
N ASP KC 99 -63.72 57.97 -74.88
CA ASP KC 99 -64.02 56.55 -74.86
C ASP KC 99 -62.74 55.72 -74.90
N ARG KC 100 -61.67 56.23 -75.51
CA ARG KC 100 -60.41 55.48 -75.52
C ARG KC 100 -59.80 55.39 -74.13
N ILE KC 101 -59.78 56.50 -73.38
CA ILE KC 101 -59.20 56.46 -72.05
C ILE KC 101 -60.08 55.63 -71.12
N ALA KC 102 -61.40 55.64 -71.34
CA ALA KC 102 -62.28 54.90 -70.45
C ALA KC 102 -62.15 53.39 -70.69
N ALA KC 103 -62.20 52.98 -71.96
CA ALA KC 103 -62.17 51.55 -72.25
C ALA KC 103 -60.76 50.97 -72.10
N LYS KC 104 -59.73 51.75 -72.46
CA LYS KC 104 -58.34 51.33 -72.44
C LYS KC 104 -58.17 49.92 -72.99
N ASP KC 105 -58.96 49.59 -74.00
CA ASP KC 105 -58.94 48.26 -74.60
C ASP KC 105 -57.99 48.26 -75.79
N TYR KC 106 -57.98 47.16 -76.54
CA TYR KC 106 -57.17 47.04 -77.74
C TYR KC 106 -58.07 47.04 -78.96
N VAL KC 107 -57.69 47.81 -79.97
CA VAL KC 107 -58.54 48.03 -81.12
C VAL KC 107 -57.77 47.60 -82.37
N ASP KC 108 -58.49 47.50 -83.48
CA ASP KC 108 -57.93 47.10 -84.76
C ASP KC 108 -58.13 48.21 -85.78
N ILE KC 109 -57.11 48.41 -86.61
CA ILE KC 109 -57.08 49.52 -87.57
C ILE KC 109 -56.74 48.97 -88.94
N THR KC 110 -57.43 49.48 -89.96
CA THR KC 110 -57.18 49.09 -91.34
C THR KC 110 -56.57 50.26 -92.09
N MET KC 111 -55.42 50.03 -92.70
CA MET KC 111 -54.69 51.06 -93.43
C MET KC 111 -54.42 50.52 -94.83
N ALA KC 112 -54.85 51.24 -95.85
CA ALA KC 112 -54.67 50.76 -97.21
C ALA KC 112 -54.64 51.93 -98.18
N ALA KC 113 -53.81 51.80 -99.21
CA ALA KC 113 -53.78 52.75 -100.32
C ALA KC 113 -54.66 52.19 -101.42
N THR KC 114 -55.68 52.95 -101.82
CA THR KC 114 -56.69 52.49 -102.77
C THR KC 114 -56.76 53.47 -103.94
N PRO KC 115 -56.07 53.20 -105.04
CA PRO KC 115 -55.97 54.18 -106.12
C PRO KC 115 -57.31 54.53 -106.73
N GLU KC 116 -57.45 55.81 -107.07
CA GLU KC 116 -58.67 56.31 -107.67
C GLU KC 116 -58.85 55.76 -109.09
N SER KC 117 -57.76 55.40 -109.76
CA SER KC 117 -57.87 54.88 -111.12
C SER KC 117 -58.63 53.56 -111.14
N LYS KC 118 -58.35 52.67 -110.18
CA LYS KC 118 -59.07 51.41 -110.09
C LYS KC 118 -60.23 51.46 -109.11
N SER KC 119 -60.43 52.59 -108.44
CA SER KC 119 -61.57 52.74 -107.55
C SER KC 119 -62.81 53.06 -108.37
N SER KC 120 -63.91 52.39 -108.04
CA SER KC 120 -65.13 52.60 -108.79
C SER KC 120 -66.30 52.08 -107.96
N GLY KC 121 -67.50 52.48 -108.37
CA GLY KC 121 -68.72 52.00 -107.73
C GLY KC 121 -69.26 53.02 -106.75
N VAL KC 122 -69.59 52.57 -105.54
CA VAL KC 122 -70.13 53.44 -104.50
C VAL KC 122 -68.97 53.96 -103.66
N ASN KC 123 -67.89 53.19 -103.61
CA ASN KC 123 -66.72 53.54 -102.83
C ASN KC 123 -65.48 53.03 -103.55
N ALA KC 124 -64.32 53.45 -103.07
CA ALA KC 124 -63.07 53.05 -103.68
C ALA KC 124 -62.89 51.53 -103.61
N VAL KC 125 -62.52 50.93 -104.74
CA VAL KC 125 -62.34 49.49 -104.82
C VAL KC 125 -61.01 49.13 -104.17
N THR KC 126 -61.07 48.51 -103.00
CA THR KC 126 -59.88 48.13 -102.25
C THR KC 126 -59.70 46.62 -102.34
N LYS KC 127 -58.48 46.19 -102.63
CA LYS KC 127 -58.16 44.77 -102.77
C LYS KC 127 -57.46 44.30 -101.50
N ALA KC 128 -57.77 43.07 -101.09
CA ALA KC 128 -57.46 42.61 -99.73
C ALA KC 128 -55.95 42.59 -99.47
N ALA KC 129 -55.16 42.15 -100.44
CA ALA KC 129 -53.74 41.94 -100.18
C ALA KC 129 -53.03 43.25 -99.84
N THR KC 130 -53.39 44.33 -100.52
CA THR KC 130 -52.71 45.61 -100.32
C THR KC 130 -53.15 46.30 -99.04
N THR KC 131 -53.97 45.64 -98.23
CA THR KC 131 -54.44 46.19 -96.97
C THR KC 131 -53.57 45.68 -95.83
N ILE KC 132 -53.16 46.59 -94.95
CA ILE KC 132 -52.41 46.25 -93.75
C ILE KC 132 -53.33 46.43 -92.55
N GLU KC 133 -53.22 45.51 -91.59
CA GLU KC 133 -54.12 45.44 -90.45
C GLU KC 133 -53.29 45.30 -89.18
N MET KC 134 -53.60 46.12 -88.19
CA MET KC 134 -52.90 46.15 -86.91
C MET KC 134 -53.75 45.54 -85.81
N LEU KC 135 -53.07 44.88 -84.88
CA LEU KC 135 -53.70 44.24 -83.74
C LEU KC 135 -53.20 44.86 -82.45
N ASP KC 136 -54.09 44.94 -81.46
CA ASP KC 136 -53.76 45.44 -80.13
C ASP KC 136 -53.26 46.87 -80.20
N CYS KC 137 -54.03 47.73 -80.87
CA CYS KC 137 -53.63 49.10 -81.08
C CYS KC 137 -53.77 49.91 -79.79
N LYS KC 138 -52.81 50.80 -79.55
CA LYS KC 138 -52.80 51.65 -78.36
C LYS KC 138 -52.60 53.08 -78.82
N ILE KC 139 -53.62 53.92 -78.62
CA ILE KC 139 -53.65 55.29 -79.12
C ILE KC 139 -53.22 56.22 -78.00
N TYR KC 140 -52.35 57.18 -78.31
CA TYR KC 140 -51.96 58.19 -77.35
C TYR KC 140 -51.71 59.50 -78.08
N SER KC 141 -51.82 60.59 -77.33
CA SER KC 141 -51.72 61.93 -77.90
C SER KC 141 -50.27 62.38 -77.97
N ASP KC 142 -50.04 63.50 -78.66
CA ASP KC 142 -48.75 64.17 -78.67
C ASP KC 142 -48.96 65.67 -78.59
N ALA KC 143 -48.09 66.35 -77.84
CA ALA KC 143 -48.16 67.79 -77.72
C ALA KC 143 -47.83 68.46 -79.05
N ILE KC 144 -48.56 69.53 -79.37
CA ILE KC 144 -48.48 70.17 -80.68
C ILE KC 144 -48.16 71.65 -80.50
N ASP KC 145 -47.02 72.07 -81.03
CA ASP KC 145 -46.59 73.47 -80.98
C ASP KC 145 -47.47 74.26 -81.92
N PHE KC 146 -48.56 74.81 -81.41
CA PHE KC 146 -49.45 75.64 -82.22
C PHE KC 146 -49.03 77.09 -82.06
N SER KC 147 -48.61 77.71 -83.16
CA SER KC 147 -48.20 79.10 -83.11
C SER KC 147 -49.40 80.01 -83.33
N THR KC 148 -49.20 81.29 -83.04
CA THR KC 148 -50.22 82.29 -83.29
C THR KC 148 -49.97 83.04 -84.59
N GLU KC 149 -48.72 83.12 -85.04
CA GLU KC 149 -48.41 83.81 -86.29
C GLU KC 149 -48.82 83.00 -87.52
N ASP KC 150 -49.07 81.70 -87.37
CA ASP KC 150 -49.38 80.84 -88.52
C ASP KC 150 -50.75 81.22 -89.08
N VAL KC 151 -50.76 82.32 -89.83
CA VAL KC 151 -51.99 82.90 -90.35
C VAL KC 151 -52.75 81.96 -91.25
N THR KC 152 -52.06 81.04 -91.92
CA THR KC 152 -52.70 80.08 -92.81
C THR KC 152 -52.61 78.65 -92.30
N ALA KC 153 -52.08 78.45 -91.11
CA ALA KC 153 -51.92 77.12 -90.55
C ALA KC 153 -52.71 77.01 -89.25
N ALA KC 154 -53.27 75.84 -89.03
CA ALA KC 154 -54.09 75.56 -87.86
C ALA KC 154 -53.42 74.45 -87.04
N VAL KC 155 -54.13 74.00 -86.01
CA VAL KC 155 -53.59 72.97 -85.13
C VAL KC 155 -53.41 71.67 -85.90
N ARG KC 156 -52.23 71.08 -85.77
CA ARG KC 156 -51.95 69.80 -86.40
C ARG KC 156 -51.78 68.75 -85.33
N PRO KC 157 -52.87 68.22 -84.77
CA PRO KC 157 -52.74 67.24 -83.69
C PRO KC 157 -52.00 66.00 -84.16
N SER KC 158 -51.20 65.44 -83.26
CA SER KC 158 -50.39 64.26 -83.54
C SER KC 158 -50.81 63.13 -82.62
N LEU KC 159 -50.98 61.94 -83.20
CA LEU KC 159 -51.34 60.75 -82.45
C LEU KC 159 -50.29 59.68 -82.69
N ARG KC 160 -49.83 59.07 -81.61
CA ARG KC 160 -48.89 57.96 -81.67
C ARG KC 160 -49.64 56.67 -81.36
N ILE KC 161 -49.54 55.71 -82.26
CA ILE KC 161 -50.25 54.46 -82.17
C ILE KC 161 -49.23 53.33 -82.06
N VAL KC 162 -49.35 52.52 -81.02
CA VAL KC 162 -48.47 51.39 -80.82
C VAL KC 162 -49.25 50.12 -81.16
N TYR KC 163 -48.74 49.38 -82.13
CA TYR KC 163 -49.30 48.09 -82.51
C TYR KC 163 -48.47 46.99 -81.86
N ASN KC 164 -49.14 46.10 -81.13
CA ASN KC 164 -48.47 44.99 -80.50
C ASN KC 164 -48.53 43.72 -81.33
N TRP KC 165 -49.14 43.79 -82.52
CA TRP KC 165 -49.10 42.69 -83.47
C TRP KC 165 -49.41 43.23 -84.86
N ILE KC 166 -49.04 42.45 -85.87
CA ILE KC 166 -49.20 42.84 -87.27
C ILE KC 166 -49.86 41.70 -88.02
N GLU KC 167 -50.84 42.04 -88.85
CA GLU KC 167 -51.52 41.08 -89.73
C GLU KC 167 -51.34 41.50 -91.17
N TRP KC 168 -50.94 40.55 -92.00
CA TRP KC 168 -50.76 40.78 -93.43
C TRP KC 168 -50.44 39.47 -94.12
N ASP KC 169 -51.20 39.17 -95.18
CA ASP KC 169 -51.09 37.91 -95.88
C ASP KC 169 -51.16 38.12 -97.38
N GLY LC 2 1.64 90.08 -107.82
CA GLY LC 2 2.51 90.78 -106.89
C GLY LC 2 3.85 90.10 -106.72
N HIS LC 3 3.84 88.77 -106.83
CA HIS LC 3 5.08 88.01 -106.71
C HIS LC 3 5.93 88.13 -107.97
N ASN LC 4 7.22 87.84 -107.80
CA ASN LC 4 8.19 88.10 -108.86
C ASN LC 4 7.95 87.21 -110.07
N ASN LC 5 7.96 85.90 -109.88
CA ASN LC 5 7.84 84.94 -110.97
C ASN LC 5 6.43 84.34 -110.98
N THR LC 6 5.74 84.50 -112.10
CA THR LC 6 4.39 83.99 -112.30
C THR LC 6 4.25 83.41 -113.70
N LYS LC 7 5.23 82.62 -114.12
CA LYS LC 7 5.22 82.03 -115.44
C LYS LC 7 4.30 80.81 -115.45
N GLY LC 8 4.30 80.07 -116.55
CA GLY LC 8 3.47 78.89 -116.67
C GLY LC 8 4.13 77.88 -117.59
N ASN LC 9 3.44 76.77 -117.80
CA ASN LC 9 3.90 75.74 -118.72
C ASN LC 9 2.70 75.25 -119.53
N ARG LC 10 3.00 74.64 -120.67
CA ARG LC 10 1.97 74.31 -121.64
C ARG LC 10 1.44 72.89 -121.48
N LYS LC 11 2.31 71.90 -121.63
CA LYS LC 11 1.89 70.55 -121.94
C LYS LC 11 1.64 69.67 -120.71
N PHE LC 12 1.96 70.14 -119.51
CA PHE LC 12 1.72 69.31 -118.34
C PHE LC 12 0.23 69.05 -118.16
N ILE LC 13 -0.57 70.12 -118.26
CA ILE LC 13 -2.02 70.01 -118.12
C ILE LC 13 -2.58 69.17 -119.27
N LYS LC 14 -2.05 69.35 -120.48
CA LYS LC 14 -2.53 68.58 -121.61
C LYS LC 14 -2.30 67.09 -121.38
N GLY LC 15 -1.09 66.74 -120.95
CA GLY LC 15 -0.77 65.33 -120.73
C GLY LC 15 -1.60 64.71 -119.63
N ARG LC 16 -1.74 65.42 -118.51
CA ARG LC 16 -2.53 64.87 -117.43
C ARG LC 16 -4.01 64.73 -117.83
N TYR LC 17 -4.54 65.70 -118.56
CA TYR LC 17 -5.91 65.62 -119.00
C TYR LC 17 -6.14 64.45 -119.95
N THR LC 18 -5.26 64.30 -120.94
CA THR LC 18 -5.40 63.19 -121.86
C THR LC 18 -5.20 61.86 -121.15
N ALA LC 19 -4.33 61.81 -120.15
CA ALA LC 19 -4.17 60.59 -119.37
C ALA LC 19 -5.46 60.24 -118.65
N ASN LC 20 -6.10 61.23 -118.03
CA ASN LC 20 -7.39 60.99 -117.38
C ASN LC 20 -8.43 60.53 -118.40
N ALA LC 21 -8.44 61.16 -119.58
CA ALA LC 21 -9.42 60.80 -120.60
C ALA LC 21 -9.22 59.36 -121.07
N ALA LC 22 -7.96 58.97 -121.31
CA ALA LC 22 -7.66 57.63 -121.78
C ALA LC 22 -7.70 56.60 -120.67
N LYS LC 23 -7.78 57.03 -119.41
CA LYS LC 23 -7.87 56.07 -118.31
C LYS LC 23 -9.14 55.23 -118.41
N GLY LC 24 -10.18 55.75 -119.04
CA GLY LC 24 -11.42 55.02 -119.24
C GLY LC 24 -12.60 55.96 -119.35
N GLU LC 25 -13.68 55.44 -119.91
CA GLU LC 25 -14.90 56.22 -120.08
C GLU LC 25 -15.51 56.52 -118.71
N ARG LC 26 -16.44 57.47 -118.71
CA ARG LC 26 -17.03 57.99 -117.48
C ARG LC 26 -18.50 57.58 -117.42
N LEU LC 27 -18.91 57.02 -116.27
CA LEU LC 27 -20.29 56.60 -116.09
C LEU LC 27 -20.93 57.38 -114.95
N VAL LC 28 -22.24 57.59 -115.07
CA VAL LC 28 -23.01 58.29 -114.05
C VAL LC 28 -23.36 57.32 -112.93
N SER LC 29 -23.43 57.84 -111.71
CA SER LC 29 -23.93 57.04 -110.60
C SER LC 29 -25.38 56.64 -110.79
N SER LC 30 -26.13 57.38 -111.61
CA SER LC 30 -27.51 57.03 -111.87
C SER LC 30 -27.64 55.72 -112.65
N GLU LC 31 -26.57 55.30 -113.31
CA GLU LC 31 -26.58 54.05 -114.07
C GLU LC 31 -26.05 52.94 -113.17
N PHE LC 32 -26.84 51.89 -113.03
CA PHE LC 32 -26.53 50.70 -112.24
C PHE LC 32 -27.70 49.75 -112.35
N LEU LC 33 -27.48 48.50 -111.96
CA LEU LC 33 -28.49 47.46 -112.12
C LEU LC 33 -28.28 46.37 -111.08
N LEU LC 34 -29.37 45.95 -110.46
CA LEU LC 34 -29.36 44.92 -109.45
C LEU LC 34 -30.34 43.82 -109.82
N THR LC 35 -30.01 42.59 -109.45
CA THR LC 35 -30.89 41.45 -109.66
C THR LC 35 -30.83 40.52 -108.45
N PHE LC 36 -32.00 39.99 -108.07
CA PHE LC 36 -32.04 38.94 -107.07
C PHE LC 36 -31.72 37.60 -107.71
N ALA LC 37 -32.04 36.53 -106.99
CA ALA LC 37 -31.95 35.16 -107.50
C ALA LC 37 -33.32 34.82 -108.06
N GLY LC 38 -33.46 34.99 -109.37
CA GLY LC 38 -34.69 34.59 -110.04
C GLY LC 38 -35.88 35.50 -109.87
N HIS LC 39 -35.68 36.75 -109.49
CA HIS LC 39 -36.78 37.70 -109.32
C HIS LC 39 -36.44 39.02 -109.98
N GLU LC 40 -35.90 38.95 -111.20
CA GLU LC 40 -35.39 40.15 -111.85
C GLU LC 40 -36.52 41.08 -112.29
N ASP LC 41 -37.66 40.52 -112.67
CA ASP LC 41 -38.83 41.33 -112.96
C ASP LC 41 -39.36 42.03 -111.70
N ILE LC 42 -38.98 41.58 -110.51
CA ILE LC 42 -39.17 42.40 -109.33
C ILE LC 42 -38.03 43.39 -109.20
N SER LC 43 -36.80 42.95 -109.44
CA SER LC 43 -35.62 43.77 -109.20
C SER LC 43 -35.62 45.03 -110.04
N VAL LC 44 -36.33 45.02 -111.18
CA VAL LC 44 -36.42 46.20 -112.02
C VAL LC 44 -36.98 47.38 -111.23
N LEU LC 45 -37.72 47.10 -110.15
CA LEU LC 45 -38.33 48.14 -109.33
C LEU LC 45 -37.31 48.96 -108.56
N VAL LC 46 -36.06 48.51 -108.45
CA VAL LC 46 -35.07 49.21 -107.65
C VAL LC 46 -34.89 50.63 -108.14
N ARG LC 47 -34.57 51.55 -107.23
CA ARG LC 47 -34.41 52.94 -107.64
C ARG LC 47 -33.06 53.55 -107.26
N THR LC 48 -32.56 53.30 -106.04
CA THR LC 48 -31.28 53.87 -105.64
C THR LC 48 -30.74 53.10 -104.45
N SER LC 49 -29.61 52.44 -104.62
CA SER LC 49 -29.05 51.58 -103.59
C SER LC 49 -27.77 52.18 -103.02
N GLN LC 50 -27.16 51.44 -102.11
CA GLN LC 50 -25.83 51.75 -101.58
C GLN LC 50 -24.80 50.73 -102.07
N ILE LC 51 -23.60 51.20 -102.37
CA ILE LC 51 -22.53 50.28 -102.74
C ILE LC 51 -22.14 49.45 -101.52
N PRO LC 52 -21.77 48.19 -101.69
CA PRO LC 52 -21.32 47.41 -100.54
C PRO LC 52 -19.98 47.91 -100.03
N GLU LC 53 -19.75 47.68 -98.74
CA GLU LC 53 -18.51 48.08 -98.08
C GLU LC 53 -17.55 46.91 -98.01
N MET LC 54 -16.30 47.16 -98.40
CA MET LC 54 -15.23 46.17 -98.27
C MET LC 54 -14.15 46.71 -97.36
N THR LC 55 -13.66 45.84 -96.48
CA THR LC 55 -12.55 46.13 -95.57
C THR LC 55 -12.32 44.88 -94.73
N ARG LC 56 -11.22 44.88 -94.00
CA ARG LC 56 -11.02 43.96 -92.90
C ARG LC 56 -10.75 44.79 -91.66
N GLU LC 57 -11.22 44.31 -90.51
CA GLU LC 57 -11.07 45.09 -89.28
C GLU LC 57 -9.59 45.24 -88.93
N ASP LC 58 -9.31 46.22 -88.10
CA ASP LC 58 -7.94 46.56 -87.71
C ASP LC 58 -7.79 46.36 -86.21
N VAL LC 59 -6.89 45.45 -85.84
CA VAL LC 59 -6.52 45.28 -84.43
C VAL LC 59 -5.35 46.21 -84.17
N GLU LC 60 -5.54 47.17 -83.28
CA GLU LC 60 -4.54 48.20 -83.06
C GLU LC 60 -4.07 48.07 -81.62
N ASP LC 61 -2.76 47.95 -81.42
CA ASP LC 61 -2.21 47.81 -80.09
C ASP LC 61 -1.25 48.96 -79.81
N TYR LC 62 -0.80 49.03 -78.57
CA TYR LC 62 0.26 49.94 -78.16
C TYR LC 62 1.55 49.14 -78.08
N GLY LC 63 2.45 49.36 -79.03
CA GLY LC 63 3.70 48.65 -79.08
C GLY LC 63 4.62 49.08 -77.96
N PRO LC 64 5.90 48.81 -78.09
CA PRO LC 64 6.83 49.06 -76.98
C PRO LC 64 6.98 50.55 -76.67
N ASN LC 65 6.83 50.85 -75.38
CA ASN LC 65 7.35 52.04 -74.72
C ASN LC 65 7.16 53.32 -75.53
N GLY LC 66 5.94 53.57 -76.00
CA GLY LC 66 5.64 54.86 -76.60
C GLY LC 66 5.02 54.79 -77.97
N VAL LC 67 5.43 53.80 -78.76
CA VAL LC 67 4.84 53.62 -80.09
C VAL LC 67 3.53 52.86 -79.97
N LYS LC 68 2.64 53.08 -80.92
CA LYS LC 68 1.33 52.44 -80.86
C LYS LC 68 0.85 52.24 -82.30
N PHE LC 69 0.71 50.98 -82.69
CA PHE LC 69 0.76 50.57 -84.09
C PHE LC 69 -0.38 49.61 -84.38
N ASN LC 70 -0.76 49.53 -85.66
CA ASN LC 70 -1.98 48.84 -86.10
C ASN LC 70 -1.64 47.63 -86.96
N GLN LC 71 -2.56 46.67 -86.99
CA GLN LC 71 -2.35 45.43 -87.71
C GLN LC 71 -3.69 44.97 -88.26
N HIS LC 72 -3.65 44.07 -89.24
CA HIS LC 72 -4.86 43.60 -89.89
C HIS LC 72 -5.69 42.73 -88.93
N GLY LC 73 -6.86 42.33 -89.42
CA GLY LC 73 -7.60 41.24 -88.83
C GLY LC 73 -8.31 40.43 -89.88
N PRO LC 74 -9.44 39.85 -89.53
CA PRO LC 74 -10.25 39.12 -90.50
C PRO LC 74 -11.12 40.06 -91.31
N ILE LC 75 -11.72 39.50 -92.37
CA ILE LC 75 -12.50 40.30 -93.29
C ILE LC 75 -13.76 40.82 -92.59
N ARG LC 76 -14.29 41.93 -93.10
CA ARG LC 76 -15.56 42.49 -92.63
C ARG LC 76 -16.69 41.73 -93.31
N ASN LC 77 -17.03 40.57 -92.72
CA ASN LC 77 -18.01 39.69 -93.35
C ASN LC 77 -19.40 40.31 -93.36
N SER LC 78 -19.80 40.96 -92.29
CA SER LC 78 -21.16 41.46 -92.14
C SER LC 78 -21.24 42.94 -92.50
N GLY LC 79 -22.35 43.32 -93.11
CA GLY LC 79 -22.56 44.71 -93.48
C GLY LC 79 -24.00 44.98 -93.82
N GLU LC 80 -24.35 46.26 -93.80
CA GLU LC 80 -25.70 46.74 -94.05
C GLU LC 80 -25.71 47.73 -95.19
N ILE LC 81 -26.68 47.57 -96.10
CA ILE LC 81 -26.82 48.41 -97.28
C ILE LC 81 -28.26 48.91 -97.36
N GLN LC 82 -28.41 50.19 -97.62
CA GLN LC 82 -29.72 50.82 -97.73
C GLN LC 82 -30.07 50.99 -99.20
N VAL LC 83 -31.32 50.70 -99.54
CA VAL LC 83 -31.84 50.95 -100.88
C VAL LC 83 -33.22 51.59 -100.76
N GLN LC 84 -33.50 52.55 -101.63
CA GLN LC 84 -34.82 53.13 -101.78
C GLN LC 84 -35.37 52.75 -103.15
N CYS LC 85 -36.68 52.53 -103.21
CA CYS LC 85 -37.32 52.02 -104.41
C CYS LC 85 -38.71 52.65 -104.50
N VAL LC 86 -39.58 52.06 -105.31
CA VAL LC 86 -40.92 52.58 -105.53
C VAL LC 86 -41.94 51.55 -105.06
N GLU LC 87 -43.17 52.03 -104.84
CA GLU LC 87 -44.26 51.17 -104.40
C GLU LC 87 -44.85 50.42 -105.59
N THR LC 88 -45.91 49.66 -105.33
CA THR LC 88 -46.61 48.94 -106.38
C THR LC 88 -48.09 48.86 -106.02
N ILE LC 89 -48.94 48.82 -107.05
CA ILE LC 89 -50.37 48.74 -106.80
C ILE LC 89 -50.81 47.30 -106.65
N GLU LC 90 -50.30 46.40 -107.50
CA GLU LC 90 -50.79 45.03 -107.54
C GLU LC 90 -50.21 44.17 -106.44
N GLY LC 91 -49.17 44.63 -105.75
CA GLY LC 91 -48.65 43.94 -104.60
C GLY LC 91 -47.41 43.11 -104.81
N ASP LC 92 -46.51 43.53 -105.70
CA ASP LC 92 -45.23 42.86 -105.79
C ASP LC 92 -44.45 42.96 -104.49
N ILE LC 93 -44.53 44.12 -103.83
CA ILE LC 93 -43.85 44.28 -102.55
C ILE LC 93 -44.46 43.35 -101.51
N LEU LC 94 -45.78 43.21 -101.50
CA LEU LC 94 -46.40 42.38 -100.48
C LEU LC 94 -46.15 40.90 -100.73
N GLN LC 95 -46.13 40.46 -101.99
CA GLN LC 95 -45.77 39.07 -102.25
C GLN LC 95 -44.30 38.82 -101.95
N PHE LC 96 -43.45 39.81 -102.18
CA PHE LC 96 -42.04 39.70 -101.81
C PHE LC 96 -41.89 39.55 -100.30
N ILE LC 97 -42.59 40.37 -99.53
CA ILE LC 97 -42.47 40.24 -98.09
C ILE LC 97 -43.12 38.94 -97.62
N LYS LC 98 -44.24 38.53 -98.24
CA LYS LC 98 -44.79 37.19 -98.03
C LYS LC 98 -43.74 36.10 -98.11
N ASP LC 99 -43.17 35.90 -99.30
CA ASP LC 99 -42.32 34.74 -99.48
C ASP LC 99 -40.99 34.90 -98.73
N ARG LC 100 -40.51 36.14 -98.58
CA ARG LC 100 -39.28 36.32 -97.81
C ARG LC 100 -39.48 36.01 -96.34
N ILE LC 101 -40.59 36.48 -95.75
CA ILE LC 101 -40.83 36.18 -94.35
C ILE LC 101 -41.12 34.71 -94.15
N ALA LC 102 -41.74 34.06 -95.14
CA ALA LC 102 -42.04 32.65 -95.00
C ALA LC 102 -40.78 31.80 -95.06
N ALA LC 103 -39.94 32.05 -96.06
CA ALA LC 103 -38.75 31.23 -96.26
C ALA LC 103 -37.65 31.56 -95.26
N LYS LC 104 -37.50 32.84 -94.92
CA LYS LC 104 -36.46 33.35 -94.03
C LYS LC 104 -35.11 32.71 -94.33
N ASP LC 105 -34.84 32.48 -95.61
CA ASP LC 105 -33.61 31.84 -96.05
C ASP LC 105 -32.58 32.92 -96.38
N TYR LC 106 -31.46 32.50 -96.95
CA TYR LC 106 -30.40 33.41 -97.38
C TYR LC 106 -30.36 33.42 -98.90
N VAL LC 107 -30.26 34.62 -99.47
CA VAL LC 107 -30.36 34.79 -100.91
C VAL LC 107 -29.10 35.48 -101.40
N ASP LC 108 -28.92 35.48 -102.72
CA ASP LC 108 -27.77 36.10 -103.36
C ASP LC 108 -28.24 37.19 -104.31
N ILE LC 109 -27.49 38.30 -104.34
CA ILE LC 109 -27.86 39.49 -105.08
C ILE LC 109 -26.67 39.91 -105.95
N THR LC 110 -26.96 40.30 -107.18
CA THR LC 110 -25.95 40.79 -108.10
C THR LC 110 -26.15 42.29 -108.33
N MET LC 111 -25.11 43.06 -108.09
CA MET LC 111 -25.14 44.51 -108.23
C MET LC 111 -24.00 44.91 -109.15
N ALA LC 112 -24.31 45.62 -110.24
CA ALA LC 112 -23.26 45.99 -111.18
C ALA LC 112 -23.67 47.24 -111.94
N ALA LC 113 -22.68 48.08 -112.24
CA ALA LC 113 -22.88 49.23 -113.11
C ALA LC 113 -22.45 48.83 -114.52
N THR LC 114 -23.38 48.94 -115.47
CA THR LC 114 -23.16 48.46 -116.83
C THR LC 114 -23.40 49.60 -117.81
N PRO LC 115 -22.34 50.28 -118.25
CA PRO LC 115 -22.53 51.50 -119.04
C PRO LC 115 -23.22 51.22 -120.37
N GLU LC 116 -24.08 52.16 -120.74
CA GLU LC 116 -24.83 52.03 -121.97
C GLU LC 116 -23.95 52.24 -123.19
N SER LC 117 -22.81 52.91 -123.03
CA SER LC 117 -21.90 53.08 -124.16
C SER LC 117 -21.35 51.73 -124.62
N LYS LC 118 -20.95 50.88 -123.67
CA LYS LC 118 -20.44 49.57 -124.04
C LYS LC 118 -21.52 48.49 -124.00
N SER LC 119 -22.74 48.84 -123.60
CA SER LC 119 -23.82 47.88 -123.61
C SER LC 119 -24.36 47.74 -125.03
N SER LC 120 -24.61 46.50 -125.44
CA SER LC 120 -25.07 46.26 -126.80
C SER LC 120 -25.68 44.88 -126.86
N GLY LC 121 -26.42 44.63 -127.93
CA GLY LC 121 -27.00 43.32 -128.18
C GLY LC 121 -28.47 43.28 -127.75
N VAL LC 122 -28.83 42.25 -127.00
CA VAL LC 122 -30.21 42.08 -126.54
C VAL LC 122 -30.33 42.73 -125.17
N ASN LC 123 -29.22 42.81 -124.44
CA ASN LC 123 -29.20 43.39 -123.12
C ASN LC 123 -27.86 44.07 -122.90
N ALA LC 124 -27.77 44.81 -121.80
CA ALA LC 124 -26.54 45.53 -121.49
C ALA LC 124 -25.38 44.56 -121.31
N VAL LC 125 -24.25 44.87 -121.95
CA VAL LC 125 -23.07 44.01 -121.89
C VAL LC 125 -22.38 44.25 -120.55
N THR LC 126 -22.48 43.28 -119.64
CA THR LC 126 -21.90 43.39 -118.31
C THR LC 126 -20.67 42.48 -118.23
N LYS LC 127 -19.58 43.03 -117.70
CA LYS LC 127 -18.33 42.29 -117.58
C LYS LC 127 -18.17 41.82 -116.14
N ALA LC 128 -17.61 40.62 -115.99
CA ALA LC 128 -17.70 39.89 -114.72
C ALA LC 128 -17.02 40.63 -113.59
N ALA LC 129 -15.84 41.20 -113.84
CA ALA LC 129 -15.04 41.78 -112.75
C ALA LC 129 -15.78 42.93 -112.08
N THR LC 130 -16.44 43.77 -112.85
CA THR LC 130 -17.11 44.95 -112.31
C THR LC 130 -18.41 44.60 -111.58
N THR LC 131 -18.69 43.31 -111.42
CA THR LC 131 -19.90 42.86 -110.75
C THR LC 131 -19.58 42.52 -109.30
N ILE LC 132 -20.43 42.98 -108.39
CA ILE LC 132 -20.31 42.66 -106.98
C ILE LC 132 -21.45 41.72 -106.60
N GLU LC 133 -21.13 40.74 -105.77
CA GLU LC 133 -22.06 39.67 -105.42
C GLU LC 133 -22.08 39.49 -103.92
N MET LC 134 -23.28 39.44 -103.34
CA MET LC 134 -23.48 39.31 -101.91
C MET LC 134 -23.96 37.91 -101.55
N LEU LC 135 -23.52 37.44 -100.39
CA LEU LC 135 -23.90 36.13 -99.88
C LEU LC 135 -24.65 36.28 -98.57
N ASP LC 136 -25.61 35.39 -98.36
CA ASP LC 136 -26.38 35.34 -97.12
C ASP LC 136 -27.14 36.65 -96.88
N CYS LC 137 -27.86 37.07 -97.91
CA CYS LC 137 -28.56 38.35 -97.85
C CYS LC 137 -29.79 38.25 -96.95
N LYS LC 138 -30.03 39.31 -96.19
CA LYS LC 138 -31.16 39.38 -95.26
C LYS LC 138 -31.90 40.68 -95.52
N ILE LC 139 -33.13 40.57 -96.03
CA ILE LC 139 -33.92 41.71 -96.46
C ILE LC 139 -34.86 42.10 -95.33
N TYR LC 140 -34.96 43.40 -95.05
CA TYR LC 140 -35.92 43.90 -94.08
C TYR LC 140 -36.42 45.26 -94.52
N SER LC 141 -37.61 45.61 -94.04
CA SER LC 141 -38.25 46.85 -94.45
C SER LC 141 -37.78 48.02 -93.60
N ASP LC 142 -38.15 49.23 -94.03
CA ASP LC 142 -37.94 50.43 -93.23
C ASP LC 142 -39.18 51.30 -93.30
N ALA LC 143 -39.52 51.94 -92.19
CA ALA LC 143 -40.67 52.83 -92.14
C ALA LC 143 -40.43 54.06 -93.02
N ILE LC 144 -41.47 54.50 -93.70
CA ILE LC 144 -41.36 55.56 -94.70
C ILE LC 144 -42.34 56.67 -94.34
N ASP LC 145 -41.82 57.88 -94.13
CA ASP LC 145 -42.62 59.06 -93.84
C ASP LC 145 -43.24 59.55 -95.15
N PHE LC 146 -44.44 59.06 -95.46
CA PHE LC 146 -45.14 59.47 -96.66
C PHE LC 146 -46.05 60.65 -96.32
N SER LC 147 -45.78 61.79 -96.94
CA SER LC 147 -46.60 62.96 -96.68
C SER LC 147 -47.80 62.99 -97.62
N THR LC 148 -48.75 63.86 -97.29
CA THR LC 148 -49.90 64.08 -98.14
C THR LC 148 -49.75 65.31 -99.02
N GLU LC 149 -48.94 66.28 -98.60
CA GLU LC 149 -48.73 67.49 -99.40
C GLU LC 149 -47.82 67.24 -100.60
N ASP LC 150 -47.07 66.14 -100.62
CA ASP LC 150 -46.11 65.87 -101.69
C ASP LC 150 -46.87 65.59 -102.99
N VAL LC 151 -47.33 66.68 -103.60
CA VAL LC 151 -48.20 66.59 -104.77
C VAL LC 151 -47.51 65.90 -105.94
N THR LC 152 -46.18 65.96 -106.01
CA THR LC 152 -45.43 65.33 -107.09
C THR LC 152 -44.59 64.17 -106.62
N ALA LC 153 -44.67 63.81 -105.35
CA ALA LC 153 -43.87 62.73 -104.78
C ALA LC 153 -44.79 61.63 -104.25
N ALA LC 154 -44.35 60.40 -104.42
CA ALA LC 154 -45.09 59.22 -103.99
C ALA LC 154 -44.28 58.48 -102.92
N VAL LC 155 -44.77 57.30 -102.54
CA VAL LC 155 -44.12 56.54 -101.48
C VAL LC 155 -42.74 56.10 -101.95
N ARG LC 156 -41.75 56.32 -101.11
CA ARG LC 156 -40.39 55.87 -101.41
C ARG LC 156 -40.01 54.77 -100.44
N PRO LC 157 -40.45 53.54 -100.66
CA PRO LC 157 -40.12 52.46 -99.72
C PRO LC 157 -38.62 52.23 -99.60
N SER LC 158 -38.20 51.92 -98.38
CA SER LC 158 -36.79 51.71 -98.08
C SER LC 158 -36.59 50.28 -97.59
N LEU LC 159 -35.56 49.63 -98.13
CA LEU LC 159 -35.21 48.28 -97.75
C LEU LC 159 -33.77 48.25 -97.25
N ARG LC 160 -33.56 47.63 -96.10
CA ARG LC 160 -32.24 47.43 -95.54
C ARG LC 160 -31.83 45.98 -95.75
N ILE LC 161 -30.68 45.78 -96.37
CA ILE LC 161 -30.19 44.46 -96.72
C ILE LC 161 -28.88 44.22 -95.98
N VAL LC 162 -28.82 43.15 -95.23
CA VAL LC 162 -27.60 42.78 -94.50
C VAL LC 162 -26.95 41.62 -95.22
N TYR LC 163 -25.71 41.84 -95.65
CA TYR LC 163 -24.92 40.78 -96.27
C TYR LC 163 -23.97 40.23 -95.22
N ASN LC 164 -24.00 38.92 -95.04
CA ASN LC 164 -23.10 38.25 -94.10
C ASN LC 164 -21.85 37.72 -94.79
N TRP LC 165 -21.71 37.94 -96.10
CA TRP LC 165 -20.48 37.62 -96.79
C TRP LC 165 -20.42 38.42 -98.08
N ILE LC 166 -19.21 38.54 -98.62
CA ILE LC 166 -18.96 39.33 -99.83
C ILE LC 166 -18.16 38.49 -100.81
N GLU LC 167 -18.55 38.53 -102.07
CA GLU LC 167 -17.83 37.87 -103.15
C GLU LC 167 -17.41 38.91 -104.19
N TRP LC 168 -16.15 38.85 -104.57
CA TRP LC 168 -15.59 39.73 -105.59
C TRP LC 168 -14.17 39.29 -105.91
N ASP LC 169 -13.90 39.14 -107.19
CA ASP LC 169 -12.61 38.64 -107.66
C ASP LC 169 -12.15 39.40 -108.89
#